data_4XQ2
#
_entry.id   4XQ2
#
_cell.length_a   146.855
_cell.length_b   146.981
_cell.length_c   349.905
_cell.angle_alpha   90.00
_cell.angle_beta   90.00
_cell.angle_gamma   90.00
#
_symmetry.space_group_name_H-M   'I 2 2 2'
#
loop_
_entity.id
_entity.type
_entity.pdbx_description
1 polymer CalE6
2 non-polymer '2-(N-MORPHOLINO)-ETHANESULFONIC ACID'
3 non-polymer GLYCEROL
4 non-polymer 'CHLORIDE ION'
5 non-polymer 'FORMIC ACID'
6 water water
#
_entity_poly.entity_id   1
_entity_poly.type   'polypeptide(L)'
_entity_poly.pdbx_seq_one_letter_code
;SNA(MSE)SG(MSE)RFGTRLVHGGRRPSAGTGDVVPPIHVSTTYERRAQDEPRYFYGRGENPTREELEECLAGLERAPF
ATVFSSGQAAAATLLSLVRPGQCVVSTDDVYAGTDGLFDLAARQGVRVRYADLTTPEGIAAALAEPDLALVWIETPTNPL
LTVVDVAEVSRRAHERGARVVVDNTFASPVLQQPLALGADVSLYSTT(LLP)SIAGHADVLGGALVYRDADLHAAVRAYR
TTAGNVPGALDCFLVRRGLHTLSLRVHRQVATARVLVERLRASPVVGAVHYPGLPEHPQHAVVKAQ(MSE)SAPGAIVSF
DYLGGPAERLLDRFTLFTCGVSLGGVHSLVECPAL(MSE)THRPLSAEARARRGIGESLIRLSVGIEDPQDLAEDLSRAL
AGGT
;
_entity_poly.pdbx_strand_id   A,B,C,D,E,F,G,H
#
loop_
_chem_comp.id
_chem_comp.type
_chem_comp.name
_chem_comp.formula
CL non-polymer 'CHLORIDE ION' 'Cl -1'
FMT non-polymer 'FORMIC ACID' 'C H2 O2'
GOL non-polymer GLYCEROL 'C3 H8 O3'
MES non-polymer '2-(N-MORPHOLINO)-ETHANESULFONIC ACID' 'C6 H13 N O4 S'
#
# COMPACT_ATOMS: atom_id res chain seq x y z
N MSE A 7 14.99 -40.25 -20.42
CA MSE A 7 13.90 -40.30 -21.41
C MSE A 7 13.21 -38.95 -21.70
O MSE A 7 12.57 -38.36 -20.83
CB MSE A 7 12.91 -41.38 -21.00
CG MSE A 7 13.54 -42.67 -20.65
SE MSE A 7 14.04 -43.76 -22.20
CE MSE A 7 15.78 -42.95 -22.64
N ARG A 8 13.32 -38.51 -22.95
CA ARG A 8 13.00 -37.17 -23.46
C ARG A 8 11.54 -36.68 -23.33
N PHE A 9 11.19 -35.73 -24.19
CA PHE A 9 10.08 -34.82 -23.93
C PHE A 9 8.66 -35.38 -24.20
N GLY A 10 8.49 -36.14 -25.28
CA GLY A 10 7.24 -36.87 -25.51
C GLY A 10 7.04 -37.95 -24.45
N THR A 11 8.15 -38.41 -23.88
CA THR A 11 8.14 -39.40 -22.80
C THR A 11 7.81 -38.71 -21.47
N ARG A 12 8.21 -37.45 -21.35
CA ARG A 12 7.83 -36.63 -20.21
C ARG A 12 6.32 -36.53 -20.03
N LEU A 13 5.59 -36.46 -21.13
CA LEU A 13 4.13 -36.34 -21.04
C LEU A 13 3.49 -37.62 -20.52
N VAL A 14 4.06 -38.77 -20.86
CA VAL A 14 3.46 -40.03 -20.50
C VAL A 14 3.85 -40.47 -19.10
N HIS A 15 5.15 -40.36 -18.78
CA HIS A 15 5.67 -40.89 -17.53
C HIS A 15 5.98 -39.81 -16.50
N GLY A 16 5.92 -38.56 -16.95
CA GLY A 16 6.09 -37.41 -16.10
C GLY A 16 5.30 -37.56 -14.82
N GLY A 17 6.03 -37.64 -13.73
CA GLY A 17 5.42 -37.79 -12.43
C GLY A 17 4.51 -38.98 -12.25
N ARG A 18 4.67 -40.02 -13.08
CA ARG A 18 3.71 -41.09 -13.00
C ARG A 18 4.05 -41.79 -11.70
N ARG A 19 3.58 -41.16 -10.60
CA ARG A 19 4.17 -41.46 -9.32
C ARG A 19 3.54 -42.72 -8.76
N PRO A 20 4.40 -43.75 -8.62
CA PRO A 20 4.26 -45.22 -8.55
C PRO A 20 3.06 -45.81 -7.82
N SER A 21 2.97 -47.15 -7.79
CA SER A 21 1.91 -47.82 -6.91
C SER A 21 2.53 -49.02 -6.26
N ALA A 22 3.20 -48.69 -5.19
CA ALA A 22 3.60 -49.64 -4.19
C ALA A 22 2.43 -50.55 -3.88
N GLY A 23 2.71 -51.83 -3.77
CA GLY A 23 1.67 -52.82 -3.67
C GLY A 23 1.12 -53.07 -5.07
N THR A 24 -0.12 -52.70 -5.29
CA THR A 24 -0.92 -53.16 -6.44
C THR A 24 -0.36 -53.04 -7.86
N GLY A 25 0.61 -52.14 -8.07
CA GLY A 25 1.27 -52.05 -9.36
C GLY A 25 0.59 -51.24 -10.45
N ASP A 26 -0.43 -50.46 -10.07
CA ASP A 26 -1.19 -49.65 -11.01
C ASP A 26 -0.28 -48.83 -11.92
N VAL A 27 -0.44 -49.01 -13.23
CA VAL A 27 0.29 -48.20 -14.20
C VAL A 27 -0.21 -46.75 -14.20
N VAL A 28 -1.53 -46.58 -14.31
CA VAL A 28 -2.13 -45.26 -14.14
C VAL A 28 -2.40 -45.06 -12.65
N PRO A 29 -1.81 -43.99 -12.07
CA PRO A 29 -1.99 -43.75 -10.62
C PRO A 29 -3.46 -43.59 -10.26
N PRO A 30 -3.88 -44.15 -9.12
CA PRO A 30 -5.25 -44.07 -8.64
C PRO A 30 -5.59 -42.64 -8.25
N ILE A 31 -6.88 -42.32 -8.26
CA ILE A 31 -7.28 -40.94 -8.03
C ILE A 31 -7.49 -40.74 -6.54
N HIS A 32 -6.69 -39.86 -5.94
CA HIS A 32 -6.80 -39.56 -4.52
C HIS A 32 -7.81 -38.47 -4.22
N VAL A 33 -9.01 -38.87 -3.78
CA VAL A 33 -10.06 -37.88 -3.52
C VAL A 33 -10.25 -37.58 -2.05
N SER A 34 -9.64 -38.38 -1.19
CA SER A 34 -9.80 -38.17 0.25
C SER A 34 -9.39 -36.74 0.63
N THR A 35 -10.29 -36.04 1.31
CA THR A 35 -9.98 -34.71 1.84
C THR A 35 -9.09 -34.83 3.05
N THR A 36 -8.90 -36.05 3.53
CA THR A 36 -8.15 -36.19 4.77
C THR A 36 -7.39 -37.50 4.92
N TYR A 37 -6.52 -37.51 5.91
CA TYR A 37 -5.53 -38.57 6.05
C TYR A 37 -5.32 -38.95 7.50
N GLU A 38 -5.51 -40.25 7.76
CA GLU A 38 -5.11 -40.84 9.02
C GLU A 38 -3.62 -40.55 9.14
N ARG A 39 -3.26 -39.86 10.21
CA ARG A 39 -1.87 -39.56 10.50
C ARG A 39 -1.09 -40.86 10.66
N ARG A 40 -1.54 -41.67 11.62
CA ARG A 40 -0.90 -42.96 11.95
C ARG A 40 -0.58 -43.84 10.73
N ALA A 41 -1.36 -43.71 9.66
CA ALA A 41 -1.23 -44.56 8.47
C ALA A 41 0.04 -44.31 7.61
N GLN A 42 0.70 -43.17 7.86
CA GLN A 42 2.03 -42.89 7.29
C GLN A 42 3.02 -42.78 8.44
N ASP A 43 4.24 -43.26 8.23
CA ASP A 43 5.35 -43.09 9.19
C ASP A 43 5.50 -41.66 9.68
N GLU A 44 6.40 -40.89 9.04
CA GLU A 44 6.60 -39.47 9.33
C GLU A 44 5.52 -38.70 8.60
N PRO A 45 4.39 -38.49 9.28
CA PRO A 45 3.15 -38.06 8.63
C PRO A 45 3.36 -36.73 7.93
N ARG A 46 3.17 -36.70 6.62
CA ARG A 46 3.20 -35.43 5.89
C ARG A 46 2.01 -35.28 4.95
N TYR A 47 1.04 -36.17 5.08
CA TYR A 47 -0.25 -35.96 4.44
C TYR A 47 -1.29 -35.72 5.54
N PHE A 48 -1.86 -34.52 5.55
CA PHE A 48 -2.78 -34.11 6.62
C PHE A 48 -4.19 -33.79 6.11
N TYR A 49 -4.27 -32.83 5.19
CA TYR A 49 -5.55 -32.28 4.75
C TYR A 49 -5.44 -31.86 3.29
N GLY A 50 -6.47 -32.21 2.52
CA GLY A 50 -6.48 -32.05 1.07
C GLY A 50 -6.18 -30.69 0.49
N ARG A 51 -6.53 -29.61 1.19
CA ARG A 51 -6.18 -28.27 0.70
C ARG A 51 -4.66 -28.07 0.67
N GLY A 52 -3.96 -28.70 1.61
CA GLY A 52 -2.51 -28.63 1.64
C GLY A 52 -1.83 -29.75 0.86
N GLU A 53 -2.30 -30.97 1.05
CA GLU A 53 -1.64 -32.15 0.51
C GLU A 53 -2.59 -33.01 -0.29
N ASN A 54 -2.15 -33.44 -1.47
CA ASN A 54 -2.89 -34.41 -2.26
C ASN A 54 -1.99 -35.06 -3.33
N PRO A 55 -1.85 -36.40 -3.30
CA PRO A 55 -0.87 -37.05 -4.19
C PRO A 55 -1.21 -36.92 -5.68
N THR A 56 -2.50 -36.90 -6.04
CA THR A 56 -2.90 -36.74 -7.43
C THR A 56 -2.49 -35.37 -7.99
N ARG A 57 -2.73 -34.33 -7.20
CA ARG A 57 -2.32 -32.99 -7.57
C ARG A 57 -0.78 -32.94 -7.70
N GLU A 58 -0.08 -33.58 -6.76
CA GLU A 58 1.40 -33.60 -6.78
C GLU A 58 1.96 -34.26 -8.03
N GLU A 59 1.29 -35.30 -8.51
CA GLU A 59 1.76 -36.02 -9.70
C GLU A 59 1.64 -35.11 -10.92
N LEU A 60 0.52 -34.40 -11.03
CA LEU A 60 0.34 -33.43 -12.10
C LEU A 60 1.42 -32.32 -12.07
N GLU A 61 1.64 -31.75 -10.90
CA GLU A 61 2.62 -30.67 -10.75
C GLU A 61 4.02 -31.15 -11.13
N GLU A 62 4.34 -32.34 -10.66
CA GLU A 62 5.62 -32.98 -10.93
C GLU A 62 5.73 -33.24 -12.44
N CYS A 63 4.63 -33.65 -13.06
CA CYS A 63 4.60 -33.81 -14.52
C CYS A 63 4.86 -32.49 -15.24
N LEU A 64 4.10 -31.45 -14.88
CA LEU A 64 4.24 -30.14 -15.50
C LEU A 64 5.63 -29.52 -15.36
N ALA A 65 6.20 -29.62 -14.16
CA ALA A 65 7.53 -29.09 -13.93
C ALA A 65 8.53 -29.85 -14.79
N GLY A 66 8.31 -31.17 -14.91
CA GLY A 66 9.15 -32.02 -15.75
C GLY A 66 9.25 -31.49 -17.17
N LEU A 67 8.14 -30.98 -17.70
CA LEU A 67 8.10 -30.48 -19.07
C LEU A 67 9.03 -29.29 -19.34
N GLU A 68 9.44 -28.58 -18.29
CA GLU A 68 10.33 -27.44 -18.47
C GLU A 68 11.67 -27.65 -17.77
N ARG A 69 11.89 -28.89 -17.32
CA ARG A 69 13.06 -29.26 -16.52
C ARG A 69 13.19 -28.36 -15.30
N ALA A 70 12.05 -28.00 -14.72
CA ALA A 70 12.00 -27.07 -13.60
C ALA A 70 11.92 -27.86 -12.31
N PRO A 71 12.44 -27.30 -11.21
CA PRO A 71 12.30 -28.07 -9.97
C PRO A 71 10.89 -28.01 -9.35
N PHE A 72 10.08 -27.03 -9.72
CA PHE A 72 8.79 -26.85 -9.05
C PHE A 72 7.62 -26.57 -9.98
N ALA A 73 6.43 -26.96 -9.53
CA ALA A 73 5.18 -26.50 -10.11
C ALA A 73 4.06 -26.53 -9.06
N THR A 74 3.08 -25.67 -9.26
CA THR A 74 1.90 -25.61 -8.42
C THR A 74 0.69 -25.46 -9.36
N VAL A 75 -0.33 -26.28 -9.19
CA VAL A 75 -1.54 -26.10 -9.99
C VAL A 75 -2.66 -25.42 -9.21
N PHE A 76 -3.64 -24.92 -9.94
CA PHE A 76 -4.68 -24.06 -9.41
C PHE A 76 -6.03 -24.36 -10.05
N SER A 77 -7.10 -23.95 -9.37
CA SER A 77 -8.46 -24.10 -9.91
C SER A 77 -8.69 -23.49 -11.30
N SER A 78 -7.79 -22.61 -11.74
CA SER A 78 -7.95 -21.95 -13.04
C SER A 78 -6.70 -21.17 -13.36
N GLY A 79 -6.53 -20.83 -14.64
CA GLY A 79 -5.47 -19.92 -15.05
C GLY A 79 -5.53 -18.60 -14.29
N GLN A 80 -6.72 -18.02 -14.18
CA GLN A 80 -6.90 -16.80 -13.41
C GLN A 80 -6.31 -16.93 -11.99
N ALA A 81 -6.55 -18.08 -11.37
CA ALA A 81 -6.06 -18.31 -10.00
C ALA A 81 -4.53 -18.37 -9.96
N ALA A 82 -3.93 -18.98 -10.97
CA ALA A 82 -2.47 -18.99 -11.11
C ALA A 82 -1.93 -17.55 -11.21
N ALA A 83 -2.50 -16.77 -12.12
CA ALA A 83 -2.13 -15.36 -12.29
C ALA A 83 -2.34 -14.56 -11.00
N ALA A 84 -3.47 -14.78 -10.33
CA ALA A 84 -3.81 -14.05 -9.11
C ALA A 84 -2.81 -14.37 -8.00
N THR A 85 -2.35 -15.61 -7.97
CA THR A 85 -1.38 -16.03 -6.97
C THR A 85 -0.07 -15.28 -7.16
N LEU A 86 0.40 -15.23 -8.40
CA LEU A 86 1.67 -14.60 -8.68
C LEU A 86 1.58 -13.10 -8.42
N LEU A 87 0.43 -12.51 -8.78
CA LEU A 87 0.23 -11.08 -8.58
C LEU A 87 0.18 -10.70 -7.10
N SER A 88 -0.25 -11.65 -6.26
CA SER A 88 -0.41 -11.40 -4.82
C SER A 88 0.92 -11.11 -4.14
N LEU A 89 2.02 -11.44 -4.81
CA LEU A 89 3.34 -11.22 -4.23
C LEU A 89 3.84 -9.81 -4.50
N VAL A 90 3.09 -9.03 -5.27
CA VAL A 90 3.45 -7.64 -5.51
C VAL A 90 2.75 -6.73 -4.51
N ARG A 91 3.54 -5.90 -3.82
CA ARG A 91 3.02 -4.99 -2.80
C ARG A 91 2.60 -3.64 -3.37
N PRO A 92 1.69 -2.94 -2.68
CA PRO A 92 1.24 -1.60 -3.10
C PRO A 92 2.44 -0.71 -3.31
N GLY A 93 2.39 0.15 -4.33
CA GLY A 93 3.50 1.05 -4.58
C GLY A 93 4.52 0.45 -5.53
N GLN A 94 4.61 -0.88 -5.56
CA GLN A 94 5.52 -1.53 -6.48
C GLN A 94 4.94 -1.59 -7.89
N CYS A 95 5.82 -1.75 -8.86
CA CYS A 95 5.42 -1.69 -10.26
C CYS A 95 5.34 -3.07 -10.89
N VAL A 96 4.24 -3.35 -11.58
CA VAL A 96 4.17 -4.49 -12.47
C VAL A 96 4.16 -3.92 -13.88
N VAL A 97 5.19 -4.21 -14.66
CA VAL A 97 5.28 -3.70 -16.02
C VAL A 97 4.72 -4.72 -16.97
N SER A 98 3.84 -4.29 -17.86
CA SER A 98 3.27 -5.19 -18.85
C SER A 98 2.77 -4.46 -20.08
N THR A 99 1.81 -5.10 -20.75
CA THR A 99 1.32 -4.69 -22.05
C THR A 99 -0.17 -4.35 -21.98
N ASP A 100 -0.59 -3.39 -22.80
CA ASP A 100 -2.02 -3.04 -22.87
C ASP A 100 -2.90 -4.20 -23.37
N ASP A 101 -2.31 -5.09 -24.18
CA ASP A 101 -3.05 -6.15 -24.86
C ASP A 101 -2.85 -7.56 -24.24
N VAL A 102 -2.55 -7.55 -22.96
CA VAL A 102 -2.58 -8.75 -22.14
C VAL A 102 -4.02 -9.29 -22.04
N TYR A 103 -4.18 -10.53 -21.57
CA TYR A 103 -5.50 -11.20 -21.51
C TYR A 103 -6.44 -10.53 -20.52
N ALA A 104 -7.69 -10.34 -20.92
CA ALA A 104 -8.63 -9.53 -20.14
C ALA A 104 -8.81 -9.99 -18.68
N GLY A 105 -8.61 -11.29 -18.44
CA GLY A 105 -8.64 -11.78 -17.08
C GLY A 105 -7.48 -11.20 -16.28
N THR A 106 -6.32 -11.16 -16.92
CA THR A 106 -5.11 -10.63 -16.29
C THR A 106 -5.29 -9.15 -15.95
N ASP A 107 -5.87 -8.39 -16.87
CA ASP A 107 -6.04 -6.97 -16.65
C ASP A 107 -7.05 -6.65 -15.55
N GLY A 108 -8.06 -7.51 -15.41
CA GLY A 108 -8.97 -7.44 -14.28
C GLY A 108 -8.19 -7.61 -12.99
N LEU A 109 -7.25 -8.55 -13.01
CA LEU A 109 -6.37 -8.78 -11.87
C LEU A 109 -5.41 -7.60 -11.67
N PHE A 110 -4.92 -7.02 -12.76
CA PHE A 110 -4.17 -5.76 -12.65
C PHE A 110 -5.05 -4.69 -12.01
N ASP A 111 -6.32 -4.64 -12.44
CA ASP A 111 -7.27 -3.65 -11.93
C ASP A 111 -7.49 -3.81 -10.43
N LEU A 112 -7.72 -5.06 -10.01
CA LEU A 112 -7.90 -5.37 -8.60
C LEU A 112 -6.67 -4.89 -7.85
N ALA A 113 -5.50 -5.32 -8.32
CA ALA A 113 -4.22 -4.89 -7.78
C ALA A 113 -4.02 -3.37 -7.90
N ALA A 114 -4.43 -2.78 -9.02
CA ALA A 114 -4.30 -1.32 -9.17
C ALA A 114 -5.17 -0.63 -8.13
N ARG A 115 -6.33 -1.22 -7.87
CA ARG A 115 -7.26 -0.73 -6.84
C ARG A 115 -6.77 -1.08 -5.44
N GLN A 116 -5.62 -1.70 -5.33
CA GLN A 116 -4.96 -1.90 -4.03
C GLN A 116 -3.70 -1.04 -3.93
N GLY A 117 -3.39 -0.29 -4.99
CA GLY A 117 -2.26 0.61 -4.95
C GLY A 117 -1.01 0.13 -5.67
N VAL A 118 -0.93 -1.18 -5.96
CA VAL A 118 0.13 -1.68 -6.82
C VAL A 118 0.12 -0.85 -8.09
N ARG A 119 1.30 -0.54 -8.62
CA ARG A 119 1.39 0.19 -9.86
C ARG A 119 1.49 -0.75 -11.05
N VAL A 120 0.51 -0.69 -11.94
CA VAL A 120 0.56 -1.44 -13.17
C VAL A 120 0.95 -0.46 -14.27
N ARG A 121 2.05 -0.73 -14.96
CA ARG A 121 2.47 0.11 -16.07
C ARG A 121 2.40 -0.66 -17.38
N TYR A 122 1.58 -0.19 -18.31
CA TYR A 122 1.48 -0.86 -19.60
C TYR A 122 2.53 -0.30 -20.56
N ALA A 123 3.13 -1.16 -21.37
CA ALA A 123 4.15 -0.73 -22.32
C ALA A 123 4.15 -1.53 -23.63
N ASP A 124 4.86 -0.98 -24.61
CA ASP A 124 4.85 -1.42 -26.00
C ASP A 124 5.67 -2.68 -26.25
N LEU A 125 6.34 -3.16 -25.22
CA LEU A 125 7.41 -4.20 -25.27
C LEU A 125 7.79 -4.90 -26.58
N THR A 126 8.06 -4.14 -27.65
CA THR A 126 8.49 -4.76 -28.91
C THR A 126 9.70 -4.06 -29.54
N THR A 127 10.10 -2.93 -28.97
CA THR A 127 11.26 -2.21 -29.48
C THR A 127 12.28 -1.97 -28.36
N PRO A 128 13.53 -1.65 -28.73
CA PRO A 128 14.56 -1.33 -27.73
C PRO A 128 14.16 -0.14 -26.87
N GLU A 129 13.75 0.95 -27.53
CA GLU A 129 13.25 2.14 -26.87
C GLU A 129 12.12 1.80 -25.90
N GLY A 130 11.18 0.98 -26.37
CA GLY A 130 10.01 0.62 -25.59
C GLY A 130 10.27 -0.22 -24.35
N ILE A 131 11.34 -1.00 -24.38
CA ILE A 131 11.65 -1.89 -23.27
C ILE A 131 12.44 -1.17 -22.18
N ALA A 132 13.37 -0.29 -22.57
CA ALA A 132 13.99 0.62 -21.61
C ALA A 132 12.91 1.51 -21.03
N ALA A 133 11.97 1.91 -21.89
CA ALA A 133 10.81 2.69 -21.46
C ALA A 133 9.77 1.77 -20.85
N ALA A 134 10.22 0.88 -19.99
CA ALA A 134 9.35 -0.03 -19.28
C ALA A 134 10.08 -0.38 -18.00
N LEU A 135 11.31 -0.83 -18.13
CA LEU A 135 12.00 -1.43 -16.99
C LEU A 135 12.75 -0.38 -16.17
N ALA A 136 12.62 0.88 -16.58
CA ALA A 136 13.24 1.99 -15.88
C ALA A 136 12.43 2.46 -14.67
N GLU A 137 11.12 2.15 -14.66
CA GLU A 137 10.24 2.50 -13.55
C GLU A 137 10.89 2.12 -12.25
N PRO A 138 10.82 3.01 -11.24
CA PRO A 138 11.38 2.62 -9.95
C PRO A 138 10.47 1.60 -9.25
N ASP A 139 11.04 0.79 -8.36
CA ASP A 139 10.31 -0.26 -7.65
C ASP A 139 9.69 -1.31 -8.57
N LEU A 140 10.49 -1.81 -9.52
CA LEU A 140 10.01 -2.81 -10.46
C LEU A 140 10.21 -4.22 -9.93
N ALA A 141 9.13 -4.86 -9.49
CA ALA A 141 9.23 -6.22 -8.95
C ALA A 141 8.78 -7.31 -9.94
N LEU A 142 7.97 -6.97 -10.93
CA LEU A 142 7.38 -7.97 -11.82
C LEU A 142 7.20 -7.47 -13.26
N VAL A 143 7.68 -8.25 -14.22
CA VAL A 143 7.49 -7.95 -15.64
C VAL A 143 6.66 -9.07 -16.27
N TRP A 144 5.54 -8.71 -16.88
CA TRP A 144 4.52 -9.68 -17.29
C TRP A 144 4.41 -9.76 -18.79
N ILE A 145 4.89 -10.85 -19.35
CA ILE A 145 4.91 -11.04 -20.80
C ILE A 145 3.90 -12.09 -21.23
N GLU A 146 3.00 -11.71 -22.13
CA GLU A 146 2.15 -12.69 -22.77
C GLU A 146 2.59 -12.77 -24.22
N THR A 147 3.05 -13.93 -24.66
CA THR A 147 3.58 -14.05 -26.01
C THR A 147 3.34 -15.47 -26.54
N PRO A 148 2.76 -15.58 -27.75
CA PRO A 148 2.19 -14.48 -28.52
C PRO A 148 0.96 -13.89 -27.82
N THR A 149 0.65 -12.63 -28.17
CA THR A 149 -0.50 -11.94 -27.63
C THR A 149 -1.68 -12.17 -28.57
N ASN A 150 -2.88 -12.16 -28.02
CA ASN A 150 -4.06 -12.65 -28.71
C ASN A 150 -5.03 -11.50 -28.66
N PRO A 151 -5.65 -11.12 -29.81
CA PRO A 151 -5.75 -11.86 -31.08
C PRO A 151 -4.90 -11.38 -32.26
N LEU A 152 -3.96 -10.45 -32.12
CA LEU A 152 -3.16 -10.02 -33.27
C LEU A 152 -1.83 -10.77 -33.44
N LEU A 153 -1.50 -11.61 -32.46
CA LEU A 153 -0.39 -12.57 -32.60
C LEU A 153 0.97 -11.89 -32.70
N THR A 154 1.13 -10.79 -31.98
CA THR A 154 2.44 -10.16 -31.82
C THR A 154 3.30 -11.02 -30.91
N VAL A 155 4.61 -10.78 -30.92
CA VAL A 155 5.56 -11.63 -30.22
C VAL A 155 6.69 -10.83 -29.55
N VAL A 156 6.80 -10.97 -28.24
CA VAL A 156 7.81 -10.26 -27.46
C VAL A 156 9.03 -11.15 -27.27
N ASP A 157 10.22 -10.57 -27.43
CA ASP A 157 11.48 -11.29 -27.26
C ASP A 157 11.73 -11.60 -25.78
N VAL A 158 11.44 -12.83 -25.38
CA VAL A 158 11.54 -13.24 -23.98
C VAL A 158 12.95 -13.10 -23.40
N ALA A 159 13.95 -13.63 -24.11
CA ALA A 159 15.34 -13.56 -23.66
C ALA A 159 15.81 -12.14 -23.43
N GLU A 160 15.61 -11.27 -24.43
CA GLU A 160 16.04 -9.88 -24.33
C GLU A 160 15.34 -9.12 -23.21
N VAL A 161 14.03 -9.29 -23.08
CA VAL A 161 13.29 -8.62 -22.02
C VAL A 161 13.73 -9.17 -20.67
N SER A 162 13.92 -10.49 -20.60
CA SER A 162 14.40 -11.11 -19.36
C SER A 162 15.77 -10.60 -18.91
N ARG A 163 16.71 -10.48 -19.85
CA ARG A 163 18.03 -9.95 -19.49
C ARG A 163 17.94 -8.52 -18.92
N ARG A 164 17.08 -7.70 -19.50
CA ARG A 164 17.01 -6.30 -19.08
C ARG A 164 16.28 -6.18 -17.75
N ALA A 165 15.22 -6.96 -17.57
CA ALA A 165 14.44 -6.91 -16.35
C ALA A 165 15.27 -7.35 -15.15
N HIS A 166 16.13 -8.32 -15.37
CA HIS A 166 16.92 -8.88 -14.28
C HIS A 166 18.00 -7.94 -13.77
N GLU A 167 18.41 -6.99 -14.59
CA GLU A 167 19.42 -6.05 -14.13
C GLU A 167 18.86 -5.00 -13.19
N ARG A 168 17.54 -4.99 -13.00
CA ARG A 168 16.93 -4.19 -11.95
C ARG A 168 16.31 -5.10 -10.88
N GLY A 169 16.63 -6.39 -10.93
CA GLY A 169 16.10 -7.34 -9.97
C GLY A 169 14.61 -7.63 -10.07
N ALA A 170 14.07 -7.64 -11.28
CA ALA A 170 12.64 -7.88 -11.47
C ALA A 170 12.32 -9.30 -11.92
N ARG A 171 11.36 -9.93 -11.26
CA ARG A 171 10.88 -11.24 -11.69
C ARG A 171 10.17 -11.13 -13.04
N VAL A 172 10.42 -12.09 -13.92
CA VAL A 172 9.75 -12.12 -15.23
C VAL A 172 8.85 -13.33 -15.34
N VAL A 173 7.58 -13.09 -15.65
CA VAL A 173 6.67 -14.18 -15.96
C VAL A 173 6.25 -14.15 -17.42
N VAL A 174 6.13 -15.32 -18.02
CA VAL A 174 5.57 -15.46 -19.36
C VAL A 174 4.28 -16.26 -19.26
N ASP A 175 3.17 -15.65 -19.67
CA ASP A 175 1.94 -16.39 -19.88
C ASP A 175 2.13 -17.19 -21.16
N ASN A 176 2.43 -18.48 -20.99
CA ASN A 176 2.81 -19.36 -22.09
C ASN A 176 1.63 -20.24 -22.52
N THR A 177 0.42 -19.78 -22.21
CA THR A 177 -0.79 -20.55 -22.52
C THR A 177 -1.01 -20.77 -24.03
N PHE A 178 -0.90 -19.69 -24.79
CA PHE A 178 -1.02 -19.71 -26.25
C PHE A 178 -0.10 -20.81 -26.82
N ALA A 179 1.18 -20.75 -26.47
CA ALA A 179 2.16 -21.62 -27.11
C ALA A 179 2.18 -23.05 -26.61
N SER A 180 1.92 -23.26 -25.32
CA SER A 180 2.17 -24.55 -24.63
C SER A 180 3.66 -24.83 -24.48
N PRO A 181 4.03 -25.68 -23.50
CA PRO A 181 5.45 -26.06 -23.39
C PRO A 181 5.96 -26.98 -24.49
N VAL A 182 5.12 -27.41 -25.43
CA VAL A 182 5.71 -28.10 -26.57
C VAL A 182 6.31 -27.12 -27.61
N LEU A 183 5.86 -25.87 -27.60
CA LEU A 183 6.36 -24.89 -28.60
C LEU A 183 7.33 -23.85 -28.05
N GLN A 184 7.21 -23.55 -26.76
CA GLN A 184 7.97 -22.44 -26.17
C GLN A 184 8.30 -22.76 -24.72
N GLN A 185 9.53 -22.48 -24.32
CA GLN A 185 9.99 -22.81 -22.98
C GLN A 185 10.54 -21.56 -22.28
N PRO A 186 9.66 -20.83 -21.57
CA PRO A 186 10.02 -19.53 -20.98
C PRO A 186 11.23 -19.60 -20.03
N LEU A 187 11.37 -20.67 -19.26
CA LEU A 187 12.52 -20.76 -18.35
C LEU A 187 13.84 -20.85 -19.11
N ALA A 188 13.87 -21.66 -20.17
CA ALA A 188 15.09 -21.79 -20.97
C ALA A 188 15.44 -20.46 -21.65
N LEU A 189 14.41 -19.67 -21.97
CA LEU A 189 14.60 -18.38 -22.62
C LEU A 189 15.00 -17.28 -21.64
N GLY A 190 14.86 -17.53 -20.34
CA GLY A 190 15.31 -16.56 -19.35
C GLY A 190 14.30 -16.12 -18.31
N ALA A 191 13.03 -16.43 -18.54
CA ALA A 191 11.99 -16.08 -17.58
C ALA A 191 12.18 -16.79 -16.23
N ASP A 192 11.51 -16.27 -15.20
CA ASP A 192 11.52 -16.90 -13.89
C ASP A 192 10.31 -17.79 -13.64
N VAL A 193 9.23 -17.53 -14.38
CA VAL A 193 7.97 -18.22 -14.16
C VAL A 193 7.24 -18.46 -15.48
N SER A 194 6.79 -19.69 -15.69
CA SER A 194 5.84 -19.96 -16.76
C SER A 194 4.46 -20.03 -16.16
N LEU A 195 3.54 -19.26 -16.74
CA LEU A 195 2.16 -19.22 -16.29
C LEU A 195 1.27 -19.95 -17.28
N TYR A 196 0.34 -20.78 -16.80
CA TYR A 196 -0.57 -21.54 -17.66
C TYR A 196 -2.03 -21.56 -17.22
N SER A 197 -2.91 -21.44 -18.21
CA SER A 197 -4.25 -21.96 -18.08
C SER A 197 -4.26 -23.32 -18.73
N THR A 198 -4.16 -24.37 -17.92
CA THR A 198 -4.18 -25.74 -18.44
C THR A 198 -5.52 -26.08 -19.08
N THR A 199 -6.55 -25.32 -18.74
CA THR A 199 -7.87 -25.38 -19.37
C THR A 199 -7.77 -25.44 -20.89
N1 LLP A 200 -4.15 -16.39 -20.01
C2 LLP A 200 -4.39 -16.94 -21.21
C2' LLP A 200 -3.45 -16.66 -22.42
C3 LLP A 200 -5.50 -17.80 -21.36
O3 LLP A 200 -5.71 -18.37 -22.61
C4 LLP A 200 -6.35 -18.07 -20.29
C4' LLP A 200 -7.61 -19.05 -20.50
C5 LLP A 200 -6.10 -17.49 -19.07
C6 LLP A 200 -4.99 -16.65 -18.93
C5' LLP A 200 -7.01 -17.73 -17.81
OP4 LLP A 200 -7.19 -19.09 -17.52
P LLP A 200 -8.56 -19.65 -17.05
OP1 LLP A 200 -8.33 -21.15 -16.90
OP2 LLP A 200 -8.94 -19.06 -15.74
OP3 LLP A 200 -9.64 -19.35 -18.04
N LLP A 200 -6.80 -24.72 -21.45
CA LLP A 200 -6.61 -24.61 -22.92
CB LLP A 200 -5.75 -23.40 -23.22
CG LLP A 200 -6.31 -22.19 -22.47
CD LLP A 200 -7.75 -21.86 -22.86
CE LLP A 200 -8.36 -20.85 -21.85
NZ LLP A 200 -7.61 -19.60 -21.82
C LLP A 200 -6.04 -25.85 -23.54
O LLP A 200 -6.66 -26.89 -23.45
N SER A 201 -4.88 -25.77 -24.18
CA SER A 201 -4.34 -26.91 -24.91
C SER A 201 -3.78 -28.02 -24.03
N ILE A 202 -3.33 -27.66 -22.83
CA ILE A 202 -2.73 -28.63 -21.90
C ILE A 202 -3.69 -29.76 -21.51
N ALA A 203 -4.82 -29.43 -20.89
CA ALA A 203 -5.87 -30.42 -20.69
C ALA A 203 -6.41 -30.86 -22.07
N GLY A 204 -6.57 -29.91 -22.98
CA GLY A 204 -6.78 -30.20 -24.38
C GLY A 204 -8.16 -30.65 -24.87
N HIS A 205 -9.11 -30.88 -23.95
CA HIS A 205 -10.35 -31.54 -24.32
C HIS A 205 -11.58 -30.74 -23.87
N ALA A 206 -11.32 -29.51 -23.45
CA ALA A 206 -12.35 -28.55 -23.12
C ALA A 206 -13.37 -29.09 -22.15
N ASP A 207 -12.90 -29.77 -21.10
CA ASP A 207 -13.80 -30.37 -20.11
C ASP A 207 -13.37 -30.11 -18.65
N VAL A 208 -12.36 -29.28 -18.46
CA VAL A 208 -11.87 -29.00 -17.11
C VAL A 208 -11.13 -27.66 -17.04
N LEU A 209 -11.41 -26.88 -16.00
CA LEU A 209 -10.71 -25.61 -15.81
C LEU A 209 -9.53 -25.86 -14.91
N GLY A 210 -8.36 -25.31 -15.26
CA GLY A 210 -7.20 -25.47 -14.41
C GLY A 210 -6.14 -24.41 -14.67
N GLY A 211 -5.29 -24.17 -13.67
CA GLY A 211 -4.16 -23.27 -13.83
C GLY A 211 -2.88 -23.89 -13.31
N ALA A 212 -1.75 -23.28 -13.67
CA ALA A 212 -0.46 -23.78 -13.22
C ALA A 212 0.60 -22.70 -13.31
N LEU A 213 1.60 -22.83 -12.44
CA LEU A 213 2.81 -22.03 -12.47
C LEU A 213 3.99 -23.00 -12.45
N VAL A 214 5.03 -22.69 -13.21
CA VAL A 214 6.22 -23.52 -13.30
C VAL A 214 7.43 -22.58 -13.12
N TYR A 215 8.38 -22.94 -12.25
CA TYR A 215 9.42 -22.00 -11.80
C TYR A 215 10.60 -22.72 -11.12
N ARG A 216 11.63 -21.97 -10.75
CA ARG A 216 12.87 -22.56 -10.25
C ARG A 216 13.41 -22.05 -8.90
N ASP A 217 12.71 -21.10 -8.26
CA ASP A 217 13.19 -20.54 -6.99
C ASP A 217 12.39 -21.08 -5.79
N ALA A 218 13.09 -21.67 -4.84
CA ALA A 218 12.47 -22.32 -3.69
C ALA A 218 11.73 -21.37 -2.72
N ASP A 219 12.15 -20.11 -2.65
CA ASP A 219 11.47 -19.16 -1.78
C ASP A 219 10.21 -18.65 -2.48
N LEU A 220 10.27 -18.57 -3.80
CA LEU A 220 9.10 -18.30 -4.59
C LEU A 220 8.11 -19.46 -4.39
N HIS A 221 8.65 -20.68 -4.41
CA HIS A 221 7.85 -21.87 -4.19
C HIS A 221 7.08 -21.78 -2.88
N ALA A 222 7.77 -21.49 -1.79
CA ALA A 222 7.12 -21.41 -0.47
C ALA A 222 5.99 -20.38 -0.44
N ALA A 223 6.23 -19.19 -0.99
CA ALA A 223 5.21 -18.14 -1.02
C ALA A 223 3.99 -18.52 -1.86
N VAL A 224 4.22 -19.17 -2.99
CA VAL A 224 3.12 -19.62 -3.84
C VAL A 224 2.24 -20.65 -3.13
N ARG A 225 2.86 -21.63 -2.46
CA ARG A 225 2.09 -22.63 -1.74
C ARG A 225 1.38 -22.04 -0.52
N ALA A 226 2.03 -21.10 0.17
CA ALA A 226 1.39 -20.49 1.33
C ALA A 226 0.12 -19.74 0.91
N TYR A 227 0.19 -19.05 -0.24
CA TYR A 227 -0.97 -18.31 -0.73
C TYR A 227 -2.08 -19.26 -1.19
N ARG A 228 -1.70 -20.32 -1.92
CA ARG A 228 -2.71 -21.26 -2.39
C ARG A 228 -3.42 -21.93 -1.22
N THR A 229 -2.68 -22.26 -0.16
CA THR A 229 -3.28 -22.86 1.02
C THR A 229 -4.30 -21.91 1.68
N THR A 230 -3.95 -20.63 1.75
CA THR A 230 -4.76 -19.64 2.45
C THR A 230 -5.90 -19.11 1.61
N ALA A 231 -5.62 -18.85 0.33
CA ALA A 231 -6.65 -18.41 -0.59
C ALA A 231 -7.56 -19.58 -0.94
N GLY A 232 -7.02 -20.79 -0.87
CA GLY A 232 -7.80 -21.99 -1.12
C GLY A 232 -8.21 -22.14 -2.57
N ASN A 233 -7.43 -21.55 -3.47
CA ASN A 233 -7.72 -21.63 -4.89
C ASN A 233 -7.13 -22.90 -5.49
N VAL A 234 -7.48 -24.03 -4.87
CA VAL A 234 -6.93 -25.33 -5.26
C VAL A 234 -7.87 -26.07 -6.20
N PRO A 235 -7.32 -26.75 -7.21
CA PRO A 235 -8.15 -27.58 -8.09
C PRO A 235 -8.60 -28.87 -7.40
N GLY A 236 -9.63 -29.50 -7.94
CA GLY A 236 -10.08 -30.77 -7.42
C GLY A 236 -9.23 -31.95 -7.87
N ALA A 237 -9.30 -33.03 -7.08
CA ALA A 237 -8.62 -34.27 -7.39
C ALA A 237 -9.00 -34.82 -8.78
N LEU A 238 -10.30 -34.84 -9.05
CA LEU A 238 -10.78 -35.37 -10.32
C LEU A 238 -10.42 -34.41 -11.45
N ASP A 239 -10.42 -33.12 -11.14
CA ASP A 239 -10.01 -32.09 -12.10
C ASP A 239 -8.56 -32.34 -12.54
N CYS A 240 -7.68 -32.57 -11.57
CA CYS A 240 -6.27 -32.85 -11.83
C CYS A 240 -6.10 -34.12 -12.66
N PHE A 241 -6.92 -35.15 -12.38
CA PHE A 241 -6.84 -36.38 -13.16
C PHE A 241 -7.12 -36.11 -14.64
N LEU A 242 -8.14 -35.30 -14.92
CA LEU A 242 -8.47 -34.94 -16.30
C LEU A 242 -7.38 -34.14 -17.02
N VAL A 243 -6.76 -33.19 -16.32
CA VAL A 243 -5.64 -32.45 -16.90
C VAL A 243 -4.47 -33.40 -17.21
N ARG A 244 -4.10 -34.23 -16.22
CA ARG A 244 -3.04 -35.21 -16.38
C ARG A 244 -3.31 -36.10 -17.57
N ARG A 245 -4.54 -36.61 -17.67
CA ARG A 245 -4.89 -37.52 -18.75
C ARG A 245 -4.79 -36.80 -20.09
N GLY A 246 -5.20 -35.54 -20.12
CA GLY A 246 -5.09 -34.72 -21.32
C GLY A 246 -3.65 -34.58 -21.78
N LEU A 247 -2.80 -34.08 -20.87
CA LEU A 247 -1.35 -33.99 -21.04
C LEU A 247 -0.68 -35.07 -21.90
N HIS A 248 -1.05 -36.34 -21.72
CA HIS A 248 -0.39 -37.46 -22.45
C HIS A 248 -0.23 -37.21 -23.95
N THR A 249 -1.27 -36.66 -24.56
CA THR A 249 -1.32 -36.44 -26.00
C THR A 249 -1.00 -34.99 -26.41
N LEU A 250 -0.67 -34.12 -25.45
CA LEU A 250 -0.40 -32.71 -25.73
C LEU A 250 0.52 -32.48 -26.94
N SER A 251 1.60 -33.23 -27.05
CA SER A 251 2.52 -32.97 -28.14
C SER A 251 1.94 -33.41 -29.49
N LEU A 252 1.31 -34.58 -29.49
CA LEU A 252 0.67 -35.09 -30.70
C LEU A 252 -0.40 -34.10 -31.19
N ARG A 253 -1.24 -33.64 -30.28
CA ARG A 253 -2.32 -32.71 -30.62
C ARG A 253 -1.75 -31.39 -31.12
N VAL A 254 -0.82 -30.82 -30.35
CA VAL A 254 -0.20 -29.55 -30.73
C VAL A 254 0.30 -29.57 -32.16
N HIS A 255 1.10 -30.58 -32.53
CA HIS A 255 1.64 -30.58 -33.88
C HIS A 255 0.60 -30.81 -35.00
N ARG A 256 -0.46 -31.55 -34.70
CA ARG A 256 -1.60 -31.65 -35.62
C ARG A 256 -2.24 -30.28 -35.81
N GLN A 257 -2.48 -29.58 -34.70
CA GLN A 257 -3.08 -28.26 -34.73
C GLN A 257 -2.22 -27.27 -35.50
N VAL A 258 -0.91 -27.31 -35.30
CA VAL A 258 -0.01 -26.40 -36.00
C VAL A 258 -0.03 -26.67 -37.50
N ALA A 259 0.06 -27.95 -37.86
CA ALA A 259 0.07 -28.34 -39.27
C ALA A 259 -1.23 -27.91 -39.97
N THR A 260 -2.35 -28.05 -39.29
CA THR A 260 -3.61 -27.61 -39.88
C THR A 260 -3.68 -26.07 -39.93
N ALA A 261 -3.22 -25.40 -38.88
CA ALA A 261 -3.13 -23.94 -38.87
C ALA A 261 -2.41 -23.42 -40.10
N ARG A 262 -1.29 -24.05 -40.44
CA ARG A 262 -0.52 -23.64 -41.61
C ARG A 262 -1.33 -23.78 -42.90
N VAL A 263 -2.06 -24.89 -43.05
CA VAL A 263 -2.96 -25.07 -44.20
C VAL A 263 -4.00 -23.95 -44.29
N LEU A 264 -4.66 -23.63 -43.19
CA LEU A 264 -5.71 -22.62 -43.17
C LEU A 264 -5.16 -21.23 -43.51
N VAL A 265 -3.97 -20.91 -43.02
CA VAL A 265 -3.33 -19.64 -43.37
C VAL A 265 -3.26 -19.39 -44.88
N GLU A 266 -2.88 -20.41 -45.66
CA GLU A 266 -2.76 -20.21 -47.10
C GLU A 266 -4.11 -19.99 -47.78
N ARG A 267 -5.11 -20.80 -47.48
CA ARG A 267 -6.42 -20.54 -48.08
C ARG A 267 -6.97 -19.16 -47.72
N LEU A 268 -6.66 -18.70 -46.50
CA LEU A 268 -7.06 -17.37 -46.10
C LEU A 268 -6.39 -16.31 -46.97
N ARG A 269 -5.06 -16.41 -47.10
CA ARG A 269 -4.29 -15.44 -47.87
C ARG A 269 -4.57 -15.55 -49.37
N ALA A 270 -5.18 -16.65 -49.77
CA ALA A 270 -5.61 -16.83 -51.15
C ALA A 270 -7.01 -16.28 -51.40
N SER A 271 -7.77 -16.02 -50.34
CA SER A 271 -9.17 -15.63 -50.48
C SER A 271 -9.38 -14.15 -50.80
N PRO A 272 -10.27 -13.85 -51.76
CA PRO A 272 -10.60 -12.49 -52.17
C PRO A 272 -11.53 -11.76 -51.21
N VAL A 273 -12.12 -12.49 -50.25
CA VAL A 273 -12.92 -11.83 -49.22
C VAL A 273 -12.17 -11.74 -47.89
N VAL A 274 -10.87 -11.99 -47.93
CA VAL A 274 -10.02 -11.82 -46.78
C VAL A 274 -8.93 -10.80 -47.08
N GLY A 275 -8.71 -9.87 -46.15
CA GLY A 275 -7.64 -8.91 -46.29
C GLY A 275 -6.41 -9.40 -45.57
N ALA A 276 -5.99 -8.66 -44.54
CA ALA A 276 -4.83 -9.04 -43.75
C ALA A 276 -5.04 -10.39 -43.08
N VAL A 277 -3.95 -11.12 -42.91
CA VAL A 277 -3.96 -12.37 -42.18
C VAL A 277 -2.82 -12.33 -41.16
N HIS A 278 -3.10 -12.81 -39.95
CA HIS A 278 -2.07 -12.84 -38.92
C HIS A 278 -1.74 -14.27 -38.57
N TYR A 279 -0.44 -14.55 -38.48
CA TYR A 279 0.07 -15.83 -38.01
C TYR A 279 1.56 -15.67 -37.81
N PRO A 280 2.05 -15.95 -36.58
CA PRO A 280 3.45 -15.71 -36.22
C PRO A 280 4.43 -16.31 -37.21
N GLY A 281 4.09 -17.43 -37.83
CA GLY A 281 4.96 -18.10 -38.78
C GLY A 281 5.05 -17.56 -40.21
N LEU A 282 4.32 -16.51 -40.55
CA LEU A 282 4.48 -15.89 -41.87
C LEU A 282 5.82 -15.17 -41.93
N PRO A 283 6.40 -15.05 -43.15
CA PRO A 283 7.70 -14.38 -43.32
C PRO A 283 7.66 -12.86 -43.12
N GLU A 284 6.56 -12.24 -43.53
CA GLU A 284 6.45 -10.78 -43.41
C GLU A 284 6.04 -10.33 -42.02
N HIS A 285 5.88 -11.27 -41.08
CA HIS A 285 5.60 -10.92 -39.69
C HIS A 285 6.72 -10.01 -39.19
N PRO A 286 6.38 -8.77 -38.79
CA PRO A 286 7.36 -7.81 -38.30
C PRO A 286 8.34 -8.35 -37.23
N GLN A 287 7.92 -9.32 -36.42
CA GLN A 287 8.85 -9.91 -35.46
C GLN A 287 9.32 -11.30 -35.88
N HIS A 288 9.61 -11.49 -37.17
CA HIS A 288 9.86 -12.84 -37.69
C HIS A 288 11.12 -13.51 -37.14
N ALA A 289 12.13 -12.71 -36.81
CA ALA A 289 13.35 -13.27 -36.25
C ALA A 289 13.10 -13.83 -34.86
N VAL A 290 12.29 -13.11 -34.08
CA VAL A 290 12.01 -13.53 -32.72
C VAL A 290 11.20 -14.82 -32.66
N VAL A 291 10.18 -14.95 -33.52
CA VAL A 291 9.38 -16.18 -33.60
C VAL A 291 10.28 -17.39 -33.84
N LYS A 292 11.16 -17.26 -34.83
CA LYS A 292 12.11 -18.30 -35.18
C LYS A 292 12.93 -18.68 -33.95
N ALA A 293 13.54 -17.67 -33.33
CA ALA A 293 14.51 -17.93 -32.26
C ALA A 293 13.89 -18.57 -31.02
N GLN A 294 12.65 -18.22 -30.70
CA GLN A 294 12.09 -18.64 -29.42
C GLN A 294 10.93 -19.66 -29.47
N MSE A 295 10.45 -20.00 -30.67
CA MSE A 295 9.28 -20.90 -30.83
C MSE A 295 9.54 -22.06 -31.82
O MSE A 295 9.78 -21.83 -33.00
CB MSE A 295 8.05 -20.13 -31.32
CG MSE A 295 7.41 -19.22 -30.31
SE MSE A 295 6.00 -18.08 -31.07
CE MSE A 295 4.65 -19.40 -31.54
N SER A 296 9.46 -23.30 -31.34
CA SER A 296 9.76 -24.46 -32.18
C SER A 296 8.76 -24.63 -33.33
N ALA A 297 7.53 -24.14 -33.13
CA ALA A 297 6.55 -24.00 -34.20
C ALA A 297 5.66 -22.78 -33.90
N PRO A 298 5.01 -22.21 -34.94
CA PRO A 298 4.40 -20.89 -34.70
C PRO A 298 2.97 -20.91 -34.10
N GLY A 299 2.52 -22.06 -33.58
CA GLY A 299 1.24 -22.15 -32.89
C GLY A 299 0.06 -22.49 -33.78
N ALA A 300 -1.12 -22.50 -33.17
CA ALA A 300 -2.32 -22.93 -33.87
C ALA A 300 -3.46 -21.92 -33.75
N ILE A 301 -3.09 -20.66 -33.55
CA ILE A 301 -4.07 -19.57 -33.55
C ILE A 301 -3.87 -18.76 -34.81
N VAL A 302 -4.97 -18.43 -35.49
CA VAL A 302 -4.94 -17.64 -36.71
C VAL A 302 -5.99 -16.52 -36.63
N SER A 303 -5.64 -15.34 -37.10
CA SER A 303 -6.57 -14.23 -37.17
C SER A 303 -6.54 -13.59 -38.56
N PHE A 304 -7.65 -12.98 -38.95
CA PHE A 304 -7.72 -12.34 -40.27
C PHE A 304 -8.82 -11.28 -40.37
N ASP A 305 -8.58 -10.30 -41.27
CA ASP A 305 -9.57 -9.28 -41.60
C ASP A 305 -10.55 -9.88 -42.59
N TYR A 306 -11.84 -9.88 -42.25
CA TYR A 306 -12.83 -10.39 -43.18
C TYR A 306 -13.50 -9.26 -43.95
N LEU A 307 -13.35 -9.28 -45.27
CA LEU A 307 -13.85 -8.22 -46.13
C LEU A 307 -15.26 -8.47 -46.66
N GLY A 308 -15.77 -9.69 -46.50
CA GLY A 308 -16.93 -10.09 -47.27
C GLY A 308 -18.26 -10.25 -46.57
N GLY A 309 -18.79 -9.16 -46.01
CA GLY A 309 -20.05 -9.18 -45.28
C GLY A 309 -19.88 -8.94 -43.78
N PRO A 310 -20.99 -8.71 -43.07
CA PRO A 310 -20.91 -8.51 -41.61
C PRO A 310 -20.37 -9.73 -40.89
N ALA A 311 -19.54 -9.51 -39.89
CA ALA A 311 -18.92 -10.58 -39.13
C ALA A 311 -19.94 -11.59 -38.58
N GLU A 312 -21.08 -11.09 -38.10
CA GLU A 312 -22.07 -12.00 -37.52
C GLU A 312 -22.62 -13.01 -38.54
N ARG A 313 -22.76 -12.58 -39.79
CA ARG A 313 -23.18 -13.50 -40.83
C ARG A 313 -22.10 -14.52 -41.15
N LEU A 314 -20.84 -14.09 -41.20
CA LEU A 314 -19.74 -15.05 -41.37
C LEU A 314 -19.78 -16.14 -40.30
N LEU A 315 -19.93 -15.72 -39.04
CA LEU A 315 -19.98 -16.67 -37.93
C LEU A 315 -21.14 -17.67 -38.10
N ASP A 316 -22.28 -17.17 -38.58
CA ASP A 316 -23.46 -18.00 -38.79
C ASP A 316 -23.31 -19.04 -39.92
N ARG A 317 -22.28 -18.93 -40.75
CA ARG A 317 -22.13 -19.86 -41.89
C ARG A 317 -21.22 -21.08 -41.64
N PHE A 318 -20.48 -21.09 -40.54
CA PHE A 318 -19.66 -22.25 -40.20
C PHE A 318 -20.54 -23.47 -39.82
N THR A 319 -20.09 -24.68 -40.17
CA THR A 319 -20.79 -25.89 -39.75
C THR A 319 -19.84 -26.94 -39.12
N LEU A 320 -18.56 -26.60 -39.00
CA LEU A 320 -17.62 -27.50 -38.36
C LEU A 320 -16.95 -26.77 -37.20
N PHE A 321 -16.27 -25.66 -37.51
CA PHE A 321 -15.84 -24.74 -36.47
C PHE A 321 -17.04 -24.38 -35.60
N THR A 322 -16.84 -24.26 -34.30
CA THR A 322 -17.90 -23.83 -33.38
C THR A 322 -17.68 -22.36 -32.97
N CYS A 323 -18.76 -21.61 -32.86
CA CYS A 323 -18.67 -20.21 -32.42
C CYS A 323 -18.69 -20.17 -30.91
N GLY A 324 -17.54 -19.94 -30.30
CA GLY A 324 -17.43 -19.84 -28.86
C GLY A 324 -16.04 -19.41 -28.43
N VAL A 325 -15.77 -19.51 -27.14
CA VAL A 325 -14.42 -19.18 -26.64
C VAL A 325 -13.67 -20.31 -25.94
N SER A 326 -12.58 -19.91 -25.29
CA SER A 326 -11.46 -20.75 -24.90
C SER A 326 -10.72 -21.09 -26.19
N LEU A 327 -9.73 -21.97 -26.10
CA LEU A 327 -8.85 -22.24 -27.23
C LEU A 327 -8.07 -23.50 -26.97
N GLY A 328 -7.31 -23.95 -27.97
CA GLY A 328 -6.35 -25.03 -27.78
C GLY A 328 -6.93 -26.43 -27.70
N GLY A 329 -8.26 -26.52 -27.69
CA GLY A 329 -8.93 -27.81 -27.55
C GLY A 329 -8.96 -28.64 -28.83
N VAL A 330 -9.62 -29.80 -28.76
CA VAL A 330 -9.72 -30.69 -29.91
C VAL A 330 -10.79 -30.26 -30.93
N HIS A 331 -11.84 -29.56 -30.47
CA HIS A 331 -12.86 -29.03 -31.40
C HIS A 331 -12.45 -27.64 -31.85
N SER A 332 -12.38 -27.41 -33.16
CA SER A 332 -11.97 -26.09 -33.66
C SER A 332 -12.98 -25.00 -33.31
N LEU A 333 -12.48 -23.83 -32.94
CA LEU A 333 -13.37 -22.73 -32.54
C LEU A 333 -13.15 -21.53 -33.44
N VAL A 334 -14.21 -20.74 -33.56
CA VAL A 334 -14.07 -19.46 -34.23
C VAL A 334 -14.71 -18.43 -33.30
N GLU A 335 -14.21 -17.21 -33.34
CA GLU A 335 -14.90 -16.10 -32.68
C GLU A 335 -14.55 -14.78 -33.35
N CYS A 336 -15.33 -13.75 -33.06
CA CYS A 336 -15.08 -12.43 -33.61
C CYS A 336 -14.86 -11.48 -32.44
N PRO A 337 -13.59 -11.07 -32.21
CA PRO A 337 -13.23 -10.24 -31.06
C PRO A 337 -14.16 -9.06 -30.81
N ALA A 338 -14.50 -8.29 -31.83
CA ALA A 338 -15.36 -7.13 -31.64
C ALA A 338 -16.77 -7.47 -31.12
N LEU A 339 -17.14 -8.75 -31.14
CA LEU A 339 -18.47 -9.16 -30.68
C LEU A 339 -18.39 -9.98 -29.40
N MSE A 340 -17.25 -10.63 -29.17
CA MSE A 340 -17.20 -11.77 -28.24
C MSE A 340 -16.07 -11.75 -27.19
O MSE A 340 -16.33 -11.96 -26.01
CB MSE A 340 -17.24 -13.08 -29.05
CG MSE A 340 -18.28 -12.99 -30.19
SE MSE A 340 -18.68 -14.51 -31.32
CE MSE A 340 -20.13 -15.23 -30.20
N THR A 341 -14.83 -11.49 -27.60
CA THR A 341 -13.80 -11.16 -26.61
C THR A 341 -13.88 -9.70 -26.18
N HIS A 342 -14.33 -8.85 -27.11
CA HIS A 342 -14.41 -7.40 -26.90
C HIS A 342 -15.64 -6.68 -27.45
N ARG A 343 -16.81 -7.32 -27.49
CA ARG A 343 -18.00 -6.49 -27.57
C ARG A 343 -18.01 -5.45 -26.43
N PRO A 344 -17.52 -5.83 -25.21
CA PRO A 344 -17.50 -4.78 -24.20
C PRO A 344 -16.24 -3.97 -24.24
N LEU A 345 -15.98 -3.34 -25.37
CA LEU A 345 -14.96 -2.33 -25.38
C LEU A 345 -15.50 -1.08 -26.01
N SER A 346 -14.90 0.04 -25.61
CA SER A 346 -15.13 1.28 -26.33
C SER A 346 -14.76 0.91 -27.74
N ALA A 347 -15.59 1.31 -28.70
CA ALA A 347 -15.27 1.06 -30.10
C ALA A 347 -13.98 1.84 -30.42
N GLU A 348 -13.76 2.91 -29.66
CA GLU A 348 -12.55 3.72 -29.74
C GLU A 348 -11.29 2.93 -29.47
N ALA A 349 -11.25 2.29 -28.30
CA ALA A 349 -10.10 1.47 -27.92
C ALA A 349 -10.00 0.25 -28.78
N ARG A 350 -11.04 -0.02 -29.58
CA ARG A 350 -10.94 -1.16 -30.49
C ARG A 350 -10.09 -0.81 -31.71
N ALA A 351 -10.37 0.32 -32.35
CA ALA A 351 -9.69 0.73 -33.59
C ALA A 351 -8.17 0.88 -33.51
N ARG A 352 -7.61 0.84 -32.29
CA ARG A 352 -6.20 1.18 -32.07
C ARG A 352 -5.47 0.08 -31.36
N ARG A 353 -6.23 -0.92 -30.94
CA ARG A 353 -5.68 -2.18 -30.51
C ARG A 353 -5.38 -2.99 -31.76
N GLY A 354 -5.79 -2.46 -32.92
CA GLY A 354 -5.60 -3.13 -34.20
C GLY A 354 -6.66 -4.21 -34.39
N ILE A 355 -7.69 -4.15 -33.55
CA ILE A 355 -8.78 -5.12 -33.59
C ILE A 355 -9.94 -4.54 -34.36
N GLY A 356 -10.03 -4.86 -35.65
CA GLY A 356 -11.11 -4.37 -36.49
C GLY A 356 -12.44 -4.99 -36.12
N GLU A 357 -13.52 -4.34 -36.56
CA GLU A 357 -14.86 -4.83 -36.30
C GLU A 357 -15.12 -6.12 -37.06
N SER A 358 -14.26 -6.43 -38.02
CA SER A 358 -14.38 -7.63 -38.84
C SER A 358 -13.17 -8.56 -38.67
N LEU A 359 -12.45 -8.44 -37.56
CA LEU A 359 -11.36 -9.36 -37.29
C LEU A 359 -11.95 -10.68 -36.80
N ILE A 360 -11.44 -11.78 -37.34
CA ILE A 360 -11.90 -13.12 -37.00
C ILE A 360 -10.73 -13.98 -36.48
N ARG A 361 -10.91 -14.64 -35.33
CA ARG A 361 -9.88 -15.52 -34.79
C ARG A 361 -10.26 -16.99 -34.88
N LEU A 362 -9.32 -17.80 -35.40
CA LEU A 362 -9.51 -19.24 -35.44
C LEU A 362 -8.64 -19.89 -34.39
N SER A 363 -9.24 -20.84 -33.68
CA SER A 363 -8.53 -21.73 -32.77
C SER A 363 -8.60 -23.14 -33.36
N VAL A 364 -7.46 -23.63 -33.86
CA VAL A 364 -7.47 -24.85 -34.66
C VAL A 364 -7.42 -26.09 -33.79
N GLY A 365 -8.36 -27.00 -34.03
CA GLY A 365 -8.42 -28.24 -33.28
C GLY A 365 -7.64 -29.38 -33.92
N ILE A 366 -8.17 -30.59 -33.83
CA ILE A 366 -7.47 -31.72 -34.40
C ILE A 366 -8.28 -32.42 -35.49
N GLU A 367 -9.35 -31.78 -35.94
CA GLU A 367 -10.12 -32.29 -37.07
C GLU A 367 -9.24 -32.45 -38.32
N ASP A 368 -9.73 -33.23 -39.28
CA ASP A 368 -9.09 -33.34 -40.58
C ASP A 368 -8.91 -31.95 -41.22
N PRO A 369 -7.69 -31.63 -41.67
CA PRO A 369 -7.44 -30.29 -42.21
C PRO A 369 -8.27 -30.00 -43.47
N GLN A 370 -8.61 -31.05 -44.21
CA GLN A 370 -9.45 -30.92 -45.40
C GLN A 370 -10.88 -30.47 -45.04
N ASP A 371 -11.45 -31.10 -44.01
CA ASP A 371 -12.79 -30.71 -43.55
C ASP A 371 -12.82 -29.29 -43.01
N LEU A 372 -11.80 -28.91 -42.23
CA LEU A 372 -11.73 -27.55 -41.68
C LEU A 372 -11.56 -26.51 -42.79
N ALA A 373 -10.67 -26.80 -43.74
CA ALA A 373 -10.48 -25.89 -44.87
C ALA A 373 -11.77 -25.73 -45.68
N GLU A 374 -12.50 -26.82 -45.90
CA GLU A 374 -13.78 -26.77 -46.61
C GLU A 374 -14.80 -25.92 -45.85
N ASP A 375 -14.92 -26.15 -44.55
CA ASP A 375 -15.84 -25.37 -43.71
C ASP A 375 -15.52 -23.88 -43.81
N LEU A 376 -14.25 -23.54 -43.63
CA LEU A 376 -13.80 -22.15 -43.73
C LEU A 376 -14.10 -21.55 -45.10
N SER A 377 -13.81 -22.30 -46.16
CA SER A 377 -14.00 -21.81 -47.53
C SER A 377 -15.45 -21.47 -47.85
N ARG A 378 -16.35 -22.43 -47.66
CA ARG A 378 -17.78 -22.22 -47.86
C ARG A 378 -18.32 -21.12 -46.93
N ALA A 379 -17.78 -21.06 -45.72
CA ALA A 379 -18.20 -20.04 -44.77
C ALA A 379 -17.78 -18.66 -45.27
N LEU A 380 -16.53 -18.54 -45.72
CA LEU A 380 -16.06 -17.31 -46.33
C LEU A 380 -16.92 -16.96 -47.54
N ALA A 381 -17.47 -18.00 -48.19
CA ALA A 381 -18.41 -17.83 -49.30
C ALA A 381 -17.86 -16.95 -50.41
N GLY A 382 -16.55 -17.03 -50.61
CA GLY A 382 -15.90 -16.33 -51.70
C GLY A 382 -16.24 -16.92 -53.05
N GLY B 6 -42.76 -23.23 -1.50
CA GLY B 6 -43.94 -23.66 -0.77
C GLY B 6 -43.69 -24.92 0.05
N MSE B 7 -42.82 -25.78 -0.48
CA MSE B 7 -42.42 -27.06 0.13
C MSE B 7 -41.47 -26.91 1.29
O MSE B 7 -41.15 -25.80 1.69
CB MSE B 7 -41.70 -27.91 -0.92
CG MSE B 7 -42.25 -27.70 -2.29
SE MSE B 7 -44.00 -28.37 -2.22
CE MSE B 7 -43.89 -29.01 -4.10
N ARG B 8 -40.97 -28.03 1.81
CA ARG B 8 -40.25 -28.02 3.10
C ARG B 8 -38.76 -28.48 3.08
N PHE B 9 -37.96 -28.02 4.06
CA PHE B 9 -36.52 -28.34 4.15
C PHE B 9 -36.44 -29.83 3.99
N GLY B 10 -35.34 -30.38 3.52
CA GLY B 10 -35.31 -31.84 3.59
C GLY B 10 -36.04 -32.48 2.42
N THR B 11 -37.06 -31.82 1.90
CA THR B 11 -37.49 -32.02 0.53
C THR B 11 -36.58 -31.13 -0.31
N ARG B 12 -36.31 -29.94 0.21
CA ARG B 12 -35.31 -29.03 -0.36
C ARG B 12 -33.95 -29.71 -0.59
N LEU B 13 -33.60 -30.66 0.27
CA LEU B 13 -32.29 -31.31 0.15
C LEU B 13 -32.20 -32.23 -1.06
N VAL B 14 -33.35 -32.73 -1.52
CA VAL B 14 -33.40 -33.65 -2.63
C VAL B 14 -33.73 -32.97 -3.97
N HIS B 15 -34.64 -32.01 -3.94
CA HIS B 15 -35.13 -31.40 -5.18
C HIS B 15 -34.72 -29.95 -5.32
N GLY B 16 -34.29 -29.36 -4.21
CA GLY B 16 -33.99 -27.94 -4.16
C GLY B 16 -32.95 -27.69 -5.19
N GLY B 17 -33.24 -26.76 -6.07
CA GLY B 17 -32.41 -26.50 -7.22
C GLY B 17 -31.96 -27.80 -7.81
N ARG B 18 -32.91 -28.72 -8.07
CA ARG B 18 -32.54 -29.90 -8.82
C ARG B 18 -32.34 -29.31 -10.19
N ARG B 19 -33.29 -29.53 -11.09
CA ARG B 19 -33.35 -28.86 -12.38
C ARG B 19 -34.57 -29.52 -12.97
N PRO B 20 -34.83 -29.30 -14.27
CA PRO B 20 -35.63 -30.39 -14.84
C PRO B 20 -35.16 -31.24 -16.05
N SER B 21 -34.35 -30.65 -16.92
CA SER B 21 -33.78 -31.42 -18.04
C SER B 21 -34.76 -31.68 -19.15
N ALA B 22 -35.18 -30.61 -19.81
CA ALA B 22 -35.90 -30.73 -21.04
C ALA B 22 -34.96 -31.46 -21.96
N GLY B 23 -35.53 -32.21 -22.90
CA GLY B 23 -34.70 -32.92 -23.84
C GLY B 23 -34.84 -34.42 -23.64
N THR B 24 -34.65 -34.87 -22.41
CA THR B 24 -34.66 -36.30 -22.12
C THR B 24 -35.39 -36.73 -20.86
N GLY B 25 -35.47 -35.87 -19.85
CA GLY B 25 -36.18 -36.22 -18.63
C GLY B 25 -35.34 -36.81 -17.49
N ASP B 26 -34.01 -36.67 -17.56
CA ASP B 26 -33.12 -37.18 -16.51
C ASP B 26 -33.57 -36.69 -15.15
N VAL B 27 -33.73 -37.60 -14.19
CA VAL B 27 -34.10 -37.19 -12.83
C VAL B 27 -32.90 -36.57 -12.10
N VAL B 28 -31.76 -37.23 -12.18
CA VAL B 28 -30.53 -36.64 -11.71
C VAL B 28 -29.94 -35.85 -12.87
N PRO B 29 -29.70 -34.56 -12.67
CA PRO B 29 -29.23 -33.73 -13.79
C PRO B 29 -27.88 -34.23 -14.33
N PRO B 30 -27.70 -34.21 -15.65
CA PRO B 30 -26.43 -34.68 -16.22
C PRO B 30 -25.26 -33.75 -15.87
N ILE B 31 -24.04 -34.25 -15.87
CA ILE B 31 -22.89 -33.49 -15.37
C ILE B 31 -22.26 -32.61 -16.47
N HIS B 32 -22.36 -31.29 -16.32
CA HIS B 32 -21.85 -30.38 -17.34
C HIS B 32 -20.36 -30.11 -17.17
N VAL B 33 -19.53 -30.81 -17.92
CA VAL B 33 -18.08 -30.64 -17.82
C VAL B 33 -17.55 -29.65 -18.85
N SER B 34 -18.33 -29.34 -19.87
CA SER B 34 -17.84 -28.48 -20.95
C SER B 34 -17.35 -27.12 -20.42
N THR B 35 -16.16 -26.72 -20.85
CA THR B 35 -15.62 -25.39 -20.53
C THR B 35 -16.18 -24.37 -21.51
N THR B 36 -16.61 -24.85 -22.66
CA THR B 36 -16.98 -23.91 -23.72
C THR B 36 -18.39 -24.19 -24.25
N TYR B 37 -18.98 -23.18 -24.86
CA TYR B 37 -20.36 -23.23 -25.29
C TYR B 37 -20.53 -22.60 -26.67
N GLU B 38 -21.38 -23.21 -27.48
CA GLU B 38 -21.79 -22.64 -28.74
C GLU B 38 -22.84 -21.57 -28.42
N ARG B 39 -22.66 -20.40 -29.00
CA ARG B 39 -23.48 -19.24 -28.68
C ARG B 39 -24.58 -19.01 -29.74
N ARG B 40 -24.65 -19.89 -30.73
CA ARG B 40 -25.69 -19.82 -31.76
C ARG B 40 -26.90 -20.71 -31.42
N ALA B 41 -26.66 -21.98 -31.10
CA ALA B 41 -27.64 -22.71 -30.30
C ALA B 41 -27.49 -21.96 -29.00
N GLN B 42 -28.62 -21.78 -28.29
CA GLN B 42 -28.91 -20.75 -27.27
C GLN B 42 -29.93 -19.72 -27.80
N ASP B 43 -31.17 -19.96 -27.43
CA ASP B 43 -32.28 -19.07 -27.74
C ASP B 43 -32.38 -18.17 -26.54
N GLU B 44 -31.52 -17.14 -26.54
CA GLU B 44 -31.10 -16.31 -25.38
C GLU B 44 -29.72 -16.68 -24.73
N PRO B 45 -28.64 -16.13 -25.30
CA PRO B 45 -27.26 -16.36 -24.84
C PRO B 45 -26.94 -15.94 -23.41
N ARG B 46 -26.60 -16.91 -22.56
CA ARG B 46 -25.97 -16.59 -21.29
C ARG B 46 -24.96 -17.62 -20.73
N TYR B 47 -24.68 -18.70 -21.48
CA TYR B 47 -23.54 -19.55 -21.13
C TYR B 47 -22.40 -19.31 -22.12
N PHE B 48 -21.32 -18.76 -21.61
CA PHE B 48 -20.19 -18.34 -22.41
C PHE B 48 -19.01 -19.31 -22.20
N TYR B 49 -18.53 -19.33 -20.96
CA TYR B 49 -17.28 -19.99 -20.63
C TYR B 49 -17.33 -20.47 -19.19
N GLY B 50 -16.72 -21.62 -18.97
CA GLY B 50 -16.87 -22.38 -17.75
C GLY B 50 -16.55 -21.64 -16.47
N ARG B 51 -15.50 -20.81 -16.47
CA ARG B 51 -15.17 -20.06 -15.27
C ARG B 51 -16.34 -19.17 -14.82
N GLY B 52 -17.05 -18.59 -15.77
CA GLY B 52 -18.18 -17.70 -15.44
C GLY B 52 -19.49 -18.44 -15.23
N GLU B 53 -19.81 -19.32 -16.15
CA GLU B 53 -21.13 -19.95 -16.15
C GLU B 53 -21.02 -21.46 -16.23
N ASN B 54 -21.71 -22.13 -15.32
CA ASN B 54 -21.78 -23.58 -15.37
C ASN B 54 -23.07 -24.12 -14.74
N PRO B 55 -23.85 -24.83 -15.56
CA PRO B 55 -25.16 -25.39 -15.21
C PRO B 55 -25.13 -26.23 -13.93
N THR B 56 -24.23 -27.23 -13.88
CA THR B 56 -24.08 -28.05 -12.69
C THR B 56 -23.77 -27.20 -11.44
N ARG B 57 -22.87 -26.25 -11.59
CA ARG B 57 -22.51 -25.38 -10.48
C ARG B 57 -23.72 -24.54 -10.02
N GLU B 58 -24.50 -24.04 -10.97
CA GLU B 58 -25.70 -23.26 -10.65
C GLU B 58 -26.75 -24.04 -9.86
N GLU B 59 -26.92 -25.31 -10.21
CA GLU B 59 -27.86 -26.20 -9.50
C GLU B 59 -27.47 -26.36 -8.04
N LEU B 60 -26.19 -26.60 -7.80
CA LEU B 60 -25.70 -26.70 -6.42
C LEU B 60 -26.01 -25.39 -5.67
N GLU B 61 -25.69 -24.27 -6.31
CA GLU B 61 -25.98 -22.94 -5.76
C GLU B 61 -27.46 -22.73 -5.43
N GLU B 62 -28.32 -23.11 -6.35
CA GLU B 62 -29.76 -22.96 -6.17
C GLU B 62 -30.22 -23.81 -4.99
N CYS B 63 -29.67 -25.01 -4.90
CA CYS B 63 -29.99 -25.90 -3.78
C CYS B 63 -29.60 -25.26 -2.45
N LEU B 64 -28.36 -24.77 -2.38
CA LEU B 64 -27.84 -24.16 -1.16
C LEU B 64 -28.65 -22.92 -0.76
N ALA B 65 -28.92 -22.05 -1.73
CA ALA B 65 -29.72 -20.86 -1.46
C ALA B 65 -31.09 -21.24 -0.88
N GLY B 66 -31.69 -22.30 -1.43
CA GLY B 66 -33.01 -22.75 -1.02
C GLY B 66 -33.06 -23.24 0.42
N LEU B 67 -31.96 -23.84 0.89
CA LEU B 67 -31.88 -24.36 2.26
C LEU B 67 -32.08 -23.25 3.28
N GLU B 68 -31.82 -22.02 2.87
CA GLU B 68 -31.93 -20.86 3.75
C GLU B 68 -33.00 -19.84 3.32
N ARG B 69 -33.91 -20.26 2.43
CA ARG B 69 -34.94 -19.37 1.92
C ARG B 69 -34.35 -18.08 1.37
N ALA B 70 -33.19 -18.17 0.72
CA ALA B 70 -32.45 -17.01 0.28
C ALA B 70 -32.35 -16.93 -1.25
N PRO B 71 -32.22 -15.72 -1.79
CA PRO B 71 -32.19 -15.53 -3.24
C PRO B 71 -30.87 -15.90 -3.93
N PHE B 72 -29.76 -15.84 -3.20
CA PHE B 72 -28.46 -16.02 -3.82
C PHE B 72 -27.54 -17.01 -3.07
N ALA B 73 -26.78 -17.79 -3.83
CA ALA B 73 -25.60 -18.46 -3.27
C ALA B 73 -24.47 -18.41 -4.29
N THR B 74 -23.25 -18.59 -3.82
CA THR B 74 -22.11 -18.73 -4.71
C THR B 74 -21.15 -19.74 -4.13
N VAL B 75 -20.82 -20.77 -4.92
CA VAL B 75 -19.88 -21.79 -4.45
C VAL B 75 -18.46 -21.56 -4.94
N PHE B 76 -17.51 -22.11 -4.22
CA PHE B 76 -16.11 -21.85 -4.46
C PHE B 76 -15.28 -23.14 -4.40
N SER B 77 -14.02 -23.01 -4.84
CA SER B 77 -13.07 -24.10 -4.80
C SER B 77 -12.84 -24.67 -3.39
N SER B 78 -13.04 -23.85 -2.36
CA SER B 78 -12.89 -24.31 -0.98
C SER B 78 -13.56 -23.33 -0.01
N GLY B 79 -13.64 -23.71 1.27
CA GLY B 79 -14.14 -22.82 2.32
C GLY B 79 -13.28 -21.58 2.45
N GLN B 80 -11.97 -21.76 2.36
CA GLN B 80 -11.02 -20.65 2.41
C GLN B 80 -11.20 -19.66 1.25
N ALA B 81 -11.62 -20.16 0.09
CA ALA B 81 -11.87 -19.31 -1.06
C ALA B 81 -13.15 -18.48 -0.88
N ALA B 82 -14.16 -19.06 -0.24
CA ALA B 82 -15.37 -18.31 0.07
C ALA B 82 -15.05 -17.14 1.01
N ALA B 83 -14.27 -17.44 2.06
CA ALA B 83 -13.86 -16.43 3.02
C ALA B 83 -12.99 -15.34 2.37
N ALA B 84 -12.06 -15.76 1.53
CA ALA B 84 -11.12 -14.84 0.89
C ALA B 84 -11.87 -13.86 0.01
N THR B 85 -12.92 -14.34 -0.64
CA THR B 85 -13.77 -13.54 -1.50
C THR B 85 -14.52 -12.48 -0.68
N LEU B 86 -15.19 -12.93 0.37
CA LEU B 86 -15.94 -12.01 1.23
C LEU B 86 -15.02 -10.92 1.81
N LEU B 87 -13.88 -11.37 2.34
CA LEU B 87 -12.88 -10.48 2.92
C LEU B 87 -12.32 -9.49 1.91
N SER B 88 -12.24 -9.91 0.65
CA SER B 88 -11.66 -9.07 -0.39
C SER B 88 -12.40 -7.74 -0.51
N LEU B 89 -13.70 -7.77 -0.21
CA LEU B 89 -14.54 -6.59 -0.33
C LEU B 89 -14.30 -5.59 0.79
N VAL B 90 -13.55 -5.99 1.80
CA VAL B 90 -13.20 -5.03 2.85
C VAL B 90 -12.09 -4.13 2.34
N ARG B 91 -12.33 -2.83 2.34
CA ARG B 91 -11.42 -1.85 1.75
C ARG B 91 -10.41 -1.34 2.78
N PRO B 92 -9.30 -0.75 2.30
CA PRO B 92 -8.35 -0.19 3.26
C PRO B 92 -8.98 0.97 3.98
N GLY B 93 -8.66 1.14 5.26
CA GLY B 93 -9.32 2.13 6.08
C GLY B 93 -10.69 1.63 6.52
N GLN B 94 -10.94 0.34 6.34
CA GLN B 94 -12.13 -0.28 6.89
C GLN B 94 -11.72 -1.39 7.86
N CYS B 95 -12.69 -1.87 8.65
CA CYS B 95 -12.37 -2.69 9.82
C CYS B 95 -13.26 -3.94 9.99
N VAL B 96 -12.62 -5.09 10.12
CA VAL B 96 -13.32 -6.36 10.29
C VAL B 96 -13.32 -6.77 11.75
N VAL B 97 -14.43 -6.53 12.44
CA VAL B 97 -14.53 -6.96 13.82
C VAL B 97 -14.72 -8.46 13.87
N SER B 98 -13.86 -9.11 14.64
CA SER B 98 -13.98 -10.54 14.81
C SER B 98 -13.58 -10.98 16.20
N THR B 99 -12.99 -12.16 16.27
CA THR B 99 -12.60 -12.73 17.55
C THR B 99 -11.29 -13.51 17.48
N ASP B 100 -10.55 -13.44 18.59
CA ASP B 100 -9.26 -14.07 18.73
C ASP B 100 -9.33 -15.60 18.60
N ASP B 101 -10.56 -16.14 18.51
CA ASP B 101 -10.77 -17.58 18.45
C ASP B 101 -11.35 -18.17 17.15
N VAL B 102 -11.39 -17.40 16.06
CA VAL B 102 -11.88 -17.95 14.78
C VAL B 102 -10.89 -18.96 14.21
N TYR B 103 -11.33 -19.69 13.19
CA TYR B 103 -10.51 -20.71 12.50
C TYR B 103 -9.14 -20.18 12.09
N ALA B 104 -8.13 -21.04 12.15
CA ALA B 104 -6.76 -20.66 11.82
C ALA B 104 -6.61 -20.18 10.36
N GLY B 105 -7.32 -20.83 9.42
CA GLY B 105 -7.33 -20.37 8.04
C GLY B 105 -8.00 -19.02 7.93
N THR B 106 -9.09 -18.86 8.66
CA THR B 106 -9.78 -17.59 8.75
C THR B 106 -8.81 -16.51 9.26
N ASP B 107 -8.07 -16.82 10.33
CA ASP B 107 -7.15 -15.84 10.88
C ASP B 107 -6.01 -15.47 9.89
N GLY B 108 -5.70 -16.40 8.99
CA GLY B 108 -4.73 -16.15 7.95
C GLY B 108 -5.24 -15.14 6.93
N LEU B 109 -6.54 -15.16 6.70
CA LEU B 109 -7.17 -14.18 5.83
C LEU B 109 -7.33 -12.83 6.53
N PHE B 110 -7.27 -12.83 7.86
CA PHE B 110 -7.09 -11.58 8.59
C PHE B 110 -5.65 -11.09 8.38
N ASP B 111 -4.68 -12.00 8.46
CA ASP B 111 -3.26 -11.67 8.29
C ASP B 111 -2.98 -11.02 6.93
N LEU B 112 -3.46 -11.67 5.89
CA LEU B 112 -3.24 -11.18 4.60
C LEU B 112 -3.98 -9.80 4.47
N ALA B 113 -5.23 -9.74 4.93
CA ALA B 113 -6.01 -8.49 4.87
C ALA B 113 -5.32 -7.35 5.60
N ALA B 114 -4.59 -7.69 6.67
CA ALA B 114 -3.92 -6.69 7.48
C ALA B 114 -2.96 -5.84 6.66
N ARG B 115 -2.52 -6.37 5.52
CA ARG B 115 -1.56 -5.66 4.69
C ARG B 115 -2.20 -4.86 3.56
N GLN B 116 -3.52 -4.86 3.51
CA GLN B 116 -4.21 -4.04 2.52
C GLN B 116 -5.02 -2.97 3.24
N GLY B 117 -4.40 -2.36 4.26
CA GLY B 117 -4.99 -1.27 5.01
C GLY B 117 -6.22 -1.66 5.81
N VAL B 118 -6.42 -2.97 6.00
CA VAL B 118 -7.57 -3.48 6.73
C VAL B 118 -7.28 -3.58 8.22
N ARG B 119 -8.02 -2.84 9.02
CA ARG B 119 -7.86 -2.92 10.46
C ARG B 119 -8.64 -4.10 11.01
N VAL B 120 -7.95 -5.05 11.64
CA VAL B 120 -8.62 -6.16 12.31
C VAL B 120 -8.75 -5.90 13.81
N ARG B 121 -9.96 -5.54 14.24
CA ARG B 121 -10.26 -5.33 15.65
C ARG B 121 -10.86 -6.58 16.27
N TYR B 122 -10.06 -7.26 17.08
CA TYR B 122 -10.54 -8.39 17.86
C TYR B 122 -11.19 -7.87 19.14
N ALA B 123 -12.35 -8.42 19.47
CA ALA B 123 -12.93 -8.22 20.79
C ALA B 123 -13.91 -9.34 21.08
N ASP B 124 -14.42 -9.39 22.30
CA ASP B 124 -15.27 -10.51 22.69
C ASP B 124 -16.75 -10.33 22.35
N LEU B 125 -17.36 -11.40 21.85
CA LEU B 125 -18.75 -11.39 21.41
C LEU B 125 -19.60 -12.47 22.10
N THR B 126 -19.07 -13.09 23.15
CA THR B 126 -19.85 -14.05 23.95
C THR B 126 -20.59 -13.34 25.09
N THR B 127 -20.53 -12.02 25.08
CA THR B 127 -21.15 -11.20 26.11
C THR B 127 -21.77 -10.00 25.45
N PRO B 128 -22.72 -9.35 26.13
CA PRO B 128 -23.09 -8.01 25.64
C PRO B 128 -22.12 -6.97 25.75
N GLU B 129 -21.38 -7.10 26.82
CA GLU B 129 -20.53 -6.01 27.26
C GLU B 129 -19.54 -5.64 26.16
N GLY B 130 -18.65 -6.57 25.84
CA GLY B 130 -17.65 -6.33 24.81
C GLY B 130 -18.17 -6.39 23.38
N ILE B 131 -19.49 -6.33 23.21
CA ILE B 131 -20.08 -6.25 21.88
C ILE B 131 -20.12 -4.81 21.40
N ALA B 132 -20.54 -3.90 22.29
CA ALA B 132 -20.80 -2.52 21.93
C ALA B 132 -19.54 -1.75 21.58
N ALA B 133 -18.45 -2.09 22.26
CA ALA B 133 -17.19 -1.36 22.10
C ALA B 133 -16.58 -1.74 20.77
N ALA B 134 -16.53 -3.04 20.52
CA ALA B 134 -16.00 -3.57 19.27
C ALA B 134 -16.81 -3.03 18.12
N LEU B 135 -18.08 -2.76 18.38
CA LEU B 135 -18.97 -2.28 17.34
C LEU B 135 -18.82 -0.79 17.11
N ALA B 136 -18.39 -0.04 18.12
CA ALA B 136 -18.20 1.40 17.98
C ALA B 136 -16.90 1.75 17.28
N GLU B 137 -16.12 0.72 16.95
CA GLU B 137 -14.86 0.90 16.23
C GLU B 137 -15.04 1.79 15.01
N PRO B 138 -14.18 2.82 14.89
CA PRO B 138 -14.27 3.65 13.68
C PRO B 138 -14.04 2.84 12.40
N ASP B 139 -14.79 3.21 11.36
CA ASP B 139 -14.63 2.66 10.01
C ASP B 139 -14.95 1.16 9.88
N LEU B 140 -15.54 0.59 10.93
CA LEU B 140 -15.98 -0.82 10.96
C LEU B 140 -16.90 -1.18 9.79
N ALA B 141 -16.52 -2.21 9.02
CA ALA B 141 -17.29 -2.63 7.85
C ALA B 141 -17.93 -4.00 8.01
N LEU B 142 -17.22 -4.91 8.65
CA LEU B 142 -17.65 -6.29 8.71
C LEU B 142 -17.60 -6.80 10.15
N VAL B 143 -18.55 -7.66 10.52
CA VAL B 143 -18.49 -8.40 11.78
C VAL B 143 -18.49 -9.90 11.46
N TRP B 144 -17.49 -10.60 11.97
CA TRP B 144 -17.23 -11.97 11.55
C TRP B 144 -17.45 -12.93 12.71
N ILE B 145 -18.52 -13.72 12.62
CA ILE B 145 -18.88 -14.65 13.68
C ILE B 145 -18.77 -16.09 13.22
N GLU B 146 -18.08 -16.90 13.99
CA GLU B 146 -18.10 -18.33 13.77
C GLU B 146 -18.74 -18.94 15.01
N THR B 147 -19.86 -19.62 14.84
CA THR B 147 -20.59 -20.14 15.99
C THR B 147 -21.29 -21.45 15.67
N PRO B 148 -21.14 -22.46 16.54
CA PRO B 148 -20.29 -22.47 17.74
C PRO B 148 -18.80 -22.35 17.37
N THR B 149 -17.98 -21.92 18.32
CA THR B 149 -16.53 -21.93 18.10
C THR B 149 -15.92 -23.29 18.40
N ASN B 150 -14.69 -23.49 17.94
CA ASN B 150 -14.01 -24.77 18.06
C ASN B 150 -12.55 -24.59 18.40
N PRO B 151 -12.04 -25.41 19.33
CA PRO B 151 -12.67 -26.60 19.91
C PRO B 151 -13.46 -26.38 21.20
N LEU B 152 -13.59 -25.13 21.62
CA LEU B 152 -14.23 -24.88 22.91
C LEU B 152 -15.76 -24.89 22.87
N LEU B 153 -16.35 -24.86 21.68
CA LEU B 153 -17.80 -25.00 21.52
C LEU B 153 -18.57 -23.92 22.28
N THR B 154 -17.97 -22.73 22.34
CA THR B 154 -18.66 -21.56 22.85
C THR B 154 -19.50 -21.01 21.70
N VAL B 155 -20.40 -20.08 21.99
CA VAL B 155 -21.29 -19.57 20.96
C VAL B 155 -21.38 -18.06 21.00
N VAL B 156 -22.02 -17.48 19.99
CA VAL B 156 -22.25 -16.05 19.94
C VAL B 156 -23.68 -15.82 19.50
N ASP B 157 -24.38 -14.93 20.18
CA ASP B 157 -25.78 -14.64 19.89
C ASP B 157 -25.86 -13.89 18.55
N VAL B 158 -26.19 -14.60 17.48
CA VAL B 158 -26.22 -14.04 16.14
C VAL B 158 -27.20 -12.86 16.02
N ALA B 159 -28.42 -13.05 16.49
CA ALA B 159 -29.45 -12.03 16.37
C ALA B 159 -29.06 -10.73 17.09
N GLU B 160 -28.56 -10.86 18.32
CA GLU B 160 -28.21 -9.67 19.09
C GLU B 160 -26.98 -8.97 18.51
N VAL B 161 -25.95 -9.74 18.17
CA VAL B 161 -24.80 -9.15 17.48
C VAL B 161 -25.22 -8.50 16.17
N SER B 162 -26.12 -9.15 15.44
CA SER B 162 -26.61 -8.60 14.18
C SER B 162 -27.44 -7.34 14.39
N ARG B 163 -28.23 -7.29 15.46
CA ARG B 163 -29.00 -6.08 15.76
C ARG B 163 -28.05 -4.92 15.98
N ARG B 164 -27.04 -5.14 16.80
CA ARG B 164 -26.15 -4.05 17.18
C ARG B 164 -25.19 -3.68 16.04
N ALA B 165 -24.88 -4.63 15.17
CA ALA B 165 -24.04 -4.33 14.02
C ALA B 165 -24.72 -3.49 12.93
N HIS B 166 -25.96 -3.84 12.60
CA HIS B 166 -26.68 -3.18 11.50
C HIS B 166 -27.05 -1.75 11.85
N GLU B 167 -27.13 -1.50 13.15
CA GLU B 167 -27.20 -0.17 13.73
C GLU B 167 -26.11 0.71 13.16
N ARG B 168 -25.01 0.09 12.71
CA ARG B 168 -23.90 0.82 12.12
C ARG B 168 -23.77 0.54 10.63
N GLY B 169 -24.79 -0.05 10.03
CA GLY B 169 -24.79 -0.32 8.61
C GLY B 169 -23.63 -1.19 8.16
N ALA B 170 -23.17 -2.08 9.03
CA ALA B 170 -22.08 -2.98 8.70
C ALA B 170 -22.60 -4.36 8.28
N ARG B 171 -21.74 -5.15 7.66
CA ARG B 171 -22.09 -6.48 7.18
C ARG B 171 -21.79 -7.50 8.27
N VAL B 172 -22.65 -8.49 8.42
CA VAL B 172 -22.42 -9.59 9.37
C VAL B 172 -22.37 -10.94 8.67
N VAL B 173 -21.23 -11.62 8.75
CA VAL B 173 -21.12 -12.99 8.25
C VAL B 173 -21.06 -13.98 9.40
N VAL B 174 -21.73 -15.11 9.23
CA VAL B 174 -21.59 -16.22 10.16
C VAL B 174 -20.91 -17.38 9.43
N ASP B 175 -19.81 -17.86 9.98
CA ASP B 175 -19.22 -19.08 9.48
C ASP B 175 -20.04 -20.19 10.11
N ASN B 176 -20.90 -20.82 9.31
CA ASN B 176 -21.90 -21.75 9.80
C ASN B 176 -21.51 -23.20 9.52
N THR B 177 -20.25 -23.41 9.20
CA THR B 177 -19.73 -24.72 8.81
C THR B 177 -20.02 -25.75 9.89
N PHE B 178 -19.75 -25.35 11.13
CA PHE B 178 -19.88 -26.19 12.30
C PHE B 178 -21.27 -26.84 12.36
N ALA B 179 -22.31 -26.02 12.24
CA ALA B 179 -23.64 -26.51 12.55
C ALA B 179 -24.43 -27.02 11.34
N SER B 180 -24.06 -26.50 10.15
CA SER B 180 -24.76 -26.75 8.89
C SER B 180 -26.15 -26.06 8.87
N PRO B 181 -26.74 -25.90 7.66
CA PRO B 181 -28.03 -25.23 7.64
C PRO B 181 -29.12 -26.06 8.34
N VAL B 182 -28.89 -27.37 8.49
CA VAL B 182 -29.85 -28.21 9.22
C VAL B 182 -30.09 -27.70 10.65
N LEU B 183 -29.03 -27.18 11.28
CA LEU B 183 -29.11 -26.87 12.73
C LEU B 183 -29.19 -25.38 13.02
N GLN B 184 -28.67 -24.56 12.11
CA GLN B 184 -28.57 -23.14 12.35
C GLN B 184 -28.81 -22.37 11.05
N GLN B 185 -29.58 -21.30 11.14
CA GLN B 185 -29.94 -20.51 9.98
C GLN B 185 -29.54 -19.05 10.22
N PRO B 186 -28.26 -18.71 9.93
CA PRO B 186 -27.73 -17.36 10.23
C PRO B 186 -28.55 -16.26 9.58
N LEU B 187 -28.93 -16.43 8.31
CA LEU B 187 -29.72 -15.39 7.65
C LEU B 187 -31.05 -15.21 8.37
N ALA B 188 -31.62 -16.31 8.86
CA ALA B 188 -32.87 -16.25 9.62
C ALA B 188 -32.66 -15.52 10.94
N LEU B 189 -31.46 -15.64 11.50
CA LEU B 189 -31.16 -15.01 12.77
C LEU B 189 -30.88 -13.51 12.61
N GLY B 190 -30.69 -13.07 11.38
CA GLY B 190 -30.47 -11.66 11.12
C GLY B 190 -29.12 -11.31 10.51
N ALA B 191 -28.27 -12.31 10.31
CA ALA B 191 -27.00 -12.10 9.62
C ALA B 191 -27.22 -11.78 8.14
N ASP B 192 -26.20 -11.19 7.52
CA ASP B 192 -26.26 -10.86 6.10
C ASP B 192 -25.71 -11.95 5.21
N VAL B 193 -24.82 -12.78 5.76
CA VAL B 193 -24.17 -13.84 4.99
C VAL B 193 -23.96 -15.12 5.82
N SER B 194 -24.16 -16.28 5.20
CA SER B 194 -23.72 -17.53 5.79
C SER B 194 -22.57 -18.05 4.93
N LEU B 195 -21.47 -18.38 5.58
CA LEU B 195 -20.30 -18.96 4.91
C LEU B 195 -20.14 -20.42 5.31
N TYR B 196 -19.85 -21.26 4.33
CA TYR B 196 -19.62 -22.69 4.57
C TYR B 196 -18.36 -23.20 3.90
N SER B 197 -17.61 -24.01 4.64
CA SER B 197 -16.73 -24.98 4.01
C SER B 197 -17.58 -26.20 3.72
N THR B 198 -17.95 -26.43 2.47
CA THR B 198 -18.81 -27.55 2.13
C THR B 198 -18.02 -28.85 2.17
N THR B 199 -16.70 -28.72 2.33
CA THR B 199 -15.79 -29.84 2.58
C THR B 199 -16.25 -30.71 3.76
N1 LLP B 200 -14.15 -22.61 8.47
C2 LLP B 200 -14.55 -23.69 9.14
C2' LLP B 200 -15.46 -23.48 10.37
C3 LLP B 200 -14.11 -24.99 8.72
O3 LLP B 200 -14.56 -26.11 9.43
C4 LLP B 200 -13.29 -25.12 7.60
C4' LLP B 200 -12.78 -26.58 7.07
C5 LLP B 200 -12.89 -23.99 6.93
C6 LLP B 200 -13.33 -22.74 7.35
C5' LLP B 200 -11.94 -24.02 5.68
OP4 LLP B 200 -12.59 -24.55 4.55
P LLP B 200 -11.76 -25.39 3.54
OP1 LLP B 200 -12.82 -26.19 2.75
OP2 LLP B 200 -11.00 -24.47 2.67
OP3 LLP B 200 -10.82 -26.28 4.25
N LLP B 200 -16.98 -30.10 4.71
CA LLP B 200 -17.45 -30.81 5.89
CB LLP B 200 -17.49 -29.85 7.06
CG LLP B 200 -16.28 -28.91 7.06
CD LLP B 200 -14.94 -29.65 7.17
CE LLP B 200 -13.80 -28.72 6.71
NZ LLP B 200 -13.43 -27.70 7.72
C LLP B 200 -18.82 -31.38 5.66
O LLP B 200 -19.08 -31.98 4.62
N SER B 201 -19.70 -31.14 6.65
CA SER B 201 -21.10 -31.61 6.67
C SER B 201 -21.83 -31.74 5.33
N ILE B 202 -21.90 -30.65 4.58
CA ILE B 202 -22.77 -30.57 3.42
C ILE B 202 -22.47 -31.66 2.38
N ALA B 203 -21.22 -31.71 1.90
CA ALA B 203 -20.80 -32.78 1.01
C ALA B 203 -20.72 -34.08 1.81
N GLY B 204 -20.10 -34.00 2.98
CA GLY B 204 -20.24 -34.99 4.04
C GLY B 204 -19.58 -36.34 3.93
N HIS B 205 -18.81 -36.59 2.86
CA HIS B 205 -18.14 -37.90 2.70
C HIS B 205 -16.62 -37.84 2.57
N ALA B 206 -16.03 -36.69 2.93
CA ALA B 206 -14.57 -36.55 2.99
C ALA B 206 -13.88 -36.83 1.65
N ASP B 207 -14.56 -36.51 0.54
CA ASP B 207 -14.00 -36.80 -0.78
C ASP B 207 -14.06 -35.65 -1.79
N VAL B 208 -14.11 -34.41 -1.30
CA VAL B 208 -14.17 -33.24 -2.17
C VAL B 208 -14.01 -31.98 -1.33
N LEU B 209 -13.33 -30.98 -1.87
CA LEU B 209 -13.17 -29.69 -1.19
C LEU B 209 -14.12 -28.69 -1.78
N GLY B 210 -14.74 -27.86 -0.93
CA GLY B 210 -15.62 -26.83 -1.44
C GLY B 210 -15.96 -25.73 -0.45
N GLY B 211 -16.37 -24.59 -0.98
CA GLY B 211 -16.90 -23.54 -0.14
C GLY B 211 -18.16 -22.94 -0.72
N ALA B 212 -18.89 -22.21 0.11
CA ALA B 212 -20.09 -21.52 -0.32
C ALA B 212 -20.32 -20.27 0.50
N LEU B 213 -20.91 -19.27 -0.13
CA LEU B 213 -21.52 -18.13 0.55
C LEU B 213 -23.00 -18.17 0.20
N VAL B 214 -23.85 -17.82 1.16
CA VAL B 214 -25.29 -17.74 0.93
C VAL B 214 -25.74 -16.41 1.53
N TYR B 215 -26.56 -15.65 0.78
CA TYR B 215 -26.82 -14.25 1.14
C TYR B 215 -28.01 -13.71 0.36
N ARG B 216 -28.41 -12.47 0.66
CA ARG B 216 -29.58 -11.91 0.01
C ARG B 216 -29.29 -10.60 -0.73
N ASP B 217 -28.25 -9.89 -0.29
CA ASP B 217 -27.94 -8.56 -0.84
C ASP B 217 -27.51 -8.71 -2.31
N ALA B 218 -28.27 -8.11 -3.21
CA ALA B 218 -28.00 -8.24 -4.64
C ALA B 218 -26.79 -7.41 -5.07
N ASP B 219 -26.45 -6.38 -4.30
CA ASP B 219 -25.24 -5.61 -4.59
C ASP B 219 -24.02 -6.48 -4.23
N LEU B 220 -24.11 -7.14 -3.08
CA LEU B 220 -23.09 -8.07 -2.64
C LEU B 220 -22.94 -9.22 -3.66
N HIS B 221 -24.07 -9.65 -4.22
CA HIS B 221 -24.05 -10.75 -5.18
C HIS B 221 -23.19 -10.40 -6.38
N ALA B 222 -23.35 -9.19 -6.90
CA ALA B 222 -22.55 -8.75 -8.04
C ALA B 222 -21.06 -8.67 -7.71
N ALA B 223 -20.72 -8.10 -6.56
CA ALA B 223 -19.31 -7.99 -6.18
C ALA B 223 -18.67 -9.36 -5.98
N VAL B 224 -19.42 -10.28 -5.41
CA VAL B 224 -18.94 -11.64 -5.17
C VAL B 224 -18.69 -12.42 -6.49
N ARG B 225 -19.62 -12.34 -7.43
CA ARG B 225 -19.45 -13.07 -8.69
C ARG B 225 -18.34 -12.43 -9.54
N ALA B 226 -18.21 -11.12 -9.47
CA ALA B 226 -17.12 -10.43 -10.18
C ALA B 226 -15.76 -10.90 -9.66
N TYR B 227 -15.66 -11.03 -8.34
CA TYR B 227 -14.43 -11.51 -7.75
C TYR B 227 -14.10 -12.95 -8.12
N ARG B 228 -15.09 -13.84 -8.00
CA ARG B 228 -14.86 -15.25 -8.29
C ARG B 228 -14.39 -15.43 -9.73
N THR B 229 -15.01 -14.70 -10.64
CA THR B 229 -14.69 -14.83 -12.05
C THR B 229 -13.27 -14.32 -12.33
N THR B 230 -12.91 -13.24 -11.66
CA THR B 230 -11.60 -12.63 -11.86
C THR B 230 -10.48 -13.38 -11.12
N ALA B 231 -10.73 -13.75 -9.85
CA ALA B 231 -9.74 -14.50 -9.08
C ALA B 231 -9.67 -15.96 -9.51
N GLY B 232 -10.75 -16.47 -10.07
CA GLY B 232 -10.78 -17.82 -10.64
C GLY B 232 -10.81 -18.94 -9.61
N ASN B 233 -11.24 -18.61 -8.40
CA ASN B 233 -11.34 -19.58 -7.32
C ASN B 233 -12.64 -20.39 -7.40
N VAL B 234 -12.88 -20.93 -8.59
CA VAL B 234 -14.14 -21.60 -8.93
C VAL B 234 -13.98 -23.11 -8.80
N PRO B 235 -15.02 -23.82 -8.33
CA PRO B 235 -14.92 -25.28 -8.19
C PRO B 235 -15.13 -25.99 -9.53
N GLY B 236 -14.70 -27.24 -9.61
CA GLY B 236 -14.96 -28.05 -10.78
C GLY B 236 -16.40 -28.55 -10.83
N ALA B 237 -16.88 -28.86 -12.04
CA ALA B 237 -18.21 -29.41 -12.21
C ALA B 237 -18.36 -30.79 -11.56
N LEU B 238 -17.32 -31.62 -11.66
CA LEU B 238 -17.39 -32.95 -11.09
C LEU B 238 -17.48 -32.85 -9.55
N ASP B 239 -16.77 -31.86 -9.00
CA ASP B 239 -16.75 -31.64 -7.56
C ASP B 239 -18.06 -30.97 -7.10
N CYS B 240 -18.75 -30.27 -7.99
CA CYS B 240 -20.07 -29.75 -7.69
C CYS B 240 -21.07 -30.92 -7.66
N PHE B 241 -20.88 -31.86 -8.58
CA PHE B 241 -21.63 -33.11 -8.55
C PHE B 241 -21.48 -33.81 -7.19
N LEU B 242 -20.25 -33.95 -6.71
CA LEU B 242 -20.02 -34.65 -5.45
C LEU B 242 -20.63 -33.95 -4.24
N VAL B 243 -20.46 -32.64 -4.13
CA VAL B 243 -21.07 -31.88 -3.05
C VAL B 243 -22.58 -32.00 -3.16
N ARG B 244 -23.12 -31.85 -4.37
CA ARG B 244 -24.56 -31.97 -4.58
C ARG B 244 -25.08 -33.34 -4.14
N ARG B 245 -24.28 -34.38 -4.37
CA ARG B 245 -24.66 -35.74 -4.05
C ARG B 245 -24.84 -35.95 -2.54
N GLY B 246 -23.84 -35.53 -1.75
CA GLY B 246 -23.90 -35.68 -0.30
C GLY B 246 -25.03 -34.91 0.38
N LEU B 247 -25.51 -33.86 -0.28
CA LEU B 247 -26.58 -32.99 0.21
C LEU B 247 -27.91 -33.66 0.49
N HIS B 248 -28.28 -34.62 -0.36
CA HIS B 248 -29.54 -35.33 -0.20
C HIS B 248 -29.66 -35.87 1.23
N THR B 249 -28.56 -36.38 1.77
CA THR B 249 -28.61 -37.07 3.05
C THR B 249 -28.13 -36.18 4.22
N LEU B 250 -27.86 -34.91 3.92
CA LEU B 250 -27.35 -33.96 4.91
C LEU B 250 -28.11 -33.96 6.24
N SER B 251 -29.44 -33.86 6.21
CA SER B 251 -30.15 -33.81 7.47
C SER B 251 -30.23 -35.19 8.10
N LEU B 252 -30.30 -36.24 7.28
CA LEU B 252 -30.30 -37.58 7.84
C LEU B 252 -28.98 -37.86 8.56
N ARG B 253 -27.88 -37.46 7.95
CA ARG B 253 -26.56 -37.61 8.54
C ARG B 253 -26.40 -36.76 9.80
N VAL B 254 -26.78 -35.48 9.71
CA VAL B 254 -26.59 -34.54 10.81
C VAL B 254 -27.26 -35.01 12.10
N HIS B 255 -28.53 -35.42 12.01
CA HIS B 255 -29.20 -35.86 13.23
C HIS B 255 -28.74 -37.22 13.76
N ARG B 256 -28.22 -38.07 12.87
CA ARG B 256 -27.53 -39.27 13.31
C ARG B 256 -26.26 -38.86 14.06
N GLN B 257 -25.53 -37.89 13.50
CA GLN B 257 -24.32 -37.38 14.15
C GLN B 257 -24.65 -36.77 15.52
N VAL B 258 -25.74 -35.99 15.58
CA VAL B 258 -26.17 -35.38 16.83
C VAL B 258 -26.49 -36.42 17.91
N ALA B 259 -27.36 -37.37 17.58
CA ALA B 259 -27.76 -38.42 18.52
C ALA B 259 -26.56 -39.15 19.11
N THR B 260 -25.57 -39.45 18.27
CA THR B 260 -24.39 -40.15 18.77
C THR B 260 -23.57 -39.24 19.69
N ALA B 261 -23.48 -37.96 19.33
CA ALA B 261 -22.77 -37.00 20.18
C ALA B 261 -23.32 -36.97 21.60
N ARG B 262 -24.64 -36.93 21.74
CA ARG B 262 -25.29 -36.94 23.06
C ARG B 262 -24.89 -38.20 23.84
N VAL B 263 -24.81 -39.32 23.13
CA VAL B 263 -24.38 -40.59 23.70
C VAL B 263 -22.98 -40.50 24.29
N LEU B 264 -22.04 -40.02 23.48
CA LEU B 264 -20.62 -39.98 23.87
C LEU B 264 -20.36 -38.99 24.99
N VAL B 265 -21.08 -37.87 24.98
CA VAL B 265 -21.00 -36.91 26.07
C VAL B 265 -21.35 -37.57 27.41
N GLU B 266 -22.37 -38.42 27.43
CA GLU B 266 -22.73 -39.11 28.66
C GLU B 266 -21.70 -40.21 29.02
N ARG B 267 -21.12 -40.85 28.01
CA ARG B 267 -20.03 -41.79 28.24
C ARG B 267 -18.86 -41.01 28.87
N LEU B 268 -18.54 -39.86 28.29
CA LEU B 268 -17.46 -39.01 28.78
C LEU B 268 -17.67 -38.51 30.20
N ARG B 269 -18.90 -38.05 30.50
CA ARG B 269 -19.20 -37.54 31.84
C ARG B 269 -19.10 -38.60 32.94
N ALA B 270 -18.95 -39.86 32.54
CA ALA B 270 -18.85 -40.94 33.52
C ALA B 270 -17.44 -41.49 33.66
N SER B 271 -16.49 -40.95 32.90
CA SER B 271 -15.13 -41.48 32.97
C SER B 271 -14.28 -40.89 34.09
N PRO B 272 -13.62 -41.75 34.86
CA PRO B 272 -12.68 -41.30 35.89
C PRO B 272 -11.46 -40.56 35.32
N VAL B 273 -11.21 -40.70 34.02
CA VAL B 273 -10.02 -40.06 33.44
C VAL B 273 -10.41 -38.93 32.48
N VAL B 274 -11.59 -38.37 32.71
CA VAL B 274 -12.07 -37.21 31.96
C VAL B 274 -12.40 -36.08 32.91
N GLY B 275 -11.90 -34.88 32.59
CA GLY B 275 -12.24 -33.70 33.35
C GLY B 275 -13.44 -33.03 32.71
N ALA B 276 -13.29 -31.76 32.36
CA ALA B 276 -14.35 -30.99 31.70
C ALA B 276 -14.80 -31.65 30.42
N VAL B 277 -16.10 -31.62 30.15
CA VAL B 277 -16.63 -32.05 28.87
C VAL B 277 -17.35 -30.87 28.26
N HIS B 278 -17.00 -30.52 27.01
CA HIS B 278 -17.60 -29.38 26.34
C HIS B 278 -18.59 -29.82 25.26
N TYR B 279 -19.79 -29.26 25.31
CA TYR B 279 -20.84 -29.57 24.35
C TYR B 279 -21.92 -28.51 24.43
N PRO B 280 -22.24 -27.86 23.30
CA PRO B 280 -23.14 -26.69 23.27
C PRO B 280 -24.50 -26.96 23.90
N GLY B 281 -24.91 -28.23 23.96
CA GLY B 281 -26.21 -28.61 24.47
C GLY B 281 -26.32 -29.02 25.93
N LEU B 282 -25.24 -28.88 26.71
CA LEU B 282 -25.33 -29.20 28.13
C LEU B 282 -26.05 -28.11 28.93
N PRO B 283 -26.78 -28.52 29.99
CA PRO B 283 -27.45 -27.55 30.87
C PRO B 283 -26.47 -26.66 31.63
N GLU B 284 -25.19 -27.03 31.70
CA GLU B 284 -24.23 -26.18 32.38
C GLU B 284 -23.63 -25.14 31.45
N HIS B 285 -23.73 -25.38 30.14
CA HIS B 285 -23.12 -24.47 29.15
C HIS B 285 -23.50 -23.02 29.43
N PRO B 286 -22.48 -22.15 29.59
CA PRO B 286 -22.66 -20.75 30.02
C PRO B 286 -23.60 -19.96 29.11
N GLN B 287 -23.82 -20.48 27.92
CA GLN B 287 -24.71 -19.83 26.97
C GLN B 287 -25.83 -20.76 26.52
N HIS B 288 -26.41 -21.50 27.47
CA HIS B 288 -27.48 -22.45 27.15
C HIS B 288 -28.73 -21.74 26.62
N ALA B 289 -29.00 -20.54 27.10
CA ALA B 289 -30.15 -19.80 26.57
C ALA B 289 -29.93 -19.45 25.09
N VAL B 290 -28.70 -19.09 24.73
CA VAL B 290 -28.40 -18.75 23.34
C VAL B 290 -28.43 -19.97 22.41
N VAL B 291 -27.86 -21.09 22.87
CA VAL B 291 -27.95 -22.33 22.10
C VAL B 291 -29.41 -22.73 21.85
N LYS B 292 -30.24 -22.66 22.89
CA LYS B 292 -31.66 -23.02 22.78
C LYS B 292 -32.41 -22.00 21.90
N ALA B 293 -31.99 -20.74 21.94
CA ALA B 293 -32.65 -19.72 21.17
C ALA B 293 -32.31 -19.79 19.68
N GLN B 294 -31.12 -20.28 19.34
CA GLN B 294 -30.66 -20.17 17.95
C GLN B 294 -30.31 -21.46 17.21
N MSE B 295 -29.93 -22.52 17.93
CA MSE B 295 -29.58 -23.82 17.32
C MSE B 295 -30.77 -24.80 17.45
O MSE B 295 -31.45 -24.84 18.47
CB MSE B 295 -28.31 -24.42 17.99
CG MSE B 295 -26.94 -23.79 17.60
SE MSE B 295 -25.27 -24.54 18.47
CE MSE B 295 -25.82 -26.28 18.76
N SER B 296 -31.04 -25.60 16.42
CA SER B 296 -32.14 -26.55 16.55
C SER B 296 -31.67 -27.86 17.20
N ALA B 297 -30.35 -28.06 17.25
CA ALA B 297 -29.76 -29.22 17.91
C ALA B 297 -28.29 -28.90 18.15
N PRO B 298 -27.65 -29.61 19.13
CA PRO B 298 -26.32 -29.27 19.65
C PRO B 298 -25.06 -29.51 18.78
N GLY B 299 -25.13 -30.36 17.76
CA GLY B 299 -24.02 -30.49 16.82
C GLY B 299 -23.28 -31.82 16.86
N ALA B 300 -22.30 -31.97 15.97
CA ALA B 300 -21.60 -33.23 15.84
C ALA B 300 -20.22 -33.21 16.51
N ILE B 301 -19.87 -32.09 17.13
CA ILE B 301 -18.54 -31.91 17.72
C ILE B 301 -18.61 -31.94 19.25
N VAL B 302 -17.64 -32.62 19.87
CA VAL B 302 -17.54 -32.73 21.31
C VAL B 302 -16.07 -32.50 21.67
N SER B 303 -15.80 -31.80 22.78
CA SER B 303 -14.44 -31.67 23.31
C SER B 303 -14.40 -32.04 24.79
N PHE B 304 -13.22 -32.47 25.25
CA PHE B 304 -13.06 -32.84 26.65
C PHE B 304 -11.59 -32.86 27.08
N ASP B 305 -11.36 -32.64 28.37
CA ASP B 305 -10.03 -32.70 28.95
C ASP B 305 -9.67 -34.14 29.32
N TYR B 306 -8.65 -34.69 28.66
CA TYR B 306 -8.16 -36.01 29.00
C TYR B 306 -7.23 -35.95 30.23
N LEU B 307 -7.49 -36.80 31.22
CA LEU B 307 -6.71 -36.78 32.46
C LEU B 307 -5.77 -37.98 32.64
N GLY B 308 -5.92 -39.01 31.80
CA GLY B 308 -5.26 -40.28 32.06
C GLY B 308 -3.85 -40.40 31.53
N GLY B 309 -3.27 -39.29 31.07
CA GLY B 309 -1.91 -39.28 30.57
C GLY B 309 -1.75 -38.44 29.31
N PRO B 310 -0.58 -38.55 28.66
CA PRO B 310 -0.31 -37.77 27.45
C PRO B 310 -1.33 -38.01 26.33
N ALA B 311 -1.83 -36.93 25.76
CA ALA B 311 -2.80 -37.00 24.67
C ALA B 311 -2.25 -37.85 23.52
N GLU B 312 -0.96 -37.71 23.24
CA GLU B 312 -0.38 -38.42 22.10
C GLU B 312 -0.57 -39.94 22.19
N ARG B 313 -0.46 -40.51 23.39
CA ARG B 313 -0.67 -41.94 23.57
C ARG B 313 -2.14 -42.34 23.39
N LEU B 314 -3.04 -41.51 23.90
CA LEU B 314 -4.45 -41.78 23.79
C LEU B 314 -4.88 -41.85 22.33
N LEU B 315 -4.38 -40.91 21.52
CA LEU B 315 -4.73 -40.82 20.11
C LEU B 315 -4.56 -42.16 19.35
N ASP B 316 -3.51 -42.90 19.69
CA ASP B 316 -3.21 -44.16 19.02
C ASP B 316 -4.15 -45.31 19.39
N ARG B 317 -4.70 -45.26 20.61
CA ARG B 317 -5.53 -46.34 21.12
C ARG B 317 -6.88 -46.52 20.41
N PHE B 318 -7.31 -45.52 19.65
CA PHE B 318 -8.59 -45.65 18.96
C PHE B 318 -8.49 -46.70 17.87
N THR B 319 -9.42 -47.65 17.86
CA THR B 319 -9.48 -48.60 16.75
C THR B 319 -10.78 -48.50 15.96
N LEU B 320 -11.41 -47.33 16.01
CA LEU B 320 -12.55 -47.03 15.14
C LEU B 320 -12.54 -45.57 14.68
N PHE B 321 -12.51 -44.62 15.61
CA PHE B 321 -12.24 -43.22 15.27
C PHE B 321 -10.94 -43.15 14.49
N THR B 322 -10.93 -42.35 13.43
CA THR B 322 -9.69 -42.05 12.74
C THR B 322 -9.13 -40.81 13.40
N CYS B 323 -7.82 -40.74 13.58
CA CYS B 323 -7.21 -39.49 13.99
C CYS B 323 -6.87 -38.66 12.76
N GLY B 324 -7.27 -37.39 12.75
CA GLY B 324 -7.02 -36.52 11.60
C GLY B 324 -7.84 -35.25 11.69
N VAL B 325 -7.72 -34.36 10.68
CA VAL B 325 -8.38 -33.05 10.70
C VAL B 325 -9.64 -33.00 9.80
N SER B 326 -10.21 -31.81 9.64
CA SER B 326 -11.59 -31.60 9.13
C SER B 326 -12.64 -32.22 10.05
N LEU B 327 -13.90 -32.02 9.72
CA LEU B 327 -14.97 -32.57 10.53
C LEU B 327 -16.20 -32.83 9.69
N GLY B 328 -17.24 -33.37 10.32
CA GLY B 328 -18.53 -33.55 9.69
C GLY B 328 -18.64 -34.72 8.72
N GLY B 329 -17.53 -35.37 8.41
CA GLY B 329 -17.56 -36.49 7.47
C GLY B 329 -18.24 -37.73 8.05
N VAL B 330 -18.63 -38.67 7.18
CA VAL B 330 -19.31 -39.88 7.62
C VAL B 330 -18.46 -40.72 8.58
N HIS B 331 -17.14 -40.64 8.44
CA HIS B 331 -16.23 -41.34 9.33
C HIS B 331 -15.89 -40.46 10.55
N SER B 332 -16.08 -41.01 11.74
CA SER B 332 -15.78 -40.30 12.99
C SER B 332 -14.29 -40.04 13.14
N LEU B 333 -13.96 -38.83 13.57
CA LEU B 333 -12.57 -38.46 13.78
C LEU B 333 -12.29 -37.94 15.18
N VAL B 334 -11.04 -38.09 15.60
CA VAL B 334 -10.56 -37.57 16.87
C VAL B 334 -9.27 -36.79 16.61
N GLU B 335 -9.08 -35.69 17.33
CA GLU B 335 -7.78 -35.00 17.29
C GLU B 335 -7.52 -34.27 18.60
N CYS B 336 -6.24 -33.94 18.79
CA CYS B 336 -5.81 -33.11 19.88
C CYS B 336 -5.35 -31.80 19.25
N PRO B 337 -6.21 -30.77 19.32
CA PRO B 337 -5.95 -29.44 18.75
C PRO B 337 -4.54 -28.99 19.06
N ALA B 338 -4.14 -29.16 20.32
CA ALA B 338 -2.77 -28.85 20.76
C ALA B 338 -1.69 -29.47 19.89
N LEU B 339 -1.93 -30.69 19.41
CA LEU B 339 -0.91 -31.39 18.63
C LEU B 339 -1.16 -31.16 17.15
N MSE B 340 -2.39 -30.82 16.79
CA MSE B 340 -2.81 -30.74 15.40
C MSE B 340 -3.35 -29.39 15.02
O MSE B 340 -2.59 -28.45 14.83
CB MSE B 340 -3.89 -31.78 15.08
CG MSE B 340 -3.37 -33.00 14.49
SE MSE B 340 -2.10 -33.72 15.68
CE MSE B 340 -2.94 -35.50 15.69
N THR B 341 -4.68 -29.31 14.89
CA THR B 341 -5.36 -28.08 14.44
C THR B 341 -4.87 -26.79 15.08
N HIS B 342 -4.49 -26.83 16.36
CA HIS B 342 -4.08 -25.59 17.02
C HIS B 342 -2.57 -25.51 17.31
N ARG B 343 -1.84 -26.41 16.66
CA ARG B 343 -0.38 -26.42 16.68
C ARG B 343 0.26 -25.04 16.43
N PRO B 344 -0.19 -24.28 15.41
CA PRO B 344 0.52 -23.01 15.12
C PRO B 344 0.44 -21.96 16.20
N LEU B 345 -0.63 -21.94 16.99
CA LEU B 345 -0.69 -21.03 18.13
C LEU B 345 0.24 -21.55 19.23
N SER B 346 0.69 -20.67 20.12
CA SER B 346 1.56 -21.07 21.21
C SER B 346 0.73 -21.55 22.39
N ALA B 347 1.39 -22.08 23.42
CA ALA B 347 0.70 -22.57 24.60
C ALA B 347 -0.02 -21.47 25.34
N GLU B 348 0.69 -20.43 25.74
CA GLU B 348 0.10 -19.31 26.49
C GLU B 348 -0.96 -18.66 25.65
N ALA B 349 -0.73 -18.65 24.34
CA ALA B 349 -1.79 -18.34 23.40
C ALA B 349 -2.95 -19.27 23.70
N ARG B 350 -2.88 -20.49 23.18
CA ARG B 350 -3.81 -21.58 23.54
C ARG B 350 -4.23 -21.54 25.03
N ALA B 351 -3.31 -21.20 25.93
CA ALA B 351 -3.67 -21.11 27.35
C ALA B 351 -4.60 -19.92 27.64
N ARG B 352 -4.30 -18.75 27.06
CA ARG B 352 -5.24 -17.63 27.08
C ARG B 352 -6.58 -18.07 26.55
N ARG B 353 -6.53 -18.86 25.47
CA ARG B 353 -7.70 -19.48 24.89
C ARG B 353 -8.31 -20.49 25.84
N GLY B 354 -7.52 -20.91 26.82
CA GLY B 354 -7.92 -21.98 27.71
C GLY B 354 -7.96 -23.32 26.99
N ILE B 355 -7.11 -23.47 25.98
CA ILE B 355 -6.96 -24.75 25.30
C ILE B 355 -5.77 -25.50 25.88
N GLY B 356 -6.04 -26.42 26.80
CA GLY B 356 -5.00 -27.23 27.40
C GLY B 356 -4.42 -28.20 26.38
N GLU B 357 -3.25 -28.73 26.68
CA GLU B 357 -2.64 -29.70 25.80
C GLU B 357 -3.33 -31.07 25.83
N SER B 358 -4.22 -31.28 26.80
CA SER B 358 -4.97 -32.52 26.88
C SER B 358 -6.40 -32.43 26.35
N LEU B 359 -6.72 -31.30 25.74
CA LEU B 359 -8.03 -31.16 25.14
C LEU B 359 -8.14 -32.08 23.93
N ILE B 360 -9.15 -32.94 23.95
CA ILE B 360 -9.41 -33.86 22.85
C ILE B 360 -10.67 -33.39 22.13
N ARG B 361 -10.64 -33.40 20.80
CA ARG B 361 -11.84 -33.06 20.01
C ARG B 361 -12.34 -34.24 19.18
N LEU B 362 -13.64 -34.51 19.30
CA LEU B 362 -14.32 -35.56 18.55
C LEU B 362 -15.21 -34.92 17.49
N SER B 363 -15.13 -35.45 16.27
CA SER B 363 -16.10 -35.14 15.23
C SER B 363 -16.85 -36.42 14.95
N VAL B 364 -18.17 -36.39 15.16
CA VAL B 364 -18.95 -37.63 15.17
C VAL B 364 -19.55 -37.97 13.81
N GLY B 365 -19.18 -39.14 13.30
CA GLY B 365 -19.74 -39.63 12.05
C GLY B 365 -21.02 -40.42 12.24
N ILE B 366 -21.30 -41.31 11.30
CA ILE B 366 -22.57 -42.02 11.30
C ILE B 366 -22.47 -43.51 11.65
N GLU B 367 -21.33 -43.93 12.17
CA GLU B 367 -21.18 -45.32 12.61
C GLU B 367 -22.14 -45.66 13.77
N ASP B 368 -22.26 -46.93 14.14
CA ASP B 368 -23.16 -47.30 15.23
C ASP B 368 -22.69 -46.62 16.52
N PRO B 369 -23.62 -45.97 17.25
CA PRO B 369 -23.28 -45.19 18.45
C PRO B 369 -22.53 -46.03 19.47
N GLN B 370 -23.10 -47.17 19.79
CA GLN B 370 -22.47 -48.06 20.76
C GLN B 370 -21.09 -48.56 20.28
N ASP B 371 -20.88 -48.68 18.96
CA ASP B 371 -19.54 -48.98 18.44
C ASP B 371 -18.57 -47.83 18.76
N LEU B 372 -19.02 -46.59 18.57
CA LEU B 372 -18.17 -45.44 18.88
C LEU B 372 -17.94 -45.28 20.38
N ALA B 373 -18.99 -45.49 21.18
CA ALA B 373 -18.84 -45.46 22.64
C ALA B 373 -17.81 -46.47 23.16
N GLU B 374 -17.79 -47.65 22.57
CA GLU B 374 -16.91 -48.70 23.08
C GLU B 374 -15.45 -48.44 22.67
N ASP B 375 -15.25 -47.92 21.47
CA ASP B 375 -13.91 -47.53 21.01
C ASP B 375 -13.37 -46.40 21.89
N LEU B 376 -14.23 -45.45 22.24
CA LEU B 376 -13.84 -44.36 23.12
C LEU B 376 -13.48 -44.87 24.52
N SER B 377 -14.28 -45.78 25.06
CA SER B 377 -14.02 -46.27 26.42
C SER B 377 -12.74 -47.09 26.54
N ARG B 378 -12.48 -47.99 25.58
CA ARG B 378 -11.24 -48.78 25.61
C ARG B 378 -10.05 -47.83 25.50
N ALA B 379 -10.18 -46.84 24.63
CA ALA B 379 -9.10 -45.88 24.41
C ALA B 379 -8.78 -45.15 25.69
N LEU B 380 -9.82 -44.63 26.34
CA LEU B 380 -9.62 -43.95 27.61
C LEU B 380 -9.02 -44.92 28.62
N ALA B 381 -9.56 -46.13 28.70
CA ALA B 381 -9.12 -47.09 29.71
C ALA B 381 -7.69 -47.62 29.47
N GLY B 382 -7.27 -47.72 28.22
CA GLY B 382 -5.94 -48.23 27.92
C GLY B 382 -5.82 -49.72 28.18
N GLY B 383 -4.61 -50.25 28.12
CA GLY B 383 -4.38 -51.66 28.33
C GLY B 383 -4.38 -52.46 27.03
N GLY C 6 -15.29 -54.17 18.14
CA GLY C 6 -15.90 -54.79 16.98
C GLY C 6 -16.77 -53.84 16.18
N MSE C 7 -17.71 -54.38 15.39
CA MSE C 7 -18.59 -53.52 14.55
C MSE C 7 -20.03 -54.07 14.35
O MSE C 7 -20.23 -55.24 13.98
CB MSE C 7 -17.93 -53.20 13.18
CG MSE C 7 -16.38 -52.91 13.20
SE MSE C 7 -15.36 -52.61 11.51
CE MSE C 7 -16.08 -54.02 10.38
N ARG C 8 -21.03 -53.21 14.56
CA ARG C 8 -22.40 -53.49 14.15
C ARG C 8 -22.66 -53.02 12.72
N PHE C 9 -23.76 -53.50 12.12
CA PHE C 9 -24.14 -53.13 10.76
C PHE C 9 -23.99 -51.63 10.48
N GLY C 10 -24.53 -50.79 11.35
CA GLY C 10 -24.48 -49.35 11.14
C GLY C 10 -23.10 -48.71 11.24
N THR C 11 -22.05 -49.55 11.32
CA THR C 11 -20.65 -49.16 11.33
C THR C 11 -19.92 -49.77 10.11
N ARG C 12 -20.28 -51.01 9.79
CA ARG C 12 -19.72 -51.72 8.63
C ARG C 12 -20.01 -50.98 7.32
N LEU C 13 -21.11 -50.23 7.30
CA LEU C 13 -21.44 -49.40 6.13
C LEU C 13 -20.33 -48.39 5.90
N VAL C 14 -19.82 -47.85 6.99
CA VAL C 14 -18.80 -46.81 6.89
C VAL C 14 -17.42 -47.39 6.61
N HIS C 15 -17.06 -48.47 7.31
CA HIS C 15 -15.68 -48.97 7.33
C HIS C 15 -15.41 -50.30 6.62
N GLY C 16 -16.46 -50.98 6.18
CA GLY C 16 -16.31 -52.19 5.39
C GLY C 16 -15.54 -51.87 4.13
N GLY C 17 -14.52 -52.66 3.84
CA GLY C 17 -13.69 -52.44 2.66
C GLY C 17 -12.85 -51.17 2.72
N ARG C 18 -12.42 -50.77 3.93
CA ARG C 18 -11.65 -49.53 4.08
C ARG C 18 -10.25 -49.69 4.74
N ARG C 19 -9.49 -50.67 4.29
CA ARG C 19 -8.09 -50.82 4.69
C ARG C 19 -7.24 -49.71 4.30
N PRO C 20 -6.34 -49.29 5.19
CA PRO C 20 -5.67 -48.03 4.81
C PRO C 20 -4.78 -48.10 3.56
N SER C 21 -3.78 -47.23 3.54
CA SER C 21 -2.91 -47.09 2.40
C SER C 21 -1.62 -46.44 2.82
N ALA C 22 -0.65 -47.30 3.16
CA ALA C 22 0.70 -46.91 3.53
C ALA C 22 1.25 -45.74 2.72
N GLY C 23 2.14 -44.97 3.33
CA GLY C 23 2.71 -43.81 2.68
C GLY C 23 1.88 -42.56 2.87
N THR C 24 0.57 -42.64 2.60
CA THR C 24 -0.27 -41.45 2.47
C THR C 24 -1.46 -41.31 3.42
N GLY C 25 -2.09 -42.42 3.82
CA GLY C 25 -3.08 -42.39 4.90
C GLY C 25 -4.51 -42.02 4.55
N ASP C 26 -4.84 -42.06 3.26
CA ASP C 26 -6.18 -41.68 2.78
C ASP C 26 -7.28 -42.29 3.62
N VAL C 27 -8.15 -41.46 4.20
CA VAL C 27 -9.38 -41.97 4.82
C VAL C 27 -10.31 -42.64 3.79
N VAL C 28 -10.61 -41.93 2.71
CA VAL C 28 -11.35 -42.52 1.60
C VAL C 28 -10.33 -43.17 0.64
N PRO C 29 -10.46 -44.48 0.38
CA PRO C 29 -9.47 -45.11 -0.50
C PRO C 29 -9.48 -44.49 -1.89
N PRO C 30 -8.32 -44.48 -2.56
CA PRO C 30 -8.26 -43.87 -3.90
C PRO C 30 -9.06 -44.71 -4.89
N ILE C 31 -9.51 -44.09 -5.98
CA ILE C 31 -10.21 -44.83 -7.04
C ILE C 31 -9.19 -45.39 -8.02
N HIS C 32 -9.11 -46.71 -8.10
CA HIS C 32 -8.15 -47.38 -8.96
C HIS C 32 -8.73 -47.54 -10.36
N VAL C 33 -8.40 -46.61 -11.25
CA VAL C 33 -8.91 -46.66 -12.61
C VAL C 33 -8.04 -47.52 -13.53
N SER C 34 -6.79 -47.75 -13.14
CA SER C 34 -5.85 -48.43 -14.02
C SER C 34 -6.37 -49.82 -14.42
N THR C 35 -6.38 -50.08 -15.73
CA THR C 35 -6.74 -51.37 -16.29
C THR C 35 -5.51 -52.26 -16.32
N THR C 36 -4.39 -51.62 -16.02
CA THR C 36 -3.08 -52.14 -16.33
C THR C 36 -2.15 -52.23 -15.15
N TYR C 37 -1.39 -53.33 -15.04
CA TYR C 37 -0.43 -53.48 -13.96
C TYR C 37 0.95 -53.96 -14.35
N GLU C 38 1.92 -53.45 -13.59
CA GLU C 38 3.28 -53.85 -13.73
C GLU C 38 3.57 -54.92 -12.68
N ARG C 39 4.31 -55.95 -13.08
CA ARG C 39 4.66 -57.07 -12.19
C ARG C 39 5.41 -56.56 -10.95
N ARG C 40 6.58 -55.99 -11.22
CA ARG C 40 7.60 -55.67 -10.22
C ARG C 40 7.17 -54.73 -9.05
N ALA C 41 5.95 -54.18 -9.11
CA ALA C 41 5.49 -53.24 -8.07
C ALA C 41 4.80 -53.90 -6.87
N GLN C 42 4.36 -55.14 -7.08
CA GLN C 42 3.86 -56.00 -6.02
C GLN C 42 4.96 -57.05 -5.84
N ASP C 43 4.89 -57.84 -4.77
CA ASP C 43 5.94 -58.85 -4.51
C ASP C 43 5.59 -60.29 -4.96
N GLU C 44 4.31 -60.55 -5.20
CA GLU C 44 3.90 -61.74 -5.97
C GLU C 44 2.83 -61.32 -6.98
N PRO C 45 2.63 -62.12 -8.05
CA PRO C 45 1.76 -61.62 -9.12
C PRO C 45 0.26 -61.89 -8.91
N ARG C 46 -0.51 -60.83 -8.69
CA ARG C 46 -1.94 -60.94 -8.44
C ARG C 46 -2.79 -59.90 -9.20
N TYR C 47 -2.23 -58.72 -9.45
CA TYR C 47 -2.88 -57.76 -10.36
C TYR C 47 -2.28 -57.87 -11.75
N PHE C 48 -3.05 -58.43 -12.68
CA PHE C 48 -2.57 -58.62 -14.04
C PHE C 48 -3.38 -57.73 -14.97
N TYR C 49 -4.67 -57.60 -14.68
CA TYR C 49 -5.58 -56.95 -15.63
C TYR C 49 -6.88 -56.58 -14.96
N GLY C 50 -7.39 -55.41 -15.30
CA GLY C 50 -8.56 -54.83 -14.69
C GLY C 50 -9.82 -55.67 -14.69
N ARG C 51 -10.03 -56.48 -15.73
CA ARG C 51 -11.22 -57.33 -15.78
C ARG C 51 -11.23 -58.34 -14.64
N GLY C 52 -10.09 -58.96 -14.36
CA GLY C 52 -10.01 -59.94 -13.28
C GLY C 52 -9.84 -59.32 -11.90
N GLU C 53 -9.11 -58.22 -11.83
CA GLU C 53 -8.65 -57.67 -10.54
C GLU C 53 -8.74 -56.14 -10.47
N ASN C 54 -9.33 -55.62 -9.39
CA ASN C 54 -9.36 -54.17 -9.12
C ASN C 54 -9.66 -53.87 -7.66
N PRO C 55 -8.73 -53.18 -6.98
CA PRO C 55 -8.82 -52.87 -5.53
C PRO C 55 -10.13 -52.18 -5.15
N THR C 56 -10.57 -51.21 -5.95
CA THR C 56 -11.80 -50.47 -5.71
C THR C 56 -13.01 -51.38 -5.77
N ARG C 57 -13.08 -52.21 -6.80
CA ARG C 57 -14.13 -53.22 -6.86
C ARG C 57 -14.08 -54.13 -5.63
N GLU C 58 -12.88 -54.61 -5.32
CA GLU C 58 -12.67 -55.51 -4.18
C GLU C 58 -13.08 -54.86 -2.86
N GLU C 59 -12.86 -53.56 -2.74
CA GLU C 59 -13.24 -52.85 -1.52
C GLU C 59 -14.75 -52.82 -1.34
N LEU C 60 -15.47 -52.54 -2.42
CA LEU C 60 -16.92 -52.58 -2.40
C LEU C 60 -17.41 -53.98 -1.99
N GLU C 61 -16.78 -55.02 -2.55
CA GLU C 61 -17.14 -56.40 -2.27
C GLU C 61 -17.00 -56.80 -0.80
N GLU C 62 -15.89 -56.43 -0.17
CA GLU C 62 -15.69 -56.72 1.25
C GLU C 62 -16.79 -56.05 2.06
N CYS C 63 -17.11 -54.83 1.68
CA CYS C 63 -18.14 -54.09 2.37
C CYS C 63 -19.48 -54.82 2.29
N LEU C 64 -19.88 -55.18 1.07
CA LEU C 64 -21.14 -55.89 0.85
C LEU C 64 -21.18 -57.23 1.58
N ALA C 65 -20.13 -58.03 1.41
CA ALA C 65 -20.03 -59.30 2.13
C ALA C 65 -20.12 -59.06 3.63
N GLY C 66 -19.44 -58.01 4.09
CA GLY C 66 -19.42 -57.66 5.50
C GLY C 66 -20.79 -57.36 6.08
N LEU C 67 -21.70 -56.85 5.24
CA LEU C 67 -23.05 -56.53 5.68
C LEU C 67 -23.90 -57.78 5.98
N GLU C 68 -23.43 -58.94 5.53
CA GLU C 68 -24.18 -60.18 5.75
C GLU C 68 -23.34 -61.21 6.49
N ARG C 69 -22.23 -60.74 7.07
CA ARG C 69 -21.28 -61.59 7.78
C ARG C 69 -20.87 -62.80 6.94
N ALA C 70 -20.53 -62.53 5.69
CA ALA C 70 -20.29 -63.58 4.71
C ALA C 70 -18.87 -63.50 4.14
N PRO C 71 -18.32 -64.66 3.74
CA PRO C 71 -16.98 -64.73 3.13
C PRO C 71 -16.83 -63.98 1.81
N PHE C 72 -17.76 -64.14 0.89
CA PHE C 72 -17.57 -63.61 -0.45
C PHE C 72 -18.70 -62.69 -0.93
N ALA C 73 -18.32 -61.74 -1.78
CA ALA C 73 -19.27 -61.02 -2.62
C ALA C 73 -18.59 -60.75 -3.96
N THR C 74 -19.42 -60.64 -4.98
CA THR C 74 -18.94 -60.34 -6.32
C THR C 74 -19.90 -59.31 -6.89
N VAL C 75 -19.37 -58.20 -7.41
CA VAL C 75 -20.21 -57.16 -8.02
C VAL C 75 -20.15 -57.17 -9.54
N PHE C 76 -21.17 -56.58 -10.16
CA PHE C 76 -21.45 -56.73 -11.58
C PHE C 76 -21.85 -55.42 -12.24
N SER C 77 -21.83 -55.42 -13.57
CA SER C 77 -22.29 -54.29 -14.40
C SER C 77 -23.76 -53.92 -14.17
N SER C 78 -24.53 -54.80 -13.54
CA SER C 78 -25.96 -54.57 -13.33
C SER C 78 -26.54 -55.65 -12.45
N GLY C 79 -27.73 -55.41 -11.91
CA GLY C 79 -28.49 -56.46 -11.25
C GLY C 79 -28.76 -57.60 -12.22
N GLN C 80 -29.16 -57.26 -13.45
CA GLN C 80 -29.36 -58.28 -14.48
C GLN C 80 -28.10 -59.15 -14.67
N ALA C 81 -26.92 -58.53 -14.60
CA ALA C 81 -25.68 -59.26 -14.83
C ALA C 81 -25.40 -60.23 -13.70
N ALA C 82 -25.68 -59.79 -12.47
CA ALA C 82 -25.54 -60.63 -11.30
C ALA C 82 -26.46 -61.83 -11.45
N ALA C 83 -27.68 -61.56 -11.87
CA ALA C 83 -28.67 -62.61 -12.08
C ALA C 83 -28.24 -63.58 -13.20
N ALA C 84 -27.77 -63.03 -14.31
CA ALA C 84 -27.36 -63.86 -15.44
C ALA C 84 -26.25 -64.82 -15.03
N THR C 85 -25.34 -64.32 -14.19
CA THR C 85 -24.20 -65.09 -13.74
C THR C 85 -24.62 -66.32 -12.92
N LEU C 86 -25.49 -66.08 -11.94
CA LEU C 86 -25.94 -67.17 -11.07
C LEU C 86 -26.69 -68.17 -11.93
N LEU C 87 -27.51 -67.65 -12.83
CA LEU C 87 -28.32 -68.47 -13.72
C LEU C 87 -27.46 -69.29 -14.68
N SER C 88 -26.32 -68.74 -15.08
CA SER C 88 -25.41 -69.45 -15.99
C SER C 88 -24.95 -70.79 -15.43
N LEU C 89 -25.07 -70.97 -14.11
CA LEU C 89 -24.57 -72.16 -13.44
C LEU C 89 -25.63 -73.25 -13.37
N VAL C 90 -26.72 -73.05 -14.10
CA VAL C 90 -27.74 -74.07 -14.24
C VAL C 90 -27.57 -74.71 -15.60
N ARG C 91 -27.17 -75.97 -15.59
CA ARG C 91 -26.82 -76.71 -16.80
C ARG C 91 -28.03 -77.26 -17.55
N PRO C 92 -27.87 -77.52 -18.85
CA PRO C 92 -28.94 -78.09 -19.69
C PRO C 92 -29.54 -79.34 -19.07
N GLY C 93 -30.86 -79.36 -18.89
CA GLY C 93 -31.55 -80.50 -18.31
C GLY C 93 -32.00 -80.27 -16.87
N GLN C 94 -31.50 -79.20 -16.28
CA GLN C 94 -31.80 -78.88 -14.89
C GLN C 94 -32.93 -77.87 -14.73
N CYS C 95 -33.65 -77.99 -13.63
CA CYS C 95 -34.88 -77.25 -13.41
C CYS C 95 -34.73 -76.14 -12.36
N VAL C 96 -35.11 -74.92 -12.72
CA VAL C 96 -35.17 -73.79 -11.80
C VAL C 96 -36.61 -73.62 -11.35
N VAL C 97 -36.85 -73.68 -10.05
CA VAL C 97 -38.20 -73.45 -9.53
C VAL C 97 -38.28 -72.01 -9.06
N SER C 98 -39.31 -71.33 -9.53
CA SER C 98 -39.47 -69.91 -9.22
C SER C 98 -40.93 -69.55 -9.12
N THR C 99 -41.23 -68.27 -9.30
CA THR C 99 -42.61 -67.80 -9.21
C THR C 99 -43.02 -67.06 -10.50
N ASP C 100 -44.32 -67.04 -10.80
CA ASP C 100 -44.81 -66.33 -12.00
C ASP C 100 -44.86 -64.84 -11.72
N ASP C 101 -44.57 -64.43 -10.49
CA ASP C 101 -44.59 -63.00 -10.19
C ASP C 101 -43.23 -62.40 -9.86
N VAL C 102 -42.15 -63.10 -10.21
CA VAL C 102 -40.80 -62.57 -10.03
C VAL C 102 -40.50 -61.44 -11.03
N TYR C 103 -39.51 -60.60 -10.72
CA TYR C 103 -39.09 -59.53 -11.63
C TYR C 103 -38.91 -60.05 -13.07
N ALA C 104 -39.50 -59.34 -14.04
CA ALA C 104 -39.47 -59.74 -15.45
C ALA C 104 -38.06 -59.91 -15.99
N GLY C 105 -37.19 -58.96 -15.64
CA GLY C 105 -35.80 -58.99 -16.04
C GLY C 105 -35.20 -60.35 -15.75
N THR C 106 -35.60 -60.91 -14.61
CA THR C 106 -35.29 -62.29 -14.27
C THR C 106 -35.94 -63.28 -15.24
N ASP C 107 -37.24 -63.12 -15.50
CA ASP C 107 -37.93 -64.06 -16.39
C ASP C 107 -37.45 -64.00 -17.85
N GLY C 108 -37.22 -62.78 -18.33
CA GLY C 108 -36.55 -62.56 -19.61
C GLY C 108 -35.26 -63.35 -19.62
N LEU C 109 -34.48 -63.22 -18.54
CA LEU C 109 -33.33 -64.07 -18.32
C LEU C 109 -33.70 -65.56 -18.27
N PHE C 110 -34.80 -65.90 -17.59
CA PHE C 110 -35.26 -67.30 -17.55
C PHE C 110 -35.49 -67.86 -18.94
N ASP C 111 -36.08 -67.06 -19.81
CA ASP C 111 -36.33 -67.44 -21.21
C ASP C 111 -35.04 -67.77 -21.93
N LEU C 112 -34.00 -66.98 -21.65
CA LEU C 112 -32.70 -67.20 -22.26
C LEU C 112 -32.18 -68.56 -21.85
N ALA C 113 -32.36 -68.90 -20.58
CA ALA C 113 -31.88 -70.19 -20.08
C ALA C 113 -32.62 -71.35 -20.77
N ALA C 114 -33.93 -71.19 -20.95
CA ALA C 114 -34.76 -72.24 -21.53
C ALA C 114 -34.28 -72.65 -22.92
N ARG C 115 -33.59 -71.75 -23.62
CA ARG C 115 -33.15 -72.07 -24.97
C ARG C 115 -31.79 -72.76 -24.98
N GLN C 116 -31.20 -72.95 -23.80
CA GLN C 116 -29.96 -73.72 -23.72
C GLN C 116 -30.17 -75.11 -23.10
N GLY C 117 -31.42 -75.49 -22.87
CA GLY C 117 -31.68 -76.78 -22.25
C GLY C 117 -32.02 -76.75 -20.77
N VAL C 118 -32.02 -75.54 -20.18
CA VAL C 118 -32.44 -75.35 -18.79
C VAL C 118 -33.95 -75.27 -18.76
N ARG C 119 -34.61 -76.01 -17.87
CA ARG C 119 -36.07 -75.89 -17.77
C ARG C 119 -36.56 -75.10 -16.56
N VAL C 120 -37.61 -74.31 -16.78
CA VAL C 120 -38.04 -73.30 -15.82
C VAL C 120 -39.44 -73.60 -15.30
N ARG C 121 -39.62 -73.49 -13.98
CA ARG C 121 -40.91 -73.80 -13.36
C ARG C 121 -41.34 -72.73 -12.36
N TYR C 122 -42.50 -72.14 -12.62
CA TYR C 122 -43.01 -71.08 -11.78
C TYR C 122 -43.90 -71.68 -10.68
N ALA C 123 -43.97 -71.03 -9.53
CA ALA C 123 -44.62 -71.63 -8.38
C ALA C 123 -44.98 -70.61 -7.32
N ASP C 124 -46.19 -70.71 -6.79
CA ASP C 124 -46.53 -69.97 -5.57
C ASP C 124 -45.74 -70.61 -4.45
N LEU C 125 -45.03 -69.79 -3.69
CA LEU C 125 -44.22 -70.32 -2.61
C LEU C 125 -44.68 -69.83 -1.25
N THR C 126 -45.99 -69.90 -1.03
CA THR C 126 -46.60 -69.48 0.23
C THR C 126 -47.38 -70.59 0.93
N THR C 127 -47.51 -71.76 0.29
CA THR C 127 -48.30 -72.87 0.84
C THR C 127 -47.48 -74.17 1.00
N PRO C 128 -47.74 -74.93 2.08
CA PRO C 128 -46.91 -76.10 2.37
C PRO C 128 -46.88 -77.08 1.21
N GLU C 129 -48.06 -77.32 0.62
CA GLU C 129 -48.19 -78.20 -0.53
C GLU C 129 -47.51 -77.61 -1.77
N GLY C 130 -47.83 -76.36 -2.09
CA GLY C 130 -47.36 -75.74 -3.31
C GLY C 130 -45.86 -75.53 -3.29
N ILE C 131 -45.33 -75.38 -2.08
CA ILE C 131 -43.90 -75.44 -1.85
C ILE C 131 -43.44 -76.88 -1.99
N ALA C 132 -44.09 -77.81 -1.29
CA ALA C 132 -43.64 -79.20 -1.26
C ALA C 132 -43.79 -79.91 -2.61
N ALA C 133 -44.73 -79.45 -3.42
CA ALA C 133 -44.89 -80.01 -4.76
C ALA C 133 -43.86 -79.44 -5.73
N ALA C 134 -43.87 -78.12 -5.91
CA ALA C 134 -42.92 -77.46 -6.80
C ALA C 134 -41.49 -77.87 -6.45
N LEU C 135 -41.25 -78.09 -5.16
CA LEU C 135 -39.99 -78.69 -4.75
C LEU C 135 -39.98 -80.21 -4.86
N ALA C 136 -40.78 -80.78 -5.77
CA ALA C 136 -40.60 -82.18 -6.17
C ALA C 136 -40.30 -82.22 -7.65
N GLU C 137 -40.07 -81.05 -8.24
CA GLU C 137 -39.74 -80.96 -9.65
C GLU C 137 -38.43 -81.68 -9.88
N PRO C 138 -38.46 -82.72 -10.72
CA PRO C 138 -37.29 -83.56 -11.00
C PRO C 138 -36.09 -82.73 -11.42
N ASP C 139 -34.89 -83.17 -11.01
CA ASP C 139 -33.64 -82.50 -11.34
C ASP C 139 -33.52 -81.07 -10.83
N LEU C 140 -34.27 -80.75 -9.78
CA LEU C 140 -34.23 -79.41 -9.19
C LEU C 140 -32.81 -79.00 -8.86
N ALA C 141 -32.42 -77.80 -9.28
CA ALA C 141 -31.07 -77.29 -9.04
C ALA C 141 -31.03 -75.89 -8.41
N LEU C 142 -32.08 -75.10 -8.59
CA LEU C 142 -32.08 -73.71 -8.13
C LEU C 142 -33.48 -73.17 -7.77
N VAL C 143 -33.63 -72.68 -6.55
CA VAL C 143 -34.88 -72.06 -6.15
C VAL C 143 -34.70 -70.54 -6.05
N TRP C 144 -35.40 -69.83 -6.92
CA TRP C 144 -35.23 -68.40 -7.08
C TRP C 144 -36.34 -67.68 -6.34
N ILE C 145 -36.00 -67.11 -5.18
CA ILE C 145 -36.98 -66.45 -4.34
C ILE C 145 -36.84 -64.93 -4.40
N GLU C 146 -37.92 -64.25 -4.79
CA GLU C 146 -37.90 -62.81 -4.72
C GLU C 146 -38.96 -62.33 -3.75
N THR C 147 -38.53 -61.73 -2.64
CA THR C 147 -39.47 -61.38 -1.57
C THR C 147 -39.06 -60.10 -0.83
N PRO C 148 -39.99 -59.14 -0.70
CA PRO C 148 -41.34 -59.09 -1.29
C PRO C 148 -41.34 -59.10 -2.82
N THR C 149 -42.41 -59.63 -3.40
CA THR C 149 -42.62 -59.62 -4.83
C THR C 149 -43.19 -58.27 -5.23
N ASN C 150 -42.84 -57.78 -6.40
CA ASN C 150 -43.39 -56.53 -6.89
C ASN C 150 -44.40 -56.79 -8.02
N PRO C 151 -45.47 -55.97 -8.11
CA PRO C 151 -45.81 -54.81 -7.25
C PRO C 151 -46.64 -55.12 -6.04
N LEU C 152 -47.02 -56.38 -5.86
CA LEU C 152 -48.06 -56.73 -4.89
C LEU C 152 -47.55 -56.93 -3.45
N LEU C 153 -46.25 -57.05 -3.27
CA LEU C 153 -45.65 -57.13 -1.93
C LEU C 153 -46.14 -58.33 -1.14
N THR C 154 -46.31 -59.47 -1.82
CA THR C 154 -46.53 -60.70 -1.10
C THR C 154 -45.16 -61.14 -0.60
N VAL C 155 -45.14 -62.09 0.32
CA VAL C 155 -43.91 -62.46 0.99
C VAL C 155 -43.75 -63.98 1.10
N VAL C 156 -42.52 -64.47 0.86
CA VAL C 156 -42.20 -65.88 0.91
C VAL C 156 -41.27 -66.20 2.10
N ASP C 157 -41.54 -67.28 2.81
CA ASP C 157 -40.77 -67.66 3.99
C ASP C 157 -39.46 -68.33 3.56
N VAL C 158 -38.37 -67.58 3.63
CA VAL C 158 -37.08 -68.05 3.14
C VAL C 158 -36.59 -69.26 3.94
N ALA C 159 -36.64 -69.17 5.27
CA ALA C 159 -36.18 -70.28 6.12
C ALA C 159 -36.89 -71.58 5.77
N GLU C 160 -38.22 -71.54 5.75
CA GLU C 160 -39.03 -72.71 5.40
C GLU C 160 -38.72 -73.21 3.99
N VAL C 161 -38.83 -72.35 2.99
CA VAL C 161 -38.55 -72.77 1.62
C VAL C 161 -37.12 -73.30 1.49
N SER C 162 -36.18 -72.71 2.22
CA SER C 162 -34.80 -73.22 2.22
C SER C 162 -34.63 -74.47 3.08
N ARG C 163 -35.52 -74.64 4.05
CA ARG C 163 -35.53 -75.87 4.84
C ARG C 163 -36.23 -77.01 4.10
N ARG C 164 -36.58 -76.82 2.82
CA ARG C 164 -37.07 -77.94 2.01
C ARG C 164 -36.29 -78.05 0.68
N ALA C 165 -35.69 -76.95 0.21
CA ALA C 165 -34.92 -77.03 -1.03
C ALA C 165 -33.62 -77.77 -0.79
N HIS C 166 -33.04 -77.53 0.37
CA HIS C 166 -31.78 -78.17 0.75
C HIS C 166 -31.96 -79.67 1.01
N GLU C 167 -33.20 -80.13 0.97
CA GLU C 167 -33.48 -81.56 1.03
C GLU C 167 -33.46 -82.14 -0.38
N ARG C 168 -33.83 -81.32 -1.37
CA ARG C 168 -33.87 -81.79 -2.76
C ARG C 168 -32.50 -81.65 -3.44
N GLY C 169 -31.53 -81.13 -2.72
CA GLY C 169 -30.21 -80.85 -3.30
C GLY C 169 -30.19 -79.59 -4.14
N ALA C 170 -30.94 -78.57 -3.72
CA ALA C 170 -31.04 -77.35 -4.50
C ALA C 170 -30.49 -76.13 -3.76
N ARG C 171 -29.79 -75.28 -4.51
CA ARG C 171 -29.28 -74.00 -4.03
C ARG C 171 -30.43 -72.98 -4.02
N VAL C 172 -30.44 -72.09 -3.05
CA VAL C 172 -31.49 -71.08 -2.96
C VAL C 172 -30.93 -69.66 -3.05
N VAL C 173 -31.52 -68.84 -3.92
CA VAL C 173 -31.19 -67.42 -3.99
C VAL C 173 -32.37 -66.57 -3.60
N VAL C 174 -32.10 -65.47 -2.90
CA VAL C 174 -33.12 -64.47 -2.65
C VAL C 174 -32.71 -63.15 -3.30
N ASP C 175 -33.50 -62.71 -4.27
CA ASP C 175 -33.36 -61.36 -4.79
C ASP C 175 -33.80 -60.44 -3.65
N ASN C 176 -32.83 -59.86 -2.97
CA ASN C 176 -33.06 -59.09 -1.77
C ASN C 176 -32.95 -57.58 -2.05
N THR C 177 -33.11 -57.23 -3.32
CA THR C 177 -33.02 -55.85 -3.78
C THR C 177 -34.02 -54.95 -3.07
N PHE C 178 -35.25 -55.44 -2.98
CA PHE C 178 -36.36 -54.70 -2.44
C PHE C 178 -36.10 -54.28 -1.00
N ALA C 179 -35.71 -55.24 -0.16
CA ALA C 179 -35.60 -54.98 1.25
C ALA C 179 -34.24 -54.38 1.63
N SER C 180 -33.20 -54.74 0.88
CA SER C 180 -31.79 -54.40 1.17
C SER C 180 -31.29 -55.16 2.40
N PRO C 181 -29.96 -55.25 2.57
CA PRO C 181 -29.47 -55.96 3.75
C PRO C 181 -29.69 -55.16 5.04
N VAL C 182 -30.25 -53.96 4.95
CA VAL C 182 -30.70 -53.27 6.15
C VAL C 182 -31.85 -54.03 6.82
N LEU C 183 -32.74 -54.60 6.03
CA LEU C 183 -34.01 -55.11 6.56
C LEU C 183 -34.18 -56.62 6.51
N GLN C 184 -33.50 -57.26 5.59
CA GLN C 184 -33.65 -58.69 5.43
C GLN C 184 -32.29 -59.33 5.18
N GLN C 185 -32.05 -60.48 5.81
CA GLN C 185 -30.76 -61.13 5.75
C GLN C 185 -30.90 -62.56 5.24
N PRO C 186 -30.97 -62.74 3.91
CA PRO C 186 -31.26 -64.05 3.32
C PRO C 186 -30.31 -65.17 3.77
N LEU C 187 -29.02 -64.87 3.87
CA LEU C 187 -28.04 -65.87 4.29
C LEU C 187 -28.27 -66.31 5.74
N ALA C 188 -28.68 -65.37 6.59
CA ALA C 188 -29.04 -65.71 7.96
C ALA C 188 -30.32 -66.53 7.95
N LEU C 189 -31.25 -66.18 7.07
CA LEU C 189 -32.52 -66.92 7.01
C LEU C 189 -32.36 -68.33 6.43
N GLY C 190 -31.14 -68.71 6.04
CA GLY C 190 -30.91 -70.04 5.51
C GLY C 190 -30.72 -70.14 4.01
N ALA C 191 -30.74 -69.01 3.31
CA ALA C 191 -30.47 -69.02 1.87
C ALA C 191 -28.97 -69.20 1.58
N ASP C 192 -28.65 -69.53 0.33
CA ASP C 192 -27.25 -69.68 -0.10
C ASP C 192 -26.68 -68.43 -0.77
N VAL C 193 -27.56 -67.61 -1.35
CA VAL C 193 -27.12 -66.44 -2.11
C VAL C 193 -28.11 -65.28 -1.96
N SER C 194 -27.59 -64.08 -1.72
CA SER C 194 -28.38 -62.86 -1.86
C SER C 194 -28.01 -62.20 -3.17
N LEU C 195 -29.02 -61.87 -3.97
CA LEU C 195 -28.83 -61.13 -5.19
C LEU C 195 -29.33 -59.71 -4.99
N TYR C 196 -28.55 -58.74 -5.47
CA TYR C 196 -28.95 -57.34 -5.40
C TYR C 196 -28.74 -56.65 -6.73
N SER C 197 -29.74 -55.86 -7.12
CA SER C 197 -29.45 -54.73 -7.97
C SER C 197 -29.00 -53.59 -7.04
N THR C 198 -27.73 -53.23 -7.09
CA THR C 198 -27.25 -52.14 -6.26
C THR C 198 -27.70 -50.79 -6.84
N THR C 199 -28.22 -50.85 -8.07
CA THR C 199 -28.79 -49.69 -8.78
C THR C 199 -29.89 -49.03 -7.95
N1 LLP C 200 -34.23 -57.48 -9.30
C2 LLP C 200 -34.96 -56.54 -8.71
C2' LLP C 200 -35.94 -56.89 -7.55
C3 LLP C 200 -34.82 -55.20 -9.15
O3 LLP C 200 -35.60 -54.22 -8.51
C4 LLP C 200 -33.94 -54.86 -10.18
C4' LLP C 200 -33.80 -53.32 -10.64
C5 LLP C 200 -33.20 -55.86 -10.78
C6 LLP C 200 -33.35 -57.17 -10.33
C5' LLP C 200 -32.18 -55.64 -11.95
OP4 LLP C 200 -31.15 -54.75 -11.63
P LLP C 200 -30.53 -53.82 -12.73
OP1 LLP C 200 -29.38 -53.08 -12.03
OP2 LLP C 200 -30.06 -54.67 -13.85
OP3 LLP C 200 -31.57 -52.88 -13.26
N LLP C 200 -30.56 -49.83 -7.12
CA LLP C 200 -31.68 -49.30 -6.32
CB LLP C 200 -32.72 -50.39 -6.09
CG LLP C 200 -33.05 -51.15 -7.39
CD LLP C 200 -33.58 -50.24 -8.50
CE LLP C 200 -33.68 -51.06 -9.81
NZ LLP C 200 -33.73 -52.49 -9.48
C LLP C 200 -31.15 -48.71 -5.05
O LLP C 200 -30.30 -47.84 -5.10
N SER C 201 -31.67 -49.14 -3.90
CA SER C 201 -31.34 -48.51 -2.61
C SER C 201 -29.86 -48.55 -2.21
N ILE C 202 -29.09 -49.52 -2.71
CA ILE C 202 -27.70 -49.65 -2.27
C ILE C 202 -26.86 -48.49 -2.78
N ALA C 203 -26.81 -48.29 -4.10
CA ALA C 203 -26.23 -47.06 -4.61
C ALA C 203 -27.09 -45.89 -4.13
N GLY C 204 -28.40 -45.96 -4.41
CA GLY C 204 -29.35 -45.13 -3.68
C GLY C 204 -29.52 -43.66 -4.08
N HIS C 205 -28.84 -43.23 -5.14
CA HIS C 205 -28.92 -41.85 -5.59
C HIS C 205 -29.24 -41.77 -7.07
N ALA C 206 -29.69 -42.90 -7.61
CA ALA C 206 -30.15 -43.00 -8.99
C ALA C 206 -29.12 -42.51 -10.01
N ASP C 207 -27.84 -42.84 -9.81
CA ASP C 207 -26.78 -42.33 -10.67
C ASP C 207 -25.69 -43.36 -11.04
N VAL C 208 -26.02 -44.65 -10.94
CA VAL C 208 -25.11 -45.73 -11.29
C VAL C 208 -25.82 -47.08 -11.30
N LEU C 209 -25.41 -47.97 -12.20
CA LEU C 209 -25.93 -49.33 -12.21
C LEU C 209 -24.89 -50.24 -11.59
N GLY C 210 -25.36 -51.30 -10.93
CA GLY C 210 -24.49 -52.34 -10.43
C GLY C 210 -25.35 -53.49 -9.95
N GLY C 211 -24.77 -54.69 -9.94
CA GLY C 211 -25.38 -55.82 -9.28
C GLY C 211 -24.43 -56.35 -8.23
N ALA C 212 -24.92 -57.24 -7.38
CA ALA C 212 -24.07 -57.97 -6.46
C ALA C 212 -24.64 -59.35 -6.14
N LEU C 213 -23.74 -60.28 -5.87
CA LEU C 213 -24.07 -61.58 -5.31
C LEU C 213 -23.27 -61.73 -4.04
N VAL C 214 -23.95 -62.03 -2.95
CA VAL C 214 -23.31 -62.27 -1.66
C VAL C 214 -23.62 -63.71 -1.21
N TYR C 215 -22.59 -64.46 -0.82
CA TYR C 215 -22.75 -65.92 -0.60
C TYR C 215 -21.62 -66.49 0.27
N ARG C 216 -21.65 -67.80 0.49
CA ARG C 216 -20.64 -68.46 1.32
C ARG C 216 -19.84 -69.61 0.65
N ASP C 217 -20.47 -70.35 -0.25
CA ASP C 217 -19.83 -71.54 -0.85
C ASP C 217 -18.57 -71.15 -1.64
N ALA C 218 -17.43 -71.71 -1.24
CA ALA C 218 -16.16 -71.41 -1.90
C ALA C 218 -16.12 -71.97 -3.31
N ASP C 219 -16.73 -73.14 -3.50
CA ASP C 219 -16.89 -73.74 -4.83
C ASP C 219 -17.72 -72.80 -5.72
N LEU C 220 -18.76 -72.21 -5.16
CA LEU C 220 -19.57 -71.24 -5.91
C LEU C 220 -18.77 -69.98 -6.25
N HIS C 221 -18.01 -69.48 -5.28
CA HIS C 221 -17.15 -68.32 -5.48
C HIS C 221 -16.26 -68.44 -6.75
N ALA C 222 -15.60 -69.59 -6.90
CA ALA C 222 -14.74 -69.85 -8.06
C ALA C 222 -15.51 -69.79 -9.36
N ALA C 223 -16.62 -70.52 -9.43
CA ALA C 223 -17.48 -70.53 -10.62
C ALA C 223 -18.03 -69.15 -10.97
N VAL C 224 -18.36 -68.38 -9.95
CA VAL C 224 -18.92 -67.04 -10.14
C VAL C 224 -17.88 -66.07 -10.73
N ARG C 225 -16.66 -66.12 -10.21
CA ARG C 225 -15.58 -65.26 -10.69
C ARG C 225 -15.14 -65.63 -12.11
N ALA C 226 -15.09 -66.94 -12.39
CA ALA C 226 -14.70 -67.38 -13.71
C ALA C 226 -15.69 -66.92 -14.79
N TYR C 227 -16.98 -66.95 -14.47
CA TYR C 227 -17.97 -66.44 -15.41
C TYR C 227 -17.84 -64.91 -15.62
N ARG C 228 -17.79 -64.16 -14.52
CA ARG C 228 -17.66 -62.71 -14.62
C ARG C 228 -16.43 -62.36 -15.42
N THR C 229 -15.34 -63.09 -15.18
CA THR C 229 -14.09 -62.90 -15.91
C THR C 229 -14.25 -63.16 -17.41
N THR C 230 -14.93 -64.25 -17.76
CA THR C 230 -15.08 -64.70 -19.14
C THR C 230 -16.18 -63.95 -19.89
N ALA C 231 -17.32 -63.74 -19.24
CA ALA C 231 -18.42 -62.95 -19.81
C ALA C 231 -18.11 -61.45 -19.85
N GLY C 232 -17.29 -61.01 -18.90
CA GLY C 232 -16.85 -59.62 -18.89
C GLY C 232 -17.90 -58.63 -18.40
N ASN C 233 -18.79 -59.08 -17.52
CA ASN C 233 -19.86 -58.22 -17.02
C ASN C 233 -19.45 -57.49 -15.73
N VAL C 234 -18.25 -56.92 -15.74
CA VAL C 234 -17.70 -56.23 -14.58
C VAL C 234 -18.12 -54.77 -14.54
N PRO C 235 -18.31 -54.23 -13.33
CA PRO C 235 -18.53 -52.78 -13.21
C PRO C 235 -17.21 -52.04 -13.35
N GLY C 236 -17.27 -50.76 -13.74
CA GLY C 236 -16.10 -49.92 -13.76
C GLY C 236 -15.74 -49.39 -12.38
N ALA C 237 -14.52 -48.85 -12.25
CA ALA C 237 -14.04 -48.33 -10.96
C ALA C 237 -14.84 -47.11 -10.47
N LEU C 238 -15.10 -46.16 -11.35
CA LEU C 238 -15.82 -44.95 -10.94
C LEU C 238 -17.22 -45.33 -10.44
N ASP C 239 -17.80 -46.35 -11.06
CA ASP C 239 -19.13 -46.82 -10.68
C ASP C 239 -19.13 -47.51 -9.34
N CYS C 240 -18.13 -48.36 -9.13
CA CYS C 240 -17.93 -48.97 -7.81
C CYS C 240 -17.73 -47.90 -6.74
N PHE C 241 -17.03 -46.83 -7.11
CA PHE C 241 -16.86 -45.72 -6.17
C PHE C 241 -18.21 -45.09 -5.81
N LEU C 242 -19.05 -44.82 -6.80
CA LEU C 242 -20.37 -44.25 -6.54
C LEU C 242 -21.27 -45.18 -5.73
N VAL C 243 -21.22 -46.48 -6.02
CA VAL C 243 -22.01 -47.44 -5.24
C VAL C 243 -21.51 -47.42 -3.79
N ARG C 244 -20.20 -47.52 -3.64
CA ARG C 244 -19.56 -47.52 -2.33
C ARG C 244 -19.89 -46.24 -1.55
N ARG C 245 -19.93 -45.11 -2.26
CA ARG C 245 -20.21 -43.83 -1.61
C ARG C 245 -21.64 -43.76 -1.08
N GLY C 246 -22.62 -44.21 -1.87
CA GLY C 246 -24.01 -44.12 -1.45
C GLY C 246 -24.32 -45.04 -0.29
N LEU C 247 -23.67 -46.21 -0.31
CA LEU C 247 -23.88 -47.24 0.71
C LEU C 247 -23.59 -46.77 2.13
N HIS C 248 -22.65 -45.83 2.28
CA HIS C 248 -22.38 -45.20 3.58
C HIS C 248 -23.69 -44.82 4.30
N THR C 249 -24.65 -44.32 3.54
CA THR C 249 -25.89 -43.81 4.14
C THR C 249 -27.08 -44.73 3.93
N LEU C 250 -26.82 -45.98 3.54
CA LEU C 250 -27.90 -46.94 3.28
C LEU C 250 -28.83 -47.13 4.49
N SER C 251 -28.26 -47.32 5.67
CA SER C 251 -29.11 -47.47 6.85
C SER C 251 -29.94 -46.23 7.16
N LEU C 252 -29.31 -45.05 7.12
CA LEU C 252 -30.04 -43.82 7.41
C LEU C 252 -31.18 -43.63 6.39
N ARG C 253 -30.87 -43.87 5.13
CA ARG C 253 -31.86 -43.70 4.06
C ARG C 253 -33.05 -44.64 4.19
N VAL C 254 -32.77 -45.93 4.36
CA VAL C 254 -33.83 -46.93 4.41
C VAL C 254 -34.81 -46.64 5.53
N HIS C 255 -34.31 -46.40 6.74
CA HIS C 255 -35.18 -46.14 7.87
C HIS C 255 -36.04 -44.87 7.70
N ARG C 256 -35.50 -43.84 7.06
CA ARG C 256 -36.31 -42.67 6.69
C ARG C 256 -37.38 -43.06 5.68
N GLN C 257 -36.96 -43.78 4.64
CA GLN C 257 -37.90 -44.28 3.64
C GLN C 257 -39.02 -45.11 4.29
N VAL C 258 -38.66 -46.01 5.20
CA VAL C 258 -39.69 -46.83 5.87
C VAL C 258 -40.62 -45.96 6.71
N ALA C 259 -40.05 -45.01 7.45
CA ALA C 259 -40.84 -44.12 8.30
C ALA C 259 -41.90 -43.37 7.51
N THR C 260 -41.54 -42.89 6.33
CA THR C 260 -42.48 -42.15 5.50
C THR C 260 -43.51 -43.09 4.86
N ALA C 261 -43.06 -44.27 4.42
CA ALA C 261 -43.98 -45.25 3.84
C ALA C 261 -45.17 -45.51 4.76
N ARG C 262 -44.91 -45.63 6.05
CA ARG C 262 -45.98 -45.85 7.03
C ARG C 262 -46.96 -44.68 7.05
N VAL C 263 -46.42 -43.46 7.04
CA VAL C 263 -47.27 -42.27 6.99
C VAL C 263 -48.14 -42.30 5.73
N LEU C 264 -47.56 -42.60 4.58
CA LEU C 264 -48.30 -42.66 3.32
C LEU C 264 -49.38 -43.74 3.36
N VAL C 265 -49.03 -44.91 3.87
CA VAL C 265 -49.99 -45.98 4.07
C VAL C 265 -51.21 -45.51 4.88
N GLU C 266 -50.99 -44.73 5.94
CA GLU C 266 -52.10 -44.18 6.71
C GLU C 266 -52.96 -43.25 5.87
N ARG C 267 -52.30 -42.37 5.12
CA ARG C 267 -53.00 -41.44 4.23
C ARG C 267 -53.82 -42.21 3.21
N LEU C 268 -53.22 -43.27 2.67
CA LEU C 268 -53.92 -44.10 1.71
C LEU C 268 -55.16 -44.76 2.32
N ARG C 269 -55.00 -45.33 3.51
CA ARG C 269 -56.10 -46.03 4.18
C ARG C 269 -57.27 -45.09 4.45
N ALA C 270 -56.95 -43.83 4.70
CA ALA C 270 -57.94 -42.80 5.04
C ALA C 270 -58.77 -42.34 3.84
N SER C 271 -58.27 -42.60 2.63
CA SER C 271 -58.88 -42.04 1.42
C SER C 271 -60.03 -42.86 0.85
N PRO C 272 -61.17 -42.19 0.58
CA PRO C 272 -62.33 -42.90 0.05
C PRO C 272 -62.16 -43.34 -1.41
N VAL C 273 -61.11 -42.90 -2.09
CA VAL C 273 -60.89 -43.37 -3.47
C VAL C 273 -59.69 -44.30 -3.58
N VAL C 274 -59.40 -44.99 -2.49
CA VAL C 274 -58.38 -46.03 -2.48
C VAL C 274 -59.02 -47.37 -2.08
N GLY C 275 -58.82 -48.38 -2.92
CA GLY C 275 -59.29 -49.72 -2.63
C GLY C 275 -58.25 -50.51 -1.87
N ALA C 276 -57.80 -51.64 -2.43
CA ALA C 276 -56.78 -52.45 -1.79
C ALA C 276 -55.54 -51.64 -1.52
N VAL C 277 -54.92 -51.87 -0.37
CA VAL C 277 -53.60 -51.32 -0.10
C VAL C 277 -52.65 -52.46 0.28
N HIS C 278 -51.53 -52.55 -0.42
CA HIS C 278 -50.55 -53.57 -0.13
C HIS C 278 -49.34 -52.96 0.56
N TYR C 279 -49.01 -53.48 1.74
CA TYR C 279 -47.84 -53.05 2.52
C TYR C 279 -47.52 -54.11 3.58
N PRO C 280 -46.26 -54.57 3.62
CA PRO C 280 -45.93 -55.74 4.44
C PRO C 280 -46.13 -55.49 5.92
N GLY C 281 -46.25 -54.23 6.33
CA GLY C 281 -46.41 -53.88 7.73
C GLY C 281 -47.81 -53.87 8.29
N LEU C 282 -48.82 -54.06 7.42
CA LEU C 282 -50.21 -53.97 7.85
C LEU C 282 -50.66 -55.22 8.60
N PRO C 283 -51.39 -55.03 9.71
CA PRO C 283 -51.83 -56.15 10.55
C PRO C 283 -52.52 -57.25 9.75
N GLU C 284 -53.03 -56.92 8.56
CA GLU C 284 -53.68 -57.91 7.72
C GLU C 284 -52.99 -58.19 6.38
N HIS C 285 -51.69 -57.90 6.27
CA HIS C 285 -50.90 -58.36 5.13
C HIS C 285 -50.98 -59.88 5.11
N PRO C 286 -51.12 -60.49 3.91
CA PRO C 286 -51.39 -61.93 3.85
C PRO C 286 -50.24 -62.80 4.35
N GLN C 287 -49.14 -62.19 4.77
CA GLN C 287 -48.05 -62.95 5.37
C GLN C 287 -47.43 -62.22 6.56
N HIS C 288 -48.26 -61.60 7.37
CA HIS C 288 -47.78 -60.76 8.47
C HIS C 288 -46.80 -61.47 9.40
N ALA C 289 -47.08 -62.73 9.72
CA ALA C 289 -46.19 -63.51 10.59
C ALA C 289 -44.81 -63.72 9.95
N VAL C 290 -44.79 -64.01 8.65
CA VAL C 290 -43.53 -64.18 7.95
C VAL C 290 -42.75 -62.87 7.89
N VAL C 291 -43.44 -61.80 7.50
CA VAL C 291 -42.89 -60.47 7.59
C VAL C 291 -42.41 -60.19 9.02
N LYS C 292 -43.24 -60.53 10.00
CA LYS C 292 -42.89 -60.35 11.41
C LYS C 292 -41.54 -61.00 11.72
N ALA C 293 -41.43 -62.28 11.37
CA ALA C 293 -40.29 -63.10 11.77
C ALA C 293 -39.03 -62.89 10.94
N GLN C 294 -39.18 -62.39 9.70
CA GLN C 294 -38.06 -62.43 8.77
C GLN C 294 -37.46 -61.08 8.34
N MSE C 295 -38.22 -59.98 8.42
CA MSE C 295 -37.59 -58.65 8.29
C MSE C 295 -37.64 -57.82 9.58
O MSE C 295 -38.36 -58.15 10.51
CB MSE C 295 -38.15 -57.82 7.11
CG MSE C 295 -39.01 -58.53 6.07
SE MSE C 295 -39.22 -57.57 4.30
CE MSE C 295 -41.07 -57.32 4.29
N SER C 296 -36.85 -56.75 9.62
CA SER C 296 -36.71 -55.92 10.81
C SER C 296 -37.61 -54.69 10.71
N ALA C 297 -37.96 -54.32 9.48
CA ALA C 297 -38.98 -53.31 9.20
C ALA C 297 -39.63 -53.68 7.87
N PRO C 298 -40.80 -53.10 7.57
CA PRO C 298 -41.50 -53.68 6.43
C PRO C 298 -41.38 -52.95 5.10
N GLY C 299 -40.24 -52.30 4.87
CA GLY C 299 -39.91 -51.88 3.52
C GLY C 299 -40.53 -50.55 3.15
N ALA C 300 -40.11 -50.00 2.03
CA ALA C 300 -40.51 -48.66 1.67
C ALA C 300 -41.10 -48.58 0.27
N ILE C 301 -41.73 -49.67 -0.16
CA ILE C 301 -42.56 -49.68 -1.36
C ILE C 301 -44.01 -49.82 -0.89
N VAL C 302 -44.93 -49.14 -1.55
CA VAL C 302 -46.35 -49.27 -1.22
C VAL C 302 -47.12 -49.42 -2.52
N SER C 303 -48.13 -50.28 -2.54
CA SER C 303 -49.01 -50.34 -3.70
C SER C 303 -50.50 -50.28 -3.31
N PHE C 304 -51.32 -49.75 -4.21
CA PHE C 304 -52.74 -49.53 -3.94
C PHE C 304 -53.57 -49.39 -5.21
N ASP C 305 -54.82 -49.84 -5.13
CA ASP C 305 -55.79 -49.61 -6.19
C ASP C 305 -56.39 -48.21 -6.08
N TYR C 306 -56.26 -47.43 -7.16
CA TYR C 306 -56.84 -46.11 -7.22
C TYR C 306 -58.25 -46.15 -7.82
N LEU C 307 -59.23 -45.66 -7.08
CA LEU C 307 -60.64 -45.74 -7.48
C LEU C 307 -61.16 -44.48 -8.16
N GLY C 308 -60.37 -43.41 -8.13
CA GLY C 308 -60.86 -42.10 -8.52
C GLY C 308 -60.86 -41.75 -9.99
N GLY C 309 -60.51 -42.70 -10.84
CA GLY C 309 -60.45 -42.45 -12.27
C GLY C 309 -59.27 -43.15 -12.92
N PRO C 310 -59.00 -42.82 -14.20
CA PRO C 310 -57.89 -43.41 -14.95
C PRO C 310 -56.57 -43.20 -14.22
N ALA C 311 -55.71 -44.22 -14.22
CA ALA C 311 -54.43 -44.14 -13.53
C ALA C 311 -53.51 -43.04 -14.07
N GLU C 312 -53.57 -42.83 -15.39
CA GLU C 312 -52.75 -41.79 -16.05
C GLU C 312 -53.05 -40.42 -15.45
N ARG C 313 -54.33 -40.15 -15.23
CA ARG C 313 -54.74 -38.84 -14.73
C ARG C 313 -54.22 -38.64 -13.32
N LEU C 314 -54.30 -39.67 -12.50
CA LEU C 314 -53.64 -39.63 -11.19
C LEU C 314 -52.15 -39.28 -11.29
N LEU C 315 -51.41 -39.95 -12.18
CA LEU C 315 -49.95 -39.75 -12.28
C LEU C 315 -49.52 -38.29 -12.56
N ASP C 316 -50.24 -37.63 -13.47
CA ASP C 316 -49.94 -36.24 -13.84
C ASP C 316 -50.10 -35.29 -12.66
N ARG C 317 -50.95 -35.65 -11.70
CA ARG C 317 -51.33 -34.75 -10.63
C ARG C 317 -50.29 -34.66 -9.50
N PHE C 318 -49.30 -35.56 -9.54
CA PHE C 318 -48.22 -35.51 -8.57
C PHE C 318 -47.27 -34.38 -8.93
N THR C 319 -46.91 -33.57 -7.94
CA THR C 319 -45.99 -32.43 -8.14
C THR C 319 -44.62 -32.66 -7.50
N LEU C 320 -44.52 -33.65 -6.62
CA LEU C 320 -43.24 -33.93 -5.96
C LEU C 320 -42.72 -35.34 -6.33
N PHE C 321 -43.56 -36.35 -6.14
CA PHE C 321 -43.31 -37.67 -6.69
C PHE C 321 -42.97 -37.55 -8.17
N THR C 322 -41.83 -38.11 -8.55
CA THR C 322 -41.40 -38.15 -9.94
C THR C 322 -42.04 -39.37 -10.58
N CYS C 323 -42.59 -39.24 -11.78
CA CYS C 323 -43.08 -40.44 -12.40
C CYS C 323 -41.96 -41.08 -13.17
N GLY C 324 -41.59 -42.29 -12.77
CA GLY C 324 -40.54 -43.04 -13.42
C GLY C 324 -40.57 -44.47 -12.92
N VAL C 325 -39.92 -45.36 -13.65
CA VAL C 325 -39.77 -46.73 -13.18
C VAL C 325 -38.53 -46.70 -12.31
N SER C 326 -38.01 -47.88 -11.99
CA SER C 326 -37.00 -48.01 -10.95
C SER C 326 -37.57 -47.61 -9.59
N LEU C 327 -36.81 -47.88 -8.52
CA LEU C 327 -37.28 -47.66 -7.17
C LEU C 327 -36.13 -47.41 -6.21
N GLY C 328 -36.48 -47.01 -5.00
CA GLY C 328 -35.54 -46.96 -3.88
C GLY C 328 -34.48 -45.90 -3.86
N GLY C 329 -34.46 -45.04 -4.87
CA GLY C 329 -33.47 -43.96 -4.91
C GLY C 329 -33.86 -42.82 -3.99
N VAL C 330 -33.06 -41.77 -4.00
CA VAL C 330 -33.28 -40.63 -3.12
C VAL C 330 -34.56 -39.82 -3.46
N HIS C 331 -34.97 -39.88 -4.72
CA HIS C 331 -36.17 -39.18 -5.16
C HIS C 331 -37.36 -40.15 -5.16
N SER C 332 -38.44 -39.78 -4.47
CA SER C 332 -39.68 -40.55 -4.48
C SER C 332 -40.24 -40.73 -5.90
N LEU C 333 -40.68 -41.95 -6.21
CA LEU C 333 -41.16 -42.28 -7.55
C LEU C 333 -42.53 -42.97 -7.50
N VAL C 334 -43.37 -42.64 -8.48
CA VAL C 334 -44.66 -43.30 -8.62
C VAL C 334 -44.71 -43.94 -10.00
N GLU C 335 -45.34 -45.11 -10.09
CA GLU C 335 -45.62 -45.71 -11.39
C GLU C 335 -46.94 -46.47 -11.39
N CYS C 336 -47.46 -46.74 -12.59
CA CYS C 336 -48.60 -47.62 -12.73
C CYS C 336 -48.17 -48.86 -13.53
N PRO C 337 -48.01 -50.00 -12.83
CA PRO C 337 -47.50 -51.23 -13.46
C PRO C 337 -48.18 -51.56 -14.79
N ALA C 338 -49.48 -51.32 -14.93
CA ALA C 338 -50.15 -51.49 -16.21
C ALA C 338 -49.66 -50.49 -17.27
N LEU C 339 -49.01 -49.40 -16.87
CA LEU C 339 -48.52 -48.44 -17.85
C LEU C 339 -47.00 -48.32 -17.85
N MSE C 340 -46.40 -48.35 -16.66
CA MSE C 340 -44.96 -48.29 -16.52
C MSE C 340 -44.33 -49.70 -16.59
O MSE C 340 -44.09 -50.21 -17.68
CB MSE C 340 -44.57 -47.55 -15.24
CG MSE C 340 -44.80 -46.00 -15.24
SE MSE C 340 -43.25 -45.04 -14.42
CE MSE C 340 -42.55 -44.33 -16.09
N THR C 341 -44.08 -50.35 -15.45
CA THR C 341 -43.35 -51.64 -15.48
C THR C 341 -44.04 -52.82 -16.16
N HIS C 342 -44.99 -53.46 -15.47
CA HIS C 342 -45.68 -54.64 -16.03
C HIS C 342 -46.45 -54.39 -17.34
N ARG C 343 -46.30 -53.21 -17.92
CA ARG C 343 -47.10 -52.76 -19.07
C ARG C 343 -47.41 -53.76 -20.19
N PRO C 344 -46.37 -54.44 -20.73
CA PRO C 344 -46.63 -55.12 -22.00
C PRO C 344 -47.41 -56.40 -21.89
N LEU C 345 -48.10 -56.63 -20.78
CA LEU C 345 -48.71 -57.94 -20.53
C LEU C 345 -49.94 -58.25 -21.40
N SER C 346 -50.84 -59.05 -20.85
CA SER C 346 -51.98 -59.57 -21.60
C SER C 346 -53.22 -59.48 -20.72
N ALA C 347 -54.13 -58.58 -21.11
CA ALA C 347 -55.20 -58.09 -20.23
C ALA C 347 -56.05 -59.17 -19.54
N GLU C 348 -56.06 -60.38 -20.09
CA GLU C 348 -56.71 -61.49 -19.39
C GLU C 348 -55.80 -62.04 -18.29
N ALA C 349 -54.50 -62.05 -18.56
CA ALA C 349 -53.51 -62.67 -17.67
C ALA C 349 -53.38 -61.92 -16.37
N ARG C 350 -53.57 -60.59 -16.44
CA ARG C 350 -53.26 -59.67 -15.35
C ARG C 350 -53.99 -60.09 -14.08
N ALA C 351 -55.21 -60.58 -14.27
CA ALA C 351 -56.07 -60.95 -13.16
C ALA C 351 -55.57 -62.19 -12.42
N ARG C 352 -54.76 -63.01 -13.08
CA ARG C 352 -54.19 -64.17 -12.43
C ARG C 352 -53.06 -63.75 -11.50
N ARG C 353 -52.17 -62.92 -12.01
CA ARG C 353 -50.96 -62.50 -11.29
C ARG C 353 -51.24 -61.37 -10.29
N GLY C 354 -52.44 -60.77 -10.39
CA GLY C 354 -52.90 -59.73 -9.47
C GLY C 354 -52.90 -58.28 -9.97
N ILE C 355 -52.09 -57.99 -11.00
CA ILE C 355 -51.78 -56.65 -11.48
C ILE C 355 -52.99 -55.96 -12.12
N GLY C 356 -53.68 -55.09 -11.39
CA GLY C 356 -54.85 -54.42 -11.93
C GLY C 356 -54.58 -53.11 -12.67
N GLU C 357 -55.55 -52.71 -13.47
CA GLU C 357 -55.59 -51.44 -14.19
C GLU C 357 -55.31 -50.28 -13.28
N SER C 358 -55.97 -50.28 -12.14
CA SER C 358 -55.92 -49.17 -11.23
C SER C 358 -54.78 -49.28 -10.23
N LEU C 359 -53.91 -50.26 -10.43
CA LEU C 359 -52.83 -50.47 -9.48
C LEU C 359 -51.72 -49.41 -9.63
N ILE C 360 -51.37 -48.78 -8.52
CA ILE C 360 -50.38 -47.73 -8.46
C ILE C 360 -49.30 -48.11 -7.46
N ARG C 361 -48.04 -47.89 -7.81
CA ARG C 361 -46.94 -48.26 -6.94
C ARG C 361 -46.05 -47.07 -6.56
N LEU C 362 -45.82 -46.90 -5.25
CA LEU C 362 -44.95 -45.85 -4.73
C LEU C 362 -43.60 -46.39 -4.26
N SER C 363 -42.53 -45.73 -4.68
CA SER C 363 -41.21 -45.97 -4.10
C SER C 363 -40.83 -44.75 -3.28
N VAL C 364 -40.79 -44.91 -1.97
CA VAL C 364 -40.63 -43.77 -1.08
C VAL C 364 -39.17 -43.34 -0.92
N GLY C 365 -38.92 -42.04 -1.05
CA GLY C 365 -37.57 -41.48 -0.88
C GLY C 365 -37.27 -40.91 0.50
N ILE C 366 -36.56 -39.77 0.54
CA ILE C 366 -36.21 -39.12 1.81
C ILE C 366 -36.59 -37.64 1.87
N GLU C 367 -37.55 -37.22 1.06
CA GLU C 367 -38.10 -35.86 1.19
C GLU C 367 -38.92 -35.81 2.50
N ASP C 368 -39.41 -34.63 2.85
CA ASP C 368 -40.18 -34.54 4.08
C ASP C 368 -41.40 -35.44 4.00
N PRO C 369 -41.63 -36.24 5.05
CA PRO C 369 -42.79 -37.13 5.02
C PRO C 369 -44.09 -36.35 4.81
N GLN C 370 -44.19 -35.17 5.41
CA GLN C 370 -45.41 -34.37 5.30
C GLN C 370 -45.54 -33.75 3.91
N ASP C 371 -44.42 -33.42 3.25
CA ASP C 371 -44.49 -32.94 1.87
C ASP C 371 -45.01 -34.03 0.94
N LEU C 372 -44.41 -35.23 1.05
CA LEU C 372 -44.84 -36.36 0.23
C LEU C 372 -46.31 -36.73 0.47
N ALA C 373 -46.72 -36.74 1.74
CA ALA C 373 -48.10 -37.08 2.08
C ALA C 373 -49.07 -36.11 1.43
N GLU C 374 -48.69 -34.83 1.42
CA GLU C 374 -49.54 -33.77 0.89
C GLU C 374 -49.65 -33.84 -0.63
N ASP C 375 -48.56 -34.24 -1.28
CA ASP C 375 -48.58 -34.43 -2.74
C ASP C 375 -49.54 -35.58 -3.08
N LEU C 376 -49.38 -36.68 -2.38
CA LEU C 376 -50.21 -37.85 -2.57
C LEU C 376 -51.69 -37.54 -2.36
N SER C 377 -52.02 -36.89 -1.25
CA SER C 377 -53.41 -36.56 -0.94
C SER C 377 -54.05 -35.66 -2.00
N ARG C 378 -53.26 -34.84 -2.68
CA ARG C 378 -53.88 -33.98 -3.68
C ARG C 378 -53.70 -34.44 -5.15
N ALA C 379 -53.09 -35.61 -5.33
CA ALA C 379 -53.24 -36.31 -6.59
C ALA C 379 -54.56 -37.09 -6.50
N LEU C 380 -54.80 -37.70 -5.35
CA LEU C 380 -56.01 -38.48 -5.11
C LEU C 380 -57.30 -37.67 -5.25
N ALA C 381 -57.21 -36.34 -5.14
CA ALA C 381 -58.39 -35.47 -5.15
C ALA C 381 -58.82 -34.97 -6.53
N GLY C 382 -58.03 -35.24 -7.56
CA GLY C 382 -58.35 -34.75 -8.90
C GLY C 382 -59.53 -35.43 -9.57
N GLY C 383 -60.22 -34.71 -10.46
CA GLY C 383 -61.35 -35.27 -11.18
C GLY C 383 -61.77 -34.57 -12.48
N THR C 384 -60.83 -33.88 -13.13
CA THR C 384 -61.09 -33.18 -14.39
C THR C 384 -61.06 -34.12 -15.59
N MSE D 7 -16.21 -36.50 -41.78
CA MSE D 7 -16.37 -37.14 -43.07
C MSE D 7 -15.07 -37.79 -43.55
O MSE D 7 -15.06 -38.91 -44.07
CB MSE D 7 -16.85 -36.13 -44.10
CG MSE D 7 -16.94 -34.78 -43.65
SE MSE D 7 -16.50 -33.33 -44.59
CE MSE D 7 -17.67 -31.96 -43.70
N ARG D 8 -13.97 -37.06 -43.38
CA ARG D 8 -12.69 -37.71 -43.47
C ARG D 8 -12.38 -38.40 -42.12
N PHE D 9 -11.24 -39.06 -41.95
CA PHE D 9 -11.16 -39.99 -40.77
C PHE D 9 -10.38 -39.39 -39.53
N GLY D 10 -10.80 -38.20 -39.07
CA GLY D 10 -10.30 -37.60 -37.84
C GLY D 10 -11.28 -36.56 -37.33
N THR D 11 -12.08 -36.02 -38.24
CA THR D 11 -13.18 -35.14 -37.89
C THR D 11 -14.27 -35.94 -37.21
N ARG D 12 -14.48 -37.16 -37.69
CA ARG D 12 -15.49 -38.00 -37.07
C ARG D 12 -15.10 -38.41 -35.66
N LEU D 13 -13.79 -38.47 -35.38
CA LEU D 13 -13.35 -38.80 -34.02
C LEU D 13 -13.75 -37.71 -33.03
N VAL D 14 -13.70 -36.46 -33.47
CA VAL D 14 -13.99 -35.32 -32.60
C VAL D 14 -15.49 -35.04 -32.51
N HIS D 15 -16.19 -35.10 -33.64
CA HIS D 15 -17.56 -34.63 -33.73
C HIS D 15 -18.63 -35.71 -33.91
N GLY D 16 -18.19 -36.94 -34.22
CA GLY D 16 -19.12 -38.05 -34.35
C GLY D 16 -19.89 -38.19 -33.04
N GLY D 17 -21.21 -38.13 -33.11
CA GLY D 17 -22.02 -38.28 -31.91
C GLY D 17 -22.03 -37.09 -30.97
N ARG D 18 -21.51 -35.95 -31.41
CA ARG D 18 -21.36 -34.79 -30.54
C ARG D 18 -22.50 -33.78 -30.75
N ARG D 19 -23.01 -33.23 -29.66
CA ARG D 19 -24.30 -32.51 -29.62
C ARG D 19 -24.28 -31.02 -29.32
N PRO D 20 -25.30 -30.32 -29.85
CA PRO D 20 -25.73 -29.08 -29.20
C PRO D 20 -26.41 -29.35 -27.92
N SER D 21 -26.77 -28.33 -27.16
CA SER D 21 -27.60 -28.54 -25.97
C SER D 21 -28.80 -27.59 -25.91
N ALA D 22 -29.77 -27.82 -26.81
CA ALA D 22 -30.96 -26.97 -27.01
C ALA D 22 -31.41 -26.11 -25.84
N GLY D 23 -30.48 -25.30 -25.32
CA GLY D 23 -30.67 -24.49 -24.13
C GLY D 23 -29.32 -23.89 -23.76
N THR D 24 -28.38 -24.74 -23.35
CA THR D 24 -27.10 -24.28 -22.80
C THR D 24 -25.92 -24.21 -23.78
N GLY D 25 -25.92 -25.09 -24.79
CA GLY D 25 -24.90 -25.04 -25.83
C GLY D 25 -23.58 -25.76 -25.58
N ASP D 26 -23.52 -26.62 -24.56
CA ASP D 26 -22.31 -27.36 -24.23
C ASP D 26 -21.62 -27.94 -25.47
N VAL D 27 -20.35 -27.59 -25.67
CA VAL D 27 -19.58 -28.17 -26.76
C VAL D 27 -19.30 -29.64 -26.46
N VAL D 28 -18.75 -29.93 -25.28
CA VAL D 28 -18.64 -31.31 -24.83
C VAL D 28 -19.94 -31.70 -24.12
N PRO D 29 -20.66 -32.70 -24.65
CA PRO D 29 -21.99 -33.05 -24.11
C PRO D 29 -21.90 -33.43 -22.64
N PRO D 30 -22.90 -33.02 -21.85
CA PRO D 30 -22.87 -33.32 -20.41
C PRO D 30 -22.98 -34.82 -20.12
N ILE D 31 -22.50 -35.23 -18.95
CA ILE D 31 -22.43 -36.65 -18.64
C ILE D 31 -23.74 -37.13 -17.97
N HIS D 32 -24.48 -37.98 -18.68
CA HIS D 32 -25.79 -38.43 -18.19
C HIS D 32 -25.63 -39.60 -17.23
N VAL D 33 -25.58 -39.30 -15.93
CA VAL D 33 -25.43 -40.33 -14.92
C VAL D 33 -26.77 -40.89 -14.42
N SER D 34 -27.87 -40.20 -14.70
CA SER D 34 -29.18 -40.67 -14.22
C SER D 34 -29.51 -42.10 -14.70
N THR D 35 -30.09 -42.91 -13.81
CA THR D 35 -30.60 -44.22 -14.19
C THR D 35 -32.09 -44.16 -14.55
N THR D 36 -32.76 -43.08 -14.14
CA THR D 36 -34.20 -43.02 -14.33
C THR D 36 -34.63 -41.70 -14.94
N TYR D 37 -35.76 -41.72 -15.63
CA TYR D 37 -36.18 -40.59 -16.47
C TYR D 37 -37.62 -40.21 -16.21
N GLU D 38 -37.82 -38.99 -15.72
CA GLU D 38 -39.14 -38.44 -15.55
C GLU D 38 -39.75 -38.52 -16.93
N ARG D 39 -40.59 -39.53 -17.14
CA ARG D 39 -41.12 -39.74 -18.47
C ARG D 39 -41.98 -38.55 -18.85
N ARG D 40 -42.86 -38.16 -17.92
CA ARG D 40 -43.98 -37.23 -18.18
C ARG D 40 -43.72 -36.14 -19.21
N ALA D 41 -42.49 -35.68 -19.30
CA ALA D 41 -42.16 -34.67 -20.31
C ALA D 41 -42.00 -35.27 -21.72
N GLN D 42 -41.03 -36.17 -21.91
CA GLN D 42 -40.51 -36.52 -23.24
C GLN D 42 -41.54 -36.82 -24.33
N ASP D 43 -41.97 -35.78 -25.06
CA ASP D 43 -42.97 -35.87 -26.16
C ASP D 43 -43.49 -37.29 -26.49
N GLU D 44 -42.89 -37.92 -27.49
CA GLU D 44 -43.09 -39.35 -27.76
C GLU D 44 -41.91 -40.11 -27.19
N PRO D 45 -42.10 -40.77 -26.05
CA PRO D 45 -41.11 -41.21 -25.05
C PRO D 45 -39.84 -41.93 -25.55
N ARG D 46 -38.64 -41.41 -25.29
CA ARG D 46 -37.44 -42.17 -25.65
C ARG D 46 -36.75 -42.86 -24.45
N TYR D 47 -36.75 -42.21 -23.29
CA TYR D 47 -35.94 -42.69 -22.18
C TYR D 47 -36.77 -43.21 -21.02
N PHE D 48 -36.47 -44.44 -20.61
CA PHE D 48 -37.24 -45.11 -19.56
C PHE D 48 -36.36 -45.56 -18.39
N TYR D 49 -35.19 -46.11 -18.69
CA TYR D 49 -34.29 -46.65 -17.67
C TYR D 49 -32.86 -46.84 -18.21
N GLY D 50 -31.88 -46.59 -17.35
CA GLY D 50 -30.47 -46.62 -17.70
C GLY D 50 -29.95 -47.84 -18.46
N ARG D 51 -30.22 -49.04 -17.96
CA ARG D 51 -29.75 -50.26 -18.61
C ARG D 51 -30.21 -50.33 -20.07
N GLY D 52 -31.44 -49.90 -20.34
CA GLY D 52 -31.93 -49.85 -21.71
C GLY D 52 -31.48 -48.62 -22.48
N GLU D 53 -31.48 -47.46 -21.84
CA GLU D 53 -31.19 -46.21 -22.54
C GLU D 53 -30.24 -45.33 -21.74
N ASN D 54 -29.40 -44.57 -22.43
CA ASN D 54 -28.58 -43.52 -21.84
C ASN D 54 -27.90 -42.69 -22.92
N PRO D 55 -28.22 -41.39 -23.01
CA PRO D 55 -27.70 -40.54 -24.09
C PRO D 55 -26.17 -40.49 -24.21
N THR D 56 -25.44 -40.50 -23.09
CA THR D 56 -23.99 -40.52 -23.16
C THR D 56 -23.51 -41.79 -23.91
N ARG D 57 -24.03 -42.93 -23.48
CA ARG D 57 -23.73 -44.21 -24.10
C ARG D 57 -24.04 -44.16 -25.60
N GLU D 58 -25.21 -43.62 -25.94
CA GLU D 58 -25.63 -43.50 -27.34
C GLU D 58 -24.69 -42.62 -28.17
N GLU D 59 -24.19 -41.54 -27.56
CA GLU D 59 -23.22 -40.67 -28.22
C GLU D 59 -21.96 -41.44 -28.62
N LEU D 60 -21.45 -42.26 -27.71
CA LEU D 60 -20.28 -43.07 -27.99
C LEU D 60 -20.56 -44.04 -29.16
N GLU D 61 -21.76 -44.63 -29.12
CA GLU D 61 -22.20 -45.55 -30.18
C GLU D 61 -22.29 -44.84 -31.55
N GLU D 62 -22.89 -43.65 -31.60
CA GLU D 62 -22.96 -42.93 -32.88
C GLU D 62 -21.56 -42.64 -33.43
N CYS D 63 -20.66 -42.21 -32.55
CA CYS D 63 -19.26 -41.98 -32.92
C CYS D 63 -18.59 -43.21 -33.51
N LEU D 64 -18.69 -44.34 -32.82
CA LEU D 64 -18.03 -45.59 -33.25
C LEU D 64 -18.58 -46.09 -34.58
N ALA D 65 -19.91 -46.05 -34.71
CA ALA D 65 -20.56 -46.43 -35.96
C ALA D 65 -20.06 -45.54 -37.09
N GLY D 66 -19.91 -44.25 -36.81
CA GLY D 66 -19.46 -43.29 -37.82
C GLY D 66 -18.06 -43.60 -38.33
N LEU D 67 -17.23 -44.18 -37.48
CA LEU D 67 -15.85 -44.52 -37.88
C LEU D 67 -15.77 -45.62 -38.94
N GLU D 68 -16.86 -46.35 -39.14
CA GLU D 68 -16.90 -47.39 -40.18
C GLU D 68 -18.12 -47.21 -41.09
N ARG D 69 -18.69 -46.00 -41.06
CA ARG D 69 -20.04 -45.68 -41.58
C ARG D 69 -20.99 -46.85 -41.62
N ALA D 70 -21.21 -47.41 -40.45
CA ALA D 70 -22.14 -48.48 -40.25
C ALA D 70 -23.31 -47.83 -39.56
N PRO D 71 -24.53 -48.28 -39.87
CA PRO D 71 -25.70 -47.66 -39.25
C PRO D 71 -25.79 -47.92 -37.75
N PHE D 72 -25.07 -48.92 -37.24
CA PHE D 72 -25.27 -49.38 -35.86
C PHE D 72 -23.97 -49.62 -35.09
N ALA D 73 -24.00 -49.32 -33.80
CA ALA D 73 -22.95 -49.74 -32.87
C ALA D 73 -23.54 -49.93 -31.49
N THR D 74 -23.01 -50.90 -30.75
CA THR D 74 -23.45 -51.16 -29.40
C THR D 74 -22.22 -51.31 -28.50
N VAL D 75 -22.20 -50.61 -27.37
CA VAL D 75 -21.07 -50.72 -26.46
C VAL D 75 -21.40 -51.56 -25.22
N PHE D 76 -20.36 -52.11 -24.62
CA PHE D 76 -20.52 -53.06 -23.53
C PHE D 76 -19.52 -52.77 -22.41
N SER D 77 -19.76 -53.35 -21.25
CA SER D 77 -18.84 -53.24 -20.12
C SER D 77 -17.38 -53.59 -20.48
N SER D 78 -17.20 -54.55 -21.40
CA SER D 78 -15.86 -54.99 -21.76
C SER D 78 -15.85 -55.64 -23.13
N GLY D 79 -14.65 -55.87 -23.67
CA GLY D 79 -14.49 -56.65 -24.88
C GLY D 79 -15.12 -58.04 -24.78
N GLN D 80 -14.78 -58.78 -23.74
CA GLN D 80 -15.39 -60.09 -23.48
C GLN D 80 -16.92 -60.02 -23.59
N ALA D 81 -17.51 -58.98 -23.00
CA ALA D 81 -18.98 -58.80 -23.03
C ALA D 81 -19.52 -58.58 -24.44
N ALA D 82 -18.79 -57.79 -25.23
CA ALA D 82 -19.13 -57.64 -26.65
C ALA D 82 -19.06 -59.00 -27.33
N ALA D 83 -17.96 -59.71 -27.12
CA ALA D 83 -17.80 -61.04 -27.68
C ALA D 83 -18.85 -62.03 -27.18
N ALA D 84 -19.14 -62.00 -25.88
CA ALA D 84 -20.12 -62.91 -25.30
C ALA D 84 -21.48 -62.72 -25.95
N THR D 85 -21.82 -61.47 -26.23
CA THR D 85 -23.10 -61.12 -26.79
C THR D 85 -23.25 -61.69 -28.20
N LEU D 86 -22.26 -61.42 -29.03
CA LEU D 86 -22.28 -61.91 -30.40
C LEU D 86 -22.41 -63.45 -30.43
N LEU D 87 -21.73 -64.13 -29.51
CA LEU D 87 -21.77 -65.60 -29.48
C LEU D 87 -23.09 -66.24 -29.01
N SER D 88 -23.83 -65.53 -28.16
CA SER D 88 -25.07 -66.05 -27.62
C SER D 88 -26.08 -66.34 -28.75
N LEU D 89 -25.91 -65.66 -29.87
CA LEU D 89 -26.82 -65.77 -31.01
C LEU D 89 -26.59 -67.06 -31.81
N VAL D 90 -25.48 -67.74 -31.53
CA VAL D 90 -25.25 -69.04 -32.14
C VAL D 90 -26.01 -70.12 -31.37
N ARG D 91 -26.76 -70.95 -32.09
CA ARG D 91 -27.63 -71.93 -31.46
C ARG D 91 -26.93 -73.26 -31.21
N PRO D 92 -27.33 -73.99 -30.15
CA PRO D 92 -26.83 -75.33 -29.84
C PRO D 92 -26.75 -76.20 -31.08
N GLY D 93 -25.62 -76.89 -31.28
CA GLY D 93 -25.47 -77.79 -32.41
C GLY D 93 -24.89 -77.15 -33.66
N GLN D 94 -24.65 -75.84 -33.59
CA GLN D 94 -24.01 -75.13 -34.70
C GLN D 94 -22.53 -75.03 -34.45
N CYS D 95 -21.79 -74.65 -35.50
CA CYS D 95 -20.35 -74.56 -35.44
C CYS D 95 -19.89 -73.14 -35.69
N VAL D 96 -18.85 -72.76 -34.96
CA VAL D 96 -18.17 -71.51 -35.23
C VAL D 96 -16.81 -71.85 -35.80
N VAL D 97 -16.53 -71.39 -37.01
CA VAL D 97 -15.17 -71.42 -37.52
C VAL D 97 -14.40 -70.21 -37.05
N SER D 98 -13.19 -70.42 -36.56
CA SER D 98 -12.38 -69.32 -36.03
C SER D 98 -10.86 -69.48 -36.15
N THR D 99 -10.14 -68.36 -36.02
CA THR D 99 -8.69 -68.37 -36.08
C THR D 99 -8.15 -69.11 -34.85
N ASP D 100 -7.25 -70.08 -35.04
CA ASP D 100 -6.83 -70.90 -33.89
C ASP D 100 -5.87 -70.21 -32.90
N ASP D 101 -5.34 -69.07 -33.28
CA ASP D 101 -4.64 -68.27 -32.31
C ASP D 101 -5.47 -67.06 -32.02
N VAL D 102 -6.78 -67.26 -31.90
CA VAL D 102 -7.68 -66.22 -31.42
C VAL D 102 -7.29 -65.90 -29.98
N TYR D 103 -7.79 -64.78 -29.45
CA TYR D 103 -7.67 -64.45 -28.04
C TYR D 103 -8.24 -65.55 -27.13
N ALA D 104 -7.54 -65.88 -26.04
CA ALA D 104 -7.99 -66.88 -25.08
C ALA D 104 -9.36 -66.57 -24.49
N GLY D 105 -9.59 -65.29 -24.18
CA GLY D 105 -10.88 -64.86 -23.64
C GLY D 105 -12.00 -65.26 -24.58
N THR D 106 -11.74 -65.13 -25.88
CA THR D 106 -12.66 -65.61 -26.89
C THR D 106 -12.78 -67.15 -26.83
N ASP D 107 -11.64 -67.85 -26.71
CA ASP D 107 -11.66 -69.30 -26.55
C ASP D 107 -12.34 -69.68 -25.22
N GLY D 108 -12.16 -68.85 -24.20
CA GLY D 108 -12.88 -69.02 -22.95
C GLY D 108 -14.38 -68.97 -23.20
N LEU D 109 -14.82 -67.97 -23.94
CA LEU D 109 -16.22 -67.89 -24.35
C LEU D 109 -16.53 -69.04 -25.32
N PHE D 110 -15.56 -69.38 -26.16
CA PHE D 110 -15.71 -70.51 -27.07
C PHE D 110 -15.98 -71.77 -26.26
N ASP D 111 -15.26 -71.94 -25.16
CA ASP D 111 -15.47 -73.12 -24.33
C ASP D 111 -16.84 -73.08 -23.64
N LEU D 112 -17.34 -71.86 -23.40
CA LEU D 112 -18.69 -71.70 -22.89
C LEU D 112 -19.68 -72.26 -23.92
N ALA D 113 -19.57 -71.81 -25.16
CA ALA D 113 -20.40 -72.36 -26.22
C ALA D 113 -20.03 -73.81 -26.51
N ALA D 114 -18.78 -74.18 -26.25
CA ALA D 114 -18.42 -75.60 -26.30
C ALA D 114 -19.22 -76.31 -25.23
N ARG D 115 -19.41 -75.63 -24.09
CA ARG D 115 -20.21 -76.20 -23.01
C ARG D 115 -21.70 -76.06 -23.26
N GLN D 116 -22.10 -75.02 -23.99
CA GLN D 116 -23.52 -74.70 -24.13
C GLN D 116 -24.15 -75.21 -25.42
N GLY D 117 -23.57 -76.25 -26.01
CA GLY D 117 -24.13 -76.89 -27.19
C GLY D 117 -23.44 -76.62 -28.52
N VAL D 118 -22.82 -75.46 -28.65
CA VAL D 118 -22.25 -75.05 -29.93
C VAL D 118 -20.96 -75.83 -30.24
N ARG D 119 -20.58 -75.93 -31.51
CA ARG D 119 -19.26 -76.44 -31.86
C ARG D 119 -18.24 -75.31 -32.10
N VAL D 120 -17.09 -75.41 -31.46
CA VAL D 120 -16.00 -74.50 -31.73
C VAL D 120 -14.99 -75.21 -32.61
N ARG D 121 -14.82 -74.70 -33.82
CA ARG D 121 -13.94 -75.34 -34.79
C ARG D 121 -13.03 -74.30 -35.41
N TYR D 122 -11.74 -74.43 -35.15
CA TYR D 122 -10.78 -73.48 -35.67
C TYR D 122 -10.32 -73.93 -37.02
N ALA D 123 -9.69 -73.02 -37.73
CA ALA D 123 -9.25 -73.32 -39.07
C ALA D 123 -7.97 -72.59 -39.36
N ASP D 124 -7.24 -73.07 -40.37
CA ASP D 124 -6.00 -72.45 -40.79
C ASP D 124 -6.22 -71.10 -41.49
N LEU D 125 -7.42 -70.50 -41.35
CA LEU D 125 -7.87 -69.33 -42.14
C LEU D 125 -6.91 -68.54 -43.06
N THR D 126 -5.88 -69.21 -43.59
CA THR D 126 -4.81 -68.56 -44.35
C THR D 126 -4.59 -69.32 -45.67
N THR D 127 -5.21 -70.49 -45.79
CA THR D 127 -5.14 -71.23 -47.05
C THR D 127 -6.50 -71.48 -47.66
N PRO D 128 -6.60 -71.37 -49.01
CA PRO D 128 -7.81 -71.71 -49.75
C PRO D 128 -8.12 -73.20 -49.58
N GLU D 129 -7.06 -73.99 -49.64
CA GLU D 129 -7.09 -75.44 -49.45
C GLU D 129 -7.39 -75.82 -48.01
N GLY D 130 -8.21 -75.01 -47.33
CA GLY D 130 -8.57 -75.22 -45.94
C GLY D 130 -9.51 -74.17 -45.36
N ILE D 131 -9.69 -73.06 -46.08
CA ILE D 131 -10.74 -72.11 -45.77
C ILE D 131 -12.04 -72.74 -46.23
N ALA D 132 -11.99 -73.38 -47.41
CA ALA D 132 -13.14 -74.07 -47.98
C ALA D 132 -13.53 -75.27 -47.13
N ALA D 133 -12.54 -75.88 -46.50
CA ALA D 133 -12.75 -77.07 -45.67
C ALA D 133 -12.81 -76.62 -44.22
N ALA D 134 -13.31 -75.41 -44.04
CA ALA D 134 -13.54 -74.85 -42.72
C ALA D 134 -14.99 -74.43 -42.72
N LEU D 135 -15.44 -73.93 -43.86
CA LEU D 135 -16.86 -73.62 -44.02
C LEU D 135 -17.59 -74.90 -44.35
N ALA D 136 -16.82 -75.96 -44.55
CA ALA D 136 -17.37 -77.30 -44.73
C ALA D 136 -18.15 -77.75 -43.50
N GLU D 137 -17.87 -77.12 -42.36
CA GLU D 137 -18.62 -77.36 -41.13
C GLU D 137 -20.13 -77.20 -41.35
N PRO D 138 -20.93 -78.20 -40.95
CA PRO D 138 -22.41 -78.21 -40.96
C PRO D 138 -23.06 -77.12 -40.09
N ASP D 139 -24.01 -76.37 -40.65
CA ASP D 139 -24.67 -75.27 -39.93
C ASP D 139 -23.69 -74.24 -39.37
N LEU D 140 -22.98 -73.59 -40.29
CA LEU D 140 -22.00 -72.59 -39.97
C LEU D 140 -22.72 -71.31 -39.60
N ALA D 141 -22.62 -70.92 -38.34
CA ALA D 141 -23.30 -69.70 -37.87
C ALA D 141 -22.39 -68.48 -38.01
N LEU D 142 -21.23 -68.57 -37.39
CA LEU D 142 -20.33 -67.44 -37.28
C LEU D 142 -18.96 -67.83 -37.80
N VAL D 143 -18.34 -66.93 -38.55
CA VAL D 143 -16.94 -67.07 -38.93
C VAL D 143 -16.21 -65.97 -38.19
N TRP D 144 -15.31 -66.35 -37.31
CA TRP D 144 -14.72 -65.45 -36.33
C TRP D 144 -13.26 -65.21 -36.65
N ILE D 145 -12.96 -64.04 -37.21
CA ILE D 145 -11.60 -63.70 -37.59
C ILE D 145 -11.03 -62.67 -36.63
N GLU D 146 -9.77 -62.83 -36.27
CA GLU D 146 -9.06 -61.81 -35.53
C GLU D 146 -7.76 -61.53 -36.29
N THR D 147 -7.49 -60.27 -36.60
CA THR D 147 -6.37 -59.95 -37.52
C THR D 147 -5.86 -58.51 -37.43
N PRO D 148 -4.54 -58.34 -37.20
CA PRO D 148 -3.53 -59.38 -36.98
C PRO D 148 -3.77 -60.24 -35.72
N THR D 149 -3.19 -61.44 -35.66
CA THR D 149 -3.38 -62.34 -34.52
C THR D 149 -2.28 -62.22 -33.47
N ASN D 150 -2.37 -63.02 -32.41
CA ASN D 150 -1.44 -62.96 -31.30
C ASN D 150 -0.89 -64.34 -30.95
N PRO D 151 0.43 -64.42 -30.68
CA PRO D 151 1.43 -63.34 -30.70
C PRO D 151 2.27 -63.25 -31.98
N LEU D 152 2.01 -64.10 -32.97
CA LEU D 152 2.85 -64.14 -34.17
C LEU D 152 2.43 -63.15 -35.25
N LEU D 153 1.34 -62.43 -35.00
CA LEU D 153 0.83 -61.40 -35.92
C LEU D 153 0.54 -61.92 -37.33
N THR D 154 0.10 -63.16 -37.45
CA THR D 154 -0.32 -63.60 -38.77
C THR D 154 -1.64 -62.92 -39.14
N VAL D 155 -1.90 -62.86 -40.43
CA VAL D 155 -3.02 -62.10 -40.94
C VAL D 155 -3.95 -63.00 -41.73
N VAL D 156 -5.24 -62.67 -41.71
CA VAL D 156 -6.26 -63.37 -42.46
C VAL D 156 -6.95 -62.41 -43.44
N ASP D 157 -7.06 -62.84 -44.69
CA ASP D 157 -7.70 -62.08 -45.76
C ASP D 157 -9.21 -61.96 -45.48
N VAL D 158 -9.62 -60.85 -44.89
CA VAL D 158 -11.02 -60.65 -44.51
C VAL D 158 -11.99 -60.76 -45.69
N ALA D 159 -11.70 -60.04 -46.78
CA ALA D 159 -12.57 -60.05 -47.96
C ALA D 159 -12.72 -61.44 -48.58
N GLU D 160 -11.60 -62.14 -48.75
CA GLU D 160 -11.65 -63.47 -49.34
C GLU D 160 -12.40 -64.48 -48.46
N VAL D 161 -12.08 -64.52 -47.18
CA VAL D 161 -12.77 -65.42 -46.27
C VAL D 161 -14.26 -65.07 -46.22
N SER D 162 -14.56 -63.78 -46.30
CA SER D 162 -15.96 -63.34 -46.27
C SER D 162 -16.71 -63.80 -47.50
N ARG D 163 -16.05 -63.71 -48.65
CA ARG D 163 -16.61 -64.17 -49.92
C ARG D 163 -17.17 -65.59 -49.80
N ARG D 164 -16.37 -66.51 -49.27
CA ARG D 164 -16.82 -67.90 -49.21
C ARG D 164 -17.68 -68.17 -47.98
N ALA D 165 -17.50 -67.38 -46.93
CA ALA D 165 -18.32 -67.57 -45.75
C ALA D 165 -19.76 -67.19 -46.09
N HIS D 166 -19.90 -66.12 -46.86
CA HIS D 166 -21.23 -65.67 -47.28
C HIS D 166 -21.85 -66.64 -48.28
N GLU D 167 -21.02 -67.42 -48.98
CA GLU D 167 -21.50 -68.47 -49.84
C GLU D 167 -22.38 -69.48 -49.07
N ARG D 168 -22.13 -69.58 -47.77
CA ARG D 168 -22.86 -70.52 -46.92
C ARG D 168 -23.95 -69.82 -46.10
N GLY D 169 -24.04 -68.50 -46.26
CA GLY D 169 -25.01 -67.71 -45.51
C GLY D 169 -24.66 -67.47 -44.04
N ALA D 170 -23.39 -67.60 -43.70
CA ALA D 170 -22.95 -67.44 -42.31
C ALA D 170 -22.70 -65.98 -41.94
N ARG D 171 -22.32 -65.76 -40.69
CA ARG D 171 -21.95 -64.42 -40.23
C ARG D 171 -20.43 -64.33 -40.08
N VAL D 172 -19.86 -63.19 -40.48
CA VAL D 172 -18.44 -62.98 -40.32
C VAL D 172 -18.14 -61.83 -39.35
N VAL D 173 -17.43 -62.14 -38.28
CA VAL D 173 -16.95 -61.09 -37.40
C VAL D 173 -15.42 -61.02 -37.47
N VAL D 174 -14.91 -59.80 -37.39
CA VAL D 174 -13.49 -59.57 -37.21
C VAL D 174 -13.27 -58.89 -35.87
N ASP D 175 -12.49 -59.52 -34.99
CA ASP D 175 -12.01 -58.83 -33.80
C ASP D 175 -10.89 -57.95 -34.30
N ASN D 176 -11.14 -56.65 -34.25
CA ASN D 176 -10.32 -55.67 -34.92
C ASN D 176 -9.60 -54.76 -33.92
N THR D 177 -9.53 -55.21 -32.68
CA THR D 177 -8.89 -54.48 -31.58
C THR D 177 -7.48 -54.03 -31.96
N PHE D 178 -6.72 -55.00 -32.45
CA PHE D 178 -5.32 -54.82 -32.81
C PHE D 178 -5.08 -53.58 -33.68
N ALA D 179 -5.78 -53.52 -34.80
CA ALA D 179 -5.49 -52.46 -35.76
C ALA D 179 -6.22 -51.17 -35.39
N SER D 180 -7.38 -51.32 -34.74
CA SER D 180 -8.33 -50.22 -34.53
C SER D 180 -8.99 -49.82 -35.86
N PRO D 181 -10.08 -49.03 -35.80
CA PRO D 181 -10.68 -48.56 -37.06
C PRO D 181 -9.83 -47.55 -37.84
N VAL D 182 -8.78 -47.00 -37.20
CA VAL D 182 -7.84 -46.13 -37.91
C VAL D 182 -7.13 -46.89 -39.02
N LEU D 183 -6.83 -48.15 -38.74
CA LEU D 183 -6.05 -48.94 -39.69
C LEU D 183 -6.92 -49.86 -40.54
N GLN D 184 -7.81 -50.60 -39.91
CA GLN D 184 -8.52 -51.66 -40.62
C GLN D 184 -10.03 -51.48 -40.51
N GLN D 185 -10.72 -51.76 -41.61
CA GLN D 185 -12.15 -51.52 -41.70
C GLN D 185 -12.85 -52.82 -42.15
N PRO D 186 -13.13 -53.72 -41.18
CA PRO D 186 -13.74 -55.02 -41.46
C PRO D 186 -15.02 -54.94 -42.31
N LEU D 187 -15.89 -53.98 -42.02
CA LEU D 187 -17.15 -53.90 -42.76
C LEU D 187 -16.90 -53.56 -44.24
N ALA D 188 -16.02 -52.59 -44.48
CA ALA D 188 -15.64 -52.24 -45.85
C ALA D 188 -15.00 -53.44 -46.54
N LEU D 189 -14.34 -54.27 -45.74
CA LEU D 189 -13.66 -55.42 -46.29
C LEU D 189 -14.61 -56.56 -46.62
N GLY D 190 -15.84 -56.49 -46.12
CA GLY D 190 -16.83 -57.51 -46.45
C GLY D 190 -17.35 -58.30 -45.26
N ALA D 191 -16.76 -58.09 -44.09
CA ALA D 191 -17.28 -58.72 -42.88
C ALA D 191 -18.62 -58.09 -42.48
N ASP D 192 -19.32 -58.75 -41.57
CA ASP D 192 -20.64 -58.30 -41.13
C ASP D 192 -20.59 -57.53 -39.82
N VAL D 193 -19.62 -57.87 -38.97
CA VAL D 193 -19.48 -57.26 -37.66
C VAL D 193 -18.02 -56.95 -37.36
N SER D 194 -17.78 -55.78 -36.79
CA SER D 194 -16.48 -55.48 -36.19
C SER D 194 -16.58 -55.57 -34.67
N LEU D 195 -15.70 -56.36 -34.07
CA LEU D 195 -15.63 -56.46 -32.62
C LEU D 195 -14.40 -55.73 -32.06
N TYR D 196 -14.60 -54.97 -30.98
CA TYR D 196 -13.49 -54.24 -30.35
C TYR D 196 -13.44 -54.47 -28.86
N SER D 197 -12.23 -54.50 -28.33
CA SER D 197 -12.04 -54.27 -26.91
C SER D 197 -11.65 -52.81 -26.80
N THR D 198 -12.61 -51.93 -26.50
CA THR D 198 -12.28 -50.51 -26.38
C THR D 198 -11.35 -50.20 -25.22
N THR D 199 -11.15 -51.18 -24.35
CA THR D 199 -10.16 -51.08 -23.27
C THR D 199 -8.79 -50.69 -23.80
N1 LLP D 200 -9.95 -59.33 -27.94
C2 LLP D 200 -8.73 -58.81 -28.04
C2' LLP D 200 -7.96 -58.89 -29.40
C3 LLP D 200 -8.13 -58.19 -26.93
O3 LLP D 200 -6.85 -57.65 -27.09
C4 LLP D 200 -8.80 -58.11 -25.72
C4' LLP D 200 -8.11 -57.37 -24.44
C5 LLP D 200 -10.05 -58.64 -25.62
C6 LLP D 200 -10.65 -59.25 -26.73
C5' LLP D 200 -10.88 -58.60 -24.30
OP4 LLP D 200 -11.41 -57.30 -24.14
P LLP D 200 -11.63 -56.84 -22.68
OP1 LLP D 200 -12.00 -55.36 -22.76
OP2 LLP D 200 -12.74 -57.64 -22.09
OP3 LLP D 200 -10.38 -57.09 -21.89
N LLP D 200 -8.43 -51.26 -24.95
CA LLP D 200 -7.09 -51.10 -25.56
CB LLP D 200 -6.81 -52.28 -26.48
CG LLP D 200 -7.30 -53.60 -25.85
CD LLP D 200 -6.36 -54.10 -24.73
CE LLP D 200 -6.91 -55.34 -23.98
NZ LLP D 200 -7.07 -56.49 -24.89
C LLP D 200 -6.96 -49.76 -26.24
O LLP D 200 -7.18 -48.74 -25.59
N SER D 201 -6.61 -49.72 -27.51
CA SER D 201 -6.21 -48.44 -28.11
C SER D 201 -7.36 -47.42 -28.29
N ILE D 202 -8.61 -47.89 -28.34
CA ILE D 202 -9.74 -46.99 -28.54
C ILE D 202 -9.86 -45.95 -27.41
N ALA D 203 -10.11 -46.41 -26.19
CA ALA D 203 -10.05 -45.53 -25.02
C ALA D 203 -8.65 -44.94 -24.90
N GLY D 204 -7.64 -45.81 -24.90
CA GLY D 204 -6.26 -45.40 -25.13
C GLY D 204 -5.36 -45.01 -23.96
N HIS D 205 -5.91 -44.97 -22.74
CA HIS D 205 -5.14 -44.44 -21.62
C HIS D 205 -5.11 -45.39 -20.41
N ALA D 206 -5.54 -46.63 -20.63
CA ALA D 206 -5.42 -47.67 -19.61
C ALA D 206 -6.15 -47.37 -18.31
N ASP D 207 -7.30 -46.69 -18.40
CA ASP D 207 -8.01 -46.29 -17.21
C ASP D 207 -9.54 -46.52 -17.26
N VAL D 208 -9.97 -47.43 -18.13
CA VAL D 208 -11.38 -47.78 -18.29
C VAL D 208 -11.47 -49.09 -19.07
N LEU D 209 -12.46 -49.92 -18.74
CA LEU D 209 -12.68 -51.14 -19.49
C LEU D 209 -13.84 -50.88 -20.44
N GLY D 210 -13.91 -51.61 -21.55
CA GLY D 210 -15.05 -51.45 -22.44
C GLY D 210 -15.00 -52.32 -23.67
N GLY D 211 -16.17 -52.55 -24.25
CA GLY D 211 -16.28 -53.28 -25.51
C GLY D 211 -17.23 -52.64 -26.49
N ALA D 212 -17.14 -53.03 -27.75
CA ALA D 212 -18.06 -52.52 -28.76
C ALA D 212 -18.28 -53.53 -29.89
N LEU D 213 -19.49 -53.50 -30.46
CA LEU D 213 -19.79 -54.21 -31.70
C LEU D 213 -20.25 -53.17 -32.72
N VAL D 214 -19.73 -53.23 -33.93
CA VAL D 214 -20.14 -52.32 -35.00
C VAL D 214 -20.56 -53.15 -36.21
N TYR D 215 -21.72 -52.81 -36.77
CA TYR D 215 -22.36 -53.68 -37.75
C TYR D 215 -23.44 -52.92 -38.51
N ARG D 216 -24.19 -53.62 -39.35
CA ARG D 216 -25.10 -52.92 -40.25
C ARG D 216 -26.51 -53.48 -40.38
N ASP D 217 -26.74 -54.70 -39.91
CA ASP D 217 -28.05 -55.32 -40.10
C ASP D 217 -29.00 -55.05 -38.93
N ALA D 218 -30.20 -54.58 -39.24
CA ALA D 218 -31.19 -54.17 -38.25
C ALA D 218 -31.65 -55.31 -37.35
N ASP D 219 -31.60 -56.54 -37.84
CA ASP D 219 -32.09 -57.66 -37.05
C ASP D 219 -31.02 -58.21 -36.13
N LEU D 220 -29.76 -58.09 -36.55
CA LEU D 220 -28.67 -58.31 -35.62
C LEU D 220 -28.76 -57.22 -34.54
N HIS D 221 -29.02 -55.98 -34.96
CA HIS D 221 -29.13 -54.86 -34.03
C HIS D 221 -30.16 -55.13 -32.95
N ALA D 222 -31.37 -55.54 -33.34
CA ALA D 222 -32.41 -55.85 -32.35
C ALA D 222 -32.00 -56.93 -31.35
N ALA D 223 -31.36 -58.00 -31.84
CA ALA D 223 -30.98 -59.13 -31.00
C ALA D 223 -29.82 -58.76 -30.07
N VAL D 224 -28.86 -58.01 -30.60
CA VAL D 224 -27.73 -57.56 -29.80
C VAL D 224 -28.22 -56.65 -28.67
N ARG D 225 -29.14 -55.74 -28.99
CA ARG D 225 -29.67 -54.84 -27.96
C ARG D 225 -30.56 -55.59 -26.96
N ALA D 226 -31.36 -56.52 -27.47
CA ALA D 226 -32.21 -57.33 -26.58
C ALA D 226 -31.33 -58.11 -25.62
N TYR D 227 -30.22 -58.64 -26.14
CA TYR D 227 -29.32 -59.38 -25.27
C TYR D 227 -28.70 -58.50 -24.20
N ARG D 228 -28.14 -57.36 -24.62
CA ARG D 228 -27.47 -56.47 -23.67
C ARG D 228 -28.40 -56.03 -22.55
N THR D 229 -29.63 -55.70 -22.91
CA THR D 229 -30.61 -55.25 -21.93
C THR D 229 -30.95 -56.34 -20.92
N THR D 230 -30.93 -57.59 -21.36
CA THR D 230 -31.35 -58.70 -20.52
C THR D 230 -30.24 -59.27 -19.64
N ALA D 231 -29.09 -59.57 -20.25
CA ALA D 231 -27.95 -60.09 -19.49
C ALA D 231 -27.23 -58.95 -18.77
N GLY D 232 -27.49 -57.72 -19.19
CA GLY D 232 -27.11 -56.54 -18.43
C GLY D 232 -25.63 -56.22 -18.45
N ASN D 233 -24.94 -56.60 -19.51
CA ASN D 233 -23.52 -56.29 -19.61
C ASN D 233 -23.29 -54.87 -20.13
N VAL D 234 -23.91 -53.91 -19.46
CA VAL D 234 -23.89 -52.52 -19.86
C VAL D 234 -22.77 -51.76 -19.14
N PRO D 235 -22.09 -50.86 -19.87
CA PRO D 235 -21.06 -50.02 -19.26
C PRO D 235 -21.69 -48.80 -18.58
N GLY D 236 -20.96 -48.20 -17.64
CA GLY D 236 -21.43 -47.00 -16.99
C GLY D 236 -21.26 -45.74 -17.84
N ALA D 237 -22.01 -44.71 -17.49
CA ALA D 237 -21.96 -43.43 -18.21
C ALA D 237 -20.59 -42.74 -18.14
N LEU D 238 -19.96 -42.77 -16.98
CA LEU D 238 -18.64 -42.19 -16.83
C LEU D 238 -17.62 -42.97 -17.65
N ASP D 239 -17.74 -44.30 -17.66
CA ASP D 239 -16.84 -45.11 -18.47
C ASP D 239 -16.97 -44.76 -19.95
N CYS D 240 -18.22 -44.68 -20.43
CA CYS D 240 -18.46 -44.22 -21.79
C CYS D 240 -17.86 -42.83 -22.04
N PHE D 241 -17.90 -41.96 -21.02
CA PHE D 241 -17.26 -40.65 -21.13
C PHE D 241 -15.75 -40.75 -21.37
N LEU D 242 -15.09 -41.64 -20.62
CA LEU D 242 -13.64 -41.82 -20.75
C LEU D 242 -13.25 -42.40 -22.11
N VAL D 243 -14.00 -43.40 -22.57
CA VAL D 243 -13.74 -43.98 -23.88
C VAL D 243 -13.90 -42.91 -24.96
N ARG D 244 -15.01 -42.18 -24.89
CA ARG D 244 -15.29 -41.13 -25.87
C ARG D 244 -14.22 -40.05 -25.84
N ARG D 245 -13.77 -39.70 -24.63
CA ARG D 245 -12.73 -38.68 -24.49
C ARG D 245 -11.42 -39.16 -25.10
N GLY D 246 -11.07 -40.40 -24.83
CA GLY D 246 -9.84 -40.97 -25.39
C GLY D 246 -9.93 -41.09 -26.90
N LEU D 247 -11.15 -41.32 -27.40
CA LEU D 247 -11.36 -41.46 -28.85
C LEU D 247 -10.92 -40.27 -29.68
N HIS D 248 -11.04 -39.06 -29.14
CA HIS D 248 -10.64 -37.87 -29.86
C HIS D 248 -9.24 -38.00 -30.48
N THR D 249 -8.32 -38.61 -29.72
CA THR D 249 -6.92 -38.67 -30.14
C THR D 249 -6.50 -40.03 -30.71
N LEU D 250 -7.44 -40.93 -30.95
CA LEU D 250 -7.11 -42.28 -31.40
C LEU D 250 -6.22 -42.25 -32.65
N SER D 251 -6.58 -41.42 -33.62
CA SER D 251 -5.84 -41.39 -34.86
C SER D 251 -4.41 -40.86 -34.67
N LEU D 252 -4.27 -39.77 -33.94
CA LEU D 252 -2.94 -39.22 -33.65
C LEU D 252 -2.08 -40.22 -32.90
N ARG D 253 -2.70 -40.93 -31.96
CA ARG D 253 -1.97 -41.91 -31.16
C ARG D 253 -1.52 -43.09 -32.02
N VAL D 254 -2.42 -43.62 -32.86
CA VAL D 254 -2.10 -44.77 -33.69
C VAL D 254 -0.99 -44.41 -34.68
N HIS D 255 -1.12 -43.23 -35.30
CA HIS D 255 -0.10 -42.74 -36.22
C HIS D 255 1.25 -42.73 -35.51
N ARG D 256 1.26 -42.22 -34.30
CA ARG D 256 2.45 -42.21 -33.47
C ARG D 256 3.04 -43.60 -33.13
N GLN D 257 2.20 -44.49 -32.63
CA GLN D 257 2.64 -45.83 -32.21
C GLN D 257 3.23 -46.64 -33.38
N VAL D 258 2.63 -46.49 -34.55
CA VAL D 258 3.09 -47.21 -35.74
C VAL D 258 4.46 -46.73 -36.15
N ALA D 259 4.64 -45.41 -36.22
CA ALA D 259 5.92 -44.84 -36.63
C ALA D 259 7.03 -45.28 -35.67
N THR D 260 6.71 -45.40 -34.39
CA THR D 260 7.70 -45.82 -33.43
C THR D 260 7.96 -47.33 -33.54
N ALA D 261 6.89 -48.11 -33.75
CA ALA D 261 7.04 -49.56 -33.94
C ALA D 261 8.05 -49.85 -35.05
N ARG D 262 7.94 -49.13 -36.16
CA ARG D 262 8.86 -49.33 -37.28
C ARG D 262 10.31 -49.06 -36.89
N VAL D 263 10.53 -48.01 -36.11
CA VAL D 263 11.85 -47.68 -35.61
C VAL D 263 12.38 -48.81 -34.73
N LEU D 264 11.49 -49.37 -33.90
CA LEU D 264 11.88 -50.46 -33.00
C LEU D 264 12.25 -51.71 -33.81
N VAL D 265 11.49 -51.97 -34.87
CA VAL D 265 11.75 -53.14 -35.73
C VAL D 265 13.17 -53.08 -36.32
N GLU D 266 13.54 -51.91 -36.84
CA GLU D 266 14.91 -51.73 -37.31
C GLU D 266 15.95 -51.95 -36.21
N ARG D 267 15.69 -51.43 -35.02
CA ARG D 267 16.56 -51.67 -33.88
C ARG D 267 16.72 -53.17 -33.60
N LEU D 268 15.60 -53.90 -33.57
CA LEU D 268 15.60 -55.34 -33.30
C LEU D 268 16.40 -56.15 -34.34
N ARG D 269 16.19 -55.84 -35.62
CA ARG D 269 16.81 -56.60 -36.70
C ARG D 269 18.33 -56.55 -36.65
N ALA D 270 18.87 -55.53 -35.98
CA ALA D 270 20.31 -55.32 -35.91
C ALA D 270 20.95 -55.90 -34.63
N SER D 271 20.12 -56.33 -33.69
CA SER D 271 20.65 -56.86 -32.44
C SER D 271 21.08 -58.32 -32.57
N PRO D 272 22.33 -58.64 -32.17
CA PRO D 272 22.82 -60.02 -32.27
C PRO D 272 22.09 -60.97 -31.33
N VAL D 273 21.26 -60.47 -30.42
CA VAL D 273 20.51 -61.35 -29.53
C VAL D 273 19.02 -61.41 -29.89
N VAL D 274 18.71 -61.08 -31.14
CA VAL D 274 17.36 -61.18 -31.64
C VAL D 274 17.34 -62.17 -32.78
N GLY D 275 16.36 -63.07 -32.79
CA GLY D 275 16.18 -63.97 -33.92
C GLY D 275 15.09 -63.48 -34.86
N ALA D 276 14.08 -64.30 -35.09
CA ALA D 276 12.92 -63.88 -35.87
C ALA D 276 12.29 -62.62 -35.26
N VAL D 277 11.84 -61.73 -36.13
CA VAL D 277 11.07 -60.57 -35.73
C VAL D 277 9.73 -60.65 -36.46
N HIS D 278 8.65 -60.45 -35.72
CA HIS D 278 7.33 -60.50 -36.31
C HIS D 278 6.73 -59.10 -36.34
N TYR D 279 6.29 -58.69 -37.51
CA TYR D 279 5.70 -57.37 -37.70
C TYR D 279 4.91 -57.37 -39.01
N PRO D 280 3.71 -56.81 -39.00
CA PRO D 280 2.92 -56.90 -40.25
C PRO D 280 3.56 -56.11 -41.40
N GLY D 281 4.37 -55.11 -41.07
CA GLY D 281 5.01 -54.30 -42.09
C GLY D 281 6.44 -54.67 -42.46
N LEU D 282 6.79 -55.96 -42.46
CA LEU D 282 8.06 -56.37 -43.04
C LEU D 282 7.78 -57.17 -44.31
N PRO D 283 8.69 -57.12 -45.29
CA PRO D 283 8.52 -57.94 -46.49
C PRO D 283 8.50 -59.44 -46.16
N GLU D 284 9.09 -59.82 -45.04
CA GLU D 284 9.30 -61.23 -44.71
C GLU D 284 8.05 -61.93 -44.11
N HIS D 285 7.06 -61.13 -43.73
CA HIS D 285 5.83 -61.61 -43.11
C HIS D 285 5.01 -62.34 -44.18
N PRO D 286 4.65 -63.62 -43.93
CA PRO D 286 3.98 -64.46 -44.94
C PRO D 286 2.61 -63.99 -45.43
N GLN D 287 1.97 -63.03 -44.75
CA GLN D 287 0.81 -62.40 -45.34
C GLN D 287 1.02 -60.90 -45.60
N HIS D 288 2.29 -60.50 -45.68
CA HIS D 288 2.65 -59.11 -45.95
C HIS D 288 1.93 -58.54 -47.18
N ALA D 289 1.64 -59.42 -48.15
CA ALA D 289 0.88 -59.01 -49.31
C ALA D 289 -0.57 -58.67 -48.93
N VAL D 290 -1.21 -59.54 -48.16
CA VAL D 290 -2.58 -59.29 -47.68
C VAL D 290 -2.60 -58.07 -46.76
N VAL D 291 -1.57 -57.95 -45.92
CA VAL D 291 -1.37 -56.75 -45.10
C VAL D 291 -1.56 -55.49 -45.91
N LYS D 292 -0.86 -55.43 -47.04
CA LYS D 292 -0.88 -54.27 -47.93
C LYS D 292 -2.28 -54.04 -48.47
N ALA D 293 -3.09 -55.10 -48.54
CA ALA D 293 -4.39 -55.00 -49.19
C ALA D 293 -5.45 -54.41 -48.28
N GLN D 294 -5.50 -54.90 -47.05
CA GLN D 294 -6.71 -54.74 -46.25
C GLN D 294 -6.60 -53.75 -45.10
N MSE D 295 -5.49 -53.04 -45.04
CA MSE D 295 -5.37 -51.93 -44.09
C MSE D 295 -4.12 -51.06 -44.21
O MSE D 295 -3.10 -51.44 -44.79
CB MSE D 295 -5.56 -52.43 -42.67
CG MSE D 295 -4.48 -53.34 -42.22
SE MSE D 295 -3.17 -52.34 -41.24
CE MSE D 295 -2.14 -53.97 -40.77
N SER D 296 -4.22 -49.87 -43.62
CA SER D 296 -3.45 -48.73 -44.07
C SER D 296 -2.04 -48.57 -43.48
N ALA D 297 -1.78 -49.18 -42.32
CA ALA D 297 -0.46 -49.05 -41.67
C ALA D 297 -0.25 -50.17 -40.67
N PRO D 298 0.89 -50.87 -40.77
CA PRO D 298 1.01 -52.22 -40.19
C PRO D 298 0.98 -52.38 -38.67
N GLY D 299 0.57 -51.36 -37.92
CA GLY D 299 0.22 -51.57 -36.52
C GLY D 299 1.28 -51.28 -35.48
N ALA D 300 0.93 -51.52 -34.22
CA ALA D 300 1.74 -51.06 -33.09
C ALA D 300 2.25 -52.22 -32.24
N ILE D 301 2.09 -53.43 -32.75
CA ILE D 301 2.53 -54.61 -32.03
C ILE D 301 3.71 -55.21 -32.77
N VAL D 302 4.73 -55.60 -32.02
CA VAL D 302 5.91 -56.21 -32.60
C VAL D 302 6.35 -57.38 -31.74
N SER D 303 6.61 -58.53 -32.33
CA SER D 303 7.16 -59.63 -31.53
C SER D 303 8.47 -60.17 -32.09
N PHE D 304 9.26 -60.78 -31.21
CA PHE D 304 10.59 -61.29 -31.57
C PHE D 304 11.09 -62.34 -30.59
N ASP D 305 11.90 -63.28 -31.09
CA ASP D 305 12.56 -64.26 -30.25
C ASP D 305 13.79 -63.64 -29.60
N TYR D 306 13.79 -63.59 -28.27
CA TYR D 306 14.96 -63.18 -27.52
C TYR D 306 15.93 -64.36 -27.48
N LEU D 307 17.21 -64.08 -27.74
CA LEU D 307 18.19 -65.15 -27.86
C LEU D 307 19.15 -65.24 -26.67
N GLY D 308 18.95 -64.40 -25.65
CA GLY D 308 19.88 -64.30 -24.54
C GLY D 308 19.54 -65.15 -23.33
N GLY D 309 18.72 -66.17 -23.53
CA GLY D 309 18.30 -67.03 -22.43
C GLY D 309 16.87 -66.75 -22.02
N PRO D 310 16.55 -66.97 -20.74
CA PRO D 310 15.19 -66.78 -20.22
C PRO D 310 14.67 -65.38 -20.45
N ALA D 311 13.37 -65.26 -20.71
CA ALA D 311 12.76 -63.99 -21.00
C ALA D 311 12.87 -63.02 -19.81
N GLU D 312 12.85 -63.58 -18.60
CA GLU D 312 12.89 -62.75 -17.39
C GLU D 312 14.18 -61.94 -17.28
N ARG D 313 15.26 -62.47 -17.84
CA ARG D 313 16.52 -61.76 -17.97
C ARG D 313 16.30 -60.42 -18.68
N LEU D 314 15.60 -60.47 -19.81
CA LEU D 314 15.30 -59.28 -20.61
C LEU D 314 14.26 -58.36 -19.96
N LEU D 315 13.10 -58.92 -19.63
CA LEU D 315 11.99 -58.17 -19.02
C LEU D 315 12.45 -57.30 -17.85
N ASP D 316 13.39 -57.82 -17.06
CA ASP D 316 13.82 -57.18 -15.84
C ASP D 316 14.67 -55.93 -16.11
N ARG D 317 15.26 -55.86 -17.30
CA ARG D 317 16.16 -54.75 -17.64
C ARG D 317 15.49 -53.48 -18.18
N PHE D 318 14.23 -53.56 -18.65
CA PHE D 318 13.56 -52.37 -19.17
C PHE D 318 13.39 -51.35 -18.06
N THR D 319 13.64 -50.08 -18.35
CA THR D 319 13.36 -49.06 -17.36
C THR D 319 12.39 -47.99 -17.86
N LEU D 320 11.82 -48.17 -19.05
CA LEU D 320 10.74 -47.30 -19.50
C LEU D 320 9.50 -48.11 -19.89
N PHE D 321 9.67 -49.08 -20.78
CA PHE D 321 8.62 -50.04 -21.10
C PHE D 321 8.06 -50.60 -19.79
N THR D 322 6.74 -50.70 -19.69
CA THR D 322 6.10 -51.29 -18.51
C THR D 322 5.89 -52.78 -18.70
N CYS D 323 6.22 -53.49 -17.64
CA CYS D 323 6.22 -54.94 -17.55
C CYS D 323 4.83 -55.49 -17.23
N GLY D 324 4.03 -55.80 -18.24
CA GLY D 324 2.68 -56.28 -17.98
C GLY D 324 1.79 -56.47 -19.21
N VAL D 325 0.47 -56.46 -19.03
CA VAL D 325 -0.44 -56.65 -20.17
C VAL D 325 -1.38 -55.49 -20.55
N SER D 326 -2.44 -55.85 -21.28
CA SER D 326 -3.20 -55.00 -22.21
C SER D 326 -2.25 -54.51 -23.31
N LEU D 327 -2.74 -53.57 -24.11
CA LEU D 327 -1.94 -53.00 -25.17
C LEU D 327 -2.70 -51.86 -25.81
N GLY D 328 -2.06 -51.23 -26.78
CA GLY D 328 -2.65 -50.12 -27.49
C GLY D 328 -2.65 -48.80 -26.74
N GLY D 329 -2.15 -48.82 -25.51
CA GLY D 329 -2.25 -47.65 -24.65
C GLY D 329 -1.11 -46.64 -24.84
N VAL D 330 -1.19 -45.51 -24.15
CA VAL D 330 -0.16 -44.48 -24.26
C VAL D 330 1.19 -44.88 -23.66
N HIS D 331 1.16 -45.72 -22.62
CA HIS D 331 2.39 -46.23 -21.99
C HIS D 331 2.80 -47.50 -22.73
N SER D 332 4.04 -47.55 -23.21
CA SER D 332 4.56 -48.74 -23.88
C SER D 332 4.63 -49.91 -22.90
N LEU D 333 4.27 -51.08 -23.37
CA LEU D 333 4.27 -52.29 -22.56
C LEU D 333 5.09 -53.37 -23.21
N VAL D 334 5.75 -54.14 -22.38
CA VAL D 334 6.39 -55.33 -22.85
C VAL D 334 5.75 -56.50 -22.14
N GLU D 335 5.55 -57.59 -22.86
CA GLU D 335 5.13 -58.81 -22.18
C GLU D 335 5.87 -60.03 -22.70
N CYS D 336 5.78 -61.11 -21.94
CA CYS D 336 6.25 -62.41 -22.42
C CYS D 336 5.03 -63.33 -22.48
N PRO D 337 4.56 -63.62 -23.70
CA PRO D 337 3.45 -64.58 -23.88
C PRO D 337 3.66 -65.98 -23.28
N ALA D 338 4.83 -66.59 -23.40
CA ALA D 338 4.95 -67.93 -22.84
C ALA D 338 4.83 -67.88 -21.31
N LEU D 339 5.14 -66.71 -20.76
CA LEU D 339 5.08 -66.49 -19.31
C LEU D 339 3.91 -65.65 -18.78
N MSE D 340 3.17 -64.95 -19.66
CA MSE D 340 2.03 -64.06 -19.34
C MSE D 340 1.12 -64.15 -20.59
O MSE D 340 1.43 -64.98 -21.40
CB MSE D 340 2.51 -62.63 -19.11
CG MSE D 340 3.25 -62.42 -17.77
SE MSE D 340 4.68 -61.07 -17.75
CE MSE D 340 4.00 -59.75 -18.94
N THR D 341 0.09 -63.32 -20.82
CA THR D 341 -0.91 -63.55 -21.91
C THR D 341 -0.52 -64.64 -22.89
N HIS D 342 -0.93 -65.86 -22.53
CA HIS D 342 -0.57 -67.17 -23.13
C HIS D 342 0.21 -68.03 -22.15
N ARG D 343 0.34 -67.57 -20.91
CA ARG D 343 1.06 -68.34 -19.90
C ARG D 343 0.59 -69.79 -19.70
N PRO D 344 -0.64 -70.00 -19.16
CA PRO D 344 -1.00 -71.27 -18.49
C PRO D 344 -1.05 -72.52 -19.39
N LEU D 345 -0.83 -72.34 -20.68
CA LEU D 345 -0.72 -73.46 -21.61
C LEU D 345 0.52 -74.25 -21.18
N SER D 346 0.40 -75.58 -21.12
CA SER D 346 1.48 -76.41 -20.57
C SER D 346 2.67 -76.51 -21.49
N ALA D 347 3.32 -77.65 -21.44
CA ALA D 347 4.56 -77.88 -22.14
C ALA D 347 4.46 -78.71 -23.45
N GLU D 348 3.52 -79.66 -23.45
CA GLU D 348 3.25 -80.45 -24.66
C GLU D 348 2.42 -79.66 -25.69
N ALA D 349 2.29 -78.36 -25.46
CA ALA D 349 1.52 -77.44 -26.30
C ALA D 349 2.30 -76.15 -26.48
N ARG D 350 1.61 -75.06 -26.79
CA ARG D 350 2.25 -73.76 -26.92
C ARG D 350 3.14 -73.64 -28.16
N ALA D 351 3.97 -74.66 -28.40
CA ALA D 351 4.93 -74.65 -29.51
C ALA D 351 4.29 -74.90 -30.87
N ARG D 352 3.03 -75.32 -30.86
CA ARG D 352 2.21 -75.38 -32.07
C ARG D 352 1.72 -73.99 -32.46
N ARG D 353 1.42 -73.17 -31.46
CA ARG D 353 1.13 -71.76 -31.70
C ARG D 353 2.42 -70.99 -32.02
N GLY D 354 3.47 -71.73 -32.37
CA GLY D 354 4.76 -71.17 -32.71
C GLY D 354 5.40 -70.41 -31.57
N ILE D 355 4.73 -70.40 -30.41
CA ILE D 355 5.22 -69.63 -29.27
C ILE D 355 6.35 -70.38 -28.55
N GLY D 356 7.55 -69.82 -28.63
CA GLY D 356 8.69 -70.34 -27.90
C GLY D 356 8.71 -69.72 -26.51
N GLU D 357 9.70 -70.07 -25.70
CA GLU D 357 9.77 -69.56 -24.33
C GLU D 357 10.59 -68.27 -24.20
N SER D 358 11.18 -67.81 -25.29
CA SER D 358 11.82 -66.49 -25.30
C SER D 358 11.25 -65.60 -26.41
N LEU D 359 10.03 -65.89 -26.81
CA LEU D 359 9.30 -64.98 -27.67
C LEU D 359 8.86 -63.80 -26.82
N ILE D 360 9.04 -62.59 -27.34
CA ILE D 360 8.72 -61.36 -26.63
C ILE D 360 7.75 -60.49 -27.44
N ARG D 361 6.75 -59.91 -26.78
CA ARG D 361 5.83 -58.99 -27.44
C ARG D 361 5.85 -57.58 -26.88
N LEU D 362 6.05 -56.63 -27.78
CA LEU D 362 6.04 -55.22 -27.44
C LEU D 362 4.71 -54.59 -27.88
N SER D 363 4.18 -53.72 -27.04
CA SER D 363 3.03 -52.91 -27.40
C SER D 363 3.47 -51.46 -27.27
N VAL D 364 3.48 -50.77 -28.40
CA VAL D 364 4.14 -49.47 -28.49
C VAL D 364 3.22 -48.32 -28.14
N GLY D 365 3.61 -47.54 -27.12
CA GLY D 365 2.88 -46.35 -26.73
C GLY D 365 3.32 -45.12 -27.51
N ILE D 366 3.14 -43.93 -26.92
CA ILE D 366 3.43 -42.70 -27.65
C ILE D 366 4.70 -41.95 -27.23
N GLU D 367 5.42 -42.50 -26.24
CA GLU D 367 6.68 -41.92 -25.74
C GLU D 367 7.64 -41.56 -26.88
N ASP D 368 8.65 -40.75 -26.57
CA ASP D 368 9.63 -40.40 -27.60
C ASP D 368 10.26 -41.68 -28.17
N PRO D 369 10.25 -41.82 -29.51
CA PRO D 369 10.71 -43.04 -30.18
C PRO D 369 12.16 -43.39 -29.85
N GLN D 370 13.05 -42.41 -29.79
CA GLN D 370 14.46 -42.71 -29.51
C GLN D 370 14.63 -43.04 -28.04
N ASP D 371 13.68 -42.59 -27.22
CA ASP D 371 13.66 -43.01 -25.83
C ASP D 371 13.30 -44.50 -25.73
N LEU D 372 12.18 -44.89 -26.33
CA LEU D 372 11.80 -46.30 -26.37
C LEU D 372 12.91 -47.12 -27.03
N ALA D 373 13.50 -46.57 -28.09
CA ALA D 373 14.56 -47.27 -28.80
C ALA D 373 15.77 -47.52 -27.89
N GLU D 374 16.11 -46.52 -27.07
CA GLU D 374 17.23 -46.69 -26.16
C GLU D 374 16.95 -47.70 -25.03
N ASP D 375 15.73 -47.75 -24.53
CA ASP D 375 15.42 -48.69 -23.45
C ASP D 375 15.56 -50.13 -23.93
N LEU D 376 14.99 -50.39 -25.10
CA LEU D 376 15.09 -51.70 -25.73
C LEU D 376 16.56 -52.13 -25.93
N SER D 377 17.42 -51.16 -26.19
CA SER D 377 18.86 -51.45 -26.42
C SER D 377 19.60 -51.97 -25.21
N ARG D 378 19.49 -51.28 -24.08
CA ARG D 378 20.18 -51.73 -22.87
C ARG D 378 19.60 -53.05 -22.42
N ALA D 379 18.28 -53.15 -22.55
CA ALA D 379 17.58 -54.37 -22.19
C ALA D 379 18.22 -55.51 -22.96
N LEU D 380 18.26 -55.37 -24.28
CA LEU D 380 18.86 -56.41 -25.11
C LEU D 380 20.35 -56.61 -24.80
N ALA D 381 21.04 -55.55 -24.43
CA ALA D 381 22.49 -55.63 -24.21
C ALA D 381 22.86 -55.40 -22.75
N GLY D 382 22.42 -56.27 -21.86
CA GLY D 382 22.65 -56.08 -20.44
C GLY D 382 24.10 -55.78 -20.09
N GLY E 6 -18.04 44.48 14.75
CA GLY E 6 -18.05 43.47 13.71
C GLY E 6 -16.69 43.42 13.05
N MSE E 7 -16.34 42.33 12.37
CA MSE E 7 -15.00 42.32 11.77
C MSE E 7 -14.84 41.74 10.40
O MSE E 7 -14.89 40.51 10.20
CB MSE E 7 -13.93 41.76 12.68
CG MSE E 7 -12.78 42.67 12.66
SE MSE E 7 -12.86 43.54 14.37
CE MSE E 7 -11.86 41.99 15.07
N ARG E 8 -14.53 42.66 9.49
CA ARG E 8 -14.43 42.49 8.05
C ARG E 8 -12.93 42.37 7.61
N PHE E 9 -12.69 41.99 6.35
CA PHE E 9 -11.37 41.50 5.93
C PHE E 9 -10.10 42.29 6.36
N GLY E 10 -10.00 43.56 5.95
CA GLY E 10 -8.88 44.40 6.34
C GLY E 10 -8.56 44.41 7.82
N THR E 11 -9.59 44.33 8.66
CA THR E 11 -9.39 44.42 10.09
C THR E 11 -8.78 43.16 10.72
N ARG E 12 -9.26 41.99 10.32
CA ARG E 12 -8.71 40.74 10.84
C ARG E 12 -7.33 40.47 10.28
N LEU E 13 -7.06 41.00 9.10
CA LEU E 13 -5.70 41.01 8.56
C LEU E 13 -4.76 41.67 9.55
N VAL E 14 -5.22 42.75 10.18
CA VAL E 14 -4.41 43.49 11.11
C VAL E 14 -4.48 42.90 12.53
N HIS E 15 -5.66 42.44 12.94
CA HIS E 15 -5.87 42.05 14.34
C HIS E 15 -6.07 40.56 14.62
N GLY E 16 -6.26 39.76 13.58
CA GLY E 16 -6.47 38.32 13.74
C GLY E 16 -5.34 37.66 14.51
N GLY E 17 -5.65 37.13 15.69
CA GLY E 17 -4.65 36.46 16.49
C GLY E 17 -3.67 37.38 17.20
N ARG E 18 -4.03 38.65 17.33
CA ARG E 18 -3.08 39.59 17.93
C ARG E 18 -3.16 39.60 19.47
N ARG E 19 -2.45 38.68 20.11
CA ARG E 19 -2.62 38.51 21.57
C ARG E 19 -1.91 39.62 22.39
N PRO E 20 -2.44 39.91 23.60
CA PRO E 20 -1.81 40.96 24.42
C PRO E 20 -0.63 40.45 25.24
N SER E 21 0.39 41.29 25.35
CA SER E 21 1.68 40.85 25.87
C SER E 21 1.77 41.15 27.35
N ALA E 22 1.30 40.22 28.17
CA ALA E 22 1.33 40.34 29.63
C ALA E 22 1.24 41.78 30.12
N GLY E 23 2.00 42.10 31.16
CA GLY E 23 2.00 43.43 31.70
C GLY E 23 2.86 44.44 30.93
N THR E 24 3.29 44.11 29.72
CA THR E 24 4.08 45.05 28.91
C THR E 24 3.24 45.78 27.87
N GLY E 25 2.19 45.13 27.37
CA GLY E 25 1.23 45.78 26.50
C GLY E 25 1.61 45.96 25.04
N ASP E 26 2.62 45.24 24.56
CA ASP E 26 3.05 45.31 23.15
C ASP E 26 1.87 45.22 22.20
N VAL E 27 1.80 46.16 21.25
CA VAL E 27 0.76 46.12 20.22
C VAL E 27 1.08 45.05 19.17
N VAL E 28 2.31 45.06 18.68
CA VAL E 28 2.81 43.96 17.86
C VAL E 28 3.32 42.86 18.81
N PRO E 29 2.84 41.63 18.63
CA PRO E 29 3.28 40.57 19.55
C PRO E 29 4.78 40.32 19.42
N PRO E 30 5.44 40.05 20.55
CA PRO E 30 6.90 39.80 20.47
C PRO E 30 7.17 38.48 19.74
N ILE E 31 8.38 38.35 19.19
CA ILE E 31 8.75 37.17 18.44
C ILE E 31 9.31 36.10 19.36
N HIS E 32 8.60 34.98 19.49
CA HIS E 32 9.04 33.88 20.35
C HIS E 32 10.01 32.97 19.63
N VAL E 33 11.31 33.19 19.84
CA VAL E 33 12.35 32.37 19.23
C VAL E 33 12.70 31.14 20.06
N SER E 34 12.39 31.16 21.36
CA SER E 34 12.80 30.08 22.26
C SER E 34 12.34 28.71 21.77
N THR E 35 13.26 27.75 21.69
CA THR E 35 12.89 26.39 21.37
C THR E 35 12.38 25.68 22.60
N THR E 36 12.65 26.22 23.78
CA THR E 36 12.27 25.46 24.97
C THR E 36 11.44 26.23 25.98
N TYR E 37 10.77 25.46 26.84
CA TYR E 37 9.88 26.04 27.82
C TYR E 37 10.11 25.50 29.23
N GLU E 38 10.04 26.44 30.18
CA GLU E 38 10.09 26.18 31.60
C GLU E 38 8.82 25.49 32.09
N ARG E 39 8.97 24.35 32.76
CA ARG E 39 7.82 23.57 33.23
C ARG E 39 7.18 24.11 34.52
N ARG E 40 7.85 25.03 35.20
CA ARG E 40 7.33 25.58 36.46
C ARG E 40 7.21 27.12 36.47
N ALA E 41 6.61 27.71 35.43
CA ALA E 41 6.44 29.16 35.33
C ALA E 41 5.04 29.43 34.78
N GLN E 42 4.32 28.33 34.61
CA GLN E 42 3.04 28.34 33.89
C GLN E 42 1.98 27.49 34.56
N ASP E 43 0.73 27.85 34.34
CA ASP E 43 -0.43 27.11 34.87
C ASP E 43 -0.51 25.65 34.37
N GLU E 44 -1.61 25.29 33.70
CA GLU E 44 -1.70 23.99 33.03
C GLU E 44 -0.95 24.07 31.70
N PRO E 45 -0.26 22.98 31.30
CA PRO E 45 0.76 23.06 30.24
C PRO E 45 0.22 23.47 28.87
N ARG E 46 1.09 23.49 27.87
CA ARG E 46 0.78 23.96 26.52
C ARG E 46 2.11 23.93 25.78
N TYR E 47 3.14 24.50 26.40
CA TYR E 47 4.42 24.68 25.72
C TYR E 47 5.48 23.72 26.28
N PHE E 48 5.77 22.68 25.51
CA PHE E 48 6.78 21.68 25.91
C PHE E 48 8.06 21.95 25.12
N TYR E 49 7.90 22.09 23.81
CA TYR E 49 9.01 22.11 22.88
C TYR E 49 8.59 22.84 21.62
N GLY E 50 9.52 23.56 21.01
CA GLY E 50 9.21 24.39 19.85
C GLY E 50 8.66 23.73 18.59
N ARG E 51 8.97 22.45 18.36
CA ARG E 51 8.41 21.73 17.22
C ARG E 51 6.91 21.45 17.41
N GLY E 52 6.50 21.33 18.65
CA GLY E 52 5.09 21.14 18.95
C GLY E 52 4.36 22.47 19.10
N GLU E 53 4.93 23.39 19.88
CA GLU E 53 4.21 24.59 20.26
C GLU E 53 5.07 25.85 20.20
N ASN E 54 4.50 26.94 19.70
CA ASN E 54 5.17 28.25 19.64
C ASN E 54 4.12 29.36 19.50
N PRO E 55 4.11 30.32 20.45
CA PRO E 55 3.06 31.35 20.37
C PRO E 55 3.09 32.21 19.10
N THR E 56 4.26 32.46 18.52
CA THR E 56 4.30 33.30 17.32
C THR E 56 3.76 32.51 16.14
N ARG E 57 4.07 31.22 16.11
CA ARG E 57 3.55 30.33 15.09
C ARG E 57 2.03 30.29 15.22
N GLU E 58 1.54 30.17 16.46
CA GLU E 58 0.10 30.09 16.71
C GLU E 58 -0.68 31.38 16.39
N GLU E 59 -0.08 32.53 16.63
CA GLU E 59 -0.78 33.78 16.29
C GLU E 59 -1.03 33.88 14.78
N LEU E 60 -0.07 33.40 13.98
CA LEU E 60 -0.22 33.43 12.52
C LEU E 60 -1.35 32.50 12.07
N GLU E 61 -1.41 31.31 12.67
CA GLU E 61 -2.47 30.34 12.38
C GLU E 61 -3.85 30.89 12.72
N GLU E 62 -3.95 31.48 13.91
CA GLU E 62 -5.13 32.20 14.36
C GLU E 62 -5.56 33.19 13.29
N CYS E 63 -4.62 33.99 12.82
CA CYS E 63 -4.90 35.02 11.82
C CYS E 63 -5.44 34.38 10.54
N LEU E 64 -4.71 33.39 10.01
CA LEU E 64 -5.09 32.71 8.78
C LEU E 64 -6.48 32.07 8.89
N ALA E 65 -6.75 31.44 10.04
CA ALA E 65 -8.05 30.81 10.26
C ALA E 65 -9.17 31.84 10.16
N GLY E 66 -8.95 33.02 10.73
CA GLY E 66 -9.97 34.06 10.79
C GLY E 66 -10.37 34.64 9.45
N LEU E 67 -9.44 34.63 8.50
CA LEU E 67 -9.71 35.15 7.16
C LEU E 67 -10.76 34.33 6.41
N GLU E 68 -10.94 33.08 6.85
CA GLU E 68 -11.92 32.22 6.23
C GLU E 68 -12.98 31.87 7.26
N ARG E 69 -12.91 32.56 8.40
CA ARG E 69 -13.78 32.30 9.54
C ARG E 69 -13.79 30.82 9.91
N ALA E 70 -12.60 30.20 9.85
CA ALA E 70 -12.46 28.75 10.04
C ALA E 70 -11.85 28.47 11.40
N PRO E 71 -12.35 27.42 12.06
CA PRO E 71 -11.91 27.10 13.42
C PRO E 71 -10.47 26.62 13.54
N PHE E 72 -9.81 26.27 12.43
CA PHE E 72 -8.44 25.72 12.51
C PHE E 72 -7.52 26.19 11.38
N ALA E 73 -6.23 26.32 11.70
CA ALA E 73 -5.20 26.49 10.68
C ALA E 73 -3.84 25.97 11.18
N THR E 74 -3.04 25.48 10.25
CA THR E 74 -1.72 24.98 10.57
C THR E 74 -0.75 25.53 9.55
N VAL E 75 0.36 26.11 10.01
CA VAL E 75 1.39 26.59 9.09
C VAL E 75 2.57 25.63 8.97
N PHE E 76 3.29 25.76 7.87
CA PHE E 76 4.34 24.83 7.47
C PHE E 76 5.53 25.59 6.89
N SER E 77 6.64 24.89 6.72
CA SER E 77 7.88 25.46 6.21
C SER E 77 7.77 25.92 4.74
N SER E 78 6.78 25.39 4.03
CA SER E 78 6.48 25.86 2.68
C SER E 78 5.11 25.35 2.24
N GLY E 79 4.62 25.90 1.13
CA GLY E 79 3.42 25.41 0.50
C GLY E 79 3.53 23.93 0.20
N GLN E 80 4.68 23.48 -0.31
CA GLN E 80 4.90 22.07 -0.58
C GLN E 80 4.69 21.21 0.69
N ALA E 81 5.21 21.69 1.81
CA ALA E 81 5.09 20.95 3.08
C ALA E 81 3.60 20.82 3.48
N ALA E 82 2.84 21.88 3.27
CA ALA E 82 1.40 21.83 3.52
C ALA E 82 0.74 20.79 2.63
N ALA E 83 1.10 20.78 1.36
CA ALA E 83 0.52 19.81 0.45
C ALA E 83 0.93 18.39 0.82
N ALA E 84 2.22 18.21 1.16
CA ALA E 84 2.74 16.90 1.52
C ALA E 84 1.99 16.35 2.74
N THR E 85 1.67 17.23 3.67
CA THR E 85 1.01 16.83 4.90
C THR E 85 -0.42 16.36 4.61
N LEU E 86 -1.10 17.09 3.72
CA LEU E 86 -2.42 16.69 3.25
C LEU E 86 -2.41 15.34 2.55
N LEU E 87 -1.54 15.19 1.54
CA LEU E 87 -1.37 13.93 0.83
C LEU E 87 -1.07 12.73 1.72
N SER E 88 -0.37 12.95 2.83
CA SER E 88 0.09 11.84 3.68
C SER E 88 -1.06 11.13 4.37
N LEU E 89 -2.21 11.78 4.47
CA LEU E 89 -3.35 11.18 5.15
C LEU E 89 -4.14 10.23 4.25
N VAL E 90 -3.74 10.09 2.99
CA VAL E 90 -4.39 9.12 2.13
C VAL E 90 -3.72 7.76 2.26
N ARG E 91 -4.53 6.71 2.47
CA ARG E 91 -4.03 5.32 2.64
C ARG E 91 -3.57 4.72 1.31
N PRO E 92 -2.60 3.80 1.36
CA PRO E 92 -2.16 3.17 0.11
C PRO E 92 -3.34 2.47 -0.55
N GLY E 93 -3.45 2.57 -1.87
CA GLY E 93 -4.55 1.93 -2.57
C GLY E 93 -5.82 2.77 -2.60
N GLN E 94 -5.81 3.90 -1.92
CA GLN E 94 -6.89 4.86 -2.08
C GLN E 94 -6.59 5.79 -3.23
N CYS E 95 -7.21 6.97 -3.24
CA CYS E 95 -7.28 7.71 -4.47
C CYS E 95 -7.53 9.20 -4.28
N VAL E 96 -6.74 9.99 -5.02
CA VAL E 96 -6.91 11.41 -5.13
C VAL E 96 -7.17 11.67 -6.61
N VAL E 97 -8.35 12.17 -6.94
CA VAL E 97 -8.56 12.66 -8.29
C VAL E 97 -8.05 14.08 -8.30
N SER E 98 -7.31 14.42 -9.34
CA SER E 98 -6.76 15.75 -9.41
C SER E 98 -7.01 16.29 -10.78
N THR E 99 -6.84 17.59 -10.90
CA THR E 99 -6.84 18.23 -12.20
C THR E 99 -5.52 17.80 -12.85
N ASP E 100 -5.46 17.75 -14.18
CA ASP E 100 -4.24 17.29 -14.85
C ASP E 100 -3.16 18.37 -14.87
N ASP E 101 -3.58 19.60 -14.55
CA ASP E 101 -2.76 20.79 -14.70
C ASP E 101 -2.27 21.30 -13.35
N VAL E 102 -2.41 20.49 -12.28
CA VAL E 102 -1.98 20.95 -10.96
C VAL E 102 -0.50 21.27 -10.96
N TYR E 103 -0.10 22.11 -10.00
CA TYR E 103 1.28 22.56 -9.88
C TYR E 103 2.24 21.37 -9.86
N ALA E 104 3.31 21.45 -10.64
CA ALA E 104 4.28 20.35 -10.76
C ALA E 104 4.85 19.93 -9.41
N GLY E 105 4.89 20.85 -8.46
CA GLY E 105 5.25 20.50 -7.10
C GLY E 105 4.22 19.53 -6.57
N THR E 106 2.95 19.81 -6.84
CA THR E 106 1.86 18.95 -6.43
C THR E 106 1.90 17.59 -7.15
N ASP E 107 2.00 17.59 -8.48
CA ASP E 107 2.09 16.31 -9.19
C ASP E 107 3.39 15.58 -8.77
N GLY E 108 4.40 16.37 -8.41
CA GLY E 108 5.64 15.85 -7.84
C GLY E 108 5.37 15.07 -6.56
N LEU E 109 4.57 15.66 -5.67
CA LEU E 109 4.10 14.95 -4.49
C LEU E 109 3.17 13.80 -4.86
N PHE E 110 2.42 13.95 -5.96
CA PHE E 110 1.50 12.91 -6.39
C PHE E 110 2.27 11.62 -6.73
N ASP E 111 3.46 11.78 -7.33
CA ASP E 111 4.27 10.62 -7.69
C ASP E 111 4.79 9.85 -6.47
N LEU E 112 5.09 10.58 -5.40
CA LEU E 112 5.64 9.98 -4.20
C LEU E 112 4.61 9.10 -3.52
N ALA E 113 3.39 9.63 -3.43
CA ALA E 113 2.27 8.89 -2.84
C ALA E 113 2.03 7.56 -3.57
N ALA E 114 1.98 7.59 -4.90
CA ALA E 114 1.76 6.38 -5.69
C ALA E 114 2.85 5.32 -5.44
N ARG E 115 4.05 5.79 -5.11
CA ARG E 115 5.17 4.91 -4.77
C ARG E 115 4.84 4.19 -3.47
N GLN E 116 3.92 4.75 -2.71
CA GLN E 116 3.36 4.02 -1.58
C GLN E 116 2.00 3.41 -1.95
N GLY E 117 1.58 3.63 -3.19
CA GLY E 117 0.34 3.05 -3.70
C GLY E 117 -0.91 3.94 -3.74
N VAL E 118 -0.74 5.24 -3.93
CA VAL E 118 -1.88 6.17 -3.82
C VAL E 118 -2.37 6.72 -5.17
N ARG E 119 -2.99 5.84 -5.96
CA ARG E 119 -3.49 6.13 -7.31
C ARG E 119 -4.04 7.53 -7.55
N VAL E 120 -3.30 8.32 -8.30
CA VAL E 120 -3.73 9.68 -8.63
C VAL E 120 -4.39 9.70 -10.01
N ARG E 121 -5.69 9.96 -10.04
CA ARG E 121 -6.40 10.04 -11.32
C ARG E 121 -6.42 11.46 -11.84
N TYR E 122 -6.06 11.61 -13.11
CA TYR E 122 -6.02 12.92 -13.75
C TYR E 122 -7.23 13.08 -14.65
N ALA E 123 -7.87 14.22 -14.58
CA ALA E 123 -9.11 14.44 -15.33
C ALA E 123 -9.32 15.92 -15.52
N ASP E 124 -10.39 16.27 -16.22
CA ASP E 124 -10.81 17.65 -16.32
C ASP E 124 -12.22 17.77 -15.73
N LEU E 125 -12.33 18.59 -14.70
CA LEU E 125 -13.51 18.65 -13.87
C LEU E 125 -14.38 19.82 -14.27
N THR E 126 -15.03 19.72 -15.43
CA THR E 126 -15.72 20.85 -16.03
C THR E 126 -17.00 20.38 -16.72
N THR E 127 -16.86 19.34 -17.53
CA THR E 127 -17.98 18.70 -18.15
C THR E 127 -18.83 18.03 -17.08
N PRO E 128 -20.13 17.90 -17.32
CA PRO E 128 -20.89 17.08 -16.37
C PRO E 128 -20.73 15.62 -16.79
N GLU E 129 -19.48 15.16 -16.85
CA GLU E 129 -19.17 13.85 -17.42
C GLU E 129 -17.68 13.54 -17.25
N GLY E 130 -16.86 14.59 -17.17
CA GLY E 130 -15.46 14.43 -16.81
C GLY E 130 -15.32 14.69 -15.32
N ILE E 131 -16.47 14.74 -14.67
CA ILE E 131 -16.57 14.91 -13.23
C ILE E 131 -17.25 13.65 -12.77
N ALA E 132 -18.24 13.22 -13.55
CA ALA E 132 -18.94 11.96 -13.34
C ALA E 132 -17.99 10.79 -13.52
N ALA E 133 -17.36 10.72 -14.68
CA ALA E 133 -16.42 9.64 -14.99
C ALA E 133 -15.39 9.57 -13.89
N ALA E 134 -14.75 10.70 -13.64
CA ALA E 134 -13.66 10.82 -12.68
C ALA E 134 -14.07 10.45 -11.26
N LEU E 135 -15.01 11.21 -10.69
CA LEU E 135 -15.50 10.96 -9.34
C LEU E 135 -15.92 9.51 -9.09
N ALA E 136 -16.28 8.79 -10.17
CA ALA E 136 -16.62 7.38 -10.09
C ALA E 136 -15.38 6.50 -9.96
N GLU E 137 -14.48 6.89 -9.06
CA GLU E 137 -13.38 6.03 -8.68
C GLU E 137 -13.70 5.48 -7.30
N PRO E 138 -13.53 4.17 -7.10
CA PRO E 138 -13.83 3.68 -5.74
C PRO E 138 -12.71 4.03 -4.79
N ASP E 139 -13.01 4.01 -3.49
CA ASP E 139 -12.02 4.34 -2.45
C ASP E 139 -11.49 5.77 -2.58
N LEU E 140 -12.32 6.65 -3.14
CA LEU E 140 -11.97 8.05 -3.27
C LEU E 140 -11.91 8.66 -1.88
N ALA E 141 -10.75 9.18 -1.50
CA ALA E 141 -10.59 9.80 -0.19
C ALA E 141 -10.36 11.31 -0.30
N LEU E 142 -9.92 11.76 -1.46
CA LEU E 142 -9.48 13.15 -1.61
C LEU E 142 -9.68 13.63 -3.04
N VAL E 143 -10.21 14.84 -3.18
CA VAL E 143 -10.34 15.47 -4.49
C VAL E 143 -9.58 16.79 -4.44
N TRP E 144 -8.56 16.92 -5.28
CA TRP E 144 -7.62 18.04 -5.24
C TRP E 144 -7.93 19.02 -6.35
N ILE E 145 -8.41 20.20 -5.97
CA ILE E 145 -8.75 21.24 -6.94
C ILE E 145 -7.75 22.36 -6.86
N GLU E 146 -7.06 22.67 -7.94
CA GLU E 146 -6.23 23.88 -7.98
C GLU E 146 -6.83 24.84 -8.99
N THR E 147 -7.44 25.91 -8.50
CA THR E 147 -8.16 26.85 -9.34
C THR E 147 -7.89 28.30 -8.93
N PRO E 148 -7.63 29.17 -9.92
CA PRO E 148 -7.33 28.89 -11.33
C PRO E 148 -6.07 28.02 -11.47
N THR E 149 -5.88 27.40 -12.63
CA THR E 149 -4.70 26.57 -12.91
C THR E 149 -3.53 27.38 -13.49
N ASN E 150 -2.33 26.82 -13.43
CA ASN E 150 -1.16 27.44 -14.07
C ASN E 150 -0.57 26.64 -15.23
N PRO E 151 -0.34 27.32 -16.36
CA PRO E 151 -0.49 28.77 -16.53
C PRO E 151 -1.70 29.23 -17.38
N LEU E 152 -2.66 28.36 -17.68
CA LEU E 152 -3.76 28.74 -18.60
C LEU E 152 -4.94 29.43 -17.89
N LEU E 153 -4.91 29.44 -16.56
CA LEU E 153 -5.89 30.15 -15.75
C LEU E 153 -7.30 29.57 -15.93
N THR E 154 -7.38 28.25 -16.09
CA THR E 154 -8.68 27.57 -16.16
C THR E 154 -9.30 27.53 -14.76
N VAL E 155 -10.62 27.40 -14.70
CA VAL E 155 -11.33 27.51 -13.43
C VAL E 155 -12.22 26.28 -13.19
N VAL E 156 -12.27 25.84 -11.93
CA VAL E 156 -13.07 24.70 -11.54
C VAL E 156 -14.15 25.12 -10.55
N ASP E 157 -15.37 24.64 -10.79
CA ASP E 157 -16.55 24.99 -10.00
C ASP E 157 -16.46 24.30 -8.63
N VAL E 158 -15.91 25.01 -7.65
CA VAL E 158 -15.62 24.39 -6.35
C VAL E 158 -16.88 23.88 -5.65
N ALA E 159 -17.95 24.66 -5.69
CA ALA E 159 -19.19 24.26 -5.02
C ALA E 159 -19.77 23.00 -5.62
N GLU E 160 -19.83 22.95 -6.95
CA GLU E 160 -20.38 21.79 -7.64
C GLU E 160 -19.50 20.57 -7.44
N VAL E 161 -18.18 20.75 -7.56
CA VAL E 161 -17.27 19.63 -7.37
C VAL E 161 -17.36 19.12 -5.93
N SER E 162 -17.46 20.05 -4.98
CA SER E 162 -17.48 19.66 -3.57
C SER E 162 -18.76 18.88 -3.26
N ARG E 163 -19.88 19.37 -3.77
CA ARG E 163 -21.16 18.69 -3.59
C ARG E 163 -21.10 17.25 -4.08
N ARG E 164 -20.65 17.06 -5.31
CA ARG E 164 -20.56 15.72 -5.90
C ARG E 164 -19.57 14.83 -5.13
N ALA E 165 -18.42 15.41 -4.76
CA ALA E 165 -17.37 14.63 -4.10
C ALA E 165 -17.80 14.12 -2.72
N HIS E 166 -18.56 14.94 -2.00
CA HIS E 166 -19.02 14.54 -0.67
C HIS E 166 -19.95 13.33 -0.70
N GLU E 167 -20.75 13.21 -1.76
CA GLU E 167 -21.62 12.06 -1.91
C GLU E 167 -20.83 10.76 -2.01
N ARG E 168 -19.58 10.88 -2.46
CA ARG E 168 -18.65 9.76 -2.45
C ARG E 168 -17.86 9.71 -1.13
N GLY E 169 -18.20 10.59 -0.20
CA GLY E 169 -17.51 10.65 1.08
C GLY E 169 -16.09 11.15 0.98
N ALA E 170 -15.80 11.89 -0.10
CA ALA E 170 -14.47 12.41 -0.33
C ALA E 170 -14.20 13.69 0.44
N ARG E 171 -12.92 13.96 0.68
CA ARG E 171 -12.47 15.23 1.19
C ARG E 171 -12.11 16.09 -0.02
N VAL E 172 -12.37 17.39 0.06
CA VAL E 172 -12.06 18.29 -1.03
C VAL E 172 -11.15 19.41 -0.55
N VAL E 173 -9.99 19.54 -1.21
CA VAL E 173 -9.05 20.60 -0.96
C VAL E 173 -8.95 21.52 -2.17
N VAL E 174 -8.87 22.82 -1.90
CA VAL E 174 -8.58 23.79 -2.92
C VAL E 174 -7.21 24.43 -2.66
N ASP E 175 -6.30 24.32 -3.61
CA ASP E 175 -5.09 25.13 -3.56
C ASP E 175 -5.50 26.53 -4.01
N ASN E 176 -5.58 27.44 -3.04
CA ASN E 176 -6.13 28.76 -3.23
C ASN E 176 -5.03 29.83 -3.28
N THR E 177 -3.81 29.39 -3.61
CA THR E 177 -2.64 30.28 -3.62
C THR E 177 -2.81 31.52 -4.52
N PHE E 178 -3.21 31.27 -5.77
CA PHE E 178 -3.44 32.29 -6.79
C PHE E 178 -4.36 33.40 -6.29
N ALA E 179 -5.55 33.02 -5.88
CA ALA E 179 -6.56 34.02 -5.56
C ALA E 179 -6.31 34.70 -4.22
N SER E 180 -5.84 33.93 -3.24
CA SER E 180 -5.76 34.33 -1.83
C SER E 180 -7.16 34.39 -1.19
N PRO E 181 -7.24 34.34 0.16
CA PRO E 181 -8.56 34.39 0.80
C PRO E 181 -9.33 35.71 0.57
N VAL E 182 -8.64 36.75 0.11
CA VAL E 182 -9.30 37.98 -0.31
C VAL E 182 -10.26 37.77 -1.49
N LEU E 183 -9.88 36.92 -2.44
CA LEU E 183 -10.65 36.79 -3.68
C LEU E 183 -11.52 35.53 -3.77
N GLN E 184 -11.16 34.50 -2.99
CA GLN E 184 -11.83 33.21 -3.12
C GLN E 184 -11.83 32.52 -1.77
N GLN E 185 -12.98 32.01 -1.37
CA GLN E 185 -13.15 31.41 -0.05
C GLN E 185 -13.59 29.96 -0.18
N PRO E 186 -12.62 29.04 -0.37
CA PRO E 186 -12.94 27.63 -0.65
C PRO E 186 -13.85 26.99 0.38
N LEU E 187 -13.65 27.30 1.67
CA LEU E 187 -14.51 26.72 2.70
C LEU E 187 -15.96 27.18 2.56
N ALA E 188 -16.15 28.44 2.21
CA ALA E 188 -17.49 29.00 2.02
C ALA E 188 -18.15 28.38 0.81
N LEU E 189 -17.35 27.94 -0.15
CA LEU E 189 -17.87 27.34 -1.37
C LEU E 189 -18.11 25.84 -1.20
N GLY E 190 -17.84 25.29 -0.02
CA GLY E 190 -18.16 23.90 0.27
C GLY E 190 -17.00 22.91 0.36
N ALA E 191 -15.78 23.37 0.12
CA ALA E 191 -14.60 22.51 0.24
C ALA E 191 -14.27 22.25 1.70
N ASP E 192 -13.42 21.26 1.96
CA ASP E 192 -13.05 20.95 3.34
C ASP E 192 -11.76 21.63 3.73
N VAL E 193 -10.91 21.94 2.74
CA VAL E 193 -9.58 22.46 3.04
C VAL E 193 -9.15 23.53 2.02
N SER E 194 -8.60 24.64 2.51
CA SER E 194 -7.89 25.58 1.65
C SER E 194 -6.40 25.42 1.88
N LEU E 195 -5.65 25.17 0.81
CA LEU E 195 -4.20 25.03 0.87
C LEU E 195 -3.53 26.29 0.28
N TYR E 196 -2.44 26.73 0.90
CA TYR E 196 -1.70 27.91 0.44
C TYR E 196 -0.20 27.74 0.45
N SER E 197 0.44 28.36 -0.53
CA SER E 197 1.82 28.77 -0.41
C SER E 197 1.81 30.21 0.06
N THR E 198 1.96 30.42 1.36
CA THR E 198 2.08 31.78 1.90
C THR E 198 3.32 32.50 1.37
N THR E 199 4.29 31.74 0.85
CA THR E 199 5.44 32.29 0.14
C THR E 199 5.01 33.37 -0.87
N1 LLP E 200 0.92 25.61 -5.09
C2 LLP E 200 0.87 26.75 -5.77
C2' LLP E 200 -0.43 27.14 -6.55
C3 LLP E 200 2.00 27.61 -5.79
O3 LLP E 200 1.95 28.83 -6.50
C4 LLP E 200 3.15 27.27 -5.09
C4' LLP E 200 4.41 28.28 -5.12
C5 LLP E 200 3.20 26.08 -4.41
C6 LLP E 200 2.08 25.23 -4.39
C5' LLP E 200 4.48 25.64 -3.61
OP4 LLP E 200 4.59 26.44 -2.44
P LLP E 200 6.00 26.64 -1.79
OP1 LLP E 200 5.82 27.54 -0.57
OP2 LLP E 200 6.55 25.32 -1.40
OP3 LLP E 200 6.93 27.25 -2.79
N LLP E 200 3.89 33.10 -1.54
CA LLP E 200 3.40 33.94 -2.66
CB LLP E 200 2.44 33.16 -3.54
CG LLP E 200 3.03 31.93 -4.27
CD LLP E 200 4.56 31.91 -4.42
CE LLP E 200 5.07 30.59 -5.06
NZ LLP E 200 3.97 29.64 -5.26
C LLP E 200 2.73 35.20 -2.15
O LLP E 200 3.37 36.00 -1.49
N SER E 201 1.44 35.38 -2.43
CA SER E 201 0.79 36.65 -2.13
C SER E 201 0.50 36.92 -0.65
N ILE E 202 0.35 35.88 0.16
CA ILE E 202 0.04 36.07 1.58
C ILE E 202 1.17 36.82 2.30
N ALA E 203 2.40 36.32 2.20
CA ALA E 203 3.55 37.04 2.75
C ALA E 203 3.85 38.28 1.90
N GLY E 204 3.88 38.12 0.59
CA GLY E 204 3.75 39.24 -0.35
C GLY E 204 5.01 39.96 -0.76
N HIS E 205 6.09 39.84 0.02
CA HIS E 205 7.31 40.63 -0.19
C HIS E 205 8.51 39.78 -0.66
N ALA E 206 8.24 38.53 -1.04
CA ALA E 206 9.22 37.68 -1.69
C ALA E 206 10.49 37.48 -0.86
N ASP E 207 10.33 37.40 0.46
CA ASP E 207 11.48 37.28 1.34
C ASP E 207 11.28 36.20 2.40
N VAL E 208 10.28 35.33 2.20
CA VAL E 208 10.04 34.24 3.16
C VAL E 208 9.23 33.09 2.51
N LEU E 209 9.61 31.87 2.85
CA LEU E 209 8.87 30.67 2.45
C LEU E 209 7.88 30.29 3.55
N GLY E 210 6.85 29.55 3.18
CA GLY E 210 5.85 29.12 4.12
C GLY E 210 4.64 28.55 3.42
N GLY E 211 3.88 27.71 4.13
CA GLY E 211 2.62 27.20 3.64
C GLY E 211 1.60 27.18 4.75
N ALA E 212 0.35 26.85 4.39
CA ALA E 212 -0.74 26.79 5.35
C ALA E 212 -1.85 25.87 4.84
N LEU E 213 -2.48 25.17 5.79
CA LEU E 213 -3.76 24.52 5.56
C LEU E 213 -4.78 25.21 6.45
N VAL E 214 -5.97 25.43 5.92
CA VAL E 214 -7.09 26.04 6.64
C VAL E 214 -8.32 25.13 6.48
N TYR E 215 -8.98 24.77 7.58
CA TYR E 215 -10.01 23.72 7.54
C TYR E 215 -10.90 23.79 8.78
N ARG E 216 -11.95 22.96 8.81
CA ARG E 216 -12.87 22.94 9.94
C ARG E 216 -12.95 21.62 10.70
N ASP E 217 -12.54 20.52 10.07
CA ASP E 217 -12.82 19.20 10.66
C ASP E 217 -11.81 18.91 11.78
N ALA E 218 -12.29 18.59 12.98
CA ALA E 218 -11.43 18.53 14.16
C ALA E 218 -10.56 17.28 14.24
N ASP E 219 -10.98 16.21 13.59
CA ASP E 219 -10.17 15.00 13.52
C ASP E 219 -9.05 15.23 12.50
N LEU E 220 -9.36 15.93 11.42
CA LEU E 220 -8.34 16.32 10.45
C LEU E 220 -7.26 17.15 11.15
N HIS E 221 -7.71 18.00 12.07
CA HIS E 221 -6.84 18.88 12.82
C HIS E 221 -5.80 18.09 13.62
N ALA E 222 -6.26 17.09 14.37
CA ALA E 222 -5.35 16.25 15.14
C ALA E 222 -4.34 15.55 14.22
N ALA E 223 -4.81 15.02 13.10
CA ALA E 223 -3.93 14.27 12.21
C ALA E 223 -2.89 15.17 11.54
N VAL E 224 -3.32 16.37 11.16
CA VAL E 224 -2.40 17.33 10.56
C VAL E 224 -1.29 17.75 11.54
N ARG E 225 -1.67 18.05 12.78
CA ARG E 225 -0.68 18.42 13.79
C ARG E 225 0.25 17.25 14.14
N ALA E 226 -0.30 16.03 14.22
CA ALA E 226 0.53 14.85 14.47
C ALA E 226 1.60 14.69 13.40
N TYR E 227 1.21 14.81 12.13
CA TYR E 227 2.17 14.68 11.05
C TYR E 227 3.22 15.78 11.12
N ARG E 228 2.78 17.02 11.36
CA ARG E 228 3.73 18.13 11.44
C ARG E 228 4.75 17.93 12.55
N THR E 229 4.31 17.39 13.69
CA THR E 229 5.22 17.01 14.78
C THR E 229 6.30 16.08 14.25
N THR E 230 5.84 15.01 13.61
CA THR E 230 6.69 13.89 13.29
C THR E 230 7.58 14.14 12.09
N ALA E 231 7.00 14.70 11.03
CA ALA E 231 7.76 15.02 9.83
C ALA E 231 8.68 16.23 10.09
N GLY E 232 8.27 17.09 11.00
CA GLY E 232 9.10 18.21 11.43
C GLY E 232 9.17 19.29 10.37
N ASN E 233 8.11 19.41 9.57
CA ASN E 233 8.09 20.40 8.53
C ASN E 233 7.51 21.74 9.03
N VAL E 234 8.01 22.18 10.19
CA VAL E 234 7.55 23.39 10.85
C VAL E 234 8.33 24.61 10.41
N PRO E 235 7.64 25.74 10.18
CA PRO E 235 8.33 26.99 9.84
C PRO E 235 8.89 27.65 11.11
N GLY E 236 10.03 28.32 11.00
CA GLY E 236 10.61 29.01 12.15
C GLY E 236 9.81 30.22 12.65
N ALA E 237 10.19 30.68 13.84
CA ALA E 237 9.57 31.87 14.44
C ALA E 237 9.74 33.18 13.64
N LEU E 238 10.93 33.42 13.12
CA LEU E 238 11.18 34.67 12.39
C LEU E 238 10.45 34.65 11.03
N ASP E 239 10.40 33.47 10.40
CA ASP E 239 9.64 33.27 9.18
C ASP E 239 8.16 33.61 9.39
N CYS E 240 7.54 33.01 10.41
CA CYS E 240 6.14 33.29 10.75
C CYS E 240 5.90 34.77 11.05
N PHE E 241 6.91 35.43 11.63
CA PHE E 241 6.81 36.85 11.89
C PHE E 241 6.70 37.61 10.58
N LEU E 242 7.59 37.29 9.64
CA LEU E 242 7.57 37.92 8.32
C LEU E 242 6.29 37.63 7.53
N VAL E 243 5.76 36.41 7.61
CA VAL E 243 4.50 36.11 6.92
C VAL E 243 3.37 36.96 7.52
N ARG E 244 3.24 36.91 8.85
CA ARG E 244 2.24 37.70 9.57
C ARG E 244 2.35 39.20 9.29
N ARG E 245 3.57 39.71 9.24
CA ARG E 245 3.78 41.12 8.96
C ARG E 245 3.27 41.45 7.56
N GLY E 246 3.60 40.60 6.58
CA GLY E 246 3.15 40.78 5.22
C GLY E 246 1.63 40.74 5.15
N LEU E 247 1.05 39.91 6.01
CA LEU E 247 -0.40 39.72 6.01
C LEU E 247 -1.22 40.99 6.21
N HIS E 248 -0.70 41.93 7.01
CA HIS E 248 -1.39 43.21 7.23
C HIS E 248 -1.88 43.87 5.94
N THR E 249 -1.06 43.85 4.89
CA THR E 249 -1.37 44.59 3.67
C THR E 249 -1.89 43.71 2.53
N LEU E 250 -2.35 42.52 2.88
CA LEU E 250 -2.78 41.57 1.84
C LEU E 250 -3.96 42.11 1.02
N SER E 251 -4.99 42.63 1.68
CA SER E 251 -6.11 43.16 0.94
C SER E 251 -5.74 44.40 0.10
N LEU E 252 -4.83 45.24 0.62
CA LEU E 252 -4.39 46.40 -0.16
C LEU E 252 -3.59 46.01 -1.41
N ARG E 253 -2.66 45.08 -1.25
CA ARG E 253 -1.82 44.65 -2.35
C ARG E 253 -2.66 43.95 -3.43
N VAL E 254 -3.52 43.02 -3.02
CA VAL E 254 -4.36 42.29 -3.97
C VAL E 254 -5.26 43.22 -4.78
N HIS E 255 -5.96 44.14 -4.11
CA HIS E 255 -6.88 45.05 -4.82
C HIS E 255 -6.17 45.93 -5.84
N ARG E 256 -4.89 46.18 -5.60
CA ARG E 256 -4.06 46.97 -6.52
C ARG E 256 -3.48 46.09 -7.65
N GLN E 257 -3.01 44.89 -7.29
CA GLN E 257 -2.54 43.96 -8.31
C GLN E 257 -3.64 43.71 -9.34
N VAL E 258 -4.87 43.51 -8.86
CA VAL E 258 -6.00 43.21 -9.74
C VAL E 258 -6.30 44.39 -10.67
N ALA E 259 -6.35 45.59 -10.12
CA ALA E 259 -6.62 46.77 -10.93
C ALA E 259 -5.56 46.92 -12.03
N THR E 260 -4.29 46.71 -11.67
CA THR E 260 -3.23 46.85 -12.65
C THR E 260 -3.29 45.70 -13.67
N ALA E 261 -3.68 44.51 -13.21
CA ALA E 261 -3.79 43.36 -14.11
C ALA E 261 -4.73 43.64 -15.29
N ARG E 262 -5.89 44.23 -15.02
CA ARG E 262 -6.83 44.41 -16.14
C ARG E 262 -6.47 45.56 -17.08
N VAL E 263 -5.74 46.57 -16.61
CA VAL E 263 -5.21 47.58 -17.52
C VAL E 263 -4.15 46.92 -18.40
N LEU E 264 -3.38 46.00 -17.81
CA LEU E 264 -2.38 45.25 -18.56
C LEU E 264 -3.06 44.37 -19.63
N VAL E 265 -4.18 43.75 -19.25
CA VAL E 265 -4.96 42.95 -20.20
C VAL E 265 -5.45 43.77 -21.41
N GLU E 266 -5.94 44.99 -21.15
CA GLU E 266 -6.36 45.87 -22.24
C GLU E 266 -5.21 46.23 -23.20
N ARG E 267 -4.01 46.49 -22.65
CA ARG E 267 -2.83 46.70 -23.47
C ARG E 267 -2.52 45.50 -24.35
N LEU E 268 -2.53 44.32 -23.74
CA LEU E 268 -2.26 43.09 -24.46
C LEU E 268 -3.27 42.92 -25.60
N ARG E 269 -4.54 43.20 -25.31
CA ARG E 269 -5.58 43.02 -26.32
C ARG E 269 -5.42 44.01 -27.46
N ALA E 270 -4.84 45.17 -27.19
CA ALA E 270 -4.56 46.19 -28.20
C ALA E 270 -3.35 45.86 -29.10
N SER E 271 -2.53 44.90 -28.70
CA SER E 271 -1.29 44.64 -29.44
C SER E 271 -1.45 43.68 -30.61
N PRO E 272 -0.98 44.09 -31.81
CA PRO E 272 -1.06 43.23 -32.98
C PRO E 272 -0.10 42.04 -32.93
N VAL E 273 0.77 41.98 -31.92
CA VAL E 273 1.67 40.83 -31.79
C VAL E 273 1.34 39.99 -30.55
N VAL E 274 0.08 40.06 -30.12
CA VAL E 274 -0.40 39.25 -29.01
C VAL E 274 -1.56 38.39 -29.49
N GLY E 275 -1.45 37.07 -29.28
CA GLY E 275 -2.49 36.13 -29.65
C GLY E 275 -3.51 35.91 -28.55
N ALA E 276 -3.59 34.69 -28.06
CA ALA E 276 -4.45 34.37 -26.92
C ALA E 276 -4.14 35.25 -25.72
N VAL E 277 -5.17 35.67 -24.99
CA VAL E 277 -4.99 36.38 -23.73
C VAL E 277 -5.84 35.68 -22.68
N HIS E 278 -5.19 35.06 -21.71
CA HIS E 278 -5.90 34.36 -20.66
C HIS E 278 -5.99 35.25 -19.42
N TYR E 279 -7.22 35.56 -19.02
CA TYR E 279 -7.47 36.29 -17.79
C TYR E 279 -8.88 35.94 -17.31
N PRO E 280 -9.01 35.55 -16.04
CA PRO E 280 -10.32 35.11 -15.53
C PRO E 280 -11.38 36.20 -15.58
N GLY E 281 -10.98 37.44 -15.80
CA GLY E 281 -11.94 38.53 -15.89
C GLY E 281 -12.54 38.80 -17.27
N LEU E 282 -12.07 38.11 -18.31
CA LEU E 282 -12.54 38.42 -19.66
C LEU E 282 -13.88 37.74 -20.00
N PRO E 283 -14.73 38.43 -20.78
CA PRO E 283 -16.00 37.84 -21.25
C PRO E 283 -15.85 36.62 -22.15
N GLU E 284 -14.62 36.26 -22.52
CA GLU E 284 -14.43 35.07 -23.34
C GLU E 284 -13.80 33.91 -22.58
N HIS E 285 -13.50 34.13 -21.30
CA HIS E 285 -13.04 33.02 -20.47
C HIS E 285 -14.10 31.95 -20.58
N PRO E 286 -13.69 30.71 -20.87
CA PRO E 286 -14.72 29.72 -21.16
C PRO E 286 -15.46 29.29 -19.89
N GLN E 287 -15.07 29.85 -18.75
CA GLN E 287 -15.76 29.59 -17.50
C GLN E 287 -16.04 30.88 -16.72
N HIS E 288 -16.22 32.01 -17.43
CA HIS E 288 -16.33 33.29 -16.70
C HIS E 288 -17.61 33.33 -15.84
N ALA E 289 -18.64 32.53 -16.15
CA ALA E 289 -19.78 32.40 -15.24
C ALA E 289 -19.34 31.84 -13.87
N VAL E 290 -18.57 30.76 -13.88
CA VAL E 290 -18.03 30.23 -12.62
C VAL E 290 -17.10 31.26 -11.95
N VAL E 291 -16.27 31.95 -12.73
CA VAL E 291 -15.42 33.00 -12.17
C VAL E 291 -16.25 34.04 -11.45
N LYS E 292 -17.33 34.48 -12.11
CA LYS E 292 -18.20 35.50 -11.56
C LYS E 292 -18.72 35.07 -10.18
N ALA E 293 -19.28 33.87 -10.12
CA ALA E 293 -19.88 33.35 -8.89
C ALA E 293 -18.91 33.22 -7.71
N GLN E 294 -17.74 32.64 -7.92
CA GLN E 294 -16.89 32.25 -6.80
C GLN E 294 -15.66 33.13 -6.55
N MSE E 295 -15.29 33.98 -7.50
CA MSE E 295 -14.18 34.92 -7.27
C MSE E 295 -14.69 36.36 -7.16
O MSE E 295 -15.33 36.87 -8.08
CB MSE E 295 -13.10 34.80 -8.36
CG MSE E 295 -12.68 33.37 -8.68
SE MSE E 295 -11.25 33.23 -10.03
CE MSE E 295 -9.85 34.21 -9.11
N SER E 296 -14.41 37.00 -6.04
CA SER E 296 -14.84 38.38 -5.87
C SER E 296 -14.07 39.28 -6.84
N ALA E 297 -12.88 38.86 -7.23
CA ALA E 297 -12.15 39.54 -8.30
C ALA E 297 -11.30 38.51 -9.06
N PRO E 298 -11.03 38.78 -10.33
CA PRO E 298 -10.49 37.70 -11.17
C PRO E 298 -8.96 37.54 -11.12
N GLY E 299 -8.33 38.14 -10.11
CA GLY E 299 -6.95 37.85 -9.81
C GLY E 299 -5.94 38.71 -10.53
N ALA E 300 -4.67 38.41 -10.26
CA ALA E 300 -3.58 39.28 -10.67
C ALA E 300 -2.62 38.59 -11.62
N ILE E 301 -2.99 37.44 -12.16
CA ILE E 301 -2.07 36.78 -13.09
C ILE E 301 -2.67 36.77 -14.50
N VAL E 302 -1.84 37.06 -15.50
CA VAL E 302 -2.27 37.10 -16.89
C VAL E 302 -1.32 36.21 -17.68
N SER E 303 -1.83 35.53 -18.70
CA SER E 303 -0.95 34.87 -19.66
C SER E 303 -1.38 35.13 -21.09
N PHE E 304 -0.43 35.03 -22.02
CA PHE E 304 -0.67 35.36 -23.42
C PHE E 304 0.35 34.74 -24.38
N ASP E 305 -0.06 34.57 -25.63
CA ASP E 305 0.88 34.16 -26.67
C ASP E 305 1.49 35.38 -27.33
N TYR E 306 2.82 35.43 -27.32
CA TYR E 306 3.57 36.47 -28.00
C TYR E 306 3.90 36.04 -29.44
N LEU E 307 3.48 36.85 -30.41
CA LEU E 307 3.58 36.47 -31.82
C LEU E 307 4.77 37.11 -32.53
N GLY E 308 5.51 37.98 -31.84
CA GLY E 308 6.54 38.76 -32.49
C GLY E 308 7.79 37.98 -32.85
N GLY E 309 8.01 36.88 -32.13
CA GLY E 309 9.22 36.09 -32.27
C GLY E 309 9.38 35.18 -31.06
N PRO E 310 10.60 34.66 -30.83
CA PRO E 310 10.83 33.78 -29.69
C PRO E 310 10.60 34.53 -28.38
N ALA E 311 10.14 33.82 -27.36
CA ALA E 311 9.87 34.42 -26.06
C ALA E 311 11.07 35.22 -25.55
N GLU E 312 12.27 34.79 -25.95
CA GLU E 312 13.49 35.36 -25.41
C GLU E 312 13.69 36.77 -25.95
N ARG E 313 13.19 37.05 -27.16
CA ARG E 313 13.17 38.42 -27.66
C ARG E 313 12.31 39.31 -26.78
N LEU E 314 11.24 38.74 -26.21
CA LEU E 314 10.35 39.50 -25.33
C LEU E 314 10.95 39.66 -23.93
N LEU E 315 11.38 38.56 -23.32
CA LEU E 315 11.94 38.60 -21.96
C LEU E 315 13.18 39.49 -21.89
N ASP E 316 13.93 39.51 -22.98
CA ASP E 316 15.11 40.36 -23.12
C ASP E 316 14.76 41.82 -22.86
N ARG E 317 13.62 42.25 -23.37
CA ARG E 317 13.30 43.68 -23.44
C ARG E 317 12.83 44.35 -22.14
N PHE E 318 12.02 43.68 -21.32
CA PHE E 318 11.44 44.32 -20.12
C PHE E 318 12.47 45.10 -19.28
N THR E 319 12.09 46.30 -18.82
CA THR E 319 12.98 47.07 -17.93
C THR E 319 12.46 47.19 -16.49
N LEU E 320 11.21 46.80 -16.28
CA LEU E 320 10.57 46.98 -14.97
C LEU E 320 10.11 45.63 -14.42
N PHE E 321 9.43 44.84 -15.24
CA PHE E 321 9.14 43.46 -14.88
C PHE E 321 10.46 42.73 -14.65
N THR E 322 10.50 41.83 -13.67
CA THR E 322 11.67 40.99 -13.47
C THR E 322 11.46 39.61 -14.11
N CYS E 323 12.44 39.14 -14.85
CA CYS E 323 12.37 37.80 -15.41
C CYS E 323 12.70 36.81 -14.29
N GLY E 324 11.66 36.27 -13.66
CA GLY E 324 11.83 35.35 -12.56
C GLY E 324 10.60 34.51 -12.33
N VAL E 325 10.77 33.38 -11.67
CA VAL E 325 9.62 32.55 -11.33
C VAL E 325 9.10 32.94 -9.96
N SER E 326 8.03 32.26 -9.53
CA SER E 326 7.17 32.63 -8.41
C SER E 326 6.25 33.76 -8.84
N LEU E 327 5.41 34.23 -7.92
CA LEU E 327 4.40 35.23 -8.22
C LEU E 327 3.71 35.71 -6.96
N GLY E 328 2.77 36.65 -7.10
CA GLY E 328 2.01 37.18 -5.98
C GLY E 328 2.71 38.32 -5.26
N GLY E 329 4.00 38.48 -5.52
CA GLY E 329 4.80 39.45 -4.78
C GLY E 329 4.65 40.90 -5.20
N VAL E 330 5.22 41.79 -4.39
CA VAL E 330 5.18 43.22 -4.68
C VAL E 330 5.96 43.56 -5.95
N HIS E 331 6.92 42.71 -6.31
CA HIS E 331 7.70 42.89 -7.54
C HIS E 331 7.02 42.16 -8.68
N SER E 332 6.55 42.91 -9.69
CA SER E 332 6.01 42.30 -10.90
C SER E 332 7.02 41.36 -11.53
N LEU E 333 6.57 40.16 -11.88
CA LEU E 333 7.46 39.17 -12.49
C LEU E 333 6.90 38.74 -13.83
N VAL E 334 7.79 38.27 -14.71
CA VAL E 334 7.40 37.60 -15.93
C VAL E 334 8.25 36.34 -16.11
N GLU E 335 7.63 35.26 -16.57
CA GLU E 335 8.41 34.11 -17.00
C GLU E 335 7.82 33.47 -18.25
N CYS E 336 8.61 32.62 -18.87
CA CYS E 336 8.06 31.77 -19.92
C CYS E 336 8.10 30.32 -19.48
N PRO E 337 6.94 29.78 -19.10
CA PRO E 337 6.73 28.38 -18.70
C PRO E 337 7.55 27.38 -19.53
N ALA E 338 7.44 27.42 -20.85
CA ALA E 338 8.12 26.45 -21.71
C ALA E 338 9.65 26.43 -21.53
N LEU E 339 10.25 27.62 -21.33
CA LEU E 339 11.66 27.75 -20.95
C LEU E 339 11.83 27.47 -19.45
N MSE E 340 12.72 28.23 -18.83
CA MSE E 340 13.05 28.20 -17.39
C MSE E 340 12.03 27.71 -16.20
O MSE E 340 12.39 27.90 -15.02
CB MSE E 340 13.74 29.59 -17.09
CG MSE E 340 14.26 30.41 -18.40
SE MSE E 340 15.85 31.72 -18.39
CE MSE E 340 15.48 32.32 -16.54
N THR E 341 10.84 27.10 -16.47
CA THR E 341 9.91 26.48 -15.44
C THR E 341 9.14 25.19 -15.81
N HIS E 342 8.26 25.26 -16.81
CA HIS E 342 7.61 24.05 -17.31
C HIS E 342 8.68 23.32 -18.11
N ARG E 343 9.92 23.85 -18.09
CA ARG E 343 11.07 23.23 -18.76
C ARG E 343 11.26 21.74 -18.42
N PRO E 344 11.08 21.36 -17.14
CA PRO E 344 10.99 19.91 -16.86
C PRO E 344 9.89 19.21 -17.67
N LEU E 345 8.89 19.93 -18.17
CA LEU E 345 7.92 19.28 -19.07
C LEU E 345 8.52 19.05 -20.46
N SER E 346 8.09 17.98 -21.10
CA SER E 346 8.82 17.41 -22.23
C SER E 346 8.45 17.93 -23.62
N ALA E 347 7.82 19.10 -23.71
CA ALA E 347 7.35 19.66 -24.98
C ALA E 347 6.18 18.86 -25.58
N GLU E 348 6.40 17.57 -25.86
CA GLU E 348 5.29 16.73 -26.30
C GLU E 348 4.16 16.73 -25.25
N ALA E 349 4.49 17.07 -24.00
CA ALA E 349 3.48 17.19 -22.93
C ALA E 349 2.86 18.59 -22.80
N ARG E 350 3.68 19.63 -22.69
CA ARG E 350 3.11 20.97 -22.56
C ARG E 350 2.27 21.36 -23.77
N ALA E 351 2.61 20.83 -24.95
CA ALA E 351 1.81 21.03 -26.14
C ALA E 351 0.42 20.46 -25.92
N ARG E 352 0.38 19.18 -25.57
CA ARG E 352 -0.84 18.53 -25.08
C ARG E 352 -1.51 19.41 -24.05
N ARG E 353 -0.70 19.95 -23.14
CA ARG E 353 -1.17 20.84 -22.08
C ARG E 353 -1.50 22.25 -22.59
N GLY E 354 -1.56 22.41 -23.91
CA GLY E 354 -2.03 23.65 -24.52
C GLY E 354 -1.07 24.77 -24.23
N ILE E 355 0.17 24.40 -23.93
CA ILE E 355 1.22 25.35 -23.64
C ILE E 355 2.11 25.54 -24.85
N GLY E 356 2.04 26.73 -25.43
CA GLY E 356 2.90 27.07 -26.54
C GLY E 356 4.26 27.52 -26.02
N GLU E 357 5.26 27.44 -26.89
CA GLU E 357 6.59 27.89 -26.51
C GLU E 357 6.61 29.41 -26.40
N SER E 358 5.62 30.06 -26.98
CA SER E 358 5.52 31.51 -26.88
C SER E 358 4.43 31.98 -25.92
N LEU E 359 4.00 31.13 -24.98
CA LEU E 359 3.09 31.61 -23.94
C LEU E 359 3.86 32.32 -22.82
N ILE E 360 3.38 33.49 -22.43
CA ILE E 360 4.05 34.33 -21.46
C ILE E 360 3.13 34.52 -20.24
N ARG E 361 3.69 34.39 -19.04
CA ARG E 361 2.90 34.61 -17.83
C ARG E 361 3.42 35.82 -17.04
N LEU E 362 2.51 36.72 -16.69
CA LEU E 362 2.80 37.88 -15.86
C LEU E 362 2.21 37.72 -14.46
N SER E 363 3.02 38.02 -13.46
CA SER E 363 2.51 38.18 -12.11
C SER E 363 2.56 39.67 -11.80
N VAL E 364 1.40 40.26 -11.51
CA VAL E 364 1.36 41.69 -11.33
C VAL E 364 1.68 42.10 -9.90
N GLY E 365 2.58 43.07 -9.76
CA GLY E 365 2.94 43.62 -8.47
C GLY E 365 2.21 44.92 -8.14
N ILE E 366 2.82 45.76 -7.32
CA ILE E 366 2.17 46.97 -6.85
C ILE E 366 2.86 48.22 -7.38
N GLU E 367 3.71 48.07 -8.40
CA GLU E 367 4.27 49.21 -9.10
C GLU E 367 3.16 50.06 -9.76
N ASP E 368 3.49 51.27 -10.17
CA ASP E 368 2.48 52.10 -10.86
C ASP E 368 1.99 51.39 -12.12
N PRO E 369 0.67 51.34 -12.29
CA PRO E 369 0.08 50.56 -13.39
C PRO E 369 0.50 51.14 -14.74
N GLN E 370 0.54 52.46 -14.82
CA GLN E 370 0.87 53.11 -16.08
C GLN E 370 2.34 52.81 -16.34
N ASP E 371 3.10 52.67 -15.26
CA ASP E 371 4.49 52.27 -15.36
C ASP E 371 4.67 50.83 -15.88
N LEU E 372 3.90 49.90 -15.36
CA LEU E 372 4.00 48.53 -15.84
C LEU E 372 3.48 48.40 -17.28
N ALA E 373 2.43 49.15 -17.61
CA ALA E 373 1.87 49.11 -18.96
C ALA E 373 2.91 49.60 -19.97
N GLU E 374 3.64 50.65 -19.60
CA GLU E 374 4.68 51.20 -20.46
C GLU E 374 5.82 50.20 -20.72
N ASP E 375 6.25 49.47 -19.69
CA ASP E 375 7.33 48.48 -19.82
C ASP E 375 6.88 47.33 -20.73
N LEU E 376 5.64 46.89 -20.52
CA LEU E 376 5.06 45.85 -21.35
C LEU E 376 4.97 46.29 -22.81
N SER E 377 4.54 47.54 -23.04
CA SER E 377 4.45 48.04 -24.41
C SER E 377 5.80 48.12 -25.14
N ARG E 378 6.83 48.63 -24.46
CA ARG E 378 8.16 48.66 -25.07
C ARG E 378 8.64 47.25 -25.40
N ALA E 379 8.40 46.33 -24.48
CA ALA E 379 8.86 44.95 -24.63
C ALA E 379 8.34 44.30 -25.92
N LEU E 380 7.05 44.50 -26.21
CA LEU E 380 6.35 43.84 -27.30
C LEU E 380 6.55 44.49 -28.68
N ALA E 381 7.27 45.60 -28.71
CA ALA E 381 7.41 46.41 -29.92
C ALA E 381 8.20 45.73 -31.04
N GLY F 6 45.47 25.11 5.01
CA GLY F 6 44.44 24.26 5.58
C GLY F 6 43.87 24.80 6.88
N MSE F 7 42.67 24.34 7.23
CA MSE F 7 42.06 24.74 8.49
C MSE F 7 42.29 23.61 9.46
O MSE F 7 42.67 22.53 9.04
CB MSE F 7 40.57 24.98 8.28
CG MSE F 7 40.28 25.96 7.16
SE MSE F 7 38.78 25.54 5.93
CE MSE F 7 39.40 26.48 4.37
N ARG F 8 42.11 23.87 10.75
CA ARG F 8 41.83 22.85 11.77
C ARG F 8 40.45 23.16 12.34
N PHE F 9 40.09 22.58 13.49
CA PHE F 9 38.65 22.46 13.81
C PHE F 9 37.90 23.74 14.17
N GLY F 10 38.38 24.45 15.18
CA GLY F 10 37.85 25.76 15.50
C GLY F 10 37.92 26.70 14.30
N THR F 11 38.89 26.45 13.42
CA THR F 11 39.00 27.21 12.16
C THR F 11 37.87 26.90 11.17
N ARG F 12 37.67 25.62 10.83
CA ARG F 12 36.62 25.28 9.85
C ARG F 12 35.25 25.66 10.42
N LEU F 13 35.17 25.77 11.75
CA LEU F 13 33.96 26.23 12.41
C LEU F 13 33.73 27.71 12.09
N VAL F 14 34.80 28.49 12.11
CA VAL F 14 34.67 29.92 11.85
C VAL F 14 34.56 30.22 10.35
N HIS F 15 35.33 29.51 9.53
CA HIS F 15 35.46 29.87 8.12
C HIS F 15 34.85 28.93 7.09
N GLY F 16 34.37 27.76 7.53
CA GLY F 16 33.75 26.84 6.60
C GLY F 16 32.59 27.50 5.87
N GLY F 17 32.63 27.47 4.54
CA GLY F 17 31.57 28.02 3.71
C GLY F 17 31.33 29.51 3.89
N ARG F 18 32.35 30.25 4.33
CA ARG F 18 32.20 31.70 4.49
C ARG F 18 32.56 32.38 3.18
N ARG F 19 31.60 32.36 2.26
CA ARG F 19 31.88 32.72 0.88
C ARG F 19 31.99 34.25 0.80
N PRO F 20 32.97 34.75 0.05
CA PRO F 20 33.25 36.20 0.00
C PRO F 20 32.09 37.05 -0.56
N SER F 21 32.17 38.38 -0.39
CA SER F 21 31.20 39.32 -0.98
C SER F 21 31.86 40.36 -1.91
N ALA F 22 32.21 39.96 -3.14
CA ALA F 22 32.88 40.83 -4.09
C ALA F 22 32.09 42.10 -4.40
N GLY F 23 32.81 43.20 -4.52
CA GLY F 23 32.19 44.51 -4.66
C GLY F 23 32.14 45.21 -3.32
N THR F 24 31.81 44.46 -2.25
CA THR F 24 31.72 45.08 -0.94
C THR F 24 32.67 44.48 0.09
N GLY F 25 32.79 43.15 0.13
CA GLY F 25 33.79 42.52 0.97
C GLY F 25 33.35 42.09 2.36
N ASP F 26 32.04 42.00 2.59
CA ASP F 26 31.49 41.59 3.89
C ASP F 26 32.21 40.35 4.42
N VAL F 27 32.63 40.40 5.69
CA VAL F 27 33.32 39.26 6.29
C VAL F 27 32.28 38.25 6.77
N VAL F 28 31.24 38.74 7.44
CA VAL F 28 30.09 37.92 7.72
C VAL F 28 29.22 37.97 6.46
N PRO F 29 28.93 36.81 5.86
CA PRO F 29 28.12 36.85 4.64
C PRO F 29 26.73 37.44 4.88
N PRO F 30 26.17 38.11 3.86
CA PRO F 30 24.87 38.75 3.99
C PRO F 30 23.76 37.72 4.00
N ILE F 31 22.65 38.01 4.67
CA ILE F 31 21.58 37.04 4.79
C ILE F 31 20.66 37.10 3.57
N HIS F 32 20.62 36.01 2.83
CA HIS F 32 19.86 35.93 1.58
C HIS F 32 18.41 35.54 1.85
N VAL F 33 17.57 36.53 2.07
CA VAL F 33 16.17 36.29 2.35
C VAL F 33 15.35 36.08 1.08
N SER F 34 15.85 36.57 -0.05
CA SER F 34 15.09 36.53 -1.28
C SER F 34 14.68 35.09 -1.67
N THR F 35 13.39 34.87 -1.86
CA THR F 35 12.89 33.57 -2.27
C THR F 35 12.91 33.53 -3.79
N THR F 36 13.10 34.69 -4.40
CA THR F 36 12.96 34.82 -5.85
C THR F 36 14.25 35.38 -6.49
N TYR F 37 14.56 34.89 -7.68
CA TYR F 37 15.80 35.25 -8.38
C TYR F 37 15.54 35.82 -9.76
N GLU F 38 16.44 36.68 -10.23
CA GLU F 38 16.33 37.18 -11.60
C GLU F 38 17.05 36.22 -12.55
N ARG F 39 16.43 36.00 -13.69
CA ARG F 39 16.92 35.18 -14.78
C ARG F 39 18.31 35.53 -15.28
N ARG F 40 18.28 36.23 -16.41
CA ARG F 40 19.47 36.66 -17.13
C ARG F 40 20.37 37.59 -16.30
N ALA F 41 20.56 37.27 -15.01
CA ALA F 41 21.36 38.12 -14.13
C ALA F 41 22.61 37.42 -13.64
N GLN F 42 23.00 36.34 -14.29
CA GLN F 42 24.16 35.60 -13.81
C GLN F 42 24.91 34.99 -14.95
N ASP F 43 26.22 34.85 -14.79
CA ASP F 43 26.99 33.98 -15.65
C ASP F 43 26.43 32.57 -15.42
N GLU F 44 26.66 32.01 -14.24
CA GLU F 44 26.09 30.69 -13.92
C GLU F 44 24.75 30.82 -13.18
N PRO F 45 23.66 30.41 -13.84
CA PRO F 45 22.29 30.53 -13.34
C PRO F 45 21.93 29.39 -12.41
N ARG F 46 22.58 29.36 -11.24
CA ARG F 46 22.30 28.35 -10.24
C ARG F 46 20.89 28.58 -9.69
N TYR F 47 20.56 29.84 -9.41
CA TYR F 47 19.46 30.18 -8.50
C TYR F 47 18.14 30.50 -9.20
N PHE F 48 17.13 29.69 -8.89
CA PHE F 48 15.85 29.70 -9.60
C PHE F 48 14.70 30.06 -8.68
N TYR F 49 14.80 29.65 -7.40
CA TYR F 49 13.71 29.72 -6.44
C TYR F 49 14.20 29.16 -5.11
N GLY F 50 13.86 29.85 -4.01
CA GLY F 50 14.47 29.61 -2.72
C GLY F 50 14.25 28.27 -2.03
N ARG F 51 13.16 27.58 -2.37
CA ARG F 51 12.96 26.24 -1.83
C ARG F 51 14.10 25.34 -2.31
N GLY F 52 14.43 25.45 -3.60
CA GLY F 52 15.51 24.68 -4.18
C GLY F 52 16.90 25.30 -4.03
N GLU F 53 16.98 26.63 -4.14
CA GLU F 53 18.30 27.30 -4.16
C GLU F 53 18.38 28.43 -3.14
N ASN F 54 19.39 28.39 -2.26
CA ASN F 54 19.65 29.53 -1.38
C ASN F 54 21.11 29.63 -0.95
N PRO F 55 21.76 30.77 -1.25
CA PRO F 55 23.18 30.86 -0.90
C PRO F 55 23.47 30.74 0.61
N THR F 56 22.68 31.42 1.44
CA THR F 56 22.94 31.40 2.89
C THR F 56 22.81 29.98 3.45
N ARG F 57 21.76 29.29 3.03
CA ARG F 57 21.60 27.90 3.43
C ARG F 57 22.77 27.04 2.95
N GLU F 58 23.21 27.27 1.71
CA GLU F 58 24.31 26.50 1.12
C GLU F 58 25.64 26.74 1.84
N GLU F 59 25.82 27.96 2.33
CA GLU F 59 27.04 28.30 3.04
C GLU F 59 27.08 27.59 4.39
N LEU F 60 25.93 27.44 5.03
CA LEU F 60 25.82 26.61 6.23
C LEU F 60 26.11 25.11 5.91
N GLU F 61 25.62 24.64 4.76
CA GLU F 61 25.85 23.26 4.38
C GLU F 61 27.34 22.97 4.22
N GLU F 62 28.03 23.75 3.40
CA GLU F 62 29.47 23.64 3.24
C GLU F 62 30.19 23.58 4.58
N CYS F 63 29.78 24.44 5.52
CA CYS F 63 30.41 24.45 6.84
C CYS F 63 30.22 23.13 7.58
N LEU F 64 28.98 22.67 7.67
CA LEU F 64 28.67 21.41 8.33
C LEU F 64 29.44 20.25 7.69
N ALA F 65 29.40 20.17 6.36
CA ALA F 65 30.14 19.17 5.62
C ALA F 65 31.65 19.22 5.95
N GLY F 66 32.20 20.43 6.01
CA GLY F 66 33.62 20.62 6.32
C GLY F 66 34.03 20.09 7.69
N LEU F 67 33.11 20.11 8.64
CA LEU F 67 33.39 19.64 10.00
C LEU F 67 33.71 18.15 10.08
N GLU F 68 33.26 17.37 9.09
CA GLU F 68 33.57 15.94 9.06
C GLU F 68 34.32 15.61 7.78
N ARG F 69 34.84 16.65 7.13
CA ARG F 69 35.59 16.50 5.89
C ARG F 69 34.77 15.73 4.85
N ALA F 70 33.48 16.06 4.74
CA ALA F 70 32.57 15.37 3.86
C ALA F 70 32.25 16.26 2.65
N PRO F 71 32.00 15.64 1.49
CA PRO F 71 31.66 16.46 0.31
C PRO F 71 30.29 17.13 0.39
N PHE F 72 29.32 16.54 1.10
CA PHE F 72 27.95 17.04 1.06
C PHE F 72 27.31 17.22 2.43
N ALA F 73 26.38 18.18 2.50
CA ALA F 73 25.48 18.31 3.62
C ALA F 73 24.16 18.90 3.15
N THR F 74 23.08 18.50 3.78
CA THR F 74 21.78 19.04 3.48
C THR F 74 21.10 19.42 4.79
N VAL F 75 20.64 20.67 4.88
CA VAL F 75 19.92 21.13 6.08
C VAL F 75 18.42 21.19 5.89
N PHE F 76 17.72 21.11 7.01
CA PHE F 76 16.28 20.93 7.07
C PHE F 76 15.69 21.82 8.14
N SER F 77 14.38 22.00 8.08
CA SER F 77 13.72 22.85 9.07
C SER F 77 13.64 22.26 10.49
N SER F 78 14.08 21.02 10.66
CA SER F 78 14.21 20.40 11.99
C SER F 78 14.97 19.08 11.90
N GLY F 79 15.39 18.55 13.04
CA GLY F 79 16.01 17.24 13.09
C GLY F 79 15.09 16.15 12.56
N GLN F 80 13.83 16.18 13.01
CA GLN F 80 12.81 15.23 12.54
C GLN F 80 12.70 15.21 11.02
N ALA F 81 12.84 16.39 10.40
CA ALA F 81 12.75 16.46 8.94
C ALA F 81 13.94 15.78 8.27
N ALA F 82 15.13 15.96 8.84
CA ALA F 82 16.33 15.30 8.34
C ALA F 82 16.14 13.78 8.44
N ALA F 83 15.65 13.35 9.59
CA ALA F 83 15.33 11.95 9.82
C ALA F 83 14.28 11.43 8.83
N ALA F 84 13.20 12.20 8.66
CA ALA F 84 12.09 11.78 7.78
C ALA F 84 12.60 11.59 6.36
N THR F 85 13.50 12.46 5.95
CA THR F 85 14.07 12.42 4.62
C THR F 85 14.85 11.13 4.37
N LEU F 86 15.70 10.75 5.33
CA LEU F 86 16.50 9.52 5.15
C LEU F 86 15.60 8.29 5.11
N LEU F 87 14.61 8.25 5.98
CA LEU F 87 13.71 7.12 6.07
C LEU F 87 12.84 6.95 4.83
N SER F 88 12.54 8.05 4.15
CA SER F 88 11.67 7.99 2.98
C SER F 88 12.30 7.14 1.86
N LEU F 89 13.63 7.07 1.88
CA LEU F 89 14.40 6.37 0.86
C LEU F 89 14.30 4.86 1.01
N VAL F 90 13.89 4.40 2.18
CA VAL F 90 13.69 2.97 2.40
C VAL F 90 12.43 2.52 1.68
N ARG F 91 12.57 1.54 0.78
CA ARG F 91 11.50 1.15 -0.15
C ARG F 91 10.56 0.12 0.46
N PRO F 92 9.45 -0.20 -0.25
CA PRO F 92 8.57 -1.32 0.14
C PRO F 92 9.24 -2.69 0.25
N GLY F 93 8.97 -3.34 1.37
CA GLY F 93 9.49 -4.68 1.62
C GLY F 93 10.81 -4.61 2.37
N GLN F 94 11.50 -3.48 2.22
CA GLN F 94 12.82 -3.31 2.82
C GLN F 94 12.76 -3.21 4.33
N CYS F 95 13.94 -3.16 4.94
CA CYS F 95 14.05 -3.45 6.36
C CYS F 95 15.04 -2.53 7.08
N VAL F 96 14.55 -1.85 8.12
CA VAL F 96 15.40 -1.05 8.98
C VAL F 96 15.53 -1.73 10.34
N VAL F 97 16.76 -1.94 10.79
CA VAL F 97 17.03 -2.40 12.14
C VAL F 97 17.63 -1.27 12.96
N SER F 98 17.16 -1.08 14.19
CA SER F 98 17.71 -0.02 15.01
C SER F 98 17.87 -0.30 16.50
N THR F 99 18.75 0.49 17.11
CA THR F 99 18.79 0.68 18.55
C THR F 99 17.34 0.77 19.01
N ASP F 100 16.99 0.01 20.02
CA ASP F 100 15.68 0.14 20.64
C ASP F 100 15.60 1.38 21.55
N ASP F 101 16.75 1.95 21.94
CA ASP F 101 16.75 3.05 22.90
C ASP F 101 16.38 4.38 22.25
N VAL F 102 15.82 4.35 21.05
CA VAL F 102 15.78 5.52 20.17
C VAL F 102 14.92 6.73 20.61
N TYR F 103 15.28 7.92 20.12
CA TYR F 103 14.48 9.14 20.32
C TYR F 103 13.04 8.91 19.88
N ALA F 104 12.08 9.28 20.72
CA ALA F 104 10.68 8.98 20.41
C ALA F 104 10.25 9.60 19.08
N GLY F 105 10.79 10.78 18.76
CA GLY F 105 10.53 11.40 17.48
C GLY F 105 11.03 10.51 16.35
N THR F 106 12.15 9.84 16.62
CA THR F 106 12.75 8.91 15.66
C THR F 106 11.88 7.67 15.41
N ASP F 107 11.16 7.19 16.42
CA ASP F 107 10.36 5.97 16.25
C ASP F 107 8.98 6.23 15.63
N GLY F 108 8.52 7.48 15.68
CA GLY F 108 7.26 7.85 15.06
C GLY F 108 7.40 7.74 13.55
N LEU F 109 8.56 8.16 13.07
CA LEU F 109 8.97 7.98 11.69
C LEU F 109 9.15 6.49 11.36
N PHE F 110 9.80 5.74 12.25
CA PHE F 110 9.83 4.27 12.15
C PHE F 110 8.39 3.78 11.99
N ASP F 111 7.52 4.29 12.86
CA ASP F 111 6.10 3.91 12.87
C ASP F 111 5.48 4.22 11.52
N LEU F 112 5.70 5.45 11.05
CA LEU F 112 5.20 5.88 9.75
C LEU F 112 5.73 5.02 8.59
N ALA F 113 7.03 4.70 8.62
CA ALA F 113 7.65 3.93 7.54
C ALA F 113 7.05 2.53 7.37
N ALA F 114 6.66 1.91 8.48
CA ALA F 114 6.06 0.58 8.44
C ALA F 114 4.72 0.64 7.74
N ARG F 115 4.05 1.79 7.86
CA ARG F 115 2.68 1.95 7.40
C ARG F 115 2.58 1.77 5.90
N GLN F 116 3.70 1.96 5.21
CA GLN F 116 3.62 1.92 3.76
C GLN F 116 4.31 0.78 3.01
N GLY F 117 5.35 0.17 3.60
CA GLY F 117 5.98 -1.00 3.00
C GLY F 117 7.29 -1.46 3.63
N VAL F 118 7.75 -0.74 4.65
CA VAL F 118 9.04 -0.98 5.31
C VAL F 118 8.94 -1.84 6.59
N ARG F 119 9.87 -2.78 6.77
CA ARG F 119 9.90 -3.58 8.00
C ARG F 119 10.83 -2.96 9.04
N VAL F 120 10.37 -2.97 10.29
CA VAL F 120 11.12 -2.38 11.39
C VAL F 120 11.55 -3.44 12.39
N ARG F 121 12.83 -3.84 12.34
CA ARG F 121 13.37 -4.82 13.29
C ARG F 121 14.17 -4.16 14.42
N TYR F 122 13.84 -4.48 15.65
CA TYR F 122 14.50 -3.86 16.81
C TYR F 122 15.36 -4.86 17.57
N ALA F 123 16.65 -4.92 17.24
CA ALA F 123 17.58 -5.81 17.94
C ALA F 123 18.61 -5.12 18.83
N ASP F 124 19.46 -5.94 19.44
CA ASP F 124 20.49 -5.48 20.36
C ASP F 124 21.83 -5.44 19.64
N LEU F 125 22.45 -4.26 19.63
CA LEU F 125 23.65 -3.99 18.85
C LEU F 125 24.95 -3.91 19.65
N THR F 126 24.88 -3.90 20.98
CA THR F 126 26.13 -3.74 21.72
C THR F 126 26.73 -5.09 22.06
N THR F 127 26.22 -6.14 21.42
CA THR F 127 26.78 -7.48 21.52
C THR F 127 26.95 -8.09 20.14
N PRO F 128 28.09 -8.78 19.90
CA PRO F 128 28.41 -9.36 18.59
C PRO F 128 27.37 -10.36 18.10
N GLU F 129 26.92 -11.25 18.99
CA GLU F 129 25.90 -12.23 18.65
C GLU F 129 24.64 -11.48 18.23
N GLY F 130 24.29 -10.46 19.03
CA GLY F 130 23.09 -9.70 18.81
C GLY F 130 23.17 -8.86 17.55
N ILE F 131 24.31 -8.21 17.37
CA ILE F 131 24.60 -7.48 16.14
C ILE F 131 24.29 -8.39 14.96
N ALA F 132 24.85 -9.58 14.99
CA ALA F 132 24.66 -10.59 13.96
C ALA F 132 23.19 -10.96 13.82
N ALA F 133 22.55 -11.22 14.95
CA ALA F 133 21.16 -11.66 14.96
C ALA F 133 20.29 -10.59 14.32
N ALA F 134 20.75 -9.35 14.37
CA ALA F 134 20.07 -8.23 13.74
C ALA F 134 20.39 -8.18 12.26
N LEU F 135 21.64 -7.79 11.96
CA LEU F 135 22.05 -7.45 10.60
C LEU F 135 21.83 -8.59 9.60
N ALA F 136 21.51 -9.77 10.12
CA ALA F 136 21.27 -10.94 9.28
C ALA F 136 19.95 -10.81 8.52
N GLU F 137 19.18 -9.78 8.83
CA GLU F 137 17.89 -9.57 8.16
C GLU F 137 18.02 -9.46 6.65
N PRO F 138 17.32 -10.34 5.92
CA PRO F 138 17.14 -10.15 4.49
C PRO F 138 16.46 -8.81 4.26
N ASP F 139 16.89 -8.11 3.21
CA ASP F 139 16.33 -6.81 2.83
C ASP F 139 16.64 -5.71 3.84
N LEU F 140 17.66 -5.95 4.65
CA LEU F 140 18.23 -4.92 5.52
C LEU F 140 18.72 -3.75 4.67
N ALA F 141 18.03 -2.61 4.73
CA ALA F 141 18.40 -1.48 3.89
C ALA F 141 19.10 -0.36 4.64
N LEU F 142 18.83 -0.26 5.93
CA LEU F 142 19.33 0.85 6.73
C LEU F 142 19.52 0.42 8.19
N VAL F 143 20.69 0.74 8.74
CA VAL F 143 20.95 0.50 10.15
C VAL F 143 21.04 1.85 10.87
N TRP F 144 20.13 2.03 11.82
CA TRP F 144 19.96 3.30 12.51
C TRP F 144 20.59 3.16 13.89
N ILE F 145 21.67 3.91 14.11
CA ILE F 145 22.40 3.86 15.35
C ILE F 145 22.27 5.20 16.01
N GLU F 146 21.86 5.22 17.28
CA GLU F 146 21.89 6.47 18.00
C GLU F 146 22.79 6.31 19.21
N THR F 147 23.97 6.91 19.17
CA THR F 147 24.95 6.74 20.23
C THR F 147 25.67 8.04 20.57
N PRO F 148 25.83 8.34 21.88
CA PRO F 148 25.30 7.62 23.04
C PRO F 148 23.78 7.64 23.07
N THR F 149 23.16 6.61 23.66
CA THR F 149 21.72 6.50 23.68
C THR F 149 21.08 7.27 24.83
N ASN F 150 19.77 7.13 24.95
CA ASN F 150 19.03 7.90 25.94
C ASN F 150 17.92 7.09 26.59
N PRO F 151 17.62 7.37 27.87
CA PRO F 151 18.41 8.28 28.72
C PRO F 151 19.53 7.55 29.47
N LEU F 152 19.95 6.38 29.01
CA LEU F 152 20.93 5.61 29.76
C LEU F 152 22.38 5.90 29.37
N LEU F 153 22.58 6.64 28.29
CA LEU F 153 23.90 7.07 27.85
C LEU F 153 24.84 5.89 27.52
N THR F 154 24.26 4.82 27.01
CA THR F 154 25.02 3.63 26.65
C THR F 154 25.46 3.74 25.20
N VAL F 155 26.41 2.89 24.82
CA VAL F 155 27.17 3.14 23.60
C VAL F 155 27.11 2.00 22.59
N VAL F 156 27.02 2.37 21.31
CA VAL F 156 27.11 1.41 20.23
C VAL F 156 28.40 1.66 19.46
N ASP F 157 29.10 0.59 19.11
CA ASP F 157 30.38 0.67 18.40
C ASP F 157 30.11 0.91 16.92
N VAL F 158 30.27 2.16 16.49
CA VAL F 158 29.95 2.55 15.13
C VAL F 158 30.76 1.79 14.05
N ALA F 159 32.07 1.70 14.26
CA ALA F 159 32.95 1.04 13.29
C ALA F 159 32.59 -0.44 13.07
N GLU F 160 32.31 -1.17 14.15
CA GLU F 160 31.98 -2.58 14.04
C GLU F 160 30.62 -2.80 13.37
N VAL F 161 29.59 -2.13 13.89
CA VAL F 161 28.27 -2.21 13.30
C VAL F 161 28.33 -1.81 11.83
N SER F 162 29.07 -0.74 11.53
CA SER F 162 29.20 -0.31 10.13
C SER F 162 29.84 -1.39 9.27
N ARG F 163 30.94 -1.98 9.75
CA ARG F 163 31.61 -3.05 9.02
C ARG F 163 30.63 -4.15 8.61
N ARG F 164 29.92 -4.70 9.59
CA ARG F 164 29.04 -5.84 9.34
C ARG F 164 27.81 -5.42 8.51
N ALA F 165 27.34 -4.20 8.73
CA ALA F 165 26.18 -3.72 7.98
C ALA F 165 26.49 -3.64 6.49
N HIS F 166 27.69 -3.15 6.17
CA HIS F 166 28.12 -2.99 4.78
C HIS F 166 28.31 -4.32 4.06
N GLU F 167 28.80 -5.31 4.79
CA GLU F 167 28.95 -6.63 4.21
C GLU F 167 27.57 -7.29 4.08
N ARG F 168 26.54 -6.56 4.51
CA ARG F 168 25.16 -6.95 4.27
C ARG F 168 24.51 -5.96 3.31
N GLY F 169 25.26 -4.91 2.97
CA GLY F 169 24.88 -3.97 1.93
C GLY F 169 24.16 -2.71 2.39
N ALA F 170 24.09 -2.51 3.70
CA ALA F 170 23.19 -1.50 4.26
C ALA F 170 23.85 -0.14 4.46
N ARG F 171 23.02 0.90 4.35
CA ARG F 171 23.42 2.22 4.75
C ARG F 171 23.43 2.22 6.26
N VAL F 172 24.42 2.91 6.84
CA VAL F 172 24.48 3.11 8.29
C VAL F 172 24.40 4.60 8.62
N VAL F 173 23.32 4.99 9.28
CA VAL F 173 23.22 6.34 9.79
C VAL F 173 23.50 6.35 11.28
N VAL F 174 24.24 7.35 11.72
CA VAL F 174 24.36 7.65 13.13
C VAL F 174 23.66 8.96 13.46
N ASP F 175 22.75 8.94 14.42
CA ASP F 175 22.20 10.19 14.95
C ASP F 175 23.23 10.71 15.93
N ASN F 176 23.95 11.76 15.53
CA ASN F 176 25.13 12.21 16.25
C ASN F 176 24.87 13.46 17.07
N THR F 177 23.59 13.76 17.30
CA THR F 177 23.15 15.02 17.91
C THR F 177 23.69 15.25 19.33
N PHE F 178 23.55 14.25 20.19
CA PHE F 178 24.08 14.28 21.56
C PHE F 178 25.59 14.60 21.55
N ALA F 179 26.35 13.87 20.75
CA ALA F 179 27.81 14.02 20.77
C ALA F 179 28.34 15.28 20.07
N SER F 180 27.74 15.65 18.93
CA SER F 180 28.24 16.70 18.01
C SER F 180 29.53 16.28 17.29
N PRO F 181 29.81 16.90 16.12
CA PRO F 181 31.06 16.61 15.38
C PRO F 181 32.33 16.96 16.15
N VAL F 182 32.23 17.75 17.21
CA VAL F 182 33.37 18.03 18.08
C VAL F 182 33.85 16.76 18.79
N LEU F 183 32.91 15.91 19.18
CA LEU F 183 33.26 14.75 20.00
C LEU F 183 33.24 13.39 19.25
N GLN F 184 32.47 13.29 18.16
CA GLN F 184 32.29 12.03 17.47
C GLN F 184 32.18 12.26 15.96
N GLN F 185 32.92 11.47 15.19
CA GLN F 185 32.98 11.61 13.74
C GLN F 185 32.51 10.32 13.05
N PRO F 186 31.18 10.13 12.93
CA PRO F 186 30.60 8.89 12.40
C PRO F 186 31.13 8.48 11.02
N LEU F 187 31.32 9.46 10.13
CA LEU F 187 31.81 9.14 8.79
C LEU F 187 33.21 8.54 8.85
N ALA F 188 34.09 9.14 9.66
CA ALA F 188 35.44 8.58 9.84
C ALA F 188 35.38 7.19 10.48
N LEU F 189 34.39 6.97 11.34
CA LEU F 189 34.18 5.68 11.98
C LEU F 189 33.55 4.62 11.05
N GLY F 190 33.40 4.93 9.77
CA GLY F 190 32.89 3.95 8.83
C GLY F 190 31.41 4.02 8.44
N ALA F 191 30.66 4.93 9.05
CA ALA F 191 29.23 5.07 8.73
C ALA F 191 29.00 5.87 7.44
N ASP F 192 27.76 5.83 6.94
CA ASP F 192 27.41 6.46 5.66
C ASP F 192 26.84 7.87 5.79
N VAL F 193 26.08 8.09 6.86
CA VAL F 193 25.40 9.35 7.10
C VAL F 193 25.60 9.73 8.56
N SER F 194 25.82 11.02 8.81
CA SER F 194 25.69 11.60 10.14
C SER F 194 24.44 12.48 10.19
N LEU F 195 23.52 12.13 11.09
CA LEU F 195 22.25 12.84 11.20
C LEU F 195 22.27 13.76 12.41
N TYR F 196 21.78 14.99 12.25
CA TYR F 196 21.73 15.96 13.34
C TYR F 196 20.42 16.68 13.43
N SER F 197 19.97 16.89 14.65
CA SER F 197 19.13 18.04 14.96
C SER F 197 20.07 19.18 15.33
N THR F 198 20.05 20.26 14.54
CA THR F 198 20.89 21.41 14.86
C THR F 198 20.21 22.29 15.92
N THR F 199 18.97 21.95 16.26
CA THR F 199 18.29 22.56 17.40
C THR F 199 19.11 22.51 18.67
N1 LLP F 200 17.45 13.09 17.55
C2 LLP F 200 17.96 13.48 18.71
C2' LLP F 200 19.08 12.65 19.40
C3 LLP F 200 17.49 14.67 19.32
O3 LLP F 200 18.06 15.05 20.54
C4 LLP F 200 16.48 15.43 18.71
C4' LLP F 200 15.95 16.80 19.41
C5 LLP F 200 15.96 15.02 17.51
C6 LLP F 200 16.44 13.84 16.92
C5' LLP F 200 14.81 15.80 16.78
OP4 LLP F 200 15.23 17.01 16.19
P LLP F 200 14.27 18.24 16.16
OP1 LLP F 200 15.14 19.43 15.72
OP2 LLP F 200 13.20 17.99 15.15
OP3 LLP F 200 13.63 18.43 17.48
N LLP F 200 19.92 21.46 18.80
CA LLP F 200 20.61 21.19 20.07
CB LLP F 200 20.79 19.70 20.25
CG LLP F 200 19.46 18.99 19.91
CD LLP F 200 18.35 19.18 20.96
CE LLP F 200 16.98 18.74 20.39
NZ LLP F 200 16.84 17.26 20.42
C LLP F 200 21.88 21.98 20.12
O LLP F 200 21.83 23.20 19.96
N SER F 201 23.02 21.34 20.33
CA SER F 201 24.26 22.09 20.57
C SER F 201 24.89 22.73 19.33
N ILE F 202 24.53 22.29 18.13
CA ILE F 202 25.15 22.88 16.94
C ILE F 202 24.83 24.39 16.87
N ALA F 203 23.54 24.74 16.86
CA ALA F 203 23.13 26.13 17.00
C ALA F 203 23.37 26.61 18.43
N GLY F 204 23.01 25.77 19.40
CA GLY F 204 23.48 25.92 20.76
C GLY F 204 22.89 27.00 21.66
N HIS F 205 21.97 27.82 21.15
CA HIS F 205 21.40 28.91 21.94
C HIS F 205 19.90 28.77 22.19
N ALA F 206 19.34 27.61 21.88
CA ALA F 206 17.94 27.32 22.16
C ALA F 206 16.98 28.34 21.55
N ASP F 207 17.31 28.84 20.35
CA ASP F 207 16.48 29.86 19.73
C ASP F 207 16.23 29.63 18.22
N VAL F 208 16.39 28.38 17.79
CA VAL F 208 16.09 28.00 16.41
C VAL F 208 15.98 26.48 16.27
N LEU F 209 14.98 26.03 15.52
CA LEU F 209 14.90 24.62 15.16
C LEU F 209 15.68 24.37 13.86
N GLY F 210 16.31 23.20 13.75
CA GLY F 210 16.93 22.84 12.49
C GLY F 210 17.44 21.40 12.48
N GLY F 211 17.70 20.87 11.28
CA GLY F 211 18.22 19.52 11.12
C GLY F 211 19.29 19.48 10.02
N ALA F 212 20.09 18.41 10.01
CA ALA F 212 21.14 18.25 9.01
C ALA F 212 21.43 16.79 8.71
N LEU F 213 21.78 16.51 7.46
CA LEU F 213 22.36 15.24 7.05
C LEU F 213 23.72 15.55 6.45
N VAL F 214 24.75 14.83 6.89
CA VAL F 214 26.10 14.97 6.38
C VAL F 214 26.54 13.57 5.89
N TYR F 215 27.15 13.52 4.70
CA TYR F 215 27.33 12.25 4.01
C TYR F 215 28.28 12.45 2.82
N ARG F 216 28.54 11.38 2.08
CA ARG F 216 29.45 11.45 0.94
C ARG F 216 28.82 11.04 -0.40
N ASP F 217 28.06 9.94 -0.39
CA ASP F 217 27.52 9.33 -1.61
C ASP F 217 26.74 10.33 -2.48
N ALA F 218 27.15 10.44 -3.74
CA ALA F 218 26.53 11.40 -4.66
C ALA F 218 25.12 11.00 -5.04
N ASP F 219 24.86 9.69 -5.11
CA ASP F 219 23.51 9.21 -5.43
C ASP F 219 22.57 9.52 -4.28
N LEU F 220 23.04 9.31 -3.06
CA LEU F 220 22.27 9.67 -1.87
C LEU F 220 21.97 11.18 -1.86
N HIS F 221 22.99 11.99 -2.16
CA HIS F 221 22.85 13.44 -2.23
C HIS F 221 21.74 13.87 -3.18
N ALA F 222 21.68 13.24 -4.35
CA ALA F 222 20.65 13.55 -5.34
C ALA F 222 19.27 13.21 -4.81
N ALA F 223 19.12 12.02 -4.24
CA ALA F 223 17.84 11.59 -3.69
C ALA F 223 17.41 12.48 -2.53
N VAL F 224 18.36 12.84 -1.66
CA VAL F 224 18.06 13.68 -0.50
C VAL F 224 17.56 15.08 -0.93
N ARG F 225 18.20 15.64 -1.95
CA ARG F 225 17.81 16.96 -2.45
C ARG F 225 16.49 16.93 -3.22
N ALA F 226 16.27 15.88 -4.01
CA ALA F 226 14.99 15.75 -4.69
C ALA F 226 13.85 15.66 -3.66
N TYR F 227 14.07 14.94 -2.58
CA TYR F 227 13.05 14.81 -1.56
C TYR F 227 12.78 16.14 -0.82
N ARG F 228 13.84 16.87 -0.48
CA ARG F 228 13.66 18.10 0.27
C ARG F 228 12.91 19.17 -0.54
N THR F 229 13.18 19.23 -1.84
CA THR F 229 12.52 20.22 -2.67
C THR F 229 11.04 19.85 -2.82
N THR F 230 10.76 18.55 -2.89
CA THR F 230 9.42 18.08 -3.15
C THR F 230 8.56 18.12 -1.88
N ALA F 231 9.10 17.62 -0.77
CA ALA F 231 8.43 17.65 0.52
C ALA F 231 8.44 19.07 1.11
N GLY F 232 9.42 19.87 0.71
CA GLY F 232 9.48 21.26 1.14
C GLY F 232 9.83 21.45 2.59
N ASN F 233 10.59 20.52 3.15
CA ASN F 233 10.95 20.63 4.55
C ASN F 233 12.24 21.43 4.72
N VAL F 234 12.26 22.64 4.14
CA VAL F 234 13.45 23.50 4.09
C VAL F 234 13.45 24.56 5.18
N PRO F 235 14.63 24.83 5.77
CA PRO F 235 14.77 25.82 6.85
C PRO F 235 14.86 27.24 6.31
N GLY F 236 14.19 28.18 7.00
CA GLY F 236 14.26 29.57 6.63
C GLY F 236 15.67 30.13 6.53
N ALA F 237 15.83 31.20 5.77
CA ALA F 237 17.14 31.85 5.59
C ALA F 237 17.68 32.44 6.88
N LEU F 238 16.82 33.13 7.63
CA LEU F 238 17.21 33.74 8.89
C LEU F 238 17.65 32.69 9.91
N ASP F 239 16.97 31.55 9.93
CA ASP F 239 17.31 30.46 10.84
C ASP F 239 18.66 29.81 10.54
N CYS F 240 18.97 29.62 9.27
CA CYS F 240 20.28 29.11 8.89
C CYS F 240 21.36 30.06 9.40
N PHE F 241 21.11 31.36 9.26
CA PHE F 241 21.97 32.38 9.86
C PHE F 241 22.16 32.17 11.37
N LEU F 242 21.07 31.97 12.09
CA LEU F 242 21.17 31.74 13.55
C LEU F 242 21.91 30.44 13.86
N VAL F 243 21.71 29.39 13.06
CA VAL F 243 22.43 28.14 13.27
C VAL F 243 23.91 28.36 12.98
N ARG F 244 24.20 28.99 11.85
CA ARG F 244 25.58 29.28 11.45
C ARG F 244 26.28 30.15 12.49
N ARG F 245 25.52 31.07 13.09
CA ARG F 245 26.11 32.01 14.04
C ARG F 245 26.48 31.26 15.33
N GLY F 246 25.58 30.38 15.79
CA GLY F 246 25.86 29.58 16.97
C GLY F 246 27.05 28.67 16.73
N LEU F 247 27.20 28.24 15.48
CA LEU F 247 28.23 27.27 15.12
C LEU F 247 29.63 27.73 15.44
N HIS F 248 29.88 29.03 15.33
CA HIS F 248 31.23 29.57 15.54
C HIS F 248 31.80 29.10 16.88
N THR F 249 30.94 29.09 17.90
CA THR F 249 31.37 28.78 19.25
C THR F 249 31.13 27.31 19.65
N LEU F 250 30.79 26.44 18.69
CA LEU F 250 30.51 25.04 19.03
C LEU F 250 31.60 24.31 19.86
N SER F 251 32.87 24.44 19.47
CA SER F 251 33.91 23.72 20.21
C SER F 251 34.05 24.28 21.62
N LEU F 252 34.16 25.61 21.72
CA LEU F 252 34.25 26.29 23.03
C LEU F 252 33.12 25.86 23.95
N ARG F 253 31.90 25.88 23.43
CA ARG F 253 30.74 25.47 24.21
C ARG F 253 30.80 24.00 24.67
N VAL F 254 30.97 23.08 23.75
CA VAL F 254 30.99 21.66 24.11
C VAL F 254 32.15 21.39 25.08
N HIS F 255 33.28 22.07 24.88
CA HIS F 255 34.38 22.03 25.84
C HIS F 255 33.95 22.32 27.29
N ARG F 256 33.38 23.50 27.52
CA ARG F 256 32.93 23.89 28.86
C ARG F 256 31.84 22.95 29.35
N GLN F 257 30.97 22.54 28.43
CA GLN F 257 29.92 21.59 28.76
C GLN F 257 30.50 20.32 29.36
N VAL F 258 31.52 19.75 28.72
CA VAL F 258 32.11 18.48 29.19
C VAL F 258 32.81 18.63 30.56
N ALA F 259 33.60 19.68 30.69
CA ALA F 259 34.33 19.92 31.94
C ALA F 259 33.36 20.00 33.12
N THR F 260 32.28 20.75 32.95
CA THR F 260 31.32 20.94 34.02
C THR F 260 30.59 19.64 34.34
N ALA F 261 30.29 18.86 33.31
CA ALA F 261 29.68 17.54 33.50
C ALA F 261 30.53 16.64 34.39
N ARG F 262 31.84 16.63 34.16
CA ARG F 262 32.75 15.82 34.99
C ARG F 262 32.67 16.28 36.45
N VAL F 263 32.66 17.59 36.68
CA VAL F 263 32.50 18.10 38.04
C VAL F 263 31.15 17.68 38.63
N LEU F 264 30.08 17.76 37.84
CA LEU F 264 28.77 17.31 38.31
C LEU F 264 28.71 15.81 38.68
N VAL F 265 29.27 14.97 37.82
CA VAL F 265 29.32 13.53 38.06
C VAL F 265 29.99 13.20 39.40
N GLU F 266 31.12 13.86 39.63
CA GLU F 266 31.87 13.78 40.88
C GLU F 266 30.95 14.19 42.04
N ARG F 267 30.20 15.26 41.86
CA ARG F 267 29.25 15.72 42.88
C ARG F 267 28.12 14.70 43.16
N LEU F 268 27.61 14.08 42.10
CA LEU F 268 26.53 13.09 42.24
C LEU F 268 26.98 11.84 42.97
N ARG F 269 28.19 11.39 42.64
CA ARG F 269 28.71 10.13 43.17
C ARG F 269 28.78 10.15 44.69
N ALA F 270 28.98 11.33 45.25
CA ALA F 270 29.17 11.48 46.69
C ALA F 270 27.87 11.80 47.42
N SER F 271 26.80 12.07 46.69
CA SER F 271 25.51 12.35 47.33
C SER F 271 24.82 11.07 47.81
N PRO F 272 24.43 11.04 49.09
CA PRO F 272 23.72 9.85 49.61
C PRO F 272 22.31 9.68 49.06
N VAL F 273 21.81 10.62 48.26
CA VAL F 273 20.49 10.45 47.67
C VAL F 273 20.57 10.21 46.17
N VAL F 274 21.69 9.64 45.74
CA VAL F 274 21.88 9.27 44.35
C VAL F 274 22.30 7.81 44.25
N GLY F 275 21.71 7.08 43.32
CA GLY F 275 22.07 5.68 43.11
C GLY F 275 23.01 5.56 41.93
N ALA F 276 22.60 4.77 40.93
CA ALA F 276 23.34 4.65 39.69
C ALA F 276 23.63 6.02 39.10
N VAL F 277 24.82 6.18 38.56
CA VAL F 277 25.16 7.38 37.82
C VAL F 277 25.63 6.97 36.42
N HIS F 278 25.00 7.56 35.41
CA HIS F 278 25.29 7.19 34.03
C HIS F 278 26.08 8.29 33.33
N TYR F 279 27.30 7.96 32.91
CA TYR F 279 28.14 8.90 32.17
C TYR F 279 29.19 8.12 31.38
N PRO F 280 29.23 8.32 30.06
CA PRO F 280 30.08 7.54 29.15
C PRO F 280 31.56 7.58 29.52
N GLY F 281 31.94 8.55 30.36
CA GLY F 281 33.33 8.73 30.73
C GLY F 281 33.78 7.91 31.92
N LEU F 282 32.84 7.43 32.73
CA LEU F 282 33.16 6.57 33.88
C LEU F 282 33.64 5.19 33.40
N PRO F 283 34.57 4.55 34.14
CA PRO F 283 35.11 3.25 33.73
C PRO F 283 34.19 2.07 34.04
N GLU F 284 33.26 2.26 34.96
CA GLU F 284 32.25 1.22 35.21
C GLU F 284 31.18 1.26 34.14
N HIS F 285 31.31 2.17 33.18
CA HIS F 285 30.34 2.23 32.11
C HIS F 285 30.40 0.95 31.29
N PRO F 286 29.22 0.37 30.98
CA PRO F 286 28.98 -0.85 30.20
C PRO F 286 29.95 -1.06 29.03
N GLN F 287 30.28 0.00 28.29
CA GLN F 287 31.03 -0.15 27.06
C GLN F 287 32.25 0.77 26.95
N HIS F 288 33.04 0.91 28.02
CA HIS F 288 34.06 1.98 27.96
C HIS F 288 35.18 1.88 26.92
N ALA F 289 35.60 0.67 26.58
CA ALA F 289 36.56 0.51 25.49
C ALA F 289 36.05 1.26 24.25
N VAL F 290 34.74 1.23 24.04
CA VAL F 290 34.14 1.82 22.85
C VAL F 290 34.06 3.35 22.91
N VAL F 291 33.63 3.89 24.06
CA VAL F 291 33.59 5.33 24.27
C VAL F 291 34.94 5.97 23.95
N LYS F 292 35.99 5.40 24.53
CA LYS F 292 37.35 5.91 24.37
C LYS F 292 37.76 5.94 22.89
N ALA F 293 37.39 4.89 22.16
CA ALA F 293 37.80 4.76 20.76
C ALA F 293 37.04 5.69 19.84
N GLN F 294 35.77 5.93 20.12
CA GLN F 294 34.95 6.65 19.16
C GLN F 294 34.51 8.06 19.60
N MSE F 295 34.68 8.38 20.88
CA MSE F 295 34.40 9.73 21.37
C MSE F 295 35.68 10.44 21.85
O MSE F 295 36.40 9.93 22.71
CB MSE F 295 33.36 9.69 22.51
CG MSE F 295 32.16 8.81 22.21
SE MSE F 295 30.85 8.89 23.64
CE MSE F 295 30.11 7.15 23.55
N SER F 296 35.95 11.64 21.32
CA SER F 296 37.12 12.40 21.76
C SER F 296 36.97 12.86 23.21
N ALA F 297 35.72 12.99 23.67
CA ALA F 297 35.41 13.33 25.06
C ALA F 297 33.98 12.85 25.36
N PRO F 298 33.67 12.62 26.65
CA PRO F 298 32.47 11.86 27.02
C PRO F 298 31.12 12.60 27.01
N GLY F 299 31.08 13.87 26.61
CA GLY F 299 29.80 14.53 26.42
C GLY F 299 29.29 15.36 27.57
N ALA F 300 28.15 16.02 27.36
CA ALA F 300 27.62 17.01 28.29
C ALA F 300 26.30 16.56 28.93
N ILE F 301 25.99 15.29 28.79
CA ILE F 301 24.74 14.75 29.31
C ILE F 301 25.04 13.76 30.43
N VAL F 302 24.31 13.89 31.53
CA VAL F 302 24.48 13.01 32.69
C VAL F 302 23.10 12.58 33.13
N SER F 303 22.95 11.31 33.49
CA SER F 303 21.70 10.89 34.08
C SER F 303 21.98 10.12 35.36
N PHE F 304 21.08 10.20 36.33
CA PHE F 304 21.32 9.55 37.61
C PHE F 304 20.02 9.14 38.26
N ASP F 305 20.10 8.12 39.10
CA ASP F 305 18.95 7.61 39.84
C ASP F 305 18.79 8.32 41.17
N TYR F 306 17.84 9.24 41.24
CA TYR F 306 17.55 9.90 42.51
C TYR F 306 16.78 8.96 43.46
N LEU F 307 17.21 8.91 44.72
CA LEU F 307 16.67 7.94 45.67
C LEU F 307 15.97 8.60 46.86
N GLY F 308 15.94 9.93 46.88
CA GLY F 308 15.44 10.63 48.06
C GLY F 308 14.00 11.11 47.97
N GLY F 309 13.21 10.50 47.09
CA GLY F 309 11.81 10.87 46.94
C GLY F 309 11.39 11.11 45.49
N PRO F 310 10.11 11.48 45.29
CA PRO F 310 9.53 11.69 43.95
C PRO F 310 10.31 12.70 43.14
N ALA F 311 10.50 12.39 41.86
CA ALA F 311 11.25 13.25 40.95
C ALA F 311 10.69 14.67 40.96
N GLU F 312 9.36 14.76 40.94
CA GLU F 312 8.70 16.05 40.81
C GLU F 312 9.07 16.99 41.95
N ARG F 313 9.35 16.42 43.11
CA ARG F 313 9.78 17.22 44.25
C ARG F 313 11.15 17.82 43.99
N LEU F 314 12.14 16.96 43.77
CA LEU F 314 13.53 17.37 43.51
C LEU F 314 13.60 18.45 42.44
N LEU F 315 12.91 18.20 41.33
CA LEU F 315 12.93 19.09 40.18
C LEU F 315 12.44 20.49 40.53
N ASP F 316 11.55 20.58 41.51
CA ASP F 316 11.02 21.85 41.96
C ASP F 316 12.04 22.69 42.73
N ARG F 317 13.10 22.04 43.21
CA ARG F 317 14.07 22.75 44.04
C ARG F 317 15.17 23.47 43.25
N PHE F 318 15.22 23.24 41.94
CA PHE F 318 16.28 23.85 41.11
C PHE F 318 16.01 25.33 40.90
N THR F 319 17.05 26.15 40.84
CA THR F 319 16.90 27.59 40.62
C THR F 319 17.83 28.09 39.52
N LEU F 320 18.86 27.32 39.23
CA LEU F 320 19.73 27.66 38.12
C LEU F 320 19.41 26.74 36.95
N PHE F 321 19.51 25.43 37.16
CA PHE F 321 19.02 24.46 36.18
C PHE F 321 17.59 24.80 35.76
N THR F 322 17.28 24.65 34.48
CA THR F 322 15.91 24.90 34.02
C THR F 322 15.14 23.61 33.83
N CYS F 323 13.95 23.53 34.41
CA CYS F 323 13.11 22.36 34.17
C CYS F 323 12.50 22.41 32.79
N GLY F 324 12.90 21.47 31.93
CA GLY F 324 12.32 21.40 30.61
C GLY F 324 13.02 20.41 29.72
N VAL F 325 12.31 19.93 28.71
CA VAL F 325 12.93 19.04 27.74
C VAL F 325 13.76 19.96 26.84
N SER F 326 14.40 19.37 25.84
CA SER F 326 15.46 19.98 25.03
C SER F 326 16.80 19.74 25.74
N LEU F 327 17.90 19.97 25.02
CA LEU F 327 19.22 19.79 25.58
C LEU F 327 20.24 20.49 24.70
N GLY F 328 21.50 20.41 25.10
CA GLY F 328 22.61 20.79 24.23
C GLY F 328 22.99 22.26 24.23
N GLY F 329 22.08 23.14 24.63
CA GLY F 329 22.32 24.56 24.55
C GLY F 329 23.15 25.20 25.66
N VAL F 330 23.05 26.53 25.75
CA VAL F 330 23.87 27.28 26.70
C VAL F 330 23.31 27.30 28.12
N HIS F 331 21.98 27.27 28.25
CA HIS F 331 21.34 27.12 29.55
C HIS F 331 21.37 25.63 29.91
N SER F 332 21.58 25.33 31.19
CA SER F 332 21.50 23.95 31.69
C SER F 332 20.02 23.56 31.89
N LEU F 333 19.68 22.33 31.49
CA LEU F 333 18.33 21.78 31.70
C LEU F 333 18.33 20.54 32.60
N VAL F 334 17.27 20.38 33.39
CA VAL F 334 17.05 19.17 34.15
C VAL F 334 15.69 18.56 33.77
N GLU F 335 15.68 17.26 33.53
CA GLU F 335 14.42 16.60 33.20
C GLU F 335 14.26 15.28 33.93
N CYS F 336 13.00 14.91 34.11
CA CYS F 336 12.69 13.53 34.44
C CYS F 336 11.94 12.94 33.25
N PRO F 337 12.61 12.05 32.52
CA PRO F 337 12.06 11.42 31.32
C PRO F 337 10.67 10.79 31.52
N ALA F 338 10.52 9.91 32.50
CA ALA F 338 9.23 9.27 32.76
C ALA F 338 8.18 10.30 33.18
N LEU F 339 8.64 11.38 33.80
CA LEU F 339 7.72 12.43 34.25
C LEU F 339 7.35 13.40 33.13
N MSE F 340 8.07 13.30 32.01
CA MSE F 340 8.02 14.34 30.99
C MSE F 340 8.27 13.77 29.58
O MSE F 340 7.45 13.94 28.67
CB MSE F 340 9.04 15.45 31.30
CG MSE F 340 8.96 16.05 32.73
SE MSE F 340 10.43 17.28 33.19
CE MSE F 340 9.42 18.70 33.99
N THR F 341 9.39 13.09 29.41
CA THR F 341 9.92 12.73 28.08
C THR F 341 9.68 11.27 27.65
N HIS F 342 9.40 10.38 28.61
CA HIS F 342 9.13 8.95 28.36
C HIS F 342 7.76 8.55 28.86
N ARG F 343 7.07 9.53 29.45
CA ARG F 343 5.67 9.38 29.87
C ARG F 343 4.73 8.61 28.91
N PRO F 344 4.85 8.82 27.57
CA PRO F 344 3.92 8.11 26.67
C PRO F 344 4.07 6.58 26.60
N LEU F 345 5.12 6.03 27.22
CA LEU F 345 5.27 4.59 27.33
C LEU F 345 4.41 4.08 28.47
N SER F 346 4.04 2.81 28.41
CA SER F 346 3.30 2.17 29.49
C SER F 346 4.33 1.67 30.50
N ALA F 347 4.04 1.86 31.79
CA ALA F 347 5.04 1.74 32.85
C ALA F 347 5.83 0.44 32.74
N GLU F 348 5.10 -0.64 32.47
CA GLU F 348 5.66 -1.96 32.25
C GLU F 348 6.84 -1.88 31.28
N ALA F 349 6.62 -1.23 30.15
CA ALA F 349 7.62 -1.09 29.09
C ALA F 349 8.74 -0.11 29.45
N ARG F 350 8.45 0.83 30.34
CA ARG F 350 9.44 1.77 30.82
C ARG F 350 10.55 1.05 31.58
N ALA F 351 10.14 0.15 32.46
CA ALA F 351 11.06 -0.67 33.20
C ALA F 351 11.56 -1.77 32.27
N ARG F 352 10.64 -2.32 31.47
CA ARG F 352 10.96 -3.37 30.48
C ARG F 352 12.02 -2.92 29.50
N ARG F 353 12.18 -1.60 29.36
CA ARG F 353 13.42 -1.03 28.87
C ARG F 353 14.32 -0.97 30.09
N GLY F 354 14.30 0.15 30.82
CA GLY F 354 14.99 0.24 32.09
C GLY F 354 14.98 1.64 32.71
N ILE F 355 13.92 2.40 32.43
CA ILE F 355 13.84 3.77 32.93
C ILE F 355 12.99 3.87 34.21
N GLY F 356 13.67 3.99 35.34
CA GLY F 356 13.00 4.14 36.63
C GLY F 356 12.20 5.42 36.76
N GLU F 357 11.27 5.42 37.70
CA GLU F 357 10.37 6.56 37.93
C GLU F 357 11.13 7.79 38.42
N SER F 358 12.35 7.60 38.91
CA SER F 358 13.16 8.73 39.37
C SER F 358 14.55 8.80 38.74
N LEU F 359 14.68 8.30 37.51
CA LEU F 359 15.87 8.63 36.74
C LEU F 359 15.81 10.12 36.34
N ILE F 360 16.89 10.84 36.62
CA ILE F 360 16.96 12.27 36.34
C ILE F 360 17.99 12.51 35.24
N ARG F 361 17.66 13.35 34.27
CA ARG F 361 18.61 13.69 33.20
C ARG F 361 19.08 15.14 33.26
N LEU F 362 20.39 15.34 33.31
CA LEU F 362 20.96 16.69 33.22
C LEU F 362 21.51 16.96 31.82
N SER F 363 21.20 18.12 31.26
CA SER F 363 21.92 18.60 30.08
C SER F 363 22.76 19.78 30.52
N VAL F 364 24.07 19.67 30.39
CA VAL F 364 24.95 20.67 30.98
C VAL F 364 25.16 21.87 30.06
N GLY F 365 24.94 23.08 30.59
CA GLY F 365 25.14 24.31 29.84
C GLY F 365 26.52 24.92 30.07
N ILE F 366 26.65 26.21 29.80
CA ILE F 366 27.93 26.89 29.96
C ILE F 366 27.96 27.89 31.14
N GLU F 367 27.04 27.73 32.09
CA GLU F 367 27.10 28.51 33.33
C GLU F 367 28.34 28.15 34.11
N ASP F 368 28.70 28.95 35.10
CA ASP F 368 29.87 28.63 35.91
C ASP F 368 29.66 27.26 36.59
N PRO F 369 30.71 26.42 36.63
CA PRO F 369 30.53 25.05 37.12
C PRO F 369 30.18 24.96 38.59
N GLN F 370 30.86 25.76 39.41
CA GLN F 370 30.58 25.75 40.84
C GLN F 370 29.17 26.22 41.12
N ASP F 371 28.68 27.16 40.33
CA ASP F 371 27.28 27.56 40.45
C ASP F 371 26.41 26.35 40.13
N LEU F 372 26.75 25.65 39.05
CA LEU F 372 25.97 24.47 38.68
C LEU F 372 26.10 23.35 39.72
N ALA F 373 27.29 23.17 40.30
CA ALA F 373 27.46 22.16 41.33
C ALA F 373 26.66 22.51 42.57
N GLU F 374 26.57 23.80 42.87
CA GLU F 374 25.87 24.25 44.07
C GLU F 374 24.35 24.06 43.97
N ASP F 375 23.77 24.45 42.83
CA ASP F 375 22.33 24.30 42.62
C ASP F 375 21.93 22.82 42.69
N LEU F 376 22.73 21.95 42.09
CA LEU F 376 22.46 20.51 42.14
C LEU F 376 22.47 19.97 43.57
N SER F 377 23.46 20.38 44.36
CA SER F 377 23.58 19.88 45.73
C SER F 377 22.48 20.40 46.64
N ARG F 378 22.10 21.66 46.44
CA ARG F 378 20.97 22.25 47.15
C ARG F 378 19.72 21.41 46.93
N ALA F 379 19.43 21.11 45.66
CA ALA F 379 18.22 20.37 45.30
C ALA F 379 18.23 18.95 45.87
N LEU F 380 19.38 18.29 45.80
CA LEU F 380 19.50 16.92 46.28
C LEU F 380 19.32 16.88 47.80
N ALA F 381 19.92 17.83 48.49
CA ALA F 381 19.89 17.86 49.94
C ALA F 381 18.52 18.32 50.43
N GLY F 382 17.75 18.95 49.55
CA GLY F 382 16.40 19.36 49.87
C GLY F 382 16.32 20.39 50.98
N GLY G 6 24.38 33.33 43.52
CA GLY G 6 23.72 32.31 42.73
C GLY G 6 24.26 32.29 41.33
N MSE G 7 25.00 33.37 41.01
CA MSE G 7 25.74 33.42 39.77
C MSE G 7 27.23 33.93 39.93
O MSE G 7 27.52 34.92 40.61
CB MSE G 7 24.88 34.03 38.63
CG MSE G 7 25.00 35.49 38.22
SE MSE G 7 23.85 35.94 36.63
CE MSE G 7 22.14 35.29 37.37
N ARG G 8 28.15 33.14 39.39
CA ARG G 8 29.52 33.58 39.11
C ARG G 8 29.49 33.98 37.63
N PHE G 9 30.63 34.30 37.00
CA PHE G 9 30.56 35.05 35.74
C PHE G 9 29.87 34.32 34.59
N GLY G 10 30.37 33.12 34.29
CA GLY G 10 29.78 32.27 33.28
C GLY G 10 28.28 32.12 33.43
N THR G 11 27.82 32.23 34.66
CA THR G 11 26.41 32.18 34.95
C THR G 11 25.76 33.55 34.65
N ARG G 12 26.52 34.62 34.86
CA ARG G 12 26.05 35.99 34.55
C ARG G 12 25.75 36.19 33.09
N LEU G 13 26.70 35.77 32.27
CA LEU G 13 26.54 35.86 30.83
C LEU G 13 25.30 35.12 30.35
N VAL G 14 24.93 34.03 31.01
CA VAL G 14 23.80 33.24 30.50
C VAL G 14 22.45 33.69 31.01
N HIS G 15 22.39 34.05 32.30
CA HIS G 15 21.12 34.28 32.92
C HIS G 15 20.82 35.73 33.34
N GLY G 16 21.81 36.61 33.25
CA GLY G 16 21.56 38.02 33.51
C GLY G 16 20.50 38.53 32.55
N GLY G 17 19.60 39.39 33.01
CA GLY G 17 18.57 39.98 32.17
C GLY G 17 17.52 39.00 31.64
N ARG G 18 17.48 37.80 32.21
CA ARG G 18 16.57 36.75 31.74
C ARG G 18 15.30 36.50 32.59
N ARG G 19 14.45 37.52 32.81
CA ARG G 19 13.35 37.46 33.82
C ARG G 19 12.38 36.25 33.68
N PRO G 20 11.50 36.01 34.70
CA PRO G 20 10.67 34.79 34.64
C PRO G 20 9.70 34.76 33.49
N SER G 21 10.06 34.14 32.37
CA SER G 21 9.17 34.11 31.21
C SER G 21 7.72 33.72 31.57
N ALA G 22 6.82 34.68 31.41
CA ALA G 22 5.44 34.50 31.83
C ALA G 22 4.57 33.93 30.71
N GLY G 23 3.33 33.59 31.06
CA GLY G 23 2.33 33.16 30.10
C GLY G 23 2.68 31.96 29.26
N THR G 24 3.96 31.74 29.00
CA THR G 24 4.41 30.67 28.12
C THR G 24 5.66 29.94 28.66
N GLY G 25 6.53 30.68 29.34
CA GLY G 25 7.66 30.05 29.99
C GLY G 25 8.82 29.78 29.06
N ASP G 26 8.96 30.62 28.03
CA ASP G 26 10.08 30.56 27.09
C ASP G 26 11.37 30.61 27.88
N VAL G 27 12.39 29.87 27.45
CA VAL G 27 13.69 30.00 28.09
C VAL G 27 14.41 31.24 27.58
N VAL G 28 14.47 31.38 26.25
CA VAL G 28 15.01 32.57 25.64
C VAL G 28 13.93 33.64 25.55
N PRO G 29 14.20 34.84 26.11
CA PRO G 29 13.12 35.84 26.13
C PRO G 29 12.71 36.21 24.71
N PRO G 30 11.43 36.50 24.50
CA PRO G 30 10.96 36.86 23.16
C PRO G 30 11.50 38.23 22.73
N ILE G 31 11.62 38.43 21.43
CA ILE G 31 12.14 39.67 20.87
C ILE G 31 11.00 40.71 20.79
N HIS G 32 11.09 41.74 21.63
CA HIS G 32 10.07 42.80 21.67
C HIS G 32 10.32 43.86 20.60
N VAL G 33 9.77 43.66 19.41
CA VAL G 33 9.94 44.62 18.32
C VAL G 33 8.94 45.78 18.36
N SER G 34 7.84 45.62 19.11
CA SER G 34 6.80 46.64 19.10
C SER G 34 7.31 48.03 19.53
N THR G 35 6.96 49.06 18.76
CA THR G 35 7.30 50.44 19.12
C THR G 35 6.21 51.04 19.98
N THR G 36 5.01 50.52 19.89
CA THR G 36 3.89 51.12 20.60
C THR G 36 3.26 50.15 21.61
N TYR G 37 2.69 50.71 22.67
CA TYR G 37 2.09 49.87 23.71
C TYR G 37 0.70 50.33 24.06
N GLU G 38 -0.21 49.36 24.18
CA GLU G 38 -1.56 49.60 24.69
C GLU G 38 -1.39 50.04 26.13
N ARG G 39 -2.05 51.15 26.48
CA ARG G 39 -1.86 51.71 27.81
C ARG G 39 -2.86 51.18 28.86
N ARG G 40 -4.03 50.72 28.41
CA ARG G 40 -5.14 50.46 29.34
C ARG G 40 -5.02 49.17 30.15
N ALA G 41 -4.17 48.24 29.70
CA ALA G 41 -3.97 46.94 30.35
C ALA G 41 -2.53 46.75 30.85
N GLN G 42 -2.07 47.69 31.67
CA GLN G 42 -0.80 47.54 32.36
C GLN G 42 -1.01 47.98 33.81
N ASP G 43 -0.60 47.16 34.77
CA ASP G 43 -0.89 47.48 36.17
C ASP G 43 0.07 48.51 36.76
N GLU G 44 1.34 48.41 36.43
CA GLU G 44 2.30 49.48 36.70
C GLU G 44 2.66 50.12 35.38
N PRO G 45 1.87 51.12 34.94
CA PRO G 45 2.01 51.75 33.61
C PRO G 45 3.43 52.22 33.36
N ARG G 46 4.19 51.39 32.65
CA ARG G 46 5.64 51.58 32.49
C ARG G 46 6.09 51.45 31.01
N TYR G 47 5.27 50.86 30.16
CA TYR G 47 5.63 50.78 28.74
C TYR G 47 4.77 51.68 27.86
N PHE G 48 5.43 52.63 27.19
CA PHE G 48 4.71 53.68 26.47
C PHE G 48 5.13 53.79 25.00
N TYR G 49 6.43 53.86 24.75
CA TYR G 49 6.93 54.10 23.40
C TYR G 49 8.33 53.54 23.28
N GLY G 50 8.59 52.85 22.17
CA GLY G 50 9.84 52.15 21.96
C GLY G 50 11.14 52.93 22.18
N ARG G 51 11.18 54.20 21.79
CA ARG G 51 12.40 54.97 21.96
C ARG G 51 12.80 55.05 23.44
N GLY G 52 11.79 55.18 24.30
CA GLY G 52 12.00 55.34 25.73
C GLY G 52 12.14 54.03 26.50
N GLU G 53 11.26 53.07 26.25
CA GLU G 53 11.43 51.76 26.88
C GLU G 53 11.11 50.58 25.97
N ASN G 54 11.81 49.48 26.22
CA ASN G 54 11.68 48.28 25.43
C ASN G 54 12.24 47.14 26.28
N PRO G 55 11.42 46.10 26.50
CA PRO G 55 11.81 45.04 27.43
C PRO G 55 13.07 44.28 26.99
N THR G 56 13.25 44.10 25.68
CA THR G 56 14.42 43.40 25.16
C THR G 56 15.69 44.22 25.42
N ARG G 57 15.60 45.52 25.17
CA ARG G 57 16.70 46.42 25.45
C ARG G 57 17.06 46.39 26.96
N GLU G 58 16.05 46.46 27.81
CA GLU G 58 16.26 46.45 29.25
C GLU G 58 16.92 45.16 29.76
N GLU G 59 16.62 44.05 29.10
CA GLU G 59 17.22 42.77 29.45
C GLU G 59 18.72 42.75 29.15
N LEU G 60 19.09 43.29 27.99
CA LEU G 60 20.52 43.44 27.68
C LEU G 60 21.20 44.31 28.76
N GLU G 61 20.61 45.47 29.02
CA GLU G 61 21.12 46.38 30.07
C GLU G 61 21.24 45.67 31.43
N GLU G 62 20.21 44.91 31.79
CA GLU G 62 20.22 44.12 33.00
C GLU G 62 21.44 43.19 33.06
N CYS G 63 21.64 42.42 31.99
CA CYS G 63 22.80 41.53 31.89
C CYS G 63 24.14 42.29 32.05
N LEU G 64 24.36 43.32 31.24
CA LEU G 64 25.59 44.12 31.27
C LEU G 64 25.89 44.72 32.64
N ALA G 65 24.86 45.20 33.33
CA ALA G 65 25.05 45.77 34.66
C ALA G 65 25.52 44.69 35.62
N GLY G 66 24.94 43.49 35.48
CA GLY G 66 25.28 42.38 36.35
C GLY G 66 26.70 41.91 36.17
N LEU G 67 27.27 42.13 34.99
CA LEU G 67 28.64 41.70 34.72
C LEU G 67 29.64 42.48 35.54
N GLU G 68 29.19 43.57 36.16
CA GLU G 68 30.09 44.38 36.97
C GLU G 68 29.51 44.63 38.36
N ARG G 69 28.42 43.95 38.68
CA ARG G 69 27.69 44.17 39.92
C ARG G 69 27.29 45.64 40.06
N ALA G 70 26.80 46.22 38.97
CA ALA G 70 26.43 47.62 38.95
C ALA G 70 24.93 47.73 38.95
N PRO G 71 24.39 48.87 39.43
CA PRO G 71 22.96 49.08 39.37
C PRO G 71 22.46 49.42 37.97
N PHE G 72 23.24 50.14 37.19
CA PHE G 72 22.69 50.69 35.97
C PHE G 72 23.52 50.36 34.72
N ALA G 73 22.82 50.21 33.61
CA ALA G 73 23.46 50.20 32.31
C ALA G 73 22.48 50.77 31.30
N THR G 74 23.02 51.46 30.32
CA THR G 74 22.25 51.98 29.21
C THR G 74 22.96 51.54 27.95
N VAL G 75 22.21 50.98 26.99
CA VAL G 75 22.76 50.64 25.68
C VAL G 75 22.35 51.63 24.58
N PHE G 76 23.13 51.65 23.51
CA PHE G 76 23.05 52.68 22.49
C PHE G 76 23.24 52.05 21.11
N SER G 77 22.95 52.83 20.07
CA SER G 77 23.10 52.39 18.71
C SER G 77 24.56 52.08 18.32
N SER G 78 25.52 52.55 19.12
CA SER G 78 26.94 52.28 18.87
C SER G 78 27.82 52.72 20.04
N GLY G 79 29.08 52.28 19.99
CA GLY G 79 30.09 52.73 20.94
C GLY G 79 30.21 54.24 20.92
N GLN G 80 30.32 54.81 19.73
CA GLN G 80 30.39 56.26 19.59
C GLN G 80 29.22 56.97 20.30
N ALA G 81 28.01 56.45 20.14
CA ALA G 81 26.84 57.07 20.73
C ALA G 81 26.86 56.99 22.25
N ALA G 82 27.41 55.91 22.78
CA ALA G 82 27.61 55.79 24.21
C ALA G 82 28.60 56.87 24.65
N ALA G 83 29.70 56.99 23.92
CA ALA G 83 30.70 58.03 24.20
C ALA G 83 30.11 59.42 24.09
N ALA G 84 29.35 59.66 23.02
CA ALA G 84 28.74 60.97 22.77
C ALA G 84 27.85 61.38 23.95
N THR G 85 27.16 60.41 24.54
CA THR G 85 26.23 60.67 25.64
C THR G 85 26.94 61.17 26.92
N LEU G 86 28.11 60.63 27.25
CA LEU G 86 28.86 61.13 28.40
C LEU G 86 29.38 62.56 28.19
N LEU G 87 29.92 62.82 27.00
CA LEU G 87 30.48 64.12 26.67
C LEU G 87 29.44 65.23 26.61
N SER G 88 28.18 64.84 26.34
CA SER G 88 27.09 65.80 26.29
C SER G 88 26.81 66.35 27.68
N LEU G 89 27.30 65.67 28.70
CA LEU G 89 27.11 66.11 30.08
C LEU G 89 28.17 67.13 30.48
N VAL G 90 29.19 67.30 29.64
CA VAL G 90 30.23 68.26 29.96
C VAL G 90 29.76 69.64 29.49
N ARG G 91 29.82 70.61 30.39
CA ARG G 91 29.30 71.96 30.15
C ARG G 91 30.37 72.79 29.45
N PRO G 92 29.98 73.86 28.75
CA PRO G 92 31.02 74.61 28.03
C PRO G 92 32.01 75.30 28.99
N GLY G 93 33.24 75.48 28.52
CA GLY G 93 34.30 76.04 29.34
C GLY G 93 34.94 74.99 30.23
N GLN G 94 34.22 73.90 30.47
CA GLN G 94 34.70 72.87 31.38
C GLN G 94 35.75 72.00 30.74
N CYS G 95 36.52 71.34 31.59
CA CYS G 95 37.65 70.58 31.10
C CYS G 95 37.43 69.07 31.14
N VAL G 96 37.71 68.44 30.01
CA VAL G 96 37.85 67.00 29.91
C VAL G 96 39.35 66.73 29.86
N VAL G 97 39.78 65.60 30.41
CA VAL G 97 41.15 65.13 30.29
C VAL G 97 41.18 63.74 29.64
N SER G 98 42.15 63.50 28.77
CA SER G 98 42.32 62.19 28.16
C SER G 98 43.79 61.92 27.81
N THR G 99 44.17 60.66 27.61
CA THR G 99 45.49 60.39 27.03
C THR G 99 45.35 60.42 25.52
N ASP G 100 46.33 61.06 24.89
CA ASP G 100 46.36 61.27 23.43
C ASP G 100 45.85 60.08 22.62
N ASP G 101 46.37 58.90 22.91
CA ASP G 101 46.24 57.74 22.05
C ASP G 101 44.86 57.10 22.04
N VAL G 102 43.98 57.61 22.88
CA VAL G 102 42.55 57.24 22.92
C VAL G 102 41.91 57.01 21.54
N TYR G 103 40.86 56.19 21.50
CA TYR G 103 40.09 55.95 20.26
C TYR G 103 39.87 57.22 19.43
N ALA G 104 40.08 57.13 18.12
CA ALA G 104 40.06 58.33 17.29
C ALA G 104 38.64 58.83 17.10
N GLY G 105 37.68 57.92 17.16
CA GLY G 105 36.28 58.31 17.19
C GLY G 105 36.01 59.21 18.37
N THR G 106 36.62 58.89 19.51
CA THR G 106 36.52 59.68 20.74
C THR G 106 37.10 61.09 20.55
N ASP G 107 38.19 61.18 19.81
CA ASP G 107 38.76 62.47 19.44
C ASP G 107 37.77 63.32 18.66
N GLY G 108 37.09 62.69 17.71
CA GLY G 108 36.08 63.37 16.89
C GLY G 108 35.07 64.09 17.77
N LEU G 109 34.52 63.35 18.73
CA LEU G 109 33.65 63.92 19.74
C LEU G 109 34.37 65.05 20.50
N PHE G 110 35.57 64.78 21.02
CA PHE G 110 36.38 65.82 21.65
C PHE G 110 36.50 67.00 20.70
N ASP G 111 36.78 66.73 19.44
CA ASP G 111 36.85 67.79 18.42
C ASP G 111 35.49 68.42 18.27
N LEU G 112 34.45 67.60 18.26
CA LEU G 112 33.09 68.08 18.13
C LEU G 112 32.75 68.98 19.30
N ALA G 113 33.00 68.49 20.52
CA ALA G 113 32.68 69.25 21.72
C ALA G 113 33.54 70.51 21.89
N ALA G 114 34.73 70.50 21.29
CA ALA G 114 35.62 71.65 21.37
C ALA G 114 34.99 72.86 20.68
N ARG G 115 34.18 72.61 19.67
CA ARG G 115 33.51 73.71 18.98
C ARG G 115 32.26 74.15 19.75
N GLN G 116 31.96 73.42 20.83
CA GLN G 116 30.92 73.82 21.77
C GLN G 116 31.53 74.46 23.02
N GLY G 117 32.83 74.72 22.98
CA GLY G 117 33.52 75.39 24.09
C GLY G 117 33.94 74.52 25.26
N VAL G 118 34.33 73.28 24.97
CA VAL G 118 34.91 72.40 25.99
C VAL G 118 36.44 72.47 25.90
N ARG G 119 37.11 72.49 27.05
CA ARG G 119 38.58 72.42 27.06
C ARG G 119 39.05 70.98 27.11
N VAL G 120 39.88 70.60 26.15
CA VAL G 120 40.41 69.24 26.15
C VAL G 120 41.92 69.20 26.24
N ARG G 121 42.44 68.95 27.44
CA ARG G 121 43.88 68.87 27.68
C ARG G 121 44.35 67.44 27.67
N TYR G 122 45.20 67.10 26.71
CA TYR G 122 45.73 65.74 26.60
C TYR G 122 46.92 65.60 27.55
N ALA G 123 47.10 64.41 28.13
CA ALA G 123 48.20 64.18 29.07
C ALA G 123 48.63 62.72 29.18
N ASP G 124 49.94 62.48 29.17
CA ASP G 124 50.46 61.15 29.42
C ASP G 124 50.09 60.76 30.86
N LEU G 125 49.18 59.79 31.00
CA LEU G 125 48.67 59.38 32.31
C LEU G 125 49.31 58.08 32.78
N THR G 126 50.64 58.01 32.71
CA THR G 126 51.34 56.76 32.98
C THR G 126 52.50 57.04 33.91
N THR G 127 52.76 58.32 34.15
CA THR G 127 53.87 58.74 35.00
C THR G 127 53.36 59.45 36.25
N PRO G 128 54.16 59.38 37.33
CA PRO G 128 53.85 60.04 38.61
C PRO G 128 53.65 61.54 38.48
N GLU G 129 54.43 62.21 37.62
CA GLU G 129 54.40 63.66 37.53
C GLU G 129 53.12 64.19 36.87
N GLY G 130 52.81 63.67 35.68
CA GLY G 130 51.74 64.22 34.85
C GLY G 130 50.32 63.85 35.26
N ILE G 131 50.17 62.88 36.14
CA ILE G 131 48.86 62.55 36.66
C ILE G 131 48.44 63.66 37.62
N ALA G 132 49.36 64.03 38.51
CA ALA G 132 49.17 65.16 39.42
C ALA G 132 49.01 66.46 38.65
N ALA G 133 49.97 66.73 37.77
CA ALA G 133 50.04 67.98 37.03
C ALA G 133 48.77 68.29 36.28
N ALA G 134 48.50 67.48 35.26
CA ALA G 134 47.34 67.61 34.40
C ALA G 134 46.08 67.82 35.21
N LEU G 135 45.62 66.75 35.85
CA LEU G 135 44.41 66.74 36.68
C LEU G 135 44.22 67.96 37.60
N ALA G 136 45.21 68.83 37.66
CA ALA G 136 45.09 70.07 38.41
C ALA G 136 44.66 71.20 37.47
N GLU G 137 44.24 70.85 36.26
CA GLU G 137 43.74 71.83 35.29
C GLU G 137 42.30 72.18 35.64
N PRO G 138 42.06 73.45 36.00
CA PRO G 138 40.80 73.98 36.55
C PRO G 138 39.54 73.58 35.78
N ASP G 139 38.41 73.58 36.48
CA ASP G 139 37.12 73.20 35.91
C ASP G 139 37.09 71.74 35.42
N LEU G 140 37.85 70.88 36.09
CA LEU G 140 37.98 69.47 35.68
C LEU G 140 36.67 68.68 35.86
N ALA G 141 36.05 68.29 34.76
CA ALA G 141 34.79 67.57 34.85
C ALA G 141 34.89 66.07 34.55
N LEU G 142 35.79 65.70 33.65
CA LEU G 142 35.81 64.32 33.15
C LEU G 142 37.19 63.83 32.77
N VAL G 143 37.61 62.73 33.38
CA VAL G 143 38.87 62.11 33.02
C VAL G 143 38.59 60.85 32.20
N TRP G 144 39.13 60.78 31.00
CA TRP G 144 38.77 59.75 30.04
C TRP G 144 39.93 58.81 29.79
N ILE G 145 39.85 57.63 30.40
CA ILE G 145 40.90 56.63 30.28
C ILE G 145 40.57 55.58 29.25
N GLU G 146 41.53 55.26 28.39
CA GLU G 146 41.42 54.07 27.57
C GLU G 146 42.61 53.16 27.84
N THR G 147 42.34 52.04 28.51
CA THR G 147 43.39 51.10 28.86
C THR G 147 42.92 49.66 28.71
N PRO G 148 43.78 48.78 28.14
CA PRO G 148 45.08 49.12 27.54
C PRO G 148 44.90 49.96 26.29
N THR G 149 45.97 50.59 25.81
CA THR G 149 45.85 51.54 24.72
C THR G 149 46.07 50.95 23.34
N ASN G 150 45.89 51.80 22.34
CA ASN G 150 46.15 51.46 20.95
C ASN G 150 47.19 52.38 20.33
N PRO G 151 47.98 51.84 19.38
CA PRO G 151 48.06 50.41 19.07
C PRO G 151 49.25 49.79 19.77
N LEU G 152 49.79 50.50 20.76
CA LEU G 152 51.02 50.07 21.43
C LEU G 152 50.72 49.28 22.70
N LEU G 153 49.46 49.27 23.11
CA LEU G 153 49.00 48.45 24.24
C LEU G 153 49.69 48.82 25.56
N THR G 154 49.92 50.10 25.78
CA THR G 154 50.38 50.53 27.11
C THR G 154 49.15 50.61 28.03
N VAL G 155 49.38 50.65 29.33
CA VAL G 155 48.26 50.59 30.27
C VAL G 155 48.30 51.79 31.19
N VAL G 156 47.12 52.24 31.61
CA VAL G 156 47.02 53.28 32.62
C VAL G 156 46.38 52.73 33.90
N ASP G 157 46.97 53.05 35.05
CA ASP G 157 46.47 52.57 36.34
C ASP G 157 45.14 53.23 36.72
N VAL G 158 44.06 52.49 36.56
CA VAL G 158 42.71 53.00 36.80
C VAL G 158 42.48 53.44 38.24
N ALA G 159 42.86 52.61 39.19
CA ALA G 159 42.65 52.91 40.61
C ALA G 159 43.35 54.19 41.05
N GLU G 160 44.58 54.36 40.59
CA GLU G 160 45.39 55.51 40.99
C GLU G 160 44.90 56.80 40.34
N VAL G 161 44.53 56.72 39.07
CA VAL G 161 44.02 57.90 38.38
C VAL G 161 42.64 58.29 38.91
N SER G 162 41.79 57.30 39.16
CA SER G 162 40.44 57.58 39.68
C SER G 162 40.51 58.30 41.01
N ARG G 163 41.41 57.83 41.87
CA ARG G 163 41.59 58.41 43.21
C ARG G 163 42.09 59.86 43.17
N ARG G 164 43.07 60.11 42.31
CA ARG G 164 43.59 61.46 42.13
C ARG G 164 42.60 62.33 41.34
N ALA G 165 41.65 61.69 40.67
CA ALA G 165 40.61 62.43 39.97
C ALA G 165 39.45 62.73 40.92
N HIS G 166 39.22 61.81 41.86
CA HIS G 166 38.09 61.92 42.76
C HIS G 166 38.28 62.94 43.88
N GLU G 167 39.52 63.13 44.33
CA GLU G 167 39.80 64.15 45.33
C GLU G 167 39.31 65.53 44.86
N ARG G 168 39.39 65.80 43.56
CA ARG G 168 38.76 67.00 42.98
C ARG G 168 37.35 66.69 42.47
N GLY G 169 36.72 65.66 43.04
CA GLY G 169 35.32 65.37 42.76
C GLY G 169 34.95 65.15 41.30
N ALA G 170 35.92 64.74 40.48
CA ALA G 170 35.69 64.59 39.05
C ALA G 170 35.28 63.17 38.64
N ARG G 171 34.48 63.07 37.58
CA ARG G 171 34.00 61.77 37.07
C ARG G 171 35.07 61.06 36.27
N VAL G 172 35.16 59.74 36.42
CA VAL G 172 36.13 58.92 35.69
C VAL G 172 35.47 57.85 34.83
N VAL G 173 35.79 57.85 33.55
CA VAL G 173 35.30 56.82 32.65
C VAL G 173 36.47 56.03 32.07
N VAL G 174 36.29 54.72 31.95
CA VAL G 174 37.23 53.87 31.24
C VAL G 174 36.56 53.27 30.00
N ASP G 175 37.22 53.45 28.85
CA ASP G 175 36.79 52.81 27.63
C ASP G 175 37.29 51.38 27.75
N ASN G 176 36.41 50.49 28.20
CA ASN G 176 36.82 49.12 28.51
C ASN G 176 36.59 48.14 27.36
N THR G 177 36.48 48.67 26.15
CA THR G 177 36.26 47.90 24.93
C THR G 177 37.31 46.79 24.73
N PHE G 178 38.58 47.18 24.82
CA PHE G 178 39.73 46.31 24.58
C PHE G 178 39.65 45.04 25.42
N ALA G 179 39.54 45.20 26.73
CA ALA G 179 39.64 44.07 27.65
C ALA G 179 38.32 43.31 27.88
N SER G 180 37.19 44.03 27.82
CA SER G 180 35.88 43.51 28.20
C SER G 180 35.78 43.31 29.73
N PRO G 181 34.55 43.24 30.27
CA PRO G 181 34.40 43.00 31.72
C PRO G 181 34.86 41.61 32.16
N VAL G 182 35.11 40.72 31.20
CA VAL G 182 35.76 39.44 31.49
C VAL G 182 37.13 39.66 32.13
N LEU G 183 37.86 40.65 31.65
CA LEU G 183 39.28 40.81 32.00
C LEU G 183 39.58 41.99 32.93
N GLN G 184 38.71 43.00 32.90
CA GLN G 184 38.97 44.21 33.66
C GLN G 184 37.64 44.77 34.14
N GLN G 185 37.59 45.19 35.40
CA GLN G 185 36.38 45.71 36.02
C GLN G 185 36.59 47.15 36.48
N PRO G 186 36.36 48.13 35.59
CA PRO G 186 36.63 49.53 35.94
C PRO G 186 35.91 50.07 37.18
N LEU G 187 34.65 49.71 37.38
CA LEU G 187 33.94 50.15 38.58
C LEU G 187 34.60 49.56 39.85
N ALA G 188 35.05 48.32 39.79
CA ALA G 188 35.68 47.70 40.95
C ALA G 188 37.02 48.34 41.29
N LEU G 189 37.67 48.92 40.27
CA LEU G 189 38.98 49.51 40.46
C LEU G 189 38.87 50.90 41.07
N GLY G 190 37.87 51.66 40.66
CA GLY G 190 37.62 52.97 41.22
C GLY G 190 36.93 53.93 40.26
N ALA G 191 36.66 53.46 39.04
CA ALA G 191 35.98 54.29 38.05
C ALA G 191 34.52 54.53 38.39
N ASP G 192 33.93 55.54 37.76
CA ASP G 192 32.51 55.83 37.92
C ASP G 192 31.71 55.28 36.76
N VAL G 193 32.37 55.11 35.62
CA VAL G 193 31.69 54.65 34.41
C VAL G 193 32.56 53.69 33.61
N SER G 194 31.97 52.59 33.17
CA SER G 194 32.57 51.75 32.15
C SER G 194 31.87 52.01 30.83
N LEU G 195 32.66 52.33 29.80
CA LEU G 195 32.15 52.60 28.46
C LEU G 195 32.54 51.44 27.55
N TYR G 196 31.61 50.98 26.72
CA TYR G 196 31.89 49.91 25.78
C TYR G 196 31.42 50.18 24.36
N SER G 197 32.28 49.83 23.41
CA SER G 197 31.78 49.46 22.10
C SER G 197 31.37 48.01 22.15
N THR G 198 30.07 47.73 22.07
CA THR G 198 29.64 46.33 22.03
C THR G 198 29.77 45.78 20.61
N THR G 199 30.03 46.66 19.65
CA THR G 199 30.32 46.27 18.26
C THR G 199 31.53 45.33 18.24
N1 LLP G 200 36.20 52.52 21.62
C2 LLP G 200 37.03 51.59 21.15
C2' LLP G 200 38.31 51.24 21.98
C3 LLP G 200 36.75 50.94 19.91
O3 LLP G 200 37.62 49.95 19.43
C4 LLP G 200 35.61 51.28 19.19
C4' LLP G 200 35.28 50.52 17.79
C5 LLP G 200 34.78 52.26 19.68
C6 LLP G 200 35.07 52.88 20.89
C5' LLP G 200 33.46 52.72 18.96
OP4 LLP G 200 32.48 51.71 18.91
P LLP G 200 31.47 51.72 17.74
OP1 LLP G 200 30.43 50.65 18.05
OP2 LLP G 200 30.83 53.06 17.65
OP3 LLP G 200 32.19 51.45 16.45
N LLP G 200 32.38 45.46 19.25
CA LLP G 200 33.62 44.69 19.36
CB LLP G 200 34.66 45.53 20.08
CG LLP G 200 34.82 46.92 19.41
CD LLP G 200 35.12 46.84 17.90
CE LLP G 200 34.93 48.22 17.22
NZ LLP G 200 35.88 49.22 17.73
C LLP G 200 33.36 43.38 20.04
O LLP G 200 32.48 42.65 19.63
N SER G 201 34.12 43.08 21.10
CA SER G 201 34.13 41.74 21.67
C SER G 201 32.83 41.25 22.34
N ILE G 202 32.07 42.15 22.95
CA ILE G 202 30.87 41.74 23.70
C ILE G 202 29.82 40.98 22.84
N ALA G 203 29.39 41.60 21.74
CA ALA G 203 28.55 40.88 20.78
C ALA G 203 29.34 39.75 20.12
N GLY G 204 30.53 40.07 19.61
CA GLY G 204 31.52 39.04 19.27
C GLY G 204 31.50 38.43 17.87
N HIS G 205 30.41 38.65 17.13
CA HIS G 205 30.22 37.94 15.86
C HIS G 205 30.21 38.87 14.66
N ALA G 206 30.69 40.10 14.89
CA ALA G 206 30.91 41.08 13.84
C ALA G 206 29.68 41.31 12.95
N ASP G 207 28.49 41.30 13.55
CA ASP G 207 27.26 41.47 12.78
C ASP G 207 26.21 42.39 13.41
N VAL G 208 26.65 43.26 14.31
CA VAL G 208 25.76 44.23 14.95
C VAL G 208 26.57 45.37 15.54
N LEU G 209 26.10 46.60 15.35
CA LEU G 209 26.69 47.78 15.96
C LEU G 209 26.03 47.99 17.32
N GLY G 210 26.82 48.37 18.32
CA GLY G 210 26.26 48.74 19.60
C GLY G 210 27.19 49.44 20.58
N GLY G 211 26.59 50.11 21.56
CA GLY G 211 27.34 50.76 22.62
C GLY G 211 26.68 50.54 23.97
N ALA G 212 27.43 50.74 25.04
CA ALA G 212 26.91 50.59 26.39
C ALA G 212 27.67 51.47 27.39
N LEU G 213 26.94 51.98 28.37
CA LEU G 213 27.53 52.59 29.56
C LEU G 213 27.08 51.76 30.74
N VAL G 214 27.99 51.49 31.67
CA VAL G 214 27.66 50.83 32.91
C VAL G 214 28.21 51.70 34.03
N TYR G 215 27.40 51.97 35.05
CA TYR G 215 27.76 52.97 36.07
C TYR G 215 26.92 52.77 37.33
N ARG G 216 27.19 53.58 38.35
CA ARG G 216 26.49 53.47 39.63
C ARG G 216 25.65 54.70 40.07
N ASP G 217 25.95 55.90 39.58
CA ASP G 217 25.22 57.07 40.08
C ASP G 217 23.79 57.18 39.55
N ALA G 218 22.86 57.38 40.48
CA ALA G 218 21.45 57.58 40.16
C ALA G 218 21.19 58.88 39.39
N ASP G 219 21.89 59.95 39.78
CA ASP G 219 21.77 61.23 39.08
C ASP G 219 22.32 61.10 37.66
N LEU G 220 23.44 60.42 37.51
CA LEU G 220 24.00 60.14 36.18
C LEU G 220 23.05 59.32 35.32
N HIS G 221 22.41 58.32 35.94
CA HIS G 221 21.45 57.49 35.24
C HIS G 221 20.34 58.32 34.61
N ALA G 222 19.70 59.15 35.43
CA ALA G 222 18.62 60.03 34.97
C ALA G 222 19.10 60.89 33.80
N ALA G 223 20.33 61.37 33.89
CA ALA G 223 20.85 62.27 32.85
C ALA G 223 21.17 61.52 31.57
N VAL G 224 21.77 60.34 31.71
CA VAL G 224 22.07 59.47 30.59
C VAL G 224 20.78 59.05 29.87
N ARG G 225 19.77 58.67 30.63
CA ARG G 225 18.50 58.23 30.03
C ARG G 225 17.77 59.37 29.32
N ALA G 226 17.76 60.55 29.94
CA ALA G 226 17.14 61.72 29.32
C ALA G 226 17.81 62.04 27.99
N TYR G 227 19.14 62.06 27.96
CA TYR G 227 19.84 62.34 26.71
C TYR G 227 19.57 61.29 25.61
N ARG G 228 19.55 60.01 25.98
CA ARG G 228 19.29 58.97 24.98
C ARG G 228 17.90 59.15 24.38
N THR G 229 16.95 59.52 25.23
CA THR G 229 15.56 59.70 24.82
C THR G 229 15.40 60.86 23.84
N THR G 230 16.03 61.99 24.16
CA THR G 230 15.95 63.19 23.33
C THR G 230 16.85 63.15 22.09
N ALA G 231 18.06 62.63 22.25
CA ALA G 231 18.98 62.49 21.11
C ALA G 231 18.55 61.37 20.16
N GLY G 232 17.96 60.31 20.70
CA GLY G 232 17.43 59.22 19.90
C GLY G 232 18.47 58.24 19.37
N ASN G 233 19.62 58.19 20.05
CA ASN G 233 20.70 57.27 19.71
C ASN G 233 20.50 55.89 20.35
N VAL G 234 19.29 55.38 20.19
CA VAL G 234 18.82 54.18 20.85
C VAL G 234 18.95 52.98 19.87
N PRO G 235 19.31 51.78 20.38
CA PRO G 235 19.48 50.63 19.48
C PRO G 235 18.21 49.82 19.25
N GLY G 236 18.14 49.16 18.09
CA GLY G 236 17.05 48.26 17.79
C GLY G 236 17.01 46.98 18.64
N ALA G 237 15.79 46.50 18.87
CA ALA G 237 15.58 45.30 19.67
C ALA G 237 16.18 44.03 19.03
N LEU G 238 16.11 43.94 17.70
CA LEU G 238 16.74 42.83 17.00
C LEU G 238 18.24 42.97 17.15
N ASP G 239 18.76 44.18 16.99
CA ASP G 239 20.19 44.42 17.23
C ASP G 239 20.55 44.07 18.67
N CYS G 240 19.74 44.54 19.62
CA CYS G 240 19.94 44.21 21.03
C CYS G 240 19.98 42.70 21.19
N PHE G 241 18.99 42.03 20.60
CA PHE G 241 18.92 40.59 20.60
C PHE G 241 20.23 39.91 20.16
N LEU G 242 20.83 40.43 19.09
CA LEU G 242 22.10 39.86 18.61
C LEU G 242 23.23 40.09 19.61
N VAL G 243 23.28 41.26 20.24
CA VAL G 243 24.29 41.54 21.27
C VAL G 243 24.14 40.55 22.43
N ARG G 244 22.91 40.38 22.91
CA ARG G 244 22.61 39.48 24.05
C ARG G 244 22.96 38.03 23.73
N ARG G 245 22.61 37.57 22.53
CA ARG G 245 22.93 36.19 22.13
C ARG G 245 24.45 36.02 22.07
N GLY G 246 25.14 37.07 21.65
CA GLY G 246 26.60 37.04 21.64
C GLY G 246 27.21 36.93 23.04
N LEU G 247 26.64 37.68 23.99
CA LEU G 247 27.16 37.71 25.37
C LEU G 247 27.30 36.36 26.04
N HIS G 248 26.39 35.41 25.74
CA HIS G 248 26.47 34.08 26.38
C HIS G 248 27.87 33.49 26.36
N THR G 249 28.54 33.60 25.21
CA THR G 249 29.82 32.93 24.99
C THR G 249 31.03 33.81 25.27
N LEU G 250 30.81 35.00 25.84
CA LEU G 250 31.92 35.96 26.01
C LEU G 250 33.10 35.38 26.81
N SER G 251 32.80 34.70 27.91
CA SER G 251 33.79 33.96 28.70
C SER G 251 34.69 33.12 27.82
N LEU G 252 34.05 32.16 27.18
CA LEU G 252 34.73 31.14 26.39
C LEU G 252 35.55 31.77 25.27
N ARG G 253 34.95 32.73 24.58
CA ARG G 253 35.62 33.36 23.46
C ARG G 253 36.87 34.13 23.89
N VAL G 254 36.71 35.05 24.85
CA VAL G 254 37.85 35.82 25.34
C VAL G 254 39.01 34.93 25.81
N HIS G 255 38.73 33.91 26.63
CA HIS G 255 39.81 33.01 27.04
C HIS G 255 40.51 32.22 25.91
N ARG G 256 39.78 31.90 24.85
CA ARG G 256 40.40 31.34 23.64
C ARG G 256 41.36 32.37 23.06
N GLN G 257 40.81 33.54 22.76
CA GLN G 257 41.54 34.58 22.08
C GLN G 257 42.85 34.91 22.82
N VAL G 258 42.78 34.91 24.15
CA VAL G 258 43.94 35.23 24.98
C VAL G 258 44.99 34.09 24.96
N ALA G 259 44.51 32.86 24.99
CA ALA G 259 45.42 31.70 24.93
C ALA G 259 46.12 31.70 23.57
N THR G 260 45.36 31.96 22.52
CA THR G 260 45.94 32.01 21.20
C THR G 260 46.91 33.20 21.08
N ALA G 261 46.51 34.34 21.62
CA ALA G 261 47.36 35.53 21.60
C ALA G 261 48.74 35.28 22.22
N ARG G 262 48.76 34.57 23.35
CA ARG G 262 50.03 34.30 24.03
C ARG G 262 50.88 33.33 23.20
N VAL G 263 50.22 32.47 22.42
CA VAL G 263 50.95 31.59 21.53
C VAL G 263 51.55 32.40 20.39
N LEU G 264 50.79 33.35 19.85
CA LEU G 264 51.28 34.12 18.72
C LEU G 264 52.43 35.06 19.11
N VAL G 265 52.38 35.57 20.34
CA VAL G 265 53.43 36.44 20.84
C VAL G 265 54.75 35.67 20.84
N GLU G 266 54.72 34.41 21.26
CA GLU G 266 55.90 33.58 21.23
C GLU G 266 56.46 33.46 19.82
N ARG G 267 55.59 33.32 18.83
CA ARG G 267 56.06 33.18 17.45
C ARG G 267 56.72 34.46 16.97
N LEU G 268 56.12 35.58 17.31
CA LEU G 268 56.66 36.88 16.94
C LEU G 268 58.05 37.13 17.53
N ARG G 269 58.30 36.55 18.71
CA ARG G 269 59.61 36.71 19.38
C ARG G 269 60.73 35.87 18.75
N ALA G 270 60.36 34.74 18.15
CA ALA G 270 61.34 33.88 17.47
C ALA G 270 61.53 34.20 15.99
N SER G 271 61.09 35.38 15.54
CA SER G 271 61.16 35.70 14.12
C SER G 271 62.26 36.70 13.78
N PRO G 272 63.03 36.42 12.73
CA PRO G 272 64.10 37.32 12.32
C PRO G 272 63.58 38.59 11.65
N VAL G 273 62.35 38.56 11.12
CA VAL G 273 61.81 39.74 10.45
C VAL G 273 60.82 40.50 11.35
N VAL G 274 60.90 40.22 12.65
CA VAL G 274 60.12 40.96 13.64
C VAL G 274 61.04 41.54 14.70
N GLY G 275 60.87 42.83 15.00
CA GLY G 275 61.60 43.46 16.09
C GLY G 275 60.77 43.42 17.35
N ALA G 276 60.38 44.59 17.83
CA ALA G 276 59.55 44.70 19.01
C ALA G 276 58.23 43.94 18.85
N VAL G 277 57.77 43.40 19.97
CA VAL G 277 56.48 42.74 20.04
C VAL G 277 55.81 43.29 21.29
N HIS G 278 54.60 43.82 21.13
CA HIS G 278 53.89 44.47 22.22
C HIS G 278 52.67 43.68 22.66
N TYR G 279 52.56 43.46 23.97
CA TYR G 279 51.50 42.66 24.56
C TYR G 279 51.58 42.92 26.06
N PRO G 280 50.46 43.35 26.68
CA PRO G 280 50.42 43.77 28.09
C PRO G 280 51.04 42.75 29.05
N GLY G 281 50.89 41.47 28.72
CA GLY G 281 51.34 40.39 29.58
C GLY G 281 52.81 40.03 29.60
N LEU G 282 53.61 40.62 28.71
CA LEU G 282 55.05 40.36 28.71
C LEU G 282 55.63 40.90 30.02
N PRO G 283 56.66 40.22 30.55
CA PRO G 283 57.17 40.59 31.88
C PRO G 283 57.89 41.93 31.89
N GLU G 284 58.50 42.32 30.78
CA GLU G 284 59.31 43.53 30.72
C GLU G 284 58.50 44.70 30.19
N HIS G 285 57.21 44.47 29.96
CA HIS G 285 56.25 45.49 29.57
C HIS G 285 56.40 46.69 30.51
N PRO G 286 56.28 47.91 29.98
CA PRO G 286 56.45 49.13 30.78
C PRO G 286 55.68 49.09 32.10
N GLN G 287 54.36 48.90 32.05
CA GLN G 287 53.56 48.94 33.27
C GLN G 287 53.05 47.56 33.66
N HIS G 288 53.94 46.58 33.69
CA HIS G 288 53.55 45.19 33.97
C HIS G 288 52.86 45.05 35.34
N ALA G 289 53.41 45.74 36.34
CA ALA G 289 52.84 45.72 37.68
C ALA G 289 51.38 46.17 37.65
N VAL G 290 51.10 47.25 36.94
CA VAL G 290 49.74 47.71 36.74
C VAL G 290 48.91 46.67 35.97
N VAL G 291 49.50 46.07 34.94
CA VAL G 291 48.84 45.00 34.21
C VAL G 291 48.45 43.85 35.15
N LYS G 292 49.41 43.32 35.88
CA LYS G 292 49.14 42.22 36.81
C LYS G 292 48.11 42.65 37.83
N ALA G 293 48.24 43.89 38.30
CA ALA G 293 47.32 44.46 39.28
C ALA G 293 45.87 44.36 38.85
N GLN G 294 45.57 44.85 37.64
CA GLN G 294 44.20 45.21 37.31
C GLN G 294 43.51 44.41 36.19
N MSE G 295 44.25 43.57 35.46
CA MSE G 295 43.64 42.71 34.43
C MSE G 295 43.82 41.23 34.81
O MSE G 295 44.93 40.79 35.07
CB MSE G 295 44.24 42.97 33.02
CG MSE G 295 43.89 44.36 32.39
SE MSE G 295 43.79 44.39 30.36
CE MSE G 295 45.75 44.47 30.24
N SER G 296 42.75 40.44 34.81
CA SER G 296 42.87 39.02 35.13
C SER G 296 43.63 38.25 34.04
N ALA G 297 43.64 38.79 32.83
CA ALA G 297 44.46 38.25 31.76
C ALA G 297 44.76 39.40 30.80
N PRO G 298 45.75 39.22 29.93
CA PRO G 298 46.23 40.45 29.25
C PRO G 298 45.59 40.76 27.89
N GLY G 299 44.57 40.02 27.48
CA GLY G 299 43.83 40.39 26.29
C GLY G 299 44.24 39.68 25.02
N ALA G 300 43.68 40.13 23.91
CA ALA G 300 43.75 39.39 22.67
C ALA G 300 44.20 40.25 21.52
N ILE G 301 44.74 41.43 21.85
CA ILE G 301 45.27 42.32 20.84
C ILE G 301 46.78 42.25 20.93
N VAL G 302 47.43 42.02 19.80
CA VAL G 302 48.88 41.88 19.76
C VAL G 302 49.41 42.79 18.68
N SER G 303 50.47 43.53 18.98
CA SER G 303 51.11 44.32 17.95
C SER G 303 52.61 44.07 17.84
N PHE G 304 53.18 44.40 16.68
CA PHE G 304 54.60 44.15 16.46
C PHE G 304 55.20 44.96 15.32
N ASP G 305 56.50 45.23 15.46
CA ASP G 305 57.29 45.90 14.44
C ASP G 305 57.67 44.87 13.39
N TYR G 306 57.20 45.08 12.16
CA TYR G 306 57.60 44.23 11.04
C TYR G 306 58.83 44.81 10.38
N LEU G 307 59.80 43.95 10.04
CA LEU G 307 61.06 44.42 9.51
C LEU G 307 61.39 43.84 8.13
N GLY G 308 60.49 43.02 7.59
CA GLY G 308 60.80 42.29 6.36
C GLY G 308 60.50 42.99 5.04
N GLY G 309 60.15 44.27 5.10
CA GLY G 309 59.76 45.01 3.92
C GLY G 309 58.47 45.76 4.14
N PRO G 310 57.89 46.29 3.06
CA PRO G 310 56.62 47.04 3.16
C PRO G 310 55.49 46.28 3.86
N ALA G 311 54.75 46.99 4.70
CA ALA G 311 53.60 46.43 5.38
C ALA G 311 52.53 46.01 4.38
N GLU G 312 52.39 46.78 3.31
CA GLU G 312 51.32 46.51 2.36
C GLU G 312 51.52 45.17 1.65
N ARG G 313 52.77 44.74 1.52
CA ARG G 313 53.04 43.42 0.96
C ARG G 313 52.69 42.31 1.94
N LEU G 314 53.08 42.49 3.19
CA LEU G 314 52.82 41.50 4.24
C LEU G 314 51.32 41.20 4.37
N LEU G 315 50.53 42.27 4.41
CA LEU G 315 49.07 42.17 4.56
C LEU G 315 48.40 41.26 3.54
N ASP G 316 48.85 41.35 2.29
CA ASP G 316 48.26 40.56 1.21
C ASP G 316 48.47 39.05 1.42
N ARG G 317 49.51 38.68 2.15
CA ARG G 317 49.94 37.28 2.24
C ARG G 317 49.12 36.37 3.15
N PHE G 318 48.35 36.95 4.06
CA PHE G 318 47.55 36.13 4.98
C PHE G 318 46.42 35.43 4.23
N THR G 319 46.17 34.18 4.59
CA THR G 319 45.03 33.46 4.00
C THR G 319 44.05 33.00 5.08
N LEU G 320 44.26 33.45 6.32
CA LEU G 320 43.29 33.13 7.36
C LEU G 320 42.86 34.40 8.10
N PHE G 321 43.83 35.11 8.68
CA PHE G 321 43.59 36.49 9.17
C PHE G 321 42.97 37.32 8.05
N THR G 322 42.03 38.19 8.40
CA THR G 322 41.39 39.07 7.42
C THR G 322 41.97 40.50 7.54
N CYS G 323 42.26 41.14 6.41
CA CYS G 323 42.78 42.50 6.44
C CYS G 323 41.63 43.47 6.58
N GLY G 324 41.27 43.78 7.82
CA GLY G 324 40.12 44.65 8.07
C GLY G 324 40.13 45.27 9.46
N VAL G 325 39.50 46.42 9.59
CA VAL G 325 39.42 47.10 10.88
C VAL G 325 38.34 46.44 11.76
N SER G 326 37.86 47.14 12.77
CA SER G 326 37.18 46.51 13.92
C SER G 326 38.11 45.55 14.64
N LEU G 327 37.65 44.99 15.76
CA LEU G 327 38.46 44.01 16.50
C LEU G 327 37.61 43.28 17.52
N GLY G 328 38.13 42.17 18.04
CA GLY G 328 37.48 41.46 19.12
C GLY G 328 36.60 40.28 18.72
N GLY G 329 36.31 40.17 17.43
CA GLY G 329 35.33 39.21 16.95
C GLY G 329 35.86 37.80 16.77
N VAL G 330 34.95 36.88 16.47
CA VAL G 330 35.32 35.48 16.25
C VAL G 330 36.23 35.30 15.03
N HIS G 331 36.27 36.31 14.14
CA HIS G 331 37.16 36.33 12.97
C HIS G 331 38.43 37.12 13.26
N SER G 332 39.59 36.45 13.27
CA SER G 332 40.86 37.15 13.49
C SER G 332 41.13 38.17 12.39
N LEU G 333 41.65 39.34 12.75
CA LEU G 333 42.00 40.39 11.80
C LEU G 333 43.44 40.84 12.04
N VAL G 334 44.03 41.54 11.08
CA VAL G 334 45.44 41.96 11.23
C VAL G 334 45.60 43.48 11.04
N GLU G 335 46.56 44.10 11.71
CA GLU G 335 46.71 45.53 11.48
C GLU G 335 48.13 46.10 11.37
N CYS G 336 48.38 46.88 10.33
CA CYS G 336 49.38 47.94 10.26
C CYS G 336 48.59 49.24 10.43
N PRO G 337 48.59 49.80 11.64
CA PRO G 337 47.79 51.00 12.00
C PRO G 337 48.11 52.22 11.14
N ALA G 338 49.30 52.27 10.56
CA ALA G 338 49.65 53.39 9.70
C ALA G 338 49.02 53.34 8.30
N LEU G 339 47.96 52.55 8.15
CA LEU G 339 47.14 52.49 6.94
C LEU G 339 45.74 52.04 7.39
N MSE G 340 45.74 51.28 8.48
CA MSE G 340 44.55 50.70 9.11
C MSE G 340 43.64 51.70 9.84
O MSE G 340 43.03 52.60 9.24
CB MSE G 340 45.03 49.72 10.18
CG MSE G 340 44.88 48.24 9.88
SE MSE G 340 46.22 47.27 8.86
CE MSE G 340 45.22 47.59 7.16
N THR G 341 43.53 51.48 11.14
CA THR G 341 42.81 52.34 12.06
C THR G 341 43.40 53.74 12.02
N HIS G 342 44.72 53.80 12.22
CA HIS G 342 45.39 55.07 12.43
C HIS G 342 46.07 55.66 11.19
N ARG G 343 45.31 55.66 10.11
CA ARG G 343 45.73 56.27 8.85
C ARG G 343 46.10 57.76 8.87
N PRO G 344 45.25 58.64 9.48
CA PRO G 344 45.32 60.06 9.12
C PRO G 344 46.30 60.94 9.91
N LEU G 345 46.72 60.52 11.11
CA LEU G 345 47.70 61.30 11.86
C LEU G 345 48.88 61.62 10.95
N SER G 346 49.49 62.78 11.15
CA SER G 346 50.59 63.18 10.32
C SER G 346 51.76 62.21 10.48
N ALA G 347 52.78 62.41 9.67
CA ALA G 347 53.94 61.52 9.67
C ALA G 347 54.59 61.51 11.04
N GLU G 348 54.88 62.71 11.56
CA GLU G 348 55.51 62.84 12.85
C GLU G 348 54.57 62.38 13.98
N ALA G 349 53.28 62.63 13.83
CA ALA G 349 52.28 62.30 14.85
C ALA G 349 52.26 60.79 15.16
N ARG G 350 52.02 59.99 14.13
CA ARG G 350 52.23 58.54 14.22
C ARG G 350 53.58 58.25 14.90
N ALA G 351 54.65 58.92 14.47
CA ALA G 351 55.99 58.74 15.07
C ALA G 351 56.12 59.38 16.46
N ARG G 352 55.42 60.49 16.68
CA ARG G 352 55.37 61.11 18.00
C ARG G 352 54.36 60.39 18.90
N ARG G 353 53.32 59.81 18.29
CA ARG G 353 52.31 59.06 19.05
C ARG G 353 52.38 57.57 18.74
N GLY G 354 53.60 57.07 18.52
CA GLY G 354 53.88 55.66 18.56
C GLY G 354 54.00 54.84 17.27
N ILE G 355 53.33 55.28 16.21
CA ILE G 355 53.10 54.42 15.05
C ILE G 355 54.10 54.56 13.89
N GLY G 356 55.20 53.82 13.98
CA GLY G 356 56.09 53.64 12.84
C GLY G 356 55.35 52.99 11.69
N GLU G 357 55.83 53.22 10.46
CA GLU G 357 55.11 52.77 9.27
C GLU G 357 54.88 51.25 9.23
N SER G 358 55.70 50.49 9.95
CA SER G 358 55.63 49.03 9.88
C SER G 358 55.12 48.31 11.12
N LEU G 359 54.44 49.04 12.01
CA LEU G 359 53.87 48.40 13.17
C LEU G 359 52.73 47.50 12.70
N ILE G 360 52.69 46.27 13.19
CA ILE G 360 51.60 45.35 12.84
C ILE G 360 50.75 44.95 14.07
N ARG G 361 49.43 44.94 13.91
CA ARG G 361 48.48 44.74 15.01
C ARG G 361 47.50 43.59 14.78
N LEU G 362 47.54 42.57 15.63
CA LEU G 362 46.65 41.43 15.51
C LEU G 362 45.48 41.48 16.50
N SER G 363 44.28 41.24 15.98
CA SER G 363 43.11 40.98 16.83
C SER G 363 42.78 39.49 16.76
N VAL G 364 42.97 38.78 17.87
CA VAL G 364 42.87 37.34 17.88
C VAL G 364 41.43 36.83 17.96
N GLY G 365 41.05 35.99 17.02
CA GLY G 365 39.74 35.35 17.04
C GLY G 365 39.76 33.99 17.70
N ILE G 366 38.87 33.10 17.28
CA ILE G 366 38.76 31.81 17.95
C ILE G 366 39.12 30.59 17.10
N GLU G 367 39.75 30.82 15.94
CA GLU G 367 40.23 29.71 15.12
C GLU G 367 41.27 28.88 15.88
N ASP G 368 41.62 27.71 15.33
CA ASP G 368 42.64 26.90 15.98
C ASP G 368 43.96 27.67 16.00
N PRO G 369 44.55 27.81 17.20
CA PRO G 369 45.77 28.57 17.41
C PRO G 369 46.90 28.10 16.50
N GLN G 370 46.94 26.81 16.18
CA GLN G 370 47.99 26.35 15.29
C GLN G 370 47.79 26.79 13.83
N ASP G 371 46.54 26.89 13.38
CA ASP G 371 46.29 27.44 12.05
C ASP G 371 46.72 28.89 11.97
N LEU G 372 46.35 29.66 13.00
CA LEU G 372 46.67 31.08 13.02
C LEU G 372 48.19 31.25 13.07
N ALA G 373 48.85 30.37 13.81
CA ALA G 373 50.30 30.35 13.90
C ALA G 373 50.94 30.04 12.55
N GLU G 374 50.41 29.04 11.84
CA GLU G 374 50.85 28.71 10.48
C GLU G 374 50.78 29.92 9.58
N ASP G 375 49.64 30.61 9.64
CA ASP G 375 49.33 31.68 8.69
C ASP G 375 50.24 32.88 8.94
N LEU G 376 50.34 33.26 10.21
CA LEU G 376 51.20 34.37 10.62
C LEU G 376 52.63 34.12 10.16
N SER G 377 53.12 32.92 10.45
CA SER G 377 54.49 32.60 10.11
C SER G 377 54.70 32.46 8.61
N ARG G 378 53.67 32.04 7.89
CA ARG G 378 53.76 31.94 6.43
C ARG G 378 53.86 33.34 5.79
N ALA G 379 53.06 34.27 6.29
CA ALA G 379 53.08 35.63 5.79
C ALA G 379 54.44 36.27 6.05
N LEU G 380 54.96 36.09 7.26
CA LEU G 380 56.27 36.64 7.62
C LEU G 380 57.41 36.04 6.80
N ALA G 381 57.23 34.82 6.33
CA ALA G 381 58.26 34.13 5.54
C ALA G 381 58.25 34.51 4.06
N GLY G 382 57.06 34.64 3.49
CA GLY G 382 56.91 34.89 2.06
C GLY G 382 57.23 33.69 1.18
N GLY G 383 57.65 33.95 -0.05
CA GLY G 383 58.00 32.89 -0.98
C GLY G 383 56.88 32.49 -1.90
N GLY H 6 9.85 52.97 -14.69
CA GLY H 6 8.59 52.95 -13.96
C GLY H 6 8.46 54.04 -12.91
N MSE H 7 7.93 55.20 -13.32
CA MSE H 7 8.13 56.43 -12.56
C MSE H 7 6.89 57.17 -12.07
O MSE H 7 6.77 58.39 -12.25
CB MSE H 7 9.05 57.40 -13.34
CG MSE H 7 10.48 57.38 -12.84
SE MSE H 7 10.87 55.56 -12.38
CE MSE H 7 12.65 55.69 -11.50
N ARG H 8 5.98 56.46 -11.43
CA ARG H 8 5.03 57.12 -10.56
C ARG H 8 5.11 56.45 -9.21
N PHE H 9 5.38 57.27 -8.20
CA PHE H 9 5.46 56.88 -6.81
C PHE H 9 5.54 55.37 -6.49
N GLY H 10 4.46 54.66 -6.78
CA GLY H 10 4.35 53.23 -6.53
C GLY H 10 5.52 52.40 -7.05
N THR H 11 6.12 52.83 -8.15
CA THR H 11 7.22 52.07 -8.69
C THR H 11 8.56 52.38 -7.98
N ARG H 12 8.80 53.65 -7.66
CA ARG H 12 9.97 54.02 -6.85
C ARG H 12 9.92 53.38 -5.47
N LEU H 13 8.70 53.24 -4.95
CA LEU H 13 8.49 52.62 -3.64
C LEU H 13 9.02 51.17 -3.64
N VAL H 14 8.84 50.47 -4.74
CA VAL H 14 9.21 49.06 -4.80
C VAL H 14 10.64 48.85 -5.31
N HIS H 15 11.07 49.71 -6.21
CA HIS H 15 12.34 49.50 -6.92
C HIS H 15 13.50 50.44 -6.57
N GLY H 16 13.23 51.56 -5.92
CA GLY H 16 14.30 52.43 -5.47
C GLY H 16 15.24 51.69 -4.51
N GLY H 17 16.53 51.68 -4.81
CA GLY H 17 17.52 51.05 -3.94
C GLY H 17 17.70 49.54 -4.13
N ARG H 18 17.41 49.01 -5.32
CA ARG H 18 17.48 47.56 -5.52
C ARG H 18 18.64 47.07 -6.46
N ARG H 19 19.89 47.42 -6.12
CA ARG H 19 21.07 47.01 -6.91
C ARG H 19 21.14 45.51 -7.23
N PRO H 20 21.34 45.19 -8.53
CA PRO H 20 21.21 43.89 -9.24
C PRO H 20 21.46 42.60 -8.50
N SER H 21 22.47 42.56 -7.64
CA SER H 21 22.92 41.34 -6.94
C SER H 21 23.72 40.41 -7.83
N ALA H 22 25.02 40.72 -7.90
CA ALA H 22 25.93 40.18 -8.89
C ALA H 22 25.85 38.68 -9.18
N GLY H 23 26.33 37.84 -8.27
CA GLY H 23 26.47 36.44 -8.61
C GLY H 23 25.24 35.56 -8.41
N THR H 24 24.13 36.14 -7.95
CA THR H 24 23.02 35.29 -7.52
C THR H 24 21.66 35.74 -8.06
N GLY H 25 21.51 37.05 -8.24
CA GLY H 25 20.31 37.58 -8.85
C GLY H 25 19.14 37.86 -7.91
N ASP H 26 19.42 37.84 -6.60
CA ASP H 26 18.40 38.11 -5.58
C ASP H 26 17.49 39.27 -5.99
N VAL H 27 16.18 39.05 -6.00
CA VAL H 27 15.27 40.14 -6.30
C VAL H 27 15.18 41.06 -5.08
N VAL H 28 14.98 40.45 -3.90
CA VAL H 28 15.11 41.18 -2.65
C VAL H 28 16.57 41.21 -2.18
N PRO H 29 17.17 42.41 -2.11
CA PRO H 29 18.60 42.50 -1.74
C PRO H 29 18.90 41.78 -0.43
N PRO H 30 19.98 41.00 -0.40
CA PRO H 30 20.31 40.27 0.83
C PRO H 30 20.67 41.24 1.95
N ILE H 31 20.51 40.82 3.20
CA ILE H 31 20.71 41.72 4.34
C ILE H 31 22.17 41.70 4.80
N HIS H 32 22.85 42.84 4.71
CA HIS H 32 24.26 42.93 5.08
C HIS H 32 24.37 43.24 6.56
N VAL H 33 24.58 42.22 7.38
CA VAL H 33 24.77 42.43 8.81
C VAL H 33 26.22 42.68 9.24
N SER H 34 27.18 42.33 8.40
CA SER H 34 28.59 42.39 8.79
C SER H 34 29.05 43.80 9.27
N THR H 35 29.87 43.82 10.32
CA THR H 35 30.47 45.06 10.81
C THR H 35 31.82 45.34 10.13
N THR H 36 32.43 44.32 9.54
CA THR H 36 33.58 44.57 8.69
C THR H 36 33.54 43.99 7.31
N TYR H 37 34.47 44.47 6.51
CA TYR H 37 34.57 44.16 5.11
C TYR H 37 36.03 43.96 4.84
N GLU H 38 36.40 42.73 4.49
CA GLU H 38 37.74 42.43 4.00
C GLU H 38 38.07 43.45 2.94
N ARG H 39 39.19 44.15 3.13
CA ARG H 39 39.64 45.19 2.21
C ARG H 39 40.26 44.56 0.95
N ARG H 40 40.12 43.24 0.85
CA ARG H 40 40.59 42.47 -0.30
C ARG H 40 39.33 41.75 -0.83
N ALA H 41 39.27 41.51 -2.14
CA ALA H 41 38.00 41.28 -2.83
C ALA H 41 37.17 42.56 -2.82
N GLN H 42 37.87 43.69 -2.70
CA GLN H 42 37.34 44.98 -3.12
C GLN H 42 38.46 45.92 -3.58
N ASP H 43 39.24 45.44 -4.56
CA ASP H 43 40.22 46.22 -5.33
C ASP H 43 40.28 47.71 -5.00
N GLU H 44 39.24 48.44 -5.39
CA GLU H 44 39.12 49.82 -4.94
C GLU H 44 38.28 49.84 -3.67
N PRO H 45 38.94 50.07 -2.54
CA PRO H 45 38.30 49.97 -1.23
C PRO H 45 37.23 51.03 -1.04
N ARG H 46 36.01 50.58 -0.69
CA ARG H 46 34.83 51.44 -0.62
C ARG H 46 33.97 51.18 0.66
N TYR H 47 34.07 49.97 1.21
CA TYR H 47 33.37 49.60 2.44
C TYR H 47 34.40 49.21 3.49
N PHE H 48 34.29 49.80 4.68
CA PHE H 48 35.37 49.70 5.65
C PHE H 48 34.92 49.26 7.04
N TYR H 49 33.86 49.87 7.53
CA TYR H 49 33.34 49.57 8.87
C TYR H 49 31.87 49.99 8.90
N GLY H 50 31.04 49.14 9.49
CA GLY H 50 29.60 49.26 9.42
C GLY H 50 29.00 50.58 9.84
N ARG H 51 29.62 51.25 10.80
CA ARG H 51 29.10 52.53 11.27
C ARG H 51 29.20 53.57 10.15
N GLY H 52 30.35 53.62 9.51
CA GLY H 52 30.58 54.58 8.43
C GLY H 52 30.10 54.15 7.05
N GLU H 53 29.81 52.86 6.85
CA GLU H 53 29.35 52.35 5.55
C GLU H 53 28.57 51.04 5.73
N ASN H 54 27.39 50.96 5.13
CA ASN H 54 26.63 49.69 5.11
C ASN H 54 25.73 49.58 3.90
N PRO H 55 25.88 48.51 3.09
CA PRO H 55 25.02 48.40 1.90
C PRO H 55 23.52 48.56 2.22
N THR H 56 22.94 47.61 2.95
CA THR H 56 21.51 47.64 3.26
C THR H 56 20.99 49.05 3.66
N ARG H 57 21.78 49.74 4.48
CA ARG H 57 21.46 51.11 4.84
C ARG H 57 21.42 52.04 3.62
N GLU H 58 22.44 51.94 2.77
CA GLU H 58 22.51 52.76 1.56
C GLU H 58 21.37 52.46 0.60
N GLU H 59 20.87 51.23 0.64
CA GLU H 59 19.76 50.84 -0.22
C GLU H 59 18.48 51.59 0.19
N LEU H 60 18.21 51.59 1.49
CA LEU H 60 17.03 52.27 2.01
C LEU H 60 17.14 53.77 1.73
N GLU H 61 18.34 54.31 1.96
CA GLU H 61 18.60 55.71 1.67
C GLU H 61 18.34 56.05 0.19
N GLU H 62 18.75 55.18 -0.73
CA GLU H 62 18.48 55.46 -2.15
C GLU H 62 16.97 55.47 -2.43
N CYS H 63 16.22 54.60 -1.78
CA CYS H 63 14.78 54.62 -1.93
C CYS H 63 14.19 55.94 -1.45
N LEU H 64 14.57 56.36 -0.25
CA LEU H 64 14.03 57.60 0.34
C LEU H 64 14.28 58.84 -0.52
N ALA H 65 15.51 59.02 -1.00
CA ALA H 65 15.84 60.18 -1.85
C ALA H 65 14.99 60.20 -3.12
N GLY H 66 14.68 59.01 -3.62
CA GLY H 66 13.92 58.86 -4.85
C GLY H 66 12.45 59.25 -4.76
N LEU H 67 11.84 59.05 -3.59
CA LEU H 67 10.43 59.42 -3.39
C LEU H 67 10.18 60.93 -3.60
N GLU H 68 11.23 61.73 -3.43
CA GLU H 68 11.11 63.17 -3.58
C GLU H 68 12.09 63.60 -4.65
N ARG H 69 12.67 62.59 -5.29
CA ARG H 69 13.65 62.81 -6.34
C ARG H 69 14.77 63.77 -5.90
N ALA H 70 15.37 63.47 -4.76
CA ALA H 70 16.47 64.25 -4.21
C ALA H 70 17.78 63.51 -4.45
N PRO H 71 18.89 64.26 -4.49
CA PRO H 71 20.14 63.52 -4.71
C PRO H 71 20.66 62.80 -3.47
N PHE H 72 20.15 63.13 -2.29
CA PHE H 72 20.71 62.61 -1.04
C PHE H 72 19.66 62.22 -0.02
N ALA H 73 19.96 61.16 0.73
CA ALA H 73 19.24 60.90 1.97
C ALA H 73 20.15 60.18 2.96
N THR H 74 19.88 60.38 4.25
CA THR H 74 20.63 59.74 5.32
C THR H 74 19.65 59.22 6.37
N VAL H 75 19.84 57.98 6.80
CA VAL H 75 18.93 57.41 7.80
C VAL H 75 19.59 57.28 9.17
N PHE H 76 18.76 57.23 10.20
CA PHE H 76 19.20 57.35 11.57
C PHE H 76 18.51 56.32 12.45
N SER H 77 19.07 56.12 13.63
CA SER H 77 18.51 55.25 14.65
C SER H 77 17.07 55.63 15.03
N SER H 78 16.71 56.90 14.82
CA SER H 78 15.36 57.36 15.15
C SER H 78 15.07 58.73 14.51
N GLY H 79 13.81 59.13 14.51
CA GLY H 79 13.43 60.47 14.10
C GLY H 79 14.16 61.53 14.91
N GLN H 80 14.19 61.34 16.24
CA GLN H 80 14.94 62.23 17.14
C GLN H 80 16.42 62.35 16.75
N ALA H 81 17.03 61.27 16.29
CA ALA H 81 18.43 61.31 15.87
C ALA H 81 18.63 62.17 14.61
N ALA H 82 17.72 62.02 13.65
CA ALA H 82 17.76 62.83 12.44
C ALA H 82 17.61 64.33 12.79
N ALA H 83 16.65 64.62 13.65
CA ALA H 83 16.44 65.98 14.14
C ALA H 83 17.66 66.51 14.91
N ALA H 84 18.23 65.65 15.75
CA ALA H 84 19.41 66.02 16.54
C ALA H 84 20.57 66.39 15.62
N THR H 85 20.74 65.61 14.55
CA THR H 85 21.84 65.79 13.63
C THR H 85 21.74 67.13 12.92
N LEU H 86 20.55 67.48 12.47
CA LEU H 86 20.30 68.75 11.82
C LEU H 86 20.51 69.94 12.77
N LEU H 87 20.01 69.82 14.00
CA LEU H 87 20.15 70.90 14.96
C LEU H 87 21.62 71.14 15.31
N SER H 88 22.42 70.09 15.24
CA SER H 88 23.84 70.18 15.60
C SER H 88 24.57 71.18 14.71
N LEU H 89 24.08 71.37 13.49
CA LEU H 89 24.71 72.31 12.57
C LEU H 89 24.31 73.75 12.88
N VAL H 90 23.50 73.94 13.92
CA VAL H 90 23.20 75.28 14.42
C VAL H 90 24.17 75.63 15.56
N ARG H 91 24.89 76.74 15.41
CA ARG H 91 25.94 77.13 16.35
C ARG H 91 25.39 77.92 17.55
N PRO H 92 26.14 77.94 18.67
CA PRO H 92 25.76 78.84 19.78
C PRO H 92 25.69 80.27 19.26
N GLY H 93 24.71 81.02 19.74
CA GLY H 93 24.54 82.39 19.32
C GLY H 93 23.76 82.50 18.03
N GLN H 94 23.58 81.37 17.35
CA GLN H 94 22.71 81.36 16.17
C GLN H 94 21.25 81.15 16.56
N CYS H 95 20.38 81.31 15.56
CA CYS H 95 18.93 81.37 15.78
C CYS H 95 18.13 80.34 14.97
N VAL H 96 17.28 79.59 15.67
CA VAL H 96 16.35 78.64 15.05
C VAL H 96 14.92 79.12 15.20
N VAL H 97 14.21 79.25 14.09
CA VAL H 97 12.80 79.67 14.13
C VAL H 97 11.84 78.50 13.98
N SER H 98 10.94 78.38 14.94
CA SER H 98 9.86 77.42 14.87
C SER H 98 8.65 78.03 15.58
N THR H 99 7.69 77.18 15.90
CA THR H 99 6.49 77.63 16.59
C THR H 99 6.35 76.80 17.88
N ASP H 100 5.43 77.20 18.75
CA ASP H 100 5.39 76.65 20.10
C ASP H 100 4.68 75.30 20.17
N ASP H 101 4.36 74.73 19.01
CA ASP H 101 3.53 73.53 18.94
C ASP H 101 4.27 72.31 18.38
N VAL H 102 5.50 72.48 17.94
CA VAL H 102 6.17 71.35 17.31
C VAL H 102 6.29 70.21 18.32
N TYR H 103 6.52 69.01 17.79
CA TYR H 103 6.69 67.82 18.62
C TYR H 103 7.52 68.10 19.87
N ALA H 104 7.03 67.60 20.99
CA ALA H 104 7.71 67.68 22.27
C ALA H 104 9.17 67.28 22.15
N GLY H 105 9.42 66.24 21.35
CA GLY H 105 10.78 65.75 21.14
C GLY H 105 11.68 66.81 20.55
N THR H 106 11.19 67.50 19.53
CA THR H 106 11.90 68.62 18.93
C THR H 106 12.13 69.75 19.95
N ASP H 107 11.13 70.03 20.77
CA ASP H 107 11.22 71.05 21.83
C ASP H 107 12.38 70.77 22.78
N GLY H 108 12.47 69.53 23.22
CA GLY H 108 13.61 69.06 23.99
C GLY H 108 14.89 69.31 23.22
N LEU H 109 14.93 68.88 21.96
CA LEU H 109 16.10 69.15 21.13
C LEU H 109 16.38 70.65 21.04
N PHE H 110 15.34 71.47 20.85
CA PHE H 110 15.50 72.92 20.97
C PHE H 110 16.03 73.32 22.37
N ASP H 111 15.45 72.77 23.43
CA ASP H 111 15.91 73.10 24.79
C ASP H 111 17.32 72.58 25.01
N LEU H 112 17.50 71.27 24.78
CA LEU H 112 18.82 70.64 24.84
C LEU H 112 19.83 71.58 24.22
N ALA H 113 19.53 72.02 23.00
CA ALA H 113 20.33 73.03 22.33
C ALA H 113 20.39 74.35 23.09
N ALA H 114 19.26 74.80 23.63
CA ALA H 114 19.16 76.13 24.23
C ALA H 114 20.28 76.40 25.23
N ARG H 115 20.54 75.41 26.08
CA ARG H 115 21.63 75.49 27.03
C ARG H 115 23.01 75.58 26.37
N GLN H 116 23.14 75.04 25.15
CA GLN H 116 24.40 75.18 24.41
C GLN H 116 24.55 76.59 23.83
N GLY H 117 23.55 77.45 24.04
CA GLY H 117 23.64 78.84 23.60
C GLY H 117 22.88 79.15 22.34
N VAL H 118 22.04 78.22 21.89
CA VAL H 118 21.22 78.41 20.69
C VAL H 118 20.05 79.36 20.96
N ARG H 119 19.83 80.33 20.06
CA ARG H 119 18.70 81.24 20.23
C ARG H 119 17.45 80.77 19.45
N VAL H 120 16.64 79.94 20.07
CA VAL H 120 15.40 79.48 19.44
C VAL H 120 14.36 80.61 19.43
N ARG H 121 13.82 80.94 18.24
CA ARG H 121 12.80 81.99 18.15
C ARG H 121 11.43 81.41 17.85
N TYR H 122 10.54 81.50 18.84
CA TYR H 122 9.16 81.08 18.67
C TYR H 122 8.35 82.22 18.08
N ALA H 123 7.56 81.89 17.07
CA ALA H 123 6.85 82.89 16.31
C ALA H 123 5.72 82.22 15.57
N ASP H 124 4.63 82.94 15.36
CA ASP H 124 3.56 82.40 14.52
C ASP H 124 4.03 82.38 13.07
N LEU H 125 3.76 81.28 12.38
CA LEU H 125 4.15 81.12 11.00
C LEU H 125 2.94 80.94 10.08
N THR H 126 1.76 81.22 10.61
CA THR H 126 0.53 81.21 9.83
C THR H 126 0.31 82.55 9.13
N THR H 127 0.45 83.65 9.86
CA THR H 127 0.22 84.98 9.30
C THR H 127 1.47 85.53 8.63
N PRO H 128 1.32 86.53 7.72
CA PRO H 128 2.51 87.14 7.13
C PRO H 128 3.25 88.01 8.14
N GLU H 129 2.48 88.72 8.98
CA GLU H 129 3.05 89.51 10.06
C GLU H 129 3.85 88.60 10.99
N GLY H 130 3.26 87.47 11.35
CA GLY H 130 3.97 86.46 12.12
C GLY H 130 5.31 86.19 11.47
N ILE H 131 5.27 85.74 10.22
CA ILE H 131 6.46 85.47 9.42
C ILE H 131 7.43 86.63 9.32
N ALA H 132 6.94 87.75 8.78
CA ALA H 132 7.79 88.90 8.47
C ALA H 132 8.70 89.26 9.63
N ALA H 133 8.12 89.31 10.82
CA ALA H 133 8.87 89.65 12.02
C ALA H 133 9.83 88.54 12.45
N ALA H 134 9.40 87.29 12.39
CA ALA H 134 10.26 86.15 12.75
C ALA H 134 11.49 86.10 11.86
N LEU H 135 11.34 86.60 10.65
CA LEU H 135 12.43 86.58 9.70
C LEU H 135 13.13 87.94 9.66
N ALA H 136 13.09 88.64 10.78
CA ALA H 136 13.96 89.78 11.02
C ALA H 136 14.92 89.42 12.15
N GLU H 137 14.78 88.21 12.66
CA GLU H 137 15.63 87.70 13.72
C GLU H 137 17.10 87.62 13.30
N PRO H 138 17.99 88.21 14.11
CA PRO H 138 19.42 88.13 13.80
C PRO H 138 19.96 86.70 13.80
N ASP H 139 20.88 86.41 12.88
CA ASP H 139 21.57 85.12 12.80
C ASP H 139 20.61 83.96 12.54
N LEU H 140 19.75 84.13 11.55
CA LEU H 140 18.74 83.13 11.19
C LEU H 140 19.36 81.99 10.42
N ALA H 141 19.56 80.85 11.08
CA ALA H 141 20.17 79.70 10.42
C ALA H 141 19.17 78.61 10.05
N LEU H 142 18.02 78.59 10.73
CA LEU H 142 17.12 77.47 10.58
C LEU H 142 15.67 77.84 10.86
N VAL H 143 14.79 77.49 9.92
CA VAL H 143 13.36 77.58 10.14
C VAL H 143 12.77 76.19 10.13
N TRP H 144 12.15 75.81 11.25
CA TRP H 144 11.69 74.46 11.48
C TRP H 144 10.17 74.41 11.33
N ILE H 145 9.72 73.76 10.27
CA ILE H 145 8.29 73.66 9.99
C ILE H 145 7.77 72.25 10.13
N GLU H 146 6.92 72.02 11.12
CA GLU H 146 6.24 70.73 11.23
C GLU H 146 4.80 70.95 10.77
N THR H 147 4.42 70.33 9.66
CA THR H 147 3.11 70.62 9.08
C THR H 147 2.51 69.39 8.40
N PRO H 148 1.25 69.06 8.71
CA PRO H 148 0.36 69.73 9.67
C PRO H 148 0.87 69.58 11.08
N THR H 149 0.32 70.35 12.01
CA THR H 149 0.74 70.31 13.40
C THR H 149 -0.14 69.34 14.18
N ASN H 150 0.34 68.91 15.34
CA ASN H 150 -0.30 67.82 16.06
C ASN H 150 -0.43 68.23 17.52
N PRO H 151 -1.67 68.24 18.08
CA PRO H 151 -2.91 67.64 17.58
C PRO H 151 -3.96 68.61 17.02
N LEU H 152 -3.65 69.87 16.81
CA LEU H 152 -4.70 70.78 16.33
C LEU H 152 -4.78 70.81 14.80
N LEU H 153 -3.72 70.34 14.16
CA LEU H 153 -3.70 70.14 12.71
C LEU H 153 -3.73 71.45 11.93
N THR H 154 -3.13 72.50 12.52
CA THR H 154 -2.91 73.73 11.78
C THR H 154 -1.87 73.46 10.70
N VAL H 155 -1.86 74.26 9.66
CA VAL H 155 -0.98 74.04 8.52
C VAL H 155 -0.20 75.30 8.14
N VAL H 156 1.11 75.14 7.92
CA VAL H 156 1.98 76.24 7.53
C VAL H 156 2.32 76.15 6.03
N ASP H 157 2.25 77.29 5.32
CA ASP H 157 2.56 77.32 3.89
C ASP H 157 4.08 77.18 3.65
N VAL H 158 4.53 75.97 3.38
CA VAL H 158 5.94 75.71 3.11
C VAL H 158 6.53 76.63 2.04
N ALA H 159 5.85 76.78 0.91
CA ALA H 159 6.41 77.57 -0.19
C ALA H 159 6.59 79.04 0.20
N GLU H 160 5.57 79.60 0.83
CA GLU H 160 5.61 81.01 1.24
C GLU H 160 6.70 81.24 2.28
N VAL H 161 6.70 80.44 3.35
CA VAL H 161 7.72 80.59 4.39
C VAL H 161 9.14 80.38 3.85
N SER H 162 9.33 79.36 3.02
CA SER H 162 10.65 79.09 2.44
C SER H 162 11.14 80.27 1.58
N ARG H 163 10.24 80.83 0.78
CA ARG H 163 10.56 81.97 -0.06
C ARG H 163 11.10 83.14 0.78
N ARG H 164 10.41 83.45 1.87
CA ARG H 164 10.82 84.55 2.76
C ARG H 164 12.09 84.18 3.50
N ALA H 165 12.18 82.91 3.91
CA ALA H 165 13.37 82.46 4.64
C ALA H 165 14.59 82.48 3.74
N HIS H 166 14.41 82.09 2.48
CA HIS H 166 15.51 82.05 1.52
C HIS H 166 16.00 83.44 1.09
N GLU H 167 15.33 84.47 1.55
CA GLU H 167 15.80 85.83 1.31
C GLU H 167 16.83 86.21 2.37
N ARG H 168 16.74 85.59 3.53
CA ARG H 168 17.66 85.90 4.63
C ARG H 168 18.67 84.77 4.86
N GLY H 169 18.95 84.01 3.80
CA GLY H 169 19.98 82.98 3.84
C GLY H 169 19.74 81.83 4.80
N ALA H 170 18.48 81.57 5.11
CA ALA H 170 18.13 80.53 6.07
C ALA H 170 17.93 79.16 5.42
N ARG H 171 18.32 78.11 6.14
CA ARG H 171 17.94 76.75 5.78
C ARG H 171 16.52 76.53 6.28
N VAL H 172 15.72 75.79 5.51
CA VAL H 172 14.36 75.47 5.91
C VAL H 172 14.15 73.98 5.97
N VAL H 173 13.76 73.47 7.13
CA VAL H 173 13.41 72.06 7.24
C VAL H 173 11.90 71.90 7.47
N VAL H 174 11.33 70.86 6.86
CA VAL H 174 9.97 70.48 7.16
C VAL H 174 9.97 69.10 7.81
N ASP H 175 9.39 68.99 9.00
CA ASP H 175 9.18 67.68 9.59
C ASP H 175 7.95 67.14 8.89
N ASN H 176 8.17 66.20 7.98
CA ASN H 176 7.13 65.72 7.07
C ASN H 176 6.57 64.35 7.50
N THR H 177 6.91 63.95 8.71
CA THR H 177 6.48 62.68 9.31
C THR H 177 4.99 62.42 9.16
N PHE H 178 4.20 63.39 9.62
CA PHE H 178 2.75 63.35 9.55
C PHE H 178 2.25 62.97 8.15
N ALA H 179 2.70 63.70 7.15
CA ALA H 179 2.18 63.55 5.79
C ALA H 179 2.80 62.38 5.01
N SER H 180 4.11 62.19 5.18
CA SER H 180 4.93 61.31 4.35
C SER H 180 5.08 61.86 2.94
N PRO H 181 6.13 61.43 2.23
CA PRO H 181 6.27 61.87 0.84
C PRO H 181 5.09 61.47 -0.10
N VAL H 182 4.18 60.59 0.34
CA VAL H 182 2.97 60.29 -0.46
C VAL H 182 2.08 61.53 -0.63
N LEU H 183 1.96 62.34 0.42
CA LEU H 183 0.99 63.43 0.43
C LEU H 183 1.59 64.83 0.30
N GLN H 184 2.86 64.98 0.66
CA GLN H 184 3.47 66.31 0.68
C GLN H 184 4.94 66.21 0.29
N GLN H 185 5.39 67.15 -0.55
CA GLN H 185 6.74 67.16 -1.12
C GLN H 185 7.50 68.44 -0.73
N PRO H 186 8.07 68.46 0.48
CA PRO H 186 8.73 69.67 1.03
C PRO H 186 9.80 70.26 0.10
N LEU H 187 10.61 69.42 -0.54
CA LEU H 187 11.67 69.93 -1.41
C LEU H 187 11.10 70.59 -2.66
N ALA H 188 10.11 69.96 -3.27
CA ALA H 188 9.43 70.56 -4.43
C ALA H 188 8.69 71.85 -4.04
N LEU H 189 8.34 71.96 -2.77
CA LEU H 189 7.64 73.12 -2.28
C LEU H 189 8.61 74.26 -1.95
N GLY H 190 9.90 73.96 -1.91
CA GLY H 190 10.89 74.99 -1.70
C GLY H 190 11.79 74.83 -0.49
N ALA H 191 11.45 73.88 0.39
CA ALA H 191 12.29 73.61 1.55
C ALA H 191 13.66 73.02 1.14
N ASP H 192 14.61 73.03 2.07
CA ASP H 192 15.94 72.50 1.82
C ASP H 192 16.09 71.05 2.30
N VAL H 193 15.27 70.67 3.26
CA VAL H 193 15.37 69.37 3.91
C VAL H 193 13.96 68.87 4.23
N SER H 194 13.76 67.57 4.06
CA SER H 194 12.58 66.92 4.63
C SER H 194 13.10 66.08 5.78
N LEU H 195 12.40 66.11 6.90
CA LEU H 195 12.78 65.33 8.06
C LEU H 195 11.70 64.29 8.34
N TYR H 196 12.11 63.07 8.67
CA TYR H 196 11.15 62.00 8.94
C TYR H 196 11.50 61.18 10.18
N SER H 197 10.49 60.94 11.01
CA SER H 197 10.50 59.74 11.83
C SER H 197 9.95 58.62 10.96
N THR H 198 10.80 57.70 10.54
CA THR H 198 10.33 56.56 9.77
C THR H 198 9.62 55.53 10.66
N THR H 199 9.68 55.76 11.97
CA THR H 199 8.92 54.99 12.95
C THR H 199 7.42 54.90 12.64
N1 LLP H 200 8.74 64.22 14.75
C2 LLP H 200 7.51 63.79 14.56
C2' LLP H 200 6.46 64.68 13.80
C3 LLP H 200 7.12 62.54 15.05
O3 LLP H 200 5.81 62.11 14.84
C4 LLP H 200 8.03 61.73 15.73
C4' LLP H 200 7.55 60.29 16.26
C5 LLP H 200 9.31 62.20 15.92
C6 LLP H 200 9.68 63.45 15.43
C5' LLP H 200 10.40 61.37 16.68
OP4 LLP H 200 10.75 60.28 15.90
P LLP H 200 11.31 59.00 16.58
OP1 LLP H 200 11.41 57.95 15.47
OP2 LLP H 200 12.64 59.29 17.17
OP3 LLP H 200 10.37 58.58 17.65
N LLP H 200 6.91 55.97 12.04
CA LLP H 200 5.46 56.11 11.80
CB LLP H 200 5.17 57.60 11.81
CG LLP H 200 5.95 58.24 12.97
CD LLP H 200 5.28 58.02 14.34
CE LLP H 200 6.27 58.40 15.48
NZ LLP H 200 6.28 59.85 15.73
C LLP H 200 5.05 55.43 10.50
O LLP H 200 5.28 54.24 10.35
N SER H 201 4.47 56.17 9.57
CA SER H 201 3.91 55.54 8.37
C SER H 201 4.89 54.95 7.35
N ILE H 202 6.10 55.49 7.24
CA ILE H 202 7.06 54.97 6.26
C ILE H 202 7.35 53.48 6.51
N ALA H 203 7.75 53.14 7.72
CA ALA H 203 7.92 51.72 8.05
C ALA H 203 6.54 51.08 8.28
N GLY H 204 5.66 51.83 8.93
CA GLY H 204 4.23 51.56 8.88
C GLY H 204 3.64 50.37 9.62
N HIS H 205 4.45 49.60 10.35
CA HIS H 205 3.96 48.38 11.00
C HIS H 205 4.28 48.34 12.50
N ALA H 206 4.65 49.50 13.03
CA ALA H 206 4.89 49.67 14.46
C ALA H 206 5.93 48.72 15.03
N ASP H 207 6.96 48.40 14.24
CA ASP H 207 7.96 47.44 14.70
C ASP H 207 9.41 47.83 14.41
N VAL H 208 9.63 49.07 14.02
CA VAL H 208 10.99 49.54 13.82
C VAL H 208 11.10 51.06 14.02
N LEU H 209 12.12 51.47 14.78
CA LEU H 209 12.42 52.88 14.98
C LEU H 209 13.47 53.33 13.98
N GLY H 210 13.29 54.55 13.48
CA GLY H 210 14.24 55.11 12.55
C GLY H 210 13.89 56.54 12.20
N GLY H 211 14.91 57.27 11.73
CA GLY H 211 14.71 58.61 11.20
C GLY H 211 15.37 58.74 9.83
N ALA H 212 15.10 59.86 9.18
CA ALA H 212 15.65 60.13 7.86
C ALA H 212 15.69 61.64 7.63
N LEU H 213 16.72 62.09 6.90
CA LEU H 213 16.79 63.43 6.35
C LEU H 213 16.91 63.22 4.84
N VAL H 214 16.14 64.00 4.08
CA VAL H 214 16.19 63.97 2.63
C VAL H 214 16.39 65.41 2.15
N TYR H 215 17.33 65.60 1.21
CA TYR H 215 17.82 66.96 0.92
C TYR H 215 18.69 67.01 -0.35
N ARG H 216 19.03 68.21 -0.79
CA ARG H 216 19.75 68.33 -2.06
C ARG H 216 21.16 68.92 -1.99
N ASP H 217 21.51 69.54 -0.86
CA ASP H 217 22.80 70.25 -0.77
C ASP H 217 23.99 69.35 -0.42
N ALA H 218 25.01 69.37 -1.26
CA ALA H 218 26.18 68.51 -1.10
C ALA H 218 27.01 68.87 0.13
N ASP H 219 27.09 70.14 0.47
CA ASP H 219 27.83 70.54 1.67
C ASP H 219 27.09 70.00 2.89
N LEU H 220 25.77 70.12 2.89
CA LEU H 220 24.95 69.59 3.96
C LEU H 220 25.15 68.08 4.12
N HIS H 221 25.18 67.37 2.98
CA HIS H 221 25.37 65.93 2.98
C HIS H 221 26.66 65.53 3.70
N ALA H 222 27.76 66.19 3.34
CA ALA H 222 29.05 65.91 3.99
C ALA H 222 28.97 66.12 5.51
N ALA H 223 28.38 67.23 5.94
CA ALA H 223 28.24 67.50 7.37
C ALA H 223 27.33 66.50 8.10
N VAL H 224 26.19 66.17 7.49
CA VAL H 224 25.27 65.21 8.08
C VAL H 224 25.95 63.86 8.26
N ARG H 225 26.64 63.41 7.22
CA ARG H 225 27.35 62.14 7.30
C ARG H 225 28.48 62.19 8.33
N ALA H 226 29.23 63.29 8.36
CA ALA H 226 30.29 63.45 9.36
C ALA H 226 29.74 63.34 10.79
N TYR H 227 28.59 63.95 11.02
CA TYR H 227 28.00 63.90 12.35
C TYR H 227 27.50 62.51 12.71
N ARG H 228 26.86 61.85 11.75
CA ARG H 228 26.34 60.51 11.99
C ARG H 228 27.46 59.50 12.31
N THR H 229 28.56 59.57 11.58
CA THR H 229 29.71 58.69 11.84
C THR H 229 30.30 58.98 13.22
N THR H 230 30.39 60.26 13.57
CA THR H 230 30.95 60.68 14.84
C THR H 230 30.03 60.42 16.02
N ALA H 231 28.78 60.88 15.93
CA ALA H 231 27.84 60.68 17.03
C ALA H 231 27.40 59.22 17.13
N GLY H 232 27.52 58.47 16.04
CA GLY H 232 27.16 57.06 16.05
C GLY H 232 25.66 56.77 16.16
N ASN H 233 24.83 57.73 15.75
CA ASN H 233 23.39 57.54 15.84
C ASN H 233 22.82 56.86 14.59
N VAL H 234 23.54 55.84 14.12
CA VAL H 234 23.26 55.20 12.83
C VAL H 234 22.69 53.79 13.04
N PRO H 235 21.56 53.49 12.36
CA PRO H 235 20.63 52.41 12.70
C PRO H 235 21.23 51.06 12.37
N GLY H 236 20.52 49.98 12.63
CA GLY H 236 21.02 48.66 12.27
C GLY H 236 20.51 48.13 10.94
N ALA H 237 21.28 47.21 10.38
CA ALA H 237 20.96 46.62 9.08
C ALA H 237 19.57 45.97 9.03
N LEU H 238 19.22 45.16 10.02
CA LEU H 238 17.92 44.49 10.03
C LEU H 238 16.73 45.49 10.12
N ASP H 239 16.95 46.61 10.80
CA ASP H 239 15.96 47.68 10.91
C ASP H 239 15.79 48.44 9.60
N CYS H 240 16.90 48.69 8.92
CA CYS H 240 16.81 49.27 7.58
C CYS H 240 16.05 48.31 6.66
N PHE H 241 16.26 47.00 6.84
CA PHE H 241 15.46 46.00 6.13
C PHE H 241 13.95 46.12 6.46
N LEU H 242 13.60 46.20 7.75
CA LEU H 242 12.18 46.34 8.13
C LEU H 242 11.57 47.66 7.64
N VAL H 243 12.32 48.76 7.76
CA VAL H 243 11.83 50.03 7.22
C VAL H 243 11.63 49.90 5.71
N ARG H 244 12.65 49.39 5.03
CA ARG H 244 12.61 49.25 3.57
C ARG H 244 11.46 48.34 3.15
N ARG H 245 11.25 47.26 3.89
CA ARG H 245 10.20 46.31 3.53
C ARG H 245 8.83 46.95 3.77
N GLY H 246 8.69 47.66 4.89
CA GLY H 246 7.45 48.36 5.16
C GLY H 246 7.16 49.42 4.11
N LEU H 247 8.23 50.04 3.61
CA LEU H 247 8.08 51.12 2.63
C LEU H 247 7.38 50.69 1.35
N HIS H 248 7.57 49.41 0.98
CA HIS H 248 6.91 48.86 -0.21
C HIS H 248 5.43 49.23 -0.29
N THR H 249 4.76 49.16 0.85
CA THR H 249 3.33 49.42 0.88
C THR H 249 2.93 50.82 1.33
N LEU H 250 3.88 51.76 1.34
CA LEU H 250 3.62 53.10 1.87
C LEU H 250 2.35 53.80 1.32
N SER H 251 2.26 53.94 0.00
CA SER H 251 1.16 54.70 -0.62
C SER H 251 -0.16 53.93 -0.65
N LEU H 252 -0.09 52.60 -0.71
CA LEU H 252 -1.29 51.79 -0.57
C LEU H 252 -1.87 51.99 0.82
N ARG H 253 -1.01 51.94 1.84
CA ARG H 253 -1.46 52.13 3.21
C ARG H 253 -2.01 53.54 3.46
N VAL H 254 -1.26 54.56 3.05
CA VAL H 254 -1.66 55.96 3.23
C VAL H 254 -3.01 56.26 2.59
N HIS H 255 -3.24 55.76 1.39
CA HIS H 255 -4.51 56.05 0.76
C HIS H 255 -5.71 55.35 1.46
N ARG H 256 -5.48 54.15 1.99
CA ARG H 256 -6.48 53.49 2.82
C ARG H 256 -6.75 54.31 4.09
N GLN H 257 -5.68 54.73 4.75
CA GLN H 257 -5.79 55.47 6.02
C GLN H 257 -6.48 56.82 5.82
N VAL H 258 -6.19 57.48 4.71
CA VAL H 258 -6.84 58.76 4.39
C VAL H 258 -8.32 58.56 4.11
N ALA H 259 -8.64 57.58 3.26
CA ALA H 259 -10.03 57.28 2.92
C ALA H 259 -10.84 56.99 4.19
N THR H 260 -10.27 56.21 5.09
CA THR H 260 -10.96 55.91 6.32
C THR H 260 -11.13 57.13 7.22
N ALA H 261 -10.07 57.93 7.36
CA ALA H 261 -10.12 59.17 8.14
C ALA H 261 -11.31 60.06 7.74
N ARG H 262 -11.55 60.20 6.44
CA ARG H 262 -12.67 61.02 5.97
C ARG H 262 -14.01 60.45 6.41
N VAL H 263 -14.14 59.12 6.37
CA VAL H 263 -15.33 58.44 6.88
C VAL H 263 -15.55 58.75 8.36
N LEU H 264 -14.47 58.72 9.14
CA LEU H 264 -14.59 58.94 10.58
C LEU H 264 -14.95 60.38 10.92
N VAL H 265 -14.40 61.31 10.15
CA VAL H 265 -14.70 62.73 10.33
C VAL H 265 -16.20 63.00 10.18
N GLU H 266 -16.81 62.36 9.19
CA GLU H 266 -18.25 62.48 9.01
C GLU H 266 -19.04 61.93 10.21
N ARG H 267 -18.59 60.82 10.78
CA ARG H 267 -19.23 60.29 11.98
C ARG H 267 -19.13 61.29 13.11
N LEU H 268 -17.95 61.86 13.26
CA LEU H 268 -17.66 62.78 14.35
C LEU H 268 -18.55 64.00 14.23
N ARG H 269 -18.67 64.50 13.01
CA ARG H 269 -19.48 65.69 12.77
C ARG H 269 -20.96 65.39 12.93
N ALA H 270 -21.33 64.12 12.84
CA ALA H 270 -22.71 63.72 13.04
C ALA H 270 -23.05 63.44 14.52
N SER H 271 -22.05 63.31 15.38
CA SER H 271 -22.28 62.93 16.77
C SER H 271 -22.75 64.07 17.68
N PRO H 272 -23.74 63.77 18.54
CA PRO H 272 -24.23 64.73 19.55
C PRO H 272 -23.33 64.83 20.78
N VAL H 273 -22.27 64.03 20.87
CA VAL H 273 -21.35 64.19 21.99
C VAL H 273 -19.96 64.61 21.50
N VAL H 274 -19.91 65.22 20.32
CA VAL H 274 -18.67 65.73 19.75
C VAL H 274 -18.80 67.22 19.50
N GLY H 275 -17.78 67.98 19.88
CA GLY H 275 -17.77 69.42 19.66
C GLY H 275 -16.99 69.75 18.39
N ALA H 276 -15.91 70.50 18.52
CA ALA H 276 -15.08 70.83 17.37
C ALA H 276 -14.44 69.58 16.78
N VAL H 277 -14.43 69.49 15.45
CA VAL H 277 -13.69 68.43 14.78
C VAL H 277 -12.55 69.06 13.98
N HIS H 278 -11.34 68.56 14.17
CA HIS H 278 -10.19 69.07 13.43
C HIS H 278 -9.72 68.04 12.41
N TYR H 279 -9.55 68.49 11.18
CA TYR H 279 -9.00 67.69 10.11
C TYR H 279 -8.62 68.62 8.97
N PRO H 280 -7.39 68.49 8.42
CA PRO H 280 -6.93 69.39 7.35
C PRO H 280 -7.87 69.32 6.17
N GLY H 281 -8.60 68.21 6.07
CA GLY H 281 -9.69 68.09 5.12
C GLY H 281 -11.05 68.39 5.74
N LEU H 282 -11.39 69.67 5.74
CA LEU H 282 -12.75 70.11 6.00
C LEU H 282 -12.84 71.45 5.28
N PRO H 283 -13.96 71.71 4.58
CA PRO H 283 -14.22 73.03 3.97
C PRO H 283 -13.97 74.17 4.96
N GLU H 284 -14.41 73.97 6.20
CA GLU H 284 -14.37 75.00 7.23
C GLU H 284 -12.96 75.42 7.66
N HIS H 285 -11.96 74.57 7.38
CA HIS H 285 -10.61 74.77 7.90
C HIS H 285 -10.10 76.19 7.68
N PRO H 286 -9.45 76.77 8.69
CA PRO H 286 -8.94 78.14 8.57
C PRO H 286 -7.94 78.28 7.42
N GLN H 287 -7.20 77.21 7.13
CA GLN H 287 -6.21 77.27 6.06
C GLN H 287 -6.52 76.31 4.93
N HIS H 288 -7.75 76.35 4.45
CA HIS H 288 -8.19 75.39 3.44
C HIS H 288 -7.34 75.49 2.17
N ALA H 289 -7.08 76.73 1.75
CA ALA H 289 -6.41 77.00 0.48
C ALA H 289 -4.98 76.46 0.44
N VAL H 290 -4.29 76.55 1.57
CA VAL H 290 -2.93 76.04 1.67
C VAL H 290 -2.90 74.51 1.59
N VAL H 291 -3.80 73.86 2.32
CA VAL H 291 -3.86 72.40 2.32
C VAL H 291 -4.10 71.93 0.89
N LYS H 292 -5.04 72.59 0.24
CA LYS H 292 -5.33 72.32 -1.16
C LYS H 292 -4.06 72.48 -2.00
N ALA H 293 -3.26 73.49 -1.68
CA ALA H 293 -2.08 73.80 -2.47
C ALA H 293 -0.84 72.94 -2.16
N GLN H 294 -0.78 72.25 -1.03
CA GLN H 294 0.48 71.54 -0.72
C GLN H 294 0.41 70.08 -0.29
N MSE H 295 -0.75 69.60 0.17
CA MSE H 295 -0.90 68.19 0.52
C MSE H 295 -1.90 67.51 -0.41
O MSE H 295 -3.09 67.83 -0.41
CB MSE H 295 -1.37 68.04 1.99
CG MSE H 295 -0.55 66.99 2.83
SE MSE H 295 -1.57 66.01 4.22
CE MSE H 295 -2.26 67.36 5.39
N SER H 296 -1.44 66.55 -1.20
CA SER H 296 -2.32 65.88 -2.17
C SER H 296 -3.47 65.04 -1.57
N ALA H 297 -3.64 65.10 -0.24
CA ALA H 297 -4.74 64.46 0.50
C ALA H 297 -4.54 64.81 1.97
N PRO H 298 -5.62 64.85 2.76
CA PRO H 298 -5.50 65.50 4.07
C PRO H 298 -4.91 64.63 5.19
N GLY H 299 -4.53 63.40 4.89
CA GLY H 299 -3.90 62.57 5.88
C GLY H 299 -4.85 61.77 6.76
N ALA H 300 -4.28 61.19 7.81
CA ALA H 300 -4.97 60.15 8.56
C ALA H 300 -5.00 60.43 10.07
N ILE H 301 -4.72 61.68 10.44
CA ILE H 301 -4.83 62.08 11.83
C ILE H 301 -6.10 62.91 11.95
N VAL H 302 -6.92 62.60 12.94
CA VAL H 302 -8.15 63.33 13.15
C VAL H 302 -8.18 63.64 14.63
N SER H 303 -8.64 64.84 15.00
CA SER H 303 -8.85 65.14 16.42
C SER H 303 -10.18 65.84 16.64
N PHE H 304 -10.67 65.78 17.87
CA PHE H 304 -12.00 66.30 18.20
C PHE H 304 -12.18 66.44 19.70
N ASP H 305 -13.06 67.34 20.09
CA ASP H 305 -13.40 67.51 21.50
C ASP H 305 -14.59 66.62 21.84
N TYR H 306 -14.40 65.78 22.86
CA TYR H 306 -15.44 64.88 23.33
C TYR H 306 -16.26 65.58 24.42
N LEU H 307 -17.58 65.55 24.27
CA LEU H 307 -18.48 66.26 25.16
C LEU H 307 -19.22 65.36 26.16
N GLY H 308 -19.08 64.05 26.04
CA GLY H 308 -19.76 63.13 26.95
C GLY H 308 -19.39 63.36 28.40
N GLY H 309 -18.27 62.80 28.82
CA GLY H 309 -17.78 62.95 30.19
C GLY H 309 -16.27 62.79 30.20
N PRO H 310 -15.73 62.18 31.27
CA PRO H 310 -14.27 62.03 31.37
C PRO H 310 -13.63 61.36 30.15
N ALA H 311 -12.58 61.99 29.63
CA ALA H 311 -11.84 61.43 28.51
C ALA H 311 -11.37 60.02 28.81
N GLU H 312 -10.92 59.77 30.04
CA GLU H 312 -10.36 58.46 30.36
C GLU H 312 -11.42 57.34 30.30
N ARG H 313 -12.68 57.69 30.56
CA ARG H 313 -13.78 56.75 30.33
C ARG H 313 -13.99 56.46 28.83
N LEU H 314 -14.00 57.51 28.01
CA LEU H 314 -14.08 57.34 26.56
C LEU H 314 -12.97 56.40 26.06
N LEU H 315 -11.73 56.69 26.48
CA LEU H 315 -10.60 55.86 26.08
C LEU H 315 -10.81 54.39 26.45
N ASP H 316 -11.33 54.14 27.65
CA ASP H 316 -11.56 52.76 28.11
C ASP H 316 -12.50 51.98 27.18
N ARG H 317 -13.46 52.67 26.58
CA ARG H 317 -14.53 52.00 25.83
C ARG H 317 -14.18 51.47 24.44
N PHE H 318 -13.10 51.96 23.82
CA PHE H 318 -12.67 51.39 22.53
C PHE H 318 -12.29 49.92 22.68
N THR H 319 -12.64 49.09 21.70
CA THR H 319 -12.16 47.70 21.66
C THR H 319 -11.58 47.33 20.29
N LEU H 320 -11.37 48.32 19.42
CA LEU H 320 -10.63 48.09 18.18
C LEU H 320 -9.47 49.07 18.05
N PHE H 321 -9.75 50.38 18.16
CA PHE H 321 -8.68 51.37 18.35
C PHE H 321 -7.90 50.98 19.59
N THR H 322 -6.58 51.07 19.52
CA THR H 322 -5.70 50.83 20.67
C THR H 322 -5.32 52.14 21.32
N CYS H 323 -5.40 52.19 22.65
CA CYS H 323 -5.03 53.41 23.36
C CYS H 323 -3.55 53.44 23.78
N GLY H 324 -2.84 54.41 23.22
CA GLY H 324 -1.43 54.62 23.50
C GLY H 324 -0.90 55.65 22.52
N VAL H 325 0.41 55.82 22.50
CA VAL H 325 1.05 56.79 21.61
C VAL H 325 1.62 56.12 20.35
N SER H 326 2.28 56.92 19.51
CA SER H 326 2.73 56.55 18.15
C SER H 326 1.61 56.78 17.13
N LEU H 327 1.97 56.83 15.86
CA LEU H 327 0.98 57.08 14.84
C LEU H 327 1.46 56.56 13.50
N GLY H 328 0.54 56.43 12.54
CA GLY H 328 0.94 56.14 11.19
C GLY H 328 0.89 54.67 10.81
N GLY H 329 0.83 53.81 11.84
CA GLY H 329 0.93 52.37 11.64
C GLY H 329 -0.36 51.70 11.19
N VAL H 330 -0.25 50.42 10.83
CA VAL H 330 -1.38 49.66 10.32
C VAL H 330 -2.52 49.55 11.35
N HIS H 331 -2.17 49.55 12.64
CA HIS H 331 -3.15 49.50 13.73
C HIS H 331 -3.61 50.90 14.09
N SER H 332 -4.92 51.11 14.12
CA SER H 332 -5.47 52.40 14.53
C SER H 332 -5.22 52.68 16.00
N LEU H 333 -4.83 53.91 16.31
CA LEU H 333 -4.58 54.32 17.70
C LEU H 333 -5.41 55.55 18.04
N VAL H 334 -5.84 55.60 19.30
CA VAL H 334 -6.56 56.74 19.83
C VAL H 334 -5.79 57.18 21.06
N GLU H 335 -5.91 58.44 21.44
CA GLU H 335 -5.24 58.95 22.62
C GLU H 335 -5.92 60.24 23.08
N CYS H 336 -5.54 60.72 24.26
CA CYS H 336 -6.03 62.00 24.75
C CYS H 336 -4.87 62.90 25.22
N PRO H 337 -4.40 63.80 24.35
CA PRO H 337 -3.20 64.60 24.56
C PRO H 337 -3.01 65.12 25.99
N ALA H 338 -4.06 65.65 26.60
CA ALA H 338 -3.95 66.31 27.90
C ALA H 338 -3.47 65.36 29.01
N LEU H 339 -3.86 64.09 28.91
CA LEU H 339 -3.42 63.05 29.83
C LEU H 339 -2.29 62.25 29.21
N MSE H 340 -1.74 62.74 28.10
CA MSE H 340 -0.87 61.93 27.25
C MSE H 340 0.26 62.54 26.39
O MSE H 340 1.29 62.93 26.93
CB MSE H 340 -1.76 61.14 26.33
CG MSE H 340 -1.96 59.82 26.83
SE MSE H 340 -1.20 59.01 25.35
CE MSE H 340 -2.76 57.77 25.28
N THR H 341 0.08 62.54 25.06
CA THR H 341 1.16 62.91 24.13
C THR H 341 1.65 64.25 24.50
N HIS H 342 0.71 65.05 24.96
CA HIS H 342 0.99 66.41 25.39
C HIS H 342 0.81 66.57 26.90
N ARG H 343 0.90 65.46 27.64
CA ARG H 343 0.67 65.43 29.08
C ARG H 343 1.36 66.50 29.94
N PRO H 344 2.70 66.43 30.09
CA PRO H 344 3.34 67.09 31.24
C PRO H 344 3.03 68.57 31.47
N LEU H 345 2.56 69.26 30.44
CA LEU H 345 2.08 70.65 30.56
C LEU H 345 0.85 70.77 31.50
N SER H 346 0.49 72.00 31.88
CA SER H 346 -0.51 72.23 32.96
C SER H 346 -1.93 72.44 32.44
N ALA H 347 -2.82 73.00 33.25
CA ALA H 347 -4.17 73.39 32.80
C ALA H 347 -4.34 74.91 32.72
N GLU H 348 -3.48 75.63 33.43
CA GLU H 348 -3.33 77.07 33.23
C GLU H 348 -2.50 77.28 31.97
N ALA H 349 -1.92 76.18 31.49
CA ALA H 349 -1.14 76.17 30.25
C ALA H 349 -1.97 75.54 29.15
N ARG H 350 -1.65 74.28 28.82
CA ARG H 350 -2.29 73.44 27.77
C ARG H 350 -3.36 74.14 26.91
N ALA H 351 -4.32 74.75 27.58
CA ALA H 351 -5.35 75.55 26.93
C ALA H 351 -4.71 76.70 26.16
N ARG H 352 -3.59 77.21 26.68
CA ARG H 352 -2.83 78.24 25.99
C ARG H 352 -2.45 77.82 24.58
N ARG H 353 -2.29 76.52 24.36
CA ARG H 353 -2.09 76.00 23.01
C ARG H 353 -3.41 75.53 22.42
N GLY H 354 -4.42 75.36 23.27
CA GLY H 354 -5.70 74.85 22.82
C GLY H 354 -5.82 73.34 22.87
N ILE H 355 -4.98 72.69 23.68
CA ILE H 355 -5.05 71.24 23.85
C ILE H 355 -5.97 70.84 24.99
N GLY H 356 -7.26 71.18 24.90
CA GLY H 356 -8.21 70.97 25.98
C GLY H 356 -8.18 69.61 26.66
N GLU H 357 -8.68 69.55 27.89
CA GLU H 357 -8.67 68.33 28.69
C GLU H 357 -9.35 67.15 27.98
N SER H 358 -10.36 67.42 27.15
CA SER H 358 -11.03 66.31 26.47
C SER H 358 -10.89 66.33 24.95
N LEU H 359 -9.78 66.90 24.46
CA LEU H 359 -9.43 66.73 23.06
C LEU H 359 -8.87 65.30 22.85
N ILE H 360 -9.39 64.64 21.83
CA ILE H 360 -9.04 63.26 21.50
C ILE H 360 -8.40 63.23 20.12
N ARG H 361 -7.31 62.48 19.98
CA ARG H 361 -6.66 62.36 18.68
C ARG H 361 -6.70 60.92 18.16
N LEU H 362 -7.10 60.79 16.90
CA LEU H 362 -7.14 59.50 16.23
C LEU H 362 -6.00 59.38 15.21
N SER H 363 -5.33 58.23 15.23
CA SER H 363 -4.42 57.85 14.16
C SER H 363 -5.03 56.64 13.45
N VAL H 364 -5.46 56.86 12.21
CA VAL H 364 -6.29 55.89 11.50
C VAL H 364 -5.45 54.86 10.74
N GLY H 365 -5.59 53.58 11.10
CA GLY H 365 -4.87 52.51 10.44
C GLY H 365 -5.57 51.95 9.20
N ILE H 366 -5.31 50.68 8.89
CA ILE H 366 -5.84 50.08 7.65
C ILE H 366 -6.91 49.02 7.88
N GLU H 367 -7.51 49.03 9.07
CA GLU H 367 -8.65 48.17 9.35
C GLU H 367 -9.86 48.56 8.48
N ASP H 368 -10.87 47.70 8.42
CA ASP H 368 -12.06 48.02 7.64
C ASP H 368 -12.72 49.28 8.20
N PRO H 369 -13.02 50.26 7.34
CA PRO H 369 -13.56 51.54 7.82
C PRO H 369 -14.88 51.39 8.59
N GLN H 370 -15.72 50.45 8.17
CA GLN H 370 -16.99 50.27 8.87
C GLN H 370 -16.78 49.79 10.30
N ASP H 371 -15.80 48.91 10.52
CA ASP H 371 -15.50 48.44 11.88
C ASP H 371 -14.91 49.56 12.75
N LEU H 372 -14.06 50.38 12.16
CA LEU H 372 -13.50 51.51 12.90
C LEU H 372 -14.62 52.51 13.24
N ALA H 373 -15.50 52.77 12.26
CA ALA H 373 -16.63 53.69 12.45
C ALA H 373 -17.48 53.26 13.63
N GLU H 374 -17.81 51.97 13.69
CA GLU H 374 -18.69 51.53 14.76
C GLU H 374 -17.97 51.31 16.11
N ASP H 375 -16.66 51.09 16.10
CA ASP H 375 -15.92 51.16 17.35
C ASP H 375 -16.00 52.58 17.92
N LEU H 376 -15.76 53.57 17.06
CA LEU H 376 -15.84 54.97 17.45
C LEU H 376 -17.23 55.33 18.00
N SER H 377 -18.28 54.91 17.29
CA SER H 377 -19.65 55.16 17.74
C SER H 377 -19.95 54.47 19.06
N ARG H 378 -19.46 53.24 19.20
CA ARG H 378 -19.65 52.49 20.41
C ARG H 378 -19.03 53.23 21.59
N ALA H 379 -17.78 53.66 21.43
CA ALA H 379 -17.05 54.29 22.52
C ALA H 379 -17.61 55.67 22.84
N LEU H 380 -17.88 56.46 21.79
CA LEU H 380 -18.49 57.78 21.98
C LEU H 380 -19.81 57.66 22.72
N ALA H 381 -20.58 56.64 22.39
CA ALA H 381 -21.88 56.36 23.01
C ALA H 381 -22.80 57.56 23.04
N GLY H 382 -22.88 58.27 21.92
CA GLY H 382 -23.66 59.49 21.89
C GLY H 382 -25.14 59.27 21.64
N GLY H 383 -25.70 58.21 22.21
CA GLY H 383 -27.04 57.81 21.85
C GLY H 383 -27.20 57.50 20.38
O1 MES I . -14.08 -15.73 -20.23
C2 MES I . -13.76 -14.68 -21.17
C3 MES I . -12.31 -14.71 -21.66
N4 MES I . -11.97 -16.10 -21.90
C5 MES I . -12.24 -17.17 -20.94
C6 MES I . -12.94 -16.46 -19.78
C7 MES I . -11.71 -16.50 -23.26
C8 MES I . -10.34 -17.14 -23.24
S MES I . -9.92 -17.46 -24.82
O1S MES I . -9.19 -18.73 -24.82
O2S MES I . -11.16 -17.47 -25.67
O3S MES I . -9.03 -16.36 -25.31
C1 GOL J . 8.67 -14.38 -3.37
O1 GOL J . 8.22 -13.08 -3.70
C2 GOL J . 10.13 -14.33 -2.93
O2 GOL J . 10.29 -15.11 -1.76
C3 GOL J . 10.52 -12.89 -2.61
O3 GOL J . 11.56 -12.88 -1.66
C1 GOL K . -1.19 -46.01 -4.33
O1 GOL K . -1.72 -46.78 -5.38
C2 GOL K . -1.29 -44.50 -4.58
O2 GOL K . -0.88 -43.82 -3.42
C3 GOL K . -0.46 -44.02 -5.77
O3 GOL K . -0.77 -42.66 -6.10
C1 GOL L . 15.67 -24.11 -18.02
O1 GOL L . 16.21 -25.34 -18.47
C2 GOL L . 16.03 -23.94 -16.56
O2 GOL L . 16.62 -22.69 -16.34
C3 GOL L . 14.76 -24.08 -15.73
O3 GOL L . 15.06 -23.93 -14.36
CL CL M . 12.11 -15.72 -8.85
CL CL N . -17.01 -13.93 -24.15
O1 MES O . -5.35 -27.26 8.37
C2 MES O . -5.81 -27.58 9.69
C3 MES O . -7.23 -27.08 10.00
N4 MES O . -8.14 -27.59 9.00
C5 MES O . -7.57 -28.10 7.74
C6 MES O . -6.34 -27.28 7.35
C7 MES O . -9.44 -28.14 9.38
C8 MES O . -9.96 -27.53 10.70
S MES O . -11.06 -28.59 11.41
O1S MES O . -12.23 -28.73 10.53
O2S MES O . -10.42 -29.92 11.57
O3S MES O . -11.57 -28.10 12.72
C1 GOL P . -27.95 -45.81 12.35
O1 GOL P . -28.12 -46.47 11.11
C2 GOL P . -26.78 -46.44 13.09
O2 GOL P . -26.17 -45.45 13.90
C3 GOL P . -27.34 -47.53 14.01
O3 GOL P . -26.40 -48.58 14.13
C1 GOL Q . -34.27 -15.95 5.04
O1 GOL Q . -34.24 -15.74 6.43
C2 GOL Q . -33.40 -14.89 4.36
O2 GOL Q . -33.11 -13.87 5.28
C3 GOL Q . -34.17 -14.27 3.21
O3 GOL Q . -33.53 -13.10 2.77
C1 GOL R . -13.68 -9.52 -16.91
O1 GOL R . -14.03 -10.56 -16.04
C2 GOL R . -12.25 -9.02 -16.67
O2 GOL R . -12.16 -7.61 -16.51
C3 GOL R . -11.54 -9.81 -15.57
O3 GOL R . -12.12 -9.56 -14.31
C1 GOL S . -29.11 -28.71 -18.79
O1 GOL S . -29.89 -28.51 -19.95
C2 GOL S . -29.50 -29.98 -18.04
O2 GOL S . -30.58 -30.64 -18.65
C3 GOL S . -29.91 -29.61 -16.61
O3 GOL S . -28.83 -29.81 -15.74
C1 GOL T . -20.10 -26.49 28.11
O1 GOL T . -19.81 -26.99 26.82
C2 GOL T . -18.86 -26.58 28.98
O2 GOL T . -18.55 -25.31 29.53
C3 GOL T . -19.09 -27.59 30.09
O3 GOL T . -20.30 -27.26 30.76
C1 GOL U . -24.99 -3.35 4.87
O1 GOL U . -23.74 -2.79 5.22
C2 GOL U . -25.85 -3.55 6.12
O2 GOL U . -26.26 -4.89 6.25
C3 GOL U . -27.13 -2.72 6.01
O3 GOL U . -26.87 -1.41 6.48
C1 GOL V . -3.90 -21.60 6.26
O1 GOL V . -3.55 -20.23 6.27
C2 GOL V . -4.00 -22.12 7.69
O2 GOL V . -4.28 -21.03 8.53
C3 GOL V . -5.13 -23.14 7.77
O3 GOL V . -5.12 -24.04 6.68
CL CL W . -34.58 -23.17 17.08
O1 MES X . -36.79 -51.16 -16.64
C2 MES X . -38.05 -51.74 -16.32
C3 MES X . -37.99 -52.62 -15.07
N4 MES X . -37.14 -51.98 -14.07
C5 MES X . -35.84 -51.43 -14.42
C6 MES X . -35.69 -51.71 -15.92
C7 MES X . -37.82 -51.50 -12.89
C8 MES X . -37.13 -51.95 -11.61
S MES X . -38.19 -51.47 -10.41
O1S MES X . -39.11 -52.57 -10.05
O2S MES X . -39.04 -50.38 -10.93
O3S MES X . -37.46 -51.05 -9.19
C1 GOL Y . -23.15 -66.54 6.51
O1 GOL Y . -22.35 -67.69 6.31
C2 GOL Y . -24.26 -66.89 7.49
O2 GOL Y . -25.40 -67.40 6.82
C3 GOL Y . -24.65 -65.68 8.33
O3 GOL Y . -25.63 -66.09 9.27
C FMT Z . -21.08 -74.36 -8.65
O1 FMT Z . -21.28 -73.49 -9.50
O2 FMT Z . -21.07 -74.12 -7.45
CL CL AA . -25.67 -75.14 -2.50
CL CL BA . -33.33 -68.46 -29.39
O1 MES CA . -5.81 -61.28 -19.10
C2 MES CA . -4.79 -61.61 -20.06
C3 MES CA . -5.24 -61.39 -21.50
N4 MES CA . -5.79 -60.05 -21.52
C5 MES CA . -6.82 -59.65 -20.57
C6 MES CA . -7.06 -60.85 -19.65
C7 MES CA . -5.17 -59.04 -22.38
C8 MES CA . -4.67 -59.85 -23.58
S MES CA . -3.55 -58.97 -24.44
O1S MES CA . -3.22 -59.68 -25.69
O2S MES CA . -4.20 -57.66 -24.74
O3S MES CA . -2.34 -58.61 -23.64
C1 GOL DA . -21.56 -49.66 -45.36
O1 GOL DA . -22.12 -48.71 -44.49
C2 GOL DA . -20.67 -50.57 -44.51
O2 GOL DA . -20.85 -50.18 -43.18
C3 GOL DA . -19.21 -50.37 -44.90
O3 GOL DA . -19.05 -50.77 -46.24
C1 GOL EA . -37.73 -56.00 -22.31
O1 GOL EA . -38.07 -54.83 -23.02
C2 GOL EA . -36.23 -56.13 -22.15
O2 GOL EA . -35.88 -55.88 -20.83
C3 GOL EA . -36.02 -57.60 -22.31
O3 GOL EA . -35.50 -58.26 -21.24
C1 GOL FA . -32.13 -63.55 -35.63
O1 GOL FA . -33.33 -62.89 -36.01
C2 GOL FA . -31.00 -62.54 -35.46
O2 GOL FA . -30.77 -61.93 -36.70
C3 GOL FA . -29.71 -63.22 -34.99
O3 GOL FA . -29.87 -63.78 -33.71
CL CL GA . -25.33 -60.92 -40.24
CL CL HA . -5.80 -49.14 -46.67
O1 MES IA . 10.51 25.72 -8.83
C2 MES IA . 9.69 25.78 -10.02
C3 MES IA . 8.18 25.97 -9.77
N4 MES IA . 7.96 26.94 -8.70
C5 MES IA . 8.86 26.94 -7.54
C6 MES IA . 9.76 25.70 -7.62
C7 MES IA . 7.03 28.06 -8.83
C8 MES IA . 5.92 27.74 -9.86
S MES IA . 5.30 29.17 -10.49
O1S MES IA . 3.93 28.99 -10.99
O2S MES IA . 6.21 29.63 -11.56
O3S MES IA . 5.31 30.18 -9.37
C1 GOL JA . -16.93 29.32 5.97
O1 GOL JA . -18.19 29.56 5.41
C2 GOL JA . -16.80 27.86 6.41
O2 GOL JA . -15.60 27.65 7.13
C3 GOL JA . -17.94 27.62 7.40
O3 GOL JA . -17.86 26.30 7.86
C1 GOL KA . -7.03 12.02 8.04
O1 GOL KA . -7.80 12.17 6.87
C2 GOL KA . -7.95 11.89 9.24
O2 GOL KA . -9.04 12.76 9.09
C3 GOL KA . -8.48 10.46 9.33
O3 GOL KA . -9.69 10.37 8.60
CL CL LA . -13.00 15.74 6.36
O1 MES MA . 8.47 15.73 22.37
C2 MES MA . 9.19 14.63 22.94
C3 MES MA . 10.71 14.69 22.78
N4 MES MA . 11.21 16.02 23.12
C5 MES MA . 10.29 17.16 23.11
C6 MES MA . 9.26 16.87 22.02
C7 MES MA . 12.48 16.10 23.85
C8 MES MA . 13.52 16.92 23.08
S MES MA . 15.09 16.78 23.69
O1S MES MA . 15.63 15.42 23.48
O2S MES MA . 15.16 16.97 25.18
O3S MES MA . 15.95 17.76 23.02
C1 GOL NA . 7.97 13.83 18.28
O1 GOL NA . 8.12 14.88 19.22
C2 GOL NA . 7.02 12.76 18.82
O2 GOL NA . 7.77 11.68 19.33
C3 GOL NA . 6.10 12.27 17.71
O3 GOL NA . 6.82 11.62 16.69
C1 GOL OA . 18.88 6.39 -1.89
O1 GOL OA . 18.68 5.28 -1.04
C2 GOL OA . 19.66 5.90 -3.11
O2 GOL OA . 21.02 6.18 -2.90
C3 GOL OA . 19.47 4.40 -3.21
O3 GOL OA . 20.03 3.78 -2.08
C1 GOL PA . 39.34 25.40 22.33
O1 GOL PA . 38.76 24.26 21.75
C2 GOL PA . 40.12 25.00 23.58
O2 GOL PA . 40.67 26.15 24.18
C3 GOL PA . 39.14 24.41 24.57
O3 GOL PA . 38.07 25.33 24.69
C1 GOL QA . 35.95 26.69 29.44
O1 GOL QA . 36.20 25.47 30.08
C2 GOL QA . 36.41 27.86 30.32
O2 GOL QA . 35.32 28.29 31.13
C3 GOL QA . 36.90 29.01 29.44
O3 GOL QA . 37.75 29.83 30.21
C1 GOL RA . 9.12 22.25 -8.11
O1 GOL RA . 8.74 22.75 -6.85
C2 GOL RA . 10.17 21.16 -7.87
O2 GOL RA . 10.06 20.04 -8.57
C3 GOL RA . 10.67 21.08 -6.42
O3 GOL RA . 11.13 19.78 -6.29
C1 GOL SA . 34.25 11.10 4.49
O1 GOL SA . 33.52 10.53 3.41
C2 GOL SA . 34.72 9.97 5.41
O2 GOL SA . 34.83 8.78 4.66
C3 GOL SA . 36.06 10.32 6.02
O3 GOL SA . 35.87 11.32 7.00
C FMT TA . 27.26 20.21 -0.55
O1 FMT TA . 26.99 20.63 0.57
O2 FMT TA . 28.39 19.84 -0.88
CL CL UA . 25.49 5.36 1.16
O1 MES VA . 36.73 52.92 11.81
C2 MES VA . 37.94 53.40 12.39
C3 MES VA . 38.55 52.36 13.33
N4 MES VA . 37.51 51.72 14.15
C5 MES VA . 36.24 51.34 13.56
C6 MES VA . 35.77 52.58 12.80
C7 MES VA . 37.95 50.95 15.29
C8 MES VA . 38.53 49.65 14.74
S MES VA . 39.17 48.71 15.97
O1S MES VA . 38.08 48.18 16.79
O2S MES VA . 39.90 47.59 15.36
O3S MES VA . 40.20 49.47 16.75
C1 GOL WA . 29.89 50.28 41.39
O1 GOL WA . 28.61 50.46 41.94
C2 GOL WA . 30.45 48.99 41.97
O2 GOL WA . 31.83 49.13 42.22
C3 GOL WA . 30.22 47.90 40.94
O3 GOL WA . 31.00 46.79 41.30
C1 GOL XA . 11.27 63.01 23.21
O1 GOL XA . 10.06 62.28 23.19
C2 GOL XA . 11.57 63.59 24.59
O2 GOL XA . 10.34 63.84 25.22
C3 GOL XA . 12.28 64.91 24.38
O3 GOL XA . 12.10 65.70 25.54
C1 GOL YA . -5.11 55.19 30.29
O1 GOL YA . -6.32 54.45 30.32
C2 GOL YA . -5.32 56.63 30.74
O2 GOL YA . -6.69 56.89 30.92
C3 GOL YA . -4.55 56.89 32.03
O3 GOL YA . -3.18 56.96 31.74
C1 GOL ZA . 42.97 40.66 39.39
O1 GOL ZA . 42.12 39.65 38.92
C2 GOL ZA . 42.51 41.10 40.78
O2 GOL ZA . 43.50 41.89 41.40
C3 GOL ZA . 41.24 41.92 40.59
O3 GOL ZA . 41.40 42.74 39.46
C FMT AB . 25.25 64.28 36.02
O1 FMT AB . 25.42 64.27 34.81
O2 FMT AB . 25.21 63.27 36.72
CL CL BB . 30.17 60.03 38.94
O1 MES CB . 6.75 59.96 23.90
C2 MES CB . 6.00 61.17 23.84
C3 MES CB . 4.67 60.95 23.13
N4 MES CB . 4.95 60.30 21.85
C5 MES CB . 5.68 59.04 21.92
C6 MES CB . 6.99 59.38 22.63
C7 MES CB . 3.93 60.44 20.81
C8 MES CB . 4.55 60.21 19.41
S MES CB . 3.33 60.11 18.26
O1S MES CB . 3.81 59.33 17.11
O2S MES CB . 2.15 59.42 18.86
O3S MES CB . 2.80 61.43 17.83
C1 GOL DB . 12.63 70.11 -5.91
O1 GOL DB . 12.13 68.85 -6.30
C2 GOL DB . 14.08 69.97 -5.47
O2 GOL DB . 14.21 70.26 -4.10
C3 GOL DB . 14.56 68.56 -5.78
O3 GOL DB . 15.74 68.28 -5.07
C1 GOL EB . 28.47 72.61 6.73
O1 GOL EB . 29.24 73.61 7.36
C2 GOL EB . 27.09 73.19 6.38
O2 GOL EB . 27.23 74.56 6.12
C3 GOL EB . 26.15 72.97 7.57
O3 GOL EB . 24.90 73.58 7.30
CL CL FB . 20.85 73.71 3.35
CL CL GB . 3.28 60.82 26.65
N MSE A 7 15.36 -36.95 -21.48
CA MSE A 7 13.98 -37.42 -21.70
C MSE A 7 13.29 -36.62 -22.81
O MSE A 7 12.79 -35.52 -22.57
CB MSE A 7 13.19 -37.35 -20.40
CG MSE A 7 13.73 -38.24 -19.25
SE MSE A 7 12.63 -39.82 -18.89
CE MSE A 7 12.97 -40.70 -20.56
N ARG A 8 13.27 -37.15 -24.03
CA ARG A 8 12.59 -36.45 -25.13
C ARG A 8 11.12 -36.21 -24.73
N PHE A 9 10.59 -35.06 -25.14
CA PHE A 9 9.26 -34.56 -24.74
C PHE A 9 8.13 -35.56 -24.48
N GLY A 10 7.82 -36.39 -25.48
CA GLY A 10 6.69 -37.30 -25.42
C GLY A 10 6.70 -38.23 -24.22
N THR A 11 7.90 -38.61 -23.81
CA THR A 11 8.08 -39.52 -22.68
C THR A 11 7.74 -38.80 -21.36
N ARG A 12 8.19 -37.55 -21.26
CA ARG A 12 7.82 -36.69 -20.14
C ARG A 12 6.30 -36.59 -19.97
N LEU A 13 5.57 -36.40 -21.07
CA LEU A 13 4.11 -36.27 -20.99
C LEU A 13 3.44 -37.52 -20.45
N VAL A 14 3.95 -38.68 -20.84
CA VAL A 14 3.36 -39.95 -20.43
C VAL A 14 3.80 -40.36 -19.04
N HIS A 15 5.09 -40.19 -18.73
CA HIS A 15 5.65 -40.78 -17.51
C HIS A 15 6.05 -39.82 -16.39
N GLY A 16 6.22 -38.54 -16.69
CA GLY A 16 6.55 -37.56 -15.67
C GLY A 16 5.46 -37.53 -14.62
N GLY A 17 5.83 -37.76 -13.37
CA GLY A 17 4.86 -37.82 -12.28
C GLY A 17 4.15 -39.17 -12.16
N ARG A 18 4.70 -40.20 -12.79
CA ARG A 18 4.18 -41.58 -12.71
C ARG A 18 5.16 -42.43 -11.90
N ARG A 19 4.69 -43.51 -11.29
CA ARG A 19 5.53 -44.27 -10.36
C ARG A 19 5.25 -45.76 -10.35
N PRO A 20 6.18 -46.55 -9.81
CA PRO A 20 5.74 -47.91 -9.47
C PRO A 20 4.86 -47.87 -8.22
N SER A 21 3.55 -48.08 -8.37
CA SER A 21 2.66 -48.24 -7.20
C SER A 21 3.06 -49.48 -6.38
N ALA A 22 2.90 -49.37 -5.06
CA ALA A 22 3.50 -50.29 -4.10
C ALA A 22 2.57 -51.42 -3.64
N GLY A 23 2.83 -52.64 -4.11
CA GLY A 23 1.94 -53.74 -3.83
C GLY A 23 1.07 -54.04 -5.03
N THR A 24 0.22 -53.09 -5.42
CA THR A 24 -0.74 -53.31 -6.51
C THR A 24 -0.21 -53.07 -7.92
N GLY A 25 0.71 -52.13 -8.08
CA GLY A 25 1.38 -51.93 -9.37
C GLY A 25 0.59 -51.22 -10.45
N ASP A 26 -0.36 -50.37 -10.04
CA ASP A 26 -1.15 -49.58 -10.99
C ASP A 26 -0.25 -48.77 -11.91
N VAL A 27 -0.41 -48.96 -13.22
CA VAL A 27 0.31 -48.17 -14.21
C VAL A 27 -0.20 -46.73 -14.21
N VAL A 28 -1.52 -46.56 -14.26
CA VAL A 28 -2.14 -45.24 -14.15
C VAL A 28 -2.40 -45.01 -12.66
N PRO A 29 -1.81 -43.96 -12.08
CA PRO A 29 -1.98 -43.75 -10.65
C PRO A 29 -3.45 -43.56 -10.27
N PRO A 30 -3.85 -44.16 -9.14
CA PRO A 30 -5.23 -44.10 -8.65
C PRO A 30 -5.59 -42.68 -8.20
N ILE A 31 -6.87 -42.37 -8.27
CA ILE A 31 -7.32 -41.01 -8.03
C ILE A 31 -7.54 -40.77 -6.54
N HIS A 32 -6.71 -39.91 -5.95
CA HIS A 32 -6.83 -39.58 -4.53
C HIS A 32 -7.88 -38.53 -4.29
N VAL A 33 -9.10 -38.97 -3.99
CA VAL A 33 -10.20 -38.04 -3.76
C VAL A 33 -10.32 -37.66 -2.29
N SER A 34 -9.64 -38.38 -1.40
CA SER A 34 -9.80 -38.17 0.04
C SER A 34 -9.38 -36.77 0.47
N THR A 35 -10.25 -36.08 1.22
CA THR A 35 -9.91 -34.77 1.78
C THR A 35 -9.09 -34.95 3.03
N THR A 36 -9.21 -36.11 3.67
CA THR A 36 -8.56 -36.29 4.96
C THR A 36 -7.58 -37.46 4.98
N TYR A 37 -6.64 -37.42 5.92
CA TYR A 37 -5.60 -38.44 6.00
C TYR A 37 -5.37 -38.94 7.41
N GLU A 38 -5.16 -40.24 7.50
CA GLU A 38 -4.76 -40.86 8.75
C GLU A 38 -3.25 -40.75 8.91
N ARG A 39 -2.86 -40.04 9.94
CA ARG A 39 -1.47 -39.85 10.27
C ARG A 39 -0.81 -41.17 10.72
N ARG A 40 -1.31 -41.72 11.83
CA ARG A 40 -0.55 -42.75 12.59
C ARG A 40 -0.39 -44.12 11.92
N ALA A 41 -0.75 -44.20 10.64
CA ALA A 41 -0.55 -45.43 9.86
C ALA A 41 0.61 -45.27 8.88
N GLN A 42 0.71 -44.08 8.28
CA GLN A 42 1.84 -43.66 7.43
C GLN A 42 3.20 -43.77 8.14
N ASP A 43 4.26 -43.65 7.36
CA ASP A 43 5.61 -43.60 7.90
C ASP A 43 5.89 -42.31 8.66
N GLU A 44 5.97 -41.21 7.93
CA GLU A 44 6.29 -39.94 8.56
C GLU A 44 5.18 -38.92 8.31
N PRO A 45 4.89 -38.08 9.31
CA PRO A 45 3.80 -37.09 9.23
C PRO A 45 3.88 -36.26 7.95
N ARG A 46 3.36 -36.78 6.83
CA ARG A 46 3.37 -36.05 5.56
C ARG A 46 1.99 -35.50 5.09
N TYR A 47 0.99 -36.38 4.95
CA TYR A 47 -0.32 -35.96 4.43
C TYR A 47 -1.34 -35.65 5.54
N PHE A 48 -1.88 -34.43 5.53
CA PHE A 48 -2.78 -33.98 6.60
C PHE A 48 -4.18 -33.68 6.05
N TYR A 49 -4.23 -32.80 5.07
CA TYR A 49 -5.51 -32.25 4.63
C TYR A 49 -5.44 -31.87 3.15
N GLY A 50 -6.51 -32.19 2.43
CA GLY A 50 -6.55 -32.04 0.99
C GLY A 50 -6.19 -30.68 0.44
N ARG A 51 -6.51 -29.62 1.16
CA ARG A 51 -6.15 -28.28 0.68
C ARG A 51 -4.62 -28.11 0.77
N GLY A 52 -4.02 -28.69 1.80
CA GLY A 52 -2.58 -28.62 1.99
C GLY A 52 -1.79 -29.60 1.12
N GLU A 53 -2.25 -30.86 1.08
CA GLU A 53 -1.52 -31.96 0.43
C GLU A 53 -2.45 -32.85 -0.40
N ASN A 54 -2.00 -33.26 -1.58
CA ASN A 54 -2.73 -34.25 -2.38
C ASN A 54 -1.83 -35.01 -3.37
N PRO A 55 -1.78 -36.35 -3.29
CA PRO A 55 -0.86 -37.06 -4.18
C PRO A 55 -1.23 -36.98 -5.67
N THR A 56 -2.52 -36.92 -6.00
CA THR A 56 -2.91 -36.79 -7.40
C THR A 56 -2.50 -35.43 -7.95
N ARG A 57 -2.70 -34.40 -7.13
CA ARG A 57 -2.27 -33.06 -7.46
C ARG A 57 -0.74 -33.02 -7.60
N GLU A 58 -0.06 -33.65 -6.65
CA GLU A 58 1.40 -33.69 -6.65
C GLU A 58 1.95 -34.28 -7.95
N GLU A 59 1.31 -35.34 -8.43
CA GLU A 59 1.72 -36.01 -9.68
C GLU A 59 1.60 -35.12 -10.90
N LEU A 60 0.48 -34.40 -11.02
CA LEU A 60 0.29 -33.47 -12.12
C LEU A 60 1.38 -32.39 -12.09
N GLU A 61 1.72 -31.94 -10.88
CA GLU A 61 2.78 -30.95 -10.68
C GLU A 61 4.17 -31.43 -11.09
N GLU A 62 4.58 -32.63 -10.64
CA GLU A 62 5.84 -33.23 -11.07
C GLU A 62 5.87 -33.25 -12.58
N CYS A 63 4.75 -33.66 -13.17
CA CYS A 63 4.67 -33.78 -14.63
C CYS A 63 4.93 -32.44 -15.32
N LEU A 64 4.15 -31.42 -14.97
CA LEU A 64 4.35 -30.07 -15.52
C LEU A 64 5.77 -29.55 -15.29
N ALA A 65 6.28 -29.75 -14.07
CA ALA A 65 7.65 -29.43 -13.75
C ALA A 65 8.63 -30.06 -14.74
N GLY A 66 8.39 -31.33 -15.07
CA GLY A 66 9.30 -32.06 -15.95
C GLY A 66 9.35 -31.49 -17.36
N LEU A 67 8.24 -30.97 -17.85
CA LEU A 67 8.17 -30.47 -19.22
C LEU A 67 9.12 -29.30 -19.48
N GLU A 68 9.59 -28.64 -18.42
CA GLU A 68 10.44 -27.47 -18.55
C GLU A 68 11.74 -27.60 -17.74
N ARG A 69 11.98 -28.80 -17.21
CA ARG A 69 13.14 -29.08 -16.36
C ARG A 69 13.19 -28.11 -15.18
N ALA A 70 12.05 -27.93 -14.55
CA ALA A 70 11.95 -27.01 -13.43
C ALA A 70 11.87 -27.85 -12.18
N PRO A 71 12.38 -27.31 -11.06
CA PRO A 71 12.24 -28.08 -9.82
C PRO A 71 10.83 -28.00 -9.29
N PHE A 72 10.04 -27.01 -9.71
CA PHE A 72 8.74 -26.77 -9.08
C PHE A 72 7.59 -26.51 -10.04
N ALA A 73 6.41 -26.92 -9.61
CA ALA A 73 5.15 -26.46 -10.20
C ALA A 73 4.06 -26.49 -9.15
N THR A 74 3.09 -25.62 -9.31
CA THR A 74 1.92 -25.57 -8.46
C THR A 74 0.69 -25.45 -9.35
N VAL A 75 -0.31 -26.30 -9.17
CA VAL A 75 -1.52 -26.16 -9.96
C VAL A 75 -2.63 -25.48 -9.19
N PHE A 76 -3.58 -24.93 -9.92
CA PHE A 76 -4.64 -24.11 -9.35
C PHE A 76 -5.98 -24.46 -9.98
N SER A 77 -7.08 -23.94 -9.42
CA SER A 77 -8.41 -24.19 -9.94
C SER A 77 -8.72 -23.51 -11.31
N SER A 78 -7.85 -22.61 -11.75
CA SER A 78 -8.03 -21.93 -13.04
C SER A 78 -6.76 -21.19 -13.39
N GLY A 79 -6.58 -20.88 -14.67
CA GLY A 79 -5.52 -19.98 -15.09
C GLY A 79 -5.57 -18.66 -14.31
N GLN A 80 -6.77 -18.09 -14.18
CA GLN A 80 -6.92 -16.85 -13.40
C GLN A 80 -6.34 -16.98 -11.97
N ALA A 81 -6.54 -18.15 -11.34
CA ALA A 81 -6.07 -18.36 -9.97
C ALA A 81 -4.54 -18.44 -9.90
N ALA A 82 -3.94 -19.02 -10.93
CA ALA A 82 -2.49 -19.07 -11.05
C ALA A 82 -1.94 -17.64 -11.16
N ALA A 83 -2.56 -16.84 -12.04
CA ALA A 83 -2.15 -15.46 -12.24
C ALA A 83 -2.37 -14.62 -10.98
N ALA A 84 -3.53 -14.80 -10.35
CA ALA A 84 -3.86 -14.07 -9.14
C ALA A 84 -2.83 -14.39 -8.05
N THR A 85 -2.45 -15.66 -7.96
CA THR A 85 -1.50 -16.08 -6.96
C THR A 85 -0.13 -15.43 -7.20
N LEU A 86 0.38 -15.51 -8.43
CA LEU A 86 1.69 -14.90 -8.69
C LEU A 86 1.61 -13.40 -8.50
N LEU A 87 0.51 -12.81 -8.95
CA LEU A 87 0.38 -11.36 -8.88
C LEU A 87 0.30 -10.89 -7.42
N SER A 88 -0.17 -11.76 -6.53
CA SER A 88 -0.40 -11.39 -5.14
C SER A 88 0.89 -11.12 -4.36
N LEU A 89 2.03 -11.49 -4.94
CA LEU A 89 3.31 -11.28 -4.28
C LEU A 89 3.86 -9.88 -4.55
N VAL A 90 3.14 -9.09 -5.33
CA VAL A 90 3.54 -7.71 -5.55
C VAL A 90 3.01 -6.88 -4.38
N ARG A 91 3.94 -6.35 -3.57
CA ARG A 91 3.58 -5.52 -2.42
C ARG A 91 3.13 -4.14 -2.90
N PRO A 92 2.27 -3.47 -2.13
CA PRO A 92 1.77 -2.15 -2.53
C PRO A 92 2.93 -1.17 -2.77
N GLY A 93 2.73 -0.27 -3.72
CA GLY A 93 3.76 0.71 -4.04
C GLY A 93 4.74 0.22 -5.09
N GLN A 94 4.85 -1.09 -5.27
CA GLN A 94 5.71 -1.63 -6.30
C GLN A 94 5.06 -1.54 -7.66
N CYS A 95 5.81 -1.85 -8.71
CA CYS A 95 5.27 -1.76 -10.05
C CYS A 95 5.27 -3.09 -10.80
N VAL A 96 4.23 -3.28 -11.60
CA VAL A 96 4.17 -4.39 -12.53
C VAL A 96 4.18 -3.78 -13.92
N VAL A 97 5.10 -4.24 -14.77
CA VAL A 97 5.12 -3.80 -16.15
C VAL A 97 4.52 -4.85 -17.05
N SER A 98 3.57 -4.42 -17.86
CA SER A 98 2.95 -5.29 -18.82
C SER A 98 2.59 -4.48 -20.04
N THR A 99 1.80 -5.10 -20.89
CA THR A 99 1.30 -4.46 -22.08
C THR A 99 -0.21 -4.55 -21.90
N ASP A 100 -0.97 -3.76 -22.66
CA ASP A 100 -2.43 -3.88 -22.55
C ASP A 100 -2.92 -5.14 -23.22
N ASP A 101 -2.51 -5.33 -24.48
CA ASP A 101 -3.02 -6.44 -25.32
C ASP A 101 -3.03 -7.80 -24.63
N VAL A 102 -2.44 -7.83 -23.45
CA VAL A 102 -2.55 -8.87 -22.43
C VAL A 102 -4.03 -9.23 -22.15
N TYR A 103 -4.24 -10.39 -21.54
CA TYR A 103 -5.57 -10.95 -21.30
C TYR A 103 -6.43 -10.06 -20.41
N ALA A 104 -7.71 -9.93 -20.78
CA ALA A 104 -8.67 -9.17 -19.98
C ALA A 104 -8.81 -9.75 -18.57
N GLY A 105 -8.63 -11.06 -18.44
CA GLY A 105 -8.60 -11.68 -17.13
C GLY A 105 -7.35 -11.22 -16.40
N THR A 106 -6.21 -11.31 -17.10
CA THR A 106 -4.95 -10.82 -16.56
C THR A 106 -5.07 -9.32 -16.25
N ASP A 107 -5.84 -8.61 -17.07
CA ASP A 107 -6.01 -7.18 -16.86
C ASP A 107 -7.09 -6.95 -15.81
N GLY A 108 -7.97 -7.94 -15.63
CA GLY A 108 -8.91 -7.92 -14.52
C GLY A 108 -8.16 -7.88 -13.19
N LEU A 109 -7.14 -8.72 -13.11
CA LEU A 109 -6.35 -8.85 -11.88
C LEU A 109 -5.45 -7.64 -11.64
N PHE A 110 -4.89 -7.08 -12.70
CA PHE A 110 -4.10 -5.84 -12.58
C PHE A 110 -4.96 -4.75 -11.92
N ASP A 111 -6.21 -4.64 -12.38
CA ASP A 111 -7.19 -3.72 -11.81
C ASP A 111 -7.34 -3.90 -10.31
N LEU A 112 -7.65 -5.13 -9.90
CA LEU A 112 -7.80 -5.47 -8.48
C LEU A 112 -6.53 -5.08 -7.74
N ALA A 113 -5.39 -5.48 -8.29
CA ALA A 113 -4.10 -5.13 -7.75
C ALA A 113 -3.95 -3.62 -7.73
N ALA A 114 -4.25 -2.99 -8.86
CA ALA A 114 -4.12 -1.54 -8.96
C ALA A 114 -4.99 -0.85 -7.93
N ARG A 115 -6.00 -1.56 -7.40
CA ARG A 115 -6.93 -1.00 -6.44
C ARG A 115 -6.40 -1.15 -5.02
N GLN A 116 -5.31 -1.90 -4.88
CA GLN A 116 -4.66 -2.10 -3.58
C GLN A 116 -3.42 -1.22 -3.36
N GLY A 117 -2.89 -0.66 -4.43
CA GLY A 117 -1.68 0.16 -4.33
C GLY A 117 -0.53 -0.41 -5.17
N VAL A 118 -0.85 -1.35 -6.04
CA VAL A 118 0.09 -1.82 -7.05
C VAL A 118 0.08 -0.82 -8.20
N ARG A 119 1.25 -0.28 -8.53
CA ARG A 119 1.32 0.55 -9.72
C ARG A 119 1.46 -0.37 -10.92
N VAL A 120 0.59 -0.21 -11.88
CA VAL A 120 0.56 -1.09 -13.03
C VAL A 120 0.87 -0.26 -14.25
N ARG A 121 1.91 -0.61 -15.00
CA ARG A 121 2.16 0.12 -16.22
C ARG A 121 2.13 -0.67 -17.53
N TYR A 122 1.82 0.08 -18.58
CA TYR A 122 1.46 -0.49 -19.86
C TYR A 122 2.52 -0.14 -20.90
N ALA A 123 3.21 -1.17 -21.38
CA ALA A 123 4.41 -0.94 -22.18
C ALA A 123 4.34 -1.51 -23.60
N ASP A 124 5.14 -0.91 -24.48
CA ASP A 124 5.44 -1.51 -25.77
C ASP A 124 6.69 -2.36 -25.56
N LEU A 125 6.52 -3.68 -25.45
CA LEU A 125 7.67 -4.56 -25.22
C LEU A 125 8.26 -5.13 -26.52
N THR A 126 8.33 -4.30 -27.56
CA THR A 126 8.85 -4.74 -28.86
C THR A 126 9.99 -3.87 -29.40
N THR A 127 10.37 -2.84 -28.66
CA THR A 127 11.30 -1.81 -29.15
C THR A 127 12.47 -1.46 -28.22
N PRO A 128 13.60 -1.02 -28.82
CA PRO A 128 14.78 -0.45 -28.16
C PRO A 128 14.48 0.90 -27.50
N GLU A 129 13.46 1.59 -27.97
CA GLU A 129 12.96 2.75 -27.25
C GLU A 129 12.30 2.26 -25.96
N GLY A 130 11.25 1.46 -26.12
CA GLY A 130 10.24 1.29 -25.10
C GLY A 130 10.22 0.07 -24.18
N ILE A 131 11.07 -0.91 -24.44
CA ILE A 131 11.28 -1.95 -23.44
C ILE A 131 11.96 -1.28 -22.26
N ALA A 132 12.95 -0.43 -22.56
CA ALA A 132 13.77 0.23 -21.57
C ALA A 132 13.05 1.36 -20.82
N ALA A 133 12.05 1.96 -21.46
CA ALA A 133 11.25 2.99 -20.78
C ALA A 133 10.64 2.37 -19.52
N ALA A 134 9.75 1.42 -19.72
CA ALA A 134 9.13 0.67 -18.62
C ALA A 134 10.14 0.01 -17.69
N LEU A 135 11.16 -0.62 -18.26
CA LEU A 135 12.01 -1.47 -17.43
C LEU A 135 12.95 -0.66 -16.56
N ALA A 136 12.92 0.66 -16.74
CA ALA A 136 13.63 1.58 -15.87
C ALA A 136 12.68 2.32 -14.91
N GLU A 137 11.43 1.86 -14.81
CA GLU A 137 10.49 2.41 -13.83
C GLU A 137 11.02 2.11 -12.43
N PRO A 138 10.64 2.93 -11.44
CA PRO A 138 11.05 2.72 -10.05
C PRO A 138 10.38 1.51 -9.37
N ASP A 139 11.11 0.87 -8.45
CA ASP A 139 10.65 -0.33 -7.74
C ASP A 139 9.93 -1.35 -8.63
N LEU A 140 10.58 -1.75 -9.71
CA LEU A 140 9.98 -2.72 -10.63
C LEU A 140 10.02 -4.12 -10.03
N ALA A 141 8.85 -4.70 -9.75
CA ALA A 141 8.77 -5.99 -9.07
C ALA A 141 8.57 -7.18 -10.00
N LEU A 142 7.90 -6.92 -11.12
CA LEU A 142 7.41 -7.98 -11.99
C LEU A 142 7.22 -7.48 -13.42
N VAL A 143 7.73 -8.22 -14.38
CA VAL A 143 7.49 -7.93 -15.79
C VAL A 143 6.61 -9.07 -16.33
N TRP A 144 5.49 -8.70 -16.95
CA TRP A 144 4.46 -9.68 -17.32
C TRP A 144 4.36 -9.78 -18.83
N ILE A 145 4.87 -10.87 -19.38
CA ILE A 145 4.90 -11.09 -20.81
C ILE A 145 3.87 -12.12 -21.23
N GLU A 146 2.98 -11.75 -22.14
CA GLU A 146 2.12 -12.74 -22.77
C GLU A 146 2.53 -12.78 -24.24
N THR A 147 3.07 -13.91 -24.68
CA THR A 147 3.57 -13.98 -26.06
C THR A 147 3.39 -15.36 -26.68
N PRO A 148 2.80 -15.41 -27.88
CA PRO A 148 2.34 -14.26 -28.66
C PRO A 148 1.08 -13.63 -28.06
N THR A 149 0.78 -12.40 -28.48
CA THR A 149 -0.42 -11.72 -28.04
C THR A 149 -1.63 -12.29 -28.78
N ASN A 150 -2.83 -12.03 -28.26
CA ASN A 150 -4.06 -12.60 -28.79
C ASN A 150 -5.07 -11.47 -28.72
N PRO A 151 -5.73 -11.14 -29.85
CA PRO A 151 -5.82 -11.88 -31.10
C PRO A 151 -4.95 -11.40 -32.25
N LEU A 152 -3.95 -10.53 -32.04
CA LEU A 152 -3.18 -10.02 -33.17
C LEU A 152 -1.85 -10.75 -33.39
N LEU A 153 -1.47 -11.56 -32.42
CA LEU A 153 -0.39 -12.54 -32.57
C LEU A 153 0.98 -11.88 -32.72
N THR A 154 1.12 -10.73 -32.08
CA THR A 154 2.42 -10.10 -32.02
C THR A 154 3.24 -10.83 -30.97
N VAL A 155 4.54 -10.59 -30.95
CA VAL A 155 5.45 -11.40 -30.15
C VAL A 155 6.31 -10.51 -29.23
N VAL A 156 6.80 -11.07 -28.14
CA VAL A 156 7.74 -10.40 -27.26
C VAL A 156 8.96 -11.30 -27.12
N ASP A 157 10.15 -10.71 -27.20
CA ASP A 157 11.40 -11.47 -27.04
C ASP A 157 11.66 -11.77 -25.57
N VAL A 158 11.36 -12.99 -25.15
CA VAL A 158 11.51 -13.39 -23.76
C VAL A 158 12.95 -13.22 -23.24
N ALA A 159 13.93 -13.74 -23.99
CA ALA A 159 15.34 -13.61 -23.59
C ALA A 159 15.81 -12.17 -23.46
N GLU A 160 15.54 -11.35 -24.47
CA GLU A 160 15.92 -9.94 -24.43
C GLU A 160 15.27 -9.17 -23.28
N VAL A 161 13.96 -9.30 -23.13
CA VAL A 161 13.28 -8.58 -22.06
C VAL A 161 13.72 -9.10 -20.68
N SER A 162 13.94 -10.41 -20.58
CA SER A 162 14.42 -11.01 -19.32
C SER A 162 15.74 -10.43 -18.84
N ARG A 163 16.64 -10.15 -19.77
CA ARG A 163 17.93 -9.53 -19.43
C ARG A 163 17.76 -8.20 -18.69
N ARG A 164 16.92 -7.34 -19.23
CA ARG A 164 16.82 -5.98 -18.74
C ARG A 164 15.96 -5.90 -17.48
N ALA A 165 15.11 -6.89 -17.27
CA ALA A 165 14.36 -6.92 -16.02
C ALA A 165 15.28 -7.38 -14.89
N HIS A 166 16.12 -8.36 -15.17
CA HIS A 166 16.98 -8.95 -14.15
C HIS A 166 18.01 -7.96 -13.60
N GLU A 167 18.56 -7.14 -14.49
CA GLU A 167 19.50 -6.10 -14.08
C GLU A 167 18.82 -5.17 -13.09
N ARG A 168 17.50 -5.06 -13.25
CA ARG A 168 16.68 -4.18 -12.44
C ARG A 168 15.98 -4.93 -11.30
N GLY A 169 16.43 -6.16 -11.04
CA GLY A 169 15.89 -6.99 -9.97
C GLY A 169 14.45 -7.47 -10.07
N ALA A 170 13.94 -7.64 -11.29
CA ALA A 170 12.53 -7.99 -11.46
C ALA A 170 12.27 -9.48 -11.74
N ARG A 171 11.08 -9.95 -11.36
CA ARG A 171 10.65 -11.29 -11.71
C ARG A 171 9.96 -11.24 -13.07
N VAL A 172 10.38 -12.12 -13.99
CA VAL A 172 9.78 -12.15 -15.31
C VAL A 172 8.86 -13.36 -15.45
N VAL A 173 7.59 -13.11 -15.73
CA VAL A 173 6.66 -14.18 -16.02
C VAL A 173 6.20 -14.13 -17.48
N VAL A 174 6.12 -15.30 -18.10
CA VAL A 174 5.55 -15.43 -19.43
C VAL A 174 4.26 -16.24 -19.36
N ASP A 175 3.15 -15.61 -19.74
CA ASP A 175 1.91 -16.35 -19.89
C ASP A 175 2.08 -17.19 -21.14
N ASN A 176 2.29 -18.48 -20.94
CA ASN A 176 2.64 -19.38 -22.03
C ASN A 176 1.46 -20.22 -22.53
N THR A 177 0.24 -19.75 -22.24
CA THR A 177 -0.97 -20.46 -22.64
C THR A 177 -1.05 -20.73 -24.15
N PHE A 178 -0.94 -19.66 -24.93
CA PHE A 178 -0.97 -19.72 -26.40
C PHE A 178 -0.04 -20.82 -26.92
N ALA A 179 1.24 -20.75 -26.54
CA ALA A 179 2.24 -21.60 -27.15
C ALA A 179 2.22 -23.03 -26.63
N SER A 180 2.00 -23.18 -25.33
CA SER A 180 2.24 -24.44 -24.60
C SER A 180 3.74 -24.77 -24.52
N PRO A 181 4.14 -25.61 -23.55
CA PRO A 181 5.55 -25.98 -23.45
C PRO A 181 6.11 -26.87 -24.58
N VAL A 182 5.26 -27.36 -25.49
CA VAL A 182 5.83 -28.05 -26.65
C VAL A 182 6.41 -27.08 -27.68
N LEU A 183 5.93 -25.84 -27.69
CA LEU A 183 6.43 -24.83 -28.65
C LEU A 183 7.35 -23.75 -28.07
N GLN A 184 7.26 -23.51 -26.76
CA GLN A 184 7.97 -22.37 -26.16
C GLN A 184 8.35 -22.71 -24.74
N GLN A 185 9.58 -22.38 -24.36
CA GLN A 185 10.11 -22.73 -23.06
C GLN A 185 10.58 -21.48 -22.32
N PRO A 186 9.66 -20.76 -21.66
CA PRO A 186 9.98 -19.49 -21.03
C PRO A 186 11.12 -19.59 -20.01
N LEU A 187 11.12 -20.65 -19.21
CA LEU A 187 12.19 -20.81 -18.23
C LEU A 187 13.55 -20.87 -18.92
N ALA A 188 13.67 -21.73 -19.93
CA ALA A 188 14.94 -21.85 -20.66
C ALA A 188 15.31 -20.55 -21.39
N LEU A 189 14.30 -19.79 -21.77
CA LEU A 189 14.52 -18.51 -22.45
C LEU A 189 14.98 -17.39 -21.51
N GLY A 190 14.90 -17.61 -20.20
CA GLY A 190 15.41 -16.63 -19.25
C GLY A 190 14.38 -16.11 -18.27
N ALA A 191 13.11 -16.44 -18.47
CA ALA A 191 12.07 -16.07 -17.52
C ALA A 191 12.22 -16.81 -16.18
N ASP A 192 11.53 -16.32 -15.16
CA ASP A 192 11.53 -16.96 -13.85
C ASP A 192 10.32 -17.87 -13.63
N VAL A 193 9.24 -17.59 -14.35
CA VAL A 193 7.97 -18.29 -14.13
C VAL A 193 7.23 -18.52 -15.45
N SER A 194 6.78 -19.76 -15.64
CA SER A 194 5.83 -20.05 -16.71
C SER A 194 4.42 -20.06 -16.14
N LEU A 195 3.55 -19.25 -16.73
CA LEU A 195 2.15 -19.23 -16.34
C LEU A 195 1.27 -19.84 -17.43
N TYR A 196 0.32 -20.69 -17.01
CA TYR A 196 -0.64 -21.29 -17.95
C TYR A 196 -2.08 -21.26 -17.47
N SER A 197 -2.98 -21.36 -18.44
CA SER A 197 -4.28 -21.94 -18.22
C SER A 197 -4.17 -23.35 -18.79
N THR A 198 -4.23 -24.36 -17.93
CA THR A 198 -4.27 -25.74 -18.44
C THR A 198 -5.64 -26.04 -19.05
N THR A 199 -6.65 -25.27 -18.65
CA THR A 199 -7.99 -25.28 -19.25
C THR A 199 -7.95 -25.32 -20.76
N1 LLP A 200 -4.19 -16.54 -19.93
C2 LLP A 200 -4.49 -16.70 -21.22
C2' LLP A 200 -3.46 -16.33 -22.33
C3 LLP A 200 -5.77 -17.22 -21.59
O3 LLP A 200 -6.03 -17.37 -22.95
C4 LLP A 200 -6.70 -17.57 -20.63
C4' LLP A 200 -8.17 -18.17 -21.01
C5 LLP A 200 -6.38 -17.40 -19.32
C6 LLP A 200 -5.12 -16.88 -18.96
C5' LLP A 200 -7.38 -17.73 -18.16
OP4 LLP A 200 -7.29 -19.04 -17.65
P LLP A 200 -8.56 -19.58 -16.96
OP1 LLP A 200 -8.33 -21.07 -16.66
OP2 LLP A 200 -8.77 -18.86 -15.68
OP3 LLP A 200 -9.74 -19.35 -17.83
N LLP A 200 -7.02 -24.57 -21.34
CA LLP A 200 -6.97 -24.42 -22.80
CB LLP A 200 -6.38 -23.07 -23.15
CG LLP A 200 -6.96 -21.96 -22.26
CD LLP A 200 -8.10 -21.21 -22.99
CE LLP A 200 -8.77 -20.17 -22.07
NZ LLP A 200 -8.23 -18.82 -22.29
C LLP A 200 -6.16 -25.53 -23.38
O LLP A 200 -6.55 -26.69 -23.35
N SER A 201 -4.99 -25.17 -23.88
CA SER A 201 -4.12 -26.09 -24.58
C SER A 201 -3.70 -27.36 -23.83
N ILE A 202 -3.30 -27.21 -22.57
CA ILE A 202 -2.70 -28.33 -21.82
C ILE A 202 -3.66 -29.49 -21.49
N ALA A 203 -4.82 -29.20 -20.90
CA ALA A 203 -5.80 -30.26 -20.69
C ALA A 203 -6.32 -30.76 -22.05
N GLY A 204 -6.69 -29.83 -22.92
CA GLY A 204 -6.84 -30.15 -24.33
C GLY A 204 -8.18 -30.66 -24.85
N HIS A 205 -9.13 -30.93 -23.97
CA HIS A 205 -10.38 -31.58 -24.39
C HIS A 205 -11.61 -30.81 -23.95
N ALA A 206 -11.38 -29.58 -23.48
CA ALA A 206 -12.44 -28.66 -23.09
C ALA A 206 -13.39 -29.25 -22.07
N ASP A 207 -12.86 -30.11 -21.18
CA ASP A 207 -13.70 -30.72 -20.15
C ASP A 207 -13.21 -30.46 -18.70
N VAL A 208 -12.38 -29.43 -18.52
CA VAL A 208 -11.87 -29.08 -17.20
C VAL A 208 -11.23 -27.69 -17.19
N LEU A 209 -11.36 -26.97 -16.07
CA LEU A 209 -10.62 -25.72 -15.89
C LEU A 209 -9.43 -25.93 -14.96
N GLY A 210 -8.37 -25.16 -15.18
CA GLY A 210 -7.22 -25.20 -14.29
C GLY A 210 -6.15 -24.21 -14.71
N GLY A 211 -5.17 -24.01 -13.84
CA GLY A 211 -4.02 -23.17 -14.17
C GLY A 211 -2.76 -23.87 -13.70
N ALA A 212 -1.63 -23.17 -13.83
CA ALA A 212 -0.35 -23.72 -13.37
C ALA A 212 0.72 -22.65 -13.41
N LEU A 213 1.59 -22.68 -12.42
CA LEU A 213 2.81 -21.89 -12.39
C LEU A 213 3.97 -22.88 -12.35
N VAL A 214 4.99 -22.63 -13.16
CA VAL A 214 6.16 -23.49 -13.24
C VAL A 214 7.39 -22.59 -13.11
N TYR A 215 8.35 -22.97 -12.27
CA TYR A 215 9.39 -22.03 -11.84
C TYR A 215 10.53 -22.74 -11.11
N ARG A 216 11.58 -21.99 -10.75
CA ARG A 216 12.78 -22.58 -10.19
C ARG A 216 13.18 -22.14 -8.77
N ASP A 217 12.65 -21.03 -8.28
CA ASP A 217 13.09 -20.52 -6.97
C ASP A 217 12.31 -21.10 -5.79
N ALA A 218 13.03 -21.65 -4.81
CA ALA A 218 12.42 -22.30 -3.64
C ALA A 218 11.66 -21.35 -2.70
N ASP A 219 11.92 -20.06 -2.79
CA ASP A 219 11.26 -19.14 -1.88
C ASP A 219 10.01 -18.57 -2.56
N LEU A 220 10.08 -18.44 -3.87
CA LEU A 220 8.87 -18.26 -4.65
C LEU A 220 7.94 -19.44 -4.37
N HIS A 221 8.49 -20.65 -4.43
CA HIS A 221 7.72 -21.87 -4.16
C HIS A 221 7.00 -21.81 -2.83
N ALA A 222 7.73 -21.50 -1.76
CA ALA A 222 7.11 -21.42 -0.44
C ALA A 222 6.01 -20.34 -0.36
N ALA A 223 6.23 -19.21 -1.03
CA ALA A 223 5.23 -18.15 -1.05
C ALA A 223 4.02 -18.52 -1.90
N VAL A 224 4.25 -19.16 -3.04
CA VAL A 224 3.14 -19.60 -3.89
C VAL A 224 2.28 -20.63 -3.18
N ARG A 225 2.91 -21.62 -2.54
CA ARG A 225 2.17 -22.62 -1.78
C ARG A 225 1.46 -22.02 -0.58
N ALA A 226 2.12 -21.07 0.11
CA ALA A 226 1.46 -20.45 1.27
C ALA A 226 0.18 -19.71 0.85
N TYR A 227 0.22 -19.02 -0.29
CA TYR A 227 -0.96 -18.29 -0.73
C TYR A 227 -2.09 -19.24 -1.17
N ARG A 228 -1.74 -20.28 -1.91
CA ARG A 228 -2.74 -21.23 -2.38
C ARG A 228 -3.45 -21.92 -1.19
N THR A 229 -2.69 -22.28 -0.16
CA THR A 229 -3.30 -22.90 1.01
C THR A 229 -4.29 -21.95 1.70
N THR A 230 -3.94 -20.66 1.72
CA THR A 230 -4.69 -19.67 2.48
C THR A 230 -5.85 -19.11 1.67
N ALA A 231 -5.59 -18.79 0.40
CA ALA A 231 -6.64 -18.32 -0.48
C ALA A 231 -7.58 -19.49 -0.83
N GLY A 232 -7.03 -20.69 -0.86
CA GLY A 232 -7.83 -21.88 -1.10
C GLY A 232 -8.26 -22.05 -2.55
N ASN A 233 -7.46 -21.52 -3.46
CA ASN A 233 -7.79 -21.60 -4.87
C ASN A 233 -7.18 -22.85 -5.48
N VAL A 234 -7.48 -24.00 -4.87
CA VAL A 234 -6.91 -25.29 -5.27
C VAL A 234 -7.89 -26.07 -6.14
N PRO A 235 -7.39 -26.72 -7.20
CA PRO A 235 -8.26 -27.60 -7.99
C PRO A 235 -8.67 -28.85 -7.22
N GLY A 236 -9.53 -29.67 -7.81
CA GLY A 236 -9.91 -30.93 -7.19
C GLY A 236 -9.17 -32.13 -7.78
N ALA A 237 -9.37 -33.28 -7.16
CA ALA A 237 -8.66 -34.49 -7.57
C ALA A 237 -9.04 -35.00 -8.96
N LEU A 238 -10.34 -35.12 -9.23
CA LEU A 238 -10.78 -35.66 -10.53
C LEU A 238 -10.37 -34.71 -11.65
N ASP A 239 -10.45 -33.41 -11.39
CA ASP A 239 -10.08 -32.47 -12.44
C ASP A 239 -8.57 -32.48 -12.73
N CYS A 240 -7.74 -32.59 -11.69
CA CYS A 240 -6.32 -32.85 -11.88
C CYS A 240 -6.11 -34.13 -12.68
N PHE A 241 -6.94 -35.14 -12.41
CA PHE A 241 -6.93 -36.36 -13.22
C PHE A 241 -7.25 -36.07 -14.69
N LEU A 242 -8.27 -35.26 -14.94
CA LEU A 242 -8.61 -34.84 -16.33
C LEU A 242 -7.46 -34.11 -17.04
N VAL A 243 -6.84 -33.14 -16.37
CA VAL A 243 -5.71 -32.41 -16.94
C VAL A 243 -4.54 -33.36 -17.25
N ARG A 244 -4.17 -34.18 -16.26
CA ARG A 244 -3.08 -35.13 -16.39
C ARG A 244 -3.35 -36.08 -17.56
N ARG A 245 -4.60 -36.54 -17.67
CA ARG A 245 -4.93 -37.47 -18.74
C ARG A 245 -4.85 -36.81 -20.12
N GLY A 246 -5.29 -35.56 -20.19
CA GLY A 246 -5.25 -34.84 -21.46
C GLY A 246 -3.82 -34.55 -21.89
N LEU A 247 -2.97 -34.29 -20.90
CA LEU A 247 -1.54 -34.03 -21.06
C LEU A 247 -0.78 -35.08 -21.86
N HIS A 248 -1.14 -36.37 -21.72
CA HIS A 248 -0.47 -37.46 -22.44
C HIS A 248 -0.28 -37.16 -23.93
N THR A 249 -1.34 -36.63 -24.54
CA THR A 249 -1.38 -36.42 -25.98
C THR A 249 -1.02 -34.98 -26.39
N LEU A 250 -0.42 -34.20 -25.49
CA LEU A 250 -0.11 -32.80 -25.77
C LEU A 250 0.78 -32.59 -27.01
N SER A 251 1.87 -33.33 -27.14
CA SER A 251 2.75 -33.15 -28.31
C SER A 251 1.96 -33.46 -29.56
N LEU A 252 1.24 -34.59 -29.52
CA LEU A 252 0.51 -35.07 -30.68
C LEU A 252 -0.53 -34.04 -31.12
N ARG A 253 -1.35 -33.58 -30.19
CA ARG A 253 -2.39 -32.59 -30.49
C ARG A 253 -1.80 -31.28 -31.02
N VAL A 254 -0.87 -30.72 -30.25
CA VAL A 254 -0.18 -29.49 -30.63
C VAL A 254 0.43 -29.57 -32.03
N HIS A 255 1.04 -30.70 -32.40
CA HIS A 255 1.62 -30.79 -33.73
C HIS A 255 0.61 -30.97 -34.88
N ARG A 256 -0.52 -31.62 -34.63
CA ARG A 256 -1.60 -31.66 -35.61
C ARG A 256 -2.26 -30.28 -35.78
N GLN A 257 -2.40 -29.56 -34.67
CA GLN A 257 -3.04 -28.26 -34.70
C GLN A 257 -2.25 -27.25 -35.53
N VAL A 258 -0.92 -27.24 -35.35
CA VAL A 258 -0.06 -26.29 -36.05
C VAL A 258 -0.03 -26.61 -37.55
N ALA A 259 0.04 -27.90 -37.87
CA ALA A 259 0.05 -28.33 -39.27
C ALA A 259 -1.20 -27.84 -40.00
N THR A 260 -2.36 -27.99 -39.36
CA THR A 260 -3.61 -27.55 -39.97
C THR A 260 -3.71 -26.02 -39.97
N ALA A 261 -3.25 -25.37 -38.90
CA ALA A 261 -3.20 -23.91 -38.84
C ALA A 261 -2.44 -23.37 -40.06
N ARG A 262 -1.28 -23.95 -40.32
CA ARG A 262 -0.45 -23.52 -41.44
C ARG A 262 -1.14 -23.79 -42.79
N VAL A 263 -2.03 -24.77 -42.83
CA VAL A 263 -2.85 -25.02 -44.03
C VAL A 263 -3.92 -23.93 -44.20
N LEU A 264 -4.64 -23.63 -43.12
CA LEU A 264 -5.69 -22.62 -43.16
C LEU A 264 -5.14 -21.22 -43.49
N VAL A 265 -3.91 -20.94 -43.07
CA VAL A 265 -3.28 -19.65 -43.39
C VAL A 265 -3.19 -19.37 -44.90
N GLU A 266 -2.68 -20.29 -45.68
CA GLU A 266 -2.58 -19.97 -47.09
C GLU A 266 -3.89 -20.25 -47.81
N ARG A 267 -4.77 -21.06 -47.22
CA ARG A 267 -6.15 -21.05 -47.67
C ARG A 267 -6.67 -19.61 -47.54
N LEU A 268 -6.45 -18.99 -46.37
CA LEU A 268 -6.92 -17.63 -46.12
C LEU A 268 -6.24 -16.57 -47.00
N ARG A 269 -4.91 -16.65 -47.13
CA ARG A 269 -4.13 -15.66 -47.88
C ARG A 269 -4.45 -15.63 -49.37
N ALA A 270 -5.15 -16.68 -49.83
CA ALA A 270 -5.61 -16.78 -51.21
C ALA A 270 -7.05 -16.26 -51.41
N SER A 271 -7.75 -15.98 -50.31
CA SER A 271 -9.16 -15.62 -50.40
C SER A 271 -9.39 -14.16 -50.81
N PRO A 272 -10.25 -13.95 -51.83
CA PRO A 272 -10.61 -12.60 -52.28
C PRO A 272 -11.66 -11.94 -51.38
N VAL A 273 -11.98 -12.57 -50.26
CA VAL A 273 -12.82 -11.91 -49.27
C VAL A 273 -12.09 -11.78 -47.93
N VAL A 274 -10.76 -11.91 -47.99
CA VAL A 274 -9.93 -11.74 -46.80
C VAL A 274 -8.86 -10.67 -47.04
N GLY A 275 -8.64 -9.81 -46.05
CA GLY A 275 -7.56 -8.85 -46.11
C GLY A 275 -6.31 -9.37 -45.42
N ALA A 276 -5.90 -8.69 -44.35
CA ALA A 276 -4.73 -9.09 -43.58
C ALA A 276 -4.95 -10.44 -42.93
N VAL A 277 -3.88 -11.24 -42.89
CA VAL A 277 -3.89 -12.50 -42.17
C VAL A 277 -2.76 -12.48 -41.14
N HIS A 278 -3.06 -12.89 -39.91
CA HIS A 278 -2.06 -12.90 -38.87
C HIS A 278 -1.71 -14.32 -38.46
N TYR A 279 -0.41 -14.59 -38.36
CA TYR A 279 0.08 -15.88 -37.91
C TYR A 279 1.57 -15.79 -37.63
N PRO A 280 2.01 -16.30 -36.47
CA PRO A 280 3.42 -16.24 -36.07
C PRO A 280 4.38 -16.91 -37.07
N GLY A 281 3.87 -17.73 -37.97
CA GLY A 281 4.70 -18.41 -38.94
C GLY A 281 4.86 -17.71 -40.28
N LEU A 282 4.12 -16.62 -40.48
CA LEU A 282 4.24 -15.84 -41.72
C LEU A 282 5.65 -15.26 -41.84
N PRO A 283 6.24 -15.34 -43.04
CA PRO A 283 7.55 -14.73 -43.27
C PRO A 283 7.53 -13.22 -43.12
N GLU A 284 6.40 -12.58 -43.41
CA GLU A 284 6.36 -11.13 -43.28
C GLU A 284 5.84 -10.63 -41.95
N HIS A 285 5.69 -11.54 -40.99
CA HIS A 285 5.43 -11.14 -39.62
C HIS A 285 6.57 -10.22 -39.22
N PRO A 286 6.25 -9.06 -38.63
CA PRO A 286 7.31 -8.08 -38.34
C PRO A 286 8.35 -8.66 -37.37
N GLN A 287 7.90 -9.37 -36.34
CA GLN A 287 8.81 -10.02 -35.40
C GLN A 287 9.18 -11.44 -35.82
N HIS A 288 9.30 -11.69 -37.12
CA HIS A 288 9.62 -13.02 -37.63
C HIS A 288 10.89 -13.61 -37.00
N ALA A 289 11.93 -12.79 -36.85
CA ALA A 289 13.20 -13.25 -36.29
C ALA A 289 13.02 -13.81 -34.89
N VAL A 290 12.25 -13.11 -34.07
CA VAL A 290 11.99 -13.55 -32.70
C VAL A 290 11.22 -14.88 -32.65
N VAL A 291 10.23 -15.05 -33.54
CA VAL A 291 9.52 -16.32 -33.62
C VAL A 291 10.47 -17.47 -33.94
N LYS A 292 11.32 -17.28 -34.94
CA LYS A 292 12.27 -18.30 -35.33
C LYS A 292 13.24 -18.62 -34.19
N ALA A 293 13.52 -17.64 -33.34
CA ALA A 293 14.49 -17.84 -32.26
C ALA A 293 13.87 -18.42 -30.99
N GLN A 294 12.57 -18.25 -30.79
CA GLN A 294 11.98 -18.67 -29.52
C GLN A 294 10.82 -19.69 -29.59
N MSE A 295 10.25 -19.91 -30.77
CA MSE A 295 9.15 -20.88 -30.94
C MSE A 295 9.54 -22.00 -31.92
O MSE A 295 9.90 -21.73 -33.06
CB MSE A 295 7.87 -20.17 -31.43
CG MSE A 295 7.42 -19.04 -30.50
SE MSE A 295 5.74 -18.08 -30.89
CE MSE A 295 4.56 -19.66 -31.16
N SER A 296 9.48 -23.25 -31.47
CA SER A 296 9.83 -24.38 -32.35
C SER A 296 8.84 -24.53 -33.49
N ALA A 297 7.59 -24.10 -33.25
CA ALA A 297 6.57 -23.99 -34.28
C ALA A 297 5.58 -22.88 -33.90
N PRO A 298 4.92 -22.27 -34.89
CA PRO A 298 4.28 -20.98 -34.59
C PRO A 298 2.81 -21.02 -34.14
N GLY A 299 2.36 -22.13 -33.54
CA GLY A 299 1.07 -22.16 -32.89
C GLY A 299 -0.15 -22.50 -33.74
N ALA A 300 -1.30 -22.54 -33.06
CA ALA A 300 -2.54 -23.01 -33.67
C ALA A 300 -3.61 -21.93 -33.66
N ILE A 301 -3.18 -20.69 -33.43
CA ILE A 301 -4.08 -19.55 -33.44
C ILE A 301 -3.88 -18.80 -34.75
N VAL A 302 -4.98 -18.48 -35.42
CA VAL A 302 -4.93 -17.69 -36.63
C VAL A 302 -5.99 -16.60 -36.52
N SER A 303 -5.66 -15.41 -37.00
CA SER A 303 -6.66 -14.34 -37.08
C SER A 303 -6.57 -13.64 -38.43
N PHE A 304 -7.66 -12.97 -38.80
CA PHE A 304 -7.70 -12.31 -40.10
C PHE A 304 -8.81 -11.28 -40.16
N ASP A 305 -8.61 -10.28 -41.01
CA ASP A 305 -9.67 -9.34 -41.29
C ASP A 305 -10.53 -9.91 -42.41
N TYR A 306 -11.83 -9.69 -42.28
CA TYR A 306 -12.80 -10.20 -43.24
C TYR A 306 -13.38 -9.01 -43.99
N LEU A 307 -13.58 -9.15 -45.29
CA LEU A 307 -14.08 -8.02 -46.07
C LEU A 307 -15.42 -8.28 -46.73
N GLY A 308 -15.90 -9.52 -46.64
CA GLY A 308 -17.02 -9.95 -47.43
C GLY A 308 -18.40 -9.56 -46.91
N GLY A 309 -18.45 -8.98 -45.73
CA GLY A 309 -19.72 -8.61 -45.15
C GLY A 309 -19.70 -8.79 -43.64
N PRO A 310 -20.84 -8.52 -42.99
CA PRO A 310 -21.03 -8.54 -41.53
C PRO A 310 -20.43 -9.79 -40.90
N ALA A 311 -19.52 -9.60 -39.94
CA ALA A 311 -18.82 -10.71 -39.31
C ALA A 311 -19.79 -11.71 -38.68
N GLU A 312 -20.88 -11.22 -38.13
CA GLU A 312 -21.87 -12.09 -37.50
C GLU A 312 -22.55 -13.01 -38.52
N ARG A 313 -22.70 -12.54 -39.75
CA ARG A 313 -23.17 -13.43 -40.81
C ARG A 313 -22.10 -14.48 -41.13
N LEU A 314 -20.84 -14.07 -41.19
CA LEU A 314 -19.75 -15.04 -41.38
C LEU A 314 -19.81 -16.15 -40.31
N LEU A 315 -19.93 -15.74 -39.05
CA LEU A 315 -20.04 -16.70 -37.95
C LEU A 315 -21.24 -17.66 -38.13
N ASP A 316 -22.35 -17.13 -38.62
CA ASP A 316 -23.55 -17.92 -38.89
C ASP A 316 -23.41 -18.89 -40.08
N ARG A 317 -22.24 -18.96 -40.71
CA ARG A 317 -22.08 -19.86 -41.85
C ARG A 317 -21.14 -21.07 -41.61
N PHE A 318 -20.45 -21.10 -40.47
CA PHE A 318 -19.63 -22.26 -40.13
C PHE A 318 -20.52 -23.45 -39.75
N THR A 319 -20.06 -24.66 -40.04
CA THR A 319 -20.74 -25.88 -39.61
C THR A 319 -19.79 -26.85 -38.89
N LEU A 320 -18.50 -26.66 -39.06
CA LEU A 320 -17.54 -27.53 -38.38
C LEU A 320 -16.90 -26.78 -37.23
N PHE A 321 -16.21 -25.67 -37.53
CA PHE A 321 -15.81 -24.74 -36.46
C PHE A 321 -17.02 -24.41 -35.59
N THR A 322 -16.81 -24.33 -34.29
CA THR A 322 -17.84 -23.93 -33.33
C THR A 322 -17.65 -22.46 -32.97
N CYS A 323 -18.75 -21.72 -32.87
CA CYS A 323 -18.70 -20.30 -32.51
C CYS A 323 -18.70 -20.16 -30.99
N GLY A 324 -17.53 -19.88 -30.42
CA GLY A 324 -17.40 -19.72 -28.98
C GLY A 324 -16.09 -19.11 -28.56
N VAL A 325 -15.74 -19.27 -27.28
CA VAL A 325 -14.42 -18.83 -26.82
C VAL A 325 -13.62 -20.04 -26.33
N SER A 326 -12.42 -19.76 -25.82
CA SER A 326 -11.38 -20.74 -25.49
C SER A 326 -10.52 -21.04 -26.70
N LEU A 327 -9.58 -21.96 -26.53
CA LEU A 327 -8.67 -22.35 -27.60
C LEU A 327 -7.95 -23.65 -27.24
N GLY A 328 -6.97 -24.03 -28.06
CA GLY A 328 -6.04 -25.09 -27.70
C GLY A 328 -6.57 -26.52 -27.72
N GLY A 329 -7.89 -26.70 -27.72
CA GLY A 329 -8.51 -28.01 -27.62
C GLY A 329 -8.74 -28.79 -28.90
N VAL A 330 -9.33 -29.98 -28.75
CA VAL A 330 -9.55 -30.88 -29.89
C VAL A 330 -10.55 -30.30 -30.90
N HIS A 331 -11.59 -29.61 -30.43
CA HIS A 331 -12.57 -29.00 -31.35
C HIS A 331 -12.16 -27.59 -31.77
N SER A 332 -12.19 -27.32 -33.08
CA SER A 332 -11.86 -26.00 -33.60
C SER A 332 -12.92 -24.96 -33.26
N LEU A 333 -12.47 -23.78 -32.87
CA LEU A 333 -13.38 -22.70 -32.49
C LEU A 333 -13.10 -21.47 -33.33
N VAL A 334 -14.15 -20.69 -33.57
CA VAL A 334 -14.02 -19.42 -34.25
C VAL A 334 -14.72 -18.37 -33.37
N GLU A 335 -14.14 -17.18 -33.33
CA GLU A 335 -14.80 -16.05 -32.68
C GLU A 335 -14.48 -14.77 -33.43
N CYS A 336 -15.28 -13.74 -33.21
CA CYS A 336 -15.01 -12.39 -33.71
C CYS A 336 -14.78 -11.55 -32.46
N PRO A 337 -13.51 -11.27 -32.14
CA PRO A 337 -13.20 -10.56 -30.88
C PRO A 337 -13.97 -9.24 -30.68
N ALA A 338 -14.38 -8.60 -31.76
CA ALA A 338 -15.11 -7.33 -31.64
C ALA A 338 -16.54 -7.48 -31.13
N LEU A 339 -17.22 -8.55 -31.53
CA LEU A 339 -18.57 -8.85 -31.03
C LEU A 339 -18.45 -9.68 -29.79
N MSE A 340 -17.37 -10.45 -29.69
CA MSE A 340 -17.30 -11.36 -28.58
C MSE A 340 -16.42 -10.82 -27.42
O MSE A 340 -16.84 -9.83 -26.85
CB MSE A 340 -17.18 -12.83 -29.02
CG MSE A 340 -18.51 -13.29 -29.69
SE MSE A 340 -18.48 -14.79 -30.94
CE MSE A 340 -17.99 -16.21 -29.70
N THR A 341 -15.25 -11.38 -27.10
CA THR A 341 -14.52 -10.82 -25.92
C THR A 341 -14.51 -9.27 -25.77
N HIS A 342 -13.93 -8.58 -26.76
CA HIS A 342 -13.82 -7.11 -26.71
C HIS A 342 -15.12 -6.34 -26.95
N ARG A 343 -16.28 -7.01 -26.85
CA ARG A 343 -17.52 -6.25 -27.03
C ARG A 343 -17.75 -5.14 -25.99
N PRO A 344 -17.60 -5.45 -24.69
CA PRO A 344 -17.80 -4.39 -23.70
C PRO A 344 -16.51 -3.61 -23.50
N LEU A 345 -15.98 -3.05 -24.61
CA LEU A 345 -14.83 -2.16 -24.61
C LEU A 345 -15.15 -0.84 -25.29
N SER A 346 -14.11 -0.05 -25.52
CA SER A 346 -14.22 1.07 -26.43
C SER A 346 -13.80 0.58 -27.79
N ALA A 347 -14.37 1.15 -28.84
CA ALA A 347 -14.01 0.80 -30.20
C ALA A 347 -12.96 1.79 -30.72
N GLU A 348 -12.60 2.75 -29.88
CA GLU A 348 -11.50 3.68 -30.14
C GLU A 348 -10.19 3.13 -29.59
N ALA A 349 -10.29 2.17 -28.68
CA ALA A 349 -9.12 1.46 -28.15
C ALA A 349 -8.95 0.16 -28.92
N ARG A 350 -10.09 -0.40 -29.32
CA ARG A 350 -10.12 -1.49 -30.29
C ARG A 350 -9.37 -0.99 -31.51
N ALA A 351 -9.64 0.25 -31.89
CA ALA A 351 -8.92 0.86 -32.99
C ALA A 351 -7.42 1.07 -32.71
N ARG A 352 -7.04 1.44 -31.48
CA ARG A 352 -5.59 1.59 -31.19
C ARG A 352 -4.80 0.31 -30.82
N ARG A 353 -5.44 -0.67 -30.20
CA ARG A 353 -4.85 -2.00 -30.30
C ARG A 353 -5.32 -2.69 -31.57
N GLY A 354 -5.83 -1.87 -32.50
CA GLY A 354 -6.02 -2.26 -33.89
C GLY A 354 -6.93 -3.44 -34.15
N ILE A 355 -7.94 -3.61 -33.31
CA ILE A 355 -8.92 -4.66 -33.50
C ILE A 355 -10.10 -4.18 -34.34
N GLY A 356 -10.06 -4.42 -35.64
CA GLY A 356 -11.18 -4.09 -36.52
C GLY A 356 -12.39 -4.93 -36.18
N GLU A 357 -13.59 -4.40 -36.48
CA GLU A 357 -14.82 -5.12 -36.19
C GLU A 357 -14.80 -6.50 -36.86
N SER A 358 -14.49 -6.53 -38.15
CA SER A 358 -14.45 -7.79 -38.88
C SER A 358 -13.15 -8.61 -38.70
N LEU A 359 -12.44 -8.40 -37.59
CA LEU A 359 -11.33 -9.28 -37.26
C LEU A 359 -11.89 -10.60 -36.76
N ILE A 360 -11.47 -11.69 -37.37
CA ILE A 360 -11.93 -13.04 -37.02
C ILE A 360 -10.77 -13.90 -36.51
N ARG A 361 -10.98 -14.57 -35.38
CA ARG A 361 -9.95 -15.44 -34.83
C ARG A 361 -10.35 -16.92 -34.88
N LEU A 362 -9.40 -17.76 -35.30
CA LEU A 362 -9.60 -19.20 -35.27
C LEU A 362 -8.72 -19.80 -34.17
N SER A 363 -9.22 -20.87 -33.58
CA SER A 363 -8.41 -21.75 -32.75
C SER A 363 -8.49 -23.12 -33.41
N VAL A 364 -7.36 -23.62 -33.91
CA VAL A 364 -7.39 -24.84 -34.70
C VAL A 364 -7.35 -26.07 -33.81
N GLY A 365 -8.31 -26.98 -34.02
CA GLY A 365 -8.36 -28.22 -33.28
C GLY A 365 -7.68 -29.36 -34.03
N ILE A 366 -8.19 -30.57 -33.85
CA ILE A 366 -7.53 -31.72 -34.44
C ILE A 366 -8.35 -32.44 -35.51
N GLU A 367 -9.42 -31.80 -35.96
CA GLU A 367 -10.22 -32.36 -37.06
C GLU A 367 -9.35 -32.51 -38.33
N ASP A 368 -9.84 -33.26 -39.31
CA ASP A 368 -9.12 -33.36 -40.59
C ASP A 368 -8.92 -31.98 -41.24
N PRO A 369 -7.70 -31.68 -41.69
CA PRO A 369 -7.45 -30.36 -42.26
C PRO A 369 -8.28 -30.07 -43.52
N GLN A 370 -8.54 -31.08 -44.35
CA GLN A 370 -9.34 -30.86 -45.55
C GLN A 370 -10.76 -30.43 -45.19
N ASP A 371 -11.32 -31.06 -44.15
CA ASP A 371 -12.65 -30.66 -43.69
C ASP A 371 -12.69 -29.22 -43.16
N LEU A 372 -11.78 -28.88 -42.25
CA LEU A 372 -11.76 -27.54 -41.68
C LEU A 372 -11.54 -26.48 -42.77
N ALA A 373 -10.66 -26.77 -43.71
CA ALA A 373 -10.40 -25.86 -44.83
C ALA A 373 -11.69 -25.63 -45.63
N GLU A 374 -12.41 -26.71 -45.93
CA GLU A 374 -13.61 -26.60 -46.73
C GLU A 374 -14.73 -25.89 -45.97
N ASP A 375 -14.84 -26.12 -44.66
CA ASP A 375 -15.83 -25.40 -43.84
C ASP A 375 -15.57 -23.89 -43.88
N LEU A 376 -14.30 -23.52 -43.76
CA LEU A 376 -13.88 -22.12 -43.82
C LEU A 376 -14.23 -21.45 -45.15
N SER A 377 -14.20 -22.21 -46.24
CA SER A 377 -14.42 -21.64 -47.58
C SER A 377 -15.88 -21.28 -47.85
N ARG A 378 -16.78 -22.24 -47.62
CA ARG A 378 -18.20 -22.00 -47.73
C ARG A 378 -18.58 -20.81 -46.84
N ALA A 379 -18.05 -20.80 -45.62
CA ALA A 379 -18.27 -19.69 -44.72
C ALA A 379 -17.81 -18.35 -45.32
N LEU A 380 -16.59 -18.30 -45.83
CA LEU A 380 -16.08 -17.07 -46.44
C LEU A 380 -16.84 -16.65 -47.70
N ALA A 381 -17.40 -17.64 -48.40
CA ALA A 381 -18.11 -17.41 -49.66
C ALA A 381 -17.31 -16.61 -50.68
N GLY A 382 -16.00 -16.81 -50.69
CA GLY A 382 -15.23 -16.29 -51.80
C GLY A 382 -15.60 -16.94 -53.10
N GLY B 6 -41.63 -23.17 -0.37
CA GLY B 6 -43.03 -23.50 -0.61
C GLY B 6 -43.25 -24.99 -0.40
N MSE B 7 -42.19 -25.65 0.09
CA MSE B 7 -42.12 -27.10 0.27
C MSE B 7 -41.79 -27.45 1.72
O MSE B 7 -42.67 -27.33 2.58
CB MSE B 7 -41.06 -27.73 -0.65
CG MSE B 7 -41.61 -28.56 -1.85
SE MSE B 7 -42.88 -30.08 -1.47
CE MSE B 7 -43.38 -30.52 -3.28
N ARG B 8 -40.57 -27.94 1.95
CA ARG B 8 -39.90 -28.08 3.27
C ARG B 8 -38.40 -28.48 3.04
N PHE B 9 -37.53 -28.10 3.99
CA PHE B 9 -36.08 -28.35 3.96
C PHE B 9 -35.61 -29.80 3.65
N GLY B 10 -36.20 -30.79 4.34
CA GLY B 10 -35.85 -32.18 4.11
C GLY B 10 -36.11 -32.63 2.68
N THR B 11 -37.03 -31.94 2.01
CA THR B 11 -37.32 -32.09 0.59
C THR B 11 -36.38 -31.19 -0.23
N ARG B 12 -36.17 -29.96 0.25
CA ARG B 12 -35.20 -29.02 -0.32
C ARG B 12 -33.87 -29.69 -0.63
N LEU B 13 -33.47 -30.63 0.20
CA LEU B 13 -32.18 -31.29 0.03
C LEU B 13 -32.17 -32.14 -1.24
N VAL B 14 -33.28 -32.81 -1.52
CA VAL B 14 -33.34 -33.68 -2.68
C VAL B 14 -33.69 -32.94 -3.98
N HIS B 15 -34.55 -31.93 -3.89
CA HIS B 15 -35.09 -31.31 -5.11
C HIS B 15 -34.64 -29.88 -5.44
N GLY B 16 -33.98 -29.22 -4.50
CA GLY B 16 -33.47 -27.89 -4.77
C GLY B 16 -32.52 -27.96 -5.95
N GLY B 17 -32.70 -27.10 -6.95
CA GLY B 17 -31.89 -27.18 -8.15
C GLY B 17 -32.19 -28.37 -9.08
N ARG B 18 -33.28 -29.11 -8.83
CA ARG B 18 -33.68 -30.28 -9.64
C ARG B 18 -33.73 -30.15 -11.18
N ARG B 19 -34.37 -29.13 -11.74
CA ARG B 19 -34.46 -28.91 -13.22
C ARG B 19 -34.43 -30.16 -14.15
N PRO B 20 -35.59 -30.48 -14.71
CA PRO B 20 -36.09 -31.73 -15.31
C PRO B 20 -35.23 -32.48 -16.33
N SER B 21 -34.20 -31.86 -16.89
CA SER B 21 -33.58 -32.29 -18.16
C SER B 21 -34.52 -32.16 -19.33
N ALA B 22 -34.37 -31.05 -20.03
CA ALA B 22 -35.12 -30.81 -21.24
C ALA B 22 -34.76 -31.90 -22.22
N GLY B 23 -35.76 -32.42 -22.89
CA GLY B 23 -35.57 -33.45 -23.88
C GLY B 23 -35.82 -34.85 -23.34
N THR B 24 -34.90 -35.33 -22.50
CA THR B 24 -34.88 -36.74 -22.13
C THR B 24 -35.40 -37.03 -20.72
N GLY B 25 -35.56 -35.98 -19.92
CA GLY B 25 -36.19 -36.10 -18.62
C GLY B 25 -35.40 -36.84 -17.54
N ASP B 26 -34.06 -36.71 -17.56
CA ASP B 26 -33.19 -37.30 -16.54
C ASP B 26 -33.62 -36.81 -15.16
N VAL B 27 -33.81 -37.73 -14.22
CA VAL B 27 -34.13 -37.31 -12.85
C VAL B 27 -32.91 -36.62 -12.19
N VAL B 28 -31.77 -37.30 -12.23
CA VAL B 28 -30.53 -36.69 -11.80
C VAL B 28 -29.95 -35.89 -12.99
N PRO B 29 -29.85 -34.57 -12.85
CA PRO B 29 -29.41 -33.71 -13.96
C PRO B 29 -27.97 -34.05 -14.40
N PRO B 30 -27.75 -34.13 -15.72
CA PRO B 30 -26.46 -34.59 -16.25
C PRO B 30 -25.30 -33.67 -15.87
N ILE B 31 -24.10 -34.22 -15.82
CA ILE B 31 -22.96 -33.45 -15.33
C ILE B 31 -22.32 -32.64 -16.47
N HIS B 32 -22.41 -31.31 -16.39
CA HIS B 32 -21.88 -30.43 -17.43
C HIS B 32 -20.39 -30.17 -17.24
N VAL B 33 -19.54 -30.89 -17.98
CA VAL B 33 -18.10 -30.70 -17.86
C VAL B 33 -17.54 -29.73 -18.89
N SER B 34 -18.35 -29.34 -19.87
CA SER B 34 -17.84 -28.48 -20.93
C SER B 34 -17.36 -27.12 -20.39
N THR B 35 -16.16 -26.71 -20.83
CA THR B 35 -15.62 -25.41 -20.47
C THR B 35 -16.15 -24.35 -21.43
N THR B 36 -16.53 -24.75 -22.63
CA THR B 36 -17.05 -23.74 -23.53
C THR B 36 -18.35 -24.12 -24.22
N TYR B 37 -18.94 -23.12 -24.87
CA TYR B 37 -20.31 -23.20 -25.32
C TYR B 37 -20.47 -22.58 -26.71
N GLU B 38 -21.27 -23.24 -27.54
CA GLU B 38 -21.60 -22.72 -28.84
C GLU B 38 -22.53 -21.53 -28.62
N ARG B 39 -22.31 -20.49 -29.42
CA ARG B 39 -22.97 -19.22 -29.25
C ARG B 39 -24.23 -19.02 -30.12
N ARG B 40 -24.33 -19.74 -31.24
CA ARG B 40 -25.37 -19.45 -32.23
C ARG B 40 -26.74 -20.08 -31.93
N ALA B 41 -26.72 -21.24 -31.29
CA ALA B 41 -27.92 -22.03 -31.09
C ALA B 41 -28.70 -21.64 -29.83
N GLN B 42 -28.02 -20.99 -28.88
CA GLN B 42 -28.64 -20.59 -27.62
C GLN B 42 -29.72 -19.54 -27.83
N ASP B 43 -30.98 -19.90 -27.57
CA ASP B 43 -32.09 -18.96 -27.85
C ASP B 43 -31.90 -17.65 -27.10
N GLU B 44 -31.20 -17.75 -25.99
CA GLU B 44 -30.94 -16.62 -25.13
C GLU B 44 -29.60 -16.88 -24.46
N PRO B 45 -28.51 -16.50 -25.15
CA PRO B 45 -27.13 -16.71 -24.71
C PRO B 45 -26.95 -16.41 -23.23
N ARG B 46 -26.71 -17.46 -22.45
CA ARG B 46 -26.42 -17.36 -21.03
C ARG B 46 -25.16 -18.17 -20.64
N TYR B 47 -24.60 -18.92 -21.59
CA TYR B 47 -23.39 -19.71 -21.33
C TYR B 47 -22.28 -19.36 -22.31
N PHE B 48 -21.20 -18.83 -21.78
CA PHE B 48 -20.13 -18.29 -22.59
C PHE B 48 -18.83 -19.05 -22.29
N TYR B 49 -18.52 -19.23 -21.02
CA TYR B 49 -17.26 -19.84 -20.62
C TYR B 49 -17.31 -20.34 -19.19
N GLY B 50 -16.72 -21.51 -19.00
CA GLY B 50 -16.87 -22.29 -17.78
C GLY B 50 -16.52 -21.61 -16.47
N ARG B 51 -15.54 -20.72 -16.49
CA ARG B 51 -15.16 -20.02 -15.26
C ARG B 51 -16.30 -19.12 -14.75
N GLY B 52 -17.19 -18.69 -15.65
CA GLY B 52 -18.30 -17.83 -15.26
C GLY B 52 -19.63 -18.55 -15.18
N GLU B 53 -19.91 -19.38 -16.17
CA GLU B 53 -21.22 -20.03 -16.29
C GLU B 53 -21.03 -21.53 -16.39
N ASN B 54 -21.84 -22.26 -15.63
CA ASN B 54 -21.80 -23.71 -15.61
C ASN B 54 -23.08 -24.22 -14.95
N PRO B 55 -23.87 -25.01 -15.69
CA PRO B 55 -25.19 -25.42 -15.20
C PRO B 55 -25.15 -26.29 -13.95
N THR B 56 -24.20 -27.21 -13.86
CA THR B 56 -24.12 -28.06 -12.68
C THR B 56 -23.82 -27.27 -11.39
N ARG B 57 -22.80 -26.43 -11.43
CA ARG B 57 -22.48 -25.61 -10.26
C ARG B 57 -23.65 -24.69 -9.89
N GLU B 58 -24.37 -24.18 -10.90
CA GLU B 58 -25.53 -23.35 -10.66
C GLU B 58 -26.65 -24.08 -9.93
N GLU B 59 -26.83 -25.36 -10.26
CA GLU B 59 -27.84 -26.17 -9.58
C GLU B 59 -27.47 -26.33 -8.11
N LEU B 60 -26.18 -26.51 -7.86
CA LEU B 60 -25.71 -26.65 -6.49
C LEU B 60 -25.98 -25.36 -5.72
N GLU B 61 -25.63 -24.24 -6.35
CA GLU B 61 -25.89 -22.91 -5.80
C GLU B 61 -27.36 -22.69 -5.41
N GLU B 62 -28.28 -23.05 -6.30
CA GLU B 62 -29.70 -22.80 -6.06
C GLU B 62 -30.24 -23.73 -4.98
N CYS B 63 -29.69 -24.95 -4.90
CA CYS B 63 -30.03 -25.85 -3.81
C CYS B 63 -29.62 -25.22 -2.47
N LEU B 64 -28.37 -24.77 -2.40
CA LEU B 64 -27.82 -24.19 -1.18
C LEU B 64 -28.59 -22.93 -0.74
N ALA B 65 -28.90 -22.08 -1.71
CA ALA B 65 -29.71 -20.90 -1.45
C ALA B 65 -31.07 -21.33 -0.88
N GLY B 66 -31.65 -22.37 -1.49
CA GLY B 66 -32.95 -22.86 -1.08
C GLY B 66 -32.97 -23.33 0.37
N LEU B 67 -31.85 -23.90 0.83
CA LEU B 67 -31.76 -24.37 2.22
C LEU B 67 -31.96 -23.25 3.25
N GLU B 68 -31.73 -22.01 2.82
CA GLU B 68 -31.87 -20.87 3.71
C GLU B 68 -32.97 -19.92 3.20
N ARG B 69 -33.75 -20.41 2.23
CA ARG B 69 -34.74 -19.62 1.51
C ARG B 69 -34.20 -18.23 1.16
N ALA B 70 -32.98 -18.20 0.62
CA ALA B 70 -32.34 -16.96 0.22
C ALA B 70 -32.38 -16.86 -1.30
N PRO B 71 -32.22 -15.64 -1.85
CA PRO B 71 -32.21 -15.52 -3.31
C PRO B 71 -30.87 -15.94 -3.93
N PHE B 72 -29.79 -15.86 -3.17
CA PHE B 72 -28.47 -16.06 -3.76
C PHE B 72 -27.57 -17.07 -3.03
N ALA B 73 -26.75 -17.77 -3.81
CA ALA B 73 -25.61 -18.50 -3.28
C ALA B 73 -24.52 -18.58 -4.33
N THR B 74 -23.27 -18.60 -3.88
CA THR B 74 -22.13 -18.75 -4.76
C THR B 74 -21.22 -19.82 -4.18
N VAL B 75 -20.74 -20.73 -5.03
CA VAL B 75 -19.80 -21.75 -4.54
C VAL B 75 -18.38 -21.52 -5.03
N PHE B 76 -17.44 -22.08 -4.28
CA PHE B 76 -16.02 -21.83 -4.49
C PHE B 76 -15.22 -23.13 -4.40
N SER B 77 -13.98 -23.07 -4.86
CA SER B 77 -13.06 -24.21 -4.81
C SER B 77 -12.77 -24.73 -3.38
N SER B 78 -13.06 -23.93 -2.36
CA SER B 78 -12.89 -24.36 -0.98
C SER B 78 -13.58 -23.38 -0.02
N GLY B 79 -13.73 -23.77 1.24
CA GLY B 79 -14.22 -22.87 2.28
C GLY B 79 -13.34 -21.64 2.41
N GLN B 80 -12.04 -21.85 2.36
CA GLN B 80 -11.09 -20.73 2.34
C GLN B 80 -11.36 -19.77 1.18
N ALA B 81 -11.76 -20.29 0.03
CA ALA B 81 -12.01 -19.41 -1.11
C ALA B 81 -13.28 -18.56 -0.93
N ALA B 82 -14.31 -19.12 -0.30
CA ALA B 82 -15.49 -18.32 0.02
C ALA B 82 -15.11 -17.18 0.99
N ALA B 83 -14.38 -17.52 2.04
CA ALA B 83 -13.92 -16.54 3.03
C ALA B 83 -13.06 -15.43 2.41
N ALA B 84 -12.12 -15.83 1.55
CA ALA B 84 -11.19 -14.89 0.93
C ALA B 84 -11.96 -13.90 0.05
N THR B 85 -13.00 -14.40 -0.60
CA THR B 85 -13.82 -13.58 -1.49
C THR B 85 -14.53 -12.49 -0.70
N LEU B 86 -15.26 -12.89 0.33
CA LEU B 86 -15.98 -11.95 1.18
C LEU B 86 -15.02 -10.90 1.77
N LEU B 87 -13.91 -11.40 2.32
CA LEU B 87 -12.88 -10.56 2.92
C LEU B 87 -12.31 -9.54 1.96
N SER B 88 -12.23 -9.90 0.67
CA SER B 88 -11.66 -9.00 -0.34
C SER B 88 -12.45 -7.71 -0.52
N LEU B 89 -13.71 -7.72 -0.13
CA LEU B 89 -14.58 -6.57 -0.32
C LEU B 89 -14.37 -5.50 0.74
N VAL B 90 -13.60 -5.83 1.78
CA VAL B 90 -13.28 -4.84 2.80
C VAL B 90 -12.10 -4.00 2.33
N ARG B 91 -12.22 -2.68 2.46
CA ARG B 91 -11.27 -1.74 1.87
C ARG B 91 -10.27 -1.18 2.87
N PRO B 92 -9.05 -0.89 2.39
CA PRO B 92 -8.07 -0.11 3.15
C PRO B 92 -8.74 1.03 3.88
N GLY B 93 -8.41 1.20 5.15
CA GLY B 93 -9.01 2.24 5.96
C GLY B 93 -10.36 1.89 6.56
N GLN B 94 -10.82 0.65 6.34
CA GLN B 94 -12.05 0.19 6.97
C GLN B 94 -11.71 -0.81 8.08
N CYS B 95 -12.74 -1.27 8.79
CA CYS B 95 -12.52 -2.16 9.92
C CYS B 95 -13.28 -3.49 9.85
N VAL B 96 -12.63 -4.57 10.27
CA VAL B 96 -13.27 -5.88 10.40
C VAL B 96 -13.11 -6.42 11.81
N VAL B 97 -14.25 -6.68 12.46
CA VAL B 97 -14.26 -7.21 13.81
C VAL B 97 -14.64 -8.68 13.84
N SER B 98 -13.96 -9.46 14.67
CA SER B 98 -14.33 -10.86 14.82
C SER B 98 -14.11 -11.38 16.23
N THR B 99 -14.87 -12.41 16.59
CA THR B 99 -14.77 -13.05 17.88
C THR B 99 -13.57 -13.98 17.87
N ASP B 100 -12.43 -13.50 18.38
CA ASP B 100 -11.22 -14.29 18.68
C ASP B 100 -11.24 -15.77 18.33
N ASP B 101 -12.33 -16.42 18.68
CA ASP B 101 -12.46 -17.82 18.42
C ASP B 101 -12.84 -18.08 16.97
N VAL B 102 -11.84 -17.94 16.08
CA VAL B 102 -12.04 -18.25 14.66
C VAL B 102 -11.00 -19.25 14.13
N TYR B 103 -11.42 -20.00 13.12
CA TYR B 103 -10.59 -21.01 12.46
C TYR B 103 -9.18 -20.55 12.14
N ALA B 104 -8.22 -21.46 12.25
CA ALA B 104 -6.82 -21.21 11.92
C ALA B 104 -6.67 -20.62 10.52
N GLY B 105 -7.44 -21.13 9.56
CA GLY B 105 -7.32 -20.68 8.17
C GLY B 105 -7.84 -19.28 7.91
N THR B 106 -8.82 -18.87 8.71
CA THR B 106 -9.43 -17.54 8.58
C THR B 106 -8.51 -16.46 9.13
N ASP B 107 -7.95 -16.72 10.30
CA ASP B 107 -7.05 -15.74 10.89
C ASP B 107 -5.84 -15.49 9.96
N GLY B 108 -5.47 -16.48 9.16
CA GLY B 108 -4.51 -16.31 8.09
C GLY B 108 -4.97 -15.27 7.08
N LEU B 109 -6.20 -15.40 6.64
CA LEU B 109 -6.83 -14.39 5.78
C LEU B 109 -6.95 -13.03 6.47
N PHE B 110 -6.94 -13.02 7.79
CA PHE B 110 -6.84 -11.75 8.50
C PHE B 110 -5.42 -11.17 8.41
N ASP B 111 -4.39 -12.00 8.55
CA ASP B 111 -3.00 -11.52 8.45
C ASP B 111 -2.74 -10.89 7.09
N LEU B 112 -3.04 -11.66 6.04
CA LEU B 112 -2.90 -11.19 4.67
C LEU B 112 -3.62 -9.87 4.45
N ALA B 113 -4.87 -9.80 4.91
CA ALA B 113 -5.68 -8.58 4.79
C ALA B 113 -5.05 -7.38 5.49
N ALA B 114 -4.52 -7.59 6.68
CA ALA B 114 -3.97 -6.45 7.42
C ALA B 114 -2.63 -5.99 6.81
N ARG B 115 -2.13 -6.70 5.80
CA ARG B 115 -1.02 -6.21 5.00
C ARG B 115 -1.55 -5.38 3.84
N GLN B 116 -2.85 -5.29 3.70
CA GLN B 116 -3.45 -4.42 2.68
C GLN B 116 -3.65 -3.07 3.34
N GLY B 117 -3.68 -3.09 4.68
CA GLY B 117 -4.01 -1.90 5.44
C GLY B 117 -5.45 -1.97 5.94
N VAL B 118 -5.95 -3.20 6.09
CA VAL B 118 -7.28 -3.42 6.66
C VAL B 118 -7.14 -3.60 8.16
N ARG B 119 -7.90 -2.84 8.95
CA ARG B 119 -7.79 -3.04 10.40
C ARG B 119 -8.66 -4.17 10.91
N VAL B 120 -8.06 -5.02 11.75
CA VAL B 120 -8.77 -6.10 12.41
C VAL B 120 -8.77 -5.94 13.93
N ARG B 121 -9.97 -5.85 14.51
CA ARG B 121 -10.16 -5.78 15.96
C ARG B 121 -10.72 -7.09 16.51
N TYR B 122 -9.90 -7.86 17.21
CA TYR B 122 -10.33 -9.13 17.77
C TYR B 122 -11.22 -8.87 18.98
N ALA B 123 -12.13 -9.79 19.29
CA ALA B 123 -13.04 -9.56 20.42
C ALA B 123 -13.59 -10.82 21.06
N ASP B 124 -14.19 -10.65 22.24
CA ASP B 124 -15.03 -11.66 22.86
C ASP B 124 -16.47 -11.19 22.63
N LEU B 125 -17.15 -11.79 21.67
CA LEU B 125 -18.47 -11.31 21.25
C LEU B 125 -19.62 -11.92 22.04
N THR B 126 -19.38 -12.15 23.33
CA THR B 126 -20.37 -12.85 24.15
C THR B 126 -21.00 -12.03 25.27
N THR B 127 -20.73 -10.72 25.33
CA THR B 127 -21.30 -9.87 26.39
C THR B 127 -21.80 -8.56 25.78
N PRO B 128 -22.84 -7.94 26.38
CA PRO B 128 -23.37 -6.68 25.81
C PRO B 128 -22.28 -5.64 25.73
N GLU B 129 -21.66 -5.39 26.89
CA GLU B 129 -20.47 -4.56 27.01
C GLU B 129 -19.40 -4.98 26.00
N GLY B 130 -19.11 -6.27 25.96
CA GLY B 130 -18.07 -6.81 25.11
C GLY B 130 -18.49 -7.14 23.69
N ILE B 131 -19.74 -6.84 23.35
CA ILE B 131 -20.14 -6.76 21.95
C ILE B 131 -20.13 -5.29 21.56
N ALA B 132 -20.70 -4.44 22.41
CA ALA B 132 -20.79 -2.99 22.14
C ALA B 132 -19.40 -2.36 22.11
N ALA B 133 -18.48 -3.00 22.83
CA ALA B 133 -17.08 -2.58 22.82
C ALA B 133 -16.56 -2.67 21.39
N ALA B 134 -16.51 -3.91 20.90
CA ALA B 134 -16.01 -4.21 19.58
C ALA B 134 -16.69 -3.37 18.50
N LEU B 135 -18.01 -3.24 18.58
CA LEU B 135 -18.77 -2.70 17.45
C LEU B 135 -18.77 -1.17 17.31
N ALA B 136 -17.99 -0.50 18.15
CA ALA B 136 -17.86 0.95 18.06
C ALA B 136 -16.69 1.38 17.18
N GLU B 137 -15.93 0.41 16.67
CA GLU B 137 -14.81 0.69 15.77
C GLU B 137 -15.23 1.57 14.60
N PRO B 138 -14.48 2.65 14.34
CA PRO B 138 -14.80 3.51 13.20
C PRO B 138 -14.74 2.73 11.89
N ASP B 139 -15.70 2.98 10.99
CA ASP B 139 -15.76 2.32 9.68
C ASP B 139 -15.81 0.80 9.76
N LEU B 140 -16.50 0.27 10.76
CA LEU B 140 -16.62 -1.16 10.97
C LEU B 140 -17.29 -1.87 9.79
N ALA B 141 -16.48 -2.31 8.83
CA ALA B 141 -17.01 -2.87 7.56
C ALA B 141 -17.69 -4.23 7.71
N LEU B 142 -17.21 -5.06 8.63
CA LEU B 142 -17.62 -6.44 8.65
C LEU B 142 -17.44 -7.09 10.02
N VAL B 143 -18.47 -7.81 10.47
CA VAL B 143 -18.37 -8.64 11.67
C VAL B 143 -18.28 -10.10 11.24
N TRP B 144 -17.50 -10.89 11.95
CA TRP B 144 -17.18 -12.22 11.50
C TRP B 144 -17.40 -13.23 12.61
N ILE B 145 -18.61 -13.75 12.68
CA ILE B 145 -18.98 -14.66 13.75
C ILE B 145 -18.79 -16.12 13.34
N GLU B 146 -18.10 -16.86 14.17
CA GLU B 146 -18.00 -18.29 14.01
C GLU B 146 -18.64 -18.89 15.26
N THR B 147 -19.73 -19.63 15.08
CA THR B 147 -20.49 -20.15 16.21
C THR B 147 -21.19 -21.46 15.86
N PRO B 148 -20.99 -22.52 16.67
CA PRO B 148 -20.18 -22.65 17.88
C PRO B 148 -18.70 -22.35 17.64
N THR B 149 -18.00 -21.90 18.67
CA THR B 149 -16.59 -21.57 18.54
C THR B 149 -15.74 -22.83 18.60
N ASN B 150 -14.46 -22.68 18.29
CA ASN B 150 -13.54 -23.80 18.36
C ASN B 150 -12.39 -23.62 19.34
N PRO B 151 -11.91 -24.75 19.88
CA PRO B 151 -12.65 -26.02 19.90
C PRO B 151 -13.46 -26.10 21.21
N LEU B 152 -13.57 -24.96 21.88
CA LEU B 152 -14.19 -24.92 23.20
C LEU B 152 -15.71 -24.95 23.13
N LEU B 153 -16.24 -24.73 21.94
CA LEU B 153 -17.68 -24.83 21.66
C LEU B 153 -18.52 -23.83 22.46
N THR B 154 -18.05 -22.59 22.56
CA THR B 154 -18.86 -21.50 23.15
C THR B 154 -19.70 -20.89 22.04
N VAL B 155 -20.60 -19.97 22.38
CA VAL B 155 -21.56 -19.49 21.39
C VAL B 155 -21.85 -17.99 21.47
N VAL B 156 -21.90 -17.35 20.31
CA VAL B 156 -22.24 -15.92 20.21
C VAL B 156 -23.66 -15.79 19.69
N ASP B 157 -24.39 -14.82 20.22
CA ASP B 157 -25.78 -14.58 19.88
C ASP B 157 -25.85 -13.86 18.54
N VAL B 158 -26.20 -14.60 17.49
CA VAL B 158 -26.26 -14.04 16.14
C VAL B 158 -27.26 -12.87 16.02
N ALA B 159 -28.46 -13.06 16.54
CA ALA B 159 -29.48 -12.01 16.48
C ALA B 159 -29.06 -10.72 17.20
N GLU B 160 -28.51 -10.87 18.40
CA GLU B 160 -28.12 -9.70 19.18
C GLU B 160 -26.96 -8.94 18.51
N VAL B 161 -25.92 -9.67 18.13
CA VAL B 161 -24.81 -9.05 17.40
C VAL B 161 -25.28 -8.36 16.12
N SER B 162 -26.19 -9.00 15.39
CA SER B 162 -26.68 -8.46 14.13
C SER B 162 -27.41 -7.11 14.27
N ARG B 163 -28.32 -7.02 15.25
CA ARG B 163 -28.99 -5.75 15.51
C ARG B 163 -27.97 -4.65 15.73
N ARG B 164 -27.10 -4.87 16.71
CA ARG B 164 -26.13 -3.85 17.09
C ARG B 164 -25.11 -3.58 15.99
N ALA B 165 -24.83 -4.56 15.14
CA ALA B 165 -23.94 -4.32 14.00
C ALA B 165 -24.60 -3.44 12.94
N HIS B 166 -25.86 -3.74 12.61
CA HIS B 166 -26.54 -3.05 11.52
C HIS B 166 -26.91 -1.61 11.87
N GLU B 167 -26.92 -1.30 13.15
CA GLU B 167 -27.21 0.05 13.62
C GLU B 167 -26.08 0.97 13.19
N ARG B 168 -24.92 0.38 12.88
CA ARG B 168 -23.79 1.14 12.35
C ARG B 168 -23.45 0.74 10.89
N GLY B 169 -24.35 -0.02 10.27
CA GLY B 169 -24.27 -0.25 8.84
C GLY B 169 -23.35 -1.36 8.35
N ALA B 170 -22.80 -2.16 9.26
CA ALA B 170 -21.84 -3.19 8.86
C ALA B 170 -22.45 -4.36 8.10
N ARG B 171 -21.63 -5.35 7.78
CA ARG B 171 -22.11 -6.60 7.25
C ARG B 171 -21.89 -7.63 8.36
N VAL B 172 -22.75 -8.63 8.44
CA VAL B 172 -22.59 -9.68 9.43
C VAL B 172 -22.52 -11.04 8.75
N VAL B 173 -21.34 -11.67 8.75
CA VAL B 173 -21.21 -13.03 8.23
C VAL B 173 -21.09 -14.02 9.38
N VAL B 174 -21.81 -15.14 9.25
CA VAL B 174 -21.64 -16.25 10.17
C VAL B 174 -21.00 -17.42 9.42
N ASP B 175 -19.91 -17.93 9.97
CA ASP B 175 -19.32 -19.15 9.46
C ASP B 175 -20.15 -20.27 10.08
N ASN B 176 -21.02 -20.86 9.28
CA ASN B 176 -21.99 -21.82 9.76
C ASN B 176 -21.57 -23.27 9.48
N THR B 177 -20.27 -23.47 9.28
CA THR B 177 -19.72 -24.77 8.89
C THR B 177 -20.07 -25.88 9.88
N PHE B 178 -19.73 -25.65 11.14
CA PHE B 178 -19.99 -26.55 12.26
C PHE B 178 -21.46 -26.98 12.35
N ALA B 179 -22.37 -26.02 12.36
CA ALA B 179 -23.76 -26.35 12.61
C ALA B 179 -24.46 -26.97 11.39
N SER B 180 -24.14 -26.45 10.20
CA SER B 180 -24.85 -26.72 8.95
C SER B 180 -26.23 -26.05 8.94
N PRO B 181 -26.79 -25.79 7.74
CA PRO B 181 -28.11 -25.15 7.63
C PRO B 181 -29.20 -25.99 8.28
N VAL B 182 -28.91 -27.27 8.49
CA VAL B 182 -29.86 -28.12 9.18
C VAL B 182 -30.07 -27.67 10.63
N LEU B 183 -29.03 -27.08 11.23
CA LEU B 183 -29.09 -26.80 12.67
C LEU B 183 -29.21 -25.33 12.98
N GLN B 184 -28.60 -24.51 12.12
CA GLN B 184 -28.55 -23.08 12.37
C GLN B 184 -28.83 -22.29 11.08
N GLN B 185 -29.62 -21.24 11.21
CA GLN B 185 -30.06 -20.43 10.07
C GLN B 185 -29.60 -18.98 10.25
N PRO B 186 -28.31 -18.68 9.95
CA PRO B 186 -27.77 -17.34 10.15
C PRO B 186 -28.58 -16.22 9.49
N LEU B 187 -29.14 -16.45 8.30
CA LEU B 187 -29.88 -15.37 7.64
C LEU B 187 -31.18 -15.04 8.39
N ALA B 188 -31.93 -16.08 8.78
CA ALA B 188 -33.16 -15.90 9.53
C ALA B 188 -32.90 -15.26 10.88
N LEU B 189 -31.71 -15.50 11.43
CA LEU B 189 -31.33 -14.94 12.71
C LEU B 189 -30.99 -13.44 12.63
N GLY B 190 -30.67 -12.96 11.44
CA GLY B 190 -30.42 -11.54 11.27
C GLY B 190 -29.14 -11.22 10.54
N ALA B 191 -28.29 -12.23 10.33
CA ALA B 191 -27.03 -12.04 9.64
C ALA B 191 -27.22 -11.76 8.14
N ASP B 192 -26.18 -11.24 7.51
CA ASP B 192 -26.21 -10.90 6.08
C ASP B 192 -25.70 -12.02 5.22
N VAL B 193 -24.79 -12.84 5.75
CA VAL B 193 -24.13 -13.87 4.97
C VAL B 193 -23.88 -15.12 5.79
N SER B 194 -24.18 -16.28 5.20
CA SER B 194 -23.74 -17.55 5.78
C SER B 194 -22.57 -18.03 4.94
N LEU B 195 -21.47 -18.32 5.62
CA LEU B 195 -20.27 -18.85 5.00
C LEU B 195 -20.08 -20.31 5.39
N TYR B 196 -19.75 -21.16 4.40
CA TYR B 196 -19.49 -22.57 4.64
C TYR B 196 -18.21 -23.05 3.98
N SER B 197 -17.67 -24.13 4.54
CA SER B 197 -16.83 -25.04 3.79
C SER B 197 -17.74 -26.26 3.58
N THR B 198 -18.06 -26.59 2.33
CA THR B 198 -18.90 -27.74 2.02
C THR B 198 -18.08 -29.01 2.18
N THR B 199 -16.76 -28.85 2.25
CA THR B 199 -15.83 -29.93 2.53
C THR B 199 -16.18 -30.71 3.81
N1 LLP B 200 -14.17 -22.50 8.37
C2 LLP B 200 -14.39 -23.54 9.17
C2' LLP B 200 -15.25 -23.35 10.46
C3 LLP B 200 -13.85 -24.83 8.85
O3 LLP B 200 -14.12 -25.91 9.70
C4 LLP B 200 -13.09 -25.00 7.71
C4' LLP B 200 -12.48 -26.46 7.32
C5 LLP B 200 -12.86 -23.91 6.90
C6 LLP B 200 -13.40 -22.66 7.22
C5' LLP B 200 -11.99 -23.99 5.61
OP4 LLP B 200 -12.70 -24.58 4.53
P LLP B 200 -11.87 -25.44 3.55
OP1 LLP B 200 -12.87 -26.15 2.63
OP2 LLP B 200 -10.98 -24.54 2.78
OP3 LLP B 200 -11.02 -26.40 4.31
N LLP B 200 -16.92 -30.06 4.72
CA LLP B 200 -17.25 -30.71 6.00
CB LLP B 200 -17.25 -29.69 7.12
CG LLP B 200 -16.02 -28.77 7.04
CD LLP B 200 -14.68 -29.52 7.15
CE LLP B 200 -13.50 -28.59 6.81
NZ LLP B 200 -13.27 -27.54 7.84
C LLP B 200 -18.55 -31.44 5.87
O LLP B 200 -18.66 -32.32 5.01
N SER B 201 -19.55 -31.09 6.67
CA SER B 201 -20.80 -31.87 6.73
C SER B 201 -21.68 -31.80 5.48
N ILE B 202 -21.66 -30.69 4.75
CA ILE B 202 -22.53 -30.54 3.59
C ILE B 202 -22.25 -31.57 2.48
N ALA B 203 -21.00 -31.67 2.01
CA ALA B 203 -20.65 -32.75 1.07
C ALA B 203 -20.64 -34.09 1.81
N GLY B 204 -20.04 -34.09 2.99
CA GLY B 204 -20.29 -35.12 3.98
C GLY B 204 -19.52 -36.44 3.90
N HIS B 205 -18.79 -36.67 2.82
CA HIS B 205 -18.13 -37.96 2.65
C HIS B 205 -16.60 -37.86 2.56
N ALA B 206 -16.05 -36.70 2.90
CA ALA B 206 -14.60 -36.51 2.97
C ALA B 206 -13.91 -36.81 1.64
N ASP B 207 -14.60 -36.46 0.55
CA ASP B 207 -14.10 -36.77 -0.78
C ASP B 207 -14.05 -35.59 -1.76
N VAL B 208 -14.17 -34.37 -1.25
CA VAL B 208 -14.16 -33.18 -2.12
C VAL B 208 -13.92 -31.92 -1.31
N LEU B 209 -13.17 -30.96 -1.84
CA LEU B 209 -12.99 -29.66 -1.22
C LEU B 209 -13.99 -28.67 -1.82
N GLY B 210 -14.60 -27.83 -1.00
CA GLY B 210 -15.49 -26.80 -1.52
C GLY B 210 -15.92 -25.76 -0.50
N GLY B 211 -16.39 -24.62 -0.98
CA GLY B 211 -16.96 -23.60 -0.11
C GLY B 211 -18.22 -22.96 -0.68
N ALA B 212 -18.93 -22.22 0.16
CA ALA B 212 -20.11 -21.47 -0.29
C ALA B 212 -20.35 -20.21 0.54
N LEU B 213 -21.02 -19.25 -0.09
CA LEU B 213 -21.60 -18.10 0.59
C LEU B 213 -23.08 -18.12 0.23
N VAL B 214 -23.93 -17.80 1.19
CA VAL B 214 -25.37 -17.70 0.96
C VAL B 214 -25.81 -16.37 1.56
N TYR B 215 -26.60 -15.59 0.79
CA TYR B 215 -26.87 -14.20 1.13
C TYR B 215 -28.09 -13.63 0.38
N ARG B 216 -28.43 -12.38 0.65
CA ARG B 216 -29.67 -11.80 0.13
C ARG B 216 -29.43 -10.50 -0.63
N ASP B 217 -28.26 -9.89 -0.42
CA ASP B 217 -27.91 -8.56 -0.94
C ASP B 217 -27.49 -8.71 -2.42
N ALA B 218 -28.28 -8.12 -3.32
CA ALA B 218 -28.01 -8.26 -4.76
C ALA B 218 -26.82 -7.45 -5.23
N ASP B 219 -26.44 -6.44 -4.45
CA ASP B 219 -25.23 -5.69 -4.78
C ASP B 219 -24.01 -6.49 -4.32
N LEU B 220 -24.16 -7.20 -3.20
CA LEU B 220 -23.15 -8.15 -2.75
C LEU B 220 -22.97 -9.26 -3.78
N HIS B 221 -24.09 -9.72 -4.34
CA HIS B 221 -24.05 -10.82 -5.30
C HIS B 221 -23.14 -10.47 -6.47
N ALA B 222 -23.31 -9.26 -7.00
CA ALA B 222 -22.50 -8.79 -8.12
C ALA B 222 -21.02 -8.72 -7.74
N ALA B 223 -20.71 -8.24 -6.54
CA ALA B 223 -19.30 -8.13 -6.14
C ALA B 223 -18.67 -9.51 -5.97
N VAL B 224 -19.39 -10.43 -5.34
CA VAL B 224 -18.87 -11.78 -5.12
C VAL B 224 -18.64 -12.51 -6.46
N ARG B 225 -19.59 -12.40 -7.39
CA ARG B 225 -19.45 -13.09 -8.69
C ARG B 225 -18.34 -12.49 -9.55
N ALA B 226 -18.23 -11.16 -9.54
CA ALA B 226 -17.15 -10.52 -10.27
C ALA B 226 -15.78 -10.93 -9.71
N TYR B 227 -15.70 -11.07 -8.40
CA TYR B 227 -14.46 -11.48 -7.78
C TYR B 227 -14.09 -12.94 -8.08
N ARG B 228 -15.07 -13.83 -7.98
CA ARG B 228 -14.84 -15.24 -8.26
C ARG B 228 -14.37 -15.41 -9.71
N THR B 229 -14.99 -14.66 -10.62
CA THR B 229 -14.67 -14.78 -12.03
C THR B 229 -13.25 -14.28 -12.31
N THR B 230 -12.85 -13.23 -11.62
CA THR B 230 -11.54 -12.64 -11.84
C THR B 230 -10.41 -13.39 -11.10
N ALA B 231 -10.64 -13.74 -9.85
CA ALA B 231 -9.67 -14.53 -9.07
C ALA B 231 -9.66 -16.01 -9.47
N GLY B 232 -10.77 -16.49 -10.03
CA GLY B 232 -10.85 -17.83 -10.59
C GLY B 232 -10.84 -18.95 -9.56
N ASN B 233 -11.30 -18.64 -8.35
CA ASN B 233 -11.37 -19.63 -7.27
C ASN B 233 -12.67 -20.44 -7.38
N VAL B 234 -12.89 -21.00 -8.56
CA VAL B 234 -14.16 -21.64 -8.93
C VAL B 234 -14.00 -23.15 -8.92
N PRO B 235 -14.97 -23.87 -8.36
CA PRO B 235 -14.88 -25.35 -8.29
C PRO B 235 -15.20 -25.98 -9.64
N GLY B 236 -14.75 -27.21 -9.85
CA GLY B 236 -15.13 -27.94 -11.05
C GLY B 236 -16.52 -28.54 -10.96
N ALA B 237 -17.09 -28.87 -12.12
CA ALA B 237 -18.40 -29.48 -12.19
C ALA B 237 -18.45 -30.84 -11.48
N LEU B 238 -17.39 -31.63 -11.63
CA LEU B 238 -17.38 -32.95 -11.02
C LEU B 238 -17.41 -32.79 -9.50
N ASP B 239 -16.68 -31.79 -8.99
CA ASP B 239 -16.70 -31.47 -7.57
C ASP B 239 -18.07 -30.99 -7.11
N CYS B 240 -18.72 -30.15 -7.91
CA CYS B 240 -20.05 -29.69 -7.56
C CYS B 240 -21.05 -30.86 -7.57
N PHE B 241 -20.83 -31.82 -8.48
CA PHE B 241 -21.64 -33.02 -8.48
C PHE B 241 -21.51 -33.78 -7.16
N LEU B 242 -20.28 -33.98 -6.68
CA LEU B 242 -20.09 -34.73 -5.44
C LEU B 242 -20.63 -34.00 -4.21
N VAL B 243 -20.53 -32.67 -4.17
CA VAL B 243 -21.16 -31.90 -3.10
C VAL B 243 -22.68 -32.05 -3.17
N ARG B 244 -23.25 -31.81 -4.34
CA ARG B 244 -24.69 -31.94 -4.54
C ARG B 244 -25.17 -33.34 -4.16
N ARG B 245 -24.31 -34.31 -4.47
CA ARG B 245 -24.53 -35.72 -4.18
C ARG B 245 -24.66 -35.93 -2.67
N GLY B 246 -23.68 -35.45 -1.91
CA GLY B 246 -23.69 -35.60 -0.46
C GLY B 246 -24.83 -34.87 0.23
N LEU B 247 -25.26 -33.75 -0.37
CA LEU B 247 -26.32 -32.92 0.19
C LEU B 247 -27.64 -33.63 0.41
N HIS B 248 -27.97 -34.58 -0.47
CA HIS B 248 -29.25 -35.29 -0.35
C HIS B 248 -29.46 -35.81 1.07
N THR B 249 -28.39 -36.34 1.66
CA THR B 249 -28.51 -37.01 2.95
C THR B 249 -28.11 -36.12 4.14
N LEU B 250 -28.03 -34.81 3.91
CA LEU B 250 -27.59 -33.87 4.94
C LEU B 250 -28.39 -33.95 6.25
N SER B 251 -29.71 -33.86 6.16
CA SER B 251 -30.54 -33.99 7.35
C SER B 251 -30.31 -35.32 8.04
N LEU B 252 -30.37 -36.42 7.29
CA LEU B 252 -30.24 -37.72 7.92
C LEU B 252 -28.90 -37.88 8.62
N ARG B 253 -27.83 -37.47 7.96
CA ARG B 253 -26.48 -37.56 8.53
C ARG B 253 -26.29 -36.72 9.80
N VAL B 254 -26.46 -35.40 9.69
CA VAL B 254 -26.27 -34.52 10.85
C VAL B 254 -27.15 -35.00 12.01
N HIS B 255 -28.36 -35.43 11.70
CA HIS B 255 -29.25 -35.98 12.73
C HIS B 255 -28.73 -37.24 13.42
N ARG B 256 -28.19 -38.19 12.66
CA ARG B 256 -27.56 -39.37 13.25
C ARG B 256 -26.33 -38.94 14.07
N GLN B 257 -25.61 -37.95 13.55
CA GLN B 257 -24.43 -37.42 14.22
C GLN B 257 -24.76 -36.82 15.59
N VAL B 258 -25.82 -36.01 15.64
CA VAL B 258 -26.27 -35.36 16.87
C VAL B 258 -26.59 -36.37 17.97
N ALA B 259 -27.40 -37.37 17.63
CA ALA B 259 -27.82 -38.38 18.59
C ALA B 259 -26.62 -39.11 19.18
N THR B 260 -25.65 -39.46 18.35
CA THR B 260 -24.50 -40.21 18.83
C THR B 260 -23.59 -39.37 19.73
N ALA B 261 -23.35 -38.12 19.34
CA ALA B 261 -22.54 -37.21 20.17
C ALA B 261 -23.11 -37.07 21.59
N ARG B 262 -24.43 -37.04 21.70
CA ARG B 262 -25.07 -36.96 23.02
C ARG B 262 -24.82 -38.21 23.89
N VAL B 263 -24.80 -39.38 23.26
CA VAL B 263 -24.49 -40.63 23.98
C VAL B 263 -23.00 -40.65 24.35
N LEU B 264 -22.18 -40.03 23.50
CA LEU B 264 -20.74 -39.93 23.74
C LEU B 264 -20.44 -38.94 24.87
N VAL B 265 -21.24 -37.88 24.97
CA VAL B 265 -21.09 -36.91 26.03
C VAL B 265 -21.42 -37.51 27.41
N GLU B 266 -22.49 -38.28 27.48
CA GLU B 266 -22.82 -38.98 28.74
C GLU B 266 -21.69 -39.89 29.20
N ARG B 267 -21.13 -40.67 28.27
CA ARG B 267 -20.03 -41.57 28.60
C ARG B 267 -18.84 -40.79 29.14
N LEU B 268 -18.46 -39.73 28.44
CA LEU B 268 -17.38 -38.86 28.91
C LEU B 268 -17.64 -38.31 30.31
N ARG B 269 -18.91 -38.00 30.61
CA ARG B 269 -19.27 -37.47 31.94
C ARG B 269 -19.15 -38.53 33.02
N ALA B 270 -19.09 -39.81 32.64
CA ALA B 270 -18.99 -40.90 33.59
C ALA B 270 -17.63 -41.59 33.57
N SER B 271 -16.61 -40.87 33.11
CA SER B 271 -15.26 -41.42 33.06
C SER B 271 -14.33 -40.72 34.06
N PRO B 272 -13.61 -41.50 34.88
CA PRO B 272 -12.72 -40.91 35.88
C PRO B 272 -11.42 -40.33 35.30
N VAL B 273 -11.18 -40.50 34.02
CA VAL B 273 -9.98 -39.91 33.43
C VAL B 273 -10.35 -38.83 32.43
N VAL B 274 -11.55 -38.28 32.61
CA VAL B 274 -12.00 -37.12 31.86
C VAL B 274 -12.36 -36.01 32.83
N GLY B 275 -11.88 -34.81 32.56
CA GLY B 275 -12.24 -33.64 33.36
C GLY B 275 -13.43 -32.93 32.76
N ALA B 276 -13.26 -31.65 32.45
CA ALA B 276 -14.31 -30.85 31.82
C ALA B 276 -14.82 -31.50 30.55
N VAL B 277 -16.14 -31.53 30.40
CA VAL B 277 -16.76 -32.02 29.18
C VAL B 277 -17.55 -30.87 28.53
N HIS B 278 -17.22 -30.59 27.27
CA HIS B 278 -17.82 -29.47 26.55
C HIS B 278 -18.74 -29.96 25.41
N TYR B 279 -19.96 -29.46 25.39
CA TYR B 279 -20.93 -29.76 24.32
C TYR B 279 -22.13 -28.83 24.52
N PRO B 280 -22.51 -28.08 23.47
CA PRO B 280 -23.58 -27.06 23.52
C PRO B 280 -24.91 -27.57 24.06
N GLY B 281 -25.13 -28.88 24.01
CA GLY B 281 -26.37 -29.46 24.54
C GLY B 281 -26.47 -29.48 26.06
N LEU B 282 -25.32 -29.52 26.75
CA LEU B 282 -25.33 -29.58 28.21
C LEU B 282 -26.02 -28.36 28.83
N PRO B 283 -26.86 -28.58 29.86
CA PRO B 283 -27.59 -27.47 30.48
C PRO B 283 -26.67 -26.46 31.15
N GLU B 284 -25.46 -26.88 31.52
CA GLU B 284 -24.54 -26.00 32.22
C GLU B 284 -23.66 -25.18 31.29
N HIS B 285 -23.87 -25.29 29.98
CA HIS B 285 -23.19 -24.38 29.07
C HIS B 285 -23.55 -22.98 29.55
N PRO B 286 -22.55 -22.10 29.68
CA PRO B 286 -22.84 -20.78 30.25
C PRO B 286 -23.86 -20.01 29.39
N GLN B 287 -23.93 -20.33 28.10
CA GLN B 287 -24.93 -19.71 27.24
C GLN B 287 -25.88 -20.73 26.60
N HIS B 288 -26.38 -21.64 27.42
CA HIS B 288 -27.45 -22.55 27.03
C HIS B 288 -28.62 -21.81 26.40
N ALA B 289 -28.98 -20.65 26.98
CA ALA B 289 -30.14 -19.90 26.49
C ALA B 289 -29.95 -19.46 25.03
N VAL B 290 -28.75 -19.02 24.68
CA VAL B 290 -28.44 -18.71 23.30
C VAL B 290 -28.42 -19.99 22.45
N VAL B 291 -27.90 -21.08 23.01
CA VAL B 291 -27.93 -22.37 22.33
C VAL B 291 -29.35 -22.73 21.84
N LYS B 292 -30.29 -22.84 22.77
CA LYS B 292 -31.66 -23.21 22.44
C LYS B 292 -32.27 -22.28 21.39
N ALA B 293 -32.14 -20.97 21.63
CA ALA B 293 -32.73 -19.96 20.75
C ALA B 293 -32.28 -20.09 19.30
N GLN B 294 -31.00 -20.33 19.07
CA GLN B 294 -30.51 -20.25 17.69
C GLN B 294 -30.09 -21.56 17.05
N MSE B 295 -30.09 -22.65 17.81
CA MSE B 295 -29.71 -23.95 17.27
C MSE B 295 -30.82 -24.98 17.47
O MSE B 295 -31.25 -25.22 18.60
CB MSE B 295 -28.41 -24.45 17.93
CG MSE B 295 -27.18 -23.56 17.72
SE MSE B 295 -25.52 -24.43 18.36
CE MSE B 295 -25.48 -23.83 20.15
N SER B 296 -31.29 -25.60 16.39
CA SER B 296 -32.35 -26.59 16.54
C SER B 296 -31.78 -27.85 17.18
N ALA B 297 -30.47 -28.04 17.00
CA ALA B 297 -29.75 -29.13 17.66
C ALA B 297 -28.33 -28.62 17.95
N PRO B 298 -27.66 -29.20 18.97
CA PRO B 298 -26.39 -28.62 19.42
C PRO B 298 -25.12 -29.03 18.65
N GLY B 299 -25.22 -30.02 17.77
CA GLY B 299 -24.11 -30.33 16.88
C GLY B 299 -23.47 -31.69 17.09
N ALA B 300 -22.45 -31.97 16.29
CA ALA B 300 -21.83 -33.29 16.29
C ALA B 300 -20.36 -33.25 16.71
N ILE B 301 -19.92 -32.14 17.28
CA ILE B 301 -18.55 -32.04 17.76
C ILE B 301 -18.57 -31.97 19.29
N VAL B 302 -17.66 -32.70 19.92
CA VAL B 302 -17.58 -32.77 21.37
C VAL B 302 -16.13 -32.47 21.74
N SER B 303 -15.92 -31.72 22.82
CA SER B 303 -14.56 -31.44 23.34
C SER B 303 -14.48 -31.84 24.81
N PHE B 304 -13.33 -32.40 25.21
CA PHE B 304 -13.11 -32.81 26.59
C PHE B 304 -11.62 -32.82 26.99
N ASP B 305 -11.35 -32.47 28.23
CA ASP B 305 -9.98 -32.53 28.75
C ASP B 305 -9.67 -33.94 29.25
N TYR B 306 -8.63 -34.54 28.68
CA TYR B 306 -8.20 -35.88 29.09
C TYR B 306 -7.25 -35.83 30.29
N LEU B 307 -7.46 -36.71 31.27
CA LEU B 307 -6.63 -36.71 32.49
C LEU B 307 -5.73 -37.94 32.63
N GLY B 308 -5.81 -38.89 31.71
CA GLY B 308 -5.16 -40.17 31.92
C GLY B 308 -3.69 -40.24 31.56
N GLY B 309 -3.14 -39.13 31.07
CA GLY B 309 -1.76 -39.10 30.61
C GLY B 309 -1.66 -38.36 29.29
N PRO B 310 -0.49 -38.47 28.63
CA PRO B 310 -0.25 -37.73 27.39
C PRO B 310 -1.30 -37.98 26.32
N ALA B 311 -1.83 -36.90 25.75
CA ALA B 311 -2.77 -37.01 24.63
C ALA B 311 -2.12 -37.82 23.50
N GLU B 312 -0.81 -37.68 23.33
CA GLU B 312 -0.12 -38.36 22.25
C GLU B 312 -0.30 -39.87 22.30
N ARG B 313 -0.46 -40.42 23.50
CA ARG B 313 -0.65 -41.86 23.66
C ARG B 313 -2.10 -42.28 23.48
N LEU B 314 -3.01 -41.49 24.04
CA LEU B 314 -4.44 -41.77 23.93
C LEU B 314 -4.83 -41.84 22.46
N LEU B 315 -4.33 -40.90 21.67
CA LEU B 315 -4.63 -40.84 20.25
C LEU B 315 -4.36 -42.16 19.50
N ASP B 316 -3.23 -42.80 19.82
CA ASP B 316 -2.86 -44.10 19.26
C ASP B 316 -3.99 -45.14 19.44
N ARG B 317 -4.67 -45.07 20.58
CA ARG B 317 -5.50 -46.19 21.03
C ARG B 317 -6.83 -46.48 20.32
N PHE B 318 -7.33 -45.57 19.50
CA PHE B 318 -8.61 -45.82 18.86
C PHE B 318 -8.49 -46.89 17.79
N THR B 319 -9.58 -47.62 17.55
CA THR B 319 -9.58 -48.56 16.43
C THR B 319 -10.74 -48.28 15.47
N LEU B 320 -11.55 -47.28 15.79
CA LEU B 320 -12.69 -46.92 14.96
C LEU B 320 -12.72 -45.41 14.59
N PHE B 321 -12.71 -44.54 15.60
CA PHE B 321 -12.41 -43.11 15.36
C PHE B 321 -11.08 -43.05 14.63
N THR B 322 -10.95 -42.15 13.67
CA THR B 322 -9.69 -41.93 12.95
C THR B 322 -8.95 -40.67 13.44
N CYS B 323 -7.65 -40.81 13.72
CA CYS B 323 -6.81 -39.67 14.13
C CYS B 323 -6.50 -38.77 12.94
N GLY B 324 -7.12 -37.58 12.87
CA GLY B 324 -6.84 -36.66 11.79
C GLY B 324 -7.79 -35.47 11.80
N VAL B 325 -7.59 -34.53 10.87
CA VAL B 325 -8.35 -33.28 10.91
C VAL B 325 -9.53 -33.27 9.92
N SER B 326 -10.13 -32.09 9.76
CA SER B 326 -11.45 -31.89 9.16
C SER B 326 -12.54 -32.35 10.13
N LEU B 327 -13.79 -32.28 9.70
CA LEU B 327 -14.92 -32.67 10.53
C LEU B 327 -16.18 -32.81 9.69
N GLY B 328 -17.23 -33.32 10.30
CA GLY B 328 -18.54 -33.36 9.68
C GLY B 328 -18.81 -34.56 8.77
N GLY B 329 -17.78 -35.32 8.43
CA GLY B 329 -17.94 -36.45 7.51
C GLY B 329 -18.55 -37.72 8.12
N VAL B 330 -18.85 -38.70 7.26
CA VAL B 330 -19.44 -39.95 7.72
C VAL B 330 -18.53 -40.75 8.65
N HIS B 331 -17.22 -40.62 8.49
CA HIS B 331 -16.26 -41.30 9.35
C HIS B 331 -15.96 -40.44 10.59
N SER B 332 -16.09 -41.01 11.77
CA SER B 332 -15.79 -40.31 13.01
C SER B 332 -14.29 -40.01 13.13
N LEU B 333 -13.97 -38.79 13.54
CA LEU B 333 -12.58 -38.36 13.68
C LEU B 333 -12.28 -37.87 15.10
N VAL B 334 -11.08 -38.19 15.59
CA VAL B 334 -10.62 -37.68 16.87
C VAL B 334 -9.31 -36.93 16.61
N GLU B 335 -9.08 -35.83 17.33
CA GLU B 335 -7.71 -35.31 17.45
C GLU B 335 -7.48 -34.48 18.68
N CYS B 336 -6.26 -33.92 18.75
CA CYS B 336 -5.82 -33.11 19.86
C CYS B 336 -5.42 -31.76 19.27
N PRO B 337 -6.29 -30.76 19.48
CA PRO B 337 -6.16 -29.40 18.94
C PRO B 337 -4.71 -28.91 19.00
N ALA B 338 -4.05 -29.12 20.14
CA ALA B 338 -2.66 -28.68 20.28
C ALA B 338 -1.65 -29.38 19.38
N LEU B 339 -1.81 -30.67 19.13
CA LEU B 339 -0.75 -31.41 18.43
C LEU B 339 -0.79 -31.21 16.92
N MSE B 340 -1.91 -30.70 16.41
CA MSE B 340 -1.97 -30.34 15.00
C MSE B 340 -2.46 -28.90 14.84
O MSE B 340 -1.70 -27.93 15.00
CB MSE B 340 -2.80 -31.35 14.20
CG MSE B 340 -3.65 -32.27 15.08
SE MSE B 340 -4.15 -34.01 14.38
CE MSE B 340 -3.89 -35.05 15.94
N THR B 341 -3.75 -28.80 14.52
CA THR B 341 -4.55 -27.58 14.54
C THR B 341 -4.03 -26.38 15.37
N HIS B 342 -3.89 -26.52 16.70
CA HIS B 342 -3.44 -25.38 17.54
C HIS B 342 -1.96 -25.35 17.98
N ARG B 343 -1.18 -26.31 17.49
CA ARG B 343 0.28 -26.24 17.54
C ARG B 343 0.89 -24.87 17.13
N PRO B 344 0.41 -24.24 16.03
CA PRO B 344 1.01 -23.00 15.47
C PRO B 344 1.44 -21.87 16.40
N LEU B 345 1.55 -22.10 17.70
CA LEU B 345 1.75 -21.01 18.62
C LEU B 345 2.90 -21.29 19.59
N SER B 346 2.71 -20.88 20.83
CA SER B 346 3.74 -21.01 21.84
C SER B 346 3.23 -21.82 23.04
N ALA B 347 4.06 -21.92 24.06
CA ALA B 347 3.69 -22.63 25.28
C ALA B 347 2.72 -21.80 26.12
N GLU B 348 2.22 -20.71 25.55
CA GLU B 348 1.30 -19.83 26.27
C GLU B 348 0.14 -19.38 25.36
N ALA B 349 0.47 -18.98 24.14
CA ALA B 349 -0.52 -18.38 23.22
C ALA B 349 -1.76 -19.25 22.99
N ARG B 350 -1.64 -20.52 23.38
CA ARG B 350 -2.71 -21.50 23.28
C ARG B 350 -3.44 -21.61 24.63
N ALA B 351 -2.73 -21.32 25.72
CA ALA B 351 -3.32 -21.41 27.06
C ALA B 351 -4.08 -20.13 27.44
N ARG B 352 -3.72 -19.02 26.81
CA ARG B 352 -4.48 -17.79 26.94
C ARG B 352 -5.92 -17.98 26.39
N ARG B 353 -6.10 -18.96 25.50
CA ARG B 353 -7.40 -19.23 24.87
C ARG B 353 -8.29 -20.19 25.68
N GLY B 354 -7.70 -20.98 26.56
CA GLY B 354 -8.43 -21.98 27.32
C GLY B 354 -8.43 -23.36 26.67
N ILE B 355 -7.36 -23.69 25.97
CA ILE B 355 -7.22 -25.00 25.32
C ILE B 355 -6.01 -25.74 25.88
N GLY B 356 -6.24 -26.69 26.76
CA GLY B 356 -5.16 -27.42 27.38
C GLY B 356 -4.45 -28.35 26.42
N GLU B 357 -3.22 -28.74 26.77
CA GLU B 357 -2.48 -29.75 26.01
C GLU B 357 -3.28 -31.03 25.92
N SER B 358 -4.09 -31.30 26.95
CA SER B 358 -4.80 -32.55 27.01
C SER B 358 -6.27 -32.45 26.58
N LEU B 359 -6.62 -31.37 25.88
CA LEU B 359 -7.95 -31.26 25.31
C LEU B 359 -8.03 -32.16 24.07
N ILE B 360 -9.12 -32.91 23.97
CA ILE B 360 -9.34 -33.81 22.84
C ILE B 360 -10.62 -33.40 22.12
N ARG B 361 -10.61 -33.42 20.79
CA ARG B 361 -11.82 -33.11 20.00
C ARG B 361 -12.34 -34.31 19.19
N LEU B 362 -13.63 -34.59 19.36
CA LEU B 362 -14.31 -35.63 18.61
C LEU B 362 -15.16 -34.99 17.54
N SER B 363 -15.08 -35.49 16.31
CA SER B 363 -16.03 -35.16 15.27
C SER B 363 -16.80 -36.42 14.95
N VAL B 364 -18.10 -36.42 15.26
CA VAL B 364 -18.88 -37.66 15.24
C VAL B 364 -19.44 -38.00 13.85
N GLY B 365 -19.17 -39.21 13.39
CA GLY B 365 -19.68 -39.69 12.12
C GLY B 365 -21.00 -40.41 12.28
N ILE B 366 -21.32 -41.28 11.31
CA ILE B 366 -22.59 -41.99 11.33
C ILE B 366 -22.47 -43.48 11.68
N GLU B 367 -21.37 -43.88 12.29
CA GLU B 367 -21.21 -45.27 12.74
C GLU B 367 -22.21 -45.63 13.84
N ASP B 368 -22.32 -46.90 14.19
CA ASP B 368 -23.23 -47.31 15.25
C ASP B 368 -22.81 -46.66 16.57
N PRO B 369 -23.78 -46.15 17.34
CA PRO B 369 -23.49 -45.49 18.62
C PRO B 369 -22.94 -46.43 19.69
N GLN B 370 -23.17 -47.74 19.60
CA GLN B 370 -22.47 -48.62 20.54
C GLN B 370 -21.00 -48.78 20.15
N ASP B 371 -20.71 -48.95 18.86
CA ASP B 371 -19.32 -49.11 18.40
C ASP B 371 -18.45 -47.89 18.75
N LEU B 372 -18.99 -46.69 18.55
CA LEU B 372 -18.24 -45.47 18.86
C LEU B 372 -18.01 -45.29 20.38
N ALA B 373 -19.06 -45.49 21.18
CA ALA B 373 -18.89 -45.43 22.63
C ALA B 373 -17.93 -46.52 23.10
N GLU B 374 -17.90 -47.64 22.37
CA GLU B 374 -17.02 -48.74 22.73
C GLU B 374 -15.56 -48.36 22.50
N ASP B 375 -15.26 -47.85 21.31
CA ASP B 375 -13.91 -47.42 20.94
C ASP B 375 -13.40 -46.37 21.93
N LEU B 376 -14.23 -45.35 22.17
CA LEU B 376 -13.90 -44.28 23.10
C LEU B 376 -13.55 -44.79 24.51
N SER B 377 -14.43 -45.63 25.05
CA SER B 377 -14.21 -46.17 26.39
C SER B 377 -12.97 -47.05 26.45
N ARG B 378 -12.81 -47.88 25.42
CA ARG B 378 -11.63 -48.72 25.27
C ARG B 378 -10.38 -47.83 25.25
N ALA B 379 -10.46 -46.73 24.52
CA ALA B 379 -9.31 -45.85 24.36
C ALA B 379 -8.94 -45.19 25.69
N LEU B 380 -9.94 -44.71 26.40
CA LEU B 380 -9.70 -43.96 27.65
C LEU B 380 -9.03 -44.78 28.75
N ALA B 381 -9.24 -46.09 28.77
CA ALA B 381 -8.80 -46.87 29.92
C ALA B 381 -7.46 -47.61 29.73
N GLY B 382 -7.03 -47.80 28.48
CA GLY B 382 -5.80 -48.51 28.19
C GLY B 382 -5.88 -50.00 28.44
N GLY B 383 -4.75 -50.57 28.82
CA GLY B 383 -4.68 -51.96 29.13
C GLY B 383 -4.50 -52.95 28.00
N GLY C 6 -16.97 -51.63 17.84
CA GLY C 6 -16.50 -52.73 17.02
C GLY C 6 -16.92 -52.68 15.56
N MSE C 7 -17.79 -53.62 15.20
CA MSE C 7 -18.07 -53.94 13.80
C MSE C 7 -19.58 -54.24 13.61
O MSE C 7 -19.99 -55.33 13.19
CB MSE C 7 -17.16 -55.11 13.35
CG MSE C 7 -16.18 -55.66 14.44
SE MSE C 7 -14.22 -55.16 14.53
CE MSE C 7 -13.72 -55.47 12.64
N ARG C 8 -20.42 -53.25 13.93
CA ARG C 8 -21.87 -53.34 13.76
C ARG C 8 -22.35 -52.82 12.39
N PHE C 9 -23.64 -53.00 12.09
CA PHE C 9 -24.19 -52.74 10.74
C PHE C 9 -23.87 -51.36 10.15
N GLY C 10 -24.33 -50.30 10.80
CA GLY C 10 -24.01 -48.94 10.36
C GLY C 10 -22.51 -48.64 10.36
N THR C 11 -21.76 -49.26 11.26
CA THR C 11 -20.32 -49.10 11.26
C THR C 11 -19.68 -49.75 10.03
N ARG C 12 -20.15 -50.95 9.69
CA ARG C 12 -19.65 -51.67 8.50
C ARG C 12 -20.04 -50.99 7.18
N LEU C 13 -21.12 -50.22 7.15
CA LEU C 13 -21.45 -49.40 5.99
C LEU C 13 -20.36 -48.36 5.74
N VAL C 14 -19.81 -47.84 6.83
CA VAL C 14 -18.82 -46.77 6.74
C VAL C 14 -17.41 -47.34 6.55
N HIS C 15 -17.11 -48.42 7.26
CA HIS C 15 -15.74 -48.91 7.34
C HIS C 15 -15.48 -50.28 6.70
N GLY C 16 -16.53 -51.01 6.39
CA GLY C 16 -16.38 -52.29 5.73
C GLY C 16 -15.70 -52.06 4.40
N GLY C 17 -14.67 -52.84 4.12
CA GLY C 17 -13.96 -52.70 2.86
C GLY C 17 -13.07 -51.46 2.75
N ARG C 18 -13.11 -50.57 3.73
CA ARG C 18 -12.40 -49.29 3.58
C ARG C 18 -10.90 -49.51 3.72
N ARG C 19 -10.29 -50.16 2.73
CA ARG C 19 -8.91 -50.61 2.87
C ARG C 19 -7.92 -49.42 2.94
N PRO C 20 -6.91 -49.54 3.81
CA PRO C 20 -5.79 -48.61 4.00
C PRO C 20 -5.08 -48.16 2.74
N SER C 21 -4.45 -46.99 2.85
CA SER C 21 -3.66 -46.42 1.77
C SER C 21 -2.29 -45.99 2.36
N ALA C 22 -1.26 -46.78 2.09
CA ALA C 22 0.00 -46.65 2.83
C ALA C 22 0.86 -45.53 2.27
N GLY C 23 1.77 -45.01 3.10
CA GLY C 23 2.63 -43.93 2.67
C GLY C 23 1.92 -42.61 2.44
N THR C 24 0.59 -42.60 2.56
CA THR C 24 -0.19 -41.37 2.37
C THR C 24 -1.34 -41.26 3.38
N GLY C 25 -1.97 -42.37 3.71
CA GLY C 25 -2.92 -42.43 4.82
C GLY C 25 -4.34 -41.94 4.54
N ASP C 26 -4.72 -41.91 3.27
CA ASP C 26 -6.03 -41.39 2.88
C ASP C 26 -7.16 -42.15 3.57
N VAL C 27 -8.07 -41.43 4.20
CA VAL C 27 -9.25 -42.04 4.83
C VAL C 27 -10.20 -42.68 3.80
N VAL C 28 -10.56 -41.94 2.76
CA VAL C 28 -11.35 -42.50 1.67
C VAL C 28 -10.41 -43.21 0.68
N PRO C 29 -10.72 -44.47 0.32
CA PRO C 29 -9.85 -45.16 -0.64
C PRO C 29 -9.72 -44.44 -1.96
N PRO C 30 -8.50 -44.35 -2.50
CA PRO C 30 -8.32 -43.76 -3.82
C PRO C 30 -8.95 -44.66 -4.88
N ILE C 31 -9.47 -44.05 -5.95
CA ILE C 31 -10.13 -44.81 -7.01
C ILE C 31 -9.12 -45.39 -8.01
N HIS C 32 -9.02 -46.71 -8.04
CA HIS C 32 -8.09 -47.41 -8.91
C HIS C 32 -8.72 -47.58 -10.29
N VAL C 33 -8.39 -46.68 -11.22
CA VAL C 33 -8.97 -46.73 -12.56
C VAL C 33 -8.08 -47.52 -13.53
N SER C 34 -6.83 -47.79 -13.15
CA SER C 34 -5.90 -48.45 -14.05
C SER C 34 -6.43 -49.83 -14.47
N THR C 35 -6.40 -50.10 -15.77
CA THR C 35 -6.82 -51.39 -16.32
C THR C 35 -5.66 -52.36 -16.23
N THR C 36 -4.51 -51.78 -15.89
CA THR C 36 -3.23 -52.26 -16.34
C THR C 36 -2.24 -52.30 -15.16
N TYR C 37 -1.44 -53.35 -15.07
CA TYR C 37 -0.49 -53.48 -13.95
C TYR C 37 0.94 -53.88 -14.32
N GLU C 38 1.90 -53.35 -13.57
CA GLU C 38 3.31 -53.74 -13.69
C GLU C 38 3.54 -54.98 -12.83
N ARG C 39 3.82 -56.10 -13.49
CA ARG C 39 4.03 -57.39 -12.82
C ARG C 39 5.17 -57.28 -11.82
N ARG C 40 6.33 -56.78 -12.28
CA ARG C 40 7.54 -56.74 -11.47
C ARG C 40 7.39 -55.87 -10.21
N ALA C 41 6.29 -55.14 -10.09
CA ALA C 41 6.06 -54.25 -8.94
C ALA C 41 5.13 -54.85 -7.88
N GLN C 42 4.89 -56.15 -7.97
CA GLN C 42 4.02 -56.82 -6.99
C GLN C 42 4.70 -58.04 -6.39
N ASP C 43 4.62 -58.15 -5.07
CA ASP C 43 5.26 -59.24 -4.34
C ASP C 43 4.74 -60.61 -4.77
N GLU C 44 3.59 -60.96 -4.20
CA GLU C 44 2.86 -62.14 -4.62
C GLU C 44 1.91 -61.70 -5.72
N PRO C 45 1.73 -62.53 -6.76
CA PRO C 45 0.98 -62.05 -7.91
C PRO C 45 -0.53 -62.04 -7.68
N ARG C 46 -1.13 -60.86 -7.64
CA ARG C 46 -2.59 -60.79 -7.62
C ARG C 46 -3.23 -59.77 -8.60
N TYR C 47 -2.44 -58.86 -9.18
CA TYR C 47 -3.00 -57.91 -10.16
C TYR C 47 -2.39 -58.07 -11.56
N PHE C 48 -3.15 -58.67 -12.47
CA PHE C 48 -2.72 -58.85 -13.86
C PHE C 48 -3.40 -57.81 -14.74
N TYR C 49 -4.71 -57.65 -14.55
CA TYR C 49 -5.52 -56.94 -15.52
C TYR C 49 -6.88 -56.61 -14.93
N GLY C 50 -7.40 -55.43 -15.29
CA GLY C 50 -8.59 -54.88 -14.69
C GLY C 50 -9.85 -55.73 -14.66
N ARG C 51 -10.07 -56.53 -15.70
CA ARG C 51 -11.26 -57.38 -15.75
C ARG C 51 -11.26 -58.42 -14.63
N GLY C 52 -10.12 -59.04 -14.37
CA GLY C 52 -10.02 -59.98 -13.27
C GLY C 52 -9.90 -59.31 -11.91
N GLU C 53 -9.06 -58.28 -11.82
CA GLU C 53 -8.60 -57.73 -10.54
C GLU C 53 -8.71 -56.21 -10.48
N ASN C 54 -9.22 -55.68 -9.37
CA ASN C 54 -9.28 -54.22 -9.14
C ASN C 54 -9.61 -53.85 -7.69
N PRO C 55 -8.68 -53.16 -7.02
CA PRO C 55 -8.79 -52.89 -5.59
C PRO C 55 -10.07 -52.14 -5.20
N THR C 56 -10.47 -51.16 -6.00
CA THR C 56 -11.67 -50.37 -5.71
C THR C 56 -12.90 -51.27 -5.78
N ARG C 57 -12.97 -52.09 -6.81
CA ARG C 57 -14.04 -53.04 -6.92
C ARG C 57 -14.01 -54.02 -5.73
N GLU C 58 -12.81 -54.48 -5.39
CA GLU C 58 -12.60 -55.40 -4.26
C GLU C 58 -13.08 -54.85 -2.92
N GLU C 59 -12.87 -53.55 -2.71
CA GLU C 59 -13.27 -52.91 -1.46
C GLU C 59 -14.79 -52.90 -1.30
N LEU C 60 -15.51 -52.63 -2.38
CA LEU C 60 -16.97 -52.65 -2.35
C LEU C 60 -17.51 -54.06 -1.98
N GLU C 61 -16.94 -55.08 -2.60
CA GLU C 61 -17.33 -56.47 -2.37
C GLU C 61 -17.14 -56.84 -0.91
N GLU C 62 -15.97 -56.51 -0.39
CA GLU C 62 -15.65 -56.74 1.01
C GLU C 62 -16.69 -56.04 1.88
N CYS C 63 -17.02 -54.81 1.50
CA CYS C 63 -18.03 -54.05 2.22
C CYS C 63 -19.38 -54.77 2.20
N LEU C 64 -19.84 -55.14 1.01
CA LEU C 64 -21.13 -55.82 0.87
C LEU C 64 -21.21 -57.14 1.63
N ALA C 65 -20.19 -57.99 1.46
CA ALA C 65 -20.13 -59.26 2.19
C ALA C 65 -20.22 -59.04 3.69
N GLY C 66 -19.56 -57.99 4.19
CA GLY C 66 -19.61 -57.65 5.59
C GLY C 66 -21.02 -57.35 6.10
N LEU C 67 -21.88 -56.85 5.22
CA LEU C 67 -23.24 -56.52 5.64
C LEU C 67 -24.09 -57.77 5.92
N GLU C 68 -23.56 -58.95 5.60
CA GLU C 68 -24.26 -60.19 5.91
C GLU C 68 -23.38 -61.19 6.68
N ARG C 69 -22.30 -60.71 7.29
CA ARG C 69 -21.34 -61.57 7.99
C ARG C 69 -20.89 -62.75 7.11
N ALA C 70 -20.75 -62.49 5.81
CA ALA C 70 -20.51 -63.54 4.83
C ALA C 70 -19.11 -63.42 4.20
N PRO C 71 -18.47 -64.56 3.90
CA PRO C 71 -17.09 -64.55 3.39
C PRO C 71 -16.91 -64.08 1.94
N PHE C 72 -17.95 -64.13 1.12
CA PHE C 72 -17.77 -63.77 -0.28
C PHE C 72 -18.83 -62.81 -0.84
N ALA C 73 -18.38 -61.91 -1.72
CA ALA C 73 -19.30 -61.14 -2.56
C ALA C 73 -18.63 -60.84 -3.90
N THR C 74 -19.45 -60.67 -4.92
CA THR C 74 -18.96 -60.33 -6.25
C THR C 74 -19.89 -59.29 -6.85
N VAL C 75 -19.33 -58.21 -7.38
CA VAL C 75 -20.16 -57.17 -8.01
C VAL C 75 -20.11 -57.18 -9.53
N PHE C 76 -21.14 -56.60 -10.14
CA PHE C 76 -21.39 -56.70 -11.55
C PHE C 76 -21.81 -55.34 -12.10
N SER C 77 -21.77 -55.22 -13.42
CA SER C 77 -22.23 -54.03 -14.13
C SER C 77 -23.66 -53.61 -13.74
N SER C 78 -24.54 -54.59 -13.52
CA SER C 78 -25.94 -54.32 -13.19
C SER C 78 -26.52 -55.49 -12.41
N GLY C 79 -27.74 -55.31 -11.89
CA GLY C 79 -28.44 -56.40 -11.24
C GLY C 79 -28.71 -57.54 -12.21
N GLN C 80 -29.10 -57.19 -13.43
CA GLN C 80 -29.31 -58.20 -14.47
C GLN C 80 -28.07 -59.10 -14.58
N ALA C 81 -26.89 -58.48 -14.59
CA ALA C 81 -25.64 -59.23 -14.79
C ALA C 81 -25.40 -60.25 -13.68
N ALA C 82 -25.66 -59.83 -12.44
CA ALA C 82 -25.53 -60.72 -11.30
C ALA C 82 -26.46 -61.92 -11.47
N ALA C 83 -27.71 -61.62 -11.77
CA ALA C 83 -28.70 -62.66 -11.98
C ALA C 83 -28.28 -63.60 -13.12
N ALA C 84 -27.79 -63.02 -14.22
CA ALA C 84 -27.35 -63.82 -15.35
C ALA C 84 -26.20 -64.74 -14.95
N THR C 85 -25.30 -64.23 -14.11
CA THR C 85 -24.14 -64.99 -13.70
C THR C 85 -24.55 -66.16 -12.82
N LEU C 86 -25.31 -65.88 -11.77
CA LEU C 86 -25.75 -66.92 -10.85
C LEU C 86 -26.57 -67.96 -11.61
N LEU C 87 -27.40 -67.49 -12.55
CA LEU C 87 -28.25 -68.40 -13.31
C LEU C 87 -27.47 -69.20 -14.34
N SER C 88 -26.37 -68.64 -14.83
CA SER C 88 -25.58 -69.32 -15.87
C SER C 88 -25.10 -70.71 -15.45
N LEU C 89 -25.09 -70.98 -14.14
CA LEU C 89 -24.54 -72.22 -13.61
C LEU C 89 -25.55 -73.35 -13.67
N VAL C 90 -26.75 -73.05 -14.14
CA VAL C 90 -27.79 -74.05 -14.26
C VAL C 90 -27.70 -74.67 -15.66
N ARG C 91 -27.13 -75.87 -15.72
CA ARG C 91 -26.85 -76.58 -16.97
C ARG C 91 -28.10 -77.12 -17.66
N PRO C 92 -27.98 -77.45 -18.97
CA PRO C 92 -29.09 -78.07 -19.69
C PRO C 92 -29.65 -79.28 -18.94
N GLY C 93 -30.95 -79.50 -19.03
CA GLY C 93 -31.56 -80.67 -18.39
C GLY C 93 -31.82 -80.47 -16.91
N GLN C 94 -31.41 -79.32 -16.39
CA GLN C 94 -31.70 -78.97 -15.02
C GLN C 94 -32.81 -77.94 -14.91
N CYS C 95 -33.31 -77.75 -13.68
CA CYS C 95 -34.57 -77.07 -13.48
C CYS C 95 -34.52 -75.93 -12.46
N VAL C 96 -35.13 -74.79 -12.81
CA VAL C 96 -35.24 -73.67 -11.89
C VAL C 96 -36.70 -73.44 -11.54
N VAL C 97 -36.96 -73.14 -10.27
CA VAL C 97 -38.30 -72.82 -9.80
C VAL C 97 -38.33 -71.42 -9.22
N SER C 98 -39.29 -70.60 -9.65
CA SER C 98 -39.38 -69.22 -9.21
C SER C 98 -40.73 -68.83 -8.61
N THR C 99 -40.69 -67.87 -7.70
CA THR C 99 -41.84 -67.06 -7.25
C THR C 99 -42.69 -66.65 -8.45
N ASP C 100 -44.01 -66.86 -8.44
CA ASP C 100 -44.82 -66.61 -9.70
C ASP C 100 -45.10 -65.09 -9.94
N ASP C 101 -44.81 -64.18 -9.00
CA ASP C 101 -44.93 -62.75 -9.32
C ASP C 101 -43.51 -62.22 -9.40
N VAL C 102 -42.91 -62.18 -10.59
CA VAL C 102 -41.47 -61.84 -10.64
C VAL C 102 -40.92 -60.78 -11.60
N TYR C 103 -39.74 -60.25 -11.23
CA TYR C 103 -39.08 -59.17 -11.98
C TYR C 103 -38.92 -59.54 -13.44
N ALA C 104 -39.31 -58.64 -14.34
CA ALA C 104 -39.36 -58.96 -15.76
C ALA C 104 -37.99 -59.30 -16.33
N GLY C 105 -36.96 -58.67 -15.77
CA GLY C 105 -35.60 -58.92 -16.19
C GLY C 105 -35.24 -60.36 -15.93
N THR C 106 -35.65 -60.84 -14.77
CA THR C 106 -35.47 -62.24 -14.39
C THR C 106 -36.26 -63.15 -15.34
N ASP C 107 -37.49 -62.75 -15.63
CA ASP C 107 -38.36 -63.49 -16.57
C ASP C 107 -37.69 -63.55 -17.94
N GLY C 108 -37.04 -62.44 -18.32
CA GLY C 108 -36.27 -62.38 -19.55
C GLY C 108 -35.05 -63.28 -19.49
N LEU C 109 -34.39 -63.31 -18.33
CA LEU C 109 -33.24 -64.18 -18.15
C LEU C 109 -33.60 -65.66 -18.14
N PHE C 110 -34.65 -66.03 -17.41
CA PHE C 110 -35.14 -67.40 -17.41
C PHE C 110 -35.47 -67.87 -18.83
N ASP C 111 -36.00 -66.96 -19.65
CA ASP C 111 -36.34 -67.30 -21.04
C ASP C 111 -35.10 -67.69 -21.81
N LEU C 112 -34.05 -66.89 -21.68
CA LEU C 112 -32.78 -67.15 -22.35
C LEU C 112 -32.29 -68.55 -22.05
N ALA C 113 -32.21 -68.88 -20.77
CA ALA C 113 -31.72 -70.17 -20.34
C ALA C 113 -32.57 -71.31 -20.91
N ALA C 114 -33.88 -71.08 -21.01
CA ALA C 114 -34.79 -72.09 -21.56
C ALA C 114 -34.51 -72.37 -23.02
N ARG C 115 -34.19 -71.33 -23.80
CA ARG C 115 -33.85 -71.59 -25.21
C ARG C 115 -32.49 -72.28 -25.34
N GLN C 116 -31.87 -72.56 -24.20
CA GLN C 116 -30.65 -73.37 -24.19
C GLN C 116 -30.91 -74.81 -23.78
N GLY C 117 -31.80 -75.01 -22.81
CA GLY C 117 -32.05 -76.34 -22.27
C GLY C 117 -32.40 -76.36 -20.79
N VAL C 118 -32.34 -75.20 -20.14
CA VAL C 118 -32.66 -75.07 -18.72
C VAL C 118 -34.16 -74.92 -18.45
N ARG C 119 -34.69 -75.77 -17.56
CA ARG C 119 -36.14 -75.84 -17.32
C ARG C 119 -36.68 -74.91 -16.22
N VAL C 120 -37.41 -73.88 -16.59
CA VAL C 120 -38.01 -72.98 -15.62
C VAL C 120 -39.48 -73.33 -15.38
N ARG C 121 -39.85 -73.51 -14.12
CA ARG C 121 -41.09 -74.21 -13.83
C ARG C 121 -41.92 -73.63 -12.70
N TYR C 122 -42.19 -72.32 -12.77
CA TYR C 122 -42.91 -71.56 -11.74
C TYR C 122 -43.83 -72.36 -10.77
N ALA C 123 -43.67 -72.11 -9.47
CA ALA C 123 -44.57 -72.65 -8.46
C ALA C 123 -44.92 -71.53 -7.49
N ASP C 124 -45.91 -71.77 -6.63
CA ASP C 124 -46.32 -70.84 -5.59
C ASP C 124 -45.53 -71.13 -4.33
N LEU C 125 -44.78 -70.16 -3.82
CA LEU C 125 -43.93 -70.45 -2.68
C LEU C 125 -44.52 -69.95 -1.37
N THR C 126 -45.79 -69.55 -1.42
CA THR C 126 -46.48 -68.97 -0.28
C THR C 126 -47.34 -69.97 0.48
N THR C 127 -47.55 -71.14 -0.11
CA THR C 127 -48.42 -72.18 0.46
C THR C 127 -47.62 -73.45 0.71
N PRO C 128 -48.11 -74.31 1.61
CA PRO C 128 -47.52 -75.64 1.78
C PRO C 128 -47.38 -76.43 0.47
N GLU C 129 -48.37 -76.32 -0.41
CA GLU C 129 -48.51 -77.26 -1.53
C GLU C 129 -47.76 -76.76 -2.76
N GLY C 130 -47.57 -75.44 -2.83
CA GLY C 130 -46.82 -74.86 -3.91
C GLY C 130 -45.35 -75.17 -3.77
N ILE C 131 -44.80 -74.85 -2.59
CA ILE C 131 -43.46 -75.29 -2.20
C ILE C 131 -43.33 -76.81 -2.38
N ALA C 132 -44.41 -77.54 -2.08
CA ALA C 132 -44.42 -79.00 -2.17
C ALA C 132 -44.27 -79.54 -3.59
N ALA C 133 -44.97 -78.91 -4.53
CA ALA C 133 -44.85 -79.25 -5.94
C ALA C 133 -43.44 -78.95 -6.39
N ALA C 134 -43.07 -77.69 -6.25
CA ALA C 134 -41.84 -77.11 -6.76
C ALA C 134 -40.64 -78.03 -6.62
N LEU C 135 -40.47 -78.58 -5.43
CA LEU C 135 -39.23 -79.27 -5.12
C LEU C 135 -39.23 -80.76 -5.47
N ALA C 136 -40.39 -81.30 -5.85
CA ALA C 136 -40.52 -82.72 -6.20
C ALA C 136 -40.28 -83.04 -7.68
N GLU C 137 -40.55 -82.06 -8.53
CA GLU C 137 -40.22 -82.14 -9.96
C GLU C 137 -38.70 -82.14 -10.11
N PRO C 138 -38.12 -83.30 -10.45
CA PRO C 138 -36.70 -83.59 -10.25
C PRO C 138 -35.75 -82.72 -11.05
N ASP C 139 -34.46 -83.02 -10.90
CA ASP C 139 -33.38 -82.23 -11.50
C ASP C 139 -33.36 -80.78 -11.02
N LEU C 140 -34.15 -80.47 -9.98
CA LEU C 140 -34.19 -79.11 -9.44
C LEU C 140 -32.79 -78.71 -9.02
N ALA C 141 -32.33 -77.54 -9.48
CA ALA C 141 -30.97 -77.10 -9.22
C ALA C 141 -30.95 -75.76 -8.52
N LEU C 142 -32.03 -74.99 -8.66
CA LEU C 142 -32.07 -73.62 -8.17
C LEU C 142 -33.48 -73.15 -7.80
N VAL C 143 -33.64 -72.66 -6.58
CA VAL C 143 -34.90 -72.06 -6.15
C VAL C 143 -34.74 -70.55 -6.02
N TRP C 144 -35.52 -69.82 -6.80
CA TRP C 144 -35.33 -68.38 -6.96
C TRP C 144 -36.44 -67.64 -6.24
N ILE C 145 -36.10 -66.85 -5.22
CA ILE C 145 -37.11 -66.20 -4.41
C ILE C 145 -37.00 -64.68 -4.46
N GLU C 146 -38.09 -64.04 -4.88
CA GLU C 146 -38.17 -62.61 -4.78
C GLU C 146 -39.20 -62.30 -3.71
N THR C 147 -38.75 -61.72 -2.60
CA THR C 147 -39.65 -61.43 -1.49
C THR C 147 -39.21 -60.19 -0.71
N PRO C 148 -40.09 -59.18 -0.60
CA PRO C 148 -41.42 -59.12 -1.21
C PRO C 148 -41.40 -59.09 -2.75
N THR C 149 -42.49 -59.58 -3.35
CA THR C 149 -42.66 -59.41 -4.78
C THR C 149 -43.12 -57.98 -5.03
N ASN C 150 -43.50 -57.70 -6.27
CA ASN C 150 -43.45 -56.35 -6.77
C ASN C 150 -44.10 -56.38 -8.14
N PRO C 151 -45.25 -55.71 -8.29
CA PRO C 151 -45.80 -54.73 -7.35
C PRO C 151 -46.79 -55.21 -6.28
N LEU C 152 -47.06 -56.50 -6.13
CA LEU C 152 -48.08 -56.88 -5.16
C LEU C 152 -47.55 -57.10 -3.73
N LEU C 153 -46.23 -57.14 -3.60
CA LEU C 153 -45.56 -57.20 -2.30
C LEU C 153 -45.94 -58.47 -1.54
N THR C 154 -46.07 -59.57 -2.28
CA THR C 154 -46.31 -60.87 -1.67
C THR C 154 -44.99 -61.33 -1.03
N VAL C 155 -45.07 -62.17 0.00
CA VAL C 155 -43.89 -62.52 0.78
C VAL C 155 -43.65 -64.03 0.83
N VAL C 156 -42.37 -64.43 0.86
CA VAL C 156 -41.99 -65.83 0.90
C VAL C 156 -41.14 -66.11 2.14
N ASP C 157 -41.46 -67.19 2.85
CA ASP C 157 -40.70 -67.54 4.04
C ASP C 157 -39.37 -68.16 3.64
N VAL C 158 -38.31 -67.37 3.72
CA VAL C 158 -36.99 -67.80 3.25
C VAL C 158 -36.50 -69.05 3.98
N ALA C 159 -36.64 -69.07 5.31
CA ALA C 159 -36.16 -70.20 6.11
C ALA C 159 -36.84 -71.51 5.71
N GLU C 160 -38.17 -71.44 5.56
CA GLU C 160 -38.97 -72.61 5.25
C GLU C 160 -38.66 -73.17 3.87
N VAL C 161 -38.67 -72.30 2.86
CA VAL C 161 -38.37 -72.73 1.51
C VAL C 161 -36.94 -73.27 1.46
N SER C 162 -36.00 -72.60 2.12
CA SER C 162 -34.61 -73.08 2.13
C SER C 162 -34.50 -74.40 2.89
N ARG C 163 -35.25 -74.55 3.97
CA ARG C 163 -35.24 -75.80 4.73
C ARG C 163 -35.65 -76.99 3.84
N ARG C 164 -36.71 -76.82 3.04
CA ARG C 164 -37.17 -77.92 2.18
C ARG C 164 -36.25 -78.10 0.97
N ALA C 165 -35.89 -77.00 0.31
CA ALA C 165 -35.12 -77.04 -0.93
C ALA C 165 -33.81 -77.79 -0.77
N HIS C 166 -33.25 -77.72 0.44
CA HIS C 166 -31.96 -78.34 0.71
C HIS C 166 -32.03 -79.85 0.79
N GLU C 167 -33.10 -80.39 1.38
CA GLU C 167 -33.29 -81.83 1.41
C GLU C 167 -33.40 -82.36 -0.03
N ARG C 168 -33.79 -81.48 -0.95
CA ARG C 168 -33.83 -81.82 -2.36
C ARG C 168 -32.49 -81.58 -3.07
N GLY C 169 -31.59 -80.82 -2.43
CA GLY C 169 -30.29 -80.57 -2.98
C GLY C 169 -30.23 -79.29 -3.82
N ALA C 170 -31.26 -78.46 -3.69
CA ALA C 170 -31.33 -77.21 -4.45
C ALA C 170 -30.59 -76.08 -3.75
N ARG C 171 -29.92 -75.27 -4.56
CA ARG C 171 -29.33 -74.02 -4.10
C ARG C 171 -30.45 -72.98 -4.07
N VAL C 172 -30.46 -72.13 -3.04
CA VAL C 172 -31.50 -71.11 -2.95
C VAL C 172 -30.93 -69.69 -3.08
N VAL C 173 -31.50 -68.91 -3.99
CA VAL C 173 -31.19 -67.48 -4.11
C VAL C 173 -32.39 -66.62 -3.73
N VAL C 174 -32.12 -65.56 -2.99
CA VAL C 174 -33.13 -64.55 -2.75
C VAL C 174 -32.69 -63.23 -3.39
N ASP C 175 -33.53 -62.69 -4.27
CA ASP C 175 -33.35 -61.31 -4.74
C ASP C 175 -33.79 -60.41 -3.58
N ASN C 176 -32.82 -59.78 -2.95
CA ASN C 176 -33.04 -59.03 -1.73
C ASN C 176 -32.93 -57.53 -1.99
N THR C 177 -33.11 -57.15 -3.25
CA THR C 177 -33.00 -55.75 -3.66
C THR C 177 -33.97 -54.86 -2.90
N PHE C 178 -35.23 -55.29 -2.88
CA PHE C 178 -36.33 -54.59 -2.21
C PHE C 178 -35.98 -54.28 -0.77
N ALA C 179 -35.82 -55.32 0.02
CA ALA C 179 -35.66 -55.15 1.45
C ALA C 179 -34.34 -54.45 1.79
N SER C 180 -33.28 -54.85 1.08
CA SER C 180 -31.89 -54.45 1.34
C SER C 180 -31.36 -55.19 2.56
N PRO C 181 -30.02 -55.29 2.68
CA PRO C 181 -29.49 -56.00 3.87
C PRO C 181 -29.78 -55.26 5.18
N VAL C 182 -30.23 -54.01 5.10
CA VAL C 182 -30.71 -53.33 6.30
C VAL C 182 -31.89 -54.06 6.94
N LEU C 183 -32.81 -54.54 6.11
CA LEU C 183 -34.08 -55.05 6.63
C LEU C 183 -34.23 -56.57 6.59
N GLN C 184 -33.50 -57.23 5.70
CA GLN C 184 -33.66 -58.66 5.51
C GLN C 184 -32.30 -59.33 5.26
N GLN C 185 -32.07 -60.46 5.92
CA GLN C 185 -30.79 -61.14 5.84
C GLN C 185 -30.91 -62.57 5.29
N PRO C 186 -31.01 -62.71 3.97
CA PRO C 186 -31.30 -64.00 3.33
C PRO C 186 -30.38 -65.15 3.78
N LEU C 187 -29.07 -64.89 3.84
CA LEU C 187 -28.11 -65.89 4.26
C LEU C 187 -28.35 -66.35 5.70
N ALA C 188 -28.64 -65.40 6.59
CA ALA C 188 -28.96 -65.73 7.97
C ALA C 188 -30.23 -66.56 8.04
N LEU C 189 -31.14 -66.33 7.10
CA LEU C 189 -32.41 -67.06 7.09
C LEU C 189 -32.25 -68.46 6.48
N GLY C 190 -31.09 -68.75 5.88
CA GLY C 190 -30.86 -70.07 5.33
C GLY C 190 -30.66 -70.19 3.82
N ALA C 191 -30.79 -69.09 3.09
CA ALA C 191 -30.51 -69.09 1.65
C ALA C 191 -29.01 -69.24 1.38
N ASP C 192 -28.67 -69.58 0.14
CA ASP C 192 -27.27 -69.70 -0.26
C ASP C 192 -26.68 -68.42 -0.87
N VAL C 193 -27.53 -67.61 -1.48
CA VAL C 193 -27.08 -66.40 -2.15
C VAL C 193 -28.08 -65.27 -1.91
N SER C 194 -27.56 -64.06 -1.75
CA SER C 194 -28.39 -62.85 -1.85
C SER C 194 -28.07 -62.18 -3.16
N LEU C 195 -29.11 -61.84 -3.91
CA LEU C 195 -28.96 -61.13 -5.16
C LEU C 195 -29.38 -59.67 -4.98
N TYR C 196 -28.59 -58.74 -5.52
CA TYR C 196 -28.92 -57.32 -5.45
C TYR C 196 -28.68 -56.57 -6.74
N SER C 197 -29.66 -55.76 -7.12
CA SER C 197 -29.38 -54.61 -7.95
C SER C 197 -28.95 -53.47 -7.04
N THR C 198 -27.66 -53.15 -7.04
CA THR C 198 -27.19 -52.03 -6.23
C THR C 198 -27.69 -50.70 -6.78
N THR C 199 -28.25 -50.73 -8.00
CA THR C 199 -28.82 -49.59 -8.70
C THR C 199 -29.91 -48.86 -7.88
N1 LLP C 200 -34.24 -57.36 -9.39
C2 LLP C 200 -34.95 -56.40 -8.80
C2' LLP C 200 -35.95 -56.75 -7.64
C3 LLP C 200 -34.82 -55.06 -9.26
O3 LLP C 200 -35.58 -54.06 -8.62
C4 LLP C 200 -33.93 -54.74 -10.27
C4' LLP C 200 -33.77 -53.21 -10.76
C5 LLP C 200 -33.21 -55.74 -10.87
C6 LLP C 200 -33.37 -57.07 -10.43
C5' LLP C 200 -32.20 -55.52 -12.04
OP4 LLP C 200 -31.14 -54.65 -11.70
P LLP C 200 -30.53 -53.71 -12.79
OP1 LLP C 200 -29.39 -52.98 -12.05
OP2 LLP C 200 -30.00 -54.54 -13.89
OP3 LLP C 200 -31.57 -52.80 -13.31
N LLP C 200 -30.55 -49.61 -6.97
CA LLP C 200 -31.81 -49.14 -6.39
CB LLP C 200 -32.74 -50.33 -6.31
CG LLP C 200 -32.86 -51.06 -7.67
CD LLP C 200 -33.90 -50.37 -8.55
CE LLP C 200 -33.90 -50.97 -9.97
NZ LLP C 200 -34.58 -52.29 -10.01
C LLP C 200 -31.64 -48.54 -5.04
O LLP C 200 -31.69 -47.32 -4.85
N SER C 201 -31.45 -49.43 -4.07
CA SER C 201 -31.45 -49.11 -2.65
C SER C 201 -30.02 -48.96 -2.14
N ILE C 202 -29.14 -49.84 -2.57
CA ILE C 202 -27.76 -49.84 -2.09
C ILE C 202 -26.96 -48.60 -2.52
N ALA C 203 -26.95 -48.29 -3.82
CA ALA C 203 -26.29 -47.05 -4.25
C ALA C 203 -27.17 -45.83 -3.91
N GLY C 204 -28.46 -45.93 -4.19
CA GLY C 204 -29.45 -45.06 -3.55
C GLY C 204 -29.68 -43.67 -4.13
N HIS C 205 -28.81 -43.22 -5.02
CA HIS C 205 -28.88 -41.86 -5.54
C HIS C 205 -29.22 -41.80 -7.03
N ALA C 206 -29.68 -42.93 -7.56
CA ALA C 206 -30.15 -43.02 -8.95
C ALA C 206 -29.13 -42.55 -9.99
N ASP C 207 -27.84 -42.79 -9.74
CA ASP C 207 -26.79 -42.31 -10.65
C ASP C 207 -25.69 -43.35 -10.98
N VAL C 208 -26.02 -44.63 -10.84
CA VAL C 208 -25.09 -45.70 -11.19
C VAL C 208 -25.84 -47.05 -11.33
N LEU C 209 -25.48 -47.82 -12.33
CA LEU C 209 -26.02 -49.18 -12.50
C LEU C 209 -25.04 -50.11 -11.83
N GLY C 210 -25.54 -51.13 -11.13
CA GLY C 210 -24.70 -52.15 -10.53
C GLY C 210 -25.48 -53.36 -10.03
N GLY C 211 -24.75 -54.45 -9.81
CA GLY C 211 -25.32 -55.65 -9.22
C GLY C 211 -24.37 -56.28 -8.22
N ALA C 212 -24.89 -57.22 -7.43
CA ALA C 212 -24.06 -57.98 -6.50
C ALA C 212 -24.66 -59.34 -6.17
N LEU C 213 -23.78 -60.31 -5.92
CA LEU C 213 -24.13 -61.57 -5.30
C LEU C 213 -23.34 -61.66 -4.00
N VAL C 214 -24.00 -62.10 -2.94
CA VAL C 214 -23.33 -62.31 -1.66
C VAL C 214 -23.61 -63.74 -1.24
N TYR C 215 -22.57 -64.47 -0.83
CA TYR C 215 -22.71 -65.92 -0.61
C TYR C 215 -21.59 -66.43 0.28
N ARG C 216 -21.65 -67.70 0.63
CA ARG C 216 -20.65 -68.30 1.52
C ARG C 216 -19.84 -69.44 0.89
N ASP C 217 -20.31 -69.95 -0.24
CA ASP C 217 -19.75 -71.17 -0.82
C ASP C 217 -18.52 -70.90 -1.71
N ALA C 218 -17.37 -71.46 -1.34
CA ALA C 218 -16.13 -71.24 -2.09
C ALA C 218 -16.15 -71.87 -3.50
N ASP C 219 -16.85 -72.99 -3.66
CA ASP C 219 -17.03 -73.60 -4.98
C ASP C 219 -17.81 -72.64 -5.87
N LEU C 220 -18.93 -72.15 -5.35
CA LEU C 220 -19.72 -71.14 -6.02
C LEU C 220 -18.87 -69.89 -6.33
N HIS C 221 -18.07 -69.46 -5.37
CA HIS C 221 -17.21 -68.29 -5.56
C HIS C 221 -16.29 -68.44 -6.79
N ALA C 222 -15.65 -69.59 -6.92
CA ALA C 222 -14.76 -69.86 -8.05
C ALA C 222 -15.50 -69.84 -9.37
N ALA C 223 -16.69 -70.45 -9.40
CA ALA C 223 -17.53 -70.48 -10.60
C ALA C 223 -18.05 -69.09 -10.99
N VAL C 224 -18.46 -68.30 -9.99
CA VAL C 224 -19.00 -66.98 -10.23
C VAL C 224 -17.93 -66.02 -10.78
N ARG C 225 -16.71 -66.08 -10.23
CA ARG C 225 -15.63 -65.18 -10.66
C ARG C 225 -15.12 -65.57 -12.04
N ALA C 226 -15.06 -66.88 -12.31
CA ALA C 226 -14.63 -67.35 -13.61
C ALA C 226 -15.63 -66.96 -14.69
N TYR C 227 -16.90 -66.94 -14.37
CA TYR C 227 -17.88 -66.48 -15.35
C TYR C 227 -17.79 -64.95 -15.58
N ARG C 228 -17.70 -64.18 -14.50
CA ARG C 228 -17.60 -62.74 -14.65
C ARG C 228 -16.41 -62.33 -15.50
N THR C 229 -15.26 -62.95 -15.26
CA THR C 229 -14.04 -62.63 -16.00
C THR C 229 -14.13 -63.07 -17.46
N THR C 230 -14.86 -64.15 -17.73
CA THR C 230 -15.03 -64.65 -19.10
C THR C 230 -16.14 -63.90 -19.83
N ALA C 231 -17.28 -63.70 -19.17
CA ALA C 231 -18.39 -62.91 -19.72
C ALA C 231 -18.11 -61.39 -19.72
N GLY C 232 -17.20 -60.93 -18.87
CA GLY C 232 -16.82 -59.54 -18.88
C GLY C 232 -17.90 -58.57 -18.42
N ASN C 233 -18.82 -59.06 -17.58
CA ASN C 233 -19.89 -58.22 -17.04
C ASN C 233 -19.48 -57.56 -15.73
N VAL C 234 -18.29 -56.97 -15.75
CA VAL C 234 -17.73 -56.29 -14.59
C VAL C 234 -18.12 -54.82 -14.66
N PRO C 235 -18.38 -54.21 -13.50
CA PRO C 235 -18.61 -52.77 -13.48
C PRO C 235 -17.29 -52.05 -13.75
N GLY C 236 -17.30 -50.72 -13.69
CA GLY C 236 -16.07 -49.95 -13.73
C GLY C 236 -15.74 -49.38 -12.35
N ALA C 237 -14.51 -48.88 -12.18
CA ALA C 237 -14.07 -48.36 -10.87
C ALA C 237 -14.86 -47.15 -10.38
N LEU C 238 -15.14 -46.19 -11.26
CA LEU C 238 -15.87 -45.00 -10.87
C LEU C 238 -17.28 -45.37 -10.44
N ASP C 239 -17.88 -46.33 -11.15
CA ASP C 239 -19.19 -46.86 -10.77
C ASP C 239 -19.14 -47.52 -9.41
N CYS C 240 -18.12 -48.35 -9.17
CA CYS C 240 -17.95 -48.95 -7.85
C CYS C 240 -17.73 -47.90 -6.77
N PHE C 241 -16.98 -46.87 -7.10
CA PHE C 241 -16.78 -45.75 -6.19
C PHE C 241 -18.12 -45.12 -5.81
N LEU C 242 -18.99 -44.91 -6.80
CA LEU C 242 -20.31 -44.34 -6.54
C LEU C 242 -21.20 -45.26 -5.73
N VAL C 243 -21.14 -46.57 -6.01
CA VAL C 243 -21.92 -47.55 -5.25
C VAL C 243 -21.48 -47.49 -3.79
N ARG C 244 -20.16 -47.53 -3.59
CA ARG C 244 -19.54 -47.53 -2.26
C ARG C 244 -19.90 -46.27 -1.47
N ARG C 245 -19.85 -45.13 -2.14
CA ARG C 245 -20.14 -43.85 -1.51
C ARG C 245 -21.57 -43.79 -1.03
N GLY C 246 -22.50 -44.30 -1.84
CA GLY C 246 -23.91 -44.29 -1.48
C GLY C 246 -24.16 -45.20 -0.29
N LEU C 247 -23.46 -46.33 -0.28
CA LEU C 247 -23.56 -47.33 0.79
C LEU C 247 -23.45 -46.76 2.19
N HIS C 248 -22.59 -45.75 2.38
CA HIS C 248 -22.39 -45.15 3.70
C HIS C 248 -23.71 -44.81 4.38
N THR C 249 -24.64 -44.26 3.63
CA THR C 249 -25.88 -43.76 4.22
C THR C 249 -27.04 -44.75 4.09
N LEU C 250 -26.74 -46.01 3.83
CA LEU C 250 -27.79 -47.02 3.61
C LEU C 250 -28.86 -47.15 4.72
N SER C 251 -28.47 -47.37 5.98
CA SER C 251 -29.49 -47.52 7.03
C SER C 251 -30.23 -46.21 7.28
N LEU C 252 -29.52 -45.08 7.29
CA LEU C 252 -30.20 -43.79 7.48
C LEU C 252 -31.28 -43.59 6.41
N ARG C 253 -30.92 -43.87 5.16
CA ARG C 253 -31.89 -43.74 4.07
C ARG C 253 -33.10 -44.67 4.21
N VAL C 254 -32.82 -45.96 4.42
CA VAL C 254 -33.88 -46.95 4.54
C VAL C 254 -34.83 -46.67 5.72
N HIS C 255 -34.27 -46.38 6.90
CA HIS C 255 -35.09 -46.02 8.07
C HIS C 255 -36.01 -44.85 7.74
N ARG C 256 -35.45 -43.81 7.13
CA ARG C 256 -36.22 -42.62 6.75
C ARG C 256 -37.33 -42.97 5.75
N GLN C 257 -36.97 -43.74 4.73
CA GLN C 257 -37.95 -44.19 3.74
C GLN C 257 -39.06 -45.04 4.37
N VAL C 258 -38.68 -45.98 5.24
CA VAL C 258 -39.70 -46.80 5.91
C VAL C 258 -40.61 -45.95 6.80
N ALA C 259 -40.01 -45.00 7.52
CA ALA C 259 -40.78 -44.09 8.37
C ALA C 259 -41.84 -43.37 7.56
N THR C 260 -41.45 -42.82 6.42
CA THR C 260 -42.40 -42.12 5.56
C THR C 260 -43.41 -43.10 4.92
N ALA C 261 -42.96 -44.29 4.52
CA ALA C 261 -43.88 -45.26 3.91
C ALA C 261 -45.08 -45.56 4.81
N ARG C 262 -44.81 -45.79 6.10
CA ARG C 262 -45.90 -46.05 7.03
C ARG C 262 -46.77 -44.80 7.25
N VAL C 263 -46.23 -43.63 6.96
CA VAL C 263 -47.05 -42.41 6.94
C VAL C 263 -47.98 -42.40 5.71
N LEU C 264 -47.44 -42.70 4.53
CA LEU C 264 -48.22 -42.71 3.29
C LEU C 264 -49.33 -43.78 3.31
N VAL C 265 -49.02 -44.93 3.88
CA VAL C 265 -50.02 -45.98 4.02
C VAL C 265 -51.26 -45.49 4.79
N GLU C 266 -51.07 -44.61 5.78
CA GLU C 266 -52.21 -44.11 6.55
C GLU C 266 -53.10 -43.14 5.78
N ARG C 267 -52.50 -42.23 5.01
CA ARG C 267 -53.28 -41.35 4.14
C ARG C 267 -54.08 -42.19 3.17
N LEU C 268 -53.41 -43.18 2.57
CA LEU C 268 -54.07 -44.09 1.63
C LEU C 268 -55.28 -44.83 2.25
N ARG C 269 -55.10 -45.38 3.43
CA ARG C 269 -56.19 -46.11 4.09
C ARG C 269 -57.37 -45.20 4.43
N ALA C 270 -57.07 -43.94 4.71
CA ALA C 270 -58.09 -42.97 5.09
C ALA C 270 -58.83 -42.38 3.88
N SER C 271 -58.33 -42.66 2.68
CA SER C 271 -58.89 -42.07 1.46
C SER C 271 -60.04 -42.86 0.87
N PRO C 272 -61.18 -42.18 0.64
CA PRO C 272 -62.34 -42.86 0.08
C PRO C 272 -62.15 -43.26 -1.40
N VAL C 273 -61.08 -42.83 -2.05
CA VAL C 273 -60.86 -43.27 -3.43
C VAL C 273 -59.68 -44.22 -3.59
N VAL C 274 -59.39 -44.95 -2.51
CA VAL C 274 -58.38 -45.99 -2.54
C VAL C 274 -59.02 -47.33 -2.16
N GLY C 275 -58.82 -48.33 -3.02
CA GLY C 275 -59.28 -49.69 -2.75
C GLY C 275 -58.25 -50.46 -1.95
N ALA C 276 -57.79 -51.60 -2.47
CA ALA C 276 -56.77 -52.40 -1.80
C ALA C 276 -55.52 -51.57 -1.51
N VAL C 277 -54.94 -51.77 -0.33
CA VAL C 277 -53.64 -51.16 0.00
C VAL C 277 -52.66 -52.26 0.37
N HIS C 278 -51.57 -52.35 -0.38
CA HIS C 278 -50.58 -53.39 -0.13
C HIS C 278 -49.34 -52.83 0.55
N TYR C 279 -48.98 -53.42 1.69
CA TYR C 279 -47.80 -53.03 2.44
C TYR C 279 -47.47 -54.10 3.46
N PRO C 280 -46.21 -54.58 3.46
CA PRO C 280 -45.88 -55.72 4.32
C PRO C 280 -46.09 -55.41 5.80
N GLY C 281 -46.11 -54.13 6.16
CA GLY C 281 -46.31 -53.73 7.54
C GLY C 281 -47.74 -53.84 8.05
N LEU C 282 -48.71 -53.94 7.15
CA LEU C 282 -50.12 -53.89 7.56
C LEU C 282 -50.50 -55.09 8.42
N PRO C 283 -51.11 -54.81 9.58
CA PRO C 283 -51.22 -55.85 10.60
C PRO C 283 -52.11 -57.00 10.18
N GLU C 284 -52.87 -56.83 9.11
CA GLU C 284 -53.77 -57.86 8.64
C GLU C 284 -53.36 -58.42 7.27
N HIS C 285 -52.07 -58.26 6.96
CA HIS C 285 -51.39 -58.79 5.77
C HIS C 285 -51.52 -60.32 5.65
N PRO C 286 -51.60 -60.84 4.41
CA PRO C 286 -51.82 -62.29 4.25
C PRO C 286 -50.61 -63.12 4.67
N GLN C 287 -49.47 -62.48 4.85
CA GLN C 287 -48.32 -63.18 5.42
C GLN C 287 -47.68 -62.37 6.53
N HIS C 288 -48.49 -61.80 7.42
CA HIS C 288 -47.92 -60.87 8.40
C HIS C 288 -47.01 -61.52 9.46
N ALA C 289 -47.24 -62.80 9.74
CA ALA C 289 -46.36 -63.55 10.63
C ALA C 289 -44.98 -63.78 10.00
N VAL C 290 -44.96 -64.11 8.71
CA VAL C 290 -43.69 -64.30 8.02
C VAL C 290 -42.92 -62.99 7.93
N VAL C 291 -43.62 -61.90 7.61
CA VAL C 291 -43.04 -60.58 7.64
C VAL C 291 -42.43 -60.26 9.01
N LYS C 292 -43.17 -60.56 10.09
CA LYS C 292 -42.68 -60.29 11.43
C LYS C 292 -41.33 -60.98 11.69
N ALA C 293 -41.17 -62.18 11.14
CA ALA C 293 -39.92 -62.95 11.31
C ALA C 293 -38.69 -62.38 10.57
N GLN C 294 -38.81 -62.12 9.26
CA GLN C 294 -37.63 -61.82 8.43
C GLN C 294 -37.38 -60.36 8.02
N MSE C 295 -38.42 -59.53 8.02
CA MSE C 295 -38.19 -58.12 7.73
C MSE C 295 -37.96 -57.46 9.11
O MSE C 295 -38.70 -57.74 10.05
CB MSE C 295 -39.33 -57.48 6.86
CG MSE C 295 -39.54 -58.12 5.41
SE MSE C 295 -40.37 -57.17 3.81
CE MSE C 295 -39.10 -55.72 3.59
N SER C 296 -36.91 -56.67 9.27
CA SER C 296 -36.73 -55.97 10.55
C SER C 296 -37.41 -54.62 10.45
N ALA C 297 -38.04 -54.39 9.31
CA ALA C 297 -38.92 -53.27 9.04
C ALA C 297 -39.57 -53.54 7.68
N PRO C 298 -40.79 -53.04 7.47
CA PRO C 298 -41.61 -53.48 6.34
C PRO C 298 -41.35 -52.78 4.99
N GLY C 299 -40.25 -52.05 4.87
CA GLY C 299 -39.83 -51.59 3.57
C GLY C 299 -40.40 -50.25 3.13
N ALA C 300 -39.98 -49.79 1.96
CA ALA C 300 -40.32 -48.43 1.52
C ALA C 300 -41.16 -48.45 0.26
N ILE C 301 -41.67 -49.62 -0.08
CA ILE C 301 -42.52 -49.74 -1.27
C ILE C 301 -43.95 -49.90 -0.81
N VAL C 302 -44.87 -49.18 -1.43
CA VAL C 302 -46.29 -49.30 -1.13
C VAL C 302 -47.02 -49.37 -2.45
N SER C 303 -48.02 -50.23 -2.56
CA SER C 303 -48.88 -50.19 -3.73
C SER C 303 -50.35 -50.13 -3.33
N PHE C 304 -51.19 -49.63 -4.23
CA PHE C 304 -52.60 -49.46 -3.93
C PHE C 304 -53.42 -49.32 -5.20
N ASP C 305 -54.70 -49.59 -5.10
CA ASP C 305 -55.64 -49.39 -6.19
C ASP C 305 -56.39 -48.07 -6.07
N TYR C 306 -56.24 -47.22 -7.10
CA TYR C 306 -56.93 -45.93 -7.19
C TYR C 306 -58.33 -46.11 -7.79
N LEU C 307 -59.35 -45.59 -7.11
CA LEU C 307 -60.74 -45.81 -7.51
C LEU C 307 -61.41 -44.60 -8.17
N GLY C 308 -60.69 -43.49 -8.29
CA GLY C 308 -61.33 -42.24 -8.72
C GLY C 308 -61.12 -41.80 -10.16
N GLY C 309 -60.67 -42.72 -11.01
CA GLY C 309 -60.42 -42.40 -12.40
C GLY C 309 -59.23 -43.13 -13.00
N PRO C 310 -58.90 -42.79 -14.26
CA PRO C 310 -57.77 -43.37 -14.97
C PRO C 310 -56.48 -43.21 -14.18
N ALA C 311 -55.62 -44.22 -14.19
CA ALA C 311 -54.36 -44.15 -13.46
C ALA C 311 -53.48 -43.04 -14.00
N GLU C 312 -53.51 -42.86 -15.32
CA GLU C 312 -52.71 -41.87 -16.02
C GLU C 312 -53.03 -40.45 -15.53
N ARG C 313 -54.32 -40.17 -15.28
CA ARG C 313 -54.71 -38.85 -14.77
C ARG C 313 -54.13 -38.65 -13.37
N LEU C 314 -54.26 -39.65 -12.52
CA LEU C 314 -53.61 -39.59 -11.21
C LEU C 314 -52.10 -39.31 -11.30
N LEU C 315 -51.43 -40.00 -12.22
CA LEU C 315 -49.98 -39.82 -12.39
C LEU C 315 -49.62 -38.38 -12.78
N ASP C 316 -50.46 -37.78 -13.63
CA ASP C 316 -50.23 -36.42 -14.11
C ASP C 316 -50.26 -35.40 -13.00
N ARG C 317 -50.92 -35.75 -11.89
CA ARG C 317 -51.20 -34.79 -10.84
C ARG C 317 -50.08 -34.58 -9.82
N PHE C 318 -49.26 -35.61 -9.58
CA PHE C 318 -48.17 -35.47 -8.62
C PHE C 318 -47.26 -34.32 -9.01
N THR C 319 -46.83 -33.53 -8.03
CA THR C 319 -45.90 -32.42 -8.24
C THR C 319 -44.54 -32.66 -7.58
N LEU C 320 -44.49 -33.53 -6.56
CA LEU C 320 -43.23 -33.89 -5.88
C LEU C 320 -42.76 -35.29 -6.29
N PHE C 321 -43.63 -36.28 -6.12
CA PHE C 321 -43.39 -37.62 -6.65
C PHE C 321 -43.09 -37.50 -8.14
N THR C 322 -42.06 -38.20 -8.61
CA THR C 322 -41.74 -38.25 -10.03
C THR C 322 -42.21 -39.58 -10.62
N CYS C 323 -42.89 -39.54 -11.74
CA CYS C 323 -43.40 -40.76 -12.33
C CYS C 323 -42.30 -41.35 -13.18
N GLY C 324 -41.80 -42.51 -12.77
CA GLY C 324 -40.70 -43.15 -13.45
C GLY C 324 -40.48 -44.58 -12.97
N VAL C 325 -39.64 -45.29 -13.71
CA VAL C 325 -39.27 -46.66 -13.39
C VAL C 325 -38.07 -46.64 -12.42
N SER C 326 -37.79 -47.80 -11.82
CA SER C 326 -36.82 -47.95 -10.73
C SER C 326 -37.36 -47.56 -9.35
N LEU C 327 -36.53 -47.74 -8.32
CA LEU C 327 -36.98 -47.60 -6.94
C LEU C 327 -35.81 -47.53 -5.97
N GLY C 328 -36.13 -47.26 -4.70
CA GLY C 328 -35.16 -47.29 -3.63
C GLY C 328 -34.36 -46.01 -3.51
N GLY C 329 -34.68 -45.05 -4.38
CA GLY C 329 -33.84 -43.88 -4.55
C GLY C 329 -34.15 -42.69 -3.66
N VAL C 330 -33.16 -41.79 -3.61
CA VAL C 330 -33.28 -40.50 -2.93
C VAL C 330 -34.57 -39.74 -3.30
N HIS C 331 -34.97 -39.86 -4.57
CA HIS C 331 -36.15 -39.18 -5.06
C HIS C 331 -37.32 -40.17 -5.00
N SER C 332 -38.44 -39.72 -4.42
CA SER C 332 -39.66 -40.53 -4.40
C SER C 332 -40.19 -40.76 -5.80
N LEU C 333 -40.66 -41.98 -6.07
CA LEU C 333 -41.11 -42.33 -7.41
C LEU C 333 -42.51 -42.95 -7.36
N VAL C 334 -43.30 -42.68 -8.40
CA VAL C 334 -44.60 -43.30 -8.55
C VAL C 334 -44.67 -43.91 -9.95
N GLU C 335 -45.33 -45.05 -10.06
CA GLU C 335 -45.62 -45.62 -11.38
C GLU C 335 -46.87 -46.50 -11.31
N CYS C 336 -47.53 -46.67 -12.45
CA CYS C 336 -48.69 -47.55 -12.49
C CYS C 336 -48.27 -48.82 -13.21
N PRO C 337 -48.08 -49.91 -12.44
CA PRO C 337 -47.48 -51.15 -12.96
C PRO C 337 -48.09 -51.69 -14.25
N ALA C 338 -49.29 -51.30 -14.63
CA ALA C 338 -49.81 -51.70 -15.94
C ALA C 338 -49.32 -50.80 -17.08
N LEU C 339 -48.99 -49.54 -16.80
CA LEU C 339 -48.65 -48.61 -17.87
C LEU C 339 -47.14 -48.29 -18.01
N MSE C 340 -46.29 -48.87 -17.16
CA MSE C 340 -44.86 -48.59 -17.26
C MSE C 340 -43.91 -49.76 -17.10
O MSE C 340 -43.13 -50.02 -18.00
CB MSE C 340 -44.47 -47.46 -16.32
CG MSE C 340 -45.57 -46.99 -15.44
SE MSE C 340 -45.52 -45.08 -15.19
CE MSE C 340 -43.60 -44.91 -14.87
N THR C 341 -43.91 -50.44 -15.95
CA THR C 341 -42.90 -51.50 -15.75
C THR C 341 -43.32 -52.96 -15.93
N HIS C 342 -44.60 -53.26 -15.81
CA HIS C 342 -45.06 -54.60 -16.18
C HIS C 342 -45.94 -54.57 -17.42
N ARG C 343 -45.64 -53.67 -18.35
CA ARG C 343 -46.48 -53.52 -19.53
C ARG C 343 -46.69 -54.70 -20.52
N PRO C 344 -45.60 -55.39 -20.95
CA PRO C 344 -45.62 -56.06 -22.27
C PRO C 344 -46.63 -57.20 -22.52
N LEU C 345 -47.03 -57.91 -21.47
CA LEU C 345 -47.72 -59.19 -21.60
C LEU C 345 -49.11 -59.15 -22.24
N SER C 346 -50.09 -59.48 -21.43
CA SER C 346 -51.47 -59.40 -21.81
C SER C 346 -52.18 -58.80 -20.62
N ALA C 347 -53.13 -57.93 -20.88
CA ALA C 347 -54.03 -57.41 -19.88
C ALA C 347 -54.68 -58.56 -19.12
N GLU C 348 -54.70 -59.74 -19.75
CA GLU C 348 -55.23 -60.97 -19.16
C GLU C 348 -54.18 -61.63 -18.26
N ALA C 349 -52.91 -61.41 -18.59
CA ALA C 349 -51.81 -61.82 -17.70
C ALA C 349 -51.88 -61.02 -16.40
N ARG C 350 -51.87 -59.69 -16.55
CA ARG C 350 -52.00 -58.76 -15.43
C ARG C 350 -53.32 -59.00 -14.69
N ALA C 351 -54.37 -59.37 -15.45
CA ALA C 351 -55.64 -59.78 -14.87
C ALA C 351 -55.56 -61.24 -14.50
N ARG C 352 -54.59 -61.57 -13.66
CA ARG C 352 -54.38 -62.93 -13.20
C ARG C 352 -53.37 -62.89 -12.06
N ARG C 353 -52.55 -61.84 -12.06
CA ARG C 353 -51.54 -61.65 -11.02
C ARG C 353 -51.86 -60.43 -10.17
N GLY C 354 -53.15 -60.09 -10.11
CA GLY C 354 -53.62 -58.94 -9.35
C GLY C 354 -53.08 -57.62 -9.87
N ILE C 355 -52.50 -57.62 -11.06
CA ILE C 355 -52.01 -56.39 -11.66
C ILE C 355 -53.16 -55.68 -12.37
N GLY C 356 -54.01 -55.00 -11.62
CA GLY C 356 -55.14 -54.29 -12.21
C GLY C 356 -54.71 -52.96 -12.81
N GLU C 357 -55.53 -52.42 -13.70
CA GLU C 357 -55.24 -51.20 -14.45
C GLU C 357 -55.08 -49.99 -13.57
N SER C 358 -55.79 -49.95 -12.45
CA SER C 358 -55.68 -48.79 -11.57
C SER C 358 -54.78 -49.07 -10.36
N LEU C 359 -53.96 -50.11 -10.46
CA LEU C 359 -52.95 -50.37 -9.45
C LEU C 359 -51.79 -49.36 -9.57
N ILE C 360 -51.47 -48.70 -8.46
CA ILE C 360 -50.42 -47.69 -8.41
C ILE C 360 -49.33 -48.10 -7.43
N ARG C 361 -48.06 -47.90 -7.81
CA ARG C 361 -46.95 -48.24 -6.95
C ARG C 361 -46.07 -47.04 -6.57
N LEU C 362 -45.82 -46.87 -5.28
CA LEU C 362 -44.91 -45.86 -4.75
C LEU C 362 -43.60 -46.48 -4.26
N SER C 363 -42.47 -45.87 -4.62
CA SER C 363 -41.22 -46.12 -3.91
C SER C 363 -40.85 -44.84 -3.17
N VAL C 364 -40.74 -44.93 -1.86
CA VAL C 364 -40.58 -43.74 -1.04
C VAL C 364 -39.13 -43.27 -0.96
N GLY C 365 -38.90 -41.99 -1.25
CA GLY C 365 -37.59 -41.38 -1.10
C GLY C 365 -37.45 -40.65 0.24
N ILE C 366 -36.41 -39.84 0.39
CA ILE C 366 -36.11 -39.23 1.68
C ILE C 366 -36.56 -37.79 1.86
N GLU C 367 -37.47 -37.30 1.01
CA GLU C 367 -37.98 -35.94 1.16
C GLU C 367 -38.82 -35.84 2.45
N ASP C 368 -39.25 -34.64 2.79
CA ASP C 368 -40.04 -34.47 4.00
C ASP C 368 -41.31 -35.31 3.86
N PRO C 369 -41.67 -36.05 4.91
CA PRO C 369 -42.85 -36.91 4.82
C PRO C 369 -44.17 -36.16 4.60
N GLN C 370 -44.24 -34.87 4.94
CA GLN C 370 -45.52 -34.17 4.87
C GLN C 370 -45.80 -33.56 3.51
N ASP C 371 -44.77 -33.32 2.73
CA ASP C 371 -44.97 -32.83 1.39
C ASP C 371 -45.10 -33.99 0.42
N LEU C 372 -44.54 -35.13 0.81
CA LEU C 372 -44.85 -36.34 0.09
C LEU C 372 -46.34 -36.65 0.33
N ALA C 373 -46.76 -36.63 1.59
CA ALA C 373 -48.15 -36.92 1.94
C ALA C 373 -49.09 -35.93 1.26
N GLU C 374 -48.75 -34.65 1.33
CA GLU C 374 -49.58 -33.60 0.73
C GLU C 374 -49.61 -33.71 -0.81
N ASP C 375 -48.50 -34.10 -1.42
CA ASP C 375 -48.48 -34.35 -2.87
C ASP C 375 -49.42 -35.52 -3.24
N LEU C 376 -49.38 -36.56 -2.43
CA LEU C 376 -50.23 -37.73 -2.61
C LEU C 376 -51.72 -37.37 -2.48
N SER C 377 -52.08 -36.63 -1.44
CA SER C 377 -53.49 -36.26 -1.25
C SER C 377 -53.98 -35.35 -2.37
N ARG C 378 -53.19 -34.35 -2.72
CA ARG C 378 -53.53 -33.47 -3.85
C ARG C 378 -53.70 -34.28 -5.14
N ALA C 379 -53.00 -35.41 -5.24
CA ALA C 379 -53.15 -36.26 -6.41
C ALA C 379 -54.43 -37.08 -6.31
N LEU C 380 -54.65 -37.73 -5.17
CA LEU C 380 -55.86 -38.52 -4.93
C LEU C 380 -57.13 -37.69 -5.07
N ALA C 381 -57.04 -36.41 -4.73
CA ALA C 381 -58.15 -35.49 -4.94
C ALA C 381 -57.94 -34.78 -6.28
N GLY C 382 -58.37 -35.44 -7.35
CA GLY C 382 -58.38 -34.87 -8.67
C GLY C 382 -59.62 -35.37 -9.34
N GLY C 383 -60.59 -34.48 -9.37
CA GLY C 383 -61.85 -34.77 -9.95
C GLY C 383 -61.87 -34.55 -11.43
N THR C 384 -60.66 -34.32 -11.90
CA THR C 384 -60.33 -34.09 -13.28
C THR C 384 -59.21 -35.03 -13.64
N MSE D 7 -16.46 -35.84 -40.70
CA MSE D 7 -16.83 -36.55 -41.90
C MSE D 7 -15.64 -37.28 -42.53
O MSE D 7 -15.78 -38.39 -43.04
CB MSE D 7 -17.49 -35.58 -42.88
CG MSE D 7 -17.55 -36.08 -44.28
SE MSE D 7 -15.88 -35.74 -45.26
CE MSE D 7 -16.45 -34.04 -46.13
N ARG D 8 -14.47 -36.66 -42.49
CA ARG D 8 -13.22 -37.35 -42.83
C ARG D 8 -12.59 -37.94 -41.55
N PHE D 9 -11.59 -38.81 -41.72
CA PHE D 9 -10.97 -39.40 -40.55
C PHE D 9 -10.14 -38.36 -39.83
N GLY D 10 -10.45 -38.14 -38.55
CA GLY D 10 -9.92 -37.05 -37.79
C GLY D 10 -11.13 -36.29 -37.30
N THR D 11 -12.01 -35.90 -38.22
CA THR D 11 -13.20 -35.13 -37.88
C THR D 11 -14.28 -35.98 -37.20
N ARG D 12 -14.48 -37.19 -37.69
CA ARG D 12 -15.44 -38.08 -37.06
C ARG D 12 -15.03 -38.46 -35.65
N LEU D 13 -13.73 -38.49 -35.37
CA LEU D 13 -13.27 -38.81 -34.01
C LEU D 13 -13.67 -37.72 -33.00
N VAL D 14 -13.65 -36.47 -33.44
CA VAL D 14 -13.96 -35.33 -32.56
C VAL D 14 -15.46 -35.07 -32.46
N HIS D 15 -16.16 -35.17 -33.59
CA HIS D 15 -17.54 -34.72 -33.68
C HIS D 15 -18.57 -35.85 -33.80
N GLY D 16 -18.08 -37.08 -33.89
CA GLY D 16 -18.97 -38.23 -33.96
C GLY D 16 -19.88 -38.28 -32.76
N GLY D 17 -21.18 -38.17 -32.99
CA GLY D 17 -22.16 -38.27 -31.92
C GLY D 17 -21.94 -37.25 -30.82
N ARG D 18 -21.51 -36.05 -31.19
CA ARG D 18 -21.31 -35.02 -30.19
C ARG D 18 -22.51 -34.10 -30.21
N ARG D 19 -23.56 -34.42 -29.46
CA ARG D 19 -24.73 -33.55 -29.46
C ARG D 19 -24.51 -32.27 -28.64
N PRO D 20 -24.40 -31.09 -29.31
CA PRO D 20 -24.42 -29.87 -28.49
C PRO D 20 -25.84 -29.59 -27.98
N SER D 21 -25.99 -29.69 -26.66
CA SER D 21 -27.28 -29.61 -25.95
C SER D 21 -28.17 -28.41 -26.25
N ALA D 22 -29.47 -28.66 -26.25
CA ALA D 22 -30.45 -27.58 -26.31
C ALA D 22 -30.45 -26.77 -25.02
N GLY D 23 -30.90 -25.52 -25.11
CA GLY D 23 -30.87 -24.65 -23.96
C GLY D 23 -29.50 -24.07 -23.68
N THR D 24 -28.52 -24.93 -23.41
CA THR D 24 -27.24 -24.43 -22.89
C THR D 24 -26.13 -24.25 -23.92
N GLY D 25 -26.03 -25.17 -24.87
CA GLY D 25 -25.03 -25.07 -25.92
C GLY D 25 -23.67 -25.64 -25.56
N ASP D 26 -23.62 -26.59 -24.62
CA ASP D 26 -22.37 -27.24 -24.24
C ASP D 26 -21.67 -27.80 -25.47
N VAL D 27 -20.37 -27.52 -25.62
CA VAL D 27 -19.61 -28.10 -26.71
C VAL D 27 -19.33 -29.57 -26.40
N VAL D 28 -18.79 -29.86 -25.22
CA VAL D 28 -18.67 -31.24 -24.76
C VAL D 28 -19.97 -31.63 -24.03
N PRO D 29 -20.70 -32.63 -24.55
CA PRO D 29 -22.01 -32.99 -23.98
C PRO D 29 -21.89 -33.36 -22.51
N PRO D 30 -22.92 -33.02 -21.73
CA PRO D 30 -22.84 -33.29 -20.29
C PRO D 30 -22.91 -34.80 -20.04
N ILE D 31 -22.43 -35.25 -18.90
CA ILE D 31 -22.38 -36.69 -18.62
C ILE D 31 -23.71 -37.16 -18.02
N HIS D 32 -24.45 -37.98 -18.74
CA HIS D 32 -25.76 -38.45 -18.25
C HIS D 32 -25.61 -39.65 -17.31
N VAL D 33 -25.60 -39.37 -16.00
CA VAL D 33 -25.47 -40.42 -14.99
C VAL D 33 -26.83 -40.94 -14.48
N SER D 34 -27.91 -40.21 -14.71
CA SER D 34 -29.21 -40.63 -14.15
C SER D 34 -29.62 -42.04 -14.61
N THR D 35 -30.04 -42.87 -13.67
CA THR D 35 -30.58 -44.18 -14.03
C THR D 35 -32.03 -44.05 -14.46
N THR D 36 -32.75 -43.12 -13.84
CA THR D 36 -34.18 -43.06 -14.11
C THR D 36 -34.56 -41.74 -14.76
N TYR D 37 -35.76 -41.73 -15.33
CA TYR D 37 -36.18 -40.62 -16.17
C TYR D 37 -37.64 -40.27 -15.90
N GLU D 38 -37.90 -38.96 -15.82
CA GLU D 38 -39.25 -38.46 -15.65
C GLU D 38 -39.97 -38.57 -16.99
N ARG D 39 -41.08 -39.30 -16.97
CA ARG D 39 -41.89 -39.55 -18.15
C ARG D 39 -42.79 -38.39 -18.49
N ARG D 40 -43.44 -37.84 -17.47
CA ARG D 40 -44.65 -37.05 -17.72
C ARG D 40 -44.47 -35.95 -18.75
N ALA D 41 -43.48 -35.09 -18.54
CA ALA D 41 -43.22 -34.00 -19.47
C ALA D 41 -42.35 -34.46 -20.63
N GLN D 42 -42.18 -35.79 -20.81
CA GLN D 42 -41.11 -36.30 -21.67
C GLN D 42 -41.40 -36.16 -23.15
N ASP D 43 -40.34 -35.92 -23.92
CA ASP D 43 -40.43 -35.50 -25.31
C ASP D 43 -41.15 -36.49 -26.20
N GLU D 44 -40.41 -37.20 -27.05
CA GLU D 44 -41.02 -38.26 -27.86
C GLU D 44 -40.81 -39.58 -27.14
N PRO D 45 -41.29 -39.66 -25.88
CA PRO D 45 -40.68 -40.42 -24.78
C PRO D 45 -39.80 -41.59 -25.22
N ARG D 46 -38.49 -41.41 -25.32
CA ARG D 46 -37.63 -42.55 -25.66
C ARG D 46 -36.55 -42.89 -24.60
N TYR D 47 -36.69 -42.35 -23.40
CA TYR D 47 -35.76 -42.67 -22.31
C TYR D 47 -36.52 -43.11 -21.07
N PHE D 48 -36.36 -44.37 -20.71
CA PHE D 48 -37.15 -44.94 -19.63
C PHE D 48 -36.33 -45.50 -18.48
N TYR D 49 -35.21 -46.15 -18.79
CA TYR D 49 -34.34 -46.73 -17.78
C TYR D 49 -32.92 -46.87 -18.31
N GLY D 50 -31.95 -46.61 -17.44
CA GLY D 50 -30.54 -46.57 -17.80
C GLY D 50 -30.02 -47.79 -18.54
N ARG D 51 -30.24 -48.98 -17.96
CA ARG D 51 -29.78 -50.23 -18.55
C ARG D 51 -30.24 -50.33 -20.01
N GLY D 52 -31.43 -49.83 -20.29
CA GLY D 52 -31.94 -49.80 -21.66
C GLY D 52 -31.46 -48.62 -22.51
N GLU D 53 -31.58 -47.40 -21.97
CA GLU D 53 -31.24 -46.21 -22.75
C GLU D 53 -30.44 -45.24 -21.90
N ASN D 54 -29.51 -44.55 -22.54
CA ASN D 54 -28.69 -43.53 -21.91
C ASN D 54 -28.08 -42.66 -23.01
N PRO D 55 -28.26 -41.33 -22.92
CA PRO D 55 -27.76 -40.50 -24.02
C PRO D 55 -26.24 -40.49 -24.17
N THR D 56 -25.49 -40.50 -23.06
CA THR D 56 -24.04 -40.52 -23.14
C THR D 56 -23.57 -41.79 -23.88
N ARG D 57 -24.19 -42.91 -23.56
CA ARG D 57 -23.82 -44.17 -24.21
C ARG D 57 -24.13 -44.13 -25.70
N GLU D 58 -25.32 -43.63 -26.05
CA GLU D 58 -25.74 -43.47 -27.44
C GLU D 58 -24.74 -42.62 -28.26
N GLU D 59 -24.23 -41.56 -27.64
CA GLU D 59 -23.29 -40.67 -28.29
C GLU D 59 -22.00 -41.40 -28.70
N LEU D 60 -21.50 -42.21 -27.78
CA LEU D 60 -20.31 -43.00 -28.04
C LEU D 60 -20.57 -44.02 -29.16
N GLU D 61 -21.74 -44.65 -29.12
CA GLU D 61 -22.14 -45.58 -30.19
C GLU D 61 -22.20 -44.85 -31.53
N GLU D 62 -22.87 -43.70 -31.55
CA GLU D 62 -22.92 -42.81 -32.71
C GLU D 62 -21.50 -42.57 -33.24
N CYS D 63 -20.59 -42.16 -32.35
CA CYS D 63 -19.20 -41.93 -32.72
C CYS D 63 -18.60 -43.17 -33.39
N LEU D 64 -18.74 -44.32 -32.74
CA LEU D 64 -18.09 -45.55 -33.21
C LEU D 64 -18.62 -46.03 -34.54
N ALA D 65 -19.93 -45.95 -34.73
CA ALA D 65 -20.57 -46.35 -35.97
C ALA D 65 -20.06 -45.52 -37.14
N GLY D 66 -19.97 -44.20 -36.95
CA GLY D 66 -19.52 -43.30 -38.00
C GLY D 66 -18.07 -43.58 -38.42
N LEU D 67 -17.25 -44.06 -37.50
CA LEU D 67 -15.86 -44.40 -37.82
C LEU D 67 -15.76 -45.50 -38.87
N GLU D 68 -16.75 -46.38 -38.91
CA GLU D 68 -16.78 -47.45 -39.91
C GLU D 68 -17.92 -47.29 -40.89
N ARG D 69 -18.45 -46.07 -40.96
CA ARG D 69 -19.51 -45.72 -41.90
C ARG D 69 -20.71 -46.66 -41.78
N ALA D 70 -20.98 -47.11 -40.57
CA ALA D 70 -21.97 -48.15 -40.33
C ALA D 70 -23.24 -47.56 -39.76
N PRO D 71 -24.38 -48.25 -39.95
CA PRO D 71 -25.59 -47.70 -39.33
C PRO D 71 -25.68 -47.97 -37.83
N PHE D 72 -24.96 -48.98 -37.33
CA PHE D 72 -25.17 -49.44 -35.94
C PHE D 72 -23.88 -49.61 -35.14
N ALA D 73 -23.97 -49.34 -33.84
CA ALA D 73 -22.98 -49.75 -32.85
C ALA D 73 -23.61 -49.92 -31.47
N THR D 74 -23.03 -50.83 -30.69
CA THR D 74 -23.47 -51.09 -29.32
C THR D 74 -22.22 -51.30 -28.48
N VAL D 75 -22.18 -50.67 -27.30
CA VAL D 75 -21.03 -50.80 -26.42
C VAL D 75 -21.36 -51.54 -25.12
N PHE D 76 -20.33 -52.03 -24.43
CA PHE D 76 -20.50 -53.01 -23.36
C PHE D 76 -19.58 -52.76 -22.18
N SER D 77 -19.81 -53.45 -21.07
CA SER D 77 -18.92 -53.35 -19.90
C SER D 77 -17.48 -53.68 -20.25
N SER D 78 -17.28 -54.51 -21.28
CA SER D 78 -15.92 -54.88 -21.68
C SER D 78 -15.92 -55.51 -23.06
N GLY D 79 -14.72 -55.70 -23.60
CA GLY D 79 -14.53 -56.45 -24.83
C GLY D 79 -15.10 -57.87 -24.76
N GLN D 80 -14.82 -58.59 -23.68
CA GLN D 80 -15.35 -59.94 -23.49
C GLN D 80 -16.89 -59.99 -23.61
N ALA D 81 -17.55 -58.99 -23.05
CA ALA D 81 -19.01 -58.88 -23.12
C ALA D 81 -19.52 -58.70 -24.55
N ALA D 82 -18.81 -57.89 -25.33
CA ALA D 82 -19.16 -57.71 -26.72
C ALA D 82 -19.11 -59.07 -27.43
N ALA D 83 -18.02 -59.81 -27.20
CA ALA D 83 -17.85 -61.14 -27.75
C ALA D 83 -18.89 -62.14 -27.23
N ALA D 84 -19.18 -62.05 -25.93
CA ALA D 84 -20.16 -62.94 -25.32
C ALA D 84 -21.52 -62.72 -25.98
N THR D 85 -21.81 -61.46 -26.28
CA THR D 85 -23.10 -61.12 -26.88
C THR D 85 -23.27 -61.75 -28.26
N LEU D 86 -22.27 -61.57 -29.11
CA LEU D 86 -22.34 -62.13 -30.45
C LEU D 86 -22.47 -63.66 -30.40
N LEU D 87 -21.63 -64.31 -29.59
CA LEU D 87 -21.65 -65.76 -29.47
C LEU D 87 -22.99 -66.30 -28.96
N SER D 88 -23.73 -65.49 -28.20
CA SER D 88 -25.01 -65.92 -27.67
C SER D 88 -26.05 -66.10 -28.77
N LEU D 89 -25.77 -65.59 -29.96
CA LEU D 89 -26.72 -65.63 -31.07
C LEU D 89 -26.61 -66.92 -31.84
N VAL D 90 -25.55 -67.69 -31.59
CA VAL D 90 -25.38 -68.98 -32.22
C VAL D 90 -26.13 -70.06 -31.43
N ARG D 91 -26.89 -70.89 -32.12
CA ARG D 91 -27.71 -71.92 -31.46
C ARG D 91 -26.92 -73.18 -31.12
N PRO D 92 -27.41 -73.96 -30.13
CA PRO D 92 -26.85 -75.29 -29.92
C PRO D 92 -26.99 -76.08 -31.22
N GLY D 93 -25.96 -76.81 -31.60
CA GLY D 93 -26.01 -77.60 -32.82
C GLY D 93 -25.43 -76.89 -34.03
N GLN D 94 -25.23 -75.58 -33.93
CA GLN D 94 -24.63 -74.82 -35.03
C GLN D 94 -23.13 -74.79 -34.81
N CYS D 95 -22.40 -74.19 -35.76
CA CYS D 95 -20.95 -74.21 -35.71
C CYS D 95 -20.33 -72.84 -35.91
N VAL D 96 -19.38 -72.51 -35.04
CA VAL D 96 -18.56 -71.32 -35.21
C VAL D 96 -17.21 -71.76 -35.79
N VAL D 97 -16.71 -71.01 -36.77
CA VAL D 97 -15.35 -71.22 -37.26
C VAL D 97 -14.38 -70.15 -36.77
N SER D 98 -13.22 -70.60 -36.30
CA SER D 98 -12.15 -69.70 -35.88
C SER D 98 -10.77 -70.21 -36.32
N THR D 99 -9.68 -69.53 -35.91
CA THR D 99 -8.36 -69.78 -36.50
C THR D 99 -7.33 -70.49 -35.63
N ASP D 100 -7.71 -71.61 -35.02
CA ASP D 100 -6.90 -72.17 -33.93
C ASP D 100 -6.65 -71.03 -32.94
N ASP D 101 -5.54 -70.30 -33.13
CA ASP D 101 -5.08 -69.30 -32.15
C ASP D 101 -5.85 -67.98 -32.13
N VAL D 102 -7.12 -68.04 -31.73
CA VAL D 102 -7.84 -66.81 -31.37
C VAL D 102 -7.34 -66.32 -29.99
N TYR D 103 -7.60 -65.07 -29.61
CA TYR D 103 -7.27 -64.57 -28.25
C TYR D 103 -7.80 -65.51 -27.18
N ALA D 104 -7.06 -65.66 -26.09
CA ALA D 104 -7.39 -66.63 -25.05
C ALA D 104 -8.71 -66.36 -24.33
N GLY D 105 -9.06 -65.08 -24.13
CA GLY D 105 -10.31 -64.74 -23.47
C GLY D 105 -11.50 -65.14 -24.32
N THR D 106 -11.30 -65.14 -25.64
CA THR D 106 -12.29 -65.65 -26.56
C THR D 106 -12.46 -67.17 -26.36
N ASP D 107 -11.34 -67.83 -26.05
CA ASP D 107 -11.36 -69.27 -25.83
C ASP D 107 -12.17 -69.67 -24.58
N GLY D 108 -12.04 -68.88 -23.52
CA GLY D 108 -12.83 -69.11 -22.33
C GLY D 108 -14.29 -69.00 -22.71
N LEU D 109 -14.61 -67.99 -23.51
CA LEU D 109 -15.94 -67.83 -24.05
C LEU D 109 -16.26 -68.99 -24.99
N PHE D 110 -15.29 -69.37 -25.81
CA PHE D 110 -15.46 -70.50 -26.73
C PHE D 110 -15.81 -71.75 -25.93
N ASP D 111 -14.99 -72.08 -24.93
CA ASP D 111 -15.23 -73.28 -24.13
C ASP D 111 -16.59 -73.17 -23.45
N LEU D 112 -16.97 -71.96 -23.07
CA LEU D 112 -18.31 -71.73 -22.57
C LEU D 112 -19.32 -71.97 -23.68
N ALA D 113 -18.95 -71.68 -24.92
CA ALA D 113 -19.86 -71.96 -26.03
C ALA D 113 -19.92 -73.47 -26.23
N ALA D 114 -18.78 -74.14 -26.12
CA ALA D 114 -18.75 -75.61 -26.18
C ALA D 114 -19.68 -76.19 -25.12
N ARG D 115 -19.77 -75.50 -23.98
CA ARG D 115 -20.62 -75.92 -22.88
C ARG D 115 -22.10 -75.95 -23.27
N GLN D 116 -22.49 -75.11 -24.22
CA GLN D 116 -23.90 -75.03 -24.62
C GLN D 116 -24.25 -75.98 -25.75
N GLY D 117 -23.25 -76.68 -26.28
CA GLY D 117 -23.48 -77.59 -27.39
C GLY D 117 -23.17 -76.99 -28.76
N VAL D 118 -22.70 -75.74 -28.79
CA VAL D 118 -22.26 -75.20 -30.07
C VAL D 118 -20.91 -75.84 -30.34
N ARG D 119 -20.65 -76.25 -31.57
CA ARG D 119 -19.29 -76.72 -31.86
C ARG D 119 -18.40 -75.63 -32.47
N VAL D 120 -17.25 -75.46 -31.84
CA VAL D 120 -16.27 -74.51 -32.27
C VAL D 120 -15.33 -75.23 -33.23
N ARG D 121 -15.10 -74.63 -34.39
CA ARG D 121 -14.19 -75.21 -35.38
C ARG D 121 -13.04 -74.25 -35.65
N TYR D 122 -11.87 -74.62 -35.16
CA TYR D 122 -10.67 -73.83 -35.36
C TYR D 122 -9.99 -74.29 -36.64
N ALA D 123 -9.69 -73.34 -37.54
CA ALA D 123 -9.18 -73.70 -38.87
C ALA D 123 -8.01 -72.84 -39.32
N ASP D 124 -7.43 -73.19 -40.47
CA ASP D 124 -6.25 -72.44 -40.93
C ASP D 124 -6.57 -71.05 -41.48
N LEU D 125 -7.50 -70.95 -42.43
CA LEU D 125 -7.91 -69.63 -42.93
C LEU D 125 -6.72 -68.78 -43.36
N THR D 126 -5.86 -69.37 -44.19
CA THR D 126 -4.53 -68.84 -44.47
C THR D 126 -4.05 -69.45 -45.78
N THR D 127 -4.22 -70.75 -45.85
CA THR D 127 -3.86 -71.46 -47.06
C THR D 127 -5.16 -71.82 -47.73
N PRO D 128 -5.26 -71.59 -49.06
CA PRO D 128 -6.50 -71.83 -49.81
C PRO D 128 -7.02 -73.25 -49.64
N GLU D 129 -6.28 -74.03 -48.86
CA GLU D 129 -6.67 -75.36 -48.39
C GLU D 129 -7.60 -75.25 -47.19
N GLY D 130 -7.22 -74.41 -46.23
CA GLY D 130 -7.91 -74.34 -44.95
C GLY D 130 -9.30 -73.70 -45.01
N ILE D 131 -9.45 -72.69 -45.86
CA ILE D 131 -10.71 -71.97 -45.95
C ILE D 131 -11.78 -72.91 -46.48
N ALA D 132 -11.37 -73.79 -47.39
CA ALA D 132 -12.24 -74.84 -47.89
C ALA D 132 -12.43 -75.95 -46.85
N ALA D 133 -11.73 -75.85 -45.72
CA ALA D 133 -11.95 -76.82 -44.65
C ALA D 133 -12.99 -76.30 -43.66
N ALA D 134 -12.94 -74.99 -43.41
CA ALA D 134 -13.77 -74.37 -42.38
C ALA D 134 -15.27 -74.28 -42.71
N LEU D 135 -15.60 -73.71 -43.87
CA LEU D 135 -16.97 -73.26 -44.14
C LEU D 135 -17.84 -74.30 -44.86
N ALA D 136 -17.24 -75.42 -45.20
CA ALA D 136 -17.98 -76.50 -45.83
C ALA D 136 -18.90 -77.21 -44.82
N GLU D 137 -18.61 -77.01 -43.53
CA GLU D 137 -19.38 -77.62 -42.45
C GLU D 137 -20.83 -77.16 -42.42
N PRO D 138 -21.76 -78.11 -42.28
CA PRO D 138 -23.20 -77.83 -42.11
C PRO D 138 -23.43 -76.98 -40.87
N ASP D 139 -24.48 -76.18 -40.88
CA ASP D 139 -24.86 -75.35 -39.73
C ASP D 139 -23.77 -74.38 -39.31
N LEU D 140 -23.05 -73.84 -40.29
CA LEU D 140 -22.01 -72.84 -40.02
C LEU D 140 -22.65 -71.48 -39.79
N ALA D 141 -22.73 -71.06 -38.53
CA ALA D 141 -23.41 -69.81 -38.20
C ALA D 141 -22.47 -68.61 -38.18
N LEU D 142 -21.20 -68.85 -37.91
CA LEU D 142 -20.32 -67.76 -37.58
C LEU D 142 -18.87 -68.06 -37.89
N VAL D 143 -18.26 -67.20 -38.70
CA VAL D 143 -16.82 -67.26 -38.94
C VAL D 143 -16.15 -66.14 -38.16
N TRP D 144 -15.24 -66.51 -37.27
CA TRP D 144 -14.68 -65.62 -36.29
C TRP D 144 -13.23 -65.33 -36.64
N ILE D 145 -12.95 -64.09 -37.06
CA ILE D 145 -11.63 -63.72 -37.52
C ILE D 145 -10.97 -62.71 -36.61
N GLU D 146 -9.80 -63.06 -36.09
CA GLU D 146 -9.01 -62.11 -35.35
C GLU D 146 -7.78 -61.78 -36.20
N THR D 147 -7.60 -60.52 -36.58
CA THR D 147 -6.46 -60.17 -37.43
C THR D 147 -5.96 -58.72 -37.30
N PRO D 148 -4.64 -58.56 -37.14
CA PRO D 148 -3.63 -59.61 -36.96
C PRO D 148 -3.77 -60.44 -35.66
N THR D 149 -3.16 -61.62 -35.60
CA THR D 149 -3.24 -62.53 -34.44
C THR D 149 -2.03 -62.49 -33.49
N ASN D 150 -2.29 -62.27 -32.20
CA ASN D 150 -1.27 -62.38 -31.16
C ASN D 150 -0.92 -63.83 -30.90
N PRO D 151 0.37 -64.13 -30.63
CA PRO D 151 1.45 -63.14 -30.64
C PRO D 151 2.28 -63.13 -31.92
N LEU D 152 1.94 -63.96 -32.92
CA LEU D 152 2.81 -64.07 -34.10
C LEU D 152 2.47 -63.10 -35.23
N LEU D 153 1.43 -62.30 -35.03
CA LEU D 153 1.12 -61.19 -35.93
C LEU D 153 0.84 -61.65 -37.37
N THR D 154 0.34 -62.88 -37.48
CA THR D 154 -0.16 -63.39 -38.75
C THR D 154 -1.29 -62.51 -39.21
N VAL D 155 -1.78 -62.75 -40.41
CA VAL D 155 -2.82 -61.91 -40.95
C VAL D 155 -3.74 -62.75 -41.83
N VAL D 156 -5.04 -62.45 -41.78
CA VAL D 156 -6.06 -63.24 -42.47
C VAL D 156 -6.87 -62.35 -43.42
N ASP D 157 -7.02 -62.79 -44.66
CA ASP D 157 -7.71 -62.04 -45.71
C ASP D 157 -9.21 -61.97 -45.43
N VAL D 158 -9.66 -60.84 -44.87
CA VAL D 158 -11.07 -60.68 -44.49
C VAL D 158 -12.00 -60.73 -45.71
N ALA D 159 -11.62 -60.07 -46.79
CA ALA D 159 -12.39 -60.10 -48.04
C ALA D 159 -12.63 -61.51 -48.55
N GLU D 160 -11.56 -62.28 -48.72
CA GLU D 160 -11.68 -63.62 -49.26
C GLU D 160 -12.50 -64.55 -48.37
N VAL D 161 -12.19 -64.60 -47.07
CA VAL D 161 -12.93 -65.46 -46.16
C VAL D 161 -14.41 -65.05 -46.12
N SER D 162 -14.67 -63.75 -46.09
CA SER D 162 -16.04 -63.23 -46.00
C SER D 162 -16.87 -63.64 -47.19
N ARG D 163 -16.30 -63.46 -48.38
CA ARG D 163 -16.93 -63.89 -49.62
C ARG D 163 -17.36 -65.34 -49.52
N ARG D 164 -16.44 -66.20 -49.12
CA ARG D 164 -16.70 -67.63 -49.19
C ARG D 164 -17.50 -68.07 -47.98
N ALA D 165 -17.56 -67.22 -46.96
CA ALA D 165 -18.40 -67.55 -45.81
C ALA D 165 -19.83 -67.11 -46.10
N HIS D 166 -19.97 -66.09 -46.93
CA HIS D 166 -21.28 -65.61 -47.31
C HIS D 166 -21.93 -66.51 -48.37
N GLU D 167 -21.11 -67.26 -49.09
CA GLU D 167 -21.65 -68.30 -49.97
C GLU D 167 -22.07 -69.49 -49.13
N ARG D 168 -21.40 -69.70 -48.01
CA ARG D 168 -21.71 -70.84 -47.14
C ARG D 168 -22.73 -70.47 -46.09
N GLY D 169 -23.24 -69.24 -46.14
CA GLY D 169 -24.26 -68.79 -45.22
C GLY D 169 -23.84 -68.45 -43.79
N ALA D 170 -22.61 -67.97 -43.60
CA ALA D 170 -22.17 -67.62 -42.26
C ALA D 170 -22.07 -66.12 -42.06
N ARG D 171 -22.38 -65.68 -40.84
CA ARG D 171 -22.03 -64.33 -40.40
C ARG D 171 -20.53 -64.32 -40.19
N VAL D 172 -19.90 -63.16 -40.42
CA VAL D 172 -18.47 -63.01 -40.20
C VAL D 172 -18.16 -61.80 -39.32
N VAL D 173 -17.41 -62.05 -38.26
CA VAL D 173 -16.99 -60.98 -37.37
C VAL D 173 -15.48 -60.90 -37.37
N VAL D 174 -14.95 -59.68 -37.47
CA VAL D 174 -13.53 -59.46 -37.25
C VAL D 174 -13.34 -58.85 -35.88
N ASP D 175 -12.43 -59.43 -35.09
CA ASP D 175 -11.99 -58.78 -33.85
C ASP D 175 -10.87 -57.86 -34.27
N ASN D 176 -11.18 -56.57 -34.31
CA ASN D 176 -10.36 -55.55 -34.94
C ASN D 176 -9.63 -54.70 -33.89
N THR D 177 -9.53 -55.24 -32.68
CA THR D 177 -8.93 -54.55 -31.54
C THR D 177 -7.51 -54.07 -31.81
N PHE D 178 -6.65 -55.02 -32.13
CA PHE D 178 -5.26 -54.78 -32.51
C PHE D 178 -5.10 -53.56 -33.40
N ALA D 179 -5.78 -53.58 -34.55
CA ALA D 179 -5.49 -52.59 -35.57
C ALA D 179 -6.25 -51.30 -35.32
N SER D 180 -7.44 -51.43 -34.73
CA SER D 180 -8.40 -50.32 -34.55
C SER D 180 -9.02 -49.91 -35.89
N PRO D 181 -10.13 -49.14 -35.87
CA PRO D 181 -10.73 -48.70 -37.15
C PRO D 181 -9.84 -47.74 -37.96
N VAL D 182 -8.83 -47.15 -37.31
CA VAL D 182 -7.86 -46.28 -37.99
C VAL D 182 -7.03 -47.00 -39.06
N LEU D 183 -6.81 -48.30 -38.87
CA LEU D 183 -5.93 -49.06 -39.75
C LEU D 183 -6.67 -50.12 -40.56
N GLN D 184 -7.81 -50.57 -40.05
CA GLN D 184 -8.51 -51.67 -40.69
C GLN D 184 -10.02 -51.47 -40.61
N GLN D 185 -10.67 -51.64 -41.75
CA GLN D 185 -12.10 -51.39 -41.91
C GLN D 185 -12.80 -52.70 -42.28
N PRO D 186 -13.04 -53.56 -41.29
CA PRO D 186 -13.59 -54.90 -41.55
C PRO D 186 -14.92 -54.87 -42.31
N LEU D 187 -15.78 -53.92 -42.00
CA LEU D 187 -17.06 -53.85 -42.69
C LEU D 187 -16.85 -53.54 -44.17
N ALA D 188 -15.91 -52.65 -44.47
CA ALA D 188 -15.59 -52.34 -45.87
C ALA D 188 -15.00 -53.57 -46.56
N LEU D 189 -14.33 -54.43 -45.79
CA LEU D 189 -13.68 -55.60 -46.35
C LEU D 189 -14.65 -56.78 -46.51
N GLY D 190 -15.94 -56.54 -46.33
CA GLY D 190 -16.91 -57.59 -46.55
C GLY D 190 -17.44 -58.31 -45.31
N ALA D 191 -16.78 -58.16 -44.17
CA ALA D 191 -17.29 -58.74 -42.94
C ALA D 191 -18.61 -58.12 -42.51
N ASP D 192 -19.31 -58.76 -41.57
CA ASP D 192 -20.60 -58.28 -41.08
C ASP D 192 -20.52 -57.53 -39.75
N VAL D 193 -19.56 -57.92 -38.92
CA VAL D 193 -19.42 -57.33 -37.60
C VAL D 193 -17.97 -56.96 -37.32
N SER D 194 -17.77 -55.78 -36.74
CA SER D 194 -16.48 -55.40 -36.20
C SER D 194 -16.54 -55.50 -34.68
N LEU D 195 -15.64 -56.32 -34.12
CA LEU D 195 -15.57 -56.51 -32.67
C LEU D 195 -14.39 -55.76 -32.05
N TYR D 196 -14.63 -55.04 -30.96
CA TYR D 196 -13.54 -54.35 -30.27
C TYR D 196 -13.54 -54.56 -28.77
N SER D 197 -12.35 -54.62 -28.21
CA SER D 197 -12.15 -54.26 -26.82
C SER D 197 -11.75 -52.81 -26.86
N THR D 198 -12.60 -51.90 -26.39
CA THR D 198 -12.26 -50.48 -26.37
C THR D 198 -11.29 -50.16 -25.25
N THR D 199 -11.09 -51.13 -24.36
CA THR D 199 -10.07 -51.03 -23.32
C THR D 199 -8.69 -50.72 -23.85
N1 LLP D 200 -9.93 -59.33 -28.01
C2 LLP D 200 -8.74 -58.75 -28.11
C2' LLP D 200 -7.94 -58.85 -29.45
C3 LLP D 200 -8.20 -58.05 -26.99
O3 LLP D 200 -6.94 -57.45 -27.12
C4 LLP D 200 -8.90 -57.97 -25.81
C4' LLP D 200 -8.29 -57.17 -24.53
C5 LLP D 200 -10.13 -58.59 -25.72
C6 LLP D 200 -10.66 -59.26 -26.82
C5' LLP D 200 -11.01 -58.56 -24.43
OP4 LLP D 200 -11.46 -57.25 -24.18
P LLP D 200 -11.63 -56.83 -22.70
OP1 LLP D 200 -11.97 -55.35 -22.73
OP2 LLP D 200 -12.72 -57.65 -22.12
OP3 LLP D 200 -10.36 -57.11 -21.95
N LLP D 200 -8.42 -51.19 -25.07
CA LLP D 200 -7.07 -51.08 -25.68
CB LLP D 200 -6.88 -52.18 -26.71
CG LLP D 200 -6.29 -53.43 -26.04
CD LLP D 200 -7.38 -54.33 -25.44
CE LLP D 200 -6.77 -55.31 -24.40
NZ LLP D 200 -6.97 -56.71 -24.81
C LLP D 200 -6.83 -49.72 -26.28
O LLP D 200 -6.82 -48.73 -25.56
N SER D 201 -6.64 -49.64 -27.59
CA SER D 201 -6.25 -48.37 -28.20
C SER D 201 -7.40 -47.37 -28.34
N ILE D 202 -8.64 -47.84 -28.43
CA ILE D 202 -9.78 -46.95 -28.65
C ILE D 202 -9.90 -45.91 -27.50
N ALA D 203 -10.12 -46.37 -26.28
CA ALA D 203 -10.04 -45.46 -25.12
C ALA D 203 -8.60 -44.97 -24.97
N GLY D 204 -7.65 -45.90 -25.06
CA GLY D 204 -6.24 -45.56 -25.25
C GLY D 204 -5.41 -45.14 -24.05
N HIS D 205 -6.02 -45.06 -22.89
CA HIS D 205 -5.34 -44.45 -21.75
C HIS D 205 -5.21 -45.39 -20.53
N ALA D 206 -5.54 -46.66 -20.72
CA ALA D 206 -5.40 -47.68 -19.69
C ALA D 206 -6.18 -47.35 -18.41
N ASP D 207 -7.31 -46.66 -18.58
CA ASP D 207 -8.09 -46.22 -17.42
C ASP D 207 -9.60 -46.55 -17.50
N VAL D 208 -9.99 -47.45 -18.41
CA VAL D 208 -11.39 -47.86 -18.54
C VAL D 208 -11.58 -49.16 -19.35
N LEU D 209 -12.35 -50.09 -18.80
CA LEU D 209 -12.67 -51.33 -19.52
C LEU D 209 -13.79 -51.04 -20.50
N GLY D 210 -13.82 -51.73 -21.63
CA GLY D 210 -14.89 -51.52 -22.59
C GLY D 210 -14.85 -52.42 -23.80
N GLY D 211 -16.01 -52.60 -24.41
CA GLY D 211 -16.12 -53.32 -25.66
C GLY D 211 -17.15 -52.71 -26.58
N ALA D 212 -17.10 -53.08 -27.86
CA ALA D 212 -18.07 -52.57 -28.81
C ALA D 212 -18.31 -53.55 -29.97
N LEU D 213 -19.54 -53.53 -30.49
CA LEU D 213 -19.84 -54.18 -31.76
C LEU D 213 -20.28 -53.13 -32.78
N VAL D 214 -19.73 -53.20 -33.99
CA VAL D 214 -20.09 -52.31 -35.08
C VAL D 214 -20.46 -53.17 -36.29
N TYR D 215 -21.59 -52.85 -36.92
CA TYR D 215 -22.22 -53.74 -37.89
C TYR D 215 -23.29 -52.99 -38.68
N ARG D 216 -23.86 -53.64 -39.69
CA ARG D 216 -24.89 -52.97 -40.51
C ARG D 216 -26.29 -53.60 -40.47
N ASP D 217 -26.38 -54.84 -40.00
CA ASP D 217 -27.63 -55.60 -40.08
C ASP D 217 -28.65 -55.21 -38.99
N ALA D 218 -29.84 -54.83 -39.44
CA ALA D 218 -30.89 -54.30 -38.56
C ALA D 218 -31.47 -55.34 -37.60
N ASP D 219 -31.58 -56.58 -38.05
CA ASP D 219 -32.13 -57.62 -37.19
C ASP D 219 -31.07 -58.13 -36.22
N LEU D 220 -29.81 -58.05 -36.63
CA LEU D 220 -28.71 -58.29 -35.71
C LEU D 220 -28.76 -57.23 -34.58
N HIS D 221 -28.98 -55.98 -34.98
CA HIS D 221 -29.11 -54.88 -34.03
C HIS D 221 -30.16 -55.17 -32.94
N ALA D 222 -31.38 -55.56 -33.35
CA ALA D 222 -32.42 -55.88 -32.38
C ALA D 222 -31.99 -56.98 -31.40
N ALA D 223 -31.40 -58.05 -31.93
CA ALA D 223 -30.93 -59.16 -31.12
C ALA D 223 -29.80 -58.74 -30.15
N VAL D 224 -28.83 -57.98 -30.66
CA VAL D 224 -27.75 -57.47 -29.83
C VAL D 224 -28.28 -56.61 -28.69
N ARG D 225 -29.20 -55.70 -29.01
CA ARG D 225 -29.77 -54.82 -27.98
C ARG D 225 -30.65 -55.57 -26.98
N ALA D 226 -31.45 -56.52 -27.46
CA ALA D 226 -32.27 -57.34 -26.56
C ALA D 226 -31.36 -58.10 -25.61
N TYR D 227 -30.27 -58.65 -26.15
CA TYR D 227 -29.33 -59.36 -25.32
C TYR D 227 -28.65 -58.45 -24.28
N ARG D 228 -28.15 -57.30 -24.71
CA ARG D 228 -27.44 -56.42 -23.79
C ARG D 228 -28.35 -55.96 -22.66
N THR D 229 -29.58 -55.62 -23.00
CA THR D 229 -30.55 -55.17 -22.02
C THR D 229 -30.93 -56.29 -21.06
N THR D 230 -30.95 -57.52 -21.55
CA THR D 230 -31.32 -58.66 -20.71
C THR D 230 -30.12 -59.20 -19.89
N ALA D 231 -28.95 -59.30 -20.50
CA ALA D 231 -27.76 -59.76 -19.79
C ALA D 231 -27.19 -58.64 -18.92
N GLY D 232 -27.59 -57.41 -19.22
CA GLY D 232 -27.20 -56.27 -18.40
C GLY D 232 -25.71 -56.08 -18.37
N ASN D 233 -25.05 -56.44 -19.47
CA ASN D 233 -23.60 -56.27 -19.59
C ASN D 233 -23.26 -54.88 -20.13
N VAL D 234 -23.90 -53.88 -19.54
CA VAL D 234 -23.82 -52.49 -19.97
C VAL D 234 -22.77 -51.75 -19.14
N PRO D 235 -21.97 -50.90 -19.80
CA PRO D 235 -20.95 -50.11 -19.11
C PRO D 235 -21.49 -48.97 -18.25
N GLY D 236 -20.61 -48.25 -17.55
CA GLY D 236 -21.05 -47.09 -16.79
C GLY D 236 -21.09 -45.83 -17.65
N ALA D 237 -21.87 -44.84 -17.21
CA ALA D 237 -21.96 -43.57 -17.92
C ALA D 237 -20.63 -42.82 -17.96
N LEU D 238 -19.96 -42.74 -16.83
CA LEU D 238 -18.64 -42.12 -16.78
C LEU D 238 -17.63 -42.96 -17.61
N ASP D 239 -17.72 -44.30 -17.55
CA ASP D 239 -16.87 -45.17 -18.38
C ASP D 239 -17.01 -44.82 -19.85
N CYS D 240 -18.25 -44.60 -20.29
CA CYS D 240 -18.49 -44.24 -21.69
C CYS D 240 -17.84 -42.89 -21.99
N PHE D 241 -17.94 -41.98 -21.04
CA PHE D 241 -17.34 -40.67 -21.17
C PHE D 241 -15.82 -40.76 -21.35
N LEU D 242 -15.18 -41.66 -20.62
CA LEU D 242 -13.72 -41.83 -20.72
C LEU D 242 -13.32 -42.44 -22.07
N VAL D 243 -14.09 -43.40 -22.56
CA VAL D 243 -13.79 -44.00 -23.84
C VAL D 243 -13.93 -42.96 -24.94
N ARG D 244 -15.05 -42.24 -24.92
CA ARG D 244 -15.31 -41.20 -25.90
C ARG D 244 -14.23 -40.12 -25.86
N ARG D 245 -13.79 -39.75 -24.67
CA ARG D 245 -12.78 -38.70 -24.56
C ARG D 245 -11.47 -39.15 -25.18
N GLY D 246 -11.05 -40.37 -24.85
CA GLY D 246 -9.85 -40.95 -25.41
C GLY D 246 -9.94 -41.07 -26.93
N LEU D 247 -11.14 -41.31 -27.43
CA LEU D 247 -11.34 -41.43 -28.88
C LEU D 247 -10.92 -40.23 -29.70
N HIS D 248 -11.07 -39.03 -29.15
CA HIS D 248 -10.64 -37.80 -29.84
C HIS D 248 -9.24 -37.95 -30.45
N THR D 249 -8.33 -38.57 -29.71
CA THR D 249 -6.93 -38.63 -30.16
C THR D 249 -6.53 -39.98 -30.75
N LEU D 250 -7.51 -40.86 -30.98
CA LEU D 250 -7.19 -42.22 -31.41
C LEU D 250 -6.24 -42.28 -32.60
N SER D 251 -6.48 -41.49 -33.63
CA SER D 251 -5.65 -41.65 -34.82
C SER D 251 -4.29 -40.95 -34.72
N LEU D 252 -4.23 -39.84 -33.98
CA LEU D 252 -2.92 -39.24 -33.68
C LEU D 252 -2.05 -40.25 -32.93
N ARG D 253 -2.65 -40.93 -31.95
CA ARG D 253 -1.92 -41.90 -31.15
C ARG D 253 -1.47 -43.09 -32.00
N VAL D 254 -2.39 -43.60 -32.83
CA VAL D 254 -2.06 -44.74 -33.68
C VAL D 254 -0.89 -44.45 -34.64
N HIS D 255 -0.93 -43.33 -35.35
CA HIS D 255 0.18 -43.03 -36.27
C HIS D 255 1.50 -42.90 -35.52
N ARG D 256 1.47 -42.22 -34.37
CA ARG D 256 2.65 -42.15 -33.52
C ARG D 256 3.13 -43.55 -33.15
N GLN D 257 2.20 -44.40 -32.73
CA GLN D 257 2.53 -45.75 -32.30
C GLN D 257 3.14 -46.57 -33.44
N VAL D 258 2.53 -46.50 -34.62
CA VAL D 258 3.05 -47.20 -35.79
C VAL D 258 4.46 -46.73 -36.12
N ALA D 259 4.64 -45.42 -36.22
CA ALA D 259 5.95 -44.86 -36.54
C ALA D 259 7.03 -45.40 -35.58
N THR D 260 6.77 -45.34 -34.30
CA THR D 260 7.75 -45.81 -33.32
C THR D 260 7.97 -47.32 -33.41
N ALA D 261 6.92 -48.07 -33.77
CA ALA D 261 7.07 -49.49 -34.01
C ALA D 261 8.08 -49.76 -35.12
N ARG D 262 7.99 -49.00 -36.22
CA ARG D 262 9.00 -49.09 -37.30
C ARG D 262 10.40 -48.90 -36.75
N VAL D 263 10.56 -47.85 -35.96
CA VAL D 263 11.84 -47.52 -35.35
C VAL D 263 12.37 -48.70 -34.54
N LEU D 264 11.48 -49.31 -33.77
CA LEU D 264 11.86 -50.45 -32.94
C LEU D 264 12.24 -51.69 -33.78
N VAL D 265 11.45 -51.99 -34.80
CA VAL D 265 11.70 -53.15 -35.65
C VAL D 265 13.11 -53.08 -36.26
N GLU D 266 13.46 -51.89 -36.76
CA GLU D 266 14.80 -51.69 -37.29
C GLU D 266 15.85 -51.92 -36.21
N ARG D 267 15.57 -51.46 -34.99
CA ARG D 267 16.47 -51.71 -33.88
C ARG D 267 16.66 -53.22 -33.67
N LEU D 268 15.54 -53.94 -33.63
CA LEU D 268 15.55 -55.39 -33.37
C LEU D 268 16.37 -56.18 -34.41
N ARG D 269 16.20 -55.86 -35.68
CA ARG D 269 16.81 -56.61 -36.77
C ARG D 269 18.34 -56.60 -36.73
N ALA D 270 18.92 -55.58 -36.11
CA ALA D 270 20.37 -55.43 -36.06
C ALA D 270 20.94 -55.90 -34.72
N SER D 271 20.09 -56.40 -33.86
CA SER D 271 20.53 -56.85 -32.56
C SER D 271 20.97 -58.32 -32.59
N PRO D 272 22.23 -58.60 -32.19
CA PRO D 272 22.77 -59.96 -32.21
C PRO D 272 22.01 -60.92 -31.29
N VAL D 273 21.22 -60.42 -30.35
CA VAL D 273 20.49 -61.31 -29.47
C VAL D 273 18.99 -61.40 -29.82
N VAL D 274 18.68 -61.05 -31.06
CA VAL D 274 17.33 -61.14 -31.56
C VAL D 274 17.28 -62.12 -32.71
N GLY D 275 16.31 -63.01 -32.72
CA GLY D 275 16.19 -63.97 -33.81
C GLY D 275 15.09 -63.56 -34.78
N ALA D 276 14.09 -64.41 -34.91
CA ALA D 276 12.87 -64.07 -35.66
C ALA D 276 12.29 -62.76 -35.14
N VAL D 277 11.81 -61.94 -36.08
CA VAL D 277 11.16 -60.69 -35.78
C VAL D 277 9.82 -60.63 -36.52
N HIS D 278 8.72 -60.45 -35.79
CA HIS D 278 7.40 -60.43 -36.41
C HIS D 278 6.80 -59.03 -36.41
N TYR D 279 6.33 -58.62 -37.59
CA TYR D 279 5.73 -57.30 -37.77
C TYR D 279 5.11 -57.25 -39.16
N PRO D 280 3.83 -56.85 -39.24
CA PRO D 280 3.13 -56.81 -40.54
C PRO D 280 3.79 -55.88 -41.57
N GLY D 281 4.64 -54.96 -41.13
CA GLY D 281 5.30 -54.04 -42.05
C GLY D 281 6.47 -54.63 -42.84
N LEU D 282 6.94 -55.81 -42.45
CA LEU D 282 8.14 -56.37 -43.06
C LEU D 282 7.82 -57.17 -44.32
N PRO D 283 8.62 -56.96 -45.38
CA PRO D 283 8.58 -57.72 -46.63
C PRO D 283 8.43 -59.24 -46.43
N GLU D 284 9.22 -59.81 -45.51
CA GLU D 284 9.26 -61.28 -45.31
C GLU D 284 7.92 -61.88 -44.88
N HIS D 285 6.98 -61.03 -44.48
CA HIS D 285 5.70 -61.50 -43.98
C HIS D 285 5.01 -62.39 -45.02
N PRO D 286 4.64 -63.62 -44.60
CA PRO D 286 4.04 -64.63 -45.47
C PRO D 286 2.71 -64.17 -46.03
N GLN D 287 2.17 -63.09 -45.48
CA GLN D 287 0.93 -62.52 -45.96
C GLN D 287 1.04 -61.00 -46.14
N HIS D 288 2.23 -60.50 -46.49
CA HIS D 288 2.40 -59.05 -46.62
C HIS D 288 1.51 -58.48 -47.71
N ALA D 289 1.25 -59.28 -48.73
CA ALA D 289 0.30 -58.85 -49.76
C ALA D 289 -1.05 -58.55 -49.12
N VAL D 290 -1.54 -59.48 -48.29
CA VAL D 290 -2.82 -59.28 -47.63
C VAL D 290 -2.76 -58.07 -46.70
N VAL D 291 -1.69 -57.98 -45.91
CA VAL D 291 -1.50 -56.86 -45.01
C VAL D 291 -1.64 -55.57 -45.79
N LYS D 292 -0.86 -55.45 -46.85
CA LYS D 292 -0.80 -54.24 -47.67
C LYS D 292 -2.12 -53.92 -48.36
N ALA D 293 -2.98 -54.93 -48.52
CA ALA D 293 -4.23 -54.75 -49.25
C ALA D 293 -5.41 -54.48 -48.34
N GLN D 294 -5.29 -54.79 -47.05
CA GLN D 294 -6.40 -54.56 -46.14
C GLN D 294 -6.07 -53.67 -44.93
N MSE D 295 -4.78 -53.41 -44.69
CA MSE D 295 -4.36 -52.53 -43.60
C MSE D 295 -3.71 -51.23 -44.12
O MSE D 295 -2.79 -51.27 -44.93
CB MSE D 295 -3.37 -53.23 -42.64
CG MSE D 295 -3.89 -54.45 -41.85
SE MSE D 295 -2.48 -55.30 -40.73
CE MSE D 295 -2.35 -53.99 -39.32
N SER D 296 -4.18 -50.07 -43.64
CA SER D 296 -3.62 -48.79 -44.09
C SER D 296 -2.22 -48.51 -43.50
N ALA D 297 -1.90 -49.22 -42.43
CA ALA D 297 -0.57 -49.18 -41.83
C ALA D 297 -0.41 -50.49 -41.07
N PRO D 298 0.83 -50.92 -40.79
CA PRO D 298 1.01 -52.28 -40.26
C PRO D 298 0.88 -52.44 -38.75
N GLY D 299 0.49 -51.40 -38.03
CA GLY D 299 0.17 -51.54 -36.62
C GLY D 299 1.33 -51.22 -35.69
N ALA D 300 1.08 -51.38 -34.39
CA ALA D 300 2.05 -50.93 -33.39
C ALA D 300 2.39 -52.04 -32.39
N ILE D 301 2.21 -53.28 -32.82
CA ILE D 301 2.55 -54.41 -31.99
C ILE D 301 3.67 -55.15 -32.70
N VAL D 302 4.70 -55.51 -31.95
CA VAL D 302 5.83 -56.24 -32.51
C VAL D 302 6.19 -57.40 -31.59
N SER D 303 6.51 -58.55 -32.17
CA SER D 303 7.10 -59.63 -31.38
C SER D 303 8.42 -60.10 -32.00
N PHE D 304 9.24 -60.75 -31.18
CA PHE D 304 10.56 -61.23 -31.59
C PHE D 304 11.07 -62.27 -30.61
N ASP D 305 11.94 -63.16 -31.08
CA ASP D 305 12.54 -64.15 -30.19
C ASP D 305 13.87 -63.72 -29.60
N TYR D 306 13.88 -63.58 -28.28
CA TYR D 306 15.06 -63.20 -27.53
C TYR D 306 16.00 -64.41 -27.43
N LEU D 307 17.23 -64.25 -27.92
CA LEU D 307 18.19 -65.35 -27.98
C LEU D 307 19.17 -65.28 -26.83
N GLY D 308 19.07 -64.23 -26.01
CA GLY D 308 20.05 -63.96 -24.99
C GLY D 308 19.90 -64.76 -23.71
N GLY D 309 18.79 -65.48 -23.59
CA GLY D 309 18.53 -66.31 -22.43
C GLY D 309 17.05 -66.34 -22.09
N PRO D 310 16.71 -66.74 -20.85
CA PRO D 310 15.30 -66.78 -20.42
C PRO D 310 14.70 -65.39 -20.50
N ALA D 311 13.41 -65.33 -20.80
CA ALA D 311 12.73 -64.07 -21.02
C ALA D 311 12.82 -63.14 -19.80
N GLU D 312 12.79 -63.72 -18.61
CA GLU D 312 12.88 -62.97 -17.37
C GLU D 312 14.12 -62.08 -17.29
N ARG D 313 15.22 -62.54 -17.87
CA ARG D 313 16.46 -61.77 -17.85
C ARG D 313 16.27 -60.48 -18.65
N LEU D 314 15.61 -60.58 -19.81
CA LEU D 314 15.27 -59.40 -20.60
C LEU D 314 14.23 -58.50 -19.91
N LEU D 315 13.11 -59.09 -19.51
CA LEU D 315 12.03 -58.33 -18.87
C LEU D 315 12.50 -57.47 -17.68
N ASP D 316 13.38 -58.04 -16.85
CA ASP D 316 13.78 -57.38 -15.61
C ASP D 316 14.47 -56.04 -15.84
N ARG D 317 15.09 -55.86 -17.00
CA ARG D 317 15.93 -54.69 -17.25
C ARG D 317 15.21 -53.43 -17.75
N PHE D 318 14.05 -53.58 -18.41
CA PHE D 318 13.37 -52.40 -18.97
C PHE D 318 13.12 -51.34 -17.91
N THR D 319 13.23 -50.07 -18.30
CA THR D 319 12.88 -48.98 -17.39
C THR D 319 11.86 -48.01 -18.01
N LEU D 320 11.67 -48.09 -19.30
CA LEU D 320 10.62 -47.28 -19.91
C LEU D 320 9.41 -48.15 -20.23
N PHE D 321 9.61 -49.18 -21.03
CA PHE D 321 8.59 -50.23 -21.19
C PHE D 321 8.14 -50.74 -19.81
N THR D 322 6.83 -50.84 -19.61
CA THR D 322 6.24 -51.47 -18.44
C THR D 322 6.02 -52.95 -18.76
N CYS D 323 6.41 -53.83 -17.85
CA CYS D 323 6.16 -55.26 -18.01
C CYS D 323 4.77 -55.61 -17.52
N GLY D 324 3.85 -55.83 -18.46
CA GLY D 324 2.47 -56.15 -18.13
C GLY D 324 1.67 -56.66 -19.30
N VAL D 325 0.47 -57.12 -19.00
CA VAL D 325 -0.43 -57.65 -20.03
C VAL D 325 -1.29 -56.49 -20.51
N SER D 326 -1.96 -56.68 -21.65
CA SER D 326 -2.76 -55.67 -22.38
C SER D 326 -1.96 -55.00 -23.53
N LEU D 327 -2.68 -54.22 -24.34
CA LEU D 327 -2.20 -53.66 -25.61
C LEU D 327 -2.76 -52.26 -25.75
N GLY D 328 -2.13 -51.42 -26.57
CA GLY D 328 -2.79 -50.25 -27.14
C GLY D 328 -2.72 -48.91 -26.43
N GLY D 329 -2.24 -48.87 -25.20
CA GLY D 329 -2.28 -47.65 -24.41
C GLY D 329 -1.14 -46.68 -24.68
N VAL D 330 -1.21 -45.49 -24.07
CA VAL D 330 -0.20 -44.46 -24.25
C VAL D 330 1.14 -44.86 -23.65
N HIS D 331 1.11 -45.70 -22.60
CA HIS D 331 2.33 -46.22 -21.99
C HIS D 331 2.76 -47.43 -22.79
N SER D 332 4.05 -47.58 -23.07
CA SER D 332 4.53 -48.74 -23.81
C SER D 332 4.56 -49.95 -22.86
N LEU D 333 4.27 -51.12 -23.42
CA LEU D 333 4.31 -52.34 -22.64
C LEU D 333 5.13 -53.44 -23.28
N VAL D 334 5.84 -54.16 -22.44
CA VAL D 334 6.44 -55.40 -22.85
C VAL D 334 5.68 -56.49 -22.09
N GLU D 335 5.50 -57.62 -22.74
CA GLU D 335 5.05 -58.84 -22.06
C GLU D 335 5.78 -60.01 -22.68
N CYS D 336 5.87 -61.12 -21.97
CA CYS D 336 6.30 -62.33 -22.62
C CYS D 336 5.18 -63.36 -22.53
N PRO D 337 4.57 -63.73 -23.67
CA PRO D 337 3.38 -64.57 -23.75
C PRO D 337 3.17 -65.63 -22.64
N ALA D 338 4.18 -66.42 -22.30
CA ALA D 338 3.90 -67.56 -21.41
C ALA D 338 4.27 -67.45 -19.93
N LEU D 339 4.41 -66.21 -19.43
CA LEU D 339 4.43 -65.93 -17.99
C LEU D 339 3.42 -64.83 -17.83
N MSE D 340 2.44 -64.86 -18.71
CA MSE D 340 1.82 -63.66 -19.13
C MSE D 340 0.64 -64.14 -19.98
O MSE D 340 0.03 -65.15 -19.64
CB MSE D 340 2.87 -62.93 -19.95
CG MSE D 340 3.55 -61.67 -19.34
SE MSE D 340 5.26 -61.19 -18.47
CE MSE D 340 4.55 -59.79 -17.45
N THR D 341 0.35 -63.47 -21.10
CA THR D 341 -0.90 -63.63 -21.86
C THR D 341 -1.18 -65.07 -22.39
N HIS D 342 -0.12 -65.84 -22.59
CA HIS D 342 -0.23 -67.19 -23.15
C HIS D 342 0.49 -68.19 -22.26
N ARG D 343 0.60 -67.78 -21.00
CA ARG D 343 0.73 -68.67 -19.86
C ARG D 343 -0.31 -69.82 -19.89
N PRO D 344 -1.55 -69.56 -20.36
CA PRO D 344 -2.45 -70.73 -20.38
C PRO D 344 -1.96 -71.89 -21.25
N LEU D 345 -1.65 -71.60 -22.51
CA LEU D 345 -1.28 -72.64 -23.47
C LEU D 345 -0.05 -73.40 -22.98
N SER D 346 -0.08 -74.72 -23.10
CA SER D 346 0.94 -75.55 -22.45
C SER D 346 2.10 -75.87 -23.38
N ALA D 347 3.26 -76.16 -22.80
CA ALA D 347 4.46 -76.41 -23.59
C ALA D 347 4.23 -77.55 -24.59
N GLU D 348 3.24 -78.39 -24.28
CA GLU D 348 2.75 -79.34 -25.26
C GLU D 348 2.34 -78.56 -26.50
N ALA D 349 1.37 -77.65 -26.33
CA ALA D 349 0.78 -76.95 -27.46
C ALA D 349 1.69 -75.87 -28.03
N ARG D 350 1.18 -74.65 -27.88
CA ARG D 350 1.89 -73.38 -28.07
C ARG D 350 3.18 -73.31 -28.89
N ALA D 351 4.16 -74.14 -28.57
CA ALA D 351 5.31 -74.30 -29.46
C ALA D 351 4.83 -74.79 -30.84
N ARG D 352 3.72 -75.51 -30.87
CA ARG D 352 3.06 -75.85 -32.12
C ARG D 352 2.05 -74.76 -32.48
N ARG D 353 1.37 -74.22 -31.48
CA ARG D 353 0.32 -73.25 -31.71
C ARG D 353 0.91 -71.87 -32.03
N GLY D 354 2.24 -71.78 -31.88
CA GLY D 354 3.00 -70.64 -32.32
C GLY D 354 4.02 -70.13 -31.32
N ILE D 355 3.73 -70.35 -30.04
CA ILE D 355 4.41 -69.64 -28.96
C ILE D 355 5.63 -70.38 -28.37
N GLY D 356 6.80 -69.79 -28.54
CA GLY D 356 8.03 -70.31 -27.95
C GLY D 356 8.32 -69.59 -26.65
N GLU D 357 9.17 -70.17 -25.82
CA GLU D 357 9.44 -69.58 -24.51
C GLU D 357 10.28 -68.31 -24.60
N SER D 358 10.94 -68.11 -25.74
CA SER D 358 11.82 -66.98 -25.97
C SER D 358 11.13 -65.80 -26.64
N LEU D 359 9.82 -65.93 -26.84
CA LEU D 359 9.07 -64.94 -27.59
C LEU D 359 8.68 -63.75 -26.72
N ILE D 360 8.98 -62.55 -27.23
CA ILE D 360 8.71 -61.31 -26.53
C ILE D 360 7.78 -60.43 -27.37
N ARG D 361 6.77 -59.82 -26.73
CA ARG D 361 5.88 -58.92 -27.45
C ARG D 361 5.89 -57.50 -26.89
N LEU D 362 6.04 -56.55 -27.79
CA LEU D 362 5.99 -55.14 -27.46
C LEU D 362 4.67 -54.51 -27.91
N SER D 363 4.07 -53.72 -27.03
CA SER D 363 2.94 -52.88 -27.38
C SER D 363 3.45 -51.45 -27.31
N VAL D 364 3.63 -50.84 -28.48
CA VAL D 364 4.29 -49.56 -28.56
C VAL D 364 3.36 -48.47 -28.07
N GLY D 365 3.84 -47.62 -27.17
CA GLY D 365 3.06 -46.51 -26.66
C GLY D 365 3.38 -45.23 -27.43
N ILE D 366 3.13 -44.09 -26.80
CA ILE D 366 3.34 -42.83 -27.48
C ILE D 366 4.50 -42.03 -26.91
N GLU D 367 5.46 -42.70 -26.27
CA GLU D 367 6.66 -42.01 -25.78
C GLU D 367 7.51 -41.65 -27.01
N ASP D 368 8.53 -40.81 -26.86
CA ASP D 368 9.38 -40.54 -28.02
C ASP D 368 10.09 -41.81 -28.44
N PRO D 369 10.04 -42.12 -29.75
CA PRO D 369 10.69 -43.28 -30.36
C PRO D 369 12.13 -43.46 -29.90
N GLN D 370 12.86 -42.37 -29.69
CA GLN D 370 14.27 -42.51 -29.37
C GLN D 370 14.50 -42.93 -27.93
N ASP D 371 13.63 -42.49 -27.02
CA ASP D 371 13.67 -43.01 -25.65
C ASP D 371 13.30 -44.49 -25.59
N LEU D 372 12.29 -44.90 -26.35
CA LEU D 372 11.87 -46.30 -26.32
C LEU D 372 12.97 -47.21 -26.94
N ALA D 373 13.50 -46.78 -28.07
CA ALA D 373 14.53 -47.55 -28.75
C ALA D 373 15.79 -47.68 -27.88
N GLU D 374 16.12 -46.63 -27.14
CA GLU D 374 17.24 -46.70 -26.22
C GLU D 374 16.98 -47.70 -25.09
N ASP D 375 15.77 -47.67 -24.52
CA ASP D 375 15.42 -48.61 -23.46
C ASP D 375 15.48 -50.05 -23.98
N LEU D 376 14.93 -50.25 -25.17
CA LEU D 376 14.99 -51.56 -25.81
C LEU D 376 16.44 -52.03 -25.98
N SER D 377 17.29 -51.18 -26.54
CA SER D 377 18.70 -51.57 -26.74
C SER D 377 19.41 -51.88 -25.43
N ARG D 378 19.14 -51.05 -24.42
CA ARG D 378 19.68 -51.24 -23.07
C ARG D 378 19.20 -52.58 -22.52
N ALA D 379 17.95 -52.93 -22.82
CA ALA D 379 17.40 -54.18 -22.31
C ALA D 379 18.12 -55.35 -22.99
N LEU D 380 18.22 -55.29 -24.31
CA LEU D 380 18.87 -56.34 -25.08
C LEU D 380 20.37 -56.43 -24.80
N ALA D 381 20.99 -55.32 -24.42
CA ALA D 381 22.44 -55.32 -24.24
C ALA D 381 22.87 -55.90 -22.90
N GLY D 382 22.09 -55.58 -21.85
CA GLY D 382 22.29 -56.05 -20.49
C GLY D 382 23.62 -56.65 -20.08
N GLY E 6 -20.00 43.66 13.33
CA GLY E 6 -19.21 43.04 12.28
C GLY E 6 -17.73 42.99 12.52
N MSE E 7 -17.09 41.83 12.34
CA MSE E 7 -15.60 41.76 12.44
C MSE E 7 -15.00 41.35 11.07
O MSE E 7 -14.72 40.17 10.82
CB MSE E 7 -15.11 40.90 13.61
CG MSE E 7 -13.72 41.31 14.21
SE MSE E 7 -13.07 40.25 15.78
CE MSE E 7 -12.20 41.73 16.81
N ARG E 8 -14.83 42.35 10.23
CA ARG E 8 -14.71 42.18 8.80
C ARG E 8 -13.30 41.75 8.40
N PHE E 9 -13.17 41.20 7.20
CA PHE E 9 -11.91 40.70 6.67
C PHE E 9 -10.70 41.65 6.86
N GLY E 10 -10.77 42.86 6.30
CA GLY E 10 -9.64 43.79 6.34
C GLY E 10 -9.11 44.04 7.74
N THR E 11 -10.01 44.08 8.70
CA THR E 11 -9.67 44.21 10.11
C THR E 11 -9.02 42.93 10.66
N ARG E 12 -9.48 41.77 10.19
CA ARG E 12 -8.87 40.49 10.55
C ARG E 12 -7.37 40.41 10.24
N LEU E 13 -7.00 40.97 9.09
CA LEU E 13 -5.61 40.98 8.61
C LEU E 13 -4.66 41.67 9.61
N VAL E 14 -5.15 42.72 10.25
CA VAL E 14 -4.34 43.49 11.18
C VAL E 14 -4.42 42.91 12.60
N HIS E 15 -5.58 42.39 12.98
CA HIS E 15 -5.79 42.01 14.38
C HIS E 15 -5.97 40.52 14.71
N GLY E 16 -6.12 39.65 13.71
CA GLY E 16 -6.21 38.22 13.98
C GLY E 16 -4.93 37.71 14.66
N GLY E 17 -5.07 36.95 15.74
CA GLY E 17 -3.92 36.43 16.46
C GLY E 17 -3.16 37.53 17.21
N ARG E 18 -3.82 38.67 17.44
CA ARG E 18 -3.19 39.79 18.13
C ARG E 18 -4.01 40.29 19.32
N ARG E 19 -3.40 40.13 20.49
CA ARG E 19 -3.91 40.43 21.82
C ARG E 19 -2.68 41.05 22.52
N PRO E 20 -2.77 42.33 22.95
CA PRO E 20 -1.66 43.07 23.59
C PRO E 20 -1.08 42.25 24.73
N SER E 21 0.25 42.28 24.94
CA SER E 21 0.92 41.40 25.93
C SER E 21 0.60 41.75 27.43
N ALA E 22 0.39 40.74 28.28
CA ALA E 22 -0.22 40.88 29.64
C ALA E 22 0.04 42.12 30.53
N GLY E 23 1.30 42.38 30.87
CA GLY E 23 1.64 43.52 31.67
C GLY E 23 2.26 44.67 30.91
N THR E 24 3.06 44.30 29.92
CA THR E 24 3.83 45.25 29.11
C THR E 24 2.95 45.94 28.07
N GLY E 25 2.10 45.19 27.38
CA GLY E 25 1.13 45.76 26.46
C GLY E 25 1.56 45.95 25.01
N ASP E 26 2.53 45.16 24.54
CA ASP E 26 2.98 45.25 23.14
C ASP E 26 1.83 45.18 22.17
N VAL E 27 1.71 46.17 21.29
CA VAL E 27 0.70 46.12 20.23
C VAL E 27 1.07 45.06 19.18
N VAL E 28 2.32 45.08 18.72
CA VAL E 28 2.86 43.99 17.92
C VAL E 28 3.43 42.92 18.86
N PRO E 29 2.81 41.73 18.89
CA PRO E 29 3.28 40.68 19.81
C PRO E 29 4.76 40.34 19.58
N PRO E 30 5.49 40.08 20.66
CA PRO E 30 6.92 39.80 20.52
C PRO E 30 7.20 38.49 19.76
N ILE E 31 8.43 38.33 19.26
CA ILE E 31 8.80 37.16 18.48
C ILE E 31 9.36 36.05 19.38
N HIS E 32 8.64 34.94 19.48
CA HIS E 32 9.04 33.86 20.37
C HIS E 32 10.02 32.90 19.73
N VAL E 33 11.31 33.22 19.81
CA VAL E 33 12.33 32.37 19.22
C VAL E 33 12.68 31.16 20.07
N SER E 34 12.36 31.18 21.36
CA SER E 34 12.75 30.09 22.26
C SER E 34 12.23 28.72 21.78
N THR E 35 13.10 27.71 21.82
CA THR E 35 12.75 26.36 21.40
C THR E 35 12.23 25.58 22.57
N THR E 36 12.53 26.05 23.77
CA THR E 36 12.22 25.24 24.94
C THR E 36 11.50 26.04 26.03
N TYR E 37 10.76 25.33 26.87
CA TYR E 37 9.95 26.00 27.89
C TYR E 37 10.18 25.47 29.29
N GLU E 38 10.36 26.41 30.21
CA GLU E 38 10.42 26.12 31.63
C GLU E 38 9.08 25.51 32.06
N ARG E 39 9.13 24.29 32.58
CA ARG E 39 7.90 23.54 32.87
C ARG E 39 7.10 24.03 34.07
N ARG E 40 7.79 24.17 35.21
CA ARG E 40 7.15 24.36 36.51
C ARG E 40 6.21 25.58 36.61
N ALA E 41 6.47 26.63 35.81
CA ALA E 41 5.94 27.99 36.04
C ALA E 41 4.63 28.42 35.36
N GLN E 42 4.54 28.28 34.03
CA GLN E 42 3.24 28.38 33.33
C GLN E 42 2.34 27.52 34.16
N ASP E 43 1.49 28.13 34.98
CA ASP E 43 0.81 27.40 36.04
C ASP E 43 0.16 26.17 35.42
N GLU E 44 -0.54 26.40 34.32
CA GLU E 44 -1.04 25.32 33.48
C GLU E 44 -0.14 25.09 32.26
N PRO E 45 0.85 24.19 32.39
CA PRO E 45 1.82 23.91 31.32
C PRO E 45 1.14 23.53 30.00
N ARG E 46 1.52 24.21 28.92
CA ARG E 46 0.96 23.98 27.59
C ARG E 46 2.11 24.00 26.57
N TYR E 47 3.20 24.67 26.94
CA TYR E 47 4.34 24.84 26.04
C TYR E 47 5.48 23.97 26.51
N PHE E 48 6.05 23.18 25.60
CA PHE E 48 7.12 22.26 25.95
C PHE E 48 8.34 22.43 25.06
N TYR E 49 8.14 22.11 23.78
CA TYR E 49 9.23 22.13 22.82
C TYR E 49 8.78 22.86 21.57
N GLY E 50 9.71 23.59 20.96
CA GLY E 50 9.35 24.43 19.83
C GLY E 50 8.76 23.80 18.59
N ARG E 51 9.03 22.51 18.39
CA ARG E 51 8.44 21.78 17.25
C ARG E 51 6.94 21.52 17.45
N GLY E 52 6.56 21.23 18.68
CA GLY E 52 5.16 21.01 19.00
C GLY E 52 4.42 22.30 19.32
N GLU E 53 5.10 23.27 19.91
CA GLU E 53 4.44 24.49 20.42
C GLU E 53 5.22 25.78 20.12
N ASN E 54 4.53 26.82 19.64
CA ASN E 54 5.12 28.16 19.58
C ASN E 54 4.06 29.24 19.47
N PRO E 55 4.04 30.18 20.42
CA PRO E 55 3.02 31.24 20.37
C PRO E 55 3.05 32.10 19.09
N THR E 56 4.22 32.41 18.54
CA THR E 56 4.28 33.25 17.34
C THR E 56 3.63 32.52 16.19
N ARG E 57 4.03 31.26 16.01
CA ARG E 57 3.44 30.39 15.03
C ARG E 57 1.91 30.29 15.23
N GLU E 58 1.49 30.16 16.49
CA GLU E 58 0.06 30.12 16.83
C GLU E 58 -0.69 31.36 16.39
N GLU E 59 -0.09 32.53 16.63
CA GLU E 59 -0.74 33.79 16.27
C GLU E 59 -0.98 33.84 14.76
N LEU E 60 0.00 33.44 13.97
CA LEU E 60 -0.14 33.46 12.52
C LEU E 60 -1.26 32.53 12.09
N GLU E 61 -1.32 31.36 12.71
CA GLU E 61 -2.36 30.38 12.43
C GLU E 61 -3.76 30.92 12.76
N GLU E 62 -3.90 31.54 13.93
CA GLU E 62 -5.16 32.15 14.33
C GLU E 62 -5.59 33.18 13.29
N CYS E 63 -4.63 33.98 12.83
CA CYS E 63 -4.94 35.00 11.83
C CYS E 63 -5.46 34.36 10.54
N LEU E 64 -4.80 33.30 10.08
CA LEU E 64 -5.21 32.64 8.82
C LEU E 64 -6.57 31.97 8.91
N ALA E 65 -6.83 31.29 10.02
CA ALA E 65 -8.14 30.68 10.24
C ALA E 65 -9.24 31.74 10.18
N GLY E 66 -9.00 32.84 10.87
CA GLY E 66 -9.95 33.95 10.95
C GLY E 66 -10.34 34.54 9.60
N LEU E 67 -9.39 34.54 8.68
CA LEU E 67 -9.67 35.01 7.33
C LEU E 67 -10.70 34.16 6.60
N GLU E 68 -10.86 32.91 7.04
CA GLU E 68 -11.85 32.02 6.44
C GLU E 68 -13.04 31.76 7.36
N ARG E 69 -13.07 32.43 8.52
CA ARG E 69 -14.06 32.14 9.56
C ARG E 69 -14.07 30.64 9.96
N ALA E 70 -12.90 30.03 10.01
CA ALA E 70 -12.77 28.60 10.31
C ALA E 70 -12.08 28.42 11.66
N PRO E 71 -12.30 27.27 12.32
CA PRO E 71 -11.77 27.11 13.67
C PRO E 71 -10.31 26.71 13.72
N PHE E 72 -9.70 26.34 12.58
CA PHE E 72 -8.35 25.79 12.59
C PHE E 72 -7.48 26.24 11.42
N ALA E 73 -6.20 26.45 11.71
CA ALA E 73 -5.18 26.53 10.67
C ALA E 73 -3.87 25.96 11.20
N THR E 74 -3.05 25.48 10.28
CA THR E 74 -1.72 24.98 10.59
C THR E 74 -0.78 25.54 9.54
N VAL E 75 0.35 26.10 9.97
CA VAL E 75 1.34 26.61 9.01
C VAL E 75 2.55 25.68 8.87
N PHE E 76 3.25 25.83 7.74
CA PHE E 76 4.30 24.89 7.34
C PHE E 76 5.54 25.59 6.77
N SER E 77 6.62 24.82 6.61
CA SER E 77 7.90 25.30 6.09
C SER E 77 7.79 25.83 4.65
N SER E 78 6.73 25.43 3.96
CA SER E 78 6.49 25.87 2.59
C SER E 78 5.13 25.36 2.16
N GLY E 79 4.67 25.85 1.01
CA GLY E 79 3.47 25.32 0.39
C GLY E 79 3.55 23.81 0.12
N GLN E 80 4.68 23.35 -0.40
CA GLN E 80 4.89 21.92 -0.62
C GLN E 80 4.65 21.09 0.64
N ALA E 81 5.19 21.55 1.77
CA ALA E 81 5.06 20.84 3.04
C ALA E 81 3.60 20.76 3.51
N ALA E 82 2.85 21.85 3.33
CA ALA E 82 1.42 21.84 3.60
C ALA E 82 0.75 20.81 2.70
N ALA E 83 1.10 20.85 1.43
CA ALA E 83 0.54 19.91 0.47
C ALA E 83 0.92 18.47 0.82
N ALA E 84 2.20 18.27 1.19
CA ALA E 84 2.66 16.93 1.50
C ALA E 84 1.95 16.37 2.73
N THR E 85 1.63 17.26 3.67
CA THR E 85 0.97 16.85 4.91
C THR E 85 -0.44 16.31 4.65
N LEU E 86 -1.21 17.02 3.83
CA LEU E 86 -2.56 16.60 3.50
C LEU E 86 -2.56 15.27 2.74
N LEU E 87 -1.65 15.14 1.79
CA LEU E 87 -1.49 13.92 1.00
C LEU E 87 -1.09 12.70 1.82
N SER E 88 -0.45 12.94 2.96
CA SER E 88 0.06 11.85 3.79
C SER E 88 -1.07 11.09 4.46
N LEU E 89 -2.24 11.72 4.52
CA LEU E 89 -3.41 11.11 5.16
C LEU E 89 -4.11 10.11 4.24
N VAL E 90 -3.74 10.08 2.97
CA VAL E 90 -4.33 9.13 2.04
C VAL E 90 -3.58 7.78 2.12
N ARG E 91 -4.33 6.68 2.10
CA ARG E 91 -3.75 5.33 2.20
C ARG E 91 -3.40 4.73 0.84
N PRO E 92 -2.48 3.74 0.81
CA PRO E 92 -2.14 3.12 -0.46
C PRO E 92 -3.40 2.53 -1.08
N GLY E 93 -3.50 2.57 -2.40
CA GLY E 93 -4.64 1.99 -3.07
C GLY E 93 -5.92 2.79 -2.86
N GLN E 94 -5.77 4.07 -2.54
CA GLN E 94 -6.89 4.97 -2.62
C GLN E 94 -6.69 5.85 -3.84
N CYS E 95 -7.63 6.75 -4.08
CA CYS E 95 -7.55 7.60 -5.25
C CYS E 95 -7.67 9.05 -4.81
N VAL E 96 -6.67 9.83 -5.22
CA VAL E 96 -6.76 11.26 -5.16
C VAL E 96 -7.05 11.61 -6.61
N VAL E 97 -8.25 12.12 -6.86
CA VAL E 97 -8.54 12.66 -8.17
C VAL E 97 -7.98 14.07 -8.24
N SER E 98 -7.20 14.32 -9.27
CA SER E 98 -6.66 15.65 -9.47
C SER E 98 -6.71 16.01 -10.94
N THR E 99 -5.94 17.03 -11.29
CA THR E 99 -6.08 17.69 -12.57
C THR E 99 -4.71 18.07 -13.12
N ASP E 100 -4.21 17.27 -14.07
CA ASP E 100 -2.84 17.35 -14.62
C ASP E 100 -2.16 18.71 -14.59
N ASP E 101 -2.94 19.77 -14.80
CA ASP E 101 -2.41 21.11 -14.71
C ASP E 101 -2.06 21.53 -13.29
N VAL E 102 -2.34 20.67 -12.30
CA VAL E 102 -1.91 20.97 -10.94
C VAL E 102 -0.39 21.15 -10.94
N TYR E 103 0.06 22.15 -10.18
CA TYR E 103 1.43 22.62 -10.25
C TYR E 103 2.48 21.48 -10.21
N ALA E 104 3.58 21.71 -10.92
CA ALA E 104 4.69 20.78 -11.01
C ALA E 104 4.91 20.00 -9.71
N GLY E 105 5.09 20.73 -8.61
CA GLY E 105 5.39 20.15 -7.32
C GLY E 105 4.27 19.38 -6.65
N THR E 106 3.04 19.77 -6.94
CA THR E 106 1.90 19.02 -6.48
C THR E 106 1.93 17.68 -7.19
N ASP E 107 2.12 17.70 -8.50
CA ASP E 107 2.28 16.47 -9.27
C ASP E 107 3.49 15.68 -8.77
N GLY E 108 4.45 16.39 -8.18
CA GLY E 108 5.64 15.77 -7.58
C GLY E 108 5.27 14.93 -6.37
N LEU E 109 4.43 15.48 -5.53
CA LEU E 109 3.97 14.80 -4.33
C LEU E 109 3.07 13.61 -4.64
N PHE E 110 2.21 13.74 -5.65
CA PHE E 110 1.35 12.65 -6.06
C PHE E 110 2.22 11.47 -6.49
N ASP E 111 3.38 11.77 -7.06
CA ASP E 111 4.31 10.71 -7.48
C ASP E 111 4.83 9.87 -6.32
N LEU E 112 5.36 10.53 -5.29
CA LEU E 112 5.91 9.80 -4.16
C LEU E 112 4.83 8.98 -3.47
N ALA E 113 3.66 9.58 -3.31
CA ALA E 113 2.50 8.87 -2.79
C ALA E 113 2.15 7.65 -3.64
N ALA E 114 2.25 7.77 -4.96
CA ALA E 114 1.95 6.64 -5.84
C ALA E 114 2.95 5.50 -5.59
N ARG E 115 4.20 5.88 -5.33
CA ARG E 115 5.24 4.88 -5.11
C ARG E 115 5.02 4.20 -3.75
N GLN E 116 4.14 4.76 -2.93
CA GLN E 116 3.59 4.03 -1.79
C GLN E 116 2.25 3.37 -2.07
N GLY E 117 1.71 3.57 -3.27
CA GLY E 117 0.46 2.95 -3.64
C GLY E 117 -0.77 3.85 -3.72
N VAL E 118 -0.57 5.15 -3.92
CA VAL E 118 -1.70 6.07 -4.16
C VAL E 118 -2.04 6.12 -5.65
N ARG E 119 -3.34 6.10 -5.94
CA ARG E 119 -3.83 6.01 -7.30
C ARG E 119 -4.38 7.35 -7.79
N VAL E 120 -3.52 8.16 -8.37
CA VAL E 120 -3.87 9.53 -8.71
C VAL E 120 -4.38 9.68 -10.15
N ARG E 121 -5.47 10.42 -10.32
CA ARG E 121 -6.04 10.64 -11.65
C ARG E 121 -5.80 12.05 -12.19
N TYR E 122 -5.84 12.18 -13.51
CA TYR E 122 -5.73 13.48 -14.14
C TYR E 122 -6.97 13.72 -14.97
N ALA E 123 -7.80 14.65 -14.52
CA ALA E 123 -9.11 14.81 -15.14
C ALA E 123 -9.48 16.26 -15.41
N ASP E 124 -10.56 16.42 -16.16
CA ASP E 124 -11.09 17.70 -16.55
C ASP E 124 -12.25 18.03 -15.63
N LEU E 125 -12.07 18.95 -14.71
CA LEU E 125 -13.16 19.26 -13.78
C LEU E 125 -13.93 20.51 -14.18
N THR E 126 -14.03 20.77 -15.48
CA THR E 126 -14.69 21.98 -15.97
C THR E 126 -16.04 21.72 -16.68
N THR E 127 -16.44 20.46 -16.84
CA THR E 127 -17.68 20.13 -17.57
C THR E 127 -18.45 18.99 -16.88
N PRO E 128 -19.73 18.82 -17.22
CA PRO E 128 -20.52 17.72 -16.64
C PRO E 128 -19.91 16.35 -16.94
N GLU E 129 -19.53 16.14 -18.19
CA GLU E 129 -18.84 14.91 -18.58
C GLU E 129 -17.45 14.85 -17.94
N GLY E 130 -16.95 15.98 -17.47
CA GLY E 130 -15.65 16.02 -16.85
C GLY E 130 -15.58 15.56 -15.40
N ILE E 131 -16.48 16.06 -14.57
CA ILE E 131 -16.42 15.83 -13.13
C ILE E 131 -16.80 14.41 -12.72
N ALA E 132 -17.71 13.77 -13.47
CA ALA E 132 -18.23 12.46 -13.12
C ALA E 132 -17.18 11.35 -13.14
N ALA E 133 -16.58 11.13 -14.32
CA ALA E 133 -15.58 10.08 -14.50
C ALA E 133 -14.48 10.11 -13.44
N ALA E 134 -14.13 11.32 -12.99
CA ALA E 134 -13.15 11.48 -11.93
C ALA E 134 -13.72 10.98 -10.62
N LEU E 135 -14.85 11.54 -10.22
CA LEU E 135 -15.48 11.17 -8.96
C LEU E 135 -16.18 9.81 -9.05
N ALA E 136 -15.87 9.06 -10.10
CA ALA E 136 -16.42 7.73 -10.28
C ALA E 136 -15.43 6.66 -9.85
N GLU E 137 -14.17 7.06 -9.68
CA GLU E 137 -13.11 6.15 -9.26
C GLU E 137 -13.41 5.54 -7.88
N PRO E 138 -13.00 4.29 -7.66
CA PRO E 138 -13.38 3.62 -6.42
C PRO E 138 -12.48 3.98 -5.22
N ASP E 139 -13.02 3.81 -4.01
CA ASP E 139 -12.29 4.06 -2.77
C ASP E 139 -11.72 5.49 -2.68
N LEU E 140 -12.35 6.41 -3.41
CA LEU E 140 -11.91 7.79 -3.48
C LEU E 140 -11.92 8.45 -2.11
N ALA E 141 -10.80 9.06 -1.73
CA ALA E 141 -10.70 9.68 -0.41
C ALA E 141 -10.36 11.18 -0.45
N LEU E 142 -9.86 11.66 -1.57
CA LEU E 142 -9.42 13.06 -1.67
C LEU E 142 -9.62 13.61 -3.07
N VAL E 143 -10.13 14.84 -3.15
CA VAL E 143 -10.31 15.51 -4.44
C VAL E 143 -9.57 16.84 -4.41
N TRP E 144 -8.60 16.99 -5.31
CA TRP E 144 -7.63 18.08 -5.27
C TRP E 144 -7.93 19.09 -6.37
N ILE E 145 -8.32 20.30 -5.97
CA ILE E 145 -8.67 21.34 -6.91
C ILE E 145 -7.68 22.48 -6.77
N GLU E 146 -7.08 22.89 -7.87
CA GLU E 146 -6.23 24.06 -7.88
C GLU E 146 -6.91 25.02 -8.84
N THR E 147 -7.46 26.11 -8.31
CA THR E 147 -8.26 27.00 -9.14
C THR E 147 -8.13 28.48 -8.75
N PRO E 148 -7.89 29.35 -9.76
CA PRO E 148 -7.59 29.01 -11.15
C PRO E 148 -6.25 28.27 -11.26
N THR E 149 -6.15 27.34 -12.20
CA THR E 149 -4.88 26.67 -12.42
C THR E 149 -3.96 27.64 -13.16
N ASN E 150 -2.66 27.38 -13.08
CA ASN E 150 -1.65 28.23 -13.70
C ASN E 150 -0.99 27.36 -14.76
N PRO E 151 -0.72 27.91 -15.96
CA PRO E 151 -0.79 29.31 -16.36
C PRO E 151 -1.84 29.56 -17.45
N LEU E 152 -2.81 28.68 -17.59
CA LEU E 152 -3.87 28.93 -18.56
C LEU E 152 -5.10 29.57 -17.87
N LEU E 153 -5.04 29.63 -16.54
CA LEU E 153 -6.07 30.28 -15.73
C LEU E 153 -7.47 29.75 -16.04
N THR E 154 -7.56 28.44 -16.25
CA THR E 154 -8.85 27.80 -16.35
C THR E 154 -9.41 27.71 -14.94
N VAL E 155 -10.69 27.35 -14.84
CA VAL E 155 -11.40 27.48 -13.57
C VAL E 155 -12.34 26.30 -13.34
N VAL E 156 -12.31 25.76 -12.12
CA VAL E 156 -13.21 24.69 -11.70
C VAL E 156 -14.20 25.22 -10.65
N ASP E 157 -15.45 24.83 -10.80
CA ASP E 157 -16.54 25.25 -9.92
C ASP E 157 -16.42 24.51 -8.60
N VAL E 158 -16.00 25.23 -7.56
CA VAL E 158 -15.70 24.60 -6.28
C VAL E 158 -16.95 24.00 -5.62
N ALA E 159 -18.05 24.73 -5.66
CA ALA E 159 -19.27 24.30 -5.00
C ALA E 159 -19.79 23.00 -5.58
N GLU E 160 -19.79 22.92 -6.91
CA GLU E 160 -20.35 21.76 -7.62
C GLU E 160 -19.50 20.50 -7.40
N VAL E 161 -18.20 20.62 -7.58
CA VAL E 161 -17.30 19.48 -7.35
C VAL E 161 -17.38 19.03 -5.88
N SER E 162 -17.47 19.99 -4.97
CA SER E 162 -17.59 19.64 -3.55
C SER E 162 -18.91 18.93 -3.28
N ARG E 163 -19.98 19.35 -3.96
CA ARG E 163 -21.24 18.62 -3.91
C ARG E 163 -21.07 17.18 -4.38
N ARG E 164 -20.57 16.98 -5.59
CA ARG E 164 -20.45 15.63 -6.15
C ARG E 164 -19.40 14.79 -5.40
N ALA E 165 -18.33 15.44 -4.92
CA ALA E 165 -17.31 14.72 -4.18
C ALA E 165 -17.83 14.28 -2.82
N HIS E 166 -18.62 15.12 -2.16
CA HIS E 166 -19.13 14.76 -0.85
C HIS E 166 -20.14 13.61 -0.88
N GLU E 167 -20.93 13.55 -1.96
CA GLU E 167 -21.85 12.42 -2.18
C GLU E 167 -21.12 11.09 -2.19
N ARG E 168 -19.88 11.10 -2.69
CA ARG E 168 -19.02 9.92 -2.69
C ARG E 168 -18.54 9.60 -1.28
N GLY E 169 -18.11 10.64 -0.56
CA GLY E 169 -17.53 10.48 0.77
C GLY E 169 -16.13 11.07 0.85
N ALA E 170 -15.75 11.83 -0.18
CA ALA E 170 -14.37 12.27 -0.34
C ALA E 170 -14.09 13.66 0.24
N ARG E 171 -12.89 13.84 0.76
CA ARG E 171 -12.41 15.14 1.23
C ARG E 171 -12.07 16.02 0.03
N VAL E 172 -12.32 17.32 0.15
CA VAL E 172 -12.05 18.27 -0.93
C VAL E 172 -11.12 19.39 -0.45
N VAL E 173 -10.02 19.58 -1.17
CA VAL E 173 -9.06 20.64 -0.91
C VAL E 173 -8.95 21.58 -2.12
N VAL E 174 -8.89 22.87 -1.85
CA VAL E 174 -8.61 23.84 -2.90
C VAL E 174 -7.27 24.50 -2.65
N ASP E 175 -6.37 24.41 -3.63
CA ASP E 175 -5.13 25.18 -3.61
C ASP E 175 -5.51 26.60 -4.03
N ASN E 176 -5.57 27.49 -3.04
CA ASN E 176 -6.13 28.82 -3.20
C ASN E 176 -5.01 29.88 -3.18
N THR E 177 -3.79 29.42 -3.38
CA THR E 177 -2.61 30.30 -3.37
C THR E 177 -2.78 31.46 -4.37
N PHE E 178 -3.25 31.11 -5.56
CA PHE E 178 -3.38 32.07 -6.65
C PHE E 178 -4.23 33.27 -6.30
N ALA E 179 -5.43 33.03 -5.78
CA ALA E 179 -6.37 34.13 -5.58
C ALA E 179 -6.21 34.79 -4.22
N SER E 180 -5.62 34.04 -3.28
CA SER E 180 -5.60 34.39 -1.86
C SER E 180 -7.00 34.33 -1.25
N PRO E 181 -7.08 34.38 0.08
CA PRO E 181 -8.41 34.35 0.70
C PRO E 181 -9.24 35.61 0.47
N VAL E 182 -8.62 36.71 0.03
CA VAL E 182 -9.36 37.93 -0.29
C VAL E 182 -10.27 37.78 -1.51
N LEU E 183 -9.87 36.93 -2.45
CA LEU E 183 -10.62 36.82 -3.71
C LEU E 183 -11.53 35.59 -3.77
N GLN E 184 -11.27 34.61 -2.91
CA GLN E 184 -11.93 33.33 -3.03
C GLN E 184 -11.92 32.57 -1.70
N GLN E 185 -13.06 32.02 -1.32
CA GLN E 185 -13.22 31.40 0.00
C GLN E 185 -13.65 29.94 -0.16
N PRO E 186 -12.68 29.04 -0.35
CA PRO E 186 -12.99 27.63 -0.65
C PRO E 186 -13.88 26.97 0.39
N LEU E 187 -13.69 27.31 1.66
CA LEU E 187 -14.53 26.73 2.71
C LEU E 187 -15.98 27.19 2.60
N ALA E 188 -16.18 28.46 2.27
CA ALA E 188 -17.53 29.00 2.07
C ALA E 188 -18.16 28.35 0.85
N LEU E 189 -17.32 27.99 -0.10
CA LEU E 189 -17.77 27.41 -1.36
C LEU E 189 -18.14 25.94 -1.20
N GLY E 190 -17.74 25.31 -0.08
CA GLY E 190 -18.07 23.93 0.18
C GLY E 190 -16.92 22.94 0.31
N ALA E 191 -15.69 23.40 0.10
CA ALA E 191 -14.53 22.52 0.26
C ALA E 191 -14.27 22.25 1.73
N ASP E 192 -13.44 21.25 2.03
CA ASP E 192 -13.07 20.93 3.40
C ASP E 192 -11.76 21.61 3.81
N VAL E 193 -10.93 21.96 2.84
CA VAL E 193 -9.59 22.45 3.13
C VAL E 193 -9.15 23.51 2.13
N SER E 194 -8.57 24.60 2.63
CA SER E 194 -7.85 25.55 1.79
C SER E 194 -6.35 25.33 1.98
N LEU E 195 -5.63 25.25 0.88
CA LEU E 195 -4.19 25.08 0.90
C LEU E 195 -3.53 26.32 0.31
N TYR E 196 -2.44 26.77 0.94
CA TYR E 196 -1.68 27.92 0.46
C TYR E 196 -0.19 27.68 0.53
N SER E 197 0.49 28.05 -0.54
CA SER E 197 1.85 28.55 -0.39
C SER E 197 1.67 29.99 0.08
N THR E 198 2.09 30.28 1.31
CA THR E 198 2.12 31.66 1.80
C THR E 198 3.38 32.39 1.33
N THR E 199 4.29 31.66 0.67
CA THR E 199 5.45 32.26 0.00
C THR E 199 5.02 33.31 -1.01
N1 LLP E 200 0.85 25.59 -5.14
C2 LLP E 200 0.76 26.79 -5.72
C2' LLP E 200 -0.56 27.24 -6.41
C3 LLP E 200 1.88 27.66 -5.69
O3 LLP E 200 1.78 28.92 -6.30
C4 LLP E 200 3.08 27.29 -5.09
C4' LLP E 200 4.37 28.29 -5.05
C5 LLP E 200 3.16 26.05 -4.50
C6 LLP E 200 2.05 25.20 -4.51
C5' LLP E 200 4.48 25.55 -3.80
OP4 LLP E 200 4.70 26.23 -2.58
P LLP E 200 6.14 26.41 -2.02
OP1 LLP E 200 6.04 27.65 -1.11
OP2 LLP E 200 6.56 25.20 -1.28
OP3 LLP E 200 7.14 26.64 -3.12
N LLP E 200 3.83 33.11 -1.58
CA LLP E 200 3.31 33.95 -2.68
CB LLP E 200 2.36 33.10 -3.51
CG LLP E 200 2.97 31.99 -4.39
CD LLP E 200 4.51 31.84 -4.36
CE LLP E 200 5.13 30.60 -5.11
NZ LLP E 200 4.17 29.59 -5.64
C LLP E 200 2.68 35.21 -2.11
O LLP E 200 3.34 35.94 -1.36
N SER E 201 1.42 35.50 -2.43
CA SER E 201 0.85 36.79 -2.07
C SER E 201 0.56 36.99 -0.57
N ILE E 202 0.36 35.91 0.18
CA ILE E 202 0.03 36.06 1.60
C ILE E 202 1.16 36.79 2.35
N ALA E 203 2.40 36.30 2.23
CA ALA E 203 3.54 37.02 2.77
C ALA E 203 3.88 38.22 1.88
N GLY E 204 3.80 38.03 0.56
CA GLY E 204 3.73 39.15 -0.38
C GLY E 204 5.01 39.87 -0.73
N HIS E 205 6.08 39.67 0.03
CA HIS E 205 7.30 40.47 -0.15
C HIS E 205 8.53 39.67 -0.63
N ALA E 206 8.27 38.46 -1.12
CA ALA E 206 9.28 37.61 -1.74
C ALA E 206 10.54 37.43 -0.88
N ASP E 207 10.37 37.30 0.43
CA ASP E 207 11.50 37.15 1.32
C ASP E 207 11.28 36.11 2.42
N VAL E 208 10.33 35.21 2.21
CA VAL E 208 10.09 34.10 3.15
C VAL E 208 9.31 32.96 2.49
N LEU E 209 9.68 31.71 2.80
CA LEU E 209 8.90 30.56 2.36
C LEU E 209 7.92 30.12 3.46
N GLY E 210 6.72 29.71 3.06
CA GLY E 210 5.74 29.25 4.02
C GLY E 210 4.58 28.54 3.36
N GLY E 211 3.84 27.76 4.16
CA GLY E 211 2.63 27.12 3.71
C GLY E 211 1.55 27.19 4.79
N ALA E 212 0.32 26.83 4.41
CA ALA E 212 -0.79 26.81 5.35
C ALA E 212 -1.90 25.88 4.87
N LEU E 213 -2.57 25.25 5.83
CA LEU E 213 -3.84 24.59 5.62
C LEU E 213 -4.84 25.23 6.58
N VAL E 214 -6.01 25.60 6.06
CA VAL E 214 -7.11 26.11 6.88
C VAL E 214 -8.31 25.20 6.66
N TYR E 215 -9.02 24.85 7.73
CA TYR E 215 -10.03 23.78 7.68
C TYR E 215 -10.91 23.84 8.93
N ARG E 216 -11.92 22.98 8.97
CA ARG E 216 -12.90 22.99 10.04
C ARG E 216 -13.00 21.68 10.84
N ASP E 217 -12.40 20.60 10.35
CA ASP E 217 -12.58 19.29 10.98
C ASP E 217 -11.52 19.00 12.04
N ALA E 218 -11.95 18.79 13.28
CA ALA E 218 -11.02 18.64 14.40
C ALA E 218 -10.25 17.33 14.34
N ASP E 219 -10.86 16.29 13.79
CA ASP E 219 -10.14 15.04 13.58
C ASP E 219 -9.05 15.25 12.53
N LEU E 220 -9.35 16.01 11.50
CA LEU E 220 -8.33 16.41 10.53
C LEU E 220 -7.22 17.21 11.21
N HIS E 221 -7.63 18.10 12.13
CA HIS E 221 -6.70 18.97 12.84
C HIS E 221 -5.65 18.15 13.58
N ALA E 222 -6.10 17.24 14.43
CA ALA E 222 -5.20 16.38 15.19
C ALA E 222 -4.29 15.55 14.28
N ALA E 223 -4.80 15.08 13.14
CA ALA E 223 -3.97 14.28 12.25
C ALA E 223 -2.94 15.16 11.54
N VAL E 224 -3.32 16.40 11.26
CA VAL E 224 -2.42 17.32 10.61
C VAL E 224 -1.29 17.74 11.56
N ARG E 225 -1.65 18.03 12.81
CA ARG E 225 -0.64 18.42 13.79
C ARG E 225 0.29 17.24 14.12
N ALA E 226 -0.27 16.04 14.26
CA ALA E 226 0.55 14.86 14.52
C ALA E 226 1.60 14.66 13.44
N TYR E 227 1.21 14.79 12.17
CA TYR E 227 2.15 14.67 11.07
C TYR E 227 3.21 15.78 11.08
N ARG E 228 2.79 17.03 11.26
CA ARG E 228 3.75 18.14 11.28
C ARG E 228 4.78 17.95 12.38
N THR E 229 4.31 17.54 13.55
CA THR E 229 5.20 17.28 14.67
C THR E 229 6.19 16.16 14.33
N THR E 230 5.70 15.12 13.66
CA THR E 230 6.55 13.97 13.37
C THR E 230 7.42 14.16 12.12
N ALA E 231 6.87 14.78 11.08
CA ALA E 231 7.65 15.06 9.89
C ALA E 231 8.57 16.28 10.09
N GLY E 232 8.21 17.12 11.06
CA GLY E 232 9.04 18.25 11.44
C GLY E 232 9.13 19.32 10.36
N ASN E 233 8.10 19.39 9.50
CA ASN E 233 8.07 20.40 8.45
C ASN E 233 7.49 21.72 8.97
N VAL E 234 8.05 22.19 10.09
CA VAL E 234 7.56 23.36 10.80
C VAL E 234 8.32 24.60 10.34
N PRO E 235 7.62 25.73 10.16
CA PRO E 235 8.34 26.96 9.82
C PRO E 235 8.94 27.55 11.09
N GLY E 236 9.97 28.39 10.96
CA GLY E 236 10.56 29.02 12.13
C GLY E 236 9.78 30.23 12.65
N ALA E 237 10.16 30.69 13.85
CA ALA E 237 9.52 31.85 14.45
C ALA E 237 9.66 33.14 13.62
N LEU E 238 10.87 33.41 13.15
CA LEU E 238 11.15 34.63 12.43
C LEU E 238 10.44 34.63 11.05
N ASP E 239 10.42 33.48 10.38
CA ASP E 239 9.70 33.35 9.12
C ASP E 239 8.20 33.62 9.34
N CYS E 240 7.64 33.04 10.40
CA CYS E 240 6.25 33.33 10.76
C CYS E 240 5.99 34.83 10.99
N PHE E 241 6.95 35.51 11.60
CA PHE E 241 6.80 36.94 11.85
C PHE E 241 6.70 37.68 10.53
N LEU E 242 7.59 37.34 9.59
CA LEU E 242 7.58 37.95 8.26
C LEU E 242 6.29 37.67 7.49
N VAL E 243 5.78 36.44 7.55
CA VAL E 243 4.51 36.13 6.88
C VAL E 243 3.38 36.97 7.51
N ARG E 244 3.28 36.92 8.83
CA ARG E 244 2.30 37.71 9.58
C ARG E 244 2.39 39.21 9.30
N ARG E 245 3.60 39.73 9.19
CA ARG E 245 3.78 41.16 8.92
C ARG E 245 3.27 41.51 7.52
N GLY E 246 3.61 40.66 6.54
CA GLY E 246 3.16 40.87 5.18
C GLY E 246 1.64 40.76 5.12
N LEU E 247 1.09 39.94 6.01
CA LEU E 247 -0.35 39.73 6.04
C LEU E 247 -1.16 41.00 6.23
N HIS E 248 -0.67 41.92 7.04
CA HIS E 248 -1.37 43.20 7.28
C HIS E 248 -1.89 43.86 6.00
N THR E 249 -1.08 43.88 4.95
CA THR E 249 -1.39 44.65 3.75
C THR E 249 -1.95 43.79 2.60
N LEU E 250 -2.38 42.57 2.91
CA LEU E 250 -2.77 41.63 1.85
C LEU E 250 -3.93 42.11 0.97
N SER E 251 -4.99 42.62 1.61
CA SER E 251 -6.12 43.16 0.85
C SER E 251 -5.72 44.36 0.01
N LEU E 252 -4.87 45.22 0.58
CA LEU E 252 -4.43 46.42 -0.14
C LEU E 252 -3.63 46.03 -1.37
N ARG E 253 -2.72 45.07 -1.21
CA ARG E 253 -1.85 44.67 -2.30
C ARG E 253 -2.64 43.95 -3.40
N VAL E 254 -3.54 43.05 -2.99
CA VAL E 254 -4.35 42.33 -3.95
C VAL E 254 -5.25 43.24 -4.78
N HIS E 255 -5.95 44.16 -4.13
CA HIS E 255 -6.83 45.07 -4.89
C HIS E 255 -6.03 45.92 -5.89
N ARG E 256 -4.82 46.32 -5.49
CA ARG E 256 -3.91 47.04 -6.38
C ARG E 256 -3.40 46.16 -7.54
N GLN E 257 -3.03 44.92 -7.22
CA GLN E 257 -2.57 43.98 -8.25
C GLN E 257 -3.65 43.70 -9.30
N VAL E 258 -4.89 43.47 -8.85
CA VAL E 258 -6.00 43.19 -9.77
C VAL E 258 -6.32 44.39 -10.65
N ALA E 259 -6.34 45.58 -10.04
CA ALA E 259 -6.61 46.80 -10.79
C ALA E 259 -5.59 46.95 -11.93
N THR E 260 -4.32 46.78 -11.62
CA THR E 260 -3.27 46.89 -12.63
C THR E 260 -3.37 45.76 -13.67
N ALA E 261 -3.70 44.55 -13.24
CA ALA E 261 -3.82 43.43 -14.18
C ALA E 261 -4.81 43.72 -15.30
N ARG E 262 -5.90 44.41 -14.96
CA ARG E 262 -6.91 44.78 -15.94
C ARG E 262 -6.38 45.72 -17.03
N VAL E 263 -5.64 46.73 -16.62
CA VAL E 263 -5.08 47.70 -17.56
C VAL E 263 -4.10 46.98 -18.50
N LEU E 264 -3.35 46.04 -17.93
CA LEU E 264 -2.37 45.28 -18.71
C LEU E 264 -3.06 44.38 -19.71
N VAL E 265 -4.17 43.77 -19.29
CA VAL E 265 -5.01 42.98 -20.19
C VAL E 265 -5.49 43.83 -21.39
N GLU E 266 -5.94 45.06 -21.14
CA GLU E 266 -6.32 45.93 -22.26
C GLU E 266 -5.18 46.24 -23.22
N ARG E 267 -4.00 46.54 -22.68
CA ARG E 267 -2.81 46.76 -23.51
C ARG E 267 -2.46 45.53 -24.33
N LEU E 268 -2.55 44.36 -23.71
CA LEU E 268 -2.27 43.12 -24.39
C LEU E 268 -3.24 42.96 -25.55
N ARG E 269 -4.53 43.14 -25.28
CA ARG E 269 -5.55 42.97 -26.31
C ARG E 269 -5.40 43.97 -27.46
N ALA E 270 -4.85 45.14 -27.16
CA ALA E 270 -4.62 46.16 -28.17
C ALA E 270 -3.39 45.88 -29.05
N SER E 271 -2.58 44.89 -28.67
CA SER E 271 -1.32 44.65 -29.36
C SER E 271 -1.44 43.68 -30.53
N PRO E 272 -0.99 44.10 -31.73
CA PRO E 272 -1.08 43.25 -32.92
C PRO E 272 -0.04 42.12 -32.92
N VAL E 273 0.76 41.99 -31.87
CA VAL E 273 1.69 40.88 -31.78
C VAL E 273 1.40 40.00 -30.57
N VAL E 274 0.15 40.04 -30.14
CA VAL E 274 -0.33 39.21 -29.06
C VAL E 274 -1.48 38.34 -29.57
N GLY E 275 -1.42 37.03 -29.30
CA GLY E 275 -2.48 36.11 -29.68
C GLY E 275 -3.50 35.96 -28.57
N ALA E 276 -3.73 34.73 -28.16
CA ALA E 276 -4.61 34.45 -27.03
C ALA E 276 -4.17 35.23 -25.81
N VAL E 277 -5.14 35.69 -25.02
CA VAL E 277 -4.86 36.28 -23.72
C VAL E 277 -5.75 35.61 -22.69
N HIS E 278 -5.15 35.03 -21.67
CA HIS E 278 -5.91 34.33 -20.65
C HIS E 278 -6.04 35.19 -19.40
N TYR E 279 -7.27 35.44 -18.99
CA TYR E 279 -7.58 36.19 -17.78
C TYR E 279 -9.03 35.93 -17.39
N PRO E 280 -9.27 35.57 -16.11
CA PRO E 280 -10.62 35.24 -15.64
C PRO E 280 -11.58 36.43 -15.68
N GLY E 281 -11.05 37.64 -15.82
CA GLY E 281 -11.90 38.81 -15.93
C GLY E 281 -12.53 39.00 -17.31
N LEU E 282 -12.11 38.21 -18.30
CA LEU E 282 -12.58 38.43 -19.68
C LEU E 282 -13.86 37.67 -20.02
N PRO E 283 -14.75 38.30 -20.81
CA PRO E 283 -16.03 37.72 -21.27
C PRO E 283 -15.89 36.37 -21.99
N GLU E 284 -14.79 36.17 -22.70
CA GLU E 284 -14.60 34.96 -23.52
C GLU E 284 -13.86 33.86 -22.76
N HIS E 285 -13.68 34.05 -21.46
CA HIS E 285 -13.20 32.98 -20.62
C HIS E 285 -14.32 31.94 -20.60
N PRO E 286 -14.03 30.71 -21.05
CA PRO E 286 -15.07 29.67 -21.06
C PRO E 286 -15.76 29.46 -19.70
N GLN E 287 -15.10 29.75 -18.59
CA GLN E 287 -15.74 29.58 -17.28
C GLN E 287 -16.17 30.91 -16.67
N HIS E 288 -16.60 31.83 -17.52
CA HIS E 288 -16.92 33.18 -17.05
C HIS E 288 -17.91 33.21 -15.89
N ALA E 289 -19.02 32.50 -16.06
CA ALA E 289 -20.04 32.40 -15.02
C ALA E 289 -19.49 31.88 -13.68
N VAL E 290 -18.61 30.88 -13.73
CA VAL E 290 -18.06 30.33 -12.50
C VAL E 290 -17.16 31.34 -11.78
N VAL E 291 -16.30 32.01 -12.56
CA VAL E 291 -15.46 33.08 -12.04
C VAL E 291 -16.32 34.13 -11.34
N LYS E 292 -17.40 34.51 -12.02
CA LYS E 292 -18.29 35.52 -11.50
C LYS E 292 -18.98 35.08 -10.21
N ALA E 293 -19.35 33.81 -10.14
CA ALA E 293 -20.02 33.27 -8.96
C ALA E 293 -19.08 33.11 -7.76
N GLN E 294 -17.85 32.65 -7.99
CA GLN E 294 -17.01 32.21 -6.88
C GLN E 294 -15.76 33.07 -6.57
N MSE E 295 -15.35 33.94 -7.49
CA MSE E 295 -14.24 34.87 -7.22
C MSE E 295 -14.74 36.31 -7.08
O MSE E 295 -15.45 36.80 -7.97
CB MSE E 295 -13.18 34.85 -8.34
CG MSE E 295 -12.98 33.54 -9.11
SE MSE E 295 -11.94 33.78 -10.79
CE MSE E 295 -10.21 34.14 -9.94
N SER E 296 -14.37 36.99 -6.01
CA SER E 296 -14.77 38.39 -5.87
C SER E 296 -14.05 39.28 -6.91
N ALA E 297 -12.85 38.90 -7.31
CA ALA E 297 -12.12 39.62 -8.37
C ALA E 297 -11.24 38.64 -9.14
N PRO E 298 -10.91 38.97 -10.40
CA PRO E 298 -10.32 37.93 -11.28
C PRO E 298 -8.83 37.62 -11.11
N GLY E 299 -8.16 38.27 -10.15
CA GLY E 299 -6.81 37.90 -9.80
C GLY E 299 -5.69 38.72 -10.41
N ALA E 300 -4.46 38.30 -10.11
CA ALA E 300 -3.29 39.10 -10.42
C ALA E 300 -2.42 38.49 -11.49
N ILE E 301 -2.87 37.38 -12.08
CA ILE E 301 -2.04 36.69 -13.05
C ILE E 301 -2.66 36.80 -14.44
N VAL E 302 -1.82 37.10 -15.43
CA VAL E 302 -2.25 37.17 -16.82
C VAL E 302 -1.30 36.31 -17.63
N SER E 303 -1.84 35.58 -18.61
CA SER E 303 -0.98 34.91 -19.56
C SER E 303 -1.43 35.16 -21.00
N PHE E 304 -0.49 35.14 -21.92
CA PHE E 304 -0.77 35.47 -23.30
C PHE E 304 0.25 34.84 -24.21
N ASP E 305 -0.10 34.75 -25.48
CA ASP E 305 0.78 34.18 -26.45
C ASP E 305 1.41 35.27 -27.28
N TYR E 306 2.74 35.32 -27.25
CA TYR E 306 3.52 36.31 -27.97
C TYR E 306 3.72 35.85 -29.41
N LEU E 307 3.47 36.74 -30.37
CA LEU E 307 3.53 36.38 -31.79
C LEU E 307 4.69 37.05 -32.50
N GLY E 308 5.41 37.91 -31.79
CA GLY E 308 6.45 38.73 -32.39
C GLY E 308 7.76 38.02 -32.64
N GLY E 309 7.91 36.81 -32.11
CA GLY E 309 9.14 36.06 -32.27
C GLY E 309 9.37 35.18 -31.05
N PRO E 310 10.59 34.66 -30.88
CA PRO E 310 10.86 33.77 -29.75
C PRO E 310 10.66 34.51 -28.44
N ALA E 311 10.32 33.77 -27.39
CA ALA E 311 10.13 34.39 -26.07
C ALA E 311 11.34 35.21 -25.62
N GLU E 312 12.55 34.88 -26.10
CA GLU E 312 13.75 35.65 -25.75
C GLU E 312 13.72 37.08 -26.24
N ARG E 313 13.17 37.31 -27.44
CA ARG E 313 13.06 38.67 -27.94
C ARG E 313 12.26 39.50 -26.93
N LEU E 314 11.29 38.85 -26.29
CA LEU E 314 10.41 39.55 -25.36
C LEU E 314 11.00 39.70 -23.95
N LEU E 315 11.39 38.59 -23.32
CA LEU E 315 11.87 38.61 -21.94
C LEU E 315 13.06 39.56 -21.73
N ASP E 316 13.90 39.66 -22.77
CA ASP E 316 15.11 40.49 -22.73
C ASP E 316 14.81 41.99 -22.68
N ARG E 317 13.65 42.38 -23.20
CA ARG E 317 13.32 43.80 -23.32
C ARG E 317 12.71 44.43 -22.04
N PHE E 318 12.21 43.60 -21.12
CA PHE E 318 11.58 44.14 -19.91
C PHE E 318 12.60 44.89 -19.03
N THR E 319 12.26 46.11 -18.60
CA THR E 319 13.15 46.86 -17.71
C THR E 319 12.59 47.02 -16.30
N LEU E 320 11.28 46.85 -16.16
CA LEU E 320 10.64 47.01 -14.87
C LEU E 320 10.19 45.64 -14.36
N PHE E 321 9.52 44.88 -15.23
CA PHE E 321 9.20 43.48 -14.91
C PHE E 321 10.47 42.68 -14.63
N THR E 322 10.43 41.84 -13.60
CA THR E 322 11.52 40.93 -13.29
C THR E 322 11.34 39.59 -14.00
N CYS E 323 12.31 39.17 -14.81
CA CYS E 323 12.22 37.86 -15.45
C CYS E 323 12.64 36.80 -14.46
N GLY E 324 11.67 36.18 -13.81
CA GLY E 324 11.97 35.12 -12.88
C GLY E 324 10.72 34.42 -12.41
N VAL E 325 10.89 33.51 -11.46
CA VAL E 325 9.78 32.73 -10.97
C VAL E 325 9.25 33.22 -9.62
N SER E 326 8.34 32.42 -9.08
CA SER E 326 7.41 32.77 -8.02
C SER E 326 6.40 33.73 -8.60
N LEU E 327 5.39 34.07 -7.80
CA LEU E 327 4.39 35.04 -8.22
C LEU E 327 3.73 35.64 -7.00
N GLY E 328 2.88 36.64 -7.26
CA GLY E 328 2.08 37.25 -6.21
C GLY E 328 2.80 38.32 -5.39
N GLY E 329 4.11 38.44 -5.57
CA GLY E 329 4.88 39.39 -4.77
C GLY E 329 4.67 40.86 -5.10
N VAL E 330 5.25 41.74 -4.29
CA VAL E 330 5.12 43.17 -4.51
C VAL E 330 5.77 43.64 -5.81
N HIS E 331 6.89 43.02 -6.21
CA HIS E 331 7.53 43.41 -7.47
C HIS E 331 6.98 42.56 -8.63
N SER E 332 6.63 43.20 -9.73
CA SER E 332 6.07 42.51 -10.89
C SER E 332 7.03 41.52 -11.52
N LEU E 333 6.52 40.36 -11.92
CA LEU E 333 7.36 39.30 -12.46
C LEU E 333 6.83 38.78 -13.79
N VAL E 334 7.73 38.31 -14.64
CA VAL E 334 7.39 37.74 -15.94
C VAL E 334 8.23 36.48 -16.20
N GLU E 335 7.66 35.51 -16.90
CA GLU E 335 8.42 34.32 -17.26
C GLU E 335 7.92 33.71 -18.57
N CYS E 336 8.58 32.65 -19.01
CA CYS E 336 8.02 31.86 -20.10
C CYS E 336 7.96 30.43 -19.58
N PRO E 337 6.74 29.93 -19.34
CA PRO E 337 6.56 28.56 -18.82
C PRO E 337 7.42 27.56 -19.58
N ALA E 338 7.40 27.62 -20.90
CA ALA E 338 8.17 26.73 -21.76
C ALA E 338 9.69 26.77 -21.51
N LEU E 339 10.26 27.98 -21.46
CA LEU E 339 11.66 28.13 -21.04
C LEU E 339 11.82 27.93 -19.53
N MSE E 340 10.86 28.35 -18.69
CA MSE E 340 11.22 28.31 -17.26
C MSE E 340 10.41 27.61 -16.14
O MSE E 340 11.00 26.77 -15.49
CB MSE E 340 11.86 29.63 -16.80
CG MSE E 340 13.10 30.10 -17.68
SE MSE E 340 14.74 29.01 -18.24
CE MSE E 340 15.88 30.35 -17.29
N THR E 341 9.15 27.92 -15.87
CA THR E 341 8.44 27.22 -14.77
C THR E 341 7.99 25.82 -15.17
N HIS E 342 7.36 25.72 -16.33
CA HIS E 342 7.00 24.43 -16.85
C HIS E 342 8.02 24.09 -17.88
N ARG E 343 9.29 24.04 -17.48
CA ARG E 343 10.29 23.45 -18.36
C ARG E 343 10.19 21.92 -18.23
N PRO E 344 10.86 21.27 -17.25
CA PRO E 344 11.23 19.83 -17.26
C PRO E 344 10.45 18.84 -18.20
N LEU E 345 9.37 19.31 -18.83
CA LEU E 345 8.58 18.54 -19.79
C LEU E 345 9.07 18.61 -21.27
N SER E 346 8.78 17.57 -22.05
CA SER E 346 9.03 17.62 -23.50
C SER E 346 8.14 18.66 -24.16
N ALA E 347 8.59 19.23 -25.27
CA ALA E 347 7.84 20.26 -26.00
C ALA E 347 6.35 19.94 -26.24
N GLU E 348 6.02 18.69 -26.57
CA GLU E 348 4.61 18.33 -26.68
C GLU E 348 4.00 18.40 -25.28
N ALA E 349 4.72 17.88 -24.28
CA ALA E 349 4.23 17.85 -22.89
C ALA E 349 3.99 19.26 -22.34
N ARG E 350 3.91 20.22 -23.25
CA ARG E 350 3.39 21.52 -22.94
C ARG E 350 2.23 21.83 -23.90
N ALA E 351 2.26 21.24 -25.09
CA ALA E 351 1.13 21.36 -26.02
C ALA E 351 0.07 20.34 -25.65
N ARG E 352 0.38 19.51 -24.65
CA ARG E 352 -0.55 18.53 -24.12
C ARG E 352 -1.01 19.08 -22.79
N ARG E 353 -0.71 20.36 -22.58
CA ARG E 353 -1.26 21.20 -21.54
C ARG E 353 -1.91 22.38 -22.27
N GLY E 354 -1.03 23.25 -22.77
CA GLY E 354 -1.43 24.36 -23.61
C GLY E 354 -0.31 25.37 -23.68
N ILE E 355 0.91 24.87 -23.60
CA ILE E 355 2.08 25.73 -23.55
C ILE E 355 2.93 25.62 -24.80
N GLY E 356 2.63 26.47 -25.78
CA GLY E 356 3.51 26.61 -26.92
C GLY E 356 4.77 27.31 -26.44
N GLU E 357 5.80 27.31 -27.29
CA GLU E 357 7.03 28.05 -27.02
C GLU E 357 6.76 29.53 -26.81
N SER E 358 5.54 29.96 -27.07
CA SER E 358 5.21 31.38 -27.15
C SER E 358 4.37 31.92 -26.00
N LEU E 359 3.89 31.05 -25.11
CA LEU E 359 3.09 31.50 -23.98
C LEU E 359 3.94 32.25 -22.94
N ILE E 360 3.41 33.38 -22.47
CA ILE E 360 4.10 34.22 -21.51
C ILE E 360 3.18 34.45 -20.30
N ARG E 361 3.74 34.38 -19.10
CA ARG E 361 2.97 34.57 -17.86
C ARG E 361 3.45 35.79 -17.08
N LEU E 362 2.51 36.67 -16.72
CA LEU E 362 2.79 37.86 -15.94
C LEU E 362 2.25 37.72 -14.52
N SER E 363 3.11 38.00 -13.55
CA SER E 363 2.63 38.13 -12.17
C SER E 363 2.75 39.60 -11.77
N VAL E 364 1.62 40.21 -11.47
CA VAL E 364 1.54 41.64 -11.32
C VAL E 364 1.82 42.07 -9.88
N GLY E 365 2.62 43.12 -9.74
CA GLY E 365 2.97 43.66 -8.45
C GLY E 365 2.23 44.95 -8.14
N ILE E 366 2.80 45.77 -7.26
CA ILE E 366 2.11 46.96 -6.80
C ILE E 366 2.75 48.23 -7.31
N GLU E 367 3.58 48.12 -8.36
CA GLU E 367 4.14 49.29 -9.03
C GLU E 367 3.04 50.12 -9.72
N ASP E 368 3.38 51.35 -10.14
CA ASP E 368 2.42 52.20 -10.86
C ASP E 368 1.95 51.53 -12.14
N PRO E 369 0.63 51.45 -12.32
CA PRO E 369 0.03 50.77 -13.46
C PRO E 369 0.57 51.27 -14.80
N GLN E 370 0.73 52.59 -14.95
CA GLN E 370 1.15 53.10 -16.24
C GLN E 370 2.63 52.83 -16.51
N ASP E 371 3.46 52.77 -15.47
CA ASP E 371 4.85 52.37 -15.65
C ASP E 371 4.92 50.91 -16.14
N LEU E 372 4.13 50.04 -15.52
CA LEU E 372 4.13 48.63 -15.94
C LEU E 372 3.59 48.44 -17.36
N ALA E 373 2.52 49.16 -17.70
CA ALA E 373 1.98 49.10 -19.06
C ALA E 373 3.01 49.54 -20.10
N GLU E 374 3.79 50.56 -19.75
CA GLU E 374 4.78 51.10 -20.68
C GLU E 374 6.05 50.25 -20.82
N ASP E 375 6.39 49.48 -19.79
CA ASP E 375 7.46 48.48 -19.91
C ASP E 375 6.99 47.34 -20.81
N LEU E 376 5.74 46.94 -20.61
CA LEU E 376 5.16 45.88 -21.42
C LEU E 376 5.15 46.27 -22.90
N SER E 377 4.75 47.50 -23.20
CA SER E 377 4.80 48.00 -24.59
C SER E 377 6.22 47.99 -25.19
N ARG E 378 7.19 48.50 -24.45
CA ARG E 378 8.56 48.48 -24.93
C ARG E 378 8.93 47.05 -25.32
N ALA E 379 8.65 46.10 -24.42
CA ALA E 379 8.96 44.69 -24.64
C ALA E 379 8.37 44.16 -25.95
N LEU E 380 7.11 44.51 -26.21
CA LEU E 380 6.35 43.99 -27.34
C LEU E 380 6.58 44.68 -28.70
N ALA E 381 6.92 45.97 -28.67
CA ALA E 381 6.96 46.76 -29.90
C ALA E 381 8.07 46.34 -30.87
N GLY F 6 47.05 25.75 7.88
CA GLY F 6 45.97 25.92 6.91
C GLY F 6 44.52 25.71 7.38
N MSE F 7 44.12 24.44 7.45
CA MSE F 7 42.73 24.09 7.85
C MSE F 7 42.74 22.95 8.94
O MSE F 7 43.68 22.09 8.97
CB MSE F 7 41.94 23.70 6.57
CG MSE F 7 41.03 24.82 5.98
SE MSE F 7 41.40 25.81 4.23
CE MSE F 7 40.52 27.46 4.61
N ARG F 8 41.67 22.87 9.75
CA ARG F 8 41.51 22.02 10.92
C ARG F 8 40.05 22.28 11.37
N PHE F 9 39.50 21.44 12.26
CA PHE F 9 38.11 21.58 12.72
C PHE F 9 37.73 22.95 13.39
N GLY F 10 38.59 23.49 14.27
CA GLY F 10 38.26 24.71 15.01
C GLY F 10 38.29 25.99 14.17
N THR F 11 39.05 25.93 13.09
CA THR F 11 39.07 26.97 12.06
C THR F 11 37.84 26.96 11.15
N ARG F 12 37.32 25.79 10.82
CA ARG F 12 36.18 25.78 9.88
C ARG F 12 34.82 26.09 10.52
N LEU F 13 34.75 26.01 11.85
CA LEU F 13 33.56 26.44 12.56
C LEU F 13 33.30 27.92 12.28
N VAL F 14 34.38 28.65 12.07
CA VAL F 14 34.33 30.09 11.85
C VAL F 14 34.37 30.42 10.36
N HIS F 15 35.09 29.59 9.59
CA HIS F 15 35.34 29.92 8.19
C HIS F 15 34.70 29.00 7.14
N GLY F 16 34.14 27.88 7.57
CA GLY F 16 33.44 27.00 6.64
C GLY F 16 32.27 27.70 5.95
N GLY F 17 32.19 27.54 4.62
CA GLY F 17 31.11 28.08 3.82
C GLY F 17 30.88 29.59 3.91
N ARG F 18 31.95 30.37 3.74
CA ARG F 18 31.84 31.82 3.88
C ARG F 18 32.46 32.54 2.66
N ARG F 19 31.74 32.52 1.53
CA ARG F 19 32.24 33.00 0.23
C ARG F 19 32.35 34.51 0.15
N PRO F 20 33.29 35.03 -0.64
CA PRO F 20 33.39 36.49 -0.66
C PRO F 20 32.15 37.12 -1.27
N SER F 21 32.00 38.42 -1.04
CA SER F 21 30.95 39.18 -1.64
C SER F 21 31.66 40.26 -2.45
N ALA F 22 31.90 39.97 -3.72
CA ALA F 22 32.60 40.88 -4.61
C ALA F 22 32.05 42.29 -4.49
N GLY F 23 32.89 43.28 -4.72
CA GLY F 23 32.51 44.66 -4.48
C GLY F 23 32.60 45.06 -3.01
N THR F 24 31.77 44.45 -2.16
CA THR F 24 31.64 44.92 -0.79
C THR F 24 32.58 44.25 0.21
N GLY F 25 32.80 42.95 0.06
CA GLY F 25 33.76 42.26 0.92
C GLY F 25 33.30 41.96 2.35
N ASP F 26 32.00 41.74 2.53
CA ASP F 26 31.46 41.40 3.87
C ASP F 26 32.22 40.24 4.49
N VAL F 27 32.65 40.40 5.73
CA VAL F 27 33.32 39.32 6.43
C VAL F 27 32.29 38.29 6.85
N VAL F 28 31.17 38.78 7.40
CA VAL F 28 30.03 37.93 7.65
C VAL F 28 29.16 38.01 6.41
N PRO F 29 28.91 36.88 5.76
CA PRO F 29 28.12 36.92 4.52
C PRO F 29 26.73 37.48 4.76
N PRO F 30 26.21 38.21 3.78
CA PRO F 30 24.88 38.81 3.88
C PRO F 30 23.80 37.73 3.94
N ILE F 31 22.71 38.01 4.64
CA ILE F 31 21.63 37.03 4.76
C ILE F 31 20.71 37.09 3.55
N HIS F 32 20.63 35.99 2.82
CA HIS F 32 19.88 35.93 1.58
C HIS F 32 18.43 35.53 1.84
N VAL F 33 17.57 36.51 2.03
CA VAL F 33 16.16 36.25 2.27
C VAL F 33 15.35 36.03 0.98
N SER F 34 15.85 36.56 -0.14
CA SER F 34 15.06 36.56 -1.38
C SER F 34 14.64 35.14 -1.79
N THR F 35 13.35 34.90 -1.81
CA THR F 35 12.84 33.60 -2.24
C THR F 35 12.94 33.55 -3.76
N THR F 36 12.97 34.73 -4.38
CA THR F 36 13.03 34.81 -5.84
C THR F 36 14.32 35.43 -6.42
N TYR F 37 14.54 35.18 -7.71
CA TYR F 37 15.78 35.57 -8.36
C TYR F 37 15.49 36.09 -9.76
N GLU F 38 16.41 36.87 -10.30
CA GLU F 38 16.25 37.40 -11.64
C GLU F 38 16.97 36.47 -12.61
N ARG F 39 16.16 35.76 -13.42
CA ARG F 39 16.70 34.83 -14.41
C ARG F 39 17.38 35.64 -15.49
N ARG F 40 17.90 34.92 -16.47
CA ARG F 40 18.82 35.49 -17.46
C ARG F 40 20.00 36.22 -16.81
N ALA F 41 19.69 37.18 -15.92
CA ALA F 41 20.67 37.94 -15.18
C ALA F 41 21.82 37.06 -14.72
N GLN F 42 21.53 35.90 -14.13
CA GLN F 42 22.62 35.05 -13.68
C GLN F 42 23.46 34.51 -14.82
N ASP F 43 24.79 34.58 -14.66
CA ASP F 43 25.72 34.31 -15.76
C ASP F 43 26.00 32.83 -15.97
N GLU F 44 26.34 32.12 -14.90
CA GLU F 44 26.15 30.67 -14.86
C GLU F 44 24.90 30.45 -13.99
N PRO F 45 23.88 29.75 -14.53
CA PRO F 45 22.54 29.70 -13.93
C PRO F 45 22.55 28.93 -12.61
N ARG F 46 22.63 29.59 -11.47
CA ARG F 46 22.86 28.85 -10.21
C ARG F 46 21.78 28.99 -9.11
N TYR F 47 20.91 29.99 -9.22
CA TYR F 47 19.82 30.19 -8.25
C TYR F 47 18.55 30.62 -8.97
N PHE F 48 17.45 29.93 -8.70
CA PHE F 48 16.20 30.23 -9.38
C PHE F 48 15.06 30.53 -8.39
N TYR F 49 14.78 29.59 -7.49
CA TYR F 49 13.67 29.75 -6.57
C TYR F 49 14.04 29.25 -5.20
N GLY F 50 13.61 30.02 -4.19
CA GLY F 50 14.02 29.83 -2.82
C GLY F 50 13.96 28.42 -2.27
N ARG F 51 12.88 27.71 -2.54
CA ARG F 51 12.75 26.36 -2.00
C ARG F 51 13.90 25.45 -2.49
N GLY F 52 14.31 25.65 -3.73
CA GLY F 52 15.44 24.91 -4.28
C GLY F 52 16.79 25.51 -3.93
N GLU F 53 16.98 26.79 -4.22
CA GLU F 53 18.31 27.39 -4.15
C GLU F 53 18.33 28.59 -3.21
N ASN F 54 19.39 28.71 -2.41
CA ASN F 54 19.58 29.86 -1.52
C ASN F 54 21.01 29.89 -0.99
N PRO F 55 21.71 31.01 -1.20
CA PRO F 55 23.12 31.10 -0.79
C PRO F 55 23.39 30.92 0.71
N THR F 56 22.55 31.49 1.57
CA THR F 56 22.79 31.44 3.02
C THR F 56 22.68 29.98 3.48
N ARG F 57 21.72 29.28 2.90
CA ARG F 57 21.53 27.87 3.21
C ARG F 57 22.74 27.02 2.83
N GLU F 58 23.26 27.21 1.62
CA GLU F 58 24.39 26.40 1.16
C GLU F 58 25.68 26.79 1.87
N GLU F 59 25.71 27.97 2.49
CA GLU F 59 26.85 28.33 3.32
C GLU F 59 26.86 27.49 4.58
N LEU F 60 25.71 27.38 5.23
CA LEU F 60 25.57 26.56 6.43
C LEU F 60 25.94 25.10 6.10
N GLU F 61 25.39 24.61 4.98
CA GLU F 61 25.69 23.26 4.56
C GLU F 61 27.18 23.06 4.26
N GLU F 62 27.81 24.04 3.61
CA GLU F 62 29.25 23.90 3.32
C GLU F 62 30.07 23.83 4.63
N CYS F 63 29.66 24.59 5.64
CA CYS F 63 30.33 24.55 6.95
C CYS F 63 30.20 23.19 7.64
N LEU F 64 28.97 22.67 7.69
CA LEU F 64 28.70 21.36 8.30
C LEU F 64 29.43 20.24 7.57
N ALA F 65 29.39 20.27 6.24
CA ALA F 65 30.16 19.35 5.41
C ALA F 65 31.63 19.36 5.83
N GLY F 66 32.21 20.57 5.92
CA GLY F 66 33.61 20.74 6.31
C GLY F 66 33.99 20.17 7.68
N LEU F 67 33.09 20.26 8.65
CA LEU F 67 33.34 19.75 9.99
C LEU F 67 33.63 18.26 10.02
N GLU F 68 33.10 17.53 9.02
CA GLU F 68 33.29 16.10 8.96
C GLU F 68 34.14 15.74 7.74
N ARG F 69 34.78 16.76 7.18
CA ARG F 69 35.52 16.64 5.93
C ARG F 69 34.79 15.79 4.88
N ALA F 70 33.50 16.06 4.71
CA ALA F 70 32.63 15.34 3.80
C ALA F 70 32.28 16.21 2.61
N PRO F 71 31.96 15.60 1.46
CA PRO F 71 31.64 16.44 0.30
C PRO F 71 30.20 16.96 0.26
N PHE F 72 29.34 16.49 1.15
CA PHE F 72 27.92 16.85 1.10
C PHE F 72 27.27 17.07 2.46
N ALA F 73 26.43 18.10 2.54
CA ALA F 73 25.48 18.22 3.63
C ALA F 73 24.17 18.86 3.15
N THR F 74 23.09 18.54 3.83
CA THR F 74 21.81 19.14 3.54
C THR F 74 21.17 19.54 4.86
N VAL F 75 20.60 20.74 4.92
CA VAL F 75 19.90 21.17 6.11
C VAL F 75 18.39 21.19 5.92
N PHE F 76 17.68 21.16 7.03
CA PHE F 76 16.25 20.96 7.09
C PHE F 76 15.63 21.85 8.17
N SER F 77 14.31 21.96 8.13
CA SER F 77 13.53 22.72 9.12
C SER F 77 13.64 22.20 10.55
N SER F 78 14.04 20.94 10.71
CA SER F 78 14.20 20.31 12.03
C SER F 78 14.98 19.01 11.91
N GLY F 79 15.38 18.44 13.05
CA GLY F 79 16.03 17.14 13.07
C GLY F 79 15.07 16.08 12.52
N GLN F 80 13.84 16.08 13.02
CA GLN F 80 12.78 15.17 12.56
C GLN F 80 12.67 15.12 11.03
N ALA F 81 12.76 16.29 10.39
CA ALA F 81 12.66 16.33 8.94
C ALA F 81 13.90 15.74 8.26
N ALA F 82 15.07 15.92 8.86
CA ALA F 82 16.29 15.28 8.34
C ALA F 82 16.13 13.76 8.45
N ALA F 83 15.65 13.31 9.60
CA ALA F 83 15.34 11.90 9.81
C ALA F 83 14.28 11.39 8.81
N ALA F 84 13.18 12.12 8.66
CA ALA F 84 12.09 11.72 7.78
C ALA F 84 12.57 11.51 6.34
N THR F 85 13.40 12.43 5.88
CA THR F 85 13.92 12.41 4.53
C THR F 85 14.76 11.16 4.30
N LEU F 86 15.61 10.84 5.26
CA LEU F 86 16.48 9.69 5.15
C LEU F 86 15.66 8.39 5.12
N LEU F 87 14.62 8.34 5.93
CA LEU F 87 13.79 7.15 6.02
C LEU F 87 12.90 6.97 4.81
N SER F 88 12.60 8.07 4.13
CA SER F 88 11.69 8.04 2.99
C SER F 88 12.29 7.24 1.84
N LEU F 89 13.60 7.04 1.90
CA LEU F 89 14.33 6.33 0.84
C LEU F 89 14.29 4.81 1.04
N VAL F 90 13.80 4.36 2.19
CA VAL F 90 13.56 2.94 2.41
C VAL F 90 12.23 2.54 1.78
N ARG F 91 12.25 1.52 0.95
CA ARG F 91 11.07 1.12 0.15
C ARG F 91 10.23 0.10 0.93
N PRO F 92 8.94 -0.08 0.57
CA PRO F 92 8.11 -0.92 1.44
C PRO F 92 8.56 -2.37 1.44
N GLY F 93 8.54 -3.01 2.61
CA GLY F 93 8.96 -4.39 2.72
C GLY F 93 10.46 -4.54 2.97
N GLN F 94 11.20 -3.45 2.77
CA GLN F 94 12.61 -3.41 3.15
C GLN F 94 12.69 -3.24 4.66
N CYS F 95 13.87 -3.49 5.22
CA CYS F 95 14.02 -3.50 6.67
C CYS F 95 14.92 -2.41 7.21
N VAL F 96 14.54 -1.90 8.39
CA VAL F 96 15.39 -1.02 9.16
C VAL F 96 15.61 -1.65 10.53
N VAL F 97 16.82 -1.49 11.06
CA VAL F 97 17.17 -1.95 12.39
C VAL F 97 17.68 -0.80 13.26
N SER F 98 17.23 -0.75 14.52
CA SER F 98 17.68 0.25 15.47
C SER F 98 17.65 -0.29 16.92
N THR F 99 18.02 0.54 17.90
CA THR F 99 17.95 0.10 19.31
C THR F 99 16.92 0.88 20.13
N ASP F 100 16.21 0.18 21.02
CA ASP F 100 14.96 0.68 21.63
C ASP F 100 15.03 1.98 22.49
N ASP F 101 16.17 2.66 22.51
CA ASP F 101 16.27 3.84 23.36
C ASP F 101 16.14 5.07 22.50
N VAL F 102 16.34 4.82 21.22
CA VAL F 102 16.24 5.81 20.16
C VAL F 102 15.12 6.82 20.41
N TYR F 103 15.43 8.10 20.16
CA TYR F 103 14.47 9.21 20.19
C TYR F 103 13.07 8.82 19.74
N ALA F 104 12.06 9.22 20.51
CA ALA F 104 10.68 8.87 20.17
C ALA F 104 10.28 9.40 18.79
N GLY F 105 10.90 10.51 18.37
CA GLY F 105 10.63 11.07 17.05
C GLY F 105 10.93 10.07 15.94
N THR F 106 12.02 9.33 16.10
CA THR F 106 12.31 8.24 15.17
C THR F 106 11.21 7.17 15.23
N ASP F 107 10.85 6.74 16.43
CA ASP F 107 9.72 5.81 16.63
C ASP F 107 8.46 6.18 15.85
N GLY F 108 8.17 7.47 15.76
CA GLY F 108 7.03 7.97 15.01
C GLY F 108 7.23 7.77 13.52
N LEU F 109 8.39 8.22 13.03
CA LEU F 109 8.78 7.99 11.65
C LEU F 109 8.85 6.48 11.38
N PHE F 110 9.48 5.74 12.30
CA PHE F 110 9.46 4.27 12.24
C PHE F 110 8.03 3.72 12.08
N ASP F 111 7.07 4.21 12.87
CA ASP F 111 5.68 3.72 12.79
C ASP F 111 5.07 4.08 11.45
N LEU F 112 4.99 5.39 11.18
CA LEU F 112 4.55 5.89 9.88
C LEU F 112 5.09 4.96 8.79
N ALA F 113 6.40 4.74 8.77
CA ALA F 113 7.02 3.78 7.85
C ALA F 113 6.57 2.31 8.03
N ALA F 114 6.45 1.84 9.27
CA ALA F 114 5.89 0.49 9.49
C ALA F 114 4.46 0.46 8.97
N ARG F 115 3.72 1.53 9.27
CA ARG F 115 2.37 1.71 8.73
C ARG F 115 2.36 1.81 7.20
N GLN F 116 3.50 2.14 6.59
CA GLN F 116 3.56 2.20 5.12
C GLN F 116 4.10 0.91 4.54
N GLY F 117 4.33 -0.09 5.39
CA GLY F 117 4.71 -1.40 4.90
C GLY F 117 6.21 -1.68 4.94
N VAL F 118 6.94 -0.82 5.65
CA VAL F 118 8.37 -1.04 5.88
C VAL F 118 8.52 -1.95 7.09
N ARG F 119 9.54 -2.79 7.11
CA ARG F 119 9.77 -3.66 8.25
C ARG F 119 10.75 -3.04 9.23
N VAL F 120 10.34 -2.91 10.49
CA VAL F 120 11.22 -2.38 11.53
C VAL F 120 11.56 -3.46 12.57
N ARG F 121 12.83 -3.52 12.95
CA ARG F 121 13.31 -4.50 13.92
C ARG F 121 14.24 -3.83 14.93
N TYR F 122 13.72 -3.57 16.13
CA TYR F 122 14.54 -2.98 17.17
C TYR F 122 15.42 -4.10 17.73
N ALA F 123 16.61 -3.75 18.25
CA ALA F 123 17.52 -4.79 18.73
C ALA F 123 18.60 -4.24 19.64
N ASP F 124 19.40 -5.13 20.20
CA ASP F 124 20.59 -4.65 20.89
C ASP F 124 21.85 -4.87 20.05
N LEU F 125 22.51 -3.77 19.72
CA LEU F 125 23.71 -3.78 18.89
C LEU F 125 24.97 -3.57 19.70
N THR F 126 24.91 -3.86 21.01
CA THR F 126 26.06 -3.57 21.87
C THR F 126 26.68 -4.81 22.45
N THR F 127 26.18 -5.97 22.04
CA THR F 127 26.83 -7.25 22.32
C THR F 127 26.81 -8.06 21.03
N PRO F 128 27.74 -9.02 20.87
CA PRO F 128 27.79 -9.76 19.61
C PRO F 128 26.65 -10.75 19.44
N GLU F 129 25.86 -10.97 20.49
CA GLU F 129 24.67 -11.80 20.36
C GLU F 129 23.63 -11.11 19.52
N GLY F 130 23.36 -9.85 19.85
CA GLY F 130 22.28 -9.10 19.21
C GLY F 130 22.64 -8.64 17.81
N ILE F 131 23.88 -8.17 17.65
CA ILE F 131 24.35 -7.75 16.34
C ILE F 131 24.24 -8.90 15.36
N ALA F 132 24.80 -10.05 15.72
CA ALA F 132 24.74 -11.23 14.87
C ALA F 132 23.28 -11.54 14.54
N ALA F 133 22.41 -11.28 15.51
CA ALA F 133 20.99 -11.35 15.24
C ALA F 133 20.56 -10.15 14.36
N ALA F 134 20.61 -8.94 14.92
CA ALA F 134 20.12 -7.75 14.21
C ALA F 134 20.67 -7.53 12.80
N LEU F 135 21.88 -8.00 12.54
CA LEU F 135 22.47 -7.79 11.21
C LEU F 135 22.28 -9.00 10.33
N ALA F 136 21.07 -9.55 10.31
CA ALA F 136 20.83 -10.79 9.59
C ALA F 136 19.56 -10.77 8.73
N GLU F 137 18.59 -9.95 9.12
CA GLU F 137 17.26 -9.99 8.49
C GLU F 137 17.25 -9.69 6.99
N PRO F 138 16.38 -10.41 6.24
CA PRO F 138 16.30 -10.29 4.79
C PRO F 138 15.99 -8.88 4.35
N ASP F 139 16.68 -8.43 3.30
CA ASP F 139 16.37 -7.17 2.64
C ASP F 139 16.56 -5.95 3.53
N LEU F 140 17.65 -5.98 4.29
CA LEU F 140 18.09 -4.85 5.13
C LEU F 140 18.53 -3.67 4.26
N ALA F 141 18.06 -2.47 4.59
CA ALA F 141 18.44 -1.29 3.83
C ALA F 141 19.14 -0.24 4.69
N LEU F 142 18.86 -0.26 5.99
CA LEU F 142 19.34 0.79 6.86
C LEU F 142 19.52 0.28 8.29
N VAL F 143 20.67 0.60 8.88
CA VAL F 143 20.91 0.36 10.29
C VAL F 143 20.96 1.72 10.97
N TRP F 144 20.04 1.92 11.92
CA TRP F 144 19.89 3.21 12.54
C TRP F 144 20.55 3.15 13.90
N ILE F 145 21.66 3.86 14.03
CA ILE F 145 22.43 3.88 15.25
C ILE F 145 22.26 5.22 15.92
N GLU F 146 21.71 5.23 17.12
CA GLU F 146 21.73 6.44 17.89
C GLU F 146 22.69 6.22 19.04
N THR F 147 23.83 6.90 19.00
CA THR F 147 24.86 6.71 20.01
C THR F 147 25.58 8.01 20.36
N PRO F 148 25.76 8.27 21.66
CA PRO F 148 25.16 7.48 22.76
C PRO F 148 23.65 7.65 22.85
N THR F 149 22.97 6.67 23.47
CA THR F 149 21.54 6.75 23.63
C THR F 149 21.14 7.73 24.73
N ASN F 150 19.89 8.15 24.67
CA ASN F 150 19.26 8.85 25.77
C ASN F 150 18.27 7.80 26.22
N PRO F 151 17.93 7.77 27.53
CA PRO F 151 18.52 8.60 28.57
C PRO F 151 19.57 7.83 29.39
N LEU F 152 19.95 6.63 28.98
CA LEU F 152 20.89 5.86 29.79
C LEU F 152 22.34 5.95 29.31
N LEU F 153 22.54 6.62 28.18
CA LEU F 153 23.89 6.92 27.66
C LEU F 153 24.73 5.68 27.33
N THR F 154 24.09 4.57 27.03
CA THR F 154 24.82 3.38 26.61
C THR F 154 25.28 3.59 25.16
N VAL F 155 26.41 3.00 24.79
CA VAL F 155 27.09 3.40 23.56
C VAL F 155 27.40 2.27 22.58
N VAL F 156 26.94 2.45 21.36
CA VAL F 156 27.09 1.44 20.31
C VAL F 156 28.35 1.70 19.47
N ASP F 157 29.08 0.62 19.19
CA ASP F 157 30.35 0.68 18.45
C ASP F 157 30.08 0.88 16.96
N VAL F 158 30.24 2.11 16.50
CA VAL F 158 29.93 2.50 15.13
C VAL F 158 30.75 1.77 14.07
N ALA F 159 32.06 1.69 14.29
CA ALA F 159 32.93 1.06 13.30
C ALA F 159 32.61 -0.42 13.11
N GLU F 160 32.43 -1.15 14.22
CA GLU F 160 32.11 -2.58 14.13
C GLU F 160 30.74 -2.80 13.51
N VAL F 161 29.76 -2.01 13.93
CA VAL F 161 28.43 -2.14 13.36
C VAL F 161 28.47 -1.84 11.86
N SER F 162 29.16 -0.77 11.48
CA SER F 162 29.21 -0.37 10.07
C SER F 162 29.88 -1.42 9.18
N ARG F 163 31.03 -1.94 9.62
CA ARG F 163 31.75 -2.96 8.87
C ARG F 163 30.87 -4.18 8.56
N ARG F 164 30.18 -4.69 9.58
CA ARG F 164 29.35 -5.88 9.38
C ARG F 164 28.00 -5.51 8.78
N ALA F 165 27.57 -4.26 8.96
CA ALA F 165 26.39 -3.80 8.26
C ALA F 165 26.65 -3.88 6.76
N HIS F 166 27.66 -3.15 6.31
CA HIS F 166 28.02 -3.09 4.88
C HIS F 166 28.21 -4.45 4.21
N GLU F 167 28.50 -5.48 5.00
CA GLU F 167 28.62 -6.82 4.46
C GLU F 167 27.26 -7.30 3.93
N ARG F 168 26.20 -6.80 4.54
CA ARG F 168 24.84 -7.10 4.09
C ARG F 168 24.42 -6.19 2.95
N GLY F 169 25.19 -5.14 2.71
CA GLY F 169 24.88 -4.18 1.67
C GLY F 169 23.81 -3.19 2.11
N ALA F 170 23.98 -2.63 3.30
CA ALA F 170 23.04 -1.68 3.87
C ALA F 170 23.70 -0.34 4.21
N ARG F 171 22.88 0.70 4.27
CA ARG F 171 23.34 2.03 4.65
C ARG F 171 23.39 2.10 6.17
N VAL F 172 24.37 2.82 6.70
CA VAL F 172 24.46 3.11 8.13
C VAL F 172 24.32 4.60 8.39
N VAL F 173 23.39 4.97 9.25
CA VAL F 173 23.29 6.35 9.71
C VAL F 173 23.51 6.39 11.20
N VAL F 174 24.24 7.39 11.65
CA VAL F 174 24.40 7.68 13.06
C VAL F 174 23.73 9.01 13.41
N ASP F 175 22.84 8.98 14.41
CA ASP F 175 22.30 10.23 14.94
C ASP F 175 23.32 10.74 15.96
N ASN F 176 24.04 11.79 15.57
CA ASN F 176 25.20 12.28 16.32
C ASN F 176 24.87 13.59 17.06
N THR F 177 23.57 13.89 17.17
CA THR F 177 23.12 15.13 17.81
C THR F 177 23.64 15.22 19.25
N PHE F 178 23.49 14.11 19.95
CA PHE F 178 24.00 13.92 21.30
C PHE F 178 25.46 14.37 21.46
N ALA F 179 26.37 13.71 20.74
CA ALA F 179 27.80 13.98 20.86
C ALA F 179 28.29 15.26 20.18
N SER F 180 27.71 15.59 19.02
CA SER F 180 28.21 16.63 18.10
C SER F 180 29.48 16.20 17.35
N PRO F 181 29.78 16.86 16.21
CA PRO F 181 31.04 16.58 15.49
C PRO F 181 32.30 16.96 16.25
N VAL F 182 32.18 17.80 17.28
CA VAL F 182 33.30 18.10 18.15
C VAL F 182 33.85 16.83 18.78
N LEU F 183 32.94 15.91 19.13
CA LEU F 183 33.27 14.77 19.97
C LEU F 183 33.26 13.40 19.26
N GLN F 184 32.50 13.29 18.17
CA GLN F 184 32.32 12.00 17.48
C GLN F 184 32.21 12.21 15.97
N GLN F 185 32.94 11.42 15.19
CA GLN F 185 32.94 11.55 13.73
C GLN F 185 32.46 10.25 13.06
N PRO F 186 31.13 10.09 12.91
CA PRO F 186 30.51 8.87 12.38
C PRO F 186 31.04 8.46 10.99
N LEU F 187 31.23 9.43 10.11
CA LEU F 187 31.73 9.12 8.77
C LEU F 187 33.15 8.56 8.86
N ALA F 188 34.00 9.18 9.67
CA ALA F 188 35.38 8.67 9.84
C ALA F 188 35.40 7.32 10.57
N LEU F 189 34.32 7.00 11.26
CA LEU F 189 34.19 5.73 11.97
C LEU F 189 33.67 4.62 11.07
N GLY F 190 33.07 4.98 9.94
CA GLY F 190 32.57 3.98 9.01
C GLY F 190 31.14 4.21 8.55
N ALA F 191 30.42 5.08 9.24
CA ALA F 191 29.04 5.38 8.88
C ALA F 191 28.93 6.00 7.49
N ASP F 192 27.73 5.94 6.92
CA ASP F 192 27.46 6.55 5.63
C ASP F 192 26.82 7.93 5.77
N VAL F 193 26.08 8.12 6.86
CA VAL F 193 25.38 9.38 7.11
C VAL F 193 25.48 9.78 8.58
N SER F 194 25.79 11.06 8.83
CA SER F 194 25.62 11.65 10.15
C SER F 194 24.31 12.45 10.16
N LEU F 195 23.49 12.23 11.18
CA LEU F 195 22.23 12.93 11.31
C LEU F 195 22.28 13.88 12.52
N TYR F 196 21.72 15.09 12.38
CA TYR F 196 21.72 16.04 13.49
C TYR F 196 20.40 16.77 13.65
N SER F 197 20.00 16.95 14.91
CA SER F 197 19.07 18.03 15.25
C SER F 197 19.87 19.28 15.63
N THR F 198 20.11 20.15 14.64
CA THR F 198 20.88 21.36 14.89
C THR F 198 20.23 22.28 15.94
N THR F 199 18.95 22.02 16.25
CA THR F 199 18.26 22.67 17.37
C THR F 199 19.01 22.55 18.70
N1 LLP F 200 17.48 13.14 17.49
C2 LLP F 200 17.89 13.43 18.71
C2' LLP F 200 18.98 12.58 19.41
C3 LLP F 200 17.31 14.55 19.38
O3 LLP F 200 17.76 14.85 20.67
C4 LLP F 200 16.34 15.32 18.77
C4' LLP F 200 15.72 16.59 19.56
C5 LLP F 200 15.93 15.00 17.50
C6 LLP F 200 16.49 13.90 16.85
C5' LLP F 200 14.81 15.82 16.77
OP4 LLP F 200 15.25 17.04 16.24
P LLP F 200 14.25 18.23 16.20
OP1 LLP F 200 15.11 19.45 15.81
OP2 LLP F 200 13.24 17.97 15.16
OP3 LLP F 200 13.56 18.38 17.51
N LLP F 200 19.90 21.55 18.79
CA LLP F 200 20.50 21.18 20.08
CB LLP F 200 20.49 19.68 20.19
CG LLP F 200 19.11 19.12 19.78
CD LLP F 200 18.04 19.24 20.90
CE LLP F 200 16.66 18.64 20.46
NZ LLP F 200 16.70 17.15 20.45
C LLP F 200 21.82 21.89 20.28
O LLP F 200 21.82 23.11 20.38
N SER F 201 22.93 21.18 20.35
CA SER F 201 24.21 21.87 20.63
C SER F 201 24.83 22.56 19.41
N ILE F 202 24.38 22.21 18.23
CA ILE F 202 25.01 22.72 17.00
C ILE F 202 24.80 24.25 16.87
N ALA F 203 23.55 24.69 16.94
CA ALA F 203 23.26 26.12 16.98
C ALA F 203 23.45 26.61 18.42
N GLY F 204 23.10 25.75 19.38
CA GLY F 204 23.50 25.91 20.76
C GLY F 204 22.90 27.02 21.62
N HIS F 205 21.92 27.77 21.11
CA HIS F 205 21.36 28.86 21.90
C HIS F 205 19.84 28.79 22.14
N ALA F 206 19.25 27.63 21.88
CA ALA F 206 17.84 27.38 22.16
C ALA F 206 16.90 28.40 21.53
N ASP F 207 17.25 28.87 20.34
CA ASP F 207 16.47 29.94 19.71
C ASP F 207 16.15 29.71 18.21
N VAL F 208 16.17 28.45 17.79
CA VAL F 208 15.87 28.08 16.40
C VAL F 208 15.74 26.56 16.29
N LEU F 209 14.93 26.10 15.34
CA LEU F 209 14.82 24.67 15.04
C LEU F 209 15.49 24.38 13.70
N GLY F 210 16.31 23.32 13.66
CA GLY F 210 16.92 22.89 12.41
C GLY F 210 17.45 21.46 12.44
N GLY F 211 17.73 20.92 11.26
CA GLY F 211 18.24 19.55 11.12
C GLY F 211 19.28 19.49 10.02
N ALA F 212 20.08 18.41 10.02
CA ALA F 212 21.13 18.24 9.03
C ALA F 212 21.43 16.77 8.75
N LEU F 213 21.77 16.47 7.51
CA LEU F 213 22.39 15.21 7.15
C LEU F 213 23.76 15.54 6.56
N VAL F 214 24.77 14.75 6.92
CA VAL F 214 26.11 14.91 6.36
C VAL F 214 26.56 13.51 5.88
N TYR F 215 27.09 13.44 4.67
CA TYR F 215 27.28 12.17 3.97
C TYR F 215 28.25 12.36 2.80
N ARG F 216 28.61 11.27 2.12
CA ARG F 216 29.54 11.34 1.01
C ARG F 216 28.99 10.85 -0.33
N ASP F 217 27.96 10.02 -0.28
CA ASP F 217 27.41 9.34 -1.47
C ASP F 217 26.68 10.31 -2.41
N ALA F 218 27.04 10.29 -3.69
CA ALA F 218 26.45 11.19 -4.67
C ALA F 218 25.00 10.86 -5.07
N ASP F 219 24.67 9.57 -5.17
CA ASP F 219 23.30 9.17 -5.47
C ASP F 219 22.42 9.56 -4.30
N LEU F 220 22.93 9.34 -3.09
CA LEU F 220 22.21 9.72 -1.88
C LEU F 220 21.96 11.24 -1.85
N HIS F 221 22.96 12.02 -2.28
CA HIS F 221 22.84 13.46 -2.35
C HIS F 221 21.67 13.89 -3.23
N ALA F 222 21.61 13.34 -4.45
CA ALA F 222 20.53 13.66 -5.38
C ALA F 222 19.16 13.29 -4.82
N ALA F 223 19.04 12.11 -4.23
CA ALA F 223 17.77 11.67 -3.68
C ALA F 223 17.36 12.55 -2.50
N VAL F 224 18.31 12.82 -1.61
CA VAL F 224 18.04 13.71 -0.48
C VAL F 224 17.55 15.10 -0.93
N ARG F 225 18.22 15.69 -1.92
CA ARG F 225 17.87 17.03 -2.37
C ARG F 225 16.54 17.08 -3.12
N ALA F 226 16.27 16.06 -3.93
CA ALA F 226 14.98 15.97 -4.60
C ALA F 226 13.82 15.81 -3.61
N TYR F 227 14.04 15.05 -2.54
CA TYR F 227 13.00 14.89 -1.53
C TYR F 227 12.72 16.19 -0.77
N ARG F 228 13.79 16.88 -0.37
CA ARG F 228 13.64 18.13 0.35
C ARG F 228 12.89 19.13 -0.52
N THR F 229 13.25 19.18 -1.80
CA THR F 229 12.61 20.10 -2.73
C THR F 229 11.14 19.76 -2.89
N THR F 230 10.84 18.46 -2.87
CA THR F 230 9.49 18.01 -3.12
C THR F 230 8.62 18.09 -1.87
N ALA F 231 9.15 17.64 -0.75
CA ALA F 231 8.43 17.66 0.52
C ALA F 231 8.46 19.07 1.15
N GLY F 232 9.45 19.87 0.76
CA GLY F 232 9.52 21.26 1.19
C GLY F 232 9.84 21.44 2.66
N ASN F 233 10.54 20.48 3.24
CA ASN F 233 10.89 20.56 4.65
C ASN F 233 12.17 21.38 4.81
N VAL F 234 12.13 22.58 4.24
CA VAL F 234 13.28 23.43 4.04
C VAL F 234 13.31 24.51 5.11
N PRO F 235 14.49 24.79 5.67
CA PRO F 235 14.61 25.86 6.67
C PRO F 235 14.65 27.23 5.98
N GLY F 236 14.27 28.28 6.71
CA GLY F 236 14.40 29.63 6.18
C GLY F 236 15.82 30.15 6.37
N ALA F 237 16.12 31.27 5.71
CA ALA F 237 17.49 31.80 5.69
C ALA F 237 17.90 32.49 6.99
N LEU F 238 16.98 33.24 7.59
CA LEU F 238 17.21 33.82 8.92
C LEU F 238 17.45 32.71 9.92
N ASP F 239 16.69 31.64 9.78
CA ASP F 239 16.85 30.45 10.60
C ASP F 239 18.24 29.85 10.36
N CYS F 240 18.64 29.71 9.11
CA CYS F 240 20.00 29.24 8.81
C CYS F 240 21.06 30.18 9.37
N PHE F 241 20.77 31.47 9.34
CA PHE F 241 21.71 32.45 9.88
C PHE F 241 21.99 32.23 11.37
N LEU F 242 20.96 31.91 12.15
CA LEU F 242 21.14 31.70 13.59
C LEU F 242 21.95 30.45 13.89
N VAL F 243 21.73 29.39 13.10
CA VAL F 243 22.45 28.14 13.30
C VAL F 243 23.94 28.35 13.01
N ARG F 244 24.24 28.99 11.88
CA ARG F 244 25.62 29.26 11.47
C ARG F 244 26.33 30.12 12.50
N ARG F 245 25.60 31.06 13.08
CA ARG F 245 26.20 31.98 14.05
C ARG F 245 26.53 31.21 15.32
N GLY F 246 25.71 30.21 15.66
CA GLY F 246 25.96 29.40 16.84
C GLY F 246 27.18 28.51 16.68
N LEU F 247 27.36 27.97 15.49
CA LEU F 247 28.44 27.02 15.23
C LEU F 247 29.82 27.60 15.43
N HIS F 248 29.97 28.91 15.24
CA HIS F 248 31.26 29.56 15.49
C HIS F 248 31.81 29.08 16.84
N THR F 249 30.93 29.05 17.85
CA THR F 249 31.35 28.72 19.21
C THR F 249 31.05 27.27 19.64
N LEU F 250 30.64 26.42 18.70
CA LEU F 250 30.38 25.02 19.02
C LEU F 250 31.49 24.36 19.87
N SER F 251 32.74 24.50 19.44
CA SER F 251 33.82 23.79 20.13
C SER F 251 34.10 24.32 21.53
N LEU F 252 34.14 25.64 21.65
CA LEU F 252 34.34 26.29 22.95
C LEU F 252 33.20 25.93 23.89
N ARG F 253 31.98 25.92 23.37
CA ARG F 253 30.83 25.56 24.19
C ARG F 253 30.86 24.09 24.65
N VAL F 254 31.17 23.18 23.74
CA VAL F 254 31.18 21.75 24.07
C VAL F 254 32.21 21.38 25.15
N HIS F 255 33.45 21.85 25.04
CA HIS F 255 34.42 21.49 26.07
C HIS F 255 34.11 22.13 27.44
N ARG F 256 33.48 23.30 27.43
CA ARG F 256 32.98 23.89 28.67
C ARG F 256 31.90 22.99 29.28
N GLN F 257 30.96 22.55 28.43
CA GLN F 257 29.89 21.66 28.84
C GLN F 257 30.44 20.34 29.41
N VAL F 258 31.39 19.72 28.73
CA VAL F 258 31.99 18.47 29.21
C VAL F 258 32.76 18.65 30.54
N ALA F 259 33.54 19.72 30.63
CA ALA F 259 34.27 20.03 31.85
C ALA F 259 33.31 20.11 33.05
N THR F 260 32.20 20.82 32.90
CA THR F 260 31.27 20.98 33.99
C THR F 260 30.52 19.67 34.27
N ALA F 261 30.29 18.90 33.22
CA ALA F 261 29.69 17.57 33.38
C ALA F 261 30.52 16.69 34.32
N ARG F 262 31.84 16.70 34.15
CA ARG F 262 32.73 15.92 35.02
C ARG F 262 32.60 16.35 36.48
N VAL F 263 32.63 17.67 36.70
CA VAL F 263 32.42 18.22 38.04
C VAL F 263 31.06 17.77 38.62
N LEU F 264 29.99 17.83 37.83
CA LEU F 264 28.68 17.39 38.32
C LEU F 264 28.62 15.89 38.68
N VAL F 265 29.26 15.06 37.86
CA VAL F 265 29.32 13.62 38.11
C VAL F 265 29.97 13.30 39.47
N GLU F 266 31.04 14.01 39.80
CA GLU F 266 31.74 13.82 41.07
C GLU F 266 30.86 14.20 42.27
N ARG F 267 30.09 15.28 42.14
CA ARG F 267 29.13 15.61 43.19
C ARG F 267 28.06 14.52 43.35
N LEU F 268 27.55 14.01 42.23
CA LEU F 268 26.50 12.99 42.28
C LEU F 268 26.98 11.73 42.98
N ARG F 269 28.21 11.34 42.66
CA ARG F 269 28.80 10.10 43.17
C ARG F 269 28.85 10.08 44.69
N ALA F 270 29.01 11.26 45.30
CA ALA F 270 29.21 11.35 46.74
C ALA F 270 27.93 11.78 47.49
N SER F 271 26.84 12.00 46.76
CA SER F 271 25.56 12.30 47.41
C SER F 271 24.81 11.03 47.78
N PRO F 272 24.40 10.91 49.05
CA PRO F 272 23.76 9.65 49.48
C PRO F 272 22.36 9.45 48.93
N VAL F 273 21.77 10.48 48.31
CA VAL F 273 20.43 10.32 47.74
C VAL F 273 20.51 10.07 46.24
N VAL F 274 21.66 9.58 45.80
CA VAL F 274 21.89 9.25 44.41
C VAL F 274 22.32 7.78 44.30
N GLY F 275 21.71 7.05 43.37
CA GLY F 275 22.08 5.67 43.14
C GLY F 275 23.03 5.59 41.96
N ALA F 276 22.63 4.82 40.95
CA ALA F 276 23.38 4.71 39.70
C ALA F 276 23.64 6.09 39.11
N VAL F 277 24.83 6.26 38.54
CA VAL F 277 25.15 7.47 37.79
C VAL F 277 25.60 7.07 36.39
N HIS F 278 24.96 7.65 35.39
CA HIS F 278 25.27 7.30 34.01
C HIS F 278 26.07 8.41 33.34
N TYR F 279 27.26 8.05 32.86
CA TYR F 279 28.11 8.98 32.15
C TYR F 279 29.17 8.20 31.38
N PRO F 280 29.30 8.49 30.07
CA PRO F 280 30.27 7.78 29.22
C PRO F 280 31.70 7.87 29.75
N GLY F 281 31.98 8.86 30.59
CA GLY F 281 33.31 9.05 31.13
C GLY F 281 33.68 8.13 32.28
N LEU F 282 32.69 7.55 32.96
CA LEU F 282 32.98 6.65 34.09
C LEU F 282 33.76 5.42 33.64
N PRO F 283 34.80 5.05 34.41
CA PRO F 283 35.59 3.87 34.03
C PRO F 283 34.82 2.59 34.22
N GLU F 284 33.51 2.68 34.42
CA GLU F 284 32.69 1.49 34.52
C GLU F 284 31.40 1.60 33.72
N HIS F 285 31.17 2.75 33.10
CA HIS F 285 30.13 2.85 32.08
C HIS F 285 30.34 1.64 31.17
N PRO F 286 29.32 0.78 31.03
CA PRO F 286 29.58 -0.58 30.53
C PRO F 286 30.34 -0.60 29.20
N GLN F 287 30.10 0.39 28.34
CA GLN F 287 30.82 0.45 27.07
C GLN F 287 31.98 1.47 27.06
N HIS F 288 32.59 1.69 28.22
CA HIS F 288 33.67 2.64 28.38
C HIS F 288 34.87 2.47 27.40
N ALA F 289 35.16 1.23 27.03
CA ALA F 289 36.22 0.97 26.07
C ALA F 289 35.83 1.47 24.67
N VAL F 290 34.57 1.25 24.30
CA VAL F 290 34.08 1.75 23.02
C VAL F 290 34.04 3.28 23.05
N VAL F 291 33.61 3.83 24.18
CA VAL F 291 33.56 5.27 24.38
C VAL F 291 34.90 5.93 24.10
N LYS F 292 35.96 5.38 24.68
CA LYS F 292 37.31 5.92 24.50
C LYS F 292 37.66 5.99 23.02
N ALA F 293 37.57 4.82 22.36
CA ALA F 293 38.03 4.65 21.00
C ALA F 293 37.26 5.40 19.93
N GLN F 294 36.06 5.89 20.23
CA GLN F 294 35.27 6.51 19.18
C GLN F 294 34.84 7.95 19.49
N MSE F 295 35.12 8.42 20.72
CA MSE F 295 34.82 9.81 21.08
C MSE F 295 35.96 10.54 21.79
O MSE F 295 36.60 9.99 22.67
CB MSE F 295 33.59 9.88 21.95
CG MSE F 295 32.40 9.27 21.29
SE MSE F 295 31.49 8.57 22.76
CE MSE F 295 31.24 6.77 22.28
N SER F 296 36.19 11.79 21.41
CA SER F 296 37.30 12.55 21.95
C SER F 296 37.02 13.08 23.37
N ALA F 297 35.77 13.00 23.80
CA ALA F 297 35.39 13.37 25.18
C ALA F 297 34.02 12.75 25.52
N PRO F 298 33.66 12.72 26.81
CA PRO F 298 32.47 11.90 27.14
C PRO F 298 31.09 12.56 27.15
N GLY F 299 30.94 13.76 26.57
CA GLY F 299 29.62 14.32 26.39
C GLY F 299 29.19 15.24 27.52
N ALA F 300 28.12 16.00 27.29
CA ALA F 300 27.61 17.00 28.22
C ALA F 300 26.31 16.56 28.88
N ILE F 301 26.01 15.26 28.74
CA ILE F 301 24.78 14.70 29.26
C ILE F 301 25.09 13.75 30.42
N VAL F 302 24.33 13.85 31.50
CA VAL F 302 24.52 12.99 32.66
C VAL F 302 23.14 12.57 33.13
N SER F 303 22.98 11.33 33.53
CA SER F 303 21.75 10.97 34.18
C SER F 303 22.05 10.13 35.41
N PHE F 304 21.11 10.09 36.34
CA PHE F 304 21.32 9.37 37.59
C PHE F 304 19.99 8.98 38.22
N ASP F 305 20.03 7.94 39.02
CA ASP F 305 18.89 7.57 39.84
C ASP F 305 18.90 8.42 41.10
N TYR F 306 17.78 9.07 41.38
CA TYR F 306 17.64 9.81 42.62
C TYR F 306 16.81 8.97 43.59
N LEU F 307 17.25 8.90 44.85
CA LEU F 307 16.69 7.99 45.83
C LEU F 307 16.03 8.73 46.98
N GLY F 308 15.97 10.05 46.87
CA GLY F 308 15.53 10.87 47.99
C GLY F 308 14.03 11.07 48.07
N GLY F 309 13.31 10.76 46.99
CA GLY F 309 11.88 10.96 46.91
C GLY F 309 11.43 11.18 45.47
N PRO F 310 10.15 11.50 45.26
CA PRO F 310 9.57 11.73 43.93
C PRO F 310 10.35 12.75 43.13
N ALA F 311 10.51 12.50 41.83
CA ALA F 311 11.31 13.37 40.98
C ALA F 311 10.78 14.80 40.97
N GLU F 312 9.45 14.94 41.03
CA GLU F 312 8.85 16.26 40.92
C GLU F 312 9.29 17.18 42.06
N ARG F 313 9.47 16.63 43.25
CA ARG F 313 9.91 17.44 44.39
C ARG F 313 11.41 17.74 44.33
N LEU F 314 12.13 17.04 43.47
CA LEU F 314 13.52 17.39 43.21
C LEU F 314 13.57 18.48 42.14
N LEU F 315 12.81 18.29 41.06
CA LEU F 315 12.71 19.28 40.00
C LEU F 315 12.37 20.65 40.56
N ASP F 316 11.40 20.68 41.48
CA ASP F 316 10.95 21.91 42.11
C ASP F 316 12.07 22.71 42.77
N ARG F 317 13.09 22.02 43.26
CA ARG F 317 14.09 22.68 44.10
C ARG F 317 15.27 23.32 43.39
N PHE F 318 15.42 23.09 42.09
CA PHE F 318 16.52 23.68 41.33
C PHE F 318 16.27 25.17 41.16
N THR F 319 17.32 25.97 41.18
CA THR F 319 17.16 27.41 40.92
C THR F 319 18.06 27.92 39.80
N LEU F 320 18.96 27.09 39.31
CA LEU F 320 19.77 27.50 38.19
C LEU F 320 19.46 26.65 36.97
N PHE F 321 19.52 25.34 37.13
CA PHE F 321 19.05 24.43 36.09
C PHE F 321 17.61 24.80 35.75
N THR F 322 17.27 24.74 34.47
CA THR F 322 15.90 25.00 34.04
C THR F 322 15.18 23.66 33.82
N CYS F 323 13.96 23.54 34.33
CA CYS F 323 13.20 22.31 34.09
C CYS F 323 12.52 22.35 32.73
N GLY F 324 13.03 21.58 31.79
CA GLY F 324 12.43 21.53 30.46
C GLY F 324 13.12 20.52 29.59
N VAL F 325 12.54 20.24 28.43
CA VAL F 325 13.16 19.29 27.53
C VAL F 325 14.15 20.04 26.64
N SER F 326 14.56 19.41 25.54
CA SER F 326 15.71 19.85 24.76
C SER F 326 17.00 19.69 25.57
N LEU F 327 18.12 19.97 24.92
CA LEU F 327 19.43 19.79 25.52
C LEU F 327 20.41 20.54 24.65
N GLY F 328 21.69 20.46 24.97
CA GLY F 328 22.72 21.00 24.10
C GLY F 328 22.99 22.50 24.20
N GLY F 329 21.95 23.28 24.54
CA GLY F 329 22.03 24.73 24.52
C GLY F 329 22.82 25.36 25.64
N VAL F 330 22.96 26.69 25.60
CA VAL F 330 23.78 27.41 26.58
C VAL F 330 23.25 27.36 28.01
N HIS F 331 21.93 27.32 28.16
CA HIS F 331 21.31 27.18 29.48
C HIS F 331 21.26 25.69 29.87
N SER F 332 21.68 25.38 31.09
CA SER F 332 21.57 24.03 31.64
C SER F 332 20.11 23.62 31.88
N LEU F 333 19.77 22.40 31.52
CA LEU F 333 18.40 21.89 31.72
C LEU F 333 18.36 20.61 32.55
N VAL F 334 17.23 20.40 33.22
CA VAL F 334 16.96 19.17 33.94
C VAL F 334 15.57 18.68 33.53
N GLU F 335 15.35 17.36 33.60
CA GLU F 335 14.02 16.80 33.39
C GLU F 335 13.93 15.40 33.97
N CYS F 336 12.72 14.87 33.99
CA CYS F 336 12.49 13.50 34.41
C CYS F 336 11.80 12.74 33.29
N PRO F 337 12.51 11.77 32.70
CA PRO F 337 12.01 10.92 31.61
C PRO F 337 10.65 10.29 31.92
N ALA F 338 10.57 9.42 32.94
CA ALA F 338 9.30 8.79 33.28
C ALA F 338 8.19 9.84 33.44
N LEU F 339 8.58 11.02 33.92
CA LEU F 339 7.62 12.11 34.10
C LEU F 339 7.39 13.05 32.90
N MSE F 340 8.27 13.00 31.91
CA MSE F 340 8.22 13.99 30.83
C MSE F 340 8.49 13.36 29.46
O MSE F 340 7.54 13.05 28.69
CB MSE F 340 9.22 15.15 31.12
CG MSE F 340 8.85 16.05 32.33
SE MSE F 340 10.30 17.18 33.15
CE MSE F 340 9.13 18.62 33.75
N THR F 341 9.76 13.17 29.14
CA THR F 341 10.16 12.56 27.88
C THR F 341 9.55 11.17 27.71
N HIS F 342 9.97 10.23 28.57
CA HIS F 342 9.59 8.82 28.45
C HIS F 342 8.32 8.46 29.23
N ARG F 343 7.24 9.05 28.75
CA ARG F 343 5.93 9.02 29.38
C ARG F 343 4.85 8.63 28.35
N PRO F 344 5.11 8.81 27.03
CA PRO F 344 4.33 8.06 26.05
C PRO F 344 4.25 6.57 26.40
N LEU F 345 5.36 6.02 26.87
CA LEU F 345 5.46 4.60 27.18
C LEU F 345 4.64 4.24 28.42
N SER F 346 3.72 3.29 28.24
CA SER F 346 3.00 2.68 29.35
C SER F 346 3.98 2.15 30.39
N ALA F 347 3.47 1.90 31.59
CA ALA F 347 4.31 1.54 32.72
C ALA F 347 5.00 0.18 32.61
N GLU F 348 4.69 -0.57 31.55
CA GLU F 348 5.38 -1.84 31.31
C GLU F 348 6.71 -1.57 30.60
N ALA F 349 6.63 -0.90 29.46
CA ALA F 349 7.80 -0.61 28.65
C ALA F 349 8.92 0.05 29.45
N ARG F 350 8.57 1.01 30.30
CA ARG F 350 9.55 1.63 31.18
C ARG F 350 10.22 0.58 32.07
N ALA F 351 9.40 -0.27 32.68
CA ALA F 351 9.89 -1.35 33.53
C ALA F 351 10.71 -2.37 32.76
N ARG F 352 10.68 -2.31 31.43
CA ARG F 352 11.47 -3.20 30.60
C ARG F 352 12.81 -2.55 30.23
N ARG F 353 12.73 -1.43 29.52
CA ARG F 353 13.95 -0.73 29.06
C ARG F 353 14.80 -0.14 30.20
N GLY F 354 14.32 -0.21 31.43
CA GLY F 354 15.11 0.25 32.56
C GLY F 354 15.17 1.76 32.71
N ILE F 355 14.08 2.44 32.34
CA ILE F 355 13.97 3.86 32.63
C ILE F 355 13.08 4.04 33.87
N GLY F 356 13.71 3.99 35.04
CA GLY F 356 13.01 4.15 36.30
C GLY F 356 12.27 5.47 36.45
N GLU F 357 11.33 5.49 37.37
CA GLU F 357 10.51 6.68 37.62
C GLU F 357 11.36 7.82 38.15
N SER F 358 12.47 7.46 38.77
CA SER F 358 13.25 8.42 39.52
C SER F 358 14.60 8.73 38.86
N LEU F 359 14.74 8.32 37.60
CA LEU F 359 15.88 8.73 36.80
C LEU F 359 15.79 10.22 36.46
N ILE F 360 16.87 10.95 36.77
CA ILE F 360 16.97 12.36 36.46
C ILE F 360 17.97 12.51 35.33
N ARG F 361 17.70 13.39 34.38
CA ARG F 361 18.64 13.66 33.29
C ARG F 361 19.10 15.12 33.30
N LEU F 362 20.42 15.31 33.22
CA LEU F 362 21.01 16.64 33.13
C LEU F 362 21.58 16.89 31.75
N SER F 363 21.32 18.06 31.19
CA SER F 363 22.07 18.56 30.04
C SER F 363 22.81 19.81 30.50
N VAL F 364 24.13 19.79 30.42
CA VAL F 364 24.93 20.82 31.03
C VAL F 364 25.16 22.00 30.09
N GLY F 365 24.85 23.20 30.56
CA GLY F 365 25.11 24.41 29.78
C GLY F 365 26.51 24.95 30.04
N ILE F 366 26.70 26.23 29.73
CA ILE F 366 28.02 26.83 29.89
C ILE F 366 28.14 27.77 31.10
N GLU F 367 27.19 27.68 32.05
CA GLU F 367 27.29 28.43 33.30
C GLU F 367 28.54 28.00 34.08
N ASP F 368 28.95 28.81 35.06
CA ASP F 368 30.11 28.46 35.87
C ASP F 368 29.82 27.18 36.65
N PRO F 369 30.77 26.22 36.61
CA PRO F 369 30.61 24.88 37.20
C PRO F 369 30.32 24.85 38.70
N GLN F 370 30.81 25.82 39.45
CA GLN F 370 30.50 25.84 40.88
C GLN F 370 29.05 26.21 41.13
N ASP F 371 28.53 27.14 40.34
CA ASP F 371 27.15 27.56 40.50
C ASP F 371 26.21 26.39 40.20
N LEU F 372 26.50 25.65 39.15
CA LEU F 372 25.69 24.48 38.82
C LEU F 372 25.77 23.42 39.92
N ALA F 373 26.98 23.08 40.37
CA ALA F 373 27.17 22.07 41.41
C ALA F 373 26.41 22.42 42.70
N GLU F 374 26.55 23.68 43.13
CA GLU F 374 25.83 24.20 44.28
C GLU F 374 24.33 23.97 44.12
N ASP F 375 23.81 24.39 42.97
CA ASP F 375 22.39 24.27 42.66
C ASP F 375 21.96 22.80 42.72
N LEU F 376 22.76 21.92 42.14
CA LEU F 376 22.50 20.48 42.20
C LEU F 376 22.46 19.98 43.65
N SER F 377 23.41 20.42 44.46
CA SER F 377 23.48 19.96 45.85
C SER F 377 22.29 20.40 46.69
N ARG F 378 22.03 21.70 46.66
CA ARG F 378 20.84 22.28 47.28
C ARG F 378 19.59 21.49 46.89
N ALA F 379 19.45 21.18 45.60
CA ALA F 379 18.30 20.43 45.13
C ALA F 379 18.27 19.02 45.71
N LEU F 380 19.43 18.38 45.79
CA LEU F 380 19.51 17.00 46.27
C LEU F 380 19.29 16.90 47.79
N ALA F 381 19.92 17.80 48.54
CA ALA F 381 19.93 17.70 49.99
C ALA F 381 18.63 18.19 50.62
N GLY F 382 17.96 19.11 49.94
CA GLY F 382 16.75 19.69 50.49
C GLY F 382 16.90 21.18 50.65
N GLY G 6 23.38 31.38 40.77
CA GLY G 6 24.82 31.32 40.70
C GLY G 6 25.47 32.55 40.08
N MSE G 7 26.27 33.24 40.88
CA MSE G 7 26.62 34.59 40.47
C MSE G 7 28.09 34.79 40.18
O MSE G 7 28.66 35.84 40.43
CB MSE G 7 26.02 35.62 41.43
CG MSE G 7 24.70 36.15 40.88
SE MSE G 7 23.45 34.67 40.46
CE MSE G 7 22.03 35.85 39.74
N ARG G 8 28.69 33.77 39.59
CA ARG G 8 29.96 33.91 38.92
C ARG G 8 29.69 34.41 37.49
N PHE G 9 30.72 34.89 36.83
CA PHE G 9 30.60 35.68 35.61
C PHE G 9 30.01 34.88 34.42
N GLY G 10 30.49 33.66 34.25
CA GLY G 10 30.04 32.76 33.21
C GLY G 10 28.56 32.45 33.36
N THR G 11 28.12 32.28 34.60
CA THR G 11 26.71 32.18 34.90
C THR G 11 25.93 33.50 34.66
N ARG G 12 26.54 34.61 35.08
CA ARG G 12 26.00 35.95 34.77
C ARG G 12 25.68 36.12 33.31
N LEU G 13 26.62 35.71 32.46
CA LEU G 13 26.48 35.87 31.02
C LEU G 13 25.25 35.14 30.49
N VAL G 14 24.92 33.99 31.07
CA VAL G 14 23.83 33.18 30.54
C VAL G 14 22.46 33.68 31.01
N HIS G 15 22.35 33.96 32.29
CA HIS G 15 21.05 34.20 32.90
C HIS G 15 20.81 35.65 33.32
N GLY G 16 21.84 36.49 33.23
CA GLY G 16 21.67 37.91 33.55
C GLY G 16 20.62 38.52 32.65
N GLY G 17 19.62 39.16 33.24
CA GLY G 17 18.55 39.80 32.48
C GLY G 17 17.68 38.82 31.71
N ARG G 18 17.66 37.55 32.15
CA ARG G 18 16.84 36.55 31.48
C ARG G 18 15.56 36.28 32.28
N ARG G 19 14.44 36.86 31.86
CA ARG G 19 13.17 36.75 32.58
C ARG G 19 12.33 35.54 32.14
N PRO G 20 11.37 35.15 32.98
CA PRO G 20 10.43 34.10 32.59
C PRO G 20 9.29 34.72 31.83
N SER G 21 8.84 34.03 30.79
CA SER G 21 7.67 34.49 30.08
C SER G 21 6.46 34.05 30.89
N ALA G 22 5.70 35.02 31.36
CA ALA G 22 4.50 34.76 32.14
C ALA G 22 3.43 34.18 31.22
N GLY G 23 3.03 32.95 31.51
CA GLY G 23 2.05 32.28 30.68
C GLY G 23 2.69 31.14 29.93
N THR G 24 3.74 31.44 29.16
CA THR G 24 4.24 30.49 28.18
C THR G 24 5.57 29.84 28.55
N GLY G 25 6.37 30.52 29.37
CA GLY G 25 7.53 29.91 29.96
C GLY G 25 8.74 29.78 29.05
N ASP G 26 8.87 30.69 28.09
CA ASP G 26 10.01 30.71 27.18
C ASP G 26 11.30 30.82 27.97
N VAL G 27 12.29 29.99 27.63
CA VAL G 27 13.62 30.07 28.26
C VAL G 27 14.36 31.27 27.71
N VAL G 28 14.43 31.36 26.37
CA VAL G 28 14.94 32.55 25.73
C VAL G 28 13.82 33.59 25.63
N PRO G 29 14.00 34.78 26.26
CA PRO G 29 12.95 35.81 26.21
C PRO G 29 12.64 36.23 24.77
N PRO G 30 11.36 36.48 24.47
CA PRO G 30 10.96 36.86 23.11
C PRO G 30 11.48 38.23 22.70
N ILE G 31 11.57 38.44 21.39
CA ILE G 31 12.09 39.66 20.80
C ILE G 31 10.99 40.73 20.75
N HIS G 32 11.16 41.78 21.56
CA HIS G 32 10.18 42.87 21.63
C HIS G 32 10.41 43.93 20.56
N VAL G 33 9.79 43.75 19.39
CA VAL G 33 9.94 44.72 18.30
C VAL G 33 8.89 45.84 18.32
N SER G 34 7.84 45.69 19.11
CA SER G 34 6.79 46.71 19.10
C SER G 34 7.28 48.09 19.58
N THR G 35 6.93 49.15 18.85
CA THR G 35 7.23 50.51 19.23
C THR G 35 6.10 51.11 20.05
N THR G 36 4.90 50.57 19.92
CA THR G 36 3.75 51.18 20.55
C THR G 36 3.17 50.30 21.67
N TYR G 37 2.53 50.92 22.65
CA TYR G 37 2.03 50.19 23.82
C TYR G 37 0.63 50.55 24.23
N GLU G 38 -0.20 49.52 24.34
CA GLU G 38 -1.55 49.65 24.87
C GLU G 38 -1.40 49.99 26.35
N ARG G 39 -1.98 51.11 26.75
CA ARG G 39 -1.92 51.55 28.13
C ARG G 39 -2.73 50.68 29.07
N ARG G 40 -3.94 50.30 28.63
CA ARG G 40 -4.86 49.53 29.46
C ARG G 40 -4.39 48.08 29.67
N ALA G 41 -3.43 47.63 28.86
CA ALA G 41 -2.96 46.25 28.94
C ALA G 41 -1.84 46.18 29.97
N GLN G 42 -1.77 47.22 30.79
CA GLN G 42 -0.76 47.30 31.82
C GLN G 42 -1.38 47.29 33.20
N ASP G 43 -0.54 47.02 34.18
CA ASP G 43 -0.98 46.82 35.57
C ASP G 43 -0.30 47.91 36.36
N GLU G 44 0.48 48.71 35.66
CA GLU G 44 1.27 49.77 36.23
C GLU G 44 1.71 50.59 35.01
N PRO G 45 1.64 51.91 35.10
CA PRO G 45 2.09 52.68 33.92
C PRO G 45 3.60 52.54 33.81
N ARG G 46 4.13 52.34 32.61
CA ARG G 46 5.53 51.99 32.46
C ARG G 46 5.99 52.00 30.99
N TYR G 47 5.47 51.05 30.20
CA TYR G 47 5.82 50.97 28.78
C TYR G 47 4.90 51.89 28.00
N PHE G 48 5.49 52.95 27.46
CA PHE G 48 4.75 53.96 26.75
C PHE G 48 5.14 53.98 25.27
N TYR G 49 6.45 53.96 25.00
CA TYR G 49 6.93 54.14 23.62
C TYR G 49 8.35 53.60 23.41
N GLY G 50 8.57 52.97 22.27
CA GLY G 50 9.79 52.24 22.01
C GLY G 50 11.11 52.99 22.18
N ARG G 51 11.16 54.27 21.82
CA ARG G 51 12.42 55.02 21.98
C ARG G 51 12.82 55.10 23.45
N GLY G 52 11.83 55.25 24.32
CA GLY G 52 12.09 55.40 25.74
C GLY G 52 12.09 54.12 26.56
N GLU G 53 11.33 53.11 26.12
CA GLU G 53 11.19 51.85 26.86
C GLU G 53 10.99 50.66 25.92
N ASN G 54 11.77 49.59 26.13
CA ASN G 54 11.61 48.33 25.39
C ASN G 54 12.20 47.18 26.20
N PRO G 55 11.39 46.14 26.48
CA PRO G 55 11.81 45.07 27.41
C PRO G 55 13.07 44.34 26.99
N THR G 56 13.23 44.07 25.69
CA THR G 56 14.41 43.41 25.16
C THR G 56 15.68 44.22 25.44
N ARG G 57 15.57 45.53 25.23
CA ARG G 57 16.70 46.42 25.51
C ARG G 57 17.05 46.37 27.00
N GLU G 58 16.01 46.44 27.83
CA GLU G 58 16.19 46.42 29.28
C GLU G 58 16.85 45.13 29.78
N GLU G 59 16.51 44.00 29.16
CA GLU G 59 17.14 42.73 29.50
C GLU G 59 18.65 42.77 29.22
N LEU G 60 19.04 43.31 28.08
CA LEU G 60 20.47 43.41 27.76
C LEU G 60 21.17 44.29 28.82
N GLU G 61 20.57 45.44 29.13
CA GLU G 61 21.12 46.35 30.13
C GLU G 61 21.29 45.67 31.50
N GLU G 62 20.27 44.90 31.90
CA GLU G 62 20.33 44.15 33.16
C GLU G 62 21.51 43.17 33.16
N CYS G 63 21.67 42.44 32.07
CA CYS G 63 22.81 41.55 31.90
C CYS G 63 24.16 42.28 32.01
N LEU G 64 24.32 43.36 31.24
CA LEU G 64 25.56 44.13 31.25
C LEU G 64 25.85 44.69 32.64
N ALA G 65 24.84 45.27 33.29
CA ALA G 65 25.00 45.80 34.63
C ALA G 65 25.47 44.70 35.59
N GLY G 66 24.91 43.50 35.42
CA GLY G 66 25.23 42.38 36.28
C GLY G 66 26.68 41.95 36.15
N LEU G 67 27.27 42.17 34.97
CA LEU G 67 28.64 41.73 34.73
C LEU G 67 29.64 42.51 35.57
N GLU G 68 29.21 43.63 36.12
CA GLU G 68 30.11 44.42 36.97
C GLU G 68 29.51 44.60 38.36
N ARG G 69 28.43 43.86 38.62
CA ARG G 69 27.65 44.02 39.84
C ARG G 69 27.30 45.50 40.05
N ALA G 70 26.81 46.15 39.00
CA ALA G 70 26.50 47.57 39.03
C ALA G 70 24.99 47.72 39.01
N PRO G 71 24.49 48.79 39.65
CA PRO G 71 23.04 48.95 39.65
C PRO G 71 22.47 49.50 38.33
N PHE G 72 23.31 49.94 37.40
CA PHE G 72 22.77 50.56 36.18
C PHE G 72 23.57 50.26 34.91
N ALA G 73 22.86 50.11 33.81
CA ALA G 73 23.49 50.15 32.50
C ALA G 73 22.53 50.71 31.46
N THR G 74 23.08 51.38 30.47
CA THR G 74 22.31 51.90 29.35
C THR G 74 23.02 51.51 28.07
N VAL G 75 22.26 50.95 27.12
CA VAL G 75 22.80 50.61 25.80
C VAL G 75 22.38 51.59 24.71
N PHE G 76 23.18 51.61 23.64
CA PHE G 76 23.12 52.63 22.63
C PHE G 76 23.27 52.03 21.23
N SER G 77 22.99 52.88 20.25
CA SER G 77 23.14 52.56 18.86
C SER G 77 24.54 52.06 18.49
N SER G 78 25.56 52.60 19.15
CA SER G 78 26.96 52.26 18.88
C SER G 78 27.83 52.70 20.05
N GLY G 79 29.09 52.26 20.02
CA GLY G 79 30.10 52.74 20.94
C GLY G 79 30.21 54.25 20.91
N GLN G 80 30.25 54.83 19.72
CA GLN G 80 30.32 56.28 19.58
C GLN G 80 29.19 57.01 20.33
N ALA G 81 27.96 56.53 20.16
CA ALA G 81 26.82 57.21 20.75
C ALA G 81 26.85 57.06 22.28
N ALA G 82 27.42 55.97 22.76
CA ALA G 82 27.62 55.81 24.19
C ALA G 82 28.64 56.87 24.68
N ALA G 83 29.73 57.00 23.95
CA ALA G 83 30.72 58.02 24.28
C ALA G 83 30.14 59.44 24.13
N ALA G 84 29.34 59.61 23.07
CA ALA G 84 28.68 60.88 22.80
C ALA G 84 27.80 61.29 23.96
N THR G 85 27.04 60.33 24.47
CA THR G 85 26.11 60.58 25.57
C THR G 85 26.84 60.99 26.86
N LEU G 86 27.83 60.20 27.26
CA LEU G 86 28.64 60.55 28.42
C LEU G 86 29.23 61.96 28.28
N LEU G 87 29.82 62.25 27.14
CA LEU G 87 30.49 63.52 26.93
C LEU G 87 29.53 64.71 26.92
N SER G 88 28.28 64.46 26.55
CA SER G 88 27.28 65.52 26.47
C SER G 88 27.03 66.15 27.84
N LEU G 89 27.40 65.45 28.89
CA LEU G 89 27.16 65.92 30.24
C LEU G 89 28.13 67.01 30.68
N VAL G 90 29.28 67.10 30.00
CA VAL G 90 30.23 68.17 30.26
C VAL G 90 29.60 69.42 29.69
N ARG G 91 29.65 70.52 30.44
CA ARG G 91 29.01 71.77 29.99
C ARG G 91 30.06 72.72 29.45
N PRO G 92 29.62 73.87 28.90
CA PRO G 92 30.70 74.82 28.55
C PRO G 92 31.47 75.27 29.78
N GLY G 93 32.72 75.69 29.56
CA GLY G 93 33.55 76.21 30.64
C GLY G 93 34.19 75.12 31.46
N GLN G 94 33.97 73.86 31.08
CA GLN G 94 34.51 72.73 31.83
C GLN G 94 35.50 71.89 31.01
N CYS G 95 36.42 71.20 31.69
CA CYS G 95 37.52 70.52 31.02
C CYS G 95 37.44 69.00 31.05
N VAL G 96 37.81 68.38 29.93
CA VAL G 96 37.97 66.94 29.86
C VAL G 96 39.45 66.64 29.79
N VAL G 97 39.92 65.70 30.59
CA VAL G 97 41.32 65.28 30.54
C VAL G 97 41.42 63.94 29.86
N SER G 98 42.26 63.86 28.84
CA SER G 98 42.44 62.60 28.11
C SER G 98 43.91 62.45 27.70
N THR G 99 44.18 61.52 26.79
CA THR G 99 45.54 61.27 26.32
C THR G 99 45.58 61.33 24.78
N ASP G 100 46.77 61.39 24.20
CA ASP G 100 46.95 61.62 22.76
C ASP G 100 46.57 60.44 21.86
N ASP G 101 46.33 59.28 22.45
CA ASP G 101 46.10 58.08 21.65
C ASP G 101 44.79 57.37 22.00
N VAL G 102 43.72 58.15 22.09
CA VAL G 102 42.38 57.63 22.32
C VAL G 102 41.86 57.01 21.02
N TYR G 103 40.74 56.29 21.09
CA TYR G 103 40.08 55.82 19.88
C TYR G 103 39.73 57.03 19.01
N ALA G 104 40.01 56.93 17.72
CA ALA G 104 39.89 58.09 16.84
C ALA G 104 38.46 58.62 16.79
N GLY G 105 37.48 57.73 17.00
CA GLY G 105 36.11 58.17 17.11
C GLY G 105 35.93 59.06 18.32
N THR G 106 36.47 58.61 19.45
CA THR G 106 36.45 59.38 20.69
C THR G 106 37.12 60.75 20.55
N ASP G 107 38.22 60.81 19.80
CA ASP G 107 38.86 62.10 19.54
C ASP G 107 37.92 62.98 18.71
N GLY G 108 37.19 62.37 17.78
CA GLY G 108 36.17 63.07 17.02
C GLY G 108 35.15 63.75 17.91
N LEU G 109 34.64 63.01 18.88
CA LEU G 109 33.74 63.59 19.87
C LEU G 109 34.44 64.74 20.63
N PHE G 110 35.74 64.59 20.88
CA PHE G 110 36.50 65.68 21.48
C PHE G 110 36.57 66.91 20.55
N ASP G 111 36.68 66.68 19.24
CA ASP G 111 36.60 67.78 18.27
C ASP G 111 35.29 68.51 18.48
N LEU G 112 34.21 67.73 18.42
CA LEU G 112 32.85 68.24 18.48
C LEU G 112 32.64 69.08 19.73
N ALA G 113 32.95 68.51 20.87
CA ALA G 113 32.74 69.16 22.16
C ALA G 113 33.54 70.47 22.29
N ALA G 114 34.74 70.48 21.73
CA ALA G 114 35.56 71.68 21.74
C ALA G 114 34.88 72.78 20.95
N ARG G 115 34.17 72.38 19.90
CA ARG G 115 33.50 73.34 19.05
C ARG G 115 32.16 73.74 19.68
N GLN G 116 31.85 73.12 20.80
CA GLN G 116 30.74 73.60 21.64
C GLN G 116 31.34 74.25 22.88
N GLY G 117 32.63 74.53 22.81
CA GLY G 117 33.35 75.17 23.90
C GLY G 117 34.37 74.26 24.59
N VAL G 118 33.89 73.12 25.08
CA VAL G 118 34.65 72.21 25.96
C VAL G 118 36.16 72.14 25.71
N ARG G 119 36.96 72.35 26.77
CA ARG G 119 38.41 72.12 26.67
C ARG G 119 38.75 70.64 26.84
N VAL G 120 39.57 70.11 25.93
CA VAL G 120 39.78 68.66 25.94
C VAL G 120 41.25 68.25 26.04
N ARG G 121 41.96 68.88 26.96
CA ARG G 121 43.42 68.73 27.16
C ARG G 121 44.01 67.31 27.16
N TYR G 122 45.21 67.21 26.61
CA TYR G 122 45.86 65.92 26.40
C TYR G 122 47.08 65.76 27.31
N ALA G 123 47.41 64.53 27.67
CA ALA G 123 48.55 64.26 28.55
C ALA G 123 48.94 62.79 28.47
N ASP G 124 49.81 62.38 29.39
CA ASP G 124 50.09 60.96 29.59
C ASP G 124 49.67 60.58 31.01
N LEU G 125 48.99 59.45 31.14
CA LEU G 125 48.50 59.02 32.45
C LEU G 125 49.24 57.78 32.96
N THR G 126 50.45 57.59 32.45
CA THR G 126 51.25 56.39 32.70
C THR G 126 52.44 56.78 33.52
N THR G 127 52.68 58.09 33.58
CA THR G 127 53.66 58.66 34.47
C THR G 127 52.93 59.46 35.52
N PRO G 128 53.51 59.53 36.73
CA PRO G 128 52.96 60.34 37.84
C PRO G 128 53.23 61.82 37.63
N GLU G 129 53.85 62.17 36.50
CA GLU G 129 54.07 63.60 36.15
C GLU G 129 53.10 64.16 35.20
N GLY G 130 52.57 63.31 34.34
CA GLY G 130 51.56 63.74 33.39
C GLY G 130 50.18 63.76 34.03
N ILE G 131 49.90 62.73 34.82
CA ILE G 131 48.71 62.70 35.65
C ILE G 131 48.68 63.98 36.47
N ALA G 132 49.76 64.22 37.21
CA ALA G 132 49.87 65.36 38.14
C ALA G 132 49.67 66.71 37.46
N ALA G 133 50.17 66.84 36.24
CA ALA G 133 49.97 68.05 35.47
C ALA G 133 48.49 68.19 35.13
N ALA G 134 48.02 67.25 34.30
CA ALA G 134 46.63 67.21 33.83
C ALA G 134 45.58 67.32 34.93
N LEU G 135 45.94 66.98 36.17
CA LEU G 135 44.96 66.98 37.25
C LEU G 135 44.98 68.24 38.12
N ALA G 136 45.84 69.20 37.78
CA ALA G 136 45.75 70.54 38.37
C ALA G 136 44.97 71.42 37.42
N GLU G 137 43.99 70.82 36.76
CA GLU G 137 43.18 71.52 35.78
C GLU G 137 41.89 72.04 36.40
N PRO G 138 41.63 73.35 36.26
CA PRO G 138 40.42 73.90 36.86
C PRO G 138 39.22 73.46 36.04
N ASP G 139 38.07 73.37 36.67
CA ASP G 139 36.86 72.87 36.04
C ASP G 139 37.02 71.44 35.52
N LEU G 140 37.85 70.64 36.16
CA LEU G 140 38.03 69.25 35.70
C LEU G 140 36.74 68.45 35.87
N ALA G 141 36.01 68.24 34.79
CA ALA G 141 34.73 67.55 34.87
C ALA G 141 34.84 66.06 34.60
N LEU G 142 35.70 65.67 33.68
CA LEU G 142 35.73 64.28 33.22
C LEU G 142 37.14 63.81 32.87
N VAL G 143 37.57 62.73 33.49
CA VAL G 143 38.82 62.10 33.11
C VAL G 143 38.54 60.84 32.31
N TRP G 144 39.10 60.77 31.11
CA TRP G 144 38.78 59.71 30.16
C TRP G 144 40.00 58.80 30.05
N ILE G 145 39.79 57.50 30.20
CA ILE G 145 40.90 56.56 30.23
C ILE G 145 40.70 55.38 29.29
N GLU G 146 41.58 55.26 28.30
CA GLU G 146 41.53 54.08 27.46
C GLU G 146 42.69 53.15 27.81
N THR G 147 42.39 52.03 28.46
CA THR G 147 43.41 51.09 28.86
C THR G 147 42.97 49.64 28.65
N PRO G 148 43.83 48.81 28.01
CA PRO G 148 45.12 49.17 27.40
C PRO G 148 44.93 50.13 26.22
N THR G 149 45.98 50.86 25.84
CA THR G 149 45.89 51.71 24.65
C THR G 149 45.98 50.86 23.38
N ASN G 150 45.79 51.49 22.23
CA ASN G 150 45.81 50.76 20.96
C ASN G 150 46.42 51.70 19.94
N PRO G 151 47.48 51.27 19.23
CA PRO G 151 48.02 49.92 19.09
C PRO G 151 49.25 49.60 19.93
N LEU G 152 49.80 50.56 20.69
CA LEU G 152 51.03 50.29 21.44
C LEU G 152 50.77 49.45 22.69
N LEU G 153 49.51 49.35 23.07
CA LEU G 153 49.08 48.48 24.17
C LEU G 153 49.72 48.87 25.51
N THR G 154 49.88 50.16 25.74
CA THR G 154 50.28 50.66 27.05
C THR G 154 49.08 50.64 27.99
N VAL G 155 49.32 50.87 29.27
CA VAL G 155 48.27 50.74 30.26
C VAL G 155 48.31 51.89 31.25
N VAL G 156 47.14 52.30 31.75
CA VAL G 156 47.02 53.33 32.78
C VAL G 156 46.43 52.76 34.09
N ASP G 157 47.04 53.08 35.22
CA ASP G 157 46.53 52.63 36.53
C ASP G 157 45.16 53.27 36.82
N VAL G 158 44.10 52.51 36.63
CA VAL G 158 42.74 53.00 36.83
C VAL G 158 42.48 53.42 38.28
N ALA G 159 42.86 52.57 39.22
CA ALA G 159 42.67 52.85 40.64
C ALA G 159 43.36 54.14 41.03
N GLU G 160 44.61 54.28 40.60
CA GLU G 160 45.43 55.42 40.99
C GLU G 160 44.94 56.71 40.36
N VAL G 161 44.56 56.66 39.09
CA VAL G 161 44.07 57.85 38.42
C VAL G 161 42.71 58.28 38.98
N SER G 162 41.87 57.30 39.32
CA SER G 162 40.57 57.61 39.90
C SER G 162 40.66 58.33 41.26
N ARG G 163 41.56 57.89 42.15
CA ARG G 163 41.64 58.56 43.46
C ARG G 163 42.19 59.98 43.38
N ARG G 164 43.09 60.23 42.43
CA ARG G 164 43.58 61.58 42.23
C ARG G 164 42.55 62.40 41.43
N ALA G 165 41.69 61.73 40.68
CA ALA G 165 40.60 62.42 39.99
C ALA G 165 39.47 62.77 40.96
N HIS G 166 39.16 61.86 41.87
CA HIS G 166 38.02 62.03 42.74
C HIS G 166 38.21 63.14 43.78
N GLU G 167 39.45 63.35 44.21
CA GLU G 167 39.76 64.48 45.09
C GLU G 167 39.33 65.80 44.45
N ARG G 168 39.47 65.89 43.14
CA ARG G 168 39.19 67.12 42.41
C ARG G 168 37.69 67.36 42.29
N GLY G 169 36.91 66.31 42.51
CA GLY G 169 35.49 66.34 42.23
C GLY G 169 35.28 66.02 40.77
N ALA G 170 35.82 64.89 40.33
CA ALA G 170 35.85 64.58 38.91
C ALA G 170 35.41 63.14 38.57
N ARG G 171 34.51 63.04 37.59
CA ARG G 171 34.04 61.75 37.08
C ARG G 171 35.14 61.04 36.30
N VAL G 172 35.23 59.72 36.48
CA VAL G 172 36.18 58.92 35.73
C VAL G 172 35.48 57.90 34.87
N VAL G 173 35.82 57.86 33.59
CA VAL G 173 35.35 56.81 32.73
C VAL G 173 36.52 56.02 32.19
N VAL G 174 36.33 54.71 32.07
CA VAL G 174 37.24 53.84 31.37
C VAL G 174 36.52 53.25 30.17
N ASP G 175 37.09 53.48 29.00
CA ASP G 175 36.64 52.81 27.79
C ASP G 175 37.23 51.41 27.91
N ASN G 176 36.38 50.45 28.25
CA ASN G 176 36.82 49.12 28.62
C ASN G 176 36.59 48.08 27.51
N THR G 177 36.54 48.58 26.27
CA THR G 177 36.26 47.77 25.09
C THR G 177 37.32 46.69 24.82
N PHE G 178 38.58 47.12 24.79
CA PHE G 178 39.74 46.25 24.58
C PHE G 178 39.70 45.13 25.60
N ALA G 179 39.59 45.49 26.88
CA ALA G 179 39.56 44.51 27.95
C ALA G 179 38.36 43.57 27.86
N SER G 180 37.17 44.17 27.83
CA SER G 180 35.88 43.51 28.08
C SER G 180 35.74 43.25 29.59
N PRO G 181 34.49 43.04 30.07
CA PRO G 181 34.33 42.80 31.51
C PRO G 181 34.90 41.46 31.98
N VAL G 182 35.29 40.58 31.06
CA VAL G 182 35.96 39.33 31.43
C VAL G 182 37.32 39.58 32.12
N LEU G 183 37.97 40.67 31.74
CA LEU G 183 39.39 40.85 32.05
C LEU G 183 39.70 42.05 32.94
N GLN G 184 38.77 42.98 33.04
CA GLN G 184 39.02 44.22 33.76
C GLN G 184 37.69 44.79 34.20
N GLN G 185 37.62 45.20 35.47
CA GLN G 185 36.40 45.73 36.05
C GLN G 185 36.62 47.17 36.55
N PRO G 186 36.53 48.15 35.64
CA PRO G 186 36.83 49.56 35.95
C PRO G 186 36.12 50.11 37.19
N LEU G 187 34.86 49.75 37.37
CA LEU G 187 34.10 50.23 38.51
C LEU G 187 34.65 49.66 39.82
N ALA G 188 35.12 48.42 39.78
CA ALA G 188 35.74 47.81 40.96
C ALA G 188 37.07 48.49 41.23
N LEU G 189 37.80 48.79 40.16
CA LEU G 189 39.09 49.46 40.27
C LEU G 189 38.94 50.83 40.94
N GLY G 190 37.94 51.58 40.51
CA GLY G 190 37.67 52.87 41.10
C GLY G 190 36.98 53.88 40.19
N ALA G 191 36.72 53.48 38.94
CA ALA G 191 36.04 54.36 37.99
C ALA G 191 34.58 54.62 38.36
N ASP G 192 33.97 55.62 37.72
CA ASP G 192 32.55 55.88 37.89
C ASP G 192 31.75 55.27 36.76
N VAL G 193 32.37 55.14 35.59
CA VAL G 193 31.67 54.65 34.41
C VAL G 193 32.52 53.66 33.62
N SER G 194 31.91 52.55 33.21
CA SER G 194 32.49 51.69 32.19
C SER G 194 31.80 51.96 30.85
N LEU G 195 32.62 52.25 29.85
CA LEU G 195 32.13 52.54 28.50
C LEU G 195 32.55 51.42 27.56
N TYR G 196 31.62 50.95 26.73
CA TYR G 196 31.91 49.91 25.75
C TYR G 196 31.40 50.21 24.36
N SER G 197 32.24 49.92 23.38
CA SER G 197 31.72 49.51 22.09
C SER G 197 31.35 48.05 22.30
N THR G 198 30.07 47.71 22.15
CA THR G 198 29.64 46.33 22.35
C THR G 198 29.73 45.59 21.03
N THR G 199 30.01 46.34 19.97
CA THR G 199 30.26 45.81 18.64
C THR G 199 31.43 44.82 18.66
N1 LLP G 200 36.24 52.55 21.66
C2 LLP G 200 37.01 51.52 21.30
C2' LLP G 200 38.22 51.12 22.20
C3 LLP G 200 36.72 50.81 20.08
O3 LLP G 200 37.52 49.72 19.71
C4 LLP G 200 35.64 51.18 19.30
C4' LLP G 200 35.30 50.36 17.93
C5 LLP G 200 34.87 52.25 19.68
C6 LLP G 200 35.17 52.94 20.87
C5' LLP G 200 33.64 52.76 18.86
OP4 LLP G 200 32.53 51.90 18.95
P LLP G 200 31.55 51.84 17.75
OP1 LLP G 200 30.52 50.76 18.08
OP2 LLP G 200 30.90 53.17 17.61
OP3 LLP G 200 32.27 51.52 16.49
N LLP G 200 32.48 45.16 19.42
CA LLP G 200 33.70 44.32 19.44
CB LLP G 200 34.86 45.12 20.03
CG LLP G 200 34.92 46.55 19.46
CD LLP G 200 35.32 46.63 17.97
CE LLP G 200 35.01 48.05 17.40
NZ LLP G 200 35.97 49.09 17.82
C LLP G 200 33.45 42.99 20.10
O LLP G 200 32.55 42.25 19.70
N SER G 201 34.21 42.62 21.13
CA SER G 201 34.06 41.25 21.61
C SER G 201 32.78 41.01 22.40
N ILE G 202 32.17 42.07 22.90
CA ILE G 202 30.90 41.93 23.62
C ILE G 202 29.85 41.20 22.76
N ALA G 203 29.52 41.74 21.60
CA ALA G 203 28.64 41.01 20.67
C ALA G 203 29.39 39.80 20.05
N GLY G 204 30.65 40.03 19.68
CA GLY G 204 31.57 38.94 19.40
C GLY G 204 31.57 38.36 17.99
N HIS G 205 30.51 38.60 17.22
CA HIS G 205 30.34 37.92 15.94
C HIS G 205 30.37 38.85 14.72
N ALA G 206 30.75 40.11 14.95
CA ALA G 206 30.94 41.08 13.89
C ALA G 206 29.68 41.26 13.04
N ASP G 207 28.51 41.16 13.68
CA ASP G 207 27.27 41.24 12.92
C ASP G 207 26.24 42.23 13.49
N VAL G 208 26.71 43.19 14.28
CA VAL G 208 25.85 44.17 14.91
C VAL G 208 26.67 45.26 15.59
N LEU G 209 26.22 46.51 15.47
CA LEU G 209 26.82 47.62 16.22
C LEU G 209 26.04 47.87 17.48
N GLY G 210 26.73 48.25 18.54
CA GLY G 210 26.07 48.71 19.73
C GLY G 210 27.06 49.36 20.68
N GLY G 211 26.52 50.09 21.66
CA GLY G 211 27.33 50.67 22.70
C GLY G 211 26.70 50.41 24.05
N ALA G 212 27.48 50.64 25.10
CA ALA G 212 26.99 50.51 26.46
C ALA G 212 27.71 51.46 27.41
N LEU G 213 26.96 51.96 28.37
CA LEU G 213 27.53 52.63 29.53
C LEU G 213 27.05 51.82 30.74
N VAL G 214 27.97 51.52 31.63
CA VAL G 214 27.63 50.86 32.88
C VAL G 214 28.22 51.72 34.00
N TYR G 215 27.42 52.00 35.02
CA TYR G 215 27.77 53.00 36.02
C TYR G 215 26.95 52.72 37.29
N ARG G 216 27.18 53.51 38.33
CA ARG G 216 26.66 53.22 39.67
C ARG G 216 25.77 54.34 40.20
N ASP G 217 25.80 55.46 39.51
CA ASP G 217 25.15 56.66 40.01
C ASP G 217 23.75 56.90 39.44
N ALA G 218 22.77 57.15 40.32
CA ALA G 218 21.38 57.38 39.90
C ALA G 218 21.11 58.73 39.22
N ASP G 219 21.82 59.77 39.64
CA ASP G 219 21.68 61.08 39.00
C ASP G 219 22.26 61.05 37.59
N LEU G 220 23.39 60.35 37.44
CA LEU G 220 23.98 60.08 36.14
C LEU G 220 23.03 59.25 35.28
N HIS G 221 22.40 58.27 35.92
CA HIS G 221 21.41 57.43 35.25
C HIS G 221 20.31 58.28 34.61
N ALA G 222 19.67 59.14 35.41
CA ALA G 222 18.58 59.99 34.93
C ALA G 222 19.04 60.87 33.77
N ALA G 223 20.29 61.33 33.82
CA ALA G 223 20.79 62.26 32.82
C ALA G 223 21.16 61.55 31.51
N VAL G 224 21.57 60.29 31.62
CA VAL G 224 21.93 59.47 30.49
C VAL G 224 20.68 58.97 29.75
N ARG G 225 19.65 58.56 30.51
CA ARG G 225 18.40 58.16 29.90
C ARG G 225 17.69 59.34 29.22
N ALA G 226 17.72 60.51 29.87
CA ALA G 226 17.12 61.71 29.31
C ALA G 226 17.76 62.08 27.97
N TYR G 227 19.10 62.03 27.91
CA TYR G 227 19.79 62.30 26.67
C TYR G 227 19.50 61.26 25.59
N ARG G 228 19.47 59.98 25.97
CA ARG G 228 19.25 58.92 24.97
C ARG G 228 17.86 59.05 24.35
N THR G 229 16.88 59.39 25.18
CA THR G 229 15.51 59.54 24.71
C THR G 229 15.37 60.78 23.83
N THR G 230 16.14 61.81 24.13
CA THR G 230 16.06 63.06 23.37
C THR G 230 16.94 63.03 22.12
N ALA G 231 18.17 62.56 22.26
CA ALA G 231 19.06 62.37 21.11
C ALA G 231 18.61 61.22 20.20
N GLY G 232 17.90 60.25 20.77
CA GLY G 232 17.36 59.14 20.00
C GLY G 232 18.40 58.16 19.47
N ASN G 233 19.52 58.05 20.18
CA ASN G 233 20.59 57.12 19.79
C ASN G 233 20.38 55.74 20.42
N VAL G 234 19.14 55.24 20.26
CA VAL G 234 18.63 53.98 20.79
C VAL G 234 18.90 52.81 19.84
N PRO G 235 19.33 51.64 20.38
CA PRO G 235 19.51 50.43 19.54
C PRO G 235 18.20 49.82 19.10
N GLY G 236 18.25 48.98 18.09
CA GLY G 236 17.04 48.29 17.73
C GLY G 236 16.85 47.00 18.51
N ALA G 237 15.59 46.57 18.58
CA ALA G 237 15.21 45.33 19.25
C ALA G 237 16.02 44.13 18.77
N LEU G 238 16.04 43.93 17.45
CA LEU G 238 16.70 42.79 16.87
C LEU G 238 18.20 42.82 17.20
N ASP G 239 18.77 44.02 17.21
CA ASP G 239 20.19 44.19 17.49
C ASP G 239 20.56 43.91 18.96
N CYS G 240 19.72 44.37 19.89
CA CYS G 240 19.90 44.02 21.30
C CYS G 240 19.91 42.50 21.46
N PHE G 241 18.96 41.85 20.79
CA PHE G 241 18.93 40.39 20.74
C PHE G 241 20.26 39.80 20.25
N LEU G 242 20.81 40.33 19.17
CA LEU G 242 22.10 39.81 18.67
C LEU G 242 23.26 40.09 19.63
N VAL G 243 23.28 41.27 20.25
CA VAL G 243 24.27 41.56 21.29
C VAL G 243 24.12 40.57 22.47
N ARG G 244 22.90 40.44 22.98
CA ARG G 244 22.61 39.52 24.09
C ARG G 244 22.96 38.07 23.74
N ARG G 245 22.55 37.63 22.56
CA ARG G 245 22.85 36.26 22.14
C ARG G 245 24.35 36.10 21.96
N GLY G 246 25.01 37.16 21.52
CA GLY G 246 26.46 37.16 21.44
C GLY G 246 27.13 37.11 22.81
N LEU G 247 26.53 37.81 23.78
CA LEU G 247 27.07 37.87 25.13
C LEU G 247 27.27 36.52 25.82
N HIS G 248 26.33 35.59 25.63
CA HIS G 248 26.41 34.25 26.26
C HIS G 248 27.82 33.64 26.30
N THR G 249 28.50 33.65 25.16
CA THR G 249 29.78 32.97 25.05
C THR G 249 30.99 33.87 25.28
N LEU G 250 30.78 35.06 25.84
CA LEU G 250 31.87 36.03 25.98
C LEU G 250 33.06 35.47 26.77
N SER G 251 32.78 34.78 27.87
CA SER G 251 33.87 34.20 28.67
C SER G 251 34.66 33.17 27.88
N LEU G 252 33.97 32.22 27.27
CA LEU G 252 34.64 31.17 26.48
C LEU G 252 35.47 31.77 25.35
N ARG G 253 34.88 32.68 24.60
CA ARG G 253 35.59 33.32 23.49
C ARG G 253 36.84 34.07 23.96
N VAL G 254 36.69 34.92 24.98
CA VAL G 254 37.82 35.72 25.47
C VAL G 254 38.98 34.83 25.92
N HIS G 255 38.65 33.74 26.60
CA HIS G 255 39.71 32.86 27.07
C HIS G 255 40.39 32.09 25.92
N ARG G 256 39.63 31.72 24.90
CA ARG G 256 40.24 31.19 23.68
C ARG G 256 41.14 32.24 23.03
N GLN G 257 40.64 33.47 22.91
CA GLN G 257 41.39 34.56 22.28
C GLN G 257 42.71 34.84 23.02
N VAL G 258 42.64 34.86 24.35
CA VAL G 258 43.84 35.09 25.16
C VAL G 258 44.89 34.00 24.93
N ALA G 259 44.50 32.75 25.12
CA ALA G 259 45.43 31.63 24.99
C ALA G 259 46.10 31.63 23.60
N THR G 260 45.33 31.99 22.57
CA THR G 260 45.91 32.01 21.24
C THR G 260 46.88 33.19 21.07
N ALA G 261 46.50 34.34 21.61
CA ALA G 261 47.34 35.54 21.54
C ALA G 261 48.72 35.26 22.14
N ARG G 262 48.73 34.62 23.31
CA ARG G 262 49.99 34.29 23.95
C ARG G 262 50.87 33.43 23.04
N VAL G 263 50.26 32.42 22.40
CA VAL G 263 51.03 31.56 21.52
C VAL G 263 51.55 32.38 20.35
N LEU G 264 50.73 33.27 19.82
CA LEU G 264 51.17 34.10 18.72
C LEU G 264 52.35 35.00 19.13
N VAL G 265 52.33 35.47 20.37
CA VAL G 265 53.44 36.25 20.91
C VAL G 265 54.73 35.41 20.87
N GLU G 266 54.62 34.11 21.12
CA GLU G 266 55.75 33.19 20.99
C GLU G 266 56.28 33.08 19.57
N ARG G 267 55.39 33.03 18.59
CA ARG G 267 55.84 32.91 17.21
C ARG G 267 56.55 34.20 16.87
N LEU G 268 55.95 35.31 17.26
CA LEU G 268 56.47 36.63 16.92
C LEU G 268 57.84 36.90 17.56
N ARG G 269 58.13 36.22 18.67
CA ARG G 269 59.44 36.35 19.32
C ARG G 269 60.55 35.51 18.66
N ALA G 270 60.18 34.45 17.96
CA ALA G 270 61.15 33.65 17.22
C ALA G 270 61.29 34.09 15.74
N SER G 271 60.87 35.30 15.42
CA SER G 271 60.95 35.74 14.03
C SER G 271 62.08 36.73 13.78
N PRO G 272 62.93 36.42 12.80
CA PRO G 272 64.02 37.31 12.41
C PRO G 272 63.52 38.58 11.73
N VAL G 273 62.30 38.56 11.18
CA VAL G 273 61.78 39.74 10.51
C VAL G 273 60.83 40.52 11.42
N VAL G 274 60.89 40.22 12.72
CA VAL G 274 60.14 40.96 13.72
C VAL G 274 61.11 41.51 14.77
N GLY G 275 60.90 42.76 15.17
CA GLY G 275 61.68 43.34 16.25
C GLY G 275 60.89 43.28 17.56
N ALA G 276 60.50 44.45 18.05
CA ALA G 276 59.83 44.60 19.33
C ALA G 276 58.36 44.19 19.29
N VAL G 277 58.04 43.10 19.97
CA VAL G 277 56.66 42.60 20.04
C VAL G 277 55.97 43.21 21.26
N HIS G 278 54.68 43.49 21.13
CA HIS G 278 53.95 44.16 22.21
C HIS G 278 52.69 43.42 22.64
N TYR G 279 52.54 43.32 23.96
CA TYR G 279 51.48 42.54 24.58
C TYR G 279 51.48 42.95 26.05
N PRO G 280 50.28 43.07 26.66
CA PRO G 280 50.25 43.43 28.08
C PRO G 280 50.95 42.39 28.95
N GLY G 281 50.84 41.12 28.58
CA GLY G 281 51.37 40.03 29.38
C GLY G 281 52.86 39.73 29.30
N LEU G 282 53.61 40.50 28.54
CA LEU G 282 55.06 40.32 28.48
C LEU G 282 55.64 40.75 29.82
N PRO G 283 56.46 39.89 30.44
CA PRO G 283 57.01 40.19 31.76
C PRO G 283 57.88 41.46 31.79
N GLU G 284 58.32 41.95 30.64
CA GLU G 284 59.15 43.15 30.62
C GLU G 284 58.37 44.34 30.03
N HIS G 285 57.06 44.17 29.91
CA HIS G 285 56.15 45.25 29.54
C HIS G 285 56.37 46.45 30.45
N PRO G 286 56.31 47.68 29.87
CA PRO G 286 56.49 48.95 30.58
C PRO G 286 55.82 48.94 31.94
N GLN G 287 54.51 48.77 31.96
CA GLN G 287 53.74 48.83 33.20
C GLN G 287 53.23 47.45 33.60
N HIS G 288 54.15 46.49 33.69
CA HIS G 288 53.75 45.09 33.95
C HIS G 288 52.98 44.91 35.26
N ALA G 289 53.43 45.62 36.30
CA ALA G 289 52.80 45.54 37.61
C ALA G 289 51.36 46.03 37.59
N VAL G 290 51.12 47.17 36.93
CA VAL G 290 49.77 47.69 36.80
C VAL G 290 48.85 46.69 36.08
N VAL G 291 49.34 46.10 35.00
CA VAL G 291 48.56 45.14 34.23
C VAL G 291 48.16 43.95 35.10
N LYS G 292 49.13 43.43 35.83
CA LYS G 292 48.90 42.32 36.73
C LYS G 292 47.88 42.76 37.78
N ALA G 293 48.14 43.92 38.38
CA ALA G 293 47.28 44.46 39.43
C ALA G 293 45.82 44.58 39.04
N GLN G 294 45.54 44.74 37.75
CA GLN G 294 44.20 45.15 37.35
C GLN G 294 43.57 44.40 36.14
N MSE G 295 44.35 43.58 35.43
CA MSE G 295 43.77 42.75 34.37
C MSE G 295 43.81 41.27 34.74
O MSE G 295 44.85 40.77 35.14
CB MSE G 295 44.47 42.95 33.01
CG MSE G 295 44.23 44.31 32.38
SE MSE G 295 45.32 44.68 30.80
CE MSE G 295 44.50 43.54 29.47
N SER G 296 42.70 40.56 34.59
CA SER G 296 42.69 39.14 34.97
C SER G 296 43.36 38.24 33.93
N ALA G 297 43.65 38.79 32.76
CA ALA G 297 44.44 38.12 31.71
C ALA G 297 44.83 39.19 30.71
N PRO G 298 45.89 38.96 29.94
CA PRO G 298 46.51 40.02 29.13
C PRO G 298 45.73 40.48 27.89
N GLY G 299 44.60 39.87 27.58
CA GLY G 299 43.81 40.33 26.45
C GLY G 299 44.22 39.67 25.16
N ALA G 300 43.59 40.11 24.07
CA ALA G 300 43.57 39.38 22.83
C ALA G 300 44.19 40.15 21.66
N ILE G 301 44.79 41.29 21.97
CA ILE G 301 45.35 42.14 20.92
C ILE G 301 46.87 42.15 20.99
N VAL G 302 47.52 42.01 19.84
CA VAL G 302 48.97 42.00 19.76
C VAL G 302 49.40 42.97 18.69
N SER G 303 50.54 43.62 18.90
CA SER G 303 51.14 44.42 17.84
C SER G 303 52.64 44.14 17.74
N PHE G 304 53.21 44.38 16.57
CA PHE G 304 54.62 44.08 16.35
C PHE G 304 55.22 44.90 15.21
N ASP G 305 56.49 45.25 15.38
CA ASP G 305 57.26 45.93 14.35
C ASP G 305 57.67 44.88 13.32
N TYR G 306 57.29 45.10 12.05
CA TYR G 306 57.65 44.18 10.99
C TYR G 306 58.91 44.65 10.30
N LEU G 307 59.91 43.79 10.17
CA LEU G 307 61.21 44.20 9.64
C LEU G 307 61.50 43.60 8.26
N GLY G 308 60.52 42.97 7.63
CA GLY G 308 60.78 42.24 6.41
C GLY G 308 60.47 42.95 5.10
N GLY G 309 60.11 44.23 5.17
CA GLY G 309 59.82 45.00 3.96
C GLY G 309 58.57 45.83 4.13
N PRO G 310 58.05 46.38 3.02
CA PRO G 310 56.81 47.16 3.08
C PRO G 310 55.67 46.41 3.76
N ALA G 311 54.94 47.11 4.62
CA ALA G 311 53.82 46.53 5.34
C ALA G 311 52.73 46.09 4.38
N GLU G 312 52.54 46.86 3.31
CA GLU G 312 51.44 46.61 2.39
C GLU G 312 51.59 45.25 1.68
N ARG G 313 52.82 44.78 1.54
CA ARG G 313 53.05 43.46 1.00
C ARG G 313 52.70 42.34 1.98
N LEU G 314 53.09 42.52 3.24
CA LEU G 314 52.79 41.53 4.29
C LEU G 314 51.30 41.25 4.39
N LEU G 315 50.52 42.32 4.42
CA LEU G 315 49.07 42.23 4.58
C LEU G 315 48.42 41.29 3.56
N ASP G 316 48.85 41.39 2.30
CA ASP G 316 48.28 40.57 1.24
C ASP G 316 48.53 39.06 1.41
N ARG G 317 49.58 38.71 2.15
CA ARG G 317 50.01 37.31 2.25
C ARG G 317 49.12 36.39 3.09
N PHE G 318 48.45 36.94 4.10
CA PHE G 318 47.64 36.13 5.01
C PHE G 318 46.49 35.45 4.28
N THR G 319 46.19 34.22 4.65
CA THR G 319 45.04 33.53 4.07
C THR G 319 44.06 33.05 5.14
N LEU G 320 44.30 33.41 6.38
CA LEU G 320 43.33 33.07 7.43
C LEU G 320 42.92 34.33 8.16
N PHE G 321 43.89 35.05 8.72
CA PHE G 321 43.66 36.41 9.19
C PHE G 321 43.00 37.23 8.08
N THR G 322 41.99 38.01 8.44
CA THR G 322 41.32 38.91 7.53
C THR G 322 41.87 40.33 7.66
N CYS G 323 42.18 40.97 6.54
CA CYS G 323 42.68 42.35 6.60
C CYS G 323 41.53 43.34 6.68
N GLY G 324 41.25 43.80 7.89
CA GLY G 324 40.24 44.82 8.12
C GLY G 324 40.48 45.49 9.46
N VAL G 325 39.72 46.54 9.76
CA VAL G 325 39.80 47.21 11.07
C VAL G 325 38.66 46.67 11.90
N SER G 326 38.65 47.07 13.18
CA SER G 326 37.84 46.47 14.26
C SER G 326 38.65 45.39 14.99
N LEU G 327 38.08 44.84 16.06
CA LEU G 327 38.80 43.90 16.92
C LEU G 327 37.77 43.06 17.68
N GLY G 328 38.23 41.96 18.27
CA GLY G 328 37.43 41.25 19.27
C GLY G 328 36.49 40.15 18.78
N GLY G 329 36.35 40.04 17.46
CA GLY G 329 35.36 39.12 16.89
C GLY G 329 35.88 37.70 16.74
N VAL G 330 34.99 36.81 16.30
CA VAL G 330 35.37 35.41 16.10
C VAL G 330 36.41 35.22 14.99
N HIS G 331 36.35 36.07 13.96
CA HIS G 331 37.33 36.06 12.85
C HIS G 331 38.54 36.90 13.23
N SER G 332 39.73 36.32 13.14
CA SER G 332 40.96 37.04 13.45
C SER G 332 41.29 38.08 12.37
N LEU G 333 41.60 39.30 12.79
CA LEU G 333 41.90 40.35 11.82
C LEU G 333 43.33 40.84 11.95
N VAL G 334 43.85 41.36 10.84
CA VAL G 334 45.15 42.02 10.84
C VAL G 334 44.97 43.39 10.18
N GLU G 335 45.74 44.36 10.66
CA GLU G 335 45.73 45.70 10.09
C GLU G 335 47.10 46.33 10.24
N CYS G 336 47.33 47.37 9.48
CA CYS G 336 48.51 48.19 9.68
C CYS G 336 47.99 49.58 10.00
N PRO G 337 47.99 49.95 11.29
CA PRO G 337 47.48 51.23 11.76
C PRO G 337 47.92 52.42 10.90
N ALA G 338 49.22 52.52 10.60
CA ALA G 338 49.74 53.63 9.80
C ALA G 338 49.13 53.75 8.38
N LEU G 339 48.43 52.71 7.93
CA LEU G 339 47.80 52.74 6.62
C LEU G 339 46.30 52.63 6.78
N MSE G 340 45.86 52.17 7.95
CA MSE G 340 44.45 51.86 8.17
C MSE G 340 43.86 52.51 9.45
O MSE G 340 43.44 53.68 9.39
CB MSE G 340 44.23 50.33 8.15
CG MSE G 340 44.64 49.64 6.82
SE MSE G 340 44.68 47.68 6.90
CE MSE G 340 42.99 47.40 7.77
N THR G 341 43.82 51.79 10.58
CA THR G 341 43.23 52.35 11.83
C THR G 341 43.81 53.66 12.28
N HIS G 342 44.94 54.06 11.70
CA HIS G 342 45.52 55.34 12.00
C HIS G 342 45.86 56.10 10.72
N ARG G 343 44.94 56.08 9.76
CA ARG G 343 45.21 56.66 8.44
C ARG G 343 45.20 58.20 8.32
N PRO G 344 44.05 58.86 8.56
CA PRO G 344 43.95 60.25 8.08
C PRO G 344 44.59 61.33 8.98
N LEU G 345 45.61 60.94 9.72
CA LEU G 345 46.46 61.88 10.47
C LEU G 345 47.79 62.00 9.74
N SER G 346 48.41 63.18 9.78
CA SER G 346 49.76 63.31 9.25
C SER G 346 50.69 62.45 10.09
N ALA G 347 51.83 62.07 9.50
CA ALA G 347 52.78 61.14 10.11
C ALA G 347 53.66 61.82 11.16
N GLU G 348 53.29 63.06 11.49
CA GLU G 348 53.95 63.81 12.55
C GLU G 348 53.26 63.53 13.87
N ALA G 349 51.96 63.24 13.82
CA ALA G 349 51.22 62.71 14.96
C ALA G 349 51.44 61.19 15.07
N ARG G 350 52.53 60.71 14.49
CA ARG G 350 52.89 59.31 14.53
C ARG G 350 54.36 59.14 14.78
N ALA G 351 55.18 59.83 13.99
CA ALA G 351 56.64 59.77 14.13
C ALA G 351 57.03 60.08 15.56
N ARG G 352 56.08 60.63 16.32
CA ARG G 352 56.25 60.86 17.75
C ARG G 352 55.16 60.16 18.58
N ARG G 353 54.60 59.09 18.04
CA ARG G 353 53.69 58.24 18.81
C ARG G 353 54.01 56.77 18.63
N GLY G 354 55.24 56.49 18.19
CA GLY G 354 55.70 55.12 18.02
C GLY G 354 54.81 54.28 17.12
N ILE G 355 53.92 54.93 16.37
CA ILE G 355 53.20 54.25 15.31
C ILE G 355 54.02 54.37 14.03
N GLY G 356 55.12 53.62 13.97
CA GLY G 356 55.95 53.57 12.77
C GLY G 356 55.22 52.86 11.63
N GLU G 357 55.72 53.02 10.41
CA GLU G 357 55.01 52.48 9.26
C GLU G 357 55.20 50.96 9.06
N SER G 358 55.86 50.30 10.00
CA SER G 358 56.02 48.85 9.96
C SER G 358 55.29 48.17 11.12
N LEU G 359 54.51 48.94 11.86
CA LEU G 359 53.75 48.40 12.97
C LEU G 359 52.51 47.67 12.47
N ILE G 360 52.36 46.43 12.90
CA ILE G 360 51.26 45.57 12.51
C ILE G 360 50.45 45.26 13.76
N ARG G 361 49.13 45.24 13.64
CA ARG G 361 48.26 44.97 14.79
C ARG G 361 47.37 43.75 14.51
N LEU G 362 47.51 42.72 15.34
CA LEU G 362 46.64 41.56 15.26
C LEU G 362 45.48 41.65 16.23
N SER G 363 44.29 41.26 15.76
CA SER G 363 43.15 41.02 16.62
C SER G 363 42.83 39.53 16.59
N VAL G 364 43.04 38.84 17.70
CA VAL G 364 42.91 37.39 17.73
C VAL G 364 41.47 36.91 17.91
N GLY G 365 41.02 36.08 16.97
CA GLY G 365 39.70 35.48 17.07
C GLY G 365 39.76 34.10 17.73
N ILE G 366 38.85 33.21 17.35
CA ILE G 366 38.76 31.93 18.03
C ILE G 366 39.12 30.72 17.17
N GLU G 367 39.76 30.94 16.03
CA GLU G 367 40.20 29.84 15.17
C GLU G 367 41.24 28.97 15.90
N ASP G 368 41.54 27.79 15.36
CA ASP G 368 42.59 26.95 15.92
C ASP G 368 43.88 27.75 16.05
N PRO G 369 44.54 27.67 17.22
CA PRO G 369 45.74 28.45 17.46
C PRO G 369 46.91 28.07 16.55
N GLN G 370 46.92 26.86 16.03
CA GLN G 370 47.99 26.47 15.12
C GLN G 370 47.77 26.94 13.69
N ASP G 371 46.53 26.97 13.21
CA ASP G 371 46.30 27.52 11.88
C ASP G 371 46.66 28.99 11.85
N LEU G 372 46.33 29.70 12.92
CA LEU G 372 46.65 31.12 13.01
C LEU G 372 48.16 31.32 13.12
N ALA G 373 48.82 30.49 13.93
CA ALA G 373 50.27 30.55 14.05
C ALA G 373 50.90 30.25 12.71
N GLU G 374 50.41 29.21 12.05
CA GLU G 374 50.92 28.85 10.73
C GLU G 374 50.68 29.96 9.71
N ASP G 375 49.53 30.62 9.78
CA ASP G 375 49.24 31.69 8.81
C ASP G 375 50.21 32.86 9.01
N LEU G 376 50.37 33.27 10.27
CA LEU G 376 51.29 34.35 10.62
C LEU G 376 52.69 34.06 10.09
N SER G 377 53.14 32.81 10.28
CA SER G 377 54.49 32.43 9.87
C SER G 377 54.70 32.39 8.35
N ARG G 378 53.67 31.98 7.62
CA ARG G 378 53.75 31.97 6.15
C ARG G 378 53.97 33.39 5.64
N ALA G 379 53.17 34.31 6.15
CA ALA G 379 53.21 35.70 5.71
C ALA G 379 54.56 36.35 6.05
N LEU G 380 55.04 36.13 7.27
CA LEU G 380 56.33 36.67 7.70
C LEU G 380 57.48 36.24 6.81
N ALA G 381 57.46 34.98 6.37
CA ALA G 381 58.55 34.42 5.56
C ALA G 381 58.34 34.66 4.06
N GLY G 382 57.10 34.86 3.66
CA GLY G 382 56.76 35.09 2.26
C GLY G 382 56.88 33.89 1.34
N GLY G 383 56.49 34.08 0.08
CA GLY G 383 56.61 33.03 -0.94
C GLY G 383 55.56 31.94 -0.82
N GLY H 6 11.83 54.94 -15.71
CA GLY H 6 10.45 54.53 -15.56
C GLY H 6 10.08 54.34 -14.10
N MSE H 7 9.89 55.50 -13.43
CA MSE H 7 9.71 55.63 -11.99
C MSE H 7 8.64 56.64 -11.54
O MSE H 7 8.92 57.83 -11.35
CB MSE H 7 11.03 56.03 -11.35
CG MSE H 7 11.95 54.84 -11.19
SE MSE H 7 13.74 55.31 -10.69
CE MSE H 7 13.73 54.28 -9.01
N ARG H 8 7.42 56.17 -11.33
CA ARG H 8 6.44 56.93 -10.60
C ARG H 8 6.48 56.46 -9.12
N PHE H 9 5.72 57.14 -8.26
CA PHE H 9 5.84 56.91 -6.83
C PHE H 9 5.78 55.44 -6.36
N GLY H 10 4.64 54.78 -6.54
CA GLY H 10 4.53 53.35 -6.28
C GLY H 10 5.65 52.49 -6.86
N THR H 11 6.14 52.83 -8.04
CA THR H 11 7.29 52.14 -8.59
C THR H 11 8.55 52.36 -7.73
N ARG H 12 8.73 53.59 -7.28
CA ARG H 12 9.82 53.93 -6.37
C ARG H 12 9.83 53.17 -5.05
N LEU H 13 8.65 53.06 -4.43
CA LEU H 13 8.49 52.28 -3.22
C LEU H 13 8.96 50.84 -3.42
N VAL H 14 8.72 50.30 -4.60
CA VAL H 14 9.07 48.90 -4.86
C VAL H 14 10.54 48.77 -5.24
N HIS H 15 11.01 49.67 -6.11
CA HIS H 15 12.30 49.51 -6.76
C HIS H 15 13.38 50.49 -6.33
N GLY H 16 13.03 51.40 -5.44
CA GLY H 16 13.98 52.34 -4.88
C GLY H 16 15.16 51.64 -4.23
N GLY H 17 16.34 51.83 -4.81
CA GLY H 17 17.56 51.24 -4.28
C GLY H 17 17.57 49.72 -4.26
N ARG H 18 16.84 49.07 -5.15
CA ARG H 18 16.84 47.61 -5.12
C ARG H 18 18.10 47.14 -5.85
N ARG H 19 19.19 46.98 -5.09
CA ARG H 19 20.53 46.98 -5.68
C ARG H 19 21.14 45.61 -6.12
N PRO H 20 21.23 45.41 -7.46
CA PRO H 20 21.61 44.22 -8.23
C PRO H 20 22.76 43.37 -7.65
N SER H 21 22.47 42.11 -7.34
CA SER H 21 23.46 41.21 -6.79
C SER H 21 24.10 40.35 -7.88
N ALA H 22 25.20 40.88 -8.41
CA ALA H 22 26.05 40.31 -9.47
C ALA H 22 25.85 38.84 -9.86
N GLY H 23 26.10 37.93 -8.92
CA GLY H 23 26.15 36.53 -9.27
C GLY H 23 24.82 35.83 -9.12
N THR H 24 24.16 36.06 -8.01
CA THR H 24 23.02 35.24 -7.60
C THR H 24 21.65 35.76 -8.06
N GLY H 25 21.53 37.06 -8.28
CA GLY H 25 20.31 37.61 -8.84
C GLY H 25 19.18 37.97 -7.88
N ASP H 26 19.42 37.80 -6.58
CA ASP H 26 18.44 38.13 -5.52
C ASP H 26 17.52 39.29 -5.89
N VAL H 27 16.21 39.06 -5.97
CA VAL H 27 15.28 40.15 -6.27
C VAL H 27 15.19 41.11 -5.08
N VAL H 28 15.02 40.55 -3.89
CA VAL H 28 15.12 41.30 -2.66
C VAL H 28 16.59 41.30 -2.18
N PRO H 29 17.22 42.48 -2.11
CA PRO H 29 18.66 42.51 -1.77
C PRO H 29 18.90 41.88 -0.41
N PRO H 30 19.97 41.08 -0.30
CA PRO H 30 20.25 40.34 0.95
C PRO H 30 20.58 41.27 2.12
N ILE H 31 20.46 40.79 3.36
CA ILE H 31 20.67 41.63 4.54
C ILE H 31 22.16 41.67 4.93
N HIS H 32 22.78 42.83 4.78
CA HIS H 32 24.21 43.00 5.10
C HIS H 32 24.40 43.29 6.58
N VAL H 33 24.55 42.25 7.38
CA VAL H 33 24.73 42.43 8.81
C VAL H 33 26.18 42.65 9.25
N SER H 34 27.14 42.34 8.38
CA SER H 34 28.55 42.41 8.76
C SER H 34 28.96 43.83 9.22
N THR H 35 29.66 43.91 10.35
CA THR H 35 30.20 45.18 10.83
C THR H 35 31.53 45.46 10.16
N THR H 36 32.17 44.38 9.73
CA THR H 36 33.53 44.38 9.19
C THR H 36 33.54 44.02 7.70
N TYR H 37 34.38 44.70 6.91
CA TYR H 37 34.60 44.32 5.52
C TYR H 37 36.06 44.04 5.25
N GLU H 38 36.33 42.94 4.55
CA GLU H 38 37.67 42.63 4.07
C GLU H 38 38.17 43.76 3.17
N ARG H 39 39.34 44.33 3.54
CA ARG H 39 39.97 45.47 2.85
C ARG H 39 40.42 45.08 1.46
N ARG H 40 40.84 43.82 1.32
CA ARG H 40 41.16 43.29 0.02
C ARG H 40 39.80 43.05 -0.62
N ALA H 41 39.75 42.60 -1.87
CA ALA H 41 38.45 42.42 -2.51
C ALA H 41 37.58 43.69 -2.50
N GLN H 42 38.20 44.84 -2.25
CA GLN H 42 37.50 46.13 -2.04
C GLN H 42 37.75 47.13 -3.19
N ASP H 43 38.75 46.84 -4.03
CA ASP H 43 38.92 47.51 -5.33
C ASP H 43 39.10 49.04 -5.30
N GLU H 44 37.99 49.78 -5.37
CA GLU H 44 38.00 51.24 -5.20
C GLU H 44 37.22 51.56 -3.92
N PRO H 45 37.87 51.30 -2.77
CA PRO H 45 37.41 51.18 -1.37
C PRO H 45 36.20 52.01 -0.91
N ARG H 46 35.00 51.44 -0.96
CA ARG H 46 33.88 52.03 -0.21
C ARG H 46 33.94 51.53 1.24
N TYR H 47 33.58 50.27 1.43
CA TYR H 47 33.25 49.71 2.75
C TYR H 47 34.45 49.37 3.67
N PHE H 48 34.42 49.87 4.90
CA PHE H 48 35.51 49.59 5.86
C PHE H 48 35.10 49.30 7.29
N TYR H 49 33.88 49.72 7.63
CA TYR H 49 33.30 49.49 8.95
C TYR H 49 31.86 49.99 8.92
N GLY H 50 30.97 49.17 9.48
CA GLY H 50 29.54 49.35 9.37
C GLY H 50 29.01 50.71 9.78
N ARG H 51 29.55 51.27 10.88
CA ARG H 51 29.08 52.57 11.33
C ARG H 51 29.17 53.60 10.20
N GLY H 52 30.22 53.50 9.40
CA GLY H 52 30.37 54.39 8.26
C GLY H 52 29.77 53.88 6.95
N GLU H 53 29.68 52.57 6.78
CA GLU H 53 29.34 52.00 5.47
C GLU H 53 28.49 50.73 5.62
N ASN H 54 27.35 50.69 4.92
CA ASN H 54 26.49 49.51 4.90
C ASN H 54 25.57 49.51 3.67
N PRO H 55 25.61 48.44 2.86
CA PRO H 55 24.82 48.43 1.62
C PRO H 55 23.31 48.47 1.84
N THR H 56 22.82 47.72 2.82
CA THR H 56 21.39 47.70 3.13
C THR H 56 20.92 49.10 3.52
N ARG H 57 21.70 49.77 4.37
CA ARG H 57 21.41 51.15 4.74
C ARG H 57 21.40 52.08 3.51
N GLU H 58 22.45 51.99 2.70
CA GLU H 58 22.55 52.81 1.50
C GLU H 58 21.34 52.63 0.58
N GLU H 59 20.88 51.40 0.42
CA GLU H 59 19.75 51.11 -0.45
C GLU H 59 18.44 51.72 0.09
N LEU H 60 18.28 51.73 1.41
CA LEU H 60 17.11 52.36 2.01
C LEU H 60 17.19 53.87 1.73
N GLU H 61 18.39 54.42 1.86
CA GLU H 61 18.63 55.82 1.53
C GLU H 61 18.30 56.15 0.07
N GLU H 62 18.80 55.32 -0.86
CA GLU H 62 18.50 55.51 -2.29
C GLU H 62 16.99 55.46 -2.51
N CYS H 63 16.32 54.52 -1.84
CA CYS H 63 14.87 54.48 -1.88
C CYS H 63 14.28 55.83 -1.42
N LEU H 64 14.64 56.25 -0.21
CA LEU H 64 14.03 57.45 0.37
C LEU H 64 14.33 58.74 -0.43
N ALA H 65 15.58 58.91 -0.86
CA ALA H 65 15.91 60.05 -1.71
C ALA H 65 15.07 60.02 -2.98
N GLY H 66 14.87 58.82 -3.54
CA GLY H 66 14.09 58.64 -4.75
C GLY H 66 12.64 59.11 -4.66
N LEU H 67 12.02 58.94 -3.50
CA LEU H 67 10.63 59.36 -3.33
C LEU H 67 10.46 60.88 -3.51
N GLU H 68 11.51 61.63 -3.25
CA GLU H 68 11.44 63.08 -3.41
C GLU H 68 12.27 63.56 -4.59
N ARG H 69 12.78 62.61 -5.36
CA ARG H 69 13.62 62.90 -6.51
C ARG H 69 14.77 63.86 -6.13
N ALA H 70 15.48 63.51 -5.07
CA ALA H 70 16.57 64.33 -4.56
C ALA H 70 17.85 63.49 -4.51
N PRO H 71 19.02 64.14 -4.51
CA PRO H 71 20.26 63.36 -4.57
C PRO H 71 20.60 62.59 -3.29
N PHE H 72 20.17 63.09 -2.13
CA PHE H 72 20.73 62.57 -0.88
C PHE H 72 19.65 62.22 0.13
N ALA H 73 19.95 61.17 0.88
CA ALA H 73 19.18 60.89 2.08
C ALA H 73 20.11 60.21 3.07
N THR H 74 19.83 60.42 4.35
CA THR H 74 20.58 59.77 5.41
C THR H 74 19.60 59.21 6.42
N VAL H 75 19.81 57.98 6.86
CA VAL H 75 18.93 57.38 7.86
C VAL H 75 19.60 57.29 9.21
N PHE H 76 18.79 57.25 10.26
CA PHE H 76 19.25 57.38 11.62
C PHE H 76 18.52 56.36 12.49
N SER H 77 19.07 56.08 13.66
CA SER H 77 18.45 55.15 14.61
C SER H 77 16.99 55.53 14.96
N SER H 78 16.66 56.82 14.86
CA SER H 78 15.30 57.30 15.15
C SER H 78 15.03 58.66 14.51
N GLY H 79 13.77 59.09 14.53
CA GLY H 79 13.41 60.43 14.12
C GLY H 79 14.14 61.50 14.93
N GLN H 80 14.17 61.32 16.25
CA GLN H 80 14.93 62.20 17.15
C GLN H 80 16.40 62.39 16.73
N ALA H 81 17.06 61.30 16.33
CA ALA H 81 18.47 61.37 15.94
C ALA H 81 18.66 62.17 14.65
N ALA H 82 17.72 62.01 13.72
CA ALA H 82 17.74 62.82 12.50
C ALA H 82 17.60 64.32 12.83
N ALA H 83 16.67 64.64 13.73
CA ALA H 83 16.48 66.01 14.18
C ALA H 83 17.70 66.55 14.93
N ALA H 84 18.25 65.71 15.82
CA ALA H 84 19.45 66.07 16.58
C ALA H 84 20.60 66.43 15.64
N THR H 85 20.75 65.64 14.59
CA THR H 85 21.83 65.82 13.63
C THR H 85 21.73 67.18 12.93
N LEU H 86 20.51 67.57 12.54
CA LEU H 86 20.28 68.85 11.91
C LEU H 86 20.47 70.04 12.89
N LEU H 87 19.92 69.91 14.08
CA LEU H 87 20.11 70.93 15.10
C LEU H 87 21.60 71.18 15.36
N SER H 88 22.40 70.11 15.33
CA SER H 88 23.82 70.21 15.62
C SER H 88 24.58 71.14 14.68
N LEU H 89 24.03 71.42 13.50
CA LEU H 89 24.69 72.29 12.55
C LEU H 89 24.36 73.76 12.76
N VAL H 90 23.51 74.06 13.74
CA VAL H 90 23.26 75.44 14.14
C VAL H 90 24.33 75.88 15.14
N ARG H 91 25.03 76.98 14.85
CA ARG H 91 26.17 77.39 15.67
C ARG H 91 25.77 78.27 16.84
N PRO H 92 26.61 78.30 17.89
CA PRO H 92 26.44 79.32 18.92
C PRO H 92 26.68 80.71 18.35
N GLY H 93 25.61 81.48 18.23
CA GLY H 93 25.66 82.79 17.58
C GLY H 93 24.51 82.91 16.63
N GLN H 94 23.97 81.77 16.21
CA GLN H 94 22.88 81.70 15.25
C GLN H 94 21.54 81.50 15.95
N CYS H 95 20.44 81.70 15.22
CA CYS H 95 19.10 81.45 15.74
C CYS H 95 18.25 80.50 14.89
N VAL H 96 17.32 79.82 15.58
CA VAL H 96 16.33 78.94 14.96
C VAL H 96 14.92 79.50 15.20
N VAL H 97 14.10 79.53 14.16
CA VAL H 97 12.68 79.87 14.31
C VAL H 97 11.85 78.59 14.30
N SER H 98 10.94 78.45 15.24
CA SER H 98 10.09 77.27 15.25
C SER H 98 8.62 77.53 15.56
N THR H 99 7.88 76.45 15.70
CA THR H 99 6.45 76.53 15.90
C THR H 99 6.04 75.73 17.14
N ASP H 100 5.99 76.44 18.28
CA ASP H 100 5.78 75.84 19.62
C ASP H 100 4.81 74.67 19.69
N ASP H 101 3.90 74.60 18.72
CA ASP H 101 3.09 73.40 18.57
C ASP H 101 3.90 72.28 17.91
N VAL H 102 5.23 72.42 17.87
CA VAL H 102 6.10 71.37 17.35
C VAL H 102 6.11 70.19 18.30
N TYR H 103 6.49 69.02 17.76
CA TYR H 103 6.58 67.80 18.55
C TYR H 103 7.52 67.98 19.75
N ALA H 104 7.09 67.45 20.89
CA ALA H 104 7.83 67.57 22.15
C ALA H 104 9.26 67.07 22.04
N GLY H 105 9.49 66.06 21.21
CA GLY H 105 10.85 65.58 20.97
C GLY H 105 11.71 66.70 20.38
N THR H 106 11.16 67.39 19.38
CA THR H 106 11.87 68.48 18.71
C THR H 106 12.15 69.63 19.67
N ASP H 107 11.14 70.02 20.43
CA ASP H 107 11.28 71.11 21.39
C ASP H 107 12.25 70.72 22.52
N GLY H 108 12.25 69.44 22.88
CA GLY H 108 13.21 68.93 23.85
C GLY H 108 14.63 69.06 23.30
N LEU H 109 14.75 68.95 21.98
CA LEU H 109 16.03 69.19 21.32
C LEU H 109 16.40 70.69 21.23
N PHE H 110 15.42 71.55 21.02
CA PHE H 110 15.63 73.01 21.08
C PHE H 110 16.23 73.35 22.45
N ASP H 111 15.68 72.70 23.47
CA ASP H 111 16.15 72.83 24.84
C ASP H 111 17.63 72.49 24.97
N LEU H 112 18.07 71.54 24.17
CA LEU H 112 19.47 71.15 24.16
C LEU H 112 20.30 72.17 23.38
N ALA H 113 19.73 72.66 22.28
CA ALA H 113 20.41 73.63 21.44
C ALA H 113 20.58 74.99 22.13
N ALA H 114 19.59 75.38 22.93
CA ALA H 114 19.63 76.67 23.62
C ALA H 114 20.76 76.71 24.64
N ARG H 115 20.99 75.57 25.30
CA ARG H 115 22.02 75.49 26.32
C ARG H 115 23.43 75.52 25.72
N GLN H 116 23.54 75.44 24.40
CA GLN H 116 24.83 75.51 23.74
C GLN H 116 25.12 76.95 23.35
N GLY H 117 24.52 77.40 22.26
CA GLY H 117 24.60 78.80 21.87
C GLY H 117 23.54 79.18 20.86
N VAL H 118 22.48 78.40 20.80
CA VAL H 118 21.40 78.66 19.84
C VAL H 118 20.30 79.53 20.44
N ARG H 119 19.96 80.60 19.74
CA ARG H 119 18.75 81.33 20.11
C ARG H 119 17.54 80.60 19.54
N VAL H 120 16.41 80.64 20.24
CA VAL H 120 15.18 80.07 19.72
C VAL H 120 13.99 81.03 19.87
N ARG H 121 13.62 81.70 18.78
CA ARG H 121 12.43 82.56 18.75
C ARG H 121 11.25 81.80 18.16
N TYR H 122 10.17 81.71 18.94
CA TYR H 122 8.92 81.12 18.46
C TYR H 122 8.14 82.17 17.72
N ALA H 123 7.20 81.73 16.88
CA ALA H 123 6.53 82.66 15.99
C ALA H 123 5.18 82.14 15.53
N ASP H 124 4.30 83.06 15.15
CA ASP H 124 3.10 82.67 14.42
C ASP H 124 3.46 82.49 12.94
N LEU H 125 3.52 81.23 12.48
CA LEU H 125 3.91 80.96 11.10
C LEU H 125 2.74 80.66 10.14
N THR H 126 1.52 80.88 10.61
CA THR H 126 0.34 80.60 9.79
C THR H 126 -0.26 81.89 9.25
N THR H 127 0.44 82.99 9.49
CA THR H 127 -0.10 84.32 9.25
C THR H 127 0.97 85.21 8.60
N PRO H 128 0.55 86.23 7.84
CA PRO H 128 1.49 87.12 7.14
C PRO H 128 2.33 88.02 8.05
N GLU H 129 1.74 88.52 9.13
CA GLU H 129 2.49 89.36 10.06
C GLU H 129 3.57 88.59 10.82
N GLY H 130 3.24 87.38 11.27
CA GLY H 130 4.14 86.58 12.09
C GLY H 130 5.23 85.83 11.36
N ILE H 131 4.99 85.47 10.11
CA ILE H 131 6.06 84.95 9.25
C ILE H 131 7.10 86.04 9.06
N ALA H 132 6.61 87.25 8.80
CA ALA H 132 7.49 88.39 8.51
C ALA H 132 8.34 88.83 9.70
N ALA H 133 7.79 88.74 10.91
CA ALA H 133 8.49 89.23 12.09
C ALA H 133 9.14 88.11 12.87
N ALA H 134 9.25 86.94 12.24
CA ALA H 134 9.95 85.82 12.83
C ALA H 134 11.33 85.75 12.22
N LEU H 135 11.37 85.95 10.93
CA LEU H 135 12.60 85.89 10.16
C LEU H 135 13.37 87.18 10.37
N ALA H 136 12.66 88.24 10.77
CA ALA H 136 13.29 89.53 11.03
C ALA H 136 14.32 89.46 12.17
N GLU H 137 14.46 88.28 12.76
CA GLU H 137 15.58 87.97 13.65
C GLU H 137 16.89 88.03 12.89
N PRO H 138 17.92 88.60 13.52
CA PRO H 138 19.28 88.59 12.93
C PRO H 138 19.95 87.23 13.07
N ASP H 139 20.88 86.94 12.16
CA ASP H 139 21.59 85.66 12.12
C ASP H 139 20.65 84.47 12.11
N LEU H 140 19.52 84.62 11.40
CA LEU H 140 18.58 83.52 11.20
C LEU H 140 19.29 82.35 10.56
N ALA H 141 19.40 81.23 11.28
CA ALA H 141 20.14 80.08 10.78
C ALA H 141 19.24 79.04 10.13
N LEU H 142 18.14 78.73 10.80
CA LEU H 142 17.29 77.60 10.42
C LEU H 142 15.83 77.93 10.71
N VAL H 143 14.95 77.57 9.79
CA VAL H 143 13.52 77.65 10.03
C VAL H 143 12.91 76.26 10.05
N TRP H 144 12.25 75.92 11.16
CA TRP H 144 11.78 74.56 11.42
C TRP H 144 10.26 74.48 11.30
N ILE H 145 9.79 73.80 10.26
CA ILE H 145 8.36 73.74 9.97
C ILE H 145 7.78 72.36 10.19
N GLU H 146 6.84 72.24 11.12
CA GLU H 146 6.07 71.00 11.26
C GLU H 146 4.65 71.25 10.76
N THR H 147 4.26 70.56 9.69
CA THR H 147 2.97 70.83 9.07
C THR H 147 2.43 69.60 8.32
N PRO H 148 1.20 69.18 8.64
CA PRO H 148 0.28 69.77 9.64
C PRO H 148 0.81 69.71 11.07
N THR H 149 0.20 70.47 11.97
CA THR H 149 0.57 70.42 13.38
C THR H 149 -0.20 69.31 14.10
N ASN H 150 0.26 68.98 15.30
CA ASN H 150 -0.29 67.86 16.06
C ASN H 150 -0.38 68.24 17.53
N PRO H 151 -1.59 68.17 18.14
CA PRO H 151 -2.80 67.52 17.63
C PRO H 151 -3.88 68.45 17.08
N LEU H 152 -3.58 69.69 16.75
CA LEU H 152 -4.64 70.60 16.26
C LEU H 152 -4.78 70.58 14.73
N LEU H 153 -3.75 70.09 14.06
CA LEU H 153 -3.78 69.92 12.60
C LEU H 153 -3.82 71.25 11.85
N THR H 154 -3.21 72.28 12.43
CA THR H 154 -3.00 73.50 11.66
C THR H 154 -1.89 73.23 10.65
N VAL H 155 -1.83 74.05 9.61
CA VAL H 155 -0.92 73.86 8.50
C VAL H 155 -0.09 75.14 8.27
N VAL H 156 1.17 74.98 7.88
CA VAL H 156 2.00 76.12 7.53
C VAL H 156 2.37 76.06 6.04
N ASP H 157 2.28 77.21 5.36
CA ASP H 157 2.58 77.32 3.94
C ASP H 157 4.08 77.21 3.70
N VAL H 158 4.55 76.01 3.37
CA VAL H 158 5.98 75.78 3.13
C VAL H 158 6.61 76.70 2.07
N ALA H 159 5.96 76.88 0.92
CA ALA H 159 6.58 77.68 -0.14
C ALA H 159 6.67 79.16 0.21
N GLU H 160 5.63 79.67 0.87
CA GLU H 160 5.62 81.07 1.28
C GLU H 160 6.71 81.31 2.31
N VAL H 161 6.73 80.46 3.35
CA VAL H 161 7.75 80.58 4.38
C VAL H 161 9.16 80.42 3.81
N SER H 162 9.35 79.44 2.93
CA SER H 162 10.66 79.18 2.33
C SER H 162 11.17 80.32 1.43
N ARG H 163 10.30 80.88 0.59
CA ARG H 163 10.68 82.03 -0.22
C ARG H 163 11.19 83.15 0.69
N ARG H 164 10.43 83.41 1.75
CA ARG H 164 10.79 84.48 2.69
C ARG H 164 12.04 84.12 3.49
N ALA H 165 12.17 82.86 3.90
CA ALA H 165 13.34 82.45 4.66
C ALA H 165 14.63 82.55 3.81
N HIS H 166 14.53 82.14 2.55
CA HIS H 166 15.67 82.16 1.63
C HIS H 166 16.13 83.58 1.28
N GLU H 167 15.29 84.57 1.55
CA GLU H 167 15.74 85.94 1.38
C GLU H 167 16.69 86.34 2.51
N ARG H 168 16.76 85.51 3.54
CA ARG H 168 17.79 85.66 4.57
C ARG H 168 18.94 84.68 4.33
N GLY H 169 18.79 83.85 3.31
CA GLY H 169 19.77 82.81 3.05
C GLY H 169 19.72 81.70 4.09
N ALA H 170 18.64 81.65 4.85
CA ALA H 170 18.49 80.64 5.90
C ALA H 170 18.12 79.27 5.33
N ARG H 171 18.33 78.24 6.14
CA ARG H 171 17.93 76.89 5.76
C ARG H 171 16.54 76.56 6.32
N VAL H 172 15.76 75.81 5.56
CA VAL H 172 14.40 75.47 5.98
C VAL H 172 14.18 73.96 6.01
N VAL H 173 13.73 73.45 7.15
CA VAL H 173 13.40 72.04 7.24
C VAL H 173 11.90 71.86 7.47
N VAL H 174 11.32 70.84 6.83
CA VAL H 174 9.97 70.44 7.14
C VAL H 174 9.98 69.06 7.77
N ASP H 175 9.49 68.96 9.00
CA ASP H 175 9.25 67.65 9.60
C ASP H 175 8.01 67.15 8.91
N ASN H 176 8.19 66.21 7.99
CA ASN H 176 7.13 65.72 7.10
C ASN H 176 6.60 64.35 7.52
N THR H 177 6.93 63.94 8.75
CA THR H 177 6.49 62.68 9.33
C THR H 177 4.99 62.43 9.18
N PHE H 178 4.20 63.39 9.64
CA PHE H 178 2.74 63.33 9.62
C PHE H 178 2.19 62.94 8.23
N ALA H 179 2.69 63.59 7.19
CA ALA H 179 2.08 63.43 5.87
C ALA H 179 2.73 62.34 5.05
N SER H 180 4.03 62.13 5.27
CA SER H 180 4.88 61.25 4.46
C SER H 180 5.09 61.82 3.07
N PRO H 181 6.14 61.35 2.37
CA PRO H 181 6.32 61.79 0.97
C PRO H 181 5.14 61.44 0.05
N VAL H 182 4.22 60.59 0.50
CA VAL H 182 3.03 60.28 -0.29
C VAL H 182 2.16 61.52 -0.55
N LEU H 183 2.00 62.35 0.48
CA LEU H 183 1.01 63.42 0.41
C LEU H 183 1.62 64.81 0.29
N GLN H 184 2.89 64.94 0.67
CA GLN H 184 3.53 66.24 0.78
C GLN H 184 5.00 66.13 0.38
N GLN H 185 5.43 67.04 -0.50
CA GLN H 185 6.78 67.04 -1.05
C GLN H 185 7.53 68.35 -0.70
N PRO H 186 8.07 68.44 0.53
CA PRO H 186 8.69 69.68 1.02
C PRO H 186 9.77 70.28 0.10
N LEU H 187 10.59 69.45 -0.53
CA LEU H 187 11.66 69.97 -1.36
C LEU H 187 11.10 70.64 -2.63
N ALA H 188 10.09 70.02 -3.22
CA ALA H 188 9.45 70.54 -4.41
C ALA H 188 8.70 71.84 -4.10
N LEU H 189 8.29 71.98 -2.85
CA LEU H 189 7.59 73.17 -2.41
C LEU H 189 8.54 74.36 -2.28
N GLY H 190 9.60 74.20 -1.49
CA GLY H 190 10.59 75.27 -1.33
C GLY H 190 11.65 74.98 -0.27
N ALA H 191 11.38 74.00 0.60
CA ALA H 191 12.28 73.67 1.70
C ALA H 191 13.61 73.08 1.24
N ASP H 192 14.58 73.02 2.15
CA ASP H 192 15.91 72.47 1.86
C ASP H 192 16.09 71.03 2.38
N VAL H 193 15.32 70.66 3.39
CA VAL H 193 15.44 69.36 4.03
C VAL H 193 14.06 68.85 4.42
N SER H 194 13.78 67.59 4.06
CA SER H 194 12.59 66.92 4.59
C SER H 194 13.06 66.00 5.71
N LEU H 195 12.49 66.17 6.89
CA LEU H 195 12.86 65.37 8.04
C LEU H 195 11.73 64.41 8.38
N TYR H 196 12.08 63.15 8.66
CA TYR H 196 11.09 62.12 8.95
C TYR H 196 11.40 61.30 10.18
N SER H 197 10.37 60.99 10.93
CA SER H 197 10.40 59.80 11.76
C SER H 197 9.87 58.66 10.90
N THR H 198 10.76 57.77 10.46
CA THR H 198 10.34 56.59 9.72
C THR H 198 9.67 55.56 10.65
N THR H 199 9.71 55.82 11.95
CA THR H 199 9.02 54.99 12.95
C THR H 199 7.50 54.85 12.67
N1 LLP H 200 8.59 64.27 14.79
C2 LLP H 200 7.39 63.74 14.51
C2' LLP H 200 6.30 64.62 13.80
C3 LLP H 200 7.14 62.40 14.86
O3 LLP H 200 5.89 61.82 14.58
C4 LLP H 200 8.10 61.64 15.49
C4' LLP H 200 7.74 60.12 15.88
C5 LLP H 200 9.32 62.20 15.79
C6 LLP H 200 9.58 63.53 15.42
C5' LLP H 200 10.48 61.43 16.50
OP4 LLP H 200 10.75 60.23 15.84
P LLP H 200 11.23 58.99 16.63
OP1 LLP H 200 11.45 57.89 15.58
OP2 LLP H 200 12.47 59.29 17.37
OP3 LLP H 200 10.15 58.60 17.59
N LLP H 200 6.93 55.85 12.00
CA LLP H 200 5.46 55.89 11.79
CB LLP H 200 5.04 57.27 12.24
CG LLP H 200 5.26 57.13 13.76
CD LLP H 200 5.05 58.43 14.53
CE LLP H 200 6.03 58.49 15.72
NZ LLP H 200 6.32 59.90 15.99
C LLP H 200 4.97 55.34 10.46
O LLP H 200 4.93 54.12 10.32
N SER H 201 4.57 56.18 9.49
CA SER H 201 3.99 55.62 8.26
C SER H 201 4.94 54.95 7.25
N ILE H 202 6.14 55.50 7.06
CA ILE H 202 7.06 55.00 6.04
C ILE H 202 7.35 53.48 6.20
N ALA H 203 7.62 53.06 7.43
CA ALA H 203 7.82 51.65 7.72
C ALA H 203 6.46 51.01 8.02
N GLY H 204 5.57 51.78 8.66
CA GLY H 204 4.15 51.49 8.70
C GLY H 204 3.61 50.40 9.61
N HIS H 205 4.46 49.56 10.21
CA HIS H 205 3.94 48.38 10.92
C HIS H 205 4.23 48.40 12.41
N ALA H 206 4.66 49.57 12.89
CA ALA H 206 4.97 49.78 14.29
C ALA H 206 5.93 48.74 14.87
N ASP H 207 6.98 48.38 14.12
CA ASP H 207 7.90 47.34 14.60
C ASP H 207 9.38 47.68 14.44
N VAL H 208 9.68 48.94 14.18
CA VAL H 208 11.06 49.37 13.96
C VAL H 208 11.17 50.89 14.20
N LEU H 209 12.27 51.31 14.83
CA LEU H 209 12.53 52.73 15.01
C LEU H 209 13.54 53.19 13.97
N GLY H 210 13.38 54.43 13.51
CA GLY H 210 14.29 55.00 12.53
C GLY H 210 13.92 56.43 12.20
N GLY H 211 14.88 57.14 11.58
CA GLY H 211 14.65 58.48 11.10
C GLY H 211 15.26 58.67 9.71
N ALA H 212 15.03 59.84 9.12
CA ALA H 212 15.56 60.15 7.81
C ALA H 212 15.64 61.67 7.62
N LEU H 213 16.70 62.11 6.95
CA LEU H 213 16.80 63.45 6.40
C LEU H 213 16.90 63.25 4.90
N VAL H 214 16.14 64.02 4.13
CA VAL H 214 16.22 63.96 2.68
C VAL H 214 16.45 65.38 2.18
N TYR H 215 17.39 65.56 1.26
CA TYR H 215 17.90 66.89 0.97
C TYR H 215 18.74 66.92 -0.31
N ARG H 216 19.16 68.12 -0.70
CA ARG H 216 19.76 68.33 -2.01
C ARG H 216 21.17 68.89 -1.97
N ASP H 217 21.51 69.62 -0.89
CA ASP H 217 22.78 70.34 -0.87
C ASP H 217 23.99 69.46 -0.54
N ALA H 218 25.04 69.61 -1.34
CA ALA H 218 26.24 68.79 -1.22
C ALA H 218 27.04 69.08 0.05
N ASP H 219 27.13 70.36 0.45
CA ASP H 219 27.81 70.69 1.70
C ASP H 219 27.11 69.99 2.84
N LEU H 220 25.80 70.20 2.94
CA LEU H 220 24.99 69.64 4.01
C LEU H 220 25.19 68.12 4.14
N HIS H 221 25.20 67.43 3.00
CA HIS H 221 25.40 65.98 2.99
C HIS H 221 26.69 65.58 3.69
N ALA H 222 27.79 66.27 3.39
CA ALA H 222 29.05 66.00 4.06
C ALA H 222 28.92 66.20 5.57
N ALA H 223 28.32 67.31 5.99
CA ALA H 223 28.16 67.59 7.41
C ALA H 223 27.26 66.57 8.11
N VAL H 224 26.16 66.22 7.46
CA VAL H 224 25.20 65.27 8.03
C VAL H 224 25.89 63.93 8.22
N ARG H 225 26.56 63.47 7.18
CA ARG H 225 27.24 62.19 7.24
C ARG H 225 28.35 62.19 8.29
N ALA H 226 29.16 63.25 8.29
CA ALA H 226 30.25 63.36 9.26
C ALA H 226 29.71 63.30 10.71
N TYR H 227 28.60 63.98 10.95
CA TYR H 227 28.01 63.95 12.28
C TYR H 227 27.51 62.55 12.66
N ARG H 228 26.88 61.87 11.71
CA ARG H 228 26.34 60.56 11.99
C ARG H 228 27.43 59.55 12.38
N THR H 229 28.52 59.49 11.63
CA THR H 229 29.56 58.51 11.96
C THR H 229 30.34 58.87 13.24
N THR H 230 30.37 60.16 13.58
CA THR H 230 31.01 60.60 14.82
C THR H 230 30.07 60.42 16.02
N ALA H 231 28.82 60.87 15.89
CA ALA H 231 27.86 60.67 16.95
C ALA H 231 27.36 59.22 17.03
N GLY H 232 27.51 58.47 15.94
CA GLY H 232 27.15 57.06 15.92
C GLY H 232 25.68 56.74 16.06
N ASN H 233 24.81 57.65 15.63
CA ASN H 233 23.38 57.45 15.78
C ASN H 233 22.79 56.75 14.56
N VAL H 234 23.45 55.66 14.16
CA VAL H 234 23.15 54.92 12.93
C VAL H 234 22.19 53.78 13.20
N PRO H 235 21.28 53.49 12.25
CA PRO H 235 20.34 52.40 12.49
C PRO H 235 20.93 51.07 12.07
N GLY H 236 20.49 49.97 12.70
CA GLY H 236 20.98 48.66 12.33
C GLY H 236 20.55 48.18 10.95
N ALA H 237 21.31 47.24 10.38
CA ALA H 237 20.98 46.71 9.07
C ALA H 237 19.62 45.98 9.04
N LEU H 238 19.28 45.24 10.10
CA LEU H 238 17.96 44.60 10.15
C LEU H 238 16.83 45.65 10.26
N ASP H 239 17.08 46.71 11.02
CA ASP H 239 16.13 47.82 11.13
C ASP H 239 15.88 48.48 9.77
N CYS H 240 16.94 48.69 8.99
CA CYS H 240 16.79 49.29 7.67
C CYS H 240 15.99 48.35 6.77
N PHE H 241 16.23 47.04 6.89
CA PHE H 241 15.44 46.03 6.21
C PHE H 241 13.94 46.16 6.55
N LEU H 242 13.62 46.29 7.84
CA LEU H 242 12.22 46.46 8.26
C LEU H 242 11.59 47.75 7.71
N VAL H 243 12.32 48.86 7.79
CA VAL H 243 11.80 50.10 7.22
C VAL H 243 11.61 49.96 5.71
N ARG H 244 12.64 49.48 5.01
CA ARG H 244 12.58 49.31 3.56
C ARG H 244 11.42 48.39 3.18
N ARG H 245 11.21 47.32 3.95
CA ARG H 245 10.15 46.37 3.60
C ARG H 245 8.76 47.00 3.76
N GLY H 246 8.58 47.75 4.84
CA GLY H 246 7.33 48.49 5.04
C GLY H 246 7.08 49.49 3.93
N LEU H 247 8.15 50.13 3.49
CA LEU H 247 8.13 51.11 2.41
C LEU H 247 7.36 50.67 1.16
N HIS H 248 7.51 49.40 0.79
CA HIS H 248 6.82 48.87 -0.40
C HIS H 248 5.34 49.24 -0.40
N THR H 249 4.69 49.15 0.76
CA THR H 249 3.26 49.39 0.82
C THR H 249 2.85 50.81 1.21
N LEU H 250 3.82 51.73 1.23
CA LEU H 250 3.58 53.09 1.74
C LEU H 250 2.41 53.80 1.06
N SER H 251 2.42 53.81 -0.27
CA SER H 251 1.31 54.38 -1.02
C SER H 251 -0.01 53.70 -0.61
N LEU H 252 -0.17 52.42 -0.96
CA LEU H 252 -1.35 51.63 -0.60
C LEU H 252 -1.92 51.92 0.81
N ARG H 253 -1.04 51.92 1.82
CA ARG H 253 -1.46 52.14 3.20
C ARG H 253 -1.97 53.57 3.46
N VAL H 254 -1.27 54.58 2.94
CA VAL H 254 -1.67 55.97 3.14
C VAL H 254 -3.04 56.28 2.51
N HIS H 255 -3.28 55.82 1.28
CA HIS H 255 -4.58 56.13 0.69
C HIS H 255 -5.74 55.42 1.41
N ARG H 256 -5.51 54.21 1.93
CA ARG H 256 -6.50 53.51 2.76
C ARG H 256 -6.76 54.28 4.05
N GLN H 257 -5.70 54.72 4.72
CA GLN H 257 -5.84 55.45 5.99
C GLN H 257 -6.53 56.80 5.78
N VAL H 258 -6.19 57.48 4.68
CA VAL H 258 -6.83 58.75 4.36
C VAL H 258 -8.32 58.54 4.11
N ALA H 259 -8.65 57.59 3.24
CA ALA H 259 -10.05 57.29 2.90
C ALA H 259 -10.88 56.99 4.15
N THR H 260 -10.31 56.20 5.06
CA THR H 260 -11.01 55.90 6.30
C THR H 260 -11.17 57.13 7.19
N ALA H 261 -10.12 57.95 7.27
CA ALA H 261 -10.16 59.18 8.06
C ALA H 261 -11.33 60.09 7.68
N ARG H 262 -11.56 60.26 6.37
CA ARG H 262 -12.66 61.10 5.90
C ARG H 262 -13.99 60.53 6.38
N VAL H 263 -14.12 59.21 6.34
CA VAL H 263 -15.32 58.54 6.85
C VAL H 263 -15.52 58.78 8.35
N LEU H 264 -14.44 58.73 9.13
CA LEU H 264 -14.55 58.94 10.57
C LEU H 264 -14.94 60.38 10.90
N VAL H 265 -14.38 61.34 10.16
CA VAL H 265 -14.75 62.74 10.33
C VAL H 265 -16.28 62.94 10.27
N GLU H 266 -16.96 62.15 9.44
CA GLU H 266 -18.41 62.32 9.31
C GLU H 266 -19.26 61.67 10.41
N ARG H 267 -18.75 60.62 11.05
CA ARG H 267 -19.43 60.11 12.24
C ARG H 267 -19.32 61.20 13.28
N LEU H 268 -18.11 61.75 13.40
CA LEU H 268 -17.77 62.74 14.40
C LEU H 268 -18.65 63.97 14.24
N ARG H 269 -18.76 64.45 13.00
CA ARG H 269 -19.52 65.65 12.74
C ARG H 269 -21.02 65.41 12.92
N ALA H 270 -21.43 64.14 12.89
CA ALA H 270 -22.82 63.78 13.12
C ALA H 270 -23.09 63.30 14.56
N SER H 271 -22.08 63.40 15.43
CA SER H 271 -22.22 62.96 16.81
C SER H 271 -22.73 64.08 17.72
N PRO H 272 -23.69 63.75 18.59
CA PRO H 272 -24.20 64.74 19.56
C PRO H 272 -23.26 64.93 20.75
N VAL H 273 -22.25 64.07 20.90
CA VAL H 273 -21.29 64.22 21.99
C VAL H 273 -19.89 64.66 21.52
N VAL H 274 -19.83 65.28 20.34
CA VAL H 274 -18.58 65.83 19.82
C VAL H 274 -18.71 67.32 19.59
N GLY H 275 -17.72 68.08 20.05
CA GLY H 275 -17.67 69.52 19.82
C GLY H 275 -16.85 69.81 18.57
N ALA H 276 -15.81 70.63 18.72
CA ALA H 276 -14.93 70.95 17.61
C ALA H 276 -14.31 69.70 16.97
N VAL H 277 -14.34 69.66 15.64
CA VAL H 277 -13.65 68.61 14.90
C VAL H 277 -12.50 69.23 14.10
N HIS H 278 -11.35 68.56 14.11
CA HIS H 278 -10.18 69.03 13.39
C HIS H 278 -9.71 68.02 12.36
N TYR H 279 -9.57 68.50 11.13
CA TYR H 279 -9.08 67.69 10.02
C TYR H 279 -8.70 68.66 8.91
N PRO H 280 -7.49 68.51 8.35
CA PRO H 280 -7.00 69.45 7.33
C PRO H 280 -7.93 69.52 6.12
N GLY H 281 -8.61 68.42 5.80
CA GLY H 281 -9.46 68.37 4.63
C GLY H 281 -10.86 68.98 4.74
N LEU H 282 -11.21 69.49 5.92
CA LEU H 282 -12.50 70.15 6.08
C LEU H 282 -12.49 71.50 5.33
N PRO H 283 -13.54 71.75 4.53
CA PRO H 283 -13.66 72.97 3.72
C PRO H 283 -13.47 74.29 4.50
N GLU H 284 -13.91 74.36 5.75
CA GLU H 284 -13.68 75.57 6.53
C GLU H 284 -12.46 75.46 7.44
N HIS H 285 -11.56 74.53 7.17
CA HIS H 285 -10.27 74.58 7.84
C HIS H 285 -9.72 75.92 7.43
N PRO H 286 -9.44 76.80 8.42
CA PRO H 286 -9.01 78.18 8.15
C PRO H 286 -7.98 78.26 7.03
N GLN H 287 -6.97 77.39 7.09
CA GLN H 287 -5.92 77.34 6.08
C GLN H 287 -6.28 76.45 4.89
N HIS H 288 -7.54 76.44 4.45
CA HIS H 288 -7.92 75.49 3.39
C HIS H 288 -7.20 75.71 2.05
N ALA H 289 -6.81 76.95 1.78
CA ALA H 289 -6.16 77.28 0.51
C ALA H 289 -4.76 76.67 0.48
N VAL H 290 -4.01 76.90 1.55
CA VAL H 290 -2.68 76.34 1.70
C VAL H 290 -2.86 74.84 1.67
N VAL H 291 -4.03 74.42 2.14
CA VAL H 291 -4.48 73.05 2.13
C VAL H 291 -4.79 72.47 0.74
N LYS H 292 -5.36 73.26 -0.15
CA LYS H 292 -5.44 72.81 -1.54
C LYS H 292 -4.00 72.66 -2.06
N ALA H 293 -3.27 73.78 -2.00
CA ALA H 293 -1.97 73.93 -2.65
C ALA H 293 -0.95 72.81 -2.41
N GLN H 294 -0.53 72.60 -1.17
CA GLN H 294 0.74 71.91 -0.92
C GLN H 294 0.68 70.40 -0.58
N MSE H 295 -0.52 69.89 -0.35
CA MSE H 295 -0.67 68.50 0.10
C MSE H 295 -1.77 67.83 -0.74
O MSE H 295 -2.81 68.44 -1.03
CB MSE H 295 -0.99 68.52 1.60
CG MSE H 295 -0.52 69.85 2.30
SE MSE H 295 -1.81 71.40 2.13
CE MSE H 295 -3.10 69.95 2.59
N SER H 296 -1.53 66.61 -1.20
CA SER H 296 -2.42 66.01 -2.18
C SER H 296 -3.61 65.22 -1.56
N ALA H 297 -3.59 65.07 -0.24
CA ALA H 297 -4.71 64.51 0.51
C ALA H 297 -4.50 64.87 1.99
N PRO H 298 -5.57 64.83 2.80
CA PRO H 298 -5.37 65.46 4.11
C PRO H 298 -4.72 64.60 5.21
N GLY H 299 -4.46 63.32 4.93
CA GLY H 299 -3.82 62.49 5.93
C GLY H 299 -4.77 61.74 6.83
N ALA H 300 -4.20 61.15 7.88
CA ALA H 300 -4.88 60.11 8.65
C ALA H 300 -4.98 60.46 10.13
N ILE H 301 -4.65 61.70 10.48
CA ILE H 301 -4.78 62.14 11.85
C ILE H 301 -6.07 62.96 11.92
N VAL H 302 -6.89 62.65 12.91
CA VAL H 302 -8.14 63.36 13.11
C VAL H 302 -8.17 63.69 14.61
N SER H 303 -8.58 64.90 14.96
CA SER H 303 -8.81 65.19 16.37
C SER H 303 -10.17 65.85 16.61
N PHE H 304 -10.67 65.73 17.84
CA PHE H 304 -11.98 66.24 18.18
C PHE H 304 -12.16 66.42 19.69
N ASP H 305 -13.08 67.32 20.04
CA ASP H 305 -13.46 67.48 21.44
C ASP H 305 -14.66 66.58 21.71
N TYR H 306 -14.55 65.79 22.78
CA TYR H 306 -15.63 64.91 23.21
C TYR H 306 -16.35 65.58 24.38
N LEU H 307 -17.68 65.55 24.34
CA LEU H 307 -18.50 66.27 25.30
C LEU H 307 -19.25 65.36 26.29
N GLY H 308 -19.09 64.05 26.17
CA GLY H 308 -19.93 63.12 26.92
C GLY H 308 -19.47 62.66 28.29
N GLY H 309 -18.44 63.27 28.83
CA GLY H 309 -17.93 62.88 30.14
C GLY H 309 -16.42 62.74 30.10
N PRO H 310 -15.83 62.19 31.16
CA PRO H 310 -14.38 62.15 31.30
C PRO H 310 -13.68 61.42 30.13
N ALA H 311 -12.63 62.04 29.60
CA ALA H 311 -11.86 61.45 28.52
C ALA H 311 -11.36 60.07 28.94
N GLU H 312 -11.04 59.92 30.23
CA GLU H 312 -10.59 58.65 30.76
C GLU H 312 -11.55 57.49 30.46
N ARG H 313 -12.85 57.75 30.64
CA ARG H 313 -13.86 56.73 30.34
C ARG H 313 -14.01 56.46 28.85
N LEU H 314 -13.92 57.51 28.04
CA LEU H 314 -14.01 57.35 26.58
C LEU H 314 -12.95 56.36 26.12
N LEU H 315 -11.71 56.58 26.52
CA LEU H 315 -10.61 55.70 26.15
C LEU H 315 -10.87 54.24 26.54
N ASP H 316 -11.46 54.03 27.72
CA ASP H 316 -11.76 52.67 28.16
C ASP H 316 -12.84 51.99 27.32
N ARG H 317 -13.56 52.72 26.48
CA ARG H 317 -14.66 52.13 25.72
C ARG H 317 -14.32 51.77 24.26
N PHE H 318 -13.05 51.90 23.90
CA PHE H 318 -12.58 51.41 22.61
C PHE H 318 -12.27 49.92 22.68
N THR H 319 -12.72 49.16 21.70
CA THR H 319 -12.38 47.74 21.63
C THR H 319 -11.59 47.36 20.38
N LEU H 320 -11.47 48.29 19.43
CA LEU H 320 -10.67 48.08 18.21
C LEU H 320 -9.47 49.05 18.12
N PHE H 321 -9.72 50.36 18.20
CA PHE H 321 -8.65 51.34 18.39
C PHE H 321 -7.87 50.98 19.65
N THR H 322 -6.55 51.12 19.64
CA THR H 322 -5.69 50.88 20.81
C THR H 322 -5.33 52.22 21.48
N CYS H 323 -5.36 52.28 22.81
CA CYS H 323 -5.01 53.49 23.55
C CYS H 323 -3.50 53.57 23.74
N GLY H 324 -2.82 54.30 22.87
CA GLY H 324 -1.38 54.41 22.93
C GLY H 324 -0.84 55.54 22.06
N VAL H 325 0.42 55.90 22.29
CA VAL H 325 1.06 56.94 21.53
C VAL H 325 1.67 56.28 20.32
N SER H 326 2.27 57.09 19.44
CA SER H 326 2.68 56.71 18.07
C SER H 326 1.55 57.05 17.09
N LEU H 327 1.77 56.76 15.81
CA LEU H 327 0.80 57.07 14.77
C LEU H 327 1.25 56.50 13.43
N GLY H 328 0.39 56.57 12.42
CA GLY H 328 0.79 56.22 11.08
C GLY H 328 0.83 54.73 10.76
N GLY H 329 0.71 53.90 11.79
CA GLY H 329 0.85 52.46 11.64
C GLY H 329 -0.42 51.75 11.18
N VAL H 330 -0.29 50.47 10.84
CA VAL H 330 -1.44 49.71 10.33
C VAL H 330 -2.55 49.53 11.39
N HIS H 331 -2.17 49.56 12.67
CA HIS H 331 -3.14 49.48 13.76
C HIS H 331 -3.62 50.87 14.14
N SER H 332 -4.93 51.09 14.11
CA SER H 332 -5.48 52.39 14.49
C SER H 332 -5.27 52.67 15.97
N LEU H 333 -4.98 53.92 16.30
CA LEU H 333 -4.75 54.30 17.68
C LEU H 333 -5.55 55.53 18.12
N VAL H 334 -5.74 55.66 19.43
CA VAL H 334 -6.43 56.79 20.00
C VAL H 334 -5.65 57.29 21.21
N GLU H 335 -5.61 58.61 21.40
CA GLU H 335 -5.12 59.20 22.63
C GLU H 335 -5.87 60.49 22.97
N CYS H 336 -5.55 61.03 24.14
CA CYS H 336 -6.10 62.25 24.67
C CYS H 336 -4.88 63.07 25.10
N PRO H 337 -4.73 64.26 24.53
CA PRO H 337 -3.49 65.02 24.75
C PRO H 337 -3.29 65.46 26.20
N ALA H 338 -4.34 65.94 26.85
CA ALA H 338 -4.19 66.48 28.20
C ALA H 338 -3.63 65.42 29.16
N LEU H 339 -4.03 64.17 28.97
CA LEU H 339 -3.57 63.12 29.87
C LEU H 339 -2.34 62.35 29.35
N MSE H 340 -1.95 62.50 28.08
CA MSE H 340 -0.90 61.62 27.51
C MSE H 340 0.31 62.20 26.71
O MSE H 340 1.33 62.48 27.30
CB MSE H 340 -1.52 60.44 26.76
CG MSE H 340 -2.49 59.68 27.60
SE MSE H 340 -4.29 60.43 27.38
CE MSE H 340 -4.78 59.01 26.14
N THR H 341 0.22 62.24 25.38
CA THR H 341 1.32 62.80 24.54
C THR H 341 1.65 64.21 24.94
N HIS H 342 0.60 64.99 25.19
CA HIS H 342 0.78 66.39 25.50
C HIS H 342 0.66 66.59 27.01
N ARG H 343 0.78 65.48 27.74
CA ARG H 343 0.79 65.44 29.21
C ARG H 343 1.78 66.42 29.86
N PRO H 344 3.05 66.46 29.39
CA PRO H 344 3.96 67.35 30.13
C PRO H 344 3.62 68.86 30.09
N LEU H 345 2.75 69.29 29.17
CA LEU H 345 2.32 70.70 29.13
C LEU H 345 1.36 71.05 30.26
N SER H 346 1.53 72.24 30.84
CA SER H 346 0.70 72.65 31.98
C SER H 346 -0.71 73.05 31.56
N ALA H 347 -1.67 72.85 32.47
CA ALA H 347 -3.09 73.11 32.21
C ALA H 347 -3.40 74.44 31.50
N GLU H 348 -2.90 75.55 32.04
CA GLU H 348 -3.05 76.83 31.39
C GLU H 348 -2.23 76.84 30.11
N ALA H 349 -1.00 76.34 30.19
CA ALA H 349 -0.17 76.18 28.99
C ALA H 349 -0.89 75.25 28.01
N ARG H 350 -1.71 74.35 28.54
CA ARG H 350 -2.61 73.57 27.69
C ARG H 350 -3.66 74.49 27.09
N ALA H 351 -4.11 75.50 27.83
CA ALA H 351 -5.19 76.37 27.36
C ALA H 351 -4.81 77.35 26.22
N ARG H 352 -3.61 77.93 26.26
CA ARG H 352 -3.08 78.68 25.12
C ARG H 352 -2.87 77.83 23.85
N ARG H 353 -2.30 76.62 24.02
CA ARG H 353 -2.08 75.71 22.88
C ARG H 353 -3.42 75.10 22.50
N GLY H 354 -4.49 75.76 22.91
CA GLY H 354 -5.87 75.33 22.70
C GLY H 354 -6.09 73.83 22.85
N ILE H 355 -5.51 73.23 23.89
CA ILE H 355 -5.67 71.80 24.11
C ILE H 355 -6.56 71.55 25.33
N GLY H 356 -7.83 71.29 25.07
CA GLY H 356 -8.77 71.03 26.14
C GLY H 356 -8.53 69.66 26.75
N GLU H 357 -8.93 69.50 28.01
CA GLU H 357 -8.84 68.23 28.69
C GLU H 357 -9.48 67.12 27.82
N SER H 358 -10.58 67.45 27.14
CA SER H 358 -11.31 66.44 26.38
C SER H 358 -11.01 66.38 24.88
N LEU H 359 -9.89 66.96 24.46
CA LEU H 359 -9.46 66.76 23.09
C LEU H 359 -9.05 65.28 22.94
N ILE H 360 -9.34 64.70 21.78
CA ILE H 360 -9.05 63.31 21.48
C ILE H 360 -8.41 63.25 20.12
N ARG H 361 -7.34 62.48 19.98
CA ARG H 361 -6.69 62.34 18.68
C ARG H 361 -6.72 60.91 18.14
N LEU H 362 -7.17 60.77 16.91
CA LEU H 362 -7.18 59.49 16.19
C LEU H 362 -6.05 59.39 15.16
N SER H 363 -5.33 58.28 15.20
CA SER H 363 -4.40 57.95 14.13
C SER H 363 -4.96 56.76 13.35
N VAL H 364 -5.34 56.99 12.10
CA VAL H 364 -6.11 56.00 11.36
C VAL H 364 -5.20 54.91 10.77
N GLY H 365 -5.59 53.66 10.98
CA GLY H 365 -4.91 52.51 10.42
C GLY H 365 -5.67 51.96 9.20
N ILE H 366 -5.44 50.69 8.87
CA ILE H 366 -5.95 50.12 7.64
C ILE H 366 -7.03 49.04 7.83
N GLU H 367 -7.67 49.04 9.00
CA GLU H 367 -8.78 48.11 9.26
C GLU H 367 -9.99 48.50 8.41
N ASP H 368 -11.00 47.62 8.35
CA ASP H 368 -12.18 47.95 7.55
C ASP H 368 -12.84 49.19 8.13
N PRO H 369 -13.09 50.20 7.27
CA PRO H 369 -13.60 51.51 7.72
C PRO H 369 -14.87 51.46 8.56
N GLN H 370 -15.81 50.57 8.23
CA GLN H 370 -17.01 50.52 9.05
C GLN H 370 -16.85 49.77 10.37
N ASP H 371 -15.84 48.92 10.48
CA ASP H 371 -15.47 48.39 11.80
C ASP H 371 -14.92 49.53 12.67
N LEU H 372 -14.09 50.38 12.06
CA LEU H 372 -13.51 51.49 12.80
C LEU H 372 -14.60 52.50 13.17
N ALA H 373 -15.50 52.78 12.23
CA ALA H 373 -16.61 53.69 12.50
C ALA H 373 -17.49 53.14 13.61
N GLU H 374 -17.74 51.83 13.60
CA GLU H 374 -18.59 51.23 14.63
C GLU H 374 -17.94 51.31 16.02
N ASP H 375 -16.65 50.97 16.10
CA ASP H 375 -15.92 51.12 17.36
C ASP H 375 -16.01 52.57 17.88
N LEU H 376 -15.81 53.52 16.98
CA LEU H 376 -15.88 54.94 17.36
C LEU H 376 -17.25 55.33 17.93
N SER H 377 -18.32 54.95 17.22
CA SER H 377 -19.68 55.24 17.70
C SER H 377 -20.02 54.50 19.01
N ARG H 378 -19.52 53.27 19.15
CA ARG H 378 -19.69 52.55 20.40
C ARG H 378 -19.04 53.30 21.54
N ALA H 379 -17.79 53.71 21.35
CA ALA H 379 -17.04 54.36 22.42
C ALA H 379 -17.62 55.73 22.77
N LEU H 380 -17.95 56.52 21.75
CA LEU H 380 -18.55 57.83 21.96
C LEU H 380 -19.83 57.70 22.77
N ALA H 381 -20.59 56.65 22.49
CA ALA H 381 -21.86 56.37 23.18
C ALA H 381 -22.79 57.57 23.11
N GLY H 382 -22.70 58.30 22.00
CA GLY H 382 -23.60 59.41 21.77
C GLY H 382 -24.80 58.92 20.99
N GLY H 383 -24.52 58.23 19.89
CA GLY H 383 -25.53 57.76 18.96
C GLY H 383 -25.03 57.90 17.54
O1 MES I . -14.30 -14.98 -20.66
C2 MES I . -13.70 -13.96 -21.47
C3 MES I . -13.07 -14.59 -22.70
N4 MES I . -12.21 -15.72 -22.33
C5 MES I . -12.71 -16.67 -21.34
C6 MES I . -13.33 -15.89 -20.18
C7 MES I . -11.65 -16.40 -23.49
C8 MES I . -10.16 -16.14 -23.68
S MES I . -9.74 -16.96 -25.08
O1S MES I . -9.28 -18.30 -24.62
O2S MES I . -10.94 -17.14 -25.94
O3S MES I . -8.71 -16.23 -25.84
C1 GOL J . 7.87 -13.00 -3.49
O1 GOL J . 7.91 -13.82 -4.64
C2 GOL J . 8.00 -13.89 -2.26
O2 GOL J . 7.98 -13.12 -1.08
C3 GOL J . 9.29 -14.69 -2.32
O3 GOL J . 9.44 -15.21 -3.62
C1 GOL K . -0.03 -43.81 -3.92
O1 GOL K . -1.35 -44.14 -4.28
C2 GOL K . 0.21 -42.30 -3.92
O2 GOL K . 1.38 -41.97 -3.23
C3 GOL K . 0.38 -41.85 -5.36
O3 GOL K . -0.75 -42.18 -6.14
C1 GOL L . 15.69 -24.47 -18.16
O1 GOL L . 16.20 -25.72 -18.55
C2 GOL L . 16.17 -24.14 -16.76
O2 GOL L . 16.77 -22.87 -16.73
C3 GOL L . 15.00 -24.17 -15.79
O3 GOL L . 15.35 -23.49 -14.61
CL CL M . 11.32 -15.32 -9.40
CL CL N . -17.33 -13.53 -23.62
O1 MES O . -5.70 -27.71 7.67
C2 MES O . -5.75 -27.75 9.11
C3 MES O . -6.99 -27.11 9.74
N4 MES O . -8.17 -27.62 9.08
C5 MES O . -8.15 -27.89 7.64
C6 MES O . -6.88 -27.24 7.05
C7 MES O . -9.09 -28.43 9.87
C8 MES O . -9.87 -27.61 10.89
S MES O . -11.12 -28.60 11.43
O1S MES O . -12.18 -28.55 10.40
O2S MES O . -10.62 -30.00 11.58
O3S MES O . -11.70 -28.09 12.71
C1 GOL P . -34.77 -14.87 6.13
O1 GOL P . -34.95 -15.92 5.19
C2 GOL P . -33.65 -13.96 5.65
O2 GOL P . -33.80 -12.67 6.21
C3 GOL P . -33.70 -13.88 4.14
O3 GOL P . -32.80 -12.91 3.68
C1 GOL Q . -14.31 -10.75 -16.52
O1 GOL Q . -14.49 -9.85 -15.50
C2 GOL Q . -12.83 -10.87 -16.50
O2 GOL Q . -12.25 -10.85 -17.82
C3 GOL Q . -11.91 -10.81 -15.35
O3 GOL Q . -12.17 -9.53 -14.95
C1 GOL R . -29.49 -27.67 -17.84
O1 GOL R . -29.05 -27.44 -19.16
C2 GOL R . -29.48 -29.18 -17.64
O2 GOL R . -30.73 -29.71 -18.02
C3 GOL R . -29.25 -29.49 -16.16
O3 GOL R . -27.88 -29.64 -15.92
C1 GOL S . -19.97 -26.49 28.36
O1 GOL S . -20.23 -27.51 27.44
C2 GOL S . -19.34 -27.07 29.62
O2 GOL S . -18.21 -26.30 29.97
C3 GOL S . -20.36 -27.06 30.75
O3 GOL S . -21.38 -27.99 30.46
C1 GOL T . -25.69 -3.99 4.56
O1 GOL T . -24.93 -5.12 4.91
C2 GOL T . -26.84 -3.80 5.56
O2 GOL T . -28.07 -4.00 4.90
C3 GOL T . -26.80 -2.38 6.10
O3 GOL T . -25.51 -2.12 6.58
C1 GOL U . -3.19 -22.08 6.23
O1 GOL U . -2.94 -20.70 6.12
C2 GOL U . -3.76 -22.42 7.60
O2 GOL U . -4.10 -21.20 8.23
C3 GOL U . -5.02 -23.25 7.42
O3 GOL U . -4.81 -24.37 6.58
CL CL V . -34.77 -22.94 16.10
O1 MES W . -37.25 -51.57 -17.06
C2 MES W . -38.14 -52.62 -16.66
C3 MES W . -37.79 -53.20 -15.28
N4 MES W . -37.58 -52.07 -14.36
C5 MES W . -36.67 -51.00 -14.76
C6 MES W . -36.17 -51.35 -16.16
C7 MES W . -38.67 -51.79 -13.43
C8 MES W . -38.32 -52.02 -11.96
S MES W . -39.73 -52.48 -11.16
O1S MES W . -39.96 -53.93 -11.35
O2S MES W . -40.89 -51.85 -11.85
O3S MES W . -39.66 -52.19 -9.70
C1 GOL X . -36.90 -57.39 -20.47
O1 GOL X . -37.22 -56.07 -20.85
C2 GOL X . -35.51 -57.44 -19.85
O2 GOL X . -35.52 -56.74 -18.62
C3 GOL X . -35.13 -58.90 -19.66
O3 GOL X . -33.91 -58.98 -18.95
C1 GOL Y . -22.88 -66.08 6.33
O1 GOL Y . -22.53 -67.46 6.35
C2 GOL Y . -23.34 -65.62 7.71
O2 GOL Y . -22.65 -66.36 8.70
C3 GOL Y . -24.84 -65.78 7.88
O3 GOL Y . -25.12 -66.57 9.02
C1 GOL Z . -27.77 -46.03 11.69
O1 GOL Z . -28.50 -46.03 10.50
C2 GOL Z . -26.65 -47.05 11.60
O2 GOL Z . -25.68 -46.72 12.57
C3 GOL Z . -27.21 -48.44 11.92
O3 GOL Z . -27.54 -48.49 13.30
C FMT AA . -20.92 -74.82 -7.70
O1 FMT AA . -21.47 -75.92 -7.73
O2 FMT AA . -20.53 -74.30 -6.66
CL CL BA . -25.02 -73.39 -2.84
O1 MES CA . -6.26 -61.72 -18.50
C2 MES CA . -5.07 -62.22 -19.12
C3 MES CA . -5.07 -62.07 -20.64
N4 MES CA . -5.34 -60.68 -20.98
C5 MES CA . -6.11 -59.86 -20.04
C6 MES CA . -7.03 -60.83 -19.31
C7 MES CA . -4.39 -60.01 -21.89
C8 MES CA . -5.14 -59.31 -23.03
S MES CA . -4.02 -58.75 -24.14
O1S MES CA . -3.64 -59.76 -25.15
O2S MES CA . -4.58 -57.57 -24.85
O3S MES CA . -2.72 -58.47 -23.43
C1 GOL DA . -20.94 -51.31 -45.45
O1 GOL DA . -22.32 -51.05 -45.53
C2 GOL DA . -20.45 -50.82 -44.10
O2 GOL DA . -21.61 -50.49 -43.37
C3 GOL DA . -19.63 -49.55 -44.30
O3 GOL DA . -18.59 -49.83 -45.22
C1 GOL EA . -30.44 -64.21 -37.13
O1 GOL EA . -31.80 -64.56 -37.37
C2 GOL EA . -30.31 -63.06 -36.12
O2 GOL EA . -30.06 -61.83 -36.78
C3 GOL EA . -29.14 -63.34 -35.16
O3 GOL EA . -29.42 -64.46 -34.35
CL CL FA . -26.80 -61.62 -40.95
CL CL GA . -33.00 -68.82 -29.82
CL CL HA . -6.16 -50.09 -47.41
O1 MES IA . 10.30 25.58 -8.42
C2 MES IA . 9.46 25.37 -9.55
C3 MES IA . 8.28 26.34 -9.61
N4 MES IA . 8.32 27.27 -8.50
C5 MES IA . 8.54 26.79 -7.15
C6 MES IA . 9.62 25.70 -7.18
C7 MES IA . 7.97 28.67 -8.73
C8 MES IA . 6.52 28.90 -8.30
S MES IA . 5.61 29.90 -9.31
O1S MES IA . 4.75 29.01 -10.08
O2S MES IA . 6.41 30.66 -10.30
O3S MES IA . 4.78 30.72 -8.40
C1 GOL JA . -17.00 29.03 6.77
O1 GOL JA . -16.96 29.53 5.45
C2 GOL JA . -16.58 27.56 6.76
O2 GOL JA . -15.48 27.36 7.65
C3 GOL JA . -17.74 26.71 7.23
O3 GOL JA . -17.37 25.34 7.16
C1 GOL KA . 7.56 14.04 19.13
O1 GOL KA . 7.73 15.33 19.66
C2 GOL KA . 6.14 13.58 19.36
O2 GOL KA . 6.16 12.43 20.17
C3 GOL KA . 5.53 13.21 18.01
O3 GOL KA . 6.40 12.30 17.39
C1 GOL LA . -7.09 11.26 8.15
O1 GOL LA . -7.78 11.77 7.04
C2 GOL LA . -7.85 11.63 9.42
O2 GOL LA . -8.32 12.96 9.32
C3 GOL LA . -9.05 10.69 9.59
O3 GOL LA . -9.80 11.13 10.69
C1 GOL MA . 8.66 20.77 -6.87
O1 GOL MA . 8.96 22.12 -7.19
C2 GOL MA . 9.16 19.83 -7.97
O2 GOL MA . 8.57 18.55 -7.88
C3 GOL MA . 10.66 19.72 -7.73
O3 GOL MA . 11.19 18.58 -8.37
CL CL NA . -13.79 15.63 4.51
O1 MES OA . 9.28 16.59 22.11
C2 MES OA . 9.47 15.41 22.90
C3 MES OA . 10.83 14.72 22.70
N4 MES OA . 11.91 15.68 22.89
C5 MES OA . 11.64 17.09 22.60
C6 MES OA . 10.50 17.10 21.57
C7 MES OA . 13.02 15.31 23.80
C8 MES OA . 14.28 16.00 23.25
S MES OA . 15.67 16.10 24.19
O1S MES OA . 16.36 14.78 24.35
O2S MES OA . 15.40 16.73 25.53
O3S MES OA . 16.56 16.98 23.42
C1 GOL PA . 17.40 5.75 -3.20
O1 GOL PA . 16.66 4.80 -2.45
C2 GOL PA . 18.77 5.19 -3.60
O2 GOL PA . 19.05 5.44 -4.96
C3 GOL PA . 19.82 5.90 -2.77
O3 GOL PA . 19.27 5.97 -1.47
C1 GOL QA . 38.23 24.77 24.08
O1 GOL QA . 37.99 24.36 22.75
C2 GOL QA . 39.60 25.44 24.13
O2 GOL QA . 39.45 26.77 23.68
C3 GOL QA . 40.18 25.51 25.53
O3 GOL QA . 41.22 26.46 25.53
C1 GOL RA . 36.21 25.79 29.19
O1 GOL RA . 36.70 24.62 29.81
C2 GOL RA . 36.39 27.01 30.10
O2 GOL RA . 37.39 26.73 31.06
C3 GOL RA . 36.86 28.23 29.27
O3 GOL RA . 36.85 29.39 30.08
C1 GOL SA . 34.55 11.36 4.59
O1 GOL SA . 33.65 10.76 3.69
C2 GOL SA . 34.89 10.36 5.69
O2 GOL SA . 34.67 9.07 5.18
C3 GOL SA . 36.34 10.51 6.10
O3 GOL SA . 36.57 11.81 6.62
C FMT TA . 28.22 21.60 0.93
O1 FMT TA . 27.41 20.71 0.61
O2 FMT TA . 29.45 21.52 0.87
CL CL UA . 24.76 4.71 0.42
O1 MES VA . 36.70 53.45 11.77
C2 MES VA . 37.82 53.72 12.63
C3 MES VA . 38.44 52.43 13.17
N4 MES VA . 37.39 51.62 13.76
C5 MES VA . 36.15 51.44 12.99
C6 MES VA . 35.66 52.78 12.44
C7 MES VA . 37.76 50.40 14.48
C8 MES VA . 38.86 50.76 15.47
S MES VA . 39.71 49.40 15.93
O1S MES VA . 38.92 48.48 16.80
O2S MES VA . 40.09 48.67 14.68
O3S MES VA . 40.93 49.84 16.65
C1 GOL WA . 29.78 48.33 41.14
O1 GOL WA . 29.02 49.50 41.33
C2 GOL WA . 30.91 48.36 42.16
O2 GOL WA . 31.50 49.65 42.15
C3 GOL WA . 31.93 47.27 41.88
O3 GOL WA . 32.89 47.26 42.90
C1 GOL XA . 10.53 62.79 23.78
O1 GOL XA . 9.25 62.89 23.18
C2 GOL XA . 10.76 63.81 24.90
O2 GOL XA . 9.62 64.62 25.13
C3 GOL XA . 11.95 64.69 24.59
O3 GOL XA . 12.13 65.59 25.66
C1 GOL YA . 41.16 40.65 38.58
O1 GOL YA . 42.18 41.06 37.73
C2 GOL YA . 41.18 41.35 39.88
O2 GOL YA . 42.53 41.48 40.17
C3 GOL YA . 40.73 42.73 39.80
O3 GOL YA . 41.11 43.43 38.62
C FMT ZA . 25.83 64.45 35.25
O1 FMT ZA . 26.19 65.62 35.31
O2 FMT ZA . 25.39 63.81 36.20
CL CL AB . 28.06 61.43 38.95
O1 MES BB . 6.16 59.72 23.32
C2 MES BB . 5.20 60.74 23.00
C3 MES BB . 4.50 60.49 21.67
N4 MES BB . 5.54 60.15 20.71
C5 MES BB . 6.44 59.07 21.03
C6 MES BB . 7.13 59.48 22.31
C7 MES BB . 5.23 60.16 19.30
C8 MES BB . 4.50 61.45 18.97
S MES BB . 3.18 60.83 18.24
O1S MES BB . 3.64 59.94 17.16
O2S MES BB . 2.43 60.07 19.27
O3S MES BB . 2.28 61.92 17.74
C1 GOL CB . 13.20 69.08 -6.44
O1 GOL CB . 12.37 68.11 -5.86
C2 GOL CB . 14.32 69.45 -5.47
O2 GOL CB . 13.82 70.38 -4.54
C3 GOL CB . 14.82 68.21 -4.75
O3 GOL CB . 16.19 68.34 -4.45
C1 GOL DB . -4.74 55.18 30.99
O1 GOL DB . -6.13 55.09 30.81
C2 GOL DB . -4.24 56.27 30.09
O2 GOL DB . -5.02 57.41 30.25
C3 GOL DB . -2.95 56.69 30.58
O3 GOL DB . -2.93 57.78 31.49
C1 GOL EB . 27.56 72.52 8.01
O1 GOL EB . 28.64 73.11 7.34
C2 GOL EB . 26.31 72.59 7.13
O2 GOL EB . 26.70 72.76 5.78
C3 GOL EB . 25.50 73.80 7.60
O3 GOL EB . 26.32 74.94 7.51
CL CL FB . 21.04 73.66 2.97
CL CL GB . 2.52 59.62 26.45
N MSE A 7 14.31 -37.89 -19.86
CA MSE A 7 13.54 -38.38 -20.99
C MSE A 7 13.10 -37.24 -21.91
O MSE A 7 13.09 -36.08 -21.50
CB MSE A 7 12.33 -39.17 -20.53
CG MSE A 7 11.79 -38.80 -19.17
SE MSE A 7 10.93 -40.36 -18.39
CE MSE A 7 12.41 -41.49 -18.67
N ARG A 8 12.74 -37.60 -23.14
CA ARG A 8 12.38 -36.63 -24.18
C ARG A 8 10.87 -36.30 -24.15
N PHE A 9 10.45 -35.26 -24.87
CA PHE A 9 9.13 -34.65 -24.64
C PHE A 9 7.91 -35.59 -24.65
N GLY A 10 7.80 -36.43 -25.66
CA GLY A 10 6.79 -37.45 -25.68
C GLY A 10 6.79 -38.24 -24.37
N THR A 11 7.97 -38.64 -23.93
CA THR A 11 8.12 -39.52 -22.78
C THR A 11 7.77 -38.82 -21.46
N ARG A 12 8.22 -37.59 -21.30
CA ARG A 12 7.89 -36.82 -20.11
C ARG A 12 6.37 -36.58 -19.97
N LEU A 13 5.67 -36.48 -21.10
CA LEU A 13 4.20 -36.33 -21.04
C LEU A 13 3.49 -37.57 -20.51
N VAL A 14 4.06 -38.75 -20.76
CA VAL A 14 3.39 -39.99 -20.37
C VAL A 14 3.83 -40.44 -18.99
N HIS A 15 5.11 -40.21 -18.66
CA HIS A 15 5.67 -40.78 -17.43
C HIS A 15 6.04 -39.80 -16.31
N GLY A 16 6.01 -38.49 -16.61
CA GLY A 16 6.21 -37.46 -15.59
C GLY A 16 5.29 -37.63 -14.40
N GLY A 17 5.88 -37.77 -13.22
CA GLY A 17 5.13 -38.00 -11.99
C GLY A 17 4.34 -39.29 -11.94
N ARG A 18 4.65 -40.25 -12.81
CA ARG A 18 3.84 -41.48 -12.81
C ARG A 18 4.23 -42.34 -11.63
N ARG A 19 3.74 -41.95 -10.44
CA ARG A 19 4.17 -42.61 -9.22
C ARG A 19 3.67 -44.05 -9.14
N PRO A 20 4.61 -45.01 -9.21
CA PRO A 20 4.35 -46.46 -9.22
C PRO A 20 3.69 -46.86 -7.93
N SER A 21 2.48 -47.42 -8.02
CA SER A 21 1.83 -47.85 -6.79
C SER A 21 2.55 -49.10 -6.34
N ALA A 22 3.35 -48.94 -5.28
CA ALA A 22 3.95 -50.08 -4.60
C ALA A 22 2.84 -51.07 -4.26
N GLY A 23 3.21 -52.29 -3.92
CA GLY A 23 2.21 -53.30 -3.62
C GLY A 23 1.37 -53.72 -4.83
N THR A 24 0.58 -52.79 -5.33
CA THR A 24 -0.43 -53.03 -6.38
C THR A 24 0.14 -53.10 -7.80
N GLY A 25 0.84 -52.04 -8.19
CA GLY A 25 1.40 -51.93 -9.52
C GLY A 25 0.60 -51.15 -10.56
N ASP A 26 -0.44 -50.43 -10.14
CA ASP A 26 -1.23 -49.58 -11.06
C ASP A 26 -0.34 -48.74 -11.98
N VAL A 27 -0.37 -49.03 -13.28
CA VAL A 27 0.34 -48.20 -14.24
C VAL A 27 -0.19 -46.76 -14.24
N VAL A 28 -1.51 -46.62 -14.26
CA VAL A 28 -2.15 -45.32 -14.10
C VAL A 28 -2.40 -45.11 -12.61
N PRO A 29 -1.80 -44.07 -12.02
CA PRO A 29 -1.96 -43.88 -10.57
C PRO A 29 -3.44 -43.66 -10.20
N PRO A 30 -3.85 -44.22 -9.05
CA PRO A 30 -5.23 -44.10 -8.55
C PRO A 30 -5.55 -42.66 -8.15
N ILE A 31 -6.81 -42.27 -8.26
CA ILE A 31 -7.22 -40.89 -8.03
C ILE A 31 -7.44 -40.65 -6.55
N HIS A 32 -6.72 -39.69 -5.98
CA HIS A 32 -6.81 -39.41 -4.55
C HIS A 32 -7.89 -38.40 -4.17
N VAL A 33 -9.11 -38.89 -4.08
CA VAL A 33 -10.25 -38.03 -3.77
C VAL A 33 -10.29 -37.62 -2.29
N SER A 34 -9.63 -38.39 -1.42
CA SER A 34 -9.77 -38.16 0.02
C SER A 34 -9.29 -36.77 0.47
N THR A 35 -10.10 -36.07 1.25
CA THR A 35 -9.70 -34.78 1.83
C THR A 35 -9.04 -34.99 3.18
N THR A 36 -9.28 -36.14 3.81
CA THR A 36 -8.74 -36.33 5.16
C THR A 36 -7.76 -37.50 5.21
N TYR A 37 -6.81 -37.41 6.12
CA TYR A 37 -5.75 -38.41 6.23
C TYR A 37 -5.54 -38.84 7.67
N GLU A 38 -5.41 -40.14 7.86
CA GLU A 38 -5.04 -40.70 9.14
C GLU A 38 -3.55 -40.45 9.31
N ARG A 39 -3.19 -39.79 10.41
CA ARG A 39 -1.80 -39.53 10.71
C ARG A 39 -1.08 -40.83 11.09
N ARG A 40 -1.64 -41.53 12.07
CA ARG A 40 -0.97 -42.66 12.72
C ARG A 40 -0.65 -43.83 11.79
N ALA A 41 -0.89 -43.63 10.50
CA ALA A 41 -0.40 -44.53 9.47
C ALA A 41 0.97 -44.03 8.99
N GLN A 42 1.00 -42.79 8.51
CA GLN A 42 2.11 -42.25 7.73
C GLN A 42 3.48 -42.37 8.39
N ASP A 43 4.53 -42.12 7.60
CA ASP A 43 5.90 -42.19 8.09
C ASP A 43 6.13 -41.07 9.11
N GLU A 44 7.03 -40.15 8.81
CA GLU A 44 6.96 -38.85 9.47
C GLU A 44 5.79 -38.11 8.79
N PRO A 45 4.85 -37.63 9.63
CA PRO A 45 3.59 -37.02 9.20
C PRO A 45 3.75 -36.03 8.07
N ARG A 46 3.18 -36.34 6.90
CA ARG A 46 3.21 -35.43 5.75
C ARG A 46 1.82 -35.05 5.28
N TYR A 47 1.04 -36.04 4.83
CA TYR A 47 -0.28 -35.75 4.31
C TYR A 47 -1.24 -35.42 5.45
N PHE A 48 -1.79 -34.21 5.40
CA PHE A 48 -2.54 -33.65 6.53
C PHE A 48 -3.97 -33.29 6.19
N TYR A 49 -4.18 -32.74 4.99
CA TYR A 49 -5.47 -32.22 4.59
C TYR A 49 -5.43 -31.87 3.10
N GLY A 50 -6.52 -32.16 2.41
CA GLY A 50 -6.59 -32.01 0.96
C GLY A 50 -6.25 -30.62 0.44
N ARG A 51 -6.63 -29.57 1.15
CA ARG A 51 -6.32 -28.22 0.69
C ARG A 51 -4.80 -27.98 0.63
N GLY A 52 -4.05 -28.58 1.55
CA GLY A 52 -2.61 -28.42 1.58
C GLY A 52 -1.81 -29.44 0.76
N GLU A 53 -2.17 -30.71 0.88
CA GLU A 53 -1.40 -31.79 0.26
C GLU A 53 -2.32 -32.83 -0.37
N ASN A 54 -1.97 -33.29 -1.57
CA ASN A 54 -2.75 -34.28 -2.32
C ASN A 54 -1.89 -34.98 -3.39
N PRO A 55 -1.77 -36.32 -3.32
CA PRO A 55 -0.84 -37.01 -4.24
C PRO A 55 -1.22 -36.91 -5.72
N THR A 56 -2.51 -36.93 -6.05
CA THR A 56 -2.90 -36.78 -7.45
C THR A 56 -2.46 -35.42 -7.99
N ARG A 57 -2.73 -34.37 -7.22
CA ARG A 57 -2.34 -33.03 -7.57
C ARG A 57 -0.81 -32.93 -7.70
N GLU A 58 -0.10 -33.55 -6.76
CA GLU A 58 1.37 -33.51 -6.79
C GLU A 58 1.92 -34.18 -8.06
N GLU A 59 1.32 -35.29 -8.47
CA GLU A 59 1.76 -35.98 -9.67
C GLU A 59 1.59 -35.10 -10.91
N LEU A 60 0.46 -34.40 -11.00
CA LEU A 60 0.30 -33.44 -12.08
C LEU A 60 1.38 -32.35 -12.05
N GLU A 61 1.68 -31.86 -10.85
CA GLU A 61 2.69 -30.83 -10.69
C GLU A 61 4.09 -31.30 -11.12
N GLU A 62 4.47 -32.51 -10.69
CA GLU A 62 5.74 -33.10 -11.06
C GLU A 62 5.80 -33.26 -12.59
N CYS A 63 4.67 -33.62 -13.20
CA CYS A 63 4.63 -33.74 -14.67
C CYS A 63 4.94 -32.40 -15.36
N LEU A 64 4.23 -31.34 -14.97
CA LEU A 64 4.46 -30.00 -15.53
C LEU A 64 5.89 -29.50 -15.32
N ALA A 65 6.38 -29.62 -14.09
CA ALA A 65 7.75 -29.30 -13.75
C ALA A 65 8.71 -29.93 -14.76
N GLY A 66 8.58 -31.26 -14.93
CA GLY A 66 9.44 -32.01 -15.85
C GLY A 66 9.42 -31.51 -17.29
N LEU A 67 8.28 -31.05 -17.77
CA LEU A 67 8.21 -30.55 -19.15
C LEU A 67 9.08 -29.31 -19.38
N GLU A 68 9.49 -28.64 -18.30
CA GLU A 68 10.31 -27.44 -18.45
C GLU A 68 11.67 -27.60 -17.74
N ARG A 69 12.00 -28.83 -17.36
CA ARG A 69 13.22 -29.16 -16.62
C ARG A 69 13.38 -28.30 -15.36
N ALA A 70 12.26 -27.97 -14.73
CA ALA A 70 12.22 -27.04 -13.60
C ALA A 70 12.06 -27.80 -12.32
N PRO A 71 12.49 -27.20 -11.19
CA PRO A 71 12.31 -27.95 -9.94
C PRO A 71 10.90 -27.91 -9.36
N PHE A 72 10.08 -26.91 -9.70
CA PHE A 72 8.76 -26.83 -9.06
C PHE A 72 7.60 -26.51 -10.00
N ALA A 73 6.41 -26.90 -9.54
CA ALA A 73 5.15 -26.45 -10.12
C ALA A 73 4.05 -26.50 -9.07
N THR A 74 3.05 -25.67 -9.27
CA THR A 74 1.87 -25.63 -8.43
C THR A 74 0.67 -25.48 -9.37
N VAL A 75 -0.35 -26.31 -9.21
CA VAL A 75 -1.57 -26.14 -10.00
C VAL A 75 -2.67 -25.44 -9.21
N PHE A 76 -3.62 -24.87 -9.94
CA PHE A 76 -4.61 -23.97 -9.37
C PHE A 76 -6.02 -24.18 -9.93
N SER A 77 -7.01 -23.65 -9.23
CA SER A 77 -8.41 -23.77 -9.67
C SER A 77 -8.73 -23.20 -11.07
N SER A 78 -7.80 -22.44 -11.66
CA SER A 78 -7.99 -21.86 -12.99
C SER A 78 -6.71 -21.15 -13.39
N GLY A 79 -6.56 -20.82 -14.67
CA GLY A 79 -5.49 -19.93 -15.10
C GLY A 79 -5.53 -18.61 -14.31
N GLN A 80 -6.71 -18.01 -14.19
CA GLN A 80 -6.86 -16.78 -13.42
C GLN A 80 -6.30 -16.92 -12.00
N ALA A 81 -6.54 -18.08 -11.37
CA ALA A 81 -6.09 -18.31 -10.00
C ALA A 81 -4.57 -18.35 -9.91
N ALA A 82 -3.95 -18.97 -10.90
CA ALA A 82 -2.50 -18.98 -11.02
C ALA A 82 -1.97 -17.55 -11.15
N ALA A 83 -2.54 -16.79 -12.08
CA ALA A 83 -2.17 -15.39 -12.27
C ALA A 83 -2.40 -14.56 -11.00
N ALA A 84 -3.54 -14.77 -10.34
CA ALA A 84 -3.86 -14.03 -9.12
C ALA A 84 -2.80 -14.33 -8.06
N THR A 85 -2.32 -15.56 -8.04
CA THR A 85 -1.34 -15.99 -7.06
C THR A 85 0.00 -15.26 -7.20
N LEU A 86 0.52 -15.15 -8.42
CA LEU A 86 1.79 -14.44 -8.58
C LEU A 86 1.62 -12.94 -8.32
N LEU A 87 0.48 -12.38 -8.72
CA LEU A 87 0.24 -10.96 -8.51
C LEU A 87 0.16 -10.59 -7.02
N SER A 88 -0.27 -11.53 -6.20
CA SER A 88 -0.45 -11.26 -4.76
C SER A 88 0.88 -11.07 -4.06
N LEU A 89 1.98 -11.40 -4.75
CA LEU A 89 3.31 -11.28 -4.18
C LEU A 89 3.87 -9.88 -4.38
N VAL A 90 3.29 -9.12 -5.30
CA VAL A 90 3.73 -7.76 -5.56
C VAL A 90 3.15 -6.87 -4.46
N ARG A 91 4.02 -6.23 -3.67
CA ARG A 91 3.59 -5.38 -2.56
C ARG A 91 2.99 -4.06 -3.00
N PRO A 92 2.10 -3.49 -2.17
CA PRO A 92 1.64 -2.12 -2.38
C PRO A 92 2.83 -1.18 -2.52
N GLY A 93 2.79 -0.29 -3.49
CA GLY A 93 3.91 0.61 -3.71
C GLY A 93 4.96 0.03 -4.64
N GLN A 94 4.79 -1.24 -5.02
CA GLN A 94 5.67 -1.82 -6.04
C GLN A 94 5.00 -1.77 -7.40
N CYS A 95 5.79 -1.90 -8.45
CA CYS A 95 5.26 -1.78 -9.80
C CYS A 95 5.25 -3.07 -10.60
N VAL A 96 4.21 -3.25 -11.42
CA VAL A 96 4.18 -4.31 -12.40
C VAL A 96 4.22 -3.67 -13.78
N VAL A 97 5.16 -4.10 -14.62
CA VAL A 97 5.23 -3.61 -15.99
C VAL A 97 4.60 -4.65 -16.90
N SER A 98 3.68 -4.20 -17.76
CA SER A 98 3.10 -5.07 -18.77
C SER A 98 2.68 -4.22 -19.96
N THR A 99 1.68 -4.72 -20.68
CA THR A 99 1.31 -4.17 -21.96
C THR A 99 -0.18 -3.94 -22.01
N ASP A 100 -0.62 -2.95 -22.78
CA ASP A 100 -2.05 -2.71 -22.89
C ASP A 100 -2.77 -3.85 -23.63
N ASP A 101 -2.01 -4.82 -24.16
CA ASP A 101 -2.57 -5.91 -24.98
C ASP A 101 -2.64 -7.27 -24.30
N VAL A 102 -2.32 -7.26 -23.02
CA VAL A 102 -2.32 -8.48 -22.24
C VAL A 102 -3.79 -8.92 -22.12
N TYR A 103 -4.00 -10.18 -21.77
CA TYR A 103 -5.36 -10.73 -21.75
C TYR A 103 -6.27 -9.97 -20.76
N ALA A 104 -7.53 -9.71 -21.16
CA ALA A 104 -8.45 -8.93 -20.31
C ALA A 104 -8.55 -9.47 -18.88
N GLY A 105 -8.42 -10.79 -18.74
CA GLY A 105 -8.31 -11.41 -17.44
C GLY A 105 -7.06 -10.95 -16.70
N THR A 106 -5.96 -10.81 -17.43
CA THR A 106 -4.75 -10.31 -16.81
C THR A 106 -4.95 -8.83 -16.45
N ASP A 107 -5.59 -8.06 -17.34
CA ASP A 107 -5.97 -6.69 -17.02
C ASP A 107 -6.96 -6.68 -15.86
N GLY A 108 -7.90 -7.61 -15.86
CA GLY A 108 -8.87 -7.74 -14.77
C GLY A 108 -8.20 -7.81 -13.40
N LEU A 109 -7.20 -8.68 -13.29
CA LEU A 109 -6.44 -8.82 -12.06
C LEU A 109 -5.54 -7.60 -11.79
N PHE A 110 -5.05 -6.97 -12.85
CA PHE A 110 -4.19 -5.78 -12.72
C PHE A 110 -4.90 -4.62 -11.98
N ASP A 111 -6.16 -4.37 -12.30
CA ASP A 111 -6.89 -3.26 -11.67
C ASP A 111 -7.11 -3.58 -10.21
N LEU A 112 -7.50 -4.83 -9.95
CA LEU A 112 -7.72 -5.33 -8.60
C LEU A 112 -6.47 -5.06 -7.75
N ALA A 113 -5.31 -5.39 -8.30
CA ALA A 113 -4.04 -5.13 -7.65
C ALA A 113 -3.82 -3.64 -7.42
N ALA A 114 -4.16 -2.83 -8.42
CA ALA A 114 -3.98 -1.38 -8.31
C ALA A 114 -4.86 -0.79 -7.22
N ARG A 115 -5.89 -1.52 -6.81
CA ARG A 115 -6.81 -1.01 -5.79
C ARG A 115 -6.26 -1.22 -4.38
N GLN A 116 -5.19 -2.00 -4.28
CA GLN A 116 -4.51 -2.20 -3.00
C GLN A 116 -3.20 -1.39 -2.91
N GLY A 117 -2.78 -0.81 -4.03
CA GLY A 117 -1.56 -0.01 -4.06
C GLY A 117 -0.44 -0.56 -4.92
N VAL A 118 -0.79 -1.38 -5.92
CA VAL A 118 0.17 -1.80 -6.92
C VAL A 118 0.22 -0.77 -8.05
N ARG A 119 1.40 -0.51 -8.58
CA ARG A 119 1.53 0.35 -9.75
C ARG A 119 1.63 -0.52 -11.00
N VAL A 120 0.60 -0.50 -11.83
CA VAL A 120 0.66 -1.26 -13.07
C VAL A 120 1.11 -0.33 -14.19
N ARG A 121 2.19 -0.72 -14.85
CA ARG A 121 2.78 0.12 -15.88
C ARG A 121 2.56 -0.53 -17.24
N TYR A 122 1.80 0.12 -18.10
CA TYR A 122 1.66 -0.31 -19.47
C TYR A 122 2.79 0.26 -20.30
N ALA A 123 3.49 -0.62 -21.01
CA ALA A 123 4.55 -0.16 -21.88
C ALA A 123 4.63 -0.96 -23.15
N ASP A 124 5.49 -0.49 -24.04
CA ASP A 124 5.82 -1.22 -25.25
C ASP A 124 6.89 -2.24 -24.85
N LEU A 125 6.94 -3.38 -25.51
CA LEU A 125 7.93 -4.40 -25.19
C LEU A 125 8.56 -5.03 -26.44
N THR A 126 8.59 -4.27 -27.54
CA THR A 126 9.05 -4.79 -28.83
C THR A 126 10.21 -3.97 -29.40
N THR A 127 10.38 -2.75 -28.89
CA THR A 127 11.46 -1.88 -29.34
C THR A 127 12.41 -1.69 -28.16
N PRO A 128 13.66 -1.27 -28.45
CA PRO A 128 14.61 -1.07 -27.36
C PRO A 128 14.10 -0.03 -26.38
N GLU A 129 13.60 1.09 -26.91
CA GLU A 129 13.08 2.18 -26.09
C GLU A 129 11.67 1.87 -25.58
N GLY A 130 10.94 1.01 -26.29
CA GLY A 130 9.66 0.55 -25.79
C GLY A 130 9.85 -0.22 -24.50
N ILE A 131 10.60 -1.32 -24.60
CA ILE A 131 11.14 -2.06 -23.47
C ILE A 131 11.88 -1.18 -22.45
N ALA A 132 12.74 -0.29 -22.92
CA ALA A 132 13.64 0.44 -22.02
C ALA A 132 12.84 1.36 -21.13
N ALA A 133 12.02 2.20 -21.77
CA ALA A 133 11.17 3.14 -21.06
C ALA A 133 10.32 2.38 -20.06
N ALA A 134 9.85 1.20 -20.45
CA ALA A 134 9.20 0.27 -19.53
C ALA A 134 10.07 0.00 -18.32
N LEU A 135 11.12 -0.78 -18.51
CA LEU A 135 11.87 -1.33 -17.39
C LEU A 135 12.52 -0.28 -16.51
N ALA A 136 12.58 0.95 -17.02
CA ALA A 136 13.11 2.09 -16.29
C ALA A 136 12.36 2.39 -14.99
N GLU A 137 11.16 1.84 -14.83
CA GLU A 137 10.29 2.17 -13.70
C GLU A 137 10.93 1.85 -12.36
N PRO A 138 10.83 2.79 -11.40
CA PRO A 138 11.36 2.54 -10.06
C PRO A 138 10.48 1.56 -9.28
N ASP A 139 11.08 0.81 -8.36
CA ASP A 139 10.39 -0.25 -7.61
C ASP A 139 9.72 -1.28 -8.50
N LEU A 140 10.38 -1.60 -9.61
CA LEU A 140 9.87 -2.64 -10.51
C LEU A 140 10.04 -4.01 -9.85
N ALA A 141 8.98 -4.80 -9.83
CA ALA A 141 9.05 -6.11 -9.20
C ALA A 141 8.72 -7.26 -10.15
N LEU A 142 7.88 -6.97 -11.14
CA LEU A 142 7.33 -8.00 -12.00
C LEU A 142 7.16 -7.52 -13.44
N VAL A 143 7.70 -8.26 -14.40
CA VAL A 143 7.48 -7.97 -15.81
C VAL A 143 6.61 -9.07 -16.39
N TRP A 144 5.41 -8.71 -16.84
CA TRP A 144 4.40 -9.68 -17.25
C TRP A 144 4.36 -9.72 -18.76
N ILE A 145 4.79 -10.84 -19.33
CA ILE A 145 4.86 -11.02 -20.76
C ILE A 145 3.86 -12.06 -21.22
N GLU A 146 3.00 -11.70 -22.15
CA GLU A 146 2.10 -12.66 -22.73
C GLU A 146 2.42 -12.79 -24.22
N THR A 147 3.15 -13.83 -24.60
CA THR A 147 3.54 -13.98 -26.00
C THR A 147 3.34 -15.41 -26.47
N PRO A 148 2.84 -15.58 -27.71
CA PRO A 148 2.32 -14.52 -28.58
C PRO A 148 1.06 -13.86 -28.01
N THR A 149 0.73 -12.65 -28.45
CA THR A 149 -0.51 -12.03 -28.00
C THR A 149 -1.68 -12.49 -28.86
N ASN A 150 -2.89 -12.13 -28.47
CA ASN A 150 -4.08 -12.71 -29.04
C ASN A 150 -5.15 -11.68 -28.83
N PRO A 151 -5.76 -11.17 -29.92
CA PRO A 151 -5.87 -11.77 -31.27
C PRO A 151 -4.87 -11.34 -32.36
N LEU A 152 -4.06 -10.29 -32.17
CA LEU A 152 -3.22 -9.80 -33.27
C LEU A 152 -1.92 -10.59 -33.45
N LEU A 153 -1.58 -11.40 -32.45
CA LEU A 153 -0.48 -12.34 -32.53
C LEU A 153 0.86 -11.62 -32.58
N THR A 154 0.98 -10.58 -31.77
CA THR A 154 2.29 -9.95 -31.59
C THR A 154 3.17 -10.87 -30.76
N VAL A 155 4.47 -10.68 -30.87
CA VAL A 155 5.44 -11.51 -30.20
C VAL A 155 6.41 -10.65 -29.38
N VAL A 156 6.80 -11.14 -28.22
CA VAL A 156 7.75 -10.44 -27.36
C VAL A 156 8.99 -11.31 -27.25
N ASP A 157 10.17 -10.67 -27.31
CA ASP A 157 11.43 -11.39 -27.15
C ASP A 157 11.67 -11.69 -25.68
N VAL A 158 11.36 -12.92 -25.27
CA VAL A 158 11.47 -13.31 -23.87
C VAL A 158 12.89 -13.20 -23.31
N ALA A 159 13.88 -13.72 -24.04
CA ALA A 159 15.27 -13.69 -23.56
C ALA A 159 15.77 -12.26 -23.39
N GLU A 160 15.47 -11.41 -24.38
CA GLU A 160 15.89 -10.01 -24.37
C GLU A 160 15.23 -9.20 -23.25
N VAL A 161 13.92 -9.32 -23.09
CA VAL A 161 13.24 -8.59 -22.03
C VAL A 161 13.73 -9.06 -20.67
N SER A 162 13.87 -10.38 -20.51
CA SER A 162 14.27 -10.97 -19.23
C SER A 162 15.67 -10.53 -18.78
N ARG A 163 16.60 -10.51 -19.72
CA ARG A 163 17.97 -10.06 -19.44
C ARG A 163 17.98 -8.69 -18.75
N ARG A 164 17.20 -7.75 -19.29
CA ARG A 164 17.24 -6.37 -18.80
C ARG A 164 16.48 -6.23 -17.49
N ALA A 165 15.31 -6.87 -17.39
CA ALA A 165 14.53 -6.84 -16.15
C ALA A 165 15.36 -7.34 -14.97
N HIS A 166 16.20 -8.34 -15.23
CA HIS A 166 17.03 -8.90 -14.18
C HIS A 166 18.13 -7.93 -13.75
N GLU A 167 18.58 -7.11 -14.69
CA GLU A 167 19.50 -6.03 -14.37
C GLU A 167 18.77 -4.94 -13.58
N ARG A 168 17.47 -5.13 -13.35
CA ARG A 168 16.73 -4.21 -12.51
C ARG A 168 16.30 -4.84 -11.18
N GLY A 169 16.48 -6.15 -11.04
CA GLY A 169 16.01 -6.87 -9.87
C GLY A 169 14.61 -7.45 -10.00
N ALA A 170 13.94 -7.18 -11.12
CA ALA A 170 12.56 -7.66 -11.32
C ALA A 170 12.46 -9.17 -11.50
N ARG A 171 11.26 -9.70 -11.29
CA ARG A 171 10.91 -11.07 -11.66
C ARG A 171 10.21 -11.05 -13.01
N VAL A 172 10.44 -12.07 -13.84
CA VAL A 172 9.80 -12.14 -15.15
C VAL A 172 8.88 -13.36 -15.29
N VAL A 173 7.62 -13.12 -15.63
CA VAL A 173 6.69 -14.20 -15.91
C VAL A 173 6.20 -14.17 -17.35
N VAL A 174 6.13 -15.34 -17.97
CA VAL A 174 5.55 -15.48 -19.31
C VAL A 174 4.24 -16.27 -19.25
N ASP A 175 3.13 -15.62 -19.61
CA ASP A 175 1.89 -16.37 -19.79
C ASP A 175 2.10 -17.14 -21.09
N ASN A 176 2.32 -18.44 -20.94
CA ASN A 176 2.73 -19.30 -22.05
C ASN A 176 1.55 -20.16 -22.51
N THR A 177 0.35 -19.70 -22.17
CA THR A 177 -0.88 -20.42 -22.53
C THR A 177 -1.03 -20.64 -24.04
N PHE A 178 -0.84 -19.56 -24.79
CA PHE A 178 -1.06 -19.53 -26.24
C PHE A 178 -0.29 -20.64 -26.96
N ALA A 179 0.97 -20.84 -26.59
CA ALA A 179 1.86 -21.74 -27.32
C ALA A 179 2.04 -23.10 -26.66
N SER A 180 1.83 -23.15 -25.34
CA SER A 180 2.05 -24.36 -24.53
C SER A 180 3.55 -24.72 -24.42
N PRO A 181 3.88 -25.62 -23.49
CA PRO A 181 5.31 -25.98 -23.37
C PRO A 181 5.93 -26.76 -24.55
N VAL A 182 5.14 -27.28 -25.50
CA VAL A 182 5.74 -27.92 -26.67
C VAL A 182 6.44 -26.96 -27.64
N LEU A 183 5.98 -25.71 -27.70
CA LEU A 183 6.49 -24.76 -28.70
C LEU A 183 7.38 -23.64 -28.14
N GLN A 184 7.39 -23.52 -26.81
CA GLN A 184 8.06 -22.39 -26.19
C GLN A 184 8.35 -22.72 -24.74
N GLN A 185 9.59 -22.48 -24.33
CA GLN A 185 10.05 -22.81 -23.00
C GLN A 185 10.57 -21.52 -22.33
N PRO A 186 9.68 -20.82 -21.60
CA PRO A 186 10.04 -19.51 -21.02
C PRO A 186 11.21 -19.58 -20.03
N LEU A 187 11.32 -20.65 -19.27
CA LEU A 187 12.46 -20.78 -18.35
C LEU A 187 13.76 -20.98 -19.14
N ALA A 188 13.68 -21.71 -20.24
CA ALA A 188 14.85 -21.93 -21.07
C ALA A 188 15.40 -20.62 -21.66
N LEU A 189 14.52 -19.67 -21.96
CA LEU A 189 14.93 -18.41 -22.59
C LEU A 189 15.45 -17.36 -21.60
N GLY A 190 15.08 -17.49 -20.33
CA GLY A 190 15.56 -16.55 -19.32
C GLY A 190 14.52 -16.04 -18.33
N ALA A 191 13.26 -16.40 -18.55
CA ALA A 191 12.21 -16.01 -17.62
C ALA A 191 12.29 -16.76 -16.28
N ASP A 192 11.60 -16.24 -15.28
CA ASP A 192 11.55 -16.85 -13.96
C ASP A 192 10.38 -17.79 -13.74
N VAL A 193 9.28 -17.53 -14.44
CA VAL A 193 8.02 -18.25 -14.22
C VAL A 193 7.26 -18.47 -15.52
N SER A 194 6.81 -19.70 -15.74
CA SER A 194 5.84 -19.96 -16.79
C SER A 194 4.47 -19.95 -16.14
N LEU A 195 3.50 -19.36 -16.81
CA LEU A 195 2.14 -19.31 -16.31
C LEU A 195 1.22 -19.94 -17.34
N TYR A 196 0.30 -20.80 -16.89
CA TYR A 196 -0.65 -21.43 -17.80
C TYR A 196 -2.07 -21.43 -17.28
N SER A 197 -2.99 -21.08 -18.16
CA SER A 197 -4.31 -21.63 -18.05
C SER A 197 -4.17 -23.03 -18.59
N THR A 198 -4.33 -24.03 -17.72
CA THR A 198 -4.37 -25.40 -18.19
C THR A 198 -5.74 -25.77 -18.78
N THR A 199 -6.68 -24.83 -18.75
CA THR A 199 -8.00 -24.98 -19.39
C THR A 199 -7.86 -25.09 -20.91
N1 LLP A 200 -4.29 -16.52 -20.04
C2 LLP A 200 -4.52 -16.85 -21.31
C2' LLP A 200 -3.46 -16.56 -22.42
C3 LLP A 200 -5.74 -17.50 -21.65
O3 LLP A 200 -5.95 -17.84 -22.99
C4 LLP A 200 -6.70 -17.78 -20.70
C4' LLP A 200 -8.08 -18.51 -21.13
C5 LLP A 200 -6.45 -17.43 -19.40
C6 LLP A 200 -5.25 -16.80 -19.05
C5' LLP A 200 -7.51 -17.68 -18.27
OP4 LLP A 200 -7.28 -18.81 -17.46
P LLP A 200 -8.55 -19.56 -16.99
OP1 LLP A 200 -8.19 -21.04 -16.90
OP2 LLP A 200 -8.98 -19.04 -15.66
OP3 LLP A 200 -9.66 -19.31 -17.95
N LLP A 200 -6.74 -24.60 -21.43
CA LLP A 200 -6.56 -24.48 -22.90
CB LLP A 200 -5.79 -23.21 -23.21
CG LLP A 200 -6.44 -21.99 -22.54
CD LLP A 200 -7.97 -21.97 -22.57
CE LLP A 200 -8.54 -20.78 -21.77
NZ LLP A 200 -7.85 -19.51 -22.12
C LLP A 200 -5.92 -25.72 -23.45
O LLP A 200 -6.48 -26.79 -23.30
N SER A 201 -4.76 -25.60 -24.10
CA SER A 201 -4.18 -26.75 -24.81
C SER A 201 -3.70 -27.90 -23.92
N ILE A 202 -3.17 -27.57 -22.75
CA ILE A 202 -2.59 -28.58 -21.85
C ILE A 202 -3.57 -29.70 -21.44
N ALA A 203 -4.75 -29.36 -20.93
CA ALA A 203 -5.79 -30.36 -20.72
C ALA A 203 -6.34 -30.85 -22.08
N GLY A 204 -6.61 -29.91 -22.99
CA GLY A 204 -6.84 -30.25 -24.38
C GLY A 204 -8.26 -30.59 -24.84
N HIS A 205 -9.13 -30.98 -23.92
CA HIS A 205 -10.41 -31.57 -24.33
C HIS A 205 -11.61 -30.75 -23.87
N ALA A 206 -11.33 -29.49 -23.54
CA ALA A 206 -12.35 -28.51 -23.19
C ALA A 206 -13.33 -29.05 -22.16
N ASP A 207 -12.81 -29.72 -21.14
CA ASP A 207 -13.68 -30.30 -20.11
C ASP A 207 -13.19 -30.17 -18.67
N VAL A 208 -12.29 -29.21 -18.43
CA VAL A 208 -11.75 -28.98 -17.09
C VAL A 208 -11.08 -27.61 -16.93
N LEU A 209 -11.52 -26.84 -15.92
CA LEU A 209 -10.87 -25.55 -15.59
C LEU A 209 -9.64 -25.77 -14.73
N GLY A 210 -8.57 -25.01 -14.99
CA GLY A 210 -7.36 -25.11 -14.19
C GLY A 210 -6.23 -24.20 -14.62
N GLY A 211 -5.27 -23.96 -13.73
CA GLY A 211 -4.10 -23.15 -14.03
C GLY A 211 -2.82 -23.78 -13.52
N ALA A 212 -1.70 -23.12 -13.79
CA ALA A 212 -0.40 -23.64 -13.36
C ALA A 212 0.72 -22.59 -13.43
N LEU A 213 1.64 -22.70 -12.48
CA LEU A 213 2.87 -21.94 -12.47
C LEU A 213 4.03 -22.93 -12.44
N VAL A 214 5.04 -22.67 -13.25
CA VAL A 214 6.24 -23.50 -13.29
C VAL A 214 7.45 -22.56 -13.13
N TYR A 215 8.40 -22.93 -12.28
CA TYR A 215 9.41 -21.97 -11.81
C TYR A 215 10.56 -22.69 -11.09
N ARG A 216 11.54 -21.93 -10.61
CA ARG A 216 12.73 -22.48 -9.97
C ARG A 216 13.08 -21.94 -8.56
N ASP A 217 12.72 -20.71 -8.23
CA ASP A 217 13.02 -20.14 -6.90
C ASP A 217 12.30 -20.93 -5.81
N ALA A 218 13.06 -21.40 -4.82
CA ALA A 218 12.51 -22.16 -3.70
C ALA A 218 11.67 -21.29 -2.77
N ASP A 219 12.02 -20.02 -2.67
CA ASP A 219 11.32 -19.11 -1.77
C ASP A 219 10.07 -18.62 -2.49
N LEU A 220 10.17 -18.44 -3.80
CA LEU A 220 8.99 -18.21 -4.62
C LEU A 220 8.04 -19.39 -4.43
N HIS A 221 8.60 -20.60 -4.47
CA HIS A 221 7.82 -21.81 -4.23
C HIS A 221 7.07 -21.75 -2.91
N ALA A 222 7.81 -21.49 -1.83
CA ALA A 222 7.19 -21.41 -0.50
C ALA A 222 6.06 -20.36 -0.44
N ALA A 223 6.28 -19.19 -1.03
CA ALA A 223 5.27 -18.14 -1.06
C ALA A 223 4.03 -18.54 -1.86
N VAL A 224 4.23 -19.11 -3.04
CA VAL A 224 3.13 -19.58 -3.88
C VAL A 224 2.27 -20.62 -3.14
N ARG A 225 2.93 -21.58 -2.48
CA ARG A 225 2.17 -22.61 -1.77
C ARG A 225 1.43 -22.02 -0.56
N ALA A 226 2.07 -21.14 0.19
CA ALA A 226 1.39 -20.53 1.34
C ALA A 226 0.14 -19.79 0.89
N TYR A 227 0.21 -19.07 -0.23
CA TYR A 227 -0.94 -18.35 -0.74
C TYR A 227 -2.06 -19.31 -1.18
N ARG A 228 -1.71 -20.32 -1.96
CA ARG A 228 -2.72 -21.28 -2.42
C ARG A 228 -3.39 -21.94 -1.21
N THR A 229 -2.60 -22.24 -0.19
CA THR A 229 -3.14 -22.84 1.03
C THR A 229 -4.14 -21.90 1.71
N THR A 230 -3.83 -20.61 1.74
CA THR A 230 -4.66 -19.64 2.47
C THR A 230 -5.83 -19.14 1.63
N ALA A 231 -5.59 -18.88 0.36
CA ALA A 231 -6.65 -18.45 -0.55
C ALA A 231 -7.55 -19.62 -0.94
N GLY A 232 -7.01 -20.83 -0.84
CA GLY A 232 -7.79 -22.03 -1.13
C GLY A 232 -8.25 -22.17 -2.57
N ASN A 233 -7.47 -21.60 -3.49
CA ASN A 233 -7.79 -21.68 -4.91
C ASN A 233 -7.18 -22.94 -5.50
N VAL A 234 -7.48 -24.08 -4.85
CA VAL A 234 -6.90 -25.37 -5.21
C VAL A 234 -7.82 -26.16 -6.13
N PRO A 235 -7.24 -26.83 -7.14
CA PRO A 235 -8.07 -27.73 -7.96
C PRO A 235 -8.53 -28.97 -7.18
N GLY A 236 -9.56 -29.64 -7.67
CA GLY A 236 -9.93 -30.94 -7.15
C GLY A 236 -9.11 -32.06 -7.80
N ALA A 237 -8.99 -33.18 -7.12
CA ALA A 237 -8.18 -34.27 -7.64
C ALA A 237 -8.74 -34.87 -8.94
N LEU A 238 -10.06 -34.81 -9.11
CA LEU A 238 -10.69 -35.31 -10.31
C LEU A 238 -10.33 -34.49 -11.56
N ASP A 239 -10.33 -33.14 -11.47
CA ASP A 239 -9.86 -32.37 -12.64
C ASP A 239 -8.36 -32.55 -12.89
N CYS A 240 -7.58 -32.65 -11.81
CA CYS A 240 -6.16 -32.93 -11.92
C CYS A 240 -5.97 -34.21 -12.75
N PHE A 241 -6.78 -35.24 -12.48
CA PHE A 241 -6.76 -36.46 -13.31
C PHE A 241 -7.05 -36.11 -14.76
N LEU A 242 -8.11 -35.33 -14.99
CA LEU A 242 -8.48 -34.92 -16.35
C LEU A 242 -7.40 -34.07 -17.05
N VAL A 243 -6.80 -33.14 -16.31
CA VAL A 243 -5.67 -32.40 -16.85
C VAL A 243 -4.49 -33.34 -17.16
N ARG A 244 -4.13 -34.18 -16.19
CA ARG A 244 -3.04 -35.16 -16.37
C ARG A 244 -3.33 -36.06 -17.57
N ARG A 245 -4.56 -36.59 -17.64
CA ARG A 245 -4.93 -37.50 -18.72
C ARG A 245 -4.82 -36.82 -20.08
N GLY A 246 -5.30 -35.57 -20.14
CA GLY A 246 -5.21 -34.78 -21.37
C GLY A 246 -3.77 -34.53 -21.79
N LEU A 247 -2.91 -34.20 -20.83
CA LEU A 247 -1.47 -34.01 -21.07
C LEU A 247 -0.78 -35.07 -21.89
N HIS A 248 -1.18 -36.33 -21.71
CA HIS A 248 -0.55 -37.46 -22.40
C HIS A 248 -0.41 -37.19 -23.91
N THR A 249 -1.43 -36.58 -24.50
CA THR A 249 -1.47 -36.35 -25.94
C THR A 249 -1.17 -34.90 -26.39
N LEU A 250 -0.68 -34.06 -25.47
CA LEU A 250 -0.37 -32.66 -25.79
C LEU A 250 0.53 -32.49 -27.01
N SER A 251 1.62 -33.26 -27.06
CA SER A 251 2.58 -33.10 -28.14
C SER A 251 1.95 -33.53 -29.47
N LEU A 252 1.25 -34.66 -29.44
CA LEU A 252 0.55 -35.13 -30.63
C LEU A 252 -0.49 -34.09 -31.10
N ARG A 253 -1.30 -33.60 -30.18
CA ARG A 253 -2.37 -32.63 -30.52
C ARG A 253 -1.83 -31.31 -31.08
N VAL A 254 -0.86 -30.73 -30.39
CA VAL A 254 -0.28 -29.46 -30.84
C VAL A 254 0.30 -29.57 -32.26
N HIS A 255 1.04 -30.66 -32.53
CA HIS A 255 1.66 -30.83 -33.84
C HIS A 255 0.63 -30.93 -34.98
N ARG A 256 -0.50 -31.56 -34.70
CA ARG A 256 -1.60 -31.66 -35.66
C ARG A 256 -2.30 -30.30 -35.82
N GLN A 257 -2.39 -29.58 -34.72
CA GLN A 257 -3.03 -28.27 -34.72
C GLN A 257 -2.23 -27.27 -35.57
N VAL A 258 -0.93 -27.21 -35.34
CA VAL A 258 -0.06 -26.27 -36.05
C VAL A 258 -0.06 -26.54 -37.56
N ALA A 259 0.07 -27.81 -37.93
CA ALA A 259 0.13 -28.18 -39.35
C ALA A 259 -1.17 -27.75 -40.04
N THR A 260 -2.30 -27.95 -39.38
CA THR A 260 -3.58 -27.51 -39.94
C THR A 260 -3.67 -25.99 -39.98
N ALA A 261 -3.18 -25.33 -38.93
CA ALA A 261 -3.14 -23.86 -38.90
C ALA A 261 -2.43 -23.31 -40.14
N ARG A 262 -1.34 -23.94 -40.51
CA ARG A 262 -0.58 -23.48 -41.67
C ARG A 262 -1.37 -23.58 -42.98
N VAL A 263 -1.99 -24.73 -43.25
CA VAL A 263 -2.79 -24.86 -44.47
C VAL A 263 -3.99 -23.90 -44.41
N LEU A 264 -4.53 -23.66 -43.23
CA LEU A 264 -5.62 -22.70 -43.10
C LEU A 264 -5.14 -21.29 -43.45
N VAL A 265 -3.91 -20.97 -43.05
CA VAL A 265 -3.28 -19.71 -43.45
C VAL A 265 -3.16 -19.51 -44.97
N GLU A 266 -2.68 -20.52 -45.71
CA GLU A 266 -2.56 -20.34 -47.18
C GLU A 266 -3.93 -20.14 -47.82
N ARG A 267 -4.94 -20.91 -47.41
CA ARG A 267 -6.28 -20.69 -47.97
C ARG A 267 -6.86 -19.32 -47.62
N LEU A 268 -6.54 -18.82 -46.43
CA LEU A 268 -6.96 -17.48 -46.05
C LEU A 268 -6.23 -16.43 -46.88
N ARG A 269 -4.94 -16.64 -47.11
CA ARG A 269 -4.15 -15.72 -47.94
C ARG A 269 -4.55 -15.84 -49.41
N ALA A 270 -5.38 -16.82 -49.72
CA ALA A 270 -5.86 -17.03 -51.09
C ALA A 270 -7.32 -16.59 -51.32
N SER A 271 -7.97 -16.09 -50.28
CA SER A 271 -9.37 -15.72 -50.41
C SER A 271 -9.60 -14.24 -50.75
N PRO A 272 -10.38 -13.99 -51.83
CA PRO A 272 -10.73 -12.62 -52.24
C PRO A 272 -11.75 -11.94 -51.34
N VAL A 273 -12.09 -12.54 -50.20
CA VAL A 273 -12.89 -11.84 -49.20
C VAL A 273 -12.16 -11.78 -47.87
N VAL A 274 -10.85 -11.97 -47.93
CA VAL A 274 -10.01 -11.84 -46.75
C VAL A 274 -8.95 -10.76 -47.00
N GLY A 275 -8.71 -9.93 -45.99
CA GLY A 275 -7.66 -8.92 -46.06
C GLY A 275 -6.38 -9.42 -45.41
N ALA A 276 -5.96 -8.73 -44.36
CA ALA A 276 -4.77 -9.11 -43.61
C ALA A 276 -4.96 -10.47 -42.95
N VAL A 277 -3.90 -11.29 -43.02
CA VAL A 277 -3.90 -12.57 -42.33
C VAL A 277 -2.75 -12.59 -41.34
N HIS A 278 -3.07 -12.86 -40.08
CA HIS A 278 -2.04 -12.86 -39.05
C HIS A 278 -1.73 -14.28 -38.61
N TYR A 279 -0.44 -14.55 -38.52
CA TYR A 279 0.07 -15.86 -38.11
C TYR A 279 1.53 -15.67 -37.78
N PRO A 280 1.94 -16.07 -36.58
CA PRO A 280 3.33 -15.79 -36.19
C PRO A 280 4.33 -16.65 -36.95
N GLY A 281 3.86 -17.40 -37.94
CA GLY A 281 4.74 -18.19 -38.78
C GLY A 281 4.98 -17.58 -40.16
N LEU A 282 4.23 -16.54 -40.51
CA LEU A 282 4.44 -15.84 -41.78
C LEU A 282 5.86 -15.29 -41.85
N PRO A 283 6.52 -15.37 -43.01
CA PRO A 283 7.89 -14.84 -43.09
C PRO A 283 7.84 -13.32 -43.08
N GLU A 284 6.71 -12.81 -43.57
CA GLU A 284 6.43 -11.39 -43.65
C GLU A 284 6.06 -10.83 -42.28
N HIS A 285 5.90 -11.70 -41.30
CA HIS A 285 5.46 -11.31 -39.96
C HIS A 285 6.37 -10.26 -39.34
N PRO A 286 5.77 -9.24 -38.70
CA PRO A 286 6.41 -8.15 -37.94
C PRO A 286 7.73 -8.60 -37.28
N GLN A 287 7.66 -9.64 -36.45
CA GLN A 287 8.81 -10.12 -35.70
C GLN A 287 9.20 -11.57 -36.02
N HIS A 288 9.46 -11.87 -37.30
CA HIS A 288 9.78 -13.24 -37.70
C HIS A 288 10.98 -13.84 -36.97
N ALA A 289 12.04 -13.04 -36.83
CA ALA A 289 13.29 -13.52 -36.23
C ALA A 289 13.09 -13.97 -34.78
N VAL A 290 12.42 -13.14 -33.99
CA VAL A 290 12.11 -13.50 -32.61
C VAL A 290 11.33 -14.81 -32.58
N VAL A 291 10.28 -14.87 -33.41
CA VAL A 291 9.51 -16.09 -33.62
C VAL A 291 10.45 -17.29 -33.80
N LYS A 292 11.29 -17.24 -34.82
CA LYS A 292 12.16 -18.35 -35.13
C LYS A 292 13.02 -18.77 -33.93
N ALA A 293 13.35 -17.80 -33.07
CA ALA A 293 14.29 -18.04 -31.98
C ALA A 293 13.67 -18.64 -30.70
N GLN A 294 12.44 -18.29 -30.37
CA GLN A 294 11.84 -18.77 -29.12
C GLN A 294 10.68 -19.71 -29.37
N MSE A 295 10.44 -20.03 -30.63
CA MSE A 295 9.21 -20.70 -31.00
C MSE A 295 9.56 -21.85 -31.95
O MSE A 295 10.00 -21.63 -33.07
CB MSE A 295 8.33 -19.64 -31.68
CG MSE A 295 6.95 -19.97 -31.97
SE MSE A 295 5.94 -18.26 -31.87
CE MSE A 295 4.17 -19.02 -32.19
N SER A 296 9.43 -23.07 -31.46
CA SER A 296 9.82 -24.23 -32.24
C SER A 296 8.81 -24.47 -33.35
N ALA A 297 7.62 -23.88 -33.21
CA ALA A 297 6.58 -23.91 -34.23
C ALA A 297 5.61 -22.73 -34.07
N PRO A 298 5.04 -22.25 -35.19
CA PRO A 298 4.25 -21.01 -35.24
C PRO A 298 2.91 -21.03 -34.48
N GLY A 299 2.54 -22.13 -33.83
CA GLY A 299 1.31 -22.17 -33.05
C GLY A 299 0.06 -22.56 -33.82
N ALA A 300 -1.09 -22.48 -33.16
CA ALA A 300 -2.35 -22.97 -33.70
C ALA A 300 -3.46 -21.92 -33.71
N ILE A 301 -3.09 -20.65 -33.56
CA ILE A 301 -4.06 -19.57 -33.61
C ILE A 301 -3.84 -18.77 -34.87
N VAL A 302 -4.92 -18.47 -35.57
CA VAL A 302 -4.87 -17.68 -36.79
C VAL A 302 -5.91 -16.60 -36.65
N SER A 303 -5.63 -15.42 -37.19
CA SER A 303 -6.58 -14.34 -37.18
C SER A 303 -6.56 -13.59 -38.52
N PHE A 304 -7.69 -13.01 -38.89
CA PHE A 304 -7.80 -12.36 -40.20
C PHE A 304 -8.92 -11.33 -40.29
N ASP A 305 -8.72 -10.34 -41.17
CA ASP A 305 -9.75 -9.34 -41.46
C ASP A 305 -10.68 -9.85 -42.55
N TYR A 306 -11.97 -9.92 -42.24
CA TYR A 306 -12.96 -10.37 -43.21
C TYR A 306 -13.53 -9.17 -43.94
N LEU A 307 -13.62 -9.26 -45.27
CA LEU A 307 -14.02 -8.10 -46.07
C LEU A 307 -15.35 -8.25 -46.79
N GLY A 308 -16.00 -9.39 -46.62
CA GLY A 308 -17.28 -9.64 -47.24
C GLY A 308 -18.38 -8.82 -46.58
N GLY A 309 -19.41 -9.48 -46.10
CA GLY A 309 -20.43 -8.80 -45.34
C GLY A 309 -20.10 -8.68 -43.86
N PRO A 310 -21.13 -8.55 -43.02
CA PRO A 310 -20.97 -8.45 -41.57
C PRO A 310 -20.35 -9.71 -40.97
N ALA A 311 -19.44 -9.53 -40.02
CA ALA A 311 -18.75 -10.65 -39.40
C ALA A 311 -19.74 -11.62 -38.79
N GLU A 312 -20.85 -11.12 -38.29
CA GLU A 312 -21.78 -12.01 -37.61
C GLU A 312 -22.50 -12.97 -38.56
N ARG A 313 -22.69 -12.55 -39.82
CA ARG A 313 -23.16 -13.50 -40.83
C ARG A 313 -22.08 -14.52 -41.18
N LEU A 314 -20.81 -14.10 -41.19
CA LEU A 314 -19.72 -15.05 -41.40
C LEU A 314 -19.78 -16.17 -40.35
N LEU A 315 -19.91 -15.79 -39.08
CA LEU A 315 -19.98 -16.73 -37.98
C LEU A 315 -21.15 -17.72 -38.13
N ASP A 316 -22.30 -17.21 -38.57
CA ASP A 316 -23.48 -18.03 -38.76
C ASP A 316 -23.34 -19.04 -39.90
N ARG A 317 -22.32 -18.90 -40.75
CA ARG A 317 -22.13 -19.84 -41.87
C ARG A 317 -21.19 -21.04 -41.60
N PHE A 318 -20.45 -21.03 -40.49
CA PHE A 318 -19.64 -22.21 -40.13
C PHE A 318 -20.53 -23.40 -39.74
N THR A 319 -20.16 -24.59 -40.20
CA THR A 319 -20.85 -25.81 -39.78
C THR A 319 -19.94 -26.83 -39.08
N LEU A 320 -18.63 -26.59 -39.10
CA LEU A 320 -17.71 -27.49 -38.41
C LEU A 320 -17.01 -26.78 -37.26
N PHE A 321 -16.36 -25.66 -37.56
CA PHE A 321 -15.89 -24.76 -36.51
C PHE A 321 -17.05 -24.43 -35.56
N THR A 322 -16.77 -24.35 -34.27
CA THR A 322 -17.76 -23.95 -33.29
C THR A 322 -17.60 -22.46 -32.99
N CYS A 323 -18.72 -21.77 -32.81
CA CYS A 323 -18.67 -20.37 -32.49
C CYS A 323 -18.71 -20.21 -30.98
N GLY A 324 -17.55 -19.94 -30.38
CA GLY A 324 -17.42 -19.82 -28.93
C GLY A 324 -16.11 -19.18 -28.51
N VAL A 325 -15.82 -19.20 -27.21
CA VAL A 325 -14.53 -18.70 -26.74
C VAL A 325 -13.70 -19.85 -26.15
N SER A 326 -12.49 -19.52 -25.70
CA SER A 326 -11.46 -20.47 -25.26
C SER A 326 -10.71 -21.00 -26.48
N LEU A 327 -9.69 -21.83 -26.24
CA LEU A 327 -8.77 -22.20 -27.30
C LEU A 327 -8.03 -23.49 -26.98
N GLY A 328 -7.29 -24.00 -27.95
CA GLY A 328 -6.41 -25.14 -27.73
C GLY A 328 -7.09 -26.49 -27.60
N GLY A 329 -8.43 -26.51 -27.67
CA GLY A 329 -9.19 -27.75 -27.56
C GLY A 329 -9.28 -28.54 -28.85
N VAL A 330 -9.66 -29.82 -28.74
CA VAL A 330 -9.74 -30.71 -29.90
C VAL A 330 -10.79 -30.22 -30.89
N HIS A 331 -11.80 -29.49 -30.41
CA HIS A 331 -12.80 -28.88 -31.29
C HIS A 331 -12.34 -27.48 -31.75
N SER A 332 -12.33 -27.25 -33.05
CA SER A 332 -11.97 -25.94 -33.60
C SER A 332 -12.97 -24.88 -33.23
N LEU A 333 -12.47 -23.72 -32.83
CA LEU A 333 -13.31 -22.60 -32.41
C LEU A 333 -13.09 -21.42 -33.34
N VAL A 334 -14.13 -20.62 -33.52
CA VAL A 334 -14.02 -19.35 -34.20
C VAL A 334 -14.69 -18.33 -33.31
N GLU A 335 -14.12 -17.13 -33.23
CA GLU A 335 -14.81 -16.02 -32.58
C GLU A 335 -14.55 -14.70 -33.30
N CYS A 336 -15.31 -13.67 -32.95
CA CYS A 336 -15.06 -12.31 -33.43
C CYS A 336 -14.96 -11.41 -32.20
N PRO A 337 -13.73 -10.98 -31.86
CA PRO A 337 -13.44 -10.17 -30.67
C PRO A 337 -14.42 -9.02 -30.45
N ALA A 338 -14.65 -8.22 -31.49
CA ALA A 338 -15.57 -7.10 -31.41
C ALA A 338 -16.95 -7.53 -30.91
N LEU A 339 -17.43 -8.68 -31.37
CA LEU A 339 -18.79 -9.16 -31.04
C LEU A 339 -18.89 -10.15 -29.89
N MSE A 340 -17.77 -10.65 -29.36
CA MSE A 340 -17.87 -11.77 -28.43
C MSE A 340 -17.06 -11.65 -27.13
O MSE A 340 -17.33 -12.38 -26.16
CB MSE A 340 -17.43 -13.08 -29.12
CG MSE A 340 -18.47 -13.67 -30.05
SE MSE A 340 -17.89 -15.29 -30.97
CE MSE A 340 -17.60 -16.43 -29.48
N THR A 341 -16.08 -10.74 -27.15
CA THR A 341 -14.89 -10.90 -26.31
C THR A 341 -14.25 -9.55 -25.93
N HIS A 342 -14.32 -8.58 -26.84
CA HIS A 342 -13.82 -7.21 -26.61
C HIS A 342 -15.00 -6.25 -26.82
N ARG A 343 -16.18 -6.85 -26.95
CA ARG A 343 -17.44 -6.11 -27.08
C ARG A 343 -17.65 -5.03 -26.01
N PRO A 344 -17.20 -5.29 -24.76
CA PRO A 344 -17.04 -4.10 -23.91
C PRO A 344 -15.92 -3.27 -24.49
N LEU A 345 -16.28 -2.27 -25.30
CA LEU A 345 -15.37 -1.29 -25.93
C LEU A 345 -16.15 -0.37 -26.89
N SER A 346 -16.06 0.94 -26.70
CA SER A 346 -16.55 1.84 -27.73
C SER A 346 -15.66 1.57 -28.91
N ALA A 347 -16.26 1.16 -30.05
CA ALA A 347 -15.54 0.77 -31.27
C ALA A 347 -14.26 1.55 -31.45
N GLU A 348 -14.35 2.87 -31.22
CA GLU A 348 -13.21 3.77 -31.28
C GLU A 348 -12.07 3.39 -30.33
N ALA A 349 -12.34 2.46 -29.41
CA ALA A 349 -11.31 1.90 -28.53
C ALA A 349 -10.78 0.59 -29.09
N ARG A 350 -11.58 -0.03 -29.94
CA ARG A 350 -11.18 -1.26 -30.60
C ARG A 350 -10.12 -0.91 -31.65
N ALA A 351 -10.34 0.21 -32.33
CA ALA A 351 -9.40 0.74 -33.30
C ALA A 351 -8.04 0.94 -32.63
N ARG A 352 -8.06 1.48 -31.42
CA ARG A 352 -6.81 1.72 -30.71
C ARG A 352 -6.30 0.48 -30.00
N ARG A 353 -6.64 -0.68 -30.56
CA ARG A 353 -5.84 -1.88 -30.37
C ARG A 353 -5.61 -2.41 -31.77
N GLY A 354 -6.20 -1.73 -32.75
CA GLY A 354 -6.12 -2.13 -34.13
C GLY A 354 -7.10 -3.25 -34.39
N ILE A 355 -8.08 -3.37 -33.50
CA ILE A 355 -9.02 -4.48 -33.56
C ILE A 355 -10.34 -4.04 -34.21
N GLY A 356 -10.37 -4.10 -35.54
CA GLY A 356 -11.58 -3.76 -36.30
C GLY A 356 -12.77 -4.67 -36.01
N GLU A 357 -13.94 -4.30 -36.52
CA GLU A 357 -15.14 -5.11 -36.33
C GLU A 357 -14.93 -6.49 -36.95
N SER A 358 -14.44 -6.52 -38.19
CA SER A 358 -14.34 -7.77 -38.94
C SER A 358 -13.07 -8.60 -38.70
N LEU A 359 -12.39 -8.39 -37.58
CA LEU A 359 -11.26 -9.25 -37.26
C LEU A 359 -11.76 -10.57 -36.70
N ILE A 360 -11.43 -11.66 -37.38
CA ILE A 360 -11.87 -12.99 -37.02
C ILE A 360 -10.69 -13.81 -36.47
N ARG A 361 -10.95 -14.65 -35.46
CA ARG A 361 -9.91 -15.48 -34.86
C ARG A 361 -10.24 -16.97 -34.93
N LEU A 362 -9.26 -17.78 -35.31
CA LEU A 362 -9.40 -19.23 -35.35
C LEU A 362 -8.45 -19.94 -34.39
N SER A 363 -9.03 -20.78 -33.52
CA SER A 363 -8.25 -21.71 -32.70
C SER A 363 -8.35 -23.12 -33.31
N VAL A 364 -7.25 -23.60 -33.87
CA VAL A 364 -7.31 -24.81 -34.66
C VAL A 364 -7.35 -26.06 -33.80
N GLY A 365 -8.36 -26.91 -34.04
CA GLY A 365 -8.48 -28.17 -33.35
C GLY A 365 -7.89 -29.31 -34.14
N ILE A 366 -8.16 -30.55 -33.72
CA ILE A 366 -7.54 -31.71 -34.34
C ILE A 366 -8.43 -32.44 -35.35
N GLU A 367 -9.41 -31.74 -35.91
CA GLU A 367 -10.20 -32.30 -37.01
C GLU A 367 -9.32 -32.45 -38.27
N ASP A 368 -9.80 -33.19 -39.26
CA ASP A 368 -9.07 -33.28 -40.53
C ASP A 368 -8.95 -31.89 -41.17
N PRO A 369 -7.74 -31.56 -41.67
CA PRO A 369 -7.54 -30.23 -42.29
C PRO A 369 -8.42 -30.00 -43.53
N GLN A 370 -8.69 -31.04 -44.32
CA GLN A 370 -9.57 -30.92 -45.49
C GLN A 370 -10.94 -30.42 -45.06
N ASP A 371 -11.50 -31.11 -44.06
CA ASP A 371 -12.78 -30.73 -43.47
C ASP A 371 -12.77 -29.29 -42.95
N LEU A 372 -11.73 -28.91 -42.22
CA LEU A 372 -11.65 -27.54 -41.69
C LEU A 372 -11.48 -26.51 -42.82
N ALA A 373 -10.63 -26.82 -43.79
CA ALA A 373 -10.43 -25.92 -44.93
C ALA A 373 -11.71 -25.68 -45.72
N GLU A 374 -12.45 -26.75 -46.01
CA GLU A 374 -13.69 -26.64 -46.77
C GLU A 374 -14.74 -25.81 -46.02
N ASP A 375 -14.99 -26.12 -44.76
CA ASP A 375 -15.96 -25.35 -43.96
C ASP A 375 -15.57 -23.86 -43.87
N LEU A 376 -14.30 -23.58 -43.61
CA LEU A 376 -13.81 -22.20 -43.59
C LEU A 376 -14.00 -21.51 -44.94
N SER A 377 -13.63 -22.17 -46.02
CA SER A 377 -13.75 -21.58 -47.35
C SER A 377 -15.21 -21.45 -47.75
N ARG A 378 -16.00 -22.48 -47.45
CA ARG A 378 -17.45 -22.46 -47.69
C ARG A 378 -18.15 -21.39 -46.85
N ALA A 379 -17.64 -21.13 -45.65
CA ALA A 379 -18.15 -20.03 -44.83
C ALA A 379 -17.77 -18.66 -45.38
N LEU A 380 -16.52 -18.52 -45.81
CA LEU A 380 -16.02 -17.26 -46.39
C LEU A 380 -16.82 -16.83 -47.63
N ALA A 381 -17.21 -17.81 -48.44
CA ALA A 381 -17.84 -17.53 -49.74
C ALA A 381 -16.99 -16.64 -50.64
N GLY A 382 -15.68 -16.86 -50.71
CA GLY A 382 -15.01 -15.96 -51.64
C GLY A 382 -14.88 -16.40 -53.06
N GLY B 6 -42.22 -22.37 -0.18
CA GLY B 6 -43.13 -22.37 0.94
C GLY B 6 -43.17 -23.77 1.49
N MSE B 7 -42.13 -24.53 1.10
CA MSE B 7 -42.04 -25.97 1.38
C MSE B 7 -40.65 -26.46 1.84
O MSE B 7 -39.65 -25.86 1.48
CB MSE B 7 -42.54 -26.76 0.19
CG MSE B 7 -43.21 -27.96 0.66
SE MSE B 7 -44.58 -27.42 1.95
CE MSE B 7 -45.82 -26.75 0.62
N ARG B 8 -40.62 -27.60 2.54
CA ARG B 8 -39.62 -27.90 3.58
C ARG B 8 -38.20 -28.37 3.24
N PHE B 9 -37.28 -27.95 4.11
CA PHE B 9 -35.86 -28.30 4.12
C PHE B 9 -35.50 -29.73 3.70
N GLY B 10 -36.17 -30.73 4.29
CA GLY B 10 -35.87 -32.12 3.98
C GLY B 10 -36.13 -32.47 2.52
N THR B 11 -37.10 -31.80 1.92
CA THR B 11 -37.44 -31.96 0.51
C THR B 11 -36.56 -31.04 -0.34
N ARG B 12 -36.06 -29.97 0.27
CA ARG B 12 -35.19 -29.02 -0.41
C ARG B 12 -33.85 -29.61 -0.73
N LEU B 13 -33.36 -30.47 0.15
CA LEU B 13 -32.07 -31.11 -0.05
C LEU B 13 -32.15 -31.92 -1.35
N VAL B 14 -33.15 -32.79 -1.43
CA VAL B 14 -33.27 -33.69 -2.56
C VAL B 14 -33.63 -33.00 -3.88
N HIS B 15 -34.49 -31.97 -3.83
CA HIS B 15 -34.98 -31.37 -5.06
C HIS B 15 -34.58 -29.93 -5.37
N GLY B 16 -33.93 -29.28 -4.40
CA GLY B 16 -33.39 -27.95 -4.64
C GLY B 16 -32.51 -28.00 -5.88
N GLY B 17 -32.86 -27.22 -6.88
CA GLY B 17 -32.12 -27.24 -8.14
C GLY B 17 -31.97 -28.52 -8.98
N ARG B 18 -32.92 -29.47 -8.99
CA ARG B 18 -32.85 -30.51 -10.05
C ARG B 18 -33.68 -30.10 -11.26
N ARG B 19 -32.97 -29.62 -12.28
CA ARG B 19 -33.53 -28.65 -13.21
C ARG B 19 -34.52 -29.09 -14.32
N PRO B 20 -34.14 -29.13 -15.61
CA PRO B 20 -35.25 -29.90 -16.16
C PRO B 20 -34.87 -31.17 -16.89
N SER B 21 -33.81 -31.11 -17.71
CA SER B 21 -33.63 -32.04 -18.83
C SER B 21 -34.89 -32.20 -19.69
N ALA B 22 -35.42 -31.06 -20.14
CA ALA B 22 -36.25 -31.04 -21.32
C ALA B 22 -35.37 -31.65 -22.40
N GLY B 23 -35.87 -32.68 -23.05
CA GLY B 23 -35.07 -33.37 -24.05
C GLY B 23 -34.85 -34.82 -23.68
N THR B 24 -34.60 -35.08 -22.40
CA THR B 24 -34.43 -36.45 -21.95
C THR B 24 -35.21 -36.83 -20.68
N GLY B 25 -35.34 -35.91 -19.73
CA GLY B 25 -36.11 -36.16 -18.53
C GLY B 25 -35.30 -36.79 -17.39
N ASP B 26 -33.97 -36.74 -17.49
CA ASP B 26 -33.07 -37.26 -16.46
C ASP B 26 -33.55 -36.77 -15.09
N VAL B 27 -33.75 -37.68 -14.15
CA VAL B 27 -34.14 -37.26 -12.80
C VAL B 27 -32.96 -36.62 -12.09
N VAL B 28 -31.79 -37.23 -12.22
CA VAL B 28 -30.55 -36.62 -11.77
C VAL B 28 -29.95 -35.85 -12.95
N PRO B 29 -29.70 -34.55 -12.78
CA PRO B 29 -29.24 -33.75 -13.92
C PRO B 29 -27.90 -34.25 -14.45
N PRO B 30 -27.69 -34.17 -15.77
CA PRO B 30 -26.40 -34.62 -16.33
C PRO B 30 -25.26 -33.71 -15.88
N ILE B 31 -24.05 -34.25 -15.83
CA ILE B 31 -22.91 -33.48 -15.30
C ILE B 31 -22.30 -32.61 -16.41
N HIS B 32 -22.37 -31.29 -16.23
CA HIS B 32 -21.89 -30.37 -17.26
C HIS B 32 -20.40 -30.05 -17.13
N VAL B 33 -19.58 -30.78 -17.86
CA VAL B 33 -18.14 -30.60 -17.76
C VAL B 33 -17.55 -29.69 -18.84
N SER B 34 -18.33 -29.37 -19.87
CA SER B 34 -17.82 -28.52 -20.94
C SER B 34 -17.31 -27.18 -20.40
N THR B 35 -16.14 -26.76 -20.86
CA THR B 35 -15.59 -25.45 -20.48
C THR B 35 -16.11 -24.39 -21.42
N THR B 36 -16.62 -24.83 -22.55
CA THR B 36 -17.09 -23.85 -23.50
C THR B 36 -18.46 -24.19 -24.09
N TYR B 37 -19.04 -23.20 -24.74
CA TYR B 37 -20.41 -23.30 -25.20
C TYR B 37 -20.55 -22.66 -26.59
N GLU B 38 -21.31 -23.33 -27.43
CA GLU B 38 -21.70 -22.84 -28.74
C GLU B 38 -22.64 -21.65 -28.53
N ARG B 39 -22.35 -20.56 -29.24
CA ARG B 39 -22.95 -19.26 -28.97
C ARG B 39 -24.22 -18.95 -29.81
N ARG B 40 -24.14 -19.20 -31.12
CA ARG B 40 -25.27 -18.97 -32.02
C ARG B 40 -26.47 -19.88 -31.73
N ALA B 41 -26.27 -20.81 -30.79
CA ALA B 41 -27.16 -21.94 -30.51
C ALA B 41 -28.15 -21.67 -29.39
N GLN B 42 -28.16 -20.45 -28.88
CA GLN B 42 -28.84 -20.23 -27.63
C GLN B 42 -29.99 -19.26 -27.81
N ASP B 43 -31.20 -19.71 -27.51
CA ASP B 43 -32.43 -18.88 -27.62
C ASP B 43 -32.20 -17.65 -26.83
N GLU B 44 -31.60 -17.83 -25.66
CA GLU B 44 -31.42 -16.76 -24.70
C GLU B 44 -30.03 -16.83 -24.06
N PRO B 45 -28.99 -16.66 -24.89
CA PRO B 45 -27.59 -16.97 -24.59
C PRO B 45 -27.15 -16.52 -23.23
N ARG B 46 -26.80 -17.49 -22.39
CA ARG B 46 -26.26 -17.18 -21.07
C ARG B 46 -25.11 -18.12 -20.64
N TYR B 47 -24.62 -18.92 -21.58
CA TYR B 47 -23.44 -19.73 -21.32
C TYR B 47 -22.36 -19.37 -22.32
N PHE B 48 -21.28 -18.81 -21.79
CA PHE B 48 -20.19 -18.29 -22.58
C PHE B 48 -18.95 -19.13 -22.27
N TYR B 49 -18.56 -19.15 -20.99
CA TYR B 49 -17.31 -19.79 -20.60
C TYR B 49 -17.37 -20.35 -19.17
N GLY B 50 -16.76 -21.52 -19.00
CA GLY B 50 -16.88 -22.31 -17.80
C GLY B 50 -16.54 -21.62 -16.49
N ARG B 51 -15.52 -20.77 -16.50
CA ARG B 51 -15.18 -20.00 -15.30
C ARG B 51 -16.34 -19.11 -14.90
N GLY B 52 -17.05 -18.57 -15.88
CA GLY B 52 -18.16 -17.67 -15.62
C GLY B 52 -19.49 -18.36 -15.39
N GLU B 53 -19.78 -19.38 -16.19
CA GLU B 53 -21.10 -20.01 -16.17
C GLU B 53 -21.00 -21.53 -16.22
N ASN B 54 -21.83 -22.20 -15.41
CA ASN B 54 -21.93 -23.65 -15.46
C ASN B 54 -23.21 -24.17 -14.80
N PRO B 55 -24.03 -24.88 -15.58
CA PRO B 55 -25.33 -25.42 -15.14
C PRO B 55 -25.21 -26.24 -13.86
N THR B 56 -24.28 -27.19 -13.81
CA THR B 56 -24.07 -28.03 -12.64
C THR B 56 -23.72 -27.19 -11.39
N ARG B 57 -22.88 -26.18 -11.57
CA ARG B 57 -22.53 -25.30 -10.47
C ARG B 57 -23.77 -24.50 -10.03
N GLU B 58 -24.52 -23.98 -11.00
CA GLU B 58 -25.74 -23.20 -10.69
C GLU B 58 -26.77 -24.03 -9.92
N GLU B 59 -26.80 -25.32 -10.21
CA GLU B 59 -27.72 -26.26 -9.56
C GLU B 59 -27.44 -26.37 -8.08
N LEU B 60 -26.17 -26.58 -7.74
CA LEU B 60 -25.77 -26.67 -6.35
C LEU B 60 -26.06 -25.35 -5.63
N GLU B 61 -25.72 -24.24 -6.29
CA GLU B 61 -25.99 -22.91 -5.76
C GLU B 61 -27.49 -22.70 -5.48
N GLU B 62 -28.32 -23.14 -6.41
CA GLU B 62 -29.76 -23.02 -6.25
C GLU B 62 -30.19 -23.88 -5.06
N CYS B 63 -29.66 -25.10 -4.97
CA CYS B 63 -29.96 -25.97 -3.83
C CYS B 63 -29.61 -25.33 -2.49
N LEU B 64 -28.40 -24.80 -2.40
CA LEU B 64 -27.90 -24.23 -1.15
C LEU B 64 -28.69 -23.00 -0.72
N ALA B 65 -29.00 -22.14 -1.70
CA ALA B 65 -29.82 -20.97 -1.43
C ALA B 65 -31.18 -21.40 -0.87
N GLY B 66 -31.74 -22.47 -1.43
CA GLY B 66 -33.03 -22.98 -0.99
C GLY B 66 -33.07 -23.37 0.48
N LEU B 67 -31.98 -23.96 0.96
CA LEU B 67 -31.89 -24.41 2.35
C LEU B 67 -32.03 -23.26 3.33
N GLU B 68 -31.70 -22.04 2.87
CA GLU B 68 -31.78 -20.86 3.70
C GLU B 68 -32.88 -19.88 3.27
N ARG B 69 -33.72 -20.31 2.31
CA ARG B 69 -34.80 -19.46 1.81
C ARG B 69 -34.23 -18.16 1.25
N ALA B 70 -33.03 -18.23 0.68
CA ALA B 70 -32.29 -17.07 0.21
C ALA B 70 -32.28 -17.00 -1.32
N PRO B 71 -32.17 -15.79 -1.88
CA PRO B 71 -32.15 -15.62 -3.34
C PRO B 71 -30.83 -16.02 -4.00
N PHE B 72 -29.73 -15.93 -3.26
CA PHE B 72 -28.43 -16.14 -3.88
C PHE B 72 -27.56 -17.14 -3.12
N ALA B 73 -26.70 -17.83 -3.87
CA ALA B 73 -25.57 -18.51 -3.30
C ALA B 73 -24.49 -18.56 -4.36
N THR B 74 -23.24 -18.54 -3.93
CA THR B 74 -22.12 -18.68 -4.82
C THR B 74 -21.17 -19.70 -4.21
N VAL B 75 -20.83 -20.73 -4.98
CA VAL B 75 -19.89 -21.73 -4.48
C VAL B 75 -18.48 -21.53 -4.97
N PHE B 76 -17.54 -22.09 -4.23
CA PHE B 76 -16.13 -21.84 -4.44
C PHE B 76 -15.32 -23.13 -4.32
N SER B 77 -14.08 -23.08 -4.81
CA SER B 77 -13.12 -24.17 -4.75
C SER B 77 -12.83 -24.72 -3.35
N SER B 78 -13.11 -23.91 -2.32
CA SER B 78 -12.88 -24.33 -0.94
C SER B 78 -13.54 -23.32 0.01
N GLY B 79 -13.69 -23.72 1.27
CA GLY B 79 -14.17 -22.82 2.31
C GLY B 79 -13.30 -21.57 2.44
N GLN B 80 -11.99 -21.77 2.40
CA GLN B 80 -11.02 -20.68 2.39
C GLN B 80 -11.26 -19.68 1.25
N ALA B 81 -11.60 -20.20 0.07
CA ALA B 81 -11.87 -19.35 -1.09
C ALA B 81 -13.13 -18.51 -0.87
N ALA B 82 -14.19 -19.11 -0.34
CA ALA B 82 -15.41 -18.34 0.00
C ALA B 82 -15.11 -17.20 0.98
N ALA B 83 -14.31 -17.49 1.99
CA ALA B 83 -13.94 -16.51 3.01
C ALA B 83 -13.07 -15.40 2.43
N ALA B 84 -12.11 -15.80 1.58
CA ALA B 84 -11.18 -14.87 0.98
C ALA B 84 -11.95 -13.89 0.10
N THR B 85 -12.98 -14.38 -0.57
CA THR B 85 -13.79 -13.57 -1.46
C THR B 85 -14.54 -12.49 -0.68
N LEU B 86 -15.28 -12.91 0.34
CA LEU B 86 -16.05 -11.97 1.15
C LEU B 86 -15.12 -10.90 1.76
N LEU B 87 -13.95 -11.34 2.21
CA LEU B 87 -13.00 -10.49 2.91
C LEU B 87 -12.29 -9.53 1.96
N SER B 88 -12.26 -9.86 0.66
CA SER B 88 -11.62 -8.98 -0.31
C SER B 88 -12.41 -7.68 -0.49
N LEU B 89 -13.68 -7.71 -0.12
CA LEU B 89 -14.56 -6.56 -0.30
C LEU B 89 -14.37 -5.54 0.80
N VAL B 90 -13.57 -5.87 1.81
CA VAL B 90 -13.22 -4.89 2.83
C VAL B 90 -12.14 -3.97 2.29
N ARG B 91 -12.37 -2.66 2.42
CA ARG B 91 -11.57 -1.64 1.75
C ARG B 91 -10.52 -1.00 2.67
N PRO B 92 -9.56 -0.27 2.10
CA PRO B 92 -8.53 0.37 2.92
C PRO B 92 -9.07 1.33 3.96
N GLY B 93 -8.43 1.30 5.13
CA GLY B 93 -8.84 2.12 6.24
C GLY B 93 -10.02 1.54 7.00
N GLN B 94 -10.64 0.50 6.41
CA GLN B 94 -11.86 -0.07 6.98
C GLN B 94 -11.63 -1.16 8.00
N CYS B 95 -12.63 -1.36 8.85
CA CYS B 95 -12.50 -2.24 10.00
C CYS B 95 -13.32 -3.54 9.91
N VAL B 96 -12.73 -4.62 10.39
CA VAL B 96 -13.39 -5.92 10.43
C VAL B 96 -13.26 -6.52 11.82
N VAL B 97 -14.40 -6.68 12.50
CA VAL B 97 -14.43 -7.21 13.85
C VAL B 97 -14.66 -8.72 13.87
N SER B 98 -13.82 -9.41 14.65
CA SER B 98 -13.98 -10.83 14.80
C SER B 98 -13.62 -11.27 16.21
N THR B 99 -13.37 -12.56 16.37
CA THR B 99 -12.90 -13.11 17.63
C THR B 99 -11.60 -13.87 17.39
N ASP B 100 -10.67 -13.76 18.35
CA ASP B 100 -9.32 -14.30 18.27
C ASP B 100 -9.30 -15.80 18.08
N ASP B 101 -10.49 -16.39 18.05
CA ASP B 101 -10.71 -17.80 18.30
C ASP B 101 -11.29 -18.45 17.05
N VAL B 102 -11.33 -17.68 15.96
CA VAL B 102 -11.86 -18.18 14.71
C VAL B 102 -10.83 -19.07 14.05
N TYR B 103 -11.33 -20.02 13.26
CA TYR B 103 -10.53 -20.88 12.40
C TYR B 103 -9.24 -20.23 11.91
N ALA B 104 -8.12 -20.94 12.05
CA ALA B 104 -6.82 -20.36 11.71
C ALA B 104 -6.69 -19.96 10.24
N GLY B 105 -7.46 -20.60 9.35
CA GLY B 105 -7.52 -20.20 7.95
C GLY B 105 -8.12 -18.81 7.82
N THR B 106 -9.25 -18.60 8.49
CA THR B 106 -9.87 -17.28 8.56
C THR B 106 -8.86 -16.28 9.13
N ASP B 107 -8.11 -16.71 10.13
CA ASP B 107 -7.13 -15.82 10.76
C ASP B 107 -6.00 -15.38 9.80
N GLY B 108 -5.56 -16.30 8.94
CA GLY B 108 -4.55 -15.99 7.94
C GLY B 108 -5.11 -15.09 6.84
N LEU B 109 -6.42 -15.16 6.62
CA LEU B 109 -7.06 -14.23 5.72
C LEU B 109 -7.17 -12.85 6.39
N PHE B 110 -7.30 -12.82 7.71
CA PHE B 110 -7.16 -11.53 8.41
C PHE B 110 -5.73 -11.01 8.29
N ASP B 111 -4.75 -11.91 8.39
CA ASP B 111 -3.34 -11.50 8.31
C ASP B 111 -2.98 -10.92 6.94
N LEU B 112 -3.56 -11.50 5.89
CA LEU B 112 -3.46 -10.95 4.56
C LEU B 112 -4.14 -9.58 4.52
N ALA B 113 -5.38 -9.53 4.97
CA ALA B 113 -6.19 -8.31 4.94
C ALA B 113 -5.57 -7.12 5.69
N ALA B 114 -4.97 -7.40 6.85
CA ALA B 114 -4.35 -6.35 7.65
C ALA B 114 -3.24 -5.72 6.84
N ARG B 115 -2.46 -6.55 6.16
CA ARG B 115 -1.43 -6.11 5.22
C ARG B 115 -1.98 -5.48 3.93
N GLN B 116 -3.26 -5.08 3.90
CA GLN B 116 -3.83 -4.44 2.71
C GLN B 116 -4.72 -3.24 3.03
N GLY B 117 -4.55 -2.70 4.24
CA GLY B 117 -5.21 -1.47 4.65
C GLY B 117 -6.38 -1.70 5.57
N VAL B 118 -6.71 -2.97 5.79
CA VAL B 118 -7.84 -3.36 6.63
C VAL B 118 -7.46 -3.42 8.10
N ARG B 119 -8.27 -2.78 8.93
CA ARG B 119 -8.08 -2.88 10.37
C ARG B 119 -8.74 -4.16 10.90
N VAL B 120 -7.97 -4.93 11.66
CA VAL B 120 -8.49 -6.14 12.31
C VAL B 120 -8.56 -5.98 13.82
N ARG B 121 -9.74 -6.28 14.37
CA ARG B 121 -10.04 -6.07 15.78
C ARG B 121 -10.76 -7.30 16.35
N TYR B 122 -10.03 -8.14 17.07
CA TYR B 122 -10.63 -9.32 17.68
C TYR B 122 -11.25 -8.92 19.01
N ALA B 123 -12.57 -9.01 19.11
CA ALA B 123 -13.25 -8.49 20.30
C ALA B 123 -14.09 -9.52 21.03
N ASP B 124 -14.76 -9.06 22.09
CA ASP B 124 -15.60 -9.87 22.97
C ASP B 124 -17.02 -9.88 22.41
N LEU B 125 -17.41 -10.96 21.74
CA LEU B 125 -18.76 -11.02 21.14
C LEU B 125 -19.78 -11.79 21.98
N THR B 126 -19.39 -12.17 23.19
CA THR B 126 -20.33 -12.81 24.11
C THR B 126 -20.96 -11.91 25.18
N THR B 127 -20.24 -10.91 25.70
CA THR B 127 -20.75 -10.14 26.84
C THR B 127 -20.93 -8.65 26.56
N PRO B 128 -22.19 -8.17 26.58
CA PRO B 128 -22.75 -6.88 26.13
C PRO B 128 -21.78 -5.70 26.07
N GLU B 129 -20.97 -5.52 27.10
CA GLU B 129 -19.96 -4.47 27.13
C GLU B 129 -19.13 -4.52 25.85
N GLY B 130 -18.51 -5.68 25.62
CA GLY B 130 -17.56 -5.83 24.54
C GLY B 130 -18.16 -5.89 23.15
N ILE B 131 -19.45 -6.18 23.07
CA ILE B 131 -20.15 -6.11 21.81
C ILE B 131 -20.24 -4.65 21.41
N ALA B 132 -20.57 -3.80 22.38
CA ALA B 132 -20.63 -2.36 22.14
C ALA B 132 -19.26 -1.81 21.80
N ALA B 133 -18.25 -2.26 22.55
CA ALA B 133 -16.89 -1.77 22.37
C ALA B 133 -16.31 -2.25 21.06
N ALA B 134 -16.74 -3.44 20.64
CA ALA B 134 -16.44 -3.92 19.29
C ALA B 134 -17.01 -2.88 18.34
N LEU B 135 -18.33 -2.95 18.14
CA LEU B 135 -19.04 -2.04 17.22
C LEU B 135 -18.87 -0.56 17.52
N ALA B 136 -17.80 -0.21 18.23
CA ALA B 136 -17.45 1.17 18.49
C ALA B 136 -16.39 1.64 17.48
N GLU B 137 -15.61 0.68 16.98
CA GLU B 137 -14.60 0.94 15.96
C GLU B 137 -15.15 1.74 14.79
N PRO B 138 -14.51 2.88 14.48
CA PRO B 138 -14.86 3.58 13.24
C PRO B 138 -14.46 2.71 12.05
N ASP B 139 -14.97 3.02 10.88
CA ASP B 139 -14.63 2.29 9.65
C ASP B 139 -15.10 0.83 9.65
N LEU B 140 -15.96 0.46 10.60
CA LEU B 140 -16.42 -0.93 10.79
C LEU B 140 -17.16 -1.50 9.57
N ALA B 141 -16.45 -2.26 8.74
CA ALA B 141 -17.07 -2.81 7.52
C ALA B 141 -17.83 -4.09 7.80
N LEU B 142 -17.17 -5.03 8.46
CA LEU B 142 -17.69 -6.37 8.58
C LEU B 142 -17.65 -6.79 10.05
N VAL B 143 -18.50 -7.76 10.40
CA VAL B 143 -18.45 -8.46 11.69
C VAL B 143 -18.43 -9.96 11.38
N TRP B 144 -17.43 -10.66 11.92
CA TRP B 144 -17.18 -12.05 11.56
C TRP B 144 -17.47 -12.94 12.74
N ILE B 145 -18.60 -13.66 12.67
CA ILE B 145 -18.99 -14.55 13.75
C ILE B 145 -18.80 -16.00 13.38
N GLU B 146 -18.05 -16.72 14.20
CA GLU B 146 -17.92 -18.14 14.05
C GLU B 146 -18.58 -18.76 15.28
N THR B 147 -19.67 -19.50 15.06
CA THR B 147 -20.42 -20.08 16.17
C THR B 147 -21.04 -21.40 15.79
N PRO B 148 -20.88 -22.42 16.65
CA PRO B 148 -20.08 -22.51 17.88
C PRO B 148 -18.58 -22.31 17.66
N THR B 149 -17.83 -22.06 18.73
CA THR B 149 -16.38 -21.97 18.67
C THR B 149 -15.79 -23.38 18.57
N ASN B 150 -14.52 -23.49 18.18
CA ASN B 150 -13.85 -24.79 18.07
C ASN B 150 -12.43 -24.59 18.59
N PRO B 151 -11.98 -25.43 19.53
CA PRO B 151 -12.63 -26.63 20.06
C PRO B 151 -13.40 -26.42 21.37
N LEU B 152 -13.52 -25.18 21.83
CA LEU B 152 -14.15 -24.95 23.14
C LEU B 152 -15.68 -24.92 23.06
N LEU B 153 -16.20 -24.72 21.85
CA LEU B 153 -17.63 -24.88 21.57
C LEU B 153 -18.54 -23.91 22.32
N THR B 154 -18.06 -22.68 22.51
CA THR B 154 -18.91 -21.62 23.06
C THR B 154 -19.69 -21.00 21.90
N VAL B 155 -20.66 -20.14 22.19
CA VAL B 155 -21.53 -19.64 21.13
C VAL B 155 -21.75 -18.14 21.20
N VAL B 156 -22.02 -17.53 20.05
CA VAL B 156 -22.25 -16.10 19.96
C VAL B 156 -23.68 -15.83 19.53
N ASP B 157 -24.37 -14.92 20.22
CA ASP B 157 -25.77 -14.62 19.94
C ASP B 157 -25.88 -13.87 18.62
N VAL B 158 -26.18 -14.60 17.55
CA VAL B 158 -26.20 -14.04 16.21
C VAL B 158 -27.20 -12.90 16.06
N ALA B 159 -28.43 -13.14 16.51
CA ALA B 159 -29.47 -12.11 16.46
C ALA B 159 -29.01 -10.83 17.16
N GLU B 160 -28.44 -10.98 18.34
CA GLU B 160 -28.05 -9.80 19.13
C GLU B 160 -26.88 -9.05 18.50
N VAL B 161 -25.85 -9.77 18.11
CA VAL B 161 -24.71 -9.14 17.44
C VAL B 161 -25.12 -8.46 16.13
N SER B 162 -26.05 -9.06 15.39
CA SER B 162 -26.51 -8.49 14.11
C SER B 162 -27.25 -7.15 14.26
N ARG B 163 -28.28 -7.13 15.11
CA ARG B 163 -29.01 -5.90 15.40
C ARG B 163 -28.05 -4.79 15.79
N ARG B 164 -27.12 -5.11 16.68
CA ARG B 164 -26.22 -4.10 17.21
C ARG B 164 -25.15 -3.74 16.18
N ALA B 165 -24.78 -4.67 15.29
CA ALA B 165 -23.82 -4.37 14.24
C ALA B 165 -24.42 -3.47 13.16
N HIS B 166 -25.59 -3.85 12.65
CA HIS B 166 -26.24 -3.11 11.57
C HIS B 166 -26.47 -1.65 11.93
N GLU B 167 -26.68 -1.38 13.22
CA GLU B 167 -26.83 -0.02 13.70
C GLU B 167 -25.57 0.79 13.49
N ARG B 168 -24.45 0.12 13.23
CA ARG B 168 -23.22 0.79 12.83
C ARG B 168 -23.00 0.61 11.32
N GLY B 169 -24.01 0.07 10.64
CA GLY B 169 -24.00 -0.04 9.19
C GLY B 169 -23.14 -1.17 8.65
N ALA B 170 -22.92 -2.20 9.47
CA ALA B 170 -21.96 -3.24 9.11
C ALA B 170 -22.59 -4.57 8.65
N ARG B 171 -22.12 -5.07 7.51
CA ARG B 171 -22.41 -6.41 7.05
C ARG B 171 -22.00 -7.40 8.13
N VAL B 172 -22.76 -8.47 8.27
CA VAL B 172 -22.45 -9.51 9.25
C VAL B 172 -22.41 -10.89 8.60
N VAL B 173 -21.28 -11.59 8.73
CA VAL B 173 -21.18 -12.96 8.26
C VAL B 173 -21.11 -13.94 9.42
N VAL B 174 -21.75 -15.10 9.25
CA VAL B 174 -21.58 -16.20 10.17
C VAL B 174 -20.92 -17.37 9.43
N ASP B 175 -19.79 -17.84 9.96
CA ASP B 175 -19.18 -19.06 9.46
C ASP B 175 -19.98 -20.19 10.08
N ASN B 176 -20.84 -20.79 9.27
CA ASN B 176 -21.86 -21.73 9.76
C ASN B 176 -21.50 -23.19 9.49
N THR B 177 -20.23 -23.43 9.15
CA THR B 177 -19.74 -24.77 8.80
C THR B 177 -19.99 -25.79 9.89
N PHE B 178 -19.65 -25.42 11.13
CA PHE B 178 -19.80 -26.28 12.30
C PHE B 178 -21.23 -26.79 12.41
N ALA B 179 -22.19 -25.88 12.49
CA ALA B 179 -23.58 -26.28 12.70
C ALA B 179 -24.25 -26.88 11.47
N SER B 180 -23.90 -26.36 10.29
CA SER B 180 -24.62 -26.57 9.02
C SER B 180 -26.04 -25.96 9.07
N PRO B 181 -26.61 -25.68 7.90
CA PRO B 181 -27.95 -25.08 7.87
C PRO B 181 -29.08 -26.04 8.29
N VAL B 182 -28.78 -27.30 8.57
CA VAL B 182 -29.76 -28.19 9.21
C VAL B 182 -30.06 -27.68 10.63
N LEU B 183 -29.05 -27.09 11.29
CA LEU B 183 -29.17 -26.77 12.71
C LEU B 183 -29.21 -25.29 13.04
N GLN B 184 -28.70 -24.47 12.13
CA GLN B 184 -28.59 -23.04 12.37
C GLN B 184 -28.84 -22.25 11.10
N GLN B 185 -29.69 -21.23 11.21
CA GLN B 185 -30.06 -20.40 10.07
C GLN B 185 -29.62 -18.95 10.30
N PRO B 186 -28.36 -18.63 9.97
CA PRO B 186 -27.87 -17.26 10.20
C PRO B 186 -28.73 -16.16 9.57
N LEU B 187 -29.24 -16.36 8.36
CA LEU B 187 -30.02 -15.30 7.72
C LEU B 187 -31.34 -15.03 8.44
N ALA B 188 -31.98 -16.10 8.91
CA ALA B 188 -33.20 -15.99 9.70
C ALA B 188 -32.89 -15.40 11.07
N LEU B 189 -31.62 -15.45 11.47
CA LEU B 189 -31.22 -14.90 12.76
C LEU B 189 -30.89 -13.42 12.68
N GLY B 190 -30.72 -12.90 11.47
CA GLY B 190 -30.41 -11.48 11.33
C GLY B 190 -29.11 -11.21 10.60
N ALA B 191 -28.26 -12.23 10.46
CA ALA B 191 -27.00 -12.07 9.74
C ALA B 191 -27.23 -11.80 8.24
N ASP B 192 -26.20 -11.31 7.57
CA ASP B 192 -26.30 -11.01 6.13
C ASP B 192 -25.75 -12.09 5.22
N VAL B 193 -24.83 -12.90 5.73
CA VAL B 193 -24.17 -13.93 4.92
C VAL B 193 -23.90 -15.19 5.74
N SER B 194 -24.21 -16.36 5.17
CA SER B 194 -23.76 -17.61 5.76
C SER B 194 -22.54 -18.09 4.98
N LEU B 195 -21.47 -18.38 5.70
CA LEU B 195 -20.24 -18.85 5.10
C LEU B 195 -20.06 -20.32 5.43
N TYR B 196 -19.74 -21.13 4.42
CA TYR B 196 -19.50 -22.56 4.62
C TYR B 196 -18.21 -23.07 3.99
N SER B 197 -17.55 -23.97 4.70
CA SER B 197 -16.70 -24.95 4.03
C SER B 197 -17.61 -26.13 3.74
N THR B 198 -17.93 -26.36 2.47
CA THR B 198 -18.82 -27.46 2.11
C THR B 198 -18.03 -28.76 2.14
N THR B 199 -16.71 -28.62 2.29
CA THR B 199 -15.84 -29.76 2.49
C THR B 199 -16.30 -30.61 3.68
N1 LLP B 200 -14.24 -22.66 8.31
C2 LLP B 200 -14.37 -23.65 9.21
C2' LLP B 200 -15.27 -23.48 10.46
C3 LLP B 200 -13.68 -24.87 9.03
O3 LLP B 200 -13.84 -25.89 9.97
C4 LLP B 200 -12.86 -25.08 7.94
C4' LLP B 200 -12.08 -26.50 7.75
C5 LLP B 200 -12.71 -24.06 7.03
C6 LLP B 200 -13.40 -22.85 7.20
C5' LLP B 200 -11.77 -24.26 5.81
OP4 LLP B 200 -12.43 -24.40 4.58
P LLP B 200 -11.75 -25.33 3.54
OP1 LLP B 200 -12.90 -26.06 2.85
OP2 LLP B 200 -10.98 -24.48 2.58
OP3 LLP B 200 -10.82 -26.28 4.22
N LLP B 200 -16.83 -29.94 4.70
CA LLP B 200 -17.01 -30.54 6.03
CB LLP B 200 -17.00 -29.43 7.08
CG LLP B 200 -15.62 -28.95 7.58
CD LLP B 200 -14.39 -29.39 6.75
CE LLP B 200 -13.21 -28.38 6.73
NZ LLP B 200 -12.91 -27.67 7.98
C LLP B 200 -18.24 -31.38 6.07
O LLP B 200 -18.20 -32.50 5.59
N SER B 201 -19.35 -30.89 6.61
CA SER B 201 -20.56 -31.72 6.66
C SER B 201 -21.50 -31.54 5.46
N ILE B 202 -21.44 -30.38 4.79
CA ILE B 202 -22.35 -30.15 3.66
C ILE B 202 -22.21 -31.23 2.57
N ALA B 203 -20.98 -31.55 2.15
CA ALA B 203 -20.77 -32.67 1.23
C ALA B 203 -20.75 -34.02 1.99
N GLY B 204 -20.10 -34.02 3.16
CA GLY B 204 -20.26 -35.07 4.15
C GLY B 204 -19.51 -36.39 4.00
N HIS B 205 -18.87 -36.63 2.85
CA HIS B 205 -18.19 -37.91 2.65
C HIS B 205 -16.68 -37.81 2.56
N ALA B 206 -16.13 -36.63 2.91
CA ALA B 206 -14.68 -36.45 2.97
C ALA B 206 -14.00 -36.76 1.64
N ASP B 207 -14.66 -36.41 0.54
CA ASP B 207 -14.07 -36.61 -0.78
C ASP B 207 -14.17 -35.42 -1.74
N VAL B 208 -14.22 -34.19 -1.21
CA VAL B 208 -14.25 -33.01 -2.06
C VAL B 208 -13.97 -31.75 -1.22
N LEU B 209 -13.34 -30.75 -1.82
CA LEU B 209 -13.10 -29.49 -1.15
C LEU B 209 -14.01 -28.47 -1.80
N GLY B 210 -14.86 -27.82 -1.01
CA GLY B 210 -15.72 -26.80 -1.57
C GLY B 210 -16.03 -25.70 -0.58
N GLY B 211 -16.40 -24.54 -1.09
CA GLY B 211 -16.89 -23.47 -0.25
C GLY B 211 -18.23 -22.94 -0.75
N ALA B 212 -18.94 -22.23 0.12
CA ALA B 212 -20.19 -21.58 -0.26
C ALA B 212 -20.38 -20.29 0.55
N LEU B 213 -21.01 -19.30 -0.10
CA LEU B 213 -21.55 -18.14 0.56
C LEU B 213 -23.03 -18.08 0.18
N VAL B 214 -23.90 -17.81 1.16
CA VAL B 214 -25.32 -17.69 0.90
C VAL B 214 -25.79 -16.36 1.51
N TYR B 215 -26.63 -15.62 0.79
CA TYR B 215 -26.98 -14.26 1.18
C TYR B 215 -28.21 -13.75 0.43
N ARG B 216 -28.65 -12.54 0.75
CA ARG B 216 -29.84 -11.98 0.13
C ARG B 216 -29.55 -10.68 -0.58
N ASP B 217 -28.29 -10.28 -0.54
CA ASP B 217 -27.91 -8.92 -0.92
C ASP B 217 -27.54 -8.84 -2.39
N ALA B 218 -28.36 -8.15 -3.18
CA ALA B 218 -28.18 -8.16 -4.64
C ALA B 218 -26.92 -7.44 -5.10
N ASP B 219 -26.53 -6.36 -4.42
CA ASP B 219 -25.27 -5.70 -4.77
C ASP B 219 -24.05 -6.51 -4.33
N LEU B 220 -24.15 -7.15 -3.16
CA LEU B 220 -23.13 -8.10 -2.74
C LEU B 220 -23.00 -9.21 -3.79
N HIS B 221 -24.12 -9.61 -4.36
CA HIS B 221 -24.12 -10.70 -5.32
C HIS B 221 -23.23 -10.34 -6.50
N ALA B 222 -23.40 -9.15 -7.05
CA ALA B 222 -22.60 -8.72 -8.19
C ALA B 222 -21.11 -8.68 -7.83
N ALA B 223 -20.78 -8.18 -6.65
CA ALA B 223 -19.36 -8.07 -6.26
C ALA B 223 -18.74 -9.46 -6.02
N VAL B 224 -19.48 -10.34 -5.36
CA VAL B 224 -18.98 -11.70 -5.14
C VAL B 224 -18.72 -12.45 -6.47
N ARG B 225 -19.67 -12.36 -7.41
CA ARG B 225 -19.51 -13.08 -8.67
C ARG B 225 -18.38 -12.48 -9.52
N ALA B 226 -18.26 -11.16 -9.51
CA ALA B 226 -17.18 -10.51 -10.25
C ALA B 226 -15.82 -10.94 -9.70
N TYR B 227 -15.73 -11.08 -8.39
CA TYR B 227 -14.47 -11.50 -7.78
C TYR B 227 -14.11 -12.94 -8.11
N ARG B 228 -15.08 -13.84 -8.01
CA ARG B 228 -14.85 -15.25 -8.33
C ARG B 228 -14.35 -15.40 -9.76
N THR B 229 -14.95 -14.65 -10.68
CA THR B 229 -14.57 -14.75 -12.08
C THR B 229 -13.16 -14.22 -12.28
N THR B 230 -12.82 -13.17 -11.56
CA THR B 230 -11.49 -12.58 -11.68
C THR B 230 -10.42 -13.40 -10.98
N ALA B 231 -10.69 -13.79 -9.74
CA ALA B 231 -9.73 -14.59 -8.98
C ALA B 231 -9.70 -16.05 -9.45
N GLY B 232 -10.78 -16.50 -10.07
CA GLY B 232 -10.83 -17.83 -10.65
C GLY B 232 -10.83 -18.95 -9.62
N ASN B 233 -11.25 -18.61 -8.40
CA ASN B 233 -11.32 -19.58 -7.31
C ASN B 233 -12.60 -20.42 -7.42
N VAL B 234 -12.84 -20.92 -8.63
CA VAL B 234 -14.08 -21.63 -9.00
C VAL B 234 -13.92 -23.13 -8.82
N PRO B 235 -14.97 -23.82 -8.31
CA PRO B 235 -14.88 -25.28 -8.21
C PRO B 235 -15.21 -25.97 -9.55
N GLY B 236 -14.79 -27.20 -9.71
CA GLY B 236 -15.08 -27.94 -10.94
C GLY B 236 -16.48 -28.54 -10.99
N ALA B 237 -16.86 -28.97 -12.19
CA ALA B 237 -18.13 -29.64 -12.43
C ALA B 237 -18.27 -30.92 -11.61
N LEU B 238 -17.27 -31.79 -11.68
CA LEU B 238 -17.34 -33.05 -10.97
C LEU B 238 -17.36 -32.81 -9.45
N ASP B 239 -16.61 -31.81 -8.99
CA ASP B 239 -16.59 -31.46 -7.56
C ASP B 239 -17.97 -31.02 -7.10
N CYS B 240 -18.64 -30.17 -7.88
CA CYS B 240 -20.01 -29.75 -7.54
C CYS B 240 -20.99 -30.94 -7.54
N PHE B 241 -20.83 -31.85 -8.51
CA PHE B 241 -21.61 -33.09 -8.52
C PHE B 241 -21.49 -33.83 -7.17
N LEU B 242 -20.27 -33.98 -6.66
CA LEU B 242 -20.08 -34.70 -5.40
C LEU B 242 -20.70 -34.00 -4.18
N VAL B 243 -20.55 -32.68 -4.10
CA VAL B 243 -21.17 -31.88 -3.03
C VAL B 243 -22.69 -31.98 -3.12
N ARG B 244 -23.24 -31.77 -4.31
CA ARG B 244 -24.68 -31.86 -4.52
C ARG B 244 -25.23 -33.22 -4.09
N ARG B 245 -24.49 -34.28 -4.41
CA ARG B 245 -24.95 -35.63 -4.11
C ARG B 245 -24.92 -35.91 -2.62
N GLY B 246 -23.95 -35.33 -1.90
CA GLY B 246 -23.87 -35.48 -0.45
C GLY B 246 -24.99 -34.78 0.31
N LEU B 247 -25.47 -33.66 -0.25
CA LEU B 247 -26.50 -32.85 0.38
C LEU B 247 -27.86 -33.53 0.50
N HIS B 248 -28.11 -34.52 -0.35
CA HIS B 248 -29.36 -35.27 -0.24
C HIS B 248 -29.53 -35.82 1.16
N THR B 249 -28.45 -36.34 1.71
CA THR B 249 -28.54 -37.01 3.00
C THR B 249 -28.07 -36.12 4.15
N LEU B 250 -27.90 -34.82 3.90
CA LEU B 250 -27.39 -33.90 4.91
C LEU B 250 -28.19 -33.96 6.22
N SER B 251 -29.51 -33.90 6.10
CA SER B 251 -30.34 -33.93 7.28
C SER B 251 -30.24 -35.27 8.02
N LEU B 252 -30.34 -36.37 7.27
CA LEU B 252 -30.26 -37.67 7.92
C LEU B 252 -28.89 -37.88 8.59
N ARG B 253 -27.83 -37.39 7.95
CA ARG B 253 -26.48 -37.49 8.51
C ARG B 253 -26.28 -36.64 9.78
N VAL B 254 -26.64 -35.36 9.71
CA VAL B 254 -26.57 -34.48 10.89
C VAL B 254 -27.32 -35.06 12.08
N HIS B 255 -28.54 -35.56 11.83
CA HIS B 255 -29.33 -36.15 12.91
C HIS B 255 -28.64 -37.34 13.59
N ARG B 256 -28.15 -38.27 12.78
CA ARG B 256 -27.41 -39.42 13.27
C ARG B 256 -26.20 -38.98 14.10
N GLN B 257 -25.45 -38.02 13.57
CA GLN B 257 -24.27 -37.48 14.24
C GLN B 257 -24.60 -36.88 15.61
N VAL B 258 -25.63 -36.03 15.65
CA VAL B 258 -26.03 -35.36 16.89
C VAL B 258 -26.45 -36.38 17.96
N ALA B 259 -27.32 -37.31 17.57
CA ALA B 259 -27.82 -38.32 18.50
C ALA B 259 -26.66 -39.11 19.11
N THR B 260 -25.65 -39.37 18.29
CA THR B 260 -24.51 -40.14 18.79
C THR B 260 -23.59 -39.28 19.68
N ALA B 261 -23.30 -38.06 19.24
CA ALA B 261 -22.48 -37.14 20.02
C ALA B 261 -23.03 -37.04 21.46
N ARG B 262 -24.35 -36.95 21.57
CA ARG B 262 -24.99 -36.89 22.87
C ARG B 262 -24.72 -38.14 23.73
N VAL B 263 -24.79 -39.31 23.10
CA VAL B 263 -24.45 -40.57 23.77
C VAL B 263 -23.01 -40.52 24.27
N LEU B 264 -22.11 -40.03 23.42
CA LEU B 264 -20.70 -39.90 23.76
C LEU B 264 -20.49 -38.91 24.91
N VAL B 265 -21.33 -37.88 24.96
CA VAL B 265 -21.26 -36.92 26.07
C VAL B 265 -21.58 -37.65 27.36
N GLU B 266 -22.56 -38.56 27.32
CA GLU B 266 -22.91 -39.33 28.51
C GLU B 266 -21.79 -40.32 28.87
N ARG B 267 -21.19 -40.93 27.85
CA ARG B 267 -20.02 -41.78 28.01
C ARG B 267 -18.86 -40.99 28.67
N LEU B 268 -18.65 -39.76 28.25
CA LEU B 268 -17.53 -38.95 28.73
C LEU B 268 -17.71 -38.45 30.17
N ARG B 269 -18.94 -38.07 30.52
CA ARG B 269 -19.21 -37.52 31.84
C ARG B 269 -19.10 -38.56 32.96
N ALA B 270 -19.11 -39.85 32.60
CA ALA B 270 -19.04 -40.90 33.61
C ALA B 270 -17.61 -41.39 33.80
N SER B 271 -16.71 -40.99 32.91
CA SER B 271 -15.35 -41.52 32.93
C SER B 271 -14.47 -40.92 34.01
N PRO B 272 -13.77 -41.78 34.75
CA PRO B 272 -12.85 -41.29 35.79
C PRO B 272 -11.58 -40.61 35.25
N VAL B 273 -11.31 -40.66 33.95
CA VAL B 273 -10.10 -40.02 33.43
C VAL B 273 -10.44 -38.88 32.47
N VAL B 274 -11.66 -38.36 32.61
CA VAL B 274 -12.07 -37.17 31.87
C VAL B 274 -12.39 -36.06 32.85
N GLY B 275 -11.94 -34.85 32.53
CA GLY B 275 -12.27 -33.67 33.32
C GLY B 275 -13.45 -32.94 32.71
N ALA B 276 -13.28 -31.66 32.41
CA ALA B 276 -14.33 -30.88 31.77
C ALA B 276 -14.69 -31.46 30.40
N VAL B 277 -15.99 -31.45 30.08
CA VAL B 277 -16.46 -31.85 28.76
C VAL B 277 -17.19 -30.69 28.08
N HIS B 278 -16.78 -30.34 26.87
CA HIS B 278 -17.42 -29.24 26.15
C HIS B 278 -18.46 -29.79 25.16
N TYR B 279 -19.68 -29.26 25.25
CA TYR B 279 -20.76 -29.60 24.33
C TYR B 279 -21.84 -28.54 24.45
N PRO B 280 -22.22 -27.91 23.31
CA PRO B 280 -23.17 -26.80 23.30
C PRO B 280 -24.48 -27.14 23.99
N GLY B 281 -24.92 -28.40 23.87
CA GLY B 281 -26.20 -28.82 24.39
C GLY B 281 -26.26 -29.14 25.87
N LEU B 282 -25.12 -29.09 26.56
CA LEU B 282 -25.13 -29.37 28.00
C LEU B 282 -25.97 -28.33 28.74
N PRO B 283 -26.79 -28.78 29.71
CA PRO B 283 -27.66 -27.88 30.48
C PRO B 283 -26.91 -26.67 31.03
N GLU B 284 -25.86 -26.91 31.82
CA GLU B 284 -25.09 -25.85 32.46
C GLU B 284 -24.13 -25.16 31.49
N HIS B 285 -24.40 -25.24 30.19
CA HIS B 285 -23.57 -24.54 29.22
C HIS B 285 -23.66 -23.05 29.50
N PRO B 286 -22.52 -22.34 29.43
CA PRO B 286 -22.51 -20.93 29.84
C PRO B 286 -23.44 -20.07 28.97
N GLN B 287 -23.66 -20.48 27.72
CA GLN B 287 -24.59 -19.75 26.87
C GLN B 287 -25.77 -20.62 26.43
N HIS B 288 -26.32 -21.38 27.38
CA HIS B 288 -27.36 -22.35 27.08
C HIS B 288 -28.64 -21.67 26.64
N ALA B 289 -28.96 -20.53 27.22
CA ALA B 289 -30.11 -19.76 26.77
C ALA B 289 -29.95 -19.43 25.27
N VAL B 290 -28.76 -18.98 24.90
CA VAL B 290 -28.47 -18.67 23.50
C VAL B 290 -28.52 -19.91 22.60
N VAL B 291 -27.89 -21.00 23.05
CA VAL B 291 -27.92 -22.24 22.28
C VAL B 291 -29.34 -22.67 21.90
N LYS B 292 -30.23 -22.74 22.89
CA LYS B 292 -31.61 -23.15 22.66
C LYS B 292 -32.32 -22.21 21.69
N ALA B 293 -32.08 -20.92 21.85
CA ALA B 293 -32.80 -19.91 21.11
C ALA B 293 -32.29 -19.69 19.69
N GLN B 294 -31.21 -20.38 19.31
CA GLN B 294 -30.67 -20.22 17.95
C GLN B 294 -30.30 -21.50 17.19
N MSE B 295 -30.08 -22.61 17.88
CA MSE B 295 -29.68 -23.86 17.23
C MSE B 295 -30.79 -24.92 17.32
O MSE B 295 -31.30 -25.18 18.40
CB MSE B 295 -28.40 -24.43 17.87
CG MSE B 295 -27.11 -23.68 17.56
SE MSE B 295 -25.49 -24.49 18.37
CE MSE B 295 -25.33 -26.15 17.38
N SER B 296 -31.15 -25.55 16.20
CA SER B 296 -32.24 -26.52 16.30
C SER B 296 -31.83 -27.70 17.17
N ALA B 297 -30.57 -28.11 17.08
CA ALA B 297 -30.02 -29.09 18.02
C ALA B 297 -28.54 -28.77 18.25
N PRO B 298 -27.89 -29.41 19.26
CA PRO B 298 -26.56 -28.90 19.64
C PRO B 298 -25.36 -29.26 18.76
N GLY B 299 -25.49 -30.17 17.80
CA GLY B 299 -24.39 -30.45 16.90
C GLY B 299 -23.63 -31.73 17.16
N ALA B 300 -22.56 -31.94 16.41
CA ALA B 300 -21.87 -33.23 16.40
C ALA B 300 -20.38 -33.13 16.74
N ILE B 301 -19.97 -32.01 17.34
CA ILE B 301 -18.59 -31.87 17.79
C ILE B 301 -18.56 -31.87 19.32
N VAL B 302 -17.69 -32.68 19.90
CA VAL B 302 -17.58 -32.77 21.34
C VAL B 302 -16.12 -32.62 21.68
N SER B 303 -15.81 -31.87 22.75
CA SER B 303 -14.45 -31.84 23.24
C SER B 303 -14.42 -32.14 24.72
N PHE B 304 -13.25 -32.52 25.23
CA PHE B 304 -13.11 -32.90 26.63
C PHE B 304 -11.65 -32.89 27.06
N ASP B 305 -11.43 -32.62 28.34
CA ASP B 305 -10.08 -32.67 28.87
C ASP B 305 -9.74 -34.07 29.33
N TYR B 306 -8.73 -34.65 28.71
CA TYR B 306 -8.27 -35.98 29.06
C TYR B 306 -7.27 -35.92 30.23
N LEU B 307 -7.44 -36.80 31.20
CA LEU B 307 -6.66 -36.76 32.45
C LEU B 307 -5.72 -37.95 32.65
N GLY B 308 -5.87 -38.98 31.83
CA GLY B 308 -5.15 -40.22 32.08
C GLY B 308 -3.86 -40.41 31.32
N GLY B 309 -3.06 -39.35 31.20
CA GLY B 309 -1.77 -39.42 30.56
C GLY B 309 -1.66 -38.59 29.29
N PRO B 310 -0.50 -38.67 28.62
CA PRO B 310 -0.27 -37.87 27.41
C PRO B 310 -1.34 -38.09 26.33
N ALA B 311 -1.91 -37.00 25.83
CA ALA B 311 -2.86 -37.05 24.74
C ALA B 311 -2.27 -37.82 23.57
N GLU B 312 -0.96 -37.67 23.36
CA GLU B 312 -0.32 -38.33 22.23
C GLU B 312 -0.40 -39.86 22.31
N ARG B 313 -0.53 -40.42 23.50
CA ARG B 313 -0.71 -41.86 23.62
C ARG B 313 -2.16 -42.28 23.42
N LEU B 314 -3.07 -41.47 23.94
CA LEU B 314 -4.50 -41.75 23.80
C LEU B 314 -4.89 -41.88 22.33
N LEU B 315 -4.42 -40.94 21.50
CA LEU B 315 -4.79 -40.89 20.09
C LEU B 315 -4.57 -42.22 19.33
N ASP B 316 -3.49 -42.93 19.68
CA ASP B 316 -3.17 -44.19 19.02
C ASP B 316 -3.91 -45.40 19.58
N ARG B 317 -4.78 -45.18 20.55
CA ARG B 317 -5.55 -46.26 21.14
C ARG B 317 -6.91 -46.46 20.46
N PHE B 318 -7.26 -45.57 19.55
CA PHE B 318 -8.56 -45.70 18.87
C PHE B 318 -8.46 -46.70 17.72
N THR B 319 -9.50 -47.50 17.54
CA THR B 319 -9.50 -48.47 16.44
C THR B 319 -10.70 -48.27 15.54
N LEU B 320 -11.58 -47.36 15.94
CA LEU B 320 -12.73 -47.01 15.12
C LEU B 320 -12.74 -45.53 14.73
N PHE B 321 -12.66 -44.64 15.72
CA PHE B 321 -12.39 -43.23 15.43
C PHE B 321 -11.09 -43.19 14.65
N THR B 322 -11.04 -42.32 13.65
CA THR B 322 -9.82 -42.10 12.88
C THR B 322 -9.09 -40.84 13.38
N CYS B 323 -7.77 -40.91 13.53
CA CYS B 323 -7.01 -39.73 13.96
C CYS B 323 -6.52 -38.88 12.80
N GLY B 324 -7.00 -37.65 12.75
CA GLY B 324 -6.55 -36.72 11.74
C GLY B 324 -7.43 -35.50 11.79
N VAL B 325 -6.93 -34.39 11.28
CA VAL B 325 -7.73 -33.18 11.22
C VAL B 325 -8.76 -33.39 10.13
N SER B 326 -9.60 -32.36 9.96
CA SER B 326 -10.84 -32.38 9.17
C SER B 326 -12.01 -32.83 10.05
N LEU B 327 -13.20 -32.34 9.72
CA LEU B 327 -14.38 -32.62 10.53
C LEU B 327 -15.66 -32.79 9.71
N GLY B 328 -16.65 -33.42 10.33
CA GLY B 328 -18.00 -33.47 9.81
C GLY B 328 -18.37 -34.65 8.91
N GLY B 329 -17.39 -35.42 8.46
CA GLY B 329 -17.66 -36.51 7.53
C GLY B 329 -18.37 -37.73 8.13
N VAL B 330 -18.74 -38.67 7.27
CA VAL B 330 -19.35 -39.92 7.72
C VAL B 330 -18.44 -40.75 8.64
N HIS B 331 -17.12 -40.67 8.45
CA HIS B 331 -16.18 -41.36 9.34
C HIS B 331 -15.91 -40.49 10.56
N SER B 332 -16.00 -41.08 11.75
CA SER B 332 -15.72 -40.37 13.00
C SER B 332 -14.22 -40.05 13.12
N LEU B 333 -13.93 -38.82 13.56
CA LEU B 333 -12.56 -38.36 13.69
C LEU B 333 -12.26 -37.90 15.13
N VAL B 334 -11.02 -38.10 15.57
CA VAL B 334 -10.55 -37.58 16.84
C VAL B 334 -9.28 -36.76 16.53
N GLU B 335 -9.08 -35.63 17.23
CA GLU B 335 -7.79 -34.91 17.14
C GLU B 335 -7.54 -34.06 18.37
N CYS B 336 -6.26 -33.82 18.64
CA CYS B 336 -5.86 -33.01 19.77
C CYS B 336 -5.27 -31.68 19.29
N PRO B 337 -6.09 -30.61 19.33
CA PRO B 337 -5.71 -29.22 19.07
C PRO B 337 -4.29 -28.81 19.49
N ALA B 338 -3.80 -29.21 20.65
CA ALA B 338 -2.43 -28.87 21.01
C ALA B 338 -1.40 -29.64 20.18
N LEU B 339 -1.87 -30.63 19.41
CA LEU B 339 -0.95 -31.53 18.70
C LEU B 339 -0.81 -31.26 17.20
N MSE B 340 -1.84 -30.72 16.57
CA MSE B 340 -1.66 -30.41 15.15
C MSE B 340 -2.49 -29.23 14.61
O MSE B 340 -2.10 -28.59 13.63
CB MSE B 340 -1.88 -31.64 14.27
CG MSE B 340 -0.70 -31.93 13.38
SE MSE B 340 0.47 -33.36 13.97
CE MSE B 340 -0.93 -34.69 14.43
N THR B 341 -3.59 -28.95 15.29
CA THR B 341 -4.47 -27.84 14.98
C THR B 341 -3.88 -26.52 15.49
N HIS B 342 -3.93 -26.34 16.80
CA HIS B 342 -3.53 -25.09 17.43
C HIS B 342 -2.08 -25.13 17.87
N ARG B 343 -1.37 -26.16 17.46
CA ARG B 343 0.06 -26.19 17.67
C ARG B 343 0.73 -24.97 17.01
N PRO B 344 0.23 -24.53 15.83
CA PRO B 344 0.56 -23.20 15.28
C PRO B 344 0.36 -21.98 16.21
N LEU B 345 0.13 -22.22 17.49
CA LEU B 345 0.09 -21.13 18.46
C LEU B 345 1.19 -21.40 19.49
N SER B 346 1.73 -20.35 20.10
CA SER B 346 2.72 -20.56 21.14
C SER B 346 2.07 -21.30 22.29
N ALA B 347 2.89 -21.86 23.18
CA ALA B 347 2.37 -22.51 24.37
C ALA B 347 1.76 -21.43 25.24
N GLU B 348 2.26 -20.21 25.08
CA GLU B 348 1.73 -19.06 25.79
C GLU B 348 0.37 -18.70 25.22
N ALA B 349 0.26 -18.80 23.89
CA ALA B 349 -0.97 -18.51 23.18
C ALA B 349 -2.12 -19.46 23.57
N ARG B 350 -1.86 -20.77 23.62
CA ARG B 350 -2.97 -21.66 23.97
C ARG B 350 -3.32 -21.62 25.44
N ALA B 351 -2.40 -21.11 26.26
CA ALA B 351 -2.72 -20.81 27.65
C ALA B 351 -3.79 -19.72 27.68
N ARG B 352 -3.46 -18.56 27.11
CA ARG B 352 -4.38 -17.41 26.99
C ARG B 352 -5.80 -17.82 26.60
N ARG B 353 -5.90 -18.60 25.51
CA ARG B 353 -7.20 -18.93 24.94
C ARG B 353 -7.96 -19.98 25.75
N GLY B 354 -7.23 -20.76 26.55
CA GLY B 354 -7.84 -21.77 27.39
C GLY B 354 -7.88 -23.15 26.76
N ILE B 355 -6.96 -23.42 25.85
CA ILE B 355 -6.85 -24.76 25.26
C ILE B 355 -5.65 -25.51 25.85
N GLY B 356 -5.89 -26.24 26.93
CA GLY B 356 -4.86 -27.00 27.61
C GLY B 356 -4.20 -28.06 26.75
N GLU B 357 -3.10 -28.63 27.26
CA GLU B 357 -2.31 -29.60 26.51
C GLU B 357 -3.06 -30.89 26.18
N SER B 358 -4.05 -31.26 26.99
CA SER B 358 -4.72 -32.53 26.76
C SER B 358 -6.22 -32.44 26.48
N LEU B 359 -6.62 -31.40 25.75
CA LEU B 359 -7.99 -31.29 25.29
C LEU B 359 -8.18 -32.12 24.02
N ILE B 360 -9.17 -32.99 24.03
CA ILE B 360 -9.43 -33.88 22.91
C ILE B 360 -10.71 -33.44 22.23
N ARG B 361 -10.72 -33.46 20.90
CA ARG B 361 -11.94 -33.11 20.13
C ARG B 361 -12.41 -34.26 19.23
N LEU B 362 -13.71 -34.54 19.30
CA LEU B 362 -14.32 -35.61 18.52
C LEU B 362 -15.21 -35.00 17.45
N SER B 363 -15.07 -35.49 16.22
CA SER B 363 -16.05 -35.23 15.18
C SER B 363 -16.80 -36.52 14.95
N VAL B 364 -18.09 -36.51 15.24
CA VAL B 364 -18.87 -37.74 15.25
C VAL B 364 -19.45 -38.02 13.88
N GLY B 365 -19.11 -39.18 13.34
CA GLY B 365 -19.66 -39.61 12.07
C GLY B 365 -20.95 -40.39 12.24
N ILE B 366 -21.24 -41.28 11.31
CA ILE B 366 -22.52 -41.97 11.32
C ILE B 366 -22.44 -43.45 11.71
N GLU B 367 -21.32 -43.84 12.32
CA GLU B 367 -21.17 -45.22 12.83
C GLU B 367 -22.22 -45.55 13.91
N ASP B 368 -22.36 -46.84 14.22
CA ASP B 368 -23.23 -47.27 15.30
C ASP B 368 -22.76 -46.60 16.59
N PRO B 369 -23.71 -46.03 17.37
CA PRO B 369 -23.38 -45.28 18.59
C PRO B 369 -22.75 -46.17 19.66
N GLN B 370 -23.06 -47.47 19.63
CA GLN B 370 -22.42 -48.35 20.60
C GLN B 370 -20.97 -48.73 20.25
N ASP B 371 -20.65 -48.86 18.95
CA ASP B 371 -19.26 -49.13 18.56
C ASP B 371 -18.36 -47.92 18.83
N LEU B 372 -18.88 -46.73 18.54
CA LEU B 372 -18.14 -45.50 18.78
C LEU B 372 -17.89 -45.31 20.28
N ALA B 373 -18.92 -45.51 21.09
CA ALA B 373 -18.78 -45.38 22.54
C ALA B 373 -17.82 -46.44 23.10
N GLU B 374 -17.83 -47.63 22.51
CA GLU B 374 -16.93 -48.70 22.93
C GLU B 374 -15.48 -48.32 22.65
N ASP B 375 -15.23 -47.87 21.41
CA ASP B 375 -13.89 -47.45 20.99
C ASP B 375 -13.39 -46.35 21.94
N LEU B 376 -14.25 -45.40 22.25
CA LEU B 376 -13.88 -44.31 23.15
C LEU B 376 -13.54 -44.78 24.57
N SER B 377 -14.40 -45.61 25.16
CA SER B 377 -14.18 -46.10 26.52
C SER B 377 -12.92 -46.94 26.56
N ARG B 378 -12.71 -47.70 25.50
CA ARG B 378 -11.56 -48.56 25.36
C ARG B 378 -10.27 -47.72 25.36
N ALA B 379 -10.25 -46.68 24.53
CA ALA B 379 -9.08 -45.82 24.45
C ALA B 379 -8.79 -45.15 25.80
N LEU B 380 -9.84 -44.68 26.48
CA LEU B 380 -9.67 -43.96 27.74
C LEU B 380 -9.09 -44.83 28.87
N ALA B 381 -9.39 -46.13 28.85
CA ALA B 381 -9.04 -46.98 29.98
C ALA B 381 -7.64 -47.58 29.89
N GLY B 382 -7.07 -47.61 28.70
CA GLY B 382 -5.73 -48.13 28.51
C GLY B 382 -5.67 -49.62 28.24
N GLY B 383 -4.68 -50.27 28.84
CA GLY B 383 -4.28 -51.61 28.41
C GLY B 383 -4.81 -52.78 29.21
N GLY C 6 -14.57 -52.44 16.94
CA GLY C 6 -15.05 -53.12 15.76
C GLY C 6 -16.22 -52.42 15.09
N MSE C 7 -16.71 -53.00 14.01
CA MSE C 7 -17.97 -52.58 13.39
C MSE C 7 -19.20 -53.43 13.72
O MSE C 7 -19.12 -54.66 13.82
CB MSE C 7 -17.83 -52.49 11.86
CG MSE C 7 -17.65 -51.08 11.33
SE MSE C 7 -17.40 -51.15 9.38
CE MSE C 7 -16.28 -52.73 9.27
N ARG C 8 -20.34 -52.73 13.88
CA ARG C 8 -21.70 -53.23 13.72
C ARG C 8 -22.20 -52.84 12.33
N PHE C 9 -23.51 -52.58 12.16
CA PHE C 9 -24.10 -52.29 10.83
C PHE C 9 -23.94 -50.87 10.25
N GLY C 10 -24.53 -49.84 10.88
CA GLY C 10 -24.38 -48.47 10.40
C GLY C 10 -22.89 -48.15 10.41
N THR C 11 -22.24 -48.93 11.25
CA THR C 11 -20.82 -49.03 11.34
C THR C 11 -20.24 -49.74 10.09
N ARG C 12 -20.75 -50.94 9.78
CA ARG C 12 -20.34 -51.68 8.56
C ARG C 12 -20.43 -50.93 7.23
N LEU C 13 -21.37 -50.01 7.10
CA LEU C 13 -21.50 -49.27 5.87
C LEU C 13 -20.29 -48.34 5.69
N VAL C 14 -19.82 -47.79 6.81
CA VAL C 14 -18.74 -46.82 6.80
C VAL C 14 -17.35 -47.46 6.65
N HIS C 15 -17.07 -48.54 7.37
CA HIS C 15 -15.70 -49.06 7.36
C HIS C 15 -15.44 -50.41 6.68
N GLY C 16 -16.47 -51.06 6.13
CA GLY C 16 -16.27 -52.18 5.22
C GLY C 16 -15.41 -51.82 4.01
N GLY C 17 -14.53 -52.75 3.61
CA GLY C 17 -13.69 -52.57 2.44
C GLY C 17 -12.88 -51.29 2.36
N ARG C 18 -12.42 -50.78 3.50
CA ARG C 18 -11.70 -49.51 3.45
C ARG C 18 -10.19 -49.70 3.64
N ARG C 19 -9.52 -50.25 2.61
CA ARG C 19 -8.08 -50.53 2.70
C ARG C 19 -7.25 -49.22 2.98
N PRO C 20 -6.15 -49.32 3.76
CA PRO C 20 -5.33 -48.20 4.30
C PRO C 20 -4.01 -47.86 3.56
N SER C 21 -4.06 -46.90 2.63
CA SER C 21 -2.91 -46.47 1.85
C SER C 21 -1.63 -46.21 2.67
N ALA C 22 -0.62 -47.05 2.48
CA ALA C 22 0.66 -46.88 3.17
C ALA C 22 1.38 -45.64 2.66
N GLY C 23 2.04 -44.91 3.55
CA GLY C 23 2.75 -43.71 3.17
C GLY C 23 1.92 -42.44 3.23
N THR C 24 0.74 -42.46 2.60
CA THR C 24 -0.12 -41.29 2.47
C THR C 24 -1.30 -41.27 3.43
N GLY C 25 -1.96 -42.41 3.60
CA GLY C 25 -2.96 -42.57 4.65
C GLY C 25 -4.37 -42.09 4.34
N ASP C 26 -4.76 -42.17 3.07
CA ASP C 26 -6.09 -41.72 2.65
C ASP C 26 -7.18 -42.38 3.48
N VAL C 27 -8.05 -41.58 4.07
CA VAL C 27 -9.23 -42.12 4.75
C VAL C 27 -10.24 -42.73 3.75
N VAL C 28 -10.64 -41.95 2.75
CA VAL C 28 -11.42 -42.51 1.64
C VAL C 28 -10.42 -43.20 0.71
N PRO C 29 -10.66 -44.46 0.33
CA PRO C 29 -9.69 -45.08 -0.57
C PRO C 29 -9.62 -44.41 -1.93
N PRO C 30 -8.42 -44.34 -2.51
CA PRO C 30 -8.27 -43.74 -3.83
C PRO C 30 -8.96 -44.62 -4.88
N ILE C 31 -9.41 -44.01 -5.98
CA ILE C 31 -10.10 -44.74 -7.02
C ILE C 31 -9.10 -45.36 -8.01
N HIS C 32 -9.10 -46.68 -8.07
CA HIS C 32 -8.15 -47.42 -8.90
C HIS C 32 -8.71 -47.61 -10.31
N VAL C 33 -8.40 -46.69 -11.21
CA VAL C 33 -8.94 -46.75 -12.56
C VAL C 33 -8.06 -47.54 -13.54
N SER C 34 -6.82 -47.79 -13.16
CA SER C 34 -5.87 -48.44 -14.06
C SER C 34 -6.40 -49.83 -14.46
N THR C 35 -6.43 -50.09 -15.77
CA THR C 35 -6.87 -51.38 -16.28
C THR C 35 -5.68 -52.32 -16.23
N THR C 36 -4.52 -51.74 -15.97
CA THR C 36 -3.27 -52.40 -16.24
C THR C 36 -2.31 -52.28 -15.05
N TYR C 37 -1.56 -53.35 -14.79
CA TYR C 37 -0.67 -53.37 -13.62
C TYR C 37 0.74 -53.85 -13.95
N GLU C 38 1.72 -53.31 -13.21
CA GLU C 38 3.12 -53.71 -13.34
C GLU C 38 3.39 -54.87 -12.38
N ARG C 39 4.21 -55.82 -12.80
CA ARG C 39 4.35 -57.09 -12.08
C ARG C 39 5.74 -57.32 -11.46
N ARG C 40 6.72 -56.49 -11.83
CA ARG C 40 8.07 -56.52 -11.23
C ARG C 40 8.24 -55.46 -10.13
N ALA C 41 7.13 -55.04 -9.55
CA ALA C 41 7.08 -53.95 -8.58
C ALA C 41 6.16 -54.41 -7.45
N GLN C 42 5.71 -55.66 -7.59
CA GLN C 42 4.68 -56.22 -6.71
C GLN C 42 5.30 -57.20 -5.73
N ASP C 43 5.28 -56.84 -4.46
CA ASP C 43 5.78 -57.74 -3.41
C ASP C 43 5.05 -59.08 -3.52
N GLU C 44 3.74 -59.10 -3.25
CA GLU C 44 2.93 -60.26 -3.61
C GLU C 44 1.98 -59.96 -4.78
N PRO C 45 2.11 -60.75 -5.87
CA PRO C 45 1.42 -60.46 -7.12
C PRO C 45 -0.08 -60.76 -7.16
N ARG C 46 -0.90 -59.74 -7.02
CA ARG C 46 -2.29 -59.88 -7.47
C ARG C 46 -2.42 -58.91 -8.62
N TYR C 47 -3.65 -58.61 -9.03
CA TYR C 47 -3.90 -57.49 -9.95
C TYR C 47 -3.08 -57.54 -11.23
N PHE C 48 -3.70 -57.96 -12.32
CA PHE C 48 -2.96 -58.02 -13.58
C PHE C 48 -3.69 -57.21 -14.64
N TYR C 49 -4.98 -57.45 -14.74
CA TYR C 49 -5.79 -56.79 -15.73
C TYR C 49 -7.09 -56.47 -15.05
N GLY C 50 -7.65 -55.30 -15.35
CA GLY C 50 -8.83 -54.78 -14.69
C GLY C 50 -10.04 -55.68 -14.66
N ARG C 51 -10.26 -56.44 -15.72
CA ARG C 51 -11.42 -57.34 -15.78
C ARG C 51 -11.33 -58.44 -14.70
N GLY C 52 -10.11 -58.90 -14.41
CA GLY C 52 -9.92 -59.92 -13.39
C GLY C 52 -9.89 -59.35 -11.98
N GLU C 53 -9.08 -58.31 -11.78
CA GLU C 53 -8.78 -57.80 -10.45
C GLU C 53 -8.77 -56.28 -10.44
N ASN C 54 -9.40 -55.69 -9.43
CA ASN C 54 -9.35 -54.25 -9.20
C ASN C 54 -9.56 -53.98 -7.72
N PRO C 55 -8.67 -53.17 -7.13
CA PRO C 55 -8.75 -52.96 -5.68
C PRO C 55 -10.04 -52.23 -5.26
N THR C 56 -10.47 -51.25 -6.06
CA THR C 56 -11.66 -50.49 -5.75
C THR C 56 -12.90 -51.38 -5.83
N ARG C 57 -12.92 -52.27 -6.81
CA ARG C 57 -13.96 -53.29 -6.88
C ARG C 57 -13.96 -54.19 -5.64
N GLU C 58 -12.80 -54.77 -5.34
CA GLU C 58 -12.65 -55.67 -4.20
C GLU C 58 -13.06 -55.00 -2.88
N GLU C 59 -12.81 -53.70 -2.79
CA GLU C 59 -13.18 -52.96 -1.58
C GLU C 59 -14.69 -52.86 -1.41
N LEU C 60 -15.39 -52.62 -2.52
CA LEU C 60 -16.86 -52.62 -2.48
C LEU C 60 -17.40 -54.02 -2.11
N GLU C 61 -16.86 -55.05 -2.77
CA GLU C 61 -17.28 -56.43 -2.52
C GLU C 61 -17.07 -56.78 -1.06
N GLU C 62 -15.96 -56.30 -0.53
CA GLU C 62 -15.66 -56.51 0.86
C GLU C 62 -16.70 -55.87 1.76
N CYS C 63 -17.12 -54.66 1.39
CA CYS C 63 -18.15 -53.97 2.14
C CYS C 63 -19.43 -54.79 2.15
N LEU C 64 -19.92 -55.15 0.97
CA LEU C 64 -21.19 -55.90 0.83
C LEU C 64 -21.21 -57.21 1.60
N ALA C 65 -20.14 -58.00 1.46
CA ALA C 65 -20.01 -59.27 2.17
C ALA C 65 -20.17 -59.06 3.67
N GLY C 66 -19.52 -58.00 4.18
CA GLY C 66 -19.58 -57.67 5.59
C GLY C 66 -20.97 -57.40 6.12
N LEU C 67 -21.84 -56.82 5.29
CA LEU C 67 -23.19 -56.48 5.73
C LEU C 67 -24.02 -57.73 6.00
N GLU C 68 -23.46 -58.89 5.67
CA GLU C 68 -24.17 -60.16 5.76
C GLU C 68 -23.36 -61.24 6.47
N ARG C 69 -22.25 -60.82 7.07
CA ARG C 69 -21.35 -61.73 7.80
C ARG C 69 -20.92 -62.91 6.92
N ALA C 70 -20.59 -62.59 5.68
CA ALA C 70 -20.35 -63.61 4.67
C ALA C 70 -18.92 -63.54 4.14
N PRO C 71 -18.34 -64.68 3.74
CA PRO C 71 -16.96 -64.65 3.25
C PRO C 71 -16.81 -64.04 1.84
N PHE C 72 -17.86 -64.05 1.03
CA PHE C 72 -17.70 -63.64 -0.36
C PHE C 72 -18.80 -62.69 -0.88
N ALA C 73 -18.37 -61.78 -1.76
CA ALA C 73 -19.28 -61.02 -2.60
C ALA C 73 -18.61 -60.76 -3.93
N THR C 74 -19.42 -60.65 -4.97
CA THR C 74 -18.93 -60.35 -6.30
C THR C 74 -19.84 -59.27 -6.87
N VAL C 75 -19.27 -58.20 -7.42
CA VAL C 75 -20.08 -57.13 -8.01
C VAL C 75 -20.09 -57.13 -9.54
N PHE C 76 -21.14 -56.55 -10.11
CA PHE C 76 -21.41 -56.62 -11.53
C PHE C 76 -21.86 -55.27 -12.10
N SER C 77 -21.71 -55.13 -13.40
CA SER C 77 -22.20 -54.00 -14.19
C SER C 77 -23.70 -53.67 -14.04
N SER C 78 -24.48 -54.55 -13.42
CA SER C 78 -25.91 -54.33 -13.22
C SER C 78 -26.49 -55.49 -12.44
N GLY C 79 -27.70 -55.31 -11.90
CA GLY C 79 -28.41 -56.39 -11.27
C GLY C 79 -28.73 -57.54 -12.22
N GLN C 80 -29.16 -57.21 -13.44
CA GLN C 80 -29.39 -58.25 -14.43
C GLN C 80 -28.14 -59.11 -14.62
N ALA C 81 -26.97 -58.47 -14.57
CA ALA C 81 -25.71 -59.19 -14.79
C ALA C 81 -25.45 -60.21 -13.69
N ALA C 82 -25.75 -59.84 -12.45
CA ALA C 82 -25.59 -60.74 -11.32
C ALA C 82 -26.51 -61.94 -11.50
N ALA C 83 -27.77 -61.66 -11.80
CA ALA C 83 -28.74 -62.71 -12.01
C ALA C 83 -28.32 -63.63 -13.17
N ALA C 84 -27.84 -63.04 -14.26
CA ALA C 84 -27.39 -63.82 -15.41
C ALA C 84 -26.26 -64.76 -15.00
N THR C 85 -25.41 -64.28 -14.10
CA THR C 85 -24.29 -65.07 -13.63
C THR C 85 -24.74 -66.37 -12.93
N LEU C 86 -25.80 -66.27 -12.12
CA LEU C 86 -26.27 -67.44 -11.37
C LEU C 86 -26.92 -68.46 -12.32
N LEU C 87 -27.78 -67.98 -13.22
CA LEU C 87 -28.43 -68.83 -14.21
C LEU C 87 -27.45 -69.64 -15.05
N SER C 88 -26.35 -69.00 -15.43
CA SER C 88 -25.33 -69.64 -16.25
C SER C 88 -24.81 -70.92 -15.61
N LEU C 89 -24.89 -71.02 -14.29
CA LEU C 89 -24.35 -72.17 -13.58
C LEU C 89 -25.34 -73.34 -13.56
N VAL C 90 -26.60 -73.03 -13.85
CA VAL C 90 -27.61 -74.06 -14.03
C VAL C 90 -27.30 -74.73 -15.36
N ARG C 91 -27.63 -76.00 -15.48
CA ARG C 91 -27.31 -76.75 -16.68
C ARG C 91 -28.54 -77.15 -17.49
N PRO C 92 -28.37 -77.24 -18.82
CA PRO C 92 -29.46 -77.74 -19.66
C PRO C 92 -29.85 -79.11 -19.16
N GLY C 93 -31.14 -79.32 -18.91
CA GLY C 93 -31.60 -80.58 -18.35
C GLY C 93 -31.93 -80.43 -16.88
N GLN C 94 -31.49 -79.32 -16.30
CA GLN C 94 -31.79 -79.03 -14.91
C GLN C 94 -32.97 -78.07 -14.79
N CYS C 95 -33.42 -77.86 -13.55
CA CYS C 95 -34.67 -77.17 -13.32
C CYS C 95 -34.54 -76.04 -12.29
N VAL C 96 -35.20 -74.91 -12.56
CA VAL C 96 -35.29 -73.80 -11.62
C VAL C 96 -36.75 -73.51 -11.30
N VAL C 97 -37.04 -73.29 -10.02
CA VAL C 97 -38.36 -72.86 -9.58
C VAL C 97 -38.31 -71.40 -9.14
N SER C 98 -39.34 -70.63 -9.47
CA SER C 98 -39.44 -69.25 -9.06
C SER C 98 -40.89 -68.83 -8.84
N THR C 99 -41.10 -67.58 -8.43
CA THR C 99 -42.44 -67.01 -8.44
C THR C 99 -42.87 -66.72 -9.88
N ASP C 100 -44.17 -66.81 -10.13
CA ASP C 100 -44.78 -66.57 -11.44
C ASP C 100 -44.89 -65.06 -11.63
N ASP C 101 -44.12 -64.32 -10.84
CA ASP C 101 -44.27 -62.88 -10.66
C ASP C 101 -42.96 -62.14 -10.36
N VAL C 102 -41.83 -62.64 -10.83
CA VAL C 102 -40.57 -61.94 -10.58
C VAL C 102 -40.52 -60.63 -11.32
N TYR C 103 -39.40 -59.93 -11.13
CA TYR C 103 -39.03 -58.76 -11.90
C TYR C 103 -38.86 -59.16 -13.37
N ALA C 104 -39.50 -58.44 -14.30
CA ALA C 104 -39.54 -58.88 -15.72
C ALA C 104 -38.15 -58.99 -16.35
N GLY C 105 -37.17 -58.35 -15.72
CA GLY C 105 -35.80 -58.52 -16.14
C GLY C 105 -35.39 -59.93 -15.79
N THR C 106 -35.66 -60.33 -14.55
CA THR C 106 -35.29 -61.64 -14.05
C THR C 106 -35.96 -62.73 -14.88
N ASP C 107 -37.26 -62.58 -15.13
CA ASP C 107 -37.94 -63.55 -15.96
C ASP C 107 -37.49 -63.41 -17.41
N GLY C 108 -36.91 -62.26 -17.75
CA GLY C 108 -36.32 -62.08 -19.06
C GLY C 108 -35.17 -63.07 -19.19
N LEU C 109 -34.39 -63.16 -18.11
CA LEU C 109 -33.29 -64.12 -18.07
C LEU C 109 -33.77 -65.57 -18.12
N PHE C 110 -34.91 -65.85 -17.50
CA PHE C 110 -35.45 -67.22 -17.51
C PHE C 110 -35.76 -67.66 -18.94
N ASP C 111 -36.33 -66.75 -19.74
CA ASP C 111 -36.65 -67.05 -21.14
C ASP C 111 -35.39 -67.33 -21.93
N LEU C 112 -34.29 -66.71 -21.52
CA LEU C 112 -33.01 -66.88 -22.21
C LEU C 112 -32.44 -68.26 -21.87
N ALA C 113 -32.49 -68.62 -20.60
CA ALA C 113 -31.94 -69.90 -20.17
C ALA C 113 -32.73 -71.08 -20.76
N ALA C 114 -34.04 -70.88 -20.96
CA ALA C 114 -34.86 -71.95 -21.52
C ALA C 114 -34.46 -72.28 -22.95
N ARG C 115 -33.93 -71.30 -23.68
CA ARG C 115 -33.52 -71.59 -25.05
C ARG C 115 -32.18 -72.31 -25.10
N GLN C 116 -31.52 -72.42 -23.95
CA GLN C 116 -30.31 -73.24 -23.89
C GLN C 116 -30.57 -74.67 -23.42
N GLY C 117 -31.76 -74.92 -22.88
CA GLY C 117 -32.07 -76.24 -22.35
C GLY C 117 -32.45 -76.27 -20.88
N VAL C 118 -32.51 -75.09 -20.27
CA VAL C 118 -32.93 -74.97 -18.88
C VAL C 118 -34.44 -75.06 -18.75
N ARG C 119 -34.93 -76.07 -18.06
CA ARG C 119 -36.34 -76.13 -17.78
C ARG C 119 -36.62 -75.21 -16.60
N VAL C 120 -37.58 -74.31 -16.78
CA VAL C 120 -37.94 -73.37 -15.75
C VAL C 120 -39.31 -73.72 -15.22
N ARG C 121 -39.41 -73.97 -13.92
CA ARG C 121 -40.68 -74.37 -13.32
C ARG C 121 -41.26 -73.27 -12.47
N TYR C 122 -42.50 -72.90 -12.72
CA TYR C 122 -43.13 -71.86 -11.91
C TYR C 122 -44.02 -72.47 -10.82
N ALA C 123 -44.14 -71.79 -9.69
CA ALA C 123 -44.96 -72.30 -8.58
C ALA C 123 -45.42 -71.25 -7.58
N ASP C 124 -46.19 -71.69 -6.59
CA ASP C 124 -46.57 -70.84 -5.47
C ASP C 124 -45.73 -71.25 -4.27
N LEU C 125 -45.07 -70.29 -3.66
CA LEU C 125 -44.14 -70.55 -2.56
C LEU C 125 -44.67 -70.03 -1.23
N THR C 126 -45.96 -70.23 -0.97
CA THR C 126 -46.63 -69.64 0.20
C THR C 126 -47.50 -70.64 0.99
N THR C 127 -47.83 -71.77 0.36
CA THR C 127 -48.78 -72.75 0.91
C THR C 127 -48.11 -74.10 1.22
N PRO C 128 -48.67 -74.86 2.18
CA PRO C 128 -48.04 -76.14 2.51
C PRO C 128 -48.53 -77.25 1.58
N GLU C 129 -49.49 -76.91 0.73
CA GLU C 129 -49.80 -77.71 -0.44
C GLU C 129 -48.80 -77.40 -1.56
N GLY C 130 -48.46 -76.12 -1.73
CA GLY C 130 -47.80 -75.68 -2.95
C GLY C 130 -46.30 -75.84 -3.06
N ILE C 131 -45.59 -75.51 -1.99
CA ILE C 131 -44.13 -75.55 -1.98
C ILE C 131 -43.69 -76.98 -2.26
N ALA C 132 -44.54 -77.91 -1.82
CA ALA C 132 -44.39 -79.34 -2.13
C ALA C 132 -44.49 -79.63 -3.63
N ALA C 133 -45.44 -78.97 -4.30
CA ALA C 133 -45.67 -79.21 -5.73
C ALA C 133 -44.57 -78.61 -6.61
N ALA C 134 -43.59 -77.94 -5.99
CA ALA C 134 -42.55 -77.23 -6.73
C ALA C 134 -41.18 -77.82 -6.51
N LEU C 135 -40.95 -78.36 -5.33
CA LEU C 135 -39.68 -78.99 -5.06
C LEU C 135 -39.80 -80.49 -5.30
N ALA C 136 -40.89 -80.88 -5.95
CA ALA C 136 -41.09 -82.28 -6.36
C ALA C 136 -40.71 -82.48 -7.83
N GLU C 137 -40.48 -81.39 -8.56
CA GLU C 137 -39.99 -81.52 -9.92
C GLU C 137 -38.55 -81.99 -9.89
N PRO C 138 -38.25 -83.05 -10.65
CA PRO C 138 -36.96 -83.75 -10.60
C PRO C 138 -35.80 -82.89 -11.07
N ASP C 139 -34.58 -83.29 -10.72
CA ASP C 139 -33.37 -82.56 -11.13
C ASP C 139 -33.36 -81.07 -10.74
N LEU C 140 -34.24 -80.69 -9.82
CA LEU C 140 -34.33 -79.31 -9.35
C LEU C 140 -32.95 -78.82 -8.91
N ALA C 141 -32.49 -77.71 -9.49
CA ALA C 141 -31.13 -77.24 -9.21
C ALA C 141 -31.08 -75.87 -8.53
N LEU C 142 -32.12 -75.06 -8.71
CA LEU C 142 -32.10 -73.69 -8.19
C LEU C 142 -33.49 -73.20 -7.78
N VAL C 143 -33.59 -72.64 -6.57
CA VAL C 143 -34.85 -72.06 -6.10
C VAL C 143 -34.70 -70.55 -5.98
N TRP C 144 -35.49 -69.83 -6.77
CA TRP C 144 -35.32 -68.40 -6.95
C TRP C 144 -36.42 -67.64 -6.23
N ILE C 145 -36.06 -66.84 -5.23
CA ILE C 145 -37.04 -66.18 -4.39
C ILE C 145 -36.87 -64.67 -4.36
N GLU C 146 -37.94 -63.95 -4.66
CA GLU C 146 -37.91 -62.51 -4.58
C GLU C 146 -38.94 -62.13 -3.52
N THR C 147 -38.51 -61.44 -2.47
CA THR C 147 -39.42 -61.20 -1.35
C THR C 147 -39.05 -59.94 -0.54
N PRO C 148 -39.97 -58.97 -0.43
CA PRO C 148 -41.32 -59.02 -1.02
C PRO C 148 -41.30 -58.86 -2.53
N THR C 149 -42.30 -59.46 -3.19
CA THR C 149 -42.42 -59.36 -4.63
C THR C 149 -43.08 -58.03 -4.98
N ASN C 150 -43.16 -57.76 -6.28
CA ASN C 150 -43.87 -56.61 -6.80
C ASN C 150 -44.76 -57.07 -7.94
N PRO C 151 -45.91 -56.39 -8.12
CA PRO C 151 -46.34 -55.21 -7.36
C PRO C 151 -47.28 -55.47 -6.17
N LEU C 152 -47.51 -56.72 -5.77
CA LEU C 152 -48.46 -56.96 -4.69
C LEU C 152 -47.84 -57.14 -3.30
N LEU C 153 -46.51 -57.04 -3.23
CA LEU C 153 -45.80 -57.01 -1.94
C LEU C 153 -46.02 -58.30 -1.13
N THR C 154 -46.25 -59.39 -1.84
CA THR C 154 -46.36 -60.70 -1.22
C THR C 154 -44.99 -61.14 -0.69
N VAL C 155 -45.01 -61.99 0.32
CA VAL C 155 -43.77 -62.37 1.00
C VAL C 155 -43.65 -63.88 1.10
N VAL C 156 -42.45 -64.39 0.85
CA VAL C 156 -42.17 -65.82 0.90
C VAL C 156 -41.26 -66.14 2.10
N ASP C 157 -41.53 -67.26 2.78
CA ASP C 157 -40.77 -67.64 3.96
C ASP C 157 -39.41 -68.21 3.53
N VAL C 158 -38.37 -67.40 3.63
CA VAL C 158 -37.06 -67.81 3.15
C VAL C 158 -36.50 -69.02 3.91
N ALA C 159 -36.66 -69.03 5.23
CA ALA C 159 -36.19 -70.17 6.03
C ALA C 159 -36.88 -71.46 5.64
N GLU C 160 -38.21 -71.43 5.57
CA GLU C 160 -38.96 -72.63 5.24
C GLU C 160 -38.65 -73.15 3.84
N VAL C 161 -38.64 -72.25 2.85
CA VAL C 161 -38.39 -72.67 1.49
C VAL C 161 -37.02 -73.33 1.38
N SER C 162 -36.03 -72.79 2.08
CA SER C 162 -34.67 -73.31 1.98
C SER C 162 -34.52 -74.69 2.62
N ARG C 163 -35.11 -74.84 3.81
CA ARG C 163 -35.20 -76.12 4.52
C ARG C 163 -35.54 -77.26 3.53
N ARG C 164 -36.67 -77.14 2.84
CA ARG C 164 -37.11 -78.19 1.91
C ARG C 164 -36.25 -78.29 0.65
N ALA C 165 -35.77 -77.16 0.13
CA ALA C 165 -34.94 -77.19 -1.07
C ALA C 165 -33.68 -77.99 -0.75
N HIS C 166 -33.08 -77.68 0.39
CA HIS C 166 -31.82 -78.28 0.78
C HIS C 166 -31.97 -79.77 1.06
N GLU C 167 -33.20 -80.23 1.23
CA GLU C 167 -33.49 -81.65 1.39
C GLU C 167 -33.43 -82.39 0.04
N ARG C 168 -33.21 -81.63 -1.04
CA ARG C 168 -32.99 -82.22 -2.37
C ARG C 168 -31.69 -81.67 -2.97
N GLY C 169 -30.88 -81.02 -2.14
CA GLY C 169 -29.57 -80.53 -2.56
C GLY C 169 -29.57 -79.26 -3.40
N ALA C 170 -30.73 -78.66 -3.60
CA ALA C 170 -30.85 -77.49 -4.46
C ALA C 170 -30.36 -76.19 -3.82
N ARG C 171 -29.80 -75.32 -4.66
CA ARG C 171 -29.33 -74.00 -4.24
C ARG C 171 -30.49 -73.01 -4.13
N VAL C 172 -30.44 -72.12 -3.13
CA VAL C 172 -31.49 -71.13 -2.95
C VAL C 172 -30.95 -69.70 -3.04
N VAL C 173 -31.49 -68.92 -3.98
CA VAL C 173 -31.15 -67.50 -4.07
C VAL C 173 -32.33 -66.63 -3.68
N VAL C 174 -32.05 -65.57 -2.95
CA VAL C 174 -33.04 -64.55 -2.70
C VAL C 174 -32.63 -63.23 -3.36
N ASP C 175 -33.50 -62.72 -4.23
CA ASP C 175 -33.37 -61.35 -4.72
C ASP C 175 -33.81 -60.41 -3.59
N ASN C 176 -32.84 -59.78 -2.95
CA ASN C 176 -33.09 -58.98 -1.76
C ASN C 176 -33.00 -57.48 -2.04
N THR C 177 -33.09 -57.14 -3.33
CA THR C 177 -33.02 -55.76 -3.80
C THR C 177 -34.04 -54.89 -3.07
N PHE C 178 -35.29 -55.34 -3.08
CA PHE C 178 -36.40 -54.59 -2.52
C PHE C 178 -36.13 -54.30 -1.05
N ALA C 179 -35.70 -55.30 -0.29
CA ALA C 179 -35.60 -55.14 1.15
C ALA C 179 -34.29 -54.46 1.62
N SER C 180 -33.20 -54.74 0.89
CA SER C 180 -31.83 -54.35 1.26
C SER C 180 -31.36 -55.14 2.48
N PRO C 181 -30.02 -55.27 2.65
CA PRO C 181 -29.48 -55.99 3.80
C PRO C 181 -29.83 -55.31 5.13
N VAL C 182 -30.21 -54.04 5.10
CA VAL C 182 -30.67 -53.35 6.29
C VAL C 182 -31.87 -54.05 6.91
N LEU C 183 -32.77 -54.57 6.08
CA LEU C 183 -34.05 -55.09 6.59
C LEU C 183 -34.22 -56.60 6.50
N GLN C 184 -33.45 -57.23 5.64
CA GLN C 184 -33.62 -58.65 5.44
C GLN C 184 -32.27 -59.30 5.20
N GLN C 185 -32.04 -60.42 5.87
CA GLN C 185 -30.76 -61.09 5.81
C GLN C 185 -30.93 -62.53 5.31
N PRO C 186 -31.03 -62.70 3.97
CA PRO C 186 -31.33 -64.00 3.35
C PRO C 186 -30.40 -65.14 3.78
N LEU C 187 -29.09 -64.88 3.87
CA LEU C 187 -28.14 -65.90 4.29
C LEU C 187 -28.37 -66.34 5.74
N ALA C 188 -28.90 -65.45 6.57
CA ALA C 188 -29.24 -65.82 7.94
C ALA C 188 -30.49 -66.68 7.99
N LEU C 189 -31.36 -66.51 7.00
CA LEU C 189 -32.57 -67.33 6.94
C LEU C 189 -32.34 -68.70 6.27
N GLY C 190 -31.12 -68.95 5.81
CA GLY C 190 -30.80 -70.24 5.23
C GLY C 190 -30.60 -70.28 3.72
N ALA C 191 -30.80 -69.15 3.06
CA ALA C 191 -30.56 -69.08 1.62
C ALA C 191 -29.08 -69.25 1.29
N ASP C 192 -28.79 -69.69 0.07
CA ASP C 192 -27.40 -69.87 -0.37
C ASP C 192 -26.77 -68.57 -0.89
N VAL C 193 -27.59 -67.70 -1.46
CA VAL C 193 -27.10 -66.46 -2.06
C VAL C 193 -28.07 -65.31 -1.75
N SER C 194 -27.54 -64.10 -1.67
CA SER C 194 -28.37 -62.91 -1.78
C SER C 194 -28.02 -62.22 -3.07
N LEU C 195 -29.04 -61.91 -3.86
CA LEU C 195 -28.86 -61.16 -5.09
C LEU C 195 -29.35 -59.72 -4.89
N TYR C 196 -28.58 -58.78 -5.43
CA TYR C 196 -28.95 -57.37 -5.38
C TYR C 196 -28.72 -56.69 -6.72
N SER C 197 -29.71 -55.91 -7.13
CA SER C 197 -29.37 -54.76 -7.94
C SER C 197 -28.85 -53.75 -6.92
N THR C 198 -27.70 -53.14 -7.19
CA THR C 198 -27.23 -52.09 -6.32
C THR C 198 -27.69 -50.74 -6.85
N THR C 199 -28.24 -50.76 -8.07
CA THR C 199 -28.85 -49.61 -8.72
C THR C 199 -29.93 -48.95 -7.85
N1 LLP C 200 -34.36 -57.59 -9.38
C2 LLP C 200 -34.97 -56.60 -8.75
C2' LLP C 200 -36.06 -56.88 -7.67
C3 LLP C 200 -34.64 -55.26 -9.09
O3 LLP C 200 -35.31 -54.23 -8.40
C4 LLP C 200 -33.68 -54.97 -10.05
C4' LLP C 200 -33.36 -53.41 -10.38
C5 LLP C 200 -33.05 -56.02 -10.70
C6 LLP C 200 -33.39 -57.34 -10.36
C5' LLP C 200 -31.95 -55.86 -11.81
OP4 LLP C 200 -31.04 -54.81 -11.56
P LLP C 200 -30.53 -53.87 -12.71
OP1 LLP C 200 -29.39 -53.06 -12.06
OP2 LLP C 200 -30.05 -54.71 -13.84
OP3 LLP C 200 -31.61 -52.99 -13.22
N LLP C 200 -30.50 -49.75 -6.95
CA LLP C 200 -31.63 -49.28 -6.12
CB LLP C 200 -32.63 -50.39 -5.92
CG LLP C 200 -32.87 -51.18 -7.20
CD LLP C 200 -33.61 -50.37 -8.27
CE LLP C 200 -33.56 -51.14 -9.61
NZ LLP C 200 -33.95 -52.55 -9.40
C LLP C 200 -31.15 -48.68 -4.83
O LLP C 200 -30.30 -47.80 -4.85
N SER C 201 -31.67 -49.13 -3.70
CA SER C 201 -31.41 -48.45 -2.44
C SER C 201 -29.95 -48.47 -2.00
N ILE C 202 -29.19 -49.44 -2.46
CA ILE C 202 -27.84 -49.64 -1.96
C ILE C 202 -26.91 -48.51 -2.45
N ALA C 203 -26.90 -48.24 -3.76
CA ALA C 203 -26.22 -47.03 -4.23
C ALA C 203 -27.08 -45.81 -3.87
N GLY C 204 -28.38 -45.90 -4.17
CA GLY C 204 -29.38 -45.06 -3.50
C GLY C 204 -29.61 -43.64 -4.02
N HIS C 205 -28.91 -43.25 -5.08
CA HIS C 205 -28.98 -41.87 -5.58
C HIS C 205 -29.29 -41.81 -7.07
N ALA C 206 -29.75 -42.93 -7.62
CA ALA C 206 -30.19 -43.00 -9.01
C ALA C 206 -29.18 -42.50 -10.04
N ASP C 207 -27.89 -42.77 -9.80
CA ASP C 207 -26.84 -42.24 -10.68
C ASP C 207 -25.78 -43.26 -11.11
N VAL C 208 -26.08 -44.55 -10.92
CA VAL C 208 -25.19 -45.63 -11.31
C VAL C 208 -25.94 -46.98 -11.38
N LEU C 209 -25.63 -47.81 -12.36
CA LEU C 209 -26.17 -49.16 -12.41
C LEU C 209 -25.13 -50.09 -11.81
N GLY C 210 -25.60 -51.12 -11.11
CA GLY C 210 -24.71 -52.10 -10.52
C GLY C 210 -25.48 -53.32 -10.00
N GLY C 211 -24.78 -54.43 -9.88
CA GLY C 211 -25.34 -55.62 -9.29
C GLY C 211 -24.38 -56.25 -8.29
N ALA C 212 -24.91 -57.13 -7.44
CA ALA C 212 -24.07 -57.89 -6.51
C ALA C 212 -24.66 -59.26 -6.18
N LEU C 213 -23.76 -60.19 -5.88
CA LEU C 213 -24.11 -61.47 -5.29
C LEU C 213 -23.32 -61.61 -4.00
N VAL C 214 -23.98 -62.07 -2.96
CA VAL C 214 -23.34 -62.30 -1.67
C VAL C 214 -23.67 -63.72 -1.23
N TYR C 215 -22.65 -64.47 -0.82
CA TYR C 215 -22.78 -65.92 -0.62
C TYR C 215 -21.62 -66.44 0.25
N ARG C 216 -21.65 -67.72 0.60
CA ARG C 216 -20.60 -68.26 1.46
C ARG C 216 -19.80 -69.43 0.86
N ASP C 217 -20.33 -69.99 -0.22
CA ASP C 217 -19.82 -71.26 -0.75
C ASP C 217 -18.59 -71.06 -1.66
N ALA C 218 -17.48 -71.72 -1.30
CA ALA C 218 -16.22 -71.54 -2.02
C ALA C 218 -16.26 -72.06 -3.46
N ASP C 219 -16.92 -73.20 -3.67
CA ASP C 219 -17.15 -73.74 -5.01
C ASP C 219 -17.85 -72.68 -5.84
N LEU C 220 -18.94 -72.16 -5.29
CA LEU C 220 -19.73 -71.13 -5.95
C LEU C 220 -18.87 -69.91 -6.28
N HIS C 221 -18.07 -69.47 -5.31
CA HIS C 221 -17.22 -68.30 -5.50
C HIS C 221 -16.32 -68.44 -6.75
N ALA C 222 -15.63 -69.57 -6.87
CA ALA C 222 -14.75 -69.83 -8.00
C ALA C 222 -15.52 -69.80 -9.32
N ALA C 223 -16.71 -70.40 -9.33
CA ALA C 223 -17.54 -70.46 -10.53
C ALA C 223 -18.07 -69.08 -10.94
N VAL C 224 -18.48 -68.29 -9.94
CA VAL C 224 -19.00 -66.95 -10.17
C VAL C 224 -17.93 -66.02 -10.76
N ARG C 225 -16.72 -66.09 -10.19
CA ARG C 225 -15.62 -65.24 -10.62
C ARG C 225 -15.13 -65.63 -12.01
N ALA C 226 -15.05 -66.94 -12.28
CA ALA C 226 -14.64 -67.38 -13.60
C ALA C 226 -15.61 -66.87 -14.65
N TYR C 227 -16.91 -67.01 -14.41
CA TYR C 227 -17.90 -66.50 -15.35
C TYR C 227 -17.81 -64.97 -15.57
N ARG C 228 -17.74 -64.19 -14.49
CA ARG C 228 -17.65 -62.74 -14.63
C ARG C 228 -16.42 -62.37 -15.45
N THR C 229 -15.32 -63.04 -15.19
CA THR C 229 -14.08 -62.82 -15.93
C THR C 229 -14.24 -63.14 -17.42
N THR C 230 -14.94 -64.23 -17.73
CA THR C 230 -15.07 -64.70 -19.10
C THR C 230 -16.16 -63.94 -19.86
N ALA C 231 -17.29 -63.71 -19.21
CA ALA C 231 -18.40 -62.96 -19.78
C ALA C 231 -18.13 -61.45 -19.80
N GLY C 232 -17.31 -61.00 -18.86
CA GLY C 232 -16.89 -59.61 -18.84
C GLY C 232 -17.96 -58.63 -18.37
N ASN C 233 -18.84 -59.09 -17.49
CA ASN C 233 -19.91 -58.24 -16.96
C ASN C 233 -19.51 -57.57 -15.64
N VAL C 234 -18.34 -56.94 -15.68
CA VAL C 234 -17.70 -56.30 -14.53
C VAL C 234 -18.04 -54.79 -14.45
N PRO C 235 -18.22 -54.25 -13.24
CA PRO C 235 -18.52 -52.81 -13.15
C PRO C 235 -17.29 -51.90 -13.13
N GLY C 236 -17.37 -50.75 -13.80
CA GLY C 236 -16.26 -49.82 -13.78
C GLY C 236 -15.83 -49.38 -12.38
N ALA C 237 -14.57 -48.97 -12.24
CA ALA C 237 -14.06 -48.53 -10.93
C ALA C 237 -14.79 -47.30 -10.42
N LEU C 238 -15.12 -46.39 -11.32
CA LEU C 238 -15.84 -45.17 -10.92
C LEU C 238 -17.26 -45.55 -10.45
N ASP C 239 -17.86 -46.54 -11.10
CA ASP C 239 -19.18 -47.00 -10.67
C ASP C 239 -19.11 -47.60 -9.27
N CYS C 240 -18.12 -48.45 -9.04
CA CYS C 240 -17.93 -49.01 -7.70
C CYS C 240 -17.71 -47.91 -6.67
N PHE C 241 -16.93 -46.89 -7.03
CA PHE C 241 -16.76 -45.74 -6.14
C PHE C 241 -18.11 -45.09 -5.79
N LEU C 242 -18.96 -44.91 -6.78
CA LEU C 242 -20.27 -44.30 -6.56
C LEU C 242 -21.18 -45.20 -5.71
N VAL C 243 -21.19 -46.51 -6.01
CA VAL C 243 -22.02 -47.43 -5.22
C VAL C 243 -21.53 -47.42 -3.77
N ARG C 244 -20.22 -47.55 -3.60
CA ARG C 244 -19.60 -47.56 -2.27
C ARG C 244 -19.90 -46.27 -1.49
N ARG C 245 -19.82 -45.13 -2.16
CA ARG C 245 -20.11 -43.84 -1.53
C ARG C 245 -21.55 -43.80 -1.07
N GLY C 246 -22.45 -44.31 -1.89
CA GLY C 246 -23.86 -44.32 -1.55
C GLY C 246 -24.14 -45.24 -0.36
N LEU C 247 -23.43 -46.37 -0.33
CA LEU C 247 -23.60 -47.36 0.75
C LEU C 247 -23.52 -46.76 2.13
N HIS C 248 -22.63 -45.79 2.29
CA HIS C 248 -22.40 -45.14 3.59
C HIS C 248 -23.68 -44.82 4.32
N THR C 249 -24.66 -44.31 3.59
CA THR C 249 -25.87 -43.80 4.21
C THR C 249 -27.07 -44.74 4.10
N LEU C 250 -26.83 -45.97 3.63
CA LEU C 250 -27.91 -46.93 3.40
C LEU C 250 -28.84 -47.11 4.61
N SER C 251 -28.26 -47.28 5.81
CA SER C 251 -29.05 -47.42 7.03
C SER C 251 -29.95 -46.21 7.29
N LEU C 252 -29.39 -45.01 7.19
CA LEU C 252 -30.17 -43.80 7.47
C LEU C 252 -31.24 -43.60 6.40
N ARG C 253 -30.87 -43.83 5.15
CA ARG C 253 -31.82 -43.70 4.05
C ARG C 253 -33.04 -44.63 4.19
N VAL C 254 -32.78 -45.92 4.37
CA VAL C 254 -33.85 -46.91 4.42
C VAL C 254 -34.81 -46.63 5.58
N HIS C 255 -34.28 -46.40 6.77
CA HIS C 255 -35.18 -46.13 7.89
C HIS C 255 -35.92 -44.80 7.79
N ARG C 256 -35.43 -43.87 6.98
CA ARG C 256 -36.23 -42.68 6.68
C ARG C 256 -37.34 -43.08 5.71
N GLN C 257 -36.98 -43.85 4.69
CA GLN C 257 -37.95 -44.33 3.71
C GLN C 257 -39.07 -45.14 4.38
N VAL C 258 -38.69 -46.02 5.30
CA VAL C 258 -39.71 -46.84 5.96
C VAL C 258 -40.69 -45.98 6.75
N ALA C 259 -40.16 -45.03 7.52
CA ALA C 259 -40.98 -44.17 8.37
C ALA C 259 -41.98 -43.38 7.53
N THR C 260 -41.55 -42.93 6.36
CA THR C 260 -42.46 -42.19 5.47
C THR C 260 -43.41 -43.15 4.73
N ALA C 261 -43.01 -44.39 4.52
CA ALA C 261 -43.92 -45.36 3.90
C ALA C 261 -45.15 -45.54 4.80
N ARG C 262 -44.89 -45.70 6.09
CA ARG C 262 -45.97 -45.92 7.06
C ARG C 262 -46.95 -44.78 7.02
N VAL C 263 -46.44 -43.56 7.06
CA VAL C 263 -47.28 -42.38 7.02
C VAL C 263 -48.16 -42.35 5.76
N LEU C 264 -47.58 -42.65 4.61
CA LEU C 264 -48.33 -42.67 3.35
C LEU C 264 -49.38 -43.77 3.36
N VAL C 265 -49.02 -44.90 3.92
CA VAL C 265 -49.95 -46.02 4.06
C VAL C 265 -51.21 -45.62 4.83
N GLU C 266 -51.04 -44.86 5.91
CA GLU C 266 -52.20 -44.45 6.69
C GLU C 266 -52.98 -43.35 5.95
N ARG C 267 -52.28 -42.54 5.14
CA ARG C 267 -52.95 -41.55 4.29
C ARG C 267 -53.81 -42.26 3.24
N LEU C 268 -53.23 -43.29 2.62
CA LEU C 268 -53.95 -44.08 1.63
C LEU C 268 -55.20 -44.76 2.19
N ARG C 269 -55.06 -45.37 3.38
CA ARG C 269 -56.19 -46.06 3.99
C ARG C 269 -57.33 -45.11 4.36
N ALA C 270 -56.97 -43.84 4.59
CA ALA C 270 -57.92 -42.82 4.97
C ALA C 270 -58.75 -42.35 3.77
N SER C 271 -58.26 -42.60 2.57
CA SER C 271 -58.83 -42.03 1.35
C SER C 271 -60.01 -42.82 0.77
N PRO C 272 -61.16 -42.15 0.60
CA PRO C 272 -62.32 -42.87 0.04
C PRO C 272 -62.13 -43.29 -1.44
N VAL C 273 -61.09 -42.81 -2.12
CA VAL C 273 -60.85 -43.28 -3.49
C VAL C 273 -59.67 -44.24 -3.60
N VAL C 274 -59.40 -44.95 -2.51
CA VAL C 274 -58.40 -45.99 -2.51
C VAL C 274 -59.02 -47.33 -2.12
N GLY C 275 -58.83 -48.33 -2.97
CA GLY C 275 -59.29 -49.68 -2.70
C GLY C 275 -58.23 -50.46 -1.92
N ALA C 276 -57.77 -51.57 -2.47
CA ALA C 276 -56.76 -52.38 -1.81
C ALA C 276 -55.52 -51.54 -1.52
N VAL C 277 -54.92 -51.77 -0.36
CA VAL C 277 -53.62 -51.18 -0.05
C VAL C 277 -52.66 -52.30 0.35
N HIS C 278 -51.63 -52.48 -0.46
CA HIS C 278 -50.63 -53.49 -0.14
C HIS C 278 -49.46 -52.82 0.59
N TYR C 279 -48.98 -53.50 1.64
CA TYR C 279 -47.83 -53.06 2.41
C TYR C 279 -47.50 -54.11 3.46
N PRO C 280 -46.25 -54.59 3.45
CA PRO C 280 -45.86 -55.70 4.35
C PRO C 280 -46.08 -55.35 5.83
N GLY C 281 -46.10 -54.07 6.17
CA GLY C 281 -46.26 -53.66 7.56
C GLY C 281 -47.68 -53.62 8.09
N LEU C 282 -48.65 -53.94 7.23
CA LEU C 282 -50.05 -53.89 7.66
C LEU C 282 -50.44 -55.12 8.48
N PRO C 283 -51.14 -54.91 9.61
CA PRO C 283 -51.52 -56.01 10.47
C PRO C 283 -52.31 -57.08 9.73
N GLU C 284 -53.03 -56.66 8.68
CA GLU C 284 -53.86 -57.60 7.93
C GLU C 284 -53.14 -58.20 6.72
N HIS C 285 -51.85 -57.90 6.52
CA HIS C 285 -51.09 -58.54 5.44
C HIS C 285 -51.18 -60.06 5.61
N PRO C 286 -51.45 -60.79 4.51
CA PRO C 286 -51.71 -62.23 4.63
C PRO C 286 -50.46 -62.99 5.05
N GLN C 287 -49.28 -62.44 4.79
CA GLN C 287 -48.05 -63.06 5.28
C GLN C 287 -47.43 -62.24 6.41
N HIS C 288 -48.28 -61.58 7.20
CA HIS C 288 -47.81 -60.76 8.31
C HIS C 288 -46.83 -61.46 9.24
N ALA C 289 -47.11 -62.71 9.59
CA ALA C 289 -46.27 -63.46 10.51
C ALA C 289 -44.89 -63.69 9.91
N VAL C 290 -44.85 -64.07 8.64
CA VAL C 290 -43.58 -64.25 7.94
C VAL C 290 -42.83 -62.92 7.86
N VAL C 291 -43.57 -61.85 7.56
CA VAL C 291 -43.02 -60.51 7.58
C VAL C 291 -42.36 -60.22 8.93
N LYS C 292 -43.09 -60.46 10.01
CA LYS C 292 -42.55 -60.16 11.33
C LYS C 292 -41.35 -61.06 11.68
N ALA C 293 -41.35 -62.28 11.17
CA ALA C 293 -40.28 -63.22 11.48
C ALA C 293 -38.99 -62.94 10.71
N GLN C 294 -39.09 -62.28 9.57
CA GLN C 294 -37.93 -62.23 8.68
C GLN C 294 -37.54 -60.85 8.12
N MSE C 295 -38.41 -59.84 8.21
CA MSE C 295 -38.08 -58.50 7.72
C MSE C 295 -38.04 -57.57 8.93
O MSE C 295 -39.05 -57.41 9.60
CB MSE C 295 -39.17 -57.91 6.78
CG MSE C 295 -39.66 -58.67 5.51
SE MSE C 295 -41.08 -57.52 4.71
CE MSE C 295 -39.74 -56.50 3.63
N SER C 296 -36.91 -56.91 9.18
CA SER C 296 -36.76 -56.09 10.39
C SER C 296 -37.53 -54.76 10.34
N ALA C 297 -38.10 -54.45 9.18
CA ALA C 297 -39.02 -53.34 9.01
C ALA C 297 -39.69 -53.56 7.65
N PRO C 298 -40.82 -52.90 7.38
CA PRO C 298 -41.58 -53.35 6.22
C PRO C 298 -41.13 -52.80 4.86
N GLY C 299 -40.22 -51.84 4.85
CA GLY C 299 -39.65 -51.42 3.59
C GLY C 299 -40.21 -50.11 3.05
N ALA C 300 -39.87 -49.81 1.80
CA ALA C 300 -40.17 -48.49 1.27
C ALA C 300 -41.12 -48.54 0.11
N ILE C 301 -41.67 -49.71 -0.17
CA ILE C 301 -42.55 -49.88 -1.33
C ILE C 301 -44.01 -50.05 -0.90
N VAL C 302 -44.88 -49.21 -1.45
CA VAL C 302 -46.30 -49.27 -1.17
C VAL C 302 -47.03 -49.32 -2.50
N SER C 303 -48.02 -50.21 -2.62
CA SER C 303 -48.91 -50.15 -3.79
C SER C 303 -50.38 -50.18 -3.37
N PHE C 304 -51.25 -49.71 -4.27
CA PHE C 304 -52.67 -49.55 -3.95
C PHE C 304 -53.51 -49.42 -5.22
N ASP C 305 -54.79 -49.77 -5.11
CA ASP C 305 -55.75 -49.54 -6.18
C ASP C 305 -56.36 -48.14 -6.10
N TYR C 306 -56.21 -47.35 -7.17
CA TYR C 306 -56.86 -46.04 -7.26
C TYR C 306 -58.29 -46.15 -7.78
N LEU C 307 -59.25 -45.62 -7.02
CA LEU C 307 -60.66 -45.78 -7.37
C LEU C 307 -61.27 -44.59 -8.11
N GLY C 308 -60.59 -43.45 -8.11
CA GLY C 308 -61.21 -42.21 -8.57
C GLY C 308 -61.02 -41.81 -10.02
N GLY C 309 -60.66 -42.76 -10.88
CA GLY C 309 -60.45 -42.45 -12.28
C GLY C 309 -59.23 -43.12 -12.85
N PRO C 310 -58.97 -42.88 -14.15
CA PRO C 310 -57.85 -43.49 -14.88
C PRO C 310 -56.52 -43.27 -14.16
N ALA C 311 -55.67 -44.29 -14.13
CA ALA C 311 -54.34 -44.18 -13.49
C ALA C 311 -53.59 -43.04 -14.17
N GLU C 312 -53.72 -43.03 -15.48
CA GLU C 312 -53.50 -41.88 -16.34
C GLU C 312 -53.60 -40.53 -15.62
N ARG C 313 -54.76 -40.25 -15.05
CA ARG C 313 -55.02 -38.93 -14.47
C ARG C 313 -54.31 -38.69 -13.15
N LEU C 314 -54.35 -39.68 -12.27
CA LEU C 314 -53.58 -39.62 -11.04
C LEU C 314 -52.10 -39.30 -11.27
N LEU C 315 -51.45 -40.05 -12.13
CA LEU C 315 -50.00 -39.92 -12.34
C LEU C 315 -49.57 -38.50 -12.70
N ASP C 316 -50.22 -37.93 -13.70
CA ASP C 316 -49.84 -36.62 -14.20
C ASP C 316 -50.18 -35.49 -13.24
N ARG C 317 -50.76 -35.83 -12.09
CA ARG C 317 -51.09 -34.83 -11.09
C ARG C 317 -49.99 -34.60 -10.05
N PHE C 318 -49.19 -35.62 -9.80
CA PHE C 318 -48.10 -35.50 -8.83
C PHE C 318 -47.16 -34.37 -9.24
N THR C 319 -46.67 -33.61 -8.25
CA THR C 319 -45.67 -32.58 -8.47
C THR C 319 -44.44 -32.68 -7.53
N LEU C 320 -44.44 -33.66 -6.62
CA LEU C 320 -43.20 -33.98 -5.89
C LEU C 320 -42.73 -35.39 -6.27
N PHE C 321 -43.59 -36.38 -6.12
CA PHE C 321 -43.35 -37.72 -6.67
C PHE C 321 -43.03 -37.65 -8.16
N THR C 322 -42.06 -38.43 -8.61
CA THR C 322 -41.71 -38.51 -10.04
C THR C 322 -42.26 -39.79 -10.68
N CYS C 323 -42.97 -39.65 -11.80
CA CYS C 323 -43.51 -40.80 -12.52
C CYS C 323 -42.36 -41.42 -13.31
N GLY C 324 -42.02 -42.66 -12.99
CA GLY C 324 -40.89 -43.34 -13.60
C GLY C 324 -40.68 -44.68 -12.92
N VAL C 325 -39.57 -45.34 -13.23
CA VAL C 325 -39.27 -46.63 -12.64
C VAL C 325 -37.96 -46.55 -11.86
N SER C 326 -37.48 -47.74 -11.48
CA SER C 326 -36.48 -47.99 -10.45
C SER C 326 -37.11 -47.85 -9.07
N LEU C 327 -36.26 -47.87 -8.04
CA LEU C 327 -36.75 -47.72 -6.68
C LEU C 327 -35.57 -47.57 -5.74
N GLY C 328 -35.89 -47.40 -4.46
CA GLY C 328 -34.90 -47.34 -3.39
C GLY C 328 -34.15 -46.04 -3.36
N GLY C 329 -34.50 -45.12 -4.25
CA GLY C 329 -33.69 -43.95 -4.46
C GLY C 329 -33.92 -42.76 -3.54
N VAL C 330 -33.13 -41.73 -3.77
CA VAL C 330 -33.18 -40.51 -3.00
C VAL C 330 -34.48 -39.73 -3.32
N HIS C 331 -34.89 -39.81 -4.57
CA HIS C 331 -36.12 -39.15 -5.01
C HIS C 331 -37.27 -40.14 -4.98
N SER C 332 -38.45 -39.70 -4.50
CA SER C 332 -39.66 -40.52 -4.50
C SER C 332 -40.17 -40.76 -5.90
N LEU C 333 -40.66 -41.96 -6.17
CA LEU C 333 -41.18 -42.32 -7.49
C LEU C 333 -42.55 -42.96 -7.42
N VAL C 334 -43.35 -42.72 -8.45
CA VAL C 334 -44.65 -43.32 -8.58
C VAL C 334 -44.75 -43.96 -9.97
N GLU C 335 -45.42 -45.09 -10.06
CA GLU C 335 -45.75 -45.67 -11.36
C GLU C 335 -47.05 -46.47 -11.35
N CYS C 336 -47.60 -46.69 -12.54
CA CYS C 336 -48.70 -47.61 -12.68
C CYS C 336 -48.16 -48.84 -13.40
N PRO C 337 -47.99 -49.95 -12.68
CA PRO C 337 -47.47 -51.17 -13.29
C PRO C 337 -48.19 -51.58 -14.59
N ALA C 338 -49.48 -51.28 -14.72
CA ALA C 338 -50.14 -51.51 -15.99
C ALA C 338 -49.77 -50.42 -17.01
N LEU C 339 -49.08 -49.37 -16.59
CA LEU C 339 -48.63 -48.39 -17.58
C LEU C 339 -47.11 -48.34 -17.81
N MSE C 340 -46.31 -48.90 -16.89
CA MSE C 340 -44.86 -48.63 -16.89
C MSE C 340 -43.81 -49.75 -16.81
O MSE C 340 -42.65 -49.52 -17.16
CB MSE C 340 -44.52 -47.56 -15.85
CG MSE C 340 -45.71 -46.77 -15.35
SE MSE C 340 -45.28 -45.01 -14.67
CE MSE C 340 -43.44 -44.94 -15.15
N THR C 341 -44.15 -50.93 -16.30
CA THR C 341 -43.21 -52.06 -16.49
C THR C 341 -43.87 -53.22 -17.21
N HIS C 342 -45.17 -53.36 -17.01
CA HIS C 342 -45.94 -54.47 -17.58
C HIS C 342 -46.87 -54.00 -18.67
N ARG C 343 -46.50 -52.86 -19.26
CA ARG C 343 -47.08 -52.44 -20.55
C ARG C 343 -47.36 -53.56 -21.60
N PRO C 344 -46.43 -54.54 -21.78
CA PRO C 344 -46.67 -55.49 -22.88
C PRO C 344 -47.38 -56.80 -22.49
N LEU C 345 -47.69 -57.00 -21.21
CA LEU C 345 -48.34 -58.25 -20.80
C LEU C 345 -49.78 -58.25 -21.34
N SER C 346 -50.16 -59.36 -21.96
CA SER C 346 -51.46 -59.48 -22.63
C SER C 346 -52.60 -59.14 -21.68
N ALA C 347 -53.59 -58.44 -22.20
CA ALA C 347 -54.69 -57.93 -21.36
C ALA C 347 -55.30 -59.05 -20.49
N GLU C 348 -55.26 -60.28 -21.00
CA GLU C 348 -55.59 -61.45 -20.19
C GLU C 348 -54.49 -61.73 -19.18
N ALA C 349 -53.23 -61.67 -19.63
CA ALA C 349 -52.10 -62.10 -18.82
C ALA C 349 -51.67 -61.01 -17.84
N ARG C 350 -52.63 -60.20 -17.39
CA ARG C 350 -52.43 -59.21 -16.34
C ARG C 350 -53.44 -59.43 -15.23
N ALA C 351 -54.70 -59.59 -15.62
CA ALA C 351 -55.79 -59.84 -14.68
C ALA C 351 -55.56 -61.18 -13.99
N ARG C 352 -55.06 -62.13 -14.76
CA ARG C 352 -54.75 -63.45 -14.25
C ARG C 352 -53.32 -63.46 -13.72
N ARG C 353 -52.86 -62.28 -13.27
CA ARG C 353 -51.49 -62.06 -12.80
C ARG C 353 -51.38 -61.04 -11.62
N GLY C 354 -52.50 -60.42 -11.26
CA GLY C 354 -52.55 -59.54 -10.09
C GLY C 354 -52.40 -58.05 -10.36
N ILE C 355 -51.73 -57.72 -11.46
CA ILE C 355 -51.43 -56.35 -11.79
C ILE C 355 -52.66 -55.59 -12.26
N GLY C 356 -53.35 -54.93 -11.32
CA GLY C 356 -54.57 -54.21 -11.63
C GLY C 356 -54.34 -52.96 -12.46
N GLU C 357 -55.32 -52.59 -13.27
CA GLU C 357 -55.23 -51.38 -14.08
C GLU C 357 -55.21 -50.14 -13.24
N SER C 358 -55.85 -50.21 -12.09
CA SER C 358 -55.81 -49.06 -11.20
C SER C 358 -54.73 -49.23 -10.13
N LEU C 359 -53.85 -50.20 -10.32
CA LEU C 359 -52.76 -50.41 -9.38
C LEU C 359 -51.63 -49.36 -9.54
N ILE C 360 -51.30 -48.71 -8.45
CA ILE C 360 -50.29 -47.66 -8.42
C ILE C 360 -49.18 -48.01 -7.43
N ARG C 361 -47.93 -47.94 -7.88
CA ARG C 361 -46.81 -48.27 -7.00
C ARG C 361 -46.07 -47.01 -6.55
N LEU C 362 -45.84 -46.91 -5.24
CA LEU C 362 -45.02 -45.84 -4.65
C LEU C 362 -43.66 -46.38 -4.19
N SER C 363 -42.59 -45.73 -4.64
CA SER C 363 -41.26 -45.99 -4.09
C SER C 363 -40.85 -44.75 -3.30
N VAL C 364 -40.75 -44.90 -1.98
CA VAL C 364 -40.59 -43.74 -1.12
C VAL C 364 -39.13 -43.33 -0.96
N GLY C 365 -38.87 -42.04 -1.19
CA GLY C 365 -37.54 -41.46 -0.98
C GLY C 365 -37.34 -40.87 0.41
N ILE C 366 -36.44 -39.88 0.52
CA ILE C 366 -36.10 -39.30 1.82
C ILE C 366 -36.56 -37.87 1.99
N GLU C 367 -37.44 -37.39 1.10
CA GLU C 367 -37.95 -36.04 1.23
C GLU C 367 -38.82 -35.95 2.50
N ASP C 368 -39.24 -34.75 2.83
CA ASP C 368 -40.05 -34.59 4.03
C ASP C 368 -41.33 -35.37 3.90
N PRO C 369 -41.69 -36.14 4.93
CA PRO C 369 -42.90 -36.95 4.93
C PRO C 369 -44.18 -36.14 4.73
N GLN C 370 -44.25 -34.95 5.32
CA GLN C 370 -45.44 -34.12 5.19
C GLN C 370 -45.54 -33.58 3.77
N ASP C 371 -44.40 -33.27 3.18
CA ASP C 371 -44.42 -32.87 1.77
C ASP C 371 -44.95 -34.00 0.91
N LEU C 372 -44.37 -35.19 1.03
CA LEU C 372 -44.83 -36.34 0.28
C LEU C 372 -46.30 -36.67 0.57
N ALA C 373 -46.69 -36.65 1.84
CA ALA C 373 -48.07 -36.98 2.21
C ALA C 373 -49.03 -36.00 1.56
N GLU C 374 -48.65 -34.72 1.54
CA GLU C 374 -49.48 -33.68 0.96
C GLU C 374 -49.60 -33.84 -0.55
N ASP C 375 -48.52 -34.29 -1.19
CA ASP C 375 -48.55 -34.45 -2.64
C ASP C 375 -49.51 -35.58 -3.04
N LEU C 376 -49.39 -36.71 -2.37
CA LEU C 376 -50.25 -37.85 -2.65
C LEU C 376 -51.73 -37.48 -2.46
N SER C 377 -52.05 -36.69 -1.44
CA SER C 377 -53.43 -36.28 -1.22
C SER C 377 -54.00 -35.37 -2.33
N ARG C 378 -53.19 -34.42 -2.81
CA ARG C 378 -53.65 -33.59 -3.94
C ARG C 378 -53.98 -34.48 -5.13
N ALA C 379 -53.05 -35.35 -5.50
CA ALA C 379 -53.25 -36.29 -6.60
C ALA C 379 -54.50 -37.15 -6.39
N LEU C 380 -54.68 -37.68 -5.19
CA LEU C 380 -55.85 -38.50 -4.88
C LEU C 380 -57.19 -37.76 -5.03
N ALA C 381 -57.25 -36.49 -4.61
CA ALA C 381 -58.35 -35.61 -5.00
C ALA C 381 -58.00 -35.19 -6.42
N GLY C 382 -58.34 -33.99 -6.86
CA GLY C 382 -58.05 -33.62 -8.24
C GLY C 382 -58.58 -34.60 -9.29
N GLY C 383 -58.55 -34.19 -10.55
CA GLY C 383 -59.02 -35.08 -11.60
C GLY C 383 -59.57 -34.32 -12.78
N THR C 384 -58.78 -34.24 -13.84
CA THR C 384 -59.05 -33.23 -14.85
C THR C 384 -58.17 -33.34 -16.10
N MSE D 7 -17.33 -36.32 -41.33
CA MSE D 7 -17.21 -36.46 -42.77
C MSE D 7 -15.95 -37.22 -43.16
O MSE D 7 -16.00 -38.36 -43.58
CB MSE D 7 -17.25 -35.08 -43.41
CG MSE D 7 -16.90 -33.93 -42.47
SE MSE D 7 -18.23 -33.27 -41.22
CE MSE D 7 -17.85 -31.40 -41.60
N ARG D 8 -14.79 -36.59 -43.00
CA ARG D 8 -13.57 -37.37 -43.03
C ARG D 8 -13.22 -37.94 -41.65
N PHE D 9 -12.54 -39.09 -41.66
CA PHE D 9 -12.30 -39.86 -40.46
C PHE D 9 -11.79 -39.11 -39.22
N GLY D 10 -10.79 -38.23 -39.39
CA GLY D 10 -10.17 -37.54 -38.27
C GLY D 10 -11.12 -36.57 -37.60
N THR D 11 -12.09 -36.08 -38.37
CA THR D 11 -13.16 -35.20 -37.89
C THR D 11 -14.24 -35.99 -37.17
N ARG D 12 -14.50 -37.18 -37.71
CA ARG D 12 -15.50 -38.06 -37.13
C ARG D 12 -15.09 -38.52 -35.72
N LEU D 13 -13.80 -38.54 -35.41
CA LEU D 13 -13.34 -38.83 -34.04
C LEU D 13 -13.76 -37.73 -33.04
N VAL D 14 -13.66 -36.48 -33.47
CA VAL D 14 -13.95 -35.32 -32.62
C VAL D 14 -15.46 -35.03 -32.51
N HIS D 15 -16.18 -35.21 -33.62
CA HIS D 15 -17.57 -34.77 -33.70
C HIS D 15 -18.61 -35.87 -33.84
N GLY D 16 -18.16 -37.12 -33.97
CA GLY D 16 -19.07 -38.24 -33.96
C GLY D 16 -19.84 -38.22 -32.67
N GLY D 17 -21.16 -38.30 -32.75
CA GLY D 17 -22.01 -38.30 -31.57
C GLY D 17 -22.06 -36.94 -30.87
N ARG D 18 -21.39 -35.95 -31.45
CA ARG D 18 -21.21 -34.69 -30.74
C ARG D 18 -22.21 -33.66 -31.26
N ARG D 19 -22.98 -33.11 -30.33
CA ARG D 19 -24.26 -32.53 -30.68
C ARG D 19 -24.72 -31.53 -29.60
N PRO D 20 -25.71 -30.67 -29.93
CA PRO D 20 -26.20 -29.62 -29.03
C PRO D 20 -26.69 -30.13 -27.66
N SER D 21 -27.13 -29.18 -26.82
CA SER D 21 -27.78 -29.43 -25.54
C SER D 21 -28.94 -28.45 -25.41
N ALA D 22 -30.17 -28.93 -25.61
CA ALA D 22 -31.35 -28.07 -25.50
C ALA D 22 -31.30 -27.09 -24.33
N GLY D 23 -30.77 -25.89 -24.60
CA GLY D 23 -30.92 -24.76 -23.70
C GLY D 23 -29.65 -24.18 -23.12
N THR D 24 -28.50 -24.77 -23.46
CA THR D 24 -27.23 -24.34 -22.86
C THR D 24 -26.11 -24.11 -23.87
N GLY D 25 -25.84 -25.08 -24.74
CA GLY D 25 -24.83 -24.93 -25.77
C GLY D 25 -23.51 -25.70 -25.56
N ASP D 26 -23.44 -26.52 -24.51
CA ASP D 26 -22.26 -27.31 -24.20
C ASP D 26 -21.60 -27.88 -25.46
N VAL D 27 -20.30 -27.61 -25.63
CA VAL D 27 -19.56 -28.19 -26.73
C VAL D 27 -19.29 -29.66 -26.44
N VAL D 28 -18.77 -29.95 -25.26
CA VAL D 28 -18.68 -31.34 -24.80
C VAL D 28 -19.99 -31.71 -24.13
N PRO D 29 -20.70 -32.72 -24.67
CA PRO D 29 -22.03 -33.04 -24.14
C PRO D 29 -21.96 -33.44 -22.67
N PRO D 30 -22.93 -32.99 -21.86
CA PRO D 30 -22.80 -33.28 -20.43
C PRO D 30 -22.94 -34.76 -20.13
N ILE D 31 -22.45 -35.18 -18.96
CA ILE D 31 -22.39 -36.59 -18.62
C ILE D 31 -23.70 -37.07 -17.99
N HIS D 32 -24.47 -37.89 -18.70
CA HIS D 32 -25.76 -38.36 -18.20
C HIS D 32 -25.61 -39.57 -17.28
N VAL D 33 -25.61 -39.31 -15.98
CA VAL D 33 -25.44 -40.37 -15.00
C VAL D 33 -26.78 -40.91 -14.49
N SER D 34 -27.87 -40.16 -14.71
CA SER D 34 -29.17 -40.59 -14.17
C SER D 34 -29.59 -41.99 -14.68
N THR D 35 -30.03 -42.84 -13.76
CA THR D 35 -30.53 -44.14 -14.14
C THR D 35 -32.03 -44.10 -14.39
N THR D 36 -32.69 -43.03 -13.92
CA THR D 36 -34.14 -42.96 -14.01
C THR D 36 -34.60 -41.67 -14.69
N TYR D 37 -35.79 -41.73 -15.30
CA TYR D 37 -36.29 -40.67 -16.18
C TYR D 37 -37.80 -40.45 -16.03
N GLU D 38 -38.24 -39.20 -16.17
CA GLU D 38 -39.67 -38.85 -16.09
C GLU D 38 -40.28 -38.87 -17.50
N ARG D 39 -41.46 -39.48 -17.64
CA ARG D 39 -42.07 -39.60 -18.96
C ARG D 39 -43.37 -38.78 -19.16
N ARG D 40 -43.65 -37.87 -18.23
CA ARG D 40 -44.67 -36.84 -18.46
C ARG D 40 -44.05 -35.62 -19.17
N ALA D 41 -42.72 -35.56 -19.13
CA ALA D 41 -41.96 -34.45 -19.73
C ALA D 41 -41.75 -34.65 -21.24
N GLN D 42 -40.53 -35.05 -21.65
CA GLN D 42 -40.12 -35.39 -23.05
C GLN D 42 -41.17 -35.36 -24.19
N ASP D 43 -40.79 -34.76 -25.34
CA ASP D 43 -41.62 -34.72 -26.56
C ASP D 43 -42.47 -35.99 -26.84
N GLU D 44 -41.82 -37.15 -27.05
CA GLU D 44 -42.44 -38.48 -26.94
C GLU D 44 -41.44 -39.40 -26.21
N PRO D 45 -41.74 -39.79 -24.96
CA PRO D 45 -40.83 -40.55 -24.08
C PRO D 45 -40.06 -41.68 -24.77
N ARG D 46 -38.72 -41.64 -24.70
CA ARG D 46 -37.89 -42.70 -25.27
C ARG D 46 -36.64 -42.96 -24.40
N TYR D 47 -36.62 -42.32 -23.24
CA TYR D 47 -35.68 -42.66 -22.19
C TYR D 47 -36.51 -43.08 -20.99
N PHE D 48 -36.33 -44.32 -20.56
CA PHE D 48 -37.12 -44.86 -19.45
C PHE D 48 -36.23 -45.39 -18.33
N TYR D 49 -35.23 -46.19 -18.69
CA TYR D 49 -34.34 -46.77 -17.70
C TYR D 49 -32.92 -46.92 -18.22
N GLY D 50 -31.96 -46.61 -17.37
CA GLY D 50 -30.54 -46.56 -17.73
C GLY D 50 -29.96 -47.82 -18.34
N ARG D 51 -30.37 -49.00 -17.87
CA ARG D 51 -29.91 -50.26 -18.48
C ARG D 51 -30.33 -50.33 -19.95
N GLY D 52 -31.46 -49.72 -20.29
CA GLY D 52 -31.93 -49.76 -21.66
C GLY D 52 -31.51 -48.55 -22.47
N GLU D 53 -31.56 -47.38 -21.84
CA GLU D 53 -31.42 -46.12 -22.57
C GLU D 53 -30.53 -45.15 -21.78
N ASN D 54 -29.57 -44.56 -22.47
CA ASN D 54 -28.69 -43.53 -21.89
C ASN D 54 -28.03 -42.71 -23.01
N PRO D 55 -28.20 -41.38 -22.99
CA PRO D 55 -27.70 -40.54 -24.09
C PRO D 55 -26.18 -40.54 -24.28
N THR D 56 -25.41 -40.51 -23.19
CA THR D 56 -23.96 -40.53 -23.28
C THR D 56 -23.50 -41.82 -23.97
N ARG D 57 -24.06 -42.94 -23.53
CA ARG D 57 -23.79 -44.22 -24.15
C ARG D 57 -24.13 -44.17 -25.64
N GLU D 58 -25.30 -43.61 -25.96
CA GLU D 58 -25.73 -43.45 -27.36
C GLU D 58 -24.75 -42.62 -28.20
N GLU D 59 -24.23 -41.54 -27.63
CA GLU D 59 -23.26 -40.68 -28.32
C GLU D 59 -22.00 -41.45 -28.68
N LEU D 60 -21.47 -42.20 -27.72
CA LEU D 60 -20.31 -43.04 -27.97
C LEU D 60 -20.60 -44.02 -29.11
N GLU D 61 -21.80 -44.60 -29.10
CA GLU D 61 -22.19 -45.56 -30.13
C GLU D 61 -22.29 -44.88 -31.51
N GLU D 62 -22.85 -43.66 -31.53
CA GLU D 62 -22.93 -42.89 -32.77
C GLU D 62 -21.53 -42.61 -33.33
N CYS D 63 -20.60 -42.21 -32.46
CA CYS D 63 -19.22 -41.97 -32.87
C CYS D 63 -18.58 -43.22 -33.48
N LEU D 64 -18.67 -44.34 -32.75
CA LEU D 64 -18.03 -45.58 -33.18
C LEU D 64 -18.57 -46.10 -34.51
N ALA D 65 -19.90 -46.07 -34.65
CA ALA D 65 -20.54 -46.46 -35.89
C ALA D 65 -20.01 -45.61 -37.04
N GLY D 66 -19.91 -44.30 -36.82
CA GLY D 66 -19.48 -43.36 -37.85
C GLY D 66 -18.04 -43.53 -38.29
N LEU D 67 -17.21 -44.17 -37.48
CA LEU D 67 -15.83 -44.43 -37.90
C LEU D 67 -15.74 -45.54 -38.96
N GLU D 68 -16.78 -46.36 -39.06
CA GLU D 68 -16.85 -47.40 -40.09
C GLU D 68 -17.98 -47.16 -41.10
N ARG D 69 -18.49 -45.93 -41.12
CA ARG D 69 -19.73 -45.57 -41.81
C ARG D 69 -20.79 -46.67 -41.70
N ALA D 70 -21.10 -47.03 -40.47
CA ALA D 70 -21.98 -48.16 -40.19
C ALA D 70 -23.20 -47.68 -39.46
N PRO D 71 -24.37 -48.24 -39.79
CA PRO D 71 -25.60 -47.70 -39.21
C PRO D 71 -25.77 -48.01 -37.72
N PHE D 72 -25.01 -48.96 -37.19
CA PHE D 72 -25.21 -49.39 -35.80
C PHE D 72 -23.92 -49.65 -35.06
N ALA D 73 -23.93 -49.32 -33.78
CA ALA D 73 -22.92 -49.77 -32.83
C ALA D 73 -23.57 -50.01 -31.48
N THR D 74 -22.97 -50.89 -30.71
CA THR D 74 -23.45 -51.17 -29.37
C THR D 74 -22.22 -51.35 -28.50
N VAL D 75 -22.17 -50.64 -27.37
CA VAL D 75 -21.02 -50.74 -26.50
C VAL D 75 -21.35 -51.57 -25.26
N PHE D 76 -20.30 -52.14 -24.68
CA PHE D 76 -20.47 -53.06 -23.57
C PHE D 76 -19.53 -52.78 -22.39
N SER D 77 -19.81 -53.47 -21.29
CA SER D 77 -18.97 -53.44 -20.09
C SER D 77 -17.51 -53.83 -20.39
N SER D 78 -17.27 -54.58 -21.46
CA SER D 78 -15.91 -55.03 -21.79
C SER D 78 -15.86 -55.66 -23.17
N GLY D 79 -14.66 -55.83 -23.71
CA GLY D 79 -14.49 -56.58 -24.95
C GLY D 79 -15.09 -57.96 -24.84
N GLN D 80 -14.75 -58.67 -23.77
CA GLN D 80 -15.36 -59.97 -23.46
C GLN D 80 -16.89 -59.95 -23.56
N ALA D 81 -17.51 -58.91 -22.99
CA ALA D 81 -18.97 -58.78 -23.02
C ALA D 81 -19.52 -58.61 -24.42
N ALA D 82 -18.86 -57.82 -25.24
CA ALA D 82 -19.23 -57.71 -26.65
C ALA D 82 -19.17 -59.07 -27.33
N ALA D 83 -18.06 -59.78 -27.11
CA ALA D 83 -17.86 -61.09 -27.70
C ALA D 83 -18.91 -62.10 -27.24
N ALA D 84 -19.17 -62.11 -25.94
CA ALA D 84 -20.18 -63.00 -25.36
C ALA D 84 -21.53 -62.76 -26.02
N THR D 85 -21.85 -61.49 -26.24
CA THR D 85 -23.13 -61.12 -26.82
C THR D 85 -23.28 -61.67 -28.24
N LEU D 86 -22.30 -61.35 -29.08
CA LEU D 86 -22.28 -61.87 -30.43
C LEU D 86 -22.33 -63.41 -30.44
N LEU D 87 -21.63 -64.04 -29.51
CA LEU D 87 -21.61 -65.51 -29.41
C LEU D 87 -22.96 -66.12 -29.03
N SER D 88 -23.73 -65.39 -28.22
CA SER D 88 -24.98 -65.91 -27.68
C SER D 88 -26.02 -66.12 -28.77
N LEU D 89 -25.79 -65.54 -29.94
CA LEU D 89 -26.73 -65.61 -31.04
C LEU D 89 -26.54 -66.87 -31.87
N VAL D 90 -25.47 -67.60 -31.58
CA VAL D 90 -25.28 -68.92 -32.17
C VAL D 90 -26.05 -69.97 -31.37
N ARG D 91 -26.84 -70.80 -32.04
CA ARG D 91 -27.67 -71.78 -31.35
C ARG D 91 -26.88 -73.01 -30.92
N PRO D 92 -27.38 -73.75 -29.92
CA PRO D 92 -26.85 -75.10 -29.71
C PRO D 92 -27.18 -75.89 -30.97
N GLY D 93 -26.30 -76.81 -31.36
CA GLY D 93 -26.44 -77.50 -32.63
C GLY D 93 -25.63 -76.82 -33.73
N GLN D 94 -25.66 -75.49 -33.76
CA GLN D 94 -24.97 -74.72 -34.80
C GLN D 94 -23.47 -74.62 -34.54
N CYS D 95 -22.76 -73.94 -35.43
CA CYS D 95 -21.31 -74.09 -35.53
C CYS D 95 -20.58 -72.80 -35.85
N VAL D 96 -19.59 -72.46 -35.02
CA VAL D 96 -18.74 -71.30 -35.26
C VAL D 96 -17.38 -71.77 -35.78
N VAL D 97 -16.97 -71.26 -36.93
CA VAL D 97 -15.62 -71.50 -37.42
C VAL D 97 -14.70 -70.46 -36.85
N SER D 98 -13.58 -70.91 -36.31
CA SER D 98 -12.60 -69.93 -35.95
C SER D 98 -11.21 -70.36 -36.32
N THR D 99 -10.29 -69.50 -35.95
CA THR D 99 -8.89 -69.71 -36.20
C THR D 99 -8.42 -70.42 -34.95
N ASP D 100 -7.54 -71.41 -35.13
CA ASP D 100 -6.98 -72.15 -33.93
C ASP D 100 -6.42 -71.27 -32.93
N ASP D 101 -5.99 -70.09 -33.36
CA ASP D 101 -5.18 -69.20 -32.55
C ASP D 101 -5.92 -67.91 -32.22
N VAL D 102 -6.72 -67.95 -31.16
CA VAL D 102 -7.56 -66.80 -30.88
C VAL D 102 -7.36 -66.25 -29.45
N TYR D 103 -7.98 -65.11 -29.14
CA TYR D 103 -7.86 -64.54 -27.81
C TYR D 103 -8.46 -65.47 -26.76
N ALA D 104 -7.74 -65.68 -25.65
CA ALA D 104 -8.14 -66.64 -24.62
C ALA D 104 -9.54 -66.35 -24.06
N GLY D 105 -9.95 -65.08 -24.15
CA GLY D 105 -11.31 -64.72 -23.87
C GLY D 105 -12.25 -65.36 -24.87
N THR D 106 -11.91 -65.26 -26.15
CA THR D 106 -12.69 -65.90 -27.20
C THR D 106 -12.74 -67.42 -27.00
N ASP D 107 -11.65 -68.00 -26.49
CA ASP D 107 -11.60 -69.45 -26.24
C ASP D 107 -12.48 -69.88 -25.06
N GLY D 108 -12.39 -69.14 -23.94
CA GLY D 108 -13.23 -69.40 -22.79
C GLY D 108 -14.71 -69.28 -23.15
N LEU D 109 -15.06 -68.19 -23.80
CA LEU D 109 -16.39 -68.01 -24.33
C LEU D 109 -16.75 -69.18 -25.26
N PHE D 110 -15.78 -69.62 -26.07
CA PHE D 110 -15.97 -70.81 -26.90
C PHE D 110 -16.19 -72.07 -26.05
N ASP D 111 -15.35 -72.26 -25.02
CA ASP D 111 -15.46 -73.44 -24.18
C ASP D 111 -16.80 -73.48 -23.45
N LEU D 112 -17.17 -72.35 -22.85
CA LEU D 112 -18.50 -72.23 -22.26
C LEU D 112 -19.55 -72.46 -23.34
N ALA D 113 -19.34 -71.89 -24.52
CA ALA D 113 -20.24 -72.14 -25.66
C ALA D 113 -20.16 -73.60 -26.11
N ALA D 114 -18.98 -74.20 -26.04
CA ALA D 114 -18.86 -75.63 -26.29
C ALA D 114 -19.75 -76.40 -25.33
N ARG D 115 -19.81 -75.95 -24.07
CA ARG D 115 -20.66 -76.58 -23.08
C ARG D 115 -22.12 -76.11 -23.20
N GLN D 116 -22.38 -75.12 -24.05
CA GLN D 116 -23.77 -74.70 -24.32
C GLN D 116 -24.36 -75.38 -25.57
N GLY D 117 -23.68 -76.38 -26.12
CA GLY D 117 -24.15 -77.07 -27.31
C GLY D 117 -23.60 -76.61 -28.67
N VAL D 118 -22.97 -75.43 -28.71
CA VAL D 118 -22.43 -74.94 -29.97
C VAL D 118 -21.17 -75.74 -30.34
N ARG D 119 -21.01 -76.11 -31.61
CA ARG D 119 -19.76 -76.75 -32.02
C ARG D 119 -18.72 -75.76 -32.53
N VAL D 120 -17.68 -75.57 -31.72
CA VAL D 120 -16.50 -74.84 -32.13
C VAL D 120 -15.69 -75.74 -33.05
N ARG D 121 -15.20 -75.17 -34.15
CA ARG D 121 -14.28 -75.88 -35.02
C ARG D 121 -13.19 -74.93 -35.49
N TYR D 122 -11.95 -75.29 -35.17
CA TYR D 122 -10.78 -74.47 -35.43
C TYR D 122 -10.13 -74.86 -36.77
N ALA D 123 -9.59 -73.88 -37.49
CA ALA D 123 -8.91 -74.15 -38.76
C ALA D 123 -7.94 -73.04 -39.13
N ASP D 124 -7.25 -73.17 -40.26
CA ASP D 124 -6.29 -72.12 -40.61
C ASP D 124 -6.93 -70.79 -40.99
N LEU D 125 -7.53 -70.71 -42.17
CA LEU D 125 -7.99 -69.44 -42.77
C LEU D 125 -6.84 -68.65 -43.41
N THR D 126 -5.61 -69.08 -43.11
CA THR D 126 -4.40 -68.48 -43.67
C THR D 126 -4.14 -69.01 -45.07
N THR D 127 -4.29 -70.32 -45.23
CA THR D 127 -4.06 -70.95 -46.52
C THR D 127 -5.41 -71.08 -47.22
N PRO D 128 -5.41 -71.30 -48.54
CA PRO D 128 -6.60 -71.68 -49.31
C PRO D 128 -6.94 -73.16 -49.15
N GLU D 129 -6.20 -73.83 -48.25
CA GLU D 129 -6.49 -75.19 -47.87
C GLU D 129 -7.03 -75.13 -46.47
N GLY D 130 -6.53 -74.19 -45.69
CA GLY D 130 -7.01 -73.98 -44.34
C GLY D 130 -8.44 -73.49 -44.35
N ILE D 131 -8.68 -72.41 -45.09
CA ILE D 131 -10.04 -71.88 -45.25
C ILE D 131 -11.00 -72.96 -45.71
N ALA D 132 -10.61 -73.65 -46.77
CA ALA D 132 -11.50 -74.60 -47.44
C ALA D 132 -11.77 -75.86 -46.63
N ALA D 133 -10.80 -76.26 -45.81
CA ALA D 133 -11.01 -77.40 -44.92
C ALA D 133 -11.82 -76.98 -43.68
N ALA D 134 -12.12 -75.69 -43.60
CA ALA D 134 -13.02 -75.18 -42.57
C ALA D 134 -14.44 -75.03 -43.10
N LEU D 135 -14.60 -74.29 -44.20
CA LEU D 135 -15.93 -73.87 -44.62
C LEU D 135 -16.83 -75.01 -45.10
N ALA D 136 -16.30 -76.22 -45.10
CA ALA D 136 -17.12 -77.41 -45.32
C ALA D 136 -17.78 -77.87 -44.01
N GLU D 137 -17.71 -77.02 -42.98
CA GLU D 137 -18.40 -77.28 -41.70
C GLU D 137 -19.90 -77.23 -41.89
N PRO D 138 -20.60 -78.30 -41.48
CA PRO D 138 -22.06 -78.42 -41.43
C PRO D 138 -22.69 -77.47 -40.40
N ASP D 139 -23.86 -76.90 -40.72
CA ASP D 139 -24.53 -75.96 -39.83
C ASP D 139 -23.63 -74.83 -39.31
N LEU D 140 -22.73 -74.36 -40.18
CA LEU D 140 -21.83 -73.25 -39.82
C LEU D 140 -22.65 -72.00 -39.52
N ALA D 141 -22.39 -71.37 -38.38
CA ALA D 141 -23.12 -70.16 -37.99
C ALA D 141 -22.22 -68.94 -38.03
N LEU D 142 -20.93 -69.15 -37.81
CA LEU D 142 -20.05 -68.02 -37.60
C LEU D 142 -18.61 -68.34 -37.96
N VAL D 143 -18.00 -67.47 -38.75
CA VAL D 143 -16.56 -67.51 -38.94
C VAL D 143 -15.99 -66.36 -38.14
N TRP D 144 -15.20 -66.69 -37.12
CA TRP D 144 -14.64 -65.72 -36.20
C TRP D 144 -13.22 -65.43 -36.64
N ILE D 145 -12.98 -64.20 -37.10
CA ILE D 145 -11.66 -63.80 -37.57
C ILE D 145 -11.01 -62.84 -36.60
N GLU D 146 -9.77 -63.14 -36.23
CA GLU D 146 -8.99 -62.19 -35.46
C GLU D 146 -7.68 -61.88 -36.21
N THR D 147 -7.57 -60.66 -36.74
CA THR D 147 -6.42 -60.28 -37.56
C THR D 147 -5.94 -58.84 -37.32
N PRO D 148 -4.62 -58.66 -37.14
CA PRO D 148 -3.63 -59.75 -37.07
C PRO D 148 -3.79 -60.56 -35.79
N THR D 149 -3.31 -61.80 -35.78
CA THR D 149 -3.33 -62.58 -34.55
C THR D 149 -2.27 -62.00 -33.62
N ASN D 150 -2.23 -62.50 -32.39
CA ASN D 150 -1.44 -61.85 -31.37
C ASN D 150 -1.17 -62.92 -30.33
N PRO D 151 0.09 -63.33 -30.18
CA PRO D 151 1.32 -62.58 -30.46
C PRO D 151 2.08 -62.76 -31.79
N LEU D 152 1.71 -63.68 -32.67
CA LEU D 152 2.58 -63.89 -33.84
C LEU D 152 2.27 -63.01 -35.05
N LEU D 153 1.16 -62.26 -34.98
CA LEU D 153 0.73 -61.37 -36.05
C LEU D 153 0.55 -62.05 -37.41
N THR D 154 0.11 -63.29 -37.43
CA THR D 154 -0.27 -63.87 -38.72
C THR D 154 -1.62 -63.28 -39.12
N VAL D 155 -1.78 -63.00 -40.41
CA VAL D 155 -2.94 -62.28 -40.92
C VAL D 155 -3.87 -63.20 -41.72
N VAL D 156 -5.15 -62.82 -41.79
CA VAL D 156 -6.16 -63.56 -42.54
C VAL D 156 -6.88 -62.61 -43.50
N ASP D 157 -7.06 -63.04 -44.73
CA ASP D 157 -7.72 -62.23 -45.76
C ASP D 157 -9.22 -62.09 -45.48
N VAL D 158 -9.61 -60.96 -44.90
CA VAL D 158 -11.01 -60.72 -44.52
C VAL D 158 -11.97 -60.79 -45.72
N ALA D 159 -11.65 -60.05 -46.79
CA ALA D 159 -12.48 -60.08 -48.00
C ALA D 159 -12.61 -61.48 -48.57
N GLU D 160 -11.49 -62.20 -48.68
CA GLU D 160 -11.52 -63.56 -49.19
C GLU D 160 -12.33 -64.52 -48.31
N VAL D 161 -12.04 -64.54 -47.01
CA VAL D 161 -12.80 -65.39 -46.09
C VAL D 161 -14.28 -64.99 -46.10
N SER D 162 -14.54 -63.68 -46.11
CA SER D 162 -15.91 -63.18 -46.07
C SER D 162 -16.75 -63.64 -47.27
N ARG D 163 -16.13 -63.65 -48.45
CA ARG D 163 -16.81 -64.07 -49.66
C ARG D 163 -17.29 -65.51 -49.54
N ARG D 164 -16.38 -66.39 -49.12
CA ARG D 164 -16.67 -67.82 -49.11
C ARG D 164 -17.55 -68.19 -47.93
N ALA D 165 -17.43 -67.45 -46.83
CA ALA D 165 -18.24 -67.74 -45.65
C ALA D 165 -19.70 -67.43 -45.91
N HIS D 166 -19.93 -66.34 -46.65
CA HIS D 166 -21.28 -65.89 -46.96
C HIS D 166 -22.01 -66.88 -47.86
N GLU D 167 -21.28 -67.43 -48.85
CA GLU D 167 -21.83 -68.47 -49.69
C GLU D 167 -22.28 -69.66 -48.83
N ARG D 168 -21.52 -69.95 -47.78
CA ARG D 168 -21.97 -70.93 -46.79
C ARG D 168 -23.09 -70.38 -45.91
N GLY D 169 -23.32 -69.07 -45.95
CA GLY D 169 -24.41 -68.45 -45.20
C GLY D 169 -24.05 -67.99 -43.80
N ALA D 170 -22.76 -67.98 -43.49
CA ALA D 170 -22.32 -67.65 -42.14
C ALA D 170 -22.15 -66.15 -41.93
N ARG D 171 -22.30 -65.72 -40.69
CA ARG D 171 -21.95 -64.37 -40.30
C ARG D 171 -20.44 -64.32 -40.12
N VAL D 172 -19.83 -63.18 -40.48
CA VAL D 172 -18.40 -63.01 -40.30
C VAL D 172 -18.11 -61.85 -39.36
N VAL D 173 -17.42 -62.14 -38.26
CA VAL D 173 -16.93 -61.09 -37.39
C VAL D 173 -15.41 -61.01 -37.43
N VAL D 174 -14.89 -59.79 -37.43
CA VAL D 174 -13.47 -59.55 -37.27
C VAL D 174 -13.23 -58.86 -35.92
N ASP D 175 -12.43 -59.47 -35.06
CA ASP D 175 -11.98 -58.77 -33.87
C ASP D 175 -10.85 -57.88 -34.36
N ASN D 176 -11.10 -56.58 -34.28
CA ASN D 176 -10.28 -55.58 -34.93
C ASN D 176 -9.59 -54.69 -33.90
N THR D 177 -9.48 -55.19 -32.67
CA THR D 177 -8.95 -54.41 -31.55
C THR D 177 -7.53 -53.94 -31.81
N PHE D 178 -6.71 -54.88 -32.24
CA PHE D 178 -5.32 -54.65 -32.57
C PHE D 178 -5.20 -53.52 -33.60
N ALA D 179 -5.87 -53.68 -34.74
CA ALA D 179 -5.69 -52.73 -35.82
C ALA D 179 -6.29 -51.39 -35.47
N SER D 180 -7.51 -51.41 -34.91
CA SER D 180 -8.36 -50.21 -34.72
C SER D 180 -9.00 -49.79 -36.05
N PRO D 181 -10.12 -49.06 -35.99
CA PRO D 181 -10.78 -48.62 -37.24
C PRO D 181 -9.90 -47.68 -38.08
N VAL D 182 -8.91 -47.04 -37.46
CA VAL D 182 -7.92 -46.22 -38.16
C VAL D 182 -7.11 -46.98 -39.20
N LEU D 183 -6.80 -48.23 -38.90
CA LEU D 183 -5.91 -49.03 -39.76
C LEU D 183 -6.65 -50.04 -40.64
N GLN D 184 -7.76 -50.55 -40.14
CA GLN D 184 -8.47 -51.65 -40.81
C GLN D 184 -9.97 -51.49 -40.63
N GLN D 185 -10.70 -51.69 -41.72
CA GLN D 185 -12.14 -51.47 -41.73
C GLN D 185 -12.83 -52.77 -42.17
N PRO D 186 -13.06 -53.69 -41.22
CA PRO D 186 -13.63 -55.01 -41.55
C PRO D 186 -14.92 -54.93 -42.34
N LEU D 187 -15.77 -53.95 -42.07
CA LEU D 187 -17.04 -53.86 -42.77
C LEU D 187 -16.84 -53.53 -44.26
N ALA D 188 -15.96 -52.57 -44.56
CA ALA D 188 -15.67 -52.22 -45.96
C ALA D 188 -15.07 -53.41 -46.71
N LEU D 189 -14.41 -54.29 -45.97
CA LEU D 189 -13.76 -55.46 -46.57
C LEU D 189 -14.77 -56.51 -47.01
N GLY D 190 -15.71 -56.83 -46.12
CA GLY D 190 -16.71 -57.85 -46.43
C GLY D 190 -17.34 -58.47 -45.20
N ALA D 191 -16.77 -58.20 -44.03
CA ALA D 191 -17.31 -58.72 -42.79
C ALA D 191 -18.66 -58.10 -42.43
N ASP D 192 -19.38 -58.74 -41.51
CA ASP D 192 -20.69 -58.25 -41.08
C ASP D 192 -20.63 -57.50 -39.75
N VAL D 193 -19.65 -57.86 -38.92
CA VAL D 193 -19.47 -57.24 -37.62
C VAL D 193 -17.99 -56.91 -37.37
N SER D 194 -17.74 -55.73 -36.80
CA SER D 194 -16.45 -55.42 -36.20
C SER D 194 -16.56 -55.51 -34.69
N LEU D 195 -15.71 -56.33 -34.09
CA LEU D 195 -15.67 -56.48 -32.65
C LEU D 195 -14.44 -55.78 -32.08
N TYR D 196 -14.64 -55.02 -31.00
CA TYR D 196 -13.53 -54.33 -30.33
C TYR D 196 -13.53 -54.56 -28.84
N SER D 197 -12.34 -54.54 -28.27
CA SER D 197 -12.18 -54.22 -26.87
C SER D 197 -11.73 -52.77 -26.82
N THR D 198 -12.64 -51.86 -26.50
CA THR D 198 -12.30 -50.44 -26.47
C THR D 198 -11.33 -50.12 -25.35
N THR D 199 -11.18 -51.08 -24.44
CA THR D 199 -10.22 -51.02 -23.36
C THR D 199 -8.81 -50.69 -23.86
N1 LLP D 200 -9.94 -59.39 -27.94
C2 LLP D 200 -8.75 -58.81 -28.03
C2' LLP D 200 -7.90 -58.89 -29.33
C3 LLP D 200 -8.23 -58.10 -26.91
O3 LLP D 200 -6.97 -57.52 -27.06
C4 LLP D 200 -8.96 -58.00 -25.74
C4' LLP D 200 -8.38 -57.18 -24.46
C5 LLP D 200 -10.19 -58.62 -25.67
C6 LLP D 200 -10.69 -59.30 -26.78
C5' LLP D 200 -11.09 -58.56 -24.40
OP4 LLP D 200 -11.51 -57.25 -24.15
P LLP D 200 -11.66 -56.81 -22.67
OP1 LLP D 200 -11.98 -55.32 -22.67
OP2 LLP D 200 -12.76 -57.60 -22.07
OP3 LLP D 200 -10.41 -57.09 -21.93
N LLP D 200 -8.49 -51.15 -25.07
CA LLP D 200 -7.13 -50.97 -25.63
CB LLP D 200 -6.79 -52.16 -26.52
CG LLP D 200 -7.36 -53.43 -25.87
CD LLP D 200 -6.41 -54.02 -24.81
CE LLP D 200 -7.13 -55.16 -24.02
NZ LLP D 200 -7.24 -56.39 -24.83
C LLP D 200 -6.99 -49.64 -26.33
O LLP D 200 -7.23 -48.62 -25.70
N SER D 201 -6.60 -49.62 -27.60
CA SER D 201 -6.23 -48.35 -28.21
C SER D 201 -7.38 -47.36 -28.38
N ILE D 202 -8.61 -47.84 -28.42
CA ILE D 202 -9.76 -46.96 -28.63
C ILE D 202 -9.86 -45.92 -27.49
N ALA D 203 -10.04 -46.39 -26.26
CA ALA D 203 -10.00 -45.52 -25.09
C ALA D 203 -8.60 -44.93 -24.94
N GLY D 204 -7.57 -45.75 -25.22
CA GLY D 204 -6.21 -45.25 -25.38
C GLY D 204 -5.38 -44.87 -24.15
N HIS D 205 -5.98 -44.85 -22.97
CA HIS D 205 -5.25 -44.34 -21.81
C HIS D 205 -5.17 -45.32 -20.64
N ALA D 206 -5.45 -46.59 -20.92
CA ALA D 206 -5.35 -47.65 -19.93
C ALA D 206 -6.15 -47.36 -18.66
N ASP D 207 -7.30 -46.71 -18.79
CA ASP D 207 -8.05 -46.32 -17.61
C ASP D 207 -9.56 -46.65 -17.62
N VAL D 208 -9.97 -47.56 -18.50
CA VAL D 208 -11.37 -47.96 -18.60
C VAL D 208 -11.54 -49.27 -19.37
N LEU D 209 -12.35 -50.16 -18.81
CA LEU D 209 -12.71 -51.40 -19.49
C LEU D 209 -13.85 -51.08 -20.42
N GLY D 210 -13.89 -51.70 -21.60
CA GLY D 210 -15.04 -51.54 -22.47
C GLY D 210 -14.95 -52.34 -23.74
N GLY D 211 -16.10 -52.55 -24.38
CA GLY D 211 -16.14 -53.22 -25.67
C GLY D 211 -17.16 -52.58 -26.60
N ALA D 212 -17.15 -53.00 -27.87
CA ALA D 212 -18.10 -52.49 -28.83
C ALA D 212 -18.33 -53.49 -29.97
N LEU D 213 -19.52 -53.44 -30.55
CA LEU D 213 -19.83 -54.15 -31.80
C LEU D 213 -20.29 -53.13 -32.83
N VAL D 214 -19.79 -53.24 -34.05
CA VAL D 214 -20.17 -52.31 -35.11
C VAL D 214 -20.63 -53.13 -36.33
N TYR D 215 -21.81 -52.80 -36.84
CA TYR D 215 -22.45 -53.67 -37.83
C TYR D 215 -23.48 -52.92 -38.68
N ARG D 216 -24.01 -53.61 -39.69
CA ARG D 216 -24.99 -53.01 -40.60
C ARG D 216 -26.41 -53.52 -40.34
N ASP D 217 -26.54 -54.78 -39.98
CA ASP D 217 -27.82 -55.48 -40.05
C ASP D 217 -28.78 -55.22 -38.87
N ALA D 218 -30.01 -54.83 -39.22
CA ALA D 218 -31.05 -54.46 -38.28
C ALA D 218 -31.55 -55.64 -37.43
N ASP D 219 -31.35 -56.86 -37.93
CA ASP D 219 -31.75 -58.06 -37.20
C ASP D 219 -30.79 -58.30 -36.07
N LEU D 220 -29.50 -58.25 -36.40
CA LEU D 220 -28.45 -58.33 -35.41
C LEU D 220 -28.71 -57.25 -34.36
N HIS D 221 -28.96 -56.03 -34.84
CA HIS D 221 -29.14 -54.90 -33.96
C HIS D 221 -30.23 -55.17 -32.92
N ALA D 222 -31.40 -55.62 -33.36
CA ALA D 222 -32.44 -56.02 -32.43
C ALA D 222 -31.95 -57.10 -31.46
N ALA D 223 -31.32 -58.14 -31.99
CA ALA D 223 -30.82 -59.24 -31.16
C ALA D 223 -29.78 -58.77 -30.14
N VAL D 224 -28.82 -57.98 -30.61
CA VAL D 224 -27.74 -57.49 -29.77
C VAL D 224 -28.27 -56.63 -28.61
N ARG D 225 -29.19 -55.72 -28.93
CA ARG D 225 -29.73 -54.83 -27.91
C ARG D 225 -30.61 -55.59 -26.92
N ALA D 226 -31.40 -56.55 -27.42
CA ALA D 226 -32.23 -57.38 -26.54
C ALA D 226 -31.34 -58.22 -25.63
N TYR D 227 -30.19 -58.67 -26.15
CA TYR D 227 -29.29 -59.42 -25.29
C TYR D 227 -28.66 -58.51 -24.22
N ARG D 228 -28.14 -57.35 -24.64
CA ARG D 228 -27.44 -56.48 -23.70
C ARG D 228 -28.35 -56.02 -22.56
N THR D 229 -29.59 -55.72 -22.89
CA THR D 229 -30.52 -55.20 -21.90
C THR D 229 -30.94 -56.27 -20.87
N THR D 230 -31.02 -57.53 -21.29
CA THR D 230 -31.39 -58.57 -20.35
C THR D 230 -30.17 -59.21 -19.67
N ALA D 231 -29.07 -59.34 -20.39
CA ALA D 231 -27.80 -59.79 -19.79
C ALA D 231 -27.18 -58.71 -18.90
N GLY D 232 -27.54 -57.46 -19.14
CA GLY D 232 -27.09 -56.35 -18.31
C GLY D 232 -25.61 -56.08 -18.40
N ASN D 233 -24.97 -56.52 -19.48
CA ASN D 233 -23.53 -56.28 -19.64
C ASN D 233 -23.21 -54.89 -20.21
N VAL D 234 -23.85 -53.87 -19.63
CA VAL D 234 -23.74 -52.50 -20.08
C VAL D 234 -22.50 -51.82 -19.50
N PRO D 235 -22.08 -50.70 -20.09
CA PRO D 235 -21.05 -49.88 -19.48
C PRO D 235 -21.69 -48.73 -18.70
N GLY D 236 -21.00 -48.18 -17.70
CA GLY D 236 -21.47 -46.99 -17.02
C GLY D 236 -21.24 -45.76 -17.88
N ALA D 237 -22.03 -44.72 -17.63
CA ALA D 237 -21.88 -43.47 -18.39
C ALA D 237 -20.53 -42.79 -18.17
N LEU D 238 -20.02 -42.82 -16.95
CA LEU D 238 -18.72 -42.22 -16.67
C LEU D 238 -17.63 -42.97 -17.44
N ASP D 239 -17.80 -44.27 -17.60
CA ASP D 239 -16.83 -45.01 -18.40
C ASP D 239 -16.97 -44.72 -19.90
N CYS D 240 -18.21 -44.56 -20.38
CA CYS D 240 -18.40 -44.17 -21.78
C CYS D 240 -17.80 -42.78 -22.06
N PHE D 241 -17.89 -41.87 -21.09
CA PHE D 241 -17.26 -40.56 -21.22
C PHE D 241 -15.75 -40.69 -21.45
N LEU D 242 -15.11 -41.56 -20.67
CA LEU D 242 -13.66 -41.75 -20.77
C LEU D 242 -13.26 -42.36 -22.11
N VAL D 243 -14.04 -43.34 -22.56
CA VAL D 243 -13.74 -43.99 -23.82
C VAL D 243 -13.90 -42.95 -24.94
N ARG D 244 -15.02 -42.23 -24.90
CA ARG D 244 -15.30 -41.20 -25.88
C ARG D 244 -14.22 -40.12 -25.88
N ARG D 245 -13.80 -39.69 -24.70
CA ARG D 245 -12.78 -38.63 -24.63
C ARG D 245 -11.46 -39.11 -25.21
N GLY D 246 -11.05 -40.32 -24.83
CA GLY D 246 -9.84 -40.92 -25.35
C GLY D 246 -9.90 -41.07 -26.86
N LEU D 247 -11.10 -41.33 -27.38
CA LEU D 247 -11.29 -41.52 -28.80
C LEU D 247 -10.99 -40.28 -29.66
N HIS D 248 -11.08 -39.09 -29.07
CA HIS D 248 -10.73 -37.86 -29.79
C HIS D 248 -9.34 -37.96 -30.44
N THR D 249 -8.38 -38.55 -29.74
CA THR D 249 -7.02 -38.58 -30.23
C THR D 249 -6.61 -39.93 -30.85
N LEU D 250 -7.59 -40.72 -31.31
CA LEU D 250 -7.28 -42.10 -31.73
C LEU D 250 -6.21 -42.21 -32.83
N SER D 251 -6.35 -41.49 -33.93
CA SER D 251 -5.37 -41.70 -35.00
C SER D 251 -4.02 -41.01 -34.78
N LEU D 252 -4.03 -39.85 -34.12
CA LEU D 252 -2.76 -39.23 -33.69
C LEU D 252 -1.94 -40.24 -32.89
N ARG D 253 -2.59 -40.90 -31.92
CA ARG D 253 -1.93 -41.90 -31.10
C ARG D 253 -1.51 -43.11 -31.95
N VAL D 254 -2.40 -43.57 -32.83
CA VAL D 254 -2.08 -44.72 -33.67
C VAL D 254 -0.93 -44.42 -34.64
N HIS D 255 -0.98 -43.28 -35.31
CA HIS D 255 0.08 -42.93 -36.23
C HIS D 255 1.43 -42.79 -35.50
N ARG D 256 1.39 -42.26 -34.28
CA ARG D 256 2.58 -42.20 -33.46
C ARG D 256 3.11 -43.60 -33.11
N GLN D 257 2.21 -44.46 -32.66
CA GLN D 257 2.58 -45.82 -32.26
C GLN D 257 3.22 -46.58 -33.42
N VAL D 258 2.59 -46.50 -34.59
CA VAL D 258 3.08 -47.19 -35.77
C VAL D 258 4.45 -46.64 -36.16
N ALA D 259 4.59 -45.31 -36.15
CA ALA D 259 5.85 -44.70 -36.54
C ALA D 259 7.00 -45.10 -35.61
N THR D 260 6.67 -45.41 -34.36
CA THR D 260 7.70 -45.82 -33.40
C THR D 260 7.94 -47.33 -33.50
N ALA D 261 6.88 -48.08 -33.77
CA ALA D 261 7.02 -49.52 -33.98
C ALA D 261 8.01 -49.77 -35.12
N ARG D 262 7.89 -48.96 -36.18
CA ARG D 262 8.85 -48.99 -37.29
C ARG D 262 10.30 -48.84 -36.82
N VAL D 263 10.56 -47.85 -35.97
CA VAL D 263 11.90 -47.59 -35.49
C VAL D 263 12.42 -48.79 -34.69
N LEU D 264 11.57 -49.34 -33.82
CA LEU D 264 11.97 -50.45 -32.97
C LEU D 264 12.28 -51.73 -33.77
N VAL D 265 11.52 -51.97 -34.83
CA VAL D 265 11.76 -53.14 -35.68
C VAL D 265 13.17 -53.06 -36.28
N GLU D 266 13.53 -51.86 -36.72
CA GLU D 266 14.87 -51.59 -37.22
C GLU D 266 15.96 -51.88 -36.18
N ARG D 267 15.76 -51.42 -34.95
CA ARG D 267 16.74 -51.73 -33.90
C ARG D 267 16.79 -53.23 -33.61
N LEU D 268 15.62 -53.89 -33.60
CA LEU D 268 15.57 -55.32 -33.32
C LEU D 268 16.35 -56.12 -34.35
N ARG D 269 16.16 -55.79 -35.63
CA ARG D 269 16.80 -56.51 -36.72
C ARG D 269 18.31 -56.49 -36.61
N ALA D 270 18.86 -55.48 -35.95
CA ALA D 270 20.30 -55.30 -35.88
C ALA D 270 20.93 -55.88 -34.61
N SER D 271 20.10 -56.36 -33.69
CA SER D 271 20.61 -56.87 -32.43
C SER D 271 21.04 -58.34 -32.55
N PRO D 272 22.28 -58.66 -32.14
CA PRO D 272 22.77 -60.03 -32.24
C PRO D 272 21.96 -60.99 -31.37
N VAL D 273 21.31 -60.48 -30.32
CA VAL D 273 20.55 -61.36 -29.45
C VAL D 273 19.06 -61.31 -29.76
N VAL D 274 18.75 -61.13 -31.04
CA VAL D 274 17.39 -61.18 -31.53
C VAL D 274 17.34 -62.15 -32.68
N GLY D 275 16.35 -63.05 -32.69
CA GLY D 275 16.18 -63.97 -33.81
C GLY D 275 15.12 -63.48 -34.77
N ALA D 276 14.12 -64.33 -35.01
CA ALA D 276 12.95 -63.95 -35.79
C ALA D 276 12.31 -62.67 -35.23
N VAL D 277 11.84 -61.84 -36.15
CA VAL D 277 11.16 -60.60 -35.80
C VAL D 277 9.82 -60.60 -36.53
N HIS D 278 8.74 -60.42 -35.78
CA HIS D 278 7.41 -60.47 -36.37
C HIS D 278 6.80 -59.06 -36.43
N TYR D 279 6.38 -58.66 -37.63
CA TYR D 279 5.76 -57.35 -37.88
C TYR D 279 5.08 -57.38 -39.25
N PRO D 280 3.89 -56.76 -39.36
CA PRO D 280 3.21 -56.82 -40.66
C PRO D 280 3.87 -55.93 -41.72
N GLY D 281 4.60 -54.89 -41.31
CA GLY D 281 5.28 -54.03 -42.25
C GLY D 281 6.54 -54.61 -42.89
N LEU D 282 6.93 -55.83 -42.53
CA LEU D 282 8.11 -56.44 -43.14
C LEU D 282 7.78 -56.93 -44.54
N PRO D 283 8.70 -56.70 -45.49
CA PRO D 283 8.60 -57.19 -46.87
C PRO D 283 8.24 -58.68 -46.91
N GLU D 284 8.83 -59.44 -45.99
CA GLU D 284 8.81 -60.89 -46.04
C GLU D 284 7.86 -61.52 -45.03
N HIS D 285 7.00 -60.70 -44.43
CA HIS D 285 5.86 -61.25 -43.72
C HIS D 285 5.04 -61.96 -44.80
N PRO D 286 4.88 -63.30 -44.67
CA PRO D 286 4.38 -64.23 -45.70
C PRO D 286 2.95 -63.95 -46.22
N GLN D 287 2.39 -62.83 -45.81
CA GLN D 287 1.02 -62.47 -46.16
C GLN D 287 1.04 -60.98 -46.44
N HIS D 288 2.22 -60.47 -46.80
CA HIS D 288 2.39 -59.02 -46.90
C HIS D 288 1.46 -58.37 -47.89
N ALA D 289 1.11 -59.08 -48.96
CA ALA D 289 0.15 -58.57 -49.92
C ALA D 289 -1.20 -58.37 -49.22
N VAL D 290 -1.58 -59.32 -48.37
CA VAL D 290 -2.85 -59.20 -47.67
C VAL D 290 -2.78 -57.96 -46.78
N VAL D 291 -1.68 -57.81 -46.04
CA VAL D 291 -1.47 -56.65 -45.18
C VAL D 291 -1.62 -55.34 -45.94
N LYS D 292 -0.87 -55.21 -47.03
CA LYS D 292 -0.92 -54.02 -47.86
C LYS D 292 -2.36 -53.74 -48.29
N ALA D 293 -2.96 -54.73 -48.97
CA ALA D 293 -4.28 -54.57 -49.56
C ALA D 293 -5.42 -54.26 -48.59
N GLN D 294 -5.23 -54.58 -47.30
CA GLN D 294 -6.30 -54.47 -46.28
C GLN D 294 -6.00 -53.64 -45.01
N MSE D 295 -4.72 -53.40 -44.69
CA MSE D 295 -4.34 -52.48 -43.60
C MSE D 295 -3.78 -51.18 -44.19
O MSE D 295 -2.99 -51.24 -45.13
CB MSE D 295 -3.27 -53.06 -42.66
CG MSE D 295 -3.39 -54.54 -42.24
SE MSE D 295 -2.19 -55.18 -40.74
CE MSE D 295 -2.69 -53.94 -39.36
N SER D 296 -4.16 -50.03 -43.65
CA SER D 296 -3.57 -48.78 -44.13
C SER D 296 -2.19 -48.56 -43.50
N ALA D 297 -1.94 -49.29 -42.41
CA ALA D 297 -0.61 -49.33 -41.79
C ALA D 297 -0.51 -50.63 -40.97
N PRO D 298 0.72 -51.08 -40.69
CA PRO D 298 0.81 -52.44 -40.10
C PRO D 298 0.64 -52.56 -38.57
N GLY D 299 0.34 -51.47 -37.89
CA GLY D 299 0.01 -51.55 -36.48
C GLY D 299 1.15 -51.25 -35.51
N ALA D 300 0.90 -51.43 -34.23
CA ALA D 300 1.85 -50.98 -33.22
C ALA D 300 2.32 -52.10 -32.29
N ILE D 301 2.17 -53.33 -32.74
CA ILE D 301 2.54 -54.47 -31.92
C ILE D 301 3.69 -55.18 -32.63
N VAL D 302 4.74 -55.48 -31.90
CA VAL D 302 5.90 -56.14 -32.48
C VAL D 302 6.29 -57.32 -31.61
N SER D 303 6.59 -58.45 -32.23
CA SER D 303 7.11 -59.56 -31.46
C SER D 303 8.42 -60.10 -32.04
N PHE D 304 9.22 -60.75 -31.20
CA PHE D 304 10.54 -61.25 -31.60
C PHE D 304 11.05 -62.31 -30.63
N ASP D 305 11.91 -63.18 -31.13
CA ASP D 305 12.57 -64.18 -30.29
C ASP D 305 13.83 -63.62 -29.66
N TYR D 306 13.89 -63.62 -28.35
CA TYR D 306 15.10 -63.22 -27.62
C TYR D 306 16.02 -64.45 -27.50
N LEU D 307 17.30 -64.29 -27.80
CA LEU D 307 18.22 -65.42 -27.86
C LEU D 307 19.25 -65.40 -26.75
N GLY D 308 19.28 -64.33 -25.97
CA GLY D 308 20.34 -64.11 -24.98
C GLY D 308 20.15 -64.83 -23.67
N GLY D 309 19.02 -65.51 -23.50
CA GLY D 309 18.72 -66.24 -22.27
C GLY D 309 17.24 -66.28 -21.99
N PRO D 310 16.85 -66.68 -20.76
CA PRO D 310 15.44 -66.71 -20.38
C PRO D 310 14.80 -65.33 -20.50
N ALA D 311 13.51 -65.28 -20.76
CA ALA D 311 12.81 -64.02 -21.01
C ALA D 311 12.82 -63.09 -19.78
N GLU D 312 12.74 -63.68 -18.60
CA GLU D 312 12.78 -62.92 -17.35
C GLU D 312 14.04 -62.05 -17.27
N ARG D 313 15.15 -62.55 -17.84
CA ARG D 313 16.40 -61.80 -17.86
C ARG D 313 16.25 -60.49 -18.62
N LEU D 314 15.48 -60.53 -19.71
CA LEU D 314 15.23 -59.34 -20.51
C LEU D 314 14.23 -58.38 -19.87
N LEU D 315 13.04 -58.89 -19.56
CA LEU D 315 11.97 -58.06 -18.97
C LEU D 315 12.42 -57.24 -17.75
N ASP D 316 13.38 -57.74 -17.02
CA ASP D 316 13.80 -57.11 -15.80
C ASP D 316 14.69 -55.87 -16.02
N ARG D 317 15.22 -55.71 -17.23
CA ARG D 317 16.14 -54.62 -17.54
C ARG D 317 15.44 -53.35 -18.10
N PHE D 318 14.21 -53.49 -18.57
CA PHE D 318 13.49 -52.33 -19.12
C PHE D 318 13.28 -51.31 -18.01
N THR D 319 13.51 -50.04 -18.32
CA THR D 319 13.25 -48.99 -17.34
C THR D 319 12.19 -48.01 -17.85
N LEU D 320 11.85 -48.10 -19.13
CA LEU D 320 10.84 -47.24 -19.69
C LEU D 320 9.60 -48.05 -20.08
N PHE D 321 9.80 -49.13 -20.84
CA PHE D 321 8.77 -50.14 -21.06
C PHE D 321 8.34 -50.72 -19.71
N THR D 322 7.04 -50.91 -19.52
CA THR D 322 6.52 -51.58 -18.32
C THR D 322 6.18 -53.05 -18.63
N CYS D 323 6.52 -53.95 -17.71
CA CYS D 323 6.16 -55.35 -17.89
C CYS D 323 4.78 -55.62 -17.33
N GLY D 324 3.82 -55.85 -18.21
CA GLY D 324 2.49 -56.22 -17.76
C GLY D 324 1.72 -56.81 -18.91
N VAL D 325 0.43 -57.01 -18.70
CA VAL D 325 -0.42 -57.46 -19.79
C VAL D 325 -1.25 -56.25 -20.09
N SER D 326 -1.89 -56.24 -21.25
CA SER D 326 -2.59 -55.10 -21.86
C SER D 326 -1.79 -54.57 -23.05
N LEU D 327 -2.46 -53.80 -23.90
CA LEU D 327 -1.83 -53.28 -25.11
C LEU D 327 -2.61 -52.09 -25.61
N GLY D 328 -2.02 -51.39 -26.57
CA GLY D 328 -2.71 -50.38 -27.32
C GLY D 328 -2.60 -48.97 -26.78
N GLY D 329 -2.35 -48.85 -25.47
CA GLY D 329 -2.48 -47.58 -24.79
C GLY D 329 -1.25 -46.69 -24.88
N VAL D 330 -1.31 -45.53 -24.22
CA VAL D 330 -0.25 -44.54 -24.31
C VAL D 330 1.08 -44.99 -23.70
N HIS D 331 1.03 -45.92 -22.74
CA HIS D 331 2.24 -46.45 -22.09
C HIS D 331 2.72 -47.68 -22.81
N SER D 332 3.96 -47.64 -23.33
CA SER D 332 4.56 -48.80 -23.96
C SER D 332 4.64 -49.95 -22.96
N LEU D 333 4.22 -51.13 -23.42
CA LEU D 333 4.22 -52.31 -22.56
C LEU D 333 4.98 -53.43 -23.20
N VAL D 334 5.64 -54.22 -22.38
CA VAL D 334 6.28 -55.43 -22.84
C VAL D 334 5.74 -56.59 -22.01
N GLU D 335 5.66 -57.76 -22.62
CA GLU D 335 5.47 -58.97 -21.83
C GLU D 335 6.07 -60.13 -22.62
N CYS D 336 6.21 -61.27 -21.98
CA CYS D 336 6.58 -62.47 -22.70
C CYS D 336 5.44 -63.49 -22.60
N PRO D 337 4.70 -63.68 -23.70
CA PRO D 337 3.52 -64.56 -23.76
C PRO D 337 3.64 -65.87 -22.96
N ALA D 338 4.48 -66.82 -23.37
CA ALA D 338 4.58 -68.14 -22.71
C ALA D 338 4.71 -68.06 -21.18
N LEU D 339 5.32 -66.99 -20.69
CA LEU D 339 5.43 -66.79 -19.27
C LEU D 339 4.09 -66.32 -18.72
N MSE D 340 3.31 -65.65 -19.56
CA MSE D 340 2.26 -64.77 -19.05
C MSE D 340 0.90 -64.73 -19.82
O MSE D 340 0.10 -65.64 -19.60
CB MSE D 340 2.88 -63.41 -18.68
CG MSE D 340 3.40 -63.34 -17.18
SE MSE D 340 5.16 -64.00 -16.37
CE MSE D 340 5.40 -62.41 -15.36
N THR D 341 0.58 -63.75 -20.69
CA THR D 341 -0.77 -63.75 -21.35
C THR D 341 -1.13 -65.12 -21.88
N HIS D 342 -0.12 -65.82 -22.38
CA HIS D 342 -0.18 -67.26 -22.58
C HIS D 342 0.51 -67.97 -21.40
N ARG D 343 -0.05 -67.81 -20.21
CA ARG D 343 0.27 -68.67 -19.07
C ARG D 343 -0.73 -69.84 -18.89
N PRO D 344 -2.04 -69.62 -19.11
CA PRO D 344 -2.93 -70.75 -18.79
C PRO D 344 -2.81 -71.89 -19.80
N LEU D 345 -2.32 -71.58 -20.98
CA LEU D 345 -2.03 -72.64 -21.93
C LEU D 345 -0.88 -73.40 -21.36
N SER D 346 -0.93 -74.72 -21.48
CA SER D 346 0.22 -75.52 -21.10
C SER D 346 1.28 -75.20 -22.14
N ALA D 347 2.55 -75.42 -21.79
CA ALA D 347 3.62 -75.27 -22.78
C ALA D 347 3.42 -76.32 -23.86
N GLU D 348 2.94 -77.49 -23.45
CA GLU D 348 2.65 -78.61 -24.34
C GLU D 348 1.44 -78.27 -25.20
N ALA D 349 0.48 -77.59 -24.58
CA ALA D 349 -0.68 -77.05 -25.28
C ALA D 349 -0.34 -75.70 -25.90
N ARG D 350 0.87 -75.21 -25.63
CA ARG D 350 1.42 -74.07 -26.37
C ARG D 350 2.22 -74.60 -27.54
N ALA D 351 3.43 -75.09 -27.22
CA ALA D 351 4.47 -75.53 -28.17
C ALA D 351 4.03 -75.83 -29.59
N ARG D 352 2.90 -76.53 -29.75
CA ARG D 352 2.38 -76.73 -31.09
C ARG D 352 1.66 -75.49 -31.67
N ARG D 353 1.58 -74.39 -30.91
CA ARG D 353 1.15 -73.12 -31.51
C ARG D 353 2.35 -72.25 -31.87
N GLY D 354 3.51 -72.89 -32.07
CA GLY D 354 4.73 -72.18 -32.44
C GLY D 354 5.13 -71.11 -31.45
N ILE D 355 4.68 -71.28 -30.20
CA ILE D 355 4.96 -70.32 -29.12
C ILE D 355 6.15 -70.82 -28.29
N GLY D 356 7.33 -70.24 -28.56
CA GLY D 356 8.55 -70.67 -27.89
C GLY D 356 8.78 -70.01 -26.55
N GLU D 357 9.67 -70.61 -25.76
CA GLU D 357 10.01 -70.16 -24.41
C GLU D 357 10.31 -68.67 -24.32
N SER D 358 11.05 -68.13 -25.29
CA SER D 358 11.48 -66.74 -25.17
C SER D 358 11.06 -65.79 -26.31
N LEU D 359 9.84 -65.95 -26.79
CA LEU D 359 9.22 -64.97 -27.67
C LEU D 359 8.81 -63.77 -26.82
N ILE D 360 9.10 -62.56 -27.29
CA ILE D 360 8.75 -61.33 -26.58
C ILE D 360 7.77 -60.49 -27.43
N ARG D 361 6.79 -59.85 -26.78
CA ARG D 361 5.89 -58.96 -27.52
C ARG D 361 5.86 -57.55 -26.95
N LEU D 362 6.03 -56.59 -27.84
CA LEU D 362 6.03 -55.18 -27.49
C LEU D 362 4.72 -54.53 -27.94
N SER D 363 4.16 -53.71 -27.06
CA SER D 363 3.02 -52.87 -27.39
C SER D 363 3.52 -51.45 -27.19
N VAL D 364 3.76 -50.74 -28.27
CA VAL D 364 4.38 -49.44 -28.15
C VAL D 364 3.34 -48.41 -27.85
N GLY D 365 3.68 -47.45 -27.00
CA GLY D 365 2.83 -46.35 -26.67
C GLY D 365 3.27 -45.10 -27.41
N ILE D 366 3.12 -43.95 -26.77
CA ILE D 366 3.37 -42.70 -27.46
C ILE D 366 4.54 -41.89 -26.88
N GLU D 367 5.46 -42.59 -26.22
CA GLU D 367 6.66 -41.92 -25.70
C GLU D 367 7.56 -41.53 -26.89
N ASP D 368 8.58 -40.71 -26.63
CA ASP D 368 9.50 -40.35 -27.70
C ASP D 368 10.12 -41.62 -28.27
N PRO D 369 10.14 -41.75 -29.62
CA PRO D 369 10.55 -43.01 -30.25
C PRO D 369 11.96 -43.39 -29.83
N GLN D 370 12.85 -42.41 -29.83
CA GLN D 370 14.26 -42.67 -29.58
C GLN D 370 14.47 -43.06 -28.13
N ASP D 371 13.66 -42.53 -27.21
CA ASP D 371 13.70 -42.98 -25.81
C ASP D 371 13.40 -44.48 -25.72
N LEU D 372 12.33 -44.90 -26.37
CA LEU D 372 11.95 -46.31 -26.36
C LEU D 372 13.04 -47.16 -27.02
N ALA D 373 13.62 -46.64 -28.09
CA ALA D 373 14.70 -47.36 -28.78
C ALA D 373 15.90 -47.59 -27.88
N GLU D 374 16.29 -46.58 -27.11
CA GLU D 374 17.43 -46.79 -26.20
C GLU D 374 17.09 -47.77 -25.07
N ASP D 375 15.86 -47.73 -24.55
CA ASP D 375 15.50 -48.65 -23.47
C ASP D 375 15.53 -50.09 -23.98
N LEU D 376 14.99 -50.29 -25.18
CA LEU D 376 15.04 -51.59 -25.84
C LEU D 376 16.49 -52.06 -26.04
N SER D 377 17.31 -51.20 -26.65
CA SER D 377 18.72 -51.55 -26.87
C SER D 377 19.41 -51.82 -25.56
N ARG D 378 19.02 -51.07 -24.54
CA ARG D 378 19.61 -51.25 -23.21
C ARG D 378 19.27 -52.63 -22.65
N ALA D 379 18.00 -52.99 -22.70
CA ALA D 379 17.58 -54.30 -22.21
C ALA D 379 18.31 -55.38 -22.99
N LEU D 380 18.39 -55.19 -24.31
CA LEU D 380 19.11 -56.13 -25.16
C LEU D 380 20.61 -56.12 -24.85
N ALA D 381 21.10 -55.06 -24.20
CA ALA D 381 22.49 -55.02 -23.72
C ALA D 381 22.58 -54.78 -22.20
N GLY D 382 21.63 -55.32 -21.43
CA GLY D 382 21.61 -55.11 -20.00
C GLY D 382 22.86 -55.55 -19.24
N GLY E 6 -18.03 43.57 15.51
CA GLY E 6 -16.76 42.89 15.75
C GLY E 6 -15.64 43.07 14.71
N MSE E 7 -15.28 41.98 14.02
CA MSE E 7 -14.22 42.04 13.00
C MSE E 7 -14.81 41.74 11.60
O MSE E 7 -15.35 40.66 11.37
CB MSE E 7 -13.05 41.07 13.33
CG MSE E 7 -11.61 41.62 13.63
SE MSE E 7 -10.11 40.19 13.85
CE MSE E 7 -10.19 40.01 15.77
N ARG E 8 -14.71 42.69 10.68
CA ARG E 8 -14.93 42.37 9.27
C ARG E 8 -13.64 41.74 8.73
N PHE E 9 -13.64 41.41 7.44
CA PHE E 9 -12.46 40.84 6.84
C PHE E 9 -11.22 41.74 7.02
N GLY E 10 -11.28 42.95 6.48
CA GLY E 10 -10.09 43.78 6.40
C GLY E 10 -9.49 44.25 7.71
N THR E 11 -10.11 43.89 8.81
CA THR E 11 -9.65 44.25 10.14
C THR E 11 -8.95 43.04 10.77
N ARG E 12 -9.39 41.85 10.36
CA ARG E 12 -8.83 40.57 10.81
C ARG E 12 -7.38 40.41 10.33
N LEU E 13 -7.10 40.91 9.14
CA LEU E 13 -5.73 41.00 8.62
C LEU E 13 -4.80 41.66 9.64
N VAL E 14 -5.24 42.78 10.21
CA VAL E 14 -4.45 43.53 11.17
C VAL E 14 -4.52 42.92 12.57
N HIS E 15 -5.69 42.42 12.97
CA HIS E 15 -5.89 42.01 14.36
C HIS E 15 -6.09 40.50 14.62
N GLY E 16 -6.21 39.69 13.58
CA GLY E 16 -6.33 38.24 13.79
C GLY E 16 -5.10 37.64 14.45
N GLY E 17 -5.29 36.88 15.52
CA GLY E 17 -4.16 36.19 16.14
C GLY E 17 -3.20 37.15 16.82
N ARG E 18 -3.46 38.45 16.72
CA ARG E 18 -2.72 39.42 17.49
C ARG E 18 -3.21 39.15 18.89
N ARG E 19 -2.33 38.62 19.74
CA ARG E 19 -2.69 38.34 21.13
C ARG E 19 -1.88 39.24 22.08
N PRO E 20 -2.56 40.07 22.86
CA PRO E 20 -1.93 40.89 23.91
C PRO E 20 -0.84 40.30 24.79
N SER E 21 -0.01 41.22 25.27
CA SER E 21 1.07 40.94 26.19
C SER E 21 0.60 41.53 27.54
N ALA E 22 0.41 40.65 28.50
CA ALA E 22 -0.19 41.00 29.79
C ALA E 22 0.56 42.06 30.62
N GLY E 23 1.87 41.96 30.74
CA GLY E 23 2.56 42.91 31.57
C GLY E 23 3.02 44.16 30.83
N THR E 24 3.23 44.04 29.53
CA THR E 24 3.95 45.07 28.79
C THR E 24 3.11 45.79 27.73
N GLY E 25 2.04 45.15 27.28
CA GLY E 25 1.08 45.78 26.39
C GLY E 25 1.51 45.95 24.94
N ASP E 26 2.58 45.26 24.54
CA ASP E 26 3.06 45.28 23.15
C ASP E 26 1.89 45.17 22.17
N VAL E 27 1.79 46.15 21.27
CA VAL E 27 0.76 46.14 20.24
C VAL E 27 1.10 45.09 19.17
N VAL E 28 2.32 45.13 18.66
CA VAL E 28 2.85 44.05 17.85
C VAL E 28 3.33 42.94 18.79
N PRO E 29 2.86 41.71 18.57
CA PRO E 29 3.27 40.62 19.46
C PRO E 29 4.77 40.37 19.37
N PRO E 30 5.41 40.02 20.49
CA PRO E 30 6.86 39.78 20.48
C PRO E 30 7.19 38.49 19.73
N ILE E 31 8.42 38.37 19.22
CA ILE E 31 8.80 37.20 18.44
C ILE E 31 9.34 36.11 19.34
N HIS E 32 8.62 34.98 19.41
CA HIS E 32 9.00 33.89 20.31
C HIS E 32 9.97 32.92 19.65
N VAL E 33 11.26 33.16 19.86
CA VAL E 33 12.30 32.32 19.25
C VAL E 33 12.67 31.12 20.10
N SER E 34 12.31 31.12 21.38
CA SER E 34 12.74 30.05 22.30
C SER E 34 12.29 28.67 21.81
N THR E 35 13.23 27.72 21.75
CA THR E 35 12.89 26.34 21.40
C THR E 35 12.41 25.60 22.63
N THR E 36 12.81 26.06 23.81
CA THR E 36 12.41 25.32 24.98
C THR E 36 11.84 26.21 26.07
N TYR E 37 10.88 25.67 26.80
CA TYR E 37 10.11 26.46 27.72
C TYR E 37 10.25 25.81 29.08
N GLU E 38 10.01 26.57 30.15
CA GLU E 38 10.22 26.06 31.50
C GLU E 38 8.93 25.54 32.15
N ARG E 39 9.05 24.39 32.79
CA ARG E 39 8.01 23.86 33.67
C ARG E 39 7.82 24.78 34.88
N ARG E 40 7.69 24.21 36.08
CA ARG E 40 7.54 25.01 37.30
C ARG E 40 6.52 26.14 37.19
N ALA E 41 6.87 27.21 36.46
CA ALA E 41 6.08 28.43 36.41
C ALA E 41 5.02 28.40 35.32
N GLN E 42 4.62 27.20 34.92
CA GLN E 42 3.64 27.04 33.86
C GLN E 42 2.36 26.48 34.45
N ASP E 43 1.32 27.32 34.49
CA ASP E 43 0.06 26.91 35.15
C ASP E 43 -0.49 25.63 34.57
N GLU E 44 -1.34 25.74 33.57
CA GLU E 44 -1.73 24.57 32.80
C GLU E 44 -0.73 24.55 31.66
N PRO E 45 0.40 23.86 31.88
CA PRO E 45 1.60 23.96 31.06
C PRO E 45 1.31 23.60 29.62
N ARG E 46 1.06 24.58 28.77
CA ARG E 46 0.79 24.21 27.38
C ARG E 46 1.89 24.65 26.40
N TYR E 47 3.11 24.80 26.92
CA TYR E 47 4.29 25.00 26.08
C TYR E 47 5.44 24.08 26.50
N PHE E 48 5.84 23.18 25.58
CA PHE E 48 6.78 22.10 25.90
C PHE E 48 8.00 22.04 25.01
N TYR E 49 7.80 22.35 23.72
CA TYR E 49 8.86 22.30 22.74
C TYR E 49 8.41 22.91 21.41
N GLY E 50 9.24 23.82 20.88
CA GLY E 50 8.92 24.61 19.71
C GLY E 50 8.50 23.92 18.42
N ARG E 51 9.01 22.71 18.17
CA ARG E 51 8.49 21.92 17.03
C ARG E 51 6.99 21.70 17.17
N GLY E 52 6.56 21.34 18.38
CA GLY E 52 5.15 21.09 18.65
C GLY E 52 4.28 22.33 18.80
N GLU E 53 4.68 23.25 19.69
CA GLU E 53 3.86 24.43 19.98
C GLU E 53 4.73 25.67 20.13
N ASN E 54 4.27 26.79 19.58
CA ASN E 54 5.02 28.06 19.59
C ASN E 54 4.07 29.25 19.50
N PRO E 55 4.13 30.19 20.46
CA PRO E 55 3.11 31.25 20.41
C PRO E 55 3.10 32.10 19.14
N THR E 56 4.26 32.41 18.57
CA THR E 56 4.28 33.27 17.38
C THR E 56 3.70 32.54 16.18
N ARG E 57 3.92 31.22 16.16
CA ARG E 57 3.35 30.37 15.12
C ARG E 57 1.83 30.27 15.23
N GLU E 58 1.33 30.09 16.46
CA GLU E 58 -0.11 30.04 16.74
C GLU E 58 -0.84 31.31 16.33
N GLU E 59 -0.22 32.45 16.61
CA GLU E 59 -0.83 33.75 16.31
C GLU E 59 -1.07 33.87 14.81
N LEU E 60 -0.07 33.46 14.03
CA LEU E 60 -0.19 33.46 12.56
C LEU E 60 -1.32 32.51 12.10
N GLU E 61 -1.40 31.35 12.73
CA GLU E 61 -2.47 30.39 12.44
C GLU E 61 -3.85 30.91 12.82
N GLU E 62 -3.95 31.59 13.95
CA GLU E 62 -5.22 32.18 14.34
C GLU E 62 -5.64 33.20 13.30
N CYS E 63 -4.67 33.96 12.79
CA CYS E 63 -4.98 34.97 11.77
C CYS E 63 -5.51 34.31 10.50
N LEU E 64 -4.81 33.29 10.00
CA LEU E 64 -5.20 32.62 8.75
C LEU E 64 -6.56 31.92 8.85
N ALA E 65 -6.78 31.17 9.95
CA ALA E 65 -8.09 30.56 10.17
C ALA E 65 -9.14 31.68 10.16
N GLY E 66 -8.76 32.79 10.78
CA GLY E 66 -9.57 34.00 10.80
C GLY E 66 -9.94 34.53 9.42
N LEU E 67 -9.05 34.49 8.45
CA LEU E 67 -9.41 35.01 7.13
C LEU E 67 -10.56 34.24 6.47
N GLU E 68 -10.82 33.02 6.96
CA GLU E 68 -11.88 32.22 6.37
C GLU E 68 -12.97 31.88 7.39
N ARG E 69 -12.95 32.60 8.52
CA ARG E 69 -13.86 32.34 9.63
C ARG E 69 -13.93 30.84 10.00
N ALA E 70 -12.75 30.22 10.10
CA ALA E 70 -12.63 28.78 10.27
C ALA E 70 -12.06 28.49 11.63
N PRO E 71 -12.38 27.32 12.20
CA PRO E 71 -11.91 27.06 13.56
C PRO E 71 -10.47 26.56 13.62
N PHE E 72 -9.81 26.32 12.49
CA PHE E 72 -8.45 25.77 12.50
C PHE E 72 -7.54 26.24 11.37
N ALA E 73 -6.26 26.40 11.68
CA ALA E 73 -5.23 26.51 10.66
C ALA E 73 -3.91 25.95 11.17
N THR E 74 -3.11 25.46 10.25
CA THR E 74 -1.77 24.97 10.57
C THR E 74 -0.80 25.49 9.53
N VAL E 75 0.33 26.04 9.98
CA VAL E 75 1.35 26.53 9.05
C VAL E 75 2.56 25.60 8.93
N PHE E 76 3.26 25.75 7.81
CA PHE E 76 4.33 24.83 7.42
C PHE E 76 5.53 25.58 6.88
N SER E 77 6.65 24.88 6.79
CA SER E 77 7.90 25.43 6.25
C SER E 77 7.79 25.88 4.79
N SER E 78 6.80 25.36 4.08
CA SER E 78 6.56 25.77 2.69
C SER E 78 5.19 25.28 2.26
N GLY E 79 4.71 25.84 1.15
CA GLY E 79 3.49 25.34 0.53
C GLY E 79 3.57 23.86 0.19
N GLN E 80 4.72 23.41 -0.29
CA GLN E 80 4.90 21.98 -0.59
C GLN E 80 4.68 21.13 0.65
N ALA E 81 5.19 21.59 1.79
CA ALA E 81 5.07 20.86 3.06
C ALA E 81 3.61 20.76 3.52
N ALA E 82 2.85 21.84 3.32
CA ALA E 82 1.42 21.82 3.62
C ALA E 82 0.75 20.77 2.73
N ALA E 83 1.09 20.81 1.45
CA ALA E 83 0.55 19.85 0.50
C ALA E 83 0.97 18.42 0.85
N ALA E 84 2.25 18.24 1.24
CA ALA E 84 2.76 16.93 1.56
C ALA E 84 1.97 16.33 2.72
N THR E 85 1.70 17.16 3.72
CA THR E 85 0.97 16.75 4.90
C THR E 85 -0.45 16.28 4.54
N LEU E 86 -1.13 17.02 3.67
CA LEU E 86 -2.46 16.60 3.22
C LEU E 86 -2.43 15.26 2.47
N LEU E 87 -1.46 15.08 1.56
CA LEU E 87 -1.28 13.79 0.90
C LEU E 87 -1.08 12.63 1.87
N SER E 88 -0.29 12.86 2.91
CA SER E 88 0.12 11.81 3.86
C SER E 88 -1.06 11.08 4.48
N LEU E 89 -2.22 11.73 4.48
CA LEU E 89 -3.43 11.11 5.01
C LEU E 89 -4.13 10.21 4.00
N VAL E 90 -3.69 10.22 2.75
CA VAL E 90 -4.26 9.31 1.76
C VAL E 90 -3.57 7.94 1.90
N ARG E 91 -4.37 6.89 2.02
CA ARG E 91 -3.81 5.55 2.22
C ARG E 91 -3.44 4.86 0.92
N PRO E 92 -2.39 4.03 0.96
CA PRO E 92 -2.18 3.10 -0.14
C PRO E 92 -3.50 2.37 -0.37
N GLY E 93 -3.95 2.31 -1.61
CA GLY E 93 -5.23 1.69 -1.91
C GLY E 93 -6.37 2.69 -2.02
N GLN E 94 -6.03 3.97 -2.10
CA GLN E 94 -7.01 5.04 -2.26
C GLN E 94 -6.64 6.00 -3.39
N CYS E 95 -7.63 6.69 -3.94
CA CYS E 95 -7.45 7.50 -5.13
C CYS E 95 -7.52 9.01 -4.86
N VAL E 96 -6.61 9.74 -5.50
CA VAL E 96 -6.64 11.19 -5.52
C VAL E 96 -7.03 11.58 -6.94
N VAL E 97 -8.14 12.28 -7.08
CA VAL E 97 -8.49 12.89 -8.36
C VAL E 97 -8.01 14.34 -8.41
N SER E 98 -7.40 14.72 -9.52
CA SER E 98 -6.85 16.07 -9.68
C SER E 98 -6.91 16.48 -11.14
N THR E 99 -6.20 17.55 -11.51
CA THR E 99 -6.39 18.14 -12.84
C THR E 99 -5.11 18.34 -13.67
N ASP E 100 -4.84 17.35 -14.52
CA ASP E 100 -3.63 17.24 -15.38
C ASP E 100 -2.57 18.36 -15.34
N ASP E 101 -3.02 19.61 -15.15
CA ASP E 101 -2.16 20.76 -15.24
C ASP E 101 -1.97 21.43 -13.89
N VAL E 102 -2.10 20.63 -12.83
CA VAL E 102 -1.80 21.08 -11.47
C VAL E 102 -0.33 21.45 -11.33
N TYR E 103 -0.04 22.46 -10.50
CA TYR E 103 1.34 22.89 -10.23
C TYR E 103 2.32 21.75 -9.96
N ALA E 104 3.45 21.79 -10.67
CA ALA E 104 4.44 20.69 -10.70
C ALA E 104 4.84 20.14 -9.33
N GLY E 105 4.93 21.03 -8.34
CA GLY E 105 5.25 20.59 -7.00
C GLY E 105 4.18 19.67 -6.45
N THR E 106 2.93 19.93 -6.82
CA THR E 106 1.84 19.07 -6.42
C THR E 106 1.99 17.76 -7.16
N ASP E 107 2.25 17.87 -8.46
CA ASP E 107 2.41 16.70 -9.31
C ASP E 107 3.61 15.88 -8.84
N GLY E 108 4.61 16.56 -8.31
CA GLY E 108 5.80 15.92 -7.75
C GLY E 108 5.43 15.10 -6.54
N LEU E 109 4.59 15.68 -5.68
CA LEU E 109 4.10 14.99 -4.50
C LEU E 109 3.20 13.80 -4.86
N PHE E 110 2.43 13.93 -5.93
CA PHE E 110 1.53 12.84 -6.34
C PHE E 110 2.28 11.53 -6.62
N ASP E 111 3.39 11.59 -7.36
CA ASP E 111 4.16 10.36 -7.66
C ASP E 111 4.69 9.71 -6.38
N LEU E 112 5.16 10.56 -5.46
CA LEU E 112 5.72 10.13 -4.20
C LEU E 112 4.67 9.27 -3.51
N ALA E 113 3.45 9.79 -3.45
CA ALA E 113 2.31 9.01 -3.00
C ALA E 113 2.10 7.77 -3.88
N ALA E 114 2.14 7.96 -5.20
CA ALA E 114 1.93 6.84 -6.13
C ALA E 114 2.94 5.72 -5.89
N ARG E 115 4.18 6.09 -5.58
CA ARG E 115 5.23 5.12 -5.27
C ARG E 115 4.94 4.38 -3.97
N GLN E 116 4.01 4.90 -3.18
CA GLN E 116 3.58 4.22 -1.98
C GLN E 116 2.27 3.44 -2.22
N GLY E 117 1.74 3.56 -3.43
CA GLY E 117 0.51 2.88 -3.78
C GLY E 117 -0.74 3.77 -3.88
N VAL E 118 -0.56 5.04 -4.23
CA VAL E 118 -1.70 5.93 -4.41
C VAL E 118 -2.12 6.05 -5.88
N ARG E 119 -3.37 5.71 -6.16
CA ARG E 119 -3.94 5.91 -7.49
C ARG E 119 -4.12 7.42 -7.71
N VAL E 120 -3.47 7.94 -8.76
CA VAL E 120 -3.58 9.36 -9.06
C VAL E 120 -4.33 9.59 -10.35
N ARG E 121 -5.62 9.87 -10.26
CA ARG E 121 -6.42 10.13 -11.45
C ARG E 121 -6.46 11.62 -11.70
N TYR E 122 -5.89 12.05 -12.82
CA TYR E 122 -6.01 13.44 -13.23
C TYR E 122 -7.31 13.58 -14.02
N ALA E 123 -8.01 14.69 -13.85
CA ALA E 123 -9.30 14.82 -14.53
C ALA E 123 -9.64 16.22 -15.04
N ASP E 124 -10.74 16.27 -15.80
CA ASP E 124 -11.20 17.44 -16.52
C ASP E 124 -12.36 18.07 -15.78
N LEU E 125 -12.07 18.79 -14.71
CA LEU E 125 -13.13 19.23 -13.81
C LEU E 125 -13.93 20.44 -14.32
N THR E 126 -14.35 20.40 -15.58
CA THR E 126 -15.16 21.46 -16.13
C THR E 126 -16.51 21.03 -16.71
N THR E 127 -16.79 19.72 -16.69
CA THR E 127 -17.99 19.19 -17.34
C THR E 127 -18.69 18.13 -16.47
N PRO E 128 -19.97 17.85 -16.76
CA PRO E 128 -20.59 16.79 -15.97
C PRO E 128 -19.88 15.45 -16.15
N GLU E 129 -19.56 15.09 -17.40
CA GLU E 129 -18.89 13.83 -17.70
C GLU E 129 -17.40 13.76 -17.25
N GLY E 130 -16.71 14.91 -17.21
CA GLY E 130 -15.36 14.93 -16.70
C GLY E 130 -15.41 14.62 -15.21
N ILE E 131 -16.24 15.40 -14.53
CA ILE E 131 -16.52 15.25 -13.11
C ILE E 131 -17.10 13.88 -12.70
N ALA E 132 -18.23 13.49 -13.30
CA ALA E 132 -18.98 12.30 -12.88
C ALA E 132 -18.22 10.98 -12.97
N ALA E 133 -17.50 10.79 -14.07
CA ALA E 133 -16.70 9.59 -14.26
C ALA E 133 -15.63 9.55 -13.18
N ALA E 134 -14.88 10.65 -13.11
CA ALA E 134 -13.76 10.80 -12.19
C ALA E 134 -14.16 10.53 -10.76
N LEU E 135 -15.04 11.38 -10.23
CA LEU E 135 -15.54 11.25 -8.86
C LEU E 135 -16.01 9.85 -8.51
N ALA E 136 -16.35 9.05 -9.52
CA ALA E 136 -16.81 7.68 -9.31
C ALA E 136 -15.68 6.65 -9.21
N GLU E 137 -14.46 7.10 -8.92
CA GLU E 137 -13.37 6.17 -8.65
C GLU E 137 -13.63 5.54 -7.30
N PRO E 138 -13.46 4.22 -7.18
CA PRO E 138 -13.71 3.76 -5.81
C PRO E 138 -12.55 4.10 -4.89
N ASP E 139 -12.78 3.98 -3.57
CA ASP E 139 -11.76 4.29 -2.58
C ASP E 139 -11.33 5.77 -2.72
N LEU E 140 -12.31 6.61 -3.07
CA LEU E 140 -12.03 8.02 -3.33
C LEU E 140 -11.77 8.77 -2.03
N ALA E 141 -10.52 9.16 -1.83
CA ALA E 141 -10.12 9.81 -0.59
C ALA E 141 -10.09 11.34 -0.69
N LEU E 142 -9.76 11.85 -1.87
CA LEU E 142 -9.38 13.25 -1.98
C LEU E 142 -9.50 13.82 -3.39
N VAL E 143 -10.31 14.86 -3.53
CA VAL E 143 -10.39 15.58 -4.78
C VAL E 143 -9.55 16.84 -4.60
N TRP E 144 -8.55 16.99 -5.46
CA TRP E 144 -7.58 18.07 -5.36
C TRP E 144 -7.85 19.10 -6.45
N ILE E 145 -8.37 20.25 -6.04
CA ILE E 145 -8.74 21.31 -6.98
C ILE E 145 -7.73 22.45 -6.90
N GLU E 146 -7.14 22.83 -8.04
CA GLU E 146 -6.37 24.06 -8.10
C GLU E 146 -7.11 25.05 -8.99
N THR E 147 -7.50 26.18 -8.43
CA THR E 147 -8.27 27.17 -9.19
C THR E 147 -8.02 28.61 -8.71
N PRO E 148 -7.79 29.53 -9.67
CA PRO E 148 -7.59 29.21 -11.09
C PRO E 148 -6.30 28.41 -11.31
N THR E 149 -6.29 27.60 -12.36
CA THR E 149 -5.13 26.78 -12.67
C THR E 149 -4.00 27.61 -13.29
N ASN E 150 -3.07 26.91 -13.93
CA ASN E 150 -1.94 27.55 -14.56
C ASN E 150 -1.41 26.70 -15.72
N PRO E 151 -0.80 27.35 -16.73
CA PRO E 151 -0.74 28.80 -16.95
C PRO E 151 -1.94 29.32 -17.73
N LEU E 152 -2.89 28.46 -18.07
CA LEU E 152 -4.00 28.90 -18.90
C LEU E 152 -5.12 29.64 -18.13
N LEU E 153 -5.01 29.68 -16.80
CA LEU E 153 -5.93 30.46 -15.97
C LEU E 153 -7.37 29.96 -16.12
N THR E 154 -7.44 28.65 -16.35
CA THR E 154 -8.66 27.86 -16.31
C THR E 154 -9.31 27.99 -14.92
N VAL E 155 -10.63 27.80 -14.83
CA VAL E 155 -11.32 27.90 -13.54
C VAL E 155 -12.26 26.71 -13.23
N VAL E 156 -12.25 26.26 -11.97
CA VAL E 156 -13.03 25.09 -11.55
C VAL E 156 -14.13 25.42 -10.53
N ASP E 157 -15.32 24.88 -10.76
CA ASP E 157 -16.52 25.16 -9.94
C ASP E 157 -16.41 24.42 -8.59
N VAL E 158 -15.87 25.12 -7.58
CA VAL E 158 -15.60 24.50 -6.28
C VAL E 158 -16.87 23.95 -5.63
N ALA E 159 -17.95 24.73 -5.66
CA ALA E 159 -19.18 24.31 -5.01
C ALA E 159 -19.76 23.05 -5.65
N GLU E 160 -19.77 23.01 -6.98
CA GLU E 160 -20.34 21.88 -7.70
C GLU E 160 -19.50 20.62 -7.51
N VAL E 161 -18.18 20.75 -7.68
CA VAL E 161 -17.31 19.60 -7.50
C VAL E 161 -17.39 19.10 -6.07
N SER E 162 -17.46 20.02 -5.12
CA SER E 162 -17.51 19.62 -3.71
C SER E 162 -18.79 18.85 -3.37
N ARG E 163 -19.91 19.27 -3.95
CA ARG E 163 -21.16 18.55 -3.75
C ARG E 163 -21.12 17.13 -4.31
N ARG E 164 -20.59 17.00 -5.52
CA ARG E 164 -20.52 15.70 -6.15
C ARG E 164 -19.40 14.85 -5.53
N ALA E 165 -18.39 15.51 -4.97
CA ALA E 165 -17.34 14.80 -4.27
C ALA E 165 -17.83 14.34 -2.90
N HIS E 166 -18.62 15.18 -2.23
CA HIS E 166 -19.06 14.84 -0.88
C HIS E 166 -19.98 13.63 -0.83
N GLU E 167 -20.78 13.45 -1.89
CA GLU E 167 -21.60 12.24 -2.03
C GLU E 167 -20.74 10.98 -2.05
N ARG E 168 -19.45 11.15 -2.31
CA ARG E 168 -18.53 10.02 -2.33
C ARG E 168 -17.78 9.93 -1.01
N GLY E 169 -18.16 10.79 -0.05
CA GLY E 169 -17.46 10.92 1.21
C GLY E 169 -16.03 11.43 1.04
N ALA E 170 -15.78 12.15 -0.06
CA ALA E 170 -14.45 12.67 -0.37
C ALA E 170 -14.12 14.01 0.28
N ARG E 171 -12.91 14.10 0.82
CA ARG E 171 -12.34 15.37 1.25
C ARG E 171 -12.03 16.19 0.00
N VAL E 172 -12.31 17.49 0.06
CA VAL E 172 -12.02 18.40 -1.03
C VAL E 172 -11.08 19.53 -0.59
N VAL E 173 -9.93 19.62 -1.24
CA VAL E 173 -9.00 20.70 -1.01
C VAL E 173 -8.92 21.61 -2.22
N VAL E 174 -8.91 22.92 -1.96
CA VAL E 174 -8.63 23.87 -3.00
C VAL E 174 -7.27 24.48 -2.73
N ASP E 175 -6.35 24.35 -3.67
CA ASP E 175 -5.08 25.08 -3.61
C ASP E 175 -5.44 26.49 -4.05
N ASN E 176 -5.49 27.38 -3.06
CA ASN E 176 -6.06 28.71 -3.19
C ASN E 176 -4.96 29.78 -3.22
N THR E 177 -3.74 29.35 -3.46
CA THR E 177 -2.58 30.25 -3.45
C THR E 177 -2.73 31.45 -4.40
N PHE E 178 -3.15 31.14 -5.63
CA PHE E 178 -3.28 32.10 -6.72
C PHE E 178 -4.28 33.20 -6.36
N ALA E 179 -5.50 32.83 -5.94
CA ALA E 179 -6.51 33.85 -5.69
C ALA E 179 -6.29 34.57 -4.37
N SER E 180 -5.79 33.84 -3.38
CA SER E 180 -5.75 34.28 -1.97
C SER E 180 -7.16 34.33 -1.35
N PRO E 181 -7.23 34.32 -0.01
CA PRO E 181 -8.52 34.43 0.70
C PRO E 181 -9.24 35.75 0.48
N VAL E 182 -8.54 36.76 -0.04
CA VAL E 182 -9.18 38.02 -0.44
C VAL E 182 -10.22 37.82 -1.55
N LEU E 183 -9.91 36.94 -2.49
CA LEU E 183 -10.72 36.81 -3.71
C LEU E 183 -11.61 35.56 -3.76
N GLN E 184 -11.19 34.51 -3.07
CA GLN E 184 -11.88 33.23 -3.15
C GLN E 184 -11.86 32.56 -1.79
N GLN E 185 -13.01 32.07 -1.36
CA GLN E 185 -13.15 31.48 -0.03
C GLN E 185 -13.60 30.00 -0.15
N PRO E 186 -12.62 29.09 -0.35
CA PRO E 186 -12.94 27.68 -0.64
C PRO E 186 -13.81 27.01 0.41
N LEU E 187 -13.59 27.29 1.68
CA LEU E 187 -14.44 26.70 2.73
C LEU E 187 -15.89 27.18 2.60
N ALA E 188 -16.07 28.47 2.32
CA ALA E 188 -17.41 29.04 2.11
C ALA E 188 -18.11 28.40 0.92
N LEU E 189 -17.33 27.99 -0.06
CA LEU E 189 -17.89 27.41 -1.28
C LEU E 189 -18.23 25.93 -1.14
N GLY E 190 -17.72 25.28 -0.10
CA GLY E 190 -18.03 23.88 0.15
C GLY E 190 -16.85 22.92 0.30
N ALA E 191 -15.63 23.38 0.04
CA ALA E 191 -14.44 22.54 0.22
C ALA E 191 -14.16 22.27 1.70
N ASP E 192 -13.36 21.25 1.97
CA ASP E 192 -13.01 20.91 3.35
C ASP E 192 -11.73 21.59 3.80
N VAL E 193 -10.87 21.93 2.85
CA VAL E 193 -9.55 22.45 3.18
C VAL E 193 -9.13 23.53 2.19
N SER E 194 -8.51 24.57 2.71
CA SER E 194 -7.76 25.51 1.89
C SER E 194 -6.28 25.25 2.05
N LEU E 195 -5.58 25.20 0.93
CA LEU E 195 -4.14 25.00 0.93
C LEU E 195 -3.48 26.24 0.33
N TYR E 196 -2.37 26.67 0.92
CA TYR E 196 -1.65 27.85 0.47
C TYR E 196 -0.15 27.66 0.51
N SER E 197 0.52 28.14 -0.53
CA SER E 197 1.88 28.59 -0.40
C SER E 197 1.80 30.02 0.10
N THR E 198 2.07 30.23 1.38
CA THR E 198 2.12 31.60 1.90
C THR E 198 3.35 32.37 1.37
N THR E 199 4.26 31.66 0.70
CA THR E 199 5.40 32.27 0.02
C THR E 199 4.95 33.34 -0.99
N1 LLP E 200 0.83 25.69 -5.13
C2 LLP E 200 0.83 26.86 -5.76
C2' LLP E 200 -0.44 27.31 -6.55
C3 LLP E 200 1.99 27.70 -5.69
O3 LLP E 200 1.97 28.94 -6.37
C4 LLP E 200 3.11 27.31 -4.99
C4' LLP E 200 4.44 28.23 -4.88
C5 LLP E 200 3.10 26.09 -4.34
C6 LLP E 200 1.96 25.27 -4.41
C5' LLP E 200 4.34 25.57 -3.53
OP4 LLP E 200 4.55 26.33 -2.38
P LLP E 200 5.99 26.55 -1.84
OP1 LLP E 200 5.87 27.59 -0.71
OP2 LLP E 200 6.53 25.27 -1.29
OP3 LLP E 200 6.90 27.03 -2.92
N LLP E 200 3.75 33.15 -1.53
CA LLP E 200 3.28 33.99 -2.65
CB LLP E 200 2.38 33.15 -3.56
CG LLP E 200 3.06 31.80 -3.85
CD LLP E 200 4.38 31.91 -4.63
CE LLP E 200 5.08 30.53 -4.62
NZ LLP E 200 4.31 29.55 -5.42
C LLP E 200 2.63 35.27 -2.17
O LLP E 200 3.32 36.09 -1.60
N SER E 201 1.33 35.45 -2.37
CA SER E 201 0.76 36.75 -2.04
C SER E 201 0.43 37.01 -0.57
N ILE E 202 0.29 35.95 0.23
CA ILE E 202 -0.01 36.13 1.66
C ILE E 202 1.13 36.88 2.39
N ALA E 203 2.37 36.38 2.26
CA ALA E 203 3.54 37.07 2.80
C ALA E 203 3.80 38.33 1.98
N GLY E 204 3.96 38.17 0.67
CA GLY E 204 3.77 39.27 -0.27
C GLY E 204 5.01 40.05 -0.69
N HIS E 205 6.17 39.73 -0.10
CA HIS E 205 7.37 40.54 -0.30
C HIS E 205 8.58 39.72 -0.76
N ALA E 206 8.32 38.47 -1.16
CA ALA E 206 9.33 37.60 -1.77
C ALA E 206 10.55 37.44 -0.88
N ASP E 207 10.31 37.24 0.41
CA ASP E 207 11.37 37.20 1.39
C ASP E 207 11.15 36.14 2.48
N VAL E 208 10.36 35.10 2.18
CA VAL E 208 10.13 34.00 3.12
C VAL E 208 9.32 32.87 2.50
N LEU E 209 9.74 31.63 2.72
CA LEU E 209 8.93 30.49 2.33
C LEU E 209 7.99 30.07 3.47
N GLY E 210 6.88 29.44 3.12
CA GLY E 210 5.90 29.03 4.12
C GLY E 210 4.66 28.45 3.48
N GLY E 211 4.00 27.53 4.18
CA GLY E 211 2.72 27.01 3.73
C GLY E 211 1.67 27.04 4.82
N ALA E 212 0.41 26.87 4.42
CA ALA E 212 -0.69 26.80 5.36
C ALA E 212 -1.78 25.84 4.87
N LEU E 213 -2.45 25.23 5.83
CA LEU E 213 -3.71 24.55 5.61
C LEU E 213 -4.75 25.24 6.50
N VAL E 214 -5.91 25.53 5.94
CA VAL E 214 -7.05 26.08 6.68
C VAL E 214 -8.24 25.14 6.47
N TYR E 215 -8.93 24.78 7.55
CA TYR E 215 -9.94 23.71 7.51
C TYR E 215 -10.79 23.79 8.77
N ARG E 216 -11.79 22.92 8.90
CA ARG E 216 -12.69 23.01 10.04
C ARG E 216 -12.85 21.71 10.85
N ASP E 217 -12.23 20.62 10.40
CA ASP E 217 -12.52 19.29 10.99
C ASP E 217 -11.57 18.88 12.11
N ALA E 218 -12.13 18.67 13.30
CA ALA E 218 -11.37 18.32 14.50
C ALA E 218 -10.49 17.09 14.32
N ASP E 219 -11.06 16.03 13.74
CA ASP E 219 -10.32 14.82 13.37
C ASP E 219 -9.12 15.22 12.51
N LEU E 220 -9.41 15.95 11.45
CA LEU E 220 -8.38 16.38 10.51
C LEU E 220 -7.29 17.21 11.22
N HIS E 221 -7.71 18.08 12.13
CA HIS E 221 -6.78 18.94 12.85
C HIS E 221 -5.80 18.08 13.64
N ALA E 222 -6.31 17.04 14.28
CA ALA E 222 -5.45 16.13 15.04
C ALA E 222 -4.41 15.47 14.13
N ALA E 223 -4.83 14.98 12.97
CA ALA E 223 -3.90 14.25 12.11
C ALA E 223 -2.87 15.18 11.48
N VAL E 224 -3.31 16.38 11.10
CA VAL E 224 -2.42 17.36 10.51
C VAL E 224 -1.34 17.78 11.51
N ARG E 225 -1.75 18.06 12.75
CA ARG E 225 -0.77 18.44 13.76
C ARG E 225 0.19 17.30 14.10
N ALA E 226 -0.33 16.07 14.23
CA ALA E 226 0.55 14.93 14.50
C ALA E 226 1.61 14.76 13.41
N TYR E 227 1.21 14.82 12.16
CA TYR E 227 2.15 14.69 11.06
C TYR E 227 3.21 15.79 11.08
N ARG E 228 2.76 17.03 11.26
CA ARG E 228 3.70 18.15 11.27
C ARG E 228 4.71 17.97 12.40
N THR E 229 4.22 17.51 13.54
CA THR E 229 5.11 17.22 14.68
C THR E 229 6.15 16.14 14.33
N THR E 230 5.73 15.11 13.62
CA THR E 230 6.64 13.99 13.36
C THR E 230 7.50 14.18 12.11
N ALA E 231 6.93 14.76 11.07
CA ALA E 231 7.69 15.09 9.87
C ALA E 231 8.55 16.34 10.11
N GLY E 232 8.15 17.14 11.08
CA GLY E 232 8.93 18.28 11.51
C GLY E 232 9.01 19.37 10.46
N ASN E 233 8.01 19.43 9.57
CA ASN E 233 7.99 20.46 8.55
C ASN E 233 7.39 21.77 9.06
N VAL E 234 7.92 22.25 10.19
CA VAL E 234 7.48 23.48 10.87
C VAL E 234 8.28 24.69 10.43
N PRO E 235 7.61 25.86 10.30
CA PRO E 235 8.33 27.10 9.96
C PRO E 235 9.00 27.72 11.18
N GLY E 236 10.06 28.49 10.98
CA GLY E 236 10.69 29.21 12.08
C GLY E 236 9.85 30.39 12.57
N ALA E 237 10.06 30.77 13.82
CA ALA E 237 9.37 31.95 14.38
C ALA E 237 9.63 33.24 13.58
N LEU E 238 10.87 33.46 13.15
CA LEU E 238 11.20 34.68 12.42
C LEU E 238 10.51 34.71 11.05
N ASP E 239 10.45 33.56 10.39
CA ASP E 239 9.77 33.46 9.11
C ASP E 239 8.26 33.64 9.27
N CYS E 240 7.68 33.05 10.33
CA CYS E 240 6.28 33.31 10.67
C CYS E 240 6.03 34.82 10.83
N PHE E 241 6.87 35.47 11.61
CA PHE E 241 6.76 36.91 11.84
C PHE E 241 6.66 37.68 10.52
N LEU E 242 7.54 37.35 9.57
CA LEU E 242 7.50 37.95 8.24
C LEU E 242 6.22 37.62 7.46
N VAL E 243 5.72 36.39 7.56
CA VAL E 243 4.43 36.06 6.95
C VAL E 243 3.34 36.95 7.56
N ARG E 244 3.24 36.92 8.89
CA ARG E 244 2.25 37.70 9.63
C ARG E 244 2.32 39.19 9.29
N ARG E 245 3.52 39.76 9.23
CA ARG E 245 3.68 41.18 8.92
C ARG E 245 3.14 41.52 7.53
N GLY E 246 3.49 40.70 6.53
CA GLY E 246 3.04 40.94 5.17
C GLY E 246 1.53 40.87 5.05
N LEU E 247 0.93 40.00 5.86
CA LEU E 247 -0.51 39.77 5.83
C LEU E 247 -1.34 41.00 6.12
N HIS E 248 -0.81 41.88 6.97
CA HIS E 248 -1.46 43.15 7.28
C HIS E 248 -1.96 43.84 6.00
N THR E 249 -1.11 43.86 4.97
CA THR E 249 -1.41 44.65 3.78
C THR E 249 -2.03 43.82 2.65
N LEU E 250 -2.28 42.55 2.92
CA LEU E 250 -2.71 41.58 1.88
C LEU E 250 -3.85 42.07 1.00
N SER E 251 -4.92 42.57 1.61
CA SER E 251 -6.05 43.07 0.83
C SER E 251 -5.71 44.32 0.01
N LEU E 252 -4.90 45.22 0.59
CA LEU E 252 -4.51 46.43 -0.15
C LEU E 252 -3.68 46.06 -1.37
N ARG E 253 -2.78 45.10 -1.20
CA ARG E 253 -1.89 44.67 -2.27
C ARG E 253 -2.67 43.97 -3.40
N VAL E 254 -3.52 43.01 -3.05
CA VAL E 254 -4.33 42.29 -4.04
C VAL E 254 -5.21 43.22 -4.87
N HIS E 255 -5.88 44.17 -4.21
CA HIS E 255 -6.72 45.11 -4.95
C HIS E 255 -5.91 45.96 -5.94
N ARG E 256 -4.75 46.42 -5.51
CA ARG E 256 -3.82 47.12 -6.40
C ARG E 256 -3.36 46.20 -7.55
N GLN E 257 -2.99 44.96 -7.22
CA GLN E 257 -2.51 44.01 -8.22
C GLN E 257 -3.56 43.72 -9.29
N VAL E 258 -4.80 43.52 -8.84
CA VAL E 258 -5.92 43.28 -9.75
C VAL E 258 -6.19 44.49 -10.66
N ALA E 259 -6.31 45.66 -10.06
CA ALA E 259 -6.57 46.88 -10.81
C ALA E 259 -5.53 47.08 -11.92
N THR E 260 -4.29 46.71 -11.63
CA THR E 260 -3.23 46.84 -12.63
C THR E 260 -3.29 45.70 -13.66
N ALA E 261 -3.60 44.49 -13.20
CA ALA E 261 -3.77 43.38 -14.13
C ALA E 261 -4.79 43.71 -15.23
N ARG E 262 -5.89 44.35 -14.84
CA ARG E 262 -6.92 44.75 -15.78
C ARG E 262 -6.37 45.74 -16.82
N VAL E 263 -5.57 46.70 -16.36
CA VAL E 263 -4.93 47.65 -17.26
C VAL E 263 -4.04 46.90 -18.25
N LEU E 264 -3.31 45.92 -17.75
CA LEU E 264 -2.37 45.17 -18.59
C LEU E 264 -3.09 44.30 -19.62
N VAL E 265 -4.20 43.69 -19.21
CA VAL E 265 -5.01 42.89 -20.14
C VAL E 265 -5.48 43.77 -21.31
N GLU E 266 -5.92 44.97 -21.01
CA GLU E 266 -6.35 45.90 -22.05
C GLU E 266 -5.24 46.30 -23.03
N ARG E 267 -4.03 46.55 -22.53
CA ARG E 267 -2.90 46.79 -23.42
C ARG E 267 -2.57 45.57 -24.26
N LEU E 268 -2.61 44.40 -23.63
CA LEU E 268 -2.28 43.19 -24.35
C LEU E 268 -3.27 43.02 -25.50
N ARG E 269 -4.55 43.27 -25.23
CA ARG E 269 -5.59 43.09 -26.24
C ARG E 269 -5.39 44.01 -27.44
N ALA E 270 -4.83 45.19 -27.18
CA ALA E 270 -4.59 46.18 -28.23
C ALA E 270 -3.33 45.92 -29.06
N SER E 271 -2.53 44.92 -28.69
CA SER E 271 -1.27 44.68 -29.40
C SER E 271 -1.41 43.69 -30.55
N PRO E 272 -0.93 44.09 -31.75
CA PRO E 272 -0.99 43.19 -32.92
C PRO E 272 -0.07 41.96 -32.78
N VAL E 273 0.86 41.97 -31.84
CA VAL E 273 1.75 40.82 -31.69
C VAL E 273 1.36 39.94 -30.50
N VAL E 274 0.08 40.03 -30.13
CA VAL E 274 -0.46 39.22 -29.04
C VAL E 274 -1.61 38.35 -29.53
N GLY E 275 -1.51 37.04 -29.28
CA GLY E 275 -2.54 36.10 -29.67
C GLY E 275 -3.55 35.90 -28.57
N ALA E 276 -3.75 34.65 -28.17
CA ALA E 276 -4.64 34.34 -27.06
C ALA E 276 -4.24 35.15 -25.82
N VAL E 277 -5.22 35.65 -25.08
CA VAL E 277 -4.98 36.27 -23.78
C VAL E 277 -5.81 35.54 -22.74
N HIS E 278 -5.14 35.02 -21.73
CA HIS E 278 -5.85 34.33 -20.66
C HIS E 278 -5.98 35.25 -19.44
N TYR E 279 -7.22 35.47 -19.01
CA TYR E 279 -7.51 36.19 -17.80
C TYR E 279 -8.93 35.85 -17.37
N PRO E 280 -9.09 35.37 -16.12
CA PRO E 280 -10.40 34.91 -15.64
C PRO E 280 -11.49 35.99 -15.69
N GLY E 281 -11.11 37.25 -15.84
CA GLY E 281 -12.07 38.34 -15.92
C GLY E 281 -12.60 38.69 -17.30
N LEU E 282 -12.18 37.97 -18.35
CA LEU E 282 -12.64 38.26 -19.70
C LEU E 282 -13.90 37.49 -20.11
N PRO E 283 -14.79 38.11 -20.91
CA PRO E 283 -16.02 37.49 -21.41
C PRO E 283 -15.82 36.27 -22.35
N GLU E 284 -14.60 35.99 -22.78
CA GLU E 284 -14.42 34.84 -23.68
C GLU E 284 -13.91 33.59 -22.95
N HIS E 285 -13.23 33.81 -21.83
CA HIS E 285 -12.79 32.73 -20.95
C HIS E 285 -13.93 31.75 -20.73
N PRO E 286 -13.80 30.53 -21.27
CA PRO E 286 -14.90 29.56 -21.25
C PRO E 286 -15.49 29.26 -19.86
N GLN E 287 -14.89 29.75 -18.78
CA GLN E 287 -15.50 29.62 -17.46
C GLN E 287 -15.97 30.95 -16.83
N HIS E 288 -16.42 31.89 -17.67
CA HIS E 288 -16.84 33.22 -17.21
C HIS E 288 -17.77 33.20 -16.00
N ALA E 289 -18.93 32.56 -16.16
CA ALA E 289 -19.93 32.54 -15.09
C ALA E 289 -19.42 31.92 -13.78
N VAL E 290 -18.65 30.85 -13.86
CA VAL E 290 -18.12 30.25 -12.64
C VAL E 290 -17.22 31.26 -11.92
N VAL E 291 -16.36 31.96 -12.66
CA VAL E 291 -15.51 32.98 -12.05
C VAL E 291 -16.36 34.01 -11.31
N LYS E 292 -17.41 34.50 -11.96
CA LYS E 292 -18.18 35.56 -11.32
C LYS E 292 -19.14 35.00 -10.26
N ALA E 293 -19.28 33.67 -10.23
CA ALA E 293 -20.01 32.98 -9.16
C ALA E 293 -19.15 32.73 -7.93
N GLN E 294 -17.83 32.64 -8.09
CA GLN E 294 -16.99 32.26 -6.97
C GLN E 294 -15.80 33.18 -6.68
N MSE E 295 -15.41 34.05 -7.60
CA MSE E 295 -14.33 34.99 -7.28
C MSE E 295 -14.87 36.41 -7.21
O MSE E 295 -15.62 36.85 -8.07
CB MSE E 295 -13.19 34.90 -8.30
CG MSE E 295 -12.61 33.50 -8.49
SE MSE E 295 -11.32 33.45 -9.94
CE MSE E 295 -9.89 34.57 -9.16
N SER E 296 -14.50 37.13 -6.16
CA SER E 296 -14.95 38.51 -6.07
C SER E 296 -14.19 39.43 -7.06
N ALA E 297 -12.95 39.07 -7.38
CA ALA E 297 -12.19 39.73 -8.48
C ALA E 297 -11.29 38.69 -9.17
N PRO E 298 -10.90 38.92 -10.43
CA PRO E 298 -10.29 37.83 -11.25
C PRO E 298 -8.79 37.57 -11.03
N GLY E 299 -8.20 38.24 -10.05
CA GLY E 299 -6.83 37.94 -9.67
C GLY E 299 -5.80 38.82 -10.36
N ALA E 300 -4.54 38.46 -10.13
CA ALA E 300 -3.43 39.30 -10.55
C ALA E 300 -2.48 38.55 -11.46
N ILE E 301 -2.94 37.43 -12.02
CA ILE E 301 -2.11 36.68 -12.94
C ILE E 301 -2.72 36.76 -14.34
N VAL E 302 -1.88 37.05 -15.32
CA VAL E 302 -2.29 37.16 -16.71
C VAL E 302 -1.37 36.23 -17.49
N SER E 303 -1.85 35.63 -18.56
CA SER E 303 -0.96 35.01 -19.54
C SER E 303 -1.43 35.24 -20.97
N PHE E 304 -0.49 35.22 -21.89
CA PHE E 304 -0.78 35.53 -23.28
C PHE E 304 0.25 34.90 -24.19
N ASP E 305 -0.11 34.75 -25.45
CA ASP E 305 0.84 34.24 -26.41
C ASP E 305 1.46 35.36 -27.22
N TYR E 306 2.79 35.42 -27.16
CA TYR E 306 3.55 36.43 -27.87
C TYR E 306 3.83 35.98 -29.30
N LEU E 307 3.40 36.79 -30.28
CA LEU E 307 3.48 36.41 -31.69
C LEU E 307 4.64 37.09 -32.40
N GLY E 308 5.37 37.96 -31.71
CA GLY E 308 6.39 38.76 -32.36
C GLY E 308 7.73 38.09 -32.54
N GLY E 309 7.85 36.83 -32.12
CA GLY E 309 9.11 36.12 -32.22
C GLY E 309 9.34 35.25 -31.00
N PRO E 310 10.57 34.72 -30.85
CA PRO E 310 10.84 33.80 -29.74
C PRO E 310 10.67 34.51 -28.41
N ALA E 311 10.20 33.77 -27.41
CA ALA E 311 9.95 34.33 -26.09
C ALA E 311 11.18 35.04 -25.55
N GLU E 312 12.36 34.50 -25.85
CA GLU E 312 13.60 35.08 -25.34
C GLU E 312 13.78 36.55 -25.74
N ARG E 313 13.36 36.90 -26.97
CA ARG E 313 13.37 38.30 -27.38
C ARG E 313 12.59 39.16 -26.38
N LEU E 314 11.30 38.86 -26.23
CA LEU E 314 10.41 39.58 -25.32
C LEU E 314 10.97 39.68 -23.90
N LEU E 315 11.40 38.55 -23.34
CA LEU E 315 11.86 38.50 -21.95
C LEU E 315 12.99 39.50 -21.67
N ASP E 316 13.92 39.60 -22.60
CA ASP E 316 15.07 40.43 -22.32
C ASP E 316 14.90 41.86 -22.86
N ARG E 317 13.67 42.23 -23.16
CA ARG E 317 13.36 43.63 -23.49
C ARG E 317 12.68 44.35 -22.31
N PHE E 318 12.31 43.61 -21.27
CA PHE E 318 11.70 44.21 -20.09
C PHE E 318 12.72 45.02 -19.27
N THR E 319 12.29 46.14 -18.72
CA THR E 319 13.18 46.93 -17.86
C THR E 319 12.61 47.12 -16.46
N LEU E 320 11.31 46.91 -16.31
CA LEU E 320 10.65 47.06 -15.02
C LEU E 320 10.21 45.69 -14.49
N PHE E 321 9.50 44.93 -15.31
CA PHE E 321 9.18 43.55 -14.96
C PHE E 321 10.46 42.77 -14.71
N THR E 322 10.44 41.95 -13.66
CA THR E 322 11.56 41.08 -13.33
C THR E 322 11.32 39.71 -13.98
N CYS E 323 12.32 39.11 -14.59
CA CYS E 323 12.16 37.74 -15.04
C CYS E 323 12.31 36.87 -13.84
N GLY E 324 11.67 35.71 -13.84
CA GLY E 324 11.84 34.81 -12.72
C GLY E 324 10.57 34.09 -12.33
N VAL E 325 10.75 33.04 -11.55
CA VAL E 325 9.65 32.24 -11.05
C VAL E 325 9.09 32.92 -9.81
N SER E 326 7.99 32.36 -9.31
CA SER E 326 7.20 32.88 -8.19
C SER E 326 6.22 33.92 -8.69
N LEU E 327 5.40 34.42 -7.77
CA LEU E 327 4.24 35.24 -8.11
C LEU E 327 3.64 35.74 -6.80
N GLY E 328 2.72 36.69 -6.89
CA GLY E 328 1.99 37.18 -5.74
C GLY E 328 2.63 38.39 -5.09
N GLY E 329 3.94 38.58 -5.29
CA GLY E 329 4.69 39.57 -4.54
C GLY E 329 4.54 41.01 -5.02
N VAL E 330 5.18 41.93 -4.31
CA VAL E 330 5.10 43.34 -4.64
C VAL E 330 5.84 43.67 -5.95
N HIS E 331 6.88 42.91 -6.30
CA HIS E 331 7.60 43.13 -7.56
C HIS E 331 6.96 42.33 -8.71
N SER E 332 6.53 43.02 -9.76
CA SER E 332 6.00 42.36 -10.96
C SER E 332 7.00 41.39 -11.60
N LEU E 333 6.54 40.19 -11.94
CA LEU E 333 7.42 39.20 -12.57
C LEU E 333 6.88 38.73 -13.91
N VAL E 334 7.79 38.25 -14.78
CA VAL E 334 7.43 37.70 -16.07
C VAL E 334 8.22 36.42 -16.33
N GLU E 335 7.64 35.51 -17.11
CA GLU E 335 8.37 34.30 -17.46
C GLU E 335 7.92 33.68 -18.77
N CYS E 336 8.60 32.62 -19.14
CA CYS E 336 8.12 31.75 -20.20
C CYS E 336 8.12 30.34 -19.64
N PRO E 337 7.01 29.97 -18.96
CA PRO E 337 6.80 28.67 -18.31
C PRO E 337 7.36 27.52 -19.14
N ALA E 338 7.17 27.60 -20.45
CA ALA E 338 7.83 26.66 -21.35
C ALA E 338 9.34 26.63 -21.14
N LEU E 339 9.94 27.77 -20.79
CA LEU E 339 11.41 27.87 -20.60
C LEU E 339 11.80 27.82 -19.12
N MSE E 340 10.84 28.10 -18.24
CA MSE E 340 11.13 28.30 -16.82
C MSE E 340 10.32 27.42 -15.83
O MSE E 340 10.69 26.25 -15.65
CB MSE E 340 11.04 29.80 -16.45
CG MSE E 340 11.87 30.72 -17.38
SE MSE E 340 11.57 32.63 -17.00
CE MSE E 340 11.49 32.45 -15.13
N THR E 341 9.26 27.94 -15.21
CA THR E 341 8.48 27.16 -14.20
C THR E 341 8.03 25.75 -14.65
N HIS E 342 7.91 25.55 -15.97
CA HIS E 342 7.46 24.28 -16.55
C HIS E 342 8.48 23.70 -17.50
N ARG E 343 9.75 23.75 -17.13
CA ARG E 343 10.83 23.26 -18.01
C ARG E 343 10.83 21.77 -18.46
N PRO E 344 10.70 20.81 -17.51
CA PRO E 344 11.14 19.43 -17.79
C PRO E 344 10.19 18.47 -18.54
N LEU E 345 9.55 18.88 -19.63
CA LEU E 345 8.55 18.00 -20.24
C LEU E 345 8.98 17.43 -21.60
N SER E 346 8.14 16.57 -22.18
CA SER E 346 8.40 15.95 -23.50
C SER E 346 8.62 16.99 -24.60
N ALA E 347 8.04 16.76 -25.78
CA ALA E 347 8.00 17.82 -26.78
C ALA E 347 6.61 17.99 -27.34
N GLU E 348 5.67 17.24 -26.77
CA GLU E 348 4.25 17.44 -27.06
C GLU E 348 3.45 17.33 -25.78
N ALA E 349 4.14 17.06 -24.68
CA ALA E 349 3.54 17.28 -23.36
C ALA E 349 3.01 18.71 -23.40
N ARG E 350 3.90 19.68 -23.21
CA ARG E 350 3.58 21.12 -23.31
C ARG E 350 2.48 21.46 -24.31
N ALA E 351 2.58 20.88 -25.50
CA ALA E 351 1.66 21.20 -26.61
C ALA E 351 0.20 20.82 -26.38
N ARG E 352 -0.04 19.81 -25.55
CA ARG E 352 -1.39 19.34 -25.27
C ARG E 352 -1.92 20.11 -24.09
N ARG E 353 -0.97 20.55 -23.26
CA ARG E 353 -1.27 21.29 -22.04
C ARG E 353 -1.56 22.74 -22.38
N GLY E 354 -1.39 23.09 -23.65
CA GLY E 354 -1.59 24.44 -24.11
C GLY E 354 -0.41 25.32 -23.72
N ILE E 355 0.57 24.71 -23.08
CA ILE E 355 1.77 25.46 -22.73
C ILE E 355 2.65 25.54 -23.97
N GLY E 356 2.20 26.33 -24.94
CA GLY E 356 2.98 26.57 -26.14
C GLY E 356 4.28 27.29 -25.81
N GLU E 357 5.24 27.20 -26.72
CA GLU E 357 6.55 27.77 -26.48
C GLU E 357 6.55 29.30 -26.52
N SER E 358 5.47 29.88 -27.03
CA SER E 358 5.36 31.33 -27.03
C SER E 358 4.39 31.88 -25.97
N LEU E 359 3.94 31.02 -25.06
CA LEU E 359 3.08 31.49 -23.97
C LEU E 359 3.91 32.19 -22.90
N ILE E 360 3.44 33.36 -22.48
CA ILE E 360 4.13 34.21 -21.52
C ILE E 360 3.18 34.43 -20.34
N ARG E 361 3.70 34.35 -19.12
CA ARG E 361 2.88 34.65 -17.94
C ARG E 361 3.39 35.89 -17.19
N LEU E 362 2.46 36.73 -16.74
CA LEU E 362 2.77 37.89 -15.94
C LEU E 362 2.24 37.73 -14.52
N SER E 363 3.09 38.00 -13.54
CA SER E 363 2.61 38.14 -12.17
C SER E 363 2.69 39.63 -11.80
N VAL E 364 1.53 40.24 -11.55
CA VAL E 364 1.47 41.68 -11.37
C VAL E 364 1.73 42.12 -9.92
N GLY E 365 2.65 43.07 -9.76
CA GLY E 365 2.99 43.62 -8.46
C GLY E 365 2.24 44.92 -8.15
N ILE E 366 2.81 45.75 -7.28
CA ILE E 366 2.11 46.95 -6.83
C ILE E 366 2.75 48.23 -7.36
N GLU E 367 3.63 48.10 -8.35
CA GLU E 367 4.22 49.28 -8.98
C GLU E 367 3.15 50.13 -9.70
N ASP E 368 3.54 51.32 -10.12
CA ASP E 368 2.61 52.18 -10.86
C ASP E 368 2.07 51.46 -12.10
N PRO E 369 0.74 51.41 -12.22
CA PRO E 369 0.14 50.65 -13.32
C PRO E 369 0.58 51.20 -14.67
N GLN E 370 0.85 52.50 -14.76
CA GLN E 370 1.25 53.02 -16.05
C GLN E 370 2.73 52.78 -16.35
N ASP E 371 3.58 52.67 -15.33
CA ASP E 371 4.97 52.24 -15.57
C ASP E 371 5.00 50.80 -16.08
N LEU E 372 4.16 49.94 -15.49
CA LEU E 372 4.10 48.54 -15.92
C LEU E 372 3.58 48.40 -17.35
N ALA E 373 2.51 49.12 -17.66
CA ALA E 373 1.96 49.09 -19.01
C ALA E 373 2.99 49.57 -20.04
N GLU E 374 3.77 50.58 -19.65
CA GLU E 374 4.80 51.11 -20.55
C GLU E 374 5.97 50.15 -20.78
N ASP E 375 6.41 49.46 -19.72
CA ASP E 375 7.51 48.47 -19.87
C ASP E 375 7.03 47.34 -20.76
N LEU E 376 5.79 46.93 -20.56
CA LEU E 376 5.21 45.88 -21.37
C LEU E 376 5.18 46.33 -22.83
N SER E 377 5.03 47.64 -23.06
CA SER E 377 5.05 48.18 -24.41
C SER E 377 6.42 48.18 -25.10
N ARG E 378 7.47 48.64 -24.42
CA ARG E 378 8.80 48.61 -25.03
C ARG E 378 9.11 47.16 -25.41
N ALA E 379 8.83 46.25 -24.48
CA ALA E 379 9.12 44.83 -24.65
C ALA E 379 8.56 44.26 -25.94
N LEU E 380 7.28 44.52 -26.21
CA LEU E 380 6.57 43.94 -27.34
C LEU E 380 6.75 44.72 -28.64
N ALA E 381 7.80 45.52 -28.75
CA ALA E 381 7.96 46.49 -29.84
C ALA E 381 7.71 45.91 -31.24
N GLY F 6 44.40 26.46 6.54
CA GLY F 6 43.48 26.82 7.60
C GLY F 6 42.23 25.97 7.50
N MSE F 7 42.36 24.68 7.85
CA MSE F 7 41.26 23.74 7.79
C MSE F 7 41.30 22.65 8.91
O MSE F 7 40.60 21.65 8.80
CB MSE F 7 41.13 23.15 6.37
CG MSE F 7 40.32 24.04 5.36
SE MSE F 7 41.23 25.36 4.21
CE MSE F 7 39.89 26.80 4.28
N ARG F 8 42.11 22.84 9.95
CA ARG F 8 41.99 22.05 11.19
C ARG F 8 40.60 22.32 11.78
N PHE F 9 40.05 21.38 12.55
CA PHE F 9 38.65 21.47 13.06
C PHE F 9 38.21 22.84 13.68
N GLY F 10 39.01 23.38 14.59
CA GLY F 10 38.67 24.64 15.25
C GLY F 10 38.40 25.82 14.32
N THR F 11 39.23 25.93 13.29
CA THR F 11 39.10 26.95 12.27
C THR F 11 37.85 26.79 11.38
N ARG F 12 37.44 25.55 11.17
CA ARG F 12 36.32 25.27 10.26
C ARG F 12 34.99 25.85 10.76
N LEU F 13 34.83 25.98 12.06
CA LEU F 13 33.60 26.51 12.65
C LEU F 13 33.36 27.96 12.26
N VAL F 14 34.44 28.72 12.10
CA VAL F 14 34.38 30.15 11.85
C VAL F 14 34.42 30.47 10.35
N HIS F 15 35.18 29.66 9.60
CA HIS F 15 35.43 29.96 8.20
C HIS F 15 34.79 29.00 7.19
N GLY F 16 34.21 27.91 7.67
CA GLY F 16 33.50 26.99 6.79
C GLY F 16 32.41 27.67 5.98
N GLY F 17 32.56 27.65 4.66
CA GLY F 17 31.58 28.22 3.75
C GLY F 17 31.46 29.74 3.79
N ARG F 18 32.46 30.43 4.30
CA ARG F 18 32.34 31.88 4.42
C ARG F 18 32.52 32.53 3.06
N ARG F 19 31.48 32.43 2.23
CA ARG F 19 31.58 32.83 0.83
C ARG F 19 31.77 34.34 0.79
N PRO F 20 32.78 34.80 0.05
CA PRO F 20 33.18 36.16 0.36
C PRO F 20 32.69 37.31 -0.52
N SER F 21 31.40 37.42 -0.78
CA SER F 21 30.77 38.65 -1.34
C SER F 21 31.69 39.62 -2.11
N ALA F 22 31.55 39.57 -3.42
CA ALA F 22 32.42 40.30 -4.33
C ALA F 22 32.23 41.81 -4.23
N GLY F 23 33.32 42.53 -4.40
CA GLY F 23 33.27 43.99 -4.40
C GLY F 23 33.04 44.63 -3.04
N THR F 24 32.03 44.17 -2.30
CA THR F 24 31.69 44.77 -1.01
C THR F 24 32.65 44.36 0.09
N GLY F 25 32.90 43.05 0.21
CA GLY F 25 33.89 42.55 1.14
C GLY F 25 33.40 42.08 2.51
N ASP F 26 32.08 41.93 2.68
CA ASP F 26 31.49 41.50 3.96
C ASP F 26 32.24 40.31 4.52
N VAL F 27 32.68 40.39 5.78
CA VAL F 27 33.36 39.27 6.41
C VAL F 27 32.30 38.25 6.82
N VAL F 28 31.21 38.75 7.37
CA VAL F 28 30.05 37.91 7.63
C VAL F 28 29.18 38.00 6.38
N PRO F 29 28.90 36.85 5.74
CA PRO F 29 28.08 36.88 4.52
C PRO F 29 26.71 37.50 4.79
N PRO F 30 26.18 38.25 3.81
CA PRO F 30 24.87 38.85 4.02
C PRO F 30 23.77 37.79 4.01
N ILE F 31 22.66 38.06 4.68
CA ILE F 31 21.60 37.07 4.79
C ILE F 31 20.71 37.10 3.56
N HIS F 32 20.67 36.00 2.83
CA HIS F 32 19.96 35.92 1.56
C HIS F 32 18.52 35.47 1.74
N VAL F 33 17.64 36.42 1.99
CA VAL F 33 16.24 36.13 2.28
C VAL F 33 15.36 36.03 1.03
N SER F 34 15.89 36.45 -0.12
CA SER F 34 15.08 36.46 -1.34
C SER F 34 14.63 35.04 -1.74
N THR F 35 13.34 34.88 -2.04
CA THR F 35 12.81 33.60 -2.50
C THR F 35 12.82 33.54 -4.02
N THR F 36 13.00 34.70 -4.64
CA THR F 36 12.99 34.75 -6.10
C THR F 36 14.27 35.39 -6.64
N TYR F 37 14.79 34.79 -7.71
CA TYR F 37 16.07 35.21 -8.23
C TYR F 37 15.88 35.60 -9.66
N GLU F 38 16.59 36.66 -10.06
CA GLU F 38 16.49 37.18 -11.40
C GLU F 38 17.31 36.33 -12.37
N ARG F 39 16.65 35.86 -13.43
CA ARG F 39 17.24 34.89 -14.36
C ARG F 39 18.35 35.44 -15.26
N ARG F 40 18.05 36.49 -16.02
CA ARG F 40 19.02 37.04 -16.97
C ARG F 40 20.07 37.96 -16.32
N ALA F 41 19.92 38.23 -15.04
CA ALA F 41 21.03 38.77 -14.29
C ALA F 41 22.15 37.75 -14.40
N GLN F 42 21.77 36.46 -14.37
CA GLN F 42 22.71 35.43 -14.00
C GLN F 42 23.24 34.46 -15.05
N ASP F 43 24.31 34.88 -15.70
CA ASP F 43 25.29 33.97 -16.28
C ASP F 43 24.87 32.59 -16.80
N GLU F 44 24.65 31.65 -15.87
CA GLU F 44 24.41 30.24 -16.23
C GLU F 44 23.66 29.53 -15.09
N PRO F 45 22.36 29.80 -14.97
CA PRO F 45 21.37 29.36 -13.98
C PRO F 45 21.89 28.55 -12.80
N ARG F 46 21.91 29.19 -11.64
CA ARG F 46 22.28 28.55 -10.37
C ARG F 46 21.23 28.86 -9.30
N TYR F 47 20.41 29.89 -9.55
CA TYR F 47 19.42 30.32 -8.56
C TYR F 47 18.08 30.63 -9.21
N PHE F 48 17.17 29.66 -9.16
CA PHE F 48 15.85 29.76 -9.77
C PHE F 48 14.83 30.17 -8.73
N TYR F 49 14.70 29.36 -7.67
CA TYR F 49 13.65 29.55 -6.68
C TYR F 49 14.09 29.22 -5.26
N GLY F 50 13.55 29.96 -4.29
CA GLY F 50 13.98 29.88 -2.92
C GLY F 50 13.77 28.57 -2.17
N ARG F 51 12.82 27.75 -2.59
CA ARG F 51 12.70 26.42 -2.00
C ARG F 51 13.82 25.51 -2.52
N GLY F 52 14.20 25.69 -3.78
CA GLY F 52 15.27 24.90 -4.39
C GLY F 52 16.68 25.38 -4.06
N GLU F 53 16.89 26.70 -4.13
CA GLU F 53 18.25 27.23 -3.91
C GLU F 53 18.25 28.51 -3.08
N ASN F 54 19.22 28.58 -2.17
CA ASN F 54 19.48 29.76 -1.37
C ASN F 54 20.92 29.75 -0.94
N PRO F 55 21.67 30.81 -1.28
CA PRO F 55 23.09 30.86 -0.91
C PRO F 55 23.36 30.68 0.58
N THR F 56 22.65 31.43 1.43
CA THR F 56 22.91 31.41 2.88
C THR F 56 22.73 29.99 3.41
N ARG F 57 21.61 29.40 3.05
CA ARG F 57 21.33 28.03 3.44
C ARG F 57 22.47 27.13 2.95
N GLU F 58 22.95 27.38 1.73
CA GLU F 58 24.06 26.63 1.18
C GLU F 58 25.33 26.80 2.03
N GLU F 59 25.61 28.03 2.46
CA GLU F 59 26.81 28.28 3.25
C GLU F 59 26.80 27.56 4.61
N LEU F 60 25.64 27.43 5.24
CA LEU F 60 25.54 26.56 6.42
C LEU F 60 25.91 25.11 6.04
N GLU F 61 25.37 24.64 4.92
CA GLU F 61 25.67 23.29 4.46
C GLU F 61 27.15 23.11 4.16
N GLU F 62 27.80 24.13 3.57
CA GLU F 62 29.22 24.04 3.31
C GLU F 62 29.99 23.82 4.61
N CYS F 63 29.68 24.62 5.62
CA CYS F 63 30.33 24.52 6.93
C CYS F 63 30.15 23.14 7.59
N LEU F 64 28.91 22.65 7.63
CA LEU F 64 28.61 21.37 8.26
C LEU F 64 29.30 20.18 7.59
N ALA F 65 29.40 20.22 6.26
CA ALA F 65 30.13 19.20 5.54
C ALA F 65 31.61 19.23 5.94
N GLY F 66 32.21 20.42 5.94
CA GLY F 66 33.63 20.61 6.25
C GLY F 66 33.99 20.11 7.64
N LEU F 67 33.04 20.18 8.57
CA LEU F 67 33.23 19.66 9.91
C LEU F 67 33.54 18.16 9.94
N GLU F 68 33.24 17.47 8.83
CA GLU F 68 33.42 16.03 8.79
C GLU F 68 34.25 15.57 7.60
N ARG F 69 34.99 16.51 7.00
CA ARG F 69 35.85 16.24 5.86
C ARG F 69 35.08 15.49 4.77
N ALA F 70 33.83 15.88 4.60
CA ALA F 70 32.90 15.17 3.74
C ALA F 70 32.41 16.08 2.61
N PRO F 71 32.08 15.50 1.46
CA PRO F 71 31.70 16.35 0.32
C PRO F 71 30.32 16.99 0.42
N PHE F 72 29.37 16.35 1.10
CA PHE F 72 27.98 16.84 1.06
C PHE F 72 27.33 17.06 2.42
N ALA F 73 26.47 18.07 2.49
CA ALA F 73 25.53 18.22 3.57
C ALA F 73 24.21 18.78 3.05
N THR F 74 23.16 18.60 3.83
CA THR F 74 21.87 19.13 3.49
C THR F 74 21.16 19.51 4.79
N VAL F 75 20.62 20.74 4.84
CA VAL F 75 19.91 21.18 6.03
C VAL F 75 18.39 21.23 5.87
N PHE F 76 17.71 21.12 7.00
CA PHE F 76 16.27 20.92 7.06
C PHE F 76 15.62 21.81 8.10
N SER F 77 14.30 21.93 8.00
CA SER F 77 13.49 22.68 8.95
C SER F 77 13.60 22.16 10.40
N SER F 78 14.00 20.90 10.58
CA SER F 78 14.16 20.33 11.93
C SER F 78 14.92 18.99 11.88
N GLY F 79 15.32 18.49 13.03
CA GLY F 79 15.96 17.18 13.12
C GLY F 79 15.03 16.10 12.57
N GLN F 80 13.77 16.12 13.02
CA GLN F 80 12.75 15.18 12.54
C GLN F 80 12.67 15.18 11.00
N ALA F 81 12.78 16.36 10.40
CA ALA F 81 12.68 16.45 8.95
C ALA F 81 13.90 15.78 8.26
N ALA F 82 15.08 15.99 8.82
CA ALA F 82 16.28 15.30 8.33
C ALA F 82 16.12 13.77 8.45
N ALA F 83 15.61 13.33 9.59
CA ALA F 83 15.35 11.92 9.79
C ALA F 83 14.30 11.38 8.81
N ALA F 84 13.20 12.12 8.65
CA ALA F 84 12.12 11.71 7.75
C ALA F 84 12.63 11.54 6.33
N THR F 85 13.47 12.46 5.88
CA THR F 85 14.00 12.44 4.54
C THR F 85 14.83 11.16 4.34
N LEU F 86 15.65 10.84 5.32
CA LEU F 86 16.46 9.63 5.25
C LEU F 86 15.59 8.36 5.23
N LEU F 87 14.62 8.28 6.12
CA LEU F 87 13.70 7.15 6.15
C LEU F 87 12.94 7.00 4.85
N SER F 88 12.65 8.13 4.20
CA SER F 88 11.79 8.13 3.02
C SER F 88 12.36 7.27 1.89
N LEU F 89 13.68 7.10 1.92
CA LEU F 89 14.40 6.39 0.88
C LEU F 89 14.28 4.87 1.02
N VAL F 90 13.84 4.41 2.18
CA VAL F 90 13.61 2.98 2.41
C VAL F 90 12.30 2.56 1.76
N ARG F 91 12.37 1.58 0.85
CA ARG F 91 11.19 1.14 0.10
C ARG F 91 10.33 0.19 0.92
N PRO F 92 9.01 0.22 0.70
CA PRO F 92 8.07 -0.75 1.27
C PRO F 92 8.61 -2.16 1.06
N GLY F 93 8.64 -2.99 2.10
CA GLY F 93 9.21 -4.32 1.98
C GLY F 93 10.65 -4.44 2.42
N GLN F 94 11.34 -3.31 2.54
CA GLN F 94 12.72 -3.31 3.01
C GLN F 94 12.79 -3.13 4.52
N CYS F 95 13.93 -3.48 5.10
CA CYS F 95 14.06 -3.48 6.57
C CYS F 95 15.03 -2.45 7.13
N VAL F 96 14.58 -1.80 8.19
CA VAL F 96 15.41 -0.87 8.94
C VAL F 96 15.68 -1.47 10.31
N VAL F 97 16.95 -1.54 10.67
CA VAL F 97 17.35 -1.91 12.02
C VAL F 97 17.81 -0.69 12.82
N SER F 98 17.27 -0.55 14.01
CA SER F 98 17.68 0.53 14.89
C SER F 98 17.79 0.04 16.32
N THR F 99 18.16 0.91 17.24
CA THR F 99 17.92 0.59 18.62
C THR F 99 16.46 0.91 18.97
N ASP F 100 15.83 0.06 19.78
CA ASP F 100 14.51 0.36 20.33
C ASP F 100 14.65 1.48 21.37
N ASP F 101 15.90 1.75 21.73
CA ASP F 101 16.24 2.85 22.59
C ASP F 101 16.07 4.25 21.94
N VAL F 102 16.11 4.31 20.61
CA VAL F 102 16.23 5.61 19.92
C VAL F 102 15.16 6.64 20.28
N TYR F 103 15.47 7.89 19.95
CA TYR F 103 14.53 9.00 20.03
C TYR F 103 13.12 8.59 19.60
N ALA F 104 12.14 8.89 20.45
CA ALA F 104 10.74 8.61 20.15
C ALA F 104 10.30 9.18 18.80
N GLY F 105 10.83 10.36 18.45
CA GLY F 105 10.50 10.95 17.16
C GLY F 105 10.96 10.07 16.02
N THR F 106 12.15 9.50 16.18
CA THR F 106 12.67 8.53 15.23
C THR F 106 11.74 7.32 15.19
N ASP F 107 11.40 6.78 16.37
CA ASP F 107 10.51 5.63 16.47
C ASP F 107 9.17 5.92 15.81
N GLY F 108 8.73 7.17 15.90
CA GLY F 108 7.49 7.60 15.27
C GLY F 108 7.60 7.64 13.76
N LEU F 109 8.76 8.09 13.28
CA LEU F 109 9.07 8.01 11.86
C LEU F 109 9.18 6.54 11.44
N PHE F 110 9.62 5.68 12.34
CA PHE F 110 9.53 4.23 12.13
C PHE F 110 8.05 3.83 12.15
N ASP F 111 7.31 4.37 13.12
CA ASP F 111 5.90 4.00 13.31
C ASP F 111 5.09 4.40 12.09
N LEU F 112 5.41 5.56 11.54
CA LEU F 112 4.77 6.02 10.32
C LEU F 112 5.23 5.24 9.08
N ALA F 113 6.52 4.91 9.03
CA ALA F 113 7.09 4.15 7.91
C ALA F 113 6.49 2.74 7.73
N ALA F 114 6.32 2.01 8.82
CA ALA F 114 5.82 0.62 8.76
C ALA F 114 4.50 0.53 7.97
N ARG F 115 3.73 1.61 8.02
CA ARG F 115 2.48 1.75 7.29
C ARG F 115 2.77 1.67 5.82
N GLN F 116 3.97 2.07 5.45
CA GLN F 116 4.31 2.15 4.06
C GLN F 116 4.94 0.85 3.59
N GLY F 117 4.85 -0.22 4.37
CA GLY F 117 5.40 -1.51 3.98
C GLY F 117 6.83 -1.83 4.42
N VAL F 118 7.45 -0.95 5.22
CA VAL F 118 8.83 -1.15 5.69
C VAL F 118 8.87 -2.00 6.95
N ARG F 119 9.61 -3.11 6.92
CA ARG F 119 9.72 -3.95 8.12
C ARG F 119 10.71 -3.33 9.11
N VAL F 120 10.31 -3.29 10.38
CA VAL F 120 11.12 -2.64 11.40
C VAL F 120 11.70 -3.66 12.38
N ARG F 121 12.97 -3.48 12.73
CA ARG F 121 13.70 -4.45 13.53
C ARG F 121 14.67 -3.77 14.48
N TYR F 122 14.24 -3.52 15.72
CA TYR F 122 15.12 -2.87 16.68
C TYR F 122 16.11 -3.87 17.29
N ALA F 123 17.20 -3.36 17.86
CA ALA F 123 18.20 -4.22 18.46
C ALA F 123 19.21 -3.48 19.33
N ASP F 124 19.41 -4.00 20.54
CA ASP F 124 20.48 -3.59 21.42
C ASP F 124 21.84 -3.91 20.78
N LEU F 125 22.31 -3.02 19.91
CA LEU F 125 23.54 -3.23 19.15
C LEU F 125 24.82 -3.09 20.00
N THR F 126 24.65 -3.26 21.31
CA THR F 126 25.77 -3.21 22.25
C THR F 126 26.62 -4.49 22.18
N THR F 127 25.97 -5.64 22.04
CA THR F 127 26.72 -6.88 21.81
C THR F 127 26.63 -7.43 20.37
N PRO F 128 27.77 -7.84 19.82
CA PRO F 128 28.00 -8.57 18.57
C PRO F 128 26.99 -9.70 18.26
N GLU F 129 26.16 -10.04 19.24
CA GLU F 129 25.13 -11.05 19.12
C GLU F 129 23.87 -10.52 18.47
N GLY F 130 23.29 -9.50 19.10
CA GLY F 130 22.09 -8.82 18.64
C GLY F 130 22.37 -8.09 17.36
N ILE F 131 23.66 -7.94 17.07
CA ILE F 131 24.15 -7.44 15.81
C ILE F 131 24.12 -8.55 14.77
N ALA F 132 24.71 -9.69 15.14
CA ALA F 132 24.82 -10.85 14.26
C ALA F 132 23.44 -11.32 13.81
N ALA F 133 22.43 -11.04 14.63
CA ALA F 133 21.05 -11.37 14.28
C ALA F 133 20.19 -10.14 14.12
N ALA F 134 20.79 -9.00 13.82
CA ALA F 134 20.02 -7.88 13.32
C ALA F 134 20.36 -7.76 11.86
N LEU F 135 21.64 -7.92 11.57
CA LEU F 135 22.15 -7.55 10.26
C LEU F 135 21.97 -8.63 9.22
N ALA F 136 21.39 -9.76 9.60
CA ALA F 136 21.17 -10.84 8.64
C ALA F 136 19.75 -10.80 8.08
N GLU F 137 19.06 -9.69 8.28
CA GLU F 137 17.69 -9.54 7.79
C GLU F 137 17.67 -9.53 6.28
N PRO F 138 16.71 -10.25 5.67
CA PRO F 138 16.49 -10.01 4.25
C PRO F 138 16.02 -8.56 4.11
N ASP F 139 16.27 -7.96 2.95
CA ASP F 139 15.79 -6.62 2.64
C ASP F 139 16.35 -5.52 3.55
N LEU F 140 17.34 -5.87 4.37
CA LEU F 140 17.96 -4.92 5.28
C LEU F 140 18.66 -3.79 4.51
N ALA F 141 18.08 -2.59 4.55
CA ALA F 141 18.60 -1.48 3.76
C ALA F 141 19.20 -0.35 4.61
N LEU F 142 18.90 -0.34 5.90
CA LEU F 142 19.32 0.77 6.75
C LEU F 142 19.53 0.36 8.21
N VAL F 143 20.70 0.72 8.75
CA VAL F 143 20.98 0.53 10.17
C VAL F 143 21.10 1.89 10.83
N TRP F 144 20.29 2.10 11.86
CA TRP F 144 20.09 3.40 12.47
C TRP F 144 20.66 3.39 13.88
N ILE F 145 21.70 4.17 14.09
CA ILE F 145 22.41 4.19 15.37
C ILE F 145 22.30 5.51 16.07
N GLU F 146 21.88 5.49 17.33
CA GLU F 146 21.97 6.69 18.14
C GLU F 146 22.92 6.35 19.27
N THR F 147 24.07 7.02 19.31
CA THR F 147 25.06 6.78 20.35
C THR F 147 25.78 8.07 20.70
N PRO F 148 25.92 8.37 22.00
CA PRO F 148 25.30 7.62 23.11
C PRO F 148 23.79 7.75 23.07
N THR F 149 23.07 6.71 23.50
CA THR F 149 21.63 6.81 23.60
C THR F 149 21.25 7.87 24.64
N ASN F 150 20.03 8.39 24.51
CA ASN F 150 19.44 9.23 25.53
C ASN F 150 18.10 8.62 25.92
N PRO F 151 17.84 8.49 27.22
CA PRO F 151 18.60 9.03 28.35
C PRO F 151 19.48 8.04 29.13
N LEU F 152 19.88 6.90 28.57
CA LEU F 152 20.74 6.02 29.38
C LEU F 152 22.23 6.05 29.03
N LEU F 153 22.60 6.78 27.99
CA LEU F 153 24.00 7.10 27.71
C LEU F 153 24.91 5.90 27.40
N THR F 154 24.31 4.77 27.06
CA THR F 154 25.10 3.61 26.65
C THR F 154 25.49 3.77 25.18
N VAL F 155 26.58 3.14 24.79
CA VAL F 155 27.29 3.55 23.59
C VAL F 155 27.59 2.42 22.61
N VAL F 156 27.07 2.56 21.39
CA VAL F 156 27.21 1.56 20.32
C VAL F 156 28.49 1.77 19.50
N ASP F 157 29.17 0.67 19.17
CA ASP F 157 30.42 0.69 18.40
C ASP F 157 30.12 0.91 16.92
N VAL F 158 30.28 2.15 16.47
CA VAL F 158 29.99 2.54 15.10
C VAL F 158 30.81 1.78 14.05
N ALA F 159 32.11 1.69 14.27
CA ALA F 159 32.99 1.02 13.31
C ALA F 159 32.61 -0.44 13.08
N GLU F 160 32.37 -1.17 14.16
CA GLU F 160 32.01 -2.59 14.01
C GLU F 160 30.63 -2.75 13.38
N VAL F 161 29.66 -2.00 13.90
CA VAL F 161 28.32 -2.05 13.34
C VAL F 161 28.36 -1.70 11.85
N SER F 162 29.19 -0.72 11.48
CA SER F 162 29.31 -0.35 10.09
C SER F 162 30.03 -1.41 9.26
N ARG F 163 31.14 -1.95 9.78
CA ARG F 163 31.90 -2.99 9.07
C ARG F 163 31.04 -4.21 8.72
N ARG F 164 29.91 -4.37 9.41
CA ARG F 164 29.08 -5.57 9.24
C ARG F 164 27.86 -5.26 8.41
N ALA F 165 27.28 -4.10 8.66
CA ALA F 165 26.14 -3.65 7.90
C ALA F 165 26.51 -3.47 6.43
N HIS F 166 27.81 -3.26 6.19
CA HIS F 166 28.30 -3.10 4.82
C HIS F 166 28.47 -4.44 4.10
N GLU F 167 28.71 -5.51 4.87
CA GLU F 167 28.72 -6.87 4.33
C GLU F 167 27.35 -7.22 3.76
N ARG F 168 26.36 -6.38 4.09
CA ARG F 168 25.01 -6.53 3.63
C ARG F 168 24.69 -5.60 2.47
N GLY F 169 25.56 -4.61 2.25
CA GLY F 169 25.37 -3.66 1.16
C GLY F 169 24.54 -2.47 1.64
N ALA F 170 24.23 -2.49 2.93
CA ALA F 170 23.28 -1.56 3.51
C ALA F 170 23.89 -0.21 3.88
N ARG F 171 23.01 0.71 4.25
CA ARG F 171 23.39 2.05 4.65
C ARG F 171 23.37 2.15 6.17
N VAL F 172 24.35 2.85 6.74
CA VAL F 172 24.43 3.10 8.18
C VAL F 172 24.31 4.59 8.47
N VAL F 173 23.31 4.97 9.26
CA VAL F 173 23.23 6.34 9.75
C VAL F 173 23.51 6.36 11.25
N VAL F 174 24.26 7.37 11.69
CA VAL F 174 24.40 7.65 13.10
C VAL F 174 23.72 8.98 13.43
N ASP F 175 22.76 8.95 14.34
CA ASP F 175 22.17 10.18 14.87
C ASP F 175 23.20 10.70 15.88
N ASN F 176 23.96 11.70 15.47
CA ASN F 176 25.11 12.19 16.23
C ASN F 176 24.79 13.44 17.04
N THR F 177 23.50 13.68 17.26
CA THR F 177 23.04 14.93 17.88
C THR F 177 23.62 15.13 19.28
N PHE F 178 23.57 14.08 20.08
CA PHE F 178 24.12 14.09 21.44
C PHE F 178 25.59 14.50 21.47
N ALA F 179 26.45 13.70 20.82
CA ALA F 179 27.89 13.95 20.89
C ALA F 179 28.33 15.26 20.20
N SER F 180 27.67 15.61 19.10
CA SER F 180 28.11 16.68 18.17
C SER F 180 29.37 16.27 17.40
N PRO F 181 29.61 16.93 16.24
CA PRO F 181 30.82 16.65 15.45
C PRO F 181 32.13 17.03 16.15
N VAL F 182 32.05 17.78 17.24
CA VAL F 182 33.23 18.14 18.02
C VAL F 182 33.86 16.91 18.63
N LEU F 183 33.02 16.00 19.11
CA LEU F 183 33.46 14.86 19.91
C LEU F 183 33.49 13.55 19.11
N GLN F 184 32.49 13.35 18.25
CA GLN F 184 32.31 12.08 17.54
C GLN F 184 32.18 12.29 16.03
N GLN F 185 32.87 11.45 15.25
CA GLN F 185 32.91 11.59 13.78
C GLN F 185 32.45 10.30 13.09
N PRO F 186 31.12 10.13 12.93
CA PRO F 186 30.54 8.88 12.40
C PRO F 186 31.06 8.50 11.01
N LEU F 187 31.28 9.49 10.16
CA LEU F 187 31.79 9.20 8.82
C LEU F 187 33.18 8.57 8.88
N ALA F 188 34.09 9.13 9.69
CA ALA F 188 35.43 8.53 9.84
C ALA F 188 35.35 7.14 10.47
N LEU F 189 34.36 6.92 11.32
CA LEU F 189 34.14 5.62 11.95
C LEU F 189 33.52 4.57 11.02
N GLY F 190 33.28 4.92 9.76
CA GLY F 190 32.79 3.92 8.81
C GLY F 190 31.33 4.04 8.42
N ALA F 191 30.58 4.89 9.11
CA ALA F 191 29.18 5.05 8.79
C ALA F 191 29.00 5.81 7.49
N ASP F 192 27.76 5.79 7.00
CA ASP F 192 27.39 6.37 5.71
C ASP F 192 26.90 7.79 5.82
N VAL F 193 26.10 8.03 6.85
CA VAL F 193 25.45 9.32 7.05
C VAL F 193 25.57 9.71 8.51
N SER F 194 25.84 10.99 8.77
CA SER F 194 25.65 11.56 10.09
C SER F 194 24.33 12.33 10.05
N LEU F 195 23.52 12.15 11.10
CA LEU F 195 22.25 12.85 11.22
C LEU F 195 22.31 13.76 12.44
N TYR F 196 21.94 15.03 12.27
CA TYR F 196 21.92 15.96 13.39
C TYR F 196 20.60 16.67 13.47
N SER F 197 20.08 16.78 14.69
CA SER F 197 19.21 17.89 15.00
C SER F 197 20.11 19.08 15.35
N THR F 198 20.16 20.09 14.49
CA THR F 198 21.01 21.25 14.77
C THR F 198 20.38 22.12 15.86
N THR F 199 19.10 21.89 16.11
CA THR F 199 18.36 22.54 17.18
C THR F 199 19.07 22.48 18.54
N1 LLP F 200 17.44 13.21 17.36
C2 LLP F 200 17.90 13.52 18.58
C2' LLP F 200 19.00 12.65 19.24
C3 LLP F 200 17.37 14.63 19.27
O3 LLP F 200 17.88 14.92 20.54
C4 LLP F 200 16.38 15.41 18.69
C4' LLP F 200 15.83 16.69 19.52
C5 LLP F 200 15.90 15.09 17.45
C6 LLP F 200 16.43 13.98 16.76
C5' LLP F 200 14.77 15.91 16.73
OP4 LLP F 200 15.23 17.15 16.27
P LLP F 200 14.23 18.34 16.18
OP1 LLP F 200 15.04 19.58 15.79
OP2 LLP F 200 13.24 18.07 15.12
OP3 LLP F 200 13.54 18.46 17.48
N LLP F 200 19.88 21.44 18.73
CA LLP F 200 20.48 21.19 20.05
CB LLP F 200 20.58 19.71 20.28
CG LLP F 200 19.24 19.00 19.98
CD LLP F 200 18.06 19.49 20.86
CE LLP F 200 16.73 18.78 20.50
NZ LLP F 200 16.98 17.39 20.02
C LLP F 200 21.79 21.93 20.14
O LLP F 200 21.80 23.15 20.02
N SER F 201 22.90 21.22 20.32
CA SER F 201 24.17 21.92 20.50
C SER F 201 24.66 22.71 19.29
N ILE F 202 24.47 22.21 18.08
CA ILE F 202 25.02 22.89 16.91
C ILE F 202 24.56 24.36 16.86
N ALA F 203 23.24 24.58 16.80
CA ALA F 203 22.70 25.94 16.97
C ALA F 203 23.19 26.48 18.32
N GLY F 204 22.80 25.80 19.40
CA GLY F 204 23.42 25.98 20.70
C GLY F 204 22.81 27.00 21.66
N HIS F 205 21.92 27.84 21.16
CA HIS F 205 21.37 28.94 21.95
C HIS F 205 19.86 28.80 22.18
N ALA F 206 19.32 27.63 21.85
CA ALA F 206 17.92 27.32 22.11
C ALA F 206 16.97 28.34 21.49
N ASP F 207 17.30 28.82 20.29
CA ASP F 207 16.45 29.82 19.67
C ASP F 207 16.22 29.63 18.16
N VAL F 208 16.26 28.38 17.73
CA VAL F 208 15.98 28.01 16.35
C VAL F 208 15.90 26.49 16.22
N LEU F 209 14.90 26.00 15.51
CA LEU F 209 14.87 24.59 15.16
C LEU F 209 15.76 24.36 13.94
N GLY F 210 16.30 23.16 13.79
CA GLY F 210 16.99 22.80 12.57
C GLY F 210 17.45 21.36 12.51
N GLY F 211 17.72 20.87 11.30
CA GLY F 211 18.21 19.52 11.07
C GLY F 211 19.30 19.49 10.00
N ALA F 212 20.10 18.42 9.98
CA ALA F 212 21.14 18.25 8.97
C ALA F 212 21.46 16.78 8.69
N LEU F 213 21.85 16.50 7.45
CA LEU F 213 22.48 15.24 7.09
C LEU F 213 23.84 15.59 6.50
N VAL F 214 24.87 14.82 6.87
CA VAL F 214 26.20 14.97 6.31
C VAL F 214 26.62 13.56 5.83
N TYR F 215 27.10 13.45 4.59
CA TYR F 215 27.26 12.15 3.95
C TYR F 215 28.21 12.25 2.76
N ARG F 216 28.48 11.13 2.10
CA ARG F 216 29.43 11.11 0.98
C ARG F 216 28.89 10.65 -0.39
N ASP F 217 27.82 9.85 -0.44
CA ASP F 217 27.27 9.39 -1.73
C ASP F 217 26.61 10.53 -2.51
N ALA F 218 26.98 10.64 -3.79
CA ALA F 218 26.53 11.73 -4.65
C ALA F 218 25.08 11.61 -5.14
N ASP F 219 24.57 10.39 -5.32
CA ASP F 219 23.14 10.32 -5.64
C ASP F 219 22.25 10.00 -4.44
N LEU F 220 22.84 9.55 -3.33
CA LEU F 220 22.15 9.66 -2.05
C LEU F 220 21.88 11.17 -1.91
N HIS F 221 22.91 11.97 -2.21
CA HIS F 221 22.78 13.41 -2.25
C HIS F 221 21.68 13.85 -3.21
N ALA F 222 21.67 13.23 -4.39
CA ALA F 222 20.67 13.54 -5.42
C ALA F 222 19.26 13.16 -4.96
N ALA F 223 19.14 12.10 -4.18
CA ALA F 223 17.84 11.65 -3.72
C ALA F 223 17.39 12.46 -2.51
N VAL F 224 18.33 12.80 -1.64
CA VAL F 224 18.03 13.64 -0.47
C VAL F 224 17.57 15.05 -0.93
N ARG F 225 18.25 15.62 -1.91
CA ARG F 225 17.89 16.94 -2.42
C ARG F 225 16.54 16.95 -3.16
N ALA F 226 16.32 15.94 -4.01
CA ALA F 226 15.03 15.85 -4.68
C ALA F 226 13.90 15.73 -3.66
N TYR F 227 14.13 14.98 -2.60
CA TYR F 227 13.10 14.85 -1.58
C TYR F 227 12.81 16.15 -0.82
N ARG F 228 13.86 16.88 -0.42
CA ARG F 228 13.67 18.09 0.37
C ARG F 228 12.93 19.12 -0.47
N THR F 229 13.28 19.17 -1.74
CA THR F 229 12.69 20.14 -2.66
C THR F 229 11.21 19.83 -2.84
N THR F 230 10.89 18.56 -2.99
CA THR F 230 9.53 18.15 -3.25
C THR F 230 8.68 18.18 -1.98
N ALA F 231 9.27 17.72 -0.87
CA ALA F 231 8.58 17.71 0.43
C ALA F 231 8.52 19.13 1.03
N GLY F 232 9.49 19.96 0.67
CA GLY F 232 9.49 21.35 1.10
C GLY F 232 9.81 21.51 2.56
N ASN F 233 10.59 20.57 3.11
CA ASN F 233 10.96 20.66 4.51
C ASN F 233 12.26 21.44 4.70
N VAL F 234 12.33 22.60 4.05
CA VAL F 234 13.53 23.42 4.02
C VAL F 234 13.52 24.43 5.16
N PRO F 235 14.69 24.69 5.75
CA PRO F 235 14.74 25.73 6.77
C PRO F 235 14.84 27.09 6.11
N GLY F 236 14.50 28.16 6.81
CA GLY F 236 14.57 29.48 6.22
C GLY F 236 15.94 30.13 6.36
N ALA F 237 16.12 31.21 5.62
CA ALA F 237 17.39 31.92 5.58
C ALA F 237 17.82 32.49 6.93
N LEU F 238 16.90 33.20 7.59
CA LEU F 238 17.18 33.73 8.92
C LEU F 238 17.54 32.63 9.93
N ASP F 239 16.78 31.53 9.92
CA ASP F 239 17.09 30.41 10.80
C ASP F 239 18.45 29.82 10.49
N CYS F 240 18.75 29.68 9.20
CA CYS F 240 20.09 29.21 8.80
C CYS F 240 21.16 30.16 9.31
N PHE F 241 20.86 31.46 9.27
CA PHE F 241 21.77 32.44 9.85
C PHE F 241 21.98 32.21 11.36
N LEU F 242 20.90 31.98 12.10
CA LEU F 242 21.04 31.74 13.54
C LEU F 242 21.83 30.47 13.85
N VAL F 243 21.59 29.40 13.07
CA VAL F 243 22.28 28.13 13.27
C VAL F 243 23.77 28.35 12.99
N ARG F 244 24.05 29.04 11.89
CA ARG F 244 25.44 29.28 11.47
C ARG F 244 26.21 30.08 12.51
N ARG F 245 25.52 31.05 13.11
CA ARG F 245 26.16 31.96 14.06
C ARG F 245 26.54 31.19 15.34
N GLY F 246 25.69 30.23 15.72
CA GLY F 246 25.96 29.41 16.89
C GLY F 246 27.15 28.50 16.68
N LEU F 247 27.39 28.13 15.42
CA LEU F 247 28.48 27.22 15.09
C LEU F 247 29.86 27.72 15.45
N HIS F 248 30.08 29.03 15.28
CA HIS F 248 31.40 29.61 15.51
C HIS F 248 31.94 29.13 16.88
N THR F 249 31.07 29.12 17.88
CA THR F 249 31.47 28.80 19.23
C THR F 249 31.23 27.33 19.66
N LEU F 250 30.76 26.49 18.74
CA LEU F 250 30.41 25.10 19.12
C LEU F 250 31.50 24.33 19.89
N SER F 251 32.75 24.43 19.45
CA SER F 251 33.80 23.69 20.13
C SER F 251 34.09 24.27 21.51
N LEU F 252 34.02 25.60 21.63
CA LEU F 252 34.20 26.27 22.92
C LEU F 252 33.10 25.87 23.90
N ARG F 253 31.86 25.90 23.43
CA ARG F 253 30.72 25.49 24.26
C ARG F 253 30.81 24.02 24.68
N VAL F 254 31.05 23.14 23.71
CA VAL F 254 31.11 21.70 23.97
C VAL F 254 32.12 21.37 25.07
N HIS F 255 33.37 21.85 24.95
CA HIS F 255 34.36 21.50 25.94
C HIS F 255 34.09 22.12 27.33
N ARG F 256 33.47 23.29 27.35
CA ARG F 256 33.04 23.88 28.62
C ARG F 256 31.97 23.00 29.25
N GLN F 257 31.03 22.54 28.43
CA GLN F 257 29.95 21.66 28.86
C GLN F 257 30.48 20.36 29.43
N VAL F 258 31.43 19.74 28.74
CA VAL F 258 32.00 18.46 29.17
C VAL F 258 32.80 18.61 30.47
N ALA F 259 33.59 19.68 30.56
CA ALA F 259 34.35 19.95 31.78
C ALA F 259 33.43 20.05 32.99
N THR F 260 32.31 20.75 32.82
CA THR F 260 31.39 20.95 33.93
C THR F 260 30.62 19.66 34.26
N ALA F 261 30.31 18.88 33.23
CA ALA F 261 29.64 17.59 33.42
C ALA F 261 30.46 16.68 34.34
N ARG F 262 31.77 16.60 34.09
CA ARG F 262 32.65 15.79 34.93
C ARG F 262 32.61 16.28 36.39
N VAL F 263 32.59 17.60 36.57
CA VAL F 263 32.46 18.18 37.90
C VAL F 263 31.16 17.71 38.56
N LEU F 264 30.06 17.80 37.82
CA LEU F 264 28.75 17.39 38.36
C LEU F 264 28.69 15.89 38.71
N VAL F 265 29.27 15.05 37.86
CA VAL F 265 29.27 13.61 38.07
C VAL F 265 29.86 13.21 39.43
N GLU F 266 31.03 13.75 39.77
CA GLU F 266 31.60 13.36 41.05
C GLU F 266 30.90 14.01 42.25
N ARG F 267 30.19 15.13 42.04
CA ARG F 267 29.24 15.58 43.05
C ARG F 267 28.14 14.55 43.27
N LEU F 268 27.52 14.12 42.18
CA LEU F 268 26.45 13.12 42.22
C LEU F 268 26.91 11.87 42.93
N ARG F 269 28.14 11.45 42.60
CA ARG F 269 28.72 10.27 43.20
C ARG F 269 28.87 10.43 44.71
N ALA F 270 28.92 11.68 45.17
CA ALA F 270 29.08 11.94 46.60
C ALA F 270 27.77 12.01 47.40
N SER F 271 26.64 12.15 46.71
CA SER F 271 25.37 12.31 47.40
C SER F 271 24.71 10.99 47.79
N PRO F 272 24.29 10.85 49.06
CA PRO F 272 23.68 9.59 49.48
C PRO F 272 22.22 9.41 49.01
N VAL F 273 21.66 10.43 48.32
CA VAL F 273 20.34 10.26 47.73
C VAL F 273 20.47 10.06 46.22
N VAL F 274 21.63 9.56 45.82
CA VAL F 274 21.89 9.25 44.43
C VAL F 274 22.35 7.80 44.33
N GLY F 275 21.77 7.05 43.40
CA GLY F 275 22.17 5.67 43.19
C GLY F 275 23.10 5.56 41.99
N ALA F 276 22.69 4.75 41.02
CA ALA F 276 23.41 4.63 39.76
C ALA F 276 23.64 6.00 39.14
N VAL F 277 24.81 6.19 38.58
CA VAL F 277 25.14 7.39 37.84
C VAL F 277 25.57 6.96 36.44
N HIS F 278 25.00 7.60 35.44
CA HIS F 278 25.29 7.27 34.06
C HIS F 278 26.08 8.38 33.41
N TYR F 279 27.25 8.04 32.86
CA TYR F 279 28.08 9.01 32.17
C TYR F 279 29.14 8.25 31.39
N PRO F 280 29.31 8.59 30.10
CA PRO F 280 30.29 7.90 29.26
C PRO F 280 31.72 8.00 29.79
N GLY F 281 32.01 8.98 30.65
CA GLY F 281 33.34 9.15 31.19
C GLY F 281 33.66 8.27 32.41
N LEU F 282 32.68 7.51 32.90
CA LEU F 282 32.93 6.65 34.06
C LEU F 282 33.69 5.40 33.69
N PRO F 283 34.73 5.07 34.47
CA PRO F 283 35.50 3.84 34.26
C PRO F 283 34.61 2.59 34.27
N GLU F 284 33.40 2.70 34.80
CA GLU F 284 32.50 1.55 34.80
C GLU F 284 31.33 1.66 33.79
N HIS F 285 31.27 2.76 33.05
CA HIS F 285 30.31 2.84 31.95
C HIS F 285 30.55 1.64 31.05
N PRO F 286 29.54 0.76 30.92
CA PRO F 286 29.69 -0.59 30.35
C PRO F 286 30.40 -0.63 29.00
N GLN F 287 30.25 0.42 28.18
CA GLN F 287 30.96 0.47 26.91
C GLN F 287 32.05 1.56 26.84
N HIS F 288 32.74 1.83 27.95
CA HIS F 288 33.76 2.88 27.92
C HIS F 288 35.00 2.54 27.07
N ALA F 289 35.30 1.26 26.89
CA ALA F 289 36.31 0.88 25.90
C ALA F 289 35.91 1.41 24.51
N VAL F 290 34.62 1.30 24.19
CA VAL F 290 34.12 1.82 22.93
C VAL F 290 34.03 3.35 22.97
N VAL F 291 33.63 3.89 24.12
CA VAL F 291 33.61 5.34 24.33
C VAL F 291 34.99 5.94 24.05
N LYS F 292 36.00 5.40 24.70
CA LYS F 292 37.36 5.94 24.56
C LYS F 292 37.90 5.80 23.14
N ALA F 293 37.35 4.87 22.37
CA ALA F 293 37.83 4.67 21.01
C ALA F 293 37.10 5.54 19.99
N GLN F 294 35.92 6.03 20.32
CA GLN F 294 35.13 6.75 19.32
C GLN F 294 34.68 8.16 19.71
N MSE F 295 34.73 8.49 21.00
CA MSE F 295 34.46 9.85 21.44
C MSE F 295 35.71 10.50 22.03
O MSE F 295 36.33 9.95 22.92
CB MSE F 295 33.35 9.88 22.49
CG MSE F 295 32.03 9.34 21.98
SE MSE F 295 30.54 9.51 23.23
CE MSE F 295 30.14 11.38 23.23
N SER F 296 36.09 11.67 21.52
CA SER F 296 37.26 12.35 22.09
C SER F 296 36.93 12.97 23.46
N ALA F 297 35.65 12.93 23.84
CA ALA F 297 35.19 13.34 25.17
C ALA F 297 33.74 12.86 25.39
N PRO F 298 33.35 12.64 26.66
CA PRO F 298 32.11 11.89 26.94
C PRO F 298 30.77 12.66 26.92
N GLY F 299 30.75 13.91 26.47
CA GLY F 299 29.49 14.59 26.27
C GLY F 299 29.04 15.42 27.46
N ALA F 300 27.93 16.13 27.28
CA ALA F 300 27.45 17.10 28.26
C ALA F 300 26.14 16.64 28.90
N ILE F 301 25.86 15.35 28.81
CA ILE F 301 24.63 14.81 29.35
C ILE F 301 24.92 13.76 30.43
N VAL F 302 24.22 13.88 31.55
CA VAL F 302 24.45 13.01 32.70
C VAL F 302 23.09 12.53 33.19
N SER F 303 22.98 11.27 33.55
CA SER F 303 21.76 10.82 34.19
C SER F 303 22.05 10.04 35.45
N PHE F 304 21.12 10.03 36.39
CA PHE F 304 21.35 9.35 37.65
C PHE F 304 20.06 8.90 38.31
N ASP F 305 20.12 7.79 39.04
CA ASP F 305 19.03 7.36 39.89
C ASP F 305 18.94 8.27 41.11
N TYR F 306 17.82 8.96 41.26
CA TYR F 306 17.60 9.74 42.46
C TYR F 306 16.84 8.91 43.51
N LEU F 307 17.31 8.94 44.75
CA LEU F 307 16.74 8.08 45.79
C LEU F 307 16.07 8.88 46.89
N GLY F 308 16.00 10.19 46.74
CA GLY F 308 15.57 11.06 47.81
C GLY F 308 14.07 11.28 47.96
N GLY F 309 13.30 10.86 46.96
CA GLY F 309 11.86 11.05 46.95
C GLY F 309 11.33 11.18 45.54
N PRO F 310 10.08 11.64 45.39
CA PRO F 310 9.47 11.83 44.06
C PRO F 310 10.27 12.81 43.22
N ALA F 311 10.38 12.51 41.92
CA ALA F 311 11.20 13.32 41.03
C ALA F 311 10.73 14.76 40.95
N GLU F 312 9.41 14.97 40.87
CA GLU F 312 8.91 16.32 40.74
C GLU F 312 9.24 17.16 41.97
N ARG F 313 9.37 16.52 43.13
CA ARG F 313 9.80 17.24 44.33
C ARG F 313 11.21 17.80 44.13
N LEU F 314 12.12 16.94 43.69
CA LEU F 314 13.49 17.35 43.42
C LEU F 314 13.53 18.42 42.34
N LEU F 315 12.81 18.18 41.25
CA LEU F 315 12.78 19.08 40.09
C LEU F 315 12.42 20.50 40.51
N ASP F 316 11.43 20.62 41.40
CA ASP F 316 10.96 21.91 41.90
C ASP F 316 12.12 22.76 42.40
N ARG F 317 13.12 22.12 43.01
CA ARG F 317 14.08 22.85 43.82
C ARG F 317 15.20 23.56 43.07
N PHE F 318 15.33 23.32 41.78
CA PHE F 318 16.40 23.96 41.04
C PHE F 318 16.10 25.45 40.90
N THR F 319 17.11 26.29 41.07
CA THR F 319 16.95 27.72 40.84
C THR F 319 17.92 28.17 39.75
N LEU F 320 18.76 27.27 39.29
CA LEU F 320 19.66 27.60 38.21
C LEU F 320 19.36 26.72 36.99
N PHE F 321 19.45 25.40 37.17
CA PHE F 321 18.97 24.48 36.16
C PHE F 321 17.52 24.83 35.81
N THR F 322 17.17 24.71 34.53
CA THR F 322 15.79 24.95 34.10
C THR F 322 15.12 23.59 33.85
N CYS F 323 13.90 23.39 34.34
CA CYS F 323 13.18 22.15 34.02
C CYS F 323 12.56 22.24 32.64
N GLY F 324 13.08 21.49 31.68
CA GLY F 324 12.62 21.61 30.30
C GLY F 324 13.24 20.57 29.39
N VAL F 325 12.53 20.19 28.33
CA VAL F 325 13.05 19.18 27.40
C VAL F 325 13.98 19.87 26.41
N SER F 326 14.57 19.08 25.52
CA SER F 326 15.70 19.46 24.68
C SER F 326 16.97 19.57 25.51
N LEU F 327 18.10 19.70 24.81
CA LEU F 327 19.40 19.62 25.42
C LEU F 327 20.31 20.53 24.59
N GLY F 328 21.62 20.45 24.82
CA GLY F 328 22.59 21.12 23.96
C GLY F 328 22.65 22.64 24.01
N GLY F 329 21.91 23.26 24.92
CA GLY F 329 21.89 24.72 24.96
C GLY F 329 22.86 25.34 25.97
N VAL F 330 23.07 26.64 25.85
CA VAL F 330 23.93 27.35 26.80
C VAL F 330 23.32 27.36 28.20
N HIS F 331 21.98 27.31 28.27
CA HIS F 331 21.28 27.17 29.52
C HIS F 331 21.28 25.69 29.93
N SER F 332 21.62 25.41 31.19
CA SER F 332 21.58 24.05 31.72
C SER F 332 20.13 23.60 31.94
N LEU F 333 19.81 22.37 31.55
CA LEU F 333 18.46 21.83 31.69
C LEU F 333 18.44 20.57 32.56
N VAL F 334 17.37 20.41 33.34
CA VAL F 334 17.14 19.19 34.08
C VAL F 334 15.85 18.52 33.57
N GLU F 335 15.88 17.20 33.52
CA GLU F 335 14.76 16.42 33.00
C GLU F 335 14.44 15.21 33.88
N CYS F 336 13.16 14.82 33.90
CA CYS F 336 12.83 13.48 34.36
C CYS F 336 12.18 12.72 33.22
N PRO F 337 12.85 11.67 32.74
CA PRO F 337 12.35 10.70 31.75
C PRO F 337 11.26 9.79 32.31
N ALA F 338 10.12 10.37 32.65
CA ALA F 338 8.98 9.61 33.15
C ALA F 338 7.79 10.55 33.16
N LEU F 339 8.05 11.79 33.58
CA LEU F 339 7.04 12.84 33.60
C LEU F 339 7.29 13.91 32.53
N MSE F 340 8.58 14.18 32.21
CA MSE F 340 9.03 14.99 31.05
C MSE F 340 9.10 14.08 29.77
O MSE F 340 8.10 13.45 29.40
CB MSE F 340 10.40 15.74 31.29
CG MSE F 340 10.54 17.08 32.28
SE MSE F 340 11.56 18.78 31.54
CE MSE F 340 12.71 17.73 30.47
N THR F 341 10.27 14.00 29.12
CA THR F 341 10.43 13.33 27.80
C THR F 341 9.80 11.95 27.61
N HIS F 342 10.28 10.95 28.37
CA HIS F 342 9.84 9.57 28.13
C HIS F 342 8.49 9.20 28.73
N ARG F 343 7.72 10.21 29.11
CA ARG F 343 6.34 10.01 29.58
C ARG F 343 5.41 9.24 28.62
N PRO F 344 5.51 9.46 27.29
CA PRO F 344 4.56 8.74 26.44
C PRO F 344 4.69 7.22 26.51
N LEU F 345 5.90 6.70 26.69
CA LEU F 345 6.16 5.25 26.61
C LEU F 345 5.11 4.34 27.29
N SER F 346 5.40 3.83 28.49
CA SER F 346 4.51 2.91 29.23
C SER F 346 5.31 2.29 30.35
N ALA F 347 4.71 2.18 31.53
CA ALA F 347 5.43 1.72 32.72
C ALA F 347 6.12 0.38 32.50
N GLU F 348 5.34 -0.62 32.08
CA GLU F 348 5.84 -1.96 31.84
C GLU F 348 6.94 -1.90 30.79
N ALA F 349 6.66 -1.13 29.74
CA ALA F 349 7.63 -0.89 28.68
C ALA F 349 8.80 -0.05 29.18
N ARG F 350 8.53 0.84 30.14
CA ARG F 350 9.58 1.71 30.67
C ARG F 350 10.48 0.89 31.57
N ALA F 351 9.87 0.08 32.43
CA ALA F 351 10.61 -0.86 33.25
C ALA F 351 11.45 -1.73 32.33
N ARG F 352 10.80 -2.36 31.35
CA ARG F 352 11.45 -3.23 30.38
C ARG F 352 12.57 -2.55 29.57
N ARG F 353 12.92 -1.31 29.93
CA ARG F 353 14.03 -0.60 29.32
C ARG F 353 15.06 -0.10 30.34
N GLY F 354 14.93 -0.50 31.61
CA GLY F 354 15.83 0.00 32.63
C GLY F 354 15.68 1.52 32.77
N ILE F 355 14.47 2.00 32.52
CA ILE F 355 14.14 3.39 32.82
C ILE F 355 13.30 3.42 34.09
N GLY F 356 13.75 4.18 35.08
CA GLY F 356 13.03 4.27 36.33
C GLY F 356 12.27 5.58 36.46
N GLU F 357 11.35 5.60 37.43
CA GLU F 357 10.61 6.81 37.74
C GLU F 357 11.54 7.87 38.33
N SER F 358 12.67 7.41 38.85
CA SER F 358 13.59 8.27 39.59
C SER F 358 14.81 8.67 38.78
N LEU F 359 14.93 8.15 37.58
CA LEU F 359 15.99 8.61 36.69
C LEU F 359 15.84 10.11 36.40
N ILE F 360 16.94 10.83 36.57
CA ILE F 360 16.99 12.26 36.29
C ILE F 360 18.07 12.52 35.25
N ARG F 361 17.75 13.29 34.22
CA ARG F 361 18.75 13.62 33.20
C ARG F 361 19.19 15.08 33.24
N LEU F 362 20.50 15.30 33.23
CA LEU F 362 21.05 16.64 33.17
C LEU F 362 21.66 16.93 31.81
N SER F 363 21.30 18.05 31.21
CA SER F 363 22.03 18.54 30.02
C SER F 363 22.80 19.78 30.43
N VAL F 364 24.11 19.70 30.40
CA VAL F 364 24.94 20.73 31.00
C VAL F 364 25.14 21.92 30.06
N GLY F 365 24.92 23.14 30.56
CA GLY F 365 25.17 24.35 29.80
C GLY F 365 26.55 24.97 30.08
N ILE F 366 26.69 26.26 29.83
CA ILE F 366 28.00 26.90 29.97
C ILE F 366 28.09 27.87 31.17
N GLU F 367 27.17 27.74 32.12
CA GLU F 367 27.21 28.53 33.35
C GLU F 367 28.46 28.16 34.18
N ASP F 368 28.75 28.94 35.21
CA ASP F 368 29.90 28.59 36.05
C ASP F 368 29.67 27.22 36.69
N PRO F 369 30.68 26.34 36.61
CA PRO F 369 30.56 24.96 37.09
C PRO F 369 30.25 24.90 38.58
N GLN F 370 30.74 25.90 39.31
CA GLN F 370 30.50 25.95 40.74
C GLN F 370 29.06 26.33 41.07
N ASP F 371 28.47 27.23 40.29
CA ASP F 371 27.08 27.58 40.49
C ASP F 371 26.19 26.37 40.19
N LEU F 372 26.45 25.72 39.06
CA LEU F 372 25.67 24.54 38.68
C LEU F 372 25.84 23.42 39.71
N ALA F 373 27.05 23.26 40.25
CA ALA F 373 27.26 22.29 41.32
C ALA F 373 26.45 22.66 42.56
N GLU F 374 26.51 23.94 42.93
CA GLU F 374 25.77 24.44 44.09
C GLU F 374 24.28 24.17 43.96
N ASP F 375 23.71 24.54 42.80
CA ASP F 375 22.29 24.33 42.52
C ASP F 375 21.94 22.84 42.63
N LEU F 376 22.73 21.99 42.00
CA LEU F 376 22.49 20.54 42.05
C LEU F 376 22.53 20.00 43.48
N SER F 377 23.56 20.34 44.24
CA SER F 377 23.71 19.85 45.61
C SER F 377 22.61 20.36 46.53
N ARG F 378 22.21 21.60 46.32
CA ARG F 378 21.13 22.19 47.09
C ARG F 378 19.83 21.41 46.85
N ALA F 379 19.51 21.16 45.59
CA ALA F 379 18.28 20.46 45.24
C ALA F 379 18.28 19.04 45.79
N LEU F 380 19.43 18.38 45.72
CA LEU F 380 19.54 17.01 46.22
C LEU F 380 19.37 16.95 47.73
N ALA F 381 19.87 17.97 48.42
CA ALA F 381 19.88 17.99 49.88
C ALA F 381 18.47 18.03 50.46
N GLY F 382 17.46 18.11 49.60
CA GLY F 382 16.09 18.08 50.04
C GLY F 382 15.76 19.30 50.86
N GLY G 6 24.66 32.53 43.23
CA GLY G 6 23.73 31.67 42.52
C GLY G 6 23.92 31.80 41.03
N MSE G 7 24.48 32.92 40.62
CA MSE G 7 24.82 33.17 39.22
C MSE G 7 26.16 33.95 39.13
O MSE G 7 26.14 35.16 38.88
CB MSE G 7 23.60 33.80 38.47
CG MSE G 7 22.70 32.73 37.74
SE MSE G 7 20.73 32.71 37.33
CE MSE G 7 20.15 32.83 39.22
N ARG G 8 27.30 33.25 39.35
CA ARG G 8 28.69 33.78 39.17
C ARG G 8 28.92 34.25 37.72
N PHE G 9 30.18 34.49 37.34
CA PHE G 9 30.47 35.19 36.07
C PHE G 9 29.90 34.54 34.78
N GLY G 10 30.45 33.40 34.39
CA GLY G 10 29.96 32.67 33.24
C GLY G 10 28.44 32.43 33.30
N THR G 11 27.92 32.35 34.51
CA THR G 11 26.48 32.19 34.71
C THR G 11 25.72 33.51 34.49
N ARG G 12 26.30 34.62 34.94
CA ARG G 12 25.73 35.94 34.65
C ARG G 12 25.63 36.19 33.15
N LEU G 13 26.55 35.63 32.39
CA LEU G 13 26.49 35.79 30.94
C LEU G 13 25.27 35.08 30.37
N VAL G 14 24.85 33.99 31.01
CA VAL G 14 23.75 33.20 30.47
C VAL G 14 22.41 33.67 30.99
N HIS G 15 22.38 34.05 32.26
CA HIS G 15 21.12 34.24 32.95
C HIS G 15 20.80 35.67 33.41
N GLY G 16 21.80 36.55 33.45
CA GLY G 16 21.57 37.93 33.86
C GLY G 16 20.55 38.56 32.94
N GLY G 17 19.47 39.12 33.48
CA GLY G 17 18.42 39.74 32.69
C GLY G 17 17.47 38.81 31.93
N ARG G 18 17.32 37.57 32.37
CA ARG G 18 16.47 36.63 31.61
C ARG G 18 15.00 36.60 32.08
N ARG G 19 14.16 37.49 31.52
CA ARG G 19 12.78 37.55 31.97
C ARG G 19 11.89 36.38 31.50
N PRO G 20 11.18 35.78 32.47
CA PRO G 20 10.12 34.80 32.27
C PRO G 20 8.91 35.37 31.66
N SER G 21 8.41 34.75 30.60
CA SER G 21 7.23 35.27 29.96
C SER G 21 6.14 34.28 30.23
N ALA G 22 6.13 33.80 31.45
CA ALA G 22 5.15 32.95 32.01
C ALA G 22 3.67 32.92 31.41
N GLY G 23 2.87 31.95 31.83
CA GLY G 23 1.80 31.47 30.99
C GLY G 23 2.51 30.45 30.10
N THR G 24 3.26 30.94 29.11
CA THR G 24 3.97 30.11 28.15
C THR G 24 5.34 29.60 28.64
N GLY G 25 6.18 30.51 29.13
CA GLY G 25 7.38 30.11 29.84
C GLY G 25 8.66 29.97 29.04
N ASP G 26 8.83 30.82 28.03
CA ASP G 26 10.02 30.84 27.17
C ASP G 26 11.31 30.89 28.00
N VAL G 27 12.24 29.97 27.71
CA VAL G 27 13.58 30.05 28.31
C VAL G 27 14.31 31.26 27.74
N VAL G 28 14.35 31.35 26.41
CA VAL G 28 14.89 32.54 25.75
C VAL G 28 13.77 33.59 25.65
N PRO G 29 14.03 34.80 26.19
CA PRO G 29 12.94 35.80 26.20
C PRO G 29 12.55 36.18 24.78
N PRO G 30 11.27 36.46 24.54
CA PRO G 30 10.82 36.84 23.19
C PRO G 30 11.41 38.19 22.76
N ILE G 31 11.56 38.39 21.47
CA ILE G 31 12.12 39.64 20.96
C ILE G 31 11.00 40.69 20.85
N HIS G 32 11.09 41.74 21.67
CA HIS G 32 10.08 42.80 21.66
C HIS G 32 10.38 43.82 20.59
N VAL G 33 9.71 43.70 19.45
CA VAL G 33 9.88 44.64 18.35
C VAL G 33 8.90 45.80 18.39
N SER G 34 7.79 45.65 19.11
CA SER G 34 6.72 46.67 19.06
C SER G 34 7.22 48.08 19.42
N THR G 35 6.80 49.08 18.64
CA THR G 35 7.16 50.47 18.92
C THR G 35 6.16 51.06 19.89
N THR G 36 4.94 50.57 19.84
CA THR G 36 3.99 51.12 20.77
C THR G 36 3.27 50.09 21.65
N TYR G 37 2.67 50.60 22.71
CA TYR G 37 2.11 49.75 23.73
C TYR G 37 0.68 50.16 24.00
N GLU G 38 -0.09 49.22 24.54
CA GLU G 38 -1.44 49.49 25.00
C GLU G 38 -1.33 49.75 26.50
N ARG G 39 -1.80 50.91 26.94
CA ARG G 39 -1.69 51.24 28.35
C ARG G 39 -2.71 50.51 29.21
N ARG G 40 -3.92 50.34 28.68
CA ARG G 40 -5.10 50.06 29.51
C ARG G 40 -5.09 48.81 30.40
N ALA G 41 -4.22 47.83 30.14
CA ALA G 41 -4.22 46.58 30.91
C ALA G 41 -2.95 46.30 31.74
N GLN G 42 -1.83 46.94 31.40
CA GLN G 42 -0.63 46.89 32.24
C GLN G 42 -1.04 47.24 33.65
N ASP G 43 -0.77 46.35 34.61
CA ASP G 43 -1.04 46.64 36.02
C ASP G 43 -0.35 47.96 36.37
N GLU G 44 0.96 48.00 36.14
CA GLU G 44 1.79 49.18 36.32
C GLU G 44 2.16 49.77 34.97
N PRO G 45 1.89 51.07 34.78
CA PRO G 45 2.21 51.70 33.49
C PRO G 45 3.69 52.03 33.38
N ARG G 46 4.46 51.20 32.69
CA ARG G 46 5.84 51.60 32.46
C ARG G 46 6.31 51.43 31.00
N TYR G 47 5.44 50.97 30.11
CA TYR G 47 5.79 50.94 28.68
C TYR G 47 4.88 51.84 27.87
N PHE G 48 5.47 52.86 27.27
CA PHE G 48 4.72 53.89 26.59
C PHE G 48 5.12 53.97 25.12
N TYR G 49 6.42 54.04 24.85
CA TYR G 49 6.91 54.21 23.49
C TYR G 49 8.30 53.62 23.33
N GLY G 50 8.54 52.98 22.20
CA GLY G 50 9.76 52.23 21.98
C GLY G 50 11.07 53.00 22.06
N ARG G 51 11.08 54.29 21.70
CA ARG G 51 12.33 55.05 21.83
C ARG G 51 12.74 55.09 23.28
N GLY G 52 11.74 55.12 24.16
CA GLY G 52 11.97 55.24 25.59
C GLY G 52 12.05 53.94 26.40
N GLU G 53 11.25 52.94 26.03
CA GLU G 53 11.17 51.69 26.82
C GLU G 53 11.08 50.46 25.91
N ASN G 54 11.76 49.39 26.28
CA ASN G 54 11.71 48.12 25.55
C ASN G 54 12.31 47.01 26.40
N PRO G 55 11.52 45.97 26.69
CA PRO G 55 11.95 44.89 27.59
C PRO G 55 13.25 44.20 27.12
N THR G 56 13.31 43.84 25.84
CA THR G 56 14.51 43.27 25.23
C THR G 56 15.75 44.14 25.47
N ARG G 57 15.62 45.44 25.19
CA ARG G 57 16.71 46.37 25.47
C ARG G 57 17.04 46.37 26.97
N GLU G 58 16.01 46.47 27.81
CA GLU G 58 16.19 46.48 29.25
C GLU G 58 16.86 45.20 29.78
N GLU G 59 16.47 44.06 29.24
CA GLU G 59 17.07 42.79 29.65
C GLU G 59 18.56 42.73 29.31
N LEU G 60 18.94 43.29 28.17
CA LEU G 60 20.35 43.36 27.81
C LEU G 60 21.09 44.28 28.82
N GLU G 61 20.52 45.45 29.09
CA GLU G 61 21.07 46.35 30.10
C GLU G 61 21.19 45.67 31.48
N GLU G 62 20.20 44.85 31.81
CA GLU G 62 20.21 44.06 33.03
C GLU G 62 21.45 43.17 33.08
N CYS G 63 21.66 42.42 32.00
CA CYS G 63 22.83 41.55 31.87
C CYS G 63 24.15 42.28 32.06
N LEU G 64 24.37 43.36 31.29
CA LEU G 64 25.62 44.11 31.32
C LEU G 64 25.91 44.67 32.71
N ALA G 65 24.88 45.18 33.37
CA ALA G 65 25.06 45.74 34.71
C ALA G 65 25.57 44.66 35.66
N GLY G 66 24.98 43.46 35.54
CA GLY G 66 25.32 42.34 36.41
C GLY G 66 26.74 41.85 36.26
N LEU G 67 27.31 42.07 35.09
CA LEU G 67 28.69 41.66 34.82
C LEU G 67 29.66 42.47 35.66
N GLU G 68 29.24 43.66 36.07
CA GLU G 68 30.11 44.53 36.85
C GLU G 68 29.51 44.77 38.22
N ARG G 69 28.51 43.96 38.56
CA ARG G 69 27.77 44.08 39.80
C ARG G 69 27.39 45.54 40.10
N ALA G 70 26.80 46.18 39.10
CA ALA G 70 26.46 47.60 39.14
C ALA G 70 24.95 47.72 39.08
N PRO G 71 24.41 48.89 39.44
CA PRO G 71 22.95 48.98 39.43
C PRO G 71 22.41 49.42 38.07
N PHE G 72 23.24 50.02 37.24
CA PHE G 72 22.70 50.60 36.01
C PHE G 72 23.50 50.24 34.77
N ALA G 73 22.80 50.20 33.64
CA ALA G 73 23.46 50.19 32.35
C ALA G 73 22.51 50.77 31.33
N THR G 74 23.08 51.39 30.32
CA THR G 74 22.32 51.92 29.21
C THR G 74 23.03 51.54 27.93
N VAL G 75 22.27 50.99 26.98
CA VAL G 75 22.82 50.67 25.67
C VAL G 75 22.38 51.64 24.58
N PHE G 76 23.16 51.66 23.52
CA PHE G 76 23.09 52.69 22.49
C PHE G 76 23.26 52.05 21.11
N SER G 77 22.95 52.84 20.08
CA SER G 77 23.14 52.43 18.69
C SER G 77 24.59 52.04 18.36
N SER G 78 25.56 52.54 19.13
CA SER G 78 26.97 52.22 18.89
C SER G 78 27.83 52.66 20.07
N GLY G 79 29.10 52.27 20.04
CA GLY G 79 30.08 52.75 20.99
C GLY G 79 30.21 54.26 20.94
N GLN G 80 30.27 54.82 19.74
CA GLN G 80 30.35 56.26 19.61
C GLN G 80 29.17 56.96 20.30
N ALA G 81 27.96 56.41 20.14
CA ALA G 81 26.78 57.05 20.71
C ALA G 81 26.85 57.01 22.24
N ALA G 82 27.36 55.92 22.77
CA ALA G 82 27.56 55.81 24.21
C ALA G 82 28.61 56.84 24.67
N ALA G 83 29.69 56.96 23.91
CA ALA G 83 30.69 57.99 24.22
C ALA G 83 30.09 59.39 24.07
N ALA G 84 29.25 59.56 23.06
CA ALA G 84 28.61 60.83 22.79
C ALA G 84 27.78 61.30 23.99
N THR G 85 27.16 60.35 24.67
CA THR G 85 26.24 60.69 25.77
C THR G 85 26.97 61.25 27.01
N LEU G 86 28.08 60.63 27.41
CA LEU G 86 28.90 61.17 28.50
C LEU G 86 29.45 62.57 28.20
N LEU G 87 30.05 62.73 27.02
CA LEU G 87 30.58 64.02 26.62
C LEU G 87 29.54 65.12 26.69
N SER G 88 28.31 64.79 26.29
CA SER G 88 27.22 65.77 26.28
C SER G 88 26.99 66.36 27.66
N LEU G 89 27.38 65.63 28.70
CA LEU G 89 27.16 66.07 30.07
C LEU G 89 28.17 67.12 30.51
N VAL G 90 29.21 67.31 29.69
CA VAL G 90 30.24 68.29 30.03
C VAL G 90 29.88 69.65 29.43
N ARG G 91 29.69 70.65 30.30
CA ARG G 91 29.32 72.01 29.87
C ARG G 91 30.51 72.71 29.27
N PRO G 92 30.28 73.61 28.30
CA PRO G 92 31.40 74.42 27.81
C PRO G 92 32.02 75.22 28.96
N GLY G 93 33.32 75.45 28.92
CA GLY G 93 34.00 76.06 30.05
C GLY G 93 34.51 75.02 31.04
N GLN G 94 33.83 73.88 31.12
CA GLN G 94 34.31 72.75 31.92
C GLN G 94 35.38 72.00 31.13
N CYS G 95 36.13 71.12 31.82
CA CYS G 95 37.29 70.47 31.22
C CYS G 95 37.25 68.95 31.23
N VAL G 96 37.62 68.35 30.10
CA VAL G 96 37.84 66.92 29.99
C VAL G 96 39.34 66.70 29.77
N VAL G 97 39.92 65.75 30.49
CA VAL G 97 41.32 65.40 30.34
C VAL G 97 41.44 63.98 29.82
N SER G 98 42.30 63.75 28.82
CA SER G 98 42.46 62.40 28.27
C SER G 98 43.77 62.14 27.52
N THR G 99 43.73 61.25 26.53
CA THR G 99 44.93 60.73 25.90
C THR G 99 44.79 60.45 24.38
N ASP G 100 45.46 61.28 23.56
CA ASP G 100 45.39 61.26 22.08
C ASP G 100 45.50 59.89 21.39
N ASP G 101 46.20 58.95 22.04
CA ASP G 101 46.07 57.55 21.67
C ASP G 101 44.69 57.05 22.07
N VAL G 102 43.74 57.96 22.24
CA VAL G 102 42.34 57.62 22.36
C VAL G 102 41.88 57.13 21.00
N TYR G 103 40.83 56.31 20.97
CA TYR G 103 40.29 55.82 19.72
C TYR G 103 39.84 57.01 18.86
N ALA G 104 40.25 57.01 17.60
CA ALA G 104 40.00 58.14 16.69
C ALA G 104 38.57 58.68 16.82
N GLY G 105 37.63 57.78 17.10
CA GLY G 105 36.25 58.14 17.31
C GLY G 105 36.08 59.08 18.50
N THR G 106 36.88 58.88 19.54
CA THR G 106 36.82 59.75 20.71
C THR G 106 37.50 61.11 20.48
N ASP G 107 38.61 61.11 19.75
CA ASP G 107 39.22 62.37 19.31
C ASP G 107 38.23 63.10 18.40
N GLY G 108 37.48 62.33 17.60
CA GLY G 108 36.43 62.90 16.76
C GLY G 108 35.31 63.48 17.60
N LEU G 109 35.01 62.83 18.72
CA LEU G 109 34.01 63.34 19.65
C LEU G 109 34.55 64.52 20.49
N PHE G 110 35.82 64.48 20.86
CA PHE G 110 36.41 65.61 21.61
C PHE G 110 36.45 66.87 20.75
N ASP G 111 36.71 66.71 19.46
CA ASP G 111 36.71 67.84 18.52
C ASP G 111 35.33 68.47 18.46
N LEU G 112 34.33 67.62 18.23
CA LEU G 112 32.94 68.05 18.24
C LEU G 112 32.69 68.74 19.58
N ALA G 113 33.15 68.09 20.65
CA ALA G 113 33.00 68.69 21.98
C ALA G 113 33.80 70.00 22.11
N ALA G 114 34.95 70.06 21.47
CA ALA G 114 35.78 71.27 21.51
C ALA G 114 35.11 72.43 20.78
N ARG G 115 34.43 72.11 19.68
CA ARG G 115 33.77 73.12 18.85
C ARG G 115 32.71 73.87 19.65
N GLN G 116 32.18 73.23 20.68
CA GLN G 116 31.09 73.80 21.46
C GLN G 116 31.61 74.70 22.57
N GLY G 117 32.85 74.49 23.01
CA GLY G 117 33.39 75.24 24.13
C GLY G 117 33.90 74.35 25.27
N VAL G 118 34.13 73.08 24.97
CA VAL G 118 34.71 72.18 25.96
C VAL G 118 36.22 72.12 25.84
N ARG G 119 36.91 72.49 26.93
CA ARG G 119 38.36 72.62 26.88
C ARG G 119 39.08 71.29 27.08
N VAL G 120 39.12 70.48 26.03
CA VAL G 120 39.77 69.19 26.05
C VAL G 120 41.29 69.30 26.14
N ARG G 121 41.91 68.53 27.02
CA ARG G 121 43.35 68.58 27.18
C ARG G 121 43.96 67.19 27.38
N TYR G 122 44.95 66.86 26.57
CA TYR G 122 45.57 65.54 26.67
C TYR G 122 46.66 65.56 27.73
N ALA G 123 46.90 64.42 28.36
CA ALA G 123 47.96 64.35 29.37
C ALA G 123 48.57 62.97 29.39
N ASP G 124 49.72 62.83 30.04
CA ASP G 124 50.35 61.52 30.18
C ASP G 124 49.94 60.88 31.49
N LEU G 125 49.19 59.78 31.41
CA LEU G 125 48.64 59.15 32.59
C LEU G 125 49.40 57.87 33.03
N THR G 126 50.55 57.63 32.40
CA THR G 126 51.41 56.50 32.71
C THR G 126 52.50 56.84 33.73
N THR G 127 52.60 58.13 34.06
CA THR G 127 53.49 58.58 35.12
C THR G 127 52.66 59.39 36.11
N PRO G 128 53.04 59.37 37.41
CA PRO G 128 52.13 59.93 38.42
C PRO G 128 52.30 61.44 38.58
N GLU G 129 53.12 62.03 37.71
CA GLU G 129 53.35 63.46 37.73
C GLU G 129 52.65 64.12 36.54
N GLY G 130 52.46 63.35 35.48
CA GLY G 130 51.59 63.76 34.39
C GLY G 130 50.16 63.74 34.88
N ILE G 131 49.86 62.77 35.74
CA ILE G 131 48.59 62.68 36.43
C ILE G 131 48.36 63.93 37.29
N ALA G 132 49.34 64.25 38.13
CA ALA G 132 49.27 65.36 39.09
C ALA G 132 48.92 66.72 38.47
N ALA G 133 49.53 67.04 37.34
CA ALA G 133 49.33 68.32 36.68
C ALA G 133 48.00 68.37 35.92
N ALA G 134 47.62 67.25 35.31
CA ALA G 134 46.36 67.14 34.58
C ALA G 134 45.19 67.39 35.50
N LEU G 135 45.44 67.26 36.80
CA LEU G 135 44.45 67.55 37.81
C LEU G 135 44.74 68.91 38.47
N ALA G 136 45.53 69.73 37.77
CA ALA G 136 45.61 71.15 38.08
C ALA G 136 44.95 71.89 36.92
N GLU G 137 44.80 71.18 35.82
CA GLU G 137 43.97 71.61 34.69
C GLU G 137 42.65 72.09 35.28
N PRO G 138 42.34 73.38 35.13
CA PRO G 138 41.17 73.92 35.82
C PRO G 138 39.85 73.48 35.17
N ASP G 139 38.75 73.62 35.91
CA ASP G 139 37.41 73.29 35.42
C ASP G 139 37.20 71.81 35.11
N LEU G 140 37.94 70.92 35.78
CA LEU G 140 37.96 69.50 35.46
C LEU G 140 36.66 68.73 35.75
N ALA G 141 35.89 68.42 34.72
CA ALA G 141 34.64 67.69 34.91
C ALA G 141 34.76 66.19 34.68
N LEU G 142 35.62 65.80 33.73
CA LEU G 142 35.68 64.41 33.32
C LEU G 142 37.11 63.96 33.04
N VAL G 143 37.49 62.81 33.56
CA VAL G 143 38.77 62.21 33.20
C VAL G 143 38.53 60.96 32.36
N TRP G 144 39.07 60.94 31.15
CA TRP G 144 38.73 59.90 30.18
C TRP G 144 39.89 58.92 30.06
N ILE G 145 39.74 57.78 30.71
CA ILE G 145 40.77 56.76 30.71
C ILE G 145 40.47 55.76 29.61
N GLU G 146 41.47 55.44 28.80
CA GLU G 146 41.35 54.33 27.86
C GLU G 146 42.54 53.39 27.98
N THR G 147 42.31 52.24 28.61
CA THR G 147 43.39 51.29 28.85
C THR G 147 42.89 49.85 28.69
N PRO G 148 43.68 48.97 28.05
CA PRO G 148 44.94 49.20 27.32
C PRO G 148 44.77 50.21 26.21
N THR G 149 45.84 50.91 25.84
CA THR G 149 45.81 51.77 24.67
C THR G 149 45.86 50.92 23.42
N ASN G 150 45.44 51.49 22.29
CA ASN G 150 45.59 50.81 21.00
C ASN G 150 45.91 51.75 19.87
N PRO G 151 46.88 51.39 19.03
CA PRO G 151 47.54 50.08 18.95
C PRO G 151 48.96 50.05 19.51
N LEU G 152 49.18 50.48 20.75
CA LEU G 152 50.49 50.29 21.38
C LEU G 152 50.43 49.45 22.67
N LEU G 153 49.23 49.24 23.18
CA LEU G 153 48.99 48.32 24.29
C LEU G 153 49.69 48.72 25.58
N THR G 154 49.91 50.02 25.77
CA THR G 154 50.34 50.49 27.09
C THR G 154 49.11 50.46 27.98
N VAL G 155 49.31 50.71 29.27
CA VAL G 155 48.22 50.56 30.24
C VAL G 155 48.26 51.73 31.22
N VAL G 156 47.10 52.16 31.68
CA VAL G 156 46.97 53.20 32.70
C VAL G 156 46.39 52.66 34.02
N ASP G 157 46.99 53.03 35.14
CA ASP G 157 46.53 52.60 36.46
C ASP G 157 45.18 53.24 36.81
N VAL G 158 44.11 52.48 36.64
CA VAL G 158 42.75 52.98 36.85
C VAL G 158 42.51 53.45 38.28
N ALA G 159 42.94 52.65 39.24
CA ALA G 159 42.72 52.98 40.64
C ALA G 159 43.46 54.24 41.05
N GLU G 160 44.72 54.35 40.65
CA GLU G 160 45.55 55.48 41.05
C GLU G 160 45.10 56.79 40.38
N VAL G 161 44.66 56.72 39.13
CA VAL G 161 44.14 57.90 38.47
C VAL G 161 42.78 58.27 39.07
N SER G 162 41.97 57.27 39.40
CA SER G 162 40.64 57.54 39.94
C SER G 162 40.67 58.21 41.32
N ARG G 163 41.43 57.68 42.26
CA ARG G 163 41.40 58.31 43.59
C ARG G 163 42.00 59.72 43.59
N ARG G 164 42.91 59.99 42.67
CA ARG G 164 43.37 61.36 42.46
C ARG G 164 42.34 62.22 41.73
N ALA G 165 41.73 61.68 40.67
CA ALA G 165 40.76 62.43 39.89
C ALA G 165 39.60 62.92 40.74
N HIS G 166 39.23 62.11 41.72
CA HIS G 166 38.09 62.42 42.57
C HIS G 166 38.38 63.58 43.53
N GLU G 167 39.64 63.71 43.94
CA GLU G 167 40.07 64.85 44.73
C GLU G 167 39.92 66.18 43.98
N ARG G 168 39.52 66.12 42.72
CA ARG G 168 39.37 67.32 41.91
C ARG G 168 37.98 67.45 41.30
N GLY G 169 37.02 66.70 41.86
CA GLY G 169 35.63 66.75 41.41
C GLY G 169 35.38 66.06 40.08
N ALA G 170 36.32 65.23 39.65
CA ALA G 170 36.21 64.62 38.34
C ALA G 170 35.52 63.25 38.35
N ARG G 171 34.65 63.03 37.39
CA ARG G 171 34.10 61.71 37.13
C ARG G 171 35.11 60.96 36.27
N VAL G 172 35.25 59.66 36.51
CA VAL G 172 36.18 58.85 35.73
C VAL G 172 35.48 57.82 34.86
N VAL G 173 35.75 57.87 33.56
CA VAL G 173 35.25 56.84 32.65
C VAL G 173 36.42 56.04 32.09
N VAL G 174 36.20 54.73 31.94
CA VAL G 174 37.16 53.86 31.29
C VAL G 174 36.55 53.23 30.04
N ASP G 175 37.12 53.56 28.89
CA ASP G 175 36.74 52.91 27.64
C ASP G 175 37.29 51.49 27.75
N ASN G 176 36.43 50.54 28.13
CA ASN G 176 36.84 49.18 28.45
C ASN G 176 36.62 48.16 27.32
N THR G 177 36.50 48.66 26.10
CA THR G 177 36.22 47.84 24.91
C THR G 177 37.29 46.78 24.68
N PHE G 178 38.55 47.19 24.79
CA PHE G 178 39.72 46.35 24.54
C PHE G 178 39.71 45.14 25.46
N ALA G 179 39.51 45.37 26.75
CA ALA G 179 39.58 44.29 27.72
C ALA G 179 38.33 43.42 27.80
N SER G 180 37.16 44.07 27.78
CA SER G 180 35.87 43.48 28.15
C SER G 180 35.79 43.30 29.67
N PRO G 181 34.57 43.14 30.21
CA PRO G 181 34.48 42.89 31.65
C PRO G 181 34.94 41.50 32.10
N VAL G 182 35.31 40.63 31.16
CA VAL G 182 35.92 39.35 31.49
C VAL G 182 37.28 39.54 32.14
N LEU G 183 38.02 40.55 31.69
CA LEU G 183 39.40 40.72 32.12
C LEU G 183 39.61 41.94 33.01
N GLN G 184 38.77 42.96 32.86
CA GLN G 184 38.97 44.21 33.59
C GLN G 184 37.63 44.75 34.09
N GLN G 185 37.60 45.16 35.37
CA GLN G 185 36.39 45.69 36.00
C GLN G 185 36.60 47.12 36.50
N PRO G 186 36.48 48.11 35.60
CA PRO G 186 36.74 49.53 35.92
C PRO G 186 35.98 50.08 37.14
N LEU G 187 34.74 49.65 37.37
CA LEU G 187 34.02 50.12 38.55
C LEU G 187 34.63 49.59 39.84
N ALA G 188 35.03 48.32 39.86
CA ALA G 188 35.67 47.73 41.05
C ALA G 188 37.04 48.35 41.27
N LEU G 189 37.61 48.92 40.22
CA LEU G 189 38.91 49.53 40.30
C LEU G 189 38.82 50.92 40.92
N GLY G 190 37.80 51.69 40.54
CA GLY G 190 37.59 53.02 41.08
C GLY G 190 36.77 53.95 40.22
N ALA G 191 36.82 53.76 38.90
CA ALA G 191 36.07 54.57 37.94
C ALA G 191 34.57 54.69 38.25
N ASP G 192 33.93 55.68 37.63
CA ASP G 192 32.50 55.90 37.82
C ASP G 192 31.68 55.29 36.69
N VAL G 193 32.31 55.10 35.54
CA VAL G 193 31.60 54.63 34.36
C VAL G 193 32.45 53.70 33.50
N SER G 194 31.89 52.56 33.13
CA SER G 194 32.47 51.73 32.07
C SER G 194 31.76 51.99 30.75
N LEU G 195 32.56 52.24 29.72
CA LEU G 195 32.05 52.57 28.38
C LEU G 195 32.48 51.46 27.43
N TYR G 196 31.56 51.02 26.56
CA TYR G 196 31.83 49.92 25.65
C TYR G 196 31.35 50.14 24.23
N SER G 197 32.17 49.72 23.27
CA SER G 197 31.62 49.32 22.01
C SER G 197 31.26 47.84 22.14
N THR G 198 29.96 47.54 22.10
CA THR G 198 29.55 46.14 22.21
C THR G 198 29.72 45.48 20.84
N THR G 199 29.83 46.31 19.81
CA THR G 199 30.17 45.90 18.44
C THR G 199 31.41 45.01 18.38
N1 LLP G 200 36.15 52.75 21.74
C2 LLP G 200 36.95 51.75 21.38
C2' LLP G 200 38.18 51.38 22.24
C3 LLP G 200 36.66 51.01 20.18
O3 LLP G 200 37.49 49.95 19.80
C4 LLP G 200 35.56 51.35 19.41
C4' LLP G 200 35.28 50.46 18.07
C5 LLP G 200 34.76 52.39 19.79
C6 LLP G 200 35.05 53.11 20.96
C5' LLP G 200 33.50 52.84 18.96
OP4 LLP G 200 32.49 51.86 19.02
P LLP G 200 31.51 51.70 17.82
OP1 LLP G 200 30.51 50.63 18.23
OP2 LLP G 200 30.87 53.02 17.57
OP3 LLP G 200 32.24 51.29 16.59
N LLP G 200 32.31 45.19 19.34
CA LLP G 200 33.57 44.43 19.38
CB LLP G 200 34.63 45.28 20.01
CG LLP G 200 34.63 46.69 19.36
CD LLP G 200 34.95 46.69 17.86
CE LLP G 200 35.02 48.15 17.34
NZ LLP G 200 35.37 49.07 18.45
C LLP G 200 33.33 43.12 20.09
O LLP G 200 32.33 42.47 19.82
N SER G 201 34.21 42.73 21.01
CA SER G 201 34.15 41.40 21.61
C SER G 201 32.84 41.12 22.31
N ILE G 202 32.19 42.16 22.82
CA ILE G 202 30.93 41.97 23.52
C ILE G 202 29.87 41.30 22.63
N ALA G 203 29.56 41.87 21.47
CA ALA G 203 28.70 41.15 20.52
C ALA G 203 29.44 39.93 19.99
N GLY G 204 30.69 40.14 19.58
CA GLY G 204 31.64 39.05 19.37
C GLY G 204 31.55 38.31 18.03
N HIS G 205 30.57 38.66 17.19
CA HIS G 205 30.38 37.93 15.94
C HIS G 205 30.37 38.83 14.71
N ALA G 206 30.76 40.08 14.89
CA ALA G 206 30.93 41.04 13.80
C ALA G 206 29.67 41.24 12.97
N ASP G 207 28.51 41.22 13.61
CA ASP G 207 27.25 41.32 12.86
C ASP G 207 26.26 42.32 13.45
N VAL G 208 26.75 43.26 14.26
CA VAL G 208 25.88 44.28 14.85
C VAL G 208 26.67 45.41 15.49
N LEU G 209 26.14 46.64 15.40
CA LEU G 209 26.74 47.77 16.09
C LEU G 209 26.04 47.98 17.41
N GLY G 210 26.80 48.39 18.42
CA GLY G 210 26.20 48.75 19.68
C GLY G 210 27.16 49.37 20.69
N GLY G 211 26.59 50.08 21.65
CA GLY G 211 27.37 50.67 22.73
C GLY G 211 26.75 50.42 24.08
N ALA G 212 27.50 50.70 25.13
CA ALA G 212 27.00 50.59 26.48
C ALA G 212 27.75 51.48 27.47
N LEU G 213 27.01 51.99 28.44
CA LEU G 213 27.57 52.61 29.63
C LEU G 213 27.09 51.80 30.82
N VAL G 214 28.01 51.44 31.71
CA VAL G 214 27.65 50.77 32.94
C VAL G 214 28.20 51.62 34.09
N TYR G 215 27.38 51.87 35.11
CA TYR G 215 27.75 52.84 36.14
C TYR G 215 26.91 52.70 37.42
N ARG G 216 27.09 53.66 38.32
CA ARG G 216 26.60 53.55 39.70
C ARG G 216 25.76 54.76 40.17
N ASP G 217 26.15 55.98 39.82
CA ASP G 217 25.41 57.17 40.23
C ASP G 217 23.98 57.21 39.66
N ALA G 218 23.02 57.46 40.56
CA ALA G 218 21.60 57.56 40.20
C ALA G 218 21.22 58.79 39.37
N ASP G 219 21.83 59.94 39.64
CA ASP G 219 21.53 61.11 38.82
C ASP G 219 22.22 61.07 37.46
N LEU G 220 23.37 60.41 37.38
CA LEU G 220 24.01 60.12 36.10
C LEU G 220 23.07 59.28 35.22
N HIS G 221 22.48 58.26 35.82
CA HIS G 221 21.50 57.42 35.13
C HIS G 221 20.36 58.27 34.53
N ALA G 222 19.77 59.12 35.37
CA ALA G 222 18.72 60.02 34.93
C ALA G 222 19.19 60.89 33.76
N ALA G 223 20.44 61.34 33.82
CA ALA G 223 20.96 62.22 32.79
C ALA G 223 21.20 61.49 31.47
N VAL G 224 21.76 60.28 31.58
CA VAL G 224 22.07 59.47 30.41
C VAL G 224 20.78 59.03 29.70
N ARG G 225 19.80 58.60 30.48
CA ARG G 225 18.51 58.17 29.90
C ARG G 225 17.77 59.34 29.24
N ALA G 226 17.78 60.50 29.90
CA ALA G 226 17.16 61.69 29.35
C ALA G 226 17.80 62.06 28.02
N TYR G 227 19.13 61.95 27.93
CA TYR G 227 19.82 62.25 26.69
C TYR G 227 19.58 61.21 25.59
N ARG G 228 19.63 59.93 25.93
CA ARG G 228 19.35 58.89 24.94
C ARG G 228 17.93 59.08 24.45
N THR G 229 17.04 59.46 25.37
CA THR G 229 15.65 59.76 25.05
C THR G 229 15.54 60.87 24.01
N THR G 230 16.20 61.98 24.27
CA THR G 230 16.09 63.18 23.43
C THR G 230 16.93 63.10 22.15
N ALA G 231 18.15 62.59 22.25
CA ALA G 231 19.02 62.43 21.11
C ALA G 231 18.60 61.26 20.21
N GLY G 232 17.89 60.29 20.79
CA GLY G 232 17.31 59.20 20.01
C GLY G 232 18.33 58.21 19.48
N ASN G 233 19.47 58.12 20.16
CA ASN G 233 20.52 57.21 19.76
C ASN G 233 20.37 55.82 20.38
N VAL G 234 19.13 55.31 20.29
CA VAL G 234 18.75 54.02 20.81
C VAL G 234 19.10 52.88 19.86
N PRO G 235 19.59 51.75 20.37
CA PRO G 235 19.76 50.56 19.53
C PRO G 235 18.41 49.84 19.32
N GLY G 236 18.19 49.33 18.11
CA GLY G 236 16.97 48.61 17.82
C GLY G 236 16.93 47.23 18.48
N ALA G 237 15.73 46.71 18.70
CA ALA G 237 15.53 45.49 19.48
C ALA G 237 16.18 44.21 18.91
N LEU G 238 16.16 44.05 17.59
CA LEU G 238 16.81 42.90 16.99
C LEU G 238 18.32 42.98 17.22
N ASP G 239 18.87 44.20 17.18
CA ASP G 239 20.29 44.41 17.50
C ASP G 239 20.61 43.96 18.92
N CYS G 240 19.79 44.43 19.87
CA CYS G 240 19.96 44.02 21.26
C CYS G 240 19.93 42.49 21.39
N PHE G 241 18.97 41.86 20.72
CA PHE G 241 18.93 40.39 20.65
C PHE G 241 20.26 39.77 20.26
N LEU G 242 20.87 40.26 19.17
CA LEU G 242 22.15 39.73 18.70
C LEU G 242 23.29 40.01 19.68
N VAL G 243 23.31 41.20 20.27
CA VAL G 243 24.32 41.52 21.29
C VAL G 243 24.16 40.57 22.47
N ARG G 244 22.94 40.43 22.97
CA ARG G 244 22.63 39.54 24.10
C ARG G 244 22.98 38.08 23.80
N ARG G 245 22.64 37.60 22.60
CA ARG G 245 22.94 36.22 22.24
C ARG G 245 24.43 36.05 22.09
N GLY G 246 25.10 37.07 21.56
CA GLY G 246 26.56 37.04 21.48
C GLY G 246 27.17 36.98 22.87
N LEU G 247 26.64 37.81 23.77
CA LEU G 247 27.14 37.90 25.14
C LEU G 247 27.30 36.54 25.82
N HIS G 248 26.35 35.62 25.59
CA HIS G 248 26.41 34.27 26.17
C HIS G 248 27.79 33.62 26.25
N THR G 249 28.54 33.71 25.17
CA THR G 249 29.80 32.99 25.08
C THR G 249 31.03 33.88 25.29
N LEU G 250 30.83 35.07 25.87
CA LEU G 250 31.94 36.04 26.01
C LEU G 250 33.16 35.50 26.77
N SER G 251 32.93 34.84 27.91
CA SER G 251 34.06 34.27 28.67
C SER G 251 34.80 33.19 27.88
N LEU G 252 34.03 32.26 27.31
CA LEU G 252 34.62 31.20 26.48
C LEU G 252 35.45 31.77 25.34
N ARG G 253 34.90 32.76 24.64
CA ARG G 253 35.58 33.38 23.52
C ARG G 253 36.83 34.16 23.94
N VAL G 254 36.67 35.12 24.84
CA VAL G 254 37.79 35.98 25.26
C VAL G 254 38.99 35.13 25.69
N HIS G 255 38.76 34.13 26.53
CA HIS G 255 39.87 33.32 27.02
C HIS G 255 40.52 32.38 26.00
N ARG G 256 39.75 31.95 25.00
CA ARG G 256 40.33 31.29 23.84
C ARG G 256 41.17 32.30 23.05
N GLN G 257 40.68 33.54 22.97
CA GLN G 257 41.42 34.58 22.26
C GLN G 257 42.73 34.89 23.01
N VAL G 258 42.67 34.92 24.34
CA VAL G 258 43.87 35.19 25.13
C VAL G 258 44.91 34.09 24.92
N ALA G 259 44.48 32.83 25.01
CA ALA G 259 45.42 31.72 24.92
C ALA G 259 46.11 31.72 23.56
N THR G 260 45.34 32.00 22.50
CA THR G 260 45.93 32.03 21.18
C THR G 260 46.87 33.23 21.01
N ALA G 261 46.51 34.37 21.61
CA ALA G 261 47.40 35.54 21.61
C ALA G 261 48.78 35.21 22.18
N ARG G 262 48.83 34.43 23.26
CA ARG G 262 50.10 34.07 23.85
C ARG G 262 50.88 33.10 22.95
N VAL G 263 50.15 32.27 22.21
CA VAL G 263 50.81 31.43 21.22
C VAL G 263 51.42 32.33 20.14
N LEU G 264 50.67 33.34 19.71
CA LEU G 264 51.15 34.20 18.64
C LEU G 264 52.37 35.06 19.07
N VAL G 265 52.35 35.54 20.30
CA VAL G 265 53.45 36.37 20.82
C VAL G 265 54.77 35.59 20.81
N GLU G 266 54.69 34.29 21.08
CA GLU G 266 55.86 33.43 21.04
C GLU G 266 56.50 33.36 19.65
N ARG G 267 55.71 33.12 18.60
CA ARG G 267 56.27 33.06 17.23
C ARG G 267 56.88 34.40 16.88
N LEU G 268 56.16 35.47 17.20
CA LEU G 268 56.58 36.81 16.86
C LEU G 268 57.96 37.09 17.45
N ARG G 269 58.19 36.63 18.68
CA ARG G 269 59.50 36.83 19.31
C ARG G 269 60.60 35.88 18.80
N ALA G 270 60.22 34.77 18.19
CA ALA G 270 61.19 33.85 17.57
C ALA G 270 61.55 34.21 16.12
N SER G 271 60.82 35.13 15.53
CA SER G 271 60.99 35.44 14.10
C SER G 271 62.09 36.47 13.85
N PRO G 272 62.99 36.18 12.90
CA PRO G 272 64.05 37.13 12.55
C PRO G 272 63.51 38.39 11.84
N VAL G 273 62.37 38.31 11.17
CA VAL G 273 61.84 39.49 10.50
C VAL G 273 60.86 40.26 11.37
N VAL G 274 60.91 39.99 12.68
CA VAL G 274 60.11 40.73 13.65
C VAL G 274 61.03 41.36 14.70
N GLY G 275 60.77 42.62 15.05
CA GLY G 275 61.49 43.27 16.12
C GLY G 275 60.65 43.28 17.38
N ALA G 276 60.29 44.47 17.84
CA ALA G 276 59.48 44.65 19.03
C ALA G 276 58.14 43.92 18.92
N VAL G 277 57.81 43.19 19.97
CA VAL G 277 56.50 42.57 20.12
C VAL G 277 55.86 43.21 21.33
N HIS G 278 54.72 43.88 21.14
CA HIS G 278 53.97 44.46 22.26
C HIS G 278 52.81 43.57 22.66
N TYR G 279 52.66 43.38 23.96
CA TYR G 279 51.60 42.56 24.51
C TYR G 279 51.55 42.80 26.01
N PRO G 280 50.36 42.99 26.59
CA PRO G 280 50.25 43.22 28.03
C PRO G 280 50.77 42.05 28.85
N GLY G 281 50.84 40.86 28.26
CA GLY G 281 51.30 39.67 28.97
C GLY G 281 52.81 39.56 29.12
N LEU G 282 53.56 40.31 28.32
CA LEU G 282 55.01 40.21 28.36
C LEU G 282 55.60 40.78 29.64
N PRO G 283 56.45 39.98 30.29
CA PRO G 283 57.11 40.47 31.51
C PRO G 283 58.07 41.63 31.25
N GLU G 284 58.14 42.13 30.02
CA GLU G 284 58.92 43.35 29.74
C GLU G 284 58.04 44.59 29.59
N HIS G 285 56.72 44.40 29.57
CA HIS G 285 55.79 45.51 29.46
C HIS G 285 56.10 46.50 30.59
N PRO G 286 56.14 47.80 30.26
CA PRO G 286 56.54 48.78 31.28
C PRO G 286 55.56 48.86 32.44
N GLN G 287 54.31 48.42 32.27
CA GLN G 287 53.39 48.41 33.40
C GLN G 287 52.82 47.04 33.68
N HIS G 288 53.68 46.02 33.52
CA HIS G 288 53.37 44.65 33.89
C HIS G 288 52.74 44.61 35.28
N ALA G 289 53.32 45.38 36.21
CA ALA G 289 52.80 45.50 37.56
C ALA G 289 51.34 46.00 37.55
N VAL G 290 51.09 47.09 36.84
CA VAL G 290 49.74 47.64 36.73
C VAL G 290 48.80 46.65 36.05
N VAL G 291 49.27 46.02 34.97
CA VAL G 291 48.49 45.01 34.26
C VAL G 291 48.05 43.93 35.24
N LYS G 292 48.99 43.47 36.04
CA LYS G 292 48.72 42.41 37.00
C LYS G 292 47.69 42.83 38.07
N ALA G 293 47.73 44.10 38.46
CA ALA G 293 46.82 44.63 39.47
C ALA G 293 45.41 44.89 38.98
N GLN G 294 45.20 44.90 37.67
CA GLN G 294 43.90 45.30 37.18
C GLN G 294 43.31 44.47 36.03
N MSE G 295 44.13 43.65 35.37
CA MSE G 295 43.59 42.71 34.39
C MSE G 295 43.72 41.30 34.94
O MSE G 295 44.71 40.99 35.59
CB MSE G 295 44.36 42.75 33.07
CG MSE G 295 44.51 44.11 32.41
SE MSE G 295 45.18 43.84 30.60
CE MSE G 295 43.48 43.78 29.64
N SER G 296 42.73 40.45 34.69
CA SER G 296 42.87 39.04 35.06
C SER G 296 43.56 38.24 33.95
N ALA G 297 43.58 38.78 32.74
CA ALA G 297 44.38 38.24 31.64
C ALA G 297 44.68 39.42 30.73
N PRO G 298 45.62 39.24 29.78
CA PRO G 298 46.10 40.50 29.18
C PRO G 298 45.50 40.83 27.82
N GLY G 299 44.44 40.15 27.41
CA GLY G 299 43.75 40.53 26.19
C GLY G 299 44.13 39.73 24.97
N ALA G 300 43.66 40.18 23.82
CA ALA G 300 43.69 39.41 22.59
C ALA G 300 44.28 40.21 21.44
N ILE G 301 44.88 41.35 21.78
CA ILE G 301 45.45 42.25 20.79
C ILE G 301 46.97 42.25 20.92
N VAL G 302 47.67 42.22 19.79
CA VAL G 302 49.13 42.19 19.78
C VAL G 302 49.67 43.23 18.80
N SER G 303 50.71 43.94 19.21
CA SER G 303 51.44 44.82 18.30
C SER G 303 52.72 44.12 17.93
N PHE G 304 53.24 44.42 16.74
CA PHE G 304 54.62 44.04 16.43
C PHE G 304 55.23 44.84 15.30
N ASP G 305 56.55 44.95 15.36
CA ASP G 305 57.30 45.66 14.33
C ASP G 305 57.76 44.68 13.29
N TYR G 306 57.19 44.80 12.09
CA TYR G 306 57.54 43.95 10.97
C TYR G 306 58.83 44.45 10.34
N LEU G 307 59.79 43.56 10.10
CA LEU G 307 61.10 43.97 9.63
C LEU G 307 61.46 43.39 8.26
N GLY G 308 60.48 42.80 7.57
CA GLY G 308 60.78 42.11 6.32
C GLY G 308 60.68 42.94 5.06
N GLY G 309 60.03 44.10 5.15
CA GLY G 309 59.80 44.96 4.01
C GLY G 309 58.51 45.73 4.15
N PRO G 310 58.01 46.29 3.05
CA PRO G 310 56.74 47.04 3.06
C PRO G 310 55.60 46.30 3.77
N ALA G 311 54.92 47.00 4.68
CA ALA G 311 53.79 46.44 5.39
C ALA G 311 52.68 46.02 4.43
N GLU G 312 52.46 46.80 3.39
CA GLU G 312 51.33 46.52 2.50
C GLU G 312 51.53 45.18 1.79
N ARG G 313 52.78 44.80 1.52
CA ARG G 313 53.05 43.48 0.99
C ARG G 313 52.73 42.35 1.98
N LEU G 314 53.16 42.52 3.22
CA LEU G 314 52.90 41.54 4.27
C LEU G 314 51.41 41.30 4.38
N LEU G 315 50.66 42.39 4.44
CA LEU G 315 49.21 42.34 4.50
C LEU G 315 48.58 41.45 3.43
N ASP G 316 49.12 41.51 2.21
CA ASP G 316 48.60 40.74 1.08
C ASP G 316 48.78 39.22 1.20
N ARG G 317 49.55 38.77 2.20
CA ARG G 317 49.96 37.35 2.26
C ARG G 317 49.13 36.42 3.15
N PHE G 318 48.36 36.97 4.08
CA PHE G 318 47.61 36.15 5.03
C PHE G 318 46.50 35.40 4.31
N THR G 319 46.24 34.16 4.75
CA THR G 319 45.18 33.38 4.15
C THR G 319 44.15 32.92 5.20
N LEU G 320 44.30 33.40 6.43
CA LEU G 320 43.31 33.09 7.47
C LEU G 320 42.89 34.38 8.21
N PHE G 321 43.86 35.08 8.77
CA PHE G 321 43.64 36.45 9.21
C PHE G 321 43.05 37.24 8.06
N THR G 322 41.99 37.99 8.34
CA THR G 322 41.39 38.90 7.37
C THR G 322 41.95 40.31 7.55
N CYS G 323 42.34 40.96 6.46
CA CYS G 323 42.84 42.32 6.58
C CYS G 323 41.68 43.28 6.66
N GLY G 324 41.45 43.81 7.85
CA GLY G 324 40.41 44.79 8.03
C GLY G 324 40.50 45.43 9.40
N VAL G 325 39.50 46.21 9.74
CA VAL G 325 39.44 46.90 11.03
C VAL G 325 38.36 46.22 11.88
N SER G 326 38.20 46.67 13.13
CA SER G 326 37.37 46.04 14.17
C SER G 326 38.09 44.93 14.94
N LEU G 327 37.55 44.55 16.10
CA LEU G 327 38.21 43.56 16.93
C LEU G 327 37.23 42.83 17.83
N GLY G 328 37.73 41.81 18.53
CA GLY G 328 36.95 41.06 19.50
C GLY G 328 36.05 39.99 18.89
N GLY G 329 36.06 39.89 17.57
CA GLY G 329 35.18 38.95 16.90
C GLY G 329 35.76 37.55 16.81
N VAL G 330 34.92 36.60 16.40
CA VAL G 330 35.37 35.23 16.22
C VAL G 330 36.37 35.11 15.06
N HIS G 331 36.28 36.04 14.10
CA HIS G 331 37.19 36.12 12.94
C HIS G 331 38.44 36.94 13.25
N SER G 332 39.61 36.32 13.20
CA SER G 332 40.88 37.02 13.44
C SER G 332 41.15 38.08 12.37
N LEU G 333 41.60 39.25 12.81
CA LEU G 333 41.80 40.39 11.92
C LEU G 333 43.17 41.01 12.11
N VAL G 334 43.86 41.28 10.99
CA VAL G 334 45.12 41.99 10.99
C VAL G 334 44.91 43.35 10.32
N GLU G 335 45.60 44.38 10.78
CA GLU G 335 45.61 45.66 10.06
C GLU G 335 46.85 46.48 10.39
N CYS G 336 47.25 47.31 9.44
CA CYS G 336 48.42 48.17 9.66
C CYS G 336 47.91 49.55 10.05
N PRO G 337 48.11 49.91 11.34
CA PRO G 337 47.62 51.14 11.95
C PRO G 337 48.47 52.33 11.54
N ALA G 338 48.55 52.62 10.25
CA ALA G 338 49.27 53.77 9.71
C ALA G 338 48.69 53.91 8.33
N LEU G 339 48.56 52.77 7.67
CA LEU G 339 47.78 52.67 6.44
C LEU G 339 46.27 52.84 6.69
N MSE G 340 45.70 52.14 7.66
CA MSE G 340 44.22 52.08 7.71
C MSE G 340 43.42 52.81 8.83
O MSE G 340 42.73 53.77 8.55
CB MSE G 340 43.70 50.67 7.44
CG MSE G 340 43.38 50.53 5.95
SE MSE G 340 45.06 50.26 4.95
CE MSE G 340 45.27 48.57 6.09
N THR G 341 43.48 52.33 10.07
CA THR G 341 42.76 53.09 11.10
C THR G 341 43.63 54.19 11.71
N HIS G 342 44.72 54.52 11.04
CA HIS G 342 45.61 55.57 11.52
C HIS G 342 46.08 56.58 10.47
N ARG G 343 45.78 56.33 9.20
CA ARG G 343 46.02 57.31 8.14
C ARG G 343 45.45 58.71 8.43
N PRO G 344 44.38 58.82 9.24
CA PRO G 344 44.00 60.18 9.65
C PRO G 344 45.06 60.88 10.52
N LEU G 345 45.84 60.11 11.28
CA LEU G 345 46.99 60.66 12.00
C LEU G 345 48.20 60.78 11.06
N SER G 346 49.04 61.79 11.27
CA SER G 346 50.10 62.12 10.32
C SER G 346 51.50 61.70 10.76
N ALA G 347 52.10 60.76 10.01
CA ALA G 347 53.52 60.38 10.14
C ALA G 347 54.32 60.98 11.30
N GLU G 348 54.64 62.26 11.19
CA GLU G 348 55.38 62.98 12.24
C GLU G 348 54.60 63.08 13.55
N ALA G 349 53.31 62.75 13.50
CA ALA G 349 52.50 62.65 14.71
C ALA G 349 52.35 61.17 15.13
N ARG G 350 52.53 60.26 14.17
CA ARG G 350 52.60 58.83 14.48
C ARG G 350 53.87 58.48 15.24
N ALA G 351 55.00 59.05 14.84
CA ALA G 351 56.23 58.90 15.59
C ALA G 351 55.96 59.45 16.98
N ARG G 352 55.42 60.66 17.03
CA ARG G 352 55.11 61.33 18.29
C ARG G 352 54.01 60.58 19.06
N ARG G 353 53.19 59.83 18.33
CA ARG G 353 52.23 58.94 18.99
C ARG G 353 52.74 57.50 19.03
N GLY G 354 54.06 57.33 18.99
CA GLY G 354 54.71 56.03 19.16
C GLY G 354 54.59 55.01 18.04
N ILE G 355 54.17 55.44 16.85
CA ILE G 355 53.83 54.50 15.80
C ILE G 355 54.79 54.51 14.60
N GLY G 356 55.33 53.34 14.26
CA GLY G 356 56.14 53.20 13.07
C GLY G 356 55.34 52.73 11.85
N GLU G 357 55.96 52.86 10.68
CA GLU G 357 55.31 52.45 9.44
C GLU G 357 55.04 50.94 9.38
N SER G 358 55.84 50.19 10.11
CA SER G 358 55.80 48.75 10.04
C SER G 358 55.09 48.12 11.22
N LEU G 359 54.40 48.94 12.01
CA LEU G 359 53.63 48.40 13.11
C LEU G 359 52.47 47.61 12.53
N ILE G 360 52.31 46.37 12.97
CA ILE G 360 51.23 45.52 12.55
C ILE G 360 50.45 45.10 13.79
N ARG G 361 49.14 45.19 13.73
CA ARG G 361 48.31 44.81 14.87
C ARG G 361 47.46 43.60 14.53
N LEU G 362 47.44 42.62 15.44
CA LEU G 362 46.59 41.45 15.31
C LEU G 362 45.43 41.51 16.28
N SER G 363 44.23 41.14 15.80
CA SER G 363 43.09 40.91 16.67
C SER G 363 42.74 39.42 16.69
N VAL G 364 43.06 38.75 17.79
CA VAL G 364 42.93 37.30 17.86
C VAL G 364 41.48 36.85 17.98
N GLY G 365 41.09 35.94 17.09
CA GLY G 365 39.76 35.33 17.15
C GLY G 365 39.79 33.94 17.76
N ILE G 366 38.82 33.10 17.38
CA ILE G 366 38.70 31.80 18.02
C ILE G 366 39.04 30.61 17.12
N GLU G 367 39.76 30.86 16.03
CA GLU G 367 40.23 29.78 15.16
C GLU G 367 41.28 28.92 15.90
N ASP G 368 41.61 27.77 15.31
CA ASP G 368 42.64 26.91 15.89
C ASP G 368 43.96 27.68 16.02
N PRO G 369 44.54 27.69 17.23
CA PRO G 369 45.78 28.42 17.48
C PRO G 369 46.92 28.02 16.53
N GLN G 370 47.02 26.75 16.17
CA GLN G 370 48.06 26.34 15.24
C GLN G 370 47.79 26.83 13.81
N ASP G 371 46.52 26.85 13.40
CA ASP G 371 46.19 27.43 12.11
C ASP G 371 46.62 28.88 12.03
N LEU G 372 46.32 29.65 13.08
CA LEU G 372 46.64 31.07 13.08
C LEU G 372 48.16 31.30 13.12
N ALA G 373 48.85 30.52 13.93
CA ALA G 373 50.31 30.59 14.02
C ALA G 373 50.94 30.27 12.65
N GLU G 374 50.44 29.20 12.04
CA GLU G 374 50.81 28.80 10.68
C GLU G 374 50.69 29.95 9.69
N ASP G 375 49.54 30.61 9.74
CA ASP G 375 49.22 31.65 8.76
C ASP G 375 50.17 32.83 8.97
N LEU G 376 50.35 33.21 10.23
CA LEU G 376 51.27 34.28 10.59
C LEU G 376 52.68 33.98 10.09
N SER G 377 53.16 32.77 10.37
CA SER G 377 54.50 32.36 9.97
C SER G 377 54.70 32.38 8.46
N ARG G 378 53.67 31.96 7.73
CA ARG G 378 53.71 31.93 6.27
C ARG G 378 53.84 33.34 5.70
N ALA G 379 53.03 34.25 6.20
CA ALA G 379 53.04 35.63 5.77
C ALA G 379 54.40 36.25 6.08
N LEU G 380 54.86 36.05 7.31
CA LEU G 380 56.18 36.54 7.71
C LEU G 380 57.29 35.99 6.84
N ALA G 381 57.13 34.76 6.35
CA ALA G 381 58.15 34.11 5.54
C ALA G 381 58.11 34.54 4.08
N GLY G 382 56.90 34.77 3.57
CA GLY G 382 56.71 35.16 2.18
C GLY G 382 56.69 34.01 1.19
N GLY G 383 57.84 33.71 0.61
CA GLY G 383 57.98 32.65 -0.37
C GLY G 383 57.22 32.93 -1.66
N GLY H 6 11.67 54.90 -16.03
CA GLY H 6 10.24 54.64 -16.03
C GLY H 6 9.71 54.34 -14.64
N MSE H 7 9.38 55.40 -13.88
CA MSE H 7 9.24 55.36 -12.42
C MSE H 7 8.29 56.43 -11.78
O MSE H 7 8.75 57.39 -11.20
CB MSE H 7 10.64 55.44 -11.78
CG MSE H 7 11.70 54.39 -12.23
SE MSE H 7 13.55 55.09 -12.37
CE MSE H 7 13.15 56.92 -11.80
N ARG H 8 6.98 56.23 -11.85
CA ARG H 8 5.98 56.98 -11.05
C ARG H 8 5.99 56.57 -9.56
N PHE H 9 5.06 57.10 -8.75
CA PHE H 9 5.19 56.95 -7.29
C PHE H 9 5.45 55.55 -6.71
N GLY H 10 4.43 54.70 -6.66
CA GLY H 10 4.56 53.31 -6.21
C GLY H 10 5.62 52.47 -6.90
N THR H 11 6.15 52.91 -8.03
CA THR H 11 7.27 52.22 -8.65
C THR H 11 8.57 52.48 -7.88
N ARG H 12 8.77 53.73 -7.53
CA ARG H 12 9.84 54.14 -6.61
C ARG H 12 9.80 53.33 -5.32
N LEU H 13 8.61 53.17 -4.78
CA LEU H 13 8.43 52.48 -3.50
C LEU H 13 8.94 51.04 -3.56
N VAL H 14 8.68 50.37 -4.68
CA VAL H 14 9.03 48.96 -4.80
C VAL H 14 10.51 48.79 -5.18
N HIS H 15 10.99 49.68 -6.04
CA HIS H 15 12.26 49.47 -6.71
C HIS H 15 13.42 50.43 -6.42
N GLY H 16 13.16 51.52 -5.71
CA GLY H 16 14.24 52.43 -5.34
C GLY H 16 15.25 51.68 -4.48
N GLY H 17 16.54 51.88 -4.74
CA GLY H 17 17.57 51.26 -3.92
C GLY H 17 17.62 49.74 -4.04
N ARG H 18 16.88 49.17 -4.99
CA ARG H 18 16.95 47.73 -5.22
C ARG H 18 17.96 47.65 -6.37
N ARG H 19 18.29 46.46 -6.86
CA ARG H 19 19.29 46.36 -7.93
C ARG H 19 19.36 44.90 -8.48
N PRO H 20 20.50 44.51 -9.07
CA PRO H 20 20.67 43.06 -8.94
C PRO H 20 21.34 42.75 -7.62
N SER H 21 21.28 41.52 -7.17
CA SER H 21 22.36 41.01 -6.33
C SER H 21 23.27 40.37 -7.36
N ALA H 22 24.54 40.13 -7.01
CA ALA H 22 25.56 39.49 -7.88
C ALA H 22 25.13 38.28 -8.69
N GLY H 23 26.08 37.41 -9.06
CA GLY H 23 25.75 36.22 -9.81
C GLY H 23 24.54 35.45 -9.29
N THR H 24 24.12 35.73 -8.06
CA THR H 24 23.03 35.00 -7.45
C THR H 24 21.65 35.53 -7.90
N GLY H 25 21.57 36.83 -8.18
CA GLY H 25 20.38 37.42 -8.79
C GLY H 25 19.20 37.74 -7.87
N ASP H 26 19.44 37.78 -6.55
CA ASP H 26 18.37 38.04 -5.58
C ASP H 26 17.49 39.22 -5.97
N VAL H 27 16.17 39.02 -6.02
CA VAL H 27 15.26 40.13 -6.30
C VAL H 27 15.21 41.05 -5.08
N VAL H 28 15.01 40.47 -3.89
CA VAL H 28 15.15 41.21 -2.66
C VAL H 28 16.63 41.22 -2.24
N PRO H 29 17.26 42.41 -2.22
CA PRO H 29 18.69 42.45 -1.88
C PRO H 29 18.95 41.86 -0.49
N PRO H 30 20.09 41.19 -0.33
CA PRO H 30 20.43 40.48 0.91
C PRO H 30 20.63 41.42 2.10
N ILE H 31 20.46 40.90 3.32
CA ILE H 31 20.63 41.70 4.53
C ILE H 31 22.12 41.74 4.90
N HIS H 32 22.72 42.92 4.79
CA HIS H 32 24.15 43.06 5.11
C HIS H 32 24.36 43.36 6.57
N VAL H 33 24.52 42.32 7.38
CA VAL H 33 24.71 42.52 8.81
C VAL H 33 26.18 42.69 9.22
N SER H 34 27.12 42.42 8.31
CA SER H 34 28.52 42.45 8.69
C SER H 34 28.95 43.85 9.16
N THR H 35 29.55 43.92 10.35
CA THR H 35 30.05 45.17 10.90
C THR H 35 31.30 45.57 10.15
N THR H 36 32.00 44.57 9.62
CA THR H 36 33.25 44.87 8.93
C THR H 36 33.49 44.10 7.63
N TYR H 37 34.29 44.71 6.77
CA TYR H 37 34.46 44.30 5.39
C TYR H 37 35.93 44.01 5.16
N GLU H 38 36.20 43.00 4.34
CA GLU H 38 37.57 42.67 3.95
C GLU H 38 38.02 43.66 2.88
N ARG H 39 39.23 44.19 3.06
CA ARG H 39 39.73 45.29 2.23
C ARG H 39 40.41 44.86 0.93
N ARG H 40 41.32 43.89 1.02
CA ARG H 40 42.22 43.49 -0.08
C ARG H 40 41.50 42.76 -1.21
N ALA H 41 40.29 42.31 -0.91
CA ALA H 41 39.33 41.95 -1.92
C ALA H 41 38.26 42.99 -1.79
N GLN H 42 38.47 44.14 -2.43
CA GLN H 42 37.39 45.13 -2.57
C GLN H 42 37.32 45.93 -3.89
N ASP H 43 38.38 45.91 -4.69
CA ASP H 43 38.41 46.54 -6.03
C ASP H 43 38.52 48.07 -6.03
N GLU H 44 37.81 48.74 -5.12
CA GLU H 44 37.83 50.19 -5.07
C GLU H 44 37.57 50.72 -3.65
N PRO H 45 38.53 50.50 -2.74
CA PRO H 45 38.52 50.81 -1.29
C PRO H 45 37.39 51.74 -0.83
N ARG H 46 36.25 51.16 -0.46
CA ARG H 46 35.06 51.95 -0.12
C ARG H 46 34.31 51.40 1.12
N TYR H 47 34.46 50.10 1.39
CA TYR H 47 33.83 49.51 2.58
C TYR H 47 34.81 49.25 3.69
N PHE H 48 34.78 50.10 4.72
CA PHE H 48 35.72 50.01 5.83
C PHE H 48 35.04 49.37 7.05
N TYR H 49 33.96 50.00 7.51
CA TYR H 49 33.35 49.66 8.79
C TYR H 49 31.90 50.11 8.80
N GLY H 50 31.03 49.30 9.40
CA GLY H 50 29.59 49.51 9.35
C GLY H 50 29.05 50.86 9.78
N ARG H 51 29.77 51.56 10.66
CA ARG H 51 29.26 52.86 11.14
C ARG H 51 29.26 53.90 10.01
N GLY H 52 30.29 53.89 9.17
CA GLY H 52 30.36 54.78 8.03
C GLY H 52 29.67 54.27 6.77
N GLU H 53 29.85 52.98 6.48
CA GLU H 53 29.40 52.41 5.21
C GLU H 53 28.64 51.09 5.39
N ASN H 54 27.52 50.93 4.70
CA ASN H 54 26.74 49.68 4.67
C ASN H 54 25.69 49.63 3.55
N PRO H 55 25.68 48.56 2.73
CA PRO H 55 24.78 48.49 1.58
C PRO H 55 23.27 48.53 1.91
N THR H 56 22.81 47.73 2.87
CA THR H 56 21.39 47.73 3.25
C THR H 56 20.91 49.14 3.60
N ARG H 57 21.66 49.80 4.48
CA ARG H 57 21.39 51.19 4.82
C ARG H 57 21.37 52.10 3.58
N GLU H 58 22.42 52.02 2.77
CA GLU H 58 22.52 52.84 1.56
C GLU H 58 21.37 52.61 0.59
N GLU H 59 20.89 51.38 0.53
CA GLU H 59 19.79 51.06 -0.36
C GLU H 59 18.48 51.70 0.11
N LEU H 60 18.23 51.66 1.42
CA LEU H 60 17.06 52.32 1.99
C LEU H 60 17.15 53.84 1.70
N GLU H 61 18.35 54.41 1.90
CA GLU H 61 18.59 55.83 1.63
C GLU H 61 18.27 56.23 0.18
N GLU H 62 18.68 55.38 -0.76
CA GLU H 62 18.43 55.62 -2.18
C GLU H 62 16.93 55.64 -2.44
N CYS H 63 16.23 54.68 -1.84
CA CYS H 63 14.78 54.63 -1.94
C CYS H 63 14.13 55.95 -1.51
N LEU H 64 14.43 56.40 -0.29
CA LEU H 64 13.82 57.62 0.24
C LEU H 64 14.17 58.86 -0.58
N ALA H 65 15.43 58.98 -0.99
CA ALA H 65 15.84 60.12 -1.83
C ALA H 65 15.03 60.14 -3.13
N GLY H 66 14.86 58.96 -3.72
CA GLY H 66 14.08 58.82 -4.95
C GLY H 66 12.62 59.22 -4.77
N LEU H 67 12.10 59.07 -3.55
CA LEU H 67 10.69 59.42 -3.29
C LEU H 67 10.44 60.93 -3.38
N GLU H 68 11.51 61.71 -3.51
CA GLU H 68 11.38 63.15 -3.73
C GLU H 68 12.28 63.63 -4.83
N ARG H 69 12.78 62.70 -5.66
CA ARG H 69 13.74 63.02 -6.69
C ARG H 69 14.86 63.90 -6.11
N ALA H 70 15.44 63.46 -5.01
CA ALA H 70 16.52 64.21 -4.34
C ALA H 70 17.82 63.45 -4.45
N PRO H 71 18.94 64.18 -4.52
CA PRO H 71 20.21 63.43 -4.64
C PRO H 71 20.65 62.71 -3.37
N PHE H 72 20.16 63.11 -2.21
CA PHE H 72 20.69 62.55 -0.96
C PHE H 72 19.63 62.21 0.06
N ALA H 73 19.92 61.17 0.83
CA ALA H 73 19.18 60.91 2.05
C ALA H 73 20.10 60.23 3.04
N THR H 74 19.85 60.45 4.31
CA THR H 74 20.61 59.81 5.38
C THR H 74 19.64 59.28 6.42
N VAL H 75 19.79 58.02 6.80
CA VAL H 75 18.90 57.42 7.79
C VAL H 75 19.56 57.33 9.16
N PHE H 76 18.74 57.19 10.19
CA PHE H 76 19.18 57.36 11.56
C PHE H 76 18.50 56.35 12.48
N SER H 77 19.04 56.21 13.69
CA SER H 77 18.48 55.28 14.68
C SER H 77 17.06 55.67 15.13
N SER H 78 16.65 56.90 14.83
CA SER H 78 15.30 57.38 15.16
C SER H 78 15.02 58.74 14.51
N GLY H 79 13.77 59.17 14.53
CA GLY H 79 13.42 60.51 14.09
C GLY H 79 14.15 61.57 14.90
N GLN H 80 14.19 61.37 16.22
CA GLN H 80 14.93 62.25 17.13
C GLN H 80 16.40 62.40 16.73
N ALA H 81 17.03 61.31 16.32
CA ALA H 81 18.43 61.33 15.89
C ALA H 81 18.63 62.17 14.64
N ALA H 82 17.73 62.02 13.66
CA ALA H 82 17.79 62.82 12.46
C ALA H 82 17.68 64.32 12.80
N ALA H 83 16.73 64.65 13.68
CA ALA H 83 16.53 66.02 14.13
C ALA H 83 17.73 66.58 14.89
N ALA H 84 18.29 65.76 15.78
CA ALA H 84 19.46 66.13 16.56
C ALA H 84 20.63 66.48 15.63
N THR H 85 20.77 65.68 14.57
CA THR H 85 21.88 65.84 13.64
C THR H 85 21.77 67.17 12.89
N LEU H 86 20.59 67.43 12.34
CA LEU H 86 20.35 68.67 11.63
C LEU H 86 20.50 69.88 12.58
N LEU H 87 19.97 69.76 13.78
CA LEU H 87 20.07 70.84 14.75
C LEU H 87 21.52 71.12 15.15
N SER H 88 22.35 70.08 15.12
CA SER H 88 23.75 70.21 15.52
C SER H 88 24.54 71.18 14.64
N LEU H 89 24.03 71.46 13.44
CA LEU H 89 24.72 72.34 12.51
C LEU H 89 24.39 73.80 12.74
N VAL H 90 23.64 74.10 13.80
CA VAL H 90 23.43 75.48 14.20
C VAL H 90 24.48 75.90 15.25
N ARG H 91 25.29 76.90 14.91
CA ARG H 91 26.42 77.31 15.75
C ARG H 91 25.99 78.29 16.84
N PRO H 92 26.73 78.35 17.96
CA PRO H 92 26.28 79.18 19.10
C PRO H 92 26.07 80.63 18.70
N GLY H 93 25.03 81.25 19.25
CA GLY H 93 24.69 82.61 18.88
C GLY H 93 23.66 82.69 17.76
N GLN H 94 23.58 81.64 16.94
CA GLN H 94 22.60 81.58 15.85
C GLN H 94 21.19 81.37 16.39
N CYS H 95 20.19 81.52 15.52
CA CYS H 95 18.80 81.29 15.92
C CYS H 95 18.01 80.27 15.09
N VAL H 96 17.14 79.53 15.78
CA VAL H 96 16.16 78.65 15.17
C VAL H 96 14.76 79.22 15.32
N VAL H 97 14.17 79.67 14.22
CA VAL H 97 12.77 80.08 14.25
C VAL H 97 11.88 78.88 14.02
N SER H 98 11.04 78.60 14.99
CA SER H 98 10.17 77.45 14.90
C SER H 98 8.82 77.84 15.46
N THR H 99 7.89 76.92 15.45
CA THR H 99 6.57 77.27 15.93
C THR H 99 6.37 76.83 17.36
N ASP H 100 5.51 77.57 18.05
CA ASP H 100 4.95 77.15 19.30
C ASP H 100 4.37 75.80 18.97
N ASP H 101 4.40 74.86 19.91
CA ASP H 101 3.89 73.50 19.67
C ASP H 101 4.50 72.64 18.53
N VAL H 102 5.78 72.82 18.21
CA VAL H 102 6.44 71.73 17.51
C VAL H 102 6.39 70.55 18.46
N TYR H 103 6.38 69.34 17.91
CA TYR H 103 6.51 68.13 18.71
C TYR H 103 7.51 68.32 19.87
N ALA H 104 7.01 68.12 21.10
CA ALA H 104 7.80 68.20 22.33
C ALA H 104 9.19 67.57 22.22
N GLY H 105 9.31 66.52 21.42
CA GLY H 105 10.60 65.83 21.22
C GLY H 105 11.52 66.66 20.33
N THR H 106 10.94 67.41 19.42
CA THR H 106 11.67 68.42 18.68
C THR H 106 11.92 69.59 19.63
N ASP H 107 10.94 69.85 20.50
CA ASP H 107 11.07 70.93 21.49
C ASP H 107 12.05 70.53 22.60
N GLY H 108 12.20 69.22 22.81
CA GLY H 108 13.11 68.71 23.81
C GLY H 108 14.55 68.85 23.37
N LEU H 109 14.74 68.93 22.05
CA LEU H 109 16.04 69.19 21.44
C LEU H 109 16.38 70.69 21.36
N PHE H 110 15.38 71.52 21.04
CA PHE H 110 15.56 72.98 21.01
C PHE H 110 16.20 73.49 22.30
N ASP H 111 15.74 72.95 23.43
CA ASP H 111 16.26 73.34 24.74
C ASP H 111 17.71 72.88 24.90
N LEU H 112 18.07 71.80 24.23
CA LEU H 112 19.46 71.40 24.22
C LEU H 112 20.21 72.39 23.35
N ALA H 113 19.66 72.66 22.18
CA ALA H 113 20.18 73.71 21.32
C ALA H 113 20.17 75.06 22.06
N ALA H 114 19.28 75.20 23.04
CA ALA H 114 19.33 76.37 23.90
C ALA H 114 20.45 76.18 24.92
N ARG H 115 20.39 75.09 25.69
CA ARG H 115 21.44 74.80 26.68
C ARG H 115 22.75 74.34 26.07
N GLN H 116 22.88 74.51 24.76
CA GLN H 116 24.18 74.42 24.10
C GLN H 116 24.58 75.77 23.52
N GLY H 117 23.71 76.77 23.69
CA GLY H 117 24.05 78.14 23.34
C GLY H 117 23.48 78.78 22.07
N VAL H 118 22.44 78.19 21.49
CA VAL H 118 21.81 78.73 20.26
C VAL H 118 20.53 79.54 20.59
N ARG H 119 20.17 80.51 19.76
CA ARG H 119 18.95 81.28 19.99
C ARG H 119 17.72 80.50 19.48
N VAL H 120 16.64 80.50 20.25
CA VAL H 120 15.43 79.82 19.80
C VAL H 120 14.19 80.74 19.90
N ARG H 121 13.67 81.17 18.74
CA ARG H 121 12.49 82.04 18.71
C ARG H 121 11.26 81.34 18.14
N TYR H 122 10.25 81.19 18.98
CA TYR H 122 8.95 80.65 18.58
C TYR H 122 8.11 81.77 17.95
N ALA H 123 7.34 81.46 16.91
CA ALA H 123 6.60 82.49 16.19
C ALA H 123 5.31 81.96 15.56
N ASP H 124 4.29 82.81 15.44
CA ASP H 124 3.08 82.35 14.75
C ASP H 124 3.29 82.34 13.24
N LEU H 125 3.76 81.21 12.73
CA LEU H 125 4.04 81.05 11.30
C LEU H 125 2.78 80.87 10.46
N THR H 126 1.61 80.89 11.09
CA THR H 126 0.35 80.87 10.35
C THR H 126 -0.02 82.26 9.83
N THR H 127 0.46 83.32 10.50
CA THR H 127 0.28 84.69 10.00
C THR H 127 1.45 85.18 9.15
N PRO H 128 1.16 86.07 8.17
CA PRO H 128 2.18 86.79 7.40
C PRO H 128 3.08 87.70 8.26
N GLU H 129 2.58 88.18 9.39
CA GLU H 129 3.37 89.04 10.27
C GLU H 129 4.18 88.22 11.28
N GLY H 130 3.67 87.05 11.65
CA GLY H 130 4.42 86.16 12.51
C GLY H 130 5.72 85.76 11.83
N ILE H 131 5.65 85.65 10.50
CA ILE H 131 6.79 85.31 9.65
C ILE H 131 7.80 86.45 9.51
N ALA H 132 7.31 87.64 9.20
CA ALA H 132 8.16 88.77 8.90
C ALA H 132 9.14 89.08 10.02
N ALA H 133 8.59 89.36 11.20
CA ALA H 133 9.39 89.70 12.37
C ALA H 133 10.40 88.60 12.66
N ALA H 134 9.92 87.36 12.60
CA ALA H 134 10.74 86.18 12.86
C ALA H 134 11.90 86.05 11.86
N LEU H 135 11.56 85.99 10.58
CA LEU H 135 12.57 85.70 9.58
C LEU H 135 13.58 86.82 9.41
N ALA H 136 13.31 87.97 10.03
CA ALA H 136 14.23 89.10 9.95
C ALA H 136 15.21 89.19 11.13
N GLU H 137 15.01 88.34 12.15
CA GLU H 137 15.95 88.26 13.27
C GLU H 137 17.38 88.02 12.81
N PRO H 138 18.35 88.69 13.45
CA PRO H 138 19.77 88.50 13.13
C PRO H 138 20.28 87.09 13.45
N ASP H 139 21.32 86.66 12.73
CA ASP H 139 21.96 85.37 12.96
C ASP H 139 20.98 84.20 12.85
N LEU H 140 19.96 84.36 12.02
CA LEU H 140 18.96 83.32 11.82
C LEU H 140 19.44 82.28 10.81
N ALA H 141 19.57 81.05 11.26
CA ALA H 141 20.18 80.03 10.40
C ALA H 141 19.20 78.97 9.89
N LEU H 142 18.09 78.79 10.61
CA LEU H 142 17.22 77.65 10.36
C LEU H 142 15.77 77.94 10.71
N VAL H 143 14.87 77.60 9.79
CA VAL H 143 13.44 77.65 10.07
C VAL H 143 12.86 76.25 10.13
N TRP H 144 12.25 75.91 11.26
CA TRP H 144 11.78 74.56 11.51
C TRP H 144 10.26 74.52 11.38
N ILE H 145 9.78 73.93 10.30
CA ILE H 145 8.37 73.82 10.01
C ILE H 145 7.86 72.41 10.25
N GLU H 146 6.85 72.26 11.08
CA GLU H 146 6.18 70.97 11.23
C GLU H 146 4.73 71.17 10.80
N THR H 147 4.34 70.55 9.69
CA THR H 147 3.02 70.80 9.11
C THR H 147 2.48 69.56 8.42
N PRO H 148 1.27 69.12 8.80
CA PRO H 148 0.40 69.68 9.84
C PRO H 148 1.02 69.60 11.23
N THR H 149 0.53 70.41 12.16
CA THR H 149 0.96 70.33 13.55
C THR H 149 0.10 69.33 14.29
N ASN H 150 0.48 69.05 15.52
CA ASN H 150 -0.15 68.02 16.33
C ASN H 150 -0.46 68.66 17.69
N PRO H 151 -1.65 68.39 18.25
CA PRO H 151 -2.77 67.62 17.70
C PRO H 151 -3.85 68.46 17.02
N LEU H 152 -3.63 69.74 16.82
CA LEU H 152 -4.69 70.61 16.30
C LEU H 152 -4.76 70.59 14.77
N LEU H 153 -3.69 70.11 14.16
CA LEU H 153 -3.63 69.91 12.71
C LEU H 153 -3.72 71.23 11.92
N THR H 154 -3.21 72.30 12.50
CA THR H 154 -3.01 73.53 11.73
C THR H 154 -1.89 73.32 10.71
N VAL H 155 -1.82 74.20 9.73
CA VAL H 155 -0.93 74.04 8.60
C VAL H 155 -0.06 75.30 8.44
N VAL H 156 1.12 75.15 7.83
CA VAL H 156 1.99 76.27 7.51
C VAL H 156 2.32 76.23 6.02
N ASP H 157 2.23 77.39 5.36
CA ASP H 157 2.50 77.49 3.92
C ASP H 157 4.00 77.35 3.66
N VAL H 158 4.44 76.12 3.39
CA VAL H 158 5.86 75.83 3.17
C VAL H 158 6.54 76.68 2.08
N ALA H 159 5.89 76.83 0.92
CA ALA H 159 6.50 77.58 -0.17
C ALA H 159 6.71 79.05 0.18
N GLU H 160 5.71 79.65 0.83
CA GLU H 160 5.81 81.06 1.22
C GLU H 160 6.91 81.25 2.26
N VAL H 161 6.84 80.49 3.36
CA VAL H 161 7.84 80.56 4.41
C VAL H 161 9.24 80.27 3.85
N SER H 162 9.34 79.41 2.84
CA SER H 162 10.62 79.10 2.22
C SER H 162 11.12 80.24 1.33
N ARG H 163 10.22 80.83 0.56
CA ARG H 163 10.55 81.96 -0.29
C ARG H 163 11.15 83.09 0.57
N ARG H 164 10.52 83.33 1.73
CA ARG H 164 10.96 84.39 2.64
C ARG H 164 12.28 84.07 3.35
N ALA H 165 12.42 82.85 3.85
CA ALA H 165 13.61 82.49 4.60
C ALA H 165 14.83 82.48 3.68
N HIS H 166 14.59 82.20 2.40
CA HIS H 166 15.67 82.14 1.41
C HIS H 166 16.17 83.52 0.99
N GLU H 167 15.28 84.52 1.07
CA GLU H 167 15.71 85.89 0.85
C GLU H 167 16.61 86.34 2.01
N ARG H 168 16.57 85.56 3.10
CA ARG H 168 17.44 85.76 4.24
C ARG H 168 18.62 84.80 4.22
N GLY H 169 18.55 83.78 3.36
CA GLY H 169 19.61 82.79 3.27
C GLY H 169 19.56 81.70 4.34
N ALA H 170 18.40 81.50 4.95
CA ALA H 170 18.25 80.47 5.97
C ALA H 170 17.99 79.09 5.38
N ARG H 171 18.45 78.06 6.07
CA ARG H 171 18.06 76.70 5.76
C ARG H 171 16.63 76.52 6.26
N VAL H 172 15.85 75.71 5.52
CA VAL H 172 14.45 75.46 5.89
C VAL H 172 14.17 73.97 5.90
N VAL H 173 13.69 73.47 7.04
CA VAL H 173 13.37 72.06 7.16
C VAL H 173 11.88 71.85 7.44
N VAL H 174 11.31 70.83 6.82
CA VAL H 174 9.94 70.44 7.14
C VAL H 174 9.95 69.09 7.83
N ASP H 175 9.45 69.03 9.06
CA ASP H 175 9.22 67.75 9.71
C ASP H 175 7.98 67.24 9.03
N ASN H 176 8.18 66.35 8.06
CA ASN H 176 7.12 65.87 7.19
C ASN H 176 6.62 64.48 7.61
N THR H 177 6.93 64.10 8.84
CA THR H 177 6.53 62.81 9.36
C THR H 177 5.03 62.55 9.24
N PHE H 178 4.25 63.52 9.72
CA PHE H 178 2.79 63.44 9.71
C PHE H 178 2.26 63.07 8.32
N ALA H 179 2.70 63.80 7.30
CA ALA H 179 2.15 63.69 5.96
C ALA H 179 2.68 62.49 5.18
N SER H 180 3.97 62.22 5.33
CA SER H 180 4.76 61.33 4.48
C SER H 180 4.99 61.93 3.10
N PRO H 181 6.07 61.50 2.42
CA PRO H 181 6.29 61.96 1.04
C PRO H 181 5.17 61.53 0.07
N VAL H 182 4.26 60.66 0.52
CA VAL H 182 3.09 60.32 -0.30
C VAL H 182 2.16 61.52 -0.52
N LEU H 183 2.00 62.35 0.50
CA LEU H 183 1.00 63.42 0.43
C LEU H 183 1.57 64.83 0.33
N GLN H 184 2.85 64.97 0.64
CA GLN H 184 3.46 66.30 0.72
C GLN H 184 4.94 66.17 0.37
N GLN H 185 5.41 67.06 -0.52
CA GLN H 185 6.79 67.03 -1.01
C GLN H 185 7.53 68.35 -0.68
N PRO H 186 8.02 68.46 0.57
CA PRO H 186 8.66 69.68 1.07
C PRO H 186 9.75 70.25 0.14
N LEU H 187 10.56 69.40 -0.45
CA LEU H 187 11.62 69.87 -1.35
C LEU H 187 11.04 70.50 -2.61
N ALA H 188 9.98 69.90 -3.15
CA ALA H 188 9.30 70.44 -4.33
C ALA H 188 8.64 71.78 -4.01
N LEU H 189 8.17 71.91 -2.78
CA LEU H 189 7.53 73.13 -2.31
C LEU H 189 8.55 74.23 -2.06
N GLY H 190 9.84 73.92 -2.10
CA GLY H 190 10.86 74.95 -1.97
C GLY H 190 11.70 74.88 -0.71
N ALA H 191 11.45 73.90 0.16
CA ALA H 191 12.25 73.74 1.37
C ALA H 191 13.61 73.07 1.06
N ASP H 192 14.51 73.02 2.04
CA ASP H 192 15.84 72.46 1.84
C ASP H 192 16.00 71.02 2.37
N VAL H 193 15.19 70.68 3.38
CA VAL H 193 15.35 69.42 4.10
C VAL H 193 13.99 68.83 4.47
N SER H 194 13.79 67.56 4.16
CA SER H 194 12.63 66.83 4.68
C SER H 194 13.08 65.97 5.86
N LEU H 195 12.39 66.10 6.98
CA LEU H 195 12.71 65.31 8.17
C LEU H 195 11.62 64.28 8.41
N TYR H 196 12.02 63.02 8.63
CA TYR H 196 11.06 61.98 8.96
C TYR H 196 11.50 61.15 10.16
N SER H 197 10.61 61.03 11.14
CA SER H 197 10.63 59.81 11.93
C SER H 197 10.19 58.79 10.89
N THR H 198 10.83 57.65 10.82
CA THR H 198 10.35 56.60 9.94
C THR H 198 9.66 55.51 10.76
N THR H 199 9.74 55.67 12.08
CA THR H 199 8.99 54.86 13.05
C THR H 199 7.49 54.83 12.72
N1 LLP H 200 8.38 63.99 14.51
C2 LLP H 200 7.09 63.66 14.53
C2' LLP H 200 6.04 64.50 13.75
C3 LLP H 200 6.68 62.51 15.28
O3 LLP H 200 5.33 62.14 15.29
C4 LLP H 200 7.60 61.74 15.96
C4' LLP H 200 7.10 60.44 16.79
C5 LLP H 200 8.94 62.12 15.95
C6 LLP H 200 9.32 63.25 15.22
C5' LLP H 200 10.04 61.33 16.73
OP4 LLP H 200 10.75 60.40 15.94
P LLP H 200 11.26 59.10 16.60
OP1 LLP H 200 11.36 58.04 15.49
OP2 LLP H 200 12.57 59.32 17.23
OP3 LLP H 200 10.30 58.67 17.65
N LLP H 200 7.01 55.91 12.12
CA LLP H 200 5.57 56.07 11.85
CB LLP H 200 5.27 57.54 12.02
CG LLP H 200 6.06 58.05 13.25
CD LLP H 200 5.26 58.00 14.58
CE LLP H 200 6.12 58.41 15.82
NZ LLP H 200 5.91 59.84 16.19
C LLP H 200 5.22 55.41 10.53
O LLP H 200 5.60 54.28 10.32
N SER H 201 4.52 56.10 9.62
CA SER H 201 3.97 55.43 8.42
C SER H 201 4.96 54.87 7.39
N ILE H 202 6.17 55.42 7.29
CA ILE H 202 7.15 54.90 6.32
C ILE H 202 7.48 53.41 6.63
N ALA H 203 7.80 53.11 7.88
CA ALA H 203 7.98 51.70 8.24
C ALA H 203 6.59 51.06 8.49
N GLY H 204 5.71 51.82 9.13
CA GLY H 204 4.28 51.57 9.06
C GLY H 204 3.72 50.32 9.73
N HIS H 205 4.53 49.57 10.47
CA HIS H 205 4.04 48.33 11.06
C HIS H 205 4.36 48.26 12.55
N ALA H 206 4.75 49.42 13.07
CA ALA H 206 5.01 49.60 14.50
C ALA H 206 5.99 48.60 15.11
N ASP H 207 7.07 48.27 14.40
CA ASP H 207 8.00 47.25 14.90
C ASP H 207 9.48 47.58 14.68
N VAL H 208 9.76 48.84 14.38
CA VAL H 208 11.12 49.23 14.07
C VAL H 208 11.22 50.74 14.27
N LEU H 209 12.37 51.20 14.75
CA LEU H 209 12.60 52.62 14.96
C LEU H 209 13.53 53.16 13.88
N GLY H 210 13.28 54.39 13.44
CA GLY H 210 14.16 55.00 12.46
C GLY H 210 13.83 56.46 12.17
N GLY H 211 14.84 57.16 11.65
CA GLY H 211 14.68 58.51 11.19
C GLY H 211 15.34 58.68 9.81
N ALA H 212 15.06 59.81 9.18
CA ALA H 212 15.63 60.11 7.87
C ALA H 212 15.67 61.63 7.66
N LEU H 213 16.71 62.07 6.96
CA LEU H 213 16.78 63.41 6.39
C LEU H 213 16.93 63.22 4.89
N VAL H 214 16.17 63.99 4.12
CA VAL H 214 16.26 63.94 2.66
C VAL H 214 16.46 65.38 2.16
N TYR H 215 17.39 65.56 1.23
CA TYR H 215 17.88 66.91 0.93
C TYR H 215 18.72 66.94 -0.35
N ARG H 216 19.15 68.13 -0.74
CA ARG H 216 19.87 68.27 -2.00
C ARG H 216 21.25 68.90 -1.82
N ASP H 217 21.43 69.64 -0.73
CA ASP H 217 22.69 70.37 -0.44
C ASP H 217 23.82 69.38 -0.20
N ALA H 218 24.76 69.33 -1.14
CA ALA H 218 25.87 68.40 -1.09
C ALA H 218 26.75 68.64 0.12
N ASP H 219 26.90 69.89 0.52
CA ASP H 219 27.76 70.13 1.65
C ASP H 219 27.02 70.00 2.99
N LEU H 220 25.70 70.10 2.94
CA LEU H 220 24.89 69.61 4.05
C LEU H 220 25.13 68.10 4.17
N HIS H 221 25.19 67.42 3.03
CA HIS H 221 25.42 65.98 3.00
C HIS H 221 26.70 65.58 3.74
N ALA H 222 27.82 66.20 3.37
CA ALA H 222 29.09 65.93 4.02
C ALA H 222 29.01 66.14 5.55
N ALA H 223 28.38 67.23 5.97
CA ALA H 223 28.26 67.53 7.40
C ALA H 223 27.38 66.53 8.15
N VAL H 224 26.23 66.17 7.57
CA VAL H 224 25.32 65.25 8.22
C VAL H 224 25.96 63.87 8.32
N ARG H 225 26.62 63.44 7.25
CA ARG H 225 27.32 62.17 7.29
C ARG H 225 28.43 62.19 8.34
N ALA H 226 29.22 63.27 8.37
CA ALA H 226 30.27 63.40 9.37
C ALA H 226 29.73 63.31 10.80
N TYR H 227 28.61 63.96 11.06
CA TYR H 227 28.04 63.93 12.40
C TYR H 227 27.52 62.53 12.75
N ARG H 228 26.83 61.90 11.80
CA ARG H 228 26.27 60.57 12.07
C ARG H 228 27.39 59.58 12.40
N THR H 229 28.49 59.64 11.65
CA THR H 229 29.59 58.71 11.88
C THR H 229 30.25 58.97 13.24
N THR H 230 30.38 60.24 13.61
CA THR H 230 30.99 60.59 14.87
C THR H 230 30.05 60.43 16.06
N ALA H 231 28.80 60.86 15.91
CA ALA H 231 27.82 60.66 16.97
C ALA H 231 27.38 59.20 17.07
N GLY H 232 27.51 58.46 15.98
CA GLY H 232 27.12 57.06 15.96
C GLY H 232 25.64 56.79 16.13
N ASN H 233 24.79 57.71 15.70
CA ASN H 233 23.35 57.55 15.86
C ASN H 233 22.75 56.80 14.67
N VAL H 234 23.41 55.68 14.36
CA VAL H 234 23.19 54.90 13.15
C VAL H 234 22.18 53.76 13.39
N PRO H 235 21.31 53.48 12.41
CA PRO H 235 20.35 52.39 12.63
C PRO H 235 20.93 51.07 12.14
N GLY H 236 20.56 49.96 12.77
CA GLY H 236 21.05 48.65 12.34
C GLY H 236 20.52 48.16 10.99
N ALA H 237 21.30 47.30 10.36
CA ALA H 237 20.94 46.78 9.04
C ALA H 237 19.67 45.92 9.04
N LEU H 238 19.44 45.16 10.11
CA LEU H 238 18.19 44.43 10.27
C LEU H 238 17.01 45.39 10.32
N ASP H 239 17.19 46.50 11.03
CA ASP H 239 16.16 47.51 11.16
C ASP H 239 15.89 48.25 9.85
N CYS H 240 16.95 48.66 9.15
CA CYS H 240 16.81 49.26 7.82
C CYS H 240 16.06 48.32 6.88
N PHE H 241 16.32 47.01 7.02
CA PHE H 241 15.56 46.03 6.25
C PHE H 241 14.06 46.14 6.51
N LEU H 242 13.67 46.25 7.77
CA LEU H 242 12.25 46.33 8.12
C LEU H 242 11.58 47.66 7.67
N VAL H 243 12.31 48.77 7.77
CA VAL H 243 11.77 50.02 7.22
C VAL H 243 11.56 49.93 5.70
N ARG H 244 12.59 49.41 5.02
CA ARG H 244 12.57 49.27 3.56
C ARG H 244 11.44 48.35 3.10
N ARG H 245 11.20 47.28 3.84
CA ARG H 245 10.15 46.34 3.43
C ARG H 245 8.76 46.93 3.71
N GLY H 246 8.62 47.63 4.83
CA GLY H 246 7.38 48.36 5.09
C GLY H 246 7.10 49.38 3.99
N LEU H 247 8.17 49.96 3.46
CA LEU H 247 8.06 51.03 2.47
C LEU H 247 7.35 50.65 1.17
N HIS H 248 7.46 49.38 0.77
CA HIS H 248 6.77 48.91 -0.45
C HIS H 248 5.30 49.31 -0.48
N THR H 249 4.64 49.22 0.67
CA THR H 249 3.20 49.47 0.71
C THR H 249 2.80 50.90 1.11
N LEU H 250 3.78 51.79 1.25
CA LEU H 250 3.52 53.15 1.76
C LEU H 250 2.35 53.89 1.08
N SER H 251 2.29 53.84 -0.25
CA SER H 251 1.18 54.50 -0.96
C SER H 251 -0.17 53.80 -0.73
N LEU H 252 -0.18 52.48 -0.87
CA LEU H 252 -1.39 51.71 -0.62
C LEU H 252 -1.94 51.96 0.79
N ARG H 253 -1.05 52.00 1.79
CA ARG H 253 -1.48 52.15 3.17
C ARG H 253 -2.02 53.55 3.48
N VAL H 254 -1.30 54.59 3.03
CA VAL H 254 -1.73 55.98 3.24
C VAL H 254 -3.11 56.28 2.64
N HIS H 255 -3.32 55.93 1.38
CA HIS H 255 -4.59 56.27 0.75
C HIS H 255 -5.81 55.56 1.35
N ARG H 256 -5.61 54.37 1.92
CA ARG H 256 -6.68 53.68 2.62
C ARG H 256 -6.85 54.32 4.01
N GLN H 257 -5.74 54.69 4.65
CA GLN H 257 -5.83 55.40 5.92
C GLN H 257 -6.52 56.76 5.71
N VAL H 258 -6.14 57.46 4.65
CA VAL H 258 -6.78 58.74 4.32
C VAL H 258 -8.28 58.56 4.07
N ALA H 259 -8.63 57.58 3.24
CA ALA H 259 -10.04 57.30 2.94
C ALA H 259 -10.85 57.00 4.19
N THR H 260 -10.30 56.23 5.11
CA THR H 260 -11.01 55.92 6.34
C THR H 260 -11.15 57.16 7.24
N ALA H 261 -10.09 57.96 7.34
CA ALA H 261 -10.14 59.19 8.12
C ALA H 261 -11.31 60.09 7.69
N ARG H 262 -11.52 60.19 6.38
CA ARG H 262 -12.60 61.02 5.85
C ARG H 262 -13.96 60.55 6.33
N VAL H 263 -14.20 59.24 6.28
CA VAL H 263 -15.44 58.65 6.78
C VAL H 263 -15.60 58.90 8.28
N LEU H 264 -14.51 58.74 9.04
CA LEU H 264 -14.56 58.95 10.49
C LEU H 264 -14.88 60.41 10.82
N VAL H 265 -14.28 61.33 10.07
CA VAL H 265 -14.58 62.75 10.25
C VAL H 265 -16.06 63.03 10.09
N GLU H 266 -16.65 62.54 9.02
CA GLU H 266 -18.09 62.69 8.80
C GLU H 266 -18.91 62.10 9.96
N ARG H 267 -18.50 60.94 10.46
CA ARG H 267 -19.23 60.34 11.59
C ARG H 267 -19.08 61.20 12.84
N LEU H 268 -17.95 61.88 12.98
CA LEU H 268 -17.72 62.75 14.14
C LEU H 268 -18.63 63.97 14.07
N ARG H 269 -18.79 64.52 12.87
CA ARG H 269 -19.61 65.72 12.71
C ARG H 269 -21.09 65.40 12.90
N ALA H 270 -21.45 64.13 12.87
CA ALA H 270 -22.84 63.72 13.11
C ALA H 270 -23.13 63.33 14.57
N SER H 271 -22.09 63.22 15.40
CA SER H 271 -22.25 62.80 16.80
C SER H 271 -22.77 63.93 17.70
N PRO H 272 -23.70 63.61 18.60
CA PRO H 272 -24.22 64.61 19.56
C PRO H 272 -23.33 64.79 20.78
N VAL H 273 -22.25 64.01 20.91
CA VAL H 273 -21.33 64.22 22.01
C VAL H 273 -19.95 64.62 21.52
N VAL H 274 -19.89 65.23 20.34
CA VAL H 274 -18.64 65.74 19.77
C VAL H 274 -18.74 67.23 19.48
N GLY H 275 -17.74 67.98 19.91
CA GLY H 275 -17.68 69.40 19.66
C GLY H 275 -16.93 69.66 18.37
N ALA H 276 -15.95 70.56 18.41
CA ALA H 276 -15.11 70.83 17.25
C ALA H 276 -14.48 69.53 16.73
N VAL H 277 -14.38 69.43 15.40
CA VAL H 277 -13.70 68.32 14.75
C VAL H 277 -12.57 68.92 13.93
N HIS H 278 -11.36 68.41 14.09
CA HIS H 278 -10.23 68.96 13.36
C HIS H 278 -9.72 67.96 12.34
N TYR H 279 -9.49 68.45 11.13
CA TYR H 279 -9.01 67.63 10.02
C TYR H 279 -8.63 68.57 8.89
N PRO H 280 -7.43 68.38 8.29
CA PRO H 280 -6.99 69.31 7.25
C PRO H 280 -7.90 69.35 6.03
N GLY H 281 -8.75 68.34 5.85
CA GLY H 281 -9.62 68.29 4.68
C GLY H 281 -11.03 68.85 4.85
N LEU H 282 -11.31 69.49 5.98
CA LEU H 282 -12.57 70.18 6.17
C LEU H 282 -12.59 71.43 5.30
N PRO H 283 -13.68 71.66 4.53
CA PRO H 283 -13.79 72.80 3.62
C PRO H 283 -13.60 74.14 4.32
N GLU H 284 -13.97 74.22 5.58
CA GLU H 284 -13.76 75.46 6.32
C GLU H 284 -12.60 75.36 7.33
N HIS H 285 -11.64 74.48 7.05
CA HIS H 285 -10.34 74.50 7.71
C HIS H 285 -9.74 75.87 7.42
N PRO H 286 -9.21 76.56 8.46
CA PRO H 286 -8.79 77.96 8.31
C PRO H 286 -7.67 78.12 7.29
N GLN H 287 -6.91 77.06 7.06
CA GLN H 287 -5.86 77.09 6.05
C GLN H 287 -6.18 76.16 4.88
N HIS H 288 -7.47 76.05 4.54
CA HIS H 288 -7.91 75.11 3.51
C HIS H 288 -7.21 75.32 2.17
N ALA H 289 -7.00 76.57 1.80
CA ALA H 289 -6.37 76.88 0.52
C ALA H 289 -4.92 76.38 0.51
N VAL H 290 -4.26 76.48 1.65
CA VAL H 290 -2.89 76.02 1.77
C VAL H 290 -2.81 74.49 1.75
N VAL H 291 -3.77 73.83 2.40
CA VAL H 291 -3.84 72.37 2.38
C VAL H 291 -4.00 71.91 0.94
N LYS H 292 -4.93 72.53 0.23
CA LYS H 292 -5.17 72.22 -1.17
C LYS H 292 -3.88 72.38 -2.00
N ALA H 293 -3.11 73.42 -1.71
CA ALA H 293 -1.91 73.70 -2.48
C ALA H 293 -0.70 72.80 -2.16
N GLN H 294 -0.64 72.18 -0.99
CA GLN H 294 0.58 71.44 -0.63
C GLN H 294 0.41 69.99 -0.16
N MSE H 295 -0.80 69.61 0.25
CA MSE H 295 -1.13 68.21 0.55
C MSE H 295 -1.97 67.65 -0.61
O MSE H 295 -3.02 68.20 -0.94
CB MSE H 295 -1.89 68.04 1.91
CG MSE H 295 -1.03 67.95 3.24
SE MSE H 295 -1.46 66.68 4.81
CE MSE H 295 -0.87 65.06 4.13
N SER H 296 -1.51 66.58 -1.25
CA SER H 296 -2.32 65.94 -2.29
C SER H 296 -3.53 65.22 -1.67
N ALA H 297 -3.55 65.09 -0.35
CA ALA H 297 -4.66 64.56 0.42
C ALA H 297 -4.42 64.96 1.88
N PRO H 298 -5.48 64.98 2.71
CA PRO H 298 -5.33 65.65 4.01
C PRO H 298 -4.88 64.77 5.18
N GLY H 299 -4.39 63.56 4.91
CA GLY H 299 -3.76 62.77 5.95
C GLY H 299 -4.69 61.87 6.74
N ALA H 300 -4.10 61.22 7.73
CA ALA H 300 -4.77 60.14 8.47
C ALA H 300 -4.89 60.44 9.96
N ILE H 301 -4.68 61.70 10.34
CA ILE H 301 -4.81 62.09 11.74
C ILE H 301 -6.08 62.91 11.89
N VAL H 302 -6.87 62.63 12.92
CA VAL H 302 -8.09 63.38 13.15
C VAL H 302 -8.14 63.72 14.62
N SER H 303 -8.61 64.93 14.93
CA SER H 303 -8.80 65.33 16.32
C SER H 303 -10.20 65.87 16.56
N PHE H 304 -10.67 65.81 17.81
CA PHE H 304 -12.00 66.30 18.15
C PHE H 304 -12.22 66.49 19.63
N ASP H 305 -13.18 67.35 19.97
CA ASP H 305 -13.60 67.54 21.35
C ASP H 305 -14.76 66.60 21.69
N TYR H 306 -14.56 65.78 22.71
CA TYR H 306 -15.58 64.86 23.19
C TYR H 306 -16.35 65.55 24.33
N LEU H 307 -17.67 65.49 24.25
CA LEU H 307 -18.55 66.18 25.19
C LEU H 307 -19.24 65.23 26.18
N GLY H 308 -18.98 63.93 26.09
CA GLY H 308 -19.50 63.02 27.11
C GLY H 308 -18.81 63.26 28.45
N GLY H 309 -18.83 62.30 29.36
CA GLY H 309 -18.09 62.46 30.60
C GLY H 309 -16.56 62.52 30.40
N PRO H 310 -15.82 61.97 31.36
CA PRO H 310 -14.34 62.00 31.33
C PRO H 310 -13.70 61.33 30.10
N ALA H 311 -12.65 61.97 29.58
CA ALA H 311 -11.88 61.40 28.48
C ALA H 311 -11.36 60.01 28.83
N GLU H 312 -10.95 59.81 30.07
CA GLU H 312 -10.41 58.51 30.48
C GLU H 312 -11.45 57.40 30.32
N ARG H 313 -12.72 57.72 30.58
CA ARG H 313 -13.80 56.76 30.34
C ARG H 313 -14.01 56.47 28.85
N LEU H 314 -13.92 57.52 28.02
CA LEU H 314 -14.02 57.34 26.58
C LEU H 314 -12.95 56.35 26.13
N LEU H 315 -11.70 56.61 26.51
CA LEU H 315 -10.59 55.73 26.15
C LEU H 315 -10.83 54.28 26.61
N ASP H 316 -11.45 54.09 27.77
CA ASP H 316 -11.75 52.75 28.26
C ASP H 316 -12.82 52.00 27.44
N ARG H 317 -13.49 52.67 26.51
CA ARG H 317 -14.60 52.05 25.80
C ARG H 317 -14.25 51.58 24.39
N PHE H 318 -13.10 51.98 23.88
CA PHE H 318 -12.69 51.52 22.57
C PHE H 318 -12.37 50.03 22.58
N THR H 319 -12.88 49.30 21.59
CA THR H 319 -12.64 47.86 21.54
C THR H 319 -11.75 47.46 20.36
N LEU H 320 -11.58 48.37 19.40
CA LEU H 320 -10.71 48.11 18.24
C LEU H 320 -9.50 49.06 18.16
N PHE H 321 -9.75 50.37 18.28
CA PHE H 321 -8.66 51.34 18.44
C PHE H 321 -7.83 50.95 19.67
N THR H 322 -6.52 51.10 19.57
CA THR H 322 -5.60 50.85 20.70
C THR H 322 -5.27 52.15 21.41
N CYS H 323 -5.39 52.18 22.72
CA CYS H 323 -5.06 53.38 23.48
C CYS H 323 -3.56 53.44 23.79
N GLY H 324 -2.88 54.40 23.17
CA GLY H 324 -1.47 54.60 23.39
C GLY H 324 -1.01 55.70 22.47
N VAL H 325 0.25 56.11 22.57
CA VAL H 325 0.77 57.13 21.67
C VAL H 325 1.37 56.45 20.46
N SER H 326 2.00 57.25 19.60
CA SER H 326 2.45 56.85 18.26
C SER H 326 1.30 56.92 17.24
N LEU H 327 1.66 56.89 15.96
CA LEU H 327 0.69 57.17 14.91
C LEU H 327 1.29 56.76 13.58
N GLY H 328 0.43 56.50 12.59
CA GLY H 328 0.87 56.21 11.25
C GLY H 328 0.80 54.74 10.81
N GLY H 329 0.61 53.84 11.78
CA GLY H 329 0.74 52.41 11.53
C GLY H 329 -0.48 51.71 10.94
N VAL H 330 -0.39 50.39 10.85
CA VAL H 330 -1.51 49.59 10.38
C VAL H 330 -2.60 49.47 11.46
N HIS H 331 -2.20 49.59 12.72
CA HIS H 331 -3.14 49.50 13.82
C HIS H 331 -3.64 50.90 14.16
N SER H 332 -4.94 51.10 14.15
CA SER H 332 -5.50 52.40 14.50
C SER H 332 -5.22 52.68 15.97
N LEU H 333 -4.87 53.93 16.28
CA LEU H 333 -4.57 54.30 17.66
C LEU H 333 -5.40 55.49 18.14
N VAL H 334 -5.55 55.58 19.46
CA VAL H 334 -6.21 56.73 20.06
C VAL H 334 -5.47 57.16 21.32
N GLU H 335 -5.33 58.48 21.49
CA GLU H 335 -4.78 59.04 22.70
C GLU H 335 -5.59 60.27 23.08
N CYS H 336 -5.51 60.65 24.36
CA CYS H 336 -6.03 61.93 24.79
C CYS H 336 -4.81 62.79 25.08
N PRO H 337 -4.47 63.72 24.18
CA PRO H 337 -3.24 64.52 24.28
C PRO H 337 -2.95 65.00 25.70
N ALA H 338 -3.95 65.52 26.38
CA ALA H 338 -3.74 66.11 27.70
C ALA H 338 -3.31 65.12 28.80
N LEU H 339 -3.65 63.83 28.65
CA LEU H 339 -3.28 62.81 29.66
C LEU H 339 -2.03 62.08 29.25
N MSE H 340 -1.68 62.20 27.97
CA MSE H 340 -0.80 61.25 27.30
C MSE H 340 0.40 61.89 26.60
O MSE H 340 1.50 61.89 27.14
CB MSE H 340 -1.61 60.37 26.33
CG MSE H 340 -2.83 59.72 26.98
SE MSE H 340 -3.78 58.42 25.86
CE MSE H 340 -2.39 57.04 25.74
N THR H 341 0.22 62.42 25.40
CA THR H 341 1.28 63.24 24.82
C THR H 341 1.60 64.46 25.69
N HIS H 342 0.55 65.19 26.10
CA HIS H 342 0.71 66.45 26.85
C HIS H 342 0.39 66.36 28.35
N ARG H 343 0.61 65.20 28.98
CA ARG H 343 0.35 65.09 30.42
C ARG H 343 1.09 66.07 31.39
N PRO H 344 2.42 66.18 31.26
CA PRO H 344 3.17 66.87 32.32
C PRO H 344 2.82 68.35 32.46
N LEU H 345 2.27 68.93 31.40
CA LEU H 345 1.96 70.35 31.38
C LEU H 345 1.08 70.78 32.55
N SER H 346 1.18 72.06 32.89
CA SER H 346 0.37 72.65 33.95
C SER H 346 -1.11 72.46 33.67
N ALA H 347 -1.73 73.52 33.17
CA ALA H 347 -3.15 73.56 32.86
C ALA H 347 -3.45 74.99 32.51
N GLU H 348 -2.38 75.73 32.23
CA GLU H 348 -2.46 77.02 31.60
C GLU H 348 -1.83 76.88 30.23
N ALA H 349 -0.61 76.37 30.19
CA ALA H 349 0.12 76.23 28.93
C ALA H 349 -0.57 75.24 28.01
N ARG H 350 -1.32 74.31 28.59
CA ARG H 350 -2.18 73.42 27.81
C ARG H 350 -3.25 74.23 27.10
N ALA H 351 -3.92 75.08 27.87
CA ALA H 351 -4.95 75.97 27.36
C ALA H 351 -4.35 76.90 26.31
N ARG H 352 -3.27 77.59 26.66
CA ARG H 352 -2.59 78.49 25.71
C ARG H 352 -2.28 77.76 24.42
N ARG H 353 -2.04 76.45 24.50
CA ARG H 353 -1.83 75.66 23.30
C ARG H 353 -3.13 75.33 22.57
N GLY H 354 -4.28 75.63 23.19
CA GLY H 354 -5.56 75.31 22.60
C GLY H 354 -5.86 73.82 22.57
N ILE H 355 -5.35 73.10 23.58
CA ILE H 355 -5.57 71.67 23.69
C ILE H 355 -6.36 71.35 24.96
N GLY H 356 -7.68 71.25 24.79
CA GLY H 356 -8.57 71.04 25.92
C GLY H 356 -8.38 69.68 26.57
N GLU H 357 -8.97 69.54 27.75
CA GLU H 357 -8.78 68.33 28.54
C GLU H 357 -9.52 67.13 27.96
N SER H 358 -10.42 67.36 27.01
CA SER H 358 -11.11 66.25 26.36
C SER H 358 -10.90 66.26 24.83
N LEU H 359 -9.83 66.91 24.38
CA LEU H 359 -9.43 66.75 22.99
C LEU H 359 -8.91 65.32 22.79
N ILE H 360 -9.38 64.68 21.73
CA ILE H 360 -9.06 63.29 21.45
C ILE H 360 -8.43 63.22 20.08
N ARG H 361 -7.38 62.42 19.93
CA ARG H 361 -6.72 62.28 18.65
C ARG H 361 -6.78 60.84 18.13
N LEU H 362 -7.16 60.71 16.86
CA LEU H 362 -7.18 59.43 16.17
C LEU H 362 -6.05 59.35 15.13
N SER H 363 -5.35 58.22 15.13
CA SER H 363 -4.41 57.89 14.07
C SER H 363 -5.01 56.74 13.27
N VAL H 364 -5.46 57.02 12.05
CA VAL H 364 -6.21 56.02 11.29
C VAL H 364 -5.26 54.95 10.74
N GLY H 365 -5.60 53.68 11.01
CA GLY H 365 -4.87 52.54 10.50
C GLY H 365 -5.53 51.99 9.24
N ILE H 366 -5.27 50.71 8.92
CA ILE H 366 -5.80 50.15 7.67
C ILE H 366 -6.89 49.10 7.86
N GLU H 367 -7.47 49.06 9.06
CA GLU H 367 -8.60 48.17 9.34
C GLU H 367 -9.81 48.54 8.48
N ASP H 368 -10.81 47.66 8.45
CA ASP H 368 -12.01 47.96 7.67
C ASP H 368 -12.65 49.25 8.16
N PRO H 369 -12.94 50.18 7.23
CA PRO H 369 -13.47 51.48 7.65
C PRO H 369 -14.77 51.35 8.43
N GLN H 370 -15.57 50.35 8.08
CA GLN H 370 -16.84 50.18 8.76
C GLN H 370 -16.72 49.64 10.20
N ASP H 371 -15.71 48.80 10.46
CA ASP H 371 -15.43 48.37 11.84
C ASP H 371 -14.94 49.54 12.72
N LEU H 372 -14.12 50.42 12.14
CA LEU H 372 -13.59 51.54 12.88
C LEU H 372 -14.68 52.58 13.17
N ALA H 373 -15.53 52.83 12.18
CA ALA H 373 -16.64 53.76 12.36
C ALA H 373 -17.54 53.29 13.48
N GLU H 374 -17.92 52.00 13.45
CA GLU H 374 -18.78 51.46 14.49
C GLU H 374 -18.08 51.58 15.84
N ASP H 375 -16.86 51.04 15.95
CA ASP H 375 -16.08 51.11 17.19
C ASP H 375 -16.08 52.50 17.79
N LEU H 376 -15.76 53.49 16.96
CA LEU H 376 -15.76 54.88 17.37
C LEU H 376 -17.13 55.29 17.96
N SER H 377 -18.22 54.87 17.31
CA SER H 377 -19.58 55.22 17.77
C SER H 377 -19.96 54.57 19.10
N ARG H 378 -19.56 53.32 19.31
CA ARG H 378 -19.83 52.66 20.59
C ARG H 378 -18.98 53.23 21.72
N ALA H 379 -17.82 53.79 21.40
CA ALA H 379 -17.02 54.42 22.43
C ALA H 379 -17.62 55.78 22.81
N LEU H 380 -18.00 56.55 21.79
CA LEU H 380 -18.61 57.86 21.99
C LEU H 380 -19.90 57.73 22.78
N ALA H 381 -20.62 56.62 22.54
CA ALA H 381 -21.89 56.35 23.19
C ALA H 381 -22.84 57.53 23.05
N GLY H 382 -23.60 57.80 24.11
CA GLY H 382 -24.55 58.88 24.14
C GLY H 382 -25.32 59.10 22.85
N GLY H 383 -26.22 58.17 22.54
CA GLY H 383 -27.15 58.27 21.42
C GLY H 383 -26.80 59.21 20.27
O1 MES I . -14.23 -14.86 -20.67
C2 MES I . -14.21 -13.80 -21.63
C3 MES I . -12.91 -13.70 -22.45
N4 MES I . -12.27 -15.00 -22.61
C5 MES I . -12.22 -15.96 -21.51
C6 MES I . -12.94 -15.35 -20.31
C7 MES I . -11.71 -15.38 -23.92
C8 MES I . -10.20 -15.65 -23.82
S MES I . -9.57 -16.51 -25.15
O1S MES I . -8.70 -17.58 -24.64
O2S MES I . -10.70 -17.14 -25.88
O3S MES I . -8.79 -15.64 -26.06
C1 GOL J . 8.16 -12.50 -3.89
O1 GOL J . 8.34 -11.13 -4.17
C2 GOL J . 8.84 -12.84 -2.56
O2 GOL J . 9.21 -11.66 -1.88
C3 GOL J . 10.10 -13.65 -2.83
O3 GOL J . 9.74 -14.90 -3.39
C1 GOL K . 0.30 -45.03 -3.94
O1 GOL K . 1.44 -45.38 -4.68
C2 GOL K . -0.32 -43.76 -4.51
O2 GOL K . 0.21 -42.65 -3.80
C3 GOL K . 0.07 -43.64 -5.98
O3 GOL K . -0.27 -44.86 -6.62
C1 GOL L . 14.86 -24.81 -16.46
O1 GOL L . 15.27 -24.54 -17.79
C2 GOL L . 15.93 -24.34 -15.49
O2 GOL L . 16.57 -23.19 -16.02
C3 GOL L . 15.27 -23.99 -14.16
O3 GOL L . 16.23 -23.72 -13.15
C1 GOL M . -4.00 -21.41 5.73
O1 GOL M . -3.48 -20.09 5.80
C2 GOL M . -3.87 -22.08 7.09
O2 GOL M . -3.76 -21.07 8.08
C3 GOL M . -5.12 -22.91 7.37
O3 GOL M . -5.13 -24.10 6.61
CL CL N . 12.42 -14.75 -8.87
CL CL O . -16.98 -13.99 -23.90
O1 MES P . -5.47 -27.07 8.06
C2 MES P . -5.74 -27.36 9.43
C3 MES P . -7.15 -26.89 9.80
N4 MES P . -8.12 -27.63 9.01
C5 MES P . -7.72 -28.19 7.73
C6 MES P . -6.58 -27.31 7.18
C7 MES P . -9.48 -27.67 9.56
C8 MES P . -10.29 -28.95 9.50
S MES P . -10.85 -29.09 11.06
O1S MES P . -11.47 -30.37 11.45
O2S MES P . -9.57 -29.04 11.77
O3S MES P . -11.75 -28.03 11.49
C1 GOL Q . -26.89 -45.69 11.90
O1 GOL Q . -28.26 -45.86 12.24
C2 GOL Q . -25.96 -46.31 12.95
O2 GOL Q . -25.94 -45.52 14.12
C3 GOL Q . -26.45 -47.71 13.30
O3 GOL Q . -27.84 -47.78 13.04
C1 GOL R . -34.86 -14.48 6.25
O1 GOL R . -34.49 -15.82 6.36
C2 GOL R . -33.81 -13.76 5.42
O2 GOL R . -33.87 -12.37 5.66
C3 GOL R . -34.12 -14.05 3.95
O3 GOL R . -33.48 -13.10 3.13
C1 GOL S . -14.28 -10.60 -16.03
O1 GOL S . -14.19 -10.26 -14.66
C2 GOL S . -13.09 -10.03 -16.80
O2 GOL S . -12.97 -10.69 -18.04
C3 GOL S . -11.81 -10.18 -16.00
O3 GOL S . -11.97 -9.80 -14.66
C1 GOL T . -29.38 -28.16 -19.08
O1 GOL T . -28.60 -28.49 -20.20
C2 GOL T . -29.34 -29.32 -18.08
O2 GOL T . -30.15 -30.39 -18.52
C3 GOL T . -29.89 -28.85 -16.75
O3 GOL T . -30.01 -29.95 -15.89
C1 GOL U . -19.52 -26.13 28.13
O1 GOL U . -19.91 -27.22 27.32
C2 GOL U . -18.48 -26.62 29.13
O2 GOL U . -17.45 -25.67 29.21
C3 GOL U . -19.12 -26.77 30.49
O3 GOL U . -20.44 -27.22 30.31
C1 GOL V . -26.94 -5.12 4.91
O1 GOL V . -25.62 -4.64 4.69
C2 GOL V . -27.37 -4.83 6.34
O2 GOL V . -28.74 -5.09 6.53
C3 GOL V . -27.01 -3.40 6.70
O3 GOL V . -25.63 -3.18 6.45
CL CL W . -34.64 -22.76 15.84
O1 MES X . -36.86 -51.87 -17.64
C2 MES X . -38.08 -52.45 -17.16
C3 MES X . -37.98 -53.14 -15.79
N4 MES X . -37.26 -52.31 -14.81
C5 MES X . -36.30 -51.35 -15.35
C6 MES X . -35.81 -51.91 -16.69
C7 MES X . -37.94 -51.94 -13.55
C8 MES X . -37.14 -52.14 -12.25
S MES X . -37.98 -51.59 -10.92
O1S MES X . -37.07 -50.91 -9.98
O2S MES X . -38.89 -52.50 -10.16
O3S MES X . -38.90 -50.58 -11.43
C1 GOL Y . -37.46 -56.36 -21.00
O1 GOL Y . -36.77 -55.57 -21.94
C2 GOL Y . -36.47 -57.01 -20.04
O2 GOL Y . -36.86 -56.79 -18.71
C3 GOL Y . -36.43 -58.51 -20.28
O3 GOL Y . -35.36 -59.05 -19.52
C1 GOL Z . -23.40 -65.93 6.93
O1 GOL Z . -22.30 -66.81 7.07
C2 GOL Z . -24.64 -66.49 7.66
O2 GOL Z . -25.35 -65.51 8.40
C3 GOL Z . -24.22 -67.54 8.65
O3 GOL Z . -25.22 -67.57 9.64
C FMT AA . -21.22 -74.45 -8.40
O1 FMT AA . -22.27 -74.32 -9.03
O2 FMT AA . -21.14 -74.52 -7.18
CL CL BA . -24.11 -72.40 -2.80
O1 MES CA . -5.88 -61.92 -19.29
C2 MES CA . -4.93 -62.52 -20.18
C3 MES CA . -5.12 -62.12 -21.64
N4 MES CA . -5.12 -60.66 -21.73
C5 MES CA . -5.56 -59.88 -20.58
C6 MES CA . -6.53 -60.77 -19.81
C7 MES CA . -4.34 -60.03 -22.82
C8 MES CA . -4.93 -58.66 -23.12
S MES CA . -4.19 -57.89 -24.44
O1S MES CA . -5.20 -57.37 -25.35
O2S MES CA . -3.51 -56.69 -24.06
O3S MES CA . -3.28 -58.82 -25.15
C1 GOL DA . -21.70 -50.18 -45.73
O1 GOL DA . -22.97 -49.99 -45.13
C2 GOL DA . -20.75 -50.53 -44.61
O2 GOL DA . -21.54 -50.38 -43.45
C3 GOL DA . -19.60 -49.54 -44.53
O3 GOL DA . -18.66 -49.79 -45.55
C1 GOL EA . -31.52 -63.53 -35.53
O1 GOL EA . -32.48 -62.95 -36.38
C2 GOL EA . -30.13 -63.31 -36.11
O2 GOL EA . -30.05 -64.00 -37.34
C3 GOL EA . -29.04 -63.81 -35.15
O3 GOL EA . -29.24 -63.28 -33.86
CL CL FA . -26.30 -60.52 -40.05
CL CL GA . -33.18 -68.63 -29.68
CL CL HA . -5.54 -49.24 -47.08
O1 MES IA . 9.93 25.15 -8.09
C2 MES IA . 9.48 25.08 -9.45
C3 MES IA . 8.07 25.65 -9.76
N4 MES IA . 7.71 26.80 -8.92
C5 MES IA . 8.70 27.29 -7.98
C6 MES IA . 9.13 26.02 -7.27
C7 MES IA . 6.66 27.74 -9.39
C8 MES IA . 5.93 28.44 -8.23
S MES IA . 5.43 29.96 -8.74
O1S MES IA . 4.30 30.01 -9.71
O2S MES IA . 6.57 30.43 -9.55
O3S MES IA . 5.00 30.85 -7.64
C1 GOL JA . -16.84 27.84 6.00
O1 GOL JA . -16.99 29.16 6.45
C2 GOL JA . -16.64 26.88 7.18
O2 GOL JA . -15.36 27.01 7.74
C3 GOL JA . -17.68 27.12 8.25
O3 GOL JA . -18.89 26.56 7.80
C1 GOL KA . -8.73 11.39 7.80
O1 GOL KA . -9.47 10.50 8.62
C2 GOL KA . -7.79 12.16 8.71
O2 GOL KA . -8.43 13.36 9.10
C3 GOL KA . -7.64 11.32 9.97
O3 GOL KA . -8.92 11.27 10.58
C1 GOL LA . 9.07 21.24 -7.08
O1 GOL LA . 9.17 22.60 -7.44
C2 GOL LA . 9.08 20.36 -8.33
O2 GOL LA . 7.79 20.31 -8.89
C3 GOL LA . 9.53 18.94 -7.97
O3 GOL LA . 8.55 18.28 -7.18
CL CL MA . -12.02 15.03 7.74
O1 MES NA . 9.13 16.40 21.61
C2 MES NA . 9.50 15.40 22.58
C3 MES NA . 11.00 15.09 22.76
N4 MES NA . 11.84 16.27 22.58
C5 MES NA . 11.28 17.46 21.98
C6 MES NA . 10.24 17.01 20.95
C7 MES NA . 13.05 16.47 23.40
C8 MES NA . 14.04 15.29 23.29
S MES NA . 15.45 15.56 24.17
O1S MES NA . 16.31 14.35 24.29
O2S MES NA . 15.20 16.06 25.54
O3S MES NA . 16.24 16.59 23.44
C1 GOL OA . 8.28 12.77 19.19
O1 GOL OA . 8.03 14.06 18.68
C2 GOL OA . 7.12 11.84 18.84
O2 GOL OA . 7.60 10.54 18.57
C3 GOL OA . 6.37 12.36 17.62
O3 GOL OA . 6.43 11.41 16.58
C1 GOL PA . 18.58 6.59 -2.39
O1 GOL PA . 18.78 5.51 -1.51
C2 GOL PA . 19.27 6.33 -3.73
O2 GOL PA . 18.91 7.36 -4.64
C3 GOL PA . 20.76 6.38 -3.50
O3 GOL PA . 21.06 5.50 -2.43
C1 GOL QA . 38.31 25.21 24.25
O1 GOL QA . 37.74 24.84 23.01
C2 GOL QA . 39.82 25.10 24.11
O2 GOL QA . 40.14 25.32 22.76
C3 GOL QA . 40.56 26.07 25.03
O3 GOL QA . 40.01 27.37 25.02
C1 GOL RA . 36.02 27.58 30.29
O1 GOL RA . 35.95 26.73 31.41
C2 GOL RA . 35.74 29.04 30.67
O2 GOL RA . 34.91 29.19 31.81
C3 GOL RA . 37.08 29.78 30.75
O3 GOL RA . 37.94 29.18 29.81
C1 GOL SA . 35.20 11.57 4.68
O1 GOL SA . 34.16 11.38 3.75
C2 GOL SA . 35.10 10.48 5.73
O2 GOL SA . 34.59 9.33 5.10
C3 GOL SA . 36.48 10.16 6.29
O3 GOL SA . 37.08 11.34 6.77
C FMT TA . 26.36 20.78 0.59
O1 FMT TA . 25.46 20.75 -0.24
O2 FMT TA . 27.37 20.10 0.46
CL CL UA . 24.77 5.00 0.94
O1 MES VA . 36.73 53.36 11.79
C2 MES VA . 37.77 53.93 12.57
C3 MES VA . 38.64 52.83 13.16
N4 MES VA . 37.81 51.93 13.97
C5 MES VA . 36.51 51.51 13.45
C6 MES VA . 35.84 52.61 12.61
C7 MES VA . 38.48 50.96 14.86
C8 MES VA . 39.98 51.29 14.97
S MES VA . 40.91 50.36 16.03
O1S MES VA . 40.02 49.45 16.78
O2S MES VA . 41.94 49.62 15.25
O3S MES VA . 41.68 51.30 16.88
C1 GOL WA . 29.04 49.61 41.76
O1 GOL WA . 28.41 50.18 42.88
C2 GOL WA . 30.29 48.87 42.22
O2 GOL WA . 31.41 49.71 42.11
C3 GOL WA . 30.47 47.63 41.35
O3 GOL WA . 31.70 46.99 41.62
C1 GOL XA . 10.38 64.86 24.76
O1 GOL XA . 10.53 63.55 24.26
C2 GOL XA . 11.59 65.30 25.57
O2 GOL XA . 11.51 66.65 25.96
C3 GOL XA . 12.82 65.15 24.70
O3 GOL XA . 13.87 65.79 25.37
C1 GOL YA . -4.71 54.91 29.50
O1 GOL YA . -5.89 54.97 30.28
C2 GOL YA . -4.08 56.29 29.44
O2 GOL YA . -4.22 56.95 30.69
C3 GOL YA . -2.59 56.16 29.17
O3 GOL YA . -1.92 57.24 29.78
C1 GOL ZA . 42.14 40.89 38.06
O1 GOL ZA . 43.15 39.90 38.06
C2 GOL ZA . 41.28 40.71 39.30
O2 GOL ZA . 42.13 40.45 40.41
C3 GOL ZA . 40.55 42.01 39.57
O3 GOL ZA . 41.45 43.08 39.57
C FMT AB . 25.64 64.45 34.85
O1 FMT AB . 26.18 65.55 34.77
O2 FMT AB . 25.09 64.04 35.87
CL CL BB . 29.44 60.74 38.57
O1 MES CB . 6.74 60.01 22.91
C2 MES CB . 5.64 60.91 22.73
C3 MES CB . 5.39 61.30 21.27
N4 MES CB . 5.26 60.06 20.52
C5 MES CB . 6.25 59.02 20.70
C6 MES CB . 7.31 59.56 21.69
C7 MES CB . 4.35 59.99 19.37
C8 MES CB . 4.36 61.35 18.70
S MES CB . 2.79 61.86 18.68
O1S MES CB . 2.40 62.64 17.49
O2S MES CB . 2.10 60.58 18.86
O3S MES CB . 2.50 62.75 19.82
C1 GOL DB . 12.86 69.57 -6.50
O1 GOL DB . 12.40 68.35 -5.97
C2 GOL DB . 13.87 70.21 -5.54
O2 GOL DB . 13.22 71.15 -4.71
C3 GOL DB . 14.55 69.14 -4.72
O3 GOL DB . 15.83 68.92 -5.28
C1 GOL EB . 28.17 72.69 5.79
O1 GOL EB . 28.50 73.90 5.15
C2 GOL EB . 26.69 72.40 5.59
O2 GOL EB . 26.05 73.52 5.02
C3 GOL EB . 26.06 72.10 6.94
O3 GOL EB . 25.44 73.27 7.41
CL CL FB . 20.90 74.06 3.36
CL CL GB . 3.66 60.01 25.89
N MSE A 7 12.76 -38.01 -20.09
CA MSE A 7 13.57 -38.23 -21.28
C MSE A 7 12.90 -37.63 -22.51
O MSE A 7 11.88 -38.12 -22.88
CB MSE A 7 13.68 -39.71 -21.59
CG MSE A 7 13.65 -40.68 -20.40
SE MSE A 7 13.55 -42.51 -21.08
CE MSE A 7 15.02 -42.35 -21.56
N ARG A 8 13.49 -36.64 -23.17
CA ARG A 8 12.93 -36.04 -24.41
C ARG A 8 11.40 -35.74 -24.36
N PHE A 9 11.04 -34.46 -24.22
CA PHE A 9 9.64 -34.02 -24.11
C PHE A 9 8.51 -35.08 -24.10
N GLY A 10 8.30 -35.76 -25.24
CA GLY A 10 7.17 -36.67 -25.43
C GLY A 10 7.09 -37.87 -24.48
N THR A 11 8.21 -38.25 -23.90
CA THR A 11 8.20 -39.27 -22.85
C THR A 11 7.81 -38.63 -21.52
N ARG A 12 8.28 -37.41 -21.29
CA ARG A 12 7.86 -36.63 -20.12
C ARG A 12 6.34 -36.52 -20.03
N LEU A 13 5.67 -36.42 -21.17
CA LEU A 13 4.20 -36.30 -21.15
C LEU A 13 3.54 -37.56 -20.58
N VAL A 14 4.07 -38.72 -20.91
CA VAL A 14 3.43 -39.96 -20.50
C VAL A 14 3.80 -40.39 -19.07
N HIS A 15 5.07 -40.19 -18.72
CA HIS A 15 5.59 -40.73 -17.47
C HIS A 15 5.96 -39.72 -16.39
N GLY A 16 5.94 -38.44 -16.76
CA GLY A 16 6.14 -37.37 -15.80
C GLY A 16 5.13 -37.51 -14.68
N GLY A 17 5.63 -37.55 -13.45
CA GLY A 17 4.78 -37.70 -12.29
C GLY A 17 4.05 -39.02 -12.13
N ARG A 18 4.41 -40.05 -12.90
CA ARG A 18 3.59 -41.24 -12.87
C ARG A 18 4.09 -42.16 -11.75
N ARG A 19 3.63 -41.89 -10.52
CA ARG A 19 4.25 -42.48 -9.34
C ARG A 19 3.82 -43.96 -9.18
N PRO A 20 4.76 -44.83 -8.78
CA PRO A 20 4.39 -46.22 -8.46
C PRO A 20 3.56 -46.26 -7.18
N SER A 21 2.25 -46.39 -7.33
CA SER A 21 1.38 -46.65 -6.20
C SER A 21 1.70 -48.05 -5.75
N ALA A 22 2.53 -48.16 -4.71
CA ALA A 22 3.11 -49.44 -4.29
C ALA A 22 2.09 -50.54 -4.08
N GLY A 23 2.57 -51.77 -4.00
CA GLY A 23 1.74 -52.91 -3.67
C GLY A 23 0.92 -53.46 -4.83
N THR A 24 0.17 -52.60 -5.50
CA THR A 24 -0.76 -53.05 -6.54
C THR A 24 -0.20 -52.97 -7.96
N GLY A 25 0.73 -52.05 -8.18
CA GLY A 25 1.40 -51.96 -9.46
C GLY A 25 0.64 -51.17 -10.52
N ASP A 26 -0.40 -50.45 -10.10
CA ASP A 26 -1.16 -49.58 -10.99
C ASP A 26 -0.25 -48.79 -11.90
N VAL A 27 -0.38 -49.01 -13.21
CA VAL A 27 0.32 -48.22 -14.21
C VAL A 27 -0.18 -46.78 -14.19
N VAL A 28 -1.50 -46.61 -14.26
CA VAL A 28 -2.12 -45.30 -14.09
C VAL A 28 -2.41 -45.11 -12.61
N PRO A 29 -1.77 -44.11 -11.98
CA PRO A 29 -1.95 -43.83 -10.55
C PRO A 29 -3.42 -43.65 -10.17
N PRO A 30 -3.84 -44.23 -9.05
CA PRO A 30 -5.22 -44.14 -8.56
C PRO A 30 -5.57 -42.71 -8.18
N ILE A 31 -6.85 -42.37 -8.26
CA ILE A 31 -7.26 -41.00 -8.03
C ILE A 31 -7.50 -40.79 -6.53
N HIS A 32 -6.71 -39.91 -5.93
CA HIS A 32 -6.84 -39.59 -4.51
C HIS A 32 -7.90 -38.53 -4.26
N VAL A 33 -9.08 -38.96 -3.83
CA VAL A 33 -10.19 -38.04 -3.63
C VAL A 33 -10.31 -37.62 -2.16
N SER A 34 -9.63 -38.34 -1.27
CA SER A 34 -9.79 -38.09 0.16
C SER A 34 -9.29 -36.70 0.56
N THR A 35 -10.09 -35.95 1.30
CA THR A 35 -9.63 -34.66 1.86
C THR A 35 -9.01 -34.89 3.22
N THR A 36 -9.23 -36.08 3.78
CA THR A 36 -8.73 -36.33 5.12
C THR A 36 -7.79 -37.55 5.19
N TYR A 37 -6.75 -37.43 5.99
CA TYR A 37 -5.73 -38.49 6.10
C TYR A 37 -5.58 -39.01 7.52
N GLU A 38 -5.57 -40.33 7.64
CA GLU A 38 -5.19 -40.96 8.90
C GLU A 38 -3.72 -40.62 9.13
N ARG A 39 -3.49 -39.89 10.22
CA ARG A 39 -2.14 -39.53 10.58
C ARG A 39 -1.35 -40.79 10.93
N ARG A 40 -1.86 -41.55 11.87
CA ARG A 40 -1.07 -42.63 12.45
C ARG A 40 -0.81 -43.82 11.51
N ALA A 41 -0.70 -43.52 10.22
CA ALA A 41 -0.29 -44.49 9.21
C ALA A 41 1.04 -44.04 8.60
N GLN A 42 1.04 -42.80 8.13
CA GLN A 42 2.22 -42.18 7.50
C GLN A 42 3.48 -42.29 8.34
N ASP A 43 4.55 -42.72 7.68
CA ASP A 43 5.87 -42.89 8.28
C ASP A 43 6.41 -41.60 8.88
N GLU A 44 6.27 -40.51 8.15
CA GLU A 44 6.38 -39.20 8.78
C GLU A 44 5.35 -38.28 8.18
N PRO A 45 4.42 -37.81 8.99
CA PRO A 45 3.29 -36.99 8.58
C PRO A 45 3.64 -35.97 7.47
N ARG A 46 3.07 -36.20 6.28
CA ARG A 46 3.27 -35.39 5.08
C ARG A 46 1.90 -35.11 4.42
N TYR A 47 0.91 -35.91 4.80
CA TYR A 47 -0.46 -35.71 4.33
C TYR A 47 -1.40 -35.56 5.50
N PHE A 48 -2.08 -34.44 5.58
CA PHE A 48 -2.94 -34.13 6.71
C PHE A 48 -4.31 -33.68 6.18
N TYR A 49 -4.29 -32.86 5.14
CA TYR A 49 -5.52 -32.24 4.67
C TYR A 49 -5.46 -31.89 3.17
N GLY A 50 -6.56 -32.13 2.47
CA GLY A 50 -6.61 -31.96 1.03
C GLY A 50 -6.25 -30.58 0.49
N ARG A 51 -6.59 -29.52 1.22
CA ARG A 51 -6.21 -28.19 0.74
C ARG A 51 -4.68 -28.02 0.74
N GLY A 52 -4.02 -28.53 1.77
CA GLY A 52 -2.57 -28.49 1.83
C GLY A 52 -1.89 -29.59 1.01
N GLU A 53 -2.38 -30.83 1.11
CA GLU A 53 -1.68 -31.97 0.51
C GLU A 53 -2.60 -32.95 -0.23
N ASN A 54 -2.14 -33.41 -1.39
CA ASN A 54 -2.87 -34.39 -2.21
C ASN A 54 -1.96 -35.04 -3.27
N PRO A 55 -1.82 -36.37 -3.24
CA PRO A 55 -0.85 -37.00 -4.15
C PRO A 55 -1.24 -36.91 -5.63
N THR A 56 -2.53 -36.87 -5.96
CA THR A 56 -2.94 -36.75 -7.35
C THR A 56 -2.52 -35.40 -7.96
N ARG A 57 -2.69 -34.33 -7.19
CA ARG A 57 -2.26 -33.02 -7.63
C ARG A 57 -0.73 -32.96 -7.72
N GLU A 58 -0.06 -33.59 -6.76
CA GLU A 58 1.41 -33.55 -6.73
C GLU A 58 2.01 -34.24 -7.95
N GLU A 59 1.33 -35.29 -8.42
CA GLU A 59 1.79 -36.00 -9.60
C GLU A 59 1.62 -35.15 -10.86
N LEU A 60 0.53 -34.41 -10.96
CA LEU A 60 0.34 -33.49 -12.07
C LEU A 60 1.41 -32.37 -12.05
N GLU A 61 1.71 -31.86 -10.86
CA GLU A 61 2.72 -30.82 -10.71
C GLU A 61 4.11 -31.32 -11.12
N GLU A 62 4.42 -32.54 -10.71
CA GLU A 62 5.68 -33.17 -11.06
C GLU A 62 5.77 -33.27 -12.59
N CYS A 63 4.68 -33.74 -13.21
CA CYS A 63 4.64 -33.83 -14.66
C CYS A 63 4.93 -32.48 -15.34
N LEU A 64 4.21 -31.43 -14.93
CA LEU A 64 4.38 -30.08 -15.46
C LEU A 64 5.80 -29.53 -15.32
N ALA A 65 6.36 -29.63 -14.11
CA ALA A 65 7.71 -29.20 -13.84
C ALA A 65 8.68 -29.87 -14.80
N GLY A 66 8.53 -31.18 -14.96
CA GLY A 66 9.37 -31.97 -15.85
C GLY A 66 9.37 -31.50 -17.29
N LEU A 67 8.24 -31.00 -17.78
CA LEU A 67 8.16 -30.53 -19.16
C LEU A 67 9.12 -29.37 -19.43
N GLU A 68 9.36 -28.54 -18.42
CA GLU A 68 10.28 -27.41 -18.60
C GLU A 68 11.60 -27.66 -17.84
N ARG A 69 11.79 -28.91 -17.42
CA ARG A 69 12.92 -29.33 -16.59
C ARG A 69 13.20 -28.35 -15.47
N ALA A 70 12.15 -28.03 -14.73
CA ALA A 70 12.19 -27.06 -13.65
C ALA A 70 12.05 -27.79 -12.35
N PRO A 71 12.54 -27.19 -11.26
CA PRO A 71 12.36 -27.92 -10.00
C PRO A 71 10.93 -27.86 -9.46
N PHE A 72 10.15 -26.83 -9.80
CA PHE A 72 8.87 -26.62 -9.13
C PHE A 72 7.67 -26.43 -10.05
N ALA A 73 6.51 -26.84 -9.55
CA ALA A 73 5.23 -26.45 -10.14
C ALA A 73 4.09 -26.52 -9.11
N THR A 74 3.10 -25.66 -9.32
CA THR A 74 1.93 -25.63 -8.46
C THR A 74 0.70 -25.51 -9.37
N VAL A 75 -0.33 -26.31 -9.13
CA VAL A 75 -1.56 -26.13 -9.89
C VAL A 75 -2.66 -25.44 -9.09
N PHE A 76 -3.62 -24.90 -9.84
CA PHE A 76 -4.66 -24.05 -9.30
C PHE A 76 -6.01 -24.38 -9.93
N SER A 77 -7.08 -23.90 -9.30
CA SER A 77 -8.45 -24.06 -9.82
C SER A 77 -8.70 -23.47 -11.22
N SER A 78 -7.82 -22.56 -11.65
CA SER A 78 -7.97 -21.92 -12.96
C SER A 78 -6.70 -21.18 -13.34
N GLY A 79 -6.57 -20.86 -14.63
CA GLY A 79 -5.48 -19.99 -15.06
C GLY A 79 -5.51 -18.66 -14.32
N GLN A 80 -6.70 -18.07 -14.22
CA GLN A 80 -6.84 -16.82 -13.47
C GLN A 80 -6.28 -16.96 -12.04
N ALA A 81 -6.49 -18.11 -11.42
CA ALA A 81 -6.03 -18.32 -10.04
C ALA A 81 -4.51 -18.41 -9.97
N ALA A 82 -3.90 -19.03 -10.96
CA ALA A 82 -2.45 -19.03 -11.10
C ALA A 82 -1.92 -17.60 -11.17
N ALA A 83 -2.52 -16.80 -12.05
CA ALA A 83 -2.14 -15.41 -12.24
C ALA A 83 -2.36 -14.57 -10.97
N ALA A 84 -3.51 -14.77 -10.33
CA ALA A 84 -3.85 -14.04 -9.12
C ALA A 84 -2.84 -14.33 -8.01
N THR A 85 -2.46 -15.59 -7.89
CA THR A 85 -1.50 -16.01 -6.89
C THR A 85 -0.17 -15.34 -7.13
N LEU A 86 0.27 -15.36 -8.38
CA LEU A 86 1.60 -14.90 -8.71
C LEU A 86 1.63 -13.38 -8.50
N LEU A 87 0.53 -12.72 -8.85
CA LEU A 87 0.43 -11.28 -8.67
C LEU A 87 0.25 -10.83 -7.22
N SER A 88 -0.15 -11.75 -6.35
CA SER A 88 -0.39 -11.41 -4.94
C SER A 88 0.92 -11.08 -4.20
N LEU A 89 2.05 -11.42 -4.83
CA LEU A 89 3.35 -11.22 -4.20
C LEU A 89 3.92 -9.82 -4.41
N VAL A 90 3.17 -8.95 -5.08
CA VAL A 90 3.62 -7.59 -5.35
C VAL A 90 3.02 -6.62 -4.33
N ARG A 91 3.85 -5.93 -3.54
CA ARG A 91 3.32 -4.96 -2.57
C ARG A 91 2.71 -3.72 -3.22
N PRO A 92 1.77 -3.07 -2.50
CA PRO A 92 1.22 -1.79 -2.95
C PRO A 92 2.34 -0.80 -3.24
N GLY A 93 2.18 0.02 -4.26
CA GLY A 93 3.18 1.02 -4.58
C GLY A 93 4.26 0.50 -5.50
N GLN A 94 4.39 -0.81 -5.59
CA GLN A 94 5.34 -1.42 -6.50
C GLN A 94 4.75 -1.53 -7.88
N CYS A 95 5.62 -1.65 -8.87
CA CYS A 95 5.16 -1.67 -10.24
C CYS A 95 5.18 -3.04 -10.90
N VAL A 96 4.16 -3.28 -11.73
CA VAL A 96 4.14 -4.41 -12.64
C VAL A 96 4.10 -3.84 -14.05
N VAL A 97 5.05 -4.23 -14.89
CA VAL A 97 5.06 -3.79 -16.28
C VAL A 97 4.48 -4.86 -17.19
N SER A 98 3.54 -4.45 -18.04
CA SER A 98 2.94 -5.33 -19.04
C SER A 98 2.72 -4.55 -20.32
N THR A 99 1.64 -4.84 -21.04
CA THR A 99 1.49 -4.28 -22.39
C THR A 99 0.12 -3.67 -22.68
N ASP A 100 -0.24 -3.68 -23.96
CA ASP A 100 -1.60 -3.35 -24.35
C ASP A 100 -2.44 -4.64 -24.39
N ASP A 101 -1.92 -5.65 -25.07
CA ASP A 101 -2.69 -6.76 -25.61
C ASP A 101 -2.98 -7.91 -24.67
N VAL A 102 -2.42 -7.87 -23.46
CA VAL A 102 -2.61 -8.90 -22.46
C VAL A 102 -4.10 -9.27 -22.32
N TYR A 103 -4.38 -10.54 -22.04
CA TYR A 103 -5.74 -11.05 -21.85
C TYR A 103 -6.57 -10.13 -20.97
N ALA A 104 -7.85 -10.00 -21.26
CA ALA A 104 -8.71 -9.18 -20.41
C ALA A 104 -8.76 -9.72 -18.98
N GLY A 105 -8.65 -11.03 -18.84
CA GLY A 105 -8.63 -11.64 -17.52
C GLY A 105 -7.37 -11.33 -16.73
N THR A 106 -6.28 -11.03 -17.42
CA THR A 106 -5.07 -10.62 -16.73
C THR A 106 -5.19 -9.16 -16.29
N ASP A 107 -5.77 -8.32 -17.14
CA ASP A 107 -5.97 -6.92 -16.77
C ASP A 107 -7.03 -6.79 -15.68
N GLY A 108 -7.97 -7.75 -15.61
CA GLY A 108 -8.93 -7.78 -14.52
C GLY A 108 -8.21 -7.82 -13.17
N LEU A 109 -7.19 -8.67 -13.10
CA LEU A 109 -6.40 -8.83 -11.89
C LEU A 109 -5.47 -7.63 -11.63
N PHE A 110 -4.86 -7.09 -12.70
CA PHE A 110 -4.08 -5.85 -12.58
C PHE A 110 -4.96 -4.73 -12.02
N ASP A 111 -6.23 -4.78 -12.43
CA ASP A 111 -7.24 -3.79 -12.04
C ASP A 111 -7.64 -4.01 -10.57
N LEU A 112 -7.46 -5.24 -10.08
CA LEU A 112 -7.70 -5.53 -8.67
C LEU A 112 -6.52 -5.03 -7.88
N ALA A 113 -5.34 -5.38 -8.37
CA ALA A 113 -4.08 -5.03 -7.74
C ALA A 113 -3.89 -3.52 -7.64
N ALA A 114 -4.26 -2.80 -8.70
CA ALA A 114 -4.13 -1.34 -8.72
C ALA A 114 -4.99 -0.73 -7.62
N ARG A 115 -6.18 -1.31 -7.42
CA ARG A 115 -7.13 -0.85 -6.41
C ARG A 115 -6.60 -1.06 -4.99
N GLN A 116 -5.47 -1.77 -4.88
CA GLN A 116 -4.76 -1.92 -3.62
C GLN A 116 -3.46 -1.11 -3.61
N GLY A 117 -3.20 -0.39 -4.70
CA GLY A 117 -2.01 0.45 -4.78
C GLY A 117 -0.82 -0.16 -5.49
N VAL A 118 -0.98 -1.34 -6.07
CA VAL A 118 0.04 -1.88 -6.96
C VAL A 118 0.04 -1.00 -8.21
N ARG A 119 1.22 -0.54 -8.62
CA ARG A 119 1.29 0.23 -9.86
C ARG A 119 1.43 -0.74 -11.02
N VAL A 120 0.51 -0.69 -11.96
CA VAL A 120 0.60 -1.52 -13.15
C VAL A 120 1.01 -0.60 -14.29
N ARG A 121 2.01 -1.01 -15.05
CA ARG A 121 2.52 -0.14 -16.11
C ARG A 121 2.54 -0.80 -17.49
N TYR A 122 1.59 -0.43 -18.35
CA TYR A 122 1.53 -0.97 -19.70
C TYR A 122 2.66 -0.40 -20.53
N ALA A 123 3.17 -1.19 -21.47
CA ALA A 123 4.37 -0.79 -22.19
C ALA A 123 4.44 -1.29 -23.63
N ASP A 124 5.21 -0.59 -24.45
CA ASP A 124 5.67 -1.17 -25.70
C ASP A 124 6.89 -2.02 -25.37
N LEU A 125 6.73 -3.34 -25.43
CA LEU A 125 7.83 -4.23 -25.09
C LEU A 125 8.48 -4.85 -26.32
N THR A 126 8.27 -4.21 -27.47
CA THR A 126 8.72 -4.76 -28.74
C THR A 126 9.84 -3.90 -29.32
N THR A 127 10.00 -2.70 -28.75
CA THR A 127 11.03 -1.77 -29.20
C THR A 127 12.09 -1.56 -28.12
N PRO A 128 13.34 -1.29 -28.54
CA PRO A 128 14.44 -1.09 -27.60
C PRO A 128 14.12 0.01 -26.59
N GLU A 129 13.76 1.18 -27.12
CA GLU A 129 13.44 2.35 -26.32
C GLU A 129 12.31 2.02 -25.33
N GLY A 130 11.17 1.59 -25.86
CA GLY A 130 10.02 1.17 -25.06
C GLY A 130 10.30 0.19 -23.95
N ILE A 131 11.03 -0.87 -24.27
CA ILE A 131 11.48 -1.81 -23.26
C ILE A 131 12.29 -1.06 -22.21
N ALA A 132 13.21 -0.22 -22.68
CA ALA A 132 14.04 0.63 -21.81
C ALA A 132 13.28 1.81 -21.19
N ALA A 133 12.13 2.16 -21.75
CA ALA A 133 11.27 3.16 -21.11
C ALA A 133 10.37 2.45 -20.08
N ALA A 134 10.09 1.18 -20.33
CA ALA A 134 9.30 0.35 -19.41
C ALA A 134 10.08 -0.01 -18.15
N LEU A 135 11.23 -0.64 -18.35
CA LEU A 135 11.91 -1.30 -17.23
C LEU A 135 12.75 -0.34 -16.41
N ALA A 136 12.74 0.93 -16.83
CA ALA A 136 13.36 2.01 -16.08
C ALA A 136 12.53 2.36 -14.86
N GLU A 137 11.34 1.80 -14.77
CA GLU A 137 10.42 2.06 -13.67
C GLU A 137 11.09 1.74 -12.34
N PRO A 138 10.80 2.54 -11.29
CA PRO A 138 11.31 2.21 -9.97
C PRO A 138 10.43 1.16 -9.29
N ASP A 139 10.99 0.45 -8.32
CA ASP A 139 10.25 -0.60 -7.61
C ASP A 139 9.63 -1.60 -8.56
N LEU A 140 10.37 -1.94 -9.62
CA LEU A 140 9.89 -2.88 -10.61
C LEU A 140 9.84 -4.30 -10.05
N ALA A 141 8.66 -4.71 -9.60
CA ALA A 141 8.49 -6.03 -8.99
C ALA A 141 8.44 -7.17 -10.01
N LEU A 142 7.71 -6.95 -11.09
CA LEU A 142 7.29 -8.03 -11.97
C LEU A 142 7.13 -7.53 -13.41
N VAL A 143 7.74 -8.22 -14.36
CA VAL A 143 7.53 -7.92 -15.77
C VAL A 143 6.68 -9.05 -16.33
N TRP A 144 5.53 -8.71 -16.92
CA TRP A 144 4.52 -9.70 -17.29
C TRP A 144 4.41 -9.79 -18.79
N ILE A 145 4.89 -10.90 -19.35
CA ILE A 145 4.92 -11.08 -20.78
C ILE A 145 3.90 -12.12 -21.24
N GLU A 146 2.98 -11.71 -22.09
CA GLU A 146 2.11 -12.68 -22.75
C GLU A 146 2.57 -12.69 -24.20
N THR A 147 2.97 -13.85 -24.70
CA THR A 147 3.49 -13.96 -26.05
C THR A 147 3.29 -15.37 -26.61
N PRO A 148 2.82 -15.47 -27.86
CA PRO A 148 2.33 -14.37 -28.71
C PRO A 148 1.07 -13.72 -28.11
N THR A 149 0.73 -12.52 -28.59
CA THR A 149 -0.48 -11.85 -28.12
C THR A 149 -1.69 -12.37 -28.87
N ASN A 150 -2.87 -11.92 -28.45
CA ASN A 150 -4.14 -12.43 -28.98
C ASN A 150 -5.11 -11.27 -28.88
N PRO A 151 -5.72 -10.88 -30.01
CA PRO A 151 -5.81 -11.60 -31.29
C PRO A 151 -4.85 -11.18 -32.41
N LEU A 152 -3.94 -10.23 -32.20
CA LEU A 152 -3.09 -9.78 -33.30
C LEU A 152 -1.84 -10.64 -33.48
N LEU A 153 -1.56 -11.48 -32.48
CA LEU A 153 -0.48 -12.47 -32.56
C LEU A 153 0.89 -11.80 -32.66
N THR A 154 1.04 -10.69 -31.95
CA THR A 154 2.36 -10.07 -31.86
C THR A 154 3.20 -10.86 -30.88
N VAL A 155 4.49 -10.55 -30.84
CA VAL A 155 5.43 -11.37 -30.10
C VAL A 155 6.44 -10.51 -29.35
N VAL A 156 6.86 -10.98 -28.18
CA VAL A 156 7.84 -10.29 -27.36
C VAL A 156 9.04 -11.21 -27.15
N ASP A 157 10.25 -10.67 -27.31
CA ASP A 157 11.47 -11.45 -27.12
C ASP A 157 11.69 -11.70 -25.64
N VAL A 158 11.40 -12.93 -25.22
CA VAL A 158 11.52 -13.31 -23.82
C VAL A 158 12.95 -13.15 -23.29
N ALA A 159 13.93 -13.60 -24.08
CA ALA A 159 15.33 -13.51 -23.66
C ALA A 159 15.81 -12.08 -23.46
N GLU A 160 15.55 -11.22 -24.45
CA GLU A 160 15.94 -9.82 -24.37
C GLU A 160 15.29 -9.09 -23.18
N VAL A 161 13.99 -9.24 -23.02
CA VAL A 161 13.31 -8.55 -21.94
C VAL A 161 13.74 -9.09 -20.58
N SER A 162 13.91 -10.42 -20.48
CA SER A 162 14.41 -11.03 -19.24
C SER A 162 15.81 -10.54 -18.88
N ARG A 163 16.65 -10.35 -19.90
CA ARG A 163 18.00 -9.81 -19.71
C ARG A 163 17.92 -8.46 -18.97
N ARG A 164 17.10 -7.55 -19.48
CA ARG A 164 17.01 -6.19 -18.94
C ARG A 164 16.39 -6.22 -17.55
N ALA A 165 15.26 -6.90 -17.43
CA ALA A 165 14.50 -6.91 -16.19
C ALA A 165 15.35 -7.41 -15.03
N HIS A 166 16.17 -8.42 -15.30
CA HIS A 166 17.06 -8.95 -14.28
C HIS A 166 18.12 -7.93 -13.86
N GLU A 167 18.62 -7.17 -14.82
CA GLU A 167 19.57 -6.09 -14.52
C GLU A 167 18.96 -5.18 -13.45
N ARG A 168 17.65 -4.93 -13.58
CA ARG A 168 16.93 -4.12 -12.62
C ARG A 168 16.58 -4.88 -11.33
N GLY A 169 16.38 -6.19 -11.42
CA GLY A 169 15.99 -7.00 -10.28
C GLY A 169 14.53 -7.48 -10.27
N ALA A 170 13.98 -7.74 -11.45
CA ALA A 170 12.57 -8.10 -11.55
C ALA A 170 12.32 -9.57 -11.92
N ARG A 171 11.30 -10.16 -11.31
CA ARG A 171 10.85 -11.49 -11.71
C ARG A 171 10.07 -11.38 -13.01
N VAL A 172 10.45 -12.17 -14.00
CA VAL A 172 9.77 -12.17 -15.30
C VAL A 172 8.89 -13.38 -15.47
N VAL A 173 7.59 -13.15 -15.65
CA VAL A 173 6.65 -14.23 -15.95
C VAL A 173 6.18 -14.17 -17.40
N VAL A 174 6.15 -15.33 -18.05
CA VAL A 174 5.56 -15.45 -19.38
C VAL A 174 4.26 -16.25 -19.29
N ASP A 175 3.15 -15.63 -19.69
CA ASP A 175 1.90 -16.36 -19.85
C ASP A 175 2.09 -17.17 -21.15
N ASN A 176 2.32 -18.46 -20.99
CA ASN A 176 2.72 -19.31 -22.09
C ASN A 176 1.56 -20.19 -22.56
N THR A 177 0.34 -19.80 -22.17
CA THR A 177 -0.86 -20.56 -22.52
C THR A 177 -1.01 -20.77 -24.03
N PHE A 178 -0.97 -19.67 -24.76
CA PHE A 178 -1.02 -19.66 -26.23
C PHE A 178 -0.09 -20.73 -26.86
N ALA A 179 1.18 -20.70 -26.49
CA ALA A 179 2.15 -21.61 -27.11
C ALA A 179 2.15 -23.01 -26.52
N SER A 180 2.05 -23.08 -25.18
CA SER A 180 2.27 -24.30 -24.39
C SER A 180 3.74 -24.72 -24.36
N PRO A 181 4.12 -25.61 -23.42
CA PRO A 181 5.53 -26.01 -23.39
C PRO A 181 6.01 -26.83 -24.60
N VAL A 182 5.12 -27.29 -25.47
CA VAL A 182 5.58 -27.98 -26.69
C VAL A 182 6.33 -27.02 -27.63
N LEU A 183 5.88 -25.77 -27.70
CA LEU A 183 6.41 -24.81 -28.69
C LEU A 183 7.35 -23.75 -28.11
N GLN A 184 7.18 -23.43 -26.83
CA GLN A 184 7.93 -22.34 -26.22
C GLN A 184 8.31 -22.67 -24.77
N GLN A 185 9.55 -22.40 -24.42
CA GLN A 185 10.08 -22.72 -23.09
C GLN A 185 10.60 -21.45 -22.40
N PRO A 186 9.70 -20.74 -21.69
CA PRO A 186 10.03 -19.45 -21.06
C PRO A 186 11.23 -19.54 -20.11
N LEU A 187 11.33 -20.61 -19.33
CA LEU A 187 12.47 -20.75 -18.42
C LEU A 187 13.80 -20.88 -19.18
N ALA A 188 13.82 -21.70 -20.23
CA ALA A 188 15.05 -21.82 -21.01
C ALA A 188 15.42 -20.51 -21.70
N LEU A 189 14.43 -19.65 -21.91
CA LEU A 189 14.64 -18.35 -22.56
C LEU A 189 15.03 -17.23 -21.59
N GLY A 190 14.98 -17.50 -20.29
CA GLY A 190 15.43 -16.52 -19.30
C GLY A 190 14.41 -16.07 -18.25
N ALA A 191 13.14 -16.38 -18.49
CA ALA A 191 12.10 -15.99 -17.53
C ALA A 191 12.20 -16.76 -16.21
N ASP A 192 11.53 -16.26 -15.18
CA ASP A 192 11.49 -16.91 -13.87
C ASP A 192 10.29 -17.83 -13.68
N VAL A 193 9.22 -17.57 -14.44
CA VAL A 193 7.95 -18.27 -14.24
C VAL A 193 7.24 -18.52 -15.57
N SER A 194 6.79 -19.75 -15.78
CA SER A 194 5.81 -20.03 -16.83
C SER A 194 4.43 -20.08 -16.18
N LEU A 195 3.50 -19.31 -16.73
CA LEU A 195 2.12 -19.37 -16.28
C LEU A 195 1.23 -19.98 -17.37
N TYR A 196 0.32 -20.87 -16.96
CA TYR A 196 -0.66 -21.44 -17.88
C TYR A 196 -2.08 -21.42 -17.35
N SER A 197 -3.00 -21.18 -18.26
CA SER A 197 -4.32 -21.72 -18.10
C SER A 197 -4.24 -23.13 -18.65
N THR A 198 -4.29 -24.13 -17.77
CA THR A 198 -4.30 -25.52 -18.24
C THR A 198 -5.65 -25.91 -18.88
N THR A 199 -6.64 -25.02 -18.82
CA THR A 199 -7.91 -25.16 -19.51
C THR A 199 -7.75 -25.33 -21.02
N1 LLP A 200 -4.27 -16.48 -19.97
C2 LLP A 200 -4.48 -16.84 -21.23
C2' LLP A 200 -3.42 -16.55 -22.34
C3 LLP A 200 -5.68 -17.52 -21.57
O3 LLP A 200 -5.87 -17.90 -22.90
C4 LLP A 200 -6.64 -17.80 -20.61
C4' LLP A 200 -8.01 -18.57 -21.02
C5 LLP A 200 -6.42 -17.42 -19.32
C6 LLP A 200 -5.24 -16.76 -18.99
C5' LLP A 200 -7.47 -17.68 -18.20
OP4 LLP A 200 -7.30 -18.88 -17.50
P LLP A 200 -8.60 -19.60 -17.06
OP1 LLP A 200 -8.25 -21.08 -16.95
OP2 LLP A 200 -9.01 -19.06 -15.73
OP3 LLP A 200 -9.68 -19.33 -18.05
N LLP A 200 -6.71 -24.72 -21.58
CA LLP A 200 -6.53 -24.69 -23.05
CB LLP A 200 -5.88 -23.37 -23.45
CG LLP A 200 -6.44 -22.23 -22.58
CD LLP A 200 -7.74 -21.61 -23.13
CE LLP A 200 -8.35 -20.66 -22.08
NZ LLP A 200 -7.86 -19.28 -22.24
C LLP A 200 -5.76 -25.89 -23.58
O LLP A 200 -6.27 -26.99 -23.46
N SER A 201 -4.57 -25.69 -24.11
CA SER A 201 -3.81 -26.76 -24.76
C SER A 201 -3.44 -27.96 -23.83
N ILE A 202 -3.07 -27.69 -22.59
CA ILE A 202 -2.58 -28.74 -21.67
C ILE A 202 -3.58 -29.87 -21.37
N ALA A 203 -4.74 -29.53 -20.80
CA ALA A 203 -5.82 -30.51 -20.67
C ALA A 203 -6.38 -30.85 -22.07
N GLY A 204 -6.67 -29.82 -22.87
CA GLY A 204 -6.87 -30.03 -24.29
C GLY A 204 -8.23 -30.52 -24.81
N HIS A 205 -9.15 -30.89 -23.93
CA HIS A 205 -10.39 -31.55 -24.36
C HIS A 205 -11.63 -30.80 -23.92
N ALA A 206 -11.40 -29.56 -23.48
CA ALA A 206 -12.46 -28.64 -23.12
C ALA A 206 -13.40 -29.24 -22.07
N ASP A 207 -12.85 -30.09 -21.21
CA ASP A 207 -13.66 -30.74 -20.17
C ASP A 207 -13.12 -30.53 -18.74
N VAL A 208 -12.44 -29.41 -18.51
CA VAL A 208 -11.96 -29.06 -17.18
C VAL A 208 -11.37 -27.64 -17.18
N LEU A 209 -11.46 -26.95 -16.04
CA LEU A 209 -10.77 -25.66 -15.86
C LEU A 209 -9.61 -25.82 -14.89
N GLY A 210 -8.47 -25.21 -15.20
CA GLY A 210 -7.34 -25.28 -14.30
C GLY A 210 -6.19 -24.31 -14.62
N GLY A 211 -5.28 -24.14 -13.66
CA GLY A 211 -4.12 -23.29 -13.87
C GLY A 211 -2.85 -23.86 -13.28
N ALA A 212 -1.71 -23.33 -13.73
CA ALA A 212 -0.43 -23.80 -13.26
C ALA A 212 0.62 -22.69 -13.32
N LEU A 213 1.58 -22.77 -12.42
CA LEU A 213 2.80 -21.97 -12.44
C LEU A 213 3.98 -22.94 -12.43
N VAL A 214 4.98 -22.68 -13.27
CA VAL A 214 6.18 -23.49 -13.31
C VAL A 214 7.38 -22.54 -13.17
N TYR A 215 8.36 -22.92 -12.35
CA TYR A 215 9.39 -21.98 -11.92
C TYR A 215 10.52 -22.72 -11.20
N ARG A 216 11.55 -21.98 -10.79
CA ARG A 216 12.74 -22.61 -10.21
C ARG A 216 13.15 -22.10 -8.80
N ASP A 217 12.61 -20.97 -8.37
CA ASP A 217 13.00 -20.42 -7.06
C ASP A 217 12.28 -21.05 -5.87
N ALA A 218 13.05 -21.57 -4.92
CA ALA A 218 12.50 -22.24 -3.74
C ALA A 218 11.67 -21.31 -2.86
N ASP A 219 12.10 -20.06 -2.74
CA ASP A 219 11.40 -19.14 -1.84
C ASP A 219 10.15 -18.60 -2.52
N LEU A 220 10.20 -18.50 -3.85
CA LEU A 220 8.98 -18.28 -4.61
C LEU A 220 8.02 -19.44 -4.35
N HIS A 221 8.56 -20.66 -4.38
CA HIS A 221 7.76 -21.88 -4.13
C HIS A 221 7.03 -21.80 -2.80
N ALA A 222 7.78 -21.49 -1.74
CA ALA A 222 7.17 -21.38 -0.41
C ALA A 222 6.05 -20.33 -0.39
N ALA A 223 6.29 -19.18 -1.01
CA ALA A 223 5.30 -18.12 -1.08
C ALA A 223 4.08 -18.54 -1.91
N VAL A 224 4.31 -19.16 -3.05
CA VAL A 224 3.22 -19.62 -3.91
C VAL A 224 2.36 -20.65 -3.19
N ARG A 225 2.98 -21.59 -2.47
CA ARG A 225 2.20 -22.61 -1.76
C ARG A 225 1.45 -22.03 -0.56
N ALA A 226 2.07 -21.09 0.16
CA ALA A 226 1.40 -20.53 1.33
C ALA A 226 0.12 -19.80 0.93
N TYR A 227 0.17 -19.07 -0.19
CA TYR A 227 -1.00 -18.35 -0.66
C TYR A 227 -2.10 -19.30 -1.13
N ARG A 228 -1.72 -20.33 -1.88
CA ARG A 228 -2.71 -21.29 -2.36
C ARG A 228 -3.41 -21.97 -1.17
N THR A 229 -2.67 -22.23 -0.10
CA THR A 229 -3.26 -22.85 1.08
C THR A 229 -4.29 -21.91 1.71
N THR A 230 -3.93 -20.63 1.76
CA THR A 230 -4.73 -19.64 2.49
C THR A 230 -5.87 -19.10 1.65
N ALA A 231 -5.58 -18.77 0.39
CA ALA A 231 -6.63 -18.33 -0.53
C ALA A 231 -7.54 -19.51 -0.88
N GLY A 232 -6.98 -20.72 -0.86
CA GLY A 232 -7.74 -21.93 -1.13
C GLY A 232 -8.17 -22.11 -2.58
N ASN A 233 -7.36 -21.58 -3.49
CA ASN A 233 -7.65 -21.69 -4.92
C ASN A 233 -7.03 -22.94 -5.53
N VAL A 234 -7.24 -24.08 -4.86
CA VAL A 234 -6.71 -25.37 -5.29
C VAL A 234 -7.69 -26.09 -6.20
N PRO A 235 -7.17 -26.88 -7.16
CA PRO A 235 -8.04 -27.69 -8.02
C PRO A 235 -8.55 -28.98 -7.35
N GLY A 236 -9.55 -29.60 -7.96
CA GLY A 236 -10.04 -30.89 -7.52
C GLY A 236 -9.21 -32.05 -8.05
N ALA A 237 -9.30 -33.19 -7.38
CA ALA A 237 -8.51 -34.37 -7.76
C ALA A 237 -8.94 -34.98 -9.10
N LEU A 238 -10.24 -35.08 -9.33
CA LEU A 238 -10.74 -35.61 -10.59
C LEU A 238 -10.40 -34.60 -11.68
N ASP A 239 -10.40 -33.32 -11.32
CA ASP A 239 -9.96 -32.29 -12.25
C ASP A 239 -8.48 -32.47 -12.64
N CYS A 240 -7.63 -32.64 -11.63
CA CYS A 240 -6.22 -32.94 -11.87
C CYS A 240 -6.04 -34.23 -12.69
N PHE A 241 -6.87 -35.23 -12.42
CA PHE A 241 -6.87 -36.45 -13.25
C PHE A 241 -7.15 -36.12 -14.73
N LEU A 242 -8.19 -35.33 -14.98
CA LEU A 242 -8.52 -34.91 -16.36
C LEU A 242 -7.41 -34.11 -17.05
N VAL A 243 -6.80 -33.17 -16.34
CA VAL A 243 -5.69 -32.41 -16.90
C VAL A 243 -4.51 -33.32 -17.26
N ARG A 244 -4.10 -34.14 -16.28
CA ARG A 244 -3.03 -35.12 -16.45
C ARG A 244 -3.34 -36.05 -17.61
N ARG A 245 -4.58 -36.52 -17.68
CA ARG A 245 -4.98 -37.46 -18.72
C ARG A 245 -4.93 -36.80 -20.10
N GLY A 246 -5.41 -35.56 -20.17
CA GLY A 246 -5.38 -34.81 -21.42
C GLY A 246 -3.96 -34.50 -21.84
N LEU A 247 -3.13 -34.21 -20.84
CA LEU A 247 -1.72 -33.89 -21.03
C LEU A 247 -0.94 -34.98 -21.78
N HIS A 248 -1.39 -36.24 -21.66
CA HIS A 248 -0.74 -37.36 -22.36
C HIS A 248 -0.51 -37.11 -23.86
N THR A 249 -1.49 -36.51 -24.50
CA THR A 249 -1.46 -36.35 -25.96
C THR A 249 -1.10 -34.92 -26.39
N LEU A 250 -0.51 -34.14 -25.49
CA LEU A 250 -0.25 -32.72 -25.74
C LEU A 250 0.57 -32.46 -27.00
N SER A 251 1.73 -33.09 -27.15
CA SER A 251 2.52 -32.76 -28.34
C SER A 251 1.92 -33.36 -29.61
N LEU A 252 1.28 -34.52 -29.47
CA LEU A 252 0.53 -35.09 -30.58
C LEU A 252 -0.55 -34.11 -31.05
N ARG A 253 -1.33 -33.58 -30.13
CA ARG A 253 -2.39 -32.63 -30.47
C ARG A 253 -1.86 -31.32 -31.04
N VAL A 254 -0.91 -30.70 -30.34
CA VAL A 254 -0.36 -29.43 -30.82
C VAL A 254 0.23 -29.56 -32.23
N HIS A 255 1.05 -30.58 -32.48
CA HIS A 255 1.64 -30.73 -33.83
C HIS A 255 0.58 -30.82 -34.94
N ARG A 256 -0.47 -31.60 -34.71
CA ARG A 256 -1.61 -31.64 -35.63
C ARG A 256 -2.25 -30.25 -35.79
N GLN A 257 -2.46 -29.58 -34.66
CA GLN A 257 -3.07 -28.26 -34.66
C GLN A 257 -2.24 -27.28 -35.48
N VAL A 258 -0.92 -27.33 -35.32
CA VAL A 258 -0.02 -26.42 -36.05
C VAL A 258 -0.06 -26.67 -37.56
N ALA A 259 0.06 -27.94 -37.96
CA ALA A 259 0.09 -28.29 -39.37
C ALA A 259 -1.20 -27.85 -40.08
N THR A 260 -2.33 -28.00 -39.40
CA THR A 260 -3.61 -27.55 -39.97
C THR A 260 -3.69 -26.02 -39.99
N ALA A 261 -3.28 -25.36 -38.91
CA ALA A 261 -3.23 -23.89 -38.86
C ALA A 261 -2.47 -23.34 -40.06
N ARG A 262 -1.29 -23.90 -40.30
CA ARG A 262 -0.48 -23.47 -41.42
C ARG A 262 -1.23 -23.69 -42.75
N VAL A 263 -1.92 -24.81 -42.88
CA VAL A 263 -2.78 -25.02 -44.04
C VAL A 263 -3.86 -23.93 -44.17
N LEU A 264 -4.58 -23.68 -43.08
CA LEU A 264 -5.66 -22.68 -43.11
C LEU A 264 -5.17 -21.27 -43.47
N VAL A 265 -3.98 -20.93 -42.99
CA VAL A 265 -3.37 -19.63 -43.32
C VAL A 265 -3.21 -19.45 -44.83
N GLU A 266 -2.73 -20.48 -45.52
CA GLU A 266 -2.49 -20.33 -46.94
C GLU A 266 -3.83 -20.19 -47.69
N ARG A 267 -4.87 -20.90 -47.25
CA ARG A 267 -6.19 -20.68 -47.82
C ARG A 267 -6.77 -19.28 -47.53
N LEU A 268 -6.45 -18.73 -46.36
CA LEU A 268 -6.92 -17.41 -46.00
C LEU A 268 -6.26 -16.33 -46.87
N ARG A 269 -4.97 -16.50 -47.14
CA ARG A 269 -4.25 -15.60 -48.05
C ARG A 269 -4.62 -15.89 -49.50
N ALA A 270 -5.60 -16.76 -49.69
CA ALA A 270 -6.05 -17.11 -51.04
C ALA A 270 -7.47 -16.63 -51.33
N SER A 271 -8.14 -16.13 -50.29
CA SER A 271 -9.51 -15.65 -50.47
C SER A 271 -9.60 -14.13 -50.74
N PRO A 272 -10.40 -13.76 -51.75
CA PRO A 272 -10.63 -12.34 -52.06
C PRO A 272 -11.59 -11.66 -51.08
N VAL A 273 -12.10 -12.38 -50.09
CA VAL A 273 -12.88 -11.71 -49.04
C VAL A 273 -12.09 -11.66 -47.74
N VAL A 274 -10.79 -11.89 -47.84
CA VAL A 274 -9.89 -11.77 -46.71
C VAL A 274 -8.80 -10.74 -47.00
N GLY A 275 -8.55 -9.87 -46.03
CA GLY A 275 -7.48 -8.90 -46.16
C GLY A 275 -6.25 -9.39 -45.41
N ALA A 276 -5.88 -8.63 -44.37
CA ALA A 276 -4.75 -9.00 -43.53
C ALA A 276 -4.94 -10.36 -42.88
N VAL A 277 -3.94 -11.22 -43.04
CA VAL A 277 -3.90 -12.48 -42.34
C VAL A 277 -2.73 -12.45 -41.35
N HIS A 278 -3.00 -12.84 -40.12
CA HIS A 278 -1.98 -12.77 -39.08
C HIS A 278 -1.68 -14.16 -38.55
N TYR A 279 -0.39 -14.46 -38.46
CA TYR A 279 0.09 -15.76 -37.98
C TYR A 279 1.55 -15.61 -37.66
N PRO A 280 1.99 -16.10 -36.49
CA PRO A 280 3.40 -15.98 -36.13
C PRO A 280 4.34 -16.57 -37.18
N GLY A 281 3.93 -17.65 -37.83
CA GLY A 281 4.75 -18.36 -38.80
C GLY A 281 4.98 -17.71 -40.16
N LEU A 282 4.19 -16.69 -40.51
CA LEU A 282 4.34 -16.04 -41.80
C LEU A 282 5.70 -15.38 -41.97
N PRO A 283 6.40 -15.66 -43.07
CA PRO A 283 7.71 -15.04 -43.27
C PRO A 283 7.61 -13.55 -43.59
N GLU A 284 6.49 -12.94 -43.23
CA GLU A 284 6.34 -11.50 -43.33
C GLU A 284 5.89 -10.92 -42.00
N HIS A 285 5.80 -11.76 -40.97
CA HIS A 285 5.52 -11.31 -39.61
C HIS A 285 6.52 -10.21 -39.25
N PRO A 286 6.07 -9.22 -38.47
CA PRO A 286 7.00 -8.14 -38.11
C PRO A 286 8.10 -8.61 -37.16
N GLN A 287 7.80 -9.56 -36.28
CA GLN A 287 8.82 -10.12 -35.39
C GLN A 287 9.36 -11.48 -35.87
N HIS A 288 9.46 -11.67 -37.19
CA HIS A 288 9.78 -12.98 -37.76
C HIS A 288 11.09 -13.58 -37.26
N ALA A 289 12.05 -12.73 -36.91
CA ALA A 289 13.30 -13.22 -36.35
C ALA A 289 13.07 -13.81 -34.97
N VAL A 290 12.37 -13.06 -34.12
CA VAL A 290 12.12 -13.47 -32.75
C VAL A 290 11.28 -14.76 -32.67
N VAL A 291 10.22 -14.85 -33.48
CA VAL A 291 9.40 -16.07 -33.51
C VAL A 291 10.29 -17.29 -33.78
N LYS A 292 11.19 -17.15 -34.75
CA LYS A 292 12.04 -18.25 -35.15
C LYS A 292 13.01 -18.70 -34.04
N ALA A 293 13.46 -17.78 -33.20
CA ALA A 293 14.52 -18.08 -32.23
C ALA A 293 14.00 -18.49 -30.85
N GLN A 294 12.68 -18.48 -30.67
CA GLN A 294 12.16 -18.79 -29.35
C GLN A 294 10.95 -19.75 -29.37
N MSE A 295 10.40 -20.02 -30.55
CA MSE A 295 9.28 -20.94 -30.67
C MSE A 295 9.55 -22.07 -31.69
O MSE A 295 9.79 -21.79 -32.88
CB MSE A 295 7.99 -20.19 -31.04
CG MSE A 295 7.84 -18.84 -30.38
SE MSE A 295 6.19 -18.01 -30.95
CE MSE A 295 4.97 -19.48 -30.56
N SER A 296 9.51 -23.31 -31.25
CA SER A 296 9.85 -24.41 -32.16
C SER A 296 8.86 -24.55 -33.32
N ALA A 297 7.63 -24.07 -33.11
CA ALA A 297 6.62 -23.99 -34.15
C ALA A 297 5.66 -22.80 -33.87
N PRO A 298 4.97 -22.30 -34.90
CA PRO A 298 4.33 -21.01 -34.64
C PRO A 298 2.87 -21.00 -34.15
N GLY A 299 2.39 -22.13 -33.61
CA GLY A 299 1.13 -22.13 -32.90
C GLY A 299 -0.11 -22.53 -33.71
N ALA A 300 -1.26 -22.50 -33.03
CA ALA A 300 -2.50 -23.01 -33.60
C ALA A 300 -3.57 -21.94 -33.68
N ILE A 301 -3.19 -20.69 -33.45
CA ILE A 301 -4.14 -19.59 -33.54
C ILE A 301 -3.88 -18.80 -34.80
N VAL A 302 -4.94 -18.50 -35.53
CA VAL A 302 -4.85 -17.71 -36.74
C VAL A 302 -5.84 -16.56 -36.63
N SER A 303 -5.46 -15.39 -37.13
CA SER A 303 -6.36 -14.26 -37.21
C SER A 303 -6.37 -13.68 -38.61
N PHE A 304 -7.51 -13.12 -39.00
CA PHE A 304 -7.65 -12.46 -40.29
C PHE A 304 -8.77 -11.43 -40.28
N ASP A 305 -8.67 -10.44 -41.16
CA ASP A 305 -9.74 -9.48 -41.36
C ASP A 305 -10.65 -9.96 -42.47
N TYR A 306 -11.95 -10.02 -42.19
CA TYR A 306 -12.94 -10.49 -43.15
C TYR A 306 -13.54 -9.30 -43.88
N LEU A 307 -13.63 -9.37 -45.20
CA LEU A 307 -14.11 -8.26 -46.02
C LEU A 307 -15.44 -8.53 -46.72
N GLY A 308 -16.03 -9.70 -46.49
CA GLY A 308 -17.19 -10.10 -47.27
C GLY A 308 -18.54 -9.56 -46.82
N GLY A 309 -18.56 -8.95 -45.63
CA GLY A 309 -19.79 -8.43 -45.08
C GLY A 309 -19.78 -8.57 -43.57
N PRO A 310 -20.96 -8.45 -42.94
CA PRO A 310 -21.07 -8.43 -41.48
C PRO A 310 -20.51 -9.69 -40.85
N ALA A 311 -19.59 -9.50 -39.90
CA ALA A 311 -18.89 -10.60 -39.27
C ALA A 311 -19.84 -11.64 -38.67
N GLU A 312 -20.93 -11.18 -38.06
CA GLU A 312 -21.93 -12.06 -37.48
C GLU A 312 -22.54 -13.03 -38.51
N ARG A 313 -22.73 -12.54 -39.74
CA ARG A 313 -23.19 -13.42 -40.79
C ARG A 313 -22.14 -14.48 -41.15
N LEU A 314 -20.88 -14.08 -41.20
CA LEU A 314 -19.80 -15.05 -41.39
C LEU A 314 -19.83 -16.14 -40.31
N LEU A 315 -20.00 -15.72 -39.06
CA LEU A 315 -20.05 -16.66 -37.95
C LEU A 315 -21.24 -17.63 -38.08
N ASP A 316 -22.35 -17.13 -38.63
CA ASP A 316 -23.54 -17.94 -38.84
C ASP A 316 -23.39 -18.99 -39.96
N ARG A 317 -22.31 -18.91 -40.74
CA ARG A 317 -22.13 -19.86 -41.86
C ARG A 317 -21.17 -21.05 -41.61
N PHE A 318 -20.44 -21.03 -40.51
CA PHE A 318 -19.63 -22.21 -40.17
C PHE A 318 -20.54 -23.37 -39.77
N THR A 319 -20.22 -24.58 -40.25
CA THR A 319 -20.96 -25.76 -39.81
C THR A 319 -20.05 -26.83 -39.21
N LEU A 320 -18.76 -26.55 -39.07
CA LEU A 320 -17.83 -27.46 -38.40
C LEU A 320 -17.11 -26.75 -37.26
N PHE A 321 -16.44 -25.63 -37.57
CA PHE A 321 -15.94 -24.74 -36.52
C PHE A 321 -17.11 -24.41 -35.58
N THR A 322 -16.84 -24.39 -34.28
CA THR A 322 -17.86 -23.98 -33.30
C THR A 322 -17.67 -22.50 -32.92
N CYS A 323 -18.77 -21.76 -32.86
CA CYS A 323 -18.69 -20.36 -32.50
C CYS A 323 -18.70 -20.20 -30.98
N GLY A 324 -17.52 -19.99 -30.40
CA GLY A 324 -17.38 -19.81 -28.98
C GLY A 324 -16.06 -19.18 -28.61
N VAL A 325 -15.98 -18.61 -27.41
CA VAL A 325 -14.70 -18.17 -26.89
C VAL A 325 -14.05 -19.41 -26.36
N SER A 326 -12.73 -19.31 -26.16
CA SER A 326 -11.80 -20.35 -25.74
C SER A 326 -10.88 -20.70 -26.90
N LEU A 327 -9.96 -21.65 -26.67
CA LEU A 327 -8.97 -22.04 -27.69
C LEU A 327 -8.13 -23.23 -27.24
N GLY A 328 -7.39 -23.84 -28.16
CA GLY A 328 -6.44 -24.87 -27.84
C GLY A 328 -6.95 -26.30 -27.76
N GLY A 329 -8.27 -26.46 -27.73
CA GLY A 329 -8.87 -27.77 -27.56
C GLY A 329 -8.90 -28.63 -28.81
N VAL A 330 -9.35 -29.88 -28.66
CA VAL A 330 -9.56 -30.77 -29.80
C VAL A 330 -10.61 -30.24 -30.80
N HIS A 331 -11.61 -29.49 -30.32
CA HIS A 331 -12.59 -28.87 -31.23
C HIS A 331 -12.15 -27.50 -31.73
N SER A 332 -12.17 -27.29 -33.05
CA SER A 332 -11.87 -25.98 -33.61
C SER A 332 -12.90 -24.96 -33.21
N LEU A 333 -12.45 -23.76 -32.84
CA LEU A 333 -13.34 -22.69 -32.43
C LEU A 333 -13.11 -21.47 -33.32
N VAL A 334 -14.18 -20.73 -33.55
CA VAL A 334 -14.07 -19.44 -34.22
C VAL A 334 -14.78 -18.46 -33.31
N GLU A 335 -14.28 -17.23 -33.25
CA GLU A 335 -15.10 -16.15 -32.71
C GLU A 335 -14.65 -14.81 -33.23
N CYS A 336 -15.48 -13.80 -33.09
CA CYS A 336 -15.15 -12.46 -33.56
C CYS A 336 -14.94 -11.61 -32.33
N PRO A 337 -13.67 -11.37 -31.95
CA PRO A 337 -13.34 -10.61 -30.76
C PRO A 337 -14.18 -9.32 -30.57
N ALA A 338 -14.47 -8.58 -31.64
CA ALA A 338 -15.12 -7.28 -31.55
C ALA A 338 -16.65 -7.32 -31.36
N LEU A 339 -17.22 -8.53 -31.45
CA LEU A 339 -18.62 -8.79 -31.09
C LEU A 339 -18.69 -9.70 -29.87
N MSE A 340 -17.54 -10.10 -29.32
CA MSE A 340 -17.58 -11.03 -28.18
C MSE A 340 -16.64 -10.60 -27.03
O MSE A 340 -16.92 -9.62 -26.35
CB MSE A 340 -17.39 -12.50 -28.65
CG MSE A 340 -17.16 -13.54 -27.54
SE MSE A 340 -18.59 -14.70 -26.91
CE MSE A 340 -19.54 -14.79 -28.44
N THR A 341 -15.54 -11.32 -26.85
CA THR A 341 -14.61 -11.17 -25.74
C THR A 341 -14.21 -9.72 -25.59
N HIS A 342 -14.05 -9.07 -26.75
CA HIS A 342 -13.41 -7.79 -26.83
C HIS A 342 -14.43 -6.68 -27.02
N ARG A 343 -15.71 -7.08 -27.03
CA ARG A 343 -16.84 -6.15 -26.96
C ARG A 343 -16.96 -5.39 -25.62
N PRO A 344 -16.54 -6.00 -24.49
CA PRO A 344 -16.40 -5.15 -23.30
C PRO A 344 -15.22 -4.16 -23.31
N LEU A 345 -14.71 -3.83 -24.50
CA LEU A 345 -13.88 -2.64 -24.72
C LEU A 345 -14.79 -1.62 -25.42
N SER A 346 -14.31 -0.40 -25.60
CA SER A 346 -15.13 0.62 -26.25
C SER A 346 -14.96 0.59 -27.78
N ALA A 347 -15.79 1.37 -28.47
CA ALA A 347 -15.69 1.45 -29.94
C ALA A 347 -14.37 2.08 -30.34
N GLU A 348 -13.96 3.10 -29.61
CA GLU A 348 -12.70 3.78 -29.86
C GLU A 348 -11.51 2.93 -29.47
N ALA A 349 -11.63 2.22 -28.34
CA ALA A 349 -10.49 1.50 -27.74
C ALA A 349 -10.11 0.21 -28.47
N ARG A 350 -11.06 -0.34 -29.22
CA ARG A 350 -10.77 -1.55 -29.97
C ARG A 350 -9.91 -1.25 -31.20
N ALA A 351 -10.32 -0.26 -31.97
CA ALA A 351 -9.60 0.18 -33.14
C ALA A 351 -8.25 0.75 -32.70
N ARG A 352 -8.28 1.50 -31.60
CA ARG A 352 -7.05 2.05 -31.01
C ARG A 352 -6.11 0.89 -30.73
N ARG A 353 -6.70 -0.28 -30.53
CA ARG A 353 -5.95 -1.47 -30.22
C ARG A 353 -5.78 -2.36 -31.45
N GLY A 354 -6.24 -1.87 -32.60
CA GLY A 354 -6.05 -2.55 -33.87
C GLY A 354 -7.07 -3.63 -34.12
N ILE A 355 -7.87 -3.93 -33.11
CA ILE A 355 -8.91 -4.94 -33.22
C ILE A 355 -10.10 -4.37 -34.02
N GLY A 356 -10.12 -4.67 -35.31
CA GLY A 356 -11.17 -4.19 -36.19
C GLY A 356 -12.47 -4.93 -36.00
N GLU A 357 -13.54 -4.39 -36.56
CA GLU A 357 -14.87 -4.92 -36.34
C GLU A 357 -15.09 -6.28 -37.01
N SER A 358 -14.34 -6.54 -38.08
CA SER A 358 -14.45 -7.82 -38.78
C SER A 358 -13.21 -8.70 -38.63
N LEU A 359 -12.38 -8.41 -37.63
CA LEU A 359 -11.24 -9.28 -37.34
C LEU A 359 -11.74 -10.62 -36.78
N ILE A 360 -11.47 -11.69 -37.52
CA ILE A 360 -11.91 -13.02 -37.14
C ILE A 360 -10.76 -13.86 -36.58
N ARG A 361 -11.04 -14.64 -35.53
CA ARG A 361 -10.01 -15.44 -34.87
C ARG A 361 -10.32 -16.94 -34.88
N LEU A 362 -9.35 -17.74 -35.32
CA LEU A 362 -9.50 -19.19 -35.36
C LEU A 362 -8.57 -19.88 -34.37
N SER A 363 -9.10 -20.85 -33.64
CA SER A 363 -8.31 -21.75 -32.81
C SER A 363 -8.35 -23.15 -33.42
N VAL A 364 -7.26 -23.56 -34.05
CA VAL A 364 -7.27 -24.82 -34.77
C VAL A 364 -7.35 -26.03 -33.84
N GLY A 365 -8.32 -26.91 -34.08
CA GLY A 365 -8.45 -28.17 -33.35
C GLY A 365 -7.78 -29.31 -34.09
N ILE A 366 -8.20 -30.55 -33.82
CA ILE A 366 -7.54 -31.71 -34.43
C ILE A 366 -8.36 -32.41 -35.51
N GLU A 367 -9.45 -31.79 -35.94
CA GLU A 367 -10.29 -32.32 -37.02
C GLU A 367 -9.47 -32.45 -38.31
N ASP A 368 -9.96 -33.24 -39.27
CA ASP A 368 -9.28 -33.38 -40.54
C ASP A 368 -9.09 -32.02 -41.25
N PRO A 369 -7.87 -31.75 -41.75
CA PRO A 369 -7.57 -30.41 -42.29
C PRO A 369 -8.39 -29.99 -43.52
N GLN A 370 -8.69 -30.91 -44.45
CA GLN A 370 -9.57 -30.51 -45.55
C GLN A 370 -10.97 -30.18 -45.06
N ASP A 371 -11.44 -30.95 -44.09
CA ASP A 371 -12.75 -30.67 -43.49
C ASP A 371 -12.77 -29.25 -42.95
N LEU A 372 -11.74 -28.86 -42.18
CA LEU A 372 -11.69 -27.49 -41.66
C LEU A 372 -11.52 -26.46 -42.78
N ALA A 373 -10.67 -26.77 -43.76
CA ALA A 373 -10.44 -25.87 -44.89
C ALA A 373 -11.72 -25.66 -45.71
N GLU A 374 -12.45 -26.73 -45.96
CA GLU A 374 -13.69 -26.62 -46.72
C GLU A 374 -14.79 -25.89 -45.92
N ASP A 375 -14.85 -26.10 -44.61
CA ASP A 375 -15.81 -25.34 -43.78
C ASP A 375 -15.48 -23.85 -43.83
N LEU A 376 -14.19 -23.54 -43.78
CA LEU A 376 -13.72 -22.16 -43.86
C LEU A 376 -14.07 -21.50 -45.20
N SER A 377 -13.83 -22.19 -46.31
CA SER A 377 -14.16 -21.66 -47.62
C SER A 377 -15.67 -21.43 -47.74
N ARG A 378 -16.43 -22.45 -47.38
CA ARG A 378 -17.90 -22.41 -47.33
C ARG A 378 -18.37 -21.15 -46.62
N ALA A 379 -17.90 -20.98 -45.39
CA ALA A 379 -18.25 -19.81 -44.59
C ALA A 379 -17.82 -18.50 -45.26
N LEU A 380 -16.58 -18.44 -45.73
CA LEU A 380 -16.07 -17.22 -46.35
C LEU A 380 -16.86 -16.79 -47.59
N ALA A 381 -17.31 -17.77 -48.36
CA ALA A 381 -18.02 -17.50 -49.62
C ALA A 381 -17.28 -16.51 -50.52
N GLY A 382 -15.96 -16.56 -50.47
CA GLY A 382 -15.12 -15.72 -51.31
C GLY A 382 -15.14 -16.13 -52.77
N GLY B 6 -39.95 -22.83 -2.42
CA GLY B 6 -41.23 -22.76 -1.74
C GLY B 6 -41.69 -24.02 -1.02
N MSE B 7 -40.95 -25.12 -1.11
CA MSE B 7 -41.41 -26.37 -0.49
C MSE B 7 -40.38 -26.90 0.58
O MSE B 7 -39.25 -26.39 0.63
CB MSE B 7 -41.95 -27.34 -1.59
CG MSE B 7 -43.42 -26.87 -2.07
SE MSE B 7 -44.51 -27.17 -3.80
CE MSE B 7 -44.02 -29.10 -3.90
N ARG B 8 -40.77 -27.82 1.48
CA ARG B 8 -40.00 -28.11 2.74
C ARG B 8 -38.48 -28.49 2.65
N PHE B 9 -37.78 -28.56 3.80
CA PHE B 9 -36.29 -28.62 3.85
C PHE B 9 -35.62 -29.94 3.45
N GLY B 10 -36.06 -31.04 4.07
CA GLY B 10 -35.54 -32.35 3.68
C GLY B 10 -35.88 -32.60 2.22
N THR B 11 -37.03 -32.10 1.79
CA THR B 11 -37.42 -32.09 0.40
C THR B 11 -36.47 -31.19 -0.41
N ARG B 12 -36.09 -30.06 0.17
CA ARG B 12 -35.17 -29.12 -0.46
C ARG B 12 -33.78 -29.69 -0.67
N LEU B 13 -33.35 -30.59 0.20
CA LEU B 13 -32.06 -31.23 0.03
C LEU B 13 -32.07 -32.05 -1.24
N VAL B 14 -33.17 -32.77 -1.47
CA VAL B 14 -33.27 -33.68 -2.60
C VAL B 14 -33.61 -32.99 -3.92
N HIS B 15 -34.52 -32.02 -3.88
CA HIS B 15 -35.05 -31.43 -5.12
C HIS B 15 -34.60 -29.99 -5.41
N GLY B 16 -34.01 -29.33 -4.41
CA GLY B 16 -33.57 -27.96 -4.60
C GLY B 16 -32.61 -27.89 -5.76
N GLY B 17 -32.85 -26.98 -6.71
CA GLY B 17 -32.00 -26.89 -7.88
C GLY B 17 -31.89 -28.17 -8.69
N ARG B 18 -32.80 -29.12 -8.47
CA ARG B 18 -32.72 -30.38 -9.20
C ARG B 18 -33.15 -30.07 -10.62
N ARG B 19 -32.28 -29.38 -11.37
CA ARG B 19 -32.70 -28.59 -12.52
C ARG B 19 -32.97 -29.39 -13.78
N PRO B 20 -34.16 -29.94 -13.87
CA PRO B 20 -34.53 -30.92 -14.91
C PRO B 20 -33.56 -31.40 -15.90
N SER B 21 -34.01 -31.19 -17.13
CA SER B 21 -33.47 -31.82 -18.33
C SER B 21 -34.65 -31.97 -19.24
N ALA B 22 -34.89 -30.92 -20.00
CA ALA B 22 -35.89 -30.92 -21.03
C ALA B 22 -35.45 -31.94 -22.05
N GLY B 23 -36.41 -32.48 -22.80
CA GLY B 23 -36.08 -33.47 -23.78
C GLY B 23 -35.87 -34.83 -23.14
N THR B 24 -34.76 -35.01 -22.42
CA THR B 24 -34.38 -36.35 -21.97
C THR B 24 -34.96 -36.76 -20.61
N GLY B 25 -35.39 -35.79 -19.83
CA GLY B 25 -36.12 -36.06 -18.61
C GLY B 25 -35.31 -36.66 -17.47
N ASP B 26 -33.98 -36.54 -17.55
CA ASP B 26 -33.08 -37.05 -16.52
C ASP B 26 -33.57 -36.64 -15.15
N VAL B 27 -33.75 -37.60 -14.25
CA VAL B 27 -34.09 -37.27 -12.87
C VAL B 27 -32.90 -36.61 -12.16
N VAL B 28 -31.76 -37.30 -12.18
CA VAL B 28 -30.52 -36.68 -11.71
C VAL B 28 -29.97 -35.85 -12.87
N PRO B 29 -29.72 -34.56 -12.64
CA PRO B 29 -29.25 -33.74 -13.76
C PRO B 29 -27.86 -34.20 -14.24
N PRO B 30 -27.66 -34.20 -15.56
CA PRO B 30 -26.39 -34.68 -16.14
C PRO B 30 -25.24 -33.76 -15.73
N ILE B 31 -24.02 -34.26 -15.82
CA ILE B 31 -22.87 -33.51 -15.32
C ILE B 31 -22.27 -32.64 -16.44
N HIS B 32 -22.35 -31.32 -16.28
CA HIS B 32 -21.85 -30.40 -17.31
C HIS B 32 -20.36 -30.14 -17.12
N VAL B 33 -19.54 -30.80 -17.93
CA VAL B 33 -18.10 -30.65 -17.81
C VAL B 33 -17.52 -29.70 -18.84
N SER B 34 -18.30 -29.37 -19.86
CA SER B 34 -17.79 -28.52 -20.95
C SER B 34 -17.32 -27.16 -20.41
N THR B 35 -16.16 -26.70 -20.90
CA THR B 35 -15.69 -25.36 -20.56
C THR B 35 -16.21 -24.32 -21.53
N THR B 36 -16.50 -24.70 -22.76
CA THR B 36 -17.04 -23.69 -23.65
C THR B 36 -18.37 -24.08 -24.27
N TYR B 37 -18.97 -23.10 -24.93
CA TYR B 37 -20.35 -23.19 -25.36
C TYR B 37 -20.50 -22.59 -26.75
N GLU B 38 -21.31 -23.26 -27.58
CA GLU B 38 -21.72 -22.69 -28.84
C GLU B 38 -22.69 -21.54 -28.54
N ARG B 39 -22.46 -20.42 -29.20
CA ARG B 39 -23.22 -19.21 -28.99
C ARG B 39 -24.54 -19.18 -29.82
N ARG B 40 -24.57 -19.88 -30.95
CA ARG B 40 -25.79 -19.94 -31.77
C ARG B 40 -26.81 -21.01 -31.30
N ALA B 41 -26.50 -21.75 -30.23
CA ALA B 41 -27.32 -22.93 -29.86
C ALA B 41 -28.42 -22.71 -28.81
N GLN B 42 -28.35 -21.63 -28.04
CA GLN B 42 -29.21 -21.47 -26.89
C GLN B 42 -30.34 -20.51 -27.26
N ASP B 43 -31.31 -20.30 -26.38
CA ASP B 43 -32.43 -19.42 -26.70
C ASP B 43 -32.10 -17.93 -26.56
N GLU B 44 -31.89 -17.48 -25.32
CA GLU B 44 -31.30 -16.19 -25.01
C GLU B 44 -29.93 -16.41 -24.33
N PRO B 45 -28.86 -16.41 -25.15
CA PRO B 45 -27.49 -16.74 -24.75
C PRO B 45 -27.13 -16.29 -23.32
N ARG B 46 -26.83 -17.28 -22.49
CA ARG B 46 -26.46 -17.09 -21.09
C ARG B 46 -25.12 -17.79 -20.72
N TYR B 47 -24.72 -18.79 -21.50
CA TYR B 47 -23.48 -19.52 -21.21
C TYR B 47 -22.37 -19.21 -22.21
N PHE B 48 -21.23 -18.77 -21.68
CA PHE B 48 -20.09 -18.36 -22.49
C PHE B 48 -18.90 -19.31 -22.25
N TYR B 49 -18.47 -19.36 -21.01
CA TYR B 49 -17.19 -19.95 -20.65
C TYR B 49 -17.27 -20.45 -19.22
N GLY B 50 -16.68 -21.62 -19.01
CA GLY B 50 -16.84 -22.37 -17.78
C GLY B 50 -16.55 -21.64 -16.49
N ARG B 51 -15.52 -20.79 -16.49
CA ARG B 51 -15.20 -20.03 -15.28
C ARG B 51 -16.35 -19.09 -14.93
N GLY B 52 -17.01 -18.55 -15.95
CA GLY B 52 -18.11 -17.61 -15.72
C GLY B 52 -19.43 -18.29 -15.42
N GLU B 53 -19.68 -19.43 -16.07
CA GLU B 53 -20.95 -20.14 -15.91
C GLU B 53 -20.79 -21.65 -15.96
N ASN B 54 -21.72 -22.34 -15.31
CA ASN B 54 -21.84 -23.79 -15.43
C ASN B 54 -23.15 -24.23 -14.79
N PRO B 55 -24.01 -24.90 -15.57
CA PRO B 55 -25.33 -25.29 -15.08
C PRO B 55 -25.26 -26.18 -13.84
N THR B 56 -24.39 -27.18 -13.85
CA THR B 56 -24.18 -28.05 -12.69
C THR B 56 -23.82 -27.21 -11.44
N ARG B 57 -22.87 -26.31 -11.60
CA ARG B 57 -22.47 -25.45 -10.50
C ARG B 57 -23.66 -24.60 -10.01
N GLU B 58 -24.41 -24.05 -10.95
CA GLU B 58 -25.58 -23.25 -10.60
C GLU B 58 -26.66 -24.08 -9.91
N GLU B 59 -26.75 -25.36 -10.29
CA GLU B 59 -27.68 -26.28 -9.63
C GLU B 59 -27.36 -26.42 -8.15
N LEU B 60 -26.08 -26.54 -7.83
CA LEU B 60 -25.66 -26.63 -6.44
C LEU B 60 -25.99 -25.32 -5.70
N GLU B 61 -25.71 -24.21 -6.37
CA GLU B 61 -26.01 -22.88 -5.81
C GLU B 61 -27.50 -22.72 -5.46
N GLU B 62 -28.37 -23.18 -6.35
CA GLU B 62 -29.81 -23.07 -6.11
C GLU B 62 -30.19 -23.89 -4.89
N CYS B 63 -29.64 -25.10 -4.81
CA CYS B 63 -29.90 -25.96 -3.66
C CYS B 63 -29.55 -25.25 -2.36
N LEU B 64 -28.32 -24.76 -2.28
CA LEU B 64 -27.77 -24.16 -1.07
C LEU B 64 -28.56 -22.92 -0.66
N ALA B 65 -28.91 -22.11 -1.66
CA ALA B 65 -29.72 -20.93 -1.43
C ALA B 65 -31.07 -21.34 -0.85
N GLY B 66 -31.66 -22.37 -1.44
CA GLY B 66 -32.95 -22.88 -1.03
C GLY B 66 -32.98 -23.34 0.41
N LEU B 67 -31.87 -23.93 0.88
CA LEU B 67 -31.76 -24.38 2.27
C LEU B 67 -32.01 -23.25 3.27
N GLU B 68 -31.75 -22.01 2.85
CA GLU B 68 -31.92 -20.86 3.74
C GLU B 68 -32.98 -19.84 3.26
N ARG B 69 -33.81 -20.26 2.30
CA ARG B 69 -34.85 -19.40 1.70
C ARG B 69 -34.28 -18.06 1.25
N ALA B 70 -33.06 -18.09 0.72
CA ALA B 70 -32.34 -16.90 0.30
C ALA B 70 -32.35 -16.82 -1.23
N PRO B 71 -32.14 -15.62 -1.78
CA PRO B 71 -32.14 -15.47 -3.24
C PRO B 71 -30.85 -15.93 -3.92
N PHE B 72 -29.72 -15.82 -3.23
CA PHE B 72 -28.43 -16.10 -3.87
C PHE B 72 -27.52 -17.07 -3.11
N ALA B 73 -26.72 -17.82 -3.87
CA ALA B 73 -25.55 -18.49 -3.32
C ALA B 73 -24.43 -18.45 -4.35
N THR B 74 -23.21 -18.67 -3.87
CA THR B 74 -22.07 -18.76 -4.75
C THR B 74 -21.12 -19.81 -4.18
N VAL B 75 -20.69 -20.76 -5.00
CA VAL B 75 -19.75 -21.77 -4.54
C VAL B 75 -18.34 -21.53 -5.05
N PHE B 76 -17.38 -22.07 -4.31
CA PHE B 76 -15.96 -21.85 -4.55
C PHE B 76 -15.20 -23.16 -4.42
N SER B 77 -13.95 -23.16 -4.89
CA SER B 77 -13.08 -24.33 -4.81
C SER B 77 -12.79 -24.79 -3.36
N SER B 78 -13.04 -23.93 -2.37
CA SER B 78 -12.76 -24.27 -0.97
C SER B 78 -13.47 -23.31 0.00
N GLY B 79 -13.59 -23.70 1.27
CA GLY B 79 -14.09 -22.81 2.31
C GLY B 79 -13.25 -21.56 2.45
N GLN B 80 -11.94 -21.74 2.44
CA GLN B 80 -11.01 -20.61 2.45
C GLN B 80 -11.25 -19.63 1.28
N ALA B 81 -11.59 -20.16 0.11
CA ALA B 81 -11.84 -19.31 -1.05
C ALA B 81 -13.12 -18.49 -0.87
N ALA B 82 -14.15 -19.08 -0.28
CA ALA B 82 -15.35 -18.29 0.05
C ALA B 82 -15.00 -17.16 1.03
N ALA B 83 -14.33 -17.51 2.13
CA ALA B 83 -13.90 -16.52 3.11
C ALA B 83 -13.05 -15.41 2.48
N ALA B 84 -12.17 -15.81 1.57
CA ALA B 84 -11.21 -14.87 0.97
C ALA B 84 -11.93 -13.85 0.11
N THR B 85 -12.94 -14.33 -0.61
CA THR B 85 -13.77 -13.51 -1.48
C THR B 85 -14.49 -12.41 -0.68
N LEU B 86 -15.06 -12.76 0.46
CA LEU B 86 -15.77 -11.77 1.27
C LEU B 86 -14.83 -10.70 1.80
N LEU B 87 -13.71 -11.12 2.38
CA LEU B 87 -12.75 -10.20 2.99
C LEU B 87 -12.07 -9.33 1.95
N SER B 88 -12.10 -9.76 0.68
CA SER B 88 -11.56 -8.95 -0.40
C SER B 88 -12.40 -7.69 -0.61
N LEU B 89 -13.66 -7.74 -0.16
CA LEU B 89 -14.54 -6.58 -0.28
C LEU B 89 -14.26 -5.53 0.79
N VAL B 90 -13.52 -5.92 1.82
CA VAL B 90 -13.17 -4.95 2.88
C VAL B 90 -12.03 -4.06 2.40
N ARG B 91 -12.21 -2.75 2.54
CA ARG B 91 -11.26 -1.78 1.99
C ARG B 91 -10.23 -1.30 3.01
N PRO B 92 -8.96 -1.21 2.57
CA PRO B 92 -7.81 -0.73 3.34
C PRO B 92 -8.20 0.37 4.31
N GLY B 93 -7.90 0.18 5.60
CA GLY B 93 -8.22 1.19 6.58
C GLY B 93 -9.52 0.91 7.32
N GLN B 94 -10.43 0.18 6.66
CA GLN B 94 -11.69 -0.19 7.28
C GLN B 94 -11.44 -1.28 8.31
N CYS B 95 -12.33 -1.35 9.30
CA CYS B 95 -12.20 -2.35 10.36
C CYS B 95 -13.09 -3.59 10.14
N VAL B 96 -12.59 -4.73 10.57
CA VAL B 96 -13.39 -5.95 10.64
C VAL B 96 -13.23 -6.51 12.03
N VAL B 97 -14.36 -6.75 12.71
CA VAL B 97 -14.37 -7.33 14.05
C VAL B 97 -14.77 -8.78 14.00
N SER B 98 -14.00 -9.65 14.65
CA SER B 98 -14.34 -11.06 14.60
C SER B 98 -14.11 -11.83 15.88
N THR B 99 -14.45 -13.12 15.82
CA THR B 99 -14.15 -14.02 16.90
C THR B 99 -12.65 -13.91 17.23
N ASP B 100 -12.30 -14.18 18.48
CA ASP B 100 -10.93 -14.03 18.96
C ASP B 100 -10.23 -15.36 18.81
N ASP B 101 -11.00 -16.32 18.28
CA ASP B 101 -10.67 -17.72 18.31
C ASP B 101 -11.00 -18.41 16.97
N VAL B 102 -10.63 -17.79 15.85
CA VAL B 102 -11.06 -18.32 14.55
C VAL B 102 -10.30 -19.54 14.06
N TYR B 103 -10.93 -20.26 13.15
CA TYR B 103 -10.24 -21.18 12.27
C TYR B 103 -9.00 -20.45 11.78
N ALA B 104 -7.82 -21.05 11.96
CA ALA B 104 -6.57 -20.43 11.55
C ALA B 104 -6.55 -20.00 10.06
N GLY B 105 -7.39 -20.64 9.23
CA GLY B 105 -7.54 -20.21 7.85
C GLY B 105 -8.12 -18.80 7.76
N THR B 106 -9.20 -18.57 8.48
CA THR B 106 -9.80 -17.25 8.57
C THR B 106 -8.80 -16.23 9.10
N ASP B 107 -8.14 -16.54 10.22
CA ASP B 107 -7.14 -15.65 10.76
C ASP B 107 -5.94 -15.49 9.81
N GLY B 108 -5.65 -16.51 9.02
CA GLY B 108 -4.64 -16.42 7.99
C GLY B 108 -5.04 -15.32 7.01
N LEU B 109 -6.27 -15.42 6.51
CA LEU B 109 -6.85 -14.39 5.68
C LEU B 109 -6.92 -13.01 6.36
N PHE B 110 -7.20 -12.98 7.66
CA PHE B 110 -7.19 -11.70 8.38
C PHE B 110 -5.85 -10.98 8.26
N ASP B 111 -4.76 -11.74 8.33
CA ASP B 111 -3.43 -11.15 8.20
C ASP B 111 -3.25 -10.52 6.82
N LEU B 112 -3.80 -11.16 5.81
CA LEU B 112 -3.77 -10.68 4.46
C LEU B 112 -4.48 -9.31 4.35
N ALA B 113 -5.71 -9.25 4.86
CA ALA B 113 -6.48 -8.02 4.90
C ALA B 113 -5.70 -6.93 5.64
N ALA B 114 -4.97 -7.34 6.68
CA ALA B 114 -4.25 -6.39 7.50
C ALA B 114 -3.03 -5.82 6.76
N ARG B 115 -2.42 -6.63 5.89
CA ARG B 115 -1.30 -6.14 5.10
C ARG B 115 -1.72 -5.33 3.89
N GLN B 116 -3.00 -5.36 3.55
CA GLN B 116 -3.49 -4.45 2.53
C GLN B 116 -4.15 -3.25 3.21
N GLY B 117 -3.98 -3.16 4.53
CA GLY B 117 -4.42 -1.99 5.27
C GLY B 117 -5.65 -2.14 6.15
N VAL B 118 -6.36 -3.27 6.04
CA VAL B 118 -7.57 -3.47 6.83
C VAL B 118 -7.21 -3.65 8.31
N ARG B 119 -7.93 -2.98 9.20
CA ARG B 119 -7.60 -3.07 10.61
C ARG B 119 -8.43 -4.13 11.31
N VAL B 120 -7.77 -5.21 11.73
CA VAL B 120 -8.42 -6.30 12.46
C VAL B 120 -8.44 -6.09 13.98
N ARG B 121 -9.63 -6.23 14.58
CA ARG B 121 -9.85 -6.08 16.01
C ARG B 121 -10.77 -7.20 16.53
N TYR B 122 -10.17 -8.18 17.21
CA TYR B 122 -10.92 -9.31 17.76
C TYR B 122 -11.65 -8.86 19.02
N ALA B 123 -12.51 -9.71 19.56
CA ALA B 123 -13.30 -9.28 20.72
C ALA B 123 -13.90 -10.41 21.53
N ASP B 124 -14.50 -10.03 22.65
CA ASP B 124 -15.39 -10.94 23.35
C ASP B 124 -16.82 -10.69 22.89
N LEU B 125 -17.24 -11.39 21.84
CA LEU B 125 -18.58 -11.19 21.30
C LEU B 125 -19.60 -12.13 21.95
N THR B 126 -19.29 -12.59 23.16
CA THR B 126 -20.20 -13.42 23.93
C THR B 126 -20.90 -12.70 25.11
N THR B 127 -20.65 -11.40 25.27
CA THR B 127 -21.29 -10.56 26.29
C THR B 127 -21.96 -9.33 25.69
N PRO B 128 -22.76 -8.60 26.50
CA PRO B 128 -23.09 -7.25 26.03
C PRO B 128 -21.83 -6.41 26.09
N GLU B 129 -21.28 -6.29 27.29
CA GLU B 129 -20.12 -5.45 27.62
C GLU B 129 -19.22 -5.16 26.42
N GLY B 130 -18.50 -6.20 26.01
CA GLY B 130 -17.58 -6.09 24.90
C GLY B 130 -18.24 -6.42 23.58
N ILE B 131 -19.19 -5.60 23.19
CA ILE B 131 -19.81 -5.73 21.89
C ILE B 131 -20.11 -4.32 21.42
N ALA B 132 -20.48 -3.47 22.37
CA ALA B 132 -20.72 -2.07 22.08
C ALA B 132 -19.42 -1.40 21.65
N ALA B 133 -18.35 -1.72 22.38
CA ALA B 133 -17.05 -1.10 22.16
C ALA B 133 -16.44 -1.64 20.88
N ALA B 134 -16.36 -2.97 20.82
CA ALA B 134 -15.86 -3.67 19.65
C ALA B 134 -16.57 -3.16 18.40
N LEU B 135 -17.80 -2.70 18.56
CA LEU B 135 -18.53 -2.12 17.44
C LEU B 135 -18.26 -0.62 17.27
N ALA B 136 -17.97 0.09 18.35
CA ALA B 136 -17.66 1.52 18.25
C ALA B 136 -16.52 1.84 17.29
N GLU B 137 -15.70 0.83 16.98
CA GLU B 137 -14.64 0.91 15.98
C GLU B 137 -15.06 1.67 14.72
N PRO B 138 -14.29 2.70 14.35
CA PRO B 138 -14.66 3.51 13.18
C PRO B 138 -14.56 2.72 11.87
N ASP B 139 -15.45 3.03 10.94
CA ASP B 139 -15.47 2.42 9.60
C ASP B 139 -15.47 0.88 9.63
N LEU B 140 -16.18 0.34 10.60
CA LEU B 140 -16.35 -1.11 10.76
C LEU B 140 -17.20 -1.65 9.61
N ALA B 141 -16.60 -2.49 8.75
CA ALA B 141 -17.30 -2.99 7.58
C ALA B 141 -17.86 -4.40 7.77
N LEU B 142 -17.28 -5.17 8.67
CA LEU B 142 -17.61 -6.58 8.74
C LEU B 142 -17.49 -7.13 10.15
N VAL B 143 -18.55 -7.79 10.61
CA VAL B 143 -18.49 -8.57 11.85
C VAL B 143 -18.52 -10.05 11.47
N TRP B 144 -17.47 -10.77 11.86
CA TRP B 144 -17.25 -12.14 11.42
C TRP B 144 -17.50 -13.04 12.61
N ILE B 145 -18.55 -13.85 12.52
CA ILE B 145 -18.94 -14.72 13.62
C ILE B 145 -18.78 -16.19 13.29
N GLU B 146 -18.00 -16.88 14.10
CA GLU B 146 -17.88 -18.31 13.97
C GLU B 146 -18.60 -18.88 15.19
N THR B 147 -19.67 -19.65 14.97
CA THR B 147 -20.47 -20.13 16.10
C THR B 147 -21.22 -21.44 15.78
N PRO B 148 -21.08 -22.45 16.66
CA PRO B 148 -20.18 -22.59 17.81
C PRO B 148 -18.70 -22.46 17.41
N THR B 149 -17.84 -22.06 18.34
CA THR B 149 -16.42 -21.91 18.04
C THR B 149 -15.63 -23.19 18.29
N ASN B 150 -14.45 -23.28 17.68
CA ASN B 150 -13.57 -24.42 17.89
C ASN B 150 -12.44 -24.03 18.82
N PRO B 151 -11.98 -24.98 19.64
CA PRO B 151 -12.58 -26.29 19.93
C PRO B 151 -13.36 -26.29 21.26
N LEU B 152 -13.56 -25.13 21.86
CA LEU B 152 -14.22 -25.07 23.16
C LEU B 152 -15.75 -25.02 23.05
N LEU B 153 -16.25 -24.82 21.83
CA LEU B 153 -17.68 -24.88 21.55
C LEU B 153 -18.50 -23.84 22.32
N THR B 154 -17.91 -22.69 22.59
CA THR B 154 -18.65 -21.54 23.07
C THR B 154 -19.45 -21.02 21.88
N VAL B 155 -20.42 -20.14 22.11
CA VAL B 155 -21.21 -19.65 20.99
C VAL B 155 -21.29 -18.13 20.97
N VAL B 156 -22.05 -17.60 20.02
CA VAL B 156 -22.28 -16.16 19.91
C VAL B 156 -23.73 -15.92 19.52
N ASP B 157 -24.37 -14.97 20.17
CA ASP B 157 -25.77 -14.64 19.92
C ASP B 157 -25.86 -13.85 18.61
N VAL B 158 -26.13 -14.57 17.53
CA VAL B 158 -26.17 -13.99 16.19
C VAL B 158 -27.17 -12.84 16.06
N ALA B 159 -28.40 -13.06 16.51
CA ALA B 159 -29.43 -12.04 16.37
C ALA B 159 -29.09 -10.76 17.13
N GLU B 160 -28.53 -10.91 18.33
CA GLU B 160 -28.16 -9.75 19.12
C GLU B 160 -26.96 -9.02 18.52
N VAL B 161 -25.92 -9.77 18.19
CA VAL B 161 -24.74 -9.19 17.52
C VAL B 161 -25.09 -8.54 16.19
N SER B 162 -26.05 -9.11 15.47
CA SER B 162 -26.45 -8.58 14.16
C SER B 162 -27.14 -7.22 14.28
N ARG B 163 -28.07 -7.11 15.22
CA ARG B 163 -28.80 -5.87 15.45
C ARG B 163 -27.82 -4.74 15.69
N ARG B 164 -26.94 -4.96 16.66
CA ARG B 164 -25.95 -3.97 17.05
C ARG B 164 -25.02 -3.62 15.89
N ALA B 165 -24.67 -4.62 15.07
CA ALA B 165 -23.78 -4.38 13.94
C ALA B 165 -24.46 -3.50 12.90
N HIS B 166 -25.72 -3.78 12.62
CA HIS B 166 -26.46 -3.05 11.59
C HIS B 166 -26.73 -1.62 12.00
N GLU B 167 -26.75 -1.37 13.31
CA GLU B 167 -26.88 -0.02 13.87
C GLU B 167 -25.85 0.89 13.24
N ARG B 168 -24.70 0.32 12.90
CA ARG B 168 -23.61 1.09 12.30
C ARG B 168 -23.24 0.62 10.90
N GLY B 169 -24.22 0.07 10.19
CA GLY B 169 -24.05 -0.31 8.80
C GLY B 169 -22.94 -1.30 8.53
N ALA B 170 -22.68 -2.18 9.49
CA ALA B 170 -21.65 -3.19 9.31
C ALA B 170 -22.25 -4.56 8.92
N ARG B 171 -21.82 -5.08 7.78
CA ARG B 171 -22.23 -6.39 7.27
C ARG B 171 -21.87 -7.47 8.30
N VAL B 172 -22.74 -8.45 8.45
CA VAL B 172 -22.50 -9.57 9.36
C VAL B 172 -22.40 -10.89 8.60
N VAL B 173 -21.28 -11.59 8.78
CA VAL B 173 -21.15 -12.95 8.26
C VAL B 173 -21.06 -13.95 9.41
N VAL B 174 -21.75 -15.08 9.24
CA VAL B 174 -21.58 -16.19 10.16
C VAL B 174 -20.93 -17.36 9.43
N ASP B 175 -19.80 -17.82 9.95
CA ASP B 175 -19.17 -19.02 9.48
C ASP B 175 -19.99 -20.14 10.10
N ASN B 176 -20.84 -20.77 9.28
CA ASN B 176 -21.83 -21.72 9.77
C ASN B 176 -21.41 -23.19 9.51
N THR B 177 -20.13 -23.40 9.26
CA THR B 177 -19.62 -24.73 8.90
C THR B 177 -19.89 -25.76 9.99
N PHE B 178 -19.62 -25.38 11.23
CA PHE B 178 -19.84 -26.19 12.42
C PHE B 178 -21.27 -26.74 12.46
N ALA B 179 -22.26 -25.86 12.52
CA ALA B 179 -23.64 -26.29 12.74
C ALA B 179 -24.33 -26.89 11.51
N SER B 180 -24.03 -26.33 10.34
CA SER B 180 -24.71 -26.61 9.07
C SER B 180 -26.13 -25.99 9.02
N PRO B 181 -26.66 -25.79 7.79
CA PRO B 181 -28.00 -25.23 7.61
C PRO B 181 -29.12 -26.01 8.31
N VAL B 182 -28.96 -27.32 8.51
CA VAL B 182 -29.97 -28.09 9.23
C VAL B 182 -30.08 -27.63 10.69
N LEU B 183 -29.00 -27.05 11.22
CA LEU B 183 -28.97 -26.76 12.66
C LEU B 183 -29.07 -25.28 13.00
N GLN B 184 -28.47 -24.44 12.16
CA GLN B 184 -28.48 -22.98 12.34
C GLN B 184 -28.84 -22.31 11.03
N GLN B 185 -29.63 -21.25 11.13
CA GLN B 185 -30.01 -20.50 9.95
C GLN B 185 -29.63 -19.03 10.17
N PRO B 186 -28.33 -18.70 9.95
CA PRO B 186 -27.84 -17.34 10.22
C PRO B 186 -28.66 -16.24 9.56
N LEU B 187 -29.11 -16.44 8.33
CA LEU B 187 -29.89 -15.39 7.65
C LEU B 187 -31.20 -15.13 8.40
N ALA B 188 -31.83 -16.19 8.89
CA ALA B 188 -33.04 -16.06 9.70
C ALA B 188 -32.73 -15.36 11.03
N LEU B 189 -31.47 -15.43 11.45
CA LEU B 189 -31.08 -14.84 12.72
C LEU B 189 -30.60 -13.38 12.59
N GLY B 190 -30.69 -12.83 11.40
CA GLY B 190 -30.33 -11.43 11.21
C GLY B 190 -28.98 -11.17 10.57
N ALA B 191 -28.22 -12.23 10.29
CA ALA B 191 -26.96 -12.09 9.57
C ALA B 191 -27.19 -11.75 8.10
N ASP B 192 -26.16 -11.19 7.46
CA ASP B 192 -26.20 -10.89 6.03
C ASP B 192 -25.66 -12.01 5.16
N VAL B 193 -24.78 -12.84 5.72
CA VAL B 193 -24.12 -13.91 4.95
C VAL B 193 -23.89 -15.19 5.76
N SER B 194 -24.19 -16.34 5.16
CA SER B 194 -23.76 -17.63 5.70
C SER B 194 -22.58 -18.11 4.89
N LEU B 195 -21.48 -18.38 5.58
CA LEU B 195 -20.27 -18.93 4.98
C LEU B 195 -20.11 -20.41 5.34
N TYR B 196 -19.82 -21.23 4.34
CA TYR B 196 -19.53 -22.65 4.57
C TYR B 196 -18.25 -23.13 3.91
N SER B 197 -17.53 -23.99 4.61
CA SER B 197 -16.70 -24.99 3.95
C SER B 197 -17.71 -26.10 3.69
N THR B 198 -17.86 -26.51 2.44
CA THR B 198 -18.80 -27.58 2.13
C THR B 198 -18.03 -28.91 2.18
N THR B 199 -16.70 -28.79 2.32
CA THR B 199 -15.79 -29.92 2.52
C THR B 199 -16.20 -30.77 3.72
N1 LLP B 200 -14.18 -22.49 8.51
C2 LLP B 200 -14.37 -23.55 9.29
C2' LLP B 200 -15.21 -23.43 10.59
C3 LLP B 200 -13.81 -24.81 8.94
O3 LLP B 200 -14.07 -25.89 9.80
C4 LLP B 200 -13.07 -24.96 7.78
C4' LLP B 200 -12.44 -26.40 7.36
C5 LLP B 200 -12.87 -23.85 6.98
C6 LLP B 200 -13.43 -22.62 7.35
C5' LLP B 200 -12.01 -23.90 5.66
OP4 LLP B 200 -12.61 -24.69 4.66
P LLP B 200 -11.74 -25.41 3.58
OP1 LLP B 200 -12.77 -26.12 2.69
OP2 LLP B 200 -10.97 -24.41 2.82
OP3 LLP B 200 -10.84 -26.40 4.25
N LLP B 200 -16.86 -30.14 4.69
CA LLP B 200 -17.24 -30.82 5.93
CB LLP B 200 -17.14 -29.82 7.06
CG LLP B 200 -15.93 -28.91 6.81
CD LLP B 200 -14.60 -29.48 7.35
CE LLP B 200 -13.39 -28.59 6.95
NZ LLP B 200 -13.07 -27.55 7.96
C LLP B 200 -18.57 -31.47 5.72
O LLP B 200 -18.75 -32.16 4.71
N SER B 201 -19.54 -31.25 6.62
CA SER B 201 -20.78 -32.02 6.55
C SER B 201 -21.68 -31.74 5.33
N ILE B 202 -21.51 -30.60 4.65
CA ILE B 202 -22.32 -30.35 3.46
C ILE B 202 -22.06 -31.43 2.40
N ALA B 203 -20.81 -31.61 2.00
CA ALA B 203 -20.50 -32.70 1.08
C ALA B 203 -20.58 -34.03 1.86
N GLY B 204 -19.94 -34.06 3.01
CA GLY B 204 -20.21 -35.08 4.01
C GLY B 204 -19.46 -36.40 3.90
N HIS B 205 -18.81 -36.65 2.76
CA HIS B 205 -18.15 -37.93 2.56
C HIS B 205 -16.63 -37.85 2.47
N ALA B 206 -16.07 -36.69 2.85
CA ALA B 206 -14.62 -36.53 2.96
C ALA B 206 -13.91 -36.79 1.63
N ASP B 207 -14.60 -36.48 0.54
CA ASP B 207 -14.06 -36.74 -0.79
C ASP B 207 -14.11 -35.54 -1.74
N VAL B 208 -14.31 -34.35 -1.20
CA VAL B 208 -14.31 -33.14 -2.01
C VAL B 208 -14.16 -31.92 -1.11
N LEU B 209 -13.44 -30.93 -1.62
CA LEU B 209 -13.33 -29.67 -0.93
C LEU B 209 -14.16 -28.64 -1.68
N GLY B 210 -14.78 -27.73 -0.95
CA GLY B 210 -15.57 -26.68 -1.57
C GLY B 210 -15.97 -25.65 -0.54
N GLY B 211 -16.39 -24.48 -1.02
CA GLY B 211 -16.89 -23.45 -0.14
C GLY B 211 -18.21 -22.92 -0.67
N ALA B 212 -18.93 -22.18 0.16
CA ALA B 212 -20.13 -21.49 -0.30
C ALA B 212 -20.34 -20.22 0.49
N LEU B 213 -21.05 -19.28 -0.13
CA LEU B 213 -21.59 -18.10 0.54
C LEU B 213 -23.07 -18.04 0.18
N VAL B 214 -23.91 -17.78 1.17
CA VAL B 214 -25.35 -17.67 0.93
C VAL B 214 -25.79 -16.33 1.54
N TYR B 215 -26.52 -15.53 0.76
CA TYR B 215 -26.79 -14.12 1.13
C TYR B 215 -28.05 -13.59 0.41
N ARG B 216 -28.38 -12.33 0.66
CA ARG B 216 -29.59 -11.78 0.05
C ARG B 216 -29.40 -10.51 -0.80
N ASP B 217 -28.27 -9.84 -0.66
CA ASP B 217 -28.09 -8.50 -1.27
C ASP B 217 -27.62 -8.63 -2.73
N ALA B 218 -28.31 -7.94 -3.64
CA ALA B 218 -28.01 -8.03 -5.07
C ALA B 218 -26.67 -7.39 -5.42
N ASP B 219 -26.32 -6.31 -4.73
CA ASP B 219 -25.04 -5.65 -4.98
C ASP B 219 -23.87 -6.46 -4.42
N LEU B 220 -24.08 -7.12 -3.28
CA LEU B 220 -23.11 -8.08 -2.77
C LEU B 220 -22.94 -9.21 -3.78
N HIS B 221 -24.07 -9.66 -4.33
CA HIS B 221 -24.05 -10.76 -5.29
C HIS B 221 -23.17 -10.41 -6.47
N ALA B 222 -23.38 -9.23 -7.03
CA ALA B 222 -22.58 -8.76 -8.15
C ALA B 222 -21.10 -8.69 -7.78
N ALA B 223 -20.78 -8.20 -6.59
CA ALA B 223 -19.38 -8.08 -6.18
C ALA B 223 -18.70 -9.44 -5.97
N VAL B 224 -19.43 -10.38 -5.37
CA VAL B 224 -18.88 -11.72 -5.13
C VAL B 224 -18.65 -12.48 -6.45
N ARG B 225 -19.61 -12.40 -7.38
CA ARG B 225 -19.48 -13.13 -8.64
C ARG B 225 -18.36 -12.55 -9.50
N ALA B 226 -18.26 -11.22 -9.54
CA ALA B 226 -17.17 -10.57 -10.26
C ALA B 226 -15.80 -10.99 -9.71
N TYR B 227 -15.70 -11.14 -8.39
CA TYR B 227 -14.45 -11.57 -7.79
C TYR B 227 -14.09 -13.01 -8.12
N ARG B 228 -15.07 -13.91 -7.99
CA ARG B 228 -14.85 -15.32 -8.29
C ARG B 228 -14.36 -15.48 -9.73
N THR B 229 -14.97 -14.73 -10.64
CA THR B 229 -14.63 -14.83 -12.05
C THR B 229 -13.22 -14.32 -12.29
N THR B 230 -12.87 -13.23 -11.61
CA THR B 230 -11.58 -12.61 -11.77
C THR B 230 -10.46 -13.36 -11.04
N ALA B 231 -10.71 -13.71 -9.78
CA ALA B 231 -9.74 -14.50 -9.00
C ALA B 231 -9.69 -15.97 -9.46
N GLY B 232 -10.80 -16.46 -10.02
CA GLY B 232 -10.83 -17.78 -10.62
C GLY B 232 -10.87 -18.93 -9.62
N ASN B 233 -11.34 -18.64 -8.41
CA ASN B 233 -11.47 -19.67 -7.37
C ASN B 233 -12.75 -20.48 -7.52
N VAL B 234 -12.99 -20.98 -8.73
CA VAL B 234 -14.20 -21.77 -9.04
C VAL B 234 -13.98 -23.26 -8.86
N PRO B 235 -14.98 -23.97 -8.32
CA PRO B 235 -14.90 -25.43 -8.08
C PRO B 235 -15.09 -26.21 -9.39
N GLY B 236 -14.51 -27.39 -9.47
CA GLY B 236 -14.73 -28.25 -10.62
C GLY B 236 -16.17 -28.69 -10.77
N ALA B 237 -16.55 -29.02 -12.01
CA ALA B 237 -17.86 -29.57 -12.29
C ALA B 237 -18.11 -30.93 -11.61
N LEU B 238 -17.14 -31.84 -11.71
CA LEU B 238 -17.27 -33.11 -11.00
C LEU B 238 -17.39 -32.83 -9.49
N ASP B 239 -16.63 -31.84 -9.01
CA ASP B 239 -16.66 -31.50 -7.59
C ASP B 239 -18.05 -30.99 -7.14
N CYS B 240 -18.70 -30.14 -7.94
CA CYS B 240 -20.06 -29.71 -7.62
C CYS B 240 -21.06 -30.87 -7.56
N PHE B 241 -20.93 -31.81 -8.50
CA PHE B 241 -21.76 -33.01 -8.47
C PHE B 241 -21.57 -33.79 -7.18
N LEU B 242 -20.33 -33.91 -6.73
CA LEU B 242 -20.05 -34.64 -5.49
C LEU B 242 -20.61 -33.92 -4.26
N VAL B 243 -20.39 -32.61 -4.18
CA VAL B 243 -20.91 -31.82 -3.06
C VAL B 243 -22.43 -31.91 -3.09
N ARG B 244 -23.01 -31.88 -4.28
CA ARG B 244 -24.46 -31.91 -4.43
C ARG B 244 -25.02 -33.31 -4.10
N ARG B 245 -24.25 -34.34 -4.42
CA ARG B 245 -24.65 -35.70 -4.12
C ARG B 245 -24.77 -35.91 -2.60
N GLY B 246 -23.73 -35.55 -1.85
CA GLY B 246 -23.74 -35.69 -0.40
C GLY B 246 -24.86 -34.94 0.31
N LEU B 247 -25.27 -33.81 -0.27
CA LEU B 247 -26.33 -32.96 0.30
C LEU B 247 -27.64 -33.65 0.50
N HIS B 248 -28.02 -34.55 -0.41
CA HIS B 248 -29.31 -35.23 -0.29
C HIS B 248 -29.51 -35.80 1.11
N THR B 249 -28.42 -36.32 1.68
CA THR B 249 -28.52 -37.00 2.97
C THR B 249 -28.10 -36.11 4.17
N LEU B 250 -28.04 -34.80 3.94
CA LEU B 250 -27.61 -33.86 4.98
C LEU B 250 -28.37 -33.96 6.31
N SER B 251 -29.69 -33.92 6.26
CA SER B 251 -30.49 -34.01 7.47
C SER B 251 -30.36 -35.35 8.17
N LEU B 252 -30.41 -36.44 7.41
CA LEU B 252 -30.33 -37.76 8.02
C LEU B 252 -28.98 -37.93 8.72
N ARG B 253 -27.92 -37.50 8.05
CA ARG B 253 -26.56 -37.60 8.60
C ARG B 253 -26.35 -36.72 9.85
N VAL B 254 -26.66 -35.44 9.73
CA VAL B 254 -26.44 -34.51 10.84
C VAL B 254 -27.09 -35.01 12.16
N HIS B 255 -28.36 -35.37 12.11
CA HIS B 255 -29.10 -35.84 13.30
C HIS B 255 -28.57 -37.13 13.91
N ARG B 256 -28.11 -38.04 13.05
CA ARG B 256 -27.51 -39.29 13.50
C ARG B 256 -26.25 -38.91 14.27
N GLN B 257 -25.48 -37.98 13.72
CA GLN B 257 -24.27 -37.50 14.38
C GLN B 257 -24.62 -36.83 15.71
N VAL B 258 -25.70 -36.05 15.71
CA VAL B 258 -26.17 -35.39 16.92
C VAL B 258 -26.55 -36.41 18.00
N ALA B 259 -27.34 -37.41 17.61
CA ALA B 259 -27.79 -38.43 18.54
C ALA B 259 -26.61 -39.21 19.10
N THR B 260 -25.59 -39.45 18.28
CA THR B 260 -24.42 -40.16 18.76
C THR B 260 -23.60 -39.29 19.71
N ALA B 261 -23.42 -38.02 19.35
CA ALA B 261 -22.66 -37.10 20.19
C ALA B 261 -23.21 -37.04 21.62
N ARG B 262 -24.54 -37.03 21.74
CA ARG B 262 -25.19 -37.02 23.04
C ARG B 262 -24.83 -38.27 23.87
N VAL B 263 -24.81 -39.43 23.19
CA VAL B 263 -24.41 -40.69 23.83
C VAL B 263 -22.95 -40.65 24.32
N LEU B 264 -22.05 -40.11 23.50
CA LEU B 264 -20.63 -40.02 23.84
C LEU B 264 -20.35 -39.02 24.99
N VAL B 265 -21.10 -37.94 25.00
CA VAL B 265 -21.02 -36.94 26.07
C VAL B 265 -21.38 -37.52 27.43
N GLU B 266 -22.43 -38.33 27.50
CA GLU B 266 -22.82 -38.94 28.77
C GLU B 266 -21.74 -39.90 29.26
N ARG B 267 -21.21 -40.74 28.37
CA ARG B 267 -20.09 -41.63 28.67
C ARG B 267 -18.91 -40.84 29.28
N LEU B 268 -18.39 -39.88 28.51
CA LEU B 268 -17.29 -39.03 28.94
C LEU B 268 -17.50 -38.46 30.34
N ARG B 269 -18.74 -38.09 30.66
CA ARG B 269 -19.06 -37.56 31.98
C ARG B 269 -19.09 -38.64 33.07
N ALA B 270 -18.93 -39.90 32.66
CA ALA B 270 -18.89 -41.00 33.63
C ALA B 270 -17.48 -41.55 33.81
N SER B 271 -16.55 -41.11 32.97
CA SER B 271 -15.19 -41.63 33.06
C SER B 271 -14.33 -40.92 34.09
N PRO B 272 -13.59 -41.69 34.90
CA PRO B 272 -12.68 -41.08 35.88
C PRO B 272 -11.43 -40.44 35.25
N VAL B 273 -11.21 -40.61 33.95
CA VAL B 273 -10.02 -40.01 33.34
C VAL B 273 -10.40 -38.89 32.39
N VAL B 274 -11.57 -38.31 32.62
CA VAL B 274 -12.01 -37.16 31.86
C VAL B 274 -12.33 -36.01 32.80
N GLY B 275 -11.89 -34.81 32.44
CA GLY B 275 -12.21 -33.61 33.20
C GLY B 275 -13.39 -32.88 32.56
N ALA B 276 -13.22 -31.58 32.32
CA ALA B 276 -14.25 -30.76 31.70
C ALA B 276 -14.72 -31.37 30.39
N VAL B 277 -16.04 -31.43 30.19
CA VAL B 277 -16.63 -31.92 28.96
C VAL B 277 -17.40 -30.80 28.28
N HIS B 278 -17.10 -30.56 27.00
CA HIS B 278 -17.73 -29.47 26.27
C HIS B 278 -18.71 -29.97 25.21
N TYR B 279 -19.93 -29.44 25.23
CA TYR B 279 -20.96 -29.72 24.23
C TYR B 279 -22.05 -28.68 24.39
N PRO B 280 -22.50 -28.08 23.28
CA PRO B 280 -23.54 -27.03 23.35
C PRO B 280 -24.83 -27.54 23.99
N GLY B 281 -25.10 -28.84 23.90
CA GLY B 281 -26.32 -29.40 24.43
C GLY B 281 -26.35 -29.52 25.94
N LEU B 282 -25.18 -29.49 26.57
CA LEU B 282 -25.12 -29.64 28.02
C LEU B 282 -25.91 -28.53 28.73
N PRO B 283 -26.84 -28.93 29.60
CA PRO B 283 -27.65 -28.00 30.40
C PRO B 283 -26.81 -26.89 31.01
N GLU B 284 -25.58 -27.21 31.42
CA GLU B 284 -24.72 -26.24 32.09
C GLU B 284 -23.89 -25.33 31.17
N HIS B 285 -24.04 -25.47 29.86
CA HIS B 285 -23.27 -24.64 28.90
C HIS B 285 -23.65 -23.17 28.99
N PRO B 286 -22.76 -22.33 29.57
CA PRO B 286 -23.07 -20.93 29.89
C PRO B 286 -23.64 -20.06 28.76
N GLN B 287 -23.98 -20.65 27.62
CA GLN B 287 -24.78 -19.98 26.61
C GLN B 287 -25.97 -20.83 26.19
N HIS B 288 -26.39 -21.73 27.07
CA HIS B 288 -27.48 -22.65 26.79
C HIS B 288 -28.71 -21.93 26.25
N ALA B 289 -29.09 -20.84 26.90
CA ALA B 289 -30.23 -20.03 26.44
C ALA B 289 -30.01 -19.53 25.01
N VAL B 290 -28.80 -19.08 24.71
CA VAL B 290 -28.46 -18.68 23.35
C VAL B 290 -28.43 -19.90 22.41
N VAL B 291 -27.88 -21.01 22.90
CA VAL B 291 -27.89 -22.25 22.13
C VAL B 291 -29.32 -22.68 21.77
N LYS B 292 -30.19 -22.70 22.78
CA LYS B 292 -31.58 -23.10 22.62
C LYS B 292 -32.33 -22.22 21.60
N ALA B 293 -31.96 -20.95 21.54
CA ALA B 293 -32.63 -20.00 20.67
C ALA B 293 -32.25 -20.11 19.20
N GLN B 294 -31.04 -20.58 18.90
CA GLN B 294 -30.61 -20.57 17.49
C GLN B 294 -30.21 -21.92 16.91
N MSE B 295 -30.52 -22.99 17.64
CA MSE B 295 -30.20 -24.34 17.19
C MSE B 295 -31.37 -25.29 17.10
O MSE B 295 -32.07 -25.49 18.08
CB MSE B 295 -29.19 -25.00 18.10
CG MSE B 295 -27.95 -25.26 17.40
SE MSE B 295 -27.17 -23.60 17.41
CE MSE B 295 -26.45 -23.51 15.68
N SER B 296 -31.55 -25.88 15.94
CA SER B 296 -32.37 -27.07 15.80
C SER B 296 -31.87 -28.10 16.83
N ALA B 297 -30.55 -28.19 16.98
CA ALA B 297 -29.94 -29.25 17.79
C ALA B 297 -28.47 -28.87 18.01
N PRO B 298 -27.81 -29.47 19.03
CA PRO B 298 -26.54 -28.95 19.52
C PRO B 298 -25.25 -29.42 18.82
N GLY B 299 -25.37 -30.11 17.68
CA GLY B 299 -24.21 -30.36 16.84
C GLY B 299 -23.45 -31.65 17.05
N ALA B 300 -22.42 -31.86 16.23
CA ALA B 300 -21.75 -33.15 16.13
C ALA B 300 -20.32 -33.14 16.68
N ILE B 301 -19.89 -32.00 17.24
CA ILE B 301 -18.57 -31.90 17.81
C ILE B 301 -18.65 -32.00 19.33
N VAL B 302 -17.65 -32.64 19.92
CA VAL B 302 -17.58 -32.79 21.38
C VAL B 302 -16.12 -32.61 21.77
N SER B 303 -15.86 -31.80 22.80
CA SER B 303 -14.50 -31.65 23.33
C SER B 303 -14.46 -32.06 24.79
N PHE B 304 -13.30 -32.52 25.23
CA PHE B 304 -13.12 -32.92 26.62
C PHE B 304 -11.65 -32.93 27.04
N ASP B 305 -11.39 -32.56 28.29
CA ASP B 305 -10.07 -32.68 28.88
C ASP B 305 -9.80 -34.13 29.24
N TYR B 306 -8.72 -34.70 28.71
CA TYR B 306 -8.30 -36.04 29.09
C TYR B 306 -7.35 -35.98 30.29
N LEU B 307 -7.51 -36.88 31.25
CA LEU B 307 -6.71 -36.85 32.48
C LEU B 307 -5.78 -38.05 32.67
N GLY B 308 -5.81 -39.00 31.75
CA GLY B 308 -5.05 -40.23 31.93
C GLY B 308 -3.56 -40.08 31.73
N GLY B 309 -3.20 -39.20 30.80
CA GLY B 309 -1.80 -38.99 30.46
C GLY B 309 -1.69 -38.30 29.11
N PRO B 310 -0.50 -38.39 28.49
CA PRO B 310 -0.23 -37.75 27.20
C PRO B 310 -1.33 -38.01 26.17
N ALA B 311 -1.85 -36.95 25.58
CA ALA B 311 -2.90 -37.09 24.56
C ALA B 311 -2.43 -37.96 23.40
N GLU B 312 -1.16 -37.83 23.04
CA GLU B 312 -0.66 -38.52 21.86
C GLU B 312 -0.73 -40.06 22.03
N ARG B 313 -0.52 -40.54 23.24
CA ARG B 313 -0.67 -41.97 23.54
C ARG B 313 -2.14 -42.39 23.38
N LEU B 314 -3.04 -41.55 23.88
CA LEU B 314 -4.47 -41.82 23.76
C LEU B 314 -4.85 -41.88 22.28
N LEU B 315 -4.36 -40.93 21.49
CA LEU B 315 -4.69 -40.86 20.08
C LEU B 315 -4.47 -42.17 19.30
N ASP B 316 -3.44 -42.93 19.65
CA ASP B 316 -3.12 -44.17 18.94
C ASP B 316 -3.92 -45.40 19.43
N ARG B 317 -4.73 -45.22 20.48
CA ARG B 317 -5.52 -46.34 20.99
C ARG B 317 -6.86 -46.51 20.29
N PHE B 318 -7.27 -45.52 19.52
CA PHE B 318 -8.57 -45.63 18.84
C PHE B 318 -8.48 -46.65 17.71
N THR B 319 -9.49 -47.49 17.55
CA THR B 319 -9.46 -48.43 16.43
C THR B 319 -10.64 -48.23 15.50
N LEU B 320 -11.47 -47.23 15.80
CA LEU B 320 -12.65 -46.92 15.00
C LEU B 320 -12.75 -45.44 14.62
N PHE B 321 -12.55 -44.55 15.59
CA PHE B 321 -12.33 -43.13 15.29
C PHE B 321 -11.03 -43.06 14.48
N THR B 322 -10.99 -42.20 13.48
CA THR B 322 -9.76 -41.92 12.78
C THR B 322 -9.10 -40.68 13.34
N CYS B 323 -7.84 -40.80 13.69
CA CYS B 323 -7.08 -39.62 14.08
C CYS B 323 -6.70 -38.85 12.82
N GLY B 324 -7.01 -37.57 12.79
CA GLY B 324 -6.71 -36.75 11.64
C GLY B 324 -7.40 -35.43 11.88
N VAL B 325 -7.12 -34.44 11.05
CA VAL B 325 -7.91 -33.23 11.12
C VAL B 325 -9.06 -33.39 10.12
N SER B 326 -9.74 -32.27 9.87
CA SER B 326 -11.09 -32.20 9.29
C SER B 326 -12.17 -32.58 10.32
N LEU B 327 -13.42 -32.40 9.92
CA LEU B 327 -14.58 -32.79 10.71
C LEU B 327 -15.75 -32.84 9.74
N GLY B 328 -16.91 -33.27 10.23
CA GLY B 328 -18.10 -33.28 9.39
C GLY B 328 -18.34 -34.60 8.66
N GLY B 329 -17.31 -35.43 8.57
CA GLY B 329 -17.37 -36.64 7.76
C GLY B 329 -18.31 -37.74 8.24
N VAL B 330 -18.64 -38.69 7.37
CA VAL B 330 -19.35 -39.89 7.78
C VAL B 330 -18.49 -40.74 8.69
N HIS B 331 -17.16 -40.65 8.50
CA HIS B 331 -16.21 -41.33 9.36
C HIS B 331 -15.87 -40.45 10.57
N SER B 332 -16.08 -40.97 11.77
CA SER B 332 -15.77 -40.26 13.02
C SER B 332 -14.28 -39.92 13.16
N LEU B 333 -13.99 -38.69 13.57
CA LEU B 333 -12.62 -38.18 13.70
C LEU B 333 -12.26 -37.84 15.15
N VAL B 334 -10.98 -38.00 15.50
CA VAL B 334 -10.45 -37.51 16.76
C VAL B 334 -9.16 -36.75 16.49
N GLU B 335 -8.94 -35.67 17.23
CA GLU B 335 -7.66 -34.96 17.18
C GLU B 335 -7.38 -34.32 18.53
N CYS B 336 -6.11 -34.06 18.80
CA CYS B 336 -5.72 -33.20 19.90
C CYS B 336 -5.37 -31.83 19.31
N PRO B 337 -6.27 -30.85 19.49
CA PRO B 337 -6.09 -29.49 18.94
C PRO B 337 -4.69 -28.96 19.16
N ALA B 338 -4.19 -29.09 20.38
CA ALA B 338 -2.86 -28.63 20.72
C ALA B 338 -1.73 -29.30 19.95
N LEU B 339 -1.95 -30.55 19.51
CA LEU B 339 -0.89 -31.32 18.85
C LEU B 339 -1.02 -31.22 17.33
N MSE B 340 -2.23 -30.89 16.89
CA MSE B 340 -2.56 -30.86 15.47
C MSE B 340 -3.03 -29.45 15.07
O MSE B 340 -2.23 -28.65 14.55
CB MSE B 340 -3.60 -31.97 15.16
CG MSE B 340 -3.04 -33.41 15.41
SE MSE B 340 -4.19 -34.94 15.97
CE MSE B 340 -4.91 -35.40 14.22
N THR B 341 -4.28 -29.10 15.32
CA THR B 341 -4.80 -27.81 14.85
C THR B 341 -4.10 -26.61 15.48
N HIS B 342 -4.19 -26.50 16.80
CA HIS B 342 -3.70 -25.27 17.42
C HIS B 342 -2.26 -25.33 17.94
N ARG B 343 -1.52 -26.31 17.45
CA ARG B 343 -0.08 -26.36 17.65
C ARG B 343 0.69 -25.20 16.99
N PRO B 344 0.16 -24.63 15.88
CA PRO B 344 0.74 -23.37 15.39
C PRO B 344 0.69 -22.21 16.39
N LEU B 345 -0.32 -22.17 17.26
CA LEU B 345 -0.33 -21.14 18.30
C LEU B 345 0.64 -21.51 19.41
N SER B 346 1.16 -20.50 20.10
CA SER B 346 2.13 -20.76 21.15
C SER B 346 1.44 -21.32 22.39
N ALA B 347 2.21 -21.95 23.28
CA ALA B 347 1.69 -22.48 24.54
C ALA B 347 1.15 -21.34 25.41
N GLU B 348 1.37 -20.12 24.94
CA GLU B 348 1.04 -18.93 25.66
C GLU B 348 -0.37 -18.46 25.29
N ALA B 349 -0.74 -18.69 24.02
CA ALA B 349 -2.06 -18.30 23.50
C ALA B 349 -3.18 -19.25 23.93
N ARG B 350 -2.84 -20.46 24.35
CA ARG B 350 -3.87 -21.42 24.70
C ARG B 350 -4.06 -21.61 26.19
N ALA B 351 -3.06 -21.18 26.97
CA ALA B 351 -3.25 -20.97 28.39
C ALA B 351 -4.06 -19.68 28.53
N ARG B 352 -3.93 -18.82 27.51
CA ARG B 352 -4.83 -17.67 27.34
C ARG B 352 -6.21 -18.11 26.87
N ARG B 353 -6.27 -19.19 26.08
CA ARG B 353 -7.53 -19.54 25.40
C ARG B 353 -8.25 -20.76 25.97
N GLY B 354 -7.77 -21.29 27.09
CA GLY B 354 -8.39 -22.46 27.68
C GLY B 354 -8.34 -23.67 26.76
N ILE B 355 -7.31 -23.74 25.92
CA ILE B 355 -7.06 -24.89 25.06
C ILE B 355 -5.83 -25.62 25.59
N GLY B 356 -6.02 -26.36 26.67
CA GLY B 356 -4.91 -27.08 27.30
C GLY B 356 -4.36 -28.17 26.39
N GLU B 357 -3.10 -28.54 26.62
CA GLU B 357 -2.44 -29.58 25.84
C GLU B 357 -3.17 -30.93 25.88
N SER B 358 -4.03 -31.13 26.88
CA SER B 358 -4.75 -32.40 26.99
C SER B 358 -6.23 -32.33 26.57
N LEU B 359 -6.63 -31.25 25.92
CA LEU B 359 -7.98 -31.15 25.38
C LEU B 359 -8.09 -32.04 24.14
N ILE B 360 -9.15 -32.84 24.07
CA ILE B 360 -9.38 -33.76 22.95
C ILE B 360 -10.66 -33.36 22.22
N ARG B 361 -10.64 -33.41 20.89
CA ARG B 361 -11.82 -33.09 20.06
C ARG B 361 -12.32 -34.27 19.22
N LEU B 362 -13.64 -34.48 19.25
CA LEU B 362 -14.29 -35.55 18.52
C LEU B 362 -15.20 -34.94 17.46
N SER B 363 -15.07 -35.43 16.24
CA SER B 363 -16.01 -35.13 15.17
C SER B 363 -16.79 -36.39 14.92
N VAL B 364 -18.08 -36.37 15.22
CA VAL B 364 -18.86 -37.61 15.23
C VAL B 364 -19.41 -37.96 13.86
N GLY B 365 -19.16 -39.19 13.42
CA GLY B 365 -19.68 -39.66 12.16
C GLY B 365 -20.99 -40.41 12.29
N ILE B 366 -21.27 -41.28 11.33
CA ILE B 366 -22.53 -42.02 11.31
C ILE B 366 -22.40 -43.52 11.62
N GLU B 367 -21.26 -43.92 12.21
CA GLU B 367 -21.15 -45.29 12.73
C GLU B 367 -22.22 -45.56 13.80
N ASP B 368 -22.50 -46.83 14.09
CA ASP B 368 -23.45 -47.14 15.16
C ASP B 368 -22.92 -46.54 16.46
N PRO B 369 -23.80 -45.92 17.25
CA PRO B 369 -23.39 -45.19 18.45
C PRO B 369 -22.78 -46.12 19.51
N GLN B 370 -23.19 -47.39 19.53
CA GLN B 370 -22.56 -48.31 20.47
C GLN B 370 -21.09 -48.61 20.19
N ASP B 371 -20.74 -48.83 18.92
CA ASP B 371 -19.35 -49.14 18.59
C ASP B 371 -18.44 -47.93 18.84
N LEU B 372 -18.95 -46.73 18.57
CA LEU B 372 -18.18 -45.52 18.84
C LEU B 372 -17.94 -45.36 20.35
N ALA B 373 -19.01 -45.56 21.14
CA ALA B 373 -18.88 -45.52 22.60
C ALA B 373 -17.92 -46.60 23.13
N GLU B 374 -17.85 -47.73 22.43
CA GLU B 374 -16.95 -48.81 22.83
C GLU B 374 -15.50 -48.40 22.58
N ASP B 375 -15.24 -47.87 21.39
CA ASP B 375 -13.90 -47.45 20.99
C ASP B 375 -13.41 -46.35 21.94
N LEU B 376 -14.26 -45.36 22.18
CA LEU B 376 -13.89 -44.26 23.08
C LEU B 376 -13.58 -44.76 24.49
N SER B 377 -14.46 -45.59 25.04
CA SER B 377 -14.26 -46.11 26.40
C SER B 377 -12.99 -46.95 26.48
N ARG B 378 -12.73 -47.73 25.45
CA ARG B 378 -11.54 -48.55 25.39
C ARG B 378 -10.29 -47.68 25.33
N ALA B 379 -10.31 -46.66 24.47
CA ALA B 379 -9.17 -45.76 24.36
C ALA B 379 -8.86 -45.12 25.72
N LEU B 380 -9.90 -44.65 26.40
CA LEU B 380 -9.72 -44.03 27.71
C LEU B 380 -9.16 -45.03 28.72
N ALA B 381 -9.58 -46.29 28.61
CA ALA B 381 -9.17 -47.32 29.56
C ALA B 381 -7.67 -47.63 29.45
N GLY B 382 -7.21 -47.92 28.23
CA GLY B 382 -5.84 -48.33 28.05
C GLY B 382 -5.69 -49.83 28.22
N GLY B 383 -4.68 -50.40 27.55
CA GLY B 383 -4.46 -51.84 27.52
C GLY B 383 -4.50 -52.35 26.09
N GLY C 6 -16.14 -53.25 16.29
CA GLY C 6 -16.47 -51.96 15.70
C GLY C 6 -17.64 -52.15 14.78
N MSE C 7 -18.08 -53.40 14.60
CA MSE C 7 -19.03 -53.68 13.54
C MSE C 7 -20.44 -54.16 13.91
O MSE C 7 -20.81 -55.32 13.67
CB MSE C 7 -18.41 -54.51 12.41
CG MSE C 7 -17.65 -53.65 11.39
SE MSE C 7 -16.27 -52.52 12.19
CE MSE C 7 -14.74 -53.08 11.06
N ARG C 8 -21.21 -53.24 14.49
CA ARG C 8 -22.65 -53.20 14.31
C ARG C 8 -22.92 -52.62 12.92
N PHE C 9 -24.19 -52.48 12.55
CA PHE C 9 -24.51 -52.24 11.14
C PHE C 9 -23.99 -50.96 10.45
N GLY C 10 -24.45 -49.80 10.92
CA GLY C 10 -23.92 -48.53 10.45
C GLY C 10 -22.41 -48.39 10.45
N THR C 11 -21.68 -49.11 11.30
CA THR C 11 -20.24 -48.97 11.19
C THR C 11 -19.60 -49.87 10.11
N ARG C 12 -20.26 -50.98 9.77
CA ARG C 12 -19.87 -51.77 8.59
C ARG C 12 -20.09 -50.97 7.30
N LEU C 13 -21.21 -50.26 7.23
CA LEU C 13 -21.52 -49.43 6.07
C LEU C 13 -20.42 -48.40 5.81
N VAL C 14 -19.87 -47.88 6.90
CA VAL C 14 -18.87 -46.83 6.80
C VAL C 14 -17.45 -47.38 6.61
N HIS C 15 -17.15 -48.49 7.28
CA HIS C 15 -15.77 -48.97 7.33
C HIS C 15 -15.47 -50.32 6.65
N GLY C 16 -16.53 -50.99 6.19
CA GLY C 16 -16.35 -52.22 5.42
C GLY C 16 -15.46 -51.98 4.22
N GLY C 17 -14.31 -52.64 4.19
CA GLY C 17 -13.37 -52.51 3.08
C GLY C 17 -12.65 -51.17 2.95
N ARG C 18 -12.37 -50.49 4.07
CA ARG C 18 -11.70 -49.18 4.00
C ARG C 18 -10.27 -49.24 4.54
N ARG C 19 -9.37 -49.89 3.80
CA ARG C 19 -8.08 -50.33 4.35
C ARG C 19 -7.07 -49.21 4.69
N PRO C 20 -5.75 -49.40 4.45
CA PRO C 20 -5.04 -48.12 4.47
C PRO C 20 -4.33 -47.83 3.14
N SER C 21 -4.13 -46.54 2.85
CA SER C 21 -3.31 -46.12 1.74
C SER C 21 -1.89 -45.92 2.24
N ALA C 22 -0.95 -46.62 1.60
CA ALA C 22 0.42 -46.68 2.10
C ALA C 22 1.07 -45.30 2.09
N GLY C 23 2.02 -45.10 2.99
CA GLY C 23 2.71 -43.82 3.10
C GLY C 23 1.82 -42.62 3.37
N THR C 24 0.84 -42.41 2.47
CA THR C 24 0.01 -41.20 2.45
C THR C 24 -1.13 -41.21 3.48
N GLY C 25 -1.92 -42.28 3.53
CA GLY C 25 -2.88 -42.47 4.60
C GLY C 25 -4.31 -42.01 4.36
N ASP C 26 -4.77 -42.08 3.11
CA ASP C 26 -6.12 -41.64 2.74
C ASP C 26 -7.18 -42.31 3.60
N VAL C 27 -8.07 -41.52 4.18
CA VAL C 27 -9.27 -42.06 4.81
C VAL C 27 -10.24 -42.68 3.78
N VAL C 28 -10.58 -41.94 2.73
CA VAL C 28 -11.35 -42.51 1.63
C VAL C 28 -10.38 -43.15 0.66
N PRO C 29 -10.56 -44.44 0.35
CA PRO C 29 -9.57 -45.07 -0.53
C PRO C 29 -9.53 -44.43 -1.91
N PRO C 30 -8.35 -44.36 -2.51
CA PRO C 30 -8.24 -43.72 -3.82
C PRO C 30 -8.91 -44.61 -4.87
N ILE C 31 -9.39 -44.01 -5.96
CA ILE C 31 -10.09 -44.75 -7.01
C ILE C 31 -9.11 -45.35 -8.02
N HIS C 32 -9.11 -46.67 -8.14
CA HIS C 32 -8.17 -47.39 -8.99
C HIS C 32 -8.68 -47.55 -10.43
N VAL C 33 -8.43 -46.56 -11.28
CA VAL C 33 -8.93 -46.62 -12.65
C VAL C 33 -8.06 -47.44 -13.60
N SER C 34 -6.85 -47.78 -13.17
CA SER C 34 -5.90 -48.42 -14.08
C SER C 34 -6.38 -49.82 -14.52
N THR C 35 -6.27 -50.08 -15.82
CA THR C 35 -6.69 -51.36 -16.39
C THR C 35 -5.56 -52.38 -16.39
N THR C 36 -4.34 -51.92 -16.20
CA THR C 36 -3.21 -52.84 -16.21
C THR C 36 -2.23 -52.50 -15.12
N TYR C 37 -1.62 -53.51 -14.52
CA TYR C 37 -0.78 -53.24 -13.37
C TYR C 37 0.63 -53.74 -13.65
N GLU C 38 1.64 -53.21 -12.94
CA GLU C 38 3.02 -53.63 -13.16
C GLU C 38 3.33 -54.82 -12.26
N ARG C 39 4.03 -55.78 -12.83
CA ARG C 39 4.34 -57.05 -12.19
C ARG C 39 5.37 -56.81 -11.08
N ARG C 40 6.52 -56.27 -11.47
CA ARG C 40 7.71 -56.17 -10.61
C ARG C 40 7.57 -55.27 -9.36
N ALA C 41 6.42 -54.62 -9.19
CA ALA C 41 6.23 -53.71 -8.06
C ALA C 41 5.28 -54.29 -6.99
N GLN C 42 5.03 -55.59 -7.09
CA GLN C 42 4.27 -56.34 -6.11
C GLN C 42 5.15 -57.54 -5.82
N ASP C 43 5.35 -57.88 -4.55
CA ASP C 43 6.31 -58.92 -4.17
C ASP C 43 6.04 -60.29 -4.81
N GLU C 44 4.77 -60.70 -4.84
CA GLU C 44 4.40 -61.95 -5.48
C GLU C 44 3.19 -61.71 -6.35
N PRO C 45 3.31 -60.77 -7.31
CA PRO C 45 2.28 -60.05 -8.07
C PRO C 45 0.91 -60.72 -8.09
N ARG C 46 -0.17 -59.97 -7.85
CA ARG C 46 -1.51 -60.55 -7.97
C ARG C 46 -2.56 -59.70 -8.73
N TYR C 47 -2.20 -58.47 -9.05
CA TYR C 47 -2.97 -57.63 -9.96
C TYR C 47 -2.31 -57.69 -11.32
N PHE C 48 -2.97 -58.29 -12.30
CA PHE C 48 -2.37 -58.49 -13.62
C PHE C 48 -3.17 -57.84 -14.75
N TYR C 49 -4.46 -57.61 -14.52
CA TYR C 49 -5.30 -56.97 -15.53
C TYR C 49 -6.65 -56.61 -14.96
N GLY C 50 -7.18 -55.47 -15.40
CA GLY C 50 -8.40 -54.91 -14.87
C GLY C 50 -9.63 -55.80 -14.84
N ARG C 51 -9.81 -56.63 -15.87
CA ARG C 51 -10.97 -57.52 -15.89
C ARG C 51 -10.95 -58.51 -14.72
N GLY C 52 -9.79 -59.10 -14.45
CA GLY C 52 -9.66 -60.00 -13.32
C GLY C 52 -9.66 -59.23 -12.00
N GLU C 53 -8.81 -58.22 -11.91
CA GLU C 53 -8.46 -57.64 -10.61
C GLU C 53 -8.63 -56.13 -10.58
N ASN C 54 -9.16 -55.62 -9.47
CA ASN C 54 -9.26 -54.18 -9.23
C ASN C 54 -9.55 -53.88 -7.75
N PRO C 55 -8.61 -53.21 -7.08
CA PRO C 55 -8.72 -52.96 -5.64
C PRO C 55 -10.01 -52.23 -5.25
N THR C 56 -10.46 -51.28 -6.07
CA THR C 56 -11.65 -50.50 -5.77
C THR C 56 -12.89 -51.37 -5.78
N ARG C 57 -13.04 -52.16 -6.83
CA ARG C 57 -14.13 -53.13 -6.87
C ARG C 57 -14.09 -54.10 -5.68
N GLU C 58 -12.89 -54.61 -5.38
CA GLU C 58 -12.70 -55.50 -4.22
C GLU C 58 -13.13 -54.86 -2.89
N GLU C 59 -12.94 -53.55 -2.78
CA GLU C 59 -13.31 -52.85 -1.55
C GLU C 59 -14.81 -52.82 -1.36
N LEU C 60 -15.54 -52.50 -2.44
CA LEU C 60 -17.00 -52.58 -2.42
C LEU C 60 -17.47 -54.01 -2.08
N GLU C 61 -16.83 -55.00 -2.70
CA GLU C 61 -17.18 -56.40 -2.47
C GLU C 61 -17.00 -56.81 -1.02
N GLU C 62 -15.86 -56.45 -0.46
CA GLU C 62 -15.59 -56.69 0.96
C GLU C 62 -16.66 -56.00 1.79
N CYS C 63 -17.05 -54.81 1.36
CA CYS C 63 -18.06 -54.06 2.09
C CYS C 63 -19.39 -54.81 2.11
N LEU C 64 -19.89 -55.17 0.92
CA LEU C 64 -21.16 -55.89 0.80
C LEU C 64 -21.16 -57.19 1.58
N ALA C 65 -20.09 -57.97 1.45
CA ALA C 65 -19.94 -59.21 2.20
C ALA C 65 -20.13 -59.00 3.70
N GLY C 66 -19.48 -57.96 4.23
CA GLY C 66 -19.54 -57.65 5.64
C GLY C 66 -20.95 -57.40 6.17
N LEU C 67 -21.81 -56.85 5.34
CA LEU C 67 -23.18 -56.53 5.76
C LEU C 67 -24.02 -57.80 6.02
N GLU C 68 -23.58 -58.93 5.47
CA GLU C 68 -24.28 -60.19 5.71
C GLU C 68 -23.41 -61.20 6.45
N ARG C 69 -22.31 -60.71 7.01
CA ARG C 69 -21.40 -61.55 7.80
C ARG C 69 -20.94 -62.73 6.95
N ALA C 70 -20.75 -62.46 5.67
CA ALA C 70 -20.45 -63.49 4.69
C ALA C 70 -19.03 -63.32 4.14
N PRO C 71 -18.39 -64.43 3.73
CA PRO C 71 -17.01 -64.35 3.23
C PRO C 71 -16.89 -63.77 1.82
N PHE C 72 -17.88 -64.03 0.97
CA PHE C 72 -17.72 -63.75 -0.44
C PHE C 72 -18.79 -62.78 -0.97
N ALA C 73 -18.35 -61.89 -1.87
CA ALA C 73 -19.26 -61.09 -2.67
C ALA C 73 -18.60 -60.78 -4.00
N THR C 74 -19.42 -60.62 -5.02
CA THR C 74 -18.93 -60.32 -6.35
C THR C 74 -19.87 -59.29 -6.94
N VAL C 75 -19.32 -58.18 -7.45
CA VAL C 75 -20.19 -57.17 -8.05
C VAL C 75 -20.16 -57.18 -9.58
N PHE C 76 -21.21 -56.61 -10.16
CA PHE C 76 -21.49 -56.74 -11.58
C PHE C 76 -21.91 -55.39 -12.17
N SER C 77 -21.96 -55.35 -13.49
CA SER C 77 -22.34 -54.15 -14.23
C SER C 77 -23.79 -53.73 -13.95
N SER C 78 -24.61 -54.67 -13.49
CA SER C 78 -26.04 -54.42 -13.26
C SER C 78 -26.61 -55.55 -12.45
N GLY C 79 -27.80 -55.37 -11.89
CA GLY C 79 -28.48 -56.47 -11.22
C GLY C 79 -28.75 -57.61 -12.19
N GLN C 80 -29.19 -57.28 -13.39
CA GLN C 80 -29.38 -58.28 -14.42
C GLN C 80 -28.11 -59.12 -14.58
N ALA C 81 -26.95 -58.46 -14.53
CA ALA C 81 -25.67 -59.16 -14.72
C ALA C 81 -25.41 -60.16 -13.61
N ALA C 82 -25.72 -59.76 -12.38
CA ALA C 82 -25.59 -60.66 -11.25
C ALA C 82 -26.53 -61.87 -11.44
N ALA C 83 -27.75 -61.60 -11.87
CA ALA C 83 -28.70 -62.67 -12.09
C ALA C 83 -28.27 -63.61 -13.23
N ALA C 84 -27.75 -63.05 -14.32
CA ALA C 84 -27.32 -63.85 -15.46
C ALA C 84 -26.20 -64.81 -15.04
N THR C 85 -25.25 -64.29 -14.28
CA THR C 85 -24.10 -65.05 -13.81
C THR C 85 -24.56 -66.22 -12.95
N LEU C 86 -25.39 -65.90 -11.97
CA LEU C 86 -25.83 -66.88 -10.99
C LEU C 86 -26.62 -67.95 -11.71
N LEU C 87 -27.38 -67.53 -12.72
CA LEU C 87 -28.25 -68.43 -13.47
C LEU C 87 -27.48 -69.25 -14.51
N SER C 88 -26.35 -68.71 -14.98
CA SER C 88 -25.54 -69.40 -15.99
C SER C 88 -25.04 -70.76 -15.52
N LEU C 89 -25.01 -70.97 -14.21
CA LEU C 89 -24.44 -72.17 -13.62
C LEU C 89 -25.43 -73.33 -13.62
N VAL C 90 -26.67 -73.01 -13.97
CA VAL C 90 -27.68 -74.03 -14.10
C VAL C 90 -27.50 -74.65 -15.47
N ARG C 91 -27.15 -75.94 -15.47
CA ARG C 91 -26.80 -76.66 -16.67
C ARG C 91 -28.05 -77.11 -17.43
N PRO C 92 -27.94 -77.24 -18.75
CA PRO C 92 -29.07 -77.70 -19.58
C PRO C 92 -29.65 -79.01 -19.03
N GLY C 93 -30.97 -79.13 -19.06
CA GLY C 93 -31.61 -80.32 -18.51
C GLY C 93 -31.82 -80.23 -17.01
N GLN C 94 -31.83 -79.01 -16.48
CA GLN C 94 -32.09 -78.80 -15.07
C GLN C 94 -33.24 -77.82 -14.88
N CYS C 95 -33.71 -77.68 -13.64
CA CYS C 95 -34.96 -76.99 -13.38
C CYS C 95 -34.82 -75.84 -12.39
N VAL C 96 -35.52 -74.74 -12.65
CA VAL C 96 -35.63 -73.63 -11.69
C VAL C 96 -37.09 -73.40 -11.34
N VAL C 97 -37.40 -73.33 -10.04
CA VAL C 97 -38.67 -72.80 -9.58
C VAL C 97 -38.43 -71.38 -9.13
N SER C 98 -39.41 -70.52 -9.36
CA SER C 98 -39.37 -69.18 -8.81
C SER C 98 -40.78 -68.68 -8.58
N THR C 99 -40.89 -67.58 -7.83
CA THR C 99 -42.15 -66.85 -7.70
C THR C 99 -42.69 -66.60 -9.10
N ASP C 100 -44.01 -66.63 -9.24
CA ASP C 100 -44.68 -66.33 -10.53
C ASP C 100 -44.55 -64.83 -10.67
N ASP C 101 -44.20 -64.24 -9.53
CA ASP C 101 -44.21 -62.80 -9.29
C ASP C 101 -42.91 -62.10 -9.69
N VAL C 102 -41.98 -62.82 -10.32
CA VAL C 102 -40.64 -62.24 -10.49
C VAL C 102 -40.50 -61.27 -11.63
N TYR C 103 -39.69 -60.25 -11.37
CA TYR C 103 -39.25 -59.25 -12.31
C TYR C 103 -39.10 -59.84 -13.72
N ALA C 104 -39.74 -59.23 -14.71
CA ALA C 104 -39.62 -59.65 -16.10
C ALA C 104 -38.17 -59.68 -16.55
N GLY C 105 -37.35 -58.85 -15.90
CA GLY C 105 -35.92 -58.87 -16.09
C GLY C 105 -35.41 -60.27 -15.79
N THR C 106 -36.01 -60.87 -14.77
CA THR C 106 -35.70 -62.26 -14.41
C THR C 106 -36.42 -63.26 -15.34
N ASP C 107 -37.73 -63.04 -15.57
CA ASP C 107 -38.52 -63.80 -16.57
C ASP C 107 -37.78 -63.83 -17.92
N GLY C 108 -37.32 -62.66 -18.37
CA GLY C 108 -36.54 -62.54 -19.59
C GLY C 108 -35.26 -63.35 -19.52
N LEU C 109 -34.54 -63.24 -18.40
CA LEU C 109 -33.38 -64.10 -18.19
C LEU C 109 -33.82 -65.56 -18.12
N PHE C 110 -35.00 -65.80 -17.53
CA PHE C 110 -35.56 -67.15 -17.51
C PHE C 110 -35.83 -67.66 -18.93
N ASP C 111 -36.37 -66.82 -19.80
CA ASP C 111 -36.64 -67.21 -21.18
C ASP C 111 -35.34 -67.50 -21.92
N LEU C 112 -34.30 -66.73 -21.61
CA LEU C 112 -32.97 -66.97 -22.18
C LEU C 112 -32.46 -68.34 -21.77
N ALA C 113 -32.54 -68.64 -20.48
CA ALA C 113 -32.05 -69.90 -19.98
C ALA C 113 -32.79 -71.08 -20.62
N ALA C 114 -34.10 -70.92 -20.79
CA ALA C 114 -34.93 -71.98 -21.35
C ALA C 114 -34.49 -72.31 -22.78
N ARG C 115 -34.00 -71.29 -23.49
CA ARG C 115 -33.60 -71.53 -24.88
C ARG C 115 -32.26 -72.25 -24.95
N GLN C 116 -31.58 -72.35 -23.80
CA GLN C 116 -30.34 -73.12 -23.76
C GLN C 116 -30.52 -74.60 -23.37
N GLY C 117 -31.68 -74.96 -22.84
CA GLY C 117 -31.89 -76.34 -22.42
C GLY C 117 -32.09 -76.49 -20.91
N VAL C 118 -32.08 -75.37 -20.20
CA VAL C 118 -32.41 -75.35 -18.78
C VAL C 118 -33.90 -75.23 -18.64
N ARG C 119 -34.51 -76.10 -17.83
CA ARG C 119 -35.95 -76.04 -17.60
C ARG C 119 -36.28 -75.01 -16.53
N VAL C 120 -37.44 -74.39 -16.67
CA VAL C 120 -37.89 -73.32 -15.78
C VAL C 120 -39.36 -73.51 -15.41
N ARG C 121 -39.65 -73.48 -14.11
CA ARG C 121 -41.04 -73.62 -13.66
C ARG C 121 -41.54 -72.37 -12.96
N TYR C 122 -42.86 -72.20 -12.96
CA TYR C 122 -43.48 -71.09 -12.24
C TYR C 122 -44.49 -71.66 -11.21
N ALA C 123 -44.02 -71.84 -9.98
CA ALA C 123 -44.89 -72.31 -8.89
C ALA C 123 -44.99 -71.35 -7.71
N ASP C 124 -45.86 -71.71 -6.77
CA ASP C 124 -46.30 -70.84 -5.67
C ASP C 124 -45.50 -71.07 -4.38
N LEU C 125 -44.88 -70.02 -3.87
CA LEU C 125 -44.04 -70.17 -2.68
C LEU C 125 -44.57 -69.38 -1.48
N THR C 126 -45.90 -69.32 -1.35
CA THR C 126 -46.54 -68.62 -0.24
C THR C 126 -47.37 -69.56 0.61
N THR C 127 -47.67 -70.74 0.04
CA THR C 127 -48.45 -71.77 0.72
C THR C 127 -47.59 -73.03 0.81
N PRO C 128 -47.93 -73.93 1.75
CA PRO C 128 -47.20 -75.19 1.87
C PRO C 128 -47.49 -76.12 0.71
N GLU C 129 -48.58 -75.85 -0.01
CA GLU C 129 -49.01 -76.71 -1.09
C GLU C 129 -48.16 -76.50 -2.34
N GLY C 130 -47.84 -75.23 -2.62
CA GLY C 130 -47.03 -74.87 -3.78
C GLY C 130 -45.55 -75.16 -3.62
N ILE C 131 -44.99 -74.75 -2.48
CA ILE C 131 -43.67 -75.18 -2.05
C ILE C 131 -43.50 -76.68 -2.23
N ALA C 132 -44.46 -77.46 -1.72
CA ALA C 132 -44.40 -78.92 -1.83
C ALA C 132 -44.49 -79.36 -3.29
N ALA C 133 -45.43 -78.77 -4.02
CA ALA C 133 -45.64 -79.12 -5.42
C ALA C 133 -44.42 -78.83 -6.29
N ALA C 134 -43.72 -77.74 -5.99
CA ALA C 134 -42.60 -77.33 -6.83
C ALA C 134 -41.33 -78.11 -6.52
N LEU C 135 -41.11 -78.44 -5.26
CA LEU C 135 -39.83 -79.03 -4.89
C LEU C 135 -39.66 -80.49 -5.29
N ALA C 136 -40.74 -81.25 -5.25
CA ALA C 136 -40.70 -82.66 -5.64
C ALA C 136 -40.10 -82.81 -7.04
N GLU C 137 -40.45 -81.86 -7.90
CA GLU C 137 -39.91 -81.73 -9.26
C GLU C 137 -38.48 -82.23 -9.44
N PRO C 138 -38.31 -83.22 -10.31
CA PRO C 138 -37.00 -83.80 -10.57
C PRO C 138 -36.08 -82.74 -11.18
N ASP C 139 -34.77 -82.92 -11.01
CA ASP C 139 -33.76 -82.02 -11.60
C ASP C 139 -33.72 -80.60 -11.02
N LEU C 140 -34.22 -80.42 -9.80
CA LEU C 140 -34.21 -79.09 -9.22
C LEU C 140 -32.77 -78.66 -8.94
N ALA C 141 -32.35 -77.57 -9.57
CA ALA C 141 -31.00 -77.07 -9.36
C ALA C 141 -30.99 -75.79 -8.55
N LEU C 142 -32.07 -75.01 -8.66
CA LEU C 142 -32.09 -73.65 -8.13
C LEU C 142 -33.51 -73.18 -7.76
N VAL C 143 -33.65 -72.64 -6.55
CA VAL C 143 -34.92 -72.06 -6.13
C VAL C 143 -34.76 -70.55 -6.01
N TRP C 144 -35.52 -69.83 -6.83
CA TRP C 144 -35.29 -68.41 -7.03
C TRP C 144 -36.32 -67.57 -6.30
N ILE C 145 -36.09 -67.33 -5.02
CA ILE C 145 -37.01 -66.54 -4.19
C ILE C 145 -36.81 -65.05 -4.39
N GLU C 146 -37.89 -64.33 -4.69
CA GLU C 146 -37.83 -62.88 -4.63
C GLU C 146 -38.89 -62.38 -3.65
N THR C 147 -38.47 -61.77 -2.55
CA THR C 147 -39.43 -61.39 -1.50
C THR C 147 -39.01 -60.17 -0.68
N PRO C 148 -39.88 -59.14 -0.62
CA PRO C 148 -41.23 -59.07 -1.19
C PRO C 148 -41.25 -59.05 -2.72
N THR C 149 -42.37 -59.46 -3.28
CA THR C 149 -42.54 -59.47 -4.71
C THR C 149 -43.05 -58.11 -5.18
N ASN C 150 -43.05 -57.88 -6.50
CA ASN C 150 -43.37 -56.57 -7.05
C ASN C 150 -44.21 -56.65 -8.31
N PRO C 151 -45.36 -55.95 -8.33
CA PRO C 151 -45.82 -54.91 -7.40
C PRO C 151 -46.56 -55.33 -6.11
N LEU C 152 -47.18 -56.52 -6.04
CA LEU C 152 -48.12 -56.83 -4.93
C LEU C 152 -47.52 -56.92 -3.53
N LEU C 153 -46.20 -57.01 -3.42
CA LEU C 153 -45.53 -57.13 -2.13
C LEU C 153 -45.95 -58.37 -1.36
N THR C 154 -46.11 -59.49 -2.08
CA THR C 154 -46.37 -60.75 -1.41
C THR C 154 -45.06 -61.19 -0.76
N VAL C 155 -45.15 -62.13 0.17
CA VAL C 155 -43.97 -62.49 0.96
C VAL C 155 -43.78 -64.00 1.09
N VAL C 156 -42.56 -64.46 0.84
CA VAL C 156 -42.21 -65.88 0.92
C VAL C 156 -41.31 -66.13 2.13
N ASP C 157 -41.56 -67.21 2.86
CA ASP C 157 -40.77 -67.53 4.04
C ASP C 157 -39.43 -68.12 3.61
N VAL C 158 -38.37 -67.32 3.74
CA VAL C 158 -37.05 -67.72 3.28
C VAL C 158 -36.53 -68.94 4.04
N ALA C 159 -36.66 -68.95 5.37
CA ALA C 159 -36.22 -70.09 6.17
C ALA C 159 -36.86 -71.39 5.72
N GLU C 160 -38.20 -71.42 5.72
CA GLU C 160 -38.96 -72.62 5.38
C GLU C 160 -38.69 -73.11 3.95
N VAL C 161 -38.73 -72.19 2.99
CA VAL C 161 -38.47 -72.57 1.61
C VAL C 161 -37.03 -73.04 1.46
N SER C 162 -36.12 -72.47 2.24
CA SER C 162 -34.70 -72.85 2.15
C SER C 162 -34.44 -74.24 2.73
N ARG C 163 -35.03 -74.53 3.88
CA ARG C 163 -34.89 -75.85 4.50
C ARG C 163 -35.26 -76.96 3.52
N ARG C 164 -36.47 -76.90 2.97
CA ARG C 164 -36.96 -77.96 2.07
C ARG C 164 -36.14 -78.02 0.79
N ALA C 165 -35.74 -76.87 0.27
CA ALA C 165 -35.02 -76.82 -1.01
C ALA C 165 -33.72 -77.58 -0.91
N HIS C 166 -33.16 -77.62 0.29
CA HIS C 166 -31.87 -78.25 0.52
C HIS C 166 -31.96 -79.78 0.60
N GLU C 167 -33.14 -80.28 0.93
CA GLU C 167 -33.38 -81.71 0.97
C GLU C 167 -33.52 -82.24 -0.46
N ARG C 168 -33.38 -81.33 -1.43
CA ARG C 168 -33.63 -81.64 -2.83
C ARG C 168 -32.40 -81.39 -3.72
N GLY C 169 -31.24 -81.23 -3.11
CA GLY C 169 -30.01 -80.98 -3.84
C GLY C 169 -29.93 -79.63 -4.54
N ALA C 170 -30.67 -78.64 -4.01
CA ALA C 170 -30.77 -77.37 -4.71
C ALA C 170 -30.10 -76.21 -3.99
N ARG C 171 -29.79 -75.19 -4.77
CA ARG C 171 -29.28 -73.92 -4.27
C ARG C 171 -30.47 -72.96 -4.14
N VAL C 172 -30.44 -72.10 -3.12
CA VAL C 172 -31.49 -71.10 -2.96
C VAL C 172 -30.92 -69.69 -3.12
N VAL C 173 -31.51 -68.90 -4.01
CA VAL C 173 -31.15 -67.48 -4.12
C VAL C 173 -32.33 -66.59 -3.74
N VAL C 174 -32.05 -65.55 -2.97
CA VAL C 174 -33.03 -64.53 -2.70
C VAL C 174 -32.63 -63.22 -3.38
N ASP C 175 -33.48 -62.72 -4.28
CA ASP C 175 -33.34 -61.35 -4.80
C ASP C 175 -33.81 -60.45 -3.68
N ASN C 176 -32.87 -59.80 -3.02
CA ASN C 176 -33.15 -59.02 -1.83
C ASN C 176 -32.99 -57.53 -2.10
N THR C 177 -33.09 -57.16 -3.37
CA THR C 177 -32.94 -55.78 -3.80
C THR C 177 -33.88 -54.86 -3.02
N PHE C 178 -35.14 -55.27 -2.95
CA PHE C 178 -36.20 -54.50 -2.33
C PHE C 178 -35.88 -54.18 -0.87
N ALA C 179 -35.77 -55.22 -0.05
CA ALA C 179 -35.63 -55.02 1.39
C ALA C 179 -34.27 -54.39 1.76
N SER C 180 -33.24 -54.76 0.99
CA SER C 180 -31.84 -54.41 1.26
C SER C 180 -31.32 -55.18 2.48
N PRO C 181 -29.97 -55.28 2.62
CA PRO C 181 -29.44 -56.00 3.78
C PRO C 181 -29.78 -55.33 5.12
N VAL C 182 -30.23 -54.07 5.09
CA VAL C 182 -30.66 -53.41 6.31
C VAL C 182 -31.90 -54.08 6.92
N LEU C 183 -32.79 -54.59 6.07
CA LEU C 183 -34.07 -55.10 6.56
C LEU C 183 -34.23 -56.61 6.52
N GLN C 184 -33.50 -57.28 5.63
CA GLN C 184 -33.65 -58.71 5.48
C GLN C 184 -32.29 -59.36 5.22
N GLN C 185 -32.04 -60.47 5.89
CA GLN C 185 -30.75 -61.14 5.81
C GLN C 185 -30.90 -62.57 5.26
N PRO C 186 -30.97 -62.73 3.94
CA PRO C 186 -31.25 -64.04 3.32
C PRO C 186 -30.30 -65.16 3.76
N LEU C 187 -29.00 -64.87 3.84
CA LEU C 187 -28.02 -65.87 4.26
C LEU C 187 -28.29 -66.33 5.70
N ALA C 188 -28.60 -65.38 6.58
CA ALA C 188 -28.91 -65.74 7.97
C ALA C 188 -30.21 -66.52 8.00
N LEU C 189 -31.11 -66.19 7.07
CA LEU C 189 -32.40 -66.86 7.01
C LEU C 189 -32.29 -68.29 6.43
N GLY C 190 -31.11 -68.66 5.93
CA GLY C 190 -30.89 -70.01 5.43
C GLY C 190 -30.67 -70.15 3.93
N ALA C 191 -30.68 -69.04 3.21
CA ALA C 191 -30.44 -69.07 1.77
C ALA C 191 -28.95 -69.24 1.44
N ASP C 192 -28.67 -69.63 0.21
CA ASP C 192 -27.28 -69.77 -0.25
C ASP C 192 -26.70 -68.49 -0.86
N VAL C 193 -27.55 -67.68 -1.49
CA VAL C 193 -27.11 -66.48 -2.17
C VAL C 193 -28.09 -65.33 -1.99
N SER C 194 -27.56 -64.14 -1.76
CA SER C 194 -28.37 -62.92 -1.86
C SER C 194 -28.03 -62.22 -3.15
N LEU C 195 -29.06 -61.88 -3.92
CA LEU C 195 -28.91 -61.14 -5.15
C LEU C 195 -29.31 -59.69 -4.94
N TYR C 196 -28.48 -58.76 -5.42
CA TYR C 196 -28.77 -57.34 -5.32
C TYR C 196 -28.57 -56.60 -6.62
N SER C 197 -29.64 -55.96 -7.09
CA SER C 197 -29.45 -54.80 -7.95
C SER C 197 -29.00 -53.65 -7.04
N THR C 198 -27.72 -53.30 -7.11
CA THR C 198 -27.23 -52.19 -6.31
C THR C 198 -27.64 -50.86 -6.94
N THR C 199 -28.13 -50.93 -8.18
CA THR C 199 -28.71 -49.80 -8.91
C THR C 199 -29.82 -49.19 -8.07
N1 LLP C 200 -34.20 -57.09 -9.13
C2 LLP C 200 -35.10 -56.19 -8.72
C2' LLP C 200 -36.05 -56.59 -7.54
C3 LLP C 200 -35.18 -54.92 -9.37
O3 LLP C 200 -36.10 -53.97 -8.94
C4 LLP C 200 -34.30 -54.61 -10.41
C4' LLP C 200 -34.33 -53.17 -11.16
C5 LLP C 200 -33.40 -55.55 -10.82
C6 LLP C 200 -33.35 -56.80 -10.19
C5' LLP C 200 -32.42 -55.28 -12.00
OP4 LLP C 200 -31.17 -54.75 -11.65
P LLP C 200 -30.54 -53.76 -12.70
OP1 LLP C 200 -29.42 -53.04 -11.93
OP2 LLP C 200 -30.00 -54.54 -13.84
OP3 LLP C 200 -31.59 -52.84 -13.22
N LLP C 200 -30.51 -50.04 -7.31
CA LLP C 200 -31.65 -49.59 -6.53
CB LLP C 200 -32.71 -50.68 -6.39
CG LLP C 200 -33.02 -51.35 -7.74
CD LLP C 200 -33.76 -50.43 -8.72
CE LLP C 200 -33.73 -51.08 -10.14
NZ LLP C 200 -34.78 -52.10 -10.32
C LLP C 200 -31.13 -49.07 -5.22
O LLP C 200 -30.23 -48.23 -5.26
N SER C 201 -31.63 -49.54 -4.08
CA SER C 201 -31.33 -48.87 -2.80
C SER C 201 -29.87 -48.74 -2.37
N ILE C 202 -29.12 -49.84 -2.42
CA ILE C 202 -27.73 -49.85 -1.93
C ILE C 202 -26.93 -48.62 -2.40
N ALA C 203 -26.94 -48.35 -3.71
CA ALA C 203 -26.34 -47.11 -4.19
C ALA C 203 -27.21 -45.90 -3.78
N GLY C 204 -28.49 -45.90 -4.17
CA GLY C 204 -29.49 -45.05 -3.54
C GLY C 204 -29.60 -43.59 -3.95
N HIS C 205 -28.89 -43.20 -5.01
CA HIS C 205 -28.92 -41.82 -5.51
C HIS C 205 -29.22 -41.77 -7.00
N ALA C 206 -29.68 -42.90 -7.52
CA ALA C 206 -30.16 -43.00 -8.91
C ALA C 206 -29.15 -42.52 -9.96
N ASP C 207 -27.86 -42.77 -9.72
CA ASP C 207 -26.82 -42.29 -10.63
C ASP C 207 -25.73 -43.32 -11.00
N VAL C 208 -26.05 -44.60 -10.83
CA VAL C 208 -25.12 -45.68 -11.19
C VAL C 208 -25.85 -47.02 -11.35
N LEU C 209 -25.45 -47.83 -12.32
CA LEU C 209 -26.00 -49.17 -12.49
C LEU C 209 -25.05 -50.14 -11.84
N GLY C 210 -25.57 -51.21 -11.23
CA GLY C 210 -24.72 -52.22 -10.61
C GLY C 210 -25.45 -53.44 -10.05
N GLY C 211 -24.74 -54.56 -10.00
CA GLY C 211 -25.28 -55.76 -9.39
C GLY C 211 -24.32 -56.32 -8.36
N ALA C 212 -24.84 -57.22 -7.52
CA ALA C 212 -24.01 -57.94 -6.57
C ALA C 212 -24.62 -59.29 -6.21
N LEU C 213 -23.75 -60.24 -5.91
CA LEU C 213 -24.12 -61.50 -5.30
C LEU C 213 -23.34 -61.63 -4.02
N VAL C 214 -23.98 -62.09 -2.97
CA VAL C 214 -23.32 -62.31 -1.68
C VAL C 214 -23.63 -63.73 -1.22
N TYR C 215 -22.60 -64.48 -0.85
CA TYR C 215 -22.75 -65.94 -0.63
C TYR C 215 -21.63 -66.48 0.27
N ARG C 216 -21.64 -67.78 0.53
CA ARG C 216 -20.60 -68.35 1.39
C ARG C 216 -19.82 -69.55 0.81
N ASP C 217 -20.35 -70.22 -0.21
CA ASP C 217 -19.70 -71.43 -0.74
C ASP C 217 -18.47 -71.09 -1.58
N ALA C 218 -17.34 -71.72 -1.25
CA ALA C 218 -16.08 -71.48 -1.94
C ALA C 218 -16.09 -71.92 -3.40
N ASP C 219 -16.73 -73.06 -3.68
CA ASP C 219 -16.81 -73.56 -5.05
C ASP C 219 -17.65 -72.63 -5.91
N LEU C 220 -18.80 -72.22 -5.38
CA LEU C 220 -19.64 -71.23 -6.05
C LEU C 220 -18.84 -69.95 -6.32
N HIS C 221 -18.06 -69.52 -5.34
CA HIS C 221 -17.20 -68.35 -5.49
C HIS C 221 -16.31 -68.46 -6.75
N ALA C 222 -15.62 -69.58 -6.89
CA ALA C 222 -14.76 -69.82 -8.04
C ALA C 222 -15.54 -69.83 -9.36
N ALA C 223 -16.73 -70.44 -9.34
CA ALA C 223 -17.60 -70.47 -10.52
C ALA C 223 -18.11 -69.09 -10.92
N VAL C 224 -18.49 -68.29 -9.93
CA VAL C 224 -19.00 -66.95 -10.17
C VAL C 224 -17.94 -66.02 -10.78
N ARG C 225 -16.76 -65.99 -10.17
CA ARG C 225 -15.67 -65.15 -10.64
C ARG C 225 -15.19 -65.58 -12.03
N ALA C 226 -15.09 -66.89 -12.25
CA ALA C 226 -14.69 -67.39 -13.56
C ALA C 226 -15.66 -66.92 -14.66
N TYR C 227 -16.95 -66.92 -14.38
CA TYR C 227 -17.92 -66.46 -15.37
C TYR C 227 -17.84 -64.94 -15.59
N ARG C 228 -17.71 -64.18 -14.52
CA ARG C 228 -17.61 -62.73 -14.65
C ARG C 228 -16.39 -62.35 -15.48
N THR C 229 -15.28 -63.05 -15.25
CA THR C 229 -14.04 -62.80 -15.97
C THR C 229 -14.19 -63.10 -17.46
N THR C 230 -14.93 -64.17 -17.77
CA THR C 230 -15.09 -64.62 -19.15
C THR C 230 -16.21 -63.88 -19.89
N ALA C 231 -17.34 -63.68 -19.22
CA ALA C 231 -18.45 -62.89 -19.78
C ALA C 231 -18.15 -61.38 -19.76
N GLY C 232 -17.25 -60.97 -18.88
CA GLY C 232 -16.82 -59.58 -18.84
C GLY C 232 -17.90 -58.62 -18.40
N ASN C 233 -18.86 -59.12 -17.63
CA ASN C 233 -19.99 -58.31 -17.15
C ASN C 233 -19.62 -57.63 -15.85
N VAL C 234 -18.46 -56.98 -15.88
CA VAL C 234 -17.85 -56.42 -14.71
C VAL C 234 -18.11 -54.90 -14.70
N PRO C 235 -18.40 -54.33 -13.52
CA PRO C 235 -18.68 -52.89 -13.47
C PRO C 235 -17.42 -52.06 -13.64
N GLY C 236 -17.56 -50.75 -13.78
CA GLY C 236 -16.41 -49.87 -13.83
C GLY C 236 -15.88 -49.45 -12.45
N ALA C 237 -14.61 -49.05 -12.40
CA ALA C 237 -14.00 -48.60 -11.14
C ALA C 237 -14.69 -47.35 -10.60
N LEU C 238 -14.97 -46.39 -11.48
CA LEU C 238 -15.61 -45.16 -11.05
C LEU C 238 -17.03 -45.45 -10.58
N ASP C 239 -17.71 -46.34 -11.30
CA ASP C 239 -19.07 -46.72 -10.92
C ASP C 239 -19.08 -47.38 -9.54
N CYS C 240 -18.11 -48.26 -9.30
CA CYS C 240 -17.98 -48.89 -7.98
C CYS C 240 -17.77 -47.88 -6.87
N PHE C 241 -17.03 -46.82 -7.16
CA PHE C 241 -16.83 -45.76 -6.17
C PHE C 241 -18.16 -45.11 -5.79
N LEU C 242 -19.01 -44.86 -6.77
CA LEU C 242 -20.31 -44.24 -6.51
C LEU C 242 -21.24 -45.13 -5.69
N VAL C 243 -21.23 -46.44 -5.96
CA VAL C 243 -22.05 -47.37 -5.17
C VAL C 243 -21.55 -47.37 -3.72
N ARG C 244 -20.23 -47.50 -3.57
CA ARG C 244 -19.58 -47.54 -2.26
C ARG C 244 -19.87 -46.29 -1.43
N ARG C 245 -19.83 -45.13 -2.09
CA ARG C 245 -20.10 -43.85 -1.44
C ARG C 245 -21.56 -43.76 -1.01
N GLY C 246 -22.47 -44.25 -1.85
CA GLY C 246 -23.88 -44.20 -1.51
C GLY C 246 -24.18 -45.13 -0.34
N LEU C 247 -23.49 -46.26 -0.33
CA LEU C 247 -23.66 -47.31 0.69
C LEU C 247 -23.49 -46.79 2.12
N HIS C 248 -22.58 -45.83 2.33
CA HIS C 248 -22.37 -45.24 3.66
C HIS C 248 -23.68 -44.86 4.35
N THR C 249 -24.62 -44.32 3.59
CA THR C 249 -25.86 -43.81 4.18
C THR C 249 -27.07 -44.75 4.03
N LEU C 250 -26.86 -45.97 3.53
CA LEU C 250 -27.96 -46.91 3.30
C LEU C 250 -28.93 -47.07 4.47
N SER C 251 -28.39 -47.24 5.67
CA SER C 251 -29.25 -47.42 6.83
C SER C 251 -30.02 -46.16 7.20
N LEU C 252 -29.36 -45.01 7.20
CA LEU C 252 -30.07 -43.76 7.46
C LEU C 252 -31.17 -43.56 6.42
N ARG C 253 -30.86 -43.84 5.17
CA ARG C 253 -31.86 -43.72 4.10
C ARG C 253 -33.05 -44.67 4.29
N VAL C 254 -32.77 -45.97 4.45
CA VAL C 254 -33.84 -46.96 4.59
C VAL C 254 -34.75 -46.67 5.77
N HIS C 255 -34.20 -46.28 6.91
CA HIS C 255 -35.04 -45.96 8.06
C HIS C 255 -35.95 -44.74 7.79
N ARG C 256 -35.42 -43.73 7.11
CA ARG C 256 -36.24 -42.60 6.69
C ARG C 256 -37.34 -43.04 5.71
N GLN C 257 -36.94 -43.79 4.68
CA GLN C 257 -37.90 -44.26 3.70
C GLN C 257 -39.05 -45.08 4.32
N VAL C 258 -38.71 -45.99 5.23
CA VAL C 258 -39.76 -46.80 5.86
C VAL C 258 -40.70 -45.98 6.75
N ALA C 259 -40.13 -45.01 7.48
CA ALA C 259 -40.93 -44.17 8.36
C ALA C 259 -41.97 -43.37 7.56
N THR C 260 -41.55 -42.81 6.44
CA THR C 260 -42.47 -42.06 5.58
C THR C 260 -43.53 -43.02 5.01
N ALA C 261 -43.09 -44.15 4.45
CA ALA C 261 -44.00 -45.13 3.86
C ALA C 261 -45.15 -45.47 4.80
N ARG C 262 -44.84 -45.64 6.08
CA ARG C 262 -45.86 -45.93 7.08
C ARG C 262 -46.88 -44.78 7.12
N VAL C 263 -46.39 -43.55 7.16
CA VAL C 263 -47.27 -42.38 7.11
C VAL C 263 -48.11 -42.36 5.84
N LEU C 264 -47.48 -42.59 4.68
CA LEU C 264 -48.18 -42.61 3.41
C LEU C 264 -49.29 -43.67 3.38
N VAL C 265 -48.98 -44.85 3.88
CA VAL C 265 -49.98 -45.92 3.98
C VAL C 265 -51.20 -45.45 4.78
N GLU C 266 -51.00 -44.54 5.73
CA GLU C 266 -52.13 -44.05 6.50
C GLU C 266 -53.05 -43.08 5.77
N ARG C 267 -52.49 -42.15 4.98
CA ARG C 267 -53.33 -41.29 4.15
C ARG C 267 -54.10 -42.16 3.16
N LEU C 268 -53.43 -43.17 2.62
CA LEU C 268 -54.08 -44.08 1.67
C LEU C 268 -55.32 -44.77 2.28
N ARG C 269 -55.13 -45.42 3.43
CA ARG C 269 -56.21 -46.14 4.09
C ARG C 269 -57.40 -45.22 4.42
N ALA C 270 -57.10 -43.95 4.68
CA ALA C 270 -58.11 -42.97 5.04
C ALA C 270 -58.85 -42.37 3.84
N SER C 271 -58.35 -42.61 2.63
CA SER C 271 -58.92 -42.04 1.43
C SER C 271 -60.07 -42.85 0.84
N PRO C 272 -61.22 -42.21 0.60
CA PRO C 272 -62.37 -42.93 0.05
C PRO C 272 -62.20 -43.30 -1.43
N VAL C 273 -61.13 -42.86 -2.09
CA VAL C 273 -60.88 -43.29 -3.46
C VAL C 273 -59.69 -44.24 -3.59
N VAL C 274 -59.36 -44.92 -2.50
CA VAL C 274 -58.35 -45.95 -2.51
C VAL C 274 -58.96 -47.31 -2.12
N GLY C 275 -58.76 -48.31 -2.97
CA GLY C 275 -59.19 -49.66 -2.68
C GLY C 275 -58.12 -50.41 -1.89
N ALA C 276 -57.70 -51.57 -2.39
CA ALA C 276 -56.69 -52.38 -1.71
C ALA C 276 -55.44 -51.57 -1.47
N VAL C 277 -54.83 -51.78 -0.30
CA VAL C 277 -53.53 -51.19 0.01
C VAL C 277 -52.60 -52.32 0.41
N HIS C 278 -51.49 -52.46 -0.33
CA HIS C 278 -50.57 -53.56 -0.09
C HIS C 278 -49.28 -53.05 0.56
N TYR C 279 -49.03 -53.45 1.80
CA TYR C 279 -47.82 -53.06 2.51
C TYR C 279 -47.46 -54.11 3.55
N PRO C 280 -46.18 -54.51 3.62
CA PRO C 280 -45.81 -55.62 4.48
C PRO C 280 -45.91 -55.25 5.97
N GLY C 281 -46.18 -53.99 6.27
CA GLY C 281 -46.30 -53.58 7.66
C GLY C 281 -47.72 -53.64 8.19
N LEU C 282 -48.68 -53.91 7.31
CA LEU C 282 -50.08 -53.89 7.70
C LEU C 282 -50.51 -55.13 8.47
N PRO C 283 -51.28 -54.94 9.56
CA PRO C 283 -51.84 -56.03 10.34
C PRO C 283 -52.58 -57.06 9.48
N GLU C 284 -53.27 -56.61 8.41
CA GLU C 284 -54.07 -57.53 7.59
C GLU C 284 -53.18 -58.53 6.92
N HIS C 285 -52.01 -58.08 6.47
CA HIS C 285 -51.15 -58.79 5.52
C HIS C 285 -51.22 -60.31 5.62
N PRO C 286 -51.44 -60.97 4.49
CA PRO C 286 -51.64 -62.43 4.53
C PRO C 286 -50.41 -63.12 5.05
N GLN C 287 -49.22 -62.70 4.61
CA GLN C 287 -48.01 -63.30 5.12
C GLN C 287 -47.38 -62.47 6.24
N HIS C 288 -48.22 -61.83 7.04
CA HIS C 288 -47.72 -60.90 8.04
C HIS C 288 -46.91 -61.54 9.18
N ALA C 289 -47.20 -62.80 9.51
CA ALA C 289 -46.40 -63.52 10.49
C ALA C 289 -45.02 -63.84 9.91
N VAL C 290 -44.96 -64.19 8.63
CA VAL C 290 -43.67 -64.34 7.98
C VAL C 290 -42.94 -63.00 7.99
N VAL C 291 -43.66 -61.92 7.67
CA VAL C 291 -43.14 -60.56 7.84
C VAL C 291 -42.81 -60.30 9.30
N LYS C 292 -43.47 -61.00 10.21
CA LYS C 292 -43.12 -60.79 11.60
C LYS C 292 -41.81 -61.53 11.88
N ALA C 293 -41.67 -62.75 11.36
CA ALA C 293 -40.56 -63.62 11.74
C ALA C 293 -39.19 -63.40 11.06
N GLN C 294 -39.14 -63.10 9.76
CA GLN C 294 -37.85 -63.12 9.04
C GLN C 294 -37.37 -61.73 8.64
N MSE C 295 -37.57 -60.74 9.49
CA MSE C 295 -38.05 -59.51 8.89
C MSE C 295 -38.12 -58.22 9.75
O MSE C 295 -39.14 -57.94 10.36
CB MSE C 295 -39.45 -59.90 8.43
CG MSE C 295 -39.71 -59.74 7.02
SE MSE C 295 -39.66 -57.89 7.06
CE MSE C 295 -38.04 -57.74 5.91
N SER C 296 -37.08 -57.39 9.68
CA SER C 296 -36.85 -56.31 10.66
C SER C 296 -37.66 -55.00 10.50
N ALA C 297 -38.13 -54.71 9.29
CA ALA C 297 -38.99 -53.57 9.01
C ALA C 297 -39.64 -53.85 7.64
N PRO C 298 -40.67 -53.09 7.24
CA PRO C 298 -41.47 -53.55 6.10
C PRO C 298 -41.20 -52.88 4.75
N GLY C 299 -40.05 -52.24 4.58
CA GLY C 299 -39.67 -51.71 3.29
C GLY C 299 -40.36 -50.42 2.96
N ALA C 300 -39.99 -49.82 1.83
CA ALA C 300 -40.50 -48.50 1.49
C ALA C 300 -41.19 -48.47 0.15
N ILE C 301 -41.73 -49.61 -0.24
CA ILE C 301 -42.54 -49.69 -1.43
C ILE C 301 -43.98 -49.92 -0.96
N VAL C 302 -44.91 -49.17 -1.53
CA VAL C 302 -46.32 -49.27 -1.19
C VAL C 302 -47.07 -49.36 -2.51
N SER C 303 -48.11 -50.18 -2.56
CA SER C 303 -48.96 -50.19 -3.76
C SER C 303 -50.43 -50.18 -3.37
N PHE C 304 -51.28 -49.69 -4.30
CA PHE C 304 -52.69 -49.52 -4.00
C PHE C 304 -53.55 -49.39 -5.25
N ASP C 305 -54.82 -49.80 -5.13
CA ASP C 305 -55.84 -49.59 -6.15
C ASP C 305 -56.33 -48.16 -6.07
N TYR C 306 -56.20 -47.41 -7.16
CA TYR C 306 -56.83 -46.09 -7.21
C TYR C 306 -58.24 -46.18 -7.80
N LEU C 307 -59.22 -45.64 -7.07
CA LEU C 307 -60.63 -45.80 -7.43
C LEU C 307 -61.23 -44.61 -8.14
N GLY C 308 -60.59 -43.45 -8.04
CA GLY C 308 -61.18 -42.23 -8.54
C GLY C 308 -60.53 -41.72 -9.81
N GLY C 309 -60.85 -42.34 -10.94
CA GLY C 309 -60.32 -41.92 -12.23
C GLY C 309 -59.24 -42.83 -12.80
N PRO C 310 -58.93 -42.63 -14.09
CA PRO C 310 -57.86 -43.35 -14.80
C PRO C 310 -56.50 -43.14 -14.15
N ALA C 311 -55.60 -44.12 -14.27
CA ALA C 311 -54.29 -44.01 -13.65
C ALA C 311 -53.41 -42.95 -14.32
N GLU C 312 -53.55 -42.78 -15.62
CA GLU C 312 -52.80 -41.76 -16.34
C GLU C 312 -53.18 -40.37 -15.82
N ARG C 313 -54.43 -40.20 -15.40
CA ARG C 313 -54.83 -38.91 -14.85
C ARG C 313 -54.26 -38.73 -13.43
N LEU C 314 -54.26 -39.80 -12.63
CA LEU C 314 -53.58 -39.73 -11.32
C LEU C 314 -52.07 -39.37 -11.41
N LEU C 315 -51.33 -40.07 -12.27
CA LEU C 315 -49.88 -39.81 -12.40
C LEU C 315 -49.59 -38.37 -12.83
N ASP C 316 -50.45 -37.81 -13.67
CA ASP C 316 -50.30 -36.43 -14.16
C ASP C 316 -50.22 -35.43 -13.02
N ARG C 317 -50.97 -35.70 -11.97
CA ARG C 317 -51.23 -34.73 -10.92
C ARG C 317 -50.13 -34.58 -9.88
N PHE C 318 -49.25 -35.57 -9.76
CA PHE C 318 -48.15 -35.47 -8.80
C PHE C 318 -47.18 -34.35 -9.19
N THR C 319 -46.74 -33.57 -8.21
CA THR C 319 -45.74 -32.53 -8.43
C THR C 319 -44.54 -32.63 -7.47
N LEU C 320 -44.50 -33.68 -6.65
CA LEU C 320 -43.30 -33.97 -5.87
C LEU C 320 -42.76 -35.34 -6.26
N PHE C 321 -43.58 -36.38 -6.06
CA PHE C 321 -43.33 -37.69 -6.65
C PHE C 321 -43.00 -37.53 -8.14
N THR C 322 -41.97 -38.23 -8.59
CA THR C 322 -41.57 -38.24 -10.00
C THR C 322 -42.13 -39.49 -10.68
N CYS C 323 -42.69 -39.35 -11.88
CA CYS C 323 -43.19 -40.54 -12.57
C CYS C 323 -42.08 -41.16 -13.37
N GLY C 324 -41.63 -42.32 -12.91
CA GLY C 324 -40.62 -43.08 -13.60
C GLY C 324 -40.53 -44.46 -12.96
N VAL C 325 -39.50 -45.20 -13.32
CA VAL C 325 -39.28 -46.51 -12.74
C VAL C 325 -37.88 -46.61 -12.12
N SER C 326 -37.79 -47.47 -11.11
CA SER C 326 -36.60 -47.81 -10.31
C SER C 326 -37.11 -47.82 -8.89
N LEU C 327 -36.21 -47.85 -7.92
CA LEU C 327 -36.62 -47.79 -6.51
C LEU C 327 -35.42 -47.61 -5.59
N GLY C 328 -35.70 -47.41 -4.31
CA GLY C 328 -34.69 -47.33 -3.27
C GLY C 328 -33.93 -46.02 -3.27
N GLY C 329 -34.28 -45.16 -4.23
CA GLY C 329 -33.51 -43.97 -4.49
C GLY C 329 -33.99 -42.73 -3.75
N VAL C 330 -33.08 -41.77 -3.66
CA VAL C 330 -33.28 -40.48 -3.00
C VAL C 330 -34.59 -39.75 -3.39
N HIS C 331 -34.99 -39.89 -4.64
CA HIS C 331 -36.20 -39.29 -5.15
C HIS C 331 -37.35 -40.28 -5.05
N SER C 332 -38.48 -39.83 -4.50
CA SER C 332 -39.70 -40.62 -4.49
C SER C 332 -40.23 -40.82 -5.90
N LEU C 333 -40.66 -42.04 -6.21
CA LEU C 333 -41.16 -42.35 -7.55
C LEU C 333 -42.55 -42.97 -7.47
N VAL C 334 -43.34 -42.69 -8.50
CA VAL C 334 -44.66 -43.28 -8.60
C VAL C 334 -44.75 -43.94 -9.97
N GLU C 335 -45.45 -45.05 -10.06
CA GLU C 335 -45.86 -45.58 -11.36
C GLU C 335 -47.13 -46.40 -11.25
N CYS C 336 -47.86 -46.53 -12.34
CA CYS C 336 -48.94 -47.47 -12.41
C CYS C 336 -48.35 -48.71 -13.06
N PRO C 337 -48.22 -49.81 -12.28
CA PRO C 337 -47.56 -51.01 -12.80
C PRO C 337 -48.14 -51.61 -14.09
N ALA C 338 -49.25 -51.09 -14.61
CA ALA C 338 -49.73 -51.58 -15.89
C ALA C 338 -49.10 -50.86 -17.09
N LEU C 339 -48.83 -49.57 -16.95
CA LEU C 339 -48.41 -48.76 -18.10
C LEU C 339 -46.91 -48.70 -18.30
N MSE C 340 -46.16 -49.08 -17.27
CA MSE C 340 -44.71 -48.93 -17.31
C MSE C 340 -43.88 -50.10 -16.80
O MSE C 340 -42.99 -50.57 -17.49
CB MSE C 340 -44.29 -47.63 -16.63
CG MSE C 340 -44.05 -46.56 -17.65
SE MSE C 340 -42.81 -47.19 -19.04
CE MSE C 340 -41.21 -46.45 -18.04
N THR C 341 -44.15 -50.55 -15.58
CA THR C 341 -43.38 -51.66 -15.00
C THR C 341 -43.74 -53.05 -15.59
N HIS C 342 -45.00 -53.28 -15.98
CA HIS C 342 -45.44 -54.56 -16.56
C HIS C 342 -46.19 -54.49 -17.91
N ARG C 343 -45.91 -53.48 -18.73
CA ARG C 343 -46.70 -53.23 -19.96
C ARG C 343 -46.62 -54.23 -21.13
N PRO C 344 -45.44 -54.82 -21.39
CA PRO C 344 -45.42 -55.81 -22.48
C PRO C 344 -46.18 -57.10 -22.18
N LEU C 345 -46.57 -57.29 -20.93
CA LEU C 345 -47.23 -58.53 -20.49
C LEU C 345 -48.58 -58.75 -21.15
N SER C 346 -49.59 -59.01 -20.33
CA SER C 346 -50.92 -59.25 -20.87
C SER C 346 -51.97 -58.87 -19.86
N ALA C 347 -53.10 -58.35 -20.36
CA ALA C 347 -54.27 -58.04 -19.56
C ALA C 347 -54.95 -59.30 -19.03
N GLU C 348 -54.60 -60.45 -19.63
CA GLU C 348 -55.13 -61.73 -19.19
C GLU C 348 -54.29 -62.27 -18.05
N ALA C 349 -52.97 -62.27 -18.24
CA ALA C 349 -52.04 -62.66 -17.19
C ALA C 349 -51.91 -61.58 -16.11
N ARG C 350 -52.01 -60.31 -16.49
CA ARG C 350 -51.94 -59.22 -15.51
C ARG C 350 -53.12 -59.28 -14.56
N ALA C 351 -54.28 -59.62 -15.08
CA ALA C 351 -55.41 -59.96 -14.25
C ALA C 351 -54.90 -61.06 -13.33
N ARG C 352 -54.39 -62.12 -13.96
CA ARG C 352 -53.98 -63.33 -13.27
C ARG C 352 -52.95 -63.04 -12.19
N ARG C 353 -52.33 -61.88 -12.27
CA ARG C 353 -51.38 -61.45 -11.25
C ARG C 353 -51.98 -60.47 -10.24
N GLY C 354 -53.26 -60.14 -10.39
CA GLY C 354 -53.87 -59.14 -9.53
C GLY C 354 -53.30 -57.78 -9.84
N ILE C 355 -52.70 -57.67 -11.02
CA ILE C 355 -52.19 -56.41 -11.51
C ILE C 355 -53.33 -55.77 -12.31
N GLY C 356 -54.11 -54.94 -11.63
CA GLY C 356 -55.23 -54.26 -12.25
C GLY C 356 -54.80 -52.95 -12.89
N GLU C 357 -55.68 -52.46 -13.76
CA GLU C 357 -55.44 -51.27 -14.57
C GLU C 357 -55.23 -50.04 -13.70
N SER C 358 -55.96 -49.96 -12.59
CA SER C 358 -55.81 -48.79 -11.75
C SER C 358 -54.92 -49.04 -10.52
N LEU C 359 -54.03 -50.02 -10.62
CA LEU C 359 -53.06 -50.27 -9.56
C LEU C 359 -51.86 -49.33 -9.66
N ILE C 360 -51.43 -48.78 -8.51
CA ILE C 360 -50.39 -47.75 -8.44
C ILE C 360 -49.27 -48.13 -7.46
N ARG C 361 -48.01 -47.94 -7.86
CA ARG C 361 -46.89 -48.22 -6.95
C ARG C 361 -46.12 -46.95 -6.56
N LEU C 362 -45.80 -46.84 -5.28
CA LEU C 362 -44.96 -45.76 -4.73
C LEU C 362 -43.62 -46.31 -4.27
N SER C 363 -42.52 -45.67 -4.68
CA SER C 363 -41.22 -45.95 -4.13
C SER C 363 -40.79 -44.74 -3.29
N VAL C 364 -40.71 -44.93 -1.99
CA VAL C 364 -40.55 -43.78 -1.09
C VAL C 364 -39.10 -43.31 -0.98
N GLY C 365 -38.88 -42.03 -1.28
CA GLY C 365 -37.57 -41.41 -1.12
C GLY C 365 -37.38 -40.81 0.26
N ILE C 366 -36.38 -39.94 0.41
CA ILE C 366 -36.08 -39.36 1.73
C ILE C 366 -36.54 -37.93 1.92
N GLU C 367 -37.46 -37.44 1.08
CA GLU C 367 -37.97 -36.09 1.25
C GLU C 367 -38.84 -35.98 2.53
N ASP C 368 -39.23 -34.76 2.88
CA ASP C 368 -40.02 -34.55 4.09
C ASP C 368 -41.31 -35.35 4.00
N PRO C 369 -41.65 -36.09 5.06
CA PRO C 369 -42.83 -36.94 5.05
C PRO C 369 -44.14 -36.16 4.79
N GLN C 370 -44.28 -34.97 5.36
CA GLN C 370 -45.51 -34.22 5.16
C GLN C 370 -45.57 -33.57 3.78
N ASP C 371 -44.42 -33.26 3.19
CA ASP C 371 -44.42 -32.84 1.79
C ASP C 371 -44.93 -33.98 0.92
N LEU C 372 -44.38 -35.17 1.12
CA LEU C 372 -44.83 -36.34 0.38
C LEU C 372 -46.31 -36.66 0.67
N ALA C 373 -46.71 -36.59 1.94
CA ALA C 373 -48.08 -36.92 2.32
C ALA C 373 -49.03 -35.93 1.68
N GLU C 374 -48.63 -34.66 1.63
CA GLU C 374 -49.46 -33.62 1.02
C GLU C 374 -49.57 -33.85 -0.48
N ASP C 375 -48.48 -34.27 -1.11
CA ASP C 375 -48.48 -34.52 -2.54
C ASP C 375 -49.43 -35.66 -2.91
N LEU C 376 -49.35 -36.73 -2.14
CA LEU C 376 -50.18 -37.91 -2.35
C LEU C 376 -51.67 -37.61 -2.15
N SER C 377 -52.03 -37.16 -0.95
CA SER C 377 -53.42 -36.81 -0.63
C SER C 377 -53.98 -35.84 -1.67
N ARG C 378 -53.18 -34.87 -2.08
CA ARG C 378 -53.61 -33.89 -3.07
C ARG C 378 -53.91 -34.60 -4.38
N ALA C 379 -53.04 -35.53 -4.78
CA ALA C 379 -53.20 -36.24 -6.04
C ALA C 379 -54.48 -37.10 -6.04
N LEU C 380 -54.75 -37.76 -4.92
CA LEU C 380 -55.96 -38.58 -4.79
C LEU C 380 -57.24 -37.78 -4.95
N ALA C 381 -57.21 -36.50 -4.62
CA ALA C 381 -58.42 -35.70 -4.59
C ALA C 381 -58.73 -35.00 -5.92
N GLY C 382 -57.79 -35.01 -6.86
CA GLY C 382 -58.00 -34.45 -8.19
C GLY C 382 -59.05 -35.18 -9.01
N GLY C 383 -59.73 -34.47 -9.91
CA GLY C 383 -60.86 -35.04 -10.65
C GLY C 383 -60.94 -34.60 -12.09
N THR C 384 -59.88 -33.92 -12.54
CA THR C 384 -59.83 -33.36 -13.90
C THR C 384 -58.41 -32.89 -14.26
N MSE D 7 -18.32 -37.00 -42.65
CA MSE D 7 -17.06 -36.29 -42.90
C MSE D 7 -15.80 -37.16 -42.93
O MSE D 7 -15.88 -38.34 -43.26
CB MSE D 7 -16.93 -35.12 -41.93
CG MSE D 7 -17.49 -33.86 -42.53
SE MSE D 7 -16.55 -32.36 -41.87
CE MSE D 7 -17.95 -31.03 -41.97
N ARG D 8 -14.64 -36.60 -42.59
CA ARG D 8 -13.36 -37.35 -42.76
C ARG D 8 -12.75 -37.96 -41.49
N PHE D 9 -12.47 -39.25 -41.56
CA PHE D 9 -12.09 -40.09 -40.42
C PHE D 9 -11.61 -39.37 -39.13
N GLY D 10 -10.66 -38.44 -39.27
CA GLY D 10 -10.12 -37.72 -38.12
C GLY D 10 -11.06 -36.67 -37.52
N THR D 11 -12.04 -36.24 -38.30
CA THR D 11 -13.07 -35.30 -37.88
C THR D 11 -14.21 -36.03 -37.18
N ARG D 12 -14.49 -37.23 -37.66
CA ARG D 12 -15.53 -38.04 -37.06
C ARG D 12 -15.10 -38.46 -35.65
N LEU D 13 -13.79 -38.51 -35.39
CA LEU D 13 -13.28 -38.84 -34.06
C LEU D 13 -13.70 -37.78 -33.03
N VAL D 14 -13.69 -36.51 -33.46
CA VAL D 14 -13.98 -35.38 -32.58
C VAL D 14 -15.48 -35.09 -32.46
N HIS D 15 -16.20 -35.21 -33.56
CA HIS D 15 -17.58 -34.74 -33.63
C HIS D 15 -18.65 -35.84 -33.79
N GLY D 16 -18.21 -37.08 -33.98
CA GLY D 16 -19.15 -38.17 -34.12
C GLY D 16 -20.01 -38.29 -32.86
N GLY D 17 -21.31 -38.12 -33.01
CA GLY D 17 -22.22 -38.21 -31.88
C GLY D 17 -22.06 -37.07 -30.87
N ARG D 18 -21.51 -35.95 -31.28
CA ARG D 18 -21.32 -34.86 -30.32
C ARG D 18 -22.62 -34.02 -30.22
N ARG D 19 -23.52 -34.44 -29.32
CA ARG D 19 -24.89 -33.91 -29.26
C ARG D 19 -25.00 -32.40 -28.99
N PRO D 20 -26.15 -31.80 -29.40
CA PRO D 20 -26.35 -30.34 -29.32
C PRO D 20 -27.07 -29.68 -28.13
N SER D 21 -26.99 -30.18 -26.90
CA SER D 21 -27.48 -29.45 -25.69
C SER D 21 -28.19 -28.10 -25.93
N ALA D 22 -29.50 -28.15 -26.19
CA ALA D 22 -30.30 -26.96 -26.45
C ALA D 22 -30.41 -26.06 -25.21
N GLY D 23 -30.42 -24.76 -25.44
CA GLY D 23 -30.58 -23.83 -24.33
C GLY D 23 -29.37 -23.67 -23.42
N THR D 24 -28.27 -24.36 -23.71
CA THR D 24 -27.02 -24.13 -22.98
C THR D 24 -25.81 -24.10 -23.89
N GLY D 25 -25.90 -24.79 -25.02
CA GLY D 25 -24.83 -24.81 -26.00
C GLY D 25 -23.58 -25.59 -25.64
N ASP D 26 -23.67 -26.51 -24.68
CA ASP D 26 -22.53 -27.34 -24.28
C ASP D 26 -21.77 -27.89 -25.50
N VAL D 27 -20.48 -27.57 -25.59
CA VAL D 27 -19.65 -28.13 -26.65
C VAL D 27 -19.36 -29.60 -26.37
N VAL D 28 -18.77 -29.89 -25.21
CA VAL D 28 -18.67 -31.27 -24.75
C VAL D 28 -19.98 -31.66 -24.05
N PRO D 29 -20.70 -32.66 -24.59
CA PRO D 29 -22.02 -33.01 -24.05
C PRO D 29 -21.92 -33.40 -22.58
N PRO D 30 -22.94 -33.06 -21.80
CA PRO D 30 -22.87 -33.35 -20.36
C PRO D 30 -23.01 -34.85 -20.09
N ILE D 31 -22.43 -35.32 -18.99
CA ILE D 31 -22.44 -36.75 -18.69
C ILE D 31 -23.78 -37.17 -18.04
N HIS D 32 -24.55 -38.00 -18.74
CA HIS D 32 -25.86 -38.46 -18.24
C HIS D 32 -25.69 -39.63 -17.25
N VAL D 33 -25.67 -39.34 -15.96
CA VAL D 33 -25.51 -40.38 -14.95
C VAL D 33 -26.84 -40.92 -14.41
N SER D 34 -27.94 -40.24 -14.67
CA SER D 34 -29.22 -40.67 -14.12
C SER D 34 -29.63 -42.06 -14.64
N THR D 35 -29.94 -42.98 -13.74
CA THR D 35 -30.43 -44.29 -14.16
C THR D 35 -31.92 -44.18 -14.46
N THR D 36 -32.50 -43.03 -14.10
CA THR D 36 -33.93 -42.88 -13.94
C THR D 36 -34.44 -41.69 -14.74
N TYR D 37 -35.61 -41.82 -15.34
CA TYR D 37 -36.12 -40.76 -16.21
C TYR D 37 -37.54 -40.33 -15.91
N GLU D 38 -37.74 -39.02 -15.78
CA GLU D 38 -39.07 -38.46 -15.59
C GLU D 38 -39.82 -38.68 -16.89
N ARG D 39 -40.89 -39.46 -16.79
CA ARG D 39 -41.68 -39.84 -17.94
C ARG D 39 -42.19 -38.61 -18.70
N ARG D 40 -42.96 -37.79 -18.01
CA ARG D 40 -43.87 -36.85 -18.67
C ARG D 40 -43.18 -35.67 -19.36
N ALA D 41 -41.87 -35.60 -19.24
CA ALA D 41 -41.10 -34.42 -19.71
C ALA D 41 -40.40 -34.63 -21.06
N GLN D 42 -40.89 -35.57 -21.86
CA GLN D 42 -40.20 -35.94 -23.10
C GLN D 42 -41.07 -35.66 -24.31
N ASP D 43 -40.66 -34.70 -25.14
CA ASP D 43 -41.48 -34.32 -26.29
C ASP D 43 -41.83 -35.52 -27.16
N GLU D 44 -41.03 -36.58 -27.08
CA GLU D 44 -41.44 -37.91 -27.55
C GLU D 44 -40.55 -38.98 -26.91
N PRO D 45 -41.01 -39.55 -25.78
CA PRO D 45 -40.30 -40.50 -24.91
C PRO D 45 -39.28 -41.46 -25.56
N ARG D 46 -37.99 -41.23 -25.33
CA ARG D 46 -37.01 -42.25 -25.71
C ARG D 46 -36.37 -42.94 -24.49
N TYR D 47 -36.58 -42.36 -23.31
CA TYR D 47 -35.83 -42.73 -22.13
C TYR D 47 -36.70 -43.23 -20.98
N PHE D 48 -36.56 -44.52 -20.66
CA PHE D 48 -37.34 -45.13 -19.59
C PHE D 48 -36.49 -45.64 -18.43
N TYR D 49 -35.32 -46.20 -18.75
CA TYR D 49 -34.44 -46.78 -17.74
C TYR D 49 -33.00 -46.96 -18.23
N GLY D 50 -32.05 -46.73 -17.32
CA GLY D 50 -30.64 -46.63 -17.65
C GLY D 50 -29.94 -47.82 -18.28
N ARG D 51 -30.43 -49.04 -18.02
CA ARG D 51 -29.84 -50.24 -18.62
C ARG D 51 -30.18 -50.29 -20.11
N GLY D 52 -31.36 -49.80 -20.47
CA GLY D 52 -31.82 -49.82 -21.85
C GLY D 52 -31.41 -48.62 -22.69
N GLU D 53 -31.45 -47.43 -22.10
CA GLU D 53 -31.17 -46.20 -22.85
C GLU D 53 -30.35 -45.25 -21.98
N ASN D 54 -29.40 -44.57 -22.61
CA ASN D 54 -28.60 -43.55 -21.94
C ASN D 54 -27.91 -42.70 -23.02
N PRO D 55 -28.09 -41.37 -22.98
CA PRO D 55 -27.57 -40.52 -24.06
C PRO D 55 -26.02 -40.49 -24.13
N THR D 56 -25.35 -40.51 -22.98
CA THR D 56 -23.89 -40.60 -22.97
C THR D 56 -23.43 -41.91 -23.63
N ARG D 57 -24.25 -42.94 -23.50
CA ARG D 57 -23.94 -44.22 -24.10
C ARG D 57 -24.17 -44.16 -25.61
N GLU D 58 -25.31 -43.59 -26.01
CA GLU D 58 -25.65 -43.45 -27.43
C GLU D 58 -24.66 -42.61 -28.22
N GLU D 59 -24.20 -41.50 -27.63
CA GLU D 59 -23.24 -40.65 -28.31
C GLU D 59 -21.96 -41.41 -28.68
N LEU D 60 -21.48 -42.20 -27.74
CA LEU D 60 -20.30 -43.02 -27.98
C LEU D 60 -20.56 -44.02 -29.11
N GLU D 61 -21.72 -44.66 -29.08
CA GLU D 61 -22.12 -45.61 -30.13
C GLU D 61 -22.15 -44.94 -31.52
N GLU D 62 -22.79 -43.78 -31.61
CA GLU D 62 -22.87 -43.05 -32.88
C GLU D 62 -21.48 -42.70 -33.43
N CYS D 63 -20.60 -42.28 -32.52
CA CYS D 63 -19.22 -42.00 -32.89
C CYS D 63 -18.54 -43.24 -33.50
N LEU D 64 -18.61 -44.37 -32.80
CA LEU D 64 -17.98 -45.63 -33.24
C LEU D 64 -18.56 -46.14 -34.55
N ALA D 65 -19.88 -46.06 -34.67
CA ALA D 65 -20.56 -46.41 -35.92
C ALA D 65 -20.05 -45.52 -37.04
N GLY D 66 -19.92 -44.22 -36.78
CA GLY D 66 -19.46 -43.26 -37.77
C GLY D 66 -18.02 -43.48 -38.23
N LEU D 67 -17.22 -44.13 -37.39
CA LEU D 67 -15.83 -44.42 -37.76
C LEU D 67 -15.75 -45.53 -38.81
N GLU D 68 -16.79 -46.34 -38.92
CA GLU D 68 -16.85 -47.40 -39.93
C GLU D 68 -17.99 -47.21 -40.93
N ARG D 69 -18.59 -46.02 -40.91
CA ARG D 69 -19.70 -45.66 -41.82
C ARG D 69 -20.82 -46.70 -41.76
N ALA D 70 -21.04 -47.23 -40.56
CA ALA D 70 -22.01 -48.29 -40.35
C ALA D 70 -23.25 -47.70 -39.69
N PRO D 71 -24.41 -48.31 -39.92
CA PRO D 71 -25.61 -47.74 -39.30
C PRO D 71 -25.70 -47.98 -37.79
N PHE D 72 -25.02 -48.99 -37.25
CA PHE D 72 -25.22 -49.35 -35.85
C PHE D 72 -23.91 -49.61 -35.09
N ALA D 73 -23.97 -49.31 -33.79
CA ALA D 73 -22.94 -49.72 -32.83
C ALA D 73 -23.56 -49.90 -31.46
N THR D 74 -23.06 -50.90 -30.74
CA THR D 74 -23.50 -51.16 -29.38
C THR D 74 -22.27 -51.30 -28.50
N VAL D 75 -22.25 -50.60 -27.37
CA VAL D 75 -21.14 -50.72 -26.43
C VAL D 75 -21.48 -51.56 -25.22
N PHE D 76 -20.43 -52.12 -24.61
CA PHE D 76 -20.59 -53.10 -23.54
C PHE D 76 -19.61 -52.82 -22.41
N SER D 77 -19.84 -53.44 -21.27
CA SER D 77 -18.97 -53.29 -20.11
C SER D 77 -17.51 -53.73 -20.36
N SER D 78 -17.28 -54.54 -21.38
CA SER D 78 -15.93 -55.01 -21.72
C SER D 78 -15.90 -55.64 -23.12
N GLY D 79 -14.69 -55.80 -23.66
CA GLY D 79 -14.50 -56.54 -24.90
C GLY D 79 -15.10 -57.94 -24.82
N GLN D 80 -14.78 -58.68 -23.75
CA GLN D 80 -15.37 -60.00 -23.49
C GLN D 80 -16.92 -59.97 -23.59
N ALA D 81 -17.54 -58.94 -23.03
CA ALA D 81 -19.00 -58.80 -23.06
C ALA D 81 -19.54 -58.61 -24.47
N ALA D 82 -18.86 -57.81 -25.29
CA ALA D 82 -19.23 -57.69 -26.70
C ALA D 82 -19.17 -59.06 -27.39
N ALA D 83 -18.07 -59.76 -27.18
CA ALA D 83 -17.89 -61.09 -27.77
C ALA D 83 -18.93 -62.09 -27.28
N ALA D 84 -19.18 -62.09 -25.96
CA ALA D 84 -20.16 -63.00 -25.38
C ALA D 84 -21.52 -62.77 -26.03
N THR D 85 -21.82 -61.51 -26.31
CA THR D 85 -23.09 -61.15 -26.92
C THR D 85 -23.26 -61.77 -28.30
N LEU D 86 -22.23 -61.65 -29.13
CA LEU D 86 -22.31 -62.18 -30.49
C LEU D 86 -22.51 -63.70 -30.49
N LEU D 87 -21.80 -64.40 -29.61
CA LEU D 87 -21.88 -65.87 -29.54
C LEU D 87 -23.20 -66.40 -29.01
N SER D 88 -23.87 -65.64 -28.16
CA SER D 88 -25.14 -66.06 -27.59
C SER D 88 -26.19 -66.22 -28.69
N LEU D 89 -25.86 -65.78 -29.89
CA LEU D 89 -26.76 -65.86 -31.04
C LEU D 89 -26.49 -67.10 -31.86
N VAL D 90 -25.52 -67.91 -31.43
CA VAL D 90 -25.23 -69.17 -32.12
C VAL D 90 -25.90 -70.35 -31.42
N ARG D 91 -26.91 -70.93 -32.07
CA ARG D 91 -27.68 -72.06 -31.51
C ARG D 91 -26.84 -73.27 -31.15
N PRO D 92 -27.27 -74.03 -30.12
CA PRO D 92 -26.67 -75.32 -29.78
C PRO D 92 -26.59 -76.18 -31.04
N GLY D 93 -25.43 -76.80 -31.28
CA GLY D 93 -25.29 -77.69 -32.42
C GLY D 93 -24.73 -77.01 -33.65
N GLN D 94 -24.99 -75.71 -33.79
CA GLN D 94 -24.43 -74.93 -34.90
C GLN D 94 -22.93 -74.90 -34.77
N CYS D 95 -22.25 -74.57 -35.87
CA CYS D 95 -20.80 -74.46 -35.88
C CYS D 95 -20.32 -73.01 -35.94
N VAL D 96 -19.27 -72.70 -35.17
CA VAL D 96 -18.56 -71.43 -35.29
C VAL D 96 -17.15 -71.68 -35.82
N VAL D 97 -17.00 -71.67 -37.14
CA VAL D 97 -15.69 -71.91 -37.73
C VAL D 97 -14.71 -70.80 -37.36
N SER D 98 -13.57 -71.21 -36.83
CA SER D 98 -12.54 -70.24 -36.46
C SER D 98 -11.13 -70.82 -36.43
N THR D 99 -10.29 -70.22 -35.60
CA THR D 99 -8.86 -70.48 -35.57
C THR D 99 -8.36 -70.52 -34.11
N ASP D 100 -7.05 -70.67 -33.90
CA ASP D 100 -6.50 -70.72 -32.52
C ASP D 100 -5.56 -69.55 -32.18
N ASP D 101 -5.04 -68.88 -33.18
CA ASP D 101 -4.28 -67.66 -32.94
C ASP D 101 -5.20 -66.64 -32.24
N VAL D 102 -6.51 -66.84 -32.41
CA VAL D 102 -7.57 -66.17 -31.64
C VAL D 102 -7.21 -65.92 -30.15
N TYR D 103 -7.67 -64.78 -29.62
CA TYR D 103 -7.44 -64.36 -28.22
C TYR D 103 -7.91 -65.34 -27.13
N ALA D 104 -7.26 -65.28 -25.97
CA ALA D 104 -7.46 -66.23 -24.88
C ALA D 104 -8.88 -66.23 -24.29
N GLY D 105 -9.35 -65.05 -23.88
CA GLY D 105 -10.67 -64.93 -23.29
C GLY D 105 -11.79 -65.35 -24.22
N THR D 106 -11.47 -65.34 -25.51
CA THR D 106 -12.42 -65.68 -26.56
C THR D 106 -12.66 -67.19 -26.64
N ASP D 107 -11.58 -67.97 -26.67
CA ASP D 107 -11.68 -69.43 -26.65
C ASP D 107 -12.37 -69.89 -25.36
N GLY D 108 -12.23 -69.08 -24.31
CA GLY D 108 -12.96 -69.29 -23.07
C GLY D 108 -14.44 -69.17 -23.33
N LEU D 109 -14.83 -68.11 -24.05
CA LEU D 109 -16.21 -67.96 -24.47
C LEU D 109 -16.60 -69.11 -25.41
N PHE D 110 -15.70 -69.48 -26.31
CA PHE D 110 -15.94 -70.60 -27.22
C PHE D 110 -16.18 -71.87 -26.40
N ASP D 111 -15.46 -71.99 -25.28
CA ASP D 111 -15.66 -73.08 -24.34
C ASP D 111 -17.09 -73.12 -23.84
N LEU D 112 -17.55 -71.99 -23.32
CA LEU D 112 -18.88 -71.92 -22.73
C LEU D 112 -19.92 -72.26 -23.78
N ALA D 113 -19.72 -71.76 -24.99
CA ALA D 113 -20.61 -72.10 -26.10
C ALA D 113 -20.47 -73.57 -26.45
N ALA D 114 -19.25 -74.10 -26.36
CA ALA D 114 -19.06 -75.54 -26.53
C ALA D 114 -19.73 -76.25 -25.38
N ARG D 115 -19.80 -75.57 -24.25
CA ARG D 115 -20.45 -76.10 -23.06
C ARG D 115 -21.97 -76.13 -23.17
N GLN D 116 -22.52 -75.89 -24.37
CA GLN D 116 -23.96 -76.04 -24.58
C GLN D 116 -24.40 -76.49 -25.97
N GLY D 117 -23.56 -77.24 -26.66
CA GLY D 117 -23.92 -77.83 -27.95
C GLY D 117 -23.17 -77.27 -29.15
N VAL D 118 -22.92 -75.97 -29.17
CA VAL D 118 -22.33 -75.31 -30.32
C VAL D 118 -21.06 -76.00 -30.84
N ARG D 119 -21.06 -76.36 -32.11
CA ARG D 119 -19.94 -77.07 -32.72
C ARG D 119 -18.77 -76.11 -32.97
N VAL D 120 -17.70 -76.23 -32.18
CA VAL D 120 -16.54 -75.35 -32.34
C VAL D 120 -15.41 -76.01 -33.12
N ARG D 121 -14.80 -75.24 -34.04
CA ARG D 121 -13.70 -75.74 -34.87
C ARG D 121 -12.61 -74.70 -35.16
N TYR D 122 -11.37 -75.04 -34.90
CA TYR D 122 -10.25 -74.12 -35.08
C TYR D 122 -9.48 -74.51 -36.34
N ALA D 123 -9.07 -73.51 -37.14
CA ALA D 123 -8.46 -73.84 -38.44
C ALA D 123 -7.58 -72.76 -39.08
N ASP D 124 -7.04 -73.11 -40.25
CA ASP D 124 -6.16 -72.24 -41.02
C ASP D 124 -6.97 -71.46 -42.05
N LEU D 125 -7.10 -70.15 -41.82
CA LEU D 125 -7.72 -69.26 -42.78
C LEU D 125 -6.64 -68.62 -43.66
N THR D 126 -5.48 -69.25 -43.67
CA THR D 126 -4.35 -68.75 -44.45
C THR D 126 -4.19 -69.52 -45.77
N THR D 127 -4.62 -70.80 -45.80
CA THR D 127 -4.66 -71.56 -47.07
C THR D 127 -6.07 -71.60 -47.65
N PRO D 128 -6.16 -71.81 -48.98
CA PRO D 128 -7.47 -72.01 -49.62
C PRO D 128 -8.13 -73.35 -49.25
N GLU D 129 -7.32 -74.39 -48.99
CA GLU D 129 -7.84 -75.70 -48.61
C GLU D 129 -8.42 -75.67 -47.20
N GLY D 130 -7.66 -75.09 -46.27
CA GLY D 130 -8.09 -75.00 -44.88
C GLY D 130 -9.30 -74.10 -44.77
N ILE D 131 -9.38 -73.12 -45.68
CA ILE D 131 -10.49 -72.19 -45.72
C ILE D 131 -11.72 -72.88 -46.25
N ALA D 132 -11.58 -73.56 -47.41
CA ALA D 132 -12.72 -74.16 -48.07
C ALA D 132 -13.26 -75.32 -47.27
N ALA D 133 -12.39 -75.97 -46.49
CA ALA D 133 -12.79 -77.12 -45.68
C ALA D 133 -13.58 -76.66 -44.47
N ALA D 134 -13.20 -75.51 -43.92
CA ALA D 134 -13.89 -74.98 -42.76
C ALA D 134 -15.25 -74.42 -43.16
N LEU D 135 -15.32 -73.83 -44.35
CA LEU D 135 -16.56 -73.23 -44.82
C LEU D 135 -17.47 -74.20 -45.56
N ALA D 136 -17.21 -75.49 -45.41
CA ALA D 136 -18.03 -76.53 -46.02
C ALA D 136 -18.93 -77.16 -44.96
N GLU D 137 -18.79 -76.68 -43.73
CA GLU D 137 -19.59 -77.14 -42.59
C GLU D 137 -21.07 -76.98 -42.83
N PRO D 138 -21.85 -78.04 -42.53
CA PRO D 138 -23.32 -77.95 -42.45
C PRO D 138 -23.69 -77.00 -41.33
N ASP D 139 -24.76 -76.24 -41.52
CA ASP D 139 -25.19 -75.22 -40.55
C ASP D 139 -24.04 -74.39 -39.98
N LEU D 140 -23.00 -74.19 -40.78
CA LEU D 140 -21.96 -73.23 -40.46
C LEU D 140 -22.66 -71.91 -40.24
N ALA D 141 -22.37 -71.23 -39.14
CA ALA D 141 -23.12 -70.03 -38.80
C ALA D 141 -22.31 -68.82 -38.34
N LEU D 142 -21.05 -69.03 -37.97
CA LEU D 142 -20.24 -67.89 -37.54
C LEU D 142 -18.75 -68.09 -37.82
N VAL D 143 -18.17 -67.18 -38.58
CA VAL D 143 -16.73 -67.20 -38.83
C VAL D 143 -16.09 -66.07 -38.05
N TRP D 144 -15.19 -66.44 -37.15
CA TRP D 144 -14.59 -65.50 -36.22
C TRP D 144 -13.15 -65.27 -36.63
N ILE D 145 -12.90 -64.14 -37.29
CA ILE D 145 -11.56 -63.79 -37.71
C ILE D 145 -10.91 -62.79 -36.76
N GLU D 146 -9.88 -63.23 -36.07
CA GLU D 146 -9.05 -62.30 -35.35
C GLU D 146 -7.79 -62.06 -36.17
N THR D 147 -7.78 -60.98 -36.93
CA THR D 147 -6.63 -60.60 -37.74
C THR D 147 -6.29 -59.15 -37.45
N PRO D 148 -4.99 -58.83 -37.37
CA PRO D 148 -3.85 -59.75 -37.39
C PRO D 148 -3.75 -60.57 -36.11
N THR D 149 -2.99 -61.66 -36.14
CA THR D 149 -2.94 -62.57 -35.00
C THR D 149 -2.01 -62.03 -33.91
N ASN D 150 -2.13 -62.59 -32.71
CA ASN D 150 -1.38 -62.13 -31.55
C ASN D 150 -0.88 -63.33 -30.75
N PRO D 151 0.44 -63.43 -30.54
CA PRO D 151 1.46 -62.44 -30.87
C PRO D 151 2.32 -62.80 -32.09
N LEU D 152 1.97 -63.82 -32.86
CA LEU D 152 2.79 -64.17 -34.01
C LEU D 152 2.54 -63.23 -35.19
N LEU D 153 1.45 -62.48 -35.13
CA LEU D 153 1.14 -61.40 -36.07
C LEU D 153 0.79 -61.86 -37.49
N THR D 154 0.50 -63.14 -37.67
CA THR D 154 0.00 -63.59 -38.95
C THR D 154 -1.34 -62.91 -39.23
N VAL D 155 -1.73 -62.89 -40.50
CA VAL D 155 -2.85 -62.07 -40.94
C VAL D 155 -3.78 -62.92 -41.79
N VAL D 156 -5.07 -62.61 -41.76
CA VAL D 156 -6.09 -63.35 -42.50
C VAL D 156 -6.86 -62.43 -43.44
N ASP D 157 -6.98 -62.84 -44.71
CA ASP D 157 -7.66 -62.06 -45.74
C ASP D 157 -9.16 -61.97 -45.46
N VAL D 158 -9.61 -60.82 -44.96
CA VAL D 158 -11.02 -60.65 -44.57
C VAL D 158 -11.98 -60.72 -45.76
N ALA D 159 -11.65 -60.04 -46.85
CA ALA D 159 -12.49 -60.06 -48.05
C ALA D 159 -12.65 -61.46 -48.60
N GLU D 160 -11.54 -62.20 -48.62
CA GLU D 160 -11.58 -63.55 -49.16
C GLU D 160 -12.44 -64.48 -48.30
N VAL D 161 -12.14 -64.57 -47.00
CA VAL D 161 -12.88 -65.48 -46.13
C VAL D 161 -14.38 -65.12 -46.08
N SER D 162 -14.67 -63.82 -46.01
CA SER D 162 -16.05 -63.35 -45.92
C SER D 162 -16.90 -63.81 -47.09
N ARG D 163 -16.33 -63.73 -48.29
CA ARG D 163 -17.08 -64.04 -49.49
C ARG D 163 -17.39 -65.53 -49.61
N ARG D 164 -16.43 -66.37 -49.22
CA ARG D 164 -16.72 -67.81 -49.23
C ARG D 164 -17.60 -68.16 -48.03
N ALA D 165 -17.52 -67.37 -46.95
CA ALA D 165 -18.38 -67.60 -45.80
C ALA D 165 -19.82 -67.20 -46.08
N HIS D 166 -20.00 -66.12 -46.84
CA HIS D 166 -21.33 -65.66 -47.21
C HIS D 166 -22.00 -66.57 -48.25
N GLU D 167 -21.21 -67.45 -48.87
CA GLU D 167 -21.75 -68.47 -49.76
C GLU D 167 -22.56 -69.49 -48.98
N ARG D 168 -22.40 -69.48 -47.67
CA ARG D 168 -23.04 -70.46 -46.80
C ARG D 168 -24.15 -69.87 -45.95
N GLY D 169 -24.44 -68.59 -46.14
CA GLY D 169 -25.44 -67.91 -45.35
C GLY D 169 -24.98 -67.77 -43.90
N ALA D 170 -23.67 -67.71 -43.72
CA ALA D 170 -23.10 -67.54 -42.38
C ALA D 170 -22.92 -66.07 -42.04
N ARG D 171 -22.46 -65.81 -40.82
CA ARG D 171 -22.09 -64.47 -40.40
C ARG D 171 -20.57 -64.40 -40.25
N VAL D 172 -19.99 -63.23 -40.49
CA VAL D 172 -18.56 -63.03 -40.27
C VAL D 172 -18.25 -61.86 -39.32
N VAL D 173 -17.45 -62.13 -38.30
CA VAL D 173 -16.96 -61.08 -37.43
C VAL D 173 -15.44 -60.97 -37.54
N VAL D 174 -14.93 -59.75 -37.42
CA VAL D 174 -13.51 -59.53 -37.25
C VAL D 174 -13.29 -58.89 -35.89
N ASP D 175 -12.42 -59.48 -35.08
CA ASP D 175 -11.96 -58.82 -33.85
C ASP D 175 -10.86 -57.89 -34.30
N ASN D 176 -11.14 -56.60 -34.21
CA ASN D 176 -10.35 -55.58 -34.88
C ASN D 176 -9.60 -54.72 -33.87
N THR D 177 -9.41 -55.25 -32.67
CA THR D 177 -8.75 -54.53 -31.58
C THR D 177 -7.32 -54.13 -31.93
N PHE D 178 -6.55 -55.11 -32.37
CA PHE D 178 -5.16 -54.94 -32.76
C PHE D 178 -5.03 -53.83 -33.82
N ALA D 179 -5.86 -53.89 -34.84
CA ALA D 179 -5.75 -52.90 -35.90
C ALA D 179 -6.32 -51.54 -35.47
N SER D 180 -7.52 -51.55 -34.89
CA SER D 180 -8.36 -50.34 -34.66
C SER D 180 -8.94 -49.83 -35.97
N PRO D 181 -10.00 -49.00 -35.90
CA PRO D 181 -10.61 -48.51 -37.15
C PRO D 181 -9.71 -47.60 -38.00
N VAL D 182 -8.68 -47.00 -37.41
CA VAL D 182 -7.70 -46.20 -38.18
C VAL D 182 -6.93 -47.03 -39.21
N LEU D 183 -6.73 -48.31 -38.93
CA LEU D 183 -5.84 -49.12 -39.78
C LEU D 183 -6.54 -50.19 -40.61
N GLN D 184 -7.78 -50.51 -40.28
CA GLN D 184 -8.48 -51.61 -40.95
C GLN D 184 -10.00 -51.47 -40.77
N GLN D 185 -10.73 -51.65 -41.87
CA GLN D 185 -12.17 -51.44 -41.92
C GLN D 185 -12.84 -52.75 -42.30
N PRO D 186 -13.08 -53.62 -41.31
CA PRO D 186 -13.61 -54.97 -41.60
C PRO D 186 -14.93 -54.94 -42.36
N LEU D 187 -15.77 -53.97 -42.07
CA LEU D 187 -17.06 -53.89 -42.75
C LEU D 187 -16.86 -53.56 -44.23
N ALA D 188 -15.95 -52.64 -44.54
CA ALA D 188 -15.65 -52.29 -45.92
C ALA D 188 -15.02 -53.48 -46.64
N LEU D 189 -14.38 -54.33 -45.86
CA LEU D 189 -13.70 -55.50 -46.41
C LEU D 189 -14.66 -56.66 -46.68
N GLY D 190 -15.91 -56.53 -46.28
CA GLY D 190 -16.88 -57.58 -46.53
C GLY D 190 -17.37 -58.35 -45.32
N ALA D 191 -16.77 -58.11 -44.15
CA ALA D 191 -17.27 -58.70 -42.92
C ALA D 191 -18.62 -58.09 -42.50
N ASP D 192 -19.32 -58.77 -41.61
CA ASP D 192 -20.63 -58.34 -41.14
C ASP D 192 -20.56 -57.53 -39.85
N VAL D 193 -19.62 -57.89 -39.00
CA VAL D 193 -19.46 -57.28 -37.69
C VAL D 193 -17.99 -56.97 -37.42
N SER D 194 -17.73 -55.79 -36.86
CA SER D 194 -16.43 -55.48 -36.32
C SER D 194 -16.52 -55.49 -34.79
N LEU D 195 -15.58 -56.18 -34.17
CA LEU D 195 -15.59 -56.33 -32.71
C LEU D 195 -14.40 -55.66 -32.05
N TYR D 196 -14.64 -54.97 -30.94
CA TYR D 196 -13.57 -54.24 -30.23
C TYR D 196 -13.64 -54.40 -28.73
N SER D 197 -12.51 -54.75 -28.13
CA SER D 197 -12.28 -54.32 -26.77
C SER D 197 -11.96 -52.85 -26.97
N THR D 198 -12.66 -51.95 -26.28
CA THR D 198 -12.34 -50.54 -26.40
C THR D 198 -11.35 -50.20 -25.31
N THR D 199 -11.12 -51.18 -24.44
CA THR D 199 -10.14 -51.06 -23.36
C THR D 199 -8.75 -50.74 -23.88
N1 LLP D 200 -9.95 -59.30 -27.97
C2 LLP D 200 -8.71 -58.82 -28.12
C2' LLP D 200 -8.00 -58.88 -29.49
C3 LLP D 200 -8.06 -58.23 -27.01
O3 LLP D 200 -6.77 -57.74 -27.21
C4 LLP D 200 -8.67 -58.15 -25.77
C4' LLP D 200 -7.86 -57.47 -24.55
C5 LLP D 200 -9.94 -58.66 -25.63
C6 LLP D 200 -10.59 -59.22 -26.73
C5' LLP D 200 -10.72 -58.64 -24.27
OP4 LLP D 200 -11.46 -57.43 -24.13
P LLP D 200 -11.64 -56.86 -22.70
OP1 LLP D 200 -11.95 -55.38 -22.82
OP2 LLP D 200 -12.76 -57.60 -22.06
OP3 LLP D 200 -10.39 -57.10 -21.90
N LLP D 200 -8.44 -51.20 -25.09
CA LLP D 200 -7.06 -51.17 -25.63
CB LLP D 200 -6.81 -52.33 -26.58
CG LLP D 200 -7.19 -53.68 -25.96
CD LLP D 200 -6.78 -53.86 -24.49
CE LLP D 200 -6.71 -55.38 -24.14
NZ LLP D 200 -7.88 -56.06 -24.73
C LLP D 200 -6.69 -49.85 -26.25
O LLP D 200 -6.29 -48.95 -25.51
N SER D 201 -6.78 -49.70 -27.57
CA SER D 201 -6.31 -48.47 -28.19
C SER D 201 -7.36 -47.37 -28.39
N ILE D 202 -8.63 -47.75 -28.49
CA ILE D 202 -9.66 -46.74 -28.77
C ILE D 202 -9.83 -45.76 -27.59
N ALA D 203 -9.97 -46.28 -26.37
CA ALA D 203 -9.94 -45.45 -25.17
C ALA D 203 -8.51 -44.98 -24.92
N GLY D 204 -7.55 -45.87 -25.17
CA GLY D 204 -6.15 -45.47 -25.35
C GLY D 204 -5.29 -45.11 -24.15
N HIS D 205 -5.89 -44.89 -22.99
CA HIS D 205 -5.14 -44.39 -21.84
C HIS D 205 -5.11 -45.36 -20.66
N ALA D 206 -5.39 -46.62 -20.92
CA ALA D 206 -5.33 -47.65 -19.89
C ALA D 206 -6.16 -47.32 -18.65
N ASP D 207 -7.29 -46.65 -18.82
CA ASP D 207 -8.07 -46.26 -17.66
C ASP D 207 -9.56 -46.65 -17.66
N VAL D 208 -9.95 -47.55 -18.57
CA VAL D 208 -11.35 -47.97 -18.70
C VAL D 208 -11.53 -49.28 -19.43
N LEU D 209 -12.34 -50.16 -18.88
CA LEU D 209 -12.69 -51.40 -19.55
C LEU D 209 -13.89 -51.12 -20.42
N GLY D 210 -13.88 -51.63 -21.65
CA GLY D 210 -15.03 -51.45 -22.53
C GLY D 210 -15.00 -52.33 -23.74
N GLY D 211 -16.17 -52.54 -24.33
CA GLY D 211 -16.27 -53.28 -25.57
C GLY D 211 -17.26 -52.63 -26.53
N ALA D 212 -17.23 -53.07 -27.78
CA ALA D 212 -18.15 -52.55 -28.78
C ALA D 212 -18.34 -53.53 -29.94
N LEU D 213 -19.54 -53.52 -30.51
CA LEU D 213 -19.82 -54.19 -31.78
C LEU D 213 -20.25 -53.12 -32.78
N VAL D 214 -19.72 -53.19 -34.00
CA VAL D 214 -20.11 -52.30 -35.08
C VAL D 214 -20.53 -53.16 -36.29
N TYR D 215 -21.67 -52.81 -36.88
CA TYR D 215 -22.32 -53.71 -37.85
C TYR D 215 -23.42 -52.96 -38.61
N ARG D 216 -24.09 -53.65 -39.54
CA ARG D 216 -25.11 -53.00 -40.34
C ARG D 216 -26.51 -53.63 -40.35
N ASP D 217 -26.61 -54.92 -40.02
CA ASP D 217 -27.89 -55.59 -40.13
C ASP D 217 -28.81 -55.25 -38.96
N ALA D 218 -30.03 -54.82 -39.29
CA ALA D 218 -30.99 -54.35 -38.29
C ALA D 218 -31.56 -55.47 -37.43
N ASP D 219 -31.61 -56.68 -37.99
CA ASP D 219 -32.11 -57.82 -37.22
C ASP D 219 -31.05 -58.18 -36.16
N LEU D 220 -29.79 -58.16 -36.57
CA LEU D 220 -28.69 -58.35 -35.63
C LEU D 220 -28.74 -57.26 -34.56
N HIS D 221 -29.00 -56.04 -35.00
CA HIS D 221 -29.10 -54.90 -34.09
C HIS D 221 -30.16 -55.14 -33.02
N ALA D 222 -31.33 -55.65 -33.42
CA ALA D 222 -32.37 -56.01 -32.47
C ALA D 222 -31.91 -57.08 -31.46
N ALA D 223 -31.30 -58.15 -31.95
CA ALA D 223 -30.85 -59.24 -31.09
C ALA D 223 -29.76 -58.78 -30.10
N VAL D 224 -28.81 -58.01 -30.60
CA VAL D 224 -27.71 -57.50 -29.77
C VAL D 224 -28.23 -56.64 -28.63
N ARG D 225 -29.14 -55.71 -28.94
CA ARG D 225 -29.67 -54.83 -27.90
C ARG D 225 -30.53 -55.59 -26.89
N ALA D 226 -31.37 -56.51 -27.38
CA ALA D 226 -32.19 -57.32 -26.47
C ALA D 226 -31.30 -58.09 -25.49
N TYR D 227 -30.23 -58.68 -26.01
CA TYR D 227 -29.32 -59.43 -25.16
C TYR D 227 -28.66 -58.54 -24.13
N ARG D 228 -28.13 -57.40 -24.58
CA ARG D 228 -27.40 -56.52 -23.67
C ARG D 228 -28.34 -56.05 -22.58
N THR D 229 -29.57 -55.74 -22.98
CA THR D 229 -30.57 -55.26 -22.04
C THR D 229 -30.96 -56.35 -21.05
N THR D 230 -30.91 -57.60 -21.49
CA THR D 230 -31.29 -58.70 -20.61
C THR D 230 -30.14 -59.25 -19.77
N ALA D 231 -28.99 -59.48 -20.38
CA ALA D 231 -27.82 -59.93 -19.64
C ALA D 231 -27.19 -58.77 -18.85
N GLY D 232 -27.56 -57.55 -19.21
CA GLY D 232 -27.19 -56.38 -18.44
C GLY D 232 -25.69 -56.13 -18.42
N ASN D 233 -25.01 -56.49 -19.51
CA ASN D 233 -23.58 -56.22 -19.62
C ASN D 233 -23.29 -54.84 -20.20
N VAL D 234 -23.91 -53.82 -19.62
CA VAL D 234 -23.84 -52.44 -20.12
C VAL D 234 -22.74 -51.64 -19.44
N PRO D 235 -22.10 -50.73 -20.19
CA PRO D 235 -21.11 -49.85 -19.59
C PRO D 235 -21.79 -48.69 -18.86
N GLY D 236 -21.14 -48.14 -17.84
CA GLY D 236 -21.64 -46.96 -17.15
C GLY D 236 -21.34 -45.69 -17.93
N ALA D 237 -22.09 -44.63 -17.63
CA ALA D 237 -21.95 -43.36 -18.32
C ALA D 237 -20.57 -42.72 -18.22
N LEU D 238 -19.98 -42.80 -17.05
CA LEU D 238 -18.65 -42.26 -16.84
C LEU D 238 -17.61 -43.01 -17.69
N ASP D 239 -17.68 -44.35 -17.67
CA ASP D 239 -16.80 -45.13 -18.52
C ASP D 239 -16.98 -44.78 -19.99
N CYS D 240 -18.23 -44.60 -20.42
CA CYS D 240 -18.47 -44.17 -21.80
C CYS D 240 -17.83 -42.79 -22.06
N PHE D 241 -17.94 -41.89 -21.08
CA PHE D 241 -17.28 -40.58 -21.18
C PHE D 241 -15.77 -40.73 -21.40
N LEU D 242 -15.14 -41.61 -20.62
CA LEU D 242 -13.69 -41.78 -20.71
C LEU D 242 -13.27 -42.44 -22.03
N VAL D 243 -14.05 -43.41 -22.48
CA VAL D 243 -13.80 -44.00 -23.77
C VAL D 243 -13.98 -42.93 -24.84
N ARG D 244 -15.09 -42.20 -24.73
CA ARG D 244 -15.38 -41.15 -25.72
C ARG D 244 -14.27 -40.12 -25.71
N ARG D 245 -13.79 -39.76 -24.53
CA ARG D 245 -12.73 -38.76 -24.43
C ARG D 245 -11.44 -39.25 -25.07
N GLY D 246 -11.09 -40.50 -24.80
CA GLY D 246 -9.95 -41.14 -25.44
C GLY D 246 -10.04 -41.15 -26.97
N LEU D 247 -11.24 -41.35 -27.48
CA LEU D 247 -11.45 -41.46 -28.93
C LEU D 247 -10.96 -40.26 -29.73
N HIS D 248 -11.07 -39.05 -29.16
CA HIS D 248 -10.65 -37.83 -29.85
C HIS D 248 -9.25 -37.96 -30.49
N THR D 249 -8.32 -38.56 -29.76
CA THR D 249 -6.93 -38.59 -30.21
C THR D 249 -6.54 -39.93 -30.84
N LEU D 250 -7.51 -40.76 -31.23
CA LEU D 250 -7.19 -42.11 -31.70
C LEU D 250 -6.23 -42.11 -32.90
N SER D 251 -6.53 -41.32 -33.92
CA SER D 251 -5.67 -41.29 -35.11
C SER D 251 -4.26 -40.81 -34.77
N LEU D 252 -4.20 -39.68 -34.06
CA LEU D 252 -2.92 -39.10 -33.64
C LEU D 252 -2.05 -40.15 -32.92
N ARG D 253 -2.66 -40.84 -31.95
CA ARG D 253 -1.92 -41.81 -31.15
C ARG D 253 -1.48 -42.96 -32.05
N VAL D 254 -2.38 -43.38 -32.93
CA VAL D 254 -2.10 -44.49 -33.83
C VAL D 254 -0.94 -44.16 -34.76
N HIS D 255 -0.90 -42.95 -35.27
CA HIS D 255 0.18 -42.60 -36.19
C HIS D 255 1.53 -42.44 -35.48
N ARG D 256 1.50 -42.09 -34.20
CA ARG D 256 2.71 -42.05 -33.39
C ARG D 256 3.18 -43.49 -33.09
N GLN D 257 2.24 -44.35 -32.70
CA GLN D 257 2.53 -45.73 -32.35
C GLN D 257 3.19 -46.51 -33.49
N VAL D 258 2.56 -46.47 -34.67
CA VAL D 258 3.06 -47.18 -35.83
C VAL D 258 4.47 -46.71 -36.19
N ALA D 259 4.66 -45.39 -36.23
CA ALA D 259 5.95 -44.82 -36.58
C ALA D 259 7.05 -45.33 -35.64
N THR D 260 6.77 -45.35 -34.35
CA THR D 260 7.76 -45.82 -33.39
C THR D 260 8.01 -47.31 -33.55
N ALA D 261 6.95 -48.08 -33.75
CA ALA D 261 7.09 -49.52 -33.96
C ALA D 261 8.04 -49.77 -35.11
N ARG D 262 7.90 -48.99 -36.18
CA ARG D 262 8.81 -49.05 -37.32
C ARG D 262 10.29 -48.88 -36.91
N VAL D 263 10.56 -47.90 -36.04
CA VAL D 263 11.93 -47.65 -35.57
C VAL D 263 12.43 -48.81 -34.71
N LEU D 264 11.56 -49.36 -33.88
CA LEU D 264 11.94 -50.42 -32.97
C LEU D 264 12.29 -51.71 -33.75
N VAL D 265 11.54 -51.98 -34.81
CA VAL D 265 11.78 -53.14 -35.67
C VAL D 265 13.16 -53.02 -36.29
N GLU D 266 13.47 -51.82 -36.76
CA GLU D 266 14.81 -51.58 -37.30
C GLU D 266 15.85 -51.87 -36.24
N ARG D 267 15.61 -51.44 -35.01
CA ARG D 267 16.54 -51.70 -33.94
C ARG D 267 16.69 -53.22 -33.67
N LEU D 268 15.55 -53.90 -33.63
CA LEU D 268 15.55 -55.35 -33.35
C LEU D 268 16.35 -56.13 -34.39
N ARG D 269 16.21 -55.75 -35.66
CA ARG D 269 16.80 -56.51 -36.76
C ARG D 269 18.33 -56.55 -36.70
N ALA D 270 18.94 -55.56 -36.07
CA ALA D 270 20.39 -55.47 -36.01
C ALA D 270 20.97 -55.92 -34.66
N SER D 271 20.11 -56.40 -33.77
CA SER D 271 20.59 -56.87 -32.48
C SER D 271 21.02 -58.33 -32.58
N PRO D 272 22.27 -58.64 -32.16
CA PRO D 272 22.76 -60.02 -32.24
C PRO D 272 22.00 -60.97 -31.32
N VAL D 273 21.30 -60.46 -30.31
CA VAL D 273 20.55 -61.36 -29.44
C VAL D 273 19.07 -61.45 -29.82
N VAL D 274 18.77 -61.06 -31.05
CA VAL D 274 17.42 -61.14 -31.57
C VAL D 274 17.38 -62.13 -32.73
N GLY D 275 16.43 -63.05 -32.71
CA GLY D 275 16.28 -63.99 -33.81
C GLY D 275 15.17 -63.56 -34.76
N ALA D 276 14.17 -64.42 -34.92
CA ALA D 276 12.99 -64.08 -35.70
C ALA D 276 12.33 -62.80 -35.18
N VAL D 277 11.95 -61.93 -36.11
CA VAL D 277 11.22 -60.72 -35.78
C VAL D 277 9.90 -60.78 -36.54
N HIS D 278 8.79 -60.58 -35.83
CA HIS D 278 7.51 -60.62 -36.49
C HIS D 278 6.90 -59.24 -36.49
N TYR D 279 6.41 -58.85 -37.66
CA TYR D 279 5.81 -57.55 -37.85
C TYR D 279 5.18 -57.50 -39.24
N PRO D 280 3.84 -57.47 -39.27
CA PRO D 280 2.99 -57.47 -40.48
C PRO D 280 3.52 -56.63 -41.66
N GLY D 281 4.28 -55.57 -41.38
CA GLY D 281 4.79 -54.69 -42.41
C GLY D 281 6.04 -55.15 -43.14
N LEU D 282 6.77 -56.14 -42.61
CA LEU D 282 8.04 -56.53 -43.22
C LEU D 282 7.93 -56.94 -44.70
N PRO D 283 8.93 -56.54 -45.51
CA PRO D 283 9.09 -56.82 -46.94
C PRO D 283 8.86 -58.28 -47.33
N GLU D 284 8.96 -59.13 -46.32
CA GLU D 284 9.30 -60.53 -46.43
C GLU D 284 8.27 -61.24 -45.56
N HIS D 285 7.08 -60.63 -45.48
CA HIS D 285 6.01 -61.14 -44.63
C HIS D 285 5.21 -62.18 -45.40
N PRO D 286 4.98 -63.36 -44.78
CA PRO D 286 4.31 -64.44 -45.49
C PRO D 286 2.93 -64.02 -46.00
N GLN D 287 2.34 -63.00 -45.35
CA GLN D 287 1.08 -62.44 -45.82
C GLN D 287 1.13 -60.91 -46.10
N HIS D 288 2.33 -60.38 -46.39
CA HIS D 288 2.53 -58.94 -46.67
C HIS D 288 1.57 -58.34 -47.69
N ALA D 289 1.20 -59.17 -48.65
CA ALA D 289 0.34 -58.71 -49.72
C ALA D 289 -1.05 -58.48 -49.15
N VAL D 290 -1.45 -59.32 -48.20
CA VAL D 290 -2.76 -59.12 -47.57
C VAL D 290 -2.69 -57.88 -46.66
N VAL D 291 -1.61 -57.75 -45.91
CA VAL D 291 -1.37 -56.56 -45.09
C VAL D 291 -1.42 -55.30 -45.94
N LYS D 292 -0.96 -55.41 -47.17
CA LYS D 292 -1.01 -54.30 -48.10
C LYS D 292 -2.46 -53.93 -48.38
N ALA D 293 -3.36 -54.92 -48.35
CA ALA D 293 -4.69 -54.77 -48.93
C ALA D 293 -5.82 -54.41 -47.94
N GLN D 294 -5.68 -54.84 -46.69
CA GLN D 294 -6.76 -54.67 -45.72
C GLN D 294 -6.35 -53.85 -44.49
N MSE D 295 -5.04 -53.72 -44.29
CA MSE D 295 -4.44 -52.92 -43.25
C MSE D 295 -4.15 -51.58 -43.86
O MSE D 295 -3.94 -51.53 -45.06
CB MSE D 295 -3.08 -53.53 -42.99
CG MSE D 295 -2.62 -53.52 -41.60
SE MSE D 295 -2.47 -55.34 -40.98
CE MSE D 295 -4.25 -55.33 -40.17
N SER D 296 -4.09 -50.48 -43.12
CA SER D 296 -3.71 -49.20 -43.74
C SER D 296 -2.38 -48.72 -43.18
N ALA D 297 -1.98 -49.43 -42.14
CA ALA D 297 -0.63 -49.39 -41.58
C ALA D 297 -0.52 -50.66 -40.74
N PRO D 298 0.67 -51.24 -40.68
CA PRO D 298 0.80 -52.59 -40.10
C PRO D 298 0.76 -52.67 -38.57
N GLY D 299 0.32 -51.62 -37.90
CA GLY D 299 0.05 -51.71 -36.47
C GLY D 299 1.20 -51.32 -35.54
N ALA D 300 0.91 -51.36 -34.25
CA ALA D 300 1.82 -50.85 -33.23
C ALA D 300 2.36 -51.96 -32.34
N ILE D 301 2.16 -53.21 -32.77
CA ILE D 301 2.59 -54.35 -32.01
C ILE D 301 3.70 -55.07 -32.76
N VAL D 302 4.75 -55.44 -32.04
CA VAL D 302 5.87 -56.13 -32.65
C VAL D 302 6.21 -57.35 -31.81
N SER D 303 6.65 -58.41 -32.46
CA SER D 303 6.98 -59.65 -31.76
C SER D 303 8.37 -60.12 -32.18
N PHE D 304 9.13 -60.67 -31.24
CA PHE D 304 10.49 -61.18 -31.56
C PHE D 304 11.03 -62.25 -30.62
N ASP D 305 11.90 -63.10 -31.17
CA ASP D 305 12.63 -64.14 -30.46
C ASP D 305 13.86 -63.60 -29.73
N TYR D 306 13.88 -63.64 -28.41
CA TYR D 306 15.07 -63.24 -27.65
C TYR D 306 16.03 -64.43 -27.51
N LEU D 307 17.30 -64.23 -27.86
CA LEU D 307 18.27 -65.32 -27.91
C LEU D 307 19.26 -65.33 -26.75
N GLY D 308 19.20 -64.31 -25.88
CA GLY D 308 20.14 -64.19 -24.78
C GLY D 308 19.65 -64.83 -23.50
N GLY D 309 18.86 -65.88 -23.64
CA GLY D 309 18.45 -66.69 -22.50
C GLY D 309 16.99 -66.55 -22.12
N PRO D 310 16.68 -66.80 -20.85
CA PRO D 310 15.31 -66.73 -20.32
C PRO D 310 14.71 -65.35 -20.52
N ALA D 311 13.41 -65.29 -20.82
CA ALA D 311 12.75 -64.03 -21.01
C ALA D 311 12.84 -63.15 -19.75
N GLU D 312 12.85 -63.80 -18.59
CA GLU D 312 12.98 -63.12 -17.30
C GLU D 312 14.14 -62.13 -17.29
N ARG D 313 15.26 -62.57 -17.85
CA ARG D 313 16.47 -61.78 -17.91
C ARG D 313 16.27 -60.46 -18.66
N LEU D 314 15.53 -60.53 -19.76
CA LEU D 314 15.23 -59.34 -20.55
C LEU D 314 14.21 -58.41 -19.89
N LEU D 315 13.07 -58.97 -19.48
CA LEU D 315 12.01 -58.17 -18.86
C LEU D 315 12.49 -57.45 -17.59
N ASP D 316 13.56 -57.96 -16.98
CA ASP D 316 14.03 -57.37 -15.74
C ASP D 316 14.71 -56.01 -15.99
N ARG D 317 15.28 -55.82 -17.17
CA ARG D 317 16.14 -54.69 -17.45
C ARG D 317 15.49 -53.46 -18.09
N PHE D 318 14.17 -53.51 -18.36
CA PHE D 318 13.51 -52.34 -18.93
C PHE D 318 13.33 -51.27 -17.88
N THR D 319 13.52 -50.02 -18.27
CA THR D 319 13.30 -48.92 -17.33
C THR D 319 12.27 -47.94 -17.88
N LEU D 320 11.82 -48.17 -19.10
CA LEU D 320 10.78 -47.32 -19.68
C LEU D 320 9.54 -48.13 -20.08
N PHE D 321 9.73 -49.15 -20.90
CA PHE D 321 8.68 -50.13 -21.14
C PHE D 321 8.17 -50.67 -19.80
N THR D 322 6.86 -50.72 -19.62
CA THR D 322 6.27 -51.27 -18.40
C THR D 322 6.00 -52.76 -18.60
N CYS D 323 6.23 -53.55 -17.56
CA CYS D 323 6.00 -54.98 -17.62
C CYS D 323 4.54 -55.26 -17.26
N GLY D 324 3.80 -55.83 -18.20
CA GLY D 324 2.38 -56.07 -17.98
C GLY D 324 1.63 -56.45 -19.24
N VAL D 325 0.43 -57.01 -19.07
CA VAL D 325 -0.37 -57.39 -20.21
C VAL D 325 -1.22 -56.22 -20.63
N SER D 326 -1.86 -56.38 -21.79
CA SER D 326 -2.73 -55.40 -22.47
C SER D 326 -1.92 -54.71 -23.57
N LEU D 327 -2.57 -53.81 -24.30
CA LEU D 327 -1.91 -53.10 -25.39
C LEU D 327 -2.79 -51.95 -25.84
N GLY D 328 -2.23 -51.13 -26.71
CA GLY D 328 -2.97 -50.03 -27.30
C GLY D 328 -2.97 -48.76 -26.47
N GLY D 329 -2.41 -48.83 -25.27
CA GLY D 329 -2.42 -47.69 -24.37
C GLY D 329 -1.32 -46.68 -24.66
N VAL D 330 -1.39 -45.51 -24.03
CA VAL D 330 -0.39 -44.49 -24.24
C VAL D 330 0.99 -44.90 -23.71
N HIS D 331 1.00 -45.80 -22.72
CA HIS D 331 2.25 -46.32 -22.14
C HIS D 331 2.68 -47.60 -22.87
N SER D 332 3.92 -47.65 -23.31
CA SER D 332 4.48 -48.85 -23.95
C SER D 332 4.55 -49.99 -22.94
N LEU D 333 4.24 -51.21 -23.38
CA LEU D 333 4.30 -52.39 -22.54
C LEU D 333 5.10 -53.53 -23.16
N VAL D 334 5.62 -54.39 -22.31
CA VAL D 334 6.35 -55.55 -22.75
C VAL D 334 5.89 -56.78 -21.96
N GLU D 335 5.91 -57.94 -22.61
CA GLU D 335 5.54 -59.19 -21.93
C GLU D 335 5.99 -60.40 -22.74
N CYS D 336 6.28 -61.49 -22.03
CA CYS D 336 6.44 -62.78 -22.68
C CYS D 336 5.08 -63.44 -22.61
N PRO D 337 4.41 -63.60 -23.76
CA PRO D 337 3.08 -64.23 -23.82
C PRO D 337 3.02 -65.57 -23.12
N ALA D 338 3.95 -66.46 -23.44
CA ALA D 338 3.95 -67.82 -22.90
C ALA D 338 4.21 -67.80 -21.39
N LEU D 339 4.52 -66.62 -20.88
CA LEU D 339 4.91 -66.47 -19.49
C LEU D 339 3.95 -65.60 -18.70
N MSE D 340 2.95 -65.05 -19.38
CA MSE D 340 2.08 -64.07 -18.76
C MSE D 340 0.66 -64.23 -19.27
O MSE D 340 -0.26 -63.54 -18.83
CB MSE D 340 2.62 -62.66 -18.99
CG MSE D 340 3.80 -62.33 -18.08
SE MSE D 340 4.87 -60.77 -18.53
CE MSE D 340 3.56 -59.39 -18.21
N THR D 341 0.49 -65.18 -20.16
CA THR D 341 -0.76 -65.34 -20.85
C THR D 341 -0.98 -66.84 -21.13
N HIS D 342 0.07 -67.49 -21.64
CA HIS D 342 -0.03 -68.88 -22.07
C HIS D 342 0.56 -69.79 -21.01
N ARG D 343 0.60 -69.28 -19.80
CA ARG D 343 1.05 -70.07 -18.65
C ARG D 343 0.10 -71.23 -18.32
N PRO D 344 -1.22 -71.04 -18.51
CA PRO D 344 -2.10 -72.21 -18.37
C PRO D 344 -1.95 -73.19 -19.53
N LEU D 345 -1.65 -72.69 -20.73
CA LEU D 345 -1.32 -73.57 -21.85
C LEU D 345 -0.09 -74.38 -21.46
N SER D 346 -0.10 -75.67 -21.82
CA SER D 346 1.07 -76.52 -21.71
C SER D 346 2.26 -75.96 -22.50
N ALA D 347 3.41 -76.62 -22.38
CA ALA D 347 4.56 -76.23 -23.19
C ALA D 347 4.34 -76.69 -24.61
N GLU D 348 3.90 -77.94 -24.74
CA GLU D 348 3.60 -78.53 -26.04
C GLU D 348 2.60 -77.68 -26.80
N ALA D 349 1.50 -77.28 -26.17
CA ALA D 349 0.51 -76.43 -26.83
C ALA D 349 0.96 -74.98 -26.96
N ARG D 350 2.14 -74.68 -26.43
CA ARG D 350 2.83 -73.45 -26.79
C ARG D 350 3.82 -73.80 -27.91
N ALA D 351 4.41 -75.00 -27.81
CA ALA D 351 5.37 -75.51 -28.79
C ALA D 351 4.72 -76.20 -30.00
N ARG D 352 3.43 -76.47 -29.92
CA ARG D 352 2.66 -76.90 -31.10
C ARG D 352 2.12 -75.67 -31.82
N ARG D 353 1.59 -74.72 -31.07
CA ARG D 353 1.13 -73.48 -31.67
C ARG D 353 2.35 -72.70 -32.18
N GLY D 354 3.49 -72.89 -31.53
CA GLY D 354 4.74 -72.28 -31.97
C GLY D 354 5.39 -71.51 -30.84
N ILE D 355 4.62 -70.54 -30.32
CA ILE D 355 5.03 -69.60 -29.27
C ILE D 355 6.09 -70.12 -28.30
N GLY D 356 7.34 -69.75 -28.57
CA GLY D 356 8.47 -70.26 -27.81
C GLY D 356 8.60 -69.58 -26.46
N GLU D 357 9.52 -70.09 -25.65
CA GLU D 357 9.70 -69.65 -24.27
C GLU D 357 10.50 -68.36 -24.15
N SER D 358 11.01 -67.86 -25.28
CA SER D 358 11.66 -66.56 -25.29
C SER D 358 11.09 -65.64 -26.38
N LEU D 359 9.82 -65.82 -26.71
CA LEU D 359 9.14 -64.88 -27.57
C LEU D 359 8.72 -63.68 -26.75
N ILE D 360 9.09 -62.50 -27.23
CA ILE D 360 8.76 -61.23 -26.59
C ILE D 360 7.81 -60.41 -27.47
N ARG D 361 6.82 -59.78 -26.86
CA ARG D 361 5.90 -58.90 -27.60
C ARG D 361 5.91 -57.49 -27.04
N LEU D 362 6.05 -56.53 -27.94
CA LEU D 362 6.05 -55.13 -27.61
C LEU D 362 4.72 -54.49 -28.03
N SER D 363 4.13 -53.70 -27.13
CA SER D 363 3.00 -52.86 -27.47
C SER D 363 3.46 -51.42 -27.32
N VAL D 364 3.54 -50.71 -28.45
CA VAL D 364 4.23 -49.45 -28.48
C VAL D 364 3.31 -48.27 -28.17
N GLY D 365 3.62 -47.58 -27.08
CA GLY D 365 2.87 -46.42 -26.66
C GLY D 365 3.31 -45.16 -27.39
N ILE D 366 3.05 -44.02 -26.77
CA ILE D 366 3.31 -42.75 -27.41
C ILE D 366 4.46 -41.96 -26.77
N GLU D 367 5.42 -42.64 -26.17
CA GLU D 367 6.61 -41.95 -25.64
C GLU D 367 7.54 -41.61 -26.82
N ASP D 368 8.58 -40.80 -26.60
CA ASP D 368 9.48 -40.42 -27.69
C ASP D 368 10.22 -41.69 -28.20
N PRO D 369 10.32 -41.84 -29.54
CA PRO D 369 10.78 -43.10 -30.15
C PRO D 369 12.21 -43.48 -29.78
N GLN D 370 13.12 -42.52 -29.71
CA GLN D 370 14.50 -42.87 -29.41
C GLN D 370 14.63 -43.17 -27.91
N ASP D 371 13.73 -42.64 -27.10
CA ASP D 371 13.71 -43.03 -25.69
C ASP D 371 13.37 -44.52 -25.56
N LEU D 372 12.26 -44.92 -26.16
CA LEU D 372 11.90 -46.32 -26.26
C LEU D 372 12.98 -47.12 -27.00
N ALA D 373 13.53 -46.55 -28.07
CA ALA D 373 14.58 -47.26 -28.83
C ALA D 373 15.82 -47.51 -27.98
N GLU D 374 16.18 -46.52 -27.18
CA GLU D 374 17.34 -46.68 -26.31
C GLU D 374 17.10 -47.71 -25.19
N ASP D 375 15.93 -47.67 -24.56
CA ASP D 375 15.63 -48.59 -23.46
C ASP D 375 15.64 -50.04 -23.94
N LEU D 376 15.11 -50.25 -25.14
CA LEU D 376 15.08 -51.59 -25.73
C LEU D 376 16.49 -52.13 -25.93
N SER D 377 17.38 -51.30 -26.46
CA SER D 377 18.77 -51.73 -26.67
C SER D 377 19.52 -51.97 -25.35
N ARG D 378 19.25 -51.14 -24.35
CA ARG D 378 19.89 -51.33 -23.04
C ARG D 378 19.45 -52.67 -22.44
N ALA D 379 18.18 -53.01 -22.62
CA ALA D 379 17.68 -54.27 -22.13
C ALA D 379 18.34 -55.41 -22.89
N LEU D 380 18.35 -55.30 -24.22
CA LEU D 380 18.97 -56.32 -25.07
C LEU D 380 20.46 -56.51 -24.76
N ALA D 381 21.14 -55.45 -24.34
CA ALA D 381 22.60 -55.50 -24.18
C ALA D 381 23.04 -56.16 -22.88
N GLY D 382 22.50 -55.67 -21.77
CA GLY D 382 23.04 -55.95 -20.45
C GLY D 382 23.56 -54.65 -19.83
N GLY E 6 -16.85 42.49 14.81
CA GLY E 6 -15.61 42.68 15.50
C GLY E 6 -14.50 42.29 14.55
N MSE E 7 -14.92 42.00 13.32
CA MSE E 7 -14.04 41.64 12.22
C MSE E 7 -14.67 41.72 10.80
O MSE E 7 -15.45 40.86 10.44
CB MSE E 7 -13.47 40.20 12.35
CG MSE E 7 -13.45 39.49 13.74
SE MSE E 7 -11.60 39.02 14.20
CE MSE E 7 -11.83 39.01 16.18
N ARG E 8 -14.26 42.70 9.98
CA ARG E 8 -14.33 42.60 8.52
C ARG E 8 -12.93 42.79 7.87
N PHE E 9 -12.71 42.18 6.69
CA PHE E 9 -11.36 41.91 6.19
C PHE E 9 -10.13 42.68 6.69
N GLY E 10 -10.03 43.96 6.36
CA GLY E 10 -8.94 44.79 6.82
C GLY E 10 -8.65 44.61 8.30
N THR E 11 -9.72 44.48 9.09
CA THR E 11 -9.60 44.29 10.52
C THR E 11 -9.00 42.92 10.85
N ARG E 12 -9.55 41.88 10.22
CA ARG E 12 -9.06 40.51 10.36
C ARG E 12 -7.57 40.40 10.07
N LEU E 13 -7.13 41.08 9.00
CA LEU E 13 -5.72 41.07 8.58
C LEU E 13 -4.77 41.72 9.58
N VAL E 14 -5.25 42.76 10.26
CA VAL E 14 -4.41 43.51 11.17
C VAL E 14 -4.47 42.93 12.59
N HIS E 15 -5.65 42.48 13.01
CA HIS E 15 -5.85 42.10 14.41
C HIS E 15 -6.07 40.61 14.70
N GLY E 16 -6.27 39.79 13.67
CA GLY E 16 -6.36 38.36 13.87
C GLY E 16 -5.08 37.83 14.51
N GLY E 17 -5.20 36.92 15.47
CA GLY E 17 -4.05 36.29 16.10
C GLY E 17 -3.13 37.24 16.86
N ARG E 18 -3.59 38.48 17.10
CA ARG E 18 -2.71 39.44 17.73
C ARG E 18 -2.64 39.17 19.25
N ARG E 19 -1.83 38.16 19.63
CA ARG E 19 -1.83 37.61 20.99
C ARG E 19 -0.98 38.38 22.00
N PRO E 20 -1.65 39.04 22.94
CA PRO E 20 -1.02 40.08 23.75
C PRO E 20 -0.08 39.67 24.88
N SER E 21 0.50 40.73 25.43
CA SER E 21 1.75 40.62 26.13
C SER E 21 1.46 40.68 27.59
N ALA E 22 0.61 41.62 27.98
CA ALA E 22 0.16 41.65 29.36
C ALA E 22 1.34 41.86 30.30
N GLY E 23 1.30 42.94 31.06
CA GLY E 23 2.45 43.31 31.86
C GLY E 23 3.27 44.37 31.14
N THR E 24 3.25 44.35 29.81
CA THR E 24 4.02 45.30 29.01
C THR E 24 3.14 46.03 27.97
N GLY E 25 2.19 45.31 27.37
CA GLY E 25 1.21 45.92 26.48
C GLY E 25 1.59 46.02 25.00
N ASP E 26 2.59 45.24 24.57
CA ASP E 26 3.05 45.25 23.18
C ASP E 26 1.89 45.17 22.20
N VAL E 27 1.82 46.14 21.30
CA VAL E 27 0.80 46.14 20.25
C VAL E 27 1.13 45.07 19.22
N VAL E 28 2.34 45.11 18.68
CA VAL E 28 2.84 44.03 17.86
C VAL E 28 3.36 42.93 18.79
N PRO E 29 2.85 41.70 18.65
CA PRO E 29 3.26 40.66 19.59
C PRO E 29 4.75 40.35 19.44
N PRO E 30 5.43 40.05 20.55
CA PRO E 30 6.87 39.80 20.50
C PRO E 30 7.17 38.50 19.74
N ILE E 31 8.38 38.39 19.18
CA ILE E 31 8.75 37.21 18.41
C ILE E 31 9.30 36.14 19.33
N HIS E 32 8.59 35.01 19.44
CA HIS E 32 9.02 33.93 20.33
C HIS E 32 10.00 33.02 19.62
N VAL E 33 11.29 33.16 19.92
CA VAL E 33 12.32 32.32 19.29
C VAL E 33 12.67 31.10 20.13
N SER E 34 12.34 31.11 21.40
CA SER E 34 12.80 30.05 22.30
C SER E 34 12.28 28.67 21.84
N THR E 35 13.17 27.68 21.82
CA THR E 35 12.79 26.31 21.49
C THR E 35 12.36 25.58 22.76
N THR E 36 12.81 26.12 23.88
CA THR E 36 12.70 25.43 25.14
C THR E 36 11.81 26.14 26.16
N TYR E 37 11.11 25.37 27.00
CA TYR E 37 10.15 25.94 27.96
C TYR E 37 10.32 25.42 29.38
N GLU E 38 10.14 26.31 30.36
CA GLU E 38 10.20 25.97 31.78
C GLU E 38 8.82 25.49 32.27
N ARG E 39 8.83 24.37 32.99
CA ARG E 39 7.57 23.69 33.34
C ARG E 39 6.97 24.05 34.71
N ARG E 40 7.71 24.83 35.52
CA ARG E 40 7.29 25.13 36.89
C ARG E 40 6.73 26.56 37.03
N ALA E 41 6.09 27.05 35.97
CA ALA E 41 5.57 28.43 35.94
C ALA E 41 4.55 28.63 34.82
N GLN E 42 3.91 27.55 34.39
CA GLN E 42 2.88 27.67 33.35
C GLN E 42 1.48 27.60 33.93
N ASP E 43 0.70 28.66 33.73
CA ASP E 43 -0.68 28.70 34.26
C ASP E 43 -1.45 27.51 33.72
N GLU E 44 -1.35 27.28 32.41
CA GLU E 44 -1.75 26.03 31.78
C GLU E 44 -0.57 25.52 30.95
N PRO E 45 -0.20 24.24 31.11
CA PRO E 45 0.99 23.72 30.43
C PRO E 45 0.70 23.54 28.95
N ARG E 46 1.24 24.44 28.13
CA ARG E 46 0.90 24.44 26.73
C ARG E 46 2.15 24.30 25.89
N TYR E 47 3.21 24.92 26.36
CA TYR E 47 4.44 25.04 25.60
C TYR E 47 5.49 24.14 26.22
N PHE E 48 6.01 23.20 25.42
CA PHE E 48 7.05 22.27 25.85
C PHE E 48 8.28 22.41 25.00
N TYR E 49 8.07 22.34 23.69
CA TYR E 49 9.16 22.30 22.74
C TYR E 49 8.72 23.01 21.49
N GLY E 50 9.65 23.67 20.80
CA GLY E 50 9.30 24.48 19.63
C GLY E 50 8.69 23.76 18.45
N ARG E 51 9.01 22.48 18.26
CA ARG E 51 8.38 21.68 17.17
C ARG E 51 6.90 21.40 17.45
N GLY E 52 6.55 21.24 18.71
CA GLY E 52 5.17 21.01 19.09
C GLY E 52 4.36 22.29 19.15
N GLU E 53 4.86 23.30 19.87
CA GLU E 53 4.08 24.52 20.10
C GLU E 53 4.99 25.74 20.07
N ASN E 54 4.47 26.83 19.50
CA ASN E 54 5.18 28.10 19.46
C ASN E 54 4.17 29.24 19.35
N PRO E 55 4.16 30.17 20.32
CA PRO E 55 3.13 31.22 20.32
C PRO E 55 3.11 32.11 19.07
N THR E 56 4.28 32.45 18.52
CA THR E 56 4.34 33.29 17.32
C THR E 56 3.76 32.54 16.15
N ARG E 57 4.04 31.23 16.10
CA ARG E 57 3.49 30.37 15.08
C ARG E 57 1.97 30.29 15.20
N GLU E 58 1.48 30.18 16.44
CA GLU E 58 0.04 30.07 16.68
C GLU E 58 -0.69 31.37 16.34
N GLU E 59 -0.03 32.51 16.53
CA GLU E 59 -0.63 33.80 16.20
C GLU E 59 -0.97 33.85 14.71
N LEU E 60 -0.01 33.46 13.89
CA LEU E 60 -0.21 33.42 12.45
C LEU E 60 -1.37 32.51 12.06
N GLU E 61 -1.45 31.34 12.71
CA GLU E 61 -2.53 30.38 12.42
C GLU E 61 -3.91 30.92 12.77
N GLU E 62 -4.00 31.56 13.92
CA GLU E 62 -5.24 32.18 14.37
C GLU E 62 -5.69 33.22 13.34
N CYS E 63 -4.77 34.06 12.90
CA CYS E 63 -5.09 35.06 11.87
C CYS E 63 -5.59 34.34 10.62
N LEU E 64 -4.78 33.41 10.12
CA LEU E 64 -5.10 32.64 8.92
C LEU E 64 -6.47 31.98 8.98
N ALA E 65 -6.76 31.32 10.09
CA ALA E 65 -8.07 30.72 10.29
C ALA E 65 -9.17 31.78 10.18
N GLY E 66 -8.94 32.93 10.83
CA GLY E 66 -9.90 34.03 10.85
C GLY E 66 -10.29 34.61 9.50
N LEU E 67 -9.37 34.57 8.54
CA LEU E 67 -9.66 35.06 7.18
C LEU E 67 -10.75 34.26 6.47
N GLU E 68 -10.98 33.04 6.94
CA GLU E 68 -11.99 32.18 6.32
C GLU E 68 -13.09 31.81 7.30
N ARG E 69 -13.09 32.48 8.46
CA ARG E 69 -14.02 32.18 9.54
C ARG E 69 -13.92 30.70 9.92
N ALA E 70 -12.70 30.19 9.97
CA ALA E 70 -12.48 28.76 10.19
C ALA E 70 -11.91 28.52 11.59
N PRO E 71 -12.28 27.40 12.21
CA PRO E 71 -11.79 27.05 13.53
C PRO E 71 -10.30 26.75 13.56
N PHE E 72 -9.73 26.23 12.47
CA PHE E 72 -8.36 25.71 12.50
C PHE E 72 -7.46 26.17 11.36
N ALA E 73 -6.19 26.38 11.67
CA ALA E 73 -5.18 26.52 10.65
C ALA E 73 -3.85 25.95 11.17
N THR E 74 -3.04 25.47 10.24
CA THR E 74 -1.72 24.98 10.57
C THR E 74 -0.76 25.51 9.53
N VAL E 75 0.35 26.10 9.97
CA VAL E 75 1.37 26.56 9.03
C VAL E 75 2.58 25.62 8.94
N PHE E 76 3.30 25.75 7.82
CA PHE E 76 4.33 24.81 7.40
C PHE E 76 5.54 25.54 6.82
N SER E 77 6.64 24.79 6.67
CA SER E 77 7.90 25.29 6.17
C SER E 77 7.82 25.76 4.70
N SER E 78 6.75 25.37 4.02
CA SER E 78 6.48 25.85 2.66
C SER E 78 5.13 25.32 2.20
N GLY E 79 4.67 25.83 1.08
CA GLY E 79 3.46 25.33 0.44
C GLY E 79 3.55 23.83 0.16
N GLN E 80 4.70 23.37 -0.33
CA GLN E 80 4.91 21.94 -0.59
C GLN E 80 4.68 21.11 0.69
N ALA E 81 5.17 21.60 1.82
CA ALA E 81 5.05 20.90 3.11
C ALA E 81 3.59 20.87 3.61
N ALA E 82 2.81 21.88 3.25
CA ALA E 82 1.38 21.85 3.54
C ALA E 82 0.74 20.77 2.68
N ALA E 83 1.06 20.78 1.40
CA ALA E 83 0.52 19.80 0.48
C ALA E 83 0.94 18.37 0.86
N ALA E 84 2.20 18.20 1.24
CA ALA E 84 2.70 16.87 1.60
C ALA E 84 1.93 16.31 2.80
N THR E 85 1.71 17.15 3.81
CA THR E 85 1.02 16.76 5.03
C THR E 85 -0.41 16.31 4.74
N LEU E 86 -1.13 17.16 4.01
CA LEU E 86 -2.49 16.90 3.61
C LEU E 86 -2.55 15.58 2.86
N LEU E 87 -1.65 15.44 1.89
CA LEU E 87 -1.54 14.23 1.09
C LEU E 87 -1.21 12.97 1.89
N SER E 88 -0.46 13.12 2.97
CA SER E 88 0.02 11.98 3.75
C SER E 88 -1.11 11.17 4.40
N LEU E 89 -2.28 11.79 4.53
CA LEU E 89 -3.41 11.13 5.19
C LEU E 89 -4.18 10.20 4.26
N VAL E 90 -3.75 10.12 3.01
CA VAL E 90 -4.35 9.18 2.08
C VAL E 90 -3.68 7.82 2.26
N ARG E 91 -4.44 6.74 2.10
CA ARG E 91 -3.93 5.39 2.37
C ARG E 91 -3.49 4.64 1.11
N PRO E 92 -2.50 3.76 1.26
CA PRO E 92 -2.24 2.79 0.21
C PRO E 92 -3.49 1.94 0.06
N GLY E 93 -4.23 2.13 -1.03
CA GLY E 93 -5.48 1.42 -1.23
C GLY E 93 -6.61 2.42 -1.41
N GLN E 94 -6.25 3.68 -1.61
CA GLN E 94 -7.23 4.75 -1.86
C GLN E 94 -6.83 5.61 -3.06
N CYS E 95 -7.49 6.76 -3.23
CA CYS E 95 -7.28 7.58 -4.43
C CYS E 95 -7.51 9.08 -4.30
N VAL E 96 -6.79 9.82 -5.14
CA VAL E 96 -6.78 11.28 -5.17
C VAL E 96 -7.16 11.74 -6.57
N VAL E 97 -8.04 12.74 -6.66
CA VAL E 97 -8.47 13.30 -7.94
C VAL E 97 -8.07 14.78 -8.08
N SER E 98 -7.52 15.16 -9.23
CA SER E 98 -6.96 16.49 -9.40
C SER E 98 -7.08 17.08 -10.79
N THR E 99 -6.81 18.39 -10.89
CA THR E 99 -7.12 19.13 -12.11
C THR E 99 -6.32 18.77 -13.37
N ASP E 100 -5.13 18.18 -13.22
CA ASP E 100 -4.36 17.61 -14.37
C ASP E 100 -3.46 18.60 -15.14
N ASP E 101 -3.55 19.87 -14.73
CA ASP E 101 -2.68 20.95 -15.18
C ASP E 101 -2.06 21.53 -13.94
N VAL E 102 -2.09 20.76 -12.85
CA VAL E 102 -1.60 21.20 -11.56
C VAL E 102 -0.10 21.45 -11.55
N TYR E 103 0.33 22.29 -10.60
CA TYR E 103 1.73 22.61 -10.36
C TYR E 103 2.68 21.40 -10.46
N ALA E 104 3.93 21.65 -10.79
CA ALA E 104 4.91 20.57 -10.87
C ALA E 104 5.13 19.94 -9.49
N GLY E 105 5.28 20.77 -8.46
CA GLY E 105 5.55 20.28 -7.12
C GLY E 105 4.41 19.43 -6.56
N THR E 106 3.19 19.87 -6.80
CA THR E 106 2.03 19.09 -6.39
C THR E 106 2.06 17.74 -7.10
N ASP E 107 2.18 17.78 -8.43
CA ASP E 107 2.33 16.53 -9.17
C ASP E 107 3.68 15.92 -8.82
N GLY E 108 4.58 16.73 -8.27
CA GLY E 108 5.84 16.23 -7.72
C GLY E 108 5.52 15.33 -6.56
N LEU E 109 4.61 15.79 -5.71
CA LEU E 109 4.14 15.02 -4.57
C LEU E 109 3.22 13.87 -4.96
N PHE E 110 2.52 14.01 -6.07
CA PHE E 110 1.59 12.96 -6.49
C PHE E 110 2.35 11.64 -6.71
N ASP E 111 3.52 11.73 -7.32
CA ASP E 111 4.31 10.53 -7.62
C ASP E 111 4.79 9.75 -6.39
N LEU E 112 5.09 10.45 -5.29
CA LEU E 112 5.67 9.78 -4.15
C LEU E 112 4.62 8.98 -3.38
N ALA E 113 3.41 9.52 -3.30
CA ALA E 113 2.29 8.80 -2.71
C ALA E 113 1.99 7.49 -3.43
N ALA E 114 2.10 7.49 -4.76
CA ALA E 114 1.85 6.29 -5.55
C ALA E 114 2.85 5.19 -5.22
N ARG E 115 4.08 5.62 -4.92
CA ARG E 115 5.15 4.70 -4.56
C ARG E 115 4.85 3.97 -3.25
N GLN E 116 3.97 4.54 -2.44
CA GLN E 116 3.58 3.93 -1.17
C GLN E 116 2.29 3.09 -1.28
N GLY E 117 1.41 3.49 -2.19
CA GLY E 117 0.14 2.80 -2.39
C GLY E 117 -1.06 3.69 -2.69
N VAL E 118 -0.92 5.01 -2.49
CA VAL E 118 -1.97 5.94 -2.88
C VAL E 118 -2.08 5.92 -4.39
N ARG E 119 -3.31 5.86 -4.91
CA ARG E 119 -3.54 5.86 -6.35
C ARG E 119 -3.94 7.25 -6.81
N VAL E 120 -3.24 7.78 -7.81
CA VAL E 120 -3.50 9.15 -8.26
C VAL E 120 -4.25 9.13 -9.57
N ARG E 121 -5.32 9.91 -9.68
CA ARG E 121 -6.06 9.96 -10.94
C ARG E 121 -6.54 11.36 -11.30
N TYR E 122 -6.02 11.84 -12.42
CA TYR E 122 -6.22 13.22 -12.87
C TYR E 122 -7.53 13.28 -13.64
N ALA E 123 -8.10 14.48 -13.74
CA ALA E 123 -9.37 14.62 -14.43
C ALA E 123 -9.58 16.03 -14.93
N ASP E 124 -10.44 16.13 -15.95
CA ASP E 124 -10.94 17.42 -16.39
C ASP E 124 -12.19 17.69 -15.56
N LEU E 125 -12.02 18.43 -14.47
CA LEU E 125 -13.11 18.69 -13.53
C LEU E 125 -13.96 19.85 -14.03
N THR E 126 -13.59 20.35 -15.19
CA THR E 126 -14.22 21.51 -15.80
C THR E 126 -15.50 21.08 -16.55
N THR E 127 -15.68 19.78 -16.73
CA THR E 127 -16.83 19.25 -17.47
C THR E 127 -17.83 18.47 -16.62
N PRO E 128 -19.09 18.40 -17.10
CA PRO E 128 -20.16 17.55 -16.56
C PRO E 128 -19.96 16.02 -16.69
N GLU E 129 -18.97 15.55 -17.44
CA GLU E 129 -18.64 14.13 -17.40
C GLU E 129 -17.15 13.81 -17.13
N GLY E 130 -16.32 14.83 -17.17
CA GLY E 130 -14.98 14.71 -16.63
C GLY E 130 -15.19 14.49 -15.14
N ILE E 131 -15.93 15.42 -14.54
CA ILE E 131 -16.32 15.32 -13.14
C ILE E 131 -17.01 14.00 -12.84
N ALA E 132 -17.84 13.54 -13.76
CA ALA E 132 -18.58 12.29 -13.56
C ALA E 132 -17.69 11.05 -13.65
N ALA E 133 -17.25 10.76 -14.88
CA ALA E 133 -16.49 9.54 -15.22
C ALA E 133 -15.45 9.20 -14.19
N ALA E 134 -14.72 10.24 -13.82
CA ALA E 134 -13.78 10.24 -12.71
C ALA E 134 -14.53 9.97 -11.42
N LEU E 135 -14.64 11.00 -10.58
CA LEU E 135 -15.29 10.98 -9.26
C LEU E 135 -15.94 9.68 -8.77
N ALA E 136 -16.55 8.93 -9.69
CA ALA E 136 -17.01 7.57 -9.43
C ALA E 136 -15.82 6.62 -9.31
N GLU E 137 -14.61 7.17 -9.23
CA GLU E 137 -13.42 6.35 -9.03
C GLU E 137 -13.53 5.63 -7.71
N PRO E 138 -13.15 4.34 -7.69
CA PRO E 138 -13.35 3.52 -6.51
C PRO E 138 -12.40 3.97 -5.42
N ASP E 139 -12.82 3.80 -4.16
CA ASP E 139 -11.98 4.13 -3.03
C ASP E 139 -11.48 5.58 -3.11
N LEU E 140 -12.34 6.44 -3.67
CA LEU E 140 -12.05 7.87 -3.74
C LEU E 140 -11.84 8.39 -2.33
N ALA E 141 -10.81 9.20 -2.13
CA ALA E 141 -10.50 9.69 -0.79
C ALA E 141 -10.30 11.21 -0.73
N LEU E 142 -9.89 11.80 -1.83
CA LEU E 142 -9.50 13.21 -1.84
C LEU E 142 -9.60 13.80 -3.23
N VAL E 143 -10.28 14.93 -3.35
CA VAL E 143 -10.36 15.61 -4.63
C VAL E 143 -9.58 16.91 -4.50
N TRP E 144 -8.60 17.09 -5.38
CA TRP E 144 -7.62 18.19 -5.28
C TRP E 144 -7.91 19.19 -6.39
N ILE E 145 -8.30 20.40 -6.00
CA ILE E 145 -8.66 21.43 -6.98
C ILE E 145 -7.73 22.64 -6.90
N GLU E 146 -7.18 23.03 -8.04
CA GLU E 146 -6.44 24.29 -8.13
C GLU E 146 -7.28 25.23 -8.99
N THR E 147 -7.65 26.39 -8.46
CA THR E 147 -8.42 27.33 -9.28
C THR E 147 -8.23 28.80 -8.89
N PRO E 148 -7.82 29.63 -9.86
CA PRO E 148 -7.49 29.22 -11.24
C PRO E 148 -6.20 28.37 -11.31
N THR E 149 -6.00 27.63 -12.39
CA THR E 149 -4.73 26.95 -12.57
C THR E 149 -3.79 27.76 -13.47
N ASN E 150 -2.58 27.29 -13.60
CA ASN E 150 -1.51 28.09 -14.14
C ASN E 150 -0.64 27.26 -15.04
N PRO E 151 -0.35 27.73 -16.27
CA PRO E 151 -0.55 29.09 -16.79
C PRO E 151 -1.85 29.38 -17.57
N LEU E 152 -2.75 28.42 -17.76
CA LEU E 152 -3.94 28.68 -18.58
C LEU E 152 -5.07 29.47 -17.88
N LEU E 153 -5.03 29.53 -16.56
CA LEU E 153 -6.07 30.21 -15.78
C LEU E 153 -7.44 29.60 -16.02
N THR E 154 -7.46 28.28 -16.21
CA THR E 154 -8.71 27.54 -16.26
C THR E 154 -9.34 27.59 -14.88
N VAL E 155 -10.64 27.33 -14.80
CA VAL E 155 -11.37 27.53 -13.56
C VAL E 155 -12.38 26.41 -13.31
N VAL E 156 -12.32 25.82 -12.11
CA VAL E 156 -13.20 24.72 -11.69
C VAL E 156 -14.19 25.23 -10.65
N ASP E 157 -15.44 24.80 -10.76
CA ASP E 157 -16.50 25.25 -9.86
C ASP E 157 -16.40 24.48 -8.54
N VAL E 158 -15.81 25.12 -7.54
CA VAL E 158 -15.57 24.47 -6.25
C VAL E 158 -16.86 23.92 -5.64
N ALA E 159 -17.92 24.71 -5.66
CA ALA E 159 -19.17 24.31 -5.01
C ALA E 159 -19.72 23.05 -5.63
N GLU E 160 -19.75 23.01 -6.97
CA GLU E 160 -20.35 21.89 -7.68
C GLU E 160 -19.52 20.64 -7.45
N VAL E 161 -18.20 20.78 -7.58
CA VAL E 161 -17.31 19.62 -7.38
C VAL E 161 -17.38 19.14 -5.95
N SER E 162 -17.36 20.07 -5.00
CA SER E 162 -17.39 19.69 -3.58
C SER E 162 -18.67 18.93 -3.28
N ARG E 163 -19.76 19.44 -3.85
CA ARG E 163 -21.06 18.81 -3.71
C ARG E 163 -21.08 17.37 -4.27
N ARG E 164 -20.44 17.15 -5.42
CA ARG E 164 -20.44 15.80 -5.99
C ARG E 164 -19.38 14.90 -5.35
N ALA E 165 -18.28 15.51 -4.90
CA ALA E 165 -17.22 14.73 -4.26
C ALA E 165 -17.67 14.22 -2.90
N HIS E 166 -18.41 15.04 -2.16
CA HIS E 166 -18.87 14.64 -0.83
C HIS E 166 -19.84 13.46 -0.88
N GLU E 167 -20.73 13.46 -1.88
CA GLU E 167 -21.65 12.34 -2.10
C GLU E 167 -20.95 10.99 -2.08
N ARG E 168 -19.66 11.00 -2.39
CA ARG E 168 -18.82 9.82 -2.39
C ARG E 168 -17.96 9.70 -1.13
N GLY E 169 -18.16 10.62 -0.17
CA GLY E 169 -17.39 10.59 1.07
C GLY E 169 -15.96 11.11 0.93
N ALA E 170 -15.70 11.86 -0.13
CA ALA E 170 -14.36 12.38 -0.39
C ALA E 170 -14.08 13.67 0.37
N ARG E 171 -12.80 13.95 0.59
CA ARG E 171 -12.36 15.25 1.08
C ARG E 171 -12.03 16.11 -0.13
N VAL E 172 -12.32 17.40 -0.03
CA VAL E 172 -12.01 18.36 -1.09
C VAL E 172 -11.09 19.46 -0.57
N VAL E 173 -9.94 19.61 -1.23
CA VAL E 173 -9.00 20.67 -0.94
C VAL E 173 -8.84 21.60 -2.14
N VAL E 174 -8.87 22.90 -1.88
CA VAL E 174 -8.59 23.87 -2.92
C VAL E 174 -7.22 24.49 -2.68
N ASP E 175 -6.34 24.37 -3.66
CA ASP E 175 -5.09 25.12 -3.66
C ASP E 175 -5.48 26.53 -4.08
N ASN E 176 -5.60 27.40 -3.09
CA ASN E 176 -6.12 28.75 -3.24
C ASN E 176 -4.99 29.79 -3.24
N THR E 177 -3.76 29.33 -3.48
CA THR E 177 -2.61 30.23 -3.44
C THR E 177 -2.74 31.38 -4.44
N PHE E 178 -3.20 31.04 -5.64
CA PHE E 178 -3.34 31.99 -6.73
C PHE E 178 -4.28 33.15 -6.42
N ALA E 179 -5.47 32.83 -5.91
CA ALA E 179 -6.49 33.84 -5.71
C ALA E 179 -6.27 34.58 -4.39
N SER E 180 -5.77 33.84 -3.40
CA SER E 180 -5.68 34.26 -2.00
C SER E 180 -7.08 34.31 -1.35
N PRO E 181 -7.12 34.33 -0.01
CA PRO E 181 -8.45 34.35 0.64
C PRO E 181 -9.22 35.67 0.51
N VAL E 182 -8.58 36.72 0.00
CA VAL E 182 -9.30 37.97 -0.27
C VAL E 182 -10.25 37.87 -1.48
N LEU E 183 -9.94 36.98 -2.43
CA LEU E 183 -10.71 36.90 -3.67
C LEU E 183 -11.59 35.67 -3.77
N GLN E 184 -11.24 34.62 -3.03
CA GLN E 184 -11.92 33.34 -3.16
C GLN E 184 -11.90 32.61 -1.82
N GLN E 185 -13.04 32.06 -1.42
CA GLN E 185 -13.18 31.46 -0.09
C GLN E 185 -13.61 30.00 -0.19
N PRO E 186 -12.64 29.09 -0.32
CA PRO E 186 -12.95 27.68 -0.61
C PRO E 186 -13.90 27.03 0.41
N LEU E 187 -13.72 27.32 1.71
CA LEU E 187 -14.59 26.70 2.71
C LEU E 187 -16.04 27.17 2.56
N ALA E 188 -16.24 28.45 2.25
CA ALA E 188 -17.60 28.97 2.02
C ALA E 188 -18.22 28.36 0.77
N LEU E 189 -17.37 27.90 -0.14
CA LEU E 189 -17.84 27.31 -1.38
C LEU E 189 -18.10 25.80 -1.21
N GLY E 190 -17.82 25.27 -0.02
CA GLY E 190 -18.12 23.88 0.26
C GLY E 190 -16.95 22.91 0.35
N ALA E 191 -15.73 23.41 0.17
CA ALA E 191 -14.55 22.56 0.28
C ALA E 191 -14.24 22.28 1.75
N ASP E 192 -13.41 21.28 2.01
CA ASP E 192 -13.03 20.97 3.38
C ASP E 192 -11.72 21.61 3.82
N VAL E 193 -10.86 21.95 2.85
CA VAL E 193 -9.52 22.44 3.17
C VAL E 193 -9.07 23.50 2.17
N SER E 194 -8.49 24.59 2.67
CA SER E 194 -7.77 25.52 1.82
C SER E 194 -6.26 25.36 1.99
N LEU E 195 -5.57 25.13 0.89
CA LEU E 195 -4.11 25.00 0.86
C LEU E 195 -3.48 26.29 0.31
N TYR E 196 -2.39 26.73 0.92
CA TYR E 196 -1.64 27.90 0.44
C TYR E 196 -0.15 27.68 0.45
N SER E 197 0.50 28.26 -0.55
CA SER E 197 1.86 28.73 -0.39
C SER E 197 1.77 30.16 0.10
N THR E 198 2.03 30.39 1.38
CA THR E 198 2.09 31.76 1.89
C THR E 198 3.32 32.50 1.36
N THR E 199 4.27 31.74 0.82
CA THR E 199 5.42 32.28 0.07
C THR E 199 5.01 33.29 -0.99
N1 LLP E 200 0.82 25.68 -5.13
C2 LLP E 200 0.83 26.78 -5.88
C2' LLP E 200 -0.45 27.19 -6.69
C3 LLP E 200 2.00 27.59 -5.94
O3 LLP E 200 2.00 28.76 -6.73
C4 LLP E 200 3.13 27.23 -5.23
C4' LLP E 200 4.43 28.20 -5.32
C5 LLP E 200 3.12 26.08 -4.47
C6 LLP E 200 1.96 25.30 -4.41
C5' LLP E 200 4.36 25.60 -3.63
OP4 LLP E 200 4.56 26.40 -2.49
P LLP E 200 6.02 26.57 -1.97
OP1 LLP E 200 5.98 27.63 -0.87
OP2 LLP E 200 6.52 25.29 -1.41
OP3 LLP E 200 6.89 26.95 -3.11
N LLP E 200 3.83 33.09 -1.56
CA LLP E 200 3.33 33.96 -2.64
CB LLP E 200 2.45 33.14 -3.56
CG LLP E 200 3.14 31.79 -3.90
CD LLP E 200 4.32 31.96 -4.88
CE LLP E 200 4.99 30.59 -5.21
NZ LLP E 200 3.97 29.56 -5.38
C LLP E 200 2.70 35.19 -2.03
O LLP E 200 3.34 35.88 -1.26
N SER E 201 1.43 35.47 -2.35
CA SER E 201 0.85 36.76 -1.99
C SER E 201 0.54 37.01 -0.52
N ILE E 202 0.24 35.96 0.25
CA ILE E 202 -0.09 36.14 1.66
C ILE E 202 1.06 36.88 2.38
N ALA E 203 2.28 36.36 2.27
CA ALA E 203 3.45 37.06 2.80
C ALA E 203 3.78 38.28 1.91
N GLY E 204 3.86 38.07 0.61
CA GLY E 204 3.73 39.14 -0.36
C GLY E 204 4.98 39.94 -0.74
N HIS E 205 6.08 39.71 -0.02
CA HIS E 205 7.28 40.54 -0.22
C HIS E 205 8.50 39.71 -0.67
N ALA E 206 8.24 38.48 -1.10
CA ALA E 206 9.26 37.63 -1.73
C ALA E 206 10.51 37.43 -0.88
N ASP E 207 10.33 37.33 0.43
CA ASP E 207 11.47 37.20 1.33
C ASP E 207 11.25 36.13 2.40
N VAL E 208 10.29 35.22 2.16
CA VAL E 208 10.04 34.13 3.09
C VAL E 208 9.24 33.03 2.40
N LEU E 209 9.56 31.77 2.73
CA LEU E 209 8.79 30.64 2.25
C LEU E 209 7.81 30.24 3.35
N GLY E 210 6.65 29.74 2.96
CA GLY E 210 5.68 29.27 3.94
C GLY E 210 4.57 28.49 3.29
N GLY E 211 3.83 27.74 4.12
CA GLY E 211 2.65 27.05 3.68
C GLY E 211 1.61 27.10 4.78
N ALA E 212 0.35 26.83 4.41
CA ALA E 212 -0.72 26.78 5.38
C ALA E 212 -1.84 25.87 4.91
N LEU E 213 -2.54 25.28 5.89
CA LEU E 213 -3.82 24.64 5.69
C LEU E 213 -4.81 25.27 6.67
N VAL E 214 -5.97 25.68 6.17
CA VAL E 214 -7.07 26.17 6.99
C VAL E 214 -8.27 25.24 6.73
N TYR E 215 -8.96 24.82 7.79
CA TYR E 215 -9.98 23.78 7.65
C TYR E 215 -10.92 23.79 8.86
N ARG E 216 -11.94 22.94 8.85
CA ARG E 216 -12.92 22.91 9.92
C ARG E 216 -12.98 21.61 10.73
N ASP E 217 -12.41 20.53 10.19
CA ASP E 217 -12.54 19.17 10.79
C ASP E 217 -11.60 18.97 11.98
N ALA E 218 -12.16 18.50 13.09
CA ALA E 218 -11.38 18.30 14.32
C ALA E 218 -10.46 17.09 14.24
N ASP E 219 -10.93 16.03 13.57
CA ASP E 219 -10.12 14.83 13.38
C ASP E 219 -8.95 15.17 12.47
N LEU E 220 -9.25 15.88 11.39
CA LEU E 220 -8.23 16.35 10.45
C LEU E 220 -7.18 17.19 11.15
N HIS E 221 -7.62 18.06 12.06
CA HIS E 221 -6.72 18.94 12.81
C HIS E 221 -5.72 18.13 13.61
N ALA E 222 -6.20 17.15 14.36
CA ALA E 222 -5.32 16.31 15.16
C ALA E 222 -4.34 15.54 14.26
N ALA E 223 -4.81 15.09 13.11
CA ALA E 223 -3.95 14.31 12.22
C ALA E 223 -2.91 15.19 11.55
N VAL E 224 -3.31 16.40 11.16
CA VAL E 224 -2.38 17.34 10.53
C VAL E 224 -1.28 17.75 11.51
N ARG E 225 -1.64 18.02 12.76
CA ARG E 225 -0.64 18.42 13.75
C ARG E 225 0.26 17.23 14.11
N ALA E 226 -0.31 16.03 14.22
CA ALA E 226 0.50 14.85 14.50
C ALA E 226 1.54 14.61 13.39
N TYR E 227 1.19 14.90 12.15
CA TYR E 227 2.14 14.77 11.05
C TYR E 227 3.22 15.85 11.11
N ARG E 228 2.80 17.11 11.25
CA ARG E 228 3.78 18.21 11.30
C ARG E 228 4.74 18.00 12.46
N THR E 229 4.19 17.52 13.57
CA THR E 229 5.01 17.14 14.73
C THR E 229 6.07 16.10 14.34
N THR E 230 5.65 15.08 13.60
CA THR E 230 6.54 13.95 13.35
C THR E 230 7.46 14.16 12.16
N ALA E 231 6.95 14.76 11.09
CA ALA E 231 7.79 15.03 9.92
C ALA E 231 8.64 16.28 10.13
N GLY E 232 8.20 17.14 11.06
CA GLY E 232 8.99 18.30 11.46
C GLY E 232 9.10 19.35 10.37
N ASN E 233 8.09 19.42 9.51
CA ASN E 233 8.07 20.45 8.49
C ASN E 233 7.49 21.77 9.01
N VAL E 234 8.02 22.21 10.16
CA VAL E 234 7.59 23.43 10.83
C VAL E 234 8.39 24.63 10.35
N PRO E 235 7.72 25.77 10.17
CA PRO E 235 8.44 27.00 9.80
C PRO E 235 9.01 27.72 11.01
N GLY E 236 10.14 28.39 10.86
CA GLY E 236 10.73 29.13 11.97
C GLY E 236 9.86 30.25 12.53
N ALA E 237 10.19 30.69 13.73
CA ALA E 237 9.51 31.85 14.33
C ALA E 237 9.68 33.17 13.56
N LEU E 238 10.90 33.47 13.13
CA LEU E 238 11.17 34.72 12.44
C LEU E 238 10.42 34.75 11.10
N ASP E 239 10.32 33.59 10.45
CA ASP E 239 9.60 33.52 9.18
C ASP E 239 8.09 33.66 9.38
N CYS E 240 7.54 33.06 10.44
CA CYS E 240 6.14 33.29 10.77
C CYS E 240 5.89 34.79 11.01
N PHE E 241 6.85 35.45 11.65
CA PHE E 241 6.78 36.88 11.86
C PHE E 241 6.73 37.62 10.53
N LEU E 242 7.60 37.24 9.60
CA LEU E 242 7.59 37.82 8.25
C LEU E 242 6.30 37.52 7.48
N VAL E 243 5.75 36.33 7.62
CA VAL E 243 4.48 36.03 6.96
C VAL E 243 3.37 36.92 7.56
N ARG E 244 3.26 36.89 8.88
CA ARG E 244 2.26 37.71 9.60
C ARG E 244 2.38 39.21 9.30
N ARG E 245 3.61 39.73 9.25
CA ARG E 245 3.79 41.14 8.97
C ARG E 245 3.29 41.46 7.55
N GLY E 246 3.61 40.58 6.61
CA GLY E 246 3.17 40.74 5.24
C GLY E 246 1.66 40.71 5.15
N LEU E 247 1.03 39.85 5.95
CA LEU E 247 -0.41 39.65 5.93
C LEU E 247 -1.21 40.95 6.12
N HIS E 248 -0.69 41.85 6.96
CA HIS E 248 -1.37 43.13 7.22
C HIS E 248 -1.85 43.83 5.94
N THR E 249 -1.05 43.79 4.89
CA THR E 249 -1.36 44.55 3.69
C THR E 249 -1.93 43.68 2.56
N LEU E 250 -2.37 42.48 2.89
CA LEU E 250 -2.78 41.53 1.84
C LEU E 250 -3.92 42.06 0.96
N SER E 251 -4.96 42.62 1.57
CA SER E 251 -6.06 43.08 0.74
C SER E 251 -5.73 44.37 -0.04
N LEU E 252 -4.91 45.26 0.53
CA LEU E 252 -4.47 46.43 -0.21
C LEU E 252 -3.64 46.04 -1.43
N ARG E 253 -2.71 45.11 -1.23
CA ARG E 253 -1.85 44.64 -2.31
C ARG E 253 -2.64 43.95 -3.42
N VAL E 254 -3.47 42.96 -3.04
CA VAL E 254 -4.23 42.20 -4.03
C VAL E 254 -5.16 43.09 -4.82
N HIS E 255 -5.85 44.01 -4.13
CA HIS E 255 -6.81 44.86 -4.82
C HIS E 255 -6.12 45.84 -5.78
N ARG E 256 -4.86 46.16 -5.50
CA ARG E 256 -4.05 46.98 -6.41
C ARG E 256 -3.49 46.14 -7.56
N GLN E 257 -3.06 44.92 -7.26
CA GLN E 257 -2.59 43.99 -8.29
C GLN E 257 -3.67 43.74 -9.34
N VAL E 258 -4.89 43.56 -8.86
CA VAL E 258 -6.04 43.30 -9.72
C VAL E 258 -6.34 44.45 -10.67
N ALA E 259 -6.35 45.67 -10.15
CA ALA E 259 -6.64 46.83 -10.97
C ALA E 259 -5.62 46.92 -12.11
N THR E 260 -4.35 46.73 -11.77
CA THR E 260 -3.27 46.85 -12.76
C THR E 260 -3.27 45.70 -13.76
N ALA E 261 -3.59 44.49 -13.30
CA ALA E 261 -3.69 43.34 -14.19
C ALA E 261 -4.70 43.63 -15.29
N ARG E 262 -5.78 44.27 -14.89
CA ARG E 262 -6.89 44.62 -15.75
C ARG E 262 -6.47 45.63 -16.83
N VAL E 263 -5.68 46.63 -16.45
CA VAL E 263 -5.15 47.60 -17.40
C VAL E 263 -4.19 46.89 -18.35
N LEU E 264 -3.39 45.98 -17.81
CA LEU E 264 -2.41 45.24 -18.60
C LEU E 264 -3.11 44.33 -19.62
N VAL E 265 -4.22 43.74 -19.20
CA VAL E 265 -5.04 42.95 -20.12
C VAL E 265 -5.50 43.78 -21.33
N GLU E 266 -5.94 45.03 -21.08
CA GLU E 266 -6.35 45.90 -22.18
C GLU E 266 -5.19 46.25 -23.11
N ARG E 267 -4.02 46.49 -22.53
CA ARG E 267 -2.82 46.76 -23.29
C ARG E 267 -2.45 45.58 -24.19
N LEU E 268 -2.53 44.37 -23.64
CA LEU E 268 -2.24 43.17 -24.41
C LEU E 268 -3.23 43.00 -25.56
N ARG E 269 -4.51 43.20 -25.27
CA ARG E 269 -5.54 43.01 -26.28
C ARG E 269 -5.39 44.01 -27.44
N ALA E 270 -4.85 45.19 -27.13
CA ALA E 270 -4.61 46.20 -28.16
C ALA E 270 -3.38 45.92 -29.03
N SER E 271 -2.59 44.91 -28.67
CA SER E 271 -1.32 44.67 -29.36
C SER E 271 -1.45 43.71 -30.54
N PRO E 272 -0.96 44.12 -31.73
CA PRO E 272 -1.03 43.23 -32.89
C PRO E 272 -0.08 42.03 -32.79
N VAL E 273 0.83 42.03 -31.82
CA VAL E 273 1.73 40.89 -31.69
C VAL E 273 1.38 40.01 -30.50
N VAL E 274 0.11 40.07 -30.09
CA VAL E 274 -0.40 39.25 -29.01
C VAL E 274 -1.56 38.38 -29.48
N GLY E 275 -1.45 37.07 -29.27
CA GLY E 275 -2.49 36.14 -29.69
C GLY E 275 -3.51 35.95 -28.59
N ALA E 276 -3.76 34.70 -28.23
CA ALA E 276 -4.65 34.36 -27.13
C ALA E 276 -4.23 35.12 -25.87
N VAL E 277 -5.21 35.59 -25.10
CA VAL E 277 -4.95 36.20 -23.80
C VAL E 277 -5.80 35.47 -22.77
N HIS E 278 -5.18 35.08 -21.67
CA HIS E 278 -5.89 34.39 -20.61
C HIS E 278 -6.03 35.27 -19.38
N TYR E 279 -7.28 35.47 -18.96
CA TYR E 279 -7.62 36.22 -17.76
C TYR E 279 -9.06 35.87 -17.39
N PRO E 280 -9.34 35.66 -16.10
CA PRO E 280 -10.69 35.26 -15.67
C PRO E 280 -11.68 36.43 -15.68
N GLY E 281 -11.18 37.64 -15.79
CA GLY E 281 -12.06 38.80 -15.86
C GLY E 281 -12.66 39.05 -17.23
N LEU E 282 -12.25 38.26 -18.23
CA LEU E 282 -12.70 38.50 -19.61
C LEU E 282 -13.96 37.71 -19.97
N PRO E 283 -14.88 38.33 -20.72
CA PRO E 283 -16.19 37.71 -21.02
C PRO E 283 -16.04 36.42 -21.82
N GLU E 284 -14.89 36.23 -22.47
CA GLU E 284 -14.67 35.00 -23.20
C GLU E 284 -13.89 33.94 -22.41
N HIS E 285 -13.75 34.13 -21.09
CA HIS E 285 -13.16 33.08 -20.29
C HIS E 285 -14.04 31.84 -20.39
N PRO E 286 -13.41 30.67 -20.55
CA PRO E 286 -14.14 29.42 -20.77
C PRO E 286 -15.00 29.03 -19.57
N GLN E 287 -14.80 29.71 -18.44
CA GLN E 287 -15.71 29.56 -17.32
C GLN E 287 -16.10 30.92 -16.71
N HIS E 288 -16.64 31.85 -17.52
CA HIS E 288 -17.04 33.16 -16.98
C HIS E 288 -18.26 33.14 -16.07
N ALA E 289 -19.14 32.16 -16.23
CA ALA E 289 -20.25 32.04 -15.30
C ALA E 289 -19.72 31.67 -13.92
N VAL E 290 -18.82 30.69 -13.88
CA VAL E 290 -18.12 30.38 -12.63
C VAL E 290 -17.33 31.62 -12.19
N VAL E 291 -17.10 32.55 -13.12
CA VAL E 291 -16.55 33.86 -12.75
C VAL E 291 -17.45 34.82 -11.96
N LYS E 292 -18.70 35.00 -12.35
CA LYS E 292 -19.56 35.79 -11.47
C LYS E 292 -19.58 35.10 -10.09
N ALA E 293 -19.89 33.80 -10.10
CA ALA E 293 -20.25 33.02 -8.91
C ALA E 293 -19.27 32.94 -7.72
N GLN E 294 -18.04 32.48 -7.94
CA GLN E 294 -17.18 32.10 -6.83
C GLN E 294 -15.97 33.00 -6.56
N MSE E 295 -15.82 34.10 -7.31
CA MSE E 295 -14.75 35.06 -6.99
C MSE E 295 -15.13 36.55 -7.08
O MSE E 295 -15.75 37.01 -8.04
CB MSE E 295 -13.46 34.72 -7.74
CG MSE E 295 -13.67 33.53 -8.71
SE MSE E 295 -14.41 34.13 -10.43
CE MSE E 295 -12.81 34.77 -11.32
N SER E 296 -14.75 37.30 -6.05
CA SER E 296 -15.10 38.71 -5.90
C SER E 296 -14.35 39.66 -6.88
N ALA E 297 -13.30 39.14 -7.51
CA ALA E 297 -12.49 39.88 -8.50
C ALA E 297 -11.58 38.85 -9.19
N PRO E 298 -11.06 39.17 -10.39
CA PRO E 298 -10.52 38.13 -11.26
C PRO E 298 -9.06 37.71 -11.09
N GLY E 299 -8.35 38.29 -10.12
CA GLY E 299 -6.99 37.87 -9.84
C GLY E 299 -5.91 38.72 -10.50
N ALA E 300 -4.68 38.46 -10.09
CA ALA E 300 -3.56 39.32 -10.44
C ALA E 300 -2.61 38.68 -11.44
N ILE E 301 -3.07 37.66 -12.16
CA ILE E 301 -2.20 36.91 -13.05
C ILE E 301 -2.73 36.89 -14.47
N VAL E 302 -1.87 37.16 -15.44
CA VAL E 302 -2.25 37.21 -16.84
C VAL E 302 -1.31 36.31 -17.64
N SER E 303 -1.84 35.63 -18.64
CA SER E 303 -0.99 34.89 -19.58
C SER E 303 -1.42 35.16 -21.01
N PHE E 304 -0.46 35.12 -21.93
CA PHE E 304 -0.73 35.42 -23.32
C PHE E 304 0.29 34.80 -24.25
N ASP E 305 -0.08 34.64 -25.51
CA ASP E 305 0.85 34.21 -26.53
C ASP E 305 1.49 35.40 -27.21
N TYR E 306 2.81 35.40 -27.24
CA TYR E 306 3.58 36.41 -27.95
C TYR E 306 3.82 35.96 -29.40
N LEU E 307 3.60 36.85 -30.36
CA LEU E 307 3.62 36.49 -31.78
C LEU E 307 4.77 37.14 -32.54
N GLY E 308 5.49 38.05 -31.89
CA GLY E 308 6.54 38.80 -32.55
C GLY E 308 7.78 38.00 -32.84
N GLY E 309 7.96 36.89 -32.13
CA GLY E 309 9.17 36.08 -32.26
C GLY E 309 9.36 35.20 -31.04
N PRO E 310 10.58 34.66 -30.86
CA PRO E 310 10.83 33.77 -29.74
C PRO E 310 10.61 34.49 -28.42
N ALA E 311 10.25 33.75 -27.38
CA ALA E 311 10.02 34.35 -26.07
C ALA E 311 11.23 35.14 -25.57
N GLU E 312 12.45 34.65 -25.82
CA GLU E 312 13.64 35.33 -25.29
C GLU E 312 13.80 36.74 -25.86
N ARG E 313 13.26 36.96 -27.05
CA ARG E 313 13.19 38.30 -27.61
C ARG E 313 12.42 39.21 -26.64
N LEU E 314 11.19 38.81 -26.31
CA LEU E 314 10.34 39.62 -25.44
C LEU E 314 10.92 39.80 -24.04
N LEU E 315 11.31 38.68 -23.42
CA LEU E 315 11.82 38.71 -22.04
C LEU E 315 13.03 39.62 -21.89
N ASP E 316 13.80 39.72 -22.97
CA ASP E 316 14.96 40.61 -23.07
C ASP E 316 14.58 42.08 -22.89
N ARG E 317 13.33 42.40 -23.23
CA ARG E 317 12.96 43.79 -23.47
C ARG E 317 12.30 44.50 -22.28
N PHE E 318 12.03 43.76 -21.20
CA PHE E 318 11.44 44.40 -20.03
C PHE E 318 12.50 45.11 -19.20
N THR E 319 12.22 46.34 -18.78
CA THR E 319 13.17 47.02 -17.89
C THR E 319 12.55 47.35 -16.53
N LEU E 320 11.38 46.78 -16.27
CA LEU E 320 10.69 46.97 -14.98
C LEU E 320 10.23 45.62 -14.44
N PHE E 321 9.49 44.86 -15.23
CA PHE E 321 9.17 43.48 -14.86
C PHE E 321 10.47 42.70 -14.67
N THR E 322 10.53 41.89 -13.63
CA THR E 322 11.67 40.99 -13.40
C THR E 322 11.41 39.67 -14.13
N CYS E 323 12.43 39.10 -14.76
CA CYS E 323 12.24 37.78 -15.37
C CYS E 323 12.61 36.68 -14.40
N GLY E 324 11.61 35.90 -14.00
CA GLY E 324 11.86 34.74 -13.16
C GLY E 324 10.57 34.12 -12.67
N VAL E 325 10.69 32.95 -12.05
CA VAL E 325 9.53 32.23 -11.55
C VAL E 325 9.14 32.82 -10.19
N SER E 326 7.94 32.47 -9.73
CA SER E 326 7.25 32.89 -8.48
C SER E 326 5.94 33.58 -8.84
N LEU E 327 5.31 34.24 -7.86
CA LEU E 327 4.09 35.03 -8.09
C LEU E 327 3.63 35.66 -6.78
N GLY E 328 2.75 36.65 -6.87
CA GLY E 328 2.09 37.22 -5.70
C GLY E 328 2.88 38.23 -4.87
N GLY E 329 4.01 38.70 -5.40
CA GLY E 329 4.82 39.65 -4.67
C GLY E 329 4.60 41.11 -5.07
N VAL E 330 5.22 42.03 -4.34
CA VAL E 330 5.18 43.44 -4.70
C VAL E 330 5.93 43.73 -6.00
N HIS E 331 6.97 42.94 -6.29
CA HIS E 331 7.72 43.10 -7.55
C HIS E 331 7.04 42.30 -8.67
N SER E 332 6.63 42.98 -9.75
CA SER E 332 6.05 42.31 -10.91
C SER E 332 7.03 41.37 -11.60
N LEU E 333 6.57 40.15 -11.91
CA LEU E 333 7.46 39.18 -12.54
C LEU E 333 6.93 38.74 -13.89
N VAL E 334 7.84 38.32 -14.75
CA VAL E 334 7.48 37.72 -16.02
C VAL E 334 8.30 36.44 -16.20
N GLU E 335 7.69 35.44 -16.82
CA GLU E 335 8.46 34.27 -17.22
C GLU E 335 7.73 33.60 -18.37
N CYS E 336 8.42 32.69 -19.04
CA CYS E 336 7.75 31.87 -20.04
C CYS E 336 7.62 30.48 -19.41
N PRO E 337 6.37 30.05 -19.14
CA PRO E 337 6.12 28.70 -18.60
C PRO E 337 6.98 27.64 -19.30
N ALA E 338 6.97 27.62 -20.63
CA ALA E 338 7.80 26.67 -21.36
C ALA E 338 9.30 27.00 -21.30
N LEU E 339 9.67 28.16 -20.74
CA LEU E 339 11.10 28.49 -20.60
C LEU E 339 11.62 28.40 -19.16
N MSE E 340 10.84 28.87 -18.19
CA MSE E 340 11.30 28.78 -16.80
C MSE E 340 10.45 27.85 -15.89
O MSE E 340 11.02 26.94 -15.27
CB MSE E 340 11.58 30.17 -16.16
CG MSE E 340 13.02 30.84 -16.35
SE MSE E 340 13.33 32.72 -15.47
CE MSE E 340 13.86 31.89 -13.73
N THR E 341 9.13 28.02 -15.80
CA THR E 341 8.32 27.17 -14.88
C THR E 341 8.10 25.71 -15.36
N HIS E 342 7.84 25.52 -16.65
CA HIS E 342 7.56 24.20 -17.21
C HIS E 342 8.58 23.74 -18.22
N ARG E 343 9.74 24.41 -18.22
CA ARG E 343 10.93 23.90 -18.90
C ARG E 343 11.27 22.52 -18.35
N PRO E 344 11.03 22.28 -17.04
CA PRO E 344 11.06 20.85 -16.76
C PRO E 344 9.75 20.24 -17.26
N LEU E 345 9.76 19.80 -18.52
CA LEU E 345 8.71 18.97 -19.16
C LEU E 345 9.09 18.61 -20.61
N SER E 346 8.19 17.93 -21.31
CA SER E 346 8.33 17.61 -22.74
C SER E 346 7.72 18.68 -23.65
N ALA E 347 8.38 18.93 -24.78
CA ALA E 347 7.89 19.86 -25.80
C ALA E 347 6.69 19.25 -26.52
N GLU E 348 6.47 17.97 -26.27
CA GLU E 348 5.14 17.41 -26.40
C GLU E 348 4.38 17.92 -25.19
N ALA E 349 3.89 17.00 -24.35
CA ALA E 349 3.24 17.33 -23.06
C ALA E 349 2.59 18.70 -22.94
N ARG E 350 3.44 19.73 -22.97
CA ARG E 350 3.00 21.10 -22.99
C ARG E 350 2.09 21.33 -24.21
N ALA E 351 2.52 20.84 -25.38
CA ALA E 351 1.75 21.04 -26.62
C ALA E 351 0.30 20.54 -26.49
N ARG E 352 0.13 19.50 -25.68
CA ARG E 352 -1.16 18.91 -25.33
C ARG E 352 -1.87 19.66 -24.20
N ARG E 353 -1.14 19.93 -23.11
CA ARG E 353 -1.68 20.62 -21.94
C ARG E 353 -1.97 22.10 -22.27
N GLY E 354 -1.78 22.47 -23.53
CA GLY E 354 -2.05 23.82 -24.01
C GLY E 354 -0.92 24.81 -23.75
N ILE E 355 0.28 24.30 -23.50
CA ILE E 355 1.40 25.17 -23.15
C ILE E 355 2.41 25.30 -24.28
N GLY E 356 2.28 26.33 -25.11
CA GLY E 356 3.22 26.54 -26.20
C GLY E 356 4.46 27.33 -25.80
N GLU E 357 5.47 27.31 -26.67
CA GLU E 357 6.69 28.05 -26.41
C GLU E 357 6.41 29.55 -26.36
N SER E 358 5.40 29.99 -27.08
CA SER E 358 5.11 31.41 -27.20
C SER E 358 4.35 31.97 -25.99
N LEU E 359 3.89 31.09 -25.10
CA LEU E 359 3.10 31.50 -23.95
C LEU E 359 3.93 32.21 -22.86
N ILE E 360 3.51 33.42 -22.53
CA ILE E 360 4.17 34.26 -21.53
C ILE E 360 3.22 34.46 -20.34
N ARG E 361 3.77 34.44 -19.13
CA ARG E 361 2.98 34.65 -17.92
C ARG E 361 3.45 35.88 -17.14
N LEU E 362 2.50 36.77 -16.81
CA LEU E 362 2.78 37.93 -16.00
C LEU E 362 2.22 37.75 -14.59
N SER E 363 3.03 38.07 -13.59
CA SER E 363 2.53 38.21 -12.23
C SER E 363 2.66 39.67 -11.82
N VAL E 364 1.52 40.30 -11.60
CA VAL E 364 1.47 41.74 -11.44
C VAL E 364 1.75 42.16 -10.00
N GLY E 365 2.65 43.11 -9.83
CA GLY E 365 3.01 43.63 -8.52
C GLY E 365 2.27 44.94 -8.21
N ILE E 366 2.82 45.74 -7.31
CA ILE E 366 2.12 46.94 -6.87
C ILE E 366 2.73 48.21 -7.40
N GLU E 367 3.58 48.10 -8.42
CA GLU E 367 4.14 49.28 -9.10
C GLU E 367 3.03 50.10 -9.79
N ASP E 368 3.35 51.33 -10.16
CA ASP E 368 2.40 52.17 -10.91
C ASP E 368 1.97 51.42 -12.18
N PRO E 369 0.66 51.30 -12.38
CA PRO E 369 0.13 50.52 -13.50
C PRO E 369 0.61 51.06 -14.84
N GLN E 370 0.76 52.37 -14.96
CA GLN E 370 1.20 52.90 -16.25
C GLN E 370 2.69 52.71 -16.44
N ASP E 371 3.46 52.62 -15.35
CA ASP E 371 4.85 52.20 -15.47
C ASP E 371 4.91 50.74 -15.97
N LEU E 372 4.04 49.89 -15.43
CA LEU E 372 4.02 48.49 -15.86
C LEU E 372 3.48 48.36 -17.29
N ALA E 373 2.41 49.10 -17.59
CA ALA E 373 1.85 49.11 -18.93
C ALA E 373 2.89 49.60 -19.93
N GLU E 374 3.57 50.69 -19.59
CA GLU E 374 4.60 51.21 -20.49
C GLU E 374 5.70 50.19 -20.71
N ASP E 375 6.09 49.47 -19.66
CA ASP E 375 7.13 48.45 -19.79
C ASP E 375 6.70 47.33 -20.73
N LEU E 376 5.47 46.88 -20.56
CA LEU E 376 4.93 45.81 -21.39
C LEU E 376 4.90 46.23 -22.86
N SER E 377 4.32 47.39 -23.16
CA SER E 377 4.21 47.88 -24.53
C SER E 377 5.56 48.06 -25.22
N ARG E 378 6.54 48.55 -24.45
CA ARG E 378 7.91 48.67 -24.91
C ARG E 378 8.36 47.31 -25.44
N ALA E 379 8.18 46.29 -24.61
CA ALA E 379 8.61 44.94 -24.96
C ALA E 379 7.90 44.43 -26.21
N LEU E 380 6.59 44.67 -26.27
CA LEU E 380 5.78 44.19 -27.37
C LEU E 380 6.04 44.93 -28.69
N ALA E 381 6.84 45.99 -28.63
CA ALA E 381 7.24 46.75 -29.82
C ALA E 381 8.32 46.02 -30.61
N GLY F 6 45.91 25.11 7.11
CA GLY F 6 44.66 25.44 6.44
C GLY F 6 43.53 25.63 7.42
N MSE F 7 42.80 24.52 7.70
CA MSE F 7 41.71 24.49 8.67
C MSE F 7 41.61 23.22 9.60
O MSE F 7 41.52 22.07 9.14
CB MSE F 7 40.36 24.83 8.00
CG MSE F 7 40.32 24.61 6.45
SE MSE F 7 39.79 26.14 5.31
CE MSE F 7 38.09 26.61 6.16
N ARG F 8 41.60 23.47 10.90
CA ARG F 8 41.23 22.48 11.91
C ARG F 8 39.80 22.83 12.40
N PHE F 9 39.42 22.44 13.63
CA PHE F 9 37.99 22.52 13.98
C PHE F 9 37.46 23.91 14.25
N GLY F 10 38.01 24.56 15.28
CA GLY F 10 37.70 25.95 15.57
C GLY F 10 37.75 26.84 14.33
N THR F 11 38.70 26.57 13.44
CA THR F 11 38.81 27.27 12.15
C THR F 11 37.62 27.06 11.22
N ARG F 12 37.18 25.81 11.07
CA ARG F 12 36.04 25.52 10.20
C ARG F 12 34.71 26.05 10.74
N LEU F 13 34.57 26.09 12.05
CA LEU F 13 33.37 26.63 12.68
C LEU F 13 33.20 28.09 12.27
N VAL F 14 34.33 28.79 12.13
CA VAL F 14 34.32 30.23 11.85
C VAL F 14 34.44 30.52 10.36
N HIS F 15 35.22 29.71 9.65
CA HIS F 15 35.47 29.99 8.23
C HIS F 15 34.83 29.02 7.23
N GLY F 16 34.44 27.84 7.69
CA GLY F 16 33.77 26.90 6.82
C GLY F 16 32.50 27.50 6.24
N GLY F 17 32.28 27.29 4.95
CA GLY F 17 31.12 27.85 4.27
C GLY F 17 31.13 29.37 4.17
N ARG F 18 32.14 30.02 4.77
CA ARG F 18 32.19 31.48 4.78
C ARG F 18 32.91 31.95 3.53
N ARG F 19 32.21 31.85 2.40
CA ARG F 19 32.80 32.13 1.09
C ARG F 19 33.13 33.61 0.96
N PRO F 20 34.13 33.93 0.13
CA PRO F 20 34.61 35.30 -0.10
C PRO F 20 33.61 36.40 -0.56
N SER F 21 32.34 36.11 -0.88
CA SER F 21 31.31 37.15 -1.04
C SER F 21 31.88 38.44 -1.67
N ALA F 22 32.06 38.42 -3.00
CA ALA F 22 32.75 39.48 -3.76
C ALA F 22 32.31 40.92 -3.50
N GLY F 23 33.04 41.86 -4.11
CA GLY F 23 32.63 43.26 -4.20
C GLY F 23 32.76 44.11 -2.95
N THR F 24 31.79 44.00 -2.05
CA THR F 24 31.81 44.81 -0.85
C THR F 24 32.60 44.14 0.25
N GLY F 25 32.97 42.88 0.04
CA GLY F 25 33.89 42.21 0.94
C GLY F 25 33.46 42.02 2.39
N ASP F 26 32.15 41.92 2.63
CA ASP F 26 31.63 41.59 3.97
C ASP F 26 32.34 40.35 4.52
N VAL F 27 32.75 40.41 5.77
CA VAL F 27 33.35 39.24 6.43
C VAL F 27 32.26 38.24 6.81
N VAL F 28 31.21 38.73 7.44
CA VAL F 28 30.05 37.89 7.72
C VAL F 28 29.14 37.94 6.49
N PRO F 29 28.90 36.78 5.86
CA PRO F 29 28.09 36.80 4.63
C PRO F 29 26.72 37.42 4.86
N PRO F 30 26.20 38.13 3.84
CA PRO F 30 24.89 38.74 4.02
C PRO F 30 23.79 37.68 4.01
N ILE F 31 22.69 37.97 4.69
CA ILE F 31 21.60 37.00 4.79
C ILE F 31 20.70 37.06 3.57
N HIS F 32 20.68 35.96 2.83
CA HIS F 32 19.92 35.89 1.59
C HIS F 32 18.48 35.50 1.85
N VAL F 33 17.61 36.51 1.96
CA VAL F 33 16.21 36.26 2.23
C VAL F 33 15.37 36.07 0.95
N SER F 34 15.86 36.55 -0.18
CA SER F 34 15.06 36.54 -1.40
C SER F 34 14.61 35.10 -1.80
N THR F 35 13.31 34.92 -2.02
CA THR F 35 12.79 33.62 -2.43
C THR F 35 12.97 33.45 -3.93
N THR F 36 13.32 34.54 -4.59
CA THR F 36 13.32 34.60 -6.04
C THR F 36 14.60 35.17 -6.62
N TYR F 37 14.93 34.75 -7.84
CA TYR F 37 16.13 35.19 -8.52
C TYR F 37 15.82 35.65 -9.92
N GLU F 38 16.42 36.75 -10.34
CA GLU F 38 16.21 37.26 -11.69
C GLU F 38 16.97 36.43 -12.72
N ARG F 39 16.22 35.90 -13.69
CA ARG F 39 16.74 35.08 -14.79
C ARG F 39 18.08 35.54 -15.34
N ARG F 40 18.02 36.48 -16.28
CA ARG F 40 19.19 37.00 -16.96
C ARG F 40 20.08 37.90 -16.08
N ALA F 41 20.41 37.43 -14.88
CA ALA F 41 21.21 38.23 -13.95
C ALA F 41 22.33 37.40 -13.36
N GLN F 42 22.88 36.49 -14.15
CA GLN F 42 23.84 35.51 -13.63
C GLN F 42 24.99 35.24 -14.61
N ASP F 43 26.23 35.15 -14.13
CA ASP F 43 27.33 34.66 -14.99
C ASP F 43 26.89 33.22 -15.40
N GLU F 44 27.01 32.23 -14.50
CA GLU F 44 26.42 30.90 -14.71
C GLU F 44 25.31 30.61 -13.67
N PRO F 45 24.09 30.23 -14.11
CA PRO F 45 22.88 30.13 -13.32
C PRO F 45 23.04 29.01 -12.30
N ARG F 46 22.17 28.97 -11.29
CA ARG F 46 22.40 28.11 -10.14
C ARG F 46 21.25 28.27 -9.13
N TYR F 47 20.62 29.45 -9.11
CA TYR F 47 19.56 29.82 -8.16
C TYR F 47 18.38 30.39 -8.91
N PHE F 48 17.19 29.82 -8.73
CA PHE F 48 15.97 30.36 -9.38
C PHE F 48 14.78 30.54 -8.42
N TYR F 49 14.67 29.64 -7.43
CA TYR F 49 13.60 29.71 -6.44
C TYR F 49 14.13 29.14 -5.13
N GLY F 50 13.73 29.75 -4.03
CA GLY F 50 14.38 29.55 -2.74
C GLY F 50 14.20 28.21 -2.06
N ARG F 51 13.15 27.47 -2.43
CA ARG F 51 12.97 26.13 -1.87
C ARG F 51 14.16 25.22 -2.21
N GLY F 52 14.61 25.28 -3.46
CA GLY F 52 15.77 24.51 -3.90
C GLY F 52 17.12 25.18 -3.70
N GLU F 53 17.23 26.47 -4.01
CA GLU F 53 18.54 27.13 -4.02
C GLU F 53 18.56 28.41 -3.19
N ASN F 54 19.58 28.54 -2.34
CA ASN F 54 19.76 29.71 -1.50
C ASN F 54 21.18 29.77 -0.94
N PRO F 55 21.89 30.90 -1.14
CA PRO F 55 23.29 30.97 -0.72
C PRO F 55 23.53 30.99 0.80
N THR F 56 22.56 31.42 1.58
CA THR F 56 22.75 31.47 3.02
C THR F 56 22.65 30.02 3.53
N ARG F 57 21.65 29.33 3.02
CA ARG F 57 21.45 27.93 3.32
C ARG F 57 22.67 27.12 2.87
N GLU F 58 23.14 27.37 1.65
CA GLU F 58 24.28 26.65 1.10
C GLU F 58 25.58 26.90 1.90
N GLU F 59 25.71 28.08 2.49
CA GLU F 59 26.85 28.37 3.38
C GLU F 59 26.82 27.52 4.64
N LEU F 60 25.67 27.44 5.29
CA LEU F 60 25.53 26.60 6.47
C LEU F 60 25.85 25.14 6.10
N GLU F 61 25.27 24.67 4.99
CA GLU F 61 25.53 23.32 4.53
C GLU F 61 27.01 23.13 4.22
N GLU F 62 27.66 24.17 3.69
CA GLU F 62 29.07 24.07 3.35
C GLU F 62 29.90 23.93 4.64
N CYS F 63 29.61 24.77 5.64
CA CYS F 63 30.26 24.66 6.95
C CYS F 63 30.11 23.25 7.56
N LEU F 64 28.86 22.78 7.63
CA LEU F 64 28.59 21.49 8.26
C LEU F 64 29.36 20.33 7.64
N ALA F 65 29.33 20.23 6.31
CA ALA F 65 30.12 19.25 5.58
C ALA F 65 31.61 19.28 5.96
N GLY F 66 32.20 20.48 5.99
CA GLY F 66 33.60 20.65 6.35
C GLY F 66 33.98 20.10 7.72
N LEU F 67 33.05 20.20 8.67
CA LEU F 67 33.29 19.72 10.02
C LEU F 67 33.53 18.20 10.08
N GLU F 68 33.19 17.50 9.01
CA GLU F 68 33.39 16.06 8.95
C GLU F 68 34.19 15.74 7.70
N ARG F 69 34.79 16.80 7.15
CA ARG F 69 35.52 16.74 5.89
C ARG F 69 34.77 15.89 4.83
N ALA F 70 33.46 16.05 4.77
CA ALA F 70 32.60 15.33 3.83
C ALA F 70 32.35 16.22 2.61
N PRO F 71 31.96 15.62 1.48
CA PRO F 71 31.68 16.50 0.33
C PRO F 71 30.31 17.15 0.40
N PHE F 72 29.37 16.52 1.12
CA PHE F 72 27.97 16.97 1.05
C PHE F 72 27.32 17.20 2.41
N ALA F 73 26.40 18.16 2.46
CA ALA F 73 25.46 18.28 3.56
C ALA F 73 24.16 18.94 3.10
N THR F 74 23.10 18.63 3.80
CA THR F 74 21.80 19.20 3.54
C THR F 74 21.18 19.58 4.88
N VAL F 75 20.56 20.75 4.95
CA VAL F 75 19.88 21.16 6.17
C VAL F 75 18.36 21.15 5.98
N PHE F 76 17.68 21.09 7.12
CA PHE F 76 16.24 20.86 7.16
C PHE F 76 15.60 21.76 8.21
N SER F 77 14.28 21.90 8.11
CA SER F 77 13.52 22.71 9.05
C SER F 77 13.60 22.22 10.51
N SER F 78 14.02 20.97 10.71
CA SER F 78 14.17 20.37 12.04
C SER F 78 14.95 19.06 11.94
N GLY F 79 15.36 18.49 13.08
CA GLY F 79 16.02 17.21 13.09
C GLY F 79 15.09 16.12 12.58
N GLN F 80 13.85 16.13 13.06
CA GLN F 80 12.80 15.23 12.57
C GLN F 80 12.72 15.24 11.06
N ALA F 81 12.91 16.44 10.48
CA ALA F 81 12.85 16.61 9.04
C ALA F 81 14.02 15.87 8.36
N ALA F 82 15.21 16.02 8.90
CA ALA F 82 16.38 15.30 8.40
C ALA F 82 16.14 13.78 8.51
N ALA F 83 15.62 13.36 9.66
CA ALA F 83 15.29 11.95 9.86
C ALA F 83 14.24 11.45 8.87
N ALA F 84 13.17 12.22 8.70
CA ALA F 84 12.08 11.88 7.78
C ALA F 84 12.60 11.65 6.36
N THR F 85 13.56 12.48 5.97
CA THR F 85 14.11 12.42 4.64
C THR F 85 14.89 11.12 4.39
N LEU F 86 15.78 10.77 5.31
CA LEU F 86 16.57 9.55 5.13
C LEU F 86 15.67 8.32 5.10
N LEU F 87 14.68 8.30 5.98
CA LEU F 87 13.78 7.17 6.07
C LEU F 87 12.93 7.00 4.81
N SER F 88 12.62 8.12 4.14
CA SER F 88 11.73 8.07 2.98
C SER F 88 12.31 7.23 1.86
N LEU F 89 13.64 7.09 1.86
CA LEU F 89 14.37 6.38 0.82
C LEU F 89 14.33 4.86 0.99
N VAL F 90 13.92 4.39 2.17
CA VAL F 90 13.72 2.96 2.37
C VAL F 90 12.41 2.52 1.73
N ARG F 91 12.49 1.55 0.83
CA ARG F 91 11.32 1.12 0.05
C ARG F 91 10.56 0.01 0.74
N PRO F 92 9.22 0.07 0.73
CA PRO F 92 8.38 -1.03 1.21
C PRO F 92 8.87 -2.37 0.66
N GLY F 93 9.00 -3.36 1.53
CA GLY F 93 9.65 -4.61 1.17
C GLY F 93 11.09 -4.65 1.67
N GLN F 94 11.61 -3.52 2.15
CA GLN F 94 12.94 -3.51 2.75
C GLN F 94 12.86 -3.45 4.27
N CYS F 95 14.02 -3.45 4.92
CA CYS F 95 14.08 -3.55 6.38
C CYS F 95 15.06 -2.54 7.00
N VAL F 96 14.64 -1.93 8.11
CA VAL F 96 15.48 -1.01 8.84
C VAL F 96 15.77 -1.55 10.24
N VAL F 97 17.05 -1.62 10.59
CA VAL F 97 17.48 -2.06 11.92
C VAL F 97 17.86 -0.89 12.81
N SER F 98 17.27 -0.85 14.00
CA SER F 98 17.49 0.27 14.91
C SER F 98 17.80 -0.12 16.35
N THR F 99 18.36 0.82 17.09
CA THR F 99 18.68 0.59 18.48
C THR F 99 17.46 0.86 19.32
N ASP F 100 17.11 -0.16 20.11
CA ASP F 100 15.80 -0.30 20.75
C ASP F 100 15.47 0.87 21.70
N ASP F 101 16.29 1.92 21.67
CA ASP F 101 16.07 3.07 22.52
C ASP F 101 15.99 4.43 21.87
N VAL F 102 16.07 4.49 20.54
CA VAL F 102 16.28 5.78 19.84
C VAL F 102 15.36 6.89 20.29
N TYR F 103 15.82 8.13 20.07
CA TYR F 103 15.01 9.32 20.30
C TYR F 103 13.57 9.08 19.86
N ALA F 104 12.62 9.49 20.69
CA ALA F 104 11.23 9.14 20.46
C ALA F 104 10.78 9.57 19.07
N GLY F 105 11.31 10.70 18.60
CA GLY F 105 10.95 11.22 17.29
C GLY F 105 11.19 10.23 16.15
N THR F 106 12.31 9.52 16.24
CA THR F 106 12.71 8.60 15.18
C THR F 106 11.75 7.44 15.05
N ASP F 107 11.46 6.79 16.17
CA ASP F 107 10.65 5.58 16.08
C ASP F 107 9.15 5.88 16.06
N GLY F 108 8.83 7.15 15.80
CA GLY F 108 7.51 7.55 15.33
C GLY F 108 7.54 7.64 13.82
N LEU F 109 8.66 8.13 13.29
CA LEU F 109 8.94 8.05 11.86
C LEU F 109 9.12 6.58 11.43
N PHE F 110 9.68 5.76 12.34
CA PHE F 110 9.76 4.32 12.10
C PHE F 110 8.35 3.73 11.93
N ASP F 111 7.41 4.15 12.77
CA ASP F 111 6.01 3.74 12.60
C ASP F 111 5.53 4.22 11.23
N LEU F 112 5.96 5.44 10.89
CA LEU F 112 5.60 6.06 9.62
C LEU F 112 6.32 5.44 8.42
N ALA F 113 7.10 4.39 8.67
CA ALA F 113 7.71 3.62 7.59
C ALA F 113 7.13 2.19 7.62
N ALA F 114 6.92 1.66 8.82
CA ALA F 114 6.28 0.36 9.01
C ALA F 114 4.87 0.33 8.45
N ARG F 115 4.00 1.16 9.02
CA ARG F 115 2.59 1.25 8.58
C ARG F 115 2.46 1.57 7.08
N GLN F 116 3.58 1.83 6.42
CA GLN F 116 3.59 2.06 4.97
C GLN F 116 4.08 0.85 4.19
N GLY F 117 4.99 0.08 4.76
CA GLY F 117 5.48 -1.13 4.09
C GLY F 117 6.93 -1.49 4.37
N VAL F 118 7.65 -0.59 5.03
CA VAL F 118 9.02 -0.89 5.46
C VAL F 118 8.96 -1.91 6.59
N ARG F 119 9.97 -2.78 6.70
CA ARG F 119 10.05 -3.66 7.86
C ARG F 119 10.96 -3.04 8.91
N VAL F 120 10.49 -3.01 10.16
CA VAL F 120 11.31 -2.49 11.25
C VAL F 120 11.71 -3.60 12.22
N ARG F 121 13.02 -3.78 12.39
CA ARG F 121 13.57 -4.76 13.32
C ARG F 121 14.42 -4.05 14.36
N TYR F 122 14.17 -4.36 15.62
CA TYR F 122 14.97 -3.80 16.69
C TYR F 122 15.91 -4.87 17.22
N ALA F 123 17.19 -4.55 17.28
CA ALA F 123 18.14 -5.46 17.90
C ALA F 123 19.05 -4.69 18.85
N ASP F 124 19.63 -5.41 19.81
CA ASP F 124 20.64 -4.83 20.68
C ASP F 124 22.00 -4.97 20.00
N LEU F 125 22.56 -3.82 19.64
CA LEU F 125 23.78 -3.71 18.84
C LEU F 125 25.04 -3.60 19.70
N THR F 126 24.89 -3.65 21.02
CA THR F 126 26.03 -3.64 21.91
C THR F 126 26.74 -4.98 21.88
N THR F 127 25.97 -6.04 21.59
CA THR F 127 26.47 -7.40 21.64
C THR F 127 26.75 -7.93 20.23
N PRO F 128 27.71 -8.86 20.11
CA PRO F 128 28.08 -9.38 18.79
C PRO F 128 27.01 -10.27 18.19
N GLU F 129 26.34 -11.05 19.03
CA GLU F 129 25.30 -11.98 18.57
C GLU F 129 24.17 -11.18 17.95
N GLY F 130 23.73 -10.17 18.70
CA GLY F 130 22.56 -9.39 18.33
C GLY F 130 22.75 -8.52 17.10
N ILE F 131 23.96 -8.53 16.56
CA ILE F 131 24.29 -7.80 15.34
C ILE F 131 24.25 -8.77 14.17
N ALA F 132 24.76 -9.97 14.41
CA ALA F 132 24.71 -11.05 13.44
C ALA F 132 23.26 -11.31 13.04
N ALA F 133 22.37 -11.29 14.03
CA ALA F 133 20.95 -11.58 13.83
C ALA F 133 20.12 -10.33 13.54
N ALA F 134 20.61 -9.18 13.99
CA ALA F 134 20.04 -7.93 13.53
C ALA F 134 20.21 -7.97 12.04
N LEU F 135 21.48 -7.98 11.66
CA LEU F 135 21.85 -7.85 10.27
C LEU F 135 21.69 -9.21 9.62
N ALA F 136 20.91 -10.09 10.25
CA ALA F 136 20.44 -11.28 9.58
C ALA F 136 19.10 -10.99 8.90
N GLU F 137 18.61 -9.76 9.04
CA GLU F 137 17.34 -9.40 8.42
C GLU F 137 17.38 -9.47 6.90
N PRO F 138 16.39 -10.15 6.30
CA PRO F 138 16.27 -10.19 4.85
C PRO F 138 15.98 -8.79 4.30
N ASP F 139 16.56 -8.47 3.14
CA ASP F 139 16.38 -7.18 2.50
C ASP F 139 16.75 -6.00 3.41
N LEU F 140 17.88 -6.14 4.10
CA LEU F 140 18.40 -5.09 4.98
C LEU F 140 18.77 -3.83 4.18
N ALA F 141 18.09 -2.72 4.43
CA ALA F 141 18.31 -1.51 3.66
C ALA F 141 19.09 -0.44 4.42
N LEU F 142 18.84 -0.33 5.72
CA LEU F 142 19.37 0.74 6.53
C LEU F 142 19.56 0.30 7.98
N VAL F 143 20.65 0.74 8.60
CA VAL F 143 20.89 0.50 10.02
C VAL F 143 21.03 1.85 10.73
N TRP F 144 20.20 2.03 11.75
CA TRP F 144 20.06 3.32 12.40
C TRP F 144 20.66 3.25 13.79
N ILE F 145 21.72 4.03 14.00
CA ILE F 145 22.44 4.01 15.26
C ILE F 145 22.31 5.32 15.98
N GLU F 146 21.75 5.31 17.17
CA GLU F 146 21.78 6.50 17.99
C GLU F 146 22.68 6.21 19.17
N THR F 147 23.90 6.73 19.12
CA THR F 147 24.87 6.52 20.18
C THR F 147 25.53 7.84 20.61
N PRO F 148 25.54 8.13 21.92
CA PRO F 148 24.94 7.33 22.99
C PRO F 148 23.41 7.37 22.94
N THR F 149 22.77 6.38 23.55
CA THR F 149 21.33 6.36 23.58
C THR F 149 20.83 7.32 24.65
N ASN F 150 19.52 7.50 24.70
CA ASN F 150 18.94 8.50 25.58
C ASN F 150 17.66 7.93 26.15
N PRO F 151 17.53 7.94 27.49
CA PRO F 151 18.39 8.70 28.38
C PRO F 151 19.40 7.89 29.20
N LEU F 152 19.80 6.69 28.77
CA LEU F 152 20.69 5.88 29.62
C LEU F 152 22.16 5.98 29.28
N LEU F 153 22.47 6.61 28.15
CA LEU F 153 23.84 6.93 27.76
C LEU F 153 24.75 5.70 27.50
N THR F 154 24.15 4.59 27.07
CA THR F 154 24.92 3.44 26.63
C THR F 154 25.35 3.70 25.19
N VAL F 155 26.31 2.91 24.70
CA VAL F 155 26.99 3.27 23.45
C VAL F 155 27.13 2.08 22.51
N VAL F 156 27.00 2.34 21.21
CA VAL F 156 27.14 1.29 20.22
C VAL F 156 28.38 1.56 19.36
N ASP F 157 29.18 0.52 19.13
CA ASP F 157 30.44 0.62 18.40
C ASP F 157 30.16 0.85 16.92
N VAL F 158 30.25 2.10 16.50
CA VAL F 158 29.93 2.50 15.13
C VAL F 158 30.73 1.77 14.06
N ALA F 159 32.04 1.65 14.28
CA ALA F 159 32.90 0.95 13.32
C ALA F 159 32.52 -0.52 13.13
N GLU F 160 32.34 -1.25 14.23
CA GLU F 160 31.98 -2.67 14.16
C GLU F 160 30.66 -2.89 13.44
N VAL F 161 29.60 -2.23 13.91
CA VAL F 161 28.29 -2.34 13.29
C VAL F 161 28.36 -1.97 11.81
N SER F 162 29.07 -0.89 11.50
CA SER F 162 29.19 -0.44 10.11
C SER F 162 29.88 -1.46 9.21
N ARG F 163 31.01 -1.99 9.65
CA ARG F 163 31.75 -2.97 8.87
C ARG F 163 30.91 -4.20 8.51
N ARG F 164 30.03 -4.62 9.41
CA ARG F 164 29.14 -5.76 9.13
C ARG F 164 27.98 -5.33 8.24
N ALA F 165 27.33 -4.23 8.61
CA ALA F 165 26.18 -3.74 7.85
C ALA F 165 26.53 -3.50 6.39
N HIS F 166 27.81 -3.22 6.12
CA HIS F 166 28.25 -2.99 4.74
C HIS F 166 28.47 -4.27 3.93
N GLU F 167 28.73 -5.37 4.63
CA GLU F 167 28.78 -6.69 4.00
C GLU F 167 27.40 -7.03 3.43
N ARG F 168 26.38 -6.35 3.93
CA ARG F 168 25.01 -6.56 3.51
C ARG F 168 24.56 -5.49 2.51
N GLY F 169 25.47 -4.60 2.17
CA GLY F 169 25.21 -3.57 1.16
C GLY F 169 24.43 -2.38 1.67
N ALA F 170 24.07 -2.42 2.95
CA ALA F 170 23.11 -1.49 3.52
C ALA F 170 23.74 -0.16 3.90
N ARG F 171 22.89 0.79 4.26
CA ARG F 171 23.33 2.11 4.69
C ARG F 171 23.38 2.14 6.20
N VAL F 172 24.37 2.85 6.75
CA VAL F 172 24.46 3.11 8.18
C VAL F 172 24.37 4.60 8.48
N VAL F 173 23.35 4.99 9.23
CA VAL F 173 23.27 6.36 9.73
C VAL F 173 23.56 6.36 11.22
N VAL F 174 24.26 7.38 11.68
CA VAL F 174 24.43 7.64 13.09
C VAL F 174 23.76 8.97 13.45
N ASP F 175 22.90 8.96 14.46
CA ASP F 175 22.35 10.21 14.98
C ASP F 175 23.38 10.75 15.97
N ASN F 176 24.05 11.81 15.57
CA ASN F 176 25.19 12.36 16.32
C ASN F 176 24.79 13.61 17.09
N THR F 177 23.49 13.81 17.27
CA THR F 177 22.97 15.01 17.91
C THR F 177 23.57 15.17 19.30
N PHE F 178 23.46 14.11 20.09
CA PHE F 178 24.02 13.99 21.42
C PHE F 178 25.48 14.48 21.46
N ALA F 179 26.28 14.01 20.51
CA ALA F 179 27.72 14.25 20.52
C ALA F 179 28.16 15.57 19.92
N SER F 180 27.56 15.94 18.78
CA SER F 180 28.13 16.92 17.84
C SER F 180 29.42 16.40 17.19
N PRO F 181 29.80 16.96 16.02
CA PRO F 181 31.06 16.56 15.38
C PRO F 181 32.33 16.96 16.16
N VAL F 182 32.20 17.75 17.22
CA VAL F 182 33.33 18.06 18.09
C VAL F 182 33.84 16.78 18.76
N LEU F 183 32.92 15.88 19.09
CA LEU F 183 33.24 14.74 19.93
C LEU F 183 33.26 13.40 19.17
N GLN F 184 32.47 13.29 18.12
CA GLN F 184 32.31 12.01 17.42
C GLN F 184 32.17 12.26 15.92
N GLN F 185 32.92 11.51 15.13
CA GLN F 185 32.91 11.65 13.67
C GLN F 185 32.46 10.33 13.02
N PRO F 186 31.13 10.11 12.94
CA PRO F 186 30.55 8.87 12.43
C PRO F 186 31.07 8.49 11.04
N LEU F 187 31.28 9.46 10.18
CA LEU F 187 31.77 9.14 8.84
C LEU F 187 33.18 8.56 8.88
N ALA F 188 34.09 9.14 9.68
CA ALA F 188 35.44 8.58 9.84
C ALA F 188 35.40 7.21 10.51
N LEU F 189 34.36 6.98 11.31
CA LEU F 189 34.16 5.71 12.00
C LEU F 189 33.56 4.62 11.11
N GLY F 190 33.12 4.97 9.91
CA GLY F 190 32.56 3.96 9.01
C GLY F 190 31.14 4.23 8.52
N ALA F 191 30.37 5.01 9.28
CA ALA F 191 29.00 5.32 8.90
C ALA F 191 28.91 5.97 7.52
N ASP F 192 27.72 5.93 6.93
CA ASP F 192 27.48 6.54 5.62
C ASP F 192 26.84 7.91 5.74
N VAL F 193 26.11 8.12 6.84
CA VAL F 193 25.39 9.35 7.09
C VAL F 193 25.52 9.73 8.55
N SER F 194 25.73 11.02 8.81
CA SER F 194 25.61 11.58 10.15
C SER F 194 24.38 12.50 10.21
N LEU F 195 23.45 12.16 11.08
CA LEU F 195 22.19 12.89 11.23
C LEU F 195 22.27 13.81 12.46
N TYR F 196 21.81 15.06 12.33
CA TYR F 196 21.85 16.00 13.44
C TYR F 196 20.55 16.74 13.61
N SER F 197 20.10 16.87 14.84
CA SER F 197 19.20 17.96 15.21
C SER F 197 20.05 19.18 15.54
N THR F 198 20.18 20.11 14.58
CA THR F 198 20.95 21.33 14.81
C THR F 198 20.26 22.19 15.89
N THR F 199 18.98 21.91 16.15
CA THR F 199 18.24 22.53 17.24
C THR F 199 19.00 22.48 18.58
N1 LLP F 200 17.45 13.09 17.53
C2 LLP F 200 17.99 13.52 18.67
C2' LLP F 200 19.08 12.68 19.37
C3 LLP F 200 17.55 14.75 19.23
O3 LLP F 200 18.14 15.19 20.42
C4 LLP F 200 16.56 15.50 18.59
C4' LLP F 200 16.07 16.91 19.23
C5 LLP F 200 15.99 15.04 17.43
C6 LLP F 200 16.45 13.83 16.88
C5' LLP F 200 14.87 15.81 16.67
OP4 LLP F 200 15.28 17.04 16.13
P LLP F 200 14.29 18.25 16.13
OP1 LLP F 200 15.14 19.48 15.80
OP2 LLP F 200 13.27 18.02 15.08
OP3 LLP F 200 13.64 18.35 17.45
N LLP F 200 19.83 21.45 18.74
CA LLP F 200 20.47 21.21 20.03
CB LLP F 200 20.52 19.72 20.28
CG LLP F 200 19.15 19.07 19.95
CD LLP F 200 18.08 19.38 21.02
CE LLP F 200 16.71 18.74 20.63
NZ LLP F 200 16.88 17.31 20.34
C LLP F 200 21.79 21.93 20.08
O LLP F 200 21.81 23.13 19.92
N SER F 201 22.89 21.23 20.29
CA SER F 201 24.17 21.93 20.46
C SER F 201 24.66 22.75 19.26
N ILE F 202 24.56 22.19 18.05
CA ILE F 202 25.09 22.88 16.86
C ILE F 202 24.70 24.37 16.83
N ALA F 203 23.41 24.66 16.87
CA ALA F 203 22.93 26.04 17.03
C ALA F 203 23.30 26.57 18.44
N GLY F 204 22.94 25.81 19.48
CA GLY F 204 23.49 26.04 20.81
C GLY F 204 22.82 27.03 21.74
N HIS F 205 21.94 27.89 21.23
CA HIS F 205 21.38 28.96 22.05
C HIS F 205 19.86 28.85 22.25
N ALA F 206 19.32 27.69 21.92
CA ALA F 206 17.90 27.37 22.18
C ALA F 206 16.94 28.37 21.54
N ASP F 207 17.27 28.86 20.35
CA ASP F 207 16.44 29.90 19.74
C ASP F 207 16.26 29.69 18.22
N VAL F 208 16.38 28.44 17.79
CA VAL F 208 16.08 28.06 16.42
C VAL F 208 15.94 26.54 16.29
N LEU F 209 15.09 26.12 15.36
CA LEU F 209 14.96 24.70 15.04
C LEU F 209 15.63 24.40 13.70
N GLY F 210 16.32 23.27 13.62
CA GLY F 210 16.86 22.84 12.34
C GLY F 210 17.39 21.41 12.36
N GLY F 211 17.60 20.83 11.19
CA GLY F 211 18.15 19.49 11.06
C GLY F 211 19.23 19.44 10.01
N ALA F 212 20.02 18.36 10.00
CA ALA F 212 21.10 18.20 9.02
C ALA F 212 21.40 16.75 8.70
N LEU F 213 21.78 16.51 7.45
CA LEU F 213 22.39 15.24 7.04
C LEU F 213 23.76 15.55 6.44
N VAL F 214 24.77 14.81 6.86
CA VAL F 214 26.11 14.92 6.33
C VAL F 214 26.54 13.54 5.83
N TYR F 215 27.12 13.47 4.65
CA TYR F 215 27.32 12.20 3.95
C TYR F 215 28.26 12.39 2.75
N ARG F 216 28.68 11.29 2.12
CA ARG F 216 29.60 11.39 1.00
C ARG F 216 29.07 10.84 -0.33
N ASP F 217 27.99 10.06 -0.28
CA ASP F 217 27.47 9.38 -1.45
C ASP F 217 26.72 10.34 -2.40
N ALA F 218 27.14 10.41 -3.66
CA ALA F 218 26.56 11.35 -4.62
C ALA F 218 25.14 10.97 -5.03
N ASP F 219 24.87 9.67 -5.12
CA ASP F 219 23.52 9.24 -5.48
C ASP F 219 22.57 9.49 -4.31
N LEU F 220 23.07 9.33 -3.08
CA LEU F 220 22.29 9.72 -1.90
C LEU F 220 21.95 11.21 -1.92
N HIS F 221 22.95 12.02 -2.28
CA HIS F 221 22.81 13.48 -2.35
C HIS F 221 21.65 13.90 -3.25
N ALA F 222 21.60 13.34 -4.46
CA ALA F 222 20.55 13.66 -5.41
C ALA F 222 19.18 13.29 -4.83
N ALA F 223 19.08 12.11 -4.26
CA ALA F 223 17.82 11.63 -3.69
C ALA F 223 17.39 12.48 -2.49
N VAL F 224 18.34 12.81 -1.63
CA VAL F 224 18.08 13.69 -0.48
C VAL F 224 17.56 15.08 -0.93
N ARG F 225 18.20 15.67 -1.93
CA ARG F 225 17.82 17.01 -2.38
C ARG F 225 16.51 17.03 -3.15
N ALA F 226 16.27 15.99 -3.96
CA ALA F 226 15.00 15.88 -4.64
C ALA F 226 13.85 15.73 -3.63
N TYR F 227 14.10 15.00 -2.55
CA TYR F 227 13.08 14.86 -1.52
C TYR F 227 12.81 16.17 -0.79
N ARG F 228 13.87 16.90 -0.43
CA ARG F 228 13.71 18.15 0.31
C ARG F 228 12.93 19.16 -0.53
N THR F 229 13.27 19.24 -1.80
CA THR F 229 12.64 20.17 -2.73
C THR F 229 11.15 19.84 -2.91
N THR F 230 10.84 18.55 -2.95
CA THR F 230 9.49 18.11 -3.21
C THR F 230 8.61 18.17 -1.96
N ALA F 231 9.13 17.64 -0.85
CA ALA F 231 8.41 17.64 0.43
C ALA F 231 8.39 19.03 1.07
N GLY F 232 9.40 19.85 0.72
CA GLY F 232 9.43 21.23 1.18
C GLY F 232 9.78 21.41 2.64
N ASN F 233 10.54 20.45 3.20
CA ASN F 233 10.88 20.49 4.61
C ASN F 233 12.20 21.24 4.82
N VAL F 234 12.24 22.45 4.28
CA VAL F 234 13.47 23.21 4.15
C VAL F 234 13.44 24.37 5.13
N PRO F 235 14.58 24.65 5.81
CA PRO F 235 14.49 25.68 6.85
C PRO F 235 14.74 27.07 6.27
N GLY F 236 14.20 28.09 6.94
CA GLY F 236 14.30 29.44 6.43
C GLY F 236 15.71 30.01 6.46
N ALA F 237 15.90 31.12 5.77
CA ALA F 237 17.23 31.74 5.63
C ALA F 237 17.71 32.42 6.91
N LEU F 238 16.81 33.12 7.60
CA LEU F 238 17.14 33.64 8.92
C LEU F 238 17.54 32.50 9.89
N ASP F 239 16.75 31.42 9.91
CA ASP F 239 17.09 30.21 10.68
C ASP F 239 18.50 29.76 10.38
N CYS F 240 18.82 29.63 9.10
CA CYS F 240 20.16 29.22 8.72
C CYS F 240 21.22 30.20 9.20
N PHE F 241 20.88 31.48 9.28
CA PHE F 241 21.78 32.49 9.85
C PHE F 241 22.02 32.25 11.35
N LEU F 242 20.96 32.01 12.10
CA LEU F 242 21.11 31.76 13.54
C LEU F 242 21.86 30.48 13.82
N VAL F 243 21.65 29.44 13.01
CA VAL F 243 22.35 28.17 13.20
C VAL F 243 23.83 28.35 12.92
N ARG F 244 24.12 28.99 11.79
CA ARG F 244 25.51 29.22 11.38
C ARG F 244 26.22 30.06 12.45
N ARG F 245 25.47 30.99 13.03
CA ARG F 245 26.03 31.91 13.99
C ARG F 245 26.43 31.18 15.28
N GLY F 246 25.62 30.21 15.69
CA GLY F 246 25.94 29.39 16.86
C GLY F 246 27.17 28.50 16.65
N LEU F 247 27.34 28.02 15.43
CA LEU F 247 28.42 27.11 15.08
C LEU F 247 29.78 27.63 15.47
N HIS F 248 30.02 28.92 15.26
CA HIS F 248 31.32 29.54 15.49
C HIS F 248 31.89 29.09 16.83
N THR F 249 31.03 29.05 17.84
CA THR F 249 31.46 28.76 19.19
C THR F 249 31.21 27.32 19.63
N LEU F 250 30.72 26.45 18.74
CA LEU F 250 30.41 25.06 19.13
C LEU F 250 31.52 24.33 19.91
N SER F 251 32.77 24.45 19.46
CA SER F 251 33.83 23.74 20.15
C SER F 251 34.06 24.33 21.55
N LEU F 252 34.19 25.65 21.64
CA LEU F 252 34.30 26.34 22.93
C LEU F 252 33.19 25.93 23.89
N ARG F 253 31.95 25.92 23.40
CA ARG F 253 30.81 25.54 24.23
C ARG F 253 30.88 24.06 24.69
N VAL F 254 31.13 23.16 23.76
CA VAL F 254 31.22 21.74 24.08
C VAL F 254 32.28 21.43 25.15
N HIS F 255 33.49 21.97 25.00
CA HIS F 255 34.52 21.70 26.00
C HIS F 255 34.16 22.21 27.40
N ARG F 256 33.55 23.39 27.47
CA ARG F 256 33.03 23.90 28.73
C ARG F 256 31.97 22.96 29.30
N GLN F 257 31.06 22.54 28.43
CA GLN F 257 30.00 21.61 28.79
C GLN F 257 30.54 20.29 29.36
N VAL F 258 31.53 19.71 28.71
CA VAL F 258 32.13 18.45 29.18
C VAL F 258 32.80 18.60 30.54
N ALA F 259 33.60 19.65 30.69
CA ALA F 259 34.29 19.90 31.97
C ALA F 259 33.32 20.00 33.14
N THR F 260 32.22 20.74 32.95
CA THR F 260 31.26 20.91 34.03
C THR F 260 30.52 19.60 34.33
N ALA F 261 30.27 18.80 33.30
CA ALA F 261 29.66 17.50 33.49
C ALA F 261 30.52 16.61 34.41
N ARG F 262 31.84 16.63 34.22
CA ARG F 262 32.74 15.88 35.10
C ARG F 262 32.58 16.37 36.53
N VAL F 263 32.58 17.69 36.70
CA VAL F 263 32.36 18.27 38.01
C VAL F 263 31.03 17.76 38.61
N LEU F 264 29.97 17.76 37.81
CA LEU F 264 28.66 17.30 38.33
C LEU F 264 28.63 15.79 38.70
N VAL F 265 29.27 14.97 37.88
CA VAL F 265 29.34 13.54 38.11
C VAL F 265 30.01 13.19 39.45
N GLU F 266 31.13 13.85 39.73
CA GLU F 266 31.83 13.69 41.00
C GLU F 266 30.95 14.08 42.18
N ARG F 267 30.22 15.18 42.04
CA ARG F 267 29.30 15.58 43.10
C ARG F 267 28.16 14.56 43.30
N LEU F 268 27.57 14.09 42.20
CA LEU F 268 26.49 13.11 42.27
C LEU F 268 26.94 11.84 42.98
N ARG F 269 28.16 11.41 42.68
CA ARG F 269 28.65 10.13 43.15
C ARG F 269 28.79 10.09 44.67
N ALA F 270 28.98 11.26 45.29
CA ALA F 270 29.16 11.34 46.73
C ALA F 270 27.88 11.73 47.47
N SER F 271 26.80 11.99 46.73
CA SER F 271 25.52 12.30 47.36
C SER F 271 24.80 11.04 47.83
N PRO F 272 24.42 11.00 49.12
CA PRO F 272 23.75 9.76 49.60
C PRO F 272 22.30 9.64 49.15
N VAL F 273 21.81 10.54 48.30
CA VAL F 273 20.47 10.36 47.75
C VAL F 273 20.52 10.09 46.25
N VAL F 274 21.67 9.61 45.80
CA VAL F 274 21.87 9.27 44.40
C VAL F 274 22.30 7.80 44.31
N GLY F 275 21.70 7.06 43.38
CA GLY F 275 22.07 5.68 43.16
C GLY F 275 23.04 5.56 42.00
N ALA F 276 22.67 4.75 41.01
CA ALA F 276 23.43 4.65 39.78
C ALA F 276 23.64 6.03 39.16
N VAL F 277 24.82 6.24 38.60
CA VAL F 277 25.10 7.45 37.84
C VAL F 277 25.52 7.03 36.44
N HIS F 278 24.90 7.64 35.44
CA HIS F 278 25.19 7.32 34.05
C HIS F 278 25.97 8.46 33.40
N TYR F 279 27.17 8.14 32.91
CA TYR F 279 27.99 9.09 32.16
C TYR F 279 28.98 8.29 31.35
N PRO F 280 29.02 8.49 30.02
CA PRO F 280 29.88 7.71 29.14
C PRO F 280 31.35 7.74 29.54
N GLY F 281 31.74 8.75 30.31
CA GLY F 281 33.13 8.90 30.72
C GLY F 281 33.55 7.99 31.87
N LEU F 282 32.59 7.53 32.66
CA LEU F 282 32.87 6.71 33.85
C LEU F 282 33.74 5.51 33.52
N PRO F 283 34.85 5.34 34.26
CA PRO F 283 35.85 4.33 33.92
C PRO F 283 35.36 2.90 34.04
N GLU F 284 34.15 2.69 34.54
CA GLU F 284 33.54 1.36 34.56
C GLU F 284 32.24 1.34 33.78
N HIS F 285 32.15 2.24 32.79
CA HIS F 285 31.01 2.26 31.89
C HIS F 285 30.90 0.93 31.17
N PRO F 286 29.67 0.48 30.85
CA PRO F 286 29.50 -0.84 30.23
C PRO F 286 30.13 -0.97 28.83
N GLN F 287 30.51 0.15 28.21
CA GLN F 287 31.22 0.11 26.94
C GLN F 287 32.36 1.11 26.94
N HIS F 288 33.00 1.31 28.09
CA HIS F 288 34.05 2.32 28.24
C HIS F 288 35.08 2.26 27.12
N ALA F 289 35.45 1.04 26.76
CA ALA F 289 36.43 0.80 25.70
C ALA F 289 35.97 1.39 24.37
N VAL F 290 34.69 1.26 24.08
CA VAL F 290 34.14 1.79 22.84
C VAL F 290 34.08 3.32 22.92
N VAL F 291 33.69 3.83 24.09
CA VAL F 291 33.65 5.26 24.35
C VAL F 291 34.97 5.96 24.06
N LYS F 292 36.07 5.41 24.58
CA LYS F 292 37.38 6.01 24.41
C LYS F 292 37.85 5.88 22.96
N ALA F 293 37.26 4.94 22.23
CA ALA F 293 37.68 4.69 20.85
C ALA F 293 37.05 5.65 19.86
N GLN F 294 35.76 5.90 19.99
CA GLN F 294 35.01 6.62 18.97
C GLN F 294 34.60 8.05 19.37
N MSE F 295 34.96 8.45 20.59
CA MSE F 295 34.59 9.76 21.13
C MSE F 295 35.78 10.55 21.71
O MSE F 295 36.42 10.09 22.65
CB MSE F 295 33.50 9.60 22.19
CG MSE F 295 32.12 9.38 21.64
SE MSE F 295 30.99 10.81 22.29
CE MSE F 295 29.30 10.24 21.44
N SER F 296 36.02 11.75 21.17
CA SER F 296 37.12 12.60 21.60
C SER F 296 36.95 13.07 23.05
N ALA F 297 35.71 13.26 23.47
CA ALA F 297 35.39 13.42 24.89
C ALA F 297 34.06 12.71 25.20
N PRO F 298 33.70 12.58 26.49
CA PRO F 298 32.45 11.85 26.75
C PRO F 298 31.18 12.65 26.50
N GLY F 299 31.20 13.97 26.65
CA GLY F 299 30.00 14.72 26.35
C GLY F 299 29.36 15.41 27.54
N ALA F 300 28.22 16.04 27.31
CA ALA F 300 27.63 16.97 28.26
C ALA F 300 26.30 16.52 28.87
N ILE F 301 25.95 15.24 28.69
CA ILE F 301 24.72 14.71 29.26
C ILE F 301 25.03 13.73 30.38
N VAL F 302 24.31 13.86 31.49
CA VAL F 302 24.50 13.03 32.68
C VAL F 302 23.14 12.60 33.18
N SER F 303 22.99 11.35 33.57
CA SER F 303 21.74 10.94 34.19
C SER F 303 22.01 10.10 35.42
N PHE F 304 21.09 10.12 36.37
CA PHE F 304 21.33 9.44 37.64
C PHE F 304 20.04 9.02 38.30
N ASP F 305 20.09 7.94 39.07
CA ASP F 305 18.94 7.50 39.86
C ASP F 305 18.85 8.28 41.17
N TYR F 306 17.81 9.08 41.29
CA TYR F 306 17.56 9.82 42.51
C TYR F 306 16.75 8.95 43.46
N LEU F 307 17.20 8.86 44.71
CA LEU F 307 16.58 7.97 45.67
C LEU F 307 15.97 8.75 46.82
N GLY F 308 15.80 10.06 46.62
CA GLY F 308 15.37 10.91 47.72
C GLY F 308 13.88 11.19 47.79
N GLY F 309 13.09 10.45 47.03
CA GLY F 309 11.66 10.68 46.96
C GLY F 309 11.20 10.98 45.54
N PRO F 310 10.04 11.63 45.40
CA PRO F 310 9.45 11.89 44.08
C PRO F 310 10.31 12.82 43.22
N ALA F 311 10.47 12.46 41.96
CA ALA F 311 11.25 13.25 41.02
C ALA F 311 10.76 14.69 41.00
N GLU F 312 9.45 14.88 40.92
CA GLU F 312 8.88 16.21 40.81
C GLU F 312 9.19 17.08 42.03
N ARG F 313 9.45 16.45 43.17
CA ARG F 313 9.76 17.19 44.39
C ARG F 313 11.24 17.59 44.42
N LEU F 314 12.00 17.08 43.46
CA LEU F 314 13.40 17.45 43.32
C LEU F 314 13.52 18.52 42.25
N LEU F 315 12.74 18.36 41.19
CA LEU F 315 12.70 19.35 40.11
C LEU F 315 12.22 20.71 40.64
N ASP F 316 11.40 20.71 41.67
CA ASP F 316 10.87 21.94 42.25
C ASP F 316 11.86 22.70 43.14
N ARG F 317 13.06 22.15 43.31
CA ARG F 317 14.01 22.76 44.22
C ARG F 317 15.21 23.38 43.51
N PHE F 318 15.32 23.17 42.19
CA PHE F 318 16.43 23.73 41.41
C PHE F 318 16.22 25.23 41.23
N THR F 319 17.31 26.00 41.24
CA THR F 319 17.22 27.45 41.10
C THR F 319 17.94 27.97 39.86
N LEU F 320 18.80 27.14 39.29
CA LEU F 320 19.63 27.58 38.18
C LEU F 320 19.36 26.71 36.95
N PHE F 321 19.39 25.39 37.13
CA PHE F 321 18.92 24.47 36.10
C PHE F 321 17.48 24.83 35.73
N THR F 322 17.15 24.76 34.45
CA THR F 322 15.75 24.93 34.03
C THR F 322 15.14 23.54 33.89
N CYS F 323 13.92 23.36 34.35
CA CYS F 323 13.25 22.09 34.05
C CYS F 323 12.54 22.24 32.72
N GLY F 324 13.07 21.61 31.69
CA GLY F 324 12.46 21.65 30.38
C GLY F 324 13.08 20.56 29.54
N VAL F 325 12.49 20.29 28.38
CA VAL F 325 13.09 19.32 27.48
C VAL F 325 14.04 20.06 26.54
N SER F 326 14.56 19.33 25.55
CA SER F 326 15.67 19.74 24.71
C SER F 326 16.96 19.65 25.52
N LEU F 327 18.07 19.97 24.86
CA LEU F 327 19.39 19.80 25.43
C LEU F 327 20.32 20.63 24.59
N GLY F 328 21.62 20.52 24.88
CA GLY F 328 22.64 21.13 24.07
C GLY F 328 22.74 22.64 24.21
N GLY F 329 21.88 23.22 25.03
CA GLY F 329 21.78 24.67 25.08
C GLY F 329 22.49 25.33 26.25
N VAL F 330 23.04 26.51 25.97
CA VAL F 330 23.83 27.28 26.93
C VAL F 330 23.21 27.38 28.33
N HIS F 331 21.88 27.34 28.40
CA HIS F 331 21.19 27.22 29.66
C HIS F 331 21.08 25.74 30.05
N SER F 332 21.78 25.34 31.10
CA SER F 332 21.65 23.99 31.64
C SER F 332 20.18 23.66 31.92
N LEU F 333 19.73 22.47 31.50
CA LEU F 333 18.40 21.99 31.88
C LEU F 333 18.45 20.66 32.63
N VAL F 334 17.39 20.38 33.37
CA VAL F 334 17.24 19.15 34.12
C VAL F 334 16.00 18.43 33.62
N GLU F 335 16.08 17.11 33.53
CA GLU F 335 14.95 16.35 33.02
C GLU F 335 14.66 15.07 33.80
N CYS F 336 13.38 14.73 33.91
CA CYS F 336 12.95 13.43 34.41
C CYS F 336 12.16 12.73 33.32
N PRO F 337 12.85 11.94 32.49
CA PRO F 337 12.34 11.27 31.29
C PRO F 337 11.00 10.56 31.48
N ALA F 338 10.77 9.95 32.65
CA ALA F 338 9.51 9.27 32.92
C ALA F 338 8.36 10.28 32.95
N LEU F 339 8.72 11.53 33.28
CA LEU F 339 7.73 12.61 33.33
C LEU F 339 7.83 13.57 32.13
N MSE F 340 9.03 13.81 31.58
CA MSE F 340 9.14 14.55 30.32
C MSE F 340 9.05 13.64 29.08
O MSE F 340 7.96 13.33 28.58
CB MSE F 340 10.45 15.35 30.21
CG MSE F 340 11.08 15.83 31.49
SE MSE F 340 12.17 17.42 31.13
CE MSE F 340 10.89 18.80 31.62
N THR F 341 10.23 13.24 28.59
CA THR F 341 10.37 12.40 27.39
C THR F 341 9.43 11.20 27.35
N HIS F 342 9.92 10.09 27.89
CA HIS F 342 9.25 8.80 27.81
C HIS F 342 7.93 8.73 28.56
N ARG F 343 7.35 9.90 28.83
CA ARG F 343 6.02 9.98 29.44
C ARG F 343 5.01 9.07 28.72
N PRO F 344 4.67 9.37 27.45
CA PRO F 344 3.42 8.86 26.85
C PRO F 344 3.23 7.36 27.11
N LEU F 345 4.14 6.61 26.53
CA LEU F 345 4.22 5.17 26.54
C LEU F 345 3.44 4.40 27.65
N SER F 346 4.08 4.03 28.76
CA SER F 346 3.34 3.20 29.71
C SER F 346 3.70 3.32 31.20
N ALA F 347 4.17 2.19 31.71
CA ALA F 347 4.50 1.95 33.11
C ALA F 347 5.19 0.62 32.92
N GLU F 348 5.31 0.26 31.64
CA GLU F 348 5.94 -0.96 31.17
C GLU F 348 7.04 -0.64 30.14
N ALA F 349 6.81 0.38 29.31
CA ALA F 349 7.84 0.81 28.34
C ALA F 349 9.09 1.31 29.05
N ARG F 350 8.90 1.97 30.19
CA ARG F 350 10.04 2.41 30.97
C ARG F 350 10.54 1.24 31.80
N ALA F 351 9.62 0.50 32.42
CA ALA F 351 9.97 -0.68 33.19
C ALA F 351 10.37 -1.85 32.28
N ARG F 352 10.70 -1.54 31.03
CA ARG F 352 11.29 -2.53 30.13
C ARG F 352 12.74 -2.17 29.76
N ARG F 353 13.08 -0.89 29.82
CA ARG F 353 14.45 -0.49 29.48
C ARG F 353 15.19 0.35 30.54
N GLY F 354 15.03 0.02 31.82
CA GLY F 354 15.82 0.67 32.87
C GLY F 354 15.66 2.18 33.00
N ILE F 355 14.62 2.72 32.37
CA ILE F 355 14.23 4.10 32.65
C ILE F 355 13.35 4.11 33.90
N GLY F 356 13.97 4.28 35.06
CA GLY F 356 13.23 4.36 36.31
C GLY F 356 12.41 5.64 36.33
N GLU F 357 11.39 5.66 37.18
CA GLU F 357 10.57 6.86 37.35
C GLU F 357 11.38 7.99 38.01
N SER F 358 12.59 7.67 38.47
CA SER F 358 13.44 8.66 39.12
C SER F 358 14.82 8.77 38.50
N LEU F 359 14.96 8.31 37.26
CA LEU F 359 16.11 8.73 36.48
C LEU F 359 15.96 10.22 36.20
N ILE F 360 16.97 10.99 36.62
CA ILE F 360 17.03 12.42 36.35
C ILE F 360 18.08 12.61 35.26
N ARG F 361 17.80 13.44 34.26
CA ARG F 361 18.79 13.72 33.21
C ARG F 361 19.24 15.18 33.24
N LEU F 362 20.55 15.39 33.15
CA LEU F 362 21.12 16.74 33.13
C LEU F 362 21.74 17.07 31.77
N SER F 363 21.27 18.13 31.12
CA SER F 363 21.98 18.63 29.96
C SER F 363 22.80 19.82 30.40
N VAL F 364 24.12 19.71 30.30
CA VAL F 364 24.99 20.70 30.93
C VAL F 364 25.25 21.92 30.02
N GLY F 365 24.85 23.11 30.47
CA GLY F 365 25.12 24.35 29.77
C GLY F 365 26.52 24.93 30.02
N ILE F 366 26.69 26.21 29.75
CA ILE F 366 28.00 26.83 29.89
C ILE F 366 28.11 27.78 31.07
N GLU F 367 27.14 27.71 31.99
CA GLU F 367 27.22 28.48 33.22
C GLU F 367 28.43 28.04 34.05
N ASP F 368 28.81 28.87 35.01
CA ASP F 368 29.93 28.55 35.89
C ASP F 368 29.67 27.22 36.63
N PRO F 369 30.65 26.31 36.58
CA PRO F 369 30.48 24.96 37.11
C PRO F 369 30.25 24.93 38.63
N GLN F 370 30.78 25.91 39.33
CA GLN F 370 30.55 25.94 40.77
C GLN F 370 29.10 26.30 41.09
N ASP F 371 28.52 27.23 40.33
CA ASP F 371 27.12 27.58 40.53
C ASP F 371 26.25 26.37 40.18
N LEU F 372 26.55 25.73 39.06
CA LEU F 372 25.81 24.51 38.67
C LEU F 372 25.99 23.42 39.74
N ALA F 373 27.22 23.22 40.20
CA ALA F 373 27.44 22.25 41.28
C ALA F 373 26.67 22.70 42.52
N GLU F 374 26.54 24.00 42.69
CA GLU F 374 25.86 24.54 43.87
C GLU F 374 24.34 24.33 43.81
N ASP F 375 23.76 24.50 42.63
CA ASP F 375 22.31 24.31 42.48
C ASP F 375 21.95 22.83 42.69
N LEU F 376 22.68 21.94 42.03
CA LEU F 376 22.42 20.50 42.13
C LEU F 376 22.44 19.99 43.58
N SER F 377 23.47 20.37 44.33
CA SER F 377 23.61 19.89 45.71
C SER F 377 22.50 20.40 46.62
N ARG F 378 22.12 21.65 46.44
CA ARG F 378 21.03 22.21 47.22
C ARG F 378 19.72 21.51 46.88
N ALA F 379 19.53 21.21 45.59
CA ALA F 379 18.33 20.53 45.14
C ALA F 379 18.26 19.11 45.71
N LEU F 380 19.41 18.47 45.83
CA LEU F 380 19.45 17.10 46.34
C LEU F 380 19.29 17.04 47.87
N ALA F 381 19.80 18.05 48.56
CA ALA F 381 19.88 18.01 50.03
C ALA F 381 18.54 18.23 50.73
N GLY F 382 17.79 19.24 50.29
CA GLY F 382 16.53 19.57 50.92
C GLY F 382 16.70 20.47 52.13
N GLY G 6 24.00 34.23 44.20
CA GLY G 6 24.34 33.03 43.46
C GLY G 6 24.71 33.20 42.00
N MSE G 7 24.84 34.43 41.54
CA MSE G 7 25.43 34.48 40.22
C MSE G 7 26.84 34.98 40.20
O MSE G 7 27.13 36.14 40.41
CB MSE G 7 24.59 35.17 39.22
CG MSE G 7 23.32 34.37 39.03
SE MSE G 7 22.65 34.80 37.35
CE MSE G 7 21.62 36.48 37.41
N ARG G 8 27.73 34.02 39.96
CA ARG G 8 29.10 34.31 39.59
C ARG G 8 29.09 34.80 38.14
N PHE G 9 30.12 35.57 37.77
CA PHE G 9 30.21 36.23 36.48
C PHE G 9 29.82 35.37 35.26
N GLY G 10 30.27 34.11 35.26
CA GLY G 10 30.04 33.19 34.15
C GLY G 10 28.61 32.65 33.98
N THR G 11 27.84 32.61 35.05
CA THR G 11 26.42 32.30 34.89
C THR G 11 25.62 33.59 34.63
N ARG G 12 26.19 34.73 35.04
CA ARG G 12 25.59 36.02 34.73
C ARG G 12 25.59 36.27 33.22
N LEU G 13 26.60 35.76 32.53
CA LEU G 13 26.63 35.84 31.07
C LEU G 13 25.37 35.23 30.48
N VAL G 14 24.91 34.12 31.08
CA VAL G 14 23.82 33.37 30.50
C VAL G 14 22.45 33.78 31.02
N HIS G 15 22.38 34.08 32.31
CA HIS G 15 21.11 34.28 32.98
C HIS G 15 20.82 35.73 33.39
N GLY G 16 21.82 36.60 33.31
CA GLY G 16 21.61 37.99 33.64
C GLY G 16 20.55 38.59 32.73
N GLY G 17 19.56 39.26 33.32
CA GLY G 17 18.50 39.89 32.57
C GLY G 17 17.58 38.93 31.83
N ARG G 18 17.58 37.66 32.21
CA ARG G 18 16.74 36.70 31.47
C ARG G 18 15.31 36.71 32.00
N ARG G 19 14.57 37.76 31.65
CA ARG G 19 13.27 37.97 32.26
C ARG G 19 12.25 36.87 31.93
N PRO G 20 11.43 36.52 32.92
CA PRO G 20 10.32 35.58 32.76
C PRO G 20 9.44 35.98 31.59
N SER G 21 9.01 34.98 30.83
CA SER G 21 7.86 35.08 29.96
C SER G 21 6.67 34.42 30.63
N ALA G 22 5.57 35.14 30.81
CA ALA G 22 4.52 34.65 31.70
C ALA G 22 3.32 33.98 31.03
N GLY G 23 3.02 32.76 31.46
CA GLY G 23 1.90 32.03 30.92
C GLY G 23 2.35 31.00 29.90
N THR G 24 3.60 31.16 29.43
CA THR G 24 4.19 30.28 28.42
C THR G 24 5.55 29.69 28.82
N GLY G 25 6.45 30.51 29.35
CA GLY G 25 7.68 30.00 29.95
C GLY G 25 8.93 29.97 29.06
N ASP G 26 8.97 30.83 28.05
CA ASP G 26 10.12 30.94 27.12
C ASP G 26 11.42 31.00 27.90
N VAL G 27 12.33 30.06 27.63
CA VAL G 27 13.66 30.12 28.27
C VAL G 27 14.41 31.30 27.68
N VAL G 28 14.45 31.39 26.35
CA VAL G 28 14.97 32.59 25.70
C VAL G 28 13.87 33.64 25.62
N PRO G 29 14.14 34.86 26.13
CA PRO G 29 13.05 35.85 26.15
C PRO G 29 12.63 36.22 24.73
N PRO G 30 11.32 36.35 24.48
CA PRO G 30 10.92 36.70 23.12
C PRO G 30 11.38 38.10 22.75
N ILE G 31 11.54 38.35 21.46
CA ILE G 31 12.07 39.63 21.01
C ILE G 31 10.94 40.66 20.89
N HIS G 32 11.00 41.69 21.74
CA HIS G 32 10.00 42.76 21.72
C HIS G 32 10.35 43.77 20.65
N VAL G 33 9.72 43.65 19.49
CA VAL G 33 9.93 44.57 18.38
C VAL G 33 8.92 45.73 18.36
N SER G 34 7.85 45.65 19.15
CA SER G 34 6.80 46.67 19.06
C SER G 34 7.29 48.08 19.45
N THR G 35 6.93 49.08 18.65
CA THR G 35 7.32 50.46 18.95
C THR G 35 6.34 51.10 19.91
N THR G 36 5.18 50.51 20.08
CA THR G 36 4.24 51.15 20.97
C THR G 36 3.38 50.19 21.78
N TYR G 37 2.65 50.74 22.75
CA TYR G 37 2.04 49.94 23.79
C TYR G 37 0.63 50.36 24.09
N GLU G 38 -0.24 49.37 24.26
CA GLU G 38 -1.57 49.58 24.79
C GLU G 38 -1.34 49.95 26.25
N ARG G 39 -1.95 51.03 26.71
CA ARG G 39 -1.72 51.50 28.06
C ARG G 39 -2.71 50.95 29.08
N ARG G 40 -3.76 50.29 28.60
CA ARG G 40 -4.72 49.60 29.47
C ARG G 40 -4.30 48.13 29.74
N ALA G 41 -3.15 47.73 29.19
CA ALA G 41 -2.76 46.30 29.18
C ALA G 41 -1.52 45.97 30.03
N GLN G 42 -1.39 46.61 31.18
CA GLN G 42 -0.21 46.50 32.01
C GLN G 42 -0.52 47.16 33.34
N ASP G 43 -1.07 46.40 34.28
CA ASP G 43 -1.68 47.02 35.46
C ASP G 43 -0.71 47.74 36.42
N GLU G 44 0.57 47.72 36.09
CA GLU G 44 1.59 48.60 36.68
C GLU G 44 2.39 49.25 35.52
N PRO G 45 1.88 50.38 35.00
CA PRO G 45 2.28 50.96 33.70
C PRO G 45 3.72 51.47 33.59
N ARG G 46 4.50 50.83 32.72
CA ARG G 46 5.87 51.25 32.47
C ARG G 46 6.27 51.21 30.99
N TYR G 47 5.33 50.93 30.10
CA TYR G 47 5.68 50.91 28.69
C TYR G 47 4.78 51.84 27.89
N PHE G 48 5.40 52.85 27.30
CA PHE G 48 4.65 53.92 26.69
C PHE G 48 5.07 54.15 25.23
N TYR G 49 6.37 53.99 24.95
CA TYR G 49 6.87 54.17 23.58
C TYR G 49 8.31 53.63 23.43
N GLY G 50 8.59 53.02 22.28
CA GLY G 50 9.85 52.31 22.08
C GLY G 50 11.14 53.06 22.37
N ARG G 51 11.27 54.30 21.87
CA ARG G 51 12.48 55.09 22.11
C ARG G 51 12.77 55.22 23.61
N GLY G 52 11.72 55.25 24.42
CA GLY G 52 11.89 55.31 25.86
C GLY G 52 12.00 53.95 26.54
N GLU G 53 11.17 53.00 26.11
CA GLU G 53 10.99 51.75 26.84
C GLU G 53 11.05 50.53 25.91
N ASN G 54 11.71 49.46 26.36
CA ASN G 54 11.74 48.20 25.61
C ASN G 54 12.27 47.04 26.47
N PRO G 55 11.44 46.00 26.65
CA PRO G 55 11.86 44.91 27.55
C PRO G 55 13.10 44.17 27.04
N THR G 56 13.26 44.00 25.72
CA THR G 56 14.44 43.34 25.18
C THR G 56 15.69 44.17 25.46
N ARG G 57 15.58 45.47 25.25
CA ARG G 57 16.69 46.37 25.53
C ARG G 57 17.04 46.34 27.02
N GLU G 58 16.02 46.41 27.86
CA GLU G 58 16.23 46.40 29.31
C GLU G 58 16.90 45.11 29.80
N GLU G 59 16.54 43.99 29.18
CA GLU G 59 17.17 42.70 29.48
C GLU G 59 18.68 42.71 29.22
N LEU G 60 19.10 43.28 28.11
CA LEU G 60 20.52 43.35 27.80
C LEU G 60 21.20 44.26 28.84
N GLU G 61 20.57 45.39 29.13
CA GLU G 61 21.08 46.33 30.13
C GLU G 61 21.28 45.69 31.52
N GLU G 62 20.32 44.90 31.98
CA GLU G 62 20.48 44.19 33.26
C GLU G 62 21.63 43.19 33.21
N CYS G 63 21.73 42.43 32.12
CA CYS G 63 22.87 41.52 31.94
C CYS G 63 24.21 42.27 32.06
N LEU G 64 24.41 43.29 31.23
CA LEU G 64 25.64 44.10 31.24
C LEU G 64 25.93 44.68 32.63
N ALA G 65 24.89 45.17 33.30
CA ALA G 65 25.04 45.70 34.65
C ALA G 65 25.48 44.62 35.63
N GLY G 66 24.95 43.42 35.44
CA GLY G 66 25.26 42.29 36.31
C GLY G 66 26.72 41.87 36.18
N LEU G 67 27.29 42.11 35.01
CA LEU G 67 28.67 41.70 34.77
C LEU G 67 29.64 42.50 35.63
N GLU G 68 29.20 43.66 36.12
CA GLU G 68 30.08 44.49 36.95
C GLU G 68 29.49 44.72 38.34
N ARG G 69 28.41 44.01 38.63
CA ARG G 69 27.69 44.18 39.89
C ARG G 69 27.30 45.66 40.08
N ALA G 70 26.86 46.29 39.00
CA ALA G 70 26.47 47.69 39.01
C ALA G 70 24.96 47.76 39.02
N PRO G 71 24.40 48.90 39.42
CA PRO G 71 22.95 48.99 39.40
C PRO G 71 22.43 49.41 38.02
N PHE G 72 23.25 50.07 37.22
CA PHE G 72 22.72 50.64 36.00
C PHE G 72 23.54 50.35 34.74
N ALA G 73 22.83 50.14 33.65
CA ALA G 73 23.45 50.13 32.33
C ALA G 73 22.48 50.69 31.30
N THR G 74 23.03 51.41 30.33
CA THR G 74 22.24 51.94 29.24
C THR G 74 22.96 51.56 27.95
N VAL G 75 22.21 50.97 27.00
CA VAL G 75 22.78 50.64 25.69
C VAL G 75 22.38 51.63 24.61
N PHE G 76 23.17 51.64 23.54
CA PHE G 76 23.11 52.67 22.52
C PHE G 76 23.29 52.04 21.14
N SER G 77 22.98 52.80 20.10
CA SER G 77 23.11 52.36 18.74
C SER G 77 24.56 52.02 18.35
N SER G 78 25.53 52.54 19.09
CA SER G 78 26.94 52.30 18.81
C SER G 78 27.82 52.70 19.98
N GLY G 79 29.06 52.23 19.95
CA GLY G 79 30.08 52.65 20.88
C GLY G 79 30.20 54.16 20.90
N GLN G 80 30.29 54.77 19.71
CA GLN G 80 30.37 56.23 19.62
C GLN G 80 29.20 56.93 20.33
N ALA G 81 27.99 56.38 20.18
CA ALA G 81 26.81 57.01 20.75
C ALA G 81 26.88 56.98 22.28
N ALA G 82 27.37 55.88 22.84
CA ALA G 82 27.59 55.82 24.27
C ALA G 82 28.61 56.88 24.72
N ALA G 83 29.70 57.01 23.97
CA ALA G 83 30.69 58.05 24.28
C ALA G 83 30.10 59.46 24.11
N ALA G 84 29.29 59.63 23.07
CA ALA G 84 28.64 60.91 22.79
C ALA G 84 27.72 61.34 23.93
N THR G 85 27.02 60.37 24.49
CA THR G 85 26.09 60.61 25.59
C THR G 85 26.84 61.06 26.85
N LEU G 86 27.83 60.26 27.25
CA LEU G 86 28.73 60.64 28.34
C LEU G 86 29.31 62.03 28.12
N LEU G 87 29.80 62.27 26.91
CA LEU G 87 30.49 63.52 26.60
C LEU G 87 29.55 64.70 26.76
N SER G 88 28.29 64.50 26.38
CA SER G 88 27.28 65.55 26.36
C SER G 88 27.01 66.16 27.72
N LEU G 89 27.43 65.47 28.78
CA LEU G 89 27.21 65.96 30.13
C LEU G 89 28.21 67.03 30.52
N VAL G 90 29.34 67.06 29.83
CA VAL G 90 30.34 68.07 30.11
C VAL G 90 29.75 69.37 29.63
N ARG G 91 29.81 70.39 30.48
CA ARG G 91 29.13 71.66 30.19
C ARG G 91 30.15 72.69 29.71
N PRO G 92 29.76 73.51 28.73
CA PRO G 92 30.71 74.42 28.08
C PRO G 92 31.29 75.42 29.08
N GLY G 93 32.57 75.25 29.39
CA GLY G 93 33.20 75.95 30.50
C GLY G 93 33.89 74.96 31.43
N GLN G 94 33.75 73.67 31.11
CA GLN G 94 34.40 72.60 31.85
C GLN G 94 35.52 71.97 31.02
N CYS G 95 36.37 71.15 31.67
CA CYS G 95 37.47 70.50 30.98
C CYS G 95 37.40 68.98 31.04
N VAL G 96 37.86 68.35 29.95
CA VAL G 96 38.00 66.90 29.88
C VAL G 96 39.49 66.62 29.66
N VAL G 97 39.99 65.52 30.24
CA VAL G 97 41.37 65.09 30.04
C VAL G 97 41.44 63.63 29.58
N SER G 98 42.29 63.35 28.60
CA SER G 98 42.48 61.97 28.15
C SER G 98 43.91 61.65 27.69
N THR G 99 44.09 60.46 27.12
CA THR G 99 45.43 59.97 26.78
C THR G 99 45.64 59.89 25.28
N ASP G 100 46.76 60.44 24.81
CA ASP G 100 47.04 60.57 23.37
C ASP G 100 46.93 59.30 22.51
N ASP G 101 46.57 58.20 23.13
CA ASP G 101 46.47 56.96 22.38
C ASP G 101 45.01 56.75 22.00
N VAL G 102 44.14 57.57 22.59
CA VAL G 102 42.69 57.41 22.49
C VAL G 102 42.21 57.15 21.06
N TYR G 103 41.17 56.34 20.95
CA TYR G 103 40.53 56.02 19.69
C TYR G 103 40.21 57.29 18.90
N ALA G 104 40.50 57.28 17.59
CA ALA G 104 40.27 58.48 16.78
C ALA G 104 38.78 58.83 16.65
N GLY G 105 37.92 57.82 16.84
CA GLY G 105 36.49 58.04 16.90
C GLY G 105 36.21 58.77 18.20
N THR G 106 36.88 58.31 19.25
CA THR G 106 36.92 59.04 20.50
C THR G 106 37.63 60.38 20.29
N ASP G 107 38.70 60.39 19.48
CA ASP G 107 39.32 61.67 19.10
C ASP G 107 38.29 62.47 18.32
N GLY G 108 37.48 61.75 17.52
CA GLY G 108 36.41 62.36 16.76
C GLY G 108 35.47 63.14 17.65
N LEU G 109 34.94 62.50 18.69
CA LEU G 109 33.99 63.15 19.59
C LEU G 109 34.57 64.34 20.36
N PHE G 110 35.85 64.29 20.71
CA PHE G 110 36.45 65.37 21.48
C PHE G 110 36.53 66.66 20.66
N ASP G 111 36.74 66.51 19.35
CA ASP G 111 36.77 67.66 18.45
C ASP G 111 35.42 68.35 18.38
N LEU G 112 34.36 67.56 18.54
CA LEU G 112 33.00 68.08 18.49
C LEU G 112 32.73 68.92 19.73
N ALA G 113 33.01 68.35 20.89
CA ALA G 113 32.76 69.04 22.16
C ALA G 113 33.48 70.40 22.27
N ALA G 114 34.64 70.52 21.65
CA ALA G 114 35.42 71.76 21.74
C ALA G 114 34.70 72.95 21.12
N ARG G 115 34.03 72.70 19.99
CA ARG G 115 33.31 73.77 19.30
C ARG G 115 32.04 74.12 20.06
N GLN G 116 31.80 73.39 21.15
CA GLN G 116 30.63 73.61 21.98
C GLN G 116 31.02 74.07 23.40
N GLY G 117 32.21 74.64 23.54
CA GLY G 117 32.64 75.14 24.84
C GLY G 117 33.71 74.29 25.50
N VAL G 118 33.41 73.01 25.71
CA VAL G 118 34.30 72.08 26.40
C VAL G 118 35.80 72.17 26.04
N ARG G 119 36.66 72.44 27.03
CA ARG G 119 38.10 72.35 26.82
C ARG G 119 38.62 70.91 26.95
N VAL G 120 39.23 70.42 25.87
CA VAL G 120 39.71 69.05 25.84
C VAL G 120 41.22 69.04 26.03
N ARG G 121 41.68 68.68 27.23
CA ARG G 121 43.11 68.74 27.53
C ARG G 121 43.72 67.35 27.42
N TYR G 122 44.50 67.11 26.38
CA TYR G 122 45.14 65.80 26.24
C TYR G 122 46.40 65.79 27.13
N ALA G 123 46.59 64.71 27.86
CA ALA G 123 47.78 64.55 28.69
C ALA G 123 48.25 63.10 28.72
N ASP G 124 49.17 62.84 29.63
CA ASP G 124 49.87 61.56 29.68
C ASP G 124 49.66 60.91 31.07
N LEU G 125 49.02 59.75 31.11
CA LEU G 125 48.48 59.22 32.38
C LEU G 125 49.23 58.02 33.02
N THR G 126 50.32 57.59 32.39
CA THR G 126 51.19 56.56 32.94
C THR G 126 51.78 56.86 34.32
N THR G 127 52.34 58.06 34.50
CA THR G 127 53.25 58.41 35.62
C THR G 127 52.70 59.45 36.61
N PRO G 128 53.20 59.46 37.88
CA PRO G 128 52.64 60.37 38.89
C PRO G 128 52.71 61.85 38.51
N GLU G 129 53.68 62.22 37.66
CA GLU G 129 53.83 63.63 37.28
C GLU G 129 53.17 63.98 35.95
N GLY G 130 53.00 62.98 35.09
CA GLY G 130 52.15 63.15 33.92
C GLY G 130 50.71 63.30 34.39
N ILE G 131 50.34 62.43 35.33
CA ILE G 131 49.01 62.45 35.95
C ILE G 131 48.75 63.78 36.63
N ALA G 132 49.57 64.12 37.61
CA ALA G 132 49.34 65.31 38.41
C ALA G 132 49.88 66.56 37.75
N ALA G 133 50.25 66.49 36.49
CA ALA G 133 50.41 67.69 35.69
C ALA G 133 48.99 68.17 35.46
N ALA G 134 48.33 67.50 34.52
CA ALA G 134 46.90 67.66 34.20
C ALA G 134 46.03 67.97 35.42
N LEU G 135 45.49 66.91 36.02
CA LEU G 135 44.48 66.96 37.09
C LEU G 135 44.49 68.13 38.09
N ALA G 136 45.47 69.03 37.99
CA ALA G 136 45.40 70.31 38.66
C ALA G 136 44.60 71.26 37.78
N GLU G 137 44.09 70.73 36.66
CA GLU G 137 43.28 71.49 35.73
C GLU G 137 41.98 71.96 36.38
N PRO G 138 41.76 73.28 36.45
CA PRO G 138 40.52 73.74 37.06
C PRO G 138 39.35 73.44 36.14
N ASP G 139 38.15 73.40 36.71
CA ASP G 139 36.98 72.99 35.95
C ASP G 139 37.10 71.60 35.33
N LEU G 140 37.96 70.75 35.88
CA LEU G 140 38.07 69.39 35.37
C LEU G 140 36.79 68.63 35.71
N ALA G 141 36.06 68.22 34.69
CA ALA G 141 34.79 67.53 34.90
C ALA G 141 34.88 66.05 34.60
N LEU G 142 35.77 65.68 33.70
CA LEU G 142 35.83 64.30 33.23
C LEU G 142 37.26 63.85 32.92
N VAL G 143 37.59 62.63 33.34
CA VAL G 143 38.85 62.01 32.98
C VAL G 143 38.57 60.72 32.21
N TRP G 144 39.09 60.66 30.98
CA TRP G 144 38.74 59.60 30.04
C TRP G 144 39.92 58.66 29.87
N ILE G 145 39.75 57.41 30.27
CA ILE G 145 40.84 56.44 30.26
C ILE G 145 40.57 55.21 29.40
N GLU G 146 41.23 55.14 28.26
CA GLU G 146 41.19 53.94 27.45
C GLU G 146 42.40 53.09 27.84
N THR G 147 42.16 51.89 28.38
CA THR G 147 43.26 51.03 28.76
C THR G 147 42.92 49.55 28.66
N PRO G 148 43.81 48.75 28.04
CA PRO G 148 45.08 49.08 27.39
C PRO G 148 44.90 50.03 26.21
N THR G 149 45.99 50.71 25.82
CA THR G 149 45.93 51.57 24.66
C THR G 149 46.06 50.74 23.39
N ASN G 150 45.86 51.41 22.26
CA ASN G 150 45.84 50.76 20.97
C ASN G 150 46.57 51.71 20.05
N PRO G 151 47.53 51.20 19.27
CA PRO G 151 48.00 49.84 19.03
C PRO G 151 49.24 49.47 19.85
N LEU G 152 49.77 50.39 20.66
CA LEU G 152 51.01 50.10 21.37
C LEU G 152 50.76 49.33 22.67
N LEU G 153 49.49 49.24 23.06
CA LEU G 153 49.07 48.40 24.19
C LEU G 153 49.68 48.86 25.52
N THR G 154 49.86 50.16 25.68
CA THR G 154 50.32 50.67 26.97
C THR G 154 49.13 50.71 27.93
N VAL G 155 49.40 51.01 29.19
CA VAL G 155 48.39 50.83 30.22
C VAL G 155 48.33 52.02 31.16
N VAL G 156 47.13 52.30 31.68
CA VAL G 156 46.94 53.35 32.68
C VAL G 156 46.39 52.77 33.99
N ASP G 157 46.99 53.18 35.11
CA ASP G 157 46.61 52.72 36.44
C ASP G 157 45.23 53.28 36.84
N VAL G 158 44.19 52.48 36.67
CA VAL G 158 42.82 52.96 36.89
C VAL G 158 42.54 53.41 38.32
N ALA G 159 42.92 52.60 39.31
CA ALA G 159 42.69 52.97 40.70
C ALA G 159 43.45 54.23 41.11
N GLU G 160 44.71 54.33 40.67
CA GLU G 160 45.55 55.47 41.02
C GLU G 160 45.03 56.77 40.40
N VAL G 161 44.62 56.72 39.14
CA VAL G 161 44.11 57.92 38.50
C VAL G 161 42.75 58.32 39.08
N SER G 162 41.90 57.33 39.34
CA SER G 162 40.59 57.60 39.94
C SER G 162 40.72 58.31 41.30
N ARG G 163 41.76 57.96 42.04
CA ARG G 163 42.01 58.62 43.34
C ARG G 163 42.44 60.07 43.14
N ARG G 164 43.39 60.29 42.25
CA ARG G 164 43.89 61.62 41.94
C ARG G 164 42.83 62.43 41.16
N ALA G 165 41.78 61.76 40.70
CA ALA G 165 40.67 62.46 40.02
C ALA G 165 39.53 62.85 40.95
N HIS G 166 39.19 61.98 41.88
CA HIS G 166 38.06 62.21 42.77
C HIS G 166 38.35 63.25 43.85
N GLU G 167 39.61 63.35 44.25
CA GLU G 167 40.06 64.40 45.17
C GLU G 167 39.69 65.79 44.66
N ARG G 168 39.56 65.92 43.34
CA ARG G 168 39.16 67.17 42.70
C ARG G 168 37.71 67.07 42.22
N GLY G 169 37.04 65.97 42.53
CA GLY G 169 35.61 65.87 42.25
C GLY G 169 35.25 65.57 40.81
N ALA G 170 36.23 65.13 40.01
CA ALA G 170 35.97 64.82 38.61
C ALA G 170 35.46 63.39 38.41
N ARG G 171 34.61 63.19 37.41
CA ARG G 171 34.09 61.86 37.05
C ARG G 171 35.13 61.06 36.27
N VAL G 172 35.21 59.76 36.50
CA VAL G 172 36.15 58.91 35.77
C VAL G 172 35.46 57.85 34.93
N VAL G 173 35.73 57.87 33.62
CA VAL G 173 35.24 56.84 32.74
C VAL G 173 36.42 56.06 32.15
N VAL G 174 36.24 54.75 32.08
CA VAL G 174 37.19 53.89 31.39
C VAL G 174 36.52 53.27 30.17
N ASP G 175 37.14 53.46 29.00
CA ASP G 175 36.67 52.78 27.80
C ASP G 175 37.28 51.39 27.88
N ASN G 176 36.43 50.42 28.19
CA ASN G 176 36.88 49.07 28.50
C ASN G 176 36.61 48.10 27.34
N THR G 177 36.39 48.65 26.14
CA THR G 177 36.06 47.86 24.96
C THR G 177 37.12 46.79 24.67
N PHE G 178 38.37 47.21 24.69
CA PHE G 178 39.52 46.36 24.40
C PHE G 178 39.54 45.16 25.35
N ALA G 179 39.43 45.42 26.65
CA ALA G 179 39.56 44.38 27.65
C ALA G 179 38.33 43.46 27.74
N SER G 180 37.15 44.07 27.69
CA SER G 180 35.84 43.45 27.97
C SER G 180 35.67 43.31 29.48
N PRO G 181 34.42 43.09 29.95
CA PRO G 181 34.21 42.95 31.40
C PRO G 181 34.82 41.65 31.96
N VAL G 182 35.19 40.71 31.10
CA VAL G 182 35.78 39.46 31.55
C VAL G 182 37.18 39.64 32.15
N LEU G 183 37.91 40.64 31.68
CA LEU G 183 39.31 40.76 32.03
C LEU G 183 39.61 41.97 32.94
N GLN G 184 38.74 42.97 32.90
CA GLN G 184 38.99 44.20 33.64
C GLN G 184 37.67 44.77 34.13
N GLN G 185 37.64 45.18 35.39
CA GLN G 185 36.42 45.69 36.01
C GLN G 185 36.61 47.14 36.48
N PRO G 186 36.45 48.13 35.58
CA PRO G 186 36.71 49.55 35.89
C PRO G 186 35.99 50.09 37.13
N LEU G 187 34.73 49.74 37.31
CA LEU G 187 33.99 50.17 38.49
C LEU G 187 34.60 49.61 39.78
N ALA G 188 35.06 48.36 39.73
CA ALA G 188 35.69 47.73 40.89
C ALA G 188 37.05 48.36 41.18
N LEU G 189 37.76 48.74 40.12
CA LEU G 189 39.05 49.38 40.26
C LEU G 189 38.89 50.76 40.87
N GLY G 190 37.80 51.43 40.51
CA GLY G 190 37.48 52.72 41.08
C GLY G 190 36.83 53.72 40.15
N ALA G 191 36.54 53.33 38.91
CA ALA G 191 35.91 54.23 37.95
C ALA G 191 34.49 54.62 38.32
N ASP G 192 33.94 55.60 37.60
CA ASP G 192 32.55 55.95 37.71
C ASP G 192 31.73 55.28 36.60
N VAL G 193 32.33 55.13 35.42
CA VAL G 193 31.63 54.54 34.28
C VAL G 193 32.51 53.57 33.51
N SER G 194 31.93 52.44 33.13
CA SER G 194 32.49 51.62 32.07
C SER G 194 31.82 51.98 30.75
N LEU G 195 32.65 52.25 29.75
CA LEU G 195 32.18 52.52 28.40
C LEU G 195 32.56 51.34 27.50
N TYR G 196 31.59 50.84 26.73
CA TYR G 196 31.83 49.74 25.81
C TYR G 196 31.24 49.98 24.44
N SER G 197 32.08 49.87 23.43
CA SER G 197 31.58 49.53 22.11
C SER G 197 31.22 48.06 22.18
N THR G 198 29.94 47.74 22.10
CA THR G 198 29.56 46.33 22.09
C THR G 198 29.71 45.73 20.69
N THR G 199 30.02 46.58 19.72
CA THR G 199 30.35 46.14 18.36
C THR G 199 31.51 45.15 18.38
N1 LLP G 200 36.18 52.80 21.66
C2 LLP G 200 36.86 51.67 21.43
C2' LLP G 200 38.05 51.28 22.36
C3 LLP G 200 36.52 50.84 20.33
O3 LLP G 200 37.26 49.67 20.13
C4 LLP G 200 35.46 51.20 19.50
C4' LLP G 200 35.02 50.27 18.24
C5 LLP G 200 34.77 52.36 19.75
C6 LLP G 200 35.13 53.17 20.83
C5' LLP G 200 33.57 52.86 18.87
OP4 LLP G 200 32.49 51.96 18.92
P LLP G 200 31.58 51.80 17.66
OP1 LLP G 200 30.59 50.69 18.03
OP2 LLP G 200 30.87 53.07 17.42
OP3 LLP G 200 32.41 51.43 16.49
N LLP G 200 32.44 45.37 19.30
CA LLP G 200 33.66 44.57 19.35
CB LLP G 200 34.76 45.40 19.97
CG LLP G 200 34.84 46.79 19.29
CD LLP G 200 35.21 46.75 17.81
CE LLP G 200 35.14 48.16 17.18
NZ LLP G 200 35.90 49.16 17.97
C LLP G 200 33.39 43.25 20.01
O LLP G 200 32.49 42.52 19.56
N SER G 201 34.11 42.90 21.07
CA SER G 201 34.07 41.54 21.60
C SER G 201 32.78 41.12 22.32
N ILE G 202 32.05 42.07 22.90
CA ILE G 202 30.84 41.71 23.66
C ILE G 202 29.82 40.99 22.76
N ALA G 203 29.42 41.62 21.66
CA ALA G 203 28.57 40.92 20.67
C ALA G 203 29.33 39.75 20.02
N GLY G 204 30.57 40.03 19.58
CA GLY G 204 31.54 38.97 19.30
C GLY G 204 31.44 38.27 17.95
N HIS G 205 30.49 38.67 17.11
CA HIS G 205 30.28 37.97 15.85
C HIS G 205 30.27 38.90 14.64
N ALA G 206 30.69 40.14 14.88
CA ALA G 206 30.89 41.11 13.81
C ALA G 206 29.66 41.28 12.93
N ASP G 207 28.48 41.31 13.54
CA ASP G 207 27.25 41.45 12.76
C ASP G 207 26.19 42.37 13.39
N VAL G 208 26.63 43.23 14.31
CA VAL G 208 25.71 44.17 14.95
C VAL G 208 26.52 45.29 15.57
N LEU G 209 26.06 46.52 15.39
CA LEU G 209 26.67 47.69 16.00
C LEU G 209 26.00 47.93 17.34
N GLY G 210 26.78 48.33 18.34
CA GLY G 210 26.18 48.71 19.60
C GLY G 210 27.12 49.40 20.59
N GLY G 211 26.54 50.05 21.60
CA GLY G 211 27.30 50.69 22.65
C GLY G 211 26.69 50.45 24.02
N ALA G 212 27.47 50.70 25.07
CA ALA G 212 26.99 50.54 26.43
C ALA G 212 27.73 51.43 27.43
N LEU G 213 26.98 51.92 28.41
CA LEU G 213 27.55 52.55 29.59
C LEU G 213 27.09 51.72 30.77
N VAL G 214 28.00 51.45 31.70
CA VAL G 214 27.69 50.78 32.94
C VAL G 214 28.22 51.66 34.09
N TYR G 215 27.42 51.85 35.12
CA TYR G 215 27.74 52.86 36.14
C TYR G 215 26.89 52.69 37.39
N ARG G 216 27.06 53.59 38.36
CA ARG G 216 26.38 53.48 39.65
C ARG G 216 25.57 54.71 40.11
N ASP G 217 25.96 55.91 39.71
CA ASP G 217 25.28 57.10 40.23
C ASP G 217 23.88 57.27 39.63
N ALA G 218 22.87 57.36 40.51
CA ALA G 218 21.48 57.52 40.08
C ALA G 218 21.22 58.81 39.32
N ASP G 219 21.89 59.89 39.72
CA ASP G 219 21.75 61.16 39.00
C ASP G 219 22.27 61.05 37.56
N LEU G 220 23.37 60.33 37.38
CA LEU G 220 23.90 60.05 36.04
C LEU G 220 22.92 59.25 35.19
N HIS G 221 22.34 58.22 35.80
CA HIS G 221 21.35 57.39 35.13
C HIS G 221 20.24 58.26 34.53
N ALA G 222 19.66 59.11 35.38
CA ALA G 222 18.60 60.01 34.97
C ALA G 222 19.06 60.93 33.83
N ALA G 223 20.33 61.29 33.83
CA ALA G 223 20.84 62.22 32.82
C ALA G 223 21.15 61.52 31.51
N VAL G 224 21.70 60.31 31.61
CA VAL G 224 22.03 59.49 30.44
C VAL G 224 20.76 59.04 29.73
N ARG G 225 19.77 58.57 30.48
CA ARG G 225 18.50 58.16 29.88
C ARG G 225 17.81 59.36 29.21
N ALA G 226 17.76 60.50 29.90
CA ALA G 226 17.20 61.71 29.32
C ALA G 226 17.86 62.09 28.00
N TYR G 227 19.19 61.98 27.94
CA TYR G 227 19.89 62.29 26.70
C TYR G 227 19.61 61.24 25.60
N ARG G 228 19.66 59.97 25.95
CA ARG G 228 19.41 58.92 24.96
C ARG G 228 17.99 59.08 24.41
N THR G 229 17.06 59.43 25.29
CA THR G 229 15.67 59.62 24.92
C THR G 229 15.47 60.81 23.97
N THR G 230 16.14 61.92 24.26
CA THR G 230 16.01 63.13 23.44
C THR G 230 16.86 63.06 22.16
N ALA G 231 18.06 62.50 22.26
CA ALA G 231 18.95 62.33 21.12
C ALA G 231 18.60 61.10 20.26
N GLY G 232 17.76 60.22 20.79
CA GLY G 232 17.32 59.03 20.05
C GLY G 232 18.43 58.14 19.51
N ASN G 233 19.59 58.16 20.16
CA ASN G 233 20.69 57.26 19.77
C ASN G 233 20.50 55.87 20.37
N VAL G 234 19.27 55.37 20.26
CA VAL G 234 18.84 54.08 20.77
C VAL G 234 19.03 52.97 19.74
N PRO G 235 19.38 51.76 20.20
CA PRO G 235 19.54 50.61 19.29
C PRO G 235 18.20 49.96 18.89
N GLY G 236 18.26 49.07 17.91
CA GLY G 236 17.11 48.27 17.58
C GLY G 236 16.97 47.04 18.45
N ALA G 237 15.72 46.62 18.66
CA ALA G 237 15.41 45.44 19.44
C ALA G 237 16.10 44.19 18.89
N LEU G 238 16.06 44.02 17.57
CA LEU G 238 16.71 42.88 16.95
C LEU G 238 18.23 42.97 17.16
N ASP G 239 18.78 44.18 17.06
CA ASP G 239 20.20 44.42 17.37
C ASP G 239 20.52 44.06 18.82
N CYS G 240 19.65 44.44 19.74
CA CYS G 240 19.88 44.10 21.15
C CYS G 240 19.90 42.60 21.35
N PHE G 241 18.92 41.92 20.75
CA PHE G 241 18.86 40.47 20.74
C PHE G 241 20.17 39.80 20.32
N LEU G 242 20.76 40.27 19.22
CA LEU G 242 22.01 39.68 18.74
C LEU G 242 23.18 39.96 19.70
N VAL G 243 23.18 41.12 20.36
CA VAL G 243 24.20 41.43 21.38
C VAL G 243 24.03 40.48 22.58
N ARG G 244 22.81 40.38 23.10
CA ARG G 244 22.50 39.46 24.21
C ARG G 244 22.89 38.01 23.87
N ARG G 245 22.64 37.61 22.63
CA ARG G 245 22.95 36.24 22.22
C ARG G 245 24.45 36.00 22.14
N GLY G 246 25.20 36.96 21.60
CA GLY G 246 26.65 36.84 21.58
C GLY G 246 27.25 36.81 22.98
N LEU G 247 26.72 37.67 23.84
CA LEU G 247 27.14 37.80 25.24
C LEU G 247 27.20 36.46 26.00
N HIS G 248 26.30 35.52 25.67
CA HIS G 248 26.34 34.19 26.33
C HIS G 248 27.74 33.57 26.35
N THR G 249 28.41 33.63 25.21
CA THR G 249 29.71 32.97 25.07
C THR G 249 30.91 33.86 25.30
N LEU G 250 30.73 35.01 25.93
CA LEU G 250 31.82 35.99 26.03
C LEU G 250 33.07 35.42 26.72
N SER G 251 32.92 34.84 27.90
CA SER G 251 34.11 34.37 28.60
C SER G 251 34.80 33.21 27.87
N LEU G 252 34.03 32.31 27.26
CA LEU G 252 34.62 31.24 26.46
C LEU G 252 35.49 31.81 25.34
N ARG G 253 34.92 32.76 24.60
CA ARG G 253 35.62 33.39 23.48
C ARG G 253 36.88 34.16 23.95
N VAL G 254 36.73 35.00 24.97
CA VAL G 254 37.85 35.78 25.49
C VAL G 254 39.00 34.87 25.94
N HIS G 255 38.67 33.89 26.77
CA HIS G 255 39.69 33.00 27.30
C HIS G 255 40.40 32.20 26.21
N ARG G 256 39.64 31.79 25.19
CA ARG G 256 40.24 31.20 24.00
C ARG G 256 41.09 32.22 23.24
N GLN G 257 40.58 33.45 23.12
CA GLN G 257 41.33 34.49 22.41
C GLN G 257 42.66 34.80 23.11
N VAL G 258 42.66 34.75 24.43
CA VAL G 258 43.87 35.01 25.20
C VAL G 258 44.92 33.90 25.03
N ALA G 259 44.51 32.64 25.11
CA ALA G 259 45.43 31.53 24.95
C ALA G 259 46.09 31.57 23.58
N THR G 260 45.34 31.97 22.56
CA THR G 260 45.92 32.01 21.23
C THR G 260 46.86 33.21 21.06
N ALA G 261 46.48 34.35 21.62
CA ALA G 261 47.33 35.53 21.65
C ALA G 261 48.70 35.19 22.23
N ARG G 262 48.72 34.45 23.34
CA ARG G 262 49.99 34.03 23.93
C ARG G 262 50.73 33.11 22.98
N VAL G 263 49.99 32.33 22.18
CA VAL G 263 50.66 31.49 21.20
C VAL G 263 51.25 32.38 20.09
N LEU G 264 50.60 33.49 19.77
CA LEU G 264 51.11 34.31 18.69
C LEU G 264 52.33 35.14 19.13
N VAL G 265 52.32 35.62 20.38
CA VAL G 265 53.43 36.40 20.91
C VAL G 265 54.73 35.60 20.92
N GLU G 266 54.64 34.33 21.29
CA GLU G 266 55.82 33.47 21.27
C GLU G 266 56.39 33.36 19.85
N ARG G 267 55.52 33.23 18.85
CA ARG G 267 55.96 33.12 17.47
C ARG G 267 56.61 34.39 16.96
N LEU G 268 55.96 35.51 17.22
CA LEU G 268 56.48 36.81 16.82
C LEU G 268 57.87 37.01 17.42
N ARG G 269 58.04 36.58 18.67
CA ARG G 269 59.31 36.77 19.35
C ARG G 269 60.44 35.88 18.83
N ALA G 270 60.12 34.75 18.19
CA ALA G 270 61.15 33.90 17.58
C ALA G 270 61.54 34.31 16.15
N SER G 271 60.76 35.20 15.53
CA SER G 271 60.98 35.54 14.12
C SER G 271 62.13 36.50 13.89
N PRO G 272 63.01 36.19 12.92
CA PRO G 272 64.12 37.07 12.60
C PRO G 272 63.69 38.25 11.73
N VAL G 273 62.41 38.32 11.38
CA VAL G 273 61.90 39.47 10.64
C VAL G 273 60.85 40.23 11.44
N VAL G 274 60.93 40.10 12.77
CA VAL G 274 60.05 40.83 13.68
C VAL G 274 60.87 41.61 14.72
N GLY G 275 60.45 42.85 14.98
CA GLY G 275 61.08 43.67 16.00
C GLY G 275 60.37 43.61 17.34
N ALA G 276 60.13 44.78 17.94
CA ALA G 276 59.48 44.88 19.24
C ALA G 276 58.08 44.27 19.23
N VAL G 277 57.92 43.15 19.92
CA VAL G 277 56.62 42.51 20.05
C VAL G 277 55.93 43.12 21.26
N HIS G 278 54.67 43.52 21.09
CA HIS G 278 53.93 44.17 22.16
C HIS G 278 52.71 43.38 22.60
N TYR G 279 52.57 43.26 23.93
CA TYR G 279 51.52 42.47 24.56
C TYR G 279 51.59 42.74 26.06
N PRO G 280 50.46 43.17 26.68
CA PRO G 280 50.43 43.54 28.09
C PRO G 280 51.01 42.46 29.01
N GLY G 281 50.89 41.20 28.62
CA GLY G 281 51.34 40.07 29.43
C GLY G 281 52.83 39.71 29.37
N LEU G 282 53.64 40.54 28.73
CA LEU G 282 55.08 40.28 28.70
C LEU G 282 55.69 40.84 29.97
N PRO G 283 56.47 40.02 30.69
CA PRO G 283 57.12 40.51 31.91
C PRO G 283 57.99 41.75 31.67
N GLU G 284 58.42 42.00 30.42
CA GLU G 284 59.24 43.19 30.16
C GLU G 284 58.41 44.47 29.94
N HIS G 285 57.10 44.30 29.79
CA HIS G 285 56.16 45.39 29.51
C HIS G 285 56.41 46.65 30.35
N PRO G 286 56.18 47.84 29.74
CA PRO G 286 56.25 49.15 30.41
C PRO G 286 55.68 49.14 31.82
N GLN G 287 54.56 48.43 32.03
CA GLN G 287 53.94 48.42 33.35
C GLN G 287 53.41 47.06 33.72
N HIS G 288 54.31 46.09 33.83
CA HIS G 288 53.94 44.72 34.13
C HIS G 288 53.17 44.64 35.45
N ALA G 289 53.55 45.49 36.41
CA ALA G 289 52.88 45.54 37.71
C ALA G 289 51.42 45.95 37.59
N VAL G 290 51.14 47.02 36.85
CA VAL G 290 49.77 47.50 36.71
C VAL G 290 48.86 46.49 35.99
N VAL G 291 49.38 45.84 34.95
CA VAL G 291 48.65 44.77 34.28
C VAL G 291 48.36 43.64 35.25
N LYS G 292 49.38 43.27 36.02
CA LYS G 292 49.24 42.23 37.02
C LYS G 292 48.32 42.69 38.16
N ALA G 293 48.19 44.00 38.32
CA ALA G 293 47.28 44.54 39.33
C ALA G 293 45.83 44.55 38.86
N GLN G 294 45.59 44.86 37.58
CA GLN G 294 44.23 45.22 37.17
C GLN G 294 43.58 44.45 35.98
N MSE G 295 44.34 43.62 35.26
CA MSE G 295 43.76 42.72 34.23
C MSE G 295 43.87 41.28 34.76
O MSE G 295 44.93 40.88 35.25
CB MSE G 295 44.47 42.84 32.83
CG MSE G 295 44.03 44.02 31.82
SE MSE G 295 43.98 43.79 29.73
CE MSE G 295 42.46 42.74 29.60
N SER G 296 42.80 40.48 34.67
CA SER G 296 42.93 39.05 35.03
C SER G 296 43.72 38.29 33.96
N ALA G 297 43.72 38.81 32.74
CA ALA G 297 44.51 38.25 31.66
C ALA G 297 44.78 39.41 30.72
N PRO G 298 45.75 39.26 29.81
CA PRO G 298 46.23 40.50 29.16
C PRO G 298 45.68 40.77 27.75
N GLY G 299 44.61 40.11 27.35
CA GLY G 299 43.89 40.51 26.15
C GLY G 299 44.15 39.71 24.89
N ALA G 300 43.50 40.13 23.81
CA ALA G 300 43.39 39.34 22.60
C ALA G 300 44.00 40.10 21.44
N ILE G 301 44.71 41.18 21.77
CA ILE G 301 45.28 42.09 20.80
C ILE G 301 46.80 42.09 20.93
N VAL G 302 47.48 41.91 19.81
CA VAL G 302 48.93 41.94 19.77
C VAL G 302 49.35 42.89 18.67
N SER G 303 50.45 43.61 18.89
CA SER G 303 51.06 44.37 17.82
C SER G 303 52.57 44.13 17.77
N PHE G 304 53.19 44.40 16.62
CA PHE G 304 54.60 44.10 16.41
C PHE G 304 55.25 44.86 15.26
N ASP G 305 56.57 44.94 15.31
CA ASP G 305 57.36 45.56 14.25
C ASP G 305 57.71 44.53 13.21
N TYR G 306 57.28 44.79 11.98
CA TYR G 306 57.63 43.93 10.86
C TYR G 306 58.92 44.42 10.24
N LEU G 307 59.86 43.51 10.03
CA LEU G 307 61.18 43.90 9.54
C LEU G 307 61.45 43.41 8.11
N GLY G 308 60.48 42.74 7.51
CA GLY G 308 60.71 42.09 6.22
C GLY G 308 60.51 42.95 4.99
N GLY G 309 60.01 44.17 5.18
CA GLY G 309 59.74 45.07 4.07
C GLY G 309 58.40 45.77 4.21
N PRO G 310 57.89 46.32 3.10
CA PRO G 310 56.60 47.01 3.06
C PRO G 310 55.47 46.29 3.81
N ALA G 311 54.78 47.00 4.69
CA ALA G 311 53.70 46.43 5.47
C ALA G 311 52.55 45.95 4.59
N GLU G 312 52.20 46.73 3.59
CA GLU G 312 51.09 46.36 2.73
C GLU G 312 51.36 45.05 1.98
N ARG G 313 52.61 44.79 1.61
CA ARG G 313 52.95 43.50 1.01
C ARG G 313 52.65 42.34 1.96
N LEU G 314 53.12 42.47 3.20
CA LEU G 314 52.84 41.48 4.25
C LEU G 314 51.34 41.21 4.36
N LEU G 315 50.57 42.29 4.33
CA LEU G 315 49.12 42.22 4.46
C LEU G 315 48.42 41.31 3.46
N ASP G 316 48.90 41.30 2.23
CA ASP G 316 48.24 40.52 1.19
C ASP G 316 48.62 39.04 1.22
N ARG G 317 49.44 38.63 2.18
CA ARG G 317 49.91 37.24 2.24
C ARG G 317 49.07 36.33 3.14
N PHE G 318 48.37 36.92 4.10
CA PHE G 318 47.55 36.13 5.02
C PHE G 318 46.40 35.44 4.29
N THR G 319 46.13 34.18 4.64
CA THR G 319 45.01 33.46 4.07
C THR G 319 44.15 32.83 5.17
N LEU G 320 44.19 33.44 6.35
CA LEU G 320 43.25 33.08 7.41
C LEU G 320 42.88 34.33 8.20
N PHE G 321 43.87 35.05 8.71
CA PHE G 321 43.65 36.40 9.24
C PHE G 321 42.97 37.22 8.16
N THR G 322 42.00 38.03 8.55
CA THR G 322 41.33 38.93 7.63
C THR G 322 41.92 40.34 7.71
N CYS G 323 42.21 40.95 6.56
CA CYS G 323 42.70 42.32 6.59
C CYS G 323 41.53 43.27 6.71
N GLY G 324 41.59 44.10 7.74
CA GLY G 324 40.60 45.14 7.92
C GLY G 324 40.64 45.60 9.37
N VAL G 325 39.70 46.44 9.74
CA VAL G 325 39.70 47.06 11.05
C VAL G 325 38.61 46.42 11.89
N SER G 326 38.74 46.56 13.21
CA SER G 326 37.81 46.05 14.26
C SER G 326 38.33 44.80 14.99
N LEU G 327 37.64 44.43 16.08
CA LEU G 327 38.16 43.36 16.91
C LEU G 327 37.14 42.65 17.82
N GLY G 328 37.63 41.63 18.52
CA GLY G 328 36.85 40.87 19.47
C GLY G 328 36.02 39.77 18.82
N GLY G 329 35.81 39.88 17.52
CA GLY G 329 34.96 38.94 16.82
C GLY G 329 35.61 37.59 16.64
N VAL G 330 34.81 36.61 16.27
CA VAL G 330 35.30 35.25 16.11
C VAL G 330 36.36 35.11 15.01
N HIS G 331 36.34 36.02 14.02
CA HIS G 331 37.35 36.04 12.94
C HIS G 331 38.55 36.90 13.32
N SER G 332 39.73 36.28 13.37
CA SER G 332 40.96 37.02 13.61
C SER G 332 41.21 38.05 12.50
N LEU G 333 41.63 39.24 12.88
CA LEU G 333 41.88 40.32 11.94
C LEU G 333 43.32 40.82 12.04
N VAL G 334 43.85 41.29 10.92
CA VAL G 334 45.15 41.98 10.90
C VAL G 334 44.98 43.35 10.22
N GLU G 335 45.67 44.36 10.72
CA GLU G 335 45.74 45.67 10.05
C GLU G 335 47.01 46.40 10.43
N CYS G 336 47.49 47.24 9.54
CA CYS G 336 48.66 48.08 9.81
C CYS G 336 48.10 49.47 10.11
N PRO G 337 48.13 49.86 11.40
CA PRO G 337 47.59 51.15 11.83
C PRO G 337 48.15 52.31 11.02
N ALA G 338 49.44 52.24 10.66
CA ALA G 338 50.09 53.30 9.90
C ALA G 338 49.56 53.44 8.46
N LEU G 339 48.83 52.43 7.99
CA LEU G 339 48.21 52.51 6.68
C LEU G 339 46.69 52.64 6.81
N MSE G 340 46.13 52.01 7.83
CA MSE G 340 44.68 51.90 7.98
C MSE G 340 44.15 52.86 9.07
O MSE G 340 44.07 54.07 8.83
CB MSE G 340 44.29 50.42 8.22
CG MSE G 340 44.09 49.56 6.92
SE MSE G 340 44.89 47.73 6.91
CE MSE G 340 46.65 48.41 6.82
N THR G 341 43.81 52.34 10.25
CA THR G 341 43.30 53.15 11.38
C THR G 341 43.87 54.59 11.56
N HIS G 342 45.13 54.82 11.17
CA HIS G 342 45.80 56.10 11.48
C HIS G 342 46.42 56.89 10.32
N ARG G 343 45.91 56.73 9.11
CA ARG G 343 46.47 57.44 7.92
C ARG G 343 45.98 58.88 7.60
N PRO G 344 44.79 59.30 8.10
CA PRO G 344 44.49 60.73 8.00
C PRO G 344 45.63 61.58 8.56
N LEU G 345 45.98 61.32 9.81
CA LEU G 345 47.18 61.88 10.42
C LEU G 345 48.37 61.62 9.49
N SER G 346 49.33 62.53 9.49
CA SER G 346 50.42 62.54 8.53
C SER G 346 51.56 61.60 8.90
N ALA G 347 52.78 62.01 8.54
CA ALA G 347 53.98 61.22 8.82
C ALA G 347 54.64 61.65 10.12
N GLU G 348 54.99 62.92 10.21
CA GLU G 348 55.65 63.48 11.40
C GLU G 348 54.78 63.31 12.64
N ALA G 349 53.48 63.50 12.47
CA ALA G 349 52.54 63.25 13.56
C ALA G 349 52.68 61.79 14.01
N ARG G 350 52.77 60.88 13.04
CA ARG G 350 52.89 59.46 13.36
C ARG G 350 54.21 59.15 14.08
N ALA G 351 55.20 60.05 13.96
CA ALA G 351 56.40 59.97 14.81
C ALA G 351 55.97 60.17 16.25
N ARG G 352 56.43 61.21 16.95
CA ARG G 352 55.92 61.53 18.31
C ARG G 352 55.29 60.39 19.17
N ARG G 353 54.38 59.62 18.56
CA ARG G 353 53.57 58.59 19.24
C ARG G 353 54.21 57.20 19.41
N GLY G 354 55.15 56.84 18.52
CA GLY G 354 55.79 55.54 18.56
C GLY G 354 55.16 54.48 17.68
N ILE G 355 54.42 54.92 16.67
CA ILE G 355 53.74 54.01 15.77
C ILE G 355 54.35 54.06 14.35
N GLY G 356 55.31 53.19 14.09
CA GLY G 356 56.03 53.18 12.82
C GLY G 356 55.19 52.73 11.64
N GLU G 357 55.75 52.88 10.44
CA GLU G 357 55.04 52.44 9.23
C GLU G 357 54.92 50.92 9.15
N SER G 358 55.76 50.23 9.88
CA SER G 358 55.77 48.77 9.87
C SER G 358 55.16 48.12 11.10
N LEU G 359 54.46 48.90 11.91
CA LEU G 359 53.78 48.34 13.05
C LEU G 359 52.51 47.64 12.55
N ILE G 360 52.35 46.39 12.96
CA ILE G 360 51.23 45.54 12.54
C ILE G 360 50.46 45.15 13.79
N ARG G 361 49.14 45.05 13.68
CA ARG G 361 48.29 44.73 14.83
C ARG G 361 47.40 43.53 14.55
N LEU G 362 47.28 42.65 15.56
CA LEU G 362 46.48 41.44 15.46
C LEU G 362 45.39 41.39 16.53
N SER G 363 44.14 41.34 16.09
CA SER G 363 43.03 41.01 16.98
C SER G 363 42.78 39.52 16.83
N VAL G 364 43.00 38.78 17.91
CA VAL G 364 42.93 37.34 17.87
C VAL G 364 41.50 36.85 17.98
N GLY G 365 41.11 35.99 17.05
CA GLY G 365 39.80 35.36 17.09
C GLY G 365 39.86 34.00 17.76
N ILE G 366 38.85 33.17 17.51
CA ILE G 366 38.73 31.91 18.23
C ILE G 366 39.14 30.71 17.39
N GLU G 367 39.64 30.95 16.18
CA GLU G 367 40.10 29.87 15.31
C GLU G 367 41.18 29.02 15.99
N ASP G 368 41.43 27.85 15.42
CA ASP G 368 42.45 26.95 15.93
C ASP G 368 43.79 27.69 15.99
N PRO G 369 44.47 27.62 17.15
CA PRO G 369 45.70 28.38 17.39
C PRO G 369 46.81 28.09 16.38
N GLN G 370 47.05 26.84 16.02
CA GLN G 370 48.14 26.61 15.08
C GLN G 370 47.82 26.94 13.62
N ASP G 371 46.54 26.94 13.24
CA ASP G 371 46.19 27.47 11.94
C ASP G 371 46.62 28.93 11.89
N LEU G 372 46.30 29.68 12.96
CA LEU G 372 46.67 31.09 13.02
C LEU G 372 48.20 31.28 13.05
N ALA G 373 48.88 30.40 13.77
CA ALA G 373 50.33 30.43 13.85
C ALA G 373 50.97 30.18 12.47
N GLU G 374 50.46 29.18 11.75
CA GLU G 374 50.89 28.89 10.38
C GLU G 374 50.80 30.10 9.49
N ASP G 375 49.60 30.67 9.41
CA ASP G 375 49.30 31.76 8.49
C ASP G 375 50.27 32.92 8.78
N LEU G 376 50.35 33.29 10.06
CA LEU G 376 51.25 34.34 10.51
C LEU G 376 52.69 34.05 10.09
N SER G 377 53.13 32.81 10.33
CA SER G 377 54.50 32.42 10.00
C SER G 377 54.82 32.48 8.51
N ARG G 378 53.93 31.91 7.71
CA ARG G 378 54.12 31.86 6.26
C ARG G 378 54.08 33.27 5.65
N ALA G 379 53.26 34.13 6.22
CA ALA G 379 53.15 35.52 5.77
C ALA G 379 54.46 36.25 6.05
N LEU G 380 54.92 36.13 7.29
CA LEU G 380 56.19 36.76 7.69
C LEU G 380 57.36 36.23 6.86
N ALA G 381 57.34 34.93 6.54
CA ALA G 381 58.42 34.32 5.76
C ALA G 381 58.37 34.66 4.27
N GLY G 382 57.16 34.95 3.76
CA GLY G 382 56.95 35.07 2.32
C GLY G 382 57.49 33.83 1.61
N GLY G 383 58.24 34.04 0.52
CA GLY G 383 58.96 32.96 -0.11
C GLY G 383 58.17 32.12 -1.08
N GLY H 6 12.30 54.30 -15.67
CA GLY H 6 10.94 53.77 -15.62
C GLY H 6 10.44 53.69 -14.21
N MSE H 7 10.54 54.84 -13.51
CA MSE H 7 10.49 54.94 -12.05
C MSE H 7 9.70 56.14 -11.61
O MSE H 7 10.27 57.11 -11.10
CB MSE H 7 11.90 55.20 -11.56
CG MSE H 7 12.93 54.38 -12.28
SE MSE H 7 13.81 53.72 -10.78
CE MSE H 7 14.35 55.48 -10.13
N ARG H 8 8.39 56.10 -11.84
CA ARG H 8 7.47 57.04 -11.25
C ARG H 8 7.24 56.69 -9.79
N PHE H 9 6.51 57.56 -9.07
CA PHE H 9 6.42 57.47 -7.63
C PHE H 9 6.03 56.11 -7.00
N GLY H 10 4.96 55.47 -7.48
CA GLY H 10 4.52 54.19 -6.91
C GLY H 10 5.42 53.01 -7.28
N THR H 11 6.17 53.18 -8.34
CA THR H 11 7.21 52.24 -8.75
C THR H 11 8.47 52.49 -7.93
N ARG H 12 8.69 53.76 -7.56
CA ARG H 12 9.78 54.16 -6.66
C ARG H 12 9.81 53.37 -5.36
N LEU H 13 8.64 53.16 -4.77
CA LEU H 13 8.57 52.44 -3.51
C LEU H 13 9.12 51.02 -3.64
N VAL H 14 8.85 50.37 -4.76
CA VAL H 14 9.26 48.97 -4.93
C VAL H 14 10.70 48.80 -5.40
N HIS H 15 11.12 49.66 -6.32
CA HIS H 15 12.40 49.49 -7.00
C HIS H 15 13.48 50.50 -6.60
N GLY H 16 13.08 51.53 -5.86
CA GLY H 16 14.02 52.49 -5.33
C GLY H 16 15.17 51.79 -4.62
N GLY H 17 16.39 51.99 -5.13
CA GLY H 17 17.58 51.46 -4.50
C GLY H 17 17.66 49.93 -4.45
N ARG H 18 16.94 49.24 -5.32
CA ARG H 18 16.93 47.79 -5.19
C ARG H 18 18.22 47.18 -5.75
N ARG H 19 19.26 47.22 -4.93
CA ARG H 19 20.57 46.80 -5.38
C ARG H 19 20.59 45.42 -6.01
N PRO H 20 21.25 45.30 -7.18
CA PRO H 20 21.47 44.03 -7.85
C PRO H 20 22.43 43.16 -7.06
N SER H 21 22.32 41.86 -7.28
CA SER H 21 23.27 40.91 -6.74
C SER H 21 23.80 40.10 -7.92
N ALA H 22 24.93 40.53 -8.46
CA ALA H 22 25.57 39.77 -9.52
C ALA H 22 25.86 38.38 -8.97
N GLY H 23 25.88 37.39 -9.84
CA GLY H 23 26.22 36.04 -9.42
C GLY H 23 25.05 35.25 -8.87
N THR H 24 24.10 35.93 -8.25
CA THR H 24 22.98 35.18 -7.68
C THR H 24 21.62 35.74 -8.10
N GLY H 25 21.59 37.03 -8.39
CA GLY H 25 20.40 37.65 -8.94
C GLY H 25 19.21 37.79 -8.01
N ASP H 26 19.46 37.82 -6.71
CA ASP H 26 18.40 37.98 -5.69
C ASP H 26 17.50 39.17 -6.04
N VAL H 27 16.18 38.97 -6.02
CA VAL H 27 15.25 40.08 -6.22
C VAL H 27 15.23 41.03 -5.02
N VAL H 28 15.00 40.48 -3.83
CA VAL H 28 15.14 41.25 -2.59
C VAL H 28 16.62 41.26 -2.18
N PRO H 29 17.26 42.43 -2.22
CA PRO H 29 18.69 42.47 -1.88
C PRO H 29 18.95 41.88 -0.48
N PRO H 30 20.04 41.11 -0.34
CA PRO H 30 20.29 40.41 0.92
C PRO H 30 20.63 41.40 2.03
N ILE H 31 20.51 40.96 3.29
CA ILE H 31 20.75 41.86 4.42
C ILE H 31 22.22 41.78 4.86
N HIS H 32 22.97 42.86 4.66
CA HIS H 32 24.37 42.91 5.06
C HIS H 32 24.47 43.27 6.53
N VAL H 33 24.61 42.27 7.38
CA VAL H 33 24.76 42.50 8.80
C VAL H 33 26.22 42.71 9.21
N SER H 34 27.17 42.40 8.34
CA SER H 34 28.59 42.49 8.71
C SER H 34 28.99 43.92 9.12
N THR H 35 29.72 44.04 10.21
CA THR H 35 30.26 45.33 10.63
C THR H 35 31.66 45.48 10.08
N THR H 36 32.16 44.40 9.51
CA THR H 36 33.57 44.25 9.16
C THR H 36 33.71 43.93 7.68
N TYR H 37 34.72 44.48 7.02
CA TYR H 37 34.95 44.22 5.59
C TYR H 37 36.40 43.89 5.26
N GLU H 38 36.57 42.83 4.48
CA GLU H 38 37.86 42.47 3.90
C GLU H 38 38.19 43.56 2.87
N ARG H 39 39.39 44.13 2.96
CA ARG H 39 39.78 45.33 2.21
C ARG H 39 40.61 45.10 0.93
N ARG H 40 41.52 44.14 0.98
CA ARG H 40 42.46 43.92 -0.12
C ARG H 40 41.77 43.21 -1.29
N ALA H 41 40.57 42.72 -1.02
CA ALA H 41 39.87 41.85 -1.94
C ALA H 41 38.50 42.42 -2.17
N GLN H 42 38.43 43.76 -2.23
CA GLN H 42 37.14 44.47 -2.33
C GLN H 42 36.96 45.21 -3.64
N ASP H 43 38.04 45.29 -4.42
CA ASP H 43 38.03 45.79 -5.80
C ASP H 43 38.05 47.31 -6.01
N GLU H 44 37.19 48.03 -5.30
CA GLU H 44 37.17 49.49 -5.35
C GLU H 44 36.75 50.03 -3.98
N PRO H 45 37.74 50.39 -3.15
CA PRO H 45 37.59 50.58 -1.69
C PRO H 45 36.72 51.74 -1.23
N ARG H 46 35.46 51.39 -0.91
CA ARG H 46 34.44 52.26 -0.35
C ARG H 46 34.01 51.75 1.05
N TYR H 47 33.93 50.43 1.24
CA TYR H 47 33.41 49.84 2.48
C TYR H 47 34.51 49.45 3.46
N PHE H 48 34.49 50.05 4.64
CA PHE H 48 35.57 49.88 5.60
C PHE H 48 34.99 49.30 6.91
N TYR H 49 33.97 49.97 7.43
CA TYR H 49 33.40 49.64 8.72
C TYR H 49 31.92 50.05 8.81
N GLY H 50 31.12 49.22 9.49
CA GLY H 50 29.67 49.28 9.46
C GLY H 50 28.98 50.48 10.11
N ARG H 51 29.71 51.25 10.92
CA ARG H 51 29.16 52.52 11.38
C ARG H 51 29.19 53.48 10.20
N GLY H 52 30.31 53.50 9.47
CA GLY H 52 30.43 54.32 8.28
C GLY H 52 29.75 53.78 7.03
N GLU H 53 29.93 52.49 6.75
CA GLU H 53 29.52 51.92 5.46
C GLU H 53 28.67 50.69 5.63
N ASN H 54 27.51 50.69 4.96
CA ASN H 54 26.65 49.51 4.89
C ASN H 54 25.79 49.57 3.65
N PRO H 55 25.90 48.56 2.77
CA PRO H 55 25.09 48.53 1.56
C PRO H 55 23.59 48.58 1.85
N THR H 56 23.09 47.81 2.83
CA THR H 56 21.65 47.76 3.09
C THR H 56 21.10 49.13 3.54
N ARG H 57 21.84 49.83 4.38
CA ARG H 57 21.43 51.18 4.73
C ARG H 57 21.44 52.13 3.52
N GLU H 58 22.44 51.99 2.65
CA GLU H 58 22.50 52.78 1.42
C GLU H 58 21.30 52.51 0.51
N GLU H 59 20.80 51.28 0.51
CA GLU H 59 19.65 50.91 -0.32
C GLU H 59 18.40 51.67 0.13
N LEU H 60 18.18 51.65 1.43
CA LEU H 60 17.06 52.37 2.03
C LEU H 60 17.20 53.87 1.72
N GLU H 61 18.39 54.42 1.94
CA GLU H 61 18.66 55.83 1.62
C GLU H 61 18.41 56.13 0.15
N GLU H 62 18.91 55.28 -0.75
CA GLU H 62 18.64 55.47 -2.17
C GLU H 62 17.13 55.51 -2.42
N CYS H 63 16.39 54.61 -1.79
CA CYS H 63 14.94 54.64 -1.96
C CYS H 63 14.31 55.93 -1.44
N LEU H 64 14.63 56.31 -0.21
CA LEU H 64 14.02 57.50 0.39
C LEU H 64 14.29 58.75 -0.47
N ALA H 65 15.53 58.89 -0.95
CA ALA H 65 15.86 60.03 -1.82
C ALA H 65 15.03 60.04 -3.10
N GLY H 66 14.73 58.83 -3.61
CA GLY H 66 13.97 58.68 -4.83
C GLY H 66 12.54 59.18 -4.74
N LEU H 67 11.93 59.00 -3.56
CA LEU H 67 10.56 59.44 -3.32
C LEU H 67 10.37 60.96 -3.47
N GLU H 68 11.47 61.70 -3.37
CA GLU H 68 11.38 63.15 -3.48
C GLU H 68 12.25 63.70 -4.60
N ARG H 69 12.70 62.81 -5.49
CA ARG H 69 13.48 63.23 -6.64
C ARG H 69 14.74 63.97 -6.19
N ALA H 70 15.27 63.63 -5.01
CA ALA H 70 16.41 64.35 -4.42
C ALA H 70 17.74 63.64 -4.64
N PRO H 71 18.86 64.39 -4.58
CA PRO H 71 20.11 63.66 -4.81
C PRO H 71 20.65 62.93 -3.58
N PHE H 72 20.12 63.20 -2.38
CA PHE H 72 20.67 62.63 -1.15
C PHE H 72 19.61 62.23 -0.14
N ALA H 73 19.96 61.21 0.65
CA ALA H 73 19.22 60.94 1.88
C ALA H 73 20.12 60.26 2.90
N THR H 74 19.80 60.43 4.18
CA THR H 74 20.56 59.81 5.26
C THR H 74 19.62 59.26 6.33
N VAL H 75 19.84 58.02 6.76
CA VAL H 75 18.97 57.45 7.79
C VAL H 75 19.65 57.32 9.14
N PHE H 76 18.83 57.26 10.18
CA PHE H 76 19.27 57.35 11.56
C PHE H 76 18.50 56.32 12.40
N SER H 77 19.01 56.01 13.58
CA SER H 77 18.34 55.04 14.45
C SER H 77 16.96 55.50 14.95
N SER H 78 16.66 56.80 14.85
CA SER H 78 15.33 57.31 15.21
C SER H 78 15.09 58.68 14.59
N GLY H 79 13.81 59.08 14.48
CA GLY H 79 13.44 60.43 14.09
C GLY H 79 14.13 61.51 14.91
N GLN H 80 14.11 61.36 16.24
CA GLN H 80 14.83 62.26 17.14
C GLN H 80 16.32 62.41 16.76
N ALA H 81 16.96 61.32 16.35
CA ALA H 81 18.37 61.37 15.96
C ALA H 81 18.57 62.13 14.64
N ALA H 82 17.63 62.00 13.72
CA ALA H 82 17.63 62.79 12.50
C ALA H 82 17.50 64.30 12.83
N ALA H 83 16.62 64.62 13.77
CA ALA H 83 16.44 66.01 14.21
C ALA H 83 17.67 66.53 14.96
N ALA H 84 18.23 65.68 15.82
CA ALA H 84 19.42 66.01 16.59
C ALA H 84 20.57 66.38 15.67
N THR H 85 20.70 65.63 14.58
CA THR H 85 21.83 65.78 13.67
C THR H 85 21.77 67.11 12.93
N LEU H 86 20.60 67.43 12.40
CA LEU H 86 20.41 68.66 11.64
C LEU H 86 20.62 69.89 12.53
N LEU H 87 20.04 69.87 13.71
CA LEU H 87 20.10 71.00 14.62
C LEU H 87 21.53 71.22 15.14
N SER H 88 22.34 70.15 15.12
CA SER H 88 23.74 70.24 15.53
C SER H 88 24.52 71.22 14.66
N LEU H 89 24.05 71.45 13.43
CA LEU H 89 24.71 72.38 12.52
C LEU H 89 24.30 73.83 12.77
N VAL H 90 23.51 74.07 13.80
CA VAL H 90 23.24 75.46 14.22
C VAL H 90 24.24 75.88 15.29
N ARG H 91 25.08 76.86 14.95
CA ARG H 91 26.15 77.31 15.86
C ARG H 91 25.59 78.04 17.07
N PRO H 92 26.38 78.16 18.15
CA PRO H 92 26.10 79.08 19.26
C PRO H 92 25.51 80.38 18.78
N GLY H 93 24.62 80.97 19.57
CA GLY H 93 24.24 82.36 19.36
C GLY H 93 23.40 82.61 18.12
N GLN H 94 23.44 81.68 17.16
CA GLN H 94 22.62 81.79 15.98
C GLN H 94 21.17 81.56 16.37
N CYS H 95 20.24 81.83 15.45
CA CYS H 95 18.84 81.68 15.75
C CYS H 95 18.11 80.65 14.88
N VAL H 96 17.23 79.89 15.52
CA VAL H 96 16.28 79.01 14.86
C VAL H 96 14.86 79.47 15.16
N VAL H 97 14.18 80.04 14.19
CA VAL H 97 12.77 80.38 14.38
C VAL H 97 11.89 79.16 14.18
N SER H 98 11.14 78.82 15.22
CA SER H 98 10.18 77.73 15.13
C SER H 98 8.82 78.25 15.62
N THR H 99 8.05 77.38 16.25
CA THR H 99 6.69 77.69 16.69
C THR H 99 6.47 76.93 18.00
N ASP H 100 5.75 77.50 18.97
CA ASP H 100 5.21 76.64 20.03
C ASP H 100 4.15 75.87 19.27
N ASP H 101 4.09 74.56 19.49
CA ASP H 101 3.25 73.58 18.74
C ASP H 101 4.06 72.68 17.79
N VAL H 102 5.37 72.62 18.00
CA VAL H 102 6.17 71.55 17.42
C VAL H 102 6.17 70.40 18.41
N TYR H 103 6.47 69.21 17.92
CA TYR H 103 6.64 68.05 18.77
C TYR H 103 7.49 68.34 20.01
N ALA H 104 7.00 67.88 21.16
CA ALA H 104 7.72 67.94 22.42
C ALA H 104 9.16 67.41 22.33
N GLY H 105 9.39 66.42 21.49
CA GLY H 105 10.75 65.90 21.30
C GLY H 105 11.64 66.98 20.67
N THR H 106 11.19 67.53 19.54
CA THR H 106 11.84 68.66 18.91
C THR H 106 11.97 69.79 19.95
N ASP H 107 10.93 69.97 20.74
CA ASP H 107 10.96 70.86 21.91
C ASP H 107 12.09 70.44 22.87
N GLY H 108 12.26 69.14 23.04
CA GLY H 108 13.29 68.62 23.93
C GLY H 108 14.69 68.88 23.41
N LEU H 109 14.83 68.94 22.08
CA LEU H 109 16.11 69.22 21.45
C LEU H 109 16.47 70.71 21.36
N PHE H 110 15.51 71.53 20.92
CA PHE H 110 15.68 72.99 20.87
C PHE H 110 16.34 73.54 22.12
N ASP H 111 16.12 72.86 23.24
CA ASP H 111 16.74 73.30 24.49
C ASP H 111 18.27 73.12 24.52
N LEU H 112 18.76 71.94 24.14
CA LEU H 112 20.20 71.70 24.13
C LEU H 112 20.92 72.74 23.25
N ALA H 113 20.37 72.99 22.08
CA ALA H 113 20.89 74.04 21.20
C ALA H 113 20.94 75.38 21.94
N ALA H 114 19.81 75.74 22.56
CA ALA H 114 19.78 76.88 23.46
C ALA H 114 20.70 76.65 24.65
N ARG H 115 20.72 75.42 25.18
CA ARG H 115 21.62 75.09 26.28
C ARG H 115 23.06 75.14 25.81
N GLN H 116 23.25 75.06 24.51
CA GLN H 116 24.55 75.31 23.91
C GLN H 116 24.63 76.78 23.49
N GLY H 117 23.57 77.54 23.76
CA GLY H 117 23.59 78.97 23.50
C GLY H 117 22.93 79.46 22.22
N VAL H 118 22.23 78.58 21.53
CA VAL H 118 21.52 78.97 20.29
C VAL H 118 20.19 79.66 20.63
N ARG H 119 19.89 80.78 19.98
CA ARG H 119 18.59 81.41 20.24
C ARG H 119 17.45 80.63 19.57
N VAL H 120 16.46 80.23 20.35
CA VAL H 120 15.26 79.62 19.80
C VAL H 120 14.08 80.60 19.87
N ARG H 121 13.65 81.13 18.70
CA ARG H 121 12.48 82.01 18.68
C ARG H 121 11.26 81.26 18.18
N TYR H 122 10.24 81.20 19.03
CA TYR H 122 8.93 80.71 18.63
C TYR H 122 8.15 81.87 18.00
N ALA H 123 7.17 81.54 17.15
CA ALA H 123 6.34 82.56 16.50
C ALA H 123 5.20 81.90 15.76
N ASP H 124 4.14 82.63 15.43
CA ASP H 124 3.15 82.02 14.54
C ASP H 124 3.51 82.24 13.08
N LEU H 125 3.63 81.15 12.34
CA LEU H 125 4.03 81.19 10.94
C LEU H 125 2.84 81.05 9.98
N THR H 126 1.63 80.93 10.52
CA THR H 126 0.46 80.59 9.70
C THR H 126 -0.20 81.83 9.14
N THR H 127 0.36 82.98 9.47
CA THR H 127 -0.15 84.26 9.02
C THR H 127 1.03 85.13 8.57
N PRO H 128 0.80 86.04 7.61
CA PRO H 128 1.88 86.84 7.01
C PRO H 128 2.58 87.76 8.02
N GLU H 129 1.80 88.36 8.92
CA GLU H 129 2.36 89.30 9.89
C GLU H 129 3.10 88.58 11.02
N GLY H 130 2.88 87.28 11.15
CA GLY H 130 3.68 86.50 12.06
C GLY H 130 5.03 86.21 11.42
N ILE H 131 4.97 85.83 10.15
CA ILE H 131 6.12 85.31 9.41
C ILE H 131 7.14 86.39 9.16
N ALA H 132 6.67 87.53 8.69
CA ALA H 132 7.51 88.66 8.36
C ALA H 132 8.37 89.09 9.55
N ALA H 133 7.73 89.26 10.70
CA ALA H 133 8.43 89.70 11.90
C ALA H 133 9.40 88.63 12.37
N ALA H 134 8.91 87.40 12.45
CA ALA H 134 9.69 86.28 12.97
C ALA H 134 10.93 86.01 12.14
N LEU H 135 10.84 86.25 10.83
CA LEU H 135 11.99 86.03 9.98
C LEU H 135 12.81 87.30 9.81
N ALA H 136 12.41 88.35 10.52
CA ALA H 136 13.23 89.55 10.65
C ALA H 136 14.16 89.38 11.85
N GLU H 137 14.41 88.13 12.23
CA GLU H 137 15.17 87.77 13.41
C GLU H 137 16.65 87.57 13.07
N PRO H 138 17.55 88.16 13.87
CA PRO H 138 19.00 88.14 13.58
C PRO H 138 19.65 86.76 13.61
N ASP H 139 20.64 86.57 12.73
CA ASP H 139 21.34 85.30 12.58
C ASP H 139 20.38 84.14 12.40
N LEU H 140 19.48 84.28 11.43
CA LEU H 140 18.50 83.25 11.14
C LEU H 140 19.15 82.12 10.34
N ALA H 141 19.51 81.04 11.03
CA ALA H 141 20.18 79.91 10.37
C ALA H 141 19.22 78.79 9.98
N LEU H 142 18.07 78.72 10.65
CA LEU H 142 17.20 77.57 10.46
C LEU H 142 15.74 77.89 10.76
N VAL H 143 14.86 77.50 9.85
CA VAL H 143 13.43 77.58 10.06
C VAL H 143 12.82 76.17 10.10
N TRP H 144 12.23 75.82 11.23
CA TRP H 144 11.80 74.47 11.48
C TRP H 144 10.28 74.36 11.38
N ILE H 145 9.82 73.87 10.25
CA ILE H 145 8.39 73.78 9.98
C ILE H 145 7.86 72.37 10.22
N GLU H 146 6.89 72.24 11.11
CA GLU H 146 6.19 70.96 11.27
C GLU H 146 4.75 71.15 10.83
N THR H 147 4.36 70.54 9.71
CA THR H 147 3.05 70.80 9.13
C THR H 147 2.48 69.58 8.42
N PRO H 148 1.21 69.23 8.72
CA PRO H 148 0.35 69.80 9.75
C PRO H 148 0.92 69.60 11.15
N THR H 149 0.47 70.43 12.11
CA THR H 149 0.91 70.29 13.49
C THR H 149 0.01 69.29 14.22
N ASN H 150 0.42 68.90 15.42
CA ASN H 150 -0.28 67.87 16.17
C ASN H 150 -0.50 68.44 17.57
N PRO H 151 -1.73 68.32 18.11
CA PRO H 151 -2.89 67.59 17.57
C PRO H 151 -3.95 68.48 16.90
N LEU H 152 -3.73 69.78 16.80
CA LEU H 152 -4.77 70.67 16.28
C LEU H 152 -4.82 70.73 14.75
N LEU H 153 -3.78 70.23 14.10
CA LEU H 153 -3.76 70.07 12.66
C LEU H 153 -3.81 71.40 11.91
N THR H 154 -3.25 72.45 12.52
CA THR H 154 -3.04 73.68 11.79
C THR H 154 -1.91 73.43 10.78
N VAL H 155 -1.75 74.37 9.86
CA VAL H 155 -0.92 74.14 8.70
C VAL H 155 -0.15 75.41 8.34
N VAL H 156 1.08 75.24 7.87
CA VAL H 156 1.93 76.36 7.48
C VAL H 156 2.29 76.23 5.99
N ASP H 157 2.23 77.34 5.27
CA ASP H 157 2.57 77.39 3.85
C ASP H 157 4.07 77.23 3.65
N VAL H 158 4.51 76.01 3.35
CA VAL H 158 5.93 75.75 3.15
C VAL H 158 6.59 76.67 2.10
N ALA H 159 5.93 76.82 0.95
CA ALA H 159 6.53 77.60 -0.14
C ALA H 159 6.69 79.08 0.23
N GLU H 160 5.71 79.62 0.95
CA GLU H 160 5.79 81.01 1.37
C GLU H 160 6.94 81.21 2.36
N VAL H 161 6.96 80.40 3.43
CA VAL H 161 8.01 80.54 4.43
C VAL H 161 9.38 80.38 3.79
N SER H 162 9.51 79.39 2.91
CA SER H 162 10.77 79.12 2.24
C SER H 162 11.21 80.29 1.37
N ARG H 163 10.26 80.88 0.65
CA ARG H 163 10.55 82.04 -0.19
C ARG H 163 11.23 83.14 0.63
N ARG H 164 10.70 83.38 1.83
CA ARG H 164 11.19 84.46 2.68
C ARG H 164 12.45 84.10 3.48
N ALA H 165 12.53 82.86 3.94
CA ALA H 165 13.70 82.45 4.71
C ALA H 165 14.93 82.45 3.81
N HIS H 166 14.71 82.14 2.54
CA HIS H 166 15.78 82.10 1.55
C HIS H 166 16.26 83.50 1.18
N GLU H 167 15.44 84.49 1.49
CA GLU H 167 15.87 85.87 1.36
C GLU H 167 16.85 86.22 2.49
N ARG H 168 16.75 85.47 3.59
CA ARG H 168 17.59 85.69 4.76
C ARG H 168 18.71 84.66 4.90
N GLY H 169 19.04 83.98 3.80
CA GLY H 169 20.07 82.96 3.82
C GLY H 169 19.82 81.83 4.82
N ALA H 170 18.55 81.60 5.15
CA ALA H 170 18.21 80.58 6.13
C ALA H 170 18.00 79.22 5.47
N ARG H 171 18.31 78.16 6.22
CA ARG H 171 17.94 76.81 5.83
C ARG H 171 16.52 76.55 6.31
N VAL H 172 15.75 75.79 5.53
CA VAL H 172 14.37 75.50 5.88
C VAL H 172 14.13 74.00 5.95
N VAL H 173 13.70 73.52 7.11
CA VAL H 173 13.40 72.10 7.26
C VAL H 173 11.90 71.90 7.50
N VAL H 174 11.36 70.87 6.88
CA VAL H 174 9.98 70.47 7.16
C VAL H 174 9.96 69.09 7.79
N ASP H 175 9.45 69.01 9.01
CA ASP H 175 9.21 67.71 9.63
C ASP H 175 7.97 67.19 8.92
N ASN H 176 8.18 66.27 7.97
CA ASN H 176 7.13 65.77 7.11
C ASN H 176 6.58 64.40 7.58
N THR H 177 6.84 64.08 8.84
CA THR H 177 6.40 62.82 9.43
C THR H 177 4.89 62.59 9.32
N PHE H 178 4.11 63.60 9.69
CA PHE H 178 2.65 63.54 9.64
C PHE H 178 2.14 63.10 8.25
N ALA H 179 2.57 63.81 7.22
CA ALA H 179 1.97 63.65 5.90
C ALA H 179 2.52 62.45 5.14
N SER H 180 3.83 62.21 5.27
CA SER H 180 4.59 61.29 4.43
C SER H 180 4.84 61.90 3.06
N PRO H 181 5.91 61.43 2.38
CA PRO H 181 6.23 61.91 1.03
C PRO H 181 5.16 61.55 0.00
N VAL H 182 4.22 60.68 0.37
CA VAL H 182 3.10 60.32 -0.49
C VAL H 182 2.12 61.48 -0.65
N LEU H 183 2.01 62.32 0.37
CA LEU H 183 1.01 63.39 0.38
C LEU H 183 1.62 64.77 0.30
N GLN H 184 2.89 64.88 0.67
CA GLN H 184 3.53 66.20 0.78
C GLN H 184 5.01 66.10 0.41
N GLN H 185 5.45 66.97 -0.50
CA GLN H 185 6.82 66.98 -1.01
C GLN H 185 7.54 68.31 -0.70
N PRO H 186 8.05 68.46 0.54
CA PRO H 186 8.62 69.72 1.00
C PRO H 186 9.72 70.31 0.11
N LEU H 187 10.54 69.47 -0.51
CA LEU H 187 11.61 69.98 -1.38
C LEU H 187 11.06 70.62 -2.65
N ALA H 188 10.01 70.01 -3.22
CA ALA H 188 9.34 70.56 -4.38
C ALA H 188 8.65 71.85 -4.01
N LEU H 189 8.23 71.93 -2.75
CA LEU H 189 7.58 73.12 -2.23
C LEU H 189 8.57 74.22 -1.94
N GLY H 190 9.84 73.89 -1.80
CA GLY H 190 10.87 74.92 -1.63
C GLY H 190 11.76 74.79 -0.41
N ALA H 191 11.49 73.81 0.45
CA ALA H 191 12.32 73.58 1.62
C ALA H 191 13.69 73.00 1.23
N ASP H 192 14.63 73.00 2.18
CA ASP H 192 15.96 72.44 1.95
C ASP H 192 16.08 71.00 2.42
N VAL H 193 15.30 70.65 3.45
CA VAL H 193 15.41 69.34 4.08
C VAL H 193 14.02 68.84 4.45
N SER H 194 13.76 67.56 4.19
CA SER H 194 12.57 66.89 4.70
C SER H 194 13.00 65.96 5.83
N LEU H 195 12.39 66.12 7.00
CA LEU H 195 12.74 65.28 8.15
C LEU H 195 11.64 64.26 8.43
N TYR H 196 12.04 63.03 8.73
CA TYR H 196 11.08 61.95 8.99
C TYR H 196 11.39 61.14 10.24
N SER H 197 10.34 60.83 10.99
CA SER H 197 10.35 59.69 11.88
C SER H 197 9.84 58.47 11.12
N THR H 198 10.75 57.74 10.48
CA THR H 198 10.37 56.52 9.76
C THR H 198 9.77 55.48 10.72
N THR H 199 9.95 55.69 12.02
CA THR H 199 9.22 54.94 13.04
C THR H 199 7.72 54.98 12.79
N1 LLP H 200 8.36 64.13 14.67
C2 LLP H 200 7.08 63.77 14.68
C2' LLP H 200 6.03 64.66 13.93
C3 LLP H 200 6.68 62.60 15.36
O3 LLP H 200 5.33 62.23 15.37
C4 LLP H 200 7.60 61.81 16.03
C4' LLP H 200 7.07 60.48 16.78
C5 LLP H 200 8.93 62.20 16.03
C6 LLP H 200 9.31 63.36 15.34
C5' LLP H 200 10.07 61.40 16.76
OP4 LLP H 200 10.67 60.40 15.99
P LLP H 200 11.22 59.11 16.68
OP1 LLP H 200 11.37 58.07 15.57
OP2 LLP H 200 12.51 59.38 17.32
OP3 LLP H 200 10.26 58.65 17.70
N LLP H 200 7.25 56.07 12.18
CA LLP H 200 5.80 56.24 11.90
CB LLP H 200 5.44 57.71 11.97
CG LLP H 200 6.02 58.36 13.24
CD LLP H 200 5.39 57.88 14.55
CE LLP H 200 6.17 58.40 15.82
NZ LLP H 200 5.97 59.86 16.05
C LLP H 200 5.41 55.58 10.62
O LLP H 200 5.80 54.44 10.37
N SER H 201 4.64 56.28 9.77
CA SER H 201 4.02 55.65 8.60
C SER H 201 4.94 55.10 7.53
N ILE H 202 6.19 55.60 7.46
CA ILE H 202 7.11 55.09 6.42
C ILE H 202 7.37 53.58 6.64
N ALA H 203 7.84 53.22 7.82
CA ALA H 203 7.99 51.79 8.11
C ALA H 203 6.60 51.17 8.23
N GLY H 204 5.75 51.79 9.04
CA GLY H 204 4.32 51.53 8.99
C GLY H 204 3.75 50.36 9.76
N HIS H 205 4.60 49.56 10.41
CA HIS H 205 4.13 48.33 11.04
C HIS H 205 4.33 48.34 12.55
N ALA H 206 4.72 49.49 13.06
CA ALA H 206 5.01 49.67 14.48
C ALA H 206 6.00 48.64 15.04
N ASP H 207 7.06 48.34 14.28
CA ASP H 207 8.01 47.30 14.72
C ASP H 207 9.50 47.61 14.54
N VAL H 208 9.82 48.90 14.49
CA VAL H 208 11.19 49.36 14.30
C VAL H 208 11.25 50.89 14.48
N LEU H 209 12.29 51.39 15.13
CA LEU H 209 12.53 52.82 15.26
C LEU H 209 13.50 53.26 14.17
N GLY H 210 13.39 54.52 13.75
CA GLY H 210 14.27 55.04 12.70
C GLY H 210 13.93 56.47 12.30
N GLY H 211 14.93 57.16 11.77
CA GLY H 211 14.78 58.52 11.28
C GLY H 211 15.43 58.69 9.92
N ALA H 212 15.12 59.81 9.25
CA ALA H 212 15.62 60.09 7.91
C ALA H 212 15.71 61.60 7.65
N LEU H 213 16.73 62.01 6.89
CA LEU H 213 16.85 63.35 6.35
C LEU H 213 17.03 63.24 4.85
N VAL H 214 16.17 63.91 4.09
CA VAL H 214 16.26 63.95 2.63
C VAL H 214 16.44 65.41 2.19
N TYR H 215 17.36 65.63 1.25
CA TYR H 215 17.84 66.99 0.98
C TYR H 215 18.67 67.02 -0.30
N ARG H 216 19.08 68.21 -0.72
CA ARG H 216 19.78 68.32 -1.98
C ARG H 216 21.21 68.88 -1.88
N ASP H 217 21.54 69.53 -0.77
CA ASP H 217 22.84 70.22 -0.67
C ASP H 217 24.04 69.31 -0.43
N ALA H 218 25.03 69.41 -1.30
CA ALA H 218 26.22 68.58 -1.22
C ALA H 218 27.02 68.85 0.04
N ASP H 219 27.19 70.11 0.40
CA ASP H 219 27.94 70.45 1.60
C ASP H 219 27.18 69.99 2.85
N LEU H 220 25.87 70.16 2.85
CA LEU H 220 25.04 69.67 3.95
C LEU H 220 25.24 68.16 4.13
N HIS H 221 25.15 67.42 3.01
CA HIS H 221 25.35 65.98 3.01
C HIS H 221 26.65 65.59 3.73
N ALA H 222 27.73 66.29 3.40
CA ALA H 222 29.02 65.99 4.00
C ALA H 222 28.98 66.18 5.52
N ALA H 223 28.37 67.27 5.97
CA ALA H 223 28.25 67.53 7.41
C ALA H 223 27.31 66.53 8.09
N VAL H 224 26.23 66.18 7.43
CA VAL H 224 25.27 65.23 7.96
C VAL H 224 25.96 63.89 8.17
N ARG H 225 26.64 63.41 7.13
CA ARG H 225 27.34 62.15 7.22
C ARG H 225 28.42 62.18 8.29
N ALA H 226 29.22 63.24 8.31
CA ALA H 226 30.28 63.37 9.31
C ALA H 226 29.71 63.27 10.73
N TYR H 227 28.60 63.95 10.98
CA TYR H 227 27.99 63.92 12.30
C TYR H 227 27.48 62.52 12.67
N ARG H 228 26.83 61.84 11.73
CA ARG H 228 26.31 60.52 12.03
C ARG H 228 27.44 59.54 12.37
N THR H 229 28.54 59.60 11.62
CA THR H 229 29.62 58.64 11.88
C THR H 229 30.32 58.92 13.22
N THR H 230 30.48 60.19 13.55
CA THR H 230 31.08 60.57 14.82
C THR H 230 30.13 60.39 16.02
N ALA H 231 28.89 60.84 15.90
CA ALA H 231 27.94 60.66 16.98
C ALA H 231 27.44 59.20 17.06
N GLY H 232 27.54 58.47 15.96
CA GLY H 232 27.15 57.07 15.93
C GLY H 232 25.66 56.78 16.11
N ASN H 233 24.81 57.72 15.67
CA ASN H 233 23.38 57.52 15.81
C ASN H 233 22.78 56.78 14.61
N VAL H 234 23.49 55.69 14.23
CA VAL H 234 23.22 54.88 13.05
C VAL H 234 22.21 53.75 13.36
N PRO H 235 21.35 53.38 12.39
CA PRO H 235 20.45 52.25 12.64
C PRO H 235 21.13 50.93 12.33
N GLY H 236 20.59 49.82 12.82
CA GLY H 236 21.08 48.52 12.44
C GLY H 236 20.55 48.07 11.08
N ALA H 237 21.23 47.07 10.51
CA ALA H 237 20.87 46.58 9.18
C ALA H 237 19.48 45.93 9.15
N LEU H 238 19.17 45.10 10.14
CA LEU H 238 17.86 44.46 10.23
C LEU H 238 16.74 45.49 10.36
N ASP H 239 17.01 46.58 11.09
CA ASP H 239 16.08 47.70 11.19
C ASP H 239 15.78 48.29 9.80
N CYS H 240 16.82 48.73 9.08
CA CYS H 240 16.69 49.28 7.72
C CYS H 240 15.85 48.39 6.79
N PHE H 241 16.18 47.08 6.79
CA PHE H 241 15.38 46.08 6.09
C PHE H 241 13.89 46.16 6.45
N LEU H 242 13.56 46.22 7.74
CA LEU H 242 12.15 46.31 8.14
C LEU H 242 11.55 47.64 7.65
N VAL H 243 12.31 48.72 7.81
CA VAL H 243 11.89 49.99 7.24
C VAL H 243 11.70 49.87 5.74
N ARG H 244 12.74 49.36 5.04
CA ARG H 244 12.65 49.18 3.58
C ARG H 244 11.47 48.30 3.23
N ARG H 245 11.26 47.23 4.00
CA ARG H 245 10.14 46.29 3.71
C ARG H 245 8.79 46.98 3.83
N GLY H 246 8.62 47.84 4.84
CA GLY H 246 7.39 48.60 4.99
C GLY H 246 7.14 49.56 3.83
N LEU H 247 8.23 50.10 3.28
CA LEU H 247 8.15 51.12 2.23
C LEU H 247 7.38 50.69 0.99
N HIS H 248 7.53 49.43 0.59
CA HIS H 248 6.83 48.91 -0.58
C HIS H 248 5.34 49.30 -0.57
N THR H 249 4.70 49.20 0.59
CA THR H 249 3.27 49.42 0.66
C THR H 249 2.83 50.84 1.08
N LEU H 250 3.77 51.78 1.17
CA LEU H 250 3.47 53.10 1.74
C LEU H 250 2.32 53.86 1.07
N SER H 251 2.32 53.95 -0.25
CA SER H 251 1.24 54.71 -0.88
C SER H 251 -0.09 53.95 -0.85
N LEU H 252 -0.03 52.62 -0.77
CA LEU H 252 -1.23 51.81 -0.59
C LEU H 252 -1.87 52.04 0.79
N ARG H 253 -1.05 51.99 1.84
CA ARG H 253 -1.52 52.17 3.20
C ARG H 253 -2.08 53.58 3.43
N VAL H 254 -1.28 54.60 3.10
CA VAL H 254 -1.68 56.00 3.28
C VAL H 254 -3.05 56.33 2.69
N HIS H 255 -3.32 55.91 1.46
CA HIS H 255 -4.57 56.30 0.82
C HIS H 255 -5.77 55.59 1.44
N ARG H 256 -5.55 54.35 1.84
CA ARG H 256 -6.55 53.60 2.55
C ARG H 256 -6.79 54.23 3.93
N GLN H 257 -5.73 54.76 4.51
CA GLN H 257 -5.85 55.43 5.80
C GLN H 257 -6.61 56.74 5.61
N VAL H 258 -6.23 57.51 4.58
CA VAL H 258 -6.90 58.77 4.29
C VAL H 258 -8.40 58.57 4.01
N ALA H 259 -8.75 57.56 3.22
CA ALA H 259 -10.14 57.28 2.89
C ALA H 259 -10.96 56.98 4.14
N THR H 260 -10.38 56.23 5.07
CA THR H 260 -11.09 55.93 6.30
C THR H 260 -11.19 57.15 7.23
N ALA H 261 -10.13 57.94 7.33
CA ALA H 261 -10.17 59.20 8.09
C ALA H 261 -11.33 60.08 7.62
N ARG H 262 -11.57 60.12 6.32
CA ARG H 262 -12.68 60.90 5.80
C ARG H 262 -14.03 60.36 6.31
N VAL H 263 -14.20 59.04 6.28
CA VAL H 263 -15.39 58.40 6.84
C VAL H 263 -15.57 58.76 8.33
N LEU H 264 -14.49 58.63 9.10
CA LEU H 264 -14.55 58.89 10.54
C LEU H 264 -14.92 60.35 10.84
N VAL H 265 -14.38 61.26 10.05
CA VAL H 265 -14.75 62.68 10.17
C VAL H 265 -16.27 62.91 10.00
N GLU H 266 -16.89 62.18 9.08
CA GLU H 266 -18.35 62.32 8.91
C GLU H 266 -19.09 61.84 10.14
N ARG H 267 -18.65 60.71 10.68
CA ARG H 267 -19.32 60.13 11.84
C ARG H 267 -19.20 61.10 13.00
N LEU H 268 -18.00 61.65 13.17
CA LEU H 268 -17.70 62.57 14.25
C LEU H 268 -18.59 63.81 14.13
N ARG H 269 -18.67 64.36 12.92
CA ARG H 269 -19.48 65.55 12.71
C ARG H 269 -20.97 65.24 12.87
N ALA H 270 -21.31 63.96 12.86
CA ALA H 270 -22.70 63.56 13.08
C ALA H 270 -22.94 63.04 14.51
N SER H 271 -21.96 63.20 15.38
CA SER H 271 -22.12 62.75 16.76
C SER H 271 -22.67 63.88 17.63
N PRO H 272 -23.65 63.56 18.48
CA PRO H 272 -24.24 64.50 19.44
C PRO H 272 -23.35 64.75 20.66
N VAL H 273 -22.31 63.95 20.88
CA VAL H 273 -21.41 64.19 21.99
C VAL H 273 -20.00 64.61 21.55
N VAL H 274 -19.90 65.21 20.36
CA VAL H 274 -18.65 65.74 19.84
C VAL H 274 -18.74 67.24 19.58
N GLY H 275 -17.74 67.99 20.05
CA GLY H 275 -17.67 69.41 19.80
C GLY H 275 -16.82 69.69 18.56
N ALA H 276 -15.84 70.58 18.70
CA ALA H 276 -14.97 70.93 17.59
C ALA H 276 -14.28 69.71 16.97
N VAL H 277 -14.35 69.61 15.64
CA VAL H 277 -13.66 68.54 14.93
C VAL H 277 -12.55 69.09 14.06
N HIS H 278 -11.36 68.51 14.18
CA HIS H 278 -10.21 68.98 13.41
C HIS H 278 -9.74 67.94 12.40
N TYR H 279 -9.47 68.42 11.19
CA TYR H 279 -8.97 67.59 10.10
C TYR H 279 -8.56 68.49 8.94
N PRO H 280 -7.39 68.24 8.33
CA PRO H 280 -6.94 69.17 7.28
C PRO H 280 -7.78 69.17 6.01
N GLY H 281 -8.71 68.21 5.87
CA GLY H 281 -9.56 68.18 4.70
C GLY H 281 -10.99 68.65 4.90
N LEU H 282 -11.20 69.52 5.90
CA LEU H 282 -12.51 70.13 6.10
C LEU H 282 -12.62 71.48 5.38
N PRO H 283 -13.69 71.67 4.60
CA PRO H 283 -14.05 72.90 3.88
C PRO H 283 -13.75 74.20 4.63
N GLU H 284 -14.00 74.21 5.93
CA GLU H 284 -13.87 75.43 6.70
C GLU H 284 -12.58 75.43 7.51
N HIS H 285 -11.61 74.63 7.11
CA HIS H 285 -10.33 74.59 7.80
C HIS H 285 -9.73 75.98 7.85
N PRO H 286 -8.98 76.28 8.93
CA PRO H 286 -8.19 77.50 9.10
C PRO H 286 -7.29 77.83 7.91
N GLN H 287 -6.96 76.84 7.10
CA GLN H 287 -6.03 77.03 6.00
C GLN H 287 -6.33 76.12 4.82
N HIS H 288 -7.61 75.96 4.49
CA HIS H 288 -7.99 75.01 3.44
C HIS H 288 -7.31 75.32 2.11
N ALA H 289 -7.04 76.59 1.86
CA ALA H 289 -6.37 77.00 0.63
C ALA H 289 -4.97 76.40 0.58
N VAL H 290 -4.21 76.61 1.65
CA VAL H 290 -2.86 76.07 1.74
C VAL H 290 -2.86 74.56 1.67
N VAL H 291 -3.85 73.93 2.32
CA VAL H 291 -3.95 72.48 2.31
C VAL H 291 -4.13 72.02 0.88
N LYS H 292 -5.09 72.64 0.19
CA LYS H 292 -5.35 72.37 -1.21
C LYS H 292 -4.09 72.58 -2.06
N ALA H 293 -3.34 73.62 -1.74
CA ALA H 293 -2.15 73.95 -2.51
C ALA H 293 -0.99 72.98 -2.28
N GLN H 294 -0.79 72.54 -1.05
CA GLN H 294 0.45 71.82 -0.72
C GLN H 294 0.32 70.36 -0.29
N MSE H 295 -0.88 69.93 0.10
CA MSE H 295 -1.14 68.52 0.43
C MSE H 295 -1.96 67.89 -0.69
O MSE H 295 -2.99 68.42 -1.10
CB MSE H 295 -1.94 68.38 1.73
CG MSE H 295 -1.33 69.01 2.97
SE MSE H 295 -2.43 68.67 4.58
CE MSE H 295 -1.77 66.91 5.08
N SER H 296 -1.52 66.73 -1.19
CA SER H 296 -2.29 66.07 -2.23
C SER H 296 -3.54 65.39 -1.64
N ALA H 297 -3.45 64.90 -0.40
CA ALA H 297 -4.63 64.44 0.32
C ALA H 297 -4.55 64.91 1.77
N PRO H 298 -5.68 64.89 2.49
CA PRO H 298 -5.67 65.52 3.83
C PRO H 298 -5.09 64.70 4.98
N GLY H 299 -4.62 63.50 4.71
CA GLY H 299 -3.92 62.75 5.75
C GLY H 299 -4.80 61.85 6.58
N ALA H 300 -4.16 61.25 7.57
CA ALA H 300 -4.78 60.13 8.29
C ALA H 300 -4.92 60.40 9.77
N ILE H 301 -4.67 61.64 10.19
CA ILE H 301 -4.82 62.02 11.60
C ILE H 301 -6.09 62.85 11.79
N VAL H 302 -6.87 62.48 12.80
CA VAL H 302 -8.14 63.15 13.06
C VAL H 302 -8.20 63.42 14.55
N SER H 303 -8.65 64.61 14.93
CA SER H 303 -8.85 64.90 16.35
C SER H 303 -10.04 65.83 16.65
N PHE H 304 -10.61 65.67 17.86
CA PHE H 304 -11.89 66.26 18.19
C PHE H 304 -12.09 66.47 19.69
N ASP H 305 -12.99 67.37 20.05
CA ASP H 305 -13.35 67.61 21.43
C ASP H 305 -14.53 66.73 21.83
N TYR H 306 -14.34 65.95 22.89
CA TYR H 306 -15.40 65.08 23.39
C TYR H 306 -16.24 65.79 24.45
N LEU H 307 -17.57 65.66 24.34
CA LEU H 307 -18.48 66.38 25.21
C LEU H 307 -19.24 65.47 26.19
N GLY H 308 -19.04 64.18 26.11
CA GLY H 308 -19.64 63.31 27.11
C GLY H 308 -18.93 63.47 28.44
N GLY H 309 -18.79 62.37 29.15
CA GLY H 309 -18.05 62.40 30.40
C GLY H 309 -16.56 62.46 30.17
N PRO H 310 -15.79 62.12 31.20
CA PRO H 310 -14.31 62.10 31.27
C PRO H 310 -13.67 61.40 30.07
N ALA H 311 -12.61 62.01 29.56
CA ALA H 311 -11.85 61.44 28.45
C ALA H 311 -11.37 60.03 28.76
N GLU H 312 -10.90 59.78 29.98
CA GLU H 312 -10.35 58.46 30.29
C GLU H 312 -11.39 57.33 30.25
N ARG H 313 -12.66 57.67 30.54
CA ARG H 313 -13.75 56.70 30.34
C ARG H 313 -13.99 56.43 28.85
N LEU H 314 -13.96 57.49 28.03
CA LEU H 314 -14.08 57.32 26.58
C LEU H 314 -12.99 56.38 26.08
N LEU H 315 -11.75 56.65 26.49
CA LEU H 315 -10.63 55.78 26.10
C LEU H 315 -10.86 54.31 26.50
N ASP H 316 -11.45 54.09 27.67
CA ASP H 316 -11.73 52.74 28.16
C ASP H 316 -12.79 51.97 27.35
N ARG H 317 -13.52 52.66 26.46
CA ARG H 317 -14.63 52.02 25.73
C ARG H 317 -14.29 51.57 24.31
N PHE H 318 -13.11 51.92 23.80
CA PHE H 318 -12.69 51.37 22.51
C PHE H 318 -12.32 49.90 22.66
N THR H 319 -12.70 49.07 21.69
CA THR H 319 -12.21 47.70 21.64
C THR H 319 -11.75 47.32 20.25
N LEU H 320 -11.34 48.31 19.47
CA LEU H 320 -10.63 48.07 18.21
C LEU H 320 -9.46 49.04 18.10
N PHE H 321 -9.76 50.34 18.21
CA PHE H 321 -8.71 51.35 18.40
C PHE H 321 -7.91 50.97 19.63
N THR H 322 -6.59 51.16 19.55
CA THR H 322 -5.68 50.88 20.67
C THR H 322 -5.34 52.17 21.38
N CYS H 323 -5.40 52.14 22.71
CA CYS H 323 -4.99 53.29 23.50
C CYS H 323 -3.47 53.31 23.64
N GLY H 324 -2.86 54.17 22.85
CA GLY H 324 -1.42 54.31 22.92
C GLY H 324 -1.00 55.56 22.20
N VAL H 325 0.25 55.95 22.42
CA VAL H 325 0.84 57.00 21.64
C VAL H 325 1.52 56.37 20.44
N SER H 326 1.98 57.24 19.55
CA SER H 326 2.45 56.97 18.18
C SER H 326 1.33 57.19 17.17
N LEU H 327 1.67 56.94 15.92
CA LEU H 327 0.79 57.26 14.82
C LEU H 327 1.47 56.73 13.58
N GLY H 328 0.70 56.44 12.55
CA GLY H 328 1.26 56.07 11.27
C GLY H 328 1.17 54.60 10.92
N GLY H 329 1.01 53.74 11.94
CA GLY H 329 1.02 52.30 11.75
C GLY H 329 -0.27 51.66 11.26
N VAL H 330 -0.21 50.36 11.01
CA VAL H 330 -1.34 49.63 10.47
C VAL H 330 -2.51 49.50 11.48
N HIS H 331 -2.19 49.52 12.77
CA HIS H 331 -3.19 49.44 13.82
C HIS H 331 -3.62 50.85 14.23
N SER H 332 -4.93 51.08 14.25
CA SER H 332 -5.45 52.38 14.68
C SER H 332 -5.17 52.68 16.15
N LEU H 333 -4.83 53.93 16.44
CA LEU H 333 -4.47 54.35 17.78
C LEU H 333 -5.33 55.52 18.22
N VAL H 334 -5.54 55.64 19.53
CA VAL H 334 -6.26 56.76 20.10
C VAL H 334 -5.60 57.16 21.40
N GLU H 335 -5.51 58.47 21.64
CA GLU H 335 -5.00 58.97 22.90
C GLU H 335 -5.66 60.29 23.24
N CYS H 336 -5.56 60.67 24.51
CA CYS H 336 -6.04 61.97 24.94
C CYS H 336 -4.81 62.80 25.26
N PRO H 337 -4.40 63.66 24.32
CA PRO H 337 -3.15 64.41 24.42
C PRO H 337 -2.92 64.97 25.82
N ALA H 338 -3.98 65.49 26.45
CA ALA H 338 -3.86 65.97 27.82
C ALA H 338 -3.88 64.84 28.86
N LEU H 339 -3.74 63.60 28.42
CA LEU H 339 -3.49 62.51 29.37
C LEU H 339 -2.18 61.79 29.01
N MSE H 340 -1.70 61.99 27.78
CA MSE H 340 -0.72 61.07 27.17
C MSE H 340 0.47 61.67 26.41
O MSE H 340 1.60 61.65 26.91
CB MSE H 340 -1.43 60.07 26.28
CG MSE H 340 -2.23 59.10 27.10
SE MSE H 340 -3.39 58.05 26.01
CE MSE H 340 -2.08 56.76 25.34
N THR H 341 0.26 62.15 25.19
CA THR H 341 1.30 62.95 24.56
C THR H 341 1.58 64.14 25.49
N HIS H 342 0.63 65.06 25.66
CA HIS H 342 0.95 66.29 26.41
C HIS H 342 0.65 66.30 27.92
N ARG H 343 0.83 65.16 28.60
CA ARG H 343 0.81 65.16 30.07
C ARG H 343 1.91 66.03 30.73
N PRO H 344 3.16 65.99 30.22
CA PRO H 344 4.20 66.80 30.86
C PRO H 344 3.98 68.33 30.76
N LEU H 345 3.22 68.78 29.76
CA LEU H 345 2.94 70.22 29.64
C LEU H 345 2.06 70.72 30.79
N SER H 346 2.00 72.05 30.93
CA SER H 346 1.25 72.66 32.01
C SER H 346 -0.23 72.82 31.66
N ALA H 347 -1.07 72.98 32.68
CA ALA H 347 -2.49 73.15 32.44
C ALA H 347 -2.72 74.47 31.71
N GLU H 348 -1.85 75.43 32.00
CA GLU H 348 -1.84 76.71 31.30
C GLU H 348 -1.26 76.60 29.88
N ALA H 349 -0.44 75.56 29.65
CA ALA H 349 0.20 75.38 28.34
C ALA H 349 -0.80 74.88 27.29
N ARG H 350 -1.33 73.68 27.51
CA ARG H 350 -2.35 73.10 26.64
C ARG H 350 -3.50 74.08 26.37
N ALA H 351 -4.07 74.63 27.43
CA ALA H 351 -5.22 75.54 27.33
C ALA H 351 -4.88 76.76 26.48
N ARG H 352 -3.65 77.24 26.59
CA ARG H 352 -3.20 78.28 25.68
C ARG H 352 -2.89 77.72 24.30
N ARG H 353 -2.51 76.44 24.25
CA ARG H 353 -2.18 75.81 22.98
C ARG H 353 -3.43 75.36 22.20
N GLY H 354 -4.59 75.44 22.84
CA GLY H 354 -5.84 74.98 22.23
C GLY H 354 -6.16 73.53 22.53
N ILE H 355 -5.21 72.83 23.13
CA ILE H 355 -5.36 71.43 23.50
C ILE H 355 -6.20 71.32 24.78
N GLY H 356 -7.50 71.20 24.62
CA GLY H 356 -8.39 71.08 25.77
C GLY H 356 -8.26 69.74 26.47
N GLU H 357 -8.84 69.64 27.66
CA GLU H 357 -8.75 68.42 28.46
C GLU H 357 -9.55 67.25 27.88
N SER H 358 -10.47 67.57 26.95
CA SER H 358 -11.27 66.53 26.29
C SER H 358 -10.93 66.37 24.82
N LEU H 359 -9.81 66.94 24.40
CA LEU H 359 -9.40 66.72 23.02
C LEU H 359 -8.93 65.26 22.86
N ILE H 360 -9.38 64.64 21.78
CA ILE H 360 -9.08 63.25 21.49
C ILE H 360 -8.43 63.19 20.12
N ARG H 361 -7.32 62.46 20.01
CA ARG H 361 -6.66 62.29 18.72
C ARG H 361 -6.72 60.84 18.20
N LEU H 362 -7.12 60.72 16.94
CA LEU H 362 -7.17 59.44 16.25
C LEU H 362 -6.05 59.33 15.20
N SER H 363 -5.32 58.23 15.22
CA SER H 363 -4.42 57.89 14.13
C SER H 363 -5.01 56.71 13.36
N VAL H 364 -5.39 56.95 12.11
CA VAL H 364 -6.17 55.97 11.37
C VAL H 364 -5.27 54.89 10.75
N GLY H 365 -5.57 53.62 11.05
CA GLY H 365 -4.84 52.49 10.50
C GLY H 365 -5.52 51.95 9.25
N ILE H 366 -5.24 50.69 8.91
CA ILE H 366 -5.76 50.12 7.66
C ILE H 366 -6.88 49.08 7.84
N GLU H 367 -7.54 49.10 9.01
CA GLU H 367 -8.68 48.21 9.24
C GLU H 367 -9.90 48.62 8.39
N ASP H 368 -10.88 47.72 8.28
CA ASP H 368 -12.12 48.02 7.55
C ASP H 368 -12.74 49.29 8.12
N PRO H 369 -13.03 50.26 7.25
CA PRO H 369 -13.57 51.55 7.72
C PRO H 369 -14.84 51.39 8.56
N GLN H 370 -15.71 50.47 8.17
CA GLN H 370 -16.95 50.34 8.91
C GLN H 370 -16.75 49.71 10.30
N ASP H 371 -15.73 48.87 10.45
CA ASP H 371 -15.35 48.37 11.79
C ASP H 371 -14.87 49.54 12.69
N LEU H 372 -13.97 50.36 12.16
CA LEU H 372 -13.47 51.50 12.93
C LEU H 372 -14.59 52.50 13.17
N ALA H 373 -15.42 52.68 12.14
CA ALA H 373 -16.53 53.61 12.22
C ALA H 373 -17.45 53.20 13.35
N GLU H 374 -17.75 51.90 13.44
CA GLU H 374 -18.67 51.43 14.45
C GLU H 374 -18.04 51.43 15.85
N ASP H 375 -16.76 51.09 15.95
CA ASP H 375 -16.05 51.14 17.23
C ASP H 375 -16.06 52.56 17.83
N LEU H 376 -15.84 53.56 16.99
CA LEU H 376 -15.85 54.95 17.43
C LEU H 376 -17.21 55.33 18.00
N SER H 377 -18.27 54.91 17.32
CA SER H 377 -19.64 55.16 17.77
C SER H 377 -19.90 54.58 19.16
N ARG H 378 -19.55 53.31 19.33
CA ARG H 378 -19.72 52.66 20.63
C ARG H 378 -18.96 53.36 21.75
N ALA H 379 -17.73 53.78 21.48
CA ALA H 379 -16.95 54.44 22.50
C ALA H 379 -17.57 55.80 22.85
N LEU H 380 -17.87 56.58 21.81
CA LEU H 380 -18.46 57.90 21.98
C LEU H 380 -19.77 57.79 22.73
N ALA H 381 -20.49 56.71 22.44
CA ALA H 381 -21.85 56.54 22.90
C ALA H 381 -22.68 57.78 22.57
N GLY H 382 -23.70 58.07 23.35
CA GLY H 382 -24.62 59.16 23.02
C GLY H 382 -25.27 59.08 21.63
N GLY H 383 -24.88 58.09 20.83
CA GLY H 383 -25.34 57.96 19.46
C GLY H 383 -24.61 56.88 18.68
O1 MES I . -14.29 -13.78 -20.69
C2 MES I . -14.01 -13.49 -22.05
C3 MES I . -12.67 -14.02 -22.54
N4 MES I . -12.47 -15.38 -22.14
C5 MES I . -13.43 -16.03 -21.24
C6 MES I . -13.74 -15.00 -20.18
C7 MES I . -11.56 -16.22 -22.90
C8 MES I . -10.65 -15.34 -23.76
S MES I . -10.48 -16.02 -25.27
O1S MES I . -9.30 -16.92 -25.28
O2S MES I . -11.69 -16.83 -25.59
O3S MES I . -10.27 -14.94 -26.26
C1 GOL J . 7.98 -13.13 -3.14
O1 GOL J . 8.55 -12.91 -4.42
C2 GOL J . 8.65 -14.35 -2.50
O2 GOL J . 9.27 -13.99 -1.28
C3 GOL J . 9.73 -14.89 -3.41
O3 GOL J . 10.94 -14.19 -3.18
C1 GOL K . 0.63 -44.62 -3.21
O1 GOL K . 1.69 -44.42 -4.12
C2 GOL K . -0.37 -43.50 -3.43
O2 GOL K . -0.64 -42.84 -2.21
C3 GOL K . 0.14 -42.57 -4.52
O3 GOL K . -0.03 -43.17 -5.78
C1 GOL L . 15.62 -24.27 -18.32
O1 GOL L . 16.76 -24.19 -19.15
C2 GOL L . 16.03 -24.84 -16.97
O2 GOL L . 17.40 -24.61 -16.77
C3 GOL L . 15.28 -24.06 -15.90
O3 GOL L . 15.62 -22.70 -16.08
CL CL M . 13.08 -14.95 -8.58
CL CL N . -17.40 -14.19 -24.07
O1 MES O . -5.23 -26.79 9.46
C2 MES O . -5.39 -27.10 10.86
C3 MES O . -6.82 -27.05 11.36
N4 MES O . -7.65 -27.90 10.51
C5 MES O . -7.12 -28.32 9.23
C6 MES O . -6.37 -27.11 8.67
C7 MES O . -8.81 -28.57 11.09
C8 MES O . -10.10 -28.20 10.33
S MES O . -11.38 -29.16 10.87
O1S MES O . -12.22 -29.54 9.71
O2S MES O . -10.78 -30.33 11.57
O3S MES O . -12.20 -28.43 11.87
C1 GOL P . -35.09 -15.39 5.52
O1 GOL P . -35.36 -16.13 4.36
C2 GOL P . -33.65 -14.93 5.45
O2 GOL P . -33.56 -13.61 5.90
C3 GOL P . -33.19 -14.98 3.99
O3 GOL P . -33.88 -14.00 3.24
C1 GOL Q . -13.87 -11.75 -16.53
O1 GOL Q . -14.97 -11.12 -17.09
C2 GOL Q . -12.65 -10.89 -16.43
O2 GOL Q . -11.78 -11.09 -17.54
C3 GOL Q . -11.97 -11.24 -15.11
O3 GOL Q . -11.13 -10.21 -14.63
C1 GOL R . -29.14 -28.02 -17.67
O1 GOL R . -29.67 -27.39 -18.82
C2 GOL R . -29.76 -29.40 -17.53
O2 GOL R . -31.12 -29.25 -17.16
C3 GOL R . -29.09 -30.21 -16.44
O3 GOL R . -27.80 -29.71 -16.13
C1 GOL S . -20.33 -26.88 28.07
O1 GOL S . -20.32 -28.07 27.31
C2 GOL S . -18.90 -26.48 28.41
O2 GOL S . -18.79 -25.07 28.47
C3 GOL S . -18.51 -27.08 29.74
O3 GOL S . -19.68 -27.35 30.50
C1 GOL T . -25.74 -4.95 5.06
O1 GOL T . -24.70 -4.01 5.23
C2 GOL T . -26.65 -4.87 6.28
O2 GOL T . -27.84 -5.62 6.13
C3 GOL T . -26.99 -3.41 6.56
O3 GOL T . -25.81 -2.66 6.67
C1 GOL U . -4.09 -21.71 6.38
O1 GOL U . -3.77 -20.35 6.67
C2 GOL U . -4.30 -22.52 7.65
O2 GOL U . -4.38 -21.68 8.78
C3 GOL U . -5.57 -23.35 7.52
O3 GOL U . -5.36 -24.38 6.57
CL CL V . -34.66 -22.37 17.14
O1 MES W . -37.23 -51.32 -16.52
C2 MES W . -38.54 -51.54 -15.97
C3 MES W . -38.58 -52.29 -14.64
N4 MES W . -37.62 -51.73 -13.69
C5 MES W . -36.54 -50.88 -14.22
C6 MES W . -36.18 -51.47 -15.57
C7 MES W . -37.25 -52.59 -12.57
C8 MES W . -38.33 -52.70 -11.51
S MES W . -38.27 -51.29 -10.66
O1S MES W . -37.75 -50.24 -11.56
O2S MES W . -37.32 -51.21 -9.53
O3S MES W . -39.64 -50.93 -10.30
C1 GOL X . -35.86 -56.03 -20.66
O1 GOL X . -35.83 -54.69 -20.21
C2 GOL X . -36.53 -56.94 -19.65
O2 GOL X . -37.92 -56.65 -19.65
C3 GOL X . -36.35 -58.40 -20.06
O3 GOL X . -35.28 -58.95 -19.32
C1 GOL Y . -22.72 -66.46 6.38
O1 GOL Y . -21.63 -67.34 6.35
C2 GOL Y . -23.69 -66.92 7.45
O2 GOL Y . -24.75 -67.65 6.90
C3 GOL Y . -24.24 -65.73 8.24
O3 GOL Y . -25.11 -66.22 9.24
C1 GOL Z . -29.45 -46.46 11.18
O1 GOL Z . -30.18 -45.29 11.56
C2 GOL Z . -27.94 -46.23 11.13
O2 GOL Z . -27.57 -45.28 12.10
C3 GOL Z . -27.11 -47.50 11.36
O3 GOL Z . -27.78 -48.72 11.16
C FMT AA . -21.11 -75.23 -7.19
O1 FMT AA . -21.27 -75.52 -8.38
O2 FMT AA . -20.38 -74.32 -6.79
CL CL BA . -23.70 -72.90 -0.44
O1 MES CA . -6.50 -61.66 -18.72
C2 MES CA . -5.34 -62.22 -19.35
C3 MES CA . -4.99 -61.63 -20.73
N4 MES CA . -5.29 -60.20 -20.73
C5 MES CA . -6.53 -59.69 -20.18
C6 MES CA . -7.31 -60.86 -19.55
C7 MES CA . -4.48 -59.25 -21.52
C8 MES CA . -4.97 -59.26 -22.96
S MES CA . -3.71 -58.67 -23.90
O1S MES CA . -3.31 -59.60 -25.00
O2S MES CA . -4.15 -57.41 -24.54
O3S MES CA . -2.53 -58.43 -23.00
C1 GOL DA . -20.94 -50.35 -45.58
O1 GOL DA . -22.17 -49.97 -45.01
C2 GOL DA . -19.87 -50.14 -44.53
O2 GOL DA . -20.50 -49.63 -43.38
C3 GOL DA . -18.81 -49.18 -45.04
O3 GOL DA . -18.17 -49.76 -46.16
C1 GOL EA . -30.09 -62.11 -35.65
O1 GOL EA . -31.45 -62.47 -35.73
C2 GOL EA . -29.29 -63.25 -36.26
O2 GOL EA . -30.12 -64.03 -37.11
C3 GOL EA . -28.67 -64.08 -35.15
O3 GOL EA . -29.44 -63.94 -33.97
CL CL FA . -25.97 -60.49 -39.94
CL CL GA . -33.15 -68.56 -29.75
CL CL HA . -6.14 -49.82 -47.31
O1 MES IA . 9.26 24.96 -10.22
C2 MES IA . 8.86 26.02 -11.10
C3 MES IA . 7.73 26.85 -10.51
N4 MES IA . 7.99 27.10 -9.10
C5 MES IA . 9.39 26.92 -8.69
C6 MES IA . 9.78 25.46 -8.97
C7 MES IA . 7.23 28.25 -8.53
C8 MES IA . 5.74 28.17 -8.94
S MES IA . 4.99 29.63 -9.43
O1S MES IA . 4.04 29.38 -10.53
O2S MES IA . 6.10 30.50 -9.88
O3S MES IA . 4.20 30.23 -8.31
C1 GOL JA . -16.97 29.54 6.57
O1 GOL JA . -17.81 29.87 5.49
C2 GOL JA . -16.95 28.03 6.79
O2 GOL JA . -15.85 27.66 7.60
C3 GOL JA . -18.21 27.59 7.50
O3 GOL JA . -18.21 26.18 7.55
C1 GOL KA . -7.78 10.67 7.49
O1 GOL KA . -7.96 11.71 6.55
C2 GOL KA . -7.27 11.35 8.75
O2 GOL KA . -7.15 12.71 8.42
C3 GOL KA . -8.32 11.23 9.85
O3 GOL KA . -9.07 12.44 9.92
C1 GOL LA . 8.86 22.21 -8.11
O1 GOL LA . 9.60 22.28 -6.91
C2 GOL LA . 9.22 20.96 -8.93
O2 GOL LA . 8.07 20.15 -8.91
C3 GOL LA . 10.35 20.14 -8.30
O3 GOL LA . 9.90 19.56 -7.11
CL CL MA . -12.69 16.68 6.14
O1 MES NA . 8.73 16.65 22.09
C2 MES NA . 8.84 15.51 22.93
C3 MES NA . 10.23 14.90 23.08
N4 MES NA . 11.26 15.95 22.98
C5 MES NA . 11.06 17.12 22.14
C6 MES NA . 9.86 16.82 21.26
C7 MES NA . 12.35 15.98 23.97
C8 MES NA . 13.59 16.58 23.29
S MES NA . 14.99 16.22 24.17
O1S MES NA . 15.11 14.72 24.23
O2S MES NA . 14.87 16.74 25.56
O3S MES NA . 16.16 16.87 23.53
C1 GOL OA . 8.27 13.68 18.35
O1 GOL OA . 8.48 14.69 19.31
C2 GOL OA . 7.35 12.58 18.87
O2 GOL OA . 8.10 11.40 19.01
C3 GOL OA . 6.22 12.37 17.86
O3 GOL OA . 6.68 11.69 16.71
C1 GOL PA . 19.53 6.41 -1.93
O1 GOL PA . 18.46 5.58 -1.52
C2 GOL PA . 20.61 5.51 -2.53
O2 GOL PA . 19.99 4.59 -3.39
C3 GOL PA . 21.66 6.32 -3.28
O3 GOL PA . 22.84 5.55 -3.48
C1 GOL QA . 34.56 11.27 4.54
O1 GOL QA . 33.88 10.84 3.40
C2 GOL QA . 35.00 10.07 5.38
O2 GOL QA . 34.98 8.86 4.62
C3 GOL QA . 36.38 10.36 5.93
O3 GOL QA . 36.27 11.50 6.74
C FMT RA . 28.72 21.87 0.59
O1 FMT RA . 29.65 21.10 0.42
O2 FMT RA . 27.87 21.72 1.47
CL CL SA . 25.06 3.12 -2.97
O1 MES TA . 36.77 53.52 11.97
C2 MES TA . 37.89 53.69 12.85
C3 MES TA . 38.32 52.35 13.47
N4 MES TA . 37.15 51.76 14.11
C5 MES TA . 35.89 51.74 13.37
C6 MES TA . 35.62 53.06 12.66
C7 MES TA . 37.35 50.52 14.86
C8 MES TA . 38.60 50.64 15.71
S MES TA . 39.18 49.12 16.10
O1S MES TA . 38.18 48.21 16.69
O2S MES TA . 39.68 48.46 14.85
O3S MES TA . 40.31 49.27 17.05
C1 GOL UA . 29.44 49.53 42.09
O1 GOL UA . 28.18 49.05 42.49
C2 GOL UA . 30.59 48.59 42.50
O2 GOL UA . 31.77 48.97 41.84
C3 GOL UA . 30.25 47.13 42.19
O3 GOL UA . 31.42 46.35 42.17
C1 GOL VA . 38.21 25.15 23.93
O1 GOL VA . 38.25 24.66 22.60
C2 GOL VA . 39.61 25.08 24.53
O2 GOL VA . 40.27 26.31 24.33
C3 GOL VA . 39.48 24.85 26.02
O3 GOL VA . 38.93 26.01 26.62
C1 GOL WA . 35.66 27.83 31.04
O1 GOL WA . 35.25 26.91 30.03
C2 GOL WA . 34.88 29.15 30.95
O2 GOL WA . 33.74 29.21 31.76
C3 GOL WA . 35.78 30.37 31.18
O3 GOL WA . 36.93 30.29 30.38
C1 GOL XA . 10.59 62.03 24.59
O1 GOL XA . 10.15 61.22 25.66
C2 GOL XA . 10.95 63.39 25.15
O2 GOL XA . 10.14 64.36 24.55
C3 GOL XA . 12.40 63.72 24.83
O3 GOL XA . 12.68 65.03 25.26
C1 GOL YA . 42.53 39.11 40.08
O1 GOL YA . 42.52 38.49 38.80
C2 GOL YA . 43.75 40.01 40.18
O2 GOL YA . 44.32 40.11 38.90
C3 GOL YA . 43.35 41.39 40.70
O3 GOL YA . 42.54 42.02 39.73
C FMT ZA . 25.13 64.02 36.38
O1 FMT ZA . 25.18 64.44 35.23
O2 FMT ZA . 24.12 63.59 36.92
CL CL AB . 29.36 57.81 36.74
CL CL BB . 3.73 58.55 26.21
O1 MES CB . 5.84 59.42 23.74
C2 MES CB . 4.72 60.13 23.18
C3 MES CB . 5.13 61.03 22.01
N4 MES CB . 5.93 60.21 21.11
C5 MES CB . 6.99 59.37 21.64
C6 MES CB . 7.10 59.69 23.13
C7 MES CB . 5.42 59.96 19.76
C8 MES CB . 4.63 61.22 19.44
S MES CB . 3.15 60.86 18.77
O1S MES CB . 3.37 60.17 17.48
O2S MES CB . 2.36 60.02 19.70
O3S MES CB . 2.44 62.14 18.56
C1 GOL DB . 12.75 68.90 -5.52
O1 GOL DB . 12.93 68.04 -6.61
C2 GOL DB . 14.01 69.76 -5.32
O2 GOL DB . 14.51 69.58 -4.02
C3 GOL DB . 15.07 69.34 -6.32
O3 GOL DB . 14.66 69.73 -7.60
C1 GOL EB . -5.40 56.22 30.84
O1 GOL EB . -6.80 56.23 30.83
C2 GOL EB . -4.90 57.65 30.94
O2 GOL EB . -5.18 58.19 32.21
C3 GOL EB . -3.38 57.65 30.71
O3 GOL EB . -2.83 58.80 31.30
C1 GOL FB . 26.53 72.55 5.82
O1 GOL FB . 27.85 72.07 5.79
C2 GOL FB . 26.48 73.77 6.71
O2 GOL FB . 27.80 74.11 7.08
C3 GOL FB . 25.63 73.51 7.96
O3 GOL FB . 25.48 74.72 8.66
CL CL GB . 20.83 73.54 2.58
N MSE A 7 13.53 -39.53 -19.68
CA MSE A 7 14.37 -38.43 -20.13
C MSE A 7 13.67 -37.38 -21.09
O MSE A 7 13.52 -36.22 -20.70
CB MSE A 7 15.85 -38.84 -20.52
CG MSE A 7 16.20 -40.09 -21.46
SE MSE A 7 18.24 -40.42 -21.86
CE MSE A 7 18.74 -41.63 -20.42
N ARG A 8 13.22 -37.77 -22.28
CA ARG A 8 12.79 -36.75 -23.29
C ARG A 8 11.31 -36.21 -23.23
N PHE A 9 11.04 -35.14 -23.98
CA PHE A 9 9.79 -34.34 -23.91
C PHE A 9 8.52 -35.21 -23.99
N GLY A 10 8.39 -35.96 -25.09
CA GLY A 10 7.23 -36.80 -25.34
C GLY A 10 7.11 -37.96 -24.36
N THR A 11 8.24 -38.39 -23.81
CA THR A 11 8.25 -39.41 -22.77
C THR A 11 7.87 -38.78 -21.44
N ARG A 12 8.29 -37.53 -21.26
CA ARG A 12 7.90 -36.74 -20.09
C ARG A 12 6.38 -36.58 -19.98
N LEU A 13 5.69 -36.48 -21.11
CA LEU A 13 4.23 -36.33 -21.09
C LEU A 13 3.52 -37.56 -20.51
N VAL A 14 4.04 -38.74 -20.82
CA VAL A 14 3.38 -39.98 -20.42
C VAL A 14 3.82 -40.44 -19.02
N HIS A 15 5.10 -40.26 -18.71
CA HIS A 15 5.66 -40.80 -17.47
C HIS A 15 6.01 -39.79 -16.38
N GLY A 16 6.06 -38.50 -16.71
CA GLY A 16 6.33 -37.47 -15.72
C GLY A 16 5.26 -37.50 -14.64
N GLY A 17 5.67 -37.62 -13.38
CA GLY A 17 4.74 -37.68 -12.28
C GLY A 17 4.00 -39.00 -12.13
N ARG A 18 4.49 -40.05 -12.78
CA ARG A 18 3.89 -41.38 -12.73
C ARG A 18 4.97 -42.36 -12.25
N ARG A 19 4.65 -43.23 -11.30
CA ARG A 19 5.70 -43.96 -10.56
C ARG A 19 5.23 -45.36 -10.07
N PRO A 20 5.08 -45.60 -8.72
CA PRO A 20 4.19 -46.75 -8.56
C PRO A 20 3.04 -46.59 -7.54
N SER A 21 2.09 -47.50 -7.69
CA SER A 21 1.17 -47.83 -6.62
C SER A 21 1.82 -48.99 -5.88
N ALA A 22 2.29 -48.68 -4.67
CA ALA A 22 2.87 -49.69 -3.82
C ALA A 22 1.79 -50.72 -3.64
N GLY A 23 2.18 -51.98 -3.51
CA GLY A 23 1.21 -53.03 -3.34
C GLY A 23 0.59 -53.47 -4.66
N THR A 24 -0.06 -52.55 -5.37
CA THR A 24 -0.79 -52.96 -6.58
C THR A 24 -0.06 -52.76 -7.90
N GLY A 25 0.71 -51.68 -8.01
CA GLY A 25 1.47 -51.43 -9.21
C GLY A 25 0.62 -50.96 -10.38
N ASP A 26 -0.45 -50.23 -10.07
CA ASP A 26 -1.23 -49.54 -11.09
C ASP A 26 -0.28 -48.75 -11.99
N VAL A 27 -0.41 -48.94 -13.29
CA VAL A 27 0.34 -48.14 -14.25
C VAL A 27 -0.17 -46.70 -14.23
N VAL A 28 -1.48 -46.54 -14.37
CA VAL A 28 -2.12 -45.25 -14.20
C VAL A 28 -2.36 -45.07 -12.71
N PRO A 29 -1.73 -44.06 -12.09
CA PRO A 29 -1.91 -43.90 -10.64
C PRO A 29 -3.38 -43.64 -10.28
N PRO A 30 -3.82 -44.20 -9.15
CA PRO A 30 -5.17 -44.06 -8.63
C PRO A 30 -5.47 -42.62 -8.27
N ILE A 31 -6.75 -42.29 -8.21
CA ILE A 31 -7.19 -40.90 -8.01
C ILE A 31 -7.44 -40.64 -6.53
N HIS A 32 -6.71 -39.67 -5.97
CA HIS A 32 -6.79 -39.41 -4.53
C HIS A 32 -7.87 -38.42 -4.11
N VAL A 33 -9.10 -38.92 -4.04
CA VAL A 33 -10.24 -38.07 -3.75
C VAL A 33 -10.29 -37.63 -2.29
N SER A 34 -9.62 -38.36 -1.41
CA SER A 34 -9.80 -38.16 0.03
C SER A 34 -9.36 -36.77 0.52
N THR A 35 -10.19 -36.12 1.33
CA THR A 35 -9.81 -34.84 1.96
C THR A 35 -9.10 -35.06 3.29
N THR A 36 -9.38 -36.19 3.93
CA THR A 36 -8.90 -36.40 5.29
C THR A 36 -7.76 -37.43 5.27
N TYR A 37 -6.74 -37.18 6.09
CA TYR A 37 -5.56 -38.04 6.07
C TYR A 37 -5.24 -38.72 7.37
N GLU A 38 -5.09 -40.04 7.27
CA GLU A 38 -4.70 -40.88 8.39
C GLU A 38 -3.30 -40.48 8.87
N ARG A 39 -3.15 -40.23 10.16
CA ARG A 39 -1.84 -39.91 10.75
C ARG A 39 -0.92 -41.10 10.98
N ARG A 40 -1.43 -42.12 11.68
CA ARG A 40 -0.67 -43.31 12.06
C ARG A 40 -0.06 -44.02 10.86
N ALA A 41 -0.76 -43.93 9.72
CA ALA A 41 -0.39 -44.66 8.51
C ALA A 41 0.98 -44.22 8.06
N GLN A 42 0.99 -43.12 7.31
CA GLN A 42 2.16 -42.48 6.73
C GLN A 42 3.50 -42.96 7.26
N ASP A 43 4.22 -43.70 6.42
CA ASP A 43 5.58 -44.15 6.72
C ASP A 43 6.33 -43.03 7.45
N GLU A 44 6.24 -41.82 6.89
CA GLU A 44 6.63 -40.60 7.59
C GLU A 44 5.75 -39.43 7.12
N PRO A 45 4.87 -38.92 8.01
CA PRO A 45 3.63 -38.20 7.64
C PRO A 45 3.76 -36.91 6.85
N ARG A 46 3.37 -36.91 5.58
CA ARG A 46 3.37 -35.70 4.75
C ARG A 46 2.03 -35.42 4.08
N TYR A 47 0.96 -35.93 4.69
CA TYR A 47 -0.41 -35.65 4.24
C TYR A 47 -1.28 -35.43 5.47
N PHE A 48 -1.91 -34.26 5.53
CA PHE A 48 -2.72 -33.92 6.70
C PHE A 48 -4.13 -33.53 6.29
N TYR A 49 -4.23 -32.70 5.26
CA TYR A 49 -5.51 -32.19 4.81
C TYR A 49 -5.42 -31.82 3.34
N GLY A 50 -6.48 -32.13 2.60
CA GLY A 50 -6.47 -32.02 1.15
C GLY A 50 -6.13 -30.67 0.54
N ARG A 51 -6.46 -29.58 1.22
CA ARG A 51 -6.13 -28.26 0.69
C ARG A 51 -4.60 -28.03 0.66
N GLY A 52 -3.89 -28.64 1.61
CA GLY A 52 -2.45 -28.51 1.65
C GLY A 52 -1.71 -29.52 0.77
N GLU A 53 -2.16 -30.77 0.80
CA GLU A 53 -1.41 -31.87 0.20
C GLU A 53 -2.37 -32.86 -0.47
N ASN A 54 -2.01 -33.33 -1.66
CA ASN A 54 -2.77 -34.39 -2.32
C ASN A 54 -1.94 -35.04 -3.41
N PRO A 55 -1.74 -36.37 -3.35
CA PRO A 55 -0.82 -37.05 -4.28
C PRO A 55 -1.20 -36.84 -5.73
N THR A 56 -2.50 -36.89 -6.04
CA THR A 56 -2.95 -36.74 -7.41
C THR A 56 -2.51 -35.38 -7.98
N ARG A 57 -2.73 -34.34 -7.18
CA ARG A 57 -2.32 -32.99 -7.52
C ARG A 57 -0.80 -32.92 -7.68
N GLU A 58 -0.07 -33.53 -6.75
CA GLU A 58 1.39 -33.47 -6.77
C GLU A 58 1.97 -34.20 -7.99
N GLU A 59 1.31 -35.26 -8.40
CA GLU A 59 1.73 -36.00 -9.58
C GLU A 59 1.62 -35.12 -10.83
N LEU A 60 0.51 -34.38 -10.94
CA LEU A 60 0.35 -33.46 -12.06
C LEU A 60 1.42 -32.34 -12.06
N GLU A 61 1.69 -31.80 -10.87
CA GLU A 61 2.69 -30.74 -10.74
C GLU A 61 4.07 -31.29 -11.12
N GLU A 62 4.34 -32.51 -10.67
CA GLU A 62 5.56 -33.21 -11.01
C GLU A 62 5.67 -33.32 -12.54
N CYS A 63 4.57 -33.74 -13.17
CA CYS A 63 4.48 -33.83 -14.62
C CYS A 63 4.83 -32.51 -15.31
N LEU A 64 4.13 -31.43 -14.94
CA LEU A 64 4.37 -30.09 -15.49
C LEU A 64 5.80 -29.57 -15.32
N ALA A 65 6.32 -29.67 -14.10
CA ALA A 65 7.68 -29.26 -13.80
C ALA A 65 8.64 -29.93 -14.78
N GLY A 66 8.42 -31.23 -15.00
CA GLY A 66 9.29 -32.03 -15.86
C GLY A 66 9.33 -31.57 -17.30
N LEU A 67 8.20 -31.06 -17.80
CA LEU A 67 8.18 -30.58 -19.18
C LEU A 67 9.18 -29.45 -19.42
N GLU A 68 9.41 -28.62 -18.40
CA GLU A 68 10.32 -27.49 -18.58
C GLU A 68 11.65 -27.72 -17.85
N ARG A 69 11.85 -28.95 -17.39
CA ARG A 69 13.05 -29.33 -16.67
C ARG A 69 13.24 -28.40 -15.49
N ALA A 70 12.14 -28.11 -14.79
CA ALA A 70 12.15 -27.14 -13.71
C ALA A 70 12.01 -27.86 -12.40
N PRO A 71 12.53 -27.26 -11.32
CA PRO A 71 12.33 -27.98 -10.05
C PRO A 71 10.91 -27.88 -9.49
N PHE A 72 10.12 -26.89 -9.89
CA PHE A 72 8.85 -26.62 -9.20
C PHE A 72 7.63 -26.41 -10.10
N ALA A 73 6.48 -26.86 -9.60
CA ALA A 73 5.19 -26.45 -10.17
C ALA A 73 4.08 -26.51 -9.13
N THR A 74 3.10 -25.62 -9.28
CA THR A 74 1.92 -25.61 -8.46
C THR A 74 0.72 -25.48 -9.38
N VAL A 75 -0.31 -26.30 -9.18
CA VAL A 75 -1.52 -26.14 -9.98
C VAL A 75 -2.65 -25.47 -9.20
N PHE A 76 -3.59 -24.90 -9.94
CA PHE A 76 -4.64 -24.08 -9.39
C PHE A 76 -5.99 -24.41 -10.02
N SER A 77 -7.08 -23.92 -9.42
CA SER A 77 -8.42 -24.16 -9.95
C SER A 77 -8.69 -23.54 -11.34
N SER A 78 -7.82 -22.63 -11.77
CA SER A 78 -7.95 -22.00 -13.09
C SER A 78 -6.69 -21.23 -13.42
N GLY A 79 -6.51 -20.89 -14.69
CA GLY A 79 -5.43 -20.00 -15.07
C GLY A 79 -5.48 -18.68 -14.30
N GLN A 80 -6.68 -18.11 -14.16
CA GLN A 80 -6.85 -16.86 -13.43
C GLN A 80 -6.28 -16.97 -12.00
N ALA A 81 -6.49 -18.11 -11.36
CA ALA A 81 -6.05 -18.30 -9.98
C ALA A 81 -4.52 -18.37 -9.88
N ALA A 82 -3.89 -18.94 -10.91
CA ALA A 82 -2.45 -18.98 -11.00
C ALA A 82 -1.89 -17.55 -11.11
N ALA A 83 -2.51 -16.77 -11.98
CA ALA A 83 -2.14 -15.37 -12.18
C ALA A 83 -2.37 -14.53 -10.91
N ALA A 84 -3.51 -14.76 -10.26
CA ALA A 84 -3.83 -14.02 -9.04
C ALA A 84 -2.79 -14.32 -7.96
N THR A 85 -2.34 -15.56 -7.93
CA THR A 85 -1.34 -15.98 -6.95
C THR A 85 -0.03 -15.23 -7.15
N LEU A 86 0.44 -15.15 -8.38
CA LEU A 86 1.73 -14.50 -8.62
C LEU A 86 1.61 -13.00 -8.37
N LEU A 87 0.49 -12.41 -8.77
CA LEU A 87 0.29 -10.98 -8.59
C LEU A 87 0.16 -10.59 -7.11
N SER A 88 -0.28 -11.54 -6.29
CA SER A 88 -0.49 -11.30 -4.87
C SER A 88 0.82 -11.09 -4.12
N LEU A 89 1.93 -11.49 -4.74
CA LEU A 89 3.23 -11.32 -4.12
C LEU A 89 3.80 -9.93 -4.38
N VAL A 90 3.20 -9.21 -5.31
CA VAL A 90 3.61 -7.84 -5.60
C VAL A 90 2.97 -6.93 -4.55
N ARG A 91 3.77 -5.99 -4.03
CA ARG A 91 3.38 -5.16 -2.88
C ARG A 91 2.69 -3.84 -3.23
N PRO A 92 1.80 -3.38 -2.35
CA PRO A 92 1.31 -2.01 -2.44
C PRO A 92 2.53 -1.10 -2.32
N GLY A 93 2.90 -0.48 -3.43
CA GLY A 93 4.11 0.32 -3.50
C GLY A 93 5.03 -0.17 -4.61
N GLN A 94 4.59 -1.17 -5.37
CA GLN A 94 5.44 -1.75 -6.41
C GLN A 94 4.84 -1.79 -7.81
N CYS A 95 5.73 -1.86 -8.79
CA CYS A 95 5.36 -1.72 -10.18
C CYS A 95 5.33 -3.06 -10.91
N VAL A 96 4.22 -3.30 -11.63
CA VAL A 96 4.14 -4.41 -12.55
C VAL A 96 4.26 -3.85 -13.96
N VAL A 97 5.07 -4.49 -14.81
CA VAL A 97 5.17 -4.10 -16.20
C VAL A 97 4.47 -5.10 -17.13
N SER A 98 3.61 -4.58 -17.97
CA SER A 98 2.90 -5.38 -18.93
C SER A 98 2.66 -4.56 -20.20
N THR A 99 1.88 -5.12 -21.11
CA THR A 99 1.49 -4.40 -22.33
C THR A 99 -0.03 -4.23 -22.32
N ASP A 100 -0.51 -3.15 -22.94
CA ASP A 100 -1.94 -2.87 -22.87
C ASP A 100 -2.80 -3.81 -23.73
N ASP A 101 -2.21 -4.92 -24.21
CA ASP A 101 -2.90 -5.90 -25.06
C ASP A 101 -2.97 -7.27 -24.43
N VAL A 102 -2.51 -7.36 -23.18
CA VAL A 102 -2.56 -8.58 -22.42
C VAL A 102 -3.99 -9.14 -22.42
N TYR A 103 -4.12 -10.46 -22.23
CA TYR A 103 -5.45 -11.08 -22.15
C TYR A 103 -6.35 -10.31 -21.19
N ALA A 104 -7.63 -10.18 -21.54
CA ALA A 104 -8.58 -9.41 -20.73
C ALA A 104 -8.57 -9.77 -19.23
N GLY A 105 -8.63 -11.06 -18.91
CA GLY A 105 -8.69 -11.48 -17.52
C GLY A 105 -7.51 -11.06 -16.68
N THR A 106 -6.33 -10.98 -17.29
CA THR A 106 -5.15 -10.57 -16.56
C THR A 106 -5.32 -9.08 -16.18
N ASP A 107 -5.84 -8.30 -17.11
CA ASP A 107 -6.11 -6.88 -16.84
C ASP A 107 -7.09 -6.67 -15.69
N GLY A 108 -8.07 -7.57 -15.58
CA GLY A 108 -9.01 -7.50 -14.47
C GLY A 108 -8.27 -7.67 -13.15
N LEU A 109 -7.33 -8.61 -13.14
CA LEU A 109 -6.47 -8.83 -11.98
C LEU A 109 -5.53 -7.65 -11.77
N PHE A 110 -5.02 -7.07 -12.86
CA PHE A 110 -4.21 -5.86 -12.78
C PHE A 110 -5.00 -4.72 -12.12
N ASP A 111 -6.25 -4.53 -12.53
CA ASP A 111 -7.11 -3.50 -11.96
C ASP A 111 -7.36 -3.78 -10.47
N LEU A 112 -7.59 -5.04 -10.13
CA LEU A 112 -7.79 -5.45 -8.74
C LEU A 112 -6.57 -5.07 -7.90
N ALA A 113 -5.39 -5.45 -8.39
CA ALA A 113 -4.14 -5.07 -7.74
C ALA A 113 -3.97 -3.56 -7.74
N ALA A 114 -4.40 -2.90 -8.82
CA ALA A 114 -4.23 -1.46 -8.94
C ALA A 114 -5.13 -0.70 -7.98
N ARG A 115 -6.11 -1.38 -7.40
CA ARG A 115 -6.99 -0.76 -6.41
C ARG A 115 -6.57 -1.10 -4.99
N GLN A 116 -5.46 -1.83 -4.86
CA GLN A 116 -4.77 -1.97 -3.59
C GLN A 116 -3.55 -1.07 -3.54
N GLY A 117 -3.15 -0.54 -4.69
CA GLY A 117 -2.03 0.39 -4.75
C GLY A 117 -0.86 -0.10 -5.58
N VAL A 118 -0.83 -1.40 -5.91
CA VAL A 118 0.20 -1.92 -6.81
C VAL A 118 0.14 -1.10 -8.09
N ARG A 119 1.29 -0.59 -8.51
CA ARG A 119 1.34 0.28 -9.68
C ARG A 119 1.50 -0.58 -10.91
N VAL A 120 0.69 -0.31 -11.93
CA VAL A 120 0.74 -1.10 -13.15
C VAL A 120 1.00 -0.16 -14.33
N ARG A 121 2.07 -0.43 -15.06
CA ARG A 121 2.43 0.39 -16.22
C ARG A 121 2.43 -0.47 -17.45
N TYR A 122 1.71 -0.02 -18.47
CA TYR A 122 1.68 -0.71 -19.75
C TYR A 122 2.77 -0.13 -20.63
N ALA A 123 3.52 -1.00 -21.28
CA ALA A 123 4.71 -0.57 -21.99
C ALA A 123 4.80 -1.16 -23.38
N ASP A 124 5.69 -0.60 -24.18
CA ASP A 124 6.07 -1.22 -25.45
C ASP A 124 7.19 -2.22 -25.17
N LEU A 125 6.96 -3.49 -25.46
CA LEU A 125 7.97 -4.52 -25.22
C LEU A 125 8.62 -5.08 -26.49
N THR A 126 8.52 -4.34 -27.60
CA THR A 126 9.00 -4.83 -28.89
C THR A 126 10.17 -4.00 -29.40
N THR A 127 10.18 -2.72 -29.04
CA THR A 127 11.12 -1.77 -29.62
C THR A 127 12.20 -1.39 -28.64
N PRO A 128 13.48 -1.52 -29.05
CA PRO A 128 14.69 -1.21 -28.28
C PRO A 128 14.44 -0.03 -27.35
N GLU A 129 13.93 1.05 -27.92
CA GLU A 129 13.45 2.21 -27.17
C GLU A 129 12.56 1.86 -25.98
N GLY A 130 11.35 1.38 -26.26
CA GLY A 130 10.30 1.28 -25.26
C GLY A 130 10.46 0.28 -24.12
N ILE A 131 11.09 -0.85 -24.41
CA ILE A 131 11.38 -1.85 -23.39
C ILE A 131 12.13 -1.19 -22.25
N ALA A 132 13.13 -0.40 -22.62
CA ALA A 132 13.90 0.39 -21.67
C ALA A 132 13.02 1.36 -20.88
N ALA A 133 12.22 2.15 -21.60
CA ALA A 133 11.36 3.16 -20.97
C ALA A 133 10.20 2.55 -20.17
N ALA A 134 10.34 1.28 -19.82
CA ALA A 134 9.40 0.49 -19.01
C ALA A 134 10.22 0.01 -17.85
N LEU A 135 11.26 -0.73 -18.18
CA LEU A 135 12.28 -1.14 -17.22
C LEU A 135 13.01 0.07 -16.63
N ALA A 136 12.36 1.25 -16.71
CA ALA A 136 12.80 2.45 -16.03
C ALA A 136 12.08 2.62 -14.70
N GLU A 137 10.88 2.05 -14.59
CA GLU A 137 10.05 2.18 -13.39
C GLU A 137 10.74 1.74 -12.10
N PRO A 138 10.79 2.63 -11.09
CA PRO A 138 11.37 2.28 -9.79
C PRO A 138 10.49 1.30 -9.04
N ASP A 139 11.06 0.60 -8.05
CA ASP A 139 10.36 -0.44 -7.31
C ASP A 139 9.69 -1.46 -8.24
N LEU A 140 10.29 -1.64 -9.42
CA LEU A 140 9.86 -2.64 -10.37
C LEU A 140 10.10 -4.01 -9.77
N ALA A 141 9.09 -4.86 -9.75
CA ALA A 141 9.26 -6.18 -9.14
C ALA A 141 8.79 -7.33 -10.06
N LEU A 142 8.03 -6.99 -11.09
CA LEU A 142 7.40 -7.99 -11.95
C LEU A 142 7.18 -7.50 -13.38
N VAL A 143 7.73 -8.22 -14.36
CA VAL A 143 7.48 -7.92 -15.77
C VAL A 143 6.64 -9.06 -16.34
N TRP A 144 5.50 -8.71 -16.92
CA TRP A 144 4.49 -9.70 -17.29
C TRP A 144 4.37 -9.78 -18.79
N ILE A 145 4.90 -10.85 -19.36
CA ILE A 145 4.93 -11.03 -20.81
C ILE A 145 3.93 -12.08 -21.25
N GLU A 146 3.11 -11.76 -22.24
CA GLU A 146 2.24 -12.76 -22.83
C GLU A 146 2.53 -12.85 -24.33
N THR A 147 3.15 -13.93 -24.76
CA THR A 147 3.57 -14.04 -26.17
C THR A 147 3.40 -15.47 -26.72
N PRO A 148 2.78 -15.60 -27.90
CA PRO A 148 2.25 -14.51 -28.74
C PRO A 148 1.07 -13.79 -28.10
N THR A 149 0.80 -12.60 -28.59
CA THR A 149 -0.28 -11.77 -28.06
C THR A 149 -1.56 -12.13 -28.76
N ASN A 150 -2.63 -11.46 -28.37
CA ASN A 150 -3.93 -11.61 -29.00
C ASN A 150 -4.51 -10.29 -29.52
N PRO A 151 -5.62 -10.40 -30.27
CA PRO A 151 -5.78 -11.59 -31.13
C PRO A 151 -5.00 -11.33 -32.41
N LEU A 152 -4.00 -10.44 -32.35
CA LEU A 152 -3.22 -10.04 -33.51
C LEU A 152 -1.91 -10.82 -33.61
N LEU A 153 -1.49 -11.39 -32.49
CA LEU A 153 -0.42 -12.39 -32.46
C LEU A 153 0.96 -11.77 -32.67
N THR A 154 1.21 -10.65 -32.00
CA THR A 154 2.57 -10.12 -31.95
C THR A 154 3.35 -10.93 -30.92
N VAL A 155 4.67 -10.78 -30.94
CA VAL A 155 5.56 -11.67 -30.19
C VAL A 155 6.65 -10.89 -29.46
N VAL A 156 6.74 -11.10 -28.15
CA VAL A 156 7.73 -10.41 -27.34
C VAL A 156 8.95 -11.29 -27.17
N ASP A 157 10.14 -10.70 -27.32
CA ASP A 157 11.40 -11.43 -27.17
C ASP A 157 11.67 -11.71 -25.68
N VAL A 158 11.35 -12.92 -25.24
CA VAL A 158 11.47 -13.31 -23.85
C VAL A 158 12.90 -13.18 -23.30
N ALA A 159 13.88 -13.69 -24.04
CA ALA A 159 15.27 -13.63 -23.59
C ALA A 159 15.77 -12.19 -23.45
N GLU A 160 15.50 -11.37 -24.46
CA GLU A 160 15.93 -9.97 -24.43
C GLU A 160 15.31 -9.19 -23.27
N VAL A 161 13.99 -9.30 -23.10
CA VAL A 161 13.32 -8.56 -22.04
C VAL A 161 13.74 -9.07 -20.66
N SER A 162 13.89 -10.39 -20.53
CA SER A 162 14.31 -11.00 -19.26
C SER A 162 15.69 -10.51 -18.82
N ARG A 163 16.61 -10.45 -19.77
CA ARG A 163 17.98 -9.98 -19.50
C ARG A 163 17.97 -8.58 -18.89
N ARG A 164 17.22 -7.67 -19.52
CA ARG A 164 17.21 -6.28 -19.08
C ARG A 164 16.36 -6.13 -17.82
N ALA A 165 15.28 -6.91 -17.71
CA ALA A 165 14.46 -6.87 -16.50
C ALA A 165 15.28 -7.30 -15.29
N HIS A 166 16.11 -8.31 -15.49
CA HIS A 166 16.89 -8.84 -14.38
C HIS A 166 17.99 -7.89 -13.92
N GLU A 167 18.60 -7.17 -14.88
CA GLU A 167 19.56 -6.12 -14.57
C GLU A 167 19.01 -5.29 -13.43
N ARG A 168 17.77 -4.84 -13.59
CA ARG A 168 17.07 -4.10 -12.55
C ARG A 168 16.74 -4.95 -11.33
N GLY A 169 16.78 -6.27 -11.50
CA GLY A 169 16.46 -7.18 -10.41
C GLY A 169 14.99 -7.55 -10.28
N ALA A 170 14.22 -7.38 -11.36
CA ALA A 170 12.78 -7.72 -11.34
C ALA A 170 12.53 -9.20 -11.59
N ARG A 171 11.29 -9.66 -11.37
CA ARG A 171 10.90 -11.00 -11.76
C ARG A 171 10.15 -11.01 -13.10
N VAL A 172 10.45 -12.01 -13.94
CA VAL A 172 9.83 -12.10 -15.26
C VAL A 172 8.93 -13.33 -15.38
N VAL A 173 7.66 -13.08 -15.67
CA VAL A 173 6.72 -14.18 -15.92
C VAL A 173 6.24 -14.15 -17.38
N VAL A 174 6.12 -15.33 -17.98
CA VAL A 174 5.54 -15.48 -19.29
C VAL A 174 4.24 -16.29 -19.24
N ASP A 175 3.14 -15.67 -19.66
CA ASP A 175 1.91 -16.42 -19.84
C ASP A 175 2.10 -17.18 -21.14
N ASN A 176 2.27 -18.49 -21.00
CA ASN A 176 2.67 -19.35 -22.11
C ASN A 176 1.52 -20.25 -22.55
N THR A 177 0.30 -19.85 -22.17
CA THR A 177 -0.91 -20.62 -22.51
C THR A 177 -1.05 -20.86 -24.02
N PHE A 178 -0.83 -19.81 -24.79
CA PHE A 178 -0.99 -19.83 -26.25
C PHE A 178 -0.16 -20.93 -26.90
N ALA A 179 1.14 -20.94 -26.64
CA ALA A 179 2.02 -21.86 -27.34
C ALA A 179 2.12 -23.21 -26.66
N SER A 180 1.92 -23.23 -25.34
CA SER A 180 2.15 -24.41 -24.52
C SER A 180 3.64 -24.73 -24.42
N PRO A 181 4.03 -25.58 -23.44
CA PRO A 181 5.45 -25.95 -23.36
C PRO A 181 5.95 -26.79 -24.54
N VAL A 182 5.08 -27.30 -25.42
CA VAL A 182 5.61 -27.97 -26.60
C VAL A 182 6.28 -27.03 -27.62
N LEU A 183 5.85 -25.77 -27.64
CA LEU A 183 6.38 -24.81 -28.63
C LEU A 183 7.30 -23.74 -28.06
N GLN A 184 7.23 -23.53 -26.75
CA GLN A 184 7.97 -22.44 -26.14
C GLN A 184 8.32 -22.77 -24.70
N GLN A 185 9.55 -22.49 -24.31
CA GLN A 185 10.05 -22.80 -22.97
C GLN A 185 10.60 -21.54 -22.27
N PRO A 186 9.71 -20.75 -21.64
CA PRO A 186 10.07 -19.44 -21.06
C PRO A 186 11.22 -19.50 -20.08
N LEU A 187 11.25 -20.53 -19.22
CA LEU A 187 12.34 -20.66 -18.28
C LEU A 187 13.69 -20.78 -19.00
N ALA A 188 13.76 -21.65 -20.02
CA ALA A 188 15.00 -21.79 -20.76
C ALA A 188 15.38 -20.52 -21.51
N LEU A 189 14.38 -19.68 -21.81
CA LEU A 189 14.61 -18.41 -22.49
C LEU A 189 15.10 -17.32 -21.52
N GLY A 190 15.07 -17.62 -20.23
CA GLY A 190 15.62 -16.70 -19.24
C GLY A 190 14.58 -16.12 -18.31
N ALA A 191 13.32 -16.49 -18.52
CA ALA A 191 12.27 -16.06 -17.60
C ALA A 191 12.30 -16.85 -16.29
N ASP A 192 11.66 -16.29 -15.26
CA ASP A 192 11.62 -16.90 -13.94
C ASP A 192 10.43 -17.82 -13.70
N VAL A 193 9.34 -17.53 -14.40
CA VAL A 193 8.07 -18.22 -14.16
C VAL A 193 7.31 -18.38 -15.47
N SER A 194 6.83 -19.60 -15.72
CA SER A 194 5.84 -19.81 -16.78
C SER A 194 4.47 -19.86 -16.13
N LEU A 195 3.50 -19.19 -16.76
CA LEU A 195 2.13 -19.20 -16.31
C LEU A 195 1.24 -19.89 -17.34
N TYR A 196 0.31 -20.73 -16.86
CA TYR A 196 -0.63 -21.42 -17.74
C TYR A 196 -2.08 -21.39 -17.29
N SER A 197 -2.96 -21.31 -18.27
CA SER A 197 -4.27 -21.88 -18.15
C SER A 197 -4.16 -23.27 -18.76
N THR A 198 -4.13 -24.30 -17.91
CA THR A 198 -4.11 -25.67 -18.42
C THR A 198 -5.43 -26.02 -19.11
N THR A 199 -6.49 -25.28 -18.74
CA THR A 199 -7.81 -25.34 -19.35
C THR A 199 -7.79 -25.32 -20.88
N1 LLP A 200 -4.23 -16.48 -20.03
C2 LLP A 200 -4.56 -16.81 -21.28
C2' LLP A 200 -3.57 -16.50 -22.45
C3 LLP A 200 -5.82 -17.43 -21.53
O3 LLP A 200 -6.12 -17.77 -22.85
C4 LLP A 200 -6.70 -17.71 -20.51
C4' LLP A 200 -8.12 -18.44 -20.82
C5 LLP A 200 -6.35 -17.37 -19.23
C6 LLP A 200 -5.12 -16.75 -18.99
C5' LLP A 200 -7.29 -17.60 -18.01
OP4 LLP A 200 -7.17 -18.89 -17.47
P LLP A 200 -8.50 -19.61 -17.12
OP1 LLP A 200 -8.12 -21.10 -17.03
OP2 LLP A 200 -9.04 -19.16 -15.83
OP3 LLP A 200 -9.50 -19.32 -18.17
N LLP A 200 -6.76 -24.71 -21.46
CA LLP A 200 -6.65 -24.60 -22.93
CB LLP A 200 -6.06 -23.25 -23.27
CG LLP A 200 -6.65 -22.14 -22.37
CD LLP A 200 -7.92 -21.48 -22.95
CE LLP A 200 -8.59 -20.52 -21.93
NZ LLP A 200 -8.06 -19.15 -22.07
C LLP A 200 -5.95 -25.82 -23.50
O LLP A 200 -6.45 -26.90 -23.28
N SER A 201 -4.83 -25.67 -24.22
CA SER A 201 -4.25 -26.82 -24.92
C SER A 201 -3.74 -27.93 -24.00
N ILE A 202 -3.28 -27.56 -22.82
CA ILE A 202 -2.69 -28.50 -21.88
C ILE A 202 -3.64 -29.67 -21.51
N ALA A 203 -4.76 -29.38 -20.85
CA ALA A 203 -5.81 -30.37 -20.68
C ALA A 203 -6.36 -30.81 -22.05
N GLY A 204 -6.74 -29.85 -22.88
CA GLY A 204 -6.91 -30.11 -24.31
C GLY A 204 -8.27 -30.58 -24.83
N HIS A 205 -9.19 -30.96 -23.95
CA HIS A 205 -10.43 -31.57 -24.41
C HIS A 205 -11.64 -30.77 -23.95
N ALA A 206 -11.36 -29.55 -23.50
CA ALA A 206 -12.39 -28.58 -23.18
C ALA A 206 -13.39 -29.11 -22.16
N ASP A 207 -12.90 -29.77 -21.12
CA ASP A 207 -13.81 -30.33 -20.10
C ASP A 207 -13.31 -30.22 -18.64
N VAL A 208 -12.51 -29.19 -18.36
CA VAL A 208 -11.99 -28.99 -17.02
C VAL A 208 -11.31 -27.62 -16.93
N LEU A 209 -11.45 -26.96 -15.79
CA LEU A 209 -10.73 -25.69 -15.55
C LEU A 209 -9.48 -25.98 -14.70
N GLY A 210 -8.32 -25.47 -15.15
CA GLY A 210 -7.10 -25.57 -14.38
C GLY A 210 -6.11 -24.44 -14.68
N GLY A 211 -5.19 -24.20 -13.74
CA GLY A 211 -4.11 -23.24 -13.95
C GLY A 211 -2.80 -23.88 -13.58
N ALA A 212 -1.68 -23.20 -13.87
CA ALA A 212 -0.38 -23.71 -13.46
C ALA A 212 0.68 -22.62 -13.44
N LEU A 213 1.62 -22.76 -12.50
CA LEU A 213 2.82 -21.95 -12.44
C LEU A 213 4.01 -22.92 -12.43
N VAL A 214 5.01 -22.65 -13.25
CA VAL A 214 6.21 -23.45 -13.30
C VAL A 214 7.40 -22.51 -13.13
N TYR A 215 8.39 -22.92 -12.34
CA TYR A 215 9.42 -21.98 -11.89
C TYR A 215 10.56 -22.72 -11.17
N ARG A 216 11.56 -21.96 -10.74
CA ARG A 216 12.76 -22.50 -10.14
C ARG A 216 13.02 -22.11 -8.67
N ASP A 217 12.66 -20.89 -8.25
CA ASP A 217 13.05 -20.41 -6.91
C ASP A 217 12.33 -21.08 -5.76
N ALA A 218 13.10 -21.54 -4.78
CA ALA A 218 12.56 -22.19 -3.59
C ALA A 218 11.71 -21.26 -2.73
N ASP A 219 12.12 -19.99 -2.59
CA ASP A 219 11.36 -19.10 -1.73
C ASP A 219 10.07 -18.63 -2.44
N LEU A 220 10.14 -18.47 -3.76
CA LEU A 220 8.93 -18.24 -4.53
C LEU A 220 8.00 -19.43 -4.31
N HIS A 221 8.57 -20.64 -4.39
CA HIS A 221 7.81 -21.86 -4.14
C HIS A 221 7.06 -21.82 -2.82
N ALA A 222 7.77 -21.49 -1.74
CA ALA A 222 7.15 -21.40 -0.43
C ALA A 222 6.02 -20.36 -0.41
N ALA A 223 6.25 -19.21 -1.02
CA ALA A 223 5.25 -18.14 -1.07
C ALA A 223 4.00 -18.56 -1.83
N VAL A 224 4.17 -19.16 -3.00
CA VAL A 224 3.05 -19.61 -3.82
C VAL A 224 2.20 -20.65 -3.10
N ARG A 225 2.86 -21.63 -2.45
CA ARG A 225 2.12 -22.65 -1.71
C ARG A 225 1.42 -22.07 -0.48
N ALA A 226 2.06 -21.12 0.19
CA ALA A 226 1.42 -20.45 1.32
C ALA A 226 0.13 -19.75 0.86
N TYR A 227 0.23 -19.05 -0.27
CA TYR A 227 -0.94 -18.33 -0.79
C TYR A 227 -2.07 -19.30 -1.18
N ARG A 228 -1.72 -20.35 -1.93
CA ARG A 228 -2.75 -21.29 -2.38
C ARG A 228 -3.49 -21.94 -1.19
N THR A 229 -2.76 -22.26 -0.13
CA THR A 229 -3.42 -22.92 1.00
C THR A 229 -4.33 -21.94 1.73
N THR A 230 -3.92 -20.67 1.78
CA THR A 230 -4.69 -19.63 2.46
C THR A 230 -5.86 -19.15 1.62
N ALA A 231 -5.60 -18.89 0.35
CA ALA A 231 -6.64 -18.45 -0.58
C ALA A 231 -7.60 -19.60 -0.92
N GLY A 232 -7.09 -20.82 -0.92
CA GLY A 232 -7.93 -21.98 -1.18
C GLY A 232 -8.36 -22.13 -2.63
N ASN A 233 -7.56 -21.56 -3.53
CA ASN A 233 -7.84 -21.62 -4.96
C ASN A 233 -7.21 -22.88 -5.52
N VAL A 234 -7.54 -24.00 -4.88
CA VAL A 234 -6.95 -25.30 -5.19
C VAL A 234 -7.86 -26.08 -6.12
N PRO A 235 -7.26 -26.72 -7.14
CA PRO A 235 -8.04 -27.55 -8.08
C PRO A 235 -8.48 -28.89 -7.48
N GLY A 236 -9.61 -29.38 -7.95
CA GLY A 236 -10.10 -30.68 -7.54
C GLY A 236 -9.26 -31.86 -7.99
N ALA A 237 -9.31 -32.93 -7.20
CA ALA A 237 -8.63 -34.17 -7.52
C ALA A 237 -9.08 -34.76 -8.88
N LEU A 238 -10.39 -34.82 -9.11
CA LEU A 238 -10.88 -35.29 -10.40
C LEU A 238 -10.52 -34.27 -11.47
N ASP A 239 -10.60 -32.98 -11.10
CA ASP A 239 -10.18 -31.89 -11.97
C ASP A 239 -8.76 -32.21 -12.46
N CYS A 240 -7.86 -32.54 -11.53
CA CYS A 240 -6.46 -32.77 -11.85
C CYS A 240 -6.23 -34.05 -12.65
N PHE A 241 -7.07 -35.07 -12.41
CA PHE A 241 -6.98 -36.29 -13.21
C PHE A 241 -7.27 -36.02 -14.69
N LEU A 242 -8.29 -35.22 -14.99
CA LEU A 242 -8.60 -34.85 -16.37
C LEU A 242 -7.47 -34.09 -17.08
N VAL A 243 -6.92 -33.09 -16.40
CA VAL A 243 -5.77 -32.34 -16.93
C VAL A 243 -4.60 -33.29 -17.22
N ARG A 244 -4.23 -34.10 -16.22
CA ARG A 244 -3.13 -35.05 -16.39
C ARG A 244 -3.39 -36.05 -17.53
N ARG A 245 -4.63 -36.51 -17.65
CA ARG A 245 -4.95 -37.49 -18.69
C ARG A 245 -4.85 -36.86 -20.06
N GLY A 246 -5.34 -35.62 -20.17
CA GLY A 246 -5.24 -34.88 -21.42
C GLY A 246 -3.80 -34.61 -21.81
N LEU A 247 -2.94 -34.41 -20.80
CA LEU A 247 -1.50 -34.14 -21.02
C LEU A 247 -0.78 -35.18 -21.84
N HIS A 248 -1.17 -36.45 -21.70
CA HIS A 248 -0.54 -37.54 -22.46
C HIS A 248 -0.39 -37.19 -23.95
N THR A 249 -1.41 -36.55 -24.51
CA THR A 249 -1.45 -36.35 -25.95
C THR A 249 -1.13 -34.90 -26.39
N LEU A 250 -0.60 -34.09 -25.48
CA LEU A 250 -0.33 -32.67 -25.78
C LEU A 250 0.56 -32.47 -27.01
N SER A 251 1.67 -33.19 -27.08
CA SER A 251 2.57 -33.03 -28.21
C SER A 251 1.91 -33.45 -29.52
N LEU A 252 1.23 -34.60 -29.51
CA LEU A 252 0.55 -35.09 -30.69
C LEU A 252 -0.52 -34.07 -31.14
N ARG A 253 -1.30 -33.57 -30.19
CA ARG A 253 -2.35 -32.60 -30.50
C ARG A 253 -1.79 -31.30 -31.09
N VAL A 254 -0.86 -30.67 -30.38
CA VAL A 254 -0.29 -29.40 -30.80
C VAL A 254 0.29 -29.47 -32.22
N HIS A 255 1.09 -30.49 -32.50
CA HIS A 255 1.70 -30.63 -33.83
C HIS A 255 0.65 -30.74 -34.95
N ARG A 256 -0.36 -31.58 -34.74
CA ARG A 256 -1.50 -31.68 -35.65
C ARG A 256 -2.17 -30.31 -35.82
N GLN A 257 -2.39 -29.62 -34.70
CA GLN A 257 -3.01 -28.30 -34.73
C GLN A 257 -2.15 -27.33 -35.53
N VAL A 258 -0.83 -27.39 -35.29
CA VAL A 258 0.10 -26.53 -36.02
C VAL A 258 0.01 -26.74 -37.54
N ALA A 259 0.08 -28.00 -37.96
CA ALA A 259 0.07 -28.35 -39.36
C ALA A 259 -1.19 -27.84 -40.06
N THR A 260 -2.33 -28.02 -39.40
CA THR A 260 -3.60 -27.55 -39.96
C THR A 260 -3.68 -26.02 -40.01
N ALA A 261 -3.21 -25.37 -38.95
CA ALA A 261 -3.17 -23.90 -38.92
C ALA A 261 -2.43 -23.37 -40.15
N ARG A 262 -1.30 -23.98 -40.46
CA ARG A 262 -0.51 -23.59 -41.62
C ARG A 262 -1.33 -23.71 -42.91
N VAL A 263 -2.10 -24.78 -43.04
CA VAL A 263 -2.93 -24.98 -44.23
C VAL A 263 -4.08 -23.96 -44.30
N LEU A 264 -4.70 -23.64 -43.15
CA LEU A 264 -5.76 -22.64 -43.14
C LEU A 264 -5.22 -21.26 -43.53
N VAL A 265 -4.01 -20.97 -43.10
CA VAL A 265 -3.32 -19.74 -43.51
C VAL A 265 -3.25 -19.57 -45.03
N GLU A 266 -2.90 -20.62 -45.76
CA GLU A 266 -2.78 -20.47 -47.20
C GLU A 266 -4.14 -20.28 -47.91
N ARG A 267 -5.19 -20.94 -47.44
CA ARG A 267 -6.50 -20.69 -48.04
C ARG A 267 -7.02 -19.30 -47.69
N LEU A 268 -6.70 -18.83 -46.48
CA LEU A 268 -7.06 -17.48 -46.10
C LEU A 268 -6.34 -16.50 -47.03
N ARG A 269 -5.11 -16.86 -47.39
CA ARG A 269 -4.31 -16.08 -48.34
C ARG A 269 -4.91 -16.14 -49.74
N ALA A 270 -5.62 -17.21 -50.04
CA ALA A 270 -6.22 -17.39 -51.37
C ALA A 270 -7.57 -16.71 -51.56
N SER A 271 -8.14 -16.19 -50.47
CA SER A 271 -9.48 -15.62 -50.50
C SER A 271 -9.55 -14.12 -50.82
N PRO A 272 -10.40 -13.76 -51.79
CA PRO A 272 -10.65 -12.35 -52.16
C PRO A 272 -11.59 -11.64 -51.18
N VAL A 273 -12.06 -12.31 -50.14
CA VAL A 273 -12.83 -11.64 -49.11
C VAL A 273 -12.09 -11.61 -47.78
N VAL A 274 -10.78 -11.81 -47.85
CA VAL A 274 -9.91 -11.72 -46.68
C VAL A 274 -8.83 -10.67 -46.94
N GLY A 275 -8.64 -9.77 -45.99
CA GLY A 275 -7.57 -8.79 -46.08
C GLY A 275 -6.31 -9.31 -45.43
N ALA A 276 -5.90 -8.65 -44.34
CA ALA A 276 -4.73 -9.08 -43.58
C ALA A 276 -4.97 -10.45 -42.98
N VAL A 277 -3.89 -11.22 -42.85
CA VAL A 277 -3.91 -12.48 -42.13
C VAL A 277 -2.78 -12.47 -41.11
N HIS A 278 -3.10 -12.74 -39.84
CA HIS A 278 -2.09 -12.81 -38.81
C HIS A 278 -1.77 -14.26 -38.47
N TYR A 279 -0.48 -14.54 -38.35
CA TYR A 279 0.02 -15.84 -37.92
C TYR A 279 1.51 -15.69 -37.63
N PRO A 280 1.95 -16.14 -36.45
CA PRO A 280 3.34 -15.92 -36.05
C PRO A 280 4.34 -16.70 -36.93
N GLY A 281 3.85 -17.33 -37.99
CA GLY A 281 4.69 -18.11 -38.88
C GLY A 281 4.80 -17.56 -40.28
N LEU A 282 4.11 -16.46 -40.57
CA LEU A 282 4.26 -15.80 -41.87
C LEU A 282 5.69 -15.28 -41.97
N PRO A 283 6.36 -15.54 -43.10
CA PRO A 283 7.76 -15.06 -43.23
C PRO A 283 7.89 -13.54 -43.21
N GLU A 284 6.78 -12.82 -43.45
CA GLU A 284 6.82 -11.37 -43.38
C GLU A 284 6.27 -10.84 -42.06
N HIS A 285 5.90 -11.75 -41.15
CA HIS A 285 5.35 -11.39 -39.84
C HIS A 285 6.17 -10.30 -39.15
N PRO A 286 5.48 -9.34 -38.51
CA PRO A 286 6.02 -8.20 -37.76
C PRO A 286 7.39 -8.51 -37.15
N GLN A 287 7.47 -9.61 -36.41
CA GLN A 287 8.70 -10.05 -35.78
C GLN A 287 9.06 -11.50 -36.15
N HIS A 288 9.38 -11.73 -37.41
CA HIS A 288 9.71 -13.08 -37.86
C HIS A 288 10.92 -13.67 -37.13
N ALA A 289 11.96 -12.86 -36.98
CA ALA A 289 13.21 -13.31 -36.36
C ALA A 289 13.02 -13.86 -34.95
N VAL A 290 12.27 -13.12 -34.13
CA VAL A 290 12.02 -13.52 -32.76
C VAL A 290 11.26 -14.84 -32.71
N VAL A 291 10.28 -15.01 -33.60
CA VAL A 291 9.56 -16.27 -33.67
C VAL A 291 10.50 -17.44 -33.98
N LYS A 292 11.36 -17.28 -34.97
CA LYS A 292 12.26 -18.35 -35.36
C LYS A 292 13.35 -18.58 -34.30
N ALA A 293 13.50 -17.63 -33.39
CA ALA A 293 14.50 -17.78 -32.34
C ALA A 293 13.95 -18.50 -31.12
N GLN A 294 12.69 -18.27 -30.77
CA GLN A 294 12.20 -18.70 -29.47
C GLN A 294 11.05 -19.73 -29.47
N MSE A 295 10.43 -19.97 -30.63
CA MSE A 295 9.31 -20.93 -30.74
C MSE A 295 9.60 -22.03 -31.78
O MSE A 295 9.97 -21.74 -32.91
CB MSE A 295 7.99 -20.21 -31.10
CG MSE A 295 7.48 -19.25 -30.04
SE MSE A 295 5.89 -18.19 -30.61
CE MSE A 295 4.55 -19.56 -30.76
N SER A 296 9.44 -23.28 -31.39
CA SER A 296 9.80 -24.39 -32.28
C SER A 296 8.81 -24.55 -33.44
N ALA A 297 7.60 -24.06 -33.23
CA ALA A 297 6.60 -23.96 -34.30
C ALA A 297 5.66 -22.78 -33.99
N PRO A 298 5.10 -22.14 -35.02
CA PRO A 298 4.42 -20.87 -34.73
C PRO A 298 2.97 -20.95 -34.21
N GLY A 299 2.57 -22.10 -33.67
CA GLY A 299 1.29 -22.18 -32.97
C GLY A 299 0.09 -22.50 -33.82
N ALA A 300 -1.08 -22.54 -33.19
CA ALA A 300 -2.30 -23.04 -33.79
C ALA A 300 -3.41 -21.98 -33.81
N ILE A 301 -3.02 -20.73 -33.61
CA ILE A 301 -4.00 -19.64 -33.61
C ILE A 301 -3.84 -18.78 -34.84
N VAL A 302 -4.96 -18.47 -35.48
CA VAL A 302 -4.94 -17.66 -36.69
C VAL A 302 -6.00 -16.56 -36.60
N SER A 303 -5.64 -15.35 -37.02
CA SER A 303 -6.62 -14.29 -37.15
C SER A 303 -6.49 -13.63 -38.52
N PHE A 304 -7.61 -13.09 -39.01
CA PHE A 304 -7.64 -12.48 -40.32
C PHE A 304 -8.76 -11.45 -40.38
N ASP A 305 -8.64 -10.53 -41.33
CA ASP A 305 -9.68 -9.54 -41.52
C ASP A 305 -10.60 -9.97 -42.65
N TYR A 306 -11.88 -10.09 -42.35
CA TYR A 306 -12.87 -10.53 -43.31
C TYR A 306 -13.54 -9.33 -43.97
N LEU A 307 -13.60 -9.33 -45.30
CA LEU A 307 -14.14 -8.20 -46.05
C LEU A 307 -15.48 -8.47 -46.73
N GLY A 308 -16.14 -9.57 -46.39
CA GLY A 308 -17.29 -10.02 -47.17
C GLY A 308 -18.68 -9.60 -46.70
N GLY A 309 -18.75 -8.74 -45.71
CA GLY A 309 -20.03 -8.39 -45.12
C GLY A 309 -19.94 -8.48 -43.61
N PRO A 310 -21.08 -8.40 -42.92
CA PRO A 310 -21.08 -8.36 -41.46
C PRO A 310 -20.45 -9.62 -40.86
N ALA A 311 -19.66 -9.43 -39.82
CA ALA A 311 -18.96 -10.55 -39.21
C ALA A 311 -19.93 -11.57 -38.63
N GLU A 312 -21.08 -11.11 -38.12
CA GLU A 312 -22.04 -12.04 -37.52
C GLU A 312 -22.59 -13.04 -38.56
N ARG A 313 -22.77 -12.59 -39.80
CA ARG A 313 -23.17 -13.50 -40.86
C ARG A 313 -22.05 -14.50 -41.18
N LEU A 314 -20.79 -14.06 -41.16
CA LEU A 314 -19.68 -15.01 -41.33
C LEU A 314 -19.75 -16.14 -40.28
N LEU A 315 -19.90 -15.77 -39.02
CA LEU A 315 -20.02 -16.73 -37.92
C LEU A 315 -21.17 -17.72 -38.13
N ASP A 316 -22.31 -17.22 -38.60
CA ASP A 316 -23.49 -18.06 -38.84
C ASP A 316 -23.32 -19.05 -40.00
N ARG A 317 -22.26 -18.93 -40.80
CA ARG A 317 -22.07 -19.84 -41.93
C ARG A 317 -21.12 -21.02 -41.68
N PHE A 318 -20.44 -21.04 -40.54
CA PHE A 318 -19.62 -22.20 -40.18
C PHE A 318 -20.54 -23.36 -39.78
N THR A 319 -20.26 -24.56 -40.25
CA THR A 319 -20.98 -25.74 -39.75
C THR A 319 -20.02 -26.83 -39.27
N LEU A 320 -18.76 -26.49 -39.08
CA LEU A 320 -17.81 -27.40 -38.45
C LEU A 320 -17.12 -26.71 -37.29
N PHE A 321 -16.46 -25.58 -37.55
CA PHE A 321 -15.98 -24.74 -36.46
C PHE A 321 -17.16 -24.40 -35.53
N THR A 322 -16.89 -24.34 -34.24
CA THR A 322 -17.90 -23.93 -33.27
C THR A 322 -17.69 -22.46 -32.92
N CYS A 323 -18.75 -21.68 -32.89
CA CYS A 323 -18.64 -20.30 -32.45
C CYS A 323 -18.68 -20.30 -30.93
N GLY A 324 -17.57 -19.91 -30.32
CA GLY A 324 -17.48 -19.82 -28.88
C GLY A 324 -16.09 -19.35 -28.50
N VAL A 325 -15.89 -19.04 -27.23
CA VAL A 325 -14.57 -18.61 -26.78
C VAL A 325 -13.78 -19.80 -26.23
N SER A 326 -12.60 -19.51 -25.70
CA SER A 326 -11.57 -20.48 -25.30
C SER A 326 -10.80 -20.88 -26.55
N LEU A 327 -9.67 -21.54 -26.36
CA LEU A 327 -8.83 -21.92 -27.48
C LEU A 327 -7.99 -23.13 -27.15
N GLY A 328 -7.54 -23.85 -28.17
CA GLY A 328 -6.59 -24.94 -27.98
C GLY A 328 -7.19 -26.32 -27.74
N GLY A 329 -8.52 -26.42 -27.79
CA GLY A 329 -9.20 -27.69 -27.60
C GLY A 329 -9.27 -28.52 -28.87
N VAL A 330 -9.69 -29.79 -28.73
CA VAL A 330 -9.73 -30.70 -29.87
C VAL A 330 -10.85 -30.34 -30.84
N HIS A 331 -11.79 -29.51 -30.40
CA HIS A 331 -12.80 -28.94 -31.31
C HIS A 331 -12.35 -27.55 -31.75
N SER A 332 -12.38 -27.29 -33.05
CA SER A 332 -12.00 -25.98 -33.58
C SER A 332 -13.04 -24.90 -33.28
N LEU A 333 -12.56 -23.73 -32.87
CA LEU A 333 -13.46 -22.65 -32.51
C LEU A 333 -13.21 -21.43 -33.40
N VAL A 334 -14.20 -20.55 -33.43
CA VAL A 334 -14.08 -19.29 -34.15
C VAL A 334 -14.78 -18.24 -33.30
N GLU A 335 -14.27 -17.02 -33.39
CA GLU A 335 -14.72 -15.94 -32.54
C GLU A 335 -14.46 -14.65 -33.36
N CYS A 336 -15.26 -13.60 -33.18
CA CYS A 336 -15.00 -12.29 -33.82
C CYS A 336 -14.54 -11.24 -32.79
N PRO A 337 -13.33 -11.39 -32.22
CA PRO A 337 -12.93 -10.75 -30.96
C PRO A 337 -13.72 -9.48 -30.53
N ALA A 338 -14.20 -8.69 -31.48
CA ALA A 338 -14.97 -7.47 -31.16
C ALA A 338 -16.38 -7.75 -30.61
N LEU A 339 -17.04 -8.79 -31.09
CA LEU A 339 -18.38 -9.08 -30.59
C LEU A 339 -18.39 -9.90 -29.27
N MSE A 340 -17.23 -10.20 -28.68
CA MSE A 340 -17.21 -11.19 -27.57
C MSE A 340 -16.02 -11.09 -26.61
O MSE A 340 -16.16 -10.56 -25.50
CB MSE A 340 -17.30 -12.65 -28.06
CG MSE A 340 -18.05 -12.88 -29.33
SE MSE A 340 -16.91 -12.17 -30.69
CE MSE A 340 -15.83 -13.65 -30.39
N THR A 341 -14.90 -11.67 -27.02
CA THR A 341 -13.64 -11.55 -26.27
C THR A 341 -13.50 -10.16 -25.79
N HIS A 342 -13.45 -9.25 -26.76
CA HIS A 342 -13.16 -7.87 -26.51
C HIS A 342 -14.39 -6.99 -26.75
N ARG A 343 -15.58 -7.61 -26.66
CA ARG A 343 -16.89 -6.91 -26.62
C ARG A 343 -16.80 -5.62 -25.77
N PRO A 344 -16.06 -5.68 -24.63
CA PRO A 344 -15.52 -4.51 -23.94
C PRO A 344 -14.87 -3.44 -24.82
N LEU A 345 -13.53 -3.34 -24.74
CA LEU A 345 -12.70 -2.29 -25.37
C LEU A 345 -13.25 -1.79 -26.70
N SER A 346 -13.37 -0.47 -26.86
CA SER A 346 -14.40 0.14 -27.71
C SER A 346 -14.04 0.60 -29.13
N ALA A 347 -15.00 1.28 -29.76
CA ALA A 347 -14.86 1.75 -31.13
C ALA A 347 -13.80 2.82 -31.22
N GLU A 348 -13.44 3.37 -30.06
CA GLU A 348 -12.45 4.41 -30.02
C GLU A 348 -11.23 3.82 -29.33
N ALA A 349 -11.20 2.50 -29.22
CA ALA A 349 -10.32 1.82 -28.26
C ALA A 349 -9.94 0.36 -28.60
N ARG A 350 -10.76 -0.33 -29.37
CA ARG A 350 -10.34 -1.61 -29.95
C ARG A 350 -9.53 -1.32 -31.21
N ALA A 351 -9.67 -0.10 -31.74
CA ALA A 351 -8.97 0.31 -32.96
C ALA A 351 -7.54 0.74 -32.64
N ARG A 352 -7.30 1.07 -31.38
CA ARG A 352 -5.95 1.39 -30.91
C ARG A 352 -5.10 0.12 -30.86
N ARG A 353 -5.76 -1.02 -30.93
CA ARG A 353 -5.09 -2.30 -30.76
C ARG A 353 -5.02 -3.04 -32.08
N GLY A 354 -5.41 -2.38 -33.17
CA GLY A 354 -5.40 -3.00 -34.47
C GLY A 354 -6.49 -4.05 -34.61
N ILE A 355 -7.43 -4.07 -33.66
CA ILE A 355 -8.58 -4.96 -33.71
C ILE A 355 -9.65 -4.33 -34.58
N GLY A 356 -10.00 -5.01 -35.66
CA GLY A 356 -11.04 -4.52 -36.56
C GLY A 356 -12.38 -5.12 -36.16
N GLU A 357 -13.46 -4.44 -36.51
CA GLU A 357 -14.80 -4.95 -36.23
C GLU A 357 -15.07 -6.25 -36.99
N SER A 358 -14.30 -6.48 -38.05
CA SER A 358 -14.33 -7.75 -38.76
C SER A 358 -13.03 -8.56 -38.63
N LEU A 359 -12.34 -8.40 -37.52
CA LEU A 359 -11.27 -9.33 -37.19
C LEU A 359 -11.91 -10.64 -36.77
N ILE A 360 -11.42 -11.74 -37.34
CA ILE A 360 -11.91 -13.07 -37.02
C ILE A 360 -10.75 -13.92 -36.50
N ARG A 361 -10.95 -14.58 -35.36
CA ARG A 361 -9.91 -15.44 -34.80
C ARG A 361 -10.31 -16.91 -34.91
N LEU A 362 -9.34 -17.75 -35.26
CA LEU A 362 -9.53 -19.20 -35.32
C LEU A 362 -8.64 -19.90 -34.30
N SER A 363 -9.23 -20.84 -33.57
CA SER A 363 -8.49 -21.77 -32.73
C SER A 363 -8.53 -23.17 -33.37
N VAL A 364 -7.39 -23.64 -33.84
CA VAL A 364 -7.39 -24.86 -34.64
C VAL A 364 -7.38 -26.12 -33.78
N GLY A 365 -8.37 -26.99 -34.00
CA GLY A 365 -8.46 -28.26 -33.31
C GLY A 365 -7.82 -29.38 -34.12
N ILE A 366 -8.13 -30.63 -33.79
CA ILE A 366 -7.47 -31.76 -34.44
C ILE A 366 -8.32 -32.45 -35.50
N GLU A 367 -9.40 -31.81 -35.91
CA GLU A 367 -10.23 -32.35 -36.99
C GLU A 367 -9.43 -32.47 -38.29
N ASP A 368 -9.93 -33.24 -39.26
CA ASP A 368 -9.23 -33.38 -40.53
C ASP A 368 -8.99 -32.01 -41.20
N PRO A 369 -7.75 -31.75 -41.65
CA PRO A 369 -7.40 -30.43 -42.14
C PRO A 369 -8.17 -30.01 -43.40
N GLN A 370 -8.55 -30.97 -44.24
CA GLN A 370 -9.33 -30.63 -45.42
C GLN A 370 -10.79 -30.33 -45.05
N ASP A 371 -11.31 -31.05 -44.05
CA ASP A 371 -12.63 -30.75 -43.51
C ASP A 371 -12.72 -29.32 -42.99
N LEU A 372 -11.70 -28.90 -42.24
CA LEU A 372 -11.68 -27.54 -41.70
C LEU A 372 -11.53 -26.51 -42.82
N ALA A 373 -10.62 -26.78 -43.76
CA ALA A 373 -10.45 -25.88 -44.91
C ALA A 373 -11.75 -25.73 -45.71
N GLU A 374 -12.47 -26.83 -45.87
CA GLU A 374 -13.73 -26.80 -46.60
C GLU A 374 -14.79 -26.01 -45.83
N ASP A 375 -14.79 -26.12 -44.50
CA ASP A 375 -15.72 -25.35 -43.69
C ASP A 375 -15.43 -23.85 -43.82
N LEU A 376 -14.15 -23.50 -43.69
CA LEU A 376 -13.74 -22.11 -43.75
C LEU A 376 -14.10 -21.48 -45.10
N SER A 377 -13.83 -22.21 -46.18
CA SER A 377 -14.04 -21.66 -47.52
C SER A 377 -15.53 -21.40 -47.84
N ARG A 378 -16.41 -22.36 -47.49
CA ARG A 378 -17.86 -22.19 -47.66
C ARG A 378 -18.42 -21.09 -46.76
N ALA A 379 -17.86 -20.97 -45.55
CA ALA A 379 -18.24 -19.88 -44.65
C ALA A 379 -17.81 -18.51 -45.20
N LEU A 380 -16.55 -18.42 -45.62
CA LEU A 380 -16.03 -17.18 -46.22
C LEU A 380 -16.85 -16.72 -47.41
N ALA A 381 -17.42 -17.67 -48.14
CA ALA A 381 -18.06 -17.40 -49.43
C ALA A 381 -17.14 -16.61 -50.36
N GLY A 382 -15.85 -16.89 -50.24
CA GLY A 382 -14.82 -16.39 -51.11
C GLY A 382 -14.61 -17.27 -52.32
N GLY B 6 -42.67 -23.37 -1.67
CA GLY B 6 -41.39 -23.91 -1.27
C GLY B 6 -41.53 -25.22 -0.53
N MSE B 7 -40.56 -26.12 -0.66
CA MSE B 7 -40.64 -27.31 0.17
C MSE B 7 -39.90 -27.21 1.47
O MSE B 7 -39.03 -26.35 1.65
CB MSE B 7 -40.14 -28.55 -0.52
CG MSE B 7 -41.17 -29.13 -1.36
SE MSE B 7 -40.45 -28.61 -2.96
CE MSE B 7 -41.96 -27.63 -3.66
N ARG B 8 -40.27 -28.11 2.37
CA ARG B 8 -39.62 -28.23 3.65
C ARG B 8 -38.18 -28.74 3.46
N PHE B 9 -37.33 -28.35 4.40
CA PHE B 9 -35.90 -28.54 4.35
C PHE B 9 -35.48 -29.95 3.87
N GLY B 10 -36.15 -30.97 4.41
CA GLY B 10 -35.85 -32.34 4.03
C GLY B 10 -36.21 -32.69 2.59
N THR B 11 -37.09 -31.90 1.97
CA THR B 11 -37.49 -32.08 0.58
C THR B 11 -36.66 -31.17 -0.35
N ARG B 12 -36.14 -30.08 0.20
CA ARG B 12 -35.28 -29.18 -0.55
C ARG B 12 -33.89 -29.74 -0.77
N LEU B 13 -33.47 -30.63 0.12
CA LEU B 13 -32.17 -31.27 0.00
C LEU B 13 -32.15 -32.10 -1.28
N VAL B 14 -33.28 -32.76 -1.55
CA VAL B 14 -33.37 -33.66 -2.69
C VAL B 14 -33.68 -32.93 -4.00
N HIS B 15 -34.52 -31.89 -3.94
CA HIS B 15 -35.05 -31.29 -5.17
C HIS B 15 -34.61 -29.85 -5.48
N GLY B 16 -34.00 -29.18 -4.51
CA GLY B 16 -33.49 -27.85 -4.77
C GLY B 16 -32.47 -27.91 -5.90
N GLY B 17 -32.60 -27.06 -6.90
CA GLY B 17 -31.67 -27.10 -8.02
C GLY B 17 -31.75 -28.30 -8.96
N ARG B 18 -32.91 -28.99 -8.99
CA ARG B 18 -33.10 -30.12 -9.91
C ARG B 18 -33.80 -29.67 -11.22
N ARG B 19 -33.29 -28.58 -11.84
CA ARG B 19 -33.85 -27.92 -13.04
C ARG B 19 -33.89 -28.86 -14.28
N PRO B 20 -35.03 -28.91 -15.00
CA PRO B 20 -35.08 -30.13 -15.84
C PRO B 20 -34.17 -30.30 -17.07
N SER B 21 -34.35 -31.45 -17.73
CA SER B 21 -33.56 -31.86 -18.88
C SER B 21 -34.47 -31.95 -20.08
N ALA B 22 -34.47 -30.86 -20.85
CA ALA B 22 -35.26 -30.78 -22.05
C ALA B 22 -34.59 -31.63 -23.11
N GLY B 23 -35.29 -32.67 -23.52
CA GLY B 23 -34.79 -33.51 -24.58
C GLY B 23 -34.55 -34.94 -24.17
N THR B 24 -34.48 -35.19 -22.86
CA THR B 24 -34.28 -36.56 -22.37
C THR B 24 -35.10 -36.94 -21.12
N GLY B 25 -35.08 -36.09 -20.09
CA GLY B 25 -35.91 -36.30 -18.91
C GLY B 25 -35.23 -36.82 -17.65
N ASP B 26 -33.90 -36.71 -17.58
CA ASP B 26 -33.11 -37.29 -16.49
C ASP B 26 -33.58 -36.80 -15.12
N VAL B 27 -33.76 -37.72 -14.19
CA VAL B 27 -34.12 -37.34 -12.81
C VAL B 27 -32.94 -36.67 -12.12
N VAL B 28 -31.77 -37.28 -12.23
CA VAL B 28 -30.55 -36.66 -11.76
C VAL B 28 -29.93 -35.88 -12.92
N PRO B 29 -29.76 -34.57 -12.75
CA PRO B 29 -29.26 -33.71 -13.82
C PRO B 29 -27.87 -34.15 -14.30
N PRO B 30 -27.69 -34.23 -15.62
CA PRO B 30 -26.42 -34.69 -16.19
C PRO B 30 -25.26 -33.79 -15.81
N ILE B 31 -24.05 -34.32 -15.82
CA ILE B 31 -22.90 -33.57 -15.33
C ILE B 31 -22.31 -32.68 -16.42
N HIS B 32 -22.34 -31.35 -16.23
CA HIS B 32 -21.85 -30.42 -17.25
C HIS B 32 -20.35 -30.16 -17.07
N VAL B 33 -19.54 -30.90 -17.81
CA VAL B 33 -18.08 -30.72 -17.74
C VAL B 33 -17.55 -29.73 -18.77
N SER B 34 -18.35 -29.41 -19.80
CA SER B 34 -17.87 -28.55 -20.88
C SER B 34 -17.37 -27.19 -20.36
N THR B 35 -16.19 -26.78 -20.84
CA THR B 35 -15.68 -25.44 -20.53
C THR B 35 -16.18 -24.41 -21.53
N THR B 36 -16.59 -24.88 -22.70
CA THR B 36 -16.94 -23.96 -23.77
C THR B 36 -18.38 -24.19 -24.24
N TYR B 37 -18.97 -23.16 -24.83
CA TYR B 37 -20.37 -23.18 -25.22
C TYR B 37 -20.56 -22.62 -26.63
N GLU B 38 -21.46 -23.23 -27.40
CA GLU B 38 -21.81 -22.73 -28.71
C GLU B 38 -22.80 -21.57 -28.57
N ARG B 39 -22.50 -20.49 -29.28
CA ARG B 39 -23.23 -19.24 -29.18
C ARG B 39 -24.53 -19.17 -30.01
N ARG B 40 -24.51 -19.72 -31.21
CA ARG B 40 -25.63 -19.57 -32.14
C ARG B 40 -26.93 -20.23 -31.66
N ALA B 41 -26.94 -21.55 -31.55
CA ALA B 41 -28.10 -22.26 -31.02
C ALA B 41 -28.14 -22.23 -29.48
N GLN B 42 -28.39 -21.03 -28.94
CA GLN B 42 -28.79 -20.81 -27.56
C GLN B 42 -29.83 -19.69 -27.63
N ASP B 43 -31.10 -20.05 -27.56
CA ASP B 43 -32.21 -19.11 -27.83
C ASP B 43 -32.06 -17.79 -27.06
N GLU B 44 -31.63 -17.88 -25.81
CA GLU B 44 -31.22 -16.71 -25.02
C GLU B 44 -29.85 -16.97 -24.38
N PRO B 45 -28.78 -16.53 -25.06
CA PRO B 45 -27.40 -16.80 -24.69
C PRO B 45 -27.05 -16.33 -23.28
N ARG B 46 -26.83 -17.29 -22.40
CA ARG B 46 -26.38 -17.05 -21.03
C ARG B 46 -25.06 -17.80 -20.73
N TYR B 47 -24.74 -18.84 -21.51
CA TYR B 47 -23.53 -19.63 -21.26
C TYR B 47 -22.39 -19.33 -22.23
N PHE B 48 -21.31 -18.80 -21.68
CA PHE B 48 -20.21 -18.27 -22.48
C PHE B 48 -18.88 -18.97 -22.21
N TYR B 49 -18.58 -19.18 -20.93
CA TYR B 49 -17.31 -19.77 -20.53
C TYR B 49 -17.38 -20.32 -19.12
N GLY B 50 -16.79 -21.49 -18.94
CA GLY B 50 -16.96 -22.30 -17.73
C GLY B 50 -16.58 -21.63 -16.43
N ARG B 51 -15.59 -20.76 -16.46
CA ARG B 51 -15.22 -20.02 -15.27
C ARG B 51 -16.36 -19.08 -14.85
N GLY B 52 -17.14 -18.61 -15.82
CA GLY B 52 -18.22 -17.68 -15.53
C GLY B 52 -19.54 -18.37 -15.23
N GLU B 53 -19.86 -19.39 -16.03
CA GLU B 53 -21.13 -20.07 -15.91
C GLU B 53 -20.94 -21.58 -15.94
N ASN B 54 -21.80 -22.28 -15.22
CA ASN B 54 -21.84 -23.73 -15.32
C ASN B 54 -23.15 -24.24 -14.73
N PRO B 55 -23.95 -24.92 -15.54
CA PRO B 55 -25.27 -25.41 -15.12
C PRO B 55 -25.19 -26.27 -13.84
N THR B 56 -24.23 -27.20 -13.79
CA THR B 56 -24.04 -28.04 -12.61
C THR B 56 -23.71 -27.21 -11.35
N ARG B 57 -22.83 -26.23 -11.48
CA ARG B 57 -22.54 -25.37 -10.33
C ARG B 57 -23.77 -24.54 -9.94
N GLU B 58 -24.49 -24.02 -10.92
CA GLU B 58 -25.64 -23.17 -10.62
C GLU B 58 -26.72 -23.98 -9.89
N GLU B 59 -26.76 -25.27 -10.18
CA GLU B 59 -27.70 -26.18 -9.54
C GLU B 59 -27.37 -26.36 -8.05
N LEU B 60 -26.09 -26.58 -7.75
CA LEU B 60 -25.66 -26.67 -6.37
C LEU B 60 -26.02 -25.36 -5.63
N GLU B 61 -25.73 -24.25 -6.30
CA GLU B 61 -26.03 -22.91 -5.76
C GLU B 61 -27.52 -22.72 -5.47
N GLU B 62 -28.37 -23.12 -6.40
CA GLU B 62 -29.82 -23.01 -6.22
C GLU B 62 -30.20 -23.87 -5.01
N CYS B 63 -29.65 -25.07 -4.93
CA CYS B 63 -29.94 -25.94 -3.79
C CYS B 63 -29.59 -25.27 -2.47
N LEU B 64 -28.37 -24.75 -2.37
CA LEU B 64 -27.86 -24.13 -1.15
C LEU B 64 -28.66 -22.90 -0.74
N ALA B 65 -29.01 -22.07 -1.72
CA ALA B 65 -29.83 -20.89 -1.47
C ALA B 65 -31.19 -21.29 -0.86
N GLY B 66 -31.78 -22.35 -1.40
CA GLY B 66 -33.07 -22.82 -0.95
C GLY B 66 -33.06 -23.31 0.49
N LEU B 67 -31.94 -23.89 0.92
CA LEU B 67 -31.82 -24.39 2.30
C LEU B 67 -32.04 -23.28 3.32
N GLU B 68 -31.78 -22.05 2.91
CA GLU B 68 -31.95 -20.90 3.79
C GLU B 68 -33.01 -19.94 3.25
N ARG B 69 -33.80 -20.44 2.28
CA ARG B 69 -34.68 -19.60 1.44
C ARG B 69 -34.04 -18.26 1.09
N ALA B 70 -32.77 -18.30 0.70
CA ALA B 70 -32.05 -17.13 0.25
C ALA B 70 -32.32 -16.93 -1.23
N PRO B 71 -32.12 -15.71 -1.72
CA PRO B 71 -32.18 -15.50 -3.17
C PRO B 71 -30.88 -15.88 -3.89
N PHE B 72 -29.76 -15.87 -3.17
CA PHE B 72 -28.45 -16.09 -3.80
C PHE B 72 -27.55 -17.10 -3.07
N ALA B 73 -26.78 -17.84 -3.85
CA ALA B 73 -25.64 -18.60 -3.33
C ALA B 73 -24.58 -18.68 -4.40
N THR B 74 -23.32 -18.60 -3.96
CA THR B 74 -22.17 -18.75 -4.84
C THR B 74 -21.27 -19.83 -4.24
N VAL B 75 -20.76 -20.73 -5.08
CA VAL B 75 -19.83 -21.75 -4.59
C VAL B 75 -18.38 -21.56 -5.04
N PHE B 76 -17.46 -22.15 -4.27
CA PHE B 76 -16.03 -21.94 -4.46
C PHE B 76 -15.21 -23.24 -4.37
N SER B 77 -13.97 -23.16 -4.84
CA SER B 77 -12.98 -24.23 -4.79
C SER B 77 -12.61 -24.70 -3.37
N SER B 78 -13.07 -23.97 -2.35
CA SER B 78 -12.98 -24.40 -0.95
C SER B 78 -13.59 -23.34 -0.05
N GLY B 79 -13.75 -23.67 1.24
CA GLY B 79 -14.20 -22.73 2.26
C GLY B 79 -13.30 -21.50 2.34
N GLN B 80 -11.99 -21.73 2.34
CA GLN B 80 -11.02 -20.64 2.33
C GLN B 80 -11.26 -19.65 1.19
N ALA B 81 -11.58 -20.16 0.00
CA ALA B 81 -11.85 -19.30 -1.14
C ALA B 81 -13.12 -18.46 -0.93
N ALA B 82 -14.16 -19.05 -0.35
CA ALA B 82 -15.36 -18.28 0.02
C ALA B 82 -15.01 -17.16 1.00
N ALA B 83 -14.33 -17.52 2.09
CA ALA B 83 -13.86 -16.56 3.07
C ALA B 83 -13.05 -15.44 2.43
N ALA B 84 -12.11 -15.83 1.56
CA ALA B 84 -11.19 -14.86 0.96
C ALA B 84 -11.96 -13.84 0.13
N THR B 85 -12.93 -14.32 -0.63
CA THR B 85 -13.77 -13.50 -1.49
C THR B 85 -14.51 -12.44 -0.69
N LEU B 86 -15.21 -12.90 0.36
CA LEU B 86 -15.99 -12.01 1.19
C LEU B 86 -15.06 -10.97 1.85
N LEU B 87 -13.93 -11.45 2.38
CA LEU B 87 -12.96 -10.59 3.04
C LEU B 87 -12.30 -9.62 2.06
N SER B 88 -12.29 -9.96 0.76
CA SER B 88 -11.66 -9.11 -0.24
C SER B 88 -12.42 -7.79 -0.44
N LEU B 89 -13.68 -7.78 -0.02
CA LEU B 89 -14.52 -6.60 -0.18
C LEU B 89 -14.24 -5.55 0.89
N VAL B 90 -13.52 -5.91 1.95
CA VAL B 90 -13.17 -4.92 2.96
C VAL B 90 -12.06 -4.02 2.43
N ARG B 91 -12.26 -2.71 2.56
CA ARG B 91 -11.41 -1.71 1.90
C ARG B 91 -10.40 -1.08 2.85
N PRO B 92 -9.38 -0.38 2.29
CA PRO B 92 -8.43 0.39 3.09
C PRO B 92 -9.10 1.37 4.06
N GLY B 93 -8.65 1.34 5.31
CA GLY B 93 -9.23 2.17 6.35
C GLY B 93 -10.28 1.43 7.14
N GLN B 94 -10.95 0.47 6.50
CA GLN B 94 -12.08 -0.20 7.11
C GLN B 94 -11.67 -1.30 8.10
N CYS B 95 -12.43 -1.39 9.19
CA CYS B 95 -12.16 -2.38 10.23
C CYS B 95 -13.07 -3.60 10.11
N VAL B 96 -12.50 -4.77 10.34
CA VAL B 96 -13.28 -5.99 10.50
C VAL B 96 -13.14 -6.34 11.96
N VAL B 97 -14.26 -6.72 12.58
CA VAL B 97 -14.24 -7.27 13.93
C VAL B 97 -14.52 -8.75 13.90
N SER B 98 -13.73 -9.50 14.65
CA SER B 98 -14.04 -10.89 14.90
C SER B 98 -13.61 -11.27 16.30
N THR B 99 -13.24 -12.52 16.47
CA THR B 99 -12.85 -13.06 17.76
C THR B 99 -11.56 -13.85 17.57
N ASP B 100 -10.58 -13.65 18.45
CA ASP B 100 -9.27 -14.27 18.30
C ASP B 100 -9.25 -15.80 18.36
N ASP B 101 -10.40 -16.41 18.64
CA ASP B 101 -10.50 -17.86 18.71
C ASP B 101 -11.13 -18.35 17.42
N VAL B 102 -10.61 -17.86 16.30
CA VAL B 102 -11.27 -18.08 15.02
C VAL B 102 -10.40 -18.98 14.14
N TYR B 103 -11.04 -19.90 13.43
CA TYR B 103 -10.37 -20.85 12.52
C TYR B 103 -9.08 -20.28 11.92
N ALA B 104 -7.97 -21.03 12.04
CA ALA B 104 -6.66 -20.55 11.59
C ALA B 104 -6.67 -19.97 10.16
N GLY B 105 -7.43 -20.60 9.26
CA GLY B 105 -7.61 -20.07 7.91
C GLY B 105 -8.26 -18.68 7.89
N THR B 106 -9.33 -18.53 8.67
CA THR B 106 -9.92 -17.22 8.91
C THR B 106 -8.94 -16.28 9.61
N ASP B 107 -7.95 -16.82 10.32
CA ASP B 107 -6.89 -15.96 10.85
C ASP B 107 -5.95 -15.47 9.76
N GLY B 108 -5.60 -16.38 8.85
CA GLY B 108 -4.62 -16.11 7.81
C GLY B 108 -5.09 -15.11 6.79
N LEU B 109 -6.38 -15.15 6.49
CA LEU B 109 -6.96 -14.15 5.62
C LEU B 109 -7.09 -12.81 6.33
N PHE B 110 -7.35 -12.84 7.64
CA PHE B 110 -7.33 -11.60 8.42
C PHE B 110 -6.00 -10.84 8.30
N ASP B 111 -4.87 -11.52 8.43
CA ASP B 111 -3.58 -10.81 8.33
C ASP B 111 -3.35 -10.27 6.92
N LEU B 112 -4.04 -10.85 5.94
CA LEU B 112 -3.92 -10.39 4.57
C LEU B 112 -4.67 -9.07 4.43
N ALA B 113 -5.88 -9.02 4.95
CA ALA B 113 -6.69 -7.82 4.93
C ALA B 113 -5.96 -6.68 5.64
N ALA B 114 -5.25 -7.02 6.71
CA ALA B 114 -4.57 -6.01 7.52
C ALA B 114 -3.45 -5.31 6.74
N ARG B 115 -2.93 -5.98 5.72
CA ARG B 115 -1.97 -5.37 4.81
C ARG B 115 -2.71 -4.60 3.71
N GLN B 116 -4.03 -4.73 3.67
CA GLN B 116 -4.84 -4.02 2.69
C GLN B 116 -5.53 -2.77 3.29
N GLY B 117 -4.90 -2.18 4.31
CA GLY B 117 -5.45 -1.02 4.98
C GLY B 117 -6.66 -1.34 5.86
N VAL B 118 -6.82 -2.62 6.17
CA VAL B 118 -7.96 -3.07 6.96
C VAL B 118 -7.54 -3.30 8.42
N ARG B 119 -8.27 -2.70 9.35
CA ARG B 119 -7.96 -2.91 10.77
C ARG B 119 -8.64 -4.18 11.26
N VAL B 120 -7.85 -5.20 11.62
CA VAL B 120 -8.42 -6.45 12.14
C VAL B 120 -8.37 -6.54 13.65
N ARG B 121 -9.55 -6.56 14.27
CA ARG B 121 -9.69 -6.42 15.71
C ARG B 121 -10.44 -7.60 16.35
N TYR B 122 -9.70 -8.37 17.14
CA TYR B 122 -10.19 -9.63 17.67
C TYR B 122 -10.91 -9.40 19.00
N ALA B 123 -12.18 -9.79 19.11
CA ALA B 123 -12.98 -9.49 20.30
C ALA B 123 -13.59 -10.73 20.96
N ASP B 124 -14.43 -10.51 21.96
CA ASP B 124 -15.22 -11.60 22.53
C ASP B 124 -16.71 -11.28 22.35
N LEU B 125 -17.28 -11.73 21.23
CA LEU B 125 -18.60 -11.28 20.84
C LEU B 125 -19.72 -11.79 21.74
N THR B 126 -19.39 -12.69 22.65
CA THR B 126 -20.37 -13.20 23.60
C THR B 126 -20.96 -12.11 24.49
N THR B 127 -20.10 -11.33 25.15
CA THR B 127 -20.60 -10.39 26.16
C THR B 127 -21.02 -9.04 25.54
N PRO B 128 -21.92 -8.32 26.24
CA PRO B 128 -22.32 -7.01 25.73
C PRO B 128 -21.20 -6.00 25.97
N GLU B 129 -20.30 -6.36 26.89
CA GLU B 129 -19.06 -5.64 27.11
C GLU B 129 -18.09 -6.12 26.05
N GLY B 130 -18.18 -7.40 25.71
CA GLY B 130 -17.42 -7.94 24.60
C GLY B 130 -17.90 -7.41 23.26
N ILE B 131 -19.19 -7.05 23.17
CA ILE B 131 -19.77 -6.50 21.95
C ILE B 131 -19.62 -4.99 21.78
N ALA B 132 -20.19 -4.22 22.71
CA ALA B 132 -20.37 -2.79 22.51
C ALA B 132 -19.06 -2.02 22.29
N ALA B 133 -17.96 -2.55 22.81
CA ALA B 133 -16.66 -1.94 22.57
C ALA B 133 -16.18 -2.34 21.18
N ALA B 134 -16.47 -3.59 20.82
CA ALA B 134 -16.05 -4.16 19.53
C ALA B 134 -16.66 -3.45 18.34
N LEU B 135 -17.98 -3.27 18.37
CA LEU B 135 -18.71 -2.69 17.24
C LEU B 135 -18.57 -1.17 17.12
N ALA B 136 -18.03 -0.53 18.16
CA ALA B 136 -17.85 0.92 18.17
C ALA B 136 -16.62 1.37 17.37
N GLU B 137 -15.76 0.41 17.03
CA GLU B 137 -14.61 0.66 16.17
C GLU B 137 -14.94 1.59 15.00
N PRO B 138 -14.19 2.68 14.84
CA PRO B 138 -14.42 3.48 13.64
C PRO B 138 -14.15 2.65 12.39
N ASP B 139 -14.83 2.99 11.31
CA ASP B 139 -14.65 2.30 10.03
C ASP B 139 -15.05 0.83 10.07
N LEU B 140 -15.80 0.45 11.11
CA LEU B 140 -16.36 -0.90 11.22
C LEU B 140 -17.09 -1.24 9.93
N ALA B 141 -16.83 -2.44 9.42
CA ALA B 141 -17.32 -2.83 8.09
C ALA B 141 -17.84 -4.25 8.04
N LEU B 142 -17.31 -5.13 8.89
CA LEU B 142 -17.67 -6.53 8.81
C LEU B 142 -17.47 -7.24 10.14
N VAL B 143 -18.57 -7.77 10.70
CA VAL B 143 -18.50 -8.56 11.93
C VAL B 143 -18.51 -10.05 11.57
N TRP B 144 -17.41 -10.73 11.89
CA TRP B 144 -17.20 -12.11 11.49
C TRP B 144 -17.46 -13.02 12.67
N ILE B 145 -18.54 -13.78 12.59
CA ILE B 145 -18.95 -14.66 13.69
C ILE B 145 -18.83 -16.12 13.34
N GLU B 146 -17.98 -16.83 14.07
CA GLU B 146 -17.95 -18.27 13.97
C GLU B 146 -18.59 -18.81 15.23
N THR B 147 -19.66 -19.58 15.08
CA THR B 147 -20.42 -20.07 16.23
C THR B 147 -21.17 -21.37 15.93
N PRO B 148 -20.98 -22.40 16.78
CA PRO B 148 -20.03 -22.48 17.89
C PRO B 148 -18.60 -22.40 17.40
N THR B 149 -17.66 -22.06 18.27
CA THR B 149 -16.25 -22.05 17.89
C THR B 149 -15.59 -23.44 18.01
N ASN B 150 -14.34 -23.53 17.55
CA ASN B 150 -13.48 -24.70 17.75
C ASN B 150 -12.24 -24.27 18.50
N PRO B 151 -11.82 -25.08 19.46
CA PRO B 151 -12.46 -26.36 19.78
C PRO B 151 -13.30 -26.31 21.07
N LEU B 152 -13.54 -25.12 21.59
CA LEU B 152 -14.14 -25.01 22.92
C LEU B 152 -15.67 -25.00 22.92
N LEU B 153 -16.26 -24.83 21.74
CA LEU B 153 -17.71 -24.93 21.54
C LEU B 153 -18.57 -23.88 22.26
N THR B 154 -17.99 -22.72 22.53
CA THR B 154 -18.80 -21.59 23.03
C THR B 154 -19.58 -21.05 21.85
N VAL B 155 -20.55 -20.17 22.12
CA VAL B 155 -21.34 -19.61 21.03
C VAL B 155 -21.31 -18.08 21.04
N VAL B 156 -22.07 -17.50 20.12
CA VAL B 156 -22.27 -16.06 20.07
C VAL B 156 -23.70 -15.84 19.62
N ASP B 157 -24.38 -14.87 20.24
CA ASP B 157 -25.79 -14.60 19.95
C ASP B 157 -25.85 -13.89 18.60
N VAL B 158 -26.17 -14.64 17.54
CA VAL B 158 -26.21 -14.08 16.20
C VAL B 158 -27.20 -12.92 16.05
N ALA B 159 -28.45 -13.14 16.43
CA ALA B 159 -29.46 -12.09 16.34
C ALA B 159 -29.04 -10.81 17.07
N GLU B 160 -28.50 -10.96 18.27
CA GLU B 160 -28.13 -9.79 19.07
C GLU B 160 -26.92 -9.05 18.49
N VAL B 161 -25.90 -9.80 18.09
CA VAL B 161 -24.76 -9.18 17.43
C VAL B 161 -25.20 -8.50 16.13
N SER B 162 -26.13 -9.12 15.41
CA SER B 162 -26.61 -8.58 14.14
C SER B 162 -27.38 -7.26 14.33
N ARG B 163 -28.21 -7.18 15.36
CA ARG B 163 -28.92 -5.93 15.66
C ARG B 163 -27.91 -4.81 15.87
N ARG B 164 -27.04 -4.98 16.85
CA ARG B 164 -26.08 -3.95 17.21
C ARG B 164 -25.18 -3.57 16.03
N ALA B 165 -24.80 -4.56 15.22
CA ALA B 165 -23.95 -4.27 14.07
C ALA B 165 -24.64 -3.40 13.02
N HIS B 166 -25.85 -3.75 12.63
CA HIS B 166 -26.54 -3.05 11.55
C HIS B 166 -26.82 -1.58 11.85
N GLU B 167 -27.10 -1.28 13.12
CA GLU B 167 -27.24 0.09 13.57
C GLU B 167 -25.94 0.83 13.35
N ARG B 168 -24.84 0.09 13.40
CA ARG B 168 -23.52 0.65 13.15
C ARG B 168 -23.18 0.52 11.67
N GLY B 169 -24.13 -0.02 10.91
CA GLY B 169 -24.04 -0.03 9.47
C GLY B 169 -22.95 -0.92 8.91
N ALA B 170 -22.69 -2.03 9.60
CA ALA B 170 -21.73 -3.02 9.12
C ALA B 170 -22.40 -4.29 8.58
N ARG B 171 -21.64 -5.07 7.84
CA ARG B 171 -22.11 -6.34 7.29
C ARG B 171 -21.82 -7.44 8.31
N VAL B 172 -22.69 -8.43 8.39
CA VAL B 172 -22.50 -9.54 9.31
C VAL B 172 -22.43 -10.91 8.61
N VAL B 173 -21.30 -11.60 8.76
CA VAL B 173 -21.17 -12.96 8.25
C VAL B 173 -21.06 -13.96 9.40
N VAL B 174 -21.75 -15.10 9.27
CA VAL B 174 -21.57 -16.21 10.18
C VAL B 174 -20.91 -17.37 9.44
N ASP B 175 -19.77 -17.82 9.95
CA ASP B 175 -19.19 -19.04 9.44
C ASP B 175 -20.03 -20.14 10.08
N ASN B 176 -20.97 -20.67 9.30
CA ASN B 176 -21.96 -21.60 9.84
C ASN B 176 -21.58 -23.05 9.55
N THR B 177 -20.36 -23.25 9.06
CA THR B 177 -19.86 -24.57 8.68
C THR B 177 -19.97 -25.56 9.82
N PHE B 178 -19.72 -25.07 11.03
CA PHE B 178 -19.85 -25.88 12.23
C PHE B 178 -21.24 -26.54 12.26
N ALA B 179 -22.26 -25.78 12.60
CA ALA B 179 -23.60 -26.37 12.82
C ALA B 179 -24.30 -26.90 11.57
N SER B 180 -23.91 -26.38 10.40
CA SER B 180 -24.60 -26.63 9.12
C SER B 180 -25.99 -25.98 9.10
N PRO B 181 -26.53 -25.75 7.89
CA PRO B 181 -27.87 -25.14 7.79
C PRO B 181 -29.00 -26.04 8.33
N VAL B 182 -28.77 -27.33 8.51
CA VAL B 182 -29.76 -28.18 9.18
C VAL B 182 -30.03 -27.67 10.60
N LEU B 183 -29.02 -27.11 11.25
CA LEU B 183 -29.11 -26.82 12.68
C LEU B 183 -29.20 -25.34 13.01
N GLN B 184 -28.67 -24.50 12.11
CA GLN B 184 -28.59 -23.07 12.37
C GLN B 184 -28.84 -22.28 11.10
N GLN B 185 -29.61 -21.20 11.21
CA GLN B 185 -29.98 -20.40 10.07
C GLN B 185 -29.57 -18.93 10.27
N PRO B 186 -28.29 -18.60 10.02
CA PRO B 186 -27.78 -17.23 10.23
C PRO B 186 -28.62 -16.13 9.58
N LEU B 187 -29.11 -16.32 8.35
CA LEU B 187 -29.85 -15.24 7.69
C LEU B 187 -31.18 -15.00 8.38
N ALA B 188 -31.85 -16.08 8.76
CA ALA B 188 -33.10 -15.98 9.50
C ALA B 188 -32.85 -15.30 10.84
N LEU B 189 -31.67 -15.51 11.42
CA LEU B 189 -31.34 -14.92 12.71
C LEU B 189 -31.09 -13.42 12.61
N GLY B 190 -30.71 -12.93 11.43
CA GLY B 190 -30.46 -11.50 11.26
C GLY B 190 -29.14 -11.16 10.60
N ALA B 191 -28.33 -12.17 10.31
CA ALA B 191 -27.07 -11.97 9.61
C ALA B 191 -27.27 -11.69 8.12
N ASP B 192 -26.24 -11.13 7.49
CA ASP B 192 -26.26 -10.86 6.06
C ASP B 192 -25.73 -11.99 5.20
N VAL B 193 -24.85 -12.81 5.76
CA VAL B 193 -24.17 -13.86 4.98
C VAL B 193 -23.91 -15.13 5.78
N SER B 194 -24.18 -16.28 5.18
CA SER B 194 -23.72 -17.56 5.74
C SER B 194 -22.55 -18.04 4.90
N LEU B 195 -21.45 -18.38 5.55
CA LEU B 195 -20.34 -19.05 4.89
C LEU B 195 -20.29 -20.52 5.27
N TYR B 196 -20.04 -21.36 4.29
CA TYR B 196 -19.71 -22.76 4.56
C TYR B 196 -18.38 -23.17 3.94
N SER B 197 -17.68 -24.06 4.64
CA SER B 197 -16.74 -24.95 3.99
C SER B 197 -17.51 -26.24 3.70
N THR B 198 -18.02 -26.38 2.49
CA THR B 198 -18.88 -27.50 2.14
C THR B 198 -18.08 -28.81 2.21
N THR B 199 -16.76 -28.67 2.31
CA THR B 199 -15.85 -29.79 2.54
C THR B 199 -16.29 -30.65 3.74
N1 LLP B 200 -14.09 -22.63 8.45
C2 LLP B 200 -14.47 -23.68 9.16
C2' LLP B 200 -15.39 -23.49 10.39
C3 LLP B 200 -14.01 -24.99 8.82
O3 LLP B 200 -14.45 -26.05 9.60
C4 LLP B 200 -13.20 -25.18 7.73
C4' LLP B 200 -12.70 -26.68 7.33
C5 LLP B 200 -12.80 -24.09 7.00
C6 LLP B 200 -13.25 -22.80 7.35
C5' LLP B 200 -11.84 -24.19 5.77
OP4 LLP B 200 -12.51 -24.54 4.59
P LLP B 200 -11.73 -25.42 3.56
OP1 LLP B 200 -12.82 -26.12 2.73
OP2 LLP B 200 -10.89 -24.54 2.72
OP3 LLP B 200 -10.86 -26.37 4.29
N LLP B 200 -17.01 -30.05 4.68
CA LLP B 200 -17.41 -30.75 5.91
CB LLP B 200 -17.58 -29.76 7.05
CG LLP B 200 -16.32 -28.98 7.39
CD LLP B 200 -14.99 -29.72 7.15
CE LLP B 200 -13.86 -28.74 6.76
NZ LLP B 200 -13.56 -27.74 7.82
C LLP B 200 -18.67 -31.51 5.68
O LLP B 200 -18.74 -32.27 4.73
N SER B 201 -19.69 -31.31 6.53
CA SER B 201 -20.92 -32.13 6.47
C SER B 201 -21.71 -32.02 5.16
N ILE B 202 -21.79 -30.81 4.58
CA ILE B 202 -22.62 -30.60 3.39
C ILE B 202 -22.30 -31.64 2.32
N ALA B 203 -21.04 -31.72 1.92
CA ALA B 203 -20.60 -32.80 1.03
C ALA B 203 -20.65 -34.12 1.81
N GLY B 204 -19.98 -34.16 2.95
CA GLY B 204 -20.23 -35.16 3.96
C GLY B 204 -19.69 -36.57 3.77
N HIS B 205 -18.75 -36.73 2.84
CA HIS B 205 -18.13 -38.03 2.64
C HIS B 205 -16.60 -37.95 2.55
N ALA B 206 -16.06 -36.83 3.04
CA ALA B 206 -14.61 -36.65 3.14
C ALA B 206 -13.92 -36.83 1.79
N ASP B 207 -14.58 -36.37 0.72
CA ASP B 207 -14.11 -36.65 -0.64
C ASP B 207 -14.14 -35.50 -1.67
N VAL B 208 -14.26 -34.25 -1.22
CA VAL B 208 -14.22 -33.10 -2.12
C VAL B 208 -13.79 -31.85 -1.37
N LEU B 209 -13.12 -30.93 -2.05
CA LEU B 209 -12.83 -29.63 -1.47
C LEU B 209 -13.85 -28.62 -1.97
N GLY B 210 -14.51 -27.90 -1.08
CA GLY B 210 -15.47 -26.90 -1.52
C GLY B 210 -15.91 -25.88 -0.48
N GLY B 211 -16.41 -24.74 -0.95
CA GLY B 211 -16.99 -23.74 -0.08
C GLY B 211 -18.20 -23.07 -0.70
N ALA B 212 -18.94 -22.30 0.10
CA ALA B 212 -20.07 -21.53 -0.42
C ALA B 212 -20.32 -20.27 0.41
N LEU B 213 -20.99 -19.30 -0.20
CA LEU B 213 -21.54 -18.14 0.47
C LEU B 213 -23.02 -18.10 0.14
N VAL B 214 -23.86 -17.81 1.13
CA VAL B 214 -25.30 -17.73 0.92
C VAL B 214 -25.77 -16.41 1.52
N TYR B 215 -26.46 -15.57 0.73
CA TYR B 215 -26.74 -14.19 1.11
C TYR B 215 -28.00 -13.64 0.42
N ARG B 216 -28.37 -12.39 0.72
CA ARG B 216 -29.55 -11.82 0.08
C ARG B 216 -29.27 -10.58 -0.79
N ASP B 217 -28.27 -9.78 -0.43
CA ASP B 217 -28.09 -8.47 -1.08
C ASP B 217 -27.62 -8.61 -2.53
N ALA B 218 -28.40 -8.06 -3.45
CA ALA B 218 -28.12 -8.21 -4.88
C ALA B 218 -26.81 -7.55 -5.27
N ASP B 219 -26.43 -6.49 -4.56
CA ASP B 219 -25.20 -5.80 -4.89
C ASP B 219 -23.97 -6.54 -4.34
N LEU B 220 -24.14 -7.19 -3.19
CA LEU B 220 -23.12 -8.12 -2.71
C LEU B 220 -22.95 -9.25 -3.74
N HIS B 221 -24.07 -9.73 -4.26
CA HIS B 221 -24.06 -10.82 -5.23
C HIS B 221 -23.22 -10.46 -6.44
N ALA B 222 -23.38 -9.23 -6.94
CA ALA B 222 -22.62 -8.78 -8.09
C ALA B 222 -21.12 -8.70 -7.79
N ALA B 223 -20.77 -8.20 -6.61
CA ALA B 223 -19.36 -8.11 -6.23
C ALA B 223 -18.75 -9.49 -6.01
N VAL B 224 -19.46 -10.36 -5.31
CA VAL B 224 -18.96 -11.73 -5.08
C VAL B 224 -18.71 -12.48 -6.41
N ARG B 225 -19.63 -12.36 -7.37
CA ARG B 225 -19.50 -13.08 -8.63
C ARG B 225 -18.38 -12.51 -9.53
N ALA B 226 -18.24 -11.20 -9.53
CA ALA B 226 -17.19 -10.57 -10.31
C ALA B 226 -15.81 -10.96 -9.77
N TYR B 227 -15.70 -11.04 -8.46
CA TYR B 227 -14.45 -11.45 -7.84
C TYR B 227 -14.12 -12.91 -8.14
N ARG B 228 -15.11 -13.79 -8.05
CA ARG B 228 -14.90 -15.20 -8.33
C ARG B 228 -14.42 -15.38 -9.77
N THR B 229 -15.07 -14.68 -10.70
CA THR B 229 -14.71 -14.74 -12.11
C THR B 229 -13.26 -14.35 -12.28
N THR B 230 -12.88 -13.30 -11.56
CA THR B 230 -11.58 -12.69 -11.70
C THR B 230 -10.46 -13.42 -10.93
N ALA B 231 -10.73 -13.77 -9.68
CA ALA B 231 -9.77 -14.52 -8.88
C ALA B 231 -9.67 -15.97 -9.39
N GLY B 232 -10.75 -16.45 -10.01
CA GLY B 232 -10.78 -17.79 -10.59
C GLY B 232 -10.82 -18.93 -9.58
N ASN B 233 -11.27 -18.63 -8.36
CA ASN B 233 -11.39 -19.65 -7.32
C ASN B 233 -12.68 -20.47 -7.44
N VAL B 234 -12.93 -20.97 -8.66
CA VAL B 234 -14.14 -21.73 -8.94
C VAL B 234 -13.92 -23.23 -8.72
N PRO B 235 -14.97 -23.94 -8.26
CA PRO B 235 -14.90 -25.40 -8.06
C PRO B 235 -15.18 -26.18 -9.36
N GLY B 236 -14.57 -27.34 -9.51
CA GLY B 236 -14.84 -28.18 -10.65
C GLY B 236 -16.29 -28.65 -10.77
N ALA B 237 -16.70 -28.89 -12.01
CA ALA B 237 -18.02 -29.44 -12.31
C ALA B 237 -18.25 -30.79 -11.60
N LEU B 238 -17.22 -31.64 -11.61
CA LEU B 238 -17.31 -32.91 -10.89
C LEU B 238 -17.36 -32.66 -9.38
N ASP B 239 -16.52 -31.74 -8.90
CA ASP B 239 -16.52 -31.34 -7.50
C ASP B 239 -17.91 -30.87 -7.05
N CYS B 240 -18.64 -30.18 -7.92
CA CYS B 240 -19.99 -29.74 -7.57
C CYS B 240 -20.98 -30.91 -7.57
N PHE B 241 -20.79 -31.85 -8.50
CA PHE B 241 -21.60 -33.07 -8.50
C PHE B 241 -21.47 -33.79 -7.17
N LEU B 242 -20.24 -33.96 -6.69
CA LEU B 242 -20.03 -34.66 -5.42
C LEU B 242 -20.66 -33.96 -4.22
N VAL B 243 -20.54 -32.63 -4.14
CA VAL B 243 -21.18 -31.87 -3.07
C VAL B 243 -22.69 -32.00 -3.14
N ARG B 244 -23.25 -31.77 -4.32
CA ARG B 244 -24.69 -31.89 -4.51
C ARG B 244 -25.21 -33.29 -4.15
N ARG B 245 -24.43 -34.30 -4.51
CA ARG B 245 -24.81 -35.66 -4.25
C ARG B 245 -24.74 -35.96 -2.76
N GLY B 246 -23.73 -35.43 -2.08
CA GLY B 246 -23.63 -35.59 -0.63
C GLY B 246 -24.77 -34.88 0.09
N LEU B 247 -25.15 -33.73 -0.45
CA LEU B 247 -26.20 -32.88 0.11
C LEU B 247 -27.48 -33.63 0.41
N HIS B 248 -27.90 -34.52 -0.49
CA HIS B 248 -29.15 -35.29 -0.32
C HIS B 248 -29.35 -35.80 1.08
N THR B 249 -28.28 -36.30 1.69
CA THR B 249 -28.38 -36.99 2.95
C THR B 249 -27.98 -36.14 4.17
N LEU B 250 -27.77 -34.85 3.94
CA LEU B 250 -27.30 -33.93 5.00
C LEU B 250 -28.14 -33.99 6.28
N SER B 251 -29.46 -33.90 6.14
CA SER B 251 -30.31 -33.94 7.32
C SER B 251 -30.25 -35.29 8.03
N LEU B 252 -30.38 -36.39 7.28
CA LEU B 252 -30.31 -37.71 7.92
C LEU B 252 -28.97 -37.92 8.63
N ARG B 253 -27.88 -37.47 8.01
CA ARG B 253 -26.54 -37.60 8.58
C ARG B 253 -26.30 -36.75 9.84
N VAL B 254 -26.56 -35.46 9.74
CA VAL B 254 -26.36 -34.56 10.89
C VAL B 254 -27.18 -35.04 12.09
N HIS B 255 -28.44 -35.39 11.85
CA HIS B 255 -29.27 -35.85 12.95
C HIS B 255 -28.73 -37.15 13.62
N ARG B 256 -28.17 -38.05 12.82
CA ARG B 256 -27.49 -39.23 13.38
C ARG B 256 -26.26 -38.84 14.21
N GLN B 257 -25.42 -37.99 13.64
CA GLN B 257 -24.18 -37.58 14.32
C GLN B 257 -24.48 -36.90 15.65
N VAL B 258 -25.54 -36.09 15.69
CA VAL B 258 -25.91 -35.39 16.92
C VAL B 258 -26.46 -36.36 17.98
N ALA B 259 -27.31 -37.29 17.56
CA ALA B 259 -27.81 -38.31 18.47
C ALA B 259 -26.64 -39.12 19.06
N THR B 260 -25.65 -39.43 18.24
CA THR B 260 -24.48 -40.15 18.75
C THR B 260 -23.60 -39.25 19.61
N ALA B 261 -23.54 -37.96 19.28
CA ALA B 261 -22.81 -37.00 20.09
C ALA B 261 -23.26 -37.01 21.55
N ARG B 262 -24.57 -37.00 21.76
CA ARG B 262 -25.14 -37.00 23.11
C ARG B 262 -24.70 -38.25 23.89
N VAL B 263 -24.65 -39.38 23.19
CA VAL B 263 -24.23 -40.65 23.78
C VAL B 263 -22.80 -40.56 24.32
N LEU B 264 -21.91 -39.99 23.52
CA LEU B 264 -20.50 -39.89 23.89
C LEU B 264 -20.30 -38.92 25.05
N VAL B 265 -21.06 -37.83 25.03
CA VAL B 265 -21.09 -36.88 26.15
C VAL B 265 -21.42 -37.55 27.47
N GLU B 266 -22.46 -38.38 27.49
CA GLU B 266 -22.79 -39.14 28.71
C GLU B 266 -21.68 -40.12 29.03
N ARG B 267 -21.04 -40.66 28.00
CA ARG B 267 -19.91 -41.56 28.20
C ARG B 267 -18.78 -40.81 28.89
N LEU B 268 -18.42 -39.64 28.35
CA LEU B 268 -17.36 -38.82 28.93
C LEU B 268 -17.59 -38.47 30.39
N ARG B 269 -18.83 -38.10 30.72
CA ARG B 269 -19.15 -37.64 32.08
C ARG B 269 -19.13 -38.76 33.12
N ALA B 270 -19.00 -40.00 32.68
CA ALA B 270 -18.92 -41.13 33.61
C ALA B 270 -17.50 -41.65 33.70
N SER B 271 -16.56 -40.97 33.04
CA SER B 271 -15.18 -41.45 33.02
C SER B 271 -14.30 -40.82 34.08
N PRO B 272 -13.64 -41.66 34.89
CA PRO B 272 -12.72 -41.13 35.90
C PRO B 272 -11.47 -40.44 35.31
N VAL B 273 -11.22 -40.58 34.01
CA VAL B 273 -10.04 -39.96 33.42
C VAL B 273 -10.41 -38.83 32.46
N VAL B 274 -11.61 -38.30 32.65
CA VAL B 274 -12.05 -37.13 31.90
C VAL B 274 -12.42 -36.02 32.87
N GLY B 275 -11.92 -34.82 32.60
CA GLY B 275 -12.27 -33.66 33.39
C GLY B 275 -13.42 -32.91 32.74
N ALA B 276 -13.21 -31.64 32.44
CA ALA B 276 -14.23 -30.81 31.81
C ALA B 276 -14.66 -31.45 30.49
N VAL B 277 -15.96 -31.35 30.21
CA VAL B 277 -16.53 -31.84 28.97
C VAL B 277 -17.28 -30.69 28.29
N HIS B 278 -17.03 -30.47 27.00
CA HIS B 278 -17.64 -29.37 26.28
C HIS B 278 -18.59 -29.85 25.18
N TYR B 279 -19.81 -29.33 25.17
CA TYR B 279 -20.80 -29.62 24.14
C TYR B 279 -21.90 -28.57 24.23
N PRO B 280 -22.31 -27.99 23.08
CA PRO B 280 -23.31 -26.91 23.10
C PRO B 280 -24.65 -27.33 23.69
N GLY B 281 -24.89 -28.63 23.82
CA GLY B 281 -26.12 -29.13 24.38
C GLY B 281 -26.16 -29.37 25.88
N LEU B 282 -25.07 -29.08 26.59
CA LEU B 282 -25.10 -29.24 28.05
C LEU B 282 -25.95 -28.16 28.71
N PRO B 283 -26.83 -28.56 29.63
CA PRO B 283 -27.57 -27.53 30.39
C PRO B 283 -26.60 -26.67 31.20
N GLU B 284 -25.37 -27.18 31.41
CA GLU B 284 -24.38 -26.33 32.10
C GLU B 284 -23.67 -25.35 31.25
N HIS B 285 -23.66 -25.58 29.94
CA HIS B 285 -22.96 -24.68 29.00
C HIS B 285 -23.23 -23.22 29.36
N PRO B 286 -22.16 -22.40 29.42
CA PRO B 286 -22.31 -21.01 29.88
C PRO B 286 -23.22 -20.19 28.98
N GLN B 287 -23.70 -20.77 27.90
CA GLN B 287 -24.56 -20.06 26.96
C GLN B 287 -25.75 -20.90 26.49
N HIS B 288 -26.23 -21.79 27.36
CA HIS B 288 -27.33 -22.68 27.02
C HIS B 288 -28.52 -21.92 26.46
N ALA B 289 -28.84 -20.77 27.03
CA ALA B 289 -30.00 -20.00 26.59
C ALA B 289 -29.85 -19.55 25.12
N VAL B 290 -28.68 -19.03 24.77
CA VAL B 290 -28.42 -18.65 23.38
C VAL B 290 -28.39 -19.89 22.46
N VAL B 291 -27.87 -21.01 22.95
CA VAL B 291 -27.94 -22.26 22.21
C VAL B 291 -29.39 -22.64 21.86
N LYS B 292 -30.26 -22.68 22.87
CA LYS B 292 -31.70 -22.82 22.63
C LYS B 292 -32.30 -21.46 22.23
N ALA B 293 -32.02 -21.02 21.02
CA ALA B 293 -32.65 -19.81 20.49
C ALA B 293 -32.26 -19.71 19.04
N GLN B 294 -31.15 -20.35 18.70
CA GLN B 294 -30.60 -20.20 17.35
C GLN B 294 -30.09 -21.52 16.79
N MSE B 295 -30.26 -22.57 17.55
CA MSE B 295 -29.61 -23.84 17.31
C MSE B 295 -30.67 -24.94 17.51
O MSE B 295 -31.07 -25.22 18.63
CB MSE B 295 -28.44 -23.92 18.30
CG MSE B 295 -27.41 -24.96 18.12
SE MSE B 295 -25.54 -24.46 18.47
CE MSE B 295 -24.78 -25.78 17.27
N SER B 296 -31.15 -25.53 16.41
CA SER B 296 -32.24 -26.49 16.53
C SER B 296 -31.76 -27.80 17.16
N ALA B 297 -30.44 -28.01 17.12
CA ALA B 297 -29.82 -29.13 17.82
C ALA B 297 -28.36 -28.72 18.03
N PRO B 298 -27.67 -29.37 19.00
CA PRO B 298 -26.40 -28.81 19.49
C PRO B 298 -25.13 -29.13 18.70
N GLY B 299 -25.19 -30.07 17.75
CA GLY B 299 -24.04 -30.30 16.90
C GLY B 299 -23.42 -31.68 17.03
N ALA B 300 -22.41 -31.93 16.21
CA ALA B 300 -21.78 -33.24 16.17
C ALA B 300 -20.33 -33.20 16.66
N ILE B 301 -19.90 -32.04 17.16
CA ILE B 301 -18.57 -31.90 17.73
C ILE B 301 -18.69 -32.03 19.25
N VAL B 302 -17.68 -32.63 19.85
CA VAL B 302 -17.61 -32.77 21.30
C VAL B 302 -16.14 -32.61 21.63
N SER B 303 -15.83 -31.89 22.72
CA SER B 303 -14.46 -31.84 23.19
C SER B 303 -14.39 -32.13 24.69
N PHE B 304 -13.21 -32.52 25.17
CA PHE B 304 -13.04 -32.90 26.55
C PHE B 304 -11.57 -32.93 26.97
N ASP B 305 -11.34 -32.71 28.26
CA ASP B 305 -10.00 -32.78 28.81
C ASP B 305 -9.70 -34.20 29.27
N TYR B 306 -8.69 -34.80 28.66
CA TYR B 306 -8.25 -36.14 29.02
C TYR B 306 -7.33 -36.06 30.24
N LEU B 307 -7.54 -36.94 31.23
CA LEU B 307 -6.76 -36.89 32.46
C LEU B 307 -5.78 -38.05 32.60
N GLY B 308 -5.84 -39.02 31.71
CA GLY B 308 -5.15 -40.26 31.94
C GLY B 308 -3.77 -40.40 31.34
N GLY B 309 -3.10 -39.27 31.10
CA GLY B 309 -1.78 -39.27 30.53
C GLY B 309 -1.66 -38.45 29.25
N PRO B 310 -0.52 -38.56 28.55
CA PRO B 310 -0.24 -37.79 27.34
C PRO B 310 -1.32 -38.00 26.28
N ALA B 311 -1.80 -36.93 25.68
CA ALA B 311 -2.82 -37.01 24.63
C ALA B 311 -2.37 -37.90 23.47
N GLU B 312 -1.13 -37.75 23.02
CA GLU B 312 -0.72 -38.49 21.82
C GLU B 312 -0.69 -40.01 22.03
N ARG B 313 -0.55 -40.46 23.28
CA ARG B 313 -0.69 -41.88 23.58
C ARG B 313 -2.14 -42.33 23.44
N LEU B 314 -3.06 -41.51 23.94
CA LEU B 314 -4.47 -41.81 23.83
C LEU B 314 -4.86 -41.87 22.36
N LEU B 315 -4.32 -40.95 21.58
CA LEU B 315 -4.62 -40.88 20.15
C LEU B 315 -4.39 -42.20 19.39
N ASP B 316 -3.34 -42.92 19.75
CA ASP B 316 -2.98 -44.18 19.06
C ASP B 316 -3.82 -45.39 19.46
N ARG B 317 -4.73 -45.20 20.40
CA ARG B 317 -5.48 -46.33 20.97
C ARG B 317 -6.84 -46.51 20.30
N PHE B 318 -7.31 -45.51 19.57
CA PHE B 318 -8.61 -45.63 18.92
C PHE B 318 -8.54 -46.64 17.79
N THR B 319 -9.57 -47.46 17.65
CA THR B 319 -9.59 -48.40 16.52
C THR B 319 -10.72 -48.12 15.53
N LEU B 320 -11.57 -47.17 15.86
CA LEU B 320 -12.74 -46.84 15.04
C LEU B 320 -12.74 -45.37 14.57
N PHE B 321 -12.57 -44.44 15.51
CA PHE B 321 -12.32 -43.03 15.17
C PHE B 321 -11.04 -42.94 14.34
N THR B 322 -10.97 -41.97 13.45
CA THR B 322 -9.73 -41.65 12.75
C THR B 322 -9.03 -40.45 13.41
N CYS B 323 -7.75 -40.61 13.75
CA CYS B 323 -6.94 -39.47 14.21
C CYS B 323 -6.57 -38.59 13.03
N GLY B 324 -7.14 -37.39 12.96
CA GLY B 324 -6.74 -36.45 11.93
C GLY B 324 -7.26 -35.02 12.07
N VAL B 325 -7.28 -34.32 10.94
CA VAL B 325 -7.77 -32.94 10.90
C VAL B 325 -9.29 -32.92 10.89
N SER B 326 -9.85 -32.06 10.03
CA SER B 326 -11.24 -32.11 9.51
C SER B 326 -12.38 -32.65 10.37
N LEU B 327 -13.58 -32.55 9.81
CA LEU B 327 -14.78 -32.75 10.60
C LEU B 327 -15.96 -32.92 9.70
N GLY B 328 -17.05 -33.46 10.25
CA GLY B 328 -18.34 -33.38 9.60
C GLY B 328 -18.76 -34.55 8.71
N GLY B 329 -17.81 -35.34 8.22
CA GLY B 329 -18.13 -36.41 7.28
C GLY B 329 -18.67 -37.69 7.91
N VAL B 330 -19.03 -38.67 7.08
CA VAL B 330 -19.61 -39.92 7.55
C VAL B 330 -18.75 -40.70 8.56
N HIS B 331 -17.43 -40.65 8.42
CA HIS B 331 -16.54 -41.36 9.36
C HIS B 331 -16.13 -40.48 10.55
N SER B 332 -16.16 -41.06 11.75
CA SER B 332 -15.82 -40.35 12.99
C SER B 332 -14.33 -40.03 13.11
N LEU B 333 -14.01 -38.81 13.55
CA LEU B 333 -12.63 -38.34 13.64
C LEU B 333 -12.28 -37.82 15.05
N VAL B 334 -11.03 -38.03 15.46
CA VAL B 334 -10.51 -37.50 16.72
C VAL B 334 -9.19 -36.77 16.44
N GLU B 335 -8.94 -35.65 17.15
CA GLU B 335 -7.66 -34.94 17.08
C GLU B 335 -7.34 -34.36 18.45
N CYS B 336 -6.08 -33.99 18.64
CA CYS B 336 -5.64 -33.20 19.79
C CYS B 336 -5.14 -31.83 19.32
N PRO B 337 -5.97 -30.78 19.48
CA PRO B 337 -5.68 -29.42 19.01
C PRO B 337 -4.29 -28.89 19.33
N ALA B 338 -3.84 -28.98 20.57
CA ALA B 338 -2.49 -28.56 20.93
C ALA B 338 -1.37 -29.12 20.04
N LEU B 339 -1.45 -30.43 19.74
CA LEU B 339 -0.33 -31.13 19.10
C LEU B 339 -0.46 -31.07 17.62
N MSE B 340 -1.49 -30.38 17.13
CA MSE B 340 -1.56 -30.22 15.70
C MSE B 340 -2.34 -28.98 15.23
O MSE B 340 -1.73 -28.03 14.77
CB MSE B 340 -1.97 -31.53 15.05
CG MSE B 340 -1.78 -31.55 13.64
SE MSE B 340 -3.58 -31.32 13.46
CE MSE B 340 -4.20 -33.15 13.78
N THR B 341 -3.66 -28.98 15.41
CA THR B 341 -4.54 -27.95 14.84
C THR B 341 -4.43 -26.63 15.55
N HIS B 342 -3.48 -26.55 16.46
CA HIS B 342 -3.16 -25.34 17.21
C HIS B 342 -1.66 -25.30 17.55
N ARG B 343 -0.89 -26.19 16.94
CA ARG B 343 0.56 -26.20 17.08
C ARG B 343 1.16 -24.85 16.74
N PRO B 344 0.83 -24.26 15.56
CA PRO B 344 1.36 -22.92 15.32
C PRO B 344 1.01 -21.96 16.46
N LEU B 345 -0.26 -21.86 16.85
CA LEU B 345 -0.60 -21.01 18.00
C LEU B 345 0.20 -21.45 19.23
N SER B 346 0.82 -20.49 19.91
CA SER B 346 1.68 -20.87 21.01
C SER B 346 0.84 -21.52 22.10
N ALA B 347 1.43 -22.48 22.82
CA ALA B 347 0.73 -23.08 23.95
C ALA B 347 0.53 -22.02 25.02
N GLU B 348 0.86 -20.78 24.64
CA GLU B 348 0.80 -19.57 25.42
C GLU B 348 -0.23 -18.67 24.77
N ALA B 349 -0.50 -18.93 23.49
CA ALA B 349 -1.74 -18.51 22.87
C ALA B 349 -2.72 -19.56 23.36
N ARG B 350 -2.33 -20.82 23.26
CA ARG B 350 -3.16 -21.89 23.80
C ARG B 350 -3.32 -21.71 25.32
N ALA B 351 -2.28 -21.21 26.00
CA ALA B 351 -2.45 -20.83 27.41
C ALA B 351 -3.12 -19.45 27.55
N ARG B 352 -3.32 -18.76 26.43
CA ARG B 352 -4.09 -17.52 26.45
C ARG B 352 -5.50 -17.76 25.93
N ARG B 353 -5.67 -18.78 25.10
CA ARG B 353 -6.96 -19.03 24.49
C ARG B 353 -7.76 -20.09 25.23
N GLY B 354 -7.09 -20.87 26.08
CA GLY B 354 -7.78 -21.84 26.91
C GLY B 354 -7.93 -23.25 26.34
N ILE B 355 -7.13 -23.59 25.35
CA ILE B 355 -7.08 -24.95 24.84
C ILE B 355 -5.89 -25.67 25.47
N GLY B 356 -6.17 -26.54 26.44
CA GLY B 356 -5.10 -27.22 27.18
C GLY B 356 -4.29 -28.20 26.34
N GLU B 357 -3.16 -28.64 26.88
CA GLU B 357 -2.33 -29.65 26.19
C GLU B 357 -3.08 -30.96 25.98
N SER B 358 -4.08 -31.24 26.82
CA SER B 358 -4.80 -32.51 26.71
C SER B 358 -6.28 -32.40 26.35
N LEU B 359 -6.69 -31.32 25.69
CA LEU B 359 -8.04 -31.28 25.16
C LEU B 359 -8.14 -32.18 23.95
N ILE B 360 -9.15 -33.04 23.95
CA ILE B 360 -9.40 -33.92 22.83
C ILE B 360 -10.67 -33.44 22.14
N ARG B 361 -10.67 -33.44 20.81
CA ARG B 361 -11.89 -33.11 20.05
C ARG B 361 -12.42 -34.26 19.19
N LEU B 362 -13.70 -34.56 19.37
CA LEU B 362 -14.37 -35.62 18.64
C LEU B 362 -15.27 -35.02 17.57
N SER B 363 -15.10 -35.49 16.33
CA SER B 363 -16.03 -35.20 15.26
C SER B 363 -16.81 -36.47 14.98
N VAL B 364 -18.10 -36.45 15.30
CA VAL B 364 -18.89 -37.68 15.28
C VAL B 364 -19.43 -37.99 13.88
N GLY B 365 -19.11 -39.19 13.39
CA GLY B 365 -19.64 -39.66 12.14
C GLY B 365 -20.94 -40.43 12.31
N ILE B 366 -21.21 -41.36 11.37
CA ILE B 366 -22.48 -42.08 11.39
C ILE B 366 -22.36 -43.57 11.75
N GLU B 367 -21.22 -43.97 12.32
CA GLU B 367 -21.08 -45.34 12.81
C GLU B 367 -22.15 -45.68 13.88
N ASP B 368 -22.27 -46.96 14.23
CA ASP B 368 -23.19 -47.32 15.30
C ASP B 368 -22.75 -46.63 16.59
N PRO B 369 -23.70 -46.02 17.32
CA PRO B 369 -23.38 -45.31 18.57
C PRO B 369 -22.77 -46.25 19.59
N GLN B 370 -23.24 -47.49 19.66
CA GLN B 370 -22.61 -48.45 20.57
C GLN B 370 -21.15 -48.64 20.19
N ASP B 371 -20.88 -48.78 18.90
CA ASP B 371 -19.52 -48.98 18.42
C ASP B 371 -18.60 -47.80 18.76
N LEU B 372 -19.06 -46.58 18.52
CA LEU B 372 -18.26 -45.39 18.82
C LEU B 372 -18.02 -45.24 20.33
N ALA B 373 -19.05 -45.49 21.14
CA ALA B 373 -18.89 -45.42 22.59
C ALA B 373 -17.86 -46.46 23.07
N GLU B 374 -17.87 -47.62 22.44
CA GLU B 374 -16.97 -48.71 22.81
C GLU B 374 -15.52 -48.32 22.54
N ASP B 375 -15.26 -47.85 21.33
CA ASP B 375 -13.92 -47.42 20.92
C ASP B 375 -13.40 -46.35 21.88
N LEU B 376 -14.25 -45.38 22.21
CA LEU B 376 -13.86 -44.29 23.10
C LEU B 376 -13.47 -44.82 24.48
N SER B 377 -14.29 -45.71 25.03
CA SER B 377 -14.01 -46.27 26.34
C SER B 377 -12.72 -47.10 26.39
N ARG B 378 -12.44 -47.87 25.34
CA ARG B 378 -11.20 -48.65 25.29
C ARG B 378 -10.00 -47.70 25.38
N ALA B 379 -9.96 -46.73 24.48
CA ALA B 379 -8.86 -45.78 24.41
C ALA B 379 -8.62 -45.14 25.77
N LEU B 380 -9.70 -44.62 26.37
CA LEU B 380 -9.60 -43.99 27.68
C LEU B 380 -9.07 -44.99 28.71
N ALA B 381 -9.69 -46.17 28.77
CA ALA B 381 -9.29 -47.20 29.74
C ALA B 381 -7.81 -47.60 29.61
N GLY B 382 -7.29 -47.63 28.39
CA GLY B 382 -5.91 -48.03 28.16
C GLY B 382 -5.66 -49.51 28.39
N GLY B 383 -4.40 -49.91 28.36
CA GLY B 383 -4.01 -51.29 28.61
C GLY B 383 -4.54 -52.26 27.56
N GLY C 6 -14.86 -56.37 17.02
CA GLY C 6 -15.47 -56.16 15.72
C GLY C 6 -16.30 -54.91 15.86
N MSE C 7 -17.24 -54.70 14.94
CA MSE C 7 -18.17 -53.56 15.00
C MSE C 7 -19.45 -53.84 14.19
O MSE C 7 -19.43 -54.70 13.31
CB MSE C 7 -17.51 -52.33 14.41
CG MSE C 7 -17.17 -51.30 15.43
SE MSE C 7 -15.41 -51.55 16.05
CE MSE C 7 -14.54 -52.06 14.35
N ARG C 8 -20.52 -53.09 14.47
CA ARG C 8 -21.85 -53.35 13.89
C ARG C 8 -22.13 -52.86 12.44
N PHE C 9 -23.41 -52.85 12.08
CA PHE C 9 -23.87 -52.64 10.70
C PHE C 9 -23.60 -51.26 10.08
N GLY C 10 -24.16 -50.19 10.63
CA GLY C 10 -23.94 -48.86 10.08
C GLY C 10 -22.46 -48.53 10.17
N THR C 11 -21.83 -49.15 11.16
CA THR C 11 -20.40 -49.11 11.25
C THR C 11 -19.78 -49.83 10.04
N ARG C 12 -20.29 -51.02 9.74
CA ARG C 12 -19.85 -51.77 8.54
C ARG C 12 -20.13 -51.02 7.22
N LEU C 13 -21.19 -50.21 7.18
CA LEU C 13 -21.47 -49.39 5.98
C LEU C 13 -20.37 -48.38 5.74
N VAL C 14 -19.83 -47.83 6.83
CA VAL C 14 -18.84 -46.78 6.74
C VAL C 14 -17.43 -47.35 6.55
N HIS C 15 -17.12 -48.44 7.25
CA HIS C 15 -15.77 -48.94 7.32
C HIS C 15 -15.51 -50.32 6.74
N GLY C 16 -16.57 -51.09 6.52
CA GLY C 16 -16.45 -52.36 5.84
C GLY C 16 -15.69 -52.17 4.55
N GLY C 17 -14.63 -52.93 4.36
CA GLY C 17 -13.78 -52.78 3.20
C GLY C 17 -13.00 -51.47 3.18
N ARG C 18 -13.07 -50.69 4.27
CA ARG C 18 -12.36 -49.42 4.25
C ARG C 18 -10.96 -49.61 4.76
N ARG C 19 -10.11 -50.04 3.84
CA ARG C 19 -8.72 -50.40 4.09
C ARG C 19 -7.85 -49.14 4.02
N PRO C 20 -6.84 -49.05 4.89
CA PRO C 20 -6.01 -47.83 4.88
C PRO C 20 -5.28 -47.64 3.56
N SER C 21 -4.84 -46.41 3.29
CA SER C 21 -3.88 -46.19 2.21
C SER C 21 -2.46 -46.15 2.75
N ALA C 22 -1.68 -47.16 2.39
CA ALA C 22 -0.30 -47.26 2.82
C ALA C 22 0.47 -46.00 2.41
N GLY C 23 1.22 -45.44 3.33
CA GLY C 23 2.02 -44.26 3.03
C GLY C 23 1.26 -42.94 3.00
N THR C 24 0.13 -42.87 2.30
CA THR C 24 -0.57 -41.60 2.18
C THR C 24 -1.81 -41.48 3.05
N GLY C 25 -2.12 -42.55 3.78
CA GLY C 25 -3.17 -42.52 4.79
C GLY C 25 -4.53 -41.99 4.39
N ASP C 26 -4.88 -42.09 3.11
CA ASP C 26 -6.20 -41.66 2.66
C ASP C 26 -7.27 -42.35 3.51
N VAL C 27 -8.16 -41.58 4.11
CA VAL C 27 -9.31 -42.16 4.79
C VAL C 27 -10.31 -42.77 3.79
N VAL C 28 -10.65 -42.02 2.74
CA VAL C 28 -11.40 -42.59 1.63
C VAL C 28 -10.38 -43.24 0.68
N PRO C 29 -10.51 -44.54 0.41
CA PRO C 29 -9.53 -45.14 -0.50
C PRO C 29 -9.57 -44.49 -1.88
N PRO C 30 -8.39 -44.29 -2.49
CA PRO C 30 -8.30 -43.66 -3.80
C PRO C 30 -8.90 -44.57 -4.87
N ILE C 31 -9.38 -43.99 -5.98
CA ILE C 31 -10.05 -44.76 -7.03
C ILE C 31 -9.06 -45.35 -8.04
N HIS C 32 -9.00 -46.68 -8.07
CA HIS C 32 -8.08 -47.40 -8.97
C HIS C 32 -8.69 -47.54 -10.36
N VAL C 33 -8.35 -46.61 -11.25
CA VAL C 33 -8.87 -46.63 -12.60
C VAL C 33 -8.01 -47.48 -13.55
N SER C 34 -6.76 -47.76 -13.17
CA SER C 34 -5.85 -48.45 -14.07
C SER C 34 -6.36 -49.83 -14.48
N THR C 35 -6.30 -50.10 -15.78
CA THR C 35 -6.67 -51.39 -16.35
C THR C 35 -5.47 -52.34 -16.32
N THR C 36 -4.29 -51.80 -16.05
CA THR C 36 -3.15 -52.68 -16.03
C THR C 36 -2.09 -52.38 -14.98
N TYR C 37 -1.26 -53.38 -14.72
CA TYR C 37 -0.41 -53.38 -13.55
C TYR C 37 1.03 -53.79 -13.84
N GLU C 38 1.96 -53.17 -13.11
CA GLU C 38 3.34 -53.55 -13.15
C GLU C 38 3.52 -54.78 -12.25
N ARG C 39 4.08 -55.84 -12.83
CA ARG C 39 4.19 -57.14 -12.18
C ARG C 39 5.48 -57.25 -11.37
N ARG C 40 6.50 -56.49 -11.78
CA ARG C 40 7.88 -56.70 -11.31
C ARG C 40 8.23 -56.11 -9.93
N ALA C 41 7.37 -55.25 -9.40
CA ALA C 41 7.50 -54.75 -8.03
C ALA C 41 6.22 -55.02 -7.25
N GLN C 42 5.91 -56.30 -7.07
CA GLN C 42 4.74 -56.70 -6.29
C GLN C 42 5.16 -57.72 -5.21
N ASP C 43 4.68 -57.54 -3.99
CA ASP C 43 5.18 -58.38 -2.90
C ASP C 43 4.70 -59.84 -2.97
N GLU C 44 3.57 -60.04 -3.63
CA GLU C 44 3.26 -61.29 -4.33
C GLU C 44 2.53 -60.86 -5.61
N PRO C 45 2.79 -61.55 -6.72
CA PRO C 45 2.12 -61.18 -7.98
C PRO C 45 0.62 -61.48 -7.92
N ARG C 46 -0.20 -60.49 -7.56
CA ARG C 46 -1.63 -60.72 -7.37
C ARG C 46 -2.61 -59.76 -8.10
N TYR C 47 -2.08 -58.71 -8.76
CA TYR C 47 -2.90 -57.83 -9.62
C TYR C 47 -2.41 -57.80 -11.06
N PHE C 48 -3.31 -58.00 -12.02
CA PHE C 48 -2.87 -58.13 -13.42
C PHE C 48 -3.62 -57.27 -14.41
N TYR C 49 -4.94 -57.48 -14.48
CA TYR C 49 -5.74 -56.82 -15.48
C TYR C 49 -7.06 -56.49 -14.82
N GLY C 50 -7.58 -55.31 -15.13
CA GLY C 50 -8.77 -54.78 -14.51
C GLY C 50 -9.98 -55.67 -14.47
N ARG C 51 -10.22 -56.37 -15.57
CA ARG C 51 -11.32 -57.33 -15.63
C ARG C 51 -11.19 -58.37 -14.52
N GLY C 52 -10.03 -58.98 -14.40
CA GLY C 52 -9.80 -59.97 -13.35
C GLY C 52 -9.77 -59.34 -11.97
N GLU C 53 -9.01 -58.26 -11.81
CA GLU C 53 -8.75 -57.72 -10.48
C GLU C 53 -8.80 -56.20 -10.46
N ASN C 54 -9.37 -55.64 -9.41
CA ASN C 54 -9.39 -54.20 -9.20
C ASN C 54 -9.63 -53.94 -7.72
N PRO C 55 -8.71 -53.22 -7.08
CA PRO C 55 -8.82 -53.01 -5.64
C PRO C 55 -10.10 -52.25 -5.24
N THR C 56 -10.49 -51.24 -6.02
CA THR C 56 -11.66 -50.45 -5.69
C THR C 56 -12.91 -51.32 -5.77
N ARG C 57 -12.99 -52.10 -6.84
CA ARG C 57 -14.04 -53.09 -6.96
C ARG C 57 -13.99 -54.05 -5.76
N GLU C 58 -12.79 -54.53 -5.45
CA GLU C 58 -12.56 -55.43 -4.32
C GLU C 58 -13.02 -54.84 -2.97
N GLU C 59 -12.84 -53.55 -2.79
CA GLU C 59 -13.26 -52.90 -1.54
C GLU C 59 -14.78 -52.87 -1.39
N LEU C 60 -15.47 -52.60 -2.50
CA LEU C 60 -16.92 -52.61 -2.50
C LEU C 60 -17.45 -54.01 -2.10
N GLU C 61 -16.89 -55.04 -2.72
CA GLU C 61 -17.25 -56.43 -2.42
C GLU C 61 -17.04 -56.75 -0.94
N GLU C 62 -15.91 -56.28 -0.41
CA GLU C 62 -15.55 -56.49 0.98
C GLU C 62 -16.63 -55.88 1.87
N CYS C 63 -17.04 -54.67 1.53
CA CYS C 63 -18.08 -53.98 2.26
C CYS C 63 -19.40 -54.76 2.24
N LEU C 64 -19.85 -55.11 1.03
CA LEU C 64 -21.10 -55.84 0.83
C LEU C 64 -21.13 -57.17 1.57
N ALA C 65 -20.06 -57.95 1.44
CA ALA C 65 -19.96 -59.24 2.13
C ALA C 65 -20.10 -59.01 3.63
N GLY C 66 -19.44 -57.98 4.13
CA GLY C 66 -19.46 -57.65 5.55
C GLY C 66 -20.85 -57.41 6.11
N LEU C 67 -21.73 -56.82 5.31
CA LEU C 67 -23.09 -56.49 5.75
C LEU C 67 -23.93 -57.74 6.04
N GLU C 68 -23.50 -58.88 5.50
CA GLU C 68 -24.20 -60.14 5.72
C GLU C 68 -23.34 -61.16 6.45
N ARG C 69 -22.17 -60.72 6.93
CA ARG C 69 -21.25 -61.58 7.66
C ARG C 69 -20.81 -62.75 6.80
N ALA C 70 -20.76 -62.54 5.50
CA ALA C 70 -20.50 -63.60 4.54
C ALA C 70 -19.03 -63.57 4.11
N PRO C 71 -18.49 -64.74 3.73
CA PRO C 71 -17.12 -64.78 3.22
C PRO C 71 -16.88 -64.08 1.87
N PHE C 72 -17.78 -64.26 0.90
CA PHE C 72 -17.53 -63.70 -0.43
C PHE C 72 -18.66 -62.80 -0.95
N ALA C 73 -18.27 -61.84 -1.80
CA ALA C 73 -19.22 -61.10 -2.63
C ALA C 73 -18.56 -60.80 -3.97
N THR C 74 -19.39 -60.62 -4.99
CA THR C 74 -18.89 -60.31 -6.31
C THR C 74 -19.83 -59.27 -6.89
N VAL C 75 -19.29 -58.19 -7.46
CA VAL C 75 -20.14 -57.16 -8.06
C VAL C 75 -20.09 -57.18 -9.58
N PHE C 76 -21.13 -56.59 -10.18
CA PHE C 76 -21.39 -56.70 -11.61
C PHE C 76 -21.82 -55.35 -12.20
N SER C 77 -21.82 -55.28 -13.52
CA SER C 77 -22.29 -54.08 -14.24
C SER C 77 -23.77 -53.76 -14.00
N SER C 78 -24.54 -54.73 -13.50
CA SER C 78 -25.96 -54.49 -13.24
C SER C 78 -26.51 -55.60 -12.38
N GLY C 79 -27.70 -55.37 -11.81
CA GLY C 79 -28.43 -56.42 -11.15
C GLY C 79 -28.71 -57.56 -12.13
N GLN C 80 -29.13 -57.21 -13.35
CA GLN C 80 -29.41 -58.24 -14.33
C GLN C 80 -28.17 -59.09 -14.59
N ALA C 81 -26.98 -58.47 -14.51
CA ALA C 81 -25.74 -59.19 -14.75
C ALA C 81 -25.46 -60.20 -13.65
N ALA C 82 -25.75 -59.81 -12.41
CA ALA C 82 -25.58 -60.70 -11.28
C ALA C 82 -26.50 -61.90 -11.46
N ALA C 83 -27.71 -61.63 -11.92
CA ALA C 83 -28.69 -62.68 -12.12
C ALA C 83 -28.32 -63.61 -13.29
N ALA C 84 -27.73 -63.06 -14.35
CA ALA C 84 -27.32 -63.88 -15.48
C ALA C 84 -26.22 -64.84 -15.05
N THR C 85 -25.31 -64.35 -14.21
CA THR C 85 -24.18 -65.13 -13.73
C THR C 85 -24.64 -66.37 -12.95
N LEU C 86 -25.67 -66.19 -12.11
CA LEU C 86 -26.17 -67.30 -11.30
C LEU C 86 -26.83 -68.33 -12.21
N LEU C 87 -27.67 -67.83 -13.11
CA LEU C 87 -28.41 -68.68 -14.02
C LEU C 87 -27.52 -69.50 -14.95
N SER C 88 -26.43 -68.90 -15.43
CA SER C 88 -25.49 -69.60 -16.30
C SER C 88 -24.96 -70.89 -15.66
N LEU C 89 -25.08 -71.01 -14.33
CA LEU C 89 -24.57 -72.17 -13.59
C LEU C 89 -25.61 -73.29 -13.52
N VAL C 90 -26.75 -73.09 -14.15
CA VAL C 90 -27.80 -74.10 -14.24
C VAL C 90 -27.70 -74.76 -15.60
N ARG C 91 -27.69 -76.09 -15.62
CA ARG C 91 -27.49 -76.87 -16.85
C ARG C 91 -28.74 -77.11 -17.66
N PRO C 92 -28.58 -77.27 -18.99
CA PRO C 92 -29.70 -77.76 -19.78
C PRO C 92 -30.08 -79.11 -19.19
N GLY C 93 -31.37 -79.36 -18.99
CA GLY C 93 -31.80 -80.59 -18.38
C GLY C 93 -32.08 -80.40 -16.90
N GLN C 94 -31.73 -79.23 -16.39
CA GLN C 94 -31.96 -78.92 -14.98
C GLN C 94 -33.04 -77.87 -14.81
N CYS C 95 -33.71 -77.86 -13.65
CA CYS C 95 -34.88 -77.02 -13.45
C CYS C 95 -34.64 -75.86 -12.49
N VAL C 96 -35.10 -74.67 -12.88
CA VAL C 96 -35.16 -73.54 -11.97
C VAL C 96 -36.59 -73.39 -11.55
N VAL C 97 -36.80 -73.17 -10.26
CA VAL C 97 -38.11 -72.78 -9.77
C VAL C 97 -38.02 -71.35 -9.27
N SER C 98 -39.09 -70.60 -9.49
CA SER C 98 -39.18 -69.28 -8.92
C SER C 98 -40.61 -68.93 -8.54
N THR C 99 -40.75 -67.77 -7.92
CA THR C 99 -42.03 -67.18 -7.53
C THR C 99 -42.92 -66.90 -8.73
N ASP C 100 -43.89 -65.99 -8.58
CA ASP C 100 -44.86 -65.77 -9.66
C ASP C 100 -45.03 -64.34 -10.21
N ASP C 101 -44.89 -63.33 -9.34
CA ASP C 101 -44.83 -61.93 -9.76
C ASP C 101 -43.38 -61.53 -10.05
N VAL C 102 -42.61 -62.38 -10.72
CA VAL C 102 -41.15 -62.15 -10.80
C VAL C 102 -40.76 -60.96 -11.67
N TYR C 103 -39.70 -60.24 -11.31
CA TYR C 103 -39.29 -59.03 -12.04
C TYR C 103 -39.10 -59.36 -13.51
N ALA C 104 -39.48 -58.46 -14.42
CA ALA C 104 -39.48 -58.76 -15.85
C ALA C 104 -38.14 -59.23 -16.40
N GLY C 105 -37.05 -58.56 -15.99
CA GLY C 105 -35.71 -58.94 -16.39
C GLY C 105 -35.39 -60.34 -15.90
N THR C 106 -35.83 -60.64 -14.68
CA THR C 106 -35.63 -61.95 -14.07
C THR C 106 -36.23 -63.03 -14.97
N ASP C 107 -37.52 -62.86 -15.33
CA ASP C 107 -38.19 -63.80 -16.23
C ASP C 107 -37.50 -63.83 -17.60
N GLY C 108 -36.85 -62.72 -17.95
CA GLY C 108 -36.16 -62.61 -19.22
C GLY C 108 -34.97 -63.55 -19.29
N LEU C 109 -34.22 -63.62 -18.21
CA LEU C 109 -33.10 -64.56 -18.11
C LEU C 109 -33.61 -66.02 -18.11
N PHE C 110 -34.64 -66.29 -17.31
CA PHE C 110 -35.31 -67.60 -17.37
C PHE C 110 -35.67 -67.91 -18.82
N ASP C 111 -36.35 -66.96 -19.47
CA ASP C 111 -36.73 -67.11 -20.87
C ASP C 111 -35.49 -67.33 -21.73
N LEU C 112 -34.41 -66.63 -21.39
CA LEU C 112 -33.15 -66.80 -22.09
C LEU C 112 -32.60 -68.19 -21.83
N ALA C 113 -32.56 -68.59 -20.57
CA ALA C 113 -32.06 -69.91 -20.23
C ALA C 113 -32.97 -70.99 -20.85
N ALA C 114 -34.27 -70.72 -20.91
CA ALA C 114 -35.22 -71.66 -21.47
C ALA C 114 -34.84 -72.06 -22.89
N ARG C 115 -34.29 -71.11 -23.66
CA ARG C 115 -33.85 -71.42 -25.02
C ARG C 115 -32.53 -72.19 -25.03
N GLN C 116 -31.88 -72.28 -23.88
CA GLN C 116 -30.68 -73.10 -23.79
C GLN C 116 -31.01 -74.52 -23.29
N GLY C 117 -32.29 -74.79 -23.07
CA GLY C 117 -32.71 -76.10 -22.59
C GLY C 117 -32.87 -76.23 -21.07
N VAL C 118 -32.76 -75.11 -20.36
CA VAL C 118 -33.07 -75.09 -18.94
C VAL C 118 -34.57 -75.27 -18.74
N ARG C 119 -34.97 -76.13 -17.80
CA ARG C 119 -36.39 -76.31 -17.48
C ARG C 119 -36.88 -75.26 -16.48
N VAL C 120 -37.84 -74.44 -16.88
CA VAL C 120 -38.35 -73.38 -16.02
C VAL C 120 -39.70 -73.77 -15.44
N ARG C 121 -39.80 -73.77 -14.12
CA ARG C 121 -41.02 -74.24 -13.44
C ARG C 121 -41.53 -73.19 -12.45
N TYR C 122 -42.71 -72.66 -12.72
CA TYR C 122 -43.24 -71.58 -11.88
C TYR C 122 -44.20 -72.16 -10.82
N ALA C 123 -44.21 -71.57 -9.63
CA ALA C 123 -45.01 -72.09 -8.52
C ALA C 123 -45.41 -70.99 -7.52
N ASP C 124 -46.37 -71.32 -6.65
CA ASP C 124 -46.75 -70.42 -5.55
C ASP C 124 -45.86 -70.78 -4.39
N LEU C 125 -45.12 -69.81 -3.87
CA LEU C 125 -44.20 -70.09 -2.77
C LEU C 125 -44.69 -69.54 -1.43
N THR C 126 -45.89 -68.98 -1.41
CA THR C 126 -46.49 -68.54 -0.16
C THR C 126 -47.24 -69.68 0.55
N THR C 127 -47.25 -70.88 -0.05
CA THR C 127 -47.97 -72.03 0.49
C THR C 127 -47.11 -73.29 0.61
N PRO C 128 -47.40 -74.15 1.62
CA PRO C 128 -46.63 -75.37 1.87
C PRO C 128 -46.72 -76.39 0.73
N GLU C 129 -47.84 -76.44 0.03
CA GLU C 129 -48.00 -77.46 -1.01
C GLU C 129 -47.37 -76.95 -2.29
N GLY C 130 -47.46 -75.65 -2.51
CA GLY C 130 -46.77 -75.00 -3.61
C GLY C 130 -45.29 -75.29 -3.51
N ILE C 131 -44.70 -74.91 -2.37
CA ILE C 131 -43.35 -75.30 -2.00
C ILE C 131 -43.09 -76.79 -2.21
N ALA C 132 -43.85 -77.64 -1.52
CA ALA C 132 -43.58 -79.08 -1.52
C ALA C 132 -43.81 -79.73 -2.89
N ALA C 133 -44.59 -79.08 -3.73
CA ALA C 133 -44.78 -79.53 -5.11
C ALA C 133 -43.61 -79.11 -5.98
N ALA C 134 -43.28 -77.82 -5.94
CA ALA C 134 -42.24 -77.30 -6.83
C ALA C 134 -40.93 -78.04 -6.60
N LEU C 135 -40.72 -78.49 -5.37
CA LEU C 135 -39.50 -79.20 -5.05
C LEU C 135 -39.62 -80.68 -5.43
N ALA C 136 -40.82 -81.08 -5.86
CA ALA C 136 -41.05 -82.45 -6.30
C ALA C 136 -40.82 -82.65 -7.80
N GLU C 137 -40.41 -81.59 -8.48
CA GLU C 137 -40.01 -81.72 -9.88
C GLU C 137 -38.61 -82.33 -9.97
N PRO C 138 -38.40 -83.19 -10.97
CA PRO C 138 -37.09 -83.81 -11.11
C PRO C 138 -36.04 -82.78 -11.49
N ASP C 139 -34.78 -83.10 -11.19
CA ASP C 139 -33.64 -82.32 -11.67
C ASP C 139 -33.58 -80.89 -11.13
N LEU C 140 -34.15 -80.71 -9.95
CA LEU C 140 -34.11 -79.42 -9.26
C LEU C 140 -32.66 -79.02 -8.97
N ALA C 141 -32.29 -77.80 -9.34
CA ALA C 141 -30.92 -77.30 -9.14
C ALA C 141 -30.88 -75.91 -8.50
N LEU C 142 -31.98 -75.18 -8.59
CA LEU C 142 -32.00 -73.79 -8.15
C LEU C 142 -33.42 -73.31 -7.83
N VAL C 143 -33.60 -72.71 -6.65
CA VAL C 143 -34.87 -72.13 -6.25
C VAL C 143 -34.70 -70.62 -6.08
N TRP C 144 -35.55 -69.86 -6.76
CA TRP C 144 -35.32 -68.43 -6.94
C TRP C 144 -36.43 -67.65 -6.27
N ILE C 145 -36.12 -66.95 -5.18
CA ILE C 145 -37.15 -66.25 -4.41
C ILE C 145 -37.00 -64.73 -4.43
N GLU C 146 -38.04 -64.03 -4.87
CA GLU C 146 -38.06 -62.59 -4.81
C GLU C 146 -39.07 -62.22 -3.73
N THR C 147 -38.60 -61.66 -2.61
CA THR C 147 -39.48 -61.30 -1.50
C THR C 147 -39.07 -60.01 -0.80
N PRO C 148 -40.04 -59.10 -0.56
CA PRO C 148 -41.40 -59.17 -1.07
C PRO C 148 -41.49 -59.10 -2.60
N THR C 149 -42.62 -59.50 -3.15
CA THR C 149 -42.81 -59.47 -4.59
C THR C 149 -43.14 -58.04 -4.98
N ASN C 150 -43.01 -57.72 -6.26
CA ASN C 150 -43.30 -56.40 -6.77
C ASN C 150 -44.28 -56.55 -7.93
N PRO C 151 -45.45 -55.87 -7.87
CA PRO C 151 -45.86 -54.80 -6.96
C PRO C 151 -46.88 -55.18 -5.86
N LEU C 152 -47.23 -56.46 -5.71
CA LEU C 152 -48.23 -56.82 -4.70
C LEU C 152 -47.66 -56.99 -3.28
N LEU C 153 -46.33 -57.01 -3.18
CA LEU C 153 -45.66 -57.05 -1.87
C LEU C 153 -46.07 -58.24 -0.99
N THR C 154 -46.47 -59.33 -1.62
CA THR C 154 -46.64 -60.60 -0.92
C THR C 154 -45.26 -61.02 -0.43
N VAL C 155 -45.20 -62.10 0.35
CA VAL C 155 -43.94 -62.51 0.97
C VAL C 155 -43.82 -64.04 1.06
N VAL C 156 -42.60 -64.55 0.86
CA VAL C 156 -42.29 -65.97 0.93
C VAL C 156 -41.33 -66.29 2.09
N ASP C 157 -41.61 -67.36 2.83
CA ASP C 157 -40.80 -67.72 4.01
C ASP C 157 -39.47 -68.30 3.56
N VAL C 158 -38.42 -67.50 3.66
CA VAL C 158 -37.11 -67.88 3.14
C VAL C 158 -36.51 -69.02 3.94
N ALA C 159 -36.55 -68.93 5.27
CA ALA C 159 -36.05 -70.01 6.11
C ALA C 159 -36.75 -71.31 5.77
N GLU C 160 -38.06 -71.23 5.56
CA GLU C 160 -38.87 -72.41 5.28
C GLU C 160 -38.57 -73.04 3.92
N VAL C 161 -38.66 -72.24 2.85
CA VAL C 161 -38.41 -72.75 1.52
C VAL C 161 -36.99 -73.30 1.44
N SER C 162 -36.06 -72.70 2.17
CA SER C 162 -34.68 -73.18 2.15
C SER C 162 -34.50 -74.52 2.86
N ARG C 163 -35.09 -74.61 4.05
CA ARG C 163 -35.12 -75.85 4.83
C ARG C 163 -35.67 -77.01 3.99
N ARG C 164 -36.62 -76.70 3.11
CA ARG C 164 -37.18 -77.75 2.24
C ARG C 164 -36.37 -77.89 0.94
N ALA C 165 -35.81 -76.79 0.44
CA ALA C 165 -35.05 -76.88 -0.82
C ALA C 165 -33.78 -77.69 -0.60
N HIS C 166 -33.13 -77.45 0.54
CA HIS C 166 -31.90 -78.15 0.85
C HIS C 166 -32.14 -79.64 1.07
N GLU C 167 -33.34 -79.98 1.55
CA GLU C 167 -33.75 -81.38 1.60
C GLU C 167 -33.72 -81.98 0.19
N ARG C 168 -34.11 -81.19 -0.80
CA ARG C 168 -34.14 -81.69 -2.18
C ARG C 168 -32.79 -81.58 -2.90
N GLY C 169 -31.87 -80.78 -2.37
CA GLY C 169 -30.56 -80.63 -2.96
C GLY C 169 -30.50 -79.52 -3.99
N ALA C 170 -31.00 -78.34 -3.64
CA ALA C 170 -30.95 -77.21 -4.54
C ALA C 170 -30.30 -76.00 -3.87
N ARG C 171 -29.78 -75.11 -4.70
CA ARG C 171 -29.29 -73.83 -4.23
C ARG C 171 -30.49 -72.91 -4.08
N VAL C 172 -30.48 -72.07 -3.04
CA VAL C 172 -31.53 -71.07 -2.86
C VAL C 172 -30.95 -69.67 -3.03
N VAL C 173 -31.50 -68.90 -3.97
CA VAL C 173 -31.17 -67.48 -4.07
C VAL C 173 -32.36 -66.63 -3.68
N VAL C 174 -32.07 -65.49 -3.05
CA VAL C 174 -33.07 -64.50 -2.74
C VAL C 174 -32.66 -63.17 -3.38
N ASP C 175 -33.47 -62.70 -4.33
CA ASP C 175 -33.32 -61.34 -4.82
C ASP C 175 -33.76 -60.44 -3.68
N ASN C 176 -32.78 -59.84 -3.01
CA ASN C 176 -33.03 -59.07 -1.81
C ASN C 176 -33.01 -57.57 -2.10
N THR C 177 -33.15 -57.22 -3.38
CA THR C 177 -33.09 -55.83 -3.81
C THR C 177 -34.10 -54.97 -3.05
N PHE C 178 -35.33 -55.50 -2.95
CA PHE C 178 -36.47 -54.80 -2.36
C PHE C 178 -36.15 -54.09 -1.05
N ALA C 179 -35.69 -54.80 -0.03
CA ALA C 179 -35.48 -54.06 1.22
C ALA C 179 -34.07 -54.06 1.73
N SER C 180 -33.13 -54.53 0.91
CA SER C 180 -31.69 -54.35 1.16
C SER C 180 -31.20 -55.18 2.35
N PRO C 181 -29.87 -55.34 2.51
CA PRO C 181 -29.38 -56.09 3.67
C PRO C 181 -29.73 -55.39 4.98
N VAL C 182 -30.16 -54.12 4.91
CA VAL C 182 -30.63 -53.42 6.10
C VAL C 182 -31.81 -54.11 6.79
N LEU C 183 -32.79 -54.55 6.00
CA LEU C 183 -34.04 -55.03 6.58
C LEU C 183 -34.17 -56.54 6.63
N GLN C 184 -33.53 -57.24 5.71
CA GLN C 184 -33.61 -58.69 5.71
C GLN C 184 -32.31 -59.35 5.30
N GLN C 185 -32.03 -60.51 5.90
CA GLN C 185 -30.76 -61.16 5.71
C GLN C 185 -30.92 -62.61 5.21
N PRO C 186 -31.05 -62.79 3.88
CA PRO C 186 -31.32 -64.11 3.30
C PRO C 186 -30.37 -65.23 3.76
N LEU C 187 -29.08 -64.93 3.88
CA LEU C 187 -28.10 -65.93 4.30
C LEU C 187 -28.35 -66.34 5.75
N ALA C 188 -28.77 -65.39 6.58
CA ALA C 188 -29.14 -65.69 7.96
C ALA C 188 -30.36 -66.60 7.99
N LEU C 189 -31.30 -66.39 7.08
CA LEU C 189 -32.49 -67.23 7.04
C LEU C 189 -32.22 -68.60 6.42
N GLY C 190 -31.04 -68.80 5.84
CA GLY C 190 -30.68 -70.12 5.35
C GLY C 190 -30.60 -70.28 3.84
N ALA C 191 -30.70 -69.18 3.11
CA ALA C 191 -30.49 -69.23 1.66
C ALA C 191 -28.99 -69.32 1.39
N ASP C 192 -28.64 -69.67 0.15
CA ASP C 192 -27.24 -69.77 -0.24
C ASP C 192 -26.70 -68.52 -0.92
N VAL C 193 -27.58 -67.72 -1.49
CA VAL C 193 -27.16 -66.52 -2.20
C VAL C 193 -28.09 -65.34 -1.92
N SER C 194 -27.50 -64.17 -1.73
CA SER C 194 -28.27 -62.93 -1.76
C SER C 194 -27.96 -62.20 -3.07
N LEU C 195 -29.01 -61.89 -3.82
CA LEU C 195 -28.90 -61.18 -5.08
C LEU C 195 -29.33 -59.73 -4.89
N TYR C 196 -28.59 -58.81 -5.52
CA TYR C 196 -28.88 -57.39 -5.39
C TYR C 196 -28.70 -56.63 -6.69
N SER C 197 -29.73 -55.86 -7.05
CA SER C 197 -29.53 -54.74 -7.94
C SER C 197 -29.11 -53.53 -7.11
N THR C 198 -27.80 -53.25 -7.06
CA THR C 198 -27.30 -52.13 -6.29
C THR C 198 -27.71 -50.78 -6.90
N THR C 199 -28.22 -50.84 -8.13
CA THR C 199 -28.78 -49.68 -8.83
C THR C 199 -29.88 -49.03 -7.99
N1 LLP C 200 -34.45 -57.51 -9.66
C2 LLP C 200 -35.24 -56.56 -9.16
C2' LLP C 200 -36.37 -56.92 -8.13
C3 LLP C 200 -35.06 -55.21 -9.58
O3 LLP C 200 -35.91 -54.24 -9.04
C4 LLP C 200 -34.05 -54.88 -10.47
C4' LLP C 200 -33.89 -53.32 -10.89
C5 LLP C 200 -33.25 -55.88 -10.97
C6 LLP C 200 -33.45 -57.20 -10.56
C5' LLP C 200 -32.09 -55.68 -12.02
OP4 LLP C 200 -31.22 -54.63 -11.69
P LLP C 200 -30.54 -53.79 -12.81
OP1 LLP C 200 -29.40 -53.08 -12.04
OP2 LLP C 200 -30.01 -54.70 -13.85
OP3 LLP C 200 -31.50 -52.85 -13.42
N LLP C 200 -30.51 -49.84 -7.14
CA LLP C 200 -31.65 -49.36 -6.33
CB LLP C 200 -32.69 -50.47 -6.19
CG LLP C 200 -32.99 -51.20 -7.53
CD LLP C 200 -33.71 -50.30 -8.57
CE LLP C 200 -34.07 -51.10 -9.87
NZ LLP C 200 -33.88 -52.54 -9.68
C LLP C 200 -31.18 -48.76 -5.03
O LLP C 200 -30.38 -47.84 -5.06
N SER C 201 -31.65 -49.25 -3.89
CA SER C 201 -31.38 -48.57 -2.62
C SER C 201 -29.93 -48.59 -2.13
N ILE C 202 -29.17 -49.62 -2.50
CA ILE C 202 -27.81 -49.75 -1.97
C ILE C 202 -26.93 -48.56 -2.40
N ALA C 203 -26.90 -48.28 -3.69
CA ALA C 203 -26.24 -47.06 -4.15
C ALA C 203 -27.11 -45.82 -3.87
N GLY C 204 -28.43 -45.97 -4.06
CA GLY C 204 -29.41 -45.05 -3.49
C GLY C 204 -29.51 -43.61 -3.94
N HIS C 205 -28.96 -43.26 -5.10
CA HIS C 205 -28.98 -41.88 -5.60
C HIS C 205 -29.31 -41.80 -7.08
N ALA C 206 -29.84 -42.88 -7.62
CA ALA C 206 -30.23 -42.99 -9.03
C ALA C 206 -29.18 -42.51 -10.03
N ASP C 207 -27.90 -42.79 -9.75
CA ASP C 207 -26.80 -42.30 -10.59
C ASP C 207 -25.69 -43.33 -10.87
N VAL C 208 -26.01 -44.61 -10.71
CA VAL C 208 -25.11 -45.70 -11.08
C VAL C 208 -25.84 -47.05 -11.16
N LEU C 209 -25.59 -47.81 -12.22
CA LEU C 209 -26.16 -49.16 -12.38
C LEU C 209 -25.19 -50.14 -11.77
N GLY C 210 -25.71 -51.15 -11.06
CA GLY C 210 -24.85 -52.19 -10.50
C GLY C 210 -25.61 -53.43 -10.04
N GLY C 211 -24.86 -54.49 -9.81
CA GLY C 211 -25.39 -55.71 -9.23
C GLY C 211 -24.39 -56.30 -8.25
N ALA C 212 -24.88 -57.19 -7.38
CA ALA C 212 -24.00 -57.95 -6.49
C ALA C 212 -24.58 -59.31 -6.15
N LEU C 213 -23.67 -60.27 -5.94
CA LEU C 213 -24.01 -61.56 -5.36
C LEU C 213 -23.26 -61.66 -4.04
N VAL C 214 -23.97 -62.06 -2.98
CA VAL C 214 -23.34 -62.27 -1.68
C VAL C 214 -23.66 -63.69 -1.23
N TYR C 215 -22.63 -64.42 -0.83
CA TYR C 215 -22.77 -65.86 -0.61
C TYR C 215 -21.64 -66.37 0.30
N ARG C 216 -21.65 -67.66 0.58
CA ARG C 216 -20.64 -68.21 1.46
C ARG C 216 -19.89 -69.44 0.91
N ASP C 217 -20.41 -70.05 -0.14
CA ASP C 217 -19.86 -71.30 -0.66
C ASP C 217 -18.62 -71.06 -1.56
N ALA C 218 -17.50 -71.73 -1.23
CA ALA C 218 -16.24 -71.48 -1.93
C ALA C 218 -16.21 -71.98 -3.39
N ASP C 219 -16.82 -73.13 -3.65
CA ASP C 219 -16.91 -73.66 -5.02
C ASP C 219 -17.72 -72.70 -5.89
N LEU C 220 -18.83 -72.21 -5.35
CA LEU C 220 -19.64 -71.20 -6.02
C LEU C 220 -18.81 -69.95 -6.35
N HIS C 221 -18.05 -69.49 -5.36
CA HIS C 221 -17.19 -68.32 -5.52
C HIS C 221 -16.31 -68.44 -6.78
N ALA C 222 -15.61 -69.57 -6.90
CA ALA C 222 -14.74 -69.81 -8.04
C ALA C 222 -15.50 -69.73 -9.36
N ALA C 223 -16.68 -70.34 -9.40
CA ALA C 223 -17.52 -70.38 -10.60
C ALA C 223 -18.08 -69.00 -10.96
N VAL C 224 -18.48 -68.24 -9.94
CA VAL C 224 -19.00 -66.90 -10.17
C VAL C 224 -17.93 -65.99 -10.75
N ARG C 225 -16.71 -66.08 -10.21
CA ARG C 225 -15.60 -65.24 -10.66
C ARG C 225 -15.13 -65.63 -12.06
N ALA C 226 -15.07 -66.93 -12.34
CA ALA C 226 -14.67 -67.38 -13.66
C ALA C 226 -15.66 -66.92 -14.74
N TYR C 227 -16.95 -66.99 -14.44
CA TYR C 227 -17.94 -66.49 -15.39
C TYR C 227 -17.82 -64.98 -15.61
N ARG C 228 -17.71 -64.22 -14.52
CA ARG C 228 -17.59 -62.77 -14.64
C ARG C 228 -16.40 -62.35 -15.50
N THR C 229 -15.25 -62.93 -15.21
CA THR C 229 -14.01 -62.65 -15.95
C THR C 229 -14.13 -63.02 -17.44
N THR C 230 -14.86 -64.09 -17.72
CA THR C 230 -15.01 -64.60 -19.08
C THR C 230 -16.15 -63.88 -19.84
N ALA C 231 -17.26 -63.64 -19.15
CA ALA C 231 -18.39 -62.88 -19.71
C ALA C 231 -18.13 -61.36 -19.70
N GLY C 232 -17.22 -60.93 -18.83
CA GLY C 232 -16.81 -59.54 -18.82
C GLY C 232 -17.89 -58.57 -18.37
N ASN C 233 -18.80 -59.04 -17.52
CA ASN C 233 -19.88 -58.21 -16.98
C ASN C 233 -19.47 -57.54 -15.67
N VAL C 234 -18.28 -56.95 -15.69
CA VAL C 234 -17.70 -56.24 -14.55
C VAL C 234 -18.05 -54.74 -14.57
N PRO C 235 -18.17 -54.14 -13.38
CA PRO C 235 -18.49 -52.71 -13.24
C PRO C 235 -17.32 -51.76 -13.51
N GLY C 236 -17.57 -50.55 -13.98
CA GLY C 236 -16.49 -49.58 -14.03
C GLY C 236 -15.97 -49.23 -12.64
N ALA C 237 -14.71 -48.81 -12.56
CA ALA C 237 -14.10 -48.52 -11.27
C ALA C 237 -14.73 -47.29 -10.62
N LEU C 238 -15.21 -46.36 -11.46
CA LEU C 238 -15.93 -45.19 -10.96
C LEU C 238 -17.34 -45.58 -10.50
N ASP C 239 -17.94 -46.58 -11.16
CA ASP C 239 -19.25 -47.09 -10.74
C ASP C 239 -19.15 -47.58 -9.31
N CYS C 240 -18.15 -48.39 -9.06
CA CYS C 240 -17.96 -48.99 -7.74
C CYS C 240 -17.77 -47.91 -6.69
N PHE C 241 -17.00 -46.88 -7.03
CA PHE C 241 -16.85 -45.74 -6.12
C PHE C 241 -18.20 -45.11 -5.79
N LEU C 242 -19.03 -44.87 -6.80
CA LEU C 242 -20.37 -44.31 -6.57
C LEU C 242 -21.24 -45.24 -5.72
N VAL C 243 -21.23 -46.54 -6.02
CA VAL C 243 -22.03 -47.50 -5.26
C VAL C 243 -21.57 -47.44 -3.82
N ARG C 244 -20.26 -47.56 -3.63
CA ARG C 244 -19.65 -47.57 -2.30
C ARG C 244 -19.94 -46.29 -1.53
N ARG C 245 -19.83 -45.15 -2.22
CA ARG C 245 -20.08 -43.88 -1.57
C ARG C 245 -21.53 -43.81 -1.14
N GLY C 246 -22.43 -44.30 -1.98
CA GLY C 246 -23.85 -44.31 -1.66
C GLY C 246 -24.13 -45.20 -0.45
N LEU C 247 -23.40 -46.31 -0.38
CA LEU C 247 -23.58 -47.31 0.67
C LEU C 247 -23.48 -46.75 2.08
N HIS C 248 -22.62 -45.74 2.28
CA HIS C 248 -22.43 -45.13 3.59
C HIS C 248 -23.73 -44.80 4.31
N THR C 249 -24.69 -44.26 3.57
CA THR C 249 -25.93 -43.80 4.18
C THR C 249 -27.10 -44.76 4.05
N LEU C 250 -26.82 -46.01 3.64
CA LEU C 250 -27.88 -47.01 3.43
C LEU C 250 -28.83 -47.19 4.63
N SER C 251 -28.27 -47.32 5.82
CA SER C 251 -29.08 -47.36 7.06
C SER C 251 -30.00 -46.15 7.22
N LEU C 252 -29.42 -44.96 7.29
CA LEU C 252 -30.19 -43.74 7.50
C LEU C 252 -31.28 -43.55 6.43
N ARG C 253 -30.93 -43.79 5.18
CA ARG C 253 -31.88 -43.64 4.07
C ARG C 253 -33.09 -44.58 4.19
N VAL C 254 -32.83 -45.87 4.29
CA VAL C 254 -33.89 -46.87 4.33
C VAL C 254 -34.83 -46.65 5.52
N HIS C 255 -34.25 -46.38 6.68
CA HIS C 255 -35.07 -46.17 7.87
C HIS C 255 -35.80 -44.81 7.84
N ARG C 256 -35.34 -43.89 7.01
CA ARG C 256 -36.11 -42.69 6.74
C ARG C 256 -37.22 -43.06 5.76
N GLN C 257 -36.86 -43.85 4.73
CA GLN C 257 -37.83 -44.30 3.74
C GLN C 257 -38.96 -45.13 4.36
N VAL C 258 -38.63 -46.01 5.31
CA VAL C 258 -39.66 -46.84 5.91
C VAL C 258 -40.64 -46.00 6.72
N ALA C 259 -40.11 -45.08 7.53
CA ALA C 259 -40.93 -44.22 8.37
C ALA C 259 -41.92 -43.44 7.53
N THR C 260 -41.45 -42.90 6.42
CA THR C 260 -42.33 -42.16 5.52
C THR C 260 -43.36 -43.09 4.85
N ALA C 261 -42.95 -44.29 4.46
CA ALA C 261 -43.89 -45.25 3.87
C ALA C 261 -45.09 -45.52 4.79
N ARG C 262 -44.79 -45.72 6.08
CA ARG C 262 -45.85 -45.92 7.07
C ARG C 262 -46.78 -44.72 7.10
N VAL C 263 -46.22 -43.52 7.02
CA VAL C 263 -47.03 -42.31 6.92
C VAL C 263 -47.96 -42.35 5.70
N LEU C 264 -47.41 -42.63 4.52
CA LEU C 264 -48.21 -42.67 3.30
C LEU C 264 -49.28 -43.76 3.34
N VAL C 265 -48.94 -44.90 3.91
CA VAL C 265 -49.90 -45.99 4.07
C VAL C 265 -51.15 -45.53 4.87
N GLU C 266 -50.95 -44.72 5.91
CA GLU C 266 -52.09 -44.29 6.69
C GLU C 266 -52.94 -43.27 5.94
N ARG C 267 -52.30 -42.42 5.14
CA ARG C 267 -53.02 -41.47 4.30
C ARG C 267 -53.87 -42.21 3.26
N LEU C 268 -53.29 -43.24 2.65
CA LEU C 268 -54.01 -44.05 1.67
C LEU C 268 -55.25 -44.73 2.27
N ARG C 269 -55.08 -45.36 3.42
CA ARG C 269 -56.19 -46.08 4.05
C ARG C 269 -57.33 -45.13 4.40
N ALA C 270 -56.97 -43.88 4.67
CA ALA C 270 -57.95 -42.85 5.01
C ALA C 270 -58.76 -42.37 3.79
N SER C 271 -58.28 -42.68 2.59
CA SER C 271 -58.86 -42.12 1.37
C SER C 271 -60.04 -42.90 0.81
N PRO C 272 -61.18 -42.22 0.61
CA PRO C 272 -62.37 -42.91 0.08
C PRO C 272 -62.22 -43.29 -1.40
N VAL C 273 -61.12 -42.92 -2.06
CA VAL C 273 -60.91 -43.34 -3.45
C VAL C 273 -59.71 -44.27 -3.59
N VAL C 274 -59.37 -44.96 -2.51
CA VAL C 274 -58.34 -45.98 -2.53
C VAL C 274 -58.97 -47.33 -2.17
N GLY C 275 -58.75 -48.33 -3.02
CA GLY C 275 -59.27 -49.67 -2.79
C GLY C 275 -58.30 -50.51 -1.99
N ALA C 276 -57.82 -51.60 -2.58
CA ALA C 276 -56.84 -52.45 -1.91
C ALA C 276 -55.59 -51.64 -1.58
N VAL C 277 -54.98 -51.94 -0.44
CA VAL C 277 -53.69 -51.35 -0.09
C VAL C 277 -52.71 -52.47 0.25
N HIS C 278 -51.53 -52.41 -0.34
CA HIS C 278 -50.52 -53.44 -0.12
C HIS C 278 -49.30 -52.87 0.59
N TYR C 279 -48.98 -53.43 1.75
CA TYR C 279 -47.80 -53.02 2.52
C TYR C 279 -47.52 -54.09 3.55
N PRO C 280 -46.28 -54.60 3.56
CA PRO C 280 -45.93 -55.73 4.44
C PRO C 280 -46.05 -55.40 5.92
N GLY C 281 -46.21 -54.12 6.27
CA GLY C 281 -46.35 -53.70 7.65
C GLY C 281 -47.76 -53.76 8.21
N LEU C 282 -48.75 -53.86 7.33
CA LEU C 282 -50.14 -53.92 7.78
C LEU C 282 -50.44 -55.28 8.38
N PRO C 283 -51.26 -55.31 9.44
CA PRO C 283 -51.62 -56.60 10.04
C PRO C 283 -52.34 -57.50 9.04
N GLU C 284 -53.09 -56.91 8.12
CA GLU C 284 -53.94 -57.69 7.22
C GLU C 284 -53.12 -58.39 6.14
N HIS C 285 -51.92 -57.90 5.87
CA HIS C 285 -51.04 -58.56 4.91
C HIS C 285 -51.01 -60.03 5.30
N PRO C 286 -51.58 -60.90 4.45
CA PRO C 286 -51.82 -62.29 4.84
C PRO C 286 -50.55 -63.04 5.23
N GLN C 287 -49.38 -62.48 4.93
CA GLN C 287 -48.14 -63.10 5.36
C GLN C 287 -47.48 -62.30 6.48
N HIS C 288 -48.31 -61.69 7.32
CA HIS C 288 -47.82 -60.88 8.43
C HIS C 288 -46.88 -61.62 9.41
N ALA C 289 -47.17 -62.88 9.69
CA ALA C 289 -46.32 -63.67 10.57
C ALA C 289 -44.92 -63.82 9.99
N VAL C 290 -44.84 -64.12 8.70
CA VAL C 290 -43.56 -64.27 8.02
C VAL C 290 -42.76 -62.96 8.02
N VAL C 291 -43.40 -61.89 7.56
CA VAL C 291 -42.84 -60.54 7.67
C VAL C 291 -42.44 -60.31 9.12
N LYS C 292 -41.32 -59.65 9.36
CA LYS C 292 -40.91 -59.31 10.76
C LYS C 292 -40.32 -60.52 11.51
N ALA C 293 -40.80 -61.73 11.22
CA ALA C 293 -39.99 -62.90 11.51
C ALA C 293 -38.78 -62.88 10.56
N GLN C 294 -38.87 -62.15 9.46
CA GLN C 294 -37.79 -62.19 8.49
C GLN C 294 -37.23 -60.86 7.93
N MSE C 295 -38.07 -59.94 7.51
CA MSE C 295 -37.46 -58.72 7.01
C MSE C 295 -37.70 -57.74 8.22
O MSE C 295 -38.75 -57.79 8.82
CB MSE C 295 -37.90 -58.32 5.54
CG MSE C 295 -37.90 -59.46 4.36
SE MSE C 295 -36.91 -59.77 2.40
CE MSE C 295 -36.87 -57.85 2.00
N SER C 296 -36.71 -56.95 8.65
CA SER C 296 -36.74 -56.34 10.00
C SER C 296 -37.58 -55.05 10.17
N ALA C 297 -38.00 -54.49 9.05
CA ALA C 297 -38.99 -53.43 9.01
C ALA C 297 -39.70 -53.69 7.69
N PRO C 298 -40.83 -53.01 7.45
CA PRO C 298 -41.56 -53.52 6.28
C PRO C 298 -41.34 -52.77 4.97
N GLY C 299 -40.22 -52.06 4.85
CA GLY C 299 -39.79 -51.59 3.56
C GLY C 299 -40.35 -50.25 3.13
N ALA C 300 -40.02 -49.84 1.91
CA ALA C 300 -40.32 -48.49 1.47
C ALA C 300 -41.16 -48.49 0.20
N ILE C 301 -41.71 -49.66 -0.13
CA ILE C 301 -42.55 -49.79 -1.30
C ILE C 301 -43.99 -49.92 -0.84
N VAL C 302 -44.90 -49.25 -1.52
CA VAL C 302 -46.32 -49.31 -1.19
C VAL C 302 -47.07 -49.43 -2.51
N SER C 303 -48.09 -50.26 -2.57
CA SER C 303 -49.01 -50.18 -3.71
C SER C 303 -50.49 -50.18 -3.31
N PHE C 304 -51.34 -49.72 -4.23
CA PHE C 304 -52.76 -49.53 -3.93
C PHE C 304 -53.60 -49.41 -5.20
N ASP C 305 -54.86 -49.79 -5.10
CA ASP C 305 -55.81 -49.58 -6.18
C ASP C 305 -56.47 -48.21 -6.11
N TYR C 306 -56.28 -47.42 -7.16
CA TYR C 306 -56.89 -46.11 -7.25
C TYR C 306 -58.31 -46.19 -7.85
N LEU C 307 -59.29 -45.72 -7.09
CA LEU C 307 -60.69 -45.87 -7.47
C LEU C 307 -61.27 -44.63 -8.14
N GLY C 308 -60.51 -43.53 -8.14
CA GLY C 308 -61.05 -42.23 -8.54
C GLY C 308 -60.99 -41.83 -10.00
N GLY C 309 -60.59 -42.74 -10.88
CA GLY C 309 -60.49 -42.41 -12.29
C GLY C 309 -59.40 -43.22 -13.00
N PRO C 310 -58.95 -42.72 -14.17
CA PRO C 310 -57.86 -43.38 -14.89
C PRO C 310 -56.56 -43.26 -14.11
N ALA C 311 -55.79 -44.34 -14.07
CA ALA C 311 -54.54 -44.33 -13.32
C ALA C 311 -53.62 -43.26 -13.86
N GLU C 312 -53.58 -43.13 -15.17
CA GLU C 312 -52.62 -42.21 -15.74
C GLU C 312 -53.05 -40.76 -15.57
N ARG C 313 -54.34 -40.52 -15.32
CA ARG C 313 -54.74 -39.17 -14.93
C ARG C 313 -54.19 -38.84 -13.55
N LEU C 314 -54.29 -39.78 -12.63
CA LEU C 314 -53.67 -39.65 -11.31
C LEU C 314 -52.17 -39.28 -11.38
N LEU C 315 -51.40 -40.01 -12.19
CA LEU C 315 -49.95 -39.78 -12.28
C LEU C 315 -49.63 -38.34 -12.67
N ASP C 316 -50.45 -37.79 -13.57
CA ASP C 316 -50.29 -36.45 -14.10
C ASP C 316 -50.32 -35.39 -13.00
N ARG C 317 -50.89 -35.75 -11.85
CA ARG C 317 -51.20 -34.77 -10.81
C ARG C 317 -50.12 -34.65 -9.74
N PHE C 318 -49.17 -35.58 -9.73
CA PHE C 318 -48.06 -35.51 -8.78
C PHE C 318 -47.09 -34.40 -9.20
N THR C 319 -46.64 -33.61 -8.23
CA THR C 319 -45.62 -32.58 -8.46
C THR C 319 -44.46 -32.65 -7.45
N LEU C 320 -44.44 -33.69 -6.64
CA LEU C 320 -43.24 -33.99 -5.85
C LEU C 320 -42.74 -35.38 -6.23
N PHE C 321 -43.57 -36.40 -6.00
CA PHE C 321 -43.35 -37.73 -6.57
C PHE C 321 -43.02 -37.61 -8.05
N THR C 322 -42.05 -38.41 -8.50
CA THR C 322 -41.60 -38.40 -9.89
C THR C 322 -42.18 -39.63 -10.66
N CYS C 323 -42.66 -39.38 -11.88
CA CYS C 323 -43.29 -40.42 -12.72
C CYS C 323 -42.20 -41.15 -13.50
N GLY C 324 -41.78 -42.32 -13.00
CA GLY C 324 -40.79 -43.14 -13.67
C GLY C 324 -40.55 -44.46 -12.94
N VAL C 325 -39.64 -45.29 -13.44
CA VAL C 325 -39.36 -46.58 -12.82
C VAL C 325 -38.03 -46.58 -12.06
N SER C 326 -37.69 -47.74 -11.49
CA SER C 326 -36.61 -47.94 -10.53
C SER C 326 -37.12 -47.58 -9.14
N LEU C 327 -36.25 -47.78 -8.14
CA LEU C 327 -36.63 -47.51 -6.76
C LEU C 327 -35.51 -47.57 -5.74
N GLY C 328 -35.90 -47.43 -4.49
CA GLY C 328 -34.97 -47.49 -3.37
C GLY C 328 -34.21 -46.19 -3.21
N GLY C 329 -34.55 -45.21 -4.05
CA GLY C 329 -33.76 -44.01 -4.15
C GLY C 329 -34.10 -42.84 -3.24
N VAL C 330 -33.23 -41.84 -3.28
CA VAL C 330 -33.43 -40.57 -2.58
C VAL C 330 -34.66 -39.81 -3.13
N HIS C 331 -34.89 -39.93 -4.44
CA HIS C 331 -36.09 -39.34 -5.07
C HIS C 331 -37.27 -40.30 -4.97
N SER C 332 -38.42 -39.82 -4.48
CA SER C 332 -39.65 -40.60 -4.44
C SER C 332 -40.21 -40.80 -5.85
N LEU C 333 -40.69 -42.00 -6.14
CA LEU C 333 -41.18 -42.33 -7.48
C LEU C 333 -42.61 -42.88 -7.44
N VAL C 334 -43.31 -42.74 -8.56
CA VAL C 334 -44.63 -43.30 -8.71
C VAL C 334 -44.76 -43.93 -10.10
N GLU C 335 -45.57 -44.99 -10.23
CA GLU C 335 -45.91 -45.60 -11.53
C GLU C 335 -47.21 -46.38 -11.46
N CYS C 336 -47.67 -46.86 -12.61
CA CYS C 336 -48.80 -47.77 -12.62
C CYS C 336 -48.45 -48.94 -13.56
N PRO C 337 -48.05 -50.07 -12.95
CA PRO C 337 -47.69 -51.33 -13.62
C PRO C 337 -48.39 -51.58 -14.97
N ALA C 338 -49.72 -51.47 -15.00
CA ALA C 338 -50.49 -51.67 -16.23
C ALA C 338 -49.89 -51.05 -17.49
N LEU C 339 -49.52 -49.77 -17.41
CA LEU C 339 -49.24 -48.95 -18.59
C LEU C 339 -47.77 -48.63 -18.75
N MSE C 340 -46.98 -48.98 -17.75
CA MSE C 340 -45.62 -48.51 -17.78
C MSE C 340 -44.65 -49.59 -18.23
O MSE C 340 -43.81 -49.34 -19.10
CB MSE C 340 -45.22 -47.81 -16.47
CG MSE C 340 -45.32 -46.29 -16.68
SE MSE C 340 -45.50 -45.03 -15.22
CE MSE C 340 -45.00 -43.46 -16.21
N THR C 341 -44.83 -50.78 -17.67
CA THR C 341 -43.84 -51.85 -17.72
C THR C 341 -44.50 -53.21 -17.94
N HIS C 342 -45.80 -53.29 -17.62
CA HIS C 342 -46.54 -54.56 -17.63
C HIS C 342 -47.64 -54.49 -18.69
N ARG C 343 -47.56 -53.36 -19.37
CA ARG C 343 -48.06 -53.18 -20.67
C ARG C 343 -47.33 -53.97 -21.74
N PRO C 344 -46.04 -54.04 -21.57
CA PRO C 344 -45.35 -55.14 -22.19
C PRO C 344 -45.19 -56.21 -21.13
N LEU C 345 -46.32 -56.79 -20.73
CA LEU C 345 -46.33 -58.09 -20.10
C LEU C 345 -47.39 -58.74 -20.93
N SER C 346 -48.52 -59.05 -20.34
CA SER C 346 -49.67 -59.32 -21.16
C SER C 346 -50.77 -58.32 -20.81
N ALA C 347 -51.99 -58.81 -20.69
CA ALA C 347 -53.14 -57.97 -20.39
C ALA C 347 -54.08 -58.75 -19.48
N GLU C 348 -54.46 -59.93 -19.97
CA GLU C 348 -55.18 -60.90 -19.15
C GLU C 348 -54.17 -61.48 -18.15
N ALA C 349 -52.91 -61.58 -18.57
CA ALA C 349 -51.87 -62.02 -17.65
C ALA C 349 -51.32 -60.88 -16.78
N ARG C 350 -51.99 -59.73 -16.86
CA ARG C 350 -51.95 -58.71 -15.82
C ARG C 350 -52.95 -59.12 -14.76
N ALA C 351 -54.22 -59.23 -15.16
CA ALA C 351 -55.31 -59.55 -14.24
C ALA C 351 -55.07 -60.92 -13.65
N ARG C 352 -54.30 -61.73 -14.37
CA ARG C 352 -53.84 -63.00 -13.85
C ARG C 352 -52.90 -62.79 -12.65
N ARG C 353 -51.90 -61.94 -12.81
CA ARG C 353 -50.87 -61.79 -11.78
C ARG C 353 -51.13 -60.68 -10.77
N GLY C 354 -52.39 -60.38 -10.51
CA GLY C 354 -52.78 -59.39 -9.53
C GLY C 354 -52.55 -57.93 -9.91
N ILE C 355 -52.31 -57.67 -11.18
CA ILE C 355 -52.03 -56.33 -11.65
C ILE C 355 -53.18 -55.74 -12.47
N GLY C 356 -54.02 -54.92 -11.83
CA GLY C 356 -55.10 -54.23 -12.52
C GLY C 356 -54.67 -52.85 -13.00
N GLU C 357 -55.48 -52.25 -13.88
CA GLU C 357 -55.21 -50.90 -14.39
C GLU C 357 -55.33 -49.88 -13.27
N SER C 358 -56.02 -50.26 -12.20
CA SER C 358 -56.12 -49.42 -11.02
C SER C 358 -54.82 -49.35 -10.18
N LEU C 359 -53.88 -50.26 -10.42
CA LEU C 359 -52.75 -50.42 -9.51
C LEU C 359 -51.61 -49.38 -9.64
N ILE C 360 -51.34 -48.68 -8.52
CA ILE C 360 -50.28 -47.68 -8.45
C ILE C 360 -49.19 -48.12 -7.46
N ARG C 361 -47.92 -47.93 -7.83
CA ARG C 361 -46.82 -48.20 -6.89
C ARG C 361 -46.04 -46.94 -6.50
N LEU C 362 -45.79 -46.79 -5.19
CA LEU C 362 -44.95 -45.71 -4.66
C LEU C 362 -43.58 -46.24 -4.24
N SER C 363 -42.51 -45.65 -4.77
CA SER C 363 -41.18 -45.87 -4.22
C SER C 363 -40.81 -44.65 -3.38
N VAL C 364 -40.78 -44.83 -2.06
CA VAL C 364 -40.64 -43.72 -1.14
C VAL C 364 -39.18 -43.25 -0.98
N GLY C 365 -38.95 -41.98 -1.27
CA GLY C 365 -37.63 -41.38 -1.11
C GLY C 365 -37.40 -40.76 0.27
N ILE C 366 -36.39 -39.90 0.38
CA ILE C 366 -36.08 -39.29 1.66
C ILE C 366 -36.57 -37.85 1.82
N GLU C 367 -37.53 -37.44 1.00
CA GLU C 367 -38.14 -36.11 1.17
C GLU C 367 -38.91 -36.04 2.49
N ASP C 368 -39.33 -34.83 2.84
CA ASP C 368 -40.09 -34.66 4.07
C ASP C 368 -41.40 -35.41 3.95
N PRO C 369 -41.75 -36.19 4.99
CA PRO C 369 -42.95 -37.04 4.98
C PRO C 369 -44.23 -36.25 4.70
N GLN C 370 -44.36 -35.09 5.32
CA GLN C 370 -45.59 -34.32 5.19
C GLN C 370 -45.67 -33.68 3.81
N ASP C 371 -44.51 -33.39 3.21
CA ASP C 371 -44.50 -32.92 1.83
C ASP C 371 -44.98 -34.04 0.90
N LEU C 372 -44.44 -35.24 1.07
CA LEU C 372 -44.87 -36.37 0.26
C LEU C 372 -46.35 -36.72 0.52
N ALA C 373 -46.77 -36.67 1.78
CA ALA C 373 -48.16 -36.94 2.14
C ALA C 373 -49.10 -35.97 1.44
N GLU C 374 -48.67 -34.72 1.28
CA GLU C 374 -49.49 -33.70 0.64
C GLU C 374 -49.62 -33.93 -0.87
N ASP C 375 -48.50 -34.20 -1.54
CA ASP C 375 -48.51 -34.45 -2.99
C ASP C 375 -49.49 -35.58 -3.32
N LEU C 376 -49.43 -36.63 -2.51
CA LEU C 376 -50.29 -37.78 -2.69
C LEU C 376 -51.77 -37.42 -2.54
N SER C 377 -52.10 -36.55 -1.60
CA SER C 377 -53.51 -36.15 -1.43
C SER C 377 -54.03 -35.31 -2.59
N ARG C 378 -53.30 -34.27 -2.98
CA ARG C 378 -53.74 -33.43 -4.09
C ARG C 378 -53.86 -34.21 -5.40
N ALA C 379 -53.14 -35.32 -5.48
CA ALA C 379 -53.31 -36.24 -6.60
C ALA C 379 -54.58 -37.08 -6.40
N LEU C 380 -54.71 -37.71 -5.23
CA LEU C 380 -55.88 -38.55 -4.93
C LEU C 380 -57.20 -37.81 -5.10
N ALA C 381 -57.21 -36.52 -4.79
CA ALA C 381 -58.45 -35.75 -4.81
C ALA C 381 -58.61 -34.91 -6.07
N GLY C 382 -57.61 -34.90 -6.94
CA GLY C 382 -57.66 -34.14 -8.17
C GLY C 382 -58.63 -34.65 -9.22
N GLY C 383 -58.84 -33.84 -10.27
CA GLY C 383 -59.85 -34.15 -11.28
C GLY C 383 -59.50 -33.96 -12.75
N THR C 384 -58.73 -32.93 -13.09
CA THR C 384 -58.36 -32.70 -14.49
C THR C 384 -56.98 -33.26 -14.83
N MSE D 7 -17.37 -37.29 -41.32
CA MSE D 7 -17.00 -36.97 -42.69
C MSE D 7 -15.66 -37.59 -43.11
O MSE D 7 -15.59 -38.44 -43.99
CB MSE D 7 -16.98 -35.47 -42.83
CG MSE D 7 -18.36 -34.90 -42.57
SE MSE D 7 -19.62 -35.60 -43.85
CE MSE D 7 -19.10 -34.43 -45.30
N ARG D 8 -14.59 -37.11 -42.49
CA ARG D 8 -13.27 -37.67 -42.70
C ARG D 8 -12.80 -38.19 -41.35
N PHE D 9 -11.81 -39.08 -41.35
CA PHE D 9 -11.59 -39.90 -40.17
C PHE D 9 -11.29 -39.15 -38.86
N GLY D 10 -10.33 -38.23 -38.88
CA GLY D 10 -10.04 -37.38 -37.74
C GLY D 10 -11.19 -36.48 -37.30
N THR D 11 -12.04 -36.07 -38.23
CA THR D 11 -13.21 -35.26 -37.90
C THR D 11 -14.30 -36.07 -37.22
N ARG D 12 -14.52 -37.28 -37.72
CA ARG D 12 -15.50 -38.17 -37.12
C ARG D 12 -15.07 -38.53 -35.69
N LEU D 13 -13.76 -38.47 -35.41
CA LEU D 13 -13.29 -38.79 -34.07
C LEU D 13 -13.69 -37.70 -33.07
N VAL D 14 -13.68 -36.45 -33.53
CA VAL D 14 -13.99 -35.33 -32.67
C VAL D 14 -15.49 -35.05 -32.62
N HIS D 15 -16.15 -35.11 -33.76
CA HIS D 15 -17.53 -34.65 -33.85
C HIS D 15 -18.58 -35.74 -33.95
N GLY D 16 -18.15 -36.99 -34.12
CA GLY D 16 -19.07 -38.10 -34.07
C GLY D 16 -19.80 -38.03 -32.75
N GLY D 17 -21.08 -38.36 -32.75
CA GLY D 17 -21.89 -38.37 -31.54
C GLY D 17 -22.06 -37.01 -30.87
N ARG D 18 -21.56 -35.95 -31.49
CA ARG D 18 -21.60 -34.67 -30.78
C ARG D 18 -22.92 -33.96 -30.99
N ARG D 19 -23.99 -34.66 -30.60
CA ARG D 19 -25.31 -34.10 -30.43
C ARG D 19 -25.14 -32.85 -29.59
N PRO D 20 -25.90 -31.79 -29.89
CA PRO D 20 -25.62 -30.58 -29.12
C PRO D 20 -25.72 -30.64 -27.59
N SER D 21 -26.93 -30.33 -27.12
CA SER D 21 -27.20 -29.65 -25.84
C SER D 21 -27.75 -28.32 -26.29
N ALA D 22 -29.01 -28.33 -26.69
CA ALA D 22 -29.71 -27.07 -26.87
C ALA D 22 -30.08 -26.56 -25.48
N GLY D 23 -30.44 -25.28 -25.40
CA GLY D 23 -30.61 -24.65 -24.12
C GLY D 23 -29.29 -24.03 -23.69
N THR D 24 -28.31 -24.89 -23.37
CA THR D 24 -27.07 -24.41 -22.77
C THR D 24 -25.88 -24.27 -23.74
N GLY D 25 -25.92 -24.97 -24.87
CA GLY D 25 -24.87 -24.83 -25.87
C GLY D 25 -23.56 -25.57 -25.63
N ASP D 26 -23.55 -26.48 -24.65
CA ASP D 26 -22.34 -27.24 -24.30
C ASP D 26 -21.66 -27.88 -25.52
N VAL D 27 -20.36 -27.63 -25.67
CA VAL D 27 -19.62 -28.22 -26.76
C VAL D 27 -19.28 -29.68 -26.44
N VAL D 28 -18.76 -29.94 -25.25
CA VAL D 28 -18.64 -31.32 -24.79
C VAL D 28 -19.96 -31.72 -24.13
N PRO D 29 -20.64 -32.75 -24.68
CA PRO D 29 -21.96 -33.14 -24.14
C PRO D 29 -21.85 -33.51 -22.65
N PRO D 30 -22.89 -33.17 -21.88
CA PRO D 30 -22.82 -33.39 -20.43
C PRO D 30 -22.94 -34.87 -20.13
N ILE D 31 -22.46 -35.31 -18.96
CA ILE D 31 -22.47 -36.74 -18.66
C ILE D 31 -23.80 -37.16 -18.02
N HIS D 32 -24.58 -37.96 -18.75
CA HIS D 32 -25.87 -38.46 -18.25
C HIS D 32 -25.67 -39.64 -17.29
N VAL D 33 -25.68 -39.37 -15.99
CA VAL D 33 -25.49 -40.41 -14.99
C VAL D 33 -26.81 -40.98 -14.44
N SER D 34 -27.91 -40.27 -14.67
CA SER D 34 -29.22 -40.70 -14.14
C SER D 34 -29.63 -42.10 -14.62
N THR D 35 -30.07 -42.95 -13.70
CA THR D 35 -30.70 -44.21 -14.09
C THR D 35 -32.12 -44.01 -14.63
N THR D 36 -32.85 -43.09 -14.01
CA THR D 36 -34.26 -42.97 -14.35
C THR D 36 -34.62 -41.65 -15.01
N TYR D 37 -35.71 -41.69 -15.75
CA TYR D 37 -36.20 -40.55 -16.53
C TYR D 37 -37.68 -40.36 -16.22
N GLU D 38 -38.10 -39.10 -16.18
CA GLU D 38 -39.50 -38.74 -15.97
C GLU D 38 -40.24 -38.96 -17.28
N ARG D 39 -41.37 -39.65 -17.21
CA ARG D 39 -42.14 -39.98 -18.41
C ARG D 39 -43.14 -38.88 -18.74
N ARG D 40 -43.18 -37.83 -17.92
CA ARG D 40 -44.02 -36.67 -18.23
C ARG D 40 -43.13 -35.58 -18.82
N ALA D 41 -41.83 -35.79 -18.67
CA ALA D 41 -40.80 -34.87 -19.14
C ALA D 41 -40.68 -34.87 -20.66
N GLN D 42 -40.70 -36.07 -21.25
CA GLN D 42 -40.50 -36.32 -22.69
C GLN D 42 -41.85 -36.34 -23.42
N ASP D 43 -41.84 -36.26 -24.75
CA ASP D 43 -43.07 -36.16 -25.57
C ASP D 43 -43.07 -37.06 -26.82
N GLU D 44 -43.36 -38.34 -26.60
CA GLU D 44 -42.99 -39.48 -27.43
C GLU D 44 -42.15 -40.27 -26.45
N PRO D 45 -42.30 -41.59 -26.44
CA PRO D 45 -41.57 -42.47 -25.53
C PRO D 45 -40.19 -42.89 -26.05
N ARG D 46 -39.14 -42.57 -25.30
CA ARG D 46 -37.78 -43.12 -25.52
C ARG D 46 -37.05 -43.51 -24.24
N TYR D 47 -36.70 -42.51 -23.43
CA TYR D 47 -35.85 -42.70 -22.26
C TYR D 47 -36.67 -43.15 -21.04
N PHE D 48 -36.39 -44.36 -20.55
CA PHE D 48 -37.15 -44.95 -19.44
C PHE D 48 -36.30 -45.48 -18.28
N TYR D 49 -35.20 -46.15 -18.62
CA TYR D 49 -34.34 -46.75 -17.60
C TYR D 49 -32.94 -46.93 -18.13
N GLY D 50 -31.96 -46.71 -17.25
CA GLY D 50 -30.56 -46.62 -17.63
C GLY D 50 -29.93 -47.86 -18.24
N ARG D 51 -30.40 -49.05 -17.86
CA ARG D 51 -29.86 -50.29 -18.45
C ARG D 51 -30.22 -50.42 -19.93
N GLY D 52 -31.29 -49.76 -20.36
CA GLY D 52 -31.71 -49.78 -21.75
C GLY D 52 -31.36 -48.52 -22.53
N GLU D 53 -31.53 -47.37 -21.91
CA GLU D 53 -31.34 -46.08 -22.60
C GLU D 53 -30.42 -45.17 -21.79
N ASN D 54 -29.45 -44.54 -22.46
CA ASN D 54 -28.62 -43.50 -21.88
C ASN D 54 -27.99 -42.67 -23.01
N PRO D 55 -28.16 -41.33 -22.97
CA PRO D 55 -27.63 -40.52 -24.08
C PRO D 55 -26.10 -40.50 -24.23
N THR D 56 -25.36 -40.47 -23.13
CA THR D 56 -23.90 -40.53 -23.20
C THR D 56 -23.46 -41.83 -23.88
N ARG D 57 -24.11 -42.93 -23.51
CA ARG D 57 -23.82 -44.21 -24.12
C ARG D 57 -24.10 -44.16 -25.62
N GLU D 58 -25.29 -43.67 -25.98
CA GLU D 58 -25.67 -43.53 -27.38
C GLU D 58 -24.70 -42.65 -28.18
N GLU D 59 -24.24 -41.57 -27.56
CA GLU D 59 -23.33 -40.65 -28.23
C GLU D 59 -22.02 -41.37 -28.61
N LEU D 60 -21.49 -42.15 -27.68
CA LEU D 60 -20.32 -42.98 -27.96
C LEU D 60 -20.60 -43.99 -29.08
N GLU D 61 -21.79 -44.59 -29.04
CA GLU D 61 -22.22 -45.52 -30.10
C GLU D 61 -22.32 -44.86 -31.49
N GLU D 62 -22.88 -43.66 -31.56
CA GLU D 62 -22.96 -42.95 -32.85
C GLU D 62 -21.55 -42.66 -33.41
N CYS D 63 -20.66 -42.20 -32.54
CA CYS D 63 -19.27 -41.96 -32.92
C CYS D 63 -18.59 -43.22 -33.49
N LEU D 64 -18.69 -44.35 -32.78
CA LEU D 64 -18.02 -45.59 -33.22
C LEU D 64 -18.58 -46.09 -34.55
N ALA D 65 -19.90 -46.02 -34.70
CA ALA D 65 -20.54 -46.42 -35.96
C ALA D 65 -20.04 -45.54 -37.10
N GLY D 66 -19.94 -44.24 -36.84
CA GLY D 66 -19.51 -43.27 -37.85
C GLY D 66 -18.11 -43.54 -38.34
N LEU D 67 -17.26 -44.11 -37.49
CA LEU D 67 -15.88 -44.43 -37.89
C LEU D 67 -15.78 -45.55 -38.92
N GLU D 68 -16.83 -46.35 -39.05
CA GLU D 68 -16.83 -47.39 -40.08
C GLU D 68 -17.97 -47.21 -41.07
N ARG D 69 -18.45 -45.97 -41.20
CA ARG D 69 -19.65 -45.62 -41.98
C ARG D 69 -20.78 -46.65 -41.86
N ALA D 70 -21.09 -47.02 -40.63
CA ALA D 70 -22.05 -48.07 -40.35
C ALA D 70 -23.25 -47.47 -39.62
N PRO D 71 -24.44 -48.09 -39.78
CA PRO D 71 -25.62 -47.50 -39.14
C PRO D 71 -25.75 -47.85 -37.65
N PHE D 72 -25.03 -48.87 -37.19
CA PHE D 72 -25.24 -49.35 -35.82
C PHE D 72 -23.93 -49.60 -35.09
N ALA D 73 -23.95 -49.29 -33.79
CA ALA D 73 -22.92 -49.73 -32.86
C ALA D 73 -23.56 -49.95 -31.50
N THR D 74 -23.00 -50.87 -30.74
CA THR D 74 -23.45 -51.14 -29.38
C THR D 74 -22.21 -51.31 -28.51
N VAL D 75 -22.19 -50.64 -27.36
CA VAL D 75 -21.05 -50.73 -26.45
C VAL D 75 -21.39 -51.58 -25.22
N PHE D 76 -20.34 -52.14 -24.62
CA PHE D 76 -20.49 -53.10 -23.52
C PHE D 76 -19.53 -52.76 -22.37
N SER D 77 -19.78 -53.31 -21.19
CA SER D 77 -18.86 -53.16 -20.06
C SER D 77 -17.41 -53.52 -20.47
N SER D 78 -17.24 -54.54 -21.29
CA SER D 78 -15.90 -54.98 -21.69
C SER D 78 -15.89 -55.55 -23.11
N GLY D 79 -14.70 -55.71 -23.67
CA GLY D 79 -14.55 -56.43 -24.92
C GLY D 79 -15.10 -57.85 -24.84
N GLN D 80 -14.78 -58.56 -23.76
CA GLN D 80 -15.32 -59.91 -23.54
C GLN D 80 -16.86 -59.93 -23.60
N ALA D 81 -17.48 -58.90 -23.03
CA ALA D 81 -18.94 -58.77 -23.03
C ALA D 81 -19.52 -58.60 -24.44
N ALA D 82 -18.83 -57.82 -25.28
CA ALA D 82 -19.26 -57.69 -26.67
C ALA D 82 -19.16 -59.04 -27.37
N ALA D 83 -18.04 -59.72 -27.14
CA ALA D 83 -17.82 -61.04 -27.70
C ALA D 83 -18.90 -62.03 -27.26
N ALA D 84 -19.15 -62.08 -25.96
CA ALA D 84 -20.14 -62.97 -25.38
C ALA D 84 -21.51 -62.72 -26.01
N THR D 85 -21.85 -61.45 -26.17
CA THR D 85 -23.14 -61.08 -26.72
C THR D 85 -23.26 -61.59 -28.15
N LEU D 86 -22.28 -61.25 -28.97
CA LEU D 86 -22.29 -61.65 -30.35
C LEU D 86 -22.33 -63.19 -30.47
N LEU D 87 -21.71 -63.87 -29.52
CA LEU D 87 -21.65 -65.34 -29.53
C LEU D 87 -22.92 -66.05 -29.07
N SER D 88 -23.71 -65.37 -28.26
CA SER D 88 -24.92 -65.95 -27.69
C SER D 88 -25.99 -66.16 -28.77
N LEU D 89 -25.78 -65.55 -29.92
CA LEU D 89 -26.77 -65.59 -30.99
C LEU D 89 -26.65 -66.88 -31.78
N VAL D 90 -25.56 -67.61 -31.56
CA VAL D 90 -25.37 -68.92 -32.16
C VAL D 90 -26.14 -69.98 -31.37
N ARG D 91 -26.93 -70.79 -32.06
CA ARG D 91 -27.71 -71.84 -31.41
C ARG D 91 -26.87 -73.09 -31.18
N PRO D 92 -27.19 -73.85 -30.12
CA PRO D 92 -26.57 -75.17 -29.96
C PRO D 92 -26.87 -75.99 -31.19
N GLY D 93 -25.86 -76.64 -31.74
CA GLY D 93 -26.03 -77.42 -32.96
C GLY D 93 -25.51 -76.69 -34.19
N GLN D 94 -25.12 -75.44 -33.99
CA GLN D 94 -24.51 -74.65 -35.05
C GLN D 94 -23.03 -74.57 -34.74
N CYS D 95 -22.21 -74.19 -35.72
CA CYS D 95 -20.77 -74.22 -35.55
C CYS D 95 -20.19 -72.85 -35.80
N VAL D 96 -19.40 -72.38 -34.85
CA VAL D 96 -18.53 -71.26 -35.09
C VAL D 96 -17.22 -71.90 -35.54
N VAL D 97 -16.73 -71.48 -36.70
CA VAL D 97 -15.35 -71.81 -37.06
C VAL D 97 -14.54 -70.57 -36.81
N SER D 98 -13.42 -70.74 -36.12
CA SER D 98 -12.65 -69.58 -35.70
C SER D 98 -11.19 -69.64 -36.08
N THR D 99 -10.47 -68.60 -35.68
CA THR D 99 -9.03 -68.51 -35.91
C THR D 99 -8.33 -69.46 -34.94
N ASP D 100 -7.33 -70.19 -35.42
CA ASP D 100 -6.63 -71.16 -34.58
C ASP D 100 -5.92 -70.54 -33.34
N ASP D 101 -5.50 -69.28 -33.45
CA ASP D 101 -4.72 -68.65 -32.41
C ASP D 101 -5.45 -67.45 -31.78
N VAL D 102 -6.73 -67.61 -31.47
CA VAL D 102 -7.55 -66.49 -31.02
C VAL D 102 -7.23 -66.06 -29.57
N TYR D 103 -7.80 -64.93 -29.13
CA TYR D 103 -7.66 -64.51 -27.75
C TYR D 103 -8.27 -65.50 -26.75
N ALA D 104 -7.65 -65.67 -25.58
CA ALA D 104 -8.07 -66.69 -24.61
C ALA D 104 -9.43 -66.42 -23.99
N GLY D 105 -9.78 -65.14 -23.85
CA GLY D 105 -11.11 -64.79 -23.42
C GLY D 105 -12.10 -65.32 -24.45
N THR D 106 -11.74 -65.11 -25.72
CA THR D 106 -12.54 -65.61 -26.82
C THR D 106 -12.65 -67.15 -26.81
N ASP D 107 -11.55 -67.86 -26.58
CA ASP D 107 -11.62 -69.32 -26.51
C ASP D 107 -12.42 -69.78 -25.27
N GLY D 108 -12.23 -69.07 -24.15
CA GLY D 108 -13.03 -69.32 -22.95
C GLY D 108 -14.51 -69.26 -23.29
N LEU D 109 -14.90 -68.20 -23.99
CA LEU D 109 -16.28 -68.06 -24.46
C LEU D 109 -16.67 -69.18 -25.44
N PHE D 110 -15.77 -69.51 -26.36
CA PHE D 110 -16.00 -70.60 -27.31
C PHE D 110 -16.35 -71.88 -26.55
N ASP D 111 -15.59 -72.16 -25.50
CA ASP D 111 -15.88 -73.29 -24.66
C ASP D 111 -17.26 -73.13 -24.02
N LEU D 112 -17.57 -71.92 -23.56
CA LEU D 112 -18.90 -71.67 -22.98
C LEU D 112 -19.97 -72.03 -24.00
N ALA D 113 -19.80 -71.59 -25.24
CA ALA D 113 -20.75 -71.93 -26.29
C ALA D 113 -20.80 -73.45 -26.49
N ALA D 114 -19.62 -74.06 -26.60
CA ALA D 114 -19.53 -75.51 -26.79
C ALA D 114 -20.04 -76.26 -25.57
N ARG D 115 -19.76 -75.71 -24.38
CA ARG D 115 -20.26 -76.26 -23.13
C ARG D 115 -21.78 -76.47 -23.21
N GLN D 116 -22.46 -75.66 -24.02
CA GLN D 116 -23.92 -75.73 -24.14
C GLN D 116 -24.41 -76.42 -25.43
N GLY D 117 -23.50 -76.77 -26.33
CA GLY D 117 -23.89 -77.50 -27.53
C GLY D 117 -23.48 -76.90 -28.86
N VAL D 118 -22.97 -75.67 -28.86
CA VAL D 118 -22.42 -75.12 -30.10
C VAL D 118 -21.20 -75.98 -30.48
N ARG D 119 -20.85 -76.04 -31.75
CA ARG D 119 -19.59 -76.70 -32.10
C ARG D 119 -18.51 -75.67 -32.43
N VAL D 120 -17.32 -75.89 -31.89
CA VAL D 120 -16.21 -74.98 -32.09
C VAL D 120 -15.12 -75.63 -32.93
N ARG D 121 -14.55 -74.85 -33.84
CA ARG D 121 -13.32 -75.19 -34.54
C ARG D 121 -12.53 -73.91 -34.69
N TYR D 122 -11.23 -73.96 -34.40
CA TYR D 122 -10.40 -72.82 -34.72
C TYR D 122 -9.25 -73.23 -35.64
N ALA D 123 -9.21 -72.67 -36.85
CA ALA D 123 -8.47 -73.29 -37.95
C ALA D 123 -7.53 -72.36 -38.73
N ASP D 124 -6.71 -72.97 -39.60
CA ASP D 124 -5.80 -72.15 -40.41
C ASP D 124 -6.55 -71.42 -41.54
N LEU D 125 -6.75 -70.11 -41.37
CA LEU D 125 -7.47 -69.31 -42.36
C LEU D 125 -6.51 -68.55 -43.27
N THR D 126 -5.25 -68.98 -43.22
CA THR D 126 -4.14 -68.41 -43.97
C THR D 126 -4.01 -68.99 -45.38
N THR D 127 -4.44 -70.23 -45.56
CA THR D 127 -4.12 -70.94 -46.79
C THR D 127 -5.36 -71.47 -47.49
N PRO D 128 -5.43 -71.32 -48.83
CA PRO D 128 -6.56 -71.78 -49.65
C PRO D 128 -6.86 -73.28 -49.50
N GLU D 129 -6.07 -73.96 -48.68
CA GLU D 129 -6.30 -75.35 -48.35
C GLU D 129 -6.95 -75.38 -46.96
N GLY D 130 -6.51 -74.48 -46.10
CA GLY D 130 -7.04 -74.41 -44.74
C GLY D 130 -8.40 -73.72 -44.71
N ILE D 131 -8.69 -72.97 -45.78
CA ILE D 131 -9.91 -72.16 -45.89
C ILE D 131 -11.12 -73.02 -46.21
N ALA D 132 -10.94 -73.95 -47.14
CA ALA D 132 -11.99 -74.88 -47.49
C ALA D 132 -12.07 -75.94 -46.40
N ALA D 133 -11.12 -75.90 -45.47
CA ALA D 133 -11.09 -76.83 -44.35
C ALA D 133 -11.83 -76.22 -43.17
N ALA D 134 -12.15 -74.94 -43.30
CA ALA D 134 -12.84 -74.22 -42.24
C ALA D 134 -14.33 -74.12 -42.51
N LEU D 135 -14.72 -74.02 -43.78
CA LEU D 135 -16.12 -73.75 -44.09
C LEU D 135 -16.89 -74.96 -44.59
N ALA D 136 -16.31 -76.13 -44.41
CA ALA D 136 -17.02 -77.37 -44.70
C ALA D 136 -17.97 -77.72 -43.56
N GLU D 137 -17.58 -77.35 -42.34
CA GLU D 137 -18.38 -77.56 -41.13
C GLU D 137 -19.89 -77.44 -41.33
N PRO D 138 -20.63 -78.52 -41.06
CA PRO D 138 -22.09 -78.57 -41.17
C PRO D 138 -22.76 -77.51 -40.32
N ASP D 139 -23.84 -76.90 -40.82
CA ASP D 139 -24.58 -75.89 -40.06
C ASP D 139 -23.79 -74.63 -39.75
N LEU D 140 -22.69 -74.39 -40.46
CA LEU D 140 -21.81 -73.23 -40.20
C LEU D 140 -22.60 -71.93 -40.03
N ALA D 141 -22.41 -71.25 -38.90
CA ALA D 141 -23.21 -70.04 -38.63
C ALA D 141 -22.39 -68.78 -38.35
N LEU D 142 -21.12 -68.93 -38.03
CA LEU D 142 -20.31 -67.80 -37.67
C LEU D 142 -18.84 -68.09 -37.93
N VAL D 143 -18.12 -67.09 -38.42
CA VAL D 143 -16.68 -67.21 -38.66
C VAL D 143 -16.01 -66.06 -37.92
N TRP D 144 -15.11 -66.42 -37.00
CA TRP D 144 -14.51 -65.47 -36.08
C TRP D 144 -13.07 -65.26 -36.49
N ILE D 145 -12.75 -64.02 -36.86
CA ILE D 145 -11.42 -63.69 -37.35
C ILE D 145 -10.79 -62.60 -36.50
N GLU D 146 -9.68 -62.95 -35.86
CA GLU D 146 -8.89 -61.96 -35.16
C GLU D 146 -7.66 -61.75 -36.03
N THR D 147 -7.58 -60.61 -36.72
CA THR D 147 -6.48 -60.38 -37.66
C THR D 147 -5.97 -58.94 -37.60
N PRO D 148 -4.65 -58.77 -37.41
CA PRO D 148 -3.68 -59.86 -37.23
C PRO D 148 -3.84 -60.61 -35.89
N THR D 149 -3.19 -61.76 -35.75
CA THR D 149 -3.38 -62.61 -34.56
C THR D 149 -2.35 -62.37 -33.47
N ASN D 150 -2.40 -63.23 -32.44
CA ASN D 150 -1.54 -63.14 -31.27
C ASN D 150 -0.84 -64.48 -31.06
N PRO D 151 0.48 -64.45 -30.80
CA PRO D 151 1.37 -63.28 -30.86
C PRO D 151 2.29 -63.26 -32.09
N LEU D 152 2.07 -64.13 -33.05
CA LEU D 152 2.95 -64.21 -34.21
C LEU D 152 2.62 -63.17 -35.30
N LEU D 153 1.46 -62.52 -35.15
CA LEU D 153 1.00 -61.46 -36.07
C LEU D 153 0.75 -61.96 -37.50
N THR D 154 0.06 -63.08 -37.61
CA THR D 154 -0.36 -63.58 -38.91
C THR D 154 -1.63 -62.84 -39.34
N VAL D 155 -1.94 -62.81 -40.63
CA VAL D 155 -3.01 -61.96 -41.13
C VAL D 155 -3.94 -62.65 -42.13
N VAL D 156 -5.17 -62.95 -41.72
CA VAL D 156 -6.18 -63.58 -42.56
C VAL D 156 -6.86 -62.57 -43.51
N ASP D 157 -6.98 -62.94 -44.78
CA ASP D 157 -7.64 -62.13 -45.81
C ASP D 157 -9.13 -61.98 -45.53
N VAL D 158 -9.54 -60.85 -44.96
CA VAL D 158 -10.92 -60.64 -44.54
C VAL D 158 -11.91 -60.73 -45.72
N ALA D 159 -11.59 -60.10 -46.84
CA ALA D 159 -12.46 -60.15 -48.02
C ALA D 159 -12.63 -61.56 -48.59
N GLU D 160 -11.53 -62.29 -48.76
CA GLU D 160 -11.61 -63.65 -49.28
C GLU D 160 -12.44 -64.58 -48.38
N VAL D 161 -12.16 -64.58 -47.08
CA VAL D 161 -12.93 -65.43 -46.16
C VAL D 161 -14.39 -64.98 -46.15
N SER D 162 -14.63 -63.68 -46.25
CA SER D 162 -15.99 -63.14 -46.27
C SER D 162 -16.77 -63.65 -47.48
N ARG D 163 -16.15 -63.59 -48.65
CA ARG D 163 -16.78 -64.09 -49.86
C ARG D 163 -17.17 -65.55 -49.70
N ARG D 164 -16.27 -66.35 -49.16
CA ARG D 164 -16.51 -67.79 -49.08
C ARG D 164 -17.59 -68.08 -48.06
N ALA D 165 -17.56 -67.35 -46.94
CA ALA D 165 -18.52 -67.60 -45.86
C ALA D 165 -19.94 -67.19 -46.25
N HIS D 166 -20.05 -66.20 -47.13
CA HIS D 166 -21.36 -65.70 -47.53
C HIS D 166 -22.04 -66.59 -48.59
N GLU D 167 -21.23 -67.36 -49.30
CA GLU D 167 -21.76 -68.36 -50.20
C GLU D 167 -22.31 -69.53 -49.37
N ARG D 168 -21.90 -69.59 -48.10
CA ARG D 168 -22.40 -70.59 -47.15
C ARG D 168 -23.51 -69.99 -46.29
N GLY D 169 -23.85 -68.72 -46.53
CA GLY D 169 -24.81 -68.05 -45.68
C GLY D 169 -24.40 -68.02 -44.20
N ALA D 170 -23.34 -67.30 -43.91
CA ALA D 170 -22.84 -67.25 -42.54
C ALA D 170 -22.47 -65.84 -42.15
N ARG D 171 -22.44 -65.57 -40.84
CA ARG D 171 -22.02 -64.29 -40.33
C ARG D 171 -20.50 -64.29 -40.14
N VAL D 172 -19.87 -63.17 -40.51
CA VAL D 172 -18.44 -63.00 -40.30
C VAL D 172 -18.19 -61.83 -39.38
N VAL D 173 -17.40 -62.06 -38.34
CA VAL D 173 -16.99 -61.00 -37.44
C VAL D 173 -15.48 -60.93 -37.47
N VAL D 174 -14.94 -59.72 -37.44
CA VAL D 174 -13.52 -59.51 -37.26
C VAL D 174 -13.29 -58.85 -35.91
N ASP D 175 -12.43 -59.45 -35.10
CA ASP D 175 -11.99 -58.78 -33.88
C ASP D 175 -10.88 -57.83 -34.33
N ASN D 176 -11.21 -56.56 -34.35
CA ASN D 176 -10.38 -55.53 -34.96
C ASN D 176 -9.59 -54.74 -33.92
N THR D 177 -9.36 -55.36 -32.77
CA THR D 177 -8.67 -54.71 -31.66
C THR D 177 -7.19 -54.34 -31.96
N PHE D 178 -6.42 -55.33 -32.39
CA PHE D 178 -5.03 -55.14 -32.86
C PHE D 178 -4.94 -53.88 -33.70
N ALA D 179 -5.80 -53.80 -34.70
CA ALA D 179 -5.65 -52.81 -35.75
C ALA D 179 -6.28 -51.46 -35.42
N SER D 180 -7.48 -51.48 -34.83
CA SER D 180 -8.31 -50.27 -34.60
C SER D 180 -8.95 -49.79 -35.90
N PRO D 181 -9.95 -48.89 -35.81
CA PRO D 181 -10.59 -48.42 -37.06
C PRO D 181 -9.71 -47.51 -37.91
N VAL D 182 -8.67 -46.91 -37.33
CA VAL D 182 -7.71 -46.12 -38.09
C VAL D 182 -7.02 -46.94 -39.16
N LEU D 183 -6.82 -48.22 -38.86
CA LEU D 183 -5.94 -49.04 -39.68
C LEU D 183 -6.67 -50.12 -40.48
N GLN D 184 -7.82 -50.57 -39.98
CA GLN D 184 -8.52 -51.65 -40.63
C GLN D 184 -10.03 -51.47 -40.49
N GLN D 185 -10.75 -51.74 -41.57
CA GLN D 185 -12.19 -51.51 -41.61
C GLN D 185 -12.86 -52.82 -42.04
N PRO D 186 -13.13 -53.70 -41.06
CA PRO D 186 -13.76 -54.99 -41.35
C PRO D 186 -15.02 -54.87 -42.20
N LEU D 187 -15.85 -53.86 -41.95
CA LEU D 187 -17.09 -53.74 -42.70
C LEU D 187 -16.87 -53.43 -44.19
N ALA D 188 -15.96 -52.51 -44.48
CA ALA D 188 -15.61 -52.20 -45.88
C ALA D 188 -14.96 -53.42 -46.52
N LEU D 189 -14.39 -54.28 -45.69
CA LEU D 189 -13.72 -55.45 -46.21
C LEU D 189 -14.67 -56.59 -46.56
N GLY D 190 -15.88 -56.57 -46.01
CA GLY D 190 -16.84 -57.61 -46.33
C GLY D 190 -17.38 -58.40 -45.14
N ALA D 191 -16.81 -58.15 -43.97
CA ALA D 191 -17.32 -58.75 -42.74
C ALA D 191 -18.69 -58.15 -42.37
N ASP D 192 -19.38 -58.77 -41.43
CA ASP D 192 -20.66 -58.24 -40.97
C ASP D 192 -20.56 -57.50 -39.65
N VAL D 193 -19.57 -57.86 -38.83
CA VAL D 193 -19.37 -57.23 -37.54
C VAL D 193 -17.92 -56.86 -37.32
N SER D 194 -17.69 -55.67 -36.77
CA SER D 194 -16.42 -55.36 -36.15
C SER D 194 -16.56 -55.48 -34.64
N LEU D 195 -15.69 -56.29 -34.04
CA LEU D 195 -15.63 -56.44 -32.59
C LEU D 195 -14.39 -55.75 -32.02
N TYR D 196 -14.57 -55.00 -30.92
CA TYR D 196 -13.44 -54.35 -30.26
C TYR D 196 -13.46 -54.57 -28.78
N SER D 197 -12.28 -54.60 -28.18
CA SER D 197 -12.13 -54.23 -26.80
C SER D 197 -11.72 -52.77 -26.82
N THR D 198 -12.64 -51.88 -26.45
CA THR D 198 -12.30 -50.45 -26.44
C THR D 198 -11.37 -50.12 -25.30
N THR D 199 -11.18 -51.08 -24.39
CA THR D 199 -10.21 -50.96 -23.32
C THR D 199 -8.84 -50.57 -23.85
N1 LLP D 200 -10.15 -59.44 -28.01
C2 LLP D 200 -8.94 -58.87 -28.14
C2' LLP D 200 -8.17 -58.92 -29.49
C3 LLP D 200 -8.34 -58.23 -27.03
O3 LLP D 200 -7.09 -57.65 -27.22
C4 LLP D 200 -9.01 -58.16 -25.82
C4' LLP D 200 -8.29 -57.38 -24.60
C5 LLP D 200 -10.24 -58.75 -25.70
C6 LLP D 200 -10.82 -59.38 -26.79
C5' LLP D 200 -11.03 -58.71 -24.36
OP4 LLP D 200 -11.51 -57.40 -24.17
P LLP D 200 -11.64 -56.90 -22.70
OP1 LLP D 200 -11.99 -55.43 -22.77
OP2 LLP D 200 -12.75 -57.69 -22.07
OP3 LLP D 200 -10.38 -57.15 -21.94
N LLP D 200 -8.52 -51.05 -25.06
CA LLP D 200 -7.16 -50.95 -25.63
CB LLP D 200 -6.89 -52.16 -26.51
CG LLP D 200 -7.46 -53.43 -25.85
CD LLP D 200 -6.39 -54.22 -25.10
CE LLP D 200 -7.00 -55.39 -24.29
NZ LLP D 200 -7.25 -56.57 -25.13
C LLP D 200 -6.94 -49.62 -26.31
O LLP D 200 -7.02 -48.59 -25.66
N SER D 201 -6.65 -49.61 -27.60
CA SER D 201 -6.26 -48.34 -28.24
C SER D 201 -7.39 -47.31 -28.42
N ILE D 202 -8.65 -47.75 -28.46
CA ILE D 202 -9.75 -46.81 -28.73
C ILE D 202 -9.88 -45.79 -27.60
N ALA D 203 -10.02 -46.28 -26.38
CA ALA D 203 -9.93 -45.43 -25.19
C ALA D 203 -8.50 -44.94 -25.03
N GLY D 204 -7.54 -45.86 -25.10
CA GLY D 204 -6.13 -45.50 -25.26
C GLY D 204 -5.32 -45.05 -24.06
N HIS D 205 -5.95 -44.91 -22.90
CA HIS D 205 -5.23 -44.37 -21.75
C HIS D 205 -5.13 -45.33 -20.57
N ALA D 206 -5.44 -46.61 -20.82
CA ALA D 206 -5.29 -47.68 -19.84
C ALA D 206 -6.05 -47.42 -18.54
N ASP D 207 -7.22 -46.81 -18.66
CA ASP D 207 -7.98 -46.48 -17.47
C ASP D 207 -9.50 -46.69 -17.60
N VAL D 208 -9.92 -47.59 -18.49
CA VAL D 208 -11.32 -47.88 -18.68
C VAL D 208 -11.55 -49.21 -19.43
N LEU D 209 -12.35 -50.07 -18.85
CA LEU D 209 -12.72 -51.31 -19.52
C LEU D 209 -13.86 -50.96 -20.45
N GLY D 210 -13.84 -51.49 -21.67
CA GLY D 210 -14.98 -51.31 -22.56
C GLY D 210 -14.92 -52.24 -23.75
N GLY D 211 -16.06 -52.43 -24.40
CA GLY D 211 -16.16 -53.21 -25.61
C GLY D 211 -17.18 -52.62 -26.57
N ALA D 212 -17.11 -53.04 -27.84
CA ALA D 212 -18.02 -52.54 -28.85
C ALA D 212 -18.26 -53.55 -29.99
N LEU D 213 -19.46 -53.53 -30.54
CA LEU D 213 -19.78 -54.20 -31.79
C LEU D 213 -20.25 -53.13 -32.79
N VAL D 214 -19.74 -53.21 -34.02
CA VAL D 214 -20.14 -52.29 -35.07
C VAL D 214 -20.59 -53.13 -36.29
N TYR D 215 -21.73 -52.77 -36.87
CA TYR D 215 -22.38 -53.64 -37.86
C TYR D 215 -23.44 -52.86 -38.65
N ARG D 216 -24.00 -53.48 -39.69
CA ARG D 216 -25.00 -52.79 -40.51
C ARG D 216 -26.39 -53.42 -40.43
N ASP D 217 -26.47 -54.56 -39.76
CA ASP D 217 -27.60 -55.48 -39.91
C ASP D 217 -28.72 -55.20 -38.86
N ALA D 218 -29.89 -54.80 -39.35
CA ALA D 218 -30.99 -54.34 -38.49
C ALA D 218 -31.55 -55.39 -37.53
N ASP D 219 -31.59 -56.65 -37.96
CA ASP D 219 -32.10 -57.68 -37.07
C ASP D 219 -31.02 -58.12 -36.11
N LEU D 220 -29.78 -58.09 -36.57
CA LEU D 220 -28.66 -58.29 -35.67
C LEU D 220 -28.72 -57.22 -34.57
N HIS D 221 -28.99 -55.98 -34.97
CA HIS D 221 -29.14 -54.88 -34.03
C HIS D 221 -30.17 -55.16 -32.94
N ALA D 222 -31.38 -55.61 -33.34
CA ALA D 222 -32.40 -55.93 -32.35
C ALA D 222 -31.97 -57.04 -31.38
N ALA D 223 -31.32 -58.08 -31.90
CA ALA D 223 -30.89 -59.19 -31.06
C ALA D 223 -29.77 -58.77 -30.09
N VAL D 224 -28.81 -58.01 -30.60
CA VAL D 224 -27.71 -57.47 -29.79
C VAL D 224 -28.28 -56.64 -28.64
N ARG D 225 -29.20 -55.72 -28.94
CA ARG D 225 -29.77 -54.84 -27.92
C ARG D 225 -30.67 -55.62 -26.95
N ALA D 226 -31.44 -56.59 -27.45
CA ALA D 226 -32.25 -57.40 -26.55
C ALA D 226 -31.34 -58.15 -25.57
N TYR D 227 -30.21 -58.63 -26.06
CA TYR D 227 -29.31 -59.38 -25.20
C TYR D 227 -28.69 -58.48 -24.12
N ARG D 228 -28.17 -57.33 -24.53
CA ARG D 228 -27.52 -56.42 -23.60
C ARG D 228 -28.46 -55.99 -22.48
N THR D 229 -29.67 -55.58 -22.84
CA THR D 229 -30.67 -55.21 -21.84
C THR D 229 -30.94 -56.36 -20.89
N THR D 230 -30.93 -57.58 -21.44
CA THR D 230 -31.26 -58.75 -20.64
C THR D 230 -30.11 -59.26 -19.78
N ALA D 231 -28.94 -59.44 -20.39
CA ALA D 231 -27.77 -59.89 -19.63
C ALA D 231 -27.17 -58.74 -18.81
N GLY D 232 -27.51 -57.51 -19.15
CA GLY D 232 -27.12 -56.35 -18.37
C GLY D 232 -25.62 -56.08 -18.40
N ASN D 233 -24.97 -56.41 -19.51
CA ASN D 233 -23.54 -56.17 -19.66
C ASN D 233 -23.23 -54.83 -20.34
N VAL D 234 -23.86 -53.77 -19.85
CA VAL D 234 -23.76 -52.46 -20.47
C VAL D 234 -22.76 -51.58 -19.70
N PRO D 235 -22.03 -50.72 -20.40
CA PRO D 235 -21.06 -49.86 -19.70
C PRO D 235 -21.76 -48.74 -18.92
N GLY D 236 -21.14 -48.27 -17.84
CA GLY D 236 -21.64 -47.12 -17.13
C GLY D 236 -21.36 -45.83 -17.89
N ALA D 237 -22.07 -44.78 -17.51
CA ALA D 237 -21.98 -43.47 -18.17
C ALA D 237 -20.61 -42.81 -18.11
N LEU D 238 -19.97 -42.88 -16.95
CA LEU D 238 -18.67 -42.27 -16.79
C LEU D 238 -17.60 -43.02 -17.60
N ASP D 239 -17.72 -44.33 -17.70
CA ASP D 239 -16.77 -45.06 -18.53
C ASP D 239 -16.90 -44.71 -20.00
N CYS D 240 -18.14 -44.63 -20.50
CA CYS D 240 -18.38 -44.20 -21.88
C CYS D 240 -17.78 -42.81 -22.11
N PHE D 241 -17.92 -41.93 -21.12
CA PHE D 241 -17.30 -40.61 -21.20
C PHE D 241 -15.80 -40.73 -21.42
N LEU D 242 -15.15 -41.59 -20.66
CA LEU D 242 -13.70 -41.77 -20.75
C LEU D 242 -13.27 -42.40 -22.07
N VAL D 243 -14.05 -43.39 -22.55
CA VAL D 243 -13.76 -43.98 -23.85
C VAL D 243 -13.91 -42.92 -24.94
N ARG D 244 -15.01 -42.20 -24.91
CA ARG D 244 -15.28 -41.15 -25.90
C ARG D 244 -14.20 -40.09 -25.89
N ARG D 245 -13.78 -39.66 -24.69
CA ARG D 245 -12.74 -38.64 -24.58
C ARG D 245 -11.44 -39.14 -25.20
N GLY D 246 -11.06 -40.35 -24.83
CA GLY D 246 -9.88 -40.98 -25.39
C GLY D 246 -9.95 -41.08 -26.91
N LEU D 247 -11.14 -41.38 -27.44
CA LEU D 247 -11.36 -41.50 -28.87
C LEU D 247 -10.95 -40.29 -29.69
N HIS D 248 -11.06 -39.09 -29.12
CA HIS D 248 -10.65 -37.85 -29.81
C HIS D 248 -9.27 -37.99 -30.46
N THR D 249 -8.34 -38.60 -29.73
CA THR D 249 -6.96 -38.67 -30.20
C THR D 249 -6.58 -40.00 -30.85
N LEU D 250 -7.55 -40.75 -31.37
CA LEU D 250 -7.20 -42.09 -31.87
C LEU D 250 -6.23 -42.08 -33.06
N SER D 251 -6.47 -41.26 -34.08
CA SER D 251 -5.58 -41.29 -35.25
C SER D 251 -4.16 -40.77 -34.92
N LEU D 252 -4.09 -39.68 -34.16
CA LEU D 252 -2.79 -39.13 -33.75
C LEU D 252 -1.99 -40.18 -32.98
N ARG D 253 -2.61 -40.82 -32.00
CA ARG D 253 -1.96 -41.83 -31.17
C ARG D 253 -1.49 -43.04 -32.00
N VAL D 254 -2.37 -43.52 -32.89
CA VAL D 254 -2.05 -44.70 -33.69
C VAL D 254 -0.88 -44.45 -34.64
N HIS D 255 -0.88 -43.32 -35.33
CA HIS D 255 0.14 -43.12 -36.31
C HIS D 255 1.47 -42.75 -35.66
N ARG D 256 1.38 -42.28 -34.42
CA ARG D 256 2.56 -42.10 -33.61
C ARG D 256 3.13 -43.48 -33.16
N GLN D 257 2.23 -44.38 -32.75
CA GLN D 257 2.62 -45.71 -32.30
C GLN D 257 3.23 -46.54 -33.44
N VAL D 258 2.58 -46.54 -34.60
CA VAL D 258 3.08 -47.25 -35.77
C VAL D 258 4.47 -46.76 -36.11
N ALA D 259 4.62 -45.44 -36.18
CA ALA D 259 5.90 -44.83 -36.53
C ALA D 259 7.03 -45.38 -35.63
N THR D 260 6.83 -45.32 -34.32
CA THR D 260 7.82 -45.81 -33.38
C THR D 260 8.07 -47.32 -33.50
N ALA D 261 7.00 -48.09 -33.77
CA ALA D 261 7.16 -49.52 -33.97
C ALA D 261 8.18 -49.82 -35.09
N ARG D 262 8.16 -49.02 -36.16
CA ARG D 262 9.16 -49.15 -37.24
C ARG D 262 10.59 -49.00 -36.78
N VAL D 263 10.82 -47.96 -35.98
CA VAL D 263 12.13 -47.67 -35.45
C VAL D 263 12.58 -48.88 -34.64
N LEU D 264 11.70 -49.37 -33.77
CA LEU D 264 12.03 -50.49 -32.92
C LEU D 264 12.35 -51.74 -33.76
N VAL D 265 11.55 -51.98 -34.79
CA VAL D 265 11.75 -53.13 -35.66
C VAL D 265 13.13 -53.07 -36.31
N GLU D 266 13.46 -51.91 -36.85
CA GLU D 266 14.78 -51.69 -37.40
C GLU D 266 15.84 -51.88 -36.31
N ARG D 267 15.57 -51.39 -35.10
CA ARG D 267 16.51 -51.59 -34.01
C ARG D 267 16.65 -53.09 -33.67
N LEU D 268 15.52 -53.80 -33.66
CA LEU D 268 15.52 -55.25 -33.38
C LEU D 268 16.33 -56.06 -34.40
N ARG D 269 16.14 -55.75 -35.68
CA ARG D 269 16.76 -56.51 -36.77
C ARG D 269 18.29 -56.49 -36.71
N ALA D 270 18.84 -55.50 -36.03
CA ALA D 270 20.28 -55.35 -35.98
C ALA D 270 20.89 -55.86 -34.67
N SER D 271 20.06 -56.34 -33.77
CA SER D 271 20.58 -56.82 -32.49
C SER D 271 21.02 -58.28 -32.56
N PRO D 272 22.25 -58.58 -32.11
CA PRO D 272 22.76 -59.95 -32.19
C PRO D 272 21.98 -60.91 -31.29
N VAL D 273 21.26 -60.42 -30.30
CA VAL D 273 20.51 -61.31 -29.42
C VAL D 273 19.04 -61.41 -29.82
N VAL D 274 18.74 -61.07 -31.06
CA VAL D 274 17.38 -61.14 -31.56
C VAL D 274 17.35 -62.14 -32.71
N GLY D 275 16.35 -63.01 -32.73
CA GLY D 275 16.21 -63.96 -33.83
C GLY D 275 15.14 -63.50 -34.81
N ALA D 276 14.16 -64.35 -35.06
CA ALA D 276 12.98 -63.96 -35.83
C ALA D 276 12.34 -62.70 -35.26
N VAL D 277 11.88 -61.84 -36.15
CA VAL D 277 11.12 -60.66 -35.78
C VAL D 277 9.79 -60.68 -36.52
N HIS D 278 8.70 -60.50 -35.80
CA HIS D 278 7.38 -60.54 -36.40
C HIS D 278 6.80 -59.12 -36.43
N TYR D 279 6.43 -58.69 -37.63
CA TYR D 279 5.78 -57.40 -37.84
C TYR D 279 5.12 -57.40 -39.22
N PRO D 280 3.81 -57.11 -39.27
CA PRO D 280 3.05 -57.09 -40.53
C PRO D 280 3.66 -56.17 -41.60
N GLY D 281 4.42 -55.15 -41.19
CA GLY D 281 5.07 -54.25 -42.14
C GLY D 281 6.36 -54.75 -42.77
N LEU D 282 6.93 -55.82 -42.23
CA LEU D 282 8.22 -56.28 -42.74
C LEU D 282 8.07 -56.92 -44.11
N PRO D 283 8.89 -56.47 -45.08
CA PRO D 283 9.00 -56.93 -46.47
C PRO D 283 8.63 -58.38 -46.71
N GLU D 284 9.09 -59.28 -45.86
CA GLU D 284 8.86 -60.70 -46.09
C GLU D 284 8.03 -61.33 -44.97
N HIS D 285 7.10 -60.55 -44.42
CA HIS D 285 6.02 -61.11 -43.63
C HIS D 285 5.29 -62.07 -44.56
N PRO D 286 4.83 -63.21 -44.02
CA PRO D 286 4.19 -64.26 -44.84
C PRO D 286 2.91 -63.81 -45.53
N GLN D 287 2.14 -62.92 -44.89
CA GLN D 287 0.96 -62.35 -45.54
C GLN D 287 1.12 -60.84 -45.72
N HIS D 288 2.36 -60.39 -45.89
CA HIS D 288 2.65 -58.98 -46.10
C HIS D 288 1.84 -58.43 -47.27
N ALA D 289 1.62 -59.28 -48.27
CA ALA D 289 0.81 -58.90 -49.42
C ALA D 289 -0.64 -58.62 -48.99
N VAL D 290 -1.20 -59.50 -48.17
CA VAL D 290 -2.56 -59.33 -47.67
C VAL D 290 -2.61 -58.07 -46.79
N VAL D 291 -1.62 -57.95 -45.90
CA VAL D 291 -1.43 -56.74 -45.10
C VAL D 291 -1.56 -55.49 -45.97
N LYS D 292 -0.82 -55.49 -47.06
CA LYS D 292 -0.74 -54.37 -47.98
C LYS D 292 -2.11 -53.95 -48.51
N ALA D 293 -2.96 -54.93 -48.81
CA ALA D 293 -4.27 -54.68 -49.42
C ALA D 293 -5.27 -54.13 -48.42
N GLN D 294 -5.25 -54.67 -47.20
CA GLN D 294 -6.35 -54.42 -46.26
C GLN D 294 -6.05 -53.51 -45.06
N MSE D 295 -4.77 -53.36 -44.70
CA MSE D 295 -4.39 -52.40 -43.65
C MSE D 295 -3.70 -51.17 -44.22
O MSE D 295 -2.87 -51.26 -45.13
CB MSE D 295 -3.51 -53.05 -42.58
CG MSE D 295 -2.23 -52.23 -42.17
SE MSE D 295 -2.02 -51.41 -40.33
CE MSE D 295 -2.33 -53.03 -39.26
N SER D 296 -4.02 -50.01 -43.67
CA SER D 296 -3.37 -48.77 -44.12
C SER D 296 -1.91 -48.58 -43.63
N ALA D 297 -1.58 -49.01 -42.40
CA ALA D 297 -0.29 -48.67 -41.77
C ALA D 297 0.18 -49.64 -40.68
N PRO D 298 0.90 -50.72 -41.07
CA PRO D 298 1.09 -52.06 -40.45
C PRO D 298 0.97 -52.27 -38.91
N GLY D 299 0.47 -51.31 -38.15
CA GLY D 299 0.19 -51.58 -36.74
C GLY D 299 1.33 -51.25 -35.79
N ALA D 300 1.06 -51.39 -34.49
CA ALA D 300 2.01 -50.95 -33.48
C ALA D 300 2.32 -52.06 -32.49
N ILE D 301 2.11 -53.29 -32.95
CA ILE D 301 2.41 -54.48 -32.19
C ILE D 301 3.63 -55.14 -32.82
N VAL D 302 4.63 -55.46 -32.01
CA VAL D 302 5.84 -56.10 -32.52
C VAL D 302 6.22 -57.29 -31.64
N SER D 303 6.53 -58.43 -32.23
CA SER D 303 7.12 -59.50 -31.42
C SER D 303 8.43 -60.04 -31.98
N PHE D 304 9.21 -60.72 -31.15
CA PHE D 304 10.54 -61.23 -31.54
C PHE D 304 11.09 -62.28 -30.58
N ASP D 305 11.94 -63.16 -31.10
CA ASP D 305 12.60 -64.14 -30.26
C ASP D 305 13.89 -63.60 -29.66
N TYR D 306 13.93 -63.54 -28.33
CA TYR D 306 15.14 -63.15 -27.61
C TYR D 306 16.06 -64.37 -27.48
N LEU D 307 17.32 -64.21 -27.87
CA LEU D 307 18.25 -65.32 -27.94
C LEU D 307 19.25 -65.36 -26.77
N GLY D 308 19.15 -64.40 -25.85
CA GLY D 308 20.13 -64.28 -24.77
C GLY D 308 19.78 -65.02 -23.48
N GLY D 309 18.93 -66.04 -23.59
CA GLY D 309 18.54 -66.79 -22.42
C GLY D 309 17.09 -66.52 -22.06
N PRO D 310 16.70 -66.83 -20.80
CA PRO D 310 15.32 -66.72 -20.33
C PRO D 310 14.75 -65.32 -20.52
N ALA D 311 13.47 -65.24 -20.85
CA ALA D 311 12.84 -63.95 -21.11
C ALA D 311 12.89 -63.07 -19.86
N GLU D 312 12.90 -63.71 -18.70
CA GLU D 312 12.98 -63.02 -17.41
C GLU D 312 14.17 -62.06 -17.30
N ARG D 313 15.33 -62.48 -17.81
CA ARG D 313 16.53 -61.67 -17.77
C ARG D 313 16.33 -60.39 -18.59
N LEU D 314 15.68 -60.53 -19.74
CA LEU D 314 15.35 -59.39 -20.58
C LEU D 314 14.29 -58.48 -19.93
N LEU D 315 13.20 -59.08 -19.45
CA LEU D 315 12.11 -58.31 -18.83
C LEU D 315 12.57 -57.44 -17.66
N ASP D 316 13.42 -57.97 -16.80
CA ASP D 316 13.79 -57.32 -15.59
C ASP D 316 14.57 -55.98 -15.85
N ARG D 317 15.13 -55.85 -17.04
CA ARG D 317 15.98 -54.71 -17.37
C ARG D 317 15.27 -53.45 -17.90
N PHE D 318 14.07 -53.58 -18.46
CA PHE D 318 13.40 -52.43 -19.06
C PHE D 318 13.22 -51.28 -18.07
N THR D 319 13.50 -50.06 -18.53
CA THR D 319 13.37 -48.91 -17.66
C THR D 319 12.24 -47.98 -18.13
N LEU D 320 11.72 -48.22 -19.31
CA LEU D 320 10.66 -47.36 -19.84
C LEU D 320 9.42 -48.16 -20.22
N PHE D 321 9.59 -49.19 -21.03
CA PHE D 321 8.53 -50.18 -21.22
C PHE D 321 8.16 -50.74 -19.84
N THR D 322 6.86 -50.87 -19.58
CA THR D 322 6.34 -51.52 -18.38
C THR D 322 6.07 -53.00 -18.68
N CYS D 323 6.30 -53.90 -17.72
CA CYS D 323 5.96 -55.31 -17.94
C CYS D 323 4.57 -55.61 -17.36
N GLY D 324 3.54 -55.23 -18.11
CA GLY D 324 2.14 -55.42 -17.75
C GLY D 324 1.36 -55.89 -18.96
N VAL D 325 0.24 -56.58 -18.76
CA VAL D 325 -0.32 -57.39 -19.85
C VAL D 325 -1.24 -56.74 -20.91
N SER D 326 -1.69 -55.51 -20.70
CA SER D 326 -2.61 -54.95 -21.71
C SER D 326 -1.90 -54.55 -23.03
N LEU D 327 -2.61 -53.80 -23.89
CA LEU D 327 -2.04 -53.22 -25.11
C LEU D 327 -2.89 -52.07 -25.64
N GLY D 328 -2.36 -51.32 -26.59
CA GLY D 328 -3.10 -50.20 -27.17
C GLY D 328 -2.95 -48.85 -26.49
N GLY D 329 -2.53 -48.86 -25.22
CA GLY D 329 -2.54 -47.63 -24.43
C GLY D 329 -1.37 -46.70 -24.67
N VAL D 330 -1.35 -45.55 -24.00
CA VAL D 330 -0.28 -44.58 -24.18
C VAL D 330 1.08 -45.04 -23.63
N HIS D 331 1.06 -45.97 -22.67
CA HIS D 331 2.30 -46.46 -22.03
C HIS D 331 2.79 -47.71 -22.74
N SER D 332 4.03 -47.70 -23.23
CA SER D 332 4.61 -48.88 -23.85
C SER D 332 4.68 -50.03 -22.85
N LEU D 333 4.27 -51.22 -23.31
CA LEU D 333 4.22 -52.42 -22.50
C LEU D 333 5.10 -53.53 -23.08
N VAL D 334 5.58 -54.41 -22.23
CA VAL D 334 6.31 -55.57 -22.69
C VAL D 334 5.90 -56.83 -21.90
N GLU D 335 5.88 -57.97 -22.58
CA GLU D 335 5.53 -59.24 -21.93
C GLU D 335 6.20 -60.41 -22.64
N CYS D 336 5.99 -61.60 -22.09
CA CYS D 336 6.33 -62.84 -22.76
C CYS D 336 5.11 -63.75 -22.67
N PRO D 337 4.62 -64.27 -23.81
CA PRO D 337 3.51 -65.24 -23.81
C PRO D 337 3.85 -66.60 -23.16
N ALA D 338 5.00 -66.70 -22.50
CA ALA D 338 5.31 -67.93 -21.77
C ALA D 338 5.02 -67.78 -20.27
N LEU D 339 4.80 -66.54 -19.81
CA LEU D 339 4.53 -66.26 -18.40
C LEU D 339 3.37 -65.27 -18.22
N MSE D 340 3.00 -64.61 -19.32
CA MSE D 340 1.88 -63.70 -19.37
C MSE D 340 1.00 -64.33 -20.49
O MSE D 340 1.06 -65.53 -20.68
CB MSE D 340 2.34 -62.24 -19.71
CG MSE D 340 2.99 -61.33 -18.58
SE MSE D 340 4.91 -60.64 -18.77
CE MSE D 340 5.70 -62.35 -19.00
N THR D 341 0.21 -63.54 -21.23
CA THR D 341 -0.52 -64.02 -22.44
C THR D 341 -1.00 -65.50 -22.46
N HIS D 342 -0.07 -66.42 -22.68
CA HIS D 342 -0.37 -67.84 -22.91
C HIS D 342 0.08 -68.75 -21.78
N ARG D 343 0.10 -68.23 -20.57
CA ARG D 343 0.33 -69.06 -19.38
C ARG D 343 -0.56 -70.31 -19.30
N PRO D 344 -1.86 -70.19 -19.62
CA PRO D 344 -2.70 -71.40 -19.53
C PRO D 344 -2.29 -72.51 -20.51
N LEU D 345 -1.58 -72.14 -21.57
CA LEU D 345 -1.20 -73.11 -22.59
C LEU D 345 0.09 -73.82 -22.21
N SER D 346 0.22 -75.08 -22.63
CA SER D 346 1.36 -75.92 -22.26
C SER D 346 2.54 -75.69 -23.19
N ALA D 347 3.58 -76.50 -23.06
CA ALA D 347 4.69 -76.50 -24.01
C ALA D 347 4.37 -77.50 -25.15
N GLU D 348 3.12 -77.45 -25.62
CA GLU D 348 2.62 -78.31 -26.69
C GLU D 348 1.56 -77.48 -27.40
N ALA D 349 0.65 -76.91 -26.62
CA ALA D 349 -0.16 -75.81 -27.11
C ALA D 349 0.78 -74.67 -27.51
N ARG D 350 2.03 -74.72 -27.00
CA ARG D 350 3.08 -73.81 -27.44
C ARG D 350 3.91 -74.46 -28.54
N ALA D 351 4.08 -75.78 -28.43
CA ALA D 351 4.92 -76.52 -29.37
C ALA D 351 4.23 -76.84 -30.69
N ARG D 352 2.94 -77.19 -30.64
CA ARG D 352 2.15 -77.35 -31.86
C ARG D 352 2.14 -76.01 -32.55
N ARG D 353 1.62 -74.99 -31.85
CA ARG D 353 1.45 -73.66 -32.41
C ARG D 353 2.75 -73.02 -32.91
N GLY D 354 3.73 -72.88 -32.01
CA GLY D 354 4.96 -72.16 -32.31
C GLY D 354 5.19 -70.86 -31.53
N ILE D 355 4.59 -70.72 -30.35
CA ILE D 355 4.90 -69.57 -29.47
C ILE D 355 6.10 -69.85 -28.54
N GLY D 356 7.24 -69.21 -28.80
CA GLY D 356 8.49 -69.58 -28.16
C GLY D 356 8.63 -69.21 -26.69
N GLU D 357 9.41 -69.99 -25.95
CA GLU D 357 9.59 -69.73 -24.52
C GLU D 357 10.12 -68.33 -24.24
N SER D 358 10.99 -67.83 -25.12
CA SER D 358 11.42 -66.44 -24.99
C SER D 358 11.01 -65.55 -26.18
N LEU D 359 9.82 -65.80 -26.73
CA LEU D 359 9.21 -64.84 -27.63
C LEU D 359 8.76 -63.65 -26.79
N ILE D 360 9.11 -62.45 -27.24
CA ILE D 360 8.79 -61.21 -26.55
C ILE D 360 7.79 -60.40 -27.40
N ARG D 361 6.83 -59.75 -26.75
CA ARG D 361 5.86 -58.91 -27.48
C ARG D 361 5.87 -57.47 -26.97
N LEU D 362 6.13 -56.54 -27.87
CA LEU D 362 6.07 -55.12 -27.55
C LEU D 362 4.73 -54.53 -27.97
N SER D 363 4.20 -53.65 -27.13
CA SER D 363 3.04 -52.86 -27.45
C SER D 363 3.46 -51.42 -27.23
N VAL D 364 3.56 -50.65 -28.31
CA VAL D 364 4.22 -49.37 -28.20
C VAL D 364 3.23 -48.24 -28.00
N GLY D 365 3.50 -47.42 -27.00
CA GLY D 365 2.69 -46.25 -26.73
C GLY D 365 3.22 -45.04 -27.47
N ILE D 366 3.10 -43.88 -26.84
CA ILE D 366 3.39 -42.63 -27.52
C ILE D 366 4.58 -41.86 -26.94
N GLU D 367 5.44 -42.55 -26.19
CA GLU D 367 6.65 -41.92 -25.65
C GLU D 367 7.57 -41.52 -26.80
N ASP D 368 8.58 -40.69 -26.50
CA ASP D 368 9.55 -40.31 -27.52
C ASP D 368 10.19 -41.57 -28.10
N PRO D 369 10.29 -41.65 -29.43
CA PRO D 369 10.74 -42.92 -30.04
C PRO D 369 12.21 -43.17 -29.76
N GLN D 370 12.93 -42.14 -29.37
CA GLN D 370 14.35 -42.30 -29.10
C GLN D 370 14.54 -42.97 -27.76
N ASP D 371 13.72 -42.57 -26.78
CA ASP D 371 13.80 -43.15 -25.45
C ASP D 371 13.38 -44.61 -25.42
N LEU D 372 12.46 -44.99 -26.29
CA LEU D 372 12.00 -46.37 -26.35
C LEU D 372 13.05 -47.30 -26.96
N ALA D 373 13.63 -46.90 -28.11
CA ALA D 373 14.67 -47.72 -28.74
C ALA D 373 15.88 -47.82 -27.83
N GLU D 374 16.19 -46.72 -27.17
CA GLU D 374 17.27 -46.73 -26.20
C GLU D 374 16.97 -47.66 -25.02
N ASP D 375 15.73 -47.67 -24.53
CA ASP D 375 15.38 -48.61 -23.46
C ASP D 375 15.46 -50.03 -24.01
N LEU D 376 14.89 -50.24 -25.18
CA LEU D 376 14.93 -51.56 -25.83
C LEU D 376 16.37 -52.02 -26.06
N SER D 377 17.18 -51.20 -26.73
CA SER D 377 18.59 -51.54 -26.94
C SER D 377 19.28 -51.79 -25.60
N ARG D 378 18.99 -50.95 -24.63
CA ARG D 378 19.52 -51.11 -23.26
C ARG D 378 19.16 -52.48 -22.69
N ALA D 379 17.93 -52.93 -22.89
CA ALA D 379 17.51 -54.22 -22.38
C ALA D 379 18.22 -55.35 -23.12
N LEU D 380 18.17 -55.31 -24.45
CA LEU D 380 18.80 -56.32 -25.28
C LEU D 380 20.30 -56.54 -24.98
N ALA D 381 21.00 -55.45 -24.65
CA ALA D 381 22.47 -55.49 -24.43
C ALA D 381 22.95 -56.75 -23.75
N GLY D 382 22.93 -56.74 -22.42
CA GLY D 382 23.39 -57.87 -21.65
C GLY D 382 24.62 -57.48 -20.85
N GLY E 6 -15.53 44.08 16.53
CA GLY E 6 -15.13 45.27 15.79
C GLY E 6 -14.00 44.96 14.84
N MSE E 7 -14.36 44.40 13.68
CA MSE E 7 -13.44 43.78 12.69
C MSE E 7 -14.12 42.78 11.70
O MSE E 7 -14.57 41.71 12.11
CB MSE E 7 -12.14 43.17 13.31
CG MSE E 7 -12.17 41.84 13.91
SE MSE E 7 -13.51 42.08 15.19
CE MSE E 7 -12.97 40.62 16.39
N ARG E 8 -14.22 43.21 10.42
CA ARG E 8 -14.52 42.38 9.24
C ARG E 8 -13.17 41.97 8.56
N PHE E 9 -13.20 41.60 7.26
CA PHE E 9 -12.00 41.17 6.51
C PHE E 9 -10.96 42.27 6.23
N GLY E 10 -11.25 43.53 6.51
CA GLY E 10 -10.14 44.48 6.46
C GLY E 10 -9.35 44.40 7.75
N THR E 11 -10.06 44.18 8.84
CA THR E 11 -9.48 44.29 10.17
C THR E 11 -8.98 42.95 10.68
N ARG E 12 -9.52 41.88 10.10
CA ARG E 12 -9.00 40.54 10.31
C ARG E 12 -7.50 40.45 10.07
N LEU E 13 -7.07 41.05 8.95
CA LEU E 13 -5.65 41.07 8.57
C LEU E 13 -4.76 41.68 9.64
N VAL E 14 -5.21 42.80 10.20
CA VAL E 14 -4.42 43.57 11.14
C VAL E 14 -4.48 42.97 12.55
N HIS E 15 -5.66 42.52 12.96
CA HIS E 15 -5.83 42.10 14.35
C HIS E 15 -6.03 40.59 14.57
N GLY E 16 -6.13 39.83 13.47
CA GLY E 16 -6.25 38.38 13.57
C GLY E 16 -5.10 37.78 14.36
N GLY E 17 -5.43 37.02 15.39
CA GLY E 17 -4.41 36.34 16.20
C GLY E 17 -3.60 37.29 17.06
N ARG E 18 -4.17 38.48 17.35
CA ARG E 18 -3.51 39.46 18.20
C ARG E 18 -4.08 39.45 19.63
N ARG E 19 -3.51 40.29 20.49
CA ARG E 19 -3.58 40.20 21.97
C ARG E 19 -2.39 40.86 22.61
N PRO E 20 -2.54 42.15 23.00
CA PRO E 20 -1.50 42.91 23.70
C PRO E 20 -0.99 42.16 24.92
N SER E 21 0.32 41.88 24.92
CA SER E 21 0.99 41.11 25.94
C SER E 21 0.70 41.60 27.36
N ALA E 22 0.44 40.66 28.26
CA ALA E 22 0.25 40.98 29.68
C ALA E 22 1.56 41.47 30.27
N GLY E 23 1.48 42.39 31.23
CA GLY E 23 2.67 42.86 31.90
C GLY E 23 3.43 43.91 31.11
N THR E 24 3.24 43.96 29.79
CA THR E 24 3.92 44.95 28.97
C THR E 24 3.01 45.78 28.04
N GLY E 25 2.14 45.12 27.29
CA GLY E 25 1.16 45.82 26.46
C GLY E 25 1.55 46.00 24.99
N ASP E 26 2.57 45.26 24.55
CA ASP E 26 3.03 45.30 23.15
C ASP E 26 1.88 45.24 22.16
N VAL E 27 1.81 46.21 21.26
CA VAL E 27 0.79 46.19 20.21
C VAL E 27 1.11 45.10 19.18
N VAL E 28 2.36 45.08 18.72
CA VAL E 28 2.84 43.97 17.90
C VAL E 28 3.34 42.88 18.85
N PRO E 29 2.81 41.66 18.72
CA PRO E 29 3.24 40.59 19.63
C PRO E 29 4.73 40.31 19.48
N PRO E 30 5.40 40.00 20.58
CA PRO E 30 6.85 39.81 20.47
C PRO E 30 7.17 38.50 19.74
N ILE E 31 8.38 38.39 19.21
CA ILE E 31 8.79 37.20 18.46
C ILE E 31 9.31 36.12 19.39
N HIS E 32 8.59 35.01 19.47
CA HIS E 32 9.01 33.91 20.35
C HIS E 32 9.99 32.99 19.66
N VAL E 33 11.29 33.24 19.85
CA VAL E 33 12.34 32.43 19.24
C VAL E 33 12.74 31.22 20.07
N SER E 34 12.41 31.23 21.36
CA SER E 34 12.82 30.17 22.26
C SER E 34 12.37 28.78 21.79
N THR E 35 13.30 27.85 21.63
CA THR E 35 12.97 26.47 21.35
C THR E 35 12.28 25.83 22.55
N THR E 36 12.83 26.06 23.74
CA THR E 36 12.46 25.27 24.92
C THR E 36 11.60 26.04 25.92
N TYR E 37 10.86 25.27 26.72
CA TYR E 37 9.98 25.85 27.72
C TYR E 37 10.27 25.34 29.10
N GLU E 38 10.47 26.30 30.00
CA GLU E 38 10.62 26.00 31.39
C GLU E 38 9.26 25.50 31.90
N ARG E 39 9.26 24.37 32.59
CA ARG E 39 7.98 23.77 33.00
C ARG E 39 7.12 24.74 33.83
N ARG E 40 7.73 25.34 34.84
CA ARG E 40 7.04 26.13 35.88
C ARG E 40 6.23 27.39 35.45
N ALA E 41 6.73 28.57 35.81
CA ALA E 41 5.96 29.84 35.92
C ALA E 41 4.83 30.08 34.90
N GLN E 42 3.76 29.30 34.99
CA GLN E 42 2.75 29.37 33.95
C GLN E 42 1.42 28.67 34.25
N ASP E 43 0.34 29.26 33.74
CA ASP E 43 -1.04 28.71 33.81
C ASP E 43 -1.11 27.22 34.08
N GLU E 44 -0.36 26.47 33.29
CA GLU E 44 -0.02 25.08 33.57
C GLU E 44 1.07 24.82 32.54
N PRO E 45 1.23 23.57 32.08
CA PRO E 45 1.97 23.73 30.83
C PRO E 45 1.12 23.46 29.58
N ARG E 46 1.15 24.39 28.65
CA ARG E 46 0.73 24.13 27.28
C ARG E 46 2.01 23.97 26.42
N TYR E 47 3.09 24.63 26.84
CA TYR E 47 4.27 24.72 26.00
C TYR E 47 5.38 23.79 26.47
N PHE E 48 5.80 22.86 25.59
CA PHE E 48 6.76 21.83 25.97
C PHE E 48 8.03 21.90 25.15
N TYR E 49 7.88 22.16 23.85
CA TYR E 49 9.01 22.17 22.93
C TYR E 49 8.67 22.88 21.63
N GLY E 50 9.64 23.56 21.03
CA GLY E 50 9.42 24.38 19.85
C GLY E 50 8.80 23.74 18.61
N ARG E 51 9.03 22.44 18.39
CA ARG E 51 8.41 21.73 17.26
C ARG E 51 6.92 21.43 17.51
N GLY E 52 6.56 21.35 18.78
CA GLY E 52 5.19 21.07 19.16
C GLY E 52 4.37 22.31 19.48
N GLU E 53 5.02 23.35 20.01
CA GLU E 53 4.33 24.57 20.44
C GLU E 53 5.18 25.81 20.21
N ASN E 54 4.59 26.85 19.62
CA ASN E 54 5.23 28.17 19.53
C ASN E 54 4.18 29.26 19.41
N PRO E 55 4.16 30.21 20.36
CA PRO E 55 3.10 31.23 20.33
C PRO E 55 3.03 32.07 19.05
N THR E 56 4.16 32.42 18.46
CA THR E 56 4.18 33.28 17.27
C THR E 56 3.51 32.60 16.08
N ARG E 57 3.83 31.32 15.89
CA ARG E 57 3.20 30.50 14.86
C ARG E 57 1.69 30.32 15.07
N GLU E 58 1.28 30.11 16.33
CA GLU E 58 -0.13 30.01 16.68
C GLU E 58 -0.88 31.29 16.30
N GLU E 59 -0.27 32.44 16.60
CA GLU E 59 -0.87 33.74 16.27
C GLU E 59 -1.08 33.87 14.77
N LEU E 60 -0.06 33.47 14.00
CA LEU E 60 -0.17 33.48 12.54
C LEU E 60 -1.28 32.53 12.09
N GLU E 61 -1.35 31.35 12.71
CA GLU E 61 -2.40 30.39 12.41
C GLU E 61 -3.78 30.95 12.76
N GLU E 62 -3.90 31.63 13.89
CA GLU E 62 -5.17 32.21 14.28
C GLU E 62 -5.61 33.26 13.27
N CYS E 63 -4.66 34.07 12.77
CA CYS E 63 -5.00 35.06 11.75
C CYS E 63 -5.50 34.39 10.46
N LEU E 64 -4.78 33.37 9.99
CA LEU E 64 -5.16 32.68 8.75
C LEU E 64 -6.51 31.97 8.84
N ALA E 65 -6.76 31.27 9.95
CA ALA E 65 -8.06 30.67 10.20
C ALA E 65 -9.17 31.73 10.17
N GLY E 66 -8.94 32.85 10.87
CA GLY E 66 -9.88 33.96 10.91
C GLY E 66 -10.30 34.54 9.57
N LEU E 67 -9.36 34.57 8.63
CA LEU E 67 -9.67 35.05 7.28
C LEU E 67 -10.77 34.23 6.60
N GLU E 68 -10.99 33.01 7.07
CA GLU E 68 -11.98 32.14 6.45
C GLU E 68 -13.10 31.76 7.42
N ARG E 69 -13.15 32.43 8.57
CA ARG E 69 -14.06 32.04 9.67
C ARG E 69 -13.95 30.55 9.97
N ALA E 70 -12.73 30.02 9.95
CA ALA E 70 -12.52 28.59 10.20
C ALA E 70 -11.89 28.46 11.56
N PRO E 71 -12.18 27.37 12.27
CA PRO E 71 -11.62 27.18 13.61
C PRO E 71 -10.12 26.91 13.55
N PHE E 72 -9.64 26.25 12.50
CA PHE E 72 -8.28 25.74 12.50
C PHE E 72 -7.42 26.23 11.34
N ALA E 73 -6.13 26.37 11.63
CA ALA E 73 -5.11 26.54 10.61
C ALA E 73 -3.79 25.97 11.14
N THR E 74 -2.99 25.48 10.21
CA THR E 74 -1.68 24.95 10.55
C THR E 74 -0.70 25.51 9.53
N VAL E 75 0.38 26.12 9.99
CA VAL E 75 1.41 26.58 9.07
C VAL E 75 2.61 25.64 8.97
N PHE E 76 3.33 25.77 7.87
CA PHE E 76 4.35 24.80 7.48
C PHE E 76 5.57 25.54 6.93
N SER E 77 6.68 24.81 6.84
CA SER E 77 7.92 25.31 6.24
C SER E 77 7.78 25.74 4.77
N SER E 78 6.74 25.28 4.09
CA SER E 78 6.49 25.73 2.72
C SER E 78 5.13 25.28 2.26
N GLY E 79 4.69 25.82 1.13
CA GLY E 79 3.51 25.31 0.45
C GLY E 79 3.61 23.81 0.16
N GLN E 80 4.76 23.36 -0.37
CA GLN E 80 4.95 21.92 -0.61
C GLN E 80 4.71 21.11 0.66
N ALA E 81 5.20 21.62 1.79
CA ALA E 81 5.07 20.90 3.07
C ALA E 81 3.60 20.77 3.48
N ALA E 82 2.82 21.84 3.29
CA ALA E 82 1.39 21.78 3.56
C ALA E 82 0.71 20.73 2.68
N ALA E 83 1.02 20.76 1.39
CA ALA E 83 0.43 19.80 0.48
C ALA E 83 0.86 18.37 0.82
N ALA E 84 2.12 18.20 1.22
CA ALA E 84 2.64 16.88 1.58
C ALA E 84 1.91 16.32 2.79
N THR E 85 1.64 17.18 3.76
CA THR E 85 0.97 16.79 4.99
C THR E 85 -0.46 16.28 4.68
N LEU E 86 -1.10 16.89 3.68
CA LEU E 86 -2.43 16.48 3.24
C LEU E 86 -2.44 15.13 2.49
N LEU E 87 -1.53 14.95 1.53
CA LEU E 87 -1.41 13.67 0.84
C LEU E 87 -1.12 12.52 1.79
N SER E 88 -0.26 12.77 2.79
CA SER E 88 0.18 11.74 3.74
C SER E 88 -1.00 11.03 4.40
N LEU E 89 -2.12 11.72 4.54
CA LEU E 89 -3.32 11.11 5.12
C LEU E 89 -4.01 10.15 4.16
N VAL E 90 -3.66 10.20 2.88
CA VAL E 90 -4.25 9.28 1.92
C VAL E 90 -3.52 7.93 2.00
N ARG E 91 -4.30 6.86 2.20
CA ARG E 91 -3.74 5.51 2.32
C ARG E 91 -3.42 4.95 0.94
N PRO E 92 -2.31 4.18 0.84
CA PRO E 92 -2.15 3.31 -0.32
C PRO E 92 -3.40 2.48 -0.50
N GLY E 93 -3.90 2.44 -1.73
CA GLY E 93 -5.20 1.87 -1.98
C GLY E 93 -6.16 3.01 -2.31
N GLN E 94 -6.44 3.84 -1.31
CA GLN E 94 -7.32 4.99 -1.48
C GLN E 94 -6.81 5.93 -2.57
N CYS E 95 -7.74 6.63 -3.22
CA CYS E 95 -7.52 7.32 -4.48
C CYS E 95 -7.69 8.84 -4.41
N VAL E 96 -6.80 9.57 -5.07
CA VAL E 96 -6.86 11.03 -5.14
C VAL E 96 -7.13 11.42 -6.59
N VAL E 97 -8.12 12.28 -6.80
CA VAL E 97 -8.42 12.75 -8.15
C VAL E 97 -8.00 14.20 -8.32
N SER E 98 -7.34 14.47 -9.44
CA SER E 98 -6.98 15.84 -9.74
C SER E 98 -6.94 16.06 -11.24
N THR E 99 -5.97 16.83 -11.66
CA THR E 99 -6.00 17.49 -12.94
C THR E 99 -4.58 17.63 -13.47
N ASP E 100 -4.35 17.26 -14.73
CA ASP E 100 -3.04 17.48 -15.38
C ASP E 100 -2.79 18.95 -15.78
N ASP E 101 -3.03 19.86 -14.85
CA ASP E 101 -2.70 21.27 -15.02
C ASP E 101 -2.27 21.87 -13.68
N VAL E 102 -2.35 21.08 -12.62
CA VAL E 102 -1.94 21.57 -11.30
C VAL E 102 -0.46 21.88 -11.27
N TYR E 103 -0.07 22.49 -10.16
CA TYR E 103 1.31 22.82 -9.89
C TYR E 103 2.27 21.65 -10.11
N ALA E 104 3.48 21.98 -10.53
CA ALA E 104 4.52 20.96 -10.75
C ALA E 104 4.78 20.21 -9.45
N GLY E 105 5.11 20.96 -8.40
CA GLY E 105 5.40 20.37 -7.10
C GLY E 105 4.24 19.58 -6.50
N THR E 106 3.06 19.80 -7.04
CA THR E 106 1.89 19.05 -6.59
C THR E 106 1.94 17.64 -7.18
N ASP E 107 2.09 17.54 -8.49
CA ASP E 107 2.16 16.22 -9.11
C ASP E 107 3.45 15.52 -8.65
N GLY E 108 4.45 16.33 -8.31
CA GLY E 108 5.70 15.83 -7.73
C GLY E 108 5.40 15.03 -6.48
N LEU E 109 4.53 15.59 -5.65
CA LEU E 109 4.07 14.88 -4.47
C LEU E 109 3.14 13.72 -4.83
N PHE E 110 2.39 13.86 -5.91
CA PHE E 110 1.48 12.79 -6.34
C PHE E 110 2.29 11.53 -6.71
N ASP E 111 3.40 11.71 -7.43
CA ASP E 111 4.28 10.59 -7.78
C ASP E 111 4.80 9.88 -6.55
N LEU E 112 5.19 10.68 -5.55
CA LEU E 112 5.72 10.16 -4.31
C LEU E 112 4.69 9.28 -3.66
N ALA E 113 3.50 9.83 -3.45
CA ALA E 113 2.38 9.04 -2.95
C ALA E 113 2.09 7.85 -3.87
N ALA E 114 2.20 8.07 -5.19
CA ALA E 114 1.93 7.01 -6.16
C ALA E 114 2.98 5.90 -6.05
N ARG E 115 4.22 6.27 -5.76
CA ARG E 115 5.28 5.27 -5.58
C ARG E 115 5.07 4.51 -4.29
N GLN E 116 4.24 5.06 -3.42
CA GLN E 116 3.83 4.32 -2.22
C GLN E 116 2.53 3.56 -2.52
N GLY E 117 2.03 3.71 -3.74
CA GLY E 117 0.84 2.98 -4.13
C GLY E 117 -0.35 3.85 -4.47
N VAL E 118 -0.52 4.96 -3.75
CA VAL E 118 -1.66 5.86 -3.93
C VAL E 118 -1.97 6.04 -5.40
N ARG E 119 -3.09 5.49 -5.84
CA ARG E 119 -3.48 5.73 -7.21
C ARG E 119 -3.88 7.19 -7.31
N VAL E 120 -3.29 7.89 -8.28
CA VAL E 120 -3.79 9.19 -8.66
C VAL E 120 -4.50 8.99 -9.98
N ARG E 121 -5.79 9.29 -10.01
CA ARG E 121 -6.56 9.28 -11.26
C ARG E 121 -6.80 10.73 -11.63
N TYR E 122 -6.18 11.18 -12.71
CA TYR E 122 -6.26 12.59 -13.13
C TYR E 122 -7.53 12.88 -13.93
N ALA E 123 -7.95 14.15 -13.97
CA ALA E 123 -9.24 14.50 -14.57
C ALA E 123 -9.37 15.89 -15.18
N ASP E 124 -10.45 16.04 -15.95
CA ASP E 124 -10.94 17.33 -16.43
C ASP E 124 -12.15 17.65 -15.55
N LEU E 125 -12.00 18.62 -14.66
CA LEU E 125 -13.05 18.96 -13.70
C LEU E 125 -13.84 20.18 -14.13
N THR E 126 -13.72 20.51 -15.42
CA THR E 126 -14.27 21.74 -15.98
C THR E 126 -15.54 21.47 -16.77
N THR E 127 -15.87 20.19 -16.95
CA THR E 127 -17.12 19.79 -17.57
C THR E 127 -17.59 18.47 -16.96
N PRO E 128 -18.81 18.45 -16.41
CA PRO E 128 -19.35 17.34 -15.62
C PRO E 128 -19.22 15.95 -16.26
N GLU E 129 -18.77 15.90 -17.51
CA GLU E 129 -18.60 14.62 -18.20
C GLU E 129 -17.42 13.91 -17.52
N GLY E 130 -16.49 14.69 -17.00
CA GLY E 130 -15.33 14.16 -16.31
C GLY E 130 -15.40 14.29 -14.79
N ILE E 131 -16.28 15.15 -14.30
CA ILE E 131 -16.50 15.21 -12.87
C ILE E 131 -17.22 13.93 -12.48
N ALA E 132 -18.12 13.48 -13.36
CA ALA E 132 -18.83 12.21 -13.21
C ALA E 132 -17.86 11.04 -13.17
N ALA E 133 -17.08 10.91 -14.24
CA ALA E 133 -16.15 9.79 -14.43
C ALA E 133 -15.23 9.57 -13.23
N ALA E 134 -14.03 10.15 -13.28
CA ALA E 134 -13.18 10.25 -12.08
C ALA E 134 -14.08 10.82 -11.01
N LEU E 135 -14.09 10.17 -9.85
CA LEU E 135 -15.11 10.32 -8.78
C LEU E 135 -16.08 9.14 -8.76
N ALA E 136 -16.19 8.44 -9.89
CA ALA E 136 -16.68 7.07 -9.86
C ALA E 136 -15.48 6.15 -9.67
N GLU E 137 -14.34 6.75 -9.31
CA GLU E 137 -13.18 6.00 -8.85
C GLU E 137 -13.57 5.41 -7.50
N PRO E 138 -13.32 4.10 -7.32
CA PRO E 138 -13.66 3.62 -5.96
C PRO E 138 -12.57 4.04 -4.99
N ASP E 139 -12.88 4.00 -3.69
CA ASP E 139 -11.91 4.38 -2.67
C ASP E 139 -11.45 5.83 -2.88
N LEU E 140 -12.36 6.65 -3.41
CA LEU E 140 -12.08 8.07 -3.60
C LEU E 140 -11.84 8.70 -2.25
N ALA E 141 -10.61 9.15 -2.01
CA ALA E 141 -10.26 9.70 -0.72
C ALA E 141 -10.19 11.23 -0.75
N LEU E 142 -9.73 11.78 -1.85
CA LEU E 142 -9.39 13.20 -1.90
C LEU E 142 -9.58 13.73 -3.30
N VAL E 143 -10.23 14.88 -3.42
CA VAL E 143 -10.35 15.55 -4.70
C VAL E 143 -9.55 16.84 -4.59
N TRP E 144 -8.53 16.95 -5.43
CA TRP E 144 -7.56 18.05 -5.32
C TRP E 144 -7.85 19.08 -6.39
N ILE E 145 -8.41 20.20 -5.97
CA ILE E 145 -8.77 21.27 -6.88
C ILE E 145 -7.72 22.36 -6.81
N GLU E 146 -7.27 22.83 -7.97
CA GLU E 146 -6.41 23.98 -8.04
C GLU E 146 -7.05 24.98 -8.98
N THR E 147 -7.59 26.08 -8.44
CA THR E 147 -8.38 27.02 -9.21
C THR E 147 -8.18 28.48 -8.75
N PRO E 148 -7.81 29.36 -9.70
CA PRO E 148 -7.57 29.08 -11.13
C PRO E 148 -6.41 28.12 -11.43
N THR E 149 -6.40 27.69 -12.69
CA THR E 149 -5.37 26.81 -13.24
C THR E 149 -4.12 27.62 -13.69
N ASN E 150 -2.94 27.13 -13.40
CA ASN E 150 -1.74 27.89 -13.70
C ASN E 150 -0.92 27.19 -14.78
N PRO E 151 -0.66 27.87 -15.92
CA PRO E 151 -0.84 29.28 -16.23
C PRO E 151 -1.88 29.55 -17.33
N LEU E 152 -2.78 28.62 -17.57
CA LEU E 152 -3.82 28.88 -18.58
C LEU E 152 -5.04 29.58 -17.95
N LEU E 153 -5.08 29.59 -16.62
CA LEU E 153 -6.08 30.34 -15.86
C LEU E 153 -7.49 29.80 -16.10
N THR E 154 -7.59 28.49 -16.27
CA THR E 154 -8.86 27.81 -16.32
C THR E 154 -9.36 27.67 -14.88
N VAL E 155 -10.67 27.50 -14.73
CA VAL E 155 -11.31 27.55 -13.43
C VAL E 155 -12.19 26.33 -13.18
N VAL E 156 -12.20 25.84 -11.95
CA VAL E 156 -13.07 24.73 -11.55
C VAL E 156 -14.15 25.22 -10.58
N ASP E 157 -15.36 24.70 -10.78
CA ASP E 157 -16.53 25.04 -9.96
C ASP E 157 -16.46 24.32 -8.62
N VAL E 158 -15.99 25.03 -7.59
CA VAL E 158 -15.74 24.42 -6.29
C VAL E 158 -17.02 23.91 -5.62
N ALA E 159 -18.07 24.72 -5.64
CA ALA E 159 -19.31 24.32 -4.98
C ALA E 159 -19.84 23.04 -5.61
N GLU E 160 -19.81 22.99 -6.94
CA GLU E 160 -20.38 21.87 -7.68
C GLU E 160 -19.52 20.62 -7.49
N VAL E 161 -18.21 20.77 -7.61
CA VAL E 161 -17.32 19.62 -7.41
C VAL E 161 -17.40 19.14 -5.95
N SER E 162 -17.47 20.07 -5.01
CA SER E 162 -17.51 19.70 -3.60
C SER E 162 -18.78 18.94 -3.27
N ARG E 163 -19.87 19.31 -3.95
CA ARG E 163 -21.12 18.59 -3.82
C ARG E 163 -21.01 17.17 -4.39
N ARG E 164 -20.45 17.04 -5.59
CA ARG E 164 -20.34 15.71 -6.22
C ARG E 164 -19.41 14.82 -5.39
N ALA E 165 -18.35 15.43 -4.87
CA ALA E 165 -17.36 14.68 -4.11
C ALA E 165 -17.87 14.25 -2.74
N HIS E 166 -18.67 15.11 -2.10
CA HIS E 166 -19.19 14.78 -0.78
C HIS E 166 -20.24 13.66 -0.78
N GLU E 167 -20.84 13.40 -1.94
CA GLU E 167 -21.66 12.21 -2.09
C GLU E 167 -20.80 10.94 -2.06
N ARG E 168 -19.51 11.11 -2.31
CA ARG E 168 -18.57 9.98 -2.34
C ARG E 168 -17.63 9.95 -1.13
N GLY E 169 -18.06 10.58 -0.04
CA GLY E 169 -17.24 10.63 1.17
C GLY E 169 -15.87 11.27 1.00
N ALA E 170 -15.67 11.97 -0.11
CA ALA E 170 -14.36 12.53 -0.42
C ALA E 170 -14.11 13.87 0.24
N ARG E 171 -12.92 14.02 0.83
CA ARG E 171 -12.44 15.30 1.29
C ARG E 171 -12.12 16.13 0.04
N VAL E 172 -12.42 17.42 0.10
CA VAL E 172 -12.10 18.33 -0.98
C VAL E 172 -11.17 19.45 -0.52
N VAL E 173 -10.03 19.57 -1.20
CA VAL E 173 -9.08 20.63 -0.96
C VAL E 173 -9.00 21.53 -2.18
N VAL E 174 -8.83 22.82 -1.93
CA VAL E 174 -8.59 23.77 -2.99
C VAL E 174 -7.24 24.43 -2.73
N ASP E 175 -6.30 24.31 -3.67
CA ASP E 175 -5.08 25.11 -3.60
C ASP E 175 -5.45 26.52 -4.06
N ASN E 176 -5.58 27.39 -3.06
CA ASN E 176 -6.11 28.73 -3.23
C ASN E 176 -4.96 29.76 -3.22
N THR E 177 -3.75 29.30 -3.49
CA THR E 177 -2.56 30.17 -3.51
C THR E 177 -2.73 31.33 -4.49
N PHE E 178 -3.22 30.98 -5.67
CA PHE E 178 -3.49 31.92 -6.76
C PHE E 178 -4.33 33.11 -6.33
N ALA E 179 -5.56 32.84 -5.90
CA ALA E 179 -6.49 33.93 -5.63
C ALA E 179 -6.24 34.61 -4.28
N SER E 180 -5.75 33.82 -3.31
CA SER E 180 -5.68 34.24 -1.90
C SER E 180 -7.08 34.30 -1.26
N PRO E 181 -7.17 34.32 0.10
CA PRO E 181 -8.48 34.41 0.75
C PRO E 181 -9.20 35.73 0.54
N VAL E 182 -8.51 36.71 -0.04
CA VAL E 182 -9.15 37.98 -0.37
C VAL E 182 -10.10 37.80 -1.54
N LEU E 183 -9.75 36.90 -2.45
CA LEU E 183 -10.49 36.77 -3.70
C LEU E 183 -11.43 35.55 -3.75
N GLN E 184 -11.13 34.54 -2.95
CA GLN E 184 -11.86 33.29 -3.04
C GLN E 184 -11.83 32.55 -1.72
N GLN E 185 -12.98 32.02 -1.32
CA GLN E 185 -13.15 31.42 0.00
C GLN E 185 -13.57 29.96 -0.16
N PRO E 186 -12.61 29.05 -0.37
CA PRO E 186 -12.92 27.64 -0.66
C PRO E 186 -13.85 26.98 0.36
N LEU E 187 -13.66 27.29 1.65
CA LEU E 187 -14.52 26.71 2.68
C LEU E 187 -15.97 27.18 2.55
N ALA E 188 -16.17 28.46 2.26
CA ALA E 188 -17.52 28.99 2.03
C ALA E 188 -18.12 28.38 0.77
N LEU E 189 -17.24 28.01 -0.15
CA LEU E 189 -17.66 27.41 -1.40
C LEU E 189 -18.03 25.94 -1.23
N GLY E 190 -17.70 25.35 -0.09
CA GLY E 190 -18.08 23.97 0.21
C GLY E 190 -16.95 22.97 0.36
N ALA E 191 -15.73 23.39 0.06
CA ALA E 191 -14.55 22.53 0.22
C ALA E 191 -14.26 22.28 1.71
N ASP E 192 -13.49 21.24 1.99
CA ASP E 192 -13.10 20.91 3.36
C ASP E 192 -11.80 21.59 3.78
N VAL E 193 -10.94 21.90 2.82
CA VAL E 193 -9.60 22.40 3.12
C VAL E 193 -9.16 23.47 2.12
N SER E 194 -8.58 24.55 2.62
CA SER E 194 -7.89 25.52 1.77
C SER E 194 -6.39 25.33 1.96
N LEU E 195 -5.66 25.20 0.87
CA LEU E 195 -4.22 25.03 0.91
C LEU E 195 -3.54 26.27 0.33
N TYR E 196 -2.46 26.71 0.98
CA TYR E 196 -1.72 27.89 0.53
C TYR E 196 -0.22 27.72 0.58
N SER E 197 0.44 28.23 -0.44
CA SER E 197 1.82 28.64 -0.31
C SER E 197 1.82 30.10 0.14
N THR E 198 2.09 30.34 1.42
CA THR E 198 2.17 31.71 1.91
C THR E 198 3.40 32.44 1.34
N THR E 199 4.33 31.67 0.76
CA THR E 199 5.47 32.24 0.03
C THR E 199 5.05 33.31 -0.98
N1 LLP E 200 0.93 25.64 -5.13
C2 LLP E 200 0.92 26.78 -5.81
C2' LLP E 200 -0.35 27.17 -6.64
C3 LLP E 200 2.05 27.64 -5.76
O3 LLP E 200 2.02 28.85 -6.49
C4 LLP E 200 3.16 27.28 -5.02
C4' LLP E 200 4.46 28.24 -4.95
C5 LLP E 200 3.16 26.09 -4.32
C6 LLP E 200 2.03 25.26 -4.38
C5' LLP E 200 4.37 25.60 -3.47
OP4 LLP E 200 4.58 26.44 -2.36
P LLP E 200 6.02 26.65 -1.82
OP1 LLP E 200 5.93 27.68 -0.69
OP2 LLP E 200 6.59 25.37 -1.32
OP3 LLP E 200 6.91 27.16 -2.92
N LLP E 200 3.88 33.11 -1.58
CA LLP E 200 3.39 33.98 -2.68
CB LLP E 200 2.49 33.16 -3.59
CG LLP E 200 3.13 31.79 -3.92
CD LLP E 200 4.39 31.92 -4.79
CE LLP E 200 5.11 30.55 -4.90
NZ LLP E 200 4.21 29.54 -5.51
C LLP E 200 2.73 35.22 -2.13
O LLP E 200 3.35 35.97 -1.39
N SER E 201 1.47 35.47 -2.46
CA SER E 201 0.85 36.74 -2.09
C SER E 201 0.58 36.94 -0.59
N ILE E 202 0.35 35.85 0.15
CA ILE E 202 0.05 35.98 1.58
C ILE E 202 1.16 36.75 2.32
N ALA E 203 2.40 36.29 2.21
CA ALA E 203 3.53 37.03 2.75
C ALA E 203 3.78 38.28 1.90
N GLY E 204 3.78 38.10 0.57
CA GLY E 204 3.65 39.22 -0.36
C GLY E 204 4.94 39.91 -0.76
N HIS E 205 6.00 39.73 0.02
CA HIS E 205 7.22 40.52 -0.17
C HIS E 205 8.43 39.70 -0.63
N ALA E 206 8.16 38.45 -1.04
CA ALA E 206 9.16 37.59 -1.66
C ALA E 206 10.40 37.41 -0.79
N ASP E 207 10.19 37.35 0.52
CA ASP E 207 11.32 37.25 1.43
C ASP E 207 11.13 36.16 2.49
N VAL E 208 10.24 35.21 2.22
CA VAL E 208 10.03 34.09 3.16
C VAL E 208 9.26 32.93 2.55
N LEU E 209 9.71 31.71 2.83
CA LEU E 209 8.96 30.52 2.45
C LEU E 209 8.00 30.14 3.58
N GLY E 210 6.85 29.58 3.21
CA GLY E 210 5.86 29.15 4.18
C GLY E 210 4.65 28.55 3.49
N GLY E 211 3.90 27.72 4.23
CA GLY E 211 2.65 27.18 3.73
C GLY E 211 1.60 27.18 4.82
N ALA E 212 0.37 26.84 4.45
CA ALA E 212 -0.74 26.77 5.39
C ALA E 212 -1.88 25.87 4.90
N LEU E 213 -2.56 25.24 5.86
CA LEU E 213 -3.84 24.60 5.63
C LEU E 213 -4.85 25.26 6.56
N VAL E 214 -6.05 25.56 6.05
CA VAL E 214 -7.14 26.12 6.85
C VAL E 214 -8.37 25.23 6.66
N TYR E 215 -9.02 24.82 7.75
CA TYR E 215 -10.00 23.74 7.68
C TYR E 215 -10.94 23.79 8.91
N ARG E 216 -12.02 23.00 8.88
CA ARG E 216 -12.98 22.97 9.98
C ARG E 216 -12.99 21.67 10.80
N ASP E 217 -12.38 20.60 10.28
CA ASP E 217 -12.53 19.29 10.93
C ASP E 217 -11.51 19.02 12.04
N ALA E 218 -12.02 18.71 13.24
CA ALA E 218 -11.16 18.54 14.42
C ALA E 218 -10.27 17.31 14.35
N ASP E 219 -10.76 16.28 13.67
CA ASP E 219 -10.00 15.06 13.47
C ASP E 219 -8.89 15.31 12.48
N LEU E 220 -9.24 15.97 11.38
CA LEU E 220 -8.24 16.40 10.41
C LEU E 220 -7.17 17.21 11.12
N HIS E 221 -7.60 18.11 12.00
CA HIS E 221 -6.71 18.94 12.79
C HIS E 221 -5.77 18.07 13.63
N ALA E 222 -6.33 17.03 14.25
CA ALA E 222 -5.50 16.12 15.04
C ALA E 222 -4.45 15.45 14.15
N ALA E 223 -4.86 14.94 13.00
CA ALA E 223 -3.92 14.22 12.14
C ALA E 223 -2.90 15.16 11.50
N VAL E 224 -3.35 16.36 11.16
CA VAL E 224 -2.46 17.36 10.56
C VAL E 224 -1.35 17.75 11.54
N ARG E 225 -1.71 18.07 12.77
CA ARG E 225 -0.71 18.46 13.77
C ARG E 225 0.22 17.30 14.14
N ALA E 226 -0.34 16.08 14.25
CA ALA E 226 0.50 14.93 14.56
C ALA E 226 1.58 14.74 13.51
N TYR E 227 1.19 14.79 12.23
CA TYR E 227 2.16 14.63 11.15
C TYR E 227 3.21 15.75 11.16
N ARG E 228 2.77 17.01 11.23
CA ARG E 228 3.72 18.12 11.23
C ARG E 228 4.72 17.97 12.37
N THR E 229 4.24 17.55 13.54
CA THR E 229 5.14 17.28 14.66
C THR E 229 6.14 16.18 14.32
N THR E 230 5.67 15.11 13.70
CA THR E 230 6.53 13.97 13.41
C THR E 230 7.41 14.19 12.19
N ALA E 231 6.85 14.76 11.13
CA ALA E 231 7.64 15.08 9.94
C ALA E 231 8.52 16.33 10.15
N GLY E 232 8.18 17.14 11.14
CA GLY E 232 8.99 18.28 11.50
C GLY E 232 9.08 19.34 10.41
N ASN E 233 8.07 19.41 9.55
CA ASN E 233 8.07 20.41 8.50
C ASN E 233 7.54 21.76 9.01
N VAL E 234 8.11 22.23 10.12
CA VAL E 234 7.65 23.41 10.86
C VAL E 234 8.45 24.65 10.48
N PRO E 235 7.77 25.80 10.35
CA PRO E 235 8.42 27.07 9.98
C PRO E 235 9.30 27.62 11.10
N GLY E 236 10.15 28.60 10.78
CA GLY E 236 10.83 29.37 11.82
C GLY E 236 9.92 30.43 12.43
N ALA E 237 10.17 30.78 13.69
CA ALA E 237 9.43 31.87 14.33
C ALA E 237 9.62 33.19 13.59
N LEU E 238 10.85 33.46 13.16
CA LEU E 238 11.15 34.69 12.44
C LEU E 238 10.39 34.71 11.09
N ASP E 239 10.38 33.57 10.40
CA ASP E 239 9.65 33.40 9.15
C ASP E 239 8.16 33.68 9.34
N CYS E 240 7.57 33.11 10.40
CA CYS E 240 6.17 33.38 10.75
C CYS E 240 5.93 34.86 11.07
N PHE E 241 6.90 35.50 11.70
CA PHE E 241 6.79 36.93 11.93
C PHE E 241 6.72 37.67 10.59
N LEU E 242 7.59 37.28 9.65
CA LEU E 242 7.60 37.88 8.31
C LEU E 242 6.31 37.63 7.54
N VAL E 243 5.78 36.41 7.61
CA VAL E 243 4.52 36.10 6.94
C VAL E 243 3.41 36.97 7.55
N ARG E 244 3.32 36.98 8.88
CA ARG E 244 2.30 37.74 9.60
C ARG E 244 2.39 39.24 9.32
N ARG E 245 3.61 39.77 9.25
CA ARG E 245 3.80 41.18 8.95
C ARG E 245 3.27 41.51 7.55
N GLY E 246 3.60 40.64 6.58
CA GLY E 246 3.14 40.81 5.22
C GLY E 246 1.63 40.75 5.15
N LEU E 247 1.04 39.86 5.95
CA LEU E 247 -0.42 39.66 5.98
C LEU E 247 -1.22 40.95 6.16
N HIS E 248 -0.72 41.87 6.98
CA HIS E 248 -1.39 43.14 7.24
C HIS E 248 -1.92 43.84 5.97
N THR E 249 -1.11 43.86 4.91
CA THR E 249 -1.44 44.66 3.73
C THR E 249 -2.02 43.80 2.58
N LEU E 250 -2.29 42.53 2.86
CA LEU E 250 -2.71 41.60 1.80
C LEU E 250 -3.88 42.11 0.94
N SER E 251 -4.93 42.61 1.57
CA SER E 251 -6.07 43.12 0.82
C SER E 251 -5.72 44.37 -0.02
N LEU E 252 -4.94 45.27 0.54
CA LEU E 252 -4.57 46.47 -0.20
C LEU E 252 -3.73 46.09 -1.39
N ARG E 253 -2.80 45.15 -1.18
CA ARG E 253 -1.90 44.69 -2.23
C ARG E 253 -2.67 43.99 -3.37
N VAL E 254 -3.48 42.99 -3.01
CA VAL E 254 -4.27 42.26 -4.01
C VAL E 254 -5.15 43.20 -4.85
N HIS E 255 -5.79 44.18 -4.23
CA HIS E 255 -6.65 45.06 -5.01
C HIS E 255 -5.89 45.97 -5.99
N ARG E 256 -4.73 46.48 -5.57
CA ARG E 256 -3.83 47.18 -6.48
C ARG E 256 -3.38 46.26 -7.63
N GLN E 257 -2.95 45.05 -7.29
CA GLN E 257 -2.49 44.07 -8.28
C GLN E 257 -3.59 43.75 -9.29
N VAL E 258 -4.82 43.59 -8.80
CA VAL E 258 -5.96 43.33 -9.68
C VAL E 258 -6.20 44.52 -10.60
N ALA E 259 -6.40 45.70 -10.02
CA ALA E 259 -6.65 46.92 -10.79
C ALA E 259 -5.64 47.09 -11.94
N THR E 260 -4.39 46.76 -11.68
CA THR E 260 -3.35 46.89 -12.69
C THR E 260 -3.45 45.76 -13.73
N ALA E 261 -3.67 44.53 -13.27
CA ALA E 261 -3.78 43.40 -14.20
C ALA E 261 -4.77 43.68 -15.33
N ARG E 262 -5.90 44.29 -15.00
CA ARG E 262 -6.94 44.63 -15.98
C ARG E 262 -6.48 45.66 -17.02
N VAL E 263 -5.73 46.66 -16.57
CA VAL E 263 -5.15 47.65 -17.48
C VAL E 263 -4.15 46.94 -18.39
N LEU E 264 -3.41 45.99 -17.83
CA LEU E 264 -2.42 45.25 -18.62
C LEU E 264 -3.10 44.33 -19.65
N VAL E 265 -4.21 43.71 -19.24
CA VAL E 265 -4.99 42.90 -20.18
C VAL E 265 -5.46 43.74 -21.39
N GLU E 266 -5.93 44.95 -21.14
CA GLU E 266 -6.35 45.83 -22.23
C GLU E 266 -5.19 46.26 -23.14
N ARG E 267 -4.01 46.50 -22.56
CA ARG E 267 -2.82 46.76 -23.36
C ARG E 267 -2.49 45.55 -24.24
N LEU E 268 -2.57 44.37 -23.65
CA LEU E 268 -2.28 43.15 -24.38
C LEU E 268 -3.28 42.99 -25.52
N ARG E 269 -4.56 43.25 -25.24
CA ARG E 269 -5.57 43.09 -26.27
C ARG E 269 -5.35 44.06 -27.42
N ALA E 270 -4.79 45.23 -27.12
CA ALA E 270 -4.53 46.25 -28.13
C ALA E 270 -3.30 45.94 -29.01
N SER E 271 -2.53 44.91 -28.66
CA SER E 271 -1.27 44.67 -29.37
C SER E 271 -1.43 43.70 -30.54
N PRO E 272 -0.92 44.08 -31.73
CA PRO E 272 -1.03 43.20 -32.90
C PRO E 272 -0.09 42.00 -32.82
N VAL E 273 0.84 41.98 -31.88
CA VAL E 273 1.74 40.83 -31.76
C VAL E 273 1.40 39.99 -30.52
N VAL E 274 0.14 40.07 -30.12
CA VAL E 274 -0.37 39.26 -29.03
C VAL E 274 -1.52 38.39 -29.53
N GLY E 275 -1.39 37.07 -29.34
CA GLY E 275 -2.42 36.14 -29.76
C GLY E 275 -3.43 35.93 -28.66
N ALA E 276 -3.65 34.67 -28.30
CA ALA E 276 -4.52 34.32 -27.18
C ALA E 276 -4.16 35.14 -25.94
N VAL E 277 -5.19 35.57 -25.20
CA VAL E 277 -4.98 36.20 -23.90
C VAL E 277 -5.78 35.43 -22.88
N HIS E 278 -5.14 35.11 -21.75
CA HIS E 278 -5.81 34.40 -20.67
C HIS E 278 -5.94 35.28 -19.44
N TYR E 279 -7.18 35.58 -19.04
CA TYR E 279 -7.45 36.30 -17.82
C TYR E 279 -8.86 35.98 -17.34
N PRO E 280 -8.99 35.59 -16.07
CA PRO E 280 -10.29 35.11 -15.57
C PRO E 280 -11.40 36.15 -15.64
N GLY E 281 -11.06 37.42 -15.85
CA GLY E 281 -12.06 38.48 -15.95
C GLY E 281 -12.61 38.80 -17.33
N LEU E 282 -12.09 38.17 -18.38
CA LEU E 282 -12.57 38.47 -19.74
C LEU E 282 -13.93 37.83 -20.01
N PRO E 283 -14.82 38.52 -20.77
CA PRO E 283 -16.20 38.08 -21.01
C PRO E 283 -16.32 36.65 -21.53
N GLU E 284 -15.42 36.25 -22.42
CA GLU E 284 -15.47 34.91 -22.99
C GLU E 284 -14.36 34.02 -22.43
N HIS E 285 -13.94 34.32 -21.20
CA HIS E 285 -13.13 33.37 -20.48
C HIS E 285 -14.01 32.13 -20.38
N PRO E 286 -13.46 30.96 -20.73
CA PRO E 286 -14.28 29.77 -20.99
C PRO E 286 -15.14 29.31 -19.81
N GLN E 287 -14.90 29.86 -18.61
CA GLN E 287 -15.74 29.55 -17.46
C GLN E 287 -16.07 30.80 -16.64
N HIS E 288 -16.42 31.90 -17.32
CA HIS E 288 -16.60 33.20 -16.66
C HIS E 288 -17.75 33.24 -15.67
N ALA E 289 -18.76 32.40 -15.87
CA ALA E 289 -19.88 32.33 -14.94
C ALA E 289 -19.43 31.78 -13.57
N VAL E 290 -18.52 30.82 -13.58
CA VAL E 290 -18.00 30.28 -12.34
C VAL E 290 -17.08 31.30 -11.68
N VAL E 291 -16.28 31.99 -12.51
CA VAL E 291 -15.44 33.07 -12.00
C VAL E 291 -16.35 34.08 -11.34
N LYS E 292 -17.45 34.40 -11.99
CA LYS E 292 -18.33 35.41 -11.46
C LYS E 292 -18.90 34.96 -10.10
N ALA E 293 -19.21 33.67 -10.00
CA ALA E 293 -19.71 33.10 -8.76
C ALA E 293 -18.64 33.01 -7.66
N GLN E 294 -17.50 32.38 -7.98
CA GLN E 294 -16.57 32.04 -6.91
C GLN E 294 -15.49 33.10 -6.61
N MSE E 295 -15.40 34.12 -7.47
CA MSE E 295 -14.36 35.18 -7.45
C MSE E 295 -14.86 36.53 -7.03
O MSE E 295 -15.69 37.12 -7.71
CB MSE E 295 -13.97 35.52 -8.87
CG MSE E 295 -12.67 35.25 -9.25
SE MSE E 295 -12.44 33.56 -8.51
CE MSE E 295 -13.07 32.14 -9.63
N SER E 296 -14.29 37.08 -5.96
CA SER E 296 -14.60 38.45 -5.64
C SER E 296 -13.91 39.39 -6.65
N ALA E 297 -12.84 38.91 -7.27
CA ALA E 297 -12.15 39.66 -8.32
C ALA E 297 -11.27 38.70 -9.13
N PRO E 298 -11.05 39.01 -10.42
CA PRO E 298 -10.46 38.02 -11.36
C PRO E 298 -8.96 37.70 -11.19
N GLY E 299 -8.28 38.30 -10.22
CA GLY E 299 -6.95 37.87 -9.86
C GLY E 299 -5.79 38.67 -10.44
N ALA E 300 -4.59 38.25 -10.08
CA ALA E 300 -3.41 39.05 -10.41
C ALA E 300 -2.51 38.43 -11.46
N ILE E 301 -2.93 37.31 -12.04
CA ILE E 301 -2.12 36.62 -13.03
C ILE E 301 -2.73 36.75 -14.42
N VAL E 302 -1.87 36.93 -15.43
CA VAL E 302 -2.30 37.05 -16.82
C VAL E 302 -1.32 36.25 -17.67
N SER E 303 -1.80 35.55 -18.69
CA SER E 303 -0.89 34.93 -19.66
C SER E 303 -1.35 35.12 -21.11
N PHE E 304 -0.41 35.04 -22.04
CA PHE E 304 -0.70 35.35 -23.43
C PHE E 304 0.32 34.74 -24.42
N ASP E 305 -0.15 34.48 -25.63
CA ASP E 305 0.71 34.09 -26.73
C ASP E 305 1.42 35.30 -27.30
N TYR E 306 2.75 35.30 -27.23
CA TYR E 306 3.54 36.32 -27.91
C TYR E 306 3.83 35.91 -29.36
N LEU E 307 3.38 36.71 -30.32
CA LEU E 307 3.50 36.36 -31.74
C LEU E 307 4.70 37.02 -32.42
N GLY E 308 5.38 37.92 -31.73
CA GLY E 308 6.37 38.75 -32.36
C GLY E 308 7.78 38.20 -32.37
N GLY E 309 7.92 36.87 -32.29
CA GLY E 309 9.23 36.25 -32.29
C GLY E 309 9.39 35.36 -31.06
N PRO E 310 10.59 34.79 -30.89
CA PRO E 310 10.81 33.86 -29.78
C PRO E 310 10.60 34.54 -28.43
N ALA E 311 10.21 33.77 -27.43
CA ALA E 311 9.97 34.31 -26.10
C ALA E 311 11.18 35.12 -25.59
N GLU E 312 12.39 34.68 -25.95
CA GLU E 312 13.64 35.36 -25.57
C GLU E 312 13.67 36.82 -25.97
N ARG E 313 13.25 37.10 -27.21
CA ARG E 313 13.13 38.45 -27.73
C ARG E 313 12.38 39.30 -26.71
N LEU E 314 11.25 38.77 -26.24
CA LEU E 314 10.38 39.52 -25.35
C LEU E 314 10.97 39.65 -23.96
N LEU E 315 11.33 38.52 -23.34
CA LEU E 315 11.87 38.48 -21.98
C LEU E 315 13.05 39.42 -21.81
N ASP E 316 13.95 39.37 -22.79
CA ASP E 316 15.19 40.12 -22.71
C ASP E 316 14.92 41.64 -22.67
N ARG E 317 13.77 42.05 -23.22
CA ARG E 317 13.44 43.47 -23.38
C ARG E 317 12.78 44.19 -22.17
N PHE E 318 12.38 43.45 -21.14
CA PHE E 318 11.76 44.11 -19.97
C PHE E 318 12.77 44.90 -19.14
N THR E 319 12.36 46.07 -18.63
CA THR E 319 13.23 46.85 -17.74
C THR E 319 12.59 47.18 -16.39
N LEU E 320 11.34 46.77 -16.21
CA LEU E 320 10.66 46.95 -14.92
C LEU E 320 10.15 45.61 -14.39
N PHE E 321 9.46 44.84 -15.23
CA PHE E 321 9.13 43.47 -14.87
C PHE E 321 10.44 42.71 -14.66
N THR E 322 10.47 41.86 -13.64
CA THR E 322 11.61 40.99 -13.40
C THR E 322 11.34 39.63 -14.05
N CYS E 323 12.36 39.02 -14.65
CA CYS E 323 12.21 37.68 -15.18
C CYS E 323 12.58 36.68 -14.09
N GLY E 324 11.58 36.21 -13.34
CA GLY E 324 11.80 35.25 -12.26
C GLY E 324 10.59 34.40 -11.92
N VAL E 325 10.80 33.16 -11.47
CA VAL E 325 9.70 32.34 -10.98
C VAL E 325 9.13 32.96 -9.68
N SER E 326 8.23 32.28 -8.99
CA SER E 326 7.37 32.86 -7.96
C SER E 326 6.41 33.84 -8.59
N LEU E 327 5.45 34.27 -7.79
CA LEU E 327 4.46 35.22 -8.24
C LEU E 327 3.79 35.79 -7.02
N GLY E 328 2.99 36.84 -7.24
CA GLY E 328 2.20 37.44 -6.18
C GLY E 328 2.93 38.50 -5.36
N GLY E 329 4.24 38.59 -5.52
CA GLY E 329 5.02 39.57 -4.78
C GLY E 329 4.78 41.02 -5.20
N VAL E 330 5.30 41.97 -4.41
CA VAL E 330 5.23 43.37 -4.79
C VAL E 330 6.08 43.66 -6.03
N HIS E 331 7.02 42.76 -6.32
CA HIS E 331 7.81 42.87 -7.55
C HIS E 331 7.09 42.18 -8.71
N SER E 332 6.65 42.96 -9.69
CA SER E 332 6.04 42.37 -10.89
C SER E 332 7.01 41.41 -11.59
N LEU E 333 6.53 40.22 -11.92
CA LEU E 333 7.37 39.22 -12.57
C LEU E 333 6.81 38.85 -13.92
N VAL E 334 7.71 38.47 -14.82
CA VAL E 334 7.33 37.90 -16.10
C VAL E 334 7.98 36.53 -16.14
N GLU E 335 7.27 35.57 -16.70
CA GLU E 335 7.86 34.26 -16.89
C GLU E 335 7.48 33.67 -18.23
N CYS E 336 8.37 32.84 -18.77
CA CYS E 336 8.04 32.04 -19.92
C CYS E 336 8.06 30.56 -19.55
N PRO E 337 6.88 29.96 -19.35
CA PRO E 337 6.75 28.55 -18.96
C PRO E 337 7.68 27.62 -19.75
N ALA E 338 7.59 27.65 -21.08
CA ALA E 338 8.39 26.79 -21.95
C ALA E 338 9.85 26.70 -21.52
N LEU E 339 10.34 27.79 -20.94
CA LEU E 339 11.71 27.81 -20.45
C LEU E 339 11.77 27.89 -18.91
N MSE E 340 10.78 28.56 -18.30
CA MSE E 340 10.77 28.87 -16.85
C MSE E 340 10.22 27.82 -15.87
O MSE E 340 10.93 27.38 -14.97
CB MSE E 340 10.07 30.19 -16.57
CG MSE E 340 11.04 31.28 -16.23
SE MSE E 340 10.52 32.46 -14.75
CE MSE E 340 11.93 33.69 -15.20
N THR E 341 8.96 27.46 -16.02
CA THR E 341 8.30 26.60 -15.02
C THR E 341 7.92 25.21 -15.52
N HIS E 342 7.47 25.13 -16.77
CA HIS E 342 7.01 23.87 -17.36
C HIS E 342 7.97 23.31 -18.39
N ARG E 343 9.23 23.78 -18.38
CA ARG E 343 10.23 23.36 -19.37
C ARG E 343 10.39 21.84 -19.56
N PRO E 344 10.12 21.01 -18.52
CA PRO E 344 10.17 19.57 -18.82
C PRO E 344 9.15 19.07 -19.85
N LEU E 345 8.81 17.79 -19.76
CA LEU E 345 7.98 17.14 -20.79
C LEU E 345 8.72 17.19 -22.13
N SER E 346 8.01 17.02 -23.24
CA SER E 346 8.63 17.20 -24.56
C SER E 346 7.96 18.31 -25.35
N ALA E 347 8.37 18.46 -26.63
CA ALA E 347 7.73 19.44 -27.51
C ALA E 347 6.28 19.04 -27.69
N GLU E 348 6.03 17.74 -27.56
CA GLU E 348 4.71 17.19 -27.37
C GLU E 348 4.55 16.95 -25.86
N ALA E 349 3.41 17.37 -25.31
CA ALA E 349 3.17 17.65 -23.86
C ALA E 349 3.35 19.14 -23.53
N ARG E 350 3.27 19.96 -24.57
CA ARG E 350 3.17 21.41 -24.40
C ARG E 350 2.20 21.90 -25.45
N ALA E 351 2.06 21.10 -26.51
CA ALA E 351 1.06 21.34 -27.54
C ALA E 351 -0.28 20.83 -27.06
N ARG E 352 -0.30 19.59 -26.62
CA ARG E 352 -1.48 18.95 -26.05
C ARG E 352 -1.88 19.66 -24.77
N ARG E 353 -0.89 20.03 -23.97
CA ARG E 353 -1.15 20.80 -22.75
C ARG E 353 -1.73 22.14 -23.15
N GLY E 354 -1.44 22.56 -24.39
CA GLY E 354 -1.89 23.85 -24.87
C GLY E 354 -0.95 24.93 -24.35
N ILE E 355 0.25 24.51 -23.97
CA ILE E 355 1.28 25.44 -23.50
C ILE E 355 2.24 25.75 -24.66
N GLY E 356 1.91 26.79 -25.41
CA GLY E 356 2.74 27.17 -26.54
C GLY E 356 4.16 27.53 -26.15
N GLU E 357 5.08 27.39 -27.11
CA GLU E 357 6.46 27.81 -26.91
C GLU E 357 6.54 29.33 -26.77
N SER E 358 5.46 30.04 -27.01
CA SER E 358 5.57 31.47 -26.68
C SER E 358 4.35 31.94 -25.82
N LEU E 359 3.86 31.08 -24.92
CA LEU E 359 3.05 31.56 -23.80
C LEU E 359 3.93 32.29 -22.80
N ILE E 360 3.51 33.50 -22.45
CA ILE E 360 4.20 34.32 -21.46
C ILE E 360 3.24 34.52 -20.30
N ARG E 361 3.74 34.40 -19.07
CA ARG E 361 2.91 34.63 -17.88
C ARG E 361 3.41 35.83 -17.07
N LEU E 362 2.48 36.73 -16.75
CA LEU E 362 2.75 37.89 -15.92
C LEU E 362 2.16 37.72 -14.52
N SER E 363 2.96 38.05 -13.50
CA SER E 363 2.46 38.15 -12.15
C SER E 363 2.55 39.62 -11.75
N VAL E 364 1.41 40.22 -11.44
CA VAL E 364 1.35 41.66 -11.26
C VAL E 364 1.66 42.09 -9.82
N GLY E 365 2.63 42.98 -9.69
CA GLY E 365 3.02 43.54 -8.41
C GLY E 365 2.29 44.84 -8.13
N ILE E 366 2.85 45.68 -7.28
CA ILE E 366 2.13 46.88 -6.84
C ILE E 366 2.78 48.15 -7.36
N GLU E 367 3.66 48.01 -8.34
CA GLU E 367 4.25 49.19 -8.99
C GLU E 367 3.16 50.04 -9.66
N ASP E 368 3.53 51.25 -10.08
CA ASP E 368 2.60 52.10 -10.82
C ASP E 368 2.12 51.42 -12.11
N PRO E 369 0.80 51.35 -12.30
CA PRO E 369 0.26 50.62 -13.44
C PRO E 369 0.65 51.26 -14.76
N GLN E 370 0.78 52.60 -14.81
CA GLN E 370 1.23 53.23 -16.05
C GLN E 370 2.66 52.80 -16.33
N ASP E 371 3.48 52.69 -15.28
CA ASP E 371 4.87 52.22 -15.46
C ASP E 371 4.92 50.78 -16.00
N LEU E 372 4.07 49.90 -15.46
CA LEU E 372 4.05 48.51 -15.92
C LEU E 372 3.51 48.37 -17.35
N ALA E 373 2.46 49.12 -17.65
CA ALA E 373 1.87 49.09 -18.99
C ALA E 373 2.89 49.60 -20.01
N GLU E 374 3.59 50.68 -19.65
CA GLU E 374 4.59 51.25 -20.54
C GLU E 374 5.73 50.27 -20.76
N ASP E 375 6.08 49.50 -19.73
CA ASP E 375 7.13 48.48 -19.86
C ASP E 375 6.68 47.37 -20.80
N LEU E 376 5.50 46.83 -20.53
CA LEU E 376 4.93 45.79 -21.37
C LEU E 376 4.86 46.22 -22.84
N SER E 377 4.43 47.45 -23.09
CA SER E 377 4.41 47.99 -24.45
C SER E 377 5.82 48.11 -25.03
N ARG E 378 6.78 48.47 -24.18
CA ARG E 378 8.17 48.55 -24.60
C ARG E 378 8.63 47.18 -25.13
N ALA E 379 8.39 46.15 -24.33
CA ALA E 379 8.83 44.80 -24.67
C ALA E 379 8.19 44.32 -25.98
N LEU E 380 6.90 44.62 -26.15
CA LEU E 380 6.13 44.16 -27.29
C LEU E 380 6.49 44.86 -28.59
N ALA E 381 7.27 45.94 -28.49
CA ALA E 381 7.73 46.68 -29.67
C ALA E 381 8.69 45.85 -30.50
N GLY F 6 45.13 24.74 3.90
CA GLY F 6 43.97 24.12 4.50
C GLY F 6 43.75 24.56 5.94
N MSE F 7 42.95 23.79 6.70
CA MSE F 7 42.55 24.19 8.06
C MSE F 7 42.41 23.03 9.11
O MSE F 7 42.39 21.85 8.74
CB MSE F 7 41.29 25.09 8.00
CG MSE F 7 40.78 25.34 6.54
SE MSE F 7 39.82 26.98 5.91
CE MSE F 7 38.53 26.12 4.72
N ARG F 8 42.40 23.38 10.41
CA ARG F 8 42.10 22.46 11.53
C ARG F 8 40.71 22.77 12.12
N PHE F 9 40.11 21.81 12.83
CA PHE F 9 38.65 21.82 13.12
C PHE F 9 37.97 23.10 13.71
N GLY F 10 38.61 23.74 14.70
CA GLY F 10 38.07 24.97 15.28
C GLY F 10 38.08 26.18 14.33
N THR F 11 38.98 26.14 13.36
CA THR F 11 39.02 27.10 12.27
C THR F 11 37.89 26.88 11.26
N ARG F 12 37.59 25.61 10.98
CA ARG F 12 36.54 25.29 10.01
C ARG F 12 35.18 25.79 10.53
N LEU F 13 35.03 25.84 11.86
CA LEU F 13 33.80 26.28 12.50
C LEU F 13 33.50 27.74 12.20
N VAL F 14 34.55 28.55 12.09
CA VAL F 14 34.43 29.99 11.85
C VAL F 14 34.39 30.30 10.35
N HIS F 15 35.19 29.57 9.58
CA HIS F 15 35.39 29.91 8.16
C HIS F 15 34.77 28.96 7.13
N GLY F 16 34.26 27.82 7.58
CA GLY F 16 33.54 26.92 6.70
C GLY F 16 32.37 27.68 6.08
N GLY F 17 32.18 27.54 4.77
CA GLY F 17 31.19 28.31 4.04
C GLY F 17 31.25 29.82 4.24
N ARG F 18 32.39 30.36 4.64
CA ARG F 18 32.40 31.81 4.82
C ARG F 18 32.62 32.47 3.48
N ARG F 19 31.50 32.61 2.76
CA ARG F 19 31.50 32.86 1.33
C ARG F 19 31.77 34.33 0.96
N PRO F 20 32.83 34.54 0.17
CA PRO F 20 33.58 35.79 -0.06
C PRO F 20 32.71 37.06 -0.11
N SER F 21 31.52 37.00 -0.71
CA SER F 21 30.73 38.22 -0.95
C SER F 21 31.68 39.30 -1.48
N ALA F 22 32.11 39.12 -2.73
CA ALA F 22 32.93 40.10 -3.42
C ALA F 22 32.00 41.20 -3.89
N GLY F 23 32.56 42.38 -4.13
CA GLY F 23 31.77 43.52 -4.54
C GLY F 23 31.56 44.49 -3.39
N THR F 24 31.74 43.98 -2.17
CA THR F 24 31.66 44.81 -0.98
C THR F 24 32.66 44.37 0.10
N GLY F 25 32.91 43.07 0.21
CA GLY F 25 33.92 42.57 1.12
C GLY F 25 33.44 42.09 2.50
N ASP F 26 32.13 41.99 2.68
CA ASP F 26 31.54 41.61 3.96
C ASP F 26 32.22 40.39 4.59
N VAL F 27 32.65 40.52 5.83
CA VAL F 27 33.24 39.42 6.55
C VAL F 27 32.19 38.36 6.89
N VAL F 28 31.09 38.79 7.49
CA VAL F 28 29.96 37.90 7.68
C VAL F 28 29.12 37.99 6.40
N PRO F 29 28.94 36.86 5.71
CA PRO F 29 28.09 36.90 4.50
C PRO F 29 26.71 37.45 4.82
N PRO F 30 26.17 38.27 3.91
CA PRO F 30 24.85 38.84 4.14
C PRO F 30 23.77 37.76 4.04
N ILE F 31 22.66 37.99 4.74
CA ILE F 31 21.59 37.01 4.83
C ILE F 31 20.67 37.06 3.62
N HIS F 32 20.63 35.98 2.87
CA HIS F 32 19.86 35.91 1.62
C HIS F 32 18.41 35.55 1.87
N VAL F 33 17.56 36.54 2.06
CA VAL F 33 16.17 36.29 2.37
C VAL F 33 15.28 36.14 1.11
N SER F 34 15.81 36.54 -0.05
CA SER F 34 14.98 36.58 -1.26
C SER F 34 14.61 35.18 -1.79
N THR F 35 13.32 34.93 -1.92
CA THR F 35 12.81 33.62 -2.31
C THR F 35 12.92 33.42 -3.82
N THR F 36 13.15 34.50 -4.55
CA THR F 36 13.23 34.39 -6.00
C THR F 36 14.23 35.35 -6.60
N TYR F 37 14.87 34.91 -7.67
CA TYR F 37 15.97 35.65 -8.21
C TYR F 37 15.71 36.06 -9.65
N GLU F 38 16.50 37.02 -10.13
CA GLU F 38 16.34 37.53 -11.46
C GLU F 38 17.15 36.60 -12.37
N ARG F 39 16.48 36.00 -13.35
CA ARG F 39 17.18 35.11 -14.25
C ARG F 39 18.26 35.90 -14.97
N ARG F 40 17.98 37.20 -15.15
CA ARG F 40 18.86 38.13 -15.87
C ARG F 40 19.70 39.02 -14.96
N ALA F 41 20.40 38.46 -13.97
CA ALA F 41 21.19 39.28 -13.03
C ALA F 41 22.16 38.41 -12.26
N GLN F 42 22.37 37.24 -12.85
CA GLN F 42 23.16 36.15 -12.32
C GLN F 42 23.88 35.64 -13.57
N ASP F 43 25.06 35.06 -13.39
CA ASP F 43 25.85 34.51 -14.50
C ASP F 43 25.11 33.38 -15.26
N GLU F 44 25.84 32.30 -15.55
CA GLU F 44 25.21 31.02 -15.94
C GLU F 44 24.30 30.57 -14.77
N PRO F 45 23.41 29.59 -15.00
CA PRO F 45 22.26 29.49 -14.07
C PRO F 45 22.60 28.75 -12.78
N ARG F 46 22.26 29.33 -11.63
CA ARG F 46 22.49 28.65 -10.37
C ARG F 46 21.42 28.91 -9.32
N TYR F 47 20.67 30.01 -9.48
CA TYR F 47 19.65 30.35 -8.49
C TYR F 47 18.35 30.80 -9.14
N PHE F 48 17.27 30.17 -8.69
CA PHE F 48 15.97 30.34 -9.32
C PHE F 48 14.91 30.59 -8.25
N TYR F 49 14.69 29.60 -7.38
CA TYR F 49 13.64 29.66 -6.37
C TYR F 49 14.17 29.11 -5.06
N GLY F 50 13.82 29.78 -3.96
CA GLY F 50 14.39 29.50 -2.64
C GLY F 50 14.35 28.09 -2.09
N ARG F 51 13.27 27.36 -2.36
CA ARG F 51 13.14 25.97 -1.90
C ARG F 51 14.30 25.11 -2.42
N GLY F 52 14.62 25.26 -3.70
CA GLY F 52 15.73 24.53 -4.30
C GLY F 52 17.10 25.13 -4.02
N GLU F 53 17.24 26.44 -4.18
CA GLU F 53 18.55 27.07 -4.05
C GLU F 53 18.49 28.33 -3.18
N ASN F 54 19.43 28.46 -2.26
CA ASN F 54 19.56 29.66 -1.44
C ASN F 54 21.01 29.80 -1.01
N PRO F 55 21.63 30.96 -1.24
CA PRO F 55 23.04 31.02 -0.86
C PRO F 55 23.28 30.82 0.64
N THR F 56 22.45 31.38 1.49
CA THR F 56 22.70 31.36 2.93
C THR F 56 22.65 29.91 3.48
N ARG F 57 21.64 29.17 3.04
CA ARG F 57 21.56 27.75 3.39
C ARG F 57 22.77 26.99 2.83
N GLU F 58 23.18 27.32 1.60
CA GLU F 58 24.36 26.71 1.00
C GLU F 58 25.63 26.91 1.84
N GLU F 59 25.76 28.08 2.44
CA GLU F 59 26.91 28.38 3.31
C GLU F 59 26.92 27.52 4.57
N LEU F 60 25.79 27.42 5.25
CA LEU F 60 25.66 26.56 6.44
C LEU F 60 25.98 25.09 6.09
N GLU F 61 25.45 24.61 4.96
CA GLU F 61 25.73 23.26 4.51
C GLU F 61 27.21 23.04 4.25
N GLU F 62 27.82 23.94 3.49
CA GLU F 62 29.26 23.87 3.20
C GLU F 62 30.06 23.84 4.52
N CYS F 63 29.62 24.63 5.52
CA CYS F 63 30.23 24.62 6.86
C CYS F 63 30.16 23.24 7.57
N LEU F 64 28.95 22.69 7.67
CA LEU F 64 28.74 21.40 8.31
C LEU F 64 29.49 20.26 7.60
N ALA F 65 29.40 20.22 6.28
CA ALA F 65 30.16 19.26 5.49
C ALA F 65 31.65 19.28 5.85
N GLY F 66 32.22 20.49 5.95
CA GLY F 66 33.63 20.66 6.32
C GLY F 66 33.99 20.12 7.69
N LEU F 67 33.05 20.20 8.63
CA LEU F 67 33.25 19.68 9.98
C LEU F 67 33.50 18.17 9.97
N GLU F 68 33.10 17.48 8.91
CA GLU F 68 33.25 16.03 8.86
C GLU F 68 34.12 15.61 7.67
N ARG F 69 34.91 16.57 7.18
CA ARG F 69 35.69 16.41 5.96
C ARG F 69 34.92 15.66 4.85
N ALA F 70 33.65 16.02 4.68
CA ALA F 70 32.74 15.34 3.78
C ALA F 70 32.32 16.25 2.62
N PRO F 71 31.99 15.67 1.46
CA PRO F 71 31.61 16.51 0.31
C PRO F 71 30.20 17.08 0.34
N PHE F 72 29.30 16.51 1.14
CA PHE F 72 27.90 16.92 1.09
C PHE F 72 27.28 17.16 2.46
N ALA F 73 26.43 18.17 2.54
CA ALA F 73 25.49 18.30 3.65
C ALA F 73 24.17 18.88 3.16
N THR F 74 23.10 18.44 3.77
CA THR F 74 21.80 18.98 3.46
C THR F 74 21.12 19.30 4.78
N VAL F 75 20.69 20.55 4.93
CA VAL F 75 20.00 20.98 6.13
C VAL F 75 18.50 21.08 5.92
N PHE F 76 17.79 21.09 7.05
CA PHE F 76 16.35 20.91 7.08
C PHE F 76 15.70 21.79 8.12
N SER F 77 14.38 21.90 8.01
CA SER F 77 13.52 22.57 8.98
C SER F 77 13.68 22.11 10.43
N SER F 78 14.13 20.86 10.63
CA SER F 78 14.29 20.27 11.97
C SER F 78 15.04 18.95 11.90
N GLY F 79 15.47 18.44 13.05
CA GLY F 79 16.07 17.11 13.10
C GLY F 79 15.14 16.04 12.56
N GLN F 80 13.89 16.08 13.01
CA GLN F 80 12.84 15.16 12.52
C GLN F 80 12.75 15.17 10.99
N ALA F 81 12.82 16.37 10.41
CA ALA F 81 12.73 16.50 8.96
C ALA F 81 13.92 15.81 8.29
N ALA F 82 15.11 16.00 8.86
CA ALA F 82 16.31 15.31 8.39
C ALA F 82 16.11 13.79 8.45
N ALA F 83 15.58 13.31 9.57
CA ALA F 83 15.32 11.89 9.73
C ALA F 83 14.24 11.38 8.78
N ALA F 84 13.15 12.14 8.64
CA ALA F 84 12.06 11.76 7.74
C ALA F 84 12.58 11.59 6.32
N THR F 85 13.47 12.49 5.93
CA THR F 85 14.01 12.47 4.58
C THR F 85 14.82 11.18 4.37
N LEU F 86 15.68 10.86 5.33
CA LEU F 86 16.48 9.65 5.25
C LEU F 86 15.57 8.42 5.21
N LEU F 87 14.56 8.42 6.06
CA LEU F 87 13.64 7.29 6.18
C LEU F 87 12.90 7.02 4.87
N SER F 88 12.53 8.09 4.18
CA SER F 88 11.68 7.98 2.99
C SER F 88 12.34 7.18 1.88
N LEU F 89 13.66 7.06 1.93
CA LEU F 89 14.43 6.37 0.91
C LEU F 89 14.33 4.85 1.05
N VAL F 90 13.87 4.41 2.22
CA VAL F 90 13.62 2.98 2.45
C VAL F 90 12.30 2.58 1.82
N ARG F 91 12.30 1.50 1.05
CA ARG F 91 11.13 1.13 0.25
C ARG F 91 10.24 0.13 0.99
N PRO F 92 8.92 0.22 0.78
CA PRO F 92 7.98 -0.78 1.30
C PRO F 92 8.52 -2.19 1.14
N GLY F 93 8.55 -2.96 2.22
CA GLY F 93 9.05 -4.32 2.15
C GLY F 93 10.56 -4.45 2.31
N GLN F 94 11.27 -3.33 2.44
CA GLN F 94 12.68 -3.38 2.84
C GLN F 94 12.76 -3.27 4.36
N CYS F 95 13.98 -3.31 4.90
CA CYS F 95 14.16 -3.47 6.34
C CYS F 95 15.17 -2.50 6.96
N VAL F 96 14.79 -1.95 8.10
CA VAL F 96 15.65 -1.05 8.85
C VAL F 96 15.85 -1.59 10.27
N VAL F 97 17.04 -1.40 10.80
CA VAL F 97 17.35 -1.73 12.20
C VAL F 97 17.68 -0.47 13.02
N SER F 98 17.03 -0.36 14.19
CA SER F 98 17.26 0.73 15.12
C SER F 98 17.59 0.12 16.46
N THR F 99 17.87 0.95 17.45
CA THR F 99 18.03 0.46 18.80
C THR F 99 16.88 0.93 19.66
N ASP F 100 16.13 -0.03 20.24
CA ASP F 100 14.84 0.25 20.89
C ASP F 100 15.00 1.16 22.11
N ASP F 101 15.94 2.08 22.01
CA ASP F 101 16.07 3.18 22.94
C ASP F 101 16.25 4.50 22.17
N VAL F 102 15.72 4.58 20.95
CA VAL F 102 15.78 5.83 20.19
C VAL F 102 14.84 6.90 20.70
N TYR F 103 15.21 8.14 20.41
CA TYR F 103 14.33 9.30 20.51
C TYR F 103 12.90 8.97 20.04
N ALA F 104 11.93 9.33 20.85
CA ALA F 104 10.54 9.00 20.53
C ALA F 104 10.09 9.65 19.22
N GLY F 105 10.79 10.72 18.81
CA GLY F 105 10.54 11.31 17.51
C GLY F 105 10.95 10.36 16.40
N THR F 106 12.14 9.78 16.52
CA THR F 106 12.60 8.78 15.57
C THR F 106 11.64 7.58 15.53
N ASP F 107 11.12 7.17 16.69
CA ASP F 107 10.16 6.07 16.71
C ASP F 107 8.87 6.41 15.97
N GLY F 108 8.51 7.70 15.96
CA GLY F 108 7.33 8.15 15.24
C GLY F 108 7.43 7.93 13.74
N LEU F 109 8.57 8.31 13.17
CA LEU F 109 8.84 8.09 11.75
C LEU F 109 8.84 6.59 11.40
N PHE F 110 9.43 5.77 12.27
CA PHE F 110 9.44 4.30 12.05
C PHE F 110 8.03 3.72 11.93
N ASP F 111 7.09 4.18 12.75
CA ASP F 111 5.69 3.72 12.65
C ASP F 111 5.14 4.07 11.27
N LEU F 112 5.27 5.34 10.90
CA LEU F 112 4.89 5.82 9.58
C LEU F 112 5.48 4.90 8.48
N ALA F 113 6.74 4.49 8.68
CA ALA F 113 7.39 3.55 7.77
C ALA F 113 6.81 2.12 7.84
N ALA F 114 6.52 1.65 9.05
CA ALA F 114 5.90 0.32 9.24
C ALA F 114 4.58 0.25 8.47
N ARG F 115 3.81 1.32 8.58
CA ARG F 115 2.56 1.46 7.84
C ARG F 115 2.83 1.49 6.34
N GLN F 116 4.05 1.82 5.96
CA GLN F 116 4.38 1.91 4.55
C GLN F 116 4.96 0.61 4.03
N GLY F 117 4.78 -0.47 4.79
CA GLY F 117 5.29 -1.78 4.37
C GLY F 117 6.69 -2.08 4.84
N VAL F 118 7.44 -1.04 5.24
CA VAL F 118 8.81 -1.18 5.72
C VAL F 118 8.85 -2.14 6.91
N ARG F 119 9.93 -2.90 7.01
CA ARG F 119 10.15 -3.75 8.17
C ARG F 119 11.09 -3.11 9.18
N VAL F 120 10.58 -2.81 10.37
CA VAL F 120 11.43 -2.32 11.44
C VAL F 120 11.80 -3.48 12.36
N ARG F 121 13.09 -3.79 12.44
CA ARG F 121 13.59 -4.81 13.34
C ARG F 121 14.44 -4.21 14.44
N TYR F 122 13.98 -4.34 15.67
CA TYR F 122 14.75 -3.91 16.83
C TYR F 122 15.74 -4.98 17.25
N ALA F 123 16.81 -4.53 17.90
CA ALA F 123 17.88 -5.41 18.33
C ALA F 123 18.81 -4.61 19.20
N ASP F 124 19.46 -5.29 20.15
CA ASP F 124 20.52 -4.69 20.94
C ASP F 124 21.71 -4.51 20.03
N LEU F 125 22.40 -3.39 20.19
CA LEU F 125 23.72 -3.22 19.57
C LEU F 125 24.70 -2.70 20.63
N THR F 126 25.26 -3.60 21.45
CA THR F 126 26.22 -3.23 22.50
C THR F 126 27.21 -4.38 22.70
N THR F 127 26.69 -5.59 22.55
CA THR F 127 27.50 -6.78 22.61
C THR F 127 27.33 -7.50 21.27
N PRO F 128 28.40 -8.16 20.79
CA PRO F 128 28.40 -8.82 19.48
C PRO F 128 27.31 -9.87 19.34
N GLU F 129 26.63 -10.19 20.44
CA GLU F 129 25.41 -10.99 20.38
C GLU F 129 24.42 -10.26 19.49
N GLY F 130 23.50 -9.52 20.13
CA GLY F 130 22.38 -8.83 19.49
C GLY F 130 22.64 -8.30 18.08
N ILE F 131 23.84 -7.76 17.89
CA ILE F 131 24.33 -7.38 16.58
C ILE F 131 24.02 -8.48 15.58
N ALA F 132 24.66 -9.62 15.78
CA ALA F 132 24.61 -10.76 14.88
C ALA F 132 23.21 -11.33 14.74
N ALA F 133 22.40 -11.16 15.78
CA ALA F 133 21.02 -11.61 15.71
C ALA F 133 20.25 -10.77 14.68
N ALA F 134 20.56 -9.48 14.62
CA ALA F 134 19.82 -8.54 13.76
C ALA F 134 20.37 -8.46 12.37
N LEU F 135 21.70 -8.49 12.27
CA LEU F 135 22.36 -8.45 10.98
C LEU F 135 22.36 -9.84 10.32
N ALA F 136 21.18 -10.22 9.85
CA ALA F 136 21.00 -11.43 9.04
C ALA F 136 19.64 -11.29 8.38
N GLU F 137 18.95 -10.21 8.75
CA GLU F 137 17.66 -9.85 8.19
C GLU F 137 17.72 -9.66 6.68
N PRO F 138 16.86 -10.39 5.95
CA PRO F 138 16.79 -10.28 4.50
C PRO F 138 16.32 -8.88 4.16
N ASP F 139 16.83 -8.32 3.07
CA ASP F 139 16.42 -6.99 2.61
C ASP F 139 16.78 -5.87 3.58
N LEU F 140 17.88 -6.08 4.31
CA LEU F 140 18.45 -5.06 5.16
C LEU F 140 18.84 -3.86 4.29
N ALA F 141 18.32 -2.68 4.60
CA ALA F 141 18.58 -1.51 3.77
C ALA F 141 19.24 -0.37 4.52
N LEU F 142 18.93 -0.24 5.81
CA LEU F 142 19.40 0.86 6.62
C LEU F 142 19.59 0.44 8.08
N VAL F 143 20.73 0.81 8.67
CA VAL F 143 20.99 0.57 10.08
C VAL F 143 21.10 1.91 10.79
N TRP F 144 20.33 2.09 11.84
CA TRP F 144 20.13 3.39 12.47
C TRP F 144 20.70 3.37 13.88
N ILE F 145 21.70 4.21 14.11
CA ILE F 145 22.45 4.19 15.37
C ILE F 145 22.37 5.49 16.16
N GLU F 146 21.77 5.46 17.33
CA GLU F 146 21.82 6.60 18.20
C GLU F 146 22.83 6.31 19.30
N THR F 147 23.98 7.00 19.26
CA THR F 147 25.05 6.76 20.23
C THR F 147 25.77 8.05 20.62
N PRO F 148 25.90 8.31 21.94
CA PRO F 148 25.32 7.49 23.02
C PRO F 148 23.79 7.54 23.00
N THR F 149 23.14 6.66 23.74
CA THR F 149 21.69 6.68 23.81
C THR F 149 21.20 7.67 24.88
N ASN F 150 19.95 8.08 24.73
CA ASN F 150 19.29 8.91 25.72
C ASN F 150 18.20 8.00 26.25
N PRO F 151 18.03 7.95 27.59
CA PRO F 151 18.81 8.74 28.56
C PRO F 151 19.76 7.90 29.41
N LEU F 152 19.99 6.63 29.09
CA LEU F 152 20.86 5.81 29.94
C LEU F 152 22.34 5.94 29.56
N LEU F 153 22.60 6.59 28.43
CA LEU F 153 23.96 6.94 27.97
C LEU F 153 24.91 5.73 27.73
N THR F 154 24.34 4.62 27.29
CA THR F 154 25.12 3.47 26.86
C THR F 154 25.63 3.79 25.47
N VAL F 155 26.42 2.91 24.87
CA VAL F 155 27.09 3.26 23.62
C VAL F 155 27.15 2.14 22.57
N VAL F 156 26.95 2.50 21.31
CA VAL F 156 27.08 1.55 20.21
C VAL F 156 28.40 1.76 19.49
N ASP F 157 29.07 0.66 19.15
CA ASP F 157 30.33 0.70 18.43
C ASP F 157 30.06 0.88 16.93
N VAL F 158 30.21 2.12 16.46
CA VAL F 158 29.88 2.48 15.07
C VAL F 158 30.70 1.74 14.03
N ALA F 159 32.02 1.70 14.23
CA ALA F 159 32.91 1.04 13.26
C ALA F 159 32.58 -0.43 13.08
N GLU F 160 32.39 -1.14 14.18
CA GLU F 160 32.12 -2.58 14.11
C GLU F 160 30.77 -2.88 13.46
N VAL F 161 29.75 -2.11 13.83
CA VAL F 161 28.42 -2.28 13.26
C VAL F 161 28.41 -1.90 11.79
N SER F 162 29.16 -0.85 11.44
CA SER F 162 29.22 -0.41 10.04
C SER F 162 29.85 -1.45 9.12
N ARG F 163 31.02 -1.96 9.50
CA ARG F 163 31.72 -2.97 8.69
C ARG F 163 30.84 -4.19 8.37
N ARG F 164 30.04 -4.63 9.34
CA ARG F 164 29.17 -5.79 9.14
C ARG F 164 27.94 -5.39 8.33
N ALA F 165 27.34 -4.26 8.68
CA ALA F 165 26.19 -3.77 7.93
C ALA F 165 26.53 -3.62 6.46
N HIS F 166 27.76 -3.18 6.18
CA HIS F 166 28.20 -2.99 4.80
C HIS F 166 28.37 -4.29 4.02
N GLU F 167 28.77 -5.35 4.72
CA GLU F 167 28.86 -6.68 4.11
C GLU F 167 27.49 -7.15 3.67
N ARG F 168 26.46 -6.59 4.28
CA ARG F 168 25.12 -7.07 4.04
C ARG F 168 24.23 -6.10 3.25
N GLY F 169 24.88 -5.16 2.57
CA GLY F 169 24.24 -4.32 1.56
C GLY F 169 23.55 -3.07 2.06
N ALA F 170 23.63 -2.82 3.36
CA ALA F 170 22.85 -1.76 3.99
C ALA F 170 23.54 -0.40 4.02
N ARG F 171 22.77 0.61 4.41
CA ARG F 171 23.29 1.94 4.68
C ARG F 171 23.37 2.08 6.19
N VAL F 172 24.36 2.84 6.66
CA VAL F 172 24.48 3.13 8.09
C VAL F 172 24.31 4.62 8.36
N VAL F 173 23.37 4.97 9.23
CA VAL F 173 23.27 6.34 9.73
C VAL F 173 23.47 6.38 11.23
N VAL F 174 24.26 7.35 11.68
CA VAL F 174 24.40 7.62 13.09
C VAL F 174 23.74 8.96 13.45
N ASP F 175 22.81 8.93 14.40
CA ASP F 175 22.23 10.18 14.91
C ASP F 175 23.25 10.72 15.92
N ASN F 176 24.03 11.69 15.48
CA ASN F 176 25.17 12.18 16.25
C ASN F 176 24.82 13.46 17.00
N THR F 177 23.52 13.68 17.21
CA THR F 177 23.02 14.91 17.83
C THR F 177 23.62 15.16 19.20
N PHE F 178 23.51 14.15 20.06
CA PHE F 178 24.05 14.20 21.41
C PHE F 178 25.50 14.69 21.47
N ALA F 179 26.40 13.98 20.78
CA ALA F 179 27.83 14.29 20.90
C ALA F 179 28.26 15.53 20.11
N SER F 180 27.57 15.82 19.00
CA SER F 180 28.01 16.82 18.01
C SER F 180 29.27 16.33 17.28
N PRO F 181 29.57 16.90 16.09
CA PRO F 181 30.80 16.50 15.39
C PRO F 181 32.09 16.90 16.10
N VAL F 182 31.98 17.73 17.13
CA VAL F 182 33.14 18.08 17.97
C VAL F 182 33.73 16.87 18.64
N LEU F 183 32.89 15.95 19.11
CA LEU F 183 33.34 14.83 19.92
C LEU F 183 33.32 13.45 19.20
N GLN F 184 32.55 13.34 18.13
CA GLN F 184 32.37 12.05 17.45
C GLN F 184 32.23 12.26 15.93
N GLN F 185 32.98 11.49 15.15
CA GLN F 185 32.96 11.61 13.70
C GLN F 185 32.50 10.28 13.07
N PRO F 186 31.18 10.12 12.90
CA PRO F 186 30.57 8.88 12.42
C PRO F 186 31.09 8.47 11.03
N LEU F 187 31.27 9.46 10.16
CA LEU F 187 31.79 9.16 8.83
C LEU F 187 33.20 8.57 8.89
N ALA F 188 34.06 9.15 9.75
CA ALA F 188 35.42 8.62 9.92
C ALA F 188 35.42 7.20 10.49
N LEU F 189 34.41 6.88 11.29
CA LEU F 189 34.27 5.57 11.93
C LEU F 189 33.80 4.46 10.98
N GLY F 190 33.16 4.83 9.87
CA GLY F 190 32.69 3.84 8.92
C GLY F 190 31.24 3.97 8.49
N ALA F 191 30.54 4.95 9.06
CA ALA F 191 29.14 5.18 8.70
C ALA F 191 29.00 5.88 7.35
N ASP F 192 27.77 5.88 6.83
CA ASP F 192 27.49 6.51 5.54
C ASP F 192 26.86 7.89 5.70
N VAL F 193 26.13 8.08 6.80
CA VAL F 193 25.38 9.30 7.05
C VAL F 193 25.51 9.66 8.52
N SER F 194 25.76 10.94 8.80
CA SER F 194 25.58 11.41 10.15
C SER F 194 24.39 12.38 10.18
N LEU F 195 23.48 12.15 11.11
CA LEU F 195 22.27 12.94 11.21
C LEU F 195 22.33 13.79 12.47
N TYR F 196 21.99 15.07 12.33
CA TYR F 196 21.89 15.95 13.48
C TYR F 196 20.56 16.64 13.50
N SER F 197 19.97 16.72 14.68
CA SER F 197 19.18 17.89 14.97
C SER F 197 20.24 18.99 15.16
N THR F 198 20.04 20.15 14.57
CA THR F 198 20.90 21.29 14.86
C THR F 198 20.25 22.19 15.92
N THR F 199 18.98 21.90 16.24
CA THR F 199 18.28 22.58 17.33
C THR F 199 19.09 22.52 18.62
N1 LLP F 200 17.41 13.08 17.42
C2 LLP F 200 17.96 13.47 18.57
C2' LLP F 200 19.06 12.62 19.25
C3 LLP F 200 17.51 14.66 19.18
O3 LLP F 200 18.11 15.06 20.38
C4 LLP F 200 16.51 15.42 18.58
C4' LLP F 200 16.03 16.78 19.28
C5 LLP F 200 15.95 15.01 17.41
C6 LLP F 200 16.39 13.83 16.80
C5' LLP F 200 14.81 15.83 16.69
OP4 LLP F 200 15.23 17.11 16.29
P LLP F 200 14.21 18.28 16.25
OP1 LLP F 200 15.02 19.54 15.95
OP2 LLP F 200 13.23 18.04 15.15
OP3 LLP F 200 13.48 18.37 17.53
N LLP F 200 19.91 21.48 18.77
CA LLP F 200 20.52 21.18 20.07
CB LLP F 200 20.67 19.68 20.22
CG LLP F 200 19.34 18.91 19.97
CD LLP F 200 18.13 19.58 20.64
CE LLP F 200 16.86 18.72 20.46
NZ LLP F 200 17.15 17.64 19.48
C LLP F 200 21.82 21.91 20.25
O LLP F 200 21.84 23.13 20.37
N SER F 201 22.93 21.19 20.28
CA SER F 201 24.19 21.87 20.59
C SER F 201 24.81 22.62 19.40
N ILE F 202 24.46 22.24 18.17
CA ILE F 202 25.08 22.88 17.01
C ILE F 202 24.70 24.37 16.93
N ALA F 203 23.40 24.67 16.85
CA ALA F 203 22.96 26.06 16.95
C ALA F 203 23.30 26.54 18.36
N GLY F 204 22.93 25.74 19.35
CA GLY F 204 23.47 25.88 20.70
C GLY F 204 22.91 26.95 21.61
N HIS F 205 21.94 27.73 21.15
CA HIS F 205 21.42 28.82 21.98
C HIS F 205 19.90 28.78 22.18
N ALA F 206 19.30 27.63 21.89
CA ALA F 206 17.88 27.40 22.14
C ALA F 206 16.98 28.44 21.49
N ASP F 207 17.38 28.95 20.32
CA ASP F 207 16.58 30.00 19.67
C ASP F 207 16.23 29.74 18.19
N VAL F 208 16.36 28.47 17.77
CA VAL F 208 15.99 28.07 16.41
C VAL F 208 15.92 26.55 16.25
N LEU F 209 14.94 26.06 15.49
CA LEU F 209 14.90 24.64 15.13
C LEU F 209 15.75 24.39 13.89
N GLY F 210 16.32 23.19 13.77
CA GLY F 210 17.00 22.82 12.54
C GLY F 210 17.47 21.37 12.50
N GLY F 211 17.77 20.87 11.30
CA GLY F 211 18.25 19.52 11.11
C GLY F 211 19.32 19.46 10.04
N ALA F 212 20.08 18.37 9.99
CA ALA F 212 21.13 18.20 8.99
C ALA F 212 21.46 16.75 8.73
N LEU F 213 21.81 16.45 7.48
CA LEU F 213 22.41 15.19 7.12
C LEU F 213 23.75 15.54 6.49
N VAL F 214 24.79 14.78 6.83
CA VAL F 214 26.13 14.98 6.30
C VAL F 214 26.60 13.61 5.81
N TYR F 215 27.16 13.55 4.61
CA TYR F 215 27.37 12.27 3.92
C TYR F 215 28.32 12.44 2.71
N ARG F 216 28.66 11.32 2.06
CA ARG F 216 29.62 11.30 0.95
C ARG F 216 29.04 10.91 -0.38
N ASP F 217 27.96 10.16 -0.33
CA ASP F 217 27.45 9.49 -1.52
C ASP F 217 26.66 10.45 -2.42
N ALA F 218 27.08 10.56 -3.69
CA ALA F 218 26.46 11.49 -4.63
C ALA F 218 25.05 11.09 -5.03
N ASP F 219 24.80 9.78 -5.16
CA ASP F 219 23.46 9.33 -5.49
C ASP F 219 22.52 9.52 -4.29
N LEU F 220 23.05 9.41 -3.08
CA LEU F 220 22.28 9.73 -1.88
C LEU F 220 21.96 11.24 -1.85
N HIS F 221 22.97 12.05 -2.19
CA HIS F 221 22.82 13.50 -2.29
C HIS F 221 21.69 13.90 -3.22
N ALA F 222 21.66 13.31 -4.41
CA ALA F 222 20.62 13.58 -5.40
C ALA F 222 19.23 13.27 -4.84
N ALA F 223 19.08 12.09 -4.24
CA ALA F 223 17.80 11.66 -3.71
C ALA F 223 17.37 12.53 -2.53
N VAL F 224 18.31 12.83 -1.63
CA VAL F 224 18.02 13.70 -0.49
C VAL F 224 17.55 15.10 -0.94
N ARG F 225 18.26 15.70 -1.88
CA ARG F 225 17.90 17.05 -2.35
C ARG F 225 16.58 17.05 -3.10
N ALA F 226 16.35 16.04 -3.93
CA ALA F 226 15.07 15.92 -4.62
C ALA F 226 13.92 15.79 -3.61
N TYR F 227 14.12 14.98 -2.57
CA TYR F 227 13.08 14.86 -1.54
C TYR F 227 12.79 16.18 -0.82
N ARG F 228 13.85 16.91 -0.48
CA ARG F 228 13.68 18.13 0.30
C ARG F 228 12.91 19.16 -0.50
N THR F 229 13.21 19.21 -1.80
CA THR F 229 12.58 20.16 -2.71
C THR F 229 11.08 19.83 -2.87
N THR F 230 10.77 18.55 -2.92
CA THR F 230 9.41 18.13 -3.20
C THR F 230 8.55 18.15 -1.93
N ALA F 231 9.12 17.68 -0.83
CA ALA F 231 8.46 17.69 0.47
C ALA F 231 8.46 19.10 1.09
N GLY F 232 9.45 19.90 0.73
CA GLY F 232 9.50 21.29 1.17
C GLY F 232 9.80 21.45 2.64
N ASN F 233 10.58 20.52 3.20
CA ASN F 233 10.92 20.61 4.61
C ASN F 233 12.25 21.35 4.78
N VAL F 234 12.37 22.51 4.14
CA VAL F 234 13.64 23.24 4.14
C VAL F 234 13.56 24.39 5.14
N PRO F 235 14.71 24.79 5.72
CA PRO F 235 14.71 25.86 6.73
C PRO F 235 14.67 27.24 6.10
N GLY F 236 14.34 28.25 6.90
CA GLY F 236 14.40 29.62 6.42
C GLY F 236 15.82 30.17 6.49
N ALA F 237 16.06 31.25 5.76
CA ALA F 237 17.39 31.86 5.72
C ALA F 237 17.80 32.51 7.06
N LEU F 238 16.85 33.13 7.75
CA LEU F 238 17.11 33.70 9.09
C LEU F 238 17.30 32.61 10.14
N ASP F 239 16.73 31.45 9.92
CA ASP F 239 17.02 30.31 10.77
C ASP F 239 18.42 29.77 10.47
N CYS F 240 18.76 29.66 9.20
CA CYS F 240 20.11 29.17 8.84
C CYS F 240 21.19 30.10 9.38
N PHE F 241 20.95 31.40 9.30
CA PHE F 241 21.89 32.38 9.84
C PHE F 241 22.11 32.20 11.35
N LEU F 242 21.05 31.93 12.10
CA LEU F 242 21.18 31.69 13.55
C LEU F 242 21.91 30.39 13.86
N VAL F 243 21.66 29.34 13.07
CA VAL F 243 22.37 28.09 13.25
C VAL F 243 23.85 28.32 12.96
N ARG F 244 24.13 29.04 11.86
CA ARG F 244 25.50 29.30 11.43
C ARG F 244 26.22 30.21 12.44
N ARG F 245 25.46 31.13 13.03
CA ARG F 245 26.06 32.06 13.99
C ARG F 245 26.41 31.31 15.27
N GLY F 246 25.57 30.35 15.66
CA GLY F 246 25.85 29.52 16.83
C GLY F 246 27.03 28.58 16.64
N LEU F 247 27.19 28.05 15.43
CA LEU F 247 28.24 27.09 15.11
C LEU F 247 29.63 27.56 15.51
N HIS F 248 29.90 28.85 15.29
CA HIS F 248 31.22 29.44 15.55
C HIS F 248 31.78 29.01 16.90
N THR F 249 30.94 29.05 17.93
CA THR F 249 31.39 28.77 19.28
C THR F 249 31.14 27.32 19.71
N LEU F 250 30.79 26.45 18.77
CA LEU F 250 30.54 25.05 19.10
C LEU F 250 31.67 24.32 19.87
N SER F 251 32.93 24.47 19.45
CA SER F 251 34.00 23.80 20.19
C SER F 251 34.18 24.38 21.58
N LEU F 252 34.16 25.71 21.68
CA LEU F 252 34.26 26.37 22.98
C LEU F 252 33.13 25.91 23.91
N ARG F 253 31.91 25.94 23.40
CA ARG F 253 30.75 25.54 24.22
C ARG F 253 30.81 24.08 24.65
N VAL F 254 31.06 23.17 23.72
CA VAL F 254 31.07 21.75 24.04
C VAL F 254 32.15 21.44 25.08
N HIS F 255 33.33 22.02 24.95
CA HIS F 255 34.38 21.79 25.96
C HIS F 255 34.05 22.30 27.37
N ARG F 256 33.42 23.46 27.45
CA ARG F 256 32.94 23.97 28.74
C ARG F 256 31.88 23.01 29.30
N GLN F 257 31.02 22.55 28.41
CA GLN F 257 29.97 21.61 28.77
C GLN F 257 30.54 20.29 29.35
N VAL F 258 31.53 19.71 28.68
CA VAL F 258 32.16 18.46 29.15
C VAL F 258 32.84 18.65 30.51
N ALA F 259 33.58 19.75 30.65
CA ALA F 259 34.29 20.01 31.89
C ALA F 259 33.32 20.04 33.08
N THR F 260 32.23 20.78 32.92
CA THR F 260 31.27 20.94 34.00
C THR F 260 30.54 19.63 34.31
N ALA F 261 30.21 18.87 33.26
CA ALA F 261 29.59 17.56 33.44
C ALA F 261 30.43 16.65 34.33
N ARG F 262 31.75 16.64 34.09
CA ARG F 262 32.68 15.85 34.90
C ARG F 262 32.64 16.28 36.38
N VAL F 263 32.64 17.59 36.62
CA VAL F 263 32.46 18.12 37.97
C VAL F 263 31.14 17.66 38.58
N LEU F 264 30.06 17.75 37.81
CA LEU F 264 28.75 17.35 38.32
C LEU F 264 28.67 15.84 38.64
N VAL F 265 29.35 15.03 37.84
CA VAL F 265 29.42 13.60 38.08
C VAL F 265 30.12 13.28 39.42
N GLU F 266 31.24 13.94 39.68
CA GLU F 266 31.97 13.77 40.94
C GLU F 266 31.06 14.18 42.11
N ARG F 267 30.29 15.25 41.93
CA ARG F 267 29.37 15.67 43.00
C ARG F 267 28.21 14.68 43.22
N LEU F 268 27.64 14.15 42.14
CA LEU F 268 26.56 13.17 42.24
C LEU F 268 27.00 11.91 42.97
N ARG F 269 28.18 11.41 42.62
CA ARG F 269 28.71 10.19 43.20
C ARG F 269 28.82 10.28 44.72
N ALA F 270 28.95 11.50 45.23
CA ALA F 270 29.12 11.74 46.66
C ALA F 270 27.80 11.89 47.42
N SER F 271 26.72 12.16 46.71
CA SER F 271 25.42 12.36 47.37
C SER F 271 24.76 11.05 47.80
N PRO F 272 24.37 10.97 49.08
CA PRO F 272 23.74 9.72 49.57
C PRO F 272 22.31 9.50 49.03
N VAL F 273 21.74 10.47 48.33
CA VAL F 273 20.42 10.28 47.75
C VAL F 273 20.50 10.03 46.25
N VAL F 274 21.69 9.63 45.80
CA VAL F 274 21.91 9.28 44.41
C VAL F 274 22.32 7.81 44.33
N GLY F 275 21.73 7.07 43.38
CA GLY F 275 22.09 5.68 43.18
C GLY F 275 23.03 5.55 41.99
N ALA F 276 22.60 4.79 40.99
CA ALA F 276 23.34 4.68 39.73
C ALA F 276 23.61 6.06 39.15
N VAL F 277 24.80 6.23 38.60
CA VAL F 277 25.12 7.42 37.83
C VAL F 277 25.55 6.97 36.44
N HIS F 278 24.97 7.56 35.42
CA HIS F 278 25.27 7.17 34.04
C HIS F 278 26.04 8.25 33.31
N TYR F 279 27.29 7.95 32.95
CA TYR F 279 28.13 8.90 32.22
C TYR F 279 29.16 8.13 31.41
N PRO F 280 29.23 8.42 30.10
CA PRO F 280 30.18 7.70 29.22
C PRO F 280 31.63 7.87 29.66
N GLY F 281 31.92 8.84 30.52
CA GLY F 281 33.28 9.05 30.99
C GLY F 281 33.59 8.41 32.34
N LEU F 282 32.65 7.62 32.87
CA LEU F 282 32.89 6.88 34.11
C LEU F 282 33.80 5.72 33.76
N PRO F 283 34.90 5.54 34.52
CA PRO F 283 35.79 4.44 34.16
C PRO F 283 35.03 3.12 34.24
N GLU F 284 34.02 3.08 35.11
CA GLU F 284 33.00 2.04 34.98
C GLU F 284 31.93 2.54 34.02
N HIS F 285 32.06 2.17 32.76
CA HIS F 285 30.95 2.26 31.83
C HIS F 285 30.89 0.93 31.10
N PRO F 286 29.67 0.36 30.96
CA PRO F 286 29.57 -0.97 30.32
C PRO F 286 30.14 -0.99 28.89
N GLN F 287 30.30 0.17 28.25
CA GLN F 287 30.97 0.24 26.96
C GLN F 287 32.13 1.26 26.92
N HIS F 288 32.87 1.37 28.03
CA HIS F 288 33.88 2.41 28.14
C HIS F 288 35.06 2.37 27.14
N ALA F 289 35.54 1.19 26.80
CA ALA F 289 36.59 1.07 25.79
C ALA F 289 36.10 1.60 24.45
N VAL F 290 34.80 1.42 24.18
CA VAL F 290 34.21 1.91 22.94
C VAL F 290 34.08 3.44 22.97
N VAL F 291 33.53 3.98 24.05
CA VAL F 291 33.41 5.43 24.22
C VAL F 291 34.74 6.12 23.94
N LYS F 292 35.78 5.63 24.61
CA LYS F 292 37.10 6.23 24.52
C LYS F 292 37.67 6.15 23.11
N ALA F 293 37.42 5.03 22.43
CA ALA F 293 37.90 4.84 21.07
C ALA F 293 37.21 5.75 20.07
N GLN F 294 35.91 6.00 20.28
CA GLN F 294 35.14 6.73 19.27
C GLN F 294 34.69 8.14 19.68
N MSE F 295 34.76 8.46 20.97
CA MSE F 295 34.48 9.82 21.44
C MSE F 295 35.75 10.48 22.00
O MSE F 295 36.41 9.92 22.87
CB MSE F 295 33.39 9.81 22.50
CG MSE F 295 32.08 9.22 22.02
SE MSE F 295 30.85 8.97 23.49
CE MSE F 295 30.51 10.81 23.98
N SER F 296 36.09 11.67 21.50
CA SER F 296 37.33 12.32 21.94
C SER F 296 37.19 12.89 23.35
N ALA F 297 35.97 13.13 23.76
CA ALA F 297 35.64 13.56 25.12
C ALA F 297 34.29 12.97 25.51
N PRO F 298 34.06 12.78 26.81
CA PRO F 298 32.92 11.99 27.30
C PRO F 298 31.53 12.61 27.11
N GLY F 299 31.44 13.87 26.72
CA GLY F 299 30.13 14.45 26.46
C GLY F 299 29.56 15.20 27.64
N ALA F 300 28.39 15.82 27.48
CA ALA F 300 27.89 16.70 28.53
C ALA F 300 26.42 16.48 28.93
N ILE F 301 25.94 15.27 28.73
CA ILE F 301 24.65 14.90 29.28
C ILE F 301 24.89 13.81 30.33
N VAL F 302 24.20 13.90 31.47
CA VAL F 302 24.42 13.01 32.60
C VAL F 302 23.07 12.56 33.14
N SER F 303 22.95 11.30 33.51
CA SER F 303 21.73 10.87 34.15
C SER F 303 22.07 10.07 35.40
N PHE F 304 21.14 10.06 36.34
CA PHE F 304 21.39 9.38 37.61
C PHE F 304 20.08 8.98 38.25
N ASP F 305 20.11 7.92 39.05
CA ASP F 305 18.97 7.54 39.86
C ASP F 305 18.91 8.41 41.11
N TYR F 306 17.81 9.12 41.28
CA TYR F 306 17.59 9.87 42.49
C TYR F 306 16.81 9.00 43.47
N LEU F 307 17.25 8.98 44.72
CA LEU F 307 16.70 8.08 45.74
C LEU F 307 15.88 8.83 46.78
N GLY F 308 15.65 10.12 46.55
CA GLY F 308 14.97 10.93 47.53
C GLY F 308 13.46 10.88 47.46
N GLY F 309 12.95 10.06 46.56
CA GLY F 309 11.51 9.94 46.36
C GLY F 309 11.09 10.63 45.08
N PRO F 310 9.99 11.38 45.12
CA PRO F 310 9.37 11.97 43.93
C PRO F 310 10.31 12.88 43.16
N ALA F 311 10.52 12.56 41.90
CA ALA F 311 11.38 13.34 41.03
C ALA F 311 10.82 14.74 40.90
N GLU F 312 9.50 14.81 40.83
CA GLU F 312 8.81 16.08 40.65
C GLU F 312 9.19 17.07 41.74
N ARG F 313 9.39 16.58 42.96
CA ARG F 313 9.79 17.45 44.05
C ARG F 313 11.23 17.91 43.96
N LEU F 314 12.13 17.02 43.54
CA LEU F 314 13.50 17.39 43.27
C LEU F 314 13.55 18.48 42.18
N LEU F 315 12.85 18.25 41.08
CA LEU F 315 12.78 19.20 39.97
C LEU F 315 12.49 20.63 40.45
N ASP F 316 11.49 20.75 41.31
CA ASP F 316 11.06 22.02 41.90
C ASP F 316 12.17 22.79 42.62
N ARG F 317 13.18 22.09 43.12
CA ARG F 317 14.18 22.70 44.01
C ARG F 317 15.30 23.46 43.28
N PHE F 318 15.50 23.17 42.00
CA PHE F 318 16.55 23.84 41.24
C PHE F 318 16.25 25.34 41.16
N THR F 319 17.28 26.17 41.28
CA THR F 319 17.11 27.61 41.10
C THR F 319 17.91 28.10 39.88
N LEU F 320 18.78 27.25 39.36
CA LEU F 320 19.61 27.64 38.24
C LEU F 320 19.36 26.76 37.02
N PHE F 321 19.40 25.44 37.21
CA PHE F 321 18.98 24.52 36.15
C PHE F 321 17.56 24.88 35.70
N THR F 322 17.29 24.75 34.41
CA THR F 322 15.95 24.96 33.87
C THR F 322 15.21 23.64 33.78
N CYS F 323 13.99 23.57 34.28
CA CYS F 323 13.17 22.39 34.11
C CYS F 323 12.52 22.37 32.73
N GLY F 324 12.92 21.46 31.86
CA GLY F 324 12.33 21.40 30.54
C GLY F 324 13.08 20.48 29.61
N VAL F 325 12.56 20.28 28.40
CA VAL F 325 13.20 19.37 27.45
C VAL F 325 14.19 20.11 26.54
N SER F 326 14.60 19.44 25.48
CA SER F 326 15.77 19.76 24.65
C SER F 326 17.06 19.43 25.41
N LEU F 327 18.18 19.60 24.71
CA LEU F 327 19.51 19.43 25.27
C LEU F 327 20.42 20.37 24.52
N GLY F 328 21.69 20.41 24.92
CA GLY F 328 22.73 20.97 24.06
C GLY F 328 23.11 22.42 24.27
N GLY F 329 22.17 23.25 24.71
CA GLY F 329 22.35 24.69 24.71
C GLY F 329 23.28 25.33 25.73
N VAL F 330 23.20 26.66 25.82
CA VAL F 330 23.98 27.41 26.81
C VAL F 330 23.35 27.35 28.20
N HIS F 331 22.03 27.28 28.26
CA HIS F 331 21.31 27.15 29.53
C HIS F 331 21.27 25.68 29.93
N SER F 332 21.70 25.37 31.15
CA SER F 332 21.60 24.02 31.68
C SER F 332 20.14 23.58 31.90
N LEU F 333 19.82 22.34 31.57
CA LEU F 333 18.46 21.82 31.71
C LEU F 333 18.37 20.54 32.55
N VAL F 334 17.24 20.36 33.23
CA VAL F 334 16.97 19.15 33.98
C VAL F 334 15.53 18.66 33.72
N GLU F 335 15.37 17.34 33.61
CA GLU F 335 14.05 16.75 33.42
C GLU F 335 13.96 15.37 34.06
N CYS F 336 12.73 14.89 34.22
CA CYS F 336 12.52 13.51 34.60
C CYS F 336 11.86 12.84 33.41
N PRO F 337 12.58 11.92 32.76
CA PRO F 337 12.04 11.11 31.66
C PRO F 337 10.67 10.47 31.98
N ALA F 338 10.48 9.92 33.18
CA ALA F 338 9.22 9.24 33.50
C ALA F 338 8.08 10.23 33.69
N LEU F 339 8.41 11.48 34.01
CA LEU F 339 7.39 12.52 34.05
C LEU F 339 7.30 13.25 32.72
N MSE F 340 8.36 13.14 31.90
CA MSE F 340 8.47 14.04 30.76
C MSE F 340 8.81 13.34 29.41
O MSE F 340 7.96 12.60 28.92
CB MSE F 340 9.36 15.25 31.10
CG MSE F 340 8.65 16.19 32.09
SE MSE F 340 9.76 17.43 33.13
CE MSE F 340 10.59 18.28 31.54
N THR F 341 9.98 13.55 28.82
CA THR F 341 10.32 12.95 27.52
C THR F 341 9.67 11.59 27.29
N HIS F 342 9.94 10.65 28.19
CA HIS F 342 9.46 9.28 28.05
C HIS F 342 8.08 9.08 28.70
N ARG F 343 7.33 10.17 28.80
CA ARG F 343 5.98 10.13 29.38
C ARG F 343 4.95 9.29 28.59
N PRO F 344 4.92 9.41 27.24
CA PRO F 344 3.86 8.64 26.56
C PRO F 344 4.05 7.10 26.62
N LEU F 345 5.16 6.64 27.20
CA LEU F 345 5.38 5.22 27.43
C LEU F 345 4.43 4.75 28.51
N SER F 346 3.97 3.51 28.41
CA SER F 346 3.24 2.90 29.51
C SER F 346 4.25 2.64 30.61
N ALA F 347 3.79 2.57 31.85
CA ALA F 347 4.70 2.38 32.97
C ALA F 347 5.40 1.02 32.91
N GLU F 348 4.63 -0.02 32.61
CA GLU F 348 5.14 -1.39 32.53
C GLU F 348 6.23 -1.54 31.46
N ALA F 349 6.00 -0.93 30.30
CA ALA F 349 6.98 -0.94 29.22
C ALA F 349 8.22 -0.16 29.59
N ARG F 350 8.06 0.77 30.53
CA ARG F 350 9.14 1.66 30.89
C ARG F 350 10.14 0.96 31.80
N ALA F 351 9.65 -0.05 32.51
CA ALA F 351 10.54 -0.93 33.26
C ALA F 351 11.37 -1.71 32.25
N ARG F 352 10.69 -2.24 31.23
CA ARG F 352 11.33 -3.05 30.19
C ARG F 352 12.46 -2.32 29.47
N ARG F 353 12.42 -0.99 29.48
CA ARG F 353 13.52 -0.20 28.95
C ARG F 353 14.58 0.08 30.02
N GLY F 354 14.13 0.19 31.27
CA GLY F 354 15.03 0.43 32.39
C GLY F 354 15.03 1.86 32.87
N ILE F 355 14.35 2.72 32.14
CA ILE F 355 14.19 4.11 32.56
C ILE F 355 13.30 4.19 33.81
N GLY F 356 13.90 4.46 34.95
CA GLY F 356 13.19 4.48 36.23
C GLY F 356 12.32 5.72 36.43
N GLU F 357 11.27 5.55 37.25
CA GLU F 357 10.37 6.65 37.58
C GLU F 357 11.13 7.79 38.29
N SER F 358 12.11 7.42 39.09
CA SER F 358 12.89 8.44 39.78
C SER F 358 14.24 8.72 39.11
N LEU F 359 14.35 8.37 37.84
CA LEU F 359 15.55 8.70 37.08
C LEU F 359 15.55 10.18 36.64
N ILE F 360 16.73 10.80 36.68
CA ILE F 360 16.89 12.22 36.35
C ILE F 360 17.92 12.39 35.24
N ARG F 361 17.64 13.28 34.28
CA ARG F 361 18.61 13.59 33.22
C ARG F 361 19.08 15.04 33.26
N LEU F 362 20.39 15.23 33.21
CA LEU F 362 21.00 16.56 33.17
C LEU F 362 21.61 16.82 31.81
N SER F 363 21.29 17.96 31.20
CA SER F 363 22.05 18.44 30.06
C SER F 363 22.78 19.70 30.51
N VAL F 364 24.09 19.72 30.32
CA VAL F 364 24.92 20.74 30.93
C VAL F 364 25.12 21.91 29.99
N GLY F 365 24.87 23.13 30.47
CA GLY F 365 25.15 24.33 29.71
C GLY F 365 26.53 24.93 30.02
N ILE F 366 26.68 26.22 29.77
CA ILE F 366 27.98 26.86 29.93
C ILE F 366 28.06 27.81 31.15
N GLU F 367 27.13 27.67 32.09
CA GLU F 367 27.21 28.36 33.38
C GLU F 367 28.52 28.00 34.11
N ASP F 368 28.90 28.82 35.07
CA ASP F 368 30.06 28.56 35.92
C ASP F 368 29.81 27.23 36.67
N PRO F 369 30.76 26.28 36.58
CA PRO F 369 30.56 24.95 37.16
C PRO F 369 30.22 24.92 38.66
N GLN F 370 30.78 25.84 39.44
CA GLN F 370 30.48 25.84 40.87
C GLN F 370 29.07 26.36 41.16
N ASP F 371 28.51 27.17 40.28
CA ASP F 371 27.12 27.58 40.47
C ASP F 371 26.22 26.36 40.24
N LEU F 372 26.47 25.65 39.14
CA LEU F 372 25.69 24.45 38.81
C LEU F 372 25.82 23.37 39.88
N ALA F 373 27.05 23.09 40.33
CA ALA F 373 27.26 22.08 41.38
C ALA F 373 26.48 22.42 42.65
N GLU F 374 26.55 23.67 43.08
CA GLU F 374 25.85 24.09 44.29
C GLU F 374 24.31 23.99 44.13
N ASP F 375 23.80 24.42 42.98
CA ASP F 375 22.35 24.31 42.71
C ASP F 375 21.94 22.84 42.77
N LEU F 376 22.70 21.98 42.10
CA LEU F 376 22.45 20.54 42.14
C LEU F 376 22.47 20.02 43.59
N SER F 377 23.47 20.44 44.36
CA SER F 377 23.63 19.98 45.74
C SER F 377 22.53 20.44 46.67
N ARG F 378 22.02 21.64 46.43
CA ARG F 378 20.91 22.17 47.21
C ARG F 378 19.62 21.41 46.88
N ALA F 379 19.39 21.14 45.60
CA ALA F 379 18.21 20.38 45.20
C ALA F 379 18.23 18.98 45.81
N LEU F 380 19.41 18.35 45.79
CA LEU F 380 19.55 17.01 46.32
C LEU F 380 19.40 16.98 47.85
N ALA F 381 20.09 17.92 48.51
CA ALA F 381 20.30 17.93 49.97
C ALA F 381 19.17 17.33 50.81
N GLY F 382 18.27 18.17 51.31
CA GLY F 382 17.12 17.63 51.99
C GLY F 382 16.62 18.46 53.17
N GLY G 6 24.72 29.82 43.56
CA GLY G 6 23.71 30.66 42.92
C GLY G 6 24.12 31.37 41.63
N MSE G 7 24.75 32.53 41.77
CA MSE G 7 25.22 33.31 40.61
C MSE G 7 26.67 33.86 40.74
O MSE G 7 27.06 34.34 41.80
CB MSE G 7 24.22 34.43 40.30
CG MSE G 7 22.91 33.96 39.69
SE MSE G 7 21.44 33.25 40.74
CE MSE G 7 19.82 33.95 40.01
N ARG G 8 27.43 33.75 39.63
CA ARG G 8 28.84 34.20 39.50
C ARG G 8 29.01 34.65 38.02
N PHE G 9 30.16 35.21 37.64
CA PHE G 9 30.30 35.90 36.33
C PHE G 9 29.95 35.10 35.03
N GLY G 10 30.43 33.86 34.93
CA GLY G 10 30.13 33.00 33.79
C GLY G 10 28.71 32.43 33.76
N THR G 11 27.98 32.60 34.85
CA THR G 11 26.57 32.26 34.86
C THR G 11 25.74 33.49 34.52
N ARG G 12 26.28 34.65 34.88
CA ARG G 12 25.64 35.93 34.58
C ARG G 12 25.62 36.24 33.10
N LEU G 13 26.58 35.70 32.36
CA LEU G 13 26.56 35.84 30.90
C LEU G 13 25.33 35.15 30.32
N VAL G 14 24.88 34.09 30.98
CA VAL G 14 23.78 33.30 30.45
C VAL G 14 22.42 33.77 30.99
N HIS G 15 22.39 34.07 32.28
CA HIS G 15 21.14 34.29 32.99
C HIS G 15 20.85 35.72 33.42
N GLY G 16 21.84 36.60 33.33
CA GLY G 16 21.60 38.01 33.63
C GLY G 16 20.49 38.57 32.76
N GLY G 17 19.50 39.19 33.39
CA GLY G 17 18.35 39.72 32.67
C GLY G 17 17.42 38.65 32.09
N ARG G 18 17.53 37.42 32.60
CA ARG G 18 16.62 36.32 32.21
C ARG G 18 15.68 36.11 33.39
N ARG G 19 14.39 35.93 33.11
CA ARG G 19 13.36 35.93 34.17
C ARG G 19 12.32 34.81 33.92
N PRO G 20 11.43 34.55 34.91
CA PRO G 20 10.37 33.57 34.65
C PRO G 20 9.35 34.08 33.66
N SER G 21 9.19 33.39 32.53
CA SER G 21 8.31 33.84 31.43
C SER G 21 6.82 33.72 31.77
N ALA G 22 6.11 34.82 31.57
CA ALA G 22 4.70 34.86 31.91
C ALA G 22 3.80 34.46 30.74
N GLY G 23 2.81 33.64 31.06
CA GLY G 23 1.89 33.14 30.08
C GLY G 23 2.40 31.91 29.37
N THR G 24 3.72 31.82 29.12
CA THR G 24 4.24 30.71 28.30
C THR G 24 5.43 29.91 28.84
N GLY G 25 6.44 30.58 29.39
CA GLY G 25 7.57 29.87 29.96
C GLY G 25 8.82 29.82 29.10
N ASP G 26 8.88 30.65 28.06
CA ASP G 26 10.06 30.76 27.19
C ASP G 26 11.35 30.89 27.99
N VAL G 27 12.31 30.02 27.67
CA VAL G 27 13.63 30.09 28.29
C VAL G 27 14.39 31.30 27.74
N VAL G 28 14.44 31.39 26.41
CA VAL G 28 14.97 32.57 25.76
C VAL G 28 13.87 33.63 25.66
N PRO G 29 14.12 34.83 26.21
CA PRO G 29 13.01 35.81 26.21
C PRO G 29 12.60 36.18 24.79
N PRO G 30 11.30 36.41 24.57
CA PRO G 30 10.87 36.79 23.22
C PRO G 30 11.42 38.15 22.79
N ILE G 31 11.50 38.37 21.49
CA ILE G 31 12.05 39.61 20.94
C ILE G 31 10.94 40.67 20.86
N HIS G 32 11.05 41.73 21.66
CA HIS G 32 10.04 42.78 21.69
C HIS G 32 10.28 43.83 20.61
N VAL G 33 9.72 43.64 19.44
CA VAL G 33 9.90 44.61 18.35
C VAL G 33 8.88 45.75 18.37
N SER G 34 7.83 45.66 19.17
CA SER G 34 6.77 46.66 19.11
C SER G 34 7.25 48.08 19.46
N THR G 35 6.87 49.06 18.64
CA THR G 35 7.21 50.46 18.89
C THR G 35 6.31 51.05 19.96
N THR G 36 5.09 50.55 20.05
CA THR G 36 4.15 51.21 20.93
C THR G 36 3.34 50.24 21.79
N TYR G 37 2.67 50.77 22.80
CA TYR G 37 2.08 49.95 23.85
C TYR G 37 0.70 50.44 24.26
N GLU G 38 -0.21 49.48 24.41
CA GLU G 38 -1.55 49.75 24.87
C GLU G 38 -1.48 50.17 26.34
N ARG G 39 -2.04 51.33 26.66
CA ARG G 39 -1.99 51.82 28.04
C ARG G 39 -2.95 51.06 28.95
N ARG G 40 -3.99 50.47 28.37
CA ARG G 40 -5.00 49.78 29.18
C ARG G 40 -4.62 48.29 29.39
N ALA G 41 -3.51 47.87 28.79
CA ALA G 41 -3.11 46.46 28.86
C ALA G 41 -2.07 46.19 29.94
N GLN G 42 -1.63 47.26 30.60
CA GLN G 42 -0.63 47.10 31.64
C GLN G 42 -1.23 47.35 32.98
N ASP G 43 -0.98 46.44 33.91
CA ASP G 43 -1.57 46.57 35.23
C ASP G 43 -0.81 47.63 36.03
N GLU G 44 0.12 48.30 35.34
CA GLU G 44 0.88 49.40 35.89
C GLU G 44 1.50 50.23 34.77
N PRO G 45 1.26 51.56 34.79
CA PRO G 45 1.75 52.46 33.74
C PRO G 45 3.28 52.41 33.62
N ARG G 46 3.81 51.73 32.60
CA ARG G 46 5.27 51.58 32.49
C ARG G 46 5.83 51.56 31.06
N TYR G 47 5.19 50.84 30.15
CA TYR G 47 5.64 50.82 28.76
C TYR G 47 4.78 51.73 27.89
N PHE G 48 5.42 52.71 27.26
CA PHE G 48 4.69 53.66 26.43
C PHE G 48 5.18 53.65 24.97
N TYR G 49 6.45 53.98 24.76
CA TYR G 49 6.98 54.16 23.42
C TYR G 49 8.39 53.59 23.32
N GLY G 50 8.66 52.88 22.21
CA GLY G 50 9.91 52.16 22.05
C GLY G 50 11.19 52.96 22.21
N ARG G 51 11.20 54.23 21.80
CA ARG G 51 12.41 55.04 22.00
C ARG G 51 12.74 55.12 23.49
N GLY G 52 11.71 55.20 24.32
CA GLY G 52 11.89 55.30 25.76
C GLY G 52 12.04 53.98 26.50
N GLU G 53 11.19 53.01 26.16
CA GLU G 53 11.08 51.77 26.94
C GLU G 53 11.05 50.54 26.02
N ASN G 54 11.76 49.47 26.40
CA ASN G 54 11.77 48.22 25.64
C ASN G 54 12.32 47.07 26.50
N PRO G 55 11.50 46.03 26.69
CA PRO G 55 11.90 44.89 27.54
C PRO G 55 13.15 44.17 27.05
N THR G 56 13.29 43.99 25.74
CA THR G 56 14.48 43.32 25.17
C THR G 56 15.74 44.16 25.41
N ARG G 57 15.60 45.47 25.27
CA ARG G 57 16.72 46.36 25.50
C ARG G 57 17.09 46.35 26.99
N GLU G 58 16.07 46.42 27.85
CA GLU G 58 16.28 46.40 29.28
C GLU G 58 16.96 45.11 29.78
N GLU G 59 16.58 43.97 29.21
CA GLU G 59 17.21 42.68 29.56
C GLU G 59 18.71 42.73 29.33
N LEU G 60 19.10 43.25 28.18
CA LEU G 60 20.51 43.36 27.83
C LEU G 60 21.22 44.28 28.83
N GLU G 61 20.63 45.45 29.09
CA GLU G 61 21.16 46.38 30.09
C GLU G 61 21.30 45.72 31.47
N GLU G 62 20.24 45.02 31.88
CA GLU G 62 20.26 44.24 33.11
C GLU G 62 21.44 43.28 33.13
N CYS G 63 21.59 42.51 32.05
CA CYS G 63 22.73 41.60 31.90
C CYS G 63 24.07 42.33 32.06
N LEU G 64 24.29 43.37 31.25
CA LEU G 64 25.55 44.12 31.27
C LEU G 64 25.85 44.70 32.66
N ALA G 65 24.82 45.21 33.32
CA ALA G 65 25.00 45.77 34.65
C ALA G 65 25.47 44.68 35.60
N GLY G 66 24.87 43.50 35.49
CA GLY G 66 25.20 42.38 36.33
C GLY G 66 26.62 41.88 36.14
N LEU G 67 27.21 42.16 34.98
CA LEU G 67 28.58 41.71 34.71
C LEU G 67 29.60 42.48 35.54
N GLU G 68 29.22 43.65 36.03
CA GLU G 68 30.13 44.45 36.84
C GLU G 68 29.52 44.72 38.21
N ARG G 69 28.44 44.00 38.50
CA ARG G 69 27.75 44.13 39.78
C ARG G 69 27.41 45.59 40.04
N ALA G 70 26.86 46.24 39.02
CA ALA G 70 26.56 47.65 39.06
C ALA G 70 25.06 47.80 39.06
N PRO G 71 24.57 48.89 39.68
CA PRO G 71 23.13 49.08 39.69
C PRO G 71 22.55 49.52 38.35
N PHE G 72 23.36 50.01 37.43
CA PHE G 72 22.81 50.53 36.17
C PHE G 72 23.60 50.19 34.91
N ALA G 73 22.90 50.13 33.79
CA ALA G 73 23.53 50.13 32.48
C ALA G 73 22.57 50.71 31.46
N THR G 74 23.13 51.32 30.42
CA THR G 74 22.34 51.89 29.34
C THR G 74 23.02 51.54 28.02
N VAL G 75 22.23 51.05 27.05
CA VAL G 75 22.78 50.73 25.73
C VAL G 75 22.38 51.70 24.61
N PHE G 76 23.17 51.69 23.54
CA PHE G 76 23.14 52.72 22.52
C PHE G 76 23.33 52.12 21.12
N SER G 77 23.01 52.91 20.09
CA SER G 77 23.16 52.49 18.71
C SER G 77 24.63 52.21 18.28
N SER G 78 25.59 52.55 19.13
CA SER G 78 27.00 52.29 18.88
C SER G 78 27.86 52.69 20.06
N GLY G 79 29.12 52.31 20.01
CA GLY G 79 30.11 52.75 20.97
C GLY G 79 30.23 54.27 20.95
N GLN G 80 30.30 54.86 19.77
CA GLN G 80 30.40 56.32 19.66
C GLN G 80 29.21 57.00 20.35
N ALA G 81 28.01 56.42 20.18
CA ALA G 81 26.81 57.00 20.76
C ALA G 81 26.87 56.96 22.28
N ALA G 82 27.43 55.90 22.82
CA ALA G 82 27.63 55.81 24.26
C ALA G 82 28.61 56.91 24.70
N ALA G 83 29.75 56.99 24.00
CA ALA G 83 30.73 58.04 24.30
C ALA G 83 30.14 59.44 24.17
N ALA G 84 29.36 59.66 23.11
CA ALA G 84 28.77 60.97 22.85
C ALA G 84 27.82 61.39 23.97
N THR G 85 27.01 60.43 24.44
CA THR G 85 26.07 60.67 25.53
C THR G 85 26.82 61.09 26.79
N LEU G 86 27.89 60.36 27.11
CA LEU G 86 28.76 60.73 28.21
C LEU G 86 29.33 62.15 28.04
N LEU G 87 29.87 62.47 26.87
CA LEU G 87 30.47 63.78 26.62
C LEU G 87 29.48 64.92 26.78
N SER G 88 28.23 64.69 26.39
CA SER G 88 27.21 65.74 26.37
C SER G 88 26.97 66.33 27.76
N LEU G 89 27.43 65.64 28.78
CA LEU G 89 27.27 66.10 30.14
C LEU G 89 28.30 67.17 30.49
N VAL G 90 29.27 67.36 29.62
CA VAL G 90 30.35 68.31 29.88
C VAL G 90 29.99 69.67 29.34
N ARG G 91 29.79 70.65 30.24
CA ARG G 91 29.34 71.98 29.85
C ARG G 91 30.53 72.75 29.29
N PRO G 92 30.29 73.56 28.25
CA PRO G 92 31.26 74.48 27.67
C PRO G 92 32.11 75.19 28.74
N GLY G 93 33.41 75.31 28.50
CA GLY G 93 34.30 75.89 29.48
C GLY G 93 34.71 74.92 30.59
N GLN G 94 34.21 73.69 30.52
CA GLN G 94 34.67 72.65 31.44
C GLN G 94 35.74 71.81 30.77
N CYS G 95 36.58 71.18 31.58
CA CYS G 95 37.71 70.45 31.05
C CYS G 95 37.48 68.95 31.04
N VAL G 96 37.76 68.35 29.90
CA VAL G 96 37.90 66.90 29.82
C VAL G 96 39.39 66.66 29.67
N VAL G 97 39.91 65.72 30.45
CA VAL G 97 41.31 65.34 30.33
C VAL G 97 41.38 63.89 29.91
N SER G 98 42.19 63.59 28.92
CA SER G 98 42.35 62.22 28.51
C SER G 98 43.71 61.94 27.89
N THR G 99 43.70 60.94 27.03
CA THR G 99 44.88 60.41 26.39
C THR G 99 44.65 60.57 24.91
N ASP G 100 45.52 61.36 24.26
CA ASP G 100 45.54 61.50 22.80
C ASP G 100 45.98 60.20 22.13
N ASP G 101 46.10 59.16 22.93
CA ASP G 101 46.45 57.82 22.51
C ASP G 101 45.13 57.05 22.45
N VAL G 102 44.04 57.80 22.29
CA VAL G 102 42.70 57.22 22.28
C VAL G 102 42.27 56.97 20.85
N TYR G 103 41.30 56.08 20.68
CA TYR G 103 40.57 55.92 19.43
C TYR G 103 40.25 57.29 18.82
N ALA G 104 40.54 57.44 17.53
CA ALA G 104 40.25 58.68 16.82
C ALA G 104 38.75 59.01 16.79
N GLY G 105 37.90 58.00 17.05
CA GLY G 105 36.48 58.22 17.12
C GLY G 105 36.12 59.01 18.36
N THR G 106 36.82 58.73 19.46
CA THR G 106 36.68 59.51 20.67
C THR G 106 37.22 60.93 20.41
N ASP G 107 38.34 61.00 19.71
CA ASP G 107 38.92 62.26 19.23
C ASP G 107 37.89 63.14 18.52
N GLY G 108 37.14 62.54 17.59
CA GLY G 108 36.11 63.25 16.85
C GLY G 108 35.12 63.91 17.79
N LEU G 109 34.63 63.15 18.76
CA LEU G 109 33.75 63.69 19.78
C LEU G 109 34.45 64.82 20.56
N PHE G 110 35.70 64.57 21.00
CA PHE G 110 36.46 65.61 21.67
C PHE G 110 36.58 66.82 20.76
N ASP G 111 36.83 66.58 19.47
CA ASP G 111 36.83 67.66 18.48
C ASP G 111 35.47 68.36 18.49
N LEU G 112 34.40 67.57 18.34
CA LEU G 112 33.04 68.10 18.36
C LEU G 112 32.80 68.95 19.59
N ALA G 113 33.14 68.39 20.75
CA ALA G 113 32.97 69.11 22.00
C ALA G 113 33.86 70.36 22.03
N ALA G 114 35.00 70.31 21.34
CA ALA G 114 35.94 71.43 21.32
C ALA G 114 35.50 72.54 20.38
N ARG G 115 34.75 72.18 19.33
CA ARG G 115 34.14 73.20 18.48
C ARG G 115 32.96 73.82 19.22
N GLN G 116 32.64 73.27 20.38
CA GLN G 116 31.53 73.74 21.21
C GLN G 116 32.01 74.61 22.37
N GLY G 117 33.23 74.36 22.84
CA GLY G 117 33.74 75.11 23.98
C GLY G 117 34.16 74.27 25.19
N VAL G 118 34.43 72.99 24.94
CA VAL G 118 35.03 72.14 25.96
C VAL G 118 36.55 72.11 25.78
N ARG G 119 37.31 72.39 26.83
CA ARG G 119 38.75 72.21 26.76
C ARG G 119 39.08 70.73 26.96
N VAL G 120 39.59 70.09 25.93
CA VAL G 120 39.87 68.67 26.01
C VAL G 120 41.37 68.39 26.08
N ARG G 121 41.90 68.17 27.27
CA ARG G 121 43.36 68.04 27.44
C ARG G 121 43.90 66.62 27.36
N TYR G 122 44.93 66.45 26.55
CA TYR G 122 45.54 65.14 26.28
C TYR G 122 46.74 64.89 27.20
N ALA G 123 46.86 63.66 27.73
CA ALA G 123 47.91 63.41 28.72
C ALA G 123 48.44 61.96 28.82
N ASP G 124 49.76 61.83 28.92
CA ASP G 124 50.38 60.58 29.33
C ASP G 124 49.85 60.27 30.72
N LEU G 125 49.06 59.23 30.87
CA LEU G 125 48.57 58.91 32.21
C LEU G 125 49.33 57.75 32.86
N THR G 126 50.66 57.88 32.94
CA THR G 126 51.51 56.80 33.42
C THR G 126 52.52 57.19 34.47
N THR G 127 52.58 58.46 34.87
CA THR G 127 53.52 58.89 35.92
C THR G 127 52.79 59.75 36.94
N PRO G 128 53.33 59.83 38.18
CA PRO G 128 52.71 60.71 39.19
C PRO G 128 52.62 62.17 38.72
N GLU G 129 53.75 62.79 38.36
CA GLU G 129 53.77 64.19 37.97
C GLU G 129 52.89 64.46 36.75
N GLY G 130 52.81 63.48 35.86
CA GLY G 130 51.91 63.58 34.72
C GLY G 130 50.46 63.59 35.18
N ILE G 131 50.09 62.58 35.97
CA ILE G 131 48.79 62.54 36.62
C ILE G 131 48.61 63.83 37.40
N ALA G 132 49.51 64.10 38.35
CA ALA G 132 49.42 65.26 39.23
C ALA G 132 49.31 66.59 38.50
N ALA G 133 50.39 66.98 37.82
CA ALA G 133 50.54 68.35 37.35
C ALA G 133 49.48 68.71 36.33
N ALA G 134 49.10 67.74 35.50
CA ALA G 134 48.00 67.91 34.56
C ALA G 134 46.72 67.96 35.37
N LEU G 135 45.92 66.88 35.27
CA LEU G 135 44.68 66.64 36.02
C LEU G 135 44.03 67.85 36.65
N ALA G 136 44.73 68.42 37.62
CA ALA G 136 44.29 69.62 38.35
C ALA G 136 44.00 70.81 37.45
N GLU G 137 43.92 70.57 36.13
CA GLU G 137 43.64 71.62 35.16
C GLU G 137 42.21 72.11 35.35
N PRO G 138 42.06 73.41 35.64
CA PRO G 138 40.85 74.05 36.19
C PRO G 138 39.54 73.57 35.59
N ASP G 139 38.53 73.48 36.45
CA ASP G 139 37.19 73.05 36.06
C ASP G 139 37.13 71.60 35.55
N LEU G 140 37.99 70.73 36.04
CA LEU G 140 38.09 69.37 35.50
C LEU G 140 36.82 68.53 35.69
N ALA G 141 36.01 68.42 34.64
CA ALA G 141 34.73 67.72 34.76
C ALA G 141 34.81 66.22 34.49
N LEU G 142 35.74 65.80 33.66
CA LEU G 142 35.79 64.41 33.24
C LEU G 142 37.22 63.95 32.97
N VAL G 143 37.53 62.72 33.36
CA VAL G 143 38.80 62.09 33.07
C VAL G 143 38.56 60.82 32.27
N TRP G 144 39.08 60.78 31.06
CA TRP G 144 38.75 59.71 30.12
C TRP G 144 39.97 58.82 29.99
N ILE G 145 39.78 57.52 30.21
CA ILE G 145 40.89 56.57 30.16
C ILE G 145 40.61 55.38 29.27
N GLU G 146 41.34 55.27 28.18
CA GLU G 146 41.28 54.04 27.42
C GLU G 146 42.51 53.20 27.75
N THR G 147 42.29 52.06 28.39
CA THR G 147 43.39 51.19 28.76
C THR G 147 42.97 49.72 28.66
N PRO G 148 43.83 48.85 28.09
CA PRO G 148 45.10 49.16 27.41
C PRO G 148 44.87 50.06 26.19
N THR G 149 45.89 50.80 25.78
CA THR G 149 45.73 51.73 24.67
C THR G 149 45.92 51.06 23.32
N ASN G 150 45.52 51.74 22.25
CA ASN G 150 45.46 51.17 20.91
C ASN G 150 46.25 52.00 19.92
N PRO G 151 47.23 51.39 19.22
CA PRO G 151 47.54 49.96 19.17
C PRO G 151 48.87 49.59 19.86
N LEU G 152 49.40 50.45 20.73
CA LEU G 152 50.67 50.13 21.41
C LEU G 152 50.50 49.31 22.70
N LEU G 153 49.27 49.17 23.17
CA LEU G 153 48.96 48.31 24.32
C LEU G 153 49.68 48.73 25.62
N THR G 154 49.90 50.02 25.80
CA THR G 154 50.35 50.51 27.11
C THR G 154 49.14 50.59 28.04
N VAL G 155 49.41 50.76 29.34
CA VAL G 155 48.35 50.63 30.32
C VAL G 155 48.37 51.81 31.28
N VAL G 156 47.18 52.26 31.67
CA VAL G 156 47.04 53.29 32.70
C VAL G 156 46.40 52.73 33.99
N ASP G 157 47.00 53.05 35.14
CA ASP G 157 46.50 52.59 36.43
C ASP G 157 45.16 53.24 36.78
N VAL G 158 44.08 52.51 36.58
CA VAL G 158 42.74 53.05 36.80
C VAL G 158 42.49 53.47 38.25
N ALA G 159 42.84 52.60 39.19
CA ALA G 159 42.62 52.90 40.61
C ALA G 159 43.35 54.16 41.05
N GLU G 160 44.60 54.31 40.61
CA GLU G 160 45.42 55.44 41.03
C GLU G 160 44.96 56.74 40.35
N VAL G 161 44.55 56.66 39.09
CA VAL G 161 44.05 57.84 38.42
C VAL G 161 42.69 58.26 39.01
N SER G 162 41.84 57.28 39.30
CA SER G 162 40.53 57.58 39.85
C SER G 162 40.62 58.22 41.24
N ARG G 163 41.54 57.71 42.06
CA ARG G 163 41.73 58.22 43.42
C ARG G 163 42.06 59.71 43.37
N ARG G 164 43.05 60.06 42.56
CA ARG G 164 43.48 61.43 42.42
C ARG G 164 42.41 62.28 41.73
N ALA G 165 41.63 61.68 40.84
CA ALA G 165 40.53 62.41 40.20
C ALA G 165 39.40 62.67 41.19
N HIS G 166 39.15 61.70 42.06
CA HIS G 166 38.07 61.82 43.03
C HIS G 166 38.45 62.65 44.26
N GLU G 167 39.67 63.17 44.26
CA GLU G 167 40.07 64.13 45.27
C GLU G 167 39.81 65.56 44.78
N ARG G 168 39.43 65.66 43.50
CA ARG G 168 39.10 66.94 42.87
C ARG G 168 37.68 66.90 42.28
N GLY G 169 36.82 66.06 42.87
CA GLY G 169 35.41 66.01 42.52
C GLY G 169 35.13 65.83 41.05
N ALA G 170 35.65 64.76 40.46
CA ALA G 170 35.59 64.63 39.01
C ALA G 170 35.20 63.21 38.58
N ARG G 171 34.41 63.10 37.51
CA ARG G 171 34.00 61.79 37.03
C ARG G 171 35.09 61.11 36.23
N VAL G 172 35.24 59.80 36.42
CA VAL G 172 36.20 59.01 35.67
C VAL G 172 35.50 57.97 34.82
N VAL G 173 35.82 57.95 33.53
CA VAL G 173 35.36 56.88 32.66
C VAL G 173 36.55 56.09 32.15
N VAL G 174 36.36 54.78 32.05
CA VAL G 174 37.31 53.91 31.40
C VAL G 174 36.64 53.26 30.20
N ASP G 175 37.14 53.55 29.01
CA ASP G 175 36.70 52.84 27.82
C ASP G 175 37.27 51.44 27.96
N ASN G 176 36.40 50.48 28.26
CA ASN G 176 36.84 49.14 28.58
C ASN G 176 36.60 48.13 27.44
N THR G 177 36.46 48.65 26.22
CA THR G 177 36.19 47.84 25.04
C THR G 177 37.26 46.76 24.80
N PHE G 178 38.52 47.17 24.91
CA PHE G 178 39.69 46.33 24.65
C PHE G 178 39.61 45.01 25.41
N ALA G 179 39.50 45.09 26.73
CA ALA G 179 39.62 43.90 27.56
C ALA G 179 38.30 43.21 27.87
N SER G 180 37.19 43.96 27.73
CA SER G 180 35.85 43.51 28.11
C SER G 180 35.73 43.33 29.63
N PRO G 181 34.49 43.20 30.16
CA PRO G 181 34.38 42.98 31.61
C PRO G 181 34.87 41.59 32.07
N VAL G 182 35.17 40.70 31.14
CA VAL G 182 35.82 39.43 31.49
C VAL G 182 37.13 39.65 32.22
N LEU G 183 37.94 40.58 31.73
CA LEU G 183 39.34 40.73 32.18
C LEU G 183 39.59 41.96 33.05
N GLN G 184 38.74 42.97 32.95
CA GLN G 184 38.98 44.23 33.63
C GLN G 184 37.66 44.80 34.12
N GLN G 185 37.64 45.25 35.36
CA GLN G 185 36.44 45.77 36.00
C GLN G 185 36.63 47.21 36.46
N PRO G 186 36.44 48.19 35.55
CA PRO G 186 36.68 49.61 35.88
C PRO G 186 35.91 50.15 37.09
N LEU G 187 34.72 49.66 37.35
CA LEU G 187 33.94 50.13 38.49
C LEU G 187 34.53 49.65 39.83
N ALA G 188 34.96 48.40 39.91
CA ALA G 188 35.65 47.91 41.10
C ALA G 188 36.96 48.66 41.25
N LEU G 189 37.60 48.95 40.12
CA LEU G 189 38.90 49.58 40.10
C LEU G 189 38.88 51.00 40.67
N GLY G 190 37.74 51.68 40.55
CA GLY G 190 37.61 53.01 41.11
C GLY G 190 36.90 54.04 40.24
N ALA G 191 36.85 53.78 38.93
CA ALA G 191 36.16 54.69 38.00
C ALA G 191 34.66 54.82 38.29
N ASP G 192 34.01 55.76 37.61
CA ASP G 192 32.57 55.96 37.78
C ASP G 192 31.78 55.33 36.64
N VAL G 193 32.41 55.22 35.47
CA VAL G 193 31.73 54.70 34.29
C VAL G 193 32.59 53.71 33.53
N SER G 194 31.97 52.60 33.13
CA SER G 194 32.55 51.72 32.11
C SER G 194 31.88 51.97 30.76
N LEU G 195 32.69 52.24 29.75
CA LEU G 195 32.21 52.51 28.40
C LEU G 195 32.59 51.36 27.47
N TYR G 196 31.65 50.93 26.63
CA TYR G 196 31.89 49.86 25.67
C TYR G 196 31.38 50.13 24.27
N SER G 197 32.16 49.73 23.27
CA SER G 197 31.57 49.30 22.03
C SER G 197 31.23 47.82 22.21
N THR G 198 29.94 47.49 22.16
CA THR G 198 29.52 46.10 22.30
C THR G 198 29.65 45.37 20.96
N THR G 199 29.91 46.15 19.90
CA THR G 199 30.19 45.62 18.56
C THR G 199 31.34 44.62 18.59
N1 LLP G 200 36.21 52.74 21.55
C2 LLP G 200 36.91 51.65 21.26
C2' LLP G 200 38.14 51.29 22.14
C3 LLP G 200 36.54 50.84 20.15
O3 LLP G 200 37.31 49.70 19.89
C4 LLP G 200 35.44 51.19 19.38
C4' LLP G 200 34.96 50.28 18.11
C5 LLP G 200 34.72 52.32 19.70
C6 LLP G 200 35.11 53.10 20.78
C5' LLP G 200 33.47 52.82 18.89
OP4 LLP G 200 32.40 51.91 18.97
P LLP G 200 31.44 51.80 17.75
OP1 LLP G 200 30.45 50.69 18.11
OP2 LLP G 200 30.76 53.09 17.54
OP3 LLP G 200 32.20 51.46 16.51
N LLP G 200 32.30 44.84 19.49
CA LLP G 200 33.55 44.06 19.50
CB LLP G 200 34.61 44.94 20.11
CG LLP G 200 34.44 46.37 19.56
CD LLP G 200 35.06 46.58 18.16
CE LLP G 200 34.67 47.97 17.62
NZ LLP G 200 35.65 49.03 17.95
C LLP G 200 33.36 42.70 20.13
O LLP G 200 32.59 41.91 19.62
N SER G 201 34.05 42.41 21.23
CA SER G 201 33.97 41.05 21.76
C SER G 201 32.66 40.72 22.49
N ILE G 202 32.03 41.73 23.07
CA ILE G 202 30.79 41.52 23.80
C ILE G 202 29.73 40.86 22.90
N ALA G 203 29.43 41.46 21.76
CA ALA G 203 28.60 40.77 20.76
C ALA G 203 29.39 39.64 20.07
N GLY G 204 30.61 39.96 19.62
CA GLY G 204 31.59 38.94 19.27
C GLY G 204 31.56 38.31 17.89
N HIS G 205 30.50 38.57 17.11
CA HIS G 205 30.31 37.88 15.83
C HIS G 205 30.31 38.85 14.64
N ALA G 206 30.78 40.07 14.90
CA ALA G 206 30.96 41.09 13.87
C ALA G 206 29.71 41.33 13.03
N ASP G 207 28.53 41.13 13.64
CA ASP G 207 27.28 41.26 12.90
C ASP G 207 26.29 42.30 13.45
N VAL G 208 26.77 43.24 14.28
CA VAL G 208 25.88 44.19 14.92
C VAL G 208 26.62 45.40 15.51
N LEU G 209 26.02 46.58 15.41
CA LEU G 209 26.53 47.77 16.08
C LEU G 209 25.89 47.91 17.45
N GLY G 210 26.63 48.50 18.39
CA GLY G 210 26.06 48.83 19.68
C GLY G 210 27.02 49.47 20.67
N GLY G 211 26.47 50.21 21.62
CA GLY G 211 27.27 50.75 22.71
C GLY G 211 26.68 50.42 24.06
N ALA G 212 27.45 50.72 25.11
CA ALA G 212 27.00 50.55 26.46
C ALA G 212 27.73 51.46 27.45
N LEU G 213 26.99 51.97 28.41
CA LEU G 213 27.56 52.61 29.58
C LEU G 213 27.09 51.82 30.78
N VAL G 214 28.00 51.51 31.69
CA VAL G 214 27.67 50.86 32.94
C VAL G 214 28.24 51.74 34.07
N TYR G 215 27.44 52.03 35.09
CA TYR G 215 27.80 53.05 36.08
C TYR G 215 26.94 52.88 37.34
N ARG G 216 27.22 53.64 38.40
CA ARG G 216 26.49 53.47 39.67
C ARG G 216 25.59 54.65 40.10
N ASP G 217 25.94 55.88 39.76
CA ASP G 217 25.18 57.04 40.27
C ASP G 217 23.81 57.23 39.60
N ALA G 218 22.78 57.43 40.42
CA ALA G 218 21.39 57.51 39.96
C ALA G 218 21.03 58.75 39.15
N ASP G 219 21.73 59.86 39.38
CA ASP G 219 21.47 61.10 38.67
C ASP G 219 22.24 61.12 37.36
N LEU G 220 23.40 60.47 37.34
CA LEU G 220 24.08 60.16 36.08
C LEU G 220 23.15 59.30 35.21
N HIS G 221 22.51 58.32 35.85
CA HIS G 221 21.55 57.47 35.19
C HIS G 221 20.42 58.31 34.58
N ALA G 222 19.80 59.13 35.41
CA ALA G 222 18.73 60.01 34.98
C ALA G 222 19.18 60.86 33.79
N ALA G 223 20.38 61.43 33.89
CA ALA G 223 20.88 62.31 32.83
C ALA G 223 21.19 61.55 31.55
N VAL G 224 21.77 60.36 31.68
CA VAL G 224 22.06 59.50 30.54
C VAL G 224 20.76 59.07 29.86
N ARG G 225 19.76 58.69 30.64
CA ARG G 225 18.49 58.25 30.07
C ARG G 225 17.74 59.42 29.40
N ALA G 226 17.76 60.59 30.04
CA ALA G 226 17.16 61.78 29.45
C ALA G 226 17.82 62.12 28.11
N TYR G 227 19.13 62.00 28.03
CA TYR G 227 19.81 62.30 26.77
C TYR G 227 19.54 61.26 25.67
N ARG G 228 19.48 59.98 26.02
CA ARG G 228 19.27 58.94 25.01
C ARG G 228 17.91 59.11 24.35
N THR G 229 16.90 59.40 25.17
CA THR G 229 15.52 59.51 24.68
C THR G 229 15.35 60.76 23.82
N THR G 230 16.08 61.82 24.16
CA THR G 230 16.02 63.07 23.40
C THR G 230 16.87 63.01 22.13
N ALA G 231 18.11 62.55 22.26
CA ALA G 231 19.01 62.38 21.14
C ALA G 231 18.59 61.22 20.22
N GLY G 232 17.86 60.26 20.77
CA GLY G 232 17.33 59.17 19.97
C GLY G 232 18.39 58.22 19.43
N ASN G 233 19.52 58.17 20.12
CA ASN G 233 20.57 57.23 19.76
C ASN G 233 20.37 55.84 20.39
N VAL G 234 19.13 55.33 20.27
CA VAL G 234 18.75 54.02 20.80
C VAL G 234 19.00 52.90 19.80
N PRO G 235 19.47 51.75 20.29
CA PRO G 235 19.65 50.60 19.39
C PRO G 235 18.31 49.95 19.04
N GLY G 236 18.36 48.89 18.25
CA GLY G 236 17.16 48.15 17.90
C GLY G 236 17.00 46.89 18.73
N ALA G 237 15.74 46.49 18.90
CA ALA G 237 15.40 45.24 19.59
C ALA G 237 16.11 44.02 19.00
N LEU G 238 16.04 43.87 17.68
CA LEU G 238 16.70 42.76 17.01
C LEU G 238 18.18 42.74 17.35
N ASP G 239 18.79 43.92 17.42
CA ASP G 239 20.22 44.03 17.69
C ASP G 239 20.57 43.87 19.16
N CYS G 240 19.67 44.29 20.04
CA CYS G 240 19.81 43.97 21.45
C CYS G 240 19.74 42.45 21.62
N PHE G 241 18.94 41.80 20.77
CA PHE G 241 18.88 40.34 20.73
C PHE G 241 20.22 39.73 20.28
N LEU G 242 20.80 40.24 19.20
CA LEU G 242 22.09 39.73 18.73
C LEU G 242 23.25 40.04 19.70
N VAL G 243 23.26 41.23 20.31
CA VAL G 243 24.28 41.53 21.31
C VAL G 243 24.16 40.58 22.51
N ARG G 244 22.93 40.43 23.02
CA ARG G 244 22.65 39.51 24.14
C ARG G 244 23.04 38.06 23.80
N ARG G 245 22.73 37.63 22.59
CA ARG G 245 23.04 36.26 22.19
C ARG G 245 24.54 36.03 22.13
N GLY G 246 25.27 37.00 21.60
CA GLY G 246 26.73 36.93 21.60
C GLY G 246 27.31 36.90 23.00
N LEU G 247 26.71 37.68 23.91
CA LEU G 247 27.15 37.79 25.29
C LEU G 247 27.27 36.46 26.00
N HIS G 248 26.40 35.50 25.65
CA HIS G 248 26.43 34.16 26.25
C HIS G 248 27.83 33.58 26.32
N THR G 249 28.52 33.60 25.19
CA THR G 249 29.80 32.93 25.09
C THR G 249 30.98 33.86 25.26
N LEU G 250 30.75 35.04 25.82
CA LEU G 250 31.82 36.03 25.95
C LEU G 250 33.05 35.48 26.70
N SER G 251 32.83 34.82 27.83
CA SER G 251 33.95 34.31 28.61
C SER G 251 34.72 33.20 27.87
N LEU G 252 33.99 32.30 27.24
CA LEU G 252 34.64 31.23 26.47
C LEU G 252 35.47 31.78 25.30
N ARG G 253 34.94 32.76 24.59
CA ARG G 253 35.66 33.36 23.46
C ARG G 253 36.91 34.12 23.92
N VAL G 254 36.76 34.99 24.93
CA VAL G 254 37.89 35.75 25.48
C VAL G 254 39.04 34.83 25.94
N HIS G 255 38.70 33.77 26.65
CA HIS G 255 39.74 32.88 27.13
C HIS G 255 40.44 32.09 26.02
N ARG G 256 39.71 31.72 24.98
CA ARG G 256 40.34 31.11 23.80
C ARG G 256 41.17 32.14 23.02
N GLN G 257 40.66 33.37 22.95
CA GLN G 257 41.38 34.42 22.25
C GLN G 257 42.71 34.75 22.93
N VAL G 258 42.66 34.87 24.26
CA VAL G 258 43.85 35.21 25.04
C VAL G 258 44.89 34.12 24.91
N ALA G 259 44.47 32.87 25.07
CA ALA G 259 45.38 31.74 24.97
C ALA G 259 46.10 31.75 23.61
N THR G 260 45.34 32.04 22.55
CA THR G 260 45.93 32.05 21.21
C THR G 260 46.88 33.25 21.03
N ALA G 261 46.51 34.39 21.57
CA ALA G 261 47.37 35.57 21.54
C ALA G 261 48.74 35.28 22.15
N ARG G 262 48.75 34.52 23.25
CA ARG G 262 50.00 34.14 23.89
C ARG G 262 50.82 33.26 22.96
N VAL G 263 50.16 32.33 22.27
CA VAL G 263 50.85 31.47 21.34
C VAL G 263 51.44 32.33 20.22
N LEU G 264 50.71 33.35 19.78
CA LEU G 264 51.19 34.18 18.68
C LEU G 264 52.37 35.07 19.11
N VAL G 265 52.31 35.62 20.32
CA VAL G 265 53.40 36.42 20.86
C VAL G 265 54.66 35.56 20.94
N GLU G 266 54.48 34.32 21.38
CA GLU G 266 55.54 33.34 21.38
C GLU G 266 56.10 33.19 19.98
N ARG G 267 55.21 32.99 19.02
CA ARG G 267 55.65 32.76 17.65
C ARG G 267 56.38 33.98 17.10
N LEU G 268 55.87 35.17 17.43
CA LEU G 268 56.51 36.41 16.99
C LEU G 268 57.94 36.55 17.51
N ARG G 269 58.14 36.21 18.78
CA ARG G 269 59.44 36.33 19.44
C ARG G 269 60.57 35.61 18.73
N ALA G 270 60.27 34.45 18.14
CA ALA G 270 61.28 33.65 17.46
C ALA G 270 61.73 34.24 16.12
N SER G 271 60.81 34.94 15.45
CA SER G 271 61.00 35.42 14.07
C SER G 271 62.14 36.41 13.92
N PRO G 272 62.99 36.19 12.91
CA PRO G 272 64.07 37.13 12.61
C PRO G 272 63.60 38.35 11.83
N VAL G 273 62.33 38.37 11.41
CA VAL G 273 61.85 39.54 10.67
C VAL G 273 60.82 40.36 11.46
N VAL G 274 60.86 40.22 12.79
CA VAL G 274 59.98 40.96 13.69
C VAL G 274 60.76 41.79 14.69
N GLY G 275 60.32 43.02 14.94
CA GLY G 275 60.98 43.91 15.89
C GLY G 275 60.40 43.80 17.30
N ALA G 276 59.91 44.93 17.80
CA ALA G 276 59.28 44.96 19.12
C ALA G 276 57.94 44.25 19.07
N VAL G 277 57.75 43.30 19.98
CA VAL G 277 56.46 42.66 20.13
C VAL G 277 55.80 43.32 21.33
N HIS G 278 54.62 43.88 21.13
CA HIS G 278 53.88 44.54 22.20
C HIS G 278 52.71 43.67 22.64
N TYR G 279 52.58 43.46 23.94
CA TYR G 279 51.54 42.62 24.51
C TYR G 279 51.52 42.82 26.02
N PRO G 280 50.33 43.10 26.59
CA PRO G 280 50.23 43.34 28.04
C PRO G 280 50.69 42.15 28.88
N GLY G 281 50.85 40.98 28.28
CA GLY G 281 51.31 39.81 28.98
C GLY G 281 52.81 39.65 29.24
N LEU G 282 53.65 40.44 28.55
CA LEU G 282 55.11 40.33 28.69
C LEU G 282 55.60 40.87 30.03
N PRO G 283 56.56 40.16 30.66
CA PRO G 283 57.05 40.47 32.01
C PRO G 283 57.81 41.79 32.08
N GLU G 284 58.52 42.15 31.02
CA GLU G 284 59.34 43.37 31.03
C GLU G 284 58.61 44.53 30.35
N HIS G 285 57.31 44.36 30.14
CA HIS G 285 56.43 45.44 29.73
C HIS G 285 56.66 46.61 30.68
N PRO G 286 56.83 47.83 30.16
CA PRO G 286 56.99 49.03 31.00
C PRO G 286 55.83 49.26 31.98
N GLN G 287 55.06 48.23 32.30
CA GLN G 287 54.16 48.23 33.45
C GLN G 287 53.64 46.84 33.79
N HIS G 288 54.55 45.93 34.15
CA HIS G 288 54.13 44.60 34.55
C HIS G 288 53.21 44.69 35.75
N ALA G 289 53.57 45.55 36.70
CA ALA G 289 52.82 45.73 37.94
C ALA G 289 51.37 46.16 37.75
N VAL G 290 51.16 47.25 37.01
CA VAL G 290 49.79 47.73 36.80
C VAL G 290 48.94 46.72 36.05
N VAL G 291 49.52 46.07 35.05
CA VAL G 291 48.80 45.03 34.30
C VAL G 291 48.28 43.92 35.22
N LYS G 292 49.17 43.41 36.07
CA LYS G 292 48.83 42.33 36.99
C LYS G 292 47.73 42.74 37.97
N ALA G 293 47.79 43.99 38.43
CA ALA G 293 46.86 44.48 39.47
C ALA G 293 45.43 44.73 38.97
N GLN G 294 45.25 44.90 37.67
CA GLN G 294 43.94 45.33 37.21
C GLN G 294 43.36 44.52 36.04
N MSE G 295 44.17 43.68 35.40
CA MSE G 295 43.67 42.80 34.34
C MSE G 295 43.83 41.34 34.74
O MSE G 295 44.96 40.90 34.95
CB MSE G 295 44.42 43.05 33.03
CG MSE G 295 44.56 44.52 32.63
SE MSE G 295 45.48 44.75 30.92
CE MSE G 295 44.20 43.88 29.76
N SER G 296 42.74 40.59 34.82
CA SER G 296 42.86 39.18 35.19
C SER G 296 43.61 38.36 34.12
N ALA G 297 43.58 38.84 32.89
CA ALA G 297 44.40 38.28 31.81
C ALA G 297 44.64 39.41 30.80
N PRO G 298 45.65 39.26 29.95
CA PRO G 298 46.07 40.49 29.25
C PRO G 298 45.46 40.73 27.87
N GLY G 299 44.53 39.88 27.43
CA GLY G 299 43.78 40.20 26.23
C GLY G 299 44.29 39.55 24.95
N ALA G 300 43.69 39.93 23.84
CA ALA G 300 43.92 39.24 22.58
C ALA G 300 44.29 40.20 21.46
N ILE G 301 44.73 41.40 21.84
CA ILE G 301 45.24 42.36 20.89
C ILE G 301 46.76 42.34 20.96
N VAL G 302 47.40 42.20 19.80
CA VAL G 302 48.85 42.12 19.73
C VAL G 302 49.35 43.10 18.67
N SER G 303 50.49 43.71 18.92
CA SER G 303 51.11 44.53 17.89
C SER G 303 52.61 44.27 17.80
N PHE G 304 53.16 44.44 16.61
CA PHE G 304 54.57 44.20 16.39
C PHE G 304 55.11 45.00 15.22
N ASP G 305 56.35 45.44 15.35
CA ASP G 305 57.01 46.14 14.26
C ASP G 305 57.57 45.07 13.32
N TYR G 306 57.22 45.20 12.04
CA TYR G 306 57.62 44.23 11.01
C TYR G 306 58.86 44.70 10.26
N LEU G 307 59.84 43.81 10.09
CA LEU G 307 61.13 44.23 9.55
C LEU G 307 61.43 43.70 8.14
N GLY G 308 60.58 42.80 7.63
CA GLY G 308 60.85 42.12 6.39
C GLY G 308 60.62 42.91 5.10
N GLY G 309 60.02 44.08 5.21
CA GLY G 309 59.76 44.93 4.07
C GLY G 309 58.47 45.70 4.22
N PRO G 310 57.97 46.30 3.14
CA PRO G 310 56.71 47.05 3.14
C PRO G 310 55.56 46.31 3.83
N ALA G 311 54.85 47.02 4.71
CA ALA G 311 53.74 46.44 5.45
C ALA G 311 52.62 46.03 4.49
N GLU G 312 52.44 46.82 3.44
CA GLU G 312 51.36 46.55 2.50
C GLU G 312 51.54 45.19 1.83
N ARG G 313 52.79 44.81 1.57
CA ARG G 313 53.06 43.48 1.01
C ARG G 313 52.74 42.37 2.00
N LEU G 314 53.17 42.55 3.25
CA LEU G 314 52.86 41.59 4.30
C LEU G 314 51.35 41.36 4.40
N LEU G 315 50.60 42.45 4.37
CA LEU G 315 49.14 42.36 4.48
C LEU G 315 48.55 41.48 3.39
N ASP G 316 49.17 41.50 2.22
CA ASP G 316 48.69 40.72 1.07
C ASP G 316 48.91 39.20 1.16
N ARG G 317 49.56 38.72 2.23
CA ARG G 317 49.96 37.30 2.27
C ARG G 317 49.10 36.40 3.17
N PHE G 318 48.39 36.98 4.12
CA PHE G 318 47.60 36.18 5.05
C PHE G 318 46.49 35.43 4.33
N THR G 319 46.20 34.23 4.78
CA THR G 319 45.18 33.41 4.15
C THR G 319 44.14 32.96 5.17
N LEU G 320 44.31 33.38 6.41
CA LEU G 320 43.33 33.04 7.44
C LEU G 320 42.92 34.30 8.19
N PHE G 321 43.89 35.02 8.75
CA PHE G 321 43.64 36.35 9.26
C PHE G 321 42.94 37.18 8.20
N THR G 322 41.95 37.95 8.64
CA THR G 322 41.25 38.88 7.76
C THR G 322 41.90 40.25 7.83
N CYS G 323 42.10 40.90 6.69
CA CYS G 323 42.54 42.29 6.73
C CYS G 323 41.35 43.22 6.79
N GLY G 324 41.23 43.97 7.89
CA GLY G 324 40.18 44.97 8.01
C GLY G 324 40.04 45.52 9.41
N VAL G 325 39.35 46.65 9.53
CA VAL G 325 39.15 47.30 10.83
C VAL G 325 38.23 46.46 11.71
N SER G 326 38.10 46.89 12.96
CA SER G 326 37.44 46.18 14.06
C SER G 326 38.38 45.32 14.92
N LEU G 327 37.80 44.71 15.96
CA LEU G 327 38.48 43.70 16.74
C LEU G 327 37.47 42.97 17.62
N GLY G 328 37.94 41.94 18.31
CA GLY G 328 37.16 41.27 19.33
C GLY G 328 36.23 40.18 18.80
N GLY G 329 36.25 39.95 17.49
CA GLY G 329 35.33 39.00 16.89
C GLY G 329 35.88 37.59 16.73
N VAL G 330 35.00 36.64 16.41
CA VAL G 330 35.41 35.25 16.24
C VAL G 330 36.41 35.07 15.09
N HIS G 331 36.34 35.94 14.07
CA HIS G 331 37.29 35.95 12.95
C HIS G 331 38.50 36.83 13.26
N SER G 332 39.70 36.26 13.20
CA SER G 332 40.92 37.01 13.49
C SER G 332 41.17 38.14 12.50
N LEU G 333 41.61 39.28 13.02
CA LEU G 333 41.78 40.49 12.22
C LEU G 333 43.20 41.03 12.27
N VAL G 334 43.80 41.25 11.11
CA VAL G 334 45.08 41.95 11.04
C VAL G 334 44.87 43.29 10.32
N GLU G 335 45.49 44.35 10.83
CA GLU G 335 45.52 45.62 10.08
C GLU G 335 46.83 46.35 10.32
N CYS G 336 47.12 47.32 9.46
CA CYS G 336 48.29 48.14 9.68
C CYS G 336 47.83 49.52 10.13
N PRO G 337 48.10 49.87 11.40
CA PRO G 337 47.76 51.20 11.94
C PRO G 337 48.10 52.35 10.99
N ALA G 338 49.35 52.44 10.56
CA ALA G 338 49.84 53.55 9.74
C ALA G 338 49.17 53.66 8.36
N LEU G 339 48.93 52.53 7.72
CA LEU G 339 48.39 52.64 6.37
C LEU G 339 46.93 53.07 6.39
N MSE G 340 46.27 53.03 7.56
CA MSE G 340 44.86 53.47 7.65
C MSE G 340 44.36 54.13 8.93
O MSE G 340 44.42 55.32 9.02
CB MSE G 340 43.90 52.37 7.27
CG MSE G 340 44.08 51.92 5.90
SE MSE G 340 44.32 50.08 6.09
CE MSE G 340 46.06 49.68 6.71
N THR G 341 43.78 53.38 9.88
CA THR G 341 43.10 54.05 10.99
C THR G 341 44.00 55.03 11.75
N HIS G 342 45.31 54.88 11.61
CA HIS G 342 46.24 55.83 12.19
C HIS G 342 46.89 56.65 11.07
N ARG G 343 46.36 56.50 9.86
CA ARG G 343 46.73 57.34 8.72
C ARG G 343 46.03 58.72 8.65
N PRO G 344 44.84 58.89 9.30
CA PRO G 344 44.33 60.26 9.44
C PRO G 344 45.25 61.17 10.23
N LEU G 345 46.16 60.60 11.03
CA LEU G 345 47.21 61.40 11.67
C LEU G 345 48.24 61.78 10.63
N SER G 346 49.41 62.26 11.08
CA SER G 346 50.48 62.62 10.14
C SER G 346 51.75 61.82 10.44
N ALA G 347 52.74 61.91 9.55
CA ALA G 347 54.01 61.23 9.75
C ALA G 347 54.89 61.94 10.77
N GLU G 348 54.28 62.48 11.82
CA GLU G 348 55.02 63.10 12.91
C GLU G 348 54.25 62.95 14.23
N ALA G 349 52.94 62.74 14.12
CA ALA G 349 52.10 62.35 15.24
C ALA G 349 52.06 60.82 15.32
N ARG G 350 52.57 60.18 14.28
CA ARG G 350 52.76 58.75 14.31
C ARG G 350 54.07 58.46 15.05
N ALA G 351 55.14 59.13 14.62
CA ALA G 351 56.45 58.98 15.22
C ALA G 351 56.45 59.34 16.70
N ARG G 352 56.22 60.61 17.00
CA ARG G 352 56.33 61.12 18.37
C ARG G 352 55.22 60.56 19.27
N ARG G 353 54.94 59.27 19.14
CA ARG G 353 53.86 58.61 19.86
C ARG G 353 54.00 57.11 19.71
N GLY G 354 55.06 56.68 19.00
CA GLY G 354 55.35 55.27 18.84
C GLY G 354 54.71 54.52 17.67
N ILE G 355 53.92 55.20 16.85
CA ILE G 355 53.40 54.53 15.66
C ILE G 355 54.47 54.53 14.56
N GLY G 356 55.02 53.35 14.28
CA GLY G 356 55.92 53.19 13.15
C GLY G 356 55.12 52.75 11.93
N GLU G 357 55.64 53.07 10.74
CA GLU G 357 54.98 52.68 9.50
C GLU G 357 54.73 51.17 9.46
N SER G 358 55.70 50.39 9.96
CA SER G 358 55.65 48.94 9.91
C SER G 358 55.04 48.27 11.14
N LEU G 359 54.30 49.03 11.93
CA LEU G 359 53.58 48.41 13.03
C LEU G 359 52.38 47.65 12.47
N ILE G 360 52.20 46.43 12.94
CA ILE G 360 51.08 45.57 12.57
C ILE G 360 50.30 45.27 13.83
N ARG G 361 48.96 45.19 13.74
CA ARG G 361 48.13 44.93 14.91
C ARG G 361 47.25 43.69 14.68
N LEU G 362 47.35 42.71 15.57
CA LEU G 362 46.54 41.51 15.48
C LEU G 362 45.37 41.48 16.46
N SER G 363 44.17 41.31 15.93
CA SER G 363 43.01 41.00 16.74
C SER G 363 42.74 39.51 16.61
N VAL G 364 42.98 38.77 17.68
CA VAL G 364 42.88 37.32 17.67
C VAL G 364 41.44 36.85 17.87
N GLY G 365 40.99 35.96 16.99
CA GLY G 365 39.68 35.35 17.11
C GLY G 365 39.71 33.97 17.74
N ILE G 366 38.81 33.09 17.31
CA ILE G 366 38.69 31.78 17.94
C ILE G 366 39.00 30.61 16.99
N GLU G 367 39.81 30.87 15.97
CA GLU G 367 40.32 29.80 15.15
C GLU G 367 41.33 28.98 15.98
N ASP G 368 41.64 27.77 15.56
CA ASP G 368 42.62 26.97 16.28
C ASP G 368 43.96 27.69 16.23
N PRO G 369 44.66 27.76 17.38
CA PRO G 369 45.89 28.55 17.46
C PRO G 369 46.97 28.07 16.49
N GLN G 370 47.05 26.78 16.21
CA GLN G 370 48.07 26.30 15.27
C GLN G 370 47.82 26.82 13.85
N ASP G 371 46.56 26.82 13.41
CA ASP G 371 46.25 27.40 12.12
C ASP G 371 46.66 28.86 12.06
N LEU G 372 46.30 29.61 13.10
CA LEU G 372 46.64 31.03 13.14
C LEU G 372 48.16 31.21 13.17
N ALA G 373 48.84 30.40 13.99
CA ALA G 373 50.29 30.44 14.07
C ALA G 373 50.93 30.17 12.71
N GLU G 374 50.48 29.15 12.00
CA GLU G 374 51.10 28.90 10.71
C GLU G 374 50.71 29.89 9.61
N ASP G 375 49.61 30.61 9.76
CA ASP G 375 49.27 31.66 8.78
C ASP G 375 50.21 32.85 8.97
N LEU G 376 50.35 33.29 10.22
CA LEU G 376 51.24 34.39 10.58
C LEU G 376 52.66 34.08 10.08
N SER G 377 53.10 32.86 10.36
CA SER G 377 54.45 32.42 10.04
C SER G 377 54.75 32.44 8.53
N ARG G 378 53.83 31.92 7.72
CA ARG G 378 54.01 31.90 6.28
C ARG G 378 54.00 33.31 5.71
N ALA G 379 53.20 34.18 6.32
CA ALA G 379 53.13 35.57 5.88
C ALA G 379 54.47 36.26 6.15
N LEU G 380 54.94 36.15 7.39
CA LEU G 380 56.24 36.71 7.78
C LEU G 380 57.38 36.18 6.89
N ALA G 381 57.30 34.90 6.51
CA ALA G 381 58.35 34.27 5.70
C ALA G 381 58.26 34.66 4.23
N GLY G 382 57.05 34.92 3.76
CA GLY G 382 56.79 35.23 2.36
C GLY G 382 56.76 34.06 1.39
N GLY G 383 55.63 33.86 0.73
CA GLY G 383 55.57 32.88 -0.35
C GLY G 383 54.22 32.21 -0.57
N GLY H 6 10.56 56.63 -16.97
CA GLY H 6 10.74 57.10 -15.60
C GLY H 6 10.08 56.20 -14.59
N MSE H 7 10.33 56.46 -13.30
CA MSE H 7 9.63 55.80 -12.21
C MSE H 7 8.58 56.71 -11.52
O MSE H 7 8.92 57.83 -11.11
CB MSE H 7 10.63 55.25 -11.17
CG MSE H 7 11.88 56.14 -10.98
SE MSE H 7 13.68 55.38 -11.23
CE MSE H 7 13.39 53.86 -12.38
N ARG H 8 7.35 56.21 -11.41
CA ARG H 8 6.24 56.85 -10.68
C ARG H 8 6.13 56.40 -9.19
N PHE H 9 6.28 57.37 -8.28
CA PHE H 9 6.30 57.15 -6.82
C PHE H 9 6.07 55.69 -6.34
N GLY H 10 4.88 55.13 -6.54
CA GLY H 10 4.60 53.72 -6.27
C GLY H 10 5.55 52.68 -6.90
N THR H 11 6.13 53.00 -8.04
CA THR H 11 7.21 52.18 -8.58
C THR H 11 8.49 52.43 -7.77
N ARG H 12 8.74 53.69 -7.47
CA ARG H 12 9.88 54.08 -6.64
C ARG H 12 9.87 53.35 -5.30
N LEU H 13 8.68 53.15 -4.73
CA LEU H 13 8.55 52.44 -3.46
C LEU H 13 9.11 51.01 -3.55
N VAL H 14 8.82 50.32 -4.65
CA VAL H 14 9.23 48.91 -4.79
C VAL H 14 10.67 48.74 -5.29
N HIS H 15 11.10 49.64 -6.17
CA HIS H 15 12.38 49.46 -6.87
C HIS H 15 13.50 50.45 -6.53
N GLY H 16 13.17 51.53 -5.83
CA GLY H 16 14.19 52.45 -5.38
C GLY H 16 15.18 51.74 -4.47
N GLY H 17 16.48 51.91 -4.71
CA GLY H 17 17.49 51.36 -3.83
C GLY H 17 17.68 49.85 -3.86
N ARG H 18 17.11 49.18 -4.86
CA ARG H 18 17.19 47.74 -4.89
C ARG H 18 18.38 47.32 -5.72
N ARG H 19 19.52 47.07 -5.05
CA ARG H 19 20.71 46.66 -5.76
C ARG H 19 20.50 45.25 -6.30
N PRO H 20 21.05 44.96 -7.49
CA PRO H 20 20.85 43.56 -7.92
C PRO H 20 21.87 42.71 -7.20
N SER H 21 21.78 41.41 -7.40
CA SER H 21 22.74 40.51 -6.80
C SER H 21 23.43 39.79 -7.94
N ALA H 22 24.69 40.14 -8.19
CA ALA H 22 25.47 39.46 -9.21
C ALA H 22 25.84 38.07 -8.74
N GLY H 23 25.98 37.16 -9.70
CA GLY H 23 26.39 35.80 -9.39
C GLY H 23 25.28 34.98 -8.75
N THR H 24 24.15 35.61 -8.45
CA THR H 24 23.00 34.93 -7.85
C THR H 24 21.66 35.50 -8.34
N GLY H 25 21.53 36.82 -8.41
CA GLY H 25 20.33 37.42 -8.99
C GLY H 25 19.22 37.82 -8.03
N ASP H 26 19.56 38.00 -6.75
CA ASP H 26 18.58 38.30 -5.70
C ASP H 26 17.60 39.43 -6.03
N VAL H 27 16.31 39.12 -6.06
CA VAL H 27 15.30 40.17 -6.28
C VAL H 27 15.22 41.06 -5.04
N VAL H 28 15.00 40.46 -3.87
CA VAL H 28 15.12 41.19 -2.63
C VAL H 28 16.58 41.22 -2.19
N PRO H 29 17.16 42.42 -2.06
CA PRO H 29 18.60 42.52 -1.73
C PRO H 29 18.91 41.82 -0.41
N PRO H 30 20.00 41.06 -0.37
CA PRO H 30 20.39 40.36 0.85
C PRO H 30 20.65 41.34 1.99
N ILE H 31 20.49 40.92 3.24
CA ILE H 31 20.64 41.82 4.40
C ILE H 31 22.09 41.89 4.87
N HIS H 32 22.69 43.08 4.77
CA HIS H 32 24.08 43.27 5.13
C HIS H 32 24.30 43.50 6.60
N VAL H 33 24.54 42.44 7.35
CA VAL H 33 24.78 42.55 8.79
C VAL H 33 26.25 42.72 9.18
N SER H 34 27.17 42.45 8.26
CA SER H 34 28.60 42.50 8.61
C SER H 34 29.06 43.92 8.97
N THR H 35 29.61 44.07 10.18
CA THR H 35 30.17 45.35 10.60
C THR H 35 31.63 45.52 10.15
N THR H 36 32.22 44.45 9.63
CA THR H 36 33.64 44.41 9.27
C THR H 36 33.86 44.12 7.76
N TYR H 37 34.99 44.57 7.20
CA TYR H 37 35.29 44.47 5.76
C TYR H 37 36.74 44.14 5.41
N GLU H 38 36.92 43.34 4.35
CA GLU H 38 38.25 42.99 3.83
C GLU H 38 38.82 43.98 2.78
N ARG H 39 40.08 44.40 2.98
CA ARG H 39 40.79 45.32 2.07
C ARG H 39 40.92 44.91 0.60
N ARG H 40 41.02 43.60 0.35
CA ARG H 40 41.34 43.10 -0.99
C ARG H 40 40.16 42.41 -1.67
N ALA H 41 38.99 42.47 -1.06
CA ALA H 41 37.78 41.89 -1.63
C ALA H 41 37.09 42.88 -2.60
N GLN H 42 37.68 44.06 -2.71
CA GLN H 42 37.18 45.11 -3.61
C GLN H 42 38.33 45.76 -4.40
N ASP H 43 38.02 46.38 -5.54
CA ASP H 43 39.03 47.01 -6.40
C ASP H 43 39.61 48.22 -5.67
N GLU H 44 38.72 49.09 -5.24
CA GLU H 44 39.10 50.21 -4.38
C GLU H 44 38.17 50.22 -3.18
N PRO H 45 38.49 49.40 -2.15
CA PRO H 45 37.80 49.21 -0.87
C PRO H 45 36.70 50.23 -0.57
N ARG H 46 35.49 49.87 -0.97
CA ARG H 46 34.32 50.76 -0.85
C ARG H 46 33.75 50.75 0.57
N TYR H 47 33.95 49.63 1.26
CA TYR H 47 33.40 49.41 2.58
C TYR H 47 34.51 49.18 3.57
N PHE H 48 34.46 49.92 4.67
CA PHE H 48 35.51 49.85 5.67
C PHE H 48 34.84 49.26 6.91
N TYR H 49 33.96 50.05 7.51
CA TYR H 49 33.36 49.70 8.78
C TYR H 49 31.90 50.13 8.81
N GLY H 50 31.07 49.28 9.43
CA GLY H 50 29.62 49.40 9.38
C GLY H 50 28.99 50.66 9.93
N ARG H 51 29.64 51.30 10.90
CA ARG H 51 29.15 52.60 11.36
C ARG H 51 29.32 53.62 10.23
N GLY H 52 30.35 53.45 9.43
CA GLY H 52 30.61 54.34 8.32
C GLY H 52 29.94 53.99 7.00
N GLU H 53 29.73 52.70 6.72
CA GLU H 53 29.13 52.26 5.46
C GLU H 53 28.43 50.90 5.61
N ASN H 54 27.34 50.73 4.86
CA ASN H 54 26.51 49.52 4.93
C ASN H 54 25.54 49.50 3.76
N PRO H 55 25.68 48.53 2.85
CA PRO H 55 24.83 48.55 1.66
C PRO H 55 23.33 48.59 1.97
N THR H 56 22.86 47.71 2.85
CA THR H 56 21.45 47.65 3.21
C THR H 56 20.94 49.04 3.66
N ARG H 57 21.72 49.70 4.52
CA ARG H 57 21.41 51.06 4.91
C ARG H 57 21.39 52.03 3.70
N GLU H 58 22.39 51.93 2.83
CA GLU H 58 22.45 52.81 1.66
C GLU H 58 21.25 52.62 0.74
N GLU H 59 20.91 51.35 0.52
CA GLU H 59 19.79 50.99 -0.32
C GLU H 59 18.47 51.64 0.16
N LEU H 60 18.27 51.68 1.48
CA LEU H 60 17.11 52.37 2.04
C LEU H 60 17.20 53.87 1.74
N GLU H 61 18.37 54.44 2.00
CA GLU H 61 18.63 55.85 1.67
C GLU H 61 18.31 56.19 0.20
N GLU H 62 18.80 55.37 -0.72
CA GLU H 62 18.54 55.59 -2.15
C GLU H 62 17.04 55.55 -2.40
N CYS H 63 16.36 54.63 -1.74
CA CYS H 63 14.91 54.57 -1.86
C CYS H 63 14.22 55.88 -1.45
N LEU H 64 14.55 56.38 -0.26
CA LEU H 64 13.89 57.61 0.24
C LEU H 64 14.22 58.83 -0.61
N ALA H 65 15.47 58.95 -1.03
CA ALA H 65 15.87 60.06 -1.90
C ALA H 65 15.03 60.09 -3.18
N GLY H 66 14.82 58.91 -3.76
CA GLY H 66 14.06 58.76 -4.98
C GLY H 66 12.61 59.20 -4.84
N LEU H 67 12.04 59.04 -3.64
CA LEU H 67 10.66 59.48 -3.38
C LEU H 67 10.48 61.01 -3.57
N GLU H 68 11.57 61.75 -3.45
CA GLU H 68 11.47 63.21 -3.59
C GLU H 68 12.34 63.72 -4.73
N ARG H 69 12.75 62.82 -5.63
CA ARG H 69 13.62 63.18 -6.75
C ARG H 69 14.77 64.04 -6.25
N ALA H 70 15.47 63.57 -5.23
CA ALA H 70 16.51 64.34 -4.58
C ALA H 70 17.80 63.54 -4.61
N PRO H 71 18.95 64.24 -4.57
CA PRO H 71 20.20 63.47 -4.68
C PRO H 71 20.62 62.73 -3.39
N PHE H 72 20.18 63.17 -2.22
CA PHE H 72 20.72 62.62 -0.98
C PHE H 72 19.66 62.24 0.02
N ALA H 73 20.00 61.21 0.81
CA ALA H 73 19.24 60.92 2.01
C ALA H 73 20.13 60.22 3.02
N THR H 74 19.89 60.48 4.29
CA THR H 74 20.63 59.82 5.36
C THR H 74 19.67 59.29 6.42
N VAL H 75 19.80 58.03 6.79
CA VAL H 75 18.92 57.45 7.82
C VAL H 75 19.61 57.34 9.19
N PHE H 76 18.80 57.28 10.25
CA PHE H 76 19.24 57.45 11.62
C PHE H 76 18.56 56.46 12.56
N SER H 77 19.01 56.41 13.81
CA SER H 77 18.45 55.52 14.83
C SER H 77 16.98 55.79 15.11
N SER H 78 16.56 57.03 14.85
CA SER H 78 15.20 57.46 15.14
C SER H 78 14.98 58.80 14.48
N GLY H 79 13.72 59.26 14.46
CA GLY H 79 13.43 60.62 14.04
C GLY H 79 14.17 61.64 14.88
N GLN H 80 14.15 61.45 16.20
CA GLN H 80 14.90 62.32 17.13
C GLN H 80 16.38 62.45 16.73
N ALA H 81 17.00 61.34 16.34
CA ALA H 81 18.41 61.36 15.94
C ALA H 81 18.61 62.16 14.66
N ALA H 82 17.67 62.02 13.72
CA ALA H 82 17.71 62.81 12.49
C ALA H 82 17.55 64.31 12.82
N ALA H 83 16.60 64.62 13.68
CA ALA H 83 16.40 65.98 14.17
C ALA H 83 17.65 66.54 14.86
N ALA H 84 18.23 65.75 15.78
CA ALA H 84 19.41 66.16 16.54
C ALA H 84 20.58 66.48 15.62
N THR H 85 20.71 65.68 14.57
CA THR H 85 21.82 65.82 13.64
C THR H 85 21.71 67.15 12.89
N LEU H 86 20.51 67.48 12.46
CA LEU H 86 20.27 68.72 11.75
C LEU H 86 20.45 69.93 12.68
N LEU H 87 19.93 69.86 13.89
CA LEU H 87 20.08 70.95 14.85
C LEU H 87 21.54 71.21 15.21
N SER H 88 22.35 70.16 15.24
CA SER H 88 23.75 70.27 15.65
C SER H 88 24.55 71.19 14.71
N LEU H 89 24.06 71.36 13.49
CA LEU H 89 24.77 72.19 12.52
C LEU H 89 24.52 73.68 12.71
N VAL H 90 23.57 74.03 13.56
CA VAL H 90 23.35 75.44 13.92
C VAL H 90 24.46 75.85 14.88
N ARG H 91 25.17 76.93 14.56
CA ARG H 91 26.31 77.37 15.36
C ARG H 91 25.92 78.39 16.41
N PRO H 92 26.52 78.29 17.61
CA PRO H 92 26.24 79.26 18.66
C PRO H 92 26.48 80.66 18.14
N GLY H 93 25.44 81.49 18.21
CA GLY H 93 25.44 82.80 17.58
C GLY H 93 24.28 82.88 16.61
N GLN H 94 23.82 81.72 16.14
CA GLN H 94 22.76 81.66 15.13
C GLN H 94 21.37 81.31 15.69
N CYS H 95 20.33 81.76 14.99
CA CYS H 95 18.95 81.57 15.43
C CYS H 95 18.20 80.46 14.68
N VAL H 96 17.35 79.74 15.42
CA VAL H 96 16.47 78.71 14.87
C VAL H 96 14.99 79.08 15.09
N VAL H 97 14.29 79.42 14.01
CA VAL H 97 12.89 79.84 14.14
C VAL H 97 11.91 78.70 13.96
N SER H 98 11.15 78.44 15.01
CA SER H 98 10.12 77.42 14.93
C SER H 98 8.82 77.96 15.48
N THR H 99 7.86 77.08 15.70
CA THR H 99 6.58 77.49 16.25
C THR H 99 6.41 76.75 17.57
N ASP H 100 5.60 77.30 18.47
CA ASP H 100 5.51 76.77 19.82
C ASP H 100 4.69 75.48 19.90
N ASP H 101 4.60 74.75 18.80
CA ASP H 101 3.67 73.62 18.69
C ASP H 101 4.27 72.41 18.02
N VAL H 102 5.58 72.39 17.89
CA VAL H 102 6.25 71.27 17.25
C VAL H 102 6.12 70.03 18.13
N TYR H 103 6.29 68.87 17.50
CA TYR H 103 6.37 67.58 18.17
C TYR H 103 7.26 67.72 19.40
N ALA H 104 6.82 67.15 20.53
CA ALA H 104 7.48 67.39 21.82
C ALA H 104 8.97 67.06 21.85
N GLY H 105 9.36 66.05 21.08
CA GLY H 105 10.77 65.67 21.00
C GLY H 105 11.59 66.84 20.47
N THR H 106 11.15 67.40 19.35
CA THR H 106 11.82 68.54 18.72
C THR H 106 12.03 69.71 19.69
N ASP H 107 11.04 70.00 20.52
CA ASP H 107 11.20 71.11 21.45
C ASP H 107 12.02 70.71 22.67
N GLY H 108 12.25 69.41 22.84
CA GLY H 108 13.15 68.92 23.85
C GLY H 108 14.58 69.00 23.34
N LEU H 109 14.72 69.05 22.02
CA LEU H 109 16.03 69.26 21.39
C LEU H 109 16.41 70.74 21.27
N PHE H 110 15.41 71.59 20.95
CA PHE H 110 15.62 73.04 20.96
C PHE H 110 16.26 73.54 22.26
N ASP H 111 15.79 73.02 23.39
CA ASP H 111 16.23 73.52 24.70
C ASP H 111 17.66 73.10 25.04
N LEU H 112 17.99 71.84 24.82
CA LEU H 112 19.32 71.29 25.10
C LEU H 112 20.39 72.11 24.39
N ALA H 113 20.04 72.64 23.23
CA ALA H 113 20.96 73.43 22.42
C ALA H 113 21.04 74.86 22.96
N ALA H 114 19.90 75.38 23.39
CA ALA H 114 19.85 76.67 24.05
C ALA H 114 20.71 76.65 25.31
N ARG H 115 21.05 75.44 25.77
CA ARG H 115 21.98 75.25 26.88
C ARG H 115 23.41 75.47 26.42
N GLN H 116 23.62 75.69 25.13
CA GLN H 116 24.97 75.87 24.63
C GLN H 116 25.27 77.29 24.15
N GLY H 117 24.28 77.93 23.54
CA GLY H 117 24.42 79.30 23.07
C GLY H 117 23.54 79.53 21.86
N VAL H 118 22.53 78.68 21.73
CA VAL H 118 21.59 78.69 20.61
C VAL H 118 20.39 79.59 20.90
N ARG H 119 20.14 80.56 20.01
CA ARG H 119 18.98 81.43 20.19
C ARG H 119 17.76 80.87 19.45
N VAL H 120 16.83 80.28 20.19
CA VAL H 120 15.61 79.72 19.62
C VAL H 120 14.49 80.79 19.57
N ARG H 121 13.86 80.92 18.40
CA ARG H 121 12.80 81.93 18.21
C ARG H 121 11.48 81.29 17.81
N TYR H 122 10.50 81.33 18.71
CA TYR H 122 9.17 80.81 18.40
C TYR H 122 8.31 81.88 17.74
N ALA H 123 7.36 81.43 16.92
CA ALA H 123 6.55 82.36 16.14
C ALA H 123 5.34 81.69 15.51
N ASP H 124 4.31 82.47 15.23
CA ASP H 124 3.20 81.98 14.43
C ASP H 124 3.66 81.99 12.97
N LEU H 125 3.66 80.82 12.34
CA LEU H 125 4.04 80.75 10.93
C LEU H 125 2.84 80.50 10.02
N THR H 126 1.66 80.93 10.48
CA THR H 126 0.44 80.78 9.70
C THR H 126 -0.12 82.14 9.29
N THR H 127 0.56 83.20 9.73
CA THR H 127 0.19 84.57 9.46
C THR H 127 1.34 85.26 8.75
N PRO H 128 1.05 86.31 7.94
CA PRO H 128 2.09 87.00 7.14
C PRO H 128 3.01 87.89 7.97
N GLU H 129 2.42 88.60 8.94
CA GLU H 129 3.21 89.42 9.84
C GLU H 129 4.06 88.55 10.76
N GLY H 130 3.47 87.47 11.26
CA GLY H 130 4.19 86.52 12.08
C GLY H 130 5.48 86.10 11.41
N ILE H 131 5.36 85.63 10.17
CA ILE H 131 6.50 85.27 9.33
C ILE H 131 7.48 86.43 9.17
N ALA H 132 6.94 87.63 8.96
CA ALA H 132 7.74 88.83 8.72
C ALA H 132 8.65 89.13 9.91
N ALA H 133 8.05 89.27 11.09
CA ALA H 133 8.81 89.56 12.30
C ALA H 133 9.47 88.32 12.88
N ALA H 134 9.30 87.16 12.24
CA ALA H 134 9.93 85.94 12.74
C ALA H 134 11.24 85.66 12.04
N LEU H 135 11.38 86.16 10.82
CA LEU H 135 12.60 85.91 10.06
C LEU H 135 13.55 87.11 10.08
N ALA H 136 13.05 88.28 10.48
CA ALA H 136 13.89 89.47 10.49
C ALA H 136 15.03 89.41 11.52
N GLU H 137 15.27 88.21 12.06
CA GLU H 137 16.20 88.05 13.18
C GLU H 137 17.65 87.79 12.75
N PRO H 138 18.58 88.66 13.19
CA PRO H 138 20.01 88.54 12.84
C PRO H 138 20.56 87.14 13.08
N ASP H 139 21.54 86.76 12.25
CA ASP H 139 22.14 85.43 12.31
C ASP H 139 21.06 84.37 12.20
N LEU H 140 20.09 84.62 11.32
CA LEU H 140 19.05 83.64 11.02
C LEU H 140 19.68 82.47 10.29
N ALA H 141 19.47 81.27 10.79
CA ALA H 141 20.14 80.10 10.22
C ALA H 141 19.20 78.93 9.93
N LEU H 142 18.09 78.84 10.64
CA LEU H 142 17.20 77.70 10.49
C LEU H 142 15.73 78.01 10.78
N VAL H 143 14.86 77.60 9.86
CA VAL H 143 13.43 77.66 10.10
C VAL H 143 12.86 76.25 10.12
N TRP H 144 12.21 75.91 11.24
CA TRP H 144 11.72 74.57 11.49
C TRP H 144 10.21 74.54 11.37
N ILE H 145 9.71 73.88 10.33
CA ILE H 145 8.29 73.79 10.07
C ILE H 145 7.78 72.37 10.26
N GLU H 146 6.86 72.18 11.19
CA GLU H 146 6.14 70.92 11.27
C GLU H 146 4.73 71.17 10.77
N THR H 147 4.30 70.45 9.74
CA THR H 147 2.99 70.71 9.16
C THR H 147 2.41 69.47 8.49
N PRO H 148 1.12 69.19 8.75
CA PRO H 148 0.30 69.84 9.77
C PRO H 148 0.83 69.63 11.18
N THR H 149 0.41 70.46 12.13
CA THR H 149 0.86 70.36 13.51
C THR H 149 -0.01 69.37 14.28
N ASN H 150 0.53 68.80 15.34
CA ASN H 150 -0.17 67.74 16.05
C ASN H 150 -0.29 68.14 17.51
N PRO H 151 -1.52 68.22 18.05
CA PRO H 151 -2.76 67.62 17.52
C PRO H 151 -3.83 68.56 16.98
N LEU H 152 -3.56 69.83 16.72
CA LEU H 152 -4.66 70.68 16.24
C LEU H 152 -4.77 70.70 14.71
N LEU H 153 -3.73 70.21 14.05
CA LEU H 153 -3.73 70.05 12.59
C LEU H 153 -3.82 71.42 11.91
N THR H 154 -3.24 72.44 12.53
CA THR H 154 -2.99 73.66 11.80
C THR H 154 -1.82 73.38 10.88
N VAL H 155 -1.71 74.19 9.83
CA VAL H 155 -0.86 73.93 8.71
C VAL H 155 -0.02 75.18 8.41
N VAL H 156 1.17 74.99 7.85
CA VAL H 156 2.03 76.12 7.48
C VAL H 156 2.35 76.11 5.97
N ASP H 157 2.24 77.28 5.35
CA ASP H 157 2.51 77.47 3.93
C ASP H 157 4.01 77.34 3.66
N VAL H 158 4.46 76.10 3.42
CA VAL H 158 5.86 75.81 3.16
C VAL H 158 6.51 76.65 2.06
N ALA H 159 5.86 76.78 0.91
CA ALA H 159 6.46 77.53 -0.19
C ALA H 159 6.65 78.99 0.19
N GLU H 160 5.70 79.54 0.93
CA GLU H 160 5.77 80.94 1.32
C GLU H 160 6.90 81.19 2.32
N VAL H 161 6.89 80.45 3.44
CA VAL H 161 7.93 80.58 4.44
C VAL H 161 9.29 80.41 3.79
N SER H 162 9.40 79.46 2.88
CA SER H 162 10.67 79.18 2.19
C SER H 162 11.24 80.34 1.37
N ARG H 163 10.43 80.98 0.53
CA ARG H 163 10.90 82.14 -0.19
C ARG H 163 11.34 83.23 0.80
N ARG H 164 10.54 83.36 1.87
CA ARG H 164 10.79 84.38 2.88
C ARG H 164 12.04 84.07 3.70
N ALA H 165 12.26 82.79 4.00
CA ALA H 165 13.45 82.42 4.75
C ALA H 165 14.72 82.49 3.88
N HIS H 166 14.56 82.21 2.59
CA HIS H 166 15.69 82.18 1.67
C HIS H 166 16.17 83.57 1.27
N GLU H 167 15.30 84.56 1.45
CA GLU H 167 15.73 85.94 1.33
C GLU H 167 16.73 86.23 2.44
N ARG H 168 16.44 85.75 3.65
CA ARG H 168 17.38 85.89 4.77
C ARG H 168 18.57 84.94 4.62
N GLY H 169 18.48 84.02 3.67
CA GLY H 169 19.58 83.09 3.44
C GLY H 169 19.56 81.86 4.34
N ALA H 170 18.63 81.84 5.30
CA ALA H 170 18.51 80.71 6.22
C ALA H 170 18.07 79.41 5.54
N ARG H 171 18.31 78.29 6.21
CA ARG H 171 17.88 76.97 5.73
C ARG H 171 16.48 76.62 6.26
N VAL H 172 15.72 75.86 5.48
CA VAL H 172 14.35 75.51 5.84
C VAL H 172 14.16 74.00 5.94
N VAL H 173 13.73 73.52 7.09
CA VAL H 173 13.40 72.11 7.24
C VAL H 173 11.90 71.90 7.48
N VAL H 174 11.33 70.89 6.83
CA VAL H 174 9.97 70.49 7.14
C VAL H 174 9.96 69.10 7.77
N ASP H 175 9.36 68.99 8.94
CA ASP H 175 9.14 67.67 9.52
C ASP H 175 7.89 67.15 8.84
N ASN H 176 8.09 66.22 7.90
CA ASN H 176 7.05 65.73 7.01
C ASN H 176 6.47 64.37 7.48
N THR H 177 6.73 64.03 8.73
CA THR H 177 6.25 62.77 9.32
C THR H 177 4.74 62.59 9.25
N PHE H 178 4.00 63.59 9.74
CA PHE H 178 2.54 63.60 9.73
C PHE H 178 1.98 63.15 8.36
N ALA H 179 2.57 63.66 7.28
CA ALA H 179 1.95 63.54 5.97
C ALA H 179 2.50 62.40 5.12
N SER H 180 3.81 62.19 5.20
CA SER H 180 4.58 61.29 4.33
C SER H 180 4.82 61.87 2.93
N PRO H 181 5.87 61.38 2.26
CA PRO H 181 6.16 61.75 0.86
C PRO H 181 5.03 61.44 -0.15
N VAL H 182 4.09 60.58 0.21
CA VAL H 182 2.94 60.29 -0.65
C VAL H 182 1.98 61.49 -0.69
N LEU H 183 2.00 62.31 0.36
CA LEU H 183 1.02 63.39 0.47
C LEU H 183 1.58 64.80 0.31
N GLN H 184 2.86 64.99 0.63
CA GLN H 184 3.43 66.33 0.64
C GLN H 184 4.92 66.18 0.35
N GLN H 185 5.44 67.04 -0.53
CA GLN H 185 6.81 66.99 -1.00
C GLN H 185 7.55 68.30 -0.64
N PRO H 186 8.12 68.35 0.56
CA PRO H 186 8.78 69.56 1.09
C PRO H 186 9.78 70.21 0.12
N LEU H 187 10.61 69.41 -0.55
CA LEU H 187 11.62 69.97 -1.44
C LEU H 187 10.98 70.63 -2.68
N ALA H 188 9.92 70.02 -3.20
CA ALA H 188 9.19 70.57 -4.34
C ALA H 188 8.57 71.92 -4.00
N LEU H 189 8.18 72.08 -2.74
CA LEU H 189 7.69 73.36 -2.24
C LEU H 189 8.84 74.29 -1.88
N GLY H 190 10.07 73.89 -2.21
CA GLY H 190 11.20 74.78 -2.07
C GLY H 190 11.90 74.79 -0.72
N ALA H 191 11.57 73.82 0.14
CA ALA H 191 12.31 73.67 1.38
C ALA H 191 13.67 73.03 1.07
N ASP H 192 14.58 73.03 2.05
CA ASP H 192 15.91 72.48 1.83
C ASP H 192 16.10 71.05 2.37
N VAL H 193 15.29 70.67 3.36
CA VAL H 193 15.47 69.39 4.03
C VAL H 193 14.13 68.84 4.45
N SER H 194 13.84 67.59 4.10
CA SER H 194 12.68 66.90 4.65
C SER H 194 13.15 66.04 5.81
N LEU H 195 12.53 66.21 6.97
CA LEU H 195 12.88 65.43 8.15
C LEU H 195 11.78 64.44 8.46
N TYR H 196 12.16 63.19 8.76
CA TYR H 196 11.17 62.18 9.08
C TYR H 196 11.50 61.41 10.35
N SER H 197 10.45 60.92 10.99
CA SER H 197 10.54 59.71 11.81
C SER H 197 9.97 58.58 10.97
N THR H 198 10.82 57.69 10.46
CA THR H 198 10.34 56.57 9.67
C THR H 198 9.64 55.52 10.56
N THR H 199 9.76 55.69 11.88
CA THR H 199 9.02 54.90 12.88
C THR H 199 7.50 54.85 12.63
N1 LLP H 200 8.73 64.34 14.64
C2 LLP H 200 7.52 63.85 14.39
C2' LLP H 200 6.47 64.72 13.63
C3 LLP H 200 7.20 62.54 14.86
O3 LLP H 200 5.93 62.02 14.61
C4 LLP H 200 8.12 61.79 15.54
C4' LLP H 200 7.69 60.30 16.03
C5 LLP H 200 9.38 62.31 15.79
C6 LLP H 200 9.69 63.59 15.33
C5' LLP H 200 10.49 61.53 16.56
OP4 LLP H 200 10.81 60.34 15.89
P LLP H 200 11.24 59.10 16.71
OP1 LLP H 200 11.49 58.00 15.67
OP2 LLP H 200 12.48 59.39 17.47
OP3 LLP H 200 10.15 58.72 17.64
N LLP H 200 6.98 55.90 11.98
CA LLP H 200 5.53 56.04 11.79
CB LLP H 200 5.23 57.51 11.95
CG LLP H 200 6.02 58.03 13.16
CD LLP H 200 5.15 58.23 14.43
CE LLP H 200 6.04 58.59 15.65
NZ LLP H 200 6.30 60.06 15.75
C LLP H 200 5.09 55.37 10.50
O LLP H 200 5.30 54.17 10.38
N SER H 201 4.50 56.10 9.55
CA SER H 201 3.94 55.47 8.34
C SER H 201 4.92 54.88 7.33
N ILE H 202 6.14 55.42 7.25
CA ILE H 202 7.12 54.90 6.31
C ILE H 202 7.41 53.40 6.63
N ALA H 203 7.79 53.11 7.87
CA ALA H 203 7.94 51.72 8.29
C ALA H 203 6.56 51.08 8.49
N GLY H 204 5.64 51.84 9.08
CA GLY H 204 4.23 51.55 8.95
C GLY H 204 3.66 50.37 9.71
N HIS H 205 4.50 49.55 10.35
CA HIS H 205 4.01 48.33 10.99
C HIS H 205 4.30 48.30 12.49
N ALA H 206 4.63 49.49 13.01
CA ALA H 206 4.93 49.68 14.43
C ALA H 206 5.91 48.65 14.98
N ASP H 207 6.96 48.32 14.20
CA ASP H 207 7.91 47.30 14.65
C ASP H 207 9.38 47.67 14.47
N VAL H 208 9.65 48.97 14.35
CA VAL H 208 11.01 49.47 14.21
C VAL H 208 10.98 50.98 14.47
N LEU H 209 12.08 51.49 15.01
CA LEU H 209 12.27 52.92 15.14
C LEU H 209 13.22 53.35 14.03
N GLY H 210 13.14 54.62 13.64
CA GLY H 210 14.07 55.13 12.63
C GLY H 210 13.77 56.57 12.22
N GLY H 211 14.79 57.23 11.70
CA GLY H 211 14.66 58.56 11.16
C GLY H 211 15.34 58.69 9.80
N ALA H 212 15.09 59.82 9.14
CA ALA H 212 15.64 60.11 7.83
C ALA H 212 15.70 61.63 7.62
N LEU H 213 16.73 62.05 6.89
CA LEU H 213 16.84 63.39 6.34
C LEU H 213 16.97 63.22 4.83
N VAL H 214 16.20 63.98 4.07
CA VAL H 214 16.28 63.95 2.61
C VAL H 214 16.47 65.38 2.11
N TYR H 215 17.41 65.57 1.18
CA TYR H 215 17.89 66.91 0.90
C TYR H 215 18.75 66.94 -0.37
N ARG H 216 19.03 68.14 -0.89
CA ARG H 216 19.77 68.23 -2.14
C ARG H 216 21.18 68.77 -1.95
N ASP H 217 21.43 69.29 -0.76
CA ASP H 217 22.64 70.06 -0.46
C ASP H 217 23.87 69.18 -0.22
N ALA H 218 24.88 69.31 -1.09
CA ALA H 218 26.07 68.46 -1.05
C ALA H 218 27.02 68.85 0.06
N ASP H 219 27.11 70.13 0.38
CA ASP H 219 27.90 70.54 1.52
C ASP H 219 27.19 70.08 2.80
N LEU H 220 25.86 70.15 2.82
CA LEU H 220 25.10 69.66 3.96
C LEU H 220 25.25 68.15 4.10
N HIS H 221 25.21 67.45 2.97
CA HIS H 221 25.36 65.99 2.95
C HIS H 221 26.63 65.56 3.67
N ALA H 222 27.76 66.21 3.35
CA ALA H 222 29.02 65.89 4.01
C ALA H 222 28.95 66.07 5.53
N ALA H 223 28.38 67.20 5.98
CA ALA H 223 28.28 67.49 7.41
C ALA H 223 27.38 66.48 8.15
N VAL H 224 26.26 66.12 7.54
CA VAL H 224 25.32 65.19 8.15
C VAL H 224 25.99 63.83 8.33
N ARG H 225 26.69 63.38 7.31
CA ARG H 225 27.38 62.09 7.39
C ARG H 225 28.55 62.13 8.40
N ALA H 226 29.27 63.25 8.45
CA ALA H 226 30.33 63.39 9.44
C ALA H 226 29.76 63.30 10.87
N TYR H 227 28.63 63.97 11.11
CA TYR H 227 28.03 63.93 12.43
C TYR H 227 27.50 62.53 12.78
N ARG H 228 26.84 61.88 11.83
CA ARG H 228 26.33 60.53 12.08
C ARG H 228 27.49 59.58 12.37
N THR H 229 28.55 59.68 11.57
CA THR H 229 29.72 58.83 11.74
C THR H 229 30.34 59.05 13.12
N THR H 230 30.33 60.29 13.58
CA THR H 230 30.92 60.64 14.86
C THR H 230 29.98 60.46 16.05
N ALA H 231 28.73 60.88 15.89
CA ALA H 231 27.76 60.70 16.97
C ALA H 231 27.37 59.22 17.08
N GLY H 232 27.54 58.47 16.00
CA GLY H 232 27.18 57.06 15.98
C GLY H 232 25.71 56.77 16.12
N ASN H 233 24.86 57.71 15.70
CA ASN H 233 23.43 57.52 15.84
C ASN H 233 22.85 56.79 14.62
N VAL H 234 23.57 55.74 14.23
CA VAL H 234 23.29 54.93 13.05
C VAL H 234 22.26 53.84 13.39
N PRO H 235 21.33 53.53 12.47
CA PRO H 235 20.32 52.53 12.80
C PRO H 235 20.88 51.14 12.55
N GLY H 236 20.17 50.08 12.91
CA GLY H 236 20.63 48.74 12.57
C GLY H 236 20.36 48.28 11.13
N ALA H 237 21.14 47.30 10.68
CA ALA H 237 20.95 46.72 9.35
C ALA H 237 19.63 45.92 9.19
N LEU H 238 19.28 45.10 10.18
CA LEU H 238 18.01 44.39 10.15
C LEU H 238 16.89 45.42 10.29
N ASP H 239 17.20 46.46 11.05
CA ASP H 239 16.39 47.62 11.25
C ASP H 239 16.13 48.38 9.93
N CYS H 240 17.16 48.55 9.11
CA CYS H 240 16.96 49.20 7.82
C CYS H 240 16.12 48.32 6.90
N PHE H 241 16.29 46.99 7.02
CA PHE H 241 15.47 46.05 6.25
C PHE H 241 13.97 46.19 6.50
N LEU H 242 13.57 46.24 7.76
CA LEU H 242 12.15 46.35 8.12
C LEU H 242 11.54 47.69 7.68
N VAL H 243 12.28 48.78 7.81
CA VAL H 243 11.79 50.05 7.25
C VAL H 243 11.60 49.93 5.74
N ARG H 244 12.63 49.44 5.04
CA ARG H 244 12.58 49.28 3.59
C ARG H 244 11.42 48.37 3.20
N ARG H 245 11.20 47.32 3.97
CA ARG H 245 10.11 46.39 3.65
C ARG H 245 8.74 47.07 3.78
N GLY H 246 8.58 47.92 4.80
CA GLY H 246 7.36 48.69 4.98
C GLY H 246 7.05 49.66 3.84
N LEU H 247 8.09 50.33 3.34
CA LEU H 247 7.94 51.32 2.26
C LEU H 247 7.29 50.81 0.97
N HIS H 248 7.48 49.53 0.64
CA HIS H 248 6.82 48.96 -0.55
C HIS H 248 5.35 49.33 -0.53
N THR H 249 4.72 49.16 0.63
CA THR H 249 3.31 49.45 0.74
C THR H 249 3.00 50.82 1.35
N LEU H 250 3.87 51.80 1.18
CA LEU H 250 3.57 53.12 1.76
C LEU H 250 2.33 53.76 1.11
N SER H 251 2.31 53.83 -0.21
CA SER H 251 1.21 54.51 -0.89
C SER H 251 -0.14 53.82 -0.69
N LEU H 252 -0.16 52.49 -0.75
CA LEU H 252 -1.39 51.73 -0.51
C LEU H 252 -1.95 52.00 0.90
N ARG H 253 -1.07 51.97 1.90
CA ARG H 253 -1.48 52.17 3.28
C ARG H 253 -2.02 53.58 3.53
N VAL H 254 -1.38 54.58 2.92
CA VAL H 254 -1.80 55.98 3.06
C VAL H 254 -3.14 56.27 2.39
N HIS H 255 -3.33 55.82 1.15
CA HIS H 255 -4.62 56.02 0.49
C HIS H 255 -5.75 55.38 1.31
N ARG H 256 -5.51 54.18 1.86
CA ARG H 256 -6.51 53.52 2.71
C ARG H 256 -6.78 54.31 4.01
N GLN H 257 -5.73 54.84 4.63
CA GLN H 257 -5.90 55.63 5.85
C GLN H 257 -6.71 56.91 5.60
N VAL H 258 -6.40 57.60 4.51
CA VAL H 258 -7.06 58.86 4.19
C VAL H 258 -8.56 58.67 3.86
N ALA H 259 -8.88 57.60 3.15
CA ALA H 259 -10.28 57.27 2.86
C ALA H 259 -11.02 57.01 4.17
N THR H 260 -10.42 56.21 5.04
CA THR H 260 -11.03 55.91 6.32
C THR H 260 -11.17 57.16 7.21
N ALA H 261 -10.14 58.01 7.23
CA ALA H 261 -10.21 59.26 7.99
C ALA H 261 -11.40 60.12 7.59
N ARG H 262 -11.67 60.26 6.29
CA ARG H 262 -12.84 61.03 5.83
C ARG H 262 -14.13 60.45 6.41
N VAL H 263 -14.31 59.13 6.34
CA VAL H 263 -15.52 58.50 6.87
C VAL H 263 -15.66 58.72 8.39
N LEU H 264 -14.53 58.70 9.11
CA LEU H 264 -14.58 58.92 10.55
C LEU H 264 -14.91 60.37 10.89
N VAL H 265 -14.37 61.30 10.11
CA VAL H 265 -14.66 62.72 10.32
C VAL H 265 -16.16 63.01 10.12
N GLU H 266 -16.76 62.41 9.11
CA GLU H 266 -18.19 62.57 8.90
C GLU H 266 -18.97 61.99 10.08
N ARG H 267 -18.50 60.86 10.60
CA ARG H 267 -19.15 60.26 11.74
C ARG H 267 -19.08 61.19 12.93
N LEU H 268 -17.92 61.81 13.13
CA LEU H 268 -17.70 62.71 14.26
C LEU H 268 -18.62 63.90 14.16
N ARG H 269 -18.80 64.39 12.95
CA ARG H 269 -19.58 65.58 12.72
C ARG H 269 -21.06 65.32 12.93
N ALA H 270 -21.47 64.06 12.89
CA ALA H 270 -22.87 63.70 13.09
C ALA H 270 -23.19 63.32 14.54
N SER H 271 -22.20 63.36 15.42
CA SER H 271 -22.38 62.95 16.81
C SER H 271 -22.78 64.11 17.73
N PRO H 272 -23.71 63.84 18.67
CA PRO H 272 -24.13 64.83 19.67
C PRO H 272 -23.21 64.89 20.89
N VAL H 273 -22.19 64.03 20.94
CA VAL H 273 -21.22 64.14 22.03
C VAL H 273 -19.84 64.57 21.53
N VAL H 274 -19.81 65.18 20.34
CA VAL H 274 -18.59 65.74 19.76
C VAL H 274 -18.75 67.24 19.52
N GLY H 275 -17.73 68.00 19.89
CA GLY H 275 -17.72 69.44 19.65
C GLY H 275 -16.94 69.76 18.39
N ALA H 276 -15.85 70.51 18.53
CA ALA H 276 -15.01 70.83 17.38
C ALA H 276 -14.33 69.59 16.80
N VAL H 277 -14.26 69.52 15.48
CA VAL H 277 -13.51 68.47 14.79
C VAL H 277 -12.38 69.08 13.96
N HIS H 278 -11.16 68.58 14.12
CA HIS H 278 -10.03 69.11 13.37
C HIS H 278 -9.55 68.09 12.35
N TYR H 279 -9.43 68.55 11.11
CA TYR H 279 -8.97 67.71 10.00
C TYR H 279 -8.61 68.63 8.85
N PRO H 280 -7.42 68.45 8.28
CA PRO H 280 -6.92 69.38 7.24
C PRO H 280 -7.79 69.37 5.99
N GLY H 281 -8.62 68.33 5.81
CA GLY H 281 -9.48 68.26 4.65
C GLY H 281 -10.92 68.65 4.87
N LEU H 282 -11.17 69.50 5.87
CA LEU H 282 -12.49 70.10 6.04
C LEU H 282 -12.58 71.46 5.34
N PRO H 283 -13.74 71.77 4.74
CA PRO H 283 -14.01 73.08 4.12
C PRO H 283 -13.68 74.29 5.00
N GLU H 284 -13.83 74.17 6.32
CA GLU H 284 -13.76 75.33 7.20
C GLU H 284 -12.38 75.51 7.77
N HIS H 285 -11.49 74.57 7.47
CA HIS H 285 -10.13 74.64 7.96
C HIS H 285 -9.60 76.03 7.68
N PRO H 286 -9.02 76.66 8.71
CA PRO H 286 -8.58 78.05 8.60
C PRO H 286 -7.37 78.20 7.67
N GLN H 287 -6.85 77.07 7.18
CA GLN H 287 -5.81 77.12 6.15
C GLN H 287 -6.18 76.23 4.97
N HIS H 288 -7.46 76.27 4.59
CA HIS H 288 -7.98 75.40 3.53
C HIS H 288 -7.25 75.63 2.20
N ALA H 289 -7.00 76.88 1.85
CA ALA H 289 -6.37 77.21 0.58
C ALA H 289 -4.92 76.69 0.53
N VAL H 290 -4.29 76.57 1.68
CA VAL H 290 -2.93 76.06 1.73
C VAL H 290 -2.87 74.53 1.70
N VAL H 291 -3.76 73.87 2.45
CA VAL H 291 -3.77 72.40 2.49
C VAL H 291 -3.91 71.88 1.08
N LYS H 292 -4.88 72.41 0.36
CA LYS H 292 -5.13 72.05 -1.02
C LYS H 292 -4.12 72.74 -1.95
N ALA H 293 -2.86 72.73 -1.55
CA ALA H 293 -1.79 73.28 -2.37
C ALA H 293 -0.44 72.66 -1.99
N GLN H 294 -0.40 71.88 -0.93
CA GLN H 294 0.84 71.19 -0.59
C GLN H 294 0.59 69.75 -0.17
N MSE H 295 -0.67 69.42 0.05
CA MSE H 295 -1.08 68.08 0.43
C MSE H 295 -2.00 67.46 -0.62
O MSE H 295 -3.18 67.82 -0.73
CB MSE H 295 -1.82 68.11 1.78
CG MSE H 295 -1.07 68.80 2.89
SE MSE H 295 -2.12 68.78 4.52
CE MSE H 295 -1.92 66.91 5.07
N SER H 296 -1.46 66.53 -1.40
CA SER H 296 -2.27 65.79 -2.38
C SER H 296 -3.52 65.15 -1.76
N ALA H 297 -3.45 64.85 -0.47
CA ALA H 297 -4.58 64.40 0.32
C ALA H 297 -4.30 64.88 1.75
N PRO H 298 -5.36 65.03 2.56
CA PRO H 298 -5.20 65.68 3.88
C PRO H 298 -4.89 64.79 5.07
N GLY H 299 -4.44 63.56 4.87
CA GLY H 299 -3.85 62.80 5.94
C GLY H 299 -4.78 61.91 6.75
N ALA H 300 -4.18 61.29 7.76
CA ALA H 300 -4.80 60.17 8.46
C ALA H 300 -4.95 60.45 9.94
N ILE H 301 -4.68 61.70 10.35
CA ILE H 301 -4.81 62.10 11.74
C ILE H 301 -6.10 62.89 11.88
N VAL H 302 -6.85 62.62 12.93
CA VAL H 302 -8.08 63.35 13.18
C VAL H 302 -8.13 63.67 14.67
N SER H 303 -8.54 64.88 15.02
CA SER H 303 -8.79 65.18 16.43
C SER H 303 -10.16 65.84 16.63
N PHE H 304 -10.67 65.76 17.86
CA PHE H 304 -12.00 66.28 18.16
C PHE H 304 -12.20 66.49 19.66
N ASP H 305 -13.09 67.43 19.98
CA ASP H 305 -13.48 67.67 21.36
C ASP H 305 -14.54 66.65 21.75
N TYR H 306 -14.31 65.95 22.85
CA TYR H 306 -15.29 65.02 23.38
C TYR H 306 -16.16 65.73 24.42
N LEU H 307 -17.48 65.62 24.27
CA LEU H 307 -18.42 66.25 25.18
C LEU H 307 -19.13 65.26 26.11
N GLY H 308 -18.91 63.96 25.94
CA GLY H 308 -19.76 62.97 26.59
C GLY H 308 -19.39 62.49 27.99
N GLY H 309 -18.41 63.14 28.62
CA GLY H 309 -17.97 62.72 29.94
C GLY H 309 -16.44 62.67 30.00
N PRO H 310 -15.89 62.15 31.10
CA PRO H 310 -14.44 62.09 31.28
C PRO H 310 -13.72 61.40 30.12
N ALA H 311 -12.64 62.02 29.64
CA ALA H 311 -11.86 61.47 28.55
C ALA H 311 -11.37 60.06 28.86
N GLU H 312 -10.93 59.82 30.09
CA GLU H 312 -10.39 58.49 30.41
C GLU H 312 -11.45 57.37 30.35
N ARG H 313 -12.72 57.74 30.52
CA ARG H 313 -13.79 56.77 30.31
C ARG H 313 -14.01 56.48 28.82
N LEU H 314 -13.94 57.52 27.98
CA LEU H 314 -13.99 57.32 26.54
C LEU H 314 -12.86 56.37 26.08
N LEU H 315 -11.64 56.67 26.50
CA LEU H 315 -10.49 55.81 26.18
C LEU H 315 -10.78 54.35 26.50
N ASP H 316 -11.31 54.09 27.70
CA ASP H 316 -11.61 52.72 28.13
C ASP H 316 -12.61 51.98 27.23
N ARG H 317 -13.50 52.70 26.57
CA ARG H 317 -14.60 52.07 25.82
C ARG H 317 -14.27 51.64 24.38
N PHE H 318 -13.11 52.02 23.86
CA PHE H 318 -12.71 51.51 22.55
C PHE H 318 -12.43 50.02 22.62
N THR H 319 -12.82 49.27 21.58
CA THR H 319 -12.57 47.82 21.57
C THR H 319 -11.78 47.40 20.32
N LEU H 320 -11.49 48.36 19.45
CA LEU H 320 -10.71 48.10 18.23
C LEU H 320 -9.53 49.08 18.14
N PHE H 321 -9.83 50.38 18.26
CA PHE H 321 -8.77 51.37 18.46
C PHE H 321 -7.95 50.99 19.69
N THR H 322 -6.62 51.06 19.57
CA THR H 322 -5.72 50.83 20.69
C THR H 322 -5.27 52.16 21.28
N CYS H 323 -5.35 52.31 22.59
CA CYS H 323 -4.96 53.56 23.24
C CYS H 323 -3.45 53.57 23.53
N GLY H 324 -2.66 54.12 22.61
CA GLY H 324 -1.22 54.18 22.81
C GLY H 324 -0.62 55.56 22.58
N VAL H 325 0.51 55.60 21.88
CA VAL H 325 1.04 56.80 21.27
C VAL H 325 1.69 56.31 19.98
N SER H 326 2.39 57.19 19.27
CA SER H 326 2.83 57.03 17.87
C SER H 326 1.73 57.44 16.88
N LEU H 327 1.89 56.99 15.64
CA LEU H 327 0.92 57.18 14.59
C LEU H 327 1.46 56.53 13.34
N GLY H 328 0.69 56.53 12.26
CA GLY H 328 1.21 56.14 10.98
C GLY H 328 1.05 54.67 10.64
N GLY H 329 0.96 53.82 11.67
CA GLY H 329 0.94 52.38 11.49
C GLY H 329 -0.32 51.75 10.91
N VAL H 330 -0.33 50.42 10.86
CA VAL H 330 -1.50 49.67 10.38
C VAL H 330 -2.59 49.53 11.46
N HIS H 331 -2.18 49.62 12.72
CA HIS H 331 -3.10 49.52 13.85
C HIS H 331 -3.66 50.92 14.17
N SER H 332 -4.98 51.07 14.17
CA SER H 332 -5.56 52.36 14.53
C SER H 332 -5.29 52.69 16.00
N LEU H 333 -4.92 53.94 16.28
CA LEU H 333 -4.66 54.35 17.65
C LEU H 333 -5.46 55.57 18.10
N VAL H 334 -5.65 55.67 19.41
CA VAL H 334 -6.37 56.81 19.98
C VAL H 334 -5.65 57.33 21.22
N GLU H 335 -5.56 58.66 21.32
CA GLU H 335 -5.22 59.31 22.55
C GLU H 335 -5.99 60.63 22.70
N CYS H 336 -5.76 61.27 23.83
CA CYS H 336 -6.34 62.51 24.28
C CYS H 336 -5.14 63.31 24.82
N PRO H 337 -4.54 64.16 23.98
CA PRO H 337 -3.28 64.83 24.31
C PRO H 337 -3.12 65.25 25.78
N ALA H 338 -4.20 65.63 26.45
CA ALA H 338 -4.05 66.12 27.81
C ALA H 338 -3.48 65.07 28.77
N LEU H 339 -3.88 63.80 28.61
CA LEU H 339 -3.55 62.78 29.63
C LEU H 339 -2.28 61.93 29.36
N MSE H 340 -1.57 62.20 28.27
CA MSE H 340 -0.63 61.18 27.80
C MSE H 340 0.60 61.61 26.98
O MSE H 340 1.40 60.76 26.65
CB MSE H 340 -1.41 60.18 26.99
CG MSE H 340 -2.14 60.87 25.94
SE MSE H 340 -4.01 60.44 25.72
CE MSE H 340 -3.79 58.49 26.19
N THR H 341 0.73 62.90 26.66
CA THR H 341 1.80 63.46 25.84
C THR H 341 2.01 64.89 26.30
N HIS H 342 0.91 65.62 26.36
CA HIS H 342 0.91 67.00 26.81
C HIS H 342 0.29 67.02 28.21
N ARG H 343 0.89 66.24 29.10
CA ARG H 343 0.36 66.13 30.44
C ARG H 343 1.26 66.70 31.53
N PRO H 344 2.59 66.55 31.36
CA PRO H 344 3.54 67.40 32.09
C PRO H 344 3.62 68.81 31.48
N LEU H 345 2.73 69.07 30.53
CA LEU H 345 2.24 70.42 30.24
C LEU H 345 0.96 70.48 31.04
N SER H 346 0.89 71.38 32.01
CA SER H 346 -0.28 71.49 32.89
C SER H 346 -1.52 71.95 32.12
N ALA H 347 -2.63 72.06 32.85
CA ALA H 347 -3.88 72.55 32.30
C ALA H 347 -3.89 74.08 32.34
N GLU H 348 -2.69 74.66 32.31
CA GLU H 348 -2.53 76.11 32.32
C GLU H 348 -1.75 76.50 31.07
N ALA H 349 -1.15 75.49 30.43
CA ALA H 349 -0.40 75.71 29.20
C ALA H 349 -1.14 75.05 28.04
N ARG H 350 -1.79 73.93 28.30
CA ARG H 350 -2.70 73.34 27.33
C ARG H 350 -3.71 74.40 26.96
N ALA H 351 -4.23 75.08 27.98
CA ALA H 351 -5.17 76.18 27.80
C ALA H 351 -4.65 77.19 26.77
N ARG H 352 -3.51 77.82 27.07
CA ARG H 352 -2.86 78.70 26.10
C ARG H 352 -2.62 78.03 24.74
N ARG H 353 -2.55 76.69 24.72
CA ARG H 353 -2.19 75.93 23.50
C ARG H 353 -3.35 75.46 22.61
N GLY H 354 -4.60 75.69 23.03
CA GLY H 354 -5.76 75.24 22.28
C GLY H 354 -6.07 73.75 22.39
N ILE H 355 -5.45 73.09 23.37
CA ILE H 355 -5.66 71.66 23.61
C ILE H 355 -6.49 71.46 24.88
N GLY H 356 -7.79 71.21 24.72
CA GLY H 356 -8.66 71.04 25.87
C GLY H 356 -8.45 69.72 26.59
N GLU H 357 -8.93 69.66 27.84
CA GLU H 357 -8.81 68.44 28.65
C GLU H 357 -9.46 67.23 27.99
N SER H 358 -10.38 67.45 27.05
CA SER H 358 -11.00 66.31 26.37
C SER H 358 -10.88 66.34 24.85
N LEU H 359 -9.84 66.98 24.32
CA LEU H 359 -9.50 66.79 22.92
C LEU H 359 -8.96 65.37 22.74
N ILE H 360 -9.47 64.68 21.73
CA ILE H 360 -9.12 63.30 21.46
C ILE H 360 -8.43 63.24 20.10
N ARG H 361 -7.39 62.44 19.98
CA ARG H 361 -6.71 62.30 18.68
C ARG H 361 -6.73 60.86 18.16
N LEU H 362 -7.14 60.74 16.89
CA LEU H 362 -7.15 59.46 16.19
C LEU H 362 -6.03 59.34 15.14
N SER H 363 -5.33 58.21 15.17
CA SER H 363 -4.39 57.86 14.11
C SER H 363 -5.00 56.68 13.35
N VAL H 364 -5.35 56.90 12.09
CA VAL H 364 -6.17 55.94 11.36
C VAL H 364 -5.31 54.82 10.73
N GLY H 365 -5.72 53.57 10.94
CA GLY H 365 -5.04 52.43 10.37
C GLY H 365 -5.79 51.84 9.18
N ILE H 366 -5.41 50.61 8.77
CA ILE H 366 -5.95 50.02 7.55
C ILE H 366 -7.03 48.97 7.79
N GLU H 367 -7.60 49.00 9.00
CA GLU H 367 -8.75 48.16 9.32
C GLU H 367 -9.95 48.55 8.45
N ASP H 368 -10.95 47.68 8.37
CA ASP H 368 -12.16 48.01 7.63
C ASP H 368 -12.73 49.31 8.17
N PRO H 369 -12.99 50.29 7.29
CA PRO H 369 -13.53 51.58 7.75
C PRO H 369 -14.83 51.41 8.56
N GLN H 370 -15.69 50.49 8.12
CA GLN H 370 -16.93 50.24 8.85
C GLN H 370 -16.67 49.76 10.28
N ASP H 371 -15.71 48.86 10.45
CA ASP H 371 -15.35 48.41 11.80
C ASP H 371 -14.83 49.55 12.70
N LEU H 372 -13.96 50.38 12.15
CA LEU H 372 -13.46 51.54 12.89
C LEU H 372 -14.60 52.51 13.23
N ALA H 373 -15.46 52.81 12.25
CA ALA H 373 -16.58 53.71 12.47
C ALA H 373 -17.45 53.16 13.59
N GLU H 374 -17.75 51.86 13.52
CA GLU H 374 -18.62 51.23 14.51
C GLU H 374 -17.99 51.26 15.91
N ASP H 375 -16.69 50.98 16.01
CA ASP H 375 -16.00 51.10 17.30
C ASP H 375 -16.01 52.53 17.83
N LEU H 376 -15.77 53.49 16.95
CA LEU H 376 -15.81 54.90 17.35
C LEU H 376 -17.21 55.26 17.88
N SER H 377 -18.23 54.75 17.21
CA SER H 377 -19.62 55.00 17.63
C SER H 377 -19.97 54.40 18.98
N ARG H 378 -19.52 53.18 19.24
CA ARG H 378 -19.81 52.56 20.53
C ARG H 378 -19.13 53.32 21.67
N ALA H 379 -17.87 53.70 21.46
CA ALA H 379 -17.11 54.37 22.51
C ALA H 379 -17.64 55.77 22.83
N LEU H 380 -17.97 56.54 21.79
CA LEU H 380 -18.55 57.87 22.00
C LEU H 380 -19.84 57.75 22.77
N ALA H 381 -20.56 56.67 22.50
CA ALA H 381 -21.88 56.44 23.07
C ALA H 381 -22.77 57.64 22.78
N GLY H 382 -23.57 58.07 23.74
CA GLY H 382 -24.49 59.17 23.49
C GLY H 382 -25.42 58.93 22.31
N GLY H 383 -26.14 57.80 22.33
CA GLY H 383 -27.18 57.51 21.36
C GLY H 383 -26.69 57.21 19.96
O1 MES I . -14.28 -15.64 -20.74
C2 MES I . -14.06 -14.99 -22.01
C3 MES I . -12.59 -14.78 -22.38
N4 MES I . -11.91 -16.00 -22.04
C5 MES I . -12.12 -16.65 -20.75
C6 MES I . -13.10 -15.79 -19.96
C7 MES I . -11.39 -16.82 -23.14
C8 MES I . -10.22 -16.09 -23.78
S MES I . -9.69 -16.96 -25.12
O1S MES I . -8.58 -16.24 -25.74
O2S MES I . -9.20 -18.30 -24.68
O3S MES I . -10.80 -17.14 -26.10
C1 GOL J . 8.00 -12.40 -4.00
O1 GOL J . 7.72 -13.31 -5.04
C2 GOL J . 8.13 -13.20 -2.71
O2 GOL J . 9.16 -12.65 -1.90
C3 GOL J . 8.44 -14.66 -3.03
O3 GOL J . 9.80 -14.80 -3.37
C1 GOL K . -0.55 -44.76 -5.79
O1 GOL K . -0.25 -44.19 -7.03
C2 GOL K . -0.60 -43.63 -4.78
O2 GOL K . 0.16 -44.02 -3.65
C3 GOL K . 0.06 -42.41 -5.40
O3 GOL K . -0.79 -41.80 -6.35
C1 GOL L . 15.73 -23.52 -17.26
O1 GOL L . 15.49 -24.58 -18.17
C2 GOL L . 16.54 -24.04 -16.08
O2 GOL L . 17.61 -23.17 -15.79
C3 GOL L . 15.64 -24.15 -14.86
O3 GOL L . 14.39 -24.62 -15.30
C1 GOL M . -3.83 -19.25 6.89
O1 GOL M . -2.90 -18.31 6.39
C2 GOL M . -3.71 -20.55 6.12
O2 GOL M . -3.26 -21.57 6.99
C3 GOL M . -5.08 -20.93 5.55
O3 GOL M . -5.68 -21.95 6.29
CL CL N . 11.55 -15.98 -9.64
CL CL O . -17.17 -13.51 -24.30
O1 MES P . -5.66 -27.64 7.99
C2 MES P . -5.74 -27.09 9.31
C3 MES P . -7.13 -26.57 9.65
N4 MES P . -8.09 -27.51 9.09
C5 MES P . -8.07 -27.83 7.66
C6 MES P . -6.74 -27.28 7.13
C7 MES P . -8.97 -28.23 10.02
C8 MES P . -9.52 -27.17 10.98
S MES P . -9.87 -27.56 12.58
O1S MES P . -11.33 -27.90 12.66
O2S MES P . -9.02 -28.72 13.00
O3S MES P . -9.64 -26.43 13.51
C1 GOL Q . -28.56 -47.24 12.71
O1 GOL Q . -28.68 -48.65 12.66
C2 GOL Q . -27.10 -46.84 12.77
O2 GOL Q . -26.98 -45.44 12.91
C3 GOL Q . -26.44 -47.51 13.97
O3 GOL Q . -26.07 -48.83 13.63
C1 GOL R . -35.10 -14.83 6.45
O1 GOL R . -34.51 -16.09 6.31
C2 GOL R . -34.39 -13.87 5.52
O2 GOL R . -35.08 -12.65 5.46
C3 GOL R . -34.30 -14.48 4.13
O3 GOL R . -33.77 -13.53 3.22
C1 GOL S . -13.74 -10.04 -15.08
O1 GOL S . -14.51 -8.86 -15.08
C2 GOL S . -12.45 -9.82 -15.87
O2 GOL S . -12.41 -10.73 -16.95
C3 GOL S . -11.28 -10.11 -14.94
O3 GOL S . -11.44 -9.33 -13.79
C1 GOL T . -30.27 -28.81 -17.68
O1 GOL T . -29.41 -28.10 -18.53
C2 GOL T . -29.72 -30.21 -17.49
O2 GOL T . -30.28 -30.96 -18.53
C3 GOL T . -30.28 -30.83 -16.20
O3 GOL T . -30.95 -29.88 -15.42
C1 GOL U . -19.57 -26.29 28.42
O1 GOL U . -19.80 -27.57 27.88
C2 GOL U . -18.78 -26.43 29.72
O2 GOL U . -17.75 -25.47 29.74
C3 GOL U . -19.69 -26.21 30.91
O3 GOL U . -20.46 -27.37 31.11
C1 GOL V . -26.56 -5.21 4.98
O1 GOL V . -25.41 -4.43 4.72
C2 GOL V . -27.06 -4.91 6.39
O2 GOL V . -28.37 -5.44 6.55
C3 GOL V . -27.02 -3.40 6.61
O3 GOL V . -25.68 -2.94 6.55
CL CL W . -35.10 -23.23 16.55
O1 MES X . -36.69 -52.04 -17.55
C2 MES X . -38.07 -52.27 -17.36
C3 MES X . -38.40 -52.82 -15.97
N4 MES X . -37.84 -52.01 -14.93
C5 MES X . -36.78 -51.06 -15.29
C6 MES X . -35.96 -51.78 -16.36
C7 MES X . -38.68 -51.81 -13.75
C8 MES X . -37.80 -51.95 -12.51
S MES X . -38.57 -51.34 -11.17
O1S MES X . -39.50 -52.36 -10.62
O2S MES X . -39.35 -50.10 -11.54
O3S MES X . -37.52 -51.00 -10.17
C1 GOL Y . -23.21 -66.60 6.42
O1 GOL Y . -22.24 -67.60 6.34
C2 GOL Y . -24.26 -66.99 7.46
O2 GOL Y . -25.33 -67.68 6.84
C3 GOL Y . -24.78 -65.77 8.20
O3 GOL Y . -25.68 -66.18 9.20
C FMT Z . -21.72 -75.08 -8.54
O1 FMT Z . -22.79 -74.66 -8.99
O2 FMT Z . -21.21 -74.73 -7.47
CL CL AA . -25.66 -75.44 -2.35
CL CL BA . -33.21 -68.58 -29.21
O1 MES CA . -5.60 -62.40 -18.89
C2 MES CA . -5.20 -62.71 -20.21
C3 MES CA . -4.35 -61.56 -20.73
N4 MES CA . -4.99 -60.27 -20.48
C5 MES CA . -6.17 -60.10 -19.62
C6 MES CA . -6.60 -61.38 -18.90
C7 MES CA . -4.64 -59.12 -21.32
C8 MES CA . -3.58 -59.58 -22.31
S MES CA . -4.01 -59.17 -23.86
O1S MES CA . -5.42 -59.58 -23.98
O2S MES CA . -3.89 -57.74 -24.23
O3S MES CA . -3.19 -59.97 -24.78
C1 GOL DA . -21.32 -50.92 -45.32
O1 GOL DA . -22.47 -50.40 -44.68
C2 GOL DA . -20.17 -50.96 -44.33
O2 GOL DA . -20.50 -50.23 -43.17
C3 GOL DA . -18.94 -50.31 -44.97
O3 GOL DA . -18.67 -50.97 -46.19
C1 GOL EA . -37.38 -54.92 -20.52
O1 GOL EA . -36.61 -53.78 -20.21
C2 GOL EA . -36.51 -56.15 -20.37
O2 GOL EA . -37.21 -57.22 -19.78
C3 GOL EA . -36.03 -56.59 -21.73
O3 GOL EA . -35.70 -57.95 -21.60
C1 GOL FA . -31.68 -62.18 -34.69
O1 GOL FA . -32.92 -62.65 -35.16
C2 GOL FA . -30.50 -62.77 -35.47
O2 GOL FA . -29.56 -63.38 -34.62
C3 GOL FA . -29.75 -61.67 -36.18
O3 GOL FA . -28.42 -62.10 -36.27
CL CL GA . -25.58 -61.00 -39.82
CL CL HA . -6.51 -50.56 -47.62
O1 MES IA . 9.10 25.51 -10.55
C2 MES IA . 8.87 26.73 -11.25
C3 MES IA . 7.64 27.51 -10.79
N4 MES IA . 7.66 27.47 -9.34
C5 MES IA . 7.86 26.21 -8.71
C6 MES IA . 7.96 25.15 -9.80
C7 MES IA . 7.80 28.69 -8.55
C8 MES IA . 6.48 28.92 -7.85
S MES IA . 5.58 30.03 -8.74
O1S MES IA . 4.56 29.31 -9.56
O2S MES IA . 6.44 30.74 -9.71
O3S MES IA . 4.89 31.01 -7.88
C1 GOL JA . -17.44 26.56 6.88
O1 GOL JA . -16.93 27.11 5.70
C2 GOL JA . -16.29 26.22 7.82
O2 GOL JA . -15.18 27.04 7.52
C3 GOL JA . -16.63 26.48 9.28
O3 GOL JA . -17.60 25.55 9.72
C1 GOL KA . 7.81 13.70 18.85
O1 GOL KA . 7.96 14.99 19.41
C2 GOL KA . 6.49 13.10 19.29
O2 GOL KA . 6.71 11.92 20.03
C3 GOL KA . 5.62 12.80 18.07
O3 GOL KA . 6.33 11.97 17.18
C1 GOL LA . -7.74 11.31 7.95
O1 GOL LA . -8.61 11.44 6.84
C2 GOL LA . -8.36 11.91 9.20
O2 GOL LA . -8.88 13.20 8.92
C3 GOL LA . -9.50 11.04 9.71
O3 GOL LA . -10.47 11.87 10.31
C1 GOL MA . 9.80 21.87 -7.30
O1 GOL MA . 8.64 22.66 -7.29
C2 GOL MA . 9.48 20.48 -7.87
O2 GOL MA . 8.44 20.56 -8.83
C3 GOL MA . 9.10 19.51 -6.77
O3 GOL MA . 8.04 18.69 -7.20
CL CL NA . -12.50 17.22 6.21
O1 MES OA . 9.71 15.69 23.44
C2 MES OA . 10.72 14.70 23.40
C3 MES OA . 12.05 15.30 23.77
N4 MES OA . 12.30 16.46 22.92
C5 MES OA . 11.20 17.32 22.46
C6 MES OA . 9.88 16.57 22.34
C7 MES OA . 13.48 17.23 23.32
C8 MES OA . 14.70 16.74 22.56
S MES OA . 15.95 16.41 23.63
O1S MES OA . 16.20 14.95 23.73
O2S MES OA . 15.58 16.79 25.03
O3S MES OA . 17.16 17.09 23.17
C1 GOL PA . 20.02 6.77 -2.23
O1 GOL PA . 18.96 6.26 -1.45
C2 GOL PA . 20.37 5.76 -3.30
O2 GOL PA . 19.54 6.03 -4.40
C3 GOL PA . 21.82 5.88 -3.73
O3 GOL PA . 22.71 5.59 -2.68
C1 GOL QA . 36.13 26.95 29.77
O1 GOL QA . 35.97 25.87 28.87
C2 GOL QA . 37.26 27.87 29.28
O2 GOL QA . 36.86 29.21 29.45
C3 GOL QA . 38.55 27.62 30.07
O3 GOL QA . 39.52 28.60 29.73
C1 GOL RA . 34.92 11.44 4.82
O1 GOL RA . 34.11 11.09 3.74
C2 GOL RA . 35.13 10.20 5.69
O2 GOL RA . 35.04 9.06 4.87
C3 GOL RA . 36.51 10.27 6.34
O3 GOL RA . 36.59 11.48 7.05
C FMT SA . 27.87 20.58 0.75
O1 FMT SA . 28.98 20.91 0.31
O2 FMT SA . 26.99 19.99 0.12
CL CL TA . 25.42 5.80 1.61
O1 MES UA . 37.09 51.64 11.45
C2 MES UA . 38.32 51.92 12.11
C3 MES UA . 38.10 52.12 13.59
N4 MES UA . 36.86 51.41 13.84
C5 MES UA . 35.65 51.99 13.26
C6 MES UA . 36.05 52.51 11.89
C7 MES UA . 36.71 50.71 15.11
C8 MES UA . 38.14 50.55 15.64
S MES UA . 38.39 48.92 15.64
O1S MES UA . 36.97 48.45 15.63
O2S MES UA . 39.28 48.56 14.48
O3S MES UA . 39.00 48.32 16.85
C1 GOL VA . 29.00 48.86 42.72
O1 GOL VA . 29.16 49.61 41.54
C2 GOL VA . 30.24 48.02 42.95
O2 GOL VA . 31.09 48.18 41.82
C3 GOL VA . 29.83 46.56 43.21
O3 GOL VA . 30.83 45.62 42.88
C1 GOL WA . 38.62 25.24 21.14
O1 GOL WA . 38.97 24.49 20.01
C2 GOL WA . 38.84 24.42 22.41
O2 GOL WA . 40.17 23.95 22.41
C3 GOL WA . 38.69 25.30 23.65
O3 GOL WA . 39.65 26.34 23.60
C1 GOL XA . -6.05 55.30 29.42
O1 GOL XA . -7.16 54.61 29.91
C2 GOL XA . -5.45 56.12 30.56
O2 GOL XA . -4.07 56.31 30.36
C3 GOL XA . -6.12 57.48 30.61
O3 GOL XA . -5.51 58.23 31.64
C1 GOL YA . 43.25 40.66 39.24
O1 GOL YA . 42.51 41.33 38.24
C2 GOL YA . 43.09 41.40 40.57
O2 GOL YA . 44.24 42.17 40.85
C3 GOL YA . 41.84 42.28 40.54
O3 GOL YA . 41.81 43.05 39.35
C FMT ZA . 25.64 64.40 35.16
O1 FMT ZA . 25.92 65.59 35.15
O2 FMT ZA . 25.09 63.84 36.11
CL CL AB . 31.82 61.08 41.67
O1 MES BB . 6.77 60.29 23.98
C2 MES BB . 5.95 61.36 23.51
C3 MES BB . 5.12 60.97 22.27
N4 MES BB . 5.99 60.35 21.26
C5 MES BB . 6.89 59.31 21.75
C6 MES BB . 7.65 59.81 22.98
C7 MES BB . 5.45 60.07 19.91
C8 MES BB . 4.02 60.59 19.90
S MES BB . 3.11 60.42 18.51
O1S MES BB . 3.82 59.87 17.35
O2S MES BB . 1.95 59.63 18.99
O3S MES BB . 2.59 61.77 18.13
C1 GOL CB . 13.02 69.40 -6.35
O1 GOL CB . 13.46 68.08 -6.58
C2 GOL CB . 14.19 70.24 -5.85
O2 GOL CB . 14.53 69.82 -4.55
C3 GOL CB . 15.40 70.09 -6.76
O3 GOL CB . 15.92 71.34 -7.18
C1 GOL DB . 11.18 63.31 23.79
O1 GOL DB . 9.99 63.00 23.08
C2 GOL DB . 11.07 64.51 24.74
O2 GOL DB . 10.15 65.39 24.17
C3 GOL DB . 12.42 65.20 24.92
O3 GOL DB . 12.33 66.21 25.91
C1 GOL EB . 26.94 74.66 6.30
O1 GOL EB . 28.23 74.46 5.77
C2 GOL EB . 26.56 73.40 7.09
O2 GOL EB . 26.19 72.42 6.15
C3 GOL EB . 25.44 73.71 8.07
O3 GOL EB . 25.82 74.80 8.89
CL CL FB . 20.71 74.09 3.18
CL CL GB . 3.74 60.37 26.28
N MSE A 7 14.40 -39.22 -21.63
CA MSE A 7 13.10 -38.80 -21.15
C MSE A 7 12.68 -37.61 -21.99
O MSE A 7 12.06 -36.69 -21.48
CB MSE A 7 13.15 -38.36 -19.68
CG MSE A 7 14.06 -39.18 -18.78
SE MSE A 7 15.97 -38.80 -19.04
CE MSE A 7 16.70 -40.03 -17.70
N ARG A 8 13.04 -37.64 -23.28
CA ARG A 8 12.71 -36.57 -24.22
C ARG A 8 11.22 -36.16 -24.11
N PHE A 9 10.83 -35.06 -24.74
CA PHE A 9 9.53 -34.45 -24.43
C PHE A 9 8.32 -35.36 -24.22
N GLY A 10 7.82 -35.97 -25.29
CA GLY A 10 6.67 -36.86 -25.24
C GLY A 10 6.75 -37.96 -24.20
N THR A 11 7.96 -38.41 -23.86
CA THR A 11 8.11 -39.38 -22.78
C THR A 11 7.66 -38.76 -21.44
N ARG A 12 8.12 -37.55 -21.15
CA ARG A 12 7.66 -36.88 -19.92
C ARG A 12 6.17 -36.66 -19.86
N LEU A 13 5.53 -36.46 -21.01
CA LEU A 13 4.08 -36.33 -21.02
C LEU A 13 3.39 -37.61 -20.53
N VAL A 14 4.00 -38.75 -20.80
CA VAL A 14 3.38 -40.02 -20.42
C VAL A 14 3.79 -40.47 -19.03
N HIS A 15 5.07 -40.28 -18.71
CA HIS A 15 5.63 -40.83 -17.48
C HIS A 15 5.99 -39.82 -16.37
N GLY A 16 6.01 -38.54 -16.71
CA GLY A 16 6.21 -37.49 -15.72
C GLY A 16 5.18 -37.60 -14.60
N GLY A 17 5.66 -37.62 -13.36
CA GLY A 17 4.78 -37.81 -12.21
C GLY A 17 4.09 -39.16 -12.15
N ARG A 18 4.57 -40.16 -12.90
CA ARG A 18 3.87 -41.44 -12.87
C ARG A 18 4.43 -42.30 -11.76
N ARG A 19 3.89 -42.13 -10.56
CA ARG A 19 4.44 -42.81 -9.39
C ARG A 19 3.95 -44.25 -9.40
N PRO A 20 4.69 -45.16 -8.75
CA PRO A 20 4.08 -46.50 -8.75
C PRO A 20 2.89 -46.66 -7.84
N SER A 21 2.74 -47.86 -7.29
CA SER A 21 1.79 -48.13 -6.22
C SER A 21 2.24 -49.47 -5.69
N ALA A 22 2.95 -49.49 -4.55
CA ALA A 22 3.53 -50.74 -4.05
C ALA A 22 2.51 -51.86 -3.89
N GLY A 23 2.81 -53.00 -4.49
CA GLY A 23 1.89 -54.13 -4.45
C GLY A 23 0.95 -54.16 -5.64
N THR A 24 -0.04 -53.28 -5.63
CA THR A 24 -1.05 -53.29 -6.69
C THR A 24 -0.42 -52.98 -8.05
N GLY A 25 0.59 -52.10 -8.05
CA GLY A 25 1.32 -51.78 -9.25
C GLY A 25 0.51 -51.20 -10.41
N ASP A 26 -0.52 -50.42 -10.10
CA ASP A 26 -1.29 -49.71 -11.12
C ASP A 26 -0.33 -48.94 -12.01
N VAL A 27 -0.52 -49.07 -13.33
CA VAL A 27 0.22 -48.26 -14.29
C VAL A 27 -0.25 -46.81 -14.25
N VAL A 28 -1.56 -46.59 -14.36
CA VAL A 28 -2.14 -45.25 -14.16
C VAL A 28 -2.38 -45.07 -12.66
N PRO A 29 -1.77 -44.04 -12.05
CA PRO A 29 -1.96 -43.83 -10.60
C PRO A 29 -3.45 -43.60 -10.25
N PRO A 30 -3.88 -44.17 -9.12
CA PRO A 30 -5.26 -44.09 -8.63
C PRO A 30 -5.63 -42.67 -8.22
N ILE A 31 -6.90 -42.34 -8.30
CA ILE A 31 -7.33 -40.97 -8.06
C ILE A 31 -7.55 -40.74 -6.58
N HIS A 32 -6.71 -39.88 -5.97
CA HIS A 32 -6.84 -39.57 -4.55
C HIS A 32 -7.89 -38.48 -4.33
N VAL A 33 -9.07 -38.87 -3.89
CA VAL A 33 -10.14 -37.92 -3.66
C VAL A 33 -10.27 -37.55 -2.19
N SER A 34 -9.62 -38.33 -1.32
CA SER A 34 -9.78 -38.12 0.11
C SER A 34 -9.28 -36.75 0.52
N THR A 35 -10.09 -35.99 1.28
CA THR A 35 -9.63 -34.71 1.79
C THR A 35 -8.99 -34.90 3.16
N THR A 36 -9.19 -36.07 3.77
CA THR A 36 -8.48 -36.27 5.02
C THR A 36 -7.60 -37.51 5.09
N TYR A 37 -6.65 -37.46 6.01
CA TYR A 37 -5.57 -38.42 6.07
C TYR A 37 -5.33 -38.89 7.48
N GLU A 38 -5.27 -40.21 7.64
CA GLU A 38 -5.01 -40.85 8.93
C GLU A 38 -3.58 -40.54 9.36
N ARG A 39 -3.45 -39.94 10.54
CA ARG A 39 -2.15 -39.66 11.13
C ARG A 39 -1.61 -40.83 11.94
N ARG A 40 -1.65 -42.04 11.39
CA ARG A 40 -1.05 -43.19 12.08
C ARG A 40 -0.52 -44.26 11.12
N ALA A 41 -1.09 -44.30 9.93
CA ALA A 41 -0.75 -45.29 8.91
C ALA A 41 0.52 -44.90 8.19
N GLN A 42 0.91 -43.64 8.31
CA GLN A 42 2.14 -43.14 7.69
C GLN A 42 3.12 -42.75 8.75
N ASP A 43 4.12 -43.60 8.92
CA ASP A 43 5.33 -43.33 9.72
C ASP A 43 5.37 -41.96 10.38
N GLU A 44 6.21 -41.08 9.84
CA GLU A 44 6.04 -39.65 10.09
C GLU A 44 5.00 -39.14 9.10
N PRO A 45 4.06 -38.31 9.59
CA PRO A 45 2.98 -37.75 8.76
C PRO A 45 3.43 -36.82 7.61
N ARG A 46 3.17 -37.16 6.34
CA ARG A 46 3.28 -36.17 5.24
C ARG A 46 1.89 -35.63 4.88
N TYR A 47 0.92 -36.53 4.76
CA TYR A 47 -0.41 -36.11 4.31
C TYR A 47 -1.34 -35.77 5.45
N PHE A 48 -1.90 -34.58 5.39
CA PHE A 48 -2.67 -34.04 6.49
C PHE A 48 -4.10 -33.76 6.01
N TYR A 49 -4.22 -32.77 5.13
CA TYR A 49 -5.51 -32.28 4.70
C TYR A 49 -5.48 -31.89 3.23
N GLY A 50 -6.59 -32.13 2.52
CA GLY A 50 -6.66 -31.92 1.09
C GLY A 50 -6.22 -30.55 0.57
N ARG A 51 -6.62 -29.48 1.25
CA ARG A 51 -6.23 -28.14 0.78
C ARG A 51 -4.69 -27.92 0.81
N GLY A 52 -4.00 -28.69 1.64
CA GLY A 52 -2.55 -28.63 1.68
C GLY A 52 -1.86 -29.72 0.85
N GLU A 53 -2.32 -30.96 1.01
CA GLU A 53 -1.65 -32.12 0.44
C GLU A 53 -2.61 -33.02 -0.33
N ASN A 54 -2.15 -33.47 -1.50
CA ASN A 54 -2.85 -34.49 -2.27
C ASN A 54 -1.95 -35.08 -3.35
N PRO A 55 -1.73 -36.41 -3.32
CA PRO A 55 -0.76 -37.07 -4.21
C PRO A 55 -1.12 -36.90 -5.67
N THR A 56 -2.41 -36.94 -5.98
CA THR A 56 -2.87 -36.79 -7.34
C THR A 56 -2.41 -35.45 -7.95
N ARG A 57 -2.69 -34.38 -7.21
CA ARG A 57 -2.28 -33.04 -7.61
C ARG A 57 -0.74 -32.96 -7.72
N GLU A 58 -0.04 -33.52 -6.75
CA GLU A 58 1.43 -33.47 -6.76
C GLU A 58 2.02 -34.21 -7.97
N GLU A 59 1.35 -35.29 -8.38
CA GLU A 59 1.77 -36.00 -9.57
C GLU A 59 1.62 -35.14 -10.81
N LEU A 60 0.49 -34.46 -10.96
CA LEU A 60 0.32 -33.54 -12.09
C LEU A 60 1.40 -32.43 -12.06
N GLU A 61 1.64 -31.87 -10.88
CA GLU A 61 2.65 -30.83 -10.73
C GLU A 61 4.04 -31.31 -11.17
N GLU A 62 4.40 -32.52 -10.76
CA GLU A 62 5.66 -33.11 -11.20
C GLU A 62 5.74 -33.23 -12.71
N CYS A 63 4.67 -33.75 -13.31
CA CYS A 63 4.59 -33.86 -14.76
C CYS A 63 4.90 -32.51 -15.42
N LEU A 64 4.16 -31.48 -15.02
CA LEU A 64 4.30 -30.12 -15.58
C LEU A 64 5.70 -29.53 -15.41
N ALA A 65 6.24 -29.60 -14.19
CA ALA A 65 7.55 -29.06 -13.91
C ALA A 65 8.55 -29.82 -14.77
N GLY A 66 8.27 -31.11 -14.96
CA GLY A 66 9.10 -31.98 -15.79
C GLY A 66 9.28 -31.41 -17.19
N LEU A 67 8.18 -31.03 -17.82
CA LEU A 67 8.19 -30.52 -19.19
C LEU A 67 9.12 -29.32 -19.42
N GLU A 68 9.48 -28.60 -18.37
CA GLU A 68 10.37 -27.46 -18.54
C GLU A 68 11.69 -27.72 -17.81
N ARG A 69 11.89 -29.00 -17.49
CA ARG A 69 13.05 -29.49 -16.76
C ARG A 69 13.38 -28.56 -15.60
N ALA A 70 12.40 -28.40 -14.71
CA ALA A 70 12.42 -27.37 -13.68
C ALA A 70 12.04 -28.01 -12.35
N PRO A 71 12.54 -27.43 -11.24
CA PRO A 71 12.30 -28.15 -9.98
C PRO A 71 10.87 -28.02 -9.42
N PHE A 72 10.14 -26.95 -9.75
CA PHE A 72 8.85 -26.72 -9.09
C PHE A 72 7.66 -26.48 -10.02
N ALA A 73 6.48 -26.89 -9.56
CA ALA A 73 5.23 -26.44 -10.14
C ALA A 73 4.10 -26.50 -9.12
N THR A 74 3.12 -25.63 -9.32
CA THR A 74 1.94 -25.59 -8.48
C THR A 74 0.73 -25.45 -9.39
N VAL A 75 -0.29 -26.27 -9.19
CA VAL A 75 -1.49 -26.09 -9.99
C VAL A 75 -2.61 -25.41 -9.23
N PHE A 76 -3.58 -24.94 -9.99
CA PHE A 76 -4.63 -24.11 -9.44
C PHE A 76 -5.99 -24.46 -10.04
N SER A 77 -7.03 -23.93 -9.40
CA SER A 77 -8.41 -24.06 -9.86
C SER A 77 -8.64 -23.52 -11.29
N SER A 78 -7.77 -22.63 -11.75
CA SER A 78 -7.94 -22.02 -13.07
C SER A 78 -6.69 -21.21 -13.40
N GLY A 79 -6.53 -20.85 -14.67
CA GLY A 79 -5.45 -19.95 -15.05
C GLY A 79 -5.50 -18.62 -14.30
N GLN A 80 -6.70 -18.05 -14.18
CA GLN A 80 -6.87 -16.80 -13.42
C GLN A 80 -6.29 -16.93 -12.00
N ALA A 81 -6.55 -18.07 -11.36
CA ALA A 81 -6.08 -18.30 -9.99
C ALA A 81 -4.56 -18.36 -9.92
N ALA A 82 -3.94 -19.00 -10.92
CA ALA A 82 -2.48 -19.01 -11.01
C ALA A 82 -1.93 -17.58 -11.13
N ALA A 83 -2.52 -16.80 -12.04
CA ALA A 83 -2.11 -15.41 -12.24
C ALA A 83 -2.34 -14.57 -10.98
N ALA A 84 -3.50 -14.76 -10.35
CA ALA A 84 -3.83 -14.03 -9.13
C ALA A 84 -2.83 -14.32 -8.01
N THR A 85 -2.49 -15.60 -7.85
CA THR A 85 -1.52 -16.03 -6.87
C THR A 85 -0.20 -15.30 -7.09
N LEU A 86 0.22 -15.25 -8.35
CA LEU A 86 1.49 -14.64 -8.69
C LEU A 86 1.43 -13.13 -8.43
N LEU A 87 0.36 -12.48 -8.87
CA LEU A 87 0.23 -11.04 -8.66
C LEU A 87 0.16 -10.66 -7.18
N SER A 88 -0.20 -11.62 -6.33
CA SER A 88 -0.36 -11.34 -4.90
C SER A 88 0.96 -11.04 -4.21
N LEU A 89 2.06 -11.41 -4.84
CA LEU A 89 3.37 -11.26 -4.22
C LEU A 89 3.96 -9.87 -4.48
N VAL A 90 3.27 -9.09 -5.31
CA VAL A 90 3.68 -7.71 -5.52
C VAL A 90 3.14 -6.93 -4.34
N ARG A 91 4.05 -6.28 -3.60
CA ARG A 91 3.69 -5.42 -2.46
C ARG A 91 3.02 -4.14 -2.89
N PRO A 92 2.23 -3.54 -1.99
CA PRO A 92 1.77 -2.18 -2.23
C PRO A 92 2.97 -1.27 -2.42
N GLY A 93 2.87 -0.31 -3.34
CA GLY A 93 3.97 0.59 -3.62
C GLY A 93 4.76 0.18 -4.85
N GLN A 94 4.80 -1.13 -5.12
CA GLN A 94 5.61 -1.65 -6.22
C GLN A 94 4.88 -1.69 -7.56
N CYS A 95 5.64 -1.98 -8.62
CA CYS A 95 5.16 -1.76 -9.98
C CYS A 95 5.22 -3.03 -10.83
N VAL A 96 4.10 -3.34 -11.50
CA VAL A 96 4.08 -4.41 -12.47
C VAL A 96 4.14 -3.76 -13.85
N VAL A 97 4.97 -4.32 -14.73
CA VAL A 97 5.07 -3.85 -16.10
C VAL A 97 4.48 -4.88 -17.06
N SER A 98 3.63 -4.42 -17.96
CA SER A 98 2.98 -5.30 -18.91
C SER A 98 2.68 -4.53 -20.20
N THR A 99 2.15 -5.23 -21.19
CA THR A 99 1.79 -4.61 -22.47
C THR A 99 0.28 -4.46 -22.59
N ASP A 100 -0.17 -3.34 -23.16
CA ASP A 100 -1.60 -3.02 -23.07
C ASP A 100 -2.53 -3.90 -23.92
N ASP A 101 -2.05 -5.09 -24.29
CA ASP A 101 -2.87 -6.08 -24.98
C ASP A 101 -2.93 -7.42 -24.25
N VAL A 102 -2.65 -7.39 -22.95
CA VAL A 102 -2.78 -8.56 -22.10
C VAL A 102 -4.21 -9.11 -22.16
N TYR A 103 -4.36 -10.41 -21.92
CA TYR A 103 -5.66 -11.05 -21.78
C TYR A 103 -6.49 -10.26 -20.77
N ALA A 104 -7.76 -10.02 -21.08
CA ALA A 104 -8.60 -9.18 -20.22
C ALA A 104 -8.66 -9.70 -18.78
N GLY A 105 -8.54 -11.01 -18.61
CA GLY A 105 -8.50 -11.59 -17.27
C GLY A 105 -7.35 -11.05 -16.43
N THR A 106 -6.23 -10.78 -17.07
CA THR A 106 -5.09 -10.24 -16.35
C THR A 106 -5.31 -8.77 -15.99
N ASP A 107 -5.84 -8.01 -16.95
CA ASP A 107 -6.20 -6.60 -16.75
C ASP A 107 -7.11 -6.46 -15.53
N GLY A 108 -8.06 -7.38 -15.39
CA GLY A 108 -8.96 -7.38 -14.24
C GLY A 108 -8.17 -7.61 -12.97
N LEU A 109 -7.25 -8.58 -13.03
CA LEU A 109 -6.35 -8.85 -11.91
C LEU A 109 -5.40 -7.67 -11.67
N PHE A 110 -4.84 -7.11 -12.74
CA PHE A 110 -4.04 -5.88 -12.65
C PHE A 110 -4.87 -4.76 -12.01
N ASP A 111 -6.13 -4.65 -12.46
CA ASP A 111 -7.03 -3.62 -11.95
C ASP A 111 -7.31 -3.82 -10.47
N LEU A 112 -7.60 -5.06 -10.09
CA LEU A 112 -7.82 -5.41 -8.69
C LEU A 112 -6.57 -5.06 -7.87
N ALA A 113 -5.41 -5.42 -8.40
CA ALA A 113 -4.14 -5.11 -7.75
C ALA A 113 -3.93 -3.61 -7.62
N ALA A 114 -4.39 -2.86 -8.61
CA ALA A 114 -4.21 -1.41 -8.57
C ALA A 114 -5.08 -0.75 -7.51
N ARG A 115 -5.84 -1.56 -6.76
CA ARG A 115 -6.70 -1.02 -5.71
C ARG A 115 -6.12 -1.21 -4.32
N GLN A 116 -5.06 -1.99 -4.20
CA GLN A 116 -4.41 -2.28 -2.92
C GLN A 116 -3.10 -1.55 -2.68
N GLY A 117 -2.50 -1.00 -3.73
CA GLY A 117 -1.20 -0.34 -3.63
C GLY A 117 -0.18 -0.69 -4.70
N VAL A 118 -0.61 -1.51 -5.68
CA VAL A 118 0.25 -1.89 -6.80
C VAL A 118 0.08 -0.94 -7.97
N ARG A 119 1.19 -0.41 -8.48
CA ARG A 119 1.15 0.41 -9.69
C ARG A 119 1.28 -0.47 -10.91
N VAL A 120 0.28 -0.42 -11.79
CA VAL A 120 0.37 -1.17 -13.03
C VAL A 120 0.77 -0.21 -14.14
N ARG A 121 1.89 -0.50 -14.81
CA ARG A 121 2.37 0.37 -15.87
C ARG A 121 2.45 -0.37 -17.20
N TYR A 122 1.76 0.17 -18.20
CA TYR A 122 1.71 -0.42 -19.52
C TYR A 122 2.82 0.21 -20.40
N ALA A 123 3.39 -0.58 -21.31
CA ALA A 123 4.56 -0.15 -22.08
C ALA A 123 4.89 -1.00 -23.31
N ASP A 124 5.66 -0.39 -24.21
CA ASP A 124 6.03 -1.03 -25.47
C ASP A 124 7.20 -2.00 -25.33
N LEU A 125 6.91 -3.30 -25.41
CA LEU A 125 7.94 -4.31 -25.28
C LEU A 125 8.39 -4.94 -26.61
N THR A 126 8.63 -4.10 -27.62
CA THR A 126 9.06 -4.59 -28.94
C THR A 126 10.20 -3.77 -29.53
N THR A 127 10.54 -2.66 -28.87
CA THR A 127 11.55 -1.73 -29.38
C THR A 127 12.53 -1.38 -28.24
N PRO A 128 13.76 -0.96 -28.60
CA PRO A 128 14.74 -0.66 -27.57
C PRO A 128 14.25 0.47 -26.68
N GLU A 129 13.77 1.54 -27.32
CA GLU A 129 13.10 2.65 -26.67
C GLU A 129 12.15 2.17 -25.58
N GLY A 130 11.08 1.49 -25.99
CA GLY A 130 10.02 1.09 -25.09
C GLY A 130 10.46 0.17 -23.96
N ILE A 131 11.51 -0.59 -24.21
CA ILE A 131 12.04 -1.48 -23.20
C ILE A 131 12.88 -0.69 -22.20
N ALA A 132 13.46 0.42 -22.65
CA ALA A 132 14.15 1.33 -21.75
C ALA A 132 13.14 2.16 -20.94
N ALA A 133 11.89 2.16 -21.38
CA ALA A 133 10.85 2.94 -20.69
C ALA A 133 10.34 2.21 -19.44
N ALA A 134 9.85 1.00 -19.63
CA ALA A 134 9.20 0.25 -18.54
C ALA A 134 10.19 -0.16 -17.44
N LEU A 135 11.35 -0.67 -17.85
CA LEU A 135 12.38 -1.06 -16.89
C LEU A 135 13.00 0.14 -16.15
N ALA A 136 12.46 1.33 -16.39
CA ALA A 136 12.89 2.52 -15.66
C ALA A 136 12.02 2.73 -14.42
N GLU A 137 10.79 2.25 -14.47
CA GLU A 137 9.84 2.39 -13.36
C GLU A 137 10.49 1.90 -12.07
N PRO A 138 10.58 2.78 -11.06
CA PRO A 138 11.25 2.35 -9.83
C PRO A 138 10.49 1.24 -9.09
N ASP A 139 11.17 0.58 -8.15
CA ASP A 139 10.61 -0.53 -7.39
C ASP A 139 9.87 -1.54 -8.30
N LEU A 140 10.54 -1.90 -9.38
CA LEU A 140 10.00 -2.82 -10.38
C LEU A 140 10.10 -4.27 -9.92
N ALA A 141 8.96 -4.85 -9.55
CA ALA A 141 8.97 -6.20 -8.98
C ALA A 141 8.64 -7.31 -9.99
N LEU A 142 7.90 -6.96 -11.04
CA LEU A 142 7.35 -7.97 -11.94
C LEU A 142 7.19 -7.47 -13.36
N VAL A 143 7.69 -8.24 -14.33
CA VAL A 143 7.47 -7.94 -15.74
C VAL A 143 6.63 -9.07 -16.34
N TRP A 144 5.46 -8.72 -16.87
CA TRP A 144 4.47 -9.71 -17.28
C TRP A 144 4.42 -9.78 -18.78
N ILE A 145 4.88 -10.90 -19.34
CA ILE A 145 4.91 -11.08 -20.78
C ILE A 145 3.89 -12.12 -21.22
N GLU A 146 3.04 -11.76 -22.17
CA GLU A 146 2.15 -12.74 -22.77
C GLU A 146 2.54 -12.86 -24.25
N THR A 147 3.06 -14.00 -24.67
CA THR A 147 3.53 -14.12 -26.05
C THR A 147 3.38 -15.53 -26.65
N PRO A 148 2.76 -15.62 -27.83
CA PRO A 148 2.16 -14.53 -28.60
C PRO A 148 0.97 -13.88 -27.89
N THR A 149 0.63 -12.66 -28.27
CA THR A 149 -0.56 -11.99 -27.74
C THR A 149 -1.74 -12.35 -28.62
N ASN A 150 -2.93 -11.98 -28.17
CA ASN A 150 -4.18 -12.46 -28.72
C ASN A 150 -5.13 -11.28 -28.75
N PRO A 151 -5.76 -11.00 -29.91
CA PRO A 151 -5.86 -11.78 -31.15
C PRO A 151 -4.99 -11.30 -32.31
N LEU A 152 -4.02 -10.40 -32.11
CA LEU A 152 -3.20 -9.94 -33.24
C LEU A 152 -1.91 -10.74 -33.42
N LEU A 153 -1.62 -11.61 -32.45
CA LEU A 153 -0.53 -12.59 -32.58
C LEU A 153 0.83 -11.92 -32.69
N THR A 154 1.00 -10.82 -31.96
CA THR A 154 2.31 -10.19 -31.86
C THR A 154 3.16 -10.97 -30.85
N VAL A 155 4.44 -10.67 -30.82
CA VAL A 155 5.39 -11.43 -30.02
C VAL A 155 6.29 -10.46 -29.26
N VAL A 156 6.87 -10.91 -28.16
CA VAL A 156 7.82 -10.12 -27.39
C VAL A 156 9.05 -10.97 -27.15
N ASP A 157 10.24 -10.41 -27.40
CA ASP A 157 11.49 -11.14 -27.23
C ASP A 157 11.74 -11.49 -25.76
N VAL A 158 11.50 -12.74 -25.40
CA VAL A 158 11.59 -13.17 -24.00
C VAL A 158 13.00 -13.12 -23.41
N ALA A 159 13.98 -13.70 -24.12
CA ALA A 159 15.35 -13.68 -23.63
C ALA A 159 15.83 -12.24 -23.41
N GLU A 160 15.54 -11.38 -24.37
CA GLU A 160 15.98 -9.98 -24.32
C GLU A 160 15.29 -9.19 -23.20
N VAL A 161 13.97 -9.34 -23.09
CA VAL A 161 13.24 -8.63 -22.05
C VAL A 161 13.66 -9.13 -20.67
N SER A 162 13.80 -10.45 -20.52
CA SER A 162 14.21 -11.05 -19.25
C SER A 162 15.59 -10.55 -18.83
N ARG A 163 16.49 -10.42 -19.80
CA ARG A 163 17.83 -9.89 -19.52
C ARG A 163 17.76 -8.51 -18.89
N ARG A 164 17.08 -7.59 -19.55
CA ARG A 164 17.01 -6.21 -19.10
C ARG A 164 16.28 -6.12 -17.76
N ALA A 165 15.18 -6.86 -17.65
CA ALA A 165 14.39 -6.87 -16.41
C ALA A 165 15.23 -7.34 -15.23
N HIS A 166 16.06 -8.36 -15.45
CA HIS A 166 16.89 -8.92 -14.39
C HIS A 166 18.02 -7.98 -13.95
N GLU A 167 18.45 -7.09 -14.85
CA GLU A 167 19.46 -6.10 -14.48
C GLU A 167 18.86 -5.20 -13.41
N ARG A 168 17.59 -4.84 -13.61
CA ARG A 168 16.82 -4.13 -12.60
C ARG A 168 16.62 -5.00 -11.37
N GLY A 169 16.96 -6.28 -11.49
CA GLY A 169 16.62 -7.26 -10.47
C GLY A 169 15.11 -7.31 -10.34
N ALA A 170 14.44 -8.08 -11.20
CA ALA A 170 12.99 -8.16 -11.20
C ALA A 170 12.48 -9.51 -11.70
N ARG A 171 11.33 -9.93 -11.18
CA ARG A 171 10.70 -11.19 -11.62
C ARG A 171 10.14 -11.06 -13.05
N VAL A 172 10.25 -12.12 -13.83
CA VAL A 172 9.68 -12.14 -15.18
C VAL A 172 8.83 -13.38 -15.41
N VAL A 173 7.54 -13.19 -15.59
CA VAL A 173 6.65 -14.29 -15.91
C VAL A 173 6.21 -14.24 -17.39
N VAL A 174 6.14 -15.40 -18.03
CA VAL A 174 5.55 -15.53 -19.35
C VAL A 174 4.25 -16.31 -19.25
N ASP A 175 3.14 -15.68 -19.63
CA ASP A 175 1.89 -16.41 -19.80
C ASP A 175 2.10 -17.22 -21.08
N ASN A 176 2.31 -18.51 -20.90
CA ASN A 176 2.71 -19.40 -21.98
C ASN A 176 1.56 -20.27 -22.49
N THR A 177 0.33 -19.86 -22.16
CA THR A 177 -0.87 -20.63 -22.51
C THR A 177 -1.03 -20.87 -24.01
N PHE A 178 -0.87 -19.81 -24.80
CA PHE A 178 -1.00 -19.89 -26.26
C PHE A 178 -0.02 -20.94 -26.79
N ALA A 179 1.24 -20.75 -26.46
CA ALA A 179 2.29 -21.57 -27.07
C ALA A 179 2.25 -23.01 -26.58
N SER A 180 2.00 -23.19 -25.29
CA SER A 180 2.15 -24.47 -24.59
C SER A 180 3.64 -24.83 -24.44
N PRO A 181 3.95 -25.71 -23.47
CA PRO A 181 5.35 -26.12 -23.28
C PRO A 181 5.94 -26.95 -24.42
N VAL A 182 5.12 -27.54 -25.28
CA VAL A 182 5.71 -28.19 -26.47
C VAL A 182 6.27 -27.17 -27.49
N LEU A 183 5.76 -25.95 -27.48
CA LEU A 183 6.22 -24.96 -28.47
C LEU A 183 7.18 -23.85 -27.95
N GLN A 184 7.14 -23.57 -26.66
CA GLN A 184 7.93 -22.46 -26.12
C GLN A 184 8.29 -22.75 -24.68
N GLN A 185 9.54 -22.50 -24.32
CA GLN A 185 10.02 -22.81 -22.98
C GLN A 185 10.57 -21.55 -22.31
N PRO A 186 9.70 -20.79 -21.61
CA PRO A 186 10.06 -19.51 -21.03
C PRO A 186 11.23 -19.58 -20.05
N LEU A 187 11.33 -20.65 -19.27
CA LEU A 187 12.44 -20.77 -18.32
C LEU A 187 13.79 -20.86 -19.03
N ALA A 188 13.87 -21.70 -20.06
CA ALA A 188 15.10 -21.83 -20.81
C ALA A 188 15.36 -20.55 -21.60
N LEU A 189 14.29 -19.85 -21.95
CA LEU A 189 14.40 -18.57 -22.62
C LEU A 189 14.92 -17.47 -21.71
N GLY A 190 14.82 -17.66 -20.40
CA GLY A 190 15.35 -16.68 -19.46
C GLY A 190 14.38 -16.16 -18.41
N ALA A 191 13.11 -16.48 -18.55
CA ALA A 191 12.10 -16.06 -17.58
C ALA A 191 12.24 -16.76 -16.22
N ASP A 192 11.58 -16.22 -15.21
CA ASP A 192 11.54 -16.83 -13.89
C ASP A 192 10.36 -17.78 -13.68
N VAL A 193 9.27 -17.51 -14.40
CA VAL A 193 8.02 -18.24 -14.19
C VAL A 193 7.27 -18.41 -15.50
N SER A 194 6.80 -19.61 -15.77
CA SER A 194 5.84 -19.83 -16.84
C SER A 194 4.46 -19.94 -16.19
N LEU A 195 3.53 -19.15 -16.70
CA LEU A 195 2.15 -19.16 -16.23
C LEU A 195 1.27 -19.88 -17.24
N TYR A 196 0.30 -20.66 -16.75
CA TYR A 196 -0.56 -21.46 -17.62
C TYR A 196 -2.03 -21.46 -17.27
N SER A 197 -2.87 -21.34 -18.29
CA SER A 197 -4.22 -21.86 -18.21
C SER A 197 -4.21 -23.27 -18.81
N THR A 198 -4.18 -24.29 -17.94
CA THR A 198 -4.25 -25.67 -18.43
C THR A 198 -5.63 -26.00 -19.00
N THR A 199 -6.62 -25.15 -18.71
CA THR A 199 -7.94 -25.20 -19.34
C THR A 199 -7.83 -25.28 -20.88
N1 LLP A 200 -4.14 -16.44 -20.03
C2 LLP A 200 -4.38 -16.96 -21.23
C2' LLP A 200 -3.41 -16.68 -22.42
C3 LLP A 200 -5.54 -17.78 -21.40
O3 LLP A 200 -5.77 -18.33 -22.67
C4 LLP A 200 -6.41 -18.03 -20.36
C4' LLP A 200 -7.70 -18.97 -20.62
C5 LLP A 200 -6.15 -17.48 -19.12
C6 LLP A 200 -5.01 -16.69 -18.96
C5' LLP A 200 -7.06 -17.69 -17.87
OP4 LLP A 200 -7.22 -19.05 -17.52
P LLP A 200 -8.58 -19.60 -17.04
OP1 LLP A 200 -8.36 -21.09 -16.82
OP2 LLP A 200 -8.95 -18.96 -15.73
OP3 LLP A 200 -9.65 -19.36 -18.03
N LLP A 200 -6.79 -24.69 -21.43
CA LLP A 200 -6.62 -24.55 -22.90
CB LLP A 200 -5.82 -23.29 -23.16
CG LLP A 200 -6.69 -22.01 -23.22
CD LLP A 200 -7.87 -21.97 -22.23
CE LLP A 200 -8.62 -20.60 -22.13
NZ LLP A 200 -7.73 -19.44 -21.98
C LLP A 200 -6.05 -25.82 -23.52
O LLP A 200 -6.62 -26.87 -23.33
N SER A 201 -4.92 -25.74 -24.23
CA SER A 201 -4.41 -26.93 -24.95
C SER A 201 -3.80 -28.00 -24.06
N ILE A 202 -3.36 -27.62 -22.87
CA ILE A 202 -2.72 -28.56 -21.94
C ILE A 202 -3.63 -29.74 -21.55
N ALA A 203 -4.79 -29.46 -20.98
CA ALA A 203 -5.79 -30.50 -20.77
C ALA A 203 -6.40 -30.92 -22.12
N GLY A 204 -6.56 -29.96 -23.03
CA GLY A 204 -6.82 -30.23 -24.42
C GLY A 204 -8.21 -30.68 -24.88
N HIS A 205 -9.12 -31.01 -23.95
CA HIS A 205 -10.38 -31.64 -24.34
C HIS A 205 -11.59 -30.80 -23.93
N ALA A 206 -11.32 -29.57 -23.52
CA ALA A 206 -12.35 -28.61 -23.18
C ALA A 206 -13.34 -29.18 -22.17
N ASP A 207 -12.84 -29.95 -21.20
CA ASP A 207 -13.73 -30.56 -20.19
C ASP A 207 -13.28 -30.33 -18.74
N VAL A 208 -12.43 -29.34 -18.52
CA VAL A 208 -11.91 -29.06 -17.18
C VAL A 208 -11.28 -27.65 -17.14
N LEU A 209 -11.46 -26.93 -16.04
CA LEU A 209 -10.71 -25.67 -15.81
C LEU A 209 -9.49 -25.94 -14.93
N GLY A 210 -8.35 -25.36 -15.28
CA GLY A 210 -7.16 -25.46 -14.45
C GLY A 210 -6.15 -24.36 -14.75
N GLY A 211 -5.22 -24.14 -13.82
CA GLY A 211 -4.12 -23.21 -14.04
C GLY A 211 -2.82 -23.80 -13.51
N ALA A 212 -1.70 -23.16 -13.84
CA ALA A 212 -0.42 -23.65 -13.37
C ALA A 212 0.67 -22.58 -13.44
N LEU A 213 1.65 -22.73 -12.55
CA LEU A 213 2.87 -21.94 -12.53
C LEU A 213 4.03 -22.92 -12.50
N VAL A 214 5.05 -22.67 -13.30
CA VAL A 214 6.25 -23.51 -13.30
C VAL A 214 7.46 -22.59 -13.16
N TYR A 215 8.43 -22.99 -12.33
CA TYR A 215 9.48 -22.06 -11.90
C TYR A 215 10.60 -22.80 -11.16
N ARG A 216 11.59 -22.04 -10.69
CA ARG A 216 12.77 -22.62 -10.03
C ARG A 216 13.17 -21.98 -8.67
N ASP A 217 12.56 -20.84 -8.32
CA ASP A 217 12.89 -20.13 -7.06
C ASP A 217 12.24 -20.86 -5.88
N ALA A 218 13.04 -21.34 -4.95
CA ALA A 218 12.53 -22.05 -3.77
C ALA A 218 11.75 -21.11 -2.83
N ASP A 219 12.09 -19.84 -2.82
CA ASP A 219 11.40 -18.89 -1.94
C ASP A 219 10.07 -18.54 -2.57
N LEU A 220 10.08 -18.40 -3.90
CA LEU A 220 8.86 -18.22 -4.65
C LEU A 220 7.94 -19.40 -4.37
N HIS A 221 8.50 -20.61 -4.42
CA HIS A 221 7.75 -21.83 -4.17
C HIS A 221 7.02 -21.76 -2.83
N ALA A 222 7.77 -21.49 -1.77
CA ALA A 222 7.17 -21.38 -0.44
C ALA A 222 6.02 -20.37 -0.40
N ALA A 223 6.21 -19.21 -1.02
CA ALA A 223 5.19 -18.17 -1.07
C ALA A 223 3.95 -18.61 -1.87
N VAL A 224 4.17 -19.21 -3.03
CA VAL A 224 3.04 -19.65 -3.85
C VAL A 224 2.19 -20.72 -3.16
N ARG A 225 2.83 -21.68 -2.49
CA ARG A 225 2.08 -22.70 -1.75
C ARG A 225 1.38 -22.10 -0.53
N ALA A 226 2.00 -21.12 0.13
CA ALA A 226 1.36 -20.52 1.29
C ALA A 226 0.11 -19.74 0.86
N TYR A 227 0.18 -19.06 -0.27
CA TYR A 227 -0.98 -18.31 -0.75
C TYR A 227 -2.08 -19.27 -1.20
N ARG A 228 -1.72 -20.28 -1.97
CA ARG A 228 -2.71 -21.23 -2.45
C ARG A 228 -3.42 -21.90 -1.26
N THR A 229 -2.68 -22.18 -0.20
CA THR A 229 -3.30 -22.85 0.95
C THR A 229 -4.27 -21.90 1.67
N THR A 230 -3.93 -20.62 1.73
CA THR A 230 -4.72 -19.64 2.47
C THR A 230 -5.86 -19.12 1.62
N ALA A 231 -5.60 -18.87 0.34
CA ALA A 231 -6.63 -18.44 -0.58
C ALA A 231 -7.54 -19.60 -0.96
N GLY A 232 -7.02 -20.82 -0.90
CA GLY A 232 -7.81 -22.01 -1.18
C GLY A 232 -8.24 -22.17 -2.63
N ASN A 233 -7.45 -21.61 -3.54
CA ASN A 233 -7.76 -21.66 -4.96
C ASN A 233 -7.16 -22.93 -5.58
N VAL A 234 -7.46 -24.07 -4.95
CA VAL A 234 -6.89 -25.35 -5.32
C VAL A 234 -7.83 -26.15 -6.21
N PRO A 235 -7.31 -26.80 -7.25
CA PRO A 235 -8.14 -27.64 -8.12
C PRO A 235 -8.74 -28.86 -7.40
N GLY A 236 -9.61 -29.59 -8.08
CA GLY A 236 -10.14 -30.84 -7.56
C GLY A 236 -9.32 -32.05 -7.98
N ALA A 237 -9.48 -33.14 -7.24
CA ALA A 237 -8.79 -34.39 -7.54
C ALA A 237 -9.10 -34.92 -8.95
N LEU A 238 -10.38 -35.02 -9.27
CA LEU A 238 -10.80 -35.49 -10.59
C LEU A 238 -10.41 -34.48 -11.69
N ASP A 239 -10.47 -33.19 -11.39
CA ASP A 239 -9.97 -32.18 -12.33
C ASP A 239 -8.50 -32.42 -12.69
N CYS A 240 -7.66 -32.62 -11.68
CA CYS A 240 -6.25 -32.91 -11.90
C CYS A 240 -6.05 -34.20 -12.69
N PHE A 241 -6.87 -35.22 -12.38
CA PHE A 241 -6.86 -36.45 -13.18
C PHE A 241 -7.13 -36.11 -14.65
N LEU A 242 -8.14 -35.30 -14.91
CA LEU A 242 -8.49 -34.94 -16.30
C LEU A 242 -7.43 -34.08 -17.02
N VAL A 243 -6.88 -33.07 -16.35
CA VAL A 243 -5.80 -32.27 -16.94
C VAL A 243 -4.59 -33.17 -17.24
N ARG A 244 -4.20 -33.99 -16.27
CA ARG A 244 -3.10 -34.94 -16.44
C ARG A 244 -3.41 -35.92 -17.55
N ARG A 245 -4.67 -36.34 -17.62
CA ARG A 245 -5.09 -37.32 -18.61
C ARG A 245 -4.92 -36.75 -20.03
N GLY A 246 -5.38 -35.53 -20.23
CA GLY A 246 -5.25 -34.86 -21.51
C GLY A 246 -3.79 -34.62 -21.90
N LEU A 247 -2.99 -34.24 -20.90
CA LEU A 247 -1.55 -34.04 -21.05
C LEU A 247 -0.80 -35.10 -21.85
N HIS A 248 -1.17 -36.37 -21.68
CA HIS A 248 -0.53 -37.46 -22.43
C HIS A 248 -0.39 -37.17 -23.92
N THR A 249 -1.42 -36.57 -24.50
CA THR A 249 -1.45 -36.37 -25.95
C THR A 249 -1.07 -34.94 -26.40
N LEU A 250 -0.57 -34.11 -25.48
CA LEU A 250 -0.21 -32.72 -25.80
C LEU A 250 0.69 -32.56 -27.04
N SER A 251 1.78 -33.34 -27.13
CA SER A 251 2.68 -33.28 -28.29
C SER A 251 1.89 -33.50 -29.56
N LEU A 252 1.20 -34.64 -29.59
CA LEU A 252 0.48 -35.08 -30.77
C LEU A 252 -0.62 -34.08 -31.16
N ARG A 253 -1.35 -33.58 -30.18
CA ARG A 253 -2.42 -32.61 -30.45
C ARG A 253 -1.82 -31.30 -30.96
N VAL A 254 -0.80 -30.81 -30.27
CA VAL A 254 -0.08 -29.62 -30.70
C VAL A 254 0.44 -29.69 -32.13
N HIS A 255 1.18 -30.74 -32.49
CA HIS A 255 1.74 -30.80 -33.84
C HIS A 255 0.66 -30.89 -34.94
N ARG A 256 -0.42 -31.62 -34.69
CA ARG A 256 -1.57 -31.66 -35.60
C ARG A 256 -2.20 -30.27 -35.78
N GLN A 257 -2.38 -29.56 -34.66
CA GLN A 257 -3.01 -28.26 -34.68
C GLN A 257 -2.20 -27.26 -35.51
N VAL A 258 -0.88 -27.25 -35.32
CA VAL A 258 0.01 -26.36 -36.05
C VAL A 258 -0.02 -26.67 -37.55
N ALA A 259 0.04 -27.96 -37.89
CA ALA A 259 0.03 -28.40 -39.27
C ALA A 259 -1.21 -27.90 -39.99
N THR A 260 -2.35 -27.96 -39.29
CA THR A 260 -3.60 -27.50 -39.89
C THR A 260 -3.67 -25.97 -39.91
N ALA A 261 -3.17 -25.33 -38.85
CA ALA A 261 -3.11 -23.86 -38.81
C ALA A 261 -2.39 -23.33 -40.06
N ARG A 262 -1.24 -23.90 -40.34
CA ARG A 262 -0.46 -23.51 -41.51
C ARG A 262 -1.22 -23.78 -42.80
N VAL A 263 -2.06 -24.83 -42.80
CA VAL A 263 -2.94 -25.08 -43.94
C VAL A 263 -3.97 -23.96 -44.08
N LEU A 264 -4.68 -23.66 -43.00
CA LEU A 264 -5.74 -22.64 -43.03
C LEU A 264 -5.18 -21.25 -43.39
N VAL A 265 -3.97 -20.93 -42.90
CA VAL A 265 -3.34 -19.64 -43.21
C VAL A 265 -3.21 -19.39 -44.71
N GLU A 266 -2.82 -20.42 -45.46
CA GLU A 266 -2.60 -20.22 -46.88
C GLU A 266 -3.91 -20.25 -47.68
N ARG A 267 -4.94 -20.91 -47.15
CA ARG A 267 -6.25 -20.77 -47.76
C ARG A 267 -6.82 -19.36 -47.52
N LEU A 268 -6.56 -18.80 -46.33
CA LEU A 268 -7.00 -17.44 -46.03
C LEU A 268 -6.32 -16.44 -46.96
N ARG A 269 -5.06 -16.71 -47.30
CA ARG A 269 -4.32 -15.86 -48.23
C ARG A 269 -4.73 -16.11 -49.68
N ALA A 270 -5.66 -17.04 -49.89
CA ALA A 270 -6.15 -17.33 -51.23
C ALA A 270 -7.57 -16.80 -51.46
N SER A 271 -8.17 -16.28 -50.40
CA SER A 271 -9.54 -15.77 -50.49
C SER A 271 -9.61 -14.28 -50.80
N PRO A 272 -10.37 -13.91 -51.84
CA PRO A 272 -10.55 -12.48 -52.15
C PRO A 272 -11.25 -11.75 -51.00
N VAL A 273 -12.14 -12.45 -50.29
CA VAL A 273 -12.88 -11.79 -49.20
C VAL A 273 -12.10 -11.77 -47.89
N VAL A 274 -10.78 -11.94 -47.95
CA VAL A 274 -9.95 -11.80 -46.78
C VAL A 274 -8.86 -10.76 -47.02
N GLY A 275 -8.64 -9.90 -46.03
CA GLY A 275 -7.56 -8.93 -46.10
C GLY A 275 -6.32 -9.48 -45.40
N ALA A 276 -5.82 -8.74 -44.41
CA ALA A 276 -4.67 -9.16 -43.63
C ALA A 276 -4.91 -10.50 -42.97
N VAL A 277 -3.82 -11.24 -42.77
CA VAL A 277 -3.85 -12.51 -42.06
C VAL A 277 -2.71 -12.51 -41.05
N HIS A 278 -3.03 -12.78 -39.79
CA HIS A 278 -2.00 -12.82 -38.76
C HIS A 278 -1.68 -14.27 -38.42
N TYR A 279 -0.40 -14.54 -38.24
CA TYR A 279 0.08 -15.88 -37.87
C TYR A 279 1.56 -15.76 -37.56
N PRO A 280 2.02 -16.41 -36.48
CA PRO A 280 3.42 -16.32 -36.09
C PRO A 280 4.38 -16.77 -37.21
N GLY A 281 4.06 -17.86 -37.90
CA GLY A 281 4.91 -18.44 -38.92
C GLY A 281 5.05 -17.75 -40.28
N LEU A 282 4.31 -16.67 -40.52
CA LEU A 282 4.44 -15.93 -41.78
C LEU A 282 5.83 -15.29 -41.86
N PRO A 283 6.53 -15.47 -43.00
CA PRO A 283 7.92 -14.97 -43.07
C PRO A 283 8.02 -13.46 -42.98
N GLU A 284 7.02 -12.77 -43.49
CA GLU A 284 6.92 -11.33 -43.40
C GLU A 284 6.38 -10.86 -42.04
N HIS A 285 6.22 -11.77 -41.08
CA HIS A 285 5.73 -11.40 -39.75
C HIS A 285 6.57 -10.27 -39.17
N PRO A 286 5.91 -9.30 -38.52
CA PRO A 286 6.65 -8.12 -38.03
C PRO A 286 7.45 -8.40 -36.75
N GLN A 287 7.69 -9.67 -36.44
CA GLN A 287 8.71 -10.07 -35.48
C GLN A 287 9.29 -11.42 -35.92
N HIS A 288 9.54 -11.58 -37.22
CA HIS A 288 9.87 -12.90 -37.75
C HIS A 288 11.14 -13.51 -37.17
N ALA A 289 12.13 -12.67 -36.89
CA ALA A 289 13.36 -13.14 -36.28
C ALA A 289 13.10 -13.73 -34.89
N VAL A 290 12.35 -13.02 -34.07
CA VAL A 290 12.05 -13.46 -32.71
C VAL A 290 11.27 -14.78 -32.67
N VAL A 291 10.26 -14.92 -33.52
CA VAL A 291 9.50 -16.17 -33.55
C VAL A 291 10.39 -17.38 -33.90
N LYS A 292 11.25 -17.21 -34.89
CA LYS A 292 12.13 -18.28 -35.30
C LYS A 292 13.00 -18.74 -34.13
N ALA A 293 13.37 -17.81 -33.26
CA ALA A 293 14.28 -18.12 -32.16
C ALA A 293 13.58 -18.74 -30.95
N GLN A 294 12.39 -18.26 -30.61
CA GLN A 294 11.76 -18.73 -29.36
C GLN A 294 10.57 -19.70 -29.49
N MSE A 295 10.09 -19.95 -30.70
CA MSE A 295 8.97 -20.91 -30.85
C MSE A 295 9.35 -21.99 -31.86
O MSE A 295 9.61 -21.70 -33.02
CB MSE A 295 7.65 -20.20 -31.23
CG MSE A 295 6.34 -20.86 -30.68
SE MSE A 295 4.65 -20.51 -31.72
CE MSE A 295 3.33 -21.18 -30.44
N SER A 296 9.41 -23.23 -31.40
CA SER A 296 9.78 -24.33 -32.28
C SER A 296 8.78 -24.53 -33.43
N ALA A 297 7.59 -23.95 -33.32
CA ALA A 297 6.61 -23.94 -34.40
C ALA A 297 5.68 -22.81 -34.01
N PRO A 298 4.98 -22.15 -34.98
CA PRO A 298 4.08 -20.98 -34.84
C PRO A 298 2.76 -21.10 -34.02
N GLY A 299 2.33 -22.30 -33.64
CA GLY A 299 1.12 -22.41 -32.84
C GLY A 299 -0.13 -22.63 -33.69
N ALA A 300 -1.29 -22.61 -33.04
CA ALA A 300 -2.51 -23.09 -33.66
C ALA A 300 -3.61 -22.03 -33.71
N ILE A 301 -3.23 -20.77 -33.50
CA ILE A 301 -4.19 -19.68 -33.53
C ILE A 301 -3.94 -18.82 -34.75
N VAL A 302 -5.01 -18.50 -35.47
CA VAL A 302 -4.94 -17.67 -36.66
C VAL A 302 -5.98 -16.57 -36.58
N SER A 303 -5.62 -15.36 -36.99
CA SER A 303 -6.57 -14.25 -37.10
C SER A 303 -6.56 -13.63 -38.49
N PHE A 304 -7.64 -12.96 -38.86
CA PHE A 304 -7.76 -12.33 -40.17
C PHE A 304 -8.86 -11.27 -40.25
N ASP A 305 -8.69 -10.28 -41.11
CA ASP A 305 -9.74 -9.31 -41.41
C ASP A 305 -10.65 -9.87 -42.48
N TYR A 306 -11.92 -10.05 -42.13
CA TYR A 306 -12.92 -10.48 -43.09
C TYR A 306 -13.45 -9.27 -43.84
N LEU A 307 -13.48 -9.32 -45.16
CA LEU A 307 -13.84 -8.15 -45.96
C LEU A 307 -15.28 -8.11 -46.46
N GLY A 308 -15.86 -9.27 -46.79
CA GLY A 308 -17.14 -9.27 -47.48
C GLY A 308 -18.37 -9.71 -46.70
N GLY A 309 -19.03 -8.75 -46.04
CA GLY A 309 -20.22 -9.02 -45.26
C GLY A 309 -20.00 -8.76 -43.77
N PRO A 310 -21.09 -8.65 -43.00
CA PRO A 310 -20.95 -8.45 -41.55
C PRO A 310 -20.36 -9.67 -40.87
N ALA A 311 -19.55 -9.44 -39.84
CA ALA A 311 -18.87 -10.53 -39.17
C ALA A 311 -19.86 -11.57 -38.62
N GLU A 312 -20.96 -11.10 -38.04
CA GLU A 312 -21.92 -12.05 -37.45
C GLU A 312 -22.55 -13.00 -38.49
N ARG A 313 -22.72 -12.53 -39.72
CA ARG A 313 -23.16 -13.43 -40.77
C ARG A 313 -22.09 -14.49 -41.09
N LEU A 314 -20.82 -14.08 -41.15
CA LEU A 314 -19.74 -15.05 -41.36
C LEU A 314 -19.78 -16.14 -40.28
N LEU A 315 -19.94 -15.72 -39.02
CA LEU A 315 -20.04 -16.63 -37.90
C LEU A 315 -21.19 -17.64 -38.08
N ASP A 316 -22.30 -17.15 -38.61
CA ASP A 316 -23.49 -17.98 -38.80
C ASP A 316 -23.33 -19.02 -39.92
N ARG A 317 -22.30 -18.90 -40.75
CA ARG A 317 -22.12 -19.84 -41.88
C ARG A 317 -21.18 -21.04 -41.62
N PHE A 318 -20.49 -21.07 -40.49
CA PHE A 318 -19.69 -22.24 -40.15
C PHE A 318 -20.58 -23.44 -39.80
N THR A 319 -20.12 -24.65 -40.13
CA THR A 319 -20.82 -25.88 -39.71
C THR A 319 -19.88 -26.91 -39.05
N LEU A 320 -18.59 -26.63 -39.04
CA LEU A 320 -17.63 -27.50 -38.36
C LEU A 320 -16.96 -26.75 -37.20
N PHE A 321 -16.31 -25.62 -37.52
CA PHE A 321 -15.87 -24.69 -36.46
C PHE A 321 -17.06 -24.35 -35.57
N THR A 322 -16.85 -24.36 -34.26
CA THR A 322 -17.89 -24.00 -33.31
C THR A 322 -17.74 -22.52 -32.94
N CYS A 323 -18.83 -21.78 -32.97
CA CYS A 323 -18.79 -20.36 -32.61
C CYS A 323 -18.75 -20.25 -31.09
N GLY A 324 -17.61 -19.83 -30.56
CA GLY A 324 -17.49 -19.65 -29.12
C GLY A 324 -16.13 -19.19 -28.69
N VAL A 325 -16.08 -18.51 -27.55
CA VAL A 325 -14.82 -18.09 -26.95
C VAL A 325 -14.13 -19.32 -26.44
N SER A 326 -12.89 -19.12 -25.97
CA SER A 326 -11.99 -20.19 -25.53
C SER A 326 -11.17 -20.77 -26.69
N LEU A 327 -9.96 -21.23 -26.37
CA LEU A 327 -9.02 -21.70 -27.38
C LEU A 327 -8.21 -22.91 -26.88
N GLY A 328 -7.72 -23.74 -27.79
CA GLY A 328 -6.80 -24.80 -27.43
C GLY A 328 -7.27 -26.25 -27.52
N GLY A 329 -8.59 -26.45 -27.49
CA GLY A 329 -9.14 -27.79 -27.45
C GLY A 329 -9.17 -28.56 -28.76
N VAL A 330 -9.60 -29.82 -28.67
CA VAL A 330 -9.64 -30.70 -29.84
C VAL A 330 -10.66 -30.23 -30.88
N HIS A 331 -11.69 -29.52 -30.44
CA HIS A 331 -12.67 -28.93 -31.37
C HIS A 331 -12.23 -27.54 -31.82
N SER A 332 -12.27 -27.30 -33.13
CA SER A 332 -11.96 -25.97 -33.67
C SER A 332 -13.04 -24.97 -33.30
N LEU A 333 -12.62 -23.77 -32.91
CA LEU A 333 -13.54 -22.75 -32.43
C LEU A 333 -13.28 -21.46 -33.17
N VAL A 334 -14.34 -20.67 -33.37
CA VAL A 334 -14.22 -19.41 -34.09
C VAL A 334 -14.99 -18.30 -33.36
N GLU A 335 -14.44 -17.09 -33.38
CA GLU A 335 -15.15 -15.97 -32.76
C GLU A 335 -14.79 -14.64 -33.39
N CYS A 336 -15.57 -13.62 -33.06
CA CYS A 336 -15.26 -12.26 -33.50
C CYS A 336 -15.00 -11.41 -32.27
N PRO A 337 -13.78 -10.88 -32.15
CA PRO A 337 -13.43 -10.05 -30.99
C PRO A 337 -14.41 -8.90 -30.81
N ALA A 338 -14.64 -8.13 -31.86
CA ALA A 338 -15.47 -6.93 -31.77
C ALA A 338 -16.89 -7.19 -31.25
N LEU A 339 -17.40 -8.41 -31.42
CA LEU A 339 -18.82 -8.71 -31.13
C LEU A 339 -19.02 -9.48 -29.84
N MSE A 340 -18.01 -10.26 -29.48
CA MSE A 340 -18.18 -11.25 -28.44
C MSE A 340 -17.66 -10.75 -27.10
O MSE A 340 -18.42 -10.66 -26.12
CB MSE A 340 -17.57 -12.59 -28.92
CG MSE A 340 -18.47 -13.11 -30.03
SE MSE A 340 -18.29 -14.81 -30.89
CE MSE A 340 -18.02 -15.92 -29.34
N THR A 341 -16.39 -10.38 -27.09
CA THR A 341 -15.66 -10.15 -25.85
C THR A 341 -15.19 -8.70 -25.71
N HIS A 342 -14.49 -8.19 -26.73
CA HIS A 342 -14.01 -6.80 -26.70
C HIS A 342 -15.16 -5.85 -27.03
N ARG A 343 -16.38 -6.23 -26.65
CA ARG A 343 -17.59 -5.46 -26.95
C ARG A 343 -17.99 -4.51 -25.80
N PRO A 344 -18.03 -5.01 -24.55
CA PRO A 344 -18.18 -4.05 -23.44
C PRO A 344 -16.92 -3.19 -23.30
N LEU A 345 -15.82 -3.60 -23.94
CA LEU A 345 -14.76 -2.66 -24.29
C LEU A 345 -15.27 -1.92 -25.54
N SER A 346 -15.34 -0.59 -25.49
CA SER A 346 -16.01 0.17 -26.53
C SER A 346 -15.36 0.06 -27.92
N ALA A 347 -16.14 0.35 -28.97
CA ALA A 347 -15.72 0.27 -30.37
C ALA A 347 -14.85 1.41 -30.79
N GLU A 348 -13.91 1.79 -29.93
CA GLU A 348 -13.08 2.97 -30.11
C GLU A 348 -11.83 2.55 -29.37
N ALA A 349 -12.08 1.81 -28.31
CA ALA A 349 -11.03 1.11 -27.59
C ALA A 349 -10.75 -0.20 -28.32
N ARG A 350 -11.50 -0.46 -29.38
CA ARG A 350 -11.24 -1.61 -30.23
C ARG A 350 -10.11 -1.35 -31.23
N ALA A 351 -10.25 -0.29 -32.03
CA ALA A 351 -9.27 0.01 -33.06
C ALA A 351 -7.98 0.52 -32.45
N ARG A 352 -8.10 1.15 -31.29
CA ARG A 352 -6.94 1.63 -30.58
C ARG A 352 -6.05 0.43 -30.25
N ARG A 353 -6.69 -0.67 -29.88
CA ARG A 353 -5.93 -1.89 -29.61
C ARG A 353 -5.58 -2.62 -30.91
N GLY A 354 -6.25 -2.26 -32.00
CA GLY A 354 -6.05 -2.90 -33.28
C GLY A 354 -7.36 -3.50 -33.72
N ILE A 355 -7.45 -4.83 -33.68
CA ILE A 355 -8.73 -5.54 -33.62
C ILE A 355 -9.93 -4.89 -34.33
N GLY A 356 -9.90 -4.86 -35.66
CA GLY A 356 -10.99 -4.29 -36.44
C GLY A 356 -12.32 -4.99 -36.20
N GLU A 357 -13.39 -4.36 -36.68
CA GLU A 357 -14.75 -4.86 -36.49
C GLU A 357 -15.00 -6.17 -37.19
N SER A 358 -14.18 -6.47 -38.19
CA SER A 358 -14.33 -7.70 -38.94
C SER A 358 -13.13 -8.62 -38.74
N LEU A 359 -12.40 -8.42 -37.65
CA LEU A 359 -11.35 -9.35 -37.29
C LEU A 359 -11.99 -10.66 -36.83
N ILE A 360 -11.48 -11.78 -37.33
CA ILE A 360 -11.93 -13.11 -36.98
C ILE A 360 -10.75 -13.90 -36.41
N ARG A 361 -10.98 -14.64 -35.33
CA ARG A 361 -9.92 -15.49 -34.77
C ARG A 361 -10.26 -16.98 -34.87
N LEU A 362 -9.29 -17.77 -35.30
CA LEU A 362 -9.45 -19.22 -35.43
C LEU A 362 -8.60 -19.97 -34.40
N SER A 363 -9.25 -20.80 -33.59
CA SER A 363 -8.55 -21.73 -32.73
C SER A 363 -8.66 -23.14 -33.35
N VAL A 364 -7.55 -23.63 -33.86
CA VAL A 364 -7.56 -24.84 -34.66
C VAL A 364 -7.51 -26.09 -33.80
N GLY A 365 -8.48 -26.97 -33.99
CA GLY A 365 -8.51 -28.24 -33.27
C GLY A 365 -7.88 -29.35 -34.09
N ILE A 366 -8.19 -30.61 -33.75
CA ILE A 366 -7.52 -31.74 -34.40
C ILE A 366 -8.37 -32.46 -35.46
N GLU A 367 -9.39 -31.79 -35.97
CA GLU A 367 -10.21 -32.36 -37.05
C GLU A 367 -9.39 -32.58 -38.33
N ASP A 368 -9.95 -33.32 -39.28
CA ASP A 368 -9.32 -33.48 -40.59
C ASP A 368 -9.02 -32.10 -41.22
N PRO A 369 -7.80 -31.90 -41.75
CA PRO A 369 -7.47 -30.55 -42.21
C PRO A 369 -8.28 -30.13 -43.43
N GLN A 370 -8.57 -31.06 -44.35
CA GLN A 370 -9.39 -30.69 -45.51
C GLN A 370 -10.85 -30.37 -45.15
N ASP A 371 -11.39 -31.05 -44.13
CA ASP A 371 -12.71 -30.69 -43.62
C ASP A 371 -12.72 -29.26 -43.07
N LEU A 372 -11.76 -28.93 -42.22
CA LEU A 372 -11.69 -27.57 -41.66
C LEU A 372 -11.47 -26.54 -42.77
N ALA A 373 -10.62 -26.86 -43.74
CA ALA A 373 -10.39 -25.95 -44.86
C ALA A 373 -11.67 -25.72 -45.66
N GLU A 374 -12.42 -26.80 -45.91
CA GLU A 374 -13.65 -26.69 -46.68
C GLU A 374 -14.76 -25.95 -45.90
N ASP A 375 -14.79 -26.11 -44.58
CA ASP A 375 -15.76 -25.35 -43.77
C ASP A 375 -15.45 -23.85 -43.80
N LEU A 376 -14.18 -23.50 -43.64
CA LEU A 376 -13.76 -22.12 -43.66
C LEU A 376 -14.06 -21.45 -45.00
N SER A 377 -13.87 -22.19 -46.10
CA SER A 377 -14.09 -21.64 -47.44
C SER A 377 -15.55 -21.33 -47.71
N ARG A 378 -16.41 -22.32 -47.48
CA ARG A 378 -17.85 -22.19 -47.68
C ARG A 378 -18.42 -21.08 -46.81
N ALA A 379 -17.87 -20.92 -45.61
CA ALA A 379 -18.26 -19.84 -44.72
C ALA A 379 -17.82 -18.48 -45.27
N LEU A 380 -16.57 -18.39 -45.71
CA LEU A 380 -16.06 -17.15 -46.32
C LEU A 380 -16.86 -16.78 -47.56
N ALA A 381 -17.33 -17.80 -48.28
CA ALA A 381 -18.13 -17.61 -49.50
C ALA A 381 -17.52 -16.62 -50.50
N GLY A 382 -16.23 -16.78 -50.78
CA GLY A 382 -15.59 -16.00 -51.82
C GLY A 382 -15.13 -16.85 -52.99
N GLY B 6 -42.89 -23.32 -0.37
CA GLY B 6 -43.83 -24.32 0.10
C GLY B 6 -43.10 -25.57 0.60
N MSE B 7 -41.95 -25.85 -0.02
CA MSE B 7 -41.28 -27.11 0.27
C MSE B 7 -40.35 -27.08 1.45
O MSE B 7 -39.43 -26.24 1.52
CB MSE B 7 -40.66 -27.76 -0.97
CG MSE B 7 -41.63 -28.83 -1.40
SE MSE B 7 -43.39 -28.25 -0.70
CE MSE B 7 -43.98 -27.43 -2.37
N ARG B 8 -40.65 -27.97 2.39
CA ARG B 8 -39.95 -28.12 3.66
C ARG B 8 -38.51 -28.55 3.44
N PHE B 9 -37.76 -28.69 4.53
CA PHE B 9 -36.30 -28.90 4.45
C PHE B 9 -35.74 -30.13 3.70
N GLY B 10 -36.08 -31.34 4.13
CA GLY B 10 -35.47 -32.53 3.56
C GLY B 10 -35.89 -32.76 2.12
N THR B 11 -37.00 -32.11 1.75
CA THR B 11 -37.46 -32.12 0.38
C THR B 11 -36.57 -31.18 -0.44
N ARG B 12 -36.20 -30.05 0.17
CA ARG B 12 -35.26 -29.08 -0.40
C ARG B 12 -33.89 -29.71 -0.67
N LEU B 13 -33.48 -30.64 0.19
CA LEU B 13 -32.19 -31.31 0.03
C LEU B 13 -32.19 -32.15 -1.24
N VAL B 14 -33.33 -32.74 -1.57
CA VAL B 14 -33.42 -33.66 -2.70
C VAL B 14 -33.71 -32.96 -4.03
N HIS B 15 -34.57 -31.94 -3.99
CA HIS B 15 -35.08 -31.33 -5.22
C HIS B 15 -34.60 -29.89 -5.48
N GLY B 16 -33.95 -29.28 -4.49
CA GLY B 16 -33.49 -27.91 -4.66
C GLY B 16 -32.43 -27.88 -5.75
N GLY B 17 -32.62 -27.04 -6.76
CA GLY B 17 -31.65 -26.95 -7.84
C GLY B 17 -31.80 -28.05 -8.88
N ARG B 18 -32.89 -28.83 -8.80
CA ARG B 18 -33.16 -29.91 -9.74
C ARG B 18 -33.95 -29.53 -11.01
N ARG B 19 -33.89 -28.26 -11.45
CA ARG B 19 -34.55 -27.76 -12.69
C ARG B 19 -34.73 -28.83 -13.82
N PRO B 20 -35.83 -28.76 -14.60
CA PRO B 20 -36.22 -29.77 -15.58
C PRO B 20 -35.16 -30.25 -16.59
N SER B 21 -35.35 -31.46 -17.14
CA SER B 21 -34.45 -31.99 -18.18
C SER B 21 -35.21 -32.25 -19.48
N ALA B 22 -35.54 -31.17 -20.19
CA ALA B 22 -36.35 -31.25 -21.42
C ALA B 22 -35.78 -32.24 -22.41
N GLY B 23 -36.65 -32.88 -23.17
CA GLY B 23 -36.19 -33.82 -24.16
C GLY B 23 -35.75 -35.16 -23.60
N THR B 24 -34.75 -35.17 -22.71
CA THR B 24 -34.28 -36.45 -22.16
C THR B 24 -35.08 -36.93 -20.95
N GLY B 25 -35.21 -36.08 -19.93
CA GLY B 25 -36.03 -36.39 -18.77
C GLY B 25 -35.26 -36.89 -17.56
N ASP B 26 -33.94 -36.71 -17.58
CA ASP B 26 -33.06 -37.20 -16.51
C ASP B 26 -33.54 -36.69 -15.15
N VAL B 27 -33.70 -37.59 -14.19
CA VAL B 27 -34.04 -37.19 -12.82
C VAL B 27 -32.83 -36.56 -12.12
N VAL B 28 -31.70 -37.23 -12.15
CA VAL B 28 -30.46 -36.62 -11.71
C VAL B 28 -29.91 -35.82 -12.90
N PRO B 29 -29.71 -34.51 -12.71
CA PRO B 29 -29.25 -33.72 -13.85
C PRO B 29 -27.90 -34.22 -14.39
N PRO B 30 -27.69 -34.16 -15.71
CA PRO B 30 -26.42 -34.61 -16.28
C PRO B 30 -25.26 -33.71 -15.84
N ILE B 31 -24.04 -34.23 -15.85
CA ILE B 31 -22.90 -33.47 -15.34
C ILE B 31 -22.28 -32.61 -16.44
N HIS B 32 -22.38 -31.29 -16.31
CA HIS B 32 -21.86 -30.39 -17.35
C HIS B 32 -20.37 -30.10 -17.17
N VAL B 33 -19.55 -30.88 -17.86
CA VAL B 33 -18.11 -30.71 -17.75
C VAL B 33 -17.58 -29.71 -18.77
N SER B 34 -18.34 -29.43 -19.82
CA SER B 34 -17.86 -28.57 -20.91
C SER B 34 -17.35 -27.22 -20.40
N THR B 35 -16.20 -26.78 -20.91
CA THR B 35 -15.71 -25.44 -20.61
C THR B 35 -16.23 -24.43 -21.62
N THR B 36 -16.53 -24.91 -22.82
CA THR B 36 -16.87 -24.01 -23.91
C THR B 36 -18.34 -24.20 -24.29
N TYR B 37 -18.95 -23.13 -24.80
CA TYR B 37 -20.34 -23.17 -25.24
C TYR B 37 -20.51 -22.55 -26.63
N GLU B 38 -21.30 -23.23 -27.47
CA GLU B 38 -21.66 -22.71 -28.78
C GLU B 38 -22.59 -21.53 -28.57
N ARG B 39 -22.23 -20.40 -29.16
CA ARG B 39 -23.01 -19.17 -28.98
C ARG B 39 -24.39 -19.31 -29.68
N ARG B 40 -24.42 -20.02 -30.81
CA ARG B 40 -25.63 -20.14 -31.65
C ARG B 40 -26.72 -21.14 -31.16
N ALA B 41 -26.40 -22.04 -30.23
CA ALA B 41 -27.38 -23.05 -29.79
C ALA B 41 -28.28 -22.56 -28.65
N GLN B 42 -28.23 -21.27 -28.37
CA GLN B 42 -28.95 -20.73 -27.24
C GLN B 42 -29.79 -19.57 -27.72
N ASP B 43 -31.10 -19.66 -27.54
CA ASP B 43 -31.96 -18.62 -28.09
C ASP B 43 -32.16 -17.49 -27.11
N GLU B 44 -31.76 -17.71 -25.86
CA GLU B 44 -31.45 -16.62 -24.94
C GLU B 44 -30.20 -17.03 -24.15
N PRO B 45 -29.02 -16.89 -24.79
CA PRO B 45 -27.73 -17.32 -24.25
C PRO B 45 -27.52 -16.95 -22.78
N ARG B 46 -27.15 -17.93 -21.98
CA ARG B 46 -26.81 -17.74 -20.58
C ARG B 46 -25.42 -18.37 -20.35
N TYR B 47 -24.85 -18.95 -21.41
CA TYR B 47 -23.65 -19.78 -21.25
C TYR B 47 -22.55 -19.52 -22.28
N PHE B 48 -21.41 -19.08 -21.79
CA PHE B 48 -20.29 -18.69 -22.64
C PHE B 48 -19.01 -19.46 -22.28
N TYR B 49 -18.53 -19.27 -21.06
CA TYR B 49 -17.27 -19.86 -20.62
C TYR B 49 -17.38 -20.36 -19.18
N GLY B 50 -16.80 -21.54 -18.96
CA GLY B 50 -17.00 -22.30 -17.74
C GLY B 50 -16.59 -21.63 -16.44
N ARG B 51 -15.57 -20.78 -16.49
CA ARG B 51 -15.21 -20.00 -15.30
C ARG B 51 -16.37 -19.07 -14.94
N GLY B 52 -17.06 -18.56 -15.96
CA GLY B 52 -18.17 -17.65 -15.74
C GLY B 52 -19.48 -18.36 -15.43
N GLU B 53 -19.86 -19.30 -16.27
CA GLU B 53 -21.17 -19.94 -16.14
C GLU B 53 -21.05 -21.45 -16.25
N ASN B 54 -21.86 -22.14 -15.45
CA ASN B 54 -21.81 -23.60 -15.44
C ASN B 54 -23.10 -24.19 -14.85
N PRO B 55 -23.83 -24.97 -15.66
CA PRO B 55 -25.15 -25.47 -15.28
C PRO B 55 -25.15 -26.29 -13.99
N THR B 56 -24.23 -27.24 -13.86
CA THR B 56 -24.12 -28.07 -12.66
C THR B 56 -23.76 -27.24 -11.41
N ARG B 57 -22.89 -26.26 -11.57
CA ARG B 57 -22.53 -25.36 -10.47
C ARG B 57 -23.75 -24.53 -10.04
N GLU B 58 -24.48 -24.00 -11.01
CA GLU B 58 -25.66 -23.18 -10.72
C GLU B 58 -26.73 -23.97 -9.96
N GLU B 59 -26.84 -25.26 -10.27
CA GLU B 59 -27.78 -26.16 -9.59
C GLU B 59 -27.45 -26.31 -8.10
N LEU B 60 -26.18 -26.50 -7.77
CA LEU B 60 -25.76 -26.66 -6.38
C LEU B 60 -26.07 -25.35 -5.60
N GLU B 61 -25.80 -24.22 -6.22
CA GLU B 61 -26.09 -22.91 -5.62
C GLU B 61 -27.58 -22.72 -5.29
N GLU B 62 -28.44 -23.14 -6.22
CA GLU B 62 -29.87 -23.05 -6.02
C GLU B 62 -30.27 -23.89 -4.81
N CYS B 63 -29.74 -25.10 -4.75
CA CYS B 63 -29.97 -25.99 -3.62
C CYS B 63 -29.61 -25.30 -2.30
N LEU B 64 -28.38 -24.77 -2.26
CA LEU B 64 -27.85 -24.11 -1.07
C LEU B 64 -28.64 -22.86 -0.69
N ALA B 65 -28.98 -22.05 -1.69
CA ALA B 65 -29.80 -20.87 -1.45
C ALA B 65 -31.17 -21.27 -0.88
N GLY B 66 -31.72 -22.35 -1.41
CA GLY B 66 -33.03 -22.83 -1.00
C GLY B 66 -33.09 -23.28 0.45
N LEU B 67 -32.01 -23.92 0.93
CA LEU B 67 -31.95 -24.43 2.29
C LEU B 67 -32.14 -23.31 3.32
N GLU B 68 -31.81 -22.09 2.89
CA GLU B 68 -31.91 -20.91 3.76
C GLU B 68 -32.99 -19.93 3.27
N ARG B 69 -33.84 -20.40 2.37
CA ARG B 69 -34.89 -19.57 1.74
C ARG B 69 -34.33 -18.21 1.31
N ALA B 70 -33.14 -18.24 0.71
CA ALA B 70 -32.43 -17.02 0.32
C ALA B 70 -32.36 -16.92 -1.20
N PRO B 71 -32.19 -15.70 -1.73
CA PRO B 71 -32.18 -15.54 -3.19
C PRO B 71 -30.87 -15.96 -3.87
N PHE B 72 -29.74 -15.86 -3.17
CA PHE B 72 -28.45 -16.09 -3.83
C PHE B 72 -27.55 -17.08 -3.08
N ALA B 73 -26.75 -17.83 -3.84
CA ALA B 73 -25.59 -18.51 -3.30
C ALA B 73 -24.49 -18.60 -4.37
N THR B 74 -23.25 -18.58 -3.92
CA THR B 74 -22.11 -18.73 -4.81
C THR B 74 -21.19 -19.79 -4.23
N VAL B 75 -20.75 -20.73 -5.05
CA VAL B 75 -19.81 -21.74 -4.56
C VAL B 75 -18.40 -21.51 -5.05
N PHE B 76 -17.46 -22.10 -4.32
CA PHE B 76 -16.04 -21.87 -4.54
C PHE B 76 -15.27 -23.19 -4.40
N SER B 77 -14.01 -23.16 -4.82
CA SER B 77 -13.12 -24.31 -4.73
C SER B 77 -12.84 -24.79 -3.30
N SER B 78 -13.08 -23.94 -2.31
CA SER B 78 -12.88 -24.32 -0.91
C SER B 78 -13.55 -23.32 0.03
N GLY B 79 -13.65 -23.68 1.30
CA GLY B 79 -14.12 -22.76 2.34
C GLY B 79 -13.27 -21.52 2.46
N GLN B 80 -11.95 -21.69 2.38
CA GLN B 80 -11.02 -20.57 2.40
C GLN B 80 -11.25 -19.58 1.26
N ALA B 81 -11.48 -20.09 0.06
CA ALA B 81 -11.78 -19.25 -1.09
C ALA B 81 -13.06 -18.44 -0.88
N ALA B 82 -14.08 -19.06 -0.28
CA ALA B 82 -15.30 -18.32 0.04
C ALA B 82 -15.01 -17.18 1.02
N ALA B 83 -14.31 -17.50 2.10
CA ALA B 83 -13.88 -16.48 3.06
C ALA B 83 -13.03 -15.39 2.42
N ALA B 84 -12.10 -15.80 1.56
CA ALA B 84 -11.17 -14.88 0.93
C ALA B 84 -11.94 -13.91 0.04
N THR B 85 -12.96 -14.42 -0.62
CA THR B 85 -13.79 -13.62 -1.51
C THR B 85 -14.53 -12.54 -0.71
N LEU B 86 -15.14 -12.93 0.39
CA LEU B 86 -15.88 -11.98 1.21
C LEU B 86 -14.95 -10.88 1.76
N LEU B 87 -13.77 -11.29 2.22
CA LEU B 87 -12.79 -10.39 2.82
C LEU B 87 -12.22 -9.38 1.84
N SER B 88 -12.15 -9.76 0.56
CA SER B 88 -11.60 -8.87 -0.45
C SER B 88 -12.43 -7.60 -0.61
N LEU B 89 -13.69 -7.68 -0.20
CA LEU B 89 -14.59 -6.54 -0.31
C LEU B 89 -14.32 -5.50 0.77
N VAL B 90 -13.58 -5.87 1.80
CA VAL B 90 -13.22 -4.91 2.84
C VAL B 90 -12.07 -4.03 2.36
N ARG B 91 -12.28 -2.72 2.41
CA ARG B 91 -11.35 -1.74 1.85
C ARG B 91 -10.36 -1.22 2.89
N PRO B 92 -9.19 -0.74 2.43
CA PRO B 92 -8.14 -0.19 3.30
C PRO B 92 -8.63 0.84 4.31
N GLY B 93 -8.27 0.63 5.56
CA GLY B 93 -8.66 1.54 6.63
C GLY B 93 -9.84 1.00 7.41
N GLN B 94 -10.80 0.40 6.69
CA GLN B 94 -12.00 -0.16 7.29
C GLN B 94 -11.64 -1.21 8.33
N CYS B 95 -12.46 -1.32 9.36
CA CYS B 95 -12.23 -2.32 10.40
C CYS B 95 -13.06 -3.60 10.21
N VAL B 96 -12.44 -4.74 10.53
CA VAL B 96 -13.17 -5.98 10.73
C VAL B 96 -13.05 -6.29 12.21
N VAL B 97 -14.17 -6.65 12.84
CA VAL B 97 -14.15 -7.22 14.20
C VAL B 97 -14.66 -8.64 14.17
N SER B 98 -13.97 -9.57 14.83
CA SER B 98 -14.35 -10.97 14.77
C SER B 98 -14.22 -11.83 16.05
N THR B 99 -14.92 -12.96 16.03
CA THR B 99 -14.83 -13.99 17.08
C THR B 99 -13.37 -14.33 17.31
N ASP B 100 -12.76 -13.70 18.31
CA ASP B 100 -11.30 -13.82 18.51
C ASP B 100 -10.81 -15.21 18.94
N ASP B 101 -11.01 -16.19 18.05
CA ASP B 101 -10.83 -17.61 18.33
C ASP B 101 -11.17 -18.30 17.01
N VAL B 102 -11.12 -17.51 15.96
CA VAL B 102 -11.72 -17.87 14.69
C VAL B 102 -10.89 -18.96 13.98
N TYR B 103 -11.54 -19.80 13.16
CA TYR B 103 -10.83 -20.87 12.42
C TYR B 103 -9.48 -20.41 11.86
N ALA B 104 -8.42 -21.15 12.21
CA ALA B 104 -7.04 -20.75 11.89
C ALA B 104 -6.85 -20.29 10.43
N GLY B 105 -7.60 -20.89 9.50
CA GLY B 105 -7.61 -20.45 8.11
C GLY B 105 -8.08 -19.02 7.90
N THR B 106 -9.13 -18.64 8.61
CA THR B 106 -9.69 -17.30 8.51
C THR B 106 -8.72 -16.23 9.04
N ASP B 107 -8.01 -16.54 10.12
CA ASP B 107 -7.02 -15.60 10.63
C ASP B 107 -5.89 -15.31 9.64
N GLY B 108 -5.66 -16.24 8.72
CA GLY B 108 -4.72 -16.03 7.63
C GLY B 108 -5.28 -15.01 6.66
N LEU B 109 -6.60 -15.02 6.51
CA LEU B 109 -7.26 -14.04 5.68
C LEU B 109 -7.50 -12.73 6.45
N PHE B 110 -7.34 -12.78 7.76
CA PHE B 110 -7.28 -11.53 8.50
C PHE B 110 -5.92 -10.88 8.28
N ASP B 111 -4.86 -11.67 8.32
CA ASP B 111 -3.50 -11.13 8.21
C ASP B 111 -3.20 -10.48 6.85
N LEU B 112 -3.48 -11.21 5.78
CA LEU B 112 -3.22 -10.69 4.44
C LEU B 112 -4.02 -9.38 4.27
N ALA B 113 -5.22 -9.34 4.85
CA ALA B 113 -6.07 -8.15 4.81
C ALA B 113 -5.51 -7.00 5.65
N ALA B 114 -4.92 -7.35 6.79
CA ALA B 114 -4.31 -6.34 7.64
C ALA B 114 -3.17 -5.66 6.89
N ARG B 115 -2.35 -6.45 6.20
CA ARG B 115 -1.25 -5.92 5.41
C ARG B 115 -1.72 -5.08 4.23
N GLN B 116 -2.99 -5.19 3.86
CA GLN B 116 -3.49 -4.42 2.73
C GLN B 116 -4.39 -3.27 3.18
N GLY B 117 -4.22 -2.84 4.43
CA GLY B 117 -4.85 -1.63 4.92
C GLY B 117 -6.07 -1.79 5.83
N VAL B 118 -6.42 -3.02 6.18
CA VAL B 118 -7.65 -3.27 6.94
C VAL B 118 -7.38 -3.45 8.43
N ARG B 119 -8.21 -2.85 9.28
CA ARG B 119 -8.07 -3.04 10.72
C ARG B 119 -8.85 -4.26 11.20
N VAL B 120 -8.20 -5.11 12.00
CA VAL B 120 -8.78 -6.41 12.39
C VAL B 120 -9.00 -6.55 13.90
N ARG B 121 -9.63 -5.53 14.49
CA ARG B 121 -9.91 -5.49 15.93
C ARG B 121 -10.57 -6.74 16.47
N TYR B 122 -9.84 -7.50 17.27
CA TYR B 122 -10.42 -8.59 18.02
C TYR B 122 -11.27 -8.04 19.18
N ALA B 123 -12.29 -8.79 19.57
CA ALA B 123 -13.13 -8.43 20.71
C ALA B 123 -13.96 -9.62 21.17
N ASP B 124 -14.51 -9.54 22.38
CA ASP B 124 -15.39 -10.58 22.87
C ASP B 124 -16.84 -10.34 22.48
N LEU B 125 -17.40 -11.29 21.73
CA LEU B 125 -18.76 -11.20 21.18
C LEU B 125 -19.74 -12.12 21.91
N THR B 126 -19.27 -12.79 22.95
CA THR B 126 -20.15 -13.58 23.82
C THR B 126 -20.78 -12.76 24.95
N THR B 127 -20.69 -11.43 24.88
CA THR B 127 -21.10 -10.53 25.97
C THR B 127 -21.54 -9.14 25.46
N PRO B 128 -22.38 -8.43 26.25
CA PRO B 128 -23.05 -7.21 25.76
C PRO B 128 -22.24 -5.90 25.63
N GLU B 129 -21.25 -5.64 26.49
CA GLU B 129 -20.44 -4.42 26.31
C GLU B 129 -19.32 -4.69 25.31
N GLY B 130 -18.86 -5.94 25.27
CA GLY B 130 -17.85 -6.35 24.30
C GLY B 130 -18.38 -6.22 22.89
N ILE B 131 -19.61 -6.68 22.69
CA ILE B 131 -20.31 -6.41 21.44
C ILE B 131 -20.37 -4.90 21.28
N ALA B 132 -20.79 -4.20 22.34
CA ALA B 132 -20.86 -2.75 22.31
C ALA B 132 -19.49 -2.10 22.12
N ALA B 133 -18.45 -2.76 22.64
CA ALA B 133 -17.09 -2.23 22.54
C ALA B 133 -16.62 -2.28 21.10
N ALA B 134 -16.56 -3.51 20.59
CA ALA B 134 -16.20 -3.81 19.21
C ALA B 134 -16.94 -2.91 18.25
N LEU B 135 -18.27 -2.91 18.36
CA LEU B 135 -19.09 -2.21 17.40
C LEU B 135 -19.11 -0.73 17.74
N ALA B 136 -17.91 -0.17 17.85
CA ALA B 136 -17.72 1.26 17.99
C ALA B 136 -16.68 1.69 16.96
N GLU B 137 -15.83 0.74 16.55
CA GLU B 137 -14.81 0.96 15.52
C GLU B 137 -15.33 1.84 14.41
N PRO B 138 -14.74 3.04 14.25
CA PRO B 138 -15.13 3.90 13.14
C PRO B 138 -14.93 3.17 11.82
N ASP B 139 -15.79 3.44 10.85
CA ASP B 139 -15.72 2.81 9.54
C ASP B 139 -15.66 1.27 9.61
N LEU B 140 -16.10 0.71 10.74
CA LEU B 140 -16.23 -0.74 10.88
C LEU B 140 -17.09 -1.21 9.73
N ALA B 141 -16.68 -2.29 9.09
CA ALA B 141 -17.29 -2.73 7.83
C ALA B 141 -17.89 -4.11 7.95
N LEU B 142 -17.17 -5.03 8.56
CA LEU B 142 -17.58 -6.42 8.58
C LEU B 142 -17.44 -7.01 9.97
N VAL B 143 -18.54 -7.54 10.51
CA VAL B 143 -18.49 -8.32 11.75
C VAL B 143 -18.56 -9.81 11.42
N TRP B 144 -17.53 -10.54 11.86
CA TRP B 144 -17.34 -11.93 11.48
C TRP B 144 -17.62 -12.79 12.69
N ILE B 145 -18.70 -13.56 12.63
CA ILE B 145 -19.07 -14.43 13.73
C ILE B 145 -18.86 -15.87 13.37
N GLU B 146 -18.20 -16.60 14.26
CA GLU B 146 -18.00 -18.02 14.05
C GLU B 146 -18.58 -18.72 15.27
N THR B 147 -19.67 -19.48 15.06
CA THR B 147 -20.42 -20.06 16.17
C THR B 147 -21.14 -21.35 15.76
N PRO B 148 -21.04 -22.40 16.58
CA PRO B 148 -20.21 -22.53 17.79
C PRO B 148 -18.74 -22.44 17.44
N THR B 149 -17.89 -22.03 18.40
CA THR B 149 -16.46 -22.00 18.15
C THR B 149 -15.84 -23.42 18.14
N ASN B 150 -14.52 -23.50 18.17
CA ASN B 150 -13.85 -24.80 18.10
C ASN B 150 -12.40 -24.62 18.46
N PRO B 151 -11.92 -25.40 19.42
CA PRO B 151 -12.61 -26.59 19.95
C PRO B 151 -13.49 -26.39 21.20
N LEU B 152 -13.55 -25.18 21.75
CA LEU B 152 -14.21 -25.00 23.04
C LEU B 152 -15.74 -24.92 22.94
N LEU B 153 -16.22 -24.67 21.73
CA LEU B 153 -17.65 -24.71 21.42
C LEU B 153 -18.48 -23.75 22.29
N THR B 154 -17.97 -22.54 22.52
CA THR B 154 -18.79 -21.49 23.11
C THR B 154 -19.67 -20.93 21.99
N VAL B 155 -20.62 -20.07 22.33
CA VAL B 155 -21.52 -19.57 21.31
C VAL B 155 -21.67 -18.05 21.33
N VAL B 156 -22.08 -17.51 20.18
CA VAL B 156 -22.33 -16.08 20.05
C VAL B 156 -23.78 -15.89 19.63
N ASP B 157 -24.46 -14.93 20.25
CA ASP B 157 -25.85 -14.64 19.95
C ASP B 157 -25.91 -13.86 18.64
N VAL B 158 -26.20 -14.59 17.55
CA VAL B 158 -26.21 -14.01 16.21
C VAL B 158 -27.23 -12.88 16.06
N ALA B 159 -28.45 -13.10 16.51
CA ALA B 159 -29.47 -12.07 16.46
C ALA B 159 -29.02 -10.80 17.19
N GLU B 160 -28.41 -10.99 18.35
CA GLU B 160 -28.00 -9.84 19.15
C GLU B 160 -26.86 -9.07 18.52
N VAL B 161 -25.81 -9.80 18.12
CA VAL B 161 -24.69 -9.17 17.45
C VAL B 161 -25.12 -8.49 16.16
N SER B 162 -26.04 -9.11 15.44
CA SER B 162 -26.52 -8.55 14.17
C SER B 162 -27.22 -7.20 14.34
N ARG B 163 -28.17 -7.15 15.26
CA ARG B 163 -28.95 -5.93 15.49
C ARG B 163 -28.02 -4.77 15.81
N ARG B 164 -27.03 -5.02 16.66
CA ARG B 164 -26.08 -3.98 17.03
C ARG B 164 -25.24 -3.57 15.82
N ALA B 165 -24.58 -4.55 15.19
CA ALA B 165 -23.73 -4.30 14.03
C ALA B 165 -24.37 -3.46 12.92
N HIS B 166 -25.64 -3.72 12.62
CA HIS B 166 -26.32 -3.03 11.52
C HIS B 166 -26.54 -1.54 11.83
N GLU B 167 -26.69 -1.23 13.10
CA GLU B 167 -26.81 0.14 13.57
C GLU B 167 -25.56 0.97 13.23
N ARG B 168 -24.58 0.33 12.59
CA ARG B 168 -23.38 1.00 12.13
C ARG B 168 -23.09 0.70 10.65
N GLY B 169 -24.05 0.10 9.97
CA GLY B 169 -23.91 -0.21 8.55
C GLY B 169 -23.19 -1.51 8.29
N ALA B 170 -22.51 -2.02 9.31
CA ALA B 170 -21.61 -3.17 9.15
C ALA B 170 -22.29 -4.49 8.75
N ARG B 171 -21.75 -5.10 7.70
CA ARG B 171 -22.16 -6.43 7.24
C ARG B 171 -21.82 -7.46 8.29
N VAL B 172 -22.66 -8.49 8.42
CA VAL B 172 -22.41 -9.57 9.36
C VAL B 172 -22.38 -10.93 8.64
N VAL B 173 -21.25 -11.62 8.75
CA VAL B 173 -21.15 -12.99 8.25
C VAL B 173 -21.07 -13.99 9.41
N VAL B 174 -21.79 -15.10 9.28
CA VAL B 174 -21.60 -16.22 10.18
C VAL B 174 -20.92 -17.37 9.43
N ASP B 175 -19.78 -17.80 9.95
CA ASP B 175 -19.20 -19.03 9.48
C ASP B 175 -20.06 -20.12 10.11
N ASN B 176 -20.85 -20.81 9.29
CA ASN B 176 -21.85 -21.74 9.78
C ASN B 176 -21.46 -23.21 9.50
N THR B 177 -20.19 -23.43 9.21
CA THR B 177 -19.69 -24.76 8.85
C THR B 177 -19.97 -25.80 9.92
N PHE B 178 -19.83 -25.41 11.19
CA PHE B 178 -19.99 -26.33 12.31
C PHE B 178 -21.39 -26.95 12.36
N ALA B 179 -22.39 -26.12 12.59
CA ALA B 179 -23.74 -26.63 12.79
C ALA B 179 -24.42 -27.14 11.51
N SER B 180 -24.05 -26.54 10.37
CA SER B 180 -24.74 -26.67 9.08
C SER B 180 -26.12 -25.97 9.10
N PRO B 181 -26.65 -25.64 7.91
CA PRO B 181 -27.96 -24.99 7.85
C PRO B 181 -29.11 -25.90 8.35
N VAL B 182 -28.87 -27.20 8.46
CA VAL B 182 -29.83 -28.09 9.13
C VAL B 182 -30.02 -27.65 10.60
N LEU B 183 -28.99 -27.07 11.20
CA LEU B 183 -29.03 -26.82 12.64
C LEU B 183 -29.04 -25.34 13.00
N GLN B 184 -28.64 -24.51 12.04
CA GLN B 184 -28.51 -23.10 12.31
C GLN B 184 -28.77 -22.31 11.03
N GLN B 185 -29.60 -21.28 11.14
CA GLN B 185 -30.02 -20.47 10.00
C GLN B 185 -29.64 -19.00 10.23
N PRO B 186 -28.38 -18.63 9.92
CA PRO B 186 -27.89 -17.27 10.20
C PRO B 186 -28.72 -16.16 9.55
N LEU B 187 -29.21 -16.34 8.33
CA LEU B 187 -29.99 -15.27 7.69
C LEU B 187 -31.32 -15.08 8.40
N ALA B 188 -31.86 -16.16 8.95
CA ALA B 188 -33.08 -16.08 9.74
C ALA B 188 -32.80 -15.36 11.06
N LEU B 189 -31.55 -15.41 11.50
CA LEU B 189 -31.16 -14.81 12.76
C LEU B 189 -30.79 -13.33 12.60
N GLY B 190 -30.75 -12.85 11.36
CA GLY B 190 -30.46 -11.45 11.13
C GLY B 190 -29.10 -11.18 10.53
N ALA B 191 -28.33 -12.24 10.28
CA ALA B 191 -27.07 -12.10 9.57
C ALA B 191 -27.32 -11.82 8.09
N ASP B 192 -26.26 -11.37 7.41
CA ASP B 192 -26.35 -11.05 5.99
C ASP B 192 -25.75 -12.12 5.12
N VAL B 193 -24.83 -12.91 5.66
CA VAL B 193 -24.14 -13.93 4.89
C VAL B 193 -23.90 -15.19 5.71
N SER B 194 -24.17 -16.35 5.13
CA SER B 194 -23.73 -17.61 5.70
C SER B 194 -22.53 -18.10 4.88
N LEU B 195 -21.45 -18.42 5.58
CA LEU B 195 -20.25 -18.95 4.95
C LEU B 195 -20.06 -20.41 5.34
N TYR B 196 -19.65 -21.22 4.36
CA TYR B 196 -19.42 -22.65 4.58
C TYR B 196 -18.13 -23.15 3.92
N SER B 197 -17.51 -24.13 4.56
CA SER B 197 -16.66 -25.07 3.87
C SER B 197 -17.56 -26.27 3.65
N THR B 198 -17.98 -26.51 2.41
CA THR B 198 -18.86 -27.63 2.11
C THR B 198 -18.03 -28.93 2.17
N THR B 199 -16.72 -28.78 2.35
CA THR B 199 -15.82 -29.89 2.58
C THR B 199 -16.23 -30.71 3.81
N1 LLP B 200 -14.15 -22.50 8.28
C2 LLP B 200 -14.51 -23.53 9.05
C2' LLP B 200 -15.43 -23.27 10.27
C3 LLP B 200 -14.06 -24.85 8.76
O3 LLP B 200 -14.48 -25.89 9.59
C4 LLP B 200 -13.24 -25.07 7.67
C4' LLP B 200 -12.70 -26.56 7.29
C5 LLP B 200 -12.86 -24.01 6.90
C6 LLP B 200 -13.32 -22.72 7.19
C5' LLP B 200 -11.92 -24.16 5.68
OP4 LLP B 200 -12.60 -24.53 4.51
P LLP B 200 -11.76 -25.34 3.49
OP1 LLP B 200 -12.80 -26.07 2.63
OP2 LLP B 200 -10.95 -24.39 2.69
OP3 LLP B 200 -10.86 -26.27 4.23
N LLP B 200 -16.94 -30.08 4.75
CA LLP B 200 -17.30 -30.75 6.00
CB LLP B 200 -17.28 -29.73 7.13
CG LLP B 200 -16.01 -28.87 7.01
CD LLP B 200 -14.72 -29.67 7.10
CE LLP B 200 -13.51 -28.74 6.88
NZ LLP B 200 -13.50 -27.62 7.84
C LLP B 200 -18.64 -31.43 5.84
O LLP B 200 -18.77 -32.28 4.98
N SER B 201 -19.64 -31.06 6.64
CA SER B 201 -20.88 -31.84 6.66
C SER B 201 -21.71 -31.81 5.36
N ILE B 202 -21.75 -30.67 4.67
CA ILE B 202 -22.59 -30.51 3.47
C ILE B 202 -22.30 -31.61 2.42
N ALA B 203 -21.07 -31.69 1.93
CA ALA B 203 -20.70 -32.78 1.02
C ALA B 203 -20.67 -34.09 1.81
N GLY B 204 -19.98 -34.07 2.96
CA GLY B 204 -20.13 -35.09 3.97
C GLY B 204 -19.27 -36.33 3.88
N HIS B 205 -18.78 -36.65 2.68
CA HIS B 205 -18.10 -37.93 2.46
C HIS B 205 -16.58 -37.85 2.40
N ALA B 206 -16.02 -36.70 2.76
CA ALA B 206 -14.55 -36.55 2.89
C ALA B 206 -13.83 -36.86 1.59
N ASP B 207 -14.49 -36.50 0.47
CA ASP B 207 -13.92 -36.79 -0.85
C ASP B 207 -14.02 -35.63 -1.85
N VAL B 208 -14.15 -34.41 -1.34
CA VAL B 208 -14.21 -33.23 -2.19
C VAL B 208 -14.03 -31.98 -1.32
N LEU B 209 -13.36 -30.96 -1.85
CA LEU B 209 -13.27 -29.67 -1.17
C LEU B 209 -14.26 -28.69 -1.78
N GLY B 210 -14.75 -27.75 -0.98
CA GLY B 210 -15.61 -26.72 -1.50
C GLY B 210 -15.97 -25.66 -0.49
N GLY B 211 -16.38 -24.50 -1.00
CA GLY B 211 -16.90 -23.43 -0.15
C GLY B 211 -18.20 -22.89 -0.70
N ALA B 212 -18.93 -22.17 0.14
CA ALA B 212 -20.16 -21.50 -0.26
C ALA B 212 -20.37 -20.21 0.53
N LEU B 213 -21.01 -19.23 -0.11
CA LEU B 213 -21.60 -18.08 0.56
C LEU B 213 -23.11 -18.07 0.26
N VAL B 214 -23.93 -17.85 1.28
CA VAL B 214 -25.37 -17.78 1.09
C VAL B 214 -25.80 -16.41 1.62
N TYR B 215 -26.60 -15.68 0.86
CA TYR B 215 -26.86 -14.27 1.17
C TYR B 215 -28.07 -13.72 0.41
N ARG B 216 -28.42 -12.46 0.68
CA ARG B 216 -29.64 -11.92 0.08
C ARG B 216 -29.45 -10.67 -0.78
N ASP B 217 -28.32 -9.99 -0.64
CA ASP B 217 -28.17 -8.66 -1.25
C ASP B 217 -27.64 -8.73 -2.70
N ALA B 218 -28.37 -8.09 -3.62
CA ALA B 218 -28.03 -8.11 -5.04
C ALA B 218 -26.73 -7.36 -5.33
N ASP B 219 -26.45 -6.31 -4.55
CA ASP B 219 -25.21 -5.55 -4.71
C ASP B 219 -24.03 -6.45 -4.34
N LEU B 220 -24.14 -7.10 -3.18
CA LEU B 220 -23.14 -8.05 -2.74
C LEU B 220 -22.99 -9.20 -3.75
N HIS B 221 -24.11 -9.65 -4.29
CA HIS B 221 -24.09 -10.76 -5.25
C HIS B 221 -23.19 -10.42 -6.43
N ALA B 222 -23.39 -9.24 -7.01
CA ALA B 222 -22.61 -8.80 -8.15
C ALA B 222 -21.12 -8.76 -7.81
N ALA B 223 -20.78 -8.24 -6.63
CA ALA B 223 -19.39 -8.13 -6.24
C ALA B 223 -18.74 -9.50 -6.01
N VAL B 224 -19.46 -10.38 -5.33
CA VAL B 224 -18.96 -11.74 -5.09
C VAL B 224 -18.70 -12.47 -6.43
N ARG B 225 -19.63 -12.32 -7.38
CA ARG B 225 -19.49 -13.04 -8.65
C ARG B 225 -18.33 -12.50 -9.51
N ALA B 226 -18.19 -11.18 -9.55
CA ALA B 226 -17.11 -10.59 -10.32
C ALA B 226 -15.74 -11.00 -9.76
N TYR B 227 -15.64 -11.08 -8.43
CA TYR B 227 -14.40 -11.50 -7.81
C TYR B 227 -14.05 -12.96 -8.15
N ARG B 228 -15.03 -13.85 -8.04
CA ARG B 228 -14.78 -15.27 -8.27
C ARG B 228 -14.29 -15.49 -9.71
N THR B 229 -14.91 -14.81 -10.65
CA THR B 229 -14.56 -14.98 -12.05
C THR B 229 -13.16 -14.43 -12.32
N THR B 230 -12.83 -13.33 -11.67
CA THR B 230 -11.53 -12.71 -11.87
C THR B 230 -10.43 -13.41 -11.05
N ALA B 231 -10.74 -13.81 -9.82
CA ALA B 231 -9.79 -14.58 -9.00
C ALA B 231 -9.72 -16.03 -9.48
N GLY B 232 -10.81 -16.50 -10.09
CA GLY B 232 -10.84 -17.83 -10.67
C GLY B 232 -10.86 -18.94 -9.65
N ASN B 233 -11.35 -18.63 -8.44
CA ASN B 233 -11.44 -19.62 -7.38
C ASN B 233 -12.73 -20.45 -7.50
N VAL B 234 -12.99 -20.93 -8.71
CA VAL B 234 -14.17 -21.72 -9.02
C VAL B 234 -13.92 -23.21 -8.89
N PRO B 235 -14.94 -23.98 -8.46
CA PRO B 235 -14.90 -25.44 -8.36
C PRO B 235 -15.17 -26.13 -9.71
N GLY B 236 -14.72 -27.37 -9.85
CA GLY B 236 -15.03 -28.17 -11.03
C GLY B 236 -16.43 -28.78 -10.96
N ALA B 237 -17.05 -28.99 -12.11
CA ALA B 237 -18.37 -29.60 -12.19
C ALA B 237 -18.47 -30.94 -11.47
N LEU B 238 -17.46 -31.80 -11.62
CA LEU B 238 -17.50 -33.11 -10.98
C LEU B 238 -17.55 -32.92 -9.46
N ASP B 239 -16.82 -31.92 -8.98
CA ASP B 239 -16.80 -31.61 -7.55
C ASP B 239 -18.12 -31.00 -7.09
N CYS B 240 -18.74 -30.15 -7.91
CA CYS B 240 -20.08 -29.69 -7.60
C CYS B 240 -21.07 -30.89 -7.60
N PHE B 241 -20.84 -31.84 -8.50
CA PHE B 241 -21.62 -33.08 -8.49
C PHE B 241 -21.49 -33.83 -7.16
N LEU B 242 -20.26 -33.96 -6.66
CA LEU B 242 -20.06 -34.71 -5.40
C LEU B 242 -20.73 -34.02 -4.20
N VAL B 243 -20.62 -32.71 -4.10
CA VAL B 243 -21.27 -31.95 -3.03
C VAL B 243 -22.79 -32.07 -3.13
N ARG B 244 -23.34 -31.79 -4.30
CA ARG B 244 -24.78 -31.93 -4.52
C ARG B 244 -25.29 -33.32 -4.15
N ARG B 245 -24.50 -34.33 -4.51
CA ARG B 245 -24.79 -35.73 -4.22
C ARG B 245 -24.86 -35.95 -2.71
N GLY B 246 -23.81 -35.52 -1.99
CA GLY B 246 -23.77 -35.64 -0.54
C GLY B 246 -24.88 -34.91 0.18
N LEU B 247 -25.33 -33.80 -0.41
CA LEU B 247 -26.35 -32.95 0.19
C LEU B 247 -27.68 -33.64 0.39
N HIS B 248 -28.02 -34.59 -0.48
CA HIS B 248 -29.29 -35.30 -0.34
C HIS B 248 -29.49 -35.83 1.07
N THR B 249 -28.42 -36.37 1.65
CA THR B 249 -28.52 -37.04 2.93
C THR B 249 -28.11 -36.15 4.11
N LEU B 250 -27.91 -34.86 3.84
CA LEU B 250 -27.41 -33.93 4.86
C LEU B 250 -28.18 -33.97 6.18
N SER B 251 -29.50 -33.88 6.10
CA SER B 251 -30.31 -33.89 7.31
C SER B 251 -30.26 -35.23 8.03
N LEU B 252 -30.31 -36.34 7.28
CA LEU B 252 -30.31 -37.65 7.92
C LEU B 252 -28.97 -37.89 8.64
N ARG B 253 -27.88 -37.45 8.03
CA ARG B 253 -26.55 -37.60 8.63
C ARG B 253 -26.37 -36.73 9.88
N VAL B 254 -26.70 -35.45 9.77
CA VAL B 254 -26.54 -34.53 10.90
C VAL B 254 -27.25 -35.05 12.15
N HIS B 255 -28.52 -35.43 12.02
CA HIS B 255 -29.25 -35.87 13.20
C HIS B 255 -28.77 -37.23 13.76
N ARG B 256 -28.30 -38.11 12.89
CA ARG B 256 -27.65 -39.34 13.36
C ARG B 256 -26.41 -38.98 14.20
N GLN B 257 -25.62 -38.03 13.70
CA GLN B 257 -24.42 -37.60 14.39
C GLN B 257 -24.72 -36.91 15.73
N VAL B 258 -25.74 -36.06 15.75
CA VAL B 258 -26.13 -35.38 16.98
C VAL B 258 -26.55 -36.40 18.06
N ALA B 259 -27.40 -37.35 17.68
CA ALA B 259 -27.86 -38.37 18.62
C ALA B 259 -26.68 -39.12 19.20
N THR B 260 -25.74 -39.51 18.36
CA THR B 260 -24.58 -40.24 18.85
C THR B 260 -23.67 -39.34 19.69
N ALA B 261 -23.52 -38.09 19.29
CA ALA B 261 -22.74 -37.12 20.06
C ALA B 261 -23.20 -37.06 21.53
N ARG B 262 -24.51 -37.05 21.75
CA ARG B 262 -25.00 -36.98 23.12
C ARG B 262 -24.81 -38.29 23.89
N VAL B 263 -24.81 -39.41 23.18
CA VAL B 263 -24.44 -40.69 23.78
C VAL B 263 -22.99 -40.62 24.28
N LEU B 264 -22.11 -40.05 23.46
CA LEU B 264 -20.69 -39.96 23.81
C LEU B 264 -20.44 -38.94 24.94
N VAL B 265 -21.23 -37.88 24.98
CA VAL B 265 -21.11 -36.89 26.05
C VAL B 265 -21.38 -37.48 27.45
N GLU B 266 -22.47 -38.24 27.62
CA GLU B 266 -22.73 -38.78 28.95
C GLU B 266 -21.69 -39.83 29.35
N ARG B 267 -21.30 -40.65 28.39
CA ARG B 267 -20.23 -41.61 28.60
C ARG B 267 -18.98 -40.86 29.13
N LEU B 268 -18.57 -39.82 28.42
CA LEU B 268 -17.45 -38.97 28.86
C LEU B 268 -17.65 -38.41 30.27
N ARG B 269 -18.89 -38.10 30.63
CA ARG B 269 -19.19 -37.63 31.97
C ARG B 269 -19.09 -38.73 33.02
N ALA B 270 -18.94 -39.97 32.59
CA ALA B 270 -18.87 -41.08 33.52
C ALA B 270 -17.44 -41.65 33.69
N SER B 271 -16.46 -41.01 33.05
CA SER B 271 -15.10 -41.52 33.13
C SER B 271 -14.23 -40.81 34.16
N PRO B 272 -13.57 -41.57 35.05
CA PRO B 272 -12.66 -40.95 36.02
C PRO B 272 -11.38 -40.34 35.40
N VAL B 273 -11.12 -40.58 34.12
CA VAL B 273 -9.95 -39.98 33.48
C VAL B 273 -10.37 -38.91 32.48
N VAL B 274 -11.54 -38.33 32.72
CA VAL B 274 -12.03 -37.19 31.97
C VAL B 274 -12.43 -36.07 32.94
N GLY B 275 -11.99 -34.85 32.65
CA GLY B 275 -12.39 -33.71 33.44
C GLY B 275 -13.56 -33.01 32.78
N ALA B 276 -13.41 -31.72 32.50
CA ALA B 276 -14.42 -30.94 31.79
C ALA B 276 -14.72 -31.57 30.44
N VAL B 277 -15.99 -31.58 30.08
CA VAL B 277 -16.42 -31.97 28.74
C VAL B 277 -17.18 -30.81 28.12
N HIS B 278 -16.87 -30.47 26.87
CA HIS B 278 -17.53 -29.34 26.24
C HIS B 278 -18.55 -29.81 25.19
N TYR B 279 -19.79 -29.36 25.35
CA TYR B 279 -20.89 -29.67 24.43
C TYR B 279 -22.00 -28.65 24.62
N PRO B 280 -22.42 -27.97 23.54
CA PRO B 280 -23.45 -26.93 23.56
C PRO B 280 -24.70 -27.39 24.29
N GLY B 281 -25.14 -28.63 24.03
CA GLY B 281 -26.37 -29.15 24.59
C GLY B 281 -26.40 -29.46 26.08
N LEU B 282 -25.32 -29.17 26.80
CA LEU B 282 -25.34 -29.38 28.25
C LEU B 282 -26.08 -28.22 28.92
N PRO B 283 -26.89 -28.52 29.95
CA PRO B 283 -27.68 -27.49 30.60
C PRO B 283 -26.82 -26.44 31.31
N GLU B 284 -25.62 -26.82 31.75
CA GLU B 284 -24.74 -25.88 32.43
C GLU B 284 -23.79 -25.21 31.44
N HIS B 285 -24.09 -25.35 30.15
CA HIS B 285 -23.31 -24.63 29.14
C HIS B 285 -23.29 -23.14 29.50
N PRO B 286 -22.13 -22.49 29.34
CA PRO B 286 -21.95 -21.05 29.57
C PRO B 286 -23.12 -20.24 29.02
N GLN B 287 -23.51 -20.48 27.77
CA GLN B 287 -24.64 -19.75 27.17
C GLN B 287 -25.75 -20.69 26.70
N HIS B 288 -26.30 -21.48 27.62
CA HIS B 288 -27.33 -22.45 27.28
C HIS B 288 -28.55 -21.78 26.66
N ALA B 289 -28.88 -20.59 27.13
CA ALA B 289 -30.03 -19.88 26.59
C ALA B 289 -29.80 -19.53 25.11
N VAL B 290 -28.59 -19.08 24.78
CA VAL B 290 -28.27 -18.74 23.40
C VAL B 290 -28.26 -19.97 22.49
N VAL B 291 -27.74 -21.09 23.00
CA VAL B 291 -27.83 -22.34 22.25
C VAL B 291 -29.29 -22.68 21.92
N LYS B 292 -30.16 -22.67 22.93
CA LYS B 292 -31.56 -23.04 22.75
C LYS B 292 -32.23 -22.16 21.69
N ALA B 293 -31.92 -20.88 21.72
CA ALA B 293 -32.60 -19.92 20.87
C ALA B 293 -32.27 -20.09 19.39
N GLN B 294 -31.00 -20.25 19.06
CA GLN B 294 -30.61 -20.17 17.65
C GLN B 294 -30.36 -21.51 16.92
N MSE B 295 -29.93 -22.55 17.66
CA MSE B 295 -29.70 -23.87 17.06
C MSE B 295 -30.86 -24.82 17.28
O MSE B 295 -31.34 -24.97 18.40
CB MSE B 295 -28.52 -24.58 17.67
CG MSE B 295 -27.77 -23.81 18.65
SE MSE B 295 -26.64 -22.84 17.55
CE MSE B 295 -25.72 -24.29 16.74
N SER B 296 -31.24 -25.53 16.24
CA SER B 296 -32.33 -26.46 16.40
C SER B 296 -31.85 -27.71 17.14
N ALA B 297 -30.58 -28.04 17.00
CA ALA B 297 -29.98 -29.13 17.77
C ALA B 297 -28.55 -28.72 18.05
N PRO B 298 -27.89 -29.36 19.05
CA PRO B 298 -26.61 -28.82 19.51
C PRO B 298 -25.35 -29.41 18.88
N GLY B 299 -25.48 -30.09 17.75
CA GLY B 299 -24.32 -30.39 16.93
C GLY B 299 -23.61 -31.69 17.22
N ALA B 300 -22.52 -31.93 16.50
CA ALA B 300 -21.87 -33.23 16.51
C ALA B 300 -20.36 -33.18 16.82
N ILE B 301 -19.89 -32.06 17.38
CA ILE B 301 -18.51 -31.95 17.80
C ILE B 301 -18.45 -31.86 19.33
N VAL B 302 -17.68 -32.74 19.95
CA VAL B 302 -17.60 -32.81 21.40
C VAL B 302 -16.13 -32.68 21.81
N SER B 303 -15.85 -31.83 22.79
CA SER B 303 -14.49 -31.70 23.35
C SER B 303 -14.44 -32.09 24.82
N PHE B 304 -13.25 -32.50 25.27
CA PHE B 304 -13.07 -32.89 26.67
C PHE B 304 -11.61 -32.88 27.08
N ASP B 305 -11.36 -32.56 28.35
CA ASP B 305 -10.03 -32.63 28.93
C ASP B 305 -9.73 -34.07 29.31
N TYR B 306 -8.68 -34.64 28.73
CA TYR B 306 -8.25 -36.00 29.07
C TYR B 306 -7.25 -35.95 30.23
N LEU B 307 -7.48 -36.76 31.27
CA LEU B 307 -6.63 -36.74 32.47
C LEU B 307 -5.76 -38.00 32.68
N GLY B 308 -5.81 -38.94 31.75
CA GLY B 308 -5.14 -40.21 31.95
C GLY B 308 -3.63 -40.18 31.74
N GLY B 309 -3.19 -39.27 30.89
CA GLY B 309 -1.79 -39.15 30.55
C GLY B 309 -1.62 -38.36 29.27
N PRO B 310 -0.47 -38.51 28.60
CA PRO B 310 -0.19 -37.77 27.37
C PRO B 310 -1.27 -37.99 26.31
N ALA B 311 -1.75 -36.90 25.71
CA ALA B 311 -2.73 -37.00 24.65
C ALA B 311 -2.25 -37.86 23.48
N GLU B 312 -0.96 -37.76 23.14
CA GLU B 312 -0.47 -38.48 21.98
C GLU B 312 -0.60 -40.01 22.14
N ARG B 313 -0.47 -40.50 23.37
CA ARG B 313 -0.67 -41.92 23.64
C ARG B 313 -2.13 -42.34 23.48
N LEU B 314 -3.04 -41.53 24.01
CA LEU B 314 -4.46 -41.79 23.89
C LEU B 314 -4.81 -41.90 22.41
N LEU B 315 -4.28 -40.97 21.62
CA LEU B 315 -4.50 -40.97 20.18
C LEU B 315 -4.09 -42.29 19.47
N ASP B 316 -3.10 -42.99 20.02
CA ASP B 316 -2.63 -44.23 19.40
C ASP B 316 -3.61 -45.42 19.52
N ARG B 317 -4.58 -45.31 20.42
CA ARG B 317 -5.41 -46.45 20.80
C ARG B 317 -6.74 -46.61 20.05
N PHE B 318 -7.27 -45.52 19.48
CA PHE B 318 -8.56 -45.62 18.78
C PHE B 318 -8.46 -46.60 17.61
N THR B 319 -9.44 -47.49 17.50
CA THR B 319 -9.43 -48.45 16.39
C THR B 319 -10.59 -48.20 15.45
N LEU B 320 -11.51 -47.34 15.87
CA LEU B 320 -12.66 -47.00 15.05
C LEU B 320 -12.69 -45.51 14.69
N PHE B 321 -12.53 -44.65 15.70
CA PHE B 321 -12.26 -43.23 15.44
C PHE B 321 -10.95 -43.14 14.65
N THR B 322 -10.92 -42.29 13.63
CA THR B 322 -9.69 -42.02 12.90
C THR B 322 -9.04 -40.75 13.47
N CYS B 323 -7.71 -40.71 13.53
CA CYS B 323 -7.04 -39.48 13.96
C CYS B 323 -6.63 -38.57 12.79
N GLY B 324 -7.25 -37.39 12.67
CA GLY B 324 -6.99 -36.45 11.58
C GLY B 324 -7.73 -35.11 11.76
N VAL B 325 -7.71 -34.23 10.75
CA VAL B 325 -8.30 -32.86 10.87
C VAL B 325 -9.44 -32.40 9.89
N SER B 326 -10.68 -32.60 10.30
CA SER B 326 -11.86 -32.05 9.63
C SER B 326 -12.98 -32.49 10.52
N LEU B 327 -14.19 -32.20 10.07
CA LEU B 327 -15.38 -32.61 10.79
C LEU B 327 -16.45 -32.80 9.74
N GLY B 328 -17.64 -33.18 10.18
CA GLY B 328 -18.80 -33.32 9.31
C GLY B 328 -18.84 -34.63 8.54
N GLY B 329 -17.73 -35.35 8.54
CA GLY B 329 -17.68 -36.60 7.81
C GLY B 329 -18.49 -37.76 8.36
N VAL B 330 -18.78 -38.73 7.50
CA VAL B 330 -19.38 -39.99 7.92
C VAL B 330 -18.42 -40.82 8.76
N HIS B 331 -17.11 -40.62 8.55
CA HIS B 331 -16.09 -41.27 9.37
C HIS B 331 -15.81 -40.41 10.61
N SER B 332 -16.07 -40.94 11.79
CA SER B 332 -15.78 -40.25 13.04
C SER B 332 -14.28 -40.02 13.18
N LEU B 333 -13.90 -38.80 13.57
CA LEU B 333 -12.50 -38.43 13.65
C LEU B 333 -12.15 -37.92 15.06
N VAL B 334 -10.90 -38.08 15.47
CA VAL B 334 -10.41 -37.59 16.75
C VAL B 334 -9.09 -36.85 16.55
N GLU B 335 -8.88 -35.78 17.32
CA GLU B 335 -7.61 -35.06 17.25
C GLU B 335 -7.30 -34.36 18.57
N CYS B 336 -6.05 -33.92 18.71
CA CYS B 336 -5.61 -33.11 19.85
C CYS B 336 -5.11 -31.80 19.29
N PRO B 337 -5.95 -30.76 19.40
CA PRO B 337 -5.67 -29.42 18.85
C PRO B 337 -4.29 -28.90 19.26
N ALA B 338 -3.88 -29.10 20.51
CA ALA B 338 -2.54 -28.68 20.93
C ALA B 338 -1.41 -29.43 20.21
N LEU B 339 -1.76 -30.55 19.57
CA LEU B 339 -0.79 -31.30 18.78
C LEU B 339 -1.10 -31.23 17.29
N MSE B 340 -2.34 -30.83 16.95
CA MSE B 340 -2.83 -30.90 15.57
C MSE B 340 -3.52 -29.60 15.08
O MSE B 340 -2.81 -28.66 14.74
CB MSE B 340 -3.72 -32.13 15.37
CG MSE B 340 -2.95 -33.43 15.55
SE MSE B 340 -4.09 -34.95 15.89
CE MSE B 340 -4.97 -35.03 14.14
N THR B 341 -4.86 -29.53 15.04
CA THR B 341 -5.49 -28.30 14.53
C THR B 341 -4.93 -27.11 15.25
N HIS B 342 -4.56 -26.08 14.50
CA HIS B 342 -3.74 -25.02 15.08
C HIS B 342 -2.69 -25.59 16.04
N ARG B 343 -1.88 -26.53 15.55
CA ARG B 343 -0.55 -26.68 16.13
C ARG B 343 0.31 -25.43 15.87
N PRO B 344 0.13 -24.73 14.71
CA PRO B 344 1.05 -23.60 14.45
C PRO B 344 1.04 -22.44 15.44
N LEU B 345 0.30 -22.56 16.53
CA LEU B 345 0.29 -21.49 17.53
C LEU B 345 1.48 -21.52 18.51
N SER B 346 1.40 -20.66 19.52
CA SER B 346 2.49 -20.51 20.47
C SER B 346 2.41 -21.53 21.60
N ALA B 347 2.57 -21.03 22.81
CA ALA B 347 2.29 -21.78 24.02
C ALA B 347 1.30 -20.94 24.81
N GLU B 348 1.62 -19.66 24.97
CA GLU B 348 0.81 -18.75 25.78
C GLU B 348 -0.43 -18.25 25.06
N ALA B 349 -0.72 -18.84 23.91
CA ALA B 349 -1.98 -18.61 23.24
C ALA B 349 -3.01 -19.56 23.82
N ARG B 350 -2.76 -20.87 23.68
CA ARG B 350 -3.67 -21.91 24.14
C ARG B 350 -4.03 -21.81 25.64
N ALA B 351 -3.02 -21.60 26.49
CA ALA B 351 -3.23 -21.58 27.94
C ALA B 351 -4.07 -20.37 28.34
N ARG B 352 -3.80 -19.24 27.69
CA ARG B 352 -4.52 -17.99 27.89
C ARG B 352 -5.81 -18.08 27.06
N ARG B 353 -5.94 -19.17 26.30
CA ARG B 353 -7.13 -19.36 25.48
C ARG B 353 -7.91 -20.58 25.92
N GLY B 354 -7.61 -21.06 27.13
CA GLY B 354 -8.30 -22.20 27.68
C GLY B 354 -8.12 -23.47 26.87
N ILE B 355 -7.11 -23.51 26.02
CA ILE B 355 -6.80 -24.75 25.30
C ILE B 355 -5.68 -25.50 26.01
N GLY B 356 -6.05 -26.42 26.90
CA GLY B 356 -5.06 -27.25 27.58
C GLY B 356 -4.37 -28.18 26.61
N GLU B 357 -3.19 -28.65 26.98
CA GLU B 357 -2.44 -29.57 26.13
C GLU B 357 -3.16 -30.92 25.99
N SER B 358 -4.06 -31.24 26.92
CA SER B 358 -4.77 -32.52 26.83
C SER B 358 -6.26 -32.43 26.44
N LEU B 359 -6.64 -31.32 25.83
CA LEU B 359 -8.00 -31.20 25.31
C LEU B 359 -8.12 -32.09 24.08
N ILE B 360 -9.15 -32.92 24.06
CA ILE B 360 -9.40 -33.83 22.94
C ILE B 360 -10.68 -33.41 22.23
N ARG B 361 -10.64 -33.33 20.89
CA ARG B 361 -11.82 -33.01 20.08
C ARG B 361 -12.30 -34.19 19.22
N LEU B 362 -13.61 -34.47 19.30
CA LEU B 362 -14.25 -35.51 18.52
C LEU B 362 -15.19 -34.87 17.50
N SER B 363 -15.14 -35.38 16.26
CA SER B 363 -16.18 -35.08 15.26
C SER B 363 -16.95 -36.37 15.01
N VAL B 364 -18.24 -36.37 15.32
CA VAL B 364 -19.01 -37.61 15.32
C VAL B 364 -19.53 -37.99 13.93
N GLY B 365 -19.18 -39.19 13.49
CA GLY B 365 -19.68 -39.71 12.22
C GLY B 365 -20.99 -40.45 12.37
N ILE B 366 -21.26 -41.37 11.43
CA ILE B 366 -22.56 -42.05 11.37
C ILE B 366 -22.46 -43.55 11.70
N GLU B 367 -21.35 -43.97 12.28
CA GLU B 367 -21.20 -45.35 12.73
C GLU B 367 -22.18 -45.65 13.88
N ASP B 368 -22.34 -46.93 14.24
CA ASP B 368 -23.23 -47.26 15.34
C ASP B 368 -22.68 -46.60 16.62
N PRO B 369 -23.55 -45.91 17.38
CA PRO B 369 -23.18 -45.14 18.57
C PRO B 369 -22.47 -46.04 19.58
N GLN B 370 -23.03 -47.22 19.78
CA GLN B 370 -22.42 -48.14 20.73
C GLN B 370 -21.05 -48.68 20.29
N ASP B 371 -20.80 -48.75 18.98
CA ASP B 371 -19.44 -49.08 18.53
C ASP B 371 -18.51 -47.92 18.85
N LEU B 372 -18.98 -46.70 18.57
CA LEU B 372 -18.22 -45.50 18.85
C LEU B 372 -18.00 -45.32 20.36
N ALA B 373 -19.04 -45.55 21.16
CA ALA B 373 -18.90 -45.47 22.61
C ALA B 373 -17.86 -46.47 23.14
N GLU B 374 -17.87 -47.68 22.60
CA GLU B 374 -16.96 -48.72 23.08
C GLU B 374 -15.50 -48.37 22.71
N ASP B 375 -15.30 -47.88 21.48
CA ASP B 375 -13.97 -47.46 21.03
C ASP B 375 -13.45 -46.36 21.94
N LEU B 376 -14.28 -45.35 22.18
CA LEU B 376 -13.93 -44.26 23.09
C LEU B 376 -13.63 -44.78 24.49
N SER B 377 -14.52 -45.63 25.01
CA SER B 377 -14.30 -46.22 26.33
C SER B 377 -13.02 -47.04 26.35
N ARG B 378 -12.79 -47.83 25.29
CA ARG B 378 -11.57 -48.61 25.14
C ARG B 378 -10.33 -47.71 25.23
N ALA B 379 -10.35 -46.66 24.43
CA ALA B 379 -9.20 -45.76 24.34
C ALA B 379 -8.90 -45.13 25.70
N LEU B 380 -9.93 -44.65 26.38
CA LEU B 380 -9.73 -43.96 27.66
C LEU B 380 -9.13 -44.90 28.71
N ALA B 381 -9.49 -46.18 28.67
CA ALA B 381 -9.02 -47.12 29.70
C ALA B 381 -7.58 -47.61 29.47
N GLY B 382 -7.19 -47.83 28.23
CA GLY B 382 -5.88 -48.39 27.92
C GLY B 382 -5.92 -49.91 27.80
N GLY B 383 -4.98 -50.49 27.07
CA GLY B 383 -4.89 -51.94 26.92
C GLY B 383 -4.10 -52.37 25.70
N GLY C 6 -16.55 -51.91 16.20
CA GLY C 6 -16.12 -51.68 14.84
C GLY C 6 -16.95 -52.50 13.88
N MSE C 7 -17.92 -53.21 14.43
CA MSE C 7 -18.60 -54.23 13.66
C MSE C 7 -20.05 -54.50 14.02
O MSE C 7 -20.51 -55.61 13.83
CB MSE C 7 -17.82 -55.54 13.76
CG MSE C 7 -16.69 -55.57 12.82
SE MSE C 7 -15.17 -56.63 13.45
CE MSE C 7 -14.79 -57.70 11.91
N ARG C 8 -20.76 -53.49 14.51
CA ARG C 8 -22.19 -53.52 14.31
C ARG C 8 -22.54 -53.09 12.88
N PHE C 9 -23.73 -53.44 12.44
CA PHE C 9 -24.17 -53.16 11.07
C PHE C 9 -23.81 -51.76 10.54
N GLY C 10 -24.29 -50.71 11.19
CA GLY C 10 -24.06 -49.35 10.71
C GLY C 10 -22.61 -48.96 10.46
N THR C 11 -21.73 -49.37 11.38
CA THR C 11 -20.30 -49.13 11.30
C THR C 11 -19.66 -49.74 10.04
N ARG C 12 -20.02 -50.98 9.72
CA ARG C 12 -19.42 -51.65 8.55
C ARG C 12 -19.92 -51.06 7.22
N LEU C 13 -20.97 -50.24 7.27
CA LEU C 13 -21.39 -49.48 6.09
C LEU C 13 -20.31 -48.43 5.81
N VAL C 14 -19.79 -47.85 6.88
CA VAL C 14 -18.80 -46.79 6.76
C VAL C 14 -17.40 -47.37 6.53
N HIS C 15 -17.14 -48.53 7.13
CA HIS C 15 -15.78 -49.02 7.24
C HIS C 15 -15.46 -50.39 6.61
N GLY C 16 -16.50 -51.13 6.22
CA GLY C 16 -16.29 -52.34 5.44
C GLY C 16 -15.60 -51.98 4.15
N GLY C 17 -14.54 -52.69 3.81
CA GLY C 17 -13.82 -52.41 2.57
C GLY C 17 -12.93 -51.18 2.60
N ARG C 18 -12.59 -50.68 3.79
CA ARG C 18 -11.79 -49.45 3.84
C ARG C 18 -10.42 -49.64 4.54
N ARG C 19 -9.55 -50.44 3.94
CA ARG C 19 -8.23 -50.76 4.49
C ARG C 19 -7.27 -49.59 4.57
N PRO C 20 -6.42 -49.55 5.61
CA PRO C 20 -5.62 -48.35 5.98
C PRO C 20 -4.39 -48.02 5.13
N SER C 21 -4.52 -47.08 4.20
CA SER C 21 -3.48 -46.81 3.18
C SER C 21 -2.06 -46.49 3.67
N ALA C 22 -1.19 -47.50 3.60
CA ALA C 22 0.24 -47.31 3.85
C ALA C 22 0.77 -46.18 2.99
N GLY C 23 1.68 -45.40 3.55
CA GLY C 23 2.23 -44.28 2.83
C GLY C 23 1.37 -43.05 2.99
N THR C 24 0.36 -42.89 2.13
CA THR C 24 -0.38 -41.64 2.07
C THR C 24 -1.39 -41.44 3.20
N GLY C 25 -2.11 -42.50 3.56
CA GLY C 25 -3.00 -42.44 4.71
C GLY C 25 -4.43 -41.99 4.43
N ASP C 26 -4.79 -41.94 3.15
CA ASP C 26 -6.14 -41.56 2.73
C ASP C 26 -7.21 -42.26 3.57
N VAL C 27 -8.11 -41.48 4.15
CA VAL C 27 -9.28 -42.07 4.81
C VAL C 27 -10.27 -42.67 3.81
N VAL C 28 -10.58 -41.94 2.74
CA VAL C 28 -11.35 -42.49 1.63
C VAL C 28 -10.38 -43.15 0.65
N PRO C 29 -10.58 -44.44 0.35
CA PRO C 29 -9.59 -45.05 -0.56
C PRO C 29 -9.57 -44.44 -1.95
N PRO C 30 -8.38 -44.29 -2.52
CA PRO C 30 -8.29 -43.65 -3.85
C PRO C 30 -8.95 -44.54 -4.89
N ILE C 31 -9.41 -43.95 -5.99
CA ILE C 31 -10.09 -44.73 -7.04
C ILE C 31 -9.08 -45.32 -8.03
N HIS C 32 -9.02 -46.65 -8.07
CA HIS C 32 -8.09 -47.37 -8.92
C HIS C 32 -8.67 -47.53 -10.32
N VAL C 33 -8.35 -46.60 -11.21
CA VAL C 33 -8.88 -46.64 -12.56
C VAL C 33 -8.02 -47.49 -13.51
N SER C 34 -6.76 -47.75 -13.14
CA SER C 34 -5.83 -48.42 -14.03
C SER C 34 -6.35 -49.79 -14.45
N THR C 35 -6.18 -50.11 -15.74
CA THR C 35 -6.62 -51.38 -16.29
C THR C 35 -5.52 -52.43 -16.28
N THR C 36 -4.29 -52.02 -15.98
CA THR C 36 -3.20 -52.99 -15.97
C THR C 36 -2.05 -52.64 -15.04
N TYR C 37 -1.10 -53.57 -14.92
CA TYR C 37 -0.15 -53.57 -13.81
C TYR C 37 1.26 -54.05 -14.20
N GLU C 38 2.29 -53.42 -13.63
CA GLU C 38 3.67 -53.84 -13.87
C GLU C 38 3.99 -55.12 -13.08
N ARG C 39 4.67 -56.06 -13.74
CA ARG C 39 5.00 -57.36 -13.16
C ARG C 39 6.09 -57.34 -12.08
N ARG C 40 7.19 -56.65 -12.33
CA ARG C 40 8.36 -56.71 -11.44
C ARG C 40 8.18 -56.05 -10.06
N ALA C 41 7.20 -55.16 -9.94
CA ALA C 41 7.04 -54.41 -8.69
C ALA C 41 6.03 -55.03 -7.72
N GLN C 42 5.61 -56.26 -7.99
CA GLN C 42 4.57 -56.91 -7.19
C GLN C 42 5.15 -58.00 -6.27
N ASP C 43 4.66 -58.11 -5.04
CA ASP C 43 5.27 -59.07 -4.10
C ASP C 43 4.82 -60.49 -4.45
N GLU C 44 3.74 -60.97 -3.83
CA GLU C 44 3.05 -62.08 -4.45
C GLU C 44 2.06 -61.48 -5.44
N PRO C 45 2.07 -62.02 -6.66
CA PRO C 45 1.20 -61.60 -7.76
C PRO C 45 -0.26 -61.52 -7.34
N ARG C 46 -0.79 -60.30 -7.17
CA ARG C 46 -2.20 -60.12 -6.83
C ARG C 46 -2.97 -59.37 -7.93
N TYR C 47 -2.25 -58.85 -8.93
CA TYR C 47 -2.87 -58.00 -9.97
C TYR C 47 -2.23 -58.18 -11.34
N PHE C 48 -3.04 -58.53 -12.33
CA PHE C 48 -2.53 -58.84 -13.66
C PHE C 48 -3.27 -58.05 -14.73
N TYR C 49 -4.56 -57.81 -14.51
CA TYR C 49 -5.40 -57.14 -15.49
C TYR C 49 -6.74 -56.73 -14.90
N GLY C 50 -7.23 -55.57 -15.34
CA GLY C 50 -8.40 -54.94 -14.77
C GLY C 50 -9.71 -55.71 -14.77
N ARG C 51 -9.94 -56.52 -15.79
CA ARG C 51 -11.15 -57.35 -15.83
C ARG C 51 -11.15 -58.37 -14.68
N GLY C 52 -10.00 -58.99 -14.44
CA GLY C 52 -9.88 -59.95 -13.36
C GLY C 52 -9.72 -59.30 -12.00
N GLU C 53 -8.95 -58.21 -11.94
CA GLU C 53 -8.53 -57.67 -10.65
C GLU C 53 -8.67 -56.15 -10.58
N ASN C 54 -9.23 -55.65 -9.47
CA ASN C 54 -9.34 -54.21 -9.21
C ASN C 54 -9.61 -53.87 -7.74
N PRO C 55 -8.66 -53.20 -7.08
CA PRO C 55 -8.76 -52.90 -5.64
C PRO C 55 -10.03 -52.13 -5.25
N THR C 56 -10.47 -51.22 -6.10
CA THR C 56 -11.66 -50.43 -5.81
C THR C 56 -12.90 -51.32 -5.80
N ARG C 57 -13.00 -52.21 -6.77
CA ARG C 57 -14.09 -53.17 -6.77
C ARG C 57 -13.99 -54.13 -5.57
N GLU C 58 -12.78 -54.58 -5.27
CA GLU C 58 -12.54 -55.48 -4.14
C GLU C 58 -13.06 -54.88 -2.82
N GLU C 59 -12.91 -53.57 -2.68
CA GLU C 59 -13.32 -52.88 -1.46
C GLU C 59 -14.84 -52.86 -1.30
N LEU C 60 -15.53 -52.57 -2.40
CA LEU C 60 -16.99 -52.63 -2.40
C LEU C 60 -17.51 -54.01 -1.97
N GLU C 61 -16.88 -55.06 -2.50
CA GLU C 61 -17.30 -56.44 -2.22
C GLU C 61 -17.17 -56.81 -0.75
N GLU C 62 -16.00 -56.56 -0.17
CA GLU C 62 -15.77 -56.80 1.24
C GLU C 62 -16.81 -56.04 2.07
N CYS C 63 -17.05 -54.79 1.70
CA CYS C 63 -18.08 -53.99 2.33
C CYS C 63 -19.43 -54.72 2.28
N LEU C 64 -19.86 -55.09 1.07
CA LEU C 64 -21.14 -55.79 0.88
C LEU C 64 -21.20 -57.11 1.62
N ALA C 65 -20.17 -57.94 1.45
CA ALA C 65 -20.09 -59.23 2.15
C ALA C 65 -20.16 -59.02 3.66
N GLY C 66 -19.45 -58.00 4.14
CA GLY C 66 -19.47 -57.64 5.55
C GLY C 66 -20.84 -57.36 6.14
N LEU C 67 -21.78 -56.89 5.32
CA LEU C 67 -23.13 -56.57 5.81
C LEU C 67 -23.93 -57.83 6.13
N GLU C 68 -23.55 -58.95 5.52
CA GLU C 68 -24.26 -60.20 5.75
C GLU C 68 -23.34 -61.19 6.43
N ARG C 69 -22.19 -60.67 6.86
CA ARG C 69 -21.20 -61.44 7.62
C ARG C 69 -20.85 -62.72 6.87
N ALA C 70 -20.69 -62.55 5.56
CA ALA C 70 -20.43 -63.65 4.66
C ALA C 70 -19.02 -63.53 4.11
N PRO C 71 -18.37 -64.66 3.79
CA PRO C 71 -17.00 -64.64 3.31
C PRO C 71 -16.82 -64.02 1.92
N PHE C 72 -17.82 -64.12 1.06
CA PHE C 72 -17.63 -63.67 -0.32
C PHE C 72 -18.72 -62.71 -0.83
N ALA C 73 -18.31 -61.83 -1.74
CA ALA C 73 -19.22 -61.06 -2.55
C ALA C 73 -18.58 -60.76 -3.90
N THR C 74 -19.41 -60.62 -4.92
CA THR C 74 -18.93 -60.30 -6.24
C THR C 74 -19.87 -59.26 -6.83
N VAL C 75 -19.32 -58.18 -7.39
CA VAL C 75 -20.18 -57.18 -8.03
C VAL C 75 -20.11 -57.18 -9.54
N PHE C 76 -21.14 -56.60 -10.15
CA PHE C 76 -21.39 -56.70 -11.57
C PHE C 76 -21.82 -55.35 -12.13
N SER C 77 -21.80 -55.26 -13.46
CA SER C 77 -22.23 -54.09 -14.20
C SER C 77 -23.70 -53.69 -13.92
N SER C 78 -24.53 -54.65 -13.52
CA SER C 78 -25.91 -54.36 -13.13
C SER C 78 -26.52 -55.55 -12.41
N GLY C 79 -27.72 -55.37 -11.88
CA GLY C 79 -28.44 -56.46 -11.23
C GLY C 79 -28.73 -57.58 -12.21
N GLN C 80 -29.14 -57.23 -13.44
CA GLN C 80 -29.36 -58.23 -14.47
C GLN C 80 -28.12 -59.11 -14.61
N ALA C 81 -26.93 -58.48 -14.64
CA ALA C 81 -25.69 -59.24 -14.80
C ALA C 81 -25.43 -60.16 -13.61
N ALA C 82 -25.74 -59.67 -12.42
CA ALA C 82 -25.63 -60.49 -11.22
C ALA C 82 -26.54 -61.71 -11.35
N ALA C 83 -27.76 -61.49 -11.79
CA ALA C 83 -28.69 -62.59 -11.98
C ALA C 83 -28.26 -63.51 -13.13
N ALA C 84 -27.73 -62.92 -14.19
CA ALA C 84 -27.30 -63.67 -15.36
C ALA C 84 -26.11 -64.57 -15.04
N THR C 85 -25.39 -64.25 -13.99
CA THR C 85 -24.24 -65.05 -13.62
C THR C 85 -24.69 -66.29 -12.84
N LEU C 86 -25.72 -66.12 -12.02
CA LEU C 86 -26.22 -67.24 -11.23
C LEU C 86 -26.89 -68.27 -12.14
N LEU C 87 -27.68 -67.81 -13.10
CA LEU C 87 -28.35 -68.70 -14.04
C LEU C 87 -27.39 -69.51 -14.88
N SER C 88 -26.26 -68.90 -15.25
CA SER C 88 -25.30 -69.55 -16.14
C SER C 88 -24.87 -70.92 -15.61
N LEU C 89 -24.93 -71.11 -14.29
CA LEU C 89 -24.50 -72.35 -13.65
C LEU C 89 -25.61 -73.41 -13.62
N VAL C 90 -26.73 -73.09 -14.25
CA VAL C 90 -27.82 -74.05 -14.34
C VAL C 90 -27.78 -74.71 -15.71
N ARG C 91 -27.33 -75.96 -15.73
CA ARG C 91 -27.16 -76.77 -16.94
C ARG C 91 -28.46 -76.99 -17.69
N PRO C 92 -28.38 -77.09 -19.02
CA PRO C 92 -29.54 -77.59 -19.78
C PRO C 92 -29.95 -78.93 -19.17
N GLY C 93 -31.25 -79.19 -19.10
CA GLY C 93 -31.75 -80.40 -18.49
C GLY C 93 -32.00 -80.23 -17.00
N GLN C 94 -31.55 -79.11 -16.46
CA GLN C 94 -31.81 -78.80 -15.07
C GLN C 94 -32.96 -77.80 -14.95
N CYS C 95 -33.47 -77.64 -13.73
CA CYS C 95 -34.73 -76.95 -13.52
C CYS C 95 -34.63 -75.80 -12.51
N VAL C 96 -35.23 -74.66 -12.85
CA VAL C 96 -35.31 -73.53 -11.93
C VAL C 96 -36.73 -73.37 -11.45
N VAL C 97 -36.91 -73.32 -10.13
CA VAL C 97 -38.20 -72.98 -9.55
C VAL C 97 -38.25 -71.49 -9.26
N SER C 98 -39.33 -70.85 -9.68
CA SER C 98 -39.53 -69.46 -9.40
C SER C 98 -41.00 -69.21 -9.13
N THR C 99 -41.33 -67.96 -8.83
CA THR C 99 -42.73 -67.56 -8.85
C THR C 99 -43.11 -67.26 -10.31
N ASP C 100 -44.40 -67.21 -10.60
CA ASP C 100 -44.85 -66.70 -11.90
C ASP C 100 -45.13 -65.22 -11.72
N ASP C 101 -44.96 -64.75 -10.48
CA ASP C 101 -45.19 -63.37 -10.09
C ASP C 101 -43.87 -62.69 -9.72
N VAL C 102 -42.90 -62.68 -10.65
CA VAL C 102 -41.49 -62.40 -10.32
C VAL C 102 -40.80 -61.43 -11.33
N TYR C 103 -39.70 -60.78 -10.94
CA TYR C 103 -39.06 -59.74 -11.77
C TYR C 103 -38.94 -60.08 -13.26
N ALA C 104 -39.34 -59.16 -14.12
CA ALA C 104 -39.41 -59.41 -15.57
C ALA C 104 -38.03 -59.72 -16.10
N GLY C 105 -37.06 -58.93 -15.63
CA GLY C 105 -35.68 -59.10 -16.01
C GLY C 105 -35.25 -60.51 -15.71
N THR C 106 -35.75 -61.03 -14.58
CA THR C 106 -35.56 -62.43 -14.23
C THR C 106 -36.38 -63.35 -15.14
N ASP C 107 -37.59 -62.90 -15.52
CA ASP C 107 -38.41 -63.63 -16.50
C ASP C 107 -37.62 -63.81 -17.79
N GLY C 108 -37.20 -62.69 -18.38
CA GLY C 108 -36.44 -62.67 -19.62
C GLY C 108 -35.17 -63.50 -19.55
N LEU C 109 -34.46 -63.42 -18.43
CA LEU C 109 -33.30 -64.29 -18.21
C LEU C 109 -33.76 -65.76 -18.22
N PHE C 110 -34.85 -66.05 -17.50
CA PHE C 110 -35.43 -67.39 -17.54
C PHE C 110 -35.83 -67.77 -18.97
N ASP C 111 -36.35 -66.82 -19.74
CA ASP C 111 -36.72 -67.09 -21.14
C ASP C 111 -35.46 -67.42 -21.94
N LEU C 112 -34.45 -66.58 -21.76
CA LEU C 112 -33.15 -66.80 -22.39
C LEU C 112 -32.59 -68.16 -21.99
N ALA C 113 -32.65 -68.49 -20.71
CA ALA C 113 -32.16 -69.78 -20.26
C ALA C 113 -33.02 -70.91 -20.83
N ALA C 114 -34.33 -70.67 -20.90
CA ALA C 114 -35.26 -71.68 -21.42
C ALA C 114 -34.88 -72.08 -22.84
N ARG C 115 -34.44 -71.11 -23.64
CA ARG C 115 -34.06 -71.41 -25.02
C ARG C 115 -32.87 -72.33 -25.09
N GLN C 116 -31.99 -72.24 -24.09
CA GLN C 116 -30.80 -73.06 -24.05
C GLN C 116 -31.13 -74.53 -23.72
N GLY C 117 -32.31 -74.75 -23.18
CA GLY C 117 -32.70 -76.08 -22.73
C GLY C 117 -33.02 -76.17 -21.25
N VAL C 118 -32.68 -75.12 -20.50
CA VAL C 118 -33.06 -75.01 -19.09
C VAL C 118 -34.57 -75.15 -18.93
N ARG C 119 -35.00 -75.85 -17.89
CA ARG C 119 -36.41 -75.92 -17.54
C ARG C 119 -36.75 -74.86 -16.50
N VAL C 120 -37.89 -74.21 -16.70
CA VAL C 120 -38.37 -73.24 -15.74
C VAL C 120 -39.72 -73.69 -15.22
N ARG C 121 -39.83 -73.87 -13.91
CA ARG C 121 -41.10 -74.29 -13.29
C ARG C 121 -41.61 -73.16 -12.41
N TYR C 122 -42.67 -72.50 -12.85
CA TYR C 122 -43.21 -71.33 -12.15
C TYR C 122 -44.21 -71.78 -11.05
N ALA C 123 -44.25 -71.06 -9.92
CA ALA C 123 -45.12 -71.46 -8.79
C ALA C 123 -45.28 -70.42 -7.69
N ASP C 124 -46.41 -70.47 -6.97
CA ASP C 124 -46.63 -69.59 -5.82
C ASP C 124 -45.84 -70.08 -4.62
N LEU C 125 -45.25 -69.16 -3.88
CA LEU C 125 -44.57 -69.55 -2.64
C LEU C 125 -45.14 -68.78 -1.43
N THR C 126 -46.27 -69.25 -0.93
CA THR C 126 -46.95 -68.66 0.23
C THR C 126 -47.58 -69.75 1.06
N THR C 127 -47.81 -70.89 0.42
CA THR C 127 -48.58 -71.96 1.01
C THR C 127 -47.67 -73.16 1.27
N PRO C 128 -48.14 -74.12 2.10
CA PRO C 128 -47.32 -75.32 2.34
C PRO C 128 -47.60 -76.38 1.28
N GLU C 129 -48.66 -76.18 0.50
CA GLU C 129 -48.93 -77.03 -0.66
C GLU C 129 -48.24 -76.47 -1.90
N GLY C 130 -48.34 -75.16 -2.09
CA GLY C 130 -47.73 -74.52 -3.24
C GLY C 130 -46.26 -74.86 -3.33
N ILE C 131 -45.56 -74.63 -2.21
CA ILE C 131 -44.17 -75.05 -2.04
C ILE C 131 -44.00 -76.51 -2.35
N ALA C 132 -44.84 -77.33 -1.73
CA ALA C 132 -44.82 -78.77 -1.96
C ALA C 132 -45.10 -79.09 -3.43
N ALA C 133 -45.94 -78.27 -4.06
CA ALA C 133 -46.32 -78.53 -5.44
C ALA C 133 -45.19 -78.27 -6.44
N ALA C 134 -44.11 -77.64 -5.99
CA ALA C 134 -43.02 -77.30 -6.91
C ALA C 134 -41.64 -77.85 -6.55
N LEU C 135 -41.44 -78.27 -5.30
CA LEU C 135 -40.10 -78.71 -4.90
C LEU C 135 -39.82 -80.21 -5.11
N ALA C 136 -40.83 -81.00 -5.47
CA ALA C 136 -40.58 -82.38 -5.81
C ALA C 136 -40.09 -82.50 -7.25
N GLU C 137 -39.53 -81.41 -7.78
CA GLU C 137 -39.20 -81.36 -9.19
C GLU C 137 -37.90 -82.10 -9.48
N PRO C 138 -37.92 -82.99 -10.50
CA PRO C 138 -36.70 -83.73 -10.85
C PRO C 138 -35.61 -82.77 -11.26
N ASP C 139 -34.37 -83.12 -10.92
CA ASP C 139 -33.22 -82.35 -11.36
C ASP C 139 -33.32 -80.91 -10.89
N LEU C 140 -34.06 -80.70 -9.81
CA LEU C 140 -34.17 -79.39 -9.17
C LEU C 140 -32.77 -78.93 -8.80
N ALA C 141 -32.37 -77.77 -9.32
CA ALA C 141 -31.02 -77.27 -9.08
C ALA C 141 -30.99 -75.86 -8.47
N LEU C 142 -32.06 -75.11 -8.64
CA LEU C 142 -32.09 -73.70 -8.21
C LEU C 142 -33.50 -73.20 -7.89
N VAL C 143 -33.67 -72.68 -6.68
CA VAL C 143 -34.94 -72.10 -6.24
C VAL C 143 -34.76 -70.60 -6.05
N TRP C 144 -35.54 -69.84 -6.81
CA TRP C 144 -35.33 -68.41 -6.95
C TRP C 144 -36.41 -67.66 -6.19
N ILE C 145 -36.05 -67.04 -5.08
CA ILE C 145 -37.00 -66.35 -4.22
C ILE C 145 -36.88 -64.85 -4.34
N GLU C 146 -37.94 -64.19 -4.78
CA GLU C 146 -37.93 -62.74 -4.76
C GLU C 146 -38.96 -62.31 -3.74
N THR C 147 -38.51 -61.69 -2.65
CA THR C 147 -39.43 -61.34 -1.55
C THR C 147 -39.01 -60.07 -0.81
N PRO C 148 -39.93 -59.10 -0.68
CA PRO C 148 -41.28 -59.11 -1.26
C PRO C 148 -41.27 -59.03 -2.79
N THR C 149 -42.35 -59.47 -3.44
CA THR C 149 -42.46 -59.44 -4.89
C THR C 149 -43.11 -58.14 -5.34
N ASN C 150 -42.78 -57.71 -6.56
CA ASN C 150 -43.56 -56.68 -7.24
C ASN C 150 -44.70 -57.33 -8.02
N PRO C 151 -45.83 -56.62 -8.17
CA PRO C 151 -46.14 -55.34 -7.54
C PRO C 151 -46.98 -55.47 -6.26
N LEU C 152 -47.43 -56.68 -5.94
CA LEU C 152 -48.38 -56.87 -4.84
C LEU C 152 -47.75 -56.94 -3.44
N LEU C 153 -46.43 -57.05 -3.39
CA LEU C 153 -45.69 -57.09 -2.11
C LEU C 153 -46.11 -58.32 -1.30
N THR C 154 -46.36 -59.42 -2.00
CA THR C 154 -46.61 -60.70 -1.36
C THR C 154 -45.30 -61.10 -0.68
N VAL C 155 -45.29 -62.21 0.03
CA VAL C 155 -44.12 -62.54 0.81
C VAL C 155 -43.86 -64.05 0.96
N VAL C 156 -42.59 -64.45 0.91
CA VAL C 156 -42.17 -65.85 0.95
C VAL C 156 -41.28 -66.15 2.16
N ASP C 157 -41.55 -67.28 2.83
CA ASP C 157 -40.79 -67.69 4.02
C ASP C 157 -39.44 -68.26 3.57
N VAL C 158 -38.40 -67.44 3.67
CA VAL C 158 -37.08 -67.84 3.17
C VAL C 158 -36.54 -69.04 3.95
N ALA C 159 -36.70 -69.04 5.27
CA ALA C 159 -36.26 -70.16 6.09
C ALA C 159 -36.92 -71.48 5.71
N GLU C 160 -38.24 -71.46 5.59
CA GLU C 160 -38.99 -72.66 5.23
C GLU C 160 -38.64 -73.17 3.84
N VAL C 161 -38.60 -72.26 2.87
CA VAL C 161 -38.26 -72.64 1.52
C VAL C 161 -36.80 -73.12 1.47
N SER C 162 -35.96 -72.57 2.34
CA SER C 162 -34.56 -73.00 2.42
C SER C 162 -34.45 -74.42 3.00
N ARG C 163 -35.28 -74.71 3.99
CA ARG C 163 -35.27 -76.03 4.62
C ARG C 163 -35.72 -77.14 3.66
N ARG C 164 -36.76 -76.86 2.87
CA ARG C 164 -37.28 -77.87 1.95
C ARG C 164 -36.33 -78.10 0.77
N ALA C 165 -35.76 -77.03 0.23
CA ALA C 165 -34.88 -77.15 -0.94
C ALA C 165 -33.62 -77.94 -0.59
N HIS C 166 -33.07 -77.66 0.58
CA HIS C 166 -31.86 -78.34 1.03
C HIS C 166 -32.10 -79.80 1.42
N GLU C 167 -33.34 -80.26 1.26
CA GLU C 167 -33.66 -81.68 1.35
C GLU C 167 -33.55 -82.32 -0.04
N ARG C 168 -33.41 -81.48 -1.06
CA ARG C 168 -33.26 -81.96 -2.43
C ARG C 168 -31.88 -81.62 -3.01
N GLY C 169 -31.06 -80.93 -2.23
CA GLY C 169 -29.75 -80.52 -2.69
C GLY C 169 -29.76 -79.20 -3.44
N ALA C 170 -30.96 -78.66 -3.67
CA ALA C 170 -31.11 -77.43 -4.44
C ALA C 170 -30.53 -76.22 -3.72
N ARG C 171 -29.88 -75.37 -4.51
CA ARG C 171 -29.37 -74.08 -4.04
C ARG C 171 -30.49 -73.05 -4.05
N VAL C 172 -30.48 -72.14 -3.08
CA VAL C 172 -31.50 -71.10 -3.02
C VAL C 172 -30.91 -69.68 -3.10
N VAL C 173 -31.51 -68.86 -3.96
CA VAL C 173 -31.16 -67.44 -4.01
C VAL C 173 -32.35 -66.60 -3.60
N VAL C 174 -32.07 -65.50 -2.90
CA VAL C 174 -33.07 -64.50 -2.62
C VAL C 174 -32.65 -63.20 -3.31
N ASP C 175 -33.49 -62.70 -4.21
CA ASP C 175 -33.34 -61.35 -4.73
C ASP C 175 -33.84 -60.41 -3.63
N ASN C 176 -32.90 -59.71 -2.99
CA ASN C 176 -33.15 -58.93 -1.79
C ASN C 176 -33.14 -57.41 -2.07
N THR C 177 -33.28 -57.05 -3.34
CA THR C 177 -33.25 -55.65 -3.78
C THR C 177 -34.29 -54.76 -3.08
N PHE C 178 -35.55 -55.19 -3.16
CA PHE C 178 -36.73 -54.56 -2.54
C PHE C 178 -36.44 -54.21 -1.08
N ALA C 179 -35.84 -55.13 -0.33
CA ALA C 179 -35.69 -54.99 1.12
C ALA C 179 -34.35 -54.40 1.60
N SER C 180 -33.25 -54.78 0.93
CA SER C 180 -31.87 -54.39 1.28
C SER C 180 -31.35 -55.19 2.49
N PRO C 181 -30.02 -55.27 2.65
CA PRO C 181 -29.47 -56.00 3.81
C PRO C 181 -29.75 -55.29 5.13
N VAL C 182 -30.21 -54.04 5.07
CA VAL C 182 -30.65 -53.37 6.30
C VAL C 182 -31.90 -54.05 6.87
N LEU C 183 -32.78 -54.54 6.01
CA LEU C 183 -34.09 -55.04 6.48
C LEU C 183 -34.24 -56.55 6.46
N GLN C 184 -33.48 -57.22 5.61
CA GLN C 184 -33.62 -58.65 5.47
C GLN C 184 -32.27 -59.31 5.22
N GLN C 185 -32.03 -60.46 5.86
CA GLN C 185 -30.74 -61.13 5.78
C GLN C 185 -30.90 -62.54 5.23
N PRO C 186 -30.99 -62.68 3.90
CA PRO C 186 -31.28 -63.99 3.29
C PRO C 186 -30.35 -65.13 3.77
N LEU C 187 -29.05 -64.87 3.86
CA LEU C 187 -28.08 -65.88 4.25
C LEU C 187 -28.31 -66.33 5.71
N ALA C 188 -28.62 -65.38 6.59
CA ALA C 188 -28.93 -65.73 7.97
C ALA C 188 -30.27 -66.47 8.04
N LEU C 189 -31.11 -66.30 7.02
CA LEU C 189 -32.38 -67.01 6.99
C LEU C 189 -32.24 -68.41 6.39
N GLY C 190 -31.04 -68.80 5.99
CA GLY C 190 -30.82 -70.14 5.47
C GLY C 190 -30.62 -70.23 3.96
N ALA C 191 -30.75 -69.11 3.27
CA ALA C 191 -30.48 -69.08 1.84
C ALA C 191 -28.98 -69.20 1.56
N ASP C 192 -28.63 -69.52 0.31
CA ASP C 192 -27.24 -69.67 -0.10
C ASP C 192 -26.65 -68.45 -0.76
N VAL C 193 -27.52 -67.62 -1.32
CA VAL C 193 -27.10 -66.44 -2.06
C VAL C 193 -28.05 -65.29 -1.76
N SER C 194 -27.49 -64.08 -1.65
CA SER C 194 -28.31 -62.89 -1.73
C SER C 194 -27.96 -62.25 -3.04
N LEU C 195 -28.98 -61.96 -3.83
CA LEU C 195 -28.79 -61.29 -5.10
C LEU C 195 -29.30 -59.86 -5.00
N TYR C 196 -28.54 -58.91 -5.54
CA TYR C 196 -28.93 -57.51 -5.48
C TYR C 196 -28.86 -56.82 -6.83
N SER C 197 -29.79 -55.89 -7.05
CA SER C 197 -29.53 -54.74 -7.90
C SER C 197 -29.08 -53.54 -7.03
N THR C 198 -27.78 -53.24 -7.07
CA THR C 198 -27.27 -52.10 -6.30
C THR C 198 -27.70 -50.76 -6.92
N THR C 199 -28.15 -50.83 -8.18
CA THR C 199 -28.73 -49.70 -8.92
C THR C 199 -29.82 -49.01 -8.10
N1 LLP C 200 -34.24 -57.29 -9.19
C2 LLP C 200 -35.09 -56.35 -8.78
C2' LLP C 200 -36.12 -56.69 -7.66
C3 LLP C 200 -35.04 -55.04 -9.38
O3 LLP C 200 -35.95 -54.07 -8.93
C4 LLP C 200 -34.11 -54.74 -10.36
C4' LLP C 200 -34.09 -53.23 -11.01
C5 LLP C 200 -33.25 -55.73 -10.79
C6 LLP C 200 -33.32 -57.00 -10.20
C5' LLP C 200 -32.16 -55.58 -11.90
OP4 LLP C 200 -31.13 -54.69 -11.60
P LLP C 200 -30.50 -53.76 -12.71
OP1 LLP C 200 -29.33 -53.08 -11.98
OP2 LLP C 200 -30.05 -54.61 -13.83
OP3 LLP C 200 -31.50 -52.80 -13.20
N LLP C 200 -30.49 -49.79 -7.26
CA LLP C 200 -31.65 -49.26 -6.51
CB LLP C 200 -32.69 -50.36 -6.39
CG LLP C 200 -32.87 -51.09 -7.75
CD LLP C 200 -33.95 -50.46 -8.65
CE LLP C 200 -33.94 -51.05 -10.10
NZ LLP C 200 -34.81 -52.23 -10.28
C LLP C 200 -31.20 -48.63 -5.23
O LLP C 200 -30.49 -47.63 -5.26
N SER C 201 -31.63 -49.17 -4.08
CA SER C 201 -31.40 -48.48 -2.81
C SER C 201 -29.94 -48.42 -2.33
N ILE C 202 -29.19 -49.48 -2.60
CA ILE C 202 -27.82 -49.57 -2.08
C ILE C 202 -26.92 -48.44 -2.61
N ALA C 203 -26.89 -48.24 -3.92
CA ALA C 203 -26.20 -47.06 -4.44
C ALA C 203 -27.00 -45.79 -4.12
N GLY C 204 -28.33 -45.90 -4.22
CA GLY C 204 -29.24 -45.00 -3.51
C GLY C 204 -29.54 -43.61 -4.04
N HIS C 205 -28.84 -43.18 -5.08
CA HIS C 205 -28.96 -41.80 -5.57
C HIS C 205 -29.26 -41.78 -7.06
N ALA C 206 -29.69 -42.93 -7.59
CA ALA C 206 -30.10 -43.06 -8.98
C ALA C 206 -29.07 -42.55 -10.00
N ASP C 207 -27.79 -42.83 -9.78
CA ASP C 207 -26.75 -42.31 -10.67
C ASP C 207 -25.69 -43.31 -11.15
N VAL C 208 -26.02 -44.61 -11.10
CA VAL C 208 -25.11 -45.67 -11.51
C VAL C 208 -25.86 -47.01 -11.50
N LEU C 209 -25.48 -47.90 -12.41
CA LEU C 209 -26.10 -49.23 -12.45
C LEU C 209 -25.11 -50.20 -11.86
N GLY C 210 -25.59 -51.13 -11.05
CA GLY C 210 -24.73 -52.17 -10.51
C GLY C 210 -25.52 -53.36 -10.01
N GLY C 211 -24.82 -54.48 -9.84
CA GLY C 211 -25.39 -55.65 -9.22
C GLY C 211 -24.39 -56.27 -8.26
N ALA C 212 -24.88 -57.18 -7.42
CA ALA C 212 -24.02 -57.92 -6.52
C ALA C 212 -24.59 -59.29 -6.20
N LEU C 213 -23.70 -60.20 -5.84
CA LEU C 213 -24.04 -61.52 -5.33
C LEU C 213 -23.27 -61.70 -4.04
N VAL C 214 -23.98 -62.06 -2.98
CA VAL C 214 -23.34 -62.27 -1.68
C VAL C 214 -23.63 -63.72 -1.24
N TYR C 215 -22.61 -64.44 -0.81
CA TYR C 215 -22.74 -65.88 -0.58
C TYR C 215 -21.62 -66.39 0.31
N ARG C 216 -21.69 -67.67 0.68
CA ARG C 216 -20.70 -68.25 1.58
C ARG C 216 -19.91 -69.40 0.92
N ASP C 217 -20.27 -69.74 -0.30
CA ASP C 217 -19.78 -70.97 -0.91
C ASP C 217 -18.53 -70.77 -1.79
N ALA C 218 -17.41 -71.33 -1.37
CA ALA C 218 -16.13 -71.19 -2.07
C ALA C 218 -16.12 -71.76 -3.49
N ASP C 219 -16.79 -72.88 -3.73
CA ASP C 219 -16.86 -73.43 -5.10
C ASP C 219 -17.72 -72.52 -5.98
N LEU C 220 -18.88 -72.13 -5.48
CA LEU C 220 -19.71 -71.12 -6.15
C LEU C 220 -18.89 -69.85 -6.42
N HIS C 221 -18.14 -69.42 -5.42
CA HIS C 221 -17.24 -68.29 -5.56
C HIS C 221 -16.32 -68.40 -6.80
N ALA C 222 -15.63 -69.53 -6.92
CA ALA C 222 -14.75 -69.78 -8.05
C ALA C 222 -15.53 -69.78 -9.37
N ALA C 223 -16.71 -70.39 -9.36
CA ALA C 223 -17.57 -70.47 -10.53
C ALA C 223 -18.11 -69.10 -10.95
N VAL C 224 -18.46 -68.29 -9.97
CA VAL C 224 -18.97 -66.94 -10.23
C VAL C 224 -17.88 -66.02 -10.78
N ARG C 225 -16.68 -66.12 -10.23
CA ARG C 225 -15.59 -65.24 -10.65
C ARG C 225 -15.12 -65.64 -12.05
N ALA C 226 -15.05 -66.94 -12.32
CA ALA C 226 -14.66 -67.42 -13.63
C ALA C 226 -15.64 -66.97 -14.73
N TYR C 227 -16.93 -66.96 -14.41
CA TYR C 227 -17.90 -66.47 -15.39
C TYR C 227 -17.83 -64.95 -15.62
N ARG C 228 -17.77 -64.18 -14.54
CA ARG C 228 -17.67 -62.73 -14.67
C ARG C 228 -16.44 -62.36 -15.48
N THR C 229 -15.35 -63.07 -15.22
CA THR C 229 -14.08 -62.81 -15.91
C THR C 229 -14.20 -63.13 -17.40
N THR C 230 -14.94 -64.18 -17.74
CA THR C 230 -15.06 -64.64 -19.12
C THR C 230 -16.17 -63.91 -19.88
N ALA C 231 -17.31 -63.71 -19.22
CA ALA C 231 -18.42 -62.93 -19.78
C ALA C 231 -18.09 -61.44 -19.82
N GLY C 232 -17.27 -60.99 -18.87
CA GLY C 232 -16.81 -59.61 -18.86
C GLY C 232 -17.90 -58.63 -18.45
N ASN C 233 -18.85 -59.11 -17.64
CA ASN C 233 -19.93 -58.27 -17.14
C ASN C 233 -19.54 -57.62 -15.83
N VAL C 234 -18.38 -56.97 -15.84
CA VAL C 234 -17.82 -56.36 -14.64
C VAL C 234 -18.05 -54.84 -14.65
N PRO C 235 -18.11 -54.23 -13.47
CA PRO C 235 -18.35 -52.77 -13.34
C PRO C 235 -17.07 -51.94 -13.27
N GLY C 236 -17.08 -50.76 -13.88
CA GLY C 236 -15.94 -49.85 -13.75
C GLY C 236 -15.63 -49.44 -12.31
N ALA C 237 -14.42 -48.95 -12.07
CA ALA C 237 -14.00 -48.56 -10.73
C ALA C 237 -14.73 -47.33 -10.18
N LEU C 238 -14.90 -46.30 -11.01
CA LEU C 238 -15.52 -45.04 -10.58
C LEU C 238 -16.95 -45.40 -10.29
N ASP C 239 -17.41 -46.28 -11.13
CA ASP C 239 -18.67 -46.90 -11.00
C ASP C 239 -18.83 -47.59 -9.62
N CYS C 240 -17.82 -48.33 -9.21
CA CYS C 240 -17.83 -48.94 -7.89
C CYS C 240 -17.68 -47.89 -6.79
N PHE C 241 -16.95 -46.83 -7.09
CA PHE C 241 -16.82 -45.70 -6.15
C PHE C 241 -18.17 -45.11 -5.79
N LEU C 242 -19.01 -44.87 -6.78
CA LEU C 242 -20.32 -44.27 -6.54
C LEU C 242 -21.25 -45.18 -5.72
N VAL C 243 -21.24 -46.48 -6.03
CA VAL C 243 -22.03 -47.43 -5.24
C VAL C 243 -21.55 -47.41 -3.80
N ARG C 244 -20.23 -47.58 -3.63
CA ARG C 244 -19.61 -47.58 -2.32
C ARG C 244 -19.90 -46.31 -1.53
N ARG C 245 -19.81 -45.17 -2.21
CA ARG C 245 -20.11 -43.88 -1.58
C ARG C 245 -21.57 -43.87 -1.14
N GLY C 246 -22.44 -44.46 -1.94
CA GLY C 246 -23.86 -44.52 -1.63
C GLY C 246 -24.15 -45.36 -0.40
N LEU C 247 -23.51 -46.54 -0.33
CA LEU C 247 -23.64 -47.47 0.80
C LEU C 247 -23.53 -46.79 2.15
N HIS C 248 -22.61 -45.84 2.26
CA HIS C 248 -22.35 -45.11 3.51
C HIS C 248 -23.62 -44.77 4.27
N THR C 249 -24.60 -44.25 3.56
CA THR C 249 -25.82 -43.74 4.19
C THR C 249 -27.02 -44.66 4.02
N LEU C 250 -26.78 -45.91 3.63
CA LEU C 250 -27.86 -46.86 3.36
C LEU C 250 -28.83 -47.05 4.54
N SER C 251 -28.29 -47.27 5.73
CA SER C 251 -29.12 -47.48 6.90
C SER C 251 -29.98 -46.26 7.23
N LEU C 252 -29.40 -45.06 7.23
CA LEU C 252 -30.18 -43.86 7.52
C LEU C 252 -31.26 -43.62 6.45
N ARG C 253 -30.92 -43.90 5.20
CA ARG C 253 -31.89 -43.74 4.11
C ARG C 253 -33.06 -44.70 4.27
N VAL C 254 -32.74 -45.99 4.42
CA VAL C 254 -33.76 -47.02 4.53
C VAL C 254 -34.71 -46.71 5.69
N HIS C 255 -34.18 -46.20 6.79
CA HIS C 255 -35.09 -45.93 7.89
C HIS C 255 -35.90 -44.65 7.82
N ARG C 256 -35.42 -43.65 7.09
CA ARG C 256 -36.28 -42.52 6.72
C ARG C 256 -37.37 -43.02 5.77
N GLN C 257 -36.95 -43.81 4.78
CA GLN C 257 -37.88 -44.31 3.76
C GLN C 257 -39.02 -45.17 4.36
N VAL C 258 -38.69 -46.09 5.26
CA VAL C 258 -39.76 -46.88 5.87
C VAL C 258 -40.70 -46.00 6.72
N ALA C 259 -40.13 -45.08 7.50
CA ALA C 259 -40.92 -44.22 8.36
C ALA C 259 -41.92 -43.41 7.54
N THR C 260 -41.51 -42.95 6.37
CA THR C 260 -42.40 -42.21 5.51
C THR C 260 -43.40 -43.16 4.79
N ALA C 261 -42.95 -44.34 4.39
CA ALA C 261 -43.87 -45.32 3.80
C ALA C 261 -45.06 -45.57 4.72
N ARG C 262 -44.78 -45.75 6.00
CA ARG C 262 -45.82 -46.00 6.98
C ARG C 262 -46.77 -44.81 7.08
N VAL C 263 -46.23 -43.60 7.04
CA VAL C 263 -47.08 -42.40 7.00
C VAL C 263 -48.00 -42.40 5.78
N LEU C 264 -47.44 -42.66 4.60
CA LEU C 264 -48.23 -42.68 3.37
C LEU C 264 -49.29 -43.77 3.38
N VAL C 265 -48.96 -44.92 3.96
CA VAL C 265 -49.93 -46.00 4.06
C VAL C 265 -51.18 -45.56 4.83
N GLU C 266 -50.99 -44.89 5.96
CA GLU C 266 -52.14 -44.46 6.70
C GLU C 266 -52.91 -43.37 5.94
N ARG C 267 -52.21 -42.54 5.17
CA ARG C 267 -52.87 -41.58 4.29
C ARG C 267 -53.73 -42.28 3.25
N LEU C 268 -53.18 -43.33 2.66
CA LEU C 268 -53.93 -44.09 1.66
C LEU C 268 -55.18 -44.75 2.27
N ARG C 269 -55.01 -45.35 3.44
CA ARG C 269 -56.10 -46.05 4.12
C ARG C 269 -57.27 -45.12 4.43
N ALA C 270 -56.95 -43.86 4.69
CA ALA C 270 -57.95 -42.86 5.04
C ALA C 270 -58.74 -42.35 3.83
N SER C 271 -58.25 -42.60 2.62
CA SER C 271 -58.85 -42.05 1.41
C SER C 271 -60.03 -42.82 0.84
N PRO C 272 -61.15 -42.13 0.59
CA PRO C 272 -62.30 -42.83 0.01
C PRO C 272 -62.09 -43.25 -1.45
N VAL C 273 -61.04 -42.77 -2.10
CA VAL C 273 -60.78 -43.17 -3.48
C VAL C 273 -59.63 -44.18 -3.62
N VAL C 274 -59.39 -44.92 -2.56
CA VAL C 274 -58.38 -45.97 -2.55
C VAL C 274 -59.01 -47.32 -2.17
N GLY C 275 -58.78 -48.32 -3.01
CA GLY C 275 -59.24 -49.68 -2.74
C GLY C 275 -58.19 -50.44 -1.94
N ALA C 276 -57.73 -51.56 -2.50
CA ALA C 276 -56.73 -52.38 -1.82
C ALA C 276 -55.48 -51.56 -1.55
N VAL C 277 -54.87 -51.80 -0.40
CA VAL C 277 -53.56 -51.22 -0.09
C VAL C 277 -52.62 -52.37 0.26
N HIS C 278 -51.54 -52.49 -0.48
CA HIS C 278 -50.56 -53.52 -0.19
C HIS C 278 -49.36 -52.89 0.52
N TYR C 279 -48.91 -53.53 1.60
CA TYR C 279 -47.77 -53.08 2.36
C TYR C 279 -47.43 -54.14 3.40
N PRO C 280 -46.19 -54.65 3.35
CA PRO C 280 -45.80 -55.82 4.16
C PRO C 280 -46.03 -55.63 5.66
N GLY C 281 -46.17 -54.39 6.13
CA GLY C 281 -46.35 -54.14 7.55
C GLY C 281 -47.77 -54.10 8.10
N LEU C 282 -48.76 -54.37 7.26
CA LEU C 282 -50.15 -54.23 7.70
C LEU C 282 -50.71 -55.50 8.33
N PRO C 283 -51.52 -55.34 9.39
CA PRO C 283 -52.29 -56.41 10.02
C PRO C 283 -52.97 -57.35 9.02
N GLU C 284 -53.25 -56.90 7.80
CA GLU C 284 -54.00 -57.70 6.84
C GLU C 284 -53.19 -58.09 5.59
N HIS C 285 -51.86 -58.06 5.74
CA HIS C 285 -51.02 -58.66 4.73
C HIS C 285 -51.15 -60.15 4.94
N PRO C 286 -51.35 -60.91 3.85
CA PRO C 286 -51.61 -62.35 4.00
C PRO C 286 -50.42 -63.13 4.59
N GLN C 287 -49.32 -62.44 4.94
CA GLN C 287 -48.16 -63.12 5.51
C GLN C 287 -47.48 -62.30 6.60
N HIS C 288 -48.26 -61.60 7.41
CA HIS C 288 -47.71 -60.76 8.44
C HIS C 288 -46.78 -61.46 9.40
N ALA C 289 -47.12 -62.69 9.73
CA ALA C 289 -46.32 -63.47 10.66
C ALA C 289 -44.92 -63.75 10.10
N VAL C 290 -44.85 -64.18 8.85
CA VAL C 290 -43.58 -64.42 8.16
C VAL C 290 -42.83 -63.10 8.01
N VAL C 291 -43.57 -62.08 7.61
CA VAL C 291 -43.05 -60.72 7.50
C VAL C 291 -42.35 -60.33 8.79
N LYS C 292 -43.04 -60.56 9.91
CA LYS C 292 -42.54 -60.22 11.22
C LYS C 292 -41.37 -61.12 11.60
N ALA C 293 -41.40 -62.37 11.13
CA ALA C 293 -40.36 -63.33 11.50
C ALA C 293 -39.07 -63.11 10.71
N GLN C 294 -39.14 -62.43 9.57
CA GLN C 294 -37.96 -62.38 8.71
C GLN C 294 -37.52 -61.00 8.19
N MSE C 295 -38.33 -59.98 8.44
CA MSE C 295 -37.99 -58.61 8.04
C MSE C 295 -37.81 -57.68 9.28
O MSE C 295 -38.72 -57.57 10.10
CB MSE C 295 -39.03 -58.05 7.01
CG MSE C 295 -39.19 -58.75 5.61
SE MSE C 295 -40.33 -57.69 4.44
CE MSE C 295 -41.36 -56.90 5.80
N SER C 296 -36.65 -57.03 9.40
CA SER C 296 -36.40 -56.08 10.51
C SER C 296 -37.30 -54.87 10.43
N ALA C 297 -37.68 -54.51 9.21
CA ALA C 297 -38.74 -53.53 8.98
C ALA C 297 -39.53 -53.91 7.72
N PRO C 298 -40.74 -53.32 7.55
CA PRO C 298 -41.55 -53.77 6.41
C PRO C 298 -41.31 -53.08 5.06
N GLY C 299 -40.36 -52.18 4.98
CA GLY C 299 -39.93 -51.72 3.68
C GLY C 299 -40.53 -50.39 3.29
N ALA C 300 -40.19 -49.92 2.10
CA ALA C 300 -40.62 -48.59 1.70
C ALA C 300 -41.15 -48.55 0.28
N ILE C 301 -41.66 -49.70 -0.17
CA ILE C 301 -42.45 -49.77 -1.39
C ILE C 301 -43.90 -49.90 -0.92
N VAL C 302 -44.81 -49.22 -1.60
CA VAL C 302 -46.22 -49.27 -1.27
C VAL C 302 -46.99 -49.42 -2.56
N SER C 303 -48.01 -50.29 -2.59
CA SER C 303 -48.87 -50.43 -3.75
C SER C 303 -50.34 -50.28 -3.34
N PHE C 304 -51.16 -49.70 -4.21
CA PHE C 304 -52.57 -49.52 -3.91
C PHE C 304 -53.40 -49.39 -5.18
N ASP C 305 -54.67 -49.77 -5.09
CA ASP C 305 -55.63 -49.57 -6.17
C ASP C 305 -56.28 -48.20 -6.08
N TYR C 306 -56.19 -47.43 -7.17
CA TYR C 306 -56.86 -46.15 -7.25
C TYR C 306 -58.29 -46.26 -7.81
N LEU C 307 -59.26 -45.77 -7.04
CA LEU C 307 -60.66 -45.83 -7.45
C LEU C 307 -61.12 -44.52 -8.08
N GLY C 308 -60.29 -43.49 -8.00
CA GLY C 308 -60.72 -42.16 -8.38
C GLY C 308 -60.87 -41.86 -9.86
N GLY C 309 -60.38 -42.77 -10.70
CA GLY C 309 -60.41 -42.54 -12.14
C GLY C 309 -59.27 -43.24 -12.84
N PRO C 310 -58.95 -42.80 -14.07
CA PRO C 310 -57.88 -43.43 -14.87
C PRO C 310 -56.54 -43.24 -14.17
N ALA C 311 -55.66 -44.23 -14.28
CA ALA C 311 -54.36 -44.15 -13.63
C ALA C 311 -53.50 -43.01 -14.17
N GLU C 312 -53.57 -42.78 -15.48
CA GLU C 312 -52.80 -41.71 -16.12
C GLU C 312 -53.11 -40.34 -15.50
N ARG C 313 -54.40 -40.10 -15.24
CA ARG C 313 -54.82 -38.80 -14.72
C ARG C 313 -54.26 -38.57 -13.32
N LEU C 314 -54.31 -39.60 -12.49
CA LEU C 314 -53.65 -39.54 -11.20
C LEU C 314 -52.16 -39.22 -11.32
N LEU C 315 -51.45 -39.92 -12.21
CA LEU C 315 -49.99 -39.71 -12.35
C LEU C 315 -49.62 -38.28 -12.74
N ASP C 316 -50.49 -37.63 -13.51
CA ASP C 316 -50.24 -36.27 -13.98
C ASP C 316 -50.24 -35.27 -12.82
N ARG C 317 -51.01 -35.58 -11.79
CA ARG C 317 -51.26 -34.64 -10.71
C ARG C 317 -50.11 -34.54 -9.71
N PHE C 318 -49.29 -35.57 -9.61
CA PHE C 318 -48.14 -35.52 -8.71
C PHE C 318 -47.20 -34.41 -9.16
N THR C 319 -46.79 -33.57 -8.21
CA THR C 319 -45.84 -32.49 -8.46
C THR C 319 -44.54 -32.67 -7.66
N LEU C 320 -44.51 -33.66 -6.76
CA LEU C 320 -43.29 -33.97 -6.01
C LEU C 320 -42.73 -35.36 -6.34
N PHE C 321 -43.55 -36.41 -6.15
CA PHE C 321 -43.26 -37.73 -6.68
C PHE C 321 -42.93 -37.59 -8.17
N THR C 322 -41.98 -38.37 -8.66
CA THR C 322 -41.64 -38.37 -10.09
C THR C 322 -42.23 -39.62 -10.74
N CYS C 323 -42.90 -39.47 -11.87
CA CYS C 323 -43.49 -40.65 -12.51
C CYS C 323 -42.45 -41.30 -13.37
N GLY C 324 -41.77 -42.28 -12.79
CA GLY C 324 -40.78 -43.05 -13.51
C GLY C 324 -40.70 -44.46 -12.95
N VAL C 325 -39.87 -45.28 -13.58
CA VAL C 325 -39.66 -46.64 -13.16
C VAL C 325 -38.43 -46.63 -12.28
N SER C 326 -38.01 -47.81 -11.82
CA SER C 326 -36.97 -47.95 -10.79
C SER C 326 -37.50 -47.57 -9.40
N LEU C 327 -36.72 -47.92 -8.38
CA LEU C 327 -37.15 -47.81 -6.98
C LEU C 327 -35.93 -47.63 -6.10
N GLY C 328 -36.17 -47.31 -4.83
CA GLY C 328 -35.13 -47.35 -3.81
C GLY C 328 -34.31 -46.08 -3.62
N GLY C 329 -34.57 -45.08 -4.42
CA GLY C 329 -33.72 -43.89 -4.42
C GLY C 329 -34.10 -42.77 -3.46
N VAL C 330 -33.26 -41.74 -3.42
CA VAL C 330 -33.53 -40.54 -2.65
C VAL C 330 -34.77 -39.77 -3.15
N HIS C 331 -35.02 -39.84 -4.46
CA HIS C 331 -36.18 -39.19 -5.07
C HIS C 331 -37.37 -40.15 -5.06
N SER C 332 -38.47 -39.76 -4.41
CA SER C 332 -39.70 -40.55 -4.44
C SER C 332 -40.22 -40.74 -5.86
N LEU C 333 -40.67 -41.96 -6.17
CA LEU C 333 -41.17 -42.29 -7.50
C LEU C 333 -42.56 -42.92 -7.43
N VAL C 334 -43.35 -42.68 -8.47
CA VAL C 334 -44.65 -43.29 -8.59
C VAL C 334 -44.76 -43.89 -9.97
N GLU C 335 -45.60 -44.89 -10.11
CA GLU C 335 -45.80 -45.49 -11.42
C GLU C 335 -47.06 -46.36 -11.46
N CYS C 336 -47.57 -46.62 -12.66
CA CYS C 336 -48.67 -47.56 -12.79
C CYS C 336 -48.10 -48.79 -13.48
N PRO C 337 -47.98 -49.90 -12.73
CA PRO C 337 -47.34 -51.11 -13.24
C PRO C 337 -47.98 -51.63 -14.53
N ALA C 338 -49.29 -51.47 -14.69
CA ALA C 338 -49.92 -51.89 -15.94
C ALA C 338 -49.50 -51.03 -17.13
N LEU C 339 -49.03 -49.82 -16.86
CA LEU C 339 -48.69 -48.88 -17.95
C LEU C 339 -47.19 -48.77 -18.16
N MSE C 340 -46.42 -49.08 -17.11
CA MSE C 340 -44.97 -49.05 -17.23
C MSE C 340 -44.32 -50.43 -16.93
O MSE C 340 -44.41 -51.33 -17.78
CB MSE C 340 -44.26 -47.81 -16.56
CG MSE C 340 -44.61 -47.32 -15.10
SE MSE C 340 -44.36 -45.32 -14.68
CE MSE C 340 -45.28 -44.70 -16.24
N THR C 341 -43.71 -50.59 -15.77
CA THR C 341 -43.05 -51.85 -15.42
C THR C 341 -44.07 -52.93 -15.27
N HIS C 342 -44.25 -53.71 -16.33
CA HIS C 342 -45.30 -54.74 -16.53
C HIS C 342 -46.25 -54.40 -17.73
N ARG C 343 -46.03 -53.26 -18.39
CA ARG C 343 -46.70 -52.98 -19.68
C ARG C 343 -46.58 -54.13 -20.67
N PRO C 344 -45.38 -54.73 -20.79
CA PRO C 344 -45.41 -55.90 -21.67
C PRO C 344 -46.20 -57.02 -21.02
N LEU C 345 -47.51 -56.86 -21.09
CA LEU C 345 -48.46 -57.85 -20.60
C LEU C 345 -49.77 -57.39 -21.19
N SER C 346 -50.78 -58.26 -21.22
CA SER C 346 -52.04 -57.98 -21.91
C SER C 346 -53.12 -57.49 -20.97
N ALA C 347 -54.38 -57.71 -21.37
CA ALA C 347 -55.51 -57.39 -20.51
C ALA C 347 -56.21 -58.67 -20.05
N GLU C 348 -55.59 -59.81 -20.33
CA GLU C 348 -55.98 -61.08 -19.73
C GLU C 348 -54.75 -61.67 -19.06
N ALA C 349 -53.59 -61.22 -19.52
CA ALA C 349 -52.32 -61.77 -19.09
C ALA C 349 -51.66 -60.90 -18.04
N ARG C 350 -52.31 -59.78 -17.71
CA ARG C 350 -51.85 -58.90 -16.64
C ARG C 350 -52.87 -58.93 -15.52
N ALA C 351 -54.12 -59.15 -15.89
CA ALA C 351 -55.17 -59.45 -14.92
C ALA C 351 -54.81 -60.79 -14.28
N ARG C 352 -54.19 -61.65 -15.09
CA ARG C 352 -53.72 -62.95 -14.64
C ARG C 352 -52.62 -62.85 -13.57
N ARG C 353 -51.79 -61.82 -13.64
CA ARG C 353 -50.73 -61.65 -12.63
C ARG C 353 -51.12 -60.76 -11.43
N GLY C 354 -52.38 -60.34 -11.37
CA GLY C 354 -52.86 -59.51 -10.27
C GLY C 354 -52.70 -58.03 -10.52
N ILE C 355 -52.05 -57.71 -11.63
CA ILE C 355 -51.79 -56.33 -11.98
C ILE C 355 -53.09 -55.68 -12.44
N GLY C 356 -53.69 -54.89 -11.55
CA GLY C 356 -54.92 -54.19 -11.87
C GLY C 356 -54.65 -52.92 -12.66
N GLU C 357 -55.67 -52.47 -13.40
CA GLU C 357 -55.56 -51.31 -14.27
C GLU C 357 -55.16 -50.05 -13.51
N SER C 358 -55.82 -49.78 -12.40
CA SER C 358 -55.43 -48.63 -11.60
C SER C 358 -54.62 -49.02 -10.35
N LEU C 359 -53.86 -50.11 -10.44
CA LEU C 359 -52.89 -50.38 -9.39
C LEU C 359 -51.72 -49.40 -9.53
N ILE C 360 -51.35 -48.76 -8.42
CA ILE C 360 -50.32 -47.73 -8.41
C ILE C 360 -49.22 -48.11 -7.40
N ARG C 361 -47.95 -47.91 -7.78
CA ARG C 361 -46.86 -48.24 -6.87
C ARG C 361 -46.04 -47.01 -6.49
N LEU C 362 -45.81 -46.85 -5.18
CA LEU C 362 -44.93 -45.80 -4.65
C LEU C 362 -43.58 -46.38 -4.23
N SER C 363 -42.51 -45.72 -4.65
CA SER C 363 -41.18 -46.00 -4.13
C SER C 363 -40.78 -44.77 -3.32
N VAL C 364 -40.76 -44.92 -2.00
CA VAL C 364 -40.62 -43.75 -1.13
C VAL C 364 -39.16 -43.31 -0.97
N GLY C 365 -38.89 -42.04 -1.25
CA GLY C 365 -37.57 -41.45 -1.08
C GLY C 365 -37.40 -40.77 0.28
N ILE C 366 -36.43 -39.86 0.40
CA ILE C 366 -36.21 -39.18 1.67
C ILE C 366 -36.68 -37.72 1.72
N GLU C 367 -37.65 -37.37 0.89
CA GLU C 367 -38.24 -36.05 1.01
C GLU C 367 -38.89 -35.91 2.40
N ASP C 368 -39.14 -34.66 2.80
CA ASP C 368 -39.86 -34.43 4.03
C ASP C 368 -41.14 -35.23 3.93
N PRO C 369 -41.44 -36.05 4.96
CA PRO C 369 -42.57 -36.97 4.85
C PRO C 369 -43.89 -36.24 4.61
N GLN C 370 -43.94 -34.98 5.00
CA GLN C 370 -45.19 -34.25 4.94
C GLN C 370 -45.37 -33.61 3.57
N ASP C 371 -44.30 -33.25 2.90
CA ASP C 371 -44.43 -32.81 1.52
C ASP C 371 -44.93 -33.97 0.64
N LEU C 372 -44.41 -35.17 0.90
CA LEU C 372 -44.86 -36.34 0.16
C LEU C 372 -46.34 -36.67 0.43
N ALA C 373 -46.73 -36.69 1.70
CA ALA C 373 -48.11 -36.97 2.08
C ALA C 373 -49.06 -35.98 1.41
N GLU C 374 -48.69 -34.71 1.47
CA GLU C 374 -49.51 -33.65 0.89
C GLU C 374 -49.60 -33.82 -0.62
N ASP C 375 -48.49 -34.21 -1.24
CA ASP C 375 -48.47 -34.46 -2.69
C ASP C 375 -49.37 -35.65 -3.04
N LEU C 376 -49.34 -36.67 -2.17
CA LEU C 376 -50.20 -37.82 -2.37
C LEU C 376 -51.68 -37.51 -2.16
N SER C 377 -51.99 -36.70 -1.15
CA SER C 377 -53.37 -36.34 -0.87
C SER C 377 -53.90 -35.48 -2.00
N ARG C 378 -53.05 -34.59 -2.51
CA ARG C 378 -53.36 -33.71 -3.63
C ARG C 378 -53.82 -34.51 -4.87
N ALA C 379 -53.02 -35.49 -5.29
CA ALA C 379 -53.31 -36.25 -6.49
C ALA C 379 -54.61 -37.06 -6.38
N LEU C 380 -54.79 -37.72 -5.23
CA LEU C 380 -56.00 -38.50 -4.97
C LEU C 380 -57.29 -37.70 -5.09
N ALA C 381 -57.25 -36.41 -4.75
CA ALA C 381 -58.45 -35.57 -4.71
C ALA C 381 -58.86 -34.96 -6.05
N GLY C 382 -58.04 -35.15 -7.10
CA GLY C 382 -58.34 -34.62 -8.42
C GLY C 382 -59.49 -35.31 -9.16
N GLY C 383 -60.36 -34.52 -9.80
CA GLY C 383 -61.58 -35.02 -10.43
C GLY C 383 -61.65 -34.77 -11.93
N THR C 384 -60.52 -34.33 -12.48
CA THR C 384 -60.24 -34.39 -13.92
C THR C 384 -58.82 -34.96 -14.09
N MSE D 7 -18.12 -36.83 -41.72
CA MSE D 7 -17.21 -36.37 -42.77
C MSE D 7 -15.87 -37.11 -42.80
O MSE D 7 -15.84 -38.31 -43.03
CB MSE D 7 -17.05 -34.86 -42.70
CG MSE D 7 -18.36 -34.15 -43.02
SE MSE D 7 -18.16 -32.25 -42.97
CE MSE D 7 -17.47 -31.91 -44.78
N ARG D 8 -14.75 -36.44 -42.58
CA ARG D 8 -13.51 -37.20 -42.66
C ARG D 8 -13.11 -37.88 -41.34
N PHE D 9 -12.37 -38.98 -41.47
CA PHE D 9 -12.12 -39.87 -40.35
C PHE D 9 -11.66 -39.20 -39.04
N GLY D 10 -10.68 -38.30 -39.13
CA GLY D 10 -10.18 -37.61 -37.95
C GLY D 10 -11.17 -36.57 -37.42
N THR D 11 -12.07 -36.14 -38.29
CA THR D 11 -13.16 -35.25 -37.89
C THR D 11 -14.27 -36.04 -37.22
N ARG D 12 -14.50 -37.24 -37.74
CA ARG D 12 -15.46 -38.15 -37.16
C ARG D 12 -15.04 -38.52 -35.73
N LEU D 13 -13.75 -38.58 -35.46
CA LEU D 13 -13.27 -38.91 -34.11
C LEU D 13 -13.64 -37.83 -33.07
N VAL D 14 -13.68 -36.58 -33.51
CA VAL D 14 -13.94 -35.45 -32.61
C VAL D 14 -15.44 -35.14 -32.46
N HIS D 15 -16.20 -35.24 -33.56
CA HIS D 15 -17.59 -34.82 -33.58
C HIS D 15 -18.63 -35.93 -33.69
N GLY D 16 -18.16 -37.18 -33.82
CA GLY D 16 -19.08 -38.29 -33.96
C GLY D 16 -19.97 -38.39 -32.74
N GLY D 17 -21.26 -38.18 -32.92
CA GLY D 17 -22.20 -38.29 -31.83
C GLY D 17 -22.27 -37.05 -30.95
N ARG D 18 -21.54 -36.00 -31.33
CA ARG D 18 -21.43 -34.86 -30.44
C ARG D 18 -22.72 -34.03 -30.44
N ARG D 19 -23.64 -34.39 -29.55
CA ARG D 19 -25.01 -33.89 -29.60
C ARG D 19 -25.19 -32.43 -29.15
N PRO D 20 -26.22 -31.79 -29.69
CA PRO D 20 -26.86 -30.54 -29.24
C PRO D 20 -27.32 -30.65 -27.80
N SER D 21 -27.15 -29.57 -27.02
CA SER D 21 -27.59 -29.54 -25.62
C SER D 21 -28.90 -28.77 -25.53
N ALA D 22 -29.50 -28.57 -26.69
CA ALA D 22 -30.77 -27.82 -26.88
C ALA D 22 -31.23 -26.87 -25.76
N GLY D 23 -30.29 -26.17 -25.12
CA GLY D 23 -30.64 -25.11 -24.17
C GLY D 23 -29.48 -24.41 -23.48
N THR D 24 -28.30 -25.01 -23.52
CA THR D 24 -27.15 -24.47 -22.81
C THR D 24 -25.98 -24.22 -23.76
N GLY D 25 -25.88 -25.05 -24.79
CA GLY D 25 -24.85 -24.88 -25.79
C GLY D 25 -23.54 -25.66 -25.58
N ASP D 26 -23.50 -26.54 -24.57
CA ASP D 26 -22.29 -27.31 -24.26
C ASP D 26 -21.63 -27.92 -25.51
N VAL D 27 -20.36 -27.62 -25.72
CA VAL D 27 -19.63 -28.23 -26.82
C VAL D 27 -19.34 -29.70 -26.52
N VAL D 28 -18.82 -29.97 -25.33
CA VAL D 28 -18.68 -31.34 -24.87
C VAL D 28 -19.99 -31.76 -24.20
N PRO D 29 -20.63 -32.83 -24.67
CA PRO D 29 -21.94 -33.19 -24.11
C PRO D 29 -21.84 -33.51 -22.62
N PRO D 30 -22.83 -33.11 -21.82
CA PRO D 30 -22.81 -33.38 -20.38
C PRO D 30 -22.92 -34.88 -20.13
N ILE D 31 -22.42 -35.35 -19.00
CA ILE D 31 -22.42 -36.79 -18.71
C ILE D 31 -23.76 -37.19 -18.08
N HIS D 32 -24.53 -38.02 -18.77
CA HIS D 32 -25.83 -38.46 -18.26
C HIS D 32 -25.66 -39.64 -17.30
N VAL D 33 -25.68 -39.36 -16.00
CA VAL D 33 -25.51 -40.40 -15.00
C VAL D 33 -26.86 -40.94 -14.47
N SER D 34 -27.94 -40.23 -14.74
CA SER D 34 -29.25 -40.63 -14.22
C SER D 34 -29.63 -42.07 -14.61
N THR D 35 -30.05 -42.87 -13.64
CA THR D 35 -30.55 -44.21 -13.93
C THR D 35 -32.01 -44.17 -14.36
N THR D 36 -32.71 -43.09 -14.05
CA THR D 36 -34.10 -43.08 -14.40
C THR D 36 -34.61 -41.70 -14.81
N TYR D 37 -35.82 -41.69 -15.37
CA TYR D 37 -36.33 -40.54 -16.09
C TYR D 37 -37.82 -40.32 -15.86
N GLU D 38 -38.19 -39.07 -15.59
CA GLU D 38 -39.58 -38.67 -15.57
C GLU D 38 -40.10 -38.79 -16.99
N ARG D 39 -41.25 -39.45 -17.14
CA ARG D 39 -41.97 -39.30 -18.37
C ARG D 39 -42.48 -37.84 -18.36
N ARG D 40 -43.71 -37.58 -17.88
CA ARG D 40 -44.37 -36.24 -17.94
C ARG D 40 -43.58 -34.99 -18.41
N ALA D 41 -42.33 -34.85 -17.96
CA ALA D 41 -41.45 -33.86 -18.57
C ALA D 41 -41.29 -34.25 -20.03
N GLN D 42 -40.80 -35.48 -20.21
CA GLN D 42 -40.50 -36.10 -21.51
C GLN D 42 -41.23 -35.68 -22.80
N ASP D 43 -40.49 -34.95 -23.62
CA ASP D 43 -40.91 -34.65 -24.97
C ASP D 43 -40.63 -35.87 -25.83
N GLU D 44 -41.61 -36.78 -25.91
CA GLU D 44 -41.46 -38.06 -26.60
C GLU D 44 -40.36 -38.91 -25.97
N PRO D 45 -40.73 -40.08 -25.47
CA PRO D 45 -39.75 -40.86 -24.72
C PRO D 45 -38.98 -41.85 -25.57
N ARG D 46 -37.74 -42.05 -25.16
CA ARG D 46 -37.00 -43.24 -25.50
C ARG D 46 -36.65 -43.74 -24.13
N TYR D 47 -36.50 -42.79 -23.23
CA TYR D 47 -35.83 -42.98 -21.96
C TYR D 47 -36.78 -43.46 -20.86
N PHE D 48 -36.72 -44.77 -20.59
CA PHE D 48 -37.44 -45.39 -19.48
C PHE D 48 -36.46 -45.57 -18.32
N TYR D 49 -35.35 -46.23 -18.61
CA TYR D 49 -34.45 -46.75 -17.58
C TYR D 49 -33.02 -46.93 -18.08
N GLY D 50 -32.06 -46.69 -17.19
CA GLY D 50 -30.65 -46.61 -17.54
C GLY D 50 -30.02 -47.84 -18.18
N ARG D 51 -30.50 -49.03 -17.85
CA ARG D 51 -29.96 -50.23 -18.48
C ARG D 51 -30.35 -50.29 -19.97
N GLY D 52 -31.54 -49.82 -20.31
CA GLY D 52 -31.98 -49.78 -21.69
C GLY D 52 -31.43 -48.62 -22.51
N GLU D 53 -31.48 -47.41 -21.97
CA GLU D 53 -31.05 -46.22 -22.70
C GLU D 53 -30.19 -45.32 -21.85
N ASN D 54 -29.35 -44.54 -22.52
CA ASN D 54 -28.57 -43.49 -21.89
C ASN D 54 -27.93 -42.67 -23.01
N PRO D 55 -28.19 -41.36 -23.05
CA PRO D 55 -27.68 -40.51 -24.13
C PRO D 55 -26.14 -40.50 -24.26
N THR D 56 -25.42 -40.54 -23.14
CA THR D 56 -23.97 -40.56 -23.19
C THR D 56 -23.45 -41.81 -23.93
N ARG D 57 -24.00 -42.96 -23.56
CA ARG D 57 -23.68 -44.21 -24.24
C ARG D 57 -24.05 -44.13 -25.72
N GLU D 58 -25.24 -43.58 -26.01
CA GLU D 58 -25.68 -43.41 -27.39
C GLU D 58 -24.69 -42.56 -28.24
N GLU D 59 -24.15 -41.50 -27.67
CA GLU D 59 -23.20 -40.67 -28.41
C GLU D 59 -21.95 -41.47 -28.76
N LEU D 60 -21.48 -42.24 -27.79
CA LEU D 60 -20.29 -43.07 -28.00
C LEU D 60 -20.54 -44.08 -29.13
N GLU D 61 -21.70 -44.74 -29.08
CA GLU D 61 -22.11 -45.66 -30.15
C GLU D 61 -22.15 -44.95 -31.49
N GLU D 62 -22.80 -43.78 -31.52
CA GLU D 62 -22.90 -43.00 -32.75
C GLU D 62 -21.54 -42.63 -33.32
N CYS D 63 -20.61 -42.25 -32.44
CA CYS D 63 -19.27 -41.96 -32.88
C CYS D 63 -18.61 -43.19 -33.49
N LEU D 64 -18.64 -44.31 -32.75
CA LEU D 64 -17.99 -45.55 -33.20
C LEU D 64 -18.55 -46.04 -34.53
N ALA D 65 -19.87 -46.01 -34.67
CA ALA D 65 -20.51 -46.38 -35.93
C ALA D 65 -19.97 -45.54 -37.09
N GLY D 66 -19.86 -44.23 -36.86
CA GLY D 66 -19.43 -43.30 -37.90
C GLY D 66 -18.00 -43.54 -38.35
N LEU D 67 -17.18 -44.15 -37.51
CA LEU D 67 -15.80 -44.46 -37.89
C LEU D 67 -15.74 -45.57 -38.94
N GLU D 68 -16.80 -46.36 -39.02
CA GLU D 68 -16.85 -47.41 -40.03
C GLU D 68 -17.96 -47.13 -41.05
N ARG D 69 -18.41 -45.87 -41.08
CA ARG D 69 -19.51 -45.43 -41.96
C ARG D 69 -20.67 -46.42 -41.92
N ALA D 70 -20.98 -46.89 -40.72
CA ALA D 70 -21.91 -47.98 -40.55
C ALA D 70 -23.21 -47.45 -39.98
N PRO D 71 -24.26 -48.26 -39.97
CA PRO D 71 -25.46 -47.68 -39.36
C PRO D 71 -25.60 -47.98 -37.87
N PHE D 72 -24.86 -48.96 -37.35
CA PHE D 72 -25.11 -49.44 -35.99
C PHE D 72 -23.85 -49.67 -35.15
N ALA D 73 -23.94 -49.33 -33.87
CA ALA D 73 -22.94 -49.71 -32.88
C ALA D 73 -23.58 -49.94 -31.51
N THR D 74 -23.00 -50.84 -30.75
CA THR D 74 -23.44 -51.15 -29.40
C THR D 74 -22.21 -51.32 -28.52
N VAL D 75 -22.17 -50.61 -27.39
CA VAL D 75 -21.03 -50.74 -26.48
C VAL D 75 -21.36 -51.57 -25.23
N PHE D 76 -20.31 -52.09 -24.59
CA PHE D 76 -20.45 -53.04 -23.49
C PHE D 76 -19.46 -52.71 -22.36
N SER D 77 -19.63 -53.31 -21.19
CA SER D 77 -18.72 -53.04 -20.08
C SER D 77 -17.43 -53.90 -20.16
N SER D 78 -17.15 -54.49 -21.33
CA SER D 78 -15.85 -55.11 -21.65
C SER D 78 -15.84 -55.65 -23.07
N GLY D 79 -14.67 -55.80 -23.66
CA GLY D 79 -14.53 -56.51 -24.91
C GLY D 79 -15.11 -57.92 -24.81
N GLN D 80 -14.78 -58.61 -23.74
CA GLN D 80 -15.35 -59.95 -23.47
C GLN D 80 -16.88 -59.96 -23.55
N ALA D 81 -17.51 -58.91 -23.04
CA ALA D 81 -18.98 -58.80 -23.06
C ALA D 81 -19.53 -58.59 -24.47
N ALA D 82 -18.83 -57.80 -25.27
CA ALA D 82 -19.18 -57.66 -26.69
C ALA D 82 -19.12 -59.03 -27.37
N ALA D 83 -17.99 -59.73 -27.18
CA ALA D 83 -17.81 -61.06 -27.76
C ALA D 83 -18.85 -62.06 -27.28
N ALA D 84 -19.11 -62.04 -25.97
CA ALA D 84 -20.09 -62.94 -25.38
C ALA D 84 -21.44 -62.70 -26.03
N THR D 85 -21.73 -61.45 -26.34
CA THR D 85 -23.02 -61.09 -26.91
C THR D 85 -23.25 -61.72 -28.28
N LEU D 86 -22.27 -61.55 -29.18
CA LEU D 86 -22.37 -62.14 -30.50
C LEU D 86 -22.54 -63.66 -30.42
N LEU D 87 -21.81 -64.28 -29.51
CA LEU D 87 -21.83 -65.74 -29.39
C LEU D 87 -23.15 -66.32 -28.91
N SER D 88 -23.88 -65.56 -28.11
CA SER D 88 -25.16 -66.02 -27.58
C SER D 88 -26.15 -66.24 -28.73
N LEU D 89 -25.90 -65.61 -29.87
CA LEU D 89 -26.77 -65.68 -31.03
C LEU D 89 -26.56 -66.97 -31.82
N VAL D 90 -25.48 -67.68 -31.56
CA VAL D 90 -25.25 -68.99 -32.18
C VAL D 90 -26.03 -70.07 -31.43
N ARG D 91 -26.82 -70.86 -32.17
CA ARG D 91 -27.66 -71.90 -31.56
C ARG D 91 -26.94 -73.21 -31.35
N PRO D 92 -27.30 -73.93 -30.28
CA PRO D 92 -26.99 -75.36 -30.24
C PRO D 92 -27.53 -75.96 -31.53
N GLY D 93 -26.72 -76.74 -32.24
CA GLY D 93 -27.08 -77.20 -33.56
C GLY D 93 -26.30 -76.47 -34.65
N GLN D 94 -25.75 -75.31 -34.29
CA GLN D 94 -25.00 -74.47 -35.22
C GLN D 94 -23.54 -74.34 -34.80
N CYS D 95 -22.68 -73.89 -35.71
CA CYS D 95 -21.23 -74.04 -35.54
C CYS D 95 -20.46 -72.75 -35.77
N VAL D 96 -19.48 -72.50 -34.90
CA VAL D 96 -18.59 -71.36 -35.05
C VAL D 96 -17.23 -71.84 -35.53
N VAL D 97 -16.81 -71.37 -36.71
CA VAL D 97 -15.46 -71.59 -37.19
C VAL D 97 -14.56 -70.45 -36.76
N SER D 98 -13.45 -70.80 -36.13
CA SER D 98 -12.47 -69.81 -35.72
C SER D 98 -11.12 -70.24 -36.24
N THR D 99 -10.09 -69.54 -35.82
CA THR D 99 -8.74 -69.89 -36.17
C THR D 99 -8.03 -70.46 -34.95
N ASP D 100 -6.75 -70.74 -35.11
CA ASP D 100 -5.87 -71.03 -33.98
C ASP D 100 -5.71 -69.80 -33.11
N ASP D 101 -4.52 -69.23 -33.14
CA ASP D 101 -4.14 -68.09 -32.32
C ASP D 101 -5.24 -67.04 -32.27
N VAL D 102 -5.74 -66.81 -31.05
CA VAL D 102 -6.96 -66.08 -30.80
C VAL D 102 -6.88 -65.71 -29.32
N TYR D 103 -7.37 -64.52 -28.96
CA TYR D 103 -7.44 -64.13 -27.56
C TYR D 103 -8.02 -65.27 -26.72
N ALA D 104 -7.38 -65.57 -25.60
CA ALA D 104 -7.78 -66.69 -24.76
C ALA D 104 -9.09 -66.42 -24.02
N GLY D 105 -9.54 -65.16 -24.05
CA GLY D 105 -10.85 -64.85 -23.54
C GLY D 105 -11.92 -65.34 -24.51
N THR D 106 -11.64 -65.14 -25.80
CA THR D 106 -12.51 -65.62 -26.86
C THR D 106 -12.62 -67.16 -26.82
N ASP D 107 -11.49 -67.83 -26.66
CA ASP D 107 -11.50 -69.29 -26.50
C ASP D 107 -12.41 -69.68 -25.33
N GLY D 108 -12.30 -68.93 -24.23
CA GLY D 108 -13.16 -69.10 -23.08
C GLY D 108 -14.64 -68.98 -23.43
N LEU D 109 -14.96 -68.04 -24.30
CA LEU D 109 -16.33 -67.92 -24.76
C LEU D 109 -16.70 -69.05 -25.74
N PHE D 110 -15.79 -69.37 -26.67
CA PHE D 110 -15.95 -70.54 -27.53
C PHE D 110 -16.12 -71.74 -26.60
N ASP D 111 -15.23 -71.81 -25.62
CA ASP D 111 -15.27 -72.82 -24.57
C ASP D 111 -16.66 -72.85 -23.98
N LEU D 112 -17.09 -71.70 -23.49
CA LEU D 112 -18.41 -71.63 -22.89
C LEU D 112 -19.52 -71.85 -23.92
N ALA D 113 -19.25 -71.55 -25.18
CA ALA D 113 -20.23 -71.82 -26.22
C ALA D 113 -20.46 -73.32 -26.41
N ALA D 114 -19.38 -74.09 -26.39
CA ALA D 114 -19.48 -75.53 -26.51
C ALA D 114 -20.22 -76.06 -25.28
N ARG D 115 -20.17 -75.27 -24.21
CA ARG D 115 -20.89 -75.59 -22.98
C ARG D 115 -22.39 -75.38 -23.11
N GLN D 116 -22.88 -75.01 -24.29
CA GLN D 116 -24.32 -75.09 -24.54
C GLN D 116 -24.65 -75.83 -25.82
N GLY D 117 -23.63 -76.25 -26.55
CA GLY D 117 -23.84 -77.15 -27.68
C GLY D 117 -23.44 -76.59 -29.03
N VAL D 118 -22.68 -75.51 -29.03
CA VAL D 118 -22.15 -75.00 -30.29
C VAL D 118 -20.98 -75.89 -30.72
N ARG D 119 -20.77 -76.04 -32.02
CA ARG D 119 -19.53 -76.64 -32.51
C ARG D 119 -18.49 -75.56 -32.73
N VAL D 120 -17.35 -75.65 -32.03
CA VAL D 120 -16.25 -74.73 -32.24
C VAL D 120 -15.14 -75.43 -33.02
N ARG D 121 -14.87 -74.93 -34.23
CA ARG D 121 -13.82 -75.50 -35.07
C ARG D 121 -12.77 -74.44 -35.38
N TYR D 122 -11.56 -74.66 -34.89
CA TYR D 122 -10.46 -73.77 -35.18
C TYR D 122 -9.82 -74.28 -36.45
N ALA D 123 -9.34 -73.38 -37.29
CA ALA D 123 -8.71 -73.77 -38.54
C ALA D 123 -7.75 -72.68 -38.98
N ASP D 124 -6.80 -73.02 -39.85
CA ASP D 124 -5.85 -72.02 -40.31
C ASP D 124 -6.51 -71.11 -41.34
N LEU D 125 -6.56 -69.80 -41.06
CA LEU D 125 -7.12 -68.91 -42.07
C LEU D 125 -6.03 -68.08 -42.72
N THR D 126 -5.06 -68.81 -43.27
CA THR D 126 -3.91 -68.20 -43.95
C THR D 126 -3.59 -68.87 -45.30
N THR D 127 -4.27 -69.99 -45.59
CA THR D 127 -4.18 -70.65 -46.88
C THR D 127 -5.60 -70.66 -47.43
N PRO D 128 -5.78 -71.01 -48.71
CA PRO D 128 -7.13 -71.30 -49.21
C PRO D 128 -7.65 -72.69 -48.80
N GLU D 129 -6.78 -73.50 -48.18
CA GLU D 129 -7.14 -74.87 -47.82
C GLU D 129 -7.56 -74.96 -46.36
N GLY D 130 -7.03 -74.06 -45.54
CA GLY D 130 -7.55 -73.90 -44.19
C GLY D 130 -8.95 -73.36 -44.31
N ILE D 131 -9.11 -72.38 -45.21
CA ILE D 131 -10.40 -71.78 -45.51
C ILE D 131 -11.47 -72.74 -46.03
N ALA D 132 -11.22 -73.33 -47.20
CA ALA D 132 -12.28 -73.98 -47.99
C ALA D 132 -12.95 -75.16 -47.30
N ALA D 133 -12.19 -75.84 -46.43
CA ALA D 133 -12.73 -77.01 -45.76
C ALA D 133 -13.38 -76.64 -44.44
N ALA D 134 -13.12 -75.43 -43.96
CA ALA D 134 -13.79 -74.96 -42.76
C ALA D 134 -15.26 -74.79 -43.06
N LEU D 135 -15.54 -73.93 -44.05
CA LEU D 135 -16.91 -73.49 -44.30
C LEU D 135 -17.69 -74.54 -45.07
N ALA D 136 -17.22 -75.78 -44.99
CA ALA D 136 -17.96 -76.94 -45.45
C ALA D 136 -18.71 -77.52 -44.24
N GLU D 137 -18.88 -76.70 -43.21
CA GLU D 137 -19.60 -77.12 -42.00
C GLU D 137 -21.10 -76.83 -42.14
N PRO D 138 -21.94 -77.87 -41.96
CA PRO D 138 -23.39 -77.66 -41.97
C PRO D 138 -23.74 -76.75 -40.83
N ASP D 139 -24.79 -75.94 -40.95
CA ASP D 139 -25.21 -75.02 -39.89
C ASP D 139 -24.05 -74.15 -39.40
N LEU D 140 -23.31 -73.58 -40.35
CA LEU D 140 -22.24 -72.65 -40.02
C LEU D 140 -22.87 -71.36 -39.58
N ALA D 141 -22.76 -71.04 -38.29
CA ALA D 141 -23.35 -69.81 -37.76
C ALA D 141 -22.44 -68.62 -37.99
N LEU D 142 -21.17 -68.81 -37.72
CA LEU D 142 -20.29 -67.68 -37.54
C LEU D 142 -18.85 -68.03 -37.87
N VAL D 143 -18.23 -67.19 -38.69
CA VAL D 143 -16.78 -67.27 -38.92
C VAL D 143 -16.15 -66.13 -38.16
N TRP D 144 -15.21 -66.48 -37.28
CA TRP D 144 -14.63 -65.55 -36.33
C TRP D 144 -13.18 -65.32 -36.68
N ILE D 145 -12.87 -64.09 -37.07
CA ILE D 145 -11.52 -63.70 -37.45
C ILE D 145 -10.95 -62.69 -36.44
N GLU D 146 -9.70 -62.89 -36.07
CA GLU D 146 -9.01 -61.92 -35.25
C GLU D 146 -7.70 -61.50 -35.96
N THR D 147 -7.70 -60.34 -36.61
CA THR D 147 -6.57 -60.00 -37.49
C THR D 147 -5.99 -58.59 -37.36
N PRO D 148 -4.66 -58.50 -37.21
CA PRO D 148 -3.70 -59.62 -37.11
C PRO D 148 -3.87 -60.47 -35.83
N THR D 149 -3.34 -61.70 -35.82
CA THR D 149 -3.49 -62.59 -34.67
C THR D 149 -2.44 -62.32 -33.58
N ASN D 150 -2.51 -63.09 -32.50
CA ASN D 150 -1.55 -62.98 -31.40
C ASN D 150 -0.89 -64.31 -31.05
N PRO D 151 0.38 -64.25 -30.60
CA PRO D 151 1.27 -63.09 -30.54
C PRO D 151 2.16 -63.03 -31.77
N LEU D 152 1.90 -63.89 -32.75
CA LEU D 152 2.81 -64.02 -33.88
C LEU D 152 2.40 -63.06 -35.01
N LEU D 153 1.27 -62.40 -34.83
CA LEU D 153 0.76 -61.42 -35.76
C LEU D 153 0.60 -61.94 -37.18
N THR D 154 0.00 -63.12 -37.32
CA THR D 154 -0.33 -63.56 -38.67
C THR D 154 -1.59 -62.82 -39.16
N VAL D 155 -1.80 -62.81 -40.47
CA VAL D 155 -2.74 -61.89 -41.08
C VAL D 155 -3.69 -62.61 -42.03
N VAL D 156 -5.00 -62.48 -41.76
CA VAL D 156 -6.04 -63.22 -42.46
C VAL D 156 -6.82 -62.33 -43.43
N ASP D 157 -7.04 -62.82 -44.64
CA ASP D 157 -7.72 -62.10 -45.72
C ASP D 157 -9.24 -62.04 -45.48
N VAL D 158 -9.71 -60.92 -44.95
CA VAL D 158 -11.13 -60.75 -44.59
C VAL D 158 -12.07 -60.79 -45.79
N ALA D 159 -11.71 -60.09 -46.87
CA ALA D 159 -12.50 -60.12 -48.11
C ALA D 159 -12.64 -61.54 -48.66
N GLU D 160 -11.52 -62.25 -48.75
CA GLU D 160 -11.53 -63.62 -49.23
C GLU D 160 -12.38 -64.53 -48.35
N VAL D 161 -12.15 -64.50 -47.04
CA VAL D 161 -12.92 -65.35 -46.13
C VAL D 161 -14.39 -64.96 -46.20
N SER D 162 -14.65 -63.64 -46.28
CA SER D 162 -16.03 -63.16 -46.38
C SER D 162 -16.74 -63.66 -47.62
N ARG D 163 -16.01 -63.74 -48.72
CA ARG D 163 -16.59 -64.28 -49.96
C ARG D 163 -17.11 -65.69 -49.73
N ARG D 164 -16.24 -66.61 -49.32
CA ARG D 164 -16.64 -68.02 -49.19
C ARG D 164 -17.71 -68.13 -48.11
N ALA D 165 -17.51 -67.44 -46.99
CA ALA D 165 -18.44 -67.51 -45.86
C ALA D 165 -19.83 -67.05 -46.24
N HIS D 166 -19.92 -65.92 -46.93
CA HIS D 166 -21.21 -65.41 -47.38
C HIS D 166 -21.87 -66.31 -48.44
N GLU D 167 -21.06 -67.03 -49.21
CA GLU D 167 -21.61 -68.04 -50.11
C GLU D 167 -22.32 -69.04 -49.24
N ARG D 168 -21.59 -69.57 -48.25
CA ARG D 168 -22.10 -70.62 -47.39
C ARG D 168 -23.07 -70.11 -46.33
N GLY D 169 -23.45 -68.84 -46.42
CA GLY D 169 -24.52 -68.29 -45.60
C GLY D 169 -24.16 -67.77 -44.22
N ALA D 170 -22.88 -67.78 -43.86
CA ALA D 170 -22.48 -67.43 -42.50
C ALA D 170 -22.21 -65.94 -42.29
N ARG D 171 -22.46 -65.49 -41.06
CA ARG D 171 -22.04 -64.18 -40.61
C ARG D 171 -20.53 -64.22 -40.41
N VAL D 172 -19.86 -63.08 -40.63
CA VAL D 172 -18.44 -62.97 -40.37
C VAL D 172 -18.16 -61.83 -39.37
N VAL D 173 -17.46 -62.15 -38.29
CA VAL D 173 -16.98 -61.12 -37.39
C VAL D 173 -15.45 -61.02 -37.48
N VAL D 174 -14.95 -59.80 -37.43
CA VAL D 174 -13.52 -59.57 -37.29
C VAL D 174 -13.27 -58.91 -35.95
N ASP D 175 -12.47 -59.55 -35.10
CA ASP D 175 -12.04 -58.91 -33.87
C ASP D 175 -10.92 -57.98 -34.27
N ASN D 176 -11.24 -56.70 -34.29
CA ASN D 176 -10.41 -55.70 -34.91
C ASN D 176 -9.67 -54.86 -33.87
N THR D 177 -9.55 -55.41 -32.66
CA THR D 177 -8.95 -54.72 -31.53
C THR D 177 -7.52 -54.25 -31.80
N PHE D 178 -6.68 -55.21 -32.18
CA PHE D 178 -5.28 -54.94 -32.50
C PHE D 178 -5.14 -53.66 -33.32
N ALA D 179 -5.83 -53.60 -34.45
CA ALA D 179 -5.51 -52.61 -35.46
C ALA D 179 -6.26 -51.29 -35.32
N SER D 180 -7.49 -51.35 -34.76
CA SER D 180 -8.40 -50.20 -34.67
C SER D 180 -9.00 -49.81 -36.04
N PRO D 181 -10.12 -49.07 -36.03
CA PRO D 181 -10.72 -48.67 -37.32
C PRO D 181 -9.88 -47.64 -38.09
N VAL D 182 -8.89 -47.06 -37.43
CA VAL D 182 -7.89 -46.22 -38.08
C VAL D 182 -7.12 -46.97 -39.16
N LEU D 183 -6.82 -48.24 -38.89
CA LEU D 183 -5.93 -49.00 -39.75
C LEU D 183 -6.65 -50.06 -40.60
N GLN D 184 -7.81 -50.50 -40.14
CA GLN D 184 -8.49 -51.63 -40.77
C GLN D 184 -10.00 -51.46 -40.64
N GLN D 185 -10.69 -51.60 -41.74
CA GLN D 185 -12.13 -51.38 -41.80
C GLN D 185 -12.80 -52.68 -42.22
N PRO D 186 -13.03 -53.58 -41.24
CA PRO D 186 -13.58 -54.91 -41.53
C PRO D 186 -14.89 -54.88 -42.32
N LEU D 187 -15.77 -53.92 -42.04
CA LEU D 187 -17.04 -53.89 -42.74
C LEU D 187 -16.83 -53.62 -44.22
N ALA D 188 -15.90 -52.69 -44.51
CA ALA D 188 -15.54 -52.36 -45.88
C ALA D 188 -14.90 -53.56 -46.57
N LEU D 189 -14.33 -54.46 -45.78
CA LEU D 189 -13.67 -55.65 -46.33
C LEU D 189 -14.62 -56.84 -46.51
N GLY D 190 -15.92 -56.61 -46.39
CA GLY D 190 -16.89 -57.67 -46.62
C GLY D 190 -17.43 -58.36 -45.39
N ALA D 191 -16.82 -58.11 -44.22
CA ALA D 191 -17.33 -58.70 -42.98
C ALA D 191 -18.66 -58.07 -42.53
N ASP D 192 -19.34 -58.74 -41.61
CA ASP D 192 -20.65 -58.27 -41.14
C ASP D 192 -20.57 -57.54 -39.80
N VAL D 193 -19.59 -57.91 -38.98
CA VAL D 193 -19.43 -57.32 -37.66
C VAL D 193 -17.97 -56.96 -37.39
N SER D 194 -17.73 -55.76 -36.86
CA SER D 194 -16.45 -55.43 -36.25
C SER D 194 -16.55 -55.55 -34.74
N LEU D 195 -15.63 -56.27 -34.13
CA LEU D 195 -15.61 -56.45 -32.68
C LEU D 195 -14.39 -55.76 -32.05
N TYR D 196 -14.63 -55.02 -30.97
CA TYR D 196 -13.55 -54.30 -30.30
C TYR D 196 -13.52 -54.57 -28.82
N SER D 197 -12.31 -54.67 -28.29
CA SER D 197 -12.11 -54.34 -26.89
C SER D 197 -11.76 -52.88 -26.93
N THR D 198 -12.63 -52.01 -26.42
CA THR D 198 -12.34 -50.59 -26.44
C THR D 198 -11.40 -50.23 -25.31
N THR D 199 -11.21 -51.18 -24.39
CA THR D 199 -10.23 -51.07 -23.31
C THR D 199 -8.85 -50.74 -23.83
N1 LLP D 200 -10.02 -59.40 -28.04
C2 LLP D 200 -8.82 -58.83 -28.11
C2' LLP D 200 -7.97 -58.94 -29.41
C3 LLP D 200 -8.30 -58.13 -27.00
O3 LLP D 200 -7.04 -57.57 -27.13
C4 LLP D 200 -9.03 -58.02 -25.83
C4' LLP D 200 -8.44 -57.22 -24.55
C5 LLP D 200 -10.26 -58.62 -25.76
C6 LLP D 200 -10.77 -59.30 -26.86
C5' LLP D 200 -11.14 -58.55 -24.48
OP4 LLP D 200 -11.49 -57.22 -24.18
P LLP D 200 -11.64 -56.83 -22.68
OP1 LLP D 200 -11.98 -55.35 -22.64
OP2 LLP D 200 -12.76 -57.64 -22.11
OP3 LLP D 200 -10.40 -57.13 -21.93
N LLP D 200 -8.57 -51.19 -25.06
CA LLP D 200 -7.21 -51.05 -25.65
CB LLP D 200 -6.92 -52.26 -26.52
CG LLP D 200 -7.46 -53.51 -25.80
CD LLP D 200 -6.33 -54.36 -25.17
CE LLP D 200 -6.93 -55.39 -24.18
NZ LLP D 200 -7.13 -56.70 -24.84
C LLP D 200 -7.06 -49.72 -26.33
O LLP D 200 -7.30 -48.70 -25.69
N SER D 201 -6.67 -49.70 -27.60
CA SER D 201 -6.25 -48.42 -28.19
C SER D 201 -7.37 -47.37 -28.36
N ILE D 202 -8.62 -47.82 -28.48
CA ILE D 202 -9.74 -46.89 -28.69
C ILE D 202 -9.85 -45.89 -27.53
N ALA D 203 -9.98 -46.38 -26.30
CA ALA D 203 -9.94 -45.52 -25.13
C ALA D 203 -8.48 -45.13 -24.83
N GLY D 204 -7.56 -46.07 -25.08
CA GLY D 204 -6.15 -45.74 -25.23
C GLY D 204 -5.33 -45.37 -24.00
N HIS D 205 -5.99 -44.97 -22.93
CA HIS D 205 -5.30 -44.42 -21.75
C HIS D 205 -5.24 -45.36 -20.54
N ALA D 206 -5.52 -46.64 -20.76
CA ALA D 206 -5.36 -47.67 -19.74
C ALA D 206 -6.12 -47.41 -18.43
N ASP D 207 -7.30 -46.80 -18.54
CA ASP D 207 -8.04 -46.46 -17.33
C ASP D 207 -9.56 -46.64 -17.45
N VAL D 208 -9.98 -47.58 -18.29
CA VAL D 208 -11.41 -47.92 -18.44
C VAL D 208 -11.54 -49.23 -19.22
N LEU D 209 -12.44 -50.09 -18.78
CA LEU D 209 -12.73 -51.32 -19.52
C LEU D 209 -13.91 -51.03 -20.44
N GLY D 210 -13.98 -51.73 -21.56
CA GLY D 210 -15.11 -51.56 -22.45
C GLY D 210 -15.03 -52.41 -23.71
N GLY D 211 -16.19 -52.63 -24.33
CA GLY D 211 -16.25 -53.33 -25.60
C GLY D 211 -17.26 -52.72 -26.54
N ALA D 212 -17.15 -53.05 -27.82
CA ALA D 212 -18.09 -52.56 -28.82
C ALA D 212 -18.29 -53.55 -29.98
N LEU D 213 -19.48 -53.50 -30.57
CA LEU D 213 -19.77 -54.15 -31.85
C LEU D 213 -20.26 -53.09 -32.83
N VAL D 214 -19.81 -53.17 -34.08
CA VAL D 214 -20.21 -52.23 -35.11
C VAL D 214 -20.66 -53.05 -36.33
N TYR D 215 -21.83 -52.73 -36.86
CA TYR D 215 -22.48 -53.61 -37.83
C TYR D 215 -23.57 -52.88 -38.62
N ARG D 216 -24.27 -53.60 -39.50
CA ARG D 216 -25.28 -52.98 -40.36
C ARG D 216 -26.65 -53.68 -40.41
N ASP D 217 -26.71 -54.93 -39.95
CA ASP D 217 -27.95 -55.67 -40.05
C ASP D 217 -28.95 -55.25 -38.96
N ALA D 218 -30.16 -54.89 -39.36
CA ALA D 218 -31.18 -54.42 -38.43
C ALA D 218 -31.68 -55.55 -37.54
N ASP D 219 -31.81 -56.75 -38.09
CA ASP D 219 -32.23 -57.90 -37.29
C ASP D 219 -31.15 -58.24 -36.26
N LEU D 220 -29.88 -58.07 -36.64
CA LEU D 220 -28.79 -58.29 -35.69
C LEU D 220 -28.83 -57.22 -34.60
N HIS D 221 -29.09 -55.98 -34.99
CA HIS D 221 -29.19 -54.86 -34.06
C HIS D 221 -30.22 -55.15 -32.98
N ALA D 222 -31.41 -55.60 -33.38
CA ALA D 222 -32.44 -55.98 -32.42
C ALA D 222 -31.95 -57.05 -31.43
N ALA D 223 -31.37 -58.13 -31.95
CA ALA D 223 -30.93 -59.25 -31.11
C ALA D 223 -29.82 -58.84 -30.14
N VAL D 224 -28.90 -58.01 -30.61
CA VAL D 224 -27.78 -57.59 -29.78
C VAL D 224 -28.24 -56.67 -28.65
N ARG D 225 -29.13 -55.73 -28.96
CA ARG D 225 -29.68 -54.83 -27.93
C ARG D 225 -30.57 -55.61 -26.96
N ALA D 226 -31.37 -56.53 -27.49
CA ALA D 226 -32.23 -57.34 -26.62
C ALA D 226 -31.37 -58.15 -25.67
N TYR D 227 -30.27 -58.71 -26.17
CA TYR D 227 -29.38 -59.45 -25.30
C TYR D 227 -28.73 -58.53 -24.25
N ARG D 228 -28.24 -57.37 -24.68
CA ARG D 228 -27.55 -56.47 -23.76
C ARG D 228 -28.45 -56.02 -22.62
N THR D 229 -29.73 -55.77 -22.94
CA THR D 229 -30.67 -55.36 -21.92
C THR D 229 -30.92 -56.42 -20.86
N THR D 230 -31.05 -57.70 -21.26
CA THR D 230 -31.37 -58.71 -20.25
C THR D 230 -30.15 -59.34 -19.57
N ALA D 231 -29.04 -59.49 -20.29
CA ALA D 231 -27.81 -59.91 -19.65
C ALA D 231 -27.21 -58.78 -18.82
N GLY D 232 -27.53 -57.55 -19.18
CA GLY D 232 -27.12 -56.39 -18.40
C GLY D 232 -25.62 -56.15 -18.40
N ASN D 233 -24.92 -56.58 -19.46
CA ASN D 233 -23.48 -56.38 -19.58
C ASN D 233 -23.18 -54.99 -20.12
N VAL D 234 -23.68 -54.02 -19.39
CA VAL D 234 -23.85 -52.68 -19.87
C VAL D 234 -22.81 -51.78 -19.16
N PRO D 235 -22.08 -50.93 -19.91
CA PRO D 235 -21.05 -50.06 -19.32
C PRO D 235 -21.65 -48.80 -18.71
N GLY D 236 -20.99 -48.26 -17.69
CA GLY D 236 -21.45 -47.06 -17.03
C GLY D 236 -21.27 -45.78 -17.85
N ALA D 237 -22.04 -44.76 -17.48
CA ALA D 237 -21.97 -43.46 -18.12
C ALA D 237 -20.60 -42.81 -18.02
N LEU D 238 -19.99 -42.87 -16.84
CA LEU D 238 -18.67 -42.31 -16.66
C LEU D 238 -17.61 -43.07 -17.46
N ASP D 239 -17.79 -44.38 -17.61
CA ASP D 239 -16.87 -45.16 -18.43
C ASP D 239 -16.98 -44.77 -19.89
N CYS D 240 -18.21 -44.66 -20.39
CA CYS D 240 -18.42 -44.24 -21.78
C CYS D 240 -17.79 -42.86 -22.02
N PHE D 241 -17.91 -41.96 -21.03
CA PHE D 241 -17.29 -40.64 -21.15
C PHE D 241 -15.79 -40.76 -21.37
N LEU D 242 -15.15 -41.65 -20.62
CA LEU D 242 -13.69 -41.81 -20.70
C LEU D 242 -13.25 -42.42 -22.04
N VAL D 243 -14.01 -43.40 -22.51
CA VAL D 243 -13.73 -44.00 -23.80
C VAL D 243 -13.88 -42.93 -24.87
N ARG D 244 -14.97 -42.17 -24.76
CA ARG D 244 -15.27 -41.13 -25.74
C ARG D 244 -14.21 -40.05 -25.71
N ARG D 245 -13.72 -39.73 -24.52
CA ARG D 245 -12.69 -38.72 -24.40
C ARG D 245 -11.38 -39.22 -24.99
N GLY D 246 -11.08 -40.48 -24.75
CA GLY D 246 -9.89 -41.11 -25.29
C GLY D 246 -9.94 -41.14 -26.81
N LEU D 247 -11.12 -41.41 -27.36
CA LEU D 247 -11.30 -41.53 -28.80
C LEU D 247 -10.89 -40.32 -29.65
N HIS D 248 -11.05 -39.11 -29.12
CA HIS D 248 -10.69 -37.89 -29.86
C HIS D 248 -9.29 -37.99 -30.49
N THR D 249 -8.35 -38.56 -29.74
CA THR D 249 -6.97 -38.62 -30.20
C THR D 249 -6.59 -39.97 -30.80
N LEU D 250 -7.57 -40.78 -31.20
CA LEU D 250 -7.24 -42.15 -31.63
C LEU D 250 -6.24 -42.18 -32.78
N SER D 251 -6.49 -41.45 -33.86
CA SER D 251 -5.62 -41.63 -35.02
C SER D 251 -4.23 -40.99 -34.86
N LEU D 252 -4.14 -39.85 -34.16
CA LEU D 252 -2.82 -39.27 -33.87
C LEU D 252 -1.98 -40.24 -33.02
N ARG D 253 -2.61 -40.85 -32.02
CA ARG D 253 -1.92 -41.82 -31.18
C ARG D 253 -1.48 -43.01 -32.04
N VAL D 254 -2.38 -43.50 -32.90
CA VAL D 254 -2.05 -44.62 -33.77
C VAL D 254 -0.90 -44.24 -34.73
N HIS D 255 -0.94 -43.05 -35.32
CA HIS D 255 0.16 -42.59 -36.17
C HIS D 255 1.48 -42.68 -35.46
N ARG D 256 1.51 -42.12 -34.26
CA ARG D 256 2.71 -42.08 -33.45
C ARG D 256 3.21 -43.49 -33.14
N GLN D 257 2.30 -44.39 -32.77
CA GLN D 257 2.65 -45.74 -32.37
C GLN D 257 3.20 -46.54 -33.56
N VAL D 258 2.62 -46.34 -34.74
CA VAL D 258 3.09 -47.01 -35.94
C VAL D 258 4.50 -46.56 -36.25
N ALA D 259 4.71 -45.24 -36.20
CA ALA D 259 6.01 -44.68 -36.56
C ALA D 259 7.11 -45.21 -35.64
N THR D 260 6.81 -45.35 -34.36
CA THR D 260 7.80 -45.84 -33.41
C THR D 260 8.02 -47.35 -33.56
N ALA D 261 6.95 -48.11 -33.75
CA ALA D 261 7.07 -49.54 -33.95
C ALA D 261 8.07 -49.84 -35.07
N ARG D 262 8.03 -49.06 -36.14
CA ARG D 262 9.00 -49.21 -37.24
C ARG D 262 10.46 -49.00 -36.78
N VAL D 263 10.68 -47.98 -35.97
CA VAL D 263 12.03 -47.69 -35.47
C VAL D 263 12.50 -48.84 -34.59
N LEU D 264 11.59 -49.37 -33.78
CA LEU D 264 11.94 -50.49 -32.91
C LEU D 264 12.31 -51.74 -33.73
N VAL D 265 11.59 -51.98 -34.82
CA VAL D 265 11.84 -53.14 -35.69
C VAL D 265 13.22 -53.07 -36.34
N GLU D 266 13.63 -51.87 -36.75
CA GLU D 266 14.97 -51.66 -37.27
C GLU D 266 16.03 -51.99 -36.22
N ARG D 267 15.85 -51.46 -35.02
CA ARG D 267 16.79 -51.76 -33.94
C ARG D 267 16.83 -53.25 -33.63
N LEU D 268 15.65 -53.88 -33.62
CA LEU D 268 15.57 -55.33 -33.34
C LEU D 268 16.37 -56.13 -34.36
N ARG D 269 16.17 -55.82 -35.64
CA ARG D 269 16.82 -56.57 -36.72
C ARG D 269 18.34 -56.54 -36.65
N ALA D 270 18.89 -55.51 -36.04
CA ALA D 270 20.35 -55.36 -35.97
C ALA D 270 20.94 -55.89 -34.66
N SER D 271 20.09 -56.37 -33.77
CA SER D 271 20.57 -56.86 -32.49
C SER D 271 21.00 -58.34 -32.57
N PRO D 272 22.24 -58.64 -32.13
CA PRO D 272 22.75 -60.01 -32.21
C PRO D 272 22.05 -60.95 -31.23
N VAL D 273 21.18 -60.45 -30.36
CA VAL D 273 20.44 -61.34 -29.45
C VAL D 273 18.97 -61.46 -29.84
N VAL D 274 18.68 -61.08 -31.07
CA VAL D 274 17.33 -61.18 -31.58
C VAL D 274 17.30 -62.15 -32.74
N GLY D 275 16.34 -63.06 -32.74
CA GLY D 275 16.19 -63.98 -33.85
C GLY D 275 15.08 -63.53 -34.80
N ALA D 276 14.06 -64.37 -34.94
CA ALA D 276 12.87 -64.02 -35.71
C ALA D 276 12.28 -62.72 -35.19
N VAL D 277 11.84 -61.88 -36.12
CA VAL D 277 11.13 -60.66 -35.79
C VAL D 277 9.80 -60.66 -36.54
N HIS D 278 8.71 -60.45 -35.81
CA HIS D 278 7.39 -60.48 -36.42
C HIS D 278 6.77 -59.07 -36.46
N TYR D 279 6.32 -58.67 -37.65
CA TYR D 279 5.74 -57.36 -37.87
C TYR D 279 5.16 -57.32 -39.29
N PRO D 280 3.98 -56.69 -39.46
CA PRO D 280 3.34 -56.72 -40.77
C PRO D 280 4.00 -55.84 -41.84
N GLY D 281 4.74 -54.81 -41.45
CA GLY D 281 5.44 -53.98 -42.40
C GLY D 281 6.56 -54.71 -43.13
N LEU D 282 7.22 -55.63 -42.42
CA LEU D 282 8.38 -56.33 -42.96
C LEU D 282 8.08 -57.01 -44.28
N PRO D 283 9.02 -56.94 -45.22
CA PRO D 283 9.03 -57.69 -46.49
C PRO D 283 8.51 -59.12 -46.38
N GLU D 284 9.28 -60.04 -45.80
CA GLU D 284 8.95 -61.47 -45.84
C GLU D 284 7.98 -61.92 -44.75
N HIS D 285 7.24 -60.99 -44.15
CA HIS D 285 6.09 -61.38 -43.36
C HIS D 285 5.29 -62.18 -44.37
N PRO D 286 4.83 -63.39 -43.99
CA PRO D 286 4.27 -64.35 -44.95
C PRO D 286 3.04 -63.84 -45.68
N GLN D 287 2.44 -62.75 -45.18
CA GLN D 287 1.24 -62.21 -45.80
C GLN D 287 1.32 -60.73 -46.17
N HIS D 288 2.50 -60.26 -46.57
CA HIS D 288 2.69 -58.86 -47.00
C HIS D 288 1.60 -58.40 -47.95
N ALA D 289 1.24 -59.24 -48.91
CA ALA D 289 0.25 -58.88 -49.91
C ALA D 289 -1.09 -58.59 -49.24
N VAL D 290 -1.52 -59.49 -48.36
CA VAL D 290 -2.80 -59.32 -47.71
C VAL D 290 -2.71 -58.13 -46.75
N VAL D 291 -1.59 -58.05 -46.03
CA VAL D 291 -1.31 -56.91 -45.18
C VAL D 291 -1.56 -55.62 -45.94
N LYS D 292 -0.89 -55.46 -47.07
CA LYS D 292 -1.02 -54.26 -47.88
C LYS D 292 -2.47 -54.05 -48.28
N ALA D 293 -3.18 -55.15 -48.55
CA ALA D 293 -4.55 -55.09 -49.01
C ALA D 293 -5.56 -54.66 -47.95
N GLN D 294 -5.24 -54.87 -46.67
CA GLN D 294 -6.23 -54.55 -45.64
C GLN D 294 -5.72 -53.65 -44.50
N MSE D 295 -4.43 -53.36 -44.51
CA MSE D 295 -3.78 -52.51 -43.51
C MSE D 295 -3.45 -51.17 -44.14
O MSE D 295 -2.78 -51.13 -45.16
CB MSE D 295 -2.45 -53.14 -43.06
CG MSE D 295 -2.35 -53.65 -41.64
SE MSE D 295 -0.49 -53.48 -40.90
CE MSE D 295 -0.92 -54.28 -39.12
N SER D 296 -3.89 -50.06 -43.57
CA SER D 296 -3.40 -48.78 -44.08
C SER D 296 -2.00 -48.42 -43.54
N ALA D 297 -1.61 -49.04 -42.43
CA ALA D 297 -0.29 -48.81 -41.82
C ALA D 297 0.01 -50.03 -40.96
N PRO D 298 1.30 -50.35 -40.74
CA PRO D 298 1.69 -51.59 -40.07
C PRO D 298 1.33 -51.87 -38.59
N GLY D 299 0.57 -51.03 -37.91
CA GLY D 299 0.18 -51.33 -36.55
C GLY D 299 1.32 -51.17 -35.56
N ALA D 300 1.02 -51.32 -34.27
CA ALA D 300 1.92 -50.88 -33.21
C ALA D 300 2.41 -52.02 -32.31
N ILE D 301 2.17 -53.26 -32.76
CA ILE D 301 2.52 -54.45 -32.00
C ILE D 301 3.70 -55.13 -32.69
N VAL D 302 4.72 -55.48 -31.92
CA VAL D 302 5.88 -56.17 -32.48
C VAL D 302 6.20 -57.37 -31.59
N SER D 303 6.60 -58.48 -32.18
CA SER D 303 7.12 -59.61 -31.40
C SER D 303 8.43 -60.12 -31.98
N PHE D 304 9.22 -60.83 -31.16
CA PHE D 304 10.55 -61.32 -31.55
C PHE D 304 11.10 -62.39 -30.60
N ASP D 305 11.93 -63.28 -31.13
CA ASP D 305 12.62 -64.26 -30.28
C ASP D 305 13.85 -63.62 -29.65
N TYR D 306 13.93 -63.63 -28.32
CA TYR D 306 15.12 -63.19 -27.61
C TYR D 306 16.07 -64.39 -27.48
N LEU D 307 17.33 -64.21 -27.89
CA LEU D 307 18.28 -65.32 -27.97
C LEU D 307 19.28 -65.33 -26.81
N GLY D 308 19.20 -64.34 -25.94
CA GLY D 308 20.19 -64.18 -24.89
C GLY D 308 19.84 -64.86 -23.57
N GLY D 309 18.88 -65.79 -23.61
CA GLY D 309 18.53 -66.56 -22.43
C GLY D 309 17.04 -66.47 -22.09
N PRO D 310 16.70 -66.77 -20.82
CA PRO D 310 15.32 -66.74 -20.35
C PRO D 310 14.72 -65.36 -20.54
N ALA D 311 13.42 -65.30 -20.77
CA ALA D 311 12.76 -64.02 -21.01
C ALA D 311 12.88 -63.10 -19.79
N GLU D 312 12.85 -63.68 -18.60
CA GLU D 312 13.00 -62.94 -17.36
C GLU D 312 14.26 -62.07 -17.34
N ARG D 313 15.31 -62.56 -17.99
CA ARG D 313 16.57 -61.86 -18.07
C ARG D 313 16.37 -60.53 -18.79
N LEU D 314 15.78 -60.60 -19.99
CA LEU D 314 15.41 -59.41 -20.73
C LEU D 314 14.38 -58.56 -19.98
N LEU D 315 13.28 -59.17 -19.56
CA LEU D 315 12.18 -58.44 -18.92
C LEU D 315 12.64 -57.60 -17.74
N ASP D 316 13.69 -58.02 -17.06
CA ASP D 316 14.11 -57.30 -15.88
C ASP D 316 14.81 -55.97 -16.16
N ARG D 317 15.36 -55.81 -17.36
CA ARG D 317 16.21 -54.65 -17.66
C ARG D 317 15.48 -53.38 -18.16
N PHE D 318 14.21 -53.48 -18.54
CA PHE D 318 13.49 -52.31 -19.06
C PHE D 318 13.24 -51.25 -17.99
N THR D 319 13.42 -49.99 -18.34
CA THR D 319 13.07 -48.91 -17.42
C THR D 319 12.04 -47.92 -18.01
N LEU D 320 11.78 -48.02 -19.30
CA LEU D 320 10.70 -47.21 -19.86
C LEU D 320 9.51 -48.10 -20.16
N PHE D 321 9.73 -49.13 -20.98
CA PHE D 321 8.75 -50.19 -21.14
C PHE D 321 8.34 -50.74 -19.77
N THR D 322 7.04 -50.93 -19.56
CA THR D 322 6.56 -51.59 -18.34
C THR D 322 6.08 -53.01 -18.66
N CYS D 323 6.37 -53.95 -17.77
CA CYS D 323 5.99 -55.33 -18.03
C CYS D 323 4.62 -55.61 -17.41
N GLY D 324 3.58 -55.52 -18.25
CA GLY D 324 2.23 -55.86 -17.87
C GLY D 324 1.52 -56.39 -19.11
N VAL D 325 0.27 -56.80 -18.97
CA VAL D 325 -0.51 -57.16 -20.15
C VAL D 325 -1.36 -55.99 -20.59
N SER D 326 -2.23 -56.25 -21.55
CA SER D 326 -3.07 -55.29 -22.31
C SER D 326 -2.25 -54.79 -23.51
N LEU D 327 -2.80 -53.82 -24.22
CA LEU D 327 -2.08 -53.18 -25.32
C LEU D 327 -2.83 -51.95 -25.80
N GLY D 328 -2.20 -51.24 -26.74
CA GLY D 328 -2.80 -50.09 -27.36
C GLY D 328 -2.69 -48.80 -26.55
N GLY D 329 -2.17 -48.91 -25.33
CA GLY D 329 -2.16 -47.79 -24.41
C GLY D 329 -1.08 -46.76 -24.69
N VAL D 330 -1.20 -45.58 -24.07
CA VAL D 330 -0.19 -44.54 -24.24
C VAL D 330 1.15 -44.96 -23.63
N HIS D 331 1.10 -45.82 -22.60
CA HIS D 331 2.30 -46.37 -21.97
C HIS D 331 2.74 -47.64 -22.70
N SER D 332 3.98 -47.66 -23.17
CA SER D 332 4.53 -48.82 -23.86
C SER D 332 4.64 -50.03 -22.92
N LEU D 333 4.19 -51.19 -23.42
CA LEU D 333 4.17 -52.42 -22.63
C LEU D 333 5.05 -53.50 -23.24
N VAL D 334 5.53 -54.39 -22.39
CA VAL D 334 6.26 -55.55 -22.85
C VAL D 334 5.80 -56.77 -22.05
N GLU D 335 5.78 -57.93 -22.71
CA GLU D 335 5.52 -59.19 -22.01
C GLU D 335 6.10 -60.39 -22.73
N CYS D 336 6.15 -61.51 -22.04
CA CYS D 336 6.56 -62.78 -22.64
C CYS D 336 5.35 -63.70 -22.63
N PRO D 337 4.73 -63.91 -23.81
CA PRO D 337 3.58 -64.81 -23.97
C PRO D 337 3.68 -66.04 -23.09
N ALA D 338 4.82 -66.76 -23.15
CA ALA D 338 5.00 -68.00 -22.39
C ALA D 338 4.89 -67.78 -20.89
N LEU D 339 5.37 -66.62 -20.44
CA LEU D 339 5.27 -66.27 -19.03
C LEU D 339 3.94 -65.56 -18.67
N MSE D 340 3.30 -64.91 -19.64
CA MSE D 340 2.13 -64.10 -19.30
C MSE D 340 0.96 -64.19 -20.27
O MSE D 340 0.05 -64.99 -20.03
CB MSE D 340 2.47 -62.63 -19.06
CG MSE D 340 1.58 -61.97 -17.98
SE MSE D 340 1.65 -60.01 -17.95
CE MSE D 340 3.52 -59.84 -18.47
N THR D 341 0.98 -63.35 -21.33
CA THR D 341 -0.10 -63.20 -22.34
C THR D 341 -0.87 -64.48 -22.46
N HIS D 342 -0.11 -65.56 -22.62
CA HIS D 342 -0.68 -66.88 -22.61
C HIS D 342 0.05 -67.81 -21.63
N ARG D 343 0.10 -67.48 -20.36
CA ARG D 343 0.49 -68.49 -19.38
C ARG D 343 -0.44 -69.73 -19.45
N PRO D 344 -1.78 -69.54 -19.48
CA PRO D 344 -2.66 -70.74 -19.48
C PRO D 344 -2.56 -71.75 -20.66
N LEU D 345 -1.77 -71.49 -21.70
CA LEU D 345 -1.48 -72.53 -22.72
C LEU D 345 -0.15 -73.20 -22.37
N SER D 346 -0.02 -74.50 -22.68
CA SER D 346 1.07 -75.33 -22.12
C SER D 346 2.45 -75.15 -22.75
N ALA D 347 3.38 -76.01 -22.35
CA ALA D 347 4.75 -75.99 -22.87
C ALA D 347 4.96 -77.22 -23.74
N GLU D 348 3.90 -78.02 -23.84
CA GLU D 348 3.70 -78.93 -24.95
C GLU D 348 2.43 -78.42 -25.62
N ALA D 349 2.36 -77.11 -25.81
CA ALA D 349 1.23 -76.45 -26.47
C ALA D 349 1.58 -75.05 -26.99
N ARG D 350 2.36 -74.29 -26.21
CA ARG D 350 3.01 -73.14 -26.80
C ARG D 350 4.03 -73.60 -27.85
N ALA D 351 4.67 -74.76 -27.61
CA ALA D 351 5.52 -75.37 -28.64
C ALA D 351 4.68 -75.62 -29.90
N ARG D 352 3.51 -76.22 -29.68
CA ARG D 352 2.50 -76.47 -30.70
C ARG D 352 2.21 -75.27 -31.61
N ARG D 353 1.37 -74.34 -31.15
CA ARG D 353 1.16 -73.11 -31.89
C ARG D 353 2.46 -72.32 -31.76
N GLY D 354 3.25 -72.34 -32.83
CA GLY D 354 4.68 -72.03 -32.82
C GLY D 354 5.33 -71.12 -31.79
N ILE D 355 4.66 -70.81 -30.68
CA ILE D 355 5.15 -69.87 -29.67
C ILE D 355 6.40 -70.35 -28.91
N GLY D 356 7.45 -69.54 -28.91
CA GLY D 356 8.64 -69.85 -28.15
C GLY D 356 8.56 -69.29 -26.73
N GLU D 357 9.36 -69.84 -25.83
CA GLU D 357 9.38 -69.43 -24.42
C GLU D 357 10.19 -68.13 -24.24
N SER D 358 10.67 -67.63 -25.37
CA SER D 358 11.65 -66.55 -25.48
C SER D 358 11.04 -65.45 -26.33
N LEU D 359 9.87 -65.73 -26.88
CA LEU D 359 9.17 -64.78 -27.69
C LEU D 359 8.76 -63.64 -26.78
N ILE D 360 9.05 -62.43 -27.22
CA ILE D 360 8.72 -61.22 -26.48
C ILE D 360 7.75 -60.41 -27.33
N ARG D 361 6.73 -59.84 -26.68
CA ARG D 361 5.79 -58.98 -27.39
C ARG D 361 5.83 -57.57 -26.81
N LEU D 362 5.97 -56.60 -27.70
CA LEU D 362 5.97 -55.21 -27.35
C LEU D 362 4.67 -54.57 -27.81
N SER D 363 4.07 -53.77 -26.93
CA SER D 363 2.97 -52.91 -27.31
C SER D 363 3.46 -51.49 -27.14
N VAL D 364 3.53 -50.76 -28.24
CA VAL D 364 4.19 -49.49 -28.28
C VAL D 364 3.21 -48.39 -27.91
N GLY D 365 3.63 -47.50 -27.02
CA GLY D 365 2.82 -46.36 -26.63
C GLY D 365 3.26 -45.12 -27.42
N ILE D 366 3.07 -43.95 -26.81
CA ILE D 366 3.34 -42.70 -27.50
C ILE D 366 4.54 -41.92 -26.94
N GLU D 367 5.43 -42.59 -26.20
CA GLU D 367 6.65 -41.96 -25.71
C GLU D 367 7.54 -41.60 -26.90
N ASP D 368 8.58 -40.79 -26.66
CA ASP D 368 9.51 -40.44 -27.72
C ASP D 368 10.17 -41.72 -28.24
N PRO D 369 10.25 -41.87 -29.57
CA PRO D 369 10.76 -43.11 -30.18
C PRO D 369 12.23 -43.38 -29.85
N GLN D 370 13.00 -42.33 -29.60
CA GLN D 370 14.41 -42.52 -29.27
C GLN D 370 14.57 -43.06 -27.86
N ASP D 371 13.71 -42.61 -26.95
CA ASP D 371 13.75 -43.13 -25.58
C ASP D 371 13.39 -44.62 -25.52
N LEU D 372 12.35 -45.01 -26.24
CA LEU D 372 11.93 -46.42 -26.30
C LEU D 372 13.02 -47.34 -26.88
N ALA D 373 13.62 -46.94 -27.99
CA ALA D 373 14.62 -47.78 -28.65
C ALA D 373 15.87 -47.89 -27.79
N GLU D 374 16.24 -46.77 -27.17
CA GLU D 374 17.33 -46.80 -26.23
C GLU D 374 17.03 -47.71 -25.01
N ASP D 375 15.79 -47.72 -24.51
CA ASP D 375 15.41 -48.63 -23.43
C ASP D 375 15.48 -50.08 -23.92
N LEU D 376 15.01 -50.30 -25.13
CA LEU D 376 15.07 -51.62 -25.77
C LEU D 376 16.52 -52.07 -26.01
N SER D 377 17.33 -51.20 -26.60
CA SER D 377 18.74 -51.50 -26.84
C SER D 377 19.43 -51.82 -25.53
N ARG D 378 19.14 -51.03 -24.52
CA ARG D 378 19.73 -51.19 -23.21
C ARG D 378 19.43 -52.58 -22.62
N ALA D 379 18.18 -53.02 -22.76
CA ALA D 379 17.78 -54.31 -22.23
C ALA D 379 18.44 -55.46 -23.01
N LEU D 380 18.35 -55.40 -24.33
CA LEU D 380 18.97 -56.41 -25.19
C LEU D 380 20.48 -56.57 -24.98
N ALA D 381 21.20 -55.45 -24.86
CA ALA D 381 22.67 -55.49 -24.83
C ALA D 381 23.20 -55.82 -23.45
N GLY D 382 22.36 -55.63 -22.45
CA GLY D 382 22.74 -55.92 -21.08
C GLY D 382 23.76 -54.93 -20.54
N GLY E 6 -18.90 44.21 15.19
CA GLY E 6 -18.67 43.58 13.90
C GLY E 6 -17.20 43.31 13.65
N MSE E 7 -16.90 42.27 12.86
CA MSE E 7 -15.52 41.84 12.60
C MSE E 7 -15.25 41.44 11.14
O MSE E 7 -15.26 40.26 10.80
CB MSE E 7 -15.20 40.64 13.46
CG MSE E 7 -14.91 40.93 14.91
SE MSE E 7 -15.20 39.24 15.78
CE MSE E 7 -13.62 39.19 16.97
N ARG E 8 -14.96 42.41 10.28
CA ARG E 8 -14.78 42.13 8.85
C ARG E 8 -13.35 41.63 8.46
N PHE E 9 -12.96 41.89 7.21
CA PHE E 9 -11.77 41.25 6.63
C PHE E 9 -10.45 42.02 6.82
N GLY E 10 -10.39 43.25 6.34
CA GLY E 10 -9.23 44.11 6.56
C GLY E 10 -8.85 44.27 8.03
N THR E 11 -9.86 44.40 8.87
CA THR E 11 -9.65 44.45 10.31
C THR E 11 -9.01 43.16 10.78
N ARG E 12 -9.48 42.05 10.23
CA ARG E 12 -8.99 40.74 10.62
C ARG E 12 -7.57 40.47 10.13
N LEU E 13 -7.16 41.17 9.08
CA LEU E 13 -5.78 41.11 8.60
C LEU E 13 -4.82 41.74 9.61
N VAL E 14 -5.28 42.81 10.23
CA VAL E 14 -4.46 43.56 11.16
C VAL E 14 -4.50 42.91 12.54
N HIS E 15 -5.66 42.38 12.93
CA HIS E 15 -5.86 41.97 14.33
C HIS E 15 -6.13 40.48 14.61
N GLY E 16 -6.30 39.68 13.56
CA GLY E 16 -6.53 38.26 13.76
C GLY E 16 -5.35 37.65 14.50
N GLY E 17 -5.62 36.93 15.59
CA GLY E 17 -4.57 36.38 16.41
C GLY E 17 -3.53 37.43 16.81
N ARG E 18 -3.96 38.68 17.02
CA ARG E 18 -2.99 39.67 17.52
C ARG E 18 -2.99 39.63 19.04
N ARG E 19 -2.16 38.72 19.58
CA ARG E 19 -2.24 38.37 20.99
C ARG E 19 -1.71 39.41 21.98
N PRO E 20 -2.44 39.66 23.07
CA PRO E 20 -1.89 40.73 23.92
C PRO E 20 -0.68 40.30 24.73
N SER E 21 0.16 41.28 25.03
CA SER E 21 1.28 41.07 25.91
C SER E 21 0.84 41.50 27.28
N ALA E 22 0.85 40.55 28.20
CA ALA E 22 0.63 40.80 29.61
C ALA E 22 1.53 41.94 30.05
N GLY E 23 1.02 42.72 31.00
CA GLY E 23 1.79 43.76 31.65
C GLY E 23 2.43 44.80 30.74
N THR E 24 3.26 44.34 29.80
CA THR E 24 4.04 45.21 28.92
C THR E 24 3.23 45.83 27.79
N GLY E 25 2.19 45.16 27.33
CA GLY E 25 1.22 45.74 26.42
C GLY E 25 1.63 45.97 24.97
N ASP E 26 2.62 45.22 24.50
CA ASP E 26 3.08 45.29 23.10
C ASP E 26 1.91 45.26 22.13
N VAL E 27 1.84 46.24 21.24
CA VAL E 27 0.82 46.20 20.19
C VAL E 27 1.18 45.11 19.18
N VAL E 28 2.41 45.12 18.70
CA VAL E 28 2.92 44.05 17.86
C VAL E 28 3.45 42.95 18.78
N PRO E 29 2.85 41.75 18.68
CA PRO E 29 3.27 40.57 19.46
C PRO E 29 4.78 40.35 19.39
N PRO E 30 5.42 40.10 20.52
CA PRO E 30 6.86 39.84 20.50
C PRO E 30 7.18 38.52 19.77
N ILE E 31 8.39 38.41 19.23
CA ILE E 31 8.78 37.24 18.46
C ILE E 31 9.34 36.13 19.36
N HIS E 32 8.62 35.01 19.43
CA HIS E 32 8.99 33.90 20.30
C HIS E 32 9.97 32.97 19.61
N VAL E 33 11.26 33.21 19.79
CA VAL E 33 12.28 32.35 19.19
C VAL E 33 12.62 31.14 20.05
N SER E 34 12.25 31.16 21.33
CA SER E 34 12.69 30.09 22.23
C SER E 34 12.21 28.70 21.79
N THR E 35 13.16 27.82 21.48
CA THR E 35 12.85 26.41 21.23
C THR E 35 12.35 25.74 22.49
N THR E 36 12.65 26.33 23.64
CA THR E 36 12.52 25.61 24.89
C THR E 36 11.74 26.39 25.95
N TYR E 37 10.99 25.68 26.79
CA TYR E 37 10.19 26.31 27.83
C TYR E 37 10.35 25.60 29.17
N GLU E 38 10.26 26.36 30.25
CA GLU E 38 10.30 25.76 31.59
C GLU E 38 8.87 25.46 32.06
N ARG E 39 8.66 24.25 32.57
CA ARG E 39 7.32 23.64 32.66
C ARG E 39 6.61 23.79 34.01
N ARG E 40 7.35 24.34 34.98
CA ARG E 40 7.02 24.28 36.40
C ARG E 40 6.74 25.73 36.79
N ALA E 41 6.89 26.60 35.80
CA ALA E 41 6.69 28.03 35.92
C ALA E 41 5.22 28.30 35.67
N GLN E 42 4.73 27.69 34.60
CA GLN E 42 3.33 27.77 34.22
C GLN E 42 2.55 26.90 35.19
N ASP E 43 1.23 27.02 35.15
CA ASP E 43 0.36 26.11 35.90
C ASP E 43 -0.30 25.20 34.86
N GLU E 44 0.39 25.09 33.72
CA GLU E 44 0.01 24.30 32.55
C GLU E 44 1.29 23.97 31.79
N PRO E 45 1.61 22.68 31.62
CA PRO E 45 2.74 22.39 30.74
C PRO E 45 2.27 22.31 29.29
N ARG E 46 1.95 23.45 28.69
CA ARG E 46 1.34 23.44 27.36
C ARG E 46 2.28 23.93 26.27
N TYR E 47 3.25 24.76 26.66
CA TYR E 47 4.43 24.95 25.80
C TYR E 47 5.54 24.09 26.37
N PHE E 48 6.16 23.28 25.52
CA PHE E 48 7.32 22.46 25.92
C PHE E 48 8.47 22.76 25.01
N TYR E 49 8.22 22.47 23.73
CA TYR E 49 9.26 22.39 22.73
C TYR E 49 8.73 23.00 21.45
N GLY E 50 9.57 23.83 20.82
CA GLY E 50 9.15 24.62 19.69
C GLY E 50 8.63 23.89 18.45
N ARG E 51 9.08 22.66 18.24
CA ARG E 51 8.52 21.86 17.15
C ARG E 51 7.02 21.67 17.33
N GLY E 52 6.62 21.31 18.54
CA GLY E 52 5.21 21.14 18.84
C GLY E 52 4.47 22.45 19.05
N GLU E 53 5.05 23.37 19.81
CA GLU E 53 4.30 24.55 20.23
C GLU E 53 5.12 25.84 20.09
N ASN E 54 4.51 26.87 19.52
CA ASN E 54 5.14 28.20 19.46
C ASN E 54 4.09 29.29 19.40
N PRO E 55 4.13 30.24 20.35
CA PRO E 55 3.11 31.30 20.34
C PRO E 55 3.06 32.14 19.05
N THR E 56 4.20 32.47 18.45
CA THR E 56 4.20 33.31 17.25
C THR E 56 3.55 32.59 16.08
N ARG E 57 3.89 31.32 15.91
CA ARG E 57 3.28 30.49 14.90
C ARG E 57 1.76 30.34 15.09
N GLU E 58 1.34 30.12 16.35
CA GLU E 58 -0.07 30.02 16.68
C GLU E 58 -0.83 31.30 16.32
N GLU E 59 -0.21 32.45 16.57
CA GLU E 59 -0.84 33.72 16.23
C GLU E 59 -1.07 33.80 14.72
N LEU E 60 -0.06 33.43 13.94
CA LEU E 60 -0.19 33.44 12.48
C LEU E 60 -1.33 32.52 12.03
N GLU E 61 -1.38 31.33 12.62
CA GLU E 61 -2.44 30.37 12.35
C GLU E 61 -3.81 30.94 12.69
N GLU E 62 -3.91 31.54 13.87
CA GLU E 62 -5.15 32.15 14.29
C GLU E 62 -5.56 33.21 13.29
N CYS E 63 -4.60 34.00 12.80
CA CYS E 63 -4.92 35.00 11.77
C CYS E 63 -5.50 34.35 10.51
N LEU E 64 -4.77 33.38 9.95
CA LEU E 64 -5.20 32.69 8.72
C LEU E 64 -6.54 31.97 8.84
N ALA E 65 -6.78 31.31 9.98
CA ALA E 65 -8.07 30.70 10.23
C ALA E 65 -9.18 31.74 10.18
N GLY E 66 -8.95 32.88 10.84
CA GLY E 66 -9.92 33.97 10.90
C GLY E 66 -10.33 34.52 9.53
N LEU E 67 -9.37 34.57 8.62
CA LEU E 67 -9.61 35.06 7.27
C LEU E 67 -10.68 34.25 6.52
N GLU E 68 -10.87 33.00 6.95
CA GLU E 68 -11.86 32.14 6.32
C GLU E 68 -12.96 31.76 7.31
N ARG E 69 -13.00 32.47 8.43
CA ARG E 69 -13.97 32.18 9.49
C ARG E 69 -13.88 30.73 9.93
N ALA E 70 -12.68 30.17 9.91
CA ALA E 70 -12.48 28.74 10.16
C ALA E 70 -11.96 28.52 11.56
N PRO E 71 -12.30 27.37 12.16
CA PRO E 71 -11.84 27.06 13.51
C PRO E 71 -10.37 26.64 13.58
N PHE E 72 -9.74 26.33 12.45
CA PHE E 72 -8.38 25.77 12.49
C PHE E 72 -7.46 26.22 11.36
N ALA E 73 -6.20 26.41 11.69
CA ALA E 73 -5.16 26.56 10.68
C ALA E 73 -3.86 25.97 11.20
N THR E 74 -3.05 25.48 10.26
CA THR E 74 -1.73 24.98 10.59
C THR E 74 -0.77 25.49 9.53
N VAL E 75 0.34 26.10 9.95
CA VAL E 75 1.34 26.57 8.99
C VAL E 75 2.54 25.64 8.89
N PHE E 76 3.25 25.77 7.78
CA PHE E 76 4.30 24.84 7.41
C PHE E 76 5.50 25.58 6.86
N SER E 77 6.62 24.85 6.73
CA SER E 77 7.87 25.41 6.23
C SER E 77 7.79 25.84 4.77
N SER E 78 6.77 25.36 4.06
CA SER E 78 6.55 25.77 2.68
C SER E 78 5.17 25.31 2.23
N GLY E 79 4.73 25.85 1.11
CA GLY E 79 3.52 25.38 0.46
C GLY E 79 3.60 23.87 0.15
N GLN E 80 4.74 23.42 -0.35
CA GLN E 80 4.92 21.98 -0.63
C GLN E 80 4.65 21.15 0.62
N ALA E 81 5.19 21.58 1.76
CA ALA E 81 5.05 20.85 3.02
C ALA E 81 3.58 20.71 3.45
N ALA E 82 2.82 21.79 3.29
CA ALA E 82 1.37 21.77 3.58
C ALA E 82 0.68 20.74 2.71
N ALA E 83 1.02 20.76 1.43
CA ALA E 83 0.43 19.81 0.49
C ALA E 83 0.89 18.40 0.82
N ALA E 84 2.16 18.25 1.20
CA ALA E 84 2.68 16.93 1.54
C ALA E 84 1.95 16.38 2.77
N THR E 85 1.57 17.26 3.69
CA THR E 85 0.92 16.85 4.92
C THR E 85 -0.49 16.31 4.65
N LEU E 86 -1.19 16.91 3.68
CA LEU E 86 -2.50 16.43 3.26
C LEU E 86 -2.42 15.08 2.54
N LEU E 87 -1.50 14.97 1.58
CA LEU E 87 -1.31 13.72 0.85
C LEU E 87 -0.93 12.55 1.75
N SER E 88 -0.29 12.85 2.87
CA SER E 88 0.20 11.81 3.77
C SER E 88 -0.97 11.10 4.45
N LEU E 89 -2.10 11.79 4.53
CA LEU E 89 -3.27 11.25 5.22
C LEU E 89 -4.02 10.21 4.38
N VAL E 90 -3.64 10.07 3.11
CA VAL E 90 -4.28 9.10 2.24
C VAL E 90 -3.61 7.73 2.42
N ARG E 91 -4.43 6.66 2.39
CA ARG E 91 -3.89 5.30 2.51
C ARG E 91 -3.43 4.74 1.17
N PRO E 92 -2.39 3.91 1.18
CA PRO E 92 -2.29 3.05 0.02
C PRO E 92 -3.54 2.18 -0.01
N GLY E 93 -4.22 2.16 -1.14
CA GLY E 93 -5.50 1.47 -1.24
C GLY E 93 -6.62 2.49 -1.31
N GLN E 94 -6.30 3.75 -1.01
CA GLN E 94 -7.21 4.85 -1.25
C GLN E 94 -6.78 5.68 -2.46
N CYS E 95 -7.62 6.65 -2.82
CA CYS E 95 -7.52 7.31 -4.13
C CYS E 95 -7.73 8.82 -4.05
N VAL E 96 -7.00 9.56 -4.89
CA VAL E 96 -7.08 11.00 -4.98
C VAL E 96 -7.29 11.35 -6.46
N VAL E 97 -8.15 12.33 -6.72
CA VAL E 97 -8.36 12.80 -8.10
C VAL E 97 -7.89 14.24 -8.26
N SER E 98 -7.20 14.50 -9.36
CA SER E 98 -6.75 15.85 -9.64
C SER E 98 -7.04 16.20 -11.09
N THR E 99 -6.39 17.28 -11.54
CA THR E 99 -6.71 17.97 -12.79
C THR E 99 -5.40 18.18 -13.52
N ASP E 100 -5.27 17.60 -14.72
CA ASP E 100 -3.98 17.46 -15.42
C ASP E 100 -2.96 18.62 -15.36
N ASP E 101 -3.48 19.82 -15.09
CA ASP E 101 -2.75 21.05 -15.20
C ASP E 101 -2.15 21.56 -13.89
N VAL E 102 -2.04 20.65 -12.91
CA VAL E 102 -1.58 21.04 -11.58
C VAL E 102 -0.16 21.59 -11.52
N TYR E 103 0.12 22.36 -10.46
CA TYR E 103 1.45 22.86 -10.21
C TYR E 103 2.45 21.70 -10.24
N ALA E 104 3.66 21.98 -10.73
CA ALA E 104 4.69 20.97 -10.86
C ALA E 104 4.93 20.26 -9.52
N GLY E 105 5.13 21.04 -8.45
CA GLY E 105 5.38 20.50 -7.13
C GLY E 105 4.25 19.63 -6.62
N THR E 106 3.05 19.86 -7.11
CA THR E 106 1.92 19.03 -6.74
C THR E 106 2.03 17.70 -7.45
N ASP E 107 2.36 17.75 -8.74
CA ASP E 107 2.55 16.54 -9.50
C ASP E 107 3.71 15.70 -8.92
N GLY E 108 4.69 16.39 -8.32
CA GLY E 108 5.81 15.76 -7.64
C GLY E 108 5.37 14.99 -6.41
N LEU E 109 4.58 15.65 -5.57
CA LEU E 109 4.01 15.00 -4.41
C LEU E 109 3.08 13.85 -4.78
N PHE E 110 2.28 14.04 -5.83
CA PHE E 110 1.43 12.97 -6.33
C PHE E 110 2.28 11.78 -6.78
N ASP E 111 3.49 12.04 -7.25
CA ASP E 111 4.38 10.93 -7.60
C ASP E 111 4.84 10.16 -6.37
N LEU E 112 5.26 10.88 -5.34
CA LEU E 112 5.77 10.25 -4.13
C LEU E 112 4.70 9.31 -3.55
N ALA E 113 3.49 9.82 -3.42
CA ALA E 113 2.37 8.99 -2.99
C ALA E 113 2.10 7.83 -3.96
N ALA E 114 2.20 8.10 -5.27
CA ALA E 114 1.95 7.07 -6.27
C ALA E 114 2.99 5.93 -6.17
N ARG E 115 4.20 6.26 -5.75
CA ARG E 115 5.22 5.25 -5.55
C ARG E 115 5.01 4.55 -4.21
N GLN E 116 4.14 5.12 -3.38
CA GLN E 116 3.69 4.46 -2.16
C GLN E 116 2.37 3.67 -2.38
N GLY E 117 1.85 3.70 -3.59
CA GLY E 117 0.63 2.98 -3.91
C GLY E 117 -0.65 3.81 -3.82
N VAL E 118 -0.54 5.12 -4.05
CA VAL E 118 -1.71 5.98 -4.18
C VAL E 118 -2.11 6.13 -5.65
N ARG E 119 -3.36 5.79 -5.95
CA ARG E 119 -3.87 6.00 -7.30
C ARG E 119 -4.22 7.47 -7.49
N VAL E 120 -3.74 8.04 -8.59
CA VAL E 120 -3.98 9.44 -8.89
C VAL E 120 -4.48 9.58 -10.32
N ARG E 121 -5.51 10.39 -10.53
CA ARG E 121 -6.04 10.60 -11.87
C ARG E 121 -5.78 12.00 -12.44
N TYR E 122 -5.75 12.07 -13.76
CA TYR E 122 -5.67 13.36 -14.43
C TYR E 122 -6.93 13.55 -15.27
N ALA E 123 -7.86 14.32 -14.70
CA ALA E 123 -9.24 14.41 -15.20
C ALA E 123 -9.71 15.84 -15.43
N ASP E 124 -10.83 15.96 -16.16
CA ASP E 124 -11.36 17.23 -16.63
C ASP E 124 -12.53 17.68 -15.75
N LEU E 125 -12.24 18.53 -14.78
CA LEU E 125 -13.24 18.99 -13.81
C LEU E 125 -13.88 20.32 -14.22
N THR E 126 -13.76 20.66 -15.50
CA THR E 126 -14.42 21.83 -16.03
C THR E 126 -15.77 21.49 -16.67
N THR E 127 -16.08 20.20 -16.77
CA THR E 127 -17.31 19.73 -17.43
C THR E 127 -18.06 18.65 -16.63
N PRO E 128 -19.36 18.45 -16.93
CA PRO E 128 -20.09 17.37 -16.25
C PRO E 128 -19.61 15.98 -16.69
N GLU E 129 -19.12 15.90 -17.91
CA GLU E 129 -18.62 14.65 -18.47
C GLU E 129 -17.39 14.15 -17.73
N GLY E 130 -16.51 15.07 -17.33
CA GLY E 130 -15.29 14.69 -16.63
C GLY E 130 -15.44 14.49 -15.14
N ILE E 131 -16.12 15.41 -14.47
CA ILE E 131 -16.33 15.33 -13.03
C ILE E 131 -16.97 13.99 -12.70
N ALA E 132 -18.00 13.63 -13.45
CA ALA E 132 -18.70 12.36 -13.28
C ALA E 132 -17.74 11.18 -13.38
N ALA E 133 -16.94 11.16 -14.44
CA ALA E 133 -16.12 10.00 -14.75
C ALA E 133 -15.08 9.72 -13.69
N ALA E 134 -14.37 10.76 -13.25
CA ALA E 134 -13.30 10.57 -12.29
C ALA E 134 -13.69 10.97 -10.89
N LEU E 135 -14.96 10.82 -10.56
CA LEU E 135 -15.44 10.97 -9.19
C LEU E 135 -16.30 9.76 -8.91
N ALA E 136 -16.36 8.88 -9.91
CA ALA E 136 -16.93 7.56 -9.74
C ALA E 136 -15.80 6.60 -9.40
N GLU E 137 -14.60 7.16 -9.25
CA GLU E 137 -13.41 6.41 -8.90
C GLU E 137 -13.63 5.63 -7.61
N PRO E 138 -13.27 4.34 -7.59
CA PRO E 138 -13.54 3.62 -6.35
C PRO E 138 -12.57 4.02 -5.23
N ASP E 139 -12.99 3.88 -3.97
CA ASP E 139 -12.15 4.21 -2.82
C ASP E 139 -11.74 5.68 -2.78
N LEU E 140 -12.52 6.51 -3.46
CA LEU E 140 -12.20 7.94 -3.61
C LEU E 140 -12.05 8.63 -2.25
N ALA E 141 -10.85 9.11 -1.95
CA ALA E 141 -10.58 9.66 -0.64
C ALA E 141 -10.36 11.17 -0.62
N LEU E 142 -9.86 11.73 -1.72
CA LEU E 142 -9.49 13.14 -1.75
C LEU E 142 -9.65 13.71 -3.16
N VAL E 143 -10.28 14.86 -3.27
CA VAL E 143 -10.37 15.55 -4.56
C VAL E 143 -9.55 16.82 -4.45
N TRP E 144 -8.56 16.96 -5.34
CA TRP E 144 -7.58 18.04 -5.26
C TRP E 144 -7.82 19.06 -6.37
N ILE E 145 -8.37 20.20 -6.00
CA ILE E 145 -8.71 21.25 -6.96
C ILE E 145 -7.66 22.35 -6.87
N GLU E 146 -7.19 22.81 -8.02
CA GLU E 146 -6.41 24.02 -8.07
C GLU E 146 -7.09 24.99 -9.03
N THR E 147 -7.57 26.11 -8.50
CA THR E 147 -8.34 27.07 -9.30
C THR E 147 -8.13 28.52 -8.85
N PRO E 148 -7.84 29.41 -9.82
CA PRO E 148 -7.55 29.04 -11.21
C PRO E 148 -6.21 28.30 -11.35
N THR E 149 -6.09 27.47 -12.40
CA THR E 149 -4.85 26.78 -12.74
C THR E 149 -3.84 27.77 -13.36
N ASN E 150 -2.68 27.26 -13.77
CA ASN E 150 -1.55 28.10 -14.06
C ASN E 150 -0.48 27.32 -14.80
N PRO E 151 -0.17 27.73 -16.05
CA PRO E 151 -0.37 29.10 -16.51
C PRO E 151 -1.60 29.37 -17.38
N LEU E 152 -2.49 28.42 -17.60
CA LEU E 152 -3.59 28.64 -18.55
C LEU E 152 -4.86 29.22 -17.91
N LEU E 153 -4.93 29.16 -16.58
CA LEU E 153 -6.03 29.75 -15.81
C LEU E 153 -7.40 29.12 -16.04
N THR E 154 -7.44 27.87 -16.51
CA THR E 154 -8.75 27.22 -16.64
C THR E 154 -9.26 26.89 -15.24
N VAL E 155 -10.57 27.02 -15.04
CA VAL E 155 -11.17 27.18 -13.70
C VAL E 155 -12.19 26.08 -13.35
N VAL E 156 -12.28 25.73 -12.07
CA VAL E 156 -13.17 24.67 -11.61
C VAL E 156 -14.19 25.24 -10.62
N ASP E 157 -15.45 24.84 -10.75
CA ASP E 157 -16.51 25.30 -9.86
C ASP E 157 -16.43 24.56 -8.53
N VAL E 158 -15.99 25.27 -7.50
CA VAL E 158 -15.76 24.68 -6.19
C VAL E 158 -17.01 24.03 -5.62
N ALA E 159 -18.11 24.78 -5.60
CA ALA E 159 -19.34 24.29 -4.99
C ALA E 159 -19.82 23.01 -5.64
N GLU E 160 -19.78 22.99 -6.98
CA GLU E 160 -20.31 21.86 -7.74
C GLU E 160 -19.44 20.61 -7.55
N VAL E 161 -18.13 20.76 -7.65
CA VAL E 161 -17.26 19.59 -7.42
C VAL E 161 -17.36 19.12 -5.97
N SER E 162 -17.53 20.06 -5.04
CA SER E 162 -17.67 19.69 -3.63
C SER E 162 -18.97 18.95 -3.38
N ARG E 163 -20.03 19.35 -4.06
CA ARG E 163 -21.26 18.57 -4.08
C ARG E 163 -21.00 17.13 -4.52
N ARG E 164 -20.48 16.98 -5.74
CA ARG E 164 -20.34 15.65 -6.33
C ARG E 164 -19.22 14.83 -5.71
N ALA E 165 -18.38 15.47 -4.89
CA ALA E 165 -17.35 14.74 -4.17
C ALA E 165 -17.82 14.28 -2.80
N HIS E 166 -18.60 15.11 -2.11
CA HIS E 166 -19.06 14.76 -0.77
C HIS E 166 -20.01 13.57 -0.72
N GLU E 167 -20.84 13.42 -1.75
CA GLU E 167 -21.71 12.24 -1.85
C GLU E 167 -20.90 10.93 -1.87
N ARG E 168 -19.60 11.05 -2.13
CA ARG E 168 -18.68 9.91 -2.04
C ARG E 168 -17.97 9.84 -0.70
N GLY E 169 -18.21 10.84 0.14
CA GLY E 169 -17.46 10.97 1.38
C GLY E 169 -15.99 11.29 1.18
N ALA E 170 -15.64 11.82 0.01
CA ALA E 170 -14.27 12.26 -0.25
C ALA E 170 -14.00 13.54 0.51
N ARG E 171 -12.73 13.92 0.60
CA ARG E 171 -12.34 15.22 1.12
C ARG E 171 -12.06 16.10 -0.10
N VAL E 172 -12.34 17.40 0.02
CA VAL E 172 -12.07 18.36 -1.04
C VAL E 172 -11.14 19.47 -0.56
N VAL E 173 -9.96 19.55 -1.18
CA VAL E 173 -9.01 20.61 -0.91
C VAL E 173 -8.91 21.53 -2.13
N VAL E 174 -8.82 22.83 -1.86
CA VAL E 174 -8.58 23.80 -2.92
C VAL E 174 -7.21 24.44 -2.69
N ASP E 175 -6.33 24.31 -3.66
CA ASP E 175 -5.06 25.04 -3.64
C ASP E 175 -5.42 26.46 -4.05
N ASN E 176 -5.59 27.32 -3.05
CA ASN E 176 -6.11 28.66 -3.22
C ASN E 176 -5.00 29.71 -3.27
N THR E 177 -3.79 29.28 -3.62
CA THR E 177 -2.63 30.16 -3.67
C THR E 177 -2.77 31.36 -4.64
N PHE E 178 -3.24 31.06 -5.86
CA PHE E 178 -3.56 32.03 -6.92
C PHE E 178 -4.36 33.23 -6.42
N ALA E 179 -5.57 32.95 -5.93
CA ALA E 179 -6.52 34.03 -5.66
C ALA E 179 -6.33 34.69 -4.31
N SER E 180 -5.84 33.90 -3.35
CA SER E 180 -5.76 34.29 -1.93
C SER E 180 -7.15 34.38 -1.27
N PRO E 181 -7.19 34.42 0.07
CA PRO E 181 -8.52 34.48 0.72
C PRO E 181 -9.26 35.81 0.56
N VAL E 182 -8.66 36.81 -0.06
CA VAL E 182 -9.43 38.01 -0.34
C VAL E 182 -10.35 37.85 -1.55
N LEU E 183 -9.97 36.98 -2.49
CA LEU E 183 -10.71 36.85 -3.74
C LEU E 183 -11.55 35.57 -3.83
N GLN E 184 -11.23 34.59 -3.00
CA GLN E 184 -11.88 33.28 -3.13
C GLN E 184 -11.86 32.58 -1.79
N GLN E 185 -12.99 32.01 -1.40
CA GLN E 185 -13.11 31.39 -0.09
C GLN E 185 -13.57 29.93 -0.21
N PRO E 186 -12.61 29.01 -0.39
CA PRO E 186 -12.92 27.60 -0.64
C PRO E 186 -13.85 26.96 0.40
N LEU E 187 -13.67 27.27 1.68
CA LEU E 187 -14.56 26.70 2.70
C LEU E 187 -16.01 27.18 2.57
N ALA E 188 -16.21 28.45 2.27
CA ALA E 188 -17.57 28.98 2.07
C ALA E 188 -18.20 28.35 0.83
N LEU E 189 -17.35 27.96 -0.11
CA LEU E 189 -17.81 27.39 -1.37
C LEU E 189 -18.07 25.89 -1.26
N GLY E 190 -17.80 25.29 -0.10
CA GLY E 190 -18.12 23.89 0.13
C GLY E 190 -16.95 22.92 0.29
N ALA E 191 -15.74 23.41 0.11
CA ALA E 191 -14.56 22.55 0.28
C ALA E 191 -14.28 22.27 1.75
N ASP E 192 -13.40 21.31 2.01
CA ASP E 192 -13.02 20.94 3.37
C ASP E 192 -11.73 21.60 3.82
N VAL E 193 -10.89 21.99 2.87
CA VAL E 193 -9.55 22.49 3.18
C VAL E 193 -9.14 23.57 2.19
N SER E 194 -8.50 24.63 2.70
CA SER E 194 -7.80 25.59 1.85
C SER E 194 -6.29 25.40 2.03
N LEU E 195 -5.60 25.15 0.93
CA LEU E 195 -4.16 24.99 0.91
C LEU E 195 -3.49 26.25 0.34
N TYR E 196 -2.40 26.68 0.97
CA TYR E 196 -1.65 27.84 0.52
C TYR E 196 -0.15 27.62 0.54
N SER E 197 0.50 28.11 -0.51
CA SER E 197 1.86 28.55 -0.40
C SER E 197 1.80 29.99 0.07
N THR E 198 2.10 30.23 1.34
CA THR E 198 2.16 31.59 1.84
C THR E 198 3.40 32.34 1.34
N THR E 199 4.32 31.60 0.70
CA THR E 199 5.46 32.20 0.02
C THR E 199 5.00 33.26 -0.99
N1 LLP E 200 0.93 25.57 -5.16
C2 LLP E 200 0.92 26.73 -5.82
C2' LLP E 200 -0.35 27.15 -6.63
C3 LLP E 200 2.06 27.56 -5.78
O3 LLP E 200 2.03 28.79 -6.48
C4 LLP E 200 3.18 27.19 -5.07
C4' LLP E 200 4.47 28.17 -5.03
C5 LLP E 200 3.20 26.00 -4.40
C6 LLP E 200 2.06 25.18 -4.44
C5' LLP E 200 4.44 25.52 -3.58
OP4 LLP E 200 4.62 26.31 -2.44
P LLP E 200 6.04 26.53 -1.85
OP1 LLP E 200 5.89 27.61 -0.77
OP2 LLP E 200 6.55 25.26 -1.29
OP3 LLP E 200 7.00 27.00 -2.90
N LLP E 200 3.89 32.99 -1.65
CA LLP E 200 3.34 33.89 -2.68
CB LLP E 200 2.43 33.07 -3.57
CG LLP E 200 3.12 31.73 -3.87
CD LLP E 200 4.36 31.90 -4.78
CE LLP E 200 5.06 30.54 -5.01
NZ LLP E 200 4.04 29.52 -5.28
C LLP E 200 2.67 35.09 -2.04
O LLP E 200 3.18 35.61 -1.07
N SER E 201 1.52 35.53 -2.55
CA SER E 201 0.95 36.81 -2.14
C SER E 201 0.61 36.95 -0.64
N ILE E 202 0.41 35.84 0.06
CA ILE E 202 0.08 35.91 1.47
C ILE E 202 1.17 36.66 2.24
N ALA E 203 2.41 36.19 2.13
CA ALA E 203 3.54 36.91 2.69
C ALA E 203 3.85 38.12 1.80
N GLY E 204 3.81 37.92 0.48
CA GLY E 204 3.67 39.03 -0.46
C GLY E 204 4.90 39.89 -0.73
N HIS E 205 6.02 39.59 -0.06
CA HIS E 205 7.21 40.41 -0.20
C HIS E 205 8.44 39.64 -0.67
N ALA E 206 8.22 38.39 -1.06
CA ALA E 206 9.24 37.55 -1.67
C ALA E 206 10.49 37.43 -0.81
N ASP E 207 10.30 37.35 0.51
CA ASP E 207 11.43 37.20 1.41
C ASP E 207 11.22 36.11 2.48
N VAL E 208 10.31 35.17 2.23
CA VAL E 208 10.08 34.05 3.15
C VAL E 208 9.31 32.90 2.50
N LEU E 209 9.76 31.66 2.71
CA LEU E 209 9.04 30.48 2.25
C LEU E 209 8.14 29.93 3.35
N GLY E 210 6.88 29.69 3.04
CA GLY E 210 5.93 29.20 4.02
C GLY E 210 4.70 28.54 3.39
N GLY E 211 3.95 27.78 4.19
CA GLY E 211 2.73 27.16 3.73
C GLY E 211 1.66 27.17 4.81
N ALA E 212 0.42 26.86 4.40
CA ALA E 212 -0.71 26.85 5.32
C ALA E 212 -1.80 25.90 4.88
N LEU E 213 -2.45 25.28 5.87
CA LEU E 213 -3.71 24.59 5.67
C LEU E 213 -4.75 25.27 6.56
N VAL E 214 -5.94 25.51 5.99
CA VAL E 214 -7.06 26.10 6.71
C VAL E 214 -8.28 25.17 6.51
N TYR E 215 -8.93 24.78 7.60
CA TYR E 215 -9.95 23.71 7.56
C TYR E 215 -10.84 23.77 8.79
N ARG E 216 -11.90 22.96 8.81
CA ARG E 216 -12.89 23.03 9.88
C ARG E 216 -13.04 21.76 10.74
N ASP E 217 -12.37 20.69 10.38
CA ASP E 217 -12.70 19.46 11.01
C ASP E 217 -11.61 19.01 12.08
N ALA E 218 -12.07 18.77 13.31
CA ALA E 218 -11.19 18.53 14.46
C ALA E 218 -10.38 17.23 14.36
N ASP E 219 -10.94 16.23 13.72
CA ASP E 219 -10.20 14.99 13.48
C ASP E 219 -9.10 15.23 12.45
N LEU E 220 -9.43 15.95 11.40
CA LEU E 220 -8.43 16.37 10.42
C LEU E 220 -7.32 17.16 11.13
N HIS E 221 -7.74 18.06 12.01
CA HIS E 221 -6.82 18.90 12.77
C HIS E 221 -5.87 18.04 13.58
N ALA E 222 -6.41 17.02 14.24
CA ALA E 222 -5.58 16.14 15.07
C ALA E 222 -4.51 15.42 14.23
N ALA E 223 -4.88 14.99 13.02
CA ALA E 223 -3.93 14.22 12.22
C ALA E 223 -2.92 15.14 11.56
N VAL E 224 -3.35 16.35 11.24
CA VAL E 224 -2.47 17.32 10.60
C VAL E 224 -1.35 17.74 11.56
N ARG E 225 -1.71 18.01 12.81
CA ARG E 225 -0.70 18.40 13.80
C ARG E 225 0.23 17.23 14.16
N ALA E 226 -0.32 16.02 14.26
CA ALA E 226 0.52 14.85 14.53
C ALA E 226 1.59 14.68 13.46
N TYR E 227 1.20 14.84 12.19
CA TYR E 227 2.16 14.70 11.11
C TYR E 227 3.21 15.82 11.11
N ARG E 228 2.78 17.07 11.33
CA ARG E 228 3.73 18.18 11.32
C ARG E 228 4.81 18.01 12.39
N THR E 229 4.41 17.60 13.58
CA THR E 229 5.37 17.41 14.67
C THR E 229 6.28 16.21 14.37
N THR E 230 5.73 15.17 13.76
CA THR E 230 6.53 13.98 13.42
C THR E 230 7.44 14.19 12.21
N ALA E 231 6.89 14.75 11.13
CA ALA E 231 7.69 15.02 9.94
C ALA E 231 8.69 16.15 10.22
N GLY E 232 8.24 17.13 11.00
CA GLY E 232 9.10 18.21 11.42
C GLY E 232 9.16 19.32 10.40
N ASN E 233 8.11 19.43 9.59
CA ASN E 233 8.06 20.46 8.57
C ASN E 233 7.44 21.77 9.08
N VAL E 234 7.92 22.22 10.25
CA VAL E 234 7.44 23.43 10.92
C VAL E 234 8.22 24.64 10.49
N PRO E 235 7.55 25.81 10.41
CA PRO E 235 8.27 27.05 10.06
C PRO E 235 8.89 27.78 11.27
N GLY E 236 10.04 28.39 11.08
CA GLY E 236 10.68 29.22 12.09
C GLY E 236 9.88 30.42 12.60
N ALA E 237 10.18 30.86 13.82
CA ALA E 237 9.53 32.03 14.40
C ALA E 237 9.70 33.32 13.56
N LEU E 238 10.92 33.56 13.10
CA LEU E 238 11.21 34.76 12.34
C LEU E 238 10.47 34.73 10.99
N ASP E 239 10.42 33.55 10.37
CA ASP E 239 9.67 33.38 9.14
C ASP E 239 8.18 33.66 9.36
N CYS E 240 7.61 33.07 10.41
CA CYS E 240 6.22 33.34 10.77
C CYS E 240 5.96 34.84 10.99
N PHE E 241 6.87 35.49 11.70
CA PHE E 241 6.78 36.93 11.91
C PHE E 241 6.70 37.66 10.56
N LEU E 242 7.60 37.30 9.64
CA LEU E 242 7.59 37.89 8.29
C LEU E 242 6.30 37.59 7.51
N VAL E 243 5.75 36.38 7.63
CA VAL E 243 4.47 36.10 6.99
C VAL E 243 3.37 36.97 7.59
N ARG E 244 3.26 36.95 8.92
CA ARG E 244 2.26 37.74 9.64
C ARG E 244 2.35 39.23 9.29
N ARG E 245 3.56 39.77 9.24
CA ARG E 245 3.74 41.19 8.95
C ARG E 245 3.26 41.51 7.53
N GLY E 246 3.57 40.61 6.58
CA GLY E 246 3.12 40.77 5.22
C GLY E 246 1.61 40.77 5.09
N LEU E 247 0.95 39.91 5.85
CA LEU E 247 -0.50 39.76 5.77
C LEU E 247 -1.30 41.02 6.11
N HIS E 248 -0.74 41.90 6.93
CA HIS E 248 -1.38 43.19 7.22
C HIS E 248 -1.89 43.87 5.96
N THR E 249 -1.08 43.88 4.90
CA THR E 249 -1.42 44.64 3.71
C THR E 249 -2.05 43.79 2.58
N LEU E 250 -2.53 42.60 2.92
CA LEU E 250 -2.96 41.65 1.88
C LEU E 250 -4.07 42.18 0.95
N SER E 251 -5.14 42.69 1.53
CA SER E 251 -6.24 43.14 0.69
C SER E 251 -5.90 44.43 -0.07
N LEU E 252 -5.06 45.29 0.51
CA LEU E 252 -4.58 46.47 -0.22
C LEU E 252 -3.72 46.07 -1.40
N ARG E 253 -2.83 45.11 -1.20
CA ARG E 253 -1.93 44.68 -2.25
C ARG E 253 -2.68 43.97 -3.38
N VAL E 254 -3.48 42.98 -3.04
CA VAL E 254 -4.26 42.24 -4.03
C VAL E 254 -5.18 43.17 -4.80
N HIS E 255 -5.86 44.07 -4.10
CA HIS E 255 -6.82 44.91 -4.80
C HIS E 255 -6.16 45.94 -5.71
N ARG E 256 -4.87 46.16 -5.51
CA ARG E 256 -4.04 46.98 -6.40
C ARG E 256 -3.46 46.13 -7.56
N GLN E 257 -3.01 44.92 -7.25
CA GLN E 257 -2.53 44.01 -8.30
C GLN E 257 -3.63 43.75 -9.33
N VAL E 258 -4.83 43.47 -8.85
CA VAL E 258 -5.98 43.23 -9.71
C VAL E 258 -6.30 44.40 -10.64
N ALA E 259 -6.37 45.60 -10.08
CA ALA E 259 -6.63 46.80 -10.87
C ALA E 259 -5.61 46.93 -11.99
N THR E 260 -4.34 46.74 -11.66
CA THR E 260 -3.26 46.87 -12.64
C THR E 260 -3.31 45.73 -13.68
N ALA E 261 -3.56 44.51 -13.22
CA ALA E 261 -3.68 43.37 -14.13
C ALA E 261 -4.73 43.67 -15.21
N ARG E 262 -5.83 44.30 -14.79
CA ARG E 262 -6.88 44.68 -15.73
C ARG E 262 -6.35 45.70 -16.74
N VAL E 263 -5.56 46.65 -16.27
CA VAL E 263 -4.91 47.63 -17.16
C VAL E 263 -4.03 46.91 -18.20
N LEU E 264 -3.27 45.91 -17.75
CA LEU E 264 -2.34 45.20 -18.62
C LEU E 264 -3.07 44.35 -19.66
N VAL E 265 -4.17 43.73 -19.25
CA VAL E 265 -4.97 42.94 -20.18
C VAL E 265 -5.46 43.77 -21.38
N GLU E 266 -5.90 45.00 -21.12
CA GLU E 266 -6.34 45.88 -22.21
C GLU E 266 -5.23 46.21 -23.19
N ARG E 267 -4.04 46.50 -22.67
CA ARG E 267 -2.88 46.75 -23.53
C ARG E 267 -2.50 45.51 -24.34
N LEU E 268 -2.57 44.33 -23.73
CA LEU E 268 -2.27 43.10 -24.43
C LEU E 268 -3.24 42.90 -25.59
N ARG E 269 -4.51 43.19 -25.34
CA ARG E 269 -5.54 42.98 -26.35
C ARG E 269 -5.40 43.97 -27.50
N ALA E 270 -4.84 45.15 -27.22
CA ALA E 270 -4.62 46.17 -28.24
C ALA E 270 -3.36 45.89 -29.09
N SER E 271 -2.54 44.92 -28.68
CA SER E 271 -1.29 44.67 -29.37
C SER E 271 -1.43 43.69 -30.55
N PRO E 272 -0.98 44.09 -31.74
CA PRO E 272 -1.05 43.19 -32.90
C PRO E 272 -0.11 41.99 -32.76
N VAL E 273 0.85 42.02 -31.85
CA VAL E 273 1.77 40.91 -31.70
C VAL E 273 1.40 40.02 -30.52
N VAL E 274 0.14 40.07 -30.11
CA VAL E 274 -0.36 39.26 -29.02
C VAL E 274 -1.56 38.42 -29.46
N GLY E 275 -1.46 37.10 -29.29
CA GLY E 275 -2.55 36.20 -29.66
C GLY E 275 -3.53 36.01 -28.53
N ALA E 276 -3.74 34.76 -28.14
CA ALA E 276 -4.57 34.44 -26.98
C ALA E 276 -4.12 35.24 -25.76
N VAL E 277 -5.08 35.72 -24.98
CA VAL E 277 -4.79 36.36 -23.70
C VAL E 277 -5.70 35.72 -22.66
N HIS E 278 -5.09 34.97 -21.74
CA HIS E 278 -5.86 34.33 -20.70
C HIS E 278 -6.00 35.26 -19.49
N TYR E 279 -7.25 35.45 -19.06
CA TYR E 279 -7.55 36.19 -17.84
C TYR E 279 -8.98 35.87 -17.43
N PRO E 280 -9.18 35.46 -16.16
CA PRO E 280 -10.48 35.00 -15.68
C PRO E 280 -11.56 36.06 -15.73
N GLY E 281 -11.18 37.33 -15.74
CA GLY E 281 -12.13 38.42 -15.82
C GLY E 281 -12.55 38.84 -17.22
N LEU E 282 -11.99 38.22 -18.26
CA LEU E 282 -12.40 38.55 -19.62
C LEU E 282 -13.82 38.05 -19.87
N PRO E 283 -14.65 38.81 -20.60
CA PRO E 283 -16.08 38.51 -20.75
C PRO E 283 -16.37 37.09 -21.21
N GLU E 284 -15.61 36.60 -22.19
CA GLU E 284 -15.90 35.32 -22.82
C GLU E 284 -14.99 34.23 -22.30
N HIS E 285 -14.58 34.33 -21.04
CA HIS E 285 -13.72 33.28 -20.48
C HIS E 285 -14.49 31.96 -20.51
N PRO E 286 -13.78 30.83 -20.70
CA PRO E 286 -14.47 29.53 -20.74
C PRO E 286 -15.28 29.27 -19.48
N GLN E 287 -14.74 29.62 -18.32
CA GLN E 287 -15.49 29.45 -17.07
C GLN E 287 -15.90 30.79 -16.47
N HIS E 288 -16.21 31.77 -17.31
CA HIS E 288 -16.38 33.13 -16.75
C HIS E 288 -17.59 33.25 -15.82
N ALA E 289 -18.67 32.52 -16.11
CA ALA E 289 -19.81 32.46 -15.19
C ALA E 289 -19.40 31.87 -13.84
N VAL E 290 -18.58 30.82 -13.85
CA VAL E 290 -18.07 30.24 -12.61
C VAL E 290 -17.18 31.25 -11.87
N VAL E 291 -16.28 31.89 -12.60
CA VAL E 291 -15.42 32.92 -12.02
C VAL E 291 -16.26 33.99 -11.34
N LYS E 292 -17.35 34.39 -11.98
CA LYS E 292 -18.19 35.44 -11.42
C LYS E 292 -18.94 34.92 -10.18
N ALA E 293 -19.13 33.61 -10.09
CA ALA E 293 -19.84 33.02 -8.95
C ALA E 293 -18.93 32.78 -7.73
N GLN E 294 -17.63 32.65 -7.95
CA GLN E 294 -16.79 32.22 -6.85
C GLN E 294 -15.55 33.08 -6.57
N MSE E 295 -15.17 33.95 -7.50
CA MSE E 295 -14.07 34.88 -7.22
C MSE E 295 -14.55 36.33 -7.24
O MSE E 295 -15.12 36.79 -8.22
CB MSE E 295 -12.90 34.69 -8.18
CG MSE E 295 -12.27 33.31 -8.14
SE MSE E 295 -10.36 33.44 -8.58
CE MSE E 295 -10.72 33.80 -10.42
N SER E 296 -14.31 37.03 -6.14
CA SER E 296 -14.87 38.36 -5.97
C SER E 296 -14.22 39.38 -6.91
N ALA E 297 -13.01 39.08 -7.36
CA ALA E 297 -12.32 39.83 -8.39
C ALA E 297 -11.41 38.82 -9.10
N PRO E 298 -11.06 39.08 -10.36
CA PRO E 298 -10.55 37.98 -11.20
C PRO E 298 -9.03 37.73 -11.13
N GLY E 299 -8.37 38.30 -10.12
CA GLY E 299 -7.02 37.91 -9.81
C GLY E 299 -5.94 38.71 -10.49
N ALA E 300 -4.70 38.34 -10.19
CA ALA E 300 -3.56 39.17 -10.53
C ALA E 300 -2.55 38.46 -11.43
N ILE E 301 -2.95 37.36 -12.05
CA ILE E 301 -2.07 36.67 -12.99
C ILE E 301 -2.68 36.79 -14.37
N VAL E 302 -1.84 36.99 -15.39
CA VAL E 302 -2.30 37.04 -16.77
C VAL E 302 -1.35 36.14 -17.56
N SER E 303 -1.84 35.55 -18.64
CA SER E 303 -0.94 34.92 -19.61
C SER E 303 -1.41 35.17 -21.04
N PHE E 304 -0.47 35.11 -21.97
CA PHE E 304 -0.74 35.42 -23.37
C PHE E 304 0.30 34.82 -24.30
N ASP E 305 -0.10 34.62 -25.55
CA ASP E 305 0.81 34.12 -26.55
C ASP E 305 1.45 35.28 -27.32
N TYR E 306 2.77 35.30 -27.32
CA TYR E 306 3.55 36.34 -27.98
C TYR E 306 3.92 35.96 -29.43
N LEU E 307 3.40 36.70 -30.40
CA LEU E 307 3.54 36.36 -31.82
C LEU E 307 4.71 37.07 -32.51
N GLY E 308 5.41 37.93 -31.80
CA GLY E 308 6.43 38.77 -32.41
C GLY E 308 7.75 38.07 -32.69
N GLY E 309 7.97 36.96 -31.99
CA GLY E 309 9.21 36.21 -32.16
C GLY E 309 9.38 35.19 -31.05
N PRO E 310 10.61 34.69 -30.89
CA PRO E 310 10.86 33.76 -29.78
C PRO E 310 10.62 34.48 -28.47
N ALA E 311 10.18 33.76 -27.44
CA ALA E 311 9.95 34.36 -26.14
C ALA E 311 11.20 35.09 -25.63
N GLU E 312 12.38 34.60 -26.01
CA GLU E 312 13.64 35.22 -25.62
C GLU E 312 13.71 36.68 -26.08
N ARG E 313 13.14 36.97 -27.23
CA ARG E 313 13.15 38.33 -27.76
C ARG E 313 12.32 39.29 -26.90
N LEU E 314 11.23 38.78 -26.33
CA LEU E 314 10.38 39.60 -25.48
C LEU E 314 10.99 39.76 -24.09
N LEU E 315 11.27 38.65 -23.44
CA LEU E 315 11.69 38.63 -22.04
C LEU E 315 12.91 39.49 -21.71
N ASP E 316 13.92 39.42 -22.57
CA ASP E 316 15.18 40.09 -22.31
C ASP E 316 14.99 41.61 -22.35
N ARG E 317 13.92 42.05 -23.00
CA ARG E 317 13.66 43.49 -23.16
C ARG E 317 13.11 44.19 -21.91
N PHE E 318 12.36 43.47 -21.08
CA PHE E 318 11.75 44.07 -19.89
C PHE E 318 12.78 44.79 -19.00
N THR E 319 12.51 46.04 -18.62
CA THR E 319 13.40 46.74 -17.68
C THR E 319 12.73 47.08 -16.35
N LEU E 320 11.45 46.75 -16.22
CA LEU E 320 10.73 46.94 -14.95
C LEU E 320 10.26 45.60 -14.42
N PHE E 321 9.50 44.86 -15.23
CA PHE E 321 9.21 43.48 -14.90
C PHE E 321 10.53 42.74 -14.71
N THR E 322 10.59 41.89 -13.69
CA THR E 322 11.75 41.02 -13.46
C THR E 322 11.46 39.63 -14.03
N CYS E 323 12.40 39.04 -14.77
CA CYS E 323 12.22 37.69 -15.30
C CYS E 323 12.60 36.65 -14.24
N GLY E 324 11.60 36.14 -13.54
CA GLY E 324 11.84 35.09 -12.57
C GLY E 324 10.57 34.32 -12.26
N VAL E 325 10.72 33.07 -11.80
CA VAL E 325 9.56 32.29 -11.45
C VAL E 325 9.04 32.80 -10.12
N SER E 326 7.93 32.21 -9.66
CA SER E 326 7.17 32.67 -8.48
C SER E 326 6.22 33.80 -8.88
N LEU E 327 5.24 34.07 -8.03
CA LEU E 327 4.24 35.10 -8.31
C LEU E 327 3.78 35.73 -7.02
N GLY E 328 2.87 36.70 -7.12
CA GLY E 328 2.18 37.26 -5.96
C GLY E 328 2.94 38.34 -5.18
N GLY E 329 4.21 38.54 -5.51
CA GLY E 329 5.02 39.50 -4.78
C GLY E 329 4.85 40.95 -5.22
N VAL E 330 5.33 41.90 -4.41
CA VAL E 330 5.27 43.32 -4.76
C VAL E 330 6.09 43.65 -6.02
N HIS E 331 7.03 42.76 -6.37
CA HIS E 331 7.81 42.90 -7.59
C HIS E 331 7.11 42.18 -8.74
N SER E 332 6.68 42.93 -9.76
CA SER E 332 6.09 42.33 -10.97
C SER E 332 7.05 41.35 -11.65
N LEU E 333 6.55 40.17 -11.99
CA LEU E 333 7.39 39.16 -12.62
C LEU E 333 6.83 38.70 -13.95
N VAL E 334 7.72 38.33 -14.87
CA VAL E 334 7.37 37.83 -16.19
C VAL E 334 8.10 36.51 -16.41
N GLU E 335 7.57 35.67 -17.30
CA GLU E 335 7.86 34.25 -17.30
C GLU E 335 7.49 33.60 -18.66
N CYS E 336 8.30 32.67 -19.17
CA CYS E 336 7.87 31.84 -20.33
C CYS E 336 7.74 30.39 -19.93
N PRO E 337 6.49 29.95 -19.67
CA PRO E 337 6.21 28.63 -19.08
C PRO E 337 6.90 27.48 -19.79
N ALA E 338 7.15 27.64 -21.09
CA ALA E 338 7.82 26.60 -21.88
C ALA E 338 9.35 26.70 -21.81
N LEU E 339 9.87 27.84 -21.34
CA LEU E 339 11.31 27.95 -21.05
C LEU E 339 11.55 27.66 -19.56
N MSE E 340 10.50 27.74 -18.74
CA MSE E 340 10.66 27.79 -17.28
C MSE E 340 9.91 26.74 -16.44
O MSE E 340 10.50 25.77 -15.95
CB MSE E 340 10.30 29.19 -16.74
CG MSE E 340 11.45 30.17 -16.67
SE MSE E 340 12.30 30.27 -18.40
CE MSE E 340 13.76 31.54 -18.00
N THR E 341 8.62 26.98 -16.21
CA THR E 341 7.84 26.11 -15.32
C THR E 341 7.74 24.72 -15.93
N HIS E 342 7.41 24.70 -17.22
CA HIS E 342 7.08 23.45 -17.90
C HIS E 342 8.15 22.96 -18.86
N ARG E 343 9.38 23.41 -18.65
CA ARG E 343 10.53 22.95 -19.42
C ARG E 343 11.09 21.56 -19.04
N PRO E 344 11.19 21.23 -17.73
CA PRO E 344 11.83 19.95 -17.42
C PRO E 344 10.86 18.80 -17.62
N LEU E 345 10.60 18.49 -18.89
CA LEU E 345 9.28 18.12 -19.35
C LEU E 345 9.21 18.63 -20.79
N SER E 346 9.30 17.73 -21.77
CA SER E 346 9.66 18.10 -23.16
C SER E 346 8.81 19.12 -23.91
N ALA E 347 9.01 19.14 -25.23
CA ALA E 347 8.22 19.92 -26.18
C ALA E 347 7.10 19.05 -26.76
N GLU E 348 6.92 17.88 -26.18
CA GLU E 348 5.63 17.21 -26.22
C GLU E 348 4.93 17.66 -24.92
N ALA E 349 4.13 16.80 -24.31
CA ALA E 349 3.42 17.16 -23.06
C ALA E 349 2.88 18.59 -23.04
N ARG E 350 3.79 19.58 -22.95
CA ARG E 350 3.45 20.99 -23.18
C ARG E 350 2.53 21.12 -24.39
N ALA E 351 2.89 20.46 -25.49
CA ALA E 351 2.09 20.48 -26.70
C ALA E 351 0.69 20.00 -26.36
N ARG E 352 0.59 18.71 -26.01
CA ARG E 352 -0.58 18.13 -25.38
C ARG E 352 -1.27 19.14 -24.44
N ARG E 353 -0.53 19.59 -23.42
CA ARG E 353 -1.06 20.54 -22.44
C ARG E 353 -1.56 21.85 -23.04
N GLY E 354 -1.15 22.13 -24.28
CA GLY E 354 -1.59 23.33 -24.97
C GLY E 354 -0.70 24.52 -24.67
N ILE E 355 0.42 24.26 -23.99
CA ILE E 355 1.36 25.31 -23.62
C ILE E 355 2.23 25.73 -24.81
N GLY E 356 1.90 26.87 -25.39
CA GLY E 356 2.68 27.41 -26.48
C GLY E 356 4.13 27.63 -26.06
N GLU E 357 5.05 27.46 -27.00
CA GLU E 357 6.46 27.76 -26.77
C GLU E 357 6.60 29.23 -26.43
N SER E 358 5.69 30.02 -26.99
CA SER E 358 5.74 31.47 -26.85
C SER E 358 4.56 31.97 -26.01
N LEU E 359 4.09 31.14 -25.07
CA LEU E 359 3.19 31.62 -24.04
C LEU E 359 4.01 32.34 -22.97
N ILE E 360 3.46 33.41 -22.42
CA ILE E 360 4.12 34.28 -21.47
C ILE E 360 3.19 34.48 -20.27
N ARG E 361 3.72 34.40 -19.05
CA ARG E 361 2.94 34.62 -17.84
C ARG E 361 3.41 35.86 -17.06
N LEU E 362 2.47 36.74 -16.71
CA LEU E 362 2.77 37.90 -15.91
C LEU E 362 2.21 37.74 -14.49
N SER E 363 3.04 38.03 -13.50
CA SER E 363 2.55 38.17 -12.14
C SER E 363 2.59 39.65 -11.78
N VAL E 364 1.42 40.24 -11.56
CA VAL E 364 1.37 41.68 -11.38
C VAL E 364 1.73 42.10 -9.95
N GLY E 365 2.65 43.04 -9.84
CA GLY E 365 3.06 43.59 -8.56
C GLY E 365 2.35 44.90 -8.28
N ILE E 366 2.84 45.65 -7.28
CA ILE E 366 2.15 46.86 -6.87
C ILE E 366 2.77 48.12 -7.42
N GLU E 367 3.61 47.98 -8.44
CA GLU E 367 4.17 49.17 -9.11
C GLU E 367 3.05 49.98 -9.79
N ASP E 368 3.37 51.20 -10.21
CA ASP E 368 2.39 52.04 -10.90
C ASP E 368 1.93 51.39 -12.21
N PRO E 369 0.62 51.36 -12.44
CA PRO E 369 0.05 50.73 -13.63
C PRO E 369 0.61 51.34 -14.92
N GLN E 370 0.83 52.65 -14.93
CA GLN E 370 1.30 53.25 -16.17
C GLN E 370 2.74 52.85 -16.49
N ASP E 371 3.59 52.73 -15.47
CA ASP E 371 4.95 52.22 -15.71
C ASP E 371 4.97 50.77 -16.17
N LEU E 372 4.11 49.93 -15.60
CA LEU E 372 4.07 48.53 -15.98
C LEU E 372 3.56 48.36 -17.41
N ALA E 373 2.53 49.12 -17.77
CA ALA E 373 1.95 49.04 -19.10
C ALA E 373 2.96 49.48 -20.17
N GLU E 374 3.72 50.53 -19.87
CA GLU E 374 4.70 51.04 -20.81
C GLU E 374 5.95 50.15 -20.89
N ASP E 375 6.28 49.44 -19.81
CA ASP E 375 7.36 48.46 -19.84
C ASP E 375 6.94 47.32 -20.75
N LEU E 376 5.68 46.91 -20.60
CA LEU E 376 5.12 45.86 -21.41
C LEU E 376 5.03 46.33 -22.87
N SER E 377 4.74 47.62 -23.07
CA SER E 377 4.66 48.23 -24.41
C SER E 377 5.95 48.19 -25.23
N ARG E 378 7.05 48.67 -24.67
CA ARG E 378 8.34 48.66 -25.38
C ARG E 378 8.69 47.21 -25.72
N ALA E 379 8.45 46.32 -24.76
CA ALA E 379 8.82 44.93 -24.90
C ALA E 379 8.19 44.31 -26.15
N LEU E 380 6.91 44.60 -26.35
CA LEU E 380 6.15 44.08 -27.48
C LEU E 380 6.51 44.73 -28.82
N ALA E 381 7.34 45.78 -28.78
CA ALA E 381 7.77 46.47 -29.99
C ALA E 381 8.79 45.64 -30.75
N GLY F 6 45.18 26.72 6.34
CA GLY F 6 44.84 25.99 7.54
C GLY F 6 43.40 26.29 7.88
N MSE F 7 42.55 25.26 7.76
CA MSE F 7 41.18 25.22 8.27
C MSE F 7 41.06 23.96 9.12
O MSE F 7 40.59 22.92 8.62
CB MSE F 7 40.17 25.04 7.16
CG MSE F 7 39.86 26.21 6.31
SE MSE F 7 38.91 25.46 4.77
CE MSE F 7 40.02 26.52 3.55
N ARG F 8 41.50 24.01 10.38
CA ARG F 8 41.36 22.87 11.27
C ARG F 8 39.96 22.92 11.88
N PHE F 9 39.64 22.04 12.81
CA PHE F 9 38.25 21.97 13.29
C PHE F 9 37.64 23.32 13.74
N GLY F 10 38.27 23.96 14.73
CA GLY F 10 37.82 25.26 15.19
C GLY F 10 37.94 26.40 14.17
N THR F 11 38.78 26.21 13.16
CA THR F 11 38.85 27.13 12.03
C THR F 11 37.70 26.89 11.06
N ARG F 12 37.32 25.62 10.88
CA ARG F 12 36.19 25.29 10.03
C ARG F 12 34.88 25.87 10.59
N LEU F 13 34.78 25.91 11.92
CA LEU F 13 33.59 26.45 12.58
C LEU F 13 33.39 27.92 12.24
N VAL F 14 34.50 28.65 12.12
CA VAL F 14 34.45 30.08 11.87
C VAL F 14 34.44 30.38 10.36
N HIS F 15 35.30 29.69 9.61
CA HIS F 15 35.50 30.03 8.21
C HIS F 15 34.90 29.04 7.20
N GLY F 16 34.49 27.87 7.67
CA GLY F 16 33.90 26.88 6.78
C GLY F 16 32.69 27.45 6.05
N GLY F 17 32.75 27.40 4.72
CA GLY F 17 31.70 27.95 3.87
C GLY F 17 31.46 29.45 4.03
N ARG F 18 32.41 30.18 4.63
CA ARG F 18 32.21 31.62 4.79
C ARG F 18 32.45 32.31 3.44
N ARG F 19 31.40 32.37 2.61
CA ARG F 19 31.58 32.60 1.17
C ARG F 19 31.92 34.05 0.77
N PRO F 20 32.78 34.20 -0.26
CA PRO F 20 33.52 35.43 -0.59
C PRO F 20 32.76 36.75 -0.38
N SER F 21 31.70 36.99 -1.15
CA SER F 21 31.13 38.36 -1.29
C SER F 21 32.11 39.34 -1.92
N ALA F 22 32.29 39.25 -3.23
CA ALA F 22 33.09 40.23 -3.94
C ALA F 22 32.52 41.63 -3.73
N GLY F 23 33.29 42.64 -4.14
CA GLY F 23 32.78 44.00 -4.17
C GLY F 23 32.63 44.68 -2.82
N THR F 24 31.79 44.13 -1.94
CA THR F 24 31.59 44.77 -0.66
C THR F 24 32.49 44.19 0.41
N GLY F 25 32.90 42.94 0.20
CA GLY F 25 33.89 42.31 1.07
C GLY F 25 33.40 42.01 2.48
N ASP F 26 32.07 41.89 2.65
CA ASP F 26 31.50 41.55 3.96
C ASP F 26 32.23 40.35 4.53
N VAL F 27 32.66 40.44 5.80
CA VAL F 27 33.31 39.32 6.44
C VAL F 27 32.27 38.28 6.84
N VAL F 28 31.17 38.74 7.42
CA VAL F 28 30.02 37.87 7.63
C VAL F 28 29.14 37.96 6.39
N PRO F 29 28.89 36.82 5.73
CA PRO F 29 28.06 36.84 4.52
C PRO F 29 26.70 37.46 4.81
N PRO F 30 26.18 38.26 3.88
CA PRO F 30 24.86 38.86 4.04
C PRO F 30 23.75 37.82 3.98
N ILE F 31 22.65 38.09 4.67
CA ILE F 31 21.57 37.11 4.77
C ILE F 31 20.66 37.13 3.56
N HIS F 32 20.63 36.04 2.82
CA HIS F 32 19.88 35.97 1.57
C HIS F 32 18.44 35.58 1.81
N VAL F 33 17.57 36.56 1.98
CA VAL F 33 16.17 36.28 2.26
C VAL F 33 15.33 36.12 0.99
N SER F 34 15.85 36.56 -0.15
CA SER F 34 15.07 36.58 -1.37
C SER F 34 14.58 35.18 -1.77
N THR F 35 13.27 35.05 -1.94
CA THR F 35 12.69 33.78 -2.38
C THR F 35 12.92 33.60 -3.87
N THR F 36 13.01 34.74 -4.57
CA THR F 36 13.08 34.78 -6.03
C THR F 36 14.43 35.30 -6.56
N TYR F 37 14.78 34.86 -7.76
CA TYR F 37 16.04 35.24 -8.39
C TYR F 37 15.79 35.64 -9.83
N GLU F 38 16.35 36.78 -10.22
CA GLU F 38 16.24 37.24 -11.61
C GLU F 38 17.10 36.34 -12.49
N ARG F 39 16.54 35.91 -13.62
CA ARG F 39 17.23 34.95 -14.50
C ARG F 39 18.38 35.58 -15.27
N ARG F 40 18.22 36.82 -15.70
CA ARG F 40 19.23 37.54 -16.48
C ARG F 40 20.30 38.23 -15.61
N ALA F 41 20.15 38.18 -14.30
CA ALA F 41 21.13 38.78 -13.39
C ALA F 41 22.31 37.83 -13.16
N GLN F 42 22.28 36.69 -13.84
CA GLN F 42 23.24 35.63 -13.59
C GLN F 42 23.99 35.24 -14.86
N ASP F 43 25.30 35.12 -14.74
CA ASP F 43 26.11 34.52 -15.80
C ASP F 43 25.85 33.01 -15.77
N GLU F 44 24.69 32.60 -16.32
CA GLU F 44 24.18 31.22 -16.20
C GLU F 44 23.81 30.83 -14.76
N PRO F 45 22.50 30.70 -14.51
CA PRO F 45 21.75 30.63 -13.26
C PRO F 45 21.98 29.42 -12.35
N ARG F 46 22.78 29.55 -11.30
CA ARG F 46 22.78 28.53 -10.26
C ARG F 46 21.63 28.79 -9.23
N TYR F 47 20.75 29.75 -9.53
CA TYR F 47 19.64 30.12 -8.62
C TYR F 47 18.32 30.35 -9.33
N PHE F 48 17.32 29.53 -8.98
CA PHE F 48 16.05 29.46 -9.71
C PHE F 48 14.87 29.83 -8.81
N TYR F 49 14.91 29.36 -7.56
CA TYR F 49 13.82 29.55 -6.62
C TYR F 49 14.25 29.17 -5.21
N GLY F 50 13.72 29.89 -4.22
CA GLY F 50 14.12 29.75 -2.84
C GLY F 50 14.05 28.36 -2.21
N ARG F 51 13.05 27.57 -2.61
CA ARG F 51 12.93 26.22 -2.06
C ARG F 51 14.06 25.31 -2.58
N GLY F 52 14.44 25.50 -3.82
CA GLY F 52 15.55 24.74 -4.40
C GLY F 52 16.92 25.31 -4.05
N GLU F 53 17.09 26.63 -4.19
CA GLU F 53 18.42 27.21 -4.05
C GLU F 53 18.42 28.46 -3.15
N ASN F 54 19.35 28.49 -2.20
CA ASN F 54 19.56 29.69 -1.38
C ASN F 54 21.01 29.73 -0.91
N PRO F 55 21.70 30.85 -1.18
CA PRO F 55 23.13 30.92 -0.84
C PRO F 55 23.42 30.81 0.67
N THR F 56 22.61 31.41 1.52
CA THR F 56 22.89 31.40 2.95
C THR F 56 22.78 29.96 3.46
N ARG F 57 21.79 29.25 2.94
CA ARG F 57 21.63 27.85 3.27
C ARG F 57 22.81 27.02 2.75
N GLU F 58 23.31 27.34 1.56
CA GLU F 58 24.46 26.66 0.98
C GLU F 58 25.69 26.82 1.87
N GLU F 59 25.84 28.01 2.46
CA GLU F 59 27.00 28.29 3.31
C GLU F 59 26.90 27.50 4.61
N LEU F 60 25.71 27.46 5.22
CA LEU F 60 25.53 26.63 6.42
C LEU F 60 25.83 25.16 6.07
N GLU F 61 25.23 24.68 4.99
CA GLU F 61 25.45 23.31 4.56
C GLU F 61 26.94 23.07 4.34
N GLU F 62 27.61 24.03 3.70
CA GLU F 62 29.03 23.88 3.40
C GLU F 62 29.89 23.81 4.67
N CYS F 63 29.54 24.61 5.67
CA CYS F 63 30.24 24.56 6.96
C CYS F 63 30.11 23.18 7.62
N LEU F 64 28.89 22.66 7.68
CA LEU F 64 28.63 21.37 8.32
C LEU F 64 29.42 20.23 7.67
N ALA F 65 29.40 20.20 6.34
CA ALA F 65 30.15 19.21 5.59
C ALA F 65 31.65 19.23 5.94
N GLY F 66 32.22 20.44 5.97
CA GLY F 66 33.63 20.62 6.30
C GLY F 66 34.03 20.13 7.69
N LEU F 67 33.08 20.17 8.63
CA LEU F 67 33.36 19.71 9.99
C LEU F 67 33.68 18.21 10.06
N GLU F 68 33.26 17.45 9.06
CA GLU F 68 33.67 16.04 9.01
C GLU F 68 34.24 15.63 7.65
N ARG F 69 34.92 16.59 7.01
CA ARG F 69 35.64 16.34 5.76
C ARG F 69 34.73 15.69 4.71
N ALA F 70 33.45 16.02 4.73
CA ALA F 70 32.48 15.41 3.84
C ALA F 70 32.27 16.30 2.63
N PRO F 71 31.92 15.72 1.48
CA PRO F 71 31.65 16.59 0.33
C PRO F 71 30.21 17.11 0.29
N PHE F 72 29.33 16.55 1.12
CA PHE F 72 27.92 16.92 1.06
C PHE F 72 27.28 17.15 2.43
N ALA F 73 26.36 18.11 2.48
CA ALA F 73 25.44 18.26 3.59
C ALA F 73 24.13 18.89 3.14
N THR F 74 23.06 18.57 3.86
CA THR F 74 21.78 19.17 3.60
C THR F 74 21.18 19.59 4.94
N VAL F 75 20.59 20.77 4.98
CA VAL F 75 19.88 21.18 6.18
C VAL F 75 18.38 21.19 5.96
N PHE F 76 17.67 21.10 7.08
CA PHE F 76 16.24 20.91 7.10
C PHE F 76 15.60 21.81 8.15
N SER F 77 14.29 21.93 8.05
CA SER F 77 13.47 22.68 8.98
C SER F 77 13.57 22.20 10.44
N SER F 78 14.07 20.97 10.64
CA SER F 78 14.22 20.37 11.98
C SER F 78 14.98 19.04 11.92
N GLY F 79 15.35 18.52 13.09
CA GLY F 79 15.98 17.21 13.17
C GLY F 79 15.06 16.14 12.62
N GLN F 80 13.81 16.15 13.07
CA GLN F 80 12.77 15.22 12.57
C GLN F 80 12.72 15.24 11.05
N ALA F 81 12.90 16.43 10.49
CA ALA F 81 12.86 16.62 9.06
C ALA F 81 14.02 15.88 8.37
N ALA F 82 15.21 16.01 8.94
CA ALA F 82 16.38 15.33 8.38
C ALA F 82 16.18 13.81 8.47
N ALA F 83 15.67 13.35 9.60
CA ALA F 83 15.38 11.93 9.77
C ALA F 83 14.30 11.43 8.81
N ALA F 84 13.20 12.18 8.71
CA ALA F 84 12.09 11.80 7.84
C ALA F 84 12.61 11.58 6.42
N THR F 85 13.50 12.47 6.01
CA THR F 85 14.03 12.45 4.66
C THR F 85 14.84 11.18 4.40
N LEU F 86 15.74 10.85 5.32
CA LEU F 86 16.56 9.66 5.17
C LEU F 86 15.69 8.40 5.15
N LEU F 87 14.68 8.37 6.01
CA LEU F 87 13.76 7.23 6.10
C LEU F 87 12.94 7.01 4.84
N SER F 88 12.60 8.09 4.13
CA SER F 88 11.72 8.01 2.98
C SER F 88 12.34 7.18 1.85
N LEU F 89 13.66 7.04 1.90
CA LEU F 89 14.41 6.31 0.90
C LEU F 89 14.33 4.80 1.09
N VAL F 90 13.90 4.36 2.27
CA VAL F 90 13.64 2.93 2.48
C VAL F 90 12.39 2.52 1.70
N ARG F 91 12.54 1.54 0.82
CA ARG F 91 11.49 1.19 -0.15
C ARG F 91 10.61 0.04 0.34
N PRO F 92 9.47 -0.18 -0.33
CA PRO F 92 8.65 -1.37 -0.05
C PRO F 92 9.41 -2.69 -0.02
N GLY F 93 9.25 -3.40 1.08
CA GLY F 93 9.88 -4.70 1.25
C GLY F 93 11.11 -4.61 2.12
N GLN F 94 11.91 -3.57 1.89
CA GLN F 94 13.18 -3.39 2.60
C GLN F 94 13.02 -3.27 4.11
N CYS F 95 14.10 -3.54 4.83
CA CYS F 95 14.08 -3.62 6.28
C CYS F 95 15.03 -2.63 6.95
N VAL F 96 14.62 -2.10 8.10
CA VAL F 96 15.47 -1.21 8.87
C VAL F 96 15.85 -1.87 10.17
N VAL F 97 17.11 -1.66 10.58
CA VAL F 97 17.60 -2.16 11.85
C VAL F 97 18.01 -0.99 12.76
N SER F 98 17.55 -0.98 14.01
CA SER F 98 17.89 0.16 14.83
C SER F 98 18.00 0.05 16.36
N THR F 99 18.57 1.13 16.92
CA THR F 99 18.61 1.36 18.35
C THR F 99 17.23 1.08 18.94
N ASP F 100 17.14 0.11 19.85
CA ASP F 100 15.82 -0.26 20.42
C ASP F 100 15.09 0.88 21.04
N ASP F 101 15.83 1.92 21.41
CA ASP F 101 15.31 2.96 22.25
C ASP F 101 15.58 4.36 21.71
N VAL F 102 15.31 4.58 20.42
CA VAL F 102 15.54 5.90 19.84
C VAL F 102 14.71 6.97 20.53
N TYR F 103 15.10 8.21 20.29
CA TYR F 103 14.23 9.36 20.48
C TYR F 103 12.82 9.01 19.98
N ALA F 104 11.80 9.35 20.75
CA ALA F 104 10.43 8.94 20.40
C ALA F 104 9.97 9.57 19.08
N GLY F 105 10.57 10.71 18.72
CA GLY F 105 10.30 11.30 17.43
C GLY F 105 10.83 10.39 16.32
N THR F 106 11.99 9.77 16.57
CA THR F 106 12.52 8.81 15.63
C THR F 106 11.60 7.60 15.59
N ASP F 107 11.09 7.21 16.76
CA ASP F 107 10.14 6.12 16.90
C ASP F 107 8.89 6.32 16.04
N GLY F 108 8.38 7.54 16.01
CA GLY F 108 7.20 7.89 15.24
C GLY F 108 7.42 7.77 13.74
N LEU F 109 8.57 8.24 13.29
CA LEU F 109 8.99 8.08 11.90
C LEU F 109 9.17 6.61 11.54
N PHE F 110 9.59 5.79 12.51
CA PHE F 110 9.53 4.33 12.33
C PHE F 110 8.05 3.92 12.33
N ASP F 111 7.29 4.42 13.31
CA ASP F 111 5.89 4.01 13.45
C ASP F 111 5.07 4.47 12.25
N LEU F 112 5.44 5.62 11.71
CA LEU F 112 4.78 6.13 10.51
C LEU F 112 5.12 5.27 9.29
N ALA F 113 6.40 4.95 9.12
CA ALA F 113 6.84 4.08 8.02
C ALA F 113 6.19 2.69 7.98
N ALA F 114 6.22 1.98 9.11
CA ALA F 114 5.73 0.57 9.21
C ALA F 114 4.40 0.30 8.50
N ARG F 115 3.33 0.91 9.00
CA ARG F 115 1.98 0.75 8.46
C ARG F 115 1.94 0.80 6.94
N GLN F 116 2.95 1.45 6.37
CA GLN F 116 3.11 1.57 4.93
C GLN F 116 3.95 0.46 4.32
N GLY F 117 4.33 -0.54 5.13
CA GLY F 117 4.97 -1.73 4.61
C GLY F 117 6.45 -1.92 4.90
N VAL F 118 7.00 -1.12 5.82
CA VAL F 118 8.42 -1.24 6.15
C VAL F 118 8.62 -2.00 7.46
N ARG F 119 9.08 -3.25 7.35
CA ARG F 119 9.37 -4.02 8.55
C ARG F 119 10.51 -3.33 9.31
N VAL F 120 10.21 -2.95 10.55
CA VAL F 120 11.20 -2.37 11.42
C VAL F 120 11.63 -3.44 12.44
N ARG F 121 12.95 -3.58 12.61
CA ARG F 121 13.50 -4.57 13.53
C ARG F 121 14.29 -3.94 14.67
N TYR F 122 13.74 -4.02 15.87
CA TYR F 122 14.43 -3.51 17.06
C TYR F 122 15.31 -4.61 17.65
N ALA F 123 16.63 -4.39 17.63
CA ALA F 123 17.60 -5.38 18.08
C ALA F 123 18.65 -4.78 19.00
N ASP F 124 19.52 -5.63 19.55
CA ASP F 124 20.63 -5.13 20.36
C ASP F 124 21.98 -5.19 19.66
N LEU F 125 22.58 -4.01 19.47
CA LEU F 125 23.80 -3.85 18.69
C LEU F 125 25.07 -3.80 19.55
N THR F 126 24.92 -3.82 20.87
CA THR F 126 26.08 -3.69 21.75
C THR F 126 26.66 -5.06 22.06
N THR F 127 26.54 -5.96 21.09
CA THR F 127 26.85 -7.37 21.25
C THR F 127 27.08 -7.96 19.87
N PRO F 128 28.18 -8.69 19.68
CA PRO F 128 28.44 -9.35 18.39
C PRO F 128 27.34 -10.32 18.01
N GLU F 129 26.82 -11.01 19.03
CA GLU F 129 25.83 -12.07 18.88
C GLU F 129 24.59 -11.63 18.11
N GLY F 130 23.77 -10.80 18.74
CA GLY F 130 22.51 -10.37 18.16
C GLY F 130 22.72 -9.57 16.88
N ILE F 131 23.80 -8.82 16.82
CA ILE F 131 24.15 -8.07 15.62
C ILE F 131 24.22 -8.98 14.41
N ALA F 132 24.85 -10.13 14.58
CA ALA F 132 24.95 -11.13 13.52
C ALA F 132 23.55 -11.56 13.12
N ALA F 133 22.70 -11.74 14.13
CA ALA F 133 21.31 -12.11 13.92
C ALA F 133 20.59 -10.95 13.26
N ALA F 134 20.47 -9.86 14.00
CA ALA F 134 19.77 -8.65 13.53
C ALA F 134 20.15 -8.24 12.11
N LEU F 135 21.36 -8.60 11.70
CA LEU F 135 21.81 -8.26 10.36
C LEU F 135 21.58 -9.36 9.33
N ALA F 136 21.06 -10.50 9.76
CA ALA F 136 20.71 -11.56 8.80
C ALA F 136 19.46 -11.17 8.03
N GLU F 137 18.89 -10.04 8.42
CA GLU F 137 17.66 -9.52 7.84
C GLU F 137 17.60 -9.54 6.33
N PRO F 138 16.60 -10.25 5.80
CA PRO F 138 16.31 -10.21 4.37
C PRO F 138 15.88 -8.78 4.06
N ASP F 139 16.33 -8.24 2.93
CA ASP F 139 16.08 -6.85 2.53
C ASP F 139 16.52 -5.77 3.56
N LEU F 140 17.59 -6.06 4.31
CA LEU F 140 18.14 -5.07 5.24
C LEU F 140 18.73 -3.86 4.48
N ALA F 141 18.06 -2.71 4.55
CA ALA F 141 18.45 -1.57 3.73
C ALA F 141 19.09 -0.42 4.51
N LEU F 142 18.86 -0.37 5.82
CA LEU F 142 19.32 0.75 6.62
C LEU F 142 19.54 0.34 8.07
N VAL F 143 20.70 0.72 8.61
CA VAL F 143 20.99 0.50 10.02
C VAL F 143 21.12 1.85 10.72
N TRP F 144 20.31 2.03 11.76
CA TRP F 144 20.11 3.33 12.39
C TRP F 144 20.70 3.29 13.79
N ILE F 145 21.76 4.08 14.01
CA ILE F 145 22.51 4.04 15.25
C ILE F 145 22.49 5.36 15.98
N GLU F 146 21.73 5.44 17.06
CA GLU F 146 21.76 6.63 17.87
C GLU F 146 22.63 6.36 19.09
N THR F 147 23.85 6.89 19.06
CA THR F 147 24.82 6.67 20.11
C THR F 147 25.56 7.96 20.47
N PRO F 148 25.74 8.24 21.78
CA PRO F 148 25.20 7.51 22.93
C PRO F 148 23.69 7.56 22.95
N THR F 149 23.05 6.59 23.61
CA THR F 149 21.61 6.55 23.70
C THR F 149 21.13 7.44 24.84
N ASN F 150 19.81 7.53 24.95
CA ASN F 150 19.17 8.41 25.91
C ASN F 150 17.94 7.72 26.45
N PRO F 151 17.72 7.77 27.78
CA PRO F 151 18.53 8.53 28.73
C PRO F 151 19.47 7.65 29.57
N LEU F 152 19.93 6.52 29.04
CA LEU F 152 20.79 5.65 29.83
C LEU F 152 22.25 5.74 29.37
N LEU F 153 22.45 6.43 28.25
CA LEU F 153 23.80 6.78 27.79
C LEU F 153 24.69 5.58 27.45
N THR F 154 24.09 4.46 27.05
CA THR F 154 24.87 3.32 26.58
C THR F 154 25.40 3.64 25.18
N VAL F 155 26.50 2.99 24.79
CA VAL F 155 27.28 3.46 23.64
C VAL F 155 27.66 2.38 22.64
N VAL F 156 27.10 2.50 21.42
CA VAL F 156 27.22 1.49 20.38
C VAL F 156 28.45 1.72 19.49
N ASP F 157 29.15 0.63 19.19
CA ASP F 157 30.39 0.66 18.40
C ASP F 157 30.11 0.85 16.92
N VAL F 158 30.21 2.11 16.48
CA VAL F 158 29.90 2.50 15.12
C VAL F 158 30.72 1.78 14.06
N ALA F 159 32.04 1.71 14.27
CA ALA F 159 32.94 1.11 13.28
C ALA F 159 32.61 -0.36 13.05
N GLU F 160 32.28 -1.08 14.12
CA GLU F 160 32.00 -2.50 14.01
C GLU F 160 30.65 -2.80 13.33
N VAL F 161 29.60 -2.17 13.81
CA VAL F 161 28.28 -2.32 13.21
C VAL F 161 28.35 -1.98 11.73
N SER F 162 29.04 -0.87 11.41
CA SER F 162 29.16 -0.43 10.01
C SER F 162 29.84 -1.46 9.14
N ARG F 163 30.93 -2.03 9.61
CA ARG F 163 31.63 -3.09 8.86
C ARG F 163 30.72 -4.31 8.64
N ARG F 164 29.75 -4.51 9.53
CA ARG F 164 28.85 -5.65 9.43
C ARG F 164 27.69 -5.34 8.48
N ALA F 165 27.18 -4.11 8.56
CA ALA F 165 26.06 -3.71 7.69
C ALA F 165 26.47 -3.65 6.22
N HIS F 166 27.68 -3.20 5.96
CA HIS F 166 28.17 -3.04 4.59
C HIS F 166 28.37 -4.39 3.88
N GLU F 167 28.58 -5.44 4.67
CA GLU F 167 28.67 -6.80 4.14
C GLU F 167 27.37 -7.16 3.42
N ARG F 168 26.31 -6.44 3.77
CA ARG F 168 24.99 -6.67 3.21
C ARG F 168 24.63 -5.61 2.21
N GLY F 169 25.53 -4.64 2.06
CA GLY F 169 25.32 -3.53 1.13
C GLY F 169 24.47 -2.46 1.77
N ALA F 170 24.28 -2.60 3.09
CA ALA F 170 23.35 -1.77 3.84
C ALA F 170 23.91 -0.41 4.27
N ARG F 171 23.05 0.60 4.24
CA ARG F 171 23.41 1.95 4.67
C ARG F 171 23.42 2.02 6.19
N VAL F 172 24.35 2.79 6.75
CA VAL F 172 24.40 3.06 8.18
C VAL F 172 24.29 4.56 8.48
N VAL F 173 23.29 4.95 9.26
CA VAL F 173 23.21 6.32 9.75
C VAL F 173 23.52 6.34 11.23
N VAL F 174 24.24 7.36 11.66
CA VAL F 174 24.41 7.64 13.07
C VAL F 174 23.73 8.97 13.41
N ASP F 175 22.81 8.94 14.38
CA ASP F 175 22.27 10.18 14.90
C ASP F 175 23.28 10.71 15.90
N ASN F 176 24.01 11.74 15.49
CA ASN F 176 25.16 12.27 16.23
C ASN F 176 24.80 13.56 16.98
N THR F 177 23.51 13.76 17.23
CA THR F 177 23.03 14.99 17.86
C THR F 177 23.58 15.12 19.28
N PHE F 178 23.54 14.01 20.01
CA PHE F 178 23.96 13.95 21.40
C PHE F 178 25.38 14.48 21.61
N ALA F 179 26.33 14.01 20.81
CA ALA F 179 27.75 14.32 21.02
C ALA F 179 28.32 15.45 20.17
N SER F 180 27.70 15.74 19.02
CA SER F 180 28.20 16.72 18.03
C SER F 180 29.46 16.24 17.30
N PRO F 181 29.73 16.81 16.10
CA PRO F 181 30.98 16.50 15.38
C PRO F 181 32.27 16.92 16.11
N VAL F 182 32.16 17.76 17.14
CA VAL F 182 33.32 18.06 17.99
C VAL F 182 33.83 16.80 18.68
N LEU F 183 32.92 15.93 19.10
CA LEU F 183 33.26 14.79 19.96
C LEU F 183 33.21 13.41 19.26
N GLN F 184 32.46 13.31 18.17
CA GLN F 184 32.29 12.03 17.48
C GLN F 184 32.18 12.28 15.98
N GLN F 185 32.86 11.45 15.19
CA GLN F 185 32.90 11.61 13.74
C GLN F 185 32.44 10.32 13.06
N PRO F 186 31.12 10.13 12.92
CA PRO F 186 30.53 8.89 12.38
C PRO F 186 31.03 8.51 10.98
N LEU F 187 31.15 9.48 10.09
CA LEU F 187 31.65 9.20 8.75
C LEU F 187 33.07 8.63 8.83
N ALA F 188 33.91 9.21 9.68
CA ALA F 188 35.27 8.70 9.88
C ALA F 188 35.27 7.30 10.50
N LEU F 189 34.25 7.01 11.30
CA LEU F 189 34.11 5.71 11.93
C LEU F 189 33.48 4.66 11.02
N GLY F 190 33.33 4.95 9.74
CA GLY F 190 32.79 3.98 8.81
C GLY F 190 31.32 4.17 8.43
N ALA F 191 30.59 4.98 9.19
CA ALA F 191 29.18 5.19 8.92
C ALA F 191 28.96 5.91 7.57
N ASP F 192 27.72 5.86 7.08
CA ASP F 192 27.40 6.48 5.78
C ASP F 192 26.83 7.89 5.89
N VAL F 193 26.07 8.13 6.95
CA VAL F 193 25.39 9.41 7.13
C VAL F 193 25.51 9.87 8.58
N SER F 194 25.77 11.16 8.79
CA SER F 194 25.68 11.76 10.10
C SER F 194 24.42 12.63 10.20
N LEU F 195 23.50 12.21 11.06
CA LEU F 195 22.23 12.91 11.24
C LEU F 195 22.29 13.80 12.49
N TYR F 196 21.80 15.03 12.37
CA TYR F 196 21.72 15.93 13.52
C TYR F 196 20.38 16.63 13.59
N SER F 197 19.89 16.78 14.81
CA SER F 197 19.12 17.95 15.11
C SER F 197 20.18 19.03 15.33
N THR F 198 20.09 20.14 14.59
CA THR F 198 20.99 21.27 14.83
C THR F 198 20.39 22.16 15.92
N THR F 199 19.10 21.99 16.16
CA THR F 199 18.38 22.63 17.26
C THR F 199 19.16 22.62 18.56
N1 LLP F 200 17.33 13.05 17.50
C2 LLP F 200 17.90 13.48 18.63
C2' LLP F 200 19.00 12.63 19.33
C3 LLP F 200 17.49 14.71 19.20
O3 LLP F 200 18.11 15.15 20.38
C4 LLP F 200 16.51 15.47 18.58
C4' LLP F 200 16.05 16.89 19.23
C5 LLP F 200 15.93 15.02 17.43
C6 LLP F 200 16.33 13.80 16.87
C5' LLP F 200 14.80 15.82 16.69
OP4 LLP F 200 15.26 17.07 16.24
P LLP F 200 14.26 18.27 16.21
OP1 LLP F 200 15.08 19.51 15.86
OP2 LLP F 200 13.21 18.01 15.20
OP3 LLP F 200 13.61 18.41 17.55
N LLP F 200 19.95 21.57 18.74
CA LLP F 200 20.57 21.30 20.04
CB LLP F 200 20.64 19.80 20.19
CG LLP F 200 19.29 19.15 19.83
CD LLP F 200 18.27 19.21 20.99
CE LLP F 200 16.85 18.72 20.56
NZ LLP F 200 16.80 17.24 20.41
C LLP F 200 21.89 22.00 20.11
O LLP F 200 21.94 23.22 19.98
N SER F 201 22.98 21.27 20.33
CA SER F 201 24.30 21.89 20.51
C SER F 201 24.79 22.71 19.31
N ILE F 202 24.63 22.21 18.09
CA ILE F 202 25.18 22.88 16.91
C ILE F 202 24.79 24.37 16.86
N ALA F 203 23.50 24.65 16.93
CA ALA F 203 23.01 26.02 16.99
C ALA F 203 23.33 26.61 18.36
N GLY F 204 22.97 25.88 19.41
CA GLY F 204 23.51 26.11 20.73
C GLY F 204 22.86 27.11 21.67
N HIS F 205 21.94 27.93 21.18
CA HIS F 205 21.38 29.00 22.01
C HIS F 205 19.88 28.86 22.24
N ALA F 206 19.34 27.69 21.89
CA ALA F 206 17.93 27.38 22.12
C ALA F 206 17.00 28.42 21.52
N ASP F 207 17.35 28.95 20.34
CA ASP F 207 16.57 30.01 19.73
C ASP F 207 16.23 29.75 18.25
N VAL F 208 16.40 28.50 17.83
CA VAL F 208 16.13 28.12 16.46
C VAL F 208 16.02 26.60 16.29
N LEU F 209 15.13 26.18 15.42
CA LEU F 209 14.98 24.76 15.08
C LEU F 209 15.70 24.43 13.78
N GLY F 210 16.34 23.27 13.72
CA GLY F 210 16.95 22.83 12.48
C GLY F 210 17.44 21.39 12.47
N GLY F 211 17.66 20.85 11.28
CA GLY F 211 18.22 19.51 11.11
C GLY F 211 19.29 19.48 10.02
N ALA F 212 20.08 18.41 10.00
CA ALA F 212 21.16 18.26 9.04
C ALA F 212 21.47 16.80 8.73
N LEU F 213 21.75 16.51 7.48
CA LEU F 213 22.38 15.25 7.11
C LEU F 213 23.73 15.58 6.50
N VAL F 214 24.76 14.83 6.90
CA VAL F 214 26.11 14.97 6.36
C VAL F 214 26.55 13.59 5.88
N TYR F 215 27.07 13.52 4.66
CA TYR F 215 27.28 12.24 3.98
C TYR F 215 28.25 12.41 2.81
N ARG F 216 28.64 11.31 2.18
CA ARG F 216 29.54 11.37 1.03
C ARG F 216 28.90 10.96 -0.29
N ASP F 217 27.91 10.06 -0.25
CA ASP F 217 27.33 9.50 -1.47
C ASP F 217 26.63 10.52 -2.40
N ALA F 218 26.99 10.47 -3.68
CA ALA F 218 26.43 11.39 -4.66
C ALA F 218 25.01 11.00 -5.10
N ASP F 219 24.73 9.70 -5.25
CA ASP F 219 23.35 9.30 -5.54
C ASP F 219 22.45 9.56 -4.33
N LEU F 220 22.98 9.38 -3.11
CA LEU F 220 22.20 9.72 -1.91
C LEU F 220 21.92 11.24 -1.89
N HIS F 221 22.96 12.01 -2.18
CA HIS F 221 22.85 13.47 -2.26
C HIS F 221 21.74 13.88 -3.21
N ALA F 222 21.75 13.28 -4.39
CA ALA F 222 20.75 13.56 -5.41
C ALA F 222 19.34 13.27 -4.90
N ALA F 223 19.17 12.12 -4.25
CA ALA F 223 17.86 11.72 -3.75
C ALA F 223 17.42 12.55 -2.54
N VAL F 224 18.37 12.87 -1.67
CA VAL F 224 18.08 13.70 -0.50
C VAL F 224 17.59 15.10 -0.93
N ARG F 225 18.27 15.69 -1.90
CA ARG F 225 17.92 17.03 -2.36
C ARG F 225 16.60 17.05 -3.14
N ALA F 226 16.32 15.96 -3.87
CA ALA F 226 15.04 15.85 -4.56
C ALA F 226 13.90 15.80 -3.54
N TYR F 227 14.06 14.97 -2.51
CA TYR F 227 13.03 14.85 -1.48
C TYR F 227 12.76 16.17 -0.77
N ARG F 228 13.83 16.91 -0.47
CA ARG F 228 13.66 18.17 0.28
C ARG F 228 12.85 19.21 -0.53
N THR F 229 13.16 19.35 -1.82
CA THR F 229 12.49 20.31 -2.70
C THR F 229 11.03 19.90 -2.98
N THR F 230 10.76 18.61 -2.87
CA THR F 230 9.42 18.13 -3.18
C THR F 230 8.54 18.15 -1.94
N ALA F 231 9.11 17.70 -0.83
CA ALA F 231 8.41 17.70 0.46
C ALA F 231 8.42 19.10 1.09
N GLY F 232 9.40 19.91 0.70
CA GLY F 232 9.45 21.29 1.18
C GLY F 232 9.79 21.44 2.65
N ASN F 233 10.50 20.47 3.21
CA ASN F 233 10.82 20.53 4.62
C ASN F 233 12.12 21.32 4.81
N VAL F 234 12.14 22.53 4.26
CA VAL F 234 13.37 23.30 4.10
C VAL F 234 13.41 24.41 5.13
N PRO F 235 14.62 24.70 5.67
CA PRO F 235 14.72 25.80 6.63
C PRO F 235 14.88 27.13 5.93
N GLY F 236 14.35 28.20 6.53
CA GLY F 236 14.46 29.50 5.92
C GLY F 236 15.82 30.16 6.18
N ALA F 237 16.03 31.29 5.54
CA ALA F 237 17.33 31.97 5.60
C ALA F 237 17.72 32.52 6.98
N LEU F 238 16.80 33.18 7.67
CA LEU F 238 17.08 33.66 9.02
C LEU F 238 17.33 32.53 10.03
N ASP F 239 16.60 31.42 9.91
CA ASP F 239 16.91 30.22 10.67
C ASP F 239 18.36 29.82 10.45
N CYS F 240 18.74 29.68 9.18
CA CYS F 240 20.08 29.22 8.83
C CYS F 240 21.18 30.16 9.31
N PHE F 241 20.93 31.47 9.24
CA PHE F 241 21.86 32.45 9.80
C PHE F 241 22.09 32.23 11.31
N LEU F 242 21.01 32.00 12.06
CA LEU F 242 21.13 31.75 13.50
C LEU F 242 21.88 30.46 13.82
N VAL F 243 21.67 29.41 13.03
CA VAL F 243 22.37 28.15 13.24
C VAL F 243 23.87 28.35 12.98
N ARG F 244 24.17 28.97 11.84
CA ARG F 244 25.55 29.27 11.45
C ARG F 244 26.23 30.18 12.48
N ARG F 245 25.45 31.09 13.07
CA ARG F 245 26.03 32.04 14.01
C ARG F 245 26.42 31.32 15.31
N GLY F 246 25.52 30.48 15.81
CA GLY F 246 25.81 29.73 17.03
C GLY F 246 26.96 28.78 16.76
N LEU F 247 27.04 28.34 15.52
CA LEU F 247 28.03 27.38 15.08
C LEU F 247 29.47 27.80 15.36
N HIS F 248 29.76 29.08 15.23
CA HIS F 248 31.11 29.60 15.50
C HIS F 248 31.68 29.09 16.83
N THR F 249 30.84 29.04 17.86
CA THR F 249 31.34 28.74 19.20
C THR F 249 31.15 27.28 19.64
N LEU F 250 30.62 26.44 18.75
CA LEU F 250 30.42 25.02 19.09
C LEU F 250 31.59 24.34 19.82
N SER F 251 32.82 24.59 19.38
CA SER F 251 33.95 23.93 20.02
C SER F 251 34.17 24.43 21.45
N LEU F 252 34.10 25.73 21.64
CA LEU F 252 34.26 26.36 22.95
C LEU F 252 33.15 25.91 23.90
N ARG F 253 31.92 25.92 23.40
CA ARG F 253 30.77 25.53 24.21
C ARG F 253 30.83 24.06 24.65
N VAL F 254 31.16 23.17 23.73
CA VAL F 254 31.23 21.75 24.03
C VAL F 254 32.31 21.44 25.10
N HIS F 255 33.52 21.97 24.93
CA HIS F 255 34.56 21.79 25.97
C HIS F 255 34.10 22.20 27.37
N ARG F 256 33.46 23.35 27.46
CA ARG F 256 32.99 23.87 28.74
C ARG F 256 31.92 22.95 29.31
N GLN F 257 31.00 22.50 28.45
CA GLN F 257 29.94 21.59 28.85
C GLN F 257 30.51 20.29 29.42
N VAL F 258 31.41 19.66 28.70
CA VAL F 258 32.05 18.41 29.14
C VAL F 258 32.77 18.60 30.48
N ALA F 259 33.58 19.64 30.57
CA ALA F 259 34.31 19.95 31.80
C ALA F 259 33.36 20.05 33.00
N THR F 260 32.22 20.70 32.83
CA THR F 260 31.30 20.89 33.94
C THR F 260 30.56 19.60 34.28
N ALA F 261 30.12 18.87 33.27
CA ALA F 261 29.50 17.56 33.45
C ALA F 261 30.38 16.64 34.32
N ARG F 262 31.67 16.57 34.02
CA ARG F 262 32.59 15.74 34.80
C ARG F 262 32.62 16.19 36.28
N VAL F 263 32.66 17.49 36.51
CA VAL F 263 32.55 18.01 37.87
C VAL F 263 31.19 17.66 38.50
N LEU F 264 30.11 17.74 37.73
CA LEU F 264 28.79 17.37 38.27
C LEU F 264 28.70 15.88 38.66
N VAL F 265 29.35 15.02 37.88
CA VAL F 265 29.37 13.60 38.14
C VAL F 265 30.03 13.26 39.49
N GLU F 266 31.16 13.92 39.79
CA GLU F 266 31.85 13.70 41.05
C GLU F 266 30.98 14.17 42.21
N ARG F 267 30.23 15.23 41.97
CA ARG F 267 29.23 15.71 42.91
C ARG F 267 28.19 14.61 43.21
N LEU F 268 27.52 14.12 42.17
CA LEU F 268 26.50 13.07 42.30
C LEU F 268 27.01 11.82 43.00
N ARG F 269 28.22 11.40 42.66
CA ARG F 269 28.81 10.19 43.20
C ARG F 269 28.90 10.28 44.73
N ALA F 270 29.01 11.51 45.23
CA ALA F 270 29.16 11.73 46.67
C ALA F 270 27.85 11.91 47.41
N SER F 271 26.75 12.16 46.70
CA SER F 271 25.46 12.36 47.35
C SER F 271 24.80 11.06 47.81
N PRO F 272 24.42 10.99 49.09
CA PRO F 272 23.83 9.75 49.62
C PRO F 272 22.40 9.51 49.16
N VAL F 273 21.82 10.43 48.38
CA VAL F 273 20.50 10.20 47.81
C VAL F 273 20.56 9.99 46.30
N VAL F 274 21.72 9.56 45.83
CA VAL F 274 21.91 9.25 44.42
C VAL F 274 22.32 7.77 44.30
N GLY F 275 21.68 7.05 43.37
CA GLY F 275 22.04 5.66 43.13
C GLY F 275 23.03 5.55 41.98
N ALA F 276 22.66 4.77 40.97
CA ALA F 276 23.45 4.68 39.75
C ALA F 276 23.68 6.07 39.16
N VAL F 277 24.86 6.28 38.61
CA VAL F 277 25.12 7.48 37.85
C VAL F 277 25.50 7.05 36.43
N HIS F 278 24.87 7.66 35.45
CA HIS F 278 25.16 7.33 34.07
C HIS F 278 25.93 8.46 33.42
N TYR F 279 27.09 8.13 32.85
CA TYR F 279 27.92 9.10 32.14
C TYR F 279 28.96 8.32 31.38
N PRO F 280 29.06 8.57 30.07
CA PRO F 280 30.02 7.81 29.25
C PRO F 280 31.45 7.87 29.77
N GLY F 281 31.82 8.94 30.47
CA GLY F 281 33.18 9.11 30.94
C GLY F 281 33.56 8.34 32.20
N LEU F 282 32.59 7.78 32.90
CA LEU F 282 32.88 7.01 34.12
C LEU F 282 33.64 5.74 33.77
N PRO F 283 34.63 5.38 34.59
CA PRO F 283 35.38 4.16 34.27
C PRO F 283 34.57 2.88 34.45
N GLU F 284 33.50 2.94 35.24
CA GLU F 284 32.66 1.74 35.42
C GLU F 284 31.71 1.53 34.25
N HIS F 285 31.70 2.46 33.30
CA HIS F 285 30.76 2.39 32.20
C HIS F 285 30.89 1.07 31.45
N PRO F 286 29.76 0.38 31.18
CA PRO F 286 29.85 -0.95 30.55
C PRO F 286 30.30 -0.98 29.07
N GLN F 287 30.04 0.06 28.28
CA GLN F 287 30.62 0.09 26.94
C GLN F 287 31.89 0.94 26.91
N HIS F 288 32.61 0.92 28.02
CA HIS F 288 33.68 1.89 28.29
C HIS F 288 34.80 2.04 27.24
N ALA F 289 35.33 0.94 26.74
CA ALA F 289 36.42 0.98 25.78
C ALA F 289 35.96 1.57 24.45
N VAL F 290 34.68 1.37 24.13
CA VAL F 290 34.13 1.88 22.90
C VAL F 290 34.07 3.41 22.96
N VAL F 291 33.64 3.92 24.11
CA VAL F 291 33.69 5.35 24.38
C VAL F 291 35.06 5.96 24.05
N LYS F 292 36.12 5.36 24.58
CA LYS F 292 37.47 5.84 24.36
C LYS F 292 37.88 5.78 22.89
N ALA F 293 37.42 4.75 22.19
CA ALA F 293 37.80 4.56 20.80
C ALA F 293 37.11 5.54 19.87
N GLN F 294 35.83 5.84 20.13
CA GLN F 294 35.04 6.56 19.13
C GLN F 294 34.65 8.01 19.48
N MSE F 295 34.81 8.41 20.75
CA MSE F 295 34.55 9.78 21.19
C MSE F 295 35.76 10.44 21.90
O MSE F 295 36.27 9.88 22.87
CB MSE F 295 33.32 9.85 22.10
CG MSE F 295 32.02 9.55 21.39
SE MSE F 295 30.48 9.27 22.58
CE MSE F 295 31.02 10.06 24.17
N SER F 296 36.20 11.61 21.44
CA SER F 296 37.39 12.27 22.04
C SER F 296 37.18 12.72 23.49
N ALA F 297 35.92 12.95 23.86
CA ALA F 297 35.51 13.31 25.22
C ALA F 297 34.10 12.76 25.39
N PRO F 298 33.63 12.60 26.64
CA PRO F 298 32.42 11.79 26.80
C PRO F 298 31.09 12.53 27.00
N GLY F 299 30.95 13.74 26.48
CA GLY F 299 29.64 14.36 26.37
C GLY F 299 29.22 15.24 27.52
N ALA F 300 28.10 15.93 27.30
CA ALA F 300 27.58 16.95 28.21
C ALA F 300 26.27 16.51 28.86
N ILE F 301 25.95 15.23 28.72
CA ILE F 301 24.71 14.67 29.23
C ILE F 301 24.99 13.68 30.37
N VAL F 302 24.30 13.84 31.49
CA VAL F 302 24.49 12.97 32.66
C VAL F 302 23.13 12.55 33.20
N SER F 303 22.96 11.27 33.47
CA SER F 303 21.72 10.86 34.11
C SER F 303 22.03 10.08 35.38
N PHE F 304 21.10 10.09 36.31
CA PHE F 304 21.33 9.42 37.59
C PHE F 304 20.05 8.98 38.25
N ASP F 305 20.14 7.97 39.11
CA ASP F 305 19.01 7.53 39.92
C ASP F 305 18.91 8.35 41.20
N TYR F 306 17.83 9.10 41.33
CA TYR F 306 17.58 9.83 42.55
C TYR F 306 16.80 8.95 43.53
N LEU F 307 17.27 8.88 44.78
CA LEU F 307 16.73 7.93 45.76
C LEU F 307 16.07 8.64 46.92
N GLY F 308 15.85 9.95 46.82
CA GLY F 308 15.37 10.71 47.95
C GLY F 308 13.90 11.09 47.91
N GLY F 309 13.11 10.41 47.08
CA GLY F 309 11.69 10.71 46.95
C GLY F 309 11.28 10.99 45.52
N PRO F 310 10.07 11.54 45.31
CA PRO F 310 9.50 11.83 43.99
C PRO F 310 10.36 12.79 43.16
N ALA F 311 10.52 12.47 41.89
CA ALA F 311 11.30 13.30 40.98
C ALA F 311 10.79 14.73 40.96
N GLU F 312 9.46 14.88 40.93
CA GLU F 312 8.85 16.20 40.80
C GLU F 312 9.29 17.15 41.90
N ARG F 313 9.44 16.62 43.12
CA ARG F 313 9.87 17.44 44.25
C ARG F 313 11.28 17.98 44.03
N LEU F 314 12.21 17.06 43.79
CA LEU F 314 13.60 17.44 43.49
C LEU F 314 13.60 18.49 42.39
N LEU F 315 12.85 18.23 41.34
CA LEU F 315 12.74 19.12 40.20
C LEU F 315 12.30 20.52 40.63
N ASP F 316 11.36 20.61 41.57
CA ASP F 316 10.90 21.89 42.10
C ASP F 316 12.07 22.74 42.62
N ARG F 317 13.05 22.09 43.22
CA ARG F 317 14.04 22.80 44.03
C ARG F 317 15.22 23.40 43.26
N PHE F 318 15.28 23.17 41.95
CA PHE F 318 16.35 23.78 41.16
C PHE F 318 16.07 25.27 40.98
N THR F 319 17.13 26.08 41.07
CA THR F 319 17.03 27.52 40.90
C THR F 319 17.92 28.00 39.76
N LEU F 320 18.82 27.16 39.30
CA LEU F 320 19.71 27.53 38.23
C LEU F 320 19.47 26.64 37.01
N PHE F 321 19.45 25.32 37.21
CA PHE F 321 19.05 24.41 36.15
C PHE F 321 17.63 24.75 35.75
N THR F 322 17.38 24.81 34.45
CA THR F 322 16.01 25.00 34.00
C THR F 322 15.39 23.66 33.72
N CYS F 323 14.19 23.49 34.24
CA CYS F 323 13.50 22.24 34.16
C CYS F 323 12.56 22.25 32.95
N GLY F 324 13.01 21.61 31.87
CA GLY F 324 12.34 21.64 30.58
C GLY F 324 13.07 20.68 29.66
N VAL F 325 12.47 20.35 28.51
CA VAL F 325 13.14 19.43 27.58
C VAL F 325 14.16 20.17 26.70
N SER F 326 14.82 19.42 25.82
CA SER F 326 15.93 19.84 24.94
C SER F 326 17.30 19.61 25.60
N LEU F 327 18.36 19.70 24.81
CA LEU F 327 19.73 19.56 25.29
C LEU F 327 20.70 20.35 24.44
N GLY F 328 21.95 20.42 24.88
CA GLY F 328 23.03 20.95 24.07
C GLY F 328 23.24 22.45 24.21
N GLY F 329 22.16 23.17 24.52
CA GLY F 329 22.19 24.62 24.52
C GLY F 329 22.87 25.27 25.70
N VAL F 330 23.07 26.58 25.60
CA VAL F 330 23.85 27.31 26.60
C VAL F 330 23.26 27.30 28.02
N HIS F 331 21.94 27.21 28.13
CA HIS F 331 21.29 27.13 29.44
C HIS F 331 21.22 25.67 29.90
N SER F 332 21.69 25.38 31.12
CA SER F 332 21.59 24.06 31.72
C SER F 332 20.14 23.62 31.94
N LEU F 333 19.84 22.38 31.54
CA LEU F 333 18.48 21.84 31.66
C LEU F 333 18.42 20.56 32.49
N VAL F 334 17.29 20.35 33.18
CA VAL F 334 17.02 19.14 33.95
C VAL F 334 15.59 18.67 33.64
N GLU F 335 15.37 17.35 33.71
CA GLU F 335 14.02 16.80 33.60
C GLU F 335 13.98 15.38 34.14
N CYS F 336 12.76 14.85 34.20
CA CYS F 336 12.54 13.45 34.54
C CYS F 336 11.93 12.79 33.32
N PRO F 337 12.67 11.85 32.73
CA PRO F 337 12.24 10.98 31.63
C PRO F 337 10.81 10.46 31.81
N ALA F 338 10.55 9.79 32.93
CA ALA F 338 9.23 9.18 33.16
C ALA F 338 8.09 10.20 33.18
N LEU F 339 8.41 11.45 33.50
CA LEU F 339 7.37 12.47 33.64
C LEU F 339 7.27 13.53 32.54
N MSE F 340 8.31 13.72 31.72
CA MSE F 340 8.28 14.83 30.76
C MSE F 340 8.63 14.51 29.28
O MSE F 340 8.30 15.32 28.39
CB MSE F 340 9.11 16.04 31.26
CG MSE F 340 8.27 17.33 31.47
SE MSE F 340 8.91 18.98 30.56
CE MSE F 340 10.81 18.69 31.07
N THR F 341 9.30 13.38 29.03
CA THR F 341 9.68 12.96 27.68
C THR F 341 9.27 11.55 27.33
N HIS F 342 9.74 10.58 28.11
CA HIS F 342 9.35 9.20 27.86
C HIS F 342 8.00 8.96 28.54
N ARG F 343 7.36 10.08 28.88
CA ARG F 343 6.02 10.07 29.41
C ARG F 343 4.96 9.43 28.49
N PRO F 344 5.12 9.54 27.15
CA PRO F 344 4.18 8.74 26.36
C PRO F 344 4.45 7.23 26.43
N LEU F 345 5.69 6.82 26.69
CA LEU F 345 6.01 5.40 26.85
C LEU F 345 5.21 4.85 28.04
N SER F 346 4.57 3.69 27.86
CA SER F 346 3.89 3.04 28.97
C SER F 346 4.91 2.69 30.05
N ALA F 347 4.49 2.69 31.31
CA ALA F 347 5.40 2.40 32.43
C ALA F 347 6.10 1.06 32.26
N GLU F 348 5.46 0.14 31.54
CA GLU F 348 6.02 -1.17 31.23
C GLU F 348 7.25 -1.06 30.36
N ALA F 349 7.10 -0.34 29.26
CA ALA F 349 8.20 -0.09 28.34
C ALA F 349 9.36 0.47 29.12
N ARG F 350 9.09 1.49 29.93
CA ARG F 350 10.14 2.12 30.73
C ARG F 350 10.72 1.06 31.67
N ALA F 351 9.85 0.28 32.29
CA ALA F 351 10.26 -0.84 33.12
C ALA F 351 11.08 -1.85 32.32
N ARG F 352 10.58 -2.20 31.14
CA ARG F 352 11.30 -3.14 30.25
C ARG F 352 12.60 -2.52 29.74
N ARG F 353 12.56 -1.23 29.43
CA ARG F 353 13.77 -0.51 28.99
C ARG F 353 14.53 0.12 30.13
N GLY F 354 14.54 -0.54 31.30
CA GLY F 354 15.28 -0.07 32.47
C GLY F 354 15.27 1.43 32.74
N ILE F 355 14.24 2.13 32.27
CA ILE F 355 14.10 3.56 32.56
C ILE F 355 13.28 3.73 33.84
N GLY F 356 13.96 4.05 34.95
CA GLY F 356 13.30 4.14 36.24
C GLY F 356 12.44 5.38 36.41
N GLU F 357 11.51 5.29 37.35
CA GLU F 357 10.61 6.42 37.61
C GLU F 357 11.32 7.66 38.14
N SER F 358 12.39 7.47 38.92
CA SER F 358 13.09 8.61 39.44
C SER F 358 14.49 8.77 38.84
N LEU F 359 14.66 8.31 37.61
CA LEU F 359 15.86 8.65 36.86
C LEU F 359 15.79 10.14 36.49
N ILE F 360 16.89 10.84 36.70
CA ILE F 360 16.99 12.27 36.41
C ILE F 360 18.02 12.49 35.31
N ARG F 361 17.70 13.35 34.34
CA ARG F 361 18.66 13.67 33.30
C ARG F 361 19.10 15.14 33.31
N LEU F 362 20.40 15.35 33.25
CA LEU F 362 20.96 16.70 33.19
C LEU F 362 21.57 16.93 31.82
N SER F 363 21.32 18.09 31.21
CA SER F 363 22.08 18.53 30.05
C SER F 363 22.82 19.79 30.47
N VAL F 364 24.14 19.76 30.42
CA VAL F 364 24.90 20.83 31.03
C VAL F 364 25.10 22.00 30.07
N GLY F 365 24.81 23.21 30.54
CA GLY F 365 25.08 24.43 29.79
C GLY F 365 26.48 24.98 30.04
N ILE F 366 26.65 26.28 29.83
CA ILE F 366 27.97 26.89 29.98
C ILE F 366 28.08 27.84 31.17
N GLU F 367 27.16 27.73 32.12
CA GLU F 367 27.24 28.53 33.35
C GLU F 367 28.46 28.10 34.17
N ASP F 368 28.79 28.87 35.19
CA ASP F 368 29.94 28.57 36.03
C ASP F 368 29.74 27.21 36.69
N PRO F 369 30.77 26.34 36.64
CA PRO F 369 30.64 24.97 37.15
C PRO F 369 30.40 24.85 38.65
N GLN F 370 30.89 25.78 39.47
CA GLN F 370 30.53 25.72 40.89
C GLN F 370 29.06 26.10 41.09
N ASP F 371 28.58 27.15 40.42
CA ASP F 371 27.17 27.54 40.53
C ASP F 371 26.25 26.37 40.21
N LEU F 372 26.49 25.72 39.08
CA LEU F 372 25.69 24.54 38.71
C LEU F 372 25.81 23.45 39.78
N ALA F 373 27.02 23.22 40.28
CA ALA F 373 27.22 22.19 41.32
C ALA F 373 26.44 22.50 42.60
N GLU F 374 26.49 23.75 43.02
CA GLU F 374 25.76 24.19 44.22
C GLU F 374 24.28 23.91 44.09
N ASP F 375 23.70 24.42 43.01
CA ASP F 375 22.28 24.22 42.70
C ASP F 375 21.94 22.73 42.72
N LEU F 376 22.79 21.91 42.09
CA LEU F 376 22.60 20.46 42.11
C LEU F 376 22.59 19.91 43.54
N SER F 377 23.65 20.19 44.28
CA SER F 377 23.81 19.64 45.64
C SER F 377 22.70 20.12 46.57
N ARG F 378 22.26 21.36 46.37
CA ARG F 378 21.20 21.95 47.18
C ARG F 378 19.84 21.32 46.90
N ALA F 379 19.55 21.12 45.61
CA ALA F 379 18.30 20.47 45.20
C ALA F 379 18.25 19.04 45.72
N LEU F 380 19.41 18.38 45.77
CA LEU F 380 19.50 17.01 46.26
C LEU F 380 19.32 16.97 47.78
N ALA F 381 19.97 17.91 48.47
CA ALA F 381 19.94 17.92 49.93
C ALA F 381 18.58 18.34 50.45
N GLY F 382 17.78 18.96 49.60
CA GLY F 382 16.50 19.45 50.06
C GLY F 382 16.67 20.72 50.87
N GLY G 6 23.55 31.57 43.58
CA GLY G 6 24.36 30.87 42.61
C GLY G 6 24.39 31.43 41.20
N MSE G 7 25.25 32.43 41.00
CA MSE G 7 25.59 33.04 39.72
C MSE G 7 27.03 33.59 39.82
O MSE G 7 27.31 34.45 40.66
CB MSE G 7 24.58 34.11 39.28
CG MSE G 7 23.27 34.08 40.09
SE MSE G 7 21.55 33.83 39.19
CE MSE G 7 20.93 35.70 39.38
N ARG G 8 27.95 33.06 39.00
CA ARG G 8 29.34 33.56 38.90
C ARG G 8 29.52 34.01 37.43
N PHE G 9 30.72 34.38 36.98
CA PHE G 9 30.78 35.12 35.69
C PHE G 9 30.18 34.36 34.48
N GLY G 10 30.56 33.10 34.29
CA GLY G 10 29.98 32.29 33.25
C GLY G 10 28.47 32.13 33.41
N THR G 11 28.00 32.27 34.64
CA THR G 11 26.58 32.15 34.93
C THR G 11 25.82 33.46 34.63
N ARG G 12 26.44 34.59 34.96
CA ARG G 12 25.83 35.90 34.67
C ARG G 12 25.68 36.16 33.17
N LEU G 13 26.59 35.62 32.36
CA LEU G 13 26.47 35.77 30.91
C LEU G 13 25.25 35.04 30.37
N VAL G 14 24.85 33.97 31.03
CA VAL G 14 23.76 33.17 30.52
C VAL G 14 22.41 33.65 31.05
N HIS G 15 22.39 34.10 32.31
CA HIS G 15 21.14 34.29 33.01
C HIS G 15 20.81 35.72 33.42
N GLY G 16 21.82 36.60 33.48
CA GLY G 16 21.57 37.99 33.79
C GLY G 16 20.56 38.57 32.81
N GLY G 17 19.56 39.28 33.32
CA GLY G 17 18.53 39.88 32.49
C GLY G 17 17.61 38.90 31.75
N ARG G 18 17.66 37.62 32.08
CA ARG G 18 16.83 36.67 31.35
C ARG G 18 15.46 36.54 32.04
N ARG G 19 14.50 37.39 31.64
CA ARG G 19 13.23 37.52 32.35
C ARG G 19 12.09 36.59 31.83
N PRO G 20 11.46 35.82 32.74
CA PRO G 20 10.60 34.64 32.48
C PRO G 20 9.21 34.92 31.93
N SER G 21 9.05 34.78 30.62
CA SER G 21 7.73 34.83 29.99
C SER G 21 6.67 34.14 30.81
N ALA G 22 5.81 34.93 31.44
CA ALA G 22 4.67 34.39 32.13
C ALA G 22 3.78 33.71 31.11
N GLY G 23 2.93 32.80 31.59
CA GLY G 23 2.14 32.00 30.70
C GLY G 23 3.04 30.98 30.04
N THR G 24 3.84 31.45 29.09
CA THR G 24 4.46 30.59 28.11
C THR G 24 5.79 29.98 28.55
N GLY G 25 6.55 30.69 29.38
CA GLY G 25 7.69 30.09 30.04
C GLY G 25 8.92 29.97 29.15
N ASP G 26 8.95 30.77 28.08
CA ASP G 26 10.10 30.81 27.18
C ASP G 26 11.39 30.95 27.98
N VAL G 27 12.33 30.06 27.72
CA VAL G 27 13.65 30.13 28.35
C VAL G 27 14.41 31.32 27.75
N VAL G 28 14.45 31.39 26.43
CA VAL G 28 14.98 32.56 25.75
C VAL G 28 13.87 33.60 25.62
N PRO G 29 14.06 34.79 26.21
CA PRO G 29 12.94 35.73 26.20
C PRO G 29 12.59 36.14 24.76
N PRO G 30 11.30 36.30 24.48
CA PRO G 30 10.88 36.69 23.13
C PRO G 30 11.37 38.08 22.74
N ILE G 31 11.47 38.33 21.44
CA ILE G 31 12.00 39.57 20.92
C ILE G 31 10.87 40.62 20.79
N HIS G 32 10.91 41.61 21.68
CA HIS G 32 9.94 42.70 21.66
C HIS G 32 10.33 43.70 20.58
N VAL G 33 9.62 43.67 19.47
CA VAL G 33 9.89 44.60 18.37
C VAL G 33 8.92 45.77 18.36
N SER G 34 7.83 45.68 19.11
CA SER G 34 6.80 46.72 19.09
C SER G 34 7.31 48.10 19.53
N THR G 35 7.01 49.13 18.73
CA THR G 35 7.37 50.50 19.08
C THR G 35 6.32 51.11 19.99
N THR G 36 5.14 50.53 20.00
CA THR G 36 4.07 51.17 20.73
C THR G 36 3.33 50.19 21.64
N TYR G 37 2.70 50.72 22.68
CA TYR G 37 2.13 49.88 23.72
C TYR G 37 0.72 50.31 24.08
N GLU G 38 -0.11 49.33 24.43
CA GLU G 38 -1.48 49.59 24.87
C GLU G 38 -1.43 49.96 26.36
N ARG G 39 -2.08 51.03 26.74
CA ARG G 39 -1.94 51.48 28.10
C ARG G 39 -2.98 51.00 29.11
N ARG G 40 -4.07 50.41 28.64
CA ARG G 40 -5.22 50.18 29.52
C ARG G 40 -5.16 48.88 30.33
N ALA G 41 -4.35 47.94 29.86
CA ALA G 41 -4.19 46.65 30.53
C ALA G 41 -2.99 46.65 31.49
N GLN G 42 -2.11 47.64 31.36
CA GLN G 42 -0.92 47.67 32.20
C GLN G 42 -1.31 47.88 33.66
N ASP G 43 -1.31 46.78 34.43
CA ASP G 43 -1.60 46.81 35.86
C ASP G 43 -0.85 47.97 36.51
N GLU G 44 0.33 48.25 35.97
CA GLU G 44 1.00 49.49 36.27
C GLU G 44 1.64 50.05 35.01
N PRO G 45 1.02 51.09 34.42
CA PRO G 45 1.52 51.80 33.23
C PRO G 45 3.01 52.01 33.34
N ARG G 46 3.74 51.77 32.25
CA ARG G 46 5.17 51.65 32.36
C ARG G 46 5.82 51.66 30.96
N TYR G 47 5.24 50.91 30.04
CA TYR G 47 5.74 50.91 28.67
C TYR G 47 4.83 51.83 27.86
N PHE G 48 5.46 52.70 27.07
CA PHE G 48 4.73 53.76 26.42
C PHE G 48 5.14 53.95 24.97
N TYR G 49 6.45 53.95 24.71
CA TYR G 49 6.93 54.14 23.34
C TYR G 49 8.33 53.58 23.17
N GLY G 50 8.56 52.95 22.03
CA GLY G 50 9.79 52.22 21.79
C GLY G 50 11.08 52.97 22.04
N ARG G 51 11.16 54.26 21.67
CA ARG G 51 12.41 55.00 21.83
C ARG G 51 12.82 55.04 23.30
N GLY G 52 11.84 55.21 24.18
CA GLY G 52 12.10 55.33 25.60
C GLY G 52 12.17 54.04 26.40
N GLU G 53 11.37 53.06 26.04
CA GLU G 53 11.27 51.83 26.83
C GLU G 53 11.17 50.58 25.93
N ASN G 54 11.90 49.52 26.28
CA ASN G 54 11.82 48.23 25.60
C ASN G 54 12.32 47.09 26.50
N PRO G 55 11.51 46.04 26.65
CA PRO G 55 11.88 44.92 27.52
C PRO G 55 13.15 44.19 27.07
N THR G 56 13.30 43.91 25.78
CA THR G 56 14.49 43.24 25.27
C THR G 56 15.73 44.12 25.49
N ARG G 57 15.60 45.41 25.28
CA ARG G 57 16.71 46.32 25.51
C ARG G 57 17.05 46.34 27.01
N GLU G 58 16.02 46.45 27.83
CA GLU G 58 16.19 46.45 29.29
C GLU G 58 16.85 45.16 29.80
N GLU G 59 16.55 44.04 29.17
CA GLU G 59 17.13 42.76 29.56
C GLU G 59 18.63 42.71 29.27
N LEU G 60 19.05 43.29 28.14
CA LEU G 60 20.47 43.35 27.84
C LEU G 60 21.19 44.28 28.84
N GLU G 61 20.55 45.39 29.17
CA GLU G 61 21.11 46.32 30.16
C GLU G 61 21.30 45.67 31.55
N GLU G 62 20.29 44.96 32.03
CA GLU G 62 20.41 44.21 33.28
C GLU G 62 21.58 43.21 33.24
N CYS G 63 21.69 42.49 32.12
CA CYS G 63 22.82 41.58 31.94
C CYS G 63 24.15 42.30 32.06
N LEU G 64 24.34 43.37 31.26
CA LEU G 64 25.60 44.12 31.24
C LEU G 64 25.92 44.71 32.61
N ALA G 65 24.90 45.23 33.28
CA ALA G 65 25.07 45.77 34.62
C ALA G 65 25.52 44.66 35.56
N GLY G 66 24.93 43.47 35.42
CA GLY G 66 25.21 42.37 36.31
C GLY G 66 26.65 41.91 36.22
N LEU G 67 27.25 42.12 35.06
CA LEU G 67 28.63 41.69 34.82
C LEU G 67 29.62 42.53 35.63
N GLU G 68 29.18 43.69 36.13
CA GLU G 68 30.06 44.53 36.94
C GLU G 68 29.49 44.79 38.35
N ARG G 69 28.47 44.01 38.73
CA ARG G 69 27.76 44.24 40.00
C ARG G 69 27.31 45.69 40.10
N ALA G 70 26.83 46.25 39.01
CA ALA G 70 26.42 47.65 38.98
C ALA G 70 24.92 47.73 38.93
N PRO G 71 24.36 48.85 39.40
CA PRO G 71 22.91 48.98 39.30
C PRO G 71 22.47 49.26 37.86
N PHE G 72 23.19 50.13 37.17
CA PHE G 72 22.66 50.64 35.92
C PHE G 72 23.55 50.33 34.71
N ALA G 73 22.87 50.09 33.60
CA ALA G 73 23.52 50.11 32.32
C ALA G 73 22.54 50.71 31.33
N THR G 74 23.08 51.44 30.37
CA THR G 74 22.30 51.96 29.27
C THR G 74 23.00 51.56 27.98
N VAL G 75 22.25 50.98 27.03
CA VAL G 75 22.80 50.66 25.72
C VAL G 75 22.36 51.62 24.62
N PHE G 76 23.14 51.65 23.55
CA PHE G 76 23.07 52.68 22.53
C PHE G 76 23.26 52.07 21.14
N SER G 77 23.00 52.86 20.11
CA SER G 77 23.14 52.42 18.74
C SER G 77 24.58 52.01 18.39
N SER G 78 25.55 52.53 19.15
CA SER G 78 26.96 52.23 18.92
C SER G 78 27.82 52.66 20.10
N GLY G 79 29.10 52.28 20.05
CA GLY G 79 30.08 52.72 21.03
C GLY G 79 30.21 54.24 21.02
N GLN G 80 30.34 54.82 19.84
CA GLN G 80 30.42 56.28 19.73
C GLN G 80 29.21 56.95 20.42
N ALA G 81 28.04 56.36 20.23
CA ALA G 81 26.82 56.91 20.79
C ALA G 81 26.88 56.92 22.32
N ALA G 82 27.40 55.83 22.88
CA ALA G 82 27.63 55.76 24.32
C ALA G 82 28.62 56.85 24.73
N ALA G 83 29.72 56.96 23.98
CA ALA G 83 30.72 58.00 24.25
C ALA G 83 30.15 59.40 24.05
N ALA G 84 29.35 59.57 23.00
CA ALA G 84 28.70 60.84 22.74
C ALA G 84 27.82 61.28 23.91
N THR G 85 27.13 60.31 24.50
CA THR G 85 26.19 60.60 25.58
C THR G 85 26.91 61.02 26.85
N LEU G 86 27.90 60.23 27.25
CA LEU G 86 28.68 60.54 28.43
C LEU G 86 29.29 61.95 28.33
N LEU G 87 29.88 62.26 27.18
CA LEU G 87 30.52 63.55 26.98
C LEU G 87 29.55 64.72 27.01
N SER G 88 28.31 64.46 26.57
CA SER G 88 27.28 65.49 26.48
C SER G 88 27.02 66.15 27.83
N LEU G 89 27.44 65.49 28.89
CA LEU G 89 27.22 66.03 30.23
C LEU G 89 28.30 67.03 30.62
N VAL G 90 29.39 67.06 29.87
CA VAL G 90 30.44 68.02 30.17
C VAL G 90 29.96 69.36 29.66
N ARG G 91 29.76 70.28 30.60
CA ARG G 91 29.06 71.53 30.33
C ARG G 91 30.05 72.57 29.82
N PRO G 92 29.56 73.57 29.08
CA PRO G 92 30.43 74.64 28.60
C PRO G 92 31.20 75.27 29.77
N GLY G 93 32.48 75.57 29.58
CA GLY G 93 33.27 76.18 30.65
C GLY G 93 34.02 75.16 31.48
N GLN G 94 33.87 73.88 31.13
CA GLN G 94 34.54 72.80 31.85
C GLN G 94 35.54 72.06 30.97
N CYS G 95 36.48 71.34 31.59
CA CYS G 95 37.52 70.66 30.84
C CYS G 95 37.46 69.15 30.95
N VAL G 96 37.94 68.48 29.91
CA VAL G 96 38.12 67.05 29.92
C VAL G 96 39.62 66.81 29.83
N VAL G 97 40.13 65.87 30.61
CA VAL G 97 41.51 65.43 30.45
C VAL G 97 41.52 64.00 29.97
N SER G 98 42.29 63.72 28.93
CA SER G 98 42.47 62.35 28.49
C SER G 98 43.93 62.12 28.09
N THR G 99 44.19 61.01 27.42
CA THR G 99 45.53 60.65 26.97
C THR G 99 45.60 60.91 25.47
N ASP G 100 46.79 61.25 24.96
CA ASP G 100 46.96 61.68 23.56
C ASP G 100 47.00 60.58 22.49
N ASP G 101 46.71 59.34 22.89
CA ASP G 101 46.88 58.17 22.04
C ASP G 101 45.56 57.43 21.94
N VAL G 102 44.50 58.16 22.24
CA VAL G 102 43.18 57.59 22.42
C VAL G 102 42.57 57.23 21.07
N TYR G 103 41.52 56.40 21.06
CA TYR G 103 40.79 56.09 19.84
C TYR G 103 40.46 57.39 19.12
N ALA G 104 40.56 57.40 17.80
CA ALA G 104 40.30 58.61 17.02
C ALA G 104 38.82 59.00 17.04
N GLY G 105 37.94 58.00 17.13
CA GLY G 105 36.51 58.25 17.22
C GLY G 105 36.21 59.04 18.47
N THR G 106 36.91 58.67 19.55
CA THR G 106 36.92 59.43 20.79
C THR G 106 37.45 60.86 20.55
N ASP G 107 38.54 60.99 19.80
CA ASP G 107 39.10 62.29 19.42
C ASP G 107 38.10 63.23 18.77
N GLY G 108 37.16 62.67 18.00
CA GLY G 108 36.20 63.46 17.24
C GLY G 108 35.11 64.08 18.11
N LEU G 109 34.54 63.26 18.98
CA LEU G 109 33.64 63.75 20.00
C LEU G 109 34.35 64.84 20.84
N PHE G 110 35.64 64.64 21.12
CA PHE G 110 36.41 65.69 21.80
C PHE G 110 36.51 66.95 20.91
N ASP G 111 36.74 66.73 19.61
CA ASP G 111 36.76 67.84 18.66
C ASP G 111 35.38 68.49 18.64
N LEU G 112 34.36 67.65 18.66
CA LEU G 112 32.98 68.12 18.65
C LEU G 112 32.67 68.90 19.93
N ALA G 113 33.05 68.33 21.07
CA ALA G 113 32.83 68.99 22.34
C ALA G 113 33.48 70.37 22.40
N ALA G 114 34.66 70.50 21.80
CA ALA G 114 35.39 71.78 21.83
C ALA G 114 34.60 72.89 21.14
N ARG G 115 33.68 72.50 20.27
CA ARG G 115 32.83 73.46 19.57
C ARG G 115 31.62 73.84 20.44
N GLN G 116 31.43 73.13 21.54
CA GLN G 116 30.29 73.36 22.41
C GLN G 116 30.60 74.10 23.74
N GLY G 117 31.78 74.71 23.82
CA GLY G 117 32.21 75.40 25.04
C GLY G 117 33.12 74.58 25.95
N VAL G 118 33.46 73.36 25.50
CA VAL G 118 34.24 72.42 26.31
C VAL G 118 35.74 72.39 25.97
N ARG G 119 36.59 72.38 26.99
CA ARG G 119 38.04 72.21 26.78
C ARG G 119 38.50 70.75 26.79
N VAL G 120 39.60 70.49 26.09
CA VAL G 120 40.11 69.12 25.97
C VAL G 120 41.63 69.12 26.07
N ARG G 121 42.17 68.57 27.15
CA ARG G 121 43.61 68.44 27.29
C ARG G 121 44.04 66.98 27.29
N TYR G 122 45.12 66.66 26.58
CA TYR G 122 45.63 65.30 26.52
C TYR G 122 46.81 65.18 27.47
N ALA G 123 46.96 64.04 28.15
CA ALA G 123 47.98 63.96 29.18
C ALA G 123 48.83 62.70 29.16
N ASP G 124 49.80 62.65 30.07
CA ASP G 124 50.76 61.54 30.13
C ASP G 124 50.31 60.44 31.11
N LEU G 125 49.01 60.16 31.15
CA LEU G 125 48.41 59.34 32.21
C LEU G 125 48.92 57.90 32.31
N THR G 126 50.22 57.74 32.53
CA THR G 126 50.78 56.44 32.84
C THR G 126 51.97 56.66 33.78
N THR G 127 52.52 57.87 33.71
CA THR G 127 53.51 58.31 34.67
C THR G 127 52.78 59.03 35.78
N PRO G 128 53.41 59.14 36.97
CA PRO G 128 52.86 60.01 38.02
C PRO G 128 52.93 61.47 37.61
N GLU G 129 53.96 61.82 36.85
CA GLU G 129 54.28 63.23 36.60
C GLU G 129 53.27 63.93 35.69
N GLY G 130 52.71 63.19 34.74
CA GLY G 130 51.70 63.74 33.85
C GLY G 130 50.34 63.82 34.51
N ILE G 131 50.08 62.88 35.41
CA ILE G 131 48.83 62.83 36.18
C ILE G 131 48.75 64.13 36.97
N ALA G 132 49.90 64.55 37.50
CA ALA G 132 50.02 65.81 38.22
C ALA G 132 49.75 66.97 37.27
N ALA G 133 50.47 67.00 36.15
CA ALA G 133 50.24 68.00 35.12
C ALA G 133 48.78 68.02 34.63
N ALA G 134 48.13 66.86 34.63
CA ALA G 134 46.78 66.72 34.07
C ALA G 134 45.65 67.08 35.01
N LEU G 135 45.69 66.55 36.23
CA LEU G 135 44.55 66.64 37.12
C LEU G 135 44.50 67.99 37.82
N ALA G 136 45.41 68.88 37.42
CA ALA G 136 45.45 70.24 37.94
C ALA G 136 44.55 71.13 37.11
N GLU G 137 43.78 70.50 36.23
CA GLU G 137 42.90 71.24 35.35
C GLU G 137 41.81 71.95 36.13
N PRO G 138 41.72 73.28 35.99
CA PRO G 138 40.63 73.97 36.67
C PRO G 138 39.34 73.66 35.93
N ASP G 139 38.24 73.60 36.66
CA ASP G 139 36.97 73.16 36.10
C ASP G 139 37.07 71.78 35.47
N LEU G 140 37.94 70.91 35.99
CA LEU G 140 38.04 69.56 35.46
C LEU G 140 36.76 68.79 35.75
N ALA G 141 36.09 68.33 34.69
CA ALA G 141 34.82 67.64 34.85
C ALA G 141 34.93 66.14 34.58
N LEU G 142 35.82 65.77 33.66
CA LEU G 142 35.86 64.40 33.18
C LEU G 142 37.28 63.94 32.93
N VAL G 143 37.62 62.76 33.43
CA VAL G 143 38.88 62.12 33.12
C VAL G 143 38.62 60.86 32.31
N TRP G 144 39.14 60.84 31.08
CA TRP G 144 38.78 59.79 30.10
C TRP G 144 39.93 58.83 29.88
N ILE G 145 39.74 57.59 30.31
CA ILE G 145 40.83 56.62 30.27
C ILE G 145 40.61 55.49 29.27
N GLU G 146 41.53 55.36 28.33
CA GLU G 146 41.55 54.20 27.45
C GLU G 146 42.75 53.31 27.74
N THR G 147 42.51 52.19 28.43
CA THR G 147 43.56 51.24 28.75
C THR G 147 43.08 49.79 28.59
N PRO G 148 43.90 48.91 27.99
CA PRO G 148 45.23 49.16 27.40
C PRO G 148 45.13 50.10 26.22
N THR G 149 46.19 50.84 25.90
CA THR G 149 46.19 51.65 24.68
C THR G 149 46.14 50.72 23.46
N ASN G 150 46.15 51.31 22.28
CA ASN G 150 45.98 50.57 21.04
C ASN G 150 46.39 51.49 19.90
N PRO G 151 47.41 51.10 19.13
CA PRO G 151 48.05 49.78 19.04
C PRO G 151 49.32 49.58 19.87
N LEU G 152 49.72 50.56 20.70
CA LEU G 152 50.97 50.40 21.44
C LEU G 152 50.77 49.54 22.70
N LEU G 153 49.54 49.46 23.17
CA LEU G 153 49.13 48.56 24.25
C LEU G 153 49.79 48.83 25.61
N THR G 154 50.04 50.09 25.94
CA THR G 154 50.48 50.40 27.29
C THR G 154 49.25 50.61 28.17
N VAL G 155 49.47 50.75 29.46
CA VAL G 155 48.34 50.65 30.38
C VAL G 155 48.27 51.82 31.32
N VAL G 156 47.05 52.23 31.66
CA VAL G 156 46.79 53.26 32.66
C VAL G 156 46.31 52.64 33.97
N ASP G 157 46.89 53.06 35.09
CA ASP G 157 46.44 52.59 36.40
C ASP G 157 45.09 53.21 36.78
N VAL G 158 44.02 52.46 36.60
CA VAL G 158 42.68 52.98 36.83
C VAL G 158 42.46 53.42 38.28
N ALA G 159 42.94 52.61 39.22
CA ALA G 159 42.78 52.94 40.63
C ALA G 159 43.45 54.27 41.01
N GLU G 160 44.72 54.44 40.61
CA GLU G 160 45.46 55.67 40.95
C GLU G 160 44.84 56.91 40.32
N VAL G 161 44.58 56.86 39.02
CA VAL G 161 43.97 57.99 38.35
C VAL G 161 42.62 58.32 38.99
N SER G 162 41.82 57.29 39.27
CA SER G 162 40.55 57.51 39.95
C SER G 162 40.78 58.04 41.37
N ARG G 163 41.71 57.42 42.10
CA ARG G 163 42.02 57.80 43.48
C ARG G 163 42.36 59.29 43.60
N ARG G 164 42.93 59.85 42.53
CA ARG G 164 43.34 61.25 42.51
C ARG G 164 42.30 62.18 41.88
N ALA G 165 41.78 61.79 40.72
CA ALA G 165 40.80 62.60 39.98
C ALA G 165 39.59 62.94 40.83
N HIS G 166 39.28 62.06 41.78
CA HIS G 166 38.14 62.26 42.65
C HIS G 166 38.40 63.36 43.69
N GLU G 167 39.67 63.63 43.94
CA GLU G 167 40.05 64.76 44.78
C GLU G 167 39.83 66.09 44.05
N ARG G 168 39.68 66.04 42.74
CA ARG G 168 39.50 67.25 41.93
C ARG G 168 38.12 67.30 41.28
N GLY G 169 37.16 66.58 41.88
CA GLY G 169 35.77 66.63 41.45
C GLY G 169 35.49 66.10 40.06
N ALA G 170 36.20 65.05 39.65
CA ALA G 170 36.08 64.58 38.28
C ALA G 170 35.44 63.19 38.15
N ARG G 171 34.49 63.09 37.23
CA ARG G 171 33.97 61.78 36.83
C ARG G 171 35.10 61.04 36.12
N VAL G 172 35.20 59.74 36.36
CA VAL G 172 36.19 58.93 35.65
C VAL G 172 35.55 57.83 34.84
N VAL G 173 35.81 57.83 33.53
CA VAL G 173 35.34 56.78 32.66
C VAL G 173 36.51 55.98 32.11
N VAL G 174 36.32 54.67 32.01
CA VAL G 174 37.28 53.82 31.34
C VAL G 174 36.60 53.19 30.14
N ASP G 175 37.16 53.44 28.96
CA ASP G 175 36.70 52.77 27.75
C ASP G 175 37.27 51.35 27.83
N ASN G 176 36.40 50.40 28.14
CA ASN G 176 36.81 49.05 28.48
C ASN G 176 36.59 48.03 27.35
N THR G 177 36.47 48.54 26.13
CA THR G 177 36.24 47.72 24.94
C THR G 177 37.31 46.64 24.73
N PHE G 178 38.57 47.08 24.69
CA PHE G 178 39.76 46.24 24.49
C PHE G 178 39.75 45.09 25.50
N ALA G 179 39.59 45.40 26.77
CA ALA G 179 39.65 44.36 27.80
C ALA G 179 38.42 43.44 27.77
N SER G 180 37.23 44.06 27.76
CA SER G 180 35.93 43.42 28.00
C SER G 180 35.74 43.27 29.53
N PRO G 181 34.48 43.05 29.97
CA PRO G 181 34.27 42.88 31.42
C PRO G 181 34.86 41.56 31.95
N VAL G 182 35.24 40.66 31.06
CA VAL G 182 35.91 39.42 31.48
C VAL G 182 37.25 39.69 32.15
N LEU G 183 37.97 40.68 31.65
CA LEU G 183 39.37 40.86 32.00
C LEU G 183 39.62 42.04 32.93
N GLN G 184 38.74 43.04 32.90
CA GLN G 184 38.96 44.27 33.63
C GLN G 184 37.63 44.80 34.15
N GLN G 185 37.63 45.20 35.42
CA GLN G 185 36.43 45.70 36.08
C GLN G 185 36.63 47.15 36.54
N PRO G 186 36.38 48.13 35.65
CA PRO G 186 36.65 49.54 35.98
C PRO G 186 35.93 50.08 37.22
N LEU G 187 34.70 49.67 37.47
CA LEU G 187 33.99 50.15 38.65
C LEU G 187 34.63 49.63 39.94
N ALA G 188 35.08 48.37 39.94
CA ALA G 188 35.76 47.82 41.11
C ALA G 188 37.10 48.50 41.33
N LEU G 189 37.63 49.09 40.26
CA LEU G 189 38.91 49.78 40.30
C LEU G 189 38.72 51.27 40.61
N GLY G 190 37.54 51.62 41.10
CA GLY G 190 37.27 52.99 41.53
C GLY G 190 36.68 53.95 40.49
N ALA G 191 36.61 53.53 39.23
CA ALA G 191 36.06 54.39 38.18
C ALA G 191 34.57 54.69 38.37
N ASP G 192 34.05 55.65 37.62
CA ASP G 192 32.64 55.98 37.70
C ASP G 192 31.79 55.29 36.64
N VAL G 193 32.35 55.10 35.46
CA VAL G 193 31.61 54.51 34.34
C VAL G 193 32.50 53.60 33.52
N SER G 194 31.95 52.46 33.09
CA SER G 194 32.57 51.65 32.06
C SER G 194 31.87 51.90 30.72
N LEU G 195 32.68 52.15 29.69
CA LEU G 195 32.20 52.47 28.36
C LEU G 195 32.58 51.34 27.41
N TYR G 196 31.61 50.82 26.67
CA TYR G 196 31.85 49.72 25.73
C TYR G 196 31.30 50.00 24.34
N SER G 197 32.10 49.69 23.34
CA SER G 197 31.57 49.39 22.03
C SER G 197 31.25 47.90 22.01
N THR G 198 29.97 47.55 22.15
CA THR G 198 29.59 46.14 22.21
C THR G 198 29.73 45.50 20.83
N THR G 199 29.92 46.35 19.82
CA THR G 199 30.28 45.93 18.47
C THR G 199 31.53 45.05 18.43
N1 LLP G 200 36.19 52.68 21.64
C2 LLP G 200 36.94 51.62 21.33
C2' LLP G 200 38.10 51.22 22.29
C3 LLP G 200 36.67 50.88 20.14
O3 LLP G 200 37.47 49.76 19.85
C4 LLP G 200 35.63 51.26 19.30
C4' LLP G 200 35.31 50.43 17.93
C5 LLP G 200 34.88 52.36 19.61
C6 LLP G 200 35.15 53.07 20.79
C5' LLP G 200 33.70 52.87 18.72
OP4 LLP G 200 32.53 52.10 18.90
P LLP G 200 31.50 51.99 17.74
OP1 LLP G 200 30.57 50.84 18.13
OP2 LLP G 200 30.76 53.27 17.63
OP3 LLP G 200 32.17 51.70 16.45
N LLP G 200 32.39 45.22 19.44
CA LLP G 200 33.75 44.64 19.42
CB LLP G 200 34.73 45.55 20.14
CG LLP G 200 35.11 46.83 19.34
CD LLP G 200 35.00 46.77 17.81
CE LLP G 200 35.10 48.18 17.15
NZ LLP G 200 35.96 49.16 17.87
C LLP G 200 33.77 43.23 19.94
O LLP G 200 33.65 42.33 19.12
N SER G 201 33.93 43.00 21.24
CA SER G 201 34.03 41.64 21.76
C SER G 201 32.75 41.10 22.44
N ILE G 202 31.96 41.98 23.06
CA ILE G 202 30.77 41.53 23.78
C ILE G 202 29.75 40.82 22.85
N ALA G 203 29.38 41.44 21.75
CA ALA G 203 28.52 40.78 20.77
C ALA G 203 29.33 39.66 20.09
N GLY G 204 30.55 40.00 19.69
CA GLY G 204 31.59 39.03 19.38
C GLY G 204 31.57 38.40 17.99
N HIS G 205 30.53 38.64 17.20
CA HIS G 205 30.38 37.93 15.93
C HIS G 205 30.37 38.86 14.72
N ALA G 206 30.77 40.10 14.95
CA ALA G 206 30.93 41.09 13.90
C ALA G 206 29.69 41.23 13.03
N ASP G 207 28.51 41.05 13.63
CA ASP G 207 27.26 41.17 12.85
C ASP G 207 26.26 42.18 13.44
N VAL G 208 26.74 43.04 14.35
CA VAL G 208 25.86 44.00 14.99
C VAL G 208 26.66 45.16 15.57
N LEU G 209 26.12 46.36 15.44
CA LEU G 209 26.71 47.55 16.01
C LEU G 209 26.06 47.83 17.35
N GLY G 210 26.86 48.24 18.33
CA GLY G 210 26.29 48.61 19.62
C GLY G 210 27.21 49.31 20.60
N GLY G 211 26.61 49.92 21.62
CA GLY G 211 27.36 50.57 22.67
C GLY G 211 26.72 50.35 24.02
N ALA G 212 27.46 50.65 25.08
CA ALA G 212 26.99 50.50 26.43
C ALA G 212 27.73 51.44 27.39
N LEU G 213 26.98 51.96 28.34
CA LEU G 213 27.54 52.62 29.51
C LEU G 213 27.08 51.81 30.71
N VAL G 214 28.00 51.52 31.63
CA VAL G 214 27.68 50.87 32.87
C VAL G 214 28.26 51.70 34.01
N TYR G 215 27.45 51.96 35.04
CA TYR G 215 27.78 52.97 36.04
C TYR G 215 26.93 52.76 37.30
N ARG G 216 27.19 53.52 38.37
CA ARG G 216 26.48 53.31 39.64
C ARG G 216 25.65 54.49 40.14
N ASP G 217 25.90 55.71 39.64
CA ASP G 217 25.26 56.87 40.25
C ASP G 217 23.86 57.17 39.72
N ALA G 218 22.91 57.29 40.65
CA ALA G 218 21.50 57.54 40.32
C ALA G 218 21.25 58.83 39.53
N ASP G 219 21.92 59.91 39.89
CA ASP G 219 21.77 61.17 39.15
C ASP G 219 22.31 61.06 37.73
N LEU G 220 23.44 60.39 37.58
CA LEU G 220 24.03 60.14 36.26
C LEU G 220 23.10 59.29 35.40
N HIS G 221 22.47 58.30 36.02
CA HIS G 221 21.50 57.47 35.35
C HIS G 221 20.40 58.30 34.71
N ALA G 222 19.81 59.19 35.50
CA ALA G 222 18.75 60.07 35.02
C ALA G 222 19.23 60.88 33.81
N ALA G 223 20.44 61.41 33.90
CA ALA G 223 20.95 62.30 32.86
C ALA G 223 21.23 61.55 31.56
N VAL G 224 21.73 60.33 31.68
CA VAL G 224 22.04 59.50 30.53
C VAL G 224 20.76 59.06 29.82
N ARG G 225 19.78 58.61 30.59
CA ARG G 225 18.50 58.19 30.00
C ARG G 225 17.78 59.35 29.31
N ALA G 226 17.79 60.53 29.95
CA ALA G 226 17.19 61.70 29.33
C ALA G 226 17.82 62.00 27.96
N TYR G 227 19.15 62.04 27.91
CA TYR G 227 19.85 62.30 26.66
C TYR G 227 19.55 61.24 25.57
N ARG G 228 19.56 59.97 25.94
CA ARG G 228 19.28 58.93 24.95
C ARG G 228 17.88 59.12 24.39
N THR G 229 16.96 59.47 25.27
CA THR G 229 15.57 59.66 24.89
C THR G 229 15.40 60.83 23.91
N THR G 230 16.10 61.93 24.19
CA THR G 230 15.99 63.14 23.37
C THR G 230 16.81 63.05 22.09
N ALA G 231 18.07 62.60 22.22
CA ALA G 231 18.94 62.39 21.07
C ALA G 231 18.54 61.17 20.21
N GLY G 232 17.82 60.22 20.79
CA GLY G 232 17.31 59.07 20.05
C GLY G 232 18.39 58.18 19.46
N ASN G 233 19.55 58.16 20.12
CA ASN G 233 20.66 57.32 19.71
C ASN G 233 20.53 55.93 20.33
N VAL G 234 19.35 55.34 20.19
CA VAL G 234 19.00 54.09 20.85
C VAL G 234 19.03 52.94 19.86
N PRO G 235 19.42 51.74 20.32
CA PRO G 235 19.56 50.58 19.43
C PRO G 235 18.23 49.91 19.07
N GLY G 236 18.21 49.22 17.93
CA GLY G 236 17.09 48.37 17.58
C GLY G 236 17.02 47.13 18.47
N ALA G 237 15.80 46.61 18.64
CA ALA G 237 15.55 45.42 19.43
C ALA G 237 16.20 44.16 18.86
N LEU G 238 16.12 43.99 17.54
CA LEU G 238 16.79 42.86 16.90
C LEU G 238 18.29 42.97 17.17
N ASP G 239 18.82 44.18 17.11
CA ASP G 239 20.24 44.39 17.39
C ASP G 239 20.62 44.13 18.85
N CYS G 240 19.73 44.44 19.78
CA CYS G 240 19.95 44.07 21.16
C CYS G 240 20.02 42.55 21.27
N PHE G 241 19.00 41.87 20.73
CA PHE G 241 18.95 40.42 20.74
C PHE G 241 20.26 39.75 20.29
N LEU G 242 20.84 40.24 19.19
CA LEU G 242 22.12 39.69 18.72
C LEU G 242 23.27 40.01 19.68
N VAL G 243 23.21 41.16 20.36
CA VAL G 243 24.19 41.47 21.39
C VAL G 243 24.03 40.49 22.56
N ARG G 244 22.79 40.36 23.04
CA ARG G 244 22.47 39.45 24.15
C ARG G 244 22.87 38.01 23.83
N ARG G 245 22.59 37.58 22.61
CA ARG G 245 22.92 36.20 22.23
C ARG G 245 24.44 36.01 22.13
N GLY G 246 25.15 37.02 21.63
CA GLY G 246 26.61 36.97 21.61
C GLY G 246 27.21 36.90 23.02
N LEU G 247 26.60 37.63 23.95
CA LEU G 247 27.07 37.70 25.33
C LEU G 247 27.22 36.35 26.02
N HIS G 248 26.37 35.38 25.67
CA HIS G 248 26.45 34.04 26.25
C HIS G 248 27.87 33.50 26.31
N THR G 249 28.57 33.62 25.20
CA THR G 249 29.88 32.98 25.08
C THR G 249 31.06 33.92 25.25
N LEU G 250 30.82 35.13 25.76
CA LEU G 250 31.90 36.12 25.87
C LEU G 250 33.12 35.61 26.64
N SER G 251 32.87 34.90 27.73
CA SER G 251 33.99 34.43 28.54
C SER G 251 34.74 33.29 27.83
N LEU G 252 34.00 32.35 27.25
CA LEU G 252 34.62 31.27 26.48
C LEU G 252 35.48 31.82 25.34
N ARG G 253 34.95 32.83 24.66
CA ARG G 253 35.63 33.46 23.54
C ARG G 253 36.92 34.20 23.94
N VAL G 254 36.80 35.16 24.86
CA VAL G 254 37.96 35.90 25.36
C VAL G 254 38.98 34.96 26.04
N HIS G 255 38.49 33.97 26.77
CA HIS G 255 39.39 33.07 27.43
C HIS G 255 40.15 32.22 26.42
N ARG G 256 39.47 31.87 25.33
CA ARG G 256 40.15 31.30 24.18
C ARG G 256 41.01 32.34 23.45
N GLN G 257 40.52 33.57 23.33
CA GLN G 257 41.26 34.60 22.62
C GLN G 257 42.63 34.90 23.27
N VAL G 258 42.66 34.92 24.59
CA VAL G 258 43.91 35.16 25.30
C VAL G 258 44.94 34.06 25.02
N ALA G 259 44.50 32.80 25.08
CA ALA G 259 45.40 31.66 24.94
C ALA G 259 46.10 31.67 23.57
N THR G 260 45.36 31.98 22.52
CA THR G 260 45.98 31.99 21.20
C THR G 260 46.99 33.15 21.06
N ALA G 261 46.62 34.31 21.59
CA ALA G 261 47.48 35.48 21.56
C ALA G 261 48.87 35.19 22.15
N ARG G 262 48.93 34.46 23.26
CA ARG G 262 50.21 34.12 23.88
C ARG G 262 51.09 33.33 22.92
N VAL G 263 50.50 32.34 22.27
CA VAL G 263 51.24 31.50 21.35
C VAL G 263 51.66 32.34 20.14
N LEU G 264 50.86 33.33 19.77
CA LEU G 264 51.24 34.21 18.68
C LEU G 264 52.43 35.11 19.09
N VAL G 265 52.37 35.67 20.30
CA VAL G 265 53.46 36.47 20.84
C VAL G 265 54.78 35.69 20.85
N GLU G 266 54.71 34.40 21.20
CA GLU G 266 55.90 33.56 21.18
C GLU G 266 56.44 33.33 19.78
N ARG G 267 55.54 33.17 18.81
CA ARG G 267 55.95 32.95 17.44
C ARG G 267 56.62 34.24 16.94
N LEU G 268 56.05 35.38 17.32
CA LEU G 268 56.57 36.69 16.91
C LEU G 268 57.95 37.02 17.51
N ARG G 269 58.21 36.56 18.73
CA ARG G 269 59.49 36.82 19.40
C ARG G 269 60.64 35.94 18.88
N ALA G 270 60.31 34.85 18.19
CA ALA G 270 61.33 33.97 17.62
C ALA G 270 61.69 34.28 16.15
N SER G 271 60.89 35.09 15.49
CA SER G 271 61.12 35.38 14.07
C SER G 271 62.12 36.52 13.86
N PRO G 272 63.02 36.32 12.90
CA PRO G 272 64.04 37.33 12.56
C PRO G 272 63.47 38.61 11.94
N VAL G 273 62.31 38.56 11.30
CA VAL G 273 61.79 39.77 10.66
C VAL G 273 60.78 40.53 11.51
N VAL G 274 60.83 40.30 12.82
CA VAL G 274 59.96 41.03 13.75
C VAL G 274 60.81 41.82 14.76
N GLY G 275 60.43 43.07 15.00
CA GLY G 275 61.14 43.91 15.94
C GLY G 275 60.61 43.74 17.35
N ALA G 276 60.19 44.85 17.96
CA ALA G 276 59.64 44.83 19.30
C ALA G 276 58.21 44.30 19.27
N VAL G 277 57.97 43.18 19.94
CA VAL G 277 56.62 42.65 20.07
C VAL G 277 55.96 43.31 21.28
N HIS G 278 54.69 43.65 21.14
CA HIS G 278 53.98 44.38 22.18
C HIS G 278 52.70 43.70 22.64
N TYR G 279 52.62 43.41 23.95
CA TYR G 279 51.52 42.65 24.53
C TYR G 279 51.51 42.90 26.04
N PRO G 280 50.34 43.16 26.62
CA PRO G 280 50.26 43.41 28.07
C PRO G 280 50.74 42.22 28.90
N GLY G 281 50.76 41.03 28.34
CA GLY G 281 51.16 39.85 29.08
C GLY G 281 52.66 39.65 29.28
N LEU G 282 53.49 40.39 28.53
CA LEU G 282 54.93 40.24 28.65
C LEU G 282 55.44 40.81 29.96
N PRO G 283 56.22 40.03 30.70
CA PRO G 283 56.77 40.37 32.02
C PRO G 283 57.63 41.64 32.06
N GLU G 284 58.18 42.09 30.93
CA GLU G 284 58.98 43.32 30.96
C GLU G 284 58.26 44.46 30.23
N HIS G 285 56.94 44.34 30.10
CA HIS G 285 56.06 45.41 29.65
C HIS G 285 56.36 46.69 30.44
N PRO G 286 56.20 47.86 29.79
CA PRO G 286 56.45 49.15 30.44
C PRO G 286 55.61 49.40 31.69
N GLN G 287 54.52 48.66 31.87
CA GLN G 287 53.73 48.77 33.10
C GLN G 287 53.28 47.41 33.59
N HIS G 288 54.23 46.48 33.73
CA HIS G 288 53.88 45.10 34.09
C HIS G 288 53.03 44.98 35.36
N ALA G 289 53.40 45.73 36.40
CA ALA G 289 52.72 45.66 37.68
C ALA G 289 51.24 46.07 37.60
N VAL G 290 50.96 47.21 36.97
CA VAL G 290 49.59 47.69 36.84
C VAL G 290 48.78 46.65 36.10
N VAL G 291 49.42 46.14 35.06
CA VAL G 291 48.94 44.98 34.36
C VAL G 291 48.56 43.84 35.34
N LYS G 292 49.51 43.25 36.06
CA LYS G 292 49.16 42.19 37.00
C LYS G 292 48.01 42.58 37.95
N ALA G 293 48.08 43.79 38.49
CA ALA G 293 47.04 44.27 39.40
C ALA G 293 45.64 44.32 38.81
N GLN G 294 45.48 44.99 37.68
CA GLN G 294 44.15 45.43 37.30
C GLN G 294 43.49 44.64 36.17
N MSE G 295 44.21 43.65 35.63
CA MSE G 295 43.63 42.82 34.60
C MSE G 295 43.89 41.35 34.87
O MSE G 295 45.04 40.93 34.96
CB MSE G 295 44.21 43.20 33.24
CG MSE G 295 45.48 44.01 33.37
SE MSE G 295 47.02 43.09 32.58
CE MSE G 295 45.98 42.34 31.15
N SER G 296 42.83 40.55 34.96
CA SER G 296 43.03 39.14 35.27
C SER G 296 43.55 38.35 34.05
N ALA G 297 43.43 38.90 32.85
CA ALA G 297 44.13 38.31 31.70
C ALA G 297 44.52 39.38 30.67
N PRO G 298 45.64 39.15 29.95
CA PRO G 298 46.29 40.05 29.00
C PRO G 298 45.47 40.66 27.84
N GLY G 299 44.45 39.99 27.36
CA GLY G 299 43.73 40.52 26.22
C GLY G 299 44.12 39.79 24.96
N ALA G 300 43.54 40.21 23.84
CA ALA G 300 43.55 39.42 22.62
C ALA G 300 44.14 40.20 21.47
N ILE G 301 44.81 41.30 21.80
CA ILE G 301 45.40 42.17 20.80
C ILE G 301 46.92 42.11 20.93
N VAL G 302 47.59 41.92 19.81
CA VAL G 302 49.04 41.88 19.79
C VAL G 302 49.48 42.82 18.70
N SER G 303 50.52 43.60 18.95
CA SER G 303 51.11 44.41 17.89
C SER G 303 52.61 44.16 17.81
N PHE G 304 53.18 44.46 16.65
CA PHE G 304 54.61 44.23 16.44
C PHE G 304 55.12 45.02 15.25
N ASP G 305 56.41 45.35 15.31
CA ASP G 305 57.06 46.06 14.23
C ASP G 305 57.60 45.06 13.24
N TYR G 306 57.11 45.14 12.01
CA TYR G 306 57.53 44.25 10.94
C TYR G 306 58.79 44.77 10.30
N LEU G 307 59.76 43.88 10.07
CA LEU G 307 61.06 44.29 9.55
C LEU G 307 61.35 43.72 8.17
N GLY G 308 60.46 42.87 7.67
CA GLY G 308 60.73 42.11 6.46
C GLY G 308 60.46 42.81 5.14
N GLY G 309 60.14 44.10 5.20
CA GLY G 309 59.82 44.86 4.00
C GLY G 309 58.57 45.68 4.20
N PRO G 310 58.02 46.24 3.12
CA PRO G 310 56.79 47.04 3.21
C PRO G 310 55.63 46.31 3.90
N ALA G 311 54.93 47.01 4.78
CA ALA G 311 53.76 46.45 5.44
C ALA G 311 52.69 46.12 4.41
N GLU G 312 52.64 46.91 3.34
CA GLU G 312 51.62 46.72 2.32
C GLU G 312 51.70 45.29 1.74
N ARG G 313 52.91 44.78 1.54
CA ARG G 313 53.09 43.44 1.02
C ARG G 313 52.71 42.33 2.02
N LEU G 314 53.15 42.48 3.26
CA LEU G 314 52.85 41.50 4.31
C LEU G 314 51.36 41.25 4.42
N LEU G 315 50.58 42.33 4.44
CA LEU G 315 49.14 42.22 4.57
C LEU G 315 48.53 41.40 3.46
N ASP G 316 49.13 41.48 2.28
CA ASP G 316 48.62 40.75 1.12
C ASP G 316 48.93 39.26 1.12
N ARG G 317 49.49 38.75 2.20
CA ARG G 317 49.93 37.35 2.27
C ARG G 317 49.09 36.44 3.18
N PHE G 318 48.41 37.03 4.16
CA PHE G 318 47.62 36.25 5.11
C PHE G 318 46.46 35.54 4.42
N THR G 319 46.28 34.26 4.73
CA THR G 319 45.18 33.53 4.14
C THR G 319 44.18 33.02 5.18
N LEU G 320 44.34 33.43 6.44
CA LEU G 320 43.38 33.07 7.46
C LEU G 320 42.97 34.29 8.26
N PHE G 321 43.96 35.05 8.72
CA PHE G 321 43.71 36.40 9.22
C PHE G 321 43.03 37.23 8.15
N THR G 322 42.05 38.03 8.57
CA THR G 322 41.32 38.90 7.67
C THR G 322 41.88 40.33 7.74
N CYS G 323 42.14 40.96 6.60
CA CYS G 323 42.64 42.34 6.61
C CYS G 323 41.49 43.32 6.65
N GLY G 324 41.16 43.77 7.86
CA GLY G 324 40.06 44.69 8.05
C GLY G 324 40.18 45.40 9.39
N VAL G 325 39.56 46.56 9.52
CA VAL G 325 39.62 47.29 10.76
C VAL G 325 38.62 46.64 11.70
N SER G 326 38.72 46.93 13.00
CA SER G 326 37.90 46.37 14.11
C SER G 326 38.65 45.28 14.89
N LEU G 327 37.99 44.70 15.89
CA LEU G 327 38.66 43.76 16.79
C LEU G 327 37.68 42.91 17.61
N GLY G 328 38.23 41.98 18.39
CA GLY G 328 37.43 41.19 19.32
C GLY G 328 36.76 39.98 18.69
N GLY G 329 36.43 40.08 17.41
CA GLY G 329 35.54 39.13 16.75
C GLY G 329 35.98 37.67 16.70
N VAL G 330 35.06 36.80 16.32
CA VAL G 330 35.41 35.38 16.15
C VAL G 330 36.40 35.19 15.00
N HIS G 331 36.34 36.06 13.99
CA HIS G 331 37.32 36.08 12.90
C HIS G 331 38.50 36.98 13.24
N SER G 332 39.69 36.39 13.35
CA SER G 332 40.93 37.15 13.56
C SER G 332 41.12 38.22 12.49
N LEU G 333 41.70 39.36 12.85
CA LEU G 333 41.95 40.43 11.89
C LEU G 333 43.39 40.91 11.98
N VAL G 334 43.89 41.50 10.90
CA VAL G 334 45.20 42.14 10.89
C VAL G 334 45.06 43.54 10.26
N GLU G 335 45.82 44.50 10.76
CA GLU G 335 45.87 45.84 10.16
C GLU G 335 47.25 46.46 10.32
N CYS G 336 47.45 47.60 9.69
CA CYS G 336 48.68 48.38 9.81
C CYS G 336 48.26 49.84 9.93
N PRO G 337 48.22 50.33 11.18
CA PRO G 337 47.64 51.61 11.64
C PRO G 337 47.84 52.73 10.64
N ALA G 338 49.10 52.92 10.27
CA ALA G 338 49.53 54.01 9.39
C ALA G 338 48.90 54.00 8.00
N LEU G 339 48.34 52.86 7.61
CA LEU G 339 47.68 52.80 6.31
C LEU G 339 46.16 52.79 6.45
N MSE G 340 45.66 52.63 7.67
CA MSE G 340 44.47 51.80 7.88
C MSE G 340 43.55 52.32 9.02
O MSE G 340 42.34 52.44 8.84
CB MSE G 340 45.02 50.38 8.14
CG MSE G 340 44.16 49.17 7.70
SE MSE G 340 45.03 47.71 6.72
CE MSE G 340 46.87 48.04 7.13
N THR G 341 44.13 52.61 10.19
CA THR G 341 43.45 53.37 11.25
C THR G 341 44.00 54.80 11.45
N HIS G 342 45.31 54.98 11.31
CA HIS G 342 45.94 56.28 11.60
C HIS G 342 46.66 56.90 10.39
N ARG G 343 46.35 56.39 9.19
CA ARG G 343 46.73 57.08 7.96
C ARG G 343 46.36 58.58 7.98
N PRO G 344 45.19 58.96 8.56
CA PRO G 344 44.91 60.39 8.78
C PRO G 344 46.00 61.19 9.51
N LEU G 345 46.99 60.52 10.10
CA LEU G 345 48.11 61.25 10.69
C LEU G 345 49.21 61.42 9.66
N SER G 346 50.09 62.37 9.92
CA SER G 346 51.30 62.51 9.12
C SER G 346 52.31 61.49 9.62
N ALA G 347 53.41 61.33 8.90
CA ALA G 347 54.49 60.46 9.35
C ALA G 347 54.90 60.90 10.74
N GLU G 348 55.19 62.18 10.86
CA GLU G 348 55.73 62.76 12.09
C GLU G 348 54.82 62.52 13.29
N ALA G 349 53.51 62.56 13.07
CA ALA G 349 52.54 62.49 14.16
C ALA G 349 52.46 61.08 14.77
N ARG G 350 52.56 60.07 13.91
CA ARG G 350 52.67 58.70 14.36
C ARG G 350 54.03 58.48 15.00
N ALA G 351 55.07 59.11 14.46
CA ALA G 351 56.36 59.14 15.13
C ALA G 351 56.16 59.91 16.42
N ARG G 352 55.62 61.12 16.32
CA ARG G 352 55.27 61.90 17.50
C ARG G 352 54.36 61.08 18.41
N ARG G 353 53.61 60.14 17.84
CA ARG G 353 52.88 59.18 18.68
C ARG G 353 53.66 57.87 18.85
N GLY G 354 54.82 57.74 18.19
CA GLY G 354 55.63 56.54 18.29
C GLY G 354 55.13 55.40 17.42
N ILE G 355 54.12 55.66 16.59
CA ILE G 355 53.56 54.61 15.74
C ILE G 355 54.36 54.45 14.43
N GLY G 356 55.03 53.33 14.29
CA GLY G 356 55.80 53.04 13.09
C GLY G 356 54.93 52.58 11.93
N GLU G 357 55.33 52.94 10.71
CA GLU G 357 54.59 52.53 9.53
C GLU G 357 54.60 51.01 9.36
N SER G 358 55.58 50.35 9.98
CA SER G 358 55.68 48.91 9.90
C SER G 358 55.14 48.22 11.15
N LEU G 359 54.44 48.98 11.97
CA LEU G 359 53.75 48.42 13.12
C LEU G 359 52.54 47.66 12.57
N ILE G 360 52.41 46.41 12.97
CA ILE G 360 51.30 45.56 12.54
C ILE G 360 50.51 45.14 13.78
N ARG G 361 49.19 45.22 13.69
CA ARG G 361 48.34 44.88 14.81
C ARG G 361 47.45 43.69 14.49
N LEU G 362 47.59 42.65 15.30
CA LEU G 362 46.69 41.51 15.20
C LEU G 362 45.56 41.74 16.18
N SER G 363 44.36 41.31 15.80
CA SER G 363 43.28 41.07 16.74
C SER G 363 42.88 39.60 16.60
N VAL G 364 42.99 38.85 17.70
CA VAL G 364 42.88 37.41 17.65
C VAL G 364 41.45 36.90 17.85
N GLY G 365 41.03 36.00 16.97
CA GLY G 365 39.72 35.40 17.06
C GLY G 365 39.74 34.03 17.71
N ILE G 366 38.83 33.15 17.31
CA ILE G 366 38.70 31.88 18.01
C ILE G 366 39.07 30.68 17.15
N GLU G 367 39.69 30.92 16.00
CA GLU G 367 40.20 29.85 15.16
C GLU G 367 41.23 29.02 15.92
N ASP G 368 41.51 27.82 15.44
CA ASP G 368 42.50 26.99 16.11
C ASP G 368 43.85 27.71 16.10
N PRO G 369 44.49 27.80 17.28
CA PRO G 369 45.71 28.57 17.46
C PRO G 369 46.81 28.10 16.52
N GLN G 370 46.84 26.81 16.21
CA GLN G 370 47.84 26.33 15.27
C GLN G 370 47.66 26.85 13.84
N ASP G 371 46.42 26.91 13.34
CA ASP G 371 46.21 27.49 12.01
C ASP G 371 46.64 28.95 11.97
N LEU G 372 46.30 29.70 13.03
CA LEU G 372 46.64 31.12 13.07
C LEU G 372 48.16 31.28 13.10
N ALA G 373 48.83 30.42 13.85
CA ALA G 373 50.29 30.41 13.89
C ALA G 373 50.91 30.10 12.53
N GLU G 374 50.35 29.14 11.80
CA GLU G 374 50.86 28.88 10.44
C GLU G 374 50.70 30.10 9.56
N ASP G 375 49.51 30.72 9.61
CA ASP G 375 49.20 31.84 8.70
C ASP G 375 50.19 32.99 8.93
N LEU G 376 50.39 33.34 10.19
CA LEU G 376 51.34 34.39 10.56
C LEU G 376 52.74 34.03 10.06
N SER G 377 53.16 32.79 10.30
CA SER G 377 54.49 32.37 9.89
C SER G 377 54.70 32.38 8.37
N ARG G 378 53.70 31.94 7.60
CA ARG G 378 53.77 31.98 6.14
C ARG G 378 53.92 33.42 5.67
N ALA G 379 53.09 34.30 6.23
CA ALA G 379 53.11 35.71 5.86
C ALA G 379 54.48 36.32 6.12
N LEU G 380 54.99 36.12 7.34
CA LEU G 380 56.30 36.63 7.73
C LEU G 380 57.43 36.08 6.87
N ALA G 381 57.28 34.83 6.42
CA ALA G 381 58.33 34.17 5.65
C ALA G 381 58.33 34.58 4.18
N GLY G 382 57.13 34.76 3.62
CA GLY G 382 56.99 35.12 2.21
C GLY G 382 57.21 33.98 1.21
N GLY G 383 56.96 32.76 1.64
CA GLY G 383 57.03 31.63 0.74
C GLY G 383 55.67 31.33 0.12
N GLY H 6 11.34 54.58 -16.44
CA GLY H 6 10.17 53.82 -16.08
C GLY H 6 9.94 53.76 -14.58
N MSE H 7 9.71 54.92 -13.96
CA MSE H 7 9.35 55.02 -12.54
C MSE H 7 8.46 56.26 -12.23
O MSE H 7 8.96 57.38 -12.09
CB MSE H 7 10.62 55.04 -11.64
CG MSE H 7 11.08 53.67 -10.95
SE MSE H 7 13.08 53.43 -10.49
CE MSE H 7 13.42 55.34 -10.72
N ARG H 8 7.16 56.03 -12.13
CA ARG H 8 6.25 56.93 -11.44
C ARG H 8 6.44 56.77 -9.91
N PHE H 9 5.41 57.04 -9.12
CA PHE H 9 5.62 57.06 -7.68
C PHE H 9 5.77 55.71 -6.94
N GLY H 10 4.76 54.85 -7.05
CA GLY H 10 4.76 53.55 -6.39
C GLY H 10 5.74 52.54 -6.96
N THR H 11 6.35 52.88 -8.09
CA THR H 11 7.42 52.07 -8.66
C THR H 11 8.72 52.35 -7.90
N ARG H 12 8.96 53.63 -7.63
CA ARG H 12 10.04 54.04 -6.74
C ARG H 12 9.98 53.33 -5.39
N LEU H 13 8.76 53.20 -4.87
CA LEU H 13 8.54 52.54 -3.59
C LEU H 13 9.07 51.10 -3.69
N VAL H 14 8.70 50.39 -4.74
CA VAL H 14 9.14 49.00 -4.89
C VAL H 14 10.60 48.92 -5.38
N HIS H 15 10.99 49.87 -6.22
CA HIS H 15 12.25 49.74 -6.98
C HIS H 15 13.44 50.63 -6.62
N GLY H 16 13.18 51.76 -5.96
CA GLY H 16 14.27 52.62 -5.55
C GLY H 16 15.24 51.85 -4.66
N GLY H 17 16.53 51.96 -4.94
CA GLY H 17 17.54 51.32 -4.13
C GLY H 17 17.63 49.80 -4.29
N ARG H 18 16.99 49.25 -5.31
CA ARG H 18 17.08 47.81 -5.50
C ARG H 18 18.15 47.51 -6.55
N ARG H 19 19.25 46.90 -6.13
CA ARG H 19 20.19 46.31 -7.07
C ARG H 19 20.06 44.80 -6.88
N PRO H 20 19.49 44.09 -7.88
CA PRO H 20 19.47 42.63 -8.04
C PRO H 20 20.92 42.16 -8.04
N SER H 21 21.21 40.89 -7.74
CA SER H 21 22.56 40.52 -7.23
C SER H 21 23.59 39.92 -8.21
N ALA H 22 24.82 40.42 -8.14
CA ALA H 22 25.89 39.97 -9.05
C ALA H 22 26.13 38.46 -9.00
N GLY H 23 25.70 37.79 -10.05
CA GLY H 23 25.88 36.36 -10.14
C GLY H 23 24.66 35.56 -9.73
N THR H 24 24.16 35.80 -8.53
CA THR H 24 23.05 35.03 -7.98
C THR H 24 21.67 35.59 -8.42
N GLY H 25 21.53 36.90 -8.39
CA GLY H 25 20.33 37.53 -8.95
C GLY H 25 19.21 37.89 -8.00
N ASP H 26 19.48 37.82 -6.69
CA ASP H 26 18.50 38.14 -5.65
C ASP H 26 17.58 39.32 -6.00
N VAL H 27 16.27 39.09 -6.07
CA VAL H 27 15.34 40.18 -6.32
C VAL H 27 15.21 41.07 -5.07
N VAL H 28 15.05 40.45 -3.90
CA VAL H 28 15.15 41.17 -2.65
C VAL H 28 16.60 41.23 -2.16
N PRO H 29 17.13 42.44 -1.94
CA PRO H 29 18.54 42.59 -1.54
C PRO H 29 18.85 41.79 -0.28
N PRO H 30 20.03 41.15 -0.24
CA PRO H 30 20.40 40.39 0.96
C PRO H 30 20.64 41.34 2.13
N ILE H 31 20.42 40.87 3.37
CA ILE H 31 20.60 41.74 4.54
C ILE H 31 22.07 41.81 4.95
N HIS H 32 22.65 43.01 4.85
CA HIS H 32 24.07 43.18 5.15
C HIS H 32 24.34 43.43 6.62
N VAL H 33 24.52 42.37 7.40
CA VAL H 33 24.74 42.50 8.83
C VAL H 33 26.21 42.72 9.24
N SER H 34 27.14 42.43 8.35
CA SER H 34 28.56 42.52 8.71
C SER H 34 28.97 43.95 9.11
N THR H 35 29.60 44.09 10.28
CA THR H 35 30.19 45.37 10.68
C THR H 35 31.58 45.51 10.09
N THR H 36 32.13 44.37 9.64
CA THR H 36 33.52 44.27 9.27
C THR H 36 33.65 43.99 7.76
N TYR H 37 34.65 44.60 7.11
CA TYR H 37 34.90 44.37 5.68
C TYR H 37 36.38 44.14 5.42
N GLU H 38 36.67 43.23 4.48
CA GLU H 38 38.04 42.99 4.03
C GLU H 38 38.41 44.01 2.95
N ARG H 39 39.67 44.47 2.95
CA ARG H 39 40.13 45.31 1.85
C ARG H 39 40.50 44.47 0.61
N ARG H 40 41.47 43.56 0.76
CA ARG H 40 42.05 42.74 -0.33
C ARG H 40 41.05 42.06 -1.28
N ALA H 41 39.75 42.23 -1.02
CA ALA H 41 38.69 41.62 -1.81
C ALA H 41 38.06 42.69 -2.68
N GLN H 42 37.51 43.71 -2.02
CA GLN H 42 37.12 44.95 -2.69
C GLN H 42 38.32 45.43 -3.51
N ASP H 43 38.22 45.35 -4.84
CA ASP H 43 39.25 45.89 -5.72
C ASP H 43 38.82 47.31 -6.10
N GLU H 44 38.13 47.91 -5.14
CA GLU H 44 37.80 49.32 -5.12
C GLU H 44 37.50 49.53 -3.66
N PRO H 45 38.55 49.57 -2.81
CA PRO H 45 38.33 49.55 -1.35
C PRO H 45 37.39 50.66 -0.88
N ARG H 46 36.10 50.34 -0.86
CA ARG H 46 35.05 51.34 -0.68
C ARG H 46 34.34 51.23 0.68
N TYR H 47 34.10 49.99 1.10
CA TYR H 47 33.46 49.73 2.39
C TYR H 47 34.55 49.44 3.43
N PHE H 48 34.49 50.14 4.56
CA PHE H 48 35.53 50.02 5.59
C PHE H 48 34.98 49.54 6.94
N TYR H 49 33.89 50.15 7.40
CA TYR H 49 33.34 49.83 8.71
C TYR H 49 31.86 50.18 8.76
N GLY H 50 31.07 49.28 9.36
CA GLY H 50 29.63 49.34 9.35
C GLY H 50 29.00 50.63 9.86
N ARG H 51 29.71 51.35 10.75
CA ARG H 51 29.20 52.63 11.22
C ARG H 51 29.25 53.67 10.09
N GLY H 52 30.33 53.68 9.33
CA GLY H 52 30.50 54.62 8.24
C GLY H 52 30.01 54.18 6.86
N GLU H 53 29.77 52.88 6.68
CA GLU H 53 29.36 52.33 5.38
C GLU H 53 28.56 51.06 5.60
N ASN H 54 27.41 50.95 4.92
CA ASN H 54 26.62 49.70 4.93
C ASN H 54 25.64 49.60 3.75
N PRO H 55 25.74 48.52 2.95
CA PRO H 55 24.95 48.41 1.71
C PRO H 55 23.43 48.43 1.89
N THR H 56 22.93 47.76 2.93
CA THR H 56 21.50 47.73 3.21
C THR H 56 21.02 49.15 3.58
N ARG H 57 21.83 49.85 4.37
CA ARG H 57 21.55 51.23 4.71
C ARG H 57 21.51 52.13 3.47
N GLU H 58 22.54 52.04 2.63
CA GLU H 58 22.61 52.83 1.41
C GLU H 58 21.41 52.62 0.48
N GLU H 59 20.91 51.39 0.41
CA GLU H 59 19.81 51.11 -0.49
C GLU H 59 18.47 51.70 0.02
N LEU H 60 18.26 51.66 1.34
CA LEU H 60 17.08 52.30 1.92
C LEU H 60 17.17 53.82 1.69
N GLU H 61 18.36 54.38 1.93
CA GLU H 61 18.61 55.80 1.67
C GLU H 61 18.26 56.20 0.22
N GLU H 62 18.77 55.43 -0.74
CA GLU H 62 18.51 55.67 -2.16
C GLU H 62 17.01 55.59 -2.45
N CYS H 63 16.36 54.64 -1.80
CA CYS H 63 14.90 54.55 -1.93
C CYS H 63 14.24 55.86 -1.48
N LEU H 64 14.58 56.32 -0.28
CA LEU H 64 13.94 57.52 0.28
C LEU H 64 14.21 58.80 -0.54
N ALA H 65 15.43 58.96 -1.02
CA ALA H 65 15.74 60.13 -1.86
C ALA H 65 14.88 60.18 -3.12
N GLY H 66 14.65 58.99 -3.69
CA GLY H 66 13.91 58.85 -4.93
C GLY H 66 12.46 59.28 -4.85
N LEU H 67 11.83 58.99 -3.71
CA LEU H 67 10.43 59.39 -3.50
C LEU H 67 10.23 60.91 -3.65
N GLU H 68 11.32 61.67 -3.58
CA GLU H 68 11.23 63.11 -3.82
C GLU H 68 12.27 63.62 -4.80
N ARG H 69 12.60 62.80 -5.80
CA ARG H 69 13.51 63.17 -6.87
C ARG H 69 14.70 64.03 -6.39
N ALA H 70 15.33 63.60 -5.30
CA ALA H 70 16.43 64.32 -4.64
C ALA H 70 17.71 63.47 -4.61
N PRO H 71 18.88 64.11 -4.60
CA PRO H 71 20.15 63.36 -4.66
C PRO H 71 20.55 62.64 -3.38
N PHE H 72 20.15 63.14 -2.21
CA PHE H 72 20.71 62.62 -0.97
C PHE H 72 19.65 62.24 0.04
N ALA H 73 19.92 61.17 0.78
CA ALA H 73 19.21 60.90 2.01
C ALA H 73 20.14 60.23 3.00
N THR H 74 19.85 60.38 4.29
CA THR H 74 20.65 59.78 5.34
C THR H 74 19.72 59.23 6.42
N VAL H 75 19.85 57.96 6.78
CA VAL H 75 18.97 57.38 7.79
C VAL H 75 19.63 57.29 9.17
N PHE H 76 18.79 57.19 10.19
CA PHE H 76 19.20 57.33 11.57
C PHE H 76 18.48 56.32 12.45
N SER H 77 19.02 56.10 13.64
CA SER H 77 18.46 55.19 14.65
C SER H 77 17.03 55.59 15.08
N SER H 78 16.66 56.84 14.88
CA SER H 78 15.30 57.31 15.15
C SER H 78 15.03 58.67 14.52
N GLY H 79 13.77 59.09 14.54
CA GLY H 79 13.40 60.43 14.10
C GLY H 79 14.13 61.49 14.91
N GLN H 80 14.15 61.30 16.23
CA GLN H 80 14.90 62.20 17.12
C GLN H 80 16.38 62.35 16.73
N ALA H 81 17.00 61.26 16.28
CA ALA H 81 18.40 61.30 15.87
C ALA H 81 18.61 62.16 14.62
N ALA H 82 17.71 62.01 13.65
CA ALA H 82 17.76 62.83 12.44
C ALA H 82 17.61 64.31 12.81
N ALA H 83 16.63 64.61 13.66
CA ALA H 83 16.42 65.95 14.17
C ALA H 83 17.66 66.49 14.91
N ALA H 84 18.21 65.66 15.80
CA ALA H 84 19.40 66.01 16.57
C ALA H 84 20.55 66.37 15.66
N THR H 85 20.68 65.64 14.56
CA THR H 85 21.81 65.81 13.66
C THR H 85 21.76 67.14 12.91
N LEU H 86 20.60 67.47 12.37
CA LEU H 86 20.39 68.75 11.69
C LEU H 86 20.58 69.92 12.66
N LEU H 87 20.14 69.74 13.89
CA LEU H 87 20.25 70.81 14.88
C LEU H 87 21.68 71.10 15.28
N SER H 88 22.53 70.07 15.25
CA SER H 88 23.93 70.19 15.63
C SER H 88 24.67 71.14 14.70
N LEU H 89 24.14 71.35 13.51
CA LEU H 89 24.77 72.24 12.54
C LEU H 89 24.39 73.68 12.85
N VAL H 90 23.40 73.85 13.72
CA VAL H 90 23.05 75.16 14.26
C VAL H 90 24.01 75.49 15.40
N ARG H 91 24.64 76.66 15.34
CA ARG H 91 25.73 76.99 16.26
C ARG H 91 25.29 77.87 17.43
N PRO H 92 25.79 77.54 18.66
CA PRO H 92 25.63 78.35 19.87
C PRO H 92 25.60 79.83 19.56
N GLY H 93 24.44 80.46 19.75
CA GLY H 93 24.31 81.87 19.47
C GLY H 93 23.64 82.22 18.17
N GLN H 94 23.43 81.21 17.33
CA GLN H 94 22.69 81.42 16.08
C GLN H 94 21.20 81.23 16.30
N CYS H 95 20.42 81.68 15.32
CA CYS H 95 18.96 81.68 15.47
C CYS H 95 18.22 80.55 14.76
N VAL H 96 17.33 79.92 15.52
CA VAL H 96 16.34 78.99 14.99
C VAL H 96 14.96 79.59 15.18
N VAL H 97 14.14 79.59 14.13
CA VAL H 97 12.75 80.02 14.24
C VAL H 97 11.81 78.85 14.01
N SER H 98 11.01 78.53 15.02
CA SER H 98 10.00 77.50 14.90
C SER H 98 8.64 78.02 15.36
N THR H 99 7.76 77.13 15.78
CA THR H 99 6.39 77.50 16.13
C THR H 99 6.06 77.17 17.58
N ASP H 100 4.94 77.68 18.06
CA ASP H 100 4.57 77.52 19.47
C ASP H 100 4.24 76.05 19.86
N ASP H 101 3.64 75.30 18.93
CA ASP H 101 3.21 73.94 19.23
C ASP H 101 3.92 72.78 18.49
N VAL H 102 5.25 72.84 18.36
CA VAL H 102 5.95 71.74 17.68
C VAL H 102 6.03 70.46 18.51
N TYR H 103 6.41 69.36 17.86
CA TYR H 103 6.58 68.08 18.54
C TYR H 103 7.52 68.18 19.75
N ALA H 104 7.04 67.68 20.89
CA ALA H 104 7.79 67.58 22.13
C ALA H 104 9.22 67.12 21.95
N GLY H 105 9.43 66.14 21.07
CA GLY H 105 10.77 65.62 20.81
C GLY H 105 11.67 66.66 20.14
N THR H 106 11.08 67.60 19.43
CA THR H 106 11.83 68.71 18.84
C THR H 106 12.12 69.81 19.86
N ASP H 107 11.12 70.15 20.69
CA ASP H 107 11.30 71.14 21.77
C ASP H 107 12.39 70.68 22.75
N GLY H 108 12.47 69.37 22.94
CA GLY H 108 13.48 68.77 23.82
C GLY H 108 14.87 69.05 23.30
N LEU H 109 15.02 69.00 21.97
CA LEU H 109 16.30 69.28 21.33
C LEU H 109 16.58 70.78 21.27
N PHE H 110 15.54 71.57 20.99
CA PHE H 110 15.66 73.02 21.18
C PHE H 110 16.09 73.31 22.62
N ASP H 111 15.55 72.56 23.58
CA ASP H 111 15.94 72.73 24.99
C ASP H 111 17.33 72.20 25.30
N LEU H 112 17.76 71.15 24.59
CA LEU H 112 19.11 70.67 24.78
C LEU H 112 20.12 71.73 24.33
N ALA H 113 19.82 72.33 23.18
CA ALA H 113 20.70 73.33 22.59
C ALA H 113 20.62 74.68 23.29
N ALA H 114 19.50 74.93 23.98
CA ALA H 114 19.26 76.20 24.64
C ALA H 114 20.34 76.51 25.68
N ARG H 115 20.68 75.51 26.50
CA ARG H 115 21.77 75.66 27.46
C ARG H 115 23.13 75.52 26.77
N GLN H 116 23.13 75.56 25.45
CA GLN H 116 24.36 75.64 24.69
C GLN H 116 24.25 76.84 23.80
N GLY H 117 23.54 77.85 24.29
CA GLY H 117 23.55 79.18 23.72
C GLY H 117 22.82 79.34 22.40
N VAL H 118 22.10 78.30 21.98
CA VAL H 118 21.33 78.38 20.75
C VAL H 118 20.15 79.36 20.91
N ARG H 119 20.02 80.29 19.97
CA ARG H 119 18.96 81.28 20.06
C ARG H 119 17.66 80.89 19.33
N VAL H 120 16.82 80.10 19.99
CA VAL H 120 15.54 79.70 19.43
C VAL H 120 14.42 80.77 19.57
N ARG H 121 13.78 81.14 18.46
CA ARG H 121 12.60 82.02 18.51
C ARG H 121 11.34 81.29 18.04
N TYR H 122 10.38 81.15 18.94
CA TYR H 122 9.09 80.54 18.62
C TYR H 122 8.17 81.55 17.87
N ALA H 123 7.27 81.06 17.02
CA ALA H 123 6.44 81.94 16.20
C ALA H 123 5.25 81.22 15.59
N ASP H 124 4.24 81.96 15.14
CA ASP H 124 3.25 81.33 14.29
C ASP H 124 3.75 81.58 12.88
N LEU H 125 3.53 80.64 11.97
CA LEU H 125 3.96 80.82 10.59
C LEU H 125 2.73 80.67 9.70
N THR H 126 1.57 80.65 10.34
CA THR H 126 0.30 80.57 9.62
C THR H 126 -0.25 81.97 9.39
N THR H 127 0.60 82.98 9.52
CA THR H 127 0.21 84.38 9.30
C THR H 127 1.35 85.25 8.74
N PRO H 128 0.99 86.24 7.88
CA PRO H 128 1.91 87.14 7.16
C PRO H 128 2.91 87.93 8.01
N GLU H 129 2.40 88.70 8.98
CA GLU H 129 3.26 89.52 9.82
C GLU H 129 4.16 88.65 10.71
N GLY H 130 3.60 87.57 11.24
CA GLY H 130 4.37 86.66 12.07
C GLY H 130 5.48 86.02 11.25
N ILE H 131 5.20 85.75 9.98
CA ILE H 131 6.22 85.34 9.04
C ILE H 131 7.24 86.47 8.98
N ALA H 132 6.75 87.65 8.59
CA ALA H 132 7.60 88.85 8.46
C ALA H 132 8.41 89.11 9.72
N ALA H 133 7.75 89.06 10.87
CA ALA H 133 8.42 89.31 12.15
C ALA H 133 9.59 88.35 12.39
N ALA H 134 9.30 87.07 12.55
CA ALA H 134 10.28 86.09 13.01
C ALA H 134 11.45 85.83 12.07
N LEU H 135 11.17 85.82 10.77
CA LEU H 135 12.24 85.58 9.80
C LEU H 135 13.14 86.81 9.72
N ALA H 136 12.70 87.90 10.33
CA ALA H 136 13.52 89.11 10.41
C ALA H 136 14.27 89.19 11.75
N GLU H 137 14.78 88.05 12.20
CA GLU H 137 15.54 87.98 13.44
C GLU H 137 17.02 87.72 13.15
N PRO H 138 17.93 88.39 13.88
CA PRO H 138 19.37 88.27 13.62
C PRO H 138 19.95 86.84 13.75
N ASP H 139 20.92 86.54 12.88
CA ASP H 139 21.62 85.25 12.83
C ASP H 139 20.73 84.06 12.50
N LEU H 140 19.76 84.27 11.61
CA LEU H 140 18.79 83.24 11.27
C LEU H 140 19.36 82.19 10.33
N ALA H 141 19.62 80.99 10.85
CA ALA H 141 20.23 79.93 10.04
C ALA H 141 19.28 78.77 9.76
N LEU H 142 18.22 78.65 10.55
CA LEU H 142 17.32 77.51 10.43
C LEU H 142 15.88 77.90 10.73
N VAL H 143 14.99 77.55 9.82
CA VAL H 143 13.55 77.66 10.05
C VAL H 143 12.92 76.27 10.10
N TRP H 144 12.27 75.95 11.21
CA TRP H 144 11.80 74.59 11.48
C TRP H 144 10.28 74.47 11.32
N ILE H 145 9.86 73.91 10.20
CA ILE H 145 8.44 73.81 9.88
C ILE H 145 7.86 72.44 10.18
N GLU H 146 7.04 72.34 11.22
CA GLU H 146 6.31 71.10 11.43
C GLU H 146 4.86 71.30 11.00
N THR H 147 4.52 70.79 9.83
CA THR H 147 3.17 70.97 9.29
C THR H 147 2.74 69.67 8.65
N PRO H 148 1.49 69.26 8.88
CA PRO H 148 0.54 69.87 9.81
C PRO H 148 1.02 69.69 11.25
N THR H 149 0.48 70.47 12.19
CA THR H 149 0.91 70.38 13.58
C THR H 149 0.05 69.38 14.36
N ASN H 150 0.65 68.71 15.33
CA ASN H 150 -0.03 67.63 16.04
C ASN H 150 -0.12 67.90 17.54
N PRO H 151 -1.35 67.98 18.09
CA PRO H 151 -2.60 67.45 17.54
C PRO H 151 -3.71 68.43 17.15
N LEU H 152 -3.45 69.66 16.75
CA LEU H 152 -4.57 70.53 16.35
C LEU H 152 -4.70 70.63 14.83
N LEU H 153 -3.68 70.16 14.12
CA LEU H 153 -3.72 70.00 12.67
C LEU H 153 -3.83 71.33 11.92
N THR H 154 -3.21 72.36 12.48
CA THR H 154 -3.00 73.60 11.74
C THR H 154 -1.90 73.33 10.70
N VAL H 155 -1.79 74.22 9.73
CA VAL H 155 -0.88 74.03 8.61
C VAL H 155 -0.09 75.31 8.33
N VAL H 156 1.16 75.17 7.92
CA VAL H 156 1.98 76.30 7.52
C VAL H 156 2.32 76.19 6.04
N ASP H 157 2.29 77.32 5.33
CA ASP H 157 2.58 77.37 3.89
C ASP H 157 4.08 77.22 3.63
N VAL H 158 4.52 76.01 3.36
CA VAL H 158 5.94 75.73 3.14
C VAL H 158 6.60 76.64 2.10
N ALA H 159 5.97 76.81 0.94
CA ALA H 159 6.58 77.60 -0.14
C ALA H 159 6.72 79.08 0.21
N GLU H 160 5.71 79.63 0.88
CA GLU H 160 5.73 81.04 1.27
C GLU H 160 6.83 81.27 2.30
N VAL H 161 6.83 80.45 3.37
CA VAL H 161 7.84 80.57 4.41
C VAL H 161 9.24 80.38 3.84
N SER H 162 9.42 79.38 2.99
CA SER H 162 10.71 79.12 2.34
C SER H 162 11.18 80.29 1.49
N ARG H 163 10.30 80.81 0.65
CA ARG H 163 10.64 81.94 -0.20
C ARG H 163 11.17 83.12 0.63
N ARG H 164 10.51 83.43 1.74
CA ARG H 164 10.94 84.51 2.62
C ARG H 164 12.20 84.16 3.42
N ALA H 165 12.25 82.94 3.95
CA ALA H 165 13.40 82.53 4.74
C ALA H 165 14.67 82.54 3.91
N HIS H 166 14.53 82.20 2.63
CA HIS H 166 15.67 82.16 1.71
C HIS H 166 16.09 83.56 1.26
N GLU H 167 15.22 84.53 1.43
CA GLU H 167 15.63 85.91 1.23
C GLU H 167 16.58 86.30 2.38
N ARG H 168 16.52 85.53 3.47
CA ARG H 168 17.44 85.70 4.59
C ARG H 168 18.56 84.65 4.58
N GLY H 169 18.71 83.93 3.47
CA GLY H 169 19.75 82.91 3.35
C GLY H 169 19.70 81.74 4.33
N ALA H 170 18.57 81.53 5.00
CA ALA H 170 18.48 80.47 6.00
C ALA H 170 18.25 79.09 5.39
N ARG H 171 18.44 78.06 6.21
CA ARG H 171 18.03 76.71 5.85
C ARG H 171 16.58 76.53 6.30
N VAL H 172 15.80 75.79 5.52
CA VAL H 172 14.41 75.50 5.88
C VAL H 172 14.18 73.98 5.92
N VAL H 173 13.70 73.49 7.06
CA VAL H 173 13.37 72.07 7.18
C VAL H 173 11.87 71.89 7.44
N VAL H 174 11.31 70.84 6.83
CA VAL H 174 9.96 70.43 7.15
C VAL H 174 9.98 69.05 7.79
N ASP H 175 9.46 68.95 9.00
CA ASP H 175 9.22 67.64 9.61
C ASP H 175 7.98 67.15 8.90
N ASN H 176 8.16 66.21 7.98
CA ASN H 176 7.11 65.74 7.09
C ASN H 176 6.49 64.40 7.54
N THR H 177 6.64 64.08 8.81
CA THR H 177 6.16 62.81 9.38
C THR H 177 4.65 62.59 9.25
N PHE H 178 3.86 63.53 9.78
CA PHE H 178 2.39 63.49 9.73
C PHE H 178 1.91 63.13 8.31
N ALA H 179 2.52 63.73 7.30
CA ALA H 179 2.00 63.60 5.95
C ALA H 179 2.56 62.42 5.17
N SER H 180 3.87 62.19 5.28
CA SER H 180 4.64 61.27 4.44
C SER H 180 4.90 61.86 3.04
N PRO H 181 5.92 61.33 2.35
CA PRO H 181 6.23 61.77 0.98
C PRO H 181 5.10 61.50 -0.02
N VAL H 182 4.18 60.60 0.31
CA VAL H 182 3.07 60.28 -0.58
C VAL H 182 2.09 61.45 -0.67
N LEU H 183 2.05 62.28 0.35
CA LEU H 183 1.03 63.31 0.40
C LEU H 183 1.57 64.74 0.31
N GLN H 184 2.84 64.93 0.64
CA GLN H 184 3.42 66.26 0.73
C GLN H 184 4.91 66.16 0.40
N GLN H 185 5.38 67.05 -0.47
CA GLN H 185 6.75 67.02 -0.99
C GLN H 185 7.51 68.34 -0.71
N PRO H 186 8.02 68.51 0.52
CA PRO H 186 8.61 69.77 0.97
C PRO H 186 9.71 70.35 0.06
N LEU H 187 10.53 69.51 -0.56
CA LEU H 187 11.58 70.02 -1.43
C LEU H 187 10.99 70.65 -2.70
N ALA H 188 9.95 70.03 -3.25
CA ALA H 188 9.25 70.60 -4.41
C ALA H 188 8.61 71.94 -4.05
N LEU H 189 8.22 72.08 -2.79
CA LEU H 189 7.64 73.32 -2.28
C LEU H 189 8.71 74.36 -1.99
N GLY H 190 9.98 73.97 -2.09
CA GLY H 190 11.06 74.93 -1.92
C GLY H 190 11.88 74.79 -0.64
N ALA H 191 11.51 73.85 0.23
CA ALA H 191 12.29 73.60 1.43
C ALA H 191 13.64 72.98 1.07
N ASP H 192 14.59 73.01 2.02
CA ASP H 192 15.93 72.45 1.79
C ASP H 192 16.08 71.01 2.30
N VAL H 193 15.28 70.65 3.30
CA VAL H 193 15.40 69.36 3.96
C VAL H 193 14.01 68.85 4.30
N SER H 194 13.82 67.55 4.14
CA SER H 194 12.62 66.87 4.66
C SER H 194 13.07 65.98 5.80
N LEU H 195 12.40 66.11 6.95
CA LEU H 195 12.74 65.33 8.12
C LEU H 195 11.61 64.35 8.40
N TYR H 196 11.97 63.10 8.72
CA TYR H 196 10.99 62.06 9.03
C TYR H 196 11.31 61.28 10.29
N SER H 197 10.30 61.00 11.08
CA SER H 197 10.34 59.81 11.90
C SER H 197 9.83 58.67 11.03
N THR H 198 10.73 57.82 10.57
CA THR H 198 10.33 56.64 9.79
C THR H 198 9.65 55.57 10.66
N THR H 199 9.66 55.77 11.98
CA THR H 199 8.93 54.90 12.92
C THR H 199 7.42 54.79 12.62
N1 LLP H 200 8.53 64.27 14.73
C2 LLP H 200 7.34 63.75 14.46
C2' LLP H 200 6.28 64.61 13.70
C3 LLP H 200 7.05 62.42 14.86
O3 LLP H 200 5.81 61.86 14.58
C4 LLP H 200 8.00 61.68 15.54
C4' LLP H 200 7.62 60.17 15.99
C5 LLP H 200 9.23 62.24 15.83
C6 LLP H 200 9.51 63.54 15.41
C5' LLP H 200 10.36 61.48 16.60
OP4 LLP H 200 10.79 60.34 15.90
P LLP H 200 11.30 59.08 16.67
OP1 LLP H 200 11.50 58.00 15.61
OP2 LLP H 200 12.58 59.37 17.35
OP3 LLP H 200 10.31 58.68 17.69
N LLP H 200 6.89 55.79 11.93
CA LLP H 200 5.42 55.92 11.70
CB LLP H 200 5.12 57.40 11.77
CG LLP H 200 5.93 58.03 12.91
CD LLP H 200 5.29 57.80 14.31
CE LLP H 200 6.25 58.28 15.43
NZ LLP H 200 6.31 59.76 15.55
C LLP H 200 4.90 55.27 10.44
O LLP H 200 4.80 54.05 10.38
N SER H 201 4.52 56.05 9.42
CA SER H 201 3.91 55.41 8.24
C SER H 201 4.89 54.85 7.22
N ILE H 202 6.11 55.41 7.16
CA ILE H 202 7.10 54.89 6.21
C ILE H 202 7.39 53.41 6.51
N ALA H 203 7.86 53.10 7.72
CA ALA H 203 8.01 51.70 8.10
C ALA H 203 6.62 51.08 8.25
N GLY H 204 5.75 51.74 9.00
CA GLY H 204 4.33 51.43 8.96
C GLY H 204 3.80 50.28 9.81
N HIS H 205 4.66 49.49 10.44
CA HIS H 205 4.17 48.26 11.07
C HIS H 205 4.48 48.17 12.56
N ALA H 206 4.77 49.34 13.13
CA ALA H 206 5.04 49.48 14.55
C ALA H 206 6.07 48.48 15.08
N ASP H 207 7.09 48.16 14.27
CA ASP H 207 8.05 47.16 14.71
C ASP H 207 9.50 47.52 14.41
N VAL H 208 9.76 48.82 14.33
CA VAL H 208 11.11 49.33 14.16
C VAL H 208 11.08 50.85 14.39
N LEU H 209 12.19 51.38 14.90
CA LEU H 209 12.36 52.82 15.03
C LEU H 209 13.36 53.27 14.00
N GLY H 210 13.24 54.52 13.56
CA GLY H 210 14.17 55.07 12.58
C GLY H 210 13.85 56.52 12.24
N GLY H 211 14.86 57.19 11.68
CA GLY H 211 14.71 58.55 11.20
C GLY H 211 15.34 58.71 9.81
N ALA H 212 15.05 59.84 9.17
CA ALA H 212 15.62 60.13 7.86
C ALA H 212 15.66 61.64 7.64
N LEU H 213 16.71 62.08 6.94
CA LEU H 213 16.77 63.42 6.38
C LEU H 213 16.90 63.23 4.88
N VAL H 214 16.11 63.97 4.11
CA VAL H 214 16.23 63.94 2.66
C VAL H 214 16.42 65.38 2.16
N TYR H 215 17.37 65.58 1.25
CA TYR H 215 17.82 66.92 0.93
C TYR H 215 18.67 66.96 -0.36
N ARG H 216 19.11 68.14 -0.76
CA ARG H 216 19.85 68.24 -2.01
C ARG H 216 21.22 68.90 -1.94
N ASP H 217 21.55 69.55 -0.81
CA ASP H 217 22.84 70.27 -0.71
C ASP H 217 24.02 69.35 -0.41
N ALA H 218 25.02 69.38 -1.27
CA ALA H 218 26.16 68.48 -1.20
C ALA H 218 27.07 68.74 0.00
N ASP H 219 27.07 69.96 0.50
CA ASP H 219 27.90 70.25 1.66
C ASP H 219 27.11 70.00 2.94
N LEU H 220 25.80 70.21 2.88
CA LEU H 220 24.92 69.73 3.96
C LEU H 220 25.12 68.23 4.12
N HIS H 221 25.14 67.52 3.00
CA HIS H 221 25.33 66.06 2.99
C HIS H 221 26.64 65.67 3.70
N ALA H 222 27.72 66.39 3.39
CA ALA H 222 29.01 66.12 4.02
C ALA H 222 28.94 66.24 5.54
N ALA H 223 28.37 67.34 6.04
CA ALA H 223 28.30 67.56 7.49
C ALA H 223 27.37 66.56 8.17
N VAL H 224 26.24 66.26 7.52
CA VAL H 224 25.29 65.28 8.03
C VAL H 224 25.95 63.91 8.19
N ARG H 225 26.64 63.45 7.15
CA ARG H 225 27.30 62.16 7.23
C ARG H 225 28.43 62.18 8.27
N ALA H 226 29.21 63.26 8.31
CA ALA H 226 30.29 63.37 9.28
C ALA H 226 29.75 63.28 10.71
N TYR H 227 28.61 63.93 10.95
CA TYR H 227 28.02 63.89 12.26
C TYR H 227 27.48 62.51 12.65
N ARG H 228 26.78 61.84 11.73
CA ARG H 228 26.25 60.52 12.05
C ARG H 228 27.37 59.54 12.42
N THR H 229 28.46 59.59 11.66
CA THR H 229 29.55 58.65 11.87
C THR H 229 30.25 58.91 13.21
N THR H 230 30.38 60.17 13.58
CA THR H 230 31.03 60.53 14.82
C THR H 230 30.12 60.36 16.04
N ALA H 231 28.89 60.87 15.94
CA ALA H 231 27.94 60.69 17.04
C ALA H 231 27.48 59.23 17.15
N GLY H 232 27.48 58.51 16.04
CA GLY H 232 27.09 57.11 16.05
C GLY H 232 25.61 56.80 16.12
N ASN H 233 24.76 57.75 15.73
CA ASN H 233 23.32 57.56 15.81
C ASN H 233 22.76 56.83 14.58
N VAL H 234 23.41 55.73 14.22
CA VAL H 234 23.13 54.99 13.00
C VAL H 234 22.19 53.81 13.28
N PRO H 235 21.30 53.49 12.34
CA PRO H 235 20.33 52.42 12.63
C PRO H 235 20.91 51.07 12.26
N GLY H 236 20.40 49.98 12.84
CA GLY H 236 20.85 48.66 12.45
C GLY H 236 20.47 48.23 11.04
N ALA H 237 21.19 47.25 10.51
CA ALA H 237 20.93 46.75 9.17
C ALA H 237 19.62 45.95 9.09
N LEU H 238 19.29 45.23 10.16
CA LEU H 238 17.99 44.58 10.26
C LEU H 238 16.87 45.63 10.32
N ASP H 239 17.09 46.71 11.07
CA ASP H 239 16.11 47.79 11.16
C ASP H 239 15.88 48.44 9.79
N CYS H 240 16.97 48.70 9.05
CA CYS H 240 16.84 49.26 7.71
C CYS H 240 16.08 48.31 6.79
N PHE H 241 16.27 47.00 7.00
CA PHE H 241 15.51 46.00 6.26
C PHE H 241 14.01 46.14 6.53
N LEU H 242 13.64 46.28 7.80
CA LEU H 242 12.22 46.39 8.17
C LEU H 242 11.59 47.69 7.66
N VAL H 243 12.32 48.80 7.75
CA VAL H 243 11.82 50.05 7.17
C VAL H 243 11.65 49.91 5.66
N ARG H 244 12.68 49.41 4.99
CA ARG H 244 12.61 49.19 3.54
C ARG H 244 11.45 48.26 3.23
N ARG H 245 11.24 47.26 4.07
CA ARG H 245 10.17 46.29 3.83
C ARG H 245 8.80 46.96 3.90
N GLY H 246 8.59 47.72 4.97
CA GLY H 246 7.35 48.47 5.14
C GLY H 246 7.10 49.49 4.06
N LEU H 247 8.17 50.08 3.53
CA LEU H 247 8.07 51.12 2.51
C LEU H 247 7.25 50.72 1.30
N HIS H 248 7.49 49.51 0.78
CA HIS H 248 6.81 49.00 -0.43
C HIS H 248 5.31 49.36 -0.49
N THR H 249 4.64 49.24 0.65
CA THR H 249 3.20 49.44 0.67
C THR H 249 2.74 50.85 1.04
N LEU H 250 3.69 51.79 1.13
CA LEU H 250 3.43 53.16 1.62
C LEU H 250 2.20 53.84 0.99
N SER H 251 2.12 53.87 -0.33
CA SER H 251 0.98 54.52 -1.01
C SER H 251 -0.34 53.82 -0.75
N LEU H 252 -0.32 52.49 -0.81
CA LEU H 252 -1.53 51.71 -0.53
C LEU H 252 -2.02 51.97 0.89
N ARG H 253 -1.11 51.93 1.87
CA ARG H 253 -1.47 52.12 3.26
C ARG H 253 -2.00 53.54 3.54
N VAL H 254 -1.24 54.56 3.13
CA VAL H 254 -1.65 55.95 3.31
C VAL H 254 -3.00 56.23 2.64
N HIS H 255 -3.20 55.75 1.43
CA HIS H 255 -4.47 56.03 0.78
C HIS H 255 -5.69 55.33 1.43
N ARG H 256 -5.50 54.12 1.96
CA ARG H 256 -6.52 53.48 2.79
C ARG H 256 -6.76 54.28 4.08
N GLN H 257 -5.67 54.70 4.74
CA GLN H 257 -5.78 55.46 5.98
C GLN H 257 -6.50 56.79 5.71
N VAL H 258 -6.17 57.44 4.60
CA VAL H 258 -6.85 58.69 4.23
C VAL H 258 -8.37 58.53 4.05
N ALA H 259 -8.77 57.57 3.21
CA ALA H 259 -10.20 57.33 2.94
C ALA H 259 -10.99 57.07 4.22
N THR H 260 -10.42 56.24 5.08
CA THR H 260 -11.07 55.93 6.34
C THR H 260 -11.20 57.16 7.24
N ALA H 261 -10.15 57.97 7.31
CA ALA H 261 -10.23 59.25 8.04
C ALA H 261 -11.42 60.09 7.58
N ARG H 262 -11.63 60.17 6.26
CA ARG H 262 -12.77 60.94 5.75
C ARG H 262 -14.11 60.38 6.27
N VAL H 263 -14.23 59.06 6.32
CA VAL H 263 -15.40 58.41 6.93
C VAL H 263 -15.60 58.79 8.40
N LEU H 264 -14.53 58.69 9.19
CA LEU H 264 -14.62 58.96 10.62
C LEU H 264 -14.95 60.44 10.89
N VAL H 265 -14.39 61.32 10.08
CA VAL H 265 -14.72 62.75 10.16
C VAL H 265 -16.23 63.01 10.12
N GLU H 266 -16.92 62.43 9.14
CA GLU H 266 -18.36 62.66 9.04
C GLU H 266 -19.14 62.00 10.18
N ARG H 267 -18.66 60.87 10.69
CA ARG H 267 -19.30 60.28 11.87
C ARG H 267 -19.14 61.21 13.06
N LEU H 268 -17.95 61.78 13.22
CA LEU H 268 -17.69 62.75 14.29
C LEU H 268 -18.57 63.98 14.14
N ARG H 269 -18.68 64.47 12.90
CA ARG H 269 -19.50 65.65 12.61
C ARG H 269 -20.97 65.42 12.92
N ALA H 270 -21.40 64.17 12.97
CA ALA H 270 -22.80 63.85 13.23
C ALA H 270 -23.06 63.29 14.63
N SER H 271 -22.11 63.45 15.55
CA SER H 271 -22.29 62.95 16.91
C SER H 271 -22.85 64.02 17.85
N PRO H 272 -23.85 63.64 18.66
CA PRO H 272 -24.41 64.55 19.66
C PRO H 272 -23.44 64.76 20.83
N VAL H 273 -22.35 64.01 20.89
CA VAL H 273 -21.39 64.18 21.96
C VAL H 273 -19.99 64.61 21.49
N VAL H 274 -19.92 65.21 20.31
CA VAL H 274 -18.67 65.77 19.78
C VAL H 274 -18.81 67.27 19.52
N GLY H 275 -17.80 68.02 19.92
CA GLY H 275 -17.75 69.45 19.64
C GLY H 275 -16.97 69.68 18.36
N ALA H 276 -15.98 70.56 18.39
CA ALA H 276 -15.17 70.83 17.22
C ALA H 276 -14.45 69.56 16.71
N VAL H 277 -14.51 69.34 15.40
CA VAL H 277 -13.76 68.28 14.76
C VAL H 277 -12.64 68.95 13.97
N HIS H 278 -11.42 68.41 14.07
CA HIS H 278 -10.30 68.98 13.32
C HIS H 278 -9.82 67.98 12.30
N TYR H 279 -9.63 68.47 11.07
CA TYR H 279 -9.11 67.67 9.98
C TYR H 279 -8.72 68.62 8.87
N PRO H 280 -7.50 68.47 8.32
CA PRO H 280 -6.99 69.42 7.31
C PRO H 280 -7.85 69.50 6.06
N GLY H 281 -8.69 68.49 5.79
CA GLY H 281 -9.51 68.49 4.59
C GLY H 281 -10.94 69.01 4.71
N LEU H 282 -11.29 69.62 5.84
CA LEU H 282 -12.61 70.23 6.01
C LEU H 282 -12.70 71.59 5.32
N PRO H 283 -13.88 71.90 4.73
CA PRO H 283 -14.19 73.21 4.14
C PRO H 283 -13.83 74.40 5.03
N GLU H 284 -14.31 74.40 6.27
CA GLU H 284 -14.17 75.57 7.11
C GLU H 284 -12.80 75.63 7.80
N HIS H 285 -11.87 74.76 7.40
CA HIS H 285 -10.50 74.85 7.91
C HIS H 285 -9.93 76.23 7.64
N PRO H 286 -9.28 76.83 8.66
CA PRO H 286 -8.76 78.19 8.53
C PRO H 286 -7.70 78.30 7.45
N GLN H 287 -6.97 77.22 7.19
CA GLN H 287 -5.99 77.22 6.10
C GLN H 287 -6.40 76.31 4.94
N HIS H 288 -7.65 76.38 4.47
CA HIS H 288 -8.09 75.40 3.46
C HIS H 288 -7.33 75.51 2.14
N ALA H 289 -6.98 76.73 1.76
CA ALA H 289 -6.27 76.97 0.50
C ALA H 289 -4.87 76.38 0.55
N VAL H 290 -4.18 76.61 1.66
CA VAL H 290 -2.81 76.12 1.81
C VAL H 290 -2.77 74.60 1.78
N VAL H 291 -3.74 73.97 2.44
CA VAL H 291 -3.87 72.52 2.42
C VAL H 291 -3.97 72.03 0.99
N LYS H 292 -4.88 72.65 0.24
CA LYS H 292 -5.14 72.29 -1.15
C LYS H 292 -3.90 72.41 -2.02
N ALA H 293 -3.12 73.47 -1.83
CA ALA H 293 -1.88 73.67 -2.56
C ALA H 293 -0.83 72.57 -2.28
N GLN H 294 -0.46 72.40 -1.02
CA GLN H 294 0.74 71.64 -0.69
C GLN H 294 0.57 70.14 -0.33
N MSE H 295 -0.67 69.65 -0.23
CA MSE H 295 -0.97 68.24 0.11
C MSE H 295 -1.88 67.58 -0.96
O MSE H 295 -2.93 68.15 -1.31
CB MSE H 295 -1.66 68.08 1.51
CG MSE H 295 -0.76 68.17 2.80
SE MSE H 295 -0.94 66.83 4.39
CE MSE H 295 -0.86 65.25 3.54
N SER H 296 -1.51 66.41 -1.44
CA SER H 296 -2.38 65.65 -2.35
C SER H 296 -3.65 65.07 -1.67
N ALA H 297 -3.62 64.93 -0.35
CA ALA H 297 -4.76 64.41 0.44
C ALA H 297 -4.52 64.85 1.88
N PRO H 298 -5.59 64.92 2.70
CA PRO H 298 -5.43 65.61 4.00
C PRO H 298 -4.86 64.81 5.18
N GLY H 299 -4.45 63.56 4.95
CA GLY H 299 -3.78 62.81 5.99
C GLY H 299 -4.68 61.90 6.79
N ALA H 300 -4.10 61.26 7.79
CA ALA H 300 -4.78 60.21 8.55
C ALA H 300 -4.81 60.51 10.04
N ILE H 301 -4.63 61.77 10.40
CA ILE H 301 -4.76 62.19 11.79
C ILE H 301 -6.06 62.97 11.91
N VAL H 302 -6.84 62.67 12.93
CA VAL H 302 -8.09 63.38 13.15
C VAL H 302 -8.13 63.68 14.63
N SER H 303 -8.58 64.87 15.00
CA SER H 303 -8.83 65.14 16.42
C SER H 303 -10.17 65.85 16.64
N PHE H 304 -10.66 65.79 17.87
CA PHE H 304 -11.99 66.30 18.18
C PHE H 304 -12.20 66.48 19.68
N ASP H 305 -13.13 67.36 20.02
CA ASP H 305 -13.50 67.61 21.40
C ASP H 305 -14.64 66.67 21.80
N TYR H 306 -14.38 65.88 22.84
CA TYR H 306 -15.38 64.99 23.40
C TYR H 306 -16.23 65.73 24.44
N LEU H 307 -17.55 65.56 24.38
CA LEU H 307 -18.47 66.26 25.27
C LEU H 307 -19.23 65.34 26.25
N GLY H 308 -19.06 64.03 26.17
CA GLY H 308 -19.86 63.11 26.97
C GLY H 308 -19.35 62.71 28.35
N GLY H 309 -18.29 63.34 28.82
CA GLY H 309 -17.76 63.00 30.14
C GLY H 309 -16.25 62.81 30.13
N PRO H 310 -15.70 62.21 31.19
CA PRO H 310 -14.26 62.08 31.31
C PRO H 310 -13.61 61.39 30.10
N ALA H 311 -12.57 62.00 29.55
CA ALA H 311 -11.84 61.41 28.45
C ALA H 311 -11.35 60.01 28.83
N GLU H 312 -10.98 59.85 30.10
CA GLU H 312 -10.49 58.55 30.58
C GLU H 312 -11.50 57.41 30.40
N ARG H 313 -12.79 57.72 30.55
CA ARG H 313 -13.82 56.71 30.33
C ARG H 313 -14.02 56.42 28.84
N LEU H 314 -14.02 57.47 28.01
CA LEU H 314 -14.10 57.30 26.57
C LEU H 314 -13.00 56.35 26.08
N LEU H 315 -11.77 56.65 26.49
CA LEU H 315 -10.64 55.79 26.14
C LEU H 315 -10.88 54.33 26.55
N ASP H 316 -11.42 54.12 27.74
CA ASP H 316 -11.69 52.77 28.22
C ASP H 316 -12.70 52.01 27.37
N ARG H 317 -13.51 52.72 26.57
CA ARG H 317 -14.59 52.06 25.83
C ARG H 317 -14.23 51.54 24.44
N PHE H 318 -13.13 52.02 23.86
CA PHE H 318 -12.70 51.49 22.57
C PHE H 318 -12.35 50.00 22.64
N THR H 319 -12.78 49.21 21.66
CA THR H 319 -12.44 47.80 21.64
C THR H 319 -11.70 47.37 20.37
N LEU H 320 -11.49 48.31 19.45
CA LEU H 320 -10.74 48.03 18.22
C LEU H 320 -9.58 49.02 18.10
N PHE H 321 -9.90 50.33 18.15
CA PHE H 321 -8.87 51.35 18.34
C PHE H 321 -8.02 50.97 19.56
N THR H 322 -6.71 51.16 19.44
CA THR H 322 -5.77 50.90 20.52
C THR H 322 -5.31 52.22 21.15
N CYS H 323 -5.27 52.29 22.48
CA CYS H 323 -4.82 53.48 23.18
C CYS H 323 -3.30 53.50 23.44
N GLY H 324 -2.62 54.48 22.83
CA GLY H 324 -1.23 54.73 23.16
C GLY H 324 -0.23 55.14 22.08
N VAL H 325 0.32 56.35 22.24
CA VAL H 325 1.24 57.10 21.37
C VAL H 325 1.82 56.54 20.05
N SER H 326 2.38 57.43 19.24
CA SER H 326 2.80 57.17 17.85
C SER H 326 1.62 57.16 16.86
N LEU H 327 1.94 57.07 15.57
CA LEU H 327 0.96 57.24 14.51
C LEU H 327 1.42 56.53 13.24
N GLY H 328 0.60 56.57 12.21
CA GLY H 328 1.01 56.14 10.89
C GLY H 328 0.92 54.64 10.65
N GLY H 329 0.73 53.87 11.72
CA GLY H 329 0.76 52.42 11.64
C GLY H 329 -0.45 51.76 10.99
N VAL H 330 -0.42 50.43 10.86
CA VAL H 330 -1.56 49.72 10.31
C VAL H 330 -2.66 49.52 11.34
N HIS H 331 -2.28 49.50 12.62
CA HIS H 331 -3.24 49.43 13.71
C HIS H 331 -3.74 50.83 14.05
N SER H 332 -5.06 51.02 14.03
CA SER H 332 -5.63 52.31 14.41
C SER H 332 -5.38 52.64 15.88
N LEU H 333 -4.99 53.88 16.16
CA LEU H 333 -4.62 54.26 17.51
C LEU H 333 -5.36 55.49 18.00
N VAL H 334 -5.71 55.50 19.28
CA VAL H 334 -6.41 56.63 19.87
C VAL H 334 -5.62 57.15 21.07
N GLU H 335 -5.63 58.47 21.26
CA GLU H 335 -4.99 59.08 22.43
C GLU H 335 -5.76 60.32 22.90
N CYS H 336 -5.57 60.64 24.17
CA CYS H 336 -6.03 61.92 24.71
C CYS H 336 -4.78 62.70 25.03
N PRO H 337 -4.49 63.76 24.24
CA PRO H 337 -3.25 64.51 24.42
C PRO H 337 -3.08 65.02 25.85
N ALA H 338 -4.16 65.46 26.47
CA ALA H 338 -4.04 66.03 27.80
C ALA H 338 -3.73 64.96 28.85
N LEU H 339 -4.20 63.73 28.62
CA LEU H 339 -3.91 62.63 29.54
C LEU H 339 -2.57 61.98 29.22
N MSE H 340 -2.06 62.24 28.03
CA MSE H 340 -0.97 61.43 27.49
C MSE H 340 0.23 62.25 26.93
O MSE H 340 1.10 62.63 27.71
CB MSE H 340 -1.54 60.37 26.50
CG MSE H 340 -2.44 59.33 27.22
SE MSE H 340 -3.68 58.18 26.23
CE MSE H 340 -2.42 57.44 24.94
N THR H 341 0.28 62.53 25.63
CA THR H 341 1.40 63.31 25.07
C THR H 341 1.57 64.74 25.60
N HIS H 342 0.49 65.39 26.02
CA HIS H 342 0.54 66.81 26.39
C HIS H 342 0.41 67.06 27.87
N ARG H 343 0.21 65.98 28.62
CA ARG H 343 0.19 66.05 30.08
C ARG H 343 1.36 66.82 30.74
N PRO H 344 2.58 66.75 30.16
CA PRO H 344 3.64 67.51 30.83
C PRO H 344 3.54 69.03 30.62
N LEU H 345 2.73 69.47 29.67
CA LEU H 345 2.41 70.89 29.52
C LEU H 345 1.51 71.28 30.69
N SER H 346 1.45 72.57 31.02
CA SER H 346 0.65 72.98 32.19
C SER H 346 -0.84 73.19 31.88
N ALA H 347 -1.64 73.18 32.95
CA ALA H 347 -3.10 73.18 32.83
C ALA H 347 -3.66 74.52 32.33
N GLU H 348 -2.88 75.58 32.49
CA GLU H 348 -3.19 76.81 31.79
C GLU H 348 -2.61 76.63 30.40
N ALA H 349 -1.31 76.33 30.37
CA ALA H 349 -0.54 76.23 29.13
C ALA H 349 -1.16 75.32 28.08
N ARG H 350 -1.82 74.25 28.52
CA ARG H 350 -2.45 73.31 27.59
C ARG H 350 -3.51 74.07 26.81
N ALA H 351 -4.35 74.78 27.55
CA ALA H 351 -5.41 75.60 26.99
C ALA H 351 -4.83 76.66 26.06
N ARG H 352 -3.90 77.45 26.58
CA ARG H 352 -3.27 78.50 25.79
C ARG H 352 -2.72 77.93 24.48
N ARG H 353 -2.28 76.67 24.50
CA ARG H 353 -1.83 76.01 23.29
C ARG H 353 -2.99 75.50 22.43
N GLY H 354 -4.18 75.40 23.02
CA GLY H 354 -5.35 74.93 22.30
C GLY H 354 -5.77 73.49 22.61
N ILE H 355 -4.94 72.77 23.36
CA ILE H 355 -5.17 71.34 23.63
C ILE H 355 -5.92 71.11 24.95
N GLY H 356 -7.25 71.08 24.88
CA GLY H 356 -8.09 70.91 26.06
C GLY H 356 -7.98 69.51 26.65
N GLU H 357 -8.49 69.35 27.87
CA GLU H 357 -8.50 68.04 28.53
C GLU H 357 -9.35 67.01 27.80
N SER H 358 -10.33 67.48 27.04
CA SER H 358 -11.29 66.59 26.41
C SER H 358 -11.03 66.43 24.91
N LEU H 359 -9.89 66.93 24.45
CA LEU H 359 -9.48 66.69 23.07
C LEU H 359 -9.00 65.25 22.90
N ILE H 360 -9.36 64.64 21.77
CA ILE H 360 -9.06 63.26 21.48
C ILE H 360 -8.41 63.19 20.11
N ARG H 361 -7.35 62.40 19.98
CA ARG H 361 -6.68 62.24 18.70
C ARG H 361 -6.76 60.83 18.15
N LEU H 362 -7.12 60.72 16.87
CA LEU H 362 -7.17 59.44 16.17
C LEU H 362 -6.07 59.30 15.11
N SER H 363 -5.37 58.18 15.14
CA SER H 363 -4.44 57.84 14.08
C SER H 363 -5.01 56.66 13.30
N VAL H 364 -5.47 56.92 12.09
CA VAL H 364 -6.18 55.93 11.31
C VAL H 364 -5.21 54.87 10.78
N GLY H 365 -5.56 53.60 11.00
CA GLY H 365 -4.82 52.49 10.45
C GLY H 365 -5.53 51.95 9.21
N ILE H 366 -5.32 50.66 8.90
CA ILE H 366 -5.86 50.10 7.66
C ILE H 366 -6.97 49.04 7.87
N GLU H 367 -7.53 49.00 9.07
CA GLU H 367 -8.65 48.08 9.34
C GLU H 367 -9.89 48.45 8.50
N ASP H 368 -10.89 47.57 8.49
CA ASP H 368 -12.11 47.86 7.75
C ASP H 368 -12.75 49.15 8.23
N PRO H 369 -13.12 50.05 7.29
CA PRO H 369 -13.59 51.38 7.71
C PRO H 369 -14.87 51.38 8.56
N GLN H 370 -15.84 50.52 8.26
CA GLN H 370 -17.03 50.53 9.12
C GLN H 370 -16.79 49.83 10.45
N ASP H 371 -15.79 48.94 10.53
CA ASP H 371 -15.37 48.42 11.83
C ASP H 371 -14.86 49.57 12.71
N LEU H 372 -14.00 50.40 12.14
CA LEU H 372 -13.48 51.56 12.85
C LEU H 372 -14.61 52.56 13.14
N ALA H 373 -15.49 52.78 12.16
CA ALA H 373 -16.62 53.67 12.35
C ALA H 373 -17.48 53.15 13.49
N GLU H 374 -17.71 51.83 13.50
CA GLU H 374 -18.53 51.23 14.53
C GLU H 374 -17.89 51.33 15.91
N ASP H 375 -16.61 50.98 16.01
CA ASP H 375 -15.89 51.10 17.28
C ASP H 375 -15.96 52.54 17.82
N LEU H 376 -15.71 53.51 16.94
CA LEU H 376 -15.74 54.91 17.33
C LEU H 376 -17.12 55.31 17.88
N SER H 377 -18.17 54.92 17.16
CA SER H 377 -19.54 55.28 17.55
C SER H 377 -19.98 54.61 18.86
N ARG H 378 -19.62 53.34 19.02
CA ARG H 378 -19.98 52.64 20.26
C ARG H 378 -19.25 53.29 21.42
N ALA H 379 -17.96 53.58 21.23
CA ALA H 379 -17.16 54.20 22.28
C ALA H 379 -17.69 55.57 22.68
N LEU H 380 -17.93 56.44 21.70
CA LEU H 380 -18.52 57.78 21.95
C LEU H 380 -19.79 57.70 22.77
N ALA H 381 -20.59 56.65 22.52
CA ALA H 381 -21.80 56.38 23.28
C ALA H 381 -22.80 57.53 23.23
N GLY H 382 -22.85 58.21 22.09
CA GLY H 382 -23.96 59.08 21.81
C GLY H 382 -24.92 58.20 21.04
N GLY H 383 -24.32 57.34 20.22
CA GLY H 383 -25.05 56.52 19.28
C GLY H 383 -24.52 56.77 17.89
O1 MES I . -14.41 -14.90 -20.69
C2 MES I . -13.73 -13.91 -21.45
C3 MES I . -12.44 -14.36 -22.16
N4 MES I . -12.32 -15.81 -22.32
C5 MES I . -12.82 -16.71 -21.28
C6 MES I . -13.56 -15.91 -20.19
C7 MES I . -11.89 -16.36 -23.63
C8 MES I . -10.36 -16.56 -23.66
S MES I . -9.69 -17.21 -25.08
O1S MES I . -8.68 -16.29 -25.62
O2S MES I . -9.00 -18.49 -24.74
O3S MES I . -10.70 -17.44 -26.16
C1 GOL J . 8.39 -12.92 -2.16
O1 GOL J . 8.49 -12.49 -3.52
C2 GOL J . 8.90 -14.35 -2.02
O2 GOL J . 9.78 -14.41 -0.93
C3 GOL J . 9.68 -14.74 -3.27
O3 GOL J . 10.81 -13.89 -3.33
C1 GOL K . 0.03 -44.94 -4.86
O1 GOL K . 0.65 -45.16 -6.11
C2 GOL K . -0.69 -43.62 -5.04
O2 GOL K . -0.33 -42.73 -4.00
C3 GOL K . -0.30 -43.03 -6.38
O3 GOL K . -1.20 -42.03 -6.79
C1 GOL L . 14.56 -24.33 -15.79
O1 GOL L . 15.02 -24.52 -17.12
C2 GOL L . 15.76 -24.14 -14.86
O2 GOL L . 16.20 -22.81 -14.90
C3 GOL L . 15.36 -24.51 -13.44
O3 GOL L . 16.42 -24.34 -12.54
C1 GOL M . -4.27 -20.51 7.33
O1 GOL M . -3.82 -20.13 6.05
C2 GOL M . -3.91 -21.97 7.59
O2 GOL M . -3.30 -22.05 8.85
C3 GOL M . -5.17 -22.84 7.57
O3 GOL M . -4.99 -24.01 6.81
CL CL N . 14.04 -13.11 -8.58
O1 MES O . -5.26 -26.83 8.73
C2 MES O . -5.72 -27.20 10.02
C3 MES O . -7.24 -27.12 10.21
N4 MES O . -7.88 -27.68 9.03
C5 MES O . -7.02 -28.36 8.05
C6 MES O . -5.95 -27.37 7.61
C7 MES O . -9.24 -28.20 9.19
C8 MES O . -9.92 -27.60 10.43
S MES O . -10.97 -28.67 11.14
O1S MES O . -12.09 -28.95 10.22
O2S MES O . -10.27 -29.90 11.50
O3S MES O . -11.52 -28.07 12.38
C1 GOL P . -27.99 -45.89 11.61
O1 GOL P . -29.07 -45.95 12.52
C2 GOL P . -26.81 -46.72 12.08
O2 GOL P . -25.71 -45.88 12.36
C3 GOL P . -27.18 -47.50 13.33
O3 GOL P . -28.36 -48.26 13.12
C1 GOL Q . -34.75 -15.92 5.80
O1 GOL Q . -35.28 -16.66 4.73
C2 GOL Q . -33.72 -14.96 5.26
O2 GOL Q . -33.93 -13.69 5.85
C3 GOL Q . -33.92 -14.84 3.76
O3 GOL Q . -33.45 -13.59 3.29
C1 GOL R . -13.90 -11.26 -17.33
O1 GOL R . -14.11 -10.29 -16.33
C2 GOL R . -12.60 -12.00 -17.06
O2 GOL R . -12.71 -13.37 -17.45
C3 GOL R . -12.21 -11.85 -15.58
O3 GOL R . -11.92 -10.50 -15.28
C1 GOL S . -29.80 -27.00 -17.01
O1 GOL S . -29.01 -27.29 -18.13
C2 GOL S . -30.25 -28.30 -16.34
O2 GOL S . -30.08 -28.24 -14.94
C3 GOL S . -29.55 -29.53 -16.91
O3 GOL S . -28.37 -29.84 -16.20
C1 GOL T . -19.82 -26.85 28.46
O1 GOL T . -20.03 -27.84 27.49
C2 GOL T . -19.25 -27.52 29.71
O2 GOL T . -17.97 -26.98 29.96
C3 GOL T . -20.15 -27.18 30.89
O3 GOL T . -21.49 -27.19 30.46
C1 GOL U . -23.87 -3.79 4.44
O1 GOL U . -23.60 -2.48 4.90
C2 GOL U . -24.79 -4.50 5.43
O2 GOL U . -25.12 -5.77 4.91
C3 GOL U . -26.06 -3.68 5.63
O3 GOL U . -25.77 -2.50 6.34
CL CL V . -33.90 -22.50 16.77
CL CL W . -18.03 -14.59 -24.09
O1 MES X . -35.60 -53.18 -19.22
C2 MES X . -36.93 -53.67 -19.41
C3 MES X . -37.58 -54.04 -18.08
N4 MES X . -37.72 -52.73 -17.47
C5 MES X . -36.55 -51.87 -17.40
C6 MES X . -35.39 -52.75 -17.86
C7 MES X . -38.83 -52.55 -16.56
C8 MES X . -38.35 -53.37 -15.37
S MES X . -38.03 -52.25 -14.23
O1S MES X . -39.10 -51.25 -14.31
O2S MES X . -36.76 -51.52 -14.48
O3S MES X . -38.09 -52.89 -12.89
C1 GOL Y . -22.94 -67.41 5.99
O1 GOL Y . -22.07 -68.39 6.53
C2 GOL Y . -24.08 -67.15 6.96
O2 GOL Y . -25.30 -67.66 6.46
C3 GOL Y . -24.19 -65.64 7.15
O3 GOL Y . -24.79 -65.36 8.40
C FMT Z . -21.48 -74.26 -8.41
O1 FMT Z . -22.59 -74.45 -8.94
O2 FMT Z . -21.30 -74.10 -7.20
CL CL AA . -24.26 -73.40 -2.74
O1 MES BA . -5.54 -62.56 -19.06
C2 MES BA . -4.97 -63.01 -20.28
C3 MES BA . -3.99 -62.02 -20.90
N4 MES BA . -4.70 -60.75 -21.01
C5 MES BA . -5.24 -60.18 -19.77
C6 MES BA . -6.13 -61.26 -19.12
C7 MES BA . -4.45 -59.88 -22.17
C8 MES BA . -3.11 -60.15 -22.88
S MES BA . -2.78 -58.72 -23.67
O1S MES BA . -2.43 -58.89 -25.11
O2S MES BA . -4.01 -57.91 -23.65
O3S MES BA . -1.69 -57.97 -23.01
C1 GOL CA . -21.38 -51.12 -45.47
O1 GOL CA . -22.65 -50.54 -45.26
C2 GOL CA . -20.59 -50.89 -44.21
O2 GOL CA . -21.50 -50.47 -43.25
C3 GOL CA . -19.58 -49.76 -44.44
O3 GOL CA . -18.77 -50.05 -45.56
C1 GOL DA . -35.63 -56.42 -21.15
O1 GOL DA . -35.45 -55.09 -21.58
C2 GOL DA . -34.75 -56.73 -19.94
O2 GOL DA . -34.73 -55.64 -19.01
C3 GOL DA . -35.29 -57.99 -19.28
O3 GOL DA . -35.58 -58.93 -20.30
C1 GOL EA . -31.40 -63.31 -35.56
O1 GOL EA . -31.61 -64.70 -35.42
C2 GOL EA . -29.94 -63.07 -35.94
O2 GOL EA . -29.18 -62.94 -34.75
C3 GOL EA . -29.86 -61.77 -36.74
O3 GOL EA . -28.57 -61.68 -37.27
CL CL FA . -25.32 -60.69 -40.07
CL CL GA . -33.33 -68.26 -29.56
CL CL HA . -5.81 -49.65 -47.19
O1 MES IA . 10.38 25.45 -8.61
C2 MES IA . 9.86 25.09 -9.90
C3 MES IA . 8.33 25.21 -10.01
N4 MES IA . 7.99 26.59 -9.66
C5 MES IA . 8.67 27.16 -8.49
C6 MES IA . 9.44 26.05 -7.75
C7 MES IA . 7.48 27.46 -10.76
C8 MES IA . 6.00 27.92 -10.66
S MES IA . 5.90 29.45 -9.99
O1S MES IA . 6.36 30.56 -10.86
O2S MES IA . 6.86 29.36 -8.86
O3S MES IA . 4.59 29.77 -9.41
C1 GOL JA . -17.11 26.73 6.17
O1 GOL JA . -16.72 28.07 5.97
C2 GOL JA . -17.12 26.40 7.66
O2 GOL JA . -16.05 25.55 7.98
C3 GOL JA . -17.00 27.63 8.54
O3 GOL JA . -16.85 27.20 9.88
C1 GOL KA . 7.72 14.06 18.23
O1 GOL KA . 7.96 15.05 19.20
C2 GOL KA . 6.67 13.07 18.72
O2 GOL KA . 7.33 11.95 19.25
C3 GOL KA . 5.76 12.65 17.57
O3 GOL KA . 6.42 11.74 16.72
C1 GOL LA . -8.36 10.73 7.09
O1 GOL LA . -9.34 9.72 7.28
C2 GOL LA . -8.08 11.47 8.39
O2 GOL LA . -8.53 12.79 8.29
C3 GOL LA . -8.82 10.80 9.54
O3 GOL LA . -9.24 11.78 10.46
CL CL MA . -12.75 17.04 6.44
O1 MES NA . 11.28 15.93 23.17
C2 MES NA . 11.85 15.31 24.30
C3 MES NA . 13.24 14.74 24.05
N4 MES NA . 14.10 15.86 23.65
C5 MES NA . 13.55 16.94 22.83
C6 MES NA . 12.21 16.49 22.25
C7 MES NA . 15.24 16.15 24.51
C8 MES NA . 16.48 15.90 23.70
S MES NA . 17.61 14.94 24.52
O1S MES NA . 16.98 13.69 25.04
O2S MES NA . 18.14 15.71 25.68
O3S MES NA . 18.66 14.60 23.54
C1 GOL OA . 18.42 5.93 -1.52
O1 GOL OA . 18.51 5.22 -0.30
C2 GOL OA . 18.73 4.98 -2.66
O2 GOL OA . 17.53 4.67 -3.33
C3 GOL OA . 19.68 5.66 -3.62
O3 GOL OA . 20.96 5.75 -3.04
C1 GOL PA . 40.00 25.53 21.09
O1 GOL PA . 39.28 25.27 19.90
C2 GOL PA . 39.05 25.30 22.25
O2 GOL PA . 38.65 23.95 22.33
C3 GOL PA . 39.62 25.74 23.60
O3 GOL PA . 38.55 25.74 24.51
C1 GOL QA . 35.97 26.14 29.10
O1 GOL QA . 36.52 24.89 29.46
C2 GOL QA . 36.72 27.27 29.79
O2 GOL QA . 37.29 28.19 28.88
C3 GOL QA . 35.78 28.07 30.69
O3 GOL QA . 36.34 29.35 30.80
C1 GOL RA . 8.84 21.43 -7.19
O1 GOL RA . 9.56 22.53 -6.65
C2 GOL RA . 9.55 20.10 -6.91
O2 GOL RA . 10.37 19.79 -8.01
C3 GOL RA . 8.51 19.00 -6.76
O3 GOL RA . 9.08 17.74 -7.08
C1 GOL SA . 34.48 11.16 4.36
O1 GOL SA . 33.59 10.58 3.41
C2 GOL SA . 34.97 10.09 5.32
O2 GOL SA . 35.04 8.84 4.65
C3 GOL SA . 36.35 10.46 5.82
O3 GOL SA . 36.28 11.67 6.55
C FMT TA . 28.11 20.30 0.01
O1 FMT TA . 28.65 21.28 -0.54
O2 FMT TA . 26.90 20.08 0.06
CL CL UA . 24.05 5.24 -0.78
O1 MES VA . 36.68 54.26 11.62
C2 MES VA . 38.08 54.30 11.89
C3 MES VA . 38.47 53.53 13.15
N4 MES VA . 37.86 52.22 13.13
C5 MES VA . 36.60 51.99 12.43
C6 MES VA . 35.91 53.35 12.39
C7 MES VA . 38.65 51.08 13.61
C8 MES VA . 38.01 50.49 14.86
S MES VA . 39.17 49.56 15.64
O1S MES VA . 38.59 48.72 16.72
O2S MES VA . 39.76 48.64 14.62
O3S MES VA . 40.22 50.44 16.21
C1 GOL WA . 29.56 48.60 41.82
O1 GOL WA . 28.83 49.49 42.63
C2 GOL WA . 30.99 48.59 42.32
O2 GOL WA . 31.62 49.79 41.99
C3 GOL WA . 31.78 47.39 41.76
O3 GOL WA . 31.19 46.19 42.16
C1 GOL XA . 43.84 40.84 38.63
O1 GOL XA . 43.02 41.68 37.85
C2 GOL XA . 43.38 40.94 40.08
O2 GOL XA . 44.12 41.95 40.74
C3 GOL XA . 41.90 41.34 40.07
O3 GOL XA . 41.80 42.66 39.58
C FMT YA . 25.69 64.38 35.61
O1 FMT YA . 25.30 65.34 34.95
O2 FMT YA . 24.95 63.74 36.36
CL CL ZA . 28.93 59.79 39.02
O1 MES AB . 7.56 59.71 23.14
C2 MES AB . 6.97 60.99 23.41
C3 MES AB . 5.63 61.18 22.69
N4 MES AB . 5.79 60.84 21.29
C5 MES AB . 6.29 59.49 21.05
C6 MES AB . 7.64 59.42 21.75
C7 MES AB . 4.75 61.36 20.42
C8 MES AB . 4.33 60.20 19.53
S MES AB . 3.08 60.61 18.53
O1S MES AB . 3.49 60.11 17.20
O2S MES AB . 1.88 59.90 19.07
O3S MES AB . 2.77 62.05 18.41
C1 GOL BB . 12.92 67.30 -6.75
O1 GOL BB . 13.69 67.05 -7.92
C2 GOL BB . 13.65 68.24 -5.81
O2 GOL BB . 13.48 67.87 -4.48
C3 GOL BB . 15.10 68.27 -6.08
O3 GOL BB . 15.61 69.56 -5.78
C1 GOL CB . 10.59 63.19 24.35
O1 GOL CB . 9.85 63.16 23.13
C2 GOL CB . 10.94 64.55 24.96
O2 GOL CB . 10.01 65.54 24.56
C3 GOL CB . 12.35 64.93 24.52
O3 GOL CB . 12.91 65.92 25.34
C1 GOL DB . -5.47 55.91 30.85
O1 GOL DB . -5.32 55.25 29.62
C2 GOL DB . -5.31 57.42 30.64
O2 GOL DB . -6.10 58.12 31.58
C3 GOL DB . -3.83 57.77 30.81
O3 GOL DB . -3.72 59.09 31.27
C1 GOL EB . 28.27 72.67 6.27
O1 GOL EB . 29.22 72.13 5.37
C2 GOL EB . 26.94 71.94 6.07
O2 GOL EB . 26.28 72.44 4.93
C3 GOL EB . 26.05 72.04 7.29
O3 GOL EB . 26.19 73.30 7.90
CL CL FB . 21.04 73.97 3.44
CL CL GB . 3.77 60.63 26.88
N MSE A 7 13.58 -39.55 -22.05
CA MSE A 7 12.20 -39.18 -22.33
C MSE A 7 12.04 -37.81 -22.96
O MSE A 7 11.32 -36.95 -22.42
CB MSE A 7 11.25 -39.39 -21.16
CG MSE A 7 11.80 -40.02 -19.96
SE MSE A 7 12.13 -38.31 -19.59
CE MSE A 7 14.06 -38.56 -19.41
N ARG A 8 12.68 -37.62 -24.11
CA ARG A 8 12.33 -36.51 -25.01
C ARG A 8 10.81 -36.34 -25.05
N PHE A 9 10.36 -35.10 -25.28
CA PHE A 9 9.03 -34.63 -24.88
C PHE A 9 7.89 -35.62 -24.66
N GLY A 10 7.60 -36.45 -25.67
CA GLY A 10 6.53 -37.41 -25.60
C GLY A 10 6.56 -38.27 -24.34
N THR A 11 7.72 -38.81 -23.99
CA THR A 11 7.77 -39.75 -22.90
C THR A 11 7.60 -39.05 -21.56
N ARG A 12 8.14 -37.83 -21.45
CA ARG A 12 7.92 -37.01 -20.27
C ARG A 12 6.45 -36.72 -20.04
N LEU A 13 5.71 -36.53 -21.13
CA LEU A 13 4.26 -36.31 -21.05
C LEU A 13 3.51 -37.52 -20.51
N VAL A 14 4.03 -38.71 -20.79
CA VAL A 14 3.35 -39.95 -20.39
C VAL A 14 3.76 -40.41 -18.99
N HIS A 15 5.03 -40.21 -18.65
CA HIS A 15 5.58 -40.75 -17.41
C HIS A 15 5.97 -39.76 -16.31
N GLY A 16 5.95 -38.46 -16.62
CA GLY A 16 6.14 -37.43 -15.62
C GLY A 16 5.16 -37.59 -14.48
N GLY A 17 5.68 -37.57 -13.25
CA GLY A 17 4.87 -37.80 -12.07
C GLY A 17 4.24 -39.18 -11.97
N ARG A 18 4.90 -40.21 -12.53
CA ARG A 18 4.30 -41.55 -12.49
C ARG A 18 4.88 -42.55 -11.47
N ARG A 19 4.68 -42.25 -10.19
CA ARG A 19 4.80 -43.19 -9.07
C ARG A 19 4.36 -44.64 -9.35
N PRO A 20 4.99 -45.60 -8.64
CA PRO A 20 4.50 -46.98 -8.51
C PRO A 20 3.61 -47.13 -7.31
N SER A 21 2.70 -48.09 -7.34
CA SER A 21 1.76 -48.27 -6.24
C SER A 21 1.96 -49.61 -5.56
N ALA A 22 3.01 -49.75 -4.74
CA ALA A 22 3.37 -51.06 -4.18
C ALA A 22 2.17 -51.87 -3.72
N GLY A 23 2.26 -53.18 -3.86
CA GLY A 23 1.12 -54.04 -3.57
C GLY A 23 0.27 -54.24 -4.81
N THR A 24 -0.23 -53.15 -5.38
CA THR A 24 -1.13 -53.27 -6.51
C THR A 24 -0.44 -53.08 -7.88
N GLY A 25 0.44 -52.08 -7.97
CA GLY A 25 1.24 -51.89 -9.16
C GLY A 25 0.59 -51.19 -10.35
N ASP A 26 -0.52 -50.50 -10.09
CA ASP A 26 -1.25 -49.77 -11.11
C ASP A 26 -0.32 -48.90 -11.96
N VAL A 27 -0.49 -48.98 -13.28
CA VAL A 27 0.27 -48.17 -14.22
C VAL A 27 -0.22 -46.72 -14.23
N VAL A 28 -1.55 -46.55 -14.30
CA VAL A 28 -2.16 -45.24 -14.13
C VAL A 28 -2.33 -44.99 -12.64
N PRO A 29 -1.82 -43.86 -12.12
CA PRO A 29 -2.00 -43.55 -10.70
C PRO A 29 -3.47 -43.48 -10.32
N PRO A 30 -3.84 -44.06 -9.18
CA PRO A 30 -5.22 -44.04 -8.68
C PRO A 30 -5.61 -42.64 -8.22
N ILE A 31 -6.88 -42.31 -8.35
CA ILE A 31 -7.34 -40.96 -8.10
C ILE A 31 -7.56 -40.75 -6.59
N HIS A 32 -6.74 -39.87 -6.00
CA HIS A 32 -6.84 -39.57 -4.57
C HIS A 32 -7.90 -38.52 -4.28
N VAL A 33 -9.12 -38.95 -3.97
CA VAL A 33 -10.19 -37.99 -3.72
C VAL A 33 -10.29 -37.61 -2.26
N SER A 34 -9.65 -38.38 -1.38
CA SER A 34 -9.82 -38.18 0.06
C SER A 34 -9.42 -36.78 0.52
N THR A 35 -10.27 -36.17 1.34
CA THR A 35 -9.93 -34.89 1.95
C THR A 35 -9.17 -35.10 3.26
N THR A 36 -9.41 -36.22 3.93
CA THR A 36 -8.84 -36.40 5.27
C THR A 36 -7.87 -37.61 5.40
N TYR A 37 -6.84 -37.45 6.22
CA TYR A 37 -5.80 -38.47 6.38
C TYR A 37 -5.67 -38.97 7.83
N GLU A 38 -5.58 -40.29 7.99
CA GLU A 38 -5.14 -40.88 9.25
C GLU A 38 -3.63 -40.85 9.23
N ARG A 39 -3.01 -40.32 10.27
CA ARG A 39 -1.56 -40.25 10.22
C ARG A 39 -0.79 -41.49 10.68
N ARG A 40 -1.52 -42.53 11.10
CA ARG A 40 -0.92 -43.82 11.51
C ARG A 40 -0.70 -44.79 10.34
N ALA A 41 -1.21 -44.44 9.15
CA ALA A 41 -1.02 -45.26 7.97
C ALA A 41 0.25 -44.84 7.25
N GLN A 42 0.86 -43.77 7.78
CA GLN A 42 2.08 -43.17 7.25
C GLN A 42 3.20 -43.55 8.20
N ASP A 43 4.43 -43.38 7.75
CA ASP A 43 5.57 -43.51 8.64
C ASP A 43 6.00 -42.13 9.12
N GLU A 44 6.05 -41.17 8.20
CA GLU A 44 6.56 -39.84 8.47
C GLU A 44 5.60 -38.79 7.91
N PRO A 45 5.25 -37.77 8.73
CA PRO A 45 4.22 -36.74 8.48
C PRO A 45 4.24 -36.13 7.07
N ARG A 46 3.36 -36.60 6.19
CA ARG A 46 3.42 -36.20 4.78
C ARG A 46 2.11 -35.73 4.12
N TYR A 47 0.97 -36.17 4.66
CA TYR A 47 -0.33 -35.71 4.19
C TYR A 47 -1.23 -35.41 5.38
N PHE A 48 -1.77 -34.20 5.43
CA PHE A 48 -2.43 -33.71 6.64
C PHE A 48 -3.85 -33.25 6.38
N TYR A 49 -4.09 -32.73 5.18
CA TYR A 49 -5.40 -32.22 4.82
C TYR A 49 -5.37 -31.82 3.36
N GLY A 50 -6.42 -32.16 2.64
CA GLY A 50 -6.47 -32.05 1.19
C GLY A 50 -6.14 -30.69 0.59
N ARG A 51 -6.56 -29.61 1.24
CA ARG A 51 -6.21 -28.28 0.73
C ARG A 51 -4.69 -28.05 0.71
N GLY A 52 -3.96 -28.68 1.64
CA GLY A 52 -2.52 -28.52 1.70
C GLY A 52 -1.72 -29.45 0.80
N GLU A 53 -2.08 -30.74 0.80
CA GLU A 53 -1.32 -31.78 0.10
C GLU A 53 -2.28 -32.83 -0.47
N ASN A 54 -1.96 -33.33 -1.65
CA ASN A 54 -2.77 -34.36 -2.32
C ASN A 54 -1.95 -35.03 -3.41
N PRO A 55 -1.79 -36.36 -3.35
CA PRO A 55 -0.83 -37.01 -4.25
C PRO A 55 -1.21 -36.88 -5.73
N THR A 56 -2.51 -36.91 -6.05
CA THR A 56 -2.92 -36.79 -7.44
C THR A 56 -2.50 -35.42 -7.98
N ARG A 57 -2.75 -34.39 -7.18
CA ARG A 57 -2.37 -33.04 -7.50
C ARG A 57 -0.84 -32.94 -7.71
N GLU A 58 -0.09 -33.52 -6.78
CA GLU A 58 1.38 -33.43 -6.83
C GLU A 58 1.96 -34.13 -8.05
N GLU A 59 1.33 -35.24 -8.45
CA GLU A 59 1.77 -35.95 -9.64
C GLU A 59 1.56 -35.10 -10.89
N LEU A 60 0.44 -34.42 -10.99
CA LEU A 60 0.25 -33.48 -12.08
C LEU A 60 1.32 -32.37 -12.04
N GLU A 61 1.62 -31.89 -10.85
CA GLU A 61 2.64 -30.86 -10.70
C GLU A 61 4.05 -31.33 -11.11
N GLU A 62 4.42 -32.54 -10.71
CA GLU A 62 5.72 -33.07 -11.09
C GLU A 62 5.82 -33.24 -12.62
N CYS A 63 4.72 -33.66 -13.25
CA CYS A 63 4.69 -33.77 -14.71
C CYS A 63 4.95 -32.42 -15.39
N LEU A 64 4.18 -31.40 -15.00
CA LEU A 64 4.35 -30.04 -15.53
C LEU A 64 5.77 -29.49 -15.32
N ALA A 65 6.29 -29.66 -14.11
CA ALA A 65 7.67 -29.36 -13.81
C ALA A 65 8.59 -29.96 -14.86
N GLY A 66 8.44 -31.28 -15.07
CA GLY A 66 9.30 -32.03 -15.99
C GLY A 66 9.29 -31.54 -17.43
N LEU A 67 8.19 -30.94 -17.88
CA LEU A 67 8.10 -30.47 -19.26
C LEU A 67 9.01 -29.27 -19.54
N GLU A 68 9.53 -28.67 -18.47
CA GLU A 68 10.38 -27.48 -18.61
C GLU A 68 11.70 -27.70 -17.86
N ARG A 69 11.89 -28.94 -17.40
CA ARG A 69 13.03 -29.33 -16.57
C ARG A 69 13.19 -28.38 -15.40
N ALA A 70 12.06 -28.02 -14.80
CA ALA A 70 12.06 -27.07 -13.70
C ALA A 70 11.98 -27.83 -12.40
N PRO A 71 12.51 -27.24 -11.32
CA PRO A 71 12.36 -27.93 -10.04
C PRO A 71 10.91 -27.91 -9.51
N PHE A 72 10.14 -26.86 -9.79
CA PHE A 72 8.84 -26.72 -9.12
C PHE A 72 7.65 -26.48 -10.05
N ALA A 73 6.48 -26.93 -9.59
CA ALA A 73 5.22 -26.50 -10.16
C ALA A 73 4.11 -26.53 -9.12
N THR A 74 3.12 -25.67 -9.31
CA THR A 74 1.94 -25.63 -8.46
C THR A 74 0.70 -25.48 -9.37
N VAL A 75 -0.30 -26.32 -9.16
CA VAL A 75 -1.53 -26.17 -9.93
C VAL A 75 -2.63 -25.46 -9.16
N PHE A 76 -3.60 -24.94 -9.90
CA PHE A 76 -4.66 -24.11 -9.35
C PHE A 76 -6.03 -24.41 -9.95
N SER A 77 -7.07 -23.89 -9.30
CA SER A 77 -8.46 -23.90 -9.78
C SER A 77 -8.66 -23.45 -11.24
N SER A 78 -7.82 -22.50 -11.68
CA SER A 78 -7.96 -21.92 -13.01
C SER A 78 -6.69 -21.18 -13.37
N GLY A 79 -6.56 -20.83 -14.65
CA GLY A 79 -5.47 -19.96 -15.08
C GLY A 79 -5.49 -18.64 -14.30
N GLN A 80 -6.68 -18.05 -14.17
CA GLN A 80 -6.80 -16.78 -13.44
C GLN A 80 -6.28 -16.91 -12.00
N ALA A 81 -6.52 -18.07 -11.39
CA ALA A 81 -6.08 -18.30 -10.02
C ALA A 81 -4.55 -18.40 -9.92
N ALA A 82 -3.94 -18.92 -10.96
CA ALA A 82 -2.49 -18.97 -11.05
C ALA A 82 -1.91 -17.56 -11.14
N ALA A 83 -2.51 -16.74 -12.01
CA ALA A 83 -2.09 -15.35 -12.20
C ALA A 83 -2.32 -14.53 -10.92
N ALA A 84 -3.47 -14.72 -10.29
CA ALA A 84 -3.79 -13.98 -9.07
C ALA A 84 -2.75 -14.29 -8.00
N THR A 85 -2.37 -15.55 -7.91
CA THR A 85 -1.35 -15.99 -6.95
C THR A 85 -0.03 -15.24 -7.14
N LEU A 86 0.43 -15.16 -8.38
CA LEU A 86 1.68 -14.44 -8.69
C LEU A 86 1.55 -12.97 -8.34
N LEU A 87 0.43 -12.38 -8.72
CA LEU A 87 0.18 -10.96 -8.49
C LEU A 87 0.13 -10.61 -7.00
N SER A 88 -0.28 -11.57 -6.17
CA SER A 88 -0.48 -11.31 -4.75
C SER A 88 0.84 -11.03 -4.03
N LEU A 89 1.94 -11.37 -4.69
CA LEU A 89 3.27 -11.20 -4.13
C LEU A 89 3.86 -9.82 -4.43
N VAL A 90 3.16 -9.04 -5.25
CA VAL A 90 3.58 -7.68 -5.55
C VAL A 90 2.95 -6.72 -4.54
N ARG A 91 3.74 -5.77 -4.04
CA ARG A 91 3.28 -4.80 -3.03
C ARG A 91 2.67 -3.52 -3.58
N PRO A 92 1.73 -2.93 -2.81
CA PRO A 92 1.18 -1.63 -3.16
C PRO A 92 2.31 -0.64 -3.37
N GLY A 93 2.22 0.18 -4.41
CA GLY A 93 3.26 1.16 -4.68
C GLY A 93 4.33 0.59 -5.60
N GLN A 94 4.47 -0.72 -5.61
CA GLN A 94 5.43 -1.35 -6.51
C GLN A 94 4.87 -1.45 -7.91
N CYS A 95 5.72 -1.87 -8.84
CA CYS A 95 5.38 -1.79 -10.24
C CYS A 95 5.34 -3.14 -10.93
N VAL A 96 4.23 -3.41 -11.60
CA VAL A 96 4.16 -4.49 -12.57
C VAL A 96 4.18 -3.81 -13.93
N VAL A 97 5.11 -4.23 -14.79
CA VAL A 97 5.12 -3.76 -16.16
C VAL A 97 4.69 -4.88 -17.08
N SER A 98 3.67 -4.62 -17.90
CA SER A 98 3.23 -5.59 -18.88
C SER A 98 2.86 -4.92 -20.19
N THR A 99 2.15 -5.65 -21.03
CA THR A 99 1.66 -5.10 -22.29
C THR A 99 0.13 -5.13 -22.26
N ASP A 100 -0.51 -4.00 -22.57
CA ASP A 100 -1.96 -3.85 -22.33
C ASP A 100 -2.87 -4.68 -23.21
N ASP A 101 -2.25 -5.56 -24.01
CA ASP A 101 -2.92 -6.40 -24.99
C ASP A 101 -3.02 -7.79 -24.37
N VAL A 102 -2.31 -7.94 -23.25
CA VAL A 102 -2.41 -9.08 -22.34
C VAL A 102 -3.85 -9.56 -22.21
N TYR A 103 -4.03 -10.84 -21.86
CA TYR A 103 -5.36 -11.41 -21.66
C TYR A 103 -6.28 -10.49 -20.87
N ALA A 104 -7.56 -10.49 -21.21
CA ALA A 104 -8.53 -9.62 -20.55
C ALA A 104 -8.69 -9.94 -19.05
N GLY A 105 -8.45 -11.18 -18.66
CA GLY A 105 -8.52 -11.49 -17.25
C GLY A 105 -7.37 -10.83 -16.52
N THR A 106 -6.17 -11.00 -17.05
CA THR A 106 -4.96 -10.43 -16.46
C THR A 106 -5.18 -8.93 -16.24
N ASP A 107 -5.64 -8.24 -17.29
CA ASP A 107 -6.07 -6.85 -17.17
C ASP A 107 -6.97 -6.70 -15.95
N GLY A 108 -7.97 -7.57 -15.82
CA GLY A 108 -8.88 -7.55 -14.67
C GLY A 108 -8.16 -7.65 -13.34
N LEU A 109 -7.21 -8.58 -13.26
CA LEU A 109 -6.39 -8.76 -12.07
C LEU A 109 -5.45 -7.56 -11.83
N PHE A 110 -4.90 -6.99 -12.90
CA PHE A 110 -4.08 -5.77 -12.76
C PHE A 110 -4.95 -4.64 -12.18
N ASP A 111 -6.16 -4.51 -12.73
CA ASP A 111 -7.13 -3.53 -12.25
C ASP A 111 -7.33 -3.73 -10.74
N LEU A 112 -7.56 -4.98 -10.37
CA LEU A 112 -7.84 -5.34 -8.98
C LEU A 112 -6.66 -5.01 -8.07
N ALA A 113 -5.46 -5.34 -8.53
CA ALA A 113 -4.25 -5.02 -7.79
C ALA A 113 -4.07 -3.50 -7.67
N ALA A 114 -4.39 -2.78 -8.73
CA ALA A 114 -4.28 -1.32 -8.75
C ALA A 114 -5.13 -0.68 -7.66
N ARG A 115 -6.30 -1.27 -7.38
CA ARG A 115 -7.17 -0.73 -6.34
C ARG A 115 -6.61 -1.02 -4.94
N GLN A 116 -5.50 -1.75 -4.90
CA GLN A 116 -4.78 -1.96 -3.65
C GLN A 116 -3.47 -1.17 -3.61
N GLY A 117 -3.13 -0.51 -4.71
CA GLY A 117 -1.96 0.35 -4.74
C GLY A 117 -0.78 -0.19 -5.54
N VAL A 118 -0.94 -1.35 -6.16
CA VAL A 118 0.06 -1.82 -7.11
C VAL A 118 0.03 -0.88 -8.31
N ARG A 119 1.20 -0.40 -8.72
CA ARG A 119 1.27 0.41 -9.92
C ARG A 119 1.47 -0.52 -11.11
N VAL A 120 0.52 -0.50 -12.03
CA VAL A 120 0.60 -1.32 -13.22
C VAL A 120 0.98 -0.44 -14.39
N ARG A 121 2.08 -0.75 -15.06
CA ARG A 121 2.55 0.04 -16.20
C ARG A 121 2.52 -0.79 -17.47
N TYR A 122 1.69 -0.39 -18.43
CA TYR A 122 1.66 -1.11 -19.70
C TYR A 122 2.69 -0.47 -20.65
N ALA A 123 3.53 -1.29 -21.27
CA ALA A 123 4.58 -0.74 -22.12
C ALA A 123 4.65 -1.36 -23.52
N ASP A 124 5.22 -0.61 -24.45
CA ASP A 124 5.51 -1.12 -25.78
C ASP A 124 6.80 -1.92 -25.74
N LEU A 125 6.67 -3.22 -25.47
CA LEU A 125 7.84 -4.08 -25.29
C LEU A 125 8.28 -4.79 -26.59
N THR A 126 8.34 -4.04 -27.69
CA THR A 126 8.75 -4.57 -29.00
C THR A 126 9.87 -3.75 -29.65
N THR A 127 10.03 -2.51 -29.20
CA THR A 127 11.01 -1.59 -29.83
C THR A 127 12.13 -1.22 -28.86
N PRO A 128 13.39 -1.25 -29.35
CA PRO A 128 14.59 -0.95 -28.56
C PRO A 128 14.35 0.29 -27.71
N GLU A 129 13.68 1.25 -28.33
CA GLU A 129 13.12 2.40 -27.65
C GLU A 129 12.31 2.03 -26.39
N GLY A 130 11.21 1.30 -26.56
CA GLY A 130 10.19 1.17 -25.53
C GLY A 130 10.30 0.14 -24.41
N ILE A 131 11.26 -0.77 -24.50
CA ILE A 131 11.48 -1.73 -23.42
C ILE A 131 12.17 -1.04 -22.26
N ALA A 132 13.07 -0.11 -22.59
CA ALA A 132 13.75 0.71 -21.60
C ALA A 132 12.80 1.74 -21.00
N ALA A 133 11.66 1.94 -21.66
CA ALA A 133 10.64 2.87 -21.16
C ALA A 133 9.81 2.18 -20.08
N ALA A 134 9.80 0.86 -20.12
CA ALA A 134 9.13 0.05 -19.12
C ALA A 134 10.00 -0.01 -17.88
N LEU A 135 11.17 -0.59 -18.06
CA LEU A 135 12.05 -0.92 -16.95
C LEU A 135 12.44 0.29 -16.10
N ALA A 136 12.36 1.50 -16.68
CA ALA A 136 12.70 2.72 -15.95
C ALA A 136 11.86 2.97 -14.69
N GLU A 137 10.62 2.49 -14.67
CA GLU A 137 9.71 2.71 -13.55
C GLU A 137 10.32 2.27 -12.22
N PRO A 138 10.22 3.12 -11.18
CA PRO A 138 10.71 2.75 -9.85
C PRO A 138 9.98 1.54 -9.28
N ASP A 139 10.58 0.91 -8.27
CA ASP A 139 9.97 -0.19 -7.53
C ASP A 139 9.52 -1.35 -8.44
N LEU A 140 10.27 -1.63 -9.50
CA LEU A 140 9.88 -2.65 -10.46
C LEU A 140 9.98 -4.06 -9.87
N ALA A 141 8.84 -4.70 -9.67
CA ALA A 141 8.82 -6.02 -9.04
C ALA A 141 8.59 -7.16 -10.01
N LEU A 142 7.91 -6.87 -11.12
CA LEU A 142 7.39 -7.92 -11.98
C LEU A 142 7.22 -7.41 -13.42
N VAL A 143 7.72 -8.18 -14.38
CA VAL A 143 7.49 -7.89 -15.78
C VAL A 143 6.67 -9.04 -16.37
N TRP A 144 5.50 -8.73 -16.92
CA TRP A 144 4.52 -9.74 -17.29
C TRP A 144 4.41 -9.82 -18.80
N ILE A 145 4.78 -10.96 -19.36
CA ILE A 145 4.82 -11.16 -20.80
C ILE A 145 3.81 -12.22 -21.25
N GLU A 146 3.02 -11.91 -22.26
CA GLU A 146 2.08 -12.89 -22.80
C GLU A 146 2.34 -13.09 -24.29
N THR A 147 3.19 -14.05 -24.65
CA THR A 147 3.64 -14.17 -26.03
C THR A 147 3.43 -15.58 -26.62
N PRO A 148 2.87 -15.66 -27.83
CA PRO A 148 2.31 -14.54 -28.60
C PRO A 148 1.08 -13.91 -27.94
N THR A 149 0.82 -12.64 -28.23
CA THR A 149 -0.36 -11.96 -27.72
C THR A 149 -1.51 -12.22 -28.65
N ASN A 150 -2.65 -11.59 -28.36
CA ASN A 150 -3.88 -11.79 -29.12
C ASN A 150 -4.48 -10.48 -29.61
N PRO A 151 -5.57 -10.58 -30.41
CA PRO A 151 -5.82 -11.72 -31.30
C PRO A 151 -4.97 -11.47 -32.54
N LEU A 152 -4.04 -10.52 -32.42
CA LEU A 152 -3.22 -10.09 -33.55
C LEU A 152 -1.85 -10.78 -33.54
N LEU A 153 -1.58 -11.49 -32.46
CA LEU A 153 -0.46 -12.42 -32.39
C LEU A 153 0.89 -11.71 -32.51
N THR A 154 1.05 -10.64 -31.74
CA THR A 154 2.36 -10.01 -31.63
C THR A 154 3.26 -10.90 -30.76
N VAL A 155 4.57 -10.77 -30.94
CA VAL A 155 5.52 -11.58 -30.18
C VAL A 155 6.48 -10.68 -29.41
N VAL A 156 6.84 -11.10 -28.20
CA VAL A 156 7.80 -10.39 -27.39
C VAL A 156 9.02 -11.27 -27.21
N ASP A 157 10.20 -10.67 -27.37
CA ASP A 157 11.47 -11.38 -27.22
C ASP A 157 11.75 -11.68 -25.75
N VAL A 158 11.40 -12.89 -25.32
CA VAL A 158 11.52 -13.27 -23.91
C VAL A 158 12.95 -13.17 -23.37
N ALA A 159 13.91 -13.76 -24.08
CA ALA A 159 15.30 -13.74 -23.62
C ALA A 159 15.80 -12.30 -23.46
N GLU A 160 15.49 -11.46 -24.45
CA GLU A 160 15.92 -10.07 -24.42
C GLU A 160 15.22 -9.27 -23.32
N VAL A 161 13.92 -9.44 -23.16
CA VAL A 161 13.22 -8.69 -22.12
C VAL A 161 13.65 -9.20 -20.74
N SER A 162 13.79 -10.51 -20.59
CA SER A 162 14.22 -11.10 -19.32
C SER A 162 15.62 -10.64 -18.94
N ARG A 163 16.53 -10.67 -19.90
CA ARG A 163 17.91 -10.21 -19.67
C ARG A 163 17.91 -8.79 -19.11
N ARG A 164 17.07 -7.93 -19.67
CA ARG A 164 17.03 -6.52 -19.26
C ARG A 164 16.40 -6.36 -17.89
N ALA A 165 15.26 -7.03 -17.68
CA ALA A 165 14.55 -6.94 -16.41
C ALA A 165 15.40 -7.42 -15.23
N HIS A 166 16.21 -8.45 -15.47
CA HIS A 166 17.04 -9.03 -14.40
C HIS A 166 18.16 -8.09 -13.97
N GLU A 167 18.60 -7.22 -14.87
CA GLU A 167 19.55 -6.19 -14.50
C GLU A 167 18.89 -5.28 -13.49
N ARG A 168 17.57 -5.15 -13.59
CA ARG A 168 16.81 -4.30 -12.69
C ARG A 168 16.39 -5.05 -11.42
N GLY A 169 16.71 -6.34 -11.34
CA GLY A 169 16.33 -7.15 -10.20
C GLY A 169 14.85 -7.54 -10.14
N ALA A 170 14.16 -7.51 -11.27
CA ALA A 170 12.72 -7.82 -11.30
C ALA A 170 12.43 -9.26 -11.69
N ARG A 171 11.25 -9.76 -11.29
CA ARG A 171 10.82 -11.09 -11.70
C ARG A 171 10.10 -11.07 -13.05
N VAL A 172 10.46 -12.01 -13.93
CA VAL A 172 9.81 -12.10 -15.23
C VAL A 172 8.91 -13.32 -15.33
N VAL A 173 7.64 -13.10 -15.68
CA VAL A 173 6.73 -14.19 -15.94
C VAL A 173 6.25 -14.17 -17.40
N VAL A 174 6.17 -15.35 -18.02
CA VAL A 174 5.57 -15.49 -19.34
C VAL A 174 4.26 -16.28 -19.26
N ASP A 175 3.17 -15.64 -19.68
CA ASP A 175 1.93 -16.36 -19.85
C ASP A 175 2.14 -17.15 -21.15
N ASN A 176 2.36 -18.45 -20.99
CA ASN A 176 2.73 -19.31 -22.09
C ASN A 176 1.55 -20.16 -22.56
N THR A 177 0.34 -19.70 -22.24
CA THR A 177 -0.87 -20.45 -22.58
C THR A 177 -1.03 -20.74 -24.08
N PHE A 178 -0.92 -19.68 -24.88
CA PHE A 178 -1.03 -19.77 -26.34
C PHE A 178 -0.04 -20.82 -26.86
N ALA A 179 1.23 -20.67 -26.50
CA ALA A 179 2.27 -21.53 -27.07
C ALA A 179 2.22 -22.95 -26.54
N SER A 180 2.03 -23.08 -25.23
CA SER A 180 2.25 -24.33 -24.48
C SER A 180 3.74 -24.71 -24.43
N PRO A 181 4.13 -25.57 -23.46
CA PRO A 181 5.53 -25.99 -23.35
C PRO A 181 6.06 -26.85 -24.50
N VAL A 182 5.20 -27.32 -25.39
CA VAL A 182 5.73 -28.01 -26.59
C VAL A 182 6.37 -27.06 -27.59
N LEU A 183 6.00 -25.77 -27.55
CA LEU A 183 6.46 -24.82 -28.57
C LEU A 183 7.41 -23.72 -28.06
N GLN A 184 7.29 -23.38 -26.79
CA GLN A 184 8.06 -22.28 -26.23
C GLN A 184 8.32 -22.56 -24.78
N GLN A 185 9.57 -22.38 -24.35
CA GLN A 185 10.02 -22.75 -23.02
C GLN A 185 10.55 -21.52 -22.26
N PRO A 186 9.65 -20.79 -21.58
CA PRO A 186 10.00 -19.52 -20.94
C PRO A 186 11.22 -19.56 -20.00
N LEU A 187 11.35 -20.59 -19.17
CA LEU A 187 12.53 -20.68 -18.29
C LEU A 187 13.81 -20.78 -19.12
N ALA A 188 13.82 -21.69 -20.11
CA ALA A 188 15.00 -21.85 -20.94
C ALA A 188 15.34 -20.55 -21.67
N LEU A 189 14.35 -19.70 -21.87
CA LEU A 189 14.55 -18.40 -22.50
C LEU A 189 15.05 -17.33 -21.53
N GLY A 190 14.96 -17.60 -20.23
CA GLY A 190 15.45 -16.66 -19.24
C GLY A 190 14.42 -16.09 -18.27
N ALA A 191 13.16 -16.46 -18.45
CA ALA A 191 12.11 -16.04 -17.52
C ALA A 191 12.21 -16.79 -16.18
N ASP A 192 11.55 -16.26 -15.15
CA ASP A 192 11.54 -16.88 -13.83
C ASP A 192 10.34 -17.81 -13.61
N VAL A 193 9.26 -17.56 -14.33
CA VAL A 193 7.99 -18.21 -14.08
C VAL A 193 7.27 -18.44 -15.38
N SER A 194 6.78 -19.65 -15.56
CA SER A 194 5.92 -19.94 -16.67
C SER A 194 4.49 -20.12 -16.16
N LEU A 195 3.57 -19.34 -16.71
CA LEU A 195 2.17 -19.35 -16.29
C LEU A 195 1.25 -19.96 -17.36
N TYR A 196 0.29 -20.78 -16.91
CA TYR A 196 -0.62 -21.46 -17.83
C TYR A 196 -2.06 -21.49 -17.35
N SER A 197 -2.97 -21.12 -18.23
CA SER A 197 -4.29 -21.71 -18.18
C SER A 197 -4.12 -23.12 -18.71
N THR A 198 -4.34 -24.11 -17.87
CA THR A 198 -4.37 -25.49 -18.33
C THR A 198 -5.76 -25.86 -18.91
N THR A 199 -6.71 -24.92 -18.84
CA THR A 199 -8.03 -25.05 -19.48
C THR A 199 -7.91 -25.23 -20.99
N1 LLP A 200 -4.27 -16.45 -20.04
C2 LLP A 200 -4.49 -16.82 -21.29
C2' LLP A 200 -3.46 -16.47 -22.41
C3 LLP A 200 -5.67 -17.55 -21.62
O3 LLP A 200 -5.85 -17.93 -22.95
C4 LLP A 200 -6.59 -17.88 -20.63
C4' LLP A 200 -7.94 -18.72 -20.99
C5 LLP A 200 -6.35 -17.48 -19.35
C6 LLP A 200 -5.20 -16.77 -19.03
C5' LLP A 200 -7.36 -17.77 -18.19
OP4 LLP A 200 -7.20 -19.02 -17.57
P LLP A 200 -8.50 -19.62 -16.99
OP1 LLP A 200 -8.23 -21.10 -16.79
OP2 LLP A 200 -8.78 -18.95 -15.69
OP3 LLP A 200 -9.65 -19.38 -17.91
N LLP A 200 -6.78 -24.79 -21.54
CA LLP A 200 -6.56 -24.82 -23.00
CB LLP A 200 -5.84 -23.52 -23.36
CG LLP A 200 -6.37 -22.36 -22.49
CD LLP A 200 -7.87 -22.08 -22.73
CE LLP A 200 -8.40 -20.95 -21.80
NZ LLP A 200 -7.73 -19.66 -22.06
C LLP A 200 -5.82 -26.07 -23.41
O LLP A 200 -6.12 -27.12 -22.88
N SER A 201 -4.83 -25.98 -24.31
CA SER A 201 -4.21 -27.17 -24.94
C SER A 201 -3.66 -28.25 -23.98
N ILE A 202 -3.15 -27.85 -22.82
CA ILE A 202 -2.57 -28.78 -21.85
C ILE A 202 -3.51 -29.93 -21.47
N ALA A 203 -4.67 -29.60 -20.89
CA ALA A 203 -5.74 -30.60 -20.75
C ALA A 203 -6.29 -30.93 -22.15
N GLY A 204 -6.75 -29.92 -22.88
CA GLY A 204 -6.93 -30.06 -24.31
C GLY A 204 -8.26 -30.60 -24.84
N HIS A 205 -9.24 -30.85 -23.97
CA HIS A 205 -10.48 -31.47 -24.42
C HIS A 205 -11.70 -30.73 -23.92
N ALA A 206 -11.46 -29.52 -23.42
CA ALA A 206 -12.52 -28.59 -23.13
C ALA A 206 -13.45 -29.16 -22.08
N ASP A 207 -12.88 -29.91 -21.13
CA ASP A 207 -13.68 -30.56 -20.09
C ASP A 207 -13.16 -30.34 -18.66
N VAL A 208 -12.32 -29.33 -18.46
CA VAL A 208 -11.80 -29.03 -17.12
C VAL A 208 -11.12 -27.65 -17.04
N LEU A 209 -11.43 -26.90 -15.99
CA LEU A 209 -10.75 -25.61 -15.74
C LEU A 209 -9.52 -25.86 -14.89
N GLY A 210 -8.53 -24.98 -14.99
CA GLY A 210 -7.32 -25.14 -14.19
C GLY A 210 -6.19 -24.21 -14.62
N GLY A 211 -5.26 -23.97 -13.70
CA GLY A 211 -4.08 -23.18 -14.01
C GLY A 211 -2.81 -23.77 -13.41
N ALA A 212 -1.66 -23.25 -13.85
CA ALA A 212 -0.39 -23.75 -13.37
C ALA A 212 0.69 -22.67 -13.40
N LEU A 213 1.62 -22.77 -12.45
CA LEU A 213 2.83 -21.96 -12.43
C LEU A 213 4.02 -22.93 -12.39
N VAL A 214 5.01 -22.70 -13.23
CA VAL A 214 6.22 -23.51 -13.27
C VAL A 214 7.42 -22.56 -13.13
N TYR A 215 8.38 -22.92 -12.28
CA TYR A 215 9.40 -21.97 -11.84
C TYR A 215 10.55 -22.68 -11.10
N ARG A 216 11.59 -21.93 -10.78
CA ARG A 216 12.82 -22.45 -10.18
C ARG A 216 13.15 -21.92 -8.78
N ASP A 217 12.65 -20.74 -8.43
CA ASP A 217 13.00 -20.10 -7.18
C ASP A 217 12.40 -20.86 -5.97
N ALA A 218 13.26 -21.25 -5.03
CA ALA A 218 12.80 -21.91 -3.81
C ALA A 218 11.92 -20.98 -2.95
N ASP A 219 12.35 -19.72 -2.77
CA ASP A 219 11.57 -18.78 -1.95
C ASP A 219 10.21 -18.52 -2.57
N LEU A 220 10.19 -18.44 -3.89
CA LEU A 220 8.94 -18.25 -4.61
C LEU A 220 8.01 -19.44 -4.35
N HIS A 221 8.58 -20.64 -4.37
CA HIS A 221 7.81 -21.86 -4.13
C HIS A 221 7.08 -21.77 -2.81
N ALA A 222 7.80 -21.47 -1.73
CA ALA A 222 7.16 -21.35 -0.42
C ALA A 222 6.03 -20.30 -0.44
N ALA A 223 6.29 -19.15 -1.04
CA ALA A 223 5.28 -18.09 -1.11
C ALA A 223 4.07 -18.50 -1.96
N VAL A 224 4.30 -19.16 -3.08
CA VAL A 224 3.21 -19.62 -3.94
C VAL A 224 2.34 -20.62 -3.20
N ARG A 225 2.95 -21.60 -2.52
CA ARG A 225 2.18 -22.60 -1.80
C ARG A 225 1.42 -22.01 -0.61
N ALA A 226 2.05 -21.08 0.10
CA ALA A 226 1.41 -20.46 1.27
C ALA A 226 0.15 -19.69 0.86
N TYR A 227 0.20 -19.04 -0.29
CA TYR A 227 -0.98 -18.31 -0.79
C TYR A 227 -2.09 -19.27 -1.20
N ARG A 228 -1.74 -20.32 -1.96
CA ARG A 228 -2.76 -21.26 -2.42
C ARG A 228 -3.48 -21.91 -1.24
N THR A 229 -2.71 -22.30 -0.22
CA THR A 229 -3.28 -22.92 0.97
C THR A 229 -4.27 -21.97 1.65
N THR A 230 -3.90 -20.70 1.69
CA THR A 230 -4.66 -19.69 2.43
C THR A 230 -5.79 -19.10 1.59
N ALA A 231 -5.51 -18.80 0.33
CA ALA A 231 -6.53 -18.30 -0.58
C ALA A 231 -7.57 -19.39 -0.85
N GLY A 232 -7.12 -20.63 -0.92
CA GLY A 232 -8.02 -21.76 -1.11
C GLY A 232 -8.34 -22.07 -2.57
N ASN A 233 -7.54 -21.50 -3.47
CA ASN A 233 -7.79 -21.67 -4.89
C ASN A 233 -7.20 -22.96 -5.40
N VAL A 234 -7.56 -24.07 -4.73
CA VAL A 234 -7.09 -25.40 -5.09
C VAL A 234 -8.01 -26.00 -6.14
N PRO A 235 -7.44 -26.70 -7.12
CA PRO A 235 -8.26 -27.52 -8.02
C PRO A 235 -8.71 -28.81 -7.32
N GLY A 236 -9.62 -29.55 -7.94
CA GLY A 236 -10.04 -30.82 -7.40
C GLY A 236 -9.23 -32.01 -7.92
N ALA A 237 -9.34 -33.12 -7.19
CA ALA A 237 -8.62 -34.33 -7.55
C ALA A 237 -9.02 -34.86 -8.93
N LEU A 238 -10.31 -34.93 -9.19
CA LEU A 238 -10.79 -35.40 -10.48
C LEU A 238 -10.47 -34.35 -11.55
N ASP A 239 -10.51 -33.08 -11.17
CA ASP A 239 -10.06 -32.03 -12.08
C ASP A 239 -8.61 -32.28 -12.47
N CYS A 240 -7.75 -32.54 -11.48
CA CYS A 240 -6.35 -32.77 -11.78
C CYS A 240 -6.17 -34.04 -12.59
N PHE A 241 -7.04 -35.03 -12.36
CA PHE A 241 -6.98 -36.26 -13.13
C PHE A 241 -7.22 -36.03 -14.63
N LEU A 242 -8.22 -35.22 -14.97
CA LEU A 242 -8.52 -34.90 -16.38
C LEU A 242 -7.41 -34.09 -17.08
N VAL A 243 -6.86 -33.10 -16.39
CA VAL A 243 -5.74 -32.32 -16.96
C VAL A 243 -4.58 -33.26 -17.28
N ARG A 244 -4.21 -34.09 -16.30
CA ARG A 244 -3.10 -35.03 -16.43
C ARG A 244 -3.39 -36.04 -17.53
N ARG A 245 -4.65 -36.45 -17.67
CA ARG A 245 -4.98 -37.42 -18.70
C ARG A 245 -4.88 -36.77 -20.07
N GLY A 246 -5.36 -35.54 -20.16
CA GLY A 246 -5.29 -34.78 -21.40
C GLY A 246 -3.85 -34.54 -21.81
N LEU A 247 -2.99 -34.33 -20.81
CA LEU A 247 -1.57 -34.09 -20.98
C LEU A 247 -0.84 -35.12 -21.83
N HIS A 248 -1.20 -36.39 -21.68
CA HIS A 248 -0.54 -37.47 -22.42
C HIS A 248 -0.34 -37.17 -23.91
N THR A 249 -1.37 -36.59 -24.54
CA THR A 249 -1.37 -36.37 -25.98
C THR A 249 -1.07 -34.92 -26.39
N LEU A 250 -0.53 -34.11 -25.47
CA LEU A 250 -0.25 -32.69 -25.75
C LEU A 250 0.60 -32.50 -27.01
N SER A 251 1.70 -33.23 -27.12
CA SER A 251 2.59 -33.05 -28.25
C SER A 251 1.92 -33.48 -29.55
N LEU A 252 1.26 -34.63 -29.51
CA LEU A 252 0.51 -35.11 -30.66
C LEU A 252 -0.53 -34.08 -31.13
N ARG A 253 -1.32 -33.58 -30.19
CA ARG A 253 -2.40 -32.62 -30.53
C ARG A 253 -1.84 -31.31 -31.07
N VAL A 254 -0.86 -30.74 -30.37
CA VAL A 254 -0.25 -29.47 -30.79
C VAL A 254 0.28 -29.56 -32.22
N HIS A 255 1.06 -30.59 -32.53
CA HIS A 255 1.64 -30.68 -33.86
C HIS A 255 0.59 -30.81 -34.99
N ARG A 256 -0.47 -31.57 -34.77
CA ARG A 256 -1.61 -31.59 -35.69
C ARG A 256 -2.25 -30.20 -35.80
N GLN A 257 -2.47 -29.55 -34.65
CA GLN A 257 -3.05 -28.22 -34.61
C GLN A 257 -2.23 -27.24 -35.46
N VAL A 258 -0.92 -27.29 -35.31
CA VAL A 258 -0.01 -26.41 -36.03
C VAL A 258 -0.06 -26.71 -37.53
N ALA A 259 -0.01 -27.99 -37.88
CA ALA A 259 -0.06 -28.40 -39.29
C ALA A 259 -1.28 -27.83 -39.98
N THR A 260 -2.44 -27.94 -39.33
CA THR A 260 -3.68 -27.49 -39.93
C THR A 260 -3.74 -25.96 -39.99
N ALA A 261 -3.28 -25.29 -38.93
CA ALA A 261 -3.17 -23.83 -38.93
C ALA A 261 -2.42 -23.34 -40.17
N ARG A 262 -1.33 -24.03 -40.49
CA ARG A 262 -0.53 -23.68 -41.68
C ARG A 262 -1.37 -23.76 -42.96
N VAL A 263 -2.10 -24.85 -43.15
CA VAL A 263 -2.97 -24.98 -44.33
C VAL A 263 -4.08 -23.91 -44.33
N LEU A 264 -4.65 -23.61 -43.17
CA LEU A 264 -5.71 -22.60 -43.10
C LEU A 264 -5.16 -21.22 -43.45
N VAL A 265 -3.90 -20.95 -43.08
CA VAL A 265 -3.25 -19.71 -43.48
C VAL A 265 -3.15 -19.54 -44.99
N GLU A 266 -2.63 -20.56 -45.69
CA GLU A 266 -2.47 -20.48 -47.15
C GLU A 266 -3.85 -20.29 -47.76
N ARG A 267 -4.79 -21.04 -47.23
CA ARG A 267 -6.20 -20.89 -47.56
C ARG A 267 -6.67 -19.43 -47.48
N LEU A 268 -6.46 -18.79 -46.34
CA LEU A 268 -6.91 -17.43 -46.10
C LEU A 268 -6.24 -16.40 -47.02
N ARG A 269 -4.97 -16.60 -47.33
CA ARG A 269 -4.19 -15.69 -48.17
C ARG A 269 -4.73 -15.64 -49.59
N ALA A 270 -5.35 -16.73 -50.02
CA ALA A 270 -5.86 -16.87 -51.39
C ALA A 270 -7.29 -16.35 -51.55
N SER A 271 -7.92 -15.96 -50.45
CA SER A 271 -9.33 -15.54 -50.49
C SER A 271 -9.52 -14.07 -50.89
N PRO A 272 -10.41 -13.82 -51.86
CA PRO A 272 -10.73 -12.47 -52.30
C PRO A 272 -11.63 -11.75 -51.30
N VAL A 273 -12.10 -12.46 -50.27
CA VAL A 273 -12.89 -11.80 -49.23
C VAL A 273 -12.14 -11.77 -47.91
N VAL A 274 -10.84 -11.95 -47.97
CA VAL A 274 -9.98 -11.80 -46.80
C VAL A 274 -8.88 -10.79 -47.10
N GLY A 275 -8.61 -9.91 -46.13
CA GLY A 275 -7.52 -8.97 -46.26
C GLY A 275 -6.29 -9.47 -45.53
N ALA A 276 -5.91 -8.76 -44.46
CA ALA A 276 -4.75 -9.12 -43.67
C ALA A 276 -4.97 -10.44 -42.94
N VAL A 277 -3.93 -11.27 -42.93
CA VAL A 277 -3.94 -12.50 -42.16
C VAL A 277 -2.83 -12.39 -41.12
N HIS A 278 -3.12 -12.85 -39.90
CA HIS A 278 -2.09 -12.90 -38.88
C HIS A 278 -1.76 -14.35 -38.54
N TYR A 279 -0.46 -14.62 -38.41
CA TYR A 279 0.05 -15.89 -37.92
C TYR A 279 1.53 -15.69 -37.66
N PRO A 280 1.98 -16.05 -36.45
CA PRO A 280 3.35 -15.76 -36.02
C PRO A 280 4.40 -16.24 -37.03
N GLY A 281 4.13 -17.36 -37.71
CA GLY A 281 5.08 -17.95 -38.63
C GLY A 281 5.12 -17.45 -40.07
N LEU A 282 4.36 -16.40 -40.40
CA LEU A 282 4.45 -15.83 -41.74
C LEU A 282 5.84 -15.22 -41.95
N PRO A 283 6.45 -15.44 -43.13
CA PRO A 283 7.83 -15.03 -43.44
C PRO A 283 8.17 -13.57 -43.17
N GLU A 284 7.20 -12.68 -43.35
CA GLU A 284 7.46 -11.28 -43.00
C GLU A 284 6.50 -10.76 -41.91
N HIS A 285 6.01 -11.68 -41.09
CA HIS A 285 5.38 -11.33 -39.82
C HIS A 285 6.28 -10.31 -39.13
N PRO A 286 5.66 -9.29 -38.49
CA PRO A 286 6.39 -8.16 -37.89
C PRO A 286 7.66 -8.57 -37.14
N GLN A 287 7.52 -9.46 -36.16
CA GLN A 287 8.66 -9.91 -35.36
C GLN A 287 9.14 -11.32 -35.73
N HIS A 288 9.37 -11.55 -37.02
CA HIS A 288 9.62 -12.90 -37.52
C HIS A 288 10.84 -13.58 -36.89
N ALA A 289 11.94 -12.82 -36.77
CA ALA A 289 13.19 -13.34 -36.23
C ALA A 289 13.01 -13.87 -34.81
N VAL A 290 12.26 -13.15 -34.00
CA VAL A 290 11.98 -13.56 -32.63
C VAL A 290 11.18 -14.87 -32.60
N VAL A 291 10.24 -15.02 -33.53
CA VAL A 291 9.51 -16.28 -33.65
C VAL A 291 10.45 -17.45 -33.97
N LYS A 292 11.31 -17.26 -34.94
CA LYS A 292 12.22 -18.32 -35.32
C LYS A 292 13.25 -18.59 -34.22
N ALA A 293 13.62 -17.56 -33.46
CA ALA A 293 14.64 -17.72 -32.43
C ALA A 293 14.10 -18.28 -31.13
N GLN A 294 12.78 -18.26 -30.96
CA GLN A 294 12.25 -18.63 -29.65
C GLN A 294 11.24 -19.79 -29.67
N MSE A 295 10.87 -20.25 -30.87
CA MSE A 295 9.85 -21.30 -31.00
C MSE A 295 10.06 -22.45 -32.02
O MSE A 295 10.43 -22.23 -33.17
CB MSE A 295 8.52 -20.66 -31.29
CG MSE A 295 8.25 -19.55 -30.36
SE MSE A 295 6.61 -20.03 -29.75
CE MSE A 295 5.85 -18.56 -30.97
N SER A 296 9.75 -23.66 -31.58
CA SER A 296 9.85 -24.86 -32.41
C SER A 296 8.77 -24.90 -33.49
N ALA A 297 7.69 -24.14 -33.30
CA ALA A 297 6.61 -24.03 -34.28
C ALA A 297 5.71 -22.82 -33.98
N PRO A 298 5.16 -22.19 -35.02
CA PRO A 298 4.49 -20.91 -34.79
C PRO A 298 3.03 -20.98 -34.30
N GLY A 299 2.62 -22.10 -33.71
CA GLY A 299 1.34 -22.17 -33.03
C GLY A 299 0.16 -22.53 -33.92
N ALA A 300 -1.03 -22.46 -33.35
CA ALA A 300 -2.22 -22.93 -34.03
C ALA A 300 -3.39 -21.96 -33.87
N ILE A 301 -3.06 -20.69 -33.64
CA ILE A 301 -4.05 -19.61 -33.61
C ILE A 301 -3.85 -18.81 -34.86
N VAL A 302 -4.96 -18.50 -35.54
CA VAL A 302 -4.91 -17.68 -36.74
C VAL A 302 -5.97 -16.58 -36.61
N SER A 303 -5.65 -15.38 -37.06
CA SER A 303 -6.66 -14.32 -37.16
C SER A 303 -6.57 -13.64 -38.51
N PHE A 304 -7.66 -13.03 -38.95
CA PHE A 304 -7.71 -12.36 -40.24
C PHE A 304 -8.84 -11.34 -40.28
N ASP A 305 -8.72 -10.37 -41.18
CA ASP A 305 -9.78 -9.41 -41.40
C ASP A 305 -10.69 -9.85 -42.53
N TYR A 306 -11.97 -9.95 -42.23
CA TYR A 306 -12.98 -10.40 -43.19
C TYR A 306 -13.45 -9.19 -43.97
N LEU A 307 -13.62 -9.36 -45.27
CA LEU A 307 -14.03 -8.25 -46.11
C LEU A 307 -15.41 -8.47 -46.72
N GLY A 308 -15.97 -9.67 -46.52
CA GLY A 308 -17.13 -10.09 -47.28
C GLY A 308 -18.49 -9.63 -46.81
N GLY A 309 -18.55 -9.05 -45.62
CA GLY A 309 -19.81 -8.60 -45.08
C GLY A 309 -19.78 -8.55 -43.56
N PRO A 310 -20.96 -8.54 -42.92
CA PRO A 310 -20.98 -8.47 -41.46
C PRO A 310 -20.34 -9.71 -40.85
N ALA A 311 -19.54 -9.50 -39.82
CA ALA A 311 -18.90 -10.62 -39.14
C ALA A 311 -19.93 -11.60 -38.58
N GLU A 312 -21.07 -11.10 -38.13
CA GLU A 312 -22.07 -12.02 -37.54
C GLU A 312 -22.63 -13.01 -38.57
N ARG A 313 -22.79 -12.56 -39.81
CA ARG A 313 -23.20 -13.48 -40.85
C ARG A 313 -22.12 -14.53 -41.17
N LEU A 314 -20.86 -14.11 -41.21
CA LEU A 314 -19.77 -15.07 -41.39
C LEU A 314 -19.82 -16.16 -40.32
N LEU A 315 -19.98 -15.74 -39.07
CA LEU A 315 -20.02 -16.67 -37.95
C LEU A 315 -21.19 -17.64 -38.06
N ASP A 316 -22.31 -17.15 -38.59
CA ASP A 316 -23.50 -17.97 -38.80
C ASP A 316 -23.35 -18.99 -39.95
N ARG A 317 -22.30 -18.88 -40.75
CA ARG A 317 -22.12 -19.80 -41.89
C ARG A 317 -21.17 -20.99 -41.64
N PHE A 318 -20.51 -21.03 -40.49
CA PHE A 318 -19.66 -22.19 -40.19
C PHE A 318 -20.53 -23.40 -39.83
N THR A 319 -20.14 -24.59 -40.27
CA THR A 319 -20.85 -25.81 -39.92
C THR A 319 -19.96 -26.81 -39.15
N LEU A 320 -18.65 -26.56 -39.10
CA LEU A 320 -17.74 -27.46 -38.39
C LEU A 320 -17.04 -26.76 -37.24
N PHE A 321 -16.36 -25.64 -37.52
CA PHE A 321 -15.92 -24.75 -36.46
C PHE A 321 -17.10 -24.43 -35.53
N THR A 322 -16.85 -24.52 -34.22
CA THR A 322 -17.83 -24.10 -33.23
C THR A 322 -17.72 -22.58 -33.06
N CYS A 323 -18.83 -21.94 -32.76
CA CYS A 323 -18.78 -20.52 -32.47
C CYS A 323 -18.77 -20.35 -30.96
N GLY A 324 -17.61 -19.99 -30.41
CA GLY A 324 -17.49 -19.79 -28.99
C GLY A 324 -16.07 -19.43 -28.60
N VAL A 325 -15.90 -18.88 -27.40
CA VAL A 325 -14.59 -18.45 -26.95
C VAL A 325 -13.87 -19.65 -26.36
N SER A 326 -12.80 -19.38 -25.61
CA SER A 326 -11.91 -20.42 -25.10
C SER A 326 -11.02 -20.91 -26.23
N LEU A 327 -9.96 -21.63 -25.90
CA LEU A 327 -8.99 -21.96 -26.93
C LEU A 327 -8.19 -23.22 -26.65
N GLY A 328 -7.50 -23.72 -27.68
CA GLY A 328 -6.53 -24.79 -27.55
C GLY A 328 -6.99 -26.24 -27.56
N GLY A 329 -8.30 -26.49 -27.57
CA GLY A 329 -8.79 -27.85 -27.49
C GLY A 329 -8.78 -28.65 -28.78
N VAL A 330 -9.33 -29.87 -28.71
CA VAL A 330 -9.48 -30.73 -29.88
C VAL A 330 -10.51 -30.22 -30.89
N HIS A 331 -11.57 -29.54 -30.42
CA HIS A 331 -12.57 -28.95 -31.32
C HIS A 331 -12.19 -27.54 -31.77
N SER A 332 -12.21 -27.29 -33.08
CA SER A 332 -11.96 -25.95 -33.62
C SER A 332 -13.05 -24.97 -33.24
N LEU A 333 -12.64 -23.74 -32.91
CA LEU A 333 -13.58 -22.68 -32.61
C LEU A 333 -13.26 -21.46 -33.45
N VAL A 334 -14.27 -20.65 -33.71
CA VAL A 334 -14.08 -19.37 -34.38
C VAL A 334 -14.62 -18.31 -33.43
N GLU A 335 -14.03 -17.12 -33.45
CA GLU A 335 -14.63 -15.98 -32.73
C GLU A 335 -14.32 -14.67 -33.42
N CYS A 336 -15.20 -13.69 -33.21
CA CYS A 336 -14.98 -12.31 -33.66
C CYS A 336 -14.74 -11.47 -32.42
N PRO A 337 -13.46 -11.22 -32.08
CA PRO A 337 -13.09 -10.62 -30.80
C PRO A 337 -13.90 -9.38 -30.40
N ALA A 338 -14.20 -8.50 -31.35
CA ALA A 338 -15.00 -7.31 -31.07
C ALA A 338 -16.39 -7.65 -30.54
N LEU A 339 -16.98 -8.72 -31.04
CA LEU A 339 -18.32 -9.11 -30.61
C LEU A 339 -18.32 -10.06 -29.43
N MSE A 340 -17.16 -10.65 -29.12
CA MSE A 340 -17.10 -11.80 -28.20
C MSE A 340 -15.87 -11.97 -27.29
O MSE A 340 -15.52 -13.09 -26.97
CB MSE A 340 -17.18 -13.13 -28.97
CG MSE A 340 -18.08 -13.19 -30.18
SE MSE A 340 -18.04 -14.98 -30.97
CE MSE A 340 -19.92 -15.41 -30.89
N THR A 341 -15.18 -10.91 -26.89
CA THR A 341 -14.08 -11.02 -25.93
C THR A 341 -13.75 -9.61 -25.51
N HIS A 342 -13.62 -8.74 -26.53
CA HIS A 342 -13.28 -7.35 -26.33
C HIS A 342 -14.53 -6.55 -26.62
N ARG A 343 -15.66 -7.27 -26.63
CA ARG A 343 -16.96 -6.63 -26.65
C ARG A 343 -17.14 -5.63 -25.50
N PRO A 344 -16.88 -6.07 -24.24
CA PRO A 344 -17.05 -5.07 -23.19
C PRO A 344 -15.96 -4.01 -23.33
N LEU A 345 -16.19 -3.00 -24.16
CA LEU A 345 -15.14 -2.04 -24.52
C LEU A 345 -15.65 -1.01 -25.54
N SER A 346 -15.06 0.18 -25.50
CA SER A 346 -15.32 1.21 -26.48
C SER A 346 -14.89 0.77 -27.88
N ALA A 347 -15.56 1.32 -28.89
CA ALA A 347 -15.20 1.04 -30.27
C ALA A 347 -13.82 1.63 -30.54
N GLU A 348 -13.57 2.81 -29.99
CA GLU A 348 -12.34 3.56 -30.26
C GLU A 348 -11.09 2.86 -29.72
N ALA A 349 -11.23 2.16 -28.60
CA ALA A 349 -10.08 1.48 -27.98
C ALA A 349 -9.87 0.12 -28.60
N ARG A 350 -10.89 -0.36 -29.29
CA ARG A 350 -10.75 -1.54 -30.14
C ARG A 350 -9.74 -1.26 -31.25
N ALA A 351 -9.76 -0.07 -31.82
CA ALA A 351 -8.86 0.27 -32.94
C ALA A 351 -7.39 0.46 -32.53
N ARG A 352 -7.16 0.98 -31.33
CA ARG A 352 -5.80 1.28 -30.89
C ARG A 352 -5.02 -0.01 -30.70
N ARG A 353 -5.73 -1.08 -30.35
CA ARG A 353 -5.14 -2.40 -30.29
C ARG A 353 -5.31 -3.15 -31.62
N GLY A 354 -5.49 -2.41 -32.72
CA GLY A 354 -5.52 -2.98 -34.05
C GLY A 354 -6.70 -3.90 -34.35
N ILE A 355 -7.65 -3.95 -33.42
CA ILE A 355 -8.79 -4.87 -33.50
C ILE A 355 -9.93 -4.31 -34.35
N GLY A 356 -9.98 -4.70 -35.62
CA GLY A 356 -11.03 -4.23 -36.52
C GLY A 356 -12.37 -4.88 -36.23
N GLU A 357 -13.43 -4.26 -36.73
CA GLU A 357 -14.80 -4.75 -36.52
C GLU A 357 -15.01 -6.13 -37.15
N SER A 358 -14.33 -6.40 -38.25
CA SER A 358 -14.42 -7.70 -38.90
C SER A 358 -13.13 -8.53 -38.74
N LEU A 359 -12.41 -8.30 -37.64
CA LEU A 359 -11.34 -9.21 -37.28
C LEU A 359 -12.01 -10.51 -36.84
N ILE A 360 -11.43 -11.63 -37.27
CA ILE A 360 -11.92 -12.98 -36.99
C ILE A 360 -10.75 -13.84 -36.51
N ARG A 361 -10.97 -14.62 -35.45
CA ARG A 361 -9.92 -15.48 -34.90
C ARG A 361 -10.29 -16.95 -34.91
N LEU A 362 -9.32 -17.80 -35.29
CA LEU A 362 -9.51 -19.23 -35.30
C LEU A 362 -8.60 -19.87 -34.27
N SER A 363 -9.13 -20.84 -33.54
CA SER A 363 -8.32 -21.77 -32.74
C SER A 363 -8.44 -23.17 -33.35
N VAL A 364 -7.31 -23.72 -33.75
CA VAL A 364 -7.35 -24.93 -34.55
C VAL A 364 -7.30 -26.17 -33.67
N GLY A 365 -8.24 -27.09 -33.93
CA GLY A 365 -8.28 -28.36 -33.22
C GLY A 365 -7.61 -29.47 -34.00
N ILE A 366 -8.11 -30.69 -33.86
CA ILE A 366 -7.47 -31.83 -34.49
C ILE A 366 -8.34 -32.55 -35.52
N GLU A 367 -9.38 -31.86 -36.01
CA GLU A 367 -10.20 -32.39 -37.10
C GLU A 367 -9.36 -32.53 -38.40
N ASP A 368 -9.84 -33.28 -39.38
CA ASP A 368 -9.15 -33.37 -40.67
C ASP A 368 -8.98 -31.97 -41.29
N PRO A 369 -7.74 -31.61 -41.69
CA PRO A 369 -7.52 -30.27 -42.27
C PRO A 369 -8.41 -30.01 -43.49
N GLN A 370 -8.59 -31.03 -44.33
CA GLN A 370 -9.46 -30.91 -45.50
C GLN A 370 -10.87 -30.47 -45.14
N ASP A 371 -11.43 -31.09 -44.11
CA ASP A 371 -12.73 -30.69 -43.61
C ASP A 371 -12.71 -29.23 -43.12
N LEU A 372 -11.77 -28.89 -42.23
CA LEU A 372 -11.70 -27.52 -41.70
C LEU A 372 -11.49 -26.48 -42.79
N ALA A 373 -10.61 -26.78 -43.74
CA ALA A 373 -10.35 -25.87 -44.86
C ALA A 373 -11.63 -25.69 -45.67
N GLU A 374 -12.31 -26.80 -45.92
CA GLU A 374 -13.56 -26.74 -46.67
C GLU A 374 -14.64 -26.01 -45.86
N ASP A 375 -14.69 -26.20 -44.55
CA ASP A 375 -15.65 -25.46 -43.71
C ASP A 375 -15.39 -23.95 -43.80
N LEU A 376 -14.15 -23.55 -43.57
CA LEU A 376 -13.73 -22.16 -43.64
C LEU A 376 -14.06 -21.57 -45.01
N SER A 377 -13.77 -22.36 -46.04
CA SER A 377 -13.99 -21.93 -47.41
C SER A 377 -15.47 -21.72 -47.68
N ARG A 378 -16.29 -22.67 -47.24
CA ARG A 378 -17.74 -22.55 -47.38
C ARG A 378 -18.29 -21.36 -46.63
N ALA A 379 -17.82 -21.17 -45.40
CA ALA A 379 -18.24 -20.03 -44.58
C ALA A 379 -17.85 -18.67 -45.18
N LEU A 380 -16.60 -18.54 -45.61
CA LEU A 380 -16.11 -17.30 -46.19
C LEU A 380 -16.90 -16.86 -47.42
N ALA A 381 -17.36 -17.83 -48.19
CA ALA A 381 -18.09 -17.57 -49.45
C ALA A 381 -17.31 -16.73 -50.45
N GLY A 382 -15.99 -16.78 -50.42
CA GLY A 382 -15.32 -16.05 -51.49
C GLY A 382 -14.90 -17.03 -52.61
N GLY B 6 -42.39 -22.83 1.73
CA GLY B 6 -41.24 -23.71 1.72
C GLY B 6 -41.48 -25.19 1.98
N MSE B 7 -40.46 -26.03 1.74
CA MSE B 7 -40.61 -27.49 1.89
C MSE B 7 -39.88 -28.04 3.12
O MSE B 7 -38.70 -27.77 3.35
CB MSE B 7 -40.06 -28.22 0.66
CG MSE B 7 -40.74 -27.86 -0.59
SE MSE B 7 -39.44 -27.50 -1.83
CE MSE B 7 -40.47 -26.16 -2.85
N ARG B 8 -40.56 -28.87 3.91
CA ARG B 8 -40.09 -29.17 5.25
C ARG B 8 -38.69 -29.84 5.39
N PHE B 9 -37.71 -29.25 4.71
CA PHE B 9 -36.27 -29.58 4.75
C PHE B 9 -35.67 -30.73 3.90
N GLY B 10 -36.08 -31.95 4.19
CA GLY B 10 -35.62 -33.09 3.41
C GLY B 10 -35.89 -32.91 1.93
N THR B 11 -37.04 -32.31 1.61
CA THR B 11 -37.45 -32.10 0.24
C THR B 11 -36.51 -31.15 -0.51
N ARG B 12 -36.22 -30.01 0.11
CA ARG B 12 -35.26 -29.04 -0.43
C ARG B 12 -33.92 -29.67 -0.73
N LEU B 13 -33.48 -30.56 0.14
CA LEU B 13 -32.16 -31.18 -0.03
C LEU B 13 -32.17 -32.03 -1.29
N VAL B 14 -33.25 -32.77 -1.48
CA VAL B 14 -33.36 -33.70 -2.61
C VAL B 14 -33.65 -33.00 -3.93
N HIS B 15 -34.53 -32.01 -3.91
CA HIS B 15 -35.04 -31.40 -5.15
C HIS B 15 -34.57 -29.98 -5.45
N GLY B 16 -33.96 -29.32 -4.47
CA GLY B 16 -33.45 -27.97 -4.70
C GLY B 16 -32.51 -27.98 -5.88
N GLY B 17 -32.78 -27.12 -6.86
CA GLY B 17 -31.93 -27.05 -8.05
C GLY B 17 -31.96 -28.28 -8.97
N ARG B 18 -32.95 -29.16 -8.81
CA ARG B 18 -33.01 -30.36 -9.67
C ARG B 18 -33.48 -29.88 -11.05
N ARG B 19 -32.62 -29.08 -11.71
CA ARG B 19 -33.09 -28.22 -12.81
C ARG B 19 -33.22 -29.02 -14.13
N PRO B 20 -34.46 -29.39 -14.47
CA PRO B 20 -34.82 -30.48 -15.38
C PRO B 20 -33.94 -30.65 -16.65
N SER B 21 -33.57 -31.90 -16.96
CA SER B 21 -32.97 -32.16 -18.27
C SER B 21 -34.04 -32.26 -19.28
N ALA B 22 -33.98 -31.35 -20.24
CA ALA B 22 -35.00 -31.23 -21.30
C ALA B 22 -34.88 -32.49 -22.18
N GLY B 23 -35.69 -32.53 -23.23
CA GLY B 23 -35.74 -33.67 -24.12
C GLY B 23 -35.84 -35.02 -23.44
N THR B 24 -34.80 -35.36 -22.67
CA THR B 24 -34.59 -36.72 -22.19
C THR B 24 -35.29 -37.07 -20.88
N GLY B 25 -35.34 -36.13 -19.93
CA GLY B 25 -36.13 -36.33 -18.73
C GLY B 25 -35.37 -36.93 -17.55
N ASP B 26 -34.03 -36.84 -17.58
CA ASP B 26 -33.18 -37.38 -16.52
C ASP B 26 -33.60 -36.82 -15.16
N VAL B 27 -33.74 -37.69 -14.17
CA VAL B 27 -34.13 -37.24 -12.83
C VAL B 27 -32.92 -36.62 -12.10
N VAL B 28 -31.77 -37.26 -12.25
CA VAL B 28 -30.54 -36.68 -11.79
C VAL B 28 -29.97 -35.86 -12.95
N PRO B 29 -29.69 -34.57 -12.72
CA PRO B 29 -29.24 -33.68 -13.81
C PRO B 29 -27.88 -34.14 -14.31
N PRO B 30 -27.65 -34.11 -15.63
CA PRO B 30 -26.36 -34.57 -16.16
C PRO B 30 -25.23 -33.64 -15.74
N ILE B 31 -23.99 -34.14 -15.72
CA ILE B 31 -22.86 -33.33 -15.25
C ILE B 31 -22.24 -32.51 -16.40
N HIS B 32 -22.30 -31.18 -16.30
CA HIS B 32 -21.80 -30.32 -17.39
C HIS B 32 -20.30 -30.01 -17.32
N VAL B 33 -19.49 -30.89 -17.90
CA VAL B 33 -18.04 -30.71 -17.82
C VAL B 33 -17.52 -29.71 -18.85
N SER B 34 -18.32 -29.38 -19.87
CA SER B 34 -17.83 -28.48 -20.91
C SER B 34 -17.34 -27.14 -20.33
N THR B 35 -16.21 -26.66 -20.84
CA THR B 35 -15.73 -25.32 -20.51
C THR B 35 -16.18 -24.35 -21.58
N THR B 36 -16.52 -24.89 -22.74
CA THR B 36 -16.85 -24.05 -23.87
C THR B 36 -18.29 -24.25 -24.35
N TYR B 37 -18.86 -23.17 -24.88
CA TYR B 37 -20.27 -23.16 -25.27
C TYR B 37 -20.44 -22.60 -26.68
N GLU B 38 -21.31 -23.24 -27.45
CA GLU B 38 -21.69 -22.76 -28.76
C GLU B 38 -22.68 -21.60 -28.57
N ARG B 39 -22.35 -20.47 -29.18
CA ARG B 39 -23.13 -19.26 -29.05
C ARG B 39 -24.42 -19.30 -29.89
N ARG B 40 -24.39 -20.04 -31.00
CA ARG B 40 -25.52 -20.10 -31.92
C ARG B 40 -26.55 -21.21 -31.62
N ALA B 41 -26.48 -21.84 -30.45
CA ALA B 41 -27.36 -22.96 -30.16
C ALA B 41 -28.17 -22.78 -28.88
N GLN B 42 -28.14 -21.57 -28.32
CA GLN B 42 -28.97 -21.26 -27.17
C GLN B 42 -29.86 -20.16 -27.67
N ASP B 43 -31.16 -20.32 -27.53
CA ASP B 43 -32.09 -19.29 -28.00
C ASP B 43 -31.75 -17.96 -27.36
N GLU B 44 -31.65 -17.96 -26.03
CA GLU B 44 -31.16 -16.82 -25.28
C GLU B 44 -29.75 -17.07 -24.75
N PRO B 45 -28.74 -16.51 -25.43
CA PRO B 45 -27.34 -16.70 -25.04
C PRO B 45 -27.07 -16.33 -23.60
N ARG B 46 -26.61 -17.32 -22.85
CA ARG B 46 -26.29 -17.10 -21.46
C ARG B 46 -24.93 -17.72 -21.11
N TYR B 47 -24.70 -18.93 -21.60
CA TYR B 47 -23.49 -19.68 -21.28
C TYR B 47 -22.40 -19.37 -22.29
N PHE B 48 -21.27 -18.88 -21.80
CA PHE B 48 -20.18 -18.49 -22.67
C PHE B 48 -18.89 -19.25 -22.32
N TYR B 49 -18.47 -19.17 -21.06
CA TYR B 49 -17.20 -19.78 -20.65
C TYR B 49 -17.26 -20.32 -19.24
N GLY B 50 -16.65 -21.50 -19.06
CA GLY B 50 -16.83 -22.31 -17.87
C GLY B 50 -16.50 -21.65 -16.56
N ARG B 51 -15.55 -20.72 -16.55
CA ARG B 51 -15.21 -20.00 -15.33
C ARG B 51 -16.36 -19.06 -14.94
N GLY B 52 -17.09 -18.57 -15.93
CA GLY B 52 -18.19 -17.65 -15.67
C GLY B 52 -19.51 -18.34 -15.34
N GLU B 53 -19.79 -19.42 -16.05
CA GLU B 53 -21.11 -20.06 -15.97
C GLU B 53 -21.02 -21.59 -16.00
N ASN B 54 -21.94 -22.24 -15.29
CA ASN B 54 -22.09 -23.70 -15.35
C ASN B 54 -23.36 -24.17 -14.62
N PRO B 55 -24.28 -24.81 -15.35
CA PRO B 55 -25.53 -25.33 -14.80
C PRO B 55 -25.31 -26.23 -13.58
N THR B 56 -24.40 -27.19 -13.69
CA THR B 56 -24.07 -28.08 -12.57
C THR B 56 -23.69 -27.26 -11.33
N ARG B 57 -22.82 -26.27 -11.51
CA ARG B 57 -22.44 -25.41 -10.41
C ARG B 57 -23.66 -24.61 -9.92
N GLU B 58 -24.44 -24.09 -10.86
CA GLU B 58 -25.60 -23.27 -10.51
C GLU B 58 -26.72 -24.07 -9.83
N GLU B 59 -26.83 -25.34 -10.20
CA GLU B 59 -27.81 -26.22 -9.55
C GLU B 59 -27.47 -26.41 -8.08
N LEU B 60 -26.19 -26.61 -7.77
CA LEU B 60 -25.77 -26.67 -6.38
C LEU B 60 -26.06 -25.33 -5.69
N GLU B 61 -25.66 -24.24 -6.34
CA GLU B 61 -25.92 -22.89 -5.82
C GLU B 61 -27.39 -22.69 -5.49
N GLU B 62 -28.26 -23.12 -6.41
CA GLU B 62 -29.70 -22.98 -6.20
C GLU B 62 -30.15 -23.84 -5.01
N CYS B 63 -29.60 -25.05 -4.88
CA CYS B 63 -29.93 -25.89 -3.73
C CYS B 63 -29.57 -25.23 -2.40
N LEU B 64 -28.33 -24.75 -2.30
CA LEU B 64 -27.82 -24.15 -1.07
C LEU B 64 -28.63 -22.92 -0.66
N ALA B 65 -28.99 -22.11 -1.66
CA ALA B 65 -29.81 -20.93 -1.43
C ALA B 65 -31.18 -21.32 -0.85
N GLY B 66 -31.77 -22.39 -1.40
CA GLY B 66 -33.08 -22.85 -0.97
C GLY B 66 -33.10 -23.33 0.47
N LEU B 67 -31.98 -23.91 0.93
CA LEU B 67 -31.87 -24.39 2.31
C LEU B 67 -32.02 -23.26 3.33
N GLU B 68 -31.79 -22.03 2.87
CA GLU B 68 -31.93 -20.85 3.74
C GLU B 68 -33.00 -19.86 3.24
N ARG B 69 -33.84 -20.29 2.30
CA ARG B 69 -34.84 -19.44 1.63
C ARG B 69 -34.21 -18.09 1.25
N ALA B 70 -33.03 -18.17 0.64
CA ALA B 70 -32.28 -17.02 0.19
C ALA B 70 -32.41 -16.92 -1.33
N PRO B 71 -32.17 -15.73 -1.89
CA PRO B 71 -32.17 -15.58 -3.35
C PRO B 71 -30.85 -16.02 -4.01
N PHE B 72 -29.76 -15.89 -3.27
CA PHE B 72 -28.44 -16.10 -3.88
C PHE B 72 -27.54 -17.09 -3.12
N ALA B 73 -26.76 -17.83 -3.89
CA ALA B 73 -25.61 -18.55 -3.35
C ALA B 73 -24.51 -18.59 -4.40
N THR B 74 -23.28 -18.59 -3.92
CA THR B 74 -22.13 -18.77 -4.78
C THR B 74 -21.25 -19.85 -4.18
N VAL B 75 -20.71 -20.74 -5.01
CA VAL B 75 -19.79 -21.75 -4.52
C VAL B 75 -18.38 -21.56 -5.03
N PHE B 76 -17.43 -22.14 -4.30
CA PHE B 76 -16.02 -21.89 -4.51
C PHE B 76 -15.19 -23.18 -4.41
N SER B 77 -13.93 -23.09 -4.82
CA SER B 77 -12.97 -24.19 -4.72
C SER B 77 -12.87 -24.76 -3.30
N SER B 78 -13.10 -23.93 -2.29
CA SER B 78 -13.09 -24.41 -0.92
C SER B 78 -13.64 -23.34 0.03
N GLY B 79 -13.75 -23.69 1.32
CA GLY B 79 -14.19 -22.76 2.35
C GLY B 79 -13.31 -21.52 2.47
N GLN B 80 -12.00 -21.73 2.46
CA GLN B 80 -11.04 -20.63 2.48
C GLN B 80 -11.25 -19.63 1.33
N ALA B 81 -11.57 -20.15 0.14
CA ALA B 81 -11.83 -19.29 -1.01
C ALA B 81 -13.13 -18.49 -0.83
N ALA B 82 -14.16 -19.11 -0.25
CA ALA B 82 -15.37 -18.35 0.10
C ALA B 82 -15.03 -17.21 1.06
N ALA B 83 -14.28 -17.54 2.11
CA ALA B 83 -13.81 -16.55 3.08
C ALA B 83 -13.01 -15.44 2.42
N ALA B 84 -12.09 -15.83 1.54
CA ALA B 84 -11.18 -14.89 0.89
C ALA B 84 -11.96 -13.88 0.07
N THR B 85 -12.93 -14.38 -0.67
CA THR B 85 -13.78 -13.56 -1.52
C THR B 85 -14.51 -12.49 -0.72
N LEU B 86 -15.21 -12.93 0.32
CA LEU B 86 -15.93 -12.00 1.18
C LEU B 86 -14.99 -10.93 1.77
N LEU B 87 -13.85 -11.36 2.28
CA LEU B 87 -12.91 -10.44 2.92
C LEU B 87 -12.20 -9.53 1.93
N SER B 88 -12.22 -9.88 0.65
CA SER B 88 -11.62 -9.03 -0.37
C SER B 88 -12.42 -7.74 -0.55
N LEU B 89 -13.68 -7.75 -0.11
CA LEU B 89 -14.56 -6.60 -0.26
C LEU B 89 -14.30 -5.53 0.81
N VAL B 90 -13.54 -5.87 1.84
CA VAL B 90 -13.19 -4.87 2.85
C VAL B 90 -12.03 -4.02 2.34
N ARG B 91 -12.20 -2.70 2.37
CA ARG B 91 -11.21 -1.78 1.82
C ARG B 91 -10.21 -1.38 2.89
N PRO B 92 -8.97 -1.05 2.48
CA PRO B 92 -7.99 -0.50 3.41
C PRO B 92 -8.56 0.67 4.18
N GLY B 93 -8.27 0.75 5.48
CA GLY B 93 -8.80 1.81 6.30
C GLY B 93 -10.01 1.35 7.09
N GLN B 94 -10.59 0.24 6.63
CA GLN B 94 -11.73 -0.33 7.31
C GLN B 94 -11.27 -1.35 8.36
N CYS B 95 -12.10 -1.51 9.38
CA CYS B 95 -11.85 -2.49 10.44
C CYS B 95 -12.72 -3.74 10.29
N VAL B 96 -12.13 -4.91 10.50
CA VAL B 96 -12.92 -6.13 10.59
C VAL B 96 -12.93 -6.58 12.03
N VAL B 97 -14.14 -6.75 12.59
CA VAL B 97 -14.28 -7.24 13.96
C VAL B 97 -14.60 -8.72 13.99
N SER B 98 -13.73 -9.48 14.63
CA SER B 98 -13.98 -10.88 14.87
C SER B 98 -13.60 -11.27 16.30
N THR B 99 -13.30 -12.54 16.47
CA THR B 99 -12.96 -13.12 17.76
C THR B 99 -11.65 -13.90 17.58
N ASP B 100 -11.16 -14.53 18.64
CA ASP B 100 -9.84 -15.19 18.57
C ASP B 100 -9.86 -16.69 18.88
N ASP B 101 -10.86 -17.36 18.33
CA ASP B 101 -10.98 -18.82 18.37
C ASP B 101 -11.45 -19.19 16.98
N VAL B 102 -11.61 -18.15 16.17
CA VAL B 102 -12.01 -18.24 14.78
C VAL B 102 -11.06 -19.18 14.04
N TYR B 103 -11.53 -19.79 12.96
CA TYR B 103 -10.73 -20.76 12.21
C TYR B 103 -9.34 -20.23 11.82
N ALA B 104 -8.29 -20.99 12.13
CA ALA B 104 -6.92 -20.56 11.82
C ALA B 104 -6.73 -20.12 10.35
N GLY B 105 -7.42 -20.80 9.42
CA GLY B 105 -7.41 -20.36 8.02
C GLY B 105 -8.04 -18.99 7.87
N THR B 106 -9.06 -18.72 8.67
CA THR B 106 -9.72 -17.43 8.65
C THR B 106 -8.81 -16.31 9.21
N ASP B 107 -8.02 -16.59 10.24
CA ASP B 107 -7.06 -15.59 10.73
C ASP B 107 -5.95 -15.33 9.71
N GLY B 108 -5.61 -16.34 8.92
CA GLY B 108 -4.65 -16.18 7.84
C GLY B 108 -5.15 -15.16 6.83
N LEU B 109 -6.47 -15.16 6.63
CA LEU B 109 -7.09 -14.18 5.75
C LEU B 109 -7.23 -12.82 6.45
N PHE B 110 -7.31 -12.84 7.77
CA PHE B 110 -7.12 -11.58 8.51
C PHE B 110 -5.66 -11.16 8.35
N ASP B 111 -4.75 -12.12 8.49
CA ASP B 111 -3.31 -11.86 8.40
C ASP B 111 -2.94 -11.23 7.06
N LEU B 112 -3.42 -11.87 5.98
CA LEU B 112 -3.23 -11.37 4.64
C LEU B 112 -3.84 -9.98 4.48
N ALA B 113 -5.09 -9.82 4.92
CA ALA B 113 -5.84 -8.56 4.76
C ALA B 113 -5.20 -7.36 5.45
N ALA B 114 -4.66 -7.59 6.64
CA ALA B 114 -4.09 -6.50 7.43
C ALA B 114 -2.98 -5.75 6.68
N ARG B 115 -2.41 -6.40 5.67
CA ARG B 115 -1.37 -5.81 4.83
C ARG B 115 -1.98 -5.00 3.69
N GLN B 116 -3.30 -4.86 3.72
CA GLN B 116 -3.97 -4.06 2.72
C GLN B 116 -4.75 -2.98 3.46
N GLY B 117 -4.07 -2.33 4.41
CA GLY B 117 -4.67 -1.26 5.20
C GLY B 117 -5.97 -1.63 5.89
N VAL B 118 -6.13 -2.92 6.20
CA VAL B 118 -7.33 -3.41 6.83
C VAL B 118 -7.06 -3.67 8.31
N ARG B 119 -7.81 -2.97 9.16
CA ARG B 119 -7.64 -3.06 10.60
C ARG B 119 -8.34 -4.32 11.14
N VAL B 120 -7.58 -5.29 11.65
CA VAL B 120 -8.18 -6.46 12.26
C VAL B 120 -8.28 -6.34 13.78
N ARG B 121 -9.52 -6.20 14.25
CA ARG B 121 -9.83 -6.08 15.67
C ARG B 121 -10.23 -7.46 16.22
N TYR B 122 -10.32 -7.58 17.54
CA TYR B 122 -10.68 -8.85 18.17
C TYR B 122 -11.58 -8.64 19.37
N ALA B 123 -12.63 -9.45 19.50
CA ALA B 123 -13.46 -9.35 20.70
C ALA B 123 -13.95 -10.70 21.19
N ASP B 124 -14.43 -10.71 22.42
CA ASP B 124 -15.21 -11.83 22.93
C ASP B 124 -16.68 -11.42 22.81
N LEU B 125 -17.32 -11.78 21.70
CA LEU B 125 -18.63 -11.22 21.34
C LEU B 125 -19.77 -11.82 22.15
N THR B 126 -19.55 -12.00 23.45
CA THR B 126 -20.48 -12.78 24.25
C THR B 126 -21.06 -12.03 25.43
N THR B 127 -20.86 -10.72 25.49
CA THR B 127 -21.26 -9.98 26.69
C THR B 127 -21.62 -8.51 26.43
N PRO B 128 -22.54 -7.95 27.25
CA PRO B 128 -22.87 -6.53 27.14
C PRO B 128 -21.65 -5.64 27.36
N GLU B 129 -20.58 -6.19 27.91
CA GLU B 129 -19.26 -5.58 27.78
C GLU B 129 -18.56 -6.14 26.54
N GLY B 130 -18.48 -7.46 26.43
CA GLY B 130 -17.69 -8.08 25.37
C GLY B 130 -18.22 -7.89 23.97
N ILE B 131 -19.33 -7.15 23.86
CA ILE B 131 -19.89 -6.82 22.57
C ILE B 131 -19.74 -5.33 22.34
N ALA B 132 -19.89 -4.57 23.41
CA ALA B 132 -20.14 -3.14 23.34
C ALA B 132 -18.98 -2.27 22.87
N ALA B 133 -17.77 -2.59 23.31
CA ALA B 133 -16.60 -1.85 22.85
C ALA B 133 -16.24 -2.32 21.43
N ALA B 134 -16.52 -3.59 21.15
CA ALA B 134 -16.25 -4.17 19.84
C ALA B 134 -16.86 -3.34 18.72
N LEU B 135 -18.09 -2.85 18.91
CA LEU B 135 -18.77 -2.01 17.92
C LEU B 135 -18.56 -0.51 18.12
N ALA B 136 -17.47 -0.15 18.79
CA ALA B 136 -17.09 1.25 18.84
C ALA B 136 -16.16 1.52 17.66
N GLU B 137 -15.29 0.55 17.41
CA GLU B 137 -14.30 0.59 16.33
C GLU B 137 -14.73 1.36 15.09
N PRO B 138 -14.06 2.48 14.80
CA PRO B 138 -14.39 3.22 13.59
C PRO B 138 -14.14 2.41 12.31
N ASP B 139 -14.85 2.79 11.25
CA ASP B 139 -14.70 2.19 9.92
C ASP B 139 -15.25 0.75 9.83
N LEU B 140 -16.14 0.41 10.75
CA LEU B 140 -16.73 -0.93 10.87
C LEU B 140 -17.38 -1.43 9.57
N ALA B 141 -16.68 -2.24 8.80
CA ALA B 141 -17.19 -2.74 7.51
C ALA B 141 -17.82 -4.11 7.60
N LEU B 142 -17.43 -4.88 8.60
CA LEU B 142 -17.82 -6.27 8.66
C LEU B 142 -17.77 -6.73 10.11
N VAL B 143 -18.52 -7.78 10.42
CA VAL B 143 -18.41 -8.49 11.71
C VAL B 143 -18.44 -10.00 11.46
N TRP B 144 -17.42 -10.70 11.94
CA TRP B 144 -17.20 -12.11 11.59
C TRP B 144 -17.49 -13.05 12.74
N ILE B 145 -18.60 -13.76 12.65
CA ILE B 145 -18.99 -14.68 13.72
C ILE B 145 -18.86 -16.14 13.28
N GLU B 146 -18.15 -16.92 14.08
CA GLU B 146 -18.04 -18.34 13.83
C GLU B 146 -18.58 -19.05 15.07
N THR B 147 -19.80 -19.57 15.01
CA THR B 147 -20.44 -20.13 16.20
C THR B 147 -21.15 -21.45 15.92
N PRO B 148 -20.89 -22.48 16.75
CA PRO B 148 -20.03 -22.57 17.93
C PRO B 148 -18.54 -22.38 17.66
N THR B 149 -17.78 -22.11 18.71
CA THR B 149 -16.33 -21.95 18.63
C THR B 149 -15.59 -23.30 18.67
N ASN B 150 -14.62 -23.46 17.80
CA ASN B 150 -13.73 -24.62 17.85
C ASN B 150 -12.49 -24.24 18.66
N PRO B 151 -12.08 -25.10 19.62
CA PRO B 151 -12.68 -26.37 20.04
C PRO B 151 -13.35 -26.31 21.41
N LEU B 152 -13.74 -25.13 21.90
CA LEU B 152 -14.35 -25.05 23.22
C LEU B 152 -15.89 -24.99 23.16
N LEU B 153 -16.42 -24.80 21.95
CA LEU B 153 -17.85 -24.93 21.68
C LEU B 153 -18.74 -23.90 22.39
N THR B 154 -18.16 -22.78 22.79
CA THR B 154 -18.96 -21.63 23.23
C THR B 154 -19.71 -21.10 22.02
N VAL B 155 -20.73 -20.27 22.25
CA VAL B 155 -21.55 -19.80 21.13
C VAL B 155 -21.80 -18.32 21.19
N VAL B 156 -21.99 -17.72 20.02
CA VAL B 156 -22.24 -16.29 19.92
C VAL B 156 -23.68 -16.06 19.47
N ASP B 157 -24.36 -15.11 20.10
CA ASP B 157 -25.75 -14.80 19.80
C ASP B 157 -25.81 -14.03 18.48
N VAL B 158 -26.18 -14.74 17.40
CA VAL B 158 -26.20 -14.15 16.08
C VAL B 158 -27.15 -12.96 15.98
N ALA B 159 -28.40 -13.16 16.41
CA ALA B 159 -29.41 -12.11 16.31
C ALA B 159 -29.00 -10.81 17.00
N GLU B 160 -28.47 -10.91 18.22
CA GLU B 160 -28.12 -9.73 19.01
C GLU B 160 -26.93 -8.97 18.43
N VAL B 161 -25.87 -9.71 18.08
CA VAL B 161 -24.72 -9.11 17.42
C VAL B 161 -25.15 -8.47 16.08
N SER B 162 -26.14 -9.07 15.43
CA SER B 162 -26.64 -8.56 14.16
C SER B 162 -27.34 -7.20 14.31
N ARG B 163 -28.32 -7.13 15.19
CA ARG B 163 -29.11 -5.92 15.40
C ARG B 163 -28.24 -4.79 15.91
N ARG B 164 -27.06 -5.14 16.40
CA ARG B 164 -26.12 -4.14 16.88
C ARG B 164 -25.16 -3.73 15.77
N ALA B 165 -24.72 -4.70 14.98
CA ALA B 165 -23.83 -4.40 13.87
C ALA B 165 -24.54 -3.57 12.79
N HIS B 166 -25.78 -3.90 12.50
CA HIS B 166 -26.54 -3.21 11.46
C HIS B 166 -26.87 -1.78 11.86
N GLU B 167 -26.77 -1.51 13.16
CA GLU B 167 -26.91 -0.17 13.70
C GLU B 167 -25.70 0.65 13.27
N ARG B 168 -24.69 -0.03 12.74
CA ARG B 168 -23.46 0.63 12.28
C ARG B 168 -23.35 0.58 10.76
N GLY B 169 -24.38 0.06 10.10
CA GLY B 169 -24.36 -0.09 8.66
C GLY B 169 -23.49 -1.24 8.19
N ALA B 170 -22.83 -1.92 9.12
CA ALA B 170 -21.89 -2.98 8.80
C ALA B 170 -22.54 -4.24 8.24
N ARG B 171 -21.71 -5.21 7.87
CA ARG B 171 -22.14 -6.48 7.32
C ARG B 171 -21.84 -7.56 8.35
N VAL B 172 -22.72 -8.56 8.46
CA VAL B 172 -22.51 -9.68 9.38
C VAL B 172 -22.39 -11.01 8.61
N VAL B 173 -21.27 -11.69 8.76
CA VAL B 173 -21.14 -13.05 8.25
C VAL B 173 -21.08 -14.06 9.39
N VAL B 174 -21.79 -15.17 9.25
CA VAL B 174 -21.63 -16.28 10.15
C VAL B 174 -20.96 -17.43 9.40
N ASP B 175 -19.81 -17.87 9.89
CA ASP B 175 -19.21 -19.07 9.38
C ASP B 175 -20.01 -20.20 9.99
N ASN B 176 -20.78 -20.89 9.17
CA ASN B 176 -21.77 -21.83 9.68
C ASN B 176 -21.40 -23.30 9.44
N THR B 177 -20.11 -23.54 9.17
CA THR B 177 -19.62 -24.89 8.89
C THR B 177 -19.93 -25.88 10.01
N PHE B 178 -19.67 -25.49 11.26
CA PHE B 178 -19.91 -26.36 12.43
C PHE B 178 -21.33 -26.89 12.43
N ALA B 179 -22.31 -25.99 12.39
CA ALA B 179 -23.69 -26.41 12.61
C ALA B 179 -24.40 -26.96 11.38
N SER B 180 -24.03 -26.45 10.19
CA SER B 180 -24.75 -26.67 8.92
C SER B 180 -26.12 -25.97 8.97
N PRO B 181 -26.72 -25.70 7.80
CA PRO B 181 -28.05 -25.07 7.83
C PRO B 181 -29.17 -25.99 8.35
N VAL B 182 -28.87 -27.27 8.58
CA VAL B 182 -29.83 -28.18 9.21
C VAL B 182 -29.99 -27.82 10.69
N LEU B 183 -29.02 -27.11 11.26
CA LEU B 183 -29.07 -26.84 12.69
C LEU B 183 -29.21 -25.36 13.01
N GLN B 184 -28.68 -24.52 12.13
CA GLN B 184 -28.60 -23.10 12.40
C GLN B 184 -28.85 -22.31 11.11
N GLN B 185 -29.65 -21.26 11.23
CA GLN B 185 -30.03 -20.45 10.08
C GLN B 185 -29.62 -18.99 10.25
N PRO B 186 -28.36 -18.65 9.91
CA PRO B 186 -27.84 -17.29 10.11
C PRO B 186 -28.70 -16.19 9.48
N LEU B 187 -29.18 -16.38 8.25
CA LEU B 187 -29.96 -15.31 7.60
C LEU B 187 -31.24 -15.02 8.36
N ALA B 188 -31.94 -16.09 8.75
CA ALA B 188 -33.19 -15.94 9.51
C ALA B 188 -32.92 -15.32 10.88
N LEU B 189 -31.72 -15.57 11.40
CA LEU B 189 -31.35 -15.02 12.70
C LEU B 189 -31.09 -13.52 12.62
N GLY B 190 -30.64 -13.04 11.47
CA GLY B 190 -30.36 -11.63 11.30
C GLY B 190 -29.09 -11.32 10.54
N ALA B 191 -28.28 -12.34 10.26
CA ALA B 191 -27.04 -12.18 9.52
C ALA B 191 -27.25 -11.84 8.04
N ASP B 192 -26.22 -11.26 7.44
CA ASP B 192 -26.24 -10.93 6.01
C ASP B 192 -25.66 -12.01 5.14
N VAL B 193 -24.78 -12.86 5.70
CA VAL B 193 -24.11 -13.90 4.92
C VAL B 193 -23.87 -15.16 5.74
N SER B 194 -24.19 -16.32 5.17
CA SER B 194 -23.75 -17.60 5.73
C SER B 194 -22.58 -18.10 4.91
N LEU B 195 -21.47 -18.37 5.60
CA LEU B 195 -20.29 -18.93 4.93
C LEU B 195 -20.08 -20.39 5.34
N TYR B 196 -19.72 -21.21 4.36
CA TYR B 196 -19.43 -22.62 4.59
C TYR B 196 -18.13 -23.06 3.92
N SER B 197 -17.47 -24.02 4.55
CA SER B 197 -16.69 -25.01 3.82
C SER B 197 -17.70 -26.13 3.60
N THR B 198 -17.88 -26.55 2.36
CA THR B 198 -18.79 -27.66 2.07
C THR B 198 -17.98 -28.95 2.11
N THR B 199 -16.66 -28.79 2.24
CA THR B 199 -15.76 -29.92 2.41
C THR B 199 -16.14 -30.72 3.66
N1 LLP B 200 -14.24 -22.53 8.32
C2 LLP B 200 -14.47 -23.59 9.08
C2' LLP B 200 -15.36 -23.48 10.34
C3 LLP B 200 -13.89 -24.85 8.74
O3 LLP B 200 -14.16 -25.94 9.56
C4 LLP B 200 -13.09 -24.97 7.63
C4' LLP B 200 -12.44 -26.39 7.22
C5 LLP B 200 -12.85 -23.86 6.85
C6 LLP B 200 -13.43 -22.63 7.18
C5' LLP B 200 -11.93 -23.93 5.60
OP4 LLP B 200 -12.58 -24.42 4.47
P LLP B 200 -11.77 -25.32 3.50
OP1 LLP B 200 -12.85 -26.05 2.68
OP2 LLP B 200 -10.92 -24.45 2.65
OP3 LLP B 200 -10.91 -26.28 4.23
N LLP B 200 -16.82 -30.08 4.60
CA LLP B 200 -17.08 -30.70 5.90
CB LLP B 200 -16.86 -29.67 6.99
CG LLP B 200 -15.55 -28.93 6.68
CD LLP B 200 -14.38 -29.42 7.55
CE LLP B 200 -13.07 -28.69 7.16
NZ LLP B 200 -12.89 -27.50 8.01
C LLP B 200 -18.43 -31.35 5.89
O LLP B 200 -18.60 -32.30 5.16
N SER B 201 -19.40 -30.86 6.67
CA SER B 201 -20.67 -31.58 6.78
C SER B 201 -21.52 -31.59 5.50
N ILE B 202 -21.50 -30.50 4.75
CA ILE B 202 -22.37 -30.39 3.58
C ILE B 202 -22.19 -31.51 2.54
N ALA B 203 -20.98 -31.66 2.00
CA ALA B 203 -20.69 -32.75 1.06
C ALA B 203 -20.72 -34.10 1.82
N GLY B 204 -20.04 -34.14 2.96
CA GLY B 204 -20.28 -35.15 3.96
C GLY B 204 -19.52 -36.45 3.87
N HIS B 205 -18.78 -36.66 2.77
CA HIS B 205 -18.11 -37.94 2.56
C HIS B 205 -16.59 -37.84 2.43
N ALA B 206 -16.02 -36.69 2.80
CA ALA B 206 -14.56 -36.53 2.84
C ALA B 206 -13.88 -36.86 1.51
N ASP B 207 -14.55 -36.57 0.40
CA ASP B 207 -14.00 -36.90 -0.92
C ASP B 207 -14.01 -35.76 -1.93
N VAL B 208 -14.18 -34.53 -1.45
CA VAL B 208 -14.20 -33.39 -2.35
C VAL B 208 -13.96 -32.15 -1.51
N LEU B 209 -13.53 -31.06 -2.15
CA LEU B 209 -13.35 -29.78 -1.49
C LEU B 209 -14.41 -28.81 -1.97
N GLY B 210 -14.76 -27.82 -1.16
CA GLY B 210 -15.70 -26.81 -1.60
C GLY B 210 -16.04 -25.78 -0.54
N GLY B 211 -16.43 -24.60 -0.99
CA GLY B 211 -16.96 -23.58 -0.09
C GLY B 211 -18.22 -22.96 -0.66
N ALA B 212 -18.90 -22.17 0.15
CA ALA B 212 -20.11 -21.48 -0.30
C ALA B 212 -20.35 -20.21 0.51
N LEU B 213 -21.07 -19.28 -0.10
CA LEU B 213 -21.64 -18.13 0.58
C LEU B 213 -23.13 -18.10 0.21
N VAL B 214 -23.98 -17.79 1.18
CA VAL B 214 -25.42 -17.69 0.92
C VAL B 214 -25.89 -16.38 1.55
N TYR B 215 -26.65 -15.57 0.79
CA TYR B 215 -26.87 -14.16 1.13
C TYR B 215 -28.07 -13.56 0.36
N ARG B 216 -28.40 -12.29 0.61
CA ARG B 216 -29.56 -11.67 -0.01
C ARG B 216 -29.30 -10.44 -0.88
N ASP B 217 -28.37 -9.57 -0.47
CA ASP B 217 -28.13 -8.29 -1.17
C ASP B 217 -27.63 -8.48 -2.60
N ALA B 218 -28.37 -7.97 -3.57
CA ALA B 218 -28.01 -8.10 -4.99
C ALA B 218 -26.71 -7.36 -5.33
N ASP B 219 -26.41 -6.30 -4.59
CA ASP B 219 -25.15 -5.59 -4.78
C ASP B 219 -23.99 -6.50 -4.36
N LEU B 220 -24.16 -7.16 -3.21
CA LEU B 220 -23.18 -8.12 -2.73
C LEU B 220 -23.00 -9.23 -3.76
N HIS B 221 -24.12 -9.71 -4.30
CA HIS B 221 -24.08 -10.81 -5.28
C HIS B 221 -23.22 -10.43 -6.48
N ALA B 222 -23.41 -9.22 -7.00
CA ALA B 222 -22.60 -8.73 -8.10
C ALA B 222 -21.11 -8.67 -7.73
N ALA B 223 -20.81 -8.20 -6.53
CA ALA B 223 -19.41 -8.13 -6.09
C ALA B 223 -18.78 -9.52 -5.94
N VAL B 224 -19.49 -10.44 -5.30
CA VAL B 224 -18.99 -11.79 -5.09
C VAL B 224 -18.71 -12.52 -6.42
N ARG B 225 -19.64 -12.43 -7.37
CA ARG B 225 -19.48 -13.11 -8.67
C ARG B 225 -18.37 -12.48 -9.51
N ALA B 226 -18.23 -11.16 -9.38
CA ALA B 226 -17.16 -10.44 -10.06
C ALA B 226 -15.79 -10.93 -9.61
N TYR B 227 -15.61 -11.02 -8.29
CA TYR B 227 -14.36 -11.53 -7.74
C TYR B 227 -14.06 -12.98 -8.11
N ARG B 228 -15.09 -13.85 -8.04
CA ARG B 228 -14.88 -15.27 -8.34
C ARG B 228 -14.38 -15.48 -9.76
N THR B 229 -14.95 -14.76 -10.72
CA THR B 229 -14.56 -14.96 -12.11
C THR B 229 -13.16 -14.41 -12.38
N THR B 230 -12.82 -13.32 -11.72
CA THR B 230 -11.51 -12.68 -11.89
C THR B 230 -10.40 -13.42 -11.12
N ALA B 231 -10.67 -13.79 -9.87
CA ALA B 231 -9.71 -14.57 -9.08
C ALA B 231 -9.70 -16.05 -9.52
N GLY B 232 -10.78 -16.51 -10.13
CA GLY B 232 -10.87 -17.87 -10.67
C GLY B 232 -10.84 -18.97 -9.62
N ASN B 233 -11.27 -18.65 -8.41
CA ASN B 233 -11.33 -19.62 -7.32
C ASN B 233 -12.62 -20.44 -7.42
N VAL B 234 -12.81 -21.02 -8.61
CA VAL B 234 -14.07 -21.66 -9.00
C VAL B 234 -13.92 -23.18 -8.94
N PRO B 235 -14.97 -23.90 -8.49
CA PRO B 235 -14.88 -25.36 -8.31
C PRO B 235 -15.02 -26.10 -9.65
N GLY B 236 -14.72 -27.38 -9.67
CA GLY B 236 -15.00 -28.19 -10.84
C GLY B 236 -16.45 -28.65 -10.86
N ALA B 237 -16.98 -28.86 -12.05
CA ALA B 237 -18.34 -29.42 -12.20
C ALA B 237 -18.46 -30.78 -11.56
N LEU B 238 -17.43 -31.60 -11.71
CA LEU B 238 -17.43 -32.90 -11.07
C LEU B 238 -17.43 -32.71 -9.54
N ASP B 239 -16.71 -31.70 -9.06
CA ASP B 239 -16.76 -31.37 -7.63
C ASP B 239 -18.13 -30.83 -7.17
N CYS B 240 -18.83 -30.09 -8.00
CA CYS B 240 -20.18 -29.66 -7.62
C CYS B 240 -21.13 -30.86 -7.55
N PHE B 241 -20.92 -31.81 -8.46
CA PHE B 241 -21.70 -33.04 -8.45
C PHE B 241 -21.54 -33.81 -7.14
N LEU B 242 -20.31 -33.94 -6.65
CA LEU B 242 -20.07 -34.66 -5.40
C LEU B 242 -20.69 -33.97 -4.19
N VAL B 243 -20.56 -32.64 -4.10
CA VAL B 243 -21.17 -31.87 -3.03
C VAL B 243 -22.69 -31.99 -3.06
N ARG B 244 -23.27 -31.79 -4.24
CA ARG B 244 -24.72 -31.91 -4.42
C ARG B 244 -25.24 -33.29 -4.02
N ARG B 245 -24.53 -34.32 -4.45
CA ARG B 245 -24.97 -35.68 -4.20
C ARG B 245 -24.90 -35.98 -2.71
N GLY B 246 -23.92 -35.40 -2.03
CA GLY B 246 -23.83 -35.52 -0.57
C GLY B 246 -24.99 -34.86 0.16
N LEU B 247 -25.48 -33.75 -0.41
CA LEU B 247 -26.52 -32.93 0.24
C LEU B 247 -27.88 -33.61 0.33
N HIS B 248 -28.12 -34.61 -0.52
CA HIS B 248 -29.37 -35.35 -0.44
C HIS B 248 -29.54 -35.85 1.00
N THR B 249 -28.44 -36.30 1.59
CA THR B 249 -28.51 -36.94 2.89
C THR B 249 -28.02 -36.09 4.08
N LEU B 250 -27.89 -34.78 3.89
CA LEU B 250 -27.40 -33.91 4.97
C LEU B 250 -28.22 -33.99 6.26
N SER B 251 -29.55 -33.92 6.14
CA SER B 251 -30.43 -34.01 7.30
C SER B 251 -30.25 -35.32 8.01
N LEU B 252 -30.33 -36.42 7.26
CA LEU B 252 -30.27 -37.74 7.87
C LEU B 252 -28.95 -37.94 8.62
N ARG B 253 -27.86 -37.50 8.01
CA ARG B 253 -26.53 -37.61 8.64
C ARG B 253 -26.39 -36.74 9.92
N VAL B 254 -26.86 -35.50 9.86
CA VAL B 254 -26.77 -34.61 11.02
C VAL B 254 -27.49 -35.17 12.24
N HIS B 255 -28.74 -35.56 12.09
CA HIS B 255 -29.49 -36.07 13.23
C HIS B 255 -28.76 -37.29 13.83
N ARG B 256 -28.29 -38.18 12.96
CA ARG B 256 -27.51 -39.33 13.40
C ARG B 256 -26.25 -38.93 14.18
N GLN B 257 -25.51 -37.95 13.65
CA GLN B 257 -24.32 -37.46 14.33
C GLN B 257 -24.64 -36.86 15.71
N VAL B 258 -25.66 -36.01 15.78
CA VAL B 258 -26.03 -35.36 17.04
C VAL B 258 -26.50 -36.38 18.10
N ALA B 259 -27.37 -37.30 17.70
CA ALA B 259 -27.84 -38.33 18.62
C ALA B 259 -26.67 -39.11 19.20
N THR B 260 -25.68 -39.42 18.38
CA THR B 260 -24.52 -40.16 18.86
C THR B 260 -23.59 -39.31 19.73
N ALA B 261 -23.37 -38.06 19.33
CA ALA B 261 -22.63 -37.10 20.16
C ALA B 261 -23.23 -37.02 21.56
N ARG B 262 -24.55 -36.95 21.63
CA ARG B 262 -25.26 -36.93 22.90
C ARG B 262 -24.91 -38.17 23.76
N VAL B 263 -24.85 -39.34 23.12
CA VAL B 263 -24.46 -40.58 23.78
C VAL B 263 -23.01 -40.51 24.28
N LEU B 264 -22.11 -40.05 23.43
CA LEU B 264 -20.69 -39.93 23.76
C LEU B 264 -20.46 -38.94 24.91
N VAL B 265 -21.23 -37.88 24.94
CA VAL B 265 -21.09 -36.86 25.99
C VAL B 265 -21.36 -37.40 27.39
N GLU B 266 -22.50 -38.06 27.59
CA GLU B 266 -22.78 -38.58 28.93
C GLU B 266 -21.84 -39.73 29.29
N ARG B 267 -21.32 -40.41 28.28
CA ARG B 267 -20.25 -41.37 28.48
C ARG B 267 -19.01 -40.71 29.07
N LEU B 268 -18.57 -39.62 28.45
CA LEU B 268 -17.40 -38.88 28.90
C LEU B 268 -17.56 -38.32 30.31
N ARG B 269 -18.81 -38.15 30.75
CA ARG B 269 -19.05 -37.58 32.07
C ARG B 269 -19.12 -38.64 33.15
N ALA B 270 -18.93 -39.90 32.75
CA ALA B 270 -18.86 -41.00 33.69
C ALA B 270 -17.41 -41.46 33.86
N SER B 271 -16.56 -41.13 32.90
CA SER B 271 -15.16 -41.56 32.91
C SER B 271 -14.31 -40.87 33.98
N PRO B 272 -13.59 -41.65 34.79
CA PRO B 272 -12.78 -41.00 35.83
C PRO B 272 -11.48 -40.40 35.29
N VAL B 273 -11.20 -40.53 34.01
CA VAL B 273 -9.99 -39.93 33.45
C VAL B 273 -10.36 -38.82 32.47
N VAL B 274 -11.57 -38.31 32.61
CA VAL B 274 -12.04 -37.16 31.84
C VAL B 274 -12.39 -36.03 32.79
N GLY B 275 -11.93 -34.82 32.47
CA GLY B 275 -12.28 -33.64 33.24
C GLY B 275 -13.51 -32.96 32.67
N ALA B 276 -13.40 -31.66 32.43
CA ALA B 276 -14.50 -30.88 31.85
C ALA B 276 -14.87 -31.38 30.46
N VAL B 277 -16.16 -31.61 30.25
CA VAL B 277 -16.67 -31.98 28.92
C VAL B 277 -17.38 -30.78 28.30
N HIS B 278 -17.07 -30.50 27.04
CA HIS B 278 -17.72 -29.40 26.33
C HIS B 278 -18.66 -29.92 25.24
N TYR B 279 -19.89 -29.42 25.23
CA TYR B 279 -20.88 -29.71 24.20
C TYR B 279 -21.98 -28.65 24.36
N PRO B 280 -22.39 -28.02 23.26
CA PRO B 280 -23.39 -26.95 23.32
C PRO B 280 -24.70 -27.37 24.00
N GLY B 281 -25.07 -28.64 23.88
CA GLY B 281 -26.33 -29.14 24.39
C GLY B 281 -26.41 -29.37 25.89
N LEU B 282 -25.26 -29.42 26.55
CA LEU B 282 -25.23 -29.57 28.01
C LEU B 282 -26.01 -28.44 28.68
N PRO B 283 -26.91 -28.80 29.60
CA PRO B 283 -27.74 -27.79 30.30
C PRO B 283 -26.89 -26.67 30.88
N GLU B 284 -25.86 -27.02 31.63
CA GLU B 284 -25.05 -26.02 32.32
C GLU B 284 -24.07 -25.29 31.41
N HIS B 285 -24.24 -25.42 30.08
CA HIS B 285 -23.45 -24.62 29.15
C HIS B 285 -23.63 -23.14 29.50
N PRO B 286 -22.53 -22.37 29.55
CA PRO B 286 -22.58 -20.98 30.02
C PRO B 286 -23.50 -20.12 29.14
N GLN B 287 -23.48 -20.38 27.84
CA GLN B 287 -24.38 -19.69 26.91
C GLN B 287 -25.57 -20.56 26.53
N HIS B 288 -26.13 -21.27 27.50
CA HIS B 288 -27.19 -22.24 27.23
C HIS B 288 -28.45 -21.62 26.62
N ALA B 289 -28.86 -20.46 27.12
CA ALA B 289 -30.05 -19.80 26.59
C ALA B 289 -29.87 -19.50 25.08
N VAL B 290 -28.69 -19.00 24.72
CA VAL B 290 -28.40 -18.70 23.33
C VAL B 290 -28.40 -19.97 22.48
N VAL B 291 -27.86 -21.06 23.03
CA VAL B 291 -28.00 -22.34 22.35
C VAL B 291 -29.48 -22.70 22.10
N LYS B 292 -30.28 -22.72 23.14
CA LYS B 292 -31.67 -23.11 22.93
C LYS B 292 -32.35 -22.18 21.92
N ALA B 293 -32.06 -20.88 22.03
CA ALA B 293 -32.72 -19.87 21.22
C ALA B 293 -32.39 -19.92 19.74
N GLN B 294 -31.17 -20.32 19.37
CA GLN B 294 -30.77 -20.14 17.97
C GLN B 294 -30.53 -21.37 17.08
N MSE B 295 -30.31 -22.53 17.68
CA MSE B 295 -30.20 -23.79 16.90
C MSE B 295 -31.07 -24.93 17.42
O MSE B 295 -31.20 -25.12 18.63
CB MSE B 295 -28.78 -24.32 16.78
CG MSE B 295 -27.73 -23.46 17.33
SE MSE B 295 -28.07 -23.01 19.17
CE MSE B 295 -26.25 -22.40 19.41
N SER B 296 -31.59 -25.73 16.50
CA SER B 296 -32.50 -26.80 16.87
C SER B 296 -31.76 -28.08 17.27
N ALA B 297 -30.43 -28.05 17.22
CA ALA B 297 -29.63 -29.17 17.72
C ALA B 297 -28.21 -28.71 18.03
N PRO B 298 -27.55 -29.41 18.97
CA PRO B 298 -26.27 -28.93 19.51
C PRO B 298 -25.01 -29.36 18.75
N GLY B 299 -25.16 -30.01 17.60
CA GLY B 299 -24.02 -30.24 16.73
C GLY B 299 -23.37 -31.60 16.91
N ALA B 300 -22.36 -31.85 16.09
CA ALA B 300 -21.74 -33.17 16.03
C ALA B 300 -20.33 -33.19 16.64
N ILE B 301 -19.94 -32.07 17.28
CA ILE B 301 -18.59 -31.93 17.80
C ILE B 301 -18.58 -31.95 19.32
N VAL B 302 -17.71 -32.75 19.90
CA VAL B 302 -17.60 -32.85 21.36
C VAL B 302 -16.14 -32.71 21.73
N SER B 303 -15.84 -31.88 22.73
CA SER B 303 -14.48 -31.81 23.25
C SER B 303 -14.42 -32.09 24.75
N PHE B 304 -13.25 -32.48 25.23
CA PHE B 304 -13.08 -32.86 26.62
C PHE B 304 -11.62 -32.86 27.09
N ASP B 305 -11.41 -32.68 28.39
CA ASP B 305 -10.09 -32.75 28.98
C ASP B 305 -9.73 -34.17 29.42
N TYR B 306 -8.73 -34.74 28.76
CA TYR B 306 -8.27 -36.07 29.09
C TYR B 306 -7.27 -36.02 30.26
N LEU B 307 -7.47 -36.87 31.27
CA LEU B 307 -6.67 -36.81 32.50
C LEU B 307 -5.72 -38.00 32.69
N GLY B 308 -5.80 -39.00 31.82
CA GLY B 308 -5.09 -40.24 32.05
C GLY B 308 -3.63 -40.27 31.68
N GLY B 309 -3.17 -39.23 30.99
CA GLY B 309 -1.80 -39.15 30.52
C GLY B 309 -1.67 -38.37 29.22
N PRO B 310 -0.52 -38.47 28.56
CA PRO B 310 -0.26 -37.70 27.34
C PRO B 310 -1.30 -37.97 26.26
N ALA B 311 -1.85 -36.92 25.68
CA ALA B 311 -2.82 -37.06 24.62
C ALA B 311 -2.23 -37.85 23.45
N GLU B 312 -0.92 -37.68 23.24
CA GLU B 312 -0.27 -38.34 22.10
C GLU B 312 -0.29 -39.88 22.23
N ARG B 313 -0.56 -40.40 23.41
CA ARG B 313 -0.74 -41.83 23.59
C ARG B 313 -2.20 -42.25 23.42
N LEU B 314 -3.11 -41.41 23.90
CA LEU B 314 -4.53 -41.68 23.78
C LEU B 314 -4.96 -41.82 22.32
N LEU B 315 -4.50 -40.89 21.48
CA LEU B 315 -4.90 -40.85 20.07
C LEU B 315 -4.71 -42.19 19.34
N ASP B 316 -3.61 -42.88 19.64
CA ASP B 316 -3.27 -44.14 18.99
C ASP B 316 -4.07 -45.36 19.47
N ARG B 317 -4.88 -45.20 20.50
CA ARG B 317 -5.62 -46.33 21.06
C ARG B 317 -6.96 -46.49 20.36
N PHE B 318 -7.34 -45.50 19.58
CA PHE B 318 -8.62 -45.56 18.89
C PHE B 318 -8.58 -46.60 17.79
N THR B 319 -9.55 -47.51 17.79
CA THR B 319 -9.57 -48.58 16.80
C THR B 319 -10.71 -48.40 15.81
N LEU B 320 -11.46 -47.32 15.97
CA LEU B 320 -12.62 -47.02 15.13
C LEU B 320 -12.64 -45.55 14.75
N PHE B 321 -12.62 -44.65 15.74
CA PHE B 321 -12.33 -43.24 15.48
C PHE B 321 -11.01 -43.17 14.73
N THR B 322 -10.93 -42.25 13.77
CA THR B 322 -9.70 -42.03 13.01
C THR B 322 -8.93 -40.80 13.50
N CYS B 323 -7.63 -40.94 13.78
CA CYS B 323 -6.85 -39.79 14.21
C CYS B 323 -6.60 -38.87 13.02
N GLY B 324 -7.30 -37.74 13.00
CA GLY B 324 -7.17 -36.84 11.88
C GLY B 324 -7.99 -35.58 12.01
N VAL B 325 -7.52 -34.54 11.32
CA VAL B 325 -8.22 -33.26 11.26
C VAL B 325 -9.20 -33.31 10.10
N SER B 326 -9.90 -32.19 9.90
CA SER B 326 -11.18 -32.06 9.21
C SER B 326 -12.30 -32.33 10.21
N LEU B 327 -13.54 -32.19 9.75
CA LEU B 327 -14.71 -32.57 10.54
C LEU B 327 -15.91 -32.73 9.62
N GLY B 328 -17.01 -33.24 10.17
CA GLY B 328 -18.29 -33.25 9.49
C GLY B 328 -18.65 -34.49 8.68
N GLY B 329 -17.67 -35.36 8.42
CA GLY B 329 -17.90 -36.50 7.53
C GLY B 329 -18.63 -37.72 8.13
N VAL B 330 -18.76 -38.78 7.33
CA VAL B 330 -19.39 -40.02 7.79
C VAL B 330 -18.46 -40.81 8.72
N HIS B 331 -17.16 -40.65 8.53
CA HIS B 331 -16.15 -41.30 9.37
C HIS B 331 -15.89 -40.44 10.61
N SER B 332 -16.08 -41.02 11.80
CA SER B 332 -15.82 -40.30 13.05
C SER B 332 -14.32 -39.98 13.18
N LEU B 333 -14.02 -38.73 13.48
CA LEU B 333 -12.64 -38.28 13.64
C LEU B 333 -12.35 -37.87 15.08
N VAL B 334 -11.14 -38.15 15.53
CA VAL B 334 -10.63 -37.64 16.78
C VAL B 334 -9.33 -36.88 16.46
N GLU B 335 -9.10 -35.77 17.17
CA GLU B 335 -7.81 -35.12 17.10
C GLU B 335 -7.52 -34.38 18.38
N CYS B 336 -6.28 -33.95 18.53
CA CYS B 336 -5.89 -33.08 19.64
C CYS B 336 -5.42 -31.76 19.02
N PRO B 337 -6.32 -30.76 19.00
CA PRO B 337 -6.11 -29.44 18.41
C PRO B 337 -4.73 -28.91 18.71
N ALA B 338 -4.31 -29.02 19.96
CA ALA B 338 -2.97 -28.63 20.35
C ALA B 338 -1.88 -29.46 19.66
N LEU B 339 -2.16 -30.75 19.38
CA LEU B 339 -1.18 -31.58 18.69
C LEU B 339 -1.24 -31.34 17.19
N MSE B 340 -2.32 -30.68 16.75
CA MSE B 340 -2.64 -30.58 15.33
C MSE B 340 -3.14 -29.18 14.91
O MSE B 340 -2.34 -28.27 14.68
CB MSE B 340 -3.66 -31.68 14.95
CG MSE B 340 -3.06 -33.12 14.97
SE MSE B 340 -3.91 -34.56 16.07
CE MSE B 340 -4.88 -35.42 14.54
N THR B 341 -4.46 -29.04 14.78
CA THR B 341 -5.06 -27.79 14.30
C THR B 341 -4.44 -26.54 14.92
N HIS B 342 -4.21 -26.59 16.22
CA HIS B 342 -3.71 -25.42 16.96
C HIS B 342 -2.23 -25.45 17.41
N ARG B 343 -1.42 -26.34 16.83
CA ARG B 343 0.02 -26.43 17.24
C ARG B 343 1.03 -25.30 16.88
N PRO B 344 0.75 -24.44 15.88
CA PRO B 344 1.78 -23.39 15.61
C PRO B 344 1.90 -22.28 16.67
N LEU B 345 1.14 -22.38 17.75
CA LEU B 345 1.15 -21.36 18.77
C LEU B 345 2.44 -21.41 19.59
N SER B 346 2.57 -20.45 20.51
CA SER B 346 3.71 -20.40 21.40
C SER B 346 3.46 -21.21 22.68
N ALA B 347 2.45 -22.08 22.65
CA ALA B 347 2.08 -22.89 23.82
C ALA B 347 1.56 -22.10 25.04
N GLU B 348 2.11 -20.91 25.27
CA GLU B 348 1.56 -20.02 26.29
C GLU B 348 0.28 -19.45 25.68
N ALA B 349 0.40 -19.00 24.43
CA ALA B 349 -0.74 -18.54 23.65
C ALA B 349 -1.79 -19.64 23.47
N ARG B 350 -1.36 -20.89 23.63
CA ARG B 350 -2.31 -21.99 23.74
C ARG B 350 -3.14 -21.85 25.01
N ALA B 351 -2.46 -21.63 26.13
CA ALA B 351 -3.16 -21.45 27.40
C ALA B 351 -3.99 -20.17 27.31
N ARG B 352 -3.35 -19.10 26.81
CA ARG B 352 -3.99 -17.78 26.72
C ARG B 352 -5.32 -17.81 25.97
N ARG B 353 -5.55 -18.90 25.23
CA ARG B 353 -6.82 -19.14 24.55
C ARG B 353 -7.77 -20.08 25.29
N GLY B 354 -7.23 -20.95 26.14
CA GLY B 354 -8.06 -21.86 26.92
C GLY B 354 -8.12 -23.31 26.40
N ILE B 355 -7.26 -23.62 25.45
CA ILE B 355 -7.17 -24.98 24.94
C ILE B 355 -5.99 -25.69 25.61
N GLY B 356 -6.30 -26.61 26.53
CA GLY B 356 -5.28 -27.30 27.29
C GLY B 356 -4.45 -28.22 26.40
N GLU B 357 -3.26 -28.61 26.86
CA GLU B 357 -2.44 -29.56 26.14
C GLU B 357 -3.16 -30.90 25.96
N SER B 358 -4.12 -31.22 26.83
CA SER B 358 -4.84 -32.49 26.70
C SER B 358 -6.31 -32.40 26.30
N LEU B 359 -6.69 -31.28 25.69
CA LEU B 359 -8.04 -31.17 25.18
C LEU B 359 -8.17 -32.08 23.96
N ILE B 360 -9.17 -32.95 24.00
CA ILE B 360 -9.43 -33.85 22.89
C ILE B 360 -10.73 -33.41 22.24
N ARG B 361 -10.76 -33.37 20.91
CA ARG B 361 -11.96 -33.00 20.16
C ARG B 361 -12.45 -34.16 19.29
N LEU B 362 -13.74 -34.50 19.40
CA LEU B 362 -14.35 -35.54 18.60
C LEU B 362 -15.24 -34.90 17.55
N SER B 363 -15.13 -35.39 16.33
CA SER B 363 -16.11 -35.07 15.29
C SER B 363 -16.88 -36.34 14.97
N VAL B 364 -18.16 -36.35 15.30
CA VAL B 364 -18.94 -37.58 15.24
C VAL B 364 -19.42 -37.90 13.82
N GLY B 365 -19.22 -39.15 13.41
CA GLY B 365 -19.72 -39.61 12.13
C GLY B 365 -21.01 -40.42 12.27
N ILE B 366 -21.26 -41.29 11.29
CA ILE B 366 -22.50 -42.06 11.25
C ILE B 366 -22.33 -43.55 11.60
N GLU B 367 -21.23 -43.91 12.25
CA GLU B 367 -21.07 -45.27 12.76
C GLU B 367 -22.15 -45.61 13.81
N ASP B 368 -22.28 -46.88 14.15
CA ASP B 368 -23.19 -47.28 15.23
C ASP B 368 -22.73 -46.61 16.52
N PRO B 369 -23.67 -45.98 17.26
CA PRO B 369 -23.34 -45.24 18.48
C PRO B 369 -22.65 -46.14 19.51
N GLN B 370 -23.16 -47.35 19.70
CA GLN B 370 -22.53 -48.24 20.68
C GLN B 370 -21.09 -48.62 20.26
N ASP B 371 -20.81 -48.72 18.96
CA ASP B 371 -19.43 -49.00 18.53
C ASP B 371 -18.49 -47.83 18.86
N LEU B 372 -18.96 -46.60 18.61
CA LEU B 372 -18.15 -45.43 18.93
C LEU B 372 -17.95 -45.27 20.44
N ALA B 373 -19.00 -45.55 21.23
CA ALA B 373 -18.90 -45.47 22.68
C ALA B 373 -17.85 -46.43 23.25
N GLU B 374 -17.95 -47.69 22.88
CA GLU B 374 -17.02 -48.73 23.34
C GLU B 374 -15.58 -48.44 22.87
N ASP B 375 -15.43 -47.85 21.68
CA ASP B 375 -14.10 -47.52 21.17
C ASP B 375 -13.49 -46.36 21.95
N LEU B 376 -14.34 -45.38 22.29
CA LEU B 376 -13.88 -44.26 23.11
C LEU B 376 -13.52 -44.75 24.52
N SER B 377 -14.39 -45.57 25.11
CA SER B 377 -14.10 -46.14 26.43
C SER B 377 -12.86 -47.01 26.40
N ARG B 378 -12.70 -47.75 25.29
CA ARG B 378 -11.52 -48.58 25.05
C ARG B 378 -10.27 -47.71 25.18
N ALA B 379 -10.24 -46.62 24.42
CA ALA B 379 -9.08 -45.74 24.43
C ALA B 379 -8.82 -45.13 25.81
N LEU B 380 -9.90 -44.68 26.46
CA LEU B 380 -9.73 -44.00 27.74
C LEU B 380 -9.15 -44.92 28.82
N ALA B 381 -9.59 -46.17 28.87
CA ALA B 381 -9.15 -47.09 29.92
C ALA B 381 -7.71 -47.55 29.72
N GLY B 382 -7.25 -47.52 28.47
CA GLY B 382 -5.90 -47.97 28.16
C GLY B 382 -5.74 -49.46 28.40
N GLY B 383 -6.79 -50.23 28.20
CA GLY B 383 -6.73 -51.66 28.39
C GLY B 383 -5.66 -52.33 27.53
N GLY C 6 -15.55 -54.43 15.90
CA GLY C 6 -16.45 -53.60 16.67
C GLY C 6 -17.32 -52.84 15.71
N MSE C 7 -18.40 -53.51 15.26
CA MSE C 7 -19.36 -52.93 14.30
C MSE C 7 -20.74 -53.53 14.24
O MSE C 7 -20.98 -54.53 13.55
CB MSE C 7 -18.88 -52.97 12.87
CG MSE C 7 -18.15 -54.15 12.53
SE MSE C 7 -16.66 -53.11 12.61
CE MSE C 7 -15.53 -54.33 11.54
N ARG C 8 -21.67 -52.85 14.88
CA ARG C 8 -23.05 -52.99 14.51
C ARG C 8 -23.26 -52.33 13.11
N PHE C 9 -24.51 -52.16 12.66
CA PHE C 9 -24.71 -52.00 11.22
C PHE C 9 -24.15 -50.75 10.49
N GLY C 10 -24.48 -49.56 10.98
CA GLY C 10 -23.91 -48.34 10.46
C GLY C 10 -22.37 -48.28 10.42
N THR C 11 -21.72 -49.05 11.29
CA THR C 11 -20.26 -49.06 11.28
C THR C 11 -19.73 -49.79 10.04
N ARG C 12 -20.29 -50.98 9.76
CA ARG C 12 -19.88 -51.73 8.57
C ARG C 12 -20.14 -50.99 7.26
N LEU C 13 -21.20 -50.21 7.20
CA LEU C 13 -21.47 -49.39 6.02
C LEU C 13 -20.36 -48.38 5.74
N VAL C 14 -19.78 -47.85 6.81
CA VAL C 14 -18.79 -46.80 6.69
C VAL C 14 -17.37 -47.37 6.57
N HIS C 15 -17.07 -48.41 7.33
CA HIS C 15 -15.72 -48.95 7.40
C HIS C 15 -15.49 -50.33 6.75
N GLY C 16 -16.57 -51.03 6.44
CA GLY C 16 -16.49 -52.28 5.70
C GLY C 16 -15.68 -52.09 4.44
N GLY C 17 -14.63 -52.89 4.28
CA GLY C 17 -13.76 -52.76 3.13
C GLY C 17 -12.90 -51.50 3.12
N ARG C 18 -12.87 -50.74 4.21
CA ARG C 18 -12.13 -49.50 4.13
C ARG C 18 -10.65 -49.72 4.43
N ARG C 19 -9.95 -50.26 3.42
CA ARG C 19 -8.53 -50.55 3.52
C ARG C 19 -7.78 -49.26 3.82
N PRO C 20 -6.85 -49.32 4.76
CA PRO C 20 -5.98 -48.14 4.94
C PRO C 20 -5.14 -47.90 3.70
N SER C 21 -4.88 -46.63 3.38
CA SER C 21 -3.91 -46.31 2.34
C SER C 21 -2.51 -46.15 2.94
N ALA C 22 -1.68 -47.19 2.81
CA ALA C 22 -0.33 -47.15 3.35
C ALA C 22 0.45 -45.97 2.77
N GLY C 23 1.36 -45.38 3.56
CA GLY C 23 1.96 -44.13 3.16
C GLY C 23 0.83 -43.13 3.21
N THR C 24 0.97 -41.99 2.55
CA THR C 24 -0.12 -41.01 2.38
C THR C 24 -1.26 -40.97 3.43
N GLY C 25 -1.97 -42.08 3.62
CA GLY C 25 -2.93 -42.20 4.73
C GLY C 25 -4.41 -41.91 4.44
N ASP C 26 -4.78 -41.97 3.17
CA ASP C 26 -6.15 -41.64 2.75
C ASP C 26 -7.22 -42.32 3.57
N VAL C 27 -8.11 -41.53 4.16
CA VAL C 27 -9.29 -42.10 4.83
C VAL C 27 -10.25 -42.71 3.80
N VAL C 28 -10.55 -41.96 2.75
CA VAL C 28 -11.29 -42.53 1.63
C VAL C 28 -10.26 -43.13 0.65
N PRO C 29 -10.27 -44.47 0.49
CA PRO C 29 -9.28 -45.08 -0.41
C PRO C 29 -9.38 -44.49 -1.81
N PRO C 30 -8.23 -44.32 -2.49
CA PRO C 30 -8.25 -43.68 -3.80
C PRO C 30 -8.93 -44.56 -4.86
N ILE C 31 -9.37 -43.97 -5.98
CA ILE C 31 -10.07 -44.72 -7.02
C ILE C 31 -9.10 -45.34 -8.03
N HIS C 32 -9.02 -46.67 -8.05
CA HIS C 32 -8.09 -47.39 -8.91
C HIS C 32 -8.68 -47.55 -10.32
N VAL C 33 -8.33 -46.66 -11.25
CA VAL C 33 -8.89 -46.72 -12.58
C VAL C 33 -8.01 -47.55 -13.55
N SER C 34 -6.78 -47.82 -13.16
CA SER C 34 -5.84 -48.49 -14.05
C SER C 34 -6.39 -49.85 -14.52
N THR C 35 -6.39 -50.05 -15.82
CA THR C 35 -6.79 -51.33 -16.40
C THR C 35 -5.68 -52.34 -16.22
N THR C 36 -4.47 -51.83 -16.03
CA THR C 36 -3.35 -52.74 -15.96
C THR C 36 -2.37 -52.43 -14.83
N TYR C 37 -1.76 -53.48 -14.34
CA TYR C 37 -0.89 -53.39 -13.19
C TYR C 37 0.43 -53.99 -13.61
N GLU C 38 1.54 -53.38 -13.23
CA GLU C 38 2.82 -53.98 -13.61
C GLU C 38 3.36 -54.96 -12.60
N ARG C 39 3.94 -56.03 -13.14
CA ARG C 39 4.24 -57.26 -12.41
C ARG C 39 5.32 -57.05 -11.34
N ARG C 40 6.51 -56.66 -11.80
CA ARG C 40 7.78 -56.72 -11.05
C ARG C 40 7.92 -55.94 -9.73
N ALA C 41 6.82 -55.35 -9.24
CA ALA C 41 6.86 -54.57 -8.00
C ALA C 41 6.12 -55.27 -6.85
N GLN C 42 4.81 -55.47 -7.05
CA GLN C 42 3.90 -56.04 -6.04
C GLN C 42 4.42 -57.31 -5.39
N ASP C 43 5.57 -57.20 -4.71
CA ASP C 43 6.47 -58.32 -4.34
C ASP C 43 6.12 -59.77 -4.71
N GLU C 44 4.85 -60.17 -4.55
CA GLU C 44 4.35 -61.38 -5.22
C GLU C 44 3.03 -61.09 -5.93
N PRO C 45 3.09 -61.02 -7.28
CA PRO C 45 2.02 -60.69 -8.23
C PRO C 45 0.60 -60.97 -7.72
N ARG C 46 -0.18 -59.92 -7.59
CA ARG C 46 -1.50 -60.08 -7.03
C ARG C 46 -2.60 -59.36 -7.84
N TYR C 47 -2.19 -58.37 -8.63
CA TYR C 47 -3.09 -57.64 -9.54
C TYR C 47 -2.50 -57.61 -10.96
N PHE C 48 -3.33 -57.87 -11.97
CA PHE C 48 -2.80 -57.95 -13.34
C PHE C 48 -3.60 -57.16 -14.38
N TYR C 49 -4.85 -57.55 -14.59
CA TYR C 49 -5.68 -56.85 -15.55
C TYR C 49 -7.01 -56.54 -14.90
N GLY C 50 -7.53 -55.35 -15.17
CA GLY C 50 -8.71 -54.83 -14.52
C GLY C 50 -9.96 -55.69 -14.48
N ARG C 51 -10.14 -56.54 -15.49
CA ARG C 51 -11.32 -57.41 -15.56
C ARG C 51 -11.26 -58.49 -14.48
N GLY C 52 -10.10 -59.15 -14.36
CA GLY C 52 -9.93 -60.18 -13.34
C GLY C 52 -9.70 -59.63 -11.94
N GLU C 53 -9.06 -58.46 -11.83
CA GLU C 53 -8.66 -57.93 -10.52
C GLU C 53 -8.78 -56.40 -10.43
N ASN C 54 -9.36 -55.90 -9.34
CA ASN C 54 -9.37 -54.44 -9.06
C ASN C 54 -9.64 -54.07 -7.60
N PRO C 55 -8.69 -53.35 -6.97
CA PRO C 55 -8.78 -53.01 -5.55
C PRO C 55 -10.08 -52.29 -5.19
N THR C 56 -10.47 -51.29 -5.99
CA THR C 56 -11.65 -50.48 -5.69
C THR C 56 -12.91 -51.32 -5.78
N ARG C 57 -12.99 -52.13 -6.82
CA ARG C 57 -14.07 -53.08 -6.95
C ARG C 57 -14.10 -54.04 -5.74
N GLU C 58 -12.93 -54.59 -5.42
CA GLU C 58 -12.72 -55.50 -4.27
C GLU C 58 -13.17 -54.94 -2.91
N GLU C 59 -12.91 -53.66 -2.70
CA GLU C 59 -13.24 -53.06 -1.42
C GLU C 59 -14.75 -52.92 -1.28
N LEU C 60 -15.43 -52.58 -2.38
CA LEU C 60 -16.89 -52.60 -2.41
C LEU C 60 -17.43 -54.00 -2.04
N GLU C 61 -16.82 -55.03 -2.64
CA GLU C 61 -17.21 -56.42 -2.39
C GLU C 61 -17.05 -56.80 -0.93
N GLU C 62 -15.89 -56.44 -0.38
CA GLU C 62 -15.57 -56.66 1.02
C GLU C 62 -16.66 -56.01 1.89
N CYS C 63 -17.01 -54.77 1.55
CA CYS C 63 -18.03 -54.05 2.30
C CYS C 63 -19.40 -54.76 2.25
N LEU C 64 -19.81 -55.18 1.06
CA LEU C 64 -21.10 -55.85 0.87
C LEU C 64 -21.19 -57.14 1.67
N ALA C 65 -20.20 -58.02 1.47
CA ALA C 65 -20.12 -59.28 2.20
C ALA C 65 -20.17 -59.06 3.71
N GLY C 66 -19.43 -58.05 4.18
CA GLY C 66 -19.41 -57.70 5.59
C GLY C 66 -20.79 -57.43 6.16
N LEU C 67 -21.68 -56.86 5.34
CA LEU C 67 -23.04 -56.55 5.76
C LEU C 67 -23.90 -57.79 6.02
N GLU C 68 -23.46 -58.94 5.52
CA GLU C 68 -24.16 -60.20 5.80
C GLU C 68 -23.27 -61.18 6.56
N ARG C 69 -22.17 -60.66 7.11
CA ARG C 69 -21.18 -61.49 7.82
C ARG C 69 -20.82 -62.70 6.97
N ALA C 70 -20.58 -62.47 5.69
CA ALA C 70 -20.39 -63.55 4.74
C ALA C 70 -19.00 -63.47 4.13
N PRO C 71 -18.45 -64.63 3.73
CA PRO C 71 -17.10 -64.63 3.16
C PRO C 71 -16.98 -63.92 1.83
N PHE C 72 -17.99 -64.06 0.97
CA PHE C 72 -17.82 -63.67 -0.42
C PHE C 72 -18.85 -62.67 -0.92
N ALA C 73 -18.41 -61.79 -1.81
CA ALA C 73 -19.31 -60.98 -2.63
C ALA C 73 -18.65 -60.72 -3.98
N THR C 74 -19.48 -60.60 -4.99
CA THR C 74 -18.99 -60.31 -6.32
C THR C 74 -19.91 -59.26 -6.91
N VAL C 75 -19.34 -58.21 -7.48
CA VAL C 75 -20.16 -57.14 -8.06
C VAL C 75 -20.13 -57.16 -9.59
N PHE C 76 -21.17 -56.59 -10.18
CA PHE C 76 -21.43 -56.71 -11.61
C PHE C 76 -21.86 -55.36 -12.20
N SER C 77 -21.90 -55.31 -13.52
CA SER C 77 -22.33 -54.14 -14.28
C SER C 77 -23.81 -53.77 -14.07
N SER C 78 -24.59 -54.67 -13.46
CA SER C 78 -26.01 -54.41 -13.20
C SER C 78 -26.56 -55.57 -12.41
N GLY C 79 -27.77 -55.42 -11.88
CA GLY C 79 -28.45 -56.52 -11.23
C GLY C 79 -28.73 -57.67 -12.20
N GLN C 80 -29.16 -57.34 -13.42
CA GLN C 80 -29.41 -58.36 -14.42
C GLN C 80 -28.14 -59.20 -14.63
N ALA C 81 -26.98 -58.55 -14.53
CA ALA C 81 -25.71 -59.25 -14.74
C ALA C 81 -25.45 -60.22 -13.60
N ALA C 82 -25.74 -59.77 -12.38
CA ALA C 82 -25.62 -60.63 -11.22
C ALA C 82 -26.54 -61.84 -11.38
N ALA C 83 -27.75 -61.57 -11.85
CA ALA C 83 -28.70 -62.64 -12.10
C ALA C 83 -28.26 -63.58 -13.23
N ALA C 84 -27.65 -63.02 -14.29
CA ALA C 84 -27.22 -63.84 -15.41
C ALA C 84 -26.09 -64.79 -14.99
N THR C 85 -25.24 -64.33 -14.09
CA THR C 85 -24.10 -65.10 -13.64
C THR C 85 -24.54 -66.33 -12.84
N LEU C 86 -25.43 -66.09 -11.87
CA LEU C 86 -25.92 -67.13 -10.99
C LEU C 86 -26.64 -68.14 -11.84
N LEU C 87 -27.50 -67.63 -12.72
CA LEU C 87 -28.32 -68.46 -13.57
C LEU C 87 -27.51 -69.27 -14.58
N SER C 88 -26.35 -68.75 -14.96
CA SER C 88 -25.51 -69.43 -15.95
C SER C 88 -25.06 -70.82 -15.51
N LEU C 89 -25.04 -71.07 -14.20
CA LEU C 89 -24.43 -72.28 -13.64
C LEU C 89 -25.35 -73.50 -13.76
N VAL C 90 -26.65 -73.24 -13.79
CA VAL C 90 -27.62 -74.29 -14.07
C VAL C 90 -27.24 -74.93 -15.40
N ARG C 91 -27.41 -76.26 -15.48
CA ARG C 91 -27.11 -77.04 -16.68
C ARG C 91 -28.33 -77.20 -17.58
N PRO C 92 -28.09 -77.29 -18.89
CA PRO C 92 -29.17 -77.66 -19.81
C PRO C 92 -29.71 -79.03 -19.39
N GLY C 93 -31.01 -79.14 -19.20
CA GLY C 93 -31.58 -80.40 -18.74
C GLY C 93 -31.75 -80.41 -17.24
N GLN C 94 -31.78 -79.22 -16.66
CA GLN C 94 -32.04 -79.08 -15.24
C GLN C 94 -33.20 -78.13 -15.05
N CYS C 95 -33.52 -77.81 -13.79
CA CYS C 95 -34.74 -77.07 -13.51
C CYS C 95 -34.59 -75.93 -12.50
N VAL C 96 -35.09 -74.75 -12.87
CA VAL C 96 -35.12 -73.62 -11.96
C VAL C 96 -36.55 -73.46 -11.49
N VAL C 97 -36.76 -73.43 -10.19
CA VAL C 97 -38.08 -73.20 -9.63
C VAL C 97 -38.17 -71.77 -9.14
N SER C 98 -39.15 -71.04 -9.64
CA SER C 98 -39.27 -69.62 -9.29
C SER C 98 -40.66 -69.16 -8.89
N THR C 99 -40.73 -67.92 -8.42
CA THR C 99 -41.99 -67.29 -8.01
C THR C 99 -42.92 -67.13 -9.22
N ASP C 100 -44.19 -66.85 -8.97
CA ASP C 100 -45.19 -66.75 -10.12
C ASP C 100 -45.35 -65.31 -10.56
N ASP C 101 -44.32 -64.49 -10.37
CA ASP C 101 -44.47 -63.07 -10.66
C ASP C 101 -43.14 -62.33 -10.62
N VAL C 102 -42.05 -62.99 -10.99
CA VAL C 102 -40.69 -62.46 -10.81
C VAL C 102 -40.37 -61.24 -11.69
N TYR C 103 -39.26 -60.58 -11.42
CA TYR C 103 -38.88 -59.33 -12.11
C TYR C 103 -38.73 -59.54 -13.62
N ALA C 104 -39.20 -58.56 -14.38
CA ALA C 104 -39.24 -58.62 -15.85
C ALA C 104 -37.89 -59.01 -16.47
N GLY C 105 -36.82 -58.41 -15.94
CA GLY C 105 -35.49 -58.72 -16.41
C GLY C 105 -35.17 -60.15 -16.03
N THR C 106 -35.35 -60.48 -14.74
CA THR C 106 -35.11 -61.83 -14.24
C THR C 106 -35.82 -62.86 -15.12
N ASP C 107 -37.03 -62.52 -15.58
CA ASP C 107 -37.78 -63.40 -16.45
C ASP C 107 -37.02 -63.63 -17.74
N GLY C 108 -36.51 -62.55 -18.32
CA GLY C 108 -35.85 -62.60 -19.61
C GLY C 108 -34.75 -63.65 -19.58
N LEU C 109 -33.97 -63.63 -18.51
CA LEU C 109 -32.90 -64.60 -18.29
C LEU C 109 -33.43 -66.05 -18.26
N PHE C 110 -34.42 -66.32 -17.41
CA PHE C 110 -35.10 -67.63 -17.43
C PHE C 110 -35.49 -68.00 -18.85
N ASP C 111 -36.12 -67.07 -19.56
CA ASP C 111 -36.55 -67.30 -20.95
C ASP C 111 -35.36 -67.54 -21.85
N LEU C 112 -34.27 -66.80 -21.60
CA LEU C 112 -33.05 -66.97 -22.36
C LEU C 112 -32.46 -68.33 -22.06
N ALA C 113 -32.43 -68.69 -20.78
CA ALA C 113 -31.89 -69.96 -20.36
C ALA C 113 -32.74 -71.13 -20.87
N ALA C 114 -34.03 -70.89 -21.05
CA ALA C 114 -34.93 -71.93 -21.56
C ALA C 114 -34.47 -72.38 -22.96
N ARG C 115 -33.81 -71.48 -23.68
CA ARG C 115 -33.23 -71.86 -24.96
C ARG C 115 -31.84 -72.47 -24.76
N GLN C 116 -31.33 -72.37 -23.54
CA GLN C 116 -30.04 -72.98 -23.21
C GLN C 116 -30.19 -74.33 -22.52
N GLY C 117 -31.23 -75.09 -22.89
CA GLY C 117 -31.47 -76.41 -22.32
C GLY C 117 -32.05 -76.44 -20.90
N VAL C 118 -32.08 -75.29 -20.25
CA VAL C 118 -32.59 -75.16 -18.88
C VAL C 118 -34.12 -75.13 -18.81
N ARG C 119 -34.71 -75.99 -17.99
CA ARG C 119 -36.15 -75.99 -17.72
C ARG C 119 -36.52 -75.01 -16.60
N VAL C 120 -37.61 -74.27 -16.78
CA VAL C 120 -38.03 -73.26 -15.79
C VAL C 120 -39.51 -73.39 -15.39
N ARG C 121 -39.87 -72.92 -14.20
CA ARG C 121 -41.25 -73.08 -13.69
C ARG C 121 -41.65 -71.99 -12.69
N TYR C 122 -42.85 -71.43 -12.86
CA TYR C 122 -43.32 -70.43 -11.93
C TYR C 122 -44.11 -71.09 -10.79
N ALA C 123 -44.17 -70.44 -9.64
CA ALA C 123 -44.86 -71.06 -8.51
C ALA C 123 -45.36 -70.08 -7.47
N ASP C 124 -46.42 -70.49 -6.78
CA ASP C 124 -46.83 -69.91 -5.52
C ASP C 124 -45.97 -70.62 -4.48
N LEU C 125 -45.10 -69.87 -3.80
CA LEU C 125 -44.27 -70.44 -2.75
C LEU C 125 -44.78 -70.02 -1.39
N THR C 126 -46.06 -69.64 -1.34
CA THR C 126 -46.66 -69.04 -0.14
C THR C 126 -47.58 -69.99 0.63
N THR C 127 -48.07 -71.05 -0.02
CA THR C 127 -48.81 -72.07 0.72
C THR C 127 -48.07 -73.40 0.73
N PRO C 128 -48.28 -74.20 1.79
CA PRO C 128 -47.73 -75.55 1.94
C PRO C 128 -48.15 -76.48 0.82
N GLU C 129 -49.19 -76.12 0.06
CA GLU C 129 -49.60 -76.90 -1.14
C GLU C 129 -48.71 -76.57 -2.26
N GLY C 130 -48.48 -75.28 -2.48
CA GLY C 130 -47.60 -74.87 -3.56
C GLY C 130 -46.20 -75.42 -3.41
N ILE C 131 -45.68 -75.34 -2.20
CA ILE C 131 -44.28 -75.62 -1.91
C ILE C 131 -43.87 -77.07 -2.11
N ALA C 132 -44.71 -78.00 -1.68
CA ALA C 132 -44.43 -79.42 -1.85
C ALA C 132 -44.22 -79.74 -3.32
N ALA C 133 -45.04 -79.14 -4.17
CA ALA C 133 -45.01 -79.44 -5.61
C ALA C 133 -43.74 -78.94 -6.26
N ALA C 134 -43.50 -77.64 -6.16
CA ALA C 134 -42.37 -77.01 -6.82
C ALA C 134 -41.06 -77.67 -6.40
N LEU C 135 -41.04 -78.22 -5.18
CA LEU C 135 -39.90 -79.02 -4.73
C LEU C 135 -40.15 -80.51 -4.96
N ALA C 136 -41.00 -80.83 -5.93
CA ALA C 136 -41.04 -82.18 -6.45
C ALA C 136 -40.64 -82.12 -7.91
N GLU C 137 -40.18 -80.94 -8.34
CA GLU C 137 -39.66 -80.80 -9.68
C GLU C 137 -38.31 -81.52 -9.80
N PRO C 138 -38.18 -82.39 -10.81
CA PRO C 138 -36.93 -83.15 -10.98
C PRO C 138 -35.78 -82.28 -11.49
N ASP C 139 -34.55 -82.76 -11.26
CA ASP C 139 -33.35 -82.10 -11.73
C ASP C 139 -33.23 -80.69 -11.16
N LEU C 140 -33.78 -80.48 -9.96
CA LEU C 140 -33.80 -79.15 -9.34
C LEU C 140 -32.40 -78.63 -9.05
N ALA C 141 -32.00 -77.58 -9.73
CA ALA C 141 -30.70 -76.98 -9.46
C ALA C 141 -30.82 -75.66 -8.68
N LEU C 142 -31.99 -75.03 -8.75
CA LEU C 142 -32.11 -73.65 -8.28
C LEU C 142 -33.53 -73.23 -7.87
N VAL C 143 -33.65 -72.66 -6.67
CA VAL C 143 -34.91 -72.08 -6.22
C VAL C 143 -34.74 -70.57 -6.05
N TRP C 144 -35.57 -69.81 -6.76
CA TRP C 144 -35.39 -68.37 -6.91
C TRP C 144 -36.48 -67.63 -6.18
N ILE C 145 -36.10 -66.86 -5.16
CA ILE C 145 -37.08 -66.16 -4.34
C ILE C 145 -36.89 -64.66 -4.38
N GLU C 146 -37.98 -63.96 -4.68
CA GLU C 146 -37.97 -62.52 -4.62
C GLU C 146 -38.95 -62.19 -3.52
N THR C 147 -38.54 -61.45 -2.50
CA THR C 147 -39.44 -61.18 -1.40
C THR C 147 -39.04 -59.93 -0.61
N PRO C 148 -39.98 -59.00 -0.38
CA PRO C 148 -41.35 -59.04 -0.91
C PRO C 148 -41.38 -58.83 -2.42
N THR C 149 -42.41 -59.33 -3.08
CA THR C 149 -42.45 -59.27 -4.54
C THR C 149 -42.88 -57.90 -5.07
N ASN C 150 -42.75 -57.74 -6.37
CA ASN C 150 -42.97 -56.48 -7.08
C ASN C 150 -43.95 -56.75 -8.22
N PRO C 151 -45.10 -56.07 -8.25
CA PRO C 151 -45.53 -54.96 -7.39
C PRO C 151 -46.42 -55.32 -6.19
N LEU C 152 -46.95 -56.53 -6.08
CA LEU C 152 -47.97 -56.79 -5.05
C LEU C 152 -47.47 -57.01 -3.60
N LEU C 153 -46.15 -57.01 -3.39
CA LEU C 153 -45.58 -57.10 -2.05
C LEU C 153 -45.97 -58.38 -1.30
N THR C 154 -46.22 -59.45 -2.06
CA THR C 154 -46.50 -60.75 -1.47
C THR C 154 -45.16 -61.27 -0.91
N VAL C 155 -45.21 -62.18 0.05
CA VAL C 155 -44.03 -62.56 0.80
C VAL C 155 -43.88 -64.09 0.91
N VAL C 156 -42.63 -64.56 0.85
CA VAL C 156 -42.30 -65.98 0.96
C VAL C 156 -41.35 -66.25 2.14
N ASP C 157 -41.62 -67.30 2.91
CA ASP C 157 -40.81 -67.65 4.08
C ASP C 157 -39.48 -68.22 3.61
N VAL C 158 -38.42 -67.41 3.71
CA VAL C 158 -37.11 -67.82 3.22
C VAL C 158 -36.58 -69.02 3.99
N ALA C 159 -36.66 -68.95 5.32
CA ALA C 159 -36.16 -70.05 6.16
C ALA C 159 -36.85 -71.36 5.81
N GLU C 160 -38.17 -71.34 5.69
CA GLU C 160 -38.92 -72.55 5.37
C GLU C 160 -38.63 -73.08 3.97
N VAL C 161 -38.71 -72.23 2.95
CA VAL C 161 -38.49 -72.70 1.59
C VAL C 161 -37.06 -73.22 1.41
N SER C 162 -36.12 -72.67 2.18
CA SER C 162 -34.72 -73.09 2.07
C SER C 162 -34.47 -74.51 2.60
N ARG C 163 -34.92 -74.76 3.83
CA ARG C 163 -34.72 -76.09 4.42
C ARG C 163 -35.44 -77.21 3.66
N ARG C 164 -36.51 -76.88 2.94
CA ARG C 164 -37.19 -77.88 2.10
C ARG C 164 -36.66 -77.87 0.66
N ALA C 165 -35.77 -76.93 0.34
CA ALA C 165 -35.12 -76.96 -0.97
C ALA C 165 -33.83 -77.74 -0.86
N HIS C 166 -33.25 -77.71 0.32
CA HIS C 166 -31.96 -78.35 0.55
C HIS C 166 -32.05 -79.88 0.64
N GLU C 167 -33.27 -80.39 0.80
CA GLU C 167 -33.49 -81.82 0.78
C GLU C 167 -33.35 -82.31 -0.65
N ARG C 168 -33.67 -81.42 -1.59
CA ARG C 168 -33.40 -81.68 -2.99
C ARG C 168 -31.95 -81.32 -3.31
N GLY C 169 -31.19 -80.99 -2.26
CA GLY C 169 -29.78 -80.64 -2.40
C GLY C 169 -29.58 -79.53 -3.40
N ALA C 170 -30.45 -78.53 -3.33
CA ALA C 170 -30.45 -77.45 -4.30
C ALA C 170 -29.92 -76.14 -3.71
N ARG C 171 -29.68 -75.18 -4.60
CA ARG C 171 -29.23 -73.86 -4.20
C ARG C 171 -30.45 -72.96 -4.07
N VAL C 172 -30.44 -72.08 -3.07
CA VAL C 172 -31.50 -71.07 -2.94
C VAL C 172 -30.92 -69.66 -3.02
N VAL C 173 -31.46 -68.87 -3.96
CA VAL C 173 -31.12 -67.46 -4.05
C VAL C 173 -32.31 -66.60 -3.65
N VAL C 174 -32.03 -65.53 -2.92
CA VAL C 174 -33.02 -64.51 -2.67
C VAL C 174 -32.62 -63.19 -3.32
N ASP C 175 -33.50 -62.67 -4.18
CA ASP C 175 -33.38 -61.30 -4.67
C ASP C 175 -33.82 -60.38 -3.53
N ASN C 176 -32.84 -59.79 -2.86
CA ASN C 176 -33.06 -59.01 -1.64
C ASN C 176 -32.96 -57.52 -1.96
N THR C 177 -32.97 -57.21 -3.25
CA THR C 177 -32.86 -55.84 -3.75
C THR C 177 -33.94 -54.98 -3.10
N PHE C 178 -35.16 -55.51 -3.10
CA PHE C 178 -36.30 -54.77 -2.62
C PHE C 178 -36.14 -54.36 -1.16
N ALA C 179 -35.68 -55.29 -0.31
CA ALA C 179 -35.63 -55.00 1.12
C ALA C 179 -34.31 -54.38 1.61
N SER C 180 -33.22 -54.67 0.90
CA SER C 180 -31.83 -54.31 1.29
C SER C 180 -31.36 -55.14 2.49
N PRO C 181 -30.02 -55.27 2.66
CA PRO C 181 -29.47 -56.00 3.80
C PRO C 181 -29.79 -55.32 5.13
N VAL C 182 -30.20 -54.05 5.10
CA VAL C 182 -30.64 -53.40 6.33
C VAL C 182 -31.88 -54.07 6.92
N LEU C 183 -32.77 -54.55 6.07
CA LEU C 183 -34.06 -55.07 6.55
C LEU C 183 -34.20 -56.58 6.50
N GLN C 184 -33.48 -57.23 5.59
CA GLN C 184 -33.62 -58.66 5.43
C GLN C 184 -32.26 -59.30 5.17
N GLN C 185 -31.99 -60.41 5.87
CA GLN C 185 -30.71 -61.08 5.78
C GLN C 185 -30.89 -62.53 5.28
N PRO C 186 -31.02 -62.71 3.96
CA PRO C 186 -31.33 -64.03 3.38
C PRO C 186 -30.40 -65.16 3.84
N LEU C 187 -29.09 -64.93 3.88
CA LEU C 187 -28.13 -65.95 4.28
C LEU C 187 -28.34 -66.38 5.73
N ALA C 188 -28.69 -65.44 6.60
CA ALA C 188 -28.98 -65.77 7.99
C ALA C 188 -30.30 -66.54 8.06
N LEU C 189 -31.17 -66.31 7.08
CA LEU C 189 -32.43 -67.06 7.03
C LEU C 189 -32.28 -68.46 6.43
N GLY C 190 -31.09 -68.78 5.92
CA GLY C 190 -30.85 -70.10 5.39
C GLY C 190 -30.63 -70.24 3.88
N ALA C 191 -30.81 -69.14 3.14
CA ALA C 191 -30.52 -69.16 1.71
C ALA C 191 -29.01 -69.26 1.44
N ASP C 192 -28.66 -69.59 0.19
CA ASP C 192 -27.26 -69.69 -0.20
C ASP C 192 -26.68 -68.43 -0.84
N VAL C 193 -27.52 -67.60 -1.46
CA VAL C 193 -27.05 -66.43 -2.18
C VAL C 193 -28.01 -65.28 -2.09
N SER C 194 -27.52 -64.12 -1.66
CA SER C 194 -28.30 -62.89 -1.77
C SER C 194 -27.97 -62.22 -3.10
N LEU C 195 -29.02 -61.95 -3.87
CA LEU C 195 -28.90 -61.26 -5.13
C LEU C 195 -29.34 -59.83 -4.97
N TYR C 196 -28.55 -58.89 -5.49
CA TYR C 196 -28.93 -57.49 -5.47
C TYR C 196 -28.84 -56.84 -6.84
N SER C 197 -29.78 -55.94 -7.11
CA SER C 197 -29.46 -54.81 -7.95
C SER C 197 -29.00 -53.66 -7.04
N THR C 198 -27.74 -53.28 -7.13
CA THR C 198 -27.24 -52.19 -6.31
C THR C 198 -27.68 -50.82 -6.87
N THR C 199 -28.27 -50.85 -8.07
CA THR C 199 -28.81 -49.67 -8.73
C THR C 199 -29.90 -48.99 -7.88
N1 LLP C 200 -34.21 -57.43 -9.44
C2 LLP C 200 -34.82 -56.48 -8.74
C2' LLP C 200 -35.69 -56.81 -7.49
C3 LLP C 200 -34.70 -55.13 -9.16
O3 LLP C 200 -35.36 -54.15 -8.40
C4 LLP C 200 -33.93 -54.78 -10.26
C4' LLP C 200 -33.82 -53.22 -10.65
C5 LLP C 200 -33.31 -55.77 -10.97
C6 LLP C 200 -33.44 -57.11 -10.57
C5' LLP C 200 -32.44 -55.48 -12.23
OP4 LLP C 200 -31.19 -54.91 -11.90
P LLP C 200 -30.58 -53.86 -12.88
OP1 LLP C 200 -29.48 -53.17 -12.05
OP2 LLP C 200 -30.03 -54.60 -14.02
OP3 LLP C 200 -31.63 -52.90 -13.33
N LLP C 200 -30.49 -49.77 -6.96
CA LLP C 200 -31.66 -49.29 -6.21
CB LLP C 200 -32.61 -50.43 -5.98
CG LLP C 200 -32.92 -51.18 -7.29
CD LLP C 200 -33.48 -50.23 -8.36
CE LLP C 200 -33.77 -51.02 -9.67
NZ LLP C 200 -33.65 -52.46 -9.43
C LLP C 200 -31.21 -48.58 -4.97
O LLP C 200 -30.54 -47.56 -5.06
N SER C 201 -31.58 -49.07 -3.79
CA SER C 201 -31.25 -48.34 -2.55
C SER C 201 -29.78 -48.41 -2.15
N ILE C 202 -29.13 -49.55 -2.36
CA ILE C 202 -27.75 -49.76 -1.91
C ILE C 202 -26.86 -48.61 -2.36
N ALA C 203 -26.78 -48.38 -3.67
CA ALA C 203 -26.22 -47.12 -4.14
C ALA C 203 -27.13 -46.01 -3.62
N GLY C 204 -28.34 -45.91 -4.17
CA GLY C 204 -29.39 -45.12 -3.53
C GLY C 204 -29.66 -43.71 -4.02
N HIS C 205 -28.88 -43.25 -4.98
CA HIS C 205 -29.01 -41.87 -5.47
C HIS C 205 -29.30 -41.80 -6.96
N ALA C 206 -29.80 -42.90 -7.51
CA ALA C 206 -30.23 -42.95 -8.91
C ALA C 206 -29.18 -42.47 -9.93
N ASP C 207 -27.90 -42.79 -9.68
CA ASP C 207 -26.83 -42.33 -10.57
C ASP C 207 -25.74 -43.38 -10.91
N VAL C 208 -26.06 -44.66 -10.72
CA VAL C 208 -25.14 -45.72 -11.13
C VAL C 208 -25.86 -47.07 -11.28
N LEU C 209 -25.50 -47.82 -12.31
CA LEU C 209 -26.02 -49.17 -12.44
C LEU C 209 -25.08 -50.08 -11.68
N GLY C 210 -25.60 -51.21 -11.19
CA GLY C 210 -24.75 -52.18 -10.52
C GLY C 210 -25.51 -53.41 -10.06
N GLY C 211 -24.77 -54.48 -9.85
CA GLY C 211 -25.32 -55.70 -9.33
C GLY C 211 -24.38 -56.32 -8.30
N ALA C 212 -24.91 -57.23 -7.49
CA ALA C 212 -24.09 -57.95 -6.51
C ALA C 212 -24.68 -59.30 -6.14
N LEU C 213 -23.78 -60.24 -5.87
CA LEU C 213 -24.12 -61.51 -5.29
C LEU C 213 -23.29 -61.67 -4.03
N VAL C 214 -23.96 -62.02 -2.93
CA VAL C 214 -23.29 -62.27 -1.66
C VAL C 214 -23.62 -63.72 -1.28
N TYR C 215 -22.62 -64.50 -0.85
CA TYR C 215 -22.81 -65.94 -0.67
C TYR C 215 -21.72 -66.53 0.22
N ARG C 216 -21.81 -67.85 0.46
CA ARG C 216 -20.86 -68.48 1.38
C ARG C 216 -19.96 -69.60 0.81
N ASP C 217 -20.42 -70.35 -0.19
CA ASP C 217 -19.63 -71.50 -0.63
C ASP C 217 -18.44 -71.07 -1.50
N ALA C 218 -17.30 -71.71 -1.33
CA ALA C 218 -16.11 -71.37 -2.09
C ALA C 218 -16.15 -71.87 -3.53
N ASP C 219 -16.82 -73.00 -3.79
CA ASP C 219 -16.93 -73.53 -5.15
C ASP C 219 -17.77 -72.57 -6.00
N LEU C 220 -18.89 -72.13 -5.44
CA LEU C 220 -19.72 -71.10 -6.06
C LEU C 220 -18.92 -69.80 -6.33
N HIS C 221 -18.04 -69.45 -5.40
CA HIS C 221 -17.20 -68.26 -5.58
C HIS C 221 -16.31 -68.42 -6.84
N ALA C 222 -15.62 -69.55 -6.94
CA ALA C 222 -14.75 -69.83 -8.08
C ALA C 222 -15.51 -69.80 -9.40
N ALA C 223 -16.69 -70.42 -9.43
CA ALA C 223 -17.55 -70.43 -10.62
C ALA C 223 -18.06 -69.03 -10.97
N VAL C 224 -18.51 -68.28 -9.96
CA VAL C 224 -19.02 -66.93 -10.15
C VAL C 224 -17.93 -66.01 -10.71
N ARG C 225 -16.73 -66.09 -10.14
CA ARG C 225 -15.62 -65.25 -10.58
C ARG C 225 -15.14 -65.65 -11.97
N ALA C 226 -15.07 -66.96 -12.23
CA ALA C 226 -14.67 -67.41 -13.55
C ALA C 226 -15.64 -66.92 -14.62
N TYR C 227 -16.93 -66.89 -14.29
CA TYR C 227 -17.92 -66.42 -15.25
C TYR C 227 -17.83 -64.90 -15.52
N ARG C 228 -17.80 -64.11 -14.46
CA ARG C 228 -17.66 -62.67 -14.61
C ARG C 228 -16.44 -62.35 -15.45
N THR C 229 -15.34 -63.03 -15.17
CA THR C 229 -14.09 -62.84 -15.90
C THR C 229 -14.24 -63.15 -17.40
N THR C 230 -14.92 -64.24 -17.72
CA THR C 230 -15.05 -64.70 -19.10
C THR C 230 -16.16 -63.95 -19.85
N ALA C 231 -17.30 -63.77 -19.20
CA ALA C 231 -18.41 -62.98 -19.75
C ALA C 231 -18.10 -61.48 -19.78
N GLY C 232 -17.26 -61.01 -18.87
CA GLY C 232 -16.81 -59.65 -18.89
C GLY C 232 -17.87 -58.64 -18.48
N ASN C 233 -18.69 -59.04 -17.50
CA ASN C 233 -19.76 -58.19 -17.00
C ASN C 233 -19.35 -57.54 -15.66
N VAL C 234 -18.12 -57.04 -15.63
CA VAL C 234 -17.59 -56.33 -14.47
C VAL C 234 -18.04 -54.88 -14.45
N PRO C 235 -18.29 -54.34 -13.26
CA PRO C 235 -18.53 -52.90 -13.20
C PRO C 235 -17.23 -52.15 -13.42
N GLY C 236 -17.31 -50.84 -13.61
CA GLY C 236 -16.11 -50.01 -13.67
C GLY C 236 -15.76 -49.41 -12.31
N ALA C 237 -14.53 -48.90 -12.19
CA ALA C 237 -14.04 -48.36 -10.92
C ALA C 237 -14.81 -47.13 -10.42
N LEU C 238 -15.09 -46.18 -11.32
CA LEU C 238 -15.80 -44.97 -10.91
C LEU C 238 -17.20 -45.33 -10.43
N ASP C 239 -17.79 -46.31 -11.09
CA ASP C 239 -19.12 -46.80 -10.72
C ASP C 239 -19.12 -47.50 -9.37
N CYS C 240 -18.13 -48.36 -9.13
CA CYS C 240 -17.98 -48.94 -7.80
C CYS C 240 -17.78 -47.87 -6.74
N PHE C 241 -16.98 -46.86 -7.04
CA PHE C 241 -16.81 -45.74 -6.12
C PHE C 241 -18.14 -45.10 -5.76
N LEU C 242 -19.01 -44.90 -6.75
CA LEU C 242 -20.32 -44.29 -6.50
C LEU C 242 -21.27 -45.21 -5.76
N VAL C 243 -21.28 -46.50 -6.09
CA VAL C 243 -22.09 -47.47 -5.35
C VAL C 243 -21.63 -47.50 -3.89
N ARG C 244 -20.32 -47.60 -3.70
CA ARG C 244 -19.71 -47.61 -2.37
C ARG C 244 -19.94 -46.32 -1.56
N ARG C 245 -19.89 -45.17 -2.24
CA ARG C 245 -20.07 -43.90 -1.55
C ARG C 245 -21.49 -43.77 -1.01
N GLY C 246 -22.47 -44.21 -1.80
CA GLY C 246 -23.87 -44.14 -1.39
C GLY C 246 -24.17 -45.09 -0.24
N LEU C 247 -23.57 -46.27 -0.32
CA LEU C 247 -23.68 -47.31 0.72
C LEU C 247 -23.48 -46.78 2.14
N HIS C 248 -22.60 -45.79 2.30
CA HIS C 248 -22.37 -45.17 3.60
C HIS C 248 -23.68 -44.84 4.31
N THR C 249 -24.63 -44.30 3.55
CA THR C 249 -25.86 -43.79 4.15
C THR C 249 -27.04 -44.76 4.08
N LEU C 250 -26.81 -45.98 3.62
CA LEU C 250 -27.89 -46.94 3.37
C LEU C 250 -28.88 -47.15 4.52
N SER C 251 -28.41 -47.31 5.75
CA SER C 251 -29.34 -47.52 6.85
C SER C 251 -30.11 -46.24 7.16
N LEU C 252 -29.42 -45.10 7.23
CA LEU C 252 -30.08 -43.81 7.44
C LEU C 252 -31.19 -43.60 6.41
N ARG C 253 -30.86 -43.88 5.15
CA ARG C 253 -31.83 -43.73 4.08
C ARG C 253 -33.03 -44.68 4.22
N VAL C 254 -32.75 -45.97 4.40
CA VAL C 254 -33.81 -46.97 4.50
C VAL C 254 -34.76 -46.69 5.67
N HIS C 255 -34.22 -46.28 6.80
CA HIS C 255 -35.07 -46.01 7.96
C HIS C 255 -35.95 -44.75 7.80
N ARG C 256 -35.43 -43.73 7.15
CA ARG C 256 -36.23 -42.57 6.75
C ARG C 256 -37.31 -43.03 5.76
N GLN C 257 -36.89 -43.79 4.76
CA GLN C 257 -37.80 -44.27 3.73
C GLN C 257 -38.94 -45.12 4.32
N VAL C 258 -38.63 -45.99 5.27
CA VAL C 258 -39.67 -46.82 5.87
C VAL C 258 -40.63 -45.99 6.72
N ALA C 259 -40.08 -45.08 7.54
CA ALA C 259 -40.89 -44.23 8.40
C ALA C 259 -41.90 -43.42 7.58
N THR C 260 -41.45 -42.89 6.44
CA THR C 260 -42.35 -42.13 5.59
C THR C 260 -43.38 -43.05 4.92
N ALA C 261 -42.96 -44.23 4.49
CA ALA C 261 -43.89 -45.19 3.87
C ALA C 261 -45.07 -45.48 4.79
N ARG C 262 -44.78 -45.64 6.08
CA ARG C 262 -45.81 -45.91 7.07
C ARG C 262 -46.83 -44.77 7.08
N VAL C 263 -46.35 -43.54 7.15
CA VAL C 263 -47.22 -42.36 7.07
C VAL C 263 -48.11 -42.37 5.81
N LEU C 264 -47.52 -42.65 4.65
CA LEU C 264 -48.27 -42.64 3.40
C LEU C 264 -49.35 -43.73 3.37
N VAL C 265 -49.03 -44.89 3.92
CA VAL C 265 -50.01 -45.96 4.07
C VAL C 265 -51.23 -45.48 4.87
N GLU C 266 -51.02 -44.63 5.88
CA GLU C 266 -52.15 -44.08 6.63
C GLU C 266 -52.99 -43.18 5.74
N ARG C 267 -52.33 -42.36 4.94
CA ARG C 267 -53.03 -41.47 4.02
C ARG C 267 -53.90 -42.26 3.08
N LEU C 268 -53.32 -43.30 2.50
CA LEU C 268 -54.04 -44.19 1.59
C LEU C 268 -55.26 -44.82 2.26
N ARG C 269 -55.07 -45.41 3.44
CA ARG C 269 -56.16 -46.08 4.15
C ARG C 269 -57.31 -45.12 4.45
N ALA C 270 -56.96 -43.85 4.65
CA ALA C 270 -57.93 -42.80 4.98
C ALA C 270 -58.76 -42.36 3.78
N SER C 271 -58.29 -42.65 2.57
CA SER C 271 -58.89 -42.12 1.35
C SER C 271 -60.07 -42.89 0.80
N PRO C 272 -61.21 -42.21 0.60
CA PRO C 272 -62.37 -42.90 0.03
C PRO C 272 -62.14 -43.35 -1.42
N VAL C 273 -61.14 -42.82 -2.12
CA VAL C 273 -60.88 -43.25 -3.49
C VAL C 273 -59.71 -44.22 -3.61
N VAL C 274 -59.44 -44.92 -2.51
CA VAL C 274 -58.41 -45.95 -2.50
C VAL C 274 -59.02 -47.30 -2.14
N GLY C 275 -58.80 -48.30 -3.00
CA GLY C 275 -59.24 -49.66 -2.75
C GLY C 275 -58.19 -50.43 -1.95
N ALA C 276 -57.72 -51.54 -2.51
CA ALA C 276 -56.73 -52.37 -1.84
C ALA C 276 -55.48 -51.56 -1.49
N VAL C 277 -54.95 -51.78 -0.31
CA VAL C 277 -53.65 -51.22 0.06
C VAL C 277 -52.70 -52.35 0.42
N HIS C 278 -51.58 -52.41 -0.31
CA HIS C 278 -50.60 -53.43 -0.06
C HIS C 278 -49.37 -52.84 0.63
N TYR C 279 -48.97 -53.44 1.74
CA TYR C 279 -47.80 -53.03 2.50
C TYR C 279 -47.51 -54.08 3.55
N PRO C 280 -46.24 -54.53 3.63
CA PRO C 280 -45.90 -55.63 4.54
C PRO C 280 -46.10 -55.25 6.01
N GLY C 281 -46.22 -53.97 6.32
CA GLY C 281 -46.42 -53.54 7.70
C GLY C 281 -47.83 -53.75 8.26
N LEU C 282 -48.78 -54.09 7.40
CA LEU C 282 -50.18 -54.14 7.82
C LEU C 282 -50.57 -55.49 8.43
N PRO C 283 -51.37 -55.45 9.50
CA PRO C 283 -51.93 -56.68 10.11
C PRO C 283 -52.54 -57.61 9.06
N GLU C 284 -53.33 -57.05 8.15
CA GLU C 284 -54.08 -57.85 7.19
C GLU C 284 -53.22 -58.39 6.06
N HIS C 285 -51.95 -57.99 5.99
CA HIS C 285 -51.06 -58.53 4.98
C HIS C 285 -51.15 -60.05 5.00
N PRO C 286 -51.36 -60.67 3.82
CA PRO C 286 -51.65 -62.10 3.74
C PRO C 286 -50.58 -62.93 4.43
N GLN C 287 -49.33 -62.47 4.42
CA GLN C 287 -48.26 -63.19 5.13
C GLN C 287 -47.64 -62.41 6.29
N HIS C 288 -48.48 -61.79 7.12
CA HIS C 288 -48.01 -60.96 8.24
C HIS C 288 -46.97 -61.58 9.17
N ALA C 289 -47.22 -62.81 9.63
CA ALA C 289 -46.31 -63.50 10.53
C ALA C 289 -44.92 -63.71 9.93
N VAL C 290 -44.88 -64.13 8.67
CA VAL C 290 -43.61 -64.31 7.99
C VAL C 290 -42.85 -62.99 7.93
N VAL C 291 -43.57 -61.92 7.55
CA VAL C 291 -43.04 -60.56 7.60
C VAL C 291 -42.37 -60.26 8.95
N LYS C 292 -43.11 -60.47 10.04
CA LYS C 292 -42.63 -60.16 11.38
C LYS C 292 -41.38 -60.98 11.73
N ALA C 293 -41.38 -62.23 11.30
CA ALA C 293 -40.28 -63.14 11.60
C ALA C 293 -39.01 -62.75 10.85
N GLN C 294 -39.11 -62.57 9.55
CA GLN C 294 -37.90 -62.46 8.76
C GLN C 294 -37.49 -61.02 8.37
N MSE C 295 -38.41 -60.06 8.37
CA MSE C 295 -38.07 -58.67 8.01
C MSE C 295 -38.04 -57.73 9.24
O MSE C 295 -39.03 -57.61 9.96
CB MSE C 295 -39.06 -58.09 7.00
CG MSE C 295 -39.28 -58.86 5.69
SE MSE C 295 -40.32 -57.78 4.44
CE MSE C 295 -42.03 -58.52 4.64
N SER C 296 -36.92 -57.05 9.45
CA SER C 296 -36.77 -56.17 10.62
C SER C 296 -37.63 -54.89 10.55
N ALA C 297 -37.95 -54.46 9.34
CA ALA C 297 -38.93 -53.41 9.11
C ALA C 297 -39.58 -53.75 7.77
N PRO C 298 -40.77 -53.18 7.49
CA PRO C 298 -41.53 -53.72 6.35
C PRO C 298 -41.33 -53.03 5.00
N GLY C 299 -40.33 -52.17 4.87
CA GLY C 299 -39.95 -51.71 3.55
C GLY C 299 -40.48 -50.35 3.14
N ALA C 300 -40.06 -49.89 1.98
CA ALA C 300 -40.29 -48.52 1.58
C ALA C 300 -41.14 -48.44 0.32
N ILE C 301 -41.66 -49.59 -0.10
CA ILE C 301 -42.51 -49.68 -1.29
C ILE C 301 -43.97 -49.93 -0.91
N VAL C 302 -44.86 -49.09 -1.44
CA VAL C 302 -46.28 -49.24 -1.17
C VAL C 302 -46.97 -49.43 -2.51
N SER C 303 -48.02 -50.24 -2.55
CA SER C 303 -48.85 -50.34 -3.73
C SER C 303 -50.31 -50.21 -3.32
N PHE C 304 -51.14 -49.71 -4.23
CA PHE C 304 -52.55 -49.53 -3.95
C PHE C 304 -53.35 -49.41 -5.24
N ASP C 305 -54.65 -49.68 -5.12
CA ASP C 305 -55.59 -49.54 -6.21
C ASP C 305 -56.36 -48.22 -6.12
N TYR C 306 -56.18 -47.36 -7.12
CA TYR C 306 -56.90 -46.09 -7.17
C TYR C 306 -58.29 -46.20 -7.81
N LEU C 307 -59.30 -45.75 -7.09
CA LEU C 307 -60.70 -45.92 -7.50
C LEU C 307 -61.32 -44.69 -8.16
N GLY C 308 -60.62 -43.57 -8.16
CA GLY C 308 -61.22 -42.31 -8.56
C GLY C 308 -61.12 -41.90 -10.02
N GLY C 309 -60.68 -42.80 -10.88
CA GLY C 309 -60.49 -42.48 -12.28
C GLY C 309 -59.24 -43.10 -12.86
N PRO C 310 -58.91 -42.74 -14.11
CA PRO C 310 -57.79 -43.31 -14.87
C PRO C 310 -56.47 -43.14 -14.16
N ALA C 311 -55.61 -44.15 -14.23
CA ALA C 311 -54.31 -44.10 -13.56
C ALA C 311 -53.46 -42.94 -14.03
N GLU C 312 -53.45 -42.69 -15.34
CA GLU C 312 -52.61 -41.62 -15.88
C GLU C 312 -53.05 -40.23 -15.43
N ARG C 313 -54.36 -40.05 -15.23
CA ARG C 313 -54.82 -38.77 -14.73
C ARG C 313 -54.25 -38.59 -13.32
N LEU C 314 -54.28 -39.65 -12.52
CA LEU C 314 -53.64 -39.60 -11.21
C LEU C 314 -52.13 -39.33 -11.31
N LEU C 315 -51.43 -40.04 -12.19
CA LEU C 315 -49.99 -39.86 -12.33
C LEU C 315 -49.65 -38.43 -12.70
N ASP C 316 -50.43 -37.82 -13.58
CA ASP C 316 -50.11 -36.46 -14.00
C ASP C 316 -50.64 -35.41 -13.04
N ARG C 317 -50.94 -35.81 -11.81
CA ARG C 317 -51.33 -34.86 -10.78
C ARG C 317 -50.24 -34.65 -9.74
N PHE C 318 -49.32 -35.61 -9.65
CA PHE C 318 -48.22 -35.51 -8.71
C PHE C 318 -47.28 -34.38 -9.09
N THR C 319 -46.84 -33.60 -8.09
CA THR C 319 -45.92 -32.49 -8.30
C THR C 319 -44.59 -32.67 -7.53
N LEU C 320 -44.54 -33.64 -6.62
CA LEU C 320 -43.28 -33.94 -5.94
C LEU C 320 -42.79 -35.34 -6.33
N PHE C 321 -43.66 -36.34 -6.15
CA PHE C 321 -43.42 -37.67 -6.67
C PHE C 321 -43.08 -37.59 -8.15
N THR C 322 -42.08 -38.34 -8.57
CA THR C 322 -41.67 -38.34 -9.98
C THR C 322 -42.14 -39.60 -10.71
N CYS C 323 -42.48 -39.41 -11.96
CA CYS C 323 -43.07 -40.45 -12.75
C CYS C 323 -42.02 -41.23 -13.46
N GLY C 324 -41.66 -42.38 -12.91
CA GLY C 324 -40.63 -43.19 -13.53
C GLY C 324 -40.57 -44.58 -12.91
N VAL C 325 -39.78 -45.44 -13.55
CA VAL C 325 -39.52 -46.76 -13.03
C VAL C 325 -38.19 -46.69 -12.25
N SER C 326 -37.81 -47.82 -11.65
CA SER C 326 -36.77 -47.93 -10.64
C SER C 326 -37.32 -47.56 -9.26
N LEU C 327 -36.55 -47.84 -8.20
CA LEU C 327 -37.04 -47.72 -6.83
C LEU C 327 -35.91 -47.59 -5.81
N GLY C 328 -36.26 -47.23 -4.58
CA GLY C 328 -35.30 -47.25 -3.49
C GLY C 328 -34.35 -46.07 -3.45
N GLY C 329 -34.57 -45.11 -4.35
CA GLY C 329 -33.71 -43.94 -4.41
C GLY C 329 -34.25 -42.77 -3.61
N VAL C 330 -33.34 -41.96 -3.08
CA VAL C 330 -33.64 -40.70 -2.38
C VAL C 330 -34.80 -39.85 -2.99
N HIS C 331 -34.96 -39.92 -4.32
CA HIS C 331 -36.11 -39.29 -4.98
C HIS C 331 -37.31 -40.23 -4.89
N SER C 332 -38.45 -39.72 -4.44
CA SER C 332 -39.69 -40.50 -4.45
C SER C 332 -40.22 -40.71 -5.86
N LEU C 333 -40.65 -41.94 -6.15
CA LEU C 333 -41.13 -42.27 -7.49
C LEU C 333 -42.54 -42.85 -7.43
N VAL C 334 -43.33 -42.51 -8.43
CA VAL C 334 -44.62 -43.14 -8.62
C VAL C 334 -44.60 -43.80 -10.00
N GLU C 335 -45.21 -44.97 -10.10
CA GLU C 335 -45.30 -45.61 -11.39
C GLU C 335 -46.63 -46.38 -11.48
N CYS C 336 -47.10 -46.64 -12.70
CA CYS C 336 -48.30 -47.45 -12.84
C CYS C 336 -48.00 -48.81 -13.47
N PRO C 337 -47.86 -49.85 -12.64
CA PRO C 337 -47.42 -51.17 -13.09
C PRO C 337 -48.25 -51.78 -14.21
N ALA C 338 -49.54 -51.48 -14.37
CA ALA C 338 -50.22 -51.97 -15.56
C ALA C 338 -49.59 -51.35 -16.81
N LEU C 339 -49.35 -50.04 -16.77
CA LEU C 339 -48.83 -49.32 -17.93
C LEU C 339 -47.30 -49.17 -18.01
N MSE C 340 -46.54 -49.52 -16.97
CA MSE C 340 -45.12 -49.15 -16.99
C MSE C 340 -44.00 -50.12 -16.63
O MSE C 340 -43.02 -50.21 -17.38
CB MSE C 340 -44.87 -47.88 -16.19
CG MSE C 340 -44.44 -46.81 -17.06
SE MSE C 340 -46.05 -46.02 -17.55
CE MSE C 340 -45.66 -44.36 -16.56
N THR C 341 -44.05 -50.73 -15.45
CA THR C 341 -43.12 -51.81 -15.15
C THR C 341 -43.68 -53.07 -15.76
N HIS C 342 -44.87 -53.44 -15.29
CA HIS C 342 -45.55 -54.62 -15.80
C HIS C 342 -46.53 -54.25 -16.93
N ARG C 343 -46.02 -53.58 -17.96
CA ARG C 343 -46.80 -53.32 -19.18
C ARG C 343 -46.86 -54.45 -20.23
N PRO C 344 -45.74 -55.19 -20.47
CA PRO C 344 -45.70 -56.03 -21.67
C PRO C 344 -46.61 -57.27 -21.64
N LEU C 345 -46.85 -57.83 -20.46
CA LEU C 345 -47.68 -59.02 -20.27
C LEU C 345 -49.02 -58.86 -21.01
N SER C 346 -49.71 -59.98 -21.27
CA SER C 346 -50.98 -59.93 -21.98
C SER C 346 -52.04 -59.13 -21.24
N ALA C 347 -53.28 -59.24 -21.70
CA ALA C 347 -54.39 -58.63 -20.96
C ALA C 347 -54.48 -59.32 -19.61
N GLU C 348 -55.17 -60.46 -19.63
CA GLU C 348 -55.38 -61.33 -18.48
C GLU C 348 -54.14 -61.57 -17.64
N ALA C 349 -53.00 -61.77 -18.31
CA ALA C 349 -51.72 -62.06 -17.65
C ALA C 349 -51.64 -61.32 -16.33
N ARG C 350 -51.80 -60.00 -16.40
CA ARG C 350 -51.85 -59.12 -15.23
C ARG C 350 -53.05 -59.40 -14.32
N ALA C 351 -54.21 -59.73 -14.89
CA ALA C 351 -55.37 -60.09 -14.08
C ALA C 351 -55.06 -61.40 -13.34
N ARG C 352 -54.07 -62.13 -13.84
CA ARG C 352 -53.61 -63.36 -13.21
C ARG C 352 -52.59 -63.12 -12.11
N ARG C 353 -51.86 -62.01 -12.21
CA ARG C 353 -50.90 -61.65 -11.18
C ARG C 353 -51.40 -60.53 -10.27
N GLY C 354 -52.72 -60.40 -10.17
CA GLY C 354 -53.37 -59.40 -9.33
C GLY C 354 -53.10 -57.95 -9.75
N ILE C 355 -52.56 -57.81 -10.95
CA ILE C 355 -52.16 -56.51 -11.46
C ILE C 355 -53.33 -55.86 -12.18
N GLY C 356 -54.10 -55.07 -11.45
CA GLY C 356 -55.20 -54.33 -12.05
C GLY C 356 -54.62 -53.06 -12.66
N GLU C 357 -55.32 -52.43 -13.58
CA GLU C 357 -54.77 -51.18 -14.10
C GLU C 357 -55.13 -49.99 -13.24
N SER C 358 -55.87 -50.25 -12.19
CA SER C 358 -56.03 -49.31 -11.12
C SER C 358 -54.81 -49.32 -10.19
N LEU C 359 -53.88 -50.24 -10.41
CA LEU C 359 -52.77 -50.40 -9.47
C LEU C 359 -51.65 -49.33 -9.61
N ILE C 360 -51.40 -48.63 -8.51
CA ILE C 360 -50.36 -47.60 -8.44
C ILE C 360 -49.26 -48.04 -7.47
N ARG C 361 -48.00 -47.88 -7.86
CA ARG C 361 -46.88 -48.21 -6.98
C ARG C 361 -46.06 -46.99 -6.57
N LEU C 362 -45.82 -46.85 -5.27
CA LEU C 362 -44.99 -45.78 -4.72
C LEU C 362 -43.65 -46.35 -4.25
N SER C 363 -42.56 -45.74 -4.69
CA SER C 363 -41.25 -46.01 -4.10
C SER C 363 -40.86 -44.79 -3.27
N VAL C 364 -40.86 -44.95 -1.95
CA VAL C 364 -40.69 -43.79 -1.08
C VAL C 364 -39.23 -43.36 -0.99
N GLY C 365 -38.98 -42.11 -1.37
CA GLY C 365 -37.65 -41.51 -1.26
C GLY C 365 -37.48 -40.86 0.10
N ILE C 366 -36.48 -39.99 0.26
CA ILE C 366 -36.22 -39.38 1.56
C ILE C 366 -36.68 -37.93 1.71
N GLU C 367 -37.66 -37.52 0.91
CA GLU C 367 -38.25 -36.20 1.10
C GLU C 367 -38.92 -36.10 2.47
N ASP C 368 -39.19 -34.88 2.90
CA ASP C 368 -39.95 -34.69 4.11
C ASP C 368 -41.27 -35.41 3.95
N PRO C 369 -41.70 -36.14 4.99
CA PRO C 369 -42.88 -36.99 4.84
C PRO C 369 -44.17 -36.21 4.62
N GLN C 370 -44.26 -35.00 5.16
CA GLN C 370 -45.49 -34.24 5.03
C GLN C 370 -45.59 -33.56 3.67
N ASP C 371 -44.45 -33.27 3.05
CA ASP C 371 -44.49 -32.83 1.65
C ASP C 371 -44.95 -34.00 0.76
N LEU C 372 -44.41 -35.19 1.02
CA LEU C 372 -44.84 -36.37 0.26
C LEU C 372 -46.33 -36.67 0.46
N ALA C 373 -46.81 -36.64 1.70
CA ALA C 373 -48.21 -36.91 1.98
C ALA C 373 -49.14 -35.91 1.30
N GLU C 374 -48.73 -34.64 1.26
CA GLU C 374 -49.54 -33.60 0.62
C GLU C 374 -49.67 -33.84 -0.88
N ASP C 375 -48.58 -34.26 -1.52
CA ASP C 375 -48.59 -34.52 -2.97
C ASP C 375 -49.62 -35.63 -3.30
N LEU C 376 -49.54 -36.73 -2.55
CA LEU C 376 -50.42 -37.87 -2.76
C LEU C 376 -51.90 -37.49 -2.56
N SER C 377 -52.19 -36.75 -1.49
CA SER C 377 -53.57 -36.28 -1.27
C SER C 377 -54.00 -35.33 -2.38
N ARG C 378 -53.15 -34.36 -2.69
CA ARG C 378 -53.44 -33.42 -3.78
C ARG C 378 -53.68 -34.21 -5.08
N ALA C 379 -53.03 -35.37 -5.20
CA ALA C 379 -53.21 -36.22 -6.36
C ALA C 379 -54.48 -37.08 -6.25
N LEU C 380 -54.67 -37.72 -5.11
CA LEU C 380 -55.87 -38.54 -4.88
C LEU C 380 -57.18 -37.77 -5.01
N ALA C 381 -57.26 -36.63 -4.33
CA ALA C 381 -58.50 -35.85 -4.28
C ALA C 381 -58.71 -35.10 -5.58
N GLY C 382 -57.66 -34.98 -6.38
CA GLY C 382 -57.66 -33.98 -7.42
C GLY C 382 -58.30 -34.29 -8.74
N GLY C 383 -58.19 -33.28 -9.56
CA GLY C 383 -58.34 -33.44 -10.94
C GLY C 383 -59.51 -33.79 -11.75
N THR C 384 -59.43 -33.43 -13.04
CA THR C 384 -60.54 -33.61 -13.96
C THR C 384 -59.94 -34.30 -15.18
N MSE D 7 -17.07 -35.58 -40.68
CA MSE D 7 -17.33 -36.46 -41.80
C MSE D 7 -16.05 -37.16 -42.24
O MSE D 7 -16.11 -38.21 -42.89
CB MSE D 7 -17.95 -35.69 -42.97
CG MSE D 7 -19.32 -36.16 -43.34
SE MSE D 7 -20.37 -34.70 -44.09
CE MSE D 7 -20.52 -33.66 -42.42
N ARG D 8 -14.89 -36.59 -41.92
CA ARG D 8 -13.66 -37.37 -42.07
C ARG D 8 -13.22 -37.92 -40.71
N PHE D 9 -12.26 -38.85 -40.71
CA PHE D 9 -12.00 -39.67 -39.53
C PHE D 9 -11.67 -38.87 -38.29
N GLY D 10 -10.56 -38.14 -38.32
CA GLY D 10 -10.26 -37.17 -37.32
C GLY D 10 -11.40 -36.26 -36.94
N THR D 11 -12.09 -35.75 -37.95
CA THR D 11 -13.31 -34.97 -37.72
C THR D 11 -14.37 -35.84 -37.05
N ARG D 12 -14.56 -37.03 -37.60
CA ARG D 12 -15.50 -37.97 -37.01
C ARG D 12 -15.07 -38.40 -35.61
N LEU D 13 -13.77 -38.45 -35.37
CA LEU D 13 -13.30 -38.78 -34.02
C LEU D 13 -13.72 -37.71 -33.02
N VAL D 14 -13.71 -36.45 -33.46
CA VAL D 14 -14.01 -35.33 -32.57
C VAL D 14 -15.51 -34.99 -32.50
N HIS D 15 -16.19 -35.08 -33.64
CA HIS D 15 -17.57 -34.63 -33.75
C HIS D 15 -18.61 -35.74 -33.84
N GLY D 16 -18.15 -36.98 -33.98
CA GLY D 16 -19.05 -38.11 -34.03
C GLY D 16 -19.84 -38.21 -32.74
N GLY D 17 -21.16 -38.23 -32.85
CA GLY D 17 -22.02 -38.39 -31.70
C GLY D 17 -21.95 -37.23 -30.72
N ARG D 18 -21.80 -36.01 -31.23
CA ARG D 18 -21.63 -34.89 -30.34
C ARG D 18 -22.90 -34.05 -30.10
N ARG D 19 -23.79 -34.59 -29.26
CA ARG D 19 -25.00 -33.90 -28.80
C ARG D 19 -24.77 -32.45 -28.43
N PRO D 20 -25.41 -31.55 -29.17
CA PRO D 20 -25.30 -30.08 -29.02
C PRO D 20 -25.63 -29.36 -27.86
N SER D 21 -25.52 -30.04 -26.77
CA SER D 21 -26.46 -29.86 -25.69
C SER D 21 -27.91 -29.52 -26.03
N ALA D 22 -28.32 -28.26 -25.90
CA ALA D 22 -29.75 -28.00 -25.90
C ALA D 22 -30.07 -26.53 -25.91
N GLY D 23 -30.07 -25.94 -24.72
CA GLY D 23 -30.33 -24.53 -24.55
C GLY D 23 -29.29 -23.99 -23.58
N THR D 24 -28.08 -24.53 -23.69
CA THR D 24 -26.95 -24.14 -22.87
C THR D 24 -25.77 -24.07 -23.81
N GLY D 25 -25.80 -24.95 -24.82
CA GLY D 25 -24.84 -24.93 -25.90
C GLY D 25 -23.53 -25.67 -25.69
N ASP D 26 -23.45 -26.50 -24.63
CA ASP D 26 -22.22 -27.23 -24.29
C ASP D 26 -21.57 -27.83 -25.55
N VAL D 27 -20.27 -27.60 -25.72
CA VAL D 27 -19.54 -28.20 -26.82
C VAL D 27 -19.29 -29.67 -26.50
N VAL D 28 -18.78 -29.94 -25.30
CA VAL D 28 -18.68 -31.31 -24.82
C VAL D 28 -20.00 -31.70 -24.14
N PRO D 29 -20.64 -32.77 -24.62
CA PRO D 29 -21.94 -33.18 -24.04
C PRO D 29 -21.83 -33.49 -22.55
N PRO D 30 -22.83 -33.08 -21.76
CA PRO D 30 -22.76 -33.32 -20.32
C PRO D 30 -22.94 -34.80 -20.04
N ILE D 31 -22.46 -35.29 -18.90
CA ILE D 31 -22.46 -36.73 -18.64
C ILE D 31 -23.76 -37.17 -17.98
N HIS D 32 -24.52 -38.02 -18.67
CA HIS D 32 -25.81 -38.49 -18.16
C HIS D 32 -25.63 -39.68 -17.24
N VAL D 33 -25.63 -39.44 -15.93
CA VAL D 33 -25.46 -40.49 -14.95
C VAL D 33 -26.80 -41.02 -14.41
N SER D 34 -27.89 -40.29 -14.66
CA SER D 34 -29.19 -40.63 -14.09
C SER D 34 -29.64 -42.05 -14.47
N THR D 35 -29.97 -42.87 -13.47
CA THR D 35 -30.48 -44.22 -13.76
C THR D 35 -31.86 -44.19 -14.37
N THR D 36 -32.62 -43.11 -14.16
CA THR D 36 -34.01 -43.12 -14.57
C THR D 36 -34.56 -41.74 -14.95
N TYR D 37 -35.78 -41.76 -15.47
CA TYR D 37 -36.34 -40.63 -16.20
C TYR D 37 -37.83 -40.42 -15.91
N GLU D 38 -38.18 -39.20 -15.47
CA GLU D 38 -39.56 -38.74 -15.50
C GLU D 38 -40.21 -39.09 -16.85
N ARG D 39 -41.45 -39.58 -16.85
CA ARG D 39 -42.14 -39.87 -18.11
C ARG D 39 -43.14 -38.80 -18.59
N ARG D 40 -43.75 -38.03 -17.67
CA ARG D 40 -44.62 -36.90 -18.05
C ARG D 40 -43.88 -36.09 -19.09
N ALA D 41 -42.66 -35.69 -18.71
CA ALA D 41 -41.91 -34.62 -19.37
C ALA D 41 -41.10 -34.99 -20.60
N GLN D 42 -41.25 -36.20 -21.12
CA GLN D 42 -40.63 -36.47 -22.42
C GLN D 42 -41.69 -36.21 -23.49
N ASP D 43 -41.29 -35.70 -24.64
CA ASP D 43 -42.25 -35.45 -25.74
C ASP D 43 -42.72 -36.75 -26.42
N GLU D 44 -41.82 -37.73 -26.48
CA GLU D 44 -42.13 -39.11 -26.87
C GLU D 44 -41.27 -39.97 -25.95
N PRO D 45 -41.80 -41.12 -25.53
CA PRO D 45 -41.16 -41.74 -24.37
C PRO D 45 -39.95 -42.58 -24.74
N ARG D 46 -38.91 -41.92 -25.24
CA ARG D 46 -37.65 -42.58 -25.54
C ARG D 46 -36.99 -43.18 -24.30
N TYR D 47 -36.59 -42.36 -23.34
CA TYR D 47 -35.75 -42.83 -22.24
C TYR D 47 -36.57 -43.31 -21.03
N PHE D 48 -36.38 -44.59 -20.66
CA PHE D 48 -37.14 -45.25 -19.59
C PHE D 48 -36.27 -45.51 -18.36
N TYR D 49 -35.15 -46.19 -18.60
CA TYR D 49 -34.33 -46.72 -17.54
C TYR D 49 -32.91 -46.92 -18.08
N GLY D 50 -31.92 -46.63 -17.23
CA GLY D 50 -30.53 -46.58 -17.62
C GLY D 50 -29.96 -47.80 -18.33
N ARG D 51 -30.38 -49.00 -17.93
CA ARG D 51 -29.87 -50.21 -18.58
C ARG D 51 -30.27 -50.26 -20.05
N GLY D 52 -31.49 -49.82 -20.36
CA GLY D 52 -31.96 -49.78 -21.73
C GLY D 52 -31.49 -48.57 -22.52
N GLU D 53 -31.57 -47.39 -21.93
CA GLU D 53 -31.27 -46.16 -22.66
C GLU D 53 -30.39 -45.24 -21.84
N ASN D 54 -29.45 -44.59 -22.52
CA ASN D 54 -28.63 -43.55 -21.93
C ASN D 54 -28.01 -42.74 -23.06
N PRO D 55 -28.23 -41.43 -23.08
CA PRO D 55 -27.71 -40.61 -24.19
C PRO D 55 -26.18 -40.54 -24.24
N THR D 56 -25.49 -40.56 -23.10
CA THR D 56 -24.03 -40.57 -23.12
C THR D 56 -23.50 -41.84 -23.83
N ARG D 57 -24.13 -42.97 -23.57
CA ARG D 57 -23.76 -44.19 -24.25
C ARG D 57 -24.12 -44.14 -25.73
N GLU D 58 -25.31 -43.61 -26.03
CA GLU D 58 -25.74 -43.38 -27.41
C GLU D 58 -24.71 -42.61 -28.22
N GLU D 59 -24.20 -41.54 -27.62
CA GLU D 59 -23.27 -40.65 -28.27
C GLU D 59 -21.96 -41.39 -28.59
N LEU D 60 -21.50 -42.22 -27.67
CA LEU D 60 -20.31 -43.03 -27.93
C LEU D 60 -20.57 -44.05 -29.04
N GLU D 61 -21.71 -44.74 -28.95
CA GLU D 61 -22.12 -45.69 -30.00
C GLU D 61 -22.21 -44.96 -31.34
N GLU D 62 -22.79 -43.76 -31.31
CA GLU D 62 -22.97 -42.95 -32.51
C GLU D 62 -21.62 -42.57 -33.15
N CYS D 63 -20.62 -42.30 -32.33
CA CYS D 63 -19.29 -41.97 -32.87
C CYS D 63 -18.61 -43.22 -33.45
N LEU D 64 -18.74 -44.34 -32.76
CA LEU D 64 -18.10 -45.59 -33.17
C LEU D 64 -18.65 -46.11 -34.49
N ALA D 65 -19.98 -46.08 -34.62
CA ALA D 65 -20.62 -46.45 -35.87
C ALA D 65 -20.11 -45.56 -36.99
N GLY D 66 -20.01 -44.26 -36.71
CA GLY D 66 -19.58 -43.28 -37.71
C GLY D 66 -18.20 -43.57 -38.26
N LEU D 67 -17.31 -44.12 -37.42
CA LEU D 67 -15.94 -44.44 -37.85
C LEU D 67 -15.88 -45.56 -38.91
N GLU D 68 -16.97 -46.29 -39.09
CA GLU D 68 -16.99 -47.31 -40.14
C GLU D 68 -18.10 -47.10 -41.19
N ARG D 69 -18.65 -45.89 -41.22
CA ARG D 69 -19.77 -45.56 -42.11
C ARG D 69 -20.90 -46.58 -41.90
N ALA D 70 -21.05 -47.04 -40.66
CA ALA D 70 -22.01 -48.08 -40.33
C ALA D 70 -23.25 -47.48 -39.71
N PRO D 71 -24.40 -48.15 -39.86
CA PRO D 71 -25.61 -47.57 -39.27
C PRO D 71 -25.78 -47.89 -37.78
N PHE D 72 -25.08 -48.92 -37.28
CA PHE D 72 -25.29 -49.39 -35.93
C PHE D 72 -23.99 -49.60 -35.15
N ALA D 73 -24.04 -49.30 -33.86
CA ALA D 73 -23.02 -49.71 -32.90
C ALA D 73 -23.64 -49.89 -31.53
N THR D 74 -23.10 -50.84 -30.78
CA THR D 74 -23.56 -51.12 -29.43
C THR D 74 -22.31 -51.29 -28.59
N VAL D 75 -22.24 -50.61 -27.44
CA VAL D 75 -21.08 -50.74 -26.57
C VAL D 75 -21.41 -51.55 -25.31
N PHE D 76 -20.34 -52.05 -24.67
CA PHE D 76 -20.49 -53.01 -23.58
C PHE D 76 -19.52 -52.73 -22.42
N SER D 77 -19.77 -53.38 -21.29
CA SER D 77 -18.90 -53.27 -20.13
C SER D 77 -17.44 -53.67 -20.43
N SER D 78 -17.23 -54.53 -21.43
CA SER D 78 -15.87 -54.96 -21.78
C SER D 78 -15.86 -55.67 -23.14
N GLY D 79 -14.67 -55.86 -23.69
CA GLY D 79 -14.51 -56.62 -24.92
C GLY D 79 -15.13 -58.02 -24.84
N GLN D 80 -14.81 -58.73 -23.76
CA GLN D 80 -15.39 -60.05 -23.49
C GLN D 80 -16.92 -60.04 -23.60
N ALA D 81 -17.54 -59.00 -23.02
CA ALA D 81 -19.00 -58.85 -23.05
C ALA D 81 -19.54 -58.63 -24.46
N ALA D 82 -18.84 -57.82 -25.25
CA ALA D 82 -19.19 -57.66 -26.65
C ALA D 82 -19.10 -59.02 -27.36
N ALA D 83 -17.99 -59.72 -27.13
CA ALA D 83 -17.81 -61.05 -27.69
C ALA D 83 -18.89 -62.02 -27.22
N ALA D 84 -19.17 -62.01 -25.92
CA ALA D 84 -20.16 -62.91 -25.33
C ALA D 84 -21.51 -62.67 -25.96
N THR D 85 -21.82 -61.41 -26.23
CA THR D 85 -23.09 -61.05 -26.81
C THR D 85 -23.25 -61.61 -28.22
N LEU D 86 -22.25 -61.40 -29.07
CA LEU D 86 -22.33 -61.89 -30.43
C LEU D 86 -22.46 -63.42 -30.45
N LEU D 87 -21.70 -64.07 -29.58
CA LEU D 87 -21.66 -65.53 -29.55
C LEU D 87 -22.94 -66.14 -28.99
N SER D 88 -23.69 -65.37 -28.20
CA SER D 88 -24.94 -65.86 -27.63
C SER D 88 -25.97 -66.13 -28.74
N LEU D 89 -25.75 -65.55 -29.91
CA LEU D 89 -26.69 -65.70 -31.01
C LEU D 89 -26.45 -67.02 -31.76
N VAL D 90 -25.34 -67.68 -31.46
CA VAL D 90 -25.07 -68.99 -32.05
C VAL D 90 -25.86 -70.09 -31.32
N ARG D 91 -26.75 -70.76 -32.04
CA ARG D 91 -27.59 -71.78 -31.44
C ARG D 91 -26.82 -73.03 -31.05
N PRO D 92 -27.33 -73.79 -30.07
CA PRO D 92 -26.75 -75.09 -29.75
C PRO D 92 -26.95 -76.03 -30.94
N GLY D 93 -26.01 -76.94 -31.15
CA GLY D 93 -26.02 -77.81 -32.32
C GLY D 93 -25.26 -77.17 -33.47
N GLN D 94 -25.18 -75.85 -33.48
CA GLN D 94 -24.51 -75.15 -34.58
C GLN D 94 -23.03 -74.96 -34.32
N CYS D 95 -22.37 -74.30 -35.25
CA CYS D 95 -20.91 -74.30 -35.29
C CYS D 95 -20.31 -72.94 -35.63
N VAL D 96 -19.24 -72.61 -34.92
CA VAL D 96 -18.39 -71.49 -35.27
C VAL D 96 -17.12 -72.06 -35.88
N VAL D 97 -16.41 -71.21 -36.62
CA VAL D 97 -15.05 -71.47 -37.08
C VAL D 97 -14.21 -70.24 -36.71
N SER D 98 -13.02 -70.47 -36.13
CA SER D 98 -12.18 -69.35 -35.66
C SER D 98 -10.67 -69.50 -35.88
N THR D 99 -9.90 -68.49 -35.46
CA THR D 99 -8.45 -68.44 -35.74
C THR D 99 -7.66 -68.91 -34.51
N ASP D 100 -6.82 -69.95 -34.61
CA ASP D 100 -6.24 -70.52 -33.37
C ASP D 100 -5.49 -69.45 -32.57
N ASP D 101 -4.84 -68.54 -33.27
CA ASP D 101 -4.19 -67.48 -32.54
C ASP D 101 -5.22 -66.52 -31.89
N VAL D 102 -6.50 -66.91 -31.91
CA VAL D 102 -7.59 -66.22 -31.19
C VAL D 102 -7.27 -66.00 -29.71
N TYR D 103 -7.81 -64.90 -29.19
CA TYR D 103 -7.64 -64.50 -27.80
C TYR D 103 -8.20 -65.50 -26.77
N ALA D 104 -7.42 -65.83 -25.74
CA ALA D 104 -7.86 -66.77 -24.70
C ALA D 104 -9.01 -66.24 -23.86
N GLY D 105 -9.31 -64.95 -23.97
CA GLY D 105 -10.56 -64.46 -23.43
C GLY D 105 -11.71 -64.99 -24.27
N THR D 106 -11.63 -64.73 -25.56
CA THR D 106 -12.58 -65.27 -26.56
C THR D 106 -12.79 -66.78 -26.38
N ASP D 107 -11.68 -67.50 -26.19
CA ASP D 107 -11.69 -68.96 -26.12
C ASP D 107 -12.49 -69.53 -24.93
N GLY D 108 -12.45 -68.83 -23.79
CA GLY D 108 -13.29 -69.20 -22.67
C GLY D 108 -14.77 -69.21 -23.08
N LEU D 109 -15.17 -68.12 -23.73
CA LEU D 109 -16.53 -68.00 -24.24
C LEU D 109 -16.81 -69.12 -25.25
N PHE D 110 -15.79 -69.45 -26.05
CA PHE D 110 -15.90 -70.53 -27.01
C PHE D 110 -16.15 -71.82 -26.25
N ASP D 111 -15.39 -72.03 -25.19
CA ASP D 111 -15.50 -73.28 -24.46
C ASP D 111 -16.74 -73.33 -23.57
N LEU D 112 -17.23 -72.16 -23.15
CA LEU D 112 -18.51 -72.10 -22.46
C LEU D 112 -19.66 -72.37 -23.43
N ALA D 113 -19.51 -71.91 -24.67
CA ALA D 113 -20.52 -72.16 -25.69
C ALA D 113 -20.54 -73.64 -26.05
N ALA D 114 -19.37 -74.27 -25.98
CA ALA D 114 -19.25 -75.71 -26.21
C ALA D 114 -20.03 -76.50 -25.16
N ARG D 115 -20.05 -75.99 -23.92
CA ARG D 115 -20.90 -76.53 -22.87
C ARG D 115 -22.36 -76.45 -23.30
N GLN D 116 -22.70 -75.34 -23.96
CA GLN D 116 -24.07 -75.12 -24.40
C GLN D 116 -24.39 -76.00 -25.60
N GLY D 117 -23.41 -76.78 -26.06
CA GLY D 117 -23.60 -77.67 -27.20
C GLY D 117 -23.31 -76.96 -28.51
N VAL D 118 -22.28 -76.13 -28.53
CA VAL D 118 -21.88 -75.47 -29.76
C VAL D 118 -20.56 -76.07 -30.24
N ARG D 119 -20.49 -76.41 -31.53
CA ARG D 119 -19.28 -77.00 -32.07
C ARG D 119 -18.28 -75.94 -32.52
N VAL D 120 -17.12 -75.92 -31.88
CA VAL D 120 -16.08 -74.98 -32.24
C VAL D 120 -15.12 -75.66 -33.20
N ARG D 121 -14.56 -74.90 -34.16
CA ARG D 121 -13.50 -75.41 -35.03
C ARG D 121 -12.44 -74.34 -35.30
N TYR D 122 -11.31 -74.44 -34.62
CA TYR D 122 -10.17 -73.54 -34.87
C TYR D 122 -9.54 -73.99 -36.16
N ALA D 123 -9.52 -73.11 -37.16
CA ALA D 123 -9.18 -73.58 -38.52
C ALA D 123 -8.10 -72.77 -39.22
N ASP D 124 -7.79 -73.18 -40.45
CA ASP D 124 -6.78 -72.50 -41.24
C ASP D 124 -7.40 -71.47 -42.19
N LEU D 125 -7.49 -70.23 -41.73
CA LEU D 125 -8.06 -69.14 -42.52
C LEU D 125 -6.99 -68.45 -43.33
N THR D 126 -5.75 -68.75 -42.99
CA THR D 126 -4.61 -68.11 -43.63
C THR D 126 -4.40 -68.65 -45.04
N THR D 127 -5.24 -69.62 -45.44
CA THR D 127 -5.05 -70.35 -46.69
C THR D 127 -6.36 -70.83 -47.31
N PRO D 128 -6.44 -70.83 -48.65
CA PRO D 128 -7.60 -71.19 -49.48
C PRO D 128 -8.25 -72.56 -49.23
N GLU D 129 -7.45 -73.59 -49.00
CA GLU D 129 -8.01 -74.94 -48.83
C GLU D 129 -8.66 -75.06 -47.47
N GLY D 130 -7.94 -74.64 -46.44
CA GLY D 130 -8.45 -74.59 -45.08
C GLY D 130 -9.75 -73.80 -45.00
N ILE D 131 -9.79 -72.68 -45.71
CA ILE D 131 -10.97 -71.86 -45.80
C ILE D 131 -12.15 -72.67 -46.34
N ALA D 132 -11.91 -73.39 -47.43
CA ALA D 132 -12.94 -74.26 -48.00
C ALA D 132 -13.28 -75.38 -47.02
N ALA D 133 -12.32 -75.73 -46.16
CA ALA D 133 -12.47 -76.84 -45.22
C ALA D 133 -13.09 -76.42 -43.90
N ALA D 134 -13.44 -75.15 -43.77
CA ALA D 134 -14.13 -74.71 -42.57
C ALA D 134 -15.62 -74.58 -42.87
N LEU D 135 -15.92 -73.75 -43.86
CA LEU D 135 -17.28 -73.36 -44.16
C LEU D 135 -18.10 -74.56 -44.61
N ALA D 136 -17.39 -75.65 -44.89
CA ALA D 136 -18.00 -76.94 -45.15
C ALA D 136 -18.65 -77.54 -43.90
N GLU D 137 -18.09 -77.27 -42.71
CA GLU D 137 -18.66 -77.73 -41.44
C GLU D 137 -20.16 -77.51 -41.43
N PRO D 138 -20.93 -78.50 -40.94
CA PRO D 138 -22.39 -78.43 -40.97
C PRO D 138 -22.91 -77.36 -40.02
N ASP D 139 -24.05 -76.75 -40.33
CA ASP D 139 -24.69 -75.82 -39.41
C ASP D 139 -23.81 -74.62 -39.03
N LEU D 140 -22.98 -74.16 -39.98
CA LEU D 140 -22.07 -73.04 -39.72
C LEU D 140 -22.85 -71.75 -39.47
N ALA D 141 -22.65 -71.16 -38.29
CA ALA D 141 -23.38 -69.93 -37.91
C ALA D 141 -22.52 -68.69 -38.13
N LEU D 142 -21.27 -68.79 -37.74
CA LEU D 142 -20.45 -67.62 -37.61
C LEU D 142 -19.00 -67.98 -37.91
N VAL D 143 -18.33 -67.12 -38.64
CA VAL D 143 -16.90 -67.28 -38.89
C VAL D 143 -16.23 -66.13 -38.20
N TRP D 144 -15.34 -66.47 -37.27
CA TRP D 144 -14.76 -65.53 -36.32
C TRP D 144 -13.31 -65.32 -36.70
N ILE D 145 -13.01 -64.11 -37.17
CA ILE D 145 -11.67 -63.79 -37.61
C ILE D 145 -11.02 -62.82 -36.66
N GLU D 146 -9.84 -63.17 -36.19
CA GLU D 146 -9.04 -62.22 -35.42
C GLU D 146 -7.79 -61.94 -36.25
N THR D 147 -7.71 -60.76 -36.86
CA THR D 147 -6.57 -60.42 -37.72
C THR D 147 -6.08 -58.99 -37.52
N PRO D 148 -4.76 -58.82 -37.32
CA PRO D 148 -3.78 -59.90 -37.12
C PRO D 148 -3.99 -60.59 -35.77
N THR D 149 -3.02 -61.40 -35.36
CA THR D 149 -3.18 -62.26 -34.19
C THR D 149 -1.95 -62.25 -33.25
N ASN D 150 -2.16 -62.13 -31.94
CA ASN D 150 -1.07 -62.23 -30.97
C ASN D 150 -0.89 -63.67 -30.53
N PRO D 151 0.36 -64.13 -30.40
CA PRO D 151 1.55 -63.27 -30.45
C PRO D 151 2.35 -63.25 -31.76
N LEU D 152 1.90 -63.90 -32.82
CA LEU D 152 2.75 -64.01 -34.01
C LEU D 152 2.42 -63.06 -35.17
N LEU D 153 1.28 -62.38 -35.09
CA LEU D 153 0.87 -61.38 -36.08
C LEU D 153 0.63 -61.93 -37.50
N THR D 154 0.37 -63.23 -37.58
CA THR D 154 -0.14 -63.80 -38.81
C THR D 154 -1.44 -63.04 -39.16
N VAL D 155 -1.77 -62.94 -40.44
CA VAL D 155 -3.00 -62.24 -40.80
C VAL D 155 -3.88 -63.05 -41.75
N VAL D 156 -5.19 -62.81 -41.65
CA VAL D 156 -6.18 -63.51 -42.46
C VAL D 156 -6.84 -62.52 -43.42
N ASP D 157 -7.00 -62.94 -44.67
CA ASP D 157 -7.61 -62.14 -45.72
C ASP D 157 -9.12 -61.99 -45.46
N VAL D 158 -9.52 -60.86 -44.88
CA VAL D 158 -10.91 -60.64 -44.50
C VAL D 158 -11.88 -60.75 -45.68
N ALA D 159 -11.59 -60.03 -46.75
CA ALA D 159 -12.45 -60.04 -47.93
C ALA D 159 -12.60 -61.42 -48.57
N GLU D 160 -11.50 -62.18 -48.69
CA GLU D 160 -11.59 -63.51 -49.28
C GLU D 160 -12.39 -64.50 -48.41
N VAL D 161 -12.07 -64.57 -47.12
CA VAL D 161 -12.81 -65.46 -46.24
C VAL D 161 -14.28 -65.06 -46.18
N SER D 162 -14.54 -63.76 -46.25
CA SER D 162 -15.91 -63.27 -46.17
C SER D 162 -16.76 -63.66 -47.37
N ARG D 163 -16.22 -63.48 -48.58
CA ARG D 163 -16.92 -63.84 -49.81
C ARG D 163 -17.42 -65.27 -49.77
N ARG D 164 -16.54 -66.19 -49.37
CA ARG D 164 -16.89 -67.61 -49.42
C ARG D 164 -17.73 -67.99 -48.19
N ALA D 165 -17.51 -67.32 -47.07
CA ALA D 165 -18.37 -67.56 -45.92
C ALA D 165 -19.77 -67.06 -46.24
N HIS D 166 -19.84 -66.07 -47.12
CA HIS D 166 -21.13 -65.58 -47.60
C HIS D 166 -21.70 -66.43 -48.73
N GLU D 167 -21.01 -67.52 -49.05
CA GLU D 167 -21.59 -68.53 -49.92
C GLU D 167 -22.34 -69.53 -49.05
N ARG D 168 -21.72 -69.97 -47.98
CA ARG D 168 -22.35 -70.90 -47.07
C ARG D 168 -23.41 -70.19 -46.21
N GLY D 169 -23.54 -68.88 -46.42
CA GLY D 169 -24.61 -68.11 -45.80
C GLY D 169 -24.36 -67.63 -44.37
N ALA D 170 -23.13 -67.83 -43.88
CA ALA D 170 -22.80 -67.50 -42.49
C ALA D 170 -22.59 -66.01 -42.22
N ARG D 171 -22.44 -65.66 -40.95
CA ARG D 171 -22.07 -64.31 -40.54
C ARG D 171 -20.58 -64.29 -40.25
N VAL D 172 -19.92 -63.16 -40.53
CA VAL D 172 -18.50 -63.02 -40.23
C VAL D 172 -18.21 -61.85 -39.30
N VAL D 173 -17.41 -62.11 -38.27
CA VAL D 173 -16.91 -61.05 -37.41
C VAL D 173 -15.39 -60.96 -37.53
N VAL D 174 -14.88 -59.74 -37.46
CA VAL D 174 -13.46 -59.52 -37.27
C VAL D 174 -13.22 -58.87 -35.91
N ASP D 175 -12.47 -59.55 -35.04
CA ASP D 175 -11.98 -58.90 -33.84
C ASP D 175 -10.89 -57.97 -34.32
N ASN D 176 -11.21 -56.68 -34.38
CA ASN D 176 -10.38 -55.71 -35.05
C ASN D 176 -9.67 -54.84 -34.02
N THR D 177 -9.77 -55.25 -32.75
CA THR D 177 -9.24 -54.54 -31.59
C THR D 177 -7.83 -54.02 -31.82
N PHE D 178 -7.01 -54.94 -32.28
CA PHE D 178 -5.61 -54.73 -32.46
C PHE D 178 -5.35 -53.60 -33.47
N ALA D 179 -5.96 -53.70 -34.64
CA ALA D 179 -5.66 -52.73 -35.69
C ALA D 179 -6.28 -51.39 -35.37
N SER D 180 -7.47 -51.43 -34.75
CA SER D 180 -8.35 -50.28 -34.57
C SER D 180 -8.98 -49.85 -35.90
N PRO D 181 -10.13 -49.17 -35.87
CA PRO D 181 -10.75 -48.80 -37.15
C PRO D 181 -9.95 -47.75 -37.93
N VAL D 182 -8.88 -47.24 -37.33
CA VAL D 182 -7.94 -46.36 -38.03
C VAL D 182 -7.13 -47.07 -39.12
N LEU D 183 -6.81 -48.34 -38.92
CA LEU D 183 -5.91 -49.05 -39.84
C LEU D 183 -6.59 -50.14 -40.71
N GLN D 184 -7.82 -50.51 -40.37
CA GLN D 184 -8.49 -51.63 -41.02
C GLN D 184 -10.00 -51.51 -40.83
N GLN D 185 -10.74 -51.61 -41.92
CA GLN D 185 -12.19 -51.43 -41.92
C GLN D 185 -12.86 -52.73 -42.32
N PRO D 186 -13.08 -53.63 -41.35
CA PRO D 186 -13.60 -54.97 -41.66
C PRO D 186 -14.95 -54.93 -42.38
N LEU D 187 -15.78 -53.95 -42.08
CA LEU D 187 -17.06 -53.83 -42.76
C LEU D 187 -16.86 -53.46 -44.23
N ALA D 188 -15.93 -52.53 -44.50
CA ALA D 188 -15.59 -52.20 -45.88
C ALA D 188 -14.98 -53.43 -46.55
N LEU D 189 -14.39 -54.29 -45.73
CA LEU D 189 -13.70 -55.48 -46.22
C LEU D 189 -14.62 -56.70 -46.39
N GLY D 190 -15.92 -56.52 -46.23
CA GLY D 190 -16.85 -57.62 -46.46
C GLY D 190 -17.39 -58.34 -45.23
N ALA D 191 -16.77 -58.15 -44.07
CA ALA D 191 -17.29 -58.74 -42.84
C ALA D 191 -18.63 -58.13 -42.45
N ASP D 192 -19.34 -58.78 -41.53
CA ASP D 192 -20.65 -58.29 -41.07
C ASP D 192 -20.59 -57.54 -39.76
N VAL D 193 -19.63 -57.92 -38.92
CA VAL D 193 -19.45 -57.33 -37.61
C VAL D 193 -17.99 -57.03 -37.41
N SER D 194 -17.70 -55.86 -36.83
CA SER D 194 -16.37 -55.59 -36.31
C SER D 194 -16.48 -55.56 -34.79
N LEU D 195 -15.60 -56.29 -34.12
CA LEU D 195 -15.61 -56.41 -32.67
C LEU D 195 -14.42 -55.68 -32.05
N TYR D 196 -14.65 -54.96 -30.96
CA TYR D 196 -13.59 -54.24 -30.27
C TYR D 196 -13.63 -54.39 -28.76
N SER D 197 -12.52 -54.81 -28.18
CA SER D 197 -12.27 -54.45 -26.80
C SER D 197 -11.89 -52.98 -26.86
N THR D 198 -12.71 -52.11 -26.30
CA THR D 198 -12.35 -50.69 -26.26
C THR D 198 -11.43 -50.37 -25.09
N THR D 199 -11.15 -51.36 -24.25
CA THR D 199 -10.13 -51.21 -23.22
C THR D 199 -8.78 -50.85 -23.82
N1 LLP D 200 -9.94 -59.18 -28.01
C2 LLP D 200 -8.68 -58.76 -28.04
C2' LLP D 200 -7.87 -58.81 -29.37
C3 LLP D 200 -8.07 -58.27 -26.86
O3 LLP D 200 -6.74 -57.84 -26.96
C4 LLP D 200 -8.78 -58.23 -25.68
C4' LLP D 200 -8.13 -57.66 -24.29
C5 LLP D 200 -10.07 -58.67 -25.66
C6 LLP D 200 -10.68 -59.15 -26.83
C5' LLP D 200 -10.94 -58.64 -24.37
OP4 LLP D 200 -11.47 -57.36 -24.15
P LLP D 200 -11.62 -56.86 -22.70
OP1 LLP D 200 -11.94 -55.37 -22.75
OP2 LLP D 200 -12.71 -57.65 -22.07
OP3 LLP D 200 -10.35 -57.12 -21.94
N LLP D 200 -8.55 -51.30 -25.05
CA LLP D 200 -7.22 -51.12 -25.70
CB LLP D 200 -6.87 -52.46 -26.34
CG LLP D 200 -6.91 -53.35 -25.08
CD LLP D 200 -6.50 -54.82 -25.32
CE LLP D 200 -6.86 -55.66 -24.08
NZ LLP D 200 -6.86 -57.07 -24.49
C LLP D 200 -7.15 -49.86 -26.52
O LLP D 200 -7.44 -48.83 -25.94
N SER D 201 -6.76 -49.92 -27.80
CA SER D 201 -6.62 -48.70 -28.63
C SER D 201 -7.62 -47.61 -28.33
N ILE D 202 -8.90 -47.95 -28.46
CA ILE D 202 -9.96 -46.95 -28.57
C ILE D 202 -10.03 -45.93 -27.43
N ALA D 203 -10.24 -46.40 -26.20
CA ALA D 203 -10.09 -45.53 -25.04
C ALA D 203 -8.67 -45.00 -25.06
N GLY D 204 -7.69 -45.90 -24.86
CA GLY D 204 -6.30 -45.60 -25.18
C GLY D 204 -5.38 -45.18 -24.05
N HIS D 205 -5.94 -44.95 -22.86
CA HIS D 205 -5.18 -44.40 -21.75
C HIS D 205 -5.17 -45.32 -20.52
N ALA D 206 -5.50 -46.59 -20.73
CA ALA D 206 -5.41 -47.62 -19.70
C ALA D 206 -6.16 -47.28 -18.41
N ASP D 207 -7.29 -46.59 -18.54
CA ASP D 207 -8.03 -46.16 -17.35
C ASP D 207 -9.53 -46.48 -17.38
N VAL D 208 -9.92 -47.46 -18.18
CA VAL D 208 -11.31 -47.86 -18.30
C VAL D 208 -11.39 -49.21 -19.04
N LEU D 209 -12.45 -49.99 -18.79
CA LEU D 209 -12.70 -51.24 -19.52
C LEU D 209 -13.92 -51.04 -20.41
N GLY D 210 -13.86 -51.53 -21.64
CA GLY D 210 -15.04 -51.45 -22.50
C GLY D 210 -15.01 -52.36 -23.71
N GLY D 211 -16.18 -52.51 -24.33
CA GLY D 211 -16.31 -53.24 -25.59
C GLY D 211 -17.25 -52.56 -26.56
N ALA D 212 -17.24 -53.04 -27.80
CA ALA D 212 -18.14 -52.52 -28.82
C ALA D 212 -18.33 -53.50 -29.97
N LEU D 213 -19.53 -53.48 -30.56
CA LEU D 213 -19.81 -54.17 -31.80
C LEU D 213 -20.23 -53.13 -32.83
N VAL D 214 -19.67 -53.19 -34.03
CA VAL D 214 -20.05 -52.31 -35.12
C VAL D 214 -20.48 -53.17 -36.32
N TYR D 215 -21.61 -52.82 -36.92
CA TYR D 215 -22.27 -53.71 -37.88
C TYR D 215 -23.35 -52.95 -38.64
N ARG D 216 -23.89 -53.56 -39.70
CA ARG D 216 -24.87 -52.87 -40.53
C ARG D 216 -26.30 -53.40 -40.40
N ASP D 217 -26.44 -54.62 -39.87
CA ASP D 217 -27.70 -55.33 -40.01
C ASP D 217 -28.75 -55.06 -38.91
N ALA D 218 -29.97 -54.72 -39.34
CA ALA D 218 -31.07 -54.39 -38.43
C ALA D 218 -31.53 -55.58 -37.59
N ASP D 219 -31.42 -56.79 -38.17
CA ASP D 219 -31.81 -58.00 -37.45
C ASP D 219 -30.87 -58.21 -36.28
N LEU D 220 -29.58 -58.16 -36.56
CA LEU D 220 -28.54 -58.27 -35.55
C LEU D 220 -28.72 -57.21 -34.45
N HIS D 221 -29.08 -56.00 -34.86
CA HIS D 221 -29.21 -54.88 -33.95
C HIS D 221 -30.23 -55.16 -32.84
N ALA D 222 -31.42 -55.61 -33.23
CA ALA D 222 -32.46 -55.94 -32.26
C ALA D 222 -32.03 -57.00 -31.24
N ALA D 223 -31.47 -58.11 -31.72
CA ALA D 223 -31.03 -59.20 -30.83
C ALA D 223 -29.88 -58.78 -29.91
N VAL D 224 -28.90 -58.07 -30.47
CA VAL D 224 -27.77 -57.57 -29.68
C VAL D 224 -28.25 -56.64 -28.56
N ARG D 225 -29.14 -55.71 -28.89
CA ARG D 225 -29.68 -54.82 -27.87
C ARG D 225 -30.54 -55.59 -26.88
N ALA D 226 -31.35 -56.52 -27.37
CA ALA D 226 -32.19 -57.34 -26.49
C ALA D 226 -31.32 -58.15 -25.54
N TYR D 227 -30.21 -58.70 -26.05
CA TYR D 227 -29.31 -59.44 -25.18
C TYR D 227 -28.64 -58.53 -24.15
N ARG D 228 -28.12 -57.38 -24.59
CA ARG D 228 -27.43 -56.47 -23.67
C ARG D 228 -28.36 -56.01 -22.56
N THR D 229 -29.56 -55.62 -22.94
CA THR D 229 -30.56 -55.13 -21.98
C THR D 229 -30.89 -56.23 -20.99
N THR D 230 -30.91 -57.46 -21.47
CA THR D 230 -31.32 -58.57 -20.63
C THR D 230 -30.16 -59.20 -19.84
N ALA D 231 -28.99 -59.32 -20.46
CA ALA D 231 -27.80 -59.81 -19.75
C ALA D 231 -27.17 -58.70 -18.90
N GLY D 232 -27.56 -57.47 -19.17
CA GLY D 232 -27.12 -56.35 -18.37
C GLY D 232 -25.63 -56.10 -18.39
N ASN D 233 -24.96 -56.48 -19.48
CA ASN D 233 -23.52 -56.24 -19.64
C ASN D 233 -23.23 -54.85 -20.22
N VAL D 234 -23.87 -53.86 -19.62
CA VAL D 234 -23.91 -52.50 -20.12
C VAL D 234 -22.87 -51.69 -19.34
N PRO D 235 -22.12 -50.82 -20.04
CA PRO D 235 -21.10 -49.97 -19.40
C PRO D 235 -21.71 -48.79 -18.64
N GLY D 236 -20.91 -48.16 -17.77
CA GLY D 236 -21.32 -46.94 -17.12
C GLY D 236 -21.13 -45.74 -18.02
N ALA D 237 -21.89 -44.68 -17.79
CA ALA D 237 -21.81 -43.46 -18.60
C ALA D 237 -20.51 -42.70 -18.36
N LEU D 238 -20.04 -42.71 -17.13
CA LEU D 238 -18.72 -42.17 -16.86
C LEU D 238 -17.70 -42.97 -17.70
N ASP D 239 -17.75 -44.28 -17.59
CA ASP D 239 -16.85 -45.11 -18.39
C ASP D 239 -17.02 -44.81 -19.87
N CYS D 240 -18.26 -44.65 -20.32
CA CYS D 240 -18.49 -44.20 -21.70
C CYS D 240 -17.87 -42.81 -21.95
N PHE D 241 -17.94 -41.91 -20.97
CA PHE D 241 -17.27 -40.61 -21.10
C PHE D 241 -15.77 -40.80 -21.31
N LEU D 242 -15.14 -41.64 -20.49
CA LEU D 242 -13.68 -41.82 -20.61
C LEU D 242 -13.27 -42.47 -21.93
N VAL D 243 -14.06 -43.44 -22.39
CA VAL D 243 -13.78 -44.03 -23.69
C VAL D 243 -13.98 -42.97 -24.77
N ARG D 244 -15.07 -42.22 -24.66
CA ARG D 244 -15.37 -41.20 -25.68
C ARG D 244 -14.31 -40.14 -25.72
N ARG D 245 -13.77 -39.78 -24.56
CA ARG D 245 -12.77 -38.71 -24.52
C ARG D 245 -11.46 -39.13 -25.19
N GLY D 246 -10.97 -40.32 -24.83
CA GLY D 246 -9.74 -40.84 -25.44
C GLY D 246 -9.87 -40.98 -26.94
N LEU D 247 -11.08 -41.33 -27.39
CA LEU D 247 -11.37 -41.49 -28.82
C LEU D 247 -10.94 -40.31 -29.67
N HIS D 248 -11.07 -39.09 -29.14
CA HIS D 248 -10.69 -37.88 -29.87
C HIS D 248 -9.30 -38.00 -30.50
N THR D 249 -8.36 -38.55 -29.75
CA THR D 249 -6.97 -38.59 -30.19
C THR D 249 -6.57 -39.93 -30.84
N LEU D 250 -7.54 -40.78 -31.17
CA LEU D 250 -7.22 -42.14 -31.63
C LEU D 250 -6.25 -42.19 -32.81
N SER D 251 -6.54 -41.40 -33.83
CA SER D 251 -5.71 -41.40 -35.04
C SER D 251 -4.30 -40.88 -34.72
N LEU D 252 -4.23 -39.78 -34.00
CA LEU D 252 -2.94 -39.19 -33.62
C LEU D 252 -2.07 -40.22 -32.89
N ARG D 253 -2.69 -40.95 -31.95
CA ARG D 253 -1.97 -41.92 -31.14
C ARG D 253 -1.52 -43.15 -31.98
N VAL D 254 -2.43 -43.65 -32.82
CA VAL D 254 -2.09 -44.79 -33.66
C VAL D 254 -0.94 -44.44 -34.59
N HIS D 255 -1.03 -43.26 -35.21
CA HIS D 255 -0.04 -42.83 -36.15
C HIS D 255 1.36 -42.74 -35.49
N ARG D 256 1.39 -42.15 -34.29
CA ARG D 256 2.59 -42.14 -33.47
C ARG D 256 3.09 -43.55 -33.15
N GLN D 257 2.19 -44.39 -32.65
CA GLN D 257 2.52 -45.76 -32.28
C GLN D 257 3.14 -46.55 -33.44
N VAL D 258 2.54 -46.46 -34.61
CA VAL D 258 3.03 -47.15 -35.80
C VAL D 258 4.45 -46.70 -36.13
N ALA D 259 4.64 -45.38 -36.27
CA ALA D 259 5.94 -44.83 -36.63
C ALA D 259 7.04 -45.32 -35.68
N THR D 260 6.73 -45.43 -34.41
CA THR D 260 7.72 -45.83 -33.43
C THR D 260 7.99 -47.35 -33.51
N ALA D 261 6.93 -48.12 -33.73
CA ALA D 261 7.07 -49.55 -33.93
C ALA D 261 8.02 -49.83 -35.09
N ARG D 262 7.89 -49.04 -36.16
CA ARG D 262 8.78 -49.18 -37.32
C ARG D 262 10.24 -48.92 -36.90
N VAL D 263 10.45 -47.90 -36.06
CA VAL D 263 11.78 -47.60 -35.54
C VAL D 263 12.32 -48.77 -34.71
N LEU D 264 11.46 -49.33 -33.86
CA LEU D 264 11.87 -50.42 -32.98
C LEU D 264 12.20 -51.68 -33.78
N VAL D 265 11.43 -51.95 -34.83
CA VAL D 265 11.66 -53.11 -35.68
C VAL D 265 13.07 -53.06 -36.28
N GLU D 266 13.46 -51.90 -36.80
CA GLU D 266 14.82 -51.75 -37.32
C GLU D 266 15.89 -51.98 -36.25
N ARG D 267 15.64 -51.50 -35.03
CA ARG D 267 16.57 -51.74 -33.93
C ARG D 267 16.72 -53.23 -33.66
N LEU D 268 15.60 -53.94 -33.67
CA LEU D 268 15.58 -55.39 -33.39
C LEU D 268 16.35 -56.20 -34.42
N ARG D 269 16.15 -55.89 -35.70
CA ARG D 269 16.81 -56.61 -36.80
C ARG D 269 18.34 -56.55 -36.69
N ALA D 270 18.84 -55.53 -36.01
CA ALA D 270 20.27 -55.32 -35.95
C ALA D 270 20.91 -55.87 -34.66
N SER D 271 20.09 -56.30 -33.72
CA SER D 271 20.62 -56.84 -32.46
C SER D 271 21.05 -58.30 -32.60
N PRO D 272 22.28 -58.64 -32.18
CA PRO D 272 22.74 -60.02 -32.30
C PRO D 272 21.99 -60.99 -31.38
N VAL D 273 21.26 -60.48 -30.40
CA VAL D 273 20.51 -61.36 -29.50
C VAL D 273 19.03 -61.42 -29.87
N VAL D 274 18.73 -61.07 -31.11
CA VAL D 274 17.37 -61.14 -31.60
C VAL D 274 17.34 -62.14 -32.75
N GLY D 275 16.35 -63.02 -32.75
CA GLY D 275 16.19 -63.95 -33.85
C GLY D 275 15.15 -63.44 -34.86
N ALA D 276 14.19 -64.30 -35.18
CA ALA D 276 13.05 -63.89 -36.00
C ALA D 276 12.36 -62.68 -35.37
N VAL D 277 11.94 -61.77 -36.22
CA VAL D 277 11.15 -60.62 -35.79
C VAL D 277 9.82 -60.66 -36.55
N HIS D 278 8.73 -60.52 -35.80
CA HIS D 278 7.41 -60.54 -36.41
C HIS D 278 6.79 -59.13 -36.44
N TYR D 279 6.46 -58.68 -37.65
CA TYR D 279 5.85 -57.37 -37.89
C TYR D 279 5.17 -57.42 -39.26
N PRO D 280 3.92 -56.95 -39.36
CA PRO D 280 3.20 -57.02 -40.63
C PRO D 280 3.77 -56.07 -41.68
N GLY D 281 4.59 -55.11 -41.25
CA GLY D 281 5.18 -54.14 -42.16
C GLY D 281 6.41 -54.64 -42.89
N LEU D 282 6.86 -55.84 -42.54
CA LEU D 282 8.03 -56.42 -43.19
C LEU D 282 7.65 -57.15 -44.48
N PRO D 283 8.50 -57.02 -45.50
CA PRO D 283 8.45 -57.80 -46.75
C PRO D 283 8.26 -59.29 -46.48
N GLU D 284 9.13 -59.87 -45.63
CA GLU D 284 9.20 -61.31 -45.39
C GLU D 284 7.90 -61.93 -44.91
N HIS D 285 6.98 -61.09 -44.46
CA HIS D 285 5.75 -61.56 -43.83
C HIS D 285 5.04 -62.55 -44.75
N PRO D 286 4.51 -63.64 -44.16
CA PRO D 286 3.89 -64.66 -45.01
C PRO D 286 2.59 -64.13 -45.62
N GLN D 287 2.07 -63.00 -45.12
CA GLN D 287 0.88 -62.40 -45.70
C GLN D 287 1.03 -60.90 -46.02
N HIS D 288 2.28 -60.45 -46.22
CA HIS D 288 2.55 -59.05 -46.59
C HIS D 288 1.61 -58.53 -47.67
N ALA D 289 1.34 -59.39 -48.64
CA ALA D 289 0.41 -59.04 -49.71
C ALA D 289 -0.95 -58.66 -49.13
N VAL D 290 -1.51 -59.53 -48.28
CA VAL D 290 -2.80 -59.28 -47.68
C VAL D 290 -2.68 -58.04 -46.79
N VAL D 291 -1.53 -57.95 -46.12
CA VAL D 291 -1.20 -56.78 -45.35
C VAL D 291 -1.40 -55.49 -46.11
N LYS D 292 -0.75 -55.38 -47.26
CA LYS D 292 -0.88 -54.22 -48.14
C LYS D 292 -2.34 -53.96 -48.55
N ALA D 293 -3.04 -55.03 -48.90
CA ALA D 293 -4.36 -54.94 -49.55
C ALA D 293 -5.50 -54.42 -48.69
N GLN D 294 -5.46 -54.77 -47.40
CA GLN D 294 -6.61 -54.53 -46.50
C GLN D 294 -6.30 -53.62 -45.32
N MSE D 295 -5.04 -53.59 -44.92
CA MSE D 295 -4.64 -52.95 -43.68
C MSE D 295 -3.79 -51.71 -44.02
O MSE D 295 -2.81 -51.80 -44.75
CB MSE D 295 -3.97 -54.07 -42.87
CG MSE D 295 -3.12 -53.76 -41.67
SE MSE D 295 -2.67 -55.40 -40.74
CE MSE D 295 -2.29 -56.70 -42.11
N SER D 296 -4.19 -50.53 -43.54
CA SER D 296 -3.63 -49.28 -44.08
C SER D 296 -2.30 -48.90 -43.46
N ALA D 297 -2.02 -49.49 -42.29
CA ALA D 297 -0.68 -49.37 -41.68
C ALA D 297 -0.44 -50.58 -40.76
N PRO D 298 0.84 -50.97 -40.59
CA PRO D 298 1.02 -52.33 -40.08
C PRO D 298 0.92 -52.45 -38.56
N GLY D 299 0.40 -51.42 -37.91
CA GLY D 299 0.12 -51.49 -36.49
C GLY D 299 1.34 -51.27 -35.61
N ALA D 300 1.12 -51.26 -34.30
CA ALA D 300 2.17 -50.90 -33.37
C ALA D 300 2.45 -52.00 -32.37
N ILE D 301 2.27 -53.24 -32.80
CA ILE D 301 2.60 -54.38 -31.99
C ILE D 301 3.68 -55.16 -32.72
N VAL D 302 4.72 -55.55 -31.99
CA VAL D 302 5.82 -56.29 -32.58
C VAL D 302 6.18 -57.46 -31.68
N SER D 303 6.61 -58.56 -32.25
CA SER D 303 7.15 -59.64 -31.44
C SER D 303 8.45 -60.17 -32.05
N PHE D 304 9.30 -60.75 -31.19
CA PHE D 304 10.62 -61.23 -31.61
C PHE D 304 11.15 -62.31 -30.67
N ASP D 305 11.97 -63.20 -31.22
CA ASP D 305 12.67 -64.20 -30.43
C ASP D 305 13.88 -63.59 -29.74
N TYR D 306 13.89 -63.61 -28.41
CA TYR D 306 15.08 -63.21 -27.66
C TYR D 306 16.02 -64.41 -27.56
N LEU D 307 17.31 -64.21 -27.83
CA LEU D 307 18.25 -65.31 -27.89
C LEU D 307 19.26 -65.30 -26.75
N GLY D 308 19.18 -64.32 -25.85
CA GLY D 308 20.16 -64.15 -24.80
C GLY D 308 19.90 -64.97 -23.56
N GLY D 309 18.74 -65.61 -23.50
CA GLY D 309 18.40 -66.47 -22.38
C GLY D 309 16.91 -66.48 -22.07
N PRO D 310 16.54 -66.81 -20.83
CA PRO D 310 15.13 -66.78 -20.41
C PRO D 310 14.62 -65.35 -20.57
N ALA D 311 13.34 -65.18 -20.88
CA ALA D 311 12.80 -63.84 -21.08
C ALA D 311 12.96 -63.01 -19.80
N GLU D 312 13.02 -63.73 -18.68
CA GLU D 312 13.37 -63.16 -17.39
C GLU D 312 14.59 -62.23 -17.44
N ARG D 313 15.66 -62.65 -18.11
CA ARG D 313 16.87 -61.82 -18.15
C ARG D 313 16.70 -60.58 -19.03
N LEU D 314 15.69 -60.58 -19.90
CA LEU D 314 15.34 -59.39 -20.67
C LEU D 314 14.27 -58.52 -19.98
N LEU D 315 13.23 -59.15 -19.45
CA LEU D 315 12.12 -58.41 -18.85
C LEU D 315 12.53 -57.58 -17.64
N ASP D 316 13.56 -58.01 -16.94
CA ASP D 316 13.95 -57.33 -15.72
C ASP D 316 14.85 -56.11 -15.96
N ARG D 317 15.17 -55.85 -17.23
CA ARG D 317 16.07 -54.75 -17.57
C ARG D 317 15.40 -53.47 -18.08
N PHE D 318 14.11 -53.53 -18.42
CA PHE D 318 13.44 -52.34 -18.94
C PHE D 318 13.26 -51.30 -17.86
N THR D 319 13.56 -50.05 -18.19
CA THR D 319 13.33 -48.96 -17.23
C THR D 319 12.30 -47.99 -17.81
N LEU D 320 11.87 -48.23 -19.04
CA LEU D 320 10.84 -47.39 -19.63
C LEU D 320 9.60 -48.18 -20.06
N PHE D 321 9.80 -49.23 -20.85
CA PHE D 321 8.72 -50.17 -21.14
C PHE D 321 8.18 -50.69 -19.79
N THR D 322 6.91 -51.01 -19.74
CA THR D 322 6.31 -51.61 -18.54
C THR D 322 5.99 -53.09 -18.78
N CYS D 323 6.40 -53.94 -17.84
CA CYS D 323 5.98 -55.33 -17.89
C CYS D 323 4.52 -55.38 -17.45
N GLY D 324 3.64 -55.61 -18.41
CA GLY D 324 2.21 -55.64 -18.13
C GLY D 324 1.44 -56.19 -19.31
N VAL D 325 0.28 -56.76 -19.00
CA VAL D 325 -0.64 -57.27 -20.03
C VAL D 325 -1.57 -56.14 -20.44
N SER D 326 -2.06 -56.22 -21.69
CA SER D 326 -2.93 -55.24 -22.40
C SER D 326 -2.15 -54.56 -23.52
N LEU D 327 -2.80 -53.62 -24.22
CA LEU D 327 -2.15 -52.89 -25.31
C LEU D 327 -2.93 -51.69 -25.81
N GLY D 328 -2.31 -51.01 -26.78
CA GLY D 328 -2.89 -49.86 -27.43
C GLY D 328 -2.79 -48.56 -26.65
N GLY D 329 -2.12 -48.60 -25.50
CA GLY D 329 -2.11 -47.47 -24.60
C GLY D 329 -1.01 -46.45 -24.80
N VAL D 330 -1.09 -45.34 -24.07
CA VAL D 330 -0.09 -44.29 -24.16
C VAL D 330 1.25 -44.78 -23.60
N HIS D 331 1.18 -45.61 -22.55
CA HIS D 331 2.37 -46.22 -21.94
C HIS D 331 2.75 -47.46 -22.75
N SER D 332 4.04 -47.62 -23.04
CA SER D 332 4.52 -48.76 -23.80
C SER D 332 4.54 -49.99 -22.91
N LEU D 333 4.17 -51.14 -23.46
CA LEU D 333 4.11 -52.37 -22.68
C LEU D 333 4.99 -53.48 -23.25
N VAL D 334 5.43 -54.37 -22.37
CA VAL D 334 6.20 -55.51 -22.78
C VAL D 334 5.78 -56.75 -21.98
N GLU D 335 5.70 -57.88 -22.68
CA GLU D 335 5.41 -59.16 -22.03
C GLU D 335 6.12 -60.32 -22.73
N CYS D 336 6.14 -61.47 -22.08
CA CYS D 336 6.62 -62.70 -22.73
C CYS D 336 5.49 -63.72 -22.70
N PRO D 337 4.82 -63.93 -23.86
CA PRO D 337 3.66 -64.83 -24.02
C PRO D 337 3.85 -66.15 -23.28
N ALA D 338 4.68 -67.06 -23.84
CA ALA D 338 4.94 -68.39 -23.27
C ALA D 338 4.77 -68.42 -21.78
N LEU D 339 5.30 -67.38 -21.18
CA LEU D 339 5.35 -67.21 -19.75
C LEU D 339 4.10 -66.52 -19.15
N MSE D 340 3.55 -65.50 -19.81
CA MSE D 340 2.73 -64.51 -19.08
C MSE D 340 1.36 -63.99 -19.60
O MSE D 340 0.34 -64.32 -18.98
CB MSE D 340 3.65 -63.37 -18.57
CG MSE D 340 4.42 -63.80 -17.32
SE MSE D 340 6.39 -64.01 -17.43
CE MSE D 340 6.71 -62.11 -17.19
N THR D 341 1.30 -63.18 -20.67
CA THR D 341 -0.03 -62.78 -21.21
C THR D 341 -0.63 -64.03 -21.76
N HIS D 342 0.26 -64.94 -22.15
CA HIS D 342 -0.13 -66.28 -22.51
C HIS D 342 0.47 -67.24 -21.51
N ARG D 343 0.00 -67.15 -20.27
CA ARG D 343 0.52 -68.06 -19.25
C ARG D 343 0.22 -69.53 -19.53
N PRO D 344 -1.03 -69.95 -19.33
CA PRO D 344 -1.26 -71.33 -18.87
C PRO D 344 -1.17 -72.38 -19.95
N LEU D 345 -1.12 -71.96 -21.21
CA LEU D 345 -0.91 -72.92 -22.30
C LEU D 345 0.30 -73.79 -21.97
N SER D 346 0.40 -74.94 -22.64
CA SER D 346 1.22 -76.04 -22.16
C SER D 346 2.65 -76.01 -22.67
N ALA D 347 3.28 -77.17 -22.74
CA ALA D 347 4.62 -77.30 -23.28
C ALA D 347 4.45 -77.79 -24.69
N GLU D 348 3.90 -79.01 -24.78
CA GLU D 348 3.54 -79.65 -26.04
C GLU D 348 2.82 -78.65 -26.91
N ALA D 349 2.07 -77.76 -26.26
CA ALA D 349 1.07 -76.88 -26.90
C ALA D 349 1.57 -75.50 -27.33
N ARG D 350 2.33 -74.82 -26.47
CA ARG D 350 3.00 -73.60 -26.91
C ARG D 350 3.77 -74.00 -28.15
N ALA D 351 4.59 -75.03 -27.96
CA ALA D 351 5.39 -75.63 -29.02
C ALA D 351 4.56 -75.89 -30.27
N ARG D 352 3.44 -76.60 -30.11
CA ARG D 352 2.63 -77.01 -31.26
C ARG D 352 2.13 -75.85 -32.11
N ARG D 353 1.58 -74.82 -31.47
CA ARG D 353 1.26 -73.61 -32.20
C ARG D 353 2.45 -72.64 -32.16
N GLY D 354 3.64 -73.21 -31.96
CA GLY D 354 4.88 -72.48 -32.13
C GLY D 354 5.23 -71.36 -31.16
N ILE D 355 4.57 -71.32 -29.99
CA ILE D 355 4.81 -70.24 -29.01
C ILE D 355 6.10 -70.45 -28.18
N GLY D 356 7.17 -69.79 -28.61
CA GLY D 356 8.48 -70.03 -28.04
C GLY D 356 8.65 -69.47 -26.65
N GLU D 357 9.57 -70.06 -25.88
CA GLU D 357 9.73 -69.72 -24.48
C GLU D 357 10.46 -68.41 -24.23
N SER D 358 10.99 -67.80 -25.28
CA SER D 358 11.33 -66.38 -25.16
C SER D 358 10.92 -65.55 -26.39
N LEU D 359 9.73 -65.82 -26.90
CA LEU D 359 9.08 -64.87 -27.78
C LEU D 359 8.73 -63.70 -26.88
N ILE D 360 9.06 -62.49 -27.31
CA ILE D 360 8.77 -61.27 -26.58
C ILE D 360 7.77 -60.43 -27.37
N ARG D 361 6.76 -59.90 -26.70
CA ARG D 361 5.79 -59.02 -27.37
C ARG D 361 5.82 -57.60 -26.82
N LEU D 362 5.99 -56.63 -27.72
CA LEU D 362 5.96 -55.22 -27.37
C LEU D 362 4.64 -54.59 -27.83
N SER D 363 4.08 -53.73 -26.99
CA SER D 363 2.96 -52.88 -27.34
C SER D 363 3.47 -51.45 -27.26
N VAL D 364 3.54 -50.80 -28.41
CA VAL D 364 4.17 -49.50 -28.48
C VAL D 364 3.20 -48.41 -28.06
N GLY D 365 3.64 -47.53 -27.16
CA GLY D 365 2.87 -46.39 -26.73
C GLY D 365 3.26 -45.12 -27.46
N ILE D 366 3.06 -43.96 -26.83
CA ILE D 366 3.30 -42.70 -27.50
C ILE D 366 4.47 -41.93 -26.91
N GLU D 367 5.42 -42.64 -26.31
CA GLU D 367 6.63 -42.03 -25.79
C GLU D 367 7.55 -41.64 -26.96
N ASP D 368 8.52 -40.76 -26.71
CA ASP D 368 9.43 -40.39 -27.79
C ASP D 368 10.18 -41.63 -28.26
N PRO D 369 10.26 -41.83 -29.59
CA PRO D 369 10.77 -43.07 -30.18
C PRO D 369 12.23 -43.36 -29.81
N GLN D 370 13.05 -42.32 -29.70
CA GLN D 370 14.46 -42.48 -29.35
C GLN D 370 14.57 -43.09 -27.97
N ASP D 371 13.71 -42.63 -27.07
CA ASP D 371 13.73 -43.10 -25.69
C ASP D 371 13.28 -44.54 -25.58
N LEU D 372 12.30 -44.92 -26.38
CA LEU D 372 11.90 -46.32 -26.41
C LEU D 372 12.98 -47.17 -27.08
N ALA D 373 13.59 -46.64 -28.14
CA ALA D 373 14.62 -47.38 -28.87
C ALA D 373 15.84 -47.63 -27.98
N GLU D 374 16.18 -46.63 -27.19
CA GLU D 374 17.30 -46.76 -26.27
C GLU D 374 17.03 -47.77 -25.12
N ASP D 375 15.82 -47.73 -24.55
CA ASP D 375 15.49 -48.64 -23.45
C ASP D 375 15.57 -50.09 -23.92
N LEU D 376 14.99 -50.35 -25.09
CA LEU D 376 15.06 -51.66 -25.71
C LEU D 376 16.51 -52.10 -25.93
N SER D 377 17.34 -51.20 -26.48
CA SER D 377 18.75 -51.52 -26.71
C SER D 377 19.51 -51.82 -25.43
N ARG D 378 19.29 -51.02 -24.39
CA ARG D 378 19.94 -51.24 -23.10
C ARG D 378 19.62 -52.66 -22.63
N ALA D 379 18.33 -52.99 -22.62
CA ALA D 379 17.86 -54.28 -22.15
C ALA D 379 18.45 -55.44 -22.95
N LEU D 380 18.38 -55.35 -24.28
CA LEU D 380 18.96 -56.38 -25.15
C LEU D 380 20.47 -56.58 -24.93
N ALA D 381 21.24 -55.50 -25.00
CA ALA D 381 22.69 -55.57 -24.98
C ALA D 381 23.26 -55.88 -23.60
N GLY D 382 23.21 -54.87 -22.72
CA GLY D 382 23.88 -54.96 -21.44
C GLY D 382 23.15 -54.22 -20.35
N GLY E 6 -17.38 42.60 15.88
CA GLY E 6 -16.61 41.43 15.44
C GLY E 6 -15.32 41.77 14.70
N MSE E 7 -15.20 41.26 13.49
CA MSE E 7 -14.11 41.69 12.60
C MSE E 7 -14.52 41.38 11.14
O MSE E 7 -14.94 40.27 10.84
CB MSE E 7 -12.66 41.20 13.04
CG MSE E 7 -12.39 40.06 14.21
SE MSE E 7 -10.47 39.40 14.92
CE MSE E 7 -10.49 39.99 16.75
N ARG E 8 -14.49 42.39 10.27
CA ARG E 8 -14.62 42.16 8.83
C ARG E 8 -13.19 41.91 8.30
N PHE E 9 -13.11 41.28 7.14
CA PHE E 9 -11.86 40.80 6.53
C PHE E 9 -10.62 41.72 6.73
N GLY E 10 -10.66 42.94 6.20
CA GLY E 10 -9.57 43.90 6.32
C GLY E 10 -9.13 44.24 7.74
N THR E 11 -10.05 44.08 8.68
CA THR E 11 -9.75 44.26 10.10
C THR E 11 -9.05 43.02 10.68
N ARG E 12 -9.50 41.82 10.30
CA ARG E 12 -8.88 40.60 10.82
C ARG E 12 -7.45 40.42 10.29
N LEU E 13 -7.16 40.99 9.12
CA LEU E 13 -5.80 41.03 8.60
C LEU E 13 -4.83 41.69 9.60
N VAL E 14 -5.28 42.80 10.18
CA VAL E 14 -4.45 43.56 11.11
C VAL E 14 -4.49 42.96 12.51
N HIS E 15 -5.67 42.47 12.92
CA HIS E 15 -5.86 42.06 14.30
C HIS E 15 -6.04 40.57 14.57
N GLY E 16 -6.23 39.77 13.52
CA GLY E 16 -6.34 38.32 13.68
C GLY E 16 -5.14 37.74 14.42
N GLY E 17 -5.41 37.05 15.52
CA GLY E 17 -4.34 36.47 16.33
C GLY E 17 -3.50 37.54 17.01
N ARG E 18 -4.10 38.71 17.23
CA ARG E 18 -3.39 39.79 17.92
C ARG E 18 -4.07 40.22 19.20
N ARG E 19 -3.28 40.24 20.26
CA ARG E 19 -3.71 40.69 21.56
C ARG E 19 -2.46 41.32 22.18
N PRO E 20 -2.63 42.43 22.93
CA PRO E 20 -1.51 43.01 23.67
C PRO E 20 -0.88 41.99 24.65
N SER E 21 0.39 42.19 25.01
CA SER E 21 1.12 41.23 25.86
C SER E 21 1.02 41.57 27.36
N ALA E 22 0.93 40.54 28.20
CA ALA E 22 0.58 40.73 29.61
C ALA E 22 1.55 41.64 30.38
N GLY E 23 1.00 42.70 30.97
CA GLY E 23 1.78 43.63 31.76
C GLY E 23 2.76 44.50 30.99
N THR E 24 3.02 44.19 29.73
CA THR E 24 3.87 45.01 28.90
C THR E 24 3.05 45.80 27.88
N GLY E 25 2.05 45.15 27.30
CA GLY E 25 1.12 45.81 26.40
C GLY E 25 1.56 46.01 24.96
N ASP E 26 2.61 45.28 24.53
CA ASP E 26 3.06 45.30 23.13
C ASP E 26 1.90 45.23 22.16
N VAL E 27 1.83 46.19 21.25
CA VAL E 27 0.80 46.17 20.22
C VAL E 27 1.12 45.10 19.19
N VAL E 28 2.35 45.10 18.70
CA VAL E 28 2.88 44.00 17.91
C VAL E 28 3.36 42.92 18.88
N PRO E 29 2.81 41.69 18.76
CA PRO E 29 3.25 40.64 19.68
C PRO E 29 4.74 40.35 19.50
N PRO E 30 5.44 40.05 20.59
CA PRO E 30 6.89 39.83 20.49
C PRO E 30 7.22 38.52 19.74
N ILE E 31 8.42 38.44 19.16
CA ILE E 31 8.81 37.26 18.40
C ILE E 31 9.34 36.18 19.33
N HIS E 32 8.57 35.08 19.47
CA HIS E 32 9.00 33.96 20.31
C HIS E 32 9.97 33.08 19.56
N VAL E 33 11.24 33.15 19.93
CA VAL E 33 12.27 32.35 19.27
C VAL E 33 12.67 31.12 20.09
N SER E 34 12.40 31.15 21.39
CA SER E 34 12.85 30.09 22.28
C SER E 34 12.38 28.69 21.84
N THR E 35 13.30 27.74 21.74
CA THR E 35 12.95 26.34 21.46
C THR E 35 12.49 25.62 22.72
N THR E 36 12.79 26.18 23.88
CA THR E 36 12.54 25.46 25.13
C THR E 36 11.66 26.22 26.12
N TYR E 37 11.03 25.48 27.01
CA TYR E 37 10.10 26.06 27.97
C TYR E 37 10.34 25.59 29.38
N GLU E 38 10.49 26.53 30.30
CA GLU E 38 10.20 26.26 31.69
C GLU E 38 8.70 25.91 31.68
N ARG E 39 8.37 24.76 32.24
CA ARG E 39 6.98 24.28 32.24
C ARG E 39 6.39 24.53 33.61
N ARG E 40 7.25 24.94 34.54
CA ARG E 40 6.82 25.31 35.86
C ARG E 40 6.47 26.81 35.88
N ALA E 41 6.58 27.47 34.72
CA ALA E 41 6.07 28.84 34.58
C ALA E 41 4.64 28.79 34.04
N GLN E 42 4.03 27.60 34.10
CA GLN E 42 2.90 27.33 33.21
C GLN E 42 1.56 27.00 33.87
N ASP E 43 0.63 27.97 33.82
CA ASP E 43 -0.73 27.82 34.41
C ASP E 43 -1.51 26.79 33.70
N GLU E 44 -1.62 26.92 32.38
CA GLU E 44 -2.19 25.86 31.57
C GLU E 44 -1.11 25.34 30.61
N PRO E 45 -0.48 24.21 30.97
CA PRO E 45 0.65 23.56 30.30
C PRO E 45 0.34 23.31 28.84
N ARG E 46 1.06 23.99 27.96
CA ARG E 46 0.68 24.06 26.56
C ARG E 46 1.95 24.10 25.71
N TYR E 47 3.05 24.54 26.31
CA TYR E 47 4.30 24.71 25.57
C TYR E 47 5.37 23.82 26.18
N PHE E 48 5.79 22.82 25.41
CA PHE E 48 6.79 21.86 25.88
C PHE E 48 8.03 21.85 25.02
N TYR E 49 7.89 22.26 23.75
CA TYR E 49 8.98 22.24 22.79
C TYR E 49 8.58 22.86 21.45
N GLY E 50 9.37 23.82 20.98
CA GLY E 50 9.04 24.63 19.80
C GLY E 50 8.66 23.91 18.49
N ARG E 51 9.03 22.65 18.34
CA ARG E 51 8.51 21.87 17.19
C ARG E 51 6.99 21.67 17.29
N GLY E 52 6.50 21.37 18.49
CA GLY E 52 5.08 21.09 18.69
C GLY E 52 4.18 22.31 18.82
N GLU E 53 4.61 23.30 19.61
CA GLU E 53 3.81 24.48 19.91
C GLU E 53 4.69 25.72 19.92
N ASN E 54 4.21 26.81 19.31
CA ASN E 54 4.94 28.09 19.34
C ASN E 54 3.98 29.28 19.22
N PRO E 55 3.97 30.17 20.24
CA PRO E 55 2.97 31.26 20.26
C PRO E 55 2.99 32.18 19.03
N THR E 56 4.17 32.50 18.50
CA THR E 56 4.25 33.33 17.30
C THR E 56 3.67 32.57 16.13
N ARG E 57 4.06 31.30 16.02
CA ARG E 57 3.51 30.39 15.01
C ARG E 57 2.00 30.33 15.14
N GLU E 58 1.53 30.15 16.38
CA GLU E 58 0.11 30.07 16.67
C GLU E 58 -0.64 31.36 16.32
N GLU E 59 -0.03 32.50 16.60
CA GLU E 59 -0.66 33.78 16.26
C GLU E 59 -0.97 33.86 14.77
N LEU E 60 0.00 33.44 13.96
CA LEU E 60 -0.16 33.43 12.51
C LEU E 60 -1.33 32.52 12.10
N GLU E 61 -1.46 31.39 12.78
CA GLU E 61 -2.52 30.43 12.50
C GLU E 61 -3.93 30.96 12.82
N GLU E 62 -4.08 31.63 13.96
CA GLU E 62 -5.33 32.30 14.30
C GLU E 62 -5.69 33.22 13.18
N CYS E 63 -4.70 34.01 12.76
CA CYS E 63 -4.94 35.04 11.75
C CYS E 63 -5.49 34.42 10.46
N LEU E 64 -4.76 33.43 9.91
CA LEU E 64 -5.19 32.77 8.68
C LEU E 64 -6.55 32.07 8.82
N ALA E 65 -6.77 31.39 9.95
CA ALA E 65 -8.06 30.77 10.22
C ALA E 65 -9.19 31.81 10.15
N GLY E 66 -8.92 32.97 10.74
CA GLY E 66 -9.90 34.05 10.81
C GLY E 66 -10.22 34.73 9.49
N LEU E 67 -9.38 34.52 8.49
CA LEU E 67 -9.64 35.08 7.17
C LEU E 67 -10.75 34.29 6.47
N GLU E 68 -11.00 33.08 6.98
CA GLU E 68 -11.95 32.18 6.34
C GLU E 68 -13.06 31.78 7.30
N ARG E 69 -13.12 32.47 8.44
CA ARG E 69 -14.11 32.16 9.49
C ARG E 69 -14.03 30.67 9.87
N ALA E 70 -12.83 30.10 9.77
CA ALA E 70 -12.62 28.68 10.02
C ALA E 70 -12.09 28.52 11.43
N PRO E 71 -12.40 27.39 12.06
CA PRO E 71 -11.92 27.22 13.43
C PRO E 71 -10.45 26.81 13.51
N PHE E 72 -9.85 26.35 12.40
CA PHE E 72 -8.50 25.79 12.44
C PHE E 72 -7.57 26.26 11.32
N ALA E 73 -6.28 26.35 11.64
CA ALA E 73 -5.24 26.50 10.64
C ALA E 73 -3.90 25.94 11.17
N THR E 74 -3.10 25.44 10.24
CA THR E 74 -1.77 24.94 10.57
C THR E 74 -0.79 25.49 9.53
N VAL E 75 0.33 26.05 9.99
CA VAL E 75 1.34 26.57 9.07
C VAL E 75 2.56 25.65 8.93
N PHE E 76 3.26 25.82 7.81
CA PHE E 76 4.30 24.89 7.38
C PHE E 76 5.49 25.63 6.80
N SER E 77 6.63 24.93 6.72
CA SER E 77 7.87 25.48 6.19
C SER E 77 7.78 25.87 4.71
N SER E 78 6.74 25.38 4.02
CA SER E 78 6.52 25.76 2.63
C SER E 78 5.13 25.32 2.20
N GLY E 79 4.68 25.86 1.08
CA GLY E 79 3.48 25.37 0.43
C GLY E 79 3.58 23.87 0.15
N GLN E 80 4.73 23.41 -0.35
CA GLN E 80 4.91 21.98 -0.62
C GLN E 80 4.68 21.14 0.65
N ALA E 81 5.18 21.62 1.79
CA ALA E 81 5.04 20.89 3.05
C ALA E 81 3.57 20.87 3.53
N ALA E 82 2.83 21.92 3.24
CA ALA E 82 1.38 21.92 3.50
C ALA E 82 0.73 20.83 2.65
N ALA E 83 1.05 20.83 1.37
CA ALA E 83 0.51 19.83 0.47
C ALA E 83 0.93 18.41 0.84
N ALA E 84 2.22 18.22 1.20
CA ALA E 84 2.70 16.89 1.56
C ALA E 84 1.95 16.34 2.78
N THR E 85 1.71 17.21 3.76
CA THR E 85 1.03 16.83 4.99
C THR E 85 -0.39 16.35 4.68
N LEU E 86 -1.11 17.14 3.89
CA LEU E 86 -2.47 16.82 3.51
C LEU E 86 -2.48 15.52 2.70
N LEU E 87 -1.56 15.39 1.75
CA LEU E 87 -1.43 14.16 0.97
C LEU E 87 -1.19 12.94 1.85
N SER E 88 -0.44 13.13 2.93
CA SER E 88 0.03 12.02 3.77
C SER E 88 -1.11 11.24 4.41
N LEU E 89 -2.30 11.83 4.44
CA LEU E 89 -3.44 11.19 5.06
C LEU E 89 -4.13 10.18 4.15
N VAL E 90 -3.79 10.16 2.87
CA VAL E 90 -4.38 9.18 1.98
C VAL E 90 -3.69 7.85 2.22
N ARG E 91 -4.48 6.81 2.51
CA ARG E 91 -3.95 5.48 2.78
C ARG E 91 -3.56 4.77 1.50
N PRO E 92 -2.54 3.91 1.57
CA PRO E 92 -2.23 3.04 0.44
C PRO E 92 -3.49 2.23 0.13
N GLY E 93 -3.95 2.28 -1.11
CA GLY E 93 -5.18 1.58 -1.47
C GLY E 93 -6.34 2.54 -1.60
N GLN E 94 -6.03 3.83 -1.70
CA GLN E 94 -7.03 4.87 -1.95
C GLN E 94 -6.60 5.79 -3.09
N CYS E 95 -7.43 6.78 -3.39
CA CYS E 95 -7.32 7.50 -4.66
C CYS E 95 -7.53 9.01 -4.53
N VAL E 96 -6.92 9.75 -5.47
CA VAL E 96 -6.92 11.21 -5.50
C VAL E 96 -7.11 11.68 -6.95
N VAL E 97 -7.97 12.67 -7.17
CA VAL E 97 -8.22 13.24 -8.49
C VAL E 97 -7.90 14.74 -8.53
N SER E 98 -7.44 15.26 -9.67
CA SER E 98 -7.02 16.66 -9.78
C SER E 98 -6.92 17.18 -11.24
N THR E 99 -6.64 18.47 -11.42
CA THR E 99 -6.50 19.08 -12.76
C THR E 99 -5.04 19.08 -13.28
N ASP E 100 -4.73 18.41 -14.40
CA ASP E 100 -3.29 18.18 -14.72
C ASP E 100 -2.47 19.46 -14.76
N ASP E 101 -3.17 20.53 -15.14
CA ASP E 101 -2.67 21.87 -14.91
C ASP E 101 -2.57 22.18 -13.41
N VAL E 102 -2.18 21.19 -12.60
CA VAL E 102 -1.72 21.46 -11.22
C VAL E 102 -0.20 21.52 -11.17
N TYR E 103 0.29 22.41 -10.30
CA TYR E 103 1.71 22.56 -10.01
C TYR E 103 2.51 21.26 -9.99
N ALA E 104 3.63 21.24 -10.71
CA ALA E 104 4.49 20.07 -10.78
C ALA E 104 4.88 19.59 -9.39
N GLY E 105 5.02 20.52 -8.45
CA GLY E 105 5.34 20.16 -7.08
C GLY E 105 4.28 19.26 -6.52
N THR E 106 3.04 19.54 -6.89
CA THR E 106 1.92 18.69 -6.50
C THR E 106 2.02 17.36 -7.26
N ASP E 107 2.23 17.44 -8.58
CA ASP E 107 2.49 16.24 -9.39
C ASP E 107 3.62 15.42 -8.77
N GLY E 108 4.72 16.10 -8.44
CA GLY E 108 5.86 15.50 -7.77
C GLY E 108 5.47 14.82 -6.47
N LEU E 109 4.65 15.51 -5.68
CA LEU E 109 4.10 14.91 -4.48
C LEU E 109 3.13 13.78 -4.81
N PHE E 110 2.40 13.93 -5.93
CA PHE E 110 1.41 12.93 -6.34
C PHE E 110 2.10 11.63 -6.71
N ASP E 111 3.26 11.75 -7.35
CA ASP E 111 3.99 10.56 -7.78
C ASP E 111 4.67 9.90 -6.58
N LEU E 112 4.98 10.70 -5.56
CA LEU E 112 5.59 10.20 -4.34
C LEU E 112 4.62 9.26 -3.63
N ALA E 113 3.40 9.75 -3.40
CA ALA E 113 2.34 8.94 -2.81
C ALA E 113 2.06 7.64 -3.59
N ALA E 114 2.10 7.72 -4.92
CA ALA E 114 1.81 6.56 -5.76
C ALA E 114 2.72 5.38 -5.42
N ARG E 115 3.95 5.70 -5.02
CA ARG E 115 4.93 4.67 -4.74
C ARG E 115 4.77 4.12 -3.32
N GLN E 116 3.83 4.68 -2.59
CA GLN E 116 3.47 4.18 -1.26
C GLN E 116 2.20 3.33 -1.29
N GLY E 117 1.34 3.57 -2.28
CA GLY E 117 0.10 2.82 -2.42
C GLY E 117 -1.12 3.67 -2.76
N VAL E 118 -0.91 4.98 -2.92
CA VAL E 118 -1.98 5.90 -3.30
C VAL E 118 -2.06 5.97 -4.83
N ARG E 119 -3.25 6.14 -5.39
CA ARG E 119 -3.37 6.33 -6.84
C ARG E 119 -4.03 7.64 -7.29
N VAL E 120 -3.35 8.33 -8.19
CA VAL E 120 -3.77 9.65 -8.64
C VAL E 120 -4.29 9.56 -10.05
N ARG E 121 -5.43 10.19 -10.32
CA ARG E 121 -5.96 10.28 -11.67
C ARG E 121 -6.26 11.74 -12.00
N TYR E 122 -5.66 12.25 -13.08
CA TYR E 122 -5.86 13.63 -13.47
C TYR E 122 -7.15 13.78 -14.27
N ALA E 123 -7.66 15.01 -14.42
CA ALA E 123 -8.95 15.17 -15.10
C ALA E 123 -9.29 16.56 -15.59
N ASP E 124 -10.15 16.55 -16.60
CA ASP E 124 -10.87 17.72 -17.07
C ASP E 124 -12.11 17.81 -16.18
N LEU E 125 -12.06 18.66 -15.16
CA LEU E 125 -13.16 18.81 -14.21
C LEU E 125 -14.23 19.77 -14.72
N THR E 126 -13.87 20.62 -15.68
CA THR E 126 -14.72 21.74 -16.07
C THR E 126 -16.05 21.34 -16.73
N THR E 127 -16.40 20.06 -16.71
CA THR E 127 -17.56 19.57 -17.46
C THR E 127 -18.47 18.64 -16.65
N PRO E 128 -19.80 18.79 -16.85
CA PRO E 128 -20.84 18.02 -16.16
C PRO E 128 -20.57 16.51 -16.18
N GLU E 129 -19.85 16.06 -17.18
CA GLU E 129 -19.46 14.66 -17.26
C GLU E 129 -18.03 14.42 -16.75
N GLY E 130 -17.10 15.30 -17.11
CA GLY E 130 -15.71 15.18 -16.68
C GLY E 130 -15.61 15.04 -15.17
N ILE E 131 -16.53 15.73 -14.49
CA ILE E 131 -16.76 15.54 -13.07
C ILE E 131 -17.27 14.12 -12.78
N ALA E 132 -18.40 13.74 -13.36
CA ALA E 132 -19.04 12.46 -13.04
C ALA E 132 -18.14 11.27 -13.35
N ALA E 133 -17.26 11.45 -14.33
CA ALA E 133 -16.33 10.41 -14.72
C ALA E 133 -15.13 10.33 -13.77
N ALA E 134 -14.93 11.38 -12.98
CA ALA E 134 -13.84 11.40 -12.02
C ALA E 134 -14.33 10.90 -10.68
N LEU E 135 -15.47 11.44 -10.24
CA LEU E 135 -16.05 11.08 -8.95
C LEU E 135 -16.65 9.67 -9.00
N ALA E 136 -16.43 8.98 -10.10
CA ALA E 136 -16.85 7.60 -10.26
C ALA E 136 -15.67 6.69 -10.01
N GLU E 137 -14.55 7.27 -9.60
CA GLU E 137 -13.37 6.50 -9.31
C GLU E 137 -13.59 5.67 -8.03
N PRO E 138 -13.07 4.44 -8.00
CA PRO E 138 -13.23 3.61 -6.82
C PRO E 138 -12.21 3.96 -5.74
N ASP E 139 -12.60 3.74 -4.48
CA ASP E 139 -11.74 3.99 -3.32
C ASP E 139 -11.34 5.46 -3.20
N LEU E 140 -12.17 6.33 -3.76
CA LEU E 140 -11.90 7.76 -3.71
C LEU E 140 -11.82 8.24 -2.27
N ALA E 141 -10.90 9.16 -1.99
CA ALA E 141 -10.70 9.64 -0.64
C ALA E 141 -10.37 11.14 -0.58
N LEU E 142 -9.89 11.69 -1.69
CA LEU E 142 -9.50 13.10 -1.72
C LEU E 142 -9.68 13.63 -3.13
N VAL E 143 -10.22 14.84 -3.25
CA VAL E 143 -10.37 15.50 -4.53
C VAL E 143 -9.58 16.79 -4.49
N TRP E 144 -8.57 16.88 -5.34
CA TRP E 144 -7.62 17.99 -5.29
C TRP E 144 -7.98 19.00 -6.38
N ILE E 145 -8.26 20.23 -5.98
CA ILE E 145 -8.61 21.29 -6.92
C ILE E 145 -7.59 22.42 -6.83
N GLU E 146 -7.16 22.92 -7.97
CA GLU E 146 -6.34 24.12 -8.03
C GLU E 146 -7.04 25.06 -9.01
N THR E 147 -7.53 26.19 -8.50
CA THR E 147 -8.32 27.11 -9.31
C THR E 147 -8.12 28.57 -8.90
N PRO E 148 -7.79 29.43 -9.88
CA PRO E 148 -7.52 29.13 -11.29
C PRO E 148 -6.31 28.22 -11.48
N THR E 149 -6.26 27.54 -12.62
CA THR E 149 -5.06 26.79 -12.98
C THR E 149 -3.96 27.78 -13.42
N ASN E 150 -2.86 27.21 -13.92
CA ASN E 150 -1.65 27.93 -14.11
C ASN E 150 -0.70 27.22 -15.14
N PRO E 151 -0.53 27.77 -16.37
CA PRO E 151 -0.76 29.14 -16.85
C PRO E 151 -2.12 29.45 -17.51
N LEU E 152 -2.91 28.46 -17.92
CA LEU E 152 -4.14 28.75 -18.66
C LEU E 152 -5.22 29.57 -17.92
N LEU E 153 -5.13 29.58 -16.59
CA LEU E 153 -6.08 30.32 -15.73
C LEU E 153 -7.51 29.84 -15.94
N THR E 154 -7.66 28.56 -16.28
CA THR E 154 -8.98 27.94 -16.34
C THR E 154 -9.52 27.75 -14.93
N VAL E 155 -10.84 27.87 -14.80
CA VAL E 155 -11.49 27.93 -13.50
C VAL E 155 -12.41 26.72 -13.29
N VAL E 156 -12.29 26.07 -12.14
CA VAL E 156 -13.12 24.91 -11.80
C VAL E 156 -14.14 25.29 -10.71
N ASP E 157 -15.36 24.79 -10.85
CA ASP E 157 -16.49 25.11 -9.98
C ASP E 157 -16.35 24.38 -8.64
N VAL E 158 -15.89 25.10 -7.62
CA VAL E 158 -15.63 24.50 -6.31
C VAL E 158 -16.92 23.96 -5.66
N ALA E 159 -17.97 24.77 -5.63
CA ALA E 159 -19.21 24.35 -4.98
C ALA E 159 -19.76 23.08 -5.59
N GLU E 160 -19.79 23.04 -6.93
CA GLU E 160 -20.36 21.90 -7.64
C GLU E 160 -19.53 20.63 -7.41
N VAL E 161 -18.22 20.71 -7.62
CA VAL E 161 -17.38 19.52 -7.44
C VAL E 161 -17.46 19.06 -5.99
N SER E 162 -17.52 20.00 -5.06
CA SER E 162 -17.60 19.68 -3.64
C SER E 162 -18.91 18.98 -3.30
N ARG E 163 -20.02 19.48 -3.82
CA ARG E 163 -21.30 18.83 -3.60
C ARG E 163 -21.38 17.43 -4.25
N ARG E 164 -20.50 17.16 -5.20
CA ARG E 164 -20.44 15.85 -5.85
C ARG E 164 -19.43 14.92 -5.18
N ALA E 165 -18.30 15.48 -4.74
CA ALA E 165 -17.33 14.70 -4.01
C ALA E 165 -17.90 14.34 -2.64
N HIS E 166 -18.72 15.23 -2.09
CA HIS E 166 -19.47 14.93 -0.88
C HIS E 166 -20.75 14.14 -1.16
N GLU E 167 -20.80 13.45 -2.29
CA GLU E 167 -21.77 12.38 -2.49
C GLU E 167 -21.07 11.06 -2.19
N ARG E 168 -19.81 10.97 -2.59
CA ARG E 168 -19.01 9.76 -2.42
C ARG E 168 -18.31 9.67 -1.07
N GLY E 169 -18.26 10.77 -0.32
CA GLY E 169 -17.57 10.79 0.95
C GLY E 169 -16.12 11.29 0.87
N ALA E 170 -15.82 12.06 -0.17
CA ALA E 170 -14.46 12.51 -0.42
C ALA E 170 -14.13 13.85 0.23
N ARG E 171 -12.93 13.95 0.78
CA ARG E 171 -12.42 15.24 1.24
C ARG E 171 -12.10 16.09 0.01
N VAL E 172 -12.35 17.39 0.10
CA VAL E 172 -12.08 18.31 -0.99
C VAL E 172 -11.14 19.41 -0.52
N VAL E 173 -9.97 19.51 -1.15
CA VAL E 173 -9.04 20.59 -0.91
C VAL E 173 -9.02 21.53 -2.11
N VAL E 174 -8.88 22.81 -1.84
CA VAL E 174 -8.63 23.79 -2.87
C VAL E 174 -7.26 24.44 -2.65
N ASP E 175 -6.36 24.28 -3.60
CA ASP E 175 -5.08 24.98 -3.58
C ASP E 175 -5.42 26.41 -3.98
N ASN E 176 -5.53 27.27 -2.97
CA ASN E 176 -6.08 28.61 -3.12
C ASN E 176 -4.98 29.67 -3.19
N THR E 177 -3.77 29.25 -3.56
CA THR E 177 -2.63 30.16 -3.59
C THR E 177 -2.81 31.34 -4.56
N PHE E 178 -3.31 31.02 -5.75
CA PHE E 178 -3.58 31.98 -6.84
C PHE E 178 -4.37 33.18 -6.36
N ALA E 179 -5.61 32.95 -5.93
CA ALA E 179 -6.51 34.07 -5.69
C ALA E 179 -6.32 34.70 -4.31
N SER E 180 -5.87 33.87 -3.35
CA SER E 180 -5.75 34.26 -1.94
C SER E 180 -7.15 34.30 -1.28
N PRO E 181 -7.19 34.44 0.06
CA PRO E 181 -8.52 34.51 0.70
C PRO E 181 -9.24 35.84 0.46
N VAL E 182 -8.54 36.83 -0.08
CA VAL E 182 -9.16 38.10 -0.46
C VAL E 182 -10.21 37.90 -1.55
N LEU E 183 -9.92 36.99 -2.49
CA LEU E 183 -10.71 36.87 -3.73
C LEU E 183 -11.58 35.62 -3.81
N GLN E 184 -11.22 34.59 -3.05
CA GLN E 184 -11.90 33.30 -3.17
C GLN E 184 -11.87 32.57 -1.83
N GLN E 185 -13.02 32.08 -1.39
CA GLN E 185 -13.14 31.46 -0.06
C GLN E 185 -13.57 29.99 -0.19
N PRO E 186 -12.59 29.08 -0.35
CA PRO E 186 -12.89 27.67 -0.62
C PRO E 186 -13.88 27.05 0.36
N LEU E 187 -13.64 27.22 1.66
CA LEU E 187 -14.52 26.64 2.68
C LEU E 187 -15.96 27.14 2.55
N ALA E 188 -16.14 28.43 2.27
CA ALA E 188 -17.48 28.99 2.05
C ALA E 188 -18.12 28.37 0.82
N LEU E 189 -17.29 27.99 -0.15
CA LEU E 189 -17.79 27.39 -1.37
C LEU E 189 -18.12 25.91 -1.21
N GLY E 190 -17.69 25.30 -0.10
CA GLY E 190 -18.03 23.91 0.17
C GLY E 190 -16.87 22.93 0.31
N ALA E 191 -15.65 23.39 0.05
CA ALA E 191 -14.46 22.56 0.24
C ALA E 191 -14.21 22.32 1.73
N ASP E 192 -13.43 21.28 2.03
CA ASP E 192 -13.07 20.98 3.42
C ASP E 192 -11.75 21.62 3.83
N VAL E 193 -10.90 21.93 2.85
CA VAL E 193 -9.55 22.39 3.17
C VAL E 193 -9.09 23.52 2.24
N SER E 194 -8.46 24.52 2.82
CA SER E 194 -7.76 25.54 2.05
C SER E 194 -6.25 25.38 2.17
N LEU E 195 -5.59 25.25 1.03
CA LEU E 195 -4.16 25.04 0.98
C LEU E 195 -3.49 26.26 0.34
N TYR E 196 -2.41 26.74 0.94
CA TYR E 196 -1.68 27.90 0.45
C TYR E 196 -0.18 27.69 0.46
N SER E 197 0.47 28.21 -0.57
CA SER E 197 1.83 28.68 -0.42
C SER E 197 1.71 30.12 0.07
N THR E 198 2.03 30.34 1.34
CA THR E 198 2.06 31.70 1.88
C THR E 198 3.31 32.43 1.35
N THR E 199 4.23 31.68 0.74
CA THR E 199 5.40 32.25 0.05
C THR E 199 4.99 33.33 -0.97
N1 LLP E 200 0.88 25.67 -5.18
C2 LLP E 200 0.86 26.84 -5.82
C2' LLP E 200 -0.42 27.27 -6.62
C3 LLP E 200 2.00 27.68 -5.77
O3 LLP E 200 1.98 28.92 -6.44
C4 LLP E 200 3.13 27.30 -5.05
C4' LLP E 200 4.45 28.25 -4.96
C5 LLP E 200 3.13 26.08 -4.41
C6 LLP E 200 2.01 25.27 -4.47
C5' LLP E 200 4.37 25.58 -3.59
OP4 LLP E 200 4.59 26.41 -2.47
P LLP E 200 6.03 26.57 -1.89
OP1 LLP E 200 5.95 27.58 -0.75
OP2 LLP E 200 6.53 25.25 -1.39
OP3 LLP E 200 6.96 27.05 -2.97
N LLP E 200 3.78 33.18 -1.53
CA LLP E 200 3.30 34.07 -2.61
CB LLP E 200 2.46 33.24 -3.57
CG LLP E 200 3.12 31.87 -3.83
CD LLP E 200 4.24 31.91 -4.87
CE LLP E 200 5.03 30.57 -4.91
NZ LLP E 200 4.29 29.51 -5.63
C LLP E 200 2.62 35.33 -2.09
O LLP E 200 3.23 36.08 -1.36
N SER E 201 1.36 35.57 -2.45
CA SER E 201 0.73 36.84 -2.09
C SER E 201 0.45 37.04 -0.60
N ILE E 202 0.27 35.93 0.14
CA ILE E 202 -0.01 36.05 1.58
C ILE E 202 1.12 36.79 2.31
N ALA E 203 2.35 36.29 2.19
CA ALA E 203 3.49 36.99 2.77
C ALA E 203 3.84 38.21 1.92
N GLY E 204 3.87 38.03 0.60
CA GLY E 204 3.74 39.14 -0.33
C GLY E 204 5.00 39.91 -0.71
N HIS E 205 6.11 39.67 -0.04
CA HIS E 205 7.31 40.49 -0.24
C HIS E 205 8.51 39.68 -0.72
N ALA E 206 8.26 38.44 -1.13
CA ALA E 206 9.25 37.58 -1.75
C ALA E 206 10.50 37.42 -0.88
N ASP E 207 10.28 37.38 0.43
CA ASP E 207 11.39 37.30 1.38
C ASP E 207 11.21 36.21 2.44
N VAL E 208 10.31 35.26 2.17
CA VAL E 208 10.09 34.15 3.10
C VAL E 208 9.36 32.99 2.44
N LEU E 209 9.74 31.76 2.79
CA LEU E 209 9.01 30.57 2.35
C LEU E 209 8.02 30.15 3.43
N GLY E 210 6.82 29.72 3.01
CA GLY E 210 5.82 29.25 3.96
C GLY E 210 4.65 28.52 3.32
N GLY E 211 3.91 27.77 4.14
CA GLY E 211 2.67 27.14 3.72
C GLY E 211 1.64 27.17 4.83
N ALA E 212 0.39 26.85 4.47
CA ALA E 212 -0.68 26.76 5.44
C ALA E 212 -1.80 25.86 4.94
N LEU E 213 -2.50 25.24 5.89
CA LEU E 213 -3.78 24.59 5.64
C LEU E 213 -4.81 25.26 6.57
N VAL E 214 -5.99 25.54 6.03
CA VAL E 214 -7.11 26.13 6.79
C VAL E 214 -8.32 25.21 6.61
N TYR E 215 -8.98 24.86 7.71
CA TYR E 215 -9.98 23.79 7.66
C TYR E 215 -10.92 23.83 8.87
N ARG E 216 -11.95 22.98 8.84
CA ARG E 216 -12.97 22.98 9.88
C ARG E 216 -13.03 21.70 10.74
N ASP E 217 -12.35 20.64 10.33
CA ASP E 217 -12.50 19.34 11.00
C ASP E 217 -11.46 19.10 12.10
N ALA E 218 -11.92 18.81 13.31
CA ALA E 218 -11.03 18.66 14.46
C ALA E 218 -10.24 17.34 14.45
N ASP E 219 -10.79 16.33 13.80
CA ASP E 219 -10.06 15.08 13.64
C ASP E 219 -8.96 15.29 12.61
N LEU E 220 -9.32 15.94 11.51
CA LEU E 220 -8.34 16.37 10.53
C LEU E 220 -7.24 17.20 11.20
N HIS E 221 -7.66 18.06 12.13
CA HIS E 221 -6.73 18.93 12.83
C HIS E 221 -5.69 18.11 13.59
N ALA E 222 -6.17 17.11 14.33
CA ALA E 222 -5.27 16.26 15.10
C ALA E 222 -4.29 15.51 14.19
N ALA E 223 -4.76 15.04 13.04
CA ALA E 223 -3.90 14.27 12.16
C ALA E 223 -2.87 15.18 11.49
N VAL E 224 -3.29 16.38 11.14
CA VAL E 224 -2.38 17.33 10.51
C VAL E 224 -1.29 17.74 11.51
N ARG E 225 -1.68 18.03 12.74
CA ARG E 225 -0.71 18.40 13.77
C ARG E 225 0.21 17.21 14.13
N ALA E 226 -0.35 16.01 14.26
CA ALA E 226 0.50 14.85 14.54
C ALA E 226 1.55 14.63 13.44
N TYR E 227 1.15 14.83 12.18
CA TYR E 227 2.11 14.69 11.10
C TYR E 227 3.17 15.80 11.11
N ARG E 228 2.74 17.05 11.24
CA ARG E 228 3.69 18.16 11.24
C ARG E 228 4.71 18.02 12.36
N THR E 229 4.23 17.57 13.51
CA THR E 229 5.13 17.32 14.63
C THR E 229 6.13 16.18 14.33
N THR E 230 5.67 15.10 13.70
CA THR E 230 6.57 13.97 13.42
C THR E 230 7.46 14.19 12.20
N ALA E 231 6.91 14.77 11.14
CA ALA E 231 7.72 15.04 9.95
C ALA E 231 8.60 16.28 10.15
N GLY E 232 8.20 17.13 11.09
CA GLY E 232 9.00 18.30 11.45
C GLY E 232 9.10 19.33 10.34
N ASN E 233 8.08 19.40 9.49
CA ASN E 233 8.05 20.38 8.42
C ASN E 233 7.45 21.71 8.92
N VAL E 234 7.98 22.20 10.04
CA VAL E 234 7.41 23.28 10.82
C VAL E 234 8.17 24.58 10.56
N PRO E 235 7.47 25.74 10.55
CA PRO E 235 8.20 26.99 10.33
C PRO E 235 8.88 27.57 11.58
N GLY E 236 9.97 28.29 11.36
CA GLY E 236 10.61 29.04 12.42
C GLY E 236 9.89 30.35 12.73
N ALA E 237 10.09 30.86 13.94
CA ALA E 237 9.39 32.06 14.38
C ALA E 237 9.62 33.31 13.54
N LEU E 238 10.87 33.54 13.15
CA LEU E 238 11.20 34.76 12.42
C LEU E 238 10.46 34.76 11.08
N ASP E 239 10.40 33.61 10.42
CA ASP E 239 9.72 33.52 9.15
C ASP E 239 8.20 33.67 9.31
N CYS E 240 7.62 33.05 10.35
CA CYS E 240 6.21 33.31 10.69
C CYS E 240 5.96 34.81 10.94
N PHE E 241 6.92 35.48 11.57
CA PHE E 241 6.82 36.91 11.80
C PHE E 241 6.72 37.65 10.47
N LEU E 242 7.61 37.32 9.53
CA LEU E 242 7.56 37.91 8.19
C LEU E 242 6.29 37.58 7.41
N VAL E 243 5.72 36.39 7.60
CA VAL E 243 4.45 36.08 6.95
C VAL E 243 3.35 36.96 7.57
N ARG E 244 3.19 36.89 8.89
CA ARG E 244 2.21 37.69 9.61
C ARG E 244 2.35 39.18 9.30
N ARG E 245 3.59 39.65 9.23
CA ARG E 245 3.88 41.04 8.93
C ARG E 245 3.35 41.42 7.54
N GLY E 246 3.65 40.56 6.56
CA GLY E 246 3.25 40.83 5.20
C GLY E 246 1.74 40.78 5.12
N LEU E 247 1.15 39.93 5.96
CA LEU E 247 -0.29 39.69 5.93
C LEU E 247 -1.13 40.95 6.16
N HIS E 248 -0.61 41.86 6.98
CA HIS E 248 -1.29 43.13 7.26
C HIS E 248 -1.84 43.82 6.00
N THR E 249 -1.06 43.83 4.93
CA THR E 249 -1.43 44.59 3.73
C THR E 249 -1.98 43.73 2.59
N LEU E 250 -2.42 42.52 2.93
CA LEU E 250 -2.86 41.59 1.87
C LEU E 250 -4.03 42.14 1.03
N SER E 251 -5.06 42.71 1.68
CA SER E 251 -6.16 43.29 0.95
C SER E 251 -5.71 44.44 0.02
N LEU E 252 -4.92 45.36 0.56
CA LEU E 252 -4.52 46.53 -0.19
C LEU E 252 -3.71 46.12 -1.42
N ARG E 253 -2.78 45.17 -1.20
CA ARG E 253 -1.91 44.71 -2.27
C ARG E 253 -2.69 43.99 -3.39
N VAL E 254 -3.46 42.97 -3.03
CA VAL E 254 -4.27 42.24 -4.01
C VAL E 254 -5.18 43.18 -4.81
N HIS E 255 -5.80 44.15 -4.14
CA HIS E 255 -6.65 45.08 -4.88
C HIS E 255 -5.86 45.97 -5.86
N ARG E 256 -4.67 46.40 -5.48
CA ARG E 256 -3.78 47.13 -6.40
C ARG E 256 -3.34 46.23 -7.56
N GLN E 257 -2.92 45.00 -7.24
CA GLN E 257 -2.49 44.03 -8.26
C GLN E 257 -3.59 43.76 -9.28
N VAL E 258 -4.81 43.58 -8.80
CA VAL E 258 -5.96 43.30 -9.66
C VAL E 258 -6.26 44.48 -10.59
N ALA E 259 -6.37 45.68 -10.03
CA ALA E 259 -6.63 46.86 -10.83
C ALA E 259 -5.59 47.03 -11.94
N THR E 260 -4.34 46.70 -11.64
CA THR E 260 -3.29 46.84 -12.63
C THR E 260 -3.32 45.71 -13.67
N ALA E 261 -3.57 44.48 -13.23
CA ALA E 261 -3.74 43.36 -14.16
C ALA E 261 -4.77 43.69 -15.23
N ARG E 262 -5.86 44.33 -14.81
CA ARG E 262 -6.90 44.82 -15.72
C ARG E 262 -6.33 45.75 -16.78
N VAL E 263 -5.54 46.73 -16.35
CA VAL E 263 -4.90 47.68 -17.26
C VAL E 263 -4.03 46.93 -18.28
N LEU E 264 -3.26 45.96 -17.79
CA LEU E 264 -2.33 45.20 -18.63
C LEU E 264 -3.06 44.34 -19.67
N VAL E 265 -4.18 43.75 -19.27
CA VAL E 265 -4.99 42.95 -20.20
C VAL E 265 -5.47 43.81 -21.37
N GLU E 266 -5.88 45.04 -21.09
CA GLU E 266 -6.28 45.96 -22.16
C GLU E 266 -5.14 46.29 -23.13
N ARG E 267 -3.94 46.51 -22.58
CA ARG E 267 -2.78 46.78 -23.41
C ARG E 267 -2.46 45.57 -24.29
N LEU E 268 -2.49 44.38 -23.70
CA LEU E 268 -2.25 43.16 -24.44
C LEU E 268 -3.28 42.97 -25.56
N ARG E 269 -4.55 43.24 -25.24
CA ARG E 269 -5.60 43.07 -26.23
C ARG E 269 -5.39 44.01 -27.43
N ALA E 270 -4.85 45.19 -27.16
CA ALA E 270 -4.60 46.18 -28.20
C ALA E 270 -3.37 45.88 -29.08
N SER E 271 -2.54 44.91 -28.67
CA SER E 271 -1.29 44.67 -29.40
C SER E 271 -1.44 43.67 -30.55
N PRO E 272 -0.98 44.06 -31.76
CA PRO E 272 -1.09 43.16 -32.92
C PRO E 272 -0.12 41.97 -32.86
N VAL E 273 0.79 41.94 -31.89
CA VAL E 273 1.70 40.81 -31.78
C VAL E 273 1.37 39.94 -30.56
N VAL E 274 0.11 40.02 -30.13
CA VAL E 274 -0.41 39.21 -29.04
C VAL E 274 -1.59 38.37 -29.53
N GLY E 275 -1.48 37.05 -29.35
CA GLY E 275 -2.55 36.13 -29.73
C GLY E 275 -3.52 35.90 -28.60
N ALA E 276 -3.64 34.64 -28.18
CA ALA E 276 -4.50 34.29 -27.06
C ALA E 276 -4.17 35.14 -25.84
N VAL E 277 -5.19 35.53 -25.09
CA VAL E 277 -5.01 36.23 -23.82
C VAL E 277 -5.84 35.54 -22.74
N HIS E 278 -5.19 35.10 -21.70
CA HIS E 278 -5.88 34.39 -20.64
C HIS E 278 -5.99 35.29 -19.42
N TYR E 279 -7.23 35.51 -18.98
CA TYR E 279 -7.51 36.28 -17.79
C TYR E 279 -8.90 35.90 -17.30
N PRO E 280 -9.00 35.38 -16.07
CA PRO E 280 -10.26 34.84 -15.55
C PRO E 280 -11.44 35.78 -15.69
N GLY E 281 -11.18 37.09 -15.66
CA GLY E 281 -12.25 38.06 -15.76
C GLY E 281 -12.62 38.55 -17.15
N LEU E 282 -11.94 38.07 -18.18
CA LEU E 282 -12.34 38.46 -19.54
C LEU E 282 -13.73 37.92 -19.82
N PRO E 283 -14.62 38.75 -20.38
CA PRO E 283 -16.01 38.32 -20.60
C PRO E 283 -16.14 36.98 -21.31
N GLU E 284 -15.24 36.69 -22.24
CA GLU E 284 -15.32 35.46 -23.01
C GLU E 284 -14.50 34.33 -22.39
N HIS E 285 -14.15 34.47 -21.11
CA HIS E 285 -13.41 33.43 -20.39
C HIS E 285 -14.16 32.11 -20.54
N PRO E 286 -13.42 30.99 -20.70
CA PRO E 286 -14.10 29.72 -20.95
C PRO E 286 -15.03 29.33 -19.81
N GLN E 287 -14.77 29.85 -18.62
CA GLN E 287 -15.69 29.64 -17.50
C GLN E 287 -16.19 30.95 -16.91
N HIS E 288 -16.76 31.82 -17.75
CA HIS E 288 -17.17 33.16 -17.31
C HIS E 288 -18.07 33.17 -16.08
N ALA E 289 -19.17 32.41 -16.16
CA ALA E 289 -20.12 32.30 -15.06
C ALA E 289 -19.48 31.82 -13.76
N VAL E 290 -18.67 30.77 -13.83
CA VAL E 290 -18.07 30.22 -12.62
C VAL E 290 -17.14 31.25 -11.96
N VAL E 291 -16.42 32.04 -12.75
CA VAL E 291 -15.65 33.13 -12.20
C VAL E 291 -16.52 34.05 -11.35
N LYS E 292 -17.58 34.56 -11.97
CA LYS E 292 -18.58 35.42 -11.34
C LYS E 292 -19.10 34.81 -10.03
N ALA E 293 -19.43 33.52 -10.07
CA ALA E 293 -20.09 32.84 -8.95
C ALA E 293 -19.19 32.55 -7.73
N GLN E 294 -17.87 32.51 -7.94
CA GLN E 294 -16.97 32.13 -6.85
C GLN E 294 -15.74 33.04 -6.67
N MSE E 295 -15.57 34.08 -7.48
CA MSE E 295 -14.52 35.08 -7.17
C MSE E 295 -15.06 36.51 -7.11
O MSE E 295 -15.99 36.87 -7.83
CB MSE E 295 -13.35 35.04 -8.18
CG MSE E 295 -12.98 36.44 -8.63
SE MSE E 295 -12.39 36.81 -10.42
CE MSE E 295 -10.54 36.13 -10.13
N SER E 296 -14.45 37.35 -6.25
CA SER E 296 -14.83 38.75 -6.20
C SER E 296 -14.15 39.69 -7.25
N ALA E 297 -12.93 39.39 -7.68
CA ALA E 297 -12.19 40.30 -8.58
C ALA E 297 -11.09 39.56 -9.38
N PRO E 298 -11.08 39.74 -10.71
CA PRO E 298 -10.37 39.07 -11.80
C PRO E 298 -9.01 38.43 -11.49
N GLY E 299 -8.44 38.74 -10.33
CA GLY E 299 -7.17 38.16 -9.93
C GLY E 299 -6.10 38.95 -10.64
N ALA E 300 -4.85 38.75 -10.28
CA ALA E 300 -3.79 39.47 -10.98
C ALA E 300 -2.69 38.56 -11.51
N ILE E 301 -3.08 37.45 -12.11
CA ILE E 301 -2.18 36.71 -12.98
C ILE E 301 -2.79 36.78 -14.38
N VAL E 302 -1.97 37.09 -15.38
CA VAL E 302 -2.39 37.11 -16.77
C VAL E 302 -1.47 36.13 -17.47
N SER E 303 -1.90 35.61 -18.62
CA SER E 303 -0.98 35.00 -19.58
C SER E 303 -1.43 35.24 -21.02
N PHE E 304 -0.49 35.21 -21.95
CA PHE E 304 -0.78 35.53 -23.33
C PHE E 304 0.24 34.92 -24.27
N ASP E 305 -0.16 34.71 -25.52
CA ASP E 305 0.76 34.20 -26.52
C ASP E 305 1.40 35.34 -27.31
N TYR E 306 2.73 35.39 -27.24
CA TYR E 306 3.51 36.38 -27.95
C TYR E 306 3.75 35.93 -29.39
N LEU E 307 3.50 36.81 -30.35
CA LEU E 307 3.60 36.46 -31.76
C LEU E 307 4.78 37.11 -32.44
N GLY E 308 5.47 38.01 -31.76
CA GLY E 308 6.55 38.78 -32.37
C GLY E 308 7.88 38.06 -32.43
N GLY E 309 7.90 36.78 -32.11
CA GLY E 309 9.13 36.00 -32.18
C GLY E 309 9.30 35.14 -30.95
N PRO E 310 10.52 34.63 -30.73
CA PRO E 310 10.75 33.77 -29.56
C PRO E 310 10.55 34.54 -28.26
N ALA E 311 10.18 33.82 -27.21
CA ALA E 311 9.96 34.42 -25.89
C ALA E 311 11.20 35.20 -25.43
N GLU E 312 12.39 34.66 -25.73
CA GLU E 312 13.68 35.29 -25.49
C GLU E 312 13.64 36.78 -25.78
N ARG E 313 13.34 37.10 -27.04
CA ARG E 313 13.27 38.46 -27.54
C ARG E 313 12.43 39.33 -26.61
N LEU E 314 11.22 38.87 -26.31
CA LEU E 314 10.33 39.60 -25.41
C LEU E 314 10.95 39.74 -24.00
N LEU E 315 11.39 38.61 -23.44
CA LEU E 315 12.01 38.61 -22.11
C LEU E 315 13.24 39.51 -21.98
N ASP E 316 13.95 39.68 -23.10
CA ASP E 316 15.15 40.52 -23.09
C ASP E 316 14.81 41.98 -22.80
N ARG E 317 13.63 42.41 -23.20
CA ARG E 317 13.32 43.83 -23.33
C ARG E 317 12.71 44.51 -22.10
N PHE E 318 12.19 43.74 -21.14
CA PHE E 318 11.63 44.35 -19.93
C PHE E 318 12.72 45.02 -19.09
N THR E 319 12.39 46.13 -18.41
CA THR E 319 13.28 46.63 -17.35
C THR E 319 12.53 47.01 -16.07
N LEU E 320 11.22 46.79 -16.06
CA LEU E 320 10.47 46.93 -14.81
C LEU E 320 10.07 45.53 -14.33
N PHE E 321 9.31 44.81 -15.15
CA PHE E 321 9.02 43.40 -14.87
C PHE E 321 10.33 42.63 -14.66
N THR E 322 10.36 41.77 -13.64
CA THR E 322 11.52 40.92 -13.37
C THR E 322 11.32 39.53 -13.97
N CYS E 323 12.26 39.09 -14.79
CA CYS E 323 12.17 37.76 -15.42
C CYS E 323 12.50 36.69 -14.39
N GLY E 324 11.47 36.15 -13.75
CA GLY E 324 11.71 35.10 -12.78
C GLY E 324 10.48 34.27 -12.51
N VAL E 325 10.67 33.23 -11.69
CA VAL E 325 9.55 32.44 -11.22
C VAL E 325 9.19 33.02 -9.86
N SER E 326 8.09 32.52 -9.30
CA SER E 326 7.38 33.07 -8.14
C SER E 326 6.38 34.08 -8.64
N LEU E 327 5.48 34.48 -7.74
CA LEU E 327 4.45 35.44 -8.04
C LEU E 327 3.75 35.80 -6.75
N GLY E 328 2.81 36.75 -6.85
CA GLY E 328 2.07 37.23 -5.70
C GLY E 328 2.72 38.45 -5.06
N GLY E 329 4.01 38.65 -5.32
CA GLY E 329 4.78 39.68 -4.63
C GLY E 329 4.57 41.13 -5.06
N VAL E 330 5.25 42.04 -4.36
CA VAL E 330 5.18 43.46 -4.67
C VAL E 330 5.96 43.80 -5.95
N HIS E 331 6.98 43.01 -6.28
CA HIS E 331 7.69 43.18 -7.54
C HIS E 331 6.97 42.40 -8.65
N SER E 332 6.59 43.08 -9.73
CA SER E 332 5.98 42.41 -10.88
C SER E 332 6.97 41.48 -11.57
N LEU E 333 6.49 40.32 -12.01
CA LEU E 333 7.38 39.31 -12.59
C LEU E 333 6.84 38.77 -13.92
N VAL E 334 7.75 38.32 -14.78
CA VAL E 334 7.38 37.67 -16.03
C VAL E 334 8.04 36.29 -16.14
N GLU E 335 7.27 35.32 -16.62
CA GLU E 335 7.78 33.98 -16.87
C GLU E 335 7.17 33.37 -18.13
N CYS E 336 8.00 32.70 -18.93
CA CYS E 336 7.49 31.95 -20.07
C CYS E 336 7.44 30.47 -19.69
N PRO E 337 6.38 30.04 -18.96
CA PRO E 337 6.32 28.73 -18.29
C PRO E 337 6.97 27.60 -19.07
N ALA E 338 6.97 27.73 -20.40
CA ALA E 338 7.73 26.82 -21.25
C ALA E 338 9.25 26.86 -21.00
N LEU E 339 9.80 28.03 -20.67
CA LEU E 339 11.27 28.14 -20.52
C LEU E 339 11.80 27.94 -19.08
N MSE E 340 10.93 28.04 -18.09
CA MSE E 340 11.40 28.10 -16.70
C MSE E 340 10.89 26.97 -15.87
O MSE E 340 11.52 26.60 -14.88
CB MSE E 340 10.96 29.37 -15.98
CG MSE E 340 11.42 30.57 -16.62
SE MSE E 340 10.69 30.75 -18.38
CE MSE E 340 11.70 32.44 -18.53
N THR E 341 9.73 26.44 -16.25
CA THR E 341 9.05 25.49 -15.39
C THR E 341 8.58 24.28 -16.18
N HIS E 342 8.10 24.52 -17.39
CA HIS E 342 7.61 23.43 -18.22
C HIS E 342 8.64 22.93 -19.24
N ARG E 343 9.91 23.21 -18.95
CA ARG E 343 11.02 22.51 -19.59
C ARG E 343 11.18 21.05 -19.10
N PRO E 344 11.15 20.81 -17.75
CA PRO E 344 11.35 19.43 -17.28
C PRO E 344 10.25 18.46 -17.72
N LEU E 345 9.00 18.96 -17.80
CA LEU E 345 7.94 18.25 -18.52
C LEU E 345 8.34 18.15 -19.99
N SER E 346 7.41 17.74 -20.85
CA SER E 346 7.80 17.55 -22.24
C SER E 346 7.13 18.51 -23.23
N ALA E 347 7.74 18.60 -24.41
CA ALA E 347 7.21 19.37 -25.53
C ALA E 347 5.79 18.93 -25.83
N GLU E 348 5.62 17.65 -26.13
CA GLU E 348 4.31 17.08 -26.39
C GLU E 348 3.36 17.23 -25.20
N ALA E 349 3.94 17.28 -23.99
CA ALA E 349 3.17 17.53 -22.76
C ALA E 349 2.67 18.98 -22.74
N ARG E 350 3.61 19.94 -22.66
CA ARG E 350 3.30 21.37 -22.89
C ARG E 350 2.23 21.50 -23.96
N ALA E 351 2.44 20.81 -25.08
CA ALA E 351 1.50 20.78 -26.19
C ALA E 351 0.13 20.25 -25.78
N ARG E 352 0.13 19.33 -24.82
CA ARG E 352 -1.09 18.69 -24.36
C ARG E 352 -1.64 19.59 -23.28
N ARG E 353 -0.71 20.19 -22.55
CA ARG E 353 -1.04 21.18 -21.56
C ARG E 353 -1.41 22.49 -22.24
N GLY E 354 -1.15 22.58 -23.54
CA GLY E 354 -1.52 23.76 -24.30
C GLY E 354 -0.71 24.98 -23.89
N ILE E 355 0.28 24.75 -23.03
CA ILE E 355 1.26 25.77 -22.74
C ILE E 355 2.14 25.89 -23.97
N GLY E 356 1.69 26.73 -24.92
CA GLY E 356 2.44 26.99 -26.12
C GLY E 356 3.87 27.43 -25.92
N GLU E 357 4.66 27.31 -26.98
CA GLU E 357 6.07 27.58 -26.92
C GLU E 357 6.39 29.05 -26.62
N SER E 358 5.50 29.95 -27.01
CA SER E 358 5.72 31.34 -26.69
C SER E 358 4.57 31.91 -25.83
N LEU E 359 4.02 31.06 -24.96
CA LEU E 359 3.11 31.57 -23.94
C LEU E 359 3.91 32.32 -22.89
N ILE E 360 3.42 33.49 -22.50
CA ILE E 360 4.07 34.33 -21.52
C ILE E 360 3.13 34.53 -20.33
N ARG E 361 3.66 34.40 -19.11
CA ARG E 361 2.85 34.65 -17.91
C ARG E 361 3.35 35.84 -17.12
N LEU E 362 2.44 36.72 -16.74
CA LEU E 362 2.74 37.89 -15.92
C LEU E 362 2.16 37.74 -14.52
N SER E 363 2.96 38.10 -13.53
CA SER E 363 2.49 38.21 -12.17
C SER E 363 2.63 39.66 -11.77
N VAL E 364 1.50 40.31 -11.50
CA VAL E 364 1.51 41.76 -11.35
C VAL E 364 1.78 42.16 -9.91
N GLY E 365 2.75 43.07 -9.74
CA GLY E 365 3.06 43.62 -8.44
C GLY E 365 2.29 44.91 -8.16
N ILE E 366 2.82 45.74 -7.27
CA ILE E 366 2.09 46.93 -6.86
C ILE E 366 2.72 48.21 -7.43
N GLU E 367 3.60 48.05 -8.41
CA GLU E 367 4.21 49.21 -9.07
C GLU E 367 3.14 50.07 -9.73
N ASP E 368 3.53 51.29 -10.11
CA ASP E 368 2.62 52.19 -10.83
C ASP E 368 2.11 51.52 -12.11
N PRO E 369 0.79 51.53 -12.33
CA PRO E 369 0.15 50.83 -13.45
C PRO E 369 0.64 51.33 -14.80
N GLN E 370 0.73 52.63 -14.96
CA GLN E 370 1.17 53.14 -16.24
C GLN E 370 2.64 52.82 -16.46
N ASP E 371 3.40 52.73 -15.36
CA ASP E 371 4.78 52.26 -15.46
C ASP E 371 4.85 50.81 -15.97
N LEU E 372 4.03 49.93 -15.43
CA LEU E 372 4.04 48.53 -15.87
C LEU E 372 3.49 48.40 -17.29
N ALA E 373 2.44 49.15 -17.60
CA ALA E 373 1.85 49.13 -18.94
C ALA E 373 2.86 49.68 -19.96
N GLU E 374 3.59 50.70 -19.56
CA GLU E 374 4.66 51.26 -20.38
C GLU E 374 5.68 50.19 -20.71
N ASP E 375 6.12 49.44 -19.69
CA ASP E 375 7.16 48.42 -19.83
C ASP E 375 6.72 47.30 -20.77
N LEU E 376 5.49 46.85 -20.59
CA LEU E 376 4.94 45.81 -21.44
C LEU E 376 4.88 46.23 -22.91
N SER E 377 4.35 47.43 -23.17
CA SER E 377 4.35 47.99 -24.53
C SER E 377 5.76 48.11 -25.11
N ARG E 378 6.71 48.64 -24.33
CA ARG E 378 8.10 48.66 -24.74
C ARG E 378 8.54 47.26 -25.17
N ALA E 379 8.32 46.29 -24.29
CA ALA E 379 8.75 44.91 -24.50
C ALA E 379 8.16 44.31 -25.77
N LEU E 380 6.85 44.48 -25.95
CA LEU E 380 6.19 44.10 -27.20
C LEU E 380 6.78 44.92 -28.37
N ALA E 381 5.99 45.85 -28.92
CA ALA E 381 6.44 46.81 -29.95
C ALA E 381 7.78 46.53 -30.64
N GLY F 6 45.01 25.53 7.43
CA GLY F 6 43.95 26.19 6.67
C GLY F 6 42.73 26.38 7.55
N MSE F 7 41.72 25.52 7.36
CA MSE F 7 40.63 25.25 8.31
C MSE F 7 40.92 23.94 9.11
O MSE F 7 40.64 22.84 8.61
CB MSE F 7 39.30 25.10 7.50
CG MSE F 7 38.35 26.30 7.35
SE MSE F 7 36.76 26.04 6.11
CE MSE F 7 37.84 25.60 4.57
N ARG F 8 41.51 24.02 10.33
CA ARG F 8 41.59 22.86 11.28
C ARG F 8 40.24 22.88 11.99
N PHE F 9 40.06 22.22 13.14
CA PHE F 9 38.67 22.15 13.69
C PHE F 9 37.93 23.47 13.92
N GLY F 10 38.33 24.18 14.96
CA GLY F 10 37.66 25.43 15.34
C GLY F 10 37.77 26.49 14.26
N THR F 11 38.75 26.34 13.38
CA THR F 11 38.86 27.16 12.19
C THR F 11 37.71 26.92 11.19
N ARG F 12 37.42 25.64 10.91
CA ARG F 12 36.32 25.33 9.99
C ARG F 12 35.02 25.90 10.54
N LEU F 13 34.90 25.87 11.87
CA LEU F 13 33.70 26.34 12.54
C LEU F 13 33.46 27.81 12.21
N VAL F 14 34.53 28.58 12.12
CA VAL F 14 34.44 30.01 11.90
C VAL F 14 34.41 30.36 10.42
N HIS F 15 35.15 29.61 9.61
CA HIS F 15 35.32 29.99 8.21
C HIS F 15 34.70 29.09 7.13
N GLY F 16 34.15 27.95 7.56
CA GLY F 16 33.51 27.03 6.63
C GLY F 16 32.29 27.62 5.95
N GLY F 17 32.31 27.65 4.62
CA GLY F 17 31.23 28.22 3.84
C GLY F 17 31.21 29.74 3.82
N ARG F 18 32.37 30.38 3.94
CA ARG F 18 32.38 31.84 3.93
C ARG F 18 32.81 32.41 2.58
N ARG F 19 32.00 32.19 1.55
CA ARG F 19 32.25 32.72 0.22
C ARG F 19 32.44 34.21 0.32
N PRO F 20 33.45 34.77 -0.34
CA PRO F 20 33.51 36.23 -0.22
C PRO F 20 32.31 36.89 -0.93
N SER F 21 32.18 38.21 -0.77
CA SER F 21 31.40 38.99 -1.72
C SER F 21 32.43 39.70 -2.59
N ALA F 22 32.23 39.72 -3.91
CA ALA F 22 33.05 40.62 -4.70
C ALA F 22 32.57 42.01 -4.31
N GLY F 23 33.42 43.01 -4.49
CA GLY F 23 33.13 44.31 -3.93
C GLY F 23 32.73 44.11 -2.49
N THR F 24 31.92 45.03 -1.97
CA THR F 24 31.65 45.17 -0.52
C THR F 24 32.50 44.38 0.49
N GLY F 25 32.79 43.10 0.23
CA GLY F 25 33.77 42.37 1.03
C GLY F 25 33.33 42.05 2.44
N ASP F 26 32.03 41.84 2.63
CA ASP F 26 31.47 41.48 3.94
C ASP F 26 32.23 40.30 4.52
N VAL F 27 32.65 40.40 5.78
CA VAL F 27 33.30 39.31 6.47
C VAL F 27 32.26 38.27 6.87
N VAL F 28 31.15 38.74 7.45
CA VAL F 28 30.00 37.90 7.67
C VAL F 28 29.14 38.02 6.41
N PRO F 29 28.93 36.90 5.69
CA PRO F 29 28.13 36.95 4.46
C PRO F 29 26.72 37.49 4.73
N PRO F 30 26.18 38.31 3.80
CA PRO F 30 24.85 38.87 3.99
C PRO F 30 23.75 37.81 3.99
N ILE F 31 22.63 38.10 4.65
CA ILE F 31 21.55 37.14 4.75
C ILE F 31 20.65 37.17 3.53
N HIS F 32 20.58 36.05 2.82
CA HIS F 32 19.84 35.96 1.57
C HIS F 32 18.39 35.56 1.80
N VAL F 33 17.53 36.54 2.03
CA VAL F 33 16.13 36.26 2.29
C VAL F 33 15.30 36.08 1.00
N SER F 34 15.81 36.59 -0.12
CA SER F 34 15.01 36.58 -1.36
C SER F 34 14.58 35.14 -1.74
N THR F 35 13.30 34.99 -2.03
CA THR F 35 12.76 33.73 -2.51
C THR F 35 12.94 33.64 -4.04
N THR F 36 13.14 34.80 -4.64
CA THR F 36 13.10 34.99 -6.10
C THR F 36 14.46 35.35 -6.72
N TYR F 37 14.63 35.07 -8.02
CA TYR F 37 15.88 35.43 -8.72
C TYR F 37 15.74 36.06 -10.11
N GLU F 38 16.46 37.17 -10.30
CA GLU F 38 16.60 37.80 -11.59
C GLU F 38 17.56 36.93 -12.40
N ARG F 39 17.05 35.80 -12.88
CA ARG F 39 17.94 34.80 -13.48
C ARG F 39 18.59 35.31 -14.77
N ARG F 40 18.07 36.40 -15.32
CA ARG F 40 18.66 37.01 -16.51
C ARG F 40 20.10 37.45 -16.27
N ALA F 41 20.50 37.61 -15.00
CA ALA F 41 21.89 37.99 -14.68
C ALA F 41 22.70 36.94 -13.92
N GLN F 42 22.55 35.68 -14.31
CA GLN F 42 23.52 34.67 -13.90
C GLN F 42 24.11 33.87 -15.06
N ASP F 43 25.43 33.96 -15.18
CA ASP F 43 26.19 33.04 -16.03
C ASP F 43 26.05 31.66 -15.39
N GLU F 44 26.00 30.62 -16.22
CA GLU F 44 25.74 29.26 -15.75
C GLU F 44 24.45 29.26 -14.92
N PRO F 45 23.32 29.55 -15.58
CA PRO F 45 22.02 30.05 -15.08
C PRO F 45 21.38 29.19 -13.98
N ARG F 46 21.66 29.51 -12.71
CA ARG F 46 21.35 28.57 -11.62
C ARG F 46 20.33 28.96 -10.51
N TYR F 47 20.42 30.16 -9.94
CA TYR F 47 19.46 30.54 -8.90
C TYR F 47 18.08 30.84 -9.49
N PHE F 48 17.08 30.07 -9.06
CA PHE F 48 15.73 30.17 -9.59
C PHE F 48 14.74 30.56 -8.50
N TYR F 49 14.68 29.73 -7.46
CA TYR F 49 13.62 29.81 -6.47
C TYR F 49 14.12 29.29 -5.14
N GLY F 50 13.64 29.92 -4.06
CA GLY F 50 14.17 29.71 -2.72
C GLY F 50 14.03 28.33 -2.10
N ARG F 51 12.96 27.61 -2.42
CA ARG F 51 12.85 26.24 -1.91
C ARG F 51 13.98 25.36 -2.46
N GLY F 52 14.36 25.60 -3.71
CA GLY F 52 15.48 24.90 -4.31
C GLY F 52 16.84 25.55 -4.07
N GLU F 53 16.94 26.86 -4.34
CA GLU F 53 18.23 27.55 -4.29
C GLU F 53 18.21 28.74 -3.30
N ASN F 54 19.19 28.77 -2.40
CA ASN F 54 19.40 29.90 -1.52
C ASN F 54 20.84 29.85 -1.02
N PRO F 55 21.60 30.95 -1.19
CA PRO F 55 23.01 30.96 -0.80
C PRO F 55 23.26 30.69 0.67
N THR F 56 22.67 31.47 1.57
CA THR F 56 22.93 31.41 3.02
C THR F 56 22.76 29.98 3.49
N ARG F 57 21.73 29.34 2.96
CA ARG F 57 21.50 27.94 3.25
C ARG F 57 22.71 27.10 2.85
N GLU F 58 23.20 27.30 1.63
CA GLU F 58 24.34 26.51 1.14
C GLU F 58 25.61 26.75 1.95
N GLU F 59 25.77 27.96 2.47
CA GLU F 59 26.92 28.27 3.34
C GLU F 59 26.87 27.44 4.63
N LEU F 60 25.71 27.33 5.25
CA LEU F 60 25.57 26.48 6.43
C LEU F 60 25.95 25.02 6.11
N GLU F 61 25.42 24.51 5.00
CA GLU F 61 25.78 23.17 4.54
C GLU F 61 27.28 23.01 4.30
N GLU F 62 27.91 23.98 3.63
CA GLU F 62 29.34 23.86 3.37
C GLU F 62 30.13 23.74 4.66
N CYS F 63 29.77 24.57 5.65
CA CYS F 63 30.38 24.49 6.97
C CYS F 63 30.23 23.11 7.60
N LEU F 64 29.00 22.62 7.69
CA LEU F 64 28.71 21.33 8.31
C LEU F 64 29.45 20.18 7.62
N ALA F 65 29.38 20.13 6.29
CA ALA F 65 30.13 19.17 5.51
C ALA F 65 31.64 19.23 5.86
N GLY F 66 32.17 20.44 5.90
CA GLY F 66 33.57 20.65 6.28
C GLY F 66 33.95 20.10 7.65
N LEU F 67 33.02 20.17 8.59
CA LEU F 67 33.27 19.68 9.95
C LEU F 67 33.54 18.18 10.01
N GLU F 68 33.22 17.45 8.94
CA GLU F 68 33.47 16.02 8.94
C GLU F 68 34.27 15.59 7.71
N ARG F 69 34.88 16.56 7.03
CA ARG F 69 35.66 16.33 5.83
C ARG F 69 34.89 15.56 4.77
N ALA F 70 33.60 15.86 4.65
CA ALA F 70 32.70 15.20 3.74
C ALA F 70 32.49 16.05 2.50
N PRO F 71 31.98 15.47 1.40
CA PRO F 71 31.69 16.35 0.27
C PRO F 71 30.26 16.92 0.25
N PHE F 72 29.39 16.46 1.14
CA PHE F 72 27.99 16.87 1.09
C PHE F 72 27.36 17.16 2.47
N ALA F 73 26.43 18.11 2.48
CA ALA F 73 25.51 18.27 3.60
C ALA F 73 24.22 18.94 3.13
N THR F 74 23.13 18.60 3.80
CA THR F 74 21.83 19.17 3.51
C THR F 74 21.19 19.60 4.84
N VAL F 75 20.61 20.79 4.87
CA VAL F 75 19.91 21.23 6.07
C VAL F 75 18.39 21.27 5.91
N PHE F 76 17.72 21.14 7.05
CA PHE F 76 16.28 20.93 7.08
C PHE F 76 15.62 21.80 8.15
N SER F 77 14.30 21.86 8.06
CA SER F 77 13.46 22.59 9.00
C SER F 77 13.57 22.12 10.46
N SER F 78 14.06 20.90 10.67
CA SER F 78 14.26 20.31 12.01
C SER F 78 15.02 18.99 11.92
N GLY F 79 15.45 18.47 13.07
CA GLY F 79 16.08 17.16 13.12
C GLY F 79 15.13 16.09 12.58
N GLN F 80 13.89 16.11 13.07
CA GLN F 80 12.83 15.20 12.58
C GLN F 80 12.72 15.20 11.06
N ALA F 81 12.83 16.38 10.45
CA ALA F 81 12.71 16.45 8.99
C ALA F 81 13.92 15.81 8.31
N ALA F 82 15.10 16.04 8.86
CA ALA F 82 16.33 15.38 8.39
C ALA F 82 16.17 13.86 8.46
N ALA F 83 15.67 13.39 9.58
CA ALA F 83 15.41 11.97 9.76
C ALA F 83 14.31 11.46 8.81
N ALA F 84 13.23 12.24 8.69
CA ALA F 84 12.12 11.86 7.82
C ALA F 84 12.58 11.65 6.39
N THR F 85 13.51 12.50 5.96
CA THR F 85 14.02 12.46 4.61
C THR F 85 14.80 11.18 4.33
N LEU F 86 15.72 10.84 5.24
CA LEU F 86 16.53 9.64 5.06
C LEU F 86 15.66 8.38 5.03
N LEU F 87 14.68 8.33 5.92
CA LEU F 87 13.78 7.18 6.00
C LEU F 87 12.90 7.01 4.77
N SER F 88 12.60 8.10 4.07
CA SER F 88 11.71 8.05 2.92
C SER F 88 12.33 7.20 1.82
N LEU F 89 13.65 7.12 1.84
CA LEU F 89 14.41 6.38 0.84
C LEU F 89 14.30 4.86 1.00
N VAL F 90 13.84 4.40 2.16
CA VAL F 90 13.57 2.98 2.39
C VAL F 90 12.25 2.56 1.73
N ARG F 91 12.27 1.49 0.95
CA ARG F 91 11.10 1.06 0.16
C ARG F 91 10.28 0.00 0.88
N PRO F 92 8.96 -0.08 0.60
CA PRO F 92 8.15 -1.11 1.26
C PRO F 92 8.76 -2.49 1.06
N GLY F 93 8.72 -3.31 2.11
CA GLY F 93 9.30 -4.64 2.03
C GLY F 93 10.74 -4.68 2.50
N GLN F 94 11.45 -3.56 2.36
CA GLN F 94 12.80 -3.45 2.92
C GLN F 94 12.75 -3.30 4.42
N CYS F 95 13.88 -3.53 5.08
CA CYS F 95 13.94 -3.49 6.54
C CYS F 95 14.91 -2.46 7.04
N VAL F 96 14.48 -1.72 8.06
CA VAL F 96 15.37 -0.85 8.79
C VAL F 96 15.74 -1.57 10.08
N VAL F 97 16.99 -1.44 10.49
CA VAL F 97 17.38 -1.89 11.81
C VAL F 97 17.75 -0.73 12.73
N SER F 98 17.09 -0.69 13.89
CA SER F 98 17.43 0.28 14.91
C SER F 98 17.49 -0.37 16.28
N THR F 99 17.15 0.39 17.32
CA THR F 99 17.43 -0.07 18.68
C THR F 99 16.46 0.18 19.83
N ASP F 100 15.31 0.81 19.61
CA ASP F 100 14.36 1.12 20.72
C ASP F 100 14.99 2.08 21.73
N ASP F 101 16.30 1.95 21.86
CA ASP F 101 17.16 2.97 22.38
C ASP F 101 16.84 4.35 21.81
N VAL F 102 16.35 4.40 20.57
CA VAL F 102 16.28 5.69 19.87
C VAL F 102 15.20 6.67 20.34
N TYR F 103 15.47 7.94 20.06
CA TYR F 103 14.54 9.04 20.26
C TYR F 103 13.12 8.72 19.81
N ALA F 104 12.15 9.06 20.64
CA ALA F 104 10.76 8.76 20.34
C ALA F 104 10.35 9.38 19.00
N GLY F 105 11.08 10.42 18.58
CA GLY F 105 10.81 11.05 17.29
C GLY F 105 11.08 10.08 16.14
N THR F 106 12.24 9.44 16.19
CA THR F 106 12.56 8.36 15.27
C THR F 106 11.47 7.28 15.34
N ASP F 107 11.18 6.81 16.55
CA ASP F 107 10.12 5.79 16.73
C ASP F 107 8.81 6.33 16.16
N GLY F 108 8.60 7.64 16.33
CA GLY F 108 7.49 8.31 15.67
C GLY F 108 7.64 8.19 14.17
N LEU F 109 8.82 8.48 13.66
CA LEU F 109 9.09 8.34 12.23
C LEU F 109 9.12 6.87 11.78
N PHE F 110 9.42 5.95 12.70
CA PHE F 110 9.40 4.52 12.37
C PHE F 110 7.99 3.99 12.19
N ASP F 111 7.06 4.48 13.00
CA ASP F 111 5.65 4.10 12.90
C ASP F 111 5.12 4.24 11.49
N LEU F 112 5.11 5.48 11.02
CA LEU F 112 4.52 5.79 9.71
C LEU F 112 5.19 4.98 8.60
N ALA F 113 6.51 4.84 8.69
CA ALA F 113 7.24 4.00 7.75
C ALA F 113 6.67 2.58 7.66
N ALA F 114 6.45 1.94 8.81
CA ALA F 114 5.87 0.60 8.86
C ALA F 114 4.47 0.58 8.25
N ARG F 115 3.77 1.71 8.35
CA ARG F 115 2.42 1.84 7.84
C ARG F 115 2.47 1.89 6.32
N GLN F 116 3.63 2.24 5.78
CA GLN F 116 3.75 2.37 4.34
C GLN F 116 4.34 1.10 3.73
N GLY F 117 4.89 0.23 4.57
CA GLY F 117 5.36 -1.05 4.12
C GLY F 117 6.77 -1.44 4.59
N VAL F 118 7.41 -0.56 5.34
CA VAL F 118 8.77 -0.81 5.84
C VAL F 118 8.78 -1.79 7.02
N ARG F 119 9.70 -2.74 7.00
CA ARG F 119 9.86 -3.68 8.13
C ARG F 119 10.82 -3.09 9.17
N VAL F 120 10.33 -2.92 10.40
CA VAL F 120 11.11 -2.28 11.46
C VAL F 120 11.66 -3.28 12.46
N ARG F 121 12.85 -3.01 13.02
CA ARG F 121 13.43 -3.86 14.04
C ARG F 121 14.43 -3.15 14.95
N TYR F 122 14.14 -3.18 16.23
CA TYR F 122 15.05 -2.62 17.22
C TYR F 122 15.82 -3.75 17.87
N ALA F 123 16.90 -3.41 18.57
CA ALA F 123 17.65 -4.40 19.33
C ALA F 123 18.73 -3.83 20.22
N ASP F 124 19.55 -4.75 20.72
CA ASP F 124 20.80 -4.47 21.38
C ASP F 124 21.82 -4.48 20.25
N LEU F 125 22.55 -3.38 20.07
CA LEU F 125 23.67 -3.37 19.14
C LEU F 125 25.00 -3.26 19.89
N THR F 126 25.13 -4.01 20.98
CA THR F 126 26.32 -3.94 21.83
C THR F 126 27.00 -5.29 22.04
N THR F 127 26.26 -6.37 21.86
CA THR F 127 26.84 -7.70 22.02
C THR F 127 26.95 -8.38 20.67
N PRO F 128 28.09 -9.02 20.41
CA PRO F 128 28.31 -9.76 19.16
C PRO F 128 27.08 -10.58 18.78
N GLU F 129 26.55 -11.36 19.73
CA GLU F 129 25.26 -12.03 19.51
C GLU F 129 24.22 -11.02 19.04
N GLY F 130 23.99 -9.98 19.83
CA GLY F 130 22.93 -9.03 19.59
C GLY F 130 23.07 -8.27 18.29
N ILE F 131 24.31 -7.83 18.01
CA ILE F 131 24.59 -7.21 16.73
C ILE F 131 24.28 -8.18 15.60
N ALA F 132 24.83 -9.39 15.67
CA ALA F 132 24.73 -10.37 14.60
C ALA F 132 23.29 -10.83 14.35
N ALA F 133 22.43 -10.57 15.32
CA ALA F 133 21.05 -11.01 15.24
C ALA F 133 20.14 -9.91 14.72
N ALA F 134 20.53 -8.66 14.95
CA ALA F 134 19.81 -7.56 14.36
C ALA F 134 20.17 -7.46 12.88
N LEU F 135 21.25 -8.12 12.49
CA LEU F 135 21.71 -8.00 11.11
C LEU F 135 21.32 -9.19 10.24
N ALA F 136 20.64 -10.17 10.84
CA ALA F 136 20.17 -11.32 10.09
C ALA F 136 19.02 -10.95 9.15
N GLU F 137 18.21 -9.98 9.57
CA GLU F 137 17.03 -9.51 8.84
C GLU F 137 17.21 -9.40 7.33
N PRO F 138 16.33 -10.08 6.56
CA PRO F 138 16.34 -10.00 5.10
C PRO F 138 15.95 -8.61 4.61
N ASP F 139 16.47 -8.23 3.44
CA ASP F 139 16.23 -6.92 2.84
C ASP F 139 16.54 -5.75 3.80
N LEU F 140 17.72 -5.84 4.41
CA LEU F 140 18.21 -4.81 5.31
C LEU F 140 18.62 -3.55 4.53
N ALA F 141 17.95 -2.44 4.77
CA ALA F 141 18.26 -1.21 4.05
C ALA F 141 19.03 -0.19 4.89
N LEU F 142 18.76 -0.17 6.19
CA LEU F 142 19.28 0.89 7.03
C LEU F 142 19.49 0.40 8.46
N VAL F 143 20.66 0.72 9.01
CA VAL F 143 20.95 0.49 10.42
C VAL F 143 21.00 1.86 11.09
N TRP F 144 20.10 2.08 12.04
CA TRP F 144 19.92 3.38 12.65
C TRP F 144 20.53 3.38 14.04
N ILE F 145 21.69 3.99 14.16
CA ILE F 145 22.39 4.06 15.43
C ILE F 145 22.25 5.44 16.00
N GLU F 146 22.02 5.52 17.30
CA GLU F 146 22.05 6.79 18.00
C GLU F 146 22.97 6.52 19.17
N THR F 147 24.08 7.27 19.29
CA THR F 147 25.05 6.95 20.32
C THR F 147 25.84 8.16 20.79
N PRO F 148 25.86 8.41 22.12
CA PRO F 148 25.19 7.70 23.24
C PRO F 148 23.66 7.69 23.09
N THR F 149 22.97 6.76 23.77
CA THR F 149 21.53 6.57 23.64
C THR F 149 20.69 7.10 24.81
N ASN F 150 20.18 8.32 24.66
CA ASN F 150 19.25 8.93 25.61
C ASN F 150 18.14 7.97 26.01
N PRO F 151 17.82 7.89 27.34
CA PRO F 151 18.46 8.64 28.43
C PRO F 151 19.48 7.85 29.26
N LEU F 152 19.68 6.56 29.02
CA LEU F 152 20.63 5.80 29.84
C LEU F 152 22.07 5.93 29.31
N LEU F 153 22.19 6.50 28.12
CA LEU F 153 23.48 6.90 27.54
C LEU F 153 24.40 5.75 27.10
N THR F 154 23.86 4.56 26.91
CA THR F 154 24.73 3.47 26.49
C THR F 154 25.16 3.66 25.03
N VAL F 155 26.20 2.93 24.60
CA VAL F 155 26.90 3.33 23.38
C VAL F 155 27.16 2.16 22.43
N VAL F 156 26.93 2.39 21.15
CA VAL F 156 27.09 1.36 20.14
C VAL F 156 28.39 1.60 19.35
N ASP F 157 29.13 0.53 19.08
CA ASP F 157 30.39 0.58 18.35
C ASP F 157 30.10 0.82 16.88
N VAL F 158 30.25 2.08 16.46
CA VAL F 158 29.92 2.48 15.10
C VAL F 158 30.76 1.75 14.05
N ALA F 159 32.07 1.68 14.27
CA ALA F 159 32.97 1.03 13.31
C ALA F 159 32.61 -0.44 13.12
N GLU F 160 32.35 -1.14 14.23
CA GLU F 160 32.02 -2.56 14.17
C GLU F 160 30.68 -2.82 13.49
N VAL F 161 29.66 -2.08 13.91
CA VAL F 161 28.34 -2.25 13.33
C VAL F 161 28.38 -1.94 11.83
N SER F 162 29.14 -0.92 11.46
CA SER F 162 29.24 -0.52 10.06
C SER F 162 29.90 -1.58 9.17
N ARG F 163 31.09 -2.06 9.58
CA ARG F 163 31.76 -3.10 8.81
C ARG F 163 30.84 -4.30 8.57
N ARG F 164 30.08 -4.69 9.59
CA ARG F 164 29.16 -5.81 9.48
C ARG F 164 27.98 -5.42 8.59
N ALA F 165 27.43 -4.22 8.81
CA ALA F 165 26.27 -3.78 8.03
C ALA F 165 26.58 -3.66 6.54
N HIS F 166 27.77 -3.20 6.21
CA HIS F 166 28.17 -3.03 4.82
C HIS F 166 28.38 -4.35 4.06
N GLU F 167 28.63 -5.43 4.80
CA GLU F 167 28.72 -6.76 4.20
C GLU F 167 27.38 -7.09 3.55
N ARG F 168 26.31 -6.54 4.12
CA ARG F 168 24.96 -6.67 3.58
C ARG F 168 24.68 -5.52 2.61
N GLY F 169 25.67 -4.68 2.36
CA GLY F 169 25.56 -3.58 1.41
C GLY F 169 24.77 -2.38 1.90
N ALA F 170 24.28 -2.48 3.12
CA ALA F 170 23.29 -1.55 3.64
C ALA F 170 23.88 -0.20 4.02
N ARG F 171 23.01 0.80 4.14
CA ARG F 171 23.38 2.12 4.61
C ARG F 171 23.39 2.12 6.14
N VAL F 172 24.32 2.87 6.72
CA VAL F 172 24.42 3.06 8.16
C VAL F 172 24.27 4.54 8.51
N VAL F 173 23.23 4.89 9.25
CA VAL F 173 23.11 6.26 9.76
C VAL F 173 23.45 6.30 11.24
N VAL F 174 24.18 7.33 11.64
CA VAL F 174 24.35 7.63 13.05
C VAL F 174 23.69 8.96 13.41
N ASP F 175 22.76 8.92 14.35
CA ASP F 175 22.25 10.16 14.90
C ASP F 175 23.32 10.63 15.89
N ASN F 176 23.94 11.75 15.58
CA ASN F 176 25.10 12.24 16.32
C ASN F 176 24.78 13.55 17.04
N THR F 177 23.49 13.85 17.19
CA THR F 177 23.05 15.10 17.79
C THR F 177 23.65 15.30 19.18
N PHE F 178 23.50 14.27 20.01
CA PHE F 178 23.94 14.27 21.40
C PHE F 178 25.46 14.52 21.50
N ALA F 179 26.25 13.91 20.64
CA ALA F 179 27.70 14.06 20.75
C ALA F 179 28.28 15.29 20.02
N SER F 180 27.64 15.72 18.92
CA SER F 180 28.16 16.75 18.00
C SER F 180 29.41 16.27 17.24
N PRO F 181 29.72 16.90 16.09
CA PRO F 181 30.95 16.55 15.35
C PRO F 181 32.23 16.88 16.13
N VAL F 182 32.12 17.71 17.16
CA VAL F 182 33.26 18.04 18.01
C VAL F 182 33.76 16.81 18.76
N LEU F 183 32.84 15.94 19.17
CA LEU F 183 33.21 14.82 20.04
C LEU F 183 33.24 13.46 19.33
N GLN F 184 32.49 13.32 18.25
CA GLN F 184 32.32 12.05 17.55
C GLN F 184 32.20 12.28 16.05
N GLN F 185 32.90 11.47 15.26
CA GLN F 185 32.93 11.61 13.80
C GLN F 185 32.44 10.34 13.11
N PRO F 186 31.12 10.20 12.93
CA PRO F 186 30.52 8.97 12.39
C PRO F 186 31.05 8.54 11.02
N LEU F 187 31.24 9.48 10.11
CA LEU F 187 31.76 9.16 8.79
C LEU F 187 33.16 8.56 8.90
N ALA F 188 34.02 9.16 9.71
CA ALA F 188 35.38 8.62 9.90
C ALA F 188 35.34 7.25 10.57
N LEU F 189 34.29 6.99 11.35
CA LEU F 189 34.13 5.71 12.04
C LEU F 189 33.57 4.61 11.12
N GLY F 190 32.98 4.99 10.00
CA GLY F 190 32.46 4.00 9.08
C GLY F 190 31.04 4.24 8.58
N ALA F 191 30.30 5.09 9.28
CA ALA F 191 28.95 5.46 8.87
C ALA F 191 28.90 6.02 7.45
N ASP F 192 27.73 5.94 6.85
CA ASP F 192 27.50 6.53 5.54
C ASP F 192 26.87 7.91 5.69
N VAL F 193 26.11 8.09 6.77
CA VAL F 193 25.41 9.34 7.03
C VAL F 193 25.55 9.73 8.50
N SER F 194 25.79 11.02 8.74
CA SER F 194 25.64 11.59 10.07
C SER F 194 24.34 12.40 10.08
N LEU F 195 23.51 12.17 11.08
CA LEU F 195 22.24 12.89 11.24
C LEU F 195 22.28 13.79 12.46
N TYR F 196 21.89 15.05 12.30
CA TYR F 196 21.93 16.01 13.41
C TYR F 196 20.64 16.79 13.55
N SER F 197 20.12 16.87 14.77
CA SER F 197 19.16 17.91 15.11
C SER F 197 19.90 19.18 15.54
N THR F 198 20.13 20.09 14.59
CA THR F 198 20.88 21.31 14.87
C THR F 198 20.17 22.19 15.90
N THR F 199 18.90 21.91 16.16
CA THR F 199 18.15 22.51 17.26
C THR F 199 18.96 22.52 18.56
N1 LLP F 200 17.48 13.16 17.59
C2 LLP F 200 17.97 13.52 18.77
C2' LLP F 200 19.09 12.67 19.43
C3 LLP F 200 17.47 14.69 19.40
O3 LLP F 200 18.01 15.04 20.63
C4 LLP F 200 16.47 15.45 18.81
C4' LLP F 200 15.90 16.79 19.53
C5 LLP F 200 15.95 15.06 17.60
C6 LLP F 200 16.45 13.90 16.97
C5' LLP F 200 14.81 15.83 16.86
OP4 LLP F 200 15.21 17.05 16.29
P LLP F 200 14.20 18.23 16.23
OP1 LLP F 200 15.03 19.47 15.83
OP2 LLP F 200 13.16 17.96 15.20
OP3 LLP F 200 13.54 18.37 17.55
N LLP F 200 19.81 21.51 18.70
CA LLP F 200 20.47 21.25 19.98
CB LLP F 200 20.46 19.75 20.16
CG LLP F 200 19.06 19.20 19.81
CD LLP F 200 18.08 19.37 20.99
CE LLP F 200 16.69 18.76 20.70
NZ LLP F 200 16.81 17.29 20.51
C LLP F 200 21.81 21.91 19.97
O LLP F 200 21.88 23.06 19.57
N SER F 201 22.87 21.23 20.38
CA SER F 201 24.18 21.89 20.58
C SER F 201 24.78 22.60 19.36
N ILE F 202 24.37 22.26 18.15
CA ILE F 202 24.97 22.93 16.99
C ILE F 202 24.55 24.43 16.97
N ALA F 203 23.26 24.70 16.86
CA ALA F 203 22.76 26.06 17.00
C ALA F 203 23.18 26.56 18.38
N GLY F 204 22.93 25.75 19.39
CA GLY F 204 23.48 25.95 20.72
C GLY F 204 22.76 26.91 21.66
N HIS F 205 21.96 27.82 21.13
CA HIS F 205 21.37 28.87 21.96
C HIS F 205 19.86 28.78 22.18
N ALA F 206 19.27 27.64 21.83
CA ALA F 206 17.85 27.38 22.08
C ALA F 206 16.92 28.41 21.45
N ASP F 207 17.31 28.94 20.30
CA ASP F 207 16.53 30.03 19.70
C ASP F 207 16.16 29.77 18.23
N VAL F 208 16.29 28.52 17.82
CA VAL F 208 16.00 28.13 16.45
C VAL F 208 15.97 26.61 16.27
N LEU F 209 15.09 26.13 15.40
CA LEU F 209 15.01 24.71 15.11
C LEU F 209 15.70 24.42 13.78
N GLY F 210 16.36 23.27 13.69
CA GLY F 210 16.91 22.83 12.41
C GLY F 210 17.41 21.39 12.42
N GLY F 211 17.64 20.84 11.22
CA GLY F 211 18.18 19.51 11.05
C GLY F 211 19.26 19.46 9.97
N ALA F 212 20.07 18.41 9.99
CA ALA F 212 21.13 18.26 9.00
C ALA F 212 21.42 16.80 8.70
N LEU F 213 21.82 16.53 7.46
CA LEU F 213 22.43 15.27 7.08
C LEU F 213 23.78 15.58 6.46
N VAL F 214 24.81 14.87 6.89
CA VAL F 214 26.15 15.02 6.34
C VAL F 214 26.57 13.63 5.85
N TYR F 215 27.08 13.55 4.63
CA TYR F 215 27.27 12.27 3.96
C TYR F 215 28.23 12.41 2.77
N ARG F 216 28.52 11.30 2.12
CA ARG F 216 29.49 11.29 1.03
C ARG F 216 28.96 10.74 -0.30
N ASP F 217 27.95 9.88 -0.25
CA ASP F 217 27.38 9.25 -1.46
C ASP F 217 26.75 10.27 -2.40
N ALA F 218 27.22 10.33 -3.64
CA ALA F 218 26.63 11.23 -4.63
C ALA F 218 25.17 10.92 -4.96
N ASP F 219 24.84 9.64 -5.15
CA ASP F 219 23.45 9.23 -5.39
C ASP F 219 22.55 9.60 -4.25
N LEU F 220 23.06 9.43 -3.04
CA LEU F 220 22.29 9.78 -1.85
C LEU F 220 21.99 11.29 -1.83
N HIS F 221 22.98 12.09 -2.21
CA HIS F 221 22.82 13.53 -2.32
C HIS F 221 21.67 13.90 -3.24
N ALA F 222 21.67 13.32 -4.44
CA ALA F 222 20.63 13.58 -5.42
C ALA F 222 19.25 13.22 -4.87
N ALA F 223 19.14 12.07 -4.20
CA ALA F 223 17.85 11.62 -3.68
C ALA F 223 17.38 12.47 -2.50
N VAL F 224 18.32 12.82 -1.61
CA VAL F 224 18.03 13.69 -0.47
C VAL F 224 17.57 15.08 -0.94
N ARG F 225 18.24 15.62 -1.93
CA ARG F 225 17.88 16.96 -2.45
C ARG F 225 16.55 16.94 -3.21
N ALA F 226 16.30 15.90 -4.00
CA ALA F 226 15.03 15.80 -4.70
C ALA F 226 13.89 15.68 -3.68
N TYR F 227 14.16 15.01 -2.58
CA TYR F 227 13.10 14.86 -1.58
C TYR F 227 12.83 16.16 -0.83
N ARG F 228 13.88 16.89 -0.45
CA ARG F 228 13.69 18.14 0.26
C ARG F 228 12.97 19.13 -0.64
N THR F 229 13.32 19.12 -1.92
CA THR F 229 12.65 19.91 -2.95
C THR F 229 11.15 19.68 -2.90
N THR F 230 10.76 18.41 -2.88
CA THR F 230 9.37 18.03 -3.11
C THR F 230 8.57 18.13 -1.82
N ALA F 231 9.14 17.64 -0.72
CA ALA F 231 8.48 17.65 0.58
C ALA F 231 8.45 19.07 1.18
N GLY F 232 9.42 19.89 0.79
CA GLY F 232 9.44 21.27 1.23
C GLY F 232 9.78 21.44 2.70
N ASN F 233 10.53 20.50 3.27
CA ASN F 233 10.94 20.60 4.67
C ASN F 233 12.24 21.37 4.78
N VAL F 234 12.24 22.56 4.18
CA VAL F 234 13.47 23.30 3.94
C VAL F 234 13.53 24.49 4.91
N PRO F 235 14.72 24.79 5.47
CA PRO F 235 14.75 25.92 6.42
C PRO F 235 14.85 27.28 5.75
N GLY F 236 14.29 28.31 6.41
CA GLY F 236 14.40 29.65 5.89
C GLY F 236 15.77 30.26 6.15
N ALA F 237 16.02 31.38 5.49
CA ALA F 237 17.35 31.99 5.50
C ALA F 237 17.76 32.55 6.87
N LEU F 238 16.85 33.25 7.53
CA LEU F 238 17.13 33.77 8.86
C LEU F 238 17.56 32.67 9.83
N ASP F 239 16.83 31.55 9.81
CA ASP F 239 17.18 30.42 10.67
C ASP F 239 18.54 29.79 10.36
N CYS F 240 18.84 29.64 9.08
CA CYS F 240 20.18 29.18 8.72
C CYS F 240 21.25 30.15 9.21
N PHE F 241 20.91 31.43 9.26
CA PHE F 241 21.82 32.42 9.84
C PHE F 241 22.05 32.22 11.34
N LEU F 242 21.00 31.97 12.11
CA LEU F 242 21.16 31.74 13.54
C LEU F 242 21.93 30.46 13.85
N VAL F 243 21.71 29.41 13.04
CA VAL F 243 22.41 28.15 13.23
C VAL F 243 23.89 28.32 12.94
N ARG F 244 24.19 28.99 11.82
CA ARG F 244 25.58 29.22 11.43
C ARG F 244 26.26 30.09 12.46
N ARG F 245 25.51 31.05 13.00
CA ARG F 245 26.05 32.02 13.93
C ARG F 245 26.41 31.31 15.23
N GLY F 246 25.51 30.47 15.72
CA GLY F 246 25.78 29.71 16.93
C GLY F 246 26.91 28.73 16.73
N LEU F 247 27.02 28.23 15.50
CA LEU F 247 28.03 27.24 15.12
C LEU F 247 29.45 27.69 15.43
N HIS F 248 29.72 28.99 15.31
CA HIS F 248 31.08 29.52 15.51
C HIS F 248 31.69 29.05 16.84
N THR F 249 30.86 29.02 17.88
CA THR F 249 31.37 28.75 19.22
C THR F 249 31.24 27.30 19.68
N LEU F 250 30.65 26.45 18.84
CA LEU F 250 30.36 25.05 19.20
C LEU F 250 31.45 24.28 19.97
N SER F 251 32.70 24.39 19.53
CA SER F 251 33.76 23.66 20.20
C SER F 251 34.04 24.23 21.60
N LEU F 252 34.08 25.56 21.72
CA LEU F 252 34.23 26.22 23.01
C LEU F 252 33.10 25.83 23.97
N ARG F 253 31.86 25.90 23.49
CA ARG F 253 30.71 25.54 24.32
C ARG F 253 30.76 24.06 24.74
N VAL F 254 30.98 23.19 23.77
CA VAL F 254 31.03 21.75 24.00
C VAL F 254 32.08 21.43 25.05
N HIS F 255 33.26 22.02 24.91
CA HIS F 255 34.32 21.71 25.86
C HIS F 255 34.06 22.29 27.26
N ARG F 256 33.40 23.42 27.32
CA ARG F 256 32.93 23.97 28.60
C ARG F 256 31.90 23.02 29.19
N GLN F 257 30.99 22.54 28.34
CA GLN F 257 29.94 21.63 28.77
C GLN F 257 30.49 20.30 29.31
N VAL F 258 31.49 19.75 28.64
CA VAL F 258 32.11 18.50 29.10
C VAL F 258 32.77 18.68 30.47
N ALA F 259 33.59 19.72 30.59
CA ALA F 259 34.35 19.97 31.82
C ALA F 259 33.41 20.08 33.02
N THR F 260 32.27 20.75 32.83
CA THR F 260 31.34 20.95 33.92
C THR F 260 30.57 19.67 34.22
N ALA F 261 30.30 18.88 33.18
CA ALA F 261 29.71 17.56 33.36
C ALA F 261 30.55 16.69 34.31
N ARG F 262 31.87 16.65 34.12
CA ARG F 262 32.76 15.88 35.00
C ARG F 262 32.63 16.37 36.44
N VAL F 263 32.59 17.69 36.61
CA VAL F 263 32.39 18.29 37.92
C VAL F 263 31.10 17.75 38.56
N LEU F 264 29.99 17.80 37.82
CA LEU F 264 28.70 17.34 38.36
C LEU F 264 28.66 15.84 38.69
N VAL F 265 29.31 15.03 37.86
CA VAL F 265 29.40 13.59 38.11
C VAL F 265 30.06 13.28 39.46
N GLU F 266 31.13 14.01 39.81
CA GLU F 266 31.77 13.85 41.12
C GLU F 266 30.81 14.23 42.22
N ARG F 267 30.14 15.37 42.05
CA ARG F 267 29.16 15.82 43.02
C ARG F 267 28.09 14.74 43.23
N LEU F 268 27.59 14.17 42.14
CA LEU F 268 26.55 13.14 42.20
C LEU F 268 27.01 11.88 42.93
N ARG F 269 28.20 11.42 42.60
CA ARG F 269 28.71 10.15 43.11
C ARG F 269 28.83 10.16 44.63
N ALA F 270 29.00 11.33 45.22
CA ALA F 270 29.17 11.45 46.66
C ALA F 270 27.87 11.77 47.42
N SER F 271 26.78 12.00 46.69
CA SER F 271 25.51 12.29 47.34
C SER F 271 24.79 11.03 47.83
N PRO F 272 24.39 11.00 49.12
CA PRO F 272 23.72 9.82 49.66
C PRO F 272 22.28 9.63 49.17
N VAL F 273 21.77 10.55 48.33
CA VAL F 273 20.45 10.34 47.75
C VAL F 273 20.53 10.10 46.24
N VAL F 274 21.70 9.65 45.80
CA VAL F 274 21.90 9.29 44.40
C VAL F 274 22.29 7.81 44.33
N GLY F 275 21.73 7.09 43.37
CA GLY F 275 22.10 5.70 43.16
C GLY F 275 23.05 5.58 41.98
N ALA F 276 22.68 4.76 41.01
CA ALA F 276 23.41 4.64 39.75
C ALA F 276 23.68 6.02 39.15
N VAL F 277 24.86 6.19 38.59
CA VAL F 277 25.19 7.39 37.85
C VAL F 277 25.58 6.99 36.44
N HIS F 278 24.93 7.60 35.44
CA HIS F 278 25.20 7.25 34.06
C HIS F 278 25.96 8.36 33.36
N TYR F 279 27.21 8.08 33.00
CA TYR F 279 28.02 9.04 32.26
C TYR F 279 29.03 8.24 31.46
N PRO F 280 29.13 8.53 30.15
CA PRO F 280 30.10 7.80 29.33
C PRO F 280 31.50 7.95 29.89
N GLY F 281 31.81 9.12 30.43
CA GLY F 281 33.12 9.37 30.99
C GLY F 281 33.54 8.45 32.11
N LEU F 282 32.56 7.98 32.90
CA LEU F 282 32.84 7.09 34.02
C LEU F 282 33.61 5.85 33.55
N PRO F 283 34.61 5.42 34.31
CA PRO F 283 35.49 4.36 33.78
C PRO F 283 34.94 2.95 33.93
N GLU F 284 33.97 2.75 34.82
CA GLU F 284 33.35 1.43 34.93
C GLU F 284 32.18 1.33 33.97
N HIS F 285 31.95 2.41 33.23
CA HIS F 285 30.89 2.45 32.22
C HIS F 285 30.93 1.23 31.31
N PRO F 286 29.80 0.53 31.18
CA PRO F 286 29.77 -0.79 30.51
C PRO F 286 30.43 -0.78 29.14
N GLN F 287 30.12 0.22 28.30
CA GLN F 287 30.78 0.31 27.01
C GLN F 287 31.95 1.31 26.98
N HIS F 288 32.71 1.35 28.07
CA HIS F 288 33.76 2.37 28.19
C HIS F 288 34.95 2.23 27.24
N ALA F 289 35.31 1.01 26.88
CA ALA F 289 36.37 0.79 25.90
C ALA F 289 35.97 1.36 24.52
N VAL F 290 34.68 1.27 24.20
CA VAL F 290 34.16 1.83 22.96
C VAL F 290 34.15 3.34 23.04
N VAL F 291 33.79 3.86 24.21
CA VAL F 291 33.89 5.28 24.51
C VAL F 291 35.28 5.86 24.19
N LYS F 292 36.33 5.18 24.62
CA LYS F 292 37.70 5.67 24.40
C LYS F 292 38.10 5.59 22.92
N ALA F 293 37.40 4.76 22.16
CA ALA F 293 37.76 4.58 20.76
C ALA F 293 36.99 5.54 19.84
N GLN F 294 35.83 6.03 20.26
CA GLN F 294 34.98 6.79 19.33
C GLN F 294 34.43 8.18 19.78
N MSE F 295 34.42 8.46 21.09
CA MSE F 295 34.02 9.77 21.62
C MSE F 295 35.29 10.53 22.08
O MSE F 295 35.98 10.07 22.99
CB MSE F 295 32.99 9.60 22.77
CG MSE F 295 32.19 10.87 23.23
SE MSE F 295 30.39 10.50 24.12
CE MSE F 295 30.44 8.70 23.61
N SER F 296 35.63 11.65 21.45
CA SER F 296 36.87 12.34 21.83
C SER F 296 36.79 12.91 23.26
N ALA F 297 35.58 13.03 23.77
CA ALA F 297 35.32 13.47 25.15
C ALA F 297 33.84 13.22 25.45
N PRO F 298 33.52 12.69 26.64
CA PRO F 298 32.27 12.02 27.01
C PRO F 298 30.98 12.87 27.09
N GLY F 299 30.96 14.04 26.48
CA GLY F 299 29.71 14.74 26.28
C GLY F 299 29.16 15.44 27.51
N ALA F 300 28.02 16.10 27.32
CA ALA F 300 27.48 17.04 28.29
C ALA F 300 26.17 16.56 28.92
N ILE F 301 25.85 15.29 28.74
CA ILE F 301 24.62 14.74 29.29
C ILE F 301 24.96 13.82 30.46
N VAL F 302 24.20 13.91 31.54
CA VAL F 302 24.44 13.07 32.72
C VAL F 302 23.11 12.59 33.28
N SER F 303 22.97 11.30 33.51
CA SER F 303 21.76 10.82 34.15
C SER F 303 22.06 10.04 35.42
N PHE F 304 21.13 10.04 36.36
CA PHE F 304 21.35 9.38 37.64
C PHE F 304 20.05 8.98 38.29
N ASP F 305 20.06 7.87 39.02
CA ASP F 305 18.91 7.48 39.83
C ASP F 305 18.91 8.35 41.07
N TYR F 306 17.73 8.88 41.41
CA TYR F 306 17.58 9.71 42.59
C TYR F 306 16.73 8.94 43.59
N LEU F 307 17.25 8.80 44.81
CA LEU F 307 16.58 8.01 45.85
C LEU F 307 15.96 8.93 46.89
N GLY F 308 15.86 10.21 46.57
CA GLY F 308 15.43 11.19 47.55
C GLY F 308 13.93 11.24 47.77
N GLY F 309 13.18 10.71 46.82
CA GLY F 309 11.73 10.78 46.83
C GLY F 309 11.20 10.99 45.43
N PRO F 310 9.99 11.57 45.31
CA PRO F 310 9.38 11.84 44.00
C PRO F 310 10.24 12.80 43.19
N ALA F 311 10.41 12.49 41.92
CA ALA F 311 11.26 13.28 41.04
C ALA F 311 10.80 14.73 40.95
N GLU F 312 9.50 14.93 40.85
CA GLU F 312 8.98 16.28 40.62
C GLU F 312 9.30 17.22 41.78
N ARG F 313 9.43 16.68 42.98
CA ARG F 313 9.81 17.52 44.10
C ARG F 313 11.25 18.03 43.96
N LEU F 314 12.15 17.12 43.63
CA LEU F 314 13.53 17.48 43.35
C LEU F 314 13.58 18.53 42.25
N LEU F 315 12.86 18.29 41.17
CA LEU F 315 12.76 19.23 40.05
C LEU F 315 12.42 20.63 40.51
N ASP F 316 11.47 20.73 41.44
CA ASP F 316 10.98 22.01 41.94
C ASP F 316 12.05 22.82 42.64
N ARG F 317 13.09 22.16 43.15
CA ARG F 317 14.07 22.83 43.98
C ARG F 317 15.16 23.57 43.17
N PHE F 318 15.33 23.21 41.90
CA PHE F 318 16.38 23.83 41.08
C PHE F 318 16.11 25.32 40.84
N THR F 319 17.08 26.18 41.14
CA THR F 319 16.92 27.60 40.86
C THR F 319 17.93 28.12 39.83
N LEU F 320 18.74 27.23 39.27
CA LEU F 320 19.61 27.61 38.19
C LEU F 320 19.38 26.70 36.98
N PHE F 321 19.48 25.40 37.18
CA PHE F 321 19.02 24.45 36.18
C PHE F 321 17.58 24.78 35.83
N THR F 322 17.28 24.81 34.54
CA THR F 322 15.92 25.04 34.10
C THR F 322 15.23 23.70 33.87
N CYS F 323 14.04 23.54 34.42
CA CYS F 323 13.27 22.35 34.13
C CYS F 323 12.65 22.47 32.75
N GLY F 324 13.00 21.54 31.88
CA GLY F 324 12.54 21.56 30.51
C GLY F 324 13.30 20.54 29.68
N VAL F 325 12.74 20.18 28.54
CA VAL F 325 13.39 19.20 27.68
C VAL F 325 14.51 19.89 26.89
N SER F 326 14.76 19.45 25.66
CA SER F 326 15.87 19.93 24.84
C SER F 326 17.24 19.74 25.51
N LEU F 327 18.30 19.85 24.73
CA LEU F 327 19.66 19.68 25.24
C LEU F 327 20.65 20.48 24.41
N GLY F 328 21.88 20.57 24.88
CA GLY F 328 22.92 21.29 24.14
C GLY F 328 22.80 22.81 24.22
N GLY F 329 21.83 23.30 24.97
CA GLY F 329 21.64 24.74 25.07
C GLY F 329 22.42 25.40 26.18
N VAL F 330 23.02 26.56 25.88
CA VAL F 330 23.85 27.31 26.82
C VAL F 330 23.28 27.37 28.24
N HIS F 331 21.96 27.33 28.34
CA HIS F 331 21.29 27.19 29.63
C HIS F 331 21.21 25.70 29.97
N SER F 332 21.76 25.32 31.12
CA SER F 332 21.66 23.95 31.62
C SER F 332 20.19 23.57 31.84
N LEU F 333 19.85 22.31 31.55
CA LEU F 333 18.48 21.80 31.70
C LEU F 333 18.43 20.56 32.58
N VAL F 334 17.29 20.39 33.26
CA VAL F 334 17.00 19.21 34.06
C VAL F 334 15.57 18.73 33.77
N GLU F 335 15.30 17.46 34.07
CA GLU F 335 14.01 16.82 33.82
C GLU F 335 13.98 15.37 34.33
N CYS F 336 12.78 14.84 34.54
CA CYS F 336 12.62 13.41 34.81
C CYS F 336 11.91 12.75 33.64
N PRO F 337 12.70 12.16 32.72
CA PRO F 337 12.23 11.60 31.43
C PRO F 337 10.92 10.82 31.56
N ALA F 338 10.78 10.08 32.66
CA ALA F 338 9.53 9.40 33.00
C ALA F 338 8.37 10.38 33.03
N LEU F 339 8.57 11.53 33.68
CA LEU F 339 7.52 12.53 33.78
C LEU F 339 7.47 13.37 32.51
N MSE F 340 8.58 13.46 31.77
CA MSE F 340 8.56 14.31 30.58
C MSE F 340 8.90 13.64 29.22
O MSE F 340 7.98 13.14 28.54
CB MSE F 340 9.20 15.70 30.81
CG MSE F 340 8.32 16.63 31.72
SE MSE F 340 8.15 18.61 31.46
CE MSE F 340 10.01 19.19 31.10
N THR F 341 10.16 13.58 28.78
CA THR F 341 10.40 13.11 27.41
C THR F 341 10.07 11.62 27.14
N HIS F 342 10.04 10.78 28.17
CA HIS F 342 9.70 9.37 27.94
C HIS F 342 8.35 8.97 28.56
N ARG F 343 7.58 9.97 28.96
CA ARG F 343 6.25 9.70 29.49
C ARG F 343 5.30 8.93 28.52
N PRO F 344 5.37 9.18 27.20
CA PRO F 344 4.55 8.36 26.29
C PRO F 344 4.84 6.85 26.34
N LEU F 345 6.03 6.44 26.76
CA LEU F 345 6.26 5.01 27.05
C LEU F 345 5.66 4.70 28.43
N SER F 346 5.18 3.49 28.63
CA SER F 346 4.62 3.12 29.93
C SER F 346 5.74 2.93 30.97
N ALA F 347 5.35 2.87 32.24
CA ALA F 347 6.28 2.74 33.35
C ALA F 347 7.04 1.42 33.26
N GLU F 348 6.53 0.55 32.38
CA GLU F 348 7.06 -0.80 32.14
C GLU F 348 7.87 -0.79 30.86
N ALA F 349 7.41 0.01 29.91
CA ALA F 349 8.19 0.30 28.71
C ALA F 349 9.51 0.92 29.16
N ARG F 350 9.46 1.87 30.08
CA ARG F 350 10.69 2.36 30.71
C ARG F 350 11.34 1.25 31.59
N ALA F 351 10.52 0.36 32.15
CA ALA F 351 11.04 -0.67 33.07
C ALA F 351 11.81 -1.81 32.39
N ARG F 352 11.20 -2.42 31.37
CA ARG F 352 11.93 -3.34 30.50
C ARG F 352 13.14 -2.63 29.87
N ARG F 353 13.06 -1.31 29.76
CA ARG F 353 14.19 -0.50 29.29
C ARG F 353 15.15 -0.08 30.41
N GLY F 354 14.74 -0.29 31.67
CA GLY F 354 15.55 0.13 32.79
C GLY F 354 15.55 1.64 33.02
N ILE F 355 14.43 2.30 32.76
CA ILE F 355 14.29 3.72 33.08
C ILE F 355 13.35 3.90 34.26
N GLY F 356 13.90 3.82 35.46
CA GLY F 356 13.15 4.05 36.67
C GLY F 356 12.41 5.37 36.62
N GLU F 357 11.36 5.47 37.43
CA GLU F 357 10.62 6.71 37.55
C GLU F 357 11.46 7.76 38.27
N SER F 358 12.64 7.31 38.72
CA SER F 358 13.56 8.09 39.52
C SER F 358 14.72 8.66 38.73
N LEU F 359 14.85 8.25 37.48
CA LEU F 359 15.97 8.73 36.69
C LEU F 359 15.84 10.22 36.39
N ILE F 360 16.90 10.95 36.70
CA ILE F 360 16.99 12.36 36.40
C ILE F 360 18.03 12.51 35.30
N ARG F 361 17.74 13.35 34.30
CA ARG F 361 18.69 13.61 33.23
C ARG F 361 19.16 15.07 33.25
N LEU F 362 20.48 15.26 33.25
CA LEU F 362 21.06 16.60 33.17
C LEU F 362 21.69 16.84 31.80
N SER F 363 21.31 17.95 31.16
CA SER F 363 22.04 18.42 29.98
C SER F 363 22.81 19.66 30.42
N VAL F 364 24.13 19.65 30.28
CA VAL F 364 24.94 20.69 30.91
C VAL F 364 25.13 21.91 30.01
N GLY F 365 24.84 23.11 30.55
CA GLY F 365 25.11 24.35 29.85
C GLY F 365 26.51 24.92 30.12
N ILE F 366 26.69 26.20 29.86
CA ILE F 366 28.00 26.83 30.00
C ILE F 366 28.09 27.82 31.19
N GLU F 367 27.16 27.73 32.13
CA GLU F 367 27.26 28.50 33.38
C GLU F 367 28.53 28.13 34.15
N ASP F 368 28.88 28.93 35.14
CA ASP F 368 30.06 28.66 35.96
C ASP F 368 29.87 27.30 36.63
N PRO F 369 30.88 26.41 36.54
CA PRO F 369 30.75 25.02 36.96
C PRO F 369 30.43 24.82 38.43
N GLN F 370 30.70 25.83 39.26
CA GLN F 370 30.41 25.66 40.68
C GLN F 370 29.06 26.26 41.07
N ASP F 371 28.53 27.18 40.27
CA ASP F 371 27.15 27.58 40.49
C ASP F 371 26.27 26.36 40.20
N LEU F 372 26.59 25.64 39.12
CA LEU F 372 25.84 24.43 38.80
C LEU F 372 26.03 23.32 39.86
N ALA F 373 27.24 23.16 40.37
CA ALA F 373 27.43 22.19 41.46
C ALA F 373 26.65 22.63 42.69
N GLU F 374 26.53 23.94 42.87
CA GLU F 374 25.78 24.49 43.99
C GLU F 374 24.29 24.17 43.88
N ASP F 375 23.70 24.52 42.75
CA ASP F 375 22.27 24.31 42.52
C ASP F 375 21.92 22.82 42.65
N LEU F 376 22.70 21.96 42.01
CA LEU F 376 22.49 20.51 42.11
C LEU F 376 22.50 20.03 43.56
N SER F 377 23.48 20.47 44.34
CA SER F 377 23.55 20.06 45.75
C SER F 377 22.36 20.55 46.56
N ARG F 378 21.99 21.82 46.39
CA ARG F 378 20.85 22.38 47.10
C ARG F 378 19.61 21.54 46.85
N ALA F 379 19.39 21.17 45.58
CA ALA F 379 18.22 20.39 45.21
C ALA F 379 18.29 18.98 45.78
N LEU F 380 19.49 18.40 45.76
CA LEU F 380 19.69 17.03 46.21
C LEU F 380 19.54 16.92 47.73
N ALA F 381 20.28 17.74 48.47
CA ALA F 381 20.13 17.73 49.93
C ALA F 381 18.80 18.35 50.30
N GLY F 382 18.21 19.08 49.36
CA GLY F 382 16.93 19.73 49.56
C GLY F 382 16.69 20.34 50.93
N GLY G 6 25.64 33.49 44.40
CA GLY G 6 24.64 33.66 43.36
C GLY G 6 25.25 33.31 42.04
N MSE G 7 25.10 34.21 41.08
CA MSE G 7 25.73 33.99 39.81
C MSE G 7 27.17 34.44 39.98
O MSE G 7 27.46 35.52 40.51
CB MSE G 7 25.00 34.76 38.71
CG MSE G 7 23.49 34.62 38.78
SE MSE G 7 22.60 35.59 40.26
CE MSE G 7 20.91 34.60 40.07
N ARG G 8 28.07 33.55 39.59
CA ARG G 8 29.38 33.91 39.10
C ARG G 8 29.19 34.33 37.63
N PHE G 9 30.29 34.42 36.89
CA PHE G 9 30.34 35.12 35.60
C PHE G 9 29.63 34.44 34.43
N GLY G 10 30.14 33.27 34.04
CA GLY G 10 29.52 32.48 32.99
C GLY G 10 28.04 32.28 33.31
N THR G 11 27.72 32.26 34.59
CA THR G 11 26.35 32.18 35.04
C THR G 11 25.61 33.50 34.77
N ARG G 12 26.24 34.64 35.11
CA ARG G 12 25.69 35.96 34.78
C ARG G 12 25.56 36.15 33.27
N LEU G 13 26.54 35.64 32.53
CA LEU G 13 26.50 35.74 31.07
C LEU G 13 25.27 35.08 30.46
N VAL G 14 24.80 34.01 31.09
CA VAL G 14 23.72 33.24 30.50
C VAL G 14 22.37 33.65 31.06
N HIS G 15 22.37 34.10 32.31
CA HIS G 15 21.12 34.32 33.01
C HIS G 15 20.81 35.78 33.39
N GLY G 16 21.81 36.65 33.29
CA GLY G 16 21.58 38.08 33.51
C GLY G 16 20.47 38.60 32.62
N GLY G 17 19.43 39.18 33.22
CA GLY G 17 18.32 39.76 32.48
C GLY G 17 17.31 38.77 31.91
N ARG G 18 17.18 37.57 32.49
CA ARG G 18 16.32 36.54 31.90
C ARG G 18 15.05 36.17 32.68
N ARG G 19 13.95 36.89 32.49
CA ARG G 19 12.66 36.58 33.17
C ARG G 19 11.64 35.67 32.42
N PRO G 20 11.80 34.31 32.51
CA PRO G 20 10.89 33.26 32.04
C PRO G 20 9.47 33.73 31.93
N SER G 21 9.23 34.59 30.93
CA SER G 21 7.93 35.18 30.58
C SER G 21 6.69 34.51 31.16
N ALA G 22 5.72 35.33 31.57
CA ALA G 22 4.45 34.83 32.07
C ALA G 22 3.80 33.83 31.13
N GLY G 23 2.95 32.96 31.68
CA GLY G 23 2.16 32.04 30.89
C GLY G 23 2.94 30.95 30.17
N THR G 24 3.83 31.36 29.25
CA THR G 24 4.40 30.45 28.26
C THR G 24 5.73 29.83 28.67
N GLY G 25 6.56 30.59 29.39
CA GLY G 25 7.73 30.01 30.02
C GLY G 25 8.95 29.94 29.12
N ASP G 26 8.96 30.73 28.05
CA ASP G 26 10.10 30.80 27.12
C ASP G 26 11.40 30.95 27.92
N VAL G 27 12.35 30.07 27.64
CA VAL G 27 13.66 30.13 28.28
C VAL G 27 14.41 31.32 27.72
N VAL G 28 14.45 31.42 26.39
CA VAL G 28 14.96 32.61 25.74
C VAL G 28 13.82 33.63 25.64
N PRO G 29 14.01 34.81 26.25
CA PRO G 29 12.88 35.76 26.21
C PRO G 29 12.52 36.16 24.79
N PRO G 30 11.22 36.29 24.50
CA PRO G 30 10.83 36.66 23.14
C PRO G 30 11.32 38.06 22.78
N ILE G 31 11.45 38.34 21.48
CA ILE G 31 11.99 39.59 20.99
C ILE G 31 10.91 40.68 20.85
N HIS G 32 11.06 41.78 21.61
CA HIS G 32 10.07 42.85 21.67
C HIS G 32 10.23 43.94 20.60
N VAL G 33 9.75 43.67 19.40
CA VAL G 33 9.88 44.64 18.31
C VAL G 33 8.87 45.79 18.37
N SER G 34 7.81 45.67 19.16
CA SER G 34 6.76 46.71 19.14
C SER G 34 7.27 48.11 19.54
N THR G 35 6.91 49.12 18.73
CA THR G 35 7.28 50.50 19.01
C THR G 35 6.27 51.16 19.93
N THR G 36 5.12 50.55 20.10
CA THR G 36 4.14 51.23 20.92
C THR G 36 3.29 50.31 21.80
N TYR G 37 2.65 50.90 22.78
CA TYR G 37 2.05 50.12 23.85
C TYR G 37 0.66 50.54 24.23
N GLU G 38 -0.15 49.55 24.57
CA GLU G 38 -1.48 49.75 25.14
C GLU G 38 -1.29 49.89 26.65
N ARG G 39 -1.83 50.95 27.24
CA ARG G 39 -1.69 51.15 28.69
C ARG G 39 -2.77 50.45 29.50
N ARG G 40 -4.02 50.68 29.07
CA ARG G 40 -5.23 50.28 29.81
C ARG G 40 -5.13 48.92 30.52
N ALA G 41 -4.30 48.02 29.98
CA ALA G 41 -4.03 46.71 30.57
C ALA G 41 -2.52 46.45 30.76
N GLN G 42 -1.91 47.24 31.64
CA GLN G 42 -0.55 46.98 32.12
C GLN G 42 -0.68 47.08 33.62
N ASP G 43 -0.22 46.08 34.37
CA ASP G 43 -0.54 46.09 35.80
C ASP G 43 -0.06 47.40 36.44
N GLU G 44 1.12 47.85 36.01
CA GLU G 44 1.48 49.25 36.20
C GLU G 44 2.05 49.85 34.91
N PRO G 45 1.30 50.78 34.31
CA PRO G 45 1.71 51.58 33.14
C PRO G 45 3.17 51.98 33.22
N ARG G 46 3.96 51.32 32.41
CA ARG G 46 5.37 51.59 32.39
C ARG G 46 5.88 51.84 30.96
N TYR G 47 5.49 50.97 30.04
CA TYR G 47 5.92 51.07 28.65
C TYR G 47 5.02 52.02 27.86
N PHE G 48 5.62 53.07 27.31
CA PHE G 48 4.84 54.12 26.66
C PHE G 48 5.18 54.27 25.17
N TYR G 49 6.42 53.94 24.80
CA TYR G 49 6.89 54.11 23.43
C TYR G 49 8.30 53.54 23.29
N GLY G 50 8.58 52.94 22.14
CA GLY G 50 9.83 52.22 21.96
C GLY G 50 11.12 52.99 22.16
N ARG G 51 11.13 54.29 21.83
CA ARG G 51 12.36 55.07 22.03
C ARG G 51 12.68 55.17 23.52
N GLY G 52 11.64 55.29 24.34
CA GLY G 52 11.79 55.35 25.79
C GLY G 52 11.93 54.01 26.50
N GLU G 53 11.14 53.01 26.10
CA GLU G 53 11.08 51.74 26.85
C GLU G 53 11.05 50.52 25.92
N ASN G 54 11.77 49.47 26.30
CA ASN G 54 11.74 48.17 25.61
C ASN G 54 12.32 47.06 26.49
N PRO G 55 11.53 46.00 26.73
CA PRO G 55 11.97 44.94 27.65
C PRO G 55 13.20 44.19 27.14
N THR G 56 13.33 44.01 25.82
CA THR G 56 14.48 43.33 25.27
C THR G 56 15.74 44.20 25.49
N ARG G 57 15.59 45.48 25.26
CA ARG G 57 16.68 46.41 25.51
C ARG G 57 17.06 46.39 26.99
N GLU G 58 16.04 46.44 27.86
CA GLU G 58 16.25 46.43 29.31
C GLU G 58 16.91 45.13 29.82
N GLU G 59 16.56 44.00 29.20
CA GLU G 59 17.13 42.72 29.61
C GLU G 59 18.64 42.68 29.32
N LEU G 60 19.04 43.22 28.17
CA LEU G 60 20.46 43.28 27.86
C LEU G 60 21.15 44.24 28.85
N GLU G 61 20.51 45.38 29.10
CA GLU G 61 20.98 46.33 30.12
C GLU G 61 21.08 45.68 31.52
N GLU G 62 20.12 44.82 31.85
CA GLU G 62 20.20 44.06 33.09
C GLU G 62 21.43 43.17 33.11
N CYS G 63 21.62 42.42 32.03
CA CYS G 63 22.78 41.55 31.89
C CYS G 63 24.10 42.31 32.04
N LEU G 64 24.29 43.37 31.25
CA LEU G 64 25.53 44.14 31.25
C LEU G 64 25.84 44.72 32.63
N ALA G 65 24.81 45.24 33.30
CA ALA G 65 24.98 45.78 34.64
C ALA G 65 25.48 44.70 35.60
N GLY G 66 24.89 43.51 35.50
CA GLY G 66 25.24 42.40 36.38
C GLY G 66 26.66 41.92 36.19
N LEU G 67 27.19 42.11 34.99
CA LEU G 67 28.54 41.65 34.69
C LEU G 67 29.55 42.47 35.47
N GLU G 68 29.11 43.61 35.99
CA GLU G 68 30.00 44.47 36.76
C GLU G 68 29.42 44.69 38.15
N ARG G 69 28.35 43.97 38.43
CA ARG G 69 27.60 44.10 39.67
C ARG G 69 27.25 45.57 39.97
N ALA G 70 26.85 46.28 38.93
CA ALA G 70 26.46 47.68 39.06
C ALA G 70 24.96 47.74 39.00
N PRO G 71 24.36 48.79 39.59
CA PRO G 71 22.90 48.86 39.52
C PRO G 71 22.40 49.40 38.19
N PHE G 72 23.27 49.98 37.37
CA PHE G 72 22.79 50.61 36.14
C PHE G 72 23.60 50.31 34.89
N ALA G 73 22.90 50.07 33.80
CA ALA G 73 23.51 50.09 32.47
C ALA G 73 22.55 50.68 31.46
N THR G 74 23.10 51.30 30.44
CA THR G 74 22.32 51.89 29.36
C THR G 74 22.99 51.54 28.04
N VAL G 75 22.22 51.01 27.08
CA VAL G 75 22.75 50.69 25.76
C VAL G 75 22.33 51.67 24.66
N PHE G 76 23.12 51.70 23.59
CA PHE G 76 23.03 52.71 22.56
C PHE G 76 23.24 52.07 21.18
N SER G 77 22.93 52.82 20.13
CA SER G 77 23.11 52.35 18.77
C SER G 77 24.56 52.02 18.42
N SER G 78 25.51 52.65 19.11
CA SER G 78 26.93 52.39 18.86
C SER G 78 27.81 52.81 20.02
N GLY G 79 29.06 52.36 20.00
CA GLY G 79 30.06 52.76 20.98
C GLY G 79 30.21 54.26 20.98
N GLN G 80 30.32 54.85 19.79
CA GLN G 80 30.42 56.29 19.65
C GLN G 80 29.24 56.98 20.34
N ALA G 81 28.04 56.43 20.18
CA ALA G 81 26.86 57.07 20.72
C ALA G 81 26.89 57.04 22.24
N ALA G 82 27.39 55.95 22.80
CA ALA G 82 27.58 55.86 24.24
C ALA G 82 28.60 56.91 24.70
N ALA G 83 29.71 57.00 23.97
CA ALA G 83 30.73 58.01 24.30
C ALA G 83 30.16 59.41 24.20
N ALA G 84 29.39 59.66 23.15
CA ALA G 84 28.81 60.97 22.88
C ALA G 84 27.89 61.41 24.01
N THR G 85 27.19 60.45 24.60
CA THR G 85 26.25 60.70 25.68
C THR G 85 26.95 61.22 26.95
N LEU G 86 28.07 60.58 27.32
CA LEU G 86 28.90 61.08 28.43
C LEU G 86 29.43 62.50 28.20
N LEU G 87 29.98 62.74 27.02
CA LEU G 87 30.55 64.04 26.72
C LEU G 87 29.50 65.15 26.75
N SER G 88 28.24 64.79 26.48
CA SER G 88 27.15 65.75 26.48
C SER G 88 26.88 66.28 27.89
N LEU G 89 27.41 65.59 28.90
CA LEU G 89 27.18 66.02 30.27
C LEU G 89 28.16 67.11 30.69
N VAL G 90 29.22 67.27 29.90
CA VAL G 90 30.24 68.28 30.17
C VAL G 90 29.82 69.61 29.55
N ARG G 91 30.04 70.71 30.28
CA ARG G 91 29.61 72.06 29.87
C ARG G 91 30.73 72.80 29.15
N PRO G 92 30.37 73.84 28.36
CA PRO G 92 31.40 74.70 27.74
C PRO G 92 32.36 75.24 28.79
N GLY G 93 33.65 75.30 28.46
CA GLY G 93 34.62 75.87 29.38
C GLY G 93 35.08 74.90 30.46
N GLN G 94 34.29 73.84 30.71
CA GLN G 94 34.71 72.77 31.61
C GLN G 94 35.79 71.98 30.91
N CYS G 95 36.58 71.24 31.67
CA CYS G 95 37.70 70.53 31.06
C CYS G 95 37.57 69.01 31.11
N VAL G 96 38.14 68.36 30.09
CA VAL G 96 38.16 66.90 30.01
C VAL G 96 39.57 66.38 29.74
N VAL G 97 40.16 65.68 30.70
CA VAL G 97 41.46 65.08 30.50
C VAL G 97 41.33 63.66 29.96
N SER G 98 42.04 63.39 28.87
CA SER G 98 42.30 62.03 28.47
C SER G 98 43.77 61.98 28.10
N THR G 99 44.28 60.77 27.85
CA THR G 99 45.59 60.60 27.27
C THR G 99 45.43 60.77 25.77
N ASP G 100 46.49 61.20 25.11
CA ASP G 100 46.43 61.62 23.72
C ASP G 100 46.18 60.52 22.68
N ASP G 101 46.53 59.29 23.06
CA ASP G 101 46.34 58.10 22.22
C ASP G 101 44.92 57.54 22.25
N VAL G 102 43.94 58.40 22.54
CA VAL G 102 42.54 57.96 22.61
C VAL G 102 42.05 57.41 21.26
N TYR G 103 40.90 56.75 21.28
CA TYR G 103 40.29 56.26 20.05
C TYR G 103 39.98 57.44 19.13
N ALA G 104 40.20 57.25 17.83
CA ALA G 104 40.03 58.36 16.89
C ALA G 104 38.57 58.81 16.80
N GLY G 105 37.65 57.89 17.08
CA GLY G 105 36.24 58.26 17.11
C GLY G 105 35.97 59.08 18.35
N THR G 106 36.55 58.66 19.46
CA THR G 106 36.51 59.43 20.71
C THR G 106 37.17 60.77 20.47
N ASP G 107 38.31 60.74 19.77
CA ASP G 107 38.99 61.95 19.31
C ASP G 107 37.99 62.91 18.67
N GLY G 108 37.20 62.40 17.73
CA GLY G 108 36.20 63.20 17.04
C GLY G 108 35.18 63.79 18.00
N LEU G 109 34.82 63.00 19.01
CA LEU G 109 33.86 63.43 20.02
C LEU G 109 34.48 64.45 20.99
N PHE G 110 35.78 64.63 20.94
CA PHE G 110 36.38 65.70 21.75
C PHE G 110 36.39 66.97 20.91
N ASP G 111 36.64 66.80 19.62
CA ASP G 111 36.64 67.92 18.69
C ASP G 111 35.28 68.61 18.72
N LEU G 112 34.23 67.83 18.53
CA LEU G 112 32.85 68.30 18.58
C LEU G 112 32.59 69.09 19.88
N ALA G 113 33.02 68.53 21.00
CA ALA G 113 32.91 69.24 22.27
C ALA G 113 33.70 70.56 22.24
N ALA G 114 34.91 70.51 21.69
CA ALA G 114 35.76 71.70 21.65
C ALA G 114 35.17 72.71 20.68
N ARG G 115 34.64 72.22 19.56
CA ARG G 115 33.87 73.05 18.65
C ARG G 115 32.86 73.87 19.45
N GLN G 116 32.30 73.23 20.47
CA GLN G 116 31.34 73.85 21.37
C GLN G 116 32.02 74.50 22.59
N GLY G 117 33.35 74.49 22.63
CA GLY G 117 34.08 75.15 23.71
C GLY G 117 34.20 74.40 25.03
N VAL G 118 34.40 73.09 24.98
CA VAL G 118 34.83 72.34 26.15
C VAL G 118 36.36 72.27 26.06
N ARG G 119 37.06 72.40 27.18
CA ARG G 119 38.51 72.13 27.18
C ARG G 119 38.76 70.62 27.20
N VAL G 120 39.55 70.11 26.26
CA VAL G 120 39.70 68.68 26.13
C VAL G 120 41.16 68.25 25.97
N ARG G 121 42.04 68.95 26.69
CA ARG G 121 43.49 68.76 26.58
C ARG G 121 44.01 67.35 26.90
N TYR G 122 44.75 66.77 25.97
CA TYR G 122 45.23 65.38 26.04
C TYR G 122 46.35 65.14 27.05
N ALA G 123 46.80 63.89 27.16
CA ALA G 123 47.83 63.53 28.15
C ALA G 123 48.57 62.19 27.98
N ASP G 124 49.22 61.81 29.09
CA ASP G 124 49.76 60.47 29.35
C ASP G 124 49.60 60.27 30.86
N LEU G 125 48.80 59.28 31.24
CA LEU G 125 48.42 59.10 32.64
C LEU G 125 49.20 57.94 33.25
N THR G 126 50.34 57.65 32.65
CA THR G 126 51.19 56.52 33.01
C THR G 126 52.38 56.96 33.85
N THR G 127 52.25 58.11 34.49
CA THR G 127 53.29 58.68 35.35
C THR G 127 52.64 59.55 36.43
N PRO G 128 53.15 59.48 37.67
CA PRO G 128 52.53 60.15 38.81
C PRO G 128 52.56 61.67 38.63
N GLU G 129 53.52 62.12 37.82
CA GLU G 129 53.64 63.54 37.50
C GLU G 129 52.90 63.87 36.22
N GLY G 130 52.74 62.87 35.36
CA GLY G 130 51.93 63.00 34.16
C GLY G 130 50.45 62.91 34.51
N ILE G 131 50.15 62.18 35.58
CA ILE G 131 48.83 62.20 36.19
C ILE G 131 48.60 63.58 36.82
N ALA G 132 49.46 63.94 37.77
CA ALA G 132 49.30 65.12 38.61
C ALA G 132 49.27 66.45 37.85
N ALA G 133 50.09 66.55 36.81
CA ALA G 133 50.02 67.69 35.91
C ALA G 133 48.61 67.86 35.36
N ALA G 134 48.18 66.88 34.56
CA ALA G 134 46.87 66.91 33.91
C ALA G 134 45.71 67.12 34.86
N LEU G 135 45.84 66.64 36.10
CA LEU G 135 44.72 66.65 37.03
C LEU G 135 44.74 67.85 37.96
N ALA G 136 45.41 68.91 37.55
CA ALA G 136 45.49 70.13 38.34
C ALA G 136 45.06 71.33 37.50
N GLU G 137 44.98 71.10 36.20
CA GLU G 137 44.48 72.10 35.24
C GLU G 137 42.97 72.27 35.44
N PRO G 138 42.51 73.52 35.61
CA PRO G 138 41.19 73.79 36.21
C PRO G 138 39.97 73.44 35.34
N ASP G 139 38.80 73.48 35.98
CA ASP G 139 37.54 73.11 35.35
C ASP G 139 37.42 71.63 34.98
N LEU G 140 38.11 70.76 35.72
CA LEU G 140 38.13 69.34 35.42
C LEU G 140 36.79 68.67 35.76
N ALA G 141 36.01 68.31 34.74
CA ALA G 141 34.73 67.65 34.97
C ALA G 141 34.79 66.16 34.69
N LEU G 142 35.72 65.76 33.84
CA LEU G 142 35.74 64.39 33.35
C LEU G 142 37.14 63.94 33.01
N VAL G 143 37.49 62.74 33.45
CA VAL G 143 38.77 62.17 33.09
C VAL G 143 38.51 60.89 32.30
N TRP G 144 39.04 60.83 31.08
CA TRP G 144 38.71 59.77 30.14
C TRP G 144 39.89 58.83 30.01
N ILE G 145 39.71 57.59 30.43
CA ILE G 145 40.77 56.61 30.40
C ILE G 145 40.46 55.48 29.44
N GLU G 146 41.39 55.18 28.56
CA GLU G 146 41.22 54.04 27.67
C GLU G 146 42.42 53.12 27.89
N THR G 147 42.18 51.95 28.46
CA THR G 147 43.30 51.07 28.81
C THR G 147 42.97 49.58 28.67
N PRO G 148 43.86 48.81 28.03
CA PRO G 148 45.10 49.23 27.35
C PRO G 148 44.82 50.13 26.14
N THR G 149 45.83 50.86 25.68
CA THR G 149 45.68 51.72 24.52
C THR G 149 45.93 50.95 23.22
N ASN G 150 45.40 51.47 22.12
CA ASN G 150 45.57 50.82 20.82
C ASN G 150 46.27 51.76 19.87
N PRO G 151 47.33 51.29 19.18
CA PRO G 151 47.80 49.91 19.11
C PRO G 151 49.13 49.66 19.80
N LEU G 152 49.56 50.52 20.73
CA LEU G 152 50.82 50.29 21.42
C LEU G 152 50.64 49.39 22.67
N LEU G 153 49.39 49.23 23.10
CA LEU G 153 49.06 48.33 24.21
C LEU G 153 49.71 48.74 25.54
N THR G 154 49.89 50.04 25.71
CA THR G 154 50.28 50.61 26.99
C THR G 154 49.12 50.50 27.96
N VAL G 155 49.38 50.74 29.25
CA VAL G 155 48.31 50.66 30.25
C VAL G 155 48.31 51.89 31.15
N VAL G 156 47.14 52.25 31.66
CA VAL G 156 46.99 53.31 32.66
C VAL G 156 46.44 52.79 34.00
N ASP G 157 47.01 53.23 35.12
CA ASP G 157 46.57 52.79 36.45
C ASP G 157 45.20 53.37 36.80
N VAL G 158 44.16 52.56 36.65
CA VAL G 158 42.80 53.03 36.85
C VAL G 158 42.50 53.44 38.30
N ALA G 159 42.94 52.63 39.25
CA ALA G 159 42.70 52.93 40.66
C ALA G 159 43.38 54.23 41.08
N GLU G 160 44.61 54.42 40.61
CA GLU G 160 45.39 55.58 40.99
C GLU G 160 44.81 56.86 40.36
N VAL G 161 44.55 56.82 39.06
CA VAL G 161 43.99 57.98 38.39
C VAL G 161 42.62 58.34 38.96
N SER G 162 41.82 57.33 39.28
CA SER G 162 40.48 57.57 39.82
C SER G 162 40.50 58.33 41.16
N ARG G 163 41.45 58.04 42.02
CA ARG G 163 41.50 58.78 43.30
C ARG G 163 42.00 60.22 43.16
N ARG G 164 42.96 60.44 42.27
CA ARG G 164 43.42 61.80 41.99
C ARG G 164 42.30 62.64 41.40
N ALA G 165 41.54 62.06 40.49
CA ALA G 165 40.45 62.77 39.83
C ALA G 165 39.35 63.08 40.83
N HIS G 166 39.11 62.15 41.75
CA HIS G 166 38.02 62.26 42.70
C HIS G 166 38.26 63.32 43.76
N GLU G 167 39.47 63.36 44.32
CA GLU G 167 39.89 64.40 45.27
C GLU G 167 39.56 65.81 44.77
N ARG G 168 39.33 65.92 43.46
CA ARG G 168 38.98 67.19 42.84
C ARG G 168 37.57 67.18 42.26
N GLY G 169 36.78 66.17 42.62
CA GLY G 169 35.38 66.12 42.21
C GLY G 169 35.13 65.34 40.94
N ALA G 170 36.11 65.29 40.04
CA ALA G 170 35.90 64.78 38.68
C ALA G 170 35.35 63.34 38.51
N ARG G 171 34.46 63.17 37.55
CA ARG G 171 33.96 61.86 37.15
C ARG G 171 35.01 61.12 36.32
N VAL G 172 35.10 59.80 36.49
CA VAL G 172 36.06 59.00 35.75
C VAL G 172 35.39 57.93 34.90
N VAL G 173 35.68 57.93 33.60
CA VAL G 173 35.18 56.89 32.71
C VAL G 173 36.36 56.11 32.16
N VAL G 174 36.18 54.79 32.06
CA VAL G 174 37.15 53.94 31.39
C VAL G 174 36.50 53.27 30.18
N ASP G 175 37.07 53.54 29.02
CA ASP G 175 36.65 52.86 27.80
C ASP G 175 37.23 51.46 27.88
N ASN G 176 36.38 50.49 28.21
CA ASN G 176 36.82 49.14 28.51
C ASN G 176 36.55 48.15 27.37
N THR G 177 36.33 48.68 26.17
CA THR G 177 36.03 47.87 25.00
C THR G 177 37.10 46.80 24.74
N PHE G 178 38.36 47.22 24.84
CA PHE G 178 39.51 46.42 24.50
C PHE G 178 39.54 45.09 25.25
N ALA G 179 39.50 45.14 26.57
CA ALA G 179 39.69 43.93 27.35
C ALA G 179 38.40 43.24 27.77
N SER G 180 37.28 43.98 27.71
CA SER G 180 35.94 43.51 28.08
C SER G 180 35.84 43.31 29.60
N PRO G 181 34.60 43.15 30.13
CA PRO G 181 34.50 42.91 31.58
C PRO G 181 34.89 41.49 32.02
N VAL G 182 35.21 40.61 31.08
CA VAL G 182 35.83 39.32 31.40
C VAL G 182 37.17 39.51 32.11
N LEU G 183 37.84 40.60 31.77
CA LEU G 183 39.24 40.74 32.15
C LEU G 183 39.48 41.98 33.01
N GLN G 184 38.63 42.98 32.89
CA GLN G 184 38.87 44.24 33.59
C GLN G 184 37.55 44.80 34.10
N GLN G 185 37.52 45.17 35.38
CA GLN G 185 36.31 45.74 36.01
C GLN G 185 36.57 47.18 36.45
N PRO G 186 36.38 48.15 35.55
CA PRO G 186 36.69 49.56 35.88
C PRO G 186 35.95 50.12 37.11
N LEU G 187 34.72 49.71 37.34
CA LEU G 187 34.00 50.17 38.51
C LEU G 187 34.59 49.57 39.79
N ALA G 188 35.07 48.32 39.70
CA ALA G 188 35.68 47.67 40.86
C ALA G 188 37.05 48.29 41.14
N LEU G 189 37.57 49.01 40.17
CA LEU G 189 38.89 49.64 40.28
C LEU G 189 38.80 51.06 40.83
N GLY G 190 37.60 51.62 40.87
CA GLY G 190 37.40 52.95 41.41
C GLY G 190 36.89 53.97 40.42
N ALA G 191 36.65 53.55 39.18
CA ALA G 191 36.08 54.44 38.17
C ALA G 191 34.58 54.69 38.40
N ASP G 192 34.02 55.66 37.70
CA ASP G 192 32.60 55.94 37.80
C ASP G 192 31.78 55.30 36.68
N VAL G 193 32.40 55.11 35.52
CA VAL G 193 31.68 54.62 34.35
C VAL G 193 32.52 53.63 33.55
N SER G 194 31.92 52.50 33.16
CA SER G 194 32.49 51.67 32.10
C SER G 194 31.79 51.98 30.79
N LEU G 195 32.59 52.22 29.75
CA LEU G 195 32.09 52.51 28.43
C LEU G 195 32.52 51.40 27.48
N TYR G 196 31.58 50.90 26.68
CA TYR G 196 31.85 49.85 25.71
C TYR G 196 31.32 50.15 24.33
N SER G 197 32.15 49.90 23.34
CA SER G 197 31.63 49.52 22.05
C SER G 197 31.24 48.07 22.26
N THR G 198 29.97 47.75 22.06
CA THR G 198 29.59 46.33 22.09
C THR G 198 29.71 45.73 20.70
N THR G 199 30.09 46.57 19.72
CA THR G 199 30.40 46.08 18.38
C THR G 199 31.55 45.07 18.44
N1 LLP G 200 36.15 52.90 21.69
C2 LLP G 200 36.81 51.76 21.52
C2' LLP G 200 37.99 51.42 22.49
C3 LLP G 200 36.45 50.86 20.47
O3 LLP G 200 37.19 49.66 20.37
C4 LLP G 200 35.40 51.18 19.60
C4' LLP G 200 34.91 50.21 18.38
C5 LLP G 200 34.74 52.38 19.80
C6 LLP G 200 35.11 53.24 20.84
C5' LLP G 200 33.55 52.86 18.91
OP4 LLP G 200 32.46 51.96 18.98
P LLP G 200 31.52 51.82 17.75
OP1 LLP G 200 30.53 50.70 18.08
OP2 LLP G 200 30.83 53.12 17.55
OP3 LLP G 200 32.29 51.48 16.52
N LLP G 200 32.44 45.28 19.40
CA LLP G 200 33.67 44.47 19.49
CB LLP G 200 34.75 45.31 20.17
CG LLP G 200 34.84 46.71 19.50
CD LLP G 200 34.97 46.63 17.96
CE LLP G 200 35.04 48.04 17.32
NZ LLP G 200 35.71 49.03 18.20
C LLP G 200 33.38 43.11 20.06
O LLP G 200 32.59 42.38 19.46
N SER G 201 33.98 42.73 21.18
CA SER G 201 33.88 41.34 21.63
C SER G 201 32.65 40.94 22.44
N ILE G 202 31.98 41.89 23.10
CA ILE G 202 30.78 41.55 23.85
C ILE G 202 29.75 40.88 22.95
N ALA G 203 29.43 41.49 21.81
CA ALA G 203 28.57 40.83 20.82
C ALA G 203 29.33 39.68 20.14
N GLY G 204 30.57 39.97 19.74
CA GLY G 204 31.52 38.92 19.38
C GLY G 204 31.47 38.31 17.97
N HIS G 205 30.50 38.71 17.15
CA HIS G 205 30.31 38.03 15.85
C HIS G 205 30.25 38.95 14.63
N ALA G 206 30.73 40.18 14.80
CA ALA G 206 30.91 41.11 13.69
C ALA G 206 29.63 41.34 12.89
N ASP G 207 28.48 41.34 13.57
CA ASP G 207 27.23 41.51 12.85
C ASP G 207 26.22 42.42 13.55
N VAL G 208 26.73 43.36 14.35
CA VAL G 208 25.87 44.35 15.00
C VAL G 208 26.70 45.52 15.51
N LEU G 209 26.15 46.73 15.35
CA LEU G 209 26.74 47.91 15.93
C LEU G 209 26.02 48.22 17.23
N GLY G 210 26.78 48.48 18.29
CA GLY G 210 26.17 48.85 19.56
C GLY G 210 27.11 49.48 20.58
N GLY G 211 26.52 50.19 21.55
CA GLY G 211 27.30 50.80 22.63
C GLY G 211 26.68 50.54 23.99
N ALA G 212 27.47 50.78 25.03
CA ALA G 212 27.02 50.58 26.39
C ALA G 212 27.76 51.47 27.41
N LEU G 213 27.02 51.91 28.41
CA LEU G 213 27.59 52.54 29.60
C LEU G 213 27.11 51.73 30.81
N VAL G 214 28.01 51.48 31.74
CA VAL G 214 27.67 50.84 33.01
C VAL G 214 28.26 51.69 34.15
N TYR G 215 27.46 51.96 35.18
CA TYR G 215 27.80 52.96 36.20
C TYR G 215 26.91 52.78 37.44
N ARG G 216 27.11 53.58 38.48
CA ARG G 216 26.30 53.45 39.71
C ARG G 216 25.46 54.68 40.15
N ASP G 217 25.85 55.89 39.74
CA ASP G 217 25.12 57.10 40.16
C ASP G 217 23.71 57.19 39.57
N ALA G 218 22.71 57.29 40.44
CA ALA G 218 21.32 57.50 40.00
C ALA G 218 21.14 58.84 39.28
N ASP G 219 21.85 59.86 39.75
CA ASP G 219 21.91 61.17 39.09
C ASP G 219 22.39 61.02 37.65
N LEU G 220 23.50 60.32 37.48
CA LEU G 220 24.07 60.02 36.16
C LEU G 220 23.09 59.23 35.29
N HIS G 221 22.49 58.21 35.89
CA HIS G 221 21.51 57.39 35.18
C HIS G 221 20.41 58.23 34.55
N ALA G 222 19.80 59.11 35.37
CA ALA G 222 18.73 59.99 34.89
C ALA G 222 19.21 60.85 33.72
N ALA G 223 20.41 61.39 33.83
CA ALA G 223 20.91 62.30 32.81
C ALA G 223 21.20 61.58 31.51
N VAL G 224 21.69 60.34 31.62
CA VAL G 224 22.00 59.51 30.46
C VAL G 224 20.72 59.08 29.75
N ARG G 225 19.72 58.62 30.50
CA ARG G 225 18.45 58.20 29.91
C ARG G 225 17.73 59.39 29.25
N ALA G 226 17.74 60.54 29.91
CA ALA G 226 17.15 61.74 29.33
C ALA G 226 17.81 62.06 27.99
N TYR G 227 19.13 62.02 27.93
CA TYR G 227 19.84 62.29 26.68
C TYR G 227 19.56 61.24 25.59
N ARG G 228 19.53 59.96 25.95
CA ARG G 228 19.28 58.91 24.97
C ARG G 228 17.91 59.07 24.35
N THR G 229 16.92 59.38 25.19
CA THR G 229 15.55 59.55 24.73
C THR G 229 15.37 60.81 23.88
N THR G 230 16.18 61.83 24.16
CA THR G 230 16.10 63.09 23.41
C THR G 230 16.96 63.10 22.15
N ALA G 231 18.19 62.61 22.26
CA ALA G 231 19.09 62.49 21.12
C ALA G 231 18.67 61.39 20.15
N GLY G 232 18.06 60.31 20.67
CA GLY G 232 17.53 59.24 19.84
C GLY G 232 18.56 58.23 19.34
N ASN G 233 19.72 58.19 20.01
CA ASN G 233 20.78 57.26 19.66
C ASN G 233 20.56 55.88 20.31
N VAL G 234 19.35 55.36 20.13
CA VAL G 234 18.90 54.11 20.72
C VAL G 234 19.05 52.96 19.72
N PRO G 235 19.45 51.77 20.20
CA PRO G 235 19.64 50.59 19.32
C PRO G 235 18.34 49.84 19.06
N GLY G 236 18.31 49.09 17.96
CA GLY G 236 17.15 48.28 17.62
C GLY G 236 16.91 47.05 18.49
N ALA G 237 15.66 46.61 18.49
CA ALA G 237 15.24 45.39 19.17
C ALA G 237 16.03 44.17 18.71
N LEU G 238 16.08 43.95 17.40
CA LEU G 238 16.85 42.85 16.86
C LEU G 238 18.34 43.05 17.16
N ASP G 239 18.83 44.29 17.07
CA ASP G 239 20.21 44.65 17.45
C ASP G 239 20.54 44.19 18.88
N CYS G 240 19.63 44.43 19.83
CA CYS G 240 19.84 44.04 21.21
C CYS G 240 19.87 42.52 21.35
N PHE G 241 18.96 41.85 20.65
CA PHE G 241 18.91 40.40 20.66
C PHE G 241 20.24 39.76 20.24
N LEU G 242 20.86 40.30 19.18
CA LEU G 242 22.14 39.77 18.71
C LEU G 242 23.28 40.07 19.69
N VAL G 243 23.23 41.23 20.35
CA VAL G 243 24.20 41.53 21.41
C VAL G 243 24.01 40.53 22.56
N ARG G 244 22.77 40.40 23.04
CA ARG G 244 22.46 39.45 24.12
C ARG G 244 22.85 38.01 23.75
N ARG G 245 22.62 37.62 22.49
CA ARG G 245 22.94 36.25 22.09
C ARG G 245 24.44 35.99 22.07
N GLY G 246 25.24 36.99 21.67
CA GLY G 246 26.70 36.87 21.75
C GLY G 246 27.24 36.74 23.17
N LEU G 247 26.75 37.61 24.07
CA LEU G 247 27.15 37.66 25.49
C LEU G 247 27.16 36.32 26.23
N HIS G 248 26.39 35.34 25.75
CA HIS G 248 26.43 34.03 26.39
C HIS G 248 27.84 33.47 26.37
N THR G 249 28.48 33.58 25.22
CA THR G 249 29.75 32.92 25.02
C THR G 249 30.93 33.85 25.24
N LEU G 250 30.70 35.03 25.81
CA LEU G 250 31.77 36.02 25.92
C LEU G 250 33.03 35.50 26.63
N SER G 251 32.89 34.87 27.79
CA SER G 251 34.10 34.41 28.47
C SER G 251 34.80 33.27 27.72
N LEU G 252 34.04 32.30 27.21
CA LEU G 252 34.63 31.22 26.40
C LEU G 252 35.44 31.78 25.23
N ARG G 253 34.94 32.83 24.59
CA ARG G 253 35.64 33.42 23.47
C ARG G 253 36.92 34.17 23.91
N VAL G 254 36.78 35.08 24.87
CA VAL G 254 37.93 35.84 25.38
C VAL G 254 39.05 34.91 25.87
N HIS G 255 38.70 33.92 26.66
CA HIS G 255 39.65 32.93 27.14
C HIS G 255 40.46 32.28 26.00
N ARG G 256 39.75 31.80 24.99
CA ARG G 256 40.38 31.23 23.80
C ARG G 256 41.24 32.26 23.05
N GLN G 257 40.72 33.48 22.90
CA GLN G 257 41.44 34.53 22.18
C GLN G 257 42.77 34.85 22.89
N VAL G 258 42.73 34.95 24.21
CA VAL G 258 43.92 35.29 25.00
C VAL G 258 44.97 34.19 24.89
N ALA G 259 44.55 32.95 25.06
CA ALA G 259 45.45 31.80 24.97
C ALA G 259 46.12 31.77 23.59
N THR G 260 45.35 32.06 22.55
CA THR G 260 45.92 32.07 21.22
C THR G 260 46.90 33.23 21.03
N ALA G 261 46.54 34.40 21.54
CA ALA G 261 47.44 35.56 21.51
C ALA G 261 48.81 35.22 22.12
N ARG G 262 48.81 34.49 23.23
CA ARG G 262 50.07 34.05 23.83
C ARG G 262 50.81 33.10 22.90
N VAL G 263 50.06 32.27 22.18
CA VAL G 263 50.68 31.38 21.21
C VAL G 263 51.36 32.23 20.13
N LEU G 264 50.72 33.33 19.74
CA LEU G 264 51.24 34.14 18.64
C LEU G 264 52.39 35.07 19.06
N VAL G 265 52.30 35.62 20.26
CA VAL G 265 53.38 36.45 20.81
C VAL G 265 54.69 35.67 20.81
N GLU G 266 54.62 34.42 21.25
CA GLU G 266 55.77 33.53 21.32
C GLU G 266 56.32 33.24 19.91
N ARG G 267 55.41 33.17 18.95
CA ARG G 267 55.80 32.94 17.56
C ARG G 267 56.43 34.26 17.05
N LEU G 268 55.78 35.38 17.35
CA LEU G 268 56.30 36.69 16.96
C LEU G 268 57.67 37.02 17.57
N ARG G 269 57.88 36.64 18.83
CA ARG G 269 59.15 36.89 19.52
C ARG G 269 60.33 36.12 18.90
N ALA G 270 60.03 35.02 18.21
CA ALA G 270 61.08 34.17 17.64
C ALA G 270 61.52 34.60 16.25
N SER G 271 60.62 35.16 15.46
CA SER G 271 60.90 35.45 14.05
C SER G 271 62.03 36.46 13.81
N PRO G 272 62.88 36.18 12.83
CA PRO G 272 63.98 37.10 12.49
C PRO G 272 63.52 38.38 11.80
N VAL G 273 62.29 38.40 11.27
CA VAL G 273 61.85 39.61 10.57
C VAL G 273 60.88 40.43 11.42
N VAL G 274 60.94 40.19 12.72
CA VAL G 274 60.13 40.94 13.69
C VAL G 274 61.04 41.57 14.74
N GLY G 275 60.84 42.85 15.04
CA GLY G 275 61.67 43.55 15.99
C GLY G 275 61.04 43.58 17.38
N ALA G 276 60.45 44.71 17.74
CA ALA G 276 59.73 44.82 19.00
C ALA G 276 58.36 44.17 18.89
N VAL G 277 57.97 43.46 19.94
CA VAL G 277 56.62 42.92 20.03
C VAL G 277 55.95 43.65 21.19
N HIS G 278 54.65 43.88 21.05
CA HIS G 278 53.87 44.52 22.11
C HIS G 278 52.73 43.63 22.56
N TYR G 279 52.59 43.50 23.89
CA TYR G 279 51.56 42.69 24.51
C TYR G 279 51.59 43.02 26.01
N PRO G 280 50.41 43.31 26.60
CA PRO G 280 50.36 43.72 28.01
C PRO G 280 50.96 42.68 28.96
N GLY G 281 50.87 41.41 28.58
CA GLY G 281 51.31 40.32 29.44
C GLY G 281 52.78 39.92 29.38
N LEU G 282 53.57 40.61 28.56
CA LEU G 282 55.00 40.35 28.50
C LEU G 282 55.60 40.84 29.80
N PRO G 283 56.49 40.04 30.39
CA PRO G 283 57.15 40.50 31.62
C PRO G 283 57.95 41.77 31.38
N GLU G 284 58.29 42.07 30.12
CA GLU G 284 59.03 43.30 29.83
C GLU G 284 58.12 44.52 29.65
N HIS G 285 56.82 44.32 29.68
CA HIS G 285 55.89 45.44 29.57
C HIS G 285 56.23 46.50 30.62
N PRO G 286 56.24 47.77 30.20
CA PRO G 286 56.70 48.87 31.06
C PRO G 286 55.80 49.09 32.28
N GLN G 287 54.62 48.48 32.31
CA GLN G 287 53.73 48.60 33.45
C GLN G 287 53.17 47.24 33.81
N HIS G 288 54.06 46.25 33.88
CA HIS G 288 53.67 44.87 34.13
C HIS G 288 52.85 44.78 35.41
N ALA G 289 53.32 45.46 36.45
CA ALA G 289 52.67 45.46 37.75
C ALA G 289 51.23 45.96 37.65
N VAL G 290 51.04 47.04 36.87
CA VAL G 290 49.70 47.57 36.66
C VAL G 290 48.80 46.54 35.95
N VAL G 291 49.35 45.88 34.94
CA VAL G 291 48.67 44.82 34.21
C VAL G 291 48.21 43.67 35.13
N LYS G 292 49.13 43.15 35.94
CA LYS G 292 48.82 42.08 36.86
C LYS G 292 47.74 42.53 37.85
N ALA G 293 47.93 43.72 38.40
CA ALA G 293 47.01 44.25 39.42
C ALA G 293 45.56 44.34 38.98
N GLN G 294 45.32 45.04 37.87
CA GLN G 294 44.00 45.59 37.61
C GLN G 294 43.23 44.86 36.53
N MSE G 295 43.84 43.90 35.86
CA MSE G 295 43.06 43.16 34.89
C MSE G 295 42.86 41.67 35.28
O MSE G 295 42.55 41.39 36.45
CB MSE G 295 43.45 43.54 33.44
CG MSE G 295 44.43 42.70 32.70
SE MSE G 295 43.44 41.72 31.28
CE MSE G 295 44.63 42.09 29.82
N SER G 296 42.96 40.71 34.37
CA SER G 296 42.82 39.31 34.79
C SER G 296 43.63 38.38 33.90
N ALA G 297 43.78 38.75 32.64
CA ALA G 297 44.44 37.87 31.66
C ALA G 297 44.63 38.61 30.35
N PRO G 298 45.88 38.69 29.91
CA PRO G 298 46.59 39.55 28.94
C PRO G 298 45.82 40.14 27.73
N GLY G 299 44.67 39.59 27.36
CA GLY G 299 43.90 40.20 26.30
C GLY G 299 44.13 39.57 24.92
N ALA G 300 43.49 40.14 23.91
CA ALA G 300 43.34 39.45 22.64
C ALA G 300 44.01 40.18 21.48
N ILE G 301 44.67 41.29 21.80
CA ILE G 301 45.23 42.18 20.79
C ILE G 301 46.74 42.20 20.91
N VAL G 302 47.43 41.97 19.79
CA VAL G 302 48.88 41.96 19.77
C VAL G 302 49.32 42.91 18.67
N SER G 303 50.40 43.65 18.89
CA SER G 303 51.00 44.38 17.79
C SER G 303 52.52 44.22 17.74
N PHE G 304 53.08 44.44 16.55
CA PHE G 304 54.50 44.26 16.34
C PHE G 304 55.05 45.06 15.17
N ASP G 305 56.27 45.56 15.35
CA ASP G 305 57.06 46.15 14.29
C ASP G 305 57.46 45.02 13.36
N TYR G 306 57.14 45.16 12.08
CA TYR G 306 57.53 44.19 11.05
C TYR G 306 58.79 44.64 10.33
N LEU G 307 59.79 43.77 10.24
CA LEU G 307 61.11 44.16 9.72
C LEU G 307 61.39 43.73 8.28
N GLY G 308 60.54 42.89 7.70
CA GLY G 308 60.89 42.26 6.44
C GLY G 308 60.41 42.91 5.15
N GLY G 309 60.42 44.24 5.09
CA GLY G 309 60.00 44.92 3.88
C GLY G 309 58.65 45.57 4.06
N PRO G 310 58.15 46.24 3.01
CA PRO G 310 56.89 46.98 3.04
C PRO G 310 55.73 46.25 3.73
N ALA G 311 55.04 46.94 4.62
CA ALA G 311 53.89 46.38 5.31
C ALA G 311 52.78 46.10 4.31
N GLU G 312 52.76 46.90 3.25
CA GLU G 312 51.75 46.77 2.21
C GLU G 312 51.84 45.41 1.51
N ARG G 313 52.99 44.75 1.59
CA ARG G 313 53.12 43.41 1.02
C ARG G 313 52.74 42.31 2.01
N LEU G 314 53.16 42.47 3.26
CA LEU G 314 52.82 41.51 4.31
C LEU G 314 51.32 41.28 4.39
N LEU G 315 50.57 42.38 4.38
CA LEU G 315 49.12 42.30 4.52
C LEU G 315 48.45 41.39 3.49
N ASP G 316 48.99 41.36 2.29
CA ASP G 316 48.40 40.56 1.22
C ASP G 316 48.81 39.09 1.21
N ARG G 317 49.53 38.64 2.23
CA ARG G 317 50.00 37.26 2.25
C ARG G 317 49.12 36.34 3.09
N PHE G 318 48.42 36.89 4.08
CA PHE G 318 47.54 36.10 4.93
C PHE G 318 46.42 35.43 4.11
N THR G 319 46.04 34.23 4.52
CA THR G 319 44.91 33.55 3.90
C THR G 319 43.94 33.07 4.99
N LEU G 320 44.28 33.33 6.25
CA LEU G 320 43.34 33.00 7.32
C LEU G 320 42.92 34.26 8.07
N PHE G 321 43.89 34.95 8.67
CA PHE G 321 43.67 36.28 9.22
C PHE G 321 42.98 37.17 8.19
N THR G 322 42.01 37.96 8.65
CA THR G 322 41.28 38.86 7.76
C THR G 322 41.83 40.30 7.78
N CYS G 323 42.04 40.88 6.61
CA CYS G 323 42.51 42.27 6.55
C CYS G 323 41.32 43.24 6.65
N GLY G 324 41.06 43.75 7.86
CA GLY G 324 39.92 44.62 8.12
C GLY G 324 40.01 45.34 9.46
N VAL G 325 38.99 46.12 9.83
CA VAL G 325 38.98 46.85 11.12
C VAL G 325 37.97 46.38 12.17
N SER G 326 37.79 47.22 13.19
CA SER G 326 37.29 46.83 14.50
C SER G 326 38.12 45.67 15.00
N LEU G 327 37.63 44.97 16.01
CA LEU G 327 38.37 43.86 16.60
C LEU G 327 37.48 43.12 17.57
N GLY G 328 38.03 42.09 18.19
CA GLY G 328 37.36 41.40 19.28
C GLY G 328 36.48 40.23 18.88
N GLY G 329 36.20 40.08 17.59
CA GLY G 329 35.24 39.09 17.14
C GLY G 329 35.81 37.71 16.88
N VAL G 330 34.92 36.78 16.52
CA VAL G 330 35.33 35.40 16.25
C VAL G 330 36.29 35.24 15.07
N HIS G 331 36.24 36.14 14.09
CA HIS G 331 37.19 36.13 12.97
C HIS G 331 38.44 36.94 13.29
N SER G 332 39.62 36.30 13.25
CA SER G 332 40.87 37.01 13.48
C SER G 332 41.14 38.05 12.40
N LEU G 333 41.65 39.21 12.81
CA LEU G 333 41.95 40.26 11.85
C LEU G 333 43.40 40.74 11.94
N VAL G 334 43.89 41.29 10.84
CA VAL G 334 45.19 41.94 10.85
C VAL G 334 45.05 43.32 10.18
N GLU G 335 45.71 44.33 10.76
CA GLU G 335 45.73 45.67 10.14
C GLU G 335 47.11 46.29 10.19
N CYS G 336 47.29 47.35 9.42
CA CYS G 336 48.44 48.22 9.62
C CYS G 336 47.87 49.56 10.06
N PRO G 337 47.93 49.83 11.37
CA PRO G 337 47.34 51.05 11.96
C PRO G 337 47.73 52.32 11.18
N ALA G 338 48.89 52.30 10.53
CA ALA G 338 49.31 53.41 9.69
C ALA G 338 48.57 53.48 8.34
N LEU G 339 47.73 52.48 8.06
CA LEU G 339 46.95 52.43 6.82
C LEU G 339 45.51 52.21 7.22
N MSE G 340 45.36 51.41 8.25
CA MSE G 340 44.03 51.19 8.75
C MSE G 340 43.81 52.22 9.87
O MSE G 340 44.09 53.39 9.62
CB MSE G 340 43.88 49.70 8.97
CG MSE G 340 44.28 49.16 7.58
SE MSE G 340 44.83 47.40 7.15
CE MSE G 340 43.05 46.58 7.23
N THR G 341 43.29 51.87 11.05
CA THR G 341 43.00 52.89 12.10
C THR G 341 43.66 54.29 12.04
N HIS G 342 44.99 54.35 12.16
CA HIS G 342 45.67 55.63 12.44
C HIS G 342 46.21 56.31 11.19
N ARG G 343 45.55 56.06 10.08
CA ARG G 343 45.81 56.80 8.85
C ARG G 343 45.40 58.28 8.94
N PRO G 344 44.27 58.60 9.63
CA PRO G 344 43.92 60.01 9.82
C PRO G 344 45.01 60.83 10.50
N LEU G 345 45.55 60.31 11.59
CA LEU G 345 46.68 60.95 12.26
C LEU G 345 47.77 61.20 11.24
N SER G 346 48.49 62.32 11.36
CA SER G 346 49.63 62.58 10.50
C SER G 346 50.71 61.54 10.79
N ALA G 347 51.88 61.71 10.19
CA ALA G 347 53.00 60.81 10.44
C ALA G 347 53.90 61.41 11.52
N GLU G 348 53.81 62.72 11.70
CA GLU G 348 54.56 63.41 12.76
C GLU G 348 54.05 63.00 14.13
N ALA G 349 52.74 63.13 14.34
CA ALA G 349 52.11 62.60 15.55
C ALA G 349 52.57 61.16 15.70
N ARG G 350 52.45 60.42 14.61
CA ARG G 350 52.79 59.00 14.61
C ARG G 350 54.26 58.80 14.88
N ALA G 351 55.11 59.64 14.26
CA ALA G 351 56.53 59.57 14.54
C ALA G 351 56.82 60.03 15.97
N ARG G 352 56.09 61.02 16.46
CA ARG G 352 56.36 61.55 17.80
C ARG G 352 55.82 60.59 18.85
N ARG G 353 55.05 59.62 18.39
CA ARG G 353 54.44 58.63 19.26
C ARG G 353 55.31 57.39 19.31
N GLY G 354 55.56 56.83 18.14
CA GLY G 354 56.34 55.61 18.06
C GLY G 354 55.61 54.65 17.17
N ILE G 355 54.49 55.12 16.61
CA ILE G 355 53.74 54.34 15.63
C ILE G 355 54.55 54.26 14.32
N GLY G 356 55.46 53.29 14.26
CA GLY G 356 56.27 53.09 13.07
C GLY G 356 55.39 52.75 11.88
N GLU G 357 55.81 53.12 10.68
CA GLU G 357 54.99 52.83 9.50
C GLU G 357 54.96 51.34 9.14
N SER G 358 55.61 50.50 9.96
CA SER G 358 55.52 49.05 9.78
C SER G 358 55.13 48.33 11.05
N LEU G 359 54.36 49.00 11.88
CA LEU G 359 53.74 48.36 13.03
C LEU G 359 52.50 47.62 12.54
N ILE G 360 52.35 46.37 12.96
CA ILE G 360 51.24 45.52 12.56
C ILE G 360 50.49 45.11 13.81
N ARG G 361 49.15 45.16 13.75
CA ARG G 361 48.32 44.77 14.89
C ARG G 361 47.49 43.53 14.56
N LEU G 362 47.43 42.59 15.49
CA LEU G 362 46.60 41.40 15.33
C LEU G 362 45.40 41.44 16.27
N SER G 363 44.22 41.18 15.70
CA SER G 363 43.02 40.94 16.48
C SER G 363 42.73 39.44 16.43
N VAL G 364 42.98 38.75 17.53
CA VAL G 364 42.87 37.30 17.53
C VAL G 364 41.45 36.84 17.80
N GLY G 365 40.92 36.05 16.87
CA GLY G 365 39.61 35.45 17.03
C GLY G 365 39.68 34.11 17.72
N ILE G 366 38.80 33.19 17.34
CA ILE G 366 38.69 31.95 18.10
C ILE G 366 39.11 30.69 17.33
N GLU G 367 39.69 30.88 16.15
CA GLU G 367 40.13 29.76 15.30
C GLU G 367 41.20 28.91 15.99
N ASP G 368 41.49 27.73 15.44
CA ASP G 368 42.51 26.86 16.04
C ASP G 368 43.84 27.62 16.07
N PRO G 369 44.45 27.70 17.26
CA PRO G 369 45.65 28.51 17.47
C PRO G 369 46.76 28.13 16.51
N GLN G 370 46.85 26.86 16.13
CA GLN G 370 47.95 26.48 15.25
C GLN G 370 47.76 26.87 13.78
N ASP G 371 46.52 26.93 13.29
CA ASP G 371 46.31 27.50 11.96
C ASP G 371 46.71 28.95 11.92
N LEU G 372 46.34 29.69 12.97
CA LEU G 372 46.66 31.11 13.03
C LEU G 372 48.17 31.29 13.09
N ALA G 373 48.82 30.40 13.83
CA ALA G 373 50.28 30.41 13.91
C ALA G 373 50.94 30.16 12.55
N GLU G 374 50.44 29.19 11.78
CA GLU G 374 51.04 28.94 10.45
C GLU G 374 50.89 30.13 9.55
N ASP G 375 49.67 30.68 9.50
CA ASP G 375 49.35 31.77 8.59
C ASP G 375 50.28 32.95 8.88
N LEU G 376 50.35 33.33 10.15
CA LEU G 376 51.24 34.40 10.58
C LEU G 376 52.67 34.11 10.13
N SER G 377 53.15 32.91 10.43
CA SER G 377 54.51 32.54 10.09
C SER G 377 54.73 32.47 8.58
N ARG G 378 53.74 31.98 7.85
CA ARG G 378 53.81 31.90 6.40
C ARG G 378 53.87 33.30 5.79
N ALA G 379 53.04 34.19 6.30
CA ALA G 379 53.01 35.57 5.82
C ALA G 379 54.36 36.24 6.08
N LEU G 380 54.85 36.07 7.31
CA LEU G 380 56.14 36.62 7.70
C LEU G 380 57.30 36.13 6.84
N ALA G 381 57.26 34.86 6.44
CA ALA G 381 58.36 34.25 5.69
C ALA G 381 58.38 34.67 4.22
N GLY G 382 57.21 34.99 3.69
CA GLY G 382 57.08 35.36 2.29
C GLY G 382 57.26 34.21 1.31
N GLY G 383 57.62 34.54 0.08
CA GLY G 383 57.61 33.57 -1.00
C GLY G 383 58.66 32.50 -0.87
N GLY H 6 11.63 55.77 -15.88
CA GLY H 6 10.98 54.71 -15.19
C GLY H 6 10.84 54.75 -13.68
N MSE H 7 10.54 55.92 -13.16
CA MSE H 7 10.53 56.03 -11.72
C MSE H 7 9.38 56.77 -11.06
O MSE H 7 9.59 57.28 -9.98
CB MSE H 7 11.78 56.71 -11.21
CG MSE H 7 13.07 55.99 -11.34
SE MSE H 7 14.29 57.50 -11.50
CE MSE H 7 15.21 57.18 -9.77
N ARG H 8 8.19 56.82 -11.68
CA ARG H 8 6.99 57.28 -10.97
C ARG H 8 6.94 56.87 -9.47
N PHE H 9 6.49 57.79 -8.64
CA PHE H 9 6.55 57.64 -7.19
C PHE H 9 6.28 56.22 -6.70
N GLY H 10 5.17 55.64 -7.16
CA GLY H 10 4.74 54.31 -6.72
C GLY H 10 5.57 53.12 -7.21
N THR H 11 6.32 53.30 -8.28
CA THR H 11 7.31 52.32 -8.70
C THR H 11 8.59 52.47 -7.87
N ARG H 12 8.93 53.73 -7.54
CA ARG H 12 10.06 54.04 -6.67
C ARG H 12 9.98 53.35 -5.32
N LEU H 13 8.76 53.20 -4.82
CA LEU H 13 8.55 52.53 -3.54
C LEU H 13 9.07 51.10 -3.59
N VAL H 14 8.79 50.41 -4.70
CA VAL H 14 9.18 49.01 -4.84
C VAL H 14 10.62 48.86 -5.32
N HIS H 15 11.08 49.77 -6.18
CA HIS H 15 12.31 49.57 -6.92
C HIS H 15 13.47 50.52 -6.66
N GLY H 16 13.18 51.77 -6.27
CA GLY H 16 14.25 52.70 -5.98
C GLY H 16 15.12 52.09 -4.91
N GLY H 17 16.42 51.97 -5.17
CA GLY H 17 17.34 51.37 -4.21
C GLY H 17 17.40 49.86 -4.35
N ARG H 18 16.67 49.29 -5.31
CA ARG H 18 16.63 47.84 -5.47
C ARG H 18 17.49 47.47 -6.65
N ARG H 19 18.43 46.57 -6.37
CA ARG H 19 19.74 46.58 -6.96
C ARG H 19 20.11 45.19 -7.44
N PRO H 20 20.86 45.09 -8.55
CA PRO H 20 21.24 43.75 -9.04
C PRO H 20 22.12 43.02 -8.04
N SER H 21 22.17 41.70 -8.16
CA SER H 21 23.10 40.88 -7.38
C SER H 21 23.77 39.87 -8.31
N ALA H 22 24.72 40.34 -9.11
CA ALA H 22 25.41 39.54 -10.13
C ALA H 22 25.82 38.15 -9.63
N GLY H 23 25.30 37.11 -10.28
CA GLY H 23 25.65 35.77 -9.89
C GLY H 23 24.53 35.06 -9.16
N THR H 24 24.03 35.65 -8.09
CA THR H 24 22.88 35.02 -7.47
C THR H 24 21.61 35.62 -8.07
N GLY H 25 21.55 36.95 -8.12
CA GLY H 25 20.45 37.63 -8.78
C GLY H 25 19.22 37.79 -7.91
N ASP H 26 19.42 37.78 -6.59
CA ASP H 26 18.35 38.01 -5.62
C ASP H 26 17.48 39.18 -6.03
N VAL H 27 16.16 38.99 -6.01
CA VAL H 27 15.25 40.10 -6.28
C VAL H 27 15.21 41.06 -5.08
N VAL H 28 15.02 40.50 -3.89
CA VAL H 28 15.17 41.25 -2.65
C VAL H 28 16.65 41.26 -2.25
N PRO H 29 17.25 42.45 -2.12
CA PRO H 29 18.69 42.50 -1.81
C PRO H 29 18.98 41.83 -0.46
N PRO H 30 20.13 41.16 -0.35
CA PRO H 30 20.41 40.44 0.89
C PRO H 30 20.66 41.39 2.06
N ILE H 31 20.49 40.90 3.30
CA ILE H 31 20.66 41.74 4.47
C ILE H 31 22.13 41.79 4.90
N HIS H 32 22.77 42.93 4.72
CA HIS H 32 24.20 43.06 5.07
C HIS H 32 24.36 43.38 6.55
N VAL H 33 24.59 42.36 7.36
CA VAL H 33 24.77 42.55 8.80
C VAL H 33 26.24 42.71 9.23
N SER H 34 27.17 42.35 8.35
CA SER H 34 28.58 42.41 8.72
C SER H 34 28.99 43.81 9.20
N THR H 35 29.58 43.88 10.40
CA THR H 35 30.08 45.14 10.93
C THR H 35 31.31 45.53 10.14
N THR H 36 32.01 44.51 9.65
CA THR H 36 33.31 44.72 9.04
C THR H 36 33.50 44.10 7.67
N TYR H 37 34.41 44.67 6.89
CA TYR H 37 34.62 44.25 5.52
C TYR H 37 36.09 43.95 5.29
N GLU H 38 36.36 42.91 4.49
CA GLU H 38 37.72 42.56 4.12
C GLU H 38 38.31 43.58 3.17
N ARG H 39 39.55 43.97 3.46
CA ARG H 39 40.27 45.00 2.73
C ARG H 39 41.24 44.41 1.70
N ARG H 40 40.71 43.56 0.85
CA ARG H 40 41.48 42.93 -0.22
C ARG H 40 40.46 42.33 -1.16
N ALA H 41 39.23 42.31 -0.67
CA ALA H 41 38.08 41.77 -1.40
C ALA H 41 37.33 42.91 -2.02
N GLN H 42 37.95 44.10 -1.99
CA GLN H 42 37.44 45.29 -2.65
C GLN H 42 38.50 45.93 -3.56
N ASP H 43 38.06 46.61 -4.62
CA ASP H 43 38.95 47.12 -5.66
C ASP H 43 39.49 48.51 -5.35
N GLU H 44 38.56 49.45 -5.17
CA GLU H 44 38.89 50.79 -4.77
C GLU H 44 38.06 51.05 -3.51
N PRO H 45 38.43 50.37 -2.42
CA PRO H 45 37.73 50.18 -1.14
C PRO H 45 36.65 51.21 -0.87
N ARG H 46 35.40 50.74 -0.81
CA ARG H 46 34.22 51.58 -0.69
C ARG H 46 33.58 51.38 0.69
N TYR H 47 33.99 50.31 1.37
CA TYR H 47 33.40 49.90 2.65
C TYR H 47 34.51 49.51 3.63
N PHE H 48 34.54 50.20 4.78
CA PHE H 48 35.66 50.04 5.69
C PHE H 48 35.14 49.53 7.05
N TYR H 49 33.97 50.01 7.45
CA TYR H 49 33.40 49.70 8.76
C TYR H 49 31.93 50.14 8.78
N GLY H 50 31.07 49.33 9.38
CA GLY H 50 29.63 49.51 9.33
C GLY H 50 29.10 50.90 9.71
N ARG H 51 29.66 51.50 10.77
CA ARG H 51 29.18 52.78 11.24
C ARG H 51 29.22 53.82 10.12
N GLY H 52 30.31 53.83 9.37
CA GLY H 52 30.40 54.66 8.18
C GLY H 52 29.61 54.13 6.99
N GLU H 53 29.80 52.86 6.65
CA GLU H 53 29.33 52.34 5.36
C GLU H 53 28.60 51.00 5.49
N ASN H 54 27.45 50.88 4.81
CA ASN H 54 26.66 49.64 4.78
C ASN H 54 25.66 49.60 3.61
N PRO H 55 25.77 48.60 2.72
CA PRO H 55 24.92 48.52 1.51
C PRO H 55 23.40 48.51 1.77
N THR H 56 22.93 47.80 2.79
CA THR H 56 21.50 47.74 3.09
C THR H 56 21.01 49.11 3.54
N ARG H 57 21.79 49.76 4.39
CA ARG H 57 21.44 51.11 4.81
C ARG H 57 21.45 52.07 3.61
N GLU H 58 22.45 51.94 2.74
CA GLU H 58 22.55 52.82 1.57
C GLU H 58 21.36 52.65 0.64
N GLU H 59 20.93 51.40 0.45
CA GLU H 59 19.82 51.09 -0.44
C GLU H 59 18.52 51.75 0.04
N LEU H 60 18.27 51.71 1.36
CA LEU H 60 17.08 52.33 1.92
C LEU H 60 17.19 53.84 1.72
N GLU H 61 18.38 54.39 1.94
CA GLU H 61 18.63 55.80 1.63
C GLU H 61 18.31 56.16 0.17
N GLU H 62 18.84 55.38 -0.78
CA GLU H 62 18.54 55.60 -2.20
C GLU H 62 17.05 55.57 -2.41
N CYS H 63 16.42 54.58 -1.78
CA CYS H 63 14.98 54.45 -1.80
C CYS H 63 14.31 55.75 -1.33
N LEU H 64 14.63 56.22 -0.14
CA LEU H 64 13.99 57.43 0.40
C LEU H 64 14.26 58.69 -0.44
N ALA H 65 15.53 58.93 -0.78
CA ALA H 65 15.89 60.05 -1.66
C ALA H 65 15.06 60.06 -2.94
N GLY H 66 14.79 58.85 -3.45
CA GLY H 66 14.04 58.68 -4.68
C GLY H 66 12.64 59.24 -4.61
N LEU H 67 11.95 59.00 -3.50
CA LEU H 67 10.56 59.43 -3.33
C LEU H 67 10.34 60.95 -3.48
N GLU H 68 11.42 61.73 -3.38
CA GLU H 68 11.31 63.19 -3.50
C GLU H 68 12.19 63.72 -4.63
N ARG H 69 12.67 62.82 -5.49
CA ARG H 69 13.57 63.17 -6.57
C ARG H 69 14.80 63.93 -6.04
N ALA H 70 15.27 63.55 -4.85
CA ALA H 70 16.39 64.24 -4.22
C ALA H 70 17.70 63.50 -4.43
N PRO H 71 18.81 64.26 -4.50
CA PRO H 71 20.07 63.53 -4.70
C PRO H 71 20.54 62.72 -3.49
N PHE H 72 20.15 63.12 -2.28
CA PHE H 72 20.69 62.49 -1.08
C PHE H 72 19.64 62.14 -0.04
N ALA H 73 19.98 61.14 0.77
CA ALA H 73 19.26 60.89 2.00
C ALA H 73 20.17 60.20 2.99
N THR H 74 19.89 60.41 4.27
CA THR H 74 20.65 59.77 5.34
C THR H 74 19.66 59.25 6.39
N VAL H 75 19.79 57.99 6.77
CA VAL H 75 18.89 57.41 7.78
C VAL H 75 19.56 57.30 9.15
N PHE H 76 18.73 57.25 10.17
CA PHE H 76 19.18 57.37 11.55
C PHE H 76 18.50 56.35 12.45
N SER H 77 19.03 56.19 13.65
CA SER H 77 18.49 55.27 14.64
C SER H 77 17.05 55.65 15.06
N SER H 78 16.65 56.90 14.80
CA SER H 78 15.29 57.35 15.10
C SER H 78 15.00 58.71 14.48
N GLY H 79 13.72 59.09 14.49
CA GLY H 79 13.33 60.45 14.14
C GLY H 79 14.11 61.48 14.94
N GLN H 80 14.20 61.26 16.25
CA GLN H 80 14.98 62.15 17.14
C GLN H 80 16.45 62.30 16.74
N ALA H 81 17.07 61.23 16.29
CA ALA H 81 18.47 61.30 15.87
C ALA H 81 18.63 62.17 14.61
N ALA H 82 17.69 62.02 13.67
CA ALA H 82 17.72 62.83 12.46
C ALA H 82 17.56 64.32 12.80
N ALA H 83 16.61 64.63 13.68
CA ALA H 83 16.41 66.01 14.13
C ALA H 83 17.63 66.54 14.90
N ALA H 84 18.18 65.71 15.78
CA ALA H 84 19.36 66.07 16.57
C ALA H 84 20.54 66.41 15.66
N THR H 85 20.69 65.64 14.60
CA THR H 85 21.81 65.77 13.68
C THR H 85 21.76 67.09 12.90
N LEU H 86 20.59 67.34 12.32
CA LEU H 86 20.37 68.57 11.57
C LEU H 86 20.52 69.79 12.50
N LEU H 87 19.92 69.72 13.68
CA LEU H 87 19.99 70.82 14.64
C LEU H 87 21.41 71.10 15.16
N SER H 88 22.27 70.08 15.15
CA SER H 88 23.64 70.23 15.65
C SER H 88 24.44 71.18 14.77
N LEU H 89 23.95 71.42 13.56
CA LEU H 89 24.64 72.29 12.62
C LEU H 89 24.43 73.78 12.92
N VAL H 90 23.41 74.13 13.72
CA VAL H 90 23.28 75.50 14.20
C VAL H 90 24.38 75.83 15.19
N ARG H 91 25.08 76.95 14.97
CA ARG H 91 26.17 77.35 15.87
C ARG H 91 25.69 78.08 17.12
N PRO H 92 26.51 78.03 18.19
CA PRO H 92 26.36 79.03 19.24
C PRO H 92 26.41 80.38 18.55
N GLY H 93 25.42 81.23 18.76
CA GLY H 93 25.43 82.53 18.12
C GLY H 93 24.45 82.67 16.98
N GLN H 94 23.73 81.59 16.69
CA GLN H 94 22.78 81.59 15.60
C GLN H 94 21.34 81.37 16.04
N CYS H 95 20.39 81.76 15.20
CA CYS H 95 18.98 81.67 15.52
C CYS H 95 18.21 80.58 14.76
N VAL H 96 17.39 79.83 15.51
CA VAL H 96 16.40 78.92 14.95
C VAL H 96 15.03 79.51 15.25
N VAL H 97 14.14 79.48 14.26
CA VAL H 97 12.79 80.00 14.43
C VAL H 97 11.74 78.96 14.09
N SER H 98 10.87 78.67 15.05
CA SER H 98 9.81 77.69 14.84
C SER H 98 8.51 78.19 15.44
N THR H 99 7.58 77.28 15.70
CA THR H 99 6.30 77.65 16.28
C THR H 99 6.18 77.04 17.67
N ASP H 100 5.18 77.46 18.42
CA ASP H 100 5.07 77.01 19.82
C ASP H 100 4.47 75.62 19.97
N ASP H 101 4.31 74.89 18.87
CA ASP H 101 3.59 73.62 18.93
C ASP H 101 4.22 72.44 18.21
N VAL H 102 5.53 72.46 18.03
CA VAL H 102 6.19 71.33 17.38
C VAL H 102 6.11 70.08 18.26
N TYR H 103 6.48 68.95 17.68
CA TYR H 103 6.57 67.68 18.40
C TYR H 103 7.43 67.83 19.66
N ALA H 104 7.12 67.00 20.67
CA ALA H 104 7.73 67.11 21.98
C ALA H 104 9.25 67.03 21.98
N GLY H 105 9.79 65.97 21.37
CA GLY H 105 11.23 65.76 21.30
C GLY H 105 11.94 66.90 20.58
N THR H 106 11.25 67.54 19.64
CA THR H 106 11.84 68.68 18.94
C THR H 106 12.09 69.87 19.87
N ASP H 107 11.05 70.31 20.59
CA ASP H 107 11.22 71.43 21.54
C ASP H 107 12.22 71.04 22.63
N GLY H 108 12.31 69.73 22.91
CA GLY H 108 13.37 69.19 23.73
C GLY H 108 14.73 69.33 23.05
N LEU H 109 14.78 69.06 21.75
CA LEU H 109 16.01 69.28 21.00
C LEU H 109 16.32 70.76 20.77
N PHE H 110 15.32 71.64 20.80
CA PHE H 110 15.60 73.08 20.80
C PHE H 110 16.23 73.49 22.15
N ASP H 111 15.79 72.85 23.24
CA ASP H 111 16.33 73.13 24.56
C ASP H 111 17.82 72.86 24.62
N LEU H 112 18.26 71.74 24.07
CA LEU H 112 19.68 71.39 24.09
C LEU H 112 20.50 72.35 23.24
N ALA H 113 19.96 72.74 22.09
CA ALA H 113 20.60 73.72 21.22
C ALA H 113 20.88 75.04 21.95
N ALA H 114 19.85 75.57 22.61
CA ALA H 114 19.97 76.82 23.35
C ALA H 114 21.06 76.74 24.42
N ARG H 115 21.42 75.53 24.82
CA ARG H 115 22.43 75.35 25.86
C ARG H 115 23.81 75.45 25.25
N GLN H 116 23.83 75.62 23.95
CA GLN H 116 25.09 75.67 23.23
C GLN H 116 25.13 77.01 22.53
N GLY H 117 24.43 78.01 23.08
CA GLY H 117 24.42 79.36 22.53
C GLY H 117 23.52 79.61 21.34
N VAL H 118 22.61 78.68 21.05
CA VAL H 118 21.71 78.79 19.91
C VAL H 118 20.42 79.55 20.27
N ARG H 119 20.03 80.52 19.45
CA ARG H 119 18.82 81.30 19.71
C ARG H 119 17.54 80.65 19.17
N VAL H 120 16.69 80.13 20.06
CA VAL H 120 15.43 79.52 19.67
C VAL H 120 14.26 80.51 19.78
N ARG H 121 13.59 80.81 18.66
CA ARG H 121 12.53 81.83 18.67
C ARG H 121 11.22 81.38 18.03
N TYR H 122 10.20 81.17 18.86
CA TYR H 122 8.87 80.77 18.37
C TYR H 122 8.18 81.91 17.62
N ALA H 123 7.24 81.53 16.77
CA ALA H 123 6.44 82.51 16.04
C ALA H 123 5.17 81.83 15.55
N ASP H 124 4.16 82.62 15.20
CA ASP H 124 2.97 82.05 14.56
C ASP H 124 3.18 82.11 13.06
N LEU H 125 3.62 81.00 12.47
CA LEU H 125 3.92 80.95 11.05
C LEU H 125 2.66 80.81 10.18
N THR H 126 1.52 80.53 10.79
CA THR H 126 0.27 80.36 10.03
C THR H 126 -0.27 81.68 9.47
N THR H 127 0.43 82.78 9.75
CA THR H 127 -0.01 84.11 9.35
C THR H 127 1.16 84.96 8.84
N PRO H 128 0.89 85.83 7.85
CA PRO H 128 1.94 86.65 7.24
C PRO H 128 2.63 87.59 8.22
N GLU H 129 1.84 88.25 9.06
CA GLU H 129 2.38 89.22 10.03
C GLU H 129 3.16 88.54 11.16
N GLY H 130 3.10 87.21 11.22
CA GLY H 130 3.97 86.49 12.13
C GLY H 130 5.29 86.20 11.45
N ILE H 131 5.20 85.66 10.24
CA ILE H 131 6.35 85.34 9.40
C ILE H 131 7.34 86.49 9.30
N ALA H 132 6.79 87.68 9.09
CA ALA H 132 7.58 88.89 8.89
C ALA H 132 8.58 89.13 10.01
N ALA H 133 8.07 89.15 11.24
CA ALA H 133 8.89 89.43 12.42
C ALA H 133 9.64 88.20 12.89
N ALA H 134 9.23 87.04 12.38
CA ALA H 134 9.86 85.78 12.72
C ALA H 134 11.12 85.61 11.93
N LEU H 135 11.14 86.19 10.73
CA LEU H 135 12.21 85.95 9.78
C LEU H 135 13.07 87.18 9.64
N ALA H 136 12.57 88.30 10.17
CA ALA H 136 13.39 89.50 10.28
C ALA H 136 14.34 89.37 11.48
N GLU H 137 14.14 88.32 12.28
CA GLU H 137 15.01 88.03 13.43
C GLU H 137 16.46 87.92 12.97
N PRO H 138 17.40 88.45 13.76
CA PRO H 138 18.82 88.50 13.36
C PRO H 138 19.59 87.19 13.51
N ASP H 139 20.62 87.03 12.67
CA ASP H 139 21.45 85.83 12.64
C ASP H 139 20.63 84.55 12.51
N LEU H 140 19.75 84.54 11.52
CA LEU H 140 18.83 83.44 11.28
C LEU H 140 19.45 82.43 10.34
N ALA H 141 19.46 81.15 10.73
CA ALA H 141 20.09 80.10 9.94
C ALA H 141 19.15 78.93 9.65
N LEU H 142 18.22 78.67 10.56
CA LEU H 142 17.34 77.52 10.42
C LEU H 142 15.89 77.88 10.70
N VAL H 143 15.00 77.52 9.78
CA VAL H 143 13.57 77.61 10.02
C VAL H 143 12.96 76.23 10.06
N TRP H 144 12.29 75.93 11.18
CA TRP H 144 11.81 74.58 11.47
C TRP H 144 10.29 74.53 11.33
N ILE H 145 9.83 73.93 10.24
CA ILE H 145 8.39 73.82 9.99
C ILE H 145 7.90 72.41 10.28
N GLU H 146 6.86 72.30 11.09
CA GLU H 146 6.16 71.02 11.23
C GLU H 146 4.72 71.24 10.80
N THR H 147 4.33 70.60 9.70
CA THR H 147 3.00 70.83 9.14
C THR H 147 2.49 69.59 8.43
N PRO H 148 1.24 69.19 8.71
CA PRO H 148 0.30 69.75 9.69
C PRO H 148 0.81 69.64 11.14
N THR H 149 0.24 70.44 12.05
CA THR H 149 0.64 70.44 13.46
C THR H 149 -0.10 69.40 14.28
N ASN H 150 0.39 69.16 15.49
CA ASN H 150 -0.27 68.24 16.40
C ASN H 150 -0.63 68.87 17.76
N PRO H 151 -1.80 68.49 18.31
CA PRO H 151 -2.82 67.65 17.68
C PRO H 151 -3.92 68.50 17.01
N LEU H 152 -3.63 69.74 16.70
CA LEU H 152 -4.68 70.64 16.20
C LEU H 152 -4.75 70.70 14.67
N LEU H 153 -3.72 70.19 14.01
CA LEU H 153 -3.71 70.02 12.56
C LEU H 153 -3.79 71.35 11.80
N THR H 154 -3.17 72.39 12.35
CA THR H 154 -3.03 73.63 11.61
C THR H 154 -1.96 73.40 10.54
N VAL H 155 -1.94 74.23 9.51
CA VAL H 155 -0.96 74.07 8.44
C VAL H 155 -0.25 75.41 8.13
N VAL H 156 1.05 75.32 7.87
CA VAL H 156 1.87 76.46 7.49
C VAL H 156 2.25 76.33 6.00
N ASP H 157 2.17 77.45 5.27
CA ASP H 157 2.48 77.51 3.84
C ASP H 157 3.99 77.37 3.61
N VAL H 158 4.45 76.13 3.41
CA VAL H 158 5.86 75.84 3.16
C VAL H 158 6.53 76.72 2.08
N ALA H 159 5.87 76.86 0.93
CA ALA H 159 6.46 77.63 -0.17
C ALA H 159 6.65 79.10 0.22
N GLU H 160 5.63 79.67 0.86
CA GLU H 160 5.68 81.07 1.27
C GLU H 160 6.76 81.27 2.33
N VAL H 161 6.78 80.40 3.35
CA VAL H 161 7.83 80.49 4.37
C VAL H 161 9.21 80.32 3.73
N SER H 162 9.36 79.35 2.84
CA SER H 162 10.66 79.06 2.23
C SER H 162 11.21 80.21 1.38
N ARG H 163 10.37 80.78 0.52
CA ARG H 163 10.84 81.87 -0.33
C ARG H 163 11.32 83.06 0.52
N ARG H 164 10.57 83.39 1.57
CA ARG H 164 10.96 84.49 2.47
C ARG H 164 12.19 84.13 3.26
N ALA H 165 12.25 82.90 3.76
CA ALA H 165 13.40 82.48 4.55
C ALA H 165 14.67 82.48 3.70
N HIS H 166 14.50 82.18 2.41
CA HIS H 166 15.63 82.13 1.48
C HIS H 166 16.12 83.52 1.09
N GLU H 167 15.22 84.49 1.12
CA GLU H 167 15.63 85.87 0.93
C GLU H 167 16.56 86.30 2.06
N ARG H 168 16.48 85.60 3.18
CA ARG H 168 17.35 85.89 4.32
C ARG H 168 18.48 84.87 4.47
N GLY H 169 18.51 83.88 3.57
CA GLY H 169 19.62 82.93 3.50
C GLY H 169 19.44 81.63 4.27
N ALA H 170 18.54 81.64 5.25
CA ALA H 170 18.36 80.52 6.19
C ALA H 170 18.06 79.19 5.52
N ARG H 171 18.42 78.11 6.20
CA ARG H 171 18.03 76.77 5.81
C ARG H 171 16.59 76.52 6.29
N VAL H 172 15.82 75.79 5.49
CA VAL H 172 14.43 75.49 5.84
C VAL H 172 14.20 73.98 5.93
N VAL H 173 13.70 73.51 7.06
CA VAL H 173 13.37 72.09 7.21
C VAL H 173 11.87 71.90 7.47
N VAL H 174 11.31 70.85 6.88
CA VAL H 174 9.94 70.46 7.21
C VAL H 174 9.91 69.05 7.79
N ASP H 175 9.37 68.93 9.00
CA ASP H 175 9.09 67.60 9.53
C ASP H 175 7.87 67.12 8.78
N ASN H 176 8.07 66.16 7.89
CA ASN H 176 7.04 65.68 6.99
C ASN H 176 6.48 64.32 7.42
N THR H 177 6.71 63.95 8.67
CA THR H 177 6.26 62.68 9.25
C THR H 177 4.74 62.46 9.18
N PHE H 178 3.99 63.42 9.72
CA PHE H 178 2.52 63.40 9.71
C PHE H 178 2.00 63.11 8.30
N ALA H 179 2.45 63.88 7.33
CA ALA H 179 1.92 63.78 5.98
C ALA H 179 2.41 62.54 5.22
N SER H 180 3.70 62.26 5.33
CA SER H 180 4.44 61.31 4.50
C SER H 180 4.77 61.89 3.12
N PRO H 181 5.75 61.28 2.41
CA PRO H 181 6.09 61.73 1.05
C PRO H 181 4.99 61.44 0.02
N VAL H 182 4.06 60.56 0.35
CA VAL H 182 2.90 60.29 -0.52
C VAL H 182 2.02 61.53 -0.66
N LEU H 183 1.97 62.36 0.37
CA LEU H 183 0.99 63.44 0.40
C LEU H 183 1.61 64.84 0.31
N GLN H 184 2.88 64.95 0.66
CA GLN H 184 3.52 66.25 0.77
C GLN H 184 5.00 66.12 0.39
N GLN H 185 5.46 67.01 -0.49
CA GLN H 185 6.81 66.99 -1.00
C GLN H 185 7.52 68.32 -0.67
N PRO H 186 8.03 68.44 0.57
CA PRO H 186 8.62 69.70 1.04
C PRO H 186 9.71 70.26 0.13
N LEU H 187 10.54 69.41 -0.45
CA LEU H 187 11.62 69.89 -1.32
C LEU H 187 11.07 70.54 -2.61
N ALA H 188 9.97 69.98 -3.10
CA ALA H 188 9.30 70.51 -4.27
C ALA H 188 8.57 71.81 -3.91
N LEU H 189 8.26 71.97 -2.64
CA LEU H 189 7.55 73.16 -2.16
C LEU H 189 8.48 74.33 -1.90
N GLY H 190 9.77 74.07 -1.69
CA GLY H 190 10.73 75.16 -1.47
C GLY H 190 11.74 74.90 -0.35
N ALA H 191 11.42 73.98 0.55
CA ALA H 191 12.30 73.66 1.67
C ALA H 191 13.65 73.08 1.23
N ASP H 192 14.62 73.05 2.14
CA ASP H 192 15.93 72.47 1.86
C ASP H 192 16.06 71.02 2.35
N VAL H 193 15.28 70.66 3.37
CA VAL H 193 15.41 69.36 4.02
C VAL H 193 14.03 68.86 4.39
N SER H 194 13.78 67.58 4.13
CA SER H 194 12.60 66.91 4.67
C SER H 194 13.07 66.01 5.80
N LEU H 195 12.41 66.11 6.95
CA LEU H 195 12.79 65.34 8.12
C LEU H 195 11.69 64.32 8.46
N TYR H 196 12.10 63.11 8.85
CA TYR H 196 11.14 62.04 9.12
C TYR H 196 11.44 61.19 10.36
N SER H 197 10.37 60.78 11.04
CA SER H 197 10.41 59.63 11.92
C SER H 197 9.85 58.42 11.15
N THR H 198 10.72 57.73 10.41
CA THR H 198 10.31 56.54 9.69
C THR H 198 9.67 55.48 10.60
N THR H 199 9.84 55.64 11.91
CA THR H 199 9.13 54.82 12.91
C THR H 199 7.62 54.77 12.65
N1 LLP H 200 8.45 64.01 14.55
C2 LLP H 200 7.19 63.60 14.54
C2' LLP H 200 6.09 64.39 13.76
C3 LLP H 200 6.83 62.44 15.27
O3 LLP H 200 5.49 62.04 15.24
C4 LLP H 200 7.78 61.73 15.97
C4' LLP H 200 7.36 60.40 16.79
C5 LLP H 200 9.09 62.18 15.98
C6 LLP H 200 9.43 63.33 15.26
C5' LLP H 200 10.23 61.45 16.76
OP4 LLP H 200 10.73 60.38 16.01
P LLP H 200 11.26 59.10 16.70
OP1 LLP H 200 11.45 58.07 15.57
OP2 LLP H 200 12.55 59.42 17.35
OP3 LLP H 200 10.27 58.63 17.68
N LLP H 200 7.10 55.87 12.09
CA LLP H 200 5.65 55.99 11.92
CB LLP H 200 5.34 57.41 12.31
CG LLP H 200 5.84 57.32 13.77
CD LLP H 200 5.24 58.35 14.70
CE LLP H 200 6.18 58.52 15.92
NZ LLP H 200 6.07 59.91 16.39
C LLP H 200 5.23 55.47 10.57
O LLP H 200 5.55 54.32 10.29
N SER H 201 4.56 56.26 9.74
CA SER H 201 3.95 55.71 8.54
C SER H 201 4.90 55.13 7.48
N ILE H 202 6.13 55.64 7.38
CA ILE H 202 7.07 55.15 6.36
C ILE H 202 7.34 53.64 6.51
N ALA H 203 7.81 53.23 7.67
CA ALA H 203 7.91 51.80 7.95
C ALA H 203 6.50 51.21 8.07
N GLY H 204 5.67 51.82 8.91
CA GLY H 204 4.24 51.56 8.87
C GLY H 204 3.66 50.45 9.72
N HIS H 205 4.49 49.56 10.27
CA HIS H 205 3.96 48.37 10.93
C HIS H 205 4.25 48.35 12.43
N ALA H 206 4.66 49.50 12.93
CA ALA H 206 4.93 49.70 14.35
C ALA H 206 5.94 48.70 14.90
N ASP H 207 6.95 48.35 14.09
CA ASP H 207 7.92 47.34 14.53
C ASP H 207 9.38 47.75 14.35
N VAL H 208 9.62 49.03 14.05
CA VAL H 208 10.99 49.53 13.93
C VAL H 208 11.06 51.05 14.17
N LEU H 209 12.05 51.47 14.97
CA LEU H 209 12.35 52.89 15.12
C LEU H 209 13.29 53.27 14.00
N GLY H 210 13.19 54.51 13.53
CA GLY H 210 14.12 55.00 12.53
C GLY H 210 13.87 56.46 12.18
N GLY H 211 14.86 57.07 11.54
CA GLY H 211 14.75 58.44 11.08
C GLY H 211 15.34 58.62 9.69
N ALA H 212 15.10 59.79 9.11
CA ALA H 212 15.62 60.11 7.79
C ALA H 212 15.71 61.62 7.60
N LEU H 213 16.74 62.05 6.88
CA LEU H 213 16.83 63.41 6.35
C LEU H 213 16.96 63.24 4.84
N VAL H 214 16.18 64.00 4.09
CA VAL H 214 16.25 63.98 2.64
C VAL H 214 16.44 65.43 2.16
N TYR H 215 17.35 65.63 1.22
CA TYR H 215 17.84 66.97 0.93
C TYR H 215 18.69 66.97 -0.34
N ARG H 216 19.12 68.15 -0.76
CA ARG H 216 19.91 68.24 -1.98
C ARG H 216 21.24 68.94 -1.79
N ASP H 217 21.40 69.63 -0.66
CA ASP H 217 22.60 70.44 -0.41
C ASP H 217 23.82 69.53 -0.27
N ALA H 218 24.78 69.70 -1.18
CA ALA H 218 25.93 68.83 -1.27
C ALA H 218 26.81 68.90 -0.03
N ASP H 219 27.02 70.09 0.50
CA ASP H 219 27.86 70.20 1.69
C ASP H 219 27.12 69.80 2.96
N LEU H 220 25.82 70.03 2.98
CA LEU H 220 24.99 69.54 4.09
C LEU H 220 25.14 68.02 4.21
N HIS H 221 25.20 67.34 3.07
CA HIS H 221 25.39 65.89 3.03
C HIS H 221 26.70 65.52 3.76
N ALA H 222 27.78 66.22 3.41
CA ALA H 222 29.07 66.00 4.05
C ALA H 222 29.00 66.18 5.58
N ALA H 223 28.38 67.27 6.02
CA ALA H 223 28.24 67.55 7.44
C ALA H 223 27.34 66.53 8.19
N VAL H 224 26.23 66.13 7.57
CA VAL H 224 25.32 65.18 8.19
C VAL H 224 25.99 63.82 8.34
N ARG H 225 26.58 63.32 7.26
CA ARG H 225 27.29 62.05 7.31
C ARG H 225 28.42 62.11 8.35
N ALA H 226 29.17 63.21 8.36
CA ALA H 226 30.23 63.37 9.35
C ALA H 226 29.69 63.29 10.78
N TYR H 227 28.56 63.95 11.02
CA TYR H 227 27.96 63.91 12.35
C TYR H 227 27.48 62.50 12.72
N ARG H 228 26.82 61.83 11.79
CA ARG H 228 26.32 60.48 12.06
C ARG H 228 27.47 59.53 12.40
N THR H 229 28.54 59.60 11.62
CA THR H 229 29.68 58.71 11.81
C THR H 229 30.35 58.95 13.15
N THR H 230 30.41 60.21 13.58
CA THR H 230 31.04 60.55 14.85
C THR H 230 30.10 60.38 16.03
N ALA H 231 28.87 60.84 15.89
CA ALA H 231 27.88 60.63 16.95
C ALA H 231 27.40 59.17 17.02
N GLY H 232 27.59 58.42 15.95
CA GLY H 232 27.14 57.03 15.89
C GLY H 232 25.65 56.78 16.09
N ASN H 233 24.81 57.73 15.66
CA ASN H 233 23.37 57.60 15.85
C ASN H 233 22.74 56.88 14.67
N VAL H 234 23.37 55.75 14.33
CA VAL H 234 23.18 55.05 13.09
C VAL H 234 22.26 53.84 13.34
N PRO H 235 21.39 53.48 12.37
CA PRO H 235 20.43 52.42 12.68
C PRO H 235 20.99 51.03 12.36
N GLY H 236 20.33 49.99 12.85
CA GLY H 236 20.68 48.63 12.47
C GLY H 236 20.29 48.23 11.04
N ALA H 237 21.10 47.36 10.45
CA ALA H 237 20.80 46.87 9.10
C ALA H 237 19.51 46.04 9.10
N LEU H 238 19.29 45.23 10.12
CA LEU H 238 18.03 44.49 10.26
C LEU H 238 16.86 45.47 10.43
N ASP H 239 17.03 46.52 11.25
CA ASP H 239 16.04 47.60 11.32
C ASP H 239 15.76 48.16 9.92
N CYS H 240 16.82 48.60 9.23
CA CYS H 240 16.72 49.20 7.90
C CYS H 240 15.94 48.32 6.94
N PHE H 241 16.25 47.01 6.96
CA PHE H 241 15.49 46.03 6.20
C PHE H 241 14.00 46.12 6.51
N LEU H 242 13.65 46.18 7.79
CA LEU H 242 12.24 46.28 8.17
C LEU H 242 11.61 47.61 7.74
N VAL H 243 12.35 48.71 7.86
CA VAL H 243 11.88 49.97 7.30
C VAL H 243 11.68 49.85 5.78
N ARG H 244 12.69 49.34 5.09
CA ARG H 244 12.61 49.17 3.63
C ARG H 244 11.47 48.23 3.28
N ARG H 245 11.37 47.12 4.00
CA ARG H 245 10.28 46.15 3.78
C ARG H 245 8.95 46.86 3.90
N GLY H 246 8.76 47.55 5.02
CA GLY H 246 7.52 48.29 5.25
C GLY H 246 7.24 49.36 4.20
N LEU H 247 8.30 49.94 3.64
CA LEU H 247 8.13 51.05 2.70
C LEU H 247 7.41 50.67 1.40
N HIS H 248 7.60 49.43 0.94
CA HIS H 248 6.94 48.94 -0.28
C HIS H 248 5.45 49.27 -0.34
N THR H 249 4.78 49.21 0.81
CA THR H 249 3.34 49.43 0.83
C THR H 249 2.89 50.83 1.25
N LEU H 250 3.82 51.79 1.29
CA LEU H 250 3.52 53.12 1.83
C LEU H 250 2.32 53.78 1.15
N SER H 251 2.33 53.82 -0.17
CA SER H 251 1.25 54.43 -0.94
C SER H 251 -0.12 53.76 -0.73
N LEU H 252 -0.15 52.43 -0.81
CA LEU H 252 -1.41 51.71 -0.60
C LEU H 252 -1.95 51.94 0.82
N ARG H 253 -1.06 51.91 1.82
CA ARG H 253 -1.48 52.08 3.20
C ARG H 253 -1.96 53.52 3.47
N VAL H 254 -1.30 54.51 2.89
CA VAL H 254 -1.72 55.90 3.05
C VAL H 254 -3.08 56.18 2.41
N HIS H 255 -3.30 55.70 1.20
CA HIS H 255 -4.58 55.97 0.55
C HIS H 255 -5.75 55.36 1.33
N ARG H 256 -5.55 54.15 1.83
CA ARG H 256 -6.50 53.49 2.72
C ARG H 256 -6.74 54.28 4.02
N GLN H 257 -5.66 54.72 4.67
CA GLN H 257 -5.78 55.46 5.94
C GLN H 257 -6.54 56.77 5.72
N VAL H 258 -6.23 57.46 4.63
CA VAL H 258 -6.90 58.72 4.32
C VAL H 258 -8.39 58.51 4.04
N ALA H 259 -8.70 57.52 3.20
CA ALA H 259 -10.08 57.18 2.88
C ALA H 259 -10.88 56.92 4.16
N THR H 260 -10.28 56.23 5.10
CA THR H 260 -10.95 55.92 6.34
C THR H 260 -11.13 57.15 7.24
N ALA H 261 -10.08 57.95 7.40
CA ALA H 261 -10.19 59.20 8.15
C ALA H 261 -11.36 60.07 7.66
N ARG H 262 -11.60 60.07 6.34
CA ARG H 262 -12.73 60.79 5.76
C ARG H 262 -14.06 60.34 6.35
N VAL H 263 -14.31 59.03 6.29
CA VAL H 263 -15.51 58.44 6.83
C VAL H 263 -15.66 58.85 8.30
N LEU H 264 -14.57 58.69 9.06
CA LEU H 264 -14.60 58.93 10.50
C LEU H 264 -14.90 60.40 10.83
N VAL H 265 -14.30 61.31 10.08
CA VAL H 265 -14.58 62.73 10.23
C VAL H 265 -16.07 63.02 10.10
N GLU H 266 -16.72 62.43 9.11
CA GLU H 266 -18.15 62.66 8.98
C GLU H 266 -18.96 61.92 10.05
N ARG H 267 -18.47 60.76 10.51
CA ARG H 267 -19.14 60.10 11.61
C ARG H 267 -19.10 61.01 12.83
N LEU H 268 -17.98 61.72 12.99
CA LEU H 268 -17.78 62.61 14.12
C LEU H 268 -18.67 63.85 14.09
N ARG H 269 -18.83 64.46 12.92
CA ARG H 269 -19.58 65.70 12.83
C ARG H 269 -21.08 65.50 12.94
N ALA H 270 -21.50 64.24 12.93
CA ALA H 270 -22.90 63.89 13.15
C ALA H 270 -23.15 63.43 14.59
N SER H 271 -22.12 63.45 15.44
CA SER H 271 -22.26 62.96 16.81
C SER H 271 -22.74 64.02 17.80
N PRO H 272 -23.72 63.66 18.64
CA PRO H 272 -24.24 64.60 19.65
C PRO H 272 -23.32 64.74 20.87
N VAL H 273 -22.22 64.00 20.93
CA VAL H 273 -21.27 64.20 22.02
C VAL H 273 -19.89 64.62 21.52
N VAL H 274 -19.84 65.23 20.33
CA VAL H 274 -18.61 65.75 19.78
C VAL H 274 -18.78 67.24 19.50
N GLY H 275 -17.81 68.04 19.96
CA GLY H 275 -17.81 69.47 19.70
C GLY H 275 -17.01 69.78 18.45
N ALA H 276 -15.95 70.55 18.60
CA ALA H 276 -15.09 70.86 17.44
C ALA H 276 -14.45 69.59 16.87
N VAL H 277 -14.28 69.58 15.54
CA VAL H 277 -13.54 68.52 14.87
C VAL H 277 -12.41 69.17 14.06
N HIS H 278 -11.21 68.60 14.11
CA HIS H 278 -10.11 69.11 13.33
C HIS H 278 -9.66 68.08 12.32
N TYR H 279 -9.50 68.52 11.09
CA TYR H 279 -9.01 67.68 10.01
C TYR H 279 -8.67 68.59 8.85
N PRO H 280 -7.49 68.41 8.23
CA PRO H 280 -7.03 69.26 7.13
C PRO H 280 -7.81 69.10 5.83
N GLY H 281 -8.91 68.35 5.84
CA GLY H 281 -9.72 68.21 4.64
C GLY H 281 -11.01 69.00 4.65
N LEU H 282 -11.51 69.33 5.86
CA LEU H 282 -12.78 70.03 6.00
C LEU H 282 -12.81 71.38 5.29
N PRO H 283 -13.99 71.76 4.76
CA PRO H 283 -14.30 73.10 4.25
C PRO H 283 -13.98 74.22 5.24
N GLU H 284 -14.12 73.95 6.54
CA GLU H 284 -13.98 75.03 7.51
C GLU H 284 -12.55 75.19 8.01
N HIS H 285 -11.66 74.33 7.52
CA HIS H 285 -10.28 74.39 7.94
C HIS H 285 -9.71 75.73 7.53
N PRO H 286 -9.26 76.52 8.52
CA PRO H 286 -8.93 77.93 8.29
C PRO H 286 -7.89 78.11 7.19
N GLN H 287 -6.96 77.15 7.09
CA GLN H 287 -5.93 77.19 6.06
C GLN H 287 -6.25 76.24 4.92
N HIS H 288 -7.52 76.14 4.53
CA HIS H 288 -7.88 75.13 3.52
C HIS H 288 -7.22 75.37 2.16
N ALA H 289 -6.98 76.63 1.83
CA ALA H 289 -6.32 76.97 0.58
C ALA H 289 -4.91 76.40 0.56
N VAL H 290 -4.19 76.59 1.66
CA VAL H 290 -2.84 76.09 1.76
C VAL H 290 -2.84 74.58 1.73
N VAL H 291 -3.88 73.97 2.32
CA VAL H 291 -3.99 72.51 2.26
C VAL H 291 -4.17 72.09 0.82
N LYS H 292 -5.09 72.73 0.12
CA LYS H 292 -5.32 72.42 -1.28
C LYS H 292 -4.08 72.70 -2.14
N ALA H 293 -3.22 73.60 -1.67
CA ALA H 293 -2.05 73.98 -2.45
C ALA H 293 -0.80 73.11 -2.23
N GLN H 294 -0.72 72.36 -1.13
CA GLN H 294 0.53 71.67 -0.82
C GLN H 294 0.45 70.19 -0.42
N MSE H 295 -0.75 69.70 -0.13
CA MSE H 295 -0.96 68.29 0.19
C MSE H 295 -1.89 67.64 -0.85
O MSE H 295 -2.96 68.17 -1.12
CB MSE H 295 -1.59 68.14 1.59
CG MSE H 295 -1.00 69.07 2.66
SE MSE H 295 -1.83 68.79 4.43
CE MSE H 295 -1.11 66.99 4.76
N SER H 296 -1.49 66.51 -1.42
CA SER H 296 -2.33 65.84 -2.41
C SER H 296 -3.54 65.09 -1.80
N ALA H 297 -3.50 64.84 -0.50
CA ALA H 297 -4.65 64.31 0.23
C ALA H 297 -4.55 64.80 1.67
N PRO H 298 -5.66 64.78 2.42
CA PRO H 298 -5.66 65.45 3.73
C PRO H 298 -5.02 64.70 4.88
N GLY H 299 -4.59 63.46 4.66
CA GLY H 299 -3.88 62.76 5.71
C GLY H 299 -4.74 61.88 6.60
N ALA H 300 -4.08 61.29 7.59
CA ALA H 300 -4.67 60.19 8.34
C ALA H 300 -4.82 60.48 9.82
N ILE H 301 -4.73 61.75 10.22
CA ILE H 301 -4.89 62.10 11.63
C ILE H 301 -6.16 62.93 11.83
N VAL H 302 -6.94 62.58 12.85
CA VAL H 302 -8.17 63.30 13.15
C VAL H 302 -8.18 63.62 14.65
N SER H 303 -8.60 64.81 15.02
CA SER H 303 -8.84 65.11 16.43
C SER H 303 -10.19 65.82 16.65
N PHE H 304 -10.69 65.78 17.89
CA PHE H 304 -12.01 66.30 18.20
C PHE H 304 -12.22 66.52 19.70
N ASP H 305 -13.10 67.47 20.02
CA ASP H 305 -13.51 67.74 21.39
C ASP H 305 -14.61 66.76 21.79
N TYR H 306 -14.35 65.97 22.82
CA TYR H 306 -15.34 65.04 23.34
C TYR H 306 -16.20 65.73 24.40
N LEU H 307 -17.52 65.57 24.30
CA LEU H 307 -18.44 66.24 25.20
C LEU H 307 -19.18 65.32 26.19
N GLY H 308 -19.05 64.01 26.04
CA GLY H 308 -19.88 63.08 26.80
C GLY H 308 -19.49 62.71 28.22
N GLY H 309 -18.32 63.16 28.67
CA GLY H 309 -17.87 62.84 30.01
C GLY H 309 -16.36 62.71 30.06
N PRO H 310 -15.82 62.17 31.16
CA PRO H 310 -14.37 62.08 31.33
C PRO H 310 -13.68 61.38 30.14
N ALA H 311 -12.62 62.00 29.63
CA ALA H 311 -11.85 61.44 28.54
C ALA H 311 -11.37 60.03 28.86
N GLU H 312 -10.94 59.79 30.10
CA GLU H 312 -10.42 58.45 30.45
C GLU H 312 -11.45 57.34 30.28
N ARG H 313 -12.72 57.63 30.55
CA ARG H 313 -13.79 56.67 30.31
C ARG H 313 -14.02 56.42 28.82
N LEU H 314 -13.96 57.48 28.02
CA LEU H 314 -14.05 57.33 26.56
C LEU H 314 -12.94 56.39 26.09
N LEU H 315 -11.71 56.68 26.52
CA LEU H 315 -10.57 55.83 26.17
C LEU H 315 -10.81 54.36 26.55
N ASP H 316 -11.35 54.14 27.75
CA ASP H 316 -11.62 52.78 28.21
C ASP H 316 -12.60 52.01 27.34
N ARG H 317 -13.51 52.71 26.67
CA ARG H 317 -14.58 52.04 25.92
C ARG H 317 -14.21 51.55 24.51
N PHE H 318 -13.10 52.01 23.97
CA PHE H 318 -12.66 51.51 22.67
C PHE H 318 -12.36 50.00 22.71
N THR H 319 -12.75 49.27 21.68
CA THR H 319 -12.46 47.83 21.63
C THR H 319 -11.67 47.43 20.36
N LEU H 320 -11.56 48.34 19.40
CA LEU H 320 -10.78 48.09 18.18
C LEU H 320 -9.57 49.03 18.05
N PHE H 321 -9.81 50.34 18.10
CA PHE H 321 -8.74 51.34 18.23
C PHE H 321 -7.89 50.94 19.45
N THR H 322 -6.58 51.15 19.38
CA THR H 322 -5.67 50.87 20.49
C THR H 322 -5.30 52.16 21.23
N CYS H 323 -5.37 52.13 22.56
CA CYS H 323 -5.01 53.31 23.35
C CYS H 323 -3.51 53.38 23.64
N GLY H 324 -2.86 54.37 23.05
CA GLY H 324 -1.43 54.53 23.20
C GLY H 324 -0.91 55.56 22.22
N VAL H 325 0.35 55.92 22.37
CA VAL H 325 0.93 56.92 21.50
C VAL H 325 1.54 56.23 20.29
N SER H 326 2.21 57.00 19.45
CA SER H 326 2.67 56.58 18.11
C SER H 326 1.53 56.76 17.10
N LEU H 327 1.87 56.75 15.81
CA LEU H 327 0.89 57.08 14.78
C LEU H 327 1.37 56.60 13.42
N GLY H 328 0.44 56.52 12.46
CA GLY H 328 0.80 56.19 11.10
C GLY H 328 0.78 54.69 10.85
N GLY H 329 0.51 53.92 11.90
CA GLY H 329 0.60 52.47 11.87
C GLY H 329 -0.67 51.73 11.45
N VAL H 330 -0.49 50.49 10.98
CA VAL H 330 -1.60 49.68 10.47
C VAL H 330 -2.65 49.42 11.56
N HIS H 331 -2.25 49.53 12.81
CA HIS H 331 -3.20 49.43 13.92
C HIS H 331 -3.69 50.84 14.18
N SER H 332 -5.00 51.05 14.15
CA SER H 332 -5.56 52.36 14.50
C SER H 332 -5.29 52.68 15.96
N LEU H 333 -4.94 53.93 16.24
CA LEU H 333 -4.58 54.33 17.60
C LEU H 333 -5.43 55.50 18.09
N VAL H 334 -5.63 55.58 19.40
CA VAL H 334 -6.36 56.69 20.00
C VAL H 334 -5.60 57.12 21.23
N GLU H 335 -5.60 58.41 21.50
CA GLU H 335 -4.99 58.91 22.71
C GLU H 335 -5.53 60.29 23.05
N CYS H 336 -5.52 60.60 24.34
CA CYS H 336 -5.93 61.91 24.79
C CYS H 336 -4.68 62.67 25.17
N PRO H 337 -4.30 63.67 24.36
CA PRO H 337 -3.13 64.50 24.61
C PRO H 337 -3.04 65.00 26.05
N ALA H 338 -4.17 65.30 26.67
CA ALA H 338 -4.17 65.78 28.05
C ALA H 338 -4.25 64.66 29.10
N LEU H 339 -4.33 63.41 28.67
CA LEU H 339 -4.26 62.31 29.64
C LEU H 339 -3.00 61.52 29.40
N MSE H 340 -2.18 62.03 28.50
CA MSE H 340 -1.01 61.29 28.07
C MSE H 340 0.21 62.22 27.86
O MSE H 340 0.85 62.63 28.84
CB MSE H 340 -1.41 60.38 26.87
CG MSE H 340 -2.21 59.10 27.35
SE MSE H 340 -3.81 58.35 26.45
CE MSE H 340 -2.81 57.07 25.38
N THR H 341 0.53 62.57 26.61
CA THR H 341 1.66 63.44 26.26
C THR H 341 1.71 64.80 27.00
N HIS H 342 0.57 65.45 27.09
CA HIS H 342 0.53 66.81 27.62
C HIS H 342 -0.07 66.83 29.03
N ARG H 343 0.13 65.75 29.77
CA ARG H 343 -0.05 65.74 31.21
C ARG H 343 0.94 66.68 31.91
N PRO H 344 2.23 66.67 31.50
CA PRO H 344 3.21 67.64 32.05
C PRO H 344 2.88 69.12 31.85
N LEU H 345 2.84 69.59 30.59
CA LEU H 345 2.46 70.98 30.29
C LEU H 345 1.24 71.34 31.08
N SER H 346 1.43 72.17 32.10
CA SER H 346 0.36 72.61 32.99
C SER H 346 -0.83 73.08 32.19
N ALA H 347 -2.01 73.03 32.82
CA ALA H 347 -3.26 73.41 32.18
C ALA H 347 -3.19 74.65 31.30
N GLU H 348 -2.49 75.68 31.78
CA GLU H 348 -2.39 76.97 31.09
C GLU H 348 -1.62 76.94 29.75
N ALA H 349 -0.90 75.85 29.47
CA ALA H 349 -0.16 75.75 28.20
C ALA H 349 -0.83 74.75 27.25
N ARG H 350 -2.11 74.52 27.48
CA ARG H 350 -2.92 73.73 26.58
C ARG H 350 -4.09 74.63 26.27
N ALA H 351 -4.53 75.33 27.31
CA ALA H 351 -5.60 76.30 27.21
C ALA H 351 -5.24 77.39 26.20
N ARG H 352 -4.29 78.24 26.59
CA ARG H 352 -3.90 79.40 25.81
C ARG H 352 -3.48 79.03 24.38
N ARG H 353 -3.10 77.76 24.19
CA ARG H 353 -2.79 77.21 22.86
C ARG H 353 -3.64 75.96 22.47
N GLY H 354 -4.93 75.96 22.82
CA GLY H 354 -5.88 75.07 22.18
C GLY H 354 -6.15 73.63 22.61
N ILE H 355 -5.17 72.94 23.19
CA ILE H 355 -5.30 71.50 23.51
C ILE H 355 -6.22 71.22 24.71
N GLY H 356 -7.53 71.23 24.49
CA GLY H 356 -8.49 71.09 25.59
C GLY H 356 -8.38 69.80 26.39
N GLU H 357 -9.02 69.78 27.56
CA GLU H 357 -8.89 68.62 28.45
C GLU H 357 -9.65 67.37 27.97
N SER H 358 -10.49 67.51 26.94
CA SER H 358 -11.15 66.35 26.34
C SER H 358 -10.90 66.29 24.83
N LEU H 359 -9.83 66.91 24.38
CA LEU H 359 -9.41 66.74 23.01
C LEU H 359 -8.90 65.30 22.82
N ILE H 360 -9.43 64.63 21.81
CA ILE H 360 -9.09 63.25 21.50
C ILE H 360 -8.45 63.21 20.12
N ARG H 361 -7.38 62.44 19.95
CA ARG H 361 -6.73 62.34 18.65
C ARG H 361 -6.76 60.91 18.11
N LEU H 362 -7.18 60.78 16.84
CA LEU H 362 -7.20 59.49 16.17
C LEU H 362 -6.06 59.38 15.16
N SER H 363 -5.32 58.28 15.24
CA SER H 363 -4.40 57.90 14.17
C SER H 363 -5.01 56.72 13.43
N VAL H 364 -5.37 56.94 12.17
CA VAL H 364 -6.14 55.96 11.43
C VAL H 364 -5.23 54.89 10.81
N GLY H 365 -5.54 53.62 11.09
CA GLY H 365 -4.83 52.50 10.51
C GLY H 365 -5.57 51.94 9.31
N ILE H 366 -5.22 50.72 8.89
CA ILE H 366 -5.74 50.16 7.65
C ILE H 366 -6.84 49.12 7.83
N GLU H 367 -7.48 49.10 9.00
CA GLU H 367 -8.59 48.18 9.23
C GLU H 367 -9.81 48.54 8.37
N ASP H 368 -10.83 47.69 8.41
CA ASP H 368 -12.05 47.97 7.68
C ASP H 368 -12.68 49.26 8.21
N PRO H 369 -13.08 50.18 7.31
CA PRO H 369 -13.58 51.48 7.80
C PRO H 369 -14.87 51.35 8.61
N GLN H 370 -15.74 50.43 8.21
CA GLN H 370 -17.01 50.27 8.90
C GLN H 370 -16.81 49.72 10.32
N ASP H 371 -15.80 48.89 10.51
CA ASP H 371 -15.44 48.40 11.86
C ASP H 371 -14.90 49.54 12.73
N LEU H 372 -14.04 50.38 12.16
CA LEU H 372 -13.49 51.51 12.88
C LEU H 372 -14.59 52.51 13.23
N ALA H 373 -15.48 52.78 12.27
CA ALA H 373 -16.62 53.67 12.50
C ALA H 373 -17.45 53.18 13.68
N GLU H 374 -17.80 51.90 13.66
CA GLU H 374 -18.68 51.37 14.70
C GLU H 374 -17.99 51.32 16.07
N ASP H 375 -16.68 51.06 16.08
CA ASP H 375 -15.95 51.12 17.34
C ASP H 375 -15.94 52.55 17.91
N LEU H 376 -15.76 53.53 17.03
CA LEU H 376 -15.78 54.94 17.43
C LEU H 376 -17.15 55.33 17.98
N SER H 377 -18.20 54.92 17.26
CA SER H 377 -19.57 55.21 17.68
C SER H 377 -19.92 54.62 19.06
N ARG H 378 -19.56 53.35 19.26
CA ARG H 378 -19.81 52.68 20.53
C ARG H 378 -19.11 53.38 21.70
N ALA H 379 -17.86 53.77 21.51
CA ALA H 379 -17.10 54.39 22.59
C ALA H 379 -17.61 55.79 22.88
N LEU H 380 -17.94 56.53 21.82
CA LEU H 380 -18.56 57.84 21.98
C LEU H 380 -19.85 57.68 22.76
N ALA H 381 -20.56 56.58 22.48
CA ALA H 381 -21.81 56.23 23.14
C ALA H 381 -22.72 57.44 23.27
N GLY H 382 -22.72 58.27 22.24
CA GLY H 382 -23.25 59.60 22.38
C GLY H 382 -24.72 59.67 22.72
N GLY H 383 -25.49 59.93 21.69
CA GLY H 383 -26.93 59.83 21.71
C GLY H 383 -27.24 59.57 20.25
O1 MES I . -14.54 -14.45 -20.57
C2 MES I . -14.05 -13.47 -21.46
C3 MES I . -13.33 -14.04 -22.68
N4 MES I . -12.58 -15.26 -22.40
C5 MES I . -13.01 -16.14 -21.31
C6 MES I . -13.50 -15.31 -20.13
C7 MES I . -12.12 -15.95 -23.60
C8 MES I . -10.88 -16.78 -23.29
S MES I . -10.16 -17.27 -24.73
O1S MES I . -9.51 -18.59 -24.51
O2S MES I . -11.22 -17.34 -25.78
O3S MES I . -9.10 -16.34 -25.19
C1 GOL J . 7.60 -11.46 -3.05
O1 GOL J . 7.45 -11.60 -4.45
C2 GOL J . 7.97 -12.80 -2.40
O2 GOL J . 9.25 -12.70 -1.81
C3 GOL J . 7.98 -13.91 -3.44
O3 GOL J . 8.49 -13.40 -4.64
C1 GOL K . -1.05 -45.92 -4.55
O1 GOL K . -1.83 -46.71 -5.43
C2 GOL K . -1.32 -44.42 -4.72
O2 GOL K . -0.93 -43.74 -3.56
C3 GOL K . -0.51 -43.87 -5.91
O3 GOL K . -0.91 -42.53 -6.19
C1 GOL L . 14.97 -24.71 -17.40
O1 GOL L . 15.75 -24.24 -18.48
C2 GOL L . 15.79 -24.76 -16.14
O2 GOL L . 16.64 -23.64 -16.09
C3 GOL L . 14.85 -24.73 -14.94
O3 GOL L . 15.58 -24.35 -13.79
C1 GOL M . -3.92 -21.61 6.06
O1 GOL M . -3.48 -20.27 6.16
C2 GOL M . -3.94 -22.24 7.43
O2 GOL M . -4.04 -21.20 8.39
C3 GOL M . -5.16 -23.15 7.56
O3 GOL M . -5.20 -24.08 6.48
CL CL N . 15.78 -16.47 -11.94
CL CL O . -17.00 -13.96 -23.98
O1 MES P . -5.99 -27.50 7.74
C2 MES P . -5.81 -27.19 9.12
C3 MES P . -7.09 -26.74 9.85
N4 MES P . -8.22 -27.56 9.46
C5 MES P . -8.39 -28.05 8.10
C6 MES P . -7.32 -27.38 7.24
C7 MES P . -9.15 -28.04 10.48
C8 MES P . -10.48 -27.32 10.31
S MES P . -11.73 -28.22 11.01
O1S MES P . -13.01 -27.66 10.49
O2S MES P . -11.69 -29.57 10.48
O3S MES P . -11.69 -28.16 12.48
C1 GOL Q . -28.34 -45.59 12.18
O1 GOL Q . -29.17 -44.82 13.04
C2 GOL Q . -27.34 -46.39 12.97
O2 GOL Q . -26.40 -45.48 13.53
C3 GOL Q . -28.05 -47.08 14.13
O3 GOL Q . -27.12 -47.82 14.90
C1 GOL R . -35.30 -15.25 6.41
O1 GOL R . -36.16 -14.23 6.84
C2 GOL R . -34.04 -14.63 5.81
O2 GOL R . -33.75 -13.42 6.48
C3 GOL R . -34.30 -14.36 4.34
O3 GOL R . -33.31 -13.48 3.84
C1 GOL S . -14.97 -11.06 -17.20
O1 GOL S . -14.63 -9.77 -16.73
C2 GOL S . -13.73 -11.75 -17.78
O2 GOL S . -13.76 -13.15 -17.53
C3 GOL S . -12.43 -11.03 -17.36
O3 GOL S . -12.37 -10.79 -15.98
C1 GOL T . -29.11 -28.85 -18.95
O1 GOL T . -29.33 -27.70 -18.17
C2 GOL T . -29.12 -30.09 -18.04
O2 GOL T . -30.39 -30.69 -18.11
C3 GOL T . -28.81 -29.72 -16.58
O3 GOL T . -30.02 -29.47 -15.89
C1 GOL U . -20.13 -27.25 28.34
O1 GOL U . -19.86 -26.95 27.00
C2 GOL U . -18.97 -26.83 29.23
O2 GOL U . -18.10 -25.97 28.51
C3 GOL U . -19.50 -26.10 30.46
O3 GOL U . -20.42 -26.93 31.12
C1 GOL V . -26.08 -4.13 4.52
O1 GOL V . -25.19 -3.04 4.55
C2 GOL V . -26.77 -4.25 5.88
O2 GOL V . -27.93 -5.05 5.77
C3 GOL V . -27.14 -2.85 6.40
O3 GOL V . -25.99 -2.06 6.57
CL CL W . -34.44 -22.46 15.68
O1 MES X . -37.00 -52.04 -17.55
C2 MES X . -37.99 -53.00 -17.16
C3 MES X . -38.81 -52.44 -16.00
N4 MES X . -37.90 -52.05 -14.94
C5 MES X . -36.85 -51.09 -15.32
C6 MES X . -36.10 -51.72 -16.50
C7 MES X . -38.56 -51.87 -13.64
C8 MES X . -37.56 -51.81 -12.48
S MES X . -38.30 -51.29 -11.07
O1S MES X . -39.19 -52.32 -10.48
O2S MES X . -39.08 -50.05 -11.37
O3S MES X . -37.24 -50.99 -10.10
C1 GOL Y . -23.92 -66.11 6.75
O1 GOL Y . -23.20 -67.30 6.52
C2 GOL Y . -24.26 -66.00 8.23
O2 GOL Y . -25.65 -65.96 8.46
C3 GOL Y . -23.70 -64.72 8.80
O3 GOL Y . -24.79 -63.86 9.02
C FMT Z . -21.30 -75.59 -7.61
O1 FMT Z . -20.75 -75.34 -8.73
O2 FMT Z . -21.40 -74.85 -6.70
CL CL AA . -24.17 -73.18 -2.00
O1 MES BA . -5.24 -60.19 -19.03
C2 MES BA . -4.49 -61.10 -19.83
C3 MES BA . -4.95 -61.05 -21.28
N4 MES BA . -5.49 -59.71 -21.45
C5 MES BA . -6.54 -59.17 -20.61
C6 MES BA . -6.58 -60.15 -19.46
C7 MES BA . -4.89 -58.76 -22.37
C8 MES BA . -4.31 -59.62 -23.47
S MES BA . -3.35 -58.54 -24.25
O1S MES BA . -2.17 -58.28 -23.38
O2S MES BA . -3.00 -59.08 -25.58
O3S MES BA . -4.16 -57.31 -24.47
C1 GOL CA . -21.29 -51.24 -45.67
O1 GOL CA . -22.66 -50.93 -45.59
C2 GOL CA . -20.71 -50.89 -44.31
O2 GOL CA . -21.82 -50.46 -43.55
C3 GOL CA . -19.70 -49.76 -44.49
O3 GOL CA . -18.84 -50.08 -45.56
C1 GOL DA . -37.69 -56.57 -21.93
O1 GOL DA . -36.69 -55.68 -22.35
C2 GOL DA . -37.06 -57.55 -20.95
O2 GOL DA . -38.03 -58.22 -20.21
C3 GOL DA . -36.20 -58.57 -21.70
O3 GOL DA . -34.92 -58.49 -21.12
C1 GOL EA . -31.55 -62.13 -34.51
O1 GOL EA . -32.68 -62.94 -34.27
C2 GOL EA . -30.57 -62.77 -35.51
O2 GOL EA . -29.46 -63.37 -34.85
C3 GOL EA . -29.96 -61.64 -36.31
O3 GOL EA . -28.57 -61.76 -36.20
CL CL FA . -25.96 -61.06 -40.43
CL CL GA . -32.99 -68.56 -30.19
CL CL HA . -6.59 -50.42 -47.38
O1 MES IA . 10.40 25.48 -9.05
C2 MES IA . 9.69 25.71 -10.28
C3 MES IA . 8.28 26.26 -10.09
N4 MES IA . 8.35 27.42 -9.20
C5 MES IA . 9.41 27.55 -8.22
C6 MES IA . 9.84 26.12 -7.90
C7 MES IA . 7.57 28.61 -9.53
C8 MES IA . 6.57 28.88 -8.41
S MES IA . 5.50 30.05 -8.96
O1S MES IA . 6.16 30.79 -10.07
O2S MES IA . 5.07 31.00 -7.92
O3S MES IA . 4.27 29.43 -9.52
C1 GOL JA . -16.89 29.37 7.32
O1 GOL JA . -17.41 29.56 6.05
C2 GOL JA . -16.63 27.89 7.63
O2 GOL JA . -15.26 27.62 7.68
C3 GOL JA . -17.29 27.35 8.90
O3 GOL JA . -16.70 26.16 9.34
C1 GOL KA . -8.84 10.77 5.35
O1 GOL KA . -10.24 10.84 5.11
C2 GOL KA . -8.44 11.14 6.79
O2 GOL KA . -7.69 12.33 6.81
C3 GOL KA . -9.61 11.21 7.76
O3 GOL KA . -9.18 11.81 8.97
C1 GOL LA . 8.64 21.95 -7.40
O1 GOL LA . 9.89 22.58 -7.19
C2 GOL LA . 8.74 20.96 -8.56
O2 GOL LA . 7.51 20.95 -9.22
C3 GOL LA . 8.98 19.55 -8.04
O3 GOL LA . 9.67 19.64 -6.82
CL CL MA . -12.83 16.11 6.22
O1 MES NA . 8.95 16.68 22.01
C2 MES NA . 9.15 15.35 22.50
C3 MES NA . 10.51 15.16 23.19
N4 MES NA . 11.59 16.00 22.66
C5 MES NA . 11.28 17.28 22.06
C6 MES NA . 10.03 17.07 21.20
C7 MES NA . 12.72 16.01 23.58
C8 MES NA . 13.99 16.51 22.91
S MES NA . 15.27 16.30 23.97
O1S MES NA . 15.55 14.87 24.13
O2S MES NA . 14.95 16.85 25.33
O3S MES NA . 16.42 17.02 23.40
C1 GOL OA . 8.43 13.35 18.33
O1 GOL OA . 8.29 14.44 19.21
C2 GOL OA . 7.35 12.29 18.60
O2 GOL OA . 7.94 11.08 18.97
C3 GOL OA . 6.50 12.09 17.34
O3 GOL OA . 7.17 11.25 16.43
C1 GOL PA . 18.34 5.62 -2.02
O1 GOL PA . 18.63 5.56 -0.64
C2 GOL PA . 19.60 5.32 -2.82
O2 GOL PA . 19.31 4.60 -4.00
C3 GOL PA . 20.26 6.62 -3.20
O3 GOL PA . 20.90 7.07 -2.04
C1 GOL QA . 39.23 25.60 21.37
O1 GOL QA . 39.15 24.85 20.17
C2 GOL QA . 38.46 24.87 22.46
O2 GOL QA . 38.27 23.51 22.12
C3 GOL QA . 39.23 24.96 23.77
O3 GOL QA . 38.44 25.71 24.67
C1 GOL RA . 36.41 25.94 29.13
O1 GOL RA . 36.18 24.82 29.95
C2 GOL RA . 37.07 27.04 29.97
O2 GOL RA . 38.20 27.55 29.27
C3 GOL RA . 36.06 28.17 30.19
O3 GOL RA . 36.74 29.36 30.54
C1 GOL SA . 34.46 11.24 4.47
O1 GOL SA . 33.58 10.63 3.55
C2 GOL SA . 34.86 10.20 5.50
O2 GOL SA . 34.66 8.91 4.98
C3 GOL SA . 36.33 10.37 5.88
O3 GOL SA . 36.50 11.58 6.58
C FMT TA . 27.12 20.61 0.19
O1 FMT TA . 26.87 19.43 -0.06
O2 FMT TA . 28.09 20.99 0.84
CL CL UA . 24.53 4.75 1.12
O1 MES VA . 36.74 53.85 11.22
C2 MES VA . 37.35 54.88 11.95
C3 MES VA . 37.91 54.36 13.27
N4 MES VA . 37.62 52.93 13.31
C5 MES VA . 36.29 52.38 13.06
C6 MES VA . 35.69 53.23 11.96
C7 MES VA . 38.77 52.05 13.21
C8 MES VA . 39.38 51.85 14.61
S MES VA . 38.62 50.55 15.31
O1S MES VA . 37.56 51.01 16.24
O2S MES VA . 37.89 49.89 14.19
O3S MES VA . 39.54 49.55 15.91
C1 GOL WA . 30.10 47.76 41.47
O1 GOL WA . 29.84 49.11 41.19
C2 GOL WA . 31.27 47.72 42.44
O2 GOL WA . 31.99 48.91 42.32
C3 GOL WA . 32.15 46.54 42.14
O3 GOL WA . 31.41 45.36 42.30
C1 GOL XA . 11.09 63.81 25.51
O1 GOL XA . 10.89 64.10 24.15
C2 GOL XA . 11.82 64.99 26.14
O2 GOL XA . 10.90 65.99 26.55
C3 GOL XA . 12.74 65.60 25.09
O3 GOL XA . 13.53 66.60 25.69
C1 GOL YA . 41.14 40.90 39.18
O1 GOL YA . 42.11 41.72 38.56
C2 GOL YA . 41.04 41.26 40.64
O2 GOL YA . 42.21 40.77 41.27
C3 GOL YA . 41.00 42.77 40.79
O3 GOL YA . 41.83 43.39 39.84
C FMT ZA . 24.73 63.82 36.03
O1 FMT ZA . 25.57 64.02 35.15
O2 FMT ZA . 24.98 63.25 37.09
CL CL AB . 30.73 60.46 39.07
CL CL BB . 2.18 59.28 27.06
O1 MES CB . 7.12 59.76 22.72
C2 MES CB . 6.26 60.87 22.99
C3 MES CB . 4.82 60.42 22.80
N4 MES CB . 4.77 60.17 21.39
C5 MES CB . 5.56 59.05 20.89
C6 MES CB . 6.97 59.22 21.40
C7 MES CB . 3.48 60.40 20.75
C8 MES CB . 3.73 61.19 19.48
S MES CB . 2.87 60.48 18.26
O1S MES CB . 3.80 59.60 17.51
O2S MES CB . 1.76 59.68 18.83
O3S MES CB . 2.34 61.56 17.39
C1 GOL DB . 11.74 67.85 -6.90
O1 GOL DB . 12.33 67.15 -7.96
C2 GOL DB . 12.81 68.52 -6.05
O2 GOL DB . 12.44 68.53 -4.70
C3 GOL DB . 14.18 67.87 -6.22
O3 GOL DB . 15.17 68.67 -5.59
C1 GOL EB . -5.35 54.32 30.15
O1 GOL EB . -6.62 54.51 29.55
C2 GOL EB . -4.48 55.53 29.89
O2 GOL EB . -4.71 55.96 28.57
C3 GOL EB . -4.88 56.62 30.87
O3 GOL EB . -3.84 57.56 31.02
C1 GOL FB . 28.14 73.90 7.23
O1 GOL FB . 29.17 73.62 6.32
C2 GOL FB . 26.78 73.59 6.58
O2 GOL FB . 26.40 74.70 5.80
C3 GOL FB . 25.74 73.33 7.66
O3 GOL FB . 25.73 74.41 8.58
CL CL GB . 21.07 73.75 3.08
N MSE A 7 14.28 -37.60 -19.75
CA MSE A 7 13.99 -38.17 -21.07
C MSE A 7 13.39 -37.10 -21.98
O MSE A 7 13.31 -35.93 -21.59
CB MSE A 7 13.15 -39.45 -20.95
CG MSE A 7 13.82 -40.67 -20.21
SE MSE A 7 15.44 -41.67 -20.93
CE MSE A 7 16.78 -40.27 -20.87
N ARG A 8 13.00 -37.49 -23.20
CA ARG A 8 12.54 -36.53 -24.24
C ARG A 8 11.04 -36.20 -24.12
N PHE A 9 10.53 -35.31 -24.97
CA PHE A 9 9.20 -34.71 -24.77
C PHE A 9 7.99 -35.64 -24.61
N GLY A 10 7.69 -36.44 -25.64
CA GLY A 10 6.61 -37.40 -25.57
C GLY A 10 6.68 -38.25 -24.32
N THR A 11 7.90 -38.62 -23.92
CA THR A 11 8.11 -39.46 -22.75
C THR A 11 7.77 -38.75 -21.44
N ARG A 12 8.19 -37.49 -21.34
CA ARG A 12 7.82 -36.61 -20.23
C ARG A 12 6.31 -36.55 -20.03
N LEU A 13 5.59 -36.43 -21.13
CA LEU A 13 4.12 -36.30 -21.07
C LEU A 13 3.45 -37.56 -20.52
N VAL A 14 3.99 -38.72 -20.89
CA VAL A 14 3.38 -39.98 -20.49
C VAL A 14 3.76 -40.39 -19.07
N HIS A 15 5.03 -40.23 -18.72
CA HIS A 15 5.56 -40.77 -17.48
C HIS A 15 5.89 -39.74 -16.39
N GLY A 16 5.74 -38.46 -16.72
CA GLY A 16 5.96 -37.39 -15.76
C GLY A 16 5.19 -37.59 -14.47
N GLY A 17 5.93 -37.72 -13.37
CA GLY A 17 5.35 -37.98 -12.07
C GLY A 17 4.38 -39.16 -12.02
N ARG A 18 4.67 -40.23 -12.76
CA ARG A 18 3.73 -41.35 -12.78
C ARG A 18 3.96 -42.25 -11.56
N ARG A 19 3.17 -42.00 -10.52
CA ARG A 19 3.56 -42.38 -9.17
C ARG A 19 3.07 -43.74 -8.59
N PRO A 20 4.04 -44.49 -8.01
CA PRO A 20 4.05 -45.79 -7.31
C PRO A 20 2.91 -46.10 -6.36
N SER A 21 2.12 -47.06 -6.80
CA SER A 21 1.15 -47.74 -5.97
C SER A 21 1.88 -48.94 -5.40
N ALA A 22 2.54 -48.72 -4.26
CA ALA A 22 3.22 -49.79 -3.56
C ALA A 22 2.24 -50.94 -3.38
N GLY A 23 2.59 -52.10 -3.89
CA GLY A 23 1.75 -53.27 -3.70
C GLY A 23 0.86 -53.67 -4.87
N THR A 24 0.12 -52.73 -5.45
CA THR A 24 -0.84 -53.11 -6.50
C THR A 24 -0.29 -53.01 -7.93
N GLY A 25 0.69 -52.14 -8.14
CA GLY A 25 1.36 -52.05 -9.42
C GLY A 25 0.62 -51.33 -10.52
N ASP A 26 -0.49 -50.66 -10.15
CA ASP A 26 -1.26 -49.83 -11.09
C ASP A 26 -0.34 -49.06 -12.01
N VAL A 27 -0.59 -49.16 -13.31
CA VAL A 27 0.13 -48.33 -14.28
C VAL A 27 -0.28 -46.86 -14.23
N VAL A 28 -1.59 -46.60 -14.30
CA VAL A 28 -2.13 -45.25 -14.14
C VAL A 28 -2.36 -45.00 -12.65
N PRO A 29 -1.87 -43.86 -12.13
CA PRO A 29 -2.04 -43.59 -10.69
C PRO A 29 -3.52 -43.49 -10.32
N PRO A 30 -3.91 -44.11 -9.21
CA PRO A 30 -5.27 -44.06 -8.68
C PRO A 30 -5.62 -42.65 -8.20
N ILE A 31 -6.85 -42.24 -8.41
CA ILE A 31 -7.27 -40.88 -8.13
C ILE A 31 -7.48 -40.73 -6.62
N HIS A 32 -6.69 -39.85 -6.00
CA HIS A 32 -6.81 -39.57 -4.57
C HIS A 32 -7.86 -38.51 -4.30
N VAL A 33 -9.06 -38.93 -3.93
CA VAL A 33 -10.11 -37.95 -3.69
C VAL A 33 -10.26 -37.60 -2.21
N SER A 34 -9.61 -38.37 -1.34
CA SER A 34 -9.74 -38.14 0.10
C SER A 34 -9.29 -36.73 0.48
N THR A 35 -10.13 -36.01 1.22
CA THR A 35 -9.74 -34.70 1.74
C THR A 35 -9.01 -34.89 3.04
N THR A 36 -9.06 -36.09 3.60
CA THR A 36 -8.40 -36.23 4.88
C THR A 36 -7.60 -37.51 5.13
N TYR A 37 -6.70 -37.43 6.10
CA TYR A 37 -5.68 -38.45 6.32
C TYR A 37 -5.48 -38.82 7.78
N GLU A 38 -5.32 -40.12 8.02
CA GLU A 38 -4.93 -40.64 9.32
C GLU A 38 -3.45 -40.36 9.50
N ARG A 39 -3.10 -39.68 10.58
CA ARG A 39 -1.71 -39.29 10.79
C ARG A 39 -0.80 -40.41 11.31
N ARG A 40 -1.26 -41.17 12.31
CA ARG A 40 -0.48 -42.31 12.82
C ARG A 40 -0.41 -43.48 11.80
N ALA A 41 -0.20 -43.17 10.51
CA ALA A 41 -0.23 -44.20 9.46
C ALA A 41 1.02 -44.23 8.55
N GLN A 42 1.12 -43.23 7.69
CA GLN A 42 2.22 -43.04 6.75
C GLN A 42 3.61 -43.24 7.34
N ASP A 43 4.63 -43.31 6.48
CA ASP A 43 6.00 -43.49 6.95
C ASP A 43 6.59 -42.20 7.50
N GLU A 44 6.53 -41.12 6.72
CA GLU A 44 6.88 -39.80 7.25
C GLU A 44 5.73 -38.82 7.02
N PRO A 45 5.36 -38.04 8.05
CA PRO A 45 4.24 -37.09 8.00
C PRO A 45 4.27 -36.13 6.83
N ARG A 46 3.56 -36.47 5.76
CA ARG A 46 3.45 -35.63 4.57
C ARG A 46 2.00 -35.30 4.22
N TYR A 47 1.06 -36.10 4.71
CA TYR A 47 -0.35 -35.89 4.33
C TYR A 47 -1.27 -35.68 5.51
N PHE A 48 -1.96 -34.54 5.50
CA PHE A 48 -2.82 -34.19 6.62
C PHE A 48 -4.20 -33.74 6.16
N TYR A 49 -4.23 -32.77 5.26
CA TYR A 49 -5.50 -32.20 4.80
C TYR A 49 -5.43 -31.82 3.33
N GLY A 50 -6.48 -32.16 2.60
CA GLY A 50 -6.54 -31.98 1.16
C GLY A 50 -6.19 -30.64 0.56
N ARG A 51 -6.58 -29.55 1.21
CA ARG A 51 -6.21 -28.23 0.68
C ARG A 51 -4.68 -28.06 0.74
N GLY A 52 -4.05 -28.63 1.76
CA GLY A 52 -2.60 -28.60 1.90
C GLY A 52 -1.89 -29.64 1.04
N GLU A 53 -2.46 -30.85 0.96
CA GLU A 53 -1.79 -32.02 0.39
C GLU A 53 -2.71 -32.90 -0.43
N ASN A 54 -2.19 -33.46 -1.52
CA ASN A 54 -2.88 -34.50 -2.28
C ASN A 54 -1.93 -35.14 -3.31
N PRO A 55 -1.85 -36.48 -3.33
CA PRO A 55 -0.87 -37.10 -4.23
C PRO A 55 -1.21 -36.95 -5.72
N THR A 56 -2.50 -36.88 -6.08
CA THR A 56 -2.85 -36.75 -7.48
C THR A 56 -2.44 -35.36 -8.02
N ARG A 57 -2.72 -34.34 -7.23
CA ARG A 57 -2.31 -32.98 -7.55
C ARG A 57 -0.78 -32.90 -7.70
N GLU A 58 -0.06 -33.51 -6.76
CA GLU A 58 1.41 -33.54 -6.79
C GLU A 58 1.97 -34.22 -8.05
N GLU A 59 1.34 -35.31 -8.47
CA GLU A 59 1.78 -36.01 -9.67
C GLU A 59 1.65 -35.12 -10.89
N LEU A 60 0.52 -34.42 -11.00
CA LEU A 60 0.33 -33.51 -12.11
C LEU A 60 1.41 -32.42 -12.07
N GLU A 61 1.72 -31.95 -10.87
CA GLU A 61 2.76 -30.94 -10.70
C GLU A 61 4.16 -31.41 -11.12
N GLU A 62 4.54 -32.64 -10.75
CA GLU A 62 5.84 -33.17 -11.15
C GLU A 62 5.89 -33.30 -12.68
N CYS A 63 4.77 -33.69 -13.29
CA CYS A 63 4.69 -33.79 -14.75
C CYS A 63 4.99 -32.44 -15.41
N LEU A 64 4.23 -31.42 -15.01
CA LEU A 64 4.34 -30.09 -15.59
C LEU A 64 5.72 -29.46 -15.44
N ALA A 65 6.31 -29.56 -14.25
CA ALA A 65 7.63 -29.00 -14.03
C ALA A 65 8.64 -29.80 -14.83
N GLY A 66 8.40 -31.10 -14.97
CA GLY A 66 9.23 -31.96 -15.81
C GLY A 66 9.30 -31.48 -17.26
N LEU A 67 8.19 -30.98 -17.79
CA LEU A 67 8.15 -30.49 -19.16
C LEU A 67 9.09 -29.32 -19.41
N GLU A 68 9.41 -28.57 -18.36
CA GLU A 68 10.31 -27.43 -18.50
C GLU A 68 11.65 -27.71 -17.80
N ARG A 69 11.85 -28.98 -17.44
CA ARG A 69 12.98 -29.43 -16.63
C ARG A 69 13.18 -28.48 -15.46
N ALA A 70 12.10 -28.23 -14.73
CA ALA A 70 12.08 -27.21 -13.69
C ALA A 70 11.93 -27.87 -12.33
N PRO A 71 12.50 -27.25 -11.29
CA PRO A 71 12.33 -27.90 -9.98
C PRO A 71 10.91 -27.81 -9.40
N PHE A 72 10.09 -26.86 -9.81
CA PHE A 72 8.81 -26.65 -9.13
C PHE A 72 7.62 -26.44 -10.06
N ALA A 73 6.45 -26.90 -9.60
CA ALA A 73 5.18 -26.50 -10.18
C ALA A 73 4.08 -26.53 -9.13
N THR A 74 3.10 -25.65 -9.31
CA THR A 74 1.92 -25.61 -8.46
C THR A 74 0.71 -25.47 -9.37
N VAL A 75 -0.34 -26.23 -9.14
CA VAL A 75 -1.56 -26.05 -9.93
C VAL A 75 -2.68 -25.38 -9.15
N PHE A 76 -3.64 -24.84 -9.90
CA PHE A 76 -4.67 -23.99 -9.33
C PHE A 76 -6.03 -24.29 -9.96
N SER A 77 -7.11 -23.89 -9.28
CA SER A 77 -8.47 -24.04 -9.80
C SER A 77 -8.70 -23.45 -11.21
N SER A 78 -7.84 -22.52 -11.63
CA SER A 78 -7.98 -21.89 -12.95
C SER A 78 -6.69 -21.21 -13.35
N GLY A 79 -6.58 -20.85 -14.63
CA GLY A 79 -5.48 -20.00 -15.08
C GLY A 79 -5.51 -18.68 -14.32
N GLN A 80 -6.69 -18.06 -14.21
CA GLN A 80 -6.84 -16.83 -13.44
C GLN A 80 -6.27 -16.96 -12.01
N ALA A 81 -6.54 -18.09 -11.38
CA ALA A 81 -6.08 -18.31 -10.01
C ALA A 81 -4.56 -18.39 -9.92
N ALA A 82 -3.94 -18.97 -10.94
CA ALA A 82 -2.50 -19.00 -11.02
C ALA A 82 -1.94 -17.58 -11.16
N ALA A 83 -2.56 -16.80 -12.04
CA ALA A 83 -2.16 -15.40 -12.24
C ALA A 83 -2.39 -14.57 -10.96
N ALA A 84 -3.53 -14.78 -10.31
CA ALA A 84 -3.85 -14.05 -9.09
C ALA A 84 -2.86 -14.39 -7.98
N THR A 85 -2.48 -15.66 -7.90
CA THR A 85 -1.52 -16.10 -6.90
C THR A 85 -0.19 -15.39 -7.11
N LEU A 86 0.30 -15.39 -8.33
CA LEU A 86 1.61 -14.83 -8.61
C LEU A 86 1.58 -13.31 -8.39
N LEU A 87 0.49 -12.68 -8.80
CA LEU A 87 0.35 -11.24 -8.63
C LEU A 87 0.19 -10.80 -7.17
N SER A 88 -0.22 -11.72 -6.31
CA SER A 88 -0.44 -11.42 -4.89
C SER A 88 0.85 -11.06 -4.18
N LEU A 89 1.98 -11.41 -4.80
CA LEU A 89 3.28 -11.16 -4.20
C LEU A 89 3.82 -9.79 -4.60
N VAL A 90 3.00 -9.01 -5.31
CA VAL A 90 3.38 -7.64 -5.63
C VAL A 90 2.75 -6.70 -4.63
N ARG A 91 3.57 -5.86 -4.00
CA ARG A 91 3.16 -4.95 -2.92
C ARG A 91 2.45 -3.70 -3.38
N PRO A 92 1.69 -3.08 -2.46
CA PRO A 92 1.38 -1.67 -2.64
C PRO A 92 2.72 -0.95 -2.62
N GLY A 93 2.99 -0.15 -3.64
CA GLY A 93 4.26 0.54 -3.71
C GLY A 93 5.19 -0.05 -4.77
N GLN A 94 4.84 -1.22 -5.27
CA GLN A 94 5.66 -1.88 -6.28
C GLN A 94 4.98 -1.90 -7.65
N CYS A 95 5.79 -1.92 -8.70
CA CYS A 95 5.28 -1.73 -10.05
C CYS A 95 5.29 -3.01 -10.90
N VAL A 96 4.18 -3.26 -11.59
CA VAL A 96 4.10 -4.36 -12.54
C VAL A 96 4.08 -3.79 -13.96
N VAL A 97 4.94 -4.33 -14.82
CA VAL A 97 4.97 -3.95 -16.23
C VAL A 97 4.48 -5.08 -17.12
N SER A 98 3.52 -4.77 -17.98
CA SER A 98 2.95 -5.75 -18.86
C SER A 98 2.77 -5.22 -20.27
N THR A 99 2.83 -6.10 -21.26
CA THR A 99 2.48 -5.69 -22.63
C THR A 99 1.07 -5.13 -22.58
N ASP A 100 0.74 -4.24 -23.52
CA ASP A 100 -0.56 -3.61 -23.55
C ASP A 100 -1.65 -4.55 -24.06
N ASP A 101 -1.23 -5.69 -24.60
CA ASP A 101 -2.05 -6.58 -25.39
C ASP A 101 -2.68 -7.65 -24.52
N VAL A 102 -2.38 -7.58 -23.24
CA VAL A 102 -2.68 -8.64 -22.30
C VAL A 102 -4.17 -9.04 -22.25
N TYR A 103 -4.43 -10.27 -21.80
CA TYR A 103 -5.79 -10.83 -21.73
C TYR A 103 -6.61 -10.03 -20.71
N ALA A 104 -7.89 -9.79 -21.05
CA ALA A 104 -8.78 -9.05 -20.16
C ALA A 104 -8.82 -9.63 -18.74
N GLY A 105 -8.62 -10.95 -18.64
CA GLY A 105 -8.53 -11.58 -17.35
C GLY A 105 -7.31 -11.11 -16.58
N THR A 106 -6.18 -11.04 -17.26
CA THR A 106 -4.98 -10.55 -16.63
C THR A 106 -5.21 -9.07 -16.31
N ASP A 107 -5.69 -8.34 -17.31
CA ASP A 107 -6.20 -6.98 -17.15
C ASP A 107 -7.09 -6.91 -15.91
N GLY A 108 -8.08 -7.79 -15.82
CA GLY A 108 -8.99 -7.82 -14.67
C GLY A 108 -8.27 -7.85 -13.34
N LEU A 109 -7.22 -8.65 -13.26
CA LEU A 109 -6.41 -8.80 -12.05
C LEU A 109 -5.50 -7.60 -11.80
N PHE A 110 -4.93 -7.03 -12.87
CA PHE A 110 -4.12 -5.80 -12.73
C PHE A 110 -4.96 -4.69 -12.08
N ASP A 111 -6.21 -4.55 -12.52
CA ASP A 111 -7.09 -3.50 -12.02
C ASP A 111 -7.49 -3.77 -10.58
N LEU A 112 -7.59 -5.03 -10.21
CA LEU A 112 -7.91 -5.40 -8.84
C LEU A 112 -6.72 -5.01 -7.98
N ALA A 113 -5.53 -5.32 -8.48
CA ALA A 113 -4.29 -4.92 -7.84
C ALA A 113 -4.10 -3.41 -7.87
N ALA A 114 -4.57 -2.77 -8.94
CA ALA A 114 -4.49 -1.31 -9.04
C ALA A 114 -5.40 -0.61 -8.03
N ARG A 115 -6.46 -1.31 -7.57
CA ARG A 115 -7.32 -0.78 -6.52
C ARG A 115 -6.81 -1.14 -5.13
N GLN A 116 -5.74 -1.92 -5.08
CA GLN A 116 -4.99 -2.06 -3.83
C GLN A 116 -3.80 -1.11 -3.96
N GLY A 117 -3.72 -0.47 -5.11
CA GLY A 117 -2.74 0.56 -5.35
C GLY A 117 -1.52 0.14 -6.14
N VAL A 118 -1.50 -1.11 -6.63
CA VAL A 118 -0.36 -1.56 -7.43
C VAL A 118 -0.15 -0.64 -8.63
N ARG A 119 1.06 -0.10 -8.75
CA ARG A 119 1.42 0.72 -9.89
C ARG A 119 1.48 -0.23 -11.07
N VAL A 120 0.61 -0.02 -12.06
CA VAL A 120 0.59 -0.88 -13.24
C VAL A 120 0.85 -0.06 -14.50
N ARG A 121 1.89 -0.44 -15.24
CA ARG A 121 2.28 0.34 -16.40
C ARG A 121 2.34 -0.53 -17.65
N TYR A 122 1.47 -0.24 -18.62
CA TYR A 122 1.50 -1.00 -19.87
C TYR A 122 2.53 -0.37 -20.79
N ALA A 123 3.26 -1.22 -21.49
CA ALA A 123 4.22 -0.77 -22.46
C ALA A 123 4.09 -1.69 -23.66
N ASP A 124 4.87 -1.43 -24.70
CA ASP A 124 4.96 -2.38 -25.78
C ASP A 124 6.41 -2.84 -25.90
N LEU A 125 6.71 -3.92 -25.17
CA LEU A 125 8.05 -4.46 -25.03
C LEU A 125 8.62 -5.04 -26.33
N THR A 126 8.52 -4.29 -27.42
CA THR A 126 9.01 -4.75 -28.72
C THR A 126 10.07 -3.82 -29.28
N THR A 127 10.38 -2.77 -28.54
CA THR A 127 11.35 -1.79 -29.01
C THR A 127 12.37 -1.39 -27.94
N PRO A 128 13.63 -1.17 -28.34
CA PRO A 128 14.71 -0.80 -27.42
C PRO A 128 14.29 0.41 -26.61
N GLU A 129 13.75 1.39 -27.31
CA GLU A 129 13.07 2.54 -26.72
C GLU A 129 11.99 2.05 -25.73
N GLY A 130 10.97 1.38 -26.25
CA GLY A 130 9.85 0.93 -25.44
C GLY A 130 10.24 0.01 -24.29
N ILE A 131 11.34 -0.69 -24.47
CA ILE A 131 11.83 -1.56 -23.42
C ILE A 131 12.52 -0.75 -22.34
N ALA A 132 13.52 0.03 -22.73
CA ALA A 132 14.25 0.87 -21.78
C ALA A 132 13.39 1.89 -21.05
N ALA A 133 12.30 2.33 -21.67
CA ALA A 133 11.43 3.33 -21.06
C ALA A 133 10.60 2.70 -19.94
N ALA A 134 10.10 1.49 -20.17
CA ALA A 134 9.31 0.76 -19.17
C ALA A 134 10.14 0.30 -17.96
N LEU A 135 11.16 -0.53 -18.21
CA LEU A 135 11.91 -1.14 -17.11
C LEU A 135 12.58 -0.15 -16.15
N ALA A 136 12.28 1.14 -16.30
CA ALA A 136 12.84 2.19 -15.48
C ALA A 136 11.90 2.69 -14.37
N GLU A 137 10.65 2.23 -14.37
CA GLU A 137 9.71 2.58 -13.30
C GLU A 137 10.35 2.11 -12.01
N PRO A 138 10.60 3.01 -11.07
CA PRO A 138 11.30 2.58 -9.85
C PRO A 138 10.54 1.47 -9.10
N ASP A 139 11.26 0.70 -8.29
CA ASP A 139 10.67 -0.43 -7.55
C ASP A 139 9.97 -1.42 -8.48
N LEU A 140 10.64 -1.76 -9.57
CA LEU A 140 10.12 -2.71 -10.55
C LEU A 140 9.93 -4.10 -9.96
N ALA A 141 8.68 -4.48 -9.69
CA ALA A 141 8.43 -5.75 -9.04
C ALA A 141 8.45 -6.93 -10.00
N LEU A 142 7.75 -6.76 -11.13
CA LEU A 142 7.40 -7.89 -11.98
C LEU A 142 7.16 -7.46 -13.43
N VAL A 143 7.73 -8.20 -14.37
CA VAL A 143 7.50 -7.95 -15.78
C VAL A 143 6.66 -9.10 -16.33
N TRP A 144 5.54 -8.77 -16.97
CA TRP A 144 4.54 -9.78 -17.35
C TRP A 144 4.47 -9.84 -18.86
N ILE A 145 4.86 -10.97 -19.42
CA ILE A 145 4.91 -11.13 -20.86
C ILE A 145 3.91 -12.17 -21.32
N GLU A 146 3.02 -11.79 -22.22
CA GLU A 146 2.14 -12.78 -22.82
C GLU A 146 2.46 -12.90 -24.30
N THR A 147 3.14 -13.98 -24.69
CA THR A 147 3.60 -14.07 -26.07
C THR A 147 3.45 -15.48 -26.63
N PRO A 148 2.83 -15.59 -27.82
CA PRO A 148 2.27 -14.51 -28.63
C PRO A 148 1.05 -13.86 -27.98
N THR A 149 0.70 -12.67 -28.44
CA THR A 149 -0.50 -12.02 -27.95
C THR A 149 -1.69 -12.46 -28.79
N ASN A 150 -2.87 -12.01 -28.41
CA ASN A 150 -4.12 -12.54 -28.89
C ASN A 150 -5.13 -11.42 -28.79
N PRO A 151 -5.81 -11.08 -29.90
CA PRO A 151 -5.87 -11.84 -31.15
C PRO A 151 -4.92 -11.43 -32.27
N LEU A 152 -4.02 -10.45 -32.08
CA LEU A 152 -3.19 -10.00 -33.21
C LEU A 152 -1.89 -10.77 -33.39
N LEU A 153 -1.53 -11.58 -32.40
CA LEU A 153 -0.41 -12.51 -32.50
C LEU A 153 0.92 -11.78 -32.59
N THR A 154 1.03 -10.64 -31.91
CA THR A 154 2.34 -10.02 -31.77
C THR A 154 3.19 -10.91 -30.87
N VAL A 155 4.51 -10.71 -30.92
CA VAL A 155 5.44 -11.59 -30.24
C VAL A 155 6.56 -10.83 -29.53
N VAL A 156 6.75 -11.13 -28.25
CA VAL A 156 7.76 -10.47 -27.42
C VAL A 156 8.96 -11.40 -27.24
N ASP A 157 10.15 -10.82 -27.32
CA ASP A 157 11.40 -11.56 -27.14
C ASP A 157 11.64 -11.81 -25.65
N VAL A 158 11.33 -13.03 -25.20
CA VAL A 158 11.45 -13.37 -23.79
C VAL A 158 12.88 -13.22 -23.27
N ALA A 159 13.85 -13.74 -24.02
CA ALA A 159 15.26 -13.70 -23.59
C ALA A 159 15.78 -12.27 -23.46
N GLU A 160 15.43 -11.43 -24.44
CA GLU A 160 15.84 -10.04 -24.44
C GLU A 160 15.18 -9.24 -23.31
N VAL A 161 13.88 -9.39 -23.14
CA VAL A 161 13.19 -8.69 -22.07
C VAL A 161 13.66 -9.21 -20.71
N SER A 162 13.85 -10.53 -20.59
CA SER A 162 14.37 -11.12 -19.36
C SER A 162 15.77 -10.63 -19.02
N ARG A 163 16.66 -10.68 -20.00
CA ARG A 163 18.05 -10.23 -19.82
C ARG A 163 18.09 -8.82 -19.24
N ARG A 164 17.24 -7.94 -19.76
CA ARG A 164 17.23 -6.54 -19.32
C ARG A 164 16.59 -6.40 -17.94
N ALA A 165 15.40 -7.00 -17.77
CA ALA A 165 14.63 -6.87 -16.54
C ALA A 165 15.39 -7.33 -15.29
N HIS A 166 16.16 -8.40 -15.44
CA HIS A 166 16.95 -8.93 -14.34
C HIS A 166 18.02 -7.96 -13.87
N GLU A 167 18.58 -7.19 -14.80
CA GLU A 167 19.59 -6.19 -14.45
C GLU A 167 19.01 -5.11 -13.56
N ARG A 168 17.69 -5.12 -13.40
CA ARG A 168 17.02 -4.24 -12.46
C ARG A 168 16.50 -5.03 -11.26
N GLY A 169 16.81 -6.32 -11.20
CA GLY A 169 16.42 -7.15 -10.07
C GLY A 169 15.04 -7.76 -10.18
N ALA A 170 14.18 -7.15 -11.01
CA ALA A 170 12.81 -7.61 -11.20
C ALA A 170 12.65 -9.08 -11.55
N ARG A 171 11.47 -9.63 -11.25
CA ARG A 171 11.11 -10.99 -11.67
C ARG A 171 10.36 -10.95 -13.01
N VAL A 172 10.50 -12.01 -13.81
CA VAL A 172 9.83 -12.08 -15.11
C VAL A 172 8.94 -13.31 -15.25
N VAL A 173 7.69 -13.08 -15.61
CA VAL A 173 6.75 -14.17 -15.85
C VAL A 173 6.26 -14.14 -17.31
N VAL A 174 6.16 -15.31 -17.93
CA VAL A 174 5.57 -15.44 -19.26
C VAL A 174 4.26 -16.24 -19.21
N ASP A 175 3.16 -15.61 -19.62
CA ASP A 175 1.92 -16.35 -19.82
C ASP A 175 2.10 -17.13 -21.11
N ASN A 176 2.32 -18.43 -20.97
CA ASN A 176 2.71 -19.28 -22.07
C ASN A 176 1.54 -20.17 -22.52
N THR A 177 0.33 -19.71 -22.21
CA THR A 177 -0.88 -20.46 -22.54
C THR A 177 -1.02 -20.69 -24.06
N PHE A 178 -0.99 -19.59 -24.82
CA PHE A 178 -1.07 -19.58 -26.28
C PHE A 178 -0.16 -20.67 -26.87
N ALA A 179 1.11 -20.66 -26.47
CA ALA A 179 2.11 -21.55 -27.09
C ALA A 179 2.10 -22.99 -26.58
N SER A 180 1.93 -23.18 -25.27
CA SER A 180 2.20 -24.44 -24.56
C SER A 180 3.71 -24.75 -24.47
N PRO A 181 4.11 -25.56 -23.48
CA PRO A 181 5.52 -25.95 -23.41
C PRO A 181 6.01 -26.83 -24.55
N VAL A 182 5.14 -27.27 -25.45
CA VAL A 182 5.67 -27.98 -26.61
C VAL A 182 6.34 -27.01 -27.60
N LEU A 183 5.85 -25.77 -27.66
CA LEU A 183 6.34 -24.80 -28.66
C LEU A 183 7.28 -23.74 -28.10
N GLN A 184 7.25 -23.54 -26.78
CA GLN A 184 7.94 -22.42 -26.17
C GLN A 184 8.27 -22.71 -24.72
N GLN A 185 9.53 -22.50 -24.34
CA GLN A 185 10.01 -22.83 -23.00
C GLN A 185 10.54 -21.58 -22.29
N PRO A 186 9.64 -20.85 -21.60
CA PRO A 186 10.00 -19.55 -21.03
C PRO A 186 11.17 -19.61 -20.06
N LEU A 187 11.30 -20.68 -19.28
CA LEU A 187 12.44 -20.79 -18.39
C LEU A 187 13.73 -20.98 -19.18
N ALA A 188 13.66 -21.70 -20.28
CA ALA A 188 14.86 -21.89 -21.10
C ALA A 188 15.31 -20.58 -21.72
N LEU A 189 14.35 -19.70 -22.00
CA LEU A 189 14.64 -18.40 -22.60
C LEU A 189 15.11 -17.37 -21.58
N GLY A 190 14.99 -17.68 -20.29
CA GLY A 190 15.52 -16.78 -19.27
C GLY A 190 14.49 -16.18 -18.32
N ALA A 191 13.21 -16.48 -18.56
CA ALA A 191 12.17 -16.04 -17.65
C ALA A 191 12.23 -16.81 -16.32
N ASP A 192 11.59 -16.25 -15.30
CA ASP A 192 11.54 -16.88 -13.98
C ASP A 192 10.33 -17.78 -13.74
N VAL A 193 9.23 -17.53 -14.46
CA VAL A 193 7.99 -18.26 -14.24
C VAL A 193 7.23 -18.49 -15.56
N SER A 194 6.78 -19.71 -15.76
CA SER A 194 5.83 -19.99 -16.85
C SER A 194 4.44 -20.08 -16.25
N LEU A 195 3.51 -19.32 -16.81
CA LEU A 195 2.13 -19.30 -16.36
C LEU A 195 1.23 -19.96 -17.40
N TYR A 196 0.26 -20.77 -16.94
CA TYR A 196 -0.67 -21.46 -17.84
C TYR A 196 -2.08 -21.52 -17.33
N SER A 197 -3.02 -21.14 -18.18
CA SER A 197 -4.35 -21.69 -18.09
C SER A 197 -4.22 -23.11 -18.62
N THR A 198 -4.31 -24.10 -17.72
CA THR A 198 -4.30 -25.49 -18.16
C THR A 198 -5.62 -25.91 -18.84
N THR A 199 -6.64 -25.05 -18.71
CA THR A 199 -7.91 -25.20 -19.43
C THR A 199 -7.70 -25.39 -20.93
N1 LLP A 200 -4.25 -16.38 -20.00
C2 LLP A 200 -4.47 -16.81 -21.25
C2' LLP A 200 -3.44 -16.51 -22.37
C3 LLP A 200 -5.64 -17.55 -21.53
O3 LLP A 200 -5.82 -17.99 -22.84
C4 LLP A 200 -6.58 -17.84 -20.55
C4' LLP A 200 -7.91 -18.69 -20.90
C5 LLP A 200 -6.35 -17.39 -19.27
C6 LLP A 200 -5.19 -16.66 -18.99
C5' LLP A 200 -7.35 -17.63 -18.10
OP4 LLP A 200 -7.24 -18.90 -17.52
P LLP A 200 -8.55 -19.57 -17.00
OP1 LLP A 200 -8.25 -21.07 -16.90
OP2 LLP A 200 -8.89 -19.01 -15.67
OP3 LLP A 200 -9.65 -19.27 -17.95
N LLP A 200 -6.69 -24.73 -21.48
CA LLP A 200 -6.48 -24.67 -22.95
CB LLP A 200 -5.66 -23.45 -23.25
CG LLP A 200 -6.26 -22.26 -22.48
CD LLP A 200 -7.62 -21.78 -23.01
CE LLP A 200 -8.28 -20.80 -21.99
NZ LLP A 200 -7.77 -19.42 -22.13
C LLP A 200 -5.91 -25.96 -23.52
O LLP A 200 -6.54 -26.98 -23.36
N SER A 201 -4.76 -25.92 -24.18
CA SER A 201 -4.26 -27.11 -24.89
C SER A 201 -3.72 -28.21 -23.99
N ILE A 202 -3.21 -27.83 -22.82
CA ILE A 202 -2.65 -28.77 -21.84
C ILE A 202 -3.64 -29.89 -21.50
N ALA A 203 -4.77 -29.54 -20.90
CA ALA A 203 -5.86 -30.49 -20.72
C ALA A 203 -6.45 -30.87 -22.10
N GLY A 204 -6.71 -29.88 -22.94
CA GLY A 204 -6.92 -30.12 -24.35
C GLY A 204 -8.32 -30.51 -24.83
N HIS A 205 -9.18 -30.98 -23.93
CA HIS A 205 -10.44 -31.61 -24.35
C HIS A 205 -11.63 -30.79 -23.92
N ALA A 206 -11.33 -29.56 -23.50
CA ALA A 206 -12.32 -28.57 -23.11
C ALA A 206 -13.32 -29.12 -22.10
N ASP A 207 -12.85 -29.96 -21.17
CA ASP A 207 -13.71 -30.56 -20.15
C ASP A 207 -13.23 -30.34 -18.70
N VAL A 208 -12.43 -29.30 -18.47
CA VAL A 208 -11.89 -29.04 -17.14
C VAL A 208 -11.26 -27.64 -17.08
N LEU A 209 -11.41 -26.95 -15.95
CA LEU A 209 -10.74 -25.65 -15.73
C LEU A 209 -9.53 -25.86 -14.82
N GLY A 210 -8.49 -25.05 -15.04
CA GLY A 210 -7.29 -25.18 -14.21
C GLY A 210 -6.17 -24.25 -14.63
N GLY A 211 -5.20 -24.07 -13.73
CA GLY A 211 -4.04 -23.24 -14.01
C GLY A 211 -2.74 -23.86 -13.54
N ALA A 212 -1.62 -23.23 -13.91
CA ALA A 212 -0.32 -23.73 -13.50
C ALA A 212 0.76 -22.65 -13.52
N LEU A 213 1.64 -22.71 -12.52
CA LEU A 213 2.87 -21.94 -12.49
C LEU A 213 4.03 -22.94 -12.49
N VAL A 214 5.02 -22.70 -13.34
CA VAL A 214 6.20 -23.52 -13.39
C VAL A 214 7.40 -22.58 -13.19
N TYR A 215 8.32 -22.95 -12.31
CA TYR A 215 9.36 -22.01 -11.89
C TYR A 215 10.48 -22.74 -11.14
N ARG A 216 11.52 -21.99 -10.77
CA ARG A 216 12.72 -22.58 -10.18
C ARG A 216 13.09 -22.05 -8.80
N ASP A 217 12.46 -20.98 -8.35
CA ASP A 217 12.89 -20.35 -7.10
C ASP A 217 12.25 -20.96 -5.85
N ALA A 218 13.09 -21.30 -4.88
CA ALA A 218 12.65 -21.94 -3.65
C ALA A 218 11.79 -21.03 -2.77
N ASP A 219 12.02 -19.72 -2.85
CA ASP A 219 11.27 -18.78 -2.02
C ASP A 219 9.94 -18.47 -2.66
N LEU A 220 9.97 -18.32 -3.97
CA LEU A 220 8.77 -18.19 -4.76
C LEU A 220 7.86 -19.38 -4.46
N HIS A 221 8.46 -20.57 -4.45
CA HIS A 221 7.72 -21.81 -4.17
C HIS A 221 7.02 -21.74 -2.83
N ALA A 222 7.77 -21.47 -1.77
CA ALA A 222 7.18 -21.36 -0.43
C ALA A 222 6.07 -20.30 -0.39
N ALA A 223 6.29 -19.18 -1.07
CA ALA A 223 5.29 -18.12 -1.15
C ALA A 223 4.05 -18.54 -1.94
N VAL A 224 4.25 -19.21 -3.07
CA VAL A 224 3.12 -19.66 -3.88
C VAL A 224 2.26 -20.69 -3.15
N ARG A 225 2.88 -21.65 -2.47
CA ARG A 225 2.12 -22.67 -1.73
C ARG A 225 1.39 -22.09 -0.52
N ALA A 226 2.04 -21.17 0.21
CA ALA A 226 1.38 -20.55 1.36
C ALA A 226 0.12 -19.80 0.92
N TYR A 227 0.21 -19.06 -0.19
CA TYR A 227 -0.96 -18.33 -0.67
C TYR A 227 -2.06 -19.28 -1.17
N ARG A 228 -1.69 -20.33 -1.90
CA ARG A 228 -2.68 -21.27 -2.40
C ARG A 228 -3.48 -21.91 -1.26
N THR A 229 -2.79 -22.34 -0.20
CA THR A 229 -3.47 -22.97 0.92
C THR A 229 -4.38 -21.96 1.65
N THR A 230 -3.95 -20.70 1.67
CA THR A 230 -4.66 -19.68 2.43
C THR A 230 -5.80 -19.10 1.62
N ALA A 231 -5.55 -18.82 0.35
CA ALA A 231 -6.61 -18.36 -0.54
C ALA A 231 -7.56 -19.51 -0.92
N GLY A 232 -7.04 -20.73 -0.93
CA GLY A 232 -7.86 -21.91 -1.15
C GLY A 232 -8.26 -22.14 -2.61
N ASN A 233 -7.44 -21.62 -3.51
CA ASN A 233 -7.74 -21.70 -4.94
C ASN A 233 -7.14 -22.98 -5.52
N VAL A 234 -7.46 -24.10 -4.88
CA VAL A 234 -6.93 -25.41 -5.28
C VAL A 234 -7.88 -26.19 -6.16
N PRO A 235 -7.33 -26.84 -7.20
CA PRO A 235 -8.15 -27.75 -8.01
C PRO A 235 -8.43 -29.09 -7.33
N GLY A 236 -9.63 -29.61 -7.53
CA GLY A 236 -9.96 -30.94 -7.05
C GLY A 236 -9.18 -32.02 -7.79
N ALA A 237 -9.01 -33.16 -7.13
CA ALA A 237 -8.16 -34.20 -7.67
C ALA A 237 -8.75 -34.81 -8.94
N LEU A 238 -10.08 -34.84 -9.00
CA LEU A 238 -10.75 -35.38 -10.17
C LEU A 238 -10.45 -34.50 -11.38
N ASP A 239 -10.50 -33.18 -11.16
CA ASP A 239 -10.08 -32.24 -12.20
C ASP A 239 -8.59 -32.43 -12.53
N CYS A 240 -7.75 -32.58 -11.51
CA CYS A 240 -6.33 -32.83 -11.73
C CYS A 240 -6.15 -34.07 -12.58
N PHE A 241 -6.95 -35.09 -12.29
CA PHE A 241 -6.88 -36.32 -13.06
C PHE A 241 -7.16 -36.09 -14.54
N LEU A 242 -8.17 -35.27 -14.85
CA LEU A 242 -8.50 -35.02 -16.26
C LEU A 242 -7.47 -34.13 -16.99
N VAL A 243 -6.91 -33.15 -16.30
CA VAL A 243 -5.81 -32.35 -16.88
C VAL A 243 -4.62 -33.26 -17.21
N ARG A 244 -4.25 -34.09 -16.23
CA ARG A 244 -3.13 -35.02 -16.39
C ARG A 244 -3.40 -35.99 -17.53
N ARG A 245 -4.64 -36.45 -17.64
CA ARG A 245 -4.98 -37.41 -18.71
C ARG A 245 -4.86 -36.74 -20.07
N GLY A 246 -5.30 -35.48 -20.15
CA GLY A 246 -5.16 -34.71 -21.38
C GLY A 246 -3.71 -34.50 -21.77
N LEU A 247 -2.83 -34.46 -20.77
CA LEU A 247 -1.40 -34.22 -20.97
C LEU A 247 -0.70 -35.21 -21.91
N HIS A 248 -1.02 -36.50 -21.77
CA HIS A 248 -0.33 -37.56 -22.53
C HIS A 248 -0.26 -37.27 -24.05
N THR A 249 -1.31 -36.67 -24.60
CA THR A 249 -1.39 -36.44 -26.03
C THR A 249 -1.07 -34.99 -26.44
N LEU A 250 -0.43 -34.22 -25.55
CA LEU A 250 -0.11 -32.82 -25.85
C LEU A 250 0.81 -32.63 -27.08
N SER A 251 1.90 -33.41 -27.18
CA SER A 251 2.80 -33.26 -28.34
C SER A 251 2.01 -33.50 -29.62
N LEU A 252 1.36 -34.66 -29.66
CA LEU A 252 0.61 -35.09 -30.84
C LEU A 252 -0.48 -34.08 -31.25
N ARG A 253 -1.25 -33.61 -30.28
CA ARG A 253 -2.32 -32.65 -30.56
C ARG A 253 -1.78 -31.32 -31.10
N VAL A 254 -0.82 -30.73 -30.38
CA VAL A 254 -0.31 -29.44 -30.80
C VAL A 254 0.27 -29.48 -32.22
N HIS A 255 1.11 -30.47 -32.54
CA HIS A 255 1.70 -30.50 -33.87
C HIS A 255 0.74 -30.91 -35.00
N ARG A 256 -0.39 -31.51 -34.63
CA ARG A 256 -1.47 -31.66 -35.59
C ARG A 256 -2.10 -30.28 -35.78
N GLN A 257 -2.33 -29.60 -34.66
CA GLN A 257 -2.96 -28.28 -34.69
C GLN A 257 -2.09 -27.29 -35.51
N VAL A 258 -0.78 -27.31 -35.28
CA VAL A 258 0.14 -26.45 -36.03
C VAL A 258 0.01 -26.72 -37.52
N ALA A 259 0.03 -28.00 -37.88
CA ALA A 259 -0.05 -28.41 -39.28
C ALA A 259 -1.32 -27.87 -39.95
N THR A 260 -2.46 -28.02 -39.28
CA THR A 260 -3.71 -27.53 -39.84
C THR A 260 -3.74 -26.00 -39.90
N ALA A 261 -3.26 -25.35 -38.82
CA ALA A 261 -3.14 -23.90 -38.79
C ALA A 261 -2.41 -23.40 -40.03
N ARG A 262 -1.29 -24.04 -40.33
CA ARG A 262 -0.52 -23.66 -41.49
C ARG A 262 -1.34 -23.84 -42.77
N VAL A 263 -2.10 -24.93 -42.86
CA VAL A 263 -3.00 -25.14 -44.00
C VAL A 263 -4.01 -23.98 -44.13
N LEU A 264 -4.69 -23.65 -43.05
CA LEU A 264 -5.73 -22.62 -43.09
C LEU A 264 -5.18 -21.22 -43.44
N VAL A 265 -4.05 -20.86 -42.86
CA VAL A 265 -3.42 -19.57 -43.14
C VAL A 265 -3.25 -19.29 -44.65
N GLU A 266 -2.88 -20.31 -45.41
CA GLU A 266 -2.66 -20.10 -46.84
C GLU A 266 -3.96 -20.20 -47.63
N ARG A 267 -4.96 -20.92 -47.11
CA ARG A 267 -6.29 -20.81 -47.66
C ARG A 267 -6.81 -19.38 -47.53
N LEU A 268 -6.53 -18.76 -46.38
CA LEU A 268 -7.00 -17.43 -46.08
C LEU A 268 -6.35 -16.37 -46.97
N ARG A 269 -5.11 -16.61 -47.38
CA ARG A 269 -4.37 -15.63 -48.16
C ARG A 269 -4.69 -15.70 -49.65
N ALA A 270 -5.36 -16.78 -50.06
CA ALA A 270 -5.86 -16.92 -51.42
C ALA A 270 -7.28 -16.37 -51.59
N SER A 271 -8.00 -16.27 -50.48
CA SER A 271 -9.39 -15.81 -50.53
C SER A 271 -9.51 -14.32 -50.87
N PRO A 272 -10.34 -13.99 -51.86
CA PRO A 272 -10.54 -12.57 -52.22
C PRO A 272 -11.26 -11.80 -51.12
N VAL A 273 -12.09 -12.49 -50.33
CA VAL A 273 -12.84 -11.82 -49.28
C VAL A 273 -12.09 -11.79 -47.94
N VAL A 274 -10.77 -11.95 -48.02
CA VAL A 274 -9.93 -11.83 -46.84
C VAL A 274 -8.86 -10.78 -47.08
N GLY A 275 -8.65 -9.91 -46.10
CA GLY A 275 -7.59 -8.93 -46.18
C GLY A 275 -6.34 -9.41 -45.46
N ALA A 276 -5.91 -8.66 -44.45
CA ALA A 276 -4.76 -9.00 -43.64
C ALA A 276 -4.94 -10.34 -42.93
N VAL A 277 -3.92 -11.19 -43.00
CA VAL A 277 -3.93 -12.47 -42.30
C VAL A 277 -2.79 -12.49 -41.29
N HIS A 278 -3.08 -12.91 -40.06
CA HIS A 278 -2.06 -12.95 -39.03
C HIS A 278 -1.71 -14.38 -38.65
N TYR A 279 -0.42 -14.61 -38.49
CA TYR A 279 0.10 -15.90 -38.04
C TYR A 279 1.57 -15.74 -37.69
N PRO A 280 1.98 -16.26 -36.53
CA PRO A 280 3.39 -16.19 -36.12
C PRO A 280 4.34 -16.72 -37.19
N GLY A 281 3.92 -17.76 -37.92
CA GLY A 281 4.75 -18.42 -38.91
C GLY A 281 4.93 -17.79 -40.28
N LEU A 282 4.14 -16.78 -40.62
CA LEU A 282 4.29 -16.12 -41.91
C LEU A 282 5.65 -15.45 -41.99
N PRO A 283 6.44 -15.75 -43.05
CA PRO A 283 7.81 -15.23 -43.08
C PRO A 283 7.89 -13.72 -42.93
N GLU A 284 6.88 -12.97 -43.37
CA GLU A 284 6.92 -11.51 -43.18
C GLU A 284 6.26 -11.03 -41.89
N HIS A 285 6.05 -11.93 -40.93
CA HIS A 285 5.58 -11.54 -39.60
C HIS A 285 6.48 -10.42 -39.07
N PRO A 286 5.88 -9.39 -38.48
CA PRO A 286 6.66 -8.19 -38.12
C PRO A 286 7.83 -8.51 -37.17
N GLN A 287 7.71 -9.59 -36.40
CA GLN A 287 8.82 -10.05 -35.58
C GLN A 287 9.23 -11.48 -35.92
N HIS A 288 9.44 -11.72 -37.21
CA HIS A 288 9.71 -13.08 -37.69
C HIS A 288 10.98 -13.69 -37.09
N ALA A 289 12.00 -12.85 -36.87
CA ALA A 289 13.24 -13.31 -36.26
C ALA A 289 13.03 -13.84 -34.85
N VAL A 290 12.33 -13.07 -34.02
CA VAL A 290 12.06 -13.49 -32.64
C VAL A 290 11.24 -14.79 -32.60
N VAL A 291 10.21 -14.89 -33.45
CA VAL A 291 9.40 -16.11 -33.51
C VAL A 291 10.27 -17.36 -33.73
N LYS A 292 11.13 -17.28 -34.74
CA LYS A 292 12.01 -18.37 -35.09
C LYS A 292 12.98 -18.69 -33.96
N ALA A 293 13.43 -17.65 -33.27
CA ALA A 293 14.42 -17.84 -32.22
C ALA A 293 13.81 -18.44 -30.94
N GLN A 294 12.51 -18.26 -30.72
CA GLN A 294 11.93 -18.68 -29.44
C GLN A 294 10.79 -19.72 -29.51
N MSE A 295 10.24 -19.96 -30.70
CA MSE A 295 9.16 -20.95 -30.88
C MSE A 295 9.60 -22.10 -31.79
O MSE A 295 10.10 -21.87 -32.89
CB MSE A 295 7.88 -20.31 -31.46
CG MSE A 295 7.30 -19.18 -30.63
SE MSE A 295 5.44 -18.73 -31.06
CE MSE A 295 4.52 -20.22 -30.35
N SER A 296 9.40 -23.34 -31.35
CA SER A 296 9.78 -24.47 -32.20
C SER A 296 8.84 -24.57 -33.40
N ALA A 297 7.61 -24.10 -33.20
CA ALA A 297 6.60 -23.99 -34.25
C ALA A 297 5.66 -22.80 -33.96
N PRO A 298 4.93 -22.31 -34.98
CA PRO A 298 4.27 -21.03 -34.74
C PRO A 298 2.87 -21.03 -34.08
N GLY A 299 2.40 -22.18 -33.58
CA GLY A 299 1.13 -22.20 -32.85
C GLY A 299 -0.09 -22.51 -33.70
N ALA A 300 -1.24 -22.54 -33.03
CA ALA A 300 -2.49 -23.01 -33.65
C ALA A 300 -3.53 -21.91 -33.75
N ILE A 301 -3.11 -20.66 -33.58
CA ILE A 301 -4.05 -19.53 -33.62
C ILE A 301 -3.88 -18.72 -34.89
N VAL A 302 -4.99 -18.33 -35.50
CA VAL A 302 -4.97 -17.57 -36.73
C VAL A 302 -6.03 -16.45 -36.67
N SER A 303 -5.65 -15.24 -37.05
CA SER A 303 -6.63 -14.17 -37.12
C SER A 303 -6.57 -13.50 -38.50
N PHE A 304 -7.67 -12.88 -38.90
CA PHE A 304 -7.75 -12.25 -40.21
C PHE A 304 -8.88 -11.23 -40.28
N ASP A 305 -8.71 -10.21 -41.14
CA ASP A 305 -9.77 -9.24 -41.43
C ASP A 305 -10.68 -9.83 -42.49
N TYR A 306 -11.98 -9.86 -42.21
CA TYR A 306 -12.96 -10.38 -43.15
C TYR A 306 -13.62 -9.22 -43.89
N LEU A 307 -13.71 -9.33 -45.20
CA LEU A 307 -14.23 -8.22 -46.00
C LEU A 307 -15.47 -8.59 -46.79
N GLY A 308 -16.16 -9.68 -46.39
CA GLY A 308 -17.28 -10.16 -47.17
C GLY A 308 -18.66 -9.65 -46.77
N GLY A 309 -18.76 -9.12 -45.56
CA GLY A 309 -20.03 -8.68 -45.04
C GLY A 309 -19.94 -8.58 -43.53
N PRO A 310 -21.09 -8.51 -42.84
CA PRO A 310 -21.05 -8.46 -41.38
C PRO A 310 -20.44 -9.71 -40.79
N ALA A 311 -19.51 -9.53 -39.87
CA ALA A 311 -18.85 -10.65 -39.22
C ALA A 311 -19.87 -11.62 -38.63
N GLU A 312 -20.98 -11.08 -38.14
CA GLU A 312 -22.02 -11.91 -37.54
C GLU A 312 -22.59 -12.94 -38.54
N ARG A 313 -22.75 -12.54 -39.80
CA ARG A 313 -23.18 -13.48 -40.83
C ARG A 313 -22.09 -14.52 -41.14
N LEU A 314 -20.84 -14.08 -41.18
CA LEU A 314 -19.74 -15.03 -41.35
C LEU A 314 -19.79 -16.13 -40.26
N LEU A 315 -19.96 -15.71 -39.02
CA LEU A 315 -20.04 -16.63 -37.88
C LEU A 315 -21.23 -17.60 -37.98
N ASP A 316 -22.36 -17.12 -38.48
CA ASP A 316 -23.53 -17.97 -38.66
C ASP A 316 -23.22 -19.12 -39.63
N ARG A 317 -22.47 -18.82 -40.69
CA ARG A 317 -22.28 -19.77 -41.81
C ARG A 317 -21.40 -21.00 -41.54
N PHE A 318 -20.56 -20.96 -40.51
CA PHE A 318 -19.74 -22.13 -40.18
C PHE A 318 -20.61 -23.33 -39.81
N THR A 319 -20.31 -24.49 -40.39
CA THR A 319 -21.00 -25.73 -40.02
C THR A 319 -20.06 -26.84 -39.52
N LEU A 320 -18.85 -26.47 -39.11
CA LEU A 320 -17.94 -27.42 -38.46
C LEU A 320 -17.19 -26.73 -37.34
N PHE A 321 -16.51 -25.62 -37.65
CA PHE A 321 -16.01 -24.74 -36.59
C PHE A 321 -17.21 -24.38 -35.69
N THR A 322 -16.98 -24.37 -34.38
CA THR A 322 -17.97 -23.92 -33.42
C THR A 322 -17.72 -22.46 -33.04
N CYS A 323 -18.78 -21.67 -32.96
CA CYS A 323 -18.66 -20.26 -32.60
C CYS A 323 -18.71 -20.12 -31.09
N GLY A 324 -17.55 -19.93 -30.47
CA GLY A 324 -17.45 -19.75 -29.04
C GLY A 324 -16.03 -19.44 -28.61
N VAL A 325 -15.89 -18.90 -27.40
CA VAL A 325 -14.55 -18.59 -26.87
C VAL A 325 -13.90 -19.79 -26.19
N SER A 326 -12.68 -19.53 -25.67
CA SER A 326 -11.67 -20.52 -25.30
C SER A 326 -10.91 -20.92 -26.55
N LEU A 327 -9.86 -21.72 -26.39
CA LEU A 327 -8.98 -22.07 -27.48
C LEU A 327 -8.13 -23.25 -27.03
N GLY A 328 -7.40 -23.88 -27.95
CA GLY A 328 -6.49 -24.96 -27.62
C GLY A 328 -7.08 -26.37 -27.62
N GLY A 329 -8.40 -26.45 -27.73
CA GLY A 329 -9.10 -27.72 -27.65
C GLY A 329 -9.16 -28.55 -28.93
N VAL A 330 -9.49 -29.84 -28.77
CA VAL A 330 -9.64 -30.76 -29.91
C VAL A 330 -10.72 -30.24 -30.89
N HIS A 331 -11.70 -29.51 -30.36
CA HIS A 331 -12.73 -28.88 -31.20
C HIS A 331 -12.28 -27.50 -31.71
N SER A 332 -12.26 -27.32 -33.03
CA SER A 332 -11.90 -26.03 -33.61
C SER A 332 -12.95 -24.99 -33.30
N LEU A 333 -12.49 -23.80 -32.93
CA LEU A 333 -13.39 -22.73 -32.53
C LEU A 333 -13.16 -21.51 -33.40
N VAL A 334 -14.21 -20.72 -33.58
CA VAL A 334 -14.10 -19.42 -34.24
C VAL A 334 -14.72 -18.37 -33.31
N GLU A 335 -14.12 -17.18 -33.29
CA GLU A 335 -14.72 -16.07 -32.55
C GLU A 335 -14.40 -14.74 -33.22
N CYS A 336 -15.24 -13.74 -32.96
CA CYS A 336 -15.02 -12.39 -33.48
C CYS A 336 -14.85 -11.42 -32.31
N PRO A 337 -13.61 -10.95 -32.08
CA PRO A 337 -13.29 -10.15 -30.89
C PRO A 337 -14.24 -8.97 -30.63
N ALA A 338 -14.54 -8.19 -31.66
CA ALA A 338 -15.43 -7.04 -31.50
C ALA A 338 -16.71 -7.42 -30.74
N LEU A 339 -17.29 -8.56 -31.12
CA LEU A 339 -18.62 -8.93 -30.65
C LEU A 339 -18.75 -9.72 -29.34
N MSE A 340 -17.81 -10.57 -28.97
CA MSE A 340 -18.23 -11.63 -28.03
C MSE A 340 -17.29 -11.91 -26.83
O MSE A 340 -17.51 -12.85 -26.02
CB MSE A 340 -18.54 -12.92 -28.84
CG MSE A 340 -17.41 -13.35 -29.81
SE MSE A 340 -17.55 -15.09 -30.78
CE MSE A 340 -17.41 -16.19 -29.19
N THR A 341 -16.23 -11.09 -26.72
CA THR A 341 -15.12 -11.29 -25.79
C THR A 341 -14.50 -9.96 -25.34
N HIS A 342 -14.08 -9.19 -26.33
CA HIS A 342 -13.65 -7.82 -26.13
C HIS A 342 -14.82 -6.92 -26.40
N ARG A 343 -16.02 -7.50 -26.46
CA ARG A 343 -17.28 -6.74 -26.43
C ARG A 343 -17.14 -5.54 -25.47
N PRO A 344 -16.62 -5.76 -24.25
CA PRO A 344 -16.55 -4.63 -23.32
C PRO A 344 -15.43 -3.60 -23.55
N LEU A 345 -14.75 -3.63 -24.69
CA LEU A 345 -13.98 -2.44 -25.12
C LEU A 345 -14.87 -1.65 -26.08
N SER A 346 -14.66 -0.34 -26.16
CA SER A 346 -15.59 0.55 -26.83
C SER A 346 -15.51 0.61 -28.37
N ALA A 347 -15.84 1.77 -28.95
CA ALA A 347 -15.66 1.98 -30.40
C ALA A 347 -14.22 2.33 -30.76
N GLU A 348 -13.63 3.25 -30.02
CA GLU A 348 -12.23 3.60 -30.19
C GLU A 348 -11.38 2.55 -29.53
N ALA A 349 -11.84 2.11 -28.35
CA ALA A 349 -11.04 1.26 -27.48
C ALA A 349 -10.58 -0.02 -28.17
N ARG A 350 -11.31 -0.44 -29.20
CA ARG A 350 -10.91 -1.57 -30.03
C ARG A 350 -9.94 -1.16 -31.16
N ALA A 351 -10.31 -0.14 -31.92
CA ALA A 351 -9.51 0.30 -33.06
C ALA A 351 -8.18 0.96 -32.67
N ARG A 352 -7.74 0.72 -31.44
CA ARG A 352 -6.45 1.19 -30.96
C ARG A 352 -5.54 0.00 -30.83
N ARG A 353 -6.13 -1.12 -30.42
CA ARG A 353 -5.36 -2.35 -30.37
C ARG A 353 -5.40 -2.93 -31.75
N GLY A 354 -6.19 -2.31 -32.63
CA GLY A 354 -6.24 -2.73 -34.02
C GLY A 354 -7.04 -3.99 -34.19
N ILE A 355 -8.03 -4.18 -33.32
CA ILE A 355 -8.95 -5.29 -33.46
C ILE A 355 -10.11 -4.83 -34.33
N GLY A 356 -10.01 -5.12 -35.62
CA GLY A 356 -11.04 -4.69 -36.53
C GLY A 356 -12.35 -5.33 -36.23
N GLU A 357 -13.39 -4.57 -36.51
CA GLU A 357 -14.73 -5.03 -36.23
C GLU A 357 -15.02 -6.31 -37.01
N SER A 358 -14.32 -6.49 -38.14
CA SER A 358 -14.37 -7.73 -38.89
C SER A 358 -13.10 -8.59 -38.72
N LEU A 359 -12.32 -8.34 -37.67
CA LEU A 359 -11.22 -9.25 -37.34
C LEU A 359 -11.83 -10.54 -36.81
N ILE A 360 -11.45 -11.66 -37.42
CA ILE A 360 -11.92 -12.98 -37.03
C ILE A 360 -10.73 -13.77 -36.49
N ARG A 361 -10.95 -14.52 -35.41
CA ARG A 361 -9.91 -15.38 -34.87
C ARG A 361 -10.32 -16.83 -34.89
N LEU A 362 -9.39 -17.70 -35.30
CA LEU A 362 -9.62 -19.13 -35.27
C LEU A 362 -8.79 -19.73 -34.16
N SER A 363 -9.29 -20.84 -33.62
CA SER A 363 -8.53 -21.72 -32.75
C SER A 363 -8.63 -23.14 -33.31
N VAL A 364 -7.51 -23.67 -33.77
CA VAL A 364 -7.52 -24.88 -34.57
C VAL A 364 -7.45 -26.13 -33.72
N GLY A 365 -8.38 -27.06 -33.98
CA GLY A 365 -8.39 -28.34 -33.29
C GLY A 365 -7.70 -29.45 -34.06
N ILE A 366 -8.10 -30.68 -33.78
CA ILE A 366 -7.46 -31.83 -34.40
C ILE A 366 -8.37 -32.54 -35.40
N GLU A 367 -9.34 -31.81 -35.94
CA GLU A 367 -10.14 -32.32 -37.05
C GLU A 367 -9.26 -32.49 -38.31
N ASP A 368 -9.77 -33.17 -39.32
CA ASP A 368 -9.05 -33.25 -40.60
C ASP A 368 -8.86 -31.84 -41.19
N PRO A 369 -7.63 -31.51 -41.60
CA PRO A 369 -7.36 -30.21 -42.21
C PRO A 369 -8.27 -29.89 -43.41
N GLN A 370 -8.63 -30.88 -44.22
CA GLN A 370 -9.47 -30.59 -45.39
C GLN A 370 -10.92 -30.28 -45.05
N ASP A 371 -11.47 -31.00 -44.08
CA ASP A 371 -12.79 -30.65 -43.57
C ASP A 371 -12.79 -29.23 -42.99
N LEU A 372 -11.77 -28.87 -42.23
CA LEU A 372 -11.70 -27.51 -41.68
C LEU A 372 -11.51 -26.48 -42.81
N ALA A 373 -10.65 -26.81 -43.77
CA ALA A 373 -10.38 -25.91 -44.89
C ALA A 373 -11.64 -25.68 -45.72
N GLU A 374 -12.38 -26.76 -45.98
CA GLU A 374 -13.61 -26.65 -46.76
C GLU A 374 -14.70 -25.92 -45.99
N ASP A 375 -14.84 -26.17 -44.68
CA ASP A 375 -15.80 -25.44 -43.86
C ASP A 375 -15.49 -23.93 -43.84
N LEU A 376 -14.22 -23.60 -43.73
CA LEU A 376 -13.79 -22.21 -43.75
C LEU A 376 -14.11 -21.54 -45.09
N SER A 377 -14.02 -22.29 -46.19
CA SER A 377 -14.23 -21.69 -47.52
C SER A 377 -15.71 -21.38 -47.80
N ARG A 378 -16.59 -22.36 -47.59
CA ARG A 378 -18.02 -22.14 -47.81
C ARG A 378 -18.55 -21.08 -46.85
N ALA A 379 -17.89 -20.92 -45.71
CA ALA A 379 -18.24 -19.84 -44.79
C ALA A 379 -17.82 -18.50 -45.38
N LEU A 380 -16.58 -18.42 -45.85
CA LEU A 380 -16.07 -17.19 -46.47
C LEU A 380 -16.83 -16.75 -47.72
N ALA A 381 -17.34 -17.71 -48.48
CA ALA A 381 -18.11 -17.42 -49.71
C ALA A 381 -17.44 -16.47 -50.71
N GLY A 382 -16.10 -16.51 -50.75
CA GLY A 382 -15.28 -15.71 -51.66
C GLY A 382 -15.89 -15.10 -52.92
N GLY B 6 -41.22 -23.10 -0.54
CA GLY B 6 -42.45 -23.65 -1.06
C GLY B 6 -42.83 -24.83 -0.19
N MSE B 7 -41.86 -25.73 -0.04
CA MSE B 7 -41.96 -27.01 0.66
C MSE B 7 -40.76 -27.18 1.61
O MSE B 7 -39.84 -26.35 1.62
CB MSE B 7 -41.97 -28.14 -0.37
CG MSE B 7 -43.35 -28.67 -0.73
SE MSE B 7 -44.70 -27.33 -1.09
CE MSE B 7 -44.99 -27.61 -3.00
N ARG B 8 -40.76 -28.25 2.39
CA ARG B 8 -39.88 -28.33 3.56
C ARG B 8 -38.38 -28.73 3.35
N PHE B 9 -37.59 -28.50 4.40
CA PHE B 9 -36.13 -28.66 4.37
C PHE B 9 -35.60 -29.99 3.81
N GLY B 10 -36.17 -31.11 4.21
CA GLY B 10 -35.72 -32.39 3.69
C GLY B 10 -36.02 -32.55 2.20
N THR B 11 -37.15 -32.00 1.77
CA THR B 11 -37.51 -31.98 0.35
C THR B 11 -36.57 -31.06 -0.44
N ARG B 12 -36.09 -30.00 0.22
CA ARG B 12 -35.09 -29.07 -0.33
C ARG B 12 -33.81 -29.77 -0.75
N LEU B 13 -33.29 -30.60 0.14
CA LEU B 13 -31.99 -31.22 -0.08
C LEU B 13 -32.05 -32.14 -1.29
N VAL B 14 -33.20 -32.74 -1.52
CA VAL B 14 -33.36 -33.68 -2.62
C VAL B 14 -33.62 -32.99 -3.95
N HIS B 15 -34.46 -31.96 -3.93
CA HIS B 15 -34.97 -31.39 -5.17
C HIS B 15 -34.54 -29.95 -5.45
N GLY B 16 -33.91 -29.31 -4.48
CA GLY B 16 -33.42 -27.96 -4.67
C GLY B 16 -32.43 -28.00 -5.82
N GLY B 17 -32.50 -27.03 -6.72
CA GLY B 17 -31.58 -26.99 -7.85
C GLY B 17 -31.57 -28.19 -8.81
N ARG B 18 -32.59 -29.04 -8.75
CA ARG B 18 -32.65 -30.20 -9.66
C ARG B 18 -33.23 -29.85 -11.03
N ARG B 19 -32.48 -29.11 -11.87
CA ARG B 19 -33.10 -28.43 -13.03
C ARG B 19 -33.61 -29.43 -14.11
N PRO B 20 -34.62 -29.02 -14.90
CA PRO B 20 -35.04 -30.06 -15.84
C PRO B 20 -34.11 -30.26 -17.03
N SER B 21 -34.26 -31.43 -17.65
CA SER B 21 -33.74 -31.73 -18.95
C SER B 21 -34.95 -32.04 -19.81
N ALA B 22 -35.17 -31.18 -20.80
CA ALA B 22 -36.03 -31.53 -21.88
C ALA B 22 -35.36 -32.59 -22.72
N GLY B 23 -36.01 -33.10 -23.78
CA GLY B 23 -35.33 -34.06 -24.63
C GLY B 23 -34.92 -35.34 -23.93
N THR B 24 -34.41 -35.26 -22.69
CA THR B 24 -34.04 -36.49 -21.97
C THR B 24 -34.85 -36.87 -20.72
N GLY B 25 -35.13 -35.93 -19.82
CA GLY B 25 -35.96 -36.24 -18.67
C GLY B 25 -35.20 -36.75 -17.45
N ASP B 26 -33.88 -36.66 -17.50
CA ASP B 26 -32.99 -37.11 -16.43
C ASP B 26 -33.51 -36.66 -15.07
N VAL B 27 -33.68 -37.61 -14.15
CA VAL B 27 -34.06 -37.23 -12.79
C VAL B 27 -32.86 -36.61 -12.06
N VAL B 28 -31.71 -37.22 -12.21
CA VAL B 28 -30.48 -36.63 -11.73
C VAL B 28 -29.93 -35.80 -12.90
N PRO B 29 -29.68 -34.51 -12.66
CA PRO B 29 -29.23 -33.68 -13.79
C PRO B 29 -27.88 -34.17 -14.31
N PRO B 30 -27.66 -34.09 -15.63
CA PRO B 30 -26.41 -34.60 -16.21
C PRO B 30 -25.26 -33.71 -15.81
N ILE B 31 -24.05 -34.26 -15.72
CA ILE B 31 -22.91 -33.49 -15.22
C ILE B 31 -22.31 -32.60 -16.33
N HIS B 32 -22.36 -31.29 -16.16
CA HIS B 32 -21.85 -30.39 -17.22
C HIS B 32 -20.36 -30.11 -17.07
N VAL B 33 -19.56 -30.84 -17.84
CA VAL B 33 -18.11 -30.68 -17.77
C VAL B 33 -17.58 -29.69 -18.79
N SER B 34 -18.34 -29.42 -19.86
CA SER B 34 -17.84 -28.54 -20.91
C SER B 34 -17.40 -27.18 -20.33
N THR B 35 -16.23 -26.70 -20.75
CA THR B 35 -15.75 -25.38 -20.36
C THR B 35 -16.26 -24.36 -21.34
N THR B 36 -16.73 -24.82 -22.48
CA THR B 36 -17.12 -23.87 -23.51
C THR B 36 -18.47 -24.16 -24.15
N TYR B 37 -18.98 -23.15 -24.85
CA TYR B 37 -20.35 -23.13 -25.31
C TYR B 37 -20.49 -22.48 -26.69
N GLU B 38 -21.39 -23.05 -27.50
CA GLU B 38 -21.81 -22.46 -28.75
C GLU B 38 -22.94 -21.45 -28.48
N ARG B 39 -22.74 -20.21 -28.95
CA ARG B 39 -23.69 -19.14 -28.70
C ARG B 39 -24.81 -19.09 -29.73
N ARG B 40 -24.65 -19.83 -30.82
CA ARG B 40 -25.53 -19.69 -31.97
C ARG B 40 -26.80 -20.52 -31.91
N ALA B 41 -26.89 -21.44 -30.96
CA ALA B 41 -28.05 -22.31 -30.89
C ALA B 41 -28.99 -21.88 -29.76
N GLN B 42 -28.42 -21.64 -28.57
CA GLN B 42 -29.14 -21.16 -27.40
C GLN B 42 -30.11 -20.05 -27.79
N ASP B 43 -31.27 -20.02 -27.17
CA ASP B 43 -32.29 -19.03 -27.52
C ASP B 43 -32.02 -17.69 -26.85
N GLU B 44 -31.61 -17.77 -25.59
CA GLU B 44 -31.21 -16.61 -24.82
C GLU B 44 -29.81 -16.92 -24.33
N PRO B 45 -28.82 -16.78 -25.22
CA PRO B 45 -27.46 -17.14 -24.84
C PRO B 45 -27.06 -16.57 -23.47
N ARG B 46 -26.93 -17.46 -22.50
CA ARG B 46 -26.45 -17.18 -21.16
C ARG B 46 -25.00 -17.66 -21.03
N TYR B 47 -24.73 -18.86 -21.54
CA TYR B 47 -23.45 -19.51 -21.30
C TYR B 47 -22.39 -19.05 -22.29
N PHE B 48 -21.24 -18.68 -21.76
CA PHE B 48 -20.14 -18.19 -22.57
C PHE B 48 -18.91 -19.04 -22.27
N TYR B 49 -18.62 -19.22 -20.97
CA TYR B 49 -17.35 -19.84 -20.58
C TYR B 49 -17.40 -20.36 -19.15
N GLY B 50 -16.75 -21.50 -18.96
CA GLY B 50 -16.90 -22.31 -17.77
C GLY B 50 -16.56 -21.62 -16.46
N ARG B 51 -15.54 -20.76 -16.48
CA ARG B 51 -15.18 -20.04 -15.25
C ARG B 51 -16.30 -19.09 -14.83
N GLY B 52 -17.13 -18.68 -15.79
CA GLY B 52 -18.24 -17.78 -15.49
C GLY B 52 -19.55 -18.52 -15.19
N GLU B 53 -19.99 -19.35 -16.13
CA GLU B 53 -21.27 -20.02 -15.98
C GLU B 53 -21.12 -21.51 -16.23
N ASN B 54 -21.87 -22.27 -15.43
CA ASN B 54 -21.83 -23.71 -15.47
C ASN B 54 -23.09 -24.24 -14.79
N PRO B 55 -23.95 -24.92 -15.56
CA PRO B 55 -25.27 -25.35 -15.07
C PRO B 55 -25.20 -26.25 -13.83
N THR B 56 -24.25 -27.19 -13.82
CA THR B 56 -24.06 -28.06 -12.65
C THR B 56 -23.74 -27.24 -11.38
N ARG B 57 -22.87 -26.27 -11.50
CA ARG B 57 -22.53 -25.42 -10.35
C ARG B 57 -23.73 -24.56 -9.91
N GLU B 58 -24.46 -24.02 -10.89
CA GLU B 58 -25.65 -23.19 -10.60
C GLU B 58 -26.74 -23.95 -9.84
N GLU B 59 -26.89 -25.22 -10.20
CA GLU B 59 -27.88 -26.09 -9.57
C GLU B 59 -27.50 -26.33 -8.11
N LEU B 60 -26.22 -26.54 -7.85
CA LEU B 60 -25.74 -26.68 -6.49
C LEU B 60 -26.03 -25.37 -5.73
N GLU B 61 -25.68 -24.25 -6.35
CA GLU B 61 -25.96 -22.93 -5.80
C GLU B 61 -27.45 -22.74 -5.48
N GLU B 62 -28.28 -23.19 -6.40
CA GLU B 62 -29.73 -23.12 -6.22
C GLU B 62 -30.15 -23.90 -5.00
N CYS B 63 -29.64 -25.13 -4.89
CA CYS B 63 -29.94 -25.99 -3.76
C CYS B 63 -29.58 -25.31 -2.45
N LEU B 64 -28.38 -24.76 -2.39
CA LEU B 64 -27.83 -24.16 -1.17
C LEU B 64 -28.61 -22.91 -0.76
N ALA B 65 -28.94 -22.08 -1.73
CA ALA B 65 -29.71 -20.86 -1.47
C ALA B 65 -31.07 -21.20 -0.88
N GLY B 66 -31.74 -22.19 -1.49
CA GLY B 66 -33.05 -22.63 -1.05
C GLY B 66 -33.07 -23.18 0.37
N LEU B 67 -31.95 -23.76 0.82
CA LEU B 67 -31.83 -24.27 2.19
C LEU B 67 -32.07 -23.21 3.26
N GLU B 68 -31.87 -21.95 2.88
CA GLU B 68 -32.05 -20.83 3.80
C GLU B 68 -33.11 -19.87 3.26
N ARG B 69 -33.92 -20.36 2.34
CA ARG B 69 -34.92 -19.57 1.61
C ARG B 69 -34.35 -18.20 1.25
N ALA B 70 -33.10 -18.21 0.76
CA ALA B 70 -32.37 -17.01 0.37
C ALA B 70 -32.48 -16.91 -1.15
N PRO B 71 -32.14 -15.73 -1.72
CA PRO B 71 -32.16 -15.59 -3.18
C PRO B 71 -30.85 -15.96 -3.88
N PHE B 72 -29.72 -15.88 -3.17
CA PHE B 72 -28.43 -16.16 -3.82
C PHE B 72 -27.54 -17.12 -3.04
N ALA B 73 -26.78 -17.90 -3.79
CA ALA B 73 -25.60 -18.58 -3.27
C ALA B 73 -24.51 -18.58 -4.33
N THR B 74 -23.27 -18.62 -3.88
CA THR B 74 -22.13 -18.76 -4.76
C THR B 74 -21.21 -19.81 -4.15
N VAL B 75 -20.68 -20.72 -4.98
CA VAL B 75 -19.74 -21.70 -4.47
C VAL B 75 -18.33 -21.52 -5.00
N PHE B 76 -17.38 -22.09 -4.27
CA PHE B 76 -15.97 -21.90 -4.52
C PHE B 76 -15.21 -23.24 -4.38
N SER B 77 -13.95 -23.25 -4.80
CA SER B 77 -13.08 -24.40 -4.66
C SER B 77 -12.82 -24.85 -3.22
N SER B 78 -13.06 -23.96 -2.26
CA SER B 78 -12.83 -24.31 -0.85
C SER B 78 -13.53 -23.31 0.06
N GLY B 79 -13.64 -23.66 1.35
CA GLY B 79 -14.14 -22.74 2.36
C GLY B 79 -13.27 -21.50 2.45
N GLN B 80 -11.96 -21.71 2.42
CA GLN B 80 -11.00 -20.60 2.41
C GLN B 80 -11.23 -19.65 1.24
N ALA B 81 -11.55 -20.18 0.07
CA ALA B 81 -11.85 -19.33 -1.07
C ALA B 81 -13.15 -18.53 -0.84
N ALA B 82 -14.16 -19.15 -0.24
CA ALA B 82 -15.38 -18.40 0.10
C ALA B 82 -15.03 -17.23 1.05
N ALA B 83 -14.27 -17.55 2.09
CA ALA B 83 -13.82 -16.55 3.06
C ALA B 83 -12.99 -15.46 2.40
N ALA B 84 -12.07 -15.85 1.53
CA ALA B 84 -11.15 -14.91 0.90
C ALA B 84 -11.93 -13.89 0.08
N THR B 85 -12.95 -14.38 -0.62
CA THR B 85 -13.78 -13.56 -1.48
C THR B 85 -14.52 -12.48 -0.69
N LEU B 86 -15.28 -12.89 0.32
CA LEU B 86 -16.04 -11.95 1.12
C LEU B 86 -15.08 -10.94 1.76
N LEU B 87 -13.97 -11.46 2.28
CA LEU B 87 -12.95 -10.68 2.95
C LEU B 87 -12.31 -9.67 2.02
N SER B 88 -12.28 -9.98 0.72
CA SER B 88 -11.65 -9.11 -0.27
C SER B 88 -12.41 -7.80 -0.45
N LEU B 89 -13.69 -7.80 -0.08
CA LEU B 89 -14.54 -6.63 -0.23
C LEU B 89 -14.28 -5.58 0.83
N VAL B 90 -13.48 -5.92 1.83
CA VAL B 90 -13.13 -4.95 2.86
C VAL B 90 -12.01 -4.05 2.34
N ARG B 91 -12.27 -2.74 2.30
CA ARG B 91 -11.37 -1.78 1.68
C ARG B 91 -10.34 -1.27 2.69
N PRO B 92 -9.24 -0.69 2.19
CA PRO B 92 -8.29 0.02 3.05
C PRO B 92 -8.99 1.02 3.95
N GLY B 93 -8.55 1.11 5.20
CA GLY B 93 -9.10 2.08 6.13
C GLY B 93 -10.43 1.63 6.71
N GLN B 94 -10.79 0.37 6.49
CA GLN B 94 -11.97 -0.21 7.09
C GLN B 94 -11.61 -1.29 8.11
N CYS B 95 -12.58 -1.67 8.95
CA CYS B 95 -12.33 -2.55 10.09
C CYS B 95 -13.22 -3.80 10.12
N VAL B 96 -12.62 -4.94 10.46
CA VAL B 96 -13.35 -6.18 10.68
C VAL B 96 -13.21 -6.58 12.13
N VAL B 97 -14.32 -6.96 12.76
CA VAL B 97 -14.32 -7.49 14.13
C VAL B 97 -14.71 -8.96 14.14
N SER B 98 -13.89 -9.80 14.77
CA SER B 98 -14.21 -11.22 14.92
C SER B 98 -14.02 -11.77 16.33
N THR B 99 -14.66 -12.91 16.62
CA THR B 99 -14.40 -13.62 17.86
C THR B 99 -13.06 -14.33 17.75
N ASP B 100 -12.16 -14.09 18.72
CA ASP B 100 -10.74 -14.43 18.54
C ASP B 100 -10.44 -15.91 18.41
N ASP B 101 -11.46 -16.72 18.64
CA ASP B 101 -11.29 -18.16 18.67
C ASP B 101 -11.63 -18.77 17.30
N VAL B 102 -11.69 -17.92 16.28
CA VAL B 102 -12.03 -18.32 14.92
C VAL B 102 -10.91 -19.13 14.22
N TYR B 103 -11.31 -20.12 13.41
CA TYR B 103 -10.42 -20.90 12.53
C TYR B 103 -9.10 -20.26 12.11
N ALA B 104 -8.02 -21.04 12.15
CA ALA B 104 -6.68 -20.56 11.81
C ALA B 104 -6.54 -20.14 10.34
N GLY B 105 -7.34 -20.74 9.45
CA GLY B 105 -7.37 -20.34 8.06
C GLY B 105 -8.04 -18.99 7.92
N THR B 106 -9.03 -18.75 8.77
CA THR B 106 -9.66 -17.46 8.82
C THR B 106 -8.69 -16.45 9.43
N ASP B 107 -7.76 -16.92 10.24
CA ASP B 107 -6.69 -16.04 10.75
C ASP B 107 -5.79 -15.48 9.66
N GLY B 108 -5.30 -16.36 8.79
CA GLY B 108 -4.40 -15.98 7.71
C GLY B 108 -4.97 -14.97 6.73
N LEU B 109 -6.26 -15.09 6.46
CA LEU B 109 -6.94 -14.10 5.63
C LEU B 109 -7.02 -12.73 6.33
N PHE B 110 -7.17 -12.73 7.65
CA PHE B 110 -7.03 -11.48 8.39
C PHE B 110 -5.60 -10.95 8.31
N ASP B 111 -4.63 -11.86 8.41
CA ASP B 111 -3.21 -11.49 8.29
C ASP B 111 -2.92 -10.78 6.98
N LEU B 112 -3.33 -11.43 5.89
CA LEU B 112 -3.18 -10.86 4.55
C LEU B 112 -3.85 -9.51 4.46
N ALA B 113 -5.10 -9.45 4.90
CA ALA B 113 -5.93 -8.24 4.78
C ALA B 113 -5.26 -7.03 5.40
N ALA B 114 -4.60 -7.25 6.53
CA ALA B 114 -4.03 -6.17 7.32
C ALA B 114 -2.74 -5.60 6.70
N ARG B 115 -2.63 -5.68 5.38
CA ARG B 115 -1.53 -5.06 4.64
C ARG B 115 -2.15 -4.20 3.56
N GLN B 116 -3.47 -4.26 3.47
CA GLN B 116 -4.22 -3.52 2.49
C GLN B 116 -5.13 -2.54 3.24
N GLY B 117 -4.61 -2.00 4.34
CA GLY B 117 -5.29 -1.00 5.14
C GLY B 117 -6.37 -1.51 6.08
N VAL B 118 -6.41 -2.81 6.32
CA VAL B 118 -7.51 -3.42 7.08
C VAL B 118 -7.23 -3.54 8.58
N ARG B 119 -7.97 -2.80 9.39
CA ARG B 119 -7.88 -2.95 10.85
C ARG B 119 -8.67 -4.18 11.30
N VAL B 120 -7.98 -5.13 11.95
CA VAL B 120 -8.64 -6.31 12.51
C VAL B 120 -8.86 -6.18 14.02
N ARG B 121 -9.92 -6.82 14.53
CA ARG B 121 -10.36 -6.63 15.90
C ARG B 121 -10.83 -7.94 16.53
N TYR B 122 -9.90 -8.76 17.02
CA TYR B 122 -10.23 -10.03 17.65
C TYR B 122 -10.94 -9.74 18.96
N ALA B 123 -12.20 -10.18 19.08
CA ALA B 123 -13.07 -9.67 20.14
C ALA B 123 -13.86 -10.69 20.95
N ASP B 124 -14.58 -10.17 21.93
CA ASP B 124 -15.31 -10.93 22.93
C ASP B 124 -16.80 -10.80 22.68
N LEU B 125 -17.29 -11.42 21.61
CA LEU B 125 -18.70 -11.28 21.24
C LEU B 125 -19.63 -12.07 22.18
N THR B 126 -19.62 -11.71 23.47
CA THR B 126 -20.37 -12.48 24.47
C THR B 126 -20.95 -11.63 25.61
N THR B 127 -20.62 -10.34 25.66
CA THR B 127 -21.13 -9.51 26.73
C THR B 127 -21.70 -8.21 26.19
N PRO B 128 -22.80 -7.71 26.81
CA PRO B 128 -23.31 -6.40 26.43
C PRO B 128 -22.15 -5.42 26.43
N GLU B 129 -21.35 -5.44 27.50
CA GLU B 129 -20.08 -4.71 27.56
C GLU B 129 -19.21 -4.96 26.32
N GLY B 130 -18.88 -6.24 26.09
CA GLY B 130 -17.87 -6.61 25.11
C GLY B 130 -18.35 -6.93 23.70
N ILE B 131 -19.67 -7.03 23.53
CA ILE B 131 -20.24 -6.94 22.20
C ILE B 131 -20.13 -5.49 21.77
N ALA B 132 -20.57 -4.59 22.65
CA ALA B 132 -20.66 -3.17 22.32
C ALA B 132 -19.28 -2.56 22.14
N ALA B 133 -18.30 -3.16 22.80
CA ALA B 133 -16.94 -2.65 22.82
C ALA B 133 -16.35 -2.58 21.41
N ALA B 134 -16.53 -3.65 20.65
CA ALA B 134 -15.89 -3.74 19.33
C ALA B 134 -16.74 -3.15 18.22
N LEU B 135 -17.90 -2.60 18.57
CA LEU B 135 -18.84 -2.16 17.55
C LEU B 135 -19.01 -0.65 17.43
N ALA B 136 -18.14 0.11 18.09
CA ALA B 136 -18.11 1.55 17.93
C ALA B 136 -16.91 1.95 17.09
N GLU B 137 -16.19 0.96 16.58
CA GLU B 137 -15.10 1.18 15.64
C GLU B 137 -15.62 1.90 14.39
N PRO B 138 -14.98 3.01 14.02
CA PRO B 138 -15.37 3.75 12.82
C PRO B 138 -15.08 2.94 11.56
N ASP B 139 -15.90 3.13 10.53
CA ASP B 139 -15.76 2.40 9.28
C ASP B 139 -15.73 0.89 9.50
N LEU B 140 -16.53 0.42 10.46
CA LEU B 140 -16.66 -1.00 10.77
C LEU B 140 -17.35 -1.72 9.61
N ALA B 141 -16.58 -2.32 8.71
CA ALA B 141 -17.13 -2.89 7.47
C ALA B 141 -17.80 -4.24 7.66
N LEU B 142 -17.40 -4.97 8.69
CA LEU B 142 -17.73 -6.38 8.76
C LEU B 142 -17.57 -6.94 10.17
N VAL B 143 -18.51 -7.79 10.58
CA VAL B 143 -18.38 -8.57 11.80
C VAL B 143 -18.40 -10.06 11.45
N TRP B 144 -17.35 -10.77 11.85
CA TRP B 144 -17.12 -12.15 11.44
C TRP B 144 -17.37 -13.05 12.63
N ILE B 145 -18.50 -13.76 12.61
CA ILE B 145 -18.88 -14.64 13.70
C ILE B 145 -18.75 -16.09 13.27
N GLU B 146 -18.01 -16.87 14.05
CA GLU B 146 -17.97 -18.29 13.85
C GLU B 146 -18.60 -18.95 15.07
N THR B 147 -19.74 -19.61 14.87
CA THR B 147 -20.51 -20.07 16.02
C THR B 147 -21.23 -21.39 15.75
N PRO B 148 -21.05 -22.37 16.65
CA PRO B 148 -20.11 -22.42 17.77
C PRO B 148 -18.64 -22.34 17.30
N THR B 149 -17.72 -22.00 18.21
CA THR B 149 -16.29 -21.99 17.90
C THR B 149 -15.62 -23.37 18.09
N ASN B 150 -14.81 -23.82 17.13
CA ASN B 150 -13.90 -24.97 17.31
C ASN B 150 -12.61 -24.54 18.07
N PRO B 151 -12.22 -25.28 19.12
CA PRO B 151 -12.87 -26.45 19.67
C PRO B 151 -13.43 -26.23 21.10
N LEU B 152 -13.60 -24.98 21.52
CA LEU B 152 -14.16 -24.75 22.85
C LEU B 152 -15.67 -24.77 22.83
N LEU B 153 -16.25 -24.72 21.64
CA LEU B 153 -17.69 -24.89 21.47
C LEU B 153 -18.50 -23.83 22.23
N THR B 154 -17.89 -22.67 22.48
CA THR B 154 -18.61 -21.53 23.03
C THR B 154 -19.45 -20.99 21.89
N VAL B 155 -20.45 -20.16 22.22
CA VAL B 155 -21.39 -19.68 21.21
C VAL B 155 -21.66 -18.19 21.30
N VAL B 156 -22.01 -17.61 20.15
CA VAL B 156 -22.26 -16.19 20.02
C VAL B 156 -23.70 -16.00 19.60
N ASP B 157 -24.34 -14.96 20.12
CA ASP B 157 -25.74 -14.66 19.83
C ASP B 157 -25.81 -13.89 18.51
N VAL B 158 -26.14 -14.58 17.43
CA VAL B 158 -26.19 -13.98 16.11
C VAL B 158 -27.18 -12.82 16.04
N ALA B 159 -28.40 -13.05 16.52
CA ALA B 159 -29.45 -12.02 16.47
C ALA B 159 -29.04 -10.74 17.19
N GLU B 160 -28.48 -10.87 18.39
CA GLU B 160 -28.09 -9.71 19.17
C GLU B 160 -26.93 -8.96 18.53
N VAL B 161 -25.89 -9.70 18.16
CA VAL B 161 -24.75 -9.10 17.47
C VAL B 161 -25.16 -8.45 16.14
N SER B 162 -26.06 -9.09 15.40
CA SER B 162 -26.54 -8.53 14.13
C SER B 162 -27.31 -7.22 14.34
N ARG B 163 -28.20 -7.22 15.33
CA ARG B 163 -28.93 -6.02 15.71
C ARG B 163 -27.98 -4.85 15.92
N ARG B 164 -26.85 -5.13 16.58
CA ARG B 164 -25.87 -4.10 16.87
C ARG B 164 -25.18 -3.64 15.60
N ALA B 165 -24.66 -4.59 14.83
CA ALA B 165 -23.91 -4.27 13.62
C ALA B 165 -24.77 -3.61 12.54
N HIS B 166 -26.09 -3.75 12.62
CA HIS B 166 -26.94 -3.14 11.61
C HIS B 166 -27.43 -1.75 12.03
N GLU B 167 -27.07 -1.34 13.24
CA GLU B 167 -27.29 0.02 13.69
C GLU B 167 -26.07 0.86 13.31
N ARG B 168 -25.07 0.20 12.74
CA ARG B 168 -23.89 0.91 12.24
C ARG B 168 -23.70 0.58 10.76
N GLY B 169 -24.75 0.04 10.15
CA GLY B 169 -24.77 -0.24 8.72
C GLY B 169 -23.76 -1.28 8.30
N ALA B 170 -23.21 -2.00 9.27
CA ALA B 170 -22.16 -2.99 9.02
C ALA B 170 -22.71 -4.36 8.58
N ARG B 171 -21.97 -5.02 7.68
CA ARG B 171 -22.32 -6.36 7.21
C ARG B 171 -21.95 -7.38 8.28
N VAL B 172 -22.74 -8.44 8.40
CA VAL B 172 -22.45 -9.54 9.33
C VAL B 172 -22.35 -10.86 8.59
N VAL B 173 -21.23 -11.57 8.76
CA VAL B 173 -21.13 -12.94 8.26
C VAL B 173 -21.06 -13.93 9.42
N VAL B 174 -21.74 -15.06 9.25
CA VAL B 174 -21.58 -16.17 10.17
C VAL B 174 -20.95 -17.34 9.42
N ASP B 175 -19.82 -17.83 9.92
CA ASP B 175 -19.27 -19.07 9.43
C ASP B 175 -20.12 -20.16 10.07
N ASN B 176 -21.00 -20.77 9.28
CA ASN B 176 -21.99 -21.70 9.78
C ASN B 176 -21.60 -23.13 9.43
N THR B 177 -20.34 -23.29 9.01
CA THR B 177 -19.79 -24.58 8.63
C THR B 177 -20.02 -25.58 9.75
N PHE B 178 -19.88 -25.09 10.97
CA PHE B 178 -19.99 -25.89 12.18
C PHE B 178 -21.30 -26.69 12.27
N ALA B 179 -22.41 -25.98 12.44
CA ALA B 179 -23.69 -26.62 12.77
C ALA B 179 -24.43 -27.10 11.54
N SER B 180 -24.07 -26.52 10.38
CA SER B 180 -24.76 -26.72 9.12
C SER B 180 -26.13 -26.02 9.09
N PRO B 181 -26.68 -25.77 7.88
CA PRO B 181 -28.00 -25.19 7.69
C PRO B 181 -29.12 -25.98 8.39
N VAL B 182 -28.96 -27.30 8.50
CA VAL B 182 -29.94 -28.12 9.21
C VAL B 182 -30.16 -27.63 10.63
N LEU B 183 -29.11 -27.11 11.27
CA LEU B 183 -29.18 -26.83 12.70
C LEU B 183 -29.20 -25.35 13.04
N GLN B 184 -28.72 -24.53 12.11
CA GLN B 184 -28.58 -23.12 12.35
C GLN B 184 -28.82 -22.33 11.07
N GLN B 185 -29.61 -21.27 11.18
CA GLN B 185 -30.02 -20.48 10.04
C GLN B 185 -29.62 -19.01 10.23
N PRO B 186 -28.34 -18.68 9.96
CA PRO B 186 -27.86 -17.32 10.22
C PRO B 186 -28.65 -16.22 9.52
N LEU B 187 -29.10 -16.43 8.28
CA LEU B 187 -29.86 -15.36 7.61
C LEU B 187 -31.17 -15.13 8.33
N ALA B 188 -31.78 -16.21 8.83
CA ALA B 188 -32.98 -16.12 9.66
C ALA B 188 -32.70 -15.40 10.97
N LEU B 189 -31.45 -15.42 11.42
CA LEU B 189 -31.09 -14.84 12.69
C LEU B 189 -30.70 -13.36 12.57
N GLY B 190 -30.84 -12.81 11.37
CA GLY B 190 -30.56 -11.40 11.18
C GLY B 190 -29.17 -11.12 10.64
N ALA B 191 -28.45 -12.17 10.24
CA ALA B 191 -27.16 -11.99 9.59
C ALA B 191 -27.37 -11.74 8.10
N ASP B 192 -26.34 -11.19 7.45
CA ASP B 192 -26.39 -10.94 6.01
C ASP B 192 -25.75 -12.04 5.18
N VAL B 193 -24.85 -12.82 5.77
CA VAL B 193 -24.15 -13.87 5.03
C VAL B 193 -23.93 -15.13 5.87
N SER B 194 -24.12 -16.29 5.24
CA SER B 194 -23.70 -17.55 5.83
C SER B 194 -22.52 -18.06 5.00
N LEU B 195 -21.43 -18.37 5.67
CA LEU B 195 -20.29 -18.97 5.01
C LEU B 195 -20.16 -20.45 5.36
N TYR B 196 -19.81 -21.26 4.37
CA TYR B 196 -19.60 -22.68 4.58
C TYR B 196 -18.32 -23.19 3.91
N SER B 197 -17.65 -24.11 4.59
CA SER B 197 -16.80 -25.06 3.91
C SER B 197 -17.66 -26.29 3.63
N THR B 198 -18.09 -26.47 2.38
CA THR B 198 -18.95 -27.61 2.04
C THR B 198 -18.15 -28.90 2.14
N THR B 199 -16.83 -28.75 2.26
CA THR B 199 -15.92 -29.85 2.51
C THR B 199 -16.36 -30.70 3.72
N1 LLP B 200 -14.09 -22.58 8.36
C2 LLP B 200 -14.40 -23.68 9.05
C2' LLP B 200 -15.29 -23.56 10.31
C3 LLP B 200 -13.90 -24.94 8.64
O3 LLP B 200 -14.25 -26.08 9.38
C4 LLP B 200 -13.12 -25.05 7.52
C4' LLP B 200 -12.56 -26.50 7.05
C5 LLP B 200 -12.79 -23.91 6.83
C6 LLP B 200 -13.29 -22.67 7.22
C5' LLP B 200 -11.89 -23.94 5.55
OP4 LLP B 200 -12.59 -24.61 4.54
P LLP B 200 -11.78 -25.45 3.51
OP1 LLP B 200 -12.85 -26.13 2.67
OP2 LLP B 200 -10.95 -24.51 2.71
OP3 LLP B 200 -10.90 -26.41 4.22
N LLP B 200 -16.91 -30.05 4.74
CA LLP B 200 -17.16 -30.69 6.03
CB LLP B 200 -17.30 -29.66 7.13
CG LLP B 200 -16.05 -28.78 7.23
CD LLP B 200 -14.73 -29.56 7.15
CE LLP B 200 -13.58 -28.62 6.70
NZ LLP B 200 -13.15 -27.63 7.72
C LLP B 200 -18.38 -31.55 5.99
O LLP B 200 -18.33 -32.67 5.50
N SER B 201 -19.50 -31.05 6.53
CA SER B 201 -20.71 -31.86 6.57
C SER B 201 -21.65 -31.67 5.37
N ILE B 202 -21.53 -30.56 4.64
CA ILE B 202 -22.39 -30.36 3.48
C ILE B 202 -22.17 -31.47 2.45
N ALA B 203 -20.92 -31.68 2.04
CA ALA B 203 -20.60 -32.80 1.17
C ALA B 203 -20.60 -34.09 1.99
N GLY B 204 -19.89 -34.06 3.11
CA GLY B 204 -20.06 -35.04 4.17
C GLY B 204 -19.46 -36.42 4.00
N HIS B 205 -18.77 -36.67 2.87
CA HIS B 205 -18.16 -37.98 2.64
C HIS B 205 -16.64 -37.90 2.55
N ALA B 206 -16.10 -36.72 2.89
CA ALA B 206 -14.65 -36.53 2.99
C ALA B 206 -13.92 -36.80 1.68
N ASP B 207 -14.56 -36.48 0.55
CA ASP B 207 -13.95 -36.75 -0.75
C ASP B 207 -14.04 -35.59 -1.75
N VAL B 208 -14.19 -34.37 -1.25
CA VAL B 208 -14.27 -33.20 -2.12
C VAL B 208 -14.13 -31.92 -1.29
N LEU B 209 -13.48 -30.91 -1.87
CA LEU B 209 -13.31 -29.63 -1.20
C LEU B 209 -14.25 -28.64 -1.85
N GLY B 210 -14.79 -27.72 -1.06
CA GLY B 210 -15.68 -26.71 -1.62
C GLY B 210 -16.01 -25.65 -0.59
N GLY B 211 -16.45 -24.50 -1.08
CA GLY B 211 -16.91 -23.45 -0.20
C GLY B 211 -18.24 -22.91 -0.70
N ALA B 212 -18.91 -22.11 0.13
CA ALA B 212 -20.16 -21.48 -0.27
C ALA B 212 -20.39 -20.21 0.53
N LEU B 213 -21.02 -19.24 -0.13
CA LEU B 213 -21.58 -18.07 0.53
C LEU B 213 -23.08 -18.04 0.18
N VAL B 214 -23.92 -17.78 1.19
CA VAL B 214 -25.37 -17.75 0.98
C VAL B 214 -25.86 -16.43 1.58
N TYR B 215 -26.65 -15.68 0.81
CA TYR B 215 -26.96 -14.28 1.16
C TYR B 215 -28.13 -13.72 0.36
N ARG B 216 -28.50 -12.47 0.64
CA ARG B 216 -29.65 -11.88 -0.02
C ARG B 216 -29.36 -10.55 -0.71
N ASP B 217 -28.21 -9.96 -0.44
CA ASP B 217 -27.88 -8.62 -0.94
C ASP B 217 -27.51 -8.72 -2.43
N ALA B 218 -28.29 -8.08 -3.29
CA ALA B 218 -28.06 -8.15 -4.73
C ALA B 218 -26.78 -7.43 -5.18
N ASP B 219 -26.42 -6.35 -4.52
CA ASP B 219 -25.16 -5.67 -4.84
C ASP B 219 -23.96 -6.49 -4.36
N LEU B 220 -24.13 -7.16 -3.21
CA LEU B 220 -23.12 -8.09 -2.73
C LEU B 220 -22.95 -9.21 -3.75
N HIS B 221 -24.07 -9.67 -4.29
CA HIS B 221 -24.07 -10.75 -5.26
C HIS B 221 -23.15 -10.40 -6.43
N ALA B 222 -23.36 -9.21 -7.00
CA ALA B 222 -22.58 -8.79 -8.16
C ALA B 222 -21.09 -8.70 -7.85
N ALA B 223 -20.75 -8.15 -6.69
CA ALA B 223 -19.34 -8.02 -6.31
C ALA B 223 -18.70 -9.39 -6.04
N VAL B 224 -19.46 -10.26 -5.40
CA VAL B 224 -19.00 -11.62 -5.13
C VAL B 224 -18.74 -12.40 -6.43
N ARG B 225 -19.66 -12.28 -7.40
CA ARG B 225 -19.51 -13.01 -8.66
C ARG B 225 -18.40 -12.40 -9.53
N ALA B 226 -18.28 -11.08 -9.51
CA ALA B 226 -17.20 -10.43 -10.23
C ALA B 226 -15.83 -10.86 -9.69
N TYR B 227 -15.74 -11.01 -8.37
CA TYR B 227 -14.50 -11.47 -7.77
C TYR B 227 -14.16 -12.92 -8.11
N ARG B 228 -15.15 -13.81 -8.01
CA ARG B 228 -14.91 -15.22 -8.30
C ARG B 228 -14.41 -15.43 -9.73
N THR B 229 -15.01 -14.72 -10.67
CA THR B 229 -14.64 -14.86 -12.07
C THR B 229 -13.21 -14.34 -12.27
N THR B 230 -12.88 -13.27 -11.57
CA THR B 230 -11.56 -12.65 -11.67
C THR B 230 -10.49 -13.42 -10.92
N ALA B 231 -10.81 -13.85 -9.70
CA ALA B 231 -9.87 -14.62 -8.89
C ALA B 231 -9.76 -16.04 -9.44
N GLY B 232 -10.83 -16.51 -10.08
CA GLY B 232 -10.85 -17.84 -10.68
C GLY B 232 -10.83 -18.94 -9.65
N ASN B 233 -11.30 -18.64 -8.44
CA ASN B 233 -11.40 -19.63 -7.37
C ASN B 233 -12.68 -20.47 -7.49
N VAL B 234 -12.95 -20.92 -8.71
CA VAL B 234 -14.16 -21.69 -9.02
C VAL B 234 -13.93 -23.18 -8.93
N PRO B 235 -14.83 -23.91 -8.27
CA PRO B 235 -14.70 -25.37 -8.11
C PRO B 235 -15.01 -26.10 -9.42
N GLY B 236 -14.60 -27.35 -9.53
CA GLY B 236 -14.93 -28.12 -10.71
C GLY B 236 -16.38 -28.59 -10.74
N ALA B 237 -16.85 -28.91 -11.95
CA ALA B 237 -18.18 -29.45 -12.15
C ALA B 237 -18.36 -30.81 -11.49
N LEU B 238 -17.36 -31.68 -11.62
CA LEU B 238 -17.41 -32.98 -10.97
C LEU B 238 -17.43 -32.81 -9.45
N ASP B 239 -16.66 -31.84 -8.97
CA ASP B 239 -16.67 -31.53 -7.55
C ASP B 239 -18.05 -31.03 -7.11
N CYS B 240 -18.68 -30.17 -7.89
CA CYS B 240 -20.05 -29.74 -7.59
C CYS B 240 -21.06 -30.92 -7.56
N PHE B 241 -20.89 -31.85 -8.50
CA PHE B 241 -21.72 -33.06 -8.48
C PHE B 241 -21.53 -33.81 -7.15
N LEU B 242 -20.29 -33.92 -6.68
CA LEU B 242 -20.04 -34.63 -5.42
C LEU B 242 -20.63 -33.89 -4.21
N VAL B 243 -20.53 -32.58 -4.17
CA VAL B 243 -21.11 -31.80 -3.08
C VAL B 243 -22.63 -31.94 -3.11
N ARG B 244 -23.22 -31.80 -4.30
CA ARG B 244 -24.68 -31.90 -4.46
C ARG B 244 -25.18 -33.28 -4.03
N ARG B 245 -24.38 -34.31 -4.30
CA ARG B 245 -24.76 -35.69 -4.00
C ARG B 245 -24.85 -35.96 -2.50
N GLY B 246 -23.87 -35.48 -1.74
CA GLY B 246 -23.89 -35.65 -0.29
C GLY B 246 -25.05 -34.92 0.38
N LEU B 247 -25.52 -33.85 -0.27
CA LEU B 247 -26.57 -32.99 0.27
C LEU B 247 -27.90 -33.67 0.42
N HIS B 248 -28.19 -34.64 -0.43
CA HIS B 248 -29.43 -35.37 -0.32
C HIS B 248 -29.58 -35.88 1.10
N THR B 249 -28.49 -36.40 1.65
CA THR B 249 -28.55 -37.02 2.97
C THR B 249 -28.09 -36.10 4.11
N LEU B 250 -28.00 -34.81 3.84
CA LEU B 250 -27.55 -33.85 4.85
C LEU B 250 -28.30 -33.96 6.18
N SER B 251 -29.62 -33.95 6.11
CA SER B 251 -30.40 -34.00 7.32
C SER B 251 -30.29 -35.32 8.07
N LEU B 252 -30.39 -36.44 7.34
CA LEU B 252 -30.30 -37.75 8.01
C LEU B 252 -28.95 -37.94 8.68
N ARG B 253 -27.88 -37.49 8.03
CA ARG B 253 -26.55 -37.60 8.59
C ARG B 253 -26.39 -36.73 9.87
N VAL B 254 -26.78 -35.47 9.77
CA VAL B 254 -26.69 -34.58 10.93
C VAL B 254 -27.54 -35.11 12.09
N HIS B 255 -28.72 -35.62 11.80
CA HIS B 255 -29.50 -36.20 12.89
C HIS B 255 -28.89 -37.44 13.56
N ARG B 256 -28.27 -38.31 12.77
CA ARG B 256 -27.50 -39.43 13.31
C ARG B 256 -26.31 -38.96 14.16
N GLN B 257 -25.54 -38.02 13.60
CA GLN B 257 -24.38 -37.45 14.26
C GLN B 257 -24.73 -36.93 15.65
N VAL B 258 -25.85 -36.19 15.71
CA VAL B 258 -26.31 -35.54 16.93
C VAL B 258 -26.68 -36.53 18.04
N ALA B 259 -27.48 -37.53 17.70
CA ALA B 259 -27.89 -38.55 18.67
C ALA B 259 -26.65 -39.25 19.24
N THR B 260 -25.69 -39.55 18.37
CA THR B 260 -24.47 -40.21 18.84
C THR B 260 -23.62 -39.24 19.67
N ALA B 261 -23.60 -37.97 19.27
CA ALA B 261 -22.96 -36.94 20.06
C ALA B 261 -23.48 -36.96 21.50
N ARG B 262 -24.79 -37.00 21.67
CA ARG B 262 -25.41 -37.00 22.98
C ARG B 262 -25.04 -38.28 23.76
N VAL B 263 -24.87 -39.40 23.05
CA VAL B 263 -24.42 -40.66 23.67
C VAL B 263 -22.98 -40.57 24.19
N LEU B 264 -22.09 -39.98 23.40
CA LEU B 264 -20.67 -39.90 23.76
C LEU B 264 -20.43 -38.94 24.93
N VAL B 265 -21.15 -37.82 24.93
CA VAL B 265 -21.05 -36.85 26.02
C VAL B 265 -21.43 -37.50 27.34
N GLU B 266 -22.46 -38.34 27.31
CA GLU B 266 -22.87 -39.07 28.50
C GLU B 266 -21.75 -39.99 28.95
N ARG B 267 -21.11 -40.69 28.01
CA ARG B 267 -20.06 -41.57 28.47
C ARG B 267 -18.77 -40.89 28.89
N LEU B 268 -18.48 -39.72 28.34
CA LEU B 268 -17.37 -38.91 28.82
C LEU B 268 -17.60 -38.53 30.28
N ARG B 269 -18.83 -38.10 30.59
CA ARG B 269 -19.21 -37.66 31.93
C ARG B 269 -19.09 -38.73 33.02
N ALA B 270 -19.02 -39.99 32.64
CA ALA B 270 -18.93 -41.08 33.61
C ALA B 270 -17.49 -41.53 33.81
N SER B 271 -16.59 -41.08 32.95
CA SER B 271 -15.21 -41.55 32.98
C SER B 271 -14.34 -40.89 34.04
N PRO B 272 -13.62 -41.71 34.83
CA PRO B 272 -12.72 -41.17 35.84
C PRO B 272 -11.47 -40.48 35.25
N VAL B 273 -11.23 -40.62 33.95
CA VAL B 273 -10.03 -40.02 33.37
C VAL B 273 -10.38 -38.91 32.39
N VAL B 274 -11.54 -38.31 32.62
CA VAL B 274 -12.00 -37.17 31.84
C VAL B 274 -12.37 -36.05 32.80
N GLY B 275 -11.95 -34.84 32.50
CA GLY B 275 -12.29 -33.68 33.30
C GLY B 275 -13.48 -32.97 32.67
N ALA B 276 -13.36 -31.65 32.52
CA ALA B 276 -14.39 -30.83 31.90
C ALA B 276 -14.79 -31.41 30.55
N VAL B 277 -16.10 -31.62 30.36
CA VAL B 277 -16.63 -32.02 29.06
C VAL B 277 -17.34 -30.85 28.43
N HIS B 278 -17.05 -30.59 27.15
CA HIS B 278 -17.62 -29.46 26.46
C HIS B 278 -18.55 -29.89 25.33
N TYR B 279 -19.78 -29.39 25.37
CA TYR B 279 -20.78 -29.70 24.36
C TYR B 279 -21.80 -28.56 24.39
N PRO B 280 -22.07 -27.93 23.23
CA PRO B 280 -22.96 -26.77 23.20
C PRO B 280 -24.30 -27.03 23.86
N GLY B 281 -24.79 -28.27 23.79
CA GLY B 281 -26.11 -28.60 24.30
C GLY B 281 -26.25 -28.96 25.77
N LEU B 282 -25.14 -29.05 26.49
CA LEU B 282 -25.22 -29.45 27.91
C LEU B 282 -26.00 -28.41 28.70
N PRO B 283 -26.95 -28.86 29.53
CA PRO B 283 -27.76 -27.93 30.34
C PRO B 283 -26.91 -26.88 31.05
N GLU B 284 -25.73 -27.26 31.56
CA GLU B 284 -24.93 -26.32 32.32
C GLU B 284 -24.07 -25.36 31.48
N HIS B 285 -24.08 -25.49 30.16
CA HIS B 285 -23.32 -24.58 29.29
C HIS B 285 -23.56 -23.12 29.69
N PRO B 286 -22.50 -22.31 29.77
CA PRO B 286 -22.59 -20.91 30.23
C PRO B 286 -23.54 -20.09 29.37
N GLN B 287 -23.79 -20.54 28.15
CA GLN B 287 -24.63 -19.82 27.21
C GLN B 287 -25.78 -20.72 26.74
N HIS B 288 -26.25 -21.57 27.63
CA HIS B 288 -27.32 -22.50 27.36
C HIS B 288 -28.48 -21.81 26.65
N ALA B 289 -28.80 -20.59 27.07
CA ALA B 289 -29.92 -19.87 26.47
C ALA B 289 -29.70 -19.61 24.97
N VAL B 290 -28.54 -19.06 24.61
CA VAL B 290 -28.25 -18.78 23.21
C VAL B 290 -28.21 -20.05 22.35
N VAL B 291 -27.80 -21.16 22.96
CA VAL B 291 -27.90 -22.47 22.32
C VAL B 291 -29.32 -22.74 21.87
N LYS B 292 -30.24 -22.79 22.83
CA LYS B 292 -31.63 -23.14 22.60
C LYS B 292 -32.28 -22.28 21.49
N ALA B 293 -32.16 -20.96 21.61
CA ALA B 293 -32.76 -20.05 20.63
C ALA B 293 -32.23 -20.26 19.20
N GLN B 294 -30.92 -20.36 19.02
CA GLN B 294 -30.39 -20.28 17.66
C GLN B 294 -29.98 -21.61 17.02
N MSE B 295 -29.99 -22.67 17.82
CA MSE B 295 -29.66 -23.97 17.28
C MSE B 295 -30.79 -24.96 17.46
O MSE B 295 -31.34 -25.10 18.55
CB MSE B 295 -28.37 -24.47 17.88
CG MSE B 295 -27.22 -23.62 17.45
SE MSE B 295 -25.63 -24.31 18.27
CE MSE B 295 -25.11 -25.75 17.07
N SER B 296 -31.16 -25.63 16.38
CA SER B 296 -32.29 -26.52 16.48
C SER B 296 -31.80 -27.80 17.17
N ALA B 297 -30.50 -28.02 17.12
CA ALA B 297 -29.87 -29.13 17.81
C ALA B 297 -28.43 -28.68 18.12
N PRO B 298 -27.76 -29.34 19.10
CA PRO B 298 -26.45 -28.90 19.62
C PRO B 298 -25.27 -29.16 18.69
N GLY B 299 -25.46 -29.97 17.66
CA GLY B 299 -24.38 -30.25 16.73
C GLY B 299 -23.65 -31.49 17.15
N ALA B 300 -22.61 -31.84 16.42
CA ALA B 300 -21.93 -33.10 16.70
C ALA B 300 -20.41 -33.00 16.83
N ILE B 301 -19.91 -31.89 17.37
CA ILE B 301 -18.54 -31.81 17.81
C ILE B 301 -18.57 -31.92 19.33
N VAL B 302 -17.61 -32.64 19.90
CA VAL B 302 -17.51 -32.76 21.36
C VAL B 302 -16.06 -32.57 21.72
N SER B 303 -15.79 -31.78 22.77
CA SER B 303 -14.44 -31.62 23.32
C SER B 303 -14.41 -32.03 24.78
N PHE B 304 -13.25 -32.49 25.24
CA PHE B 304 -13.09 -32.86 26.64
C PHE B 304 -11.63 -32.86 27.09
N ASP B 305 -11.44 -32.58 28.37
CA ASP B 305 -10.15 -32.64 29.03
C ASP B 305 -9.81 -34.08 29.42
N TYR B 306 -8.80 -34.64 28.79
CA TYR B 306 -8.34 -36.00 29.13
C TYR B 306 -7.35 -35.98 30.31
N LEU B 307 -7.52 -36.85 31.29
CA LEU B 307 -6.68 -36.85 32.49
C LEU B 307 -5.76 -38.07 32.66
N GLY B 308 -5.80 -39.01 31.73
CA GLY B 308 -5.09 -40.27 31.92
C GLY B 308 -3.63 -40.26 31.54
N GLY B 309 -3.18 -39.16 30.91
CA GLY B 309 -1.80 -39.03 30.50
C GLY B 309 -1.67 -38.26 29.20
N PRO B 310 -0.54 -38.44 28.49
CA PRO B 310 -0.27 -37.72 27.25
C PRO B 310 -1.37 -37.95 26.21
N ALA B 311 -1.85 -36.88 25.60
CA ALA B 311 -2.84 -37.01 24.53
C ALA B 311 -2.30 -37.87 23.40
N GLU B 312 -1.01 -37.73 23.10
CA GLU B 312 -0.44 -38.44 21.96
C GLU B 312 -0.59 -39.97 22.11
N ARG B 313 -0.47 -40.48 23.33
CA ARG B 313 -0.67 -41.90 23.59
C ARG B 313 -2.12 -42.33 23.41
N LEU B 314 -3.04 -41.50 23.89
CA LEU B 314 -4.46 -41.76 23.75
C LEU B 314 -4.85 -41.89 22.27
N LEU B 315 -4.36 -40.96 21.45
CA LEU B 315 -4.69 -40.96 20.02
C LEU B 315 -4.37 -42.27 19.30
N ASP B 316 -3.35 -43.00 19.74
CA ASP B 316 -2.95 -44.25 19.11
C ASP B 316 -3.80 -45.46 19.51
N ARG B 317 -4.76 -45.26 20.40
CA ARG B 317 -5.57 -46.37 20.92
C ARG B 317 -6.87 -46.58 20.17
N PHE B 318 -7.36 -45.55 19.48
CA PHE B 318 -8.63 -45.69 18.78
C PHE B 318 -8.51 -46.67 17.63
N THR B 319 -9.53 -47.50 17.43
CA THR B 319 -9.54 -48.43 16.31
C THR B 319 -10.81 -48.26 15.46
N LEU B 320 -11.56 -47.21 15.73
CA LEU B 320 -12.74 -46.90 14.93
C LEU B 320 -12.78 -45.41 14.56
N PHE B 321 -12.43 -44.55 15.50
CA PHE B 321 -12.18 -43.13 15.21
C PHE B 321 -10.89 -43.03 14.39
N THR B 322 -10.88 -42.14 13.41
CA THR B 322 -9.65 -41.81 12.69
C THR B 322 -8.97 -40.62 13.38
N CYS B 323 -7.65 -40.68 13.54
CA CYS B 323 -6.89 -39.52 14.02
C CYS B 323 -6.44 -38.66 12.85
N GLY B 324 -6.87 -37.40 12.85
CA GLY B 324 -6.43 -36.44 11.86
C GLY B 324 -7.38 -35.25 11.90
N VAL B 325 -7.40 -34.46 10.84
CA VAL B 325 -8.25 -33.27 10.86
C VAL B 325 -9.40 -33.35 9.84
N SER B 326 -10.31 -32.39 9.94
CA SER B 326 -11.62 -32.28 9.27
C SER B 326 -12.76 -32.79 10.16
N LEU B 327 -14.00 -32.49 9.77
CA LEU B 327 -15.15 -32.83 10.60
C LEU B 327 -16.37 -32.96 9.71
N GLY B 328 -17.49 -33.41 10.29
CA GLY B 328 -18.75 -33.51 9.58
C GLY B 328 -18.87 -34.67 8.59
N GLY B 329 -17.79 -35.40 8.39
CA GLY B 329 -17.82 -36.53 7.46
C GLY B 329 -18.49 -37.78 8.03
N VAL B 330 -18.72 -38.78 7.17
CA VAL B 330 -19.34 -40.03 7.61
C VAL B 330 -18.43 -40.82 8.57
N HIS B 331 -17.12 -40.70 8.37
CA HIS B 331 -16.15 -41.35 9.24
C HIS B 331 -15.89 -40.47 10.47
N SER B 332 -16.03 -41.05 11.67
CA SER B 332 -15.75 -40.36 12.92
C SER B 332 -14.26 -40.06 13.10
N LEU B 333 -13.96 -38.85 13.57
CA LEU B 333 -12.58 -38.39 13.73
C LEU B 333 -12.28 -37.91 15.15
N VAL B 334 -11.04 -38.12 15.60
CA VAL B 334 -10.54 -37.57 16.86
C VAL B 334 -9.25 -36.79 16.56
N GLU B 335 -9.06 -35.67 17.25
CA GLU B 335 -7.82 -34.88 17.16
C GLU B 335 -7.49 -34.35 18.55
N CYS B 336 -6.26 -33.85 18.71
CA CYS B 336 -5.85 -33.13 19.92
C CYS B 336 -5.23 -31.77 19.59
N PRO B 337 -6.02 -30.69 19.71
CA PRO B 337 -5.64 -29.34 19.27
C PRO B 337 -4.20 -28.89 19.59
N ALA B 338 -3.65 -29.32 20.72
CA ALA B 338 -2.29 -28.90 21.10
C ALA B 338 -1.17 -29.36 20.14
N LEU B 339 -1.14 -30.67 19.85
CA LEU B 339 -0.14 -31.28 18.97
C LEU B 339 -0.42 -31.03 17.50
N MSE B 340 -1.34 -30.12 17.21
CA MSE B 340 -2.15 -30.32 16.03
C MSE B 340 -2.68 -29.13 15.22
O MSE B 340 -2.04 -28.69 14.24
CB MSE B 340 -3.32 -31.15 16.50
CG MSE B 340 -3.19 -32.56 16.11
SE MSE B 340 -4.47 -32.34 14.79
CE MSE B 340 -4.22 -34.01 13.81
N THR B 341 -3.90 -28.69 15.59
CA THR B 341 -4.68 -27.73 14.79
C THR B 341 -4.56 -26.37 15.36
N HIS B 342 -4.32 -26.35 16.67
CA HIS B 342 -3.85 -25.17 17.39
C HIS B 342 -2.37 -25.30 17.69
N ARG B 343 -1.72 -26.32 17.12
CA ARG B 343 -0.26 -26.41 17.23
C ARG B 343 0.45 -25.18 16.65
N PRO B 344 -0.08 -24.60 15.54
CA PRO B 344 0.63 -23.41 15.06
C PRO B 344 0.74 -22.29 16.08
N LEU B 345 -0.26 -22.16 16.95
CA LEU B 345 -0.12 -21.21 18.05
C LEU B 345 0.98 -21.62 19.01
N SER B 346 1.43 -20.68 19.82
CA SER B 346 2.13 -21.01 21.04
C SER B 346 1.06 -21.60 21.93
N ALA B 347 1.46 -22.40 22.92
CA ALA B 347 0.51 -22.71 23.99
C ALA B 347 0.07 -21.36 24.57
N GLU B 348 1.07 -20.49 24.77
CA GLU B 348 0.90 -19.12 25.27
C GLU B 348 -0.36 -18.39 24.78
N ALA B 349 -0.84 -18.74 23.58
CA ALA B 349 -2.14 -18.29 23.10
C ALA B 349 -3.21 -19.33 23.48
N ARG B 350 -2.96 -20.59 23.12
CA ARG B 350 -3.84 -21.72 23.46
C ARG B 350 -4.38 -21.69 24.91
N ALA B 351 -3.54 -21.31 25.87
CA ALA B 351 -3.97 -21.36 27.28
C ALA B 351 -4.98 -20.27 27.67
N ARG B 352 -5.13 -19.25 26.81
CA ARG B 352 -6.06 -18.15 27.04
C ARG B 352 -7.41 -18.51 26.43
N ARG B 353 -7.33 -19.36 25.40
CA ARG B 353 -8.51 -19.82 24.70
C ARG B 353 -8.76 -21.26 25.06
N GLY B 354 -8.81 -21.54 26.37
CA GLY B 354 -9.20 -22.84 26.89
C GLY B 354 -8.68 -24.13 26.29
N ILE B 355 -7.81 -24.05 25.29
CA ILE B 355 -7.25 -25.26 24.71
C ILE B 355 -6.08 -25.73 25.56
N GLY B 356 -6.37 -26.55 26.56
CA GLY B 356 -5.33 -27.10 27.41
C GLY B 356 -4.50 -28.11 26.63
N GLU B 357 -3.40 -28.55 27.22
CA GLU B 357 -2.55 -29.52 26.54
C GLU B 357 -3.27 -30.86 26.32
N SER B 358 -4.21 -31.20 27.19
CA SER B 358 -4.93 -32.48 27.07
C SER B 358 -6.35 -32.38 26.52
N LEU B 359 -6.65 -31.30 25.81
CA LEU B 359 -7.95 -31.16 25.20
C LEU B 359 -8.07 -32.10 23.99
N ILE B 360 -9.12 -32.90 23.98
CA ILE B 360 -9.39 -33.82 22.89
C ILE B 360 -10.66 -33.40 22.17
N ARG B 361 -10.64 -33.38 20.84
CA ARG B 361 -11.83 -33.05 20.03
C ARG B 361 -12.33 -34.24 19.19
N LEU B 362 -13.64 -34.50 19.25
CA LEU B 362 -14.26 -35.57 18.49
C LEU B 362 -15.19 -34.99 17.44
N SER B 363 -15.05 -35.46 16.20
CA SER B 363 -16.01 -35.18 15.15
C SER B 363 -16.83 -36.44 14.96
N VAL B 364 -18.11 -36.40 15.32
CA VAL B 364 -18.91 -37.62 15.29
C VAL B 364 -19.43 -37.95 13.89
N GLY B 365 -19.17 -39.17 13.45
CA GLY B 365 -19.68 -39.65 12.18
C GLY B 365 -20.99 -40.39 12.34
N ILE B 366 -21.28 -41.29 11.39
CA ILE B 366 -22.58 -41.95 11.37
C ILE B 366 -22.52 -43.42 11.78
N GLU B 367 -21.39 -43.82 12.38
CA GLU B 367 -21.22 -45.20 12.84
C GLU B 367 -22.25 -45.58 13.92
N ASP B 368 -22.36 -46.87 14.21
CA ASP B 368 -23.23 -47.30 15.29
C ASP B 368 -22.73 -46.63 16.57
N PRO B 369 -23.66 -46.05 17.35
CA PRO B 369 -23.31 -45.35 18.59
C PRO B 369 -22.64 -46.29 19.59
N GLN B 370 -22.95 -47.57 19.52
CA GLN B 370 -22.32 -48.46 20.48
C GLN B 370 -20.87 -48.82 20.15
N ASP B 371 -20.55 -49.00 18.87
CA ASP B 371 -19.16 -49.22 18.47
C ASP B 371 -18.29 -47.97 18.77
N LEU B 372 -18.86 -46.78 18.53
CA LEU B 372 -18.16 -45.52 18.82
C LEU B 372 -17.93 -45.32 20.33
N ALA B 373 -18.96 -45.54 21.14
CA ALA B 373 -18.83 -45.39 22.58
C ALA B 373 -17.83 -46.38 23.17
N GLU B 374 -17.94 -47.63 22.76
CA GLU B 374 -17.07 -48.67 23.30
C GLU B 374 -15.61 -48.43 22.87
N ASP B 375 -15.42 -47.90 21.66
CA ASP B 375 -14.08 -47.56 21.16
C ASP B 375 -13.52 -46.40 21.98
N LEU B 376 -14.35 -45.41 22.24
CA LEU B 376 -13.96 -44.29 23.10
C LEU B 376 -13.59 -44.80 24.51
N SER B 377 -14.45 -45.62 25.10
CA SER B 377 -14.17 -46.16 26.42
C SER B 377 -12.93 -47.05 26.39
N ARG B 378 -12.80 -47.80 25.31
CA ARG B 378 -11.62 -48.63 25.08
C ARG B 378 -10.37 -47.75 25.14
N ALA B 379 -10.40 -46.65 24.39
CA ALA B 379 -9.25 -45.76 24.32
C ALA B 379 -8.91 -45.14 25.67
N LEU B 380 -9.93 -44.66 26.38
CA LEU B 380 -9.70 -43.94 27.62
C LEU B 380 -8.97 -44.77 28.67
N ALA B 381 -9.45 -45.98 28.97
CA ALA B 381 -8.90 -46.78 30.07
C ALA B 381 -7.53 -47.43 29.82
N GLY B 382 -7.18 -47.63 28.54
CA GLY B 382 -5.92 -48.26 28.16
C GLY B 382 -5.85 -49.75 28.42
N GLY B 383 -4.65 -50.32 28.30
CA GLY B 383 -4.37 -51.66 28.81
C GLY B 383 -4.88 -52.79 27.95
N GLY C 6 -17.65 -52.23 18.75
CA GLY C 6 -16.64 -51.82 17.78
C GLY C 6 -16.89 -52.21 16.34
N MSE C 7 -17.71 -53.24 16.12
CA MSE C 7 -17.82 -53.86 14.79
C MSE C 7 -19.19 -54.33 14.37
O MSE C 7 -19.40 -55.54 14.20
CB MSE C 7 -16.89 -55.06 14.71
CG MSE C 7 -15.48 -54.75 14.24
SE MSE C 7 -14.93 -56.45 13.53
CE MSE C 7 -14.12 -55.94 11.84
N ARG C 8 -20.13 -53.41 14.22
CA ARG C 8 -21.44 -53.77 13.69
C ARG C 8 -21.66 -53.31 12.24
N PHE C 9 -22.80 -52.66 12.06
CA PHE C 9 -23.55 -52.71 10.80
C PHE C 9 -23.74 -51.34 10.17
N GLY C 10 -24.41 -50.45 10.91
CA GLY C 10 -24.32 -49.02 10.63
C GLY C 10 -22.93 -48.50 10.99
N THR C 11 -21.99 -49.42 11.20
CA THR C 11 -20.56 -49.18 11.26
C THR C 11 -19.87 -49.91 10.07
N ARG C 12 -20.37 -51.09 9.73
CA ARG C 12 -19.88 -51.81 8.54
C ARG C 12 -20.11 -51.02 7.26
N LEU C 13 -21.20 -50.26 7.22
CA LEU C 13 -21.49 -49.42 6.07
C LEU C 13 -20.35 -48.44 5.84
N VAL C 14 -19.83 -47.88 6.92
CA VAL C 14 -18.83 -46.83 6.84
C VAL C 14 -17.42 -47.39 6.63
N HIS C 15 -17.11 -48.50 7.29
CA HIS C 15 -15.73 -49.01 7.35
C HIS C 15 -15.45 -50.37 6.69
N GLY C 16 -16.50 -51.09 6.30
CA GLY C 16 -16.34 -52.34 5.59
C GLY C 16 -15.59 -52.13 4.30
N GLY C 17 -14.52 -52.90 4.09
CA GLY C 17 -13.71 -52.73 2.89
C GLY C 17 -12.94 -51.42 2.86
N ARG C 18 -12.87 -50.71 3.98
CA ARG C 18 -12.13 -49.45 3.98
C ARG C 18 -10.72 -49.69 4.46
N ARG C 19 -9.87 -50.14 3.54
CA ARG C 19 -8.52 -50.57 3.83
C ARG C 19 -7.60 -49.36 3.95
N PRO C 20 -6.70 -49.39 4.94
CA PRO C 20 -5.79 -48.26 5.12
C PRO C 20 -4.97 -48.01 3.87
N SER C 21 -4.33 -46.84 3.81
CA SER C 21 -3.36 -46.57 2.77
C SER C 21 -2.01 -46.22 3.38
N ALA C 22 -1.16 -47.23 3.55
CA ALA C 22 0.23 -47.02 3.93
C ALA C 22 0.83 -46.00 2.98
N GLY C 23 1.59 -45.04 3.50
CA GLY C 23 2.00 -43.89 2.72
C GLY C 23 0.77 -43.15 2.22
N THR C 24 0.82 -41.83 2.16
CA THR C 24 -0.39 -41.05 1.89
C THR C 24 -1.34 -41.10 3.11
N GLY C 25 -2.00 -42.23 3.35
CA GLY C 25 -2.90 -42.36 4.50
C GLY C 25 -4.35 -41.97 4.26
N ASP C 26 -4.79 -42.06 3.00
CA ASP C 26 -6.17 -41.70 2.63
C ASP C 26 -7.21 -42.36 3.53
N VAL C 27 -8.11 -41.56 4.09
CA VAL C 27 -9.29 -42.12 4.77
C VAL C 27 -10.26 -42.77 3.77
N VAL C 28 -10.68 -42.01 2.77
CA VAL C 28 -11.44 -42.58 1.65
C VAL C 28 -10.42 -43.22 0.71
N PRO C 29 -10.57 -44.51 0.40
CA PRO C 29 -9.56 -45.07 -0.50
C PRO C 29 -9.55 -44.43 -1.89
N PRO C 30 -8.38 -44.33 -2.50
CA PRO C 30 -8.27 -43.69 -3.82
C PRO C 30 -8.92 -44.58 -4.87
N ILE C 31 -9.41 -43.97 -5.96
CA ILE C 31 -10.11 -44.72 -7.01
C ILE C 31 -9.14 -45.32 -8.03
N HIS C 32 -9.11 -46.64 -8.08
CA HIS C 32 -8.17 -47.38 -8.91
C HIS C 32 -8.71 -47.54 -10.33
N VAL C 33 -8.37 -46.61 -11.22
CA VAL C 33 -8.86 -46.65 -12.59
C VAL C 33 -8.00 -47.48 -13.55
N SER C 34 -6.77 -47.79 -13.15
CA SER C 34 -5.84 -48.45 -14.06
C SER C 34 -6.37 -49.81 -14.52
N THR C 35 -6.31 -50.05 -15.82
CA THR C 35 -6.69 -51.34 -16.39
C THR C 35 -5.55 -52.33 -16.25
N THR C 36 -4.33 -51.82 -16.14
CA THR C 36 -3.19 -52.72 -16.13
C THR C 36 -2.18 -52.46 -15.02
N TYR C 37 -1.32 -53.45 -14.81
CA TYR C 37 -0.39 -53.42 -13.69
C TYR C 37 1.01 -53.88 -14.07
N GLU C 38 2.03 -53.22 -13.50
CA GLU C 38 3.39 -53.68 -13.57
C GLU C 38 3.55 -54.77 -12.52
N ARG C 39 4.09 -55.90 -12.94
CA ARG C 39 4.09 -57.11 -12.12
C ARG C 39 5.33 -57.20 -11.25
N ARG C 40 6.28 -56.28 -11.45
CA ARG C 40 7.53 -56.31 -10.70
C ARG C 40 7.46 -55.50 -9.39
N ALA C 41 6.24 -55.24 -8.88
CA ALA C 41 6.10 -54.30 -7.74
C ALA C 41 5.06 -54.66 -6.65
N GLN C 42 4.90 -55.95 -6.34
CA GLN C 42 3.71 -56.37 -5.62
C GLN C 42 3.90 -57.26 -4.37
N ASP C 43 5.13 -57.44 -3.92
CA ASP C 43 5.46 -58.44 -2.88
C ASP C 43 4.87 -59.82 -3.21
N GLU C 44 3.54 -59.91 -3.22
CA GLU C 44 2.88 -61.02 -3.89
C GLU C 44 1.82 -60.47 -4.86
N PRO C 45 1.82 -61.00 -6.08
CA PRO C 45 0.99 -60.59 -7.23
C PRO C 45 -0.49 -60.93 -7.08
N ARG C 46 -1.36 -59.93 -6.97
CA ARG C 46 -2.79 -60.16 -7.19
C ARG C 46 -3.23 -59.57 -8.51
N TYR C 47 -2.58 -58.47 -8.91
CA TYR C 47 -3.14 -57.60 -9.93
C TYR C 47 -2.47 -57.74 -11.29
N PHE C 48 -3.19 -58.35 -12.21
CA PHE C 48 -2.65 -58.70 -13.53
C PHE C 48 -3.37 -57.94 -14.65
N TYR C 49 -4.66 -57.68 -14.44
CA TYR C 49 -5.48 -57.02 -15.45
C TYR C 49 -6.81 -56.63 -14.85
N GLY C 50 -7.30 -55.45 -15.24
CA GLY C 50 -8.49 -54.86 -14.66
C GLY C 50 -9.74 -55.71 -14.66
N ARG C 51 -9.97 -56.47 -15.73
CA ARG C 51 -11.16 -57.32 -15.81
C ARG C 51 -11.14 -58.38 -14.71
N GLY C 52 -9.96 -58.97 -14.48
CA GLY C 52 -9.82 -60.00 -13.47
C GLY C 52 -9.68 -59.49 -12.04
N GLU C 53 -9.05 -58.33 -11.87
CA GLU C 53 -8.71 -57.82 -10.53
C GLU C 53 -8.73 -56.28 -10.48
N ASN C 54 -9.34 -55.72 -9.44
CA ASN C 54 -9.35 -54.26 -9.21
C ASN C 54 -9.59 -53.93 -7.73
N PRO C 55 -8.68 -53.16 -7.12
CA PRO C 55 -8.76 -52.90 -5.67
C PRO C 55 -10.02 -52.12 -5.27
N THR C 56 -10.49 -51.22 -6.13
CA THR C 56 -11.66 -50.41 -5.82
C THR C 56 -12.89 -51.29 -5.89
N ARG C 57 -12.88 -52.23 -6.81
CA ARG C 57 -13.98 -53.19 -6.86
C ARG C 57 -13.96 -54.12 -5.65
N GLU C 58 -12.78 -54.63 -5.31
CA GLU C 58 -12.63 -55.53 -4.15
C GLU C 58 -13.07 -54.88 -2.84
N GLU C 59 -12.85 -53.58 -2.70
CA GLU C 59 -13.27 -52.86 -1.49
C GLU C 59 -14.78 -52.87 -1.37
N LEU C 60 -15.46 -52.58 -2.47
CA LEU C 60 -16.92 -52.64 -2.50
C LEU C 60 -17.43 -54.05 -2.12
N GLU C 61 -16.82 -55.08 -2.70
CA GLU C 61 -17.19 -56.45 -2.39
C GLU C 61 -17.03 -56.77 -0.91
N GLU C 62 -15.91 -56.33 -0.34
CA GLU C 62 -15.66 -56.58 1.08
C GLU C 62 -16.73 -55.89 1.93
N CYS C 63 -17.12 -54.69 1.52
CA CYS C 63 -18.18 -53.99 2.23
C CYS C 63 -19.47 -54.80 2.21
N LEU C 64 -19.94 -55.15 1.02
CA LEU C 64 -21.21 -55.87 0.83
C LEU C 64 -21.21 -57.21 1.54
N ALA C 65 -20.16 -58.01 1.32
CA ALA C 65 -20.00 -59.29 2.01
C ALA C 65 -20.09 -59.06 3.50
N GLY C 66 -19.43 -57.99 3.95
CA GLY C 66 -19.48 -57.58 5.34
C GLY C 66 -20.90 -57.45 5.87
N LEU C 67 -21.78 -56.78 5.14
CA LEU C 67 -23.14 -56.49 5.62
C LEU C 67 -23.99 -57.72 5.96
N GLU C 68 -23.57 -58.88 5.44
CA GLU C 68 -24.27 -60.12 5.79
C GLU C 68 -23.37 -61.08 6.57
N ARG C 69 -22.23 -60.58 7.02
CA ARG C 69 -21.24 -61.39 7.72
C ARG C 69 -20.87 -62.59 6.84
N ALA C 70 -20.75 -62.36 5.54
CA ALA C 70 -20.50 -63.46 4.64
C ALA C 70 -19.04 -63.46 4.18
N PRO C 71 -18.49 -64.64 3.87
CA PRO C 71 -17.09 -64.59 3.43
C PRO C 71 -16.93 -64.01 2.01
N PHE C 72 -18.00 -64.00 1.24
CA PHE C 72 -17.87 -63.72 -0.18
C PHE C 72 -18.86 -62.68 -0.74
N ALA C 73 -18.38 -61.86 -1.68
CA ALA C 73 -19.25 -61.07 -2.54
C ALA C 73 -18.60 -60.80 -3.90
N THR C 74 -19.42 -60.67 -4.93
CA THR C 74 -18.94 -60.36 -6.26
C THR C 74 -19.85 -59.31 -6.88
N VAL C 75 -19.29 -58.20 -7.35
CA VAL C 75 -20.12 -57.14 -7.95
C VAL C 75 -20.07 -57.13 -9.48
N PHE C 76 -21.10 -56.53 -10.09
CA PHE C 76 -21.38 -56.71 -11.51
C PHE C 76 -21.79 -55.40 -12.20
N SER C 77 -21.82 -55.42 -13.53
CA SER C 77 -22.25 -54.28 -14.32
C SER C 77 -23.71 -53.88 -14.06
N SER C 78 -24.52 -54.80 -13.52
CA SER C 78 -25.93 -54.55 -13.29
C SER C 78 -26.52 -55.64 -12.43
N GLY C 79 -27.71 -55.41 -11.88
CA GLY C 79 -28.45 -56.46 -11.22
C GLY C 79 -28.75 -57.60 -12.19
N GLN C 80 -29.13 -57.25 -13.42
CA GLN C 80 -29.35 -58.27 -14.44
C GLN C 80 -28.10 -59.13 -14.61
N ALA C 81 -26.92 -58.50 -14.64
CA ALA C 81 -25.67 -59.24 -14.83
C ALA C 81 -25.41 -60.17 -13.66
N ALA C 82 -25.73 -59.70 -12.46
CA ALA C 82 -25.61 -60.53 -11.26
C ALA C 82 -26.51 -61.75 -11.38
N ALA C 83 -27.73 -61.54 -11.85
CA ALA C 83 -28.67 -62.65 -12.05
C ALA C 83 -28.26 -63.53 -13.23
N ALA C 84 -27.76 -62.93 -14.30
CA ALA C 84 -27.32 -63.69 -15.47
C ALA C 84 -26.11 -64.55 -15.12
N THR C 85 -25.40 -64.20 -14.06
CA THR C 85 -24.27 -65.00 -13.65
C THR C 85 -24.74 -66.29 -12.94
N LEU C 86 -25.83 -66.19 -12.20
CA LEU C 86 -26.35 -67.33 -11.46
C LEU C 86 -26.99 -68.37 -12.38
N LEU C 87 -27.84 -67.91 -13.28
CA LEU C 87 -28.51 -68.81 -14.22
C LEU C 87 -27.50 -69.58 -15.05
N SER C 88 -26.40 -68.93 -15.40
CA SER C 88 -25.36 -69.59 -16.19
C SER C 88 -24.87 -70.85 -15.49
N LEU C 89 -25.08 -70.95 -14.18
CA LEU C 89 -24.62 -72.10 -13.42
C LEU C 89 -25.60 -73.28 -13.50
N VAL C 90 -26.77 -73.02 -14.05
CA VAL C 90 -27.76 -74.05 -14.27
C VAL C 90 -27.52 -74.64 -15.65
N ARG C 91 -27.51 -75.97 -15.74
CA ARG C 91 -27.27 -76.67 -17.00
C ARG C 91 -28.59 -77.07 -17.65
N PRO C 92 -28.64 -77.04 -19.00
CA PRO C 92 -29.85 -77.54 -19.67
C PRO C 92 -30.11 -78.98 -19.22
N GLY C 93 -31.37 -79.31 -18.95
CA GLY C 93 -31.70 -80.59 -18.35
C GLY C 93 -31.93 -80.45 -16.85
N GLN C 94 -31.56 -79.28 -16.32
CA GLN C 94 -31.83 -78.95 -14.93
C GLN C 94 -33.06 -78.02 -14.83
N CYS C 95 -33.48 -77.73 -13.61
CA CYS C 95 -34.77 -77.07 -13.39
C CYS C 95 -34.68 -75.88 -12.44
N VAL C 96 -35.13 -74.70 -12.90
CA VAL C 96 -35.16 -73.52 -12.04
C VAL C 96 -36.54 -73.39 -11.43
N VAL C 97 -36.61 -72.88 -10.20
CA VAL C 97 -37.88 -72.70 -9.51
C VAL C 97 -38.03 -71.24 -9.08
N SER C 98 -39.12 -70.62 -9.48
CA SER C 98 -39.32 -69.24 -9.11
C SER C 98 -40.75 -68.88 -8.79
N THR C 99 -40.92 -67.75 -8.13
CA THR C 99 -42.21 -67.12 -8.14
C THR C 99 -42.32 -66.33 -9.46
N ASP C 100 -43.35 -66.64 -10.25
CA ASP C 100 -43.71 -65.92 -11.48
C ASP C 100 -43.74 -64.40 -11.26
N ASP C 101 -43.73 -64.06 -9.97
CA ASP C 101 -44.01 -62.77 -9.44
C ASP C 101 -42.67 -62.05 -9.24
N VAL C 102 -41.80 -62.22 -10.24
CA VAL C 102 -40.46 -61.65 -10.22
C VAL C 102 -40.31 -60.53 -11.24
N TYR C 103 -39.22 -59.79 -11.08
CA TYR C 103 -38.84 -58.68 -11.95
C TYR C 103 -38.53 -59.11 -13.39
N ALA C 104 -39.27 -58.57 -14.37
CA ALA C 104 -39.22 -59.06 -15.75
C ALA C 104 -37.83 -59.26 -16.34
N GLY C 105 -36.83 -58.63 -15.72
CA GLY C 105 -35.45 -58.86 -16.10
C GLY C 105 -35.09 -60.31 -15.79
N THR C 106 -35.60 -60.81 -14.68
CA THR C 106 -35.40 -62.21 -14.30
C THR C 106 -36.09 -63.11 -15.33
N ASP C 107 -37.28 -62.72 -15.77
CA ASP C 107 -38.04 -63.50 -16.75
C ASP C 107 -37.47 -63.46 -18.14
N GLY C 108 -36.88 -62.32 -18.52
CA GLY C 108 -36.11 -62.24 -19.74
C GLY C 108 -34.98 -63.25 -19.61
N LEU C 109 -34.33 -63.25 -18.46
CA LEU C 109 -33.24 -64.19 -18.20
C LEU C 109 -33.70 -65.65 -18.24
N PHE C 110 -34.79 -65.97 -17.55
CA PHE C 110 -35.33 -67.34 -17.58
C PHE C 110 -35.57 -67.84 -19.00
N ASP C 111 -36.07 -66.97 -19.88
CA ASP C 111 -36.32 -67.35 -21.28
C ASP C 111 -35.03 -67.77 -21.95
N LEU C 112 -34.02 -66.89 -21.88
CA LEU C 112 -32.71 -67.15 -22.44
C LEU C 112 -32.22 -68.50 -21.94
N ALA C 113 -32.41 -68.75 -20.65
CA ALA C 113 -32.07 -70.05 -20.10
C ALA C 113 -32.95 -71.14 -20.73
N ALA C 114 -34.26 -70.88 -20.81
CA ALA C 114 -35.18 -71.86 -21.40
C ALA C 114 -34.77 -72.16 -22.84
N ARG C 115 -34.37 -71.13 -23.56
CA ARG C 115 -33.96 -71.34 -24.95
C ARG C 115 -32.65 -72.12 -25.03
N GLN C 116 -31.90 -72.16 -23.94
CA GLN C 116 -30.77 -73.09 -23.85
C GLN C 116 -31.25 -74.51 -23.54
N GLY C 117 -32.43 -74.63 -22.96
CA GLY C 117 -32.94 -75.94 -22.56
C GLY C 117 -33.18 -76.09 -21.06
N VAL C 118 -33.31 -74.95 -20.37
CA VAL C 118 -33.56 -74.92 -18.94
C VAL C 118 -35.05 -75.10 -18.58
N ARG C 119 -35.35 -76.16 -17.84
CA ARG C 119 -36.70 -76.34 -17.31
C ARG C 119 -36.97 -75.22 -16.32
N VAL C 120 -37.87 -74.32 -16.69
CA VAL C 120 -38.32 -73.29 -15.78
C VAL C 120 -39.66 -73.69 -15.18
N ARG C 121 -39.78 -73.63 -13.85
CA ARG C 121 -41.04 -73.96 -13.18
C ARG C 121 -41.43 -72.86 -12.22
N TYR C 122 -42.56 -72.21 -12.51
CA TYR C 122 -43.04 -71.15 -11.65
C TYR C 122 -43.92 -71.77 -10.55
N ALA C 123 -43.91 -71.15 -9.37
CA ALA C 123 -44.68 -71.69 -8.24
C ALA C 123 -45.01 -70.65 -7.18
N ASP C 124 -46.24 -70.72 -6.67
CA ASP C 124 -46.66 -69.90 -5.54
C ASP C 124 -46.05 -70.46 -4.28
N LEU C 125 -44.92 -69.89 -3.85
CA LEU C 125 -44.14 -70.48 -2.77
C LEU C 125 -44.63 -70.10 -1.37
N THR C 126 -45.93 -70.19 -1.12
CA THR C 126 -46.50 -69.67 0.13
C THR C 126 -47.37 -70.63 0.96
N THR C 127 -47.70 -71.80 0.43
CA THR C 127 -48.45 -72.76 1.20
C THR C 127 -47.72 -74.11 1.35
N PRO C 128 -47.84 -74.73 2.53
CA PRO C 128 -47.30 -76.06 2.84
C PRO C 128 -47.53 -77.09 1.73
N GLU C 129 -48.56 -76.90 0.91
CA GLU C 129 -48.71 -77.70 -0.31
C GLU C 129 -47.78 -77.18 -1.45
N GLY C 130 -47.81 -75.88 -1.70
CA GLY C 130 -47.18 -75.33 -2.90
C GLY C 130 -45.66 -75.39 -3.04
N ILE C 131 -44.97 -75.09 -1.95
CA ILE C 131 -43.54 -75.31 -1.86
C ILE C 131 -43.20 -76.79 -2.10
N ALA C 132 -44.01 -77.69 -1.53
CA ALA C 132 -43.68 -79.12 -1.51
C ALA C 132 -43.79 -79.82 -2.87
N ALA C 133 -44.51 -79.22 -3.81
CA ALA C 133 -44.73 -79.87 -5.11
C ALA C 133 -43.94 -79.24 -6.24
N ALA C 134 -43.15 -78.22 -5.93
CA ALA C 134 -42.20 -77.70 -6.90
C ALA C 134 -40.80 -78.13 -6.51
N LEU C 135 -40.61 -78.41 -5.22
CA LEU C 135 -39.29 -78.80 -4.72
C LEU C 135 -39.10 -80.30 -4.76
N ALA C 136 -40.14 -80.98 -5.22
CA ALA C 136 -40.08 -82.38 -5.56
C ALA C 136 -39.81 -82.61 -7.00
N GLU C 137 -39.78 -81.53 -7.75
CA GLU C 137 -39.51 -81.62 -9.19
C GLU C 137 -38.08 -82.13 -9.40
N PRO C 138 -37.94 -83.21 -10.18
CA PRO C 138 -36.63 -83.86 -10.24
C PRO C 138 -35.59 -82.98 -10.94
N ASP C 139 -34.32 -83.31 -10.75
CA ASP C 139 -33.19 -82.57 -11.36
C ASP C 139 -33.09 -81.13 -10.86
N LEU C 140 -33.89 -80.79 -9.86
CA LEU C 140 -33.92 -79.47 -9.25
C LEU C 140 -32.52 -78.97 -8.93
N ALA C 141 -32.18 -77.78 -9.40
CA ALA C 141 -30.85 -77.22 -9.16
C ALA C 141 -30.89 -75.86 -8.46
N LEU C 142 -31.97 -75.13 -8.65
CA LEU C 142 -32.03 -73.74 -8.22
C LEU C 142 -33.44 -73.24 -7.86
N VAL C 143 -33.60 -72.71 -6.65
CA VAL C 143 -34.87 -72.13 -6.21
C VAL C 143 -34.69 -70.62 -6.09
N TRP C 144 -35.53 -69.88 -6.80
CA TRP C 144 -35.34 -68.45 -6.94
C TRP C 144 -36.46 -67.76 -6.18
N ILE C 145 -36.09 -67.00 -5.15
CA ILE C 145 -37.08 -66.38 -4.27
C ILE C 145 -36.96 -64.88 -4.28
N GLU C 146 -37.96 -64.20 -4.84
CA GLU C 146 -37.94 -62.76 -4.77
C GLU C 146 -38.95 -62.33 -3.72
N THR C 147 -38.48 -61.73 -2.63
CA THR C 147 -39.38 -61.37 -1.53
C THR C 147 -38.90 -60.13 -0.78
N PRO C 148 -39.80 -59.15 -0.58
CA PRO C 148 -41.22 -59.15 -0.96
C PRO C 148 -41.42 -59.12 -2.48
N THR C 149 -42.61 -59.49 -2.92
CA THR C 149 -42.91 -59.38 -4.35
C THR C 149 -43.28 -57.93 -4.63
N ASN C 150 -43.54 -57.65 -5.89
CA ASN C 150 -43.65 -56.29 -6.36
C ASN C 150 -44.35 -56.39 -7.70
N PRO C 151 -45.51 -55.74 -7.85
CA PRO C 151 -46.10 -54.71 -6.98
C PRO C 151 -47.16 -55.19 -5.97
N LEU C 152 -47.31 -56.49 -5.76
CA LEU C 152 -48.33 -56.92 -4.80
C LEU C 152 -47.79 -57.08 -3.37
N LEU C 153 -46.47 -57.02 -3.23
CA LEU C 153 -45.84 -56.92 -1.91
C LEU C 153 -46.18 -58.13 -1.03
N THR C 154 -46.41 -59.27 -1.69
CA THR C 154 -46.62 -60.55 -1.03
C THR C 154 -45.22 -61.06 -0.62
N VAL C 155 -45.16 -61.96 0.36
CA VAL C 155 -43.88 -62.38 0.93
C VAL C 155 -43.73 -63.91 1.06
N VAL C 156 -42.53 -64.41 0.78
CA VAL C 156 -42.20 -65.83 0.89
C VAL C 156 -41.29 -66.13 2.10
N ASP C 157 -41.55 -67.23 2.80
CA ASP C 157 -40.78 -67.62 3.98
C ASP C 157 -39.44 -68.22 3.56
N VAL C 158 -38.38 -67.42 3.64
CA VAL C 158 -37.07 -67.83 3.20
C VAL C 158 -36.56 -69.05 3.98
N ALA C 159 -36.64 -68.98 5.31
CA ALA C 159 -36.21 -70.11 6.15
C ALA C 159 -36.88 -71.42 5.75
N GLU C 160 -38.20 -71.39 5.65
CA GLU C 160 -38.97 -72.58 5.30
C GLU C 160 -38.64 -73.12 3.91
N VAL C 161 -38.67 -72.24 2.91
CA VAL C 161 -38.36 -72.69 1.56
C VAL C 161 -36.91 -73.16 1.49
N SER C 162 -36.03 -72.54 2.27
CA SER C 162 -34.63 -72.97 2.31
C SER C 162 -34.49 -74.36 2.95
N ARG C 163 -35.18 -74.59 4.06
CA ARG C 163 -35.15 -75.93 4.67
C ARG C 163 -35.67 -76.99 3.72
N ARG C 164 -36.72 -76.65 2.97
CA ARG C 164 -37.32 -77.60 2.03
C ARG C 164 -36.40 -77.84 0.83
N ALA C 165 -35.71 -76.80 0.36
CA ALA C 165 -34.89 -76.93 -0.84
C ALA C 165 -33.60 -77.72 -0.57
N HIS C 166 -33.05 -77.55 0.63
CA HIS C 166 -31.82 -78.24 1.00
C HIS C 166 -32.04 -79.72 1.33
N GLU C 167 -33.31 -80.10 1.49
CA GLU C 167 -33.65 -81.51 1.65
C GLU C 167 -33.56 -82.24 0.30
N ARG C 168 -33.20 -81.52 -0.75
CA ARG C 168 -33.12 -82.08 -2.10
C ARG C 168 -31.85 -81.62 -2.84
N GLY C 169 -30.85 -81.16 -2.11
CA GLY C 169 -29.61 -80.72 -2.72
C GLY C 169 -29.81 -79.59 -3.73
N ALA C 170 -30.17 -78.42 -3.22
CA ALA C 170 -30.46 -77.30 -4.11
C ALA C 170 -29.85 -76.01 -3.61
N ARG C 171 -29.46 -75.16 -4.54
CA ARG C 171 -29.01 -73.81 -4.21
C ARG C 171 -30.24 -72.91 -4.13
N VAL C 172 -30.32 -72.11 -3.09
CA VAL C 172 -31.42 -71.14 -2.95
C VAL C 172 -30.90 -69.70 -3.06
N VAL C 173 -31.49 -68.92 -3.96
CA VAL C 173 -31.16 -67.50 -4.08
C VAL C 173 -32.35 -66.62 -3.71
N VAL C 174 -32.08 -65.55 -2.98
CA VAL C 174 -33.07 -64.54 -2.73
C VAL C 174 -32.68 -63.24 -3.40
N ASP C 175 -33.55 -62.73 -4.28
CA ASP C 175 -33.40 -61.38 -4.81
C ASP C 175 -33.83 -60.44 -3.68
N ASN C 176 -32.85 -59.77 -3.08
CA ASN C 176 -33.06 -59.00 -1.87
C ASN C 176 -32.99 -57.49 -2.16
N THR C 177 -33.29 -57.12 -3.39
CA THR C 177 -33.18 -55.73 -3.82
C THR C 177 -34.14 -54.82 -3.07
N PHE C 178 -35.40 -55.24 -3.00
CA PHE C 178 -36.50 -54.45 -2.50
C PHE C 178 -36.28 -54.22 -1.00
N ALA C 179 -35.87 -55.26 -0.27
CA ALA C 179 -35.71 -55.12 1.17
C ALA C 179 -34.40 -54.45 1.62
N SER C 180 -33.30 -54.78 0.94
CA SER C 180 -31.92 -54.38 1.31
C SER C 180 -31.42 -55.19 2.50
N PRO C 181 -30.08 -55.28 2.68
CA PRO C 181 -29.54 -56.01 3.83
C PRO C 181 -29.81 -55.30 5.16
N VAL C 182 -30.23 -54.03 5.12
CA VAL C 182 -30.63 -53.36 6.34
C VAL C 182 -31.88 -54.02 6.95
N LEU C 183 -32.77 -54.52 6.10
CA LEU C 183 -34.05 -55.05 6.59
C LEU C 183 -34.15 -56.57 6.52
N GLN C 184 -33.41 -57.20 5.64
CA GLN C 184 -33.56 -58.64 5.46
C GLN C 184 -32.21 -59.31 5.21
N GLN C 185 -31.98 -60.45 5.86
CA GLN C 185 -30.70 -61.13 5.78
C GLN C 185 -30.89 -62.56 5.26
N PRO C 186 -31.00 -62.72 3.93
CA PRO C 186 -31.32 -64.02 3.32
C PRO C 186 -30.38 -65.16 3.76
N LEU C 187 -29.09 -64.88 3.90
CA LEU C 187 -28.12 -65.88 4.32
C LEU C 187 -28.37 -66.32 5.77
N ALA C 188 -28.87 -65.41 6.60
CA ALA C 188 -29.23 -65.76 7.98
C ALA C 188 -30.42 -66.73 8.02
N LEU C 189 -31.31 -66.64 7.03
CA LEU C 189 -32.48 -67.51 6.99
C LEU C 189 -32.23 -68.81 6.21
N GLY C 190 -30.98 -69.05 5.82
CA GLY C 190 -30.63 -70.32 5.22
C GLY C 190 -30.49 -70.33 3.70
N ALA C 191 -30.79 -69.22 3.04
CA ALA C 191 -30.51 -69.12 1.61
C ALA C 191 -29.01 -69.26 1.34
N ASP C 192 -28.67 -69.63 0.11
CA ASP C 192 -27.26 -69.80 -0.27
C ASP C 192 -26.70 -68.52 -0.89
N VAL C 193 -27.59 -67.73 -1.50
CA VAL C 193 -27.17 -66.56 -2.23
C VAL C 193 -28.12 -65.39 -1.99
N SER C 194 -27.55 -64.24 -1.65
CA SER C 194 -28.28 -62.98 -1.71
C SER C 194 -27.91 -62.32 -3.02
N LEU C 195 -28.93 -61.94 -3.79
CA LEU C 195 -28.75 -61.27 -5.06
C LEU C 195 -29.32 -59.87 -5.00
N TYR C 196 -28.60 -58.89 -5.56
CA TYR C 196 -29.09 -57.53 -5.57
C TYR C 196 -29.06 -56.89 -6.95
N SER C 197 -29.91 -55.89 -7.13
CA SER C 197 -29.60 -54.79 -8.01
C SER C 197 -29.14 -53.64 -7.11
N THR C 198 -27.87 -53.27 -7.21
CA THR C 198 -27.37 -52.19 -6.38
C THR C 198 -27.77 -50.82 -6.95
N THR C 199 -28.34 -50.84 -8.17
CA THR C 199 -28.88 -49.65 -8.83
C THR C 199 -29.96 -48.99 -7.98
N1 LLP C 200 -34.32 -57.45 -9.46
C2 LLP C 200 -35.10 -56.49 -8.98
C2' LLP C 200 -36.14 -56.84 -7.88
C3 LLP C 200 -34.98 -55.17 -9.50
O3 LLP C 200 -35.81 -54.17 -9.00
C4 LLP C 200 -34.04 -54.87 -10.49
C4' LLP C 200 -33.92 -53.35 -11.04
C5 LLP C 200 -33.24 -55.88 -10.97
C6 LLP C 200 -33.38 -57.18 -10.46
C5' LLP C 200 -32.15 -55.70 -12.09
OP4 LLP C 200 -31.15 -54.79 -11.71
P LLP C 200 -30.53 -53.84 -12.79
OP1 LLP C 200 -29.42 -53.09 -12.05
OP2 LLP C 200 -30.03 -54.68 -13.89
OP3 LLP C 200 -31.58 -52.92 -13.33
N LLP C 200 -30.57 -49.77 -7.08
CA LLP C 200 -31.75 -49.31 -6.35
CB LLP C 200 -32.75 -50.44 -6.27
CG LLP C 200 -32.85 -51.18 -7.62
CD LLP C 200 -33.88 -50.58 -8.58
CE LLP C 200 -33.75 -51.19 -10.00
NZ LLP C 200 -34.59 -52.41 -10.18
C LLP C 200 -31.32 -48.68 -5.04
O LLP C 200 -30.63 -47.65 -5.08
N SER C 201 -31.69 -49.25 -3.90
CA SER C 201 -31.42 -48.56 -2.63
C SER C 201 -29.96 -48.59 -2.17
N ILE C 202 -29.19 -49.61 -2.56
CA ILE C 202 -27.82 -49.70 -2.07
C ILE C 202 -26.97 -48.52 -2.57
N ALA C 203 -26.99 -48.25 -3.87
CA ALA C 203 -26.32 -47.05 -4.37
C ALA C 203 -27.17 -45.80 -4.10
N GLY C 204 -28.48 -45.95 -4.26
CA GLY C 204 -29.44 -45.11 -3.56
C GLY C 204 -29.64 -43.67 -4.02
N HIS C 205 -28.93 -43.26 -5.06
CA HIS C 205 -28.99 -41.88 -5.55
C HIS C 205 -29.29 -41.82 -7.04
N ALA C 206 -29.78 -42.93 -7.59
CA ALA C 206 -30.22 -43.00 -8.98
C ALA C 206 -29.17 -42.54 -9.98
N ASP C 207 -27.90 -42.85 -9.74
CA ASP C 207 -26.85 -42.36 -10.64
C ASP C 207 -25.79 -43.40 -10.98
N VAL C 208 -26.10 -44.68 -10.79
CA VAL C 208 -25.19 -45.77 -11.15
C VAL C 208 -25.92 -47.12 -11.23
N LEU C 209 -25.61 -47.90 -12.27
CA LEU C 209 -26.09 -49.27 -12.37
C LEU C 209 -25.09 -50.15 -11.68
N GLY C 210 -25.54 -51.28 -11.14
CA GLY C 210 -24.66 -52.26 -10.54
C GLY C 210 -25.45 -53.46 -10.01
N GLY C 211 -24.74 -54.56 -9.82
CA GLY C 211 -25.31 -55.74 -9.22
C GLY C 211 -24.34 -56.34 -8.21
N ALA C 212 -24.85 -57.23 -7.38
CA ALA C 212 -23.99 -58.01 -6.50
C ALA C 212 -24.60 -59.35 -6.17
N LEU C 213 -23.73 -60.33 -5.97
CA LEU C 213 -24.08 -61.57 -5.32
C LEU C 213 -23.35 -61.56 -4.00
N VAL C 214 -23.96 -62.17 -2.99
CA VAL C 214 -23.33 -62.31 -1.68
C VAL C 214 -23.62 -63.73 -1.19
N TYR C 215 -22.56 -64.47 -0.85
CA TYR C 215 -22.70 -65.91 -0.62
C TYR C 215 -21.59 -66.43 0.30
N ARG C 216 -21.59 -67.74 0.54
CA ARG C 216 -20.61 -68.32 1.46
C ARG C 216 -19.78 -69.49 0.92
N ASP C 217 -20.25 -70.18 -0.11
CA ASP C 217 -19.55 -71.39 -0.57
C ASP C 217 -18.36 -71.05 -1.48
N ALA C 218 -17.24 -71.72 -1.25
CA ALA C 218 -16.02 -71.44 -2.00
C ALA C 218 -16.11 -71.88 -3.47
N ASP C 219 -16.80 -72.99 -3.73
CA ASP C 219 -16.93 -73.47 -5.10
C ASP C 219 -17.85 -72.59 -5.93
N LEU C 220 -18.93 -72.12 -5.31
CA LEU C 220 -19.77 -71.09 -5.93
C LEU C 220 -18.91 -69.87 -6.25
N HIS C 221 -18.04 -69.50 -5.31
CA HIS C 221 -17.16 -68.34 -5.49
C HIS C 221 -16.31 -68.45 -6.76
N ALA C 222 -15.64 -69.59 -6.93
CA ALA C 222 -14.75 -69.82 -8.07
C ALA C 222 -15.50 -69.76 -9.39
N ALA C 223 -16.68 -70.37 -9.43
CA ALA C 223 -17.50 -70.39 -10.64
C ALA C 223 -18.05 -69.01 -11.02
N VAL C 224 -18.45 -68.24 -10.00
CA VAL C 224 -18.99 -66.90 -10.21
C VAL C 224 -17.94 -65.96 -10.79
N ARG C 225 -16.76 -65.95 -10.17
CA ARG C 225 -15.66 -65.08 -10.62
C ARG C 225 -15.17 -65.50 -11.99
N ALA C 226 -15.12 -66.81 -12.24
CA ALA C 226 -14.70 -67.31 -13.54
C ALA C 226 -15.67 -66.87 -14.64
N TYR C 227 -16.97 -66.95 -14.38
CA TYR C 227 -17.94 -66.46 -15.36
C TYR C 227 -17.82 -64.94 -15.59
N ARG C 228 -17.69 -64.17 -14.52
CA ARG C 228 -17.57 -62.72 -14.65
C ARG C 228 -16.36 -62.31 -15.49
N THR C 229 -15.23 -62.95 -15.24
CA THR C 229 -13.99 -62.68 -15.99
C THR C 229 -14.15 -63.05 -17.46
N THR C 230 -14.91 -64.09 -17.73
CA THR C 230 -15.08 -64.61 -19.08
C THR C 230 -16.19 -63.89 -19.85
N ALA C 231 -17.32 -63.67 -19.18
CA ALA C 231 -18.43 -62.91 -19.76
C ALA C 231 -18.15 -61.39 -19.77
N GLY C 232 -17.30 -60.94 -18.86
CA GLY C 232 -16.89 -59.55 -18.84
C GLY C 232 -17.96 -58.58 -18.37
N ASN C 233 -18.95 -59.08 -17.63
CA ASN C 233 -20.03 -58.24 -17.12
C ASN C 233 -19.60 -57.51 -15.85
N VAL C 234 -18.47 -56.82 -16.00
CA VAL C 234 -17.73 -56.25 -14.90
C VAL C 234 -18.05 -54.75 -14.75
N PRO C 235 -18.25 -54.28 -13.52
CA PRO C 235 -18.50 -52.85 -13.32
C PRO C 235 -17.20 -52.05 -13.36
N GLY C 236 -17.26 -50.82 -13.87
CA GLY C 236 -16.07 -49.96 -13.89
C GLY C 236 -15.71 -49.39 -12.51
N ALA C 237 -14.49 -48.88 -12.38
CA ALA C 237 -14.00 -48.35 -11.10
C ALA C 237 -14.79 -47.15 -10.59
N LEU C 238 -15.16 -46.24 -11.48
CA LEU C 238 -15.90 -45.05 -11.07
C LEU C 238 -17.30 -45.41 -10.58
N ASP C 239 -17.93 -46.40 -11.22
CA ASP C 239 -19.23 -46.88 -10.78
C ASP C 239 -19.15 -47.51 -9.39
N CYS C 240 -18.14 -48.34 -9.18
CA CYS C 240 -17.92 -48.94 -7.87
C CYS C 240 -17.75 -47.90 -6.77
N PHE C 241 -17.01 -46.84 -7.08
CA PHE C 241 -16.90 -45.71 -6.16
C PHE C 241 -18.25 -45.08 -5.81
N LEU C 242 -19.08 -44.83 -6.82
CA LEU C 242 -20.40 -44.24 -6.57
C LEU C 242 -21.30 -45.15 -5.72
N VAL C 243 -21.31 -46.45 -6.02
CA VAL C 243 -22.12 -47.38 -5.23
C VAL C 243 -21.60 -47.40 -3.80
N ARG C 244 -20.28 -47.56 -3.66
CA ARG C 244 -19.64 -47.55 -2.34
C ARG C 244 -19.94 -46.27 -1.57
N ARG C 245 -19.94 -45.15 -2.28
CA ARG C 245 -20.25 -43.86 -1.68
C ARG C 245 -21.67 -43.79 -1.14
N GLY C 246 -22.65 -44.26 -1.92
CA GLY C 246 -24.03 -44.22 -1.47
C GLY C 246 -24.25 -45.12 -0.28
N LEU C 247 -23.53 -46.24 -0.29
CA LEU C 247 -23.62 -47.27 0.76
C LEU C 247 -23.49 -46.72 2.17
N HIS C 248 -22.59 -45.75 2.38
CA HIS C 248 -22.39 -45.15 3.70
C HIS C 248 -23.71 -44.82 4.39
N THR C 249 -24.65 -44.26 3.63
CA THR C 249 -25.88 -43.75 4.21
C THR C 249 -27.04 -44.72 4.08
N LEU C 250 -26.77 -45.93 3.61
CA LEU C 250 -27.83 -46.91 3.34
C LEU C 250 -28.81 -47.12 4.51
N SER C 251 -28.30 -47.30 5.73
CA SER C 251 -29.21 -47.51 6.86
C SER C 251 -29.99 -46.26 7.22
N LEU C 252 -29.33 -45.10 7.18
CA LEU C 252 -30.04 -43.85 7.48
C LEU C 252 -31.15 -43.64 6.45
N ARG C 253 -30.83 -43.89 5.20
CA ARG C 253 -31.83 -43.77 4.15
C ARG C 253 -33.04 -44.69 4.37
N VAL C 254 -32.79 -45.99 4.51
CA VAL C 254 -33.84 -46.99 4.60
C VAL C 254 -34.83 -46.71 5.74
N HIS C 255 -34.31 -46.33 6.90
CA HIS C 255 -35.19 -46.09 8.03
C HIS C 255 -36.02 -44.81 7.87
N ARG C 256 -35.49 -43.85 7.11
CA ARG C 256 -36.27 -42.68 6.72
C ARG C 256 -37.37 -43.06 5.72
N GLN C 257 -36.98 -43.80 4.69
CA GLN C 257 -37.92 -44.29 3.69
C GLN C 257 -39.06 -45.10 4.34
N VAL C 258 -38.71 -46.04 5.21
CA VAL C 258 -39.74 -46.83 5.89
C VAL C 258 -40.70 -45.98 6.72
N ALA C 259 -40.15 -45.02 7.46
CA ALA C 259 -40.93 -44.15 8.32
C ALA C 259 -41.95 -43.36 7.51
N THR C 260 -41.53 -42.80 6.39
CA THR C 260 -42.45 -42.11 5.50
C THR C 260 -43.46 -43.09 4.88
N ALA C 261 -42.99 -44.25 4.41
CA ALA C 261 -43.88 -45.27 3.83
C ALA C 261 -45.06 -45.55 4.75
N ARG C 262 -44.77 -45.68 6.05
CA ARG C 262 -45.81 -45.93 7.03
C ARG C 262 -46.77 -44.75 7.08
N VAL C 263 -46.26 -43.53 6.94
CA VAL C 263 -47.12 -42.34 6.88
C VAL C 263 -48.08 -42.37 5.67
N LEU C 264 -47.56 -42.64 4.48
CA LEU C 264 -48.39 -42.64 3.27
C LEU C 264 -49.44 -43.75 3.33
N VAL C 265 -49.05 -44.89 3.88
CA VAL C 265 -50.00 -45.98 4.07
C VAL C 265 -51.25 -45.54 4.85
N GLU C 266 -51.07 -44.76 5.90
CA GLU C 266 -52.23 -44.30 6.67
C GLU C 266 -53.02 -43.27 5.88
N ARG C 267 -52.33 -42.45 5.10
CA ARG C 267 -52.95 -41.51 4.16
C ARG C 267 -53.86 -42.26 3.19
N LEU C 268 -53.31 -43.29 2.56
CA LEU C 268 -54.04 -44.09 1.59
C LEU C 268 -55.29 -44.77 2.18
N ARG C 269 -55.11 -45.41 3.34
CA ARG C 269 -56.21 -46.13 3.99
C ARG C 269 -57.35 -45.19 4.38
N ALA C 270 -57.01 -43.93 4.65
CA ALA C 270 -57.99 -42.93 5.03
C ALA C 270 -58.69 -42.30 3.83
N SER C 271 -58.28 -42.69 2.63
CA SER C 271 -58.84 -42.10 1.41
C SER C 271 -60.02 -42.87 0.82
N PRO C 272 -61.16 -42.18 0.62
CA PRO C 272 -62.32 -42.88 0.08
C PRO C 272 -62.15 -43.25 -1.40
N VAL C 273 -61.09 -42.81 -2.07
CA VAL C 273 -60.87 -43.21 -3.45
C VAL C 273 -59.72 -44.19 -3.60
N VAL C 274 -59.44 -44.91 -2.53
CA VAL C 274 -58.42 -45.95 -2.53
C VAL C 274 -59.04 -47.30 -2.15
N GLY C 275 -58.77 -48.32 -2.98
CA GLY C 275 -59.23 -49.68 -2.72
C GLY C 275 -58.19 -50.44 -1.91
N ALA C 276 -57.73 -51.57 -2.45
CA ALA C 276 -56.71 -52.36 -1.78
C ALA C 276 -55.46 -51.52 -1.51
N VAL C 277 -54.87 -51.70 -0.33
CA VAL C 277 -53.57 -51.09 -0.04
C VAL C 277 -52.58 -52.15 0.42
N HIS C 278 -51.59 -52.43 -0.43
CA HIS C 278 -50.63 -53.47 -0.12
C HIS C 278 -49.40 -52.84 0.54
N TYR C 279 -48.95 -53.47 1.62
CA TYR C 279 -47.78 -53.01 2.39
C TYR C 279 -47.46 -54.08 3.43
N PRO C 280 -46.18 -54.51 3.46
CA PRO C 280 -45.86 -55.67 4.30
C PRO C 280 -46.02 -55.40 5.79
N GLY C 281 -46.15 -54.14 6.19
CA GLY C 281 -46.32 -53.77 7.59
C GLY C 281 -47.75 -53.76 8.10
N LEU C 282 -48.71 -54.05 7.21
CA LEU C 282 -50.11 -54.03 7.62
C LEU C 282 -50.55 -55.34 8.25
N PRO C 283 -51.40 -55.25 9.29
CA PRO C 283 -52.08 -56.39 9.91
C PRO C 283 -52.64 -57.41 8.89
N GLU C 284 -53.12 -56.96 7.75
CA GLU C 284 -53.85 -57.85 6.84
C GLU C 284 -52.98 -58.43 5.74
N HIS C 285 -51.68 -58.14 5.74
CA HIS C 285 -50.84 -58.69 4.69
C HIS C 285 -50.98 -60.20 4.73
N PRO C 286 -51.28 -60.79 3.56
CA PRO C 286 -51.63 -62.21 3.45
C PRO C 286 -50.66 -63.15 4.18
N GLN C 287 -49.38 -62.80 4.22
CA GLN C 287 -48.42 -63.60 4.97
C GLN C 287 -47.72 -62.72 6.02
N HIS C 288 -48.50 -62.20 6.97
CA HIS C 288 -47.98 -61.22 7.93
C HIS C 288 -46.90 -61.75 8.90
N ALA C 289 -47.13 -62.92 9.48
CA ALA C 289 -46.22 -63.49 10.47
C ALA C 289 -44.83 -63.69 9.88
N VAL C 290 -44.77 -64.02 8.60
CA VAL C 290 -43.51 -64.21 7.91
C VAL C 290 -42.74 -62.89 7.80
N VAL C 291 -43.46 -61.81 7.50
CA VAL C 291 -42.87 -60.48 7.52
C VAL C 291 -42.23 -60.17 8.88
N LYS C 292 -42.95 -60.43 9.96
CA LYS C 292 -42.44 -60.21 11.32
C LYS C 292 -41.13 -60.97 11.59
N ALA C 293 -41.01 -62.18 11.04
CA ALA C 293 -39.85 -63.02 11.29
C ALA C 293 -38.57 -62.61 10.53
N GLN C 294 -38.67 -62.33 9.24
CA GLN C 294 -37.46 -62.14 8.43
C GLN C 294 -37.14 -60.68 8.05
N MSE C 295 -38.01 -59.75 8.41
CA MSE C 295 -37.79 -58.35 8.11
C MSE C 295 -37.75 -57.53 9.39
O MSE C 295 -38.66 -57.61 10.21
CB MSE C 295 -38.88 -57.80 7.19
CG MSE C 295 -38.92 -58.41 5.78
SE MSE C 295 -39.64 -57.11 4.50
CE MSE C 295 -41.38 -56.89 5.24
N SER C 296 -36.70 -56.73 9.56
CA SER C 296 -36.61 -55.88 10.75
C SER C 296 -37.58 -54.70 10.62
N ALA C 297 -37.95 -54.37 9.38
CA ALA C 297 -38.95 -53.33 9.10
C ALA C 297 -39.64 -53.64 7.76
N PRO C 298 -40.80 -53.01 7.49
CA PRO C 298 -41.62 -53.48 6.36
C PRO C 298 -41.28 -52.92 4.98
N GLY C 299 -40.22 -52.14 4.86
CA GLY C 299 -39.79 -51.71 3.54
C GLY C 299 -40.33 -50.36 3.11
N ALA C 300 -39.91 -49.90 1.94
CA ALA C 300 -40.19 -48.54 1.52
C ALA C 300 -41.09 -48.46 0.30
N ILE C 301 -41.62 -49.61 -0.12
CA ILE C 301 -42.47 -49.65 -1.29
C ILE C 301 -43.93 -49.81 -0.84
N VAL C 302 -44.83 -49.09 -1.49
CA VAL C 302 -46.26 -49.20 -1.19
C VAL C 302 -46.97 -49.40 -2.51
N SER C 303 -48.06 -50.16 -2.53
CA SER C 303 -48.91 -50.18 -3.71
C SER C 303 -50.41 -50.14 -3.35
N PHE C 304 -51.22 -49.60 -4.26
CA PHE C 304 -52.65 -49.44 -3.97
C PHE C 304 -53.48 -49.35 -5.24
N ASP C 305 -54.72 -49.81 -5.15
CA ASP C 305 -55.70 -49.60 -6.21
C ASP C 305 -56.36 -48.24 -6.07
N TYR C 306 -56.25 -47.42 -7.12
CA TYR C 306 -56.88 -46.11 -7.15
C TYR C 306 -58.27 -46.17 -7.79
N LEU C 307 -59.27 -45.70 -7.06
CA LEU C 307 -60.67 -45.82 -7.49
C LEU C 307 -61.23 -44.53 -8.10
N GLY C 308 -60.43 -43.46 -8.13
CA GLY C 308 -60.98 -42.15 -8.48
C GLY C 308 -61.01 -41.77 -9.95
N GLY C 309 -60.51 -42.65 -10.80
CA GLY C 309 -60.41 -42.33 -12.22
C GLY C 309 -59.22 -43.01 -12.86
N PRO C 310 -58.87 -42.59 -14.09
CA PRO C 310 -57.76 -43.22 -14.81
C PRO C 310 -56.44 -43.04 -14.09
N ALA C 311 -55.62 -44.08 -14.07
CA ALA C 311 -54.32 -44.02 -13.40
C ALA C 311 -53.43 -42.93 -13.98
N GLU C 312 -53.51 -42.72 -15.30
CA GLU C 312 -52.63 -41.74 -15.94
C GLU C 312 -52.95 -40.31 -15.49
N ARG C 313 -54.23 -40.03 -15.29
CA ARG C 313 -54.61 -38.69 -14.84
C ARG C 313 -54.17 -38.48 -13.40
N LEU C 314 -54.31 -39.50 -12.56
CA LEU C 314 -53.66 -39.48 -11.24
C LEU C 314 -52.15 -39.24 -11.34
N LEU C 315 -51.47 -39.99 -12.20
CA LEU C 315 -50.03 -39.81 -12.39
C LEU C 315 -49.69 -38.39 -12.83
N ASP C 316 -50.63 -37.76 -13.54
CA ASP C 316 -50.39 -36.42 -14.05
C ASP C 316 -50.52 -35.37 -12.97
N ARG C 317 -50.99 -35.77 -11.79
CA ARG C 317 -51.35 -34.82 -10.74
C ARG C 317 -50.34 -34.70 -9.61
N PHE C 318 -49.27 -35.50 -9.66
CA PHE C 318 -48.21 -35.41 -8.66
C PHE C 318 -47.26 -34.25 -8.99
N THR C 319 -46.82 -33.54 -7.95
CA THR C 319 -45.93 -32.40 -8.09
C THR C 319 -44.56 -32.64 -7.41
N LEU C 320 -44.49 -33.67 -6.58
CA LEU C 320 -43.26 -33.97 -5.86
C LEU C 320 -42.75 -35.36 -6.28
N PHE C 321 -43.59 -36.38 -6.13
CA PHE C 321 -43.31 -37.70 -6.67
C PHE C 321 -42.92 -37.60 -8.15
N THR C 322 -41.94 -38.39 -8.56
CA THR C 322 -41.50 -38.43 -9.96
C THR C 322 -42.06 -39.69 -10.65
N CYS C 323 -42.63 -39.52 -11.83
CA CYS C 323 -43.20 -40.66 -12.54
C CYS C 323 -42.10 -41.36 -13.33
N GLY C 324 -41.73 -42.57 -12.94
CA GLY C 324 -40.70 -43.29 -13.66
C GLY C 324 -40.45 -44.72 -13.18
N VAL C 325 -39.42 -45.34 -13.75
CA VAL C 325 -39.06 -46.72 -13.44
C VAL C 325 -38.13 -46.71 -12.26
N SER C 326 -37.60 -47.89 -11.94
CA SER C 326 -36.70 -48.08 -10.81
C SER C 326 -37.37 -47.74 -9.48
N LEU C 327 -36.63 -47.97 -8.40
CA LEU C 327 -37.16 -47.78 -7.05
C LEU C 327 -35.99 -47.58 -6.09
N GLY C 328 -36.32 -47.28 -4.84
CA GLY C 328 -35.33 -47.32 -3.76
C GLY C 328 -34.51 -46.05 -3.63
N GLY C 329 -34.67 -45.17 -4.60
CA GLY C 329 -33.89 -43.96 -4.60
C GLY C 329 -34.36 -42.86 -3.66
N VAL C 330 -33.38 -42.09 -3.21
CA VAL C 330 -33.56 -40.78 -2.58
C VAL C 330 -34.71 -39.94 -3.21
N HIS C 331 -34.91 -40.05 -4.53
CA HIS C 331 -36.06 -39.43 -5.19
C HIS C 331 -37.29 -40.34 -5.07
N SER C 332 -38.38 -39.82 -4.50
CA SER C 332 -39.64 -40.54 -4.46
C SER C 332 -40.19 -40.78 -5.86
N LEU C 333 -40.60 -42.02 -6.14
CA LEU C 333 -41.02 -42.40 -7.49
C LEU C 333 -42.41 -43.02 -7.48
N VAL C 334 -43.24 -42.55 -8.41
CA VAL C 334 -44.51 -43.21 -8.63
C VAL C 334 -44.48 -43.78 -10.04
N GLU C 335 -44.95 -45.00 -10.18
CA GLU C 335 -45.13 -45.57 -11.51
C GLU C 335 -46.44 -46.30 -11.55
N CYS C 336 -46.93 -46.58 -12.75
CA CYS C 336 -48.07 -47.47 -12.86
C CYS C 336 -47.63 -48.73 -13.60
N PRO C 337 -47.78 -49.90 -12.94
CA PRO C 337 -47.43 -51.21 -13.52
C PRO C 337 -48.15 -51.48 -14.86
N ALA C 338 -49.47 -51.35 -14.88
CA ALA C 338 -50.21 -51.56 -16.11
C ALA C 338 -50.04 -50.42 -17.14
N LEU C 339 -48.95 -49.66 -17.05
CA LEU C 339 -48.61 -48.68 -18.09
C LEU C 339 -47.11 -48.55 -18.39
N MSE C 340 -46.24 -49.09 -17.53
CA MSE C 340 -44.80 -48.93 -17.80
C MSE C 340 -43.88 -50.11 -17.45
O MSE C 340 -42.70 -50.11 -17.85
CB MSE C 340 -44.24 -47.61 -17.18
CG MSE C 340 -43.26 -47.75 -15.98
SE MSE C 340 -42.01 -46.20 -15.46
CE MSE C 340 -43.39 -44.84 -15.11
N THR C 341 -44.38 -51.11 -16.74
CA THR C 341 -43.51 -52.18 -16.23
C THR C 341 -44.14 -53.55 -16.23
N HIS C 342 -45.45 -53.60 -16.00
CA HIS C 342 -46.20 -54.83 -16.25
C HIS C 342 -47.04 -54.69 -17.54
N ARG C 343 -46.52 -53.92 -18.49
CA ARG C 343 -47.26 -53.53 -19.73
C ARG C 343 -47.36 -54.51 -20.93
N PRO C 344 -46.27 -55.21 -21.31
CA PRO C 344 -46.31 -55.94 -22.59
C PRO C 344 -47.22 -57.15 -22.52
N LEU C 345 -47.57 -57.50 -21.28
CA LEU C 345 -48.55 -58.55 -21.01
C LEU C 345 -49.89 -58.13 -21.59
N SER C 346 -50.74 -59.12 -21.88
CA SER C 346 -52.06 -58.93 -22.47
C SER C 346 -52.99 -58.05 -21.62
N ALA C 347 -54.29 -58.20 -21.80
CA ALA C 347 -55.22 -57.49 -20.95
C ALA C 347 -55.94 -58.46 -20.01
N GLU C 348 -56.33 -59.62 -20.53
CA GLU C 348 -56.82 -60.71 -19.70
C GLU C 348 -55.64 -61.60 -19.35
N ALA C 349 -54.81 -61.11 -18.43
CA ALA C 349 -53.52 -61.71 -18.11
C ALA C 349 -52.83 -60.87 -17.02
N ARG C 350 -53.31 -59.65 -16.82
CA ARG C 350 -52.74 -58.80 -15.77
C ARG C 350 -53.44 -59.14 -14.45
N ALA C 351 -54.74 -59.43 -14.56
CA ALA C 351 -55.50 -59.93 -13.44
C ALA C 351 -54.89 -61.27 -13.01
N ARG C 352 -54.32 -61.99 -13.96
CA ARG C 352 -53.64 -63.26 -13.70
C ARG C 352 -52.58 -63.13 -12.61
N ARG C 353 -51.97 -61.94 -12.49
CA ARG C 353 -51.15 -61.59 -11.34
C ARG C 353 -51.90 -60.65 -10.36
N GLY C 354 -53.24 -60.56 -10.50
CA GLY C 354 -54.05 -59.69 -9.65
C GLY C 354 -53.66 -58.20 -9.68
N ILE C 355 -53.05 -57.80 -10.79
CA ILE C 355 -52.58 -56.44 -10.96
C ILE C 355 -53.56 -55.69 -11.86
N GLY C 356 -54.48 -54.97 -11.23
CA GLY C 356 -55.50 -54.24 -11.96
C GLY C 356 -54.90 -53.05 -12.68
N GLU C 357 -55.67 -52.48 -13.59
CA GLU C 357 -55.21 -51.36 -14.39
C GLU C 357 -55.18 -50.08 -13.57
N SER C 358 -55.77 -50.12 -12.38
CA SER C 358 -55.68 -48.99 -11.47
C SER C 358 -54.68 -49.22 -10.32
N LEU C 359 -53.82 -50.23 -10.47
CA LEU C 359 -52.80 -50.45 -9.46
C LEU C 359 -51.65 -49.42 -9.58
N ILE C 360 -51.33 -48.77 -8.46
CA ILE C 360 -50.30 -47.74 -8.41
C ILE C 360 -49.22 -48.13 -7.41
N ARG C 361 -47.96 -47.89 -7.75
CA ARG C 361 -46.86 -48.24 -6.86
C ARG C 361 -46.02 -47.02 -6.48
N LEU C 362 -45.80 -46.82 -5.18
CA LEU C 362 -44.92 -45.77 -4.65
C LEU C 362 -43.55 -46.30 -4.26
N SER C 363 -42.50 -45.62 -4.73
CA SER C 363 -41.15 -45.86 -4.29
C SER C 363 -40.75 -44.68 -3.39
N VAL C 364 -40.73 -44.90 -2.09
CA VAL C 364 -40.60 -43.77 -1.15
C VAL C 364 -39.15 -43.32 -0.97
N GLY C 365 -38.91 -42.02 -1.17
CA GLY C 365 -37.59 -41.42 -1.02
C GLY C 365 -37.39 -40.76 0.34
N ILE C 366 -36.42 -39.84 0.44
CA ILE C 366 -36.11 -39.24 1.74
C ILE C 366 -36.58 -37.79 1.88
N GLU C 367 -37.50 -37.37 1.03
CA GLU C 367 -38.06 -36.03 1.16
C GLU C 367 -38.85 -35.96 2.47
N ASP C 368 -39.18 -34.74 2.89
CA ASP C 368 -39.95 -34.58 4.11
C ASP C 368 -41.27 -35.30 3.96
N PRO C 369 -41.68 -36.07 4.97
CA PRO C 369 -42.90 -36.88 4.88
C PRO C 369 -44.19 -36.07 4.71
N GLN C 370 -44.31 -34.92 5.36
CA GLN C 370 -45.52 -34.09 5.23
C GLN C 370 -45.59 -33.59 3.80
N ASP C 371 -44.43 -33.28 3.22
CA ASP C 371 -44.41 -32.84 1.83
C ASP C 371 -44.93 -33.97 0.94
N LEU C 372 -44.39 -35.17 1.14
CA LEU C 372 -44.85 -36.34 0.39
C LEU C 372 -46.31 -36.69 0.71
N ALA C 373 -46.70 -36.57 1.99
CA ALA C 373 -48.07 -36.88 2.37
C ALA C 373 -49.02 -35.90 1.69
N GLU C 374 -48.59 -34.65 1.56
CA GLU C 374 -49.41 -33.62 0.94
C GLU C 374 -49.56 -33.84 -0.57
N ASP C 375 -48.48 -34.20 -1.24
CA ASP C 375 -48.50 -34.45 -2.68
C ASP C 375 -49.41 -35.63 -3.02
N LEU C 376 -49.32 -36.68 -2.21
CA LEU C 376 -50.17 -37.83 -2.39
C LEU C 376 -51.65 -37.49 -2.18
N SER C 377 -51.95 -36.76 -1.11
CA SER C 377 -53.35 -36.45 -0.76
C SER C 377 -54.05 -35.70 -1.89
N ARG C 378 -53.39 -34.69 -2.44
CA ARG C 378 -54.04 -33.89 -3.47
C ARG C 378 -54.10 -34.60 -4.83
N ALA C 379 -53.14 -35.47 -5.12
CA ALA C 379 -53.22 -36.27 -6.33
C ALA C 379 -54.50 -37.12 -6.28
N LEU C 380 -54.72 -37.76 -5.15
CA LEU C 380 -55.92 -38.58 -4.97
C LEU C 380 -57.24 -37.80 -5.06
N ALA C 381 -57.16 -36.46 -5.13
CA ALA C 381 -58.37 -35.63 -5.09
C ALA C 381 -58.72 -34.95 -6.41
N GLY C 382 -57.77 -34.85 -7.34
CA GLY C 382 -58.03 -34.21 -8.62
C GLY C 382 -59.10 -34.89 -9.46
N GLY C 383 -59.75 -34.12 -10.32
CA GLY C 383 -60.96 -34.57 -11.00
C GLY C 383 -60.95 -34.39 -12.52
N THR C 384 -59.82 -33.95 -13.07
CA THR C 384 -59.68 -33.85 -14.52
C THR C 384 -58.68 -34.89 -15.03
N MSE D 7 -16.67 -35.02 -41.75
CA MSE D 7 -17.07 -36.26 -42.41
C MSE D 7 -15.87 -37.18 -42.76
O MSE D 7 -16.04 -38.37 -42.94
CB MSE D 7 -18.02 -35.96 -43.59
CG MSE D 7 -18.97 -34.76 -43.26
SE MSE D 7 -20.66 -34.47 -44.26
CE MSE D 7 -21.29 -32.86 -43.28
N ARG D 8 -14.65 -36.64 -42.76
CA ARG D 8 -13.49 -37.52 -42.86
C ARG D 8 -13.12 -38.15 -41.48
N PHE D 9 -12.43 -39.27 -41.50
CA PHE D 9 -12.02 -39.96 -40.28
C PHE D 9 -11.23 -38.96 -39.44
N GLY D 10 -11.46 -38.89 -38.15
CA GLY D 10 -10.65 -37.93 -37.40
C GLY D 10 -11.36 -36.61 -37.16
N THR D 11 -12.16 -36.17 -38.14
CA THR D 11 -13.21 -35.21 -37.84
C THR D 11 -14.34 -35.98 -37.16
N ARG D 12 -14.52 -37.22 -37.58
CA ARG D 12 -15.49 -38.10 -36.93
C ARG D 12 -15.07 -38.49 -35.52
N LEU D 13 -13.77 -38.61 -35.26
CA LEU D 13 -13.31 -38.92 -33.91
C LEU D 13 -13.75 -37.82 -32.93
N VAL D 14 -13.70 -36.58 -33.38
CA VAL D 14 -13.97 -35.43 -32.52
C VAL D 14 -15.46 -35.07 -32.45
N HIS D 15 -16.16 -35.18 -33.58
CA HIS D 15 -17.54 -34.72 -33.67
C HIS D 15 -18.58 -35.83 -33.78
N GLY D 16 -18.15 -37.07 -33.92
CA GLY D 16 -19.08 -38.18 -34.05
C GLY D 16 -19.93 -38.27 -32.80
N GLY D 17 -21.23 -38.11 -32.96
CA GLY D 17 -22.13 -38.17 -31.80
C GLY D 17 -22.05 -36.95 -30.88
N ARG D 18 -21.57 -35.81 -31.40
CA ARG D 18 -21.39 -34.62 -30.56
C ARG D 18 -22.50 -33.58 -30.77
N ARG D 19 -22.82 -32.82 -29.73
CA ARG D 19 -24.15 -32.21 -29.58
C ARG D 19 -24.35 -30.73 -29.31
N PRO D 20 -25.55 -30.22 -29.72
CA PRO D 20 -25.91 -28.89 -29.20
C PRO D 20 -25.87 -28.98 -27.68
N SER D 21 -27.01 -29.37 -27.13
CA SER D 21 -27.43 -29.15 -25.74
C SER D 21 -28.29 -27.92 -25.89
N ALA D 22 -29.54 -28.14 -26.28
CA ALA D 22 -30.52 -27.10 -26.34
C ALA D 22 -30.67 -26.52 -24.93
N GLY D 23 -30.66 -25.20 -24.85
CA GLY D 23 -30.77 -24.51 -23.58
C GLY D 23 -29.46 -23.87 -23.18
N THR D 24 -28.37 -24.61 -23.34
CA THR D 24 -27.08 -24.20 -22.75
C THR D 24 -25.94 -24.03 -23.76
N GLY D 25 -25.83 -24.95 -24.72
CA GLY D 25 -24.81 -24.86 -25.75
C GLY D 25 -23.53 -25.66 -25.52
N ASP D 26 -23.53 -26.55 -24.53
CA ASP D 26 -22.37 -27.38 -24.20
C ASP D 26 -21.65 -27.92 -25.46
N VAL D 27 -20.39 -27.56 -25.64
CA VAL D 27 -19.61 -28.14 -26.73
C VAL D 27 -19.34 -29.62 -26.43
N VAL D 28 -18.76 -29.89 -25.27
CA VAL D 28 -18.65 -31.27 -24.80
C VAL D 28 -19.98 -31.67 -24.14
N PRO D 29 -20.65 -32.71 -24.65
CA PRO D 29 -21.97 -33.07 -24.12
C PRO D 29 -21.89 -33.47 -22.64
N PRO D 30 -22.88 -33.05 -21.86
CA PRO D 30 -22.87 -33.31 -20.42
C PRO D 30 -22.98 -34.82 -20.16
N ILE D 31 -22.47 -35.28 -19.02
CA ILE D 31 -22.46 -36.71 -18.73
C ILE D 31 -23.78 -37.16 -18.08
N HIS D 32 -24.54 -37.99 -18.77
CA HIS D 32 -25.84 -38.43 -18.25
C HIS D 32 -25.67 -39.63 -17.30
N VAL D 33 -25.62 -39.35 -16.02
CA VAL D 33 -25.46 -40.39 -15.02
C VAL D 33 -26.79 -40.96 -14.53
N SER D 34 -27.88 -40.20 -14.69
CA SER D 34 -29.17 -40.65 -14.16
C SER D 34 -29.55 -42.05 -14.65
N THR D 35 -30.03 -42.90 -13.75
CA THR D 35 -30.54 -44.20 -14.15
C THR D 35 -32.03 -44.10 -14.50
N THR D 36 -32.69 -43.06 -13.98
CA THR D 36 -34.15 -42.99 -14.08
C THR D 36 -34.63 -41.72 -14.79
N TYR D 37 -35.84 -41.75 -15.30
CA TYR D 37 -36.43 -40.63 -16.04
C TYR D 37 -37.91 -40.42 -15.76
N GLU D 38 -38.33 -39.16 -15.74
CA GLU D 38 -39.75 -38.83 -15.69
C GLU D 38 -40.38 -39.02 -17.07
N ARG D 39 -41.53 -39.69 -17.09
CA ARG D 39 -42.25 -39.88 -18.33
C ARG D 39 -43.28 -38.74 -18.47
N ARG D 40 -43.04 -37.67 -17.72
CA ARG D 40 -43.83 -36.44 -17.88
C ARG D 40 -42.92 -35.23 -17.98
N ALA D 41 -41.95 -35.30 -18.89
CA ALA D 41 -41.01 -34.21 -19.14
C ALA D 41 -40.67 -34.05 -20.64
N GLN D 42 -40.11 -35.10 -21.24
CA GLN D 42 -39.59 -35.15 -22.61
C GLN D 42 -40.64 -35.03 -23.74
N ASP D 43 -40.29 -34.45 -24.89
CA ASP D 43 -41.33 -34.19 -25.91
C ASP D 43 -41.72 -35.40 -26.75
N GLU D 44 -41.29 -36.58 -26.31
CA GLU D 44 -41.76 -37.88 -26.79
C GLU D 44 -41.05 -38.98 -25.98
N PRO D 45 -41.75 -39.60 -25.02
CA PRO D 45 -41.30 -40.51 -23.96
C PRO D 45 -40.04 -41.30 -24.31
N ARG D 46 -38.98 -40.52 -24.52
CA ARG D 46 -37.74 -40.96 -25.11
C ARG D 46 -36.97 -42.04 -24.31
N TYR D 47 -36.95 -41.89 -23.00
CA TYR D 47 -35.96 -42.58 -22.15
C TYR D 47 -36.68 -43.19 -20.95
N PHE D 48 -36.39 -44.46 -20.67
CA PHE D 48 -37.13 -45.17 -19.65
C PHE D 48 -36.22 -45.52 -18.49
N TYR D 49 -35.17 -46.28 -18.74
CA TYR D 49 -34.28 -46.77 -17.70
C TYR D 49 -32.86 -46.91 -18.20
N GLY D 50 -31.92 -46.62 -17.31
CA GLY D 50 -30.51 -46.54 -17.67
C GLY D 50 -29.90 -47.75 -18.32
N ARG D 51 -30.36 -48.93 -17.96
CA ARG D 51 -29.86 -50.17 -18.58
C ARG D 51 -30.27 -50.22 -20.05
N GLY D 52 -31.48 -49.77 -20.36
CA GLY D 52 -31.97 -49.79 -21.73
C GLY D 52 -31.45 -48.67 -22.60
N GLU D 53 -31.41 -47.46 -22.05
CA GLU D 53 -31.01 -46.29 -22.82
C GLU D 53 -30.17 -45.34 -21.96
N ASN D 54 -29.29 -44.61 -22.63
CA ASN D 54 -28.55 -43.53 -21.99
C ASN D 54 -27.92 -42.65 -23.07
N PRO D 55 -28.13 -41.34 -22.99
CA PRO D 55 -27.63 -40.44 -24.05
C PRO D 55 -26.10 -40.43 -24.17
N THR D 56 -25.39 -40.52 -23.05
CA THR D 56 -23.93 -40.55 -23.09
C THR D 56 -23.46 -41.82 -23.82
N ARG D 57 -24.11 -42.93 -23.51
CA ARG D 57 -23.81 -44.18 -24.20
C ARG D 57 -24.14 -44.10 -25.70
N GLU D 58 -25.29 -43.51 -26.02
CA GLU D 58 -25.70 -43.38 -27.42
C GLU D 58 -24.70 -42.56 -28.27
N GLU D 59 -24.23 -41.45 -27.70
CA GLU D 59 -23.23 -40.60 -28.36
C GLU D 59 -21.96 -41.37 -28.71
N LEU D 60 -21.44 -42.13 -27.76
CA LEU D 60 -20.27 -42.99 -27.99
C LEU D 60 -20.55 -44.03 -29.09
N GLU D 61 -21.68 -44.71 -29.00
CA GLU D 61 -22.10 -45.66 -30.04
C GLU D 61 -22.17 -44.98 -31.40
N GLU D 62 -22.73 -43.77 -31.42
CA GLU D 62 -22.80 -43.02 -32.67
C GLU D 62 -21.41 -42.64 -33.24
N CYS D 63 -20.52 -42.16 -32.38
CA CYS D 63 -19.14 -41.90 -32.79
C CYS D 63 -18.54 -43.16 -33.43
N LEU D 64 -18.68 -44.29 -32.75
CA LEU D 64 -18.06 -45.55 -33.18
C LEU D 64 -18.60 -46.06 -34.50
N ALA D 65 -19.92 -46.04 -34.65
CA ALA D 65 -20.54 -46.45 -35.89
C ALA D 65 -20.03 -45.57 -37.02
N GLY D 66 -19.90 -44.27 -36.75
CA GLY D 66 -19.49 -43.31 -37.76
C GLY D 66 -18.11 -43.61 -38.34
N LEU D 67 -17.20 -44.12 -37.52
CA LEU D 67 -15.83 -44.44 -37.97
C LEU D 67 -15.79 -45.59 -38.98
N GLU D 68 -16.86 -46.36 -39.08
CA GLU D 68 -16.92 -47.43 -40.08
C GLU D 68 -18.01 -47.11 -41.12
N ARG D 69 -18.49 -45.87 -41.08
CA ARG D 69 -19.61 -45.44 -41.92
C ARG D 69 -20.74 -46.46 -41.79
N ALA D 70 -21.02 -46.84 -40.54
CA ALA D 70 -21.97 -47.90 -40.24
C ALA D 70 -23.25 -47.32 -39.64
N PRO D 71 -24.35 -48.09 -39.73
CA PRO D 71 -25.56 -47.52 -39.13
C PRO D 71 -25.70 -47.87 -37.67
N PHE D 72 -24.96 -48.86 -37.19
CA PHE D 72 -25.19 -49.40 -35.85
C PHE D 72 -23.90 -49.64 -35.08
N ALA D 73 -23.93 -49.29 -33.80
CA ALA D 73 -22.91 -49.71 -32.85
C ALA D 73 -23.54 -49.91 -31.48
N THR D 74 -22.99 -50.86 -30.74
CA THR D 74 -23.47 -51.14 -29.40
C THR D 74 -22.23 -51.31 -28.53
N VAL D 75 -22.21 -50.66 -27.38
CA VAL D 75 -21.06 -50.76 -26.49
C VAL D 75 -21.39 -51.57 -25.24
N PHE D 76 -20.35 -52.14 -24.62
CA PHE D 76 -20.51 -53.11 -23.54
C PHE D 76 -19.56 -52.82 -22.37
N SER D 77 -19.78 -53.47 -21.23
CA SER D 77 -18.90 -53.32 -20.07
C SER D 77 -17.45 -53.76 -20.33
N SER D 78 -17.22 -54.53 -21.40
CA SER D 78 -15.87 -54.95 -21.76
C SER D 78 -15.84 -55.57 -23.15
N GLY D 79 -14.64 -55.74 -23.71
CA GLY D 79 -14.48 -56.51 -24.93
C GLY D 79 -15.08 -57.90 -24.82
N GLN D 80 -14.77 -58.60 -23.74
CA GLN D 80 -15.33 -59.93 -23.48
C GLN D 80 -16.87 -59.93 -23.57
N ALA D 81 -17.50 -58.88 -23.05
CA ALA D 81 -18.96 -58.76 -23.07
C ALA D 81 -19.51 -58.59 -24.48
N ALA D 82 -18.81 -57.82 -25.31
CA ALA D 82 -19.21 -57.68 -26.70
C ALA D 82 -19.16 -59.04 -27.40
N ALA D 83 -18.06 -59.75 -27.19
CA ALA D 83 -17.89 -61.09 -27.77
C ALA D 83 -18.92 -62.09 -27.23
N ALA D 84 -19.19 -62.02 -25.93
CA ALA D 84 -20.13 -62.92 -25.31
C ALA D 84 -21.51 -62.74 -25.95
N THR D 85 -21.85 -61.50 -26.25
CA THR D 85 -23.13 -61.18 -26.87
C THR D 85 -23.26 -61.80 -28.26
N LEU D 86 -22.24 -61.59 -29.08
CA LEU D 86 -22.26 -62.11 -30.44
C LEU D 86 -22.43 -63.64 -30.43
N LEU D 87 -21.76 -64.31 -29.48
CA LEU D 87 -21.82 -65.77 -29.40
C LEU D 87 -23.16 -66.33 -28.92
N SER D 88 -23.88 -65.54 -28.14
CA SER D 88 -25.19 -65.99 -27.64
C SER D 88 -26.20 -66.16 -28.78
N LEU D 89 -25.87 -65.60 -29.94
CA LEU D 89 -26.75 -65.70 -31.10
C LEU D 89 -26.52 -66.99 -31.85
N VAL D 90 -25.44 -67.70 -31.53
CA VAL D 90 -25.22 -69.02 -32.12
C VAL D 90 -26.06 -70.05 -31.36
N ARG D 91 -26.98 -70.69 -32.07
CA ARG D 91 -27.87 -71.68 -31.46
C ARG D 91 -27.13 -72.96 -31.12
N PRO D 92 -27.69 -73.75 -30.18
CA PRO D 92 -27.15 -75.10 -30.04
C PRO D 92 -27.29 -75.80 -31.38
N GLY D 93 -26.23 -76.41 -31.87
CA GLY D 93 -26.28 -77.13 -33.13
C GLY D 93 -25.45 -76.51 -34.25
N GLN D 94 -25.22 -75.21 -34.15
CA GLN D 94 -24.47 -74.47 -35.18
C GLN D 94 -22.97 -74.53 -34.89
N CYS D 95 -22.15 -74.20 -35.90
CA CYS D 95 -20.70 -74.24 -35.74
C CYS D 95 -20.06 -72.87 -35.89
N VAL D 96 -19.11 -72.57 -35.00
CA VAL D 96 -18.33 -71.35 -35.10
C VAL D 96 -16.91 -71.70 -35.55
N VAL D 97 -16.53 -71.20 -36.72
CA VAL D 97 -15.17 -71.36 -37.20
C VAL D 97 -14.30 -70.20 -36.72
N SER D 98 -13.10 -70.52 -36.22
CA SER D 98 -12.15 -69.48 -35.81
C SER D 98 -10.71 -70.00 -35.89
N THR D 99 -9.75 -69.25 -35.34
CA THR D 99 -8.36 -69.73 -35.37
C THR D 99 -7.88 -70.10 -33.97
N ASP D 100 -7.00 -71.10 -33.90
CA ASP D 100 -6.57 -71.67 -32.63
C ASP D 100 -5.50 -70.85 -31.91
N ASP D 101 -5.43 -69.55 -32.26
CA ASP D 101 -4.46 -68.62 -31.71
C ASP D 101 -5.21 -67.43 -31.12
N VAL D 102 -6.55 -67.50 -31.20
CA VAL D 102 -7.41 -66.38 -30.83
C VAL D 102 -7.19 -66.01 -29.35
N TYR D 103 -7.63 -64.82 -28.94
CA TYR D 103 -7.60 -64.43 -27.53
C TYR D 103 -8.34 -65.43 -26.65
N ALA D 104 -7.71 -65.83 -25.54
CA ALA D 104 -8.23 -66.87 -24.66
C ALA D 104 -9.59 -66.52 -24.06
N GLY D 105 -9.94 -65.24 -24.12
CA GLY D 105 -11.30 -64.83 -23.83
C GLY D 105 -12.25 -65.45 -24.84
N THR D 106 -12.00 -65.13 -26.11
CA THR D 106 -12.78 -65.72 -27.21
C THR D 106 -12.78 -67.24 -27.13
N ASP D 107 -11.61 -67.83 -26.91
CA ASP D 107 -11.52 -69.28 -26.75
C ASP D 107 -12.25 -69.74 -25.49
N GLY D 108 -12.08 -68.98 -24.40
CA GLY D 108 -12.82 -69.22 -23.18
C GLY D 108 -14.31 -69.06 -23.41
N LEU D 109 -14.67 -68.26 -24.40
CA LEU D 109 -16.07 -68.07 -24.74
C LEU D 109 -16.61 -69.19 -25.65
N PHE D 110 -15.77 -69.71 -26.54
CA PHE D 110 -16.17 -70.82 -27.40
C PHE D 110 -16.48 -72.05 -26.53
N ASP D 111 -15.63 -72.28 -25.52
CA ASP D 111 -15.80 -73.41 -24.63
C ASP D 111 -17.14 -73.36 -23.87
N LEU D 112 -17.42 -72.23 -23.22
CA LEU D 112 -18.68 -72.07 -22.50
C LEU D 112 -19.87 -72.35 -23.42
N ALA D 113 -19.76 -71.89 -24.67
CA ALA D 113 -20.82 -72.03 -25.65
C ALA D 113 -20.96 -73.45 -26.17
N ALA D 114 -19.84 -74.15 -26.27
CA ALA D 114 -19.84 -75.55 -26.71
C ALA D 114 -20.43 -76.44 -25.62
N ARG D 115 -20.34 -75.97 -24.37
CA ARG D 115 -20.98 -76.65 -23.26
C ARG D 115 -22.50 -76.53 -23.41
N GLN D 116 -22.93 -75.52 -24.15
CA GLN D 116 -24.34 -75.38 -24.50
C GLN D 116 -24.64 -75.99 -25.87
N GLY D 117 -23.66 -76.68 -26.47
CA GLY D 117 -23.91 -77.46 -27.67
C GLY D 117 -23.26 -76.96 -28.96
N VAL D 118 -22.92 -75.69 -29.03
CA VAL D 118 -22.33 -75.14 -30.25
C VAL D 118 -21.06 -75.90 -30.65
N ARG D 119 -20.90 -76.20 -31.94
CA ARG D 119 -19.68 -76.87 -32.38
C ARG D 119 -18.61 -75.85 -32.72
N VAL D 120 -17.38 -76.12 -32.29
CA VAL D 120 -16.30 -75.16 -32.42
C VAL D 120 -15.26 -75.62 -33.44
N ARG D 121 -14.85 -74.69 -34.30
CA ARG D 121 -13.86 -74.95 -35.34
C ARG D 121 -12.70 -73.97 -35.31
N TYR D 122 -11.56 -74.46 -34.85
CA TYR D 122 -10.31 -73.72 -34.92
C TYR D 122 -9.79 -74.01 -36.31
N ALA D 123 -9.16 -73.03 -36.97
CA ALA D 123 -8.88 -73.24 -38.39
C ALA D 123 -7.66 -72.54 -38.98
N ASP D 124 -7.08 -73.17 -39.99
CA ASP D 124 -6.11 -72.46 -40.82
C ASP D 124 -6.85 -71.75 -41.97
N LEU D 125 -7.21 -70.51 -41.70
CA LEU D 125 -7.82 -69.64 -42.69
C LEU D 125 -6.78 -68.66 -43.26
N THR D 126 -5.58 -69.16 -43.51
CA THR D 126 -4.61 -68.46 -44.35
C THR D 126 -4.43 -69.16 -45.70
N THR D 127 -5.24 -70.21 -45.95
CA THR D 127 -5.12 -71.04 -47.17
C THR D 127 -6.48 -71.26 -47.87
N PRO D 128 -6.47 -71.65 -49.17
CA PRO D 128 -7.76 -71.91 -49.84
C PRO D 128 -8.42 -73.22 -49.43
N GLU D 129 -7.63 -74.30 -49.44
CA GLU D 129 -8.10 -75.63 -49.01
C GLU D 129 -8.59 -75.62 -47.56
N GLY D 130 -7.86 -74.93 -46.70
CA GLY D 130 -8.14 -74.92 -45.27
C GLY D 130 -9.35 -74.08 -44.91
N ILE D 131 -9.63 -73.09 -45.74
CA ILE D 131 -10.83 -72.30 -45.62
C ILE D 131 -11.99 -73.15 -46.10
N ALA D 132 -11.70 -73.96 -47.12
CA ALA D 132 -12.64 -74.94 -47.64
C ALA D 132 -12.76 -76.09 -46.64
N ALA D 133 -11.68 -76.36 -45.90
CA ALA D 133 -11.64 -77.42 -44.90
C ALA D 133 -12.50 -77.08 -43.67
N ALA D 134 -12.98 -75.85 -43.61
CA ALA D 134 -13.81 -75.42 -42.49
C ALA D 134 -15.22 -75.04 -42.94
N LEU D 135 -15.33 -74.38 -44.08
CA LEU D 135 -16.60 -73.75 -44.42
C LEU D 135 -17.75 -74.71 -44.73
N ALA D 136 -17.48 -75.96 -45.10
CA ALA D 136 -18.59 -76.89 -45.36
C ALA D 136 -19.44 -77.24 -44.12
N GLU D 137 -18.99 -76.81 -42.94
CA GLU D 137 -19.67 -77.11 -41.67
C GLU D 137 -21.19 -76.91 -41.77
N PRO D 138 -21.96 -78.01 -41.61
CA PRO D 138 -23.42 -77.88 -41.65
C PRO D 138 -23.81 -76.96 -40.52
N ASP D 139 -24.74 -76.04 -40.76
CA ASP D 139 -25.13 -75.02 -39.77
C ASP D 139 -23.98 -74.13 -39.35
N LEU D 140 -23.41 -73.43 -40.33
CA LEU D 140 -22.31 -72.53 -40.08
C LEU D 140 -22.88 -71.17 -39.74
N ALA D 141 -22.86 -70.82 -38.46
CA ALA D 141 -23.45 -69.57 -38.01
C ALA D 141 -22.49 -68.39 -38.13
N LEU D 142 -21.32 -68.53 -37.53
CA LEU D 142 -20.44 -67.40 -37.35
C LEU D 142 -18.99 -67.75 -37.74
N VAL D 143 -18.29 -66.78 -38.32
CA VAL D 143 -16.88 -66.94 -38.63
C VAL D 143 -16.12 -65.83 -37.92
N TRP D 144 -15.15 -66.23 -37.10
CA TRP D 144 -14.51 -65.34 -36.14
C TRP D 144 -13.05 -65.13 -36.54
N ILE D 145 -12.79 -64.05 -37.26
CA ILE D 145 -11.44 -63.70 -37.66
C ILE D 145 -10.85 -62.68 -36.70
N GLU D 146 -9.79 -63.07 -36.02
CA GLU D 146 -9.01 -62.10 -35.27
C GLU D 146 -7.72 -61.87 -36.05
N THR D 147 -7.45 -60.61 -36.37
CA THR D 147 -6.53 -60.32 -37.45
C THR D 147 -6.05 -58.87 -37.34
N PRO D 148 -4.72 -58.64 -37.22
CA PRO D 148 -3.65 -59.65 -37.28
C PRO D 148 -3.69 -60.50 -36.02
N THR D 149 -3.09 -61.69 -36.06
CA THR D 149 -3.15 -62.54 -34.89
C THR D 149 -2.12 -62.12 -33.85
N ASN D 150 -2.19 -62.78 -32.71
CA ASN D 150 -1.18 -62.69 -31.69
C ASN D 150 -0.44 -64.03 -31.74
N PRO D 151 0.70 -64.11 -31.05
CA PRO D 151 1.59 -62.99 -30.79
C PRO D 151 2.51 -62.89 -32.01
N LEU D 152 2.31 -63.84 -32.92
CA LEU D 152 3.10 -64.00 -34.13
C LEU D 152 2.68 -63.05 -35.25
N LEU D 153 1.57 -62.35 -35.04
CA LEU D 153 1.11 -61.29 -35.94
C LEU D 153 0.83 -61.76 -37.38
N THR D 154 0.28 -62.96 -37.53
CA THR D 154 -0.06 -63.46 -38.86
C THR D 154 -1.36 -62.80 -39.34
N VAL D 155 -1.58 -62.74 -40.64
CA VAL D 155 -2.75 -62.01 -41.12
C VAL D 155 -3.66 -62.80 -42.06
N VAL D 156 -4.96 -62.70 -41.80
CA VAL D 156 -6.00 -63.41 -42.55
C VAL D 156 -6.78 -62.43 -43.42
N ASP D 157 -7.03 -62.85 -44.66
CA ASP D 157 -7.70 -62.05 -45.69
C ASP D 157 -9.21 -62.00 -45.44
N VAL D 158 -9.69 -60.87 -44.92
CA VAL D 158 -11.10 -60.72 -44.57
C VAL D 158 -12.06 -60.81 -45.77
N ALA D 159 -11.73 -60.14 -46.87
CA ALA D 159 -12.58 -60.20 -48.06
C ALA D 159 -12.70 -61.61 -48.63
N GLU D 160 -11.56 -62.30 -48.70
CA GLU D 160 -11.51 -63.68 -49.19
C GLU D 160 -12.39 -64.58 -48.32
N VAL D 161 -12.12 -64.65 -47.03
CA VAL D 161 -12.89 -65.49 -46.12
C VAL D 161 -14.36 -65.13 -46.14
N SER D 162 -14.64 -63.84 -46.12
CA SER D 162 -16.03 -63.36 -46.09
C SER D 162 -16.81 -63.75 -47.35
N ARG D 163 -16.14 -63.72 -48.49
CA ARG D 163 -16.74 -64.19 -49.75
C ARG D 163 -17.23 -65.61 -49.59
N ARG D 164 -16.32 -66.49 -49.19
CA ARG D 164 -16.63 -67.91 -49.16
C ARG D 164 -17.47 -68.23 -47.92
N ALA D 165 -17.53 -67.30 -46.97
CA ALA D 165 -18.37 -67.52 -45.79
C ALA D 165 -19.81 -67.14 -46.12
N HIS D 166 -19.96 -66.07 -46.90
CA HIS D 166 -21.26 -65.62 -47.31
C HIS D 166 -21.94 -66.54 -48.32
N GLU D 167 -21.15 -67.39 -48.98
CA GLU D 167 -21.74 -68.40 -49.88
C GLU D 167 -22.52 -69.45 -49.10
N ARG D 168 -22.46 -69.37 -47.77
CA ARG D 168 -23.17 -70.29 -46.91
C ARG D 168 -24.22 -69.56 -46.10
N GLY D 169 -24.40 -68.28 -46.38
CA GLY D 169 -25.33 -67.45 -45.63
C GLY D 169 -24.85 -67.25 -44.20
N ALA D 170 -23.55 -67.45 -44.00
CA ALA D 170 -22.96 -67.34 -42.66
C ALA D 170 -22.49 -65.93 -42.34
N ARG D 171 -22.78 -65.48 -41.13
CA ARG D 171 -22.32 -64.19 -40.64
C ARG D 171 -20.79 -64.21 -40.56
N VAL D 172 -20.15 -63.04 -40.66
CA VAL D 172 -18.72 -62.92 -40.41
C VAL D 172 -18.41 -61.79 -39.41
N VAL D 173 -17.54 -62.07 -38.44
CA VAL D 173 -17.04 -61.04 -37.54
C VAL D 173 -15.51 -60.96 -37.59
N VAL D 174 -15.00 -59.74 -37.48
CA VAL D 174 -13.57 -59.53 -37.28
C VAL D 174 -13.33 -58.88 -35.92
N ASP D 175 -12.46 -59.49 -35.11
CA ASP D 175 -11.99 -58.85 -33.89
C ASP D 175 -10.88 -57.92 -34.34
N ASN D 176 -11.20 -56.63 -34.39
CA ASN D 176 -10.38 -55.64 -35.06
C ASN D 176 -9.68 -54.79 -34.01
N THR D 177 -9.63 -55.31 -32.80
CA THR D 177 -9.10 -54.64 -31.63
C THR D 177 -7.67 -54.17 -31.83
N PHE D 178 -6.89 -55.10 -32.36
CA PHE D 178 -5.46 -54.94 -32.58
C PHE D 178 -5.15 -53.68 -33.39
N ALA D 179 -5.78 -53.55 -34.55
CA ALA D 179 -5.37 -52.50 -35.47
C ALA D 179 -6.21 -51.25 -35.38
N SER D 180 -7.42 -51.39 -34.83
CA SER D 180 -8.41 -50.30 -34.75
C SER D 180 -8.95 -49.88 -36.12
N PRO D 181 -10.14 -49.26 -36.15
CA PRO D 181 -10.71 -48.73 -37.40
C PRO D 181 -9.87 -47.61 -38.02
N VAL D 182 -8.81 -47.19 -37.33
CA VAL D 182 -7.82 -46.31 -37.94
C VAL D 182 -7.04 -47.02 -39.04
N LEU D 183 -6.81 -48.32 -38.88
CA LEU D 183 -5.94 -49.07 -39.80
C LEU D 183 -6.65 -50.19 -40.59
N GLN D 184 -7.78 -50.68 -40.09
CA GLN D 184 -8.46 -51.82 -40.70
C GLN D 184 -9.96 -51.58 -40.61
N GLN D 185 -10.66 -51.77 -41.72
CA GLN D 185 -12.08 -51.49 -41.79
C GLN D 185 -12.84 -52.76 -42.17
N PRO D 186 -13.09 -53.65 -41.20
CA PRO D 186 -13.68 -54.96 -41.47
C PRO D 186 -14.98 -54.92 -42.28
N LEU D 187 -15.86 -53.95 -42.01
CA LEU D 187 -17.13 -53.91 -42.73
C LEU D 187 -16.89 -53.64 -44.22
N ALA D 188 -16.01 -52.68 -44.52
CA ALA D 188 -15.67 -52.37 -45.92
C ALA D 188 -14.99 -53.57 -46.61
N LEU D 189 -14.35 -54.41 -45.81
CA LEU D 189 -13.69 -55.60 -46.35
C LEU D 189 -14.69 -56.69 -46.69
N GLY D 190 -15.94 -56.54 -46.25
CA GLY D 190 -16.94 -57.54 -46.53
C GLY D 190 -17.42 -58.31 -45.32
N ALA D 191 -16.83 -58.05 -44.16
CA ALA D 191 -17.30 -58.66 -42.92
C ALA D 191 -18.65 -58.09 -42.47
N ASP D 192 -19.33 -58.78 -41.56
CA ASP D 192 -20.63 -58.33 -41.08
C ASP D 192 -20.55 -57.55 -39.77
N VAL D 193 -19.57 -57.90 -38.94
CA VAL D 193 -19.41 -57.29 -37.63
C VAL D 193 -17.95 -56.95 -37.38
N SER D 194 -17.71 -55.76 -36.81
CA SER D 194 -16.43 -55.45 -36.20
C SER D 194 -16.55 -55.54 -34.68
N LEU D 195 -15.67 -56.33 -34.07
CA LEU D 195 -15.62 -56.47 -32.61
C LEU D 195 -14.41 -55.74 -32.03
N TYR D 196 -14.64 -54.99 -30.96
CA TYR D 196 -13.54 -54.31 -30.26
C TYR D 196 -13.55 -54.55 -28.78
N SER D 197 -12.36 -54.53 -28.22
CA SER D 197 -12.21 -54.22 -26.80
C SER D 197 -11.75 -52.78 -26.77
N THR D 198 -12.64 -51.87 -26.36
CA THR D 198 -12.29 -50.46 -26.35
C THR D 198 -11.32 -50.12 -25.22
N THR D 199 -11.09 -51.10 -24.35
CA THR D 199 -10.06 -51.01 -23.32
C THR D 199 -8.69 -50.71 -23.92
N1 LLP D 200 -10.03 -59.43 -28.09
C2 LLP D 200 -8.83 -58.85 -28.20
C2' LLP D 200 -8.01 -58.91 -29.52
C3 LLP D 200 -8.30 -58.15 -27.08
O3 LLP D 200 -7.06 -57.56 -27.20
C4 LLP D 200 -9.02 -58.06 -25.90
C4' LLP D 200 -8.39 -57.26 -24.65
C5 LLP D 200 -10.24 -58.68 -25.80
C6 LLP D 200 -10.76 -59.36 -26.90
C5' LLP D 200 -11.09 -58.65 -24.49
OP4 LLP D 200 -11.48 -57.33 -24.18
P LLP D 200 -11.61 -56.92 -22.68
OP1 LLP D 200 -11.96 -55.43 -22.70
OP2 LLP D 200 -12.71 -57.72 -22.06
OP3 LLP D 200 -10.34 -57.17 -21.95
N LLP D 200 -8.50 -51.05 -25.19
CA LLP D 200 -7.16 -50.92 -25.83
CB LLP D 200 -6.92 -51.90 -26.96
CG LLP D 200 -7.06 -53.38 -26.62
CD LLP D 200 -6.84 -53.80 -25.16
CE LLP D 200 -7.88 -54.93 -24.91
NZ LLP D 200 -7.38 -56.31 -25.04
C LLP D 200 -7.00 -49.58 -26.44
O LLP D 200 -7.31 -48.57 -25.81
N SER D 201 -6.54 -49.54 -27.68
CA SER D 201 -6.15 -48.29 -28.31
C SER D 201 -7.28 -47.26 -28.41
N ILE D 202 -8.53 -47.73 -28.44
CA ILE D 202 -9.66 -46.82 -28.59
C ILE D 202 -9.71 -45.83 -27.40
N ALA D 203 -10.08 -46.30 -26.21
CA ALA D 203 -9.98 -45.46 -25.02
C ALA D 203 -8.53 -45.05 -24.79
N GLY D 204 -7.60 -45.96 -25.09
CA GLY D 204 -6.19 -45.62 -25.27
C GLY D 204 -5.40 -45.06 -24.09
N HIS D 205 -6.02 -44.95 -22.92
CA HIS D 205 -5.32 -44.37 -21.79
C HIS D 205 -5.25 -45.31 -20.58
N ALA D 206 -5.64 -46.56 -20.80
CA ALA D 206 -5.50 -47.61 -19.78
C ALA D 206 -6.21 -47.29 -18.47
N ASP D 207 -7.34 -46.59 -18.55
CA ASP D 207 -8.03 -46.18 -17.33
C ASP D 207 -9.52 -46.51 -17.31
N VAL D 208 -9.94 -47.45 -18.16
CA VAL D 208 -11.35 -47.85 -18.26
C VAL D 208 -11.48 -49.13 -19.07
N LEU D 209 -12.47 -49.96 -18.75
CA LEU D 209 -12.78 -51.14 -19.54
C LEU D 209 -13.99 -50.86 -20.43
N GLY D 210 -13.97 -51.39 -21.65
CA GLY D 210 -15.14 -51.32 -22.51
C GLY D 210 -15.06 -52.25 -23.69
N GLY D 211 -16.20 -52.51 -24.31
CA GLY D 211 -16.26 -53.26 -25.56
C GLY D 211 -17.25 -52.64 -26.51
N ALA D 212 -17.17 -53.05 -27.79
CA ALA D 212 -18.10 -52.54 -28.78
C ALA D 212 -18.31 -53.52 -29.94
N LEU D 213 -19.50 -53.46 -30.53
CA LEU D 213 -19.81 -54.13 -31.78
C LEU D 213 -20.29 -53.09 -32.77
N VAL D 214 -19.79 -53.18 -34.00
CA VAL D 214 -20.17 -52.28 -35.07
C VAL D 214 -20.59 -53.13 -36.28
N TYR D 215 -21.73 -52.79 -36.88
CA TYR D 215 -22.38 -53.68 -37.84
C TYR D 215 -23.45 -52.93 -38.63
N ARG D 216 -24.08 -53.59 -39.60
CA ARG D 216 -25.12 -52.93 -40.38
C ARG D 216 -26.50 -53.59 -40.35
N ASP D 217 -26.57 -54.85 -39.92
CA ASP D 217 -27.83 -55.59 -40.01
C ASP D 217 -28.78 -55.24 -38.86
N ALA D 218 -29.99 -54.81 -39.23
CA ALA D 218 -31.01 -54.36 -38.28
C ALA D 218 -31.53 -55.51 -37.41
N ASP D 219 -31.66 -56.70 -38.02
CA ASP D 219 -32.13 -57.86 -37.29
C ASP D 219 -31.07 -58.24 -36.25
N LEU D 220 -29.81 -58.14 -36.63
CA LEU D 220 -28.73 -58.33 -35.67
C LEU D 220 -28.81 -57.24 -34.60
N HIS D 221 -29.06 -56.00 -35.02
CA HIS D 221 -29.16 -54.87 -34.11
C HIS D 221 -30.17 -55.13 -32.99
N ALA D 222 -31.38 -55.55 -33.36
CA ALA D 222 -32.43 -55.85 -32.38
C ALA D 222 -32.02 -56.94 -31.38
N ALA D 223 -31.42 -58.02 -31.88
CA ALA D 223 -31.02 -59.13 -31.04
C ALA D 223 -29.87 -58.76 -30.09
N VAL D 224 -28.92 -57.98 -30.59
CA VAL D 224 -27.79 -57.55 -29.79
C VAL D 224 -28.23 -56.64 -28.66
N ARG D 225 -29.13 -55.71 -28.97
CA ARG D 225 -29.65 -54.81 -27.94
C ARG D 225 -30.55 -55.56 -26.93
N ALA D 226 -31.34 -56.53 -27.41
CA ALA D 226 -32.18 -57.31 -26.52
C ALA D 226 -31.30 -58.12 -25.56
N TYR D 227 -30.22 -58.71 -26.08
CA TYR D 227 -29.32 -59.46 -25.22
C TYR D 227 -28.66 -58.55 -24.18
N ARG D 228 -28.17 -57.38 -24.62
CA ARG D 228 -27.48 -56.48 -23.70
C ARG D 228 -28.41 -56.03 -22.57
N THR D 229 -29.65 -55.70 -22.92
CA THR D 229 -30.63 -55.27 -21.92
C THR D 229 -30.90 -56.37 -20.91
N THR D 230 -30.96 -57.61 -21.39
CA THR D 230 -31.30 -58.75 -20.54
C THR D 230 -30.12 -59.25 -19.72
N ALA D 231 -28.98 -59.45 -20.35
CA ALA D 231 -27.77 -59.87 -19.63
C ALA D 231 -27.18 -58.70 -18.84
N GLY D 232 -27.56 -57.49 -19.22
CA GLY D 232 -27.17 -56.31 -18.48
C GLY D 232 -25.66 -56.09 -18.45
N ASN D 233 -24.98 -56.48 -19.53
CA ASN D 233 -23.53 -56.28 -19.62
C ASN D 233 -23.20 -54.92 -20.22
N VAL D 234 -23.82 -53.89 -19.66
CA VAL D 234 -23.74 -52.52 -20.16
C VAL D 234 -22.59 -51.77 -19.51
N PRO D 235 -22.06 -50.76 -20.19
CA PRO D 235 -21.06 -49.91 -19.55
C PRO D 235 -21.76 -48.79 -18.77
N GLY D 236 -21.05 -48.23 -17.78
CA GLY D 236 -21.52 -47.05 -17.11
C GLY D 236 -21.29 -45.82 -17.98
N ALA D 237 -21.99 -44.73 -17.66
CA ALA D 237 -21.90 -43.50 -18.46
C ALA D 237 -20.57 -42.74 -18.29
N LEU D 238 -20.03 -42.75 -17.08
CA LEU D 238 -18.72 -42.15 -16.87
C LEU D 238 -17.66 -42.92 -17.68
N ASP D 239 -17.73 -44.25 -17.60
CA ASP D 239 -16.83 -45.10 -18.36
C ASP D 239 -16.98 -44.80 -19.85
N CYS D 240 -18.22 -44.64 -20.31
CA CYS D 240 -18.45 -44.21 -21.69
C CYS D 240 -17.85 -42.83 -21.96
N PHE D 241 -17.97 -41.90 -21.00
CA PHE D 241 -17.30 -40.60 -21.12
C PHE D 241 -15.80 -40.75 -21.36
N LEU D 242 -15.16 -41.64 -20.60
CA LEU D 242 -13.70 -41.82 -20.70
C LEU D 242 -13.29 -42.41 -22.04
N VAL D 243 -14.07 -43.37 -22.52
CA VAL D 243 -13.77 -44.01 -23.79
C VAL D 243 -13.92 -42.98 -24.90
N ARG D 244 -15.02 -42.24 -24.87
CA ARG D 244 -15.29 -41.21 -25.85
C ARG D 244 -14.20 -40.17 -25.83
N ARG D 245 -13.78 -39.77 -24.63
CA ARG D 245 -12.75 -38.76 -24.53
C ARG D 245 -11.40 -39.28 -25.05
N GLY D 246 -11.14 -40.56 -24.84
CA GLY D 246 -9.97 -41.19 -25.44
C GLY D 246 -10.02 -41.16 -26.96
N LEU D 247 -11.21 -41.35 -27.53
CA LEU D 247 -11.39 -41.42 -28.99
C LEU D 247 -10.87 -40.21 -29.77
N HIS D 248 -11.07 -39.02 -29.25
CA HIS D 248 -10.64 -37.79 -29.92
C HIS D 248 -9.24 -37.91 -30.54
N THR D 249 -8.33 -38.55 -29.80
CA THR D 249 -6.93 -38.61 -30.21
C THR D 249 -6.52 -39.96 -30.83
N LEU D 250 -7.50 -40.81 -31.14
CA LEU D 250 -7.17 -42.18 -31.59
C LEU D 250 -6.25 -42.18 -32.81
N SER D 251 -6.59 -41.37 -33.81
CA SER D 251 -5.82 -41.30 -35.04
C SER D 251 -4.38 -40.82 -34.81
N LEU D 252 -4.24 -39.71 -34.10
CA LEU D 252 -2.92 -39.15 -33.78
C LEU D 252 -2.06 -40.16 -33.01
N ARG D 253 -2.68 -40.88 -32.08
CA ARG D 253 -1.93 -41.82 -31.24
C ARG D 253 -1.47 -43.05 -32.04
N VAL D 254 -2.36 -43.57 -32.87
CA VAL D 254 -2.02 -44.73 -33.69
C VAL D 254 -0.91 -44.38 -34.68
N HIS D 255 -0.98 -43.19 -35.26
CA HIS D 255 0.09 -42.76 -36.16
C HIS D 255 1.45 -42.77 -35.45
N ARG D 256 1.51 -42.14 -34.28
CA ARG D 256 2.73 -42.13 -33.47
C ARG D 256 3.24 -43.53 -33.13
N GLN D 257 2.32 -44.39 -32.68
CA GLN D 257 2.68 -45.74 -32.25
C GLN D 257 3.24 -46.57 -33.42
N VAL D 258 2.59 -46.48 -34.57
CA VAL D 258 3.05 -47.19 -35.75
C VAL D 258 4.42 -46.64 -36.16
N ALA D 259 4.55 -45.31 -36.12
CA ALA D 259 5.80 -44.68 -36.53
C ALA D 259 6.95 -45.14 -35.64
N THR D 260 6.67 -45.42 -34.37
CA THR D 260 7.71 -45.82 -33.44
C THR D 260 7.99 -47.34 -33.56
N ALA D 261 6.92 -48.12 -33.72
CA ALA D 261 7.08 -49.57 -33.91
C ALA D 261 8.03 -49.86 -35.09
N ARG D 262 7.94 -49.06 -36.15
CA ARG D 262 8.85 -49.19 -37.29
C ARG D 262 10.33 -48.99 -36.90
N VAL D 263 10.60 -47.99 -36.06
CA VAL D 263 11.96 -47.74 -35.62
C VAL D 263 12.45 -48.86 -34.71
N LEU D 264 11.54 -49.41 -33.91
CA LEU D 264 11.91 -50.47 -33.00
C LEU D 264 12.26 -51.75 -33.78
N VAL D 265 11.52 -52.00 -34.86
CA VAL D 265 11.76 -53.17 -35.71
C VAL D 265 13.17 -53.07 -36.29
N GLU D 266 13.53 -51.88 -36.76
CA GLU D 266 14.88 -51.64 -37.25
C GLU D 266 15.95 -51.95 -36.19
N ARG D 267 15.74 -51.48 -34.97
CA ARG D 267 16.72 -51.77 -33.92
C ARG D 267 16.80 -53.27 -33.63
N LEU D 268 15.65 -53.94 -33.58
CA LEU D 268 15.61 -55.39 -33.31
C LEU D 268 16.37 -56.18 -34.35
N ARG D 269 16.15 -55.87 -35.63
CA ARG D 269 16.78 -56.60 -36.74
C ARG D 269 18.31 -56.59 -36.67
N ALA D 270 18.87 -55.57 -36.03
CA ALA D 270 20.32 -55.39 -36.00
C ALA D 270 20.94 -55.92 -34.70
N SER D 271 20.09 -56.38 -33.80
CA SER D 271 20.59 -56.85 -32.51
C SER D 271 21.01 -58.33 -32.56
N PRO D 272 22.26 -58.62 -32.18
CA PRO D 272 22.78 -60.00 -32.22
C PRO D 272 22.03 -60.95 -31.29
N VAL D 273 21.27 -60.44 -30.34
CA VAL D 273 20.53 -61.32 -29.44
C VAL D 273 19.05 -61.43 -29.82
N VAL D 274 18.74 -61.08 -31.06
CA VAL D 274 17.39 -61.19 -31.56
C VAL D 274 17.37 -62.20 -32.70
N GLY D 275 16.35 -63.06 -32.73
CA GLY D 275 16.19 -63.98 -33.84
C GLY D 275 15.10 -63.53 -34.80
N ALA D 276 14.06 -64.35 -34.96
CA ALA D 276 12.91 -63.97 -35.77
C ALA D 276 12.30 -62.67 -35.24
N VAL D 277 11.84 -61.84 -36.16
CA VAL D 277 11.18 -60.59 -35.82
C VAL D 277 9.85 -60.56 -36.57
N HIS D 278 8.75 -60.46 -35.82
CA HIS D 278 7.43 -60.46 -36.42
C HIS D 278 6.84 -59.06 -36.44
N TYR D 279 6.38 -58.65 -37.61
CA TYR D 279 5.74 -57.37 -37.80
C TYR D 279 5.05 -57.41 -39.17
N PRO D 280 3.74 -57.16 -39.19
CA PRO D 280 2.99 -57.20 -40.46
C PRO D 280 3.51 -56.23 -41.53
N GLY D 281 4.38 -55.29 -41.15
CA GLY D 281 4.98 -54.37 -42.10
C GLY D 281 6.15 -54.89 -42.90
N LEU D 282 6.77 -55.99 -42.46
CA LEU D 282 7.88 -56.56 -43.20
C LEU D 282 7.34 -57.29 -44.44
N PRO D 283 7.86 -56.97 -45.63
CA PRO D 283 7.50 -57.62 -46.89
C PRO D 283 7.42 -59.15 -46.81
N GLU D 284 8.46 -59.73 -46.25
CA GLU D 284 8.62 -61.16 -46.11
C GLU D 284 7.80 -61.72 -44.96
N HIS D 285 7.04 -60.85 -44.28
CA HIS D 285 6.05 -61.33 -43.33
C HIS D 285 5.22 -62.29 -44.15
N PRO D 286 4.88 -63.44 -43.55
CA PRO D 286 4.08 -64.52 -44.13
C PRO D 286 3.01 -64.00 -45.08
N GLN D 287 2.24 -62.99 -44.64
CA GLN D 287 1.17 -62.46 -45.46
C GLN D 287 1.14 -60.92 -45.61
N HIS D 288 2.29 -60.28 -45.84
CA HIS D 288 2.27 -58.83 -46.07
C HIS D 288 1.50 -58.48 -47.35
N ALA D 289 1.35 -59.44 -48.23
CA ALA D 289 0.49 -59.23 -49.39
C ALA D 289 -0.94 -58.86 -48.96
N VAL D 290 -1.52 -59.62 -48.05
CA VAL D 290 -2.83 -59.29 -47.52
C VAL D 290 -2.74 -58.02 -46.65
N VAL D 291 -1.67 -57.90 -45.86
CA VAL D 291 -1.49 -56.77 -44.96
C VAL D 291 -1.68 -55.47 -45.72
N LYS D 292 -1.03 -55.38 -46.86
CA LYS D 292 -1.03 -54.16 -47.66
C LYS D 292 -2.33 -54.00 -48.42
N ALA D 293 -3.20 -55.00 -48.39
CA ALA D 293 -4.45 -54.96 -49.15
C ALA D 293 -5.67 -54.57 -48.32
N GLN D 294 -5.61 -54.81 -47.01
CA GLN D 294 -6.78 -54.66 -46.15
C GLN D 294 -6.45 -53.92 -44.85
N MSE D 295 -5.17 -53.79 -44.55
CA MSE D 295 -4.74 -53.23 -43.29
C MSE D 295 -3.87 -51.95 -43.57
O MSE D 295 -2.77 -52.04 -44.10
CB MSE D 295 -4.07 -54.33 -42.46
CG MSE D 295 -4.69 -55.86 -42.54
SE MSE D 295 -4.60 -57.49 -41.22
CE MSE D 295 -4.73 -56.38 -39.64
N SER D 296 -4.40 -50.74 -43.30
CA SER D 296 -3.81 -49.50 -43.84
C SER D 296 -2.49 -48.98 -43.23
N ALA D 297 -2.07 -49.55 -42.12
CA ALA D 297 -0.70 -49.41 -41.63
C ALA D 297 -0.42 -50.56 -40.70
N PRO D 298 0.84 -51.03 -40.67
CA PRO D 298 1.05 -52.35 -40.08
C PRO D 298 0.93 -52.41 -38.56
N GLY D 299 0.55 -51.29 -37.93
CA GLY D 299 0.20 -51.31 -36.53
C GLY D 299 1.38 -51.07 -35.60
N ALA D 300 1.14 -51.29 -34.31
CA ALA D 300 2.05 -50.85 -33.27
C ALA D 300 2.45 -51.98 -32.34
N ILE D 301 2.24 -53.21 -32.83
CA ILE D 301 2.51 -54.39 -32.04
C ILE D 301 3.64 -55.14 -32.72
N VAL D 302 4.66 -55.50 -31.95
CA VAL D 302 5.84 -56.16 -32.51
C VAL D 302 6.19 -57.38 -31.65
N SER D 303 6.56 -58.48 -32.27
CA SER D 303 7.11 -59.62 -31.53
C SER D 303 8.46 -60.04 -32.07
N PHE D 304 9.25 -60.70 -31.22
CA PHE D 304 10.57 -61.21 -31.61
C PHE D 304 11.06 -62.31 -30.69
N ASP D 305 11.95 -63.15 -31.21
CA ASP D 305 12.61 -64.16 -30.40
C ASP D 305 13.84 -63.59 -29.73
N TYR D 306 13.88 -63.62 -28.41
CA TYR D 306 15.07 -63.22 -27.66
C TYR D 306 16.01 -64.41 -27.59
N LEU D 307 17.30 -64.20 -27.87
CA LEU D 307 18.25 -65.31 -27.96
C LEU D 307 19.23 -65.35 -26.80
N GLY D 308 19.22 -64.31 -25.97
CA GLY D 308 20.29 -64.12 -25.00
C GLY D 308 20.06 -64.82 -23.67
N GLY D 309 18.95 -65.55 -23.56
CA GLY D 309 18.66 -66.31 -22.37
C GLY D 309 17.16 -66.37 -22.08
N PRO D 310 16.80 -66.68 -20.84
CA PRO D 310 15.40 -66.69 -20.43
C PRO D 310 14.79 -65.29 -20.54
N ALA D 311 13.48 -65.22 -20.78
CA ALA D 311 12.81 -63.95 -20.99
C ALA D 311 12.94 -63.04 -19.77
N GLU D 312 12.91 -63.64 -18.58
CA GLU D 312 13.07 -62.91 -17.34
C GLU D 312 14.35 -62.04 -17.30
N ARG D 313 15.43 -62.54 -17.90
CA ARG D 313 16.67 -61.79 -18.01
C ARG D 313 16.40 -60.43 -18.67
N LEU D 314 15.72 -60.48 -19.82
CA LEU D 314 15.37 -59.28 -20.58
C LEU D 314 14.28 -58.42 -19.92
N LEU D 315 13.18 -59.03 -19.52
CA LEU D 315 12.03 -58.30 -18.99
C LEU D 315 12.37 -57.35 -17.86
N ASP D 316 13.33 -57.75 -17.03
CA ASP D 316 13.63 -57.00 -15.83
C ASP D 316 14.73 -55.94 -16.02
N ARG D 317 15.16 -55.74 -17.26
CA ARG D 317 16.12 -54.69 -17.60
C ARG D 317 15.49 -53.39 -18.13
N PHE D 318 14.24 -53.46 -18.60
CA PHE D 318 13.58 -52.28 -19.12
C PHE D 318 13.37 -51.26 -18.01
N THR D 319 13.49 -49.97 -18.34
CA THR D 319 13.14 -48.94 -17.36
C THR D 319 12.15 -47.93 -17.94
N LEU D 320 11.80 -48.08 -19.20
CA LEU D 320 10.73 -47.25 -19.77
C LEU D 320 9.54 -48.12 -20.13
N PHE D 321 9.79 -49.18 -20.90
CA PHE D 321 8.77 -50.19 -21.13
C PHE D 321 8.29 -50.75 -19.78
N THR D 322 6.98 -50.83 -19.60
CA THR D 322 6.40 -51.45 -18.41
C THR D 322 6.09 -52.91 -18.73
N CYS D 323 6.41 -53.82 -17.80
CA CYS D 323 6.04 -55.23 -18.01
C CYS D 323 4.68 -55.50 -17.39
N GLY D 324 3.68 -55.65 -18.26
CA GLY D 324 2.33 -55.96 -17.84
C GLY D 324 1.63 -56.65 -19.00
N VAL D 325 0.33 -56.91 -18.84
CA VAL D 325 -0.44 -57.47 -19.95
C VAL D 325 -1.49 -56.44 -20.34
N SER D 326 -1.40 -56.01 -21.58
CA SER D 326 -2.12 -54.87 -22.02
C SER D 326 -1.84 -54.62 -23.48
N LEU D 327 -2.62 -53.76 -24.16
CA LEU D 327 -2.13 -53.13 -25.40
C LEU D 327 -2.89 -51.86 -25.74
N GLY D 328 -2.31 -51.11 -26.67
CA GLY D 328 -2.99 -49.98 -27.28
C GLY D 328 -2.99 -48.67 -26.51
N GLY D 329 -2.42 -48.67 -25.31
CA GLY D 329 -2.43 -47.46 -24.52
C GLY D 329 -1.22 -46.54 -24.71
N VAL D 330 -1.26 -45.38 -24.06
CA VAL D 330 -0.19 -44.39 -24.20
C VAL D 330 1.14 -44.88 -23.63
N HIS D 331 1.09 -45.78 -22.65
CA HIS D 331 2.30 -46.33 -22.04
C HIS D 331 2.75 -47.58 -22.79
N SER D 332 3.94 -47.56 -23.39
CA SER D 332 4.52 -48.75 -23.99
C SER D 332 4.63 -49.88 -22.98
N LEU D 333 4.21 -51.08 -23.40
CA LEU D 333 4.30 -52.25 -22.55
C LEU D 333 5.07 -53.38 -23.18
N VAL D 334 5.61 -54.25 -22.34
CA VAL D 334 6.31 -55.40 -22.81
C VAL D 334 5.80 -56.62 -22.05
N GLU D 335 5.77 -57.76 -22.72
CA GLU D 335 5.45 -58.99 -22.03
C GLU D 335 6.06 -60.22 -22.68
N CYS D 336 5.95 -61.35 -21.98
CA CYS D 336 6.35 -62.62 -22.52
C CYS D 336 5.13 -63.52 -22.54
N PRO D 337 4.63 -63.84 -23.75
CA PRO D 337 3.48 -64.74 -23.89
C PRO D 337 3.58 -66.00 -23.05
N ALA D 338 4.61 -66.83 -23.25
CA ALA D 338 4.75 -68.11 -22.53
C ALA D 338 4.69 -67.97 -21.00
N LEU D 339 5.03 -66.80 -20.50
CA LEU D 339 5.04 -66.58 -19.05
C LEU D 339 3.86 -65.68 -18.63
N MSE D 340 3.07 -65.19 -19.59
CA MSE D 340 1.99 -64.27 -19.26
C MSE D 340 0.78 -64.20 -20.17
O MSE D 340 -0.31 -63.90 -19.70
CB MSE D 340 2.49 -62.85 -19.15
CG MSE D 340 2.33 -62.28 -17.78
SE MSE D 340 4.11 -61.83 -17.30
CE MSE D 340 4.70 -60.95 -18.95
N THR D 341 1.01 -64.35 -21.47
CA THR D 341 -0.07 -64.17 -22.44
C THR D 341 -0.63 -65.55 -22.68
N HIS D 342 0.27 -66.52 -22.71
CA HIS D 342 -0.09 -67.93 -22.54
C HIS D 342 0.66 -68.38 -21.31
N ARG D 343 -0.03 -68.91 -20.31
CA ARG D 343 0.66 -69.63 -19.22
C ARG D 343 -0.06 -70.94 -18.87
N PRO D 344 -1.40 -70.89 -18.69
CA PRO D 344 -2.09 -72.17 -18.49
C PRO D 344 -2.19 -72.86 -19.84
N LEU D 345 -2.37 -72.05 -20.88
CA LEU D 345 -2.30 -72.54 -22.25
C LEU D 345 -1.01 -73.31 -22.48
N SER D 346 -1.03 -74.57 -22.08
CA SER D 346 0.05 -75.56 -22.21
C SER D 346 1.26 -75.23 -23.10
N ALA D 347 2.43 -75.74 -22.72
CA ALA D 347 3.68 -75.42 -23.41
C ALA D 347 3.82 -76.25 -24.67
N GLU D 348 3.50 -77.54 -24.52
CA GLU D 348 3.35 -78.44 -25.65
C GLU D 348 2.45 -77.80 -26.69
N ALA D 349 1.41 -77.11 -26.24
CA ALA D 349 0.59 -76.36 -27.17
C ALA D 349 1.45 -75.38 -27.97
N ARG D 350 2.31 -74.61 -27.29
CA ARG D 350 3.29 -73.76 -27.98
C ARG D 350 4.21 -74.62 -28.86
N ALA D 351 4.27 -75.92 -28.60
CA ALA D 351 5.17 -76.76 -29.38
C ALA D 351 4.51 -77.24 -30.69
N ARG D 352 3.22 -76.99 -30.83
CA ARG D 352 2.47 -77.35 -32.05
C ARG D 352 1.95 -76.11 -32.76
N ARG D 353 2.05 -74.97 -32.09
CA ARG D 353 1.64 -73.69 -32.67
C ARG D 353 2.87 -72.87 -33.00
N GLY D 354 3.91 -73.01 -32.18
CA GLY D 354 5.10 -72.19 -32.32
C GLY D 354 5.53 -71.45 -31.04
N ILE D 355 5.12 -70.18 -30.96
CA ILE D 355 5.06 -69.39 -29.72
C ILE D 355 6.24 -69.49 -28.72
N GLY D 356 7.45 -69.18 -29.20
CA GLY D 356 8.67 -69.41 -28.45
C GLY D 356 8.65 -69.08 -26.96
N GLU D 357 9.42 -69.83 -26.19
CA GLU D 357 9.57 -69.58 -24.76
C GLU D 357 10.12 -68.19 -24.58
N SER D 358 11.07 -67.82 -25.43
CA SER D 358 11.63 -66.48 -25.38
C SER D 358 11.08 -65.55 -26.46
N LEU D 359 9.85 -65.78 -26.88
CA LEU D 359 9.18 -64.79 -27.71
C LEU D 359 8.75 -63.64 -26.81
N ILE D 360 9.02 -62.43 -27.26
CA ILE D 360 8.69 -61.21 -26.54
C ILE D 360 7.68 -60.37 -27.35
N ARG D 361 6.64 -59.89 -26.70
CA ARG D 361 5.70 -58.96 -27.35
C ARG D 361 5.81 -57.53 -26.81
N LEU D 362 5.89 -56.59 -27.73
CA LEU D 362 5.91 -55.17 -27.43
C LEU D 362 4.62 -54.50 -27.90
N SER D 363 4.02 -53.70 -27.04
CA SER D 363 2.93 -52.81 -27.42
C SER D 363 3.47 -51.42 -27.23
N VAL D 364 3.61 -50.68 -28.32
CA VAL D 364 4.29 -49.42 -28.23
C VAL D 364 3.31 -48.30 -27.99
N GLY D 365 3.64 -47.44 -27.03
CA GLY D 365 2.83 -46.29 -26.70
C GLY D 365 3.27 -45.06 -27.47
N ILE D 366 3.09 -43.89 -26.87
CA ILE D 366 3.37 -42.65 -27.56
C ILE D 366 4.56 -41.86 -27.01
N GLU D 367 5.39 -42.50 -26.19
CA GLU D 367 6.60 -41.86 -25.65
C GLU D 367 7.54 -41.48 -26.80
N ASP D 368 8.57 -40.68 -26.52
CA ASP D 368 9.51 -40.32 -27.57
C ASP D 368 10.20 -41.57 -28.12
N PRO D 369 10.24 -41.69 -29.46
CA PRO D 369 10.76 -42.92 -30.11
C PRO D 369 12.24 -43.17 -29.77
N GLN D 370 12.98 -42.13 -29.46
CA GLN D 370 14.39 -42.32 -29.16
C GLN D 370 14.57 -42.90 -27.76
N ASP D 371 13.73 -42.47 -26.82
CA ASP D 371 13.76 -43.02 -25.47
C ASP D 371 13.45 -44.53 -25.48
N LEU D 372 12.41 -44.91 -26.22
CA LEU D 372 12.01 -46.31 -26.29
C LEU D 372 13.08 -47.19 -26.96
N ALA D 373 13.67 -46.69 -28.05
CA ALA D 373 14.77 -47.40 -28.70
C ALA D 373 15.91 -47.64 -27.72
N GLU D 374 16.24 -46.61 -26.95
CA GLU D 374 17.28 -46.72 -25.92
C GLU D 374 16.95 -47.75 -24.84
N ASP D 375 15.71 -47.76 -24.35
CA ASP D 375 15.32 -48.73 -23.32
C ASP D 375 15.46 -50.14 -23.89
N LEU D 376 14.97 -50.30 -25.12
CA LEU D 376 15.07 -51.59 -25.81
C LEU D 376 16.53 -52.05 -25.98
N SER D 377 17.38 -51.17 -26.53
CA SER D 377 18.79 -51.56 -26.71
C SER D 377 19.52 -51.87 -25.40
N ARG D 378 19.25 -51.10 -24.36
CA ARG D 378 19.88 -51.36 -23.05
C ARG D 378 19.33 -52.65 -22.42
N ALA D 379 18.08 -53.00 -22.71
CA ALA D 379 17.56 -54.26 -22.23
C ALA D 379 18.30 -55.38 -22.98
N LEU D 380 18.35 -55.25 -24.30
CA LEU D 380 19.04 -56.23 -25.13
C LEU D 380 20.54 -56.30 -24.83
N ALA D 381 21.09 -55.24 -24.24
CA ALA D 381 22.51 -55.23 -23.90
C ALA D 381 22.75 -55.72 -22.48
N GLY D 382 22.88 -54.78 -21.54
CA GLY D 382 22.97 -55.06 -20.11
C GLY D 382 23.71 -56.32 -19.65
N GLY E 6 -18.03 43.97 14.90
CA GLY E 6 -16.81 43.44 15.51
C GLY E 6 -15.55 43.62 14.67
N MSE E 7 -15.03 42.51 14.18
CA MSE E 7 -13.90 42.53 13.26
C MSE E 7 -14.33 42.00 11.88
O MSE E 7 -14.86 40.90 11.78
CB MSE E 7 -12.73 41.74 13.87
CG MSE E 7 -11.92 42.66 14.88
SE MSE E 7 -10.81 41.88 16.51
CE MSE E 7 -9.61 43.37 16.69
N ARG E 8 -14.16 42.83 10.84
CA ARG E 8 -14.45 42.44 9.45
C ARG E 8 -13.13 42.07 8.76
N PHE E 9 -13.18 41.69 7.47
CA PHE E 9 -12.03 41.11 6.82
C PHE E 9 -10.67 41.83 7.03
N GLY E 10 -10.49 42.99 6.41
CA GLY E 10 -9.27 43.78 6.57
C GLY E 10 -8.87 44.11 7.99
N THR E 11 -9.85 44.14 8.90
CA THR E 11 -9.54 44.31 10.31
C THR E 11 -8.91 43.03 10.88
N ARG E 12 -9.40 41.87 10.45
CA ARG E 12 -8.82 40.59 10.89
C ARG E 12 -7.39 40.42 10.33
N LEU E 13 -7.11 41.02 9.18
CA LEU E 13 -5.75 41.04 8.63
C LEU E 13 -4.77 41.77 9.56
N VAL E 14 -5.26 42.79 10.24
CA VAL E 14 -4.42 43.57 11.13
C VAL E 14 -4.44 42.97 12.52
N HIS E 15 -5.58 42.44 12.95
CA HIS E 15 -5.68 42.02 14.33
C HIS E 15 -5.96 40.54 14.58
N GLY E 16 -6.00 39.75 13.51
CA GLY E 16 -6.08 38.30 13.68
C GLY E 16 -4.95 37.82 14.59
N GLY E 17 -5.28 36.98 15.56
CA GLY E 17 -4.30 36.43 16.48
C GLY E 17 -3.49 37.51 17.20
N ARG E 18 -4.06 38.69 17.42
CA ARG E 18 -3.30 39.80 18.04
C ARG E 18 -3.71 40.15 19.47
N ARG E 19 -2.89 39.68 20.38
CA ARG E 19 -3.22 39.68 21.80
C ARG E 19 -2.08 40.27 22.57
N PRO E 20 -2.35 41.33 23.39
CA PRO E 20 -1.17 41.89 24.04
C PRO E 20 -0.51 40.94 25.03
N SER E 21 0.74 41.23 25.33
CA SER E 21 1.52 40.45 26.25
C SER E 21 1.22 41.03 27.62
N ALA E 22 0.67 40.20 28.50
CA ALA E 22 0.44 40.64 29.88
C ALA E 22 1.72 41.31 30.43
N GLY E 23 1.53 42.30 31.28
CA GLY E 23 2.69 42.95 31.87
C GLY E 23 3.18 44.15 31.10
N THR E 24 3.39 44.01 29.79
CA THR E 24 4.02 45.08 28.99
C THR E 24 3.09 45.79 27.99
N GLY E 25 2.19 45.04 27.35
CA GLY E 25 1.18 45.65 26.50
C GLY E 25 1.58 45.91 25.05
N ASP E 26 2.61 45.20 24.57
CA ASP E 26 3.05 45.25 23.18
C ASP E 26 1.87 45.21 22.21
N VAL E 27 1.81 46.17 21.29
CA VAL E 27 0.80 46.15 20.25
C VAL E 27 1.12 45.06 19.23
N VAL E 28 2.35 45.09 18.69
CA VAL E 28 2.86 44.00 17.89
C VAL E 28 3.40 42.90 18.84
N PRO E 29 2.83 41.69 18.75
CA PRO E 29 3.30 40.64 19.67
C PRO E 29 4.79 40.36 19.48
N PRO E 30 5.49 40.03 20.57
CA PRO E 30 6.93 39.82 20.48
C PRO E 30 7.24 38.51 19.74
N ILE E 31 8.45 38.39 19.21
CA ILE E 31 8.81 37.21 18.43
C ILE E 31 9.35 36.11 19.35
N HIS E 32 8.59 35.03 19.46
CA HIS E 32 8.98 33.91 20.32
C HIS E 32 9.96 33.00 19.59
N VAL E 33 11.24 33.15 19.90
CA VAL E 33 12.29 32.32 19.28
C VAL E 33 12.67 31.10 20.12
N SER E 34 12.34 31.12 21.41
CA SER E 34 12.79 30.04 22.30
C SER E 34 12.29 28.67 21.82
N THR E 35 13.15 27.66 21.91
CA THR E 35 12.76 26.29 21.58
C THR E 35 12.49 25.54 22.86
N THR E 36 12.96 26.09 23.97
CA THR E 36 12.91 25.40 25.24
C THR E 36 12.04 26.24 26.16
N TYR E 37 11.12 25.57 26.85
CA TYR E 37 10.18 26.27 27.71
C TYR E 37 10.26 25.75 29.11
N GLU E 38 10.66 26.64 30.02
CA GLU E 38 10.65 26.34 31.44
C GLU E 38 9.24 25.87 31.77
N ARG E 39 9.13 24.61 32.17
CA ARG E 39 7.81 24.07 32.48
C ARG E 39 7.14 24.85 33.60
N ARG E 40 7.94 25.35 34.55
CA ARG E 40 7.40 25.91 35.79
C ARG E 40 6.82 27.31 35.72
N ALA E 41 6.96 28.03 34.59
CA ALA E 41 6.51 29.42 34.52
C ALA E 41 5.07 29.58 34.02
N GLN E 42 4.64 28.60 33.23
CA GLN E 42 3.29 28.59 32.74
C GLN E 42 2.45 28.11 33.89
N ASP E 43 1.18 28.47 33.90
CA ASP E 43 0.28 27.86 34.87
C ASP E 43 0.29 26.37 34.54
N GLU E 44 -0.56 25.95 33.60
CA GLU E 44 -0.54 24.58 33.09
C GLU E 44 0.44 24.51 31.93
N PRO E 45 1.65 23.97 32.17
CA PRO E 45 2.74 24.02 31.18
C PRO E 45 2.33 23.63 29.73
N ARG E 46 1.53 24.46 29.07
CA ARG E 46 1.09 24.23 27.70
C ARG E 46 2.28 24.00 26.76
N TYR E 47 3.22 24.94 26.81
CA TYR E 47 4.34 24.97 25.88
C TYR E 47 5.48 24.08 26.34
N PHE E 48 5.88 23.15 25.46
CA PHE E 48 6.84 22.09 25.77
C PHE E 48 8.14 22.34 25.05
N TYR E 49 8.03 22.40 23.73
CA TYR E 49 9.16 22.30 22.83
C TYR E 49 8.76 22.95 21.51
N GLY E 50 9.70 23.67 20.90
CA GLY E 50 9.41 24.48 19.73
C GLY E 50 8.79 23.81 18.50
N ARG E 51 9.04 22.52 18.31
CA ARG E 51 8.40 21.78 17.21
C ARG E 51 6.91 21.50 17.46
N GLY E 52 6.54 21.29 18.72
CA GLY E 52 5.15 21.07 19.06
C GLY E 52 4.37 22.37 19.23
N GLU E 53 4.94 23.34 19.95
CA GLU E 53 4.22 24.56 20.29
C GLU E 53 5.07 25.80 20.09
N ASN E 54 4.47 26.88 19.56
CA ASN E 54 5.12 28.18 19.52
C ASN E 54 4.07 29.27 19.45
N PRO E 55 4.13 30.25 20.36
CA PRO E 55 3.08 31.29 20.35
C PRO E 55 3.04 32.12 19.06
N THR E 56 4.20 32.46 18.49
CA THR E 56 4.23 33.27 17.27
C THR E 56 3.62 32.48 16.11
N ARG E 57 3.88 31.17 16.12
CA ARG E 57 3.29 30.28 15.12
C ARG E 57 1.76 30.21 15.27
N GLU E 58 1.30 30.07 16.52
CA GLU E 58 -0.13 30.05 16.83
C GLU E 58 -0.84 31.33 16.38
N GLU E 59 -0.19 32.47 16.61
CA GLU E 59 -0.78 33.77 16.24
C GLU E 59 -1.01 33.82 14.74
N LEU E 60 -0.02 33.39 13.97
CA LEU E 60 -0.13 33.41 12.50
C LEU E 60 -1.29 32.51 12.04
N GLU E 61 -1.38 31.32 12.61
CA GLU E 61 -2.48 30.39 12.33
C GLU E 61 -3.83 30.95 12.75
N GLU E 62 -3.86 31.66 13.88
CA GLU E 62 -5.11 32.27 14.35
C GLU E 62 -5.57 33.28 13.30
N CYS E 63 -4.64 34.10 12.81
CA CYS E 63 -4.95 35.08 11.77
C CYS E 63 -5.50 34.41 10.51
N LEU E 64 -4.77 33.44 9.98
CA LEU E 64 -5.15 32.77 8.72
C LEU E 64 -6.49 32.04 8.80
N ALA E 65 -6.73 31.34 9.90
CA ALA E 65 -8.04 30.77 10.15
C ALA E 65 -9.10 31.87 10.08
N GLY E 66 -8.77 33.02 10.66
CA GLY E 66 -9.68 34.17 10.68
C GLY E 66 -10.19 34.67 9.33
N LEU E 67 -9.33 34.59 8.31
CA LEU E 67 -9.71 35.09 6.99
C LEU E 67 -10.81 34.26 6.34
N GLU E 68 -11.08 33.09 6.91
CA GLU E 68 -12.04 32.16 6.33
C GLU E 68 -13.14 31.78 7.33
N ARG E 69 -13.17 32.46 8.47
CA ARG E 69 -14.11 32.14 9.55
C ARG E 69 -14.04 30.66 9.95
N ALA E 70 -12.82 30.11 9.97
CA ALA E 70 -12.59 28.69 10.21
C ALA E 70 -12.01 28.50 11.60
N PRO E 71 -12.31 27.37 12.23
CA PRO E 71 -11.79 27.09 13.57
C PRO E 71 -10.31 26.74 13.61
N PHE E 72 -9.74 26.22 12.51
CA PHE E 72 -8.37 25.70 12.57
C PHE E 72 -7.49 26.15 11.41
N ALA E 73 -6.21 26.33 11.71
CA ALA E 73 -5.20 26.50 10.68
C ALA E 73 -3.86 25.98 11.21
N THR E 74 -3.05 25.49 10.28
CA THR E 74 -1.73 24.98 10.59
C THR E 74 -0.78 25.50 9.53
N VAL E 75 0.33 26.09 9.96
CA VAL E 75 1.36 26.55 9.02
C VAL E 75 2.57 25.62 8.90
N PHE E 76 3.26 25.75 7.77
CA PHE E 76 4.31 24.82 7.38
C PHE E 76 5.53 25.56 6.80
N SER E 77 6.64 24.84 6.65
CA SER E 77 7.89 25.40 6.13
C SER E 77 7.86 25.72 4.63
N SER E 78 6.73 25.44 3.99
CA SER E 78 6.53 25.79 2.57
C SER E 78 5.15 25.34 2.15
N GLY E 79 4.70 25.86 1.01
CA GLY E 79 3.49 25.35 0.38
C GLY E 79 3.60 23.84 0.12
N GLN E 80 4.75 23.38 -0.36
CA GLN E 80 4.95 21.95 -0.62
C GLN E 80 4.70 21.10 0.63
N ALA E 81 5.21 21.57 1.78
CA ALA E 81 5.08 20.85 3.03
C ALA E 81 3.61 20.78 3.47
N ALA E 82 2.87 21.86 3.26
CA ALA E 82 1.43 21.88 3.52
C ALA E 82 0.75 20.83 2.64
N ALA E 83 1.09 20.82 1.37
CA ALA E 83 0.52 19.85 0.45
C ALA E 83 0.95 18.42 0.80
N ALA E 84 2.21 18.25 1.20
CA ALA E 84 2.72 16.92 1.51
C ALA E 84 1.95 16.29 2.68
N THR E 85 1.62 17.12 3.67
CA THR E 85 0.93 16.66 4.87
C THR E 85 -0.48 16.16 4.54
N LEU E 86 -1.15 16.84 3.62
CA LEU E 86 -2.49 16.41 3.22
C LEU E 86 -2.45 15.07 2.47
N LEU E 87 -1.49 14.89 1.57
CA LEU E 87 -1.31 13.62 0.88
C LEU E 87 -1.03 12.47 1.82
N SER E 88 -0.29 12.75 2.89
CA SER E 88 0.12 11.72 3.83
C SER E 88 -1.08 11.04 4.49
N LEU E 89 -2.21 11.74 4.53
CA LEU E 89 -3.41 11.19 5.15
C LEU E 89 -4.14 10.21 4.24
N VAL E 90 -3.76 10.18 2.96
CA VAL E 90 -4.32 9.22 2.03
C VAL E 90 -3.54 7.91 2.12
N ARG E 91 -4.25 6.79 2.06
CA ARG E 91 -3.65 5.47 2.23
C ARG E 91 -3.34 4.81 0.88
N PRO E 92 -2.40 3.84 0.88
CA PRO E 92 -2.19 3.06 -0.33
C PRO E 92 -3.51 2.39 -0.68
N GLY E 93 -3.86 2.33 -1.96
CA GLY E 93 -5.11 1.71 -2.32
C GLY E 93 -6.29 2.67 -2.32
N GLN E 94 -6.05 3.94 -2.03
CA GLN E 94 -7.06 4.98 -2.16
C GLN E 94 -6.77 5.82 -3.40
N CYS E 95 -7.61 6.82 -3.66
CA CYS E 95 -7.47 7.60 -4.89
C CYS E 95 -7.47 9.12 -4.67
N VAL E 96 -6.70 9.80 -5.51
CA VAL E 96 -6.68 11.25 -5.57
C VAL E 96 -7.06 11.65 -6.99
N VAL E 97 -8.05 12.54 -7.10
CA VAL E 97 -8.41 13.13 -8.37
C VAL E 97 -8.01 14.61 -8.37
N SER E 98 -7.41 15.04 -9.47
CA SER E 98 -6.92 16.40 -9.64
C SER E 98 -7.01 16.60 -11.15
N THR E 99 -6.62 17.78 -11.66
CA THR E 99 -6.76 17.99 -13.10
C THR E 99 -5.58 17.54 -13.97
N ASP E 100 -4.94 18.45 -14.71
CA ASP E 100 -4.01 18.02 -15.74
C ASP E 100 -2.64 18.60 -15.43
N ASP E 101 -2.73 19.75 -14.80
CA ASP E 101 -1.88 20.84 -15.14
C ASP E 101 -1.69 21.63 -13.86
N VAL E 102 -2.00 20.96 -12.76
CA VAL E 102 -1.77 21.51 -11.43
C VAL E 102 -0.28 21.78 -11.32
N TYR E 103 0.08 22.69 -10.44
CA TYR E 103 1.48 22.98 -10.14
C TYR E 103 2.32 21.71 -10.08
N ALA E 104 3.51 21.76 -10.66
CA ALA E 104 4.36 20.59 -10.78
C ALA E 104 4.81 20.06 -9.43
N GLY E 105 4.95 20.96 -8.46
CA GLY E 105 5.28 20.55 -7.11
C GLY E 105 4.22 19.59 -6.57
N THR E 106 2.98 19.85 -6.97
CA THR E 106 1.89 18.95 -6.61
C THR E 106 2.06 17.65 -7.38
N ASP E 107 2.44 17.76 -8.65
CA ASP E 107 2.70 16.58 -9.46
C ASP E 107 3.79 15.72 -8.82
N GLY E 108 4.84 16.38 -8.33
CA GLY E 108 5.94 15.71 -7.63
C GLY E 108 5.47 14.94 -6.43
N LEU E 109 4.59 15.56 -5.64
CA LEU E 109 4.04 14.91 -4.46
C LEU E 109 3.10 13.75 -4.77
N PHE E 110 2.26 13.91 -5.78
CA PHE E 110 1.34 12.85 -6.17
C PHE E 110 2.14 11.63 -6.60
N ASP E 111 3.29 11.86 -7.21
CA ASP E 111 4.16 10.75 -7.62
C ASP E 111 4.67 9.92 -6.44
N LEU E 112 5.08 10.59 -5.37
CA LEU E 112 5.65 9.88 -4.23
C LEU E 112 4.59 9.06 -3.53
N ALA E 113 3.41 9.66 -3.40
CA ALA E 113 2.25 8.93 -2.91
C ALA E 113 2.01 7.67 -3.75
N ALA E 114 2.16 7.79 -5.07
CA ALA E 114 1.98 6.65 -5.98
C ALA E 114 3.02 5.55 -5.73
N ARG E 115 4.29 5.94 -5.62
CA ARG E 115 5.37 4.98 -5.35
C ARG E 115 5.10 4.23 -4.05
N GLN E 116 4.15 4.76 -3.28
CA GLN E 116 3.63 4.05 -2.12
C GLN E 116 2.29 3.34 -2.41
N GLY E 117 1.77 3.48 -3.62
CA GLY E 117 0.52 2.83 -3.97
C GLY E 117 -0.74 3.68 -3.93
N VAL E 118 -0.63 4.97 -3.63
CA VAL E 118 -1.80 5.84 -3.73
C VAL E 118 -2.20 5.91 -5.20
N ARG E 119 -3.48 5.71 -5.49
CA ARG E 119 -3.97 5.83 -6.85
C ARG E 119 -4.19 7.29 -7.20
N VAL E 120 -3.36 7.84 -8.07
CA VAL E 120 -3.54 9.22 -8.47
C VAL E 120 -4.25 9.24 -9.81
N ARG E 121 -5.29 10.05 -9.92
CA ARG E 121 -5.98 10.19 -11.20
C ARG E 121 -6.08 11.66 -11.58
N TYR E 122 -5.88 11.91 -12.86
CA TYR E 122 -6.01 13.26 -13.41
C TYR E 122 -7.33 13.33 -14.17
N ALA E 123 -7.97 14.50 -14.19
CA ALA E 123 -9.29 14.61 -14.81
C ALA E 123 -9.62 16.03 -15.28
N ASP E 124 -10.68 16.14 -16.08
CA ASP E 124 -11.17 17.45 -16.53
C ASP E 124 -12.38 17.85 -15.71
N LEU E 125 -12.17 18.70 -14.71
CA LEU E 125 -13.21 19.07 -13.75
C LEU E 125 -13.92 20.36 -14.14
N THR E 126 -13.95 20.65 -15.43
CA THR E 126 -14.63 21.83 -15.93
C THR E 126 -15.90 21.42 -16.69
N THR E 127 -16.04 20.13 -17.00
CA THR E 127 -17.21 19.63 -17.73
C THR E 127 -17.79 18.35 -17.10
N PRO E 128 -19.10 18.34 -16.83
CA PRO E 128 -19.79 17.37 -15.95
C PRO E 128 -19.48 15.89 -16.21
N GLU E 129 -18.78 15.60 -17.32
CA GLU E 129 -18.41 14.25 -17.66
C GLU E 129 -17.03 13.86 -17.08
N GLY E 130 -16.15 14.84 -16.94
CA GLY E 130 -14.87 14.62 -16.29
C GLY E 130 -14.99 14.74 -14.78
N ILE E 131 -16.13 15.25 -14.32
CA ILE E 131 -16.41 15.31 -12.90
C ILE E 131 -17.10 14.02 -12.44
N ALA E 132 -18.15 13.63 -13.15
CA ALA E 132 -18.93 12.45 -12.76
C ALA E 132 -18.17 11.14 -12.86
N ALA E 133 -17.26 11.08 -13.83
CA ALA E 133 -16.53 9.84 -14.10
C ALA E 133 -15.50 9.58 -13.01
N ALA E 134 -14.48 10.42 -12.98
CA ALA E 134 -13.41 10.28 -11.98
C ALA E 134 -13.92 10.27 -10.54
N LEU E 135 -15.19 10.68 -10.36
CA LEU E 135 -15.81 10.64 -9.05
C LEU E 135 -16.72 9.43 -8.90
N ALA E 136 -16.58 8.46 -9.81
CA ALA E 136 -17.23 7.18 -9.67
C ALA E 136 -16.19 6.10 -9.32
N GLU E 137 -14.92 6.48 -9.41
CA GLU E 137 -13.83 5.57 -9.07
C GLU E 137 -13.83 5.21 -7.57
N PRO E 138 -13.70 3.90 -7.26
CA PRO E 138 -13.80 3.43 -5.87
C PRO E 138 -12.70 3.96 -4.97
N ASP E 139 -13.01 4.05 -3.68
CA ASP E 139 -12.05 4.51 -2.69
C ASP E 139 -11.51 5.91 -2.99
N LEU E 140 -12.33 6.71 -3.67
CA LEU E 140 -12.00 8.11 -3.88
C LEU E 140 -11.87 8.79 -2.53
N ALA E 141 -10.66 9.15 -2.15
CA ALA E 141 -10.44 9.68 -0.81
C ALA E 141 -10.20 11.19 -0.80
N LEU E 142 -9.76 11.74 -1.93
CA LEU E 142 -9.36 13.14 -1.96
C LEU E 142 -9.50 13.75 -3.35
N VAL E 143 -10.20 14.89 -3.42
CA VAL E 143 -10.34 15.63 -4.67
C VAL E 143 -9.58 16.93 -4.53
N TRP E 144 -8.63 17.16 -5.43
CA TRP E 144 -7.65 18.24 -5.30
C TRP E 144 -7.87 19.29 -6.38
N ILE E 145 -8.34 20.47 -6.00
CA ILE E 145 -8.74 21.52 -6.94
C ILE E 145 -7.80 22.73 -6.95
N GLU E 146 -7.03 22.92 -8.01
CA GLU E 146 -6.25 24.14 -8.14
C GLU E 146 -7.01 25.05 -9.11
N THR E 147 -7.61 26.12 -8.57
CA THR E 147 -8.43 27.02 -9.37
C THR E 147 -8.27 28.48 -8.92
N PRO E 148 -7.91 29.38 -9.85
CA PRO E 148 -7.57 29.13 -11.26
C PRO E 148 -6.35 28.25 -11.43
N THR E 149 -6.19 27.69 -12.62
CA THR E 149 -5.10 26.78 -12.90
C THR E 149 -3.89 27.45 -13.56
N ASN E 150 -2.85 26.65 -13.75
CA ASN E 150 -1.75 27.02 -14.63
C ASN E 150 -1.80 26.42 -16.06
N PRO E 151 -0.98 27.01 -16.95
CA PRO E 151 -0.62 28.41 -16.75
C PRO E 151 -1.70 29.22 -17.48
N LEU E 152 -2.79 28.52 -17.79
CA LEU E 152 -3.85 28.98 -18.68
C LEU E 152 -5.01 29.69 -17.96
N LEU E 153 -4.99 29.69 -16.64
CA LEU E 153 -5.94 30.46 -15.83
C LEU E 153 -7.40 30.09 -16.07
N THR E 154 -7.65 28.81 -16.34
CA THR E 154 -9.02 28.33 -16.39
C THR E 154 -9.56 28.30 -14.96
N VAL E 155 -10.77 27.79 -14.78
CA VAL E 155 -11.44 27.84 -13.49
C VAL E 155 -12.33 26.60 -13.30
N VAL E 156 -12.29 26.01 -12.10
CA VAL E 156 -13.14 24.86 -11.74
C VAL E 156 -14.16 25.27 -10.66
N ASP E 157 -15.41 24.85 -10.86
CA ASP E 157 -16.52 25.20 -9.99
C ASP E 157 -16.42 24.49 -8.65
N VAL E 158 -15.97 25.23 -7.63
CA VAL E 158 -15.72 24.65 -6.31
C VAL E 158 -16.98 24.05 -5.69
N ALA E 159 -18.08 24.79 -5.72
CA ALA E 159 -19.31 24.35 -5.08
C ALA E 159 -19.81 23.05 -5.70
N GLU E 160 -19.86 23.02 -7.03
CA GLU E 160 -20.38 21.85 -7.74
C GLU E 160 -19.49 20.64 -7.52
N VAL E 161 -18.18 20.84 -7.57
CA VAL E 161 -17.26 19.73 -7.34
C VAL E 161 -17.40 19.18 -5.91
N SER E 162 -17.53 20.07 -4.94
CA SER E 162 -17.64 19.67 -3.55
C SER E 162 -18.93 18.91 -3.26
N ARG E 163 -20.05 19.44 -3.74
CA ARG E 163 -21.33 18.76 -3.64
C ARG E 163 -21.26 17.40 -4.34
N ARG E 164 -20.43 17.34 -5.38
CA ARG E 164 -20.25 16.12 -6.18
C ARG E 164 -19.36 15.11 -5.46
N ALA E 165 -18.36 15.60 -4.74
CA ALA E 165 -17.39 14.73 -4.10
C ALA E 165 -17.87 14.29 -2.72
N HIS E 166 -18.74 15.07 -2.09
CA HIS E 166 -19.21 14.74 -0.75
C HIS E 166 -20.30 13.66 -0.74
N GLU E 167 -21.02 13.55 -1.85
CA GLU E 167 -21.91 12.40 -2.06
C GLU E 167 -21.13 11.08 -2.01
N ARG E 168 -19.85 11.15 -2.33
CA ARG E 168 -18.96 9.99 -2.28
C ARG E 168 -18.20 9.84 -0.95
N GLY E 169 -18.25 10.87 -0.11
CA GLY E 169 -17.56 10.83 1.17
C GLY E 169 -16.10 11.25 1.10
N ALA E 170 -15.72 11.83 -0.03
CA ALA E 170 -14.34 12.26 -0.25
C ALA E 170 -14.03 13.56 0.46
N ARG E 171 -12.74 13.85 0.61
CA ARG E 171 -12.30 15.14 1.10
C ARG E 171 -12.00 16.02 -0.10
N VAL E 172 -12.31 17.32 0.01
CA VAL E 172 -12.05 18.27 -1.05
C VAL E 172 -11.14 19.39 -0.55
N VAL E 173 -9.99 19.52 -1.20
CA VAL E 173 -9.06 20.59 -0.92
C VAL E 173 -9.00 21.52 -2.13
N VAL E 174 -8.81 22.81 -1.85
CA VAL E 174 -8.56 23.77 -2.91
C VAL E 174 -7.21 24.45 -2.69
N ASP E 175 -6.32 24.35 -3.66
CA ASP E 175 -5.08 25.12 -3.65
C ASP E 175 -5.47 26.53 -4.10
N ASN E 176 -5.58 27.42 -3.11
CA ASN E 176 -6.10 28.76 -3.29
C ASN E 176 -4.99 29.81 -3.26
N THR E 177 -3.76 29.37 -3.53
CA THR E 177 -2.60 30.25 -3.46
C THR E 177 -2.75 31.46 -4.42
N PHE E 178 -3.26 31.16 -5.61
CA PHE E 178 -3.50 32.15 -6.68
C PHE E 178 -4.37 33.33 -6.26
N ALA E 179 -5.56 33.04 -5.74
CA ALA E 179 -6.51 34.10 -5.44
C ALA E 179 -6.25 34.74 -4.09
N SER E 180 -5.72 33.92 -3.16
CA SER E 180 -5.67 34.27 -1.73
C SER E 180 -7.09 34.35 -1.14
N PRO E 181 -7.20 34.32 0.20
CA PRO E 181 -8.53 34.49 0.82
C PRO E 181 -9.18 35.85 0.59
N VAL E 182 -8.48 36.79 -0.06
CA VAL E 182 -9.10 38.03 -0.50
C VAL E 182 -10.18 37.78 -1.54
N LEU E 183 -9.87 36.94 -2.53
CA LEU E 183 -10.69 36.82 -3.74
C LEU E 183 -11.55 35.57 -3.78
N GLN E 184 -11.17 34.55 -3.02
CA GLN E 184 -11.83 33.27 -3.12
C GLN E 184 -11.84 32.58 -1.77
N GLN E 185 -12.95 31.97 -1.43
CA GLN E 185 -13.16 31.42 -0.10
C GLN E 185 -13.60 29.96 -0.21
N PRO E 186 -12.64 29.06 -0.43
CA PRO E 186 -12.95 27.64 -0.67
C PRO E 186 -13.87 27.00 0.38
N LEU E 187 -13.70 27.34 1.65
CA LEU E 187 -14.56 26.74 2.68
C LEU E 187 -16.01 27.19 2.58
N ALA E 188 -16.23 28.45 2.22
CA ALA E 188 -17.59 28.94 1.98
C ALA E 188 -18.17 28.29 0.73
N LEU E 189 -17.29 27.86 -0.17
CA LEU E 189 -17.72 27.23 -1.41
C LEU E 189 -17.85 25.69 -1.25
N GLY E 190 -17.88 25.21 -0.01
CA GLY E 190 -18.19 23.81 0.25
C GLY E 190 -17.02 22.85 0.37
N ALA E 191 -15.81 23.33 0.12
CA ALA E 191 -14.60 22.50 0.26
C ALA E 191 -14.27 22.25 1.73
N ASP E 192 -13.44 21.24 1.99
CA ASP E 192 -13.07 20.91 3.36
C ASP E 192 -11.82 21.64 3.81
N VAL E 193 -10.94 21.97 2.87
CA VAL E 193 -9.60 22.45 3.20
C VAL E 193 -9.15 23.54 2.24
N SER E 194 -8.53 24.58 2.77
CA SER E 194 -7.82 25.57 1.94
C SER E 194 -6.32 25.42 2.09
N LEU E 195 -5.67 25.11 0.99
CA LEU E 195 -4.21 24.98 0.96
C LEU E 195 -3.58 26.21 0.32
N TYR E 196 -2.50 26.70 0.94
CA TYR E 196 -1.74 27.84 0.44
C TYR E 196 -0.24 27.61 0.51
N SER E 197 0.45 28.07 -0.52
CA SER E 197 1.82 28.52 -0.34
C SER E 197 1.72 29.96 0.14
N THR E 198 2.10 30.21 1.39
CA THR E 198 2.16 31.58 1.87
C THR E 198 3.40 32.31 1.35
N THR E 199 4.26 31.61 0.61
CA THR E 199 5.40 32.22 -0.07
C THR E 199 4.97 33.27 -1.10
N1 LLP E 200 0.87 25.63 -5.10
C2 LLP E 200 0.82 26.79 -5.76
C2' LLP E 200 -0.49 27.23 -6.50
C3 LLP E 200 1.97 27.63 -5.78
O3 LLP E 200 1.92 28.85 -6.47
C4 LLP E 200 3.12 27.25 -5.13
C4' LLP E 200 4.45 28.19 -5.13
C5 LLP E 200 3.16 26.04 -4.46
C6 LLP E 200 2.03 25.24 -4.45
C5' LLP E 200 4.44 25.56 -3.72
OP4 LLP E 200 4.63 26.33 -2.55
P LLP E 200 6.06 26.58 -2.00
OP1 LLP E 200 5.91 27.65 -0.91
OP2 LLP E 200 6.60 25.33 -1.42
OP3 LLP E 200 6.98 27.04 -3.09
N LLP E 200 3.71 33.18 -1.55
CA LLP E 200 3.18 34.02 -2.64
CB LLP E 200 2.29 33.18 -3.52
CG LLP E 200 2.95 31.81 -3.81
CD LLP E 200 4.20 31.88 -4.69
CE LLP E 200 4.94 30.51 -4.75
NZ LLP E 200 4.20 29.53 -5.56
C LLP E 200 2.52 35.30 -2.13
O LLP E 200 3.20 36.09 -1.49
N SER E 201 1.24 35.54 -2.42
CA SER E 201 0.64 36.83 -2.08
C SER E 201 0.37 37.02 -0.58
N ILE E 202 0.25 35.92 0.17
CA ILE E 202 -0.02 36.06 1.61
C ILE E 202 1.12 36.83 2.33
N ALA E 203 2.34 36.30 2.29
CA ALA E 203 3.49 37.04 2.81
C ALA E 203 3.76 38.26 1.91
N GLY E 204 3.90 38.03 0.61
CA GLY E 204 3.77 39.09 -0.37
C GLY E 204 5.01 39.94 -0.62
N HIS E 205 6.10 39.63 0.07
CA HIS E 205 7.34 40.42 -0.05
C HIS E 205 8.55 39.59 -0.46
N ALA E 206 8.29 38.44 -1.10
CA ALA E 206 9.29 37.61 -1.76
C ALA E 206 10.52 37.40 -0.88
N ASP E 207 10.29 37.22 0.42
CA ASP E 207 11.38 37.13 1.37
C ASP E 207 11.17 36.06 2.44
N VAL E 208 10.29 35.10 2.18
CA VAL E 208 10.07 34.00 3.13
C VAL E 208 9.27 32.85 2.53
N LEU E 209 9.76 31.63 2.74
CA LEU E 209 9.03 30.42 2.33
C LEU E 209 8.09 30.02 3.46
N GLY E 210 6.88 29.61 3.10
CA GLY E 210 5.93 29.11 4.10
C GLY E 210 4.66 28.59 3.45
N GLY E 211 3.96 27.69 4.15
CA GLY E 211 2.68 27.20 3.69
C GLY E 211 1.63 27.19 4.79
N ALA E 212 0.38 26.89 4.42
CA ALA E 212 -0.72 26.82 5.37
C ALA E 212 -1.84 25.89 4.90
N LEU E 213 -2.53 25.30 5.88
CA LEU E 213 -3.80 24.64 5.67
C LEU E 213 -4.82 25.29 6.60
N VAL E 214 -6.01 25.59 6.07
CA VAL E 214 -7.13 26.08 6.87
C VAL E 214 -8.37 25.18 6.63
N TYR E 215 -8.99 24.73 7.71
CA TYR E 215 -10.04 23.70 7.61
C TYR E 215 -10.89 23.75 8.88
N ARG E 216 -11.89 22.87 8.98
CA ARG E 216 -12.80 22.90 10.12
C ARG E 216 -12.99 21.58 10.88
N ASP E 217 -12.54 20.44 10.33
CA ASP E 217 -12.78 19.16 11.00
C ASP E 217 -11.72 18.88 12.08
N ALA E 218 -12.18 18.75 13.32
CA ALA E 218 -11.31 18.62 14.49
C ALA E 218 -10.42 17.39 14.46
N ASP E 219 -10.95 16.28 13.93
CA ASP E 219 -10.13 15.08 13.85
C ASP E 219 -9.14 15.19 12.67
N LEU E 220 -9.45 16.01 11.68
CA LEU E 220 -8.46 16.32 10.65
C LEU E 220 -7.33 17.16 11.26
N HIS E 221 -7.72 18.07 12.16
CA HIS E 221 -6.76 18.93 12.83
C HIS E 221 -5.76 18.08 13.62
N ALA E 222 -6.28 17.08 14.33
CA ALA E 222 -5.42 16.16 15.08
C ALA E 222 -4.39 15.49 14.18
N ALA E 223 -4.84 14.97 13.03
CA ALA E 223 -3.93 14.25 12.14
C ALA E 223 -2.93 15.21 11.50
N VAL E 224 -3.37 16.42 11.20
CA VAL E 224 -2.49 17.42 10.62
C VAL E 224 -1.35 17.77 11.57
N ARG E 225 -1.69 18.08 12.81
CA ARG E 225 -0.67 18.49 13.78
C ARG E 225 0.26 17.33 14.14
N ALA E 226 -0.30 16.13 14.28
CA ALA E 226 0.53 14.96 14.57
C ALA E 226 1.57 14.73 13.47
N TYR E 227 1.17 14.90 12.21
CA TYR E 227 2.11 14.75 11.12
C TYR E 227 3.20 15.84 11.15
N ARG E 228 2.77 17.08 11.33
CA ARG E 228 3.74 18.19 11.39
C ARG E 228 4.74 17.95 12.52
N THR E 229 4.25 17.46 13.66
CA THR E 229 5.12 17.04 14.76
C THR E 229 6.19 16.08 14.28
N THR E 230 5.77 15.03 13.62
CA THR E 230 6.64 13.90 13.32
C THR E 230 7.52 14.13 12.10
N ALA E 231 6.94 14.70 11.06
CA ALA E 231 7.71 15.01 9.87
C ALA E 231 8.61 16.24 10.14
N GLY E 232 8.17 17.10 11.05
CA GLY E 232 8.98 18.22 11.47
C GLY E 232 9.10 19.28 10.39
N ASN E 233 8.07 19.41 9.57
CA ASN E 233 8.06 20.43 8.52
C ASN E 233 7.51 21.77 9.03
N VAL E 234 8.10 22.27 10.11
CA VAL E 234 7.66 23.47 10.83
C VAL E 234 8.40 24.73 10.37
N PRO E 235 7.71 25.89 10.32
CA PRO E 235 8.36 27.17 9.98
C PRO E 235 9.08 27.88 11.15
N GLY E 236 10.28 28.38 10.90
CA GLY E 236 11.00 29.20 11.88
C GLY E 236 10.20 30.40 12.37
N ALA E 237 10.33 30.72 13.65
CA ALA E 237 9.56 31.79 14.27
C ALA E 237 9.71 33.16 13.57
N LEU E 238 10.91 33.47 13.09
CA LEU E 238 11.15 34.72 12.41
C LEU E 238 10.41 34.73 11.07
N ASP E 239 10.37 33.56 10.41
CA ASP E 239 9.59 33.39 9.18
C ASP E 239 8.10 33.66 9.41
N CYS E 240 7.55 33.09 10.50
CA CYS E 240 6.15 33.34 10.85
C CYS E 240 5.89 34.83 11.11
N PHE E 241 6.89 35.51 11.66
CA PHE E 241 6.79 36.93 11.91
C PHE E 241 6.69 37.69 10.59
N LEU E 242 7.51 37.29 9.61
CA LEU E 242 7.52 37.93 8.29
C LEU E 242 6.25 37.65 7.48
N VAL E 243 5.69 36.44 7.59
CA VAL E 243 4.44 36.15 6.89
C VAL E 243 3.32 37.00 7.51
N ARG E 244 3.19 36.94 8.84
CA ARG E 244 2.21 37.72 9.57
C ARG E 244 2.32 39.23 9.31
N ARG E 245 3.55 39.74 9.25
CA ARG E 245 3.75 41.16 8.95
C ARG E 245 3.23 41.49 7.54
N GLY E 246 3.57 40.63 6.58
CA GLY E 246 3.13 40.82 5.21
C GLY E 246 1.62 40.80 5.11
N LEU E 247 0.99 39.96 5.93
CA LEU E 247 -0.45 39.75 5.91
C LEU E 247 -1.28 41.01 6.12
N HIS E 248 -0.77 41.93 6.93
CA HIS E 248 -1.45 43.21 7.18
C HIS E 248 -1.96 43.88 5.91
N THR E 249 -1.12 43.93 4.88
CA THR E 249 -1.46 44.69 3.68
C THR E 249 -1.98 43.79 2.56
N LEU E 250 -2.42 42.60 2.90
CA LEU E 250 -2.82 41.62 1.87
C LEU E 250 -3.97 42.11 0.98
N SER E 251 -5.02 42.64 1.56
CA SER E 251 -6.13 43.07 0.71
C SER E 251 -5.78 44.35 -0.09
N LEU E 252 -5.03 45.28 0.51
CA LEU E 252 -4.56 46.46 -0.22
C LEU E 252 -3.69 46.06 -1.43
N ARG E 253 -2.79 45.11 -1.23
CA ARG E 253 -1.89 44.66 -2.29
C ARG E 253 -2.66 43.98 -3.43
N VAL E 254 -3.38 42.92 -3.11
CA VAL E 254 -4.23 42.23 -4.09
C VAL E 254 -5.17 43.18 -4.84
N HIS E 255 -5.77 44.15 -4.15
CA HIS E 255 -6.62 45.13 -4.84
C HIS E 255 -5.82 45.92 -5.89
N ARG E 256 -4.65 46.40 -5.50
CA ARG E 256 -3.78 47.12 -6.42
C ARG E 256 -3.33 46.20 -7.57
N GLN E 257 -2.99 44.95 -7.24
CA GLN E 257 -2.55 43.99 -8.26
C GLN E 257 -3.65 43.73 -9.30
N VAL E 258 -4.87 43.48 -8.83
CA VAL E 258 -5.98 43.19 -9.75
C VAL E 258 -6.29 44.38 -10.67
N ALA E 259 -6.31 45.59 -10.11
CA ALA E 259 -6.62 46.77 -10.91
C ALA E 259 -5.58 46.97 -12.04
N THR E 260 -4.31 46.74 -11.72
CA THR E 260 -3.24 46.89 -12.71
C THR E 260 -3.31 45.76 -13.75
N ALA E 261 -3.61 44.55 -13.29
CA ALA E 261 -3.76 43.41 -14.20
C ALA E 261 -4.78 43.70 -15.31
N ARG E 262 -5.89 44.33 -14.95
CA ARG E 262 -6.94 44.68 -15.91
C ARG E 262 -6.46 45.62 -17.01
N VAL E 263 -5.76 46.68 -16.59
CA VAL E 263 -5.20 47.66 -17.52
C VAL E 263 -4.18 46.96 -18.42
N LEU E 264 -3.42 46.05 -17.84
CA LEU E 264 -2.42 45.30 -18.60
C LEU E 264 -3.08 44.36 -19.62
N VAL E 265 -4.18 43.72 -19.23
CA VAL E 265 -4.96 42.89 -20.15
C VAL E 265 -5.45 43.70 -21.36
N GLU E 266 -5.97 44.90 -21.09
CA GLU E 266 -6.48 45.72 -22.19
C GLU E 266 -5.34 46.21 -23.08
N ARG E 267 -4.19 46.46 -22.46
CA ARG E 267 -2.96 46.76 -23.17
C ARG E 267 -2.61 45.62 -24.14
N LEU E 268 -2.62 44.40 -23.62
CA LEU E 268 -2.27 43.22 -24.40
C LEU E 268 -3.28 42.99 -25.52
N ARG E 269 -4.55 43.27 -25.23
CA ARG E 269 -5.61 43.06 -26.21
C ARG E 269 -5.41 43.98 -27.42
N ALA E 270 -4.85 45.17 -27.17
CA ALA E 270 -4.63 46.16 -28.23
C ALA E 270 -3.40 45.87 -29.10
N SER E 271 -2.57 44.89 -28.72
CA SER E 271 -1.31 44.68 -29.41
C SER E 271 -1.45 43.71 -30.58
N PRO E 272 -0.93 44.09 -31.77
CA PRO E 272 -1.00 43.20 -32.94
C PRO E 272 -0.10 41.97 -32.81
N VAL E 273 0.86 41.99 -31.89
CA VAL E 273 1.75 40.84 -31.74
C VAL E 273 1.38 39.98 -30.54
N VAL E 274 0.11 40.06 -30.14
CA VAL E 274 -0.40 39.24 -29.06
C VAL E 274 -1.56 38.39 -29.55
N GLY E 275 -1.47 37.08 -29.32
CA GLY E 275 -2.54 36.16 -29.69
C GLY E 275 -3.52 35.96 -28.55
N ALA E 276 -3.72 34.71 -28.16
CA ALA E 276 -4.57 34.37 -27.02
C ALA E 276 -4.18 35.19 -25.79
N VAL E 277 -5.19 35.67 -25.06
CA VAL E 277 -4.96 36.30 -23.77
C VAL E 277 -5.82 35.60 -22.74
N HIS E 278 -5.17 35.12 -21.68
CA HIS E 278 -5.90 34.41 -20.64
C HIS E 278 -6.02 35.31 -19.41
N TYR E 279 -7.25 35.47 -18.94
CA TYR E 279 -7.54 36.22 -17.73
C TYR E 279 -9.00 36.00 -17.34
N PRO E 280 -9.26 35.75 -16.05
CA PRO E 280 -10.63 35.54 -15.58
C PRO E 280 -11.51 36.81 -15.57
N GLY E 281 -10.91 37.97 -15.79
CA GLY E 281 -11.68 39.18 -15.92
C GLY E 281 -12.42 39.23 -17.24
N LEU E 282 -11.92 38.48 -18.22
CA LEU E 282 -12.41 38.61 -19.59
C LEU E 282 -13.78 37.96 -19.75
N PRO E 283 -14.71 38.65 -20.43
CA PRO E 283 -16.08 38.18 -20.64
C PRO E 283 -16.16 36.83 -21.35
N GLU E 284 -15.27 36.60 -22.32
CA GLU E 284 -15.35 35.39 -23.15
C GLU E 284 -14.66 34.20 -22.48
N HIS E 285 -14.15 34.37 -21.26
CA HIS E 285 -13.40 33.29 -20.62
C HIS E 285 -14.24 32.02 -20.58
N PRO E 286 -13.62 30.86 -20.92
CA PRO E 286 -14.34 29.60 -21.04
C PRO E 286 -15.12 29.20 -19.80
N GLN E 287 -14.76 29.75 -18.64
CA GLN E 287 -15.55 29.54 -17.43
C GLN E 287 -15.95 30.84 -16.73
N HIS E 288 -16.16 31.91 -17.49
CA HIS E 288 -16.35 33.24 -16.90
C HIS E 288 -17.61 33.33 -16.02
N ALA E 289 -18.58 32.44 -16.23
CA ALA E 289 -19.76 32.39 -15.37
C ALA E 289 -19.39 31.84 -13.98
N VAL E 290 -18.69 30.72 -13.93
CA VAL E 290 -18.18 30.20 -12.66
C VAL E 290 -17.28 31.23 -11.96
N VAL E 291 -16.46 31.93 -12.75
CA VAL E 291 -15.62 32.99 -12.22
C VAL E 291 -16.45 33.96 -11.39
N LYS E 292 -17.50 34.48 -11.99
CA LYS E 292 -18.24 35.55 -11.34
C LYS E 292 -18.92 35.08 -10.05
N ALA E 293 -19.24 33.79 -9.99
CA ALA E 293 -19.85 33.20 -8.81
C ALA E 293 -18.89 32.95 -7.63
N GLN E 294 -17.61 32.72 -7.92
CA GLN E 294 -16.71 32.27 -6.86
C GLN E 294 -15.44 33.12 -6.62
N MSE E 295 -15.08 33.99 -7.56
CA MSE E 295 -14.07 35.00 -7.23
C MSE E 295 -14.71 36.38 -7.07
O MSE E 295 -15.51 36.81 -7.90
CB MSE E 295 -12.90 35.11 -8.22
CG MSE E 295 -12.97 34.30 -9.51
SE MSE E 295 -11.56 34.87 -10.81
CE MSE E 295 -10.01 34.25 -9.84
N SER E 296 -14.35 37.06 -5.99
CA SER E 296 -14.82 38.42 -5.80
C SER E 296 -14.10 39.37 -6.76
N ALA E 297 -12.93 38.98 -7.23
CA ALA E 297 -12.24 39.69 -8.33
C ALA E 297 -11.39 38.68 -9.10
N PRO E 298 -11.02 39.01 -10.34
CA PRO E 298 -10.43 37.98 -11.23
C PRO E 298 -8.94 37.67 -11.08
N GLY E 299 -8.27 38.29 -10.10
CA GLY E 299 -6.90 37.93 -9.80
C GLY E 299 -5.85 38.77 -10.50
N ALA E 300 -4.61 38.43 -10.25
CA ALA E 300 -3.49 39.28 -10.65
C ALA E 300 -2.51 38.56 -11.54
N ILE E 301 -2.93 37.44 -12.13
CA ILE E 301 -2.06 36.73 -13.08
C ILE E 301 -2.70 36.80 -14.46
N VAL E 302 -1.86 37.01 -15.48
CA VAL E 302 -2.30 37.05 -16.87
C VAL E 302 -1.30 36.24 -17.68
N SER E 303 -1.78 35.48 -18.66
CA SER E 303 -0.87 34.88 -19.63
C SER E 303 -1.34 35.10 -21.06
N PHE E 304 -0.41 35.07 -22.00
CA PHE E 304 -0.72 35.38 -23.39
C PHE E 304 0.27 34.78 -24.37
N ASP E 305 -0.19 34.53 -25.59
CA ASP E 305 0.67 34.07 -26.67
C ASP E 305 1.37 35.26 -27.32
N TYR E 306 2.70 35.26 -27.23
CA TYR E 306 3.51 36.27 -27.89
C TYR E 306 3.76 35.90 -29.35
N LEU E 307 3.35 36.77 -30.28
CA LEU E 307 3.45 36.46 -31.70
C LEU E 307 4.66 37.11 -32.36
N GLY E 308 5.38 37.94 -31.62
CA GLY E 308 6.43 38.74 -32.22
C GLY E 308 7.77 38.06 -32.42
N GLY E 309 7.85 36.78 -32.09
CA GLY E 309 9.10 36.05 -32.24
C GLY E 309 9.32 35.14 -31.05
N PRO E 310 10.56 34.63 -30.89
CA PRO E 310 10.83 33.71 -29.79
C PRO E 310 10.59 34.39 -28.46
N ALA E 311 10.21 33.60 -27.46
CA ALA E 311 9.98 34.12 -26.12
C ALA E 311 11.22 34.88 -25.62
N GLU E 312 12.40 34.41 -25.98
CA GLU E 312 13.67 34.99 -25.55
C GLU E 312 13.78 36.50 -25.78
N ARG E 313 13.38 36.98 -26.96
CA ARG E 313 13.47 38.41 -27.24
C ARG E 313 12.62 39.26 -26.29
N LEU E 314 11.34 38.88 -26.15
CA LEU E 314 10.43 39.65 -25.29
C LEU E 314 10.96 39.74 -23.86
N LEU E 315 11.44 38.61 -23.33
CA LEU E 315 11.96 38.57 -21.96
C LEU E 315 13.16 39.50 -21.80
N ASP E 316 13.94 39.64 -22.86
CA ASP E 316 15.17 40.42 -22.84
C ASP E 316 14.91 41.92 -23.08
N ARG E 317 13.65 42.33 -22.96
CA ARG E 317 13.26 43.71 -23.24
C ARG E 317 12.41 44.33 -22.14
N PHE E 318 12.29 43.63 -21.02
CA PHE E 318 11.62 44.18 -19.83
C PHE E 318 12.65 44.81 -18.90
N THR E 319 12.44 46.05 -18.48
CA THR E 319 13.34 46.66 -17.49
C THR E 319 12.62 47.03 -16.19
N LEU E 320 11.32 46.77 -16.13
CA LEU E 320 10.59 46.95 -14.88
C LEU E 320 10.12 45.58 -14.40
N PHE E 321 9.40 44.84 -15.24
CA PHE E 321 9.10 43.45 -14.94
C PHE E 321 10.41 42.71 -14.73
N THR E 322 10.46 41.88 -13.69
CA THR E 322 11.62 41.03 -13.41
C THR E 322 11.43 39.67 -14.08
N CYS E 323 12.40 39.19 -14.84
CA CYS E 323 12.27 37.85 -15.43
C CYS E 323 12.59 36.79 -14.39
N GLY E 324 11.56 36.06 -13.97
CA GLY E 324 11.77 34.98 -13.04
C GLY E 324 10.49 34.36 -12.52
N VAL E 325 10.65 33.30 -11.74
CA VAL E 325 9.52 32.52 -11.29
C VAL E 325 9.07 33.00 -9.93
N SER E 326 7.84 32.61 -9.58
CA SER E 326 7.09 32.93 -8.36
C SER E 326 5.98 33.91 -8.71
N LEU E 327 5.18 34.27 -7.71
CA LEU E 327 4.05 35.15 -7.93
C LEU E 327 3.60 35.77 -6.61
N GLY E 328 2.64 36.69 -6.71
CA GLY E 328 2.02 37.29 -5.54
C GLY E 328 2.81 38.40 -4.88
N GLY E 329 4.06 38.62 -5.31
CA GLY E 329 4.92 39.58 -4.66
C GLY E 329 4.69 41.03 -5.07
N VAL E 330 5.32 41.95 -4.35
CA VAL E 330 5.19 43.37 -4.68
C VAL E 330 5.90 43.75 -5.97
N HIS E 331 6.96 43.01 -6.34
CA HIS E 331 7.67 43.24 -7.60
C HIS E 331 7.01 42.41 -8.72
N SER E 332 6.68 43.06 -9.84
CA SER E 332 6.13 42.35 -11.01
C SER E 332 7.10 41.36 -11.66
N LEU E 333 6.60 40.15 -11.95
CA LEU E 333 7.46 39.13 -12.55
C LEU E 333 6.89 38.70 -13.89
N VAL E 334 7.77 38.18 -14.75
CA VAL E 334 7.37 37.63 -16.04
C VAL E 334 8.18 36.37 -16.30
N GLU E 335 7.57 35.39 -16.96
CA GLU E 335 8.27 34.15 -17.29
C GLU E 335 7.75 33.54 -18.59
N CYS E 336 8.46 32.56 -19.13
CA CYS E 336 7.90 31.73 -20.19
C CYS E 336 7.84 30.30 -19.68
N PRO E 337 6.61 29.81 -19.38
CA PRO E 337 6.41 28.47 -18.80
C PRO E 337 7.19 27.39 -19.55
N ALA E 338 7.09 27.37 -20.87
CA ALA E 338 7.82 26.39 -21.66
C ALA E 338 9.33 26.58 -21.51
N LEU E 339 9.74 27.82 -21.27
CA LEU E 339 11.16 28.17 -21.26
C LEU E 339 11.77 27.96 -19.88
N MSE E 340 11.14 28.55 -18.87
CA MSE E 340 11.69 28.60 -17.51
C MSE E 340 10.78 28.04 -16.38
O MSE E 340 11.00 28.37 -15.22
CB MSE E 340 12.13 30.04 -17.15
CG MSE E 340 13.50 30.48 -17.72
SE MSE E 340 14.62 31.72 -16.60
CE MSE E 340 13.20 32.85 -15.79
N THR E 341 9.78 27.21 -16.72
CA THR E 341 9.13 26.34 -15.71
C THR E 341 8.79 24.96 -16.24
N HIS E 342 8.12 24.90 -17.39
CA HIS E 342 7.73 23.61 -17.92
C HIS E 342 8.79 23.15 -18.93
N ARG E 343 9.98 23.73 -18.77
CA ARG E 343 11.18 23.25 -19.43
C ARG E 343 11.63 21.88 -18.88
N PRO E 344 11.40 21.61 -17.57
CA PRO E 344 11.56 20.22 -17.14
C PRO E 344 10.51 19.27 -17.71
N LEU E 345 9.52 19.78 -18.41
CA LEU E 345 8.63 18.90 -19.19
C LEU E 345 9.22 18.59 -20.57
N SER E 346 8.50 17.79 -21.35
CA SER E 346 8.93 17.42 -22.70
C SER E 346 8.30 18.35 -23.74
N ALA E 347 9.04 18.64 -24.82
CA ALA E 347 8.61 19.58 -25.84
C ALA E 347 7.37 19.12 -26.62
N GLU E 348 7.02 17.86 -26.38
CA GLU E 348 5.72 17.30 -26.69
C GLU E 348 4.91 16.93 -25.45
N ALA E 349 5.05 17.74 -24.39
CA ALA E 349 4.19 17.60 -23.20
C ALA E 349 3.50 18.93 -22.95
N ARG E 350 4.22 20.03 -23.22
CA ARG E 350 3.62 21.36 -23.18
C ARG E 350 2.53 21.52 -24.21
N ALA E 351 2.79 21.03 -25.43
CA ALA E 351 1.80 21.05 -26.49
C ALA E 351 0.58 20.29 -25.99
N ARG E 352 0.81 19.05 -25.60
CA ARG E 352 -0.19 18.22 -24.92
C ARG E 352 -0.93 19.00 -23.82
N ARG E 353 -0.18 19.76 -23.02
CA ARG E 353 -0.77 20.56 -21.96
C ARG E 353 -1.35 21.89 -22.47
N GLY E 354 -0.94 22.30 -23.67
CA GLY E 354 -1.40 23.57 -24.24
C GLY E 354 -0.46 24.73 -23.96
N ILE E 355 0.83 24.44 -23.96
CA ILE E 355 1.83 25.44 -23.61
C ILE E 355 2.77 25.70 -24.79
N GLY E 356 2.45 26.73 -25.58
CA GLY E 356 3.31 27.13 -26.68
C GLY E 356 4.66 27.65 -26.20
N GLU E 357 5.63 27.65 -27.10
CA GLU E 357 6.97 28.15 -26.82
C GLU E 357 6.96 29.63 -26.49
N SER E 358 5.92 30.34 -26.92
CA SER E 358 5.81 31.75 -26.61
C SER E 358 4.56 32.12 -25.80
N LEU E 359 4.03 31.17 -25.03
CA LEU E 359 3.09 31.52 -23.97
C LEU E 359 3.89 32.25 -22.90
N ILE E 360 3.41 33.42 -22.49
CA ILE E 360 4.11 34.25 -21.53
C ILE E 360 3.20 34.47 -20.33
N ARG E 361 3.74 34.33 -19.12
CA ARG E 361 2.95 34.56 -17.90
C ARG E 361 3.41 35.80 -17.14
N LEU E 362 2.46 36.67 -16.82
CA LEU E 362 2.73 37.85 -16.01
C LEU E 362 2.22 37.67 -14.59
N SER E 363 3.06 38.05 -13.63
CA SER E 363 2.63 38.16 -12.25
C SER E 363 2.75 39.63 -11.86
N VAL E 364 1.60 40.25 -11.59
CA VAL E 364 1.55 41.70 -11.41
C VAL E 364 1.80 42.09 -9.96
N GLY E 365 2.66 43.09 -9.77
CA GLY E 365 2.98 43.61 -8.46
C GLY E 365 2.23 44.89 -8.12
N ILE E 366 2.84 45.74 -7.29
CA ILE E 366 2.15 46.95 -6.84
C ILE E 366 2.82 48.21 -7.35
N GLU E 367 3.66 48.08 -8.38
CA GLU E 367 4.23 49.24 -9.06
C GLU E 367 3.10 50.06 -9.71
N ASP E 368 3.40 51.29 -10.13
CA ASP E 368 2.39 52.11 -10.81
C ASP E 368 1.95 51.43 -12.11
N PRO E 369 0.63 51.42 -12.37
CA PRO E 369 0.12 50.78 -13.58
C PRO E 369 0.69 51.42 -14.84
N GLN E 370 0.80 52.76 -14.87
CA GLN E 370 1.28 53.40 -16.08
C GLN E 370 2.69 52.88 -16.39
N ASP E 371 3.53 52.73 -15.37
CA ASP E 371 4.91 52.24 -15.55
C ASP E 371 4.97 50.79 -16.05
N LEU E 372 4.08 49.94 -15.53
CA LEU E 372 4.06 48.55 -15.97
C LEU E 372 3.48 48.39 -17.39
N ALA E 373 2.41 49.12 -17.66
CA ALA E 373 1.80 49.13 -18.99
C ALA E 373 2.82 49.63 -20.02
N GLU E 374 3.51 50.70 -19.67
CA GLU E 374 4.56 51.23 -20.53
C GLU E 374 5.64 50.20 -20.81
N ASP E 375 6.15 49.54 -19.76
CA ASP E 375 7.19 48.52 -19.93
C ASP E 375 6.72 47.35 -20.80
N LEU E 376 5.51 46.87 -20.53
CA LEU E 376 4.96 45.77 -21.29
C LEU E 376 4.78 46.17 -22.76
N SER E 377 4.02 47.25 -22.99
CA SER E 377 3.81 47.80 -24.33
C SER E 377 5.13 48.13 -24.99
N ARG E 378 6.14 48.49 -24.20
CA ARG E 378 7.49 48.68 -24.70
C ARG E 378 8.03 47.35 -25.23
N ALA E 379 8.02 46.35 -24.37
CA ALA E 379 8.61 45.05 -24.68
C ALA E 379 8.00 44.42 -25.94
N LEU E 380 6.69 44.59 -26.11
CA LEU E 380 5.95 44.01 -27.22
C LEU E 380 6.31 44.59 -28.59
N ALA E 381 7.17 45.62 -28.58
CA ALA E 381 7.60 46.25 -29.81
C ALA E 381 8.83 45.54 -30.38
N GLY F 6 44.14 26.56 7.74
CA GLY F 6 44.73 25.41 7.07
C GLY F 6 43.67 24.33 6.93
N MSE F 7 43.59 23.47 7.95
CA MSE F 7 42.34 22.89 8.41
C MSE F 7 42.39 21.99 9.64
O MSE F 7 42.11 20.80 9.59
CB MSE F 7 41.46 22.27 7.33
CG MSE F 7 39.99 22.32 7.74
SE MSE F 7 39.79 23.54 9.29
CE MSE F 7 40.15 25.16 8.46
N ARG F 8 42.68 22.61 10.77
CA ARG F 8 42.44 21.96 12.03
C ARG F 8 41.00 22.31 12.35
N PHE F 9 40.29 21.41 13.02
CA PHE F 9 38.83 21.56 13.23
C PHE F 9 38.30 22.93 13.70
N GLY F 10 38.90 23.50 14.74
CA GLY F 10 38.35 24.72 15.34
C GLY F 10 38.17 25.86 14.35
N THR F 11 39.06 25.90 13.37
CA THR F 11 38.99 26.83 12.26
C THR F 11 37.85 26.51 11.28
N ARG F 12 37.43 25.26 11.20
CA ARG F 12 36.29 24.98 10.31
C ARG F 12 35.00 25.63 10.78
N LEU F 13 34.86 25.84 12.08
CA LEU F 13 33.68 26.47 12.65
C LEU F 13 33.59 27.92 12.19
N VAL F 14 34.70 28.65 12.24
CA VAL F 14 34.66 30.07 11.96
C VAL F 14 34.57 30.34 10.46
N HIS F 15 35.31 29.58 9.67
CA HIS F 15 35.44 29.88 8.26
C HIS F 15 34.83 28.87 7.29
N GLY F 16 34.27 27.79 7.83
CA GLY F 16 33.52 26.86 7.00
C GLY F 16 32.37 27.60 6.32
N GLY F 17 32.32 27.51 5.00
CA GLY F 17 31.31 28.22 4.22
C GLY F 17 31.52 29.73 4.22
N ARG F 18 32.58 30.21 4.86
CA ARG F 18 32.79 31.65 4.89
C ARG F 18 33.61 32.04 3.66
N ARG F 19 32.90 32.39 2.61
CA ARG F 19 33.46 32.55 1.28
C ARG F 19 33.62 34.02 1.09
N PRO F 20 34.56 34.42 0.23
CA PRO F 20 34.83 35.86 0.05
C PRO F 20 33.57 36.66 -0.25
N SER F 21 33.59 37.97 -0.02
CA SER F 21 32.46 38.79 -0.43
C SER F 21 32.83 39.80 -1.50
N ALA F 22 32.59 39.47 -2.76
CA ALA F 22 33.00 40.34 -3.84
C ALA F 22 32.24 41.66 -3.86
N GLY F 23 32.94 42.72 -4.26
CA GLY F 23 32.34 44.03 -4.39
C GLY F 23 32.31 44.78 -3.06
N THR F 24 31.81 44.11 -2.02
CA THR F 24 31.63 44.76 -0.74
C THR F 24 32.59 44.28 0.34
N GLY F 25 33.03 43.03 0.25
CA GLY F 25 34.02 42.54 1.19
C GLY F 25 33.49 42.08 2.54
N ASP F 26 32.16 41.98 2.67
CA ASP F 26 31.50 41.52 3.90
C ASP F 26 32.20 40.31 4.51
N VAL F 27 32.69 40.45 5.74
CA VAL F 27 33.31 39.34 6.45
C VAL F 27 32.25 38.31 6.84
N VAL F 28 31.15 38.77 7.43
CA VAL F 28 30.03 37.90 7.68
C VAL F 28 29.15 37.92 6.43
N PRO F 29 28.90 36.75 5.83
CA PRO F 29 28.04 36.76 4.64
C PRO F 29 26.68 37.38 4.94
N PRO F 30 26.19 38.21 4.02
CA PRO F 30 24.88 38.83 4.23
C PRO F 30 23.79 37.77 4.14
N ILE F 31 22.65 38.04 4.74
CA ILE F 31 21.59 37.05 4.81
C ILE F 31 20.69 37.14 3.59
N HIS F 32 20.58 36.04 2.86
CA HIS F 32 19.84 36.01 1.61
C HIS F 32 18.39 35.59 1.86
N VAL F 33 17.51 36.56 2.00
CA VAL F 33 16.11 36.27 2.29
C VAL F 33 15.28 36.08 1.01
N SER F 34 15.84 36.47 -0.13
CA SER F 34 15.07 36.48 -1.37
C SER F 34 14.66 35.06 -1.81
N THR F 35 13.36 34.84 -1.98
CA THR F 35 12.84 33.57 -2.47
C THR F 35 12.95 33.53 -3.99
N THR F 36 13.18 34.71 -4.56
CA THR F 36 12.98 34.98 -5.98
C THR F 36 14.29 35.46 -6.65
N TYR F 37 14.57 34.98 -7.86
CA TYR F 37 15.87 35.25 -8.52
C TYR F 37 15.76 35.69 -9.98
N GLU F 38 16.28 36.88 -10.27
CA GLU F 38 16.25 37.46 -11.62
C GLU F 38 17.52 37.07 -12.38
N ARG F 39 17.39 36.11 -13.29
CA ARG F 39 18.54 35.44 -13.90
C ARG F 39 19.67 36.33 -14.48
N ARG F 40 19.39 37.60 -14.73
CA ARG F 40 20.33 38.40 -15.50
C ARG F 40 21.43 39.10 -14.67
N ALA F 41 21.51 38.75 -13.40
CA ALA F 41 22.62 39.20 -12.56
C ALA F 41 23.78 38.21 -12.55
N GLN F 42 23.47 36.95 -12.88
CA GLN F 42 24.39 35.81 -12.77
C GLN F 42 24.80 35.29 -14.13
N ASP F 43 26.03 34.80 -14.24
CA ASP F 43 26.51 34.24 -15.51
C ASP F 43 25.79 32.93 -15.86
N GLU F 44 25.51 32.13 -14.83
CA GLU F 44 25.03 30.75 -15.00
C GLU F 44 23.64 30.51 -14.41
N PRO F 45 22.93 29.46 -14.89
CA PRO F 45 21.67 29.10 -14.25
C PRO F 45 21.99 28.18 -13.09
N ARG F 46 21.97 28.73 -11.88
CA ARG F 46 22.30 28.02 -10.66
C ARG F 46 21.37 28.44 -9.49
N TYR F 47 20.58 29.51 -9.72
CA TYR F 47 19.59 29.96 -8.73
C TYR F 47 18.26 30.27 -9.41
N PHE F 48 17.20 29.65 -8.93
CA PHE F 48 15.88 29.84 -9.51
C PHE F 48 14.84 30.19 -8.46
N TYR F 49 14.78 29.39 -7.40
CA TYR F 49 13.72 29.51 -6.40
C TYR F 49 14.25 29.03 -5.07
N GLY F 50 13.92 29.75 -4.00
CA GLY F 50 14.52 29.55 -2.70
C GLY F 50 14.46 28.16 -2.08
N ARG F 51 13.33 27.48 -2.24
CA ARG F 51 13.16 26.12 -1.76
C ARG F 51 14.27 25.20 -2.28
N GLY F 52 14.59 25.32 -3.56
CA GLY F 52 15.69 24.57 -4.15
C GLY F 52 17.07 25.16 -3.91
N GLU F 53 17.21 26.49 -4.01
CA GLU F 53 18.54 27.11 -3.88
C GLU F 53 18.51 28.40 -3.05
N ASN F 54 19.53 28.57 -2.21
CA ASN F 54 19.65 29.75 -1.37
C ASN F 54 21.08 29.84 -0.84
N PRO F 55 21.76 30.96 -1.08
CA PRO F 55 23.17 31.12 -0.67
C PRO F 55 23.42 31.09 0.85
N THR F 56 22.45 31.54 1.64
CA THR F 56 22.69 31.56 3.07
C THR F 56 22.60 30.11 3.56
N ARG F 57 21.54 29.45 3.13
CA ARG F 57 21.33 28.07 3.46
C ARG F 57 22.48 27.25 2.91
N GLU F 58 22.93 27.58 1.70
CA GLU F 58 24.08 26.93 1.08
C GLU F 58 25.37 27.01 1.92
N GLU F 59 25.62 28.19 2.48
CA GLU F 59 26.80 28.42 3.33
C GLU F 59 26.85 27.49 4.53
N LEU F 60 25.75 27.41 5.25
CA LEU F 60 25.64 26.52 6.41
C LEU F 60 26.01 25.07 6.03
N GLU F 61 25.48 24.61 4.89
CA GLU F 61 25.75 23.25 4.44
C GLU F 61 27.24 23.02 4.19
N GLU F 62 27.90 23.96 3.52
CA GLU F 62 29.34 23.81 3.27
C GLU F 62 30.14 23.73 4.58
N CYS F 63 29.75 24.53 5.59
CA CYS F 63 30.42 24.50 6.90
C CYS F 63 30.26 23.14 7.57
N LEU F 64 29.01 22.68 7.66
CA LEU F 64 28.69 21.39 8.27
C LEU F 64 29.44 20.25 7.59
N ALA F 65 29.38 20.22 6.26
CA ALA F 65 30.13 19.23 5.50
C ALA F 65 31.63 19.29 5.87
N GLY F 66 32.16 20.50 5.94
CA GLY F 66 33.56 20.73 6.30
C GLY F 66 33.96 20.17 7.65
N LEU F 67 33.08 20.32 8.64
CA LEU F 67 33.35 19.81 9.98
C LEU F 67 33.67 18.31 9.96
N GLU F 68 33.05 17.57 9.04
CA GLU F 68 33.26 16.13 8.95
C GLU F 68 34.10 15.78 7.74
N ARG F 69 34.68 16.80 7.12
CA ARG F 69 35.52 16.62 5.96
C ARG F 69 34.85 15.75 4.87
N ALA F 70 33.59 16.03 4.61
CA ALA F 70 32.79 15.25 3.67
C ALA F 70 32.32 16.15 2.52
N PRO F 71 32.02 15.57 1.35
CA PRO F 71 31.66 16.41 0.19
C PRO F 71 30.22 16.92 0.15
N PHE F 72 29.36 16.51 1.07
CA PHE F 72 27.95 16.93 1.03
C PHE F 72 27.34 17.16 2.40
N ALA F 73 26.41 18.11 2.46
CA ALA F 73 25.51 18.27 3.58
C ALA F 73 24.20 18.90 3.12
N THR F 74 23.13 18.56 3.82
CA THR F 74 21.84 19.12 3.51
C THR F 74 21.17 19.53 4.82
N VAL F 75 20.61 20.74 4.88
CA VAL F 75 19.89 21.17 6.07
C VAL F 75 18.37 21.16 5.89
N PHE F 76 17.68 21.12 7.02
CA PHE F 76 16.25 20.89 7.07
C PHE F 76 15.58 21.77 8.11
N SER F 77 14.26 21.86 8.03
CA SER F 77 13.48 22.67 8.96
C SER F 77 13.57 22.19 10.42
N SER F 78 14.06 20.96 10.62
CA SER F 78 14.22 20.36 11.96
C SER F 78 14.95 19.03 11.85
N GLY F 79 15.44 18.51 12.98
CA GLY F 79 16.06 17.19 13.02
C GLY F 79 15.12 16.11 12.50
N GLN F 80 13.86 16.16 12.94
CA GLN F 80 12.84 15.21 12.49
C GLN F 80 12.69 15.15 10.97
N ALA F 81 12.75 16.30 10.32
CA ALA F 81 12.63 16.31 8.86
C ALA F 81 13.87 15.69 8.20
N ALA F 82 15.04 15.91 8.79
CA ALA F 82 16.27 15.25 8.33
C ALA F 82 16.08 13.72 8.41
N ALA F 83 15.60 13.26 9.55
CA ALA F 83 15.31 11.84 9.73
C ALA F 83 14.23 11.32 8.77
N ALA F 84 13.17 12.10 8.60
CA ALA F 84 12.06 11.72 7.72
C ALA F 84 12.57 11.56 6.30
N THR F 85 13.49 12.44 5.90
CA THR F 85 14.02 12.44 4.56
C THR F 85 14.81 11.16 4.28
N LEU F 86 15.77 10.86 5.15
CA LEU F 86 16.59 9.66 4.97
C LEU F 86 15.73 8.41 5.00
N LEU F 87 14.79 8.38 5.94
CA LEU F 87 13.90 7.25 6.13
C LEU F 87 13.01 7.03 4.91
N SER F 88 12.70 8.10 4.19
CA SER F 88 11.78 8.03 3.06
C SER F 88 12.36 7.20 1.93
N LEU F 89 13.68 7.05 1.93
CA LEU F 89 14.39 6.34 0.87
C LEU F 89 14.33 4.82 1.05
N VAL F 90 13.89 4.37 2.22
CA VAL F 90 13.65 2.95 2.45
C VAL F 90 12.32 2.54 1.81
N ARG F 91 12.35 1.55 0.95
CA ARG F 91 11.16 1.15 0.18
C ARG F 91 10.27 0.21 0.99
N PRO F 92 8.94 0.31 0.83
CA PRO F 92 8.00 -0.58 1.53
C PRO F 92 8.41 -2.04 1.42
N GLY F 93 8.47 -2.75 2.54
CA GLY F 93 8.89 -4.14 2.54
C GLY F 93 10.37 -4.37 2.82
N GLN F 94 11.17 -3.32 2.77
CA GLN F 94 12.58 -3.42 3.18
C GLN F 94 12.64 -3.33 4.69
N CYS F 95 13.81 -3.55 5.29
CA CYS F 95 13.94 -3.43 6.74
C CYS F 95 14.92 -2.39 7.25
N VAL F 96 14.54 -1.80 8.38
CA VAL F 96 15.40 -0.93 9.15
C VAL F 96 15.74 -1.63 10.45
N VAL F 97 16.96 -1.40 10.95
CA VAL F 97 17.31 -1.82 12.29
C VAL F 97 17.79 -0.64 13.12
N SER F 98 17.09 -0.38 14.23
CA SER F 98 17.42 0.68 15.14
C SER F 98 17.53 0.08 16.53
N THR F 99 17.57 0.92 17.55
CA THR F 99 17.35 0.46 18.90
C THR F 99 15.95 0.78 19.38
N ASP F 100 15.44 -0.02 20.33
CA ASP F 100 14.07 0.12 20.86
C ASP F 100 13.96 1.29 21.82
N ASP F 101 14.69 2.34 21.49
CA ASP F 101 15.26 3.20 22.49
C ASP F 101 15.88 4.41 21.82
N VAL F 102 15.57 4.59 20.54
CA VAL F 102 15.91 5.83 19.86
C VAL F 102 15.02 6.92 20.41
N TYR F 103 15.28 8.13 19.94
CA TYR F 103 14.40 9.27 20.16
C TYR F 103 12.96 8.90 19.82
N ALA F 104 12.02 9.35 20.65
CA ALA F 104 10.62 9.02 20.44
C ALA F 104 10.10 9.55 19.10
N GLY F 105 10.68 10.65 18.62
CA GLY F 105 10.33 11.17 17.31
C GLY F 105 10.85 10.25 16.23
N THR F 106 12.06 9.76 16.45
CA THR F 106 12.67 8.79 15.55
C THR F 106 11.78 7.55 15.46
N ASP F 107 11.37 7.03 16.61
CA ASP F 107 10.48 5.86 16.63
C ASP F 107 9.08 6.22 16.11
N GLY F 108 8.74 7.51 16.14
CA GLY F 108 7.51 8.00 15.53
C GLY F 108 7.56 7.91 14.02
N LEU F 109 8.71 8.28 13.45
CA LEU F 109 8.94 8.14 12.01
C LEU F 109 8.97 6.66 11.59
N PHE F 110 9.63 5.82 12.38
CA PHE F 110 9.72 4.38 12.09
C PHE F 110 8.35 3.75 11.93
N ASP F 111 7.38 4.20 12.71
CA ASP F 111 6.01 3.74 12.52
C ASP F 111 5.47 4.17 11.15
N LEU F 112 5.66 5.45 10.80
CA LEU F 112 5.31 5.94 9.46
C LEU F 112 5.97 5.10 8.37
N ALA F 113 7.14 4.54 8.66
CA ALA F 113 7.79 3.63 7.73
C ALA F 113 7.04 2.30 7.64
N ALA F 114 6.67 1.75 8.79
CA ALA F 114 5.88 0.52 8.85
C ALA F 114 4.47 0.76 8.34
N ARG F 115 3.98 1.99 8.48
CA ARG F 115 2.66 2.33 7.97
C ARG F 115 2.73 2.35 6.46
N GLN F 116 3.94 2.46 5.94
CA GLN F 116 4.17 2.31 4.51
C GLN F 116 4.54 0.85 4.27
N GLY F 117 4.75 0.11 5.36
CA GLY F 117 5.01 -1.31 5.26
C GLY F 117 6.46 -1.71 5.48
N VAL F 118 7.33 -0.72 5.71
CA VAL F 118 8.74 -1.00 5.98
C VAL F 118 8.84 -1.84 7.25
N ARG F 119 9.68 -2.86 7.22
CA ARG F 119 9.95 -3.64 8.40
C ARG F 119 10.89 -2.88 9.34
N VAL F 120 10.41 -2.59 10.55
CA VAL F 120 11.26 -1.97 11.56
C VAL F 120 11.69 -3.04 12.55
N ARG F 121 13.00 -3.30 12.59
CA ARG F 121 13.56 -4.30 13.49
C ARG F 121 14.32 -3.65 14.64
N TYR F 122 14.05 -4.14 15.83
CA TYR F 122 14.60 -3.56 17.04
C TYR F 122 15.71 -4.43 17.60
N ALA F 123 16.73 -3.81 18.18
CA ALA F 123 17.88 -4.59 18.68
C ALA F 123 18.82 -3.78 19.53
N ASP F 124 19.05 -4.27 20.74
CA ASP F 124 20.17 -3.83 21.55
C ASP F 124 21.40 -4.06 20.68
N LEU F 125 22.13 -3.00 20.37
CA LEU F 125 23.36 -3.14 19.58
C LEU F 125 24.58 -2.84 20.46
N THR F 126 24.88 -3.73 21.40
CA THR F 126 26.06 -3.55 22.24
C THR F 126 26.75 -4.89 22.47
N THR F 127 26.32 -5.91 21.72
CA THR F 127 26.79 -7.25 21.99
C THR F 127 26.97 -8.12 20.74
N PRO F 128 28.14 -8.78 20.61
CA PRO F 128 28.47 -9.61 19.44
C PRO F 128 27.42 -10.66 19.10
N GLU F 129 26.27 -10.62 19.75
CA GLU F 129 25.18 -11.54 19.51
C GLU F 129 23.98 -10.73 19.05
N GLY F 130 23.63 -9.71 19.82
CA GLY F 130 22.53 -8.82 19.47
C GLY F 130 22.92 -7.88 18.35
N ILE F 131 23.66 -8.38 17.37
CA ILE F 131 24.20 -7.57 16.30
C ILE F 131 24.24 -8.37 14.99
N ALA F 132 24.70 -9.62 15.07
CA ALA F 132 24.96 -10.44 13.88
C ALA F 132 23.69 -10.93 13.20
N ALA F 133 22.61 -10.97 13.97
CA ALA F 133 21.32 -11.43 13.46
C ALA F 133 20.48 -10.19 13.28
N ALA F 134 20.59 -9.31 14.27
CA ALA F 134 20.05 -7.96 14.19
C ALA F 134 20.28 -7.38 12.82
N LEU F 135 21.40 -7.76 12.19
CA LEU F 135 21.76 -7.21 10.89
C LEU F 135 21.54 -8.22 9.77
N ALA F 136 21.09 -9.42 10.11
CA ALA F 136 20.95 -10.47 9.11
C ALA F 136 19.62 -10.36 8.34
N GLU F 137 18.98 -9.20 8.40
CA GLU F 137 17.68 -9.03 7.75
C GLU F 137 17.74 -9.03 6.23
N PRO F 138 16.77 -9.72 5.58
CA PRO F 138 16.64 -9.60 4.13
C PRO F 138 16.19 -8.20 3.78
N ASP F 139 16.55 -7.73 2.58
CA ASP F 139 16.22 -6.38 2.14
C ASP F 139 16.65 -5.34 3.19
N LEU F 140 17.76 -5.63 3.88
CA LEU F 140 18.32 -4.72 4.88
C LEU F 140 18.79 -3.45 4.18
N ALA F 141 18.00 -2.39 4.28
CA ALA F 141 18.32 -1.17 3.56
C ALA F 141 19.10 -0.17 4.41
N LEU F 142 19.01 -0.34 5.73
CA LEU F 142 19.41 0.72 6.63
C LEU F 142 19.56 0.27 8.08
N VAL F 143 20.67 0.66 8.70
CA VAL F 143 20.90 0.45 10.13
C VAL F 143 21.01 1.81 10.81
N TRP F 144 20.16 2.01 11.82
CA TRP F 144 20.00 3.30 12.46
C TRP F 144 20.63 3.23 13.84
N ILE F 145 21.66 4.03 14.04
CA ILE F 145 22.41 4.02 15.29
C ILE F 145 22.30 5.36 15.98
N GLU F 146 21.81 5.36 17.20
CA GLU F 146 21.89 6.54 18.02
C GLU F 146 22.87 6.24 19.15
N THR F 147 23.95 7.01 19.24
CA THR F 147 24.98 6.74 20.23
C THR F 147 25.72 7.99 20.66
N PRO F 148 25.81 8.25 21.97
CA PRO F 148 25.21 7.45 23.05
C PRO F 148 23.68 7.50 23.02
N THR F 149 23.01 6.52 23.61
CA THR F 149 21.57 6.62 23.71
C THR F 149 21.18 7.65 24.77
N ASN F 150 19.93 8.11 24.72
CA ASN F 150 19.41 9.02 25.71
C ASN F 150 18.03 8.56 26.15
N PRO F 151 17.81 8.45 27.48
CA PRO F 151 18.67 8.94 28.56
C PRO F 151 19.55 7.93 29.32
N LEU F 152 19.71 6.68 28.89
CA LEU F 152 20.56 5.81 29.72
C LEU F 152 22.02 5.80 29.31
N LEU F 153 22.32 6.33 28.13
CA LEU F 153 23.68 6.61 27.69
C LEU F 153 24.53 5.36 27.47
N THR F 154 23.97 4.37 26.80
CA THR F 154 24.77 3.22 26.40
C THR F 154 25.31 3.45 25.00
N VAL F 155 26.36 2.72 24.63
CA VAL F 155 27.15 3.11 23.47
C VAL F 155 27.24 2.00 22.44
N VAL F 156 27.24 2.38 21.16
CA VAL F 156 27.33 1.41 20.08
C VAL F 156 28.62 1.63 19.29
N ASP F 157 29.36 0.55 19.06
CA ASP F 157 30.60 0.60 18.30
C ASP F 157 30.22 0.83 16.84
N VAL F 158 30.29 2.09 16.42
CA VAL F 158 29.91 2.49 15.07
C VAL F 158 30.73 1.76 14.01
N ALA F 159 32.04 1.72 14.22
CA ALA F 159 32.94 1.09 13.26
C ALA F 159 32.58 -0.37 13.07
N GLU F 160 32.34 -1.09 14.17
CA GLU F 160 32.03 -2.50 14.07
C GLU F 160 30.69 -2.77 13.42
N VAL F 161 29.66 -2.04 13.87
CA VAL F 161 28.34 -2.21 13.28
C VAL F 161 28.39 -1.86 11.80
N SER F 162 29.10 -0.79 11.46
CA SER F 162 29.19 -0.34 10.07
C SER F 162 29.79 -1.38 9.14
N ARG F 163 30.96 -1.90 9.49
CA ARG F 163 31.64 -2.89 8.66
C ARG F 163 30.72 -4.07 8.32
N ARG F 164 30.04 -4.59 9.33
CA ARG F 164 29.23 -5.79 9.11
C ARG F 164 27.85 -5.44 8.58
N ALA F 165 27.48 -4.17 8.71
CA ALA F 165 26.30 -3.69 8.00
C ALA F 165 26.65 -3.50 6.52
N HIS F 166 27.92 -3.22 6.25
CA HIS F 166 28.36 -2.96 4.87
C HIS F 166 28.58 -4.24 4.05
N GLU F 167 28.94 -5.32 4.73
CA GLU F 167 29.03 -6.63 4.11
C GLU F 167 27.64 -7.05 3.63
N ARG F 168 26.62 -6.48 4.25
CA ARG F 168 25.23 -6.76 3.92
C ARG F 168 24.67 -5.69 2.99
N GLY F 169 25.57 -4.87 2.43
CA GLY F 169 25.22 -3.88 1.43
C GLY F 169 24.39 -2.70 1.90
N ALA F 170 24.13 -2.64 3.21
CA ALA F 170 23.20 -1.67 3.75
C ALA F 170 23.81 -0.29 4.02
N ARG F 171 22.94 0.69 4.22
CA ARG F 171 23.35 2.03 4.61
C ARG F 171 23.39 2.09 6.13
N VAL F 172 24.33 2.85 6.67
CA VAL F 172 24.44 3.10 8.11
C VAL F 172 24.34 4.60 8.44
N VAL F 173 23.35 4.96 9.25
CA VAL F 173 23.24 6.32 9.75
C VAL F 173 23.52 6.35 11.23
N VAL F 174 24.25 7.35 11.67
CA VAL F 174 24.40 7.66 13.08
C VAL F 174 23.71 8.99 13.39
N ASP F 175 22.79 8.98 14.35
CA ASP F 175 22.27 10.24 14.87
C ASP F 175 23.31 10.74 15.89
N ASN F 176 24.03 11.79 15.50
CA ASN F 176 25.18 12.26 16.27
C ASN F 176 24.84 13.55 17.04
N THR F 177 23.55 13.86 17.15
CA THR F 177 23.07 15.09 17.78
C THR F 177 23.63 15.26 19.19
N PHE F 178 23.60 14.18 19.96
CA PHE F 178 24.11 14.17 21.32
C PHE F 178 25.61 14.46 21.36
N ALA F 179 26.39 13.61 20.69
CA ALA F 179 27.86 13.75 20.70
C ALA F 179 28.32 15.09 20.14
N SER F 180 27.72 15.51 19.01
CA SER F 180 28.19 16.62 18.17
C SER F 180 29.45 16.22 17.39
N PRO F 181 29.70 16.85 16.23
CA PRO F 181 30.88 16.53 15.40
C PRO F 181 32.22 16.86 16.07
N VAL F 182 32.20 17.72 17.08
CA VAL F 182 33.44 18.01 17.82
C VAL F 182 33.86 16.83 18.69
N LEU F 183 32.92 15.95 19.03
CA LEU F 183 33.23 14.84 19.93
C LEU F 183 33.26 13.45 19.24
N GLN F 184 32.47 13.28 18.18
CA GLN F 184 32.36 12.00 17.50
C GLN F 184 32.24 12.22 16.00
N GLN F 185 32.90 11.37 15.23
CA GLN F 185 32.96 11.52 13.78
C GLN F 185 32.48 10.24 13.08
N PRO F 186 31.15 10.10 12.92
CA PRO F 186 30.52 8.88 12.39
C PRO F 186 31.03 8.48 11.00
N LEU F 187 31.20 9.44 10.11
CA LEU F 187 31.73 9.14 8.77
C LEU F 187 33.15 8.60 8.89
N ALA F 188 33.98 9.24 9.72
CA ALA F 188 35.34 8.76 9.94
C ALA F 188 35.34 7.35 10.54
N LEU F 189 34.34 7.08 11.38
CA LEU F 189 34.23 5.79 12.05
C LEU F 189 33.74 4.67 11.14
N GLY F 190 33.35 4.98 9.92
CA GLY F 190 32.92 3.96 8.98
C GLY F 190 31.47 4.05 8.51
N ALA F 191 30.68 4.92 9.12
CA ALA F 191 29.28 5.03 8.75
C ALA F 191 29.07 5.83 7.46
N ASP F 192 27.83 5.83 6.96
CA ASP F 192 27.52 6.45 5.67
C ASP F 192 26.88 7.83 5.78
N VAL F 193 26.16 8.06 6.87
CA VAL F 193 25.45 9.32 7.08
C VAL F 193 25.57 9.73 8.54
N SER F 194 25.72 11.03 8.78
CA SER F 194 25.55 11.61 10.10
C SER F 194 24.25 12.43 10.10
N LEU F 195 23.42 12.21 11.11
CA LEU F 195 22.21 13.01 11.28
C LEU F 195 22.36 13.90 12.50
N TYR F 196 21.90 15.14 12.39
CA TYR F 196 21.91 16.07 13.52
C TYR F 196 20.61 16.81 13.61
N SER F 197 20.06 16.85 14.82
CA SER F 197 19.13 17.93 15.14
C SER F 197 19.96 19.15 15.51
N THR F 198 20.13 20.07 14.56
CA THR F 198 20.93 21.26 14.81
C THR F 198 20.27 22.17 15.85
N THR F 199 18.99 21.92 16.12
CA THR F 199 18.30 22.55 17.24
C THR F 199 19.18 22.62 18.49
N1 LLP F 200 17.44 13.17 17.51
C2 LLP F 200 17.95 13.54 18.69
C2' LLP F 200 19.07 12.72 19.36
C3 LLP F 200 17.43 14.69 19.34
O3 LLP F 200 17.99 15.06 20.56
C4 LLP F 200 16.41 15.43 18.75
C4' LLP F 200 15.86 16.75 19.51
C5 LLP F 200 15.90 15.04 17.55
C6 LLP F 200 16.41 13.90 16.92
C5' LLP F 200 14.73 15.82 16.84
OP4 LLP F 200 15.14 17.00 16.20
P LLP F 200 14.19 18.24 16.17
OP1 LLP F 200 15.10 19.42 15.84
OP2 LLP F 200 13.16 18.07 15.13
OP3 LLP F 200 13.53 18.40 17.49
N LLP F 200 19.88 21.53 18.75
CA LLP F 200 20.52 21.33 20.06
CB LLP F 200 20.53 19.83 20.31
CG LLP F 200 19.15 19.24 19.93
CD LLP F 200 18.26 19.01 21.16
CE LLP F 200 16.81 18.58 20.76
NZ LLP F 200 16.71 17.11 20.63
C LLP F 200 21.84 22.02 20.11
O LLP F 200 21.90 23.22 19.85
N SER F 201 22.91 21.32 20.44
CA SER F 201 24.20 21.98 20.68
C SER F 201 24.83 22.60 19.45
N ILE F 202 24.41 22.20 18.26
CA ILE F 202 25.01 22.78 17.06
C ILE F 202 24.61 24.27 16.98
N ALA F 203 23.31 24.55 16.96
CA ALA F 203 22.87 25.93 17.03
C ALA F 203 23.23 26.49 18.40
N GLY F 204 22.93 25.70 19.44
CA GLY F 204 23.52 25.93 20.75
C GLY F 204 22.91 26.99 21.67
N HIS F 205 21.97 27.80 21.17
CA HIS F 205 21.41 28.88 21.99
C HIS F 205 19.90 28.77 22.21
N ALA F 206 19.34 27.61 21.90
CA ALA F 206 17.93 27.32 22.11
C ALA F 206 17.00 28.37 21.55
N ASP F 207 17.32 28.90 20.38
CA ASP F 207 16.49 29.94 19.79
C ASP F 207 16.23 29.68 18.29
N VAL F 208 16.40 28.42 17.90
CA VAL F 208 16.21 28.04 16.51
C VAL F 208 16.04 26.52 16.34
N LEU F 209 15.11 26.14 15.46
CA LEU F 209 14.90 24.73 15.11
C LEU F 209 15.59 24.38 13.80
N GLY F 210 16.34 23.27 13.80
CA GLY F 210 16.96 22.81 12.57
C GLY F 210 17.43 21.36 12.56
N GLY F 211 17.72 20.87 11.35
CA GLY F 211 18.22 19.52 11.14
C GLY F 211 19.27 19.48 10.05
N ALA F 212 20.07 18.40 10.03
CA ALA F 212 21.11 18.25 9.04
C ALA F 212 21.42 16.78 8.75
N LEU F 213 21.76 16.51 7.50
CA LEU F 213 22.37 15.23 7.11
C LEU F 213 23.72 15.55 6.48
N VAL F 214 24.75 14.82 6.90
CA VAL F 214 26.10 14.94 6.36
C VAL F 214 26.54 13.55 5.88
N TYR F 215 27.07 13.47 4.67
CA TYR F 215 27.27 12.18 3.98
C TYR F 215 28.24 12.36 2.80
N ARG F 216 28.61 11.27 2.14
CA ARG F 216 29.54 11.37 1.02
C ARG F 216 29.03 10.86 -0.33
N ASP F 217 27.95 10.08 -0.33
CA ASP F 217 27.48 9.46 -1.56
C ASP F 217 26.67 10.44 -2.42
N ALA F 218 27.09 10.61 -3.67
CA ALA F 218 26.43 11.59 -4.57
C ALA F 218 25.04 11.13 -5.01
N ASP F 219 24.81 9.82 -5.11
CA ASP F 219 23.46 9.35 -5.43
C ASP F 219 22.52 9.61 -4.24
N LEU F 220 23.03 9.43 -3.02
CA LEU F 220 22.26 9.80 -1.83
C LEU F 220 21.98 11.31 -1.83
N HIS F 221 22.97 12.09 -2.25
CA HIS F 221 22.84 13.54 -2.33
C HIS F 221 21.67 13.97 -3.22
N ALA F 222 21.61 13.38 -4.42
CA ALA F 222 20.52 13.65 -5.35
C ALA F 222 19.16 13.28 -4.75
N ALA F 223 19.05 12.06 -4.23
CA ALA F 223 17.80 11.59 -3.66
C ALA F 223 17.38 12.45 -2.47
N VAL F 224 18.33 12.74 -1.58
CA VAL F 224 18.05 13.60 -0.44
C VAL F 224 17.61 15.01 -0.91
N ARG F 225 18.32 15.58 -1.87
CA ARG F 225 17.98 16.93 -2.33
C ARG F 225 16.66 16.97 -3.11
N ALA F 226 16.36 15.91 -3.86
CA ALA F 226 15.06 15.83 -4.53
C ALA F 226 13.91 15.74 -3.52
N TYR F 227 14.09 14.97 -2.46
CA TYR F 227 13.03 14.84 -1.46
C TYR F 227 12.76 16.15 -0.70
N ARG F 228 13.81 16.87 -0.32
CA ARG F 228 13.63 18.11 0.40
C ARG F 228 12.90 19.13 -0.49
N THR F 229 13.27 19.16 -1.76
CA THR F 229 12.66 20.08 -2.71
C THR F 229 11.18 19.75 -2.88
N THR F 230 10.85 18.47 -2.88
CA THR F 230 9.48 18.06 -3.15
C THR F 230 8.62 18.14 -1.90
N ALA F 231 9.14 17.64 -0.78
CA ALA F 231 8.42 17.68 0.49
C ALA F 231 8.40 19.09 1.10
N GLY F 232 9.39 19.90 0.74
CA GLY F 232 9.41 21.29 1.19
C GLY F 232 9.79 21.50 2.64
N ASN F 233 10.54 20.56 3.19
CA ASN F 233 10.94 20.66 4.59
C ASN F 233 12.25 21.44 4.72
N VAL F 234 12.29 22.61 4.08
CA VAL F 234 13.50 23.43 4.03
C VAL F 234 13.49 24.45 5.15
N PRO F 235 14.68 24.74 5.73
CA PRO F 235 14.75 25.84 6.69
C PRO F 235 14.91 27.17 5.93
N GLY F 236 14.29 28.22 6.44
CA GLY F 236 14.44 29.52 5.83
C GLY F 236 15.79 30.12 6.19
N ALA F 237 16.11 31.23 5.56
CA ALA F 237 17.46 31.81 5.62
C ALA F 237 17.88 32.40 6.98
N LEU F 238 16.97 33.08 7.66
CA LEU F 238 17.24 33.58 9.01
C LEU F 238 17.63 32.47 10.00
N ASP F 239 16.87 31.37 10.01
CA ASP F 239 17.20 30.24 10.88
C ASP F 239 18.59 29.67 10.58
N CYS F 240 18.93 29.55 9.30
CA CYS F 240 20.27 29.10 8.91
C CYS F 240 21.37 30.06 9.42
N PHE F 241 21.17 31.36 9.23
CA PHE F 241 22.05 32.38 9.80
C PHE F 241 22.30 32.17 11.31
N LEU F 242 21.22 31.95 12.07
CA LEU F 242 21.32 31.72 13.51
C LEU F 242 22.04 30.41 13.85
N VAL F 243 21.80 29.38 13.04
CA VAL F 243 22.47 28.11 13.26
C VAL F 243 23.96 28.33 12.97
N ARG F 244 24.23 29.04 11.89
CA ARG F 244 25.60 29.29 11.46
C ARG F 244 26.29 30.21 12.47
N ARG F 245 25.51 31.11 13.06
CA ARG F 245 26.08 32.07 13.98
C ARG F 245 26.39 31.37 15.29
N GLY F 246 25.46 30.54 15.76
CA GLY F 246 25.68 29.76 16.95
C GLY F 246 26.86 28.82 16.72
N LEU F 247 26.96 28.32 15.49
CA LEU F 247 27.96 27.31 15.15
C LEU F 247 29.38 27.73 15.47
N HIS F 248 29.68 29.02 15.30
CA HIS F 248 31.05 29.52 15.50
C HIS F 248 31.65 29.08 16.83
N THR F 249 30.82 29.05 17.87
CA THR F 249 31.30 28.73 19.20
C THR F 249 31.07 27.28 19.62
N LEU F 250 30.75 26.38 18.69
CA LEU F 250 30.55 24.97 19.04
C LEU F 250 31.68 24.29 19.85
N SER F 251 32.93 24.41 19.39
CA SER F 251 34.05 23.80 20.13
C SER F 251 34.15 24.33 21.56
N LEU F 252 34.14 25.65 21.69
CA LEU F 252 34.25 26.30 23.00
C LEU F 252 33.14 25.87 23.96
N ARG F 253 31.91 25.93 23.48
CA ARG F 253 30.76 25.53 24.28
C ARG F 253 30.84 24.06 24.69
N VAL F 254 31.10 23.19 23.71
CA VAL F 254 31.13 21.76 23.96
C VAL F 254 32.13 21.37 25.06
N HIS F 255 33.37 21.84 24.99
CA HIS F 255 34.33 21.39 26.00
C HIS F 255 34.09 22.04 27.39
N ARG F 256 33.50 23.23 27.39
CA ARG F 256 33.07 23.85 28.63
C ARG F 256 31.98 22.98 29.26
N GLN F 257 31.06 22.52 28.42
CA GLN F 257 29.98 21.65 28.86
C GLN F 257 30.54 20.34 29.42
N VAL F 258 31.49 19.74 28.71
CA VAL F 258 32.10 18.48 29.17
C VAL F 258 32.82 18.65 30.52
N ALA F 259 33.62 19.70 30.63
CA ALA F 259 34.34 19.97 31.87
C ALA F 259 33.38 20.08 33.05
N THR F 260 32.25 20.75 32.84
CA THR F 260 31.29 20.93 33.91
C THR F 260 30.55 19.63 34.23
N ALA F 261 30.26 18.84 33.20
CA ALA F 261 29.62 17.54 33.40
C ALA F 261 30.43 16.64 34.35
N ARG F 262 31.75 16.64 34.18
CA ARG F 262 32.61 15.82 35.03
C ARG F 262 32.56 16.27 36.49
N VAL F 263 32.62 17.58 36.72
CA VAL F 263 32.44 18.11 38.07
C VAL F 263 31.09 17.69 38.66
N LEU F 264 30.03 17.77 37.87
CA LEU F 264 28.71 17.34 38.35
C LEU F 264 28.64 15.84 38.69
N VAL F 265 29.28 15.01 37.86
CA VAL F 265 29.34 13.58 38.12
C VAL F 265 30.01 13.28 39.48
N GLU F 266 31.08 14.04 39.78
CA GLU F 266 31.76 13.94 41.07
C GLU F 266 30.84 14.23 42.24
N ARG F 267 30.12 15.35 42.19
CA ARG F 267 29.13 15.66 43.22
C ARG F 267 28.05 14.57 43.36
N LEU F 268 27.54 14.09 42.22
CA LEU F 268 26.50 13.06 42.24
C LEU F 268 26.97 11.80 42.93
N ARG F 269 28.18 11.35 42.59
CA ARG F 269 28.72 10.12 43.14
C ARG F 269 28.82 10.22 44.66
N ALA F 270 28.94 11.46 45.14
CA ALA F 270 29.14 11.74 46.55
C ALA F 270 27.85 11.92 47.34
N SER F 271 26.73 12.05 46.65
CA SER F 271 25.45 12.30 47.32
C SER F 271 24.76 11.01 47.77
N PRO F 272 24.36 10.95 49.04
CA PRO F 272 23.74 9.72 49.55
C PRO F 272 22.32 9.47 48.99
N VAL F 273 21.75 10.45 48.30
CA VAL F 273 20.43 10.26 47.70
C VAL F 273 20.53 10.06 46.20
N VAL F 274 21.69 9.59 45.76
CA VAL F 274 21.90 9.26 44.36
C VAL F 274 22.32 7.80 44.30
N GLY F 275 21.75 7.05 43.36
CA GLY F 275 22.13 5.66 43.17
C GLY F 275 23.09 5.54 42.00
N ALA F 276 22.68 4.76 41.01
CA ALA F 276 23.43 4.64 39.76
C ALA F 276 23.67 6.00 39.13
N VAL F 277 24.86 6.19 38.59
CA VAL F 277 25.17 7.38 37.83
C VAL F 277 25.60 6.93 36.44
N HIS F 278 24.99 7.53 35.42
CA HIS F 278 25.29 7.16 34.05
C HIS F 278 26.06 8.28 33.37
N TYR F 279 27.26 7.97 32.91
CA TYR F 279 28.08 8.94 32.18
C TYR F 279 29.13 8.18 31.39
N PRO F 280 29.22 8.45 30.08
CA PRO F 280 30.14 7.73 29.20
C PRO F 280 31.60 7.81 29.64
N GLY F 281 31.93 8.78 30.49
CA GLY F 281 33.31 8.99 30.91
C GLY F 281 33.79 8.17 32.10
N LEU F 282 32.88 7.79 33.00
CA LEU F 282 33.26 6.99 34.16
C LEU F 282 33.89 5.67 33.74
N PRO F 283 34.93 5.20 34.47
CA PRO F 283 35.51 3.93 34.07
C PRO F 283 34.58 2.79 34.47
N GLU F 284 33.68 3.09 35.41
CA GLU F 284 32.63 2.14 35.76
C GLU F 284 31.89 1.71 34.49
N HIS F 285 31.58 2.70 33.63
CA HIS F 285 30.72 2.57 32.45
C HIS F 285 30.93 1.31 31.59
N PRO F 286 29.81 0.64 31.24
CA PRO F 286 29.91 -0.72 30.64
C PRO F 286 30.53 -0.78 29.23
N GLN F 287 30.20 0.16 28.35
CA GLN F 287 30.85 0.17 27.05
C GLN F 287 32.06 1.11 27.04
N HIS F 288 32.86 1.07 28.11
CA HIS F 288 33.93 2.06 28.28
C HIS F 288 34.94 2.15 27.14
N ALA F 289 35.49 1.02 26.75
CA ALA F 289 36.50 0.96 25.70
C ALA F 289 35.99 1.57 24.40
N VAL F 290 34.72 1.34 24.09
CA VAL F 290 34.14 1.85 22.85
C VAL F 290 34.04 3.36 22.95
N VAL F 291 33.63 3.83 24.12
CA VAL F 291 33.62 5.25 24.43
C VAL F 291 34.96 5.91 24.09
N LYS F 292 36.03 5.37 24.65
CA LYS F 292 37.36 5.93 24.52
C LYS F 292 37.90 5.75 23.10
N ALA F 293 37.37 4.75 22.39
CA ALA F 293 37.85 4.46 21.05
C ALA F 293 37.13 5.22 19.94
N GLN F 294 36.00 5.84 20.25
CA GLN F 294 35.27 6.53 19.18
C GLN F 294 34.92 7.98 19.52
N MSE F 295 35.23 8.39 20.75
CA MSE F 295 34.81 9.69 21.20
C MSE F 295 35.96 10.46 21.90
O MSE F 295 36.64 9.93 22.76
CB MSE F 295 33.61 9.55 22.10
CG MSE F 295 32.88 8.23 22.01
SE MSE F 295 31.40 8.68 23.12
CE MSE F 295 30.74 6.91 23.57
N SER F 296 36.17 11.71 21.48
CA SER F 296 37.27 12.52 21.98
C SER F 296 36.99 13.03 23.39
N ALA F 297 35.73 12.98 23.80
CA ALA F 297 35.31 13.32 25.17
C ALA F 297 33.89 12.76 25.40
N PRO F 298 33.54 12.51 26.66
CA PRO F 298 32.29 11.77 26.87
C PRO F 298 30.98 12.59 26.95
N GLY F 299 31.00 13.83 26.49
CA GLY F 299 29.76 14.55 26.29
C GLY F 299 29.25 15.31 27.49
N ALA F 300 28.10 15.97 27.32
CA ALA F 300 27.61 16.90 28.33
C ALA F 300 26.26 16.51 28.92
N ILE F 301 25.91 15.23 28.77
CA ILE F 301 24.67 14.71 29.31
C ILE F 301 24.99 13.72 30.42
N VAL F 302 24.25 13.79 31.53
CA VAL F 302 24.45 12.89 32.66
C VAL F 302 23.10 12.46 33.21
N SER F 303 22.95 11.19 33.54
CA SER F 303 21.72 10.75 34.17
C SER F 303 22.05 10.04 35.48
N PHE F 304 21.10 10.00 36.40
CA PHE F 304 21.32 9.36 37.68
C PHE F 304 20.04 8.92 38.35
N ASP F 305 20.10 7.82 39.09
CA ASP F 305 19.00 7.38 39.92
C ASP F 305 18.91 8.30 41.13
N TYR F 306 17.77 8.96 41.28
CA TYR F 306 17.52 9.79 42.44
C TYR F 306 16.75 8.97 43.47
N LEU F 307 17.28 8.89 44.70
CA LEU F 307 16.70 8.02 45.72
C LEU F 307 15.97 8.84 46.77
N GLY F 308 15.90 10.15 46.56
CA GLY F 308 15.31 11.03 47.56
C GLY F 308 13.79 11.11 47.53
N GLY F 309 13.18 10.31 46.67
CA GLY F 309 11.73 10.28 46.58
C GLY F 309 11.21 10.68 45.21
N PRO F 310 10.13 11.47 45.18
CA PRO F 310 9.48 11.86 43.91
C PRO F 310 10.35 12.80 43.10
N ALA F 311 10.56 12.45 41.83
CA ALA F 311 11.29 13.31 40.92
C ALA F 311 10.67 14.69 40.96
N GLU F 312 9.34 14.70 40.94
CA GLU F 312 8.53 15.91 40.96
C GLU F 312 9.04 16.89 42.02
N ARG F 313 9.34 16.37 43.21
CA ARG F 313 9.80 17.21 44.32
C ARG F 313 11.20 17.77 44.10
N LEU F 314 12.09 16.95 43.56
CA LEU F 314 13.47 17.38 43.31
C LEU F 314 13.52 18.49 42.26
N LEU F 315 12.80 18.27 41.15
CA LEU F 315 12.74 19.23 40.06
C LEU F 315 12.30 20.62 40.51
N ASP F 316 11.45 20.67 41.54
CA ASP F 316 10.96 21.93 42.05
C ASP F 316 12.01 22.70 42.86
N ARG F 317 13.12 22.04 43.20
CA ARG F 317 14.10 22.64 44.11
C ARG F 317 15.28 23.36 43.46
N PHE F 318 15.51 23.15 42.17
CA PHE F 318 16.61 23.80 41.46
C PHE F 318 16.32 25.29 41.33
N THR F 319 17.37 26.11 41.31
CA THR F 319 17.24 27.56 41.20
C THR F 319 17.95 28.07 39.93
N LEU F 320 18.84 27.26 39.40
CA LEU F 320 19.64 27.67 38.25
C LEU F 320 19.32 26.83 37.02
N PHE F 321 19.48 25.51 37.14
CA PHE F 321 19.01 24.57 36.13
C PHE F 321 17.59 24.90 35.72
N THR F 322 17.27 24.77 34.43
CA THR F 322 15.91 24.95 33.95
C THR F 322 15.21 23.60 33.81
N CYS F 323 14.01 23.47 34.36
CA CYS F 323 13.22 22.26 34.14
C CYS F 323 12.53 22.31 32.80
N GLY F 324 12.97 21.48 31.87
CA GLY F 324 12.33 21.43 30.58
C GLY F 324 13.08 20.50 29.67
N VAL F 325 12.43 20.07 28.60
CA VAL F 325 13.06 19.11 27.70
C VAL F 325 14.02 19.86 26.78
N SER F 326 14.59 19.11 25.84
CA SER F 326 15.64 19.57 24.92
C SER F 326 17.01 19.45 25.60
N LEU F 327 18.07 19.53 24.80
CA LEU F 327 19.42 19.47 25.34
C LEU F 327 20.42 20.32 24.58
N GLY F 328 21.62 20.39 25.13
CA GLY F 328 22.75 20.99 24.42
C GLY F 328 22.78 22.51 24.37
N GLY F 329 21.94 23.17 25.14
CA GLY F 329 21.92 24.62 25.11
C GLY F 329 22.96 25.27 26.02
N VAL F 330 23.08 26.59 25.93
CA VAL F 330 23.93 27.34 26.86
C VAL F 330 23.31 27.36 28.25
N HIS F 331 21.98 27.28 28.32
CA HIS F 331 21.29 27.14 29.60
C HIS F 331 21.23 25.66 29.98
N SER F 332 21.67 25.35 31.19
CA SER F 332 21.59 23.99 31.72
C SER F 332 20.12 23.59 31.95
N LEU F 333 19.79 22.36 31.56
CA LEU F 333 18.42 21.84 31.69
C LEU F 333 18.40 20.55 32.51
N VAL F 334 17.28 20.30 33.18
CA VAL F 334 17.06 19.05 33.89
C VAL F 334 15.69 18.49 33.51
N GLU F 335 15.63 17.17 33.33
CA GLU F 335 14.41 16.49 32.91
C GLU F 335 14.20 15.23 33.78
N CYS F 336 12.94 14.84 34.00
CA CYS F 336 12.68 13.48 34.47
C CYS F 336 12.03 12.71 33.33
N PRO F 337 12.81 11.87 32.66
CA PRO F 337 12.40 11.03 31.53
C PRO F 337 11.18 10.15 31.79
N ALA F 338 10.62 10.15 33.00
CA ALA F 338 9.36 9.45 33.24
C ALA F 338 8.19 10.38 32.93
N LEU F 339 8.40 11.68 33.16
CA LEU F 339 7.30 12.64 33.08
C LEU F 339 7.37 13.54 31.86
N MSE F 340 8.50 13.50 31.14
CA MSE F 340 8.81 14.60 30.22
C MSE F 340 9.37 14.22 28.83
O MSE F 340 9.37 15.06 27.91
CB MSE F 340 9.72 15.62 30.92
CG MSE F 340 9.09 16.30 32.12
SE MSE F 340 10.39 17.22 33.25
CE MSE F 340 11.33 18.19 31.86
N THR F 341 9.87 13.01 28.66
CA THR F 341 10.21 12.51 27.33
C THR F 341 9.38 11.29 27.03
N HIS F 342 9.58 10.29 27.87
CA HIS F 342 8.91 9.01 27.79
C HIS F 342 7.63 9.04 28.62
N ARG F 343 7.15 10.26 28.89
CA ARG F 343 5.85 10.48 29.51
C ARG F 343 4.71 9.72 28.81
N PRO F 344 4.74 9.64 27.46
CA PRO F 344 3.77 8.76 26.80
C PRO F 344 4.05 7.25 26.95
N LEU F 345 5.00 6.85 27.80
CA LEU F 345 5.26 5.42 28.02
C LEU F 345 4.63 4.90 29.30
N SER F 346 4.64 3.58 29.44
CA SER F 346 4.03 2.89 30.57
C SER F 346 5.09 2.35 31.52
N ALA F 347 4.70 2.09 32.77
CA ALA F 347 5.54 1.37 33.71
C ALA F 347 5.82 -0.08 33.24
N GLU F 348 6.13 -0.23 31.94
CA GLU F 348 6.59 -1.47 31.35
C GLU F 348 7.54 -1.16 30.24
N ALA F 349 7.48 0.08 29.76
CA ALA F 349 8.33 0.53 28.67
C ALA F 349 9.65 1.08 29.18
N ARG F 350 9.56 2.01 30.12
CA ARG F 350 10.74 2.53 30.79
C ARG F 350 11.33 1.37 31.63
N ALA F 351 10.46 0.62 32.30
CA ALA F 351 10.90 -0.55 33.06
C ALA F 351 11.51 -1.64 32.15
N ARG F 352 11.25 -1.54 30.84
CA ARG F 352 12.02 -2.26 29.83
C ARG F 352 12.82 -1.28 28.95
N ARG F 353 13.23 -0.17 29.57
CA ARG F 353 14.29 0.67 29.02
C ARG F 353 15.16 1.08 30.21
N GLY F 354 14.97 0.37 31.33
CA GLY F 354 15.77 0.56 32.53
C GLY F 354 15.65 1.98 33.09
N ILE F 355 14.59 2.67 32.68
CA ILE F 355 14.36 4.05 33.09
C ILE F 355 13.33 4.10 34.22
N GLY F 356 13.80 4.20 35.46
CA GLY F 356 12.92 4.27 36.59
C GLY F 356 12.09 5.55 36.66
N GLU F 357 11.07 5.53 37.50
CA GLU F 357 10.30 6.73 37.82
C GLU F 357 11.19 7.84 38.38
N SER F 358 12.32 7.46 38.95
CA SER F 358 13.17 8.44 39.61
C SER F 358 14.52 8.66 38.92
N LEU F 359 14.64 8.26 37.67
CA LEU F 359 15.82 8.65 36.90
C LEU F 359 15.72 10.14 36.55
N ILE F 360 16.84 10.84 36.68
CA ILE F 360 16.91 12.26 36.39
C ILE F 360 17.96 12.48 35.30
N ARG F 361 17.66 13.34 34.32
CA ARG F 361 18.62 13.65 33.27
C ARG F 361 19.12 15.09 33.31
N LEU F 362 20.44 15.27 33.23
CA LEU F 362 21.02 16.61 33.19
C LEU F 362 21.63 16.90 31.82
N SER F 363 21.30 18.04 31.22
CA SER F 363 22.03 18.52 30.06
C SER F 363 22.78 19.77 30.49
N VAL F 364 24.10 19.74 30.35
CA VAL F 364 24.94 20.75 30.95
C VAL F 364 25.18 21.93 30.01
N GLY F 365 24.90 23.14 30.48
CA GLY F 365 25.16 24.35 29.73
C GLY F 365 26.53 24.95 30.02
N ILE F 366 26.67 26.25 29.83
CA ILE F 366 27.97 26.89 29.98
C ILE F 366 28.04 27.85 31.19
N GLU F 367 27.14 27.70 32.15
CA GLU F 367 27.25 28.43 33.41
C GLU F 367 28.48 27.93 34.18
N ASP F 368 28.90 28.68 35.20
CA ASP F 368 30.05 28.29 36.01
C ASP F 368 29.82 26.92 36.66
N PRO F 369 30.84 26.05 36.66
CA PRO F 369 30.75 24.72 37.27
C PRO F 369 30.36 24.77 38.74
N GLN F 370 30.80 25.79 39.45
CA GLN F 370 30.50 25.84 40.88
C GLN F 370 29.07 26.29 41.16
N ASP F 371 28.52 27.18 40.35
CA ASP F 371 27.13 27.57 40.53
C ASP F 371 26.24 26.36 40.23
N LEU F 372 26.51 25.67 39.12
CA LEU F 372 25.74 24.49 38.77
C LEU F 372 25.89 23.40 39.84
N ALA F 373 27.12 23.15 40.28
CA ALA F 373 27.36 22.20 41.37
C ALA F 373 26.57 22.60 42.61
N GLU F 374 26.55 23.90 42.89
CA GLU F 374 25.84 24.37 44.08
C GLU F 374 24.32 24.17 43.94
N ASP F 375 23.76 24.52 42.78
CA ASP F 375 22.33 24.31 42.55
C ASP F 375 21.97 22.82 42.65
N LEU F 376 22.78 21.98 42.01
CA LEU F 376 22.54 20.53 42.04
C LEU F 376 22.57 19.98 43.47
N SER F 377 23.60 20.34 44.24
CA SER F 377 23.77 19.80 45.60
C SER F 377 22.70 20.28 46.55
N ARG F 378 22.23 21.51 46.33
CA ARG F 378 21.15 22.08 47.10
C ARG F 378 19.84 21.35 46.86
N ALA F 379 19.51 21.15 45.58
CA ALA F 379 18.28 20.45 45.22
C ALA F 379 18.29 19.02 45.74
N LEU F 380 19.45 18.37 45.65
CA LEU F 380 19.59 17.01 46.15
C LEU F 380 19.47 17.00 47.66
N ALA F 381 20.08 18.01 48.28
CA ALA F 381 20.03 18.18 49.73
C ALA F 381 18.62 18.14 50.28
N GLY F 382 17.66 18.64 49.52
CA GLY F 382 16.27 18.56 49.95
C GLY F 382 15.86 19.70 50.85
N GLY G 6 24.12 31.46 45.18
CA GLY G 6 25.06 31.35 44.09
C GLY G 6 24.56 31.83 42.72
N MSE G 7 25.20 32.86 42.19
CA MSE G 7 25.14 33.26 40.77
C MSE G 7 26.44 34.01 40.45
O MSE G 7 26.62 35.15 40.91
CB MSE G 7 23.86 34.08 40.41
CG MSE G 7 23.43 35.21 41.37
SE MSE G 7 21.94 36.46 40.82
CE MSE G 7 20.59 35.21 40.13
N ARG G 8 27.36 33.39 39.72
CA ARG G 8 28.70 33.95 39.45
C ARG G 8 28.80 34.59 38.07
N PHE G 9 30.01 35.00 37.71
CA PHE G 9 30.27 35.75 36.48
C PHE G 9 29.81 35.05 35.17
N GLY G 10 30.28 33.82 34.93
CA GLY G 10 29.93 33.04 33.75
C GLY G 10 28.49 32.51 33.73
N THR G 11 27.82 32.66 34.87
CA THR G 11 26.41 32.34 35.02
C THR G 11 25.60 33.58 34.64
N ARG G 12 26.18 34.75 34.89
CA ARG G 12 25.51 36.02 34.59
C ARG G 12 25.47 36.28 33.10
N LEU G 13 26.48 35.83 32.38
CA LEU G 13 26.46 35.92 30.92
C LEU G 13 25.21 35.23 30.36
N VAL G 14 24.84 34.10 30.96
CA VAL G 14 23.74 33.31 30.42
C VAL G 14 22.38 33.71 30.98
N HIS G 15 22.32 34.00 32.27
CA HIS G 15 21.05 34.24 32.92
C HIS G 15 20.78 35.69 33.34
N GLY G 16 21.77 36.57 33.17
CA GLY G 16 21.57 37.98 33.48
C GLY G 16 20.43 38.55 32.65
N GLY G 17 19.44 39.16 33.30
CA GLY G 17 18.29 39.69 32.61
C GLY G 17 17.28 38.66 32.07
N ARG G 18 17.10 37.54 32.74
CA ARG G 18 16.08 36.57 32.26
C ARG G 18 14.71 36.66 32.96
N ARG G 19 14.25 37.90 33.18
CA ARG G 19 12.92 38.25 33.66
C ARG G 19 11.82 37.56 32.87
N PRO G 20 11.45 36.35 33.30
CA PRO G 20 10.62 35.42 32.52
C PRO G 20 9.46 36.05 31.76
N SER G 21 9.17 35.44 30.62
CA SER G 21 8.02 35.79 29.82
C SER G 21 6.88 35.13 30.55
N ALA G 22 5.89 35.89 31.00
CA ALA G 22 4.74 35.19 31.66
C ALA G 22 4.00 34.37 30.67
N GLY G 23 2.80 33.97 31.07
CA GLY G 23 1.96 33.13 30.24
C GLY G 23 2.54 31.99 29.40
N THR G 24 3.85 32.01 29.09
CA THR G 24 4.39 31.03 28.14
C THR G 24 5.76 30.45 28.43
N GLY G 25 6.43 30.91 29.48
CA GLY G 25 7.59 30.20 30.00
C GLY G 25 8.81 30.05 29.10
N ASP G 26 8.88 30.84 28.03
CA ASP G 26 10.05 30.87 27.15
C ASP G 26 11.34 30.98 27.96
N VAL G 27 12.29 30.10 27.67
CA VAL G 27 13.61 30.19 28.30
C VAL G 27 14.39 31.35 27.70
N VAL G 28 14.45 31.42 26.38
CA VAL G 28 14.98 32.60 25.71
C VAL G 28 13.86 33.64 25.64
N PRO G 29 14.05 34.81 26.28
CA PRO G 29 12.93 35.76 26.28
C PRO G 29 12.59 36.19 24.85
N PRO G 30 11.28 36.37 24.55
CA PRO G 30 10.88 36.74 23.20
C PRO G 30 11.41 38.11 22.77
N ILE G 31 11.54 38.30 21.46
CA ILE G 31 12.06 39.54 20.90
C ILE G 31 10.95 40.60 20.82
N HIS G 32 11.03 41.59 21.71
CA HIS G 32 10.06 42.67 21.72
C HIS G 32 10.39 43.68 20.63
N VAL G 33 9.69 43.61 19.51
CA VAL G 33 9.93 44.52 18.41
C VAL G 33 8.94 45.69 18.39
N SER G 34 7.90 45.62 19.20
CA SER G 34 6.85 46.64 19.15
C SER G 34 7.36 48.04 19.57
N THR G 35 7.05 49.05 18.77
CA THR G 35 7.37 50.43 19.08
C THR G 35 6.27 51.05 19.93
N THR G 36 5.08 50.49 19.83
CA THR G 36 3.91 51.11 20.45
C THR G 36 3.32 50.18 21.52
N TYR G 37 2.75 50.76 22.56
CA TYR G 37 2.18 49.95 23.63
C TYR G 37 0.77 50.34 23.95
N GLU G 38 -0.05 49.33 24.25
CA GLU G 38 -1.42 49.55 24.69
C GLU G 38 -1.34 49.96 26.15
N ARG G 39 -1.91 51.11 26.45
CA ARG G 39 -1.88 51.64 27.80
C ARG G 39 -2.61 50.70 28.77
N ARG G 40 -3.82 50.30 28.38
CA ARG G 40 -4.73 49.58 29.28
C ARG G 40 -4.35 48.10 29.59
N ALA G 41 -3.21 47.64 29.08
CA ALA G 41 -2.81 46.25 29.29
C ALA G 41 -1.74 46.12 30.36
N GLN G 42 -1.61 47.14 31.19
CA GLN G 42 -0.55 47.16 32.18
C GLN G 42 -1.13 47.37 33.55
N ASP G 43 -1.00 46.35 34.40
CA ASP G 43 -1.36 46.51 35.81
C ASP G 43 -0.54 47.66 36.39
N GLU G 44 0.64 47.90 35.83
CA GLU G 44 1.42 49.08 36.19
C GLU G 44 2.03 49.77 34.96
N PRO G 45 1.45 50.91 34.56
CA PRO G 45 1.68 51.62 33.29
C PRO G 45 3.09 52.18 33.21
N ARG G 46 4.00 51.41 32.63
CA ARG G 46 5.34 51.92 32.47
C ARG G 46 5.99 51.65 31.09
N TYR G 47 5.28 50.96 30.22
CA TYR G 47 5.70 50.87 28.82
C TYR G 47 4.84 51.79 27.97
N PHE G 48 5.49 52.69 27.25
CA PHE G 48 4.75 53.64 26.44
C PHE G 48 5.26 53.69 25.00
N TYR G 49 6.50 54.10 24.82
CA TYR G 49 7.01 54.29 23.47
C TYR G 49 8.39 53.66 23.32
N GLY G 50 8.59 52.95 22.22
CA GLY G 50 9.79 52.16 22.02
C GLY G 50 11.12 52.90 22.09
N ARG G 51 11.15 54.18 21.70
CA ARG G 51 12.41 54.93 21.82
C ARG G 51 12.82 54.99 23.29
N GLY G 52 11.84 55.12 24.17
CA GLY G 52 12.10 55.24 25.60
C GLY G 52 12.13 53.94 26.39
N GLU G 53 11.28 52.98 26.04
CA GLU G 53 11.16 51.75 26.82
C GLU G 53 11.12 50.51 25.91
N ASN G 54 11.81 49.45 26.34
CA ASN G 54 11.78 48.17 25.63
C ASN G 54 12.28 47.03 26.53
N PRO G 55 11.48 45.96 26.66
CA PRO G 55 11.86 44.83 27.52
C PRO G 55 13.14 44.14 27.04
N THR G 56 13.28 43.94 25.73
CA THR G 56 14.50 43.36 25.17
C THR G 56 15.74 44.21 25.46
N ARG G 57 15.60 45.52 25.25
CA ARG G 57 16.69 46.44 25.54
C ARG G 57 17.04 46.38 27.03
N GLU G 58 16.01 46.47 27.87
CA GLU G 58 16.17 46.44 29.32
C GLU G 58 16.81 45.13 29.80
N GLU G 59 16.48 44.02 29.14
CA GLU G 59 17.06 42.73 29.48
C GLU G 59 18.56 42.72 29.19
N LEU G 60 18.96 43.29 28.06
CA LEU G 60 20.38 43.38 27.75
C LEU G 60 21.08 44.27 28.78
N GLU G 61 20.48 45.41 29.09
CA GLU G 61 21.00 46.33 30.12
C GLU G 61 21.15 45.67 31.50
N GLU G 62 20.19 44.84 31.89
CA GLU G 62 20.30 44.10 33.14
C GLU G 62 21.52 43.18 33.13
N CYS G 63 21.68 42.42 32.05
CA CYS G 63 22.86 41.56 31.90
C CYS G 63 24.19 42.31 32.05
N LEU G 64 24.39 43.35 31.23
CA LEU G 64 25.63 44.15 31.24
C LEU G 64 25.94 44.74 32.62
N ALA G 65 24.92 45.28 33.29
CA ALA G 65 25.12 45.82 34.63
C ALA G 65 25.53 44.70 35.58
N GLY G 66 24.93 43.53 35.39
CA GLY G 66 25.22 42.37 36.22
C GLY G 66 26.67 41.93 36.12
N LEU G 67 27.28 42.16 34.96
CA LEU G 67 28.67 41.76 34.74
C LEU G 67 29.63 42.58 35.60
N GLU G 68 29.15 43.69 36.14
CA GLU G 68 30.04 44.55 36.93
C GLU G 68 29.48 44.83 38.32
N ARG G 69 28.46 44.05 38.71
CA ARG G 69 27.72 44.29 39.95
C ARG G 69 27.28 45.75 40.06
N ALA G 70 26.85 46.33 38.95
CA ALA G 70 26.41 47.72 38.93
C ALA G 70 24.89 47.76 38.93
N PRO G 71 24.31 48.81 39.51
CA PRO G 71 22.86 48.89 39.53
C PRO G 71 22.31 49.46 38.23
N PHE G 72 23.18 49.87 37.31
CA PHE G 72 22.70 50.53 36.10
C PHE G 72 23.53 50.21 34.85
N ALA G 73 22.84 50.16 33.72
CA ALA G 73 23.48 50.16 32.42
C ALA G 73 22.53 50.73 31.39
N THR G 74 23.09 51.36 30.37
CA THR G 74 22.30 51.90 29.28
C THR G 74 22.97 51.52 27.97
N VAL G 75 22.20 51.00 27.03
CA VAL G 75 22.72 50.69 25.69
C VAL G 75 22.32 51.72 24.64
N PHE G 76 23.06 51.70 23.54
CA PHE G 76 23.04 52.72 22.52
C PHE G 76 23.23 52.08 21.15
N SER G 77 22.91 52.82 20.11
CA SER G 77 23.06 52.36 18.74
C SER G 77 24.51 51.97 18.39
N SER G 78 25.49 52.56 19.08
CA SER G 78 26.89 52.22 18.86
C SER G 78 27.78 52.62 20.04
N GLY G 79 29.04 52.19 20.00
CA GLY G 79 30.02 52.59 20.98
C GLY G 79 30.18 54.11 20.97
N GLN G 80 30.24 54.68 19.77
CA GLN G 80 30.32 56.12 19.63
C GLN G 80 29.18 56.85 20.34
N ALA G 81 27.95 56.34 20.21
CA ALA G 81 26.82 57.03 20.80
C ALA G 81 26.85 56.97 22.33
N ALA G 82 27.43 55.90 22.85
CA ALA G 82 27.66 55.79 24.28
C ALA G 82 28.64 56.89 24.73
N ALA G 83 29.75 57.00 24.00
CA ALA G 83 30.74 58.04 24.33
C ALA G 83 30.16 59.43 24.19
N ALA G 84 29.40 59.64 23.11
CA ALA G 84 28.78 60.92 22.83
C ALA G 84 27.90 61.37 23.99
N THR G 85 27.15 60.43 24.56
CA THR G 85 26.23 60.72 25.65
C THR G 85 26.93 61.26 26.91
N LEU G 86 28.07 60.68 27.27
CA LEU G 86 28.85 61.19 28.40
C LEU G 86 29.40 62.59 28.16
N LEU G 87 29.98 62.81 27.00
CA LEU G 87 30.58 64.11 26.70
C LEU G 87 29.56 65.24 26.65
N SER G 88 28.30 64.88 26.39
CA SER G 88 27.23 65.89 26.31
C SER G 88 26.94 66.46 27.69
N LEU G 89 27.43 65.79 28.73
CA LEU G 89 27.18 66.24 30.09
C LEU G 89 28.21 67.27 30.54
N VAL G 90 29.29 67.39 29.77
CA VAL G 90 30.40 68.26 30.14
C VAL G 90 30.12 69.66 29.64
N ARG G 91 29.91 70.60 30.57
CA ARG G 91 29.46 71.95 30.22
C ARG G 91 30.55 72.73 29.49
N PRO G 92 30.16 73.59 28.55
CA PRO G 92 31.11 74.56 28.03
C PRO G 92 31.73 75.30 29.21
N GLY G 93 33.05 75.42 29.24
CA GLY G 93 33.71 76.03 30.38
C GLY G 93 34.28 75.00 31.35
N GLN G 94 34.01 73.72 31.06
CA GLN G 94 34.57 72.63 31.85
C GLN G 94 35.63 71.87 31.02
N CYS G 95 36.41 71.00 31.66
CA CYS G 95 37.53 70.33 30.97
C CYS G 95 37.46 68.80 30.99
N VAL G 96 37.75 68.19 29.85
CA VAL G 96 37.87 66.73 29.75
C VAL G 96 39.33 66.32 29.57
N VAL G 97 39.85 65.56 30.52
CA VAL G 97 41.21 65.07 30.45
C VAL G 97 41.24 63.66 29.86
N SER G 98 42.14 63.46 28.89
CA SER G 98 42.33 62.15 28.29
C SER G 98 43.80 62.06 27.88
N THR G 99 44.17 60.94 27.28
CA THR G 99 45.53 60.74 26.79
C THR G 99 45.49 60.75 25.27
N ASP G 100 46.42 61.47 24.65
CA ASP G 100 46.40 61.65 23.19
C ASP G 100 46.91 60.44 22.40
N ASP G 101 46.44 59.25 22.78
CA ASP G 101 46.69 58.03 22.04
C ASP G 101 45.37 57.27 21.94
N VAL G 102 44.30 57.97 22.31
CA VAL G 102 42.98 57.40 22.50
C VAL G 102 42.32 57.02 21.18
N TYR G 103 41.35 56.10 21.23
CA TYR G 103 40.55 55.75 20.07
C TYR G 103 40.12 56.98 19.25
N ALA G 104 40.31 56.93 17.93
CA ALA G 104 40.14 58.12 17.11
C ALA G 104 38.72 58.66 17.18
N GLY G 105 37.74 57.76 17.30
CA GLY G 105 36.36 58.15 17.49
C GLY G 105 36.21 59.02 18.73
N THR G 106 36.93 58.66 19.80
CA THR G 106 36.99 59.50 20.99
C THR G 106 37.65 60.84 20.65
N ASP G 107 38.76 60.81 19.92
CA ASP G 107 39.34 62.05 19.39
C ASP G 107 38.36 62.74 18.43
N GLY G 108 37.44 61.96 17.87
CA GLY G 108 36.37 62.52 17.05
C GLY G 108 35.35 63.26 17.88
N LEU G 109 34.88 62.64 18.96
CA LEU G 109 33.90 63.29 19.82
C LEU G 109 34.45 64.49 20.59
N PHE G 110 35.72 64.45 20.99
CA PHE G 110 36.35 65.56 21.71
C PHE G 110 36.30 66.84 20.89
N ASP G 111 36.58 66.71 19.60
CA ASP G 111 36.57 67.85 18.69
C ASP G 111 35.22 68.57 18.72
N LEU G 112 34.15 67.78 18.62
CA LEU G 112 32.78 68.27 18.66
C LEU G 112 32.50 69.02 19.97
N ALA G 113 33.00 68.48 21.07
CA ALA G 113 32.81 69.16 22.34
C ALA G 113 33.53 70.50 22.34
N ALA G 114 34.76 70.48 21.83
CA ALA G 114 35.57 71.69 21.73
C ALA G 114 34.87 72.72 20.84
N ARG G 115 34.09 72.21 19.88
CA ARG G 115 33.29 73.07 19.01
C ARG G 115 32.29 73.88 19.81
N GLN G 116 31.83 73.32 20.92
CA GLN G 116 30.80 73.96 21.73
C GLN G 116 31.36 74.79 22.89
N GLY G 117 32.62 74.61 23.24
CA GLY G 117 33.18 75.30 24.38
C GLY G 117 33.72 74.41 25.49
N VAL G 118 33.86 73.12 25.19
CA VAL G 118 34.51 72.20 26.12
C VAL G 118 36.03 72.21 25.92
N ARG G 119 36.78 72.48 26.99
CA ARG G 119 38.23 72.42 26.91
C ARG G 119 38.75 70.98 27.07
N VAL G 120 39.44 70.49 26.05
CA VAL G 120 39.92 69.13 26.07
C VAL G 120 41.40 69.12 26.33
N ARG G 121 41.82 68.61 27.49
CA ARG G 121 43.24 68.57 27.83
C ARG G 121 43.82 67.17 27.65
N TYR G 122 44.87 67.08 26.84
CA TYR G 122 45.53 65.80 26.56
C TYR G 122 46.75 65.58 27.45
N ALA G 123 46.70 64.57 28.32
CA ALA G 123 47.79 64.36 29.27
C ALA G 123 48.41 62.97 29.21
N ASP G 124 49.48 62.77 29.97
CA ASP G 124 50.19 61.49 30.03
C ASP G 124 49.81 60.78 31.32
N LEU G 125 49.03 59.72 31.21
CA LEU G 125 48.49 59.04 32.40
C LEU G 125 49.30 57.84 32.87
N THR G 126 50.21 57.36 32.02
CA THR G 126 51.11 56.27 32.41
C THR G 126 52.05 56.70 33.54
N THR G 127 52.40 57.98 33.60
CA THR G 127 53.26 58.52 34.66
C THR G 127 52.54 59.45 35.63
N PRO G 128 52.88 59.35 36.93
CA PRO G 128 52.21 60.08 38.03
C PRO G 128 52.29 61.59 37.90
N GLU G 129 53.23 62.10 37.10
CA GLU G 129 53.42 63.54 36.98
C GLU G 129 52.65 64.14 35.80
N GLY G 130 52.28 63.28 34.85
CA GLY G 130 51.33 63.68 33.83
C GLY G 130 49.96 63.71 34.46
N ILE G 131 49.69 62.69 35.27
CA ILE G 131 48.48 62.60 36.09
C ILE G 131 48.30 63.85 36.95
N ALA G 132 49.29 64.16 37.77
CA ALA G 132 49.22 65.22 38.78
C ALA G 132 49.14 66.63 38.19
N ALA G 133 49.62 66.78 36.97
CA ALA G 133 49.48 68.04 36.25
C ALA G 133 48.38 67.96 35.20
N ALA G 134 47.36 67.15 35.49
CA ALA G 134 46.16 67.08 34.67
C ALA G 134 44.99 66.96 35.62
N LEU G 135 45.31 67.10 36.90
CA LEU G 135 44.32 67.07 37.96
C LEU G 135 44.60 68.28 38.84
N ALA G 136 45.57 69.08 38.41
CA ALA G 136 45.76 70.42 38.93
C ALA G 136 45.15 71.40 37.93
N GLU G 137 43.94 71.09 37.49
CA GLU G 137 43.25 71.96 36.55
C GLU G 137 41.84 72.26 37.02
N PRO G 138 41.51 73.56 37.14
CA PRO G 138 40.15 73.98 37.47
C PRO G 138 39.22 73.61 36.32
N ASP G 139 37.92 73.55 36.62
CA ASP G 139 36.91 73.18 35.64
C ASP G 139 36.99 71.71 35.20
N LEU G 140 37.85 70.93 35.83
CA LEU G 140 37.99 69.52 35.50
C LEU G 140 36.71 68.76 35.82
N ALA G 141 36.00 68.32 34.78
CA ALA G 141 34.71 67.65 34.99
C ALA G 141 34.76 66.15 34.69
N LEU G 142 35.71 65.73 33.86
CA LEU G 142 35.73 64.35 33.40
C LEU G 142 37.12 63.89 33.02
N VAL G 143 37.56 62.77 33.60
CA VAL G 143 38.81 62.15 33.20
C VAL G 143 38.52 60.93 32.37
N TRP G 144 39.07 60.88 31.16
CA TRP G 144 38.77 59.80 30.23
C TRP G 144 39.98 58.88 30.19
N ILE G 145 39.76 57.61 30.48
CA ILE G 145 40.83 56.61 30.47
C ILE G 145 40.56 55.54 29.45
N GLU G 146 41.49 55.32 28.54
CA GLU G 146 41.40 54.16 27.66
C GLU G 146 42.58 53.23 27.95
N THR G 147 42.30 52.00 28.38
CA THR G 147 43.37 51.10 28.77
C THR G 147 43.00 49.61 28.62
N PRO G 148 43.88 48.81 28.00
CA PRO G 148 45.15 49.16 27.35
C PRO G 148 44.93 50.10 26.16
N THR G 149 45.89 50.93 25.80
CA THR G 149 45.73 51.76 24.61
C THR G 149 45.99 50.94 23.35
N ASN G 150 45.73 51.53 22.19
CA ASN G 150 45.82 50.78 20.94
C ASN G 150 46.38 51.66 19.86
N PRO G 151 47.36 51.15 19.09
CA PRO G 151 47.91 49.80 19.03
C PRO G 151 49.15 49.57 19.88
N LEU G 152 49.60 50.57 20.65
CA LEU G 152 50.85 50.41 21.38
C LEU G 152 50.67 49.56 22.64
N LEU G 153 49.41 49.44 23.06
CA LEU G 153 49.03 48.59 24.19
C LEU G 153 49.63 49.04 25.52
N THR G 154 49.81 50.36 25.66
CA THR G 154 50.18 50.96 26.93
C THR G 154 49.02 50.80 27.91
N VAL G 155 49.31 50.89 29.20
CA VAL G 155 48.30 50.61 30.19
C VAL G 155 48.23 51.77 31.19
N VAL G 156 47.04 52.06 31.67
CA VAL G 156 46.84 53.13 32.65
C VAL G 156 46.33 52.60 34.00
N ASP G 157 46.94 53.05 35.09
CA ASP G 157 46.54 52.64 36.44
C ASP G 157 45.19 53.26 36.82
N VAL G 158 44.11 52.50 36.64
CA VAL G 158 42.77 53.02 36.84
C VAL G 158 42.50 53.44 38.28
N ALA G 159 42.90 52.60 39.23
CA ALA G 159 42.69 52.92 40.64
C ALA G 159 43.38 54.21 41.04
N GLU G 160 44.65 54.35 40.64
CA GLU G 160 45.42 55.53 41.02
C GLU G 160 44.89 56.79 40.34
N VAL G 161 44.56 56.71 39.07
CA VAL G 161 44.00 57.86 38.38
C VAL G 161 42.65 58.26 38.99
N SER G 162 41.82 57.27 39.29
CA SER G 162 40.47 57.54 39.83
C SER G 162 40.46 58.25 41.20
N ARG G 163 41.18 57.71 42.19
CA ARG G 163 41.16 58.31 43.51
C ARG G 163 41.74 59.73 43.48
N ARG G 164 42.76 59.93 42.66
CA ARG G 164 43.34 61.25 42.49
C ARG G 164 42.37 62.15 41.72
N ALA G 165 41.55 61.57 40.87
CA ALA G 165 40.52 62.32 40.17
C ALA G 165 39.36 62.64 41.10
N HIS G 166 39.09 61.71 42.02
CA HIS G 166 37.95 61.87 42.91
C HIS G 166 38.20 62.88 44.03
N GLU G 167 39.46 63.14 44.34
CA GLU G 167 39.79 64.27 45.19
C GLU G 167 39.33 65.53 44.47
N ARG G 168 39.55 65.57 43.16
CA ARG G 168 39.17 66.71 42.35
C ARG G 168 37.70 66.66 41.93
N GLY G 169 36.92 65.82 42.62
CA GLY G 169 35.48 65.76 42.40
C GLY G 169 35.11 65.42 40.96
N ALA G 170 36.09 64.94 40.20
CA ALA G 170 35.88 64.68 38.78
C ALA G 170 35.43 63.24 38.51
N ARG G 171 34.65 63.07 37.46
CA ARG G 171 34.18 61.74 37.05
C ARG G 171 35.22 61.01 36.21
N VAL G 172 35.35 59.71 36.45
CA VAL G 172 36.27 58.88 35.69
C VAL G 172 35.51 57.87 34.85
N VAL G 173 35.81 57.86 33.55
CA VAL G 173 35.28 56.83 32.66
C VAL G 173 36.45 56.01 32.13
N VAL G 174 36.24 54.71 32.04
CA VAL G 174 37.19 53.83 31.38
C VAL G 174 36.54 53.23 30.15
N ASP G 175 37.09 53.55 28.98
CA ASP G 175 36.67 52.93 27.74
C ASP G 175 37.23 51.51 27.79
N ASN G 176 36.38 50.55 28.14
CA ASN G 176 36.82 49.18 28.45
C ASN G 176 36.62 48.18 27.31
N THR G 177 36.44 48.67 26.08
CA THR G 177 36.15 47.82 24.91
C THR G 177 37.22 46.75 24.69
N PHE G 178 38.48 47.19 24.77
CA PHE G 178 39.66 46.35 24.54
C PHE G 178 39.62 45.14 25.46
N ALA G 179 39.50 45.40 26.76
CA ALA G 179 39.56 44.33 27.76
C ALA G 179 38.31 43.46 27.81
N SER G 180 37.14 44.10 27.78
CA SER G 180 35.84 43.49 28.09
C SER G 180 35.69 43.32 29.60
N PRO G 181 34.44 43.17 30.09
CA PRO G 181 34.24 42.99 31.53
C PRO G 181 34.80 41.66 32.03
N VAL G 182 35.10 40.74 31.12
CA VAL G 182 35.79 39.50 31.48
C VAL G 182 37.15 39.74 32.13
N LEU G 183 37.90 40.70 31.59
CA LEU G 183 39.32 40.84 31.95
C LEU G 183 39.61 42.05 32.85
N GLN G 184 38.71 43.02 32.87
CA GLN G 184 38.95 44.25 33.62
C GLN G 184 37.64 44.80 34.13
N GLN G 185 37.60 45.20 35.40
CA GLN G 185 36.39 45.73 36.04
C GLN G 185 36.64 47.17 36.51
N PRO G 186 36.48 48.15 35.61
CA PRO G 186 36.79 49.55 35.93
C PRO G 186 36.05 50.11 37.16
N LEU G 187 34.79 49.73 37.36
CA LEU G 187 34.08 50.19 38.53
C LEU G 187 34.66 49.60 39.81
N ALA G 188 35.12 48.35 39.76
CA ALA G 188 35.76 47.72 40.90
C ALA G 188 37.13 48.36 41.15
N LEU G 189 37.71 48.88 40.08
CA LEU G 189 38.99 49.53 40.12
C LEU G 189 38.85 50.98 40.59
N GLY G 190 37.61 51.44 40.74
CA GLY G 190 37.37 52.77 41.28
C GLY G 190 36.88 53.82 40.30
N ALA G 191 36.76 53.48 39.02
CA ALA G 191 36.15 54.39 38.05
C ALA G 191 34.66 54.59 38.34
N ASP G 192 34.07 55.57 37.68
CA ASP G 192 32.65 55.88 37.87
C ASP G 192 31.79 55.31 36.75
N VAL G 193 32.39 55.17 35.57
CA VAL G 193 31.65 54.66 34.42
C VAL G 193 32.49 53.69 33.59
N SER G 194 31.88 52.59 33.17
CA SER G 194 32.47 51.74 32.15
C SER G 194 31.82 52.00 30.79
N LEU G 195 32.66 52.34 29.81
CA LEU G 195 32.24 52.63 28.44
C LEU G 195 32.56 51.43 27.55
N TYR G 196 31.60 50.99 26.74
CA TYR G 196 31.81 49.86 25.84
C TYR G 196 31.31 50.10 24.43
N SER G 197 32.11 49.67 23.45
CA SER G 197 31.58 49.40 22.13
C SER G 197 31.23 47.92 22.03
N THR G 198 29.98 47.57 22.32
CA THR G 198 29.56 46.17 22.31
C THR G 198 29.66 45.58 20.92
N THR G 199 29.78 46.44 19.92
CA THR G 199 30.07 46.04 18.55
C THR G 199 31.24 45.05 18.54
N1 LLP G 200 36.08 52.64 21.83
C2 LLP G 200 36.94 51.67 21.47
C2' LLP G 200 38.12 51.25 22.40
C3 LLP G 200 36.76 51.03 20.21
O3 LLP G 200 37.64 50.00 19.84
C4 LLP G 200 35.72 51.40 19.38
C4' LLP G 200 35.57 50.59 17.98
C5 LLP G 200 34.84 52.39 19.75
C6 LLP G 200 35.04 53.02 20.99
C5' LLP G 200 33.64 52.87 18.86
OP4 LLP G 200 32.54 51.97 18.89
P LLP G 200 31.56 51.86 17.70
OP1 LLP G 200 30.57 50.76 18.10
OP2 LLP G 200 30.86 53.14 17.48
OP3 LLP G 200 32.28 51.45 16.44
N LLP G 200 32.24 45.34 19.37
CA LLP G 200 33.48 44.57 19.35
CB LLP G 200 34.59 45.45 19.89
CG LLP G 200 34.61 46.84 19.20
CD LLP G 200 35.13 46.83 17.75
CE LLP G 200 35.38 48.27 17.21
NZ LLP G 200 35.33 49.23 18.33
C LLP G 200 33.29 43.30 20.12
O LLP G 200 32.33 42.56 19.86
N SER G 201 34.16 43.04 21.08
CA SER G 201 34.19 41.76 21.79
C SER G 201 32.86 41.29 22.41
N ILE G 202 32.10 42.21 22.99
CA ILE G 202 30.87 41.87 23.71
C ILE G 202 29.84 41.13 22.84
N ALA G 203 29.45 41.71 21.71
CA ALA G 203 28.60 40.97 20.77
C ALA G 203 29.37 39.79 20.16
N GLY G 204 30.59 40.07 19.69
CA GLY G 204 31.55 39.01 19.40
C GLY G 204 31.54 38.37 18.01
N HIS G 205 30.51 38.63 17.21
CA HIS G 205 30.36 37.92 15.94
C HIS G 205 30.37 38.84 14.72
N ALA G 206 30.74 40.10 14.95
CA ALA G 206 30.92 41.07 13.88
C ALA G 206 29.65 41.22 13.02
N ASP G 207 28.48 41.19 13.65
CA ASP G 207 27.23 41.28 12.89
C ASP G 207 26.19 42.24 13.50
N VAL G 208 26.65 43.15 14.36
CA VAL G 208 25.75 44.12 14.98
C VAL G 208 26.58 45.27 15.53
N LEU G 209 26.03 46.48 15.43
CA LEU G 209 26.65 47.67 15.98
C LEU G 209 25.99 47.98 17.30
N GLY G 210 26.79 48.35 18.31
CA GLY G 210 26.22 48.71 19.59
C GLY G 210 27.18 49.35 20.59
N GLY G 211 26.61 50.02 21.59
CA GLY G 211 27.41 50.60 22.67
C GLY G 211 26.74 50.43 24.02
N ALA G 212 27.53 50.62 25.08
CA ALA G 212 27.01 50.52 26.42
C ALA G 212 27.76 51.41 27.42
N LEU G 213 27.01 51.95 28.37
CA LEU G 213 27.57 52.57 29.55
C LEU G 213 27.11 51.73 30.73
N VAL G 214 28.02 51.47 31.66
CA VAL G 214 27.67 50.81 32.91
C VAL G 214 28.20 51.70 34.04
N TYR G 215 27.39 51.91 35.07
CA TYR G 215 27.70 52.90 36.09
C TYR G 215 26.87 52.65 37.35
N ARG G 216 27.07 53.47 38.39
CA ARG G 216 26.33 53.32 39.63
C ARG G 216 25.57 54.58 40.06
N ASP G 217 25.94 55.73 39.52
CA ASP G 217 25.33 56.99 39.95
C ASP G 217 23.88 57.16 39.46
N ALA G 218 22.96 57.34 40.40
CA ALA G 218 21.54 57.55 40.11
C ALA G 218 21.22 58.86 39.38
N ASP G 219 21.91 59.95 39.76
CA ASP G 219 21.76 61.21 39.05
C ASP G 219 22.30 61.11 37.63
N LEU G 220 23.45 60.44 37.48
CA LEU G 220 24.02 60.17 36.16
C LEU G 220 23.07 59.33 35.29
N HIS G 221 22.44 58.33 35.91
CA HIS G 221 21.47 57.50 35.22
C HIS G 221 20.37 58.35 34.59
N ALA G 222 19.75 59.20 35.41
CA ALA G 222 18.68 60.07 34.96
C ALA G 222 19.14 60.95 33.79
N ALA G 223 20.37 61.42 33.85
CA ALA G 223 20.86 62.33 32.81
C ALA G 223 21.19 61.55 31.54
N VAL G 224 21.69 60.33 31.71
CA VAL G 224 22.03 59.47 30.58
C VAL G 224 20.76 59.02 29.86
N ARG G 225 19.74 58.62 30.61
CA ARG G 225 18.48 58.22 30.00
C ARG G 225 17.77 59.40 29.32
N ALA G 226 17.76 60.57 29.95
CA ALA G 226 17.16 61.75 29.36
C ALA G 226 17.77 62.05 27.99
N TYR G 227 19.11 62.09 27.92
CA TYR G 227 19.80 62.34 26.67
C TYR G 227 19.51 61.30 25.57
N ARG G 228 19.53 60.02 25.94
CA ARG G 228 19.30 58.97 24.94
C ARG G 228 17.92 59.12 24.31
N THR G 229 16.93 59.39 25.14
CA THR G 229 15.56 59.51 24.65
C THR G 229 15.40 60.74 23.76
N THR G 230 16.05 61.84 24.13
CA THR G 230 15.94 63.08 23.35
C THR G 230 16.84 63.09 22.11
N ALA G 231 18.07 62.60 22.26
CA ALA G 231 18.98 62.43 21.13
C ALA G 231 18.57 61.26 20.21
N GLY G 232 17.90 60.25 20.75
CA GLY G 232 17.37 59.16 19.95
C GLY G 232 18.40 58.17 19.44
N ASN G 233 19.52 58.07 20.15
CA ASN G 233 20.58 57.15 19.76
C ASN G 233 20.37 55.77 20.40
N VAL G 234 19.14 55.28 20.32
CA VAL G 234 18.73 53.99 20.84
C VAL G 234 18.98 52.89 19.81
N PRO G 235 19.35 51.69 20.26
CA PRO G 235 19.47 50.54 19.35
C PRO G 235 18.11 49.92 19.02
N GLY G 236 18.04 49.13 17.97
CA GLY G 236 16.86 48.33 17.69
C GLY G 236 16.82 47.08 18.55
N ALA G 237 15.60 46.57 18.76
CA ALA G 237 15.39 45.36 19.55
C ALA G 237 16.11 44.13 18.98
N LEU G 238 16.09 43.97 17.65
CA LEU G 238 16.76 42.85 17.03
C LEU G 238 18.27 42.96 17.25
N ASP G 239 18.78 44.18 17.20
CA ASP G 239 20.19 44.44 17.47
C ASP G 239 20.57 44.13 18.92
N CYS G 240 19.67 44.45 19.85
CA CYS G 240 19.87 44.06 21.23
C CYS G 240 19.96 42.55 21.31
N PHE G 241 18.98 41.88 20.69
CA PHE G 241 18.96 40.42 20.58
C PHE G 241 20.31 39.79 20.19
N LEU G 242 20.91 40.25 19.11
CA LEU G 242 22.22 39.72 18.69
C LEU G 242 23.35 40.06 19.67
N VAL G 243 23.32 41.25 20.29
CA VAL G 243 24.31 41.58 21.31
C VAL G 243 24.17 40.61 22.49
N ARG G 244 22.94 40.50 23.01
CA ARG G 244 22.62 39.58 24.12
C ARG G 244 22.97 38.13 23.77
N ARG G 245 22.62 37.72 22.55
CA ARG G 245 22.93 36.34 22.14
C ARG G 245 24.43 36.10 22.08
N GLY G 246 25.19 37.07 21.57
CA GLY G 246 26.64 36.95 21.52
C GLY G 246 27.27 36.95 22.90
N LEU G 247 26.69 37.72 23.82
CA LEU G 247 27.20 37.83 25.19
C LEU G 247 27.31 36.50 25.92
N HIS G 248 26.37 35.58 25.67
CA HIS G 248 26.41 34.24 26.27
C HIS G 248 27.81 33.62 26.27
N THR G 249 28.48 33.72 25.13
CA THR G 249 29.74 33.02 24.92
C THR G 249 30.97 33.87 25.24
N LEU G 250 30.76 35.05 25.81
CA LEU G 250 31.84 36.04 25.94
C LEU G 250 33.05 35.49 26.71
N SER G 251 32.77 34.84 27.83
CA SER G 251 33.85 34.31 28.66
C SER G 251 34.64 33.22 27.92
N LEU G 252 33.94 32.34 27.21
CA LEU G 252 34.61 31.27 26.47
C LEU G 252 35.46 31.82 25.32
N ARG G 253 34.90 32.79 24.60
CA ARG G 253 35.61 33.40 23.47
C ARG G 253 36.86 34.14 23.93
N VAL G 254 36.71 35.06 24.88
CA VAL G 254 37.84 35.86 25.36
C VAL G 254 39.04 35.01 25.78
N HIS G 255 38.80 33.99 26.60
CA HIS G 255 39.89 33.14 27.06
C HIS G 255 40.58 32.32 25.94
N ARG G 256 39.81 31.94 24.93
CA ARG G 256 40.38 31.32 23.74
C ARG G 256 41.24 32.34 22.99
N GLN G 257 40.70 33.55 22.86
CA GLN G 257 41.42 34.63 22.20
C GLN G 257 42.75 34.91 22.94
N VAL G 258 42.69 34.88 24.26
CA VAL G 258 43.87 35.16 25.08
C VAL G 258 44.92 34.03 25.01
N ALA G 259 44.49 32.78 25.04
CA ALA G 259 45.42 31.66 24.97
C ALA G 259 46.12 31.66 23.61
N THR G 260 45.38 32.01 22.57
CA THR G 260 45.96 32.01 21.24
C THR G 260 46.93 33.18 21.06
N ALA G 261 46.53 34.36 21.55
CA ALA G 261 47.38 35.54 21.51
C ALA G 261 48.77 35.26 22.11
N ARG G 262 48.79 34.61 23.27
CA ARG G 262 50.05 34.28 23.92
C ARG G 262 50.93 33.43 23.02
N VAL G 263 50.32 32.47 22.33
CA VAL G 263 51.06 31.61 21.43
C VAL G 263 51.62 32.46 20.29
N LEU G 264 50.81 33.34 19.73
CA LEU G 264 51.26 34.16 18.62
C LEU G 264 52.41 35.10 19.02
N VAL G 265 52.34 35.62 20.24
CA VAL G 265 53.38 36.48 20.78
C VAL G 265 54.72 35.76 20.76
N GLU G 266 54.71 34.47 21.06
CA GLU G 266 55.96 33.75 21.03
C GLU G 266 56.43 33.38 19.61
N ARG G 267 55.53 33.20 18.66
CA ARG G 267 55.98 33.04 17.28
C ARG G 267 56.70 34.33 16.87
N LEU G 268 56.11 35.46 17.24
CA LEU G 268 56.66 36.76 16.89
C LEU G 268 58.04 36.96 17.50
N ARG G 269 58.21 36.53 18.75
CA ARG G 269 59.48 36.66 19.46
C ARG G 269 60.61 35.82 18.85
N ALA G 270 60.26 34.75 18.14
CA ALA G 270 61.26 33.92 17.46
C ALA G 270 61.50 34.30 15.99
N SER G 271 60.75 35.27 15.47
CA SER G 271 60.90 35.63 14.06
C SER G 271 62.04 36.63 13.85
N PRO G 272 62.93 36.32 12.91
CA PRO G 272 64.03 37.24 12.57
C PRO G 272 63.52 38.53 11.94
N VAL G 273 62.39 38.49 11.23
CA VAL G 273 61.89 39.70 10.58
C VAL G 273 60.86 40.43 11.43
N VAL G 274 60.91 40.18 12.73
CA VAL G 274 60.08 40.90 13.69
C VAL G 274 60.95 41.65 14.71
N GLY G 275 60.62 42.91 14.97
CA GLY G 275 61.38 43.71 15.93
C GLY G 275 60.76 43.69 17.31
N ALA G 276 60.16 44.81 17.71
CA ALA G 276 59.45 44.89 18.97
C ALA G 276 58.12 44.14 18.89
N VAL G 277 57.59 43.80 20.07
CA VAL G 277 56.31 43.12 20.18
C VAL G 277 55.59 43.73 21.38
N HIS G 278 54.40 44.27 21.13
CA HIS G 278 53.60 44.88 22.19
C HIS G 278 52.49 43.93 22.62
N TYR G 279 52.37 43.72 23.93
CA TYR G 279 51.39 42.81 24.52
C TYR G 279 51.39 43.04 26.03
N PRO G 280 50.21 43.29 26.63
CA PRO G 280 50.12 43.62 28.06
C PRO G 280 50.78 42.58 28.95
N GLY G 281 50.73 41.33 28.55
CA GLY G 281 51.20 40.22 29.38
C GLY G 281 52.70 39.93 29.39
N LEU G 282 53.47 40.64 28.58
CA LEU G 282 54.91 40.36 28.48
C LEU G 282 55.62 40.85 29.75
N PRO G 283 56.66 40.13 30.17
CA PRO G 283 57.45 40.54 31.33
C PRO G 283 58.16 41.87 31.06
N GLU G 284 58.33 42.21 29.78
CA GLU G 284 58.99 43.50 29.45
C GLU G 284 58.03 44.64 29.30
N HIS G 285 56.74 44.38 29.47
CA HIS G 285 55.76 45.47 29.42
C HIS G 285 56.16 46.49 30.48
N PRO G 286 56.14 47.79 30.13
CA PRO G 286 56.61 48.79 31.08
C PRO G 286 55.77 48.74 32.35
N GLN G 287 54.46 48.85 32.16
CA GLN G 287 53.52 48.87 33.28
C GLN G 287 53.10 47.45 33.65
N HIS G 288 54.09 46.55 33.75
CA HIS G 288 53.83 45.15 34.06
C HIS G 288 53.05 44.94 35.36
N ALA G 289 53.41 45.66 36.41
CA ALA G 289 52.71 45.57 37.69
C ALA G 289 51.24 46.00 37.59
N VAL G 290 50.99 47.10 36.89
CA VAL G 290 49.63 47.58 36.71
C VAL G 290 48.74 46.55 36.02
N VAL G 291 49.27 45.92 34.96
CA VAL G 291 48.56 44.86 34.27
C VAL G 291 48.17 43.75 35.25
N LYS G 292 49.12 43.36 36.09
CA LYS G 292 48.88 42.38 37.13
C LYS G 292 47.78 42.84 38.09
N ALA G 293 47.91 44.06 38.61
CA ALA G 293 46.97 44.59 39.61
C ALA G 293 45.56 44.90 39.09
N GLN G 294 45.35 44.82 37.77
CA GLN G 294 44.05 45.27 37.28
C GLN G 294 43.43 44.50 36.09
N MSE G 295 44.22 43.68 35.40
CA MSE G 295 43.66 42.79 34.36
C MSE G 295 43.82 41.33 34.74
O MSE G 295 44.92 40.88 35.05
CB MSE G 295 44.35 43.02 33.00
CG MSE G 295 44.39 44.46 32.55
SE MSE G 295 45.27 44.63 30.83
CE MSE G 295 43.98 43.75 29.69
N SER G 296 42.73 40.56 34.72
CA SER G 296 42.86 39.12 35.02
C SER G 296 43.74 38.39 33.99
N ALA G 297 43.63 38.80 32.73
CA ALA G 297 44.48 38.25 31.67
C ALA G 297 44.77 39.39 30.72
N PRO G 298 45.72 39.22 29.81
CA PRO G 298 46.09 40.44 29.09
C PRO G 298 45.37 40.77 27.76
N GLY G 299 44.50 39.89 27.25
CA GLY G 299 43.71 40.27 26.09
C GLY G 299 44.07 39.61 24.78
N ALA G 300 43.53 40.14 23.69
CA ALA G 300 43.51 39.44 22.42
C ALA G 300 44.12 40.26 21.30
N ILE G 301 44.74 41.38 21.69
CA ILE G 301 45.32 42.30 20.73
C ILE G 301 46.83 42.26 20.87
N VAL G 302 47.51 41.99 19.77
CA VAL G 302 48.96 41.88 19.76
C VAL G 302 49.48 42.74 18.64
N SER G 303 50.43 43.61 18.94
CA SER G 303 51.05 44.38 17.88
C SER G 303 52.54 44.08 17.82
N PHE G 304 53.15 44.30 16.66
CA PHE G 304 54.56 43.97 16.50
C PHE G 304 55.22 44.76 15.39
N ASP G 305 56.54 44.80 15.44
CA ASP G 305 57.32 45.53 14.47
C ASP G 305 57.78 44.61 13.36
N TYR G 306 57.27 44.87 12.16
CA TYR G 306 57.63 44.09 10.99
C TYR G 306 58.87 44.67 10.34
N LEU G 307 59.91 43.85 10.21
CA LEU G 307 61.17 44.30 9.64
C LEU G 307 61.40 43.69 8.26
N GLY G 308 60.42 42.94 7.77
CA GLY G 308 60.61 42.18 6.56
C GLY G 308 60.26 42.86 5.24
N GLY G 309 60.14 44.18 5.25
CA GLY G 309 59.82 44.92 4.04
C GLY G 309 58.53 45.71 4.17
N PRO G 310 58.03 46.25 3.05
CA PRO G 310 56.78 47.02 3.05
C PRO G 310 55.63 46.29 3.76
N ALA G 311 54.94 46.99 4.66
CA ALA G 311 53.79 46.43 5.35
C ALA G 311 52.68 46.12 4.36
N GLU G 312 52.61 46.91 3.29
CA GLU G 312 51.58 46.71 2.29
C GLU G 312 51.67 45.29 1.72
N ARG G 313 52.89 44.79 1.54
CA ARG G 313 53.07 43.45 0.99
C ARG G 313 52.73 42.35 1.98
N LEU G 314 53.18 42.51 3.23
CA LEU G 314 52.87 41.54 4.27
C LEU G 314 51.37 41.31 4.37
N LEU G 315 50.62 42.41 4.37
CA LEU G 315 49.17 42.36 4.44
C LEU G 315 48.56 41.49 3.34
N ASP G 316 49.20 41.48 2.18
CA ASP G 316 48.72 40.69 1.04
C ASP G 316 48.88 39.18 1.22
N ARG G 317 49.67 38.76 2.20
CA ARG G 317 50.08 37.35 2.29
C ARG G 317 49.19 36.44 3.15
N PHE G 318 48.48 36.98 4.12
CA PHE G 318 47.70 36.14 5.04
C PHE G 318 46.59 35.43 4.28
N THR G 319 46.24 34.23 4.73
CA THR G 319 45.14 33.50 4.09
C THR G 319 44.04 33.13 5.10
N LEU G 320 44.33 33.33 6.39
CA LEU G 320 43.35 33.02 7.42
C LEU G 320 42.93 34.29 8.17
N PHE G 321 43.89 35.01 8.72
CA PHE G 321 43.64 36.37 9.21
C PHE G 321 43.03 37.19 8.08
N THR G 322 41.97 37.94 8.40
CA THR G 322 41.35 38.84 7.43
C THR G 322 41.94 40.25 7.56
N CYS G 323 42.21 40.92 6.45
CA CYS G 323 42.74 42.28 6.54
C CYS G 323 41.60 43.27 6.63
N GLY G 324 41.41 43.86 7.80
CA GLY G 324 40.34 44.82 8.00
C GLY G 324 40.38 45.42 9.39
N VAL G 325 39.73 46.57 9.54
CA VAL G 325 39.71 47.30 10.81
C VAL G 325 38.61 46.72 11.67
N SER G 326 38.34 47.37 12.80
CA SER G 326 37.60 46.77 13.91
C SER G 326 38.46 45.64 14.48
N LEU G 327 38.00 45.04 15.57
CA LEU G 327 38.81 44.05 16.25
C LEU G 327 37.85 43.29 17.15
N GLY G 328 38.36 42.30 17.84
CA GLY G 328 37.62 41.67 18.92
C GLY G 328 36.75 40.46 18.61
N GLY G 329 36.51 40.17 17.33
CA GLY G 329 35.51 39.17 16.98
C GLY G 329 36.01 37.74 16.78
N VAL G 330 35.09 36.86 16.37
CA VAL G 330 35.43 35.44 16.15
C VAL G 330 36.38 35.19 14.99
N HIS G 331 36.41 36.09 14.00
CA HIS G 331 37.38 36.02 12.91
C HIS G 331 38.61 36.82 13.27
N SER G 332 39.80 36.24 13.08
CA SER G 332 41.03 36.97 13.33
C SER G 332 41.31 38.03 12.27
N LEU G 333 41.62 39.23 12.73
CA LEU G 333 41.90 40.36 11.84
C LEU G 333 43.36 40.77 11.94
N VAL G 334 43.89 41.30 10.85
CA VAL G 334 45.19 41.94 10.89
C VAL G 334 45.00 43.33 10.28
N GLU G 335 45.72 44.33 10.79
CA GLU G 335 45.71 45.66 10.19
C GLU G 335 47.05 46.35 10.35
N CYS G 336 47.29 47.37 9.54
CA CYS G 336 48.45 48.22 9.77
C CYS G 336 47.88 49.53 10.25
N PRO G 337 48.09 49.89 11.53
CA PRO G 337 47.48 51.12 12.05
C PRO G 337 47.83 52.37 11.24
N ALA G 338 49.11 52.54 10.89
CA ALA G 338 49.54 53.68 10.10
C ALA G 338 48.80 53.81 8.78
N LEU G 339 48.89 52.78 7.93
CA LEU G 339 48.12 52.78 6.70
C LEU G 339 46.70 52.89 7.17
N MSE G 340 46.40 52.19 8.26
CA MSE G 340 45.01 52.07 8.63
C MSE G 340 44.34 53.03 9.59
O MSE G 340 44.24 54.23 9.33
CB MSE G 340 44.60 50.63 8.90
CG MSE G 340 43.86 50.14 7.78
SE MSE G 340 43.12 51.84 7.21
CE MSE G 340 42.29 51.22 5.57
N THR G 341 43.79 52.43 10.66
CA THR G 341 43.28 53.19 11.81
C THR G 341 44.04 54.50 12.08
N HIS G 342 45.13 54.78 11.37
CA HIS G 342 45.89 56.02 11.55
C HIS G 342 46.47 56.82 10.36
N ARG G 343 45.87 56.76 9.16
CA ARG G 343 46.45 57.45 7.98
C ARG G 343 46.19 58.95 7.76
N PRO G 344 44.91 59.38 7.71
CA PRO G 344 44.60 60.82 7.69
C PRO G 344 45.27 61.67 8.80
N LEU G 345 46.58 61.49 8.96
CA LEU G 345 47.39 62.28 9.88
C LEU G 345 48.87 62.11 9.52
N SER G 346 49.60 63.22 9.65
CA SER G 346 50.99 63.42 9.26
C SER G 346 52.04 62.29 9.33
N ALA G 347 53.27 62.67 9.63
CA ALA G 347 54.37 61.72 9.72
C ALA G 347 54.91 61.80 11.12
N GLU G 348 55.38 62.99 11.48
CA GLU G 348 55.92 63.29 12.79
C GLU G 348 54.89 63.12 13.91
N ALA G 349 53.62 62.98 13.53
CA ALA G 349 52.57 62.72 14.52
C ALA G 349 52.58 61.26 14.97
N ARG G 350 52.77 60.35 14.03
CA ARG G 350 52.87 58.94 14.38
C ARG G 350 54.23 58.76 15.05
N ALA G 351 55.18 59.59 14.62
CA ALA G 351 56.54 59.54 15.13
C ALA G 351 56.57 60.00 16.58
N ARG G 352 55.73 60.97 16.92
CA ARG G 352 55.67 61.45 18.31
C ARG G 352 54.95 60.38 19.12
N ARG G 353 53.98 59.74 18.49
CA ARG G 353 53.19 58.71 19.17
C ARG G 353 54.00 57.46 19.52
N GLY G 354 54.88 57.03 18.63
CA GLY G 354 55.66 55.82 18.86
C GLY G 354 55.13 54.63 18.07
N ILE G 355 54.11 54.89 17.25
CA ILE G 355 53.58 53.91 16.30
C ILE G 355 54.44 53.89 15.02
N GLY G 356 54.69 52.70 14.49
CA GLY G 356 55.56 52.57 13.33
C GLY G 356 54.82 52.39 12.01
N GLU G 357 55.43 52.83 10.92
CA GLU G 357 54.86 52.63 9.59
C GLU G 357 54.73 51.16 9.24
N SER G 358 55.61 50.34 9.82
CA SER G 358 55.57 48.91 9.61
C SER G 358 55.09 48.21 10.88
N LEU G 359 54.39 48.96 11.72
CA LEU G 359 53.76 48.38 12.90
C LEU G 359 52.49 47.68 12.44
N ILE G 360 52.34 46.44 12.87
CA ILE G 360 51.22 45.59 12.52
C ILE G 360 50.44 45.27 13.79
N ARG G 361 49.12 45.21 13.69
CA ARG G 361 48.31 44.83 14.85
C ARG G 361 47.38 43.65 14.54
N LEU G 362 47.39 42.66 15.44
CA LEU G 362 46.49 41.53 15.32
C LEU G 362 45.36 41.61 16.33
N SER G 363 44.14 41.33 15.86
CA SER G 363 43.02 41.03 16.73
C SER G 363 42.75 39.53 16.59
N VAL G 364 42.94 38.80 17.68
CA VAL G 364 42.91 37.35 17.64
C VAL G 364 41.49 36.83 17.85
N GLY G 365 41.04 36.00 16.91
CA GLY G 365 39.73 35.39 17.01
C GLY G 365 39.75 34.03 17.69
N ILE G 366 38.81 33.16 17.34
CA ILE G 366 38.69 31.89 18.04
C ILE G 366 39.04 30.65 17.19
N GLU G 367 39.70 30.87 16.06
CA GLU G 367 40.12 29.76 15.20
C GLU G 367 41.19 28.91 15.90
N ASP G 368 41.53 27.78 15.31
CA ASP G 368 42.57 26.93 15.89
C ASP G 368 43.88 27.71 16.02
N PRO G 369 44.48 27.67 17.22
CA PRO G 369 45.67 28.47 17.52
C PRO G 369 46.86 28.11 16.62
N GLN G 370 47.00 26.86 16.21
CA GLN G 370 48.08 26.52 15.29
C GLN G 370 47.83 26.91 13.82
N ASP G 371 46.57 26.93 13.38
CA ASP G 371 46.29 27.45 12.04
C ASP G 371 46.69 28.92 11.97
N LEU G 372 46.30 29.70 12.98
CA LEU G 372 46.63 31.11 13.03
C LEU G 372 48.15 31.30 13.07
N ALA G 373 48.81 30.46 13.86
CA ALA G 373 50.26 30.48 13.99
C ALA G 373 50.95 30.26 12.65
N GLU G 374 50.52 29.26 11.90
CA GLU G 374 51.18 29.01 10.62
C GLU G 374 50.86 30.03 9.53
N ASP G 375 49.66 30.63 9.57
CA ASP G 375 49.31 31.68 8.61
C ASP G 375 50.23 32.88 8.83
N LEU G 376 50.39 33.27 10.10
CA LEU G 376 51.27 34.36 10.49
C LEU G 376 52.68 34.07 10.02
N SER G 377 53.13 32.86 10.30
CA SER G 377 54.47 32.44 9.96
C SER G 377 54.75 32.45 8.45
N ARG G 378 53.80 31.97 7.65
CA ARG G 378 53.98 31.96 6.20
C ARG G 378 54.08 33.39 5.66
N ALA G 379 53.19 34.26 6.12
CA ALA G 379 53.18 35.65 5.72
C ALA G 379 54.51 36.33 6.06
N LEU G 380 54.96 36.14 7.30
CA LEU G 380 56.24 36.69 7.76
C LEU G 380 57.41 36.19 6.93
N ALA G 381 57.43 34.90 6.63
CA ALA G 381 58.53 34.32 5.86
C ALA G 381 58.44 34.78 4.42
N GLY G 382 57.24 35.19 4.02
CA GLY G 382 56.94 35.41 2.63
C GLY G 382 56.93 34.10 1.88
N GLY G 383 56.25 34.09 0.74
CA GLY G 383 56.27 32.94 -0.14
C GLY G 383 57.55 32.96 -0.96
N GLY H 6 9.67 54.49 -17.24
CA GLY H 6 8.79 55.53 -16.70
C GLY H 6 9.18 55.46 -15.27
N MSE H 7 8.39 56.09 -14.38
CA MSE H 7 8.79 56.39 -12.98
C MSE H 7 7.84 57.28 -12.15
O MSE H 7 8.23 58.35 -11.68
CB MSE H 7 10.21 57.00 -12.96
CG MSE H 7 11.17 56.09 -12.26
SE MSE H 7 10.18 54.44 -12.30
CE MSE H 7 10.96 53.36 -10.96
N ARG H 8 6.61 56.82 -11.92
CA ARG H 8 5.66 57.55 -11.08
C ARG H 8 6.14 57.59 -9.61
N PHE H 9 5.26 57.83 -8.65
CA PHE H 9 5.71 57.72 -7.25
C PHE H 9 5.70 56.25 -6.80
N GLY H 10 4.64 55.53 -7.16
CA GLY H 10 4.37 54.18 -6.66
C GLY H 10 5.33 53.06 -7.00
N THR H 11 6.01 53.16 -8.14
CA THR H 11 7.01 52.18 -8.56
C THR H 11 8.33 52.36 -7.79
N ARG H 12 8.63 53.60 -7.42
CA ARG H 12 9.77 53.94 -6.58
C ARG H 12 9.80 53.19 -5.26
N LEU H 13 8.62 53.08 -4.66
CA LEU H 13 8.46 52.40 -3.39
C LEU H 13 8.96 50.95 -3.47
N VAL H 14 8.78 50.34 -4.63
CA VAL H 14 9.13 48.92 -4.80
C VAL H 14 10.56 48.75 -5.29
N HIS H 15 10.97 49.61 -6.22
CA HIS H 15 12.26 49.44 -6.87
C HIS H 15 13.33 50.45 -6.45
N GLY H 16 12.97 51.37 -5.57
CA GLY H 16 13.92 52.32 -5.03
C GLY H 16 15.11 51.60 -4.40
N GLY H 17 16.31 51.97 -4.82
CA GLY H 17 17.52 51.37 -4.30
C GLY H 17 17.63 49.86 -4.50
N ARG H 18 17.06 49.34 -5.59
CA ARG H 18 17.07 47.89 -5.74
C ARG H 18 18.16 47.34 -6.68
N ARG H 19 19.39 47.79 -6.45
CA ARG H 19 20.62 47.21 -7.00
C ARG H 19 20.64 45.68 -7.08
N PRO H 20 21.41 45.13 -8.03
CA PRO H 20 21.53 43.69 -8.27
C PRO H 20 22.71 43.09 -7.48
N SER H 21 22.79 41.77 -7.39
CA SER H 21 23.90 41.10 -6.72
C SER H 21 24.71 40.34 -7.78
N ALA H 22 25.94 39.97 -7.44
CA ALA H 22 26.81 39.30 -8.40
C ALA H 22 26.58 37.80 -8.33
N GLY H 23 26.38 37.17 -9.48
CA GLY H 23 26.36 35.73 -9.58
C GLY H 23 25.23 35.01 -8.87
N THR H 24 24.16 35.71 -8.52
CA THR H 24 23.03 35.04 -7.85
C THR H 24 21.66 35.54 -8.30
N GLY H 25 21.48 36.86 -8.35
CA GLY H 25 20.27 37.43 -8.91
C GLY H 25 19.14 37.74 -7.93
N ASP H 26 19.45 37.85 -6.64
CA ASP H 26 18.45 38.13 -5.61
C ASP H 26 17.52 39.29 -5.99
N VAL H 27 16.21 39.04 -6.02
CA VAL H 27 15.27 40.12 -6.32
C VAL H 27 15.18 41.07 -5.13
N VAL H 28 15.00 40.52 -3.93
CA VAL H 28 15.15 41.28 -2.71
C VAL H 28 16.62 41.25 -2.28
N PRO H 29 17.34 42.39 -2.38
CA PRO H 29 18.78 42.37 -2.03
C PRO H 29 19.02 41.83 -0.61
N PRO H 30 20.08 41.04 -0.43
CA PRO H 30 20.37 40.39 0.87
C PRO H 30 20.64 41.39 2.01
N ILE H 31 20.51 40.96 3.26
CA ILE H 31 20.63 41.86 4.42
C ILE H 31 22.09 41.88 4.95
N HIS H 32 22.78 42.99 4.71
CA HIS H 32 24.20 43.08 5.07
C HIS H 32 24.38 43.34 6.55
N VAL H 33 24.60 42.28 7.33
CA VAL H 33 24.80 42.41 8.77
C VAL H 33 26.26 42.66 9.20
N SER H 34 27.22 42.35 8.34
CA SER H 34 28.63 42.42 8.69
C SER H 34 29.08 43.84 9.14
N THR H 35 29.71 43.91 10.33
CA THR H 35 30.31 45.14 10.80
C THR H 35 31.65 45.42 10.11
N THR H 36 32.17 44.40 9.41
CA THR H 36 33.59 44.31 9.10
C THR H 36 33.86 43.95 7.64
N TYR H 37 35.03 44.33 7.10
CA TYR H 37 35.35 44.12 5.67
C TYR H 37 36.81 43.73 5.37
N GLU H 38 36.98 42.95 4.31
CA GLU H 38 38.29 42.69 3.73
C GLU H 38 38.47 43.63 2.52
N ARG H 39 39.32 44.65 2.68
CA ARG H 39 39.58 45.67 1.66
C ARG H 39 39.49 45.16 0.22
N ARG H 40 40.23 44.10 -0.04
CA ARG H 40 40.54 43.65 -1.40
C ARG H 40 39.45 42.99 -2.23
N ALA H 41 38.87 41.88 -1.78
CA ALA H 41 37.90 41.09 -2.57
C ALA H 41 36.97 41.93 -3.46
N GLN H 42 36.88 43.22 -3.14
CA GLN H 42 36.04 44.22 -3.80
C GLN H 42 36.72 44.72 -5.06
N ASP H 43 36.12 45.72 -5.71
CA ASP H 43 36.75 46.35 -6.85
C ASP H 43 37.33 47.72 -6.48
N GLU H 44 36.61 48.43 -5.62
CA GLU H 44 37.04 49.74 -5.18
C GLU H 44 36.65 50.03 -3.73
N PRO H 45 37.59 50.59 -2.96
CA PRO H 45 37.55 50.63 -1.49
C PRO H 45 36.52 51.54 -0.84
N ARG H 46 35.23 51.21 -0.95
CA ARG H 46 34.16 51.95 -0.26
C ARG H 46 33.88 51.44 1.15
N TYR H 47 33.90 50.12 1.34
CA TYR H 47 33.46 49.54 2.59
C TYR H 47 34.57 49.30 3.61
N PHE H 48 34.57 50.08 4.68
CA PHE H 48 35.61 50.02 5.72
C PHE H 48 35.04 49.43 7.01
N TYR H 49 33.91 49.97 7.45
CA TYR H 49 33.35 49.62 8.75
C TYR H 49 31.88 50.04 8.87
N GLY H 50 31.10 49.18 9.52
CA GLY H 50 29.64 49.23 9.52
C GLY H 50 28.95 50.48 10.05
N ARG H 51 29.57 51.17 11.01
CA ARG H 51 29.04 52.45 11.46
C ARG H 51 29.11 53.46 10.31
N GLY H 52 30.23 53.46 9.60
CA GLY H 52 30.40 54.32 8.45
C GLY H 52 29.68 53.88 7.19
N GLU H 53 29.73 52.58 6.89
CA GLU H 53 29.27 52.06 5.61
C GLU H 53 28.41 50.81 5.76
N ASN H 54 27.29 50.75 5.04
CA ASN H 54 26.49 49.52 4.91
C ASN H 54 25.63 49.53 3.64
N PRO H 55 25.75 48.49 2.81
CA PRO H 55 24.96 48.46 1.58
C PRO H 55 23.44 48.49 1.80
N THR H 56 22.96 47.76 2.81
CA THR H 56 21.53 47.73 3.10
C THR H 56 21.05 49.12 3.53
N ARG H 57 21.84 49.79 4.35
CA ARG H 57 21.53 51.15 4.73
C ARG H 57 21.49 52.08 3.50
N GLU H 58 22.42 51.89 2.57
CA GLU H 58 22.50 52.74 1.39
C GLU H 58 21.37 52.47 0.38
N GLU H 59 20.80 51.27 0.42
CA GLU H 59 19.67 50.99 -0.44
C GLU H 59 18.42 51.73 0.06
N LEU H 60 18.18 51.69 1.35
CA LEU H 60 17.04 52.36 1.95
C LEU H 60 17.18 53.87 1.74
N GLU H 61 18.38 54.40 1.96
CA GLU H 61 18.64 55.83 1.71
C GLU H 61 18.34 56.22 0.27
N GLU H 62 18.76 55.38 -0.67
CA GLU H 62 18.49 55.57 -2.08
C GLU H 62 16.99 55.55 -2.34
N CYS H 63 16.30 54.64 -1.66
CA CYS H 63 14.86 54.53 -1.79
C CYS H 63 14.17 55.85 -1.40
N LEU H 64 14.49 56.37 -0.23
CA LEU H 64 13.83 57.59 0.27
C LEU H 64 14.18 58.83 -0.55
N ALA H 65 15.45 58.98 -0.91
CA ALA H 65 15.86 60.13 -1.72
C ALA H 65 15.09 60.12 -3.03
N GLY H 66 14.83 58.91 -3.53
CA GLY H 66 14.11 58.73 -4.78
C GLY H 66 12.69 59.21 -4.66
N LEU H 67 12.09 59.00 -3.49
CA LEU H 67 10.72 59.45 -3.23
C LEU H 67 10.58 60.98 -3.31
N GLU H 68 11.69 61.70 -3.17
CA GLU H 68 11.66 63.16 -3.26
C GLU H 68 12.33 63.67 -4.53
N ARG H 69 12.76 62.77 -5.40
CA ARG H 69 13.56 63.12 -6.58
C ARG H 69 14.80 63.91 -6.13
N ALA H 70 15.37 63.55 -4.98
CA ALA H 70 16.52 64.26 -4.40
C ALA H 70 17.80 63.43 -4.53
N PRO H 71 18.96 64.10 -4.58
CA PRO H 71 20.22 63.34 -4.65
C PRO H 71 20.64 62.67 -3.33
N PHE H 72 20.14 63.14 -2.19
CA PHE H 72 20.68 62.67 -0.92
C PHE H 72 19.61 62.25 0.06
N ALA H 73 19.92 61.22 0.83
CA ALA H 73 19.14 60.88 2.01
C ALA H 73 20.06 60.22 3.01
N THR H 74 19.80 60.43 4.29
CA THR H 74 20.58 59.83 5.35
C THR H 74 19.65 59.31 6.44
N VAL H 75 19.81 58.04 6.81
CA VAL H 75 18.93 57.46 7.84
C VAL H 75 19.62 57.37 9.19
N PHE H 76 18.80 57.30 10.24
CA PHE H 76 19.28 57.44 11.60
C PHE H 76 18.62 56.44 12.52
N SER H 77 19.14 56.35 13.73
CA SER H 77 18.66 55.40 14.72
C SER H 77 17.30 55.81 15.33
N SER H 78 16.73 56.91 14.83
CA SER H 78 15.35 57.34 15.14
C SER H 78 15.04 58.70 14.49
N GLY H 79 13.79 59.11 14.53
CA GLY H 79 13.40 60.44 14.10
C GLY H 79 14.13 61.52 14.90
N GLN H 80 14.17 61.34 16.22
CA GLN H 80 14.91 62.23 17.12
C GLN H 80 16.40 62.39 16.72
N ALA H 81 17.02 61.30 16.29
CA ALA H 81 18.43 61.35 15.89
C ALA H 81 18.64 62.19 14.63
N ALA H 82 17.75 62.02 13.65
CA ALA H 82 17.76 62.82 12.43
C ALA H 82 17.62 64.31 12.78
N ALA H 83 16.62 64.62 13.60
CA ALA H 83 16.40 65.98 14.07
C ALA H 83 17.62 66.51 14.84
N ALA H 84 18.16 65.67 15.72
CA ALA H 84 19.34 66.03 16.50
C ALA H 84 20.52 66.42 15.63
N THR H 85 20.68 65.69 14.53
CA THR H 85 21.83 65.84 13.64
C THR H 85 21.76 67.17 12.89
N LEU H 86 20.58 67.48 12.36
CA LEU H 86 20.36 68.74 11.67
C LEU H 86 20.59 69.94 12.60
N LEU H 87 20.09 69.83 13.82
CA LEU H 87 20.19 70.92 14.79
C LEU H 87 21.64 71.17 15.20
N SER H 88 22.44 70.11 15.19
CA SER H 88 23.85 70.21 15.57
C SER H 88 24.62 71.19 14.68
N LEU H 89 24.09 71.43 13.47
CA LEU H 89 24.71 72.37 12.53
C LEU H 89 24.26 73.80 12.81
N VAL H 90 23.48 74.01 13.85
CA VAL H 90 23.20 75.37 14.32
C VAL H 90 24.21 75.74 15.43
N ARG H 91 25.00 76.78 15.18
CA ARG H 91 26.11 77.14 16.07
C ARG H 91 25.70 78.09 17.19
N PRO H 92 26.42 78.07 18.33
CA PRO H 92 26.08 78.97 19.44
C PRO H 92 26.05 80.40 18.96
N GLY H 93 25.04 81.15 19.37
CA GLY H 93 24.88 82.51 18.90
C GLY H 93 23.83 82.60 17.81
N GLN H 94 23.64 81.51 17.06
CA GLN H 94 22.70 81.51 15.94
C GLN H 94 21.24 81.31 16.36
N CYS H 95 20.32 81.62 15.43
CA CYS H 95 18.89 81.53 15.68
C CYS H 95 18.19 80.43 14.90
N VAL H 96 17.33 79.69 15.60
CA VAL H 96 16.40 78.75 15.01
C VAL H 96 14.98 79.25 15.20
N VAL H 97 14.42 79.89 14.18
CA VAL H 97 13.00 80.22 14.23
C VAL H 97 12.17 78.96 14.06
N SER H 98 11.32 78.69 15.04
CA SER H 98 10.37 77.61 14.91
C SER H 98 8.99 78.03 15.36
N THR H 99 8.02 77.23 14.96
CA THR H 99 6.68 77.29 15.48
C THR H 99 6.72 76.99 16.99
N ASP H 100 5.65 77.30 17.68
CA ASP H 100 5.61 77.15 19.14
C ASP H 100 4.79 75.96 19.60
N ASP H 101 4.88 74.86 18.86
CA ASP H 101 3.92 73.80 19.00
C ASP H 101 4.51 72.51 18.47
N VAL H 102 5.78 72.55 18.10
CA VAL H 102 6.46 71.36 17.58
C VAL H 102 6.25 70.13 18.45
N TYR H 103 6.52 68.97 17.87
CA TYR H 103 6.63 67.74 18.62
C TYR H 103 7.56 67.95 19.83
N ALA H 104 7.14 67.44 20.98
CA ALA H 104 7.90 67.53 22.21
C ALA H 104 9.34 67.05 22.02
N GLY H 105 9.53 66.06 21.15
CA GLY H 105 10.86 65.57 20.83
C GLY H 105 11.69 66.65 20.15
N THR H 106 11.07 67.39 19.23
CA THR H 106 11.74 68.52 18.60
C THR H 106 12.06 69.64 19.60
N ASP H 107 11.13 69.95 20.50
CA ASP H 107 11.36 70.96 21.54
C ASP H 107 12.53 70.57 22.45
N GLY H 108 12.63 69.28 22.78
CA GLY H 108 13.71 68.78 23.61
C GLY H 108 15.07 69.10 23.02
N LEU H 109 15.15 69.08 21.70
CA LEU H 109 16.39 69.41 21.01
C LEU H 109 16.66 70.92 20.97
N PHE H 110 15.63 71.72 20.72
CA PHE H 110 15.75 73.18 20.78
C PHE H 110 16.34 73.62 22.14
N ASP H 111 15.92 72.95 23.21
CA ASP H 111 16.38 73.30 24.56
C ASP H 111 17.85 72.94 24.82
N LEU H 112 18.36 71.95 24.09
CA LEU H 112 19.77 71.60 24.21
C LEU H 112 20.61 72.62 23.45
N ALA H 113 20.14 72.99 22.27
CA ALA H 113 20.75 74.07 21.52
C ALA H 113 20.54 75.40 22.25
N ALA H 114 19.49 75.48 23.06
CA ALA H 114 19.28 76.66 23.89
C ALA H 114 20.30 76.62 25.01
N ARG H 115 20.30 75.52 25.75
CA ARG H 115 21.23 75.39 26.87
C ARG H 115 22.68 75.26 26.40
N GLN H 116 22.90 74.92 25.13
CA GLN H 116 24.24 75.04 24.55
C GLN H 116 24.47 76.45 24.05
N GLY H 117 23.40 77.22 23.87
CA GLY H 117 23.57 78.63 23.56
C GLY H 117 23.17 79.10 22.17
N VAL H 118 22.44 78.28 21.43
CA VAL H 118 21.80 78.72 20.19
C VAL H 118 20.50 79.39 20.59
N ARG H 119 20.16 80.52 19.98
CA ARG H 119 18.94 81.22 20.34
C ARG H 119 17.71 80.65 19.63
N VAL H 120 16.58 80.69 20.30
CA VAL H 120 15.35 80.09 19.78
C VAL H 120 14.17 81.06 19.90
N ARG H 121 13.56 81.46 18.78
CA ARG H 121 12.34 82.27 18.84
C ARG H 121 11.13 81.53 18.29
N TYR H 122 10.03 81.55 19.04
CA TYR H 122 8.76 80.95 18.62
C TYR H 122 7.95 81.89 17.74
N ALA H 123 6.99 81.36 17.00
CA ALA H 123 6.24 82.16 16.04
C ALA H 123 4.93 81.53 15.56
N ASP H 124 4.01 82.37 15.09
CA ASP H 124 2.84 81.89 14.38
C ASP H 124 3.10 82.17 12.89
N LEU H 125 3.75 81.22 12.24
CA LEU H 125 4.10 81.35 10.83
C LEU H 125 2.86 81.34 9.96
N THR H 126 1.72 80.92 10.51
CA THR H 126 0.49 80.83 9.73
C THR H 126 -0.02 82.20 9.28
N THR H 127 0.61 83.25 9.79
CA THR H 127 0.23 84.62 9.44
C THR H 127 1.39 85.37 8.80
N PRO H 128 1.10 86.11 7.72
CA PRO H 128 2.10 86.85 6.94
C PRO H 128 2.81 87.88 7.81
N GLU H 129 2.07 88.44 8.76
CA GLU H 129 2.64 89.38 9.73
C GLU H 129 3.69 88.69 10.62
N GLY H 130 3.39 87.49 11.09
CA GLY H 130 4.30 86.80 12.00
C GLY H 130 5.48 86.11 11.34
N ILE H 131 5.39 85.91 10.03
CA ILE H 131 6.51 85.41 9.26
C ILE H 131 7.55 86.51 9.10
N ALA H 132 7.08 87.68 8.66
CA ALA H 132 7.95 88.81 8.40
C ALA H 132 8.67 89.22 9.67
N ALA H 133 7.93 89.24 10.77
CA ALA H 133 8.44 89.78 12.01
C ALA H 133 9.48 88.86 12.63
N ALA H 134 9.31 87.56 12.41
CA ALA H 134 10.21 86.55 12.98
C ALA H 134 11.42 86.26 12.10
N LEU H 135 11.29 86.53 10.81
CA LEU H 135 12.41 86.29 9.91
C LEU H 135 13.37 87.48 9.84
N ALA H 136 13.15 88.49 10.68
CA ALA H 136 14.11 89.59 10.80
C ALA H 136 14.91 89.44 12.08
N GLU H 137 14.59 88.41 12.86
CA GLU H 137 15.33 88.07 14.07
C GLU H 137 16.81 87.91 13.71
N PRO H 138 17.68 88.59 14.47
CA PRO H 138 19.12 88.54 14.20
C PRO H 138 19.77 87.18 14.45
N ASP H 139 20.70 86.77 13.57
CA ASP H 139 21.48 85.53 13.66
C ASP H 139 20.72 84.27 13.21
N LEU H 140 19.71 84.47 12.36
CA LEU H 140 18.81 83.38 11.95
C LEU H 140 19.38 82.47 10.86
N ALA H 141 19.39 81.17 11.13
CA ALA H 141 20.01 80.22 10.21
C ALA H 141 19.13 79.04 9.85
N LEU H 142 18.06 78.83 10.61
CA LEU H 142 17.20 77.65 10.41
C LEU H 142 15.76 77.95 10.75
N VAL H 143 14.86 77.60 9.85
CA VAL H 143 13.43 77.66 10.11
C VAL H 143 12.85 76.25 10.13
N TRP H 144 12.22 75.89 11.25
CA TRP H 144 11.76 74.54 11.49
C TRP H 144 10.25 74.47 11.36
N ILE H 145 9.79 73.95 10.24
CA ILE H 145 8.36 73.82 9.98
C ILE H 145 7.90 72.38 10.23
N GLU H 146 6.88 72.21 11.04
CA GLU H 146 6.20 70.90 11.13
C GLU H 146 4.75 71.11 10.73
N THR H 147 4.33 70.48 9.64
CA THR H 147 3.01 70.76 9.11
C THR H 147 2.42 69.56 8.38
N PRO H 148 1.17 69.20 8.72
CA PRO H 148 0.34 69.82 9.75
C PRO H 148 0.89 69.63 11.17
N THR H 149 0.46 70.49 12.10
CA THR H 149 0.87 70.37 13.49
C THR H 149 0.03 69.34 14.26
N ASN H 150 0.48 68.96 15.45
CA ASN H 150 -0.14 67.88 16.20
C ASN H 150 -0.38 68.39 17.62
N PRO H 151 -1.61 68.27 18.16
CA PRO H 151 -2.80 67.59 17.65
C PRO H 151 -3.88 68.48 17.02
N LEU H 152 -3.62 69.78 16.82
CA LEU H 152 -4.69 70.65 16.32
C LEU H 152 -4.75 70.65 14.79
N LEU H 153 -3.69 70.15 14.16
CA LEU H 153 -3.67 69.97 12.71
C LEU H 153 -3.74 71.30 11.97
N THR H 154 -3.13 72.33 12.54
CA THR H 154 -2.92 73.58 11.80
C THR H 154 -1.86 73.31 10.73
N VAL H 155 -1.74 74.20 9.75
CA VAL H 155 -0.84 73.98 8.63
C VAL H 155 -0.03 75.26 8.33
N VAL H 156 1.24 75.09 7.96
CA VAL H 156 2.06 76.23 7.57
C VAL H 156 2.40 76.14 6.09
N ASP H 157 2.29 77.27 5.38
CA ASP H 157 2.58 77.31 3.94
C ASP H 157 4.07 77.17 3.69
N VAL H 158 4.51 75.96 3.36
CA VAL H 158 5.93 75.71 3.11
C VAL H 158 6.56 76.63 2.05
N ALA H 159 5.92 76.75 0.88
CA ALA H 159 6.51 77.54 -0.20
C ALA H 159 6.69 79.01 0.20
N GLU H 160 5.69 79.58 0.88
CA GLU H 160 5.77 80.98 1.28
C GLU H 160 6.88 81.20 2.32
N VAL H 161 6.87 80.42 3.39
CA VAL H 161 7.90 80.52 4.42
C VAL H 161 9.30 80.32 3.83
N SER H 162 9.41 79.41 2.86
CA SER H 162 10.71 79.11 2.26
C SER H 162 11.30 80.29 1.48
N ARG H 163 10.47 80.94 0.67
CA ARG H 163 10.96 82.07 -0.12
C ARG H 163 11.43 83.21 0.78
N ARG H 164 10.68 83.51 1.84
CA ARG H 164 11.08 84.56 2.77
C ARG H 164 12.31 84.16 3.59
N ALA H 165 12.42 82.88 3.94
CA ALA H 165 13.57 82.42 4.68
C ALA H 165 14.83 82.45 3.81
N HIS H 166 14.63 82.19 2.52
CA HIS H 166 15.75 82.16 1.56
C HIS H 166 16.15 83.58 1.12
N GLU H 167 15.36 84.55 1.54
CA GLU H 167 15.72 85.95 1.31
C GLU H 167 16.59 86.46 2.47
N ARG H 168 16.73 85.64 3.50
CA ARG H 168 17.60 85.95 4.62
C ARG H 168 18.80 85.00 4.63
N GLY H 169 18.65 83.85 3.98
CA GLY H 169 19.75 82.90 3.86
C GLY H 169 19.68 81.71 4.80
N ALA H 170 18.51 81.45 5.36
CA ALA H 170 18.36 80.37 6.33
C ALA H 170 18.05 79.05 5.63
N ARG H 171 18.42 77.96 6.29
CA ARG H 171 17.99 76.65 5.86
C ARG H 171 16.54 76.51 6.29
N VAL H 172 15.75 75.77 5.51
CA VAL H 172 14.37 75.47 5.87
C VAL H 172 14.17 73.97 5.93
N VAL H 173 13.71 73.48 7.08
CA VAL H 173 13.37 72.06 7.20
C VAL H 173 11.88 71.89 7.47
N VAL H 174 11.30 70.88 6.85
CA VAL H 174 9.93 70.49 7.15
C VAL H 174 9.94 69.10 7.79
N ASP H 175 9.45 69.00 9.02
CA ASP H 175 9.24 67.70 9.64
C ASP H 175 8.00 67.18 8.97
N ASN H 176 8.18 66.24 8.05
CA ASN H 176 7.13 65.78 7.15
C ASN H 176 6.55 64.42 7.57
N THR H 177 6.75 64.06 8.83
CA THR H 177 6.27 62.78 9.36
C THR H 177 4.75 62.60 9.24
N PHE H 178 4.01 63.60 9.69
CA PHE H 178 2.54 63.59 9.64
C PHE H 178 2.01 63.16 8.26
N ALA H 179 2.44 63.85 7.22
CA ALA H 179 1.86 63.67 5.91
C ALA H 179 2.43 62.47 5.15
N SER H 180 3.73 62.21 5.34
CA SER H 180 4.53 61.30 4.53
C SER H 180 4.85 61.85 3.14
N PRO H 181 5.86 61.28 2.48
CA PRO H 181 6.17 61.74 1.12
C PRO H 181 5.04 61.48 0.09
N VAL H 182 4.07 60.63 0.45
CA VAL H 182 2.97 60.31 -0.47
C VAL H 182 2.02 61.51 -0.65
N LEU H 183 1.96 62.36 0.37
CA LEU H 183 0.99 63.46 0.39
C LEU H 183 1.63 64.84 0.25
N GLN H 184 2.87 64.96 0.73
CA GLN H 184 3.51 66.27 0.80
C GLN H 184 4.97 66.13 0.41
N GLN H 185 5.43 67.00 -0.48
CA GLN H 185 6.80 66.97 -1.00
C GLN H 185 7.54 68.29 -0.68
N PRO H 186 8.07 68.41 0.55
CA PRO H 186 8.66 69.66 1.04
C PRO H 186 9.75 70.24 0.11
N LEU H 187 10.54 69.39 -0.52
CA LEU H 187 11.59 69.88 -1.40
C LEU H 187 11.01 70.49 -2.67
N ALA H 188 9.95 69.87 -3.19
CA ALA H 188 9.25 70.39 -4.37
C ALA H 188 8.58 71.72 -4.03
N LEU H 189 8.04 71.80 -2.83
CA LEU H 189 7.43 73.02 -2.34
C LEU H 189 8.47 74.12 -2.22
N GLY H 190 9.71 73.76 -1.89
CA GLY H 190 10.78 74.75 -1.83
C GLY H 190 11.66 74.73 -0.60
N ALA H 191 11.43 73.78 0.29
CA ALA H 191 12.28 73.62 1.48
C ALA H 191 13.62 72.99 1.11
N ASP H 192 14.56 72.96 2.05
CA ASP H 192 15.90 72.41 1.79
C ASP H 192 16.08 70.99 2.34
N VAL H 193 15.28 70.62 3.33
CA VAL H 193 15.39 69.33 3.97
C VAL H 193 14.02 68.81 4.34
N SER H 194 13.76 67.54 4.04
CA SER H 194 12.59 66.87 4.57
C SER H 194 13.07 66.00 5.71
N LEU H 195 12.42 66.13 6.86
CA LEU H 195 12.77 65.34 8.04
C LEU H 195 11.67 64.33 8.33
N TYR H 196 12.06 63.10 8.61
CA TYR H 196 11.10 62.04 8.91
C TYR H 196 11.51 61.23 10.11
N SER H 197 10.61 61.08 11.06
CA SER H 197 10.59 59.83 11.80
C SER H 197 10.18 58.84 10.73
N THR H 198 10.85 57.69 10.66
CA THR H 198 10.37 56.63 9.79
C THR H 198 9.71 55.57 10.66
N THR H 199 9.75 55.80 11.97
CA THR H 199 9.06 54.96 12.96
C THR H 199 7.54 54.95 12.73
N1 LLP H 200 8.68 64.30 14.76
C2 LLP H 200 7.48 63.81 14.48
C2' LLP H 200 6.44 64.67 13.71
C3 LLP H 200 7.17 62.48 14.90
O3 LLP H 200 5.92 61.93 14.63
C4 LLP H 200 8.10 61.72 15.58
C4' LLP H 200 7.68 60.21 16.02
C5 LLP H 200 9.33 62.25 15.86
C6 LLP H 200 9.64 63.55 15.44
C5' LLP H 200 10.44 61.46 16.64
OP4 LLP H 200 10.71 60.28 15.93
P LLP H 200 11.26 59.02 16.65
OP1 LLP H 200 11.38 57.99 15.52
OP2 LLP H 200 12.57 59.30 17.28
OP3 LLP H 200 10.32 58.57 17.71
N LLP H 200 7.03 55.99 12.07
CA LLP H 200 5.58 56.17 11.87
CB LLP H 200 5.26 57.64 12.03
CG LLP H 200 5.99 58.19 13.27
CD LLP H 200 5.25 57.91 14.58
CE LLP H 200 6.07 58.43 15.81
NZ LLP H 200 6.31 59.90 15.71
C LLP H 200 5.10 55.55 10.58
O LLP H 200 5.20 54.34 10.42
N SER H 201 4.59 56.35 9.64
CA SER H 201 3.96 55.75 8.46
C SER H 201 4.89 55.09 7.42
N ILE H 202 6.12 55.60 7.26
CA ILE H 202 7.04 55.05 6.24
C ILE H 202 7.34 53.56 6.46
N ALA H 203 7.74 53.20 7.67
CA ALA H 203 7.86 51.79 8.01
C ALA H 203 6.45 51.20 8.09
N GLY H 204 5.60 51.82 8.89
CA GLY H 204 4.17 51.57 8.82
C GLY H 204 3.62 50.45 9.69
N HIS H 205 4.48 49.59 10.23
CA HIS H 205 3.97 48.40 10.90
C HIS H 205 4.32 48.37 12.39
N ALA H 206 4.66 49.55 12.90
CA ALA H 206 4.91 49.76 14.33
C ALA H 206 5.88 48.77 14.96
N ASP H 207 6.95 48.42 14.23
CA ASP H 207 7.90 47.44 14.76
C ASP H 207 9.37 47.78 14.49
N VAL H 208 9.63 49.05 14.17
CA VAL H 208 11.00 49.49 13.99
C VAL H 208 11.09 51.01 14.18
N LEU H 209 12.10 51.44 14.94
CA LEU H 209 12.36 52.85 15.18
C LEU H 209 13.35 53.31 14.13
N GLY H 210 13.16 54.53 13.64
CA GLY H 210 14.06 55.07 12.64
C GLY H 210 13.80 56.54 12.32
N GLY H 211 14.76 57.15 11.63
CA GLY H 211 14.64 58.50 11.16
C GLY H 211 15.32 58.66 9.80
N ALA H 212 15.04 59.77 9.13
CA ALA H 212 15.60 60.07 7.83
C ALA H 212 15.68 61.58 7.64
N LEU H 213 16.68 62.01 6.87
CA LEU H 213 16.78 63.37 6.35
C LEU H 213 16.91 63.24 4.84
N VAL H 214 16.12 64.01 4.09
CA VAL H 214 16.24 64.01 2.64
C VAL H 214 16.44 65.45 2.16
N TYR H 215 17.39 65.64 1.24
CA TYR H 215 17.90 66.97 0.94
C TYR H 215 18.78 66.94 -0.31
N ARG H 216 19.24 68.11 -0.75
CA ARG H 216 19.98 68.17 -2.00
C ARG H 216 21.31 68.90 -1.92
N ASP H 217 21.59 69.50 -0.76
CA ASP H 217 22.84 70.25 -0.61
C ASP H 217 24.00 69.30 -0.30
N ALA H 218 25.00 69.32 -1.16
CA ALA H 218 26.16 68.47 -1.01
C ALA H 218 27.04 68.85 0.19
N ASP H 219 27.13 70.14 0.51
CA ASP H 219 27.83 70.53 1.72
C ASP H 219 27.08 69.94 2.92
N LEU H 220 25.76 70.03 2.88
CA LEU H 220 24.93 69.52 3.97
C LEU H 220 25.08 68.01 4.12
N HIS H 221 25.14 67.30 2.99
CA HIS H 221 25.31 65.86 3.00
C HIS H 221 26.62 65.50 3.70
N ALA H 222 27.68 66.24 3.38
CA ALA H 222 28.98 66.01 4.00
C ALA H 222 28.91 66.14 5.53
N ALA H 223 28.34 67.24 6.02
CA ALA H 223 28.27 67.48 7.45
C ALA H 223 27.34 66.50 8.19
N VAL H 224 26.22 66.15 7.56
CA VAL H 224 25.29 65.22 8.17
C VAL H 224 25.94 63.86 8.31
N ARG H 225 26.59 63.43 7.24
CA ARG H 225 27.29 62.16 7.26
C ARG H 225 28.42 62.17 8.31
N ALA H 226 29.17 63.26 8.36
CA ALA H 226 30.26 63.37 9.32
C ALA H 226 29.74 63.28 10.77
N TYR H 227 28.61 63.94 11.03
CA TYR H 227 28.02 63.90 12.35
C TYR H 227 27.50 62.51 12.72
N ARG H 228 26.82 61.85 11.78
CA ARG H 228 26.28 60.53 12.07
C ARG H 228 27.40 59.55 12.39
N THR H 229 28.46 59.61 11.59
CA THR H 229 29.64 58.76 11.77
C THR H 229 30.26 58.97 13.15
N THR H 230 30.33 60.21 13.59
CA THR H 230 30.98 60.54 14.85
C THR H 230 30.04 60.39 16.06
N ALA H 231 28.82 60.89 15.93
CA ALA H 231 27.85 60.70 17.01
C ALA H 231 27.43 59.22 17.11
N GLY H 232 27.54 58.49 16.01
CA GLY H 232 27.16 57.09 16.00
C GLY H 232 25.67 56.81 16.14
N ASN H 233 24.82 57.76 15.73
CA ASN H 233 23.38 57.59 15.86
C ASN H 233 22.83 56.89 14.63
N VAL H 234 23.50 55.80 14.28
CA VAL H 234 23.29 55.09 13.04
C VAL H 234 22.43 53.86 13.37
N PRO H 235 21.51 53.47 12.47
CA PRO H 235 20.60 52.39 12.86
C PRO H 235 21.23 51.05 12.49
N GLY H 236 20.50 49.95 12.64
CA GLY H 236 21.00 48.65 12.25
C GLY H 236 20.46 48.15 10.90
N ALA H 237 21.22 47.31 10.21
CA ALA H 237 20.78 46.81 8.90
C ALA H 237 19.46 46.01 8.95
N LEU H 238 19.32 45.10 9.91
CA LEU H 238 18.05 44.36 10.07
C LEU H 238 16.88 45.32 10.18
N ASP H 239 17.09 46.44 10.86
CA ASP H 239 16.02 47.41 11.01
C ASP H 239 15.83 48.26 9.76
N CYS H 240 16.92 48.57 9.06
CA CYS H 240 16.79 49.22 7.76
C CYS H 240 15.99 48.31 6.82
N PHE H 241 16.19 47.00 6.95
CA PHE H 241 15.39 46.04 6.20
C PHE H 241 13.90 46.15 6.54
N LEU H 242 13.57 46.27 7.83
CA LEU H 242 12.18 46.44 8.25
C LEU H 242 11.56 47.71 7.69
N VAL H 243 12.28 48.82 7.80
CA VAL H 243 11.80 50.07 7.24
C VAL H 243 11.63 49.93 5.73
N ARG H 244 12.65 49.39 5.07
CA ARG H 244 12.61 49.20 3.62
C ARG H 244 11.46 48.29 3.21
N ARG H 245 11.22 47.23 3.98
CA ARG H 245 10.14 46.31 3.63
C ARG H 245 8.78 46.98 3.80
N GLY H 246 8.66 47.82 4.83
CA GLY H 246 7.43 48.58 5.03
C GLY H 246 7.15 49.54 3.90
N LEU H 247 8.23 50.13 3.36
CA LEU H 247 8.13 51.13 2.30
C LEU H 247 7.36 50.67 1.06
N HIS H 248 7.48 49.40 0.69
CA HIS H 248 6.79 48.89 -0.49
C HIS H 248 5.31 49.27 -0.48
N THR H 249 4.68 49.17 0.68
CA THR H 249 3.25 49.44 0.77
C THR H 249 2.86 50.88 1.15
N LEU H 250 3.81 51.80 1.14
CA LEU H 250 3.55 53.18 1.61
C LEU H 250 2.29 53.83 1.04
N SER H 251 2.18 53.92 -0.28
CA SER H 251 1.03 54.63 -0.84
C SER H 251 -0.29 53.85 -0.71
N LEU H 252 -0.25 52.52 -0.79
CA LEU H 252 -1.43 51.70 -0.51
C LEU H 252 -1.99 52.01 0.87
N ARG H 253 -1.12 51.97 1.88
CA ARG H 253 -1.52 52.14 3.27
C ARG H 253 -2.05 53.56 3.54
N VAL H 254 -1.32 54.57 3.08
CA VAL H 254 -1.74 55.96 3.25
C VAL H 254 -3.12 56.25 2.65
N HIS H 255 -3.35 55.86 1.41
CA HIS H 255 -4.62 56.18 0.79
C HIS H 255 -5.83 55.48 1.46
N ARG H 256 -5.66 54.24 1.92
CA ARG H 256 -6.67 53.57 2.70
C ARG H 256 -6.92 54.31 4.03
N GLN H 257 -5.84 54.71 4.68
CA GLN H 257 -5.94 55.50 5.91
C GLN H 257 -6.70 56.82 5.70
N VAL H 258 -6.35 57.54 4.63
CA VAL H 258 -7.00 58.82 4.35
C VAL H 258 -8.49 58.64 4.05
N ALA H 259 -8.80 57.61 3.25
CA ALA H 259 -10.18 57.29 2.91
C ALA H 259 -10.97 57.02 4.18
N THR H 260 -10.38 56.24 5.08
CA THR H 260 -11.02 55.92 6.33
C THR H 260 -11.14 57.14 7.23
N ALA H 261 -10.07 57.92 7.34
CA ALA H 261 -10.13 59.20 8.08
C ALA H 261 -11.33 60.04 7.65
N ARG H 262 -11.60 60.11 6.35
CA ARG H 262 -12.76 60.86 5.86
C ARG H 262 -14.06 60.33 6.43
N VAL H 263 -14.27 59.02 6.37
CA VAL H 263 -15.49 58.42 6.89
C VAL H 263 -15.67 58.77 8.37
N LEU H 264 -14.58 58.70 9.14
CA LEU H 264 -14.64 58.96 10.58
C LEU H 264 -14.97 60.42 10.89
N VAL H 265 -14.42 61.34 10.11
CA VAL H 265 -14.70 62.76 10.30
C VAL H 265 -16.19 63.04 10.13
N GLU H 266 -16.75 62.47 9.07
CA GLU H 266 -18.20 62.54 8.84
C GLU H 266 -18.96 61.96 10.04
N ARG H 267 -18.47 60.86 10.61
CA ARG H 267 -19.09 60.29 11.82
C ARG H 267 -19.05 61.27 12.98
N LEU H 268 -17.89 61.87 13.19
CA LEU H 268 -17.67 62.81 14.27
C LEU H 268 -18.59 64.01 14.13
N ARG H 269 -18.73 64.47 12.89
CA ARG H 269 -19.63 65.59 12.60
C ARG H 269 -21.09 65.17 12.79
N ALA H 270 -21.34 63.87 12.85
CA ALA H 270 -22.69 63.39 13.07
C ALA H 270 -23.00 63.13 14.56
N SER H 271 -21.96 63.11 15.40
CA SER H 271 -22.17 62.78 16.81
C SER H 271 -22.74 63.91 17.65
N PRO H 272 -23.70 63.58 18.52
CA PRO H 272 -24.27 64.55 19.47
C PRO H 272 -23.35 64.80 20.67
N VAL H 273 -22.31 64.00 20.86
CA VAL H 273 -21.37 64.25 21.95
C VAL H 273 -19.97 64.63 21.47
N VAL H 274 -19.89 65.25 20.31
CA VAL H 274 -18.62 65.75 19.77
C VAL H 274 -18.70 67.24 19.46
N GLY H 275 -17.72 68.00 19.97
CA GLY H 275 -17.65 69.42 19.70
C GLY H 275 -16.90 69.66 18.39
N ALA H 276 -15.85 70.48 18.44
CA ALA H 276 -15.06 70.75 17.24
C ALA H 276 -14.48 69.47 16.64
N VAL H 277 -14.47 69.39 15.32
CA VAL H 277 -13.79 68.29 14.65
C VAL H 277 -12.65 68.86 13.81
N HIS H 278 -11.44 68.40 14.06
CA HIS H 278 -10.28 68.93 13.35
C HIS H 278 -9.80 67.93 12.32
N TYR H 279 -9.62 68.43 11.10
CA TYR H 279 -9.10 67.64 9.99
C TYR H 279 -8.70 68.63 8.91
N PRO H 280 -7.50 68.48 8.34
CA PRO H 280 -6.98 69.43 7.35
C PRO H 280 -7.86 69.57 6.11
N GLY H 281 -8.61 68.52 5.75
CA GLY H 281 -9.41 68.54 4.55
C GLY H 281 -10.80 69.16 4.63
N LEU H 282 -11.24 69.52 5.84
CA LEU H 282 -12.57 70.10 6.01
C LEU H 282 -12.67 71.49 5.35
N PRO H 283 -13.84 71.79 4.74
CA PRO H 283 -14.18 73.07 4.10
C PRO H 283 -13.81 74.34 4.89
N GLU H 284 -14.10 74.36 6.18
CA GLU H 284 -13.88 75.60 6.94
C GLU H 284 -12.66 75.50 7.80
N HIS H 285 -11.66 74.77 7.31
CA HIS H 285 -10.40 74.71 8.00
C HIS H 285 -9.79 76.10 7.94
N PRO H 286 -9.09 76.49 9.02
CA PRO H 286 -8.28 77.71 9.10
C PRO H 286 -7.53 78.00 7.80
N GLN H 287 -6.76 77.02 7.36
CA GLN H 287 -5.89 77.18 6.20
C GLN H 287 -6.24 76.27 5.03
N HIS H 288 -7.52 76.18 4.66
CA HIS H 288 -7.91 75.21 3.62
C HIS H 288 -7.27 75.44 2.24
N ALA H 289 -7.04 76.70 1.88
CA ALA H 289 -6.41 76.99 0.59
C ALA H 289 -4.98 76.45 0.52
N VAL H 290 -4.26 76.58 1.63
CA VAL H 290 -2.89 76.08 1.71
C VAL H 290 -2.87 74.56 1.64
N VAL H 291 -3.82 73.93 2.33
CA VAL H 291 -3.96 72.48 2.33
C VAL H 291 -4.06 72.00 0.88
N LYS H 292 -4.93 72.67 0.13
CA LYS H 292 -5.16 72.29 -1.25
C LYS H 292 -3.93 72.53 -2.16
N ALA H 293 -3.01 73.37 -1.71
CA ALA H 293 -1.79 73.61 -2.47
C ALA H 293 -0.65 72.61 -2.19
N GLN H 294 -0.49 72.15 -0.95
CA GLN H 294 0.71 71.36 -0.63
C GLN H 294 0.49 69.90 -0.21
N MSE H 295 -0.76 69.55 0.11
CA MSE H 295 -1.06 68.17 0.50
C MSE H 295 -1.97 67.52 -0.55
O MSE H 295 -3.07 68.01 -0.83
CB MSE H 295 -1.68 68.14 1.92
CG MSE H 295 -0.82 68.79 3.03
SE MSE H 295 -1.53 68.70 4.90
CE MSE H 295 -1.93 66.77 5.06
N SER H 296 -1.49 66.44 -1.16
CA SER H 296 -2.22 65.79 -2.24
C SER H 296 -3.46 65.02 -1.73
N ALA H 297 -3.59 64.95 -0.41
CA ALA H 297 -4.75 64.41 0.31
C ALA H 297 -4.45 64.78 1.75
N PRO H 298 -5.47 64.81 2.63
CA PRO H 298 -5.27 65.49 3.92
C PRO H 298 -4.87 64.65 5.13
N GLY H 299 -4.29 63.46 4.93
CA GLY H 299 -3.74 62.70 6.03
C GLY H 299 -4.74 61.89 6.83
N ALA H 300 -4.24 61.26 7.88
CA ALA H 300 -5.00 60.30 8.66
C ALA H 300 -5.28 60.78 10.08
N ILE H 301 -4.56 61.80 10.52
CA ILE H 301 -4.74 62.27 11.88
C ILE H 301 -6.05 63.04 11.94
N VAL H 302 -6.87 62.73 12.94
CA VAL H 302 -8.12 63.44 13.15
C VAL H 302 -8.21 63.73 14.64
N SER H 303 -8.65 64.93 15.01
CA SER H 303 -8.89 65.20 16.43
C SER H 303 -10.22 65.89 16.67
N PHE H 304 -10.72 65.77 17.90
CA PHE H 304 -12.05 66.27 18.22
C PHE H 304 -12.24 66.46 19.73
N ASP H 305 -13.13 67.39 20.08
CA ASP H 305 -13.54 67.57 21.46
C ASP H 305 -14.76 66.69 21.78
N TYR H 306 -14.66 65.92 22.84
CA TYR H 306 -15.74 65.04 23.27
C TYR H 306 -16.47 65.69 24.45
N LEU H 307 -17.80 65.63 24.45
CA LEU H 307 -18.62 66.42 25.36
C LEU H 307 -19.41 65.60 26.39
N GLY H 308 -19.24 64.28 26.40
CA GLY H 308 -20.11 63.42 27.18
C GLY H 308 -19.64 62.92 28.53
N GLY H 309 -18.39 63.20 28.89
CA GLY H 309 -17.86 62.74 30.16
C GLY H 309 -16.35 62.66 30.15
N PRO H 310 -15.76 62.09 31.20
CA PRO H 310 -14.30 62.03 31.32
C PRO H 310 -13.64 61.34 30.12
N ALA H 311 -12.54 61.93 29.63
CA ALA H 311 -11.82 61.37 28.51
C ALA H 311 -11.32 59.96 28.81
N GLU H 312 -10.91 59.69 30.05
CA GLU H 312 -10.39 58.35 30.36
C GLU H 312 -11.47 57.27 30.38
N ARG H 313 -12.73 57.66 30.51
CA ARG H 313 -13.82 56.71 30.31
C ARG H 313 -14.02 56.45 28.81
N LEU H 314 -13.98 57.51 28.02
CA LEU H 314 -14.04 57.35 26.56
C LEU H 314 -12.94 56.39 26.10
N LEU H 315 -11.71 56.66 26.53
CA LEU H 315 -10.58 55.79 26.18
C LEU H 315 -10.80 54.32 26.57
N ASP H 316 -11.38 54.09 27.74
CA ASP H 316 -11.63 52.72 28.19
C ASP H 316 -12.57 51.95 27.26
N ARG H 317 -13.50 52.65 26.61
CA ARG H 317 -14.57 51.99 25.85
C ARG H 317 -14.21 51.50 24.45
N PHE H 318 -13.10 51.97 23.89
CA PHE H 318 -12.66 51.46 22.59
C PHE H 318 -12.33 49.96 22.64
N THR H 319 -12.82 49.18 21.68
CA THR H 319 -12.48 47.75 21.63
C THR H 319 -11.64 47.38 20.41
N LEU H 320 -11.47 48.32 19.48
CA LEU H 320 -10.67 48.07 18.27
C LEU H 320 -9.49 49.05 18.16
N PHE H 321 -9.75 50.35 18.23
CA PHE H 321 -8.67 51.33 18.37
C PHE H 321 -7.86 50.95 19.61
N THR H 322 -6.54 50.97 19.49
CA THR H 322 -5.66 50.75 20.64
C THR H 322 -5.33 52.10 21.25
N CYS H 323 -5.35 52.18 22.57
CA CYS H 323 -4.99 53.42 23.23
C CYS H 323 -3.48 53.44 23.47
N GLY H 324 -2.78 54.29 22.75
CA GLY H 324 -1.36 54.45 22.94
C GLY H 324 -0.79 55.51 22.04
N VAL H 325 0.43 55.95 22.33
CA VAL H 325 1.02 57.02 21.56
C VAL H 325 1.70 56.44 20.34
N SER H 326 2.20 57.35 19.49
CA SER H 326 2.69 57.12 18.11
C SER H 326 1.58 57.44 17.11
N LEU H 327 1.80 57.08 15.84
CA LEU H 327 0.82 57.27 14.79
C LEU H 327 1.34 56.62 13.53
N GLY H 328 0.48 56.47 12.54
CA GLY H 328 0.91 56.10 11.21
C GLY H 328 0.89 54.62 10.89
N GLY H 329 0.85 53.76 11.90
CA GLY H 329 0.92 52.33 11.69
C GLY H 329 -0.38 51.67 11.23
N VAL H 330 -0.29 50.40 10.83
CA VAL H 330 -1.45 49.65 10.35
C VAL H 330 -2.56 49.50 11.40
N HIS H 331 -2.19 49.59 12.68
CA HIS H 331 -3.17 49.52 13.78
C HIS H 331 -3.64 50.92 14.16
N SER H 332 -4.95 51.11 14.18
CA SER H 332 -5.50 52.41 14.58
C SER H 332 -5.25 52.74 16.05
N LEU H 333 -4.84 53.97 16.31
CA LEU H 333 -4.52 54.41 17.67
C LEU H 333 -5.42 55.56 18.13
N VAL H 334 -5.53 55.69 19.45
CA VAL H 334 -6.29 56.79 20.03
C VAL H 334 -5.57 57.24 21.30
N GLU H 335 -5.53 58.55 21.52
CA GLU H 335 -5.02 59.09 22.75
C GLU H 335 -5.74 60.37 23.12
N CYS H 336 -5.51 60.80 24.35
CA CYS H 336 -6.02 62.07 24.83
C CYS H 336 -4.79 62.88 25.19
N PRO H 337 -4.44 63.87 24.34
CA PRO H 337 -3.18 64.62 24.45
C PRO H 337 -2.94 65.11 25.87
N ALA H 338 -4.02 65.52 26.53
CA ALA H 338 -3.94 66.07 27.86
C ALA H 338 -3.58 65.04 28.93
N LEU H 339 -4.06 63.80 28.77
CA LEU H 339 -3.78 62.76 29.76
C LEU H 339 -2.47 62.07 29.43
N MSE H 340 -2.12 62.14 28.16
CA MSE H 340 -1.02 61.37 27.64
C MSE H 340 0.14 62.35 27.37
O MSE H 340 0.66 62.96 28.29
CB MSE H 340 -1.49 60.53 26.41
CG MSE H 340 -1.86 59.05 26.74
SE MSE H 340 -3.61 58.20 26.24
CE MSE H 340 -3.63 56.77 27.53
N THR H 341 0.52 62.49 26.10
CA THR H 341 1.60 63.38 25.64
C THR H 341 1.73 64.82 26.16
N HIS H 342 0.62 65.55 26.30
CA HIS H 342 0.71 66.97 26.68
C HIS H 342 0.54 67.15 28.16
N ARG H 343 0.53 66.03 28.88
CA ARG H 343 0.45 66.07 30.34
C ARG H 343 1.64 66.75 31.03
N PRO H 344 2.80 66.91 30.36
CA PRO H 344 3.80 67.79 30.97
C PRO H 344 3.50 69.29 30.79
N LEU H 345 2.21 69.62 30.69
CA LEU H 345 1.71 70.98 30.73
C LEU H 345 0.69 71.08 31.87
N SER H 346 0.13 72.27 32.07
CA SER H 346 -0.79 72.54 33.18
C SER H 346 -2.25 72.57 32.72
N ALA H 347 -3.16 72.65 33.67
CA ALA H 347 -4.56 72.92 33.37
C ALA H 347 -4.73 74.38 32.94
N GLU H 348 -3.72 75.19 33.23
CA GLU H 348 -3.68 76.57 32.76
C GLU H 348 -2.94 76.61 31.42
N ALA H 349 -1.95 75.73 31.26
CA ALA H 349 -1.08 75.76 30.09
C ALA H 349 -1.70 75.16 28.81
N ARG H 350 -2.03 73.85 28.84
CA ARG H 350 -2.72 73.18 27.72
C ARG H 350 -3.72 74.13 27.04
N ALA H 351 -4.52 74.78 27.88
CA ALA H 351 -5.57 75.68 27.47
C ALA H 351 -5.11 76.79 26.53
N ARG H 352 -3.95 77.36 26.83
CA ARG H 352 -3.42 78.44 26.00
C ARG H 352 -3.13 77.88 24.62
N ARG H 353 -2.55 76.67 24.57
CA ARG H 353 -2.24 76.06 23.28
C ARG H 353 -3.46 75.51 22.54
N GLY H 354 -4.65 75.81 23.04
CA GLY H 354 -5.88 75.39 22.39
C GLY H 354 -6.12 73.92 22.59
N ILE H 355 -5.85 73.45 23.81
CA ILE H 355 -5.88 72.02 24.09
C ILE H 355 -6.74 71.70 25.32
N GLY H 356 -7.98 71.31 25.08
CA GLY H 356 -8.90 71.01 26.17
C GLY H 356 -8.61 69.67 26.83
N GLU H 357 -9.12 69.52 28.05
CA GLU H 357 -8.96 68.30 28.83
C GLU H 357 -9.48 67.07 28.09
N SER H 358 -10.40 67.27 27.15
CA SER H 358 -10.98 66.13 26.44
C SER H 358 -10.87 66.19 24.91
N LEU H 359 -9.85 66.89 24.41
CA LEU H 359 -9.49 66.74 23.02
C LEU H 359 -8.97 65.31 22.82
N ILE H 360 -9.42 64.66 21.76
CA ILE H 360 -9.10 63.27 21.50
C ILE H 360 -8.43 63.20 20.14
N ARG H 361 -7.38 62.40 20.04
CA ARG H 361 -6.67 62.26 18.77
C ARG H 361 -6.74 60.83 18.22
N LEU H 362 -7.10 60.74 16.94
CA LEU H 362 -7.13 59.48 16.21
C LEU H 362 -6.02 59.39 15.17
N SER H 363 -5.29 58.27 15.19
CA SER H 363 -4.38 57.94 14.10
C SER H 363 -4.94 56.73 13.36
N VAL H 364 -5.38 56.93 12.12
CA VAL H 364 -6.14 55.90 11.41
C VAL H 364 -5.21 54.85 10.78
N GLY H 365 -5.52 53.57 11.01
CA GLY H 365 -4.79 52.47 10.40
C GLY H 365 -5.46 51.94 9.14
N ILE H 366 -5.26 50.68 8.81
CA ILE H 366 -5.82 50.12 7.57
C ILE H 366 -6.91 49.09 7.77
N GLU H 367 -7.51 49.07 8.96
CA GLU H 367 -8.66 48.18 9.22
C GLU H 367 -9.85 48.61 8.36
N ASP H 368 -10.91 47.79 8.35
CA ASP H 368 -12.09 48.17 7.59
C ASP H 368 -12.68 49.45 8.14
N PRO H 369 -13.04 50.39 7.27
CA PRO H 369 -13.62 51.66 7.73
C PRO H 369 -14.86 51.46 8.59
N GLN H 370 -15.68 50.48 8.25
CA GLN H 370 -16.94 50.31 8.97
C GLN H 370 -16.75 49.73 10.37
N ASP H 371 -15.75 48.87 10.54
CA ASP H 371 -15.36 48.40 11.88
C ASP H 371 -14.86 49.58 12.73
N LEU H 372 -14.01 50.42 12.14
CA LEU H 372 -13.51 51.58 12.87
C LEU H 372 -14.63 52.57 13.17
N ALA H 373 -15.51 52.79 12.20
CA ALA H 373 -16.62 53.72 12.38
C ALA H 373 -17.52 53.26 13.51
N GLU H 374 -17.76 51.95 13.59
CA GLU H 374 -18.62 51.40 14.63
C GLU H 374 -17.95 51.31 16.01
N ASP H 375 -16.65 51.03 16.05
CA ASP H 375 -15.93 51.13 17.32
C ASP H 375 -16.03 52.55 17.88
N LEU H 376 -15.81 53.55 17.02
CA LEU H 376 -15.87 54.96 17.39
C LEU H 376 -17.24 55.38 17.95
N SER H 377 -18.29 55.10 17.20
CA SER H 377 -19.65 55.44 17.66
C SER H 377 -19.99 54.70 18.95
N ARG H 378 -19.52 53.46 19.05
CA ARG H 378 -19.79 52.65 20.22
C ARG H 378 -19.02 53.15 21.45
N ALA H 379 -17.84 53.73 21.23
CA ALA H 379 -17.09 54.28 22.34
C ALA H 379 -17.62 55.67 22.73
N LEU H 380 -17.94 56.47 21.71
CA LEU H 380 -18.52 57.79 21.93
C LEU H 380 -19.80 57.66 22.71
N ALA H 381 -20.57 56.62 22.39
CA ALA H 381 -21.84 56.33 23.03
C ALA H 381 -22.77 57.53 22.96
N GLY H 382 -22.79 58.16 21.80
CA GLY H 382 -23.65 59.30 21.56
C GLY H 382 -24.89 58.95 20.77
N GLY H 383 -24.70 58.47 19.54
CA GLY H 383 -25.81 58.34 18.62
C GLY H 383 -25.97 56.96 18.02
O1 MES I . -14.05 -14.41 -20.84
C2 MES I . -13.43 -13.56 -21.80
C3 MES I . -13.31 -14.28 -23.14
N4 MES I . -12.37 -15.35 -22.90
C5 MES I . -12.24 -15.95 -21.59
C6 MES I . -13.56 -15.76 -20.82
C7 MES I . -11.87 -16.08 -24.05
C8 MES I . -10.38 -16.28 -23.79
S MES I . -9.81 -17.13 -25.11
O1S MES I . -9.36 -18.46 -24.66
O2S MES I . -10.92 -17.32 -26.10
O3S MES I . -8.68 -16.39 -25.71
C1 GOL J . 6.82 -12.24 -2.05
O1 GOL J . 7.62 -11.18 -2.52
C2 GOL J . 7.50 -13.60 -2.23
O2 GOL J . 8.02 -14.05 -1.00
C3 GOL J . 8.60 -13.57 -3.29
O3 GOL J . 9.87 -13.72 -2.68
C1 GOL K . -0.24 -45.26 -3.75
O1 GOL K . -1.23 -46.28 -3.82
C2 GOL K . -0.77 -43.97 -4.37
O2 GOL K . -0.26 -42.88 -3.63
C3 GOL K . -0.27 -43.84 -5.80
O3 GOL K . -0.54 -42.53 -6.26
C1 GOL L . 15.19 -24.18 -17.62
O1 GOL L . 15.84 -25.42 -17.82
C2 GOL L . 15.75 -23.52 -16.36
O2 GOL L . 15.49 -22.14 -16.45
C3 GOL L . 15.01 -24.08 -15.14
O3 GOL L . 15.10 -23.14 -14.08
CL CL M . 14.42 -15.33 -9.40
CL CL N . -16.23 -13.05 -23.35
O1 MES O . -4.82 -26.95 8.89
C2 MES O . -5.46 -26.50 10.08
C3 MES O . -6.70 -27.33 10.45
N4 MES O . -7.58 -27.39 9.29
C5 MES O . -6.94 -27.82 8.03
C6 MES O . -5.70 -26.97 7.77
C7 MES O . -8.93 -27.92 9.49
C8 MES O . -9.59 -27.22 10.69
S MES O . -10.54 -28.27 11.54
O1S MES O . -11.33 -27.61 12.62
O2S MES O . -11.49 -28.98 10.64
O3S MES O . -9.61 -29.25 12.14
C1 GOL P . -27.92 -46.08 12.60
O1 GOL P . -28.21 -46.40 11.26
C2 GOL P . -26.62 -46.77 13.04
O2 GOL P . -25.77 -45.80 13.60
C3 GOL P . -26.97 -47.82 14.08
O3 GOL P . -25.97 -48.82 14.11
C1 GOL Q . -34.96 -15.92 6.21
O1 GOL Q . -36.18 -15.27 6.54
C2 GOL Q . -33.99 -14.95 5.56
O2 GOL Q . -34.05 -13.67 6.15
C3 GOL Q . -34.31 -14.73 4.08
O3 GOL Q . -33.53 -13.64 3.62
C1 GOL R . -13.94 -10.97 -15.88
O1 GOL R . -14.90 -9.97 -15.68
C2 GOL R . -12.63 -10.34 -16.34
O2 GOL R . -12.31 -10.83 -17.63
C3 GOL R . -11.57 -10.74 -15.32
O3 GOL R . -11.95 -10.20 -14.06
C1 GOL S . -29.22 -28.15 -18.36
O1 GOL S . -29.93 -27.92 -19.57
C2 GOL S . -29.44 -29.60 -17.93
O2 GOL S . -30.81 -29.88 -18.15
C3 GOL S . -29.20 -29.82 -16.44
O3 GOL S . -27.84 -29.98 -16.06
C1 GOL T . -20.00 -27.38 28.31
O1 GOL T . -19.87 -26.88 26.99
C2 GOL T . -18.88 -26.81 29.16
O2 GOL T . -18.36 -25.67 28.52
C3 GOL T . -19.40 -26.44 30.53
O3 GOL T . -19.89 -27.62 31.16
C1 GOL U . -25.26 -4.77 4.50
O1 GOL U . -24.49 -3.69 4.82
C2 GOL U . -26.37 -5.06 5.45
O2 GOL U . -27.39 -5.82 4.84
C3 GOL U . -26.91 -3.73 5.97
O3 GOL U . -25.85 -2.93 6.49
C1 GOL V . -4.09 -21.52 6.04
O1 GOL V . -3.56 -20.23 6.24
C2 GOL V . -4.07 -22.34 7.33
O2 GOL V . -4.11 -21.51 8.45
C3 GOL V . -5.29 -23.26 7.34
O3 GOL V . -5.17 -24.22 6.32
CL CL W . -34.95 -22.73 15.48
O1 MES X . -36.33 -50.75 -16.43
C2 MES X . -36.94 -51.84 -17.11
C3 MES X . -38.04 -52.43 -16.22
N4 MES X . -38.29 -51.39 -15.24
C5 MES X . -37.29 -51.16 -14.22
C6 MES X . -36.03 -50.97 -15.05
C7 MES X . -39.67 -51.15 -14.82
C8 MES X . -39.78 -51.86 -13.47
S MES X . -40.54 -50.85 -12.38
O1S MES X . -41.59 -51.58 -11.60
O2S MES X . -41.27 -49.78 -13.09
O3S MES X . -39.48 -50.29 -11.47
C1 GOL Y . -37.73 -56.68 -20.12
O1 GOL Y . -37.60 -55.52 -20.91
C2 GOL Y . -36.39 -57.05 -19.47
O2 GOL Y . -36.43 -56.68 -18.10
C3 GOL Y . -36.09 -58.54 -19.58
O3 GOL Y . -35.32 -58.85 -20.73
C1 GOL Z . -22.99 -67.09 6.08
O1 GOL Z . -21.90 -67.97 5.95
C2 GOL Z . -23.91 -67.59 7.18
O2 GOL Z . -25.20 -67.83 6.68
C3 GOL Z . -24.00 -66.55 8.30
O3 GOL Z . -24.55 -65.36 7.77
C FMT AA . -21.41 -75.48 -8.29
O1 FMT AA . -22.39 -75.23 -8.99
O2 FMT AA . -21.00 -74.75 -7.39
CL CL BA . -24.72 -74.32 -2.56
O1 MES CA . -5.05 -61.59 -18.52
C2 MES CA . -4.26 -62.23 -19.55
C3 MES CA . -4.52 -61.68 -20.95
N4 MES CA . -4.55 -60.23 -20.84
C5 MES CA . -5.29 -59.60 -19.77
C6 MES CA . -6.03 -60.71 -19.03
C7 MES CA . -4.26 -59.41 -22.01
C8 MES CA . -5.58 -58.71 -22.29
S MES CA . -5.27 -57.11 -22.59
O1S MES CA . -4.46 -56.61 -21.47
O2S MES CA . -4.56 -56.97 -23.93
O3S MES CA . -6.50 -56.30 -22.66
C1 GOL DA . -20.98 -50.72 -45.18
O1 GOL DA . -22.09 -50.83 -44.32
C2 GOL DA . -19.76 -50.46 -44.31
O2 GOL DA . -20.22 -49.85 -43.14
C3 GOL DA . -18.81 -49.51 -45.03
O3 GOL DA . -18.46 -50.08 -46.27
C1 GOL EA . -32.03 -62.37 -35.87
O1 GOL EA . -32.76 -62.93 -36.97
C2 GOL EA . -30.75 -63.17 -35.64
O2 GOL EA . -29.66 -62.29 -35.50
C3 GOL EA . -30.47 -64.05 -36.86
O3 GOL EA . -29.23 -63.65 -37.42
CL CL FA . -25.76 -60.21 -40.15
CL CL GA . -33.10 -68.44 -29.81
CL CL HA . -5.96 -50.22 -47.47
O1 MES IA . 10.74 24.69 -8.95
C2 MES IA . 9.69 24.43 -9.89
C3 MES IA . 8.52 25.42 -9.85
N4 MES IA . 8.74 26.56 -8.94
C5 MES IA . 9.79 26.61 -7.94
C6 MES IA . 10.26 25.19 -7.71
C7 MES IA . 8.27 27.87 -9.35
C8 MES IA . 7.38 28.44 -8.26
S MES IA . 5.88 28.41 -8.94
O1S MES IA . 6.02 27.57 -10.16
O2S MES IA . 5.37 29.77 -9.31
O3S MES IA . 4.92 27.75 -8.02
C1 GOL JA . -17.27 27.70 5.78
O1 GOL JA . -17.11 29.07 6.12
C2 GOL JA . -16.93 26.81 6.96
O2 GOL JA . -15.91 27.32 7.76
C3 GOL JA . -18.00 26.76 7.96
O3 GOL JA . -17.84 25.86 9.01
C1 GOL KA . -7.07 10.08 8.44
O1 GOL KA . -8.08 9.14 8.18
C2 GOL KA . -7.48 11.50 8.53
O2 GOL KA . -7.82 11.97 7.25
C3 GOL KA . -8.69 11.56 9.45
O3 GOL KA . -9.09 12.90 9.54
C1 GOL LA . 9.41 21.85 -6.98
O1 GOL LA . 8.31 22.70 -7.18
C2 GOL LA . 9.43 20.71 -8.00
O2 GOL LA . 8.34 20.79 -8.90
C3 GOL LA . 9.52 19.34 -7.33
O3 GOL LA . 8.25 18.75 -7.14
CL CL MA . -12.94 16.11 6.18
O1 MES NA . 9.31 15.99 23.19
C2 MES NA . 10.17 14.94 23.67
C3 MES NA . 11.59 14.99 23.12
N4 MES NA . 12.03 16.37 22.92
C5 MES NA . 11.13 17.37 22.40
C6 MES NA . 9.80 16.70 22.06
C7 MES NA . 13.21 16.87 23.64
C8 MES NA . 14.51 16.46 22.96
S MES NA . 15.57 16.03 24.18
O1S MES NA . 15.77 14.56 24.23
O2S MES NA . 14.97 16.48 25.47
O3S MES NA . 16.89 16.69 23.97
C1 GOL OA . 8.01 13.24 18.40
O1 GOL OA . 8.00 14.37 19.24
C2 GOL OA . 6.91 12.24 18.77
O2 GOL OA . 7.26 11.31 19.78
C3 GOL OA . 6.19 11.62 17.56
O3 GOL OA . 7.11 11.10 16.63
C1 GOL PA . 19.21 6.31 -1.86
O1 GOL PA . 18.73 5.06 -1.41
C2 GOL PA . 19.69 6.15 -3.29
O2 GOL PA . 18.97 7.03 -4.12
C3 GOL PA . 21.17 6.50 -3.37
O3 GOL PA . 21.86 5.88 -2.31
C1 GOL QA . 36.01 26.44 29.03
O1 GOL QA . 35.91 25.43 30.00
C2 GOL QA . 36.21 27.81 29.68
O2 GOL QA . 36.68 27.66 31.00
C3 GOL QA . 37.16 28.71 28.88
O3 GOL QA . 38.48 28.26 29.03
C1 GOL RA . 35.83 11.96 5.55
O1 GOL RA . 35.05 11.87 4.39
C2 GOL RA . 35.53 10.74 6.42
O2 GOL RA . 34.72 9.85 5.67
C3 GOL RA . 36.84 10.06 6.75
O3 GOL RA . 37.81 11.04 7.04
C FMT SA . 29.63 21.12 1.04
O1 FMT SA . 28.67 21.51 0.37
O2 FMT SA . 30.72 20.80 0.57
CL CL TA . 25.84 6.30 1.72
O1 MES UA . 35.87 52.37 12.12
C2 MES UA . 37.25 52.53 11.83
C3 MES UA . 38.05 53.03 13.03
N4 MES UA . 37.86 52.06 14.09
C5 MES UA . 36.64 51.25 14.10
C6 MES UA . 35.61 52.21 13.51
C7 MES UA . 39.06 51.55 14.74
C8 MES UA . 38.53 50.64 15.84
S MES UA . 39.41 49.24 15.96
O1S MES UA . 40.58 49.42 16.83
O2S MES UA . 38.54 48.21 16.55
O3S MES UA . 39.86 48.77 14.61
C1 GOL VA . 28.95 49.12 42.35
O1 GOL VA . 28.40 50.27 42.97
C2 GOL VA . 30.45 49.00 42.61
O2 GOL VA . 31.10 50.19 42.25
C3 GOL VA . 31.05 47.89 41.77
O3 GOL VA . 30.98 46.67 42.49
C1 GOL WA . 39.70 23.66 21.31
O1 GOL WA . 40.21 24.64 20.43
C2 GOL WA . 39.26 24.31 22.62
O2 GOL WA . 39.97 23.75 23.70
C3 GOL WA . 39.55 25.82 22.57
O3 GOL WA . 39.45 26.38 23.88
C1 GOL XA . 10.10 61.95 24.39
O1 GOL XA . 9.75 62.10 23.01
C2 GOL XA . 10.69 63.25 24.95
O2 GOL XA . 10.24 64.37 24.22
C3 GOL XA . 12.21 63.18 24.95
O3 GOL XA . 12.74 64.39 25.42
C1 GOL YA . 41.81 40.36 38.54
O1 GOL YA . 42.95 40.53 37.73
C2 GOL YA . 42.17 40.94 39.90
O2 GOL YA . 43.57 40.87 40.02
C3 GOL YA . 41.71 42.39 39.93
O3 GOL YA . 42.65 43.17 39.23
C FMT ZA . 25.88 64.51 35.30
O1 FMT ZA . 26.54 65.53 35.25
O2 FMT ZA . 25.31 64.12 36.32
CL CL AB . 30.01 60.54 38.12
O1 MES BB . 6.47 60.44 23.81
C2 MES BB . 5.09 60.59 23.45
C3 MES BB . 4.86 61.14 22.03
N4 MES BB . 5.58 60.32 21.05
C5 MES BB . 6.58 59.38 21.57
C6 MES BB . 7.31 60.07 22.73
C7 MES BB . 4.90 60.00 19.79
C8 MES BB . 4.46 61.29 19.04
S MES BB . 2.80 61.57 18.82
O1S MES BB . 2.37 61.67 17.40
O2S MES BB . 2.09 60.47 19.49
O3S MES BB . 2.42 62.88 19.41
C1 GOL CB . 11.32 67.36 -6.74
O1 GOL CB . 11.34 67.21 -8.13
C2 GOL CB . 12.47 68.22 -6.34
O2 GOL CB . 12.31 68.76 -5.03
C3 GOL CB . 13.79 67.49 -6.39
O3 GOL CB . 14.54 67.79 -5.24
C1 GOL DB . -5.27 56.02 30.60
O1 GOL DB . -6.60 55.54 30.68
C2 GOL DB . -5.23 57.51 30.92
O2 GOL DB . -6.08 57.80 32.01
C3 GOL DB . -3.81 57.89 31.34
O3 GOL DB . -3.84 59.18 31.91
C1 GOL EB . 27.30 72.32 7.99
O1 GOL EB . 28.09 73.17 7.19
C2 GOL EB . 25.89 72.30 7.40
O2 GOL EB . 25.98 72.15 6.00
C3 GOL EB . 25.29 73.64 7.77
O3 GOL EB . 26.32 74.58 7.97
CL CL FB . 20.87 73.59 3.18
CL CL GB . 1.88 59.78 26.94
N MSE A 7 13.08 -40.19 -21.36
CA MSE A 7 13.68 -39.03 -20.73
C MSE A 7 13.96 -37.92 -21.76
O MSE A 7 14.93 -37.16 -21.61
CB MSE A 7 14.93 -39.43 -19.94
CG MSE A 7 14.72 -39.68 -18.41
SE MSE A 7 16.40 -39.43 -17.43
CE MSE A 7 17.39 -38.78 -19.01
N ARG A 8 13.13 -37.85 -22.79
CA ARG A 8 13.04 -36.70 -23.71
C ARG A 8 11.63 -36.10 -23.49
N PHE A 9 11.31 -34.97 -24.15
CA PHE A 9 10.01 -34.30 -23.92
C PHE A 9 8.80 -35.25 -24.05
N GLY A 10 8.71 -35.97 -25.18
CA GLY A 10 7.56 -36.82 -25.47
C GLY A 10 7.31 -37.94 -24.47
N THR A 11 8.37 -38.37 -23.81
CA THR A 11 8.31 -39.41 -22.78
C THR A 11 7.81 -38.82 -21.47
N ARG A 12 8.33 -37.63 -21.15
CA ARG A 12 7.98 -36.98 -19.89
C ARG A 12 6.49 -36.61 -19.81
N LEU A 13 5.81 -36.47 -20.94
CA LEU A 13 4.35 -36.31 -20.94
C LEU A 13 3.65 -37.59 -20.46
N VAL A 14 4.19 -38.74 -20.80
CA VAL A 14 3.56 -40.00 -20.42
C VAL A 14 3.96 -40.45 -19.02
N HIS A 15 5.23 -40.26 -18.66
CA HIS A 15 5.75 -40.81 -17.41
C HIS A 15 6.05 -39.81 -16.28
N GLY A 16 6.09 -38.52 -16.61
CA GLY A 16 6.24 -37.48 -15.61
C GLY A 16 5.12 -37.53 -14.58
N GLY A 17 5.50 -37.48 -13.30
CA GLY A 17 4.55 -37.53 -12.22
C GLY A 17 3.84 -38.87 -12.07
N ARG A 18 4.18 -39.86 -12.89
CA ARG A 18 3.38 -41.07 -12.90
C ARG A 18 3.80 -41.90 -11.72
N ARG A 19 3.21 -41.60 -10.56
CA ARG A 19 3.51 -42.39 -9.38
C ARG A 19 2.91 -43.79 -9.54
N PRO A 20 3.77 -44.78 -9.90
CA PRO A 20 3.48 -46.16 -10.31
C PRO A 20 3.25 -47.05 -9.10
N SER A 21 2.01 -47.50 -8.87
CA SER A 21 1.61 -48.02 -7.54
C SER A 21 2.51 -49.12 -6.97
N ALA A 22 3.13 -48.84 -5.82
CA ALA A 22 3.90 -49.88 -5.13
C ALA A 22 2.90 -50.89 -4.55
N GLY A 23 3.37 -52.03 -4.07
CA GLY A 23 2.44 -53.03 -3.57
C GLY A 23 1.48 -53.60 -4.62
N THR A 24 0.60 -52.76 -5.14
CA THR A 24 -0.43 -53.21 -6.09
C THR A 24 0.01 -53.23 -7.57
N GLY A 25 0.66 -52.17 -8.03
CA GLY A 25 1.18 -52.17 -9.40
C GLY A 25 0.54 -51.24 -10.44
N ASP A 26 -0.52 -50.53 -10.07
CA ASP A 26 -1.26 -49.66 -11.01
C ASP A 26 -0.35 -48.88 -11.95
N VAL A 27 -0.53 -49.06 -13.25
CA VAL A 27 0.18 -48.27 -14.23
C VAL A 27 -0.27 -46.81 -14.19
N VAL A 28 -1.58 -46.58 -14.31
CA VAL A 28 -2.16 -45.25 -14.12
C VAL A 28 -2.42 -45.08 -12.64
N PRO A 29 -1.82 -44.04 -12.02
CA PRO A 29 -2.00 -43.83 -10.58
C PRO A 29 -3.47 -43.63 -10.22
N PRO A 30 -3.88 -44.19 -9.09
CA PRO A 30 -5.26 -44.06 -8.62
C PRO A 30 -5.57 -42.63 -8.26
N ILE A 31 -6.84 -42.25 -8.35
CA ILE A 31 -7.24 -40.88 -8.09
C ILE A 31 -7.47 -40.70 -6.61
N HIS A 32 -6.66 -39.87 -5.97
CA HIS A 32 -6.80 -39.61 -4.53
C HIS A 32 -7.86 -38.55 -4.28
N VAL A 33 -9.05 -38.97 -3.85
CA VAL A 33 -10.11 -38.00 -3.61
C VAL A 33 -10.24 -37.61 -2.15
N SER A 34 -9.61 -38.36 -1.25
CA SER A 34 -9.79 -38.11 0.17
C SER A 34 -9.33 -36.72 0.58
N THR A 35 -10.19 -35.98 1.29
CA THR A 35 -9.81 -34.69 1.87
C THR A 35 -9.02 -34.90 3.16
N THR A 36 -9.05 -36.13 3.67
CA THR A 36 -8.49 -36.38 5.00
C THR A 36 -7.43 -37.48 5.03
N TYR A 37 -6.59 -37.46 6.07
CA TYR A 37 -5.45 -38.36 6.17
C TYR A 37 -5.13 -38.76 7.60
N GLU A 38 -4.81 -40.03 7.80
CA GLU A 38 -4.58 -40.60 9.12
C GLU A 38 -3.21 -40.28 9.69
N ARG A 39 -3.22 -39.71 10.91
CA ARG A 39 -2.02 -39.49 11.72
C ARG A 39 -1.10 -40.72 11.87
N ARG A 40 -1.71 -41.85 12.21
CA ARG A 40 -0.98 -43.09 12.52
C ARG A 40 -0.58 -43.88 11.26
N ALA A 41 -1.41 -43.81 10.21
CA ALA A 41 -1.28 -44.69 9.04
C ALA A 41 -0.13 -44.31 8.12
N GLN A 42 0.46 -43.14 8.36
CA GLN A 42 1.64 -42.70 7.64
C GLN A 42 2.74 -42.56 8.67
N ASP A 43 3.67 -43.50 8.69
CA ASP A 43 4.63 -43.62 9.80
C ASP A 43 5.62 -42.45 9.97
N GLU A 44 5.33 -41.34 9.32
CA GLU A 44 6.18 -40.15 9.34
C GLU A 44 5.43 -38.97 8.70
N PRO A 45 4.43 -38.43 9.42
CA PRO A 45 3.35 -37.54 8.97
C PRO A 45 3.65 -36.53 7.84
N ARG A 46 3.11 -36.80 6.65
CA ARG A 46 3.25 -35.85 5.54
C ARG A 46 1.91 -35.34 4.99
N TYR A 47 0.98 -36.23 4.68
CA TYR A 47 -0.29 -35.79 4.14
C TYR A 47 -1.24 -35.45 5.28
N PHE A 48 -1.70 -34.20 5.30
CA PHE A 48 -2.34 -33.63 6.50
C PHE A 48 -3.81 -33.33 6.28
N TYR A 49 -4.13 -32.75 5.12
CA TYR A 49 -5.46 -32.27 4.82
C TYR A 49 -5.47 -31.84 3.36
N GLY A 50 -6.55 -32.16 2.67
CA GLY A 50 -6.64 -32.04 1.23
C GLY A 50 -6.27 -30.70 0.62
N ARG A 51 -6.69 -29.59 1.24
CA ARG A 51 -6.35 -28.28 0.69
C ARG A 51 -4.82 -28.11 0.59
N GLY A 52 -4.11 -28.55 1.61
CA GLY A 52 -2.65 -28.53 1.57
C GLY A 52 -2.04 -29.58 0.64
N GLU A 53 -2.40 -30.85 0.86
CA GLU A 53 -1.70 -31.95 0.21
C GLU A 53 -2.65 -32.95 -0.43
N ASN A 54 -2.26 -33.44 -1.60
CA ASN A 54 -3.03 -34.42 -2.33
C ASN A 54 -2.14 -35.03 -3.41
N PRO A 55 -1.92 -36.35 -3.38
CA PRO A 55 -0.92 -36.96 -4.29
C PRO A 55 -1.28 -36.73 -5.76
N THR A 56 -2.56 -36.87 -6.11
CA THR A 56 -2.99 -36.70 -7.49
C THR A 56 -2.62 -35.31 -8.02
N ARG A 57 -2.72 -34.31 -7.15
CA ARG A 57 -2.26 -32.97 -7.49
C ARG A 57 -0.73 -32.95 -7.59
N GLU A 58 -0.06 -33.58 -6.62
CA GLU A 58 1.41 -33.63 -6.63
C GLU A 58 1.95 -34.30 -7.89
N GLU A 59 1.26 -35.34 -8.35
CA GLU A 59 1.65 -36.04 -9.57
C GLU A 59 1.53 -35.14 -10.82
N LEU A 60 0.40 -34.46 -10.97
CA LEU A 60 0.25 -33.53 -12.08
C LEU A 60 1.31 -32.41 -12.03
N GLU A 61 1.55 -31.87 -10.84
CA GLU A 61 2.58 -30.84 -10.68
C GLU A 61 3.98 -31.34 -11.10
N GLU A 62 4.31 -32.58 -10.74
CA GLU A 62 5.59 -33.15 -11.13
C GLU A 62 5.72 -33.29 -12.66
N CYS A 63 4.65 -33.72 -13.34
CA CYS A 63 4.71 -33.80 -14.81
C CYS A 63 4.94 -32.43 -15.44
N LEU A 64 4.17 -31.44 -15.01
CA LEU A 64 4.24 -30.10 -15.61
C LEU A 64 5.62 -29.46 -15.39
N ALA A 65 6.14 -29.58 -14.17
CA ALA A 65 7.47 -29.08 -13.89
C ALA A 65 8.46 -29.86 -14.73
N GLY A 66 8.17 -31.15 -14.93
CA GLY A 66 9.02 -32.01 -15.75
C GLY A 66 9.14 -31.54 -17.20
N LEU A 67 8.10 -30.89 -17.71
CA LEU A 67 8.10 -30.42 -19.09
C LEU A 67 9.01 -29.23 -19.37
N GLU A 68 9.54 -28.61 -18.32
CA GLU A 68 10.42 -27.46 -18.51
C GLU A 68 11.77 -27.65 -17.82
N ARG A 69 12.09 -28.91 -17.50
CA ARG A 69 13.29 -29.31 -16.73
C ARG A 69 13.48 -28.41 -15.51
N ALA A 70 12.47 -28.36 -14.65
CA ALA A 70 12.41 -27.39 -13.56
C ALA A 70 12.00 -28.03 -12.25
N PRO A 71 12.47 -27.49 -11.11
CA PRO A 71 12.22 -28.20 -9.85
C PRO A 71 10.81 -28.03 -9.30
N PHE A 72 10.05 -27.01 -9.73
CA PHE A 72 8.76 -26.74 -9.09
C PHE A 72 7.61 -26.50 -10.04
N ALA A 73 6.43 -26.90 -9.58
CA ALA A 73 5.17 -26.45 -10.17
C ALA A 73 4.06 -26.51 -9.12
N THR A 74 3.09 -25.63 -9.29
CA THR A 74 1.91 -25.59 -8.45
C THR A 74 0.71 -25.44 -9.36
N VAL A 75 -0.31 -26.27 -9.18
CA VAL A 75 -1.51 -26.08 -9.97
C VAL A 75 -2.65 -25.42 -9.19
N PHE A 76 -3.62 -24.89 -9.93
CA PHE A 76 -4.67 -24.07 -9.36
C PHE A 76 -6.03 -24.40 -9.96
N SER A 77 -7.09 -23.86 -9.36
CA SER A 77 -8.45 -24.07 -9.87
C SER A 77 -8.70 -23.50 -11.28
N SER A 78 -7.81 -22.63 -11.75
CA SER A 78 -7.95 -22.00 -13.08
C SER A 78 -6.70 -21.21 -13.40
N GLY A 79 -6.52 -20.88 -14.68
CA GLY A 79 -5.44 -19.98 -15.07
C GLY A 79 -5.51 -18.65 -14.31
N GLN A 80 -6.71 -18.09 -14.22
CA GLN A 80 -6.88 -16.85 -13.47
C GLN A 80 -6.34 -16.97 -12.02
N ALA A 81 -6.56 -18.11 -11.39
CA ALA A 81 -6.09 -18.30 -10.00
C ALA A 81 -4.57 -18.37 -9.91
N ALA A 82 -3.95 -19.01 -10.90
CA ALA A 82 -2.51 -19.02 -11.04
C ALA A 82 -1.95 -17.59 -11.17
N ALA A 83 -2.56 -16.80 -12.06
CA ALA A 83 -2.16 -15.41 -12.25
C ALA A 83 -2.41 -14.59 -10.96
N ALA A 84 -3.54 -14.80 -10.32
CA ALA A 84 -3.88 -14.08 -9.10
C ALA A 84 -2.86 -14.37 -8.00
N THR A 85 -2.38 -15.61 -7.96
CA THR A 85 -1.40 -16.00 -6.97
C THR A 85 -0.08 -15.26 -7.18
N LEU A 86 0.41 -15.21 -8.41
CA LEU A 86 1.68 -14.57 -8.67
C LEU A 86 1.60 -13.07 -8.41
N LEU A 87 0.48 -12.46 -8.77
CA LEU A 87 0.29 -11.02 -8.54
C LEU A 87 0.22 -10.64 -7.06
N SER A 88 -0.18 -11.59 -6.22
CA SER A 88 -0.36 -11.30 -4.80
C SER A 88 0.98 -11.11 -4.08
N LEU A 89 2.07 -11.49 -4.74
CA LEU A 89 3.40 -11.36 -4.16
C LEU A 89 4.00 -9.99 -4.46
N VAL A 90 3.27 -9.18 -5.22
CA VAL A 90 3.69 -7.81 -5.46
C VAL A 90 3.09 -6.97 -4.34
N ARG A 91 3.93 -6.22 -3.64
CA ARG A 91 3.47 -5.39 -2.51
C ARG A 91 2.95 -4.02 -2.92
N PRO A 92 2.07 -3.44 -2.08
CA PRO A 92 1.69 -2.04 -2.30
C PRO A 92 2.93 -1.17 -2.20
N GLY A 93 3.23 -0.44 -3.27
CA GLY A 93 4.45 0.34 -3.36
C GLY A 93 5.33 -0.10 -4.52
N GLN A 94 5.22 -1.38 -4.88
CA GLN A 94 6.02 -1.94 -5.97
C GLN A 94 5.27 -1.88 -7.30
N CYS A 95 6.00 -2.04 -8.40
CA CYS A 95 5.44 -1.83 -9.73
C CYS A 95 5.35 -3.08 -10.62
N VAL A 96 4.27 -3.18 -11.40
CA VAL A 96 4.13 -4.23 -12.40
C VAL A 96 4.14 -3.63 -13.78
N VAL A 97 5.03 -4.12 -14.64
CA VAL A 97 5.10 -3.64 -16.01
C VAL A 97 4.67 -4.74 -16.95
N SER A 98 3.62 -4.46 -17.69
CA SER A 98 3.21 -5.31 -18.78
C SER A 98 2.79 -4.39 -19.91
N THR A 99 2.14 -4.99 -20.88
CA THR A 99 1.78 -4.32 -22.11
C THR A 99 0.28 -4.01 -22.14
N ASP A 100 -0.04 -2.95 -22.84
CA ASP A 100 -1.38 -2.62 -23.26
C ASP A 100 -1.79 -3.67 -24.29
N ASP A 101 -2.03 -4.90 -23.82
CA ASP A 101 -2.13 -6.08 -24.70
C ASP A 101 -2.39 -7.37 -23.92
N VAL A 102 -2.33 -7.28 -22.62
CA VAL A 102 -2.51 -8.46 -21.78
C VAL A 102 -3.95 -8.99 -21.93
N TYR A 103 -4.17 -10.25 -21.56
CA TYR A 103 -5.50 -10.87 -21.62
C TYR A 103 -6.45 -10.12 -20.70
N ALA A 104 -7.71 -9.98 -21.12
CA ALA A 104 -8.70 -9.25 -20.33
C ALA A 104 -8.75 -9.67 -18.86
N GLY A 105 -8.69 -10.99 -18.60
CA GLY A 105 -8.73 -11.49 -17.24
C GLY A 105 -7.54 -11.03 -16.42
N THR A 106 -6.38 -10.99 -17.07
CA THR A 106 -5.17 -10.52 -16.40
C THR A 106 -5.34 -9.04 -16.06
N ASP A 107 -5.92 -8.28 -16.98
CA ASP A 107 -6.15 -6.85 -16.76
C ASP A 107 -7.11 -6.63 -15.58
N GLY A 108 -8.12 -7.50 -15.47
CA GLY A 108 -9.03 -7.46 -14.34
C GLY A 108 -8.24 -7.66 -13.05
N LEU A 109 -7.35 -8.64 -13.08
CA LEU A 109 -6.44 -8.88 -11.97
C LEU A 109 -5.51 -7.69 -11.81
N PHE A 110 -5.09 -7.09 -12.92
CA PHE A 110 -4.30 -5.86 -12.85
C PHE A 110 -5.09 -4.74 -12.16
N ASP A 111 -6.41 -4.71 -12.37
CA ASP A 111 -7.29 -3.72 -11.73
C ASP A 111 -7.32 -3.84 -10.21
N LEU A 112 -7.70 -5.03 -9.73
CA LEU A 112 -7.75 -5.37 -8.30
C LEU A 112 -6.47 -4.96 -7.59
N ALA A 113 -5.35 -5.36 -8.20
CA ALA A 113 -4.03 -5.07 -7.66
C ALA A 113 -3.85 -3.57 -7.48
N ALA A 114 -4.17 -2.80 -8.52
CA ALA A 114 -3.98 -1.35 -8.46
C ALA A 114 -4.73 -0.75 -7.27
N ARG A 115 -5.84 -1.38 -6.88
CA ARG A 115 -6.69 -0.81 -5.84
C ARG A 115 -6.26 -1.17 -4.44
N GLN A 116 -5.20 -1.97 -4.33
CA GLN A 116 -4.55 -2.22 -3.05
C GLN A 116 -3.26 -1.40 -2.97
N GLY A 117 -2.92 -0.73 -4.06
CA GLY A 117 -1.69 0.07 -4.13
C GLY A 117 -0.58 -0.53 -5.00
N VAL A 118 -0.96 -1.24 -6.05
CA VAL A 118 0.01 -1.73 -7.02
C VAL A 118 0.22 -0.70 -8.14
N ARG A 119 1.46 -0.60 -8.61
CA ARG A 119 1.78 0.26 -9.73
C ARG A 119 1.78 -0.54 -11.02
N VAL A 120 0.75 -0.33 -11.83
CA VAL A 120 0.64 -1.03 -13.10
C VAL A 120 0.90 -0.06 -14.24
N ARG A 121 2.03 -0.25 -14.93
CA ARG A 121 2.38 0.61 -16.06
C ARG A 121 2.42 -0.18 -17.34
N TYR A 122 1.61 0.24 -18.30
CA TYR A 122 1.54 -0.41 -19.60
C TYR A 122 2.65 0.11 -20.53
N ALA A 123 3.25 -0.81 -21.29
CA ALA A 123 4.41 -0.47 -22.08
C ALA A 123 4.44 -1.11 -23.46
N ASP A 124 5.35 -0.63 -24.29
CA ASP A 124 5.69 -1.28 -25.54
C ASP A 124 6.91 -2.16 -25.31
N LEU A 125 6.73 -3.48 -25.43
CA LEU A 125 7.82 -4.42 -25.17
C LEU A 125 8.38 -5.04 -26.44
N THR A 126 8.31 -4.32 -27.55
CA THR A 126 8.79 -4.81 -28.85
C THR A 126 9.98 -3.99 -29.37
N THR A 127 10.47 -3.06 -28.58
CA THR A 127 11.49 -2.15 -29.10
C THR A 127 12.47 -1.62 -28.03
N PRO A 128 13.71 -1.34 -28.45
CA PRO A 128 14.73 -0.71 -27.59
C PRO A 128 14.13 0.45 -26.81
N GLU A 129 13.66 1.46 -27.55
CA GLU A 129 12.94 2.61 -27.02
C GLU A 129 12.11 2.24 -25.80
N GLY A 130 10.99 1.56 -26.06
CA GLY A 130 10.05 1.16 -25.04
C GLY A 130 10.70 0.49 -23.85
N ILE A 131 10.97 -0.81 -23.99
CA ILE A 131 11.58 -1.68 -22.96
C ILE A 131 12.48 -0.95 -21.97
N ALA A 132 13.26 0.01 -22.45
CA ALA A 132 14.01 0.92 -21.60
C ALA A 132 13.09 1.82 -20.76
N ALA A 133 12.10 2.41 -21.41
CA ALA A 133 11.15 3.30 -20.75
C ALA A 133 10.00 2.46 -20.19
N ALA A 134 10.32 1.69 -19.16
CA ALA A 134 9.44 0.72 -18.52
C ALA A 134 10.33 0.03 -17.52
N LEU A 135 11.63 0.08 -17.81
CA LEU A 135 12.66 -0.38 -16.89
C LEU A 135 13.30 0.85 -16.24
N ALA A 136 12.63 1.99 -16.41
CA ALA A 136 13.00 3.19 -15.70
C ALA A 136 12.23 3.23 -14.39
N GLU A 137 10.90 3.12 -14.50
CA GLU A 137 9.98 2.99 -13.37
C GLU A 137 10.62 2.33 -12.16
N PRO A 138 10.67 3.04 -11.03
CA PRO A 138 11.23 2.45 -9.81
C PRO A 138 10.41 1.28 -9.26
N ASP A 139 10.97 0.60 -8.26
CA ASP A 139 10.30 -0.47 -7.54
C ASP A 139 9.68 -1.53 -8.45
N LEU A 140 10.35 -1.80 -9.56
CA LEU A 140 9.86 -2.76 -10.54
C LEU A 140 9.85 -4.16 -9.95
N ALA A 141 8.67 -4.69 -9.68
CA ALA A 141 8.55 -6.00 -9.05
C ALA A 141 8.47 -7.13 -10.07
N LEU A 142 7.77 -6.87 -11.17
CA LEU A 142 7.32 -7.94 -12.04
C LEU A 142 7.17 -7.45 -13.48
N VAL A 143 7.73 -8.20 -14.42
CA VAL A 143 7.49 -7.93 -15.83
C VAL A 143 6.63 -9.09 -16.37
N TRP A 144 5.45 -8.75 -16.88
CA TRP A 144 4.46 -9.74 -17.26
C TRP A 144 4.43 -9.82 -18.77
N ILE A 145 4.93 -10.92 -19.31
CA ILE A 145 4.97 -11.09 -20.76
C ILE A 145 3.94 -12.12 -21.23
N GLU A 146 3.01 -11.69 -22.06
CA GLU A 146 2.13 -12.63 -22.74
C GLU A 146 2.55 -12.65 -24.21
N THR A 147 2.97 -13.81 -24.71
CA THR A 147 3.44 -13.89 -26.09
C THR A 147 3.27 -15.29 -26.69
N PRO A 148 2.66 -15.37 -27.89
CA PRO A 148 2.02 -14.29 -28.63
C PRO A 148 0.84 -13.69 -27.89
N THR A 149 0.42 -12.48 -28.25
CA THR A 149 -0.72 -11.82 -27.63
C THR A 149 -1.97 -12.07 -28.46
N ASN A 150 -3.14 -11.81 -27.88
CA ASN A 150 -4.41 -11.99 -28.56
C ASN A 150 -5.04 -10.65 -28.91
N PRO A 151 -5.72 -10.58 -30.06
CA PRO A 151 -5.77 -11.67 -31.05
C PRO A 151 -4.91 -11.35 -32.27
N LEU A 152 -3.97 -10.41 -32.16
CA LEU A 152 -3.17 -9.97 -33.33
C LEU A 152 -1.84 -10.73 -33.42
N LEU A 153 -1.55 -11.51 -32.40
CA LEU A 153 -0.45 -12.48 -32.43
C LEU A 153 0.89 -11.76 -32.54
N THR A 154 1.00 -10.63 -31.86
CA THR A 154 2.30 -9.98 -31.73
C THR A 154 3.17 -10.84 -30.84
N VAL A 155 4.47 -10.60 -30.90
CA VAL A 155 5.42 -11.39 -30.15
C VAL A 155 6.28 -10.44 -29.31
N VAL A 156 6.85 -10.95 -28.22
CA VAL A 156 7.79 -10.21 -27.40
C VAL A 156 9.00 -11.12 -27.19
N ASP A 157 10.21 -10.57 -27.33
CA ASP A 157 11.44 -11.34 -27.15
C ASP A 157 11.68 -11.64 -25.67
N VAL A 158 11.43 -12.89 -25.26
CA VAL A 158 11.54 -13.28 -23.86
C VAL A 158 12.96 -13.15 -23.30
N ALA A 159 13.94 -13.68 -24.02
CA ALA A 159 15.34 -13.62 -23.58
C ALA A 159 15.84 -12.19 -23.41
N GLU A 160 15.58 -11.34 -24.40
CA GLU A 160 16.01 -9.94 -24.33
C GLU A 160 15.32 -9.15 -23.22
N VAL A 161 14.01 -9.32 -23.06
CA VAL A 161 13.30 -8.60 -22.01
C VAL A 161 13.72 -9.11 -20.63
N SER A 162 13.88 -10.43 -20.52
CA SER A 162 14.28 -11.05 -19.25
C SER A 162 15.65 -10.54 -18.75
N ARG A 163 16.68 -10.61 -19.57
CA ARG A 163 18.00 -10.23 -19.03
C ARG A 163 18.10 -8.74 -18.69
N ARG A 164 17.37 -7.90 -19.43
CA ARG A 164 17.30 -6.49 -19.09
C ARG A 164 16.52 -6.29 -17.80
N ALA A 165 15.40 -7.01 -17.66
CA ALA A 165 14.57 -6.89 -16.46
C ALA A 165 15.34 -7.36 -15.23
N HIS A 166 16.14 -8.41 -15.40
CA HIS A 166 16.94 -8.93 -14.31
C HIS A 166 18.01 -7.93 -13.87
N GLU A 167 18.49 -7.13 -14.81
CA GLU A 167 19.46 -6.08 -14.49
C GLU A 167 18.80 -5.02 -13.62
N ARG A 168 17.49 -5.12 -13.44
CA ARG A 168 16.76 -4.25 -12.54
C ARG A 168 16.37 -4.99 -11.26
N GLY A 169 16.67 -6.28 -11.20
CA GLY A 169 16.26 -7.12 -10.08
C GLY A 169 14.79 -7.49 -10.06
N ALA A 170 14.19 -7.66 -11.22
CA ALA A 170 12.76 -7.98 -11.31
C ALA A 170 12.50 -9.42 -11.73
N ARG A 171 11.42 -9.99 -11.21
CA ARG A 171 10.96 -11.31 -11.66
C ARG A 171 10.30 -11.17 -13.02
N VAL A 172 10.48 -12.17 -13.88
CA VAL A 172 9.83 -12.16 -15.20
C VAL A 172 8.95 -13.38 -15.39
N VAL A 173 7.66 -13.13 -15.62
CA VAL A 173 6.70 -14.20 -15.91
C VAL A 173 6.28 -14.17 -17.38
N VAL A 174 6.15 -15.34 -17.99
CA VAL A 174 5.58 -15.47 -19.31
C VAL A 174 4.27 -16.25 -19.28
N ASP A 175 3.18 -15.60 -19.67
CA ASP A 175 1.93 -16.32 -19.89
C ASP A 175 2.13 -17.11 -21.18
N ASN A 176 2.30 -18.41 -21.03
CA ASN A 176 2.66 -19.26 -22.16
C ASN A 176 1.53 -20.22 -22.54
N THR A 177 0.31 -19.87 -22.13
CA THR A 177 -0.87 -20.66 -22.44
C THR A 177 -1.03 -20.90 -23.93
N PHE A 178 -0.83 -19.82 -24.68
CA PHE A 178 -0.97 -19.81 -26.13
C PHE A 178 -0.05 -20.86 -26.74
N ALA A 179 1.25 -20.70 -26.52
CA ALA A 179 2.21 -21.60 -27.16
C ALA A 179 2.16 -23.03 -26.63
N SER A 180 1.94 -23.16 -25.31
CA SER A 180 2.14 -24.42 -24.56
C SER A 180 3.63 -24.72 -24.39
N PRO A 181 3.96 -25.58 -23.41
CA PRO A 181 5.36 -25.98 -23.27
C PRO A 181 5.93 -26.81 -24.44
N VAL A 182 5.09 -27.42 -25.28
CA VAL A 182 5.64 -28.07 -26.49
C VAL A 182 6.21 -27.07 -27.51
N LEU A 183 5.70 -25.85 -27.51
CA LEU A 183 6.15 -24.87 -28.52
C LEU A 183 7.14 -23.82 -28.01
N GLN A 184 7.09 -23.49 -26.73
CA GLN A 184 7.88 -22.41 -26.20
C GLN A 184 8.27 -22.71 -24.77
N GLN A 185 9.51 -22.41 -24.41
CA GLN A 185 10.05 -22.76 -23.10
C GLN A 185 10.54 -21.51 -22.37
N PRO A 186 9.64 -20.82 -21.65
CA PRO A 186 9.98 -19.53 -21.02
C PRO A 186 11.19 -19.59 -20.07
N LEU A 187 11.30 -20.64 -19.26
CA LEU A 187 12.41 -20.73 -18.33
C LEU A 187 13.77 -20.81 -19.04
N ALA A 188 13.87 -21.65 -20.06
CA ALA A 188 15.12 -21.77 -20.80
C ALA A 188 15.51 -20.47 -21.49
N LEU A 189 14.51 -19.72 -21.94
CA LEU A 189 14.74 -18.42 -22.58
C LEU A 189 15.22 -17.37 -21.57
N GLY A 190 14.95 -17.59 -20.29
CA GLY A 190 15.48 -16.69 -19.26
C GLY A 190 14.46 -16.11 -18.29
N ALA A 191 13.19 -16.45 -18.47
CA ALA A 191 12.16 -16.02 -17.53
C ALA A 191 12.23 -16.81 -16.21
N ASP A 192 11.55 -16.31 -15.19
CA ASP A 192 11.49 -16.97 -13.89
C ASP A 192 10.27 -17.86 -13.69
N VAL A 193 9.20 -17.59 -14.43
CA VAL A 193 7.92 -18.29 -14.21
C VAL A 193 7.16 -18.49 -15.52
N SER A 194 6.74 -19.72 -15.78
CA SER A 194 5.75 -19.98 -16.83
C SER A 194 4.40 -19.98 -16.17
N LEU A 195 3.47 -19.24 -16.75
CA LEU A 195 2.08 -19.26 -16.31
C LEU A 195 1.21 -19.90 -17.37
N TYR A 196 0.28 -20.77 -16.96
CA TYR A 196 -0.69 -21.34 -17.89
C TYR A 196 -2.14 -21.25 -17.40
N SER A 197 -3.04 -21.39 -18.37
CA SER A 197 -4.35 -21.93 -18.14
C SER A 197 -4.32 -23.31 -18.79
N THR A 198 -4.17 -24.35 -17.98
CA THR A 198 -4.15 -25.72 -18.51
C THR A 198 -5.51 -26.07 -19.15
N THR A 199 -6.54 -25.32 -18.76
CA THR A 199 -7.87 -25.37 -19.36
C THR A 199 -7.82 -25.31 -20.89
N1 LLP A 200 -4.21 -16.34 -20.00
C2 LLP A 200 -4.38 -16.91 -21.20
C2' LLP A 200 -3.35 -16.68 -22.34
C3 LLP A 200 -5.52 -17.75 -21.41
O3 LLP A 200 -5.69 -18.38 -22.65
C4 LLP A 200 -6.43 -17.96 -20.38
C4' LLP A 200 -7.71 -18.92 -20.63
C5 LLP A 200 -6.24 -17.36 -19.17
C6 LLP A 200 -5.12 -16.55 -18.98
C5' LLP A 200 -7.26 -17.54 -18.00
OP4 LLP A 200 -7.22 -18.86 -17.48
P LLP A 200 -8.56 -19.56 -17.16
OP1 LLP A 200 -8.22 -21.04 -17.07
OP2 LLP A 200 -9.12 -19.09 -15.86
OP3 LLP A 200 -9.57 -19.25 -18.22
N LLP A 200 -6.80 -24.63 -21.42
CA LLP A 200 -6.64 -24.52 -22.88
CB LLP A 200 -5.94 -23.23 -23.24
CG LLP A 200 -6.58 -22.01 -22.53
CD LLP A 200 -8.11 -21.94 -22.68
CE LLP A 200 -8.63 -20.62 -22.06
NZ LLP A 200 -7.50 -19.71 -21.81
C LLP A 200 -5.91 -25.71 -23.44
O LLP A 200 -6.45 -26.82 -23.43
N SER A 201 -4.69 -25.53 -23.92
CA SER A 201 -4.03 -26.60 -24.66
C SER A 201 -3.54 -27.79 -23.81
N ILE A 202 -3.07 -27.56 -22.59
CA ILE A 202 -2.56 -28.66 -21.74
C ILE A 202 -3.60 -29.78 -21.48
N ALA A 203 -4.75 -29.46 -20.92
CA ALA A 203 -5.80 -30.47 -20.76
C ALA A 203 -6.39 -30.86 -22.14
N GLY A 204 -6.64 -29.87 -22.99
CA GLY A 204 -6.89 -30.10 -24.39
C GLY A 204 -8.28 -30.54 -24.85
N HIS A 205 -9.17 -30.86 -23.92
CA HIS A 205 -10.42 -31.51 -24.30
C HIS A 205 -11.65 -30.78 -23.78
N ALA A 206 -11.43 -29.54 -23.37
CA ALA A 206 -12.51 -28.58 -23.10
C ALA A 206 -13.49 -29.05 -22.04
N ASP A 207 -13.05 -29.96 -21.18
CA ASP A 207 -13.91 -30.51 -20.13
C ASP A 207 -13.38 -30.30 -18.70
N VAL A 208 -12.47 -29.35 -18.52
CA VAL A 208 -11.97 -29.01 -17.19
C VAL A 208 -11.36 -27.59 -17.21
N LEU A 209 -11.46 -26.88 -16.08
CA LEU A 209 -10.73 -25.62 -15.88
C LEU A 209 -9.51 -25.94 -15.00
N GLY A 210 -8.38 -25.30 -15.27
CA GLY A 210 -7.21 -25.44 -14.42
C GLY A 210 -6.13 -24.42 -14.75
N GLY A 211 -5.21 -24.20 -13.81
CA GLY A 211 -4.07 -23.34 -14.06
C GLY A 211 -2.79 -23.90 -13.44
N ALA A 212 -1.65 -23.37 -13.86
CA ALA A 212 -0.37 -23.79 -13.33
C ALA A 212 0.66 -22.67 -13.40
N LEU A 213 1.62 -22.73 -12.48
CA LEU A 213 2.84 -21.93 -12.51
C LEU A 213 4.02 -22.91 -12.46
N VAL A 214 5.02 -22.69 -13.30
CA VAL A 214 6.21 -23.52 -13.30
C VAL A 214 7.42 -22.59 -13.14
N TYR A 215 8.40 -23.01 -12.34
CA TYR A 215 9.47 -22.09 -11.93
C TYR A 215 10.60 -22.83 -11.22
N ARG A 216 11.59 -22.06 -10.74
CA ARG A 216 12.83 -22.63 -10.20
C ARG A 216 13.21 -22.18 -8.78
N ASP A 217 12.66 -21.05 -8.32
CA ASP A 217 13.11 -20.52 -7.02
C ASP A 217 12.37 -21.10 -5.82
N ALA A 218 13.14 -21.62 -4.87
CA ALA A 218 12.60 -22.17 -3.62
C ALA A 218 11.76 -21.13 -2.86
N ASP A 219 12.32 -19.94 -2.64
CA ASP A 219 11.60 -18.93 -1.86
C ASP A 219 10.27 -18.55 -2.54
N LEU A 220 10.28 -18.51 -3.87
CA LEU A 220 9.04 -18.31 -4.61
C LEU A 220 8.07 -19.47 -4.36
N HIS A 221 8.58 -20.70 -4.42
CA HIS A 221 7.77 -21.90 -4.18
C HIS A 221 7.02 -21.80 -2.86
N ALA A 222 7.74 -21.47 -1.79
CA ALA A 222 7.14 -21.37 -0.47
C ALA A 222 6.01 -20.35 -0.40
N ALA A 223 6.19 -19.21 -1.06
CA ALA A 223 5.18 -18.16 -1.09
C ALA A 223 3.96 -18.55 -1.93
N VAL A 224 4.19 -19.20 -3.06
CA VAL A 224 3.10 -19.65 -3.91
C VAL A 224 2.23 -20.65 -3.17
N ARG A 225 2.87 -21.64 -2.53
CA ARG A 225 2.12 -22.67 -1.82
C ARG A 225 1.42 -22.10 -0.59
N ALA A 226 2.06 -21.13 0.08
CA ALA A 226 1.44 -20.53 1.26
C ALA A 226 0.16 -19.81 0.85
N TYR A 227 0.22 -19.06 -0.25
CA TYR A 227 -0.95 -18.33 -0.73
C TYR A 227 -2.05 -19.29 -1.19
N ARG A 228 -1.67 -20.35 -1.90
CA ARG A 228 -2.67 -21.30 -2.38
C ARG A 228 -3.40 -21.96 -1.19
N THR A 229 -2.66 -22.27 -0.12
CA THR A 229 -3.27 -22.86 1.07
C THR A 229 -4.30 -21.91 1.70
N THR A 230 -3.96 -20.62 1.70
CA THR A 230 -4.74 -19.63 2.43
C THR A 230 -5.88 -19.08 1.58
N ALA A 231 -5.62 -18.84 0.30
CA ALA A 231 -6.67 -18.44 -0.62
C ALA A 231 -7.56 -19.62 -0.99
N GLY A 232 -7.05 -20.83 -0.84
CA GLY A 232 -7.83 -22.02 -1.13
C GLY A 232 -8.27 -22.15 -2.59
N ASN A 233 -7.47 -21.57 -3.48
CA ASN A 233 -7.77 -21.66 -4.91
C ASN A 233 -7.21 -22.94 -5.49
N VAL A 234 -7.58 -24.07 -4.87
CA VAL A 234 -6.99 -25.37 -5.18
C VAL A 234 -7.88 -26.22 -6.07
N PRO A 235 -7.30 -26.81 -7.13
CA PRO A 235 -8.12 -27.66 -8.02
C PRO A 235 -8.54 -28.99 -7.36
N GLY A 236 -9.65 -29.53 -7.86
CA GLY A 236 -10.13 -30.82 -7.44
C GLY A 236 -9.29 -31.99 -7.94
N ALA A 237 -9.35 -33.09 -7.21
CA ALA A 237 -8.57 -34.26 -7.54
C ALA A 237 -8.99 -34.88 -8.89
N LEU A 238 -10.29 -34.96 -9.11
CA LEU A 238 -10.79 -35.53 -10.36
C LEU A 238 -10.42 -34.62 -11.54
N ASP A 239 -10.43 -33.31 -11.32
CA ASP A 239 -10.02 -32.36 -12.36
C ASP A 239 -8.51 -32.43 -12.68
N CYS A 240 -7.66 -32.55 -11.64
CA CYS A 240 -6.23 -32.81 -11.87
C CYS A 240 -6.06 -34.08 -12.70
N PHE A 241 -6.88 -35.09 -12.40
CA PHE A 241 -6.90 -36.30 -13.22
C PHE A 241 -7.24 -35.99 -14.70
N LEU A 242 -8.30 -35.23 -14.95
CA LEU A 242 -8.65 -34.81 -16.33
C LEU A 242 -7.50 -34.09 -17.06
N VAL A 243 -6.87 -33.12 -16.40
CA VAL A 243 -5.75 -32.38 -16.99
C VAL A 243 -4.57 -33.30 -17.31
N ARG A 244 -4.18 -34.10 -16.31
CA ARG A 244 -3.09 -35.07 -16.45
C ARG A 244 -3.37 -36.02 -17.61
N ARG A 245 -4.62 -36.48 -17.73
CA ARG A 245 -4.95 -37.44 -18.80
C ARG A 245 -4.82 -36.78 -20.17
N GLY A 246 -5.28 -35.54 -20.26
CA GLY A 246 -5.17 -34.78 -21.50
C GLY A 246 -3.73 -34.52 -21.91
N LEU A 247 -2.84 -34.48 -20.91
CA LEU A 247 -1.41 -34.21 -21.06
C LEU A 247 -0.67 -35.21 -21.96
N HIS A 248 -0.90 -36.51 -21.75
CA HIS A 248 -0.24 -37.58 -22.52
C HIS A 248 -0.12 -37.25 -24.03
N THR A 249 -1.20 -36.73 -24.59
CA THR A 249 -1.28 -36.47 -26.03
C THR A 249 -1.02 -34.99 -26.43
N LEU A 250 -0.47 -34.20 -25.51
CA LEU A 250 -0.25 -32.76 -25.78
C LEU A 250 0.62 -32.52 -27.00
N SER A 251 1.75 -33.23 -27.10
CA SER A 251 2.63 -33.03 -28.25
C SER A 251 1.95 -33.42 -29.56
N LEU A 252 1.27 -34.57 -29.56
CA LEU A 252 0.59 -35.05 -30.75
C LEU A 252 -0.51 -34.07 -31.19
N ARG A 253 -1.30 -33.58 -30.24
CA ARG A 253 -2.38 -32.64 -30.55
C ARG A 253 -1.84 -31.31 -31.07
N VAL A 254 -0.89 -30.72 -30.34
CA VAL A 254 -0.27 -29.46 -30.75
C VAL A 254 0.25 -29.53 -32.19
N HIS A 255 1.06 -30.55 -32.52
CA HIS A 255 1.61 -30.66 -33.86
C HIS A 255 0.56 -30.78 -34.97
N ARG A 256 -0.52 -31.52 -34.69
CA ARG A 256 -1.67 -31.60 -35.58
C ARG A 256 -2.40 -30.24 -35.67
N GLN A 257 -2.41 -29.49 -34.59
CA GLN A 257 -3.07 -28.20 -34.61
C GLN A 257 -2.27 -27.21 -35.49
N VAL A 258 -0.95 -27.20 -35.33
CA VAL A 258 -0.12 -26.26 -36.06
C VAL A 258 -0.06 -26.62 -37.55
N ALA A 259 -0.05 -27.92 -37.85
CA ALA A 259 -0.03 -28.36 -39.24
C ALA A 259 -1.27 -27.88 -39.99
N THR A 260 -2.42 -28.01 -39.35
CA THR A 260 -3.67 -27.56 -39.95
C THR A 260 -3.71 -26.02 -39.99
N ALA A 261 -3.20 -25.39 -38.94
CA ALA A 261 -3.15 -23.92 -38.88
C ALA A 261 -2.42 -23.36 -40.10
N ARG A 262 -1.27 -23.95 -40.40
CA ARG A 262 -0.47 -23.48 -41.52
C ARG A 262 -1.21 -23.56 -42.85
N VAL A 263 -1.91 -24.67 -43.08
CA VAL A 263 -2.69 -24.85 -44.31
C VAL A 263 -3.88 -23.88 -44.37
N LEU A 264 -4.53 -23.63 -43.24
CA LEU A 264 -5.63 -22.68 -43.20
C LEU A 264 -5.15 -21.25 -43.54
N VAL A 265 -3.93 -20.91 -43.11
CA VAL A 265 -3.35 -19.61 -43.47
C VAL A 265 -3.26 -19.44 -44.98
N GLU A 266 -2.80 -20.47 -45.69
CA GLU A 266 -2.66 -20.34 -47.13
C GLU A 266 -4.02 -20.38 -47.81
N ARG A 267 -4.99 -21.04 -47.20
CA ARG A 267 -6.35 -20.86 -47.69
C ARG A 267 -6.82 -19.42 -47.50
N LEU A 268 -6.49 -18.85 -46.34
CA LEU A 268 -6.92 -17.48 -46.05
C LEU A 268 -6.19 -16.44 -46.90
N ARG A 269 -4.86 -16.53 -46.92
CA ARG A 269 -4.00 -15.61 -47.68
C ARG A 269 -4.41 -15.54 -49.14
N ALA A 270 -5.02 -16.62 -49.61
CA ALA A 270 -5.46 -16.72 -50.99
C ALA A 270 -6.81 -16.05 -51.27
N SER A 271 -7.69 -16.05 -50.27
CA SER A 271 -9.07 -15.66 -50.46
C SER A 271 -9.29 -14.16 -50.74
N PRO A 272 -10.13 -13.84 -51.73
CA PRO A 272 -10.40 -12.43 -52.05
C PRO A 272 -11.27 -11.73 -51.00
N VAL A 273 -12.01 -12.47 -50.19
CA VAL A 273 -12.80 -11.83 -49.13
C VAL A 273 -12.07 -11.81 -47.79
N VAL A 274 -10.76 -12.00 -47.85
CA VAL A 274 -9.91 -11.87 -46.68
C VAL A 274 -8.86 -10.79 -46.92
N GLY A 275 -8.62 -9.94 -45.92
CA GLY A 275 -7.56 -8.95 -46.01
C GLY A 275 -6.30 -9.43 -45.30
N ALA A 276 -5.97 -8.77 -44.19
CA ALA A 276 -4.80 -9.14 -43.41
C ALA A 276 -4.95 -10.54 -42.83
N VAL A 277 -3.89 -11.32 -42.88
CA VAL A 277 -3.86 -12.61 -42.21
C VAL A 277 -2.74 -12.64 -41.18
N HIS A 278 -3.09 -12.78 -39.91
CA HIS A 278 -2.10 -12.80 -38.87
C HIS A 278 -1.76 -14.24 -38.51
N TYR A 279 -0.46 -14.51 -38.41
CA TYR A 279 0.05 -15.81 -37.97
C TYR A 279 1.54 -15.62 -37.71
N PRO A 280 1.99 -15.98 -36.51
CA PRO A 280 3.38 -15.69 -36.14
C PRO A 280 4.41 -16.39 -37.04
N GLY A 281 3.98 -17.40 -37.79
CA GLY A 281 4.87 -18.16 -38.64
C GLY A 281 5.12 -17.62 -40.04
N LEU A 282 4.25 -16.74 -40.52
CA LEU A 282 4.44 -16.15 -41.86
C LEU A 282 5.78 -15.41 -41.91
N PRO A 283 6.53 -15.60 -43.01
CA PRO A 283 7.92 -15.10 -43.05
C PRO A 283 8.08 -13.58 -43.06
N GLU A 284 7.02 -12.85 -43.38
CA GLU A 284 7.07 -11.40 -43.32
C GLU A 284 6.44 -10.87 -42.01
N HIS A 285 6.23 -11.77 -41.05
CA HIS A 285 5.80 -11.36 -39.72
C HIS A 285 6.81 -10.35 -39.18
N PRO A 286 6.32 -9.26 -38.57
CA PRO A 286 7.21 -8.15 -38.15
C PRO A 286 8.32 -8.65 -37.23
N GLN A 287 7.96 -9.48 -36.25
CA GLN A 287 8.96 -10.09 -35.38
C GLN A 287 9.33 -11.50 -35.85
N HIS A 288 9.54 -11.68 -37.16
CA HIS A 288 9.83 -13.02 -37.70
C HIS A 288 11.11 -13.63 -37.15
N ALA A 289 12.11 -12.78 -36.86
CA ALA A 289 13.34 -13.27 -36.25
C ALA A 289 13.07 -13.84 -34.86
N VAL A 290 12.29 -13.11 -34.07
CA VAL A 290 12.00 -13.52 -32.70
C VAL A 290 11.15 -14.80 -32.65
N VAL A 291 10.15 -14.90 -33.52
CA VAL A 291 9.32 -16.11 -33.56
C VAL A 291 10.19 -17.36 -33.73
N LYS A 292 11.06 -17.34 -34.73
CA LYS A 292 11.96 -18.45 -34.99
C LYS A 292 12.81 -18.74 -33.74
N ALA A 293 13.45 -17.70 -33.20
CA ALA A 293 14.40 -17.89 -32.11
C ALA A 293 13.78 -17.81 -30.72
N GLN A 294 12.64 -18.48 -30.54
CA GLN A 294 12.09 -18.72 -29.20
C GLN A 294 10.97 -19.76 -29.25
N MSE A 295 10.57 -20.16 -30.46
CA MSE A 295 9.46 -21.12 -30.62
C MSE A 295 9.73 -22.20 -31.66
O MSE A 295 10.12 -21.92 -32.79
CB MSE A 295 8.19 -20.41 -31.01
CG MSE A 295 7.70 -19.51 -29.95
SE MSE A 295 6.13 -18.82 -30.68
CE MSE A 295 4.90 -20.31 -30.29
N SER A 296 9.49 -23.45 -31.27
CA SER A 296 9.75 -24.56 -32.17
C SER A 296 8.77 -24.56 -33.32
N ALA A 297 7.54 -24.12 -33.06
CA ALA A 297 6.50 -23.99 -34.11
C ALA A 297 5.61 -22.77 -33.83
N PRO A 298 4.94 -22.24 -34.86
CA PRO A 298 4.27 -20.95 -34.63
C PRO A 298 2.83 -21.01 -34.09
N GLY A 299 2.44 -22.13 -33.49
CA GLY A 299 1.15 -22.21 -32.83
C GLY A 299 0.00 -22.53 -33.78
N ALA A 300 -1.21 -22.47 -33.24
CA ALA A 300 -2.37 -22.88 -34.04
C ALA A 300 -3.55 -21.92 -33.89
N ILE A 301 -3.24 -20.66 -33.62
CA ILE A 301 -4.25 -19.61 -33.64
C ILE A 301 -4.02 -18.76 -34.88
N VAL A 302 -5.10 -18.39 -35.55
CA VAL A 302 -5.02 -17.57 -36.75
C VAL A 302 -6.07 -16.46 -36.71
N SER A 303 -5.65 -15.25 -37.02
CA SER A 303 -6.59 -14.14 -37.13
C SER A 303 -6.56 -13.56 -38.54
N PHE A 304 -7.66 -12.93 -38.93
CA PHE A 304 -7.76 -12.31 -40.25
C PHE A 304 -8.89 -11.32 -40.32
N ASP A 305 -8.78 -10.36 -41.24
CA ASP A 305 -9.83 -9.38 -41.48
C ASP A 305 -10.76 -9.91 -42.55
N TYR A 306 -12.04 -9.97 -42.23
CA TYR A 306 -13.03 -10.40 -43.19
C TYR A 306 -13.57 -9.17 -43.92
N LEU A 307 -13.63 -9.25 -45.25
CA LEU A 307 -14.07 -8.11 -46.05
C LEU A 307 -15.36 -8.40 -46.79
N GLY A 308 -16.00 -9.53 -46.49
CA GLY A 308 -17.13 -9.98 -47.28
C GLY A 308 -18.49 -9.43 -46.85
N GLY A 309 -18.54 -8.85 -45.66
CA GLY A 309 -19.80 -8.36 -45.12
C GLY A 309 -19.82 -8.46 -43.61
N PRO A 310 -21.01 -8.46 -43.01
CA PRO A 310 -21.18 -8.48 -41.56
C PRO A 310 -20.54 -9.71 -40.91
N ALA A 311 -19.65 -9.47 -39.96
CA ALA A 311 -18.94 -10.55 -39.29
C ALA A 311 -19.87 -11.59 -38.67
N GLU A 312 -21.01 -11.14 -38.15
CA GLU A 312 -21.94 -12.09 -37.52
C GLU A 312 -22.56 -13.04 -38.54
N ARG A 313 -22.71 -12.58 -39.78
CA ARG A 313 -23.16 -13.48 -40.83
C ARG A 313 -22.09 -14.54 -41.15
N LEU A 314 -20.83 -14.12 -41.20
CA LEU A 314 -19.74 -15.08 -41.38
C LEU A 314 -19.79 -16.19 -40.32
N LEU A 315 -19.92 -15.76 -39.07
CA LEU A 315 -19.99 -16.69 -37.94
C LEU A 315 -21.19 -17.65 -38.06
N ASP A 316 -22.31 -17.13 -38.58
CA ASP A 316 -23.52 -17.93 -38.78
C ASP A 316 -23.36 -19.01 -39.85
N ARG A 317 -22.35 -18.91 -40.71
CA ARG A 317 -22.21 -19.86 -41.82
C ARG A 317 -21.30 -21.09 -41.54
N PHE A 318 -20.51 -21.06 -40.48
CA PHE A 318 -19.69 -22.23 -40.12
C PHE A 318 -20.57 -23.42 -39.70
N THR A 319 -20.18 -24.62 -40.11
CA THR A 319 -20.86 -25.84 -39.65
C THR A 319 -19.90 -26.85 -38.98
N LEU A 320 -18.59 -26.58 -39.03
CA LEU A 320 -17.65 -27.47 -38.37
C LEU A 320 -16.97 -26.75 -37.21
N PHE A 321 -16.31 -25.63 -37.50
CA PHE A 321 -15.87 -24.74 -36.42
C PHE A 321 -17.07 -24.43 -35.51
N THR A 322 -16.81 -24.32 -34.20
CA THR A 322 -17.81 -23.91 -33.24
C THR A 322 -17.63 -22.42 -32.92
N CYS A 323 -18.71 -21.68 -32.78
CA CYS A 323 -18.61 -20.27 -32.39
C CYS A 323 -18.72 -20.10 -30.89
N GLY A 324 -17.57 -19.87 -30.23
CA GLY A 324 -17.51 -19.56 -28.82
C GLY A 324 -16.16 -18.93 -28.52
N VAL A 325 -15.88 -18.62 -27.25
CA VAL A 325 -14.51 -18.28 -26.84
C VAL A 325 -13.87 -19.54 -26.31
N SER A 326 -12.68 -19.39 -25.74
CA SER A 326 -11.81 -20.49 -25.33
C SER A 326 -11.07 -20.98 -26.56
N LEU A 327 -9.87 -21.50 -26.36
CA LEU A 327 -9.01 -21.88 -27.48
C LEU A 327 -8.19 -23.10 -27.07
N GLY A 328 -7.57 -23.77 -28.03
CA GLY A 328 -6.62 -24.83 -27.72
C GLY A 328 -7.15 -26.25 -27.62
N GLY A 329 -8.47 -26.40 -27.63
CA GLY A 329 -9.07 -27.71 -27.51
C GLY A 329 -9.08 -28.53 -28.79
N VAL A 330 -9.60 -29.75 -28.70
CA VAL A 330 -9.64 -30.66 -29.85
C VAL A 330 -10.68 -30.19 -30.87
N HIS A 331 -11.69 -29.47 -30.40
CA HIS A 331 -12.70 -28.90 -31.31
C HIS A 331 -12.24 -27.53 -31.80
N SER A 332 -12.26 -27.32 -33.11
CA SER A 332 -11.87 -26.04 -33.69
C SER A 332 -12.88 -24.95 -33.39
N LEU A 333 -12.39 -23.79 -33.00
CA LEU A 333 -13.29 -22.74 -32.55
C LEU A 333 -13.07 -21.46 -33.35
N VAL A 334 -14.12 -20.66 -33.48
CA VAL A 334 -14.07 -19.39 -34.17
C VAL A 334 -14.83 -18.36 -33.34
N GLU A 335 -14.36 -17.11 -33.34
CA GLU A 335 -15.10 -16.03 -32.69
C GLU A 335 -14.76 -14.75 -33.41
N CYS A 336 -15.46 -13.67 -33.06
CA CYS A 336 -15.10 -12.34 -33.58
C CYS A 336 -14.86 -11.41 -32.41
N PRO A 337 -13.60 -11.32 -31.94
CA PRO A 337 -13.24 -10.57 -30.72
C PRO A 337 -14.04 -9.26 -30.52
N ALA A 338 -14.46 -8.62 -31.61
CA ALA A 338 -15.14 -7.33 -31.53
C ALA A 338 -16.66 -7.42 -31.28
N LEU A 339 -17.21 -8.62 -31.25
CA LEU A 339 -18.63 -8.78 -30.95
C LEU A 339 -18.80 -9.22 -29.50
N MSE A 340 -17.69 -9.57 -28.83
CA MSE A 340 -17.85 -10.39 -27.62
C MSE A 340 -16.96 -10.17 -26.39
O MSE A 340 -17.48 -9.83 -25.34
CB MSE A 340 -17.89 -11.88 -27.92
CG MSE A 340 -18.83 -12.26 -29.01
SE MSE A 340 -17.29 -12.50 -29.90
CE MSE A 340 -16.73 -14.04 -28.80
N THR A 341 -15.66 -10.45 -26.49
CA THR A 341 -14.78 -10.14 -25.36
C THR A 341 -14.47 -8.66 -25.28
N HIS A 342 -14.24 -8.04 -26.44
CA HIS A 342 -13.80 -6.65 -26.55
C HIS A 342 -14.99 -5.74 -26.85
N ARG A 343 -16.14 -6.37 -27.08
CA ARG A 343 -17.43 -5.68 -27.20
C ARG A 343 -17.75 -4.77 -26.00
N PRO A 344 -17.45 -5.23 -24.75
CA PRO A 344 -17.67 -4.37 -23.57
C PRO A 344 -16.71 -3.20 -23.44
N LEU A 345 -15.64 -3.15 -24.24
CA LEU A 345 -14.94 -1.88 -24.42
C LEU A 345 -15.86 -1.00 -25.27
N SER A 346 -15.44 0.22 -25.60
CA SER A 346 -16.24 0.99 -26.55
C SER A 346 -15.97 0.49 -27.96
N ALA A 347 -15.53 1.40 -28.81
CA ALA A 347 -14.99 1.07 -30.12
C ALA A 347 -13.66 1.81 -30.30
N GLU A 348 -13.35 2.69 -29.34
CA GLU A 348 -12.11 3.48 -29.36
C GLU A 348 -10.90 2.68 -28.89
N ALA A 349 -11.13 1.66 -28.08
CA ALA A 349 -10.04 0.81 -27.59
C ALA A 349 -9.58 -0.13 -28.69
N ARG A 350 -10.47 -1.05 -29.09
CA ARG A 350 -10.24 -1.97 -30.20
C ARG A 350 -9.53 -1.31 -31.41
N ALA A 351 -10.06 -0.18 -31.86
CA ALA A 351 -9.52 0.48 -33.05
C ALA A 351 -8.17 1.16 -32.80
N ARG A 352 -7.89 1.46 -31.52
CA ARG A 352 -6.57 1.89 -31.10
C ARG A 352 -5.74 0.63 -30.94
N ARG A 353 -6.37 -0.39 -30.37
CA ARG A 353 -5.76 -1.70 -30.21
C ARG A 353 -5.52 -2.32 -31.59
N GLY A 354 -6.27 -1.85 -32.58
CA GLY A 354 -6.15 -2.35 -33.93
C GLY A 354 -7.05 -3.54 -34.20
N ILE A 355 -7.97 -3.79 -33.27
CA ILE A 355 -8.94 -4.87 -33.43
C ILE A 355 -10.18 -4.32 -34.13
N GLY A 356 -10.18 -4.42 -35.46
CA GLY A 356 -11.32 -3.96 -36.25
C GLY A 356 -12.56 -4.83 -36.06
N GLU A 357 -13.69 -4.31 -36.50
CA GLU A 357 -14.98 -4.96 -36.33
C GLU A 357 -15.03 -6.32 -36.99
N SER A 358 -14.37 -6.45 -38.14
CA SER A 358 -14.42 -7.68 -38.92
C SER A 358 -13.17 -8.55 -38.77
N LEU A 359 -12.44 -8.38 -37.66
CA LEU A 359 -11.34 -9.27 -37.37
C LEU A 359 -11.89 -10.57 -36.78
N ILE A 360 -11.46 -11.69 -37.34
CA ILE A 360 -11.93 -13.01 -36.98
C ILE A 360 -10.76 -13.87 -36.47
N ARG A 361 -10.95 -14.52 -35.32
CA ARG A 361 -9.90 -15.39 -34.78
C ARG A 361 -10.31 -16.85 -34.86
N LEU A 362 -9.38 -17.66 -35.35
CA LEU A 362 -9.58 -19.10 -35.39
C LEU A 362 -8.79 -19.73 -34.28
N SER A 363 -9.40 -20.70 -33.61
CA SER A 363 -8.69 -21.62 -32.74
C SER A 363 -8.80 -22.97 -33.42
N VAL A 364 -7.66 -23.59 -33.69
CA VAL A 364 -7.64 -24.77 -34.54
C VAL A 364 -7.52 -26.03 -33.72
N GLY A 365 -8.47 -26.94 -33.92
CA GLY A 365 -8.45 -28.24 -33.26
C GLY A 365 -7.86 -29.32 -34.14
N ILE A 366 -8.16 -30.57 -33.82
CA ILE A 366 -7.49 -31.70 -34.45
C ILE A 366 -8.31 -32.40 -35.54
N GLU A 367 -9.40 -31.77 -35.96
CA GLU A 367 -10.24 -32.35 -37.01
C GLU A 367 -9.45 -32.51 -38.33
N ASP A 368 -9.97 -33.33 -39.23
CA ASP A 368 -9.41 -33.50 -40.56
C ASP A 368 -9.17 -32.13 -41.25
N PRO A 369 -7.93 -31.85 -41.67
CA PRO A 369 -7.57 -30.51 -42.14
C PRO A 369 -8.33 -30.12 -43.41
N GLN A 370 -8.72 -31.12 -44.19
CA GLN A 370 -9.53 -30.93 -45.40
C GLN A 370 -10.93 -30.42 -45.04
N ASP A 371 -11.53 -31.06 -44.04
CA ASP A 371 -12.84 -30.66 -43.56
C ASP A 371 -12.82 -29.25 -42.96
N LEU A 372 -11.74 -28.90 -42.27
CA LEU A 372 -11.65 -27.55 -41.70
C LEU A 372 -11.48 -26.51 -42.78
N ALA A 373 -10.65 -26.81 -43.78
CA ALA A 373 -10.47 -25.92 -44.92
C ALA A 373 -11.78 -25.74 -45.68
N GLU A 374 -12.47 -26.84 -45.96
CA GLU A 374 -13.75 -26.79 -46.66
C GLU A 374 -14.79 -25.97 -45.89
N ASP A 375 -14.89 -26.15 -44.57
CA ASP A 375 -15.83 -25.35 -43.78
C ASP A 375 -15.47 -23.86 -43.80
N LEU A 376 -14.20 -23.56 -43.58
CA LEU A 376 -13.71 -22.18 -43.59
C LEU A 376 -13.98 -21.51 -44.94
N SER A 377 -13.64 -22.18 -46.03
CA SER A 377 -13.86 -21.61 -47.36
C SER A 377 -15.35 -21.51 -47.67
N ARG A 378 -16.11 -22.54 -47.28
CA ARG A 378 -17.56 -22.54 -47.50
C ARG A 378 -18.18 -21.39 -46.73
N ALA A 379 -17.73 -21.18 -45.49
CA ALA A 379 -18.20 -20.07 -44.68
C ALA A 379 -17.82 -18.70 -45.27
N LEU A 380 -16.56 -18.56 -45.69
CA LEU A 380 -16.08 -17.30 -46.27
C LEU A 380 -16.92 -16.84 -47.48
N ALA A 381 -17.14 -17.74 -48.43
CA ALA A 381 -17.86 -17.44 -49.67
C ALA A 381 -17.21 -16.40 -50.58
N GLY A 382 -15.90 -16.56 -50.84
CA GLY A 382 -15.14 -15.64 -51.66
C GLY A 382 -15.47 -15.63 -53.15
N GLY B 6 -38.85 -23.75 -1.06
CA GLY B 6 -39.14 -23.49 0.35
C GLY B 6 -39.84 -24.66 0.98
N MSE B 7 -39.46 -25.86 0.53
CA MSE B 7 -40.12 -27.12 0.84
C MSE B 7 -39.88 -27.45 2.37
O MSE B 7 -39.45 -26.55 3.09
CB MSE B 7 -39.59 -28.13 -0.21
CG MSE B 7 -39.14 -27.41 -1.58
SE MSE B 7 -38.37 -28.31 -3.21
CE MSE B 7 -39.96 -29.44 -3.33
N ARG B 8 -40.18 -28.63 2.91
CA ARG B 8 -39.61 -28.94 4.25
C ARG B 8 -38.24 -29.65 4.11
N PHE B 9 -37.40 -29.60 5.15
CA PHE B 9 -35.93 -29.69 4.95
C PHE B 9 -35.42 -30.79 4.03
N GLY B 10 -35.76 -32.04 4.32
CA GLY B 10 -35.38 -33.16 3.47
C GLY B 10 -35.72 -32.98 2.01
N THR B 11 -36.81 -32.27 1.72
CA THR B 11 -37.26 -32.12 0.35
C THR B 11 -36.37 -31.15 -0.46
N ARG B 12 -36.17 -29.96 0.07
CA ARG B 12 -35.21 -29.00 -0.49
C ARG B 12 -33.84 -29.63 -0.68
N LEU B 13 -33.49 -30.57 0.18
CA LEU B 13 -32.21 -31.26 0.04
C LEU B 13 -32.21 -32.10 -1.23
N VAL B 14 -33.31 -32.80 -1.49
CA VAL B 14 -33.39 -33.70 -2.63
C VAL B 14 -33.66 -32.98 -3.96
N HIS B 15 -34.51 -31.96 -3.92
CA HIS B 15 -35.04 -31.38 -5.15
C HIS B 15 -34.59 -29.94 -5.47
N GLY B 16 -33.89 -29.30 -4.55
CA GLY B 16 -33.41 -27.95 -4.78
C GLY B 16 -32.51 -27.91 -6.00
N GLY B 17 -32.82 -27.03 -6.95
CA GLY B 17 -32.01 -26.91 -8.15
C GLY B 17 -31.98 -28.13 -9.07
N ARG B 18 -32.76 -29.17 -8.77
CA ARG B 18 -32.78 -30.37 -9.61
C ARG B 18 -33.32 -29.97 -11.00
N ARG B 19 -32.55 -29.17 -11.73
CA ARG B 19 -33.08 -28.44 -12.89
C ARG B 19 -33.38 -29.37 -14.08
N PRO B 20 -34.52 -29.17 -14.75
CA PRO B 20 -34.90 -30.26 -15.66
C PRO B 20 -33.97 -30.49 -16.82
N SER B 21 -33.80 -31.77 -17.14
CA SER B 21 -33.26 -32.15 -18.42
C SER B 21 -34.42 -32.12 -19.39
N ALA B 22 -34.44 -31.08 -20.21
CA ALA B 22 -35.34 -31.00 -21.34
C ALA B 22 -34.99 -32.13 -22.28
N GLY B 23 -35.98 -32.65 -22.99
CA GLY B 23 -35.74 -33.59 -24.07
C GLY B 23 -35.31 -35.00 -23.66
N THR B 24 -34.88 -35.19 -22.42
CA THR B 24 -34.63 -36.57 -21.97
C THR B 24 -35.27 -36.97 -20.64
N GLY B 25 -35.52 -36.00 -19.77
CA GLY B 25 -36.26 -36.28 -18.54
C GLY B 25 -35.43 -36.81 -17.37
N ASP B 26 -34.10 -36.78 -17.52
CA ASP B 26 -33.18 -37.27 -16.49
C ASP B 26 -33.58 -36.78 -15.10
N VAL B 27 -33.75 -37.70 -14.16
CA VAL B 27 -34.09 -37.30 -12.78
C VAL B 27 -32.89 -36.64 -12.10
N VAL B 28 -31.74 -37.27 -12.22
CA VAL B 28 -30.50 -36.66 -11.78
C VAL B 28 -29.96 -35.86 -12.97
N PRO B 29 -29.77 -34.54 -12.78
CA PRO B 29 -29.32 -33.71 -13.90
C PRO B 29 -27.94 -34.16 -14.36
N PRO B 30 -27.67 -34.14 -15.67
CA PRO B 30 -26.39 -34.63 -16.20
C PRO B 30 -25.25 -33.72 -15.79
N ILE B 31 -24.03 -34.23 -15.81
CA ILE B 31 -22.89 -33.44 -15.32
C ILE B 31 -22.27 -32.62 -16.46
N HIS B 32 -22.44 -31.31 -16.43
CA HIS B 32 -21.89 -30.43 -17.49
C HIS B 32 -20.42 -30.16 -17.24
N VAL B 33 -19.57 -30.87 -17.96
CA VAL B 33 -18.13 -30.71 -17.81
C VAL B 33 -17.57 -29.72 -18.81
N SER B 34 -18.34 -29.43 -19.87
CA SER B 34 -17.84 -28.57 -20.93
C SER B 34 -17.37 -27.22 -20.38
N THR B 35 -16.20 -26.76 -20.82
CA THR B 35 -15.74 -25.42 -20.44
C THR B 35 -16.19 -24.45 -21.49
N THR B 36 -16.53 -24.99 -22.66
CA THR B 36 -16.85 -24.16 -23.80
C THR B 36 -18.30 -24.31 -24.25
N TYR B 37 -18.89 -23.22 -24.72
CA TYR B 37 -20.28 -23.24 -25.19
C TYR B 37 -20.45 -22.65 -26.58
N GLU B 38 -21.17 -23.37 -27.43
CA GLU B 38 -21.57 -22.87 -28.73
C GLU B 38 -22.58 -21.75 -28.47
N ARG B 39 -22.27 -20.57 -28.97
CA ARG B 39 -23.18 -19.46 -28.81
C ARG B 39 -24.35 -19.67 -29.76
N ARG B 40 -24.15 -19.23 -31.00
CA ARG B 40 -25.14 -19.14 -32.09
C ARG B 40 -26.60 -19.57 -31.87
N ALA B 41 -26.80 -20.74 -31.26
CA ALA B 41 -28.13 -21.31 -31.15
C ALA B 41 -28.93 -20.87 -29.89
N GLN B 42 -28.24 -20.37 -28.85
CA GLN B 42 -28.96 -19.89 -27.64
C GLN B 42 -29.94 -18.78 -27.95
N ASP B 43 -31.18 -18.95 -27.48
CA ASP B 43 -32.25 -17.96 -27.71
C ASP B 43 -32.10 -16.74 -26.81
N GLU B 44 -31.68 -16.97 -25.57
CA GLU B 44 -31.19 -15.88 -24.73
C GLU B 44 -29.92 -16.39 -24.08
N PRO B 45 -28.79 -16.25 -24.80
CA PRO B 45 -27.43 -16.57 -24.37
C PRO B 45 -27.27 -16.62 -22.86
N ARG B 46 -26.90 -17.77 -22.34
CA ARG B 46 -26.73 -17.94 -20.91
C ARG B 46 -25.35 -18.47 -20.56
N TYR B 47 -24.61 -18.90 -21.58
CA TYR B 47 -23.33 -19.57 -21.35
C TYR B 47 -22.26 -19.18 -22.34
N PHE B 48 -21.11 -18.76 -21.83
CA PHE B 48 -20.06 -18.16 -22.63
C PHE B 48 -18.71 -18.82 -22.39
N TYR B 49 -18.47 -19.22 -21.15
CA TYR B 49 -17.18 -19.81 -20.72
C TYR B 49 -17.28 -20.33 -19.30
N GLY B 50 -16.66 -21.48 -19.07
CA GLY B 50 -16.88 -22.28 -17.87
C GLY B 50 -16.56 -21.61 -16.55
N ARG B 51 -15.53 -20.77 -16.52
CA ARG B 51 -15.20 -20.04 -15.29
C ARG B 51 -16.37 -19.17 -14.85
N GLY B 52 -17.09 -18.59 -15.81
CA GLY B 52 -18.18 -17.69 -15.49
C GLY B 52 -19.53 -18.37 -15.32
N GLU B 53 -19.82 -19.35 -16.18
CA GLU B 53 -21.14 -19.99 -16.19
C GLU B 53 -21.00 -21.49 -16.26
N ASN B 54 -21.81 -22.18 -15.46
CA ASN B 54 -21.86 -23.63 -15.50
C ASN B 54 -23.14 -24.17 -14.87
N PRO B 55 -23.90 -24.94 -15.65
CA PRO B 55 -25.20 -25.53 -15.29
C PRO B 55 -25.15 -26.29 -13.97
N THR B 56 -24.23 -27.24 -13.86
CA THR B 56 -24.11 -28.05 -12.65
C THR B 56 -23.75 -27.20 -11.40
N ARG B 57 -22.90 -26.20 -11.59
CA ARG B 57 -22.53 -25.31 -10.48
C ARG B 57 -23.75 -24.53 -9.98
N GLU B 58 -24.54 -23.99 -10.90
CA GLU B 58 -25.68 -23.18 -10.53
C GLU B 58 -26.79 -23.99 -9.87
N GLU B 59 -26.90 -25.25 -10.25
CA GLU B 59 -27.84 -26.16 -9.61
C GLU B 59 -27.47 -26.32 -8.14
N LEU B 60 -26.19 -26.56 -7.86
CA LEU B 60 -25.73 -26.65 -6.48
C LEU B 60 -26.03 -25.34 -5.73
N GLU B 61 -25.72 -24.22 -6.38
CA GLU B 61 -25.98 -22.89 -5.81
C GLU B 61 -27.46 -22.72 -5.48
N GLU B 62 -28.32 -23.13 -6.41
CA GLU B 62 -29.74 -22.96 -6.22
C GLU B 62 -30.21 -23.84 -5.04
N CYS B 63 -29.66 -25.04 -4.93
CA CYS B 63 -29.97 -25.89 -3.79
C CYS B 63 -29.60 -25.25 -2.45
N LEU B 64 -28.36 -24.77 -2.35
CA LEU B 64 -27.81 -24.20 -1.14
C LEU B 64 -28.57 -22.95 -0.69
N ALA B 65 -28.92 -22.10 -1.67
CA ALA B 65 -29.71 -20.92 -1.39
C ALA B 65 -31.06 -21.32 -0.81
N GLY B 66 -31.67 -22.34 -1.44
CA GLY B 66 -32.97 -22.83 -1.01
C GLY B 66 -33.01 -23.27 0.45
N LEU B 67 -31.92 -23.85 0.93
CA LEU B 67 -31.85 -24.34 2.31
C LEU B 67 -31.98 -23.19 3.32
N GLU B 68 -31.66 -21.98 2.86
CA GLU B 68 -31.77 -20.79 3.69
C GLU B 68 -32.87 -19.87 3.16
N ARG B 69 -33.56 -20.35 2.12
CA ARG B 69 -34.60 -19.60 1.41
C ARG B 69 -34.13 -18.18 1.15
N ALA B 70 -32.90 -18.08 0.65
CA ALA B 70 -32.29 -16.83 0.26
C ALA B 70 -32.35 -16.84 -1.26
N PRO B 71 -32.16 -15.66 -1.88
CA PRO B 71 -32.18 -15.60 -3.35
C PRO B 71 -30.85 -15.98 -4.00
N PHE B 72 -29.74 -15.89 -3.25
CA PHE B 72 -28.43 -16.10 -3.85
C PHE B 72 -27.55 -17.11 -3.10
N ALA B 73 -26.74 -17.84 -3.86
CA ALA B 73 -25.60 -18.55 -3.31
C ALA B 73 -24.49 -18.56 -4.35
N THR B 74 -23.25 -18.62 -3.88
CA THR B 74 -22.13 -18.75 -4.77
C THR B 74 -21.16 -19.78 -4.19
N VAL B 75 -20.75 -20.74 -5.01
CA VAL B 75 -19.82 -21.75 -4.54
C VAL B 75 -18.40 -21.53 -5.04
N PHE B 76 -17.45 -22.12 -4.31
CA PHE B 76 -16.05 -21.84 -4.53
C PHE B 76 -15.22 -23.14 -4.45
N SER B 77 -13.96 -23.02 -4.87
CA SER B 77 -13.00 -24.10 -4.80
C SER B 77 -12.81 -24.67 -3.38
N SER B 78 -13.04 -23.85 -2.35
CA SER B 78 -12.92 -24.31 -0.97
C SER B 78 -13.57 -23.32 -0.02
N GLY B 79 -13.63 -23.67 1.27
CA GLY B 79 -14.11 -22.78 2.31
C GLY B 79 -13.27 -21.52 2.44
N GLN B 80 -11.95 -21.71 2.44
CA GLN B 80 -11.00 -20.60 2.45
C GLN B 80 -11.21 -19.61 1.29
N ALA B 81 -11.54 -20.15 0.11
CA ALA B 81 -11.82 -19.31 -1.05
C ALA B 81 -13.11 -18.49 -0.85
N ALA B 82 -14.13 -19.09 -0.25
CA ALA B 82 -15.34 -18.32 0.07
C ALA B 82 -15.02 -17.13 1.02
N ALA B 83 -14.32 -17.44 2.10
CA ALA B 83 -13.89 -16.43 3.06
C ALA B 83 -13.03 -15.35 2.40
N ALA B 84 -12.14 -15.77 1.50
CA ALA B 84 -11.19 -14.85 0.88
C ALA B 84 -11.88 -13.91 -0.10
N THR B 85 -13.06 -14.31 -0.56
CA THR B 85 -13.84 -13.50 -1.49
C THR B 85 -14.57 -12.41 -0.71
N LEU B 86 -15.22 -12.81 0.38
CA LEU B 86 -15.94 -11.85 1.21
C LEU B 86 -14.98 -10.80 1.77
N LEU B 87 -13.81 -11.25 2.23
CA LEU B 87 -12.83 -10.36 2.84
C LEU B 87 -12.20 -9.38 1.86
N SER B 88 -12.10 -9.77 0.58
CA SER B 88 -11.55 -8.88 -0.43
C SER B 88 -12.41 -7.64 -0.61
N LEU B 89 -13.66 -7.72 -0.14
CA LEU B 89 -14.56 -6.58 -0.24
C LEU B 89 -14.30 -5.53 0.83
N VAL B 90 -13.51 -5.85 1.85
CA VAL B 90 -13.15 -4.85 2.87
C VAL B 90 -12.09 -3.91 2.30
N ARG B 91 -12.25 -2.60 2.53
CA ARG B 91 -11.45 -1.57 1.86
C ARG B 91 -10.50 -0.82 2.81
N PRO B 92 -9.44 -0.22 2.26
CA PRO B 92 -8.51 0.58 3.06
C PRO B 92 -9.21 1.57 3.98
N GLY B 93 -8.72 1.69 5.20
CA GLY B 93 -9.30 2.55 6.19
C GLY B 93 -10.62 2.03 6.73
N GLN B 94 -10.86 0.72 6.59
CA GLN B 94 -12.05 0.10 7.16
C GLN B 94 -11.69 -0.94 8.22
N CYS B 95 -12.68 -1.38 8.98
CA CYS B 95 -12.44 -2.29 10.08
C CYS B 95 -13.24 -3.59 10.02
N VAL B 96 -12.67 -4.65 10.59
CA VAL B 96 -13.32 -5.94 10.64
C VAL B 96 -13.20 -6.53 12.04
N VAL B 97 -14.33 -6.66 12.73
CA VAL B 97 -14.37 -7.27 14.04
C VAL B 97 -14.71 -8.75 13.97
N SER B 98 -13.87 -9.55 14.61
CA SER B 98 -14.16 -10.96 14.81
C SER B 98 -13.70 -11.38 16.19
N THR B 99 -13.49 -12.66 16.37
CA THR B 99 -12.93 -13.21 17.61
C THR B 99 -11.68 -13.98 17.21
N ASP B 100 -11.12 -14.79 18.10
CA ASP B 100 -9.88 -15.51 17.75
C ASP B 100 -9.95 -17.03 17.93
N ASP B 101 -10.98 -17.52 18.58
CA ASP B 101 -11.26 -18.97 18.53
C ASP B 101 -11.50 -19.38 17.07
N VAL B 102 -11.49 -18.39 16.19
CA VAL B 102 -11.66 -18.58 14.76
C VAL B 102 -10.53 -19.41 14.20
N TYR B 103 -10.90 -20.25 13.23
CA TYR B 103 -9.98 -21.01 12.40
C TYR B 103 -8.78 -20.21 11.94
N ALA B 104 -7.61 -20.84 11.98
CA ALA B 104 -6.36 -20.25 11.48
C ALA B 104 -6.45 -19.71 10.04
N GLY B 105 -7.17 -20.40 9.14
CA GLY B 105 -7.26 -19.95 7.76
C GLY B 105 -7.99 -18.63 7.64
N THR B 106 -9.09 -18.52 8.39
CA THR B 106 -9.72 -17.25 8.58
C THR B 106 -8.70 -16.30 9.24
N ASP B 107 -8.03 -16.77 10.29
CA ASP B 107 -6.95 -16.00 10.88
C ASP B 107 -5.84 -15.73 9.84
N GLY B 108 -5.52 -16.74 9.04
CA GLY B 108 -4.54 -16.62 7.97
C GLY B 108 -4.95 -15.63 6.90
N LEU B 109 -6.24 -15.52 6.64
CA LEU B 109 -6.73 -14.48 5.74
C LEU B 109 -6.71 -13.10 6.39
N PHE B 110 -7.08 -13.03 7.67
CA PHE B 110 -7.04 -11.76 8.39
C PHE B 110 -5.67 -11.07 8.28
N ASP B 111 -4.59 -11.85 8.30
CA ASP B 111 -3.25 -11.27 8.14
C ASP B 111 -3.07 -10.64 6.77
N LEU B 112 -3.69 -11.25 5.75
CA LEU B 112 -3.64 -10.71 4.40
C LEU B 112 -4.39 -9.38 4.34
N ALA B 113 -5.61 -9.37 4.85
CA ALA B 113 -6.42 -8.16 4.88
C ALA B 113 -5.68 -7.04 5.61
N ALA B 114 -4.93 -7.41 6.63
CA ALA B 114 -4.21 -6.42 7.43
C ALA B 114 -3.03 -5.83 6.67
N ARG B 115 -2.29 -6.67 5.93
CA ARG B 115 -1.19 -6.15 5.11
C ARG B 115 -1.75 -5.35 3.95
N GLN B 116 -2.99 -5.59 3.59
CA GLN B 116 -3.63 -4.84 2.51
C GLN B 116 -4.56 -3.76 3.07
N GLY B 117 -4.23 -3.27 4.25
CA GLY B 117 -4.79 -2.04 4.80
C GLY B 117 -5.99 -2.15 5.75
N VAL B 118 -6.36 -3.38 6.13
CA VAL B 118 -7.55 -3.57 6.96
C VAL B 118 -7.22 -3.62 8.45
N ARG B 119 -7.89 -2.79 9.23
CA ARG B 119 -7.70 -2.77 10.67
C ARG B 119 -8.49 -3.90 11.36
N VAL B 120 -7.82 -5.03 11.57
CA VAL B 120 -8.42 -6.19 12.25
C VAL B 120 -8.52 -6.01 13.77
N ARG B 121 -9.62 -6.49 14.35
CA ARG B 121 -9.93 -6.27 15.76
C ARG B 121 -10.74 -7.45 16.34
N TYR B 122 -10.06 -8.38 16.99
CA TYR B 122 -10.69 -9.58 17.58
C TYR B 122 -11.38 -9.23 18.88
N ALA B 123 -12.65 -9.58 19.02
CA ALA B 123 -13.43 -9.15 20.18
C ALA B 123 -13.97 -10.26 21.06
N ASP B 124 -14.53 -9.84 22.20
CA ASP B 124 -15.37 -10.68 23.04
C ASP B 124 -16.79 -10.52 22.51
N LEU B 125 -17.48 -11.62 22.23
CA LEU B 125 -18.81 -11.49 21.64
C LEU B 125 -19.86 -12.32 22.35
N THR B 126 -19.91 -12.22 23.68
CA THR B 126 -20.77 -13.06 24.50
C THR B 126 -21.44 -12.29 25.63
N THR B 127 -20.74 -11.30 26.15
CA THR B 127 -21.30 -10.41 27.15
C THR B 127 -21.51 -9.09 26.44
N PRO B 128 -22.44 -8.26 26.93
CA PRO B 128 -22.56 -7.03 26.14
C PRO B 128 -21.43 -6.06 26.47
N GLU B 129 -20.26 -6.57 26.84
CA GLU B 129 -19.13 -5.71 27.17
C GLU B 129 -18.03 -5.93 26.15
N GLY B 130 -17.97 -7.12 25.58
CA GLY B 130 -17.13 -7.32 24.42
C GLY B 130 -17.83 -6.76 23.20
N ILE B 131 -19.06 -7.21 22.97
CA ILE B 131 -19.91 -6.69 21.90
C ILE B 131 -19.95 -5.16 21.87
N ALA B 132 -20.27 -4.53 23.00
CA ALA B 132 -20.52 -3.09 23.03
C ALA B 132 -19.31 -2.22 22.75
N ALA B 133 -18.12 -2.79 22.93
CA ALA B 133 -16.91 -2.08 22.55
C ALA B 133 -16.59 -2.40 21.08
N ALA B 134 -16.65 -3.69 20.76
CA ALA B 134 -16.29 -4.24 19.46
C ALA B 134 -16.91 -3.55 18.24
N LEU B 135 -18.21 -3.24 18.34
CA LEU B 135 -18.94 -2.77 17.15
C LEU B 135 -19.01 -1.25 17.11
N ALA B 136 -18.34 -0.61 18.05
CA ALA B 136 -18.27 0.84 18.07
C ALA B 136 -17.00 1.31 17.37
N GLU B 137 -16.17 0.36 16.97
CA GLU B 137 -14.93 0.63 16.27
C GLU B 137 -15.14 1.50 15.03
N PRO B 138 -14.37 2.59 14.91
CA PRO B 138 -14.53 3.46 13.74
C PRO B 138 -14.29 2.73 12.41
N ASP B 139 -15.02 3.14 11.38
CA ASP B 139 -14.84 2.67 10.01
C ASP B 139 -15.25 1.20 9.81
N LEU B 140 -15.86 0.61 10.83
CA LEU B 140 -16.27 -0.81 10.82
C LEU B 140 -17.10 -1.18 9.60
N ALA B 141 -16.79 -2.33 8.99
CA ALA B 141 -17.52 -2.81 7.83
C ALA B 141 -18.02 -4.25 7.96
N LEU B 142 -17.31 -5.08 8.71
CA LEU B 142 -17.59 -6.51 8.68
C LEU B 142 -17.39 -7.23 10.02
N VAL B 143 -18.45 -7.84 10.55
CA VAL B 143 -18.35 -8.63 11.76
C VAL B 143 -18.40 -10.12 11.43
N TRP B 144 -17.43 -10.87 11.95
CA TRP B 144 -17.20 -12.25 11.54
C TRP B 144 -17.44 -13.19 12.70
N ILE B 145 -18.59 -13.87 12.69
CA ILE B 145 -18.95 -14.78 13.76
C ILE B 145 -18.80 -16.23 13.36
N GLU B 146 -18.02 -16.97 14.12
CA GLU B 146 -18.00 -18.41 14.01
C GLU B 146 -18.72 -18.89 15.26
N THR B 147 -19.74 -19.73 15.09
CA THR B 147 -20.53 -20.18 16.23
C THR B 147 -21.27 -21.49 15.92
N PRO B 148 -21.07 -22.54 16.74
CA PRO B 148 -20.11 -22.63 17.84
C PRO B 148 -18.67 -22.48 17.35
N THR B 149 -17.79 -22.02 18.24
CA THR B 149 -16.40 -21.84 17.88
C THR B 149 -15.62 -23.16 18.00
N ASN B 150 -14.34 -23.15 17.70
CA ASN B 150 -13.49 -24.34 17.75
C ASN B 150 -12.19 -24.05 18.48
N PRO B 151 -11.81 -24.92 19.41
CA PRO B 151 -12.52 -26.18 19.71
C PRO B 151 -13.26 -26.18 21.05
N LEU B 152 -13.54 -25.01 21.63
CA LEU B 152 -14.17 -24.98 22.95
C LEU B 152 -15.70 -24.96 22.90
N LEU B 153 -16.24 -24.74 21.71
CA LEU B 153 -17.69 -24.81 21.46
C LEU B 153 -18.50 -23.71 22.16
N THR B 154 -17.84 -22.60 22.50
CA THR B 154 -18.54 -21.40 22.98
C THR B 154 -19.43 -20.91 21.85
N VAL B 155 -20.40 -20.06 22.15
CA VAL B 155 -21.22 -19.52 21.06
C VAL B 155 -21.26 -17.99 21.05
N VAL B 156 -22.04 -17.46 20.12
CA VAL B 156 -22.27 -16.03 20.01
C VAL B 156 -23.72 -15.83 19.59
N ASP B 157 -24.39 -14.87 20.22
CA ASP B 157 -25.80 -14.60 19.94
C ASP B 157 -25.88 -13.87 18.60
N VAL B 158 -26.24 -14.61 17.56
CA VAL B 158 -26.24 -14.06 16.20
C VAL B 158 -27.21 -12.89 16.05
N ALA B 159 -28.46 -13.08 16.43
CA ALA B 159 -29.46 -12.03 16.31
C ALA B 159 -29.05 -10.75 17.06
N GLU B 160 -28.51 -10.90 18.27
CA GLU B 160 -28.15 -9.72 19.07
C GLU B 160 -26.93 -8.99 18.52
N VAL B 161 -25.90 -9.74 18.13
CA VAL B 161 -24.75 -9.15 17.46
C VAL B 161 -25.16 -8.50 16.14
N SER B 162 -26.01 -9.18 15.38
CA SER B 162 -26.49 -8.65 14.11
C SER B 162 -27.37 -7.40 14.31
N ARG B 163 -28.10 -7.37 15.42
CA ARG B 163 -28.94 -6.22 15.73
C ARG B 163 -28.08 -4.99 15.91
N ARG B 164 -26.94 -5.16 16.56
CA ARG B 164 -26.12 -4.02 16.93
C ARG B 164 -25.12 -3.65 15.84
N ALA B 165 -24.67 -4.64 15.07
CA ALA B 165 -23.77 -4.36 13.95
C ALA B 165 -24.42 -3.47 12.88
N HIS B 166 -25.66 -3.78 12.50
CA HIS B 166 -26.33 -3.04 11.44
C HIS B 166 -26.52 -1.56 11.75
N GLU B 167 -26.41 -1.22 13.04
CA GLU B 167 -26.51 0.15 13.50
C GLU B 167 -25.29 0.97 13.10
N ARG B 168 -24.27 0.31 12.56
CA ARG B 168 -23.10 1.00 12.03
C ARG B 168 -22.95 0.64 10.55
N GLY B 169 -24.05 0.25 9.93
CA GLY B 169 -24.07 -0.14 8.53
C GLY B 169 -23.23 -1.35 8.19
N ALA B 170 -22.83 -2.10 9.21
CA ALA B 170 -21.84 -3.15 9.04
C ALA B 170 -22.43 -4.55 8.78
N ARG B 171 -22.21 -5.04 7.56
CA ARG B 171 -22.50 -6.42 7.14
C ARG B 171 -22.04 -7.44 8.18
N VAL B 172 -22.81 -8.52 8.35
CA VAL B 172 -22.44 -9.60 9.26
C VAL B 172 -22.40 -10.96 8.54
N VAL B 173 -21.31 -11.69 8.73
CA VAL B 173 -21.21 -13.06 8.22
C VAL B 173 -21.09 -14.06 9.36
N VAL B 174 -21.77 -15.19 9.24
CA VAL B 174 -21.59 -16.29 10.17
C VAL B 174 -20.95 -17.48 9.45
N ASP B 175 -19.89 -18.02 10.02
CA ASP B 175 -19.33 -19.26 9.53
C ASP B 175 -20.19 -20.36 10.14
N ASN B 176 -21.10 -20.90 9.34
CA ASN B 176 -22.11 -21.84 9.82
C ASN B 176 -21.72 -23.28 9.48
N THR B 177 -20.43 -23.50 9.28
CA THR B 177 -19.94 -24.81 8.85
C THR B 177 -20.07 -25.84 9.97
N PHE B 178 -19.87 -25.40 11.21
CA PHE B 178 -20.09 -26.26 12.37
C PHE B 178 -21.53 -26.76 12.41
N ALA B 179 -22.48 -25.83 12.47
CA ALA B 179 -23.87 -26.22 12.66
C ALA B 179 -24.54 -26.79 11.41
N SER B 180 -24.27 -26.14 10.26
CA SER B 180 -24.90 -26.45 8.96
C SER B 180 -26.35 -25.93 8.93
N PRO B 181 -26.94 -25.76 7.73
CA PRO B 181 -28.30 -25.19 7.66
C PRO B 181 -29.35 -26.09 8.30
N VAL B 182 -28.99 -27.35 8.61
CA VAL B 182 -29.91 -28.23 9.32
C VAL B 182 -30.18 -27.70 10.73
N LEU B 183 -29.15 -27.17 11.38
CA LEU B 183 -29.28 -26.87 12.82
C LEU B 183 -29.35 -25.36 13.14
N GLN B 184 -28.97 -24.53 12.19
CA GLN B 184 -28.84 -23.10 12.43
C GLN B 184 -28.98 -22.30 11.14
N GLN B 185 -29.75 -21.23 11.21
CA GLN B 185 -30.07 -20.43 10.02
C GLN B 185 -29.65 -18.97 10.23
N PRO B 186 -28.37 -18.65 9.96
CA PRO B 186 -27.81 -17.31 10.23
C PRO B 186 -28.59 -16.18 9.57
N LEU B 187 -29.07 -16.39 8.34
CA LEU B 187 -29.82 -15.34 7.66
C LEU B 187 -31.15 -15.06 8.38
N ALA B 188 -31.88 -16.13 8.70
CA ALA B 188 -33.14 -16.00 9.45
C ALA B 188 -32.91 -15.33 10.80
N LEU B 189 -31.75 -15.58 11.39
CA LEU B 189 -31.41 -14.99 12.68
C LEU B 189 -31.22 -13.47 12.59
N GLY B 190 -30.58 -13.01 11.52
CA GLY B 190 -30.34 -11.58 11.35
C GLY B 190 -29.10 -11.24 10.54
N ALA B 191 -28.24 -12.23 10.34
CA ALA B 191 -27.02 -12.04 9.54
C ALA B 191 -27.31 -11.77 8.07
N ASP B 192 -26.30 -11.25 7.37
CA ASP B 192 -26.41 -10.98 5.94
C ASP B 192 -25.78 -12.03 5.08
N VAL B 193 -24.87 -12.82 5.64
CA VAL B 193 -24.15 -13.83 4.87
C VAL B 193 -23.89 -15.08 5.70
N SER B 194 -24.19 -16.26 5.14
CA SER B 194 -23.75 -17.50 5.76
C SER B 194 -22.59 -18.05 4.96
N LEU B 195 -21.49 -18.35 5.64
CA LEU B 195 -20.29 -18.85 5.01
C LEU B 195 -20.08 -20.34 5.34
N TYR B 196 -19.80 -21.15 4.31
CA TYR B 196 -19.55 -22.58 4.52
C TYR B 196 -18.26 -23.10 3.88
N SER B 197 -17.54 -23.93 4.63
CA SER B 197 -16.69 -24.94 4.01
C SER B 197 -17.62 -26.12 3.75
N THR B 198 -17.87 -26.43 2.48
CA THR B 198 -18.77 -27.54 2.16
C THR B 198 -17.97 -28.85 2.17
N THR B 199 -16.67 -28.73 2.37
CA THR B 199 -15.77 -29.87 2.53
C THR B 199 -16.13 -30.70 3.79
N1 LLP B 200 -14.28 -22.52 8.27
C2 LLP B 200 -14.52 -23.54 9.10
C2' LLP B 200 -15.44 -23.42 10.34
C3 LLP B 200 -13.92 -24.80 8.84
O3 LLP B 200 -14.19 -25.86 9.71
C4 LLP B 200 -13.10 -24.95 7.76
C4' LLP B 200 -12.44 -26.40 7.54
C5 LLP B 200 -12.83 -23.89 6.92
C6 LLP B 200 -13.44 -22.66 7.17
C5' LLP B 200 -11.89 -24.01 5.68
OP4 LLP B 200 -12.60 -24.56 4.58
P LLP B 200 -11.80 -25.38 3.55
OP1 LLP B 200 -12.85 -26.08 2.67
OP2 LLP B 200 -10.98 -24.45 2.74
OP3 LLP B 200 -10.92 -26.36 4.24
N LLP B 200 -16.90 -30.09 4.69
CA LLP B 200 -17.18 -30.71 5.99
CB LLP B 200 -17.06 -29.64 7.06
CG LLP B 200 -15.62 -29.59 7.59
CD LLP B 200 -14.64 -29.08 6.51
CE LLP B 200 -13.33 -28.52 7.09
NZ LLP B 200 -13.14 -27.14 6.58
C LLP B 200 -18.50 -31.42 5.91
O LLP B 200 -18.63 -32.34 5.13
N SER B 201 -19.50 -30.99 6.69
CA SER B 201 -20.76 -31.72 6.74
C SER B 201 -21.65 -31.58 5.48
N ILE B 202 -21.47 -30.52 4.70
CA ILE B 202 -22.35 -30.34 3.53
C ILE B 202 -22.13 -31.42 2.45
N ALA B 203 -20.90 -31.59 1.99
CA ALA B 203 -20.59 -32.69 1.07
C ALA B 203 -20.63 -34.02 1.86
N GLY B 204 -19.99 -34.02 3.03
CA GLY B 204 -20.22 -35.04 4.04
C GLY B 204 -19.58 -36.42 3.87
N HIS B 205 -18.76 -36.61 2.85
CA HIS B 205 -18.11 -37.90 2.63
C HIS B 205 -16.59 -37.83 2.49
N ALA B 206 -16.01 -36.67 2.83
CA ALA B 206 -14.54 -36.53 2.91
C ALA B 206 -13.84 -36.82 1.59
N ASP B 207 -14.53 -36.50 0.49
CA ASP B 207 -14.03 -36.82 -0.85
C ASP B 207 -14.08 -35.67 -1.85
N VAL B 208 -14.18 -34.43 -1.36
CA VAL B 208 -14.22 -33.28 -2.24
C VAL B 208 -13.99 -32.03 -1.42
N LEU B 209 -13.41 -31.00 -2.04
CA LEU B 209 -13.26 -29.69 -1.41
C LEU B 209 -14.30 -28.72 -1.96
N GLY B 210 -14.73 -27.77 -1.13
CA GLY B 210 -15.65 -26.74 -1.59
C GLY B 210 -15.97 -25.68 -0.57
N GLY B 211 -16.43 -24.53 -1.06
CA GLY B 211 -16.93 -23.48 -0.19
C GLY B 211 -18.25 -22.94 -0.70
N ALA B 212 -18.93 -22.17 0.14
CA ALA B 212 -20.18 -21.54 -0.25
C ALA B 212 -20.41 -20.25 0.54
N LEU B 213 -21.04 -19.29 -0.12
CA LEU B 213 -21.58 -18.10 0.53
C LEU B 213 -23.06 -18.04 0.21
N VAL B 214 -23.90 -17.84 1.22
CA VAL B 214 -25.35 -17.77 1.03
C VAL B 214 -25.82 -16.44 1.63
N TYR B 215 -26.63 -15.68 0.88
CA TYR B 215 -26.96 -14.30 1.22
C TYR B 215 -28.17 -13.79 0.40
N ARG B 216 -28.62 -12.57 0.69
CA ARG B 216 -29.74 -12.02 -0.06
C ARG B 216 -29.32 -10.86 -0.93
N ASP B 217 -28.21 -10.26 -0.54
CA ASP B 217 -27.82 -8.95 -1.03
C ASP B 217 -27.46 -8.96 -2.51
N ALA B 218 -28.20 -8.21 -3.33
CA ALA B 218 -28.01 -8.26 -4.79
C ALA B 218 -26.74 -7.55 -5.23
N ASP B 219 -26.35 -6.50 -4.52
CA ASP B 219 -25.14 -5.79 -4.89
C ASP B 219 -23.91 -6.52 -4.36
N LEU B 220 -24.05 -7.16 -3.21
CA LEU B 220 -23.04 -8.08 -2.72
C LEU B 220 -22.90 -9.22 -3.73
N HIS B 221 -24.03 -9.68 -4.26
CA HIS B 221 -24.03 -10.75 -5.24
C HIS B 221 -23.15 -10.40 -6.43
N ALA B 222 -23.35 -9.21 -7.00
CA ALA B 222 -22.53 -8.76 -8.12
C ALA B 222 -21.06 -8.70 -7.73
N ALA B 223 -20.76 -8.17 -6.55
CA ALA B 223 -19.37 -8.10 -6.10
C ALA B 223 -18.73 -9.49 -5.93
N VAL B 224 -19.45 -10.41 -5.29
CA VAL B 224 -18.93 -11.77 -5.11
C VAL B 224 -18.67 -12.47 -6.45
N ARG B 225 -19.61 -12.38 -7.39
CA ARG B 225 -19.44 -13.07 -8.68
C ARG B 225 -18.33 -12.44 -9.53
N ALA B 226 -18.19 -11.13 -9.43
CA ALA B 226 -17.11 -10.46 -10.16
C ALA B 226 -15.75 -10.89 -9.63
N TYR B 227 -15.64 -11.06 -8.32
CA TYR B 227 -14.39 -11.51 -7.75
C TYR B 227 -14.04 -12.97 -8.11
N ARG B 228 -15.00 -13.86 -7.99
CA ARG B 228 -14.77 -15.28 -8.30
C ARG B 228 -14.31 -15.42 -9.74
N THR B 229 -14.95 -14.65 -10.63
CA THR B 229 -14.60 -14.64 -12.04
C THR B 229 -13.15 -14.26 -12.28
N THR B 230 -12.72 -13.20 -11.61
CA THR B 230 -11.40 -12.64 -11.84
C THR B 230 -10.32 -13.39 -11.06
N ALA B 231 -10.60 -13.73 -9.81
CA ALA B 231 -9.66 -14.50 -9.00
C ALA B 231 -9.63 -15.97 -9.45
N GLY B 232 -10.73 -16.44 -10.03
CA GLY B 232 -10.79 -17.78 -10.61
C GLY B 232 -10.84 -18.92 -9.60
N ASN B 233 -11.32 -18.62 -8.38
CA ASN B 233 -11.40 -19.63 -7.33
C ASN B 233 -12.69 -20.46 -7.43
N VAL B 234 -12.94 -20.95 -8.63
CA VAL B 234 -14.15 -21.70 -8.98
C VAL B 234 -13.95 -23.20 -8.82
N PRO B 235 -15.00 -23.92 -8.39
CA PRO B 235 -14.99 -25.39 -8.33
C PRO B 235 -15.31 -26.00 -9.70
N GLY B 236 -14.81 -27.18 -9.98
CA GLY B 236 -15.17 -27.87 -11.21
C GLY B 236 -16.56 -28.51 -11.11
N ALA B 237 -17.04 -29.02 -12.25
CA ALA B 237 -18.35 -29.63 -12.32
C ALA B 237 -18.45 -30.93 -11.52
N LEU B 238 -17.48 -31.82 -11.67
CA LEU B 238 -17.55 -33.10 -11.00
C LEU B 238 -17.54 -32.88 -9.48
N ASP B 239 -16.75 -31.92 -9.04
CA ASP B 239 -16.72 -31.61 -7.61
C ASP B 239 -18.07 -31.06 -7.14
N CYS B 240 -18.71 -30.19 -7.92
CA CYS B 240 -20.04 -29.73 -7.56
C CYS B 240 -21.06 -30.90 -7.54
N PHE B 241 -20.90 -31.84 -8.48
CA PHE B 241 -21.69 -33.06 -8.46
C PHE B 241 -21.54 -33.81 -7.14
N LEU B 242 -20.31 -33.94 -6.65
CA LEU B 242 -20.07 -34.67 -5.40
C LEU B 242 -20.63 -33.94 -4.19
N VAL B 243 -20.41 -32.62 -4.11
CA VAL B 243 -20.98 -31.81 -3.04
C VAL B 243 -22.50 -31.93 -3.02
N ARG B 244 -23.13 -31.83 -4.18
CA ARG B 244 -24.59 -31.87 -4.31
C ARG B 244 -25.15 -33.24 -3.97
N ARG B 245 -24.42 -34.27 -4.39
CA ARG B 245 -24.81 -35.64 -4.14
C ARG B 245 -24.80 -35.95 -2.63
N GLY B 246 -23.81 -35.43 -1.91
CA GLY B 246 -23.76 -35.56 -0.46
C GLY B 246 -24.90 -34.85 0.27
N LEU B 247 -25.35 -33.74 -0.30
CA LEU B 247 -26.38 -32.91 0.32
C LEU B 247 -27.73 -33.60 0.45
N HIS B 248 -28.06 -34.51 -0.47
CA HIS B 248 -29.32 -35.26 -0.37
C HIS B 248 -29.51 -35.78 1.05
N THR B 249 -28.45 -36.35 1.62
CA THR B 249 -28.54 -37.00 2.92
C THR B 249 -28.11 -36.10 4.10
N LEU B 250 -27.93 -34.82 3.85
CA LEU B 250 -27.44 -33.89 4.87
C LEU B 250 -28.22 -33.94 6.20
N SER B 251 -29.54 -33.79 6.13
CA SER B 251 -30.33 -33.83 7.33
C SER B 251 -30.24 -35.20 8.00
N LEU B 252 -30.30 -36.26 7.21
CA LEU B 252 -30.24 -37.60 7.79
C LEU B 252 -28.91 -37.84 8.52
N ARG B 253 -27.81 -37.43 7.88
CA ARG B 253 -26.48 -37.58 8.48
C ARG B 253 -26.34 -36.75 9.77
N VAL B 254 -26.73 -35.47 9.71
CA VAL B 254 -26.62 -34.61 10.89
C VAL B 254 -27.48 -35.13 12.05
N HIS B 255 -28.71 -35.54 11.75
CA HIS B 255 -29.58 -36.05 12.80
C HIS B 255 -29.06 -37.34 13.45
N ARG B 256 -28.26 -38.11 12.72
CA ARG B 256 -27.62 -39.27 13.32
C ARG B 256 -26.37 -38.86 14.11
N GLN B 257 -25.65 -37.87 13.60
CA GLN B 257 -24.42 -37.43 14.26
C GLN B 257 -24.70 -36.84 15.65
N VAL B 258 -25.69 -35.98 15.75
CA VAL B 258 -26.01 -35.33 17.03
C VAL B 258 -26.53 -36.33 18.07
N ALA B 259 -27.28 -37.34 17.62
CA ALA B 259 -27.79 -38.35 18.53
C ALA B 259 -26.64 -39.16 19.12
N THR B 260 -25.66 -39.51 18.31
CA THR B 260 -24.51 -40.23 18.83
C THR B 260 -23.64 -39.31 19.68
N ALA B 261 -23.57 -38.03 19.28
CA ALA B 261 -22.86 -37.03 20.09
C ALA B 261 -23.32 -37.01 21.54
N ARG B 262 -24.62 -36.93 21.76
CA ARG B 262 -25.14 -36.86 23.14
C ARG B 262 -24.91 -38.17 23.93
N VAL B 263 -24.92 -39.32 23.25
CA VAL B 263 -24.56 -40.59 23.92
C VAL B 263 -23.08 -40.57 24.34
N LEU B 264 -22.23 -40.01 23.49
CA LEU B 264 -20.81 -39.91 23.79
C LEU B 264 -20.52 -38.89 24.91
N VAL B 265 -21.33 -37.84 24.98
CA VAL B 265 -21.19 -36.85 26.05
C VAL B 265 -21.53 -37.43 27.42
N GLU B 266 -22.62 -38.17 27.50
CA GLU B 266 -23.00 -38.80 28.77
C GLU B 266 -21.91 -39.79 29.20
N ARG B 267 -21.42 -40.58 28.24
CA ARG B 267 -20.37 -41.55 28.51
C ARG B 267 -19.06 -40.90 28.99
N LEU B 268 -18.65 -39.82 28.34
CA LEU B 268 -17.50 -39.03 28.80
C LEU B 268 -17.71 -38.53 30.23
N ARG B 269 -18.95 -38.17 30.55
CA ARG B 269 -19.29 -37.66 31.88
C ARG B 269 -19.10 -38.66 33.03
N ALA B 270 -18.97 -39.94 32.71
CA ALA B 270 -18.85 -40.96 33.75
C ALA B 270 -17.45 -41.58 33.83
N SER B 271 -16.49 -41.02 33.11
CA SER B 271 -15.12 -41.54 33.17
C SER B 271 -14.24 -40.79 34.18
N PRO B 272 -13.57 -41.54 35.05
CA PRO B 272 -12.63 -40.93 36.00
C PRO B 272 -11.35 -40.37 35.36
N VAL B 273 -11.14 -40.55 34.07
CA VAL B 273 -9.96 -39.97 33.43
C VAL B 273 -10.37 -38.86 32.47
N VAL B 274 -11.58 -38.34 32.67
CA VAL B 274 -12.08 -37.19 31.92
C VAL B 274 -12.45 -36.08 32.89
N GLY B 275 -12.01 -34.86 32.60
CA GLY B 275 -12.38 -33.69 33.38
C GLY B 275 -13.53 -32.94 32.74
N ALA B 276 -13.34 -31.66 32.47
CA ALA B 276 -14.35 -30.84 31.81
C ALA B 276 -14.71 -31.41 30.44
N VAL B 277 -16.01 -31.51 30.18
CA VAL B 277 -16.54 -31.94 28.90
C VAL B 277 -17.26 -30.76 28.23
N HIS B 278 -16.96 -30.52 26.96
CA HIS B 278 -17.57 -29.42 26.23
C HIS B 278 -18.54 -29.93 25.15
N TYR B 279 -19.79 -29.47 25.22
CA TYR B 279 -20.81 -29.75 24.19
C TYR B 279 -21.95 -28.77 24.40
N PRO B 280 -22.32 -28.03 23.34
CA PRO B 280 -23.30 -26.93 23.42
C PRO B 280 -24.63 -27.33 24.05
N GLY B 281 -25.02 -28.60 23.91
CA GLY B 281 -26.29 -29.07 24.43
C GLY B 281 -26.33 -29.37 25.92
N LEU B 282 -25.17 -29.28 26.58
CA LEU B 282 -25.13 -29.53 28.02
C LEU B 282 -25.98 -28.50 28.75
N PRO B 283 -26.93 -28.96 29.57
CA PRO B 283 -27.83 -28.06 30.31
C PRO B 283 -27.04 -27.01 31.06
N GLU B 284 -25.80 -27.33 31.39
CA GLU B 284 -24.93 -26.43 32.13
C GLU B 284 -24.02 -25.57 31.25
N HIS B 285 -24.22 -25.58 29.93
CA HIS B 285 -23.36 -24.80 29.04
C HIS B 285 -23.39 -23.30 29.38
N PRO B 286 -22.21 -22.65 29.36
CA PRO B 286 -22.00 -21.22 29.68
C PRO B 286 -23.07 -20.30 29.09
N GLN B 287 -23.52 -20.56 27.87
CA GLN B 287 -24.67 -19.81 27.39
C GLN B 287 -25.71 -20.69 26.69
N HIS B 288 -26.42 -21.45 27.52
CA HIS B 288 -27.43 -22.40 27.07
C HIS B 288 -28.64 -21.71 26.50
N ALA B 289 -29.01 -20.56 27.08
CA ALA B 289 -30.18 -19.83 26.61
C ALA B 289 -30.02 -19.44 25.14
N VAL B 290 -28.82 -18.99 24.77
CA VAL B 290 -28.52 -18.65 23.39
C VAL B 290 -28.53 -19.89 22.48
N VAL B 291 -27.89 -20.96 22.94
CA VAL B 291 -27.92 -22.21 22.20
C VAL B 291 -29.35 -22.66 21.89
N LYS B 292 -30.17 -22.72 22.93
CA LYS B 292 -31.56 -23.14 22.81
C LYS B 292 -32.31 -22.21 21.86
N ALA B 293 -31.92 -20.94 21.84
CA ALA B 293 -32.59 -19.96 21.00
C ALA B 293 -32.13 -19.96 19.55
N GLN B 294 -31.00 -20.59 19.23
CA GLN B 294 -30.52 -20.46 17.85
C GLN B 294 -30.04 -21.72 17.18
N MSE B 295 -29.92 -22.80 17.94
CA MSE B 295 -29.43 -24.03 17.37
C MSE B 295 -30.47 -25.12 17.47
O MSE B 295 -30.79 -25.58 18.56
CB MSE B 295 -28.18 -24.45 18.09
CG MSE B 295 -27.24 -25.10 17.19
SE MSE B 295 -25.63 -25.29 18.20
CE MSE B 295 -25.27 -23.73 18.95
N SER B 296 -30.99 -25.54 16.32
CA SER B 296 -32.15 -26.40 16.31
C SER B 296 -31.87 -27.66 17.12
N ALA B 297 -30.62 -28.12 17.08
CA ALA B 297 -30.14 -29.18 17.95
C ALA B 297 -28.63 -28.91 18.10
N PRO B 298 -27.98 -29.51 19.12
CA PRO B 298 -26.68 -28.98 19.56
C PRO B 298 -25.40 -29.41 18.82
N GLY B 299 -25.48 -30.10 17.69
CA GLY B 299 -24.28 -30.32 16.90
C GLY B 299 -23.58 -31.65 17.12
N ALA B 300 -22.55 -31.90 16.32
CA ALA B 300 -21.90 -33.21 16.27
C ALA B 300 -20.44 -33.18 16.73
N ILE B 301 -20.00 -32.07 17.31
CA ILE B 301 -18.62 -31.95 17.79
C ILE B 301 -18.60 -31.96 19.31
N VAL B 302 -17.72 -32.79 19.87
CA VAL B 302 -17.61 -32.92 21.31
C VAL B 302 -16.14 -32.87 21.66
N SER B 303 -15.79 -32.04 22.64
CA SER B 303 -14.40 -31.94 23.10
C SER B 303 -14.34 -32.10 24.62
N PHE B 304 -13.18 -32.53 25.13
CA PHE B 304 -13.04 -32.83 26.54
C PHE B 304 -11.60 -32.79 27.04
N ASP B 305 -11.44 -32.62 28.34
CA ASP B 305 -10.12 -32.57 28.95
C ASP B 305 -9.70 -33.95 29.45
N TYR B 306 -8.71 -34.53 28.77
CA TYR B 306 -8.23 -35.86 29.09
C TYR B 306 -7.27 -35.87 30.30
N LEU B 307 -7.51 -36.76 31.26
CA LEU B 307 -6.72 -36.80 32.50
C LEU B 307 -5.83 -38.04 32.63
N GLY B 308 -5.93 -38.97 31.70
CA GLY B 308 -5.26 -40.25 31.86
C GLY B 308 -3.86 -40.31 31.26
N GLY B 309 -3.23 -39.16 31.10
CA GLY B 309 -1.88 -39.11 30.57
C GLY B 309 -1.73 -38.35 29.26
N PRO B 310 -0.59 -38.52 28.60
CA PRO B 310 -0.24 -37.84 27.35
C PRO B 310 -1.29 -38.07 26.27
N ALA B 311 -1.83 -36.98 25.72
CA ALA B 311 -2.85 -37.06 24.67
C ALA B 311 -2.42 -37.90 23.48
N GLU B 312 -1.17 -37.76 23.05
CA GLU B 312 -0.71 -38.46 21.86
C GLU B 312 -0.73 -39.97 22.06
N ARG B 313 -0.54 -40.43 23.29
CA ARG B 313 -0.69 -41.85 23.59
C ARG B 313 -2.14 -42.29 23.44
N LEU B 314 -3.05 -41.48 23.97
CA LEU B 314 -4.47 -41.75 23.86
C LEU B 314 -4.84 -41.88 22.38
N LEU B 315 -4.34 -40.94 21.57
CA LEU B 315 -4.64 -40.94 20.15
C LEU B 315 -4.27 -42.26 19.46
N ASP B 316 -3.28 -42.96 19.99
CA ASP B 316 -2.83 -44.22 19.39
C ASP B 316 -3.74 -45.42 19.70
N ARG B 317 -4.73 -45.21 20.57
CA ARG B 317 -5.54 -46.32 21.06
C ARG B 317 -6.94 -46.49 20.43
N PHE B 318 -7.29 -45.63 19.47
CA PHE B 318 -8.58 -45.79 18.80
C PHE B 318 -8.52 -46.80 17.66
N THR B 319 -9.53 -47.65 17.57
CA THR B 319 -9.57 -48.64 16.50
C THR B 319 -10.66 -48.33 15.49
N LEU B 320 -11.54 -47.40 15.86
CA LEU B 320 -12.64 -47.02 15.00
C LEU B 320 -12.60 -45.53 14.64
N PHE B 321 -12.55 -44.65 15.65
CA PHE B 321 -12.27 -43.23 15.41
C PHE B 321 -10.95 -43.12 14.66
N THR B 322 -10.93 -42.32 13.59
CA THR B 322 -9.68 -42.04 12.88
C THR B 322 -9.02 -40.78 13.42
N CYS B 323 -7.69 -40.81 13.60
CA CYS B 323 -6.97 -39.58 13.96
C CYS B 323 -6.62 -38.78 12.70
N GLY B 324 -7.35 -37.69 12.50
CA GLY B 324 -7.20 -36.90 11.29
C GLY B 324 -7.91 -35.59 11.51
N VAL B 325 -7.77 -34.65 10.57
CA VAL B 325 -8.47 -33.38 10.70
C VAL B 325 -9.69 -33.39 9.79
N SER B 326 -10.47 -32.31 9.88
CA SER B 326 -11.81 -32.14 9.26
C SER B 326 -12.93 -32.63 10.19
N LEU B 327 -14.17 -32.40 9.78
CA LEU B 327 -15.31 -32.78 10.62
C LEU B 327 -16.55 -32.90 9.75
N GLY B 328 -17.66 -33.36 10.34
CA GLY B 328 -18.92 -33.51 9.64
C GLY B 328 -18.94 -34.65 8.64
N GLY B 329 -17.84 -35.40 8.56
CA GLY B 329 -17.75 -36.53 7.65
C GLY B 329 -18.39 -37.81 8.20
N VAL B 330 -18.73 -38.73 7.30
CA VAL B 330 -19.32 -40.01 7.71
C VAL B 330 -18.43 -40.83 8.65
N HIS B 331 -17.11 -40.74 8.46
CA HIS B 331 -16.15 -41.41 9.33
C HIS B 331 -15.83 -40.53 10.54
N SER B 332 -16.02 -41.07 11.74
CA SER B 332 -15.71 -40.34 12.97
C SER B 332 -14.20 -40.06 13.10
N LEU B 333 -13.87 -38.85 13.53
CA LEU B 333 -12.50 -38.40 13.64
C LEU B 333 -12.20 -37.96 15.07
N VAL B 334 -10.95 -38.12 15.49
CA VAL B 334 -10.52 -37.64 16.80
C VAL B 334 -9.25 -36.82 16.65
N GLU B 335 -9.14 -35.72 17.39
CA GLU B 335 -7.97 -34.88 17.27
C GLU B 335 -7.57 -34.23 18.61
N CYS B 336 -6.27 -33.94 18.76
CA CYS B 336 -5.78 -33.12 19.86
C CYS B 336 -5.30 -31.80 19.25
N PRO B 337 -6.18 -30.78 19.29
CA PRO B 337 -5.94 -29.46 18.70
C PRO B 337 -4.58 -28.88 19.10
N ALA B 338 -4.14 -29.11 20.34
CA ALA B 338 -2.80 -28.69 20.73
C ALA B 338 -1.73 -29.36 19.86
N LEU B 339 -2.03 -30.54 19.34
CA LEU B 339 -1.06 -31.28 18.52
C LEU B 339 -1.37 -31.20 17.02
N MSE B 340 -2.60 -30.87 16.66
CA MSE B 340 -2.94 -30.76 15.24
C MSE B 340 -3.09 -29.26 14.84
O MSE B 340 -2.11 -28.60 14.49
CB MSE B 340 -4.16 -31.66 14.85
CG MSE B 340 -4.07 -33.20 15.21
SE MSE B 340 -5.48 -34.58 14.57
CE MSE B 340 -5.03 -34.68 12.72
N THR B 341 -4.31 -28.73 14.95
CA THR B 341 -4.61 -27.34 14.51
C THR B 341 -3.96 -26.20 15.30
N HIS B 342 -4.14 -26.23 16.62
CA HIS B 342 -3.66 -25.14 17.48
C HIS B 342 -2.18 -25.21 17.80
N ARG B 343 -1.54 -26.24 17.28
CA ARG B 343 -0.08 -26.39 17.39
C ARG B 343 0.66 -25.21 16.73
N PRO B 344 0.23 -24.77 15.52
CA PRO B 344 0.80 -23.54 14.94
C PRO B 344 0.49 -22.30 15.77
N LEU B 345 1.15 -22.22 16.90
CA LEU B 345 1.03 -21.13 17.83
C LEU B 345 2.17 -21.52 18.73
N SER B 346 2.31 -20.80 19.84
CA SER B 346 3.18 -21.24 20.93
C SER B 346 2.35 -22.16 21.82
N ALA B 347 2.85 -22.42 23.02
CA ALA B 347 2.12 -23.19 24.02
C ALA B 347 1.29 -22.24 24.91
N GLU B 348 1.92 -21.16 25.38
CA GLU B 348 1.24 -20.16 26.19
C GLU B 348 0.04 -19.58 25.43
N ALA B 349 0.15 -19.48 24.11
CA ALA B 349 -0.93 -18.94 23.30
C ALA B 349 -2.15 -19.87 23.30
N ARG B 350 -1.89 -21.18 23.41
CA ARG B 350 -2.99 -22.12 23.58
C ARG B 350 -3.69 -21.85 24.94
N ALA B 351 -2.90 -21.66 25.99
CA ALA B 351 -3.47 -21.53 27.34
C ALA B 351 -4.28 -20.24 27.53
N ARG B 352 -3.88 -19.19 26.82
CA ARG B 352 -4.64 -17.94 26.80
C ARG B 352 -5.98 -18.09 26.07
N ARG B 353 -6.08 -19.07 25.18
CA ARG B 353 -7.35 -19.34 24.49
C ARG B 353 -8.14 -20.46 25.17
N GLY B 354 -7.59 -20.99 26.27
CA GLY B 354 -8.27 -22.04 27.03
C GLY B 354 -8.15 -23.44 26.44
N ILE B 355 -7.29 -23.61 25.44
CA ILE B 355 -7.01 -24.95 24.91
C ILE B 355 -5.89 -25.60 25.72
N GLY B 356 -6.26 -26.51 26.62
CA GLY B 356 -5.28 -27.22 27.42
C GLY B 356 -4.48 -28.18 26.56
N GLU B 357 -3.30 -28.58 27.01
CA GLU B 357 -2.51 -29.50 26.22
C GLU B 357 -3.13 -30.90 26.16
N SER B 358 -4.08 -31.17 27.04
CA SER B 358 -4.78 -32.45 26.97
C SER B 358 -6.23 -32.38 26.50
N LEU B 359 -6.60 -31.32 25.78
CA LEU B 359 -7.93 -31.27 25.20
C LEU B 359 -8.01 -32.18 23.97
N ILE B 360 -9.08 -32.98 23.92
CA ILE B 360 -9.32 -33.88 22.82
C ILE B 360 -10.58 -33.43 22.10
N ARG B 361 -10.57 -33.43 20.77
CA ARG B 361 -11.78 -33.09 20.00
C ARG B 361 -12.30 -34.26 19.15
N LEU B 362 -13.61 -34.50 19.25
CA LEU B 362 -14.29 -35.54 18.50
C LEU B 362 -15.24 -34.91 17.50
N SER B 363 -15.21 -35.42 16.27
CA SER B 363 -16.23 -35.10 15.28
C SER B 363 -16.97 -36.41 15.01
N VAL B 364 -18.26 -36.44 15.32
CA VAL B 364 -18.98 -37.72 15.34
C VAL B 364 -19.59 -38.07 14.00
N GLY B 365 -19.11 -39.14 13.37
CA GLY B 365 -19.67 -39.60 12.11
C GLY B 365 -20.95 -40.40 12.28
N ILE B 366 -21.24 -41.27 11.32
CA ILE B 366 -22.50 -42.01 11.32
C ILE B 366 -22.34 -43.52 11.61
N GLU B 367 -21.31 -43.89 12.37
CA GLU B 367 -21.15 -45.28 12.80
C GLU B 367 -22.19 -45.63 13.87
N ASP B 368 -22.32 -46.92 14.19
CA ASP B 368 -23.22 -47.33 15.27
C ASP B 368 -22.74 -46.65 16.55
N PRO B 369 -23.65 -46.03 17.30
CA PRO B 369 -23.26 -45.27 18.51
C PRO B 369 -22.64 -46.17 19.57
N GLN B 370 -23.08 -47.42 19.67
CA GLN B 370 -22.43 -48.26 20.66
C GLN B 370 -21.04 -48.73 20.24
N ASP B 371 -20.78 -48.80 18.93
CA ASP B 371 -19.42 -49.08 18.44
C ASP B 371 -18.49 -47.88 18.75
N LEU B 372 -19.00 -46.67 18.56
CA LEU B 372 -18.20 -45.48 18.88
C LEU B 372 -17.98 -45.32 20.40
N ALA B 373 -18.98 -45.67 21.21
CA ALA B 373 -18.85 -45.57 22.66
C ALA B 373 -17.76 -46.49 23.25
N GLU B 374 -17.83 -47.79 22.96
CA GLU B 374 -16.85 -48.76 23.46
C GLU B 374 -15.44 -48.43 22.97
N ASP B 375 -15.32 -47.93 21.74
CA ASP B 375 -14.02 -47.54 21.20
C ASP B 375 -13.46 -46.39 22.04
N LEU B 376 -14.29 -45.40 22.33
CA LEU B 376 -13.89 -44.28 23.17
C LEU B 376 -13.53 -44.76 24.58
N SER B 377 -14.43 -45.53 25.18
CA SER B 377 -14.20 -46.05 26.54
C SER B 377 -12.92 -46.87 26.65
N ARG B 378 -12.66 -47.71 25.66
CA ARG B 378 -11.48 -48.54 25.72
C ARG B 378 -10.23 -47.70 25.41
N ALA B 379 -10.41 -46.68 24.58
CA ALA B 379 -9.31 -45.75 24.33
C ALA B 379 -8.94 -45.09 25.65
N LEU B 380 -9.94 -44.62 26.38
CA LEU B 380 -9.70 -43.93 27.64
C LEU B 380 -9.11 -44.84 28.73
N ALA B 381 -9.44 -46.13 28.70
CA ALA B 381 -9.06 -47.01 29.80
C ALA B 381 -7.68 -47.66 29.70
N GLY B 382 -7.12 -47.75 28.50
CA GLY B 382 -5.81 -48.37 28.32
C GLY B 382 -5.84 -49.88 28.12
N GLY B 383 -4.66 -50.48 27.96
CA GLY B 383 -4.53 -51.87 27.53
C GLY B 383 -4.96 -52.90 28.57
N GLY C 6 -15.39 -53.62 17.79
CA GLY C 6 -16.27 -52.51 17.46
C GLY C 6 -16.72 -52.45 16.01
N MSE C 7 -17.68 -53.30 15.62
CA MSE C 7 -18.15 -53.39 14.20
C MSE C 7 -19.63 -53.80 13.97
O MSE C 7 -19.90 -54.81 13.30
CB MSE C 7 -17.26 -54.36 13.41
CG MSE C 7 -15.75 -54.04 13.31
SE MSE C 7 -15.14 -52.40 12.40
CE MSE C 7 -16.13 -52.57 10.68
N ARG C 8 -20.60 -53.01 14.47
CA ARG C 8 -22.00 -53.28 14.14
C ARG C 8 -22.32 -53.01 12.66
N PHE C 9 -23.48 -53.49 12.20
CA PHE C 9 -23.95 -53.31 10.82
C PHE C 9 -23.85 -51.85 10.39
N GLY C 10 -24.34 -50.93 11.23
CA GLY C 10 -24.23 -49.51 10.95
C GLY C 10 -22.79 -49.07 10.70
N THR C 11 -21.88 -49.55 11.53
CA THR C 11 -20.46 -49.26 11.42
C THR C 11 -19.80 -49.86 10.16
N ARG C 12 -20.29 -51.01 9.71
CA ARG C 12 -19.72 -51.67 8.53
C ARG C 12 -20.06 -50.95 7.21
N LEU C 13 -21.14 -50.17 7.19
CA LEU C 13 -21.46 -49.37 6.00
C LEU C 13 -20.36 -48.34 5.74
N VAL C 14 -19.78 -47.82 6.83
CA VAL C 14 -18.79 -46.78 6.73
C VAL C 14 -17.38 -47.34 6.57
N HIS C 15 -17.07 -48.39 7.33
CA HIS C 15 -15.72 -48.92 7.38
C HIS C 15 -15.51 -50.26 6.66
N GLY C 16 -16.60 -50.84 6.15
CA GLY C 16 -16.53 -52.07 5.41
C GLY C 16 -15.60 -51.92 4.22
N GLY C 17 -14.64 -52.82 4.10
CA GLY C 17 -13.66 -52.76 3.04
C GLY C 17 -13.01 -51.40 2.91
N ARG C 18 -12.82 -50.69 4.02
CA ARG C 18 -12.19 -49.37 3.94
C ARG C 18 -10.71 -49.50 4.23
N ARG C 19 -10.01 -50.10 3.26
CA ARG C 19 -8.61 -50.43 3.43
C ARG C 19 -7.80 -49.14 3.49
N PRO C 20 -7.00 -49.02 4.55
CA PRO C 20 -6.02 -47.94 4.71
C PRO C 20 -5.23 -47.76 3.43
N SER C 21 -4.90 -46.51 3.13
CA SER C 21 -3.89 -46.26 2.13
C SER C 21 -2.59 -46.15 2.89
N ALA C 22 -1.70 -47.12 2.69
CA ALA C 22 -0.42 -47.08 3.35
C ALA C 22 0.33 -45.84 2.87
N GLY C 23 1.26 -45.35 3.69
CA GLY C 23 2.11 -44.25 3.24
C GLY C 23 1.44 -42.90 3.12
N THR C 24 0.24 -42.84 2.52
CA THR C 24 -0.48 -41.57 2.37
C THR C 24 -1.75 -41.47 3.20
N GLY C 25 -2.08 -42.52 3.94
CA GLY C 25 -3.10 -42.45 4.96
C GLY C 25 -4.50 -42.00 4.57
N ASP C 26 -4.80 -42.02 3.27
CA ASP C 26 -6.13 -41.65 2.77
C ASP C 26 -7.21 -42.34 3.58
N VAL C 27 -8.11 -41.57 4.18
CA VAL C 27 -9.27 -42.18 4.85
C VAL C 27 -10.25 -42.76 3.82
N VAL C 28 -10.56 -41.99 2.78
CA VAL C 28 -11.35 -42.54 1.66
C VAL C 28 -10.37 -43.21 0.68
N PRO C 29 -10.62 -44.48 0.34
CA PRO C 29 -9.66 -45.13 -0.56
C PRO C 29 -9.59 -44.46 -1.93
N PRO C 30 -8.40 -44.33 -2.49
CA PRO C 30 -8.24 -43.70 -3.81
C PRO C 30 -8.90 -44.57 -4.87
N ILE C 31 -9.36 -43.96 -5.96
CA ILE C 31 -10.07 -44.69 -7.00
C ILE C 31 -9.10 -45.32 -8.02
N HIS C 32 -9.07 -46.66 -8.05
CA HIS C 32 -8.16 -47.41 -8.90
C HIS C 32 -8.73 -47.58 -10.31
N VAL C 33 -8.39 -46.68 -11.22
CA VAL C 33 -8.93 -46.73 -12.57
C VAL C 33 -8.04 -47.54 -13.53
N SER C 34 -6.79 -47.79 -13.13
CA SER C 34 -5.86 -48.48 -14.00
C SER C 34 -6.38 -49.87 -14.38
N THR C 35 -6.44 -50.13 -15.68
CA THR C 35 -6.85 -51.42 -16.22
C THR C 35 -5.65 -52.33 -16.21
N THR C 36 -4.50 -51.71 -16.00
CA THR C 36 -3.22 -52.31 -16.31
C THR C 36 -2.35 -52.35 -15.05
N TYR C 37 -1.60 -53.44 -14.87
CA TYR C 37 -0.75 -53.54 -13.70
C TYR C 37 0.69 -53.97 -14.07
N GLU C 38 1.69 -53.36 -13.42
CA GLU C 38 3.09 -53.62 -13.75
C GLU C 38 3.59 -54.88 -13.04
N ARG C 39 4.23 -55.78 -13.79
CA ARG C 39 4.68 -57.09 -13.26
C ARG C 39 5.68 -57.00 -12.11
N ARG C 40 6.77 -56.26 -12.31
CA ARG C 40 7.92 -56.31 -11.43
C ARG C 40 7.75 -55.49 -10.14
N ALA C 41 6.77 -54.58 -10.16
CA ALA C 41 6.51 -53.65 -9.06
C ALA C 41 5.65 -54.29 -7.97
N GLN C 42 5.86 -55.58 -7.75
CA GLN C 42 5.18 -56.35 -6.70
C GLN C 42 5.93 -57.65 -6.42
N ASP C 43 5.57 -58.33 -5.33
CA ASP C 43 6.32 -59.53 -4.89
C ASP C 43 5.65 -60.83 -5.32
N GLU C 44 4.50 -61.14 -4.73
CA GLU C 44 3.66 -62.26 -5.15
C GLU C 44 2.32 -61.74 -5.76
N PRO C 45 1.75 -62.49 -6.73
CA PRO C 45 0.79 -61.96 -7.71
C PRO C 45 -0.69 -61.64 -7.31
N ARG C 46 -0.96 -60.42 -6.84
CA ARG C 46 -2.34 -59.95 -6.62
C ARG C 46 -3.01 -59.44 -7.91
N TYR C 47 -2.43 -58.42 -8.54
CA TYR C 47 -3.10 -57.67 -9.60
C TYR C 47 -2.51 -57.83 -11.00
N PHE C 48 -3.38 -58.00 -11.98
CA PHE C 48 -2.93 -58.01 -13.37
C PHE C 48 -3.77 -57.07 -14.21
N TYR C 49 -4.92 -57.56 -14.64
CA TYR C 49 -5.71 -56.84 -15.62
C TYR C 49 -7.03 -56.55 -14.97
N GLY C 50 -7.57 -55.36 -15.25
CA GLY C 50 -8.78 -54.87 -14.63
C GLY C 50 -9.97 -55.79 -14.65
N ARG C 51 -10.10 -56.61 -15.69
CA ARG C 51 -11.25 -57.52 -15.80
C ARG C 51 -11.17 -58.62 -14.75
N GLY C 52 -9.96 -58.95 -14.33
CA GLY C 52 -9.76 -59.97 -13.31
C GLY C 52 -9.66 -59.41 -11.91
N GLU C 53 -8.96 -58.28 -11.78
CA GLU C 53 -8.58 -57.75 -10.47
C GLU C 53 -8.67 -56.22 -10.46
N ASN C 54 -9.24 -55.66 -9.38
CA ASN C 54 -9.29 -54.21 -9.14
C ASN C 54 -9.62 -53.91 -7.68
N PRO C 55 -8.74 -53.17 -6.99
CA PRO C 55 -8.87 -52.94 -5.54
C PRO C 55 -10.18 -52.24 -5.13
N THR C 56 -10.62 -51.29 -5.94
CA THR C 56 -11.82 -50.50 -5.67
C THR C 56 -13.05 -51.41 -5.72
N ARG C 57 -13.12 -52.25 -6.74
CA ARG C 57 -14.10 -53.31 -6.78
C ARG C 57 -13.99 -54.22 -5.55
N GLU C 58 -12.77 -54.69 -5.28
CA GLU C 58 -12.51 -55.56 -4.12
C GLU C 58 -12.97 -54.91 -2.80
N GLU C 59 -12.84 -53.59 -2.72
CA GLU C 59 -13.30 -52.84 -1.53
C GLU C 59 -14.81 -52.87 -1.36
N LEU C 60 -15.53 -52.52 -2.42
CA LEU C 60 -16.98 -52.56 -2.41
C LEU C 60 -17.47 -53.99 -2.04
N GLU C 61 -16.79 -54.99 -2.58
CA GLU C 61 -17.15 -56.39 -2.35
C GLU C 61 -16.94 -56.79 -0.88
N GLU C 62 -15.81 -56.37 -0.32
CA GLU C 62 -15.50 -56.60 1.08
C GLU C 62 -16.61 -56.00 1.94
N CYS C 63 -17.01 -54.78 1.60
CA CYS C 63 -18.05 -54.09 2.34
C CYS C 63 -19.40 -54.83 2.28
N LEU C 64 -19.86 -55.14 1.07
CA LEU C 64 -21.13 -55.85 0.86
C LEU C 64 -21.20 -57.19 1.60
N ALA C 65 -20.16 -58.02 1.49
CA ALA C 65 -20.09 -59.28 2.21
C ALA C 65 -20.23 -59.08 3.71
N GLY C 66 -19.57 -58.03 4.22
CA GLY C 66 -19.61 -57.70 5.63
C GLY C 66 -21.00 -57.37 6.14
N LEU C 67 -21.86 -56.85 5.27
CA LEU C 67 -23.21 -56.52 5.67
C LEU C 67 -24.07 -57.77 5.91
N GLU C 68 -23.57 -58.93 5.47
CA GLU C 68 -24.29 -60.19 5.68
C GLU C 68 -23.39 -61.23 6.37
N ARG C 69 -22.28 -60.75 6.92
CA ARG C 69 -21.32 -61.61 7.63
C ARG C 69 -20.87 -62.76 6.76
N ALA C 70 -20.73 -62.49 5.46
CA ALA C 70 -20.42 -63.52 4.48
C ALA C 70 -18.94 -63.51 4.14
N PRO C 71 -18.37 -64.66 3.79
CA PRO C 71 -16.97 -64.66 3.38
C PRO C 71 -16.78 -64.13 1.96
N PHE C 72 -17.87 -63.94 1.22
CA PHE C 72 -17.79 -63.74 -0.22
C PHE C 72 -18.80 -62.73 -0.77
N ALA C 73 -18.34 -61.90 -1.71
CA ALA C 73 -19.23 -61.09 -2.55
C ALA C 73 -18.61 -60.78 -3.90
N THR C 74 -19.45 -60.65 -4.92
CA THR C 74 -18.95 -60.35 -6.26
C THR C 74 -19.89 -59.34 -6.92
N VAL C 75 -19.32 -58.24 -7.40
CA VAL C 75 -20.14 -57.19 -8.02
C VAL C 75 -20.09 -57.20 -9.54
N PHE C 76 -21.11 -56.58 -10.13
CA PHE C 76 -21.38 -56.66 -11.56
C PHE C 76 -21.82 -55.30 -12.10
N SER C 77 -21.75 -55.19 -13.42
CA SER C 77 -22.24 -54.02 -14.15
C SER C 77 -23.69 -53.63 -13.79
N SER C 78 -24.55 -54.61 -13.51
CA SER C 78 -25.96 -54.35 -13.21
C SER C 78 -26.52 -55.49 -12.40
N GLY C 79 -27.74 -55.32 -11.88
CA GLY C 79 -28.46 -56.41 -11.25
C GLY C 79 -28.73 -57.53 -12.25
N GLN C 80 -29.18 -57.19 -13.45
CA GLN C 80 -29.40 -58.19 -14.49
C GLN C 80 -28.17 -59.09 -14.67
N ALA C 81 -26.98 -58.50 -14.56
CA ALA C 81 -25.74 -59.24 -14.76
C ALA C 81 -25.45 -60.20 -13.60
N ALA C 82 -25.72 -59.75 -12.38
CA ALA C 82 -25.58 -60.60 -11.21
C ALA C 82 -26.51 -61.82 -11.36
N ALA C 83 -27.75 -61.54 -11.75
CA ALA C 83 -28.72 -62.61 -11.96
C ALA C 83 -28.28 -63.55 -13.08
N ALA C 84 -27.83 -62.98 -14.20
CA ALA C 84 -27.40 -63.76 -15.34
C ALA C 84 -26.26 -64.72 -14.97
N THR C 85 -25.35 -64.24 -14.12
CA THR C 85 -24.22 -65.04 -13.71
C THR C 85 -24.69 -66.26 -12.92
N LEU C 86 -25.68 -66.05 -12.06
CA LEU C 86 -26.24 -67.09 -11.22
C LEU C 86 -26.92 -68.14 -12.08
N LEU C 87 -27.70 -67.70 -13.07
CA LEU C 87 -28.39 -68.62 -13.97
C LEU C 87 -27.42 -69.46 -14.78
N SER C 88 -26.31 -68.85 -15.18
CA SER C 88 -25.36 -69.50 -16.09
C SER C 88 -24.86 -70.86 -15.58
N LEU C 89 -25.02 -71.11 -14.28
CA LEU C 89 -24.55 -72.35 -13.68
C LEU C 89 -25.60 -73.46 -13.79
N VAL C 90 -26.80 -73.07 -14.21
CA VAL C 90 -27.89 -74.03 -14.35
C VAL C 90 -27.85 -74.65 -15.74
N ARG C 91 -27.25 -75.84 -15.80
CA ARG C 91 -27.01 -76.54 -17.05
C ARG C 91 -28.29 -77.06 -17.71
N PRO C 92 -28.27 -77.23 -19.04
CA PRO C 92 -29.39 -77.81 -19.77
C PRO C 92 -29.84 -79.08 -19.09
N GLY C 93 -31.15 -79.32 -19.03
CA GLY C 93 -31.65 -80.53 -18.40
C GLY C 93 -31.89 -80.38 -16.90
N GLN C 94 -31.35 -79.31 -16.31
CA GLN C 94 -31.61 -79.01 -14.92
C GLN C 94 -32.77 -78.01 -14.81
N CYS C 95 -33.29 -77.80 -13.60
CA CYS C 95 -34.50 -76.97 -13.43
C CYS C 95 -34.45 -75.87 -12.37
N VAL C 96 -35.16 -74.77 -12.66
CA VAL C 96 -35.33 -73.67 -11.70
C VAL C 96 -36.81 -73.56 -11.32
N VAL C 97 -37.08 -73.48 -10.02
CA VAL C 97 -38.42 -73.16 -9.53
C VAL C 97 -38.36 -71.73 -9.00
N SER C 98 -39.35 -70.90 -9.34
CA SER C 98 -39.29 -69.46 -9.01
C SER C 98 -40.55 -68.77 -8.47
N THR C 99 -40.34 -67.77 -7.63
CA THR C 99 -41.37 -66.79 -7.22
C THR C 99 -42.05 -66.19 -8.44
N ASP C 100 -43.28 -65.73 -8.30
CA ASP C 100 -44.05 -65.38 -9.49
C ASP C 100 -43.98 -63.91 -9.84
N ASP C 101 -44.22 -63.09 -8.87
CA ASP C 101 -44.53 -61.71 -9.18
C ASP C 101 -43.27 -60.91 -9.51
N VAL C 102 -42.19 -61.62 -9.85
CA VAL C 102 -40.84 -61.06 -10.02
C VAL C 102 -40.68 -60.09 -11.18
N TYR C 103 -39.44 -59.61 -11.33
CA TYR C 103 -39.02 -58.69 -12.36
C TYR C 103 -38.93 -59.33 -13.77
N ALA C 104 -39.46 -58.64 -14.78
CA ALA C 104 -39.43 -59.15 -16.16
C ALA C 104 -38.01 -59.37 -16.69
N GLY C 105 -37.04 -58.73 -16.06
CA GLY C 105 -35.65 -58.90 -16.40
C GLY C 105 -35.14 -60.25 -15.94
N THR C 106 -35.49 -60.63 -14.71
CA THR C 106 -35.20 -61.96 -14.23
C THR C 106 -35.88 -62.97 -15.16
N ASP C 107 -37.14 -62.72 -15.48
CA ASP C 107 -37.89 -63.60 -16.37
C ASP C 107 -37.30 -63.63 -17.78
N GLY C 108 -36.67 -62.53 -18.17
CA GLY C 108 -36.01 -62.44 -19.47
C GLY C 108 -34.85 -63.43 -19.49
N LEU C 109 -34.15 -63.50 -18.37
CA LEU C 109 -33.07 -64.47 -18.19
C LEU C 109 -33.57 -65.91 -18.16
N PHE C 110 -34.72 -66.13 -17.53
CA PHE C 110 -35.32 -67.46 -17.53
C PHE C 110 -35.64 -67.92 -18.95
N ASP C 111 -36.26 -67.04 -19.74
CA ASP C 111 -36.57 -67.33 -21.14
C ASP C 111 -35.28 -67.65 -21.89
N LEU C 112 -34.24 -66.87 -21.61
CA LEU C 112 -32.95 -67.04 -22.26
C LEU C 112 -32.39 -68.41 -21.94
N ALA C 113 -32.39 -68.75 -20.65
CA ALA C 113 -31.93 -70.05 -20.21
C ALA C 113 -32.80 -71.17 -20.80
N ALA C 114 -34.09 -70.90 -20.91
CA ALA C 114 -35.02 -71.88 -21.48
C ALA C 114 -34.60 -72.26 -22.89
N ARG C 115 -34.29 -71.26 -23.71
CA ARG C 115 -33.89 -71.53 -25.10
C ARG C 115 -32.59 -72.30 -25.17
N GLN C 116 -31.90 -72.40 -24.04
CA GLN C 116 -30.67 -73.15 -23.97
C GLN C 116 -30.87 -74.60 -23.47
N GLY C 117 -32.02 -74.88 -22.87
CA GLY C 117 -32.28 -76.22 -22.36
C GLY C 117 -32.62 -76.29 -20.88
N VAL C 118 -32.71 -75.13 -20.25
CA VAL C 118 -33.07 -75.03 -18.84
C VAL C 118 -34.58 -75.04 -18.61
N ARG C 119 -35.08 -76.10 -17.99
CA ARG C 119 -36.46 -76.11 -17.52
C ARG C 119 -36.65 -75.06 -16.42
N VAL C 120 -37.56 -74.11 -16.67
CA VAL C 120 -38.04 -73.22 -15.63
C VAL C 120 -39.41 -73.73 -15.26
N ARG C 121 -39.73 -73.79 -13.97
CA ARG C 121 -40.88 -74.58 -13.53
C ARG C 121 -41.85 -73.96 -12.54
N TYR C 122 -41.98 -72.63 -12.61
CA TYR C 122 -42.93 -71.82 -11.82
C TYR C 122 -43.82 -72.43 -10.72
N ALA C 123 -43.85 -71.77 -9.55
CA ALA C 123 -44.71 -72.20 -8.44
C ALA C 123 -45.20 -71.10 -7.51
N ASP C 124 -45.99 -71.51 -6.52
CA ASP C 124 -46.49 -70.64 -5.45
C ASP C 124 -45.79 -71.10 -4.19
N LEU C 125 -44.96 -70.21 -3.65
CA LEU C 125 -44.10 -70.49 -2.51
C LEU C 125 -44.67 -69.82 -1.26
N THR C 126 -45.99 -69.89 -1.12
CA THR C 126 -46.69 -69.23 -0.03
C THR C 126 -47.66 -70.19 0.66
N THR C 127 -47.80 -71.40 0.13
CA THR C 127 -48.66 -72.40 0.73
C THR C 127 -47.89 -73.69 1.08
N PRO C 128 -48.41 -74.45 2.04
CA PRO C 128 -47.85 -75.78 2.32
C PRO C 128 -47.82 -76.60 1.04
N GLU C 129 -49.01 -76.87 0.48
CA GLU C 129 -49.14 -77.57 -0.80
C GLU C 129 -48.34 -76.91 -1.92
N GLY C 130 -48.29 -75.58 -1.93
CA GLY C 130 -47.66 -74.85 -3.02
C GLY C 130 -46.19 -75.19 -3.14
N ILE C 131 -45.38 -74.63 -2.23
CA ILE C 131 -43.99 -75.01 -2.05
C ILE C 131 -43.80 -76.51 -2.28
N ALA C 132 -44.73 -77.29 -1.72
CA ALA C 132 -44.74 -78.73 -1.91
C ALA C 132 -44.87 -79.13 -3.37
N ALA C 133 -45.84 -78.52 -4.07
CA ALA C 133 -46.03 -78.82 -5.49
C ALA C 133 -44.88 -78.24 -6.29
N ALA C 134 -44.06 -77.44 -5.63
CA ALA C 134 -42.87 -76.84 -6.22
C ALA C 134 -41.63 -77.68 -5.95
N LEU C 135 -41.28 -77.80 -4.68
CA LEU C 135 -39.97 -78.31 -4.29
C LEU C 135 -39.89 -79.82 -4.41
N ALA C 136 -40.77 -80.37 -5.23
CA ALA C 136 -40.70 -81.75 -5.62
C ALA C 136 -40.51 -81.75 -7.14
N GLU C 137 -39.96 -80.67 -7.65
CA GLU C 137 -39.70 -80.51 -9.08
C GLU C 137 -38.54 -81.39 -9.55
N PRO C 138 -38.80 -82.32 -10.47
CA PRO C 138 -37.74 -83.11 -11.11
C PRO C 138 -36.61 -82.26 -11.62
N ASP C 139 -35.36 -82.64 -11.31
CA ASP C 139 -34.15 -81.94 -11.76
C ASP C 139 -33.85 -80.60 -11.11
N LEU C 140 -34.31 -80.40 -9.88
CA LEU C 140 -34.18 -79.08 -9.27
C LEU C 140 -32.73 -78.71 -8.97
N ALA C 141 -32.31 -77.56 -9.45
CA ALA C 141 -30.95 -77.07 -9.24
C ALA C 141 -30.96 -75.72 -8.55
N LEU C 142 -32.07 -75.00 -8.65
CA LEU C 142 -32.13 -73.62 -8.18
C LEU C 142 -33.54 -73.17 -7.77
N VAL C 143 -33.67 -72.68 -6.53
CA VAL C 143 -34.92 -72.09 -6.06
C VAL C 143 -34.72 -70.58 -5.97
N TRP C 144 -35.39 -69.85 -6.85
CA TRP C 144 -35.17 -68.42 -7.01
C TRP C 144 -36.27 -67.66 -6.30
N ILE C 145 -35.96 -67.09 -5.15
CA ILE C 145 -36.93 -66.38 -4.35
C ILE C 145 -36.79 -64.87 -4.48
N GLU C 146 -37.90 -64.21 -4.78
CA GLU C 146 -37.94 -62.78 -4.74
C GLU C 146 -38.99 -62.38 -3.72
N THR C 147 -38.57 -61.73 -2.64
CA THR C 147 -39.49 -61.39 -1.57
C THR C 147 -39.02 -60.12 -0.85
N PRO C 148 -39.93 -59.15 -0.67
CA PRO C 148 -41.27 -59.17 -1.25
C PRO C 148 -41.26 -59.04 -2.79
N THR C 149 -42.35 -59.48 -3.40
CA THR C 149 -42.51 -59.39 -4.83
C THR C 149 -43.11 -58.04 -5.20
N ASN C 150 -42.93 -57.62 -6.45
CA ASN C 150 -43.28 -56.28 -6.92
C ASN C 150 -44.15 -56.42 -8.15
N PRO C 151 -45.37 -55.83 -8.18
CA PRO C 151 -45.98 -54.81 -7.32
C PRO C 151 -46.89 -55.24 -6.16
N LEU C 152 -47.23 -56.52 -5.98
CA LEU C 152 -48.22 -56.87 -4.95
C LEU C 152 -47.65 -57.01 -3.53
N LEU C 153 -46.33 -57.07 -3.42
CA LEU C 153 -45.68 -57.14 -2.12
C LEU C 153 -46.15 -58.37 -1.33
N THR C 154 -46.17 -59.52 -2.01
CA THR C 154 -46.41 -60.78 -1.32
C THR C 154 -45.06 -61.21 -0.72
N VAL C 155 -45.11 -62.16 0.21
CA VAL C 155 -43.91 -62.52 0.96
C VAL C 155 -43.76 -64.03 1.14
N VAL C 156 -42.54 -64.52 0.89
CA VAL C 156 -42.21 -65.95 0.95
C VAL C 156 -41.27 -66.25 2.14
N ASP C 157 -41.55 -67.34 2.86
CA ASP C 157 -40.79 -67.73 4.04
C ASP C 157 -39.47 -68.35 3.60
N VAL C 158 -38.39 -67.58 3.69
CA VAL C 158 -37.09 -68.03 3.20
C VAL C 158 -36.59 -69.25 3.96
N ALA C 159 -36.56 -69.17 5.28
CA ALA C 159 -36.09 -70.28 6.12
C ALA C 159 -36.80 -71.58 5.78
N GLU C 160 -38.13 -71.50 5.66
CA GLU C 160 -38.93 -72.65 5.29
C GLU C 160 -38.60 -73.15 3.89
N VAL C 161 -38.62 -72.25 2.92
CA VAL C 161 -38.35 -72.65 1.54
C VAL C 161 -36.91 -73.14 1.39
N SER C 162 -35.98 -72.51 2.11
CA SER C 162 -34.57 -72.96 2.08
C SER C 162 -34.42 -74.38 2.65
N ARG C 163 -34.98 -74.57 3.85
CA ARG C 163 -34.96 -75.87 4.51
C ARG C 163 -35.49 -76.98 3.60
N ARG C 164 -36.66 -76.74 3.02
CA ARG C 164 -37.28 -77.66 2.06
C ARG C 164 -36.35 -77.92 0.87
N ALA C 165 -35.79 -76.86 0.27
CA ALA C 165 -34.97 -77.01 -0.92
C ALA C 165 -33.69 -77.79 -0.62
N HIS C 166 -33.11 -77.52 0.55
CA HIS C 166 -31.87 -78.17 0.92
C HIS C 166 -32.06 -79.67 1.20
N GLU C 167 -33.27 -80.07 1.59
CA GLU C 167 -33.59 -81.48 1.70
C GLU C 167 -33.66 -82.14 0.32
N ARG C 168 -33.83 -81.33 -0.71
CA ARG C 168 -33.89 -81.84 -2.08
C ARG C 168 -32.56 -81.65 -2.83
N GLY C 169 -31.75 -80.70 -2.39
CA GLY C 169 -30.45 -80.46 -3.02
C GLY C 169 -30.43 -79.28 -4.00
N ALA C 170 -31.32 -78.32 -3.79
CA ALA C 170 -31.35 -77.14 -4.67
C ALA C 170 -30.85 -75.89 -3.95
N ARG C 171 -29.85 -75.25 -4.54
CA ARG C 171 -29.34 -73.97 -4.06
C ARG C 171 -30.48 -72.96 -4.03
N VAL C 172 -30.47 -72.07 -3.04
CA VAL C 172 -31.51 -71.06 -2.93
C VAL C 172 -30.93 -69.65 -3.07
N VAL C 173 -31.51 -68.84 -3.94
CA VAL C 173 -31.16 -67.43 -4.01
C VAL C 173 -32.35 -66.56 -3.65
N VAL C 174 -32.09 -65.51 -2.88
CA VAL C 174 -33.07 -64.48 -2.64
C VAL C 174 -32.65 -63.20 -3.34
N ASP C 175 -33.49 -62.72 -4.25
CA ASP C 175 -33.38 -61.36 -4.76
C ASP C 175 -33.83 -60.45 -3.63
N ASN C 176 -32.86 -59.80 -2.99
CA ASN C 176 -33.10 -59.03 -1.79
C ASN C 176 -33.02 -57.53 -2.08
N THR C 177 -33.06 -57.18 -3.37
CA THR C 177 -32.94 -55.80 -3.84
C THR C 177 -33.99 -54.94 -3.16
N PHE C 178 -35.21 -55.45 -3.21
CA PHE C 178 -36.38 -54.80 -2.68
C PHE C 178 -36.20 -54.30 -1.25
N ALA C 179 -35.62 -55.15 -0.41
CA ALA C 179 -35.63 -54.93 1.02
C ALA C 179 -34.30 -54.38 1.54
N SER C 180 -33.22 -54.74 0.84
CA SER C 180 -31.84 -54.39 1.21
C SER C 180 -31.37 -55.14 2.46
N PRO C 181 -30.03 -55.27 2.64
CA PRO C 181 -29.50 -55.97 3.81
C PRO C 181 -29.84 -55.28 5.14
N VAL C 182 -30.24 -54.00 5.10
CA VAL C 182 -30.67 -53.33 6.32
C VAL C 182 -31.88 -54.05 6.94
N LEU C 183 -32.78 -54.54 6.09
CA LEU C 183 -34.06 -55.04 6.58
C LEU C 183 -34.24 -56.56 6.51
N GLN C 184 -33.50 -57.22 5.62
CA GLN C 184 -33.67 -58.66 5.45
C GLN C 184 -32.30 -59.32 5.21
N GLN C 185 -32.04 -60.42 5.91
CA GLN C 185 -30.76 -61.10 5.81
C GLN C 185 -30.94 -62.54 5.28
N PRO C 186 -31.04 -62.70 3.95
CA PRO C 186 -31.31 -64.02 3.37
C PRO C 186 -30.33 -65.12 3.79
N LEU C 187 -29.04 -64.81 3.83
CA LEU C 187 -28.04 -65.82 4.21
C LEU C 187 -28.25 -66.29 5.66
N ALA C 188 -28.58 -65.36 6.56
CA ALA C 188 -28.87 -65.75 7.93
C ALA C 188 -30.19 -66.49 7.97
N LEU C 189 -31.07 -66.18 7.02
CA LEU C 189 -32.36 -66.86 6.94
C LEU C 189 -32.26 -68.26 6.33
N GLY C 190 -31.06 -68.65 5.89
CA GLY C 190 -30.86 -69.99 5.38
C GLY C 190 -30.68 -70.13 3.87
N ALA C 191 -30.77 -69.03 3.15
CA ALA C 191 -30.52 -69.05 1.70
C ALA C 191 -29.01 -69.21 1.40
N ASP C 192 -28.71 -69.53 0.15
CA ASP C 192 -27.32 -69.71 -0.29
C ASP C 192 -26.71 -68.45 -0.93
N VAL C 193 -27.54 -67.63 -1.55
CA VAL C 193 -27.08 -66.42 -2.22
C VAL C 193 -28.07 -65.28 -2.01
N SER C 194 -27.53 -64.10 -1.73
CA SER C 194 -28.29 -62.86 -1.79
C SER C 194 -27.99 -62.19 -3.12
N LEU C 195 -29.04 -61.85 -3.86
CA LEU C 195 -28.90 -61.14 -5.13
C LEU C 195 -29.38 -59.70 -4.99
N TYR C 196 -28.61 -58.77 -5.53
CA TYR C 196 -28.99 -57.37 -5.49
C TYR C 196 -28.80 -56.64 -6.80
N SER C 197 -29.82 -55.89 -7.20
CA SER C 197 -29.56 -54.70 -7.98
C SER C 197 -29.09 -53.63 -6.99
N THR C 198 -27.83 -53.25 -7.07
CA THR C 198 -27.31 -52.20 -6.23
C THR C 198 -27.69 -50.84 -6.84
N THR C 199 -28.25 -50.87 -8.05
CA THR C 199 -28.78 -49.70 -8.75
C THR C 199 -29.85 -49.06 -7.88
N1 LLP C 200 -34.11 -57.27 -9.29
C2 LLP C 200 -34.93 -56.36 -8.77
C2' LLP C 200 -35.83 -56.73 -7.54
C3 LLP C 200 -35.00 -55.06 -9.34
O3 LLP C 200 -35.88 -54.14 -8.76
C4 LLP C 200 -34.21 -54.72 -10.42
C4' LLP C 200 -34.31 -53.22 -11.05
C5 LLP C 200 -33.38 -55.65 -10.95
C6 LLP C 200 -33.32 -56.94 -10.40
C5' LLP C 200 -32.47 -55.34 -12.19
OP4 LLP C 200 -31.23 -54.80 -11.77
P LLP C 200 -30.48 -53.85 -12.76
OP1 LLP C 200 -29.38 -53.17 -11.92
OP2 LLP C 200 -29.93 -54.68 -13.84
OP3 LLP C 200 -31.44 -52.87 -13.33
N LLP C 200 -30.53 -49.88 -7.09
CA LLP C 200 -31.68 -49.41 -6.34
CB LLP C 200 -32.74 -50.51 -6.26
CG LLP C 200 -32.87 -51.20 -7.62
CD LLP C 200 -33.99 -50.57 -8.49
CE LLP C 200 -33.92 -51.15 -9.93
NZ LLP C 200 -34.83 -52.29 -10.09
C LLP C 200 -31.21 -48.84 -5.03
O LLP C 200 -30.38 -47.94 -5.05
N SER C 201 -31.71 -49.32 -3.90
CA SER C 201 -31.42 -48.64 -2.64
C SER C 201 -29.94 -48.63 -2.23
N ILE C 202 -29.16 -49.61 -2.66
CA ILE C 202 -27.79 -49.71 -2.18
C ILE C 202 -26.95 -48.52 -2.66
N ALA C 203 -26.91 -48.27 -3.96
CA ALA C 203 -26.21 -47.08 -4.45
C ALA C 203 -27.01 -45.81 -4.12
N GLY C 204 -28.35 -45.95 -4.12
CA GLY C 204 -29.22 -45.02 -3.41
C GLY C 204 -29.49 -43.64 -3.98
N HIS C 205 -28.75 -43.22 -4.99
CA HIS C 205 -28.87 -41.86 -5.51
C HIS C 205 -29.19 -41.81 -7.01
N ALA C 206 -29.65 -42.94 -7.54
CA ALA C 206 -30.09 -43.03 -8.93
C ALA C 206 -29.11 -42.47 -9.98
N ASP C 207 -27.81 -42.67 -9.77
CA ASP C 207 -26.82 -42.13 -10.71
C ASP C 207 -25.79 -43.15 -11.25
N VAL C 208 -25.98 -44.42 -10.89
CA VAL C 208 -25.06 -45.47 -11.30
C VAL C 208 -25.79 -46.83 -11.38
N LEU C 209 -25.39 -47.67 -12.31
CA LEU C 209 -25.94 -49.02 -12.42
C LEU C 209 -24.98 -49.98 -11.73
N GLY C 210 -25.52 -51.03 -11.11
CA GLY C 210 -24.70 -52.05 -10.49
C GLY C 210 -25.49 -53.27 -10.02
N GLY C 211 -24.78 -54.37 -9.82
CA GLY C 211 -25.35 -55.58 -9.26
C GLY C 211 -24.37 -56.23 -8.29
N ALA C 212 -24.87 -57.16 -7.49
CA ALA C 212 -24.00 -57.93 -6.59
C ALA C 212 -24.59 -59.28 -6.21
N LEU C 213 -23.71 -60.22 -5.90
CA LEU C 213 -24.06 -61.49 -5.30
C LEU C 213 -23.26 -61.63 -4.03
N VAL C 214 -23.92 -62.04 -2.96
CA VAL C 214 -23.27 -62.27 -1.68
C VAL C 214 -23.60 -63.68 -1.22
N TYR C 215 -22.58 -64.45 -0.82
CA TYR C 215 -22.74 -65.89 -0.60
C TYR C 215 -21.66 -66.42 0.33
N ARG C 216 -21.72 -67.72 0.63
CA ARG C 216 -20.79 -68.30 1.57
C ARG C 216 -19.90 -69.43 1.02
N ASP C 217 -20.21 -69.94 -0.17
CA ASP C 217 -19.46 -71.10 -0.66
C ASP C 217 -18.32 -70.78 -1.63
N ALA C 218 -17.13 -71.30 -1.32
CA ALA C 218 -15.94 -71.03 -2.13
C ALA C 218 -15.96 -71.70 -3.50
N ASP C 219 -16.66 -72.82 -3.64
CA ASP C 219 -16.77 -73.45 -4.95
C ASP C 219 -17.76 -72.68 -5.83
N LEU C 220 -18.84 -72.21 -5.23
CA LEU C 220 -19.68 -71.24 -5.92
C LEU C 220 -18.86 -70.00 -6.26
N HIS C 221 -18.08 -69.53 -5.29
CA HIS C 221 -17.25 -68.33 -5.50
C HIS C 221 -16.34 -68.46 -6.75
N ALA C 222 -15.64 -69.58 -6.86
CA ALA C 222 -14.76 -69.83 -8.01
C ALA C 222 -15.54 -69.83 -9.32
N ALA C 223 -16.71 -70.45 -9.32
CA ALA C 223 -17.57 -70.49 -10.51
C ALA C 223 -18.06 -69.09 -10.89
N VAL C 224 -18.45 -68.30 -9.90
CA VAL C 224 -18.96 -66.96 -10.15
C VAL C 224 -17.88 -66.02 -10.73
N ARG C 225 -16.66 -66.12 -10.19
CA ARG C 225 -15.56 -65.26 -10.64
C ARG C 225 -15.07 -65.64 -12.03
N ALA C 226 -15.00 -66.95 -12.30
CA ALA C 226 -14.59 -67.38 -13.63
C ALA C 226 -15.58 -66.89 -14.68
N TYR C 227 -16.86 -66.96 -14.37
CA TYR C 227 -17.87 -66.48 -15.30
C TYR C 227 -17.78 -64.96 -15.54
N ARG C 228 -17.70 -64.18 -14.46
CA ARG C 228 -17.60 -62.74 -14.58
C ARG C 228 -16.45 -62.32 -15.49
N THR C 229 -15.28 -62.93 -15.29
CA THR C 229 -14.12 -62.57 -16.09
C THR C 229 -14.22 -63.05 -17.55
N THR C 230 -14.99 -64.11 -17.80
CA THR C 230 -15.17 -64.63 -19.16
C THR C 230 -16.30 -63.89 -19.91
N ALA C 231 -17.41 -63.67 -19.23
CA ALA C 231 -18.53 -62.91 -19.79
C ALA C 231 -18.21 -61.41 -19.82
N GLY C 232 -17.38 -60.96 -18.90
CA GLY C 232 -16.92 -59.59 -18.91
C GLY C 232 -17.98 -58.59 -18.43
N ASN C 233 -18.91 -59.07 -17.61
CA ASN C 233 -19.96 -58.22 -17.07
C ASN C 233 -19.50 -57.51 -15.79
N VAL C 234 -18.29 -56.97 -15.86
CA VAL C 234 -17.68 -56.26 -14.75
C VAL C 234 -18.05 -54.78 -14.80
N PRO C 235 -18.28 -54.18 -13.63
CA PRO C 235 -18.62 -52.75 -13.54
C PRO C 235 -17.39 -51.88 -13.67
N GLY C 236 -17.58 -50.59 -13.91
CA GLY C 236 -16.48 -49.64 -13.90
C GLY C 236 -15.96 -49.34 -12.49
N ALA C 237 -14.70 -48.92 -12.40
CA ALA C 237 -14.11 -48.58 -11.11
C ALA C 237 -14.73 -47.29 -10.54
N LEU C 238 -14.99 -46.31 -11.40
CA LEU C 238 -15.61 -45.07 -10.95
C LEU C 238 -17.02 -45.36 -10.46
N ASP C 239 -17.69 -46.27 -11.15
CA ASP C 239 -19.04 -46.64 -10.76
C ASP C 239 -19.04 -47.45 -9.46
N CYS C 240 -17.99 -48.22 -9.21
CA CYS C 240 -17.91 -48.90 -7.92
C CYS C 240 -17.72 -47.89 -6.81
N PHE C 241 -16.92 -46.85 -7.09
CA PHE C 241 -16.74 -45.76 -6.15
C PHE C 241 -18.08 -45.12 -5.79
N LEU C 242 -18.93 -44.89 -6.78
CA LEU C 242 -20.22 -44.25 -6.53
C LEU C 242 -21.18 -45.16 -5.76
N VAL C 243 -21.17 -46.47 -6.04
CA VAL C 243 -22.03 -47.39 -5.30
C VAL C 243 -21.57 -47.41 -3.85
N ARG C 244 -20.26 -47.52 -3.67
CA ARG C 244 -19.65 -47.55 -2.34
C ARG C 244 -19.96 -46.28 -1.54
N ARG C 245 -19.99 -45.15 -2.24
CA ARG C 245 -20.28 -43.88 -1.62
C ARG C 245 -21.71 -43.84 -1.07
N GLY C 246 -22.65 -44.40 -1.82
CA GLY C 246 -24.05 -44.41 -1.39
C GLY C 246 -24.26 -45.26 -0.15
N LEU C 247 -23.65 -46.44 -0.17
CA LEU C 247 -23.70 -47.43 0.93
C LEU C 247 -23.51 -46.83 2.33
N HIS C 248 -22.64 -45.83 2.46
CA HIS C 248 -22.44 -45.16 3.76
C HIS C 248 -23.76 -44.78 4.42
N THR C 249 -24.69 -44.25 3.63
CA THR C 249 -25.93 -43.71 4.16
C THR C 249 -27.10 -44.69 4.05
N LEU C 250 -26.83 -45.92 3.61
CA LEU C 250 -27.88 -46.92 3.40
C LEU C 250 -28.85 -47.11 4.60
N SER C 251 -28.32 -47.34 5.79
CA SER C 251 -29.17 -47.55 6.96
C SER C 251 -29.95 -46.27 7.33
N LEU C 252 -29.33 -45.10 7.17
CA LEU C 252 -30.04 -43.84 7.43
C LEU C 252 -31.15 -43.62 6.41
N ARG C 253 -30.84 -43.84 5.14
CA ARG C 253 -31.85 -43.68 4.10
C ARG C 253 -33.04 -44.62 4.30
N VAL C 254 -32.77 -45.93 4.39
CA VAL C 254 -33.82 -46.92 4.59
C VAL C 254 -34.72 -46.62 5.79
N HIS C 255 -34.11 -46.26 6.92
CA HIS C 255 -34.81 -45.77 8.12
C HIS C 255 -35.85 -44.70 7.79
N ARG C 256 -35.40 -43.69 7.06
CA ARG C 256 -36.24 -42.57 6.72
C ARG C 256 -37.33 -42.99 5.73
N GLN C 257 -36.92 -43.74 4.70
CA GLN C 257 -37.86 -44.27 3.71
C GLN C 257 -38.99 -45.11 4.36
N VAL C 258 -38.62 -46.03 5.25
CA VAL C 258 -39.63 -46.84 5.93
C VAL C 258 -40.62 -45.97 6.72
N ALA C 259 -40.08 -45.01 7.47
CA ALA C 259 -40.89 -44.12 8.30
C ALA C 259 -41.93 -43.37 7.49
N THR C 260 -41.54 -42.86 6.33
CA THR C 260 -42.49 -42.15 5.49
C THR C 260 -43.50 -43.11 4.84
N ALA C 261 -43.05 -44.29 4.44
CA ALA C 261 -43.97 -45.29 3.87
C ALA C 261 -45.15 -45.56 4.78
N ARG C 262 -44.89 -45.72 6.08
CA ARG C 262 -45.95 -45.95 7.05
C ARG C 262 -46.90 -44.76 7.08
N VAL C 263 -46.35 -43.54 7.14
CA VAL C 263 -47.15 -42.33 7.02
C VAL C 263 -48.07 -42.36 5.78
N LEU C 264 -47.49 -42.60 4.60
CA LEU C 264 -48.25 -42.62 3.36
C LEU C 264 -49.31 -43.72 3.34
N VAL C 265 -48.96 -44.88 3.88
CA VAL C 265 -49.94 -45.95 4.03
C VAL C 265 -51.16 -45.48 4.84
N GLU C 266 -50.95 -44.59 5.81
CA GLU C 266 -52.09 -44.09 6.58
C GLU C 266 -53.01 -43.16 5.81
N ARG C 267 -52.46 -42.25 5.02
CA ARG C 267 -53.30 -41.37 4.18
C ARG C 267 -54.06 -42.22 3.18
N LEU C 268 -53.39 -43.22 2.64
CA LEU C 268 -54.02 -44.11 1.68
C LEU C 268 -55.25 -44.80 2.27
N ARG C 269 -55.08 -45.37 3.47
CA ARG C 269 -56.17 -46.09 4.12
C ARG C 269 -57.35 -45.19 4.47
N ALA C 270 -57.07 -43.91 4.71
CA ALA C 270 -58.10 -42.96 5.07
C ALA C 270 -58.82 -42.38 3.86
N SER C 271 -58.32 -42.68 2.66
CA SER C 271 -58.89 -42.10 1.44
C SER C 271 -60.05 -42.89 0.84
N PRO C 272 -61.18 -42.22 0.58
CA PRO C 272 -62.32 -42.95 0.03
C PRO C 272 -62.11 -43.36 -1.44
N VAL C 273 -61.09 -42.86 -2.11
CA VAL C 273 -60.84 -43.27 -3.49
C VAL C 273 -59.67 -44.25 -3.62
N VAL C 274 -59.38 -44.94 -2.52
CA VAL C 274 -58.38 -46.00 -2.53
C VAL C 274 -59.04 -47.34 -2.16
N GLY C 275 -58.85 -48.33 -3.03
CA GLY C 275 -59.32 -49.68 -2.78
C GLY C 275 -58.28 -50.45 -1.96
N ALA C 276 -57.81 -51.57 -2.49
CA ALA C 276 -56.79 -52.36 -1.81
C ALA C 276 -55.53 -51.54 -1.56
N VAL C 277 -54.89 -51.78 -0.43
CA VAL C 277 -53.57 -51.22 -0.15
C VAL C 277 -52.63 -52.37 0.22
N HIS C 278 -51.49 -52.45 -0.47
CA HIS C 278 -50.54 -53.49 -0.17
C HIS C 278 -49.33 -52.90 0.56
N TYR C 279 -49.01 -53.48 1.73
CA TYR C 279 -47.84 -53.08 2.50
C TYR C 279 -47.54 -54.16 3.53
N PRO C 280 -46.30 -54.67 3.52
CA PRO C 280 -45.93 -55.83 4.36
C PRO C 280 -46.10 -55.56 5.86
N GLY C 281 -46.18 -54.30 6.25
CA GLY C 281 -46.34 -53.93 7.65
C GLY C 281 -47.77 -53.85 8.18
N LEU C 282 -48.76 -54.15 7.35
CA LEU C 282 -50.16 -54.08 7.79
C LEU C 282 -50.61 -55.37 8.48
N PRO C 283 -51.50 -55.26 9.47
CA PRO C 283 -52.11 -56.44 10.07
C PRO C 283 -52.75 -57.37 9.03
N GLU C 284 -53.20 -56.82 7.90
CA GLU C 284 -53.94 -57.61 6.93
C GLU C 284 -53.08 -58.17 5.79
N HIS C 285 -51.77 -58.00 5.87
CA HIS C 285 -50.93 -58.62 4.85
C HIS C 285 -51.11 -60.12 5.00
N PRO C 286 -51.33 -60.82 3.89
CA PRO C 286 -51.60 -62.26 3.94
C PRO C 286 -50.48 -63.01 4.67
N GLN C 287 -49.25 -62.50 4.57
CA GLN C 287 -48.12 -63.14 5.25
C GLN C 287 -47.53 -62.32 6.40
N HIS C 288 -48.40 -61.73 7.22
CA HIS C 288 -47.95 -60.91 8.36
C HIS C 288 -46.97 -61.58 9.32
N ALA C 289 -47.20 -62.84 9.67
CA ALA C 289 -46.28 -63.57 10.55
C ALA C 289 -44.91 -63.79 9.91
N VAL C 290 -44.88 -64.13 8.62
CA VAL C 290 -43.62 -64.30 7.94
C VAL C 290 -42.85 -62.98 7.86
N VAL C 291 -43.56 -61.92 7.47
CA VAL C 291 -42.99 -60.58 7.49
C VAL C 291 -42.38 -60.27 8.86
N LYS C 292 -43.13 -60.57 9.92
CA LYS C 292 -42.69 -60.28 11.28
C LYS C 292 -41.39 -61.03 11.65
N ALA C 293 -41.26 -62.25 11.16
CA ALA C 293 -40.07 -63.04 11.44
C ALA C 293 -38.82 -62.47 10.75
N GLN C 294 -38.89 -62.26 9.43
CA GLN C 294 -37.69 -62.11 8.60
C GLN C 294 -37.35 -60.69 8.08
N MSE C 295 -38.18 -59.70 8.42
CA MSE C 295 -37.87 -58.32 8.07
C MSE C 295 -37.95 -57.41 9.30
O MSE C 295 -39.00 -57.28 9.93
CB MSE C 295 -38.82 -57.76 7.00
CG MSE C 295 -39.01 -58.58 5.71
SE MSE C 295 -40.24 -57.64 4.48
CE MSE C 295 -39.03 -56.25 3.80
N SER C 296 -36.84 -56.74 9.63
CA SER C 296 -36.80 -55.82 10.77
C SER C 296 -37.61 -54.54 10.51
N ALA C 297 -38.07 -54.37 9.28
CA ALA C 297 -38.95 -53.26 8.90
C ALA C 297 -39.53 -53.51 7.49
N PRO C 298 -40.80 -53.14 7.27
CA PRO C 298 -41.60 -53.63 6.15
C PRO C 298 -41.29 -53.05 4.77
N GLY C 299 -40.33 -52.13 4.69
CA GLY C 299 -39.85 -51.67 3.40
C GLY C 299 -40.39 -50.30 3.00
N ALA C 300 -39.99 -49.84 1.82
CA ALA C 300 -40.31 -48.49 1.40
C ALA C 300 -41.13 -48.50 0.13
N ILE C 301 -41.69 -49.66 -0.18
CA ILE C 301 -42.55 -49.80 -1.34
C ILE C 301 -44.01 -49.89 -0.87
N VAL C 302 -44.90 -49.17 -1.55
CA VAL C 302 -46.31 -49.21 -1.24
C VAL C 302 -47.09 -49.37 -2.55
N SER C 303 -48.06 -50.28 -2.59
CA SER C 303 -48.96 -50.30 -3.72
C SER C 303 -50.41 -50.17 -3.27
N PHE C 304 -51.26 -49.72 -4.19
CA PHE C 304 -52.67 -49.52 -3.89
C PHE C 304 -53.50 -49.41 -5.16
N ASP C 305 -54.77 -49.80 -5.06
CA ASP C 305 -55.73 -49.61 -6.13
C ASP C 305 -56.34 -48.22 -6.07
N TYR C 306 -56.18 -47.45 -7.15
CA TYR C 306 -56.81 -46.14 -7.26
C TYR C 306 -58.23 -46.23 -7.82
N LEU C 307 -59.20 -45.71 -7.08
CA LEU C 307 -60.61 -45.81 -7.47
C LEU C 307 -61.15 -44.52 -8.08
N GLY C 308 -60.38 -43.44 -8.01
CA GLY C 308 -60.90 -42.13 -8.40
C GLY C 308 -60.98 -41.83 -9.88
N GLY C 309 -60.37 -42.67 -10.70
CA GLY C 309 -60.35 -42.42 -12.13
C GLY C 309 -59.20 -43.14 -12.82
N PRO C 310 -58.88 -42.71 -14.06
CA PRO C 310 -57.81 -43.36 -14.84
C PRO C 310 -56.47 -43.16 -14.17
N ALA C 311 -55.60 -44.16 -14.25
CA ALA C 311 -54.28 -44.08 -13.64
C ALA C 311 -53.45 -42.95 -14.24
N GLU C 312 -53.61 -42.75 -15.54
CA GLU C 312 -52.92 -41.69 -16.26
C GLU C 312 -53.17 -40.34 -15.57
N ARG C 313 -54.43 -40.05 -15.27
CA ARG C 313 -54.77 -38.76 -14.66
C ARG C 313 -54.20 -38.62 -13.26
N LEU C 314 -54.23 -39.70 -12.48
CA LEU C 314 -53.54 -39.68 -11.20
C LEU C 314 -52.05 -39.37 -11.32
N LEU C 315 -51.38 -40.01 -12.28
CA LEU C 315 -49.93 -39.79 -12.45
C LEU C 315 -49.61 -38.40 -13.01
N ASP C 316 -50.60 -37.75 -13.61
CA ASP C 316 -50.35 -36.44 -14.19
C ASP C 316 -50.51 -35.36 -13.15
N ARG C 317 -51.00 -35.75 -11.97
CA ARG C 317 -51.33 -34.80 -10.92
C ARG C 317 -50.28 -34.68 -9.82
N PHE C 318 -49.28 -35.56 -9.83
CA PHE C 318 -48.21 -35.48 -8.82
C PHE C 318 -47.26 -34.33 -9.16
N THR C 319 -46.85 -33.57 -8.13
CA THR C 319 -45.93 -32.45 -8.31
C THR C 319 -44.61 -32.65 -7.53
N LEU C 320 -44.54 -33.67 -6.66
CA LEU C 320 -43.31 -33.97 -5.92
C LEU C 320 -42.75 -35.36 -6.28
N PHE C 321 -43.56 -36.40 -6.12
CA PHE C 321 -43.23 -37.73 -6.65
C PHE C 321 -42.84 -37.59 -8.13
N THR C 322 -41.88 -38.39 -8.57
CA THR C 322 -41.44 -38.38 -9.97
C THR C 322 -42.05 -39.60 -10.69
N CYS C 323 -42.61 -39.36 -11.88
CA CYS C 323 -43.22 -40.45 -12.62
C CYS C 323 -42.18 -41.17 -13.46
N GLY C 324 -41.95 -42.44 -13.12
CA GLY C 324 -40.99 -43.27 -13.83
C GLY C 324 -40.66 -44.57 -13.10
N VAL C 325 -39.94 -45.43 -13.81
CA VAL C 325 -39.57 -46.76 -13.37
C VAL C 325 -38.30 -46.67 -12.51
N SER C 326 -37.87 -47.81 -11.95
CA SER C 326 -36.88 -47.89 -10.87
C SER C 326 -37.47 -47.55 -9.50
N LEU C 327 -36.66 -47.78 -8.48
CA LEU C 327 -37.07 -47.56 -7.11
C LEU C 327 -35.84 -47.49 -6.22
N GLY C 328 -36.09 -47.30 -4.93
CA GLY C 328 -35.06 -47.37 -3.92
C GLY C 328 -34.37 -46.04 -3.76
N GLY C 329 -34.65 -45.15 -4.70
CA GLY C 329 -33.95 -43.88 -4.77
C GLY C 329 -34.34 -42.83 -3.73
N VAL C 330 -33.35 -41.98 -3.46
CA VAL C 330 -33.50 -40.78 -2.66
C VAL C 330 -34.68 -39.89 -3.12
N HIS C 331 -34.90 -39.85 -4.43
CA HIS C 331 -36.08 -39.20 -5.01
C HIS C 331 -37.24 -40.18 -4.88
N SER C 332 -38.40 -39.70 -4.45
CA SER C 332 -39.62 -40.52 -4.41
C SER C 332 -40.15 -40.76 -5.82
N LEU C 333 -40.62 -41.98 -6.07
CA LEU C 333 -41.07 -42.35 -7.40
C LEU C 333 -42.46 -42.96 -7.36
N VAL C 334 -43.24 -42.65 -8.37
CA VAL C 334 -44.53 -43.30 -8.57
C VAL C 334 -44.54 -43.90 -9.98
N GLU C 335 -45.14 -45.07 -10.13
CA GLU C 335 -45.47 -45.54 -11.48
C GLU C 335 -46.71 -46.42 -11.49
N CYS C 336 -47.18 -46.73 -12.70
CA CYS C 336 -48.33 -47.61 -12.84
C CYS C 336 -47.90 -48.90 -13.50
N PRO C 337 -47.83 -49.98 -12.72
CA PRO C 337 -47.52 -51.34 -13.15
C PRO C 337 -48.20 -51.78 -14.46
N ALA C 338 -49.32 -51.17 -14.85
CA ALA C 338 -50.01 -51.60 -16.06
C ALA C 338 -49.78 -50.70 -17.26
N LEU C 339 -49.46 -49.42 -17.04
CA LEU C 339 -49.25 -48.47 -18.14
C LEU C 339 -47.77 -48.40 -18.51
N MSE C 340 -46.93 -49.00 -17.68
CA MSE C 340 -45.51 -48.84 -17.85
C MSE C 340 -44.75 -50.18 -17.99
O MSE C 340 -44.36 -50.57 -19.11
CB MSE C 340 -44.96 -47.86 -16.79
CG MSE C 340 -45.56 -46.42 -16.96
SE MSE C 340 -46.09 -45.33 -15.39
CE MSE C 340 -46.94 -43.87 -16.34
N THR C 341 -44.62 -50.94 -16.90
CA THR C 341 -43.86 -52.19 -16.92
C THR C 341 -44.56 -53.40 -17.56
N HIS C 342 -45.80 -53.67 -17.15
CA HIS C 342 -46.44 -54.97 -17.40
C HIS C 342 -47.59 -54.89 -18.39
N ARG C 343 -47.57 -53.80 -19.14
CA ARG C 343 -48.35 -53.66 -20.36
C ARG C 343 -47.86 -54.58 -21.49
N PRO C 344 -46.57 -54.98 -21.48
CA PRO C 344 -46.15 -56.09 -22.33
C PRO C 344 -46.99 -57.36 -22.19
N LEU C 345 -47.15 -57.85 -20.96
CA LEU C 345 -47.94 -59.06 -20.72
C LEU C 345 -49.39 -58.85 -21.12
N SER C 346 -50.10 -59.95 -21.37
CA SER C 346 -51.50 -59.88 -21.78
C SER C 346 -52.34 -59.35 -20.63
N ALA C 347 -53.44 -58.68 -20.98
CA ALA C 347 -54.27 -58.00 -20.00
C ALA C 347 -54.88 -58.99 -19.03
N GLU C 348 -55.15 -60.19 -19.56
CA GLU C 348 -55.71 -61.30 -18.81
C GLU C 348 -54.67 -61.91 -17.89
N ALA C 349 -53.40 -61.90 -18.31
CA ALA C 349 -52.32 -62.36 -17.44
C ALA C 349 -52.22 -61.45 -16.21
N ARG C 350 -52.28 -60.14 -16.45
CA ARG C 350 -52.32 -59.14 -15.38
C ARG C 350 -53.44 -59.45 -14.38
N ALA C 351 -54.66 -59.55 -14.90
CA ALA C 351 -55.83 -59.89 -14.09
C ALA C 351 -55.60 -61.16 -13.29
N ARG C 352 -54.93 -62.13 -13.93
CA ARG C 352 -54.57 -63.39 -13.28
C ARG C 352 -53.51 -63.22 -12.20
N ARG C 353 -52.61 -62.26 -12.40
CA ARG C 353 -51.48 -62.01 -11.49
C ARG C 353 -51.83 -60.91 -10.49
N GLY C 354 -53.02 -60.32 -10.64
CA GLY C 354 -53.51 -59.34 -9.70
C GLY C 354 -53.12 -57.89 -9.98
N ILE C 355 -52.48 -57.67 -11.13
CA ILE C 355 -52.11 -56.33 -11.56
C ILE C 355 -53.24 -55.70 -12.36
N GLY C 356 -54.10 -54.94 -11.68
CA GLY C 356 -55.23 -54.32 -12.35
C GLY C 356 -54.82 -52.98 -12.95
N GLU C 357 -55.65 -52.46 -13.84
CA GLU C 357 -55.40 -51.17 -14.49
C GLU C 357 -55.40 -50.07 -13.45
N SER C 358 -55.97 -50.36 -12.29
CA SER C 358 -56.06 -49.40 -11.22
C SER C 358 -54.83 -49.35 -10.31
N LEU C 359 -53.89 -50.28 -10.49
CA LEU C 359 -52.83 -50.44 -9.51
C LEU C 359 -51.69 -49.40 -9.63
N ILE C 360 -51.41 -48.72 -8.52
CA ILE C 360 -50.36 -47.71 -8.43
C ILE C 360 -49.28 -48.16 -7.46
N ARG C 361 -48.01 -47.91 -7.81
CA ARG C 361 -46.91 -48.23 -6.92
C ARG C 361 -46.10 -46.99 -6.52
N LEU C 362 -45.84 -46.85 -5.22
CA LEU C 362 -44.96 -45.80 -4.70
C LEU C 362 -43.63 -46.37 -4.22
N SER C 363 -42.51 -45.77 -4.64
CA SER C 363 -41.24 -46.02 -4.00
C SER C 363 -40.86 -44.78 -3.21
N VAL C 364 -40.87 -44.88 -1.89
CA VAL C 364 -40.67 -43.71 -1.06
C VAL C 364 -39.20 -43.33 -0.99
N GLY C 365 -38.91 -42.04 -1.23
CA GLY C 365 -37.57 -41.49 -1.07
C GLY C 365 -37.41 -40.80 0.29
N ILE C 366 -36.43 -39.91 0.40
CA ILE C 366 -36.16 -39.26 1.68
C ILE C 366 -36.64 -37.81 1.77
N GLU C 367 -37.58 -37.43 0.94
CA GLU C 367 -38.18 -36.10 1.08
C GLU C 367 -38.86 -36.02 2.44
N ASP C 368 -39.19 -34.81 2.86
CA ASP C 368 -39.93 -34.65 4.09
C ASP C 368 -41.24 -35.39 3.94
N PRO C 369 -41.60 -36.17 4.97
CA PRO C 369 -42.80 -37.01 4.90
C PRO C 369 -44.11 -36.24 4.69
N GLN C 370 -44.17 -35.01 5.21
CA GLN C 370 -45.42 -34.26 5.10
C GLN C 370 -45.56 -33.62 3.73
N ASP C 371 -44.44 -33.28 3.10
CA ASP C 371 -44.47 -32.84 1.71
C ASP C 371 -44.96 -33.98 0.81
N LEU C 372 -44.42 -35.17 1.03
CA LEU C 372 -44.83 -36.33 0.24
C LEU C 372 -46.32 -36.66 0.41
N ALA C 373 -46.79 -36.64 1.66
CA ALA C 373 -48.19 -36.92 1.94
C ALA C 373 -49.12 -35.94 1.22
N GLU C 374 -48.70 -34.67 1.17
CA GLU C 374 -49.48 -33.62 0.53
C GLU C 374 -49.61 -33.84 -0.98
N ASP C 375 -48.48 -34.12 -1.64
CA ASP C 375 -48.45 -34.40 -3.10
C ASP C 375 -49.46 -35.51 -3.44
N LEU C 376 -49.42 -36.58 -2.66
CA LEU C 376 -50.29 -37.73 -2.86
C LEU C 376 -51.76 -37.35 -2.61
N SER C 377 -52.02 -36.64 -1.52
CA SER C 377 -53.38 -36.24 -1.20
C SER C 377 -53.93 -35.31 -2.27
N ARG C 378 -53.12 -34.37 -2.73
CA ARG C 378 -53.60 -33.50 -3.80
C ARG C 378 -53.83 -34.31 -5.08
N ALA C 379 -53.02 -35.35 -5.28
CA ALA C 379 -53.20 -36.24 -6.43
C ALA C 379 -54.48 -37.07 -6.29
N LEU C 380 -54.65 -37.71 -5.13
CA LEU C 380 -55.85 -38.52 -4.88
C LEU C 380 -57.15 -37.72 -5.02
N ALA C 381 -57.11 -36.44 -4.68
CA ALA C 381 -58.32 -35.62 -4.64
C ALA C 381 -58.61 -34.88 -5.95
N GLY C 382 -57.60 -34.69 -6.79
CA GLY C 382 -57.78 -33.94 -8.03
C GLY C 382 -58.68 -34.62 -9.06
N GLY C 383 -59.05 -33.88 -10.12
CA GLY C 383 -60.04 -34.40 -11.05
C GLY C 383 -60.12 -33.94 -12.50
N THR C 384 -59.04 -33.37 -13.04
CA THR C 384 -59.02 -33.04 -14.47
C THR C 384 -57.83 -33.70 -15.16
N MSE D 7 -18.02 -36.29 -43.41
CA MSE D 7 -16.72 -36.04 -42.78
C MSE D 7 -15.73 -37.20 -42.99
O MSE D 7 -16.11 -38.36 -42.89
CB MSE D 7 -16.89 -35.70 -41.28
CG MSE D 7 -17.53 -34.30 -41.02
SE MSE D 7 -16.55 -32.70 -41.76
CE MSE D 7 -18.01 -31.93 -42.83
N ARG D 8 -14.49 -36.87 -43.31
CA ARG D 8 -13.46 -37.89 -43.32
C ARG D 8 -13.34 -38.47 -41.92
N PHE D 9 -12.70 -39.63 -41.82
CA PHE D 9 -12.10 -40.06 -40.58
C PHE D 9 -11.11 -38.95 -40.28
N GLY D 10 -11.05 -38.54 -39.01
CA GLY D 10 -10.17 -37.49 -38.55
C GLY D 10 -11.10 -36.52 -37.82
N THR D 11 -12.08 -36.03 -38.56
CA THR D 11 -13.14 -35.18 -38.05
C THR D 11 -14.21 -35.97 -37.28
N ARG D 12 -14.43 -37.21 -37.69
CA ARG D 12 -15.44 -38.00 -37.00
C ARG D 12 -15.01 -38.40 -35.58
N LEU D 13 -13.71 -38.51 -35.33
CA LEU D 13 -13.25 -38.84 -33.96
C LEU D 13 -13.69 -37.76 -32.95
N VAL D 14 -13.66 -36.51 -33.40
CA VAL D 14 -13.96 -35.35 -32.55
C VAL D 14 -15.46 -35.04 -32.47
N HIS D 15 -16.16 -35.19 -33.61
CA HIS D 15 -17.54 -34.73 -33.72
C HIS D 15 -18.59 -35.83 -33.81
N GLY D 16 -18.15 -37.07 -33.95
CA GLY D 16 -19.07 -38.18 -34.06
C GLY D 16 -19.88 -38.29 -32.78
N GLY D 17 -21.20 -38.23 -32.89
CA GLY D 17 -22.05 -38.35 -31.74
C GLY D 17 -22.00 -37.13 -30.83
N ARG D 18 -21.51 -36.02 -31.37
CA ARG D 18 -21.40 -34.84 -30.51
C ARG D 18 -22.74 -34.14 -30.52
N ARG D 19 -23.78 -34.99 -30.41
CA ARG D 19 -25.17 -34.64 -30.63
C ARG D 19 -25.47 -33.33 -29.93
N PRO D 20 -25.76 -32.29 -30.72
CA PRO D 20 -25.80 -30.86 -30.34
C PRO D 20 -25.98 -30.47 -28.85
N SER D 21 -26.46 -31.34 -27.98
CA SER D 21 -26.54 -30.99 -26.55
C SER D 21 -27.07 -29.58 -26.34
N ALA D 22 -28.35 -29.36 -26.62
CA ALA D 22 -28.87 -28.01 -26.57
C ALA D 22 -29.19 -27.61 -25.15
N GLY D 23 -29.83 -26.46 -25.02
CA GLY D 23 -30.25 -25.95 -23.73
C GLY D 23 -29.32 -24.83 -23.30
N THR D 24 -28.07 -24.95 -23.67
CA THR D 24 -27.02 -24.25 -22.97
C THR D 24 -25.86 -24.03 -23.93
N GLY D 25 -25.85 -24.81 -25.00
CA GLY D 25 -24.84 -24.72 -26.02
C GLY D 25 -23.54 -25.44 -25.70
N ASP D 26 -23.57 -26.37 -24.74
CA ASP D 26 -22.38 -27.13 -24.35
C ASP D 26 -21.69 -27.69 -25.60
N VAL D 27 -20.36 -27.64 -25.62
CA VAL D 27 -19.63 -28.21 -26.76
C VAL D 27 -19.29 -29.66 -26.48
N VAL D 28 -18.75 -29.95 -25.31
CA VAL D 28 -18.63 -31.33 -24.82
C VAL D 28 -19.96 -31.70 -24.16
N PRO D 29 -20.61 -32.78 -24.63
CA PRO D 29 -21.93 -33.10 -24.06
C PRO D 29 -21.84 -33.48 -22.57
N PRO D 30 -22.83 -33.07 -21.77
CA PRO D 30 -22.78 -33.34 -20.34
C PRO D 30 -22.96 -34.82 -20.06
N ILE D 31 -22.44 -35.29 -18.94
CA ILE D 31 -22.47 -36.73 -18.65
C ILE D 31 -23.79 -37.15 -18.01
N HIS D 32 -24.56 -37.97 -18.71
CA HIS D 32 -25.85 -38.43 -18.20
C HIS D 32 -25.66 -39.61 -17.24
N VAL D 33 -25.68 -39.35 -15.95
CA VAL D 33 -25.53 -40.39 -14.96
C VAL D 33 -26.87 -40.93 -14.46
N SER D 34 -27.95 -40.20 -14.71
CA SER D 34 -29.25 -40.60 -14.18
C SER D 34 -29.65 -42.03 -14.59
N THR D 35 -30.05 -42.85 -13.62
CA THR D 35 -30.56 -44.20 -13.94
C THR D 35 -32.02 -44.15 -14.38
N THR D 36 -32.72 -43.08 -14.07
CA THR D 36 -34.14 -43.03 -14.40
C THR D 36 -34.55 -41.67 -14.93
N TYR D 37 -35.67 -41.67 -15.64
CA TYR D 37 -36.05 -40.53 -16.45
C TYR D 37 -37.51 -40.22 -16.20
N GLU D 38 -37.79 -38.95 -15.95
CA GLU D 38 -39.17 -38.52 -15.75
C GLU D 38 -39.89 -38.76 -17.06
N ARG D 39 -40.97 -39.53 -16.98
CA ARG D 39 -41.83 -39.79 -18.11
C ARG D 39 -42.44 -38.48 -18.61
N ARG D 40 -43.06 -37.72 -17.71
CA ARG D 40 -43.88 -36.57 -18.13
C ARG D 40 -43.04 -35.45 -18.77
N ALA D 41 -41.89 -35.15 -18.17
CA ALA D 41 -40.94 -34.20 -18.74
C ALA D 41 -40.38 -34.66 -20.09
N GLN D 42 -40.97 -35.74 -20.62
CA GLN D 42 -40.53 -36.31 -21.88
C GLN D 42 -41.58 -36.19 -22.95
N ASP D 43 -41.15 -35.86 -24.16
CA ASP D 43 -42.08 -35.77 -25.29
C ASP D 43 -41.77 -36.84 -26.34
N GLU D 44 -42.75 -37.71 -26.51
CA GLU D 44 -42.66 -38.88 -27.38
C GLU D 44 -41.48 -39.75 -26.98
N PRO D 45 -41.40 -40.08 -25.67
CA PRO D 45 -40.15 -40.55 -25.07
C PRO D 45 -39.64 -41.89 -25.60
N ARG D 46 -38.53 -42.31 -25.01
CA ARG D 46 -37.95 -43.62 -25.21
C ARG D 46 -36.72 -43.69 -24.29
N TYR D 47 -36.67 -42.70 -23.39
CA TYR D 47 -35.75 -42.70 -22.25
C TYR D 47 -36.49 -43.08 -20.98
N PHE D 48 -36.26 -44.31 -20.53
CA PHE D 48 -37.05 -44.88 -19.47
C PHE D 48 -36.20 -45.42 -18.33
N TYR D 49 -35.14 -46.15 -18.67
CA TYR D 49 -34.28 -46.72 -17.67
C TYR D 49 -32.87 -46.89 -18.19
N GLY D 50 -31.90 -46.66 -17.31
CA GLY D 50 -30.49 -46.61 -17.67
C GLY D 50 -29.93 -47.86 -18.33
N ARG D 51 -30.27 -49.03 -17.83
CA ARG D 51 -29.77 -50.29 -18.41
C ARG D 51 -30.17 -50.40 -19.90
N GLY D 52 -31.25 -49.72 -20.28
CA GLY D 52 -31.72 -49.75 -21.66
C GLY D 52 -31.36 -48.52 -22.47
N GLU D 53 -31.42 -47.35 -21.85
CA GLU D 53 -31.13 -46.10 -22.55
C GLU D 53 -30.17 -45.24 -21.75
N ASN D 54 -29.39 -44.44 -22.46
CA ASN D 54 -28.53 -43.42 -21.88
C ASN D 54 -27.91 -42.61 -23.01
N PRO D 55 -28.18 -41.30 -23.05
CA PRO D 55 -27.65 -40.51 -24.17
C PRO D 55 -26.12 -40.49 -24.25
N THR D 56 -25.43 -40.51 -23.10
CA THR D 56 -23.97 -40.57 -23.11
C THR D 56 -23.48 -41.86 -23.80
N ARG D 57 -24.15 -42.95 -23.51
CA ARG D 57 -23.81 -44.23 -24.11
C ARG D 57 -24.08 -44.16 -25.61
N GLU D 58 -25.25 -43.65 -25.98
CA GLU D 58 -25.64 -43.56 -27.38
C GLU D 58 -24.70 -42.67 -28.21
N GLU D 59 -24.21 -41.59 -27.59
CA GLU D 59 -23.29 -40.68 -28.27
C GLU D 59 -22.01 -41.43 -28.62
N LEU D 60 -21.50 -42.21 -27.68
CA LEU D 60 -20.30 -43.02 -27.95
C LEU D 60 -20.59 -44.02 -29.07
N GLU D 61 -21.74 -44.67 -29.02
CA GLU D 61 -22.15 -45.61 -30.09
C GLU D 61 -22.20 -44.91 -31.45
N GLU D 62 -22.80 -43.72 -31.49
CA GLU D 62 -22.93 -42.97 -32.74
C GLU D 62 -21.55 -42.62 -33.35
N CYS D 63 -20.59 -42.25 -32.51
CA CYS D 63 -19.24 -41.96 -32.96
C CYS D 63 -18.55 -43.22 -33.54
N LEU D 64 -18.67 -44.34 -32.84
CA LEU D 64 -18.03 -45.60 -33.26
C LEU D 64 -18.60 -46.11 -34.58
N ALA D 65 -19.91 -46.05 -34.71
CA ALA D 65 -20.56 -46.43 -35.97
C ALA D 65 -20.04 -45.57 -37.13
N GLY D 66 -19.82 -44.28 -36.87
CA GLY D 66 -19.38 -43.35 -37.89
C GLY D 66 -17.95 -43.63 -38.38
N LEU D 67 -17.12 -44.18 -37.50
CA LEU D 67 -15.75 -44.53 -37.89
C LEU D 67 -15.73 -45.67 -38.94
N GLU D 68 -16.84 -46.38 -39.06
CA GLU D 68 -16.92 -47.45 -40.07
C GLU D 68 -18.00 -47.16 -41.13
N ARG D 69 -18.52 -45.94 -41.13
CA ARG D 69 -19.62 -45.54 -42.03
C ARG D 69 -20.76 -46.56 -41.89
N ALA D 70 -21.02 -46.98 -40.65
CA ALA D 70 -21.98 -48.03 -40.36
C ALA D 70 -23.20 -47.45 -39.65
N PRO D 71 -24.35 -48.10 -39.83
CA PRO D 71 -25.56 -47.53 -39.20
C PRO D 71 -25.73 -47.88 -37.72
N PHE D 72 -25.03 -48.89 -37.21
CA PHE D 72 -25.25 -49.34 -35.83
C PHE D 72 -23.96 -49.58 -35.06
N ALA D 73 -24.00 -49.29 -33.77
CA ALA D 73 -22.98 -49.71 -32.83
C ALA D 73 -23.59 -49.92 -31.45
N THR D 74 -23.03 -50.87 -30.71
CA THR D 74 -23.46 -51.13 -29.35
C THR D 74 -22.20 -51.29 -28.50
N VAL D 75 -22.19 -50.62 -27.35
CA VAL D 75 -21.05 -50.71 -26.44
C VAL D 75 -21.38 -51.57 -25.22
N PHE D 76 -20.33 -52.08 -24.58
CA PHE D 76 -20.48 -53.05 -23.52
C PHE D 76 -19.52 -52.75 -22.36
N SER D 77 -19.74 -53.39 -21.21
CA SER D 77 -18.82 -53.26 -20.08
C SER D 77 -17.38 -53.69 -20.41
N SER D 78 -17.20 -54.57 -21.40
CA SER D 78 -15.87 -55.04 -21.76
C SER D 78 -15.84 -55.72 -23.12
N GLY D 79 -14.64 -55.92 -23.66
CA GLY D 79 -14.47 -56.65 -24.90
C GLY D 79 -15.10 -58.04 -24.83
N GLN D 80 -14.82 -58.75 -23.74
CA GLN D 80 -15.42 -60.06 -23.49
C GLN D 80 -16.95 -60.00 -23.57
N ALA D 81 -17.53 -58.93 -23.03
CA ALA D 81 -18.99 -58.75 -23.06
C ALA D 81 -19.54 -58.58 -24.47
N ALA D 82 -18.85 -57.79 -25.29
CA ALA D 82 -19.20 -57.67 -26.70
C ALA D 82 -19.11 -59.04 -27.37
N ALA D 83 -18.00 -59.73 -27.13
CA ALA D 83 -17.78 -61.07 -27.65
C ALA D 83 -18.87 -62.04 -27.19
N ALA D 84 -19.13 -62.05 -25.89
CA ALA D 84 -20.12 -62.97 -25.32
C ALA D 84 -21.48 -62.77 -25.96
N THR D 85 -21.82 -61.51 -26.21
CA THR D 85 -23.11 -61.15 -26.76
C THR D 85 -23.29 -61.71 -28.18
N LEU D 86 -22.35 -61.39 -29.04
CA LEU D 86 -22.43 -61.82 -30.43
C LEU D 86 -22.43 -63.36 -30.51
N LEU D 87 -21.55 -63.99 -29.76
CA LEU D 87 -21.49 -65.46 -29.73
C LEU D 87 -22.75 -66.08 -29.12
N SER D 88 -23.46 -65.33 -28.29
CA SER D 88 -24.66 -65.86 -27.66
C SER D 88 -25.73 -66.14 -28.71
N LEU D 89 -25.59 -65.48 -29.86
CA LEU D 89 -26.58 -65.60 -30.92
C LEU D 89 -26.40 -66.88 -31.72
N VAL D 90 -25.37 -67.64 -31.41
CA VAL D 90 -25.18 -68.94 -32.05
C VAL D 90 -25.93 -70.03 -31.29
N ARG D 91 -26.86 -70.69 -31.96
CA ARG D 91 -27.72 -71.70 -31.34
C ARG D 91 -27.02 -73.04 -31.20
N PRO D 92 -27.49 -73.88 -30.24
CA PRO D 92 -27.00 -75.26 -30.17
C PRO D 92 -27.24 -75.98 -31.50
N GLY D 93 -26.28 -76.79 -31.92
CA GLY D 93 -26.41 -77.53 -33.16
C GLY D 93 -25.69 -76.85 -34.33
N GLN D 94 -25.39 -75.56 -34.17
CA GLN D 94 -24.76 -74.79 -35.23
C GLN D 94 -23.26 -74.78 -35.00
N CYS D 95 -22.52 -74.02 -35.80
CA CYS D 95 -21.06 -74.08 -35.75
C CYS D 95 -20.35 -72.74 -35.90
N VAL D 96 -19.32 -72.56 -35.08
CA VAL D 96 -18.48 -71.37 -35.12
C VAL D 96 -17.09 -71.79 -35.58
N VAL D 97 -16.49 -70.98 -36.45
CA VAL D 97 -15.12 -71.21 -36.91
C VAL D 97 -14.23 -70.03 -36.59
N SER D 98 -13.10 -70.31 -35.95
CA SER D 98 -12.11 -69.29 -35.64
C SER D 98 -10.69 -69.81 -35.83
N THR D 99 -9.70 -69.06 -35.37
CA THR D 99 -8.32 -69.42 -35.68
C THR D 99 -7.56 -69.89 -34.43
N ASP D 100 -6.31 -70.31 -34.65
CA ASP D 100 -5.48 -70.84 -33.57
C ASP D 100 -4.41 -69.83 -33.13
N ASP D 101 -4.85 -68.81 -32.43
CA ASP D 101 -4.02 -67.67 -32.08
C ASP D 101 -5.04 -66.71 -31.52
N VAL D 102 -6.30 -67.12 -31.68
CA VAL D 102 -7.43 -66.34 -31.19
C VAL D 102 -7.26 -66.16 -29.68
N TYR D 103 -7.46 -64.92 -29.22
CA TYR D 103 -7.38 -64.57 -27.81
C TYR D 103 -8.12 -65.60 -26.93
N ALA D 104 -7.40 -66.27 -26.03
CA ALA D 104 -7.99 -67.19 -25.06
C ALA D 104 -9.33 -66.72 -24.51
N GLY D 105 -9.42 -65.42 -24.19
CA GLY D 105 -10.66 -64.82 -23.74
C GLY D 105 -11.80 -65.16 -24.68
N THR D 106 -11.58 -64.92 -25.98
CA THR D 106 -12.51 -65.40 -26.99
C THR D 106 -12.72 -66.92 -26.90
N ASP D 107 -11.63 -67.68 -26.81
CA ASP D 107 -11.71 -69.15 -26.80
C ASP D 107 -12.52 -69.75 -25.64
N GLY D 108 -12.51 -69.07 -24.48
CA GLY D 108 -13.28 -69.50 -23.32
C GLY D 108 -14.78 -69.43 -23.55
N LEU D 109 -15.23 -68.34 -24.14
CA LEU D 109 -16.61 -68.18 -24.56
C LEU D 109 -17.03 -69.30 -25.55
N PHE D 110 -16.14 -69.65 -26.49
CA PHE D 110 -16.38 -70.79 -27.37
C PHE D 110 -16.60 -72.03 -26.52
N ASP D 111 -15.64 -72.25 -25.63
CA ASP D 111 -15.62 -73.39 -24.70
C ASP D 111 -16.92 -73.41 -23.91
N LEU D 112 -17.48 -72.21 -23.73
CA LEU D 112 -18.75 -72.05 -23.04
C LEU D 112 -19.91 -72.49 -23.92
N ALA D 113 -19.97 -71.96 -25.13
CA ALA D 113 -21.01 -72.34 -26.09
C ALA D 113 -21.00 -73.83 -26.42
N ALA D 114 -19.83 -74.47 -26.27
CA ALA D 114 -19.68 -75.91 -26.55
C ALA D 114 -20.41 -76.77 -25.52
N ARG D 115 -20.14 -76.51 -24.24
CA ARG D 115 -20.83 -77.12 -23.11
C ARG D 115 -22.33 -76.82 -23.18
N GLN D 116 -22.66 -75.73 -23.86
CA GLN D 116 -24.05 -75.27 -23.98
C GLN D 116 -24.58 -75.52 -25.37
N GLY D 117 -24.15 -76.61 -25.99
CA GLY D 117 -24.66 -77.00 -27.30
C GLY D 117 -23.79 -76.78 -28.54
N VAL D 118 -23.35 -75.54 -28.76
CA VAL D 118 -22.72 -75.13 -30.03
C VAL D 118 -21.42 -75.85 -30.45
N ARG D 119 -21.20 -75.99 -31.76
CA ARG D 119 -19.93 -76.50 -32.28
C ARG D 119 -18.89 -75.41 -32.56
N VAL D 120 -17.68 -75.62 -32.07
CA VAL D 120 -16.58 -74.74 -32.43
C VAL D 120 -15.53 -75.50 -33.23
N ARG D 121 -15.03 -74.86 -34.29
CA ARG D 121 -14.01 -75.46 -35.14
C ARG D 121 -12.92 -74.45 -35.47
N TYR D 122 -11.71 -74.68 -34.97
CA TYR D 122 -10.60 -73.77 -35.23
C TYR D 122 -9.86 -74.15 -36.51
N ALA D 123 -9.28 -73.15 -37.16
CA ALA D 123 -8.57 -73.37 -38.43
C ALA D 123 -7.73 -72.16 -38.82
N ASP D 124 -6.54 -72.38 -39.38
CA ASP D 124 -5.69 -71.29 -39.86
C ASP D 124 -6.18 -70.78 -41.20
N LEU D 125 -6.60 -69.52 -41.22
CA LEU D 125 -7.16 -68.94 -42.44
C LEU D 125 -6.12 -68.05 -43.13
N THR D 126 -5.04 -68.68 -43.58
CA THR D 126 -3.97 -68.01 -44.32
C THR D 126 -3.57 -68.89 -45.47
N THR D 127 -4.53 -69.66 -45.98
CA THR D 127 -4.19 -70.75 -46.87
C THR D 127 -5.42 -71.33 -47.58
N PRO D 128 -5.35 -71.41 -48.92
CA PRO D 128 -6.42 -72.00 -49.75
C PRO D 128 -6.70 -73.47 -49.45
N GLU D 129 -6.06 -74.02 -48.42
CA GLU D 129 -6.39 -75.37 -47.94
C GLU D 129 -7.17 -75.24 -46.64
N GLY D 130 -6.61 -74.49 -45.69
CA GLY D 130 -7.22 -74.34 -44.38
C GLY D 130 -8.61 -73.75 -44.44
N ILE D 131 -8.74 -72.61 -45.12
CA ILE D 131 -10.01 -71.93 -45.30
C ILE D 131 -11.09 -72.88 -45.80
N ALA D 132 -10.71 -73.72 -46.74
CA ALA D 132 -11.66 -74.56 -47.46
C ALA D 132 -12.27 -75.64 -46.57
N ALA D 133 -11.62 -75.94 -45.45
CA ALA D 133 -12.16 -76.91 -44.52
C ALA D 133 -13.04 -76.22 -43.47
N ALA D 134 -12.49 -75.16 -42.89
CA ALA D 134 -13.22 -74.30 -41.95
C ALA D 134 -14.63 -74.02 -42.44
N LEU D 135 -14.76 -73.84 -43.75
CA LEU D 135 -16.03 -73.46 -44.36
C LEU D 135 -16.96 -74.63 -44.63
N ALA D 136 -16.38 -75.82 -44.73
CA ALA D 136 -17.17 -77.02 -44.99
C ALA D 136 -17.91 -77.55 -43.75
N GLU D 137 -17.81 -76.82 -42.64
CA GLU D 137 -18.55 -77.20 -41.43
C GLU D 137 -20.07 -77.14 -41.63
N PRO D 138 -20.76 -78.22 -41.24
CA PRO D 138 -22.23 -78.30 -41.28
C PRO D 138 -22.84 -77.22 -40.40
N ASP D 139 -23.97 -76.65 -40.78
CA ASP D 139 -24.62 -75.59 -40.00
C ASP D 139 -23.66 -74.49 -39.57
N LEU D 140 -22.83 -74.02 -40.51
CA LEU D 140 -21.90 -72.93 -40.21
C LEU D 140 -22.69 -71.65 -39.99
N ALA D 141 -22.72 -71.16 -38.75
CA ALA D 141 -23.49 -69.96 -38.43
C ALA D 141 -22.58 -68.74 -38.29
N LEU D 142 -21.34 -68.97 -37.89
CA LEU D 142 -20.45 -67.86 -37.60
C LEU D 142 -19.02 -68.13 -38.03
N VAL D 143 -18.32 -67.07 -38.43
CA VAL D 143 -16.89 -67.15 -38.75
C VAL D 143 -16.17 -66.03 -38.02
N TRP D 144 -15.32 -66.41 -37.07
CA TRP D 144 -14.69 -65.50 -36.13
C TRP D 144 -13.25 -65.28 -36.57
N ILE D 145 -12.99 -64.13 -37.17
CA ILE D 145 -11.65 -63.78 -37.63
C ILE D 145 -10.99 -62.81 -36.67
N GLU D 146 -9.77 -63.12 -36.27
CA GLU D 146 -8.97 -62.17 -35.52
C GLU D 146 -7.72 -61.82 -36.32
N THR D 147 -7.62 -60.57 -36.78
CA THR D 147 -6.52 -60.18 -37.67
C THR D 147 -6.03 -58.75 -37.48
N PRO D 148 -4.70 -58.59 -37.33
CA PRO D 148 -3.71 -59.66 -37.25
C PRO D 148 -3.81 -60.51 -35.97
N THR D 149 -3.17 -61.68 -35.97
CA THR D 149 -3.20 -62.55 -34.79
C THR D 149 -2.15 -62.09 -33.76
N ASN D 150 -2.26 -62.61 -32.56
CA ASN D 150 -1.49 -62.09 -31.43
C ASN D 150 -1.03 -63.31 -30.65
N PRO D 151 0.28 -63.52 -30.49
CA PRO D 151 1.43 -62.64 -30.70
C PRO D 151 2.24 -62.82 -32.00
N LEU D 152 1.97 -63.87 -32.78
CA LEU D 152 2.79 -64.13 -33.97
C LEU D 152 2.62 -63.07 -35.06
N LEU D 153 1.49 -62.36 -35.00
CA LEU D 153 1.13 -61.32 -35.97
C LEU D 153 0.94 -61.88 -37.37
N THR D 154 0.17 -62.97 -37.48
CA THR D 154 -0.22 -63.49 -38.79
C THR D 154 -1.46 -62.70 -39.22
N VAL D 155 -1.88 -62.87 -40.48
CA VAL D 155 -3.07 -62.18 -40.98
C VAL D 155 -3.99 -63.10 -41.80
N VAL D 156 -5.29 -62.87 -41.66
CA VAL D 156 -6.31 -63.55 -42.46
C VAL D 156 -6.94 -62.55 -43.42
N ASP D 157 -7.06 -62.96 -44.68
CA ASP D 157 -7.67 -62.15 -45.74
C ASP D 157 -9.18 -62.02 -45.50
N VAL D 158 -9.58 -60.89 -44.92
CA VAL D 158 -10.98 -60.67 -44.54
C VAL D 158 -11.93 -60.74 -45.75
N ALA D 159 -11.59 -60.02 -46.82
CA ALA D 159 -12.42 -60.03 -48.02
C ALA D 159 -12.57 -61.41 -48.64
N GLU D 160 -11.48 -62.16 -48.71
CA GLU D 160 -11.55 -63.51 -49.24
C GLU D 160 -12.39 -64.46 -48.38
N VAL D 161 -12.10 -64.51 -47.07
CA VAL D 161 -12.86 -65.39 -46.18
C VAL D 161 -14.33 -64.97 -46.14
N SER D 162 -14.57 -63.66 -46.15
CA SER D 162 -15.94 -63.15 -46.13
C SER D 162 -16.77 -63.57 -47.34
N ARG D 163 -16.16 -63.52 -48.53
CA ARG D 163 -16.82 -63.97 -49.75
C ARG D 163 -17.35 -65.39 -49.59
N ARG D 164 -16.48 -66.28 -49.11
CA ARG D 164 -16.78 -67.69 -49.12
C ARG D 164 -17.67 -68.09 -47.94
N ALA D 165 -17.53 -67.40 -46.81
CA ALA D 165 -18.36 -67.68 -45.65
C ALA D 165 -19.80 -67.29 -45.97
N HIS D 166 -19.94 -66.28 -46.81
CA HIS D 166 -21.27 -65.82 -47.17
C HIS D 166 -22.00 -66.81 -48.08
N GLU D 167 -21.25 -67.52 -48.91
CA GLU D 167 -21.84 -68.58 -49.73
C GLU D 167 -22.30 -69.74 -48.87
N ARG D 168 -21.72 -69.86 -47.68
CA ARG D 168 -22.09 -70.93 -46.77
C ARG D 168 -23.18 -70.45 -45.82
N GLY D 169 -23.46 -69.15 -45.84
CA GLY D 169 -24.53 -68.58 -45.03
C GLY D 169 -24.11 -68.03 -43.68
N ALA D 170 -22.80 -67.91 -43.45
CA ALA D 170 -22.29 -67.51 -42.15
C ALA D 170 -22.14 -66.00 -41.96
N ARG D 171 -22.32 -65.57 -40.71
CA ARG D 171 -21.98 -64.22 -40.31
C ARG D 171 -20.48 -64.21 -40.10
N VAL D 172 -19.83 -63.14 -40.54
CA VAL D 172 -18.40 -62.98 -40.31
C VAL D 172 -18.12 -61.81 -39.38
N VAL D 173 -17.45 -62.10 -38.27
CA VAL D 173 -17.00 -61.03 -37.37
C VAL D 173 -15.47 -60.96 -37.38
N VAL D 174 -14.95 -59.74 -37.39
CA VAL D 174 -13.52 -59.53 -37.20
C VAL D 174 -13.29 -58.88 -35.83
N ASP D 175 -12.46 -59.49 -35.01
CA ASP D 175 -11.96 -58.83 -33.81
C ASP D 175 -10.87 -57.90 -34.29
N ASN D 176 -11.18 -56.60 -34.32
CA ASN D 176 -10.37 -55.61 -34.98
C ASN D 176 -9.60 -54.75 -33.98
N THR D 177 -9.49 -55.25 -32.75
CA THR D 177 -8.82 -54.54 -31.67
C THR D 177 -7.36 -54.19 -31.98
N PHE D 178 -6.61 -55.20 -32.39
CA PHE D 178 -5.19 -55.09 -32.75
C PHE D 178 -4.91 -53.90 -33.66
N ALA D 179 -5.74 -53.72 -34.68
CA ALA D 179 -5.48 -52.71 -35.68
C ALA D 179 -6.18 -51.38 -35.38
N SER D 180 -7.37 -51.49 -34.78
CA SER D 180 -8.30 -50.36 -34.56
C SER D 180 -8.98 -49.94 -35.87
N PRO D 181 -10.11 -49.23 -35.77
CA PRO D 181 -10.77 -48.79 -37.01
C PRO D 181 -9.95 -47.79 -37.83
N VAL D 182 -8.89 -47.22 -37.27
CA VAL D 182 -8.06 -46.29 -38.05
C VAL D 182 -7.20 -47.00 -39.09
N LEU D 183 -6.87 -48.27 -38.83
CA LEU D 183 -5.95 -49.01 -39.70
C LEU D 183 -6.65 -50.05 -40.57
N GLN D 184 -7.82 -50.50 -40.13
CA GLN D 184 -8.48 -51.64 -40.74
C GLN D 184 -9.99 -51.50 -40.55
N GLN D 185 -10.73 -51.75 -41.62
CA GLN D 185 -12.16 -51.51 -41.68
C GLN D 185 -12.86 -52.80 -42.10
N PRO D 186 -13.10 -53.69 -41.15
CA PRO D 186 -13.69 -55.01 -41.45
C PRO D 186 -14.97 -54.93 -42.27
N LEU D 187 -15.84 -53.97 -41.97
CA LEU D 187 -17.10 -53.87 -42.70
C LEU D 187 -16.90 -53.57 -44.20
N ALA D 188 -15.99 -52.64 -44.51
CA ALA D 188 -15.71 -52.32 -45.91
C ALA D 188 -15.08 -53.51 -46.62
N LEU D 189 -14.43 -54.36 -45.85
CA LEU D 189 -13.74 -55.52 -46.39
C LEU D 189 -14.70 -56.67 -46.69
N GLY D 190 -15.95 -56.56 -46.23
CA GLY D 190 -16.92 -57.61 -46.49
C GLY D 190 -17.45 -58.31 -45.24
N ALA D 191 -16.79 -58.11 -44.11
CA ALA D 191 -17.28 -58.67 -42.85
C ALA D 191 -18.63 -58.06 -42.45
N ASP D 192 -19.33 -58.71 -41.51
CA ASP D 192 -20.65 -58.23 -41.08
C ASP D 192 -20.60 -57.45 -39.78
N VAL D 193 -19.64 -57.81 -38.93
CA VAL D 193 -19.49 -57.19 -37.62
C VAL D 193 -18.02 -56.98 -37.35
N SER D 194 -17.69 -55.85 -36.75
CA SER D 194 -16.37 -55.66 -36.22
C SER D 194 -16.47 -55.63 -34.69
N LEU D 195 -15.65 -56.45 -34.04
CA LEU D 195 -15.66 -56.56 -32.58
C LEU D 195 -14.48 -55.79 -31.97
N TYR D 196 -14.73 -55.08 -30.86
CA TYR D 196 -13.66 -54.35 -30.17
C TYR D 196 -13.67 -54.49 -28.67
N SER D 197 -12.51 -54.78 -28.11
CA SER D 197 -12.25 -54.32 -26.75
C SER D 197 -11.90 -52.86 -26.92
N THR D 198 -12.68 -51.96 -26.35
CA THR D 198 -12.34 -50.54 -26.40
C THR D 198 -11.35 -50.20 -25.34
N THR D 199 -11.14 -51.13 -24.41
CA THR D 199 -10.14 -51.00 -23.35
C THR D 199 -8.78 -50.61 -23.89
N1 LLP D 200 -9.99 -59.35 -27.99
C2 LLP D 200 -8.80 -58.75 -28.09
C2' LLP D 200 -8.00 -58.82 -29.43
C3 LLP D 200 -8.28 -58.04 -26.98
O3 LLP D 200 -7.04 -57.44 -27.14
C4 LLP D 200 -8.98 -57.98 -25.80
C4' LLP D 200 -8.40 -57.16 -24.52
C5 LLP D 200 -10.20 -58.60 -25.70
C6 LLP D 200 -10.72 -59.29 -26.80
C5' LLP D 200 -11.05 -58.56 -24.41
OP4 LLP D 200 -11.43 -57.23 -24.16
P LLP D 200 -11.60 -56.79 -22.68
OP1 LLP D 200 -11.95 -55.30 -22.72
OP2 LLP D 200 -12.72 -57.61 -22.12
OP3 LLP D 200 -10.37 -57.08 -21.90
N LLP D 200 -8.49 -51.04 -25.12
CA LLP D 200 -7.11 -50.95 -25.68
CB LLP D 200 -6.84 -52.16 -26.57
CG LLP D 200 -7.43 -53.44 -25.94
CD LLP D 200 -6.42 -54.13 -24.99
CE LLP D 200 -7.11 -55.20 -24.12
NZ LLP D 200 -7.17 -56.50 -24.82
C LLP D 200 -6.85 -49.63 -26.37
O LLP D 200 -6.88 -48.59 -25.71
N SER D 201 -6.60 -49.62 -27.67
CA SER D 201 -6.22 -48.37 -28.32
C SER D 201 -7.35 -47.34 -28.40
N ILE D 202 -8.60 -47.79 -28.47
CA ILE D 202 -9.71 -46.85 -28.72
C ILE D 202 -9.93 -45.86 -27.55
N ALA D 203 -10.11 -46.37 -26.34
CA ALA D 203 -10.05 -45.53 -25.15
C ALA D 203 -8.64 -44.99 -25.01
N GLY D 204 -7.65 -45.90 -25.05
CA GLY D 204 -6.26 -45.52 -25.24
C GLY D 204 -5.42 -45.15 -24.04
N HIS D 205 -6.04 -44.94 -22.89
CA HIS D 205 -5.32 -44.39 -21.75
C HIS D 205 -5.23 -45.34 -20.56
N ALA D 206 -5.63 -46.59 -20.78
CA ALA D 206 -5.49 -47.65 -19.78
C ALA D 206 -6.21 -47.36 -18.46
N ASP D 207 -7.33 -46.66 -18.52
CA ASP D 207 -8.05 -46.30 -17.30
C ASP D 207 -9.56 -46.55 -17.36
N VAL D 208 -9.97 -47.49 -18.22
CA VAL D 208 -11.37 -47.88 -18.37
C VAL D 208 -11.48 -49.17 -19.20
N LEU D 209 -12.40 -50.05 -18.82
CA LEU D 209 -12.70 -51.22 -19.64
C LEU D 209 -13.92 -50.90 -20.52
N GLY D 210 -13.99 -51.52 -21.69
CA GLY D 210 -15.19 -51.40 -22.50
C GLY D 210 -15.15 -52.34 -23.68
N GLY D 211 -16.31 -52.58 -24.27
CA GLY D 211 -16.41 -53.35 -25.49
C GLY D 211 -17.27 -52.65 -26.50
N ALA D 212 -17.21 -53.09 -27.75
CA ALA D 212 -18.07 -52.54 -28.77
C ALA D 212 -18.31 -53.55 -29.91
N LEU D 213 -19.52 -53.53 -30.46
CA LEU D 213 -19.83 -54.19 -31.71
C LEU D 213 -20.27 -53.11 -32.69
N VAL D 214 -19.75 -53.17 -33.92
CA VAL D 214 -20.13 -52.25 -34.97
C VAL D 214 -20.53 -53.08 -36.19
N TYR D 215 -21.64 -52.71 -36.83
CA TYR D 215 -22.25 -53.58 -37.84
C TYR D 215 -23.32 -52.82 -38.61
N ARG D 216 -23.92 -53.44 -39.62
CA ARG D 216 -24.91 -52.74 -40.42
C ARG D 216 -26.29 -53.41 -40.40
N ASP D 217 -26.36 -54.63 -39.89
CA ASP D 217 -27.58 -55.41 -40.00
C ASP D 217 -28.60 -55.11 -38.88
N ALA D 218 -29.79 -54.67 -39.27
CA ALA D 218 -30.84 -54.26 -38.33
C ALA D 218 -31.43 -55.45 -37.57
N ASP D 219 -31.36 -56.63 -38.18
CA ASP D 219 -31.87 -57.83 -37.52
C ASP D 219 -30.92 -58.16 -36.38
N LEU D 220 -29.63 -58.16 -36.70
CA LEU D 220 -28.60 -58.35 -35.69
C LEU D 220 -28.74 -57.31 -34.57
N HIS D 221 -28.96 -56.05 -34.97
CA HIS D 221 -29.11 -54.94 -34.05
C HIS D 221 -30.14 -55.22 -32.94
N ALA D 222 -31.35 -55.61 -33.34
CA ALA D 222 -32.39 -55.92 -32.36
C ALA D 222 -31.97 -57.01 -31.38
N ALA D 223 -31.33 -58.07 -31.91
CA ALA D 223 -30.90 -59.19 -31.09
C ALA D 223 -29.77 -58.78 -30.12
N VAL D 224 -28.84 -57.99 -30.60
CA VAL D 224 -27.75 -57.50 -29.75
C VAL D 224 -28.29 -56.61 -28.63
N ARG D 225 -29.18 -55.70 -28.96
CA ARG D 225 -29.75 -54.80 -27.94
C ARG D 225 -30.64 -55.56 -26.95
N ALA D 226 -31.42 -56.53 -27.45
CA ALA D 226 -32.25 -57.32 -26.54
C ALA D 226 -31.34 -58.11 -25.61
N TYR D 227 -30.24 -58.63 -26.14
CA TYR D 227 -29.31 -59.37 -25.29
C TYR D 227 -28.69 -58.46 -24.23
N ARG D 228 -28.21 -57.29 -24.64
CA ARG D 228 -27.57 -56.39 -23.67
C ARG D 228 -28.53 -55.96 -22.56
N THR D 229 -29.79 -55.71 -22.92
CA THR D 229 -30.79 -55.30 -21.93
C THR D 229 -31.00 -56.38 -20.90
N THR D 230 -30.96 -57.62 -21.36
CA THR D 230 -31.29 -58.77 -20.53
C THR D 230 -30.11 -59.28 -19.72
N ALA D 231 -28.98 -59.49 -20.39
CA ALA D 231 -27.79 -59.96 -19.71
C ALA D 231 -27.25 -58.86 -18.79
N GLY D 232 -27.43 -57.61 -19.22
CA GLY D 232 -27.09 -56.47 -18.40
C GLY D 232 -25.61 -56.14 -18.43
N ASN D 233 -24.95 -56.52 -19.51
CA ASN D 233 -23.52 -56.24 -19.66
C ASN D 233 -23.26 -54.86 -20.26
N VAL D 234 -23.93 -53.86 -19.70
CA VAL D 234 -23.86 -52.48 -20.17
C VAL D 234 -22.70 -51.72 -19.52
N PRO D 235 -22.10 -50.78 -20.24
CA PRO D 235 -21.09 -49.95 -19.58
C PRO D 235 -21.78 -48.78 -18.84
N GLY D 236 -21.10 -48.21 -17.85
CA GLY D 236 -21.60 -47.02 -17.19
C GLY D 236 -21.29 -45.74 -17.95
N ALA D 237 -22.01 -44.67 -17.60
CA ALA D 237 -21.85 -43.36 -18.25
C ALA D 237 -20.47 -42.74 -18.14
N LEU D 238 -19.91 -42.77 -16.94
CA LEU D 238 -18.61 -42.19 -16.69
C LEU D 238 -17.57 -42.94 -17.50
N ASP D 239 -17.74 -44.25 -17.61
CA ASP D 239 -16.82 -45.04 -18.40
C ASP D 239 -16.97 -44.73 -19.90
N CYS D 240 -18.22 -44.63 -20.38
CA CYS D 240 -18.45 -44.21 -21.77
C CYS D 240 -17.82 -42.84 -22.04
N PHE D 241 -17.91 -41.94 -21.06
CA PHE D 241 -17.26 -40.64 -21.16
C PHE D 241 -15.74 -40.77 -21.37
N LEU D 242 -15.11 -41.67 -20.62
CA LEU D 242 -13.67 -41.90 -20.73
C LEU D 242 -13.27 -42.44 -22.11
N VAL D 243 -14.04 -43.39 -22.62
CA VAL D 243 -13.75 -43.98 -23.91
C VAL D 243 -13.91 -42.92 -24.99
N ARG D 244 -15.02 -42.18 -24.91
CA ARG D 244 -15.30 -41.13 -25.88
C ARG D 244 -14.24 -40.04 -25.84
N ARG D 245 -13.77 -39.72 -24.65
CA ARG D 245 -12.71 -38.72 -24.53
C ARG D 245 -11.47 -39.21 -25.25
N GLY D 246 -11.02 -40.42 -24.92
CA GLY D 246 -9.88 -41.03 -25.59
C GLY D 246 -9.99 -41.09 -27.11
N LEU D 247 -11.21 -41.29 -27.62
CA LEU D 247 -11.46 -41.36 -29.06
C LEU D 247 -10.85 -40.19 -29.84
N HIS D 248 -11.03 -38.97 -29.33
CA HIS D 248 -10.58 -37.76 -30.02
C HIS D 248 -9.17 -37.91 -30.63
N THR D 249 -8.25 -38.46 -29.84
CA THR D 249 -6.86 -38.56 -30.27
C THR D 249 -6.50 -39.91 -30.86
N LEU D 250 -7.50 -40.72 -31.22
CA LEU D 250 -7.23 -42.07 -31.70
C LEU D 250 -6.27 -42.10 -32.91
N SER D 251 -6.58 -41.39 -34.00
CA SER D 251 -5.69 -41.39 -35.18
C SER D 251 -4.30 -40.87 -34.81
N LEU D 252 -4.27 -39.73 -34.12
CA LEU D 252 -3.01 -39.12 -33.73
C LEU D 252 -2.12 -40.16 -33.04
N ARG D 253 -2.70 -40.84 -32.06
CA ARG D 253 -1.97 -41.81 -31.26
C ARG D 253 -1.51 -42.99 -32.12
N VAL D 254 -2.46 -43.60 -32.83
CA VAL D 254 -2.15 -44.77 -33.65
C VAL D 254 -1.02 -44.49 -34.64
N HIS D 255 -1.04 -43.34 -35.28
CA HIS D 255 0.01 -43.05 -36.23
C HIS D 255 1.36 -42.94 -35.53
N ARG D 256 1.40 -42.19 -34.42
CA ARG D 256 2.61 -42.14 -33.61
C ARG D 256 3.13 -43.52 -33.21
N GLN D 257 2.24 -44.39 -32.76
CA GLN D 257 2.63 -45.73 -32.30
C GLN D 257 3.18 -46.60 -33.45
N VAL D 258 2.59 -46.47 -34.64
CA VAL D 258 3.07 -47.20 -35.81
C VAL D 258 4.47 -46.69 -36.16
N ALA D 259 4.63 -45.37 -36.22
CA ALA D 259 5.92 -44.79 -36.54
C ALA D 259 7.02 -45.33 -35.61
N THR D 260 6.76 -45.32 -34.30
CA THR D 260 7.72 -45.81 -33.33
C THR D 260 7.98 -47.30 -33.53
N ALA D 261 6.90 -48.04 -33.82
CA ALA D 261 7.02 -49.47 -34.07
C ALA D 261 8.04 -49.77 -35.18
N ARG D 262 7.93 -49.06 -36.30
CA ARG D 262 8.89 -49.22 -37.40
C ARG D 262 10.33 -49.01 -36.90
N VAL D 263 10.52 -47.97 -36.10
CA VAL D 263 11.82 -47.65 -35.55
C VAL D 263 12.34 -48.79 -34.68
N LEU D 264 11.47 -49.34 -33.83
CA LEU D 264 11.86 -50.42 -32.94
C LEU D 264 12.20 -51.70 -33.73
N VAL D 265 11.44 -51.97 -34.78
CA VAL D 265 11.67 -53.13 -35.63
C VAL D 265 13.07 -53.10 -36.25
N GLU D 266 13.44 -51.96 -36.84
CA GLU D 266 14.80 -51.79 -37.35
C GLU D 266 15.82 -51.95 -36.22
N ARG D 267 15.50 -51.40 -35.05
CA ARG D 267 16.33 -51.57 -33.89
C ARG D 267 16.53 -53.07 -33.58
N LEU D 268 15.44 -53.83 -33.60
CA LEU D 268 15.51 -55.27 -33.32
C LEU D 268 16.31 -56.08 -34.33
N ARG D 269 16.14 -55.76 -35.62
CA ARG D 269 16.77 -56.52 -36.70
C ARG D 269 18.29 -56.52 -36.64
N ALA D 270 18.85 -55.49 -36.00
CA ALA D 270 20.31 -55.33 -35.95
C ALA D 270 20.91 -55.90 -34.66
N SER D 271 20.08 -56.26 -33.70
CA SER D 271 20.59 -56.77 -32.43
C SER D 271 21.03 -58.23 -32.54
N PRO D 272 22.28 -58.51 -32.12
CA PRO D 272 22.83 -59.87 -32.18
C PRO D 272 22.10 -60.86 -31.25
N VAL D 273 21.26 -60.38 -30.34
CA VAL D 273 20.53 -61.31 -29.47
C VAL D 273 19.05 -61.36 -29.83
N VAL D 274 18.74 -61.01 -31.07
CA VAL D 274 17.38 -61.09 -31.56
C VAL D 274 17.35 -62.06 -32.71
N GLY D 275 16.36 -62.96 -32.72
CA GLY D 275 16.21 -63.90 -33.83
C GLY D 275 15.10 -63.49 -34.79
N ALA D 276 14.10 -64.35 -34.91
CA ALA D 276 12.91 -64.03 -35.68
C ALA D 276 12.29 -62.73 -35.18
N VAL D 277 11.85 -61.90 -36.12
CA VAL D 277 11.16 -60.66 -35.78
C VAL D 277 9.81 -60.67 -36.50
N HIS D 278 8.74 -60.39 -35.76
CA HIS D 278 7.40 -60.39 -36.31
C HIS D 278 6.78 -58.98 -36.33
N TYR D 279 6.30 -58.58 -37.50
CA TYR D 279 5.64 -57.28 -37.68
C TYR D 279 4.91 -57.35 -39.02
N PRO D 280 3.72 -56.73 -39.12
CA PRO D 280 3.02 -56.87 -40.40
C PRO D 280 3.66 -56.11 -41.56
N GLY D 281 4.42 -55.06 -41.28
CA GLY D 281 5.00 -54.23 -42.32
C GLY D 281 6.26 -54.79 -42.95
N LEU D 282 6.78 -55.87 -42.38
CA LEU D 282 8.03 -56.39 -42.88
C LEU D 282 7.79 -57.08 -44.21
N PRO D 283 8.49 -56.62 -45.27
CA PRO D 283 8.29 -57.04 -46.67
C PRO D 283 8.36 -58.55 -46.82
N GLU D 284 8.63 -59.21 -45.71
CA GLU D 284 8.97 -60.62 -45.63
C GLU D 284 7.87 -61.39 -45.01
N HIS D 285 6.98 -60.66 -44.35
CA HIS D 285 5.90 -61.21 -43.57
C HIS D 285 5.20 -62.31 -44.35
N PRO D 286 4.87 -63.41 -43.66
CA PRO D 286 4.20 -64.62 -44.17
C PRO D 286 2.95 -64.30 -45.00
N GLN D 287 2.31 -63.17 -44.75
CA GLN D 287 1.20 -62.75 -45.59
C GLN D 287 1.25 -61.23 -45.82
N HIS D 288 2.37 -60.74 -46.36
CA HIS D 288 2.54 -59.30 -46.52
C HIS D 288 1.68 -58.68 -47.61
N ALA D 289 1.32 -59.47 -48.62
CA ALA D 289 0.43 -58.97 -49.65
C ALA D 289 -0.94 -58.57 -49.05
N VAL D 290 -1.50 -59.46 -48.22
CA VAL D 290 -2.81 -59.22 -47.62
C VAL D 290 -2.80 -57.99 -46.70
N VAL D 291 -1.72 -57.83 -45.93
CA VAL D 291 -1.56 -56.67 -45.07
C VAL D 291 -1.64 -55.39 -45.88
N LYS D 292 -0.91 -55.39 -46.99
CA LYS D 292 -0.85 -54.24 -47.88
C LYS D 292 -2.24 -53.94 -48.42
N ALA D 293 -2.97 -54.99 -48.78
CA ALA D 293 -4.29 -54.84 -49.41
C ALA D 293 -5.38 -54.33 -48.47
N GLN D 294 -5.27 -54.65 -47.18
CA GLN D 294 -6.36 -54.41 -46.23
C GLN D 294 -6.05 -53.56 -44.97
N MSE D 295 -4.76 -53.38 -44.65
CA MSE D 295 -4.37 -52.50 -43.55
C MSE D 295 -3.75 -51.19 -44.10
O MSE D 295 -2.87 -51.23 -44.97
CB MSE D 295 -3.40 -53.19 -42.58
CG MSE D 295 -3.93 -54.48 -41.92
SE MSE D 295 -2.61 -55.38 -40.79
CE MSE D 295 -2.68 -54.14 -39.26
N SER D 296 -4.17 -50.05 -43.59
CA SER D 296 -3.61 -48.77 -44.05
C SER D 296 -2.18 -48.53 -43.50
N ALA D 297 -1.91 -49.08 -42.33
CA ALA D 297 -0.56 -49.11 -41.78
C ALA D 297 -0.43 -50.43 -41.03
N PRO D 298 0.80 -50.87 -40.71
CA PRO D 298 0.90 -52.24 -40.17
C PRO D 298 0.78 -52.40 -38.64
N GLY D 299 0.47 -51.32 -37.94
CA GLY D 299 0.12 -51.42 -36.54
C GLY D 299 1.25 -51.15 -35.58
N ALA D 300 0.97 -51.32 -34.30
CA ALA D 300 1.86 -50.87 -33.24
C ALA D 300 2.31 -52.02 -32.34
N ILE D 301 2.17 -53.24 -32.87
CA ILE D 301 2.48 -54.44 -32.11
C ILE D 301 3.67 -55.13 -32.77
N VAL D 302 4.65 -55.53 -31.96
CA VAL D 302 5.84 -56.17 -32.48
C VAL D 302 6.16 -57.40 -31.63
N SER D 303 6.57 -58.49 -32.24
CA SER D 303 7.12 -59.58 -31.44
C SER D 303 8.41 -60.12 -32.03
N PHE D 304 9.23 -60.75 -31.19
CA PHE D 304 10.54 -61.26 -31.58
C PHE D 304 11.04 -62.32 -30.61
N ASP D 305 11.89 -63.21 -31.10
CA ASP D 305 12.53 -64.19 -30.23
C ASP D 305 13.79 -63.60 -29.59
N TYR D 306 13.84 -63.60 -28.27
CA TYR D 306 15.03 -63.20 -27.54
C TYR D 306 15.97 -64.40 -27.43
N LEU D 307 17.21 -64.23 -27.88
CA LEU D 307 18.16 -65.33 -27.95
C LEU D 307 19.15 -65.30 -26.80
N GLY D 308 19.02 -64.31 -25.92
CA GLY D 308 20.02 -64.08 -24.88
C GLY D 308 19.82 -64.91 -23.63
N GLY D 309 18.73 -65.66 -23.57
CA GLY D 309 18.46 -66.53 -22.43
C GLY D 309 16.99 -66.51 -22.08
N PRO D 310 16.65 -66.86 -20.82
CA PRO D 310 15.25 -66.81 -20.39
C PRO D 310 14.70 -65.40 -20.52
N ALA D 311 13.42 -65.30 -20.84
CA ALA D 311 12.79 -64.01 -21.01
C ALA D 311 12.88 -63.17 -19.73
N GLU D 312 12.93 -63.86 -18.60
CA GLU D 312 13.09 -63.25 -17.28
C GLU D 312 14.17 -62.17 -17.27
N ARG D 313 15.35 -62.54 -17.77
CA ARG D 313 16.52 -61.67 -17.81
C ARG D 313 16.25 -60.39 -18.60
N LEU D 314 15.60 -60.54 -19.76
CA LEU D 314 15.21 -59.37 -20.54
C LEU D 314 14.13 -58.54 -19.84
N LEU D 315 13.06 -59.19 -19.40
CA LEU D 315 11.97 -58.51 -18.69
C LEU D 315 12.44 -57.63 -17.53
N ASP D 316 13.48 -58.09 -16.84
CA ASP D 316 14.00 -57.42 -15.65
C ASP D 316 14.51 -56.00 -15.93
N ARG D 317 15.12 -55.80 -17.10
CA ARG D 317 15.93 -54.62 -17.39
C ARG D 317 15.18 -53.36 -17.83
N PHE D 318 14.06 -53.50 -18.53
CA PHE D 318 13.34 -52.33 -19.03
C PHE D 318 13.10 -51.33 -17.91
N THR D 319 13.35 -50.06 -18.21
CA THR D 319 13.11 -49.01 -17.23
C THR D 319 12.16 -47.96 -17.81
N LEU D 320 11.84 -48.09 -19.08
CA LEU D 320 10.83 -47.22 -19.67
C LEU D 320 9.64 -48.05 -20.09
N PHE D 321 9.88 -49.09 -20.89
CA PHE D 321 8.85 -50.08 -21.16
C PHE D 321 8.34 -50.62 -19.83
N THR D 322 7.03 -50.66 -19.70
CA THR D 322 6.39 -51.21 -18.51
C THR D 322 5.97 -52.64 -18.81
N CYS D 323 6.12 -53.54 -17.85
CA CYS D 323 5.81 -54.91 -18.14
C CYS D 323 4.53 -55.40 -17.45
N GLY D 324 3.47 -55.42 -18.23
CA GLY D 324 2.17 -55.88 -17.78
C GLY D 324 1.50 -56.38 -19.05
N VAL D 325 0.25 -56.82 -18.94
CA VAL D 325 -0.45 -57.21 -20.15
C VAL D 325 -1.27 -56.02 -20.64
N SER D 326 -2.10 -56.28 -21.66
CA SER D 326 -2.89 -55.30 -22.38
C SER D 326 -2.05 -54.60 -23.44
N LEU D 327 -2.71 -53.79 -24.26
CA LEU D 327 -2.04 -53.11 -25.36
C LEU D 327 -2.85 -51.92 -25.76
N GLY D 328 -2.27 -51.13 -26.66
CA GLY D 328 -2.94 -49.98 -27.23
C GLY D 328 -2.90 -48.72 -26.38
N GLY D 329 -2.36 -48.83 -25.17
CA GLY D 329 -2.32 -47.70 -24.26
C GLY D 329 -1.19 -46.73 -24.55
N VAL D 330 -1.28 -45.53 -23.99
CA VAL D 330 -0.27 -44.50 -24.24
C VAL D 330 1.09 -44.89 -23.67
N HIS D 331 1.09 -45.75 -22.65
CA HIS D 331 2.34 -46.25 -22.05
C HIS D 331 2.75 -47.51 -22.80
N SER D 332 4.03 -47.60 -23.18
CA SER D 332 4.52 -48.76 -23.91
C SER D 332 4.62 -49.94 -22.96
N LEU D 333 4.26 -51.13 -23.45
CA LEU D 333 4.29 -52.32 -22.62
C LEU D 333 5.08 -53.47 -23.23
N VAL D 334 5.59 -54.34 -22.37
CA VAL D 334 6.23 -55.54 -22.82
C VAL D 334 5.72 -56.73 -22.03
N GLU D 335 5.47 -57.84 -22.73
CA GLU D 335 5.13 -59.12 -22.09
C GLU D 335 5.99 -60.25 -22.66
N CYS D 336 6.07 -61.35 -21.92
CA CYS D 336 6.48 -62.61 -22.51
C CYS D 336 5.22 -63.46 -22.61
N PRO D 337 4.77 -63.77 -23.84
CA PRO D 337 3.61 -64.65 -24.05
C PRO D 337 3.66 -65.90 -23.18
N ALA D 338 4.65 -66.76 -23.40
CA ALA D 338 4.79 -68.02 -22.67
C ALA D 338 5.09 -67.89 -21.15
N LEU D 339 5.04 -66.66 -20.62
CA LEU D 339 5.20 -66.47 -19.17
C LEU D 339 3.98 -65.89 -18.43
N MSE D 340 3.10 -65.18 -19.14
CA MSE D 340 1.83 -64.74 -18.54
C MSE D 340 0.56 -65.15 -19.34
O MSE D 340 -0.25 -65.94 -18.82
CB MSE D 340 1.88 -63.24 -18.14
CG MSE D 340 2.16 -62.99 -16.60
SE MSE D 340 4.06 -62.74 -15.96
CE MSE D 340 4.76 -62.06 -17.64
N THR D 341 0.40 -64.68 -20.57
CA THR D 341 -0.81 -64.94 -21.38
C THR D 341 -1.08 -66.39 -21.76
N HIS D 342 -0.18 -66.97 -22.55
CA HIS D 342 -0.32 -68.33 -23.06
C HIS D 342 0.46 -69.24 -22.11
N ARG D 343 0.86 -68.61 -21.02
CA ARG D 343 1.36 -69.28 -19.82
C ARG D 343 0.47 -70.40 -19.25
N PRO D 344 -0.86 -70.25 -19.34
CA PRO D 344 -1.63 -71.42 -18.87
C PRO D 344 -1.63 -72.58 -19.89
N LEU D 345 -1.02 -72.35 -21.05
CA LEU D 345 -1.14 -73.26 -22.19
C LEU D 345 0.02 -74.21 -22.45
N SER D 346 0.34 -75.07 -21.47
CA SER D 346 1.31 -76.19 -21.57
C SER D 346 2.60 -76.04 -22.39
N ALA D 347 3.48 -77.03 -22.31
CA ALA D 347 4.73 -77.01 -23.08
C ALA D 347 4.89 -78.30 -23.90
N GLU D 348 4.06 -79.30 -23.64
CA GLU D 348 3.86 -80.38 -24.61
C GLU D 348 3.11 -79.77 -25.79
N ALA D 349 2.36 -78.70 -25.51
CA ALA D 349 1.82 -77.80 -26.54
C ALA D 349 2.77 -76.63 -26.77
N ARG D 350 2.44 -75.44 -26.22
CA ARG D 350 3.11 -74.13 -26.51
C ARG D 350 4.36 -74.09 -27.40
N ALA D 351 4.36 -74.93 -28.43
CA ALA D 351 5.38 -74.96 -29.46
C ALA D 351 4.59 -75.17 -30.74
N ARG D 352 3.44 -75.81 -30.58
CA ARG D 352 2.45 -75.95 -31.64
C ARG D 352 2.15 -74.65 -32.39
N ARG D 353 2.05 -73.55 -31.66
CA ARG D 353 1.85 -72.23 -32.27
C ARG D 353 3.20 -71.66 -32.70
N GLY D 354 3.41 -70.34 -32.65
CA GLY D 354 4.74 -69.83 -32.97
C GLY D 354 5.61 -69.57 -31.77
N ILE D 355 4.93 -69.23 -30.69
CA ILE D 355 5.40 -69.13 -29.31
C ILE D 355 6.58 -70.01 -28.82
N GLY D 356 7.76 -69.43 -28.70
CA GLY D 356 8.85 -70.06 -27.95
C GLY D 356 8.85 -69.46 -26.55
N GLU D 357 9.57 -70.07 -25.60
CA GLU D 357 9.59 -69.54 -24.23
C GLU D 357 10.34 -68.21 -24.13
N SER D 358 11.03 -67.83 -25.20
CA SER D 358 11.64 -66.51 -25.25
C SER D 358 11.14 -65.66 -26.40
N LEU D 359 9.88 -65.83 -26.78
CA LEU D 359 9.22 -64.86 -27.63
C LEU D 359 8.79 -63.69 -26.77
N ILE D 360 9.09 -62.49 -27.24
CA ILE D 360 8.74 -61.25 -26.56
C ILE D 360 7.77 -60.43 -27.42
N ARG D 361 6.76 -59.83 -26.80
CA ARG D 361 5.84 -58.94 -27.53
C ARG D 361 5.91 -57.51 -27.03
N LEU D 362 6.11 -56.58 -27.94
CA LEU D 362 6.12 -55.17 -27.60
C LEU D 362 4.78 -54.52 -27.95
N SER D 363 4.26 -53.73 -27.03
CA SER D 363 3.09 -52.93 -27.27
C SER D 363 3.54 -51.49 -27.21
N VAL D 364 3.50 -50.82 -28.35
CA VAL D 364 4.13 -49.52 -28.48
C VAL D 364 3.19 -48.38 -28.14
N GLY D 365 3.61 -47.53 -27.20
CA GLY D 365 2.85 -46.36 -26.80
C GLY D 365 3.29 -45.09 -27.51
N ILE D 366 3.10 -43.93 -26.87
CA ILE D 366 3.40 -42.66 -27.52
C ILE D 366 4.56 -41.88 -26.92
N GLU D 367 5.45 -42.56 -26.19
CA GLU D 367 6.66 -41.89 -25.67
C GLU D 367 7.57 -41.51 -26.84
N ASP D 368 8.59 -40.69 -26.55
CA ASP D 368 9.57 -40.34 -27.58
C ASP D 368 10.20 -41.63 -28.12
N PRO D 369 10.30 -41.74 -29.46
CA PRO D 369 10.69 -43.04 -30.04
C PRO D 369 12.13 -43.37 -29.72
N GLN D 370 12.96 -42.34 -29.64
CA GLN D 370 14.37 -42.63 -29.41
C GLN D 370 14.63 -43.03 -27.96
N ASP D 371 13.79 -42.57 -27.03
CA ASP D 371 13.85 -43.07 -25.65
C ASP D 371 13.48 -44.56 -25.58
N LEU D 372 12.38 -44.93 -26.24
CA LEU D 372 11.97 -46.33 -26.28
C LEU D 372 13.04 -47.22 -26.93
N ALA D 373 13.60 -46.73 -28.03
CA ALA D 373 14.67 -47.46 -28.71
C ALA D 373 15.88 -47.62 -27.79
N GLU D 374 16.20 -46.57 -27.05
CA GLU D 374 17.25 -46.67 -26.04
C GLU D 374 16.96 -47.74 -24.98
N ASP D 375 15.74 -47.74 -24.46
CA ASP D 375 15.39 -48.68 -23.39
C ASP D 375 15.48 -50.11 -23.92
N LEU D 376 14.92 -50.31 -25.11
CA LEU D 376 14.99 -51.61 -25.78
C LEU D 376 16.44 -52.06 -26.01
N SER D 377 17.26 -51.18 -26.60
CA SER D 377 18.68 -51.49 -26.81
C SER D 377 19.39 -51.86 -25.53
N ARG D 378 19.17 -51.07 -24.50
CA ARG D 378 19.80 -51.27 -23.19
C ARG D 378 19.43 -52.65 -22.64
N ALA D 379 18.16 -53.03 -22.77
CA ALA D 379 17.70 -54.31 -22.25
C ALA D 379 18.33 -55.48 -23.02
N LEU D 380 18.30 -55.40 -24.34
CA LEU D 380 18.85 -56.47 -25.18
C LEU D 380 20.33 -56.73 -24.88
N ALA D 381 21.04 -55.69 -24.48
CA ALA D 381 22.47 -55.83 -24.23
C ALA D 381 22.73 -56.08 -22.75
N GLY D 382 21.92 -55.46 -21.89
CA GLY D 382 22.16 -55.45 -20.46
C GLY D 382 22.71 -54.11 -19.98
N GLY E 6 -17.54 43.09 15.62
CA GLY E 6 -16.25 42.41 15.66
C GLY E 6 -15.28 42.87 14.60
N MSE E 7 -15.05 41.99 13.62
CA MSE E 7 -14.09 42.32 12.59
C MSE E 7 -14.71 41.94 11.24
O MSE E 7 -15.13 40.79 11.07
CB MSE E 7 -12.76 41.59 12.85
CG MSE E 7 -12.02 41.90 14.18
SE MSE E 7 -10.37 40.84 14.46
CE MSE E 7 -10.77 39.86 16.11
N ARG E 8 -14.76 42.87 10.29
CA ARG E 8 -15.27 42.58 8.95
C ARG E 8 -14.42 41.62 8.13
N PHE E 9 -13.24 42.03 7.68
CA PHE E 9 -12.41 41.19 6.80
C PHE E 9 -11.01 41.78 6.73
N GLY E 10 -10.89 42.99 6.18
CA GLY E 10 -9.63 43.71 6.19
C GLY E 10 -9.12 44.00 7.61
N THR E 11 -10.03 44.11 8.55
CA THR E 11 -9.69 44.29 9.97
C THR E 11 -9.05 43.04 10.55
N ARG E 12 -9.55 41.87 10.11
CA ARG E 12 -9.03 40.59 10.58
C ARG E 12 -7.56 40.37 10.20
N LEU E 13 -7.13 40.94 9.07
CA LEU E 13 -5.73 40.91 8.66
C LEU E 13 -4.83 41.56 9.71
N VAL E 14 -5.26 42.73 10.18
CA VAL E 14 -4.48 43.49 11.16
C VAL E 14 -4.54 42.86 12.56
N HIS E 15 -5.72 42.39 12.97
CA HIS E 15 -5.92 42.04 14.37
C HIS E 15 -6.21 40.57 14.73
N GLY E 16 -6.56 39.74 13.76
CA GLY E 16 -6.77 38.33 14.02
C GLY E 16 -5.55 37.67 14.64
N GLY E 17 -5.71 37.08 15.82
CA GLY E 17 -4.61 36.42 16.51
C GLY E 17 -3.67 37.42 17.18
N ARG E 18 -4.03 38.69 17.20
CA ARG E 18 -3.14 39.70 17.76
C ARG E 18 -3.42 39.95 19.24
N ARG E 19 -2.57 39.35 20.11
CA ARG E 19 -2.79 39.29 21.57
C ARG E 19 -1.81 40.13 22.43
N PRO E 20 -2.06 40.27 23.78
CA PRO E 20 -1.42 41.38 24.51
C PRO E 20 -0.37 41.12 25.62
N SER E 21 0.75 40.50 25.28
CA SER E 21 1.98 40.51 26.09
C SER E 21 1.83 40.74 27.60
N ALA E 22 2.02 39.70 28.39
CA ALA E 22 1.69 39.78 29.82
C ALA E 22 2.45 40.88 30.56
N GLY E 23 1.84 42.06 30.61
CA GLY E 23 2.27 43.11 31.51
C GLY E 23 2.82 44.36 30.85
N THR E 24 3.24 44.25 29.60
CA THR E 24 3.95 45.34 28.94
C THR E 24 3.09 46.09 27.92
N GLY E 25 2.13 45.37 27.32
CA GLY E 25 1.16 45.99 26.43
C GLY E 25 1.54 46.06 24.95
N ASP E 26 2.58 45.33 24.55
CA ASP E 26 3.05 45.32 23.16
C ASP E 26 1.90 45.20 22.17
N VAL E 27 1.80 46.17 21.27
CA VAL E 27 0.77 46.13 20.24
C VAL E 27 1.11 45.06 19.21
N VAL E 28 2.34 45.09 18.70
CA VAL E 28 2.87 44.00 17.90
C VAL E 28 3.44 42.94 18.86
N PRO E 29 2.80 41.76 18.95
CA PRO E 29 3.27 40.75 19.90
C PRO E 29 4.73 40.35 19.62
N PRO E 30 5.47 40.05 20.68
CA PRO E 30 6.91 39.78 20.53
C PRO E 30 7.19 38.47 19.76
N ILE E 31 8.38 38.37 19.18
CA ILE E 31 8.76 37.20 18.40
C ILE E 31 9.30 36.11 19.32
N HIS E 32 8.58 34.99 19.41
CA HIS E 32 9.00 33.88 20.27
C HIS E 32 9.99 32.97 19.59
N VAL E 33 11.28 33.16 19.86
CA VAL E 33 12.31 32.34 19.25
C VAL E 33 12.68 31.12 20.08
N SER E 34 12.39 31.14 21.39
CA SER E 34 12.80 30.06 22.28
C SER E 34 12.32 28.67 21.80
N THR E 35 13.23 27.70 21.78
CA THR E 35 12.89 26.32 21.44
C THR E 35 12.31 25.58 22.63
N THR E 36 12.61 26.06 23.83
CA THR E 36 12.18 25.32 25.00
C THR E 36 11.58 26.21 26.09
N TYR E 37 10.87 25.59 27.04
CA TYR E 37 10.15 26.32 28.08
C TYR E 37 10.38 25.75 29.46
N GLU E 38 10.51 26.65 30.43
CA GLU E 38 10.47 26.30 31.83
C GLU E 38 9.10 25.67 32.12
N ARG E 39 9.12 24.42 32.59
CA ARG E 39 7.88 23.70 32.89
C ARG E 39 7.25 24.22 34.17
N ARG E 40 8.08 24.61 35.13
CA ARG E 40 7.62 25.04 36.45
C ARG E 40 7.06 26.46 36.38
N ALA E 41 7.23 27.11 35.23
CA ALA E 41 6.51 28.33 34.98
C ALA E 41 5.01 28.05 35.07
N GLN E 42 4.57 27.05 34.30
CA GLN E 42 3.17 26.91 33.90
C GLN E 42 2.21 26.32 34.91
N ASP E 43 1.05 26.96 35.01
CA ASP E 43 -0.04 26.54 35.89
C ASP E 43 -0.61 25.20 35.47
N GLU E 44 -1.12 25.18 34.25
CA GLU E 44 -1.68 24.03 33.59
C GLU E 44 -1.10 23.64 32.26
N PRO E 45 0.21 23.76 32.13
CA PRO E 45 1.06 23.64 30.93
C PRO E 45 0.45 23.87 29.54
N ARG E 46 1.20 24.55 28.68
CA ARG E 46 0.78 24.74 27.29
C ARG E 46 1.97 24.86 26.31
N TYR E 47 3.19 24.79 26.85
CA TYR E 47 4.37 24.98 26.01
C TYR E 47 5.50 24.07 26.49
N PHE E 48 5.90 23.11 25.63
CA PHE E 48 6.88 22.09 26.04
C PHE E 48 8.05 21.92 25.09
N TYR E 49 7.83 22.19 23.82
CA TYR E 49 8.90 22.16 22.82
C TYR E 49 8.51 22.86 21.53
N GLY E 50 9.41 23.70 21.03
CA GLY E 50 9.14 24.52 19.85
C GLY E 50 8.67 23.83 18.57
N ARG E 51 9.06 22.58 18.36
CA ARG E 51 8.49 21.82 17.22
C ARG E 51 6.99 21.58 17.41
N GLY E 52 6.59 21.26 18.63
CA GLY E 52 5.18 21.10 18.94
C GLY E 52 4.50 22.44 19.24
N GLU E 53 5.14 23.27 20.07
CA GLU E 53 4.48 24.45 20.59
C GLU E 53 5.25 25.72 20.30
N ASN E 54 4.57 26.73 19.73
CA ASN E 54 5.19 28.04 19.55
C ASN E 54 4.16 29.15 19.44
N PRO E 55 4.21 30.13 20.36
CA PRO E 55 3.17 31.18 20.34
C PRO E 55 3.13 32.05 19.08
N THR E 56 4.28 32.41 18.52
CA THR E 56 4.32 33.26 17.32
C THR E 56 3.71 32.53 16.13
N ARG E 57 4.02 31.23 16.02
CA ARG E 57 3.42 30.38 15.01
C ARG E 57 1.89 30.30 15.15
N GLU E 58 1.42 30.11 16.38
CA GLU E 58 -0.01 30.02 16.67
C GLU E 58 -0.77 31.30 16.28
N GLU E 59 -0.19 32.45 16.59
CA GLU E 59 -0.85 33.74 16.30
C GLU E 59 -1.07 33.90 14.80
N LEU E 60 -0.08 33.47 14.01
CA LEU E 60 -0.22 33.46 12.55
C LEU E 60 -1.34 32.52 12.12
N GLU E 61 -1.43 31.38 12.78
CA GLU E 61 -2.47 30.39 12.50
C GLU E 61 -3.87 30.93 12.84
N GLU E 62 -4.00 31.59 13.98
CA GLU E 62 -5.27 32.19 14.34
C GLU E 62 -5.65 33.25 13.31
N CYS E 63 -4.67 34.04 12.87
CA CYS E 63 -4.91 35.04 11.83
C CYS E 63 -5.47 34.40 10.54
N LEU E 64 -4.76 33.43 10.00
CA LEU E 64 -5.16 32.77 8.74
C LEU E 64 -6.53 32.06 8.83
N ALA E 65 -6.78 31.38 9.95
CA ALA E 65 -8.09 30.75 10.15
C ALA E 65 -9.19 31.82 10.12
N GLY E 66 -8.90 32.95 10.75
CA GLY E 66 -9.83 34.07 10.83
C GLY E 66 -10.28 34.61 9.48
N LEU E 67 -9.37 34.59 8.51
CA LEU E 67 -9.68 35.09 7.17
C LEU E 67 -10.75 34.26 6.47
N GLU E 68 -10.94 33.02 6.89
CA GLU E 68 -11.93 32.17 6.26
C GLU E 68 -13.03 31.80 7.26
N ARG E 69 -13.02 32.49 8.41
CA ARG E 69 -13.98 32.23 9.47
C ARG E 69 -13.97 30.75 9.89
N ALA E 70 -12.79 30.15 9.89
CA ALA E 70 -12.64 28.72 10.17
C ALA E 70 -11.97 28.54 11.52
N PRO E 71 -12.31 27.45 12.21
CA PRO E 71 -11.78 27.27 13.57
C PRO E 71 -10.36 26.70 13.63
N PHE E 72 -9.77 26.35 12.49
CA PHE E 72 -8.43 25.73 12.51
C PHE E 72 -7.54 26.22 11.38
N ALA E 73 -6.26 26.39 11.69
CA ALA E 73 -5.23 26.54 10.67
C ALA E 73 -3.90 25.98 11.19
N THR E 74 -3.09 25.50 10.26
CA THR E 74 -1.77 24.97 10.57
C THR E 74 -0.79 25.50 9.54
N VAL E 75 0.34 26.05 10.00
CA VAL E 75 1.37 26.53 9.06
C VAL E 75 2.60 25.61 8.98
N PHE E 76 3.33 25.76 7.88
CA PHE E 76 4.39 24.84 7.48
C PHE E 76 5.57 25.65 6.90
N SER E 77 6.71 24.99 6.75
CA SER E 77 7.92 25.62 6.22
C SER E 77 7.82 25.96 4.73
N SER E 78 6.79 25.44 4.06
CA SER E 78 6.59 25.73 2.64
C SER E 78 5.19 25.33 2.21
N GLY E 79 4.74 25.90 1.09
CA GLY E 79 3.52 25.43 0.45
C GLY E 79 3.60 23.93 0.16
N GLN E 80 4.75 23.48 -0.32
CA GLN E 80 4.92 22.04 -0.59
C GLN E 80 4.67 21.20 0.66
N ALA E 81 5.20 21.66 1.79
CA ALA E 81 5.05 20.93 3.06
C ALA E 81 3.58 20.84 3.49
N ALA E 82 2.82 21.91 3.26
CA ALA E 82 1.38 21.87 3.53
C ALA E 82 0.73 20.81 2.67
N ALA E 83 1.08 20.80 1.39
CA ALA E 83 0.54 19.82 0.47
C ALA E 83 0.95 18.40 0.87
N ALA E 84 2.23 18.21 1.21
CA ALA E 84 2.73 16.90 1.58
C ALA E 84 1.96 16.31 2.78
N THR E 85 1.59 17.20 3.70
CA THR E 85 0.94 16.80 4.95
C THR E 85 -0.50 16.31 4.72
N LEU E 86 -1.33 17.15 4.08
CA LEU E 86 -2.72 16.78 3.83
C LEU E 86 -2.74 15.53 2.97
N LEU E 87 -1.85 15.49 1.98
CA LEU E 87 -1.66 14.35 1.09
C LEU E 87 -1.14 13.10 1.81
N SER E 88 -0.55 13.26 2.99
CA SER E 88 -0.03 12.13 3.76
C SER E 88 -1.15 11.29 4.34
N LEU E 89 -2.35 11.86 4.38
CA LEU E 89 -3.50 11.17 4.94
C LEU E 89 -4.21 10.24 3.96
N VAL E 90 -3.74 10.17 2.72
CA VAL E 90 -4.31 9.24 1.77
C VAL E 90 -3.63 7.88 1.88
N ARG E 91 -4.43 6.81 1.93
CA ARG E 91 -3.89 5.45 2.08
C ARG E 91 -3.45 4.84 0.76
N PRO E 92 -2.34 4.11 0.79
CA PRO E 92 -2.00 3.24 -0.34
C PRO E 92 -3.16 2.28 -0.52
N GLY E 93 -3.89 2.42 -1.62
CA GLY E 93 -5.10 1.65 -1.85
C GLY E 93 -6.27 2.56 -2.20
N GLN E 94 -6.14 3.84 -1.85
CA GLN E 94 -7.16 4.86 -2.12
C GLN E 94 -6.76 5.77 -3.28
N CYS E 95 -7.66 6.68 -3.66
CA CYS E 95 -7.50 7.43 -4.90
C CYS E 95 -7.63 8.95 -4.76
N VAL E 96 -6.82 9.67 -5.55
CA VAL E 96 -6.83 11.13 -5.60
C VAL E 96 -7.12 11.59 -7.03
N VAL E 97 -8.17 12.39 -7.19
CA VAL E 97 -8.45 13.04 -8.48
C VAL E 97 -8.06 14.52 -8.40
N SER E 98 -7.58 15.07 -9.51
CA SER E 98 -7.05 16.42 -9.52
C SER E 98 -7.35 17.14 -10.84
N THR E 99 -7.70 18.42 -10.79
CA THR E 99 -7.79 19.24 -12.00
C THR E 99 -6.47 19.00 -12.71
N ASP E 100 -6.49 18.60 -13.99
CA ASP E 100 -5.28 18.08 -14.68
C ASP E 100 -4.04 18.94 -14.45
N ASP E 101 -3.77 19.84 -15.38
CA ASP E 101 -2.76 20.91 -15.23
C ASP E 101 -2.36 21.32 -13.79
N VAL E 102 -1.77 20.39 -13.03
CA VAL E 102 -1.35 20.73 -11.69
C VAL E 102 0.11 21.14 -11.52
N TYR E 103 0.37 21.81 -10.40
CA TYR E 103 1.68 22.37 -10.12
C TYR E 103 2.77 21.31 -10.19
N ALA E 104 3.94 21.74 -10.62
CA ALA E 104 5.10 20.87 -10.70
C ALA E 104 5.32 20.17 -9.37
N GLY E 105 5.31 20.92 -8.27
CA GLY E 105 5.52 20.35 -6.96
C GLY E 105 4.37 19.45 -6.54
N THR E 106 3.18 19.81 -6.97
CA THR E 106 2.00 19.03 -6.64
C THR E 106 2.08 17.65 -7.30
N ASP E 107 2.38 17.65 -8.59
CA ASP E 107 2.58 16.40 -9.31
C ASP E 107 3.67 15.53 -8.70
N GLY E 108 4.75 16.17 -8.27
CA GLY E 108 5.86 15.49 -7.61
C GLY E 108 5.36 14.76 -6.38
N LEU E 109 4.55 15.45 -5.59
CA LEU E 109 4.00 14.86 -4.38
C LEU E 109 3.05 13.71 -4.67
N PHE E 110 2.35 13.78 -5.81
CA PHE E 110 1.43 12.71 -6.18
C PHE E 110 2.23 11.44 -6.57
N ASP E 111 3.35 11.61 -7.27
CA ASP E 111 4.22 10.47 -7.60
C ASP E 111 4.77 9.78 -6.35
N LEU E 112 5.16 10.56 -5.35
CA LEU E 112 5.72 10.01 -4.13
C LEU E 112 4.68 9.14 -3.47
N ALA E 113 3.46 9.67 -3.36
CA ALA E 113 2.36 8.89 -2.82
C ALA E 113 2.06 7.65 -3.68
N ALA E 114 2.11 7.81 -4.99
CA ALA E 114 1.85 6.68 -5.90
C ALA E 114 2.83 5.53 -5.65
N ARG E 115 4.13 5.87 -5.62
CA ARG E 115 5.17 4.90 -5.35
C ARG E 115 5.00 4.23 -3.99
N GLN E 116 4.14 4.82 -3.16
CA GLN E 116 3.75 4.22 -1.90
C GLN E 116 2.46 3.39 -2.03
N GLY E 117 1.72 3.60 -3.10
CA GLY E 117 0.46 2.89 -3.31
C GLY E 117 -0.77 3.76 -3.57
N VAL E 118 -0.59 5.08 -3.63
CA VAL E 118 -1.72 5.97 -3.89
C VAL E 118 -2.05 6.02 -5.39
N ARG E 119 -3.33 5.92 -5.70
CA ARG E 119 -3.78 5.98 -7.08
C ARG E 119 -4.24 7.37 -7.42
N VAL E 120 -3.53 8.02 -8.34
CA VAL E 120 -3.87 9.37 -8.73
C VAL E 120 -4.39 9.37 -10.14
N ARG E 121 -5.55 9.99 -10.36
CA ARG E 121 -6.18 9.96 -11.67
C ARG E 121 -6.60 11.36 -12.04
N TYR E 122 -5.91 11.94 -13.02
CA TYR E 122 -6.15 13.31 -13.46
C TYR E 122 -7.38 13.29 -14.34
N ALA E 123 -8.25 14.28 -14.15
CA ALA E 123 -9.55 14.30 -14.82
C ALA E 123 -9.91 15.73 -15.17
N ASP E 124 -10.59 15.89 -16.29
CA ASP E 124 -11.12 17.19 -16.70
C ASP E 124 -12.35 17.47 -15.85
N LEU E 125 -12.24 18.41 -14.93
CA LEU E 125 -13.32 18.67 -13.99
C LEU E 125 -14.22 19.84 -14.38
N THR E 126 -14.15 20.26 -15.64
CA THR E 126 -14.79 21.51 -16.06
C THR E 126 -16.16 21.31 -16.71
N THR E 127 -16.57 20.05 -16.86
CA THR E 127 -17.78 19.72 -17.61
C THR E 127 -18.61 18.69 -16.86
N PRO E 128 -19.92 18.65 -17.13
CA PRO E 128 -20.73 17.58 -16.55
C PRO E 128 -20.17 16.23 -16.99
N GLU E 129 -19.89 16.09 -18.28
CA GLU E 129 -19.23 14.88 -18.77
C GLU E 129 -17.91 14.57 -18.04
N GLY E 130 -17.20 15.60 -17.58
CA GLY E 130 -15.91 15.40 -16.95
C GLY E 130 -15.83 15.10 -15.46
N ILE E 131 -16.67 15.76 -14.67
CA ILE E 131 -16.74 15.53 -13.23
C ILE E 131 -17.21 14.10 -12.92
N ALA E 132 -18.03 13.56 -13.80
CA ALA E 132 -18.64 12.24 -13.64
C ALA E 132 -17.65 11.08 -13.65
N ALA E 133 -17.04 10.83 -14.80
CA ALA E 133 -16.08 9.74 -14.95
C ALA E 133 -14.85 9.97 -14.08
N ALA E 134 -14.84 11.09 -13.38
CA ALA E 134 -13.79 11.39 -12.42
C ALA E 134 -14.13 10.72 -11.10
N LEU E 135 -15.19 11.18 -10.45
CA LEU E 135 -15.60 10.64 -9.16
C LEU E 135 -16.15 9.20 -9.25
N ALA E 136 -16.08 8.60 -10.43
CA ALA E 136 -16.44 7.21 -10.61
C ALA E 136 -15.40 6.30 -9.95
N GLU E 137 -14.24 6.86 -9.61
CA GLU E 137 -13.16 6.11 -8.99
C GLU E 137 -13.59 5.47 -7.68
N PRO E 138 -13.26 4.19 -7.49
CA PRO E 138 -13.55 3.56 -6.21
C PRO E 138 -12.53 3.96 -5.13
N ASP E 139 -12.93 3.86 -3.87
CA ASP E 139 -12.07 4.20 -2.74
C ASP E 139 -11.52 5.64 -2.86
N LEU E 140 -12.40 6.55 -3.27
CA LEU E 140 -12.03 7.94 -3.44
C LEU E 140 -11.75 8.58 -2.09
N ALA E 141 -10.60 9.24 -1.98
CA ALA E 141 -10.18 9.87 -0.73
C ALA E 141 -10.18 11.38 -0.80
N LEU E 142 -9.73 11.93 -1.92
CA LEU E 142 -9.33 13.34 -1.98
C LEU E 142 -9.48 13.94 -3.38
N VAL E 143 -10.34 14.93 -3.50
CA VAL E 143 -10.44 15.67 -4.75
C VAL E 143 -9.63 16.93 -4.56
N TRP E 144 -8.63 17.12 -5.41
CA TRP E 144 -7.64 18.18 -5.25
C TRP E 144 -7.85 19.22 -6.34
N ILE E 145 -8.38 20.38 -5.97
CA ILE E 145 -8.74 21.40 -6.94
C ILE E 145 -7.75 22.56 -6.91
N GLU E 146 -7.01 22.76 -7.99
CA GLU E 146 -6.20 23.96 -8.10
C GLU E 146 -6.92 24.88 -9.09
N THR E 147 -7.51 25.96 -8.58
CA THR E 147 -8.27 26.86 -9.42
C THR E 147 -8.07 28.31 -8.99
N PRO E 148 -7.85 29.22 -9.97
CA PRO E 148 -7.63 28.89 -11.38
C PRO E 148 -6.32 28.14 -11.59
N THR E 149 -6.19 27.48 -12.73
CA THR E 149 -4.98 26.75 -13.08
C THR E 149 -3.94 27.68 -13.72
N ASN E 150 -2.75 27.18 -13.95
CA ASN E 150 -1.62 28.02 -14.28
C ASN E 150 -0.67 27.22 -15.13
N PRO E 151 -0.29 27.73 -16.31
CA PRO E 151 -0.40 29.11 -16.83
C PRO E 151 -1.65 29.43 -17.66
N LEU E 152 -2.66 28.57 -17.73
CA LEU E 152 -3.78 28.86 -18.62
C LEU E 152 -4.99 29.54 -17.95
N LEU E 153 -5.05 29.45 -16.63
CA LEU E 153 -6.13 30.05 -15.84
C LEU E 153 -7.49 29.41 -16.15
N THR E 154 -7.48 28.09 -16.34
CA THR E 154 -8.73 27.33 -16.52
C THR E 154 -9.31 26.98 -15.14
N VAL E 155 -10.61 27.21 -14.99
CA VAL E 155 -11.25 27.32 -13.69
C VAL E 155 -12.27 26.19 -13.45
N VAL E 156 -12.33 25.71 -12.21
CA VAL E 156 -13.27 24.65 -11.82
C VAL E 156 -14.21 25.15 -10.71
N ASP E 157 -15.46 24.73 -10.79
CA ASP E 157 -16.53 25.13 -9.87
C ASP E 157 -16.38 24.34 -8.57
N VAL E 158 -15.78 24.95 -7.56
CA VAL E 158 -15.51 24.25 -6.29
C VAL E 158 -16.82 23.77 -5.65
N ALA E 159 -17.86 24.60 -5.69
CA ALA E 159 -19.11 24.24 -5.02
C ALA E 159 -19.70 22.99 -5.64
N GLU E 160 -19.74 22.95 -6.96
CA GLU E 160 -20.32 21.81 -7.67
C GLU E 160 -19.44 20.57 -7.50
N VAL E 161 -18.13 20.76 -7.53
CA VAL E 161 -17.23 19.63 -7.35
C VAL E 161 -17.32 19.11 -5.91
N SER E 162 -17.48 20.02 -4.96
CA SER E 162 -17.55 19.64 -3.56
C SER E 162 -18.83 18.90 -3.24
N ARG E 163 -19.96 19.40 -3.75
CA ARG E 163 -21.24 18.72 -3.59
C ARG E 163 -21.14 17.27 -4.04
N ARG E 164 -20.61 17.08 -5.25
CA ARG E 164 -20.62 15.74 -5.85
C ARG E 164 -19.42 14.88 -5.47
N ALA E 165 -18.45 15.45 -4.76
CA ALA E 165 -17.43 14.65 -4.09
C ALA E 165 -17.92 14.25 -2.69
N HIS E 166 -18.67 15.15 -2.05
CA HIS E 166 -19.23 14.89 -0.72
C HIS E 166 -20.45 13.95 -0.77
N GLU E 167 -20.65 13.28 -1.89
CA GLU E 167 -21.65 12.22 -1.98
C GLU E 167 -20.94 10.87 -2.02
N ARG E 168 -19.71 10.87 -2.50
CA ARG E 168 -18.78 9.80 -2.20
C ARG E 168 -18.23 10.10 -0.82
N GLY E 169 -17.32 9.29 -0.32
CA GLY E 169 -16.76 9.57 0.99
C GLY E 169 -15.67 10.62 1.00
N ALA E 170 -15.62 11.46 -0.04
CA ALA E 170 -14.42 12.26 -0.32
C ALA E 170 -14.20 13.53 0.51
N ARG E 171 -12.94 13.89 0.66
CA ARG E 171 -12.53 15.20 1.17
C ARG E 171 -12.16 16.07 -0.02
N VAL E 172 -12.44 17.37 0.06
CA VAL E 172 -12.08 18.32 -1.00
C VAL E 172 -11.14 19.42 -0.50
N VAL E 173 -10.00 19.54 -1.18
CA VAL E 173 -9.04 20.58 -0.90
C VAL E 173 -8.93 21.48 -2.12
N VAL E 174 -8.79 22.79 -1.88
CA VAL E 174 -8.55 23.74 -2.94
C VAL E 174 -7.21 24.43 -2.71
N ASP E 175 -6.33 24.39 -3.70
CA ASP E 175 -5.11 25.19 -3.68
C ASP E 175 -5.51 26.62 -4.07
N ASN E 176 -5.55 27.49 -3.07
CA ASN E 176 -6.11 28.84 -3.18
C ASN E 176 -5.01 29.91 -3.14
N THR E 177 -3.77 29.49 -3.31
CA THR E 177 -2.62 30.40 -3.31
C THR E 177 -2.78 31.53 -4.33
N PHE E 178 -3.24 31.15 -5.52
CA PHE E 178 -3.42 32.06 -6.63
C PHE E 178 -4.38 33.21 -6.29
N ALA E 179 -5.50 32.85 -5.66
CA ALA E 179 -6.55 33.79 -5.32
C ALA E 179 -6.19 34.64 -4.14
N SER E 180 -5.67 33.95 -3.12
CA SER E 180 -5.63 34.39 -1.73
C SER E 180 -7.05 34.36 -1.16
N PRO E 181 -7.18 34.49 0.16
CA PRO E 181 -8.54 34.56 0.73
C PRO E 181 -9.24 35.89 0.47
N VAL E 182 -8.53 36.89 -0.04
CA VAL E 182 -9.15 38.13 -0.50
C VAL E 182 -10.19 37.86 -1.58
N LEU E 183 -9.86 36.95 -2.49
CA LEU E 183 -10.64 36.80 -3.73
C LEU E 183 -11.55 35.56 -3.74
N GLN E 184 -11.19 34.54 -2.99
CA GLN E 184 -11.92 33.27 -3.06
C GLN E 184 -11.89 32.57 -1.71
N GLN E 185 -13.02 32.01 -1.33
CA GLN E 185 -13.18 31.39 -0.01
C GLN E 185 -13.63 29.93 -0.18
N PRO E 186 -12.66 29.02 -0.37
CA PRO E 186 -13.00 27.62 -0.66
C PRO E 186 -13.90 26.97 0.40
N LEU E 187 -13.70 27.31 1.67
CA LEU E 187 -14.54 26.73 2.72
C LEU E 187 -16.00 27.19 2.60
N ALA E 188 -16.20 28.47 2.33
CA ALA E 188 -17.56 29.00 2.13
C ALA E 188 -18.19 28.40 0.87
N LEU E 189 -17.34 28.08 -0.09
CA LEU E 189 -17.80 27.53 -1.35
C LEU E 189 -18.23 26.06 -1.23
N GLY E 190 -17.70 25.36 -0.23
CA GLY E 190 -18.06 23.96 -0.01
C GLY E 190 -16.91 22.97 0.24
N ALA E 191 -15.68 23.40 0.02
CA ALA E 191 -14.53 22.52 0.22
C ALA E 191 -14.27 22.27 1.70
N ASP E 192 -13.41 21.30 2.01
CA ASP E 192 -13.07 20.98 3.39
C ASP E 192 -11.78 21.64 3.83
N VAL E 193 -10.91 21.97 2.88
CA VAL E 193 -9.60 22.52 3.20
C VAL E 193 -9.20 23.55 2.16
N SER E 194 -8.57 24.62 2.62
CA SER E 194 -7.82 25.52 1.74
C SER E 194 -6.33 25.22 1.95
N LEU E 195 -5.59 25.29 0.86
CA LEU E 195 -4.16 25.06 0.89
C LEU E 195 -3.48 26.30 0.34
N TYR E 196 -2.41 26.74 0.98
CA TYR E 196 -1.67 27.91 0.51
C TYR E 196 -0.19 27.69 0.57
N SER E 197 0.48 28.15 -0.48
CA SER E 197 1.84 28.62 -0.31
C SER E 197 1.71 30.07 0.10
N THR E 198 2.03 30.36 1.36
CA THR E 198 2.05 31.73 1.87
C THR E 198 3.28 32.49 1.34
N THR E 199 4.23 31.74 0.78
CA THR E 199 5.38 32.31 0.06
C THR E 199 4.95 33.36 -0.94
N1 LLP E 200 0.89 25.78 -4.99
C2 LLP E 200 0.86 26.97 -5.59
C2' LLP E 200 -0.45 27.44 -6.31
C3 LLP E 200 2.03 27.79 -5.57
O3 LLP E 200 2.01 29.04 -6.20
C4 LLP E 200 3.17 27.36 -4.92
C4' LLP E 200 4.47 28.32 -4.91
C5 LLP E 200 3.19 26.13 -4.31
C6 LLP E 200 2.04 25.34 -4.34
C5' LLP E 200 4.44 25.58 -3.57
OP4 LLP E 200 4.66 26.34 -2.40
P LLP E 200 6.09 26.55 -1.83
OP1 LLP E 200 5.95 27.60 -0.71
OP2 LLP E 200 6.60 25.26 -1.31
OP3 LLP E 200 7.02 27.00 -2.90
N LLP E 200 3.79 33.11 -1.55
CA LLP E 200 3.29 33.93 -2.66
CB LLP E 200 2.35 33.06 -3.49
CG LLP E 200 3.04 32.16 -4.55
CD LLP E 200 4.44 31.65 -4.17
CE LLP E 200 5.10 30.63 -5.14
NZ LLP E 200 4.19 29.55 -5.59
C LLP E 200 2.65 35.19 -2.10
O LLP E 200 3.31 35.94 -1.39
N SER E 201 1.39 35.44 -2.39
CA SER E 201 0.84 36.75 -2.07
C SER E 201 0.52 36.97 -0.59
N ILE E 202 0.32 35.90 0.15
CA ILE E 202 0.01 36.04 1.57
C ILE E 202 1.15 36.78 2.28
N ALA E 203 2.37 36.27 2.21
CA ALA E 203 3.51 36.99 2.76
C ALA E 203 3.81 38.23 1.91
N GLY E 204 3.81 38.05 0.59
CA GLY E 204 3.73 39.16 -0.34
C GLY E 204 5.03 39.79 -0.79
N HIS E 205 6.08 39.70 0.02
CA HIS E 205 7.29 40.50 -0.21
C HIS E 205 8.50 39.71 -0.72
N ALA E 206 8.27 38.45 -1.11
CA ALA E 206 9.28 37.61 -1.74
C ALA E 206 10.52 37.48 -0.86
N ASP E 207 10.31 37.42 0.45
CA ASP E 207 11.41 37.36 1.39
C ASP E 207 11.20 36.27 2.45
N VAL E 208 10.28 35.34 2.19
CA VAL E 208 10.05 34.22 3.10
C VAL E 208 9.22 33.11 2.44
N LEU E 209 9.57 31.86 2.73
CA LEU E 209 8.83 30.70 2.25
C LEU E 209 7.90 30.15 3.33
N GLY E 210 6.72 29.68 2.93
CA GLY E 210 5.78 29.14 3.90
C GLY E 210 4.58 28.42 3.31
N GLY E 211 3.89 27.66 4.16
CA GLY E 211 2.66 27.00 3.77
C GLY E 211 1.59 27.10 4.84
N ALA E 212 0.35 26.85 4.45
CA ALA E 212 -0.77 26.84 5.38
C ALA E 212 -1.86 25.89 4.91
N LEU E 213 -2.49 25.23 5.88
CA LEU E 213 -3.76 24.55 5.68
C LEU E 213 -4.78 25.22 6.59
N VAL E 214 -5.95 25.53 6.03
CA VAL E 214 -7.07 26.11 6.77
C VAL E 214 -8.29 25.21 6.56
N TYR E 215 -8.96 24.83 7.64
CA TYR E 215 -9.99 23.79 7.61
C TYR E 215 -10.85 23.84 8.87
N ARG E 216 -11.86 22.99 8.96
CA ARG E 216 -12.80 23.04 10.07
C ARG E 216 -12.88 21.71 10.86
N ASP E 217 -12.12 20.71 10.42
CA ASP E 217 -12.23 19.37 10.99
C ASP E 217 -11.28 19.13 12.18
N ALA E 218 -11.83 18.92 13.38
CA ALA E 218 -10.99 18.71 14.57
C ALA E 218 -10.24 17.39 14.51
N ASP E 219 -10.74 16.44 13.73
CA ASP E 219 -10.06 15.17 13.60
C ASP E 219 -8.99 15.27 12.53
N LEU E 220 -9.29 15.98 11.45
CA LEU E 220 -8.27 16.33 10.48
C LEU E 220 -7.19 17.18 11.15
N HIS E 221 -7.62 18.07 12.04
CA HIS E 221 -6.70 18.93 12.78
C HIS E 221 -5.71 18.07 13.56
N ALA E 222 -6.24 17.09 14.30
CA ALA E 222 -5.39 16.17 15.06
C ALA E 222 -4.38 15.43 14.16
N ALA E 223 -4.83 14.95 13.00
CA ALA E 223 -3.94 14.18 12.14
C ALA E 223 -2.91 15.08 11.49
N VAL E 224 -3.31 16.30 11.18
CA VAL E 224 -2.42 17.28 10.57
C VAL E 224 -1.33 17.74 11.52
N ARG E 225 -1.71 18.05 12.76
CA ARG E 225 -0.71 18.45 13.76
C ARG E 225 0.22 17.30 14.10
N ALA E 226 -0.32 16.08 14.23
CA ALA E 226 0.52 14.92 14.52
C ALA E 226 1.56 14.69 13.42
N TYR E 227 1.16 14.81 12.16
CA TYR E 227 2.10 14.68 11.06
C TYR E 227 3.17 15.79 11.09
N ARG E 228 2.75 17.04 11.26
CA ARG E 228 3.70 18.16 11.28
C ARG E 228 4.75 17.96 12.37
N THR E 229 4.31 17.55 13.55
CA THR E 229 5.23 17.32 14.66
C THR E 229 6.22 16.20 14.33
N THR E 230 5.73 15.13 13.73
CA THR E 230 6.57 13.98 13.44
C THR E 230 7.46 14.17 12.21
N ALA E 231 6.90 14.77 11.15
CA ALA E 231 7.68 15.02 9.95
C ALA E 231 8.60 16.22 10.15
N GLY E 232 8.20 17.11 11.06
CA GLY E 232 9.04 18.23 11.44
C GLY E 232 9.10 19.31 10.39
N ASN E 233 8.07 19.41 9.55
CA ASN E 233 8.03 20.43 8.52
C ASN E 233 7.45 21.74 9.05
N VAL E 234 7.96 22.17 10.20
CA VAL E 234 7.45 23.33 10.95
C VAL E 234 8.15 24.61 10.50
N PRO E 235 7.41 25.74 10.44
CA PRO E 235 8.15 26.97 10.12
C PRO E 235 8.89 27.45 11.36
N GLY E 236 9.78 28.40 11.20
CA GLY E 236 10.41 29.05 12.34
C GLY E 236 9.70 30.34 12.73
N ALA E 237 10.02 30.85 13.91
CA ALA E 237 9.36 32.07 14.41
C ALA E 237 9.59 33.33 13.58
N LEU E 238 10.84 33.58 13.20
CA LEU E 238 11.17 34.79 12.46
C LEU E 238 10.43 34.83 11.11
N ASP E 239 10.37 33.69 10.44
CA ASP E 239 9.62 33.57 9.18
C ASP E 239 8.10 33.69 9.35
N CYS E 240 7.55 33.13 10.43
CA CYS E 240 6.14 33.39 10.77
C CYS E 240 5.88 34.88 10.98
N PHE E 241 6.80 35.54 11.68
CA PHE E 241 6.70 36.96 11.90
C PHE E 241 6.66 37.71 10.57
N LEU E 242 7.53 37.32 9.64
CA LEU E 242 7.56 37.93 8.31
C LEU E 242 6.29 37.65 7.51
N VAL E 243 5.76 36.42 7.59
CA VAL E 243 4.49 36.14 6.92
C VAL E 243 3.39 37.01 7.54
N ARG E 244 3.27 36.96 8.87
CA ARG E 244 2.27 37.75 9.58
C ARG E 244 2.33 39.25 9.28
N ARG E 245 3.53 39.81 9.21
CA ARG E 245 3.68 41.24 8.90
C ARG E 245 3.17 41.59 7.49
N GLY E 246 3.49 40.74 6.52
CA GLY E 246 3.04 40.95 5.15
C GLY E 246 1.53 40.92 5.05
N LEU E 247 0.90 40.09 5.87
CA LEU E 247 -0.55 39.90 5.78
C LEU E 247 -1.39 41.12 6.05
N HIS E 248 -0.90 42.03 6.88
CA HIS E 248 -1.59 43.31 7.12
C HIS E 248 -2.03 43.98 5.82
N THR E 249 -1.15 43.98 4.81
CA THR E 249 -1.42 44.72 3.58
C THR E 249 -2.02 43.83 2.48
N LEU E 250 -2.31 42.57 2.80
CA LEU E 250 -2.79 41.62 1.79
C LEU E 250 -3.99 42.16 0.97
N SER E 251 -4.98 42.68 1.66
CA SER E 251 -6.12 43.25 0.95
C SER E 251 -5.72 44.45 0.05
N LEU E 252 -4.88 45.34 0.58
CA LEU E 252 -4.45 46.50 -0.18
C LEU E 252 -3.64 46.09 -1.42
N ARG E 253 -2.73 45.14 -1.24
CA ARG E 253 -1.88 44.68 -2.33
C ARG E 253 -2.72 44.01 -3.43
N VAL E 254 -3.60 43.08 -3.05
CA VAL E 254 -4.42 42.36 -4.02
C VAL E 254 -5.33 43.29 -4.83
N HIS E 255 -6.14 44.11 -4.15
CA HIS E 255 -7.01 45.09 -4.81
C HIS E 255 -6.22 45.92 -5.83
N ARG E 256 -4.95 46.15 -5.52
CA ARG E 256 -4.05 46.92 -6.38
C ARG E 256 -3.56 46.07 -7.55
N GLN E 257 -3.05 44.88 -7.24
CA GLN E 257 -2.60 43.94 -8.26
C GLN E 257 -3.67 43.68 -9.33
N VAL E 258 -4.91 43.49 -8.89
CA VAL E 258 -6.02 43.18 -9.80
C VAL E 258 -6.35 44.36 -10.72
N ALA E 259 -6.44 45.55 -10.15
CA ALA E 259 -6.70 46.75 -10.93
C ALA E 259 -5.65 46.88 -12.04
N THR E 260 -4.38 46.73 -11.67
CA THR E 260 -3.31 46.88 -12.65
C THR E 260 -3.40 45.77 -13.71
N ALA E 261 -3.60 44.54 -13.27
CA ALA E 261 -3.79 43.42 -14.19
C ALA E 261 -4.83 43.74 -15.27
N ARG E 262 -5.93 44.39 -14.87
CA ARG E 262 -6.98 44.80 -15.81
C ARG E 262 -6.41 45.71 -16.89
N VAL E 263 -5.70 46.75 -16.47
CA VAL E 263 -5.09 47.69 -17.39
C VAL E 263 -4.13 46.96 -18.33
N LEU E 264 -3.36 46.03 -17.77
CA LEU E 264 -2.39 45.27 -18.57
C LEU E 264 -3.10 44.39 -19.61
N VAL E 265 -4.23 43.82 -19.23
CA VAL E 265 -5.00 43.00 -20.16
C VAL E 265 -5.47 43.81 -21.38
N GLU E 266 -5.97 45.01 -21.15
CA GLU E 266 -6.40 45.85 -22.26
C GLU E 266 -5.23 46.24 -23.17
N ARG E 267 -4.06 46.51 -22.57
CA ARG E 267 -2.87 46.80 -23.34
C ARG E 267 -2.46 45.60 -24.21
N LEU E 268 -2.53 44.40 -23.64
CA LEU E 268 -2.25 43.19 -24.40
C LEU E 268 -3.24 43.01 -25.55
N ARG E 269 -4.52 43.23 -25.27
CA ARG E 269 -5.56 43.02 -26.28
C ARG E 269 -5.42 44.02 -27.43
N ALA E 270 -4.85 45.19 -27.16
CA ALA E 270 -4.61 46.20 -28.19
C ALA E 270 -3.35 45.92 -29.01
N SER E 271 -2.59 44.89 -28.66
CA SER E 271 -1.31 44.65 -29.32
C SER E 271 -1.42 43.66 -30.48
N PRO E 272 -0.98 44.08 -31.68
CA PRO E 272 -1.04 43.20 -32.85
C PRO E 272 -0.08 42.00 -32.75
N VAL E 273 0.86 42.03 -31.83
CA VAL E 273 1.77 40.90 -31.68
C VAL E 273 1.39 40.00 -30.49
N VAL E 274 0.12 40.05 -30.11
CA VAL E 274 -0.39 39.23 -29.04
C VAL E 274 -1.56 38.37 -29.52
N GLY E 275 -1.48 37.06 -29.27
CA GLY E 275 -2.54 36.14 -29.63
C GLY E 275 -3.53 35.98 -28.51
N ALA E 276 -3.71 34.75 -28.04
CA ALA E 276 -4.60 34.47 -26.92
C ALA E 276 -4.18 35.28 -25.71
N VAL E 277 -5.15 35.81 -24.96
CA VAL E 277 -4.86 36.45 -23.67
C VAL E 277 -5.74 35.83 -22.60
N HIS E 278 -5.12 35.02 -21.75
CA HIS E 278 -5.85 34.35 -20.68
C HIS E 278 -5.94 35.22 -19.43
N TYR E 279 -7.17 35.52 -19.01
CA TYR E 279 -7.42 36.26 -17.79
C TYR E 279 -8.82 35.93 -17.29
N PRO E 280 -8.96 35.58 -16.00
CA PRO E 280 -10.26 35.09 -15.53
C PRO E 280 -11.37 36.14 -15.62
N GLY E 281 -11.00 37.41 -15.80
CA GLY E 281 -11.99 38.48 -15.89
C GLY E 281 -12.58 38.76 -17.27
N LEU E 282 -12.06 38.13 -18.32
CA LEU E 282 -12.60 38.39 -19.67
C LEU E 282 -13.88 37.62 -19.92
N PRO E 283 -14.85 38.23 -20.64
CA PRO E 283 -16.12 37.58 -21.02
C PRO E 283 -15.98 36.44 -22.03
N GLU E 284 -14.77 36.12 -22.47
CA GLU E 284 -14.58 34.97 -23.34
C GLU E 284 -13.93 33.84 -22.57
N HIS E 285 -13.79 34.03 -21.25
CA HIS E 285 -13.32 32.97 -20.40
C HIS E 285 -14.35 31.85 -20.49
N PRO E 286 -13.90 30.62 -20.76
CA PRO E 286 -14.84 29.50 -20.92
C PRO E 286 -15.54 29.17 -19.61
N GLN E 287 -15.08 29.77 -18.51
CA GLN E 287 -15.68 29.50 -17.21
C GLN E 287 -15.93 30.75 -16.38
N HIS E 288 -16.18 31.88 -17.04
CA HIS E 288 -16.30 33.11 -16.26
C HIS E 288 -17.57 33.20 -15.41
N ALA E 289 -18.67 32.59 -15.89
CA ALA E 289 -19.85 32.41 -15.04
C ALA E 289 -19.41 31.84 -13.68
N VAL E 290 -18.55 30.82 -13.73
CA VAL E 290 -17.99 30.29 -12.49
C VAL E 290 -17.10 31.33 -11.80
N VAL E 291 -16.26 32.02 -12.55
CA VAL E 291 -15.41 33.07 -11.97
C VAL E 291 -16.29 34.11 -11.27
N LYS E 292 -17.37 34.51 -11.95
CA LYS E 292 -18.30 35.49 -11.43
C LYS E 292 -18.93 35.05 -10.10
N ALA E 293 -19.42 33.81 -10.07
CA ALA E 293 -20.13 33.28 -8.92
C ALA E 293 -19.26 32.82 -7.73
N GLN E 294 -17.96 32.60 -7.93
CA GLN E 294 -17.11 32.07 -6.86
C GLN E 294 -15.85 32.90 -6.46
N MSE E 295 -15.35 33.75 -7.37
CA MSE E 295 -14.13 34.53 -7.10
C MSE E 295 -14.48 36.03 -7.12
O MSE E 295 -14.86 36.57 -8.16
CB MSE E 295 -13.02 34.17 -8.09
CG MSE E 295 -11.88 33.20 -7.55
SE MSE E 295 -10.14 34.09 -7.04
CE MSE E 295 -8.93 34.03 -8.62
N SER E 296 -14.40 36.70 -5.98
CA SER E 296 -14.80 38.12 -5.93
C SER E 296 -14.04 39.05 -6.90
N ALA E 297 -12.80 38.72 -7.22
CA ALA E 297 -12.11 39.46 -8.30
C ALA E 297 -11.27 38.47 -9.08
N PRO E 298 -10.99 38.77 -10.36
CA PRO E 298 -10.47 37.73 -11.26
C PRO E 298 -8.96 37.51 -11.17
N GLY E 299 -8.34 38.04 -10.12
CA GLY E 299 -6.96 37.73 -9.82
C GLY E 299 -5.94 38.63 -10.48
N ALA E 300 -4.68 38.41 -10.12
CA ALA E 300 -3.60 39.29 -10.50
C ALA E 300 -2.62 38.63 -11.47
N ILE E 301 -3.03 37.55 -12.12
CA ILE E 301 -2.13 36.87 -13.04
C ILE E 301 -2.73 36.85 -14.45
N VAL E 302 -1.91 37.16 -15.45
CA VAL E 302 -2.31 37.17 -16.85
C VAL E 302 -1.32 36.32 -17.64
N SER E 303 -1.80 35.56 -18.61
CA SER E 303 -0.90 34.93 -19.58
C SER E 303 -1.38 35.17 -21.01
N PHE E 304 -0.45 35.08 -21.95
CA PHE E 304 -0.72 35.41 -23.34
C PHE E 304 0.30 34.83 -24.31
N ASP E 305 -0.14 34.59 -25.55
CA ASP E 305 0.77 34.14 -26.58
C ASP E 305 1.40 35.32 -27.31
N TYR E 306 2.73 35.34 -27.31
CA TYR E 306 3.51 36.35 -28.00
C TYR E 306 3.78 35.92 -29.44
N LEU E 307 3.47 36.78 -30.40
CA LEU E 307 3.56 36.42 -31.81
C LEU E 307 4.75 37.08 -32.49
N GLY E 308 5.42 37.98 -31.79
CA GLY E 308 6.46 38.80 -32.40
C GLY E 308 7.79 38.10 -32.60
N GLY E 309 7.93 36.91 -32.04
CA GLY E 309 9.16 36.16 -32.15
C GLY E 309 9.31 35.21 -31.00
N PRO E 310 10.53 34.68 -30.81
CA PRO E 310 10.75 33.72 -29.72
C PRO E 310 10.54 34.42 -28.40
N ALA E 311 10.14 33.68 -27.39
CA ALA E 311 9.90 34.27 -26.08
C ALA E 311 11.13 35.03 -25.58
N GLU E 312 12.31 34.45 -25.80
CA GLU E 312 13.56 35.02 -25.29
C GLU E 312 13.81 36.46 -25.77
N ARG E 313 13.34 36.80 -26.97
CA ARG E 313 13.41 38.17 -27.43
C ARG E 313 12.65 39.10 -26.48
N LEU E 314 11.39 38.78 -26.23
CA LEU E 314 10.53 39.60 -25.39
C LEU E 314 11.08 39.77 -23.97
N LEU E 315 11.49 38.65 -23.38
CA LEU E 315 11.95 38.62 -21.99
C LEU E 315 13.15 39.55 -21.71
N ASP E 316 14.03 39.68 -22.69
CA ASP E 316 15.21 40.52 -22.58
C ASP E 316 14.89 42.01 -22.74
N ARG E 317 13.65 42.32 -23.06
CA ARG E 317 13.28 43.72 -23.30
C ARG E 317 12.77 44.42 -22.04
N PHE E 318 12.01 43.71 -21.19
CA PHE E 318 11.49 44.28 -19.95
C PHE E 318 12.59 44.98 -19.15
N THR E 319 12.33 46.20 -18.69
CA THR E 319 13.29 46.86 -17.82
C THR E 319 12.69 47.18 -16.45
N LEU E 320 11.43 46.80 -16.25
CA LEU E 320 10.74 47.02 -14.98
C LEU E 320 10.26 45.69 -14.40
N PHE E 321 9.52 44.92 -15.17
CA PHE E 321 9.19 43.54 -14.78
C PHE E 321 10.48 42.76 -14.59
N THR E 322 10.53 41.94 -13.56
CA THR E 322 11.68 41.07 -13.32
C THR E 322 11.40 39.68 -13.90
N CYS E 323 12.35 39.15 -14.65
CA CYS E 323 12.20 37.85 -15.29
C CYS E 323 12.54 36.75 -14.30
N GLY E 324 11.55 36.35 -13.50
CA GLY E 324 11.75 35.30 -12.52
C GLY E 324 10.51 34.44 -12.31
N VAL E 325 10.69 33.34 -11.60
CA VAL E 325 9.60 32.42 -11.36
C VAL E 325 9.05 32.61 -9.96
N SER E 326 7.80 32.15 -9.82
CA SER E 326 6.89 32.38 -8.69
C SER E 326 5.97 33.55 -8.98
N LEU E 327 5.15 33.90 -8.01
CA LEU E 327 4.12 34.90 -8.26
C LEU E 327 3.62 35.54 -6.97
N GLY E 328 2.85 36.61 -7.11
CA GLY E 328 2.09 37.16 -6.02
C GLY E 328 2.79 38.29 -5.27
N GLY E 329 4.06 38.53 -5.60
CA GLY E 329 4.85 39.50 -4.87
C GLY E 329 4.61 40.96 -5.23
N VAL E 330 5.25 41.86 -4.47
CA VAL E 330 5.14 43.29 -4.74
C VAL E 330 5.91 43.69 -6.00
N HIS E 331 7.00 42.98 -6.28
CA HIS E 331 7.75 43.16 -7.53
C HIS E 331 7.04 42.36 -8.63
N SER E 332 6.63 43.03 -9.71
CA SER E 332 6.04 42.35 -10.88
C SER E 332 7.01 41.38 -11.57
N LEU E 333 6.52 40.21 -11.95
CA LEU E 333 7.38 39.21 -12.59
C LEU E 333 6.83 38.71 -13.93
N VAL E 334 7.72 38.20 -14.76
CA VAL E 334 7.35 37.60 -16.03
C VAL E 334 8.08 36.26 -16.20
N GLU E 335 7.37 35.25 -16.68
CA GLU E 335 8.00 33.97 -16.97
C GLU E 335 7.48 33.34 -18.28
N CYS E 336 8.38 32.65 -18.99
CA CYS E 336 8.01 31.86 -20.18
C CYS E 336 8.04 30.38 -19.81
N PRO E 337 6.90 29.87 -19.30
CA PRO E 337 6.77 28.53 -18.72
C PRO E 337 7.50 27.44 -19.51
N ALA E 338 7.48 27.51 -20.83
CA ALA E 338 8.11 26.49 -21.65
C ALA E 338 9.63 26.44 -21.49
N LEU E 339 10.24 27.63 -21.44
CA LEU E 339 11.69 27.81 -21.26
C LEU E 339 12.06 27.90 -19.77
N MSE E 340 11.06 28.07 -18.91
CA MSE E 340 11.33 28.14 -17.48
C MSE E 340 10.60 27.08 -16.61
O MSE E 340 11.20 26.02 -16.34
CB MSE E 340 11.18 29.59 -16.97
CG MSE E 340 12.30 30.49 -17.52
SE MSE E 340 11.85 32.39 -17.59
CE MSE E 340 12.32 32.92 -15.76
N THR E 341 9.37 27.31 -16.19
CA THR E 341 8.74 26.39 -15.21
C THR E 341 8.53 25.01 -15.78
N HIS E 342 8.14 24.99 -17.04
CA HIS E 342 7.94 23.75 -17.70
C HIS E 342 9.18 23.46 -18.59
N ARG E 343 10.32 24.08 -18.27
CA ARG E 343 11.60 23.64 -18.85
C ARG E 343 11.83 22.17 -18.50
N PRO E 344 11.46 21.75 -17.28
CA PRO E 344 11.17 20.32 -17.28
C PRO E 344 9.72 20.16 -17.73
N LEU E 345 9.52 20.01 -19.04
CA LEU E 345 8.28 19.53 -19.66
C LEU E 345 8.62 19.38 -21.13
N SER E 346 7.70 18.89 -21.96
CA SER E 346 8.09 18.56 -23.32
C SER E 346 7.49 19.47 -24.36
N ALA E 347 8.27 19.69 -25.42
CA ALA E 347 7.82 20.28 -26.68
C ALA E 347 6.41 19.80 -27.01
N GLU E 348 6.33 18.58 -27.51
CA GLU E 348 5.07 17.98 -27.92
C GLU E 348 4.09 17.73 -26.77
N ALA E 349 4.59 17.40 -25.58
CA ALA E 349 3.70 17.09 -24.46
C ALA E 349 2.67 18.18 -24.41
N ARG E 350 3.11 19.34 -23.93
CA ARG E 350 2.36 20.58 -23.98
C ARG E 350 1.67 20.82 -25.35
N ALA E 351 2.25 20.36 -26.44
CA ALA E 351 1.49 20.38 -27.70
C ALA E 351 0.27 19.45 -27.62
N ARG E 352 0.05 18.89 -26.44
CA ARG E 352 -1.24 18.34 -26.03
C ARG E 352 -1.67 19.04 -24.74
N ARG E 353 -0.70 19.47 -23.94
CA ARG E 353 -1.01 20.14 -22.68
C ARG E 353 -1.19 21.66 -22.83
N GLY E 354 -0.97 22.18 -24.04
CA GLY E 354 -1.31 23.57 -24.32
C GLY E 354 -0.44 24.64 -23.70
N ILE E 355 0.70 24.26 -23.15
CA ILE E 355 1.71 25.27 -22.81
C ILE E 355 2.62 25.45 -24.03
N GLY E 356 2.28 26.41 -24.87
CA GLY E 356 2.96 26.59 -26.14
C GLY E 356 4.32 27.28 -26.09
N GLU E 357 5.03 27.16 -27.21
CA GLU E 357 6.28 27.84 -27.46
C GLU E 357 6.04 29.31 -27.78
N SER E 358 5.49 30.04 -26.82
CA SER E 358 5.24 31.46 -26.95
C SER E 358 4.43 31.99 -25.79
N LEU E 359 3.95 31.08 -24.93
CA LEU E 359 3.14 31.50 -23.80
C LEU E 359 3.98 32.28 -22.78
N ILE E 360 3.49 33.45 -22.41
CA ILE E 360 4.14 34.31 -21.45
C ILE E 360 3.21 34.47 -20.26
N ARG E 361 3.75 34.36 -19.05
CA ARG E 361 2.94 34.59 -17.85
C ARG E 361 3.43 35.81 -17.08
N LEU E 362 2.50 36.67 -16.69
CA LEU E 362 2.81 37.85 -15.90
C LEU E 362 2.27 37.72 -14.48
N SER E 363 3.10 38.07 -13.50
CA SER E 363 2.62 38.21 -12.13
C SER E 363 2.71 39.68 -11.77
N VAL E 364 1.56 40.28 -11.51
CA VAL E 364 1.49 41.72 -11.33
C VAL E 364 1.73 42.14 -9.88
N GLY E 365 2.61 43.12 -9.69
CA GLY E 365 2.93 43.66 -8.39
C GLY E 365 2.20 44.96 -8.07
N ILE E 366 2.82 45.82 -7.27
CA ILE E 366 2.14 47.05 -6.84
C ILE E 366 2.82 48.31 -7.36
N GLU E 367 3.67 48.17 -8.38
CA GLU E 367 4.28 49.35 -9.01
C GLU E 367 3.20 50.20 -9.71
N ASP E 368 3.57 51.42 -10.10
CA ASP E 368 2.66 52.25 -10.87
C ASP E 368 2.19 51.49 -12.11
N PRO E 369 0.87 51.32 -12.25
CA PRO E 369 0.36 50.53 -13.36
C PRO E 369 0.68 51.19 -14.70
N GLN E 370 0.86 52.50 -14.70
CA GLN E 370 1.22 53.16 -15.95
C GLN E 370 2.65 52.80 -16.37
N ASP E 371 3.58 52.72 -15.41
CA ASP E 371 4.94 52.30 -15.74
C ASP E 371 4.98 50.84 -16.25
N LEU E 372 4.20 49.97 -15.63
CA LEU E 372 4.18 48.56 -16.03
C LEU E 372 3.63 48.35 -17.46
N ALA E 373 2.56 49.05 -17.79
CA ALA E 373 1.99 48.97 -19.14
C ALA E 373 2.99 49.47 -20.18
N GLU E 374 3.71 50.53 -19.84
CA GLU E 374 4.70 51.09 -20.75
C GLU E 374 5.93 50.20 -20.93
N ASP E 375 6.33 49.46 -19.89
CA ASP E 375 7.42 48.49 -20.03
C ASP E 375 6.93 47.30 -20.87
N LEU E 376 5.70 46.86 -20.61
CA LEU E 376 5.09 45.81 -21.41
C LEU E 376 5.00 46.22 -22.89
N SER E 377 4.59 47.46 -23.15
CA SER E 377 4.50 47.94 -24.54
C SER E 377 5.85 48.00 -25.28
N ARG E 378 6.87 48.52 -24.63
CA ARG E 378 8.18 48.61 -25.29
C ARG E 378 8.77 47.23 -25.53
N ALA E 379 8.48 46.31 -24.61
CA ALA E 379 8.94 44.93 -24.75
C ALA E 379 8.43 44.30 -26.06
N LEU E 380 7.14 44.48 -26.33
CA LEU E 380 6.48 43.91 -27.51
C LEU E 380 6.72 44.72 -28.77
N ALA E 381 7.57 45.74 -28.68
CA ALA E 381 7.78 46.70 -29.77
C ALA E 381 8.30 46.02 -31.03
N GLY F 6 43.66 27.02 7.94
CA GLY F 6 43.37 26.00 6.97
C GLY F 6 42.48 24.88 7.52
N MSE F 7 41.53 25.27 8.35
CA MSE F 7 40.48 24.39 8.81
C MSE F 7 40.93 23.02 9.40
O MSE F 7 40.58 21.94 8.91
CB MSE F 7 39.40 24.27 7.72
CG MSE F 7 38.95 25.65 7.15
SE MSE F 7 37.50 26.69 7.94
CE MSE F 7 36.63 26.79 6.22
N ARG F 8 41.76 23.11 10.44
CA ARG F 8 41.59 22.21 11.59
C ARG F 8 40.26 22.65 12.24
N PHE F 9 39.73 21.85 13.17
CA PHE F 9 38.32 22.00 13.61
C PHE F 9 37.88 23.37 14.16
N GLY F 10 38.73 24.03 14.94
CA GLY F 10 38.38 25.35 15.47
C GLY F 10 38.29 26.42 14.36
N THR F 11 39.17 26.30 13.39
CA THR F 11 39.12 27.12 12.19
C THR F 11 37.91 26.70 11.35
N ARG F 12 37.53 25.43 11.46
CA ARG F 12 36.38 24.92 10.72
C ARG F 12 35.04 25.57 11.11
N LEU F 13 34.87 25.91 12.39
CA LEU F 13 33.59 26.46 12.83
C LEU F 13 33.37 27.90 12.37
N VAL F 14 34.47 28.63 12.20
CA VAL F 14 34.40 30.07 11.98
C VAL F 14 34.40 30.42 10.50
N HIS F 15 35.24 29.73 9.74
CA HIS F 15 35.36 30.05 8.31
C HIS F 15 34.67 29.05 7.40
N GLY F 16 34.07 28.02 7.99
CA GLY F 16 33.30 27.06 7.23
C GLY F 16 32.26 27.74 6.37
N GLY F 17 32.38 27.55 5.06
CA GLY F 17 31.50 28.18 4.08
C GLY F 17 31.54 29.70 4.09
N ARG F 18 32.58 30.30 4.66
CA ARG F 18 32.48 31.74 4.82
C ARG F 18 32.74 32.48 3.51
N ARG F 19 31.63 32.74 2.83
CA ARG F 19 31.62 33.27 1.48
C ARG F 19 32.25 34.68 1.34
N PRO F 20 32.89 34.95 0.19
CA PRO F 20 33.42 36.30 -0.04
C PRO F 20 32.36 37.13 -0.75
N SER F 21 32.11 38.33 -0.25
CA SER F 21 31.12 39.18 -0.89
C SER F 21 31.85 40.06 -1.88
N ALA F 22 31.28 40.15 -3.08
CA ALA F 22 31.90 40.86 -4.18
C ALA F 22 31.33 42.26 -4.22
N GLY F 23 32.08 43.21 -4.78
CA GLY F 23 31.66 44.59 -4.79
C GLY F 23 31.61 45.24 -3.41
N THR F 24 31.66 44.43 -2.34
CA THR F 24 31.56 44.97 -0.98
C THR F 24 32.57 44.39 0.01
N GLY F 25 32.75 43.07 0.02
CA GLY F 25 33.75 42.45 0.88
C GLY F 25 33.35 42.10 2.31
N ASP F 26 32.06 41.96 2.57
CA ASP F 26 31.56 41.62 3.92
C ASP F 26 32.27 40.39 4.48
N VAL F 27 32.73 40.48 5.73
CA VAL F 27 33.36 39.34 6.38
C VAL F 27 32.27 38.33 6.73
N VAL F 28 31.21 38.80 7.36
CA VAL F 28 30.05 37.98 7.61
C VAL F 28 29.19 38.04 6.36
N PRO F 29 28.91 36.88 5.74
CA PRO F 29 28.10 36.90 4.51
C PRO F 29 26.73 37.50 4.78
N PRO F 30 26.22 38.31 3.84
CA PRO F 30 24.88 38.87 3.99
C PRO F 30 23.82 37.77 4.00
N ILE F 31 22.70 38.05 4.66
CA ILE F 31 21.63 37.07 4.78
C ILE F 31 20.70 37.12 3.57
N HIS F 32 20.67 36.05 2.81
CA HIS F 32 19.89 35.98 1.59
C HIS F 32 18.46 35.55 1.90
N VAL F 33 17.55 36.51 1.97
CA VAL F 33 16.15 36.18 2.22
C VAL F 33 15.34 35.98 0.94
N SER F 34 15.77 36.60 -0.16
CA SER F 34 14.97 36.62 -1.39
C SER F 34 14.52 35.21 -1.83
N THR F 35 13.26 35.08 -2.20
CA THR F 35 12.72 33.83 -2.72
C THR F 35 12.85 33.77 -4.24
N THR F 36 13.08 34.93 -4.85
CA THR F 36 13.20 35.04 -6.30
C THR F 36 14.62 35.40 -6.69
N TYR F 37 15.01 34.99 -7.90
CA TYR F 37 16.34 35.24 -8.43
C TYR F 37 16.18 35.65 -9.88
N GLU F 38 16.65 36.84 -10.23
CA GLU F 38 16.53 37.37 -11.59
C GLU F 38 17.42 36.59 -12.56
N ARG F 39 16.83 36.11 -13.66
CA ARG F 39 17.52 35.21 -14.59
C ARG F 39 17.98 35.82 -15.94
N ARG F 40 18.41 37.08 -15.94
CA ARG F 40 18.89 37.71 -17.19
C ARG F 40 20.31 38.29 -17.09
N ALA F 41 20.71 38.65 -15.87
CA ALA F 41 22.02 39.22 -15.64
C ALA F 41 22.92 38.18 -15.04
N GLN F 42 22.33 37.03 -14.70
CA GLN F 42 22.96 36.05 -13.81
C GLN F 42 24.28 35.50 -14.35
N ASP F 43 25.28 35.39 -13.49
CA ASP F 43 26.63 35.05 -13.93
C ASP F 43 26.84 33.54 -13.99
N GLU F 44 26.11 32.82 -13.14
CA GLU F 44 26.08 31.36 -13.18
C GLU F 44 24.79 30.87 -12.49
N PRO F 45 23.76 30.56 -13.30
CA PRO F 45 22.38 30.30 -12.84
C PRO F 45 22.13 29.00 -12.08
N ARG F 46 22.62 28.82 -10.86
CA ARG F 46 22.07 27.73 -10.06
C ARG F 46 21.07 28.25 -9.02
N TYR F 47 20.37 29.34 -9.33
CA TYR F 47 19.38 29.93 -8.43
C TYR F 47 18.13 30.33 -9.20
N PHE F 48 16.98 29.82 -8.76
CA PHE F 48 15.72 30.17 -9.42
C PHE F 48 14.62 30.41 -8.41
N TYR F 49 14.60 29.61 -7.35
CA TYR F 49 13.54 29.67 -6.36
C TYR F 49 14.05 29.07 -5.05
N GLY F 50 13.82 29.78 -3.94
CA GLY F 50 14.46 29.52 -2.67
C GLY F 50 14.36 28.13 -2.04
N ARG F 51 13.26 27.43 -2.33
CA ARG F 51 13.09 26.05 -1.86
C ARG F 51 14.28 25.23 -2.38
N GLY F 52 14.55 25.34 -3.67
CA GLY F 52 15.68 24.67 -4.27
C GLY F 52 17.05 25.25 -3.91
N GLU F 53 17.18 26.57 -3.92
CA GLU F 53 18.50 27.19 -3.77
C GLU F 53 18.49 28.44 -2.86
N ASN F 54 19.53 28.57 -2.05
CA ASN F 54 19.70 29.74 -1.18
C ASN F 54 21.13 29.82 -0.66
N PRO F 55 21.84 30.92 -0.97
CA PRO F 55 23.25 31.09 -0.55
C PRO F 55 23.52 31.02 0.98
N THR F 56 22.57 31.44 1.78
CA THR F 56 22.77 31.46 3.22
C THR F 56 22.68 30.03 3.75
N ARG F 57 21.68 29.33 3.25
CA ARG F 57 21.44 27.95 3.62
C ARG F 57 22.58 27.11 3.04
N GLU F 58 23.00 27.44 1.82
CA GLU F 58 24.10 26.75 1.18
C GLU F 58 25.42 26.91 1.94
N GLU F 59 25.66 28.11 2.45
CA GLU F 59 26.88 28.37 3.21
C GLU F 59 26.91 27.58 4.54
N LEU F 60 25.74 27.43 5.17
CA LEU F 60 25.62 26.59 6.36
C LEU F 60 25.95 25.11 6.06
N GLU F 61 25.41 24.61 4.93
CA GLU F 61 25.67 23.24 4.54
C GLU F 61 27.15 23.02 4.32
N GLU F 62 27.79 23.99 3.65
CA GLU F 62 29.21 23.93 3.38
C GLU F 62 30.03 23.82 4.67
N CYS F 63 29.62 24.60 5.68
CA CYS F 63 30.25 24.56 6.99
C CYS F 63 30.14 23.16 7.62
N LEU F 64 28.92 22.65 7.69
CA LEU F 64 28.64 21.37 8.35
C LEU F 64 29.40 20.23 7.68
N ALA F 65 29.37 20.17 6.36
CA ALA F 65 30.12 19.18 5.61
C ALA F 65 31.62 19.25 5.94
N GLY F 66 32.16 20.46 6.00
CA GLY F 66 33.57 20.68 6.32
C GLY F 66 33.98 20.16 7.71
N LEU F 67 33.06 20.20 8.66
CA LEU F 67 33.32 19.72 10.01
C LEU F 67 33.63 18.22 10.04
N GLU F 68 33.20 17.50 9.01
CA GLU F 68 33.46 16.06 8.97
C GLU F 68 34.22 15.73 7.70
N ARG F 69 34.73 16.79 7.08
CA ARG F 69 35.50 16.68 5.86
C ARG F 69 34.77 15.83 4.81
N ALA F 70 33.45 16.02 4.76
CA ALA F 70 32.58 15.33 3.83
C ALA F 70 32.35 16.20 2.60
N PRO F 71 32.01 15.59 1.45
CA PRO F 71 31.71 16.44 0.30
C PRO F 71 30.25 16.91 0.25
N PHE F 72 29.43 16.51 1.21
CA PHE F 72 27.98 16.78 1.13
C PHE F 72 27.29 16.98 2.47
N ALA F 73 26.42 18.00 2.51
CA ALA F 73 25.48 18.17 3.60
C ALA F 73 24.19 18.78 3.09
N THR F 74 23.11 18.53 3.79
CA THR F 74 21.83 19.10 3.45
C THR F 74 21.12 19.43 4.75
N VAL F 75 20.66 20.67 4.91
CA VAL F 75 19.95 21.06 6.12
C VAL F 75 18.44 21.13 5.93
N PHE F 76 17.75 21.09 7.06
CA PHE F 76 16.32 20.93 7.10
C PHE F 76 15.71 21.81 8.19
N SER F 77 14.39 21.93 8.15
CA SER F 77 13.60 22.64 9.14
C SER F 77 13.79 22.13 10.60
N SER F 78 14.17 20.88 10.75
CA SER F 78 14.35 20.26 12.08
C SER F 78 15.09 18.94 11.94
N GLY F 79 15.57 18.39 13.06
CA GLY F 79 16.17 17.07 13.06
C GLY F 79 15.21 16.03 12.51
N GLN F 80 13.97 16.09 12.98
CA GLN F 80 12.90 15.18 12.52
C GLN F 80 12.78 15.16 10.99
N ALA F 81 12.85 16.33 10.38
CA ALA F 81 12.74 16.40 8.92
C ALA F 81 13.97 15.78 8.25
N ALA F 82 15.14 15.99 8.84
CA ALA F 82 16.36 15.31 8.39
C ALA F 82 16.17 13.80 8.46
N ALA F 83 15.72 13.32 9.62
CA ALA F 83 15.41 11.91 9.80
C ALA F 83 14.35 11.42 8.82
N ALA F 84 13.26 12.19 8.70
CA ALA F 84 12.15 11.80 7.83
C ALA F 84 12.60 11.61 6.39
N THR F 85 13.47 12.51 5.94
CA THR F 85 14.01 12.47 4.59
C THR F 85 14.81 11.18 4.36
N LEU F 86 15.64 10.81 5.33
CA LEU F 86 16.46 9.61 5.20
C LEU F 86 15.60 8.35 5.22
N LEU F 87 14.58 8.34 6.07
CA LEU F 87 13.66 7.21 6.18
C LEU F 87 12.93 6.92 4.87
N SER F 88 12.42 7.97 4.23
CA SER F 88 11.57 7.80 3.06
C SER F 88 12.27 7.10 1.90
N LEU F 89 13.60 7.07 1.96
CA LEU F 89 14.42 6.39 0.95
C LEU F 89 14.34 4.87 1.07
N VAL F 90 13.89 4.39 2.23
CA VAL F 90 13.69 2.97 2.44
C VAL F 90 12.42 2.52 1.72
N ARG F 91 12.58 1.64 0.73
CA ARG F 91 11.49 1.27 -0.17
C ARG F 91 10.61 0.16 0.40
N PRO F 92 9.48 -0.14 -0.26
CA PRO F 92 8.64 -1.27 0.18
C PRO F 92 9.35 -2.63 0.18
N GLY F 93 9.13 -3.39 1.26
CA GLY F 93 9.68 -4.72 1.38
C GLY F 93 11.05 -4.75 2.03
N GLN F 94 11.53 -3.58 2.43
CA GLN F 94 12.86 -3.45 3.03
C GLN F 94 12.79 -3.19 4.54
N CYS F 95 13.91 -3.42 5.24
CA CYS F 95 13.94 -3.40 6.70
C CYS F 95 14.91 -2.38 7.29
N VAL F 96 14.51 -1.77 8.40
CA VAL F 96 15.39 -0.91 9.17
C VAL F 96 15.57 -1.53 10.56
N VAL F 97 16.76 -1.36 11.12
CA VAL F 97 17.10 -1.85 12.46
C VAL F 97 17.64 -0.70 13.31
N SER F 98 17.24 -0.62 14.58
CA SER F 98 17.68 0.50 15.39
C SER F 98 17.83 0.34 16.90
N THR F 99 18.54 1.32 17.47
CA THR F 99 18.79 1.43 18.89
C THR F 99 17.48 1.55 19.69
N ASP F 100 17.01 0.42 20.25
CA ASP F 100 15.66 0.30 20.87
C ASP F 100 15.26 1.40 21.85
N ASP F 101 16.26 2.20 22.21
CA ASP F 101 16.16 3.22 23.21
C ASP F 101 16.08 4.58 22.50
N VAL F 102 15.71 4.55 21.21
CA VAL F 102 15.74 5.78 20.39
C VAL F 102 14.91 6.93 20.91
N TYR F 103 15.28 8.12 20.44
CA TYR F 103 14.49 9.31 20.60
C TYR F 103 13.05 8.99 20.21
N ALA F 104 12.09 9.44 21.01
CA ALA F 104 10.71 9.14 20.71
C ALA F 104 10.27 9.79 19.40
N GLY F 105 10.98 10.85 19.00
CA GLY F 105 10.73 11.44 17.70
C GLY F 105 11.18 10.46 16.62
N THR F 106 12.21 9.67 16.93
CA THR F 106 12.63 8.61 16.02
C THR F 106 11.62 7.44 16.06
N ASP F 107 11.15 7.09 17.26
CA ASP F 107 10.18 6.00 17.42
C ASP F 107 8.93 6.21 16.56
N GLY F 108 8.54 7.46 16.36
CA GLY F 108 7.33 7.81 15.64
C GLY F 108 7.46 7.76 14.13
N LEU F 109 8.61 8.19 13.61
CA LEU F 109 8.92 8.09 12.19
C LEU F 109 8.92 6.63 11.68
N PHE F 110 9.72 5.76 12.29
CA PHE F 110 9.72 4.32 11.99
C PHE F 110 8.30 3.79 12.01
N ASP F 111 7.54 4.26 12.99
CA ASP F 111 6.16 3.83 13.22
C ASP F 111 5.32 4.16 11.99
N LEU F 112 5.46 5.40 11.51
CA LEU F 112 4.83 5.90 10.29
C LEU F 112 5.35 5.14 9.08
N ALA F 113 6.65 4.86 9.12
CA ALA F 113 7.34 4.15 8.06
C ALA F 113 6.77 2.76 7.91
N ALA F 114 6.62 2.08 9.05
CA ALA F 114 6.01 0.76 9.07
C ALA F 114 4.67 0.82 8.38
N ARG F 115 3.98 1.95 8.52
CA ARG F 115 2.65 2.08 7.93
C ARG F 115 2.73 2.23 6.41
N GLN F 116 3.95 2.25 5.88
CA GLN F 116 4.15 2.30 4.42
C GLN F 116 5.03 1.13 3.89
N GLY F 117 4.86 -0.05 4.46
CA GLY F 117 5.54 -1.26 3.97
C GLY F 117 6.87 -1.66 4.58
N VAL F 118 7.52 -0.78 5.34
CA VAL F 118 8.86 -1.03 5.87
C VAL F 118 8.89 -1.89 7.14
N ARG F 119 9.75 -2.90 7.16
CA ARG F 119 9.94 -3.72 8.36
C ARG F 119 10.88 -3.00 9.34
N VAL F 120 10.42 -2.72 10.55
CA VAL F 120 11.26 -2.05 11.56
C VAL F 120 11.60 -2.97 12.75
N ARG F 121 12.88 -2.98 13.13
CA ARG F 121 13.40 -3.85 14.17
C ARG F 121 14.19 -3.05 15.22
N TYR F 122 13.78 -3.15 16.48
CA TYR F 122 14.50 -2.49 17.56
C TYR F 122 15.43 -3.54 18.16
N ALA F 123 16.69 -3.19 18.38
CA ALA F 123 17.67 -4.24 18.68
C ALA F 123 18.67 -3.96 19.79
N ASP F 124 19.25 -5.03 20.31
CA ASP F 124 20.34 -4.92 21.26
C ASP F 124 21.65 -4.93 20.48
N LEU F 125 22.13 -3.75 20.10
CA LEU F 125 23.36 -3.60 19.31
C LEU F 125 24.59 -3.35 20.17
N THR F 126 24.52 -3.64 21.47
CA THR F 126 25.68 -3.45 22.34
C THR F 126 26.61 -4.64 22.25
N THR F 127 26.13 -5.74 21.67
CA THR F 127 26.96 -6.94 21.51
C THR F 127 26.90 -7.55 20.11
N PRO F 128 28.02 -8.13 19.66
CA PRO F 128 28.18 -8.91 18.42
C PRO F 128 27.14 -10.02 18.27
N GLU F 129 26.44 -10.33 19.35
CA GLU F 129 25.43 -11.38 19.32
C GLU F 129 24.27 -10.97 18.45
N GLY F 130 23.51 -10.00 18.94
CA GLY F 130 22.31 -9.53 18.27
C GLY F 130 22.65 -8.48 17.24
N ILE F 131 23.93 -8.18 17.14
CA ILE F 131 24.43 -7.31 16.09
C ILE F 131 24.37 -8.07 14.78
N ALA F 132 24.48 -9.40 14.84
CA ALA F 132 24.62 -10.24 13.65
C ALA F 132 23.30 -10.83 13.17
N ALA F 133 22.30 -10.83 14.04
CA ALA F 133 21.02 -11.46 13.73
C ALA F 133 20.05 -10.38 13.35
N ALA F 134 20.03 -9.30 14.13
CA ALA F 134 19.23 -8.15 13.75
C ALA F 134 19.77 -7.60 12.44
N LEU F 135 21.02 -7.94 12.13
CA LEU F 135 21.60 -7.55 10.86
C LEU F 135 21.34 -8.61 9.80
N ALA F 136 20.91 -9.78 10.26
CA ALA F 136 20.61 -10.86 9.33
C ALA F 136 19.28 -10.64 8.61
N GLU F 137 18.69 -9.45 8.78
CA GLU F 137 17.42 -9.16 8.14
C GLU F 137 17.51 -9.21 6.61
N PRO F 138 16.53 -9.87 5.98
CA PRO F 138 16.41 -9.89 4.51
C PRO F 138 16.05 -8.51 3.99
N ASP F 139 16.53 -8.18 2.80
CA ASP F 139 16.30 -6.87 2.19
C ASP F 139 16.69 -5.69 3.09
N LEU F 140 17.56 -5.95 4.06
CA LEU F 140 18.06 -4.93 4.98
C LEU F 140 18.65 -3.77 4.20
N ALA F 141 18.12 -2.56 4.44
CA ALA F 141 18.53 -1.42 3.63
C ALA F 141 19.22 -0.33 4.44
N LEU F 142 18.88 -0.25 5.73
CA LEU F 142 19.34 0.83 6.56
C LEU F 142 19.55 0.36 8.00
N VAL F 143 20.67 0.78 8.59
CA VAL F 143 20.97 0.51 9.98
C VAL F 143 21.08 1.84 10.72
N TRP F 144 20.23 2.00 11.72
CA TRP F 144 19.97 3.29 12.34
C TRP F 144 20.52 3.27 13.77
N ILE F 145 21.71 3.83 13.93
CA ILE F 145 22.39 3.83 15.20
C ILE F 145 22.22 5.17 15.87
N GLU F 146 21.74 5.18 17.10
CA GLU F 146 21.72 6.43 17.83
C GLU F 146 22.64 6.27 19.03
N THR F 147 23.83 6.85 18.96
CA THR F 147 24.84 6.67 20.02
C THR F 147 25.53 7.97 20.44
N PRO F 148 25.66 8.21 21.77
CA PRO F 148 25.12 7.41 22.87
C PRO F 148 23.59 7.41 22.87
N THR F 149 22.97 6.51 23.63
CA THR F 149 21.53 6.51 23.75
C THR F 149 21.07 7.41 24.91
N ASN F 150 19.77 7.53 25.09
CA ASN F 150 19.25 8.60 25.91
C ASN F 150 17.91 8.26 26.54
N PRO F 151 17.86 8.10 27.87
CA PRO F 151 18.81 8.62 28.85
C PRO F 151 19.78 7.64 29.52
N LEU F 152 19.90 6.40 29.05
CA LEU F 152 20.81 5.49 29.76
C LEU F 152 22.27 5.74 29.34
N LEU F 153 22.45 6.37 28.19
CA LEU F 153 23.76 6.71 27.65
C LEU F 153 24.63 5.50 27.34
N THR F 154 24.00 4.39 26.97
CA THR F 154 24.77 3.23 26.51
C THR F 154 25.18 3.44 25.05
N VAL F 155 26.22 2.74 24.62
CA VAL F 155 26.92 3.13 23.39
C VAL F 155 26.93 2.04 22.33
N VAL F 156 26.99 2.43 21.07
CA VAL F 156 27.10 1.47 19.99
C VAL F 156 28.41 1.67 19.23
N ASP F 157 29.17 0.59 19.08
CA ASP F 157 30.45 0.60 18.37
C ASP F 157 30.18 0.84 16.88
N VAL F 158 30.37 2.08 16.46
CA VAL F 158 30.03 2.51 15.11
C VAL F 158 30.80 1.78 14.02
N ALA F 159 32.11 1.68 14.18
CA ALA F 159 32.95 0.99 13.20
C ALA F 159 32.57 -0.49 13.03
N GLU F 160 32.38 -1.18 14.15
CA GLU F 160 32.05 -2.61 14.11
C GLU F 160 30.71 -2.88 13.41
N VAL F 161 29.67 -2.18 13.86
CA VAL F 161 28.36 -2.30 13.26
C VAL F 161 28.42 -1.93 11.78
N SER F 162 29.13 -0.84 11.48
CA SER F 162 29.26 -0.39 10.09
C SER F 162 29.91 -1.45 9.22
N ARG F 163 31.06 -1.95 9.66
CA ARG F 163 31.77 -3.01 8.96
C ARG F 163 30.83 -4.17 8.66
N ARG F 164 29.99 -4.54 9.63
CA ARG F 164 29.07 -5.66 9.45
C ARG F 164 27.90 -5.33 8.52
N ALA F 165 27.29 -4.16 8.71
CA ALA F 165 26.15 -3.77 7.88
C ALA F 165 26.55 -3.59 6.42
N HIS F 166 27.81 -3.22 6.20
CA HIS F 166 28.33 -3.09 4.85
C HIS F 166 28.63 -4.44 4.19
N GLU F 167 28.65 -5.51 5.00
CA GLU F 167 28.72 -6.86 4.44
C GLU F 167 27.42 -7.14 3.72
N ARG F 168 26.35 -6.51 4.20
CA ARG F 168 25.04 -6.62 3.56
C ARG F 168 24.92 -5.52 2.54
N GLY F 169 25.94 -4.66 2.49
CA GLY F 169 26.00 -3.56 1.55
C GLY F 169 25.02 -2.44 1.88
N ALA F 170 24.41 -2.51 3.06
CA ALA F 170 23.35 -1.59 3.43
C ALA F 170 23.86 -0.19 3.75
N ARG F 171 22.98 0.62 4.33
CA ARG F 171 23.31 1.99 4.69
C ARG F 171 23.29 2.09 6.21
N VAL F 172 24.27 2.80 6.77
CA VAL F 172 24.33 3.05 8.21
C VAL F 172 24.25 4.54 8.51
N VAL F 173 23.31 4.93 9.37
CA VAL F 173 23.24 6.30 9.83
C VAL F 173 23.49 6.36 11.32
N VAL F 174 24.28 7.34 11.75
CA VAL F 174 24.41 7.64 13.16
C VAL F 174 23.70 8.95 13.48
N ASP F 175 22.71 8.90 14.37
CA ASP F 175 22.11 10.14 14.85
C ASP F 175 23.13 10.69 15.86
N ASN F 176 23.90 11.68 15.42
CA ASN F 176 25.04 12.17 16.19
C ASN F 176 24.69 13.42 16.98
N THR F 177 23.39 13.65 17.16
CA THR F 177 22.91 14.87 17.81
C THR F 177 23.42 14.99 19.23
N PHE F 178 23.44 13.86 19.94
CA PHE F 178 23.91 13.83 21.31
C PHE F 178 25.35 14.35 21.42
N ALA F 179 26.26 13.78 20.65
CA ALA F 179 27.70 14.06 20.81
C ALA F 179 28.22 15.31 20.11
N SER F 180 27.60 15.68 18.98
CA SER F 180 28.09 16.73 18.07
C SER F 180 29.36 16.31 17.32
N PRO F 181 29.62 16.94 16.15
CA PRO F 181 30.86 16.63 15.41
C PRO F 181 32.14 17.01 16.18
N VAL F 182 32.02 17.88 17.18
CA VAL F 182 33.16 18.20 18.05
C VAL F 182 33.68 16.94 18.69
N LEU F 183 32.77 16.08 19.15
CA LEU F 183 33.14 14.92 19.93
C LEU F 183 33.19 13.58 19.15
N GLN F 184 32.33 13.42 18.16
CA GLN F 184 32.22 12.13 17.45
C GLN F 184 32.08 12.35 15.94
N GLN F 185 32.82 11.55 15.17
CA GLN F 185 32.84 11.64 13.70
C GLN F 185 32.41 10.32 13.06
N PRO F 186 31.09 10.12 12.89
CA PRO F 186 30.53 8.87 12.36
C PRO F 186 31.07 8.47 10.99
N LEU F 187 31.26 9.45 10.10
CA LEU F 187 31.76 9.16 8.77
C LEU F 187 33.19 8.62 8.84
N ALA F 188 34.02 9.21 9.68
CA ALA F 188 35.38 8.69 9.88
C ALA F 188 35.34 7.30 10.51
N LEU F 189 34.32 7.03 11.31
CA LEU F 189 34.18 5.73 11.98
C LEU F 189 33.69 4.63 11.05
N GLY F 190 33.19 4.96 9.87
CA GLY F 190 32.74 3.95 8.92
C GLY F 190 31.30 4.06 8.48
N ALA F 191 30.56 5.00 9.07
CA ALA F 191 29.16 5.18 8.72
C ALA F 191 29.01 5.93 7.39
N ASP F 192 27.80 5.88 6.83
CA ASP F 192 27.49 6.52 5.56
C ASP F 192 26.86 7.90 5.71
N VAL F 193 26.14 8.09 6.80
CA VAL F 193 25.42 9.34 7.05
C VAL F 193 25.58 9.73 8.53
N SER F 194 25.78 11.02 8.77
CA SER F 194 25.60 11.59 10.10
C SER F 194 24.27 12.33 10.11
N LEU F 195 23.55 12.21 11.22
CA LEU F 195 22.26 12.87 11.35
C LEU F 195 22.31 13.82 12.54
N TYR F 196 21.79 15.02 12.39
CA TYR F 196 21.78 16.00 13.47
C TYR F 196 20.45 16.72 13.61
N SER F 197 20.02 16.90 14.86
CA SER F 197 19.09 17.97 15.19
C SER F 197 19.91 19.21 15.57
N THR F 198 20.15 20.09 14.61
CA THR F 198 20.95 21.28 14.86
C THR F 198 20.29 22.19 15.90
N THR F 199 19.00 21.94 16.16
CA THR F 199 18.29 22.58 17.27
C THR F 199 19.10 22.51 18.55
N1 LLP F 200 17.44 13.15 17.48
C2 LLP F 200 17.91 13.50 18.67
C2' LLP F 200 19.05 12.67 19.35
C3 LLP F 200 17.38 14.63 19.34
O3 LLP F 200 17.90 14.99 20.59
C4 LLP F 200 16.37 15.38 18.76
C4' LLP F 200 15.79 16.66 19.55
C5 LLP F 200 15.88 15.01 17.54
C6 LLP F 200 16.40 13.88 16.87
C5' LLP F 200 14.71 15.81 16.86
OP4 LLP F 200 15.17 16.96 16.22
P LLP F 200 14.25 18.22 16.15
OP1 LLP F 200 15.17 19.38 15.75
OP2 LLP F 200 13.23 17.99 15.11
OP3 LLP F 200 13.58 18.43 17.45
N LLP F 200 19.85 21.42 18.71
CA LLP F 200 20.54 21.12 19.97
CB LLP F 200 20.54 19.63 20.18
CG LLP F 200 19.16 19.02 19.82
CD LLP F 200 18.00 19.52 20.69
CE LLP F 200 16.80 18.53 20.71
NZ LLP F 200 16.65 17.80 19.43
C LLP F 200 21.88 21.80 19.98
O LLP F 200 21.95 22.93 19.52
N SER F 201 22.93 21.17 20.49
CA SER F 201 24.24 21.85 20.67
C SER F 201 24.86 22.56 19.46
N ILE F 202 24.47 22.18 18.24
CA ILE F 202 25.12 22.77 17.06
C ILE F 202 24.81 24.27 16.96
N ALA F 203 23.54 24.63 17.02
CA ALA F 203 23.17 26.05 17.07
C ALA F 203 23.39 26.54 18.50
N GLY F 204 23.08 25.67 19.46
CA GLY F 204 23.53 25.83 20.84
C GLY F 204 22.94 26.95 21.68
N HIS F 205 22.00 27.72 21.15
CA HIS F 205 21.46 28.85 21.91
C HIS F 205 19.94 28.77 22.14
N ALA F 206 19.36 27.62 21.86
CA ALA F 206 17.95 27.34 22.11
C ALA F 206 17.00 28.38 21.50
N ASP F 207 17.37 28.94 20.35
CA ASP F 207 16.57 30.01 19.77
C ASP F 207 16.22 29.80 18.28
N VAL F 208 16.31 28.55 17.84
CA VAL F 208 15.98 28.22 16.46
C VAL F 208 15.90 26.70 16.29
N LEU F 209 15.15 26.24 15.29
CA LEU F 209 15.02 24.81 15.02
C LEU F 209 15.68 24.43 13.69
N GLY F 210 16.34 23.26 13.65
CA GLY F 210 16.91 22.79 12.41
C GLY F 210 17.45 21.37 12.44
N GLY F 211 17.68 20.80 11.26
CA GLY F 211 18.25 19.48 11.11
C GLY F 211 19.34 19.45 10.05
N ALA F 212 20.13 18.38 10.02
CA ALA F 212 21.17 18.24 9.03
C ALA F 212 21.53 16.78 8.78
N LEU F 213 21.77 16.45 7.52
CA LEU F 213 22.39 15.18 7.16
C LEU F 213 23.73 15.53 6.55
N VAL F 214 24.77 14.79 6.95
CA VAL F 214 26.11 14.97 6.41
C VAL F 214 26.56 13.60 5.89
N TYR F 215 27.11 13.56 4.69
CA TYR F 215 27.33 12.30 3.99
C TYR F 215 28.30 12.45 2.81
N ARG F 216 28.54 11.32 2.15
CA ARG F 216 29.58 11.16 1.15
C ARG F 216 28.98 10.78 -0.20
N ASP F 217 27.94 9.95 -0.16
CA ASP F 217 27.34 9.31 -1.34
C ASP F 217 26.66 10.31 -2.27
N ALA F 218 27.10 10.36 -3.53
CA ALA F 218 26.58 11.34 -4.48
C ALA F 218 25.13 11.07 -4.88
N ASP F 219 24.80 9.81 -5.10
CA ASP F 219 23.45 9.45 -5.53
C ASP F 219 22.48 9.63 -4.37
N LEU F 220 22.95 9.38 -3.14
CA LEU F 220 22.19 9.71 -1.95
C LEU F 220 21.89 11.21 -1.89
N HIS F 221 22.91 12.00 -2.18
CA HIS F 221 22.81 13.45 -2.23
C HIS F 221 21.72 13.90 -3.21
N ALA F 222 21.73 13.30 -4.40
CA ALA F 222 20.70 13.57 -5.39
C ALA F 222 19.30 13.25 -4.84
N ALA F 223 19.16 12.09 -4.23
CA ALA F 223 17.86 11.64 -3.73
C ALA F 223 17.42 12.46 -2.52
N VAL F 224 18.37 12.83 -1.67
CA VAL F 224 18.07 13.68 -0.52
C VAL F 224 17.61 15.08 -0.96
N ARG F 225 18.30 15.68 -1.91
CA ARG F 225 17.93 17.01 -2.38
C ARG F 225 16.60 17.00 -3.14
N ALA F 226 16.35 15.94 -3.92
CA ALA F 226 15.06 15.80 -4.60
C ALA F 226 13.92 15.67 -3.59
N TYR F 227 14.16 14.96 -2.49
CA TYR F 227 13.13 14.83 -1.48
C TYR F 227 12.82 16.16 -0.77
N ARG F 228 13.86 16.91 -0.42
CA ARG F 228 13.66 18.15 0.33
C ARG F 228 12.91 19.17 -0.53
N THR F 229 13.28 19.25 -1.79
CA THR F 229 12.64 20.16 -2.74
C THR F 229 11.15 19.84 -2.87
N THR F 230 10.84 18.55 -2.93
CA THR F 230 9.49 18.10 -3.18
C THR F 230 8.63 18.11 -1.92
N ALA F 231 9.17 17.62 -0.82
CA ALA F 231 8.46 17.61 0.47
C ALA F 231 8.44 19.03 1.05
N GLY F 232 9.45 19.82 0.69
CA GLY F 232 9.49 21.21 1.09
C GLY F 232 9.81 21.40 2.55
N ASN F 233 10.50 20.42 3.17
CA ASN F 233 10.81 20.53 4.58
C ASN F 233 12.06 21.37 4.79
N VAL F 234 11.98 22.60 4.28
CA VAL F 234 13.18 23.42 4.13
C VAL F 234 13.24 24.46 5.25
N PRO F 235 14.44 24.68 5.82
CA PRO F 235 14.49 25.69 6.88
C PRO F 235 14.41 27.07 6.27
N GLY F 236 14.13 28.10 7.06
CA GLY F 236 14.21 29.44 6.56
C GLY F 236 15.63 30.01 6.53
N ALA F 237 15.81 31.15 5.87
CA ALA F 237 17.15 31.70 5.69
C ALA F 237 17.69 32.43 6.93
N LEU F 238 16.84 33.15 7.64
CA LEU F 238 17.23 33.75 8.90
C LEU F 238 17.65 32.64 9.85
N ASP F 239 16.81 31.61 9.90
CA ASP F 239 17.05 30.39 10.68
C ASP F 239 18.41 29.80 10.38
N CYS F 240 18.75 29.69 9.11
CA CYS F 240 20.09 29.24 8.75
C CYS F 240 21.16 30.20 9.27
N PHE F 241 20.85 31.49 9.26
CA PHE F 241 21.77 32.47 9.83
C PHE F 241 22.03 32.24 11.33
N LEU F 242 20.97 32.03 12.12
CA LEU F 242 21.16 31.80 13.56
C LEU F 242 21.89 30.49 13.86
N VAL F 243 21.66 29.46 13.06
CA VAL F 243 22.35 28.19 13.26
C VAL F 243 23.84 28.38 12.99
N ARG F 244 24.13 28.98 11.85
CA ARG F 244 25.51 29.20 11.43
C ARG F 244 26.20 30.12 12.44
N ARG F 245 25.41 31.00 13.04
CA ARG F 245 25.94 31.96 13.99
C ARG F 245 26.38 31.25 15.29
N GLY F 246 25.50 30.42 15.85
CA GLY F 246 25.83 29.73 17.09
C GLY F 246 26.97 28.75 16.86
N LEU F 247 27.06 28.31 15.62
CA LEU F 247 28.04 27.33 15.20
C LEU F 247 29.48 27.75 15.45
N HIS F 248 29.77 29.06 15.30
CA HIS F 248 31.13 29.58 15.52
C HIS F 248 31.73 29.09 16.84
N THR F 249 30.91 29.09 17.88
CA THR F 249 31.39 28.78 19.22
C THR F 249 31.13 27.32 19.64
N LEU F 250 30.78 26.46 18.69
CA LEU F 250 30.48 25.07 19.02
C LEU F 250 31.56 24.36 19.87
N SER F 251 32.81 24.50 19.46
CA SER F 251 33.88 23.78 20.15
C SER F 251 34.10 24.34 21.56
N LEU F 252 34.10 25.67 21.69
CA LEU F 252 34.28 26.32 22.98
C LEU F 252 33.16 25.92 23.94
N ARG F 253 31.94 25.99 23.43
CA ARG F 253 30.78 25.60 24.23
C ARG F 253 30.83 24.13 24.67
N VAL F 254 31.09 23.23 23.72
CA VAL F 254 31.01 21.79 24.01
C VAL F 254 31.99 21.37 25.10
N HIS F 255 33.22 21.87 25.07
CA HIS F 255 34.13 21.43 26.11
C HIS F 255 34.02 22.15 27.47
N ARG F 256 33.39 23.32 27.49
CA ARG F 256 32.98 23.88 28.76
C ARG F 256 31.91 22.96 29.35
N GLN F 257 30.99 22.54 28.49
CA GLN F 257 29.92 21.63 28.88
C GLN F 257 30.47 20.30 29.40
N VAL F 258 31.44 19.73 28.68
CA VAL F 258 32.06 18.47 29.10
C VAL F 258 32.80 18.61 30.45
N ALA F 259 33.58 19.67 30.58
CA ALA F 259 34.33 19.87 31.81
C ALA F 259 33.40 20.01 33.01
N THR F 260 32.31 20.77 32.85
CA THR F 260 31.36 20.94 33.94
C THR F 260 30.60 19.64 34.23
N ALA F 261 30.32 18.86 33.18
CA ALA F 261 29.69 17.56 33.36
C ALA F 261 30.52 16.68 34.29
N ARG F 262 31.83 16.60 34.04
CA ARG F 262 32.71 15.82 34.91
C ARG F 262 32.68 16.38 36.35
N VAL F 263 32.61 17.71 36.49
CA VAL F 263 32.40 18.31 37.80
C VAL F 263 31.09 17.83 38.46
N LEU F 264 29.98 17.87 37.72
CA LEU F 264 28.71 17.39 38.27
C LEU F 264 28.73 15.90 38.63
N VAL F 265 29.49 15.11 37.88
CA VAL F 265 29.54 13.68 38.08
C VAL F 265 30.13 13.27 39.46
N GLU F 266 31.18 13.94 39.90
CA GLU F 266 31.76 13.62 41.21
C GLU F 266 30.86 14.10 42.34
N ARG F 267 30.15 15.20 42.10
CA ARG F 267 29.14 15.67 43.05
C ARG F 267 28.10 14.58 43.29
N LEU F 268 27.44 14.11 42.23
CA LEU F 268 26.44 13.04 42.31
C LEU F 268 26.94 11.79 43.02
N ARG F 269 28.13 11.32 42.64
CA ARG F 269 28.69 10.08 43.18
C ARG F 269 28.79 10.13 44.69
N ALA F 270 29.01 11.34 45.21
CA ALA F 270 29.19 11.56 46.65
C ALA F 270 27.88 11.77 47.41
N SER F 271 26.79 12.02 46.68
CA SER F 271 25.51 12.28 47.35
C SER F 271 24.80 10.98 47.78
N PRO F 272 24.37 10.91 49.05
CA PRO F 272 23.71 9.68 49.52
C PRO F 272 22.27 9.52 49.01
N VAL F 273 21.71 10.52 48.33
CA VAL F 273 20.39 10.36 47.74
C VAL F 273 20.49 10.11 46.24
N VAL F 274 21.66 9.67 45.82
CA VAL F 274 21.90 9.33 44.42
C VAL F 274 22.29 7.85 44.33
N GLY F 275 21.70 7.15 43.36
CA GLY F 275 22.05 5.76 43.15
C GLY F 275 23.01 5.60 41.99
N ALA F 276 22.60 4.82 41.00
CA ALA F 276 23.37 4.67 39.77
C ALA F 276 23.63 6.04 39.15
N VAL F 277 24.81 6.22 38.59
CA VAL F 277 25.09 7.42 37.82
C VAL F 277 25.53 7.00 36.42
N HIS F 278 24.94 7.61 35.41
CA HIS F 278 25.23 7.25 34.03
C HIS F 278 26.04 8.36 33.35
N TYR F 279 27.21 8.02 32.84
CA TYR F 279 28.05 8.97 32.13
C TYR F 279 29.06 8.18 31.34
N PRO F 280 29.15 8.47 30.05
CA PRO F 280 30.04 7.65 29.24
C PRO F 280 31.49 7.70 29.69
N GLY F 281 31.90 8.80 30.33
CA GLY F 281 33.27 8.97 30.77
C GLY F 281 33.66 8.23 32.05
N LEU F 282 32.68 7.66 32.75
CA LEU F 282 32.99 6.91 33.96
C LEU F 282 33.67 5.61 33.59
N PRO F 283 34.84 5.34 34.19
CA PRO F 283 35.67 4.17 33.84
C PRO F 283 34.95 2.83 33.94
N GLU F 284 33.90 2.75 34.74
CA GLU F 284 33.19 1.46 34.86
C GLU F 284 32.08 1.30 33.81
N HIS F 285 31.80 2.35 33.03
CA HIS F 285 30.70 2.33 32.05
C HIS F 285 30.69 1.04 31.23
N PRO F 286 29.50 0.46 30.95
CA PRO F 286 29.49 -0.90 30.38
C PRO F 286 30.10 -0.98 28.98
N GLN F 287 30.13 0.12 28.25
CA GLN F 287 30.79 0.11 26.96
C GLN F 287 31.89 1.17 26.90
N HIS F 288 32.66 1.30 27.99
CA HIS F 288 33.59 2.43 28.04
C HIS F 288 34.79 2.33 27.08
N ALA F 289 35.30 1.14 26.85
CA ALA F 289 36.40 0.96 25.89
C ALA F 289 35.99 1.45 24.49
N VAL F 290 34.70 1.33 24.19
CA VAL F 290 34.17 1.82 22.92
C VAL F 290 34.10 3.36 22.91
N VAL F 291 33.65 3.95 24.01
CA VAL F 291 33.61 5.40 24.14
C VAL F 291 34.98 6.02 23.92
N LYS F 292 35.98 5.42 24.52
CA LYS F 292 37.29 5.93 24.43
C LYS F 292 37.88 5.84 23.00
N ALA F 293 37.48 4.82 22.27
CA ALA F 293 37.92 4.67 20.90
C ALA F 293 37.14 5.55 19.92
N GLN F 294 35.97 6.03 20.32
CA GLN F 294 35.14 6.71 19.34
C GLN F 294 34.67 8.15 19.60
N MSE F 295 34.50 8.56 20.85
CA MSE F 295 34.12 9.94 21.09
C MSE F 295 35.21 10.69 21.93
O MSE F 295 35.43 10.37 23.10
CB MSE F 295 32.59 10.06 21.46
CG MSE F 295 32.12 10.05 22.95
SE MSE F 295 30.61 8.99 23.70
CE MSE F 295 30.44 9.77 25.32
N SER F 296 35.95 11.63 21.31
CA SER F 296 37.19 12.18 21.92
C SER F 296 37.00 12.69 23.35
N ALA F 297 35.74 12.95 23.69
CA ALA F 297 35.33 13.30 25.06
C ALA F 297 34.03 12.55 25.35
N PRO F 298 33.55 12.58 26.60
CA PRO F 298 32.39 11.74 26.86
C PRO F 298 31.06 12.48 27.02
N GLY F 299 30.99 13.71 26.54
CA GLY F 299 29.70 14.36 26.39
C GLY F 299 29.28 15.29 27.51
N ALA F 300 28.14 15.94 27.30
CA ALA F 300 27.63 16.95 28.22
C ALA F 300 26.31 16.53 28.85
N ILE F 301 25.95 15.27 28.69
CA ILE F 301 24.70 14.75 29.23
C ILE F 301 25.01 13.73 30.32
N VAL F 302 24.35 13.88 31.46
CA VAL F 302 24.53 12.97 32.60
C VAL F 302 23.16 12.60 33.10
N SER F 303 23.00 11.37 33.59
CA SER F 303 21.77 11.05 34.28
C SER F 303 22.03 10.16 35.48
N PHE F 304 21.11 10.16 36.43
CA PHE F 304 21.32 9.46 37.69
C PHE F 304 19.99 9.07 38.33
N ASP F 305 20.03 8.07 39.21
CA ASP F 305 18.84 7.68 39.97
C ASP F 305 18.71 8.47 41.28
N TYR F 306 17.73 9.35 41.34
CA TYR F 306 17.42 10.07 42.56
C TYR F 306 16.70 9.13 43.53
N LEU F 307 17.18 9.06 44.76
CA LEU F 307 16.59 8.17 45.76
C LEU F 307 15.92 8.96 46.87
N GLY F 308 15.59 10.22 46.60
CA GLY F 308 15.05 11.08 47.63
C GLY F 308 13.53 11.18 47.72
N GLY F 309 12.83 10.35 46.95
CA GLY F 309 11.38 10.46 46.85
C GLY F 309 10.95 10.77 45.43
N PRO F 310 9.76 11.38 45.26
CA PRO F 310 9.22 11.71 43.94
C PRO F 310 10.10 12.70 43.19
N ALA F 311 10.38 12.40 41.93
CA ALA F 311 11.24 13.24 41.12
C ALA F 311 10.71 14.67 41.01
N GLU F 312 9.39 14.81 41.02
CA GLU F 312 8.73 16.11 40.94
C GLU F 312 9.22 17.04 42.06
N ARG F 313 9.49 16.47 43.24
CA ARG F 313 9.87 17.26 44.42
C ARG F 313 11.34 17.68 44.38
N LEU F 314 12.14 16.98 43.58
CA LEU F 314 13.52 17.39 43.40
C LEU F 314 13.54 18.51 42.36
N LEU F 315 12.82 18.29 41.28
CA LEU F 315 12.74 19.24 40.18
C LEU F 315 12.24 20.62 40.64
N ASP F 316 11.39 20.65 41.65
CA ASP F 316 10.91 21.90 42.23
C ASP F 316 12.03 22.79 42.76
N ARG F 317 13.16 22.20 43.14
CA ARG F 317 14.16 22.93 43.92
C ARG F 317 15.31 23.55 43.13
N PHE F 318 15.37 23.31 41.83
CA PHE F 318 16.44 23.91 41.03
C PHE F 318 16.19 25.42 40.87
N THR F 319 17.21 26.23 41.15
CA THR F 319 17.11 27.66 40.98
C THR F 319 17.98 28.14 39.82
N LEU F 320 18.84 27.27 39.31
CA LEU F 320 19.69 27.62 38.19
C LEU F 320 19.39 26.70 37.00
N PHE F 321 19.46 25.39 37.22
CA PHE F 321 18.99 24.43 36.23
C PHE F 321 17.56 24.75 35.88
N THR F 322 17.24 24.68 34.60
CA THR F 322 15.87 24.95 34.14
C THR F 322 15.17 23.62 33.82
N CYS F 323 13.97 23.43 34.34
CA CYS F 323 13.23 22.21 34.02
C CYS F 323 12.58 22.30 32.63
N GLY F 324 13.12 21.54 31.67
CA GLY F 324 12.57 21.54 30.32
C GLY F 324 13.30 20.56 29.41
N VAL F 325 13.00 20.60 28.11
CA VAL F 325 13.69 19.73 27.15
C VAL F 325 14.57 20.49 26.12
N SER F 326 14.95 19.79 25.05
CA SER F 326 16.20 20.01 24.28
C SER F 326 17.43 19.70 25.13
N LEU F 327 18.58 19.74 24.50
CA LEU F 327 19.85 19.63 25.18
C LEU F 327 20.91 20.36 24.34
N GLY F 328 22.08 20.56 24.91
CA GLY F 328 23.14 21.22 24.16
C GLY F 328 23.05 22.73 24.21
N GLY F 329 22.02 23.25 24.88
CA GLY F 329 21.88 24.70 25.00
C GLY F 329 22.79 25.32 26.05
N VAL F 330 23.01 26.62 25.93
CA VAL F 330 23.82 27.35 26.90
C VAL F 330 23.19 27.37 28.29
N HIS F 331 21.86 27.29 28.35
CA HIS F 331 21.16 27.16 29.61
C HIS F 331 21.13 25.69 30.00
N SER F 332 21.68 25.36 31.17
CA SER F 332 21.61 24.00 31.69
C SER F 332 20.16 23.59 31.94
N LEU F 333 19.83 22.35 31.59
CA LEU F 333 18.46 21.86 31.74
C LEU F 333 18.40 20.56 32.54
N VAL F 334 17.25 20.34 33.19
CA VAL F 334 17.00 19.13 33.94
C VAL F 334 15.60 18.61 33.56
N GLU F 335 15.46 17.28 33.49
CA GLU F 335 14.15 16.70 33.30
C GLU F 335 14.11 15.31 33.91
N CYS F 336 12.89 14.83 34.14
CA CYS F 336 12.67 13.46 34.53
C CYS F 336 12.07 12.82 33.28
N PRO F 337 12.88 12.02 32.58
CA PRO F 337 12.47 11.40 31.32
C PRO F 337 11.11 10.73 31.41
N ALA F 338 10.85 10.10 32.55
CA ALA F 338 9.57 9.46 32.79
C ALA F 338 8.41 10.44 32.66
N LEU F 339 8.48 11.53 33.42
CA LEU F 339 7.32 12.39 33.61
C LEU F 339 7.17 13.42 32.51
N MSE F 340 8.21 13.60 31.71
CA MSE F 340 8.17 14.68 30.76
C MSE F 340 8.14 14.19 29.31
O MSE F 340 7.59 14.88 28.44
CB MSE F 340 9.32 15.66 31.05
CG MSE F 340 9.53 15.90 32.56
SE MSE F 340 8.59 17.43 33.38
CE MSE F 340 9.38 18.77 32.14
N THR F 341 8.64 12.98 29.04
CA THR F 341 8.85 12.50 27.66
C THR F 341 8.38 11.07 27.37
N HIS F 342 8.96 10.10 28.07
CA HIS F 342 8.72 8.69 27.79
C HIS F 342 7.40 8.25 28.40
N ARG F 343 6.45 9.18 28.42
CA ARG F 343 5.18 9.00 29.11
C ARG F 343 4.03 8.43 28.26
N PRO F 344 4.12 8.49 26.92
CA PRO F 344 3.17 7.68 26.14
C PRO F 344 3.43 6.16 26.25
N LEU F 345 4.70 5.78 26.30
CA LEU F 345 5.09 4.39 26.43
C LEU F 345 4.49 3.82 27.69
N SER F 346 3.66 2.79 27.52
CA SER F 346 2.96 2.17 28.62
C SER F 346 3.82 1.84 29.81
N ALA F 347 3.80 2.72 30.81
CA ALA F 347 4.48 2.58 32.12
C ALA F 347 5.43 1.39 32.32
N GLU F 348 5.01 0.21 31.84
CA GLU F 348 5.86 -0.97 31.87
C GLU F 348 7.07 -0.74 30.95
N ALA F 349 6.85 0.04 29.89
CA ALA F 349 7.86 0.28 28.88
C ALA F 349 9.11 0.99 29.42
N ARG F 350 8.93 2.02 30.24
CA ARG F 350 10.09 2.74 30.77
C ARG F 350 10.93 1.83 31.69
N ALA F 351 10.26 1.13 32.59
CA ALA F 351 10.95 0.19 33.46
C ALA F 351 11.65 -0.85 32.59
N ARG F 352 10.91 -1.41 31.63
CA ARG F 352 11.47 -2.41 30.73
C ARG F 352 12.74 -1.90 30.01
N ARG F 353 12.81 -0.60 29.77
CA ARG F 353 14.00 -0.02 29.15
C ARG F 353 15.07 0.38 30.19
N GLY F 354 14.67 0.43 31.46
CA GLY F 354 15.62 0.78 32.51
C GLY F 354 15.62 2.27 32.81
N ILE F 355 14.60 2.95 32.29
CA ILE F 355 14.35 4.34 32.65
C ILE F 355 13.37 4.35 33.84
N GLY F 356 13.90 4.40 35.05
CA GLY F 356 13.07 4.46 36.24
C GLY F 356 12.27 5.74 36.34
N GLU F 357 11.17 5.70 37.09
CA GLU F 357 10.31 6.87 37.26
C GLU F 357 11.02 8.03 37.96
N SER F 358 12.18 7.75 38.55
CA SER F 358 12.97 8.79 39.20
C SER F 358 14.40 8.83 38.68
N LEU F 359 14.60 8.38 37.45
CA LEU F 359 15.82 8.68 36.74
C LEU F 359 15.78 10.16 36.36
N ILE F 360 16.87 10.87 36.64
CA ILE F 360 16.95 12.31 36.37
C ILE F 360 17.98 12.53 35.28
N ARG F 361 17.64 13.33 34.27
CA ARG F 361 18.61 13.64 33.21
C ARG F 361 19.06 15.10 33.25
N LEU F 362 20.38 15.32 33.18
CA LEU F 362 20.95 16.66 33.14
C LEU F 362 21.58 16.96 31.79
N SER F 363 21.30 18.14 31.23
CA SER F 363 22.05 18.63 30.06
C SER F 363 22.83 19.83 30.54
N VAL F 364 24.14 19.80 30.37
CA VAL F 364 24.98 20.82 30.97
C VAL F 364 25.17 22.01 30.04
N GLY F 365 24.86 23.21 30.53
CA GLY F 365 25.12 24.43 29.79
C GLY F 365 26.50 25.00 30.05
N ILE F 366 26.68 26.29 29.82
CA ILE F 366 27.98 26.91 30.00
C ILE F 366 28.06 27.87 31.20
N GLU F 367 27.14 27.73 32.15
CA GLU F 367 27.21 28.49 33.40
C GLU F 367 28.47 28.12 34.18
N ASP F 368 28.79 28.89 35.21
CA ASP F 368 29.96 28.58 36.03
C ASP F 368 29.79 27.20 36.69
N PRO F 369 30.86 26.39 36.68
CA PRO F 369 30.74 25.00 37.15
C PRO F 369 30.57 24.91 38.66
N GLN F 370 30.82 25.99 39.37
CA GLN F 370 30.56 25.98 40.80
C GLN F 370 29.10 26.32 41.10
N ASP F 371 28.52 27.26 40.34
CA ASP F 371 27.12 27.59 40.52
C ASP F 371 26.25 26.37 40.21
N LEU F 372 26.57 25.67 39.12
CA LEU F 372 25.82 24.47 38.77
C LEU F 372 25.91 23.41 39.88
N ALA F 373 27.12 23.09 40.33
CA ALA F 373 27.33 22.10 41.39
C ALA F 373 26.55 22.50 42.65
N GLU F 374 26.58 23.79 42.97
CA GLU F 374 25.86 24.31 44.13
C GLU F 374 24.36 24.07 44.00
N ASP F 375 23.80 24.45 42.86
CA ASP F 375 22.36 24.28 42.61
C ASP F 375 21.98 22.80 42.70
N LEU F 376 22.78 21.93 42.07
CA LEU F 376 22.52 20.50 42.12
C LEU F 376 22.49 19.96 43.55
N SER F 377 23.50 20.30 44.35
CA SER F 377 23.59 19.83 45.74
C SER F 377 22.45 20.38 46.58
N ARG F 378 22.10 21.64 46.32
CA ARG F 378 21.04 22.30 47.06
C ARG F 378 19.69 21.63 46.76
N ALA F 379 19.50 21.18 45.52
CA ALA F 379 18.29 20.44 45.19
C ALA F 379 18.31 19.06 45.85
N LEU F 380 19.43 18.37 45.75
CA LEU F 380 19.55 17.02 46.28
C LEU F 380 19.39 17.03 47.80
N ALA F 381 19.83 18.11 48.42
CA ALA F 381 19.82 18.28 49.88
C ALA F 381 18.42 18.22 50.50
N GLY F 382 17.45 18.92 49.91
CA GLY F 382 16.08 18.90 50.41
C GLY F 382 15.92 19.19 51.90
N GLY G 6 23.88 30.85 44.10
CA GLY G 6 24.88 30.33 43.17
C GLY G 6 24.83 31.09 41.85
N MSE G 7 25.83 31.95 41.66
CA MSE G 7 25.72 33.06 40.67
C MSE G 7 27.10 33.78 40.47
O MSE G 7 27.41 34.76 41.13
CB MSE G 7 24.54 33.98 41.07
CG MSE G 7 23.34 33.81 40.05
SE MSE G 7 21.34 33.99 40.37
CE MSE G 7 20.88 34.33 38.49
N ARG G 8 27.94 33.22 39.58
CA ARG G 8 29.26 33.77 39.24
C ARG G 8 29.25 34.43 37.84
N PHE G 9 30.37 35.04 37.45
CA PHE G 9 30.45 35.80 36.19
C PHE G 9 29.94 35.03 34.95
N GLY G 10 30.39 33.79 34.80
CA GLY G 10 30.03 32.95 33.67
C GLY G 10 28.56 32.56 33.64
N THR G 11 27.94 32.48 34.81
CA THR G 11 26.53 32.25 34.95
C THR G 11 25.72 33.52 34.63
N ARG G 12 26.29 34.67 34.98
CA ARG G 12 25.66 35.95 34.70
C ARG G 12 25.56 36.20 33.20
N LEU G 13 26.54 35.70 32.45
CA LEU G 13 26.48 35.77 30.98
C LEU G 13 25.25 35.06 30.41
N VAL G 14 24.79 34.00 31.03
CA VAL G 14 23.68 33.23 30.47
C VAL G 14 22.34 33.68 31.02
N HIS G 15 22.31 34.05 32.29
CA HIS G 15 21.06 34.29 32.98
C HIS G 15 20.81 35.72 33.44
N GLY G 16 21.85 36.56 33.39
CA GLY G 16 21.70 37.96 33.74
C GLY G 16 20.60 38.57 32.88
N GLY G 17 19.62 39.21 33.52
CA GLY G 17 18.47 39.74 32.80
C GLY G 17 17.61 38.69 32.10
N ARG G 18 17.87 37.40 32.32
CA ARG G 18 17.04 36.38 31.67
C ARG G 18 15.87 36.07 32.58
N ARG G 19 14.86 36.92 32.54
CA ARG G 19 13.83 36.93 33.54
C ARG G 19 12.75 35.92 33.17
N PRO G 20 11.96 35.49 34.15
CA PRO G 20 10.86 34.56 33.83
C PRO G 20 9.93 35.16 32.79
N SER G 21 9.04 34.36 32.23
CA SER G 21 7.99 34.97 31.42
C SER G 21 6.62 34.45 31.81
N ALA G 22 5.76 35.37 32.22
CA ALA G 22 4.35 35.03 32.45
C ALA G 22 3.79 34.40 31.18
N GLY G 23 2.71 33.64 31.34
CA GLY G 23 2.07 33.00 30.22
C GLY G 23 2.69 31.68 29.81
N THR G 24 3.87 31.77 29.19
CA THR G 24 4.36 30.66 28.36
C THR G 24 5.63 29.96 28.85
N GLY G 25 6.56 30.72 29.42
CA GLY G 25 7.72 30.11 30.05
C GLY G 25 8.96 30.02 29.18
N ASP G 26 8.93 30.72 28.04
CA ASP G 26 10.08 30.82 27.13
C ASP G 26 11.38 30.93 27.94
N VAL G 27 12.33 30.05 27.64
CA VAL G 27 13.65 30.11 28.29
C VAL G 27 14.40 31.32 27.73
N VAL G 28 14.43 31.40 26.40
CA VAL G 28 14.96 32.58 25.74
C VAL G 28 13.84 33.61 25.65
N PRO G 29 14.05 34.80 26.26
CA PRO G 29 12.93 35.76 26.26
C PRO G 29 12.57 36.20 24.84
N PRO G 30 11.28 36.33 24.54
CA PRO G 30 10.89 36.70 23.18
C PRO G 30 11.35 38.11 22.79
N ILE G 31 11.48 38.35 21.49
CA ILE G 31 12.00 39.61 20.99
C ILE G 31 10.89 40.66 20.87
N HIS G 32 10.95 41.70 21.71
CA HIS G 32 9.97 42.78 21.67
C HIS G 32 10.34 43.78 20.59
N VAL G 33 9.64 43.73 19.47
CA VAL G 33 9.90 44.68 18.39
C VAL G 33 8.88 45.82 18.37
N SER G 34 7.81 45.69 19.13
CA SER G 34 6.73 46.69 19.09
C SER G 34 7.23 48.10 19.48
N THR G 35 6.84 49.12 18.69
CA THR G 35 7.20 50.49 19.00
C THR G 35 6.19 51.09 19.96
N THR G 36 4.97 50.58 19.93
CA THR G 36 3.94 51.21 20.71
C THR G 36 3.26 50.24 21.69
N TYR G 37 2.60 50.80 22.69
CA TYR G 37 2.03 50.01 23.76
C TYR G 37 0.62 50.43 24.11
N GLU G 38 -0.23 49.42 24.29
CA GLU G 38 -1.59 49.62 24.78
C GLU G 38 -1.48 50.06 26.23
N ARG G 39 -2.12 51.16 26.55
CA ARG G 39 -1.98 51.72 27.89
C ARG G 39 -2.87 51.02 28.92
N ARG G 40 -3.97 50.42 28.47
CA ARG G 40 -5.07 50.11 29.38
C ARG G 40 -5.01 48.78 30.15
N ALA G 41 -4.13 47.86 29.77
CA ALA G 41 -4.12 46.56 30.44
C ALA G 41 -2.76 46.17 31.03
N GLN G 42 -1.82 47.10 31.10
CA GLN G 42 -0.61 46.88 31.88
C GLN G 42 -1.00 47.08 33.32
N ASP G 43 -0.37 46.35 34.23
CA ASP G 43 -0.70 46.52 35.65
C ASP G 43 -0.09 47.77 36.24
N GLU G 44 1.25 47.80 36.25
CA GLU G 44 1.98 48.93 36.78
C GLU G 44 2.77 49.54 35.62
N PRO G 45 2.34 50.73 35.17
CA PRO G 45 2.80 51.44 33.96
C PRO G 45 4.32 51.56 33.85
N ARG G 46 4.84 51.15 32.70
CA ARG G 46 6.22 51.39 32.32
C ARG G 46 6.19 51.86 30.87
N TYR G 47 5.80 50.92 30.02
CA TYR G 47 6.01 50.99 28.56
C TYR G 47 5.00 51.89 27.88
N PHE G 48 5.52 52.94 27.26
CA PHE G 48 4.70 53.94 26.63
C PHE G 48 5.03 54.06 25.14
N TYR G 49 6.31 53.87 24.81
CA TYR G 49 6.81 54.06 23.44
C TYR G 49 8.24 53.53 23.33
N GLY G 50 8.55 52.87 22.22
CA GLY G 50 9.83 52.18 22.08
C GLY G 50 11.09 52.98 22.36
N ARG G 51 11.17 54.23 21.92
CA ARG G 51 12.38 55.02 22.16
C ARG G 51 12.58 55.22 23.66
N GLY G 52 11.48 55.28 24.40
CA GLY G 52 11.57 55.40 25.84
C GLY G 52 11.96 54.08 26.51
N GLU G 53 11.25 52.99 26.16
CA GLU G 53 11.37 51.75 26.91
C GLU G 53 11.24 50.50 26.02
N ASN G 54 11.87 49.41 26.46
CA ASN G 54 11.82 48.14 25.72
C ASN G 54 12.36 47.00 26.57
N PRO G 55 11.53 45.96 26.78
CA PRO G 55 11.93 44.84 27.65
C PRO G 55 13.19 44.13 27.15
N THR G 56 13.30 43.89 25.83
CA THR G 56 14.48 43.27 25.26
C THR G 56 15.72 44.12 25.50
N ARG G 57 15.60 45.42 25.27
CA ARG G 57 16.70 46.33 25.53
C ARG G 57 17.05 46.33 27.03
N GLU G 58 16.03 46.44 27.87
CA GLU G 58 16.23 46.48 29.32
C GLU G 58 16.94 45.23 29.83
N GLU G 59 16.51 44.07 29.36
CA GLU G 59 17.11 42.79 29.77
C GLU G 59 18.59 42.72 29.40
N LEU G 60 18.96 43.24 28.23
CA LEU G 60 20.38 43.31 27.87
C LEU G 60 21.08 44.26 28.85
N GLU G 61 20.42 45.37 29.18
CA GLU G 61 21.00 46.33 30.12
C GLU G 61 21.27 45.70 31.50
N GLU G 62 20.31 44.93 32.00
CA GLU G 62 20.45 44.27 33.29
C GLU G 62 21.59 43.25 33.26
N CYS G 63 21.73 42.53 32.15
CA CYS G 63 22.83 41.59 31.99
C CYS G 63 24.20 42.28 32.10
N LEU G 64 24.41 43.33 31.29
CA LEU G 64 25.65 44.09 31.30
C LEU G 64 25.94 44.69 32.67
N ALA G 65 24.91 45.21 33.33
CA ALA G 65 25.08 45.77 34.66
C ALA G 65 25.51 44.70 35.64
N GLY G 66 24.93 43.51 35.51
CA GLY G 66 25.24 42.40 36.40
C GLY G 66 26.68 41.95 36.23
N LEU G 67 27.21 42.07 35.02
CA LEU G 67 28.57 41.65 34.74
C LEU G 67 29.58 42.47 35.56
N GLU G 68 29.15 43.62 36.06
CA GLU G 68 30.04 44.44 36.89
C GLU G 68 29.47 44.61 38.29
N ARG G 69 28.43 43.84 38.59
CA ARG G 69 27.69 43.99 39.84
C ARG G 69 27.34 45.47 40.07
N ALA G 70 26.79 46.09 39.04
CA ALA G 70 26.47 47.50 39.06
C ALA G 70 24.97 47.68 38.93
N PRO G 71 24.43 48.75 39.50
CA PRO G 71 22.99 48.98 39.39
C PRO G 71 22.52 49.38 38.00
N PHE G 72 23.32 50.09 37.24
CA PHE G 72 22.78 50.62 35.99
C PHE G 72 23.61 50.31 34.74
N ALA G 73 22.90 50.12 33.65
CA ALA G 73 23.52 50.11 32.34
C ALA G 73 22.55 50.67 31.33
N THR G 74 23.10 51.39 30.36
CA THR G 74 22.31 51.93 29.27
C THR G 74 22.99 51.55 27.99
N VAL G 75 22.22 51.02 27.03
CA VAL G 75 22.77 50.67 25.72
C VAL G 75 22.36 51.67 24.61
N PHE G 76 23.17 51.69 23.55
CA PHE G 76 23.12 52.73 22.53
C PHE G 76 23.33 52.12 21.14
N SER G 77 22.94 52.86 20.11
CA SER G 77 23.08 52.42 18.73
C SER G 77 24.52 52.04 18.35
N SER G 78 25.50 52.56 19.10
CA SER G 78 26.90 52.26 18.85
C SER G 78 27.77 52.70 20.01
N GLY G 79 29.03 52.28 19.98
CA GLY G 79 30.03 52.71 20.93
C GLY G 79 30.19 54.21 20.94
N GLN G 80 30.24 54.82 19.76
CA GLN G 80 30.34 56.27 19.66
C GLN G 80 29.17 56.97 20.38
N ALA G 81 27.97 56.42 20.23
CA ALA G 81 26.79 57.05 20.80
C ALA G 81 26.84 57.00 22.33
N ALA G 82 27.38 55.91 22.87
CA ALA G 82 27.62 55.82 24.31
C ALA G 82 28.61 56.92 24.73
N ALA G 83 29.71 57.03 23.98
CA ALA G 83 30.70 58.07 24.24
C ALA G 83 30.13 59.47 24.06
N ALA G 84 29.30 59.64 23.02
CA ALA G 84 28.67 60.91 22.75
C ALA G 84 27.78 61.34 23.92
N THR G 85 27.08 60.39 24.50
CA THR G 85 26.12 60.63 25.58
C THR G 85 26.83 61.07 26.87
N LEU G 86 27.89 60.35 27.21
CA LEU G 86 28.72 60.73 28.34
C LEU G 86 29.27 62.15 28.14
N LEU G 87 29.79 62.43 26.95
CA LEU G 87 30.43 63.71 26.67
C LEU G 87 29.50 64.93 26.68
N SER G 88 28.22 64.73 26.32
CA SER G 88 27.28 65.85 26.31
C SER G 88 26.98 66.33 27.72
N LEU G 89 27.35 65.54 28.72
CA LEU G 89 27.14 65.93 30.11
C LEU G 89 28.16 66.96 30.56
N VAL G 90 29.26 67.06 29.83
CA VAL G 90 30.23 68.10 30.13
C VAL G 90 29.66 69.38 29.55
N ARG G 91 29.54 70.40 30.41
CA ARG G 91 28.92 71.68 30.05
C ARG G 91 30.01 72.62 29.55
N PRO G 92 29.63 73.70 28.85
CA PRO G 92 30.64 74.73 28.52
C PRO G 92 31.30 75.25 29.79
N GLY G 93 32.58 75.58 29.73
CA GLY G 93 33.29 76.09 30.89
C GLY G 93 34.09 75.02 31.61
N GLN G 94 33.61 73.78 31.54
CA GLN G 94 34.26 72.64 32.19
C GLN G 94 35.36 72.05 31.31
N CYS G 95 36.25 71.27 31.92
CA CYS G 95 37.39 70.68 31.21
C CYS G 95 37.39 69.16 31.27
N VAL G 96 37.81 68.54 30.17
CA VAL G 96 37.94 67.10 30.07
C VAL G 96 39.39 66.72 29.84
N VAL G 97 39.90 65.79 30.65
CA VAL G 97 41.27 65.29 30.50
C VAL G 97 41.28 63.87 29.98
N SER G 98 42.01 63.66 28.88
CA SER G 98 42.32 62.31 28.41
C SER G 98 43.78 62.32 27.96
N THR G 99 44.22 61.26 27.30
CA THR G 99 45.59 61.17 26.83
C THR G 99 45.68 61.49 25.35
N ASP G 100 46.90 61.68 24.86
CA ASP G 100 47.12 61.96 23.45
C ASP G 100 47.02 60.70 22.57
N ASP G 101 47.04 59.51 23.17
CA ASP G 101 46.76 58.30 22.40
C ASP G 101 45.42 57.61 22.71
N VAL G 102 44.39 58.42 22.95
CA VAL G 102 43.03 57.88 23.02
C VAL G 102 42.52 57.54 21.61
N TYR G 103 41.44 56.78 21.51
CA TYR G 103 40.95 56.21 20.24
C TYR G 103 40.65 57.24 19.13
N ALA G 104 40.48 56.75 17.91
CA ALA G 104 39.96 57.50 16.76
C ALA G 104 38.65 58.24 16.99
N GLY G 105 37.52 57.52 16.94
CA GLY G 105 36.21 58.15 17.06
C GLY G 105 36.05 58.90 18.36
N THR G 106 36.62 58.35 19.43
CA THR G 106 36.70 59.06 20.70
C THR G 106 37.38 60.41 20.46
N ASP G 107 38.49 60.40 19.72
CA ASP G 107 39.15 61.65 19.33
C ASP G 107 38.26 62.45 18.38
N GLY G 108 37.45 61.75 17.61
CA GLY G 108 36.45 62.41 16.79
C GLY G 108 35.50 63.20 17.67
N LEU G 109 35.04 62.58 18.75
CA LEU G 109 34.07 63.21 19.65
C LEU G 109 34.62 64.44 20.42
N PHE G 110 35.84 64.37 20.92
CA PHE G 110 36.38 65.47 21.74
C PHE G 110 36.42 66.78 20.96
N ASP G 111 36.70 66.71 19.66
CA ASP G 111 36.74 67.90 18.81
C ASP G 111 35.36 68.56 18.68
N LEU G 112 34.31 67.75 18.67
CA LEU G 112 32.96 68.27 18.54
C LEU G 112 32.63 69.05 19.80
N ALA G 113 33.03 68.51 20.94
CA ALA G 113 32.83 69.18 22.22
C ALA G 113 33.55 70.53 22.27
N ALA G 114 34.74 70.60 21.70
CA ALA G 114 35.54 71.83 21.70
C ALA G 114 34.84 72.96 20.94
N ARG G 115 34.23 72.62 19.82
CA ARG G 115 33.58 73.65 19.00
C ARG G 115 32.31 74.15 19.67
N GLN G 116 31.91 73.46 20.74
CA GLN G 116 30.81 73.92 21.56
C GLN G 116 31.32 74.69 22.80
N GLY G 117 32.63 74.79 22.94
CA GLY G 117 33.19 75.45 24.11
C GLY G 117 34.19 74.63 24.91
N VAL G 118 33.79 73.40 25.25
CA VAL G 118 34.60 72.49 26.10
C VAL G 118 36.10 72.53 25.85
N ARG G 119 36.89 72.59 26.94
CA ARG G 119 38.35 72.55 26.86
C ARG G 119 38.91 71.14 27.04
N VAL G 120 39.52 70.63 25.97
CA VAL G 120 40.15 69.32 26.03
C VAL G 120 41.65 69.46 26.21
N ARG G 121 42.20 68.86 27.26
CA ARG G 121 43.65 68.85 27.44
C ARG G 121 44.15 67.43 27.43
N TYR G 122 45.13 67.16 26.57
CA TYR G 122 45.72 65.83 26.47
C TYR G 122 46.89 65.67 27.45
N ALA G 123 47.02 64.48 28.04
CA ALA G 123 48.07 64.24 29.02
C ALA G 123 48.68 62.84 28.94
N ASP G 124 49.64 62.59 29.84
CA ASP G 124 50.36 61.31 29.88
C ASP G 124 49.96 60.59 31.17
N LEU G 125 48.85 59.86 31.13
CA LEU G 125 48.24 59.32 32.35
C LEU G 125 49.02 58.17 33.03
N THR G 126 50.18 57.85 32.48
CA THR G 126 50.93 56.71 32.93
C THR G 126 52.22 57.09 33.66
N THR G 127 52.26 58.33 34.18
CA THR G 127 53.27 58.79 35.14
C THR G 127 52.55 59.60 36.21
N PRO G 128 53.06 59.59 37.47
CA PRO G 128 52.34 60.22 38.58
C PRO G 128 52.39 61.74 38.55
N GLU G 129 53.32 62.29 37.78
CA GLU G 129 53.57 63.73 37.78
C GLU G 129 52.69 64.39 36.72
N GLY G 130 52.52 63.70 35.61
CA GLY G 130 51.60 64.13 34.57
C GLY G 130 50.14 63.86 34.93
N ILE G 131 49.92 63.34 36.15
CA ILE G 131 48.58 63.11 36.66
C ILE G 131 48.29 64.18 37.70
N ALA G 132 49.33 64.57 38.44
CA ALA G 132 49.24 65.67 39.38
C ALA G 132 48.86 66.95 38.65
N ALA G 133 49.65 67.29 37.64
CA ALA G 133 49.49 68.52 36.88
C ALA G 133 48.21 68.52 36.07
N ALA G 134 48.06 67.50 35.24
CA ALA G 134 46.94 67.42 34.31
C ALA G 134 45.60 67.36 35.04
N LEU G 135 45.64 67.10 36.33
CA LEU G 135 44.43 67.19 37.12
C LEU G 135 44.45 68.45 37.98
N ALA G 136 45.45 69.32 37.78
CA ALA G 136 45.38 70.66 38.34
C ALA G 136 44.67 71.51 37.30
N GLU G 137 44.44 70.90 36.15
CA GLU G 137 43.65 71.48 35.08
C GLU G 137 42.32 71.97 35.65
N PRO G 138 42.11 73.29 35.61
CA PRO G 138 40.97 73.95 36.25
C PRO G 138 39.63 73.48 35.73
N ASP G 139 38.63 73.46 36.61
CA ASP G 139 37.29 73.00 36.29
C ASP G 139 37.26 71.61 35.69
N LEU G 140 38.09 70.70 36.18
CA LEU G 140 38.13 69.33 35.66
C LEU G 140 36.80 68.63 35.87
N ALA G 141 36.15 68.21 34.79
CA ALA G 141 34.85 67.55 34.90
C ALA G 141 34.91 66.06 34.56
N LEU G 142 35.79 65.68 33.65
CA LEU G 142 35.80 64.30 33.16
C LEU G 142 37.19 63.78 32.84
N VAL G 143 37.59 62.70 33.49
CA VAL G 143 38.84 62.05 33.14
C VAL G 143 38.57 60.81 32.31
N TRP G 144 39.10 60.78 31.09
CA TRP G 144 38.75 59.76 30.11
C TRP G 144 39.91 58.80 29.89
N ILE G 145 39.76 57.57 30.37
CA ILE G 145 40.84 56.61 30.33
C ILE G 145 40.57 55.45 29.40
N GLU G 146 41.45 55.25 28.45
CA GLU G 146 41.35 54.07 27.61
C GLU G 146 42.53 53.13 27.92
N THR G 147 42.23 52.00 28.53
CA THR G 147 43.29 51.08 28.92
C THR G 147 42.90 49.62 28.72
N PRO G 148 43.81 48.80 28.15
CA PRO G 148 45.08 49.22 27.55
C PRO G 148 44.87 50.11 26.33
N THR G 149 45.88 50.86 25.92
CA THR G 149 45.75 51.68 24.73
C THR G 149 45.96 50.86 23.48
N ASN G 150 45.96 51.53 22.34
CA ASN G 150 45.94 50.85 21.06
C ASN G 150 46.46 51.87 20.05
N PRO G 151 47.41 51.48 19.20
CA PRO G 151 47.96 50.14 18.99
C PRO G 151 49.38 50.01 19.50
N LEU G 152 49.64 50.42 20.75
CA LEU G 152 50.92 50.14 21.39
C LEU G 152 50.70 49.34 22.68
N LEU G 153 49.46 49.27 23.12
CA LEU G 153 49.05 48.43 24.24
C LEU G 153 49.69 48.86 25.57
N THR G 154 49.83 50.17 25.77
CA THR G 154 50.23 50.72 27.05
C THR G 154 49.06 50.70 28.03
N VAL G 155 49.35 50.72 29.32
CA VAL G 155 48.29 50.60 30.32
C VAL G 155 48.34 51.75 31.31
N VAL G 156 47.17 52.22 31.72
CA VAL G 156 47.02 53.26 32.74
C VAL G 156 46.47 52.71 34.07
N ASP G 157 47.07 53.10 35.19
CA ASP G 157 46.61 52.70 36.51
C ASP G 157 45.26 53.36 36.85
N VAL G 158 44.18 52.61 36.65
CA VAL G 158 42.84 53.14 36.84
C VAL G 158 42.56 53.55 38.29
N ALA G 159 42.94 52.70 39.24
CA ALA G 159 42.70 53.00 40.65
C ALA G 159 43.40 54.28 41.08
N GLU G 160 44.66 54.43 40.68
CA GLU G 160 45.45 55.58 41.06
C GLU G 160 44.93 56.87 40.42
N VAL G 161 44.61 56.80 39.13
CA VAL G 161 44.07 57.96 38.44
C VAL G 161 42.69 58.28 39.02
N SER G 162 41.89 57.26 39.30
CA SER G 162 40.59 57.49 39.90
C SER G 162 40.70 58.10 41.29
N ARG G 163 41.66 57.63 42.09
CA ARG G 163 41.82 58.21 43.44
C ARG G 163 42.14 59.70 43.33
N ARG G 164 43.06 60.03 42.43
CA ARG G 164 43.42 61.42 42.17
C ARG G 164 42.21 62.26 41.79
N ALA G 165 41.48 61.81 40.77
CA ALA G 165 40.33 62.54 40.24
C ALA G 165 39.23 62.74 41.28
N HIS G 166 39.07 61.78 42.18
CA HIS G 166 38.06 61.87 43.22
C HIS G 166 38.47 62.80 44.37
N GLU G 167 39.69 63.33 44.30
CA GLU G 167 40.07 64.43 45.17
C GLU G 167 39.75 65.73 44.45
N ARG G 168 39.81 65.65 43.11
CA ARG G 168 39.57 66.80 42.25
C ARG G 168 38.07 66.98 42.04
N GLY G 169 37.28 66.16 42.73
CA GLY G 169 35.83 66.19 42.61
C GLY G 169 35.41 66.02 41.17
N ALA G 170 35.91 64.96 40.53
CA ALA G 170 35.70 64.75 39.09
C ALA G 170 35.32 63.30 38.75
N ARG G 171 34.49 63.16 37.71
CA ARG G 171 34.03 61.85 37.22
C ARG G 171 35.10 61.14 36.38
N VAL G 172 35.19 59.82 36.53
CA VAL G 172 36.13 59.04 35.75
C VAL G 172 35.44 58.01 34.88
N VAL G 173 35.81 57.96 33.61
CA VAL G 173 35.32 56.91 32.72
C VAL G 173 36.48 56.11 32.18
N VAL G 174 36.27 54.80 32.06
CA VAL G 174 37.21 53.92 31.39
C VAL G 174 36.54 53.29 30.20
N ASP G 175 37.12 53.50 29.01
CA ASP G 175 36.67 52.79 27.83
C ASP G 175 37.25 51.40 27.94
N ASN G 176 36.39 50.43 28.25
CA ASN G 176 36.83 49.08 28.59
C ASN G 176 36.65 48.09 27.42
N THR G 177 36.57 48.63 26.21
CA THR G 177 36.34 47.81 25.02
C THR G 177 37.46 46.78 24.79
N PHE G 178 38.71 47.23 24.96
CA PHE G 178 39.90 46.40 24.73
C PHE G 178 39.76 45.06 25.46
N ALA G 179 39.57 45.13 26.78
CA ALA G 179 39.64 43.92 27.60
C ALA G 179 38.31 43.23 27.87
N SER G 180 37.20 43.98 27.77
CA SER G 180 35.85 43.50 28.12
C SER G 180 35.73 43.30 29.64
N PRO G 181 34.48 43.14 30.17
CA PRO G 181 34.36 42.94 31.62
C PRO G 181 34.88 41.58 32.09
N VAL G 182 35.26 40.70 31.16
CA VAL G 182 35.87 39.42 31.50
C VAL G 182 37.25 39.59 32.16
N LEU G 183 37.99 40.61 31.73
CA LEU G 183 39.40 40.75 32.10
C LEU G 183 39.64 41.93 33.03
N GLN G 184 38.83 42.98 32.91
CA GLN G 184 39.06 44.20 33.65
C GLN G 184 37.73 44.78 34.13
N GLN G 185 37.72 45.25 35.38
CA GLN G 185 36.51 45.74 36.02
C GLN G 185 36.66 47.19 36.49
N PRO G 186 36.46 48.16 35.58
CA PRO G 186 36.70 49.58 35.90
C PRO G 186 35.99 50.10 37.15
N LEU G 187 34.75 49.72 37.37
CA LEU G 187 34.01 50.16 38.53
C LEU G 187 34.60 49.59 39.82
N ALA G 188 35.07 48.35 39.78
CA ALA G 188 35.73 47.75 40.94
C ALA G 188 37.03 48.49 41.21
N LEU G 189 37.56 49.11 40.16
CA LEU G 189 38.83 49.81 40.23
C LEU G 189 38.64 51.27 40.62
N GLY G 190 37.42 51.65 40.95
CA GLY G 190 37.16 52.99 41.45
C GLY G 190 36.58 53.98 40.45
N ALA G 191 36.63 53.67 39.15
CA ALA G 191 36.05 54.54 38.14
C ALA G 191 34.53 54.72 38.34
N ASP G 192 33.96 55.71 37.66
CA ASP G 192 32.52 55.95 37.75
C ASP G 192 31.73 55.24 36.65
N VAL G 193 32.32 55.13 35.47
CA VAL G 193 31.65 54.51 34.34
C VAL G 193 32.58 53.60 33.54
N SER G 194 32.07 52.46 33.12
CA SER G 194 32.72 51.67 32.09
C SER G 194 32.04 51.95 30.77
N LEU G 195 32.82 52.45 29.80
CA LEU G 195 32.35 52.67 28.44
C LEU G 195 32.65 51.45 27.58
N TYR G 196 31.72 51.08 26.70
CA TYR G 196 31.96 49.98 25.76
C TYR G 196 31.51 50.26 24.35
N SER G 197 32.27 49.72 23.41
CA SER G 197 31.71 49.42 22.10
C SER G 197 31.33 47.95 22.13
N THR G 198 30.03 47.65 22.12
CA THR G 198 29.63 46.25 22.06
C THR G 198 29.74 45.74 20.62
N THR G 199 30.07 46.64 19.69
CA THR G 199 30.38 46.27 18.32
C THR G 199 31.54 45.26 18.28
N1 LLP G 200 36.12 52.71 21.64
C2 LLP G 200 36.89 51.69 21.29
C2' LLP G 200 38.11 51.29 22.19
C3 LLP G 200 36.62 50.98 20.09
O3 LLP G 200 37.44 49.89 19.74
C4 LLP G 200 35.53 51.34 19.30
C4' LLP G 200 35.17 50.55 17.92
C5 LLP G 200 34.76 52.41 19.68
C6 LLP G 200 35.05 53.10 20.85
C5' LLP G 200 33.54 52.91 18.84
OP4 LLP G 200 32.47 51.99 18.95
P LLP G 200 31.50 51.82 17.75
OP1 LLP G 200 30.56 50.68 18.14
OP2 LLP G 200 30.76 53.08 17.55
OP3 LLP G 200 32.24 51.48 16.49
N LLP G 200 32.37 45.30 19.31
CA LLP G 200 33.59 44.48 19.37
CB LLP G 200 34.67 45.33 20.02
CG LLP G 200 34.64 46.76 19.42
CD LLP G 200 35.20 46.86 17.98
CE LLP G 200 34.88 48.24 17.36
NZ LLP G 200 35.84 49.27 17.76
C LLP G 200 33.35 43.17 20.06
O LLP G 200 32.49 42.40 19.63
N SER G 201 34.07 42.87 21.13
CA SER G 201 34.08 41.53 21.70
C SER G 201 32.79 41.10 22.43
N ILE G 202 32.07 42.04 23.03
CA ILE G 202 30.84 41.71 23.75
C ILE G 202 29.84 41.00 22.83
N ALA G 203 29.51 41.60 21.69
CA ALA G 203 28.68 40.90 20.71
C ALA G 203 29.46 39.70 20.12
N GLY G 204 30.72 39.93 19.82
CA GLY G 204 31.67 38.86 19.54
C GLY G 204 31.58 38.16 18.20
N HIS G 205 30.65 38.59 17.34
CA HIS G 205 30.43 37.89 16.07
C HIS G 205 30.42 38.81 14.85
N ALA G 206 30.73 40.08 15.07
CA ALA G 206 30.87 41.06 13.99
C ALA G 206 29.61 41.19 13.12
N ASP G 207 28.43 41.10 13.74
CA ASP G 207 27.18 41.21 12.96
C ASP G 207 26.16 42.19 13.57
N VAL G 208 26.66 43.14 14.37
CA VAL G 208 25.80 44.10 15.06
C VAL G 208 26.64 45.19 15.70
N LEU G 209 26.24 46.44 15.50
CA LEU G 209 26.85 47.57 16.19
C LEU G 209 26.12 47.79 17.49
N GLY G 210 26.87 48.22 18.51
CA GLY G 210 26.25 48.67 19.74
C GLY G 210 27.20 49.38 20.69
N GLY G 211 26.64 50.09 21.65
CA GLY G 211 27.40 50.71 22.71
C GLY G 211 26.76 50.45 24.07
N ALA G 212 27.51 50.71 25.13
CA ALA G 212 26.97 50.61 26.47
C ALA G 212 27.73 51.49 27.46
N LEU G 213 27.00 51.96 28.46
CA LEU G 213 27.62 52.56 29.64
C LEU G 213 27.15 51.73 30.82
N VAL G 214 28.05 51.47 31.75
CA VAL G 214 27.72 50.79 32.99
C VAL G 214 28.28 51.63 34.14
N TYR G 215 27.47 51.86 35.16
CA TYR G 215 27.80 52.84 36.20
C TYR G 215 26.88 52.62 37.41
N ARG G 216 27.16 53.32 38.51
CA ARG G 216 26.45 53.10 39.76
C ARG G 216 25.62 54.30 40.19
N ASP G 217 25.79 55.42 39.49
CA ASP G 217 25.21 56.67 39.98
C ASP G 217 23.79 56.96 39.53
N ALA G 218 22.92 57.15 40.50
CA ALA G 218 21.49 57.38 40.28
C ALA G 218 21.14 58.62 39.46
N ASP G 219 21.80 59.74 39.73
CA ASP G 219 21.50 60.96 38.99
C ASP G 219 22.21 61.03 37.64
N LEU G 220 23.35 60.36 37.53
CA LEU G 220 23.98 60.14 36.21
C LEU G 220 23.07 59.30 35.35
N HIS G 221 22.50 58.27 35.97
CA HIS G 221 21.51 57.42 35.30
C HIS G 221 20.41 58.27 34.68
N ALA G 222 19.86 59.18 35.48
CA ALA G 222 18.77 60.05 35.04
C ALA G 222 19.19 60.88 33.83
N ALA G 223 20.43 61.37 33.84
CA ALA G 223 20.87 62.29 32.82
C ALA G 223 21.21 61.56 31.51
N VAL G 224 21.70 60.33 31.65
CA VAL G 224 22.02 59.49 30.50
C VAL G 224 20.74 59.05 29.76
N ARG G 225 19.75 58.59 30.52
CA ARG G 225 18.47 58.19 29.92
C ARG G 225 17.75 59.38 29.27
N ALA G 226 17.79 60.53 29.93
CA ALA G 226 17.19 61.74 29.37
C ALA G 226 17.85 62.10 28.04
N TYR G 227 19.18 61.98 27.96
CA TYR G 227 19.88 62.26 26.70
C TYR G 227 19.56 61.22 25.61
N ARG G 228 19.61 59.94 25.94
CA ARG G 228 19.33 58.91 24.96
C ARG G 228 17.93 59.06 24.38
N THR G 229 16.98 59.42 25.24
CA THR G 229 15.59 59.60 24.82
C THR G 229 15.43 60.81 23.91
N THR G 230 16.08 61.92 24.26
CA THR G 230 16.00 63.13 23.47
C THR G 230 16.88 63.06 22.20
N ALA G 231 18.09 62.54 22.34
CA ALA G 231 19.01 62.37 21.21
C ALA G 231 18.62 61.21 20.27
N GLY G 232 17.92 60.21 20.79
CA GLY G 232 17.41 59.12 19.97
C GLY G 232 18.47 58.13 19.49
N ASN G 233 19.63 58.14 20.12
CA ASN G 233 20.72 57.24 19.75
C ASN G 233 20.56 55.85 20.38
N VAL G 234 19.37 55.29 20.21
CA VAL G 234 18.96 54.03 20.84
C VAL G 234 19.03 52.89 19.83
N PRO G 235 19.46 51.70 20.28
CA PRO G 235 19.57 50.55 19.36
C PRO G 235 18.20 49.99 18.99
N GLY G 236 18.21 49.07 18.04
CA GLY G 236 17.02 48.32 17.67
C GLY G 236 16.90 47.04 18.47
N ALA G 237 15.66 46.57 18.59
CA ALA G 237 15.31 45.34 19.28
C ALA G 237 16.06 44.11 18.76
N LEU G 238 16.06 43.92 17.45
CA LEU G 238 16.72 42.77 16.85
C LEU G 238 18.21 42.80 17.19
N ASP G 239 18.79 44.00 17.20
CA ASP G 239 20.21 44.17 17.55
C ASP G 239 20.52 43.76 19.00
N CYS G 240 19.73 44.27 19.94
CA CYS G 240 19.86 43.91 21.35
C CYS G 240 19.78 42.39 21.56
N PHE G 241 18.94 41.73 20.77
CA PHE G 241 18.91 40.26 20.76
C PHE G 241 20.27 39.65 20.34
N LEU G 242 20.82 40.12 19.22
CA LEU G 242 22.13 39.65 18.74
C LEU G 242 23.26 39.90 19.74
N VAL G 243 23.30 41.08 20.32
CA VAL G 243 24.29 41.40 21.35
C VAL G 243 24.11 40.46 22.55
N ARG G 244 22.88 40.39 23.05
CA ARG G 244 22.55 39.48 24.15
C ARG G 244 22.98 38.03 23.85
N ARG G 245 22.68 37.59 22.62
CA ARG G 245 23.01 36.22 22.22
C ARG G 245 24.51 36.00 22.19
N GLY G 246 25.27 36.96 21.65
CA GLY G 246 26.72 36.88 21.69
C GLY G 246 27.28 36.79 23.11
N LEU G 247 26.74 37.60 24.01
CA LEU G 247 27.18 37.68 25.41
C LEU G 247 27.26 36.35 26.14
N HIS G 248 26.38 35.41 25.78
CA HIS G 248 26.44 34.09 26.40
C HIS G 248 27.84 33.46 26.33
N THR G 249 28.50 33.63 25.20
CA THR G 249 29.78 32.97 24.96
C THR G 249 30.98 33.86 25.24
N LEU G 250 30.75 35.02 25.85
CA LEU G 250 31.81 36.02 25.98
C LEU G 250 33.05 35.51 26.73
N SER G 251 32.84 34.84 27.85
CA SER G 251 33.97 34.36 28.64
C SER G 251 34.75 33.25 27.89
N LEU G 252 34.02 32.33 27.25
CA LEU G 252 34.68 31.27 26.49
C LEU G 252 35.49 31.82 25.31
N ARG G 253 34.93 32.80 24.61
CA ARG G 253 35.62 33.42 23.47
C ARG G 253 36.89 34.17 23.90
N VAL G 254 36.74 35.09 24.84
CA VAL G 254 37.88 35.85 25.36
C VAL G 254 39.00 34.91 25.81
N HIS G 255 38.65 33.91 26.60
CA HIS G 255 39.62 32.91 27.01
C HIS G 255 40.32 32.20 25.84
N ARG G 256 39.56 31.80 24.82
CA ARG G 256 40.17 31.23 23.61
C ARG G 256 41.14 32.25 22.99
N GLN G 257 40.69 33.50 22.89
CA GLN G 257 41.47 34.54 22.24
C GLN G 257 42.79 34.82 22.99
N VAL G 258 42.72 34.87 24.31
CA VAL G 258 43.89 35.13 25.13
C VAL G 258 44.93 34.03 24.94
N ALA G 259 44.50 32.78 25.07
CA ALA G 259 45.41 31.65 24.95
C ALA G 259 46.10 31.64 23.57
N THR G 260 45.33 31.97 22.53
CA THR G 260 45.93 32.00 21.20
C THR G 260 46.88 33.19 21.04
N ALA G 261 46.49 34.35 21.57
CA ALA G 261 47.34 35.52 21.56
C ALA G 261 48.70 35.24 22.18
N ARG G 262 48.70 34.58 23.35
CA ARG G 262 49.96 34.28 24.03
C ARG G 262 50.85 33.39 23.17
N VAL G 263 50.26 32.42 22.48
CA VAL G 263 51.06 31.58 21.60
C VAL G 263 51.66 32.43 20.48
N LEU G 264 50.81 33.20 19.79
CA LEU G 264 51.26 34.07 18.70
C LEU G 264 52.40 35.02 19.14
N VAL G 265 52.35 35.48 20.39
CA VAL G 265 53.37 36.37 20.92
C VAL G 265 54.74 35.65 20.94
N GLU G 266 54.73 34.37 21.29
CA GLU G 266 55.95 33.59 21.27
C GLU G 266 56.50 33.47 19.84
N ARG G 267 55.61 33.27 18.87
CA ARG G 267 56.01 33.19 17.46
C ARG G 267 56.65 34.48 16.99
N LEU G 268 56.01 35.60 17.33
CA LEU G 268 56.49 36.90 16.93
C LEU G 268 57.88 37.18 17.54
N ARG G 269 58.02 36.95 18.84
CA ARG G 269 59.29 37.20 19.54
C ARG G 269 60.45 36.30 19.06
N ALA G 270 60.13 35.27 18.30
CA ALA G 270 61.15 34.33 17.82
C ALA G 270 61.49 34.45 16.33
N SER G 271 60.78 35.30 15.60
CA SER G 271 61.05 35.45 14.17
C SER G 271 62.14 36.49 13.92
N PRO G 272 62.97 36.26 12.90
CA PRO G 272 64.04 37.20 12.56
C PRO G 272 63.52 38.47 11.90
N VAL G 273 62.38 38.40 11.21
CA VAL G 273 61.86 39.59 10.54
C VAL G 273 60.83 40.32 11.39
N VAL G 274 60.92 40.12 12.71
CA VAL G 274 60.05 40.82 13.65
C VAL G 274 60.87 41.57 14.71
N GLY G 275 60.45 42.80 15.01
CA GLY G 275 61.10 43.59 16.04
C GLY G 275 60.26 43.66 17.32
N ALA G 276 60.00 44.88 17.78
CA ALA G 276 59.27 45.11 19.02
C ALA G 276 57.90 44.44 19.00
N VAL G 277 57.69 43.51 19.93
CA VAL G 277 56.40 42.85 20.07
C VAL G 277 55.71 43.45 21.28
N HIS G 278 54.49 43.93 21.09
CA HIS G 278 53.72 44.52 22.17
C HIS G 278 52.59 43.59 22.61
N TYR G 279 52.50 43.36 23.92
CA TYR G 279 51.45 42.55 24.52
C TYR G 279 51.46 42.79 26.03
N PRO G 280 50.31 43.18 26.62
CA PRO G 280 50.27 43.50 28.05
C PRO G 280 50.86 42.41 28.94
N GLY G 281 50.85 41.16 28.48
CA GLY G 281 51.34 40.04 29.28
C GLY G 281 52.85 39.80 29.30
N LEU G 282 53.61 40.55 28.52
CA LEU G 282 55.06 40.34 28.47
C LEU G 282 55.68 40.72 29.79
N PRO G 283 56.68 39.93 30.23
CA PRO G 283 57.34 40.25 31.50
C PRO G 283 58.03 41.59 31.37
N GLU G 284 58.33 42.01 30.13
CA GLU G 284 59.05 43.33 29.97
C GLU G 284 58.17 44.51 29.80
N HIS G 285 56.88 44.30 29.65
CA HIS G 285 55.93 45.40 29.48
C HIS G 285 56.21 46.51 30.51
N PRO G 286 56.16 47.78 30.07
CA PRO G 286 56.47 48.92 30.93
C PRO G 286 55.71 48.85 32.24
N GLN G 287 54.41 48.58 32.15
CA GLN G 287 53.54 48.52 33.32
C GLN G 287 53.05 47.11 33.60
N HIS G 288 53.97 46.16 33.65
CA HIS G 288 53.62 44.76 33.93
C HIS G 288 52.88 44.65 35.25
N ALA G 289 53.35 45.42 36.24
CA ALA G 289 52.71 45.46 37.55
C ALA G 289 51.26 45.95 37.48
N VAL G 290 51.04 47.08 36.83
CA VAL G 290 49.69 47.60 36.63
C VAL G 290 48.82 46.57 35.93
N VAL G 291 49.38 45.92 34.91
CA VAL G 291 48.69 44.86 34.20
C VAL G 291 48.27 43.74 35.15
N LYS G 292 49.22 43.22 35.93
CA LYS G 292 48.90 42.15 36.87
C LYS G 292 47.80 42.63 37.80
N ALA G 293 47.99 43.82 38.37
CA ALA G 293 47.07 44.38 39.34
C ALA G 293 45.64 44.48 38.85
N GLN G 294 45.44 44.93 37.61
CA GLN G 294 44.09 45.33 37.21
C GLN G 294 43.45 44.50 36.09
N MSE G 295 44.21 43.61 35.45
CA MSE G 295 43.64 42.72 34.42
C MSE G 295 43.83 41.25 34.78
O MSE G 295 44.95 40.81 35.00
CB MSE G 295 44.29 42.98 33.06
CG MSE G 295 44.10 44.38 32.50
SE MSE G 295 45.10 44.63 30.87
CE MSE G 295 44.01 43.67 29.58
N SER G 296 42.74 40.49 34.83
CA SER G 296 42.86 39.06 35.11
C SER G 296 43.63 38.32 34.01
N ALA G 297 43.57 38.83 32.78
CA ALA G 297 44.39 38.27 31.71
C ALA G 297 44.70 39.40 30.73
N PRO G 298 45.72 39.21 29.89
CA PRO G 298 46.14 40.42 29.18
C PRO G 298 45.47 40.70 27.82
N GLY G 299 44.48 39.90 27.44
CA GLY G 299 43.71 40.24 26.27
C GLY G 299 44.17 39.59 24.99
N ALA G 300 43.62 40.08 23.88
CA ALA G 300 43.63 39.35 22.62
C ALA G 300 44.16 40.18 21.46
N ILE G 301 44.84 41.28 21.80
CA ILE G 301 45.37 42.19 20.82
C ILE G 301 46.89 42.18 20.91
N VAL G 302 47.55 42.01 19.77
CA VAL G 302 49.00 41.94 19.72
C VAL G 302 49.48 42.86 18.62
N SER G 303 50.47 43.68 18.91
CA SER G 303 51.08 44.47 17.85
C SER G 303 52.59 44.29 17.81
N PHE G 304 53.16 44.42 16.62
CA PHE G 304 54.57 44.14 16.45
C PHE G 304 55.21 44.94 15.31
N ASP G 305 56.52 45.12 15.43
CA ASP G 305 57.31 45.78 14.41
C ASP G 305 57.71 44.72 13.40
N TYR G 306 57.31 44.92 12.14
CA TYR G 306 57.69 44.03 11.05
C TYR G 306 58.96 44.53 10.39
N LEU G 307 59.91 43.62 10.13
CA LEU G 307 61.23 44.00 9.65
C LEU G 307 61.50 43.57 8.20
N GLY G 308 60.60 42.76 7.63
CA GLY G 308 60.88 42.15 6.33
C GLY G 308 60.60 42.95 5.07
N GLY G 309 60.18 44.20 5.22
CA GLY G 309 59.87 45.04 4.08
C GLY G 309 58.53 45.71 4.19
N PRO G 310 58.06 46.34 3.09
CA PRO G 310 56.80 47.09 3.07
C PRO G 310 55.64 46.36 3.76
N ALA G 311 54.93 47.06 4.63
CA ALA G 311 53.81 46.48 5.36
C ALA G 311 52.70 46.08 4.40
N GLU G 312 52.53 46.87 3.34
CA GLU G 312 51.47 46.62 2.37
C GLU G 312 51.57 45.19 1.85
N ARG G 313 52.79 44.78 1.49
CA ARG G 313 53.02 43.43 0.99
C ARG G 313 52.67 42.33 1.97
N LEU G 314 53.11 42.49 3.22
CA LEU G 314 52.86 41.49 4.26
C LEU G 314 51.37 41.21 4.39
N LEU G 315 50.58 42.28 4.40
CA LEU G 315 49.14 42.18 4.60
C LEU G 315 48.44 41.30 3.56
N ASP G 316 48.85 41.43 2.30
CA ASP G 316 48.29 40.61 1.22
C ASP G 316 48.49 39.10 1.47
N ARG G 317 49.57 38.74 2.16
CA ARG G 317 49.96 37.33 2.29
C ARG G 317 49.12 36.42 3.19
N PHE G 318 48.34 36.99 4.11
CA PHE G 318 47.53 36.14 5.00
C PHE G 318 46.36 35.53 4.25
N THR G 319 46.04 34.28 4.57
CA THR G 319 44.92 33.60 3.93
C THR G 319 43.91 33.16 4.99
N LEU G 320 44.23 33.38 6.26
CA LEU G 320 43.28 33.06 7.33
C LEU G 320 42.87 34.34 8.07
N PHE G 321 43.86 35.03 8.65
CA PHE G 321 43.66 36.38 9.15
C PHE G 321 43.01 37.25 8.09
N THR G 322 42.02 38.05 8.50
CA THR G 322 41.34 39.00 7.61
C THR G 322 41.95 40.40 7.73
N CYS G 323 42.20 41.05 6.59
CA CYS G 323 42.61 42.45 6.62
C CYS G 323 41.37 43.30 6.78
N GLY G 324 41.14 43.78 8.00
CA GLY G 324 40.00 44.62 8.29
C GLY G 324 40.31 45.42 9.53
N VAL G 325 39.64 46.56 9.70
CA VAL G 325 39.73 47.29 10.97
C VAL G 325 38.65 46.66 11.83
N SER G 326 38.47 47.19 13.04
CA SER G 326 37.72 46.54 14.13
C SER G 326 38.55 45.46 14.82
N LEU G 327 37.96 44.83 15.84
CA LEU G 327 38.69 43.84 16.63
C LEU G 327 37.72 43.04 17.50
N GLY G 328 38.22 41.97 18.12
CA GLY G 328 37.48 41.28 19.15
C GLY G 328 36.64 40.08 18.76
N GLY G 329 36.26 39.99 17.48
CA GLY G 329 35.26 39.02 17.06
C GLY G 329 35.79 37.61 16.90
N VAL G 330 34.92 36.70 16.45
CA VAL G 330 35.32 35.32 16.20
C VAL G 330 36.34 35.19 15.05
N HIS G 331 36.31 36.12 14.09
CA HIS G 331 37.28 36.14 12.98
C HIS G 331 38.50 36.99 13.32
N SER G 332 39.67 36.37 13.33
CA SER G 332 40.93 37.11 13.54
C SER G 332 41.13 38.17 12.46
N LEU G 333 41.59 39.35 12.86
CA LEU G 333 41.87 40.44 11.92
C LEU G 333 43.33 40.86 11.99
N VAL G 334 43.82 41.45 10.89
CA VAL G 334 45.14 42.06 10.87
C VAL G 334 45.01 43.45 10.24
N GLU G 335 45.79 44.41 10.73
CA GLU G 335 45.86 45.73 10.12
C GLU G 335 47.22 46.35 10.36
N CYS G 336 47.52 47.38 9.59
CA CYS G 336 48.71 48.16 9.83
C CYS G 336 48.21 49.57 10.10
N PRO G 337 48.11 49.93 11.40
CA PRO G 337 47.53 51.20 11.87
C PRO G 337 48.08 52.39 11.11
N ALA G 338 49.35 52.32 10.74
CA ALA G 338 49.95 53.38 9.93
C ALA G 338 49.27 53.57 8.57
N LEU G 339 48.99 52.46 7.87
CA LEU G 339 48.34 52.54 6.57
C LEU G 339 46.89 52.81 6.83
N MSE G 340 46.25 51.79 7.42
CA MSE G 340 44.86 51.86 7.86
C MSE G 340 44.64 52.98 8.93
O MSE G 340 44.90 54.17 8.67
CB MSE G 340 44.32 50.46 8.27
CG MSE G 340 45.27 49.26 8.02
SE MSE G 340 44.70 47.64 7.04
CE MSE G 340 42.78 47.72 7.22
N THR G 341 44.20 52.61 10.14
CA THR G 341 43.59 53.55 11.10
C THR G 341 44.28 54.93 11.38
N HIS G 342 45.58 55.02 11.14
CA HIS G 342 46.32 56.22 11.49
C HIS G 342 46.81 57.14 10.35
N ARG G 343 46.52 56.80 9.10
CA ARG G 343 46.74 57.79 8.03
C ARG G 343 45.64 58.87 7.94
N PRO G 344 44.63 58.85 8.85
CA PRO G 344 44.00 60.15 9.07
C PRO G 344 44.97 61.16 9.67
N LEU G 345 45.87 60.71 10.54
CA LEU G 345 46.83 61.60 11.18
C LEU G 345 47.87 62.10 10.19
N SER G 346 48.85 62.82 10.73
CA SER G 346 50.06 63.15 9.99
C SER G 346 51.10 62.07 10.23
N ALA G 347 52.30 62.31 9.71
CA ALA G 347 53.45 61.45 9.93
C ALA G 347 54.40 62.10 10.92
N GLU G 348 54.15 63.37 11.22
CA GLU G 348 54.80 64.08 12.31
C GLU G 348 54.02 63.77 13.58
N ALA G 349 52.72 63.54 13.40
CA ALA G 349 51.91 62.99 14.47
C ALA G 349 52.48 61.61 14.81
N ARG G 350 52.52 60.74 13.81
CA ARG G 350 52.77 59.32 14.01
C ARG G 350 54.09 58.96 14.67
N ALA G 351 55.19 59.49 14.16
CA ALA G 351 56.53 59.15 14.64
C ALA G 351 56.60 59.27 16.15
N ARG G 352 56.42 60.48 16.66
CA ARG G 352 56.59 60.76 18.08
C ARG G 352 55.56 60.05 18.97
N ARG G 353 54.95 59.01 18.43
CA ARG G 353 53.86 58.32 19.10
C ARG G 353 53.99 56.80 19.04
N GLY G 354 55.18 56.32 18.68
CA GLY G 354 55.45 54.89 18.66
C GLY G 354 54.60 54.11 17.66
N ILE G 355 53.98 54.80 16.72
CA ILE G 355 53.23 54.10 15.68
C ILE G 355 53.98 54.03 14.35
N GLY G 356 54.62 52.89 14.11
CA GLY G 356 55.49 52.75 12.96
C GLY G 356 54.78 52.45 11.66
N GLU G 357 55.45 52.72 10.55
CA GLU G 357 54.93 52.36 9.23
C GLU G 357 54.84 50.84 9.12
N SER G 358 55.68 50.15 9.89
CA SER G 358 55.74 48.70 9.87
C SER G 358 55.14 48.05 11.11
N LEU G 359 54.47 48.84 11.94
CA LEU G 359 53.76 48.26 13.07
C LEU G 359 52.53 47.54 12.54
N ILE G 360 52.31 46.32 13.03
CA ILE G 360 51.21 45.48 12.59
C ILE G 360 50.44 45.08 13.85
N ARG G 361 49.12 45.07 13.76
CA ARG G 361 48.28 44.80 14.92
C ARG G 361 47.37 43.58 14.66
N LEU G 362 47.28 42.67 15.64
CA LEU G 362 46.48 41.46 15.49
C LEU G 362 45.33 41.34 16.49
N SER G 363 44.10 41.33 15.97
CA SER G 363 42.96 40.97 16.79
C SER G 363 42.73 39.47 16.66
N VAL G 364 42.95 38.74 17.75
CA VAL G 364 42.87 37.29 17.70
C VAL G 364 41.43 36.83 17.82
N GLY G 365 41.00 36.01 16.86
CA GLY G 365 39.68 35.40 16.91
C GLY G 365 39.72 34.07 17.62
N ILE G 366 38.77 33.19 17.31
CA ILE G 366 38.69 31.93 18.04
C ILE G 366 39.09 30.71 17.21
N GLU G 367 39.71 30.93 16.06
CA GLU G 367 40.16 29.83 15.21
C GLU G 367 41.19 28.95 15.92
N ASP G 368 41.47 27.80 15.31
CA ASP G 368 42.48 26.88 15.81
C ASP G 368 43.83 27.61 15.94
N PRO G 369 44.41 27.62 17.15
CA PRO G 369 45.63 28.39 17.43
C PRO G 369 46.84 28.03 16.55
N GLN G 370 47.03 26.78 16.16
CA GLN G 370 48.18 26.51 15.26
C GLN G 370 47.87 26.87 13.79
N ASP G 371 46.60 26.88 13.40
CA ASP G 371 46.24 27.41 12.09
C ASP G 371 46.67 28.86 11.99
N LEU G 372 46.30 29.66 13.00
CA LEU G 372 46.64 31.08 13.01
C LEU G 372 48.15 31.27 13.09
N ALA G 373 48.80 30.45 13.93
CA ALA G 373 50.25 30.50 14.06
C ALA G 373 50.93 30.25 12.72
N GLU G 374 50.52 29.19 12.05
CA GLU G 374 51.08 28.85 10.75
C GLU G 374 50.82 29.96 9.73
N ASP G 375 49.65 30.59 9.78
CA ASP G 375 49.33 31.66 8.82
C ASP G 375 50.24 32.87 9.02
N LEU G 376 50.37 33.29 10.27
CA LEU G 376 51.26 34.39 10.63
C LEU G 376 52.68 34.10 10.16
N SER G 377 53.14 32.86 10.39
CA SER G 377 54.49 32.47 10.02
C SER G 377 54.69 32.45 8.51
N ARG G 378 53.71 31.93 7.78
CA ARG G 378 53.79 31.88 6.33
C ARG G 378 53.81 33.29 5.74
N ALA G 379 53.10 34.21 6.37
CA ALA G 379 53.10 35.59 5.92
C ALA G 379 54.47 36.23 6.14
N LEU G 380 55.02 36.04 7.33
CA LEU G 380 56.32 36.60 7.71
C LEU G 380 57.46 36.12 6.81
N ALA G 381 57.43 34.85 6.44
CA ALA G 381 58.48 34.24 5.61
C ALA G 381 58.38 34.70 4.15
N GLY G 382 57.16 34.95 3.71
CA GLY G 382 56.91 35.39 2.35
C GLY G 382 56.81 34.30 1.29
N GLY G 383 57.86 34.13 0.50
CA GLY G 383 57.80 33.25 -0.64
C GLY G 383 59.10 32.50 -0.91
N GLY H 6 10.16 53.57 -17.22
CA GLY H 6 10.01 54.47 -16.09
C GLY H 6 9.72 53.85 -14.74
N MSE H 7 9.62 54.74 -13.76
CA MSE H 7 9.29 54.42 -12.38
C MSE H 7 8.59 55.66 -11.76
O MSE H 7 9.26 56.63 -11.42
CB MSE H 7 10.55 53.95 -11.60
CG MSE H 7 11.49 52.91 -12.35
SE MSE H 7 12.51 51.48 -11.35
CE MSE H 7 13.68 52.73 -10.39
N ARG H 8 7.26 55.64 -11.64
CA ARG H 8 6.51 56.70 -10.92
C ARG H 8 6.54 56.42 -9.42
N PHE H 9 5.97 57.32 -8.61
CA PHE H 9 6.05 57.20 -7.14
C PHE H 9 5.87 55.78 -6.55
N GLY H 10 4.75 55.11 -6.83
CA GLY H 10 4.56 53.72 -6.41
C GLY H 10 5.57 52.72 -6.99
N THR H 11 6.20 53.07 -8.09
CA THR H 11 7.26 52.21 -8.62
C THR H 11 8.59 52.53 -7.93
N ARG H 12 8.79 53.79 -7.58
CA ARG H 12 9.94 54.18 -6.77
C ARG H 12 9.95 53.46 -5.41
N LEU H 13 8.76 53.25 -4.84
CA LEU H 13 8.62 52.54 -3.57
C LEU H 13 9.13 51.09 -3.65
N VAL H 14 8.92 50.44 -4.80
CA VAL H 14 9.29 49.03 -4.94
C VAL H 14 10.74 48.85 -5.42
N HIS H 15 11.20 49.73 -6.29
CA HIS H 15 12.48 49.54 -7.00
C HIS H 15 13.64 50.48 -6.66
N GLY H 16 13.34 51.69 -6.20
CA GLY H 16 14.42 52.62 -5.85
C GLY H 16 15.28 51.96 -4.79
N GLY H 17 16.60 52.02 -4.95
CA GLY H 17 17.48 51.32 -4.05
C GLY H 17 17.57 49.83 -4.32
N ARG H 18 16.65 49.29 -5.13
CA ARG H 18 16.64 47.84 -5.33
C ARG H 18 17.55 47.49 -6.50
N ARG H 19 18.81 47.17 -6.15
CA ARG H 19 19.93 47.00 -7.07
C ARG H 19 20.11 45.54 -7.49
N PRO H 20 20.87 45.30 -8.57
CA PRO H 20 21.14 43.89 -8.89
C PRO H 20 22.08 43.24 -7.92
N SER H 21 21.94 41.94 -7.75
CA SER H 21 22.93 41.22 -6.96
C SER H 21 23.79 40.38 -7.87
N ALA H 22 25.05 40.80 -8.00
CA ALA H 22 26.04 40.04 -8.73
C ALA H 22 26.13 38.63 -8.17
N GLY H 23 26.10 37.65 -9.07
CA GLY H 23 26.35 36.28 -8.69
C GLY H 23 25.12 35.50 -8.26
N THR H 24 24.18 36.16 -7.58
CA THR H 24 23.06 35.38 -7.06
C THR H 24 21.72 35.69 -7.72
N GLY H 25 21.50 36.95 -8.06
CA GLY H 25 20.26 37.36 -8.71
C GLY H 25 19.16 37.87 -7.78
N ASP H 26 19.37 37.78 -6.46
CA ASP H 26 18.39 38.16 -5.44
C ASP H 26 17.50 39.32 -5.87
N VAL H 27 16.19 39.10 -5.95
CA VAL H 27 15.30 40.20 -6.26
C VAL H 27 15.20 41.12 -5.04
N VAL H 28 15.04 40.52 -3.86
CA VAL H 28 15.16 41.24 -2.61
C VAL H 28 16.62 41.26 -2.17
N PRO H 29 17.25 42.44 -2.17
CA PRO H 29 18.68 42.48 -1.82
C PRO H 29 18.91 41.88 -0.42
N PRO H 30 19.98 41.12 -0.25
CA PRO H 30 20.24 40.41 1.01
C PRO H 30 20.59 41.35 2.15
N ILE H 31 20.41 40.91 3.39
CA ILE H 31 20.64 41.78 4.55
C ILE H 31 22.14 41.82 4.90
N HIS H 32 22.77 42.98 4.73
CA HIS H 32 24.17 43.13 5.08
C HIS H 32 24.34 43.39 6.56
N VAL H 33 24.58 42.36 7.34
CA VAL H 33 24.76 42.49 8.78
C VAL H 33 26.23 42.67 9.22
N SER H 34 27.18 42.41 8.33
CA SER H 34 28.60 42.43 8.72
C SER H 34 29.08 43.81 9.20
N THR H 35 29.84 43.83 10.30
CA THR H 35 30.42 45.07 10.81
C THR H 35 31.70 45.44 10.05
N THR H 36 32.36 44.45 9.45
CA THR H 36 33.66 44.64 8.80
C THR H 36 33.70 44.10 7.36
N TYR H 37 34.55 44.70 6.53
CA TYR H 37 34.66 44.35 5.11
C TYR H 37 36.12 44.25 4.69
N GLU H 38 36.47 43.17 4.00
CA GLU H 38 37.85 42.91 3.63
C GLU H 38 38.40 43.98 2.67
N ARG H 39 39.59 44.50 2.98
CA ARG H 39 40.23 45.54 2.19
C ARG H 39 40.95 44.92 0.98
N ARG H 40 40.83 43.61 0.81
CA ARG H 40 41.46 42.93 -0.32
C ARG H 40 40.46 42.26 -1.26
N ALA H 41 39.22 42.10 -0.80
CA ALA H 41 38.15 41.45 -1.56
C ALA H 41 37.35 42.46 -2.37
N GLN H 42 37.83 43.70 -2.36
CA GLN H 42 37.21 44.80 -3.08
C GLN H 42 38.21 45.28 -4.09
N ASP H 43 37.71 45.92 -5.15
CA ASP H 43 38.58 46.58 -6.11
C ASP H 43 39.31 47.68 -5.36
N GLU H 44 38.89 48.92 -5.60
CA GLU H 44 39.36 50.04 -4.78
C GLU H 44 38.41 50.08 -3.60
N PRO H 45 38.86 49.59 -2.43
CA PRO H 45 37.93 49.40 -1.29
C PRO H 45 37.02 50.59 -0.95
N ARG H 46 35.71 50.31 -0.88
CA ARG H 46 34.67 51.30 -0.59
C ARG H 46 34.05 51.10 0.81
N TYR H 47 34.03 49.85 1.27
CA TYR H 47 33.45 49.52 2.58
C TYR H 47 34.56 49.22 3.60
N PHE H 48 34.42 49.78 4.79
CA PHE H 48 35.49 49.68 5.77
C PHE H 48 35.01 49.41 7.18
N TYR H 49 33.78 49.79 7.47
CA TYR H 49 33.21 49.62 8.81
C TYR H 49 31.76 50.07 8.82
N GLY H 50 30.91 49.29 9.50
CA GLY H 50 29.47 49.44 9.43
C GLY H 50 28.85 50.67 10.05
N ARG H 51 29.66 51.51 10.73
CA ARG H 51 29.15 52.79 11.20
C ARG H 51 29.24 53.83 10.08
N GLY H 52 30.37 53.86 9.39
CA GLY H 52 30.60 54.78 8.28
C GLY H 52 29.93 54.40 6.95
N GLU H 53 29.75 53.11 6.68
CA GLU H 53 28.99 52.69 5.50
C GLU H 53 28.42 51.27 5.60
N ASN H 54 27.31 51.04 4.90
CA ASN H 54 26.62 49.75 4.93
C ASN H 54 25.64 49.59 3.76
N PRO H 55 25.78 48.53 2.96
CA PRO H 55 24.98 48.42 1.74
C PRO H 55 23.45 48.41 1.93
N THR H 56 22.96 47.75 2.97
CA THR H 56 21.51 47.67 3.20
C THR H 56 20.96 49.06 3.60
N ARG H 57 21.67 49.73 4.49
CA ARG H 57 21.34 51.09 4.87
C ARG H 57 21.37 52.03 3.64
N GLU H 58 22.41 51.89 2.82
CA GLU H 58 22.54 52.70 1.61
C GLU H 58 21.34 52.52 0.69
N GLU H 59 20.88 51.28 0.51
CA GLU H 59 19.75 51.00 -0.37
C GLU H 59 18.47 51.68 0.14
N LEU H 60 18.22 51.61 1.44
CA LEU H 60 17.10 52.30 2.06
C LEU H 60 17.26 53.81 1.80
N GLU H 61 18.47 54.31 2.03
CA GLU H 61 18.77 55.71 1.69
C GLU H 61 18.46 56.02 0.23
N GLU H 62 19.04 55.22 -0.68
CA GLU H 62 18.76 55.35 -2.10
C GLU H 62 17.25 55.42 -2.34
N CYS H 63 16.49 54.55 -1.67
CA CYS H 63 15.03 54.59 -1.80
C CYS H 63 14.40 55.92 -1.38
N LEU H 64 14.64 56.34 -0.14
CA LEU H 64 13.99 57.55 0.38
C LEU H 64 14.24 58.81 -0.47
N ALA H 65 15.48 58.99 -0.94
CA ALA H 65 15.80 60.14 -1.79
C ALA H 65 14.96 60.14 -3.05
N GLY H 66 14.67 58.94 -3.56
CA GLY H 66 13.96 58.76 -4.81
C GLY H 66 12.51 59.20 -4.72
N LEU H 67 11.90 59.03 -3.54
CA LEU H 67 10.51 59.45 -3.33
C LEU H 67 10.33 60.97 -3.52
N GLU H 68 11.43 61.72 -3.43
CA GLU H 68 11.31 63.17 -3.56
C GLU H 68 12.23 63.70 -4.65
N ARG H 69 12.62 62.81 -5.57
CA ARG H 69 13.53 63.18 -6.66
C ARG H 69 14.80 63.86 -6.15
N ALA H 70 15.22 63.56 -4.91
CA ALA H 70 16.35 64.24 -4.30
C ALA H 70 17.67 63.52 -4.56
N PRO H 71 18.79 64.26 -4.49
CA PRO H 71 20.05 63.55 -4.71
C PRO H 71 20.58 62.77 -3.50
N PHE H 72 20.18 63.16 -2.30
CA PHE H 72 20.75 62.57 -1.10
C PHE H 72 19.70 62.21 -0.08
N ALA H 73 20.01 61.19 0.71
CA ALA H 73 19.28 60.92 1.93
C ALA H 73 20.18 60.21 2.93
N THR H 74 19.86 60.37 4.21
CA THR H 74 20.61 59.75 5.29
C THR H 74 19.64 59.23 6.34
N VAL H 75 19.81 57.98 6.78
CA VAL H 75 18.89 57.41 7.77
C VAL H 75 19.56 57.28 9.13
N PHE H 76 18.74 57.25 10.18
CA PHE H 76 19.22 57.35 11.56
C PHE H 76 18.50 56.35 12.47
N SER H 77 19.02 56.16 13.68
CA SER H 77 18.43 55.24 14.65
C SER H 77 16.99 55.61 15.01
N SER H 78 16.64 56.89 14.87
CA SER H 78 15.29 57.36 15.15
C SER H 78 15.05 58.73 14.50
N GLY H 79 13.79 59.15 14.46
CA GLY H 79 13.44 60.49 14.02
C GLY H 79 14.14 61.55 14.86
N GLN H 80 14.18 61.34 16.18
CA GLN H 80 14.90 62.23 17.10
C GLN H 80 16.38 62.40 16.73
N ALA H 81 17.03 61.32 16.31
CA ALA H 81 18.44 61.38 15.92
C ALA H 81 18.61 62.18 14.62
N ALA H 82 17.66 62.03 13.70
CA ALA H 82 17.69 62.81 12.47
C ALA H 82 17.57 64.32 12.81
N ALA H 83 16.65 64.66 13.70
CA ALA H 83 16.47 66.03 14.16
C ALA H 83 17.69 66.57 14.92
N ALA H 84 18.26 65.72 15.77
CA ALA H 84 19.44 66.11 16.55
C ALA H 84 20.61 66.48 15.65
N THR H 85 20.77 65.71 14.58
CA THR H 85 21.89 65.86 13.67
C THR H 85 21.80 67.20 12.92
N LEU H 86 20.62 67.48 12.39
CA LEU H 86 20.36 68.74 11.71
C LEU H 86 20.52 69.92 12.67
N LEU H 87 19.95 69.79 13.86
CA LEU H 87 20.04 70.84 14.86
C LEU H 87 21.48 71.12 15.26
N SER H 88 22.32 70.08 15.28
CA SER H 88 23.72 70.23 15.69
C SER H 88 24.48 71.16 14.74
N LEU H 89 23.98 71.31 13.52
CA LEU H 89 24.60 72.18 12.54
C LEU H 89 24.34 73.66 12.83
N VAL H 90 23.44 73.93 13.77
CA VAL H 90 23.21 75.30 14.24
C VAL H 90 24.25 75.66 15.32
N ARG H 91 24.80 76.87 15.25
CA ARG H 91 25.90 77.26 16.15
C ARG H 91 25.42 78.10 17.34
N PRO H 92 26.22 78.16 18.41
CA PRO H 92 26.01 79.18 19.44
C PRO H 92 25.90 80.57 18.80
N GLY H 93 24.87 81.32 19.19
CA GLY H 93 24.66 82.64 18.63
C GLY H 93 23.70 82.65 17.45
N GLN H 94 23.35 81.45 16.96
CA GLN H 94 22.45 81.34 15.82
C GLN H 94 21.02 81.09 16.29
N CYS H 95 20.06 80.99 15.35
CA CYS H 95 18.64 80.95 15.70
C CYS H 95 17.85 79.93 14.88
N VAL H 96 16.93 79.24 15.55
CA VAL H 96 15.89 78.46 14.87
C VAL H 96 14.58 79.17 15.07
N VAL H 97 13.94 79.52 13.97
CA VAL H 97 12.55 79.94 14.00
C VAL H 97 11.70 78.68 13.92
N SER H 98 10.90 78.46 14.95
CA SER H 98 9.99 77.33 15.01
C SER H 98 8.64 77.83 15.50
N THR H 99 7.70 76.93 15.73
CA THR H 99 6.39 77.33 16.23
C THR H 99 6.27 76.93 17.70
N ASP H 100 5.35 77.53 18.45
CA ASP H 100 5.27 77.22 19.88
C ASP H 100 4.51 75.91 20.19
N ASP H 101 4.44 75.02 19.21
CA ASP H 101 3.71 73.76 19.37
C ASP H 101 4.31 72.54 18.68
N VAL H 102 5.56 72.62 18.23
CA VAL H 102 6.18 71.47 17.56
C VAL H 102 6.19 70.22 18.46
N TYR H 103 6.46 69.07 17.85
CA TYR H 103 6.66 67.82 18.59
C TYR H 103 7.60 67.99 19.78
N ALA H 104 7.19 67.44 20.93
CA ALA H 104 7.93 67.52 22.18
C ALA H 104 9.42 67.15 22.07
N GLY H 105 9.72 66.12 21.27
CA GLY H 105 11.09 65.69 21.07
C GLY H 105 11.91 66.75 20.36
N THR H 106 11.26 67.50 19.47
CA THR H 106 11.91 68.65 18.83
C THR H 106 12.22 69.77 19.83
N ASP H 107 11.24 70.14 20.66
CA ASP H 107 11.45 71.24 21.63
C ASP H 107 12.45 70.85 22.72
N GLY H 108 12.58 69.55 22.97
CA GLY H 108 13.63 69.03 23.83
C GLY H 108 14.99 69.30 23.20
N LEU H 109 15.13 68.92 21.93
CA LEU H 109 16.34 69.26 21.19
C LEU H 109 16.58 70.76 21.18
N PHE H 110 15.50 71.54 21.02
CA PHE H 110 15.59 72.99 21.19
C PHE H 110 16.07 73.33 22.61
N ASP H 111 15.41 72.74 23.62
CA ASP H 111 15.79 72.97 25.02
C ASP H 111 17.20 72.42 25.29
N LEU H 112 17.57 71.36 24.59
CA LEU H 112 18.92 70.84 24.66
C LEU H 112 19.92 71.86 24.11
N ALA H 113 19.61 72.41 22.93
CA ALA H 113 20.49 73.38 22.28
C ALA H 113 20.55 74.70 23.04
N ALA H 114 19.49 74.99 23.80
CA ALA H 114 19.33 76.28 24.45
C ALA H 114 20.55 76.68 25.30
N ARG H 115 21.43 75.73 25.56
CA ARG H 115 22.60 75.97 26.39
C ARG H 115 23.87 75.98 25.57
N GLN H 116 23.78 75.53 24.32
CA GLN H 116 24.94 75.59 23.44
C GLN H 116 24.97 76.95 22.77
N GLY H 117 24.55 77.98 23.50
CA GLY H 117 24.53 79.33 23.01
C GLY H 117 23.53 79.55 21.89
N VAL H 118 22.81 78.48 21.54
CA VAL H 118 21.85 78.46 20.44
C VAL H 118 20.56 79.21 20.78
N ARG H 119 20.21 80.21 19.98
CA ARG H 119 19.00 80.98 20.23
C ARG H 119 17.77 80.34 19.60
N VAL H 120 16.71 80.18 20.39
CA VAL H 120 15.49 79.58 19.87
C VAL H 120 14.30 80.55 19.95
N ARG H 121 13.74 80.89 18.78
CA ARG H 121 12.58 81.77 18.72
C ARG H 121 11.37 81.07 18.14
N TYR H 122 10.24 81.20 18.82
CA TYR H 122 8.98 80.62 18.35
C TYR H 122 8.14 81.69 17.70
N ALA H 123 7.18 81.30 16.87
CA ALA H 123 6.40 82.26 16.14
C ALA H 123 5.12 81.64 15.60
N ASP H 124 4.16 82.49 15.26
CA ASP H 124 3.08 82.01 14.41
C ASP H 124 3.58 82.19 12.99
N LEU H 125 3.53 81.14 12.19
CA LEU H 125 3.98 81.21 10.81
C LEU H 125 2.80 81.06 9.86
N THR H 126 1.58 81.21 10.39
CA THR H 126 0.36 80.89 9.63
C THR H 126 -0.32 82.11 9.03
N THR H 127 0.14 83.31 9.42
CA THR H 127 -0.35 84.57 8.86
C THR H 127 0.85 85.48 8.52
N PRO H 128 0.67 86.37 7.53
CA PRO H 128 1.81 87.12 6.98
C PRO H 128 2.52 88.05 7.96
N GLU H 129 1.96 88.24 9.15
CA GLU H 129 2.66 89.01 10.18
C GLU H 129 3.71 88.16 10.90
N GLY H 130 3.26 87.08 11.54
CA GLY H 130 4.15 86.25 12.32
C GLY H 130 5.37 85.70 11.59
N ILE H 131 5.24 85.50 10.28
CA ILE H 131 6.36 85.05 9.47
C ILE H 131 7.41 86.13 9.40
N ALA H 132 6.98 87.35 9.08
CA ALA H 132 7.86 88.49 8.95
C ALA H 132 8.72 88.74 10.19
N ALA H 133 8.06 88.91 11.34
CA ALA H 133 8.77 89.31 12.55
C ALA H 133 9.53 88.15 13.17
N ALA H 134 9.37 86.97 12.59
CA ALA H 134 10.17 85.83 12.98
C ALA H 134 11.32 85.70 12.00
N LEU H 135 11.07 86.12 10.76
CA LEU H 135 12.10 86.07 9.73
C LEU H 135 12.73 87.45 9.54
N ALA H 136 12.54 88.32 10.52
CA ALA H 136 13.35 89.54 10.62
C ALA H 136 14.30 89.35 11.80
N GLU H 137 14.88 88.15 11.89
CA GLU H 137 15.66 87.72 13.05
C GLU H 137 17.16 87.64 12.74
N PRO H 138 18.00 88.15 13.66
CA PRO H 138 19.45 88.26 13.44
C PRO H 138 20.15 86.92 13.36
N ASP H 139 21.03 86.79 12.36
CA ASP H 139 21.72 85.53 12.06
C ASP H 139 20.72 84.40 11.98
N LEU H 140 19.64 84.62 11.23
CA LEU H 140 18.63 83.60 11.04
C LEU H 140 19.26 82.42 10.31
N ALA H 141 19.39 81.29 10.99
CA ALA H 141 20.15 80.16 10.45
C ALA H 141 19.30 78.96 10.01
N LEU H 142 18.18 78.73 10.68
CA LEU H 142 17.34 77.59 10.38
C LEU H 142 15.89 77.92 10.68
N VAL H 143 15.00 77.52 9.79
CA VAL H 143 13.57 77.65 10.03
C VAL H 143 12.94 76.27 10.08
N TRP H 144 12.30 75.95 11.20
CA TRP H 144 11.81 74.61 11.46
C TRP H 144 10.29 74.55 11.34
N ILE H 145 9.83 73.90 10.29
CA ILE H 145 8.41 73.81 10.02
C ILE H 145 7.89 72.40 10.28
N GLU H 146 6.92 72.27 11.18
CA GLU H 146 6.23 71.00 11.33
C GLU H 146 4.79 71.19 10.85
N THR H 147 4.44 70.54 9.76
CA THR H 147 3.13 70.77 9.16
C THR H 147 2.61 69.50 8.51
N PRO H 148 1.33 69.16 8.78
CA PRO H 148 0.44 69.84 9.71
C PRO H 148 0.91 69.67 11.15
N THR H 149 0.44 70.52 12.06
CA THR H 149 0.80 70.40 13.47
C THR H 149 -0.08 69.39 14.19
N ASN H 150 0.33 69.07 15.40
CA ASN H 150 -0.28 67.99 16.16
C ASN H 150 -0.46 68.49 17.60
N PRO H 151 -1.69 68.43 18.14
CA PRO H 151 -2.87 67.74 17.62
C PRO H 151 -3.97 68.63 17.05
N LEU H 152 -3.69 69.88 16.74
CA LEU H 152 -4.77 70.73 16.22
C LEU H 152 -4.84 70.75 14.70
N LEU H 153 -3.79 70.24 14.06
CA LEU H 153 -3.78 70.04 12.61
C LEU H 153 -3.84 71.36 11.84
N THR H 154 -3.18 72.39 12.37
CA THR H 154 -2.98 73.63 11.62
C THR H 154 -1.88 73.39 10.58
N VAL H 155 -1.88 74.16 9.50
CA VAL H 155 -0.96 73.94 8.40
C VAL H 155 -0.20 75.20 7.99
N VAL H 156 1.13 75.11 7.95
CA VAL H 156 1.98 76.22 7.54
C VAL H 156 2.33 76.15 6.04
N ASP H 157 2.21 77.28 5.35
CA ASP H 157 2.55 77.41 3.93
C ASP H 157 4.06 77.25 3.72
N VAL H 158 4.50 76.03 3.43
CA VAL H 158 5.92 75.76 3.21
C VAL H 158 6.56 76.64 2.12
N ALA H 159 5.87 76.84 1.00
CA ALA H 159 6.46 77.60 -0.09
C ALA H 159 6.67 79.07 0.27
N GLU H 160 5.72 79.66 0.98
CA GLU H 160 5.84 81.06 1.38
C GLU H 160 6.99 81.29 2.36
N VAL H 161 6.98 80.55 3.48
CA VAL H 161 8.04 80.66 4.47
C VAL H 161 9.39 80.40 3.81
N SER H 162 9.43 79.46 2.87
CA SER H 162 10.66 79.17 2.13
C SER H 162 11.18 80.38 1.34
N ARG H 163 10.30 81.04 0.58
CA ARG H 163 10.67 82.25 -0.13
C ARG H 163 11.26 83.27 0.84
N ARG H 164 10.56 83.49 1.96
CA ARG H 164 10.94 84.53 2.92
C ARG H 164 12.17 84.14 3.71
N ALA H 165 12.34 82.85 3.98
CA ALA H 165 13.52 82.42 4.72
C ALA H 165 14.77 82.51 3.84
N HIS H 166 14.62 82.18 2.57
CA HIS H 166 15.75 82.15 1.63
C HIS H 166 16.27 83.56 1.31
N GLU H 167 15.34 84.51 1.18
CA GLU H 167 15.73 85.91 1.11
C GLU H 167 16.57 86.23 2.33
N ARG H 168 16.18 85.67 3.46
CA ARG H 168 16.90 85.93 4.70
C ARG H 168 18.10 84.99 4.90
N GLY H 169 18.35 84.14 3.91
CA GLY H 169 19.50 83.25 3.93
C GLY H 169 19.29 81.88 4.57
N ALA H 170 18.40 81.80 5.55
CA ALA H 170 18.25 80.60 6.39
C ALA H 170 17.95 79.32 5.64
N ARG H 171 18.35 78.20 6.23
CA ARG H 171 17.94 76.88 5.76
C ARG H 171 16.55 76.59 6.31
N VAL H 172 15.76 75.83 5.55
CA VAL H 172 14.39 75.51 5.94
C VAL H 172 14.20 74.00 6.02
N VAL H 173 13.73 73.52 7.15
CA VAL H 173 13.39 72.10 7.27
C VAL H 173 11.89 71.91 7.52
N VAL H 174 11.32 70.88 6.90
CA VAL H 174 9.96 70.48 7.22
C VAL H 174 9.96 69.08 7.83
N ASP H 175 9.44 68.98 9.05
CA ASP H 175 9.20 67.69 9.68
C ASP H 175 7.95 67.16 9.00
N ASN H 176 8.15 66.28 8.03
CA ASN H 176 7.10 65.79 7.15
C ASN H 176 6.57 64.41 7.58
N THR H 177 6.84 64.05 8.82
CA THR H 177 6.41 62.77 9.39
C THR H 177 4.90 62.58 9.27
N PHE H 178 4.14 63.59 9.68
CA PHE H 178 2.68 63.56 9.60
C PHE H 178 2.16 63.18 8.21
N ALA H 179 2.59 63.90 7.19
CA ALA H 179 2.00 63.76 5.88
C ALA H 179 2.49 62.52 5.13
N SER H 180 3.78 62.21 5.29
CA SER H 180 4.51 61.24 4.46
C SER H 180 4.82 61.82 3.08
N PRO H 181 5.82 61.24 2.39
CA PRO H 181 6.14 61.72 1.03
C PRO H 181 5.04 61.45 -0.01
N VAL H 182 4.09 60.58 0.31
CA VAL H 182 2.95 60.32 -0.59
C VAL H 182 2.00 61.53 -0.70
N LEU H 183 1.98 62.36 0.34
CA LEU H 183 0.98 63.43 0.42
C LEU H 183 1.55 64.85 0.32
N GLN H 184 2.84 65.00 0.57
CA GLN H 184 3.44 66.32 0.64
C GLN H 184 4.93 66.21 0.32
N GLN H 185 5.41 67.09 -0.56
CA GLN H 185 6.79 67.07 -1.04
C GLN H 185 7.53 68.40 -0.75
N PRO H 186 8.00 68.57 0.49
CA PRO H 186 8.59 69.84 0.95
C PRO H 186 9.73 70.39 0.08
N LEU H 187 10.54 69.54 -0.54
CA LEU H 187 11.64 70.00 -1.38
C LEU H 187 11.10 70.69 -2.64
N ALA H 188 10.09 70.07 -3.25
CA ALA H 188 9.44 70.63 -4.43
C ALA H 188 8.69 71.91 -4.06
N LEU H 189 8.25 71.99 -2.80
CA LEU H 189 7.61 73.19 -2.30
C LEU H 189 8.63 74.27 -1.99
N GLY H 190 9.91 73.91 -1.96
CA GLY H 190 10.95 74.92 -1.78
C GLY H 190 11.78 74.80 -0.50
N ALA H 191 11.45 73.86 0.38
CA ALA H 191 12.26 73.64 1.56
C ALA H 191 13.63 73.06 1.19
N ASP H 192 14.58 73.09 2.12
CA ASP H 192 15.91 72.52 1.89
C ASP H 192 16.02 71.06 2.33
N VAL H 193 15.26 70.71 3.36
CA VAL H 193 15.34 69.39 3.95
C VAL H 193 13.93 68.94 4.31
N SER H 194 13.66 67.65 4.10
CA SER H 194 12.49 67.03 4.66
C SER H 194 13.02 66.08 5.71
N LEU H 195 12.45 66.13 6.90
CA LEU H 195 12.87 65.23 7.97
C LEU H 195 11.75 64.26 8.26
N TYR H 196 12.10 63.03 8.64
CA TYR H 196 11.11 62.03 8.96
C TYR H 196 11.48 61.23 10.20
N SER H 197 10.47 60.92 11.00
CA SER H 197 10.51 59.71 11.80
C SER H 197 10.00 58.64 10.85
N THR H 198 10.79 57.61 10.59
CA THR H 198 10.32 56.51 9.77
C THR H 198 9.60 55.47 10.65
N THR H 199 9.65 55.68 11.95
CA THR H 199 8.87 54.91 12.93
C THR H 199 7.38 54.82 12.57
N1 LLP H 200 8.49 64.30 14.68
C2 LLP H 200 7.28 63.79 14.48
C2' LLP H 200 6.21 64.65 13.75
C3 LLP H 200 6.98 62.48 14.93
O3 LLP H 200 5.70 61.95 14.71
C4 LLP H 200 7.95 61.73 15.58
C4' LLP H 200 7.61 60.24 16.10
C5 LLP H 200 9.19 62.27 15.80
C6 LLP H 200 9.47 63.56 15.34
C5' LLP H 200 10.35 61.51 16.54
OP4 LLP H 200 10.74 60.35 15.83
P LLP H 200 11.26 59.09 16.58
OP1 LLP H 200 11.44 57.99 15.54
OP2 LLP H 200 12.55 59.41 17.23
OP3 LLP H 200 10.28 58.67 17.61
N LLP H 200 6.88 55.86 11.92
CA LLP H 200 5.42 56.04 11.73
CB LLP H 200 5.16 57.53 11.85
CG LLP H 200 5.99 58.13 12.97
CD LLP H 200 5.58 57.60 14.36
CE LLP H 200 6.51 58.20 15.46
NZ LLP H 200 6.40 59.68 15.53
C LLP H 200 4.91 55.44 10.46
O LLP H 200 4.92 54.22 10.32
N SER H 201 4.44 56.25 9.51
CA SER H 201 3.85 55.69 8.30
C SER H 201 4.83 55.01 7.32
N ILE H 202 6.03 55.59 7.17
CA ILE H 202 7.00 55.06 6.19
C ILE H 202 7.28 53.56 6.40
N ALA H 203 7.66 53.17 7.61
CA ALA H 203 7.79 51.75 7.92
C ALA H 203 6.40 51.14 8.12
N GLY H 204 5.57 51.79 8.92
CA GLY H 204 4.14 51.55 8.89
C GLY H 204 3.58 50.37 9.64
N HIS H 205 4.44 49.59 10.30
CA HIS H 205 3.98 48.34 10.93
C HIS H 205 4.31 48.32 12.42
N ALA H 206 4.67 49.49 12.93
CA ALA H 206 4.94 49.69 14.35
C ALA H 206 5.93 48.68 14.93
N ASP H 207 6.95 48.31 14.15
CA ASP H 207 7.87 47.27 14.63
C ASP H 207 9.35 47.63 14.46
N VAL H 208 9.62 48.93 14.34
CA VAL H 208 10.96 49.44 14.18
C VAL H 208 10.95 50.94 14.51
N LEU H 209 12.07 51.44 15.02
CA LEU H 209 12.28 52.89 15.20
C LEU H 209 13.18 53.33 14.09
N GLY H 210 13.08 54.60 13.69
CA GLY H 210 13.98 55.13 12.69
C GLY H 210 13.71 56.57 12.31
N GLY H 211 14.73 57.19 11.70
CA GLY H 211 14.63 58.54 11.18
C GLY H 211 15.32 58.68 9.81
N ALA H 212 15.04 59.79 9.14
CA ALA H 212 15.60 60.08 7.84
C ALA H 212 15.68 61.59 7.64
N LEU H 213 16.71 62.02 6.90
CA LEU H 213 16.79 63.37 6.35
C LEU H 213 16.94 63.21 4.84
N VAL H 214 16.18 63.97 4.07
CA VAL H 214 16.27 63.96 2.62
C VAL H 214 16.48 65.42 2.15
N TYR H 215 17.43 65.64 1.26
CA TYR H 215 17.89 67.00 1.00
C TYR H 215 18.69 67.13 -0.30
N ARG H 216 19.06 68.38 -0.62
CA ARG H 216 19.60 68.76 -1.92
C ARG H 216 21.11 68.98 -1.91
N ASP H 217 21.59 69.73 -0.93
CA ASP H 217 22.96 70.29 -0.95
C ASP H 217 24.05 69.34 -0.49
N ALA H 218 25.10 69.22 -1.31
CA ALA H 218 26.18 68.28 -1.04
C ALA H 218 26.99 68.68 0.19
N ASP H 219 27.10 69.97 0.46
CA ASP H 219 27.84 70.38 1.64
C ASP H 219 27.07 69.97 2.89
N LEU H 220 25.76 70.13 2.86
CA LEU H 220 24.92 69.62 3.93
C LEU H 220 25.15 68.12 4.09
N HIS H 221 25.14 67.41 2.96
CA HIS H 221 25.37 65.97 2.95
C HIS H 221 26.67 65.60 3.67
N ALA H 222 27.76 66.30 3.35
CA ALA H 222 29.04 66.01 3.99
C ALA H 222 28.95 66.16 5.52
N ALA H 223 28.38 67.28 5.97
CA ALA H 223 28.28 67.53 7.42
C ALA H 223 27.35 66.53 8.14
N VAL H 224 26.25 66.18 7.47
CA VAL H 224 25.30 65.22 8.00
C VAL H 224 26.00 63.88 8.24
N ARG H 225 26.68 63.38 7.21
CA ARG H 225 27.39 62.13 7.33
C ARG H 225 28.52 62.18 8.36
N ALA H 226 29.28 63.28 8.39
CA ALA H 226 30.33 63.42 9.39
C ALA H 226 29.77 63.28 10.81
N TYR H 227 28.66 63.96 11.08
CA TYR H 227 28.06 63.92 12.39
C TYR H 227 27.51 62.52 12.73
N ARG H 228 26.85 61.89 11.77
CA ARG H 228 26.29 60.56 12.03
C ARG H 228 27.37 59.55 12.39
N THR H 229 28.49 59.58 11.66
CA THR H 229 29.56 58.62 11.90
C THR H 229 30.26 58.91 13.22
N THR H 230 30.39 60.19 13.55
CA THR H 230 31.04 60.59 14.79
C THR H 230 30.13 60.40 16.01
N ALA H 231 28.87 60.81 15.89
CA ALA H 231 27.94 60.63 17.00
C ALA H 231 27.44 59.18 17.08
N GLY H 232 27.55 58.44 15.99
CA GLY H 232 27.11 57.05 15.95
C GLY H 232 25.61 56.81 16.11
N ASN H 233 24.78 57.77 15.71
CA ASN H 233 23.33 57.64 15.90
C ASN H 233 22.73 56.89 14.73
N VAL H 234 23.34 55.74 14.48
CA VAL H 234 23.23 55.00 13.24
C VAL H 234 22.26 53.83 13.46
N PRO H 235 21.50 53.44 12.42
CA PRO H 235 20.46 52.43 12.69
C PRO H 235 20.92 51.03 12.30
N GLY H 236 20.40 50.00 12.95
CA GLY H 236 20.71 48.63 12.59
C GLY H 236 20.35 48.24 11.17
N ALA H 237 21.18 47.39 10.56
CA ALA H 237 20.88 46.92 9.21
C ALA H 237 19.57 46.11 9.15
N LEU H 238 19.30 45.33 10.20
CA LEU H 238 18.03 44.61 10.27
C LEU H 238 16.84 45.57 10.31
N ASP H 239 16.98 46.68 11.01
CA ASP H 239 15.94 47.72 11.03
C ASP H 239 15.80 48.42 9.65
N CYS H 240 16.92 48.73 8.99
CA CYS H 240 16.83 49.25 7.63
C CYS H 240 16.02 48.31 6.75
N PHE H 241 16.26 47.01 6.90
CA PHE H 241 15.44 46.01 6.20
C PHE H 241 13.95 46.14 6.52
N LEU H 242 13.58 46.21 7.80
CA LEU H 242 12.17 46.32 8.16
C LEU H 242 11.55 47.65 7.69
N VAL H 243 12.30 48.75 7.79
CA VAL H 243 11.82 50.02 7.26
C VAL H 243 11.63 49.91 5.75
N ARG H 244 12.65 49.43 5.05
CA ARG H 244 12.59 49.25 3.60
C ARG H 244 11.41 48.35 3.21
N ARG H 245 11.14 47.33 4.00
CA ARG H 245 10.06 46.39 3.65
C ARG H 245 8.68 47.06 3.68
N GLY H 246 8.41 47.87 4.70
CA GLY H 246 7.16 48.62 4.77
C GLY H 246 6.96 49.56 3.60
N LEU H 247 8.05 50.19 3.17
CA LEU H 247 8.03 51.18 2.09
C LEU H 247 7.43 50.72 0.77
N HIS H 248 7.45 49.42 0.50
CA HIS H 248 6.75 48.92 -0.68
C HIS H 248 5.29 49.34 -0.63
N THR H 249 4.67 49.24 0.54
CA THR H 249 3.24 49.51 0.63
C THR H 249 2.85 50.89 1.15
N LEU H 250 3.79 51.84 1.16
CA LEU H 250 3.50 53.19 1.68
C LEU H 250 2.27 53.85 1.02
N SER H 251 2.24 53.85 -0.30
CA SER H 251 1.16 54.56 -1.00
C SER H 251 -0.20 53.85 -0.92
N LEU H 252 -0.18 52.52 -0.83
CA LEU H 252 -1.41 51.75 -0.61
C LEU H 252 -1.98 51.99 0.80
N ARG H 253 -1.11 51.97 1.81
CA ARG H 253 -1.52 52.15 3.20
C ARG H 253 -2.02 53.57 3.49
N VAL H 254 -1.26 54.58 3.09
CA VAL H 254 -1.65 55.97 3.31
C VAL H 254 -3.00 56.27 2.64
N HIS H 255 -3.16 55.85 1.39
CA HIS H 255 -4.43 56.11 0.72
C HIS H 255 -5.65 55.40 1.37
N ARG H 256 -5.44 54.19 1.88
CA ARG H 256 -6.47 53.50 2.68
C ARG H 256 -6.71 54.27 3.98
N GLN H 257 -5.62 54.68 4.64
CA GLN H 257 -5.72 55.39 5.90
C GLN H 257 -6.47 56.71 5.69
N VAL H 258 -6.12 57.44 4.62
CA VAL H 258 -6.79 58.70 4.31
C VAL H 258 -8.29 58.52 4.10
N ALA H 259 -8.67 57.59 3.24
CA ALA H 259 -10.09 57.35 2.93
C ALA H 259 -10.90 57.03 4.18
N THR H 260 -10.35 56.22 5.07
CA THR H 260 -11.03 55.90 6.31
C THR H 260 -11.12 57.11 7.26
N ALA H 261 -10.06 57.91 7.34
CA ALA H 261 -10.09 59.14 8.13
C ALA H 261 -11.25 60.03 7.72
N ARG H 262 -11.45 60.17 6.42
CA ARG H 262 -12.54 60.98 5.91
C ARG H 262 -13.90 60.41 6.31
N VAL H 263 -13.99 59.09 6.32
CA VAL H 263 -15.16 58.38 6.84
C VAL H 263 -15.38 58.67 8.32
N LEU H 264 -14.31 58.66 9.11
CA LEU H 264 -14.46 58.90 10.54
C LEU H 264 -14.85 60.35 10.81
N VAL H 265 -14.33 61.26 10.00
CA VAL H 265 -14.65 62.68 10.16
C VAL H 265 -16.16 62.94 9.99
N GLU H 266 -16.73 62.31 8.98
CA GLU H 266 -18.17 62.43 8.76
C GLU H 266 -18.92 61.78 9.93
N ARG H 267 -18.41 60.65 10.43
CA ARG H 267 -19.09 60.02 11.57
C ARG H 267 -19.11 61.00 12.74
N LEU H 268 -17.99 61.69 12.96
CA LEU H 268 -17.81 62.57 14.09
C LEU H 268 -18.72 63.80 14.04
N ARG H 269 -18.80 64.41 12.88
CA ARG H 269 -19.55 65.67 12.73
C ARG H 269 -21.05 65.43 12.91
N ALA H 270 -21.44 64.18 12.92
CA ALA H 270 -22.84 63.82 13.15
C ALA H 270 -23.11 63.39 14.60
N SER H 271 -22.06 63.35 15.42
CA SER H 271 -22.19 62.91 16.81
C SER H 271 -22.70 64.03 17.72
N PRO H 272 -23.64 63.71 18.62
CA PRO H 272 -24.15 64.71 19.58
C PRO H 272 -23.27 64.86 20.82
N VAL H 273 -22.23 64.04 20.96
CA VAL H 273 -21.28 64.25 22.04
C VAL H 273 -19.89 64.63 21.53
N VAL H 274 -19.85 65.23 20.34
CA VAL H 274 -18.60 65.76 19.79
C VAL H 274 -18.74 67.26 19.55
N GLY H 275 -17.73 68.02 19.94
CA GLY H 275 -17.72 69.46 19.74
C GLY H 275 -16.95 69.75 18.46
N ALA H 276 -15.88 70.54 18.57
CA ALA H 276 -15.05 70.83 17.41
C ALA H 276 -14.43 69.54 16.85
N VAL H 277 -14.39 69.45 15.52
CA VAL H 277 -13.65 68.40 14.85
C VAL H 277 -12.53 69.09 14.10
N HIS H 278 -11.35 68.48 14.10
CA HIS H 278 -10.22 69.04 13.37
C HIS H 278 -9.73 68.03 12.35
N TYR H 279 -9.46 68.52 11.14
CA TYR H 279 -8.95 67.67 10.04
C TYR H 279 -8.54 68.59 8.90
N PRO H 280 -7.34 68.38 8.33
CA PRO H 280 -6.91 69.28 7.24
C PRO H 280 -7.79 69.23 6.00
N GLY H 281 -8.69 68.25 5.92
CA GLY H 281 -9.57 68.13 4.76
C GLY H 281 -11.00 68.56 4.95
N LEU H 282 -11.27 69.42 5.93
CA LEU H 282 -12.60 70.00 6.11
C LEU H 282 -12.78 71.27 5.27
N PRO H 283 -13.98 71.48 4.70
CA PRO H 283 -14.34 72.65 3.87
C PRO H 283 -13.96 74.01 4.42
N GLU H 284 -14.28 74.30 5.68
CA GLU H 284 -13.99 75.64 6.22
C GLU H 284 -12.81 75.56 7.20
N HIS H 285 -12.03 74.49 7.13
CA HIS H 285 -10.74 74.40 7.81
C HIS H 285 -9.93 75.67 7.51
N PRO H 286 -9.54 76.40 8.56
CA PRO H 286 -9.06 77.80 8.47
C PRO H 286 -7.96 77.99 7.42
N GLN H 287 -7.23 76.94 7.10
CA GLN H 287 -6.18 77.02 6.10
C GLN H 287 -6.51 76.17 4.87
N HIS H 288 -7.77 76.14 4.45
CA HIS H 288 -8.13 75.18 3.39
C HIS H 288 -7.39 75.47 2.08
N ALA H 289 -7.12 76.74 1.82
CA ALA H 289 -6.42 77.12 0.60
C ALA H 289 -5.02 76.53 0.56
N VAL H 290 -4.26 76.71 1.63
CA VAL H 290 -2.91 76.18 1.71
C VAL H 290 -2.90 74.66 1.65
N VAL H 291 -3.81 74.02 2.38
CA VAL H 291 -3.90 72.57 2.42
C VAL H 291 -4.05 72.01 1.02
N LYS H 292 -5.10 72.45 0.35
CA LYS H 292 -5.46 71.98 -0.97
C LYS H 292 -4.63 72.71 -2.00
N ALA H 293 -3.43 73.10 -1.61
CA ALA H 293 -2.43 73.68 -2.48
C ALA H 293 -1.08 72.99 -2.24
N GLN H 294 -0.95 72.25 -1.13
CA GLN H 294 0.33 71.58 -0.84
C GLN H 294 0.25 70.15 -0.32
N MSE H 295 -0.92 69.69 0.10
CA MSE H 295 -1.14 68.29 0.48
C MSE H 295 -2.07 67.62 -0.55
O MSE H 295 -3.21 68.02 -0.72
CB MSE H 295 -1.77 68.18 1.89
CG MSE H 295 -0.94 68.76 3.02
SE MSE H 295 -1.44 68.12 4.83
CE MSE H 295 -1.24 66.19 4.58
N SER H 296 -1.57 66.57 -1.21
CA SER H 296 -2.35 65.94 -2.27
C SER H 296 -3.52 65.06 -1.75
N ALA H 297 -3.67 65.03 -0.43
CA ALA H 297 -4.79 64.41 0.28
C ALA H 297 -4.54 64.83 1.73
N PRO H 298 -5.56 64.73 2.60
CA PRO H 298 -5.31 65.43 3.87
C PRO H 298 -4.81 64.65 5.11
N GLY H 299 -4.37 63.40 4.94
CA GLY H 299 -3.74 62.71 6.05
C GLY H 299 -4.63 61.78 6.86
N ALA H 300 -4.00 61.11 7.81
CA ALA H 300 -4.62 60.03 8.56
C ALA H 300 -4.78 60.40 10.03
N ILE H 301 -4.73 61.69 10.32
CA ILE H 301 -4.89 62.15 11.69
C ILE H 301 -6.17 62.97 11.82
N VAL H 302 -6.94 62.71 12.87
CA VAL H 302 -8.16 63.47 13.12
C VAL H 302 -8.21 63.74 14.61
N SER H 303 -8.57 64.94 15.01
CA SER H 303 -8.81 65.22 16.42
C SER H 303 -10.18 65.86 16.64
N PHE H 304 -10.67 65.80 17.88
CA PHE H 304 -12.00 66.28 18.18
C PHE H 304 -12.26 66.52 19.65
N ASP H 305 -13.19 67.42 19.90
CA ASP H 305 -13.66 67.73 21.24
C ASP H 305 -14.72 66.71 21.64
N TYR H 306 -14.43 65.94 22.68
CA TYR H 306 -15.41 64.99 23.18
C TYR H 306 -16.21 65.67 24.28
N LEU H 307 -17.53 65.64 24.14
CA LEU H 307 -18.42 66.38 25.03
C LEU H 307 -19.17 65.47 26.02
N GLY H 308 -18.86 64.18 26.02
CA GLY H 308 -19.52 63.27 26.95
C GLY H 308 -19.03 63.43 28.37
N GLY H 309 -18.67 62.32 29.01
CA GLY H 309 -18.06 62.39 30.32
C GLY H 309 -16.53 62.44 30.19
N PRO H 310 -15.83 62.06 31.26
CA PRO H 310 -14.36 62.07 31.32
C PRO H 310 -13.68 61.39 30.12
N ALA H 311 -12.62 62.01 29.61
CA ALA H 311 -11.85 61.44 28.51
C ALA H 311 -11.35 60.06 28.89
N GLU H 312 -10.97 59.89 30.15
CA GLU H 312 -10.47 58.60 30.64
C GLU H 312 -11.45 57.46 30.36
N ARG H 313 -12.74 57.71 30.58
CA ARG H 313 -13.78 56.72 30.32
C ARG H 313 -13.97 56.46 28.83
N LEU H 314 -13.91 57.51 28.02
CA LEU H 314 -13.97 57.35 26.56
C LEU H 314 -12.87 56.39 26.11
N LEU H 315 -11.64 56.66 26.53
CA LEU H 315 -10.52 55.79 26.18
C LEU H 315 -10.80 54.33 26.58
N ASP H 316 -11.39 54.14 27.77
CA ASP H 316 -11.69 52.79 28.26
C ASP H 316 -12.71 52.02 27.42
N ARG H 317 -13.52 52.72 26.61
CA ARG H 317 -14.59 52.08 25.86
C ARG H 317 -14.24 51.58 24.46
N PHE H 318 -13.09 51.98 23.93
CA PHE H 318 -12.67 51.45 22.63
C PHE H 318 -12.30 49.96 22.71
N THR H 319 -12.76 49.17 21.73
CA THR H 319 -12.38 47.76 21.67
C THR H 319 -11.52 47.42 20.45
N LEU H 320 -11.53 48.29 19.44
CA LEU H 320 -10.70 48.07 18.24
C LEU H 320 -9.53 49.07 18.13
N PHE H 321 -9.81 50.37 18.27
CA PHE H 321 -8.75 51.36 18.41
C PHE H 321 -7.90 50.98 19.61
N THR H 322 -6.59 51.24 19.53
CA THR H 322 -5.68 50.90 20.62
C THR H 322 -5.18 52.16 21.30
N CYS H 323 -5.35 52.23 22.62
CA CYS H 323 -5.03 53.43 23.38
C CYS H 323 -3.53 53.49 23.71
N GLY H 324 -2.82 54.33 22.98
CA GLY H 324 -1.39 54.50 23.18
C GLY H 324 -0.89 55.56 22.23
N VAL H 325 0.38 55.91 22.33
CA VAL H 325 0.93 56.98 21.53
C VAL H 325 1.52 56.44 20.23
N SER H 326 2.20 57.32 19.50
CA SER H 326 2.64 57.12 18.12
C SER H 326 1.49 57.23 17.12
N LEU H 327 1.80 57.05 15.85
CA LEU H 327 0.84 57.26 14.78
C LEU H 327 1.45 56.67 13.53
N GLY H 328 0.62 56.43 12.52
CA GLY H 328 1.16 56.09 11.22
C GLY H 328 0.94 54.65 10.81
N GLY H 329 0.84 53.75 11.80
CA GLY H 329 0.84 52.31 11.55
C GLY H 329 -0.47 51.68 11.11
N VAL H 330 -0.42 50.37 10.86
CA VAL H 330 -1.58 49.61 10.40
C VAL H 330 -2.66 49.50 11.48
N HIS H 331 -2.23 49.57 12.74
CA HIS H 331 -3.12 49.46 13.88
C HIS H 331 -3.66 50.85 14.21
N SER H 332 -4.96 51.02 14.20
CA SER H 332 -5.54 52.31 14.57
C SER H 332 -5.29 52.62 16.04
N LEU H 333 -4.91 53.87 16.32
CA LEU H 333 -4.59 54.28 17.68
C LEU H 333 -5.45 55.48 18.08
N VAL H 334 -5.80 55.52 19.36
CA VAL H 334 -6.56 56.64 19.91
C VAL H 334 -5.81 57.15 21.14
N GLU H 335 -5.85 58.46 21.34
CA GLU H 335 -5.16 59.07 22.45
C GLU H 335 -5.88 60.33 22.95
N CYS H 336 -5.62 60.68 24.20
CA CYS H 336 -6.05 61.96 24.73
C CYS H 336 -4.79 62.74 25.10
N PRO H 337 -4.36 63.66 24.20
CA PRO H 337 -3.07 64.34 24.29
C PRO H 337 -2.84 64.98 25.65
N ALA H 338 -3.88 65.59 26.18
CA ALA H 338 -3.76 66.38 27.40
C ALA H 338 -3.46 65.49 28.59
N LEU H 339 -4.10 64.32 28.60
CA LEU H 339 -3.98 63.43 29.75
C LEU H 339 -2.58 62.92 29.91
N MSE H 340 -1.81 62.90 28.83
CA MSE H 340 -0.58 62.15 28.93
C MSE H 340 0.68 62.74 28.26
O MSE H 340 1.57 63.18 28.99
CB MSE H 340 -0.84 60.65 28.71
CG MSE H 340 -1.19 59.82 29.99
SE MSE H 340 -2.96 58.88 30.29
CE MSE H 340 -3.10 57.79 28.67
N THR H 341 0.76 62.79 26.92
CA THR H 341 1.85 63.47 26.17
C THR H 341 2.17 64.93 26.56
N HIS H 342 1.15 65.78 26.45
CA HIS H 342 1.31 67.20 26.73
C HIS H 342 0.94 67.46 28.18
N ARG H 343 0.84 66.38 28.94
CA ARG H 343 0.54 66.50 30.36
C ARG H 343 1.62 67.17 31.24
N PRO H 344 2.92 66.98 30.94
CA PRO H 344 3.93 67.81 31.60
C PRO H 344 3.83 69.30 31.23
N LEU H 345 2.98 69.62 30.26
CA LEU H 345 2.61 71.00 29.98
C LEU H 345 1.37 71.28 30.81
N SER H 346 1.54 72.16 31.80
CA SER H 346 0.60 72.39 32.88
C SER H 346 -0.86 72.62 32.51
N ALA H 347 -1.68 72.81 33.54
CA ALA H 347 -3.11 73.06 33.37
C ALA H 347 -3.35 74.42 32.73
N GLU H 348 -2.27 75.21 32.61
CA GLU H 348 -2.37 76.53 32.02
C GLU H 348 -1.76 76.48 30.63
N ALA H 349 -0.53 75.99 30.55
CA ALA H 349 0.23 75.95 29.31
C ALA H 349 -0.49 75.11 28.26
N ARG H 350 -1.16 74.06 28.71
CA ARG H 350 -1.96 73.23 27.81
C ARG H 350 -3.06 74.05 27.13
N ALA H 351 -3.86 74.71 27.96
CA ALA H 351 -4.96 75.54 27.51
C ALA H 351 -4.42 76.69 26.68
N ARG H 352 -3.27 77.22 27.08
CA ARG H 352 -2.60 78.28 26.34
C ARG H 352 -2.48 77.88 24.88
N ARG H 353 -2.18 76.60 24.65
CA ARG H 353 -2.02 76.02 23.31
C ARG H 353 -3.36 75.73 22.61
N GLY H 354 -4.41 75.46 23.38
CA GLY H 354 -5.69 75.08 22.81
C GLY H 354 -5.90 73.57 22.71
N ILE H 355 -5.22 72.82 23.58
CA ILE H 355 -5.42 71.38 23.73
C ILE H 355 -6.24 71.16 24.99
N GLY H 356 -7.56 71.29 24.89
CA GLY H 356 -8.43 71.11 26.04
C GLY H 356 -8.36 69.71 26.64
N GLU H 357 -8.94 69.55 27.82
CA GLU H 357 -8.91 68.27 28.54
C GLU H 357 -9.52 67.15 27.69
N SER H 358 -10.65 67.42 27.03
CA SER H 358 -11.37 66.39 26.30
C SER H 358 -11.02 66.32 24.80
N LEU H 359 -9.93 66.93 24.38
CA LEU H 359 -9.50 66.75 23.00
C LEU H 359 -8.96 65.32 22.83
N ILE H 360 -9.39 64.66 21.76
CA ILE H 360 -9.05 63.29 21.48
C ILE H 360 -8.41 63.25 20.11
N ARG H 361 -7.33 62.49 19.96
CA ARG H 361 -6.68 62.35 18.66
C ARG H 361 -6.72 60.92 18.14
N LEU H 362 -7.13 60.79 16.87
CA LEU H 362 -7.14 59.50 16.18
C LEU H 362 -6.02 59.38 15.15
N SER H 363 -5.33 58.24 15.17
CA SER H 363 -4.45 57.87 14.08
C SER H 363 -5.04 56.65 13.36
N VAL H 364 -5.50 56.87 12.14
CA VAL H 364 -6.29 55.86 11.44
C VAL H 364 -5.38 54.82 10.79
N GLY H 365 -5.62 53.55 11.08
CA GLY H 365 -4.84 52.45 10.52
C GLY H 365 -5.48 51.92 9.23
N ILE H 366 -5.25 50.65 8.93
CA ILE H 366 -5.78 50.08 7.68
C ILE H 366 -6.87 49.02 7.88
N GLU H 367 -7.49 49.02 9.05
CA GLU H 367 -8.63 48.14 9.28
C GLU H 367 -9.83 48.56 8.43
N ASP H 368 -10.86 47.72 8.41
CA ASP H 368 -12.07 48.04 7.66
C ASP H 368 -12.70 49.33 8.15
N PRO H 369 -13.06 50.23 7.21
CA PRO H 369 -13.65 51.49 7.67
C PRO H 369 -14.94 51.32 8.48
N GLN H 370 -15.80 50.38 8.13
CA GLN H 370 -17.02 50.19 8.93
C GLN H 370 -16.73 49.73 10.35
N ASP H 371 -15.75 48.85 10.52
CA ASP H 371 -15.41 48.38 11.87
C ASP H 371 -14.88 49.54 12.72
N LEU H 372 -14.06 50.39 12.12
CA LEU H 372 -13.50 51.52 12.83
C LEU H 372 -14.60 52.53 13.19
N ALA H 373 -15.52 52.75 12.25
CA ALA H 373 -16.61 53.69 12.48
C ALA H 373 -17.50 53.18 13.62
N GLU H 374 -17.80 51.88 13.60
CA GLU H 374 -18.67 51.31 14.61
C GLU H 374 -17.99 51.25 15.99
N ASP H 375 -16.68 51.00 16.02
CA ASP H 375 -15.95 51.08 17.27
C ASP H 375 -16.01 52.51 17.83
N LEU H 376 -15.72 53.48 16.99
CA LEU H 376 -15.75 54.89 17.38
C LEU H 376 -17.13 55.30 17.88
N SER H 377 -18.17 54.88 17.17
CA SER H 377 -19.54 55.19 17.56
C SER H 377 -19.89 54.53 18.90
N ARG H 378 -19.47 53.28 19.07
CA ARG H 378 -19.72 52.59 20.32
C ARG H 378 -18.98 53.29 21.48
N ALA H 379 -17.73 53.68 21.24
CA ALA H 379 -16.96 54.37 22.28
C ALA H 379 -17.59 55.71 22.68
N LEU H 380 -17.93 56.52 21.69
CA LEU H 380 -18.51 57.84 21.91
C LEU H 380 -19.81 57.75 22.67
N ALA H 381 -20.62 56.76 22.30
CA ALA H 381 -21.91 56.48 22.93
C ALA H 381 -22.78 57.71 23.18
N GLY H 382 -22.85 58.60 22.21
CA GLY H 382 -23.66 59.80 22.37
C GLY H 382 -25.12 59.52 22.11
N GLY H 383 -25.55 59.75 20.88
CA GLY H 383 -26.82 59.24 20.40
C GLY H 383 -26.84 57.72 20.50
O1 MES I . -14.45 -13.80 -20.97
C2 MES I . -13.27 -13.34 -21.58
C3 MES I . -12.87 -14.39 -22.60
N4 MES I . -12.48 -15.57 -21.86
C5 MES I . -13.17 -15.95 -20.61
C6 MES I . -14.23 -14.93 -20.13
C7 MES I . -11.96 -16.67 -22.68
C8 MES I . -10.78 -16.12 -23.48
S MES I . -10.22 -17.02 -24.80
O1S MES I . -9.35 -18.14 -24.37
O2S MES I . -11.30 -17.48 -25.70
O3S MES I . -9.32 -16.21 -25.60
C1 GOL J . 8.58 -12.68 -3.07
O1 GOL J . 7.84 -13.18 -4.16
C2 GOL J . 8.99 -13.80 -2.13
O2 GOL J . 10.27 -13.55 -1.59
C3 GOL J . 9.01 -15.15 -2.85
O3 GOL J . 10.28 -15.34 -3.44
C1 GOL K . -0.58 -45.13 -4.60
O1 GOL K . -1.81 -44.49 -4.81
C2 GOL K . 0.52 -44.10 -4.63
O2 GOL K . 1.63 -44.45 -3.87
C3 GOL K . 0.91 -43.71 -6.04
O3 GOL K . -0.10 -42.92 -6.62
C1 GOL L . 15.19 -24.14 -16.77
O1 GOL L . 15.39 -24.81 -17.99
C2 GOL L . 16.24 -24.58 -15.74
O2 GOL L . 17.24 -23.58 -15.65
C3 GOL L . 15.55 -24.73 -14.38
O3 GOL L . 16.45 -25.18 -13.37
C1 GOL M . -3.67 -21.35 5.92
O1 GOL M . -3.29 -19.98 5.90
C2 GOL M . -3.77 -21.81 7.38
O2 GOL M . -3.95 -20.67 8.19
C3 GOL M . -4.99 -22.74 7.53
O3 GOL M . -4.88 -23.93 6.77
CL CL N . 12.13 -15.80 -9.02
CL CL O . -17.71 -12.73 -23.98
O1 MES P . -5.41 -27.57 8.25
C2 MES P . -5.59 -26.64 9.32
C3 MES P . -6.64 -27.18 10.29
N4 MES P . -7.90 -27.48 9.60
C5 MES P . -7.81 -28.16 8.30
C6 MES P . -6.60 -27.69 7.48
C7 MES P . -8.85 -28.06 10.55
C8 MES P . -10.30 -27.68 10.26
S MES P . -11.30 -28.81 10.99
O1S MES P . -12.34 -29.17 10.00
O2S MES P . -10.49 -30.00 11.40
O3S MES P . -11.94 -28.27 12.22
C1 GOL Q . -34.35 -15.91 4.53
O1 GOL Q . -34.46 -15.67 5.91
C2 GOL Q . -33.60 -14.77 3.83
O2 GOL Q . -33.45 -13.71 4.74
C3 GOL Q . -34.42 -14.28 2.64
O3 GOL Q . -33.94 -13.02 2.24
C1 GOL R . -13.86 -10.54 -15.45
O1 GOL R . -15.06 -9.89 -15.83
C2 GOL R . -12.66 -9.89 -16.13
O2 GOL R . -12.41 -10.50 -17.37
C3 GOL R . -11.44 -10.04 -15.25
O3 GOL R . -11.69 -9.34 -14.06
C1 GOL S . -30.38 -28.97 -18.42
O1 GOL S . -29.72 -27.73 -18.31
C2 GOL S . -29.54 -30.09 -17.82
O2 GOL S . -30.17 -31.32 -18.10
C3 GOL S . -29.56 -29.93 -16.30
O3 GOL S . -30.70 -30.58 -15.78
C1 GOL T . -20.24 -27.56 28.76
O1 GOL T . -19.80 -27.27 27.45
C2 GOL T . -19.19 -27.17 29.81
O2 GOL T . -18.29 -26.21 29.30
C3 GOL T . -19.92 -26.58 31.01
O3 GOL T . -21.26 -27.01 30.98
C1 GOL U . -24.58 -3.99 4.97
O1 GOL U . -23.68 -2.90 4.88
C2 GOL U . -25.77 -3.59 5.85
O2 GOL U . -26.95 -4.12 5.30
C3 GOL U . -25.88 -2.07 5.89
O3 GOL U . -26.55 -1.67 7.06
CL CL V . -33.60 -21.17 15.54
O1 MES W . -36.98 -51.12 -16.61
C2 MES W . -37.85 -52.22 -16.73
C3 MES W . -38.82 -52.15 -15.57
N4 MES W . -38.08 -52.19 -14.32
C5 MES W . -36.80 -51.47 -14.13
C6 MES W . -36.10 -51.27 -15.49
C7 MES W . -39.00 -52.24 -13.20
C8 MES W . -38.31 -52.77 -11.97
S MES W . -38.89 -51.77 -10.78
O1S MES W . -39.54 -52.44 -9.63
O2S MES W . -39.85 -50.83 -11.42
O3S MES W . -37.69 -51.03 -10.31
C1 GOL X . -22.44 -66.40 6.24
O1 GOL X . -21.49 -67.36 5.85
C2 GOL X . -23.71 -67.12 6.70
O2 GOL X . -24.61 -67.20 5.61
C3 GOL X . -24.35 -66.40 7.87
O3 GOL X . -24.69 -65.08 7.50
C1 GOL Y . -29.43 -44.79 12.65
O1 GOL Y . -30.78 -44.93 13.06
C2 GOL Y . -28.70 -46.12 12.42
O2 GOL Y . -27.40 -46.01 12.95
C3 GOL Y . -29.43 -47.34 12.96
O3 GOL Y . -28.51 -48.25 13.51
C FMT Z . -20.78 -74.81 -8.76
O1 FMT Z . -21.36 -73.79 -9.11
O2 FMT Z . -21.32 -75.92 -8.67
CL CL AA . -24.30 -73.43 -2.74
O1 MES BA . -5.09 -60.26 -19.17
C2 MES BA . -4.14 -60.92 -20.02
C3 MES BA . -4.47 -60.72 -21.49
N4 MES BA . -5.01 -59.37 -21.65
C5 MES BA . -6.14 -58.95 -20.84
C6 MES BA . -6.33 -60.05 -19.81
C7 MES BA . -5.01 -58.81 -22.99
C8 MES BA . -4.04 -59.65 -23.81
S MES BA . -3.21 -58.51 -24.65
O1S MES BA . -2.03 -58.05 -23.86
O2S MES BA . -2.86 -59.03 -25.99
O3S MES BA . -4.16 -57.36 -24.83
C1 GOL CA . -20.39 -51.57 -45.19
O1 GOL CA . -21.76 -51.66 -45.47
C2 GOL CA . -20.24 -50.76 -43.93
O2 GOL CA . -21.52 -50.60 -43.39
C3 GOL CA . -19.73 -49.37 -44.31
O3 GOL CA . -18.60 -49.52 -45.14
C1 GOL DA . -35.91 -56.48 -21.37
O1 GOL DA . -37.23 -55.93 -21.50
C2 GOL DA . -35.64 -56.74 -19.86
O2 GOL DA . -36.86 -56.72 -19.14
C3 GOL DA . -34.85 -57.97 -19.70
O3 GOL DA . -35.22 -58.80 -20.76
C1 GOL EA . -31.00 -64.16 -35.47
O1 GOL EA . -31.09 -64.38 -36.86
C2 GOL EA . -29.89 -63.15 -35.19
O2 GOL EA . -29.70 -62.38 -36.36
C3 GOL EA . -28.61 -63.91 -34.88
O3 GOL EA . -28.55 -65.10 -35.65
CL CL FA . -25.66 -61.01 -40.29
CL CL GA . -33.12 -68.60 -29.64
CL CL HA . -5.79 -49.31 -46.84
O1 MES IA . 10.20 24.54 -9.06
C2 MES IA . 9.27 24.09 -10.05
C3 MES IA . 7.99 24.93 -10.20
N4 MES IA . 8.19 26.33 -9.82
C5 MES IA . 9.28 26.75 -8.93
C6 MES IA . 9.71 25.52 -8.14
C7 MES IA . 7.54 27.36 -10.66
C8 MES IA . 6.31 27.94 -9.97
S MES IA . 5.59 29.16 -10.87
O1S MES IA . 5.11 28.56 -12.15
O2S MES IA . 6.60 30.22 -11.13
O3S MES IA . 4.42 29.69 -10.12
C1 GOL JA . -17.29 29.49 6.40
O1 GOL JA . -18.12 29.85 5.32
C2 GOL JA . -16.98 27.99 6.40
O2 GOL JA . -15.73 27.79 7.05
C3 GOL JA . -18.00 27.25 7.25
O3 GOL JA . -17.65 25.89 7.24
C1 GOL KA . 7.93 13.87 18.87
O1 GOL KA . 8.05 15.15 19.50
C2 GOL KA . 6.57 13.24 19.18
O2 GOL KA . 6.72 12.16 20.06
C3 GOL KA . 5.85 12.89 17.93
O3 GOL KA . 6.73 12.07 17.19
C1 GOL LA . -7.38 9.72 7.62
O1 GOL LA . -7.23 9.50 6.23
C2 GOL LA . -7.62 11.20 7.94
O2 GOL LA . -7.94 11.91 6.76
C3 GOL LA . -8.77 11.32 8.93
O3 GOL LA . -8.99 12.69 9.23
C1 GOL MA . 8.85 21.61 -7.42
O1 GOL MA . 9.90 22.46 -6.99
C2 GOL MA . 9.43 20.33 -8.02
O2 GOL MA . 9.19 20.32 -9.41
C3 GOL MA . 8.79 19.09 -7.37
O3 GOL MA . 8.06 18.38 -8.34
CL CL NA . -12.43 16.16 5.82
O1 MES OA . 9.35 16.91 23.33
C2 MES OA . 9.82 15.67 23.87
C3 MES OA . 10.88 15.03 22.98
N4 MES OA . 11.85 16.06 22.61
C5 MES OA . 11.35 17.31 22.06
C6 MES OA . 9.82 17.19 22.01
C7 MES OA . 13.02 16.13 23.48
C8 MES OA . 14.34 15.97 22.73
S MES OA . 15.60 15.86 23.83
O1S MES OA . 16.16 14.49 23.94
O2S MES OA . 15.13 16.28 25.20
O3S MES OA . 16.68 16.78 23.37
C1 GOL PA . 18.45 6.24 -2.65
O1 GOL PA . 19.10 5.34 -1.74
C2 GOL PA . 19.21 6.31 -3.98
O2 GOL PA . 18.55 7.15 -4.91
C3 GOL PA . 20.61 6.84 -3.70
O3 GOL PA . 21.31 5.89 -2.92
C1 GOL QA . 37.76 24.62 23.57
O1 GOL QA . 38.37 24.35 22.33
C2 GOL QA . 38.77 25.12 24.61
O2 GOL QA . 38.96 24.12 25.57
C3 GOL QA . 40.10 25.45 23.95
O3 GOL QA . 40.95 25.95 24.97
C1 GOL RA . 34.06 11.17 4.98
O1 GOL RA . 33.88 11.07 3.59
C2 GOL RA . 34.76 9.92 5.51
O2 GOL RA . 34.87 8.97 4.47
C3 GOL RA . 36.14 10.31 6.01
O3 GOL RA . 36.02 11.43 6.86
C FMT SA . 28.43 21.86 0.81
O1 FMT SA . 27.90 21.06 0.03
O2 FMT SA . 28.84 22.97 0.51
CL CL TA . 25.11 6.54 1.81
O1 MES UA . 36.62 53.63 11.83
C2 MES UA . 37.98 53.83 12.26
C3 MES UA . 38.30 53.24 13.65
N4 MES UA . 37.64 51.96 13.79
C5 MES UA . 36.26 51.78 13.36
C6 MES UA . 35.75 53.11 12.83
C7 MES UA . 38.41 50.78 14.17
C8 MES UA . 38.90 50.84 15.62
S MES UA . 39.79 49.45 15.90
O1S MES UA . 40.94 49.67 16.79
O2S MES UA . 38.93 48.41 16.54
O3S MES UA . 40.25 48.88 14.61
C1 GOL VA . 29.63 48.15 42.28
O1 GOL VA . 29.41 49.16 41.33
C2 GOL VA . 31.03 48.37 42.78
O2 GOL VA . 31.22 49.75 42.78
C3 GOL VA . 32.01 47.74 41.80
O3 GOL VA . 31.55 46.44 41.49
C1 GOL WA . 37.21 26.90 30.71
O1 GOL WA . 37.18 25.63 30.08
C2 GOL WA . 36.56 27.95 29.79
O2 GOL WA . 35.73 28.81 30.53
C3 GOL WA . 37.64 28.79 29.12
O3 GOL WA . 38.44 29.36 30.13
C1 GOL XA . 43.35 40.84 39.69
O1 GOL XA . 42.40 40.35 38.75
C2 GOL XA . 42.71 41.83 40.65
O2 GOL XA . 43.72 42.42 41.44
C3 GOL XA . 41.98 42.94 39.89
O3 GOL XA . 41.06 42.38 38.97
C FMT YA . 25.13 64.12 35.62
O1 FMT YA . 25.71 64.99 34.97
O2 FMT YA . 25.17 64.01 36.85
CL CL ZA . 27.51 61.51 38.94
O1 MES AB . 6.91 60.10 23.88
C2 MES AB . 5.95 61.12 23.58
C3 MES AB . 4.99 60.74 22.44
N4 MES AB . 5.76 60.26 21.31
C5 MES AB . 6.73 59.20 21.61
C6 MES AB . 7.64 59.65 22.74
C7 MES AB . 5.06 60.05 20.04
C8 MES AB . 4.28 61.32 19.69
S MES AB . 3.15 60.95 18.52
O1S MES AB . 3.74 60.26 17.36
O2S MES AB . 2.16 60.11 19.25
O3S MES AB . 2.48 62.19 18.06
C1 GOL BB . 12.46 68.93 -6.52
O1 GOL BB . 11.73 69.05 -7.73
C2 GOL BB . 13.81 69.66 -6.63
O2 GOL BB . 13.96 70.50 -5.51
C3 GOL BB . 14.93 68.63 -6.70
O3 GOL BB . 15.54 68.42 -5.45
C1 GOL CB . 10.29 63.95 25.01
O1 GOL CB . 10.37 63.67 23.63
C2 GOL CB . 11.12 65.16 25.39
O2 GOL CB . 10.40 66.29 24.97
C3 GOL CB . 12.45 65.12 24.64
O3 GOL CB . 13.32 66.06 25.23
C1 GOL DB . -4.86 54.60 30.41
O1 GOL DB . -5.50 54.87 29.18
C2 GOL DB . -4.60 55.90 31.18
O2 GOL DB . -5.61 56.04 32.16
C3 GOL DB . -3.25 55.77 31.88
O3 GOL DB . -2.67 57.01 32.13
C1 GOL EB . 27.73 73.48 6.81
O1 GOL EB . 28.90 72.74 6.55
C2 GOL EB . 26.55 72.51 6.86
O2 GOL EB . 26.11 72.30 5.55
C3 GOL EB . 25.44 73.10 7.74
O3 GOL EB . 25.70 74.46 8.02
CL CL FB . 21.34 73.47 3.03
CL CL GB . 3.89 60.15 27.21
N MSE A 7 12.08 -39.44 -20.33
CA MSE A 7 11.99 -38.06 -19.91
C MSE A 7 12.71 -37.13 -20.87
O MSE A 7 13.27 -36.10 -20.48
CB MSE A 7 12.53 -37.93 -18.50
CG MSE A 7 12.95 -39.25 -18.00
SE MSE A 7 14.09 -39.07 -16.56
CE MSE A 7 15.12 -40.71 -17.00
N ARG A 8 12.71 -37.54 -22.14
CA ARG A 8 12.69 -36.56 -23.23
C ARG A 8 11.26 -35.96 -23.17
N PHE A 9 10.96 -34.92 -23.94
CA PHE A 9 9.72 -34.16 -23.72
C PHE A 9 8.42 -34.99 -23.98
N GLY A 10 8.31 -35.60 -25.17
CA GLY A 10 7.24 -36.57 -25.44
C GLY A 10 7.13 -37.72 -24.43
N THR A 11 8.26 -38.19 -23.90
CA THR A 11 8.23 -39.25 -22.88
C THR A 11 7.85 -38.69 -21.51
N ARG A 12 8.31 -37.48 -21.21
CA ARG A 12 7.90 -36.82 -19.97
C ARG A 12 6.40 -36.64 -19.86
N LEU A 13 5.72 -36.42 -20.99
CA LEU A 13 4.26 -36.29 -20.98
C LEU A 13 3.55 -37.56 -20.49
N VAL A 14 4.11 -38.72 -20.79
CA VAL A 14 3.44 -39.98 -20.43
C VAL A 14 3.81 -40.44 -19.03
N HIS A 15 5.07 -40.25 -18.66
CA HIS A 15 5.58 -40.82 -17.42
C HIS A 15 5.91 -39.84 -16.28
N GLY A 16 5.81 -38.54 -16.56
CA GLY A 16 5.98 -37.52 -15.54
C GLY A 16 5.03 -37.71 -14.36
N GLY A 17 5.58 -37.64 -13.15
CA GLY A 17 4.85 -37.91 -11.93
C GLY A 17 4.02 -39.19 -11.88
N ARG A 18 4.35 -40.20 -12.69
CA ARG A 18 3.45 -41.36 -12.74
C ARG A 18 3.59 -42.12 -11.43
N ARG A 19 3.01 -41.55 -10.36
CA ARG A 19 3.47 -41.83 -9.00
C ARG A 19 3.36 -43.25 -8.53
N PRO A 20 4.51 -43.94 -8.43
CA PRO A 20 4.77 -45.30 -7.97
C PRO A 20 3.65 -46.08 -7.29
N SER A 21 2.74 -45.45 -6.54
CA SER A 21 1.53 -46.11 -5.98
C SER A 21 1.75 -47.60 -5.91
N ALA A 22 2.36 -48.05 -4.82
CA ALA A 22 2.98 -49.35 -4.75
C ALA A 22 1.95 -50.43 -4.54
N GLY A 23 2.38 -51.51 -3.88
CA GLY A 23 1.50 -52.61 -3.58
C GLY A 23 0.80 -53.20 -4.80
N THR A 24 -0.17 -52.45 -5.31
CA THR A 24 -1.05 -52.97 -6.36
C THR A 24 -0.47 -52.86 -7.78
N GLY A 25 0.53 -51.99 -7.96
CA GLY A 25 1.26 -51.92 -9.21
C GLY A 25 0.58 -51.14 -10.33
N ASP A 26 -0.38 -50.29 -9.95
CA ASP A 26 -1.12 -49.48 -10.91
C ASP A 26 -0.20 -48.72 -11.86
N VAL A 27 -0.38 -48.95 -13.16
CA VAL A 27 0.33 -48.17 -14.16
C VAL A 27 -0.19 -46.74 -14.18
N VAL A 28 -1.52 -46.61 -14.24
CA VAL A 28 -2.17 -45.31 -14.08
C VAL A 28 -2.39 -45.08 -12.59
N PRO A 29 -1.82 -44.00 -12.05
CA PRO A 29 -1.97 -43.73 -10.60
C PRO A 29 -3.44 -43.57 -10.23
N PRO A 30 -3.86 -44.18 -9.12
CA PRO A 30 -5.22 -44.08 -8.62
C PRO A 30 -5.57 -42.65 -8.24
N ILE A 31 -6.84 -42.30 -8.35
CA ILE A 31 -7.26 -40.92 -8.10
C ILE A 31 -7.46 -40.71 -6.60
N HIS A 32 -6.67 -39.81 -6.01
CA HIS A 32 -6.79 -39.53 -4.57
C HIS A 32 -7.86 -38.50 -4.24
N VAL A 33 -9.08 -38.97 -3.99
CA VAL A 33 -10.20 -38.07 -3.77
C VAL A 33 -10.31 -37.65 -2.31
N SER A 34 -9.66 -38.37 -1.41
CA SER A 34 -9.84 -38.14 0.02
C SER A 34 -9.40 -36.72 0.42
N THR A 35 -10.21 -36.06 1.24
CA THR A 35 -9.86 -34.75 1.77
C THR A 35 -9.14 -34.94 3.09
N THR A 36 -9.30 -36.11 3.68
CA THR A 36 -8.75 -36.33 5.02
C THR A 36 -7.74 -37.47 5.04
N TYR A 37 -6.63 -37.24 5.75
CA TYR A 37 -5.49 -38.15 5.73
C TYR A 37 -5.11 -38.59 7.13
N GLU A 38 -4.99 -39.90 7.27
CA GLU A 38 -4.77 -40.54 8.55
C GLU A 38 -3.37 -40.31 9.08
N ARG A 39 -3.31 -39.86 10.32
CA ARG A 39 -2.10 -39.37 10.94
C ARG A 39 -1.22 -40.47 11.53
N ARG A 40 -1.76 -41.69 11.61
CA ARG A 40 -1.01 -42.84 12.10
C ARG A 40 -0.76 -43.90 11.00
N ALA A 41 -0.62 -43.45 9.74
CA ALA A 41 -0.59 -44.38 8.59
C ALA A 41 0.71 -44.47 7.80
N GLN A 42 1.35 -43.34 7.49
CA GLN A 42 2.60 -43.37 6.75
C GLN A 42 3.72 -43.55 7.77
N ASP A 43 4.98 -43.44 7.38
CA ASP A 43 6.04 -43.67 8.37
C ASP A 43 6.75 -42.42 8.88
N GLU A 44 6.19 -41.26 8.54
CA GLU A 44 6.50 -39.96 9.15
C GLU A 44 5.56 -38.94 8.51
N PRO A 45 4.50 -38.56 9.25
CA PRO A 45 3.35 -37.83 8.68
C PRO A 45 3.65 -36.59 7.81
N ARG A 46 3.19 -36.64 6.55
CA ARG A 46 3.28 -35.51 5.61
C ARG A 46 1.89 -35.16 5.09
N TYR A 47 1.03 -36.16 4.93
CA TYR A 47 -0.32 -35.93 4.43
C TYR A 47 -1.30 -35.71 5.55
N PHE A 48 -1.97 -34.56 5.51
CA PHE A 48 -2.92 -34.21 6.54
C PHE A 48 -4.28 -33.92 5.94
N TYR A 49 -4.33 -32.87 5.12
CA TYR A 49 -5.58 -32.29 4.72
C TYR A 49 -5.53 -31.83 3.27
N GLY A 50 -6.58 -32.16 2.55
CA GLY A 50 -6.64 -31.97 1.10
C GLY A 50 -6.27 -30.61 0.54
N ARG A 51 -6.71 -29.53 1.17
CA ARG A 51 -6.41 -28.20 0.63
C ARG A 51 -4.88 -27.99 0.54
N GLY A 52 -4.13 -28.60 1.46
CA GLY A 52 -2.69 -28.54 1.42
C GLY A 52 -2.03 -29.72 0.72
N GLU A 53 -2.61 -30.92 0.87
CA GLU A 53 -1.96 -32.14 0.39
C GLU A 53 -2.88 -33.04 -0.42
N ASN A 54 -2.33 -33.60 -1.49
CA ASN A 54 -3.03 -34.59 -2.31
C ASN A 54 -2.06 -35.14 -3.34
N PRO A 55 -1.82 -36.46 -3.32
CA PRO A 55 -0.82 -37.06 -4.22
C PRO A 55 -1.16 -36.89 -5.69
N THR A 56 -2.45 -36.95 -6.07
CA THR A 56 -2.83 -36.79 -7.47
C THR A 56 -2.43 -35.41 -7.98
N ARG A 57 -2.70 -34.40 -7.16
CA ARG A 57 -2.28 -33.05 -7.47
C ARG A 57 -0.76 -32.99 -7.61
N GLU A 58 -0.05 -33.61 -6.67
CA GLU A 58 1.41 -33.62 -6.68
C GLU A 58 1.97 -34.28 -7.95
N GLU A 59 1.29 -35.33 -8.42
CA GLU A 59 1.70 -36.01 -9.64
C GLU A 59 1.60 -35.11 -10.85
N LEU A 60 0.47 -34.43 -10.99
CA LEU A 60 0.30 -33.49 -12.09
C LEU A 60 1.39 -32.39 -12.05
N GLU A 61 1.65 -31.86 -10.86
CA GLU A 61 2.69 -30.85 -10.69
C GLU A 61 4.08 -31.34 -11.11
N GLU A 62 4.44 -32.55 -10.69
CA GLU A 62 5.73 -33.15 -11.07
C GLU A 62 5.84 -33.31 -12.59
N CYS A 63 4.76 -33.72 -13.24
CA CYS A 63 4.76 -33.84 -14.70
C CYS A 63 4.98 -32.49 -15.39
N LEU A 64 4.19 -31.50 -15.01
CA LEU A 64 4.27 -30.16 -15.59
C LEU A 64 5.63 -29.49 -15.40
N ALA A 65 6.20 -29.62 -14.20
CA ALA A 65 7.53 -29.10 -13.93
C ALA A 65 8.53 -29.76 -14.86
N GLY A 66 8.36 -31.08 -15.07
CA GLY A 66 9.30 -31.87 -15.85
C GLY A 66 9.36 -31.44 -17.31
N LEU A 67 8.22 -30.98 -17.82
CA LEU A 67 8.15 -30.50 -19.20
C LEU A 67 9.06 -29.28 -19.44
N GLU A 68 9.52 -28.65 -18.37
CA GLU A 68 10.34 -27.46 -18.50
C GLU A 68 11.71 -27.63 -17.81
N ARG A 69 12.02 -28.87 -17.43
CA ARG A 69 13.31 -29.20 -16.80
C ARG A 69 13.44 -28.35 -15.52
N ALA A 70 12.34 -28.15 -14.81
CA ALA A 70 12.27 -27.20 -13.70
C ALA A 70 12.01 -27.86 -12.35
N PRO A 71 12.52 -27.26 -11.26
CA PRO A 71 12.29 -27.89 -9.95
C PRO A 71 10.83 -27.86 -9.46
N PHE A 72 10.05 -26.85 -9.79
CA PHE A 72 8.74 -26.69 -9.15
C PHE A 72 7.56 -26.50 -10.10
N ALA A 73 6.40 -26.93 -9.63
CA ALA A 73 5.12 -26.50 -10.18
C ALA A 73 4.04 -26.54 -9.11
N THR A 74 3.04 -25.70 -9.30
CA THR A 74 1.88 -25.66 -8.44
C THR A 74 0.68 -25.53 -9.37
N VAL A 75 -0.39 -26.29 -9.12
CA VAL A 75 -1.59 -26.11 -9.91
C VAL A 75 -2.72 -25.44 -9.14
N PHE A 76 -3.68 -24.89 -9.88
CA PHE A 76 -4.68 -24.00 -9.34
C PHE A 76 -6.04 -24.24 -9.97
N SER A 77 -7.10 -23.81 -9.27
CA SER A 77 -8.47 -23.93 -9.78
C SER A 77 -8.71 -23.39 -11.21
N SER A 78 -7.86 -22.49 -11.68
CA SER A 78 -8.01 -21.92 -13.01
C SER A 78 -6.75 -21.21 -13.41
N GLY A 79 -6.62 -20.87 -14.70
CA GLY A 79 -5.54 -20.00 -15.13
C GLY A 79 -5.55 -18.68 -14.36
N GLN A 80 -6.72 -18.08 -14.22
CA GLN A 80 -6.85 -16.84 -13.46
C GLN A 80 -6.27 -16.96 -12.04
N ALA A 81 -6.50 -18.10 -11.39
CA ALA A 81 -6.03 -18.30 -10.03
C ALA A 81 -4.50 -18.42 -9.99
N ALA A 82 -3.94 -19.06 -11.00
CA ALA A 82 -2.49 -19.08 -11.19
C ALA A 82 -1.95 -17.66 -11.27
N ALA A 83 -2.61 -16.81 -12.07
CA ALA A 83 -2.20 -15.42 -12.24
C ALA A 83 -2.39 -14.59 -10.96
N ALA A 84 -3.52 -14.78 -10.29
CA ALA A 84 -3.83 -13.99 -9.10
C ALA A 84 -2.80 -14.26 -8.02
N THR A 85 -2.38 -15.51 -7.91
CA THR A 85 -1.41 -15.91 -6.92
C THR A 85 -0.07 -15.18 -7.12
N LEU A 86 0.36 -15.07 -8.37
CA LEU A 86 1.64 -14.44 -8.65
C LEU A 86 1.56 -12.92 -8.40
N LEU A 87 0.44 -12.33 -8.78
CA LEU A 87 0.27 -10.90 -8.54
C LEU A 87 0.16 -10.56 -7.06
N SER A 88 -0.26 -11.53 -6.25
CA SER A 88 -0.44 -11.33 -4.82
C SER A 88 0.89 -11.07 -4.11
N LEU A 89 1.99 -11.42 -4.77
CA LEU A 89 3.30 -11.29 -4.17
C LEU A 89 3.90 -9.91 -4.42
N VAL A 90 3.25 -9.13 -5.28
CA VAL A 90 3.64 -7.76 -5.48
C VAL A 90 3.02 -6.94 -4.36
N ARG A 91 3.84 -6.10 -3.71
CA ARG A 91 3.38 -5.19 -2.66
C ARG A 91 2.88 -3.88 -3.24
N PRO A 92 1.92 -3.23 -2.56
CA PRO A 92 1.41 -1.94 -3.02
C PRO A 92 2.54 -0.93 -3.16
N GLY A 93 2.41 -0.01 -4.11
CA GLY A 93 3.45 0.98 -4.33
C GLY A 93 4.46 0.50 -5.35
N GLN A 94 4.59 -0.82 -5.48
CA GLN A 94 5.51 -1.40 -6.44
C GLN A 94 4.91 -1.47 -7.81
N CYS A 95 5.75 -1.76 -8.79
CA CYS A 95 5.34 -1.70 -10.17
C CYS A 95 5.34 -3.06 -10.87
N VAL A 96 4.24 -3.33 -11.59
CA VAL A 96 4.19 -4.46 -12.50
C VAL A 96 4.22 -3.89 -13.91
N VAL A 97 5.10 -4.40 -14.75
CA VAL A 97 5.15 -3.96 -16.13
C VAL A 97 4.53 -4.99 -17.06
N SER A 98 3.62 -4.53 -17.90
CA SER A 98 2.93 -5.38 -18.84
C SER A 98 2.70 -4.63 -20.14
N THR A 99 1.87 -5.20 -21.00
CA THR A 99 1.53 -4.57 -22.26
C THR A 99 0.01 -4.43 -22.26
N ASP A 100 -0.52 -3.51 -23.07
CA ASP A 100 -1.95 -3.25 -22.95
C ASP A 100 -2.86 -4.24 -23.68
N ASP A 101 -2.27 -5.28 -24.27
CA ASP A 101 -2.97 -6.34 -24.99
C ASP A 101 -3.10 -7.63 -24.17
N VAL A 102 -2.68 -7.57 -22.90
CA VAL A 102 -2.68 -8.73 -22.02
C VAL A 102 -4.07 -9.39 -21.98
N TYR A 103 -4.13 -10.65 -21.57
CA TYR A 103 -5.41 -11.34 -21.42
C TYR A 103 -6.34 -10.50 -20.54
N ALA A 104 -7.62 -10.48 -20.89
CA ALA A 104 -8.57 -9.61 -20.19
C ALA A 104 -8.70 -9.94 -18.71
N GLY A 105 -8.54 -11.20 -18.34
CA GLY A 105 -8.60 -11.58 -16.94
C GLY A 105 -7.40 -11.08 -16.16
N THR A 106 -6.23 -11.13 -16.80
CA THR A 106 -5.02 -10.59 -16.21
C THR A 106 -5.23 -9.10 -16.04
N ASP A 107 -5.71 -8.46 -17.10
CA ASP A 107 -6.10 -7.05 -17.09
C ASP A 107 -7.00 -6.84 -15.89
N GLY A 108 -8.03 -7.67 -15.78
CA GLY A 108 -8.95 -7.63 -14.64
C GLY A 108 -8.21 -7.72 -13.31
N LEU A 109 -7.24 -8.64 -13.24
CA LEU A 109 -6.42 -8.81 -12.05
C LEU A 109 -5.49 -7.61 -11.80
N PHE A 110 -5.05 -6.94 -12.86
CA PHE A 110 -4.21 -5.74 -12.67
C PHE A 110 -4.93 -4.61 -11.92
N ASP A 111 -6.19 -4.35 -12.23
CA ASP A 111 -6.86 -3.26 -11.52
C ASP A 111 -7.36 -3.67 -10.13
N LEU A 112 -7.59 -4.96 -9.94
CA LEU A 112 -7.83 -5.46 -8.58
C LEU A 112 -6.58 -5.14 -7.74
N ALA A 113 -5.42 -5.46 -8.31
CA ALA A 113 -4.15 -5.13 -7.69
C ALA A 113 -3.98 -3.60 -7.57
N ALA A 114 -4.33 -2.88 -8.63
CA ALA A 114 -4.17 -1.43 -8.64
C ALA A 114 -5.08 -0.76 -7.60
N ARG A 115 -6.13 -1.45 -7.15
CA ARG A 115 -7.03 -0.89 -6.15
C ARG A 115 -6.47 -1.08 -4.75
N GLN A 116 -5.32 -1.72 -4.66
CA GLN A 116 -4.62 -1.86 -3.39
C GLN A 116 -3.34 -1.01 -3.32
N GLY A 117 -2.95 -0.43 -4.45
CA GLY A 117 -1.76 0.41 -4.50
C GLY A 117 -0.58 -0.13 -5.31
N VAL A 118 -0.74 -1.30 -5.92
CA VAL A 118 0.25 -1.78 -6.87
C VAL A 118 0.10 -0.96 -8.13
N ARG A 119 1.18 -0.43 -8.67
CA ARG A 119 1.07 0.29 -9.92
C ARG A 119 1.39 -0.59 -11.13
N VAL A 120 0.52 -0.52 -12.12
CA VAL A 120 0.64 -1.33 -13.32
C VAL A 120 0.90 -0.41 -14.50
N ARG A 121 2.10 -0.50 -15.05
CA ARG A 121 2.44 0.33 -16.21
C ARG A 121 2.50 -0.56 -17.43
N TYR A 122 1.61 -0.32 -18.40
CA TYR A 122 1.71 -1.05 -19.65
C TYR A 122 2.81 -0.41 -20.46
N ALA A 123 3.44 -1.17 -21.36
CA ALA A 123 4.49 -0.59 -22.18
C ALA A 123 4.72 -1.33 -23.48
N ASP A 124 5.41 -0.66 -24.39
CA ASP A 124 5.80 -1.27 -25.65
C ASP A 124 7.02 -2.14 -25.40
N LEU A 125 6.82 -3.45 -25.50
CA LEU A 125 7.92 -4.38 -25.28
C LEU A 125 8.40 -5.03 -26.57
N THR A 126 8.38 -4.26 -27.66
CA THR A 126 8.78 -4.74 -28.99
C THR A 126 9.87 -3.86 -29.61
N THR A 127 10.15 -2.71 -28.98
CA THR A 127 11.18 -1.81 -29.48
C THR A 127 12.18 -1.47 -28.36
N PRO A 128 13.45 -1.21 -28.73
CA PRO A 128 14.51 -1.03 -27.74
C PRO A 128 14.21 0.13 -26.81
N GLU A 129 13.85 1.27 -27.42
CA GLU A 129 13.27 2.41 -26.75
C GLU A 129 12.32 1.99 -25.63
N GLY A 130 11.21 1.37 -26.03
CA GLY A 130 10.10 1.09 -25.13
C GLY A 130 10.29 0.03 -24.06
N ILE A 131 11.25 -0.87 -24.26
CA ILE A 131 11.52 -1.87 -23.24
C ILE A 131 12.26 -1.23 -22.08
N ALA A 132 13.29 -0.44 -22.40
CA ALA A 132 14.10 0.27 -21.41
C ALA A 132 13.30 1.32 -20.63
N ALA A 133 12.25 1.85 -21.25
CA ALA A 133 11.35 2.80 -20.60
C ALA A 133 10.61 2.11 -19.46
N ALA A 134 9.81 1.10 -19.83
CA ALA A 134 9.09 0.24 -18.90
C ALA A 134 9.93 -0.17 -17.71
N LEU A 135 11.20 -0.41 -17.95
CA LEU A 135 12.06 -0.94 -16.91
C LEU A 135 12.72 0.17 -16.09
N ALA A 136 12.70 1.39 -16.61
CA ALA A 136 13.14 2.55 -15.83
C ALA A 136 12.21 2.79 -14.64
N GLU A 137 11.02 2.22 -14.67
CA GLU A 137 10.07 2.37 -13.58
C GLU A 137 10.65 1.90 -12.25
N PRO A 138 10.73 2.80 -11.26
CA PRO A 138 11.25 2.39 -9.96
C PRO A 138 10.28 1.43 -9.27
N ASP A 139 10.73 0.75 -8.22
CA ASP A 139 9.92 -0.28 -7.56
C ASP A 139 9.42 -1.36 -8.52
N LEU A 140 10.17 -1.60 -9.58
CA LEU A 140 9.82 -2.61 -10.56
C LEU A 140 9.77 -3.97 -9.87
N ALA A 141 8.60 -4.61 -9.88
CA ALA A 141 8.45 -5.88 -9.16
C ALA A 141 8.34 -7.09 -10.08
N LEU A 142 7.67 -6.89 -11.22
CA LEU A 142 7.24 -8.00 -12.04
C LEU A 142 7.12 -7.52 -13.48
N VAL A 143 7.65 -8.30 -14.42
CA VAL A 143 7.48 -7.97 -15.83
C VAL A 143 6.64 -9.09 -16.43
N TRP A 144 5.48 -8.73 -16.96
CA TRP A 144 4.47 -9.71 -17.36
C TRP A 144 4.41 -9.78 -18.86
N ILE A 145 4.90 -10.89 -19.41
CA ILE A 145 4.95 -11.09 -20.85
C ILE A 145 3.91 -12.12 -21.30
N GLU A 146 2.91 -11.68 -22.04
CA GLU A 146 2.02 -12.63 -22.70
C GLU A 146 2.47 -12.71 -24.16
N THR A 147 2.99 -13.87 -24.57
CA THR A 147 3.48 -14.01 -25.93
C THR A 147 3.13 -15.38 -26.51
N PRO A 148 2.64 -15.42 -27.76
CA PRO A 148 2.27 -14.27 -28.61
C PRO A 148 1.05 -13.54 -28.02
N THR A 149 0.77 -12.32 -28.47
CA THR A 149 -0.36 -11.58 -27.92
C THR A 149 -1.61 -11.91 -28.73
N ASN A 150 -2.77 -11.87 -28.08
CA ASN A 150 -4.00 -12.35 -28.68
C ASN A 150 -4.96 -11.17 -28.73
N PRO A 151 -5.57 -10.89 -29.90
CA PRO A 151 -5.66 -11.69 -31.13
C PRO A 151 -4.87 -11.19 -32.33
N LEU A 152 -3.87 -10.32 -32.14
CA LEU A 152 -3.09 -9.82 -33.27
C LEU A 152 -1.77 -10.56 -33.44
N LEU A 153 -1.50 -11.48 -32.52
CA LEU A 153 -0.41 -12.45 -32.70
C LEU A 153 0.97 -11.80 -32.72
N THR A 154 1.14 -10.73 -31.95
CA THR A 154 2.45 -10.11 -31.81
C THR A 154 3.28 -10.92 -30.82
N VAL A 155 4.60 -10.75 -30.90
CA VAL A 155 5.52 -11.58 -30.13
C VAL A 155 6.49 -10.72 -29.34
N VAL A 156 6.83 -11.17 -28.13
CA VAL A 156 7.80 -10.51 -27.29
C VAL A 156 9.05 -11.37 -27.22
N ASP A 157 10.22 -10.74 -27.34
CA ASP A 157 11.50 -11.41 -27.19
C ASP A 157 11.75 -11.68 -25.71
N VAL A 158 11.47 -12.90 -25.28
CA VAL A 158 11.56 -13.25 -23.85
C VAL A 158 12.98 -13.13 -23.28
N ALA A 159 13.99 -13.63 -24.01
CA ALA A 159 15.36 -13.57 -23.55
C ALA A 159 15.82 -12.12 -23.38
N GLU A 160 15.56 -11.31 -24.39
CA GLU A 160 15.93 -9.90 -24.38
C GLU A 160 15.25 -9.14 -23.24
N VAL A 161 13.94 -9.33 -23.08
CA VAL A 161 13.20 -8.65 -22.03
C VAL A 161 13.64 -9.15 -20.65
N SER A 162 13.81 -10.46 -20.51
CA SER A 162 14.31 -11.05 -19.27
C SER A 162 15.70 -10.54 -18.90
N ARG A 163 16.58 -10.44 -19.89
CA ARG A 163 17.93 -9.92 -19.66
C ARG A 163 17.86 -8.54 -19.01
N ARG A 164 17.18 -7.62 -19.68
CA ARG A 164 17.01 -6.25 -19.21
C ARG A 164 16.45 -6.25 -17.79
N ALA A 165 15.27 -6.84 -17.62
CA ALA A 165 14.53 -6.81 -16.36
C ALA A 165 15.33 -7.35 -15.17
N HIS A 166 16.14 -8.37 -15.41
CA HIS A 166 16.94 -8.95 -14.33
C HIS A 166 18.02 -7.98 -13.83
N GLU A 167 18.51 -7.10 -14.71
CA GLU A 167 19.45 -6.07 -14.27
C GLU A 167 18.79 -5.20 -13.21
N ARG A 168 17.50 -4.95 -13.40
CA ARG A 168 16.70 -4.25 -12.40
C ARG A 168 16.41 -5.14 -11.18
N GLY A 169 16.68 -6.43 -11.30
CA GLY A 169 16.32 -7.37 -10.25
C GLY A 169 14.83 -7.69 -10.18
N ALA A 170 14.15 -7.67 -11.32
CA ALA A 170 12.73 -7.99 -11.36
C ALA A 170 12.47 -9.47 -11.64
N ARG A 171 11.28 -9.96 -11.26
CA ARG A 171 10.86 -11.30 -11.63
C ARG A 171 10.08 -11.23 -12.95
N VAL A 172 10.41 -12.12 -13.88
CA VAL A 172 9.75 -12.13 -15.18
C VAL A 172 8.86 -13.36 -15.35
N VAL A 173 7.59 -13.12 -15.64
CA VAL A 173 6.67 -14.22 -15.94
C VAL A 173 6.21 -14.17 -17.40
N VAL A 174 6.08 -15.34 -18.01
CA VAL A 174 5.54 -15.46 -19.35
C VAL A 174 4.24 -16.24 -19.31
N ASP A 175 3.14 -15.60 -19.69
CA ASP A 175 1.89 -16.33 -19.88
C ASP A 175 2.10 -17.14 -21.14
N ASN A 176 2.28 -18.44 -20.95
CA ASN A 176 2.69 -19.33 -22.03
C ASN A 176 1.53 -20.22 -22.49
N THR A 177 0.31 -19.83 -22.11
CA THR A 177 -0.90 -20.59 -22.47
C THR A 177 -1.02 -20.84 -23.98
N PHE A 178 -0.77 -19.78 -24.74
CA PHE A 178 -0.89 -19.78 -26.19
C PHE A 178 0.05 -20.83 -26.78
N ALA A 179 1.32 -20.75 -26.43
CA ALA A 179 2.30 -21.64 -27.02
C ALA A 179 2.25 -23.06 -26.47
N SER A 180 2.06 -23.20 -25.16
CA SER A 180 2.30 -24.45 -24.42
C SER A 180 3.81 -24.81 -24.37
N PRO A 181 4.22 -25.64 -23.39
CA PRO A 181 5.64 -26.03 -23.30
C PRO A 181 6.15 -26.86 -24.49
N VAL A 182 5.28 -27.37 -25.35
CA VAL A 182 5.77 -28.02 -26.58
C VAL A 182 6.33 -26.99 -27.57
N LEU A 183 5.86 -25.74 -27.50
CA LEU A 183 6.32 -24.73 -28.48
C LEU A 183 7.26 -23.66 -27.91
N GLN A 184 7.03 -23.26 -26.68
CA GLN A 184 7.90 -22.28 -26.05
C GLN A 184 8.30 -22.73 -24.66
N GLN A 185 9.56 -22.51 -24.31
CA GLN A 185 10.09 -22.84 -23.01
C GLN A 185 10.61 -21.56 -22.31
N PRO A 186 9.70 -20.82 -21.65
CA PRO A 186 10.02 -19.52 -21.05
C PRO A 186 11.15 -19.56 -20.04
N LEU A 187 11.18 -20.62 -19.23
CA LEU A 187 12.24 -20.74 -18.23
C LEU A 187 13.60 -20.82 -18.91
N ALA A 188 13.73 -21.66 -19.94
CA ALA A 188 15.00 -21.77 -20.65
C ALA A 188 15.33 -20.47 -21.37
N LEU A 189 14.29 -19.78 -21.84
CA LEU A 189 14.46 -18.53 -22.55
C LEU A 189 14.92 -17.39 -21.65
N GLY A 190 14.88 -17.60 -20.34
CA GLY A 190 15.38 -16.59 -19.41
C GLY A 190 14.37 -16.09 -18.39
N ALA A 191 13.11 -16.46 -18.57
CA ALA A 191 12.07 -16.07 -17.62
C ALA A 191 12.21 -16.79 -16.27
N ASP A 192 11.56 -16.25 -15.26
CA ASP A 192 11.54 -16.85 -13.93
C ASP A 192 10.37 -17.81 -13.69
N VAL A 193 9.27 -17.58 -14.41
CA VAL A 193 8.02 -18.29 -14.14
C VAL A 193 7.24 -18.57 -15.42
N SER A 194 6.79 -19.81 -15.60
CA SER A 194 5.82 -20.12 -16.65
C SER A 194 4.41 -20.13 -16.08
N LEU A 195 3.54 -19.31 -16.65
CA LEU A 195 2.13 -19.25 -16.26
C LEU A 195 1.23 -19.91 -17.31
N TYR A 196 0.30 -20.74 -16.86
CA TYR A 196 -0.63 -21.42 -17.77
C TYR A 196 -2.08 -21.41 -17.32
N SER A 197 -2.97 -21.21 -18.27
CA SER A 197 -4.30 -21.73 -18.16
C SER A 197 -4.28 -23.14 -18.75
N THR A 198 -4.28 -24.15 -17.89
CA THR A 198 -4.37 -25.54 -18.38
C THR A 198 -5.77 -25.87 -18.95
N THR A 199 -6.71 -24.95 -18.79
CA THR A 199 -8.02 -25.02 -19.45
C THR A 199 -7.88 -25.14 -20.98
N1 LLP A 200 -4.28 -16.43 -19.88
C2 LLP A 200 -4.54 -16.82 -21.13
C2' LLP A 200 -3.55 -16.52 -22.29
C3 LLP A 200 -5.73 -17.54 -21.40
O3 LLP A 200 -5.97 -17.95 -22.71
C4 LLP A 200 -6.64 -17.84 -20.38
C4' LLP A 200 -7.99 -18.69 -20.71
C5 LLP A 200 -6.36 -17.43 -19.11
C6 LLP A 200 -5.18 -16.72 -18.85
C5' LLP A 200 -7.32 -17.70 -17.91
OP4 LLP A 200 -7.38 -19.06 -17.61
P LLP A 200 -8.65 -19.67 -16.99
OP1 LLP A 200 -8.31 -21.15 -16.82
OP2 LLP A 200 -8.93 -19.02 -15.68
OP3 LLP A 200 -9.84 -19.45 -17.88
N LLP A 200 -6.75 -24.68 -21.50
CA LLP A 200 -6.56 -24.61 -22.97
CB LLP A 200 -5.90 -23.30 -23.33
CG LLP A 200 -6.49 -22.10 -22.55
CD LLP A 200 -8.02 -21.97 -22.60
CE LLP A 200 -8.53 -20.85 -21.65
NZ LLP A 200 -7.86 -19.54 -21.87
C LLP A 200 -5.91 -25.85 -23.53
O LLP A 200 -6.51 -26.90 -23.44
N SER A 201 -4.70 -25.77 -24.08
CA SER A 201 -4.12 -26.94 -24.77
C SER A 201 -3.59 -28.08 -23.88
N ILE A 202 -3.15 -27.77 -22.67
CA ILE A 202 -2.62 -28.81 -21.77
C ILE A 202 -3.66 -29.89 -21.46
N ALA A 203 -4.80 -29.50 -20.89
CA ALA A 203 -5.89 -30.45 -20.73
C ALA A 203 -6.49 -30.85 -22.10
N GLY A 204 -6.71 -29.86 -22.98
CA GLY A 204 -6.97 -30.14 -24.38
C GLY A 204 -8.37 -30.57 -24.83
N HIS A 205 -9.26 -30.93 -23.90
CA HIS A 205 -10.52 -31.58 -24.27
C HIS A 205 -11.72 -30.74 -23.85
N ALA A 206 -11.42 -29.49 -23.48
CA ALA A 206 -12.43 -28.48 -23.20
C ALA A 206 -13.47 -28.96 -22.20
N ASP A 207 -13.01 -29.69 -21.18
CA ASP A 207 -13.90 -30.25 -20.17
C ASP A 207 -13.37 -30.16 -18.72
N VAL A 208 -12.38 -29.29 -18.50
CA VAL A 208 -11.86 -29.07 -17.14
C VAL A 208 -11.15 -27.70 -17.06
N LEU A 209 -11.45 -26.94 -16.00
CA LEU A 209 -10.75 -25.67 -15.77
C LEU A 209 -9.54 -25.93 -14.90
N GLY A 210 -8.48 -25.16 -15.12
CA GLY A 210 -7.31 -25.29 -14.26
C GLY A 210 -6.19 -24.33 -14.64
N GLY A 211 -5.28 -24.09 -13.71
CA GLY A 211 -4.12 -23.29 -14.00
C GLY A 211 -2.86 -23.91 -13.43
N ALA A 212 -1.73 -23.28 -13.69
CA ALA A 212 -0.47 -23.77 -13.17
C ALA A 212 0.61 -22.70 -13.26
N LEU A 213 1.57 -22.78 -12.35
CA LEU A 213 2.79 -22.02 -12.40
C LEU A 213 3.94 -23.02 -12.33
N VAL A 214 4.98 -22.79 -13.15
CA VAL A 214 6.18 -23.60 -13.13
C VAL A 214 7.37 -22.63 -13.06
N TYR A 215 8.38 -22.97 -12.26
CA TYR A 215 9.40 -21.99 -11.86
C TYR A 215 10.55 -22.66 -11.11
N ARG A 216 11.56 -21.86 -10.75
CA ARG A 216 12.82 -22.33 -10.17
C ARG A 216 13.09 -22.02 -8.70
N ASP A 217 12.66 -20.85 -8.22
CA ASP A 217 13.10 -20.37 -6.90
C ASP A 217 12.35 -20.98 -5.73
N ALA A 218 13.09 -21.39 -4.71
CA ALA A 218 12.51 -22.01 -3.51
C ALA A 218 11.59 -21.05 -2.75
N ASP A 219 12.06 -19.83 -2.54
CA ASP A 219 11.31 -18.83 -1.76
C ASP A 219 9.99 -18.52 -2.45
N LEU A 220 10.06 -18.42 -3.77
CA LEU A 220 8.88 -18.23 -4.58
C LEU A 220 7.92 -19.42 -4.37
N HIS A 221 8.50 -20.63 -4.41
CA HIS A 221 7.73 -21.85 -4.19
C HIS A 221 7.02 -21.80 -2.85
N ALA A 222 7.77 -21.50 -1.79
CA ALA A 222 7.17 -21.45 -0.45
C ALA A 222 6.04 -20.42 -0.41
N ALA A 223 6.26 -19.25 -1.00
CA ALA A 223 5.26 -18.20 -1.04
C ALA A 223 4.05 -18.54 -1.90
N VAL A 224 4.28 -19.20 -3.03
CA VAL A 224 3.19 -19.62 -3.90
C VAL A 224 2.32 -20.66 -3.19
N ARG A 225 2.95 -21.59 -2.48
CA ARG A 225 2.21 -22.61 -1.74
C ARG A 225 1.48 -22.03 -0.53
N ALA A 226 2.09 -21.07 0.16
CA ALA A 226 1.44 -20.46 1.32
C ALA A 226 0.17 -19.72 0.89
N TYR A 227 0.23 -19.03 -0.23
CA TYR A 227 -0.95 -18.30 -0.72
C TYR A 227 -2.06 -19.26 -1.15
N ARG A 228 -1.72 -20.29 -1.92
CA ARG A 228 -2.71 -21.23 -2.40
C ARG A 228 -3.44 -21.90 -1.23
N THR A 229 -2.68 -22.24 -0.19
CA THR A 229 -3.27 -22.84 1.01
C THR A 229 -4.26 -21.89 1.68
N THR A 230 -3.91 -20.60 1.73
CA THR A 230 -4.71 -19.62 2.44
C THR A 230 -5.85 -19.11 1.58
N ALA A 231 -5.56 -18.85 0.30
CA ALA A 231 -6.59 -18.42 -0.63
C ALA A 231 -7.52 -19.58 -0.98
N GLY A 232 -7.00 -20.80 -0.92
CA GLY A 232 -7.81 -21.99 -1.14
C GLY A 232 -8.25 -22.15 -2.59
N ASN A 233 -7.46 -21.58 -3.49
CA ASN A 233 -7.77 -21.64 -4.92
C ASN A 233 -7.14 -22.88 -5.53
N VAL A 234 -7.41 -24.04 -4.90
CA VAL A 234 -6.83 -25.31 -5.32
C VAL A 234 -7.81 -26.10 -6.18
N PRO A 235 -7.29 -26.89 -7.13
CA PRO A 235 -8.15 -27.83 -7.88
C PRO A 235 -8.43 -29.11 -7.09
N GLY A 236 -9.55 -29.77 -7.37
CA GLY A 236 -9.79 -31.09 -6.82
C GLY A 236 -9.06 -32.19 -7.58
N ALA A 237 -8.92 -33.35 -6.97
CA ALA A 237 -8.16 -34.43 -7.57
C ALA A 237 -8.78 -34.89 -8.90
N LEU A 238 -10.11 -34.85 -8.98
CA LEU A 238 -10.79 -35.22 -10.22
C LEU A 238 -10.49 -34.16 -11.29
N ASP A 239 -10.41 -32.90 -10.87
CA ASP A 239 -9.97 -31.83 -11.77
C ASP A 239 -8.55 -32.17 -12.30
N CYS A 240 -7.68 -32.62 -11.40
CA CYS A 240 -6.29 -32.85 -11.77
C CYS A 240 -6.12 -34.13 -12.60
N PHE A 241 -6.96 -35.14 -12.35
CA PHE A 241 -6.92 -36.38 -13.15
C PHE A 241 -7.15 -36.11 -14.64
N LEU A 242 -8.13 -35.26 -14.95
CA LEU A 242 -8.45 -34.97 -16.36
C LEU A 242 -7.39 -34.10 -17.08
N VAL A 243 -6.79 -33.15 -16.36
CA VAL A 243 -5.66 -32.42 -16.94
C VAL A 243 -4.47 -33.37 -17.20
N ARG A 244 -4.16 -34.23 -16.22
CA ARG A 244 -3.07 -35.19 -16.35
C ARG A 244 -3.34 -36.11 -17.53
N ARG A 245 -4.60 -36.51 -17.68
CA ARG A 245 -4.95 -37.45 -18.74
C ARG A 245 -4.84 -36.82 -20.12
N GLY A 246 -5.36 -35.59 -20.24
CA GLY A 246 -5.32 -34.88 -21.51
C GLY A 246 -3.89 -34.57 -21.91
N LEU A 247 -3.08 -34.21 -20.91
CA LEU A 247 -1.67 -33.92 -21.07
C LEU A 247 -0.86 -35.01 -21.77
N HIS A 248 -1.29 -36.26 -21.66
CA HIS A 248 -0.58 -37.38 -22.33
C HIS A 248 -0.36 -37.10 -23.82
N THR A 249 -1.40 -36.58 -24.46
CA THR A 249 -1.40 -36.42 -25.90
C THR A 249 -1.00 -35.01 -26.37
N LEU A 250 -0.46 -34.18 -25.45
CA LEU A 250 -0.19 -32.77 -25.74
C LEU A 250 0.62 -32.51 -27.01
N SER A 251 1.76 -33.16 -27.18
CA SER A 251 2.56 -32.83 -28.35
C SER A 251 1.92 -33.37 -29.63
N LEU A 252 1.32 -34.56 -29.54
CA LEU A 252 0.55 -35.08 -30.66
C LEU A 252 -0.51 -34.07 -31.13
N ARG A 253 -1.30 -33.57 -30.19
CA ARG A 253 -2.38 -32.62 -30.52
C ARG A 253 -1.84 -31.31 -31.07
N VAL A 254 -0.86 -30.72 -30.38
CA VAL A 254 -0.23 -29.49 -30.86
C VAL A 254 0.35 -29.66 -32.27
N HIS A 255 1.16 -30.70 -32.50
CA HIS A 255 1.78 -30.85 -33.82
C HIS A 255 0.73 -31.05 -34.94
N ARG A 256 -0.43 -31.60 -34.60
CA ARG A 256 -1.54 -31.66 -35.54
C ARG A 256 -2.15 -30.27 -35.75
N GLN A 257 -2.41 -29.58 -34.64
CA GLN A 257 -3.03 -28.27 -34.68
C GLN A 257 -2.20 -27.28 -35.51
N VAL A 258 -0.87 -27.35 -35.34
CA VAL A 258 0.04 -26.47 -36.08
C VAL A 258 -0.01 -26.73 -37.58
N ALA A 259 0.06 -28.00 -37.95
CA ALA A 259 0.05 -28.41 -39.34
C ALA A 259 -1.23 -27.91 -40.03
N THR A 260 -2.35 -28.02 -39.33
CA THR A 260 -3.62 -27.56 -39.88
C THR A 260 -3.68 -26.03 -39.92
N ALA A 261 -3.18 -25.38 -38.87
CA ALA A 261 -3.08 -23.93 -38.85
C ALA A 261 -2.39 -23.41 -40.10
N ARG A 262 -1.26 -24.02 -40.43
CA ARG A 262 -0.52 -23.62 -41.61
C ARG A 262 -1.35 -23.81 -42.89
N VAL A 263 -2.12 -24.90 -42.96
CA VAL A 263 -3.04 -25.11 -44.09
C VAL A 263 -4.09 -23.98 -44.21
N LEU A 264 -4.78 -23.65 -43.11
CA LEU A 264 -5.82 -22.63 -43.14
C LEU A 264 -5.24 -21.25 -43.48
N VAL A 265 -4.02 -20.99 -43.05
CA VAL A 265 -3.32 -19.74 -43.38
C VAL A 265 -3.21 -19.51 -44.90
N GLU A 266 -2.75 -20.51 -45.65
CA GLU A 266 -2.68 -20.35 -47.10
C GLU A 266 -4.07 -20.18 -47.72
N ARG A 267 -5.07 -20.90 -47.20
CA ARG A 267 -6.43 -20.70 -47.66
C ARG A 267 -6.94 -19.28 -47.43
N LEU A 268 -6.57 -18.68 -46.31
CA LEU A 268 -6.96 -17.31 -46.02
C LEU A 268 -6.24 -16.31 -46.94
N ARG A 269 -4.96 -16.55 -47.19
CA ARG A 269 -4.15 -15.66 -48.02
C ARG A 269 -4.60 -15.68 -49.47
N ALA A 270 -5.29 -16.73 -49.86
CA ALA A 270 -5.76 -16.89 -51.23
C ALA A 270 -7.18 -16.36 -51.44
N SER A 271 -7.92 -16.19 -50.35
CA SER A 271 -9.31 -15.79 -50.45
C SER A 271 -9.48 -14.29 -50.78
N PRO A 272 -10.34 -14.01 -51.76
CA PRO A 272 -10.62 -12.62 -52.19
C PRO A 272 -11.53 -11.89 -51.23
N VAL A 273 -12.06 -12.58 -50.22
CA VAL A 273 -12.86 -11.89 -49.21
C VAL A 273 -12.10 -11.80 -47.89
N VAL A 274 -10.78 -11.96 -47.96
CA VAL A 274 -9.92 -11.79 -46.81
C VAL A 274 -8.85 -10.75 -47.11
N GLY A 275 -8.64 -9.82 -46.16
CA GLY A 275 -7.58 -8.84 -46.28
C GLY A 275 -6.32 -9.31 -45.56
N ALA A 276 -5.99 -8.60 -44.48
CA ALA A 276 -4.83 -8.94 -43.67
C ALA A 276 -5.02 -10.30 -43.02
N VAL A 277 -3.97 -11.10 -43.05
CA VAL A 277 -3.95 -12.35 -42.31
C VAL A 277 -2.86 -12.23 -41.25
N HIS A 278 -3.08 -12.84 -40.08
CA HIS A 278 -2.06 -12.86 -39.04
C HIS A 278 -1.74 -14.29 -38.65
N TYR A 279 -0.45 -14.56 -38.49
CA TYR A 279 0.05 -15.85 -38.02
C TYR A 279 1.52 -15.67 -37.69
N PRO A 280 1.94 -16.13 -36.51
CA PRO A 280 3.34 -15.98 -36.10
C PRO A 280 4.32 -16.55 -37.13
N GLY A 281 3.90 -17.60 -37.84
CA GLY A 281 4.76 -18.30 -38.76
C GLY A 281 4.82 -17.77 -40.18
N LEU A 282 4.09 -16.71 -40.49
CA LEU A 282 4.27 -16.07 -41.81
C LEU A 282 5.66 -15.44 -41.86
N PRO A 283 6.43 -15.75 -42.91
CA PRO A 283 7.83 -15.30 -42.99
C PRO A 283 7.90 -13.90 -43.54
N GLU A 284 7.73 -12.90 -42.68
CA GLU A 284 7.28 -11.55 -43.04
C GLU A 284 6.53 -10.98 -41.83
N HIS A 285 6.16 -11.85 -40.90
CA HIS A 285 5.64 -11.47 -39.59
C HIS A 285 6.60 -10.43 -39.01
N PRO A 286 6.07 -9.42 -38.31
CA PRO A 286 6.92 -8.30 -37.88
C PRO A 286 8.08 -8.78 -37.00
N GLN A 287 7.87 -9.85 -36.27
CA GLN A 287 8.92 -10.35 -35.38
C GLN A 287 9.36 -11.78 -35.74
N HIS A 288 9.51 -12.02 -37.05
CA HIS A 288 9.83 -13.36 -37.53
C HIS A 288 11.13 -13.89 -36.93
N ALA A 289 12.12 -13.02 -36.82
CA ALA A 289 13.41 -13.39 -36.24
C ALA A 289 13.22 -13.86 -34.80
N VAL A 290 12.38 -13.12 -34.05
CA VAL A 290 12.08 -13.50 -32.69
C VAL A 290 11.31 -14.83 -32.63
N VAL A 291 10.27 -14.95 -33.47
CA VAL A 291 9.51 -16.20 -33.53
C VAL A 291 10.43 -17.39 -33.81
N LYS A 292 11.26 -17.26 -34.83
CA LYS A 292 12.17 -18.32 -35.19
C LYS A 292 13.08 -18.72 -34.02
N ALA A 293 13.44 -17.76 -33.18
CA ALA A 293 14.39 -18.01 -32.10
C ALA A 293 13.73 -18.59 -30.84
N GLN A 294 12.46 -18.24 -30.61
CA GLN A 294 11.77 -18.56 -29.36
C GLN A 294 10.84 -19.75 -29.45
N MSE A 295 10.36 -20.06 -30.64
CA MSE A 295 9.30 -21.05 -30.71
C MSE A 295 9.45 -22.12 -31.78
O MSE A 295 9.53 -21.83 -32.96
CB MSE A 295 7.94 -20.35 -30.76
CG MSE A 295 7.55 -19.93 -29.36
SE MSE A 295 7.61 -18.05 -29.24
CE MSE A 295 6.17 -17.97 -30.70
N SER A 296 9.48 -23.37 -31.32
CA SER A 296 9.78 -24.48 -32.20
C SER A 296 8.76 -24.54 -33.34
N ALA A 297 7.52 -24.18 -33.03
CA ALA A 297 6.47 -24.01 -34.04
C ALA A 297 5.65 -22.74 -33.71
N PRO A 298 4.91 -22.19 -34.69
CA PRO A 298 4.40 -20.86 -34.40
C PRO A 298 3.01 -20.84 -33.72
N GLY A 299 2.43 -22.02 -33.48
CA GLY A 299 1.16 -22.09 -32.79
C GLY A 299 0.00 -22.47 -33.69
N ALA A 300 -1.20 -22.48 -33.11
CA ALA A 300 -2.39 -23.00 -33.77
C ALA A 300 -3.50 -21.99 -33.78
N ILE A 301 -3.15 -20.72 -33.53
CA ILE A 301 -4.12 -19.65 -33.53
C ILE A 301 -3.89 -18.81 -34.76
N VAL A 302 -4.98 -18.45 -35.43
CA VAL A 302 -4.92 -17.64 -36.63
C VAL A 302 -6.02 -16.60 -36.60
N SER A 303 -5.65 -15.35 -36.81
CA SER A 303 -6.63 -14.30 -37.00
C SER A 303 -6.55 -13.80 -38.43
N PHE A 304 -7.65 -13.27 -38.93
CA PHE A 304 -7.65 -12.67 -40.26
C PHE A 304 -8.71 -11.59 -40.32
N ASP A 305 -8.64 -10.78 -41.37
CA ASP A 305 -9.55 -9.67 -41.51
C ASP A 305 -10.57 -9.91 -42.60
N TYR A 306 -11.82 -10.08 -42.20
CA TYR A 306 -12.88 -10.41 -43.13
C TYR A 306 -13.36 -9.16 -43.86
N LEU A 307 -13.54 -9.27 -45.18
CA LEU A 307 -13.93 -8.13 -45.98
C LEU A 307 -15.31 -8.28 -46.60
N GLY A 308 -15.87 -9.49 -46.58
CA GLY A 308 -17.06 -9.75 -47.36
C GLY A 308 -18.36 -9.92 -46.60
N GLY A 309 -18.92 -8.82 -46.07
CA GLY A 309 -20.15 -8.88 -45.33
C GLY A 309 -19.98 -8.80 -43.82
N PRO A 310 -21.09 -8.62 -43.07
CA PRO A 310 -21.04 -8.50 -41.61
C PRO A 310 -20.51 -9.74 -40.90
N ALA A 311 -19.62 -9.52 -39.94
CA ALA A 311 -18.97 -10.61 -39.22
C ALA A 311 -19.95 -11.64 -38.64
N GLU A 312 -21.07 -11.18 -38.08
CA GLU A 312 -22.05 -12.11 -37.50
C GLU A 312 -22.62 -13.10 -38.54
N ARG A 313 -22.76 -12.65 -39.78
CA ARG A 313 -23.20 -13.56 -40.83
C ARG A 313 -22.10 -14.58 -41.16
N LEU A 314 -20.85 -14.15 -41.20
CA LEU A 314 -19.74 -15.09 -41.39
C LEU A 314 -19.78 -16.18 -40.32
N LEU A 315 -19.90 -15.76 -39.06
CA LEU A 315 -20.02 -16.69 -37.94
C LEU A 315 -21.22 -17.63 -38.12
N ASP A 316 -22.31 -17.11 -38.65
CA ASP A 316 -23.53 -17.87 -38.87
C ASP A 316 -23.40 -18.95 -39.95
N ARG A 317 -22.35 -18.91 -40.76
CA ARG A 317 -22.22 -19.88 -41.86
C ARG A 317 -21.28 -21.09 -41.58
N PHE A 318 -20.50 -21.03 -40.51
CA PHE A 318 -19.67 -22.19 -40.15
C PHE A 318 -20.54 -23.40 -39.80
N THR A 319 -20.13 -24.58 -40.24
CA THR A 319 -20.81 -25.82 -39.86
C THR A 319 -19.89 -26.82 -39.15
N LEU A 320 -18.62 -26.48 -39.00
CA LEU A 320 -17.68 -27.38 -38.34
C LEU A 320 -16.96 -26.68 -37.19
N PHE A 321 -16.32 -25.55 -37.46
CA PHE A 321 -15.87 -24.66 -36.38
C PHE A 321 -17.06 -24.32 -35.50
N THR A 322 -16.85 -24.21 -34.19
CA THR A 322 -17.90 -23.80 -33.27
C THR A 322 -17.71 -22.34 -32.89
N CYS A 323 -18.80 -21.57 -32.94
CA CYS A 323 -18.75 -20.18 -32.49
C CYS A 323 -18.74 -20.19 -30.97
N GLY A 324 -17.58 -19.93 -30.39
CA GLY A 324 -17.41 -19.95 -28.95
C GLY A 324 -16.01 -19.54 -28.60
N VAL A 325 -15.79 -19.17 -27.34
CA VAL A 325 -14.44 -18.78 -26.92
C VAL A 325 -13.76 -19.95 -26.25
N SER A 326 -12.60 -19.66 -25.68
CA SER A 326 -11.59 -20.61 -25.22
C SER A 326 -10.74 -20.97 -26.42
N LEU A 327 -9.64 -21.66 -26.20
CA LEU A 327 -8.75 -22.03 -27.28
C LEU A 327 -8.03 -23.28 -26.87
N GLY A 328 -7.37 -23.93 -27.83
CA GLY A 328 -6.47 -25.03 -27.56
C GLY A 328 -7.13 -26.39 -27.48
N GLY A 329 -8.46 -26.43 -27.59
CA GLY A 329 -9.19 -27.68 -27.51
C GLY A 329 -9.18 -28.50 -28.80
N VAL A 330 -9.59 -29.76 -28.69
CA VAL A 330 -9.61 -30.66 -29.85
C VAL A 330 -10.64 -30.21 -30.88
N HIS A 331 -11.71 -29.56 -30.42
CA HIS A 331 -12.70 -28.97 -31.33
C HIS A 331 -12.24 -27.59 -31.79
N SER A 332 -12.24 -27.36 -33.11
CA SER A 332 -11.91 -26.05 -33.62
C SER A 332 -12.97 -25.04 -33.24
N LEU A 333 -12.54 -23.82 -32.94
CA LEU A 333 -13.45 -22.77 -32.53
C LEU A 333 -13.20 -21.52 -33.37
N VAL A 334 -14.22 -20.67 -33.49
CA VAL A 334 -14.07 -19.40 -34.16
C VAL A 334 -14.78 -18.36 -33.31
N GLU A 335 -14.26 -17.14 -33.30
CA GLU A 335 -14.97 -16.05 -32.65
C GLU A 335 -14.69 -14.73 -33.33
N CYS A 336 -15.46 -13.71 -32.98
CA CYS A 336 -15.18 -12.34 -33.45
C CYS A 336 -14.89 -11.46 -32.26
N PRO A 337 -13.63 -11.05 -32.10
CA PRO A 337 -13.19 -10.17 -31.02
C PRO A 337 -14.18 -9.04 -30.75
N ALA A 338 -14.56 -8.32 -31.80
CA ALA A 338 -15.47 -7.19 -31.64
C ALA A 338 -16.85 -7.64 -31.17
N LEU A 339 -17.30 -8.80 -31.63
CA LEU A 339 -18.58 -9.35 -31.21
C LEU A 339 -18.50 -10.04 -29.84
N MSE A 340 -17.42 -10.81 -29.63
CA MSE A 340 -17.26 -11.61 -28.41
C MSE A 340 -16.21 -11.03 -27.45
O MSE A 340 -16.46 -9.98 -26.90
CB MSE A 340 -16.89 -13.05 -28.75
CG MSE A 340 -17.95 -14.01 -28.31
SE MSE A 340 -17.19 -15.72 -28.29
CE MSE A 340 -18.29 -16.62 -26.90
N THR A 341 -15.09 -11.74 -27.27
CA THR A 341 -13.99 -11.35 -26.36
C THR A 341 -13.84 -9.86 -26.05
N HIS A 342 -13.69 -9.03 -27.09
CA HIS A 342 -13.26 -7.64 -26.89
C HIS A 342 -14.32 -6.58 -27.10
N ARG A 343 -15.55 -6.94 -26.73
CA ARG A 343 -16.65 -6.00 -26.73
C ARG A 343 -16.84 -5.23 -25.41
N PRO A 344 -16.42 -5.81 -24.25
CA PRO A 344 -16.36 -4.95 -23.06
C PRO A 344 -15.21 -3.97 -23.17
N LEU A 345 -14.57 -4.00 -24.32
CA LEU A 345 -13.41 -3.19 -24.63
C LEU A 345 -13.85 -2.09 -25.57
N SER A 346 -13.80 -0.82 -25.12
CA SER A 346 -14.47 0.33 -25.75
C SER A 346 -14.47 0.37 -27.28
N ALA A 347 -15.48 1.02 -27.83
CA ALA A 347 -15.73 0.96 -29.27
C ALA A 347 -14.48 1.34 -30.08
N GLU A 348 -14.11 2.61 -30.01
CA GLU A 348 -12.91 3.04 -30.73
C GLU A 348 -11.63 2.70 -29.97
N ALA A 349 -11.78 2.12 -28.77
CA ALA A 349 -10.60 1.56 -28.12
C ALA A 349 -10.05 0.52 -29.06
N ARG A 350 -10.95 -0.35 -29.54
CA ARG A 350 -10.56 -1.41 -30.46
C ARG A 350 -9.83 -0.84 -31.66
N ALA A 351 -10.30 0.31 -32.15
CA ALA A 351 -9.59 1.08 -33.17
C ALA A 351 -8.23 1.48 -32.63
N ARG A 352 -8.23 2.24 -31.53
CA ARG A 352 -7.00 2.66 -30.86
C ARG A 352 -6.15 1.46 -30.43
N ARG A 353 -6.72 0.25 -30.51
CA ARG A 353 -6.00 -0.96 -30.13
C ARG A 353 -5.94 -2.04 -31.23
N GLY A 354 -6.28 -1.65 -32.46
CA GLY A 354 -6.04 -2.50 -33.61
C GLY A 354 -7.18 -3.41 -34.02
N ILE A 355 -7.77 -4.09 -33.05
CA ILE A 355 -8.82 -5.07 -33.29
C ILE A 355 -9.99 -4.53 -34.14
N GLY A 356 -10.10 -5.04 -35.36
CA GLY A 356 -11.16 -4.61 -36.26
C GLY A 356 -12.50 -5.25 -35.95
N GLU A 357 -13.56 -4.60 -36.40
CA GLU A 357 -14.91 -5.13 -36.20
C GLU A 357 -15.13 -6.40 -36.99
N SER A 358 -14.37 -6.58 -38.08
CA SER A 358 -14.44 -7.80 -38.86
C SER A 358 -13.27 -8.75 -38.61
N LEU A 359 -12.37 -8.39 -37.70
CA LEU A 359 -11.29 -9.29 -37.34
C LEU A 359 -11.87 -10.59 -36.82
N ILE A 360 -11.45 -11.71 -37.40
CA ILE A 360 -11.93 -13.03 -37.05
C ILE A 360 -10.76 -13.87 -36.55
N ARG A 361 -10.95 -14.59 -35.44
CA ARG A 361 -9.89 -15.44 -34.89
C ARG A 361 -10.28 -16.90 -34.93
N LEU A 362 -9.33 -17.76 -35.30
CA LEU A 362 -9.56 -19.20 -35.30
C LEU A 362 -8.72 -19.90 -34.25
N SER A 363 -9.36 -20.84 -33.54
CA SER A 363 -8.65 -21.78 -32.68
C SER A 363 -8.68 -23.15 -33.35
N VAL A 364 -7.53 -23.63 -33.80
CA VAL A 364 -7.50 -24.86 -34.59
C VAL A 364 -7.45 -26.12 -33.73
N GLY A 365 -8.41 -27.01 -33.98
CA GLY A 365 -8.47 -28.30 -33.29
C GLY A 365 -7.81 -29.41 -34.09
N ILE A 366 -8.16 -30.65 -33.79
CA ILE A 366 -7.49 -31.78 -34.41
C ILE A 366 -8.36 -32.54 -35.42
N GLU A 367 -9.34 -31.85 -36.00
CA GLU A 367 -10.14 -32.39 -37.10
C GLU A 367 -9.28 -32.66 -38.35
N ASP A 368 -9.87 -33.30 -39.37
CA ASP A 368 -9.20 -33.38 -40.67
C ASP A 368 -8.98 -31.98 -41.23
N PRO A 369 -7.76 -31.69 -41.69
CA PRO A 369 -7.44 -30.36 -42.19
C PRO A 369 -8.32 -29.97 -43.39
N GLN A 370 -8.73 -30.96 -44.19
CA GLN A 370 -9.55 -30.66 -45.35
C GLN A 370 -11.02 -30.37 -45.00
N ASP A 371 -11.56 -31.08 -44.01
CA ASP A 371 -12.88 -30.75 -43.49
C ASP A 371 -12.88 -29.32 -42.93
N LEU A 372 -11.81 -28.94 -42.22
CA LEU A 372 -11.73 -27.58 -41.68
C LEU A 372 -11.55 -26.54 -42.80
N ALA A 373 -10.66 -26.81 -43.76
CA ALA A 373 -10.45 -25.91 -44.87
C ALA A 373 -11.74 -25.73 -45.69
N GLU A 374 -12.41 -26.82 -45.98
CA GLU A 374 -13.65 -26.74 -46.74
C GLU A 374 -14.73 -25.96 -45.97
N ASP A 375 -14.84 -26.15 -44.66
CA ASP A 375 -15.80 -25.37 -43.86
C ASP A 375 -15.48 -23.86 -43.88
N LEU A 376 -14.23 -23.53 -43.57
CA LEU A 376 -13.76 -22.15 -43.56
C LEU A 376 -13.99 -21.48 -44.91
N SER A 377 -13.49 -22.11 -45.96
CA SER A 377 -13.65 -21.58 -47.29
C SER A 377 -15.14 -21.49 -47.68
N ARG A 378 -15.94 -22.43 -47.18
CA ARG A 378 -17.39 -22.42 -47.46
C ARG A 378 -18.10 -21.31 -46.68
N ALA A 379 -17.61 -21.01 -45.49
CA ALA A 379 -18.13 -19.90 -44.71
C ALA A 379 -17.75 -18.53 -45.32
N LEU A 380 -16.51 -18.41 -45.77
CA LEU A 380 -16.05 -17.16 -46.39
C LEU A 380 -16.88 -16.76 -47.61
N ALA A 381 -17.34 -17.75 -48.37
CA ALA A 381 -18.15 -17.51 -49.57
C ALA A 381 -17.52 -16.53 -50.55
N GLY A 382 -16.19 -16.58 -50.68
CA GLY A 382 -15.52 -15.82 -51.72
C GLY A 382 -15.07 -16.73 -52.84
N GLY B 6 -41.99 -22.93 0.32
CA GLY B 6 -42.92 -23.51 1.27
C GLY B 6 -42.40 -24.84 1.82
N MSE B 7 -42.07 -25.74 0.90
CA MSE B 7 -41.87 -27.11 1.30
C MSE B 7 -40.68 -27.37 2.20
O MSE B 7 -39.74 -26.56 2.24
CB MSE B 7 -41.93 -27.94 0.07
CG MSE B 7 -43.44 -27.62 -0.49
SE MSE B 7 -44.71 -29.04 0.10
CE MSE B 7 -46.12 -27.59 0.31
N ARG B 8 -40.77 -28.45 2.96
CA ARG B 8 -39.95 -28.61 4.16
C ARG B 8 -38.48 -28.89 3.87
N PHE B 9 -37.70 -29.17 4.91
CA PHE B 9 -36.25 -29.17 4.75
C PHE B 9 -35.66 -30.33 3.94
N GLY B 10 -36.03 -31.56 4.29
CA GLY B 10 -35.52 -32.74 3.60
C GLY B 10 -35.91 -32.78 2.13
N THR B 11 -37.05 -32.18 1.80
CA THR B 11 -37.50 -32.12 0.42
C THR B 11 -36.60 -31.17 -0.39
N ARG B 12 -36.35 -29.99 0.16
CA ARG B 12 -35.45 -29.00 -0.44
C ARG B 12 -34.07 -29.56 -0.70
N LEU B 13 -33.60 -30.44 0.19
CA LEU B 13 -32.28 -31.04 0.01
C LEU B 13 -32.26 -31.93 -1.24
N VAL B 14 -33.32 -32.72 -1.43
CA VAL B 14 -33.37 -33.64 -2.56
C VAL B 14 -33.70 -32.94 -3.88
N HIS B 15 -34.59 -31.95 -3.84
CA HIS B 15 -35.11 -31.35 -5.07
C HIS B 15 -34.68 -29.92 -5.40
N GLY B 16 -34.06 -29.22 -4.45
CA GLY B 16 -33.61 -27.86 -4.71
C GLY B 16 -32.57 -27.88 -5.82
N GLY B 17 -32.74 -27.05 -6.84
CA GLY B 17 -31.78 -26.99 -7.94
C GLY B 17 -31.94 -28.04 -9.03
N ARG B 18 -32.84 -28.99 -8.85
CA ARG B 18 -32.85 -30.15 -9.76
C ARG B 18 -33.50 -29.78 -11.10
N ARG B 19 -32.84 -28.89 -11.86
CA ARG B 19 -33.47 -28.28 -13.04
C ARG B 19 -33.91 -29.38 -14.00
N PRO B 20 -35.20 -29.41 -14.28
CA PRO B 20 -35.82 -30.55 -14.94
C PRO B 20 -35.56 -30.89 -16.39
N SER B 21 -34.62 -31.79 -16.69
CA SER B 21 -34.05 -32.01 -18.06
C SER B 21 -35.05 -32.24 -19.25
N ALA B 22 -35.56 -31.14 -19.79
CA ALA B 22 -36.69 -31.11 -20.74
C ALA B 22 -36.77 -32.13 -21.85
N GLY B 23 -35.75 -32.16 -22.68
CA GLY B 23 -35.62 -33.29 -23.56
C GLY B 23 -35.05 -34.40 -22.69
N THR B 24 -35.35 -35.65 -23.01
CA THR B 24 -34.75 -36.82 -22.34
C THR B 24 -35.27 -37.10 -20.92
N GLY B 25 -35.37 -36.07 -20.07
CA GLY B 25 -36.07 -36.18 -18.81
C GLY B 25 -35.34 -36.82 -17.63
N ASP B 26 -34.01 -36.72 -17.60
CA ASP B 26 -33.21 -37.35 -16.54
C ASP B 26 -33.59 -36.81 -15.17
N VAL B 27 -33.78 -37.70 -14.20
CA VAL B 27 -34.15 -37.27 -12.85
C VAL B 27 -32.95 -36.62 -12.14
N VAL B 28 -31.79 -37.24 -12.29
CA VAL B 28 -30.54 -36.60 -11.89
C VAL B 28 -29.98 -35.83 -13.09
N PRO B 29 -29.93 -34.49 -13.00
CA PRO B 29 -29.46 -33.65 -14.11
C PRO B 29 -28.03 -34.06 -14.52
N PRO B 30 -27.74 -34.08 -15.83
CA PRO B 30 -26.43 -34.58 -16.29
C PRO B 30 -25.27 -33.71 -15.80
N ILE B 31 -24.04 -34.19 -15.93
CA ILE B 31 -22.89 -33.43 -15.41
C ILE B 31 -22.23 -32.56 -16.50
N HIS B 32 -22.33 -31.24 -16.39
CA HIS B 32 -21.84 -30.33 -17.43
C HIS B 32 -20.35 -30.01 -17.35
N VAL B 33 -19.52 -30.90 -17.89
CA VAL B 33 -18.08 -30.71 -17.81
C VAL B 33 -17.57 -29.67 -18.80
N SER B 34 -18.33 -29.39 -19.86
CA SER B 34 -17.84 -28.50 -20.91
C SER B 34 -17.35 -27.15 -20.37
N THR B 35 -16.16 -26.74 -20.78
CA THR B 35 -15.63 -25.43 -20.42
C THR B 35 -16.15 -24.42 -21.39
N THR B 36 -16.75 -24.92 -22.46
CA THR B 36 -17.05 -24.06 -23.57
C THR B 36 -18.47 -24.31 -24.13
N TYR B 37 -19.05 -23.27 -24.73
CA TYR B 37 -20.41 -23.32 -25.25
C TYR B 37 -20.53 -22.70 -26.65
N GLU B 38 -21.49 -23.21 -27.42
CA GLU B 38 -21.83 -22.64 -28.72
C GLU B 38 -22.78 -21.46 -28.50
N ARG B 39 -22.53 -20.38 -29.24
CA ARG B 39 -23.14 -19.09 -28.98
C ARG B 39 -24.30 -18.72 -29.94
N ARG B 40 -24.35 -19.34 -31.13
CA ARG B 40 -25.28 -18.89 -32.18
C ARG B 40 -26.74 -19.33 -32.04
N ALA B 41 -27.01 -20.35 -31.22
CA ALA B 41 -28.37 -20.88 -31.08
C ALA B 41 -28.95 -20.70 -29.68
N GLN B 42 -28.27 -19.92 -28.84
CA GLN B 42 -28.78 -19.71 -27.49
C GLN B 42 -29.88 -18.68 -27.47
N ASP B 43 -31.12 -19.16 -27.50
CA ASP B 43 -32.33 -18.31 -27.49
C ASP B 43 -32.12 -17.07 -26.63
N GLU B 44 -31.61 -17.27 -25.42
CA GLU B 44 -31.07 -16.19 -24.62
C GLU B 44 -29.61 -16.52 -24.29
N PRO B 45 -28.73 -15.52 -24.43
CA PRO B 45 -27.29 -15.57 -24.15
C PRO B 45 -27.02 -15.64 -22.66
N ARG B 46 -26.66 -16.81 -22.12
CA ARG B 46 -26.19 -16.88 -20.73
C ARG B 46 -25.05 -17.89 -20.42
N TYR B 47 -24.69 -18.77 -21.37
CA TYR B 47 -23.52 -19.65 -21.19
C TYR B 47 -22.44 -19.35 -22.22
N PHE B 48 -21.28 -18.92 -21.73
CA PHE B 48 -20.22 -18.45 -22.61
C PHE B 48 -18.84 -19.00 -22.33
N TYR B 49 -18.63 -19.44 -21.10
CA TYR B 49 -17.35 -19.98 -20.66
C TYR B 49 -17.40 -20.47 -19.22
N GLY B 50 -16.82 -21.66 -19.01
CA GLY B 50 -16.95 -22.40 -17.77
C GLY B 50 -16.61 -21.66 -16.50
N ARG B 51 -15.57 -20.82 -16.52
CA ARG B 51 -15.26 -20.04 -15.33
C ARG B 51 -16.46 -19.14 -14.98
N GLY B 52 -17.00 -18.45 -15.99
CA GLY B 52 -18.10 -17.52 -15.75
C GLY B 52 -19.42 -18.21 -15.41
N GLU B 53 -19.69 -19.35 -16.04
CA GLU B 53 -20.98 -20.03 -15.86
C GLU B 53 -20.86 -21.55 -15.89
N ASN B 54 -21.78 -22.22 -15.22
CA ASN B 54 -21.86 -23.68 -15.28
C ASN B 54 -23.21 -24.20 -14.76
N PRO B 55 -23.95 -24.94 -15.58
CA PRO B 55 -25.26 -25.44 -15.16
C PRO B 55 -25.17 -26.25 -13.87
N THR B 56 -24.27 -27.24 -13.84
CA THR B 56 -24.08 -28.06 -12.65
C THR B 56 -23.74 -27.21 -11.40
N ARG B 57 -22.89 -26.22 -11.55
CA ARG B 57 -22.58 -25.37 -10.41
C ARG B 57 -23.79 -24.53 -9.96
N GLU B 58 -24.54 -23.99 -10.92
CA GLU B 58 -25.70 -23.17 -10.61
C GLU B 58 -26.79 -23.97 -9.88
N GLU B 59 -26.98 -25.21 -10.28
CA GLU B 59 -27.94 -26.09 -9.63
C GLU B 59 -27.52 -26.29 -8.17
N LEU B 60 -26.23 -26.48 -7.93
CA LEU B 60 -25.75 -26.58 -6.56
C LEU B 60 -26.06 -25.28 -5.76
N GLU B 61 -25.72 -24.14 -6.36
CA GLU B 61 -26.02 -22.84 -5.75
C GLU B 61 -27.51 -22.69 -5.45
N GLU B 62 -28.34 -23.12 -6.40
CA GLU B 62 -29.77 -23.05 -6.25
C GLU B 62 -30.20 -23.88 -5.03
N CYS B 63 -29.63 -25.07 -4.91
CA CYS B 63 -29.94 -25.95 -3.77
C CYS B 63 -29.60 -25.30 -2.43
N LEU B 64 -28.38 -24.77 -2.34
CA LEU B 64 -27.85 -24.21 -1.11
C LEU B 64 -28.62 -22.95 -0.70
N ALA B 65 -28.99 -22.15 -1.69
CA ALA B 65 -29.78 -20.95 -1.44
C ALA B 65 -31.14 -21.33 -0.86
N GLY B 66 -31.74 -22.39 -1.42
CA GLY B 66 -33.06 -22.82 -1.02
C GLY B 66 -33.13 -23.32 0.42
N LEU B 67 -32.02 -23.87 0.91
CA LEU B 67 -31.94 -24.37 2.27
C LEU B 67 -32.11 -23.23 3.29
N GLU B 68 -31.82 -22.00 2.86
CA GLU B 68 -31.89 -20.83 3.71
C GLU B 68 -32.97 -19.81 3.28
N ARG B 69 -33.85 -20.22 2.37
CA ARG B 69 -34.85 -19.32 1.77
C ARG B 69 -34.18 -18.05 1.24
N ALA B 70 -33.00 -18.21 0.65
CA ALA B 70 -32.22 -17.08 0.14
C ALA B 70 -32.29 -16.99 -1.37
N PRO B 71 -32.23 -15.77 -1.92
CA PRO B 71 -32.23 -15.59 -3.38
C PRO B 71 -30.88 -15.94 -4.02
N PHE B 72 -29.79 -15.91 -3.25
CA PHE B 72 -28.46 -16.07 -3.83
C PHE B 72 -27.56 -17.05 -3.08
N ALA B 73 -26.75 -17.77 -3.85
CA ALA B 73 -25.59 -18.46 -3.30
C ALA B 73 -24.48 -18.51 -4.34
N THR B 74 -23.25 -18.64 -3.88
CA THR B 74 -22.13 -18.77 -4.77
C THR B 74 -21.18 -19.81 -4.19
N VAL B 75 -20.77 -20.78 -5.00
CA VAL B 75 -19.82 -21.76 -4.49
C VAL B 75 -18.40 -21.55 -4.99
N PHE B 76 -17.46 -22.10 -4.23
CA PHE B 76 -16.05 -21.90 -4.48
C PHE B 76 -15.26 -23.21 -4.36
N SER B 77 -13.99 -23.14 -4.75
CA SER B 77 -13.09 -24.28 -4.69
C SER B 77 -12.90 -24.82 -3.27
N SER B 78 -13.09 -23.98 -2.26
CA SER B 78 -12.91 -24.38 -0.87
C SER B 78 -13.55 -23.35 0.06
N GLY B 79 -13.66 -23.69 1.35
CA GLY B 79 -14.16 -22.76 2.35
C GLY B 79 -13.28 -21.52 2.46
N GLN B 80 -11.97 -21.73 2.43
CA GLN B 80 -11.01 -20.62 2.45
C GLN B 80 -11.22 -19.63 1.28
N ALA B 81 -11.51 -20.16 0.10
CA ALA B 81 -11.77 -19.31 -1.05
C ALA B 81 -13.05 -18.50 -0.85
N ALA B 82 -14.07 -19.10 -0.23
CA ALA B 82 -15.29 -18.34 0.10
C ALA B 82 -14.97 -17.18 1.05
N ALA B 83 -14.23 -17.46 2.11
CA ALA B 83 -13.84 -16.43 3.07
C ALA B 83 -12.99 -15.35 2.42
N ALA B 84 -12.08 -15.76 1.55
CA ALA B 84 -11.14 -14.84 0.91
C ALA B 84 -11.89 -13.85 0.04
N THR B 85 -12.87 -14.35 -0.69
CA THR B 85 -13.74 -13.54 -1.53
C THR B 85 -14.46 -12.51 -0.69
N LEU B 86 -15.08 -12.98 0.38
CA LEU B 86 -15.82 -12.11 1.28
C LEU B 86 -14.91 -11.01 1.84
N LEU B 87 -13.78 -11.42 2.39
CA LEU B 87 -12.83 -10.49 3.00
C LEU B 87 -12.23 -9.50 2.00
N SER B 88 -12.21 -9.88 0.72
CA SER B 88 -11.64 -9.03 -0.32
C SER B 88 -12.43 -7.72 -0.48
N LEU B 89 -13.72 -7.78 -0.13
CA LEU B 89 -14.58 -6.61 -0.25
C LEU B 89 -14.33 -5.63 0.87
N VAL B 90 -13.53 -6.00 1.85
CA VAL B 90 -13.19 -5.04 2.90
C VAL B 90 -12.06 -4.14 2.40
N ARG B 91 -12.29 -2.83 2.46
CA ARG B 91 -11.37 -1.88 1.86
C ARG B 91 -10.34 -1.39 2.87
N PRO B 92 -9.07 -1.28 2.42
CA PRO B 92 -7.98 -0.68 3.22
C PRO B 92 -8.49 0.52 3.99
N GLY B 93 -8.19 0.59 5.27
CA GLY B 93 -8.67 1.69 6.10
C GLY B 93 -9.97 1.37 6.81
N GLN B 94 -10.69 0.35 6.35
CA GLN B 94 -11.90 -0.09 7.03
C GLN B 94 -11.55 -1.13 8.09
N CYS B 95 -12.51 -1.43 8.96
CA CYS B 95 -12.27 -2.36 10.06
C CYS B 95 -13.17 -3.61 10.02
N VAL B 96 -12.61 -4.73 10.48
CA VAL B 96 -13.37 -5.96 10.65
C VAL B 96 -13.18 -6.44 12.06
N VAL B 97 -14.27 -6.91 12.69
CA VAL B 97 -14.26 -7.50 14.01
C VAL B 97 -14.64 -8.97 13.93
N SER B 98 -13.96 -9.81 14.70
CA SER B 98 -14.25 -11.23 14.76
C SER B 98 -13.71 -11.81 16.06
N THR B 99 -14.17 -12.98 16.48
CA THR B 99 -13.64 -13.49 17.75
C THR B 99 -12.30 -14.23 17.63
N ASP B 100 -11.42 -14.02 18.63
CA ASP B 100 -10.03 -14.50 18.60
C ASP B 100 -9.92 -16.03 18.68
N ASP B 101 -11.05 -16.67 18.41
CA ASP B 101 -11.17 -18.11 18.38
C ASP B 101 -11.97 -18.49 17.14
N VAL B 102 -11.63 -17.88 16.00
CA VAL B 102 -12.22 -18.29 14.74
C VAL B 102 -11.32 -19.35 14.13
N TYR B 103 -11.69 -19.85 12.96
CA TYR B 103 -10.82 -20.78 12.27
C TYR B 103 -9.48 -20.11 11.98
N ALA B 104 -8.40 -20.88 12.05
CA ALA B 104 -7.07 -20.33 11.78
C ALA B 104 -6.95 -19.76 10.36
N GLY B 105 -7.48 -20.50 9.37
CA GLY B 105 -7.47 -20.04 7.99
C GLY B 105 -8.11 -18.67 7.81
N THR B 106 -9.19 -18.45 8.57
CA THR B 106 -9.82 -17.14 8.62
C THR B 106 -8.83 -16.12 9.18
N ASP B 107 -8.16 -16.48 10.26
CA ASP B 107 -7.16 -15.61 10.85
C ASP B 107 -6.03 -15.35 9.83
N GLY B 108 -5.75 -16.34 9.01
CA GLY B 108 -4.73 -16.20 7.96
C GLY B 108 -5.21 -15.39 6.77
N LEU B 109 -6.50 -15.07 6.74
CA LEU B 109 -7.00 -14.13 5.75
C LEU B 109 -7.08 -12.73 6.36
N PHE B 110 -7.26 -12.67 7.67
CA PHE B 110 -7.10 -11.39 8.39
C PHE B 110 -5.69 -10.83 8.24
N ASP B 111 -4.69 -11.70 8.27
CA ASP B 111 -3.29 -11.26 8.16
C ASP B 111 -2.98 -10.63 6.81
N LEU B 112 -3.26 -11.37 5.74
CA LEU B 112 -3.18 -10.83 4.38
C LEU B 112 -3.86 -9.47 4.30
N ALA B 113 -5.13 -9.43 4.72
CA ALA B 113 -5.89 -8.19 4.81
C ALA B 113 -5.15 -7.16 5.65
N ALA B 114 -4.43 -7.61 6.68
CA ALA B 114 -3.64 -6.68 7.49
C ALA B 114 -2.60 -5.97 6.62
N ARG B 115 -1.98 -6.70 5.68
CA ARG B 115 -1.09 -6.08 4.69
C ARG B 115 -1.88 -5.20 3.70
N GLN B 116 -3.20 -5.38 3.66
CA GLN B 116 -4.01 -4.59 2.74
C GLN B 116 -4.39 -3.30 3.43
N GLY B 117 -3.82 -3.06 4.61
CA GLY B 117 -4.20 -1.90 5.40
C GLY B 117 -5.57 -2.07 6.01
N VAL B 118 -5.99 -3.34 6.20
CA VAL B 118 -7.26 -3.62 6.84
C VAL B 118 -7.06 -3.81 8.35
N ARG B 119 -7.86 -3.11 9.16
CA ARG B 119 -7.81 -3.25 10.61
C ARG B 119 -8.66 -4.45 11.06
N VAL B 120 -8.04 -5.40 11.77
CA VAL B 120 -8.75 -6.56 12.30
C VAL B 120 -8.82 -6.57 13.83
N ARG B 121 -9.97 -6.16 14.37
CA ARG B 121 -10.16 -6.04 15.81
C ARG B 121 -10.74 -7.34 16.37
N TYR B 122 -10.03 -7.89 17.34
CA TYR B 122 -10.56 -9.02 18.09
C TYR B 122 -11.25 -8.46 19.32
N ALA B 123 -12.52 -8.82 19.50
CA ALA B 123 -13.24 -8.46 20.71
C ALA B 123 -13.98 -9.69 21.18
N ASP B 124 -14.56 -9.63 22.38
CA ASP B 124 -15.43 -10.70 22.81
C ASP B 124 -16.89 -10.34 22.48
N LEU B 125 -17.63 -11.32 21.96
CA LEU B 125 -18.99 -11.12 21.48
C LEU B 125 -20.01 -11.90 22.32
N THR B 126 -19.53 -12.60 23.34
CA THR B 126 -20.35 -13.47 24.17
C THR B 126 -20.90 -12.71 25.35
N THR B 127 -21.06 -11.41 25.18
CA THR B 127 -21.29 -10.51 26.29
C THR B 127 -22.02 -9.29 25.76
N PRO B 128 -22.35 -8.34 26.63
CA PRO B 128 -22.88 -7.11 26.06
C PRO B 128 -21.85 -5.99 26.03
N GLU B 129 -20.88 -6.04 26.95
CA GLU B 129 -19.88 -4.99 27.06
C GLU B 129 -18.98 -4.99 25.82
N GLY B 130 -18.32 -6.11 25.59
CA GLY B 130 -17.41 -6.23 24.46
C GLY B 130 -18.01 -5.85 23.12
N ILE B 131 -19.33 -5.99 23.02
CA ILE B 131 -20.01 -5.74 21.77
C ILE B 131 -20.11 -4.25 21.47
N ALA B 132 -20.54 -3.46 22.46
CA ALA B 132 -20.58 -2.01 22.30
C ALA B 132 -19.18 -1.49 22.08
N ALA B 133 -18.19 -2.24 22.57
CA ALA B 133 -16.80 -1.87 22.41
C ALA B 133 -16.39 -1.89 20.93
N ALA B 134 -16.28 -3.07 20.33
CA ALA B 134 -15.74 -3.20 18.96
C ALA B 134 -16.68 -2.75 17.85
N LEU B 135 -17.94 -2.56 18.19
CA LEU B 135 -18.87 -2.06 17.20
C LEU B 135 -18.98 -0.56 17.36
N ALA B 136 -17.90 0.04 17.88
CA ALA B 136 -17.71 1.49 17.91
C ALA B 136 -16.47 1.89 17.10
N GLU B 137 -15.70 0.88 16.69
CA GLU B 137 -14.58 1.07 15.77
C GLU B 137 -15.06 1.72 14.47
N PRO B 138 -14.40 2.81 14.05
CA PRO B 138 -14.82 3.53 12.85
C PRO B 138 -14.67 2.68 11.59
N ASP B 139 -15.55 2.93 10.62
CA ASP B 139 -15.61 2.16 9.38
C ASP B 139 -15.68 0.66 9.63
N LEU B 140 -16.44 0.31 10.66
CA LEU B 140 -16.77 -1.08 10.95
C LEU B 140 -17.46 -1.68 9.73
N ALA B 141 -16.70 -2.31 8.85
CA ALA B 141 -17.28 -2.88 7.64
C ALA B 141 -18.03 -4.16 7.97
N LEU B 142 -17.33 -5.07 8.62
CA LEU B 142 -17.74 -6.45 8.65
C LEU B 142 -17.57 -7.06 10.04
N VAL B 143 -18.57 -7.81 10.50
CA VAL B 143 -18.44 -8.60 11.73
C VAL B 143 -18.47 -10.10 11.39
N TRP B 144 -17.42 -10.79 11.80
CA TRP B 144 -17.19 -12.17 11.39
C TRP B 144 -17.44 -13.06 12.60
N ILE B 145 -18.53 -13.81 12.56
CA ILE B 145 -18.92 -14.66 13.67
C ILE B 145 -18.82 -16.12 13.29
N GLU B 146 -18.08 -16.87 14.09
CA GLU B 146 -18.03 -18.31 13.94
C GLU B 146 -18.66 -18.92 15.19
N THR B 147 -19.79 -19.59 15.03
CA THR B 147 -20.52 -20.13 16.18
C THR B 147 -21.18 -21.47 15.87
N PRO B 148 -20.98 -22.47 16.73
CA PRO B 148 -20.12 -22.53 17.93
C PRO B 148 -18.63 -22.36 17.60
N THR B 149 -17.82 -21.99 18.59
CA THR B 149 -16.38 -21.97 18.41
C THR B 149 -15.80 -23.38 18.54
N ASN B 150 -14.47 -23.49 18.49
CA ASN B 150 -13.85 -24.79 18.36
C ASN B 150 -12.35 -24.66 18.52
N PRO B 151 -11.78 -25.43 19.46
CA PRO B 151 -12.41 -26.61 20.06
C PRO B 151 -13.29 -26.36 21.30
N LEU B 152 -13.46 -25.13 21.74
CA LEU B 152 -14.15 -24.91 23.01
C LEU B 152 -15.68 -24.93 22.92
N LEU B 153 -16.21 -24.75 21.71
CA LEU B 153 -17.65 -24.83 21.45
C LEU B 153 -18.45 -23.75 22.16
N THR B 154 -17.85 -22.59 22.40
CA THR B 154 -18.58 -21.44 22.92
C THR B 154 -19.46 -20.91 21.80
N VAL B 155 -20.46 -20.11 22.15
CA VAL B 155 -21.39 -19.64 21.13
C VAL B 155 -21.52 -18.12 21.10
N VAL B 156 -22.12 -17.60 20.05
CA VAL B 156 -22.34 -16.16 19.95
C VAL B 156 -23.76 -15.90 19.47
N ASP B 157 -24.45 -15.00 20.17
CA ASP B 157 -25.82 -14.66 19.85
C ASP B 157 -25.85 -13.90 18.52
N VAL B 158 -26.19 -14.60 17.45
CA VAL B 158 -26.20 -14.02 16.11
C VAL B 158 -27.18 -12.86 16.00
N ALA B 159 -28.40 -13.08 16.49
CA ALA B 159 -29.43 -12.05 16.45
C ALA B 159 -28.97 -10.78 17.15
N GLU B 160 -28.53 -10.90 18.40
CA GLU B 160 -28.13 -9.73 19.19
C GLU B 160 -26.93 -8.98 18.57
N VAL B 161 -25.89 -9.72 18.23
CA VAL B 161 -24.72 -9.13 17.55
C VAL B 161 -25.09 -8.45 16.23
N SER B 162 -26.02 -9.06 15.49
CA SER B 162 -26.48 -8.49 14.22
C SER B 162 -27.15 -7.12 14.41
N ARG B 163 -28.02 -7.02 15.41
CA ARG B 163 -28.82 -5.82 15.64
C ARG B 163 -27.93 -4.63 16.01
N ARG B 164 -26.83 -4.93 16.71
CA ARG B 164 -25.82 -3.93 17.00
C ARG B 164 -25.05 -3.55 15.74
N ALA B 165 -24.62 -4.56 15.00
CA ALA B 165 -23.79 -4.33 13.82
C ALA B 165 -24.52 -3.55 12.72
N HIS B 166 -25.83 -3.73 12.62
CA HIS B 166 -26.59 -3.06 11.57
C HIS B 166 -26.82 -1.58 11.87
N GLU B 167 -26.96 -1.24 13.14
CA GLU B 167 -26.98 0.16 13.57
C GLU B 167 -25.60 0.79 13.39
N ARG B 168 -24.64 0.00 12.93
CA ARG B 168 -23.28 0.46 12.73
C ARG B 168 -22.89 0.43 11.26
N GLY B 169 -23.88 0.26 10.39
CA GLY B 169 -23.65 0.17 8.96
C GLY B 169 -23.01 -1.14 8.50
N ALA B 170 -22.54 -1.95 9.43
CA ALA B 170 -21.71 -3.11 9.11
C ALA B 170 -22.44 -4.32 8.51
N ARG B 171 -21.66 -5.14 7.79
CA ARG B 171 -22.13 -6.40 7.24
C ARG B 171 -21.83 -7.51 8.26
N VAL B 172 -22.72 -8.50 8.37
CA VAL B 172 -22.53 -9.60 9.31
C VAL B 172 -22.41 -10.93 8.58
N VAL B 173 -21.30 -11.64 8.79
CA VAL B 173 -21.17 -13.00 8.28
C VAL B 173 -21.08 -14.03 9.40
N VAL B 174 -21.79 -15.15 9.25
CA VAL B 174 -21.61 -16.28 10.15
C VAL B 174 -20.94 -17.44 9.40
N ASP B 175 -19.84 -17.94 9.97
CA ASP B 175 -19.29 -19.19 9.50
C ASP B 175 -20.16 -20.28 10.12
N ASN B 176 -21.00 -20.88 9.29
CA ASN B 176 -21.99 -21.82 9.76
C ASN B 176 -21.58 -23.26 9.44
N THR B 177 -20.30 -23.43 9.09
CA THR B 177 -19.76 -24.71 8.66
C THR B 177 -20.02 -25.79 9.69
N PHE B 178 -19.71 -25.47 10.95
CA PHE B 178 -19.96 -26.35 12.08
C PHE B 178 -21.41 -26.82 12.11
N ALA B 179 -22.32 -25.88 12.31
CA ALA B 179 -23.71 -26.26 12.53
C ALA B 179 -24.41 -26.85 11.30
N SER B 180 -24.06 -26.32 10.12
CA SER B 180 -24.79 -26.57 8.87
C SER B 180 -26.21 -25.96 8.89
N PRO B 181 -26.79 -25.66 7.71
CA PRO B 181 -28.11 -25.04 7.64
C PRO B 181 -29.21 -25.89 8.29
N VAL B 182 -28.95 -27.18 8.46
CA VAL B 182 -29.90 -28.08 9.12
C VAL B 182 -30.06 -27.70 10.59
N LEU B 183 -29.01 -27.12 11.18
CA LEU B 183 -29.02 -26.88 12.62
C LEU B 183 -29.16 -25.40 12.97
N GLN B 184 -28.65 -24.55 12.10
CA GLN B 184 -28.59 -23.12 12.37
C GLN B 184 -28.86 -22.34 11.08
N GLN B 185 -29.66 -21.29 11.20
CA GLN B 185 -30.04 -20.50 10.03
C GLN B 185 -29.65 -19.04 10.23
N PRO B 186 -28.41 -18.69 9.85
CA PRO B 186 -27.92 -17.32 10.08
C PRO B 186 -28.77 -16.22 9.46
N LEU B 187 -29.33 -16.43 8.26
CA LEU B 187 -30.09 -15.35 7.63
C LEU B 187 -31.39 -15.07 8.37
N ALA B 188 -32.03 -16.11 8.87
CA ALA B 188 -33.22 -15.96 9.71
C ALA B 188 -32.88 -15.29 11.04
N LEU B 189 -31.61 -15.37 11.44
CA LEU B 189 -31.19 -14.82 12.73
C LEU B 189 -30.75 -13.36 12.62
N GLY B 190 -30.76 -12.80 11.42
CA GLY B 190 -30.42 -11.40 11.25
C GLY B 190 -29.12 -11.14 10.52
N ALA B 191 -28.31 -12.18 10.34
CA ALA B 191 -27.04 -12.04 9.63
C ALA B 191 -27.24 -11.73 8.14
N ASP B 192 -26.18 -11.23 7.51
CA ASP B 192 -26.20 -10.90 6.08
C ASP B 192 -25.69 -12.02 5.19
N VAL B 193 -24.82 -12.88 5.73
CA VAL B 193 -24.13 -13.88 4.93
C VAL B 193 -23.89 -15.15 5.74
N SER B 194 -24.18 -16.31 5.15
CA SER B 194 -23.73 -17.57 5.74
C SER B 194 -22.58 -18.09 4.89
N LEU B 195 -21.46 -18.41 5.53
CA LEU B 195 -20.34 -19.01 4.83
C LEU B 195 -20.14 -20.46 5.26
N TYR B 196 -19.80 -21.31 4.30
CA TYR B 196 -19.54 -22.72 4.57
C TYR B 196 -18.27 -23.23 3.93
N SER B 197 -17.51 -24.02 4.66
CA SER B 197 -16.65 -25.00 4.02
C SER B 197 -17.57 -26.16 3.73
N THR B 198 -17.85 -26.44 2.46
CA THR B 198 -18.74 -27.54 2.13
C THR B 198 -17.96 -28.86 2.15
N THR B 199 -16.65 -28.75 2.38
CA THR B 199 -15.78 -29.91 2.57
C THR B 199 -16.22 -30.72 3.81
N1 LLP B 200 -14.16 -22.72 8.35
C2 LLP B 200 -14.35 -23.77 9.19
C2' LLP B 200 -15.24 -23.66 10.44
C3 LLP B 200 -13.70 -25.01 8.92
O3 LLP B 200 -13.92 -26.05 9.80
C4 LLP B 200 -12.89 -25.16 7.82
C4' LLP B 200 -12.18 -26.61 7.57
C5 LLP B 200 -12.69 -24.09 6.99
C6 LLP B 200 -13.34 -22.87 7.24
C5' LLP B 200 -11.76 -24.19 5.75
OP4 LLP B 200 -12.46 -24.40 4.54
P LLP B 200 -11.75 -25.35 3.52
OP1 LLP B 200 -12.91 -26.04 2.77
OP2 LLP B 200 -10.92 -24.53 2.63
OP3 LLP B 200 -10.90 -26.33 4.24
N LLP B 200 -16.89 -30.06 4.74
CA LLP B 200 -17.28 -30.69 6.02
CB LLP B 200 -17.21 -29.61 7.10
CG LLP B 200 -15.93 -28.77 6.92
CD LLP B 200 -14.62 -29.46 7.33
CE LLP B 200 -13.41 -28.58 6.95
NZ LLP B 200 -12.95 -27.72 8.06
C LLP B 200 -18.57 -31.45 5.85
O LLP B 200 -18.62 -32.28 4.95
N SER B 201 -19.62 -31.20 6.63
CA SER B 201 -20.80 -32.08 6.55
C SER B 201 -21.75 -31.86 5.36
N ILE B 202 -21.68 -30.71 4.70
CA ILE B 202 -22.54 -30.49 3.54
C ILE B 202 -22.31 -31.57 2.47
N ALA B 203 -21.07 -31.70 2.00
CA ALA B 203 -20.75 -32.82 1.11
C ALA B 203 -20.74 -34.10 1.94
N GLY B 204 -20.05 -34.04 3.08
CA GLY B 204 -20.22 -35.03 4.13
C GLY B 204 -19.44 -36.31 4.00
N HIS B 205 -18.87 -36.61 2.84
CA HIS B 205 -18.19 -37.89 2.64
C HIS B 205 -16.67 -37.78 2.53
N ALA B 206 -16.14 -36.61 2.88
CA ALA B 206 -14.69 -36.43 2.99
C ALA B 206 -13.99 -36.75 1.69
N ASP B 207 -14.63 -36.42 0.58
CA ASP B 207 -14.09 -36.74 -0.75
C ASP B 207 -14.09 -35.58 -1.76
N VAL B 208 -14.27 -34.36 -1.26
CA VAL B 208 -14.31 -33.21 -2.15
C VAL B 208 -13.98 -31.95 -1.38
N LEU B 209 -13.41 -30.96 -2.06
CA LEU B 209 -13.15 -29.67 -1.48
C LEU B 209 -14.16 -28.67 -2.02
N GLY B 210 -14.72 -27.81 -1.18
CA GLY B 210 -15.63 -26.79 -1.64
C GLY B 210 -15.98 -25.74 -0.60
N GLY B 211 -16.40 -24.56 -1.07
CA GLY B 211 -16.90 -23.54 -0.18
C GLY B 211 -18.21 -22.94 -0.70
N ALA B 212 -18.88 -22.17 0.16
CA ALA B 212 -20.11 -21.47 -0.26
C ALA B 212 -20.35 -20.18 0.52
N LEU B 213 -21.09 -19.27 -0.11
CA LEU B 213 -21.61 -18.07 0.53
C LEU B 213 -23.09 -18.00 0.16
N VAL B 214 -23.97 -17.82 1.15
CA VAL B 214 -25.39 -17.72 0.90
C VAL B 214 -25.89 -16.41 1.52
N TYR B 215 -26.66 -15.62 0.76
CA TYR B 215 -26.97 -14.25 1.13
C TYR B 215 -28.14 -13.71 0.29
N ARG B 216 -28.56 -12.47 0.53
CA ARG B 216 -29.73 -11.96 -0.20
C ARG B 216 -29.55 -10.66 -0.95
N ASP B 217 -28.41 -10.00 -0.83
CA ASP B 217 -28.33 -8.69 -1.47
C ASP B 217 -27.69 -8.73 -2.86
N ALA B 218 -28.33 -8.02 -3.78
CA ALA B 218 -27.98 -8.06 -5.20
C ALA B 218 -26.64 -7.38 -5.49
N ASP B 219 -26.29 -6.37 -4.69
CA ASP B 219 -25.03 -5.67 -4.90
C ASP B 219 -23.87 -6.53 -4.40
N LEU B 220 -24.07 -7.19 -3.26
CA LEU B 220 -23.11 -8.15 -2.76
C LEU B 220 -22.97 -9.29 -3.76
N HIS B 221 -24.10 -9.70 -4.32
CA HIS B 221 -24.09 -10.79 -5.29
C HIS B 221 -23.22 -10.43 -6.49
N ALA B 222 -23.38 -9.22 -7.00
CA ALA B 222 -22.63 -8.79 -8.17
C ALA B 222 -21.13 -8.76 -7.89
N ALA B 223 -20.75 -8.20 -6.74
CA ALA B 223 -19.33 -8.10 -6.40
C ALA B 223 -18.72 -9.46 -6.06
N VAL B 224 -19.49 -10.32 -5.38
CA VAL B 224 -19.01 -11.68 -5.10
C VAL B 224 -18.76 -12.46 -6.40
N ARG B 225 -19.70 -12.39 -7.35
CA ARG B 225 -19.56 -13.15 -8.60
C ARG B 225 -18.41 -12.61 -9.47
N ALA B 226 -18.30 -11.29 -9.55
CA ALA B 226 -17.23 -10.68 -10.33
C ALA B 226 -15.86 -11.05 -9.76
N TYR B 227 -15.75 -11.05 -8.43
CA TYR B 227 -14.50 -11.44 -7.80
C TYR B 227 -14.14 -12.91 -8.07
N ARG B 228 -15.12 -13.80 -8.01
CA ARG B 228 -14.87 -15.21 -8.27
C ARG B 228 -14.34 -15.42 -9.70
N THR B 229 -14.97 -14.74 -10.65
CA THR B 229 -14.63 -14.91 -12.05
C THR B 229 -13.22 -14.38 -12.33
N THR B 230 -12.88 -13.27 -11.68
CA THR B 230 -11.58 -12.66 -11.86
C THR B 230 -10.46 -13.41 -11.10
N ALA B 231 -10.74 -13.84 -9.87
CA ALA B 231 -9.77 -14.62 -9.08
C ALA B 231 -9.76 -16.10 -9.50
N GLY B 232 -10.83 -16.53 -10.14
CA GLY B 232 -10.90 -17.88 -10.67
C GLY B 232 -10.90 -18.98 -9.63
N ASN B 233 -11.36 -18.66 -8.42
CA ASN B 233 -11.47 -19.64 -7.34
C ASN B 233 -12.77 -20.44 -7.45
N VAL B 234 -13.04 -20.93 -8.65
CA VAL B 234 -14.28 -21.66 -8.97
C VAL B 234 -14.12 -23.16 -8.84
N PRO B 235 -15.10 -23.84 -8.20
CA PRO B 235 -15.01 -25.30 -8.12
C PRO B 235 -15.35 -25.93 -9.48
N GLY B 236 -14.77 -27.09 -9.78
CA GLY B 236 -15.08 -27.78 -11.02
C GLY B 236 -16.43 -28.49 -11.01
N ALA B 237 -16.91 -28.85 -12.21
CA ALA B 237 -18.18 -29.55 -12.34
C ALA B 237 -18.26 -30.89 -11.58
N LEU B 238 -17.23 -31.73 -11.67
CA LEU B 238 -17.27 -33.02 -11.01
C LEU B 238 -17.33 -32.83 -9.48
N ASP B 239 -16.58 -31.84 -8.98
CA ASP B 239 -16.63 -31.50 -7.55
C ASP B 239 -18.05 -31.10 -7.14
N CYS B 240 -18.66 -30.15 -7.85
CA CYS B 240 -20.02 -29.72 -7.57
C CYS B 240 -21.02 -30.89 -7.53
N PHE B 241 -20.87 -31.82 -8.47
CA PHE B 241 -21.66 -33.04 -8.45
C PHE B 241 -21.50 -33.81 -7.13
N LEU B 242 -20.26 -33.95 -6.65
CA LEU B 242 -20.04 -34.69 -5.39
C LEU B 242 -20.66 -33.99 -4.18
N VAL B 243 -20.46 -32.68 -4.09
CA VAL B 243 -21.09 -31.87 -3.03
C VAL B 243 -22.61 -32.03 -3.11
N ARG B 244 -23.17 -31.85 -4.30
CA ARG B 244 -24.62 -31.93 -4.47
C ARG B 244 -25.16 -33.29 -4.05
N ARG B 245 -24.40 -34.34 -4.35
CA ARG B 245 -24.85 -35.68 -4.09
C ARG B 245 -24.81 -36.00 -2.60
N GLY B 246 -23.76 -35.53 -1.90
CA GLY B 246 -23.67 -35.70 -0.46
C GLY B 246 -24.75 -34.92 0.28
N LEU B 247 -25.15 -33.80 -0.31
CA LEU B 247 -26.21 -32.94 0.23
C LEU B 247 -27.50 -33.66 0.50
N HIS B 248 -27.94 -34.52 -0.43
CA HIS B 248 -29.22 -35.24 -0.28
C HIS B 248 -29.43 -35.79 1.12
N THR B 249 -28.38 -36.37 1.70
CA THR B 249 -28.50 -37.04 2.99
C THR B 249 -28.04 -36.15 4.17
N LEU B 250 -27.88 -34.87 3.92
CA LEU B 250 -27.39 -33.93 4.93
C LEU B 250 -28.18 -33.97 6.25
N SER B 251 -29.50 -33.87 6.18
CA SER B 251 -30.28 -33.88 7.41
C SER B 251 -30.26 -35.24 8.08
N LEU B 252 -30.34 -36.31 7.29
CA LEU B 252 -30.27 -37.64 7.88
C LEU B 252 -28.94 -37.84 8.64
N ARG B 253 -27.83 -37.44 8.02
CA ARG B 253 -26.48 -37.56 8.61
C ARG B 253 -26.23 -36.70 9.86
N VAL B 254 -26.80 -35.50 9.88
CA VAL B 254 -26.52 -34.53 10.95
C VAL B 254 -27.20 -34.91 12.27
N HIS B 255 -28.49 -35.21 12.18
CA HIS B 255 -29.19 -35.88 13.25
C HIS B 255 -28.46 -37.22 13.22
N ARG B 256 -28.68 -38.12 14.16
CA ARG B 256 -27.84 -39.34 14.13
C ARG B 256 -26.41 -38.98 14.51
N GLN B 257 -25.75 -38.06 13.78
CA GLN B 257 -24.48 -37.52 14.27
C GLN B 257 -24.71 -36.86 15.63
N VAL B 258 -25.76 -36.04 15.71
CA VAL B 258 -26.08 -35.34 16.96
C VAL B 258 -26.53 -36.33 18.04
N ALA B 259 -27.41 -37.25 17.67
CA ALA B 259 -27.88 -38.29 18.59
C ALA B 259 -26.68 -39.03 19.17
N THR B 260 -25.71 -39.33 18.32
CA THR B 260 -24.56 -40.08 18.77
C THR B 260 -23.63 -39.23 19.64
N ALA B 261 -23.46 -37.97 19.30
CA ALA B 261 -22.68 -37.05 20.12
C ALA B 261 -23.17 -37.01 21.57
N ARG B 262 -24.49 -36.95 21.76
CA ARG B 262 -25.03 -36.89 23.11
C ARG B 262 -24.79 -38.19 23.87
N VAL B 263 -24.81 -39.32 23.16
CA VAL B 263 -24.43 -40.60 23.72
C VAL B 263 -23.00 -40.53 24.28
N LEU B 264 -22.09 -40.02 23.46
CA LEU B 264 -20.67 -39.92 23.82
C LEU B 264 -20.43 -38.93 24.97
N VAL B 265 -21.25 -37.89 25.03
CA VAL B 265 -21.17 -36.95 26.13
C VAL B 265 -21.44 -37.61 27.49
N GLU B 266 -22.55 -38.35 27.61
CA GLU B 266 -22.86 -39.06 28.85
C GLU B 266 -21.80 -40.12 29.16
N ARG B 267 -21.25 -40.73 28.12
CA ARG B 267 -20.16 -41.69 28.29
C ARG B 267 -18.92 -40.96 28.86
N LEU B 268 -18.63 -39.78 28.34
CA LEU B 268 -17.48 -39.00 28.80
C LEU B 268 -17.63 -38.53 30.25
N ARG B 269 -18.85 -38.18 30.64
CA ARG B 269 -19.06 -37.62 31.97
C ARG B 269 -19.08 -38.69 33.05
N ALA B 270 -18.99 -39.95 32.64
CA ALA B 270 -18.91 -41.05 33.59
C ALA B 270 -17.49 -41.61 33.65
N SER B 271 -16.54 -40.90 33.08
CA SER B 271 -15.16 -41.37 33.04
C SER B 271 -14.25 -40.74 34.10
N PRO B 272 -13.54 -41.57 34.87
CA PRO B 272 -12.64 -41.01 35.88
C PRO B 272 -11.35 -40.40 35.32
N VAL B 273 -11.11 -40.54 34.02
CA VAL B 273 -9.90 -39.96 33.42
C VAL B 273 -10.30 -38.87 32.44
N VAL B 274 -11.50 -38.32 32.65
CA VAL B 274 -11.99 -37.18 31.89
C VAL B 274 -12.38 -36.07 32.85
N GLY B 275 -11.95 -34.85 32.55
CA GLY B 275 -12.34 -33.69 33.33
C GLY B 275 -13.52 -32.96 32.70
N ALA B 276 -13.31 -31.71 32.32
CA ALA B 276 -14.33 -30.93 31.67
C ALA B 276 -14.73 -31.57 30.34
N VAL B 277 -16.00 -31.47 30.00
CA VAL B 277 -16.52 -31.93 28.72
C VAL B 277 -17.27 -30.77 28.07
N HIS B 278 -16.89 -30.41 26.85
CA HIS B 278 -17.53 -29.30 26.14
C HIS B 278 -18.56 -29.83 25.14
N TYR B 279 -19.78 -29.34 25.21
CA TYR B 279 -20.84 -29.66 24.26
C TYR B 279 -21.93 -28.60 24.37
N PRO B 280 -22.34 -28.01 23.23
CA PRO B 280 -23.32 -26.91 23.27
C PRO B 280 -24.63 -27.32 23.89
N GLY B 281 -24.92 -28.62 23.90
CA GLY B 281 -26.18 -29.13 24.42
C GLY B 281 -26.21 -29.39 25.93
N LEU B 282 -25.10 -29.15 26.61
CA LEU B 282 -25.09 -29.36 28.07
C LEU B 282 -25.94 -28.31 28.76
N PRO B 283 -26.73 -28.73 29.76
CA PRO B 283 -27.54 -27.79 30.53
C PRO B 283 -26.66 -26.73 31.17
N GLU B 284 -25.47 -27.14 31.63
CA GLU B 284 -24.56 -26.23 32.32
C GLU B 284 -23.83 -25.25 31.41
N HIS B 285 -23.79 -25.53 30.11
CA HIS B 285 -23.11 -24.66 29.13
C HIS B 285 -23.41 -23.20 29.45
N PRO B 286 -22.36 -22.36 29.54
CA PRO B 286 -22.48 -20.99 30.08
C PRO B 286 -23.61 -20.21 29.42
N GLN B 287 -23.68 -20.33 28.10
CA GLN B 287 -24.59 -19.57 27.26
C GLN B 287 -25.66 -20.48 26.66
N HIS B 288 -26.23 -21.35 27.50
CA HIS B 288 -27.17 -22.36 27.04
C HIS B 288 -28.41 -21.76 26.38
N ALA B 289 -28.92 -20.67 26.93
CA ALA B 289 -30.09 -19.99 26.37
C ALA B 289 -29.88 -19.61 24.90
N VAL B 290 -28.70 -19.10 24.58
CA VAL B 290 -28.40 -18.73 23.22
C VAL B 290 -28.39 -19.98 22.32
N VAL B 291 -27.94 -21.11 22.86
CA VAL B 291 -28.01 -22.35 22.12
C VAL B 291 -29.47 -22.76 21.87
N LYS B 292 -30.33 -22.58 22.87
CA LYS B 292 -31.74 -22.92 22.72
C LYS B 292 -32.53 -21.88 21.92
N ALA B 293 -32.00 -20.67 21.80
CA ALA B 293 -32.66 -19.66 21.01
C ALA B 293 -32.32 -19.81 19.54
N GLN B 294 -31.06 -20.16 19.23
CA GLN B 294 -30.63 -20.07 17.84
C GLN B 294 -30.31 -21.40 17.10
N MSE B 295 -30.15 -22.51 17.81
CA MSE B 295 -29.83 -23.81 17.18
C MSE B 295 -30.92 -24.87 17.37
O MSE B 295 -31.45 -25.03 18.47
CB MSE B 295 -28.52 -24.38 17.76
CG MSE B 295 -27.31 -23.45 17.78
SE MSE B 295 -25.72 -24.24 18.67
CE MSE B 295 -25.41 -22.85 19.89
N SER B 296 -31.26 -25.64 16.33
CA SER B 296 -32.27 -26.69 16.52
C SER B 296 -31.68 -28.00 17.09
N ALA B 297 -30.35 -28.06 17.14
CA ALA B 297 -29.64 -29.17 17.74
C ALA B 297 -28.21 -28.71 18.04
N PRO B 298 -27.54 -29.37 19.03
CA PRO B 298 -26.27 -28.86 19.55
C PRO B 298 -25.02 -29.12 18.68
N GLY B 299 -25.09 -30.09 17.77
CA GLY B 299 -24.00 -30.31 16.84
C GLY B 299 -23.34 -31.67 16.91
N ALA B 300 -22.37 -31.88 16.02
CA ALA B 300 -21.73 -33.18 15.86
C ALA B 300 -20.37 -33.25 16.57
N ILE B 301 -19.97 -32.14 17.20
CA ILE B 301 -18.62 -32.02 17.76
C ILE B 301 -18.62 -31.97 19.30
N VAL B 302 -17.66 -32.67 19.89
CA VAL B 302 -17.56 -32.76 21.34
C VAL B 302 -16.10 -32.57 21.71
N SER B 303 -15.85 -31.83 22.78
CA SER B 303 -14.50 -31.64 23.27
C SER B 303 -14.45 -32.01 24.75
N PHE B 304 -13.30 -32.45 25.23
CA PHE B 304 -13.13 -32.82 26.64
C PHE B 304 -11.66 -32.87 27.00
N ASP B 305 -11.36 -32.55 28.25
CA ASP B 305 -9.99 -32.67 28.68
C ASP B 305 -9.66 -34.05 29.23
N TYR B 306 -8.67 -34.68 28.62
CA TYR B 306 -8.24 -36.01 29.01
C TYR B 306 -7.25 -35.91 30.18
N LEU B 307 -7.46 -36.70 31.23
CA LEU B 307 -6.60 -36.66 32.42
C LEU B 307 -5.77 -37.93 32.61
N GLY B 308 -6.02 -38.94 31.77
CA GLY B 308 -5.38 -40.23 31.95
C GLY B 308 -3.88 -40.23 31.74
N GLY B 309 -3.41 -39.32 30.88
CA GLY B 309 -2.00 -39.22 30.54
C GLY B 309 -1.80 -38.49 29.23
N PRO B 310 -0.58 -38.56 28.67
CA PRO B 310 -0.24 -37.86 27.43
C PRO B 310 -1.25 -38.09 26.31
N ALA B 311 -1.77 -36.99 25.75
CA ALA B 311 -2.77 -37.07 24.69
C ALA B 311 -2.30 -37.88 23.49
N GLU B 312 -1.03 -37.74 23.12
CA GLU B 312 -0.53 -38.43 21.94
C GLU B 312 -0.59 -39.95 22.10
N ARG B 313 -0.51 -40.44 23.33
CA ARG B 313 -0.70 -41.87 23.59
C ARG B 313 -2.16 -42.31 23.43
N LEU B 314 -3.08 -41.49 23.92
CA LEU B 314 -4.50 -41.82 23.80
C LEU B 314 -4.90 -41.91 22.33
N LEU B 315 -4.45 -40.95 21.52
CA LEU B 315 -4.80 -40.90 20.11
C LEU B 315 -4.54 -42.22 19.34
N ASP B 316 -3.50 -42.93 19.73
CA ASP B 316 -3.10 -44.19 19.07
C ASP B 316 -3.87 -45.42 19.56
N ARG B 317 -4.93 -45.22 20.33
CA ARG B 317 -5.66 -46.34 20.93
C ARG B 317 -7.02 -46.58 20.29
N PHE B 318 -7.48 -45.62 19.50
CA PHE B 318 -8.76 -45.79 18.82
C PHE B 318 -8.60 -46.78 17.68
N THR B 319 -9.58 -47.64 17.51
CA THR B 319 -9.57 -48.52 16.35
C THR B 319 -10.81 -48.28 15.49
N LEU B 320 -11.58 -47.26 15.83
CA LEU B 320 -12.76 -46.91 15.04
C LEU B 320 -12.79 -45.42 14.66
N PHE B 321 -12.75 -44.53 15.64
CA PHE B 321 -12.48 -43.11 15.37
C PHE B 321 -11.17 -43.07 14.62
N THR B 322 -11.06 -42.19 13.64
CA THR B 322 -9.79 -42.00 12.95
C THR B 322 -9.06 -40.75 13.47
N CYS B 323 -7.73 -40.80 13.57
CA CYS B 323 -6.94 -39.64 14.00
C CYS B 323 -6.57 -38.76 12.80
N GLY B 324 -7.20 -37.60 12.70
CA GLY B 324 -6.95 -36.68 11.60
C GLY B 324 -7.84 -35.44 11.70
N VAL B 325 -7.69 -34.52 10.77
CA VAL B 325 -8.43 -33.26 10.84
C VAL B 325 -9.56 -33.20 9.82
N SER B 326 -10.27 -32.08 9.77
CA SER B 326 -11.64 -31.96 9.21
C SER B 326 -12.71 -32.58 10.10
N LEU B 327 -13.95 -32.46 9.67
CA LEU B 327 -15.08 -32.81 10.51
C LEU B 327 -16.34 -32.96 9.71
N GLY B 328 -17.38 -33.43 10.38
CA GLY B 328 -18.72 -33.50 9.82
C GLY B 328 -18.93 -34.68 8.89
N GLY B 329 -17.88 -35.43 8.61
CA GLY B 329 -17.99 -36.55 7.68
C GLY B 329 -18.60 -37.82 8.24
N VAL B 330 -19.07 -38.69 7.34
CA VAL B 330 -19.58 -40.01 7.72
C VAL B 330 -18.63 -40.78 8.64
N HIS B 331 -17.31 -40.64 8.44
CA HIS B 331 -16.32 -41.31 9.29
C HIS B 331 -15.95 -40.43 10.49
N SER B 332 -16.02 -41.01 11.69
CA SER B 332 -15.68 -40.31 12.93
C SER B 332 -14.19 -39.98 13.05
N LEU B 333 -13.89 -38.75 13.47
CA LEU B 333 -12.52 -38.28 13.68
C LEU B 333 -12.27 -37.88 15.14
N VAL B 334 -11.01 -37.97 15.55
CA VAL B 334 -10.55 -37.50 16.85
C VAL B 334 -9.28 -36.70 16.58
N GLU B 335 -9.03 -35.67 17.39
CA GLU B 335 -7.75 -34.96 17.35
C GLU B 335 -7.40 -34.43 18.73
N CYS B 336 -6.17 -33.94 18.86
CA CYS B 336 -5.76 -33.14 20.01
C CYS B 336 -5.29 -31.80 19.48
N PRO B 337 -6.14 -30.77 19.63
CA PRO B 337 -5.91 -29.40 19.14
C PRO B 337 -4.49 -28.90 19.36
N ALA B 338 -3.94 -29.09 20.55
CA ALA B 338 -2.55 -28.71 20.81
C ALA B 338 -1.59 -29.33 19.79
N LEU B 339 -1.88 -30.57 19.39
CA LEU B 339 -0.97 -31.31 18.53
C LEU B 339 -1.34 -31.18 17.05
N MSE B 340 -2.59 -30.80 16.75
CA MSE B 340 -2.92 -30.51 15.36
C MSE B 340 -3.66 -29.26 14.95
O MSE B 340 -3.00 -28.26 14.71
CB MSE B 340 -3.42 -31.73 14.64
CG MSE B 340 -2.32 -32.18 13.80
SE MSE B 340 -2.08 -30.98 12.29
CE MSE B 340 -2.86 -32.23 10.98
N THR B 341 -5.00 -29.29 14.83
CA THR B 341 -5.73 -28.14 14.25
C THR B 341 -5.14 -26.78 14.59
N HIS B 342 -4.61 -26.64 15.80
CA HIS B 342 -4.01 -25.39 16.25
C HIS B 342 -2.53 -25.53 16.63
N ARG B 343 -1.85 -26.50 16.02
CA ARG B 343 -0.47 -26.86 16.35
C ARG B 343 0.61 -25.74 16.27
N PRO B 344 0.54 -24.84 15.26
CA PRO B 344 1.47 -23.69 15.27
C PRO B 344 1.07 -22.51 16.18
N LEU B 345 0.42 -22.78 17.30
CA LEU B 345 0.31 -21.78 18.36
C LEU B 345 1.36 -22.14 19.42
N SER B 346 1.92 -21.15 20.11
CA SER B 346 2.99 -21.41 21.09
C SER B 346 2.50 -22.14 22.36
N ALA B 347 3.14 -21.88 23.50
CA ALA B 347 2.75 -22.54 24.75
C ALA B 347 2.30 -21.57 25.83
N GLU B 348 1.92 -20.36 25.42
CA GLU B 348 1.31 -19.39 26.33
C GLU B 348 -0.07 -19.11 25.78
N ALA B 349 -0.18 -19.18 24.46
CA ALA B 349 -1.33 -18.68 23.72
C ALA B 349 -2.46 -19.69 23.45
N ARG B 350 -2.10 -20.97 23.26
CA ARG B 350 -3.13 -22.01 23.15
C ARG B 350 -4.01 -22.03 24.39
N ALA B 351 -3.38 -21.85 25.55
CA ALA B 351 -4.08 -21.87 26.83
C ALA B 351 -5.14 -20.77 26.88
N ARG B 352 -4.68 -19.53 26.76
CA ARG B 352 -5.53 -18.33 26.79
C ARG B 352 -6.85 -18.52 26.07
N ARG B 353 -6.79 -19.27 24.97
CA ARG B 353 -7.96 -19.66 24.19
C ARG B 353 -8.88 -20.58 24.97
N GLY B 354 -8.43 -21.00 26.16
CA GLY B 354 -9.15 -21.99 26.95
C GLY B 354 -8.61 -23.41 26.71
N ILE B 355 -7.79 -23.57 25.68
CA ILE B 355 -7.38 -24.89 25.19
C ILE B 355 -6.25 -25.53 26.01
N GLY B 356 -6.54 -26.67 26.64
CA GLY B 356 -5.53 -27.39 27.39
C GLY B 356 -4.66 -28.24 26.48
N GLU B 357 -3.49 -28.64 26.97
CA GLU B 357 -2.63 -29.54 26.20
C GLU B 357 -3.24 -30.93 26.01
N SER B 358 -4.18 -31.31 26.88
CA SER B 358 -4.81 -32.62 26.78
C SER B 358 -6.30 -32.56 26.42
N LEU B 359 -6.74 -31.43 25.87
CA LEU B 359 -8.09 -31.34 25.37
C LEU B 359 -8.18 -32.18 24.10
N ILE B 360 -9.23 -32.98 24.02
CA ILE B 360 -9.45 -33.87 22.90
C ILE B 360 -10.71 -33.43 22.18
N ARG B 361 -10.66 -33.37 20.85
CA ARG B 361 -11.83 -33.02 20.04
C ARG B 361 -12.29 -34.19 19.17
N LEU B 362 -13.59 -34.47 19.22
CA LEU B 362 -14.21 -35.54 18.46
C LEU B 362 -15.13 -34.94 17.42
N SER B 363 -15.11 -35.48 16.21
CA SER B 363 -16.13 -35.19 15.21
C SER B 363 -16.90 -36.48 14.96
N VAL B 364 -18.17 -36.48 15.30
CA VAL B 364 -18.94 -37.73 15.32
C VAL B 364 -19.49 -38.07 13.95
N GLY B 365 -19.12 -39.24 13.44
CA GLY B 365 -19.63 -39.71 12.17
C GLY B 365 -20.96 -40.43 12.32
N ILE B 366 -21.25 -41.33 11.39
CA ILE B 366 -22.54 -42.01 11.38
C ILE B 366 -22.45 -43.51 11.76
N GLU B 367 -21.31 -43.92 12.31
CA GLU B 367 -21.16 -45.31 12.77
C GLU B 367 -22.18 -45.65 13.85
N ASP B 368 -22.33 -46.94 14.16
CA ASP B 368 -23.20 -47.33 15.26
C ASP B 368 -22.67 -46.65 16.53
N PRO B 369 -23.56 -46.01 17.30
CA PRO B 369 -23.17 -45.26 18.51
C PRO B 369 -22.50 -46.18 19.52
N GLN B 370 -23.02 -47.39 19.65
CA GLN B 370 -22.40 -48.35 20.55
C GLN B 370 -20.94 -48.69 20.17
N ASP B 371 -20.63 -48.82 18.88
CA ASP B 371 -19.23 -49.08 18.49
C ASP B 371 -18.36 -47.85 18.77
N LEU B 372 -18.89 -46.66 18.49
CA LEU B 372 -18.16 -45.43 18.81
C LEU B 372 -17.94 -45.27 20.31
N ALA B 373 -19.00 -45.47 21.10
CA ALA B 373 -18.90 -45.41 22.56
C ALA B 373 -17.86 -46.37 23.10
N GLU B 374 -17.92 -47.62 22.66
CA GLU B 374 -17.01 -48.66 23.17
C GLU B 374 -15.57 -48.35 22.77
N ASP B 375 -15.38 -47.89 21.53
CA ASP B 375 -14.06 -47.50 21.04
C ASP B 375 -13.48 -46.38 21.91
N LEU B 376 -14.31 -45.37 22.19
CA LEU B 376 -13.95 -44.28 23.07
C LEU B 376 -13.57 -44.80 24.47
N SER B 377 -14.42 -45.66 25.02
CA SER B 377 -14.17 -46.24 26.34
C SER B 377 -12.88 -47.06 26.35
N ARG B 378 -12.68 -47.84 25.28
CA ARG B 378 -11.46 -48.64 25.12
C ARG B 378 -10.23 -47.73 25.24
N ALA B 379 -10.25 -46.64 24.49
CA ALA B 379 -9.09 -45.74 24.44
C ALA B 379 -8.82 -45.12 25.81
N LEU B 380 -9.86 -44.68 26.50
CA LEU B 380 -9.69 -44.01 27.79
C LEU B 380 -9.16 -44.93 28.90
N ALA B 381 -9.46 -46.22 28.83
CA ALA B 381 -9.14 -47.11 29.94
C ALA B 381 -7.68 -47.59 29.93
N GLY B 382 -7.18 -47.95 28.76
CA GLY B 382 -5.82 -48.44 28.66
C GLY B 382 -5.72 -49.88 28.24
N GLY B 383 -4.89 -50.10 27.20
CA GLY B 383 -4.68 -51.40 26.57
C GLY B 383 -4.49 -52.57 27.51
N GLY C 6 -15.67 -55.42 17.70
CA GLY C 6 -15.58 -54.86 16.36
C GLY C 6 -16.73 -54.00 15.88
N MSE C 7 -17.75 -54.63 15.27
CA MSE C 7 -18.73 -53.84 14.49
C MSE C 7 -20.19 -54.31 14.21
O MSE C 7 -20.44 -55.34 13.58
CB MSE C 7 -18.06 -53.26 13.21
CG MSE C 7 -17.23 -54.21 12.23
SE MSE C 7 -16.19 -53.35 10.67
CE MSE C 7 -16.26 -54.79 9.44
N ARG C 8 -21.15 -53.49 14.67
CA ARG C 8 -22.54 -53.50 14.20
C ARG C 8 -22.65 -53.00 12.74
N PHE C 9 -23.83 -52.51 12.34
CA PHE C 9 -24.16 -52.23 10.93
C PHE C 9 -23.71 -50.88 10.32
N GLY C 10 -24.16 -49.77 10.91
CA GLY C 10 -23.71 -48.45 10.50
C GLY C 10 -22.20 -48.29 10.54
N THR C 11 -21.54 -49.14 11.29
CA THR C 11 -20.08 -49.18 11.29
C THR C 11 -19.54 -49.88 10.04
N ARG C 12 -20.07 -51.06 9.73
CA ARG C 12 -19.63 -51.82 8.55
C ARG C 12 -20.04 -51.13 7.25
N LEU C 13 -21.06 -50.29 7.30
CA LEU C 13 -21.43 -49.49 6.13
C LEU C 13 -20.32 -48.50 5.84
N VAL C 14 -19.81 -47.88 6.89
CA VAL C 14 -18.79 -46.85 6.75
C VAL C 14 -17.40 -47.47 6.55
N HIS C 15 -17.19 -48.63 7.17
CA HIS C 15 -15.83 -49.14 7.35
C HIS C 15 -15.46 -50.51 6.76
N GLY C 16 -16.44 -51.40 6.61
CA GLY C 16 -16.17 -52.66 5.95
C GLY C 16 -15.58 -52.40 4.58
N GLY C 17 -14.37 -52.90 4.32
CA GLY C 17 -13.73 -52.72 3.03
C GLY C 17 -12.94 -51.43 2.84
N ARG C 18 -12.52 -50.81 3.94
CA ARG C 18 -11.75 -49.57 3.88
C ARG C 18 -10.45 -49.69 4.66
N ARG C 19 -9.67 -50.72 4.32
CA ARG C 19 -8.28 -50.88 4.74
C ARG C 19 -7.43 -49.67 4.95
N PRO C 20 -6.17 -49.76 4.50
CA PRO C 20 -5.84 -48.37 4.20
C PRO C 20 -5.03 -48.20 2.94
N SER C 21 -4.68 -46.94 2.68
CA SER C 21 -3.57 -46.63 1.81
C SER C 21 -2.34 -46.52 2.70
N ALA C 22 -1.37 -47.40 2.48
CA ALA C 22 -0.05 -47.19 3.05
C ALA C 22 0.55 -46.01 2.30
N GLY C 23 1.70 -45.53 2.75
CA GLY C 23 2.32 -44.41 2.09
C GLY C 23 1.68 -43.09 2.47
N THR C 24 0.43 -42.86 2.06
CA THR C 24 -0.19 -41.55 2.24
C THR C 24 -1.28 -41.45 3.33
N GLY C 25 -2.03 -42.52 3.54
CA GLY C 25 -2.96 -42.58 4.67
C GLY C 25 -4.36 -42.09 4.38
N ASP C 26 -4.78 -42.18 3.13
CA ASP C 26 -6.11 -41.71 2.73
C ASP C 26 -7.21 -42.39 3.54
N VAL C 27 -8.08 -41.58 4.15
CA VAL C 27 -9.28 -42.11 4.80
C VAL C 27 -10.25 -42.74 3.79
N VAL C 28 -10.59 -41.98 2.75
CA VAL C 28 -11.37 -42.54 1.64
C VAL C 28 -10.37 -43.21 0.68
N PRO C 29 -10.58 -44.49 0.37
CA PRO C 29 -9.61 -45.14 -0.53
C PRO C 29 -9.55 -44.48 -1.91
N PRO C 30 -8.36 -44.42 -2.52
CA PRO C 30 -8.24 -43.79 -3.83
C PRO C 30 -8.95 -44.63 -4.88
N ILE C 31 -9.40 -44.02 -5.96
CA ILE C 31 -10.08 -44.75 -7.04
C ILE C 31 -9.09 -45.38 -8.01
N HIS C 32 -9.03 -46.71 -8.01
CA HIS C 32 -8.14 -47.46 -8.89
C HIS C 32 -8.76 -47.62 -10.29
N VAL C 33 -8.39 -46.73 -11.20
CA VAL C 33 -8.97 -46.75 -12.54
C VAL C 33 -8.06 -47.47 -13.55
N SER C 34 -6.85 -47.81 -13.13
CA SER C 34 -5.91 -48.46 -14.03
C SER C 34 -6.45 -49.82 -14.44
N THR C 35 -6.41 -50.10 -15.74
CA THR C 35 -6.82 -51.39 -16.26
C THR C 35 -5.59 -52.28 -16.33
N THR C 36 -4.43 -51.66 -16.16
CA THR C 36 -3.19 -52.38 -16.34
C THR C 36 -2.28 -52.32 -15.11
N TYR C 37 -1.53 -53.39 -14.91
CA TYR C 37 -0.64 -53.49 -13.76
C TYR C 37 0.78 -53.91 -14.07
N GLU C 38 1.72 -53.24 -13.42
CA GLU C 38 3.12 -53.59 -13.57
C GLU C 38 3.43 -54.83 -12.75
N ARG C 39 4.09 -55.78 -13.41
CA ARG C 39 4.46 -57.06 -12.82
C ARG C 39 5.93 -57.01 -12.32
N ARG C 40 6.28 -55.95 -11.60
CA ARG C 40 7.53 -55.86 -10.86
C ARG C 40 7.33 -55.10 -9.56
N ALA C 41 6.13 -54.55 -9.36
CA ALA C 41 5.89 -53.57 -8.30
C ALA C 41 5.11 -54.10 -7.09
N GLN C 42 4.76 -55.38 -7.13
CA GLN C 42 3.96 -56.00 -6.08
C GLN C 42 4.84 -56.92 -5.30
N ASP C 43 4.42 -57.32 -4.11
CA ASP C 43 5.06 -58.51 -3.58
C ASP C 43 4.24 -59.73 -3.99
N GLU C 44 3.14 -60.02 -3.33
CA GLU C 44 2.32 -61.08 -3.91
C GLU C 44 1.53 -60.54 -5.11
N PRO C 45 1.84 -61.08 -6.29
CA PRO C 45 1.22 -60.70 -7.57
C PRO C 45 -0.28 -60.69 -7.40
N ARG C 46 -0.83 -59.52 -7.14
CA ARG C 46 -2.24 -59.41 -6.78
C ARG C 46 -3.09 -58.77 -7.88
N TYR C 47 -2.46 -58.26 -8.93
CA TYR C 47 -3.18 -57.50 -9.96
C TYR C 47 -2.60 -57.73 -11.36
N PHE C 48 -3.31 -58.49 -12.19
CA PHE C 48 -2.81 -58.86 -13.53
C PHE C 48 -3.40 -57.96 -14.60
N TYR C 49 -4.71 -57.71 -14.50
CA TYR C 49 -5.45 -56.96 -15.51
C TYR C 49 -6.81 -56.62 -14.96
N GLY C 50 -7.31 -55.44 -15.32
CA GLY C 50 -8.51 -54.86 -14.74
C GLY C 50 -9.78 -55.67 -14.71
N ARG C 51 -10.08 -56.41 -15.77
CA ARG C 51 -11.28 -57.25 -15.80
C ARG C 51 -11.22 -58.32 -14.69
N GLY C 52 -10.03 -58.83 -14.41
CA GLY C 52 -9.86 -59.88 -13.42
C GLY C 52 -9.70 -59.43 -11.97
N GLU C 53 -9.07 -58.28 -11.77
CA GLU C 53 -8.72 -57.79 -10.42
C GLU C 53 -8.72 -56.27 -10.37
N ASN C 54 -9.24 -55.70 -9.28
CA ASN C 54 -9.26 -54.25 -9.06
C ASN C 54 -9.59 -53.95 -7.59
N PRO C 55 -8.71 -53.19 -6.91
CA PRO C 55 -8.83 -52.91 -5.47
C PRO C 55 -10.15 -52.23 -5.10
N THR C 56 -10.55 -51.24 -5.89
CA THR C 56 -11.78 -50.48 -5.65
C THR C 56 -13.02 -51.38 -5.71
N ARG C 57 -13.08 -52.18 -6.75
CA ARG C 57 -14.12 -53.19 -6.84
C ARG C 57 -14.07 -54.14 -5.63
N GLU C 58 -12.88 -54.65 -5.32
CA GLU C 58 -12.67 -55.52 -4.15
C GLU C 58 -13.11 -54.84 -2.85
N GLU C 59 -12.86 -53.55 -2.74
CA GLU C 59 -13.24 -52.80 -1.54
C GLU C 59 -14.75 -52.80 -1.39
N LEU C 60 -15.45 -52.55 -2.49
CA LEU C 60 -16.90 -52.58 -2.47
C LEU C 60 -17.40 -54.00 -2.09
N GLU C 61 -16.83 -55.02 -2.72
CA GLU C 61 -17.21 -56.41 -2.46
C GLU C 61 -17.05 -56.78 -0.98
N GLU C 62 -15.96 -56.32 -0.39
CA GLU C 62 -15.69 -56.62 1.00
C GLU C 62 -16.72 -55.94 1.89
N CYS C 63 -17.12 -54.73 1.51
CA CYS C 63 -18.16 -54.04 2.25
C CYS C 63 -19.48 -54.81 2.22
N LEU C 64 -19.92 -55.16 1.02
CA LEU C 64 -21.19 -55.88 0.81
C LEU C 64 -21.23 -57.21 1.57
N ALA C 65 -20.16 -58.01 1.46
CA ALA C 65 -20.06 -59.27 2.18
C ALA C 65 -20.13 -59.05 3.68
N GLY C 66 -19.42 -58.02 4.14
CA GLY C 66 -19.45 -57.63 5.53
C GLY C 66 -20.85 -57.33 6.04
N LEU C 67 -21.74 -56.85 5.17
CA LEU C 67 -23.10 -56.53 5.60
C LEU C 67 -24.00 -57.77 5.76
N GLU C 68 -23.43 -58.96 5.56
CA GLU C 68 -24.18 -60.20 5.77
C GLU C 68 -23.33 -61.24 6.51
N ARG C 69 -22.25 -60.76 7.14
CA ARG C 69 -21.28 -61.63 7.83
C ARG C 69 -20.90 -62.82 6.95
N ALA C 70 -20.71 -62.56 5.66
CA ALA C 70 -20.44 -63.60 4.67
C ALA C 70 -18.98 -63.56 4.19
N PRO C 71 -18.45 -64.70 3.72
CA PRO C 71 -17.06 -64.65 3.25
C PRO C 71 -16.88 -64.14 1.81
N PHE C 72 -17.95 -64.01 1.04
CA PHE C 72 -17.80 -63.60 -0.36
C PHE C 72 -18.84 -62.59 -0.82
N ALA C 73 -18.40 -61.71 -1.72
CA ALA C 73 -19.31 -60.98 -2.59
C ALA C 73 -18.63 -60.75 -3.93
N THR C 74 -19.43 -60.64 -4.98
CA THR C 74 -18.93 -60.34 -6.30
C THR C 74 -19.86 -59.29 -6.86
N VAL C 75 -19.31 -58.19 -7.38
CA VAL C 75 -20.15 -57.16 -8.00
C VAL C 75 -20.12 -57.21 -9.52
N PHE C 76 -21.17 -56.63 -10.10
CA PHE C 76 -21.43 -56.69 -11.52
C PHE C 76 -21.85 -55.33 -12.06
N SER C 77 -21.81 -55.21 -13.38
CA SER C 77 -22.21 -54.01 -14.08
C SER C 77 -23.67 -53.59 -13.78
N SER C 78 -24.56 -54.56 -13.55
CA SER C 78 -25.93 -54.28 -13.13
C SER C 78 -26.48 -55.47 -12.39
N GLY C 79 -27.70 -55.34 -11.86
CA GLY C 79 -28.37 -56.45 -11.21
C GLY C 79 -28.67 -57.60 -12.17
N GLN C 80 -29.10 -57.27 -13.38
CA GLN C 80 -29.37 -58.30 -14.37
C GLN C 80 -28.12 -59.16 -14.62
N ALA C 81 -26.96 -58.51 -14.63
CA ALA C 81 -25.69 -59.23 -14.84
C ALA C 81 -25.44 -60.24 -13.72
N ALA C 82 -25.66 -59.79 -12.48
CA ALA C 82 -25.52 -60.66 -11.32
C ALA C 82 -26.46 -61.86 -11.47
N ALA C 83 -27.70 -61.58 -11.84
CA ALA C 83 -28.69 -62.63 -12.02
C ALA C 83 -28.26 -63.60 -13.11
N ALA C 84 -27.79 -63.07 -14.24
CA ALA C 84 -27.36 -63.91 -15.35
C ALA C 84 -26.27 -64.88 -14.91
N THR C 85 -25.31 -64.37 -14.15
CA THR C 85 -24.18 -65.14 -13.68
C THR C 85 -24.58 -66.36 -12.83
N LEU C 86 -25.44 -66.17 -11.84
CA LEU C 86 -25.88 -67.27 -10.99
C LEU C 86 -26.65 -68.24 -11.87
N LEU C 87 -27.48 -67.69 -12.74
CA LEU C 87 -28.30 -68.48 -13.62
C LEU C 87 -27.50 -69.33 -14.60
N SER C 88 -26.39 -68.79 -15.08
CA SER C 88 -25.54 -69.50 -16.05
C SER C 88 -25.02 -70.83 -15.52
N LEU C 89 -25.09 -71.05 -14.20
CA LEU C 89 -24.53 -72.25 -13.59
C LEU C 89 -25.48 -73.44 -13.76
N VAL C 90 -26.75 -73.13 -13.94
CA VAL C 90 -27.75 -74.14 -14.20
C VAL C 90 -27.46 -74.73 -15.57
N ARG C 91 -27.30 -76.05 -15.63
CA ARG C 91 -26.97 -76.74 -16.88
C ARG C 91 -28.22 -77.20 -17.62
N PRO C 92 -28.13 -77.31 -18.95
CA PRO C 92 -29.27 -77.78 -19.74
C PRO C 92 -29.73 -79.12 -19.19
N GLY C 93 -31.03 -79.31 -19.03
CA GLY C 93 -31.53 -80.55 -18.45
C GLY C 93 -31.73 -80.46 -16.96
N GLN C 94 -31.61 -79.26 -16.41
CA GLN C 94 -31.89 -79.02 -15.01
C GLN C 94 -33.14 -78.16 -14.87
N CYS C 95 -33.41 -77.67 -13.65
CA CYS C 95 -34.67 -76.99 -13.39
C CYS C 95 -34.60 -75.90 -12.31
N VAL C 96 -35.29 -74.78 -12.56
CA VAL C 96 -35.41 -73.71 -11.56
C VAL C 96 -36.89 -73.43 -11.30
N VAL C 97 -37.23 -73.21 -10.03
CA VAL C 97 -38.56 -72.74 -9.64
C VAL C 97 -38.47 -71.31 -9.15
N SER C 98 -39.41 -70.49 -9.58
CA SER C 98 -39.61 -69.19 -8.98
C SER C 98 -41.09 -68.86 -8.95
N THR C 99 -41.43 -67.68 -8.47
CA THR C 99 -42.80 -67.19 -8.53
C THR C 99 -42.98 -66.51 -9.89
N ASP C 100 -44.16 -66.67 -10.53
CA ASP C 100 -44.40 -66.11 -11.89
C ASP C 100 -44.09 -64.64 -12.00
N ASP C 101 -44.57 -63.89 -11.01
CA ASP C 101 -44.46 -62.45 -10.98
C ASP C 101 -43.07 -61.99 -10.56
N VAL C 102 -42.02 -62.76 -10.86
CA VAL C 102 -40.68 -62.22 -10.63
C VAL C 102 -40.46 -61.07 -11.54
N TYR C 103 -39.41 -60.31 -11.25
CA TYR C 103 -39.03 -59.14 -12.04
C TYR C 103 -38.87 -59.56 -13.49
N ALA C 104 -39.44 -58.79 -14.41
CA ALA C 104 -39.44 -59.16 -15.84
C ALA C 104 -38.02 -59.30 -16.38
N GLY C 105 -37.05 -58.84 -15.60
CA GLY C 105 -35.66 -59.01 -15.94
C GLY C 105 -35.20 -60.40 -15.54
N THR C 106 -35.84 -60.96 -14.52
CA THR C 106 -35.61 -62.35 -14.19
C THR C 106 -36.32 -63.22 -15.22
N ASP C 107 -37.54 -62.81 -15.57
CA ASP C 107 -38.34 -63.43 -16.63
C ASP C 107 -37.50 -63.62 -17.89
N GLY C 108 -37.04 -62.48 -18.44
CA GLY C 108 -36.27 -62.46 -19.66
C GLY C 108 -35.04 -63.34 -19.57
N LEU C 109 -34.39 -63.29 -18.41
CA LEU C 109 -33.25 -64.16 -18.15
C LEU C 109 -33.65 -65.66 -18.10
N PHE C 110 -34.77 -65.96 -17.45
CA PHE C 110 -35.27 -67.34 -17.44
C PHE C 110 -35.58 -67.79 -18.87
N ASP C 111 -36.16 -66.89 -19.67
CA ASP C 111 -36.46 -67.18 -21.07
C ASP C 111 -35.20 -67.50 -21.86
N LEU C 112 -34.13 -66.77 -21.56
CA LEU C 112 -32.86 -66.98 -22.25
C LEU C 112 -32.36 -68.37 -21.88
N ALA C 113 -32.44 -68.69 -20.60
CA ALA C 113 -32.00 -69.99 -20.11
C ALA C 113 -32.82 -71.11 -20.76
N ALA C 114 -34.11 -70.88 -20.95
CA ALA C 114 -35.00 -71.90 -21.52
C ALA C 114 -34.63 -72.26 -22.95
N ARG C 115 -34.20 -71.28 -23.74
CA ARG C 115 -33.80 -71.58 -25.11
C ARG C 115 -32.46 -72.28 -25.10
N GLN C 116 -31.79 -72.28 -23.96
CA GLN C 116 -30.56 -73.03 -23.82
C GLN C 116 -30.85 -74.50 -23.51
N GLY C 117 -32.03 -74.77 -22.97
CA GLY C 117 -32.39 -76.13 -22.56
C GLY C 117 -32.74 -76.22 -21.08
N VAL C 118 -32.73 -75.08 -20.40
CA VAL C 118 -33.09 -75.02 -18.98
C VAL C 118 -34.61 -75.09 -18.77
N ARG C 119 -35.04 -75.94 -17.84
CA ARG C 119 -36.45 -76.04 -17.49
C ARG C 119 -36.78 -75.09 -16.33
N VAL C 120 -37.74 -74.20 -16.55
CA VAL C 120 -38.13 -73.25 -15.53
C VAL C 120 -39.60 -73.41 -15.17
N ARG C 121 -39.88 -73.71 -13.90
CA ARG C 121 -41.15 -74.33 -13.52
C ARG C 121 -42.28 -73.43 -13.00
N TYR C 122 -41.95 -72.33 -12.34
CA TYR C 122 -42.97 -71.40 -11.79
C TYR C 122 -43.94 -72.02 -10.75
N ALA C 123 -43.88 -71.54 -9.52
CA ALA C 123 -44.77 -72.06 -8.48
C ALA C 123 -45.11 -71.07 -7.38
N ASP C 124 -46.29 -71.25 -6.80
CA ASP C 124 -46.69 -70.52 -5.59
C ASP C 124 -45.87 -71.05 -4.44
N LEU C 125 -45.17 -70.18 -3.73
CA LEU C 125 -44.27 -70.58 -2.67
C LEU C 125 -44.72 -70.07 -1.29
N THR C 126 -46.02 -69.93 -1.10
CA THR C 126 -46.59 -69.28 0.09
C THR C 126 -47.41 -70.25 0.92
N THR C 127 -48.16 -71.10 0.24
CA THR C 127 -48.94 -72.09 0.92
C THR C 127 -48.17 -73.41 0.92
N PRO C 128 -48.36 -74.23 1.96
CA PRO C 128 -47.65 -75.50 2.12
C PRO C 128 -47.91 -76.43 0.95
N GLU C 129 -49.19 -76.61 0.64
CA GLU C 129 -49.65 -77.35 -0.54
C GLU C 129 -48.74 -77.12 -1.76
N GLY C 130 -48.47 -75.86 -2.07
CA GLY C 130 -47.83 -75.52 -3.32
C GLY C 130 -46.32 -75.65 -3.29
N ILE C 131 -45.74 -75.55 -2.09
CA ILE C 131 -44.30 -75.58 -1.92
C ILE C 131 -43.82 -77.00 -2.12
N ALA C 132 -44.61 -77.95 -1.65
CA ALA C 132 -44.31 -79.37 -1.87
C ALA C 132 -44.37 -79.69 -3.34
N ALA C 133 -45.39 -79.18 -4.02
CA ALA C 133 -45.63 -79.50 -5.43
C ALA C 133 -44.40 -79.15 -6.24
N ALA C 134 -44.09 -77.86 -6.27
CA ALA C 134 -42.88 -77.37 -6.93
C ALA C 134 -41.67 -78.16 -6.51
N LEU C 135 -41.26 -77.98 -5.24
CA LEU C 135 -40.04 -78.63 -4.74
C LEU C 135 -40.09 -80.15 -4.89
N ALA C 136 -40.54 -80.59 -6.05
CA ALA C 136 -40.63 -81.99 -6.41
C ALA C 136 -40.60 -82.15 -7.94
N GLU C 137 -40.28 -81.06 -8.65
CA GLU C 137 -39.98 -81.20 -10.07
C GLU C 137 -38.52 -81.57 -10.22
N PRO C 138 -38.24 -82.85 -10.54
CA PRO C 138 -36.91 -83.47 -10.50
C PRO C 138 -35.84 -82.68 -11.23
N ASP C 139 -34.59 -83.05 -11.00
CA ASP C 139 -33.45 -82.28 -11.50
C ASP C 139 -33.42 -80.85 -10.99
N LEU C 140 -34.27 -80.54 -10.02
CA LEU C 140 -34.34 -79.20 -9.42
C LEU C 140 -32.93 -78.83 -8.96
N ALA C 141 -32.43 -77.69 -9.43
CA ALA C 141 -31.09 -77.25 -9.09
C ALA C 141 -31.06 -75.88 -8.40
N LEU C 142 -32.08 -75.07 -8.62
CA LEU C 142 -32.09 -73.70 -8.13
C LEU C 142 -33.49 -73.18 -7.74
N VAL C 143 -33.61 -72.59 -6.56
CA VAL C 143 -34.88 -72.00 -6.13
C VAL C 143 -34.76 -70.49 -6.02
N TRP C 144 -35.51 -69.78 -6.86
CA TRP C 144 -35.35 -68.35 -7.02
C TRP C 144 -36.46 -67.59 -6.30
N ILE C 145 -36.15 -67.03 -5.14
CA ILE C 145 -37.15 -66.35 -4.33
C ILE C 145 -37.00 -64.83 -4.38
N GLU C 146 -38.07 -64.14 -4.77
CA GLU C 146 -38.06 -62.69 -4.68
C GLU C 146 -39.10 -62.24 -3.67
N THR C 147 -38.66 -61.75 -2.52
CA THR C 147 -39.56 -61.41 -1.42
C THR C 147 -39.10 -60.14 -0.70
N PRO C 148 -40.01 -59.16 -0.52
CA PRO C 148 -41.40 -59.20 -1.00
C PRO C 148 -41.49 -59.15 -2.54
N THR C 149 -42.63 -59.54 -3.08
CA THR C 149 -42.82 -59.54 -4.52
C THR C 149 -43.25 -58.16 -4.96
N ASN C 150 -43.13 -57.89 -6.25
CA ASN C 150 -43.34 -56.56 -6.75
C ASN C 150 -44.27 -56.59 -7.96
N PRO C 151 -45.34 -55.77 -7.94
CA PRO C 151 -45.70 -54.73 -6.96
C PRO C 151 -46.80 -55.12 -5.98
N LEU C 152 -47.12 -56.40 -5.88
CA LEU C 152 -48.20 -56.82 -4.98
C LEU C 152 -47.71 -57.12 -3.55
N LEU C 153 -46.39 -57.13 -3.38
CA LEU C 153 -45.77 -57.13 -2.06
C LEU C 153 -46.05 -58.39 -1.25
N THR C 154 -46.33 -59.50 -1.93
CA THR C 154 -46.47 -60.77 -1.24
C THR C 154 -45.09 -61.24 -0.77
N VAL C 155 -45.07 -62.11 0.24
CA VAL C 155 -43.83 -62.50 0.88
C VAL C 155 -43.70 -64.01 1.07
N VAL C 156 -42.52 -64.54 0.79
CA VAL C 156 -42.20 -65.94 0.92
C VAL C 156 -41.27 -66.19 2.12
N ASP C 157 -41.55 -67.23 2.90
CA ASP C 157 -40.73 -67.56 4.06
C ASP C 157 -39.42 -68.17 3.59
N VAL C 158 -38.34 -67.40 3.67
CA VAL C 158 -37.06 -67.85 3.16
C VAL C 158 -36.53 -69.05 3.93
N ALA C 159 -36.59 -68.99 5.26
CA ALA C 159 -36.12 -70.10 6.09
C ALA C 159 -36.81 -71.40 5.72
N GLU C 160 -38.13 -71.33 5.49
CA GLU C 160 -38.92 -72.51 5.20
C GLU C 160 -38.64 -73.08 3.81
N VAL C 161 -38.64 -72.22 2.80
CA VAL C 161 -38.42 -72.71 1.45
C VAL C 161 -36.98 -73.22 1.34
N SER C 162 -36.07 -72.65 2.14
CA SER C 162 -34.69 -73.12 2.14
C SER C 162 -34.54 -74.47 2.85
N ARG C 163 -35.32 -74.66 3.91
CA ARG C 163 -35.29 -75.92 4.67
C ARG C 163 -35.78 -77.12 3.84
N ARG C 164 -36.60 -76.86 2.81
CA ARG C 164 -37.10 -77.96 2.00
C ARG C 164 -36.47 -78.03 0.59
N ALA C 165 -35.80 -76.97 0.14
CA ALA C 165 -35.10 -77.02 -1.15
C ALA C 165 -33.83 -77.82 -1.00
N HIS C 166 -33.24 -77.75 0.18
CA HIS C 166 -31.95 -78.35 0.45
C HIS C 166 -32.02 -79.88 0.53
N GLU C 167 -33.17 -80.39 0.97
CA GLU C 167 -33.41 -81.82 0.92
C GLU C 167 -33.59 -82.21 -0.55
N ARG C 168 -34.11 -81.27 -1.34
CA ARG C 168 -34.27 -81.52 -2.76
C ARG C 168 -33.00 -81.34 -3.59
N GLY C 169 -31.93 -80.88 -2.94
CA GLY C 169 -30.64 -80.75 -3.59
C GLY C 169 -30.51 -79.49 -4.42
N ALA C 170 -31.16 -78.43 -3.96
CA ALA C 170 -31.14 -77.19 -4.71
C ALA C 170 -30.50 -76.04 -3.94
N ARG C 171 -29.69 -75.26 -4.65
CA ARG C 171 -29.19 -74.00 -4.15
C ARG C 171 -30.36 -73.01 -4.12
N VAL C 172 -30.40 -72.15 -3.11
CA VAL C 172 -31.47 -71.16 -2.99
C VAL C 172 -30.93 -69.73 -3.07
N VAL C 173 -31.49 -68.93 -4.00
CA VAL C 173 -31.13 -67.52 -4.09
C VAL C 173 -32.31 -66.63 -3.73
N VAL C 174 -32.02 -65.56 -3.01
CA VAL C 174 -33.02 -64.54 -2.73
C VAL C 174 -32.62 -63.22 -3.37
N ASP C 175 -33.47 -62.73 -4.27
CA ASP C 175 -33.33 -61.37 -4.79
C ASP C 175 -33.77 -60.43 -3.67
N ASN C 176 -32.80 -59.79 -3.03
CA ASN C 176 -33.05 -59.02 -1.83
C ASN C 176 -33.00 -57.51 -2.12
N THR C 177 -33.07 -57.16 -3.39
CA THR C 177 -33.04 -55.76 -3.83
C THR C 177 -34.10 -54.91 -3.10
N PHE C 178 -35.36 -55.35 -3.18
CA PHE C 178 -36.50 -54.65 -2.57
C PHE C 178 -36.18 -54.27 -1.13
N ALA C 179 -35.79 -55.26 -0.32
CA ALA C 179 -35.62 -55.01 1.11
C ALA C 179 -34.27 -54.41 1.52
N SER C 180 -33.21 -54.78 0.80
CA SER C 180 -31.81 -54.45 1.15
C SER C 180 -31.34 -55.22 2.39
N PRO C 181 -30.01 -55.33 2.59
CA PRO C 181 -29.56 -56.10 3.76
C PRO C 181 -29.81 -55.36 5.08
N VAL C 182 -30.21 -54.09 5.00
CA VAL C 182 -30.65 -53.38 6.19
C VAL C 182 -31.84 -54.10 6.84
N LEU C 183 -32.75 -54.61 6.02
CA LEU C 183 -34.03 -55.10 6.56
C LEU C 183 -34.21 -56.60 6.51
N GLN C 184 -33.44 -57.27 5.67
CA GLN C 184 -33.60 -58.70 5.49
C GLN C 184 -32.25 -59.33 5.24
N GLN C 185 -31.99 -60.46 5.89
CA GLN C 185 -30.69 -61.10 5.83
C GLN C 185 -30.83 -62.55 5.30
N PRO C 186 -30.97 -62.70 3.97
CA PRO C 186 -31.29 -64.01 3.37
C PRO C 186 -30.33 -65.14 3.78
N LEU C 187 -29.04 -64.85 3.87
CA LEU C 187 -28.04 -65.84 4.27
C LEU C 187 -28.23 -66.28 5.73
N ALA C 188 -28.71 -65.37 6.58
CA ALA C 188 -29.01 -65.71 7.96
C ALA C 188 -30.32 -66.48 8.01
N LEU C 189 -31.20 -66.19 7.05
CA LEU C 189 -32.47 -66.90 7.00
C LEU C 189 -32.31 -68.35 6.55
N GLY C 190 -31.17 -68.68 5.95
CA GLY C 190 -30.95 -70.03 5.46
C GLY C 190 -30.73 -70.15 3.96
N ALA C 191 -30.82 -69.05 3.23
CA ALA C 191 -30.51 -69.05 1.81
C ALA C 191 -29.01 -69.21 1.56
N ASP C 192 -28.66 -69.56 0.33
CA ASP C 192 -27.25 -69.69 -0.06
C ASP C 192 -26.69 -68.46 -0.77
N VAL C 193 -27.57 -67.68 -1.40
CA VAL C 193 -27.14 -66.51 -2.15
C VAL C 193 -28.10 -65.34 -1.98
N SER C 194 -27.57 -64.16 -1.72
CA SER C 194 -28.36 -62.92 -1.81
C SER C 194 -28.00 -62.24 -3.12
N LEU C 195 -29.01 -61.97 -3.93
CA LEU C 195 -28.85 -61.21 -5.16
C LEU C 195 -29.34 -59.79 -4.94
N TYR C 196 -28.59 -58.82 -5.45
CA TYR C 196 -29.00 -57.44 -5.38
C TYR C 196 -28.85 -56.77 -6.73
N SER C 197 -29.83 -55.94 -7.06
CA SER C 197 -29.51 -54.76 -7.85
C SER C 197 -28.99 -53.71 -6.85
N THR C 198 -27.79 -53.22 -7.07
CA THR C 198 -27.27 -52.15 -6.24
C THR C 198 -27.69 -50.80 -6.81
N THR C 199 -28.22 -50.84 -8.05
CA THR C 199 -28.75 -49.67 -8.74
C THR C 199 -29.87 -49.01 -7.93
N1 LLP C 200 -34.13 -57.27 -9.15
C2 LLP C 200 -34.99 -56.38 -8.67
C2' LLP C 200 -35.90 -56.75 -7.45
C3 LLP C 200 -35.06 -55.08 -9.27
O3 LLP C 200 -35.96 -54.15 -8.75
C4 LLP C 200 -34.24 -54.76 -10.33
C4' LLP C 200 -34.37 -53.27 -10.97
C5 LLP C 200 -33.38 -55.69 -10.83
C6 LLP C 200 -33.32 -56.96 -10.24
C5' LLP C 200 -32.42 -55.44 -12.04
OP4 LLP C 200 -31.19 -54.85 -11.70
P LLP C 200 -30.63 -53.80 -12.71
OP1 LLP C 200 -29.50 -53.05 -11.96
OP2 LLP C 200 -30.10 -54.50 -13.90
OP3 LLP C 200 -31.73 -52.90 -13.14
N LLP C 200 -30.52 -49.81 -7.09
CA LLP C 200 -31.70 -49.31 -6.38
CB LLP C 200 -32.76 -50.41 -6.36
CG LLP C 200 -32.98 -51.12 -7.72
CD LLP C 200 -33.78 -50.29 -8.74
CE LLP C 200 -34.47 -51.16 -9.83
NZ LLP C 200 -33.65 -52.33 -10.16
C LLP C 200 -31.27 -48.80 -5.03
O LLP C 200 -30.60 -47.78 -4.92
N SER C 201 -31.67 -49.52 -3.98
CA SER C 201 -31.42 -49.06 -2.61
C SER C 201 -29.94 -48.81 -2.23
N ILE C 202 -29.07 -49.77 -2.49
CA ILE C 202 -27.70 -49.71 -1.99
C ILE C 202 -26.90 -48.49 -2.50
N ALA C 203 -26.88 -48.24 -3.81
CA ALA C 203 -26.23 -47.02 -4.31
C ALA C 203 -27.07 -45.77 -3.98
N GLY C 204 -28.39 -45.88 -4.14
CA GLY C 204 -29.33 -44.98 -3.47
C GLY C 204 -29.58 -43.58 -4.01
N HIS C 205 -28.84 -43.16 -5.05
CA HIS C 205 -28.93 -41.80 -5.58
C HIS C 205 -29.29 -41.77 -7.06
N ALA C 206 -29.72 -42.93 -7.58
CA ALA C 206 -30.13 -43.05 -8.97
C ALA C 206 -29.10 -42.52 -9.98
N ASP C 207 -27.81 -42.75 -9.72
CA ASP C 207 -26.75 -42.27 -10.63
C ASP C 207 -25.70 -43.32 -11.05
N VAL C 208 -26.03 -44.59 -10.91
CA VAL C 208 -25.13 -45.67 -11.30
C VAL C 208 -25.85 -47.02 -11.39
N LEU C 209 -25.46 -47.84 -12.37
CA LEU C 209 -26.01 -49.19 -12.46
C LEU C 209 -25.02 -50.10 -11.78
N GLY C 210 -25.51 -51.15 -11.13
CA GLY C 210 -24.65 -52.14 -10.49
C GLY C 210 -25.45 -53.35 -10.01
N GLY C 211 -24.75 -54.46 -9.83
CA GLY C 211 -25.33 -55.66 -9.25
C GLY C 211 -24.34 -56.29 -8.29
N ALA C 212 -24.86 -57.19 -7.44
CA ALA C 212 -24.01 -57.98 -6.55
C ALA C 212 -24.64 -59.32 -6.22
N LEU C 213 -23.78 -60.30 -5.95
CA LEU C 213 -24.17 -61.55 -5.32
C LEU C 213 -23.36 -61.62 -4.05
N VAL C 214 -23.98 -62.10 -2.98
CA VAL C 214 -23.29 -62.31 -1.71
C VAL C 214 -23.62 -63.72 -1.25
N TYR C 215 -22.60 -64.47 -0.81
CA TYR C 215 -22.77 -65.92 -0.62
C TYR C 215 -21.67 -66.50 0.27
N ARG C 216 -21.67 -67.82 0.46
CA ARG C 216 -20.66 -68.43 1.32
C ARG C 216 -19.81 -69.61 0.80
N ASP C 217 -20.26 -70.33 -0.23
CA ASP C 217 -19.52 -71.52 -0.68
C ASP C 217 -18.32 -71.15 -1.58
N ALA C 218 -17.17 -71.77 -1.30
CA ALA C 218 -15.94 -71.46 -2.02
C ALA C 218 -16.03 -71.89 -3.49
N ASP C 219 -16.63 -73.04 -3.74
CA ASP C 219 -16.79 -73.56 -5.10
C ASP C 219 -17.68 -72.61 -5.92
N LEU C 220 -18.77 -72.14 -5.31
CA LEU C 220 -19.63 -71.16 -5.97
C LEU C 220 -18.85 -69.88 -6.31
N HIS C 221 -18.04 -69.42 -5.37
CA HIS C 221 -17.21 -68.22 -5.58
C HIS C 221 -16.32 -68.37 -6.82
N ALA C 222 -15.64 -69.51 -6.93
CA ALA C 222 -14.77 -69.80 -8.06
C ALA C 222 -15.54 -69.81 -9.38
N ALA C 223 -16.74 -70.38 -9.38
CA ALA C 223 -17.57 -70.43 -10.57
C ALA C 223 -18.09 -69.04 -10.97
N VAL C 224 -18.48 -68.27 -9.96
CA VAL C 224 -18.98 -66.91 -10.16
C VAL C 224 -17.90 -66.00 -10.76
N ARG C 225 -16.68 -66.08 -10.24
CA ARG C 225 -15.59 -65.23 -10.69
C ARG C 225 -15.14 -65.60 -12.09
N ALA C 226 -15.08 -66.91 -12.36
CA ALA C 226 -14.70 -67.38 -13.68
C ALA C 226 -15.67 -66.87 -14.73
N TYR C 227 -16.96 -66.94 -14.45
CA TYR C 227 -17.96 -66.43 -15.38
C TYR C 227 -17.82 -64.92 -15.62
N ARG C 228 -17.76 -64.15 -14.53
CA ARG C 228 -17.65 -62.70 -14.66
C ARG C 228 -16.43 -62.34 -15.50
N THR C 229 -15.32 -63.02 -15.22
CA THR C 229 -14.07 -62.81 -15.97
C THR C 229 -14.24 -63.09 -17.47
N THR C 230 -14.93 -64.18 -17.78
CA THR C 230 -15.10 -64.64 -19.16
C THR C 230 -16.23 -63.90 -19.88
N ALA C 231 -17.35 -63.72 -19.20
CA ALA C 231 -18.47 -62.97 -19.77
C ALA C 231 -18.18 -61.46 -19.83
N GLY C 232 -17.33 -60.99 -18.93
CA GLY C 232 -16.88 -59.62 -18.97
C GLY C 232 -17.89 -58.61 -18.43
N ASN C 233 -18.77 -59.08 -17.56
CA ASN C 233 -19.84 -58.24 -17.03
C ASN C 233 -19.45 -57.57 -15.71
N VAL C 234 -18.25 -56.99 -15.70
CA VAL C 234 -17.72 -56.21 -14.59
C VAL C 234 -18.14 -54.74 -14.66
N PRO C 235 -18.33 -54.11 -13.48
CA PRO C 235 -18.62 -52.68 -13.40
C PRO C 235 -17.36 -51.84 -13.57
N GLY C 236 -17.50 -50.57 -13.94
CA GLY C 236 -16.35 -49.67 -13.96
C GLY C 236 -15.86 -49.30 -12.56
N ALA C 237 -14.60 -48.89 -12.44
CA ALA C 237 -14.07 -48.45 -11.15
C ALA C 237 -14.79 -47.22 -10.56
N LEU C 238 -15.14 -46.26 -11.40
CA LEU C 238 -15.80 -45.04 -10.93
C LEU C 238 -17.21 -45.34 -10.42
N ASP C 239 -17.84 -46.34 -11.04
CA ASP C 239 -19.17 -46.75 -10.63
C ASP C 239 -19.17 -47.42 -9.27
N CYS C 240 -18.21 -48.31 -9.04
CA CYS C 240 -18.05 -48.90 -7.72
C CYS C 240 -17.85 -47.82 -6.67
N PHE C 241 -17.06 -46.79 -6.99
CA PHE C 241 -16.86 -45.67 -6.08
C PHE C 241 -18.20 -45.02 -5.73
N LEU C 242 -19.01 -44.79 -6.74
CA LEU C 242 -20.34 -44.21 -6.50
C LEU C 242 -21.20 -45.12 -5.62
N VAL C 243 -21.23 -46.42 -5.92
CA VAL C 243 -22.05 -47.35 -5.15
C VAL C 243 -21.57 -47.39 -3.70
N ARG C 244 -20.26 -47.59 -3.54
CA ARG C 244 -19.63 -47.64 -2.23
C ARG C 244 -19.91 -46.37 -1.43
N ARG C 245 -19.91 -45.23 -2.12
CA ARG C 245 -20.16 -43.95 -1.47
C ARG C 245 -21.61 -43.86 -1.04
N GLY C 246 -22.51 -44.37 -1.87
CA GLY C 246 -23.92 -44.41 -1.52
C GLY C 246 -24.16 -45.24 -0.29
N LEU C 247 -23.38 -46.33 -0.17
CA LEU C 247 -23.54 -47.31 0.91
C LEU C 247 -23.49 -46.74 2.33
N HIS C 248 -22.60 -45.79 2.58
CA HIS C 248 -22.45 -45.18 3.91
C HIS C 248 -23.77 -44.82 4.54
N THR C 249 -24.68 -44.28 3.74
CA THR C 249 -25.93 -43.77 4.27
C THR C 249 -27.10 -44.72 4.04
N LEU C 250 -26.81 -45.94 3.60
CA LEU C 250 -27.87 -46.93 3.33
C LEU C 250 -28.85 -47.11 4.50
N SER C 251 -28.34 -47.39 5.68
CA SER C 251 -29.25 -47.56 6.83
C SER C 251 -30.02 -46.28 7.16
N LEU C 252 -29.35 -45.12 7.10
CA LEU C 252 -30.06 -43.87 7.40
C LEU C 252 -31.16 -43.60 6.37
N ARG C 253 -30.88 -43.90 5.11
CA ARG C 253 -31.87 -43.73 4.05
C ARG C 253 -33.04 -44.70 4.20
N VAL C 254 -32.73 -45.99 4.40
CA VAL C 254 -33.76 -47.01 4.52
C VAL C 254 -34.75 -46.69 5.65
N HIS C 255 -34.23 -46.32 6.81
CA HIS C 255 -35.10 -46.08 7.95
C HIS C 255 -35.99 -44.83 7.78
N ARG C 256 -35.47 -43.81 7.13
CA ARG C 256 -36.29 -42.67 6.77
C ARG C 256 -37.36 -43.04 5.72
N GLN C 257 -36.94 -43.81 4.71
CA GLN C 257 -37.89 -44.29 3.69
C GLN C 257 -39.00 -45.12 4.32
N VAL C 258 -38.66 -46.00 5.26
CA VAL C 258 -39.70 -46.80 5.91
C VAL C 258 -40.63 -45.94 6.76
N ALA C 259 -40.07 -45.01 7.53
CA ALA C 259 -40.87 -44.12 8.36
C ALA C 259 -41.93 -43.37 7.55
N THR C 260 -41.53 -42.85 6.39
CA THR C 260 -42.45 -42.12 5.55
C THR C 260 -43.50 -43.04 4.89
N ALA C 261 -43.08 -44.22 4.44
CA ALA C 261 -44.01 -45.19 3.85
C ALA C 261 -45.20 -45.47 4.78
N ARG C 262 -44.91 -45.61 6.07
CA ARG C 262 -45.95 -45.84 7.07
C ARG C 262 -46.94 -44.69 7.05
N VAL C 263 -46.43 -43.47 7.05
CA VAL C 263 -47.28 -42.30 7.02
C VAL C 263 -48.15 -42.32 5.75
N LEU C 264 -47.53 -42.66 4.62
CA LEU C 264 -48.24 -42.70 3.34
C LEU C 264 -49.34 -43.77 3.35
N VAL C 265 -49.05 -44.90 3.97
CA VAL C 265 -50.06 -45.94 4.10
C VAL C 265 -51.27 -45.45 4.93
N GLU C 266 -51.02 -44.60 5.93
CA GLU C 266 -52.12 -44.01 6.71
C GLU C 266 -52.99 -43.18 5.80
N ARG C 267 -52.36 -42.32 5.00
CA ARG C 267 -53.06 -41.45 4.07
C ARG C 267 -53.93 -42.27 3.13
N LEU C 268 -53.31 -43.30 2.55
CA LEU C 268 -54.02 -44.14 1.60
C LEU C 268 -55.23 -44.82 2.23
N ARG C 269 -55.05 -45.42 3.41
CA ARG C 269 -56.16 -46.08 4.09
C ARG C 269 -57.28 -45.09 4.42
N ALA C 270 -56.90 -43.84 4.63
CA ALA C 270 -57.83 -42.77 4.98
C ALA C 270 -58.68 -42.30 3.80
N SER C 271 -58.24 -42.59 2.58
CA SER C 271 -58.87 -42.05 1.39
C SER C 271 -60.07 -42.83 0.86
N PRO C 272 -61.19 -42.14 0.59
CA PRO C 272 -62.36 -42.85 0.06
C PRO C 272 -62.17 -43.27 -1.40
N VAL C 273 -61.11 -42.84 -2.07
CA VAL C 273 -60.87 -43.27 -3.45
C VAL C 273 -59.68 -44.21 -3.59
N VAL C 274 -59.38 -44.91 -2.49
CA VAL C 274 -58.37 -45.97 -2.52
C VAL C 274 -59.02 -47.29 -2.14
N GLY C 275 -58.81 -48.30 -3.00
CA GLY C 275 -59.29 -49.65 -2.74
C GLY C 275 -58.28 -50.43 -1.93
N ALA C 276 -57.81 -51.55 -2.48
CA ALA C 276 -56.80 -52.35 -1.80
C ALA C 276 -55.54 -51.53 -1.52
N VAL C 277 -54.94 -51.77 -0.37
CA VAL C 277 -53.62 -51.19 -0.08
C VAL C 277 -52.67 -52.33 0.27
N HIS C 278 -51.53 -52.37 -0.42
CA HIS C 278 -50.54 -53.41 -0.17
C HIS C 278 -49.30 -52.84 0.52
N TYR C 279 -49.00 -53.37 1.70
CA TYR C 279 -47.82 -52.99 2.46
C TYR C 279 -47.53 -54.09 3.46
N PRO C 280 -46.29 -54.62 3.44
CA PRO C 280 -45.97 -55.83 4.21
C PRO C 280 -46.24 -55.69 5.71
N GLY C 281 -46.15 -54.46 6.23
CA GLY C 281 -46.34 -54.21 7.65
C GLY C 281 -47.76 -54.05 8.18
N LEU C 282 -48.77 -54.34 7.36
CA LEU C 282 -50.16 -54.22 7.81
C LEU C 282 -50.66 -55.51 8.48
N PRO C 283 -51.53 -55.38 9.49
CA PRO C 283 -52.10 -56.56 10.15
C PRO C 283 -52.74 -57.53 9.14
N GLU C 284 -53.36 -57.00 8.08
CA GLU C 284 -54.10 -57.86 7.16
C GLU C 284 -53.29 -58.35 5.94
N HIS C 285 -51.97 -58.18 5.98
CA HIS C 285 -51.17 -58.68 4.88
C HIS C 285 -51.27 -60.19 4.81
N PRO C 286 -51.45 -60.74 3.60
CA PRO C 286 -51.50 -62.17 3.29
C PRO C 286 -50.58 -63.00 4.20
N GLN C 287 -49.33 -62.57 4.33
CA GLN C 287 -48.35 -63.32 5.10
C GLN C 287 -47.65 -62.50 6.20
N HIS C 288 -48.40 -61.75 7.01
CA HIS C 288 -47.79 -60.83 7.98
C HIS C 288 -46.89 -61.47 9.02
N ALA C 289 -47.22 -62.68 9.43
CA ALA C 289 -46.45 -63.39 10.43
C ALA C 289 -45.04 -63.68 9.92
N VAL C 290 -44.95 -64.07 8.65
CA VAL C 290 -43.66 -64.26 8.02
C VAL C 290 -42.89 -62.95 7.94
N VAL C 291 -43.57 -61.87 7.57
CA VAL C 291 -42.97 -60.55 7.56
C VAL C 291 -42.26 -60.27 8.89
N LYS C 292 -42.97 -60.52 9.99
CA LYS C 292 -42.40 -60.32 11.32
C LYS C 292 -41.20 -61.24 11.56
N ALA C 293 -41.27 -62.46 11.02
CA ALA C 293 -40.23 -63.45 11.25
C ALA C 293 -38.93 -63.22 10.45
N GLN C 294 -38.95 -62.34 9.45
CA GLN C 294 -37.74 -62.18 8.63
C GLN C 294 -37.44 -60.77 8.08
N MSE C 295 -38.30 -59.79 8.34
CA MSE C 295 -38.02 -58.42 7.92
C MSE C 295 -37.89 -57.53 9.14
O MSE C 295 -38.83 -57.44 9.94
CB MSE C 295 -39.11 -57.88 6.98
CG MSE C 295 -39.23 -58.53 5.60
SE MSE C 295 -40.44 -57.56 4.35
CE MSE C 295 -39.31 -56.04 3.91
N SER C 296 -36.76 -56.86 9.30
CA SER C 296 -36.56 -55.98 10.45
C SER C 296 -37.44 -54.73 10.36
N ALA C 297 -37.96 -54.47 9.17
CA ALA C 297 -38.99 -53.46 8.94
C ALA C 297 -39.67 -53.80 7.61
N PRO C 298 -40.80 -53.15 7.29
CA PRO C 298 -41.53 -53.60 6.09
C PRO C 298 -41.07 -53.02 4.75
N GLY C 299 -40.25 -51.97 4.76
CA GLY C 299 -39.66 -51.49 3.53
C GLY C 299 -40.23 -50.19 2.97
N ALA C 300 -39.81 -49.83 1.76
CA ALA C 300 -40.14 -48.53 1.18
C ALA C 300 -41.05 -48.59 -0.03
N ILE C 301 -41.53 -49.79 -0.38
CA ILE C 301 -42.48 -49.91 -1.48
C ILE C 301 -43.91 -50.03 -0.94
N VAL C 302 -44.83 -49.28 -1.55
CA VAL C 302 -46.25 -49.36 -1.20
C VAL C 302 -47.04 -49.40 -2.49
N SER C 303 -48.07 -50.24 -2.56
CA SER C 303 -48.95 -50.18 -3.71
C SER C 303 -50.43 -50.16 -3.31
N PHE C 304 -51.27 -49.68 -4.22
CA PHE C 304 -52.69 -49.52 -3.94
C PHE C 304 -53.47 -49.42 -5.23
N ASP C 305 -54.75 -49.75 -5.15
CA ASP C 305 -55.67 -49.57 -6.27
C ASP C 305 -56.32 -48.20 -6.20
N TYR C 306 -56.16 -47.42 -7.26
CA TYR C 306 -56.82 -46.12 -7.34
C TYR C 306 -58.26 -46.24 -7.86
N LEU C 307 -59.21 -45.73 -7.10
CA LEU C 307 -60.62 -45.83 -7.45
C LEU C 307 -61.20 -44.56 -8.06
N GLY C 308 -60.42 -43.48 -8.07
CA GLY C 308 -60.94 -42.17 -8.40
C GLY C 308 -60.81 -41.72 -9.84
N GLY C 309 -60.57 -42.65 -10.75
CA GLY C 309 -60.39 -42.30 -12.15
C GLY C 309 -59.20 -43.00 -12.79
N PRO C 310 -58.91 -42.69 -14.06
CA PRO C 310 -57.82 -43.33 -14.80
C PRO C 310 -56.47 -43.17 -14.10
N ALA C 311 -55.68 -44.24 -14.06
CA ALA C 311 -54.37 -44.21 -13.41
C ALA C 311 -53.49 -43.14 -14.01
N GLU C 312 -53.50 -43.08 -15.34
CA GLU C 312 -52.80 -42.07 -16.10
C GLU C 312 -53.20 -40.66 -15.66
N ARG C 313 -54.45 -40.47 -15.26
CA ARG C 313 -54.86 -39.16 -14.78
C ARG C 313 -54.26 -38.85 -13.41
N LEU C 314 -54.36 -39.81 -12.49
CA LEU C 314 -53.68 -39.68 -11.21
C LEU C 314 -52.19 -39.35 -11.37
N LEU C 315 -51.50 -40.07 -12.26
CA LEU C 315 -50.05 -39.89 -12.44
C LEU C 315 -49.72 -38.46 -12.88
N ASP C 316 -50.55 -37.93 -13.78
CA ASP C 316 -50.37 -36.60 -14.35
C ASP C 316 -50.28 -35.54 -13.28
N ARG C 317 -50.87 -35.83 -12.12
CA ARG C 317 -51.11 -34.84 -11.09
C ARG C 317 -50.02 -34.65 -10.03
N PHE C 318 -49.21 -35.66 -9.78
CA PHE C 318 -48.16 -35.54 -8.76
C PHE C 318 -47.22 -34.37 -9.07
N THR C 319 -46.80 -33.65 -8.03
CA THR C 319 -45.88 -32.53 -8.17
C THR C 319 -44.55 -32.74 -7.43
N LEU C 320 -44.49 -33.73 -6.56
CA LEU C 320 -43.24 -34.03 -5.85
C LEU C 320 -42.69 -35.41 -6.24
N PHE C 321 -43.49 -36.46 -6.02
CA PHE C 321 -43.20 -37.79 -6.57
C PHE C 321 -42.84 -37.67 -8.06
N THR C 322 -42.02 -38.57 -8.56
CA THR C 322 -41.68 -38.57 -10.00
C THR C 322 -42.24 -39.80 -10.74
N CYS C 323 -42.86 -39.57 -11.89
CA CYS C 323 -43.48 -40.68 -12.63
C CYS C 323 -42.47 -41.36 -13.54
N GLY C 324 -41.90 -42.44 -13.05
CA GLY C 324 -40.98 -43.23 -13.81
C GLY C 324 -40.79 -44.54 -13.07
N VAL C 325 -40.29 -45.55 -13.76
CA VAL C 325 -39.90 -46.78 -13.09
C VAL C 325 -38.69 -46.48 -12.21
N SER C 326 -38.14 -47.53 -11.63
CA SER C 326 -37.04 -47.47 -10.68
C SER C 326 -37.54 -47.16 -9.28
N LEU C 327 -36.69 -47.47 -8.31
CA LEU C 327 -37.11 -47.49 -6.92
C LEU C 327 -35.89 -47.44 -6.03
N GLY C 328 -36.14 -47.31 -4.73
CA GLY C 328 -35.12 -47.48 -3.71
C GLY C 328 -34.33 -46.21 -3.52
N GLY C 329 -34.69 -45.19 -4.29
CA GLY C 329 -33.90 -43.98 -4.33
C GLY C 329 -34.31 -42.83 -3.43
N VAL C 330 -33.34 -41.93 -3.30
CA VAL C 330 -33.45 -40.66 -2.60
C VAL C 330 -34.66 -39.80 -3.07
N HIS C 331 -34.95 -39.84 -4.38
CA HIS C 331 -36.12 -39.17 -4.94
C HIS C 331 -37.30 -40.13 -4.96
N SER C 332 -38.42 -39.74 -4.35
CA SER C 332 -39.65 -40.55 -4.38
C SER C 332 -40.14 -40.79 -5.81
N LEU C 333 -40.66 -41.99 -6.06
CA LEU C 333 -41.10 -42.35 -7.41
C LEU C 333 -42.49 -42.95 -7.39
N VAL C 334 -43.27 -42.59 -8.39
CA VAL C 334 -44.57 -43.22 -8.60
C VAL C 334 -44.58 -43.83 -9.99
N GLU C 335 -45.21 -44.98 -10.13
CA GLU C 335 -45.50 -45.49 -11.45
C GLU C 335 -46.79 -46.27 -11.38
N CYS C 336 -47.46 -46.40 -12.52
CA CYS C 336 -48.58 -47.30 -12.60
C CYS C 336 -47.98 -48.58 -13.15
N PRO C 337 -48.06 -49.68 -12.38
CA PRO C 337 -47.39 -50.89 -12.89
C PRO C 337 -48.03 -51.46 -14.17
N ALA C 338 -49.36 -51.41 -14.31
CA ALA C 338 -49.95 -51.87 -15.57
C ALA C 338 -49.49 -51.06 -16.78
N LEU C 339 -49.01 -49.83 -16.55
CA LEU C 339 -48.55 -48.98 -17.66
C LEU C 339 -47.05 -48.85 -17.79
N MSE C 340 -46.28 -49.43 -16.87
CA MSE C 340 -44.88 -49.04 -16.78
C MSE C 340 -43.86 -50.13 -16.42
O MSE C 340 -42.75 -50.12 -16.92
CB MSE C 340 -44.73 -47.82 -15.86
CG MSE C 340 -44.74 -46.49 -16.62
SE MSE C 340 -42.97 -46.10 -17.39
CE MSE C 340 -42.57 -44.56 -16.34
N THR C 341 -44.23 -51.07 -15.57
CA THR C 341 -43.28 -52.13 -15.25
C THR C 341 -43.83 -53.48 -15.66
N HIS C 342 -45.13 -53.50 -15.89
CA HIS C 342 -45.82 -54.73 -16.17
C HIS C 342 -46.71 -54.54 -17.40
N ARG C 343 -46.43 -53.44 -18.10
CA ARG C 343 -47.02 -53.14 -19.39
C ARG C 343 -46.57 -54.13 -20.46
N PRO C 344 -45.31 -54.61 -20.39
CA PRO C 344 -45.00 -55.71 -21.31
C PRO C 344 -45.82 -56.99 -21.11
N LEU C 345 -46.66 -57.06 -20.08
CA LEU C 345 -47.67 -58.14 -20.02
C LEU C 345 -48.85 -57.80 -20.94
N SER C 346 -49.78 -58.73 -21.10
CA SER C 346 -50.72 -58.65 -22.21
C SER C 346 -52.21 -58.60 -21.85
N ALA C 347 -52.58 -57.67 -20.98
CA ALA C 347 -53.98 -57.42 -20.60
C ALA C 347 -54.70 -58.59 -19.93
N GLU C 348 -54.89 -59.69 -20.67
CA GLU C 348 -55.38 -60.95 -20.10
C GLU C 348 -54.35 -61.54 -19.14
N ALA C 349 -53.10 -61.58 -19.59
CA ALA C 349 -51.98 -62.01 -18.76
C ALA C 349 -51.80 -61.11 -17.56
N ARG C 350 -52.40 -59.92 -17.60
CA ARG C 350 -52.34 -59.02 -16.47
C ARG C 350 -53.52 -59.20 -15.54
N ALA C 351 -54.68 -59.45 -16.13
CA ALA C 351 -55.89 -59.73 -15.38
C ALA C 351 -55.63 -60.90 -14.48
N ARG C 352 -55.14 -61.99 -15.06
CA ARG C 352 -54.91 -63.21 -14.31
C ARG C 352 -53.91 -62.90 -13.22
N ARG C 353 -52.81 -62.26 -13.61
CA ARG C 353 -51.78 -61.89 -12.67
C ARG C 353 -52.22 -60.88 -11.60
N GLY C 354 -53.31 -60.17 -11.86
CA GLY C 354 -53.85 -59.25 -10.88
C GLY C 354 -53.03 -57.98 -10.81
N ILE C 355 -52.32 -57.69 -11.90
CA ILE C 355 -51.65 -56.43 -12.03
C ILE C 355 -52.64 -55.50 -12.75
N GLY C 356 -53.65 -55.10 -11.98
CA GLY C 356 -54.79 -54.36 -12.50
C GLY C 356 -54.44 -52.96 -12.94
N GLU C 357 -55.09 -52.50 -14.00
CA GLU C 357 -54.77 -51.22 -14.62
C GLU C 357 -55.14 -50.01 -13.77
N SER C 358 -55.63 -50.25 -12.56
CA SER C 358 -55.79 -49.15 -11.62
C SER C 358 -54.80 -49.28 -10.45
N LEU C 359 -53.90 -50.25 -10.52
CA LEU C 359 -52.87 -50.42 -9.49
C LEU C 359 -51.75 -49.37 -9.62
N ILE C 360 -51.39 -48.76 -8.49
CA ILE C 360 -50.36 -47.73 -8.43
C ILE C 360 -49.25 -48.13 -7.46
N ARG C 361 -47.99 -47.94 -7.86
CA ARG C 361 -46.88 -48.28 -6.98
C ARG C 361 -46.05 -47.07 -6.59
N LEU C 362 -45.78 -46.91 -5.28
CA LEU C 362 -44.90 -45.86 -4.75
C LEU C 362 -43.58 -46.42 -4.26
N SER C 363 -42.48 -45.78 -4.63
CA SER C 363 -41.20 -46.06 -4.02
C SER C 363 -40.81 -44.82 -3.21
N VAL C 364 -40.81 -44.95 -1.89
CA VAL C 364 -40.67 -43.79 -1.03
C VAL C 364 -39.22 -43.32 -0.94
N GLY C 365 -39.01 -42.03 -1.23
CA GLY C 365 -37.70 -41.41 -1.08
C GLY C 365 -37.45 -40.82 0.30
N ILE C 366 -36.45 -39.95 0.42
CA ILE C 366 -36.12 -39.34 1.72
C ILE C 366 -36.59 -37.90 1.87
N GLU C 367 -37.50 -37.45 1.02
CA GLU C 367 -38.03 -36.10 1.18
C GLU C 367 -38.84 -36.01 2.48
N ASP C 368 -39.24 -34.78 2.84
CA ASP C 368 -40.02 -34.62 4.05
C ASP C 368 -41.28 -35.44 3.96
N PRO C 369 -41.55 -36.21 5.02
CA PRO C 369 -42.73 -37.10 5.01
C PRO C 369 -44.03 -36.35 4.73
N GLN C 370 -44.12 -35.10 5.19
CA GLN C 370 -45.37 -34.39 5.05
C GLN C 370 -45.50 -33.69 3.71
N ASP C 371 -44.39 -33.31 3.10
CA ASP C 371 -44.46 -32.86 1.72
C ASP C 371 -44.96 -33.99 0.83
N LEU C 372 -44.41 -35.19 1.02
CA LEU C 372 -44.85 -36.35 0.25
C LEU C 372 -46.34 -36.67 0.52
N ALA C 373 -46.73 -36.69 1.78
CA ALA C 373 -48.10 -37.00 2.16
C ALA C 373 -49.06 -36.00 1.54
N GLU C 374 -48.69 -34.72 1.62
CA GLU C 374 -49.49 -33.66 1.02
C GLU C 374 -49.58 -33.88 -0.49
N ASP C 375 -48.45 -34.13 -1.13
CA ASP C 375 -48.43 -34.41 -2.57
C ASP C 375 -49.33 -35.62 -2.89
N LEU C 376 -49.28 -36.63 -2.03
CA LEU C 376 -50.11 -37.81 -2.24
C LEU C 376 -51.62 -37.53 -2.13
N SER C 377 -52.05 -36.88 -1.05
CA SER C 377 -53.48 -36.61 -0.88
C SER C 377 -54.04 -35.72 -1.98
N ARG C 378 -53.24 -34.78 -2.47
CA ARG C 378 -53.66 -33.90 -3.55
C ARG C 378 -54.10 -34.65 -4.80
N ALA C 379 -53.15 -35.32 -5.46
CA ALA C 379 -53.44 -36.09 -6.68
C ALA C 379 -54.63 -37.04 -6.48
N LEU C 380 -54.75 -37.63 -5.30
CA LEU C 380 -55.90 -38.48 -4.97
C LEU C 380 -57.23 -37.72 -5.12
N ALA C 381 -57.18 -36.40 -5.05
CA ALA C 381 -58.35 -35.58 -5.39
C ALA C 381 -58.24 -35.12 -6.83
N GLY C 382 -58.97 -35.80 -7.71
CA GLY C 382 -59.02 -35.48 -9.12
C GLY C 382 -60.32 -36.01 -9.66
N GLY C 383 -61.24 -35.12 -10.02
CA GLY C 383 -62.49 -35.49 -10.65
C GLY C 383 -62.36 -35.10 -12.10
N THR C 384 -61.11 -34.81 -12.46
CA THR C 384 -60.66 -34.39 -13.79
C THR C 384 -59.66 -35.41 -14.31
N MSE D 7 -18.74 -36.45 -43.00
CA MSE D 7 -17.40 -36.11 -43.45
C MSE D 7 -16.29 -37.06 -42.91
O MSE D 7 -16.58 -38.19 -42.54
CB MSE D 7 -17.11 -34.63 -43.22
CG MSE D 7 -17.97 -33.70 -44.13
SE MSE D 7 -18.21 -31.81 -43.60
CE MSE D 7 -17.63 -32.17 -41.72
N ARG D 8 -15.04 -36.59 -42.86
CA ARG D 8 -13.83 -37.47 -42.71
C ARG D 8 -13.59 -38.13 -41.33
N PHE D 9 -12.60 -39.05 -41.24
CA PHE D 9 -12.01 -39.46 -39.95
C PHE D 9 -11.43 -38.18 -39.36
N GLY D 10 -10.37 -38.29 -38.56
CA GLY D 10 -9.84 -37.11 -37.91
C GLY D 10 -10.99 -36.39 -37.24
N THR D 11 -11.84 -35.77 -38.07
CA THR D 11 -13.08 -35.07 -37.73
C THR D 11 -14.15 -35.96 -37.10
N ARG D 12 -14.36 -37.15 -37.66
CA ARG D 12 -15.35 -38.06 -37.09
C ARG D 12 -15.00 -38.41 -35.65
N LEU D 13 -13.71 -38.54 -35.35
CA LEU D 13 -13.29 -38.84 -33.98
C LEU D 13 -13.69 -37.73 -33.00
N VAL D 14 -13.73 -36.49 -33.48
CA VAL D 14 -14.03 -35.34 -32.65
C VAL D 14 -15.54 -35.04 -32.55
N HIS D 15 -16.24 -35.15 -33.67
CA HIS D 15 -17.62 -34.70 -33.77
C HIS D 15 -18.66 -35.82 -33.90
N GLY D 16 -18.19 -37.05 -34.05
CA GLY D 16 -19.08 -38.19 -34.09
C GLY D 16 -19.86 -38.21 -32.79
N GLY D 17 -21.18 -38.32 -32.87
CA GLY D 17 -22.01 -38.37 -31.68
C GLY D 17 -22.06 -37.06 -30.90
N ARG D 18 -21.44 -36.02 -31.45
CA ARG D 18 -21.35 -34.73 -30.78
C ARG D 18 -22.28 -33.74 -31.50
N ARG D 19 -23.30 -33.33 -30.78
CA ARG D 19 -24.60 -32.99 -31.34
C ARG D 19 -24.96 -31.56 -30.98
N PRO D 20 -26.25 -31.15 -31.13
CA PRO D 20 -26.69 -29.85 -30.60
C PRO D 20 -26.34 -29.56 -29.12
N SER D 21 -27.21 -29.99 -28.19
CA SER D 21 -27.31 -29.51 -26.78
C SER D 21 -28.21 -28.31 -26.62
N ALA D 22 -29.51 -28.58 -26.45
CA ALA D 22 -30.53 -27.55 -26.49
C ALA D 22 -30.85 -26.87 -25.15
N GLY D 23 -30.47 -25.59 -25.04
CA GLY D 23 -30.74 -24.81 -23.86
C GLY D 23 -29.52 -24.19 -23.19
N THR D 24 -28.34 -24.71 -23.51
CA THR D 24 -27.12 -24.27 -22.84
C THR D 24 -25.93 -24.16 -23.80
N GLY D 25 -25.89 -25.02 -24.82
CA GLY D 25 -24.85 -24.95 -25.83
C GLY D 25 -23.54 -25.69 -25.57
N ASP D 26 -23.48 -26.52 -24.53
CA ASP D 26 -22.27 -27.29 -24.19
C ASP D 26 -21.60 -27.90 -25.43
N VAL D 27 -20.33 -27.58 -25.65
CA VAL D 27 -19.59 -28.17 -26.76
C VAL D 27 -19.29 -29.65 -26.46
N VAL D 28 -18.75 -29.92 -25.29
CA VAL D 28 -18.64 -31.30 -24.83
C VAL D 28 -19.95 -31.74 -24.18
N PRO D 29 -20.58 -32.80 -24.71
CA PRO D 29 -21.89 -33.19 -24.16
C PRO D 29 -21.79 -33.55 -22.68
N PRO D 30 -22.79 -33.17 -21.88
CA PRO D 30 -22.72 -33.42 -20.44
C PRO D 30 -22.86 -34.91 -20.16
N ILE D 31 -22.39 -35.36 -19.00
CA ILE D 31 -22.41 -36.78 -18.67
C ILE D 31 -23.74 -37.19 -18.04
N HIS D 32 -24.51 -38.03 -18.72
CA HIS D 32 -25.80 -38.46 -18.18
C HIS D 32 -25.63 -39.67 -17.26
N VAL D 33 -25.55 -39.40 -15.96
CA VAL D 33 -25.39 -40.43 -14.97
C VAL D 33 -26.74 -40.96 -14.46
N SER D 34 -27.83 -40.23 -14.69
CA SER D 34 -29.14 -40.64 -14.16
C SER D 34 -29.50 -42.06 -14.61
N THR D 35 -29.98 -42.90 -13.70
CA THR D 35 -30.45 -44.22 -14.06
C THR D 35 -31.94 -44.19 -14.38
N THR D 36 -32.60 -43.09 -13.98
CA THR D 36 -34.06 -43.02 -14.06
C THR D 36 -34.50 -41.76 -14.81
N TYR D 37 -35.66 -41.83 -15.47
CA TYR D 37 -36.15 -40.75 -16.32
C TYR D 37 -37.63 -40.45 -16.13
N GLU D 38 -37.96 -39.18 -15.92
CA GLU D 38 -39.32 -38.71 -15.70
C GLU D 38 -40.14 -38.92 -16.98
N ARG D 39 -41.25 -39.67 -16.91
CA ARG D 39 -41.99 -40.05 -18.13
C ARG D 39 -43.05 -39.09 -18.67
N ARG D 40 -43.68 -38.32 -17.79
CA ARG D 40 -44.88 -37.58 -18.21
C ARG D 40 -44.60 -36.46 -19.20
N ALA D 41 -43.49 -35.78 -19.02
CA ALA D 41 -43.19 -34.58 -19.80
C ALA D 41 -42.54 -34.91 -21.15
N GLN D 42 -42.04 -36.14 -21.27
CA GLN D 42 -41.00 -36.46 -22.24
C GLN D 42 -41.41 -36.58 -23.73
N ASP D 43 -40.42 -36.67 -24.62
CA ASP D 43 -40.59 -36.29 -26.03
C ASP D 43 -41.13 -37.37 -26.98
N GLU D 44 -42.36 -37.84 -26.74
CA GLU D 44 -42.76 -39.19 -27.21
C GLU D 44 -41.83 -40.21 -26.54
N PRO D 45 -42.38 -41.37 -26.15
CA PRO D 45 -41.69 -42.32 -25.27
C PRO D 45 -40.29 -42.72 -25.76
N ARG D 46 -39.29 -42.74 -24.88
CA ARG D 46 -37.96 -43.27 -25.21
C ARG D 46 -37.02 -43.58 -24.03
N TYR D 47 -36.63 -42.57 -23.26
CA TYR D 47 -35.80 -42.82 -22.07
C TYR D 47 -36.66 -43.32 -20.91
N PHE D 48 -36.50 -44.60 -20.57
CA PHE D 48 -37.28 -45.23 -19.49
C PHE D 48 -36.41 -45.58 -18.29
N TYR D 49 -35.25 -46.14 -18.59
CA TYR D 49 -34.36 -46.70 -17.56
C TYR D 49 -32.95 -46.92 -18.12
N GLY D 50 -31.95 -46.61 -17.29
CA GLY D 50 -30.56 -46.58 -17.70
C GLY D 50 -29.98 -47.81 -18.40
N ARG D 51 -30.35 -49.00 -17.92
CA ARG D 51 -29.84 -50.24 -18.52
C ARG D 51 -30.21 -50.31 -20.00
N GLY D 52 -31.41 -49.85 -20.35
CA GLY D 52 -31.81 -49.78 -21.73
C GLY D 52 -31.41 -48.50 -22.44
N GLU D 53 -31.57 -47.36 -21.77
CA GLU D 53 -31.46 -46.06 -22.43
C GLU D 53 -30.53 -45.13 -21.67
N ASN D 54 -29.60 -44.52 -22.40
CA ASN D 54 -28.72 -43.50 -21.86
C ASN D 54 -28.09 -42.69 -22.99
N PRO D 55 -28.24 -41.37 -22.97
CA PRO D 55 -27.74 -40.56 -24.11
C PRO D 55 -26.21 -40.58 -24.27
N THR D 56 -25.47 -40.61 -23.16
CA THR D 56 -24.01 -40.61 -23.21
C THR D 56 -23.50 -41.87 -23.94
N ARG D 57 -23.97 -43.02 -23.47
CA ARG D 57 -23.73 -44.29 -24.10
C ARG D 57 -24.07 -44.22 -25.60
N GLU D 58 -25.25 -43.71 -25.92
CA GLU D 58 -25.67 -43.60 -27.32
C GLU D 58 -24.74 -42.71 -28.17
N GLU D 59 -24.27 -41.61 -27.59
CA GLU D 59 -23.35 -40.72 -28.30
C GLU D 59 -22.03 -41.41 -28.65
N LEU D 60 -21.53 -42.23 -27.73
CA LEU D 60 -20.32 -43.00 -27.98
C LEU D 60 -20.57 -44.01 -29.11
N GLU D 61 -21.73 -44.67 -29.08
CA GLU D 61 -22.11 -45.62 -30.13
C GLU D 61 -22.21 -44.91 -31.50
N GLU D 62 -22.78 -43.70 -31.49
CA GLU D 62 -22.85 -42.87 -32.68
C GLU D 62 -21.46 -42.63 -33.28
N CYS D 63 -20.54 -42.17 -32.43
CA CYS D 63 -19.17 -41.93 -32.87
C CYS D 63 -18.56 -43.19 -33.49
N LEU D 64 -18.66 -44.32 -32.77
CA LEU D 64 -18.07 -45.59 -33.23
C LEU D 64 -18.62 -46.07 -34.57
N ALA D 65 -19.94 -45.98 -34.72
CA ALA D 65 -20.58 -46.36 -35.99
C ALA D 65 -20.05 -45.50 -37.15
N GLY D 66 -19.95 -44.19 -36.93
CA GLY D 66 -19.47 -43.28 -37.96
C GLY D 66 -18.02 -43.55 -38.36
N LEU D 67 -17.23 -44.14 -37.46
CA LEU D 67 -15.85 -44.49 -37.79
C LEU D 67 -15.79 -45.61 -38.83
N GLU D 68 -16.86 -46.37 -38.96
CA GLU D 68 -16.90 -47.45 -39.94
C GLU D 68 -18.05 -47.24 -40.91
N ARG D 69 -18.42 -45.96 -41.07
CA ARG D 69 -19.51 -45.52 -41.94
C ARG D 69 -20.70 -46.50 -41.89
N ALA D 70 -21.08 -46.87 -40.66
CA ALA D 70 -22.00 -47.96 -40.41
C ALA D 70 -23.25 -47.48 -39.66
N PRO D 71 -24.36 -48.17 -39.83
CA PRO D 71 -25.61 -47.68 -39.21
C PRO D 71 -25.73 -47.94 -37.70
N PHE D 72 -25.06 -48.95 -37.16
CA PHE D 72 -25.24 -49.31 -35.76
C PHE D 72 -23.93 -49.55 -35.03
N ALA D 73 -23.94 -49.24 -33.73
CA ALA D 73 -22.92 -49.69 -32.79
C ALA D 73 -23.57 -49.91 -31.44
N THR D 74 -23.02 -50.85 -30.68
CA THR D 74 -23.49 -51.13 -29.34
C THR D 74 -22.26 -51.30 -28.46
N VAL D 75 -22.21 -50.55 -27.36
CA VAL D 75 -21.07 -50.69 -26.46
C VAL D 75 -21.42 -51.53 -25.25
N PHE D 76 -20.38 -52.09 -24.63
CA PHE D 76 -20.54 -53.05 -23.55
C PHE D 76 -19.54 -52.72 -22.42
N SER D 77 -19.77 -53.30 -21.26
CA SER D 77 -18.89 -53.18 -20.11
C SER D 77 -17.42 -53.56 -20.43
N SER D 78 -17.22 -54.53 -21.32
CA SER D 78 -15.87 -54.94 -21.72
C SER D 78 -15.87 -55.64 -23.08
N GLY D 79 -14.68 -55.87 -23.63
CA GLY D 79 -14.55 -56.60 -24.88
C GLY D 79 -15.14 -58.00 -24.80
N GLN D 80 -14.81 -58.72 -23.73
CA GLN D 80 -15.39 -60.04 -23.45
C GLN D 80 -16.92 -60.01 -23.56
N ALA D 81 -17.53 -58.96 -23.02
CA ALA D 81 -18.99 -58.79 -23.04
C ALA D 81 -19.55 -58.64 -24.46
N ALA D 82 -18.87 -57.85 -25.28
CA ALA D 82 -19.25 -57.72 -26.68
C ALA D 82 -19.17 -59.09 -27.37
N ALA D 83 -18.06 -59.79 -27.14
CA ALA D 83 -17.85 -61.10 -27.74
C ALA D 83 -18.90 -62.11 -27.25
N ALA D 84 -19.19 -62.05 -25.96
CA ALA D 84 -20.16 -62.95 -25.36
C ALA D 84 -21.52 -62.74 -26.00
N THR D 85 -21.82 -61.49 -26.33
CA THR D 85 -23.11 -61.16 -26.92
C THR D 85 -23.26 -61.80 -28.30
N LEU D 86 -22.18 -61.77 -29.08
CA LEU D 86 -22.19 -62.43 -30.39
C LEU D 86 -22.46 -63.94 -30.33
N LEU D 87 -21.79 -64.65 -29.41
CA LEU D 87 -21.92 -66.10 -29.30
C LEU D 87 -23.32 -66.56 -28.94
N SER D 88 -23.98 -65.77 -28.08
CA SER D 88 -25.29 -66.14 -27.57
C SER D 88 -26.28 -66.33 -28.72
N LEU D 89 -25.96 -65.72 -29.86
CA LEU D 89 -26.81 -65.78 -31.04
C LEU D 89 -26.53 -67.05 -31.84
N VAL D 90 -25.44 -67.73 -31.54
CA VAL D 90 -25.21 -69.04 -32.13
C VAL D 90 -25.99 -70.11 -31.38
N ARG D 91 -26.89 -70.79 -32.07
CA ARG D 91 -27.72 -71.85 -31.47
C ARG D 91 -26.92 -73.11 -31.16
N PRO D 92 -27.24 -73.78 -30.04
CA PRO D 92 -26.58 -75.03 -29.65
C PRO D 92 -26.58 -76.01 -30.82
N GLY D 93 -25.40 -76.47 -31.22
CA GLY D 93 -25.29 -77.45 -32.29
C GLY D 93 -24.89 -76.86 -33.63
N GLN D 94 -24.99 -75.52 -33.76
CA GLN D 94 -24.50 -74.82 -34.94
C GLN D 94 -23.00 -74.74 -34.82
N CYS D 95 -22.32 -74.32 -35.89
CA CYS D 95 -20.86 -74.28 -35.88
C CYS D 95 -20.24 -72.90 -35.96
N VAL D 96 -19.19 -72.71 -35.16
CA VAL D 96 -18.36 -71.52 -35.23
C VAL D 96 -16.95 -71.93 -35.67
N VAL D 97 -16.47 -71.32 -36.74
CA VAL D 97 -15.10 -71.53 -37.21
C VAL D 97 -14.21 -70.33 -36.84
N SER D 98 -12.96 -70.59 -36.45
CA SER D 98 -12.05 -69.55 -35.97
C SER D 98 -10.58 -69.99 -35.92
N THR D 99 -9.63 -69.06 -35.82
CA THR D 99 -8.22 -69.48 -35.74
C THR D 99 -7.79 -69.86 -34.31
N ASP D 100 -7.26 -71.08 -34.14
CA ASP D 100 -6.86 -71.61 -32.82
C ASP D 100 -5.84 -70.66 -32.16
N ASP D 101 -5.34 -69.68 -32.90
CA ASP D 101 -4.55 -68.66 -32.23
C ASP D 101 -5.36 -67.37 -32.11
N VAL D 102 -6.66 -67.52 -31.95
CA VAL D 102 -7.54 -66.41 -31.61
C VAL D 102 -7.24 -66.03 -30.16
N TYR D 103 -7.59 -64.81 -29.74
CA TYR D 103 -7.32 -64.34 -28.37
C TYR D 103 -7.84 -65.31 -27.29
N ALA D 104 -7.26 -65.22 -26.09
CA ALA D 104 -7.65 -66.04 -24.94
C ALA D 104 -9.14 -66.01 -24.63
N GLY D 105 -9.66 -64.82 -24.34
CA GLY D 105 -11.07 -64.66 -23.98
C GLY D 105 -12.05 -65.34 -24.93
N THR D 106 -11.79 -65.24 -26.22
CA THR D 106 -12.65 -65.84 -27.24
C THR D 106 -12.86 -67.37 -27.06
N ASP D 107 -11.81 -68.07 -26.63
CA ASP D 107 -11.93 -69.52 -26.37
C ASP D 107 -12.71 -69.88 -25.10
N GLY D 108 -12.50 -69.11 -24.03
CA GLY D 108 -13.30 -69.29 -22.82
C GLY D 108 -14.77 -69.19 -23.16
N LEU D 109 -15.11 -68.13 -23.90
CA LEU D 109 -16.46 -67.99 -24.41
C LEU D 109 -16.85 -69.14 -25.36
N PHE D 110 -15.90 -69.56 -26.20
CA PHE D 110 -16.10 -70.73 -27.06
C PHE D 110 -16.42 -71.96 -26.19
N ASP D 111 -15.65 -72.14 -25.12
CA ASP D 111 -15.85 -73.26 -24.22
C ASP D 111 -17.27 -73.25 -23.67
N LEU D 112 -17.72 -72.09 -23.23
CA LEU D 112 -19.08 -71.95 -22.71
C LEU D 112 -20.08 -72.27 -23.81
N ALA D 113 -19.83 -71.77 -25.02
CA ALA D 113 -20.67 -72.12 -26.15
C ALA D 113 -20.56 -73.63 -26.37
N ALA D 114 -19.37 -74.18 -26.18
CA ALA D 114 -19.21 -75.64 -26.21
C ALA D 114 -19.86 -76.26 -24.96
N ARG D 115 -19.84 -75.53 -23.84
CA ARG D 115 -20.59 -75.95 -22.65
C ARG D 115 -22.10 -75.79 -22.90
N GLN D 116 -22.47 -75.20 -24.04
CA GLN D 116 -23.88 -75.04 -24.39
C GLN D 116 -24.36 -76.13 -25.34
N GLY D 117 -23.55 -76.47 -26.32
CA GLY D 117 -23.92 -77.44 -27.34
C GLY D 117 -23.43 -77.01 -28.71
N VAL D 118 -23.16 -75.71 -28.86
CA VAL D 118 -22.60 -75.18 -30.10
C VAL D 118 -21.40 -75.99 -30.60
N ARG D 119 -21.32 -76.24 -31.90
CA ARG D 119 -20.14 -76.89 -32.47
C ARG D 119 -19.06 -75.85 -32.71
N VAL D 120 -17.87 -76.07 -32.14
CA VAL D 120 -16.77 -75.18 -32.46
C VAL D 120 -15.76 -75.91 -33.34
N ARG D 121 -15.34 -75.26 -34.42
CA ARG D 121 -14.37 -75.84 -35.33
C ARG D 121 -13.24 -74.86 -35.57
N TYR D 122 -12.01 -75.34 -35.47
CA TYR D 122 -10.85 -74.48 -35.61
C TYR D 122 -10.17 -74.72 -36.95
N ALA D 123 -9.61 -73.66 -37.52
CA ALA D 123 -8.92 -73.76 -38.81
C ALA D 123 -8.05 -72.53 -39.03
N ASP D 124 -6.85 -72.73 -39.56
CA ASP D 124 -6.04 -71.59 -39.97
C ASP D 124 -6.72 -70.91 -41.16
N LEU D 125 -6.78 -69.59 -41.14
CA LEU D 125 -7.46 -68.91 -42.25
C LEU D 125 -6.49 -68.16 -43.15
N THR D 126 -5.19 -68.43 -42.97
CA THR D 126 -4.15 -67.75 -43.74
C THR D 126 -3.88 -68.40 -45.09
N THR D 127 -4.11 -69.70 -45.20
CA THR D 127 -3.94 -70.43 -46.45
C THR D 127 -5.29 -70.48 -47.17
N PRO D 128 -5.29 -70.82 -48.47
CA PRO D 128 -6.57 -71.09 -49.16
C PRO D 128 -7.23 -72.36 -48.65
N GLU D 129 -6.45 -73.42 -48.50
CA GLU D 129 -6.96 -74.73 -48.10
C GLU D 129 -7.25 -74.81 -46.60
N GLY D 130 -6.67 -73.89 -45.82
CA GLY D 130 -7.08 -73.77 -44.43
C GLY D 130 -8.55 -73.43 -44.45
N ILE D 131 -8.89 -72.50 -45.35
CA ILE D 131 -10.25 -71.99 -45.50
C ILE D 131 -11.27 -72.98 -46.06
N ALA D 132 -11.04 -73.46 -47.29
CA ALA D 132 -12.02 -74.25 -48.03
C ALA D 132 -12.43 -75.49 -47.27
N ALA D 133 -11.49 -76.03 -46.51
CA ALA D 133 -11.77 -77.18 -45.66
C ALA D 133 -12.87 -76.84 -44.65
N ALA D 134 -12.70 -75.73 -43.95
CA ALA D 134 -13.57 -75.37 -42.83
C ALA D 134 -14.98 -74.95 -43.22
N LEU D 135 -15.08 -74.05 -44.18
CA LEU D 135 -16.35 -73.40 -44.48
C LEU D 135 -17.45 -74.32 -45.00
N ALA D 136 -17.12 -75.59 -45.20
CA ALA D 136 -18.12 -76.56 -45.66
C ALA D 136 -19.04 -77.05 -44.52
N GLU D 137 -18.77 -76.62 -43.29
CA GLU D 137 -19.51 -77.13 -42.13
C GLU D 137 -21.02 -76.93 -42.24
N PRO D 138 -21.77 -78.03 -42.11
CA PRO D 138 -23.23 -77.93 -41.98
C PRO D 138 -23.48 -77.13 -40.71
N ASP D 139 -24.53 -76.32 -40.70
CA ASP D 139 -24.82 -75.46 -39.56
C ASP D 139 -23.66 -74.55 -39.15
N LEU D 140 -22.78 -74.26 -40.10
CA LEU D 140 -21.79 -73.20 -39.91
C LEU D 140 -22.57 -71.92 -39.72
N ALA D 141 -22.50 -71.35 -38.52
CA ALA D 141 -23.31 -70.18 -38.19
C ALA D 141 -22.51 -68.89 -38.24
N LEU D 142 -21.24 -68.98 -37.87
CA LEU D 142 -20.45 -67.80 -37.63
C LEU D 142 -18.99 -68.14 -37.87
N VAL D 143 -18.28 -67.22 -38.51
CA VAL D 143 -16.86 -67.38 -38.79
C VAL D 143 -16.13 -66.24 -38.11
N TRP D 144 -15.27 -66.60 -37.15
CA TRP D 144 -14.65 -65.64 -36.23
C TRP D 144 -13.21 -65.40 -36.64
N ILE D 145 -12.96 -64.24 -37.25
CA ILE D 145 -11.63 -63.85 -37.65
C ILE D 145 -11.02 -62.86 -36.67
N GLU D 146 -9.84 -63.20 -36.18
CA GLU D 146 -9.01 -62.24 -35.48
C GLU D 146 -7.74 -62.04 -36.30
N THR D 147 -7.66 -60.89 -36.96
CA THR D 147 -6.48 -60.54 -37.75
C THR D 147 -6.11 -59.11 -37.42
N PRO D 148 -4.80 -58.84 -37.25
CA PRO D 148 -3.68 -59.79 -37.28
C PRO D 148 -3.69 -60.70 -36.06
N THR D 149 -2.95 -61.81 -36.12
CA THR D 149 -2.84 -62.73 -34.99
C THR D 149 -1.97 -62.06 -33.92
N ASN D 150 -1.99 -62.62 -32.71
CA ASN D 150 -1.26 -62.07 -31.57
C ASN D 150 -0.91 -63.27 -30.70
N PRO D 151 0.39 -63.49 -30.44
CA PRO D 151 1.53 -62.60 -30.66
C PRO D 151 2.32 -62.79 -31.97
N LEU D 152 1.85 -63.59 -32.91
CA LEU D 152 2.68 -63.82 -34.10
C LEU D 152 2.37 -62.89 -35.28
N LEU D 153 1.28 -62.14 -35.17
CA LEU D 153 0.98 -61.06 -36.11
C LEU D 153 0.81 -61.53 -37.56
N THR D 154 0.51 -62.81 -37.75
CA THR D 154 0.18 -63.29 -39.08
C THR D 154 -1.21 -62.74 -39.39
N VAL D 155 -1.64 -62.84 -40.65
CA VAL D 155 -2.83 -62.15 -41.09
C VAL D 155 -3.75 -63.04 -41.93
N VAL D 156 -5.05 -62.86 -41.77
CA VAL D 156 -6.08 -63.55 -42.52
C VAL D 156 -6.75 -62.57 -43.49
N ASP D 157 -7.03 -63.01 -44.71
CA ASP D 157 -7.67 -62.20 -45.75
C ASP D 157 -9.17 -62.08 -45.51
N VAL D 158 -9.61 -60.95 -44.96
CA VAL D 158 -11.03 -60.74 -44.65
C VAL D 158 -11.93 -60.78 -45.89
N ALA D 159 -11.54 -60.06 -46.94
CA ALA D 159 -12.29 -60.08 -48.20
C ALA D 159 -12.56 -61.49 -48.70
N GLU D 160 -11.49 -62.28 -48.80
CA GLU D 160 -11.62 -63.63 -49.32
C GLU D 160 -12.41 -64.56 -48.40
N VAL D 161 -12.08 -64.57 -47.10
CA VAL D 161 -12.81 -65.44 -46.18
C VAL D 161 -14.29 -65.06 -46.13
N SER D 162 -14.56 -63.76 -46.13
CA SER D 162 -15.95 -63.29 -46.09
C SER D 162 -16.74 -63.64 -47.34
N ARG D 163 -16.04 -63.69 -48.48
CA ARG D 163 -16.66 -64.11 -49.74
C ARG D 163 -17.28 -65.48 -49.55
N ARG D 164 -16.48 -66.42 -49.06
CA ARG D 164 -16.88 -67.82 -49.04
C ARG D 164 -17.86 -68.12 -47.92
N ALA D 165 -17.63 -67.50 -46.76
CA ALA D 165 -18.49 -67.74 -45.61
C ALA D 165 -19.92 -67.31 -45.94
N HIS D 166 -20.04 -66.22 -46.69
CA HIS D 166 -21.34 -65.74 -47.13
C HIS D 166 -22.02 -66.69 -48.12
N GLU D 167 -21.24 -67.25 -49.05
CA GLU D 167 -21.77 -68.26 -49.96
C GLU D 167 -22.40 -69.38 -49.14
N ARG D 168 -21.67 -69.82 -48.12
CA ARG D 168 -22.19 -70.84 -47.22
C ARG D 168 -22.99 -70.22 -46.07
N GLY D 169 -23.61 -69.07 -46.33
CA GLY D 169 -24.60 -68.48 -45.43
C GLY D 169 -24.16 -68.08 -44.03
N ALA D 170 -22.86 -67.99 -43.78
CA ALA D 170 -22.38 -67.65 -42.44
C ALA D 170 -22.29 -66.14 -42.15
N ARG D 171 -22.28 -65.81 -40.86
CA ARG D 171 -21.99 -64.46 -40.41
C ARG D 171 -20.48 -64.39 -40.18
N VAL D 172 -19.89 -63.24 -40.48
CA VAL D 172 -18.46 -63.05 -40.23
C VAL D 172 -18.18 -61.87 -39.31
N VAL D 173 -17.43 -62.13 -38.26
CA VAL D 173 -16.96 -61.08 -37.37
C VAL D 173 -15.44 -60.98 -37.44
N VAL D 174 -14.94 -59.75 -37.39
CA VAL D 174 -13.52 -59.53 -37.22
C VAL D 174 -13.30 -58.87 -35.88
N ASP D 175 -12.54 -59.52 -35.00
CA ASP D 175 -12.06 -58.88 -33.79
C ASP D 175 -10.94 -57.95 -34.25
N ASN D 176 -11.26 -56.67 -34.29
CA ASN D 176 -10.39 -55.66 -34.87
C ASN D 176 -9.72 -54.82 -33.78
N THR D 177 -9.69 -55.36 -32.58
CA THR D 177 -9.13 -54.68 -31.41
C THR D 177 -7.69 -54.27 -31.68
N PHE D 178 -6.98 -55.17 -32.34
CA PHE D 178 -5.57 -55.01 -32.60
C PHE D 178 -5.25 -53.74 -33.40
N ALA D 179 -5.87 -53.59 -34.55
CA ALA D 179 -5.44 -52.54 -35.46
C ALA D 179 -6.20 -51.24 -35.28
N SER D 180 -7.38 -51.32 -34.67
CA SER D 180 -8.27 -50.16 -34.43
C SER D 180 -8.93 -49.72 -35.74
N PRO D 181 -9.94 -48.81 -35.68
CA PRO D 181 -10.56 -48.40 -36.94
C PRO D 181 -9.66 -47.54 -37.81
N VAL D 182 -8.55 -47.04 -37.24
CA VAL D 182 -7.58 -46.24 -38.00
C VAL D 182 -6.89 -47.01 -39.12
N LEU D 183 -6.78 -48.33 -38.97
CA LEU D 183 -5.89 -49.10 -39.84
C LEU D 183 -6.59 -50.17 -40.68
N GLN D 184 -7.81 -50.51 -40.34
CA GLN D 184 -8.47 -51.66 -40.97
C GLN D 184 -9.99 -51.52 -40.79
N GLN D 185 -10.70 -51.66 -41.89
CA GLN D 185 -12.14 -51.44 -41.90
C GLN D 185 -12.82 -52.74 -42.32
N PRO D 186 -13.09 -53.63 -41.34
CA PRO D 186 -13.66 -54.97 -41.61
C PRO D 186 -14.96 -54.93 -42.40
N LEU D 187 -15.83 -53.96 -42.11
CA LEU D 187 -17.10 -53.89 -42.82
C LEU D 187 -16.90 -53.57 -44.31
N ALA D 188 -15.99 -52.65 -44.60
CA ALA D 188 -15.64 -52.31 -45.98
C ALA D 188 -15.02 -53.51 -46.69
N LEU D 189 -14.37 -54.37 -45.93
CA LEU D 189 -13.72 -55.56 -46.49
C LEU D 189 -14.71 -56.67 -46.83
N GLY D 190 -15.94 -56.57 -46.32
CA GLY D 190 -16.95 -57.59 -46.58
C GLY D 190 -17.48 -58.29 -45.34
N ALA D 191 -16.85 -58.08 -44.19
CA ALA D 191 -17.37 -58.65 -42.94
C ALA D 191 -18.69 -58.02 -42.50
N ASP D 192 -19.40 -58.68 -41.57
CA ASP D 192 -20.69 -58.19 -41.09
C ASP D 192 -20.58 -57.45 -39.76
N VAL D 193 -19.60 -57.86 -38.95
CA VAL D 193 -19.44 -57.29 -37.62
C VAL D 193 -17.98 -56.99 -37.36
N SER D 194 -17.71 -55.80 -36.84
CA SER D 194 -16.41 -55.50 -36.27
C SER D 194 -16.56 -55.55 -34.77
N LEU D 195 -15.65 -56.27 -34.12
CA LEU D 195 -15.68 -56.41 -32.68
C LEU D 195 -14.46 -55.73 -32.06
N TYR D 196 -14.69 -54.99 -30.97
CA TYR D 196 -13.58 -54.31 -30.28
C TYR D 196 -13.63 -54.52 -28.79
N SER D 197 -12.47 -54.79 -28.21
CA SER D 197 -12.26 -54.38 -26.83
C SER D 197 -11.96 -52.91 -27.00
N THR D 198 -12.67 -52.05 -26.29
CA THR D 198 -12.33 -50.64 -26.31
C THR D 198 -11.36 -50.31 -25.21
N THR D 199 -11.14 -51.29 -24.31
CA THR D 199 -10.11 -51.17 -23.26
C THR D 199 -8.74 -50.87 -23.86
N1 LLP D 200 -9.99 -59.40 -27.99
C2 LLP D 200 -8.79 -58.83 -28.09
C2' LLP D 200 -7.99 -58.93 -29.42
C3 LLP D 200 -8.24 -58.14 -26.98
O3 LLP D 200 -6.97 -57.55 -27.13
C4 LLP D 200 -8.93 -58.04 -25.79
C4' LLP D 200 -8.29 -57.24 -24.53
C5 LLP D 200 -10.16 -58.64 -25.69
C6 LLP D 200 -10.71 -59.31 -26.79
C5' LLP D 200 -11.02 -58.59 -24.39
OP4 LLP D 200 -11.45 -57.28 -24.15
P LLP D 200 -11.59 -56.82 -22.68
OP1 LLP D 200 -11.94 -55.33 -22.70
OP2 LLP D 200 -12.68 -57.63 -22.05
OP3 LLP D 200 -10.32 -57.10 -21.95
N LLP D 200 -8.54 -51.28 -25.12
CA LLP D 200 -7.21 -51.13 -25.73
CB LLP D 200 -6.90 -52.30 -26.65
CG LLP D 200 -7.28 -53.65 -26.02
CD LLP D 200 -6.64 -53.88 -24.65
CE LLP D 200 -7.15 -55.19 -23.99
NZ LLP D 200 -7.33 -56.27 -24.99
C LLP D 200 -7.16 -49.80 -26.44
O LLP D 200 -7.47 -48.77 -25.85
N SER D 201 -6.76 -49.82 -27.71
CA SER D 201 -6.47 -48.59 -28.44
C SER D 201 -7.52 -47.47 -28.43
N ILE D 202 -8.79 -47.83 -28.59
CA ILE D 202 -9.86 -46.83 -28.72
C ILE D 202 -9.90 -45.85 -27.52
N ALA D 203 -10.01 -46.39 -26.32
CA ALA D 203 -9.97 -45.57 -25.11
C ALA D 203 -8.57 -44.98 -24.91
N GLY D 204 -7.54 -45.82 -25.08
CA GLY D 204 -6.18 -45.33 -25.23
C GLY D 204 -5.29 -45.07 -24.02
N HIS D 205 -5.87 -44.77 -22.86
CA HIS D 205 -5.07 -44.31 -21.72
C HIS D 205 -5.06 -45.31 -20.57
N ALA D 206 -5.35 -46.57 -20.87
CA ALA D 206 -5.29 -47.62 -19.88
C ALA D 206 -6.10 -47.33 -18.60
N ASP D 207 -7.26 -46.69 -18.73
CA ASP D 207 -8.01 -46.35 -17.53
C ASP D 207 -9.51 -46.66 -17.55
N VAL D 208 -9.92 -47.60 -18.41
CA VAL D 208 -11.32 -47.97 -18.53
C VAL D 208 -11.50 -49.27 -19.32
N LEU D 209 -12.40 -50.13 -18.83
CA LEU D 209 -12.77 -51.32 -19.57
C LEU D 209 -13.94 -50.95 -20.48
N GLY D 210 -14.07 -51.66 -21.59
CA GLY D 210 -15.23 -51.47 -22.45
C GLY D 210 -15.15 -52.34 -23.69
N GLY D 211 -16.30 -52.58 -24.32
CA GLY D 211 -16.35 -53.29 -25.58
C GLY D 211 -17.26 -52.61 -26.57
N ALA D 212 -17.23 -53.08 -27.82
CA ALA D 212 -18.08 -52.53 -28.84
C ALA D 212 -18.32 -53.52 -29.99
N LEU D 213 -19.52 -53.49 -30.54
CA LEU D 213 -19.82 -54.17 -31.81
C LEU D 213 -20.25 -53.10 -32.82
N VAL D 214 -19.73 -53.19 -34.03
CA VAL D 214 -20.13 -52.27 -35.11
C VAL D 214 -20.59 -53.12 -36.30
N TYR D 215 -21.75 -52.79 -36.87
CA TYR D 215 -22.39 -53.68 -37.84
C TYR D 215 -23.49 -52.98 -38.64
N ARG D 216 -24.15 -53.72 -39.54
CA ARG D 216 -25.19 -53.18 -40.42
C ARG D 216 -26.57 -53.89 -40.36
N ASP D 217 -26.60 -55.18 -40.04
CA ASP D 217 -27.85 -55.94 -40.07
C ASP D 217 -28.80 -55.49 -38.95
N ALA D 218 -29.98 -54.99 -39.35
CA ALA D 218 -30.94 -54.43 -38.42
C ALA D 218 -31.54 -55.49 -37.50
N ASP D 219 -31.61 -56.72 -38.00
CA ASP D 219 -32.13 -57.83 -37.20
C ASP D 219 -31.09 -58.22 -36.17
N LEU D 220 -29.82 -58.13 -36.53
CA LEU D 220 -28.74 -58.34 -35.58
C LEU D 220 -28.79 -57.24 -34.52
N HIS D 221 -29.03 -56.01 -34.96
CA HIS D 221 -29.16 -54.88 -34.07
C HIS D 221 -30.19 -55.12 -32.98
N ALA D 222 -31.39 -55.57 -33.36
CA ALA D 222 -32.43 -55.85 -32.38
C ALA D 222 -32.01 -56.94 -31.37
N ALA D 223 -31.40 -58.01 -31.88
CA ALA D 223 -30.99 -59.13 -31.04
C ALA D 223 -29.85 -58.75 -30.08
N VAL D 224 -28.91 -57.95 -30.58
CA VAL D 224 -27.77 -57.49 -29.78
C VAL D 224 -28.25 -56.61 -28.62
N ARG D 225 -29.17 -55.71 -28.91
CA ARG D 225 -29.70 -54.83 -27.88
C ARG D 225 -30.59 -55.59 -26.89
N ALA D 226 -31.39 -56.54 -27.40
CA ALA D 226 -32.23 -57.34 -26.50
C ALA D 226 -31.34 -58.10 -25.54
N TYR D 227 -30.26 -58.68 -26.05
CA TYR D 227 -29.34 -59.41 -25.20
C TYR D 227 -28.69 -58.51 -24.16
N ARG D 228 -28.21 -57.34 -24.59
CA ARG D 228 -27.51 -56.44 -23.67
C ARG D 228 -28.40 -56.02 -22.50
N THR D 229 -29.63 -55.62 -22.80
CA THR D 229 -30.56 -55.18 -21.77
C THR D 229 -30.94 -56.33 -20.85
N THR D 230 -30.98 -57.54 -21.41
CA THR D 230 -31.30 -58.72 -20.63
C THR D 230 -30.10 -59.22 -19.83
N ALA D 231 -28.96 -59.37 -20.48
CA ALA D 231 -27.75 -59.83 -19.80
C ALA D 231 -27.22 -58.73 -18.87
N GLY D 232 -27.51 -57.48 -19.21
CA GLY D 232 -27.16 -56.36 -18.36
C GLY D 232 -25.67 -56.06 -18.37
N ASN D 233 -25.01 -56.38 -19.49
CA ASN D 233 -23.57 -56.12 -19.63
C ASN D 233 -23.29 -54.74 -20.24
N VAL D 234 -23.93 -53.73 -19.66
CA VAL D 234 -23.80 -52.35 -20.11
C VAL D 234 -22.74 -51.61 -19.31
N PRO D 235 -21.89 -50.83 -19.99
CA PRO D 235 -20.91 -49.99 -19.31
C PRO D 235 -21.62 -48.83 -18.59
N GLY D 236 -20.93 -48.20 -17.66
CA GLY D 236 -21.45 -47.00 -17.01
C GLY D 236 -21.23 -45.78 -17.90
N ALA D 237 -21.97 -44.73 -17.63
CA ALA D 237 -21.87 -43.50 -18.43
C ALA D 237 -20.54 -42.79 -18.22
N LEU D 238 -20.02 -42.89 -17.00
CA LEU D 238 -18.73 -42.29 -16.72
C LEU D 238 -17.62 -43.06 -17.48
N ASP D 239 -17.81 -44.36 -17.68
CA ASP D 239 -16.88 -45.12 -18.53
C ASP D 239 -17.02 -44.70 -19.98
N CYS D 240 -18.26 -44.61 -20.47
CA CYS D 240 -18.48 -44.17 -21.84
C CYS D 240 -17.86 -42.79 -22.08
N PHE D 241 -17.93 -41.91 -21.07
CA PHE D 241 -17.27 -40.60 -21.17
C PHE D 241 -15.76 -40.77 -21.38
N LEU D 242 -15.14 -41.70 -20.66
CA LEU D 242 -13.70 -41.89 -20.76
C LEU D 242 -13.27 -42.48 -22.11
N VAL D 243 -14.04 -43.43 -22.62
CA VAL D 243 -13.76 -44.00 -23.92
C VAL D 243 -13.90 -42.91 -24.98
N ARG D 244 -14.99 -42.15 -24.90
CA ARG D 244 -15.26 -41.10 -25.88
C ARG D 244 -14.18 -40.03 -25.86
N ARG D 245 -13.72 -39.69 -24.67
CA ARG D 245 -12.68 -38.66 -24.54
C ARG D 245 -11.37 -39.13 -25.16
N GLY D 246 -10.99 -40.37 -24.87
CA GLY D 246 -9.76 -40.92 -25.43
C GLY D 246 -9.86 -41.08 -26.94
N LEU D 247 -11.08 -41.28 -27.42
CA LEU D 247 -11.33 -41.47 -28.84
C LEU D 247 -10.90 -40.28 -29.71
N HIS D 248 -11.04 -39.06 -29.19
CA HIS D 248 -10.66 -37.86 -29.92
C HIS D 248 -9.25 -37.99 -30.51
N THR D 249 -8.33 -38.55 -29.73
CA THR D 249 -6.94 -38.60 -30.17
C THR D 249 -6.52 -39.94 -30.80
N LEU D 250 -7.49 -40.78 -31.17
CA LEU D 250 -7.16 -42.13 -31.66
C LEU D 250 -6.21 -42.12 -32.86
N SER D 251 -6.51 -41.34 -33.88
CA SER D 251 -5.66 -41.33 -35.08
C SER D 251 -4.23 -40.84 -34.78
N LEU D 252 -4.12 -39.71 -34.10
CA LEU D 252 -2.81 -39.17 -33.72
C LEU D 252 -1.99 -40.18 -32.93
N ARG D 253 -2.65 -40.88 -32.00
CA ARG D 253 -1.95 -41.84 -31.16
C ARG D 253 -1.51 -43.07 -31.97
N VAL D 254 -2.45 -43.63 -32.74
CA VAL D 254 -2.17 -44.85 -33.49
C VAL D 254 -0.98 -44.67 -34.43
N HIS D 255 -0.93 -43.56 -35.16
CA HIS D 255 0.14 -43.40 -36.14
C HIS D 255 1.46 -42.96 -35.53
N ARG D 256 1.40 -42.29 -34.38
CA ARG D 256 2.59 -42.11 -33.57
C ARG D 256 3.14 -43.49 -33.15
N GLN D 257 2.24 -44.38 -32.76
CA GLN D 257 2.61 -45.73 -32.34
C GLN D 257 3.19 -46.54 -33.51
N VAL D 258 2.59 -46.40 -34.70
CA VAL D 258 3.07 -47.11 -35.87
C VAL D 258 4.49 -46.68 -36.19
N ALA D 259 4.72 -45.37 -36.24
CA ALA D 259 6.01 -44.83 -36.60
C ALA D 259 7.09 -45.38 -35.68
N THR D 260 6.84 -45.33 -34.38
CA THR D 260 7.81 -45.79 -33.41
C THR D 260 8.04 -47.30 -33.51
N ALA D 261 6.97 -48.04 -33.78
CA ALA D 261 7.09 -49.48 -34.00
C ALA D 261 8.11 -49.80 -35.12
N ARG D 262 8.07 -49.03 -36.21
CA ARG D 262 9.05 -49.19 -37.30
C ARG D 262 10.49 -49.06 -36.83
N VAL D 263 10.75 -48.02 -36.06
CA VAL D 263 12.09 -47.72 -35.61
C VAL D 263 12.54 -48.86 -34.71
N LEU D 264 11.62 -49.35 -33.88
CA LEU D 264 11.92 -50.44 -32.98
C LEU D 264 12.26 -51.72 -33.77
N VAL D 265 11.51 -51.98 -34.85
CA VAL D 265 11.75 -53.13 -35.70
C VAL D 265 13.15 -53.06 -36.32
N GLU D 266 13.56 -51.87 -36.73
CA GLU D 266 14.91 -51.65 -37.22
C GLU D 266 15.99 -51.98 -36.17
N ARG D 267 15.84 -51.47 -34.95
CA ARG D 267 16.78 -51.79 -33.88
C ARG D 267 16.85 -53.30 -33.64
N LEU D 268 15.68 -53.95 -33.62
CA LEU D 268 15.60 -55.40 -33.37
C LEU D 268 16.36 -56.21 -34.40
N ARG D 269 16.16 -55.91 -35.69
CA ARG D 269 16.77 -56.66 -36.78
C ARG D 269 18.29 -56.64 -36.69
N ALA D 270 18.82 -55.61 -36.04
CA ALA D 270 20.26 -55.41 -35.98
C ALA D 270 20.89 -55.92 -34.69
N SER D 271 20.06 -56.36 -33.75
CA SER D 271 20.57 -56.85 -32.47
C SER D 271 21.02 -58.30 -32.57
N PRO D 272 22.26 -58.58 -32.12
CA PRO D 272 22.80 -59.95 -32.22
C PRO D 272 22.04 -60.91 -31.31
N VAL D 273 21.22 -60.39 -30.41
CA VAL D 273 20.54 -61.22 -29.43
C VAL D 273 19.11 -61.51 -29.88
N VAL D 274 18.77 -61.03 -31.06
CA VAL D 274 17.42 -61.18 -31.58
C VAL D 274 17.38 -62.16 -32.74
N GLY D 275 16.40 -63.07 -32.73
CA GLY D 275 16.22 -63.97 -33.87
C GLY D 275 15.12 -63.49 -34.80
N ALA D 276 14.12 -64.34 -35.03
CA ALA D 276 12.95 -63.94 -35.81
C ALA D 276 12.31 -62.68 -35.24
N VAL D 277 11.86 -61.80 -36.14
CA VAL D 277 11.11 -60.62 -35.76
C VAL D 277 9.79 -60.59 -36.52
N HIS D 278 8.69 -60.51 -35.76
CA HIS D 278 7.37 -60.55 -36.36
C HIS D 278 6.77 -59.14 -36.44
N TYR D 279 6.41 -58.75 -37.66
CA TYR D 279 5.81 -57.44 -37.90
C TYR D 279 5.12 -57.44 -39.24
N PRO D 280 3.89 -56.91 -39.27
CA PRO D 280 3.18 -57.03 -40.54
C PRO D 280 3.69 -56.06 -41.61
N GLY D 281 4.62 -55.17 -41.25
CA GLY D 281 5.20 -54.25 -42.21
C GLY D 281 6.51 -54.67 -42.89
N LEU D 282 6.95 -55.92 -42.73
CA LEU D 282 8.20 -56.37 -43.33
C LEU D 282 8.04 -57.10 -44.67
N PRO D 283 9.09 -57.03 -45.52
CA PRO D 283 9.30 -57.83 -46.75
C PRO D 283 9.83 -59.23 -46.47
N GLU D 284 9.19 -59.95 -45.54
CA GLU D 284 9.52 -61.34 -45.27
C GLU D 284 8.32 -61.92 -44.52
N HIS D 285 7.52 -61.03 -43.92
CA HIS D 285 6.27 -61.43 -43.27
C HIS D 285 5.43 -62.17 -44.28
N PRO D 286 5.01 -63.40 -43.90
CA PRO D 286 4.36 -64.41 -44.77
C PRO D 286 3.15 -63.89 -45.53
N GLN D 287 2.31 -63.07 -44.90
CA GLN D 287 1.14 -62.55 -45.59
C GLN D 287 1.16 -61.03 -45.79
N HIS D 288 2.36 -60.44 -45.91
CA HIS D 288 2.45 -58.99 -46.06
C HIS D 288 1.66 -58.51 -47.26
N ALA D 289 1.50 -59.40 -48.23
CA ALA D 289 0.67 -59.11 -49.39
C ALA D 289 -0.78 -58.78 -48.99
N VAL D 290 -1.35 -59.56 -48.07
CA VAL D 290 -2.73 -59.33 -47.62
C VAL D 290 -2.75 -58.09 -46.73
N VAL D 291 -1.67 -57.97 -45.97
CA VAL D 291 -1.38 -56.84 -45.11
C VAL D 291 -1.57 -55.49 -45.78
N LYS D 292 -0.91 -55.32 -46.91
CA LYS D 292 -0.91 -54.05 -47.60
C LYS D 292 -2.17 -53.94 -48.44
N ALA D 293 -3.01 -54.96 -48.38
CA ALA D 293 -4.28 -54.90 -49.10
C ALA D 293 -5.41 -54.40 -48.22
N GLN D 294 -5.31 -54.67 -46.91
CA GLN D 294 -6.42 -54.44 -46.00
C GLN D 294 -6.03 -53.64 -44.73
N MSE D 295 -4.74 -53.61 -44.43
CA MSE D 295 -4.25 -52.75 -43.35
C MSE D 295 -3.78 -51.46 -43.97
O MSE D 295 -3.11 -51.45 -44.99
CB MSE D 295 -3.06 -53.33 -42.61
CG MSE D 295 -2.90 -54.85 -42.56
SE MSE D 295 -2.08 -55.26 -40.84
CE MSE D 295 -0.36 -54.31 -41.53
N SER D 296 -4.11 -50.32 -43.36
CA SER D 296 -3.61 -49.09 -43.94
C SER D 296 -2.26 -48.71 -43.34
N ALA D 297 -1.91 -49.38 -42.25
CA ALA D 297 -0.56 -49.37 -41.74
C ALA D 297 -0.43 -50.66 -40.96
N PRO D 298 0.82 -51.07 -40.67
CA PRO D 298 1.04 -52.30 -39.91
C PRO D 298 0.86 -52.34 -38.41
N GLY D 299 0.45 -51.22 -37.84
CA GLY D 299 0.09 -51.23 -36.44
C GLY D 299 1.23 -51.10 -35.45
N ALA D 300 0.88 -51.31 -34.19
CA ALA D 300 1.71 -50.86 -33.07
C ALA D 300 2.30 -52.00 -32.24
N ILE D 301 2.18 -53.23 -32.74
CA ILE D 301 2.62 -54.40 -31.99
C ILE D 301 3.71 -55.16 -32.74
N VAL D 302 4.78 -55.52 -32.03
CA VAL D 302 5.89 -56.23 -32.64
C VAL D 302 6.22 -57.44 -31.77
N SER D 303 6.65 -58.53 -32.40
CA SER D 303 7.19 -59.66 -31.65
C SER D 303 8.55 -60.09 -32.14
N PHE D 304 9.32 -60.71 -31.25
CA PHE D 304 10.64 -61.22 -31.61
C PHE D 304 11.09 -62.28 -30.62
N ASP D 305 11.92 -63.20 -31.09
CA ASP D 305 12.51 -64.18 -30.22
C ASP D 305 13.81 -63.69 -29.61
N TYR D 306 13.82 -63.62 -28.28
CA TYR D 306 15.00 -63.23 -27.52
C TYR D 306 15.98 -64.41 -27.41
N LEU D 307 17.22 -64.20 -27.84
CA LEU D 307 18.18 -65.29 -27.91
C LEU D 307 19.16 -65.32 -26.73
N GLY D 308 19.07 -64.33 -25.84
CA GLY D 308 20.05 -64.17 -24.78
C GLY D 308 19.75 -64.94 -23.52
N GLY D 309 18.78 -65.84 -23.58
CA GLY D 309 18.42 -66.67 -22.44
C GLY D 309 16.95 -66.59 -22.11
N PRO D 310 16.58 -66.91 -20.85
CA PRO D 310 15.18 -66.89 -20.41
C PRO D 310 14.62 -65.49 -20.54
N ALA D 311 13.32 -65.37 -20.80
CA ALA D 311 12.70 -64.08 -20.98
C ALA D 311 12.86 -63.20 -19.73
N GLU D 312 12.84 -63.83 -18.56
CA GLU D 312 13.01 -63.14 -17.28
C GLU D 312 14.21 -62.18 -17.28
N ARG D 313 15.24 -62.59 -18.00
CA ARG D 313 16.48 -61.85 -18.09
C ARG D 313 16.27 -60.50 -18.76
N LEU D 314 15.62 -60.54 -19.92
CA LEU D 314 15.33 -59.33 -20.68
C LEU D 314 14.34 -58.40 -19.97
N LEU D 315 13.19 -58.97 -19.57
CA LEU D 315 12.11 -58.21 -18.95
C LEU D 315 12.58 -57.26 -17.84
N ASP D 316 13.32 -57.81 -16.88
CA ASP D 316 13.71 -57.07 -15.69
C ASP D 316 14.59 -55.85 -15.95
N ARG D 317 15.18 -55.77 -17.16
CA ARG D 317 16.07 -54.69 -17.52
C ARG D 317 15.40 -53.42 -18.08
N PHE D 318 14.20 -53.54 -18.65
CA PHE D 318 13.53 -52.36 -19.19
C PHE D 318 13.34 -51.34 -18.07
N THR D 319 13.62 -50.08 -18.34
CA THR D 319 13.32 -49.07 -17.35
C THR D 319 12.35 -48.02 -17.87
N LEU D 320 11.80 -48.26 -19.07
CA LEU D 320 10.78 -47.36 -19.61
C LEU D 320 9.54 -48.14 -20.08
N PHE D 321 9.76 -49.18 -20.87
CA PHE D 321 8.68 -50.15 -21.13
C PHE D 321 8.21 -50.69 -19.77
N THR D 322 6.90 -50.90 -19.61
CA THR D 322 6.35 -51.52 -18.40
C THR D 322 6.06 -53.01 -18.66
N CYS D 323 6.38 -53.87 -17.69
CA CYS D 323 6.15 -55.30 -17.84
C CYS D 323 4.76 -55.65 -17.34
N GLY D 324 3.82 -55.78 -18.26
CA GLY D 324 2.43 -56.06 -17.91
C GLY D 324 1.69 -56.55 -19.13
N VAL D 325 0.45 -57.00 -18.95
CA VAL D 325 -0.33 -57.45 -20.09
C VAL D 325 -1.21 -56.26 -20.47
N SER D 326 -1.77 -56.32 -21.68
CA SER D 326 -2.59 -55.28 -22.33
C SER D 326 -1.80 -54.56 -23.44
N LEU D 327 -2.52 -53.73 -24.20
CA LEU D 327 -1.94 -53.04 -25.33
C LEU D 327 -2.79 -51.85 -25.72
N GLY D 328 -2.27 -51.06 -26.65
CA GLY D 328 -2.99 -49.95 -27.24
C GLY D 328 -2.92 -48.66 -26.44
N GLY D 329 -2.21 -48.70 -25.31
CA GLY D 329 -2.18 -47.57 -24.40
C GLY D 329 -1.07 -46.56 -24.65
N VAL D 330 -1.16 -45.41 -23.99
CA VAL D 330 -0.14 -44.37 -24.14
C VAL D 330 1.21 -44.83 -23.57
N HIS D 331 1.17 -45.67 -22.53
CA HIS D 331 2.37 -46.26 -21.93
C HIS D 331 2.75 -47.51 -22.70
N SER D 332 4.02 -47.61 -23.10
CA SER D 332 4.52 -48.79 -23.81
C SER D 332 4.61 -49.98 -22.84
N LEU D 333 4.10 -51.13 -23.27
CA LEU D 333 4.14 -52.35 -22.48
C LEU D 333 4.96 -53.41 -23.17
N VAL D 334 5.76 -54.11 -22.39
CA VAL D 334 6.41 -55.31 -22.85
C VAL D 334 5.78 -56.49 -22.13
N GLU D 335 5.68 -57.62 -22.82
CA GLU D 335 5.28 -58.84 -22.14
C GLU D 335 5.68 -60.09 -22.91
N CYS D 336 6.05 -61.12 -22.16
CA CYS D 336 6.44 -62.41 -22.74
C CYS D 336 5.26 -63.37 -22.66
N PRO D 337 4.67 -63.71 -23.81
CA PRO D 337 3.52 -64.61 -23.83
C PRO D 337 3.76 -65.94 -23.10
N ALA D 338 4.96 -66.50 -23.19
CA ALA D 338 5.28 -67.79 -22.54
C ALA D 338 4.92 -67.87 -21.07
N LEU D 339 5.40 -66.90 -20.29
CA LEU D 339 5.17 -66.95 -18.84
C LEU D 339 4.13 -65.91 -18.39
N MSE D 340 3.57 -65.16 -19.34
CA MSE D 340 2.61 -64.12 -18.98
C MSE D 340 1.21 -64.35 -19.50
O MSE D 340 0.33 -63.52 -19.33
CB MSE D 340 3.12 -62.72 -19.33
CG MSE D 340 3.81 -62.03 -18.14
SE MSE D 340 5.03 -60.57 -18.65
CE MSE D 340 6.56 -61.66 -19.08
N THR D 341 0.99 -65.52 -20.09
CA THR D 341 -0.35 -65.99 -20.44
C THR D 341 -0.38 -67.50 -20.53
N HIS D 342 0.43 -68.01 -21.45
CA HIS D 342 0.29 -69.40 -21.83
C HIS D 342 0.79 -70.26 -20.65
N ARG D 343 -0.01 -70.19 -19.58
CA ARG D 343 0.37 -70.67 -18.27
C ARG D 343 -0.51 -71.87 -17.93
N PRO D 344 -1.86 -71.71 -18.00
CA PRO D 344 -2.57 -73.00 -18.06
C PRO D 344 -2.46 -73.49 -19.50
N LEU D 345 -2.48 -72.55 -20.45
CA LEU D 345 -2.16 -72.90 -21.83
C LEU D 345 -0.84 -73.69 -21.84
N SER D 346 -0.89 -74.88 -22.40
CA SER D 346 0.11 -75.91 -22.13
C SER D 346 1.42 -75.76 -22.90
N ALA D 347 2.38 -76.63 -22.60
CA ALA D 347 3.67 -76.62 -23.25
C ALA D 347 3.80 -77.78 -24.23
N GLU D 348 2.87 -78.73 -24.15
CA GLU D 348 2.67 -79.64 -25.26
C GLU D 348 2.29 -78.73 -26.42
N ALA D 349 1.51 -77.71 -26.09
CA ALA D 349 1.08 -76.70 -27.04
C ALA D 349 2.12 -75.57 -27.17
N ARG D 350 1.67 -74.34 -26.93
CA ARG D 350 2.54 -73.17 -27.06
C ARG D 350 3.28 -73.15 -28.39
N ALA D 351 4.24 -74.06 -28.55
CA ALA D 351 4.96 -74.22 -29.81
C ALA D 351 4.05 -74.70 -30.94
N ARG D 352 2.86 -75.17 -30.57
CA ARG D 352 1.84 -75.57 -31.54
C ARG D 352 1.16 -74.32 -32.03
N ARG D 353 1.54 -73.22 -31.40
CA ARG D 353 1.09 -71.93 -31.81
C ARG D 353 2.30 -71.18 -32.32
N GLY D 354 3.48 -71.72 -32.01
CA GLY D 354 4.75 -71.07 -32.34
C GLY D 354 5.04 -69.99 -31.32
N ILE D 355 4.89 -70.33 -30.05
CA ILE D 355 5.25 -69.41 -28.97
C ILE D 355 6.20 -70.07 -27.98
N GLY D 356 7.47 -70.23 -28.35
CA GLY D 356 8.46 -70.76 -27.44
C GLY D 356 8.59 -69.90 -26.19
N GLU D 357 9.28 -70.43 -25.17
CA GLU D 357 9.41 -69.73 -23.91
C GLU D 357 10.14 -68.38 -24.00
N SER D 358 10.73 -68.09 -25.17
CA SER D 358 11.53 -66.87 -25.36
C SER D 358 10.97 -65.88 -26.38
N LEU D 359 9.69 -65.99 -26.73
CA LEU D 359 9.12 -64.97 -27.59
C LEU D 359 8.76 -63.76 -26.73
N ILE D 360 9.01 -62.57 -27.26
CA ILE D 360 8.74 -61.31 -26.57
C ILE D 360 7.78 -60.43 -27.39
N ARG D 361 6.80 -59.82 -26.73
CA ARG D 361 5.87 -58.92 -27.42
C ARG D 361 5.93 -57.49 -26.90
N LEU D 362 6.07 -56.55 -27.82
CA LEU D 362 6.04 -55.15 -27.50
C LEU D 362 4.69 -54.54 -27.89
N SER D 363 4.13 -53.74 -26.99
CA SER D 363 3.00 -52.89 -27.31
C SER D 363 3.48 -51.46 -27.16
N VAL D 364 3.57 -50.75 -28.29
CA VAL D 364 4.23 -49.46 -28.31
C VAL D 364 3.25 -48.35 -28.01
N GLY D 365 3.64 -47.46 -27.09
CA GLY D 365 2.82 -46.33 -26.72
C GLY D 365 3.27 -45.07 -27.44
N ILE D 366 3.05 -43.92 -26.81
CA ILE D 366 3.38 -42.65 -27.43
C ILE D 366 4.51 -41.92 -26.69
N GLU D 367 5.54 -42.65 -26.28
CA GLU D 367 6.72 -41.97 -25.72
C GLU D 367 7.64 -41.56 -26.87
N ASP D 368 8.59 -40.69 -26.58
CA ASP D 368 9.58 -40.28 -27.55
C ASP D 368 10.26 -41.52 -28.13
N PRO D 369 10.28 -41.66 -29.48
CA PRO D 369 10.66 -42.93 -30.08
C PRO D 369 12.09 -43.33 -29.75
N GLN D 370 12.98 -42.34 -29.60
CA GLN D 370 14.38 -42.64 -29.30
C GLN D 370 14.56 -43.10 -27.87
N ASP D 371 13.75 -42.56 -26.95
CA ASP D 371 13.78 -43.04 -25.56
C ASP D 371 13.43 -44.53 -25.51
N LEU D 372 12.38 -44.91 -26.23
CA LEU D 372 11.95 -46.30 -26.26
C LEU D 372 12.99 -47.18 -26.93
N ALA D 373 13.54 -46.67 -28.03
CA ALA D 373 14.58 -47.40 -28.75
C ALA D 373 15.82 -47.61 -27.87
N GLU D 374 16.20 -46.58 -27.12
CA GLU D 374 17.30 -46.70 -26.17
C GLU D 374 17.01 -47.72 -25.06
N ASP D 375 15.80 -47.72 -24.52
CA ASP D 375 15.45 -48.66 -23.46
C ASP D 375 15.53 -50.10 -23.96
N LEU D 376 14.98 -50.31 -25.15
CA LEU D 376 15.01 -51.63 -25.79
C LEU D 376 16.45 -52.10 -26.00
N SER D 377 17.27 -51.25 -26.60
CA SER D 377 18.67 -51.62 -26.90
C SER D 377 19.46 -51.97 -25.64
N ARG D 378 19.23 -51.22 -24.57
CA ARG D 378 19.91 -51.48 -23.30
C ARG D 378 19.47 -52.80 -22.66
N ALA D 379 18.18 -53.09 -22.74
CA ALA D 379 17.69 -54.35 -22.18
C ALA D 379 18.31 -55.49 -22.98
N LEU D 380 18.26 -55.38 -24.30
CA LEU D 380 18.89 -56.39 -25.16
C LEU D 380 20.40 -56.51 -24.88
N ALA D 381 21.07 -55.37 -24.63
CA ALA D 381 22.54 -55.36 -24.54
C ALA D 381 23.13 -55.95 -23.26
N GLY D 382 22.48 -55.70 -22.12
CA GLY D 382 22.84 -56.37 -20.89
C GLY D 382 23.03 -55.85 -19.51
N GLY E 6 -17.55 44.08 14.78
CA GLY E 6 -16.79 42.91 15.20
C GLY E 6 -15.42 42.84 14.57
N MSE E 7 -15.28 41.99 13.55
CA MSE E 7 -14.06 41.91 12.77
C MSE E 7 -14.29 41.37 11.32
O MSE E 7 -14.23 40.17 11.08
CB MSE E 7 -13.05 41.03 13.50
CG MSE E 7 -13.72 40.02 14.51
SE MSE E 7 -12.71 38.61 15.51
CE MSE E 7 -11.55 39.63 16.59
N ARG E 8 -14.57 42.29 10.37
CA ARG E 8 -14.57 42.00 8.93
C ARG E 8 -13.12 41.81 8.45
N PHE E 9 -12.96 41.45 7.16
CA PHE E 9 -11.66 41.08 6.59
C PHE E 9 -10.47 41.97 6.97
N GLY E 10 -10.36 43.15 6.35
CA GLY E 10 -9.28 44.09 6.61
C GLY E 10 -8.92 44.30 8.07
N THR E 11 -9.90 44.14 8.93
CA THR E 11 -9.67 44.23 10.37
C THR E 11 -8.99 42.95 10.90
N ARG E 12 -9.46 41.79 10.46
CA ARG E 12 -8.86 40.50 10.86
C ARG E 12 -7.41 40.37 10.37
N LEU E 13 -7.12 40.92 9.19
CA LEU E 13 -5.75 40.96 8.68
C LEU E 13 -4.80 41.62 9.67
N VAL E 14 -5.23 42.76 10.22
CA VAL E 14 -4.39 43.52 11.14
C VAL E 14 -4.46 42.94 12.55
N HIS E 15 -5.62 42.44 12.95
CA HIS E 15 -5.80 42.06 14.34
C HIS E 15 -6.04 40.57 14.64
N GLY E 16 -6.18 39.73 13.63
CA GLY E 16 -6.28 38.29 13.87
C GLY E 16 -5.04 37.78 14.61
N GLY E 17 -5.23 37.07 15.71
CA GLY E 17 -4.11 36.48 16.44
C GLY E 17 -3.28 37.46 17.26
N ARG E 18 -3.91 38.52 17.78
CA ARG E 18 -3.19 39.53 18.56
C ARG E 18 -3.37 39.54 20.10
N ARG E 19 -2.97 38.43 20.78
CA ARG E 19 -2.94 38.34 22.26
C ARG E 19 -2.25 39.56 22.88
N PRO E 20 -2.89 40.18 23.89
CA PRO E 20 -2.52 41.50 24.44
C PRO E 20 -1.48 41.43 25.53
N SER E 21 -0.22 41.72 25.19
CA SER E 21 0.90 41.18 25.98
C SER E 21 0.73 41.34 27.48
N ALA E 22 0.51 42.54 27.96
CA ALA E 22 0.35 42.73 29.40
C ALA E 22 1.60 42.33 30.19
N GLY E 23 1.74 42.92 31.36
CA GLY E 23 3.06 43.02 31.95
C GLY E 23 3.77 44.18 31.26
N THR E 24 3.58 44.31 29.95
CA THR E 24 4.25 45.32 29.11
C THR E 24 3.31 45.99 28.09
N GLY E 25 2.45 45.19 27.45
CA GLY E 25 1.40 45.73 26.59
C GLY E 25 1.69 45.92 25.10
N ASP E 26 2.69 45.20 24.56
CA ASP E 26 3.07 45.31 23.15
C ASP E 26 1.89 45.25 22.19
N VAL E 27 1.79 46.21 21.28
CA VAL E 27 0.79 46.18 20.22
C VAL E 27 1.15 45.09 19.18
N VAL E 28 2.39 45.10 18.73
CA VAL E 28 2.92 44.00 17.92
C VAL E 28 3.49 42.95 18.86
N PRO E 29 2.80 41.80 19.00
CA PRO E 29 3.28 40.76 19.94
C PRO E 29 4.73 40.37 19.65
N PRO E 30 5.52 40.16 20.69
CA PRO E 30 6.95 39.86 20.53
C PRO E 30 7.20 38.55 19.77
N ILE E 31 8.41 38.40 19.22
CA ILE E 31 8.74 37.22 18.43
C ILE E 31 9.29 36.11 19.32
N HIS E 32 8.54 35.00 19.41
CA HIS E 32 8.95 33.91 20.29
C HIS E 32 9.96 33.00 19.60
N VAL E 33 11.24 33.28 19.83
CA VAL E 33 12.31 32.53 19.19
C VAL E 33 12.75 31.31 20.00
N SER E 34 12.32 31.21 21.25
CA SER E 34 12.81 30.15 22.13
C SER E 34 12.32 28.75 21.72
N THR E 35 13.23 27.81 21.53
CA THR E 35 12.83 26.44 21.25
C THR E 35 12.41 25.70 22.51
N THR E 36 12.77 26.24 23.67
CA THR E 36 12.58 25.49 24.91
C THR E 36 11.79 26.26 25.97
N TYR E 37 11.03 25.53 26.80
CA TYR E 37 10.12 26.14 27.76
C TYR E 37 10.23 25.63 29.18
N GLU E 38 10.38 26.56 30.12
CA GLU E 38 10.30 26.23 31.54
C GLU E 38 8.89 25.71 31.79
N ARG E 39 8.83 24.46 32.25
CA ARG E 39 7.57 23.71 32.35
C ARG E 39 6.96 23.73 33.75
N ARG E 40 7.48 24.59 34.63
CA ARG E 40 7.12 24.53 36.05
C ARG E 40 6.21 25.69 36.43
N ALA E 41 6.61 26.89 36.02
CA ALA E 41 5.87 28.10 36.32
C ALA E 41 4.58 28.23 35.50
N GLN E 42 4.33 27.37 34.53
CA GLN E 42 3.09 27.55 33.79
C GLN E 42 1.89 26.98 34.52
N ASP E 43 0.84 27.79 34.56
CA ASP E 43 -0.32 27.61 35.43
C ASP E 43 -1.27 26.55 34.90
N GLU E 44 -0.79 25.80 33.91
CA GLU E 44 -1.56 24.97 32.97
C GLU E 44 -0.76 25.05 31.67
N PRO E 45 0.40 24.39 31.64
CA PRO E 45 1.45 24.51 30.60
C PRO E 45 1.10 23.87 29.26
N ARG E 46 1.22 24.66 28.20
CA ARG E 46 0.93 24.17 26.85
C ARG E 46 2.17 24.19 25.98
N TYR E 47 3.18 24.94 26.42
CA TYR E 47 4.40 25.08 25.63
C TYR E 47 5.47 24.21 26.25
N PHE E 48 5.93 23.23 25.48
CA PHE E 48 6.91 22.24 25.95
C PHE E 48 8.15 22.34 25.07
N TYR E 49 7.94 22.26 23.76
CA TYR E 49 9.04 22.30 22.81
C TYR E 49 8.58 22.92 21.50
N GLY E 50 9.43 23.76 20.93
CA GLY E 50 9.07 24.57 19.77
C GLY E 50 8.63 23.84 18.50
N ARG E 51 9.00 22.57 18.34
CA ARG E 51 8.45 21.79 17.22
C ARG E 51 6.95 21.50 17.41
N GLY E 52 6.53 21.28 18.65
CA GLY E 52 5.14 21.02 18.95
C GLY E 52 4.28 22.27 19.11
N GLU E 53 4.81 23.28 19.81
CA GLU E 53 4.02 24.47 20.15
C GLU E 53 4.90 25.71 20.13
N ASN E 54 4.39 26.80 19.56
CA ASN E 54 5.12 28.06 19.52
C ASN E 54 4.12 29.21 19.42
N PRO E 55 4.11 30.12 20.41
CA PRO E 55 3.06 31.16 20.39
C PRO E 55 3.04 32.06 19.15
N THR E 56 4.21 32.47 18.64
CA THR E 56 4.25 33.32 17.45
C THR E 56 3.66 32.56 16.26
N ARG E 57 3.92 31.27 16.21
CA ARG E 57 3.39 30.46 15.14
C ARG E 57 1.87 30.32 15.26
N GLU E 58 1.40 30.12 16.48
CA GLU E 58 -0.03 30.01 16.72
C GLU E 58 -0.75 31.33 16.39
N GLU E 59 -0.09 32.46 16.61
CA GLU E 59 -0.70 33.76 16.29
C GLU E 59 -1.03 33.84 14.80
N LEU E 60 -0.06 33.43 13.97
CA LEU E 60 -0.22 33.45 12.52
C LEU E 60 -1.36 32.53 12.09
N GLU E 61 -1.44 31.37 12.74
CA GLU E 61 -2.50 30.40 12.47
C GLU E 61 -3.89 30.94 12.84
N GLU E 62 -3.98 31.63 13.97
CA GLU E 62 -5.23 32.23 14.38
C GLU E 62 -5.66 33.25 13.33
N CYS E 63 -4.71 34.08 12.90
CA CYS E 63 -4.96 35.06 11.85
C CYS E 63 -5.48 34.40 10.56
N LEU E 64 -4.76 33.38 10.09
CA LEU E 64 -5.13 32.68 8.84
C LEU E 64 -6.51 32.01 8.89
N ALA E 65 -6.77 31.25 9.96
CA ALA E 65 -8.09 30.67 10.16
C ALA E 65 -9.18 31.75 10.14
N GLY E 66 -8.90 32.89 10.78
CA GLY E 66 -9.84 34.00 10.86
C GLY E 66 -10.29 34.54 9.50
N LEU E 67 -9.37 34.60 8.56
CA LEU E 67 -9.67 35.10 7.21
C LEU E 67 -10.74 34.27 6.50
N GLU E 68 -10.95 33.04 6.96
CA GLU E 68 -11.93 32.14 6.36
C GLU E 68 -13.02 31.74 7.36
N ARG E 69 -13.06 32.44 8.50
CA ARG E 69 -14.00 32.13 9.58
C ARG E 69 -13.98 30.63 9.96
N ALA E 70 -12.78 30.08 9.99
CA ALA E 70 -12.57 28.65 10.23
C ALA E 70 -11.97 28.47 11.61
N PRO E 71 -12.25 27.33 12.24
CA PRO E 71 -11.74 27.08 13.59
C PRO E 71 -10.26 26.75 13.63
N PHE E 72 -9.69 26.26 12.54
CA PHE E 72 -8.33 25.72 12.59
C PHE E 72 -7.44 26.16 11.42
N ALA E 73 -6.15 26.32 11.72
CA ALA E 73 -5.14 26.44 10.68
C ALA E 73 -3.80 25.91 11.22
N THR E 74 -3.02 25.36 10.31
CA THR E 74 -1.68 24.88 10.61
C THR E 74 -0.76 25.46 9.56
N VAL E 75 0.34 26.08 10.00
CA VAL E 75 1.36 26.57 9.05
C VAL E 75 2.57 25.65 8.95
N PHE E 76 3.26 25.75 7.82
CA PHE E 76 4.32 24.85 7.45
C PHE E 76 5.52 25.63 6.88
N SER E 77 6.67 24.95 6.81
CA SER E 77 7.90 25.52 6.26
C SER E 77 7.74 26.01 4.79
N SER E 78 6.82 25.38 4.07
CA SER E 78 6.55 25.80 2.68
C SER E 78 5.18 25.29 2.24
N GLY E 79 4.69 25.85 1.14
CA GLY E 79 3.49 25.34 0.50
C GLY E 79 3.57 23.84 0.17
N GLN E 80 4.73 23.39 -0.32
CA GLN E 80 4.91 21.95 -0.58
C GLN E 80 4.66 21.12 0.68
N ALA E 81 5.20 21.58 1.81
CA ALA E 81 5.05 20.87 3.08
C ALA E 81 3.58 20.76 3.52
N ALA E 82 2.81 21.83 3.29
CA ALA E 82 1.38 21.82 3.58
C ALA E 82 0.73 20.77 2.70
N ALA E 83 1.05 20.81 1.42
CA ALA E 83 0.50 19.84 0.49
C ALA E 83 0.94 18.41 0.84
N ALA E 84 2.21 18.25 1.19
CA ALA E 84 2.71 16.92 1.52
C ALA E 84 1.95 16.35 2.74
N THR E 85 1.64 17.22 3.69
CA THR E 85 0.94 16.81 4.90
C THR E 85 -0.48 16.28 4.58
N LEU E 86 -1.18 16.96 3.66
CA LEU E 86 -2.49 16.51 3.24
C LEU E 86 -2.47 15.15 2.55
N LEU E 87 -1.56 14.98 1.60
CA LEU E 87 -1.42 13.69 0.90
C LEU E 87 -1.13 12.52 1.82
N SER E 88 -0.34 12.76 2.87
CA SER E 88 0.09 11.70 3.79
C SER E 88 -1.10 11.03 4.47
N LEU E 89 -2.23 11.72 4.44
CA LEU E 89 -3.47 11.19 5.00
C LEU E 89 -4.18 10.25 4.03
N VAL E 90 -3.75 10.22 2.78
CA VAL E 90 -4.32 9.26 1.85
C VAL E 90 -3.59 7.94 2.03
N ARG E 91 -4.37 6.90 2.28
CA ARG E 91 -3.81 5.60 2.64
C ARG E 91 -3.54 4.76 1.40
N PRO E 92 -2.56 3.87 1.48
CA PRO E 92 -2.40 2.89 0.40
C PRO E 92 -3.68 2.08 0.29
N GLY E 93 -4.27 2.04 -0.90
CA GLY E 93 -5.54 1.34 -1.10
C GLY E 93 -6.65 2.35 -1.32
N GLN E 94 -6.32 3.63 -1.19
CA GLN E 94 -7.25 4.72 -1.46
C GLN E 94 -6.78 5.58 -2.63
N CYS E 95 -7.60 6.54 -3.05
CA CYS E 95 -7.42 7.22 -4.33
C CYS E 95 -7.60 8.73 -4.27
N VAL E 96 -6.83 9.44 -5.11
CA VAL E 96 -6.85 10.89 -5.17
C VAL E 96 -7.19 11.37 -6.59
N VAL E 97 -8.22 12.20 -6.71
CA VAL E 97 -8.55 12.82 -7.98
C VAL E 97 -8.15 14.29 -8.01
N SER E 98 -7.51 14.68 -9.09
CA SER E 98 -7.07 16.05 -9.23
C SER E 98 -7.13 16.35 -10.69
N THR E 99 -6.78 17.57 -11.05
CA THR E 99 -6.60 17.84 -12.47
C THR E 99 -5.16 17.62 -12.86
N ASP E 100 -4.94 16.69 -13.80
CA ASP E 100 -3.98 16.93 -14.90
C ASP E 100 -2.83 17.77 -14.46
N ASP E 101 -2.94 19.05 -14.87
CA ASP E 101 -1.95 20.08 -14.61
C ASP E 101 -2.12 20.91 -13.34
N VAL E 102 -2.28 20.24 -12.21
CA VAL E 102 -1.90 20.88 -10.97
C VAL E 102 -0.42 21.14 -11.05
N TYR E 103 0.05 21.98 -10.14
CA TYR E 103 1.46 22.32 -10.00
C TYR E 103 2.41 21.11 -10.15
N ALA E 104 3.58 21.35 -10.71
CA ALA E 104 4.62 20.33 -10.80
C ALA E 104 5.01 19.78 -9.42
N GLY E 105 5.08 20.63 -8.41
CA GLY E 105 5.45 20.14 -7.08
C GLY E 105 4.37 19.23 -6.52
N THR E 106 3.13 19.59 -6.78
CA THR E 106 1.99 18.80 -6.35
C THR E 106 2.02 17.43 -7.05
N ASP E 107 2.33 17.42 -8.35
CA ASP E 107 2.40 16.16 -9.06
C ASP E 107 3.56 15.31 -8.53
N GLY E 108 4.66 15.97 -8.18
CA GLY E 108 5.79 15.33 -7.52
C GLY E 108 5.33 14.61 -6.26
N LEU E 109 4.48 15.28 -5.49
CA LEU E 109 3.95 14.71 -4.26
C LEU E 109 2.99 13.56 -4.54
N PHE E 110 2.13 13.73 -5.55
CA PHE E 110 1.25 12.66 -6.01
C PHE E 110 2.13 11.45 -6.37
N ASP E 111 3.24 11.72 -7.06
CA ASP E 111 4.19 10.66 -7.43
C ASP E 111 4.72 9.85 -6.25
N LEU E 112 5.15 10.56 -5.21
CA LEU E 112 5.74 9.89 -4.05
C LEU E 112 4.68 9.06 -3.35
N ALA E 113 3.47 9.59 -3.32
CA ALA E 113 2.32 8.86 -2.78
C ALA E 113 2.04 7.54 -3.53
N ALA E 114 2.05 7.60 -4.86
CA ALA E 114 1.77 6.42 -5.68
C ALA E 114 2.79 5.31 -5.43
N ARG E 115 4.04 5.72 -5.20
CA ARG E 115 5.10 4.77 -4.92
C ARG E 115 4.92 4.19 -3.51
N GLN E 116 4.03 4.81 -2.74
CA GLN E 116 3.70 4.31 -1.41
C GLN E 116 2.45 3.41 -1.39
N GLY E 117 1.54 3.61 -2.34
CA GLY E 117 0.32 2.83 -2.39
C GLY E 117 -0.94 3.65 -2.65
N VAL E 118 -0.79 4.97 -2.70
CA VAL E 118 -1.91 5.85 -3.02
C VAL E 118 -2.16 5.86 -4.52
N ARG E 119 -3.42 5.68 -4.91
CA ARG E 119 -3.77 5.74 -6.33
C ARG E 119 -4.00 7.16 -6.75
N VAL E 120 -3.41 7.57 -7.86
CA VAL E 120 -3.61 8.92 -8.36
C VAL E 120 -4.35 8.90 -9.67
N ARG E 121 -5.51 9.54 -9.72
CA ARG E 121 -6.32 9.55 -10.94
C ARG E 121 -6.42 10.96 -11.50
N TYR E 122 -6.30 11.09 -12.82
CA TYR E 122 -6.47 12.38 -13.48
C TYR E 122 -7.81 12.46 -14.23
N ALA E 123 -8.41 13.65 -14.21
CA ALA E 123 -9.63 13.95 -14.96
C ALA E 123 -9.69 15.42 -15.37
N ASP E 124 -10.79 15.78 -16.03
CA ASP E 124 -11.06 17.16 -16.48
C ASP E 124 -12.23 17.74 -15.69
N LEU E 125 -11.97 18.71 -14.82
CA LEU E 125 -12.97 19.18 -13.86
C LEU E 125 -13.78 20.41 -14.32
N THR E 126 -14.19 20.42 -15.59
CA THR E 126 -15.06 21.49 -16.07
C THR E 126 -16.31 20.94 -16.76
N THR E 127 -16.41 19.62 -16.87
CA THR E 127 -17.52 19.02 -17.58
C THR E 127 -18.36 18.17 -16.64
N PRO E 128 -19.64 17.94 -17.00
CA PRO E 128 -20.43 16.98 -16.25
C PRO E 128 -19.97 15.57 -16.60
N GLU E 129 -19.02 15.51 -17.53
CA GLU E 129 -18.52 14.25 -18.04
C GLU E 129 -17.20 13.94 -17.37
N GLY E 130 -16.30 14.93 -17.34
CA GLY E 130 -15.08 14.82 -16.58
C GLY E 130 -15.41 14.53 -15.13
N ILE E 131 -15.97 15.52 -14.44
CA ILE E 131 -16.28 15.40 -13.01
C ILE E 131 -16.96 14.08 -12.61
N ALA E 132 -18.07 13.74 -13.26
CA ALA E 132 -18.85 12.55 -12.90
C ALA E 132 -18.06 11.26 -13.03
N ALA E 133 -17.27 11.16 -14.09
CA ALA E 133 -16.44 10.00 -14.31
C ALA E 133 -15.44 9.79 -13.17
N ALA E 134 -14.55 10.76 -12.97
CA ALA E 134 -13.50 10.62 -11.98
C ALA E 134 -14.02 10.52 -10.56
N LEU E 135 -15.04 11.30 -10.24
CA LEU E 135 -15.55 11.28 -8.88
C LEU E 135 -16.17 9.93 -8.56
N ALA E 136 -16.26 9.07 -9.57
CA ALA E 136 -16.76 7.71 -9.41
C ALA E 136 -15.61 6.70 -9.32
N GLU E 137 -14.39 7.15 -9.06
CA GLU E 137 -13.30 6.21 -8.84
C GLU E 137 -13.54 5.48 -7.55
N PRO E 138 -13.28 4.16 -7.52
CA PRO E 138 -13.51 3.46 -6.27
C PRO E 138 -12.50 3.95 -5.23
N ASP E 139 -12.84 3.86 -3.95
CA ASP E 139 -11.94 4.27 -2.88
C ASP E 139 -11.58 5.75 -3.00
N LEU E 140 -12.45 6.54 -3.60
CA LEU E 140 -12.20 7.97 -3.75
C LEU E 140 -12.06 8.62 -2.38
N ALA E 141 -10.90 9.17 -2.08
CA ALA E 141 -10.67 9.70 -0.75
C ALA E 141 -10.31 11.18 -0.73
N LEU E 142 -9.85 11.71 -1.85
CA LEU E 142 -9.45 13.11 -1.90
C LEU E 142 -9.61 13.68 -3.30
N VAL E 143 -10.23 14.86 -3.39
CA VAL E 143 -10.36 15.55 -4.66
C VAL E 143 -9.56 16.84 -4.55
N TRP E 144 -8.53 16.96 -5.38
CA TRP E 144 -7.55 18.04 -5.27
C TRP E 144 -7.81 19.07 -6.36
N ILE E 145 -8.38 20.20 -5.97
CA ILE E 145 -8.75 21.26 -6.90
C ILE E 145 -7.76 22.41 -6.80
N GLU E 146 -7.28 22.87 -7.94
CA GLU E 146 -6.46 24.06 -8.00
C GLU E 146 -7.05 24.97 -9.06
N THR E 147 -7.74 26.03 -8.64
CA THR E 147 -8.41 26.95 -9.56
C THR E 147 -8.13 28.42 -9.18
N PRO E 148 -7.66 29.22 -10.14
CA PRO E 148 -7.22 28.88 -11.49
C PRO E 148 -5.94 28.05 -11.44
N THR E 149 -5.61 27.34 -12.52
CA THR E 149 -4.29 26.72 -12.71
C THR E 149 -3.31 27.72 -13.37
N ASN E 150 -2.02 27.63 -13.05
CA ASN E 150 -0.97 28.42 -13.72
C ASN E 150 -0.34 27.47 -14.72
N PRO E 151 -0.30 27.84 -16.01
CA PRO E 151 -0.40 29.24 -16.46
C PRO E 151 -1.61 29.54 -17.34
N LEU E 152 -2.58 28.65 -17.46
CA LEU E 152 -3.70 28.88 -18.40
C LEU E 152 -4.94 29.48 -17.72
N LEU E 153 -4.92 29.51 -16.39
CA LEU E 153 -5.99 30.13 -15.60
C LEU E 153 -7.35 29.50 -15.85
N THR E 154 -7.36 28.19 -16.10
CA THR E 154 -8.60 27.40 -16.19
C THR E 154 -9.31 27.47 -14.85
N VAL E 155 -10.64 27.48 -14.88
CA VAL E 155 -11.40 27.61 -13.64
C VAL E 155 -12.36 26.45 -13.38
N VAL E 156 -12.33 25.94 -12.15
CA VAL E 156 -13.17 24.82 -11.71
C VAL E 156 -14.16 25.30 -10.65
N ASP E 157 -15.41 24.86 -10.77
CA ASP E 157 -16.48 25.27 -9.87
C ASP E 157 -16.38 24.48 -8.57
N VAL E 158 -15.97 25.15 -7.51
CA VAL E 158 -15.70 24.51 -6.23
C VAL E 158 -16.97 23.92 -5.60
N ALA E 159 -18.06 24.67 -5.61
CA ALA E 159 -19.28 24.20 -4.96
C ALA E 159 -19.80 22.94 -5.64
N GLU E 160 -19.79 22.96 -6.97
CA GLU E 160 -20.32 21.86 -7.76
C GLU E 160 -19.49 20.60 -7.56
N VAL E 161 -18.17 20.73 -7.58
CA VAL E 161 -17.32 19.57 -7.37
C VAL E 161 -17.45 19.06 -5.92
N SER E 162 -17.51 19.98 -4.97
CA SER E 162 -17.58 19.62 -3.57
C SER E 162 -18.89 18.93 -3.24
N ARG E 163 -19.98 19.37 -3.86
CA ARG E 163 -21.26 18.72 -3.71
C ARG E 163 -21.25 17.27 -4.21
N ARG E 164 -20.60 17.03 -5.33
CA ARG E 164 -20.47 15.68 -5.89
C ARG E 164 -19.54 14.80 -5.04
N ALA E 165 -18.40 15.36 -4.64
CA ALA E 165 -17.40 14.60 -3.91
C ALA E 165 -17.90 14.13 -2.55
N HIS E 166 -18.71 14.94 -1.88
CA HIS E 166 -19.22 14.58 -0.57
C HIS E 166 -20.23 13.43 -0.59
N GLU E 167 -21.00 13.34 -1.67
CA GLU E 167 -21.85 12.17 -1.92
C GLU E 167 -21.01 10.91 -1.99
N ARG E 168 -19.80 11.05 -2.52
CA ARG E 168 -18.87 9.94 -2.61
C ARG E 168 -18.04 9.78 -1.33
N GLY E 169 -18.28 10.67 -0.37
CA GLY E 169 -17.52 10.69 0.87
C GLY E 169 -16.07 11.13 0.73
N ALA E 170 -15.78 11.98 -0.25
CA ALA E 170 -14.43 12.45 -0.48
C ALA E 170 -14.13 13.79 0.18
N ARG E 171 -12.92 13.94 0.71
CA ARG E 171 -12.44 15.23 1.17
C ARG E 171 -12.10 16.09 -0.05
N VAL E 172 -12.35 17.40 0.05
CA VAL E 172 -12.06 18.32 -1.03
C VAL E 172 -11.13 19.44 -0.57
N VAL E 173 -9.99 19.56 -1.24
CA VAL E 173 -9.05 20.62 -0.97
C VAL E 173 -8.92 21.53 -2.18
N VAL E 174 -8.85 22.83 -1.91
CA VAL E 174 -8.59 23.80 -2.94
C VAL E 174 -7.24 24.46 -2.67
N ASP E 175 -6.31 24.35 -3.61
CA ASP E 175 -5.10 25.17 -3.56
C ASP E 175 -5.55 26.56 -3.99
N ASN E 176 -5.55 27.49 -3.03
CA ASN E 176 -6.10 28.82 -3.18
C ASN E 176 -4.99 29.88 -3.19
N THR E 177 -3.75 29.42 -3.39
CA THR E 177 -2.58 30.31 -3.43
C THR E 177 -2.75 31.52 -4.37
N PHE E 178 -3.23 31.21 -5.58
CA PHE E 178 -3.41 32.16 -6.66
C PHE E 178 -4.37 33.30 -6.30
N ALA E 179 -5.59 32.96 -5.89
CA ALA E 179 -6.58 33.99 -5.66
C ALA E 179 -6.38 34.67 -4.31
N SER E 180 -5.87 33.90 -3.34
CA SER E 180 -5.82 34.31 -1.93
C SER E 180 -7.23 34.39 -1.32
N PRO E 181 -7.31 34.37 0.02
CA PRO E 181 -8.64 34.46 0.67
C PRO E 181 -9.29 35.84 0.50
N VAL E 182 -8.57 36.81 -0.05
CA VAL E 182 -9.15 38.09 -0.45
C VAL E 182 -10.18 37.89 -1.56
N LEU E 183 -9.87 37.00 -2.49
CA LEU E 183 -10.68 36.87 -3.70
C LEU E 183 -11.59 35.66 -3.71
N GLN E 184 -11.28 34.65 -2.91
CA GLN E 184 -12.03 33.41 -2.97
C GLN E 184 -11.97 32.65 -1.68
N GLN E 185 -13.11 32.10 -1.27
CA GLN E 185 -13.27 31.47 0.05
C GLN E 185 -13.67 30.00 -0.10
N PRO E 186 -12.67 29.12 -0.30
CA PRO E 186 -12.96 27.72 -0.61
C PRO E 186 -13.88 27.03 0.40
N LEU E 187 -13.71 27.30 1.69
CA LEU E 187 -14.58 26.68 2.69
C LEU E 187 -16.03 27.15 2.57
N ALA E 188 -16.23 28.43 2.28
CA ALA E 188 -17.59 28.96 2.07
C ALA E 188 -18.22 28.32 0.83
N LEU E 189 -17.36 27.95 -0.11
CA LEU E 189 -17.81 27.33 -1.35
C LEU E 189 -18.08 25.83 -1.17
N GLY E 190 -17.80 25.30 0.01
CA GLY E 190 -18.13 23.90 0.31
C GLY E 190 -16.97 22.92 0.41
N ALA E 191 -15.74 23.39 0.22
CA ALA E 191 -14.57 22.53 0.35
C ALA E 191 -14.26 22.23 1.81
N ASP E 192 -13.40 21.25 2.05
CA ASP E 192 -13.01 20.90 3.43
C ASP E 192 -11.72 21.60 3.84
N VAL E 193 -10.88 21.91 2.86
CA VAL E 193 -9.55 22.42 3.17
C VAL E 193 -9.18 23.47 2.13
N SER E 194 -8.60 24.58 2.58
CA SER E 194 -7.91 25.50 1.69
C SER E 194 -6.41 25.33 1.91
N LEU E 195 -5.68 25.17 0.81
CA LEU E 195 -4.23 25.01 0.85
C LEU E 195 -3.57 26.25 0.27
N TYR E 196 -2.45 26.67 0.86
CA TYR E 196 -1.74 27.87 0.44
C TYR E 196 -0.24 27.69 0.40
N SER E 197 0.38 28.36 -0.56
CA SER E 197 1.75 28.77 -0.41
C SER E 197 1.75 30.21 0.07
N THR E 198 1.92 30.41 1.38
CA THR E 198 2.04 31.76 1.92
C THR E 198 3.27 32.50 1.37
N THR E 199 4.20 31.74 0.79
CA THR E 199 5.37 32.29 0.10
C THR E 199 4.98 33.31 -0.98
N1 LLP E 200 0.91 25.69 -5.13
C2 LLP E 200 0.88 26.84 -5.78
C2' LLP E 200 -0.41 27.26 -6.56
C3 LLP E 200 2.03 27.69 -5.76
O3 LLP E 200 1.99 28.91 -6.45
C4 LLP E 200 3.16 27.31 -5.05
C4' LLP E 200 4.47 28.27 -5.01
C5 LLP E 200 3.17 26.11 -4.40
C6 LLP E 200 2.04 25.29 -4.42
C5' LLP E 200 4.42 25.62 -3.60
OP4 LLP E 200 4.58 26.37 -2.42
P LLP E 200 6.01 26.58 -1.87
OP1 LLP E 200 5.94 27.68 -0.79
OP2 LLP E 200 6.54 25.30 -1.32
OP3 LLP E 200 6.92 27.03 -2.97
N LLP E 200 3.81 33.13 -1.57
CA LLP E 200 3.36 33.96 -2.70
CB LLP E 200 2.48 33.09 -3.58
CG LLP E 200 3.16 31.75 -3.93
CD LLP E 200 4.53 31.91 -4.63
CE LLP E 200 5.19 30.55 -4.98
NZ LLP E 200 4.19 29.59 -5.47
C LLP E 200 2.66 35.20 -2.24
O LLP E 200 3.23 36.12 -1.69
N SER E 201 1.35 35.21 -2.45
CA SER E 201 0.50 36.36 -2.23
C SER E 201 0.35 36.74 -0.73
N ILE E 202 0.20 35.73 0.14
CA ILE E 202 -0.02 35.95 1.57
C ILE E 202 1.09 36.79 2.26
N ALA E 203 2.33 36.31 2.23
CA ALA E 203 3.43 37.09 2.78
C ALA E 203 3.68 38.32 1.91
N GLY E 204 3.93 38.10 0.62
CA GLY E 204 3.75 39.14 -0.36
C GLY E 204 4.96 40.00 -0.68
N HIS E 205 6.09 39.72 -0.04
CA HIS E 205 7.31 40.52 -0.23
C HIS E 205 8.51 39.71 -0.71
N ALA E 206 8.26 38.47 -1.11
CA ALA E 206 9.27 37.59 -1.71
C ALA E 206 10.50 37.41 -0.82
N ASP E 207 10.26 37.38 0.49
CA ASP E 207 11.34 37.24 1.47
C ASP E 207 11.08 36.17 2.54
N VAL E 208 10.27 35.16 2.19
CA VAL E 208 9.99 34.05 3.11
C VAL E 208 9.22 32.91 2.44
N LEU E 209 9.56 31.67 2.79
CA LEU E 209 8.74 30.52 2.38
C LEU E 209 7.82 30.14 3.52
N GLY E 210 6.62 29.67 3.16
CA GLY E 210 5.70 29.11 4.14
C GLY E 210 4.55 28.43 3.44
N GLY E 211 3.86 27.54 4.15
CA GLY E 211 2.64 26.95 3.67
C GLY E 211 1.58 27.02 4.75
N ALA E 212 0.33 26.74 4.38
CA ALA E 212 -0.76 26.74 5.33
C ALA E 212 -1.89 25.83 4.86
N LEU E 213 -2.56 25.21 5.84
CA LEU E 213 -3.82 24.54 5.64
C LEU E 213 -4.83 25.22 6.57
N VAL E 214 -6.00 25.54 6.03
CA VAL E 214 -7.12 26.09 6.80
C VAL E 214 -8.34 25.19 6.57
N TYR E 215 -9.01 24.78 7.65
CA TYR E 215 -10.02 23.72 7.57
C TYR E 215 -10.90 23.77 8.81
N ARG E 216 -11.94 22.95 8.84
CA ARG E 216 -12.88 22.97 9.97
C ARG E 216 -12.95 21.68 10.81
N ASP E 217 -12.46 20.56 10.30
CA ASP E 217 -12.67 19.29 11.00
C ASP E 217 -11.70 19.05 12.16
N ALA E 218 -12.23 18.57 13.28
CA ALA E 218 -11.45 18.33 14.49
C ALA E 218 -10.50 17.16 14.36
N ASP E 219 -10.99 16.07 13.76
CA ASP E 219 -10.17 14.88 13.58
C ASP E 219 -9.04 15.19 12.60
N LEU E 220 -9.37 15.89 11.52
CA LEU E 220 -8.36 16.32 10.56
C LEU E 220 -7.28 17.16 11.23
N HIS E 221 -7.71 18.08 12.10
CA HIS E 221 -6.81 18.96 12.81
C HIS E 221 -5.84 18.11 13.63
N ALA E 222 -6.37 17.07 14.26
CA ALA E 222 -5.51 16.16 15.03
C ALA E 222 -4.47 15.48 14.14
N ALA E 223 -4.86 15.02 12.97
CA ALA E 223 -3.94 14.27 12.13
C ALA E 223 -2.90 15.20 11.49
N VAL E 224 -3.31 16.41 11.16
CA VAL E 224 -2.39 17.37 10.55
C VAL E 224 -1.33 17.77 11.56
N ARG E 225 -1.75 18.08 12.78
CA ARG E 225 -0.81 18.47 13.83
C ARG E 225 0.13 17.32 14.21
N ALA E 226 -0.41 16.10 14.29
CA ALA E 226 0.45 14.96 14.57
C ALA E 226 1.55 14.83 13.53
N TYR E 227 1.17 14.80 12.25
CA TYR E 227 2.13 14.65 11.17
C TYR E 227 3.18 15.77 11.15
N ARG E 228 2.75 17.02 11.29
CA ARG E 228 3.71 18.13 11.25
C ARG E 228 4.75 18.00 12.36
N THR E 229 4.30 17.65 13.55
CA THR E 229 5.22 17.43 14.65
C THR E 229 6.17 16.25 14.37
N THR E 230 5.68 15.21 13.69
CA THR E 230 6.52 14.03 13.41
C THR E 230 7.42 14.20 12.18
N ALA E 231 6.88 14.79 11.11
CA ALA E 231 7.66 15.05 9.91
C ALA E 231 8.55 16.31 10.07
N GLY E 232 8.21 17.12 11.05
CA GLY E 232 9.05 18.25 11.41
C GLY E 232 9.09 19.33 10.34
N ASN E 233 8.06 19.39 9.50
CA ASN E 233 8.04 20.41 8.46
C ASN E 233 7.47 21.73 8.97
N VAL E 234 8.02 22.19 10.11
CA VAL E 234 7.55 23.39 10.79
C VAL E 234 8.33 24.64 10.37
N PRO E 235 7.64 25.80 10.31
CA PRO E 235 8.35 27.04 9.95
C PRO E 235 9.11 27.63 11.15
N GLY E 236 10.04 28.56 10.92
CA GLY E 236 10.70 29.25 12.01
C GLY E 236 9.85 30.38 12.58
N ALA E 237 10.15 30.81 13.80
CA ALA E 237 9.41 31.95 14.38
C ALA E 237 9.66 33.26 13.63
N LEU E 238 10.88 33.45 13.14
CA LEU E 238 11.19 34.66 12.38
C LEU E 238 10.46 34.64 11.02
N ASP E 239 10.40 33.47 10.38
CA ASP E 239 9.64 33.29 9.14
C ASP E 239 8.17 33.66 9.39
N CYS E 240 7.58 33.07 10.43
CA CYS E 240 6.19 33.36 10.79
C CYS E 240 5.94 34.84 11.06
N PHE E 241 6.94 35.51 11.63
CA PHE E 241 6.80 36.93 11.85
C PHE E 241 6.71 37.68 10.52
N LEU E 242 7.60 37.35 9.59
CA LEU E 242 7.59 37.94 8.24
C LEU E 242 6.30 37.65 7.47
N VAL E 243 5.75 36.44 7.59
CA VAL E 243 4.48 36.15 6.92
C VAL E 243 3.37 36.99 7.57
N ARG E 244 3.25 36.93 8.89
CA ARG E 244 2.28 37.74 9.63
C ARG E 244 2.40 39.25 9.30
N ARG E 245 3.61 39.76 9.20
CA ARG E 245 3.79 41.18 8.90
C ARG E 245 3.28 41.50 7.49
N GLY E 246 3.59 40.63 6.54
CA GLY E 246 3.15 40.81 5.17
C GLY E 246 1.63 40.81 5.13
N LEU E 247 1.04 39.93 5.94
CA LEU E 247 -0.40 39.72 5.94
C LEU E 247 -1.23 40.99 6.17
N HIS E 248 -0.74 41.91 7.01
CA HIS E 248 -1.41 43.20 7.24
C HIS E 248 -1.91 43.85 5.95
N THR E 249 -1.09 43.83 4.91
CA THR E 249 -1.39 44.59 3.70
C THR E 249 -1.94 43.69 2.57
N LEU E 250 -2.30 42.47 2.91
CA LEU E 250 -2.74 41.51 1.87
C LEU E 250 -3.87 42.05 0.98
N SER E 251 -4.92 42.59 1.57
CA SER E 251 -6.03 43.04 0.73
C SER E 251 -5.72 44.37 -0.01
N LEU E 252 -4.89 45.23 0.58
CA LEU E 252 -4.48 46.43 -0.13
C LEU E 252 -3.67 46.06 -1.37
N ARG E 253 -2.76 45.10 -1.20
CA ARG E 253 -1.89 44.67 -2.29
C ARG E 253 -2.68 43.97 -3.40
N VAL E 254 -3.54 43.04 -3.03
CA VAL E 254 -4.33 42.31 -4.01
C VAL E 254 -5.23 43.23 -4.83
N HIS E 255 -5.86 44.22 -4.17
CA HIS E 255 -6.73 45.16 -4.90
C HIS E 255 -5.91 45.96 -5.91
N ARG E 256 -4.73 46.43 -5.52
CA ARG E 256 -3.82 47.10 -6.45
C ARG E 256 -3.40 46.17 -7.59
N GLN E 257 -3.03 44.94 -7.26
CA GLN E 257 -2.59 43.98 -8.27
C GLN E 257 -3.68 43.72 -9.30
N VAL E 258 -4.90 43.49 -8.81
CA VAL E 258 -6.04 43.22 -9.69
C VAL E 258 -6.31 44.39 -10.64
N ALA E 259 -6.39 45.60 -10.08
CA ALA E 259 -6.63 46.79 -10.88
C ALA E 259 -5.58 46.92 -11.99
N THR E 260 -4.31 46.73 -11.66
CA THR E 260 -3.25 46.87 -12.66
C THR E 260 -3.29 45.72 -13.67
N ALA E 261 -3.61 44.51 -13.20
CA ALA E 261 -3.75 43.37 -14.10
C ALA E 261 -4.75 43.68 -15.21
N ARG E 262 -5.87 44.29 -14.85
CA ARG E 262 -6.86 44.71 -15.85
C ARG E 262 -6.29 45.74 -16.81
N VAL E 263 -5.43 46.62 -16.31
CA VAL E 263 -4.79 47.63 -17.17
C VAL E 263 -3.94 46.91 -18.21
N LEU E 264 -3.21 45.89 -17.78
CA LEU E 264 -2.29 45.17 -18.65
C LEU E 264 -3.03 44.32 -19.69
N VAL E 265 -4.15 43.73 -19.27
CA VAL E 265 -4.98 42.94 -20.17
C VAL E 265 -5.44 43.79 -21.38
N GLU E 266 -5.82 45.04 -21.13
CA GLU E 266 -6.22 45.91 -22.24
C GLU E 266 -5.08 46.28 -23.20
N ARG E 267 -3.91 46.55 -22.64
CA ARG E 267 -2.71 46.77 -23.43
C ARG E 267 -2.44 45.56 -24.34
N LEU E 268 -2.50 44.37 -23.74
CA LEU E 268 -2.26 43.14 -24.48
C LEU E 268 -3.30 42.94 -25.58
N ARG E 269 -4.56 43.20 -25.27
CA ARG E 269 -5.63 43.04 -26.24
C ARG E 269 -5.42 43.99 -27.41
N ALA E 270 -4.82 45.15 -27.13
CA ALA E 270 -4.58 46.16 -28.15
C ALA E 270 -3.35 45.87 -29.04
N SER E 271 -2.53 44.89 -28.65
CA SER E 271 -1.30 44.63 -29.39
C SER E 271 -1.48 43.67 -30.55
N PRO E 272 -1.03 44.05 -31.76
CA PRO E 272 -1.15 43.15 -32.91
C PRO E 272 -0.19 41.96 -32.85
N VAL E 273 0.76 41.95 -31.92
CA VAL E 273 1.65 40.80 -31.80
C VAL E 273 1.35 39.96 -30.56
N VAL E 274 0.10 40.03 -30.11
CA VAL E 274 -0.37 39.23 -29.00
C VAL E 274 -1.53 38.35 -29.47
N GLY E 275 -1.40 37.04 -29.28
CA GLY E 275 -2.43 36.10 -29.68
C GLY E 275 -3.47 35.91 -28.58
N ALA E 276 -3.66 34.68 -28.16
CA ALA E 276 -4.56 34.38 -27.05
C ALA E 276 -4.20 35.21 -25.81
N VAL E 277 -5.21 35.62 -25.05
CA VAL E 277 -4.98 36.27 -23.76
C VAL E 277 -5.85 35.59 -22.71
N HIS E 278 -5.20 35.06 -21.69
CA HIS E 278 -5.92 34.37 -20.63
C HIS E 278 -6.06 35.25 -19.39
N TYR E 279 -7.30 35.53 -19.01
CA TYR E 279 -7.61 36.26 -17.79
C TYR E 279 -9.05 35.93 -17.38
N PRO E 280 -9.25 35.57 -16.10
CA PRO E 280 -10.58 35.16 -15.63
C PRO E 280 -11.61 36.27 -15.73
N GLY E 281 -11.15 37.52 -15.82
CA GLY E 281 -12.05 38.64 -16.01
C GLY E 281 -12.63 38.79 -17.41
N LEU E 282 -12.11 38.07 -18.39
CA LEU E 282 -12.56 38.25 -19.78
C LEU E 282 -13.83 37.48 -20.14
N PRO E 283 -14.72 38.07 -20.97
CA PRO E 283 -15.92 37.39 -21.47
C PRO E 283 -15.61 36.10 -22.25
N GLU E 284 -14.37 35.95 -22.70
CA GLU E 284 -14.02 34.79 -23.52
C GLU E 284 -13.35 33.64 -22.75
N HIS E 285 -12.86 33.90 -21.53
CA HIS E 285 -12.35 32.84 -20.70
C HIS E 285 -13.46 31.80 -20.54
N PRO E 286 -13.13 30.52 -20.76
CA PRO E 286 -14.14 29.48 -20.89
C PRO E 286 -15.13 29.40 -19.72
N GLN E 287 -14.72 29.80 -18.52
CA GLN E 287 -15.61 29.62 -17.38
C GLN E 287 -16.09 30.92 -16.69
N HIS E 288 -16.40 31.96 -17.48
CA HIS E 288 -16.80 33.27 -16.94
C HIS E 288 -17.86 33.24 -15.85
N ALA E 289 -18.92 32.47 -16.06
CA ALA E 289 -20.00 32.36 -15.08
C ALA E 289 -19.51 31.82 -13.73
N VAL E 290 -18.59 30.86 -13.77
CA VAL E 290 -18.07 30.28 -12.53
C VAL E 290 -17.23 31.30 -11.75
N VAL E 291 -16.28 31.91 -12.44
CA VAL E 291 -15.42 32.94 -11.85
C VAL E 291 -16.24 34.01 -11.14
N LYS E 292 -17.28 34.49 -11.82
CA LYS E 292 -18.08 35.57 -11.27
C LYS E 292 -18.82 35.08 -10.02
N ALA E 293 -19.15 33.80 -9.98
CA ALA E 293 -19.88 33.20 -8.85
C ALA E 293 -19.02 32.90 -7.62
N GLN E 294 -17.75 32.58 -7.83
CA GLN E 294 -16.95 32.09 -6.71
C GLN E 294 -15.76 32.96 -6.35
N MSE E 295 -15.23 33.70 -7.31
CA MSE E 295 -14.04 34.49 -7.02
C MSE E 295 -14.38 35.97 -7.08
O MSE E 295 -15.08 36.43 -8.00
CB MSE E 295 -12.87 34.04 -7.91
CG MSE E 295 -12.82 32.48 -8.02
SE MSE E 295 -11.22 31.37 -7.62
CE MSE E 295 -11.02 30.45 -9.40
N SER E 296 -13.99 36.72 -6.06
CA SER E 296 -14.53 38.06 -5.93
C SER E 296 -13.97 39.09 -6.95
N ALA E 297 -12.69 38.98 -7.27
CA ALA E 297 -12.13 39.76 -8.38
C ALA E 297 -11.30 38.75 -9.17
N PRO E 298 -10.99 39.06 -10.45
CA PRO E 298 -10.45 37.99 -11.30
C PRO E 298 -8.96 37.63 -11.16
N GLY E 299 -8.29 38.09 -10.11
CA GLY E 299 -6.92 37.66 -9.83
C GLY E 299 -5.83 38.56 -10.41
N ALA E 300 -4.59 38.20 -10.11
CA ALA E 300 -3.45 39.05 -10.46
C ALA E 300 -2.47 38.40 -11.44
N ILE E 301 -2.89 37.31 -12.08
CA ILE E 301 -2.02 36.63 -13.05
C ILE E 301 -2.61 36.76 -14.44
N VAL E 302 -1.75 37.00 -15.44
CA VAL E 302 -2.19 37.12 -16.82
C VAL E 302 -1.23 36.28 -17.68
N SER E 303 -1.77 35.54 -18.63
CA SER E 303 -0.91 34.89 -19.61
C SER E 303 -1.40 35.16 -21.05
N PHE E 304 -0.48 35.06 -22.00
CA PHE E 304 -0.77 35.40 -23.38
C PHE E 304 0.27 34.83 -24.33
N ASP E 305 -0.13 34.66 -25.58
CA ASP E 305 0.79 34.22 -26.61
C ASP E 305 1.43 35.40 -27.33
N TYR E 306 2.76 35.38 -27.38
CA TYR E 306 3.53 36.44 -28.02
C TYR E 306 3.91 36.05 -29.45
N LEU E 307 3.37 36.77 -30.42
CA LEU E 307 3.56 36.41 -31.84
C LEU E 307 4.74 37.12 -32.47
N GLY E 308 5.41 37.99 -31.72
CA GLY E 308 6.45 38.84 -32.29
C GLY E 308 7.79 38.17 -32.50
N GLY E 309 7.88 36.88 -32.17
CA GLY E 309 9.14 36.17 -32.29
C GLY E 309 9.37 35.29 -31.08
N PRO E 310 10.59 34.76 -30.95
CA PRO E 310 10.85 33.81 -29.86
C PRO E 310 10.67 34.49 -28.50
N ALA E 311 10.21 33.73 -27.52
CA ALA E 311 10.00 34.25 -26.17
C ALA E 311 11.21 35.06 -25.67
N GLU E 312 12.41 34.58 -26.01
CA GLU E 312 13.67 35.17 -25.57
C GLU E 312 13.75 36.67 -25.84
N ARG E 313 13.31 37.10 -27.01
CA ARG E 313 13.45 38.51 -27.32
C ARG E 313 12.45 39.40 -26.57
N LEU E 314 11.30 38.86 -26.22
CA LEU E 314 10.37 39.60 -25.36
C LEU E 314 10.95 39.72 -23.95
N LEU E 315 11.30 38.60 -23.35
CA LEU E 315 11.81 38.58 -21.98
C LEU E 315 13.01 39.52 -21.80
N ASP E 316 13.89 39.55 -22.80
CA ASP E 316 15.10 40.35 -22.75
C ASP E 316 14.83 41.87 -22.83
N ARG E 317 13.64 42.24 -23.31
CA ARG E 317 13.29 43.67 -23.46
C ARG E 317 12.62 44.32 -22.22
N PHE E 318 12.51 43.61 -21.11
CA PHE E 318 11.90 44.19 -19.91
C PHE E 318 12.91 44.98 -19.04
N THR E 319 12.45 46.07 -18.43
CA THR E 319 13.27 46.83 -17.49
C THR E 319 12.55 47.09 -16.15
N LEU E 320 11.27 46.81 -16.10
CA LEU E 320 10.52 46.99 -14.86
C LEU E 320 10.08 45.61 -14.35
N PHE E 321 9.43 44.84 -15.21
CA PHE E 321 9.13 43.45 -14.89
C PHE E 321 10.45 42.71 -14.67
N THR E 322 10.47 41.84 -13.67
CA THR E 322 11.61 40.96 -13.40
C THR E 322 11.34 39.58 -14.05
N CYS E 323 12.36 38.94 -14.60
CA CYS E 323 12.21 37.56 -15.09
C CYS E 323 12.39 36.63 -13.87
N GLY E 324 11.73 35.47 -13.84
CA GLY E 324 11.82 34.61 -12.67
C GLY E 324 10.47 34.06 -12.21
N VAL E 325 10.50 33.27 -11.14
CA VAL E 325 9.32 32.54 -10.68
C VAL E 325 8.57 33.23 -9.52
N SER E 326 7.89 32.43 -8.71
CA SER E 326 6.77 32.88 -7.88
C SER E 326 5.86 33.92 -8.52
N LEU E 327 5.00 34.47 -7.68
CA LEU E 327 3.99 35.43 -8.07
C LEU E 327 3.52 36.01 -6.75
N GLY E 328 2.59 36.95 -6.80
CA GLY E 328 1.98 37.50 -5.60
C GLY E 328 2.90 38.49 -4.88
N GLY E 329 4.10 38.67 -5.40
CA GLY E 329 5.05 39.56 -4.76
C GLY E 329 4.84 41.00 -5.17
N VAL E 330 5.36 41.94 -4.38
CA VAL E 330 5.27 43.34 -4.70
C VAL E 330 6.00 43.69 -5.99
N HIS E 331 7.03 42.91 -6.32
CA HIS E 331 7.76 43.06 -7.58
C HIS E 331 7.04 42.27 -8.69
N SER E 332 6.61 42.97 -9.74
CA SER E 332 6.03 42.31 -10.91
C SER E 332 7.02 41.36 -11.59
N LEU E 333 6.55 40.15 -11.88
CA LEU E 333 7.41 39.15 -12.48
C LEU E 333 6.83 38.78 -13.84
N VAL E 334 7.72 38.50 -14.79
CA VAL E 334 7.33 37.90 -16.05
C VAL E 334 8.06 36.57 -16.14
N GLU E 335 7.34 35.56 -16.61
CA GLU E 335 7.81 34.19 -16.52
C GLU E 335 7.50 33.45 -17.82
N CYS E 336 8.53 32.85 -18.44
CA CYS E 336 8.26 32.00 -19.59
C CYS E 336 8.19 30.53 -19.19
N PRO E 337 6.97 29.96 -19.15
CA PRO E 337 6.72 28.59 -18.68
C PRO E 337 7.42 27.54 -19.52
N ALA E 338 7.38 27.70 -20.84
CA ALA E 338 8.11 26.80 -21.72
C ALA E 338 9.61 26.82 -21.41
N LEU E 339 10.11 27.96 -20.92
CA LEU E 339 11.54 28.07 -20.58
C LEU E 339 11.79 27.91 -19.08
N MSE E 340 10.78 28.19 -18.27
CA MSE E 340 10.94 28.20 -16.81
C MSE E 340 10.02 27.18 -16.10
O MSE E 340 10.39 26.01 -15.95
CB MSE E 340 10.77 29.62 -16.26
CG MSE E 340 12.07 30.31 -15.72
SE MSE E 340 11.85 32.20 -15.13
CE MSE E 340 10.04 31.97 -14.52
N THR E 341 8.83 27.63 -15.72
CA THR E 341 7.83 26.86 -14.94
C THR E 341 7.40 25.43 -15.43
N HIS E 342 7.32 25.19 -16.74
CA HIS E 342 7.06 23.82 -17.21
C HIS E 342 8.25 23.21 -17.96
N ARG E 343 9.41 23.32 -17.34
CA ARG E 343 10.68 23.01 -18.02
C ARG E 343 11.04 21.53 -18.27
N PRO E 344 10.99 20.65 -17.24
CA PRO E 344 11.27 19.25 -17.60
C PRO E 344 10.20 18.52 -18.44
N LEU E 345 9.10 19.18 -18.77
CA LEU E 345 8.12 18.59 -19.69
C LEU E 345 8.78 18.23 -21.04
N SER E 346 8.06 17.49 -21.88
CA SER E 346 8.62 16.91 -23.09
C SER E 346 8.83 17.91 -24.22
N ALA E 347 8.81 17.38 -25.44
CA ALA E 347 8.73 18.20 -26.65
C ALA E 347 7.34 18.09 -27.27
N GLU E 348 6.51 17.23 -26.70
CA GLU E 348 5.11 17.17 -27.11
C GLU E 348 4.12 17.42 -25.95
N ALA E 349 4.58 17.24 -24.71
CA ALA E 349 3.72 17.48 -23.55
C ALA E 349 3.26 18.93 -23.41
N ARG E 350 4.14 19.89 -23.68
CA ARG E 350 3.74 21.29 -23.65
C ARG E 350 2.65 21.56 -24.72
N ALA E 351 2.76 20.89 -25.85
CA ALA E 351 1.69 20.93 -26.85
C ALA E 351 0.37 20.41 -26.24
N ARG E 352 0.43 19.19 -25.70
CA ARG E 352 -0.72 18.53 -25.06
C ARG E 352 -1.46 19.43 -24.06
N ARG E 353 -0.84 19.71 -22.92
CA ARG E 353 -1.39 20.61 -21.90
C ARG E 353 -2.03 21.88 -22.49
N GLY E 354 -1.30 22.55 -23.38
CA GLY E 354 -1.71 23.83 -23.92
C GLY E 354 -0.58 24.82 -23.71
N ILE E 355 0.64 24.29 -23.66
CA ILE E 355 1.78 25.17 -23.49
C ILE E 355 2.51 25.43 -24.80
N GLY E 356 2.28 26.62 -25.32
CA GLY E 356 3.03 27.12 -26.45
C GLY E 356 4.38 27.60 -25.98
N GLU E 357 5.35 27.51 -26.87
CA GLU E 357 6.71 27.91 -26.57
C GLU E 357 6.80 29.43 -26.51
N SER E 358 5.78 30.13 -26.99
CA SER E 358 5.74 31.58 -26.82
C SER E 358 4.62 32.03 -25.89
N LEU E 359 4.15 31.12 -25.04
CA LEU E 359 3.24 31.49 -23.96
C LEU E 359 4.01 32.24 -22.86
N ILE E 360 3.49 33.41 -22.49
CA ILE E 360 4.11 34.29 -21.50
C ILE E 360 3.17 34.47 -20.31
N ARG E 361 3.71 34.42 -19.10
CA ARG E 361 2.93 34.68 -17.90
C ARG E 361 3.43 35.89 -17.11
N LEU E 362 2.51 36.75 -16.68
CA LEU E 362 2.83 37.90 -15.87
C LEU E 362 2.27 37.74 -14.47
N SER E 363 3.09 38.00 -13.47
CA SER E 363 2.58 38.18 -12.12
C SER E 363 2.69 39.67 -11.79
N VAL E 364 1.54 40.30 -11.59
CA VAL E 364 1.50 41.74 -11.41
C VAL E 364 1.80 42.12 -9.95
N GLY E 365 2.69 43.09 -9.77
CA GLY E 365 3.03 43.62 -8.46
C GLY E 365 2.30 44.92 -8.17
N ILE E 366 2.88 45.75 -7.30
CA ILE E 366 2.17 46.94 -6.85
C ILE E 366 2.78 48.21 -7.39
N GLU E 367 3.63 48.10 -8.41
CA GLU E 367 4.19 49.28 -9.07
C GLU E 367 3.10 50.12 -9.75
N ASP E 368 3.44 51.35 -10.15
CA ASP E 368 2.48 52.18 -10.87
C ASP E 368 2.04 51.49 -12.17
N PRO E 369 0.72 51.43 -12.40
CA PRO E 369 0.17 50.73 -13.56
C PRO E 369 0.67 51.31 -14.88
N GLN E 370 0.76 52.64 -14.98
CA GLN E 370 1.23 53.17 -16.24
C GLN E 370 2.69 52.84 -16.46
N ASP E 371 3.46 52.75 -15.37
CA ASP E 371 4.85 52.28 -15.47
C ASP E 371 4.95 50.83 -15.98
N LEU E 372 4.11 49.94 -15.44
CA LEU E 372 4.15 48.54 -15.87
C LEU E 372 3.65 48.39 -17.30
N ALA E 373 2.58 49.11 -17.62
CA ALA E 373 2.00 49.03 -18.95
C ALA E 373 2.97 49.57 -20.00
N GLU E 374 3.70 50.62 -19.63
CA GLU E 374 4.72 51.17 -20.53
C GLU E 374 5.88 50.19 -20.78
N ASP E 375 6.36 49.51 -19.72
CA ASP E 375 7.42 48.51 -19.85
C ASP E 375 6.96 47.36 -20.77
N LEU E 376 5.72 46.92 -20.55
CA LEU E 376 5.12 45.87 -21.35
C LEU E 376 4.95 46.31 -22.81
N SER E 377 4.44 47.51 -23.03
CA SER E 377 4.30 48.03 -24.39
C SER E 377 5.61 48.09 -25.16
N ARG E 378 6.68 48.57 -24.52
CA ARG E 378 8.00 48.60 -25.15
C ARG E 378 8.41 47.20 -25.59
N ALA E 379 8.28 46.23 -24.69
CA ALA E 379 8.75 44.87 -24.94
C ALA E 379 8.07 44.26 -26.18
N LEU E 380 6.80 44.57 -26.34
CA LEU E 380 5.98 44.05 -27.43
C LEU E 380 6.27 44.71 -28.77
N ALA E 381 6.78 45.94 -28.73
CA ALA E 381 7.16 46.70 -29.94
C ALA E 381 8.17 45.96 -30.81
N GLY F 6 44.64 28.03 7.86
CA GLY F 6 43.47 27.32 8.31
C GLY F 6 43.62 25.82 8.28
N MSE F 7 42.65 25.11 8.89
CA MSE F 7 42.06 23.85 8.37
C MSE F 7 41.80 22.66 9.37
O MSE F 7 41.17 21.66 9.03
CB MSE F 7 42.57 23.47 6.97
CG MSE F 7 42.00 24.40 5.86
SE MSE F 7 43.16 25.31 4.60
CE MSE F 7 42.08 26.88 4.19
N ARG F 8 42.24 22.84 10.62
CA ARG F 8 41.78 22.09 11.80
C ARG F 8 40.37 22.51 12.29
N PHE F 9 39.89 21.93 13.41
CA PHE F 9 38.46 22.04 13.86
C PHE F 9 37.86 23.43 14.12
N GLY F 10 38.33 24.13 15.16
CA GLY F 10 37.80 25.44 15.50
C GLY F 10 37.88 26.49 14.40
N THR F 11 38.81 26.28 13.48
CA THR F 11 38.93 27.11 12.27
C THR F 11 37.74 26.92 11.31
N ARG F 12 37.36 25.67 11.06
CA ARG F 12 36.22 25.39 10.19
C ARG F 12 34.93 26.02 10.70
N LEU F 13 34.78 26.06 12.02
CA LEU F 13 33.57 26.62 12.64
C LEU F 13 33.40 28.10 12.29
N VAL F 14 34.51 28.81 12.12
CA VAL F 14 34.47 30.25 11.87
C VAL F 14 34.53 30.57 10.38
N HIS F 15 35.15 29.70 9.60
CA HIS F 15 35.40 30.00 8.19
C HIS F 15 34.74 29.04 7.19
N GLY F 16 34.21 27.93 7.69
CA GLY F 16 33.48 27.01 6.84
C GLY F 16 32.33 27.73 6.15
N GLY F 17 32.32 27.68 4.82
CA GLY F 17 31.34 28.41 4.04
C GLY F 17 31.53 29.92 4.14
N ARG F 18 32.69 30.37 4.62
CA ARG F 18 32.94 31.81 4.66
C ARG F 18 33.85 32.24 3.52
N ARG F 19 33.33 33.20 2.78
CA ARG F 19 33.67 33.47 1.39
C ARG F 19 33.28 34.92 1.13
N PRO F 20 33.97 35.87 1.79
CA PRO F 20 33.78 37.33 1.87
C PRO F 20 32.85 37.87 0.78
N SER F 21 31.59 38.15 1.14
CA SER F 21 30.54 38.39 0.11
C SER F 21 30.80 39.42 -1.00
N ALA F 22 31.23 38.89 -2.14
CA ALA F 22 31.55 39.66 -3.36
C ALA F 22 32.11 41.05 -3.11
N GLY F 23 31.62 42.04 -3.88
CA GLY F 23 32.23 43.35 -4.00
C GLY F 23 32.21 44.34 -2.84
N THR F 24 31.61 43.96 -1.72
CA THR F 24 31.70 44.82 -0.55
C THR F 24 32.59 44.17 0.49
N GLY F 25 32.98 42.93 0.21
CA GLY F 25 33.96 42.23 1.04
C GLY F 25 33.48 41.95 2.45
N ASP F 26 32.16 41.87 2.63
CA ASP F 26 31.56 41.54 3.93
C ASP F 26 32.25 40.33 4.55
N VAL F 27 32.72 40.48 5.78
CA VAL F 27 33.36 39.35 6.46
C VAL F 27 32.31 38.32 6.84
N VAL F 28 31.24 38.77 7.47
CA VAL F 28 30.09 37.90 7.70
C VAL F 28 29.23 37.98 6.45
N PRO F 29 28.97 36.84 5.79
CA PRO F 29 28.13 36.87 4.58
C PRO F 29 26.74 37.43 4.91
N PRO F 30 26.14 38.16 3.98
CA PRO F 30 24.85 38.79 4.23
C PRO F 30 23.73 37.75 4.11
N ILE F 31 22.60 38.04 4.75
CA ILE F 31 21.52 37.06 4.85
C ILE F 31 20.60 37.12 3.63
N HIS F 32 20.61 36.06 2.83
CA HIS F 32 19.82 35.99 1.61
C HIS F 32 18.39 35.60 1.91
N VAL F 33 17.53 36.60 2.06
CA VAL F 33 16.14 36.35 2.36
C VAL F 33 15.29 36.17 1.09
N SER F 34 15.85 36.53 -0.07
CA SER F 34 15.04 36.53 -1.29
C SER F 34 14.56 35.12 -1.67
N THR F 35 13.29 35.00 -2.03
CA THR F 35 12.75 33.73 -2.49
C THR F 35 12.92 33.58 -4.00
N THR F 36 13.10 34.70 -4.69
CA THR F 36 13.22 34.67 -6.16
C THR F 36 14.42 35.41 -6.74
N TYR F 37 14.69 35.12 -8.00
CA TYR F 37 15.89 35.60 -8.67
C TYR F 37 15.67 36.16 -10.07
N GLU F 38 16.62 36.97 -10.53
CA GLU F 38 16.65 37.42 -11.89
C GLU F 38 17.41 36.38 -12.70
N ARG F 39 17.02 36.19 -13.96
CA ARG F 39 17.78 35.32 -14.85
C ARG F 39 19.01 36.09 -15.37
N ARG F 40 18.77 37.32 -15.83
CA ARG F 40 19.81 38.17 -16.44
C ARG F 40 20.97 38.58 -15.54
N ALA F 41 20.82 38.41 -14.24
CA ALA F 41 21.78 38.96 -13.28
C ALA F 41 22.88 37.97 -12.86
N GLN F 42 22.85 36.76 -13.40
CA GLN F 42 23.72 35.67 -12.93
C GLN F 42 24.30 34.87 -14.10
N ASP F 43 25.61 35.02 -14.30
CA ASP F 43 26.29 34.53 -15.50
C ASP F 43 25.97 33.09 -15.91
N GLU F 44 25.87 32.21 -14.93
CA GLU F 44 25.61 30.78 -15.17
C GLU F 44 24.38 30.26 -14.42
N PRO F 45 23.25 30.99 -14.50
CA PRO F 45 22.11 30.88 -13.59
C PRO F 45 22.42 30.25 -12.22
N ARG F 46 21.72 29.16 -11.86
CA ARG F 46 21.87 28.43 -10.58
C ARG F 46 20.85 28.78 -9.49
N TYR F 47 20.47 30.04 -9.37
CA TYR F 47 19.47 30.41 -8.36
C TYR F 47 18.16 30.71 -9.05
N PHE F 48 17.22 29.77 -8.90
CA PHE F 48 15.96 29.83 -9.61
C PHE F 48 14.84 30.18 -8.63
N TYR F 49 14.80 29.48 -7.49
CA TYR F 49 13.72 29.63 -6.51
C TYR F 49 14.17 29.17 -5.13
N GLY F 50 13.68 29.85 -4.10
CA GLY F 50 14.17 29.72 -2.73
C GLY F 50 14.02 28.38 -2.03
N ARG F 51 13.04 27.58 -2.45
CA ARG F 51 12.87 26.27 -1.86
C ARG F 51 13.99 25.33 -2.33
N GLY F 52 14.41 25.50 -3.58
CA GLY F 52 15.55 24.74 -4.05
C GLY F 52 16.90 25.35 -3.72
N GLU F 53 17.08 26.65 -3.94
CA GLU F 53 18.41 27.26 -3.81
C GLU F 53 18.40 28.52 -2.93
N ASN F 54 19.42 28.63 -2.08
CA ASN F 54 19.60 29.80 -1.24
C ASN F 54 21.05 29.81 -0.81
N PRO F 55 21.77 30.90 -1.11
CA PRO F 55 23.18 30.96 -0.72
C PRO F 55 23.44 30.83 0.79
N THR F 56 22.53 31.33 1.62
CA THR F 56 22.80 31.31 3.07
C THR F 56 22.69 29.89 3.65
N ARG F 57 21.66 29.16 3.26
CA ARG F 57 21.59 27.75 3.65
C ARG F 57 22.74 26.99 3.00
N GLU F 58 23.09 27.37 1.77
CA GLU F 58 24.19 26.72 1.08
C GLU F 58 25.49 26.88 1.88
N GLU F 59 25.78 28.10 2.31
CA GLU F 59 26.96 28.36 3.15
C GLU F 59 27.00 27.56 4.45
N LEU F 60 25.87 27.46 5.14
CA LEU F 60 25.78 26.64 6.36
C LEU F 60 26.04 25.14 6.05
N GLU F 61 25.47 24.67 4.94
CA GLU F 61 25.66 23.27 4.55
C GLU F 61 27.12 23.00 4.25
N GLU F 62 27.82 23.99 3.69
CA GLU F 62 29.25 23.85 3.42
C GLU F 62 30.05 23.77 4.72
N CYS F 63 29.67 24.60 5.69
CA CYS F 63 30.29 24.57 7.02
C CYS F 63 30.17 23.18 7.66
N LEU F 64 28.94 22.66 7.69
CA LEU F 64 28.67 21.34 8.28
C LEU F 64 29.44 20.21 7.59
N ALA F 65 29.40 20.18 6.26
CA ALA F 65 30.16 19.18 5.51
C ALA F 65 31.66 19.25 5.87
N GLY F 66 32.19 20.48 5.92
CA GLY F 66 33.58 20.72 6.28
C GLY F 66 33.96 20.11 7.63
N LEU F 67 33.07 20.24 8.60
CA LEU F 67 33.29 19.67 9.94
C LEU F 67 33.54 18.17 9.86
N GLU F 68 32.94 17.51 8.87
CA GLU F 68 33.08 16.06 8.75
C GLU F 68 34.02 15.67 7.61
N ARG F 69 34.72 16.67 7.08
CA ARG F 69 35.59 16.50 5.93
C ARG F 69 34.92 15.66 4.84
N ALA F 70 33.65 15.99 4.58
CA ALA F 70 32.79 15.23 3.70
C ALA F 70 32.35 16.10 2.52
N PRO F 71 31.94 15.48 1.41
CA PRO F 71 31.57 16.26 0.21
C PRO F 71 30.15 16.84 0.20
N PHE F 72 29.32 16.54 1.19
CA PHE F 72 27.93 16.99 1.14
C PHE F 72 27.28 17.18 2.50
N ALA F 73 26.42 18.20 2.56
CA ALA F 73 25.46 18.33 3.64
C ALA F 73 24.19 18.98 3.14
N THR F 74 23.10 18.65 3.79
CA THR F 74 21.82 19.23 3.50
C THR F 74 21.20 19.60 4.86
N VAL F 75 20.60 20.78 4.95
CA VAL F 75 19.88 21.12 6.17
C VAL F 75 18.38 21.15 5.96
N PHE F 76 17.67 21.12 7.07
CA PHE F 76 16.24 20.94 7.09
C PHE F 76 15.60 21.82 8.15
N SER F 77 14.27 21.91 8.07
CA SER F 77 13.47 22.67 9.01
C SER F 77 13.58 22.15 10.46
N SER F 78 14.06 20.92 10.63
CA SER F 78 14.25 20.31 11.96
C SER F 78 15.01 18.99 11.85
N GLY F 79 15.47 18.47 12.98
CA GLY F 79 16.09 17.16 13.02
C GLY F 79 15.14 16.08 12.52
N GLN F 80 13.90 16.12 13.00
CA GLN F 80 12.85 15.19 12.56
C GLN F 80 12.73 15.18 11.04
N ALA F 81 12.79 16.35 10.43
CA ALA F 81 12.66 16.45 8.98
C ALA F 81 13.86 15.77 8.29
N ALA F 82 15.05 15.98 8.86
CA ALA F 82 16.26 15.31 8.36
C ALA F 82 16.10 13.78 8.43
N ALA F 83 15.61 13.29 9.56
CA ALA F 83 15.37 11.86 9.72
C ALA F 83 14.30 11.37 8.75
N ALA F 84 13.23 12.16 8.60
CA ALA F 84 12.13 11.80 7.71
C ALA F 84 12.65 11.62 6.29
N THR F 85 13.61 12.46 5.90
CA THR F 85 14.18 12.40 4.56
C THR F 85 14.93 11.07 4.34
N LEU F 86 15.63 10.60 5.37
CA LEU F 86 16.32 9.30 5.29
C LEU F 86 15.38 8.15 5.07
N LEU F 87 14.44 8.02 5.99
CA LEU F 87 13.50 6.92 6.00
C LEU F 87 12.66 6.87 4.74
N SER F 88 12.47 8.02 4.11
CA SER F 88 11.64 8.07 2.91
C SER F 88 12.29 7.25 1.79
N LEU F 89 13.61 7.10 1.88
CA LEU F 89 14.39 6.37 0.87
C LEU F 89 14.29 4.85 1.00
N VAL F 90 13.83 4.36 2.15
CA VAL F 90 13.62 2.93 2.34
C VAL F 90 12.31 2.52 1.69
N ARG F 91 12.35 1.48 0.86
CA ARG F 91 11.19 1.09 0.04
C ARG F 91 10.37 0.01 0.70
N PRO F 92 9.09 -0.15 0.30
CA PRO F 92 8.29 -1.21 0.91
C PRO F 92 8.91 -2.59 0.76
N GLY F 93 8.86 -3.39 1.81
CA GLY F 93 9.46 -4.71 1.78
C GLY F 93 10.90 -4.73 2.29
N GLN F 94 11.54 -3.57 2.38
CA GLN F 94 12.89 -3.47 2.95
C GLN F 94 12.81 -3.26 4.46
N CYS F 95 13.90 -3.62 5.16
CA CYS F 95 13.91 -3.57 6.63
C CYS F 95 14.90 -2.55 7.18
N VAL F 96 14.54 -1.96 8.31
CA VAL F 96 15.43 -1.04 9.00
C VAL F 96 15.68 -1.54 10.42
N VAL F 97 16.94 -1.63 10.80
CA VAL F 97 17.31 -2.02 12.15
C VAL F 97 17.79 -0.86 13.02
N SER F 98 17.11 -0.65 14.13
CA SER F 98 17.44 0.41 15.07
C SER F 98 17.60 -0.16 16.46
N THR F 99 17.73 0.69 17.46
CA THR F 99 17.58 0.25 18.84
C THR F 99 16.29 0.83 19.40
N ASP F 100 15.67 0.13 20.35
CA ASP F 100 14.35 0.52 20.87
C ASP F 100 14.32 1.90 21.59
N ASP F 101 15.40 2.23 22.28
CA ASP F 101 15.47 3.41 23.14
C ASP F 101 15.77 4.71 22.40
N VAL F 102 15.75 4.66 21.07
CA VAL F 102 16.05 5.86 20.27
C VAL F 102 15.14 7.00 20.63
N TYR F 103 15.53 8.19 20.17
CA TYR F 103 14.68 9.37 20.24
C TYR F 103 13.27 8.98 19.81
N ALA F 104 12.30 9.35 20.63
CA ALA F 104 10.91 8.97 20.37
C ALA F 104 10.48 9.56 19.03
N GLY F 105 11.12 10.66 18.64
CA GLY F 105 10.85 11.26 17.35
C GLY F 105 11.07 10.26 16.22
N THR F 106 12.16 9.51 16.31
CA THR F 106 12.47 8.49 15.31
C THR F 106 11.45 7.35 15.24
N ASP F 107 11.14 6.70 16.36
CA ASP F 107 10.19 5.60 16.27
C ASP F 107 8.74 6.05 16.01
N GLY F 108 8.51 7.36 16.12
CA GLY F 108 7.30 7.95 15.57
C GLY F 108 7.36 7.85 14.06
N LEU F 109 8.47 8.33 13.49
CA LEU F 109 8.75 8.16 12.08
C LEU F 109 8.77 6.67 11.67
N PHE F 110 9.40 5.82 12.49
CA PHE F 110 9.41 4.37 12.24
C PHE F 110 8.00 3.80 12.10
N ASP F 111 7.07 4.27 12.93
CA ASP F 111 5.70 3.76 12.87
C ASP F 111 4.92 4.35 11.71
N LEU F 112 5.38 5.50 11.21
CA LEU F 112 4.84 6.04 9.97
C LEU F 112 5.25 5.10 8.85
N ALA F 113 6.54 4.76 8.81
CA ALA F 113 7.10 3.89 7.79
C ALA F 113 6.44 2.51 7.74
N ALA F 114 6.30 1.87 8.90
CA ALA F 114 5.74 0.51 8.98
C ALA F 114 4.34 0.43 8.36
N ARG F 115 3.59 1.53 8.51
CA ARG F 115 2.24 1.64 7.96
C ARG F 115 2.24 1.52 6.45
N GLN F 116 3.38 1.85 5.85
CA GLN F 116 3.45 2.02 4.41
C GLN F 116 3.89 0.76 3.69
N GLY F 117 5.07 0.25 4.04
CA GLY F 117 5.54 -1.03 3.50
C GLY F 117 6.90 -1.46 4.03
N VAL F 118 7.48 -0.65 4.91
CA VAL F 118 8.83 -0.89 5.42
C VAL F 118 8.83 -1.76 6.67
N ARG F 119 9.80 -2.66 6.75
CA ARG F 119 9.92 -3.53 7.92
C ARG F 119 10.84 -2.91 8.98
N VAL F 120 10.37 -2.88 10.22
CA VAL F 120 11.12 -2.23 11.28
C VAL F 120 11.60 -3.26 12.29
N ARG F 121 12.91 -3.24 12.59
CA ARG F 121 13.49 -4.17 13.54
C ARG F 121 14.36 -3.44 14.57
N TYR F 122 14.06 -3.63 15.83
CA TYR F 122 14.92 -3.05 16.86
C TYR F 122 15.81 -4.16 17.36
N ALA F 123 16.86 -3.79 18.09
CA ALA F 123 17.75 -4.75 18.74
C ALA F 123 18.77 -3.99 19.56
N ASP F 124 19.49 -4.71 20.41
CA ASP F 124 20.73 -4.19 20.98
C ASP F 124 21.66 -3.86 19.81
N LEU F 125 22.85 -3.39 20.10
CA LEU F 125 23.92 -3.33 19.09
C LEU F 125 25.22 -3.22 19.86
N THR F 126 25.13 -3.50 21.16
CA THR F 126 26.28 -3.61 22.03
C THR F 126 26.43 -5.04 22.54
N THR F 127 26.19 -6.01 21.64
CA THR F 127 26.60 -7.41 21.80
C THR F 127 26.83 -8.02 20.42
N PRO F 128 27.86 -8.88 20.28
CA PRO F 128 28.14 -9.57 19.01
C PRO F 128 26.92 -10.29 18.44
N GLU F 129 25.99 -10.65 19.31
CA GLU F 129 24.70 -11.19 18.89
C GLU F 129 23.81 -10.00 18.65
N GLY F 130 23.71 -9.14 19.66
CA GLY F 130 22.95 -7.90 19.56
C GLY F 130 23.27 -7.16 18.27
N ILE F 131 24.42 -7.47 17.69
CA ILE F 131 24.71 -7.13 16.31
C ILE F 131 24.08 -8.16 15.36
N ALA F 132 24.77 -9.28 15.16
CA ALA F 132 24.37 -10.29 14.17
C ALA F 132 22.92 -10.75 14.25
N ALA F 133 22.32 -10.65 15.44
CA ALA F 133 20.93 -11.08 15.60
C ALA F 133 19.96 -10.24 14.74
N ALA F 134 20.42 -9.10 14.23
CA ALA F 134 19.57 -8.31 13.35
C ALA F 134 20.20 -8.04 11.99
N LEU F 135 21.53 -7.88 11.98
CA LEU F 135 22.24 -7.43 10.77
C LEU F 135 22.12 -8.36 9.58
N ALA F 136 21.50 -9.52 9.79
CA ALA F 136 21.29 -10.45 8.69
C ALA F 136 19.88 -10.33 8.13
N GLU F 137 19.24 -9.18 8.34
CA GLU F 137 17.86 -9.01 7.90
C GLU F 137 17.72 -9.15 6.38
N PRO F 138 16.66 -9.86 5.95
CA PRO F 138 16.32 -9.83 4.53
C PRO F 138 16.06 -8.40 4.10
N ASP F 139 16.61 -8.01 2.96
CA ASP F 139 16.41 -6.68 2.41
C ASP F 139 16.72 -5.57 3.41
N LEU F 140 17.78 -5.76 4.18
CA LEU F 140 18.21 -4.75 5.15
C LEU F 140 18.73 -3.52 4.40
N ALA F 141 18.01 -2.40 4.50
CA ALA F 141 18.37 -1.21 3.74
C ALA F 141 19.13 -0.18 4.59
N LEU F 142 18.82 -0.13 5.88
CA LEU F 142 19.34 0.92 6.73
C LEU F 142 19.57 0.42 8.15
N VAL F 143 20.69 0.82 8.72
CA VAL F 143 20.96 0.57 10.13
C VAL F 143 21.09 1.90 10.84
N TRP F 144 20.27 2.09 11.87
CA TRP F 144 20.09 3.38 12.52
C TRP F 144 20.69 3.31 13.92
N ILE F 145 21.70 4.14 14.17
CA ILE F 145 22.42 4.13 15.43
C ILE F 145 22.36 5.46 16.15
N GLU F 146 21.89 5.47 17.39
CA GLU F 146 22.01 6.66 18.20
C GLU F 146 23.03 6.34 19.30
N THR F 147 24.12 7.11 19.36
CA THR F 147 25.16 6.84 20.33
C THR F 147 25.95 8.10 20.68
N PRO F 148 26.11 8.40 21.98
CA PRO F 148 25.52 7.67 23.12
C PRO F 148 24.01 7.84 23.20
N THR F 149 23.29 6.83 23.67
CA THR F 149 21.85 6.90 23.76
C THR F 149 21.38 7.83 24.88
N ASN F 150 20.09 8.19 24.82
CA ASN F 150 19.47 9.05 25.82
C ASN F 150 18.11 8.50 26.25
N PRO F 151 17.90 8.31 27.58
CA PRO F 151 18.73 8.85 28.66
C PRO F 151 19.64 7.89 29.44
N LEU F 152 19.89 6.67 28.99
CA LEU F 152 20.76 5.81 29.81
C LEU F 152 22.24 5.89 29.41
N LEU F 153 22.50 6.52 28.27
CA LEU F 153 23.86 6.80 27.80
C LEU F 153 24.71 5.54 27.55
N THR F 154 24.13 4.57 26.86
CA THR F 154 24.90 3.38 26.46
C THR F 154 25.46 3.60 25.06
N VAL F 155 26.56 2.91 24.75
CA VAL F 155 27.33 3.27 23.57
C VAL F 155 27.57 2.12 22.61
N VAL F 156 27.15 2.31 21.36
CA VAL F 156 27.25 1.28 20.32
C VAL F 156 28.45 1.54 19.40
N ASP F 157 29.19 0.47 19.10
CA ASP F 157 30.41 0.56 18.31
C ASP F 157 30.10 0.77 16.84
N VAL F 158 30.23 2.01 16.39
CA VAL F 158 29.93 2.42 15.02
C VAL F 158 30.81 1.72 13.99
N ALA F 159 32.11 1.61 14.28
CA ALA F 159 33.03 0.97 13.33
C ALA F 159 32.66 -0.49 13.11
N GLU F 160 32.43 -1.22 14.21
CA GLU F 160 32.11 -2.64 14.13
C GLU F 160 30.77 -2.87 13.43
N VAL F 161 29.74 -2.19 13.93
CA VAL F 161 28.40 -2.32 13.35
C VAL F 161 28.41 -2.02 11.86
N SER F 162 29.00 -0.89 11.47
CA SER F 162 29.01 -0.46 10.07
C SER F 162 29.71 -1.49 9.18
N ARG F 163 30.84 -2.00 9.68
CA ARG F 163 31.60 -3.03 8.99
C ARG F 163 30.70 -4.22 8.64
N ARG F 164 30.10 -4.82 9.66
CA ARG F 164 29.21 -5.96 9.48
C ARG F 164 27.92 -5.56 8.76
N ALA F 165 27.50 -4.32 8.92
CA ALA F 165 26.35 -3.82 8.17
C ALA F 165 26.70 -3.74 6.69
N HIS F 166 27.90 -3.23 6.39
CA HIS F 166 28.35 -3.09 5.00
C HIS F 166 28.56 -4.42 4.29
N GLU F 167 28.68 -5.49 5.05
CA GLU F 167 28.82 -6.83 4.48
C GLU F 167 27.49 -7.37 3.96
N ARG F 168 26.40 -6.68 4.28
CA ARG F 168 25.06 -7.12 3.90
C ARG F 168 24.28 -6.05 3.13
N GLY F 169 25.01 -5.08 2.56
CA GLY F 169 24.43 -4.10 1.65
C GLY F 169 23.82 -2.84 2.25
N ALA F 170 23.88 -2.71 3.57
CA ALA F 170 23.09 -1.70 4.24
C ALA F 170 23.76 -0.33 4.35
N ARG F 171 22.94 0.70 4.25
CA ARG F 171 23.35 2.05 4.57
C ARG F 171 23.38 2.15 6.09
N VAL F 172 24.34 2.90 6.62
CA VAL F 172 24.46 3.12 8.07
C VAL F 172 24.33 4.60 8.41
N VAL F 173 23.35 4.93 9.25
CA VAL F 173 23.24 6.28 9.76
C VAL F 173 23.51 6.33 11.24
N VAL F 174 24.24 7.35 11.68
CA VAL F 174 24.39 7.66 13.07
C VAL F 174 23.69 8.97 13.43
N ASP F 175 22.75 8.90 14.39
CA ASP F 175 22.18 10.12 14.93
C ASP F 175 23.19 10.64 15.95
N ASN F 176 23.98 11.64 15.55
CA ASN F 176 25.08 12.14 16.36
C ASN F 176 24.69 13.44 17.09
N THR F 177 23.41 13.56 17.41
CA THR F 177 22.90 14.77 18.07
C THR F 177 23.44 14.94 19.49
N PHE F 178 23.46 13.85 20.26
CA PHE F 178 24.00 13.85 21.62
C PHE F 178 25.44 14.39 21.64
N ALA F 179 26.35 13.71 20.96
CA ALA F 179 27.79 14.03 21.04
C ALA F 179 28.24 15.31 20.30
N SER F 180 27.60 15.60 19.16
CA SER F 180 28.03 16.65 18.20
C SER F 180 29.31 16.26 17.43
N PRO F 181 29.55 16.89 16.26
CA PRO F 181 30.79 16.62 15.52
C PRO F 181 32.06 17.09 16.23
N VAL F 182 31.93 17.93 17.26
CA VAL F 182 33.08 18.22 18.14
C VAL F 182 33.71 16.94 18.64
N LEU F 183 32.86 16.01 19.07
CA LEU F 183 33.28 14.87 19.89
C LEU F 183 33.27 13.49 19.20
N GLN F 184 32.46 13.32 18.16
CA GLN F 184 32.35 12.03 17.48
C GLN F 184 32.25 12.28 15.99
N GLN F 185 32.88 11.42 15.18
CA GLN F 185 32.92 11.57 13.73
C GLN F 185 32.45 10.28 13.05
N PRO F 186 31.13 10.12 12.90
CA PRO F 186 30.53 8.88 12.37
C PRO F 186 31.07 8.48 10.99
N LEU F 187 31.27 9.44 10.10
CA LEU F 187 31.77 9.12 8.76
C LEU F 187 33.18 8.53 8.85
N ALA F 188 34.02 9.12 9.70
CA ALA F 188 35.37 8.59 9.90
C ALA F 188 35.33 7.21 10.57
N LEU F 189 34.31 6.97 11.38
CA LEU F 189 34.12 5.68 12.04
C LEU F 189 33.58 4.57 11.12
N GLY F 190 33.20 4.93 9.90
CA GLY F 190 32.70 3.93 8.95
C GLY F 190 31.25 4.11 8.51
N ALA F 191 30.52 5.02 9.14
CA ALA F 191 29.14 5.31 8.76
C ALA F 191 29.05 5.98 7.39
N ASP F 192 27.83 5.95 6.82
CA ASP F 192 27.56 6.58 5.54
C ASP F 192 26.89 7.95 5.69
N VAL F 193 26.17 8.15 6.80
CA VAL F 193 25.43 9.38 7.04
C VAL F 193 25.51 9.77 8.51
N SER F 194 25.76 11.05 8.78
CA SER F 194 25.60 11.62 10.12
C SER F 194 24.33 12.47 10.16
N LEU F 195 23.49 12.24 11.15
CA LEU F 195 22.23 12.97 11.30
C LEU F 195 22.30 13.89 12.52
N TYR F 196 21.75 15.10 12.41
CA TYR F 196 21.75 16.05 13.53
C TYR F 196 20.41 16.76 13.70
N SER F 197 20.06 17.03 14.94
CA SER F 197 19.11 18.09 15.27
C SER F 197 19.88 19.35 15.62
N THR F 198 20.20 20.16 14.60
CA THR F 198 20.99 21.38 14.81
C THR F 198 20.34 22.29 15.88
N THR F 199 19.06 22.05 16.16
CA THR F 199 18.37 22.66 17.30
C THR F 199 19.17 22.53 18.59
N1 LLP F 200 17.41 13.08 17.55
C2 LLP F 200 17.95 13.52 18.68
C2' LLP F 200 19.02 12.66 19.40
C3 LLP F 200 17.54 14.77 19.22
O3 LLP F 200 18.14 15.21 20.40
C4 LLP F 200 16.57 15.54 18.57
C4' LLP F 200 16.10 16.97 19.18
C5 LLP F 200 16.01 15.07 17.40
C6 LLP F 200 16.43 13.85 16.88
C5' LLP F 200 14.90 15.84 16.62
OP4 LLP F 200 15.31 17.10 16.14
P LLP F 200 14.29 18.27 16.12
OP1 LLP F 200 15.10 19.53 15.76
OP2 LLP F 200 13.26 17.99 15.10
OP3 LLP F 200 13.62 18.38 17.44
N LLP F 200 19.93 21.45 18.74
CA LLP F 200 20.55 21.13 20.03
CB LLP F 200 20.66 19.63 20.20
CG LLP F 200 19.29 18.96 19.95
CD LLP F 200 18.24 19.28 21.03
CE LLP F 200 16.84 18.80 20.59
NZ LLP F 200 16.84 17.33 20.35
C LLP F 200 21.84 21.88 20.24
O LLP F 200 21.79 23.10 20.41
N SER F 201 22.99 21.23 20.24
CA SER F 201 24.24 21.96 20.54
C SER F 201 24.91 22.63 19.34
N ILE F 202 24.53 22.27 18.11
CA ILE F 202 25.15 22.88 16.94
C ILE F 202 24.78 24.38 16.87
N ALA F 203 23.48 24.68 16.99
CA ALA F 203 23.02 26.06 17.10
C ALA F 203 23.30 26.58 18.53
N GLY F 204 23.00 25.74 19.52
CA GLY F 204 23.51 25.92 20.86
C GLY F 204 22.91 27.00 21.74
N HIS F 205 22.04 27.84 21.19
CA HIS F 205 21.48 28.96 21.95
C HIS F 205 19.97 28.85 22.16
N ALA F 206 19.42 27.67 21.87
CA ALA F 206 18.03 27.33 22.14
C ALA F 206 17.06 28.34 21.51
N ASP F 207 17.40 28.81 20.31
CA ASP F 207 16.62 29.86 19.69
C ASP F 207 16.33 29.61 18.20
N VAL F 208 16.50 28.35 17.78
CA VAL F 208 16.20 27.95 16.40
C VAL F 208 16.07 26.44 16.23
N LEU F 209 15.06 26.02 15.47
CA LEU F 209 14.95 24.61 15.10
C LEU F 209 15.74 24.37 13.83
N GLY F 210 16.35 23.19 13.73
CA GLY F 210 16.95 22.80 12.46
C GLY F 210 17.43 21.36 12.47
N GLY F 211 17.75 20.84 11.30
CA GLY F 211 18.27 19.49 11.12
C GLY F 211 19.33 19.45 10.02
N ALA F 212 20.11 18.38 10.00
CA ALA F 212 21.15 18.21 8.99
C ALA F 212 21.45 16.74 8.68
N LEU F 213 21.80 16.48 7.43
CA LEU F 213 22.39 15.21 7.03
C LEU F 213 23.75 15.54 6.40
N VAL F 214 24.78 14.80 6.80
CA VAL F 214 26.13 14.94 6.27
C VAL F 214 26.56 13.55 5.77
N TYR F 215 27.12 13.46 4.57
CA TYR F 215 27.29 12.17 3.90
C TYR F 215 28.26 12.21 2.70
N ARG F 216 28.56 11.03 2.15
CA ARG F 216 29.54 10.94 1.07
C ARG F 216 29.03 10.52 -0.30
N ASP F 217 27.90 9.83 -0.35
CA ASP F 217 27.44 9.25 -1.62
C ASP F 217 26.70 10.27 -2.49
N ALA F 218 27.07 10.31 -3.76
CA ALA F 218 26.51 11.26 -4.71
C ALA F 218 25.06 10.94 -5.09
N ASP F 219 24.78 9.65 -5.29
CA ASP F 219 23.42 9.23 -5.62
C ASP F 219 22.49 9.52 -4.43
N LEU F 220 23.03 9.39 -3.22
CA LEU F 220 22.28 9.76 -2.02
C LEU F 220 21.99 11.27 -1.97
N HIS F 221 22.98 12.07 -2.31
CA HIS F 221 22.84 13.53 -2.36
C HIS F 221 21.67 13.95 -3.25
N ALA F 222 21.63 13.43 -4.48
CA ALA F 222 20.57 13.76 -5.42
C ALA F 222 19.20 13.37 -4.85
N ALA F 223 19.12 12.18 -4.27
CA ALA F 223 17.87 11.68 -3.72
C ALA F 223 17.43 12.49 -2.50
N VAL F 224 18.39 12.94 -1.70
CA VAL F 224 18.07 13.76 -0.53
C VAL F 224 17.58 15.15 -0.94
N ARG F 225 18.26 15.77 -1.90
CA ARG F 225 17.89 17.13 -2.34
C ARG F 225 16.57 17.15 -3.12
N ALA F 226 16.31 16.11 -3.90
CA ALA F 226 15.05 16.04 -4.61
C ALA F 226 13.89 15.86 -3.63
N TYR F 227 14.11 15.07 -2.58
CA TYR F 227 13.07 14.89 -1.58
C TYR F 227 12.78 16.19 -0.84
N ARG F 228 13.83 16.89 -0.44
CA ARG F 228 13.66 18.12 0.33
C ARG F 228 12.90 19.14 -0.50
N THR F 229 13.19 19.21 -1.79
CA THR F 229 12.53 20.18 -2.68
C THR F 229 11.06 19.82 -2.89
N THR F 230 10.77 18.53 -2.99
CA THR F 230 9.42 18.08 -3.26
C THR F 230 8.59 18.13 -1.99
N ALA F 231 9.18 17.68 -0.89
CA ALA F 231 8.49 17.67 0.41
C ALA F 231 8.45 19.09 0.99
N GLY F 232 9.45 19.89 0.64
CA GLY F 232 9.49 21.27 1.08
C GLY F 232 9.78 21.43 2.55
N ASN F 233 10.52 20.49 3.12
CA ASN F 233 10.83 20.56 4.54
C ASN F 233 12.14 21.31 4.77
N VAL F 234 12.32 22.43 4.07
CA VAL F 234 13.58 23.14 4.13
C VAL F 234 13.47 24.34 5.07
N PRO F 235 14.57 24.68 5.78
CA PRO F 235 14.52 25.69 6.84
C PRO F 235 14.61 27.10 6.28
N GLY F 236 14.20 28.09 7.06
CA GLY F 236 14.32 29.47 6.64
C GLY F 236 15.75 29.99 6.59
N ALA F 237 15.98 31.04 5.81
CA ALA F 237 17.30 31.66 5.69
C ALA F 237 17.75 32.34 6.99
N LEU F 238 16.82 33.02 7.67
CA LEU F 238 17.09 33.57 8.98
C LEU F 238 17.36 32.46 10.00
N ASP F 239 16.63 31.34 9.89
CA ASP F 239 16.94 30.16 10.69
C ASP F 239 18.38 29.72 10.43
N CYS F 240 18.76 29.61 9.16
CA CYS F 240 20.14 29.23 8.81
C CYS F 240 21.18 30.18 9.41
N PHE F 241 20.92 31.48 9.31
CA PHE F 241 21.80 32.48 9.91
C PHE F 241 22.06 32.25 11.41
N LEU F 242 21.00 32.00 12.17
CA LEU F 242 21.15 31.76 13.61
C LEU F 242 21.92 30.47 13.89
N VAL F 243 21.69 29.44 13.07
CA VAL F 243 22.39 28.17 13.24
C VAL F 243 23.89 28.37 12.97
N ARG F 244 24.18 29.03 11.85
CA ARG F 244 25.57 29.29 11.44
C ARG F 244 26.26 30.20 12.45
N ARG F 245 25.50 31.14 13.01
CA ARG F 245 26.08 32.05 13.98
C ARG F 245 26.41 31.28 15.25
N GLY F 246 25.52 30.37 15.64
CA GLY F 246 25.78 29.53 16.80
C GLY F 246 26.97 28.62 16.59
N LEU F 247 27.12 28.14 15.36
CA LEU F 247 28.18 27.18 15.03
C LEU F 247 29.56 27.64 15.40
N HIS F 248 29.83 28.93 15.23
CA HIS F 248 31.17 29.50 15.49
C HIS F 248 31.73 29.04 16.83
N THR F 249 30.88 29.05 17.86
CA THR F 249 31.35 28.75 19.21
C THR F 249 31.19 27.29 19.64
N LEU F 250 30.79 26.41 18.72
CA LEU F 250 30.62 24.98 19.06
C LEU F 250 31.79 24.31 19.83
N SER F 251 33.04 24.54 19.41
CA SER F 251 34.19 23.99 20.13
C SER F 251 34.19 24.42 21.59
N LEU F 252 34.19 25.74 21.78
CA LEU F 252 34.26 26.35 23.11
C LEU F 252 33.13 25.91 24.01
N ARG F 253 31.92 25.88 23.47
CA ARG F 253 30.75 25.51 24.27
C ARG F 253 30.81 24.05 24.73
N VAL F 254 31.12 23.15 23.80
CA VAL F 254 31.16 21.73 24.12
C VAL F 254 32.25 21.42 25.15
N HIS F 255 33.45 21.96 24.97
CA HIS F 255 34.51 21.66 25.94
C HIS F 255 34.20 22.20 27.35
N ARG F 256 33.50 23.33 27.42
CA ARG F 256 33.04 23.84 28.71
C ARG F 256 31.96 22.94 29.31
N GLN F 257 31.03 22.50 28.47
CA GLN F 257 29.94 21.63 28.90
C GLN F 257 30.48 20.29 29.40
N VAL F 258 31.46 19.73 28.71
CA VAL F 258 32.05 18.46 29.14
C VAL F 258 32.78 18.61 30.49
N ALA F 259 33.59 19.66 30.61
CA ALA F 259 34.31 19.91 31.86
C ALA F 259 33.34 20.02 33.03
N THR F 260 32.24 20.72 32.84
CA THR F 260 31.29 20.91 33.93
C THR F 260 30.52 19.62 34.22
N ALA F 261 30.24 18.84 33.17
CA ALA F 261 29.63 17.53 33.36
C ALA F 261 30.47 16.62 34.29
N ARG F 262 31.78 16.57 34.09
CA ARG F 262 32.67 15.77 34.96
C ARG F 262 32.61 16.27 36.41
N VAL F 263 32.60 17.59 36.59
CA VAL F 263 32.43 18.15 37.93
C VAL F 263 31.12 17.67 38.56
N LEU F 264 30.02 17.73 37.79
CA LEU F 264 28.71 17.32 38.30
C LEU F 264 28.64 15.83 38.66
N VAL F 265 29.28 14.99 37.85
CA VAL F 265 29.35 13.57 38.10
C VAL F 265 30.05 13.25 39.44
N GLU F 266 31.10 14.01 39.75
CA GLU F 266 31.80 13.82 41.02
C GLU F 266 30.91 14.23 42.18
N ARG F 267 30.16 15.31 42.02
CA ARG F 267 29.22 15.72 43.06
C ARG F 267 28.10 14.66 43.25
N LEU F 268 27.56 14.15 42.15
CA LEU F 268 26.50 13.14 42.21
C LEU F 268 26.95 11.88 42.95
N ARG F 269 28.14 11.39 42.59
CA ARG F 269 28.65 10.16 43.18
C ARG F 269 28.82 10.31 44.69
N ALA F 270 28.97 11.55 45.14
CA ALA F 270 29.15 11.83 46.56
C ALA F 270 27.83 11.91 47.34
N SER F 271 26.73 12.17 46.64
CA SER F 271 25.45 12.37 47.32
C SER F 271 24.81 11.07 47.79
N PRO F 272 24.41 11.01 49.06
CA PRO F 272 23.78 9.79 49.56
C PRO F 272 22.34 9.60 49.04
N VAL F 273 21.78 10.57 48.32
CA VAL F 273 20.45 10.38 47.76
C VAL F 273 20.51 10.11 46.25
N VAL F 274 21.66 9.62 45.82
CA VAL F 274 21.89 9.28 44.42
C VAL F 274 22.31 7.80 44.32
N GLY F 275 21.70 7.07 43.40
CA GLY F 275 22.06 5.68 43.17
C GLY F 275 23.04 5.55 42.03
N ALA F 276 22.68 4.76 41.03
CA ALA F 276 23.47 4.63 39.81
C ALA F 276 23.69 6.01 39.19
N VAL F 277 24.85 6.20 38.59
CA VAL F 277 25.14 7.42 37.84
C VAL F 277 25.58 6.99 36.46
N HIS F 278 24.98 7.61 35.44
CA HIS F 278 25.30 7.25 34.08
C HIS F 278 26.09 8.34 33.39
N TYR F 279 27.28 7.99 32.90
CA TYR F 279 28.12 8.91 32.14
C TYR F 279 29.14 8.12 31.33
N PRO F 280 29.27 8.45 30.04
CA PRO F 280 30.16 7.69 29.15
C PRO F 280 31.64 7.80 29.52
N GLY F 281 31.98 8.64 30.48
CA GLY F 281 33.36 8.84 30.87
C GLY F 281 33.83 8.08 32.09
N LEU F 282 32.89 7.54 32.87
CA LEU F 282 33.24 6.77 34.06
C LEU F 282 33.79 5.39 33.68
N PRO F 283 34.82 4.92 34.39
CA PRO F 283 35.39 3.60 34.12
C PRO F 283 34.38 2.50 34.42
N GLU F 284 33.40 2.81 35.26
CA GLU F 284 32.35 1.84 35.59
C GLU F 284 31.32 1.67 34.46
N HIS F 285 31.61 2.24 33.29
CA HIS F 285 30.69 2.22 32.16
C HIS F 285 30.81 0.93 31.34
N PRO F 286 29.68 0.25 31.09
CA PRO F 286 29.60 -1.07 30.45
C PRO F 286 30.25 -1.12 29.07
N GLN F 287 30.39 0.04 28.42
CA GLN F 287 31.11 0.11 27.16
C GLN F 287 32.13 1.24 27.15
N HIS F 288 33.00 1.30 28.17
CA HIS F 288 33.98 2.38 28.17
C HIS F 288 35.04 2.24 27.07
N ALA F 289 35.44 1.02 26.76
CA ALA F 289 36.40 0.78 25.69
C ALA F 289 35.93 1.42 24.37
N VAL F 290 34.65 1.25 24.05
CA VAL F 290 34.09 1.81 22.83
C VAL F 290 34.02 3.33 22.93
N VAL F 291 33.66 3.82 24.11
CA VAL F 291 33.70 5.25 24.39
C VAL F 291 35.07 5.85 24.05
N LYS F 292 36.13 5.28 24.63
CA LYS F 292 37.48 5.75 24.39
C LYS F 292 37.83 5.59 22.91
N ALA F 293 37.37 4.50 22.32
CA ALA F 293 37.65 4.23 20.92
C ALA F 293 37.03 5.28 20.00
N GLN F 294 35.85 5.79 20.35
CA GLN F 294 34.97 6.56 19.43
C GLN F 294 34.82 8.08 19.64
N MSE F 295 34.99 8.56 20.88
CA MSE F 295 34.73 9.96 21.25
C MSE F 295 36.03 10.64 21.72
O MSE F 295 36.84 10.02 22.39
CB MSE F 295 33.66 10.07 22.36
CG MSE F 295 32.19 10.37 21.94
SE MSE F 295 31.18 11.93 22.81
CE MSE F 295 30.01 11.17 24.14
N SER F 296 36.25 11.92 21.39
CA SER F 296 37.43 12.65 21.90
C SER F 296 37.25 13.02 23.38
N ALA F 297 36.00 13.09 23.83
CA ALA F 297 35.64 13.32 25.23
C ALA F 297 34.22 12.76 25.44
N PRO F 298 33.82 12.51 26.71
CA PRO F 298 32.54 11.80 26.88
C PRO F 298 31.19 12.54 26.99
N GLY F 299 31.08 13.81 26.61
CA GLY F 299 29.77 14.39 26.42
C GLY F 299 29.22 15.28 27.53
N ALA F 300 28.16 16.02 27.23
CA ALA F 300 27.58 17.00 28.15
C ALA F 300 26.32 16.49 28.85
N ILE F 301 26.03 15.20 28.72
CA ILE F 301 24.80 14.64 29.25
C ILE F 301 25.09 13.67 30.39
N VAL F 302 24.33 13.79 31.49
CA VAL F 302 24.49 12.90 32.63
C VAL F 302 23.11 12.47 33.11
N SER F 303 23.00 11.24 33.60
CA SER F 303 21.76 10.80 34.21
C SER F 303 22.05 10.02 35.48
N PHE F 304 21.09 9.97 36.39
CA PHE F 304 21.30 9.29 37.68
C PHE F 304 20.00 8.88 38.36
N ASP F 305 20.07 7.80 39.14
CA ASP F 305 18.95 7.35 39.99
C ASP F 305 18.80 8.32 41.15
N TYR F 306 17.65 8.98 41.26
CA TYR F 306 17.39 9.79 42.45
C TYR F 306 16.69 8.94 43.51
N LEU F 307 17.27 8.90 44.71
CA LEU F 307 16.73 8.09 45.81
C LEU F 307 16.04 8.95 46.85
N GLY F 308 16.00 10.26 46.61
CA GLY F 308 15.50 11.20 47.62
C GLY F 308 14.00 11.19 47.82
N GLY F 309 13.27 10.78 46.78
CA GLY F 309 11.82 10.72 46.81
C GLY F 309 11.22 10.80 45.40
N PRO F 310 10.05 11.43 45.28
CA PRO F 310 9.44 11.63 43.95
C PRO F 310 10.22 12.65 43.16
N ALA F 311 10.45 12.38 41.88
CA ALA F 311 11.24 13.24 41.02
C ALA F 311 10.69 14.66 40.95
N GLU F 312 9.37 14.77 40.90
CA GLU F 312 8.72 16.06 40.72
C GLU F 312 9.14 17.02 41.80
N ARG F 313 9.38 16.49 43.01
CA ARG F 313 9.79 17.36 44.11
C ARG F 313 11.19 17.90 43.91
N LEU F 314 12.12 17.02 43.53
CA LEU F 314 13.50 17.42 43.28
C LEU F 314 13.57 18.52 42.22
N LEU F 315 12.81 18.34 41.14
CA LEU F 315 12.74 19.30 40.06
C LEU F 315 12.28 20.67 40.54
N ASP F 316 11.39 20.68 41.55
CA ASP F 316 10.88 21.94 42.06
C ASP F 316 11.99 22.76 42.75
N ARG F 317 12.98 22.07 43.30
CA ARG F 317 13.99 22.73 44.14
C ARG F 317 15.11 23.45 43.39
N PHE F 318 15.32 23.13 42.11
CA PHE F 318 16.39 23.75 41.32
C PHE F 318 16.06 25.22 41.02
N THR F 319 17.07 26.09 41.02
CA THR F 319 16.86 27.49 40.65
C THR F 319 17.88 28.01 39.64
N LEU F 320 18.85 27.18 39.27
CA LEU F 320 19.75 27.55 38.20
C LEU F 320 19.44 26.70 36.98
N PHE F 321 19.56 25.39 37.11
CA PHE F 321 19.02 24.47 36.12
C PHE F 321 17.55 24.83 35.89
N THR F 322 17.14 24.84 34.63
CA THR F 322 15.75 25.10 34.29
C THR F 322 15.12 23.77 33.93
N CYS F 323 13.93 23.47 34.43
CA CYS F 323 13.30 22.21 34.04
C CYS F 323 12.57 22.36 32.71
N GLY F 324 12.86 21.46 31.79
CA GLY F 324 12.24 21.47 30.49
C GLY F 324 13.03 20.58 29.59
N VAL F 325 12.47 20.24 28.43
CA VAL F 325 13.16 19.35 27.52
C VAL F 325 14.01 20.21 26.58
N SER F 326 14.70 19.55 25.66
CA SER F 326 15.82 20.07 24.86
C SER F 326 17.11 19.82 25.62
N LEU F 327 18.22 19.82 24.89
CA LEU F 327 19.53 19.66 25.48
C LEU F 327 20.51 20.39 24.57
N GLY F 328 21.75 20.50 24.99
CA GLY F 328 22.77 21.05 24.13
C GLY F 328 22.99 22.55 24.27
N GLY F 329 22.02 23.25 24.85
CA GLY F 329 22.05 24.70 24.90
C GLY F 329 22.97 25.31 25.95
N VAL F 330 23.10 26.64 25.91
CA VAL F 330 23.92 27.36 26.88
C VAL F 330 23.34 27.34 28.29
N HIS F 331 22.01 27.32 28.40
CA HIS F 331 21.34 27.17 29.67
C HIS F 331 21.32 25.68 30.00
N SER F 332 21.69 25.33 31.22
CA SER F 332 21.60 23.95 31.71
C SER F 332 20.12 23.57 31.97
N LEU F 333 19.74 22.35 31.59
CA LEU F 333 18.38 21.86 31.75
C LEU F 333 18.28 20.55 32.54
N VAL F 334 17.12 20.30 33.14
CA VAL F 334 16.88 19.09 33.91
C VAL F 334 15.44 18.63 33.64
N GLU F 335 15.20 17.33 33.82
CA GLU F 335 13.90 16.73 33.51
C GLU F 335 13.82 15.34 34.11
N CYS F 336 12.60 14.84 34.26
CA CYS F 336 12.44 13.42 34.53
C CYS F 336 11.99 12.83 33.21
N PRO F 337 12.84 11.99 32.61
CA PRO F 337 12.46 11.35 31.36
C PRO F 337 11.10 10.64 31.48
N ALA F 338 10.85 10.02 32.63
CA ALA F 338 9.60 9.29 32.86
C ALA F 338 8.38 10.21 32.96
N LEU F 339 8.58 11.39 33.54
CA LEU F 339 7.47 12.31 33.78
C LEU F 339 7.21 13.15 32.55
N MSE F 340 8.23 13.25 31.70
CA MSE F 340 8.24 14.24 30.65
C MSE F 340 8.64 13.64 29.31
O MSE F 340 7.88 12.89 28.66
CB MSE F 340 9.20 15.39 31.02
CG MSE F 340 8.91 16.14 32.34
SE MSE F 340 10.39 17.22 33.15
CE MSE F 340 10.70 18.45 31.66
N THR F 341 9.86 13.97 28.93
CA THR F 341 10.53 13.59 27.69
C THR F 341 10.23 12.18 27.15
N HIS F 342 9.94 11.22 28.03
CA HIS F 342 9.61 9.84 27.65
C HIS F 342 8.29 9.42 28.28
N ARG F 343 7.50 10.39 28.73
CA ARG F 343 6.22 10.10 29.38
C ARG F 343 5.20 9.32 28.54
N PRO F 344 5.07 9.61 27.22
CA PRO F 344 4.10 8.82 26.47
C PRO F 344 4.34 7.30 26.53
N LEU F 345 5.59 6.87 26.73
CA LEU F 345 5.89 5.47 26.98
C LEU F 345 5.09 5.03 28.20
N SER F 346 4.47 3.85 28.13
CA SER F 346 3.85 3.32 29.33
C SER F 346 4.92 2.69 30.22
N ALA F 347 5.30 3.43 31.27
CA ALA F 347 6.08 2.96 32.44
C ALA F 347 6.53 1.49 32.54
N GLU F 348 5.75 0.58 31.98
CA GLU F 348 6.24 -0.78 31.76
C GLU F 348 7.37 -0.69 30.77
N ALA F 349 7.13 0.05 29.69
CA ALA F 349 8.11 0.29 28.64
C ALA F 349 9.31 1.11 29.14
N ARG F 350 9.09 1.91 30.18
CA ARG F 350 10.20 2.64 30.77
C ARG F 350 11.03 1.68 31.64
N ALA F 351 10.38 0.89 32.49
CA ALA F 351 11.08 -0.14 33.23
C ALA F 351 11.76 -1.10 32.23
N ARG F 352 11.04 -1.44 31.16
CA ARG F 352 11.57 -2.33 30.13
C ARG F 352 12.66 -1.70 29.26
N ARG F 353 13.14 -0.53 29.66
CA ARG F 353 14.36 0.04 29.08
C ARG F 353 15.28 0.63 30.14
N GLY F 354 14.95 0.39 31.42
CA GLY F 354 15.77 0.91 32.50
C GLY F 354 15.49 2.38 32.75
N ILE F 355 14.43 2.90 32.14
CA ILE F 355 13.98 4.24 32.46
C ILE F 355 13.16 4.18 33.74
N GLY F 356 13.73 4.67 34.85
CA GLY F 356 13.00 4.75 36.10
C GLY F 356 12.24 6.06 36.22
N GLU F 357 11.21 6.08 37.05
CA GLU F 357 10.47 7.32 37.28
C GLU F 357 11.18 8.18 38.31
N SER F 358 12.28 7.66 38.86
CA SER F 358 13.16 8.48 39.67
C SER F 358 14.50 8.71 38.98
N LEU F 359 14.59 8.29 37.72
CA LEU F 359 15.75 8.61 36.90
C LEU F 359 15.68 10.11 36.52
N ILE F 360 16.83 10.78 36.54
CA ILE F 360 16.92 12.21 36.26
C ILE F 360 17.99 12.44 35.19
N ARG F 361 17.70 13.32 34.24
CA ARG F 361 18.69 13.65 33.19
C ARG F 361 19.11 15.12 33.23
N LEU F 362 20.43 15.34 33.24
CA LEU F 362 20.99 16.69 33.21
C LEU F 362 21.67 16.96 31.86
N SER F 363 21.29 18.05 31.19
CA SER F 363 22.08 18.52 30.06
C SER F 363 22.81 19.76 30.50
N VAL F 364 24.14 19.71 30.47
CA VAL F 364 24.93 20.76 31.08
C VAL F 364 25.13 21.92 30.12
N GLY F 365 24.84 23.14 30.60
CA GLY F 365 25.07 24.34 29.82
C GLY F 365 26.45 24.93 30.06
N ILE F 366 26.61 26.21 29.76
CA ILE F 366 27.89 26.85 29.96
C ILE F 366 27.93 27.81 31.17
N GLU F 367 27.07 27.57 32.16
CA GLU F 367 27.17 28.31 33.42
C GLU F 367 28.47 27.93 34.14
N ASP F 368 28.88 28.76 35.09
CA ASP F 368 30.07 28.50 35.88
C ASP F 368 29.84 27.20 36.63
N PRO F 369 30.82 26.27 36.56
CA PRO F 369 30.64 24.92 37.11
C PRO F 369 30.34 24.90 38.61
N GLN F 370 30.74 25.94 39.34
CA GLN F 370 30.43 25.94 40.76
C GLN F 370 29.00 26.35 41.08
N ASP F 371 28.45 27.30 40.35
CA ASP F 371 27.05 27.64 40.53
C ASP F 371 26.22 26.41 40.18
N LEU F 372 26.60 25.74 39.09
CA LEU F 372 25.90 24.52 38.69
C LEU F 372 26.07 23.35 39.67
N ALA F 373 27.24 23.23 40.30
CA ALA F 373 27.40 22.19 41.31
C ALA F 373 26.57 22.56 42.53
N GLU F 374 26.55 23.85 42.84
CA GLU F 374 25.82 24.35 44.02
C GLU F 374 24.33 24.04 43.93
N ASP F 375 23.69 24.48 42.85
CA ASP F 375 22.26 24.24 42.61
C ASP F 375 21.90 22.75 42.68
N LEU F 376 22.73 21.90 42.07
CA LEU F 376 22.49 20.46 42.13
C LEU F 376 22.52 19.96 43.58
N SER F 377 23.47 20.44 44.37
CA SER F 377 23.55 20.02 45.77
C SER F 377 22.41 20.55 46.63
N ARG F 378 22.04 21.81 46.42
CA ARG F 378 20.89 22.39 47.09
C ARG F 378 19.67 21.55 46.81
N ALA F 379 19.49 21.15 45.55
CA ALA F 379 18.31 20.37 45.18
C ALA F 379 18.36 18.97 45.79
N LEU F 380 19.53 18.34 45.72
CA LEU F 380 19.70 16.97 46.21
C LEU F 380 19.55 16.88 47.73
N ALA F 381 20.39 17.62 48.45
CA ALA F 381 20.28 17.66 49.91
C ALA F 381 18.99 18.36 50.28
N GLY F 382 18.49 19.16 49.34
CA GLY F 382 17.18 19.79 49.41
C GLY F 382 16.65 20.17 50.76
N GLY G 6 25.09 33.52 44.16
CA GLY G 6 23.94 33.64 43.28
C GLY G 6 24.36 33.46 41.83
N MSE G 7 25.61 33.83 41.56
CA MSE G 7 26.27 33.76 40.24
C MSE G 7 27.68 34.36 40.08
O MSE G 7 27.97 35.51 40.42
CB MSE G 7 25.39 34.09 39.00
CG MSE G 7 24.47 35.26 39.07
SE MSE G 7 24.89 36.26 40.64
CE MSE G 7 22.97 36.57 41.07
N ARG G 8 28.52 33.50 39.53
CA ARG G 8 29.85 33.80 39.02
C ARG G 8 29.73 34.22 37.56
N PHE G 9 30.85 34.55 36.94
CA PHE G 9 30.80 35.33 35.69
C PHE G 9 30.10 34.60 34.55
N GLY G 10 30.72 33.53 34.08
CA GLY G 10 30.10 32.65 33.12
C GLY G 10 28.94 31.95 33.81
N THR G 11 27.85 32.68 33.99
CA THR G 11 26.61 32.22 34.60
C THR G 11 25.76 33.47 34.49
N ARG G 12 26.38 34.61 34.80
CA ARG G 12 25.80 35.92 34.53
C ARG G 12 25.70 36.14 33.03
N LEU G 13 26.62 35.56 32.27
CA LEU G 13 26.52 35.67 30.82
C LEU G 13 25.27 34.98 30.29
N VAL G 14 24.81 33.95 30.98
CA VAL G 14 23.67 33.19 30.46
C VAL G 14 22.33 33.59 31.08
N HIS G 15 22.37 34.04 32.33
CA HIS G 15 21.14 34.28 33.06
C HIS G 15 20.85 35.73 33.45
N GLY G 16 21.87 36.59 33.45
CA GLY G 16 21.65 37.99 33.77
C GLY G 16 20.57 38.60 32.88
N GLY G 17 19.53 39.14 33.49
CA GLY G 17 18.43 39.74 32.75
C GLY G 17 17.54 38.77 31.99
N ARG G 18 17.61 37.48 32.28
CA ARG G 18 16.81 36.55 31.49
C ARG G 18 15.37 36.51 32.00
N ARG G 19 14.59 37.48 31.54
CA ARG G 19 13.27 37.72 32.11
C ARG G 19 12.31 36.59 31.78
N PRO G 20 11.88 35.84 32.81
CA PRO G 20 11.06 34.65 32.59
C PRO G 20 9.84 34.98 31.76
N SER G 21 9.28 34.00 31.07
CA SER G 21 8.08 34.27 30.29
C SER G 21 6.84 33.81 31.04
N ALA G 22 6.24 34.74 31.76
CA ALA G 22 5.02 34.46 32.48
C ALA G 22 4.00 33.87 31.52
N GLY G 23 3.26 32.89 32.00
CA GLY G 23 2.30 32.20 31.17
C GLY G 23 2.96 31.08 30.40
N THR G 24 3.71 31.46 29.37
CA THR G 24 4.21 30.52 28.37
C THR G 24 5.51 29.84 28.78
N GLY G 25 6.42 30.59 29.39
CA GLY G 25 7.57 29.97 30.01
C GLY G 25 8.76 29.81 29.09
N ASP G 26 8.86 30.69 28.10
CA ASP G 26 10.01 30.72 27.19
C ASP G 26 11.30 30.85 27.99
N VAL G 27 12.27 30.00 27.67
CA VAL G 27 13.59 30.07 28.30
C VAL G 27 14.34 31.26 27.75
N VAL G 28 14.42 31.34 26.43
CA VAL G 28 14.96 32.51 25.77
C VAL G 28 13.83 33.55 25.65
N PRO G 29 14.06 34.76 26.19
CA PRO G 29 12.97 35.75 26.15
C PRO G 29 12.61 36.11 24.73
N PRO G 30 11.30 36.18 24.42
CA PRO G 30 10.91 36.59 23.06
C PRO G 30 11.36 38.01 22.77
N ILE G 31 11.53 38.35 21.49
CA ILE G 31 12.07 39.65 21.11
C ILE G 31 10.94 40.68 20.91
N HIS G 32 10.99 41.75 21.71
CA HIS G 32 9.97 42.78 21.67
C HIS G 32 10.28 43.82 20.58
N VAL G 33 9.68 43.68 19.42
CA VAL G 33 9.89 44.63 18.32
C VAL G 33 8.91 45.81 18.33
N SER G 34 7.82 45.71 19.09
CA SER G 34 6.79 46.74 19.05
C SER G 34 7.31 48.14 19.48
N THR G 35 6.87 49.17 18.76
CA THR G 35 7.24 50.55 19.05
C THR G 35 6.16 51.22 19.89
N THR G 36 5.05 50.53 20.04
CA THR G 36 3.94 51.10 20.79
C THR G 36 3.31 50.06 21.71
N TYR G 37 2.74 50.54 22.81
CA TYR G 37 2.14 49.64 23.78
C TYR G 37 0.74 50.11 24.13
N GLU G 38 -0.19 49.17 24.14
CA GLU G 38 -1.55 49.41 24.59
C GLU G 38 -1.40 49.77 26.06
N ARG G 39 -2.12 50.79 26.50
CA ARG G 39 -1.84 51.32 27.81
C ARG G 39 -2.90 51.07 28.89
N ARG G 40 -4.10 50.67 28.48
CA ARG G 40 -5.20 50.57 29.45
C ARG G 40 -5.14 49.37 30.42
N ALA G 41 -4.26 48.42 30.15
CA ALA G 41 -4.21 47.19 30.96
C ALA G 41 -2.98 47.01 31.86
N GLN G 42 -1.90 47.75 31.62
CA GLN G 42 -0.70 47.57 32.45
C GLN G 42 -0.98 47.98 33.89
N ASP G 43 -0.94 47.05 34.87
CA ASP G 43 -1.21 47.43 36.27
C ASP G 43 -0.25 48.52 36.65
N GLU G 44 0.99 48.33 36.22
CA GLU G 44 2.01 49.35 36.37
C GLU G 44 2.30 49.94 35.01
N PRO G 45 1.75 51.12 34.73
CA PRO G 45 2.01 51.73 33.42
C PRO G 45 3.46 52.18 33.37
N ARG G 46 4.28 51.46 32.61
CA ARG G 46 5.67 51.83 32.45
C ARG G 46 6.10 51.82 30.99
N TYR G 47 5.47 50.98 30.17
CA TYR G 47 5.83 50.90 28.75
C TYR G 47 4.91 51.77 27.90
N PHE G 48 5.51 52.71 27.19
CA PHE G 48 4.73 53.72 26.47
C PHE G 48 5.17 53.94 25.03
N TYR G 49 6.47 53.86 24.79
CA TYR G 49 7.03 54.07 23.45
C TYR G 49 8.47 53.58 23.37
N GLY G 50 8.78 52.86 22.31
CA GLY G 50 10.06 52.16 22.20
C GLY G 50 11.34 52.95 22.44
N ARG G 51 11.40 54.19 21.96
CA ARG G 51 12.59 55.01 22.18
C ARG G 51 12.87 55.16 23.68
N GLY G 52 11.82 55.24 24.48
CA GLY G 52 11.95 55.39 25.93
C GLY G 52 12.05 54.06 26.69
N GLU G 53 11.24 53.07 26.29
CA GLU G 53 11.13 51.80 27.02
C GLU G 53 11.12 50.61 26.05
N ASN G 54 11.80 49.53 26.42
CA ASN G 54 11.77 48.27 25.67
C ASN G 54 12.35 47.11 26.49
N PRO G 55 11.54 46.05 26.67
CA PRO G 55 11.94 44.95 27.57
C PRO G 55 13.19 44.21 27.07
N THR G 56 13.34 44.02 25.76
CA THR G 56 14.52 43.37 25.21
C THR G 56 15.79 44.21 25.46
N ARG G 57 15.69 45.50 25.23
CA ARG G 57 16.78 46.42 25.53
C ARG G 57 17.10 46.37 27.04
N GLU G 58 16.06 46.45 27.85
CA GLU G 58 16.22 46.42 29.31
C GLU G 58 16.92 45.14 29.80
N GLU G 59 16.58 44.00 29.21
CA GLU G 59 17.20 42.72 29.58
C GLU G 59 18.69 42.75 29.32
N LEU G 60 19.08 43.22 28.14
CA LEU G 60 20.50 43.30 27.82
C LEU G 60 21.20 44.24 28.80
N GLU G 61 20.58 45.38 29.06
CA GLU G 61 21.10 46.35 30.04
C GLU G 61 21.30 45.72 31.44
N GLU G 62 20.28 45.02 31.94
CA GLU G 62 20.40 44.30 33.21
C GLU G 62 21.53 43.26 33.19
N CYS G 63 21.64 42.51 32.08
CA CYS G 63 22.76 41.59 31.92
C CYS G 63 24.11 42.29 32.03
N LEU G 64 24.30 43.37 31.26
CA LEU G 64 25.56 44.12 31.26
C LEU G 64 25.88 44.70 32.65
N ALA G 65 24.85 45.21 33.32
CA ALA G 65 25.01 45.74 34.66
C ALA G 65 25.48 44.66 35.63
N GLY G 66 24.91 43.46 35.48
CA GLY G 66 25.24 42.34 36.35
C GLY G 66 26.69 41.92 36.22
N LEU G 67 27.25 42.07 35.03
CA LEU G 67 28.61 41.64 34.76
C LEU G 67 29.61 42.46 35.56
N GLU G 68 29.19 43.62 36.06
CA GLU G 68 30.07 44.44 36.87
C GLU G 68 29.46 44.72 38.24
N ARG G 69 28.49 43.91 38.64
CA ARG G 69 27.75 44.14 39.89
C ARG G 69 27.29 45.60 40.03
N ALA G 70 26.87 46.21 38.93
CA ALA G 70 26.49 47.61 38.92
C ALA G 70 24.98 47.76 38.92
N PRO G 71 24.47 48.68 39.74
CA PRO G 71 23.02 48.91 39.82
C PRO G 71 22.41 49.61 38.59
N PHE G 72 23.20 49.86 37.54
CA PHE G 72 22.67 50.47 36.32
C PHE G 72 23.50 50.12 35.08
N ALA G 73 22.83 50.02 33.94
CA ALA G 73 23.49 50.13 32.65
C ALA G 73 22.58 50.73 31.60
N THR G 74 23.16 51.23 30.52
CA THR G 74 22.40 51.81 29.43
C THR G 74 23.07 51.49 28.08
N VAL G 75 22.30 51.00 27.12
CA VAL G 75 22.83 50.68 25.79
C VAL G 75 22.39 51.63 24.66
N PHE G 76 23.19 51.66 23.60
CA PHE G 76 23.08 52.65 22.53
C PHE G 76 23.28 51.97 21.17
N SER G 77 23.00 52.69 20.09
CA SER G 77 23.12 52.12 18.75
C SER G 77 24.57 51.84 18.35
N SER G 78 25.53 52.46 19.04
CA SER G 78 26.93 52.22 18.74
C SER G 78 27.80 52.62 19.92
N GLY G 79 29.05 52.18 19.90
CA GLY G 79 30.04 52.61 20.87
C GLY G 79 30.21 54.13 20.87
N GLN G 80 30.30 54.73 19.69
CA GLN G 80 30.45 56.19 19.64
C GLN G 80 29.27 56.90 20.33
N ALA G 81 28.06 56.34 20.19
CA ALA G 81 26.88 56.97 20.75
C ALA G 81 26.91 56.96 22.29
N ALA G 82 27.43 55.88 22.86
CA ALA G 82 27.63 55.82 24.29
C ALA G 82 28.61 56.91 24.72
N ALA G 83 29.73 57.01 24.00
CA ALA G 83 30.73 58.05 24.28
C ALA G 83 30.15 59.45 24.10
N ALA G 84 29.37 59.63 23.03
CA ALA G 84 28.71 60.89 22.76
C ALA G 84 27.86 61.35 23.94
N THR G 85 27.12 60.40 24.51
CA THR G 85 26.18 60.69 25.60
C THR G 85 26.88 61.17 26.88
N LEU G 86 27.85 60.41 27.33
CA LEU G 86 28.61 60.79 28.52
C LEU G 86 29.26 62.16 28.32
N LEU G 87 29.90 62.37 27.19
CA LEU G 87 30.53 63.65 26.88
C LEU G 87 29.53 64.81 26.87
N SER G 88 28.29 64.53 26.49
CA SER G 88 27.26 65.57 26.41
C SER G 88 27.01 66.21 27.76
N LEU G 89 27.44 65.56 28.84
CA LEU G 89 27.22 66.09 30.18
C LEU G 89 28.29 67.09 30.59
N VAL G 90 29.21 67.39 29.67
CA VAL G 90 30.30 68.32 29.98
C VAL G 90 30.06 69.64 29.30
N ARG G 91 29.99 70.72 30.08
CA ARG G 91 29.62 72.05 29.56
C ARG G 91 30.82 72.77 28.97
N PRO G 92 30.58 73.60 27.94
CA PRO G 92 31.64 74.41 27.32
C PRO G 92 32.42 75.20 28.36
N GLY G 93 33.74 75.27 28.21
CA GLY G 93 34.58 75.90 29.22
C GLY G 93 35.13 74.91 30.22
N GLN G 94 34.33 73.92 30.60
CA GLN G 94 34.80 72.85 31.49
C GLN G 94 35.85 72.04 30.76
N CYS G 95 36.66 71.32 31.53
CA CYS G 95 37.76 70.57 30.93
C CYS G 95 37.51 69.07 30.94
N VAL G 96 37.79 68.44 29.81
CA VAL G 96 37.94 67.00 29.77
C VAL G 96 39.43 66.73 29.66
N VAL G 97 39.96 65.91 30.56
CA VAL G 97 41.33 65.44 30.41
C VAL G 97 41.30 63.99 30.03
N SER G 98 41.98 63.65 28.95
CA SER G 98 42.17 62.24 28.64
C SER G 98 43.63 62.01 28.35
N THR G 99 43.93 60.74 28.11
CA THR G 99 45.13 60.26 27.45
C THR G 99 45.36 61.01 26.15
N ASP G 100 46.54 60.82 25.57
CA ASP G 100 46.85 61.34 24.24
C ASP G 100 47.12 60.22 23.23
N ASP G 101 46.30 59.17 23.31
CA ASP G 101 46.37 58.02 22.42
C ASP G 101 45.00 57.33 22.47
N VAL G 102 43.96 58.13 22.64
CA VAL G 102 42.59 57.63 22.68
C VAL G 102 42.13 57.21 21.27
N TYR G 103 41.05 56.44 21.18
CA TYR G 103 40.42 56.07 19.92
C TYR G 103 40.12 57.31 19.08
N ALA G 104 40.26 57.18 17.76
CA ALA G 104 40.11 58.33 16.87
C ALA G 104 38.64 58.77 16.77
N GLY G 105 37.72 57.87 17.05
CA GLY G 105 36.33 58.23 17.10
C GLY G 105 36.08 59.09 18.32
N THR G 106 36.67 58.70 19.44
CA THR G 106 36.69 59.53 20.64
C THR G 106 37.37 60.86 20.31
N ASP G 107 38.36 60.82 19.42
CA ASP G 107 39.01 62.04 18.94
C ASP G 107 38.06 62.90 18.11
N GLY G 108 37.10 62.27 17.46
CA GLY G 108 36.08 63.00 16.72
C GLY G 108 35.12 63.66 17.71
N LEU G 109 34.71 62.90 18.72
CA LEU G 109 33.83 63.43 19.75
C LEU G 109 34.49 64.57 20.55
N PHE G 110 35.76 64.42 20.92
CA PHE G 110 36.46 65.49 21.63
C PHE G 110 36.44 66.79 20.81
N ASP G 111 36.66 66.67 19.52
CA ASP G 111 36.65 67.83 18.62
C ASP G 111 35.27 68.48 18.55
N LEU G 112 34.25 67.64 18.46
CA LEU G 112 32.86 68.09 18.46
C LEU G 112 32.61 68.89 19.74
N ALA G 113 33.00 68.33 20.87
CA ALA G 113 32.88 69.04 22.13
C ALA G 113 33.77 70.28 22.16
N ALA G 114 34.94 70.19 21.52
CA ALA G 114 35.86 71.32 21.46
C ALA G 114 35.28 72.41 20.58
N ARG G 115 34.45 72.01 19.63
CA ARG G 115 33.78 72.96 18.75
C ARG G 115 32.70 73.69 19.54
N GLN G 116 32.21 73.02 20.57
CA GLN G 116 31.14 73.58 21.39
C GLN G 116 31.71 74.46 22.50
N GLY G 117 32.98 74.29 22.80
CA GLY G 117 33.63 75.11 23.81
C GLY G 117 34.10 74.33 25.03
N VAL G 118 34.08 73.00 24.93
CA VAL G 118 34.64 72.16 25.98
C VAL G 118 36.15 72.08 25.82
N ARG G 119 36.91 72.28 26.89
CA ARG G 119 38.36 72.10 26.83
C ARG G 119 38.75 70.62 26.85
N VAL G 120 39.55 70.20 25.87
CA VAL G 120 40.04 68.84 25.85
C VAL G 120 41.54 68.89 26.05
N ARG G 121 42.03 68.28 27.13
CA ARG G 121 43.47 68.19 27.35
C ARG G 121 43.92 66.74 27.20
N TYR G 122 45.01 66.53 26.47
CA TYR G 122 45.56 65.19 26.28
C TYR G 122 46.71 64.96 27.27
N ALA G 123 46.80 63.74 27.83
CA ALA G 123 47.91 63.42 28.75
C ALA G 123 48.12 61.93 29.03
N ASP G 124 49.31 61.43 28.69
CA ASP G 124 49.75 60.10 29.11
C ASP G 124 49.50 59.95 30.60
N LEU G 125 48.68 58.99 30.98
CA LEU G 125 48.31 58.87 32.39
C LEU G 125 49.09 57.77 33.11
N THR G 126 50.14 57.28 32.46
CA THR G 126 51.00 56.24 33.02
C THR G 126 51.69 56.67 34.32
N THR G 127 52.55 57.69 34.22
CA THR G 127 53.33 58.18 35.35
C THR G 127 52.55 59.10 36.28
N PRO G 128 52.98 59.21 37.56
CA PRO G 128 52.36 60.15 38.50
C PRO G 128 52.33 61.56 37.93
N GLU G 129 53.51 62.07 37.54
CA GLU G 129 53.61 63.44 37.01
C GLU G 129 52.90 63.57 35.66
N GLY G 130 52.80 62.47 34.93
CA GLY G 130 51.97 62.45 33.73
C GLY G 130 50.53 62.73 34.14
N ILE G 131 50.04 61.92 35.09
CA ILE G 131 48.75 62.17 35.75
C ILE G 131 48.72 63.56 36.38
N ALA G 132 49.47 63.71 37.47
CA ALA G 132 49.36 64.84 38.39
C ALA G 132 49.42 66.21 37.72
N ALA G 133 50.48 66.43 36.95
CA ALA G 133 50.76 67.73 36.35
C ALA G 133 49.54 68.33 35.73
N ALA G 134 49.02 67.61 34.73
CA ALA G 134 47.75 67.92 34.11
C ALA G 134 46.66 68.07 35.16
N LEU G 135 46.00 66.95 35.48
CA LEU G 135 44.97 66.82 36.53
C LEU G 135 44.59 68.08 37.29
N ALA G 136 45.58 68.79 37.86
CA ALA G 136 45.32 70.06 38.53
C ALA G 136 44.84 71.12 37.54
N GLU G 137 43.83 70.75 36.76
CA GLU G 137 43.24 71.63 35.78
C GLU G 137 41.97 72.20 36.39
N PRO G 138 41.73 73.50 36.18
CA PRO G 138 40.46 74.04 36.70
C PRO G 138 39.34 73.59 35.78
N ASP G 139 38.12 73.65 36.28
CA ASP G 139 36.95 73.26 35.49
C ASP G 139 36.98 71.78 35.08
N LEU G 140 37.75 70.96 35.80
CA LEU G 140 37.91 69.56 35.45
C LEU G 140 36.64 68.75 35.75
N ALA G 141 35.93 68.34 34.71
CA ALA G 141 34.67 67.64 34.92
C ALA G 141 34.77 66.15 34.61
N LEU G 142 35.72 65.77 33.76
CA LEU G 142 35.80 64.40 33.30
C LEU G 142 37.24 64.01 33.01
N VAL G 143 37.60 62.79 33.39
CA VAL G 143 38.88 62.21 33.02
C VAL G 143 38.61 60.89 32.30
N TRP G 144 39.19 60.73 31.13
CA TRP G 144 38.77 59.69 30.20
C TRP G 144 39.92 58.74 29.89
N ILE G 145 39.79 57.50 30.37
CA ILE G 145 40.86 56.51 30.21
C ILE G 145 40.45 55.36 29.34
N GLU G 146 41.24 55.13 28.30
CA GLU G 146 41.08 53.97 27.46
C GLU G 146 42.29 53.09 27.77
N THR G 147 42.07 51.87 28.26
CA THR G 147 43.20 51.03 28.66
C THR G 147 42.97 49.52 28.52
N PRO G 148 43.92 48.79 27.91
CA PRO G 148 45.21 49.19 27.31
C PRO G 148 45.06 50.14 26.13
N THR G 149 46.14 50.82 25.74
CA THR G 149 46.13 51.71 24.58
C THR G 149 46.26 50.94 23.26
N ASN G 150 45.75 51.52 22.18
CA ASN G 150 45.77 50.86 20.87
C ASN G 150 46.63 51.66 19.89
N PRO G 151 47.65 51.03 19.28
CA PRO G 151 48.06 49.63 19.33
C PRO G 151 49.40 49.39 20.01
N LEU G 152 49.85 50.31 20.85
CA LEU G 152 51.11 50.07 21.55
C LEU G 152 50.86 49.21 22.80
N LEU G 153 49.58 49.12 23.20
CA LEU G 153 49.14 48.20 24.25
C LEU G 153 49.76 48.55 25.61
N THR G 154 49.98 49.84 25.82
CA THR G 154 50.38 50.35 27.12
C THR G 154 49.15 50.46 28.00
N VAL G 155 49.34 50.64 29.30
CA VAL G 155 48.22 50.55 30.23
C VAL G 155 48.28 51.68 31.24
N VAL G 156 47.12 52.23 31.59
CA VAL G 156 47.01 53.24 32.64
C VAL G 156 46.39 52.66 33.93
N ASP G 157 46.99 52.98 35.09
CA ASP G 157 46.48 52.51 36.39
C ASP G 157 45.16 53.19 36.74
N VAL G 158 44.06 52.45 36.61
CA VAL G 158 42.73 53.01 36.82
C VAL G 158 42.48 53.44 38.27
N ALA G 159 42.90 52.61 39.22
CA ALA G 159 42.75 52.95 40.63
C ALA G 159 43.50 54.24 40.97
N GLU G 160 44.77 54.33 40.56
CA GLU G 160 45.59 55.50 40.86
C GLU G 160 45.05 56.78 40.21
N VAL G 161 44.59 56.69 38.96
CA VAL G 161 44.03 57.85 38.30
C VAL G 161 42.70 58.23 38.92
N SER G 162 41.89 57.24 39.29
CA SER G 162 40.60 57.52 39.91
C SER G 162 40.73 58.15 41.30
N ARG G 163 41.69 57.69 42.10
CA ARG G 163 41.91 58.26 43.44
C ARG G 163 42.06 59.76 43.35
N ARG G 164 43.03 60.19 42.56
CA ARG G 164 43.36 61.59 42.45
C ARG G 164 42.29 62.41 41.71
N ALA G 165 41.65 61.80 40.71
CA ALA G 165 40.60 62.49 39.98
C ALA G 165 39.42 62.86 40.88
N HIS G 166 39.19 62.03 41.89
CA HIS G 166 38.07 62.23 42.81
C HIS G 166 38.36 63.26 43.90
N GLU G 167 39.60 63.31 44.38
CA GLU G 167 40.00 64.39 45.29
C GLU G 167 39.78 65.73 44.62
N ARG G 168 39.74 65.72 43.30
CA ARG G 168 39.59 66.94 42.53
C ARG G 168 38.24 67.01 41.80
N GLY G 169 37.34 66.10 42.18
CA GLY G 169 35.92 66.25 41.89
C GLY G 169 35.48 65.86 40.49
N ALA G 170 36.25 64.98 39.86
CA ALA G 170 36.00 64.63 38.48
C ALA G 170 35.40 63.23 38.30
N ARG G 171 34.53 63.10 37.31
CA ARG G 171 34.01 61.80 36.92
C ARG G 171 35.10 61.06 36.16
N VAL G 172 35.21 59.76 36.39
CA VAL G 172 36.17 58.95 35.65
C VAL G 172 35.48 57.88 34.85
N VAL G 173 35.74 57.86 33.55
CA VAL G 173 35.23 56.82 32.67
C VAL G 173 36.38 56.02 32.12
N VAL G 174 36.20 54.71 32.06
CA VAL G 174 37.14 53.83 31.39
C VAL G 174 36.50 53.22 30.14
N ASP G 175 37.11 53.48 29.00
CA ASP G 175 36.70 52.83 27.76
C ASP G 175 37.27 51.44 27.89
N ASN G 176 36.41 50.47 28.18
CA ASN G 176 36.85 49.13 28.52
C ASN G 176 36.64 48.12 27.37
N THR G 177 36.45 48.65 26.17
CA THR G 177 36.22 47.83 24.98
C THR G 177 37.30 46.75 24.78
N PHE G 178 38.57 47.17 24.87
CA PHE G 178 39.72 46.30 24.66
C PHE G 178 39.70 45.09 25.61
N ALA G 179 39.56 45.34 26.89
CA ALA G 179 39.65 44.26 27.86
C ALA G 179 38.41 43.39 27.88
N SER G 180 37.24 44.02 27.76
CA SER G 180 35.93 43.44 28.05
C SER G 180 35.79 43.28 29.58
N PRO G 181 34.55 43.13 30.07
CA PRO G 181 34.34 42.93 31.52
C PRO G 181 34.90 41.59 32.04
N VAL G 182 35.26 40.66 31.16
CA VAL G 182 35.89 39.41 31.59
C VAL G 182 37.28 39.63 32.21
N LEU G 183 37.98 40.68 31.77
CA LEU G 183 39.39 40.83 32.08
C LEU G 183 39.71 42.09 32.88
N GLN G 184 38.75 42.99 33.00
CA GLN G 184 38.98 44.24 33.70
C GLN G 184 37.65 44.83 34.17
N GLN G 185 37.62 45.26 35.42
CA GLN G 185 36.40 45.77 36.03
C GLN G 185 36.58 47.22 36.51
N PRO G 186 36.48 48.19 35.60
CA PRO G 186 36.74 49.61 35.89
C PRO G 186 35.98 50.17 37.10
N LEU G 187 34.76 49.72 37.32
CA LEU G 187 34.01 50.18 38.48
C LEU G 187 34.60 49.66 39.79
N ALA G 188 35.12 48.43 39.78
CA ALA G 188 35.76 47.87 40.97
C ALA G 188 37.12 48.52 41.26
N LEU G 189 37.65 49.26 40.30
CA LEU G 189 38.94 49.91 40.45
C LEU G 189 38.83 51.42 40.74
N GLY G 190 37.68 51.87 41.22
CA GLY G 190 37.52 53.28 41.53
C GLY G 190 36.77 54.14 40.52
N ALA G 191 36.91 53.85 39.23
CA ALA G 191 36.21 54.63 38.19
C ALA G 191 34.69 54.74 38.42
N ASP G 192 34.06 55.67 37.71
CA ASP G 192 32.62 55.88 37.84
C ASP G 192 31.83 55.25 36.70
N VAL G 193 32.46 55.14 35.53
CA VAL G 193 31.74 54.68 34.35
C VAL G 193 32.59 53.70 33.55
N SER G 194 31.98 52.61 33.11
CA SER G 194 32.57 51.75 32.07
C SER G 194 31.86 51.99 30.75
N LEU G 195 32.65 52.28 29.71
CA LEU G 195 32.15 52.53 28.37
C LEU G 195 32.57 51.37 27.46
N TYR G 196 31.63 50.89 26.64
CA TYR G 196 31.91 49.83 25.67
C TYR G 196 31.41 50.11 24.26
N SER G 197 32.20 49.69 23.28
CA SER G 197 31.65 49.32 22.00
C SER G 197 31.27 47.85 22.13
N THR G 198 29.98 47.55 22.17
CA THR G 198 29.57 46.15 22.26
C THR G 198 29.72 45.50 20.88
N THR G 199 29.94 46.33 19.86
CA THR G 199 30.25 45.87 18.51
C THR G 199 31.45 44.93 18.51
N1 LLP G 200 36.15 52.57 21.67
C2 LLP G 200 36.94 51.58 21.24
C2' LLP G 200 38.18 51.18 22.09
C3 LLP G 200 36.63 50.90 20.03
O3 LLP G 200 37.45 49.85 19.59
C4 LLP G 200 35.51 51.26 19.30
C4' LLP G 200 35.21 50.45 17.92
C5 LLP G 200 34.72 52.30 19.73
C6 LLP G 200 35.04 52.95 20.93
C5' LLP G 200 33.45 52.80 18.98
OP4 LLP G 200 32.45 51.80 18.99
P LLP G 200 31.53 51.63 17.74
OP1 LLP G 200 30.55 50.51 18.07
OP2 LLP G 200 30.80 52.89 17.49
OP3 LLP G 200 32.34 51.30 16.54
N LLP G 200 32.38 45.16 19.45
CA LLP G 200 33.61 44.37 19.52
CB LLP G 200 34.65 45.24 20.18
CG LLP G 200 34.60 46.66 19.55
CD LLP G 200 35.17 46.75 18.11
CE LLP G 200 34.94 48.14 17.47
NZ LLP G 200 35.92 49.19 17.81
C LLP G 200 33.34 43.02 20.16
O LLP G 200 32.50 42.29 19.69
N SER G 201 34.04 42.67 21.24
CA SER G 201 33.97 41.30 21.74
C SER G 201 32.69 40.91 22.50
N ILE G 202 32.01 41.85 23.15
CA ILE G 202 30.80 41.49 23.89
C ILE G 202 29.74 40.81 22.99
N ALA G 203 29.39 41.44 21.87
CA ALA G 203 28.56 40.75 20.86
C ALA G 203 29.39 39.65 20.15
N GLY G 204 30.61 40.01 19.77
CA GLY G 204 31.64 39.04 19.41
C GLY G 204 31.61 38.40 18.02
N HIS G 205 30.58 38.69 17.22
CA HIS G 205 30.37 37.96 15.97
C HIS G 205 30.36 38.88 14.74
N ALA G 206 30.80 40.12 14.93
CA ALA G 206 30.96 41.10 13.86
C ALA G 206 29.71 41.27 13.00
N ASP G 207 28.53 41.22 13.61
CA ASP G 207 27.29 41.34 12.84
C ASP G 207 26.28 42.31 13.47
N VAL G 208 26.77 43.21 14.32
CA VAL G 208 25.91 44.18 14.98
C VAL G 208 26.75 45.31 15.59
N LEU G 209 26.27 46.53 15.43
CA LEU G 209 26.90 47.70 16.03
C LEU G 209 26.13 47.98 17.30
N GLY G 210 26.83 48.31 18.39
CA GLY G 210 26.17 48.71 19.62
C GLY G 210 27.07 49.38 20.64
N GLY G 211 26.46 50.09 21.59
CA GLY G 211 27.22 50.73 22.66
C GLY G 211 26.65 50.42 24.03
N ALA G 212 27.41 50.75 25.07
CA ALA G 212 26.98 50.54 26.43
C ALA G 212 27.71 51.45 27.42
N LEU G 213 26.98 51.93 28.42
CA LEU G 213 27.56 52.56 29.58
C LEU G 213 27.10 51.77 30.80
N VAL G 214 28.01 51.54 31.74
CA VAL G 214 27.71 50.83 32.98
C VAL G 214 28.25 51.66 34.15
N TYR G 215 27.42 51.92 35.15
CA TYR G 215 27.74 52.93 36.17
C TYR G 215 26.85 52.77 37.41
N ARG G 216 27.06 53.61 38.44
CA ARG G 216 26.32 53.47 39.69
C ARG G 216 25.51 54.68 40.17
N ASP G 217 25.93 55.90 39.86
CA ASP G 217 25.22 57.06 40.42
C ASP G 217 23.86 57.25 39.73
N ALA G 218 22.81 57.41 40.53
CA ALA G 218 21.44 57.52 40.02
C ALA G 218 21.17 58.81 39.25
N ASP G 219 21.85 59.89 39.63
CA ASP G 219 21.68 61.14 38.89
C ASP G 219 22.31 61.05 37.51
N LEU G 220 23.43 60.35 37.41
CA LEU G 220 24.05 60.07 36.13
C LEU G 220 23.11 59.25 35.25
N HIS G 221 22.50 58.23 35.85
CA HIS G 221 21.50 57.42 35.18
C HIS G 221 20.39 58.28 34.59
N ALA G 222 19.85 59.16 35.43
CA ALA G 222 18.77 60.05 35.01
C ALA G 222 19.20 60.90 33.81
N ALA G 223 20.41 61.45 33.88
CA ALA G 223 20.88 62.36 32.85
C ALA G 223 21.27 61.61 31.59
N VAL G 224 21.68 60.36 31.74
CA VAL G 224 22.02 59.50 30.62
C VAL G 224 20.75 59.06 29.91
N ARG G 225 19.74 58.67 30.67
CA ARG G 225 18.48 58.23 30.08
C ARG G 225 17.77 59.37 29.38
N ALA G 226 17.78 60.57 29.99
CA ALA G 226 17.19 61.74 29.38
C ALA G 226 17.84 62.05 28.03
N TYR G 227 19.17 62.00 27.98
CA TYR G 227 19.88 62.29 26.73
C TYR G 227 19.60 61.25 25.63
N ARG G 228 19.61 59.96 25.98
CA ARG G 228 19.33 58.92 25.01
C ARG G 228 17.92 59.09 24.46
N THR G 229 17.00 59.50 25.33
CA THR G 229 15.62 59.72 24.92
C THR G 229 15.48 60.87 23.92
N THR G 230 16.16 61.98 24.20
CA THR G 230 16.05 63.17 23.37
C THR G 230 16.92 63.09 22.11
N ALA G 231 18.14 62.58 22.25
CA ALA G 231 19.04 62.36 21.12
C ALA G 231 18.61 61.17 20.24
N GLY G 232 17.85 60.24 20.79
CA GLY G 232 17.33 59.10 20.02
C GLY G 232 18.42 58.20 19.44
N ASN G 233 19.57 58.16 20.10
CA ASN G 233 20.67 57.29 19.70
C ASN G 233 20.52 55.92 20.33
N VAL G 234 19.30 55.38 20.17
CA VAL G 234 18.88 54.16 20.80
C VAL G 234 18.94 53.01 19.77
N PRO G 235 19.22 51.78 20.23
CA PRO G 235 19.34 50.66 19.30
C PRO G 235 17.99 50.14 18.80
N GLY G 236 18.07 49.03 18.08
CA GLY G 236 16.88 48.30 17.73
C GLY G 236 16.77 47.02 18.54
N ALA G 237 15.54 46.54 18.65
CA ALA G 237 15.22 45.32 19.38
C ALA G 237 16.03 44.12 18.88
N LEU G 238 16.05 43.91 17.57
CA LEU G 238 16.69 42.75 17.00
C LEU G 238 18.19 42.78 17.26
N ASP G 239 18.78 43.98 17.18
CA ASP G 239 20.20 44.16 17.42
C ASP G 239 20.60 43.91 18.88
N CYS G 240 19.76 44.34 19.82
CA CYS G 240 19.99 44.03 21.22
C CYS G 240 20.00 42.51 21.38
N PHE G 241 19.00 41.85 20.80
CA PHE G 241 18.93 40.40 20.80
C PHE G 241 20.24 39.76 20.34
N LEU G 242 20.83 40.29 19.27
CA LEU G 242 22.10 39.76 18.76
C LEU G 242 23.27 39.97 19.73
N VAL G 243 23.31 41.13 20.37
CA VAL G 243 24.30 41.39 21.43
C VAL G 243 24.09 40.42 22.61
N ARG G 244 22.85 40.32 23.08
CA ARG G 244 22.49 39.43 24.19
C ARG G 244 22.87 37.97 23.93
N ARG G 245 22.64 37.50 22.72
CA ARG G 245 22.95 36.11 22.37
C ARG G 245 24.46 35.92 22.20
N GLY G 246 25.13 36.93 21.66
CA GLY G 246 26.59 36.90 21.60
C GLY G 246 27.21 36.88 22.99
N LEU G 247 26.60 37.64 23.90
CA LEU G 247 27.06 37.72 25.29
C LEU G 247 27.21 36.39 26.00
N HIS G 248 26.34 35.42 25.70
CA HIS G 248 26.41 34.11 26.37
C HIS G 248 27.82 33.52 26.39
N THR G 249 28.47 33.56 25.23
CA THR G 249 29.75 32.90 25.05
C THR G 249 30.93 33.84 25.27
N LEU G 250 30.68 34.99 25.88
CA LEU G 250 31.75 35.99 26.02
C LEU G 250 33.01 35.43 26.72
N SER G 251 32.88 34.85 27.90
CA SER G 251 34.10 34.39 28.57
C SER G 251 34.77 33.21 27.83
N LEU G 252 33.97 32.33 27.22
CA LEU G 252 34.55 31.25 26.41
C LEU G 252 35.38 31.79 25.23
N ARG G 253 34.90 32.86 24.62
CA ARG G 253 35.61 33.44 23.48
C ARG G 253 36.86 34.21 23.91
N VAL G 254 36.73 35.09 24.90
CA VAL G 254 37.88 35.86 25.37
C VAL G 254 38.96 34.93 25.95
N HIS G 255 38.53 33.90 26.67
CA HIS G 255 39.48 32.93 27.19
C HIS G 255 40.23 32.17 26.08
N ARG G 256 39.52 31.79 25.02
CA ARG G 256 40.17 31.23 23.83
C ARG G 256 41.02 32.28 23.11
N GLN G 257 40.54 33.51 23.07
CA GLN G 257 41.27 34.55 22.38
C GLN G 257 42.65 34.80 23.03
N VAL G 258 42.66 34.87 24.36
CA VAL G 258 43.88 35.18 25.08
C VAL G 258 44.93 34.10 24.88
N ALA G 259 44.52 32.86 25.04
CA ALA G 259 45.46 31.75 24.95
C ALA G 259 46.13 31.72 23.56
N THR G 260 45.36 32.01 22.52
CA THR G 260 45.97 32.04 21.19
C THR G 260 46.94 33.21 21.05
N ALA G 261 46.55 34.36 21.60
CA ALA G 261 47.41 35.54 21.63
C ALA G 261 48.74 35.22 22.30
N ARG G 262 48.70 34.49 23.42
CA ARG G 262 49.96 34.11 24.05
C ARG G 262 50.77 33.22 23.12
N VAL G 263 50.12 32.35 22.37
CA VAL G 263 50.82 31.50 21.42
C VAL G 263 51.45 32.36 20.31
N LEU G 264 50.69 33.32 19.80
CA LEU G 264 51.20 34.14 18.70
C LEU G 264 52.39 35.03 19.13
N VAL G 265 52.34 35.53 20.36
CA VAL G 265 53.41 36.37 20.89
C VAL G 265 54.75 35.62 20.93
N GLU G 266 54.75 34.37 21.38
CA GLU G 266 55.98 33.57 21.36
C GLU G 266 56.45 33.41 19.92
N ARG G 267 55.51 33.20 19.01
CA ARG G 267 55.85 33.04 17.62
C ARG G 267 56.55 34.26 17.07
N LEU G 268 55.99 35.43 17.40
CA LEU G 268 56.51 36.69 16.92
C LEU G 268 57.92 36.97 17.45
N ARG G 269 58.14 36.71 18.74
CA ARG G 269 59.44 36.93 19.37
C ARG G 269 60.50 35.97 18.81
N ALA G 270 60.08 34.89 18.18
CA ALA G 270 60.99 33.96 17.54
C ALA G 270 61.33 34.30 16.07
N SER G 271 60.74 35.36 15.55
CA SER G 271 60.93 35.67 14.13
C SER G 271 62.04 36.68 13.88
N PRO G 272 62.96 36.35 12.96
CA PRO G 272 64.05 37.26 12.58
C PRO G 272 63.59 38.49 11.79
N VAL G 273 62.35 38.52 11.31
CA VAL G 273 61.87 39.71 10.61
C VAL G 273 60.90 40.51 11.48
N VAL G 274 60.82 40.15 12.75
CA VAL G 274 60.06 40.93 13.72
C VAL G 274 60.99 41.56 14.75
N GLY G 275 60.76 42.83 15.06
CA GLY G 275 61.53 43.51 16.08
C GLY G 275 60.75 43.51 17.38
N ALA G 276 60.44 44.70 17.89
CA ALA G 276 59.66 44.83 19.11
C ALA G 276 58.28 44.19 18.96
N VAL G 277 57.83 43.57 20.04
CA VAL G 277 56.49 42.97 20.11
C VAL G 277 55.82 43.58 21.33
N HIS G 278 54.57 44.02 21.16
CA HIS G 278 53.82 44.62 22.26
C HIS G 278 52.64 43.76 22.67
N TYR G 279 52.54 43.49 23.97
CA TYR G 279 51.45 42.69 24.53
C TYR G 279 51.46 42.86 26.04
N PRO G 280 50.34 43.34 26.63
CA PRO G 280 50.30 43.76 28.04
C PRO G 280 50.86 42.71 29.01
N GLY G 281 50.90 41.45 28.59
CA GLY G 281 51.40 40.37 29.42
C GLY G 281 52.87 39.96 29.31
N LEU G 282 53.68 40.72 28.58
CA LEU G 282 55.12 40.40 28.55
C LEU G 282 55.76 40.90 29.82
N PRO G 283 56.77 40.18 30.33
CA PRO G 283 57.38 40.55 31.62
C PRO G 283 58.07 41.92 31.56
N GLU G 284 58.63 42.27 30.41
CA GLU G 284 59.37 43.54 30.33
C GLU G 284 58.45 44.71 30.01
N HIS G 285 57.16 44.43 29.82
CA HIS G 285 56.16 45.44 29.48
C HIS G 285 56.30 46.66 30.40
N PRO G 286 56.05 47.86 29.84
CA PRO G 286 55.99 49.11 30.60
C PRO G 286 55.33 48.96 31.97
N GLN G 287 54.02 48.74 32.01
CA GLN G 287 53.27 48.75 33.27
C GLN G 287 52.79 47.36 33.69
N HIS G 288 53.67 46.38 33.63
CA HIS G 288 53.27 44.99 33.91
C HIS G 288 52.67 44.83 35.29
N ALA G 289 53.28 45.49 36.29
CA ALA G 289 52.76 45.44 37.65
C ALA G 289 51.35 46.04 37.71
N VAL G 290 51.10 47.04 36.86
CA VAL G 290 49.77 47.59 36.71
C VAL G 290 48.87 46.58 36.00
N VAL G 291 49.37 46.00 34.92
CA VAL G 291 48.67 44.92 34.23
C VAL G 291 48.32 43.80 35.20
N LYS G 292 49.31 43.34 35.96
CA LYS G 292 49.08 42.25 36.91
C LYS G 292 48.03 42.69 37.93
N ALA G 293 47.98 43.99 38.22
CA ALA G 293 46.97 44.50 39.13
C ALA G 293 45.54 44.49 38.57
N GLN G 294 45.36 44.87 37.32
CA GLN G 294 44.00 45.08 36.84
C GLN G 294 43.53 44.22 35.67
N MSE G 295 44.38 43.35 35.16
CA MSE G 295 43.92 42.46 34.08
C MSE G 295 44.00 41.03 34.55
O MSE G 295 44.83 40.69 35.38
CB MSE G 295 44.71 42.65 32.79
CG MSE G 295 45.20 41.35 32.12
SE MSE G 295 44.18 40.67 30.55
CE MSE G 295 43.59 42.44 29.90
N SER G 296 43.15 40.17 34.01
CA SER G 296 43.16 38.83 34.52
C SER G 296 43.95 37.85 33.65
N ALA G 297 44.14 38.17 32.37
CA ALA G 297 44.86 37.26 31.46
C ALA G 297 45.14 37.93 30.13
N PRO G 298 46.28 38.62 30.05
CA PRO G 298 46.78 39.66 29.15
C PRO G 298 45.94 40.11 27.92
N GLY G 299 44.73 39.62 27.72
CA GLY G 299 43.89 40.17 26.67
C GLY G 299 44.30 39.55 25.35
N ALA G 300 43.73 39.96 24.23
CA ALA G 300 44.12 39.28 23.01
C ALA G 300 44.26 40.13 21.76
N ILE G 301 44.82 41.33 21.95
CA ILE G 301 45.27 42.16 20.87
C ILE G 301 46.78 42.14 20.93
N VAL G 302 47.44 42.07 19.77
CA VAL G 302 48.89 42.03 19.71
C VAL G 302 49.38 43.08 18.71
N SER G 303 50.58 43.59 18.94
CA SER G 303 51.26 44.36 17.90
C SER G 303 52.76 44.10 17.91
N PHE G 304 53.36 44.19 16.73
CA PHE G 304 54.76 43.84 16.56
C PHE G 304 55.39 44.66 15.45
N ASP G 305 56.71 44.72 15.46
CA ASP G 305 57.43 45.46 14.42
C ASP G 305 57.81 44.52 13.31
N TYR G 306 57.39 44.84 12.10
CA TYR G 306 57.76 44.04 10.94
C TYR G 306 59.01 44.60 10.30
N LEU G 307 60.01 43.74 10.10
CA LEU G 307 61.30 44.19 9.57
C LEU G 307 61.58 43.65 8.18
N GLY G 308 60.64 42.90 7.60
CA GLY G 308 60.91 42.29 6.31
C GLY G 308 60.23 42.95 5.12
N GLY G 309 60.35 44.26 5.00
CA GLY G 309 59.79 44.97 3.87
C GLY G 309 58.49 45.69 4.20
N PRO G 310 57.86 46.31 3.18
CA PRO G 310 56.58 47.02 3.32
C PRO G 310 55.48 46.22 4.02
N ALA G 311 54.72 46.89 4.87
CA ALA G 311 53.56 46.29 5.50
C ALA G 311 52.53 45.94 4.43
N GLU G 312 52.45 46.78 3.39
CA GLU G 312 51.42 46.58 2.37
C GLU G 312 51.65 45.29 1.58
N ARG G 313 52.86 44.76 1.61
CA ARG G 313 53.10 43.44 1.02
C ARG G 313 52.73 42.32 1.98
N LEU G 314 53.18 42.44 3.23
CA LEU G 314 52.87 41.46 4.27
C LEU G 314 51.36 41.28 4.37
N LEU G 315 50.64 42.40 4.37
CA LEU G 315 49.19 42.37 4.47
C LEU G 315 48.57 41.48 3.40
N ASP G 316 49.16 41.50 2.20
CA ASP G 316 48.66 40.72 1.07
C ASP G 316 48.83 39.21 1.23
N ARG G 317 49.67 38.76 2.17
CA ARG G 317 50.02 37.34 2.27
C ARG G 317 49.17 36.48 3.20
N PHE G 318 48.42 37.09 4.12
CA PHE G 318 47.62 36.28 5.05
C PHE G 318 46.49 35.59 4.32
N THR G 319 46.22 34.34 4.67
CA THR G 319 45.13 33.63 4.02
C THR G 319 44.01 33.29 5.02
N LEU G 320 44.33 33.32 6.31
CA LEU G 320 43.35 33.01 7.35
C LEU G 320 42.93 34.27 8.13
N PHE G 321 43.91 34.99 8.68
CA PHE G 321 43.68 36.35 9.16
C PHE G 321 43.10 37.17 8.01
N THR G 322 42.05 37.94 8.30
CA THR G 322 41.44 38.81 7.31
C THR G 322 41.92 40.24 7.53
N CYS G 323 42.17 41.00 6.45
CA CYS G 323 42.70 42.36 6.56
C CYS G 323 41.59 43.40 6.60
N GLY G 324 41.30 43.93 7.78
CA GLY G 324 40.28 44.96 7.93
C GLY G 324 40.34 45.55 9.34
N VAL G 325 39.35 46.35 9.71
CA VAL G 325 39.29 46.94 11.06
C VAL G 325 38.21 46.28 11.92
N SER G 326 37.89 46.92 13.06
CA SER G 326 37.18 46.32 14.20
C SER G 326 38.02 45.29 14.94
N LEU G 327 37.49 44.74 16.03
CA LEU G 327 38.25 43.81 16.85
C LEU G 327 37.32 43.02 17.76
N GLY G 328 37.88 42.06 18.48
CA GLY G 328 37.15 41.30 19.48
C GLY G 328 36.39 40.08 18.97
N GLY G 329 36.27 39.94 17.66
CA GLY G 329 35.36 38.98 17.07
C GLY G 329 35.89 37.58 16.82
N VAL G 330 35.00 36.68 16.40
CA VAL G 330 35.37 35.29 16.13
C VAL G 330 36.40 35.12 15.01
N HIS G 331 36.38 35.98 13.99
CA HIS G 331 37.43 35.97 12.96
C HIS G 331 38.59 36.85 13.38
N SER G 332 39.80 36.29 13.33
CA SER G 332 41.01 37.04 13.61
C SER G 332 41.24 38.10 12.54
N LEU G 333 41.72 39.27 12.95
CA LEU G 333 41.98 40.35 12.01
C LEU G 333 43.42 40.84 12.12
N VAL G 334 43.94 41.30 10.99
CA VAL G 334 45.23 41.98 10.96
C VAL G 334 44.99 43.31 10.26
N GLU G 335 45.71 44.35 10.66
CA GLU G 335 45.70 45.62 9.93
C GLU G 335 46.96 46.42 10.23
N CYS G 336 47.30 47.34 9.37
CA CYS G 336 48.48 48.15 9.62
C CYS G 336 48.04 49.57 9.95
N PRO G 337 48.27 49.99 11.20
CA PRO G 337 47.92 51.34 11.68
C PRO G 337 48.40 52.49 10.81
N ALA G 338 49.66 52.50 10.40
CA ALA G 338 50.22 53.63 9.65
C ALA G 338 49.53 53.89 8.30
N LEU G 339 49.06 52.82 7.67
CA LEU G 339 48.29 52.91 6.42
C LEU G 339 46.75 52.96 6.58
N MSE G 340 46.22 52.41 7.71
CA MSE G 340 44.80 51.99 7.92
C MSE G 340 44.01 52.67 9.15
O MSE G 340 42.89 53.23 9.01
CB MSE G 340 44.69 50.39 7.94
CG MSE G 340 45.38 49.53 6.74
SE MSE G 340 45.11 47.47 6.72
CE MSE G 340 43.30 47.13 6.14
N THR G 341 44.58 52.65 10.36
CA THR G 341 43.86 53.20 11.53
C THR G 341 44.33 54.61 11.84
N HIS G 342 45.63 54.79 11.70
CA HIS G 342 46.21 56.08 11.90
C HIS G 342 46.61 56.63 10.55
N ARG G 343 45.96 56.10 9.52
CA ARG G 343 45.95 56.75 8.22
C ARG G 343 45.51 58.22 8.34
N PRO G 344 44.26 58.50 8.84
CA PRO G 344 43.73 59.88 8.84
C PRO G 344 44.67 60.92 9.44
N LEU G 345 45.56 60.42 10.30
CA LEU G 345 46.63 61.20 10.87
C LEU G 345 47.77 61.39 9.87
N SER G 346 48.80 62.11 10.30
CA SER G 346 49.95 62.34 9.45
C SER G 346 51.12 61.47 9.90
N ALA G 347 52.20 61.48 9.13
CA ALA G 347 53.34 60.58 9.35
C ALA G 347 54.08 60.83 10.66
N GLU G 348 54.57 62.05 10.85
CA GLU G 348 55.28 62.39 12.09
C GLU G 348 54.42 62.12 13.32
N ALA G 349 53.13 62.48 13.24
CA ALA G 349 52.22 62.31 14.36
C ALA G 349 52.21 60.87 14.92
N ARG G 350 52.47 59.90 14.04
CA ARG G 350 52.73 58.52 14.44
C ARG G 350 54.17 58.35 14.95
N ALA G 351 55.11 59.03 14.29
CA ALA G 351 56.54 58.97 14.62
C ALA G 351 56.86 60.02 15.67
N ARG G 352 55.80 60.48 16.33
CA ARG G 352 55.91 61.26 17.55
C ARG G 352 55.09 60.51 18.60
N ARG G 353 54.04 59.85 18.14
CA ARG G 353 53.28 58.95 19.02
C ARG G 353 54.01 57.61 19.15
N GLY G 354 55.05 57.42 18.34
CA GLY G 354 55.88 56.23 18.37
C GLY G 354 55.50 55.14 17.37
N ILE G 355 54.46 55.39 16.58
CA ILE G 355 53.83 54.35 15.77
C ILE G 355 54.43 54.16 14.37
N GLY G 356 55.53 53.41 14.31
CA GLY G 356 56.27 53.16 13.08
C GLY G 356 55.47 52.74 11.86
N GLU G 357 56.08 52.92 10.70
CA GLU G 357 55.45 52.59 9.43
C GLU G 357 55.09 51.11 9.32
N SER G 358 55.85 50.28 10.02
CA SER G 358 55.68 48.83 9.91
C SER G 358 55.10 48.19 11.17
N LEU G 359 54.36 48.98 11.95
CA LEU G 359 53.64 48.42 13.07
C LEU G 359 52.44 47.67 12.53
N ILE G 360 52.27 46.43 12.96
CA ILE G 360 51.17 45.58 12.54
C ILE G 360 50.37 45.21 13.79
N ARG G 361 49.05 45.27 13.71
CA ARG G 361 48.20 44.95 14.84
C ARG G 361 47.33 43.75 14.54
N LEU G 362 47.39 42.76 15.43
CA LEU G 362 46.54 41.59 15.34
C LEU G 362 45.40 41.71 16.35
N SER G 363 44.19 41.34 15.91
CA SER G 363 43.09 41.07 16.81
C SER G 363 42.76 39.59 16.67
N VAL G 364 42.92 38.83 17.74
CA VAL G 364 42.83 37.39 17.65
C VAL G 364 41.41 36.90 17.91
N GLY G 365 40.94 36.02 17.04
CA GLY G 365 39.64 35.42 17.18
C GLY G 365 39.73 33.99 17.71
N ILE G 366 38.79 33.13 17.30
CA ILE G 366 38.71 31.83 17.93
C ILE G 366 39.04 30.66 17.00
N GLU G 367 39.82 30.92 15.96
CA GLU G 367 40.28 29.83 15.10
C GLU G 367 41.27 28.94 15.88
N ASP G 368 41.53 27.74 15.36
CA ASP G 368 42.55 26.89 15.97
C ASP G 368 43.87 27.66 16.03
N PRO G 369 44.49 27.72 17.22
CA PRO G 369 45.69 28.54 17.41
C PRO G 369 46.84 28.14 16.48
N GLN G 370 46.95 26.88 16.10
CA GLN G 370 48.04 26.52 15.22
C GLN G 370 47.80 26.87 13.74
N ASP G 371 46.53 26.91 13.32
CA ASP G 371 46.23 27.42 11.99
C ASP G 371 46.63 28.89 11.92
N LEU G 372 46.34 29.64 12.98
CA LEU G 372 46.64 31.07 13.01
C LEU G 372 48.16 31.26 13.06
N ALA G 373 48.83 30.45 13.88
CA ALA G 373 50.28 30.47 13.99
C ALA G 373 50.91 30.22 12.63
N GLU G 374 50.43 29.17 11.95
CA GLU G 374 50.90 28.87 10.61
C GLU G 374 50.68 29.99 9.59
N ASP G 375 49.52 30.65 9.66
CA ASP G 375 49.21 31.75 8.73
C ASP G 375 50.19 32.92 8.95
N LEU G 376 50.35 33.31 10.21
CA LEU G 376 51.27 34.39 10.59
C LEU G 376 52.69 34.09 10.10
N SER G 377 53.17 32.89 10.40
CA SER G 377 54.54 32.51 10.04
C SER G 377 54.77 32.49 8.53
N ARG G 378 53.80 31.96 7.78
CA ARG G 378 53.91 31.90 6.33
C ARG G 378 53.92 33.31 5.73
N ALA G 379 53.13 34.21 6.30
CA ALA G 379 53.09 35.60 5.87
C ALA G 379 54.44 36.27 6.12
N LEU G 380 54.94 36.14 7.35
CA LEU G 380 56.24 36.70 7.72
C LEU G 380 57.38 36.24 6.82
N ALA G 381 57.33 34.98 6.40
CA ALA G 381 58.41 34.37 5.61
C ALA G 381 58.30 34.66 4.12
N GLY G 382 57.08 34.89 3.65
CA GLY G 382 56.81 35.19 2.25
C GLY G 382 57.10 34.11 1.23
N GLY G 383 57.80 33.08 1.62
CA GLY G 383 57.98 32.12 0.58
C GLY G 383 58.77 32.50 -0.67
N GLY H 6 10.72 56.45 -17.62
CA GLY H 6 9.52 57.11 -17.11
C GLY H 6 8.97 56.53 -15.81
N MSE H 7 9.43 57.02 -14.65
CA MSE H 7 9.03 56.32 -13.41
C MSE H 7 8.39 57.05 -12.23
O MSE H 7 9.03 57.81 -11.47
CB MSE H 7 10.12 55.39 -12.91
CG MSE H 7 9.49 54.09 -12.47
SE MSE H 7 9.54 52.69 -13.82
CE MSE H 7 11.49 52.59 -13.83
N ARG H 8 7.13 56.73 -12.04
CA ARG H 8 6.30 57.39 -11.07
C ARG H 8 6.55 56.98 -9.62
N PHE H 9 6.12 57.86 -8.74
CA PHE H 9 6.17 57.69 -7.29
C PHE H 9 6.04 56.22 -6.85
N GLY H 10 4.91 55.59 -7.20
CA GLY H 10 4.56 54.26 -6.72
C GLY H 10 5.48 53.10 -7.11
N THR H 11 6.17 53.25 -8.23
CA THR H 11 7.19 52.29 -8.63
C THR H 11 8.48 52.43 -7.81
N ARG H 12 8.85 53.68 -7.48
CA ARG H 12 10.05 53.90 -6.68
C ARG H 12 9.95 53.30 -5.28
N LEU H 13 8.73 53.15 -4.78
CA LEU H 13 8.53 52.48 -3.49
C LEU H 13 9.03 51.03 -3.56
N VAL H 14 8.78 50.36 -4.68
CA VAL H 14 9.14 48.95 -4.80
C VAL H 14 10.59 48.80 -5.25
N HIS H 15 11.04 49.71 -6.11
CA HIS H 15 12.29 49.52 -6.83
C HIS H 15 13.44 50.46 -6.50
N GLY H 16 13.15 51.57 -5.81
CA GLY H 16 14.21 52.44 -5.34
C GLY H 16 15.15 51.67 -4.42
N GLY H 17 16.46 51.87 -4.53
CA GLY H 17 17.39 51.20 -3.66
C GLY H 17 17.56 49.71 -3.93
N ARG H 18 16.77 49.16 -4.85
CA ARG H 18 16.88 47.73 -5.13
C ARG H 18 18.07 47.48 -6.04
N ARG H 19 19.09 46.80 -5.48
CA ARG H 19 20.19 46.25 -6.26
C ARG H 19 20.01 44.74 -6.41
N PRO H 20 19.89 44.21 -7.64
CA PRO H 20 19.97 42.76 -7.79
C PRO H 20 21.41 42.30 -7.62
N SER H 21 21.62 41.06 -7.22
CA SER H 21 22.91 40.72 -6.64
C SER H 21 23.90 40.09 -7.64
N ALA H 22 25.15 39.97 -7.19
CA ALA H 22 26.25 39.48 -8.03
C ALA H 22 26.50 37.99 -7.88
N GLY H 23 26.22 37.28 -8.98
CA GLY H 23 26.36 35.83 -9.03
C GLY H 23 25.07 35.11 -8.66
N THR H 24 24.19 35.82 -7.96
CA THR H 24 23.04 35.16 -7.39
C THR H 24 21.72 35.66 -7.97
N GLY H 25 21.63 36.96 -8.20
CA GLY H 25 20.45 37.54 -8.82
C GLY H 25 19.25 37.73 -7.91
N ASP H 26 19.47 37.81 -6.60
CA ASP H 26 18.39 38.06 -5.63
C ASP H 26 17.51 39.23 -6.06
N VAL H 27 16.19 39.04 -6.08
CA VAL H 27 15.30 40.18 -6.37
C VAL H 27 15.21 41.09 -5.14
N VAL H 28 15.06 40.49 -3.96
CA VAL H 28 15.16 41.21 -2.71
C VAL H 28 16.63 41.22 -2.23
N PRO H 29 17.26 42.40 -2.19
CA PRO H 29 18.68 42.45 -1.81
C PRO H 29 18.92 41.79 -0.43
N PRO H 30 19.95 40.94 -0.34
CA PRO H 30 20.19 40.24 0.92
C PRO H 30 20.57 41.22 2.03
N ILE H 31 20.42 40.81 3.29
CA ILE H 31 20.61 41.72 4.42
C ILE H 31 22.08 41.76 4.87
N HIS H 32 22.67 42.95 4.79
CA HIS H 32 24.09 43.14 5.10
C HIS H 32 24.31 43.40 6.58
N VAL H 33 24.53 42.36 7.36
CA VAL H 33 24.75 42.52 8.79
C VAL H 33 26.21 42.72 9.22
N SER H 34 27.15 42.36 8.35
CA SER H 34 28.56 42.42 8.75
C SER H 34 29.00 43.81 9.22
N THR H 35 29.72 43.89 10.33
CA THR H 35 30.24 45.16 10.85
C THR H 35 31.56 45.50 10.20
N THR H 36 32.21 44.51 9.58
CA THR H 36 33.52 44.78 9.04
C THR H 36 33.81 44.07 7.71
N TYR H 37 34.83 44.53 7.01
CA TYR H 37 35.02 44.21 5.60
C TYR H 37 36.51 44.02 5.28
N GLU H 38 36.84 42.86 4.70
CA GLU H 38 38.18 42.56 4.18
C GLU H 38 38.58 43.59 3.15
N ARG H 39 39.76 44.19 3.28
CA ARG H 39 40.17 45.21 2.32
C ARG H 39 40.84 44.72 1.03
N ARG H 40 41.56 43.59 1.08
CA ARG H 40 42.22 43.08 -0.13
C ARG H 40 41.18 42.61 -1.18
N ALA H 41 39.96 42.35 -0.72
CA ALA H 41 38.89 41.86 -1.59
C ALA H 41 38.10 43.00 -2.24
N GLN H 42 38.35 44.23 -1.80
CA GLN H 42 37.59 45.35 -2.31
C GLN H 42 38.18 45.97 -3.58
N ASP H 43 37.37 46.06 -4.64
CA ASP H 43 37.74 46.69 -5.92
C ASP H 43 38.62 47.94 -5.74
N GLU H 44 37.99 49.08 -5.49
CA GLU H 44 38.67 50.22 -4.89
C GLU H 44 37.91 50.31 -3.58
N PRO H 45 38.62 50.54 -2.48
CA PRO H 45 37.94 50.31 -1.21
C PRO H 45 36.90 51.39 -0.91
N ARG H 46 35.69 50.98 -0.54
CA ARG H 46 34.64 51.92 -0.14
C ARG H 46 33.75 51.38 1.01
N TYR H 47 33.94 50.12 1.36
CA TYR H 47 33.37 49.60 2.61
C TYR H 47 34.49 49.32 3.60
N PHE H 48 34.39 49.87 4.80
CA PHE H 48 35.50 49.80 5.74
C PHE H 48 35.07 49.40 7.14
N TYR H 49 33.81 49.71 7.47
CA TYR H 49 33.30 49.50 8.81
C TYR H 49 31.84 49.94 8.83
N GLY H 50 30.99 49.16 9.48
CA GLY H 50 29.55 49.33 9.43
C GLY H 50 28.97 50.64 9.95
N ARG H 51 29.67 51.30 10.87
CA ARG H 51 29.19 52.59 11.35
C ARG H 51 29.31 53.62 10.23
N GLY H 52 30.36 53.51 9.43
CA GLY H 52 30.53 54.38 8.27
C GLY H 52 29.81 53.90 7.01
N GLU H 53 29.79 52.60 6.77
CA GLU H 53 29.31 52.08 5.48
C GLU H 53 28.52 50.79 5.63
N ASN H 54 27.40 50.71 4.92
CA ASN H 54 26.53 49.51 4.91
C ASN H 54 25.58 49.54 3.70
N PRO H 55 25.65 48.52 2.83
CA PRO H 55 24.85 48.53 1.60
C PRO H 55 23.34 48.53 1.83
N THR H 56 22.85 47.81 2.83
CA THR H 56 21.42 47.74 3.10
C THR H 56 20.90 49.12 3.52
N ARG H 57 21.60 49.76 4.46
CA ARG H 57 21.30 51.12 4.84
C ARG H 57 21.34 52.09 3.63
N GLU H 58 22.37 51.97 2.81
CA GLU H 58 22.49 52.81 1.63
C GLU H 58 21.34 52.56 0.65
N GLU H 59 20.92 51.30 0.51
CA GLU H 59 19.80 50.97 -0.35
C GLU H 59 18.52 51.66 0.14
N LEU H 60 18.33 51.68 1.46
CA LEU H 60 17.20 52.38 2.04
C LEU H 60 17.31 53.88 1.75
N GLU H 61 18.51 54.43 1.97
CA GLU H 61 18.75 55.85 1.68
C GLU H 61 18.43 56.20 0.22
N GLU H 62 18.95 55.38 -0.69
CA GLU H 62 18.68 55.55 -2.11
C GLU H 62 17.18 55.56 -2.37
N CYS H 63 16.46 54.67 -1.71
CA CYS H 63 15.02 54.61 -1.89
C CYS H 63 14.33 55.90 -1.45
N LEU H 64 14.55 56.31 -0.20
CA LEU H 64 13.88 57.49 0.34
C LEU H 64 14.20 58.76 -0.46
N ALA H 65 15.43 58.88 -0.94
CA ALA H 65 15.81 60.00 -1.81
C ALA H 65 14.95 60.02 -3.07
N GLY H 66 14.73 58.83 -3.65
CA GLY H 66 13.96 58.71 -4.88
C GLY H 66 12.53 59.18 -4.76
N LEU H 67 11.91 58.95 -3.59
CA LEU H 67 10.53 59.42 -3.37
C LEU H 67 10.39 60.94 -3.48
N GLU H 68 11.52 61.65 -3.43
CA GLU H 68 11.51 63.12 -3.49
C GLU H 68 12.33 63.70 -4.64
N ARG H 69 12.73 62.86 -5.60
CA ARG H 69 13.47 63.35 -6.76
C ARG H 69 14.73 64.07 -6.28
N ALA H 70 15.34 63.55 -5.21
CA ALA H 70 16.39 64.24 -4.49
C ALA H 70 17.72 63.50 -4.58
N PRO H 71 18.84 64.23 -4.50
CA PRO H 71 20.13 63.56 -4.68
C PRO H 71 20.61 62.78 -3.47
N PHE H 72 20.18 63.17 -2.26
CA PHE H 72 20.71 62.56 -1.04
C PHE H 72 19.63 62.19 -0.05
N ALA H 73 19.90 61.16 0.73
CA ALA H 73 19.12 60.89 1.92
C ALA H 73 20.02 60.23 2.96
N THR H 74 19.72 60.44 4.23
CA THR H 74 20.49 59.84 5.31
C THR H 74 19.56 59.27 6.37
N VAL H 75 19.77 58.02 6.78
CA VAL H 75 18.91 57.41 7.80
C VAL H 75 19.60 57.33 9.16
N PHE H 76 18.78 57.17 10.20
CA PHE H 76 19.22 57.32 11.58
C PHE H 76 18.51 56.31 12.48
N SER H 77 19.07 56.08 13.66
CA SER H 77 18.49 55.20 14.67
C SER H 77 17.03 55.57 15.02
N SER H 78 16.67 56.84 14.86
CA SER H 78 15.30 57.28 15.13
C SER H 78 15.04 58.67 14.53
N GLY H 79 13.77 59.07 14.52
CA GLY H 79 13.40 60.41 14.09
C GLY H 79 14.11 61.48 14.91
N GLN H 80 14.14 61.28 16.22
CA GLN H 80 14.88 62.17 17.13
C GLN H 80 16.34 62.38 16.73
N ALA H 81 17.03 61.29 16.37
CA ALA H 81 18.44 61.39 15.98
C ALA H 81 18.62 62.19 14.68
N ALA H 82 17.74 61.97 13.71
CA ALA H 82 17.76 62.75 12.48
C ALA H 82 17.61 64.26 12.78
N ALA H 83 16.67 64.58 13.67
CA ALA H 83 16.47 65.96 14.12
C ALA H 83 17.66 66.50 14.92
N ALA H 84 18.24 65.66 15.76
CA ALA H 84 19.42 66.03 16.53
C ALA H 84 20.56 66.41 15.62
N THR H 85 20.73 65.63 14.56
CA THR H 85 21.83 65.81 13.62
C THR H 85 21.74 67.18 12.93
N LEU H 86 20.54 67.54 12.50
CA LEU H 86 20.28 68.84 11.89
C LEU H 86 20.52 70.00 12.87
N LEU H 87 20.09 69.82 14.12
CA LEU H 87 20.26 70.83 15.14
C LEU H 87 21.74 71.10 15.43
N SER H 88 22.56 70.06 15.33
CA SER H 88 23.98 70.18 15.63
C SER H 88 24.65 71.17 14.69
N LEU H 89 24.07 71.35 13.52
CA LEU H 89 24.62 72.25 12.52
C LEU H 89 24.31 73.71 12.79
N VAL H 90 23.44 73.98 13.76
CA VAL H 90 23.22 75.36 14.18
C VAL H 90 24.28 75.75 15.20
N ARG H 91 25.03 76.81 14.91
CA ARG H 91 26.17 77.19 15.72
C ARG H 91 25.79 78.19 16.80
N PRO H 92 26.58 78.25 17.90
CA PRO H 92 26.31 79.26 18.93
C PRO H 92 26.35 80.65 18.33
N GLY H 93 25.48 81.52 18.82
CA GLY H 93 25.27 82.80 18.20
C GLY H 93 24.00 82.76 17.36
N GLN H 94 23.88 81.73 16.52
CA GLN H 94 22.80 81.64 15.54
C GLN H 94 21.43 81.29 16.12
N CYS H 95 20.41 81.38 15.27
CA CYS H 95 19.00 81.34 15.70
C CYS H 95 18.13 80.38 14.88
N VAL H 96 17.25 79.65 15.58
CA VAL H 96 16.26 78.77 14.96
C VAL H 96 14.85 79.29 15.21
N VAL H 97 14.22 79.81 14.16
CA VAL H 97 12.85 80.30 14.24
C VAL H 97 11.86 79.18 14.02
N SER H 98 11.06 78.90 15.04
CA SER H 98 10.15 77.78 14.95
C SER H 98 8.85 78.00 15.70
N THR H 99 8.20 76.91 16.03
CA THR H 99 6.82 76.96 16.50
C THR H 99 6.56 75.96 17.64
N ASP H 100 7.04 76.27 18.82
CA ASP H 100 6.69 75.64 20.08
C ASP H 100 5.67 74.49 20.07
N ASP H 101 4.53 74.74 19.42
CA ASP H 101 3.58 73.69 19.04
C ASP H 101 4.24 72.63 18.16
N VAL H 102 5.56 72.72 18.02
CA VAL H 102 6.31 71.62 17.43
C VAL H 102 6.35 70.48 18.41
N TYR H 103 6.62 69.28 17.90
CA TYR H 103 6.78 68.08 18.70
C TYR H 103 7.68 68.28 19.93
N ALA H 104 7.26 67.68 21.05
CA ALA H 104 7.99 67.76 22.32
C ALA H 104 9.44 67.34 22.15
N GLY H 105 9.65 66.25 21.40
CA GLY H 105 10.99 65.77 21.10
C GLY H 105 11.85 66.86 20.46
N THR H 106 11.31 67.53 19.44
CA THR H 106 12.00 68.65 18.81
C THR H 106 12.40 69.76 19.81
N ASP H 107 11.48 70.12 20.70
CA ASP H 107 11.76 71.18 21.69
C ASP H 107 12.91 70.90 22.64
N GLY H 108 13.08 69.63 23.02
CA GLY H 108 14.21 69.23 23.83
C GLY H 108 15.47 69.45 23.02
N LEU H 109 15.42 69.08 21.76
CA LEU H 109 16.53 69.36 20.86
C LEU H 109 16.70 70.85 20.67
N PHE H 110 15.62 71.61 20.84
CA PHE H 110 15.73 73.06 20.97
C PHE H 110 16.18 73.39 22.41
N ASP H 111 15.60 72.70 23.38
CA ASP H 111 16.00 72.89 24.79
C ASP H 111 17.44 72.45 25.05
N LEU H 112 17.98 71.62 24.16
CA LEU H 112 19.38 71.24 24.21
C LEU H 112 20.24 72.22 23.42
N ALA H 113 19.78 72.58 22.23
CA ALA H 113 20.50 73.53 21.39
C ALA H 113 20.48 74.94 21.98
N ALA H 114 19.55 75.21 22.90
CA ALA H 114 19.48 76.52 23.56
C ALA H 114 20.46 76.56 24.72
N ARG H 115 20.55 75.45 25.45
CA ARG H 115 21.45 75.42 26.61
C ARG H 115 22.92 75.39 26.19
N GLN H 116 23.15 75.30 24.87
CA GLN H 116 24.50 75.42 24.32
C GLN H 116 24.70 76.84 23.80
N GLY H 117 23.60 77.58 23.69
CA GLY H 117 23.69 78.98 23.28
C GLY H 117 23.21 79.32 21.89
N VAL H 118 22.33 78.49 21.32
CA VAL H 118 21.63 78.86 20.10
C VAL H 118 20.33 79.58 20.50
N ARG H 119 20.00 80.67 19.81
CA ARG H 119 18.75 81.35 20.10
C ARG H 119 17.56 80.58 19.49
N VAL H 120 16.58 80.22 20.32
CA VAL H 120 15.40 79.53 19.82
C VAL H 120 14.15 80.41 19.91
N ARG H 121 13.77 81.02 18.78
CA ARG H 121 12.58 81.88 18.76
C ARG H 121 11.35 81.15 18.28
N TYR H 122 10.26 81.34 19.00
CA TYR H 122 8.99 80.69 18.70
C TYR H 122 7.96 81.67 18.13
N ALA H 123 7.36 81.32 17.00
CA ALA H 123 6.41 82.19 16.33
C ALA H 123 5.19 81.43 15.83
N ASP H 124 4.23 82.16 15.26
CA ASP H 124 3.06 81.55 14.61
C ASP H 124 3.26 81.71 13.12
N LEU H 125 3.60 80.63 12.42
CA LEU H 125 4.01 80.75 11.02
C LEU H 125 2.87 80.69 10.00
N THR H 126 1.68 81.13 10.41
CA THR H 126 0.48 81.03 9.58
C THR H 126 -0.06 82.42 9.29
N THR H 127 0.79 83.41 9.43
CA THR H 127 0.35 84.79 9.25
C THR H 127 1.44 85.61 8.59
N PRO H 128 1.05 86.50 7.66
CA PRO H 128 2.04 87.30 6.94
C PRO H 128 2.85 88.14 7.91
N GLU H 129 2.16 88.69 8.91
CA GLU H 129 2.84 89.43 9.98
C GLU H 129 3.62 88.49 10.92
N GLY H 130 3.09 87.30 11.16
CA GLY H 130 3.82 86.33 11.97
C GLY H 130 5.18 86.01 11.38
N ILE H 131 5.17 85.50 10.15
CA ILE H 131 6.39 85.10 9.45
C ILE H 131 7.37 86.24 9.31
N ALA H 132 6.84 87.40 8.91
CA ALA H 132 7.67 88.55 8.54
C ALA H 132 8.61 89.00 9.64
N ALA H 133 8.12 89.00 10.87
CA ALA H 133 8.90 89.54 11.98
C ALA H 133 9.86 88.48 12.52
N ALA H 134 9.37 87.25 12.61
CA ALA H 134 10.19 86.13 13.06
C ALA H 134 11.42 85.93 12.18
N LEU H 135 11.25 86.15 10.89
CA LEU H 135 12.33 85.97 9.95
C LEU H 135 13.19 87.21 9.84
N ALA H 136 12.83 88.25 10.59
CA ALA H 136 13.68 89.42 10.68
C ALA H 136 14.70 89.27 11.80
N GLU H 137 14.59 88.20 12.60
CA GLU H 137 15.52 88.04 13.71
C GLU H 137 16.96 87.89 13.23
N PRO H 138 17.90 88.58 13.89
CA PRO H 138 19.29 88.46 13.40
C PRO H 138 19.90 87.09 13.67
N ASP H 139 20.97 86.79 12.95
CA ASP H 139 21.70 85.53 13.08
C ASP H 139 20.82 84.34 12.68
N LEU H 140 20.04 84.52 11.62
CA LEU H 140 19.06 83.52 11.16
C LEU H 140 19.69 82.42 10.31
N ALA H 141 19.47 81.17 10.69
CA ALA H 141 20.09 80.04 9.99
C ALA H 141 19.15 78.85 9.78
N LEU H 142 18.06 78.81 10.53
CA LEU H 142 17.16 77.66 10.45
C LEU H 142 15.73 78.02 10.78
N VAL H 143 14.82 77.71 9.85
CA VAL H 143 13.39 77.76 10.11
C VAL H 143 12.85 76.34 10.13
N TRP H 144 12.20 75.98 11.24
CA TRP H 144 11.73 74.62 11.45
C TRP H 144 10.22 74.56 11.32
N ILE H 145 9.76 74.00 10.20
CA ILE H 145 8.34 73.87 9.94
C ILE H 145 7.87 72.45 10.26
N GLU H 146 6.89 72.30 11.14
CA GLU H 146 6.24 71.00 11.30
C GLU H 146 4.78 71.15 10.88
N THR H 147 4.41 70.52 9.78
CA THR H 147 3.10 70.75 9.19
C THR H 147 2.59 69.53 8.46
N PRO H 148 1.29 69.21 8.61
CA PRO H 148 0.37 69.88 9.55
C PRO H 148 0.75 69.62 10.98
N THR H 149 0.31 70.48 11.89
CA THR H 149 0.63 70.34 13.30
C THR H 149 -0.18 69.21 13.94
N ASN H 150 0.16 68.89 15.19
CA ASN H 150 -0.38 67.74 15.91
C ASN H 150 -0.37 68.11 17.38
N PRO H 151 -1.55 68.04 18.06
CA PRO H 151 -2.83 67.47 17.62
C PRO H 151 -3.89 68.48 17.20
N LEU H 152 -3.54 69.67 16.72
CA LEU H 152 -4.58 70.61 16.30
C LEU H 152 -4.68 70.75 14.78
N LEU H 153 -3.64 70.29 14.08
CA LEU H 153 -3.69 70.14 12.63
C LEU H 153 -3.81 71.47 11.87
N THR H 154 -3.18 72.52 12.38
CA THR H 154 -3.00 73.74 11.60
C THR H 154 -1.93 73.45 10.53
N VAL H 155 -1.94 74.22 9.46
CA VAL H 155 -0.98 74.01 8.39
C VAL H 155 -0.17 75.27 8.09
N VAL H 156 1.15 75.12 7.96
CA VAL H 156 2.03 76.22 7.59
C VAL H 156 2.35 76.17 6.09
N ASP H 157 2.34 77.32 5.43
CA ASP H 157 2.59 77.42 3.99
C ASP H 157 4.08 77.27 3.72
N VAL H 158 4.52 76.06 3.37
CA VAL H 158 5.94 75.79 3.14
C VAL H 158 6.57 76.68 2.05
N ALA H 159 5.89 76.84 0.92
CA ALA H 159 6.47 77.62 -0.17
C ALA H 159 6.62 79.09 0.22
N GLU H 160 5.61 79.61 0.92
CA GLU H 160 5.65 81.00 1.33
C GLU H 160 6.74 81.27 2.37
N VAL H 161 6.79 80.45 3.42
CA VAL H 161 7.82 80.59 4.43
C VAL H 161 9.21 80.42 3.82
N SER H 162 9.38 79.41 2.98
CA SER H 162 10.68 79.12 2.36
C SER H 162 11.12 80.26 1.43
N ARG H 163 10.16 80.88 0.76
CA ARG H 163 10.46 81.99 -0.11
C ARG H 163 11.02 83.13 0.77
N ARG H 164 10.40 83.36 1.91
CA ARG H 164 10.83 84.45 2.81
C ARG H 164 12.11 84.11 3.56
N ALA H 165 12.25 82.85 3.97
CA ALA H 165 13.44 82.48 4.72
C ALA H 165 14.70 82.51 3.87
N HIS H 166 14.54 82.23 2.58
CA HIS H 166 15.67 82.18 1.64
C HIS H 166 16.20 83.55 1.24
N GLU H 167 15.34 84.56 1.28
CA GLU H 167 15.80 85.93 1.05
C GLU H 167 16.85 86.27 2.11
N ARG H 168 16.67 85.67 3.27
CA ARG H 168 17.53 85.89 4.42
C ARG H 168 18.73 84.93 4.42
N GLY H 169 18.64 83.86 3.63
CA GLY H 169 19.71 82.89 3.56
C GLY H 169 19.64 81.79 4.62
N ALA H 170 18.45 81.58 5.19
CA ALA H 170 18.29 80.53 6.20
C ALA H 170 17.92 79.22 5.54
N ARG H 171 18.33 78.11 6.17
CA ARG H 171 17.92 76.79 5.74
C ARG H 171 16.51 76.50 6.25
N VAL H 172 15.72 75.78 5.45
CA VAL H 172 14.36 75.45 5.85
C VAL H 172 14.14 73.93 5.87
N VAL H 173 13.71 73.43 7.03
CA VAL H 173 13.37 72.02 7.16
C VAL H 173 11.87 71.85 7.44
N VAL H 174 11.29 70.83 6.84
CA VAL H 174 9.91 70.47 7.16
C VAL H 174 9.93 69.08 7.77
N ASP H 175 9.43 68.96 9.00
CA ASP H 175 9.22 67.66 9.59
C ASP H 175 7.97 67.15 8.91
N ASN H 176 8.15 66.23 7.98
CA ASN H 176 7.10 65.76 7.10
C ASN H 176 6.53 64.40 7.52
N THR H 177 6.70 64.07 8.79
CA THR H 177 6.20 62.81 9.36
C THR H 177 4.69 62.64 9.25
N PHE H 178 3.96 63.65 9.70
CA PHE H 178 2.50 63.68 9.65
C PHE H 178 1.95 63.18 8.29
N ALA H 179 2.43 63.78 7.21
CA ALA H 179 1.85 63.55 5.90
C ALA H 179 2.45 62.39 5.12
N SER H 180 3.75 62.16 5.30
CA SER H 180 4.57 61.27 4.47
C SER H 180 4.86 61.87 3.10
N PRO H 181 5.93 61.40 2.43
CA PRO H 181 6.20 61.87 1.07
C PRO H 181 5.08 61.57 0.06
N VAL H 182 4.24 60.58 0.34
CA VAL H 182 3.08 60.28 -0.52
C VAL H 182 2.11 61.47 -0.65
N LEU H 183 2.02 62.29 0.40
CA LEU H 183 1.02 63.37 0.43
C LEU H 183 1.60 64.78 0.35
N GLN H 184 2.90 64.91 0.62
CA GLN H 184 3.50 66.23 0.73
C GLN H 184 4.98 66.14 0.37
N GLN H 185 5.43 67.05 -0.51
CA GLN H 185 6.79 67.04 -1.04
C GLN H 185 7.54 68.35 -0.68
N PRO H 186 8.11 68.41 0.53
CA PRO H 186 8.77 69.62 1.05
C PRO H 186 9.81 70.25 0.11
N LEU H 187 10.65 69.44 -0.52
CA LEU H 187 11.71 69.98 -1.38
C LEU H 187 11.13 70.65 -2.63
N ALA H 188 10.11 70.02 -3.20
CA ALA H 188 9.40 70.59 -4.35
C ALA H 188 8.69 71.88 -3.96
N LEU H 189 8.32 71.99 -2.69
CA LEU H 189 7.69 73.18 -2.16
C LEU H 189 8.73 74.22 -1.75
N GLY H 190 10.00 73.92 -1.96
CA GLY H 190 11.05 74.91 -1.73
C GLY H 190 11.86 74.79 -0.45
N ALA H 191 11.52 73.82 0.41
CA ALA H 191 12.32 73.57 1.60
C ALA H 191 13.69 72.99 1.22
N ASP H 192 14.65 73.03 2.15
CA ASP H 192 15.98 72.48 1.89
C ASP H 192 16.14 71.03 2.35
N VAL H 193 15.37 70.66 3.38
CA VAL H 193 15.46 69.34 3.99
C VAL H 193 14.06 68.87 4.34
N SER H 194 13.80 67.58 4.13
CA SER H 194 12.61 66.95 4.69
C SER H 194 13.05 66.02 5.80
N LEU H 195 12.44 66.16 6.97
CA LEU H 195 12.81 65.40 8.16
C LEU H 195 11.71 64.36 8.43
N TYR H 196 12.12 63.12 8.68
CA TYR H 196 11.16 62.04 8.89
C TYR H 196 11.46 61.15 10.10
N SER H 197 10.43 60.86 10.88
CA SER H 197 10.47 59.68 11.75
C SER H 197 9.90 58.50 10.98
N THR H 198 10.77 57.69 10.39
CA THR H 198 10.32 56.52 9.65
C THR H 198 9.62 55.50 10.55
N THR H 199 9.73 55.69 11.87
CA THR H 199 8.98 54.92 12.88
C THR H 199 7.50 54.87 12.60
N1 LLP H 200 8.47 64.27 14.77
C2 LLP H 200 7.24 63.80 14.56
C2' LLP H 200 6.19 64.70 13.83
C3 LLP H 200 6.91 62.50 15.01
O3 LLP H 200 5.62 62.04 14.78
C4 LLP H 200 7.86 61.71 15.65
C4' LLP H 200 7.48 60.23 16.16
C5 LLP H 200 9.12 62.23 15.87
C6 LLP H 200 9.43 63.51 15.41
C5' LLP H 200 10.27 61.45 16.60
OP4 LLP H 200 10.73 60.37 15.85
P LLP H 200 11.28 59.09 16.55
OP1 LLP H 200 11.39 58.03 15.46
OP2 LLP H 200 12.61 59.36 17.13
OP3 LLP H 200 10.37 58.68 17.65
N LLP H 200 6.97 55.97 12.06
CA LLP H 200 5.52 56.11 11.84
CB LLP H 200 5.21 57.60 11.91
CG LLP H 200 5.90 58.24 13.12
CD LLP H 200 5.42 57.65 14.47
CE LLP H 200 6.23 58.24 15.68
NZ LLP H 200 6.18 59.73 15.76
C LLP H 200 5.13 55.47 10.55
O LLP H 200 5.39 54.28 10.35
N SER H 201 4.52 56.22 9.62
CA SER H 201 4.00 55.61 8.39
C SER H 201 5.00 54.97 7.43
N ILE H 202 6.22 55.51 7.30
CA ILE H 202 7.19 54.97 6.35
C ILE H 202 7.46 53.48 6.60
N ALA H 203 7.88 53.14 7.82
CA ALA H 203 7.99 51.73 8.18
C ALA H 203 6.58 51.14 8.27
N GLY H 204 5.69 51.81 9.01
CA GLY H 204 4.26 51.55 8.93
C GLY H 204 3.68 50.41 9.76
N HIS H 205 4.53 49.56 10.34
CA HIS H 205 4.03 48.34 10.98
C HIS H 205 4.31 48.28 12.47
N ALA H 206 4.72 49.42 13.01
CA ALA H 206 5.02 49.57 14.44
C ALA H 206 6.01 48.55 14.97
N ASP H 207 7.01 48.19 14.17
CA ASP H 207 7.92 47.11 14.57
C ASP H 207 9.41 47.46 14.40
N VAL H 208 9.71 48.75 14.43
CA VAL H 208 11.06 49.24 14.21
C VAL H 208 11.07 50.76 14.52
N LEU H 209 12.25 51.31 14.75
CA LEU H 209 12.42 52.77 14.86
C LEU H 209 13.40 53.20 13.80
N GLY H 210 13.29 54.44 13.38
CA GLY H 210 14.24 55.00 12.42
C GLY H 210 13.95 56.46 12.15
N GLY H 211 14.95 57.15 11.61
CA GLY H 211 14.79 58.51 11.15
C GLY H 211 15.38 58.68 9.76
N ALA H 212 15.09 59.81 9.13
CA ALA H 212 15.61 60.12 7.81
C ALA H 212 15.70 61.63 7.59
N LEU H 213 16.72 62.04 6.85
CA LEU H 213 16.82 63.39 6.30
C LEU H 213 16.99 63.21 4.80
N VAL H 214 16.16 63.89 4.03
CA VAL H 214 16.26 63.88 2.58
C VAL H 214 16.51 65.32 2.14
N TYR H 215 17.49 65.51 1.25
CA TYR H 215 17.99 66.86 1.00
C TYR H 215 18.82 66.97 -0.29
N ARG H 216 19.07 68.21 -0.68
CA ARG H 216 19.64 68.50 -1.98
C ARG H 216 21.10 68.95 -1.90
N ASP H 217 21.48 69.62 -0.82
CA ASP H 217 22.79 70.29 -0.73
C ASP H 217 23.96 69.35 -0.41
N ALA H 218 24.99 69.43 -1.24
CA ALA H 218 26.14 68.55 -1.13
C ALA H 218 26.98 68.81 0.11
N ASP H 219 27.09 70.06 0.52
CA ASP H 219 27.87 70.35 1.71
C ASP H 219 27.09 69.98 2.97
N LEU H 220 25.77 70.08 2.90
CA LEU H 220 24.93 69.57 3.97
C LEU H 220 25.14 68.06 4.10
N HIS H 221 25.18 67.38 2.96
CA HIS H 221 25.40 65.94 2.91
C HIS H 221 26.68 65.55 3.65
N ALA H 222 27.78 66.25 3.38
CA ALA H 222 29.04 65.97 4.05
C ALA H 222 28.95 66.17 5.58
N ALA H 223 28.33 67.28 6.01
CA ALA H 223 28.22 67.55 7.44
C ALA H 223 27.34 66.51 8.18
N VAL H 224 26.19 66.20 7.59
CA VAL H 224 25.27 65.23 8.19
C VAL H 224 25.95 63.88 8.31
N ARG H 225 26.63 63.45 7.25
CA ARG H 225 27.34 62.19 7.28
C ARG H 225 28.48 62.21 8.32
N ALA H 226 29.20 63.32 8.37
CA ALA H 226 30.28 63.46 9.37
C ALA H 226 29.70 63.35 10.79
N TYR H 227 28.56 63.99 11.03
CA TYR H 227 27.93 63.93 12.34
C TYR H 227 27.47 62.50 12.67
N ARG H 228 26.86 61.83 11.69
CA ARG H 228 26.41 60.47 11.94
C ARG H 228 27.58 59.52 12.27
N THR H 229 28.70 59.67 11.56
CA THR H 229 29.90 58.87 11.84
C THR H 229 30.29 59.01 13.30
N THR H 230 30.47 60.26 13.70
CA THR H 230 31.09 60.56 14.97
C THR H 230 30.13 60.38 16.14
N ALA H 231 28.90 60.88 16.00
CA ALA H 231 27.92 60.72 17.06
C ALA H 231 27.43 59.26 17.15
N GLY H 232 27.57 58.50 16.07
CA GLY H 232 27.18 57.10 16.05
C GLY H 232 25.69 56.79 16.13
N ASN H 233 24.84 57.72 15.71
CA ASN H 233 23.40 57.54 15.82
C ASN H 233 22.81 56.80 14.61
N VAL H 234 23.49 55.71 14.26
CA VAL H 234 23.28 54.91 13.05
C VAL H 234 22.23 53.81 13.31
N PRO H 235 21.47 53.40 12.28
CA PRO H 235 20.58 52.26 12.49
C PRO H 235 21.24 50.96 12.01
N GLY H 236 20.91 49.85 12.65
CA GLY H 236 21.43 48.57 12.22
C GLY H 236 20.72 48.07 10.97
N ALA H 237 21.37 47.18 10.23
CA ALA H 237 20.83 46.70 8.97
C ALA H 237 19.45 46.01 9.08
N LEU H 238 19.20 45.28 10.16
CA LEU H 238 17.89 44.66 10.34
C LEU H 238 16.76 45.70 10.45
N ASP H 239 16.97 46.76 11.23
CA ASP H 239 16.03 47.88 11.26
C ASP H 239 15.74 48.37 9.85
N CYS H 240 16.82 48.66 9.11
CA CYS H 240 16.72 49.22 7.78
C CYS H 240 15.98 48.30 6.82
N PHE H 241 16.20 46.99 6.93
CA PHE H 241 15.40 46.02 6.18
C PHE H 241 13.90 46.12 6.51
N LEU H 242 13.56 46.23 7.79
CA LEU H 242 12.15 46.38 8.17
C LEU H 242 11.54 47.69 7.64
N VAL H 243 12.29 48.79 7.72
CA VAL H 243 11.81 50.05 7.17
C VAL H 243 11.61 49.93 5.67
N ARG H 244 12.62 49.40 4.98
CA ARG H 244 12.53 49.20 3.53
C ARG H 244 11.38 48.26 3.18
N ARG H 245 11.13 47.27 4.04
CA ARG H 245 10.05 46.32 3.78
C ARG H 245 8.70 47.01 3.90
N GLY H 246 8.52 47.82 4.94
CA GLY H 246 7.30 48.59 5.12
C GLY H 246 7.05 49.57 3.98
N LEU H 247 8.13 50.23 3.53
CA LEU H 247 8.09 51.21 2.45
C LEU H 247 7.28 50.76 1.24
N HIS H 248 7.46 49.51 0.82
CA HIS H 248 6.81 48.97 -0.39
C HIS H 248 5.35 49.35 -0.49
N THR H 249 4.64 49.19 0.62
CA THR H 249 3.21 49.43 0.63
C THR H 249 2.83 50.79 1.25
N LEU H 250 3.71 51.78 1.19
CA LEU H 250 3.41 53.09 1.79
C LEU H 250 2.23 53.80 1.11
N SER H 251 2.19 53.83 -0.21
CA SER H 251 1.09 54.52 -0.89
C SER H 251 -0.26 53.82 -0.69
N LEU H 252 -0.29 52.50 -0.83
CA LEU H 252 -1.51 51.73 -0.56
C LEU H 252 -2.02 51.99 0.87
N ARG H 253 -1.11 51.98 1.85
CA ARG H 253 -1.50 52.17 3.25
C ARG H 253 -2.04 53.58 3.51
N VAL H 254 -1.26 54.61 3.18
CA VAL H 254 -1.67 56.00 3.39
C VAL H 254 -3.04 56.31 2.78
N HIS H 255 -3.25 55.96 1.52
CA HIS H 255 -4.52 56.30 0.89
C HIS H 255 -5.73 55.56 1.50
N ARG H 256 -5.54 54.30 1.90
CA ARG H 256 -6.55 53.59 2.68
C ARG H 256 -6.77 54.32 4.01
N GLN H 257 -5.67 54.76 4.63
CA GLN H 257 -5.76 55.49 5.90
C GLN H 257 -6.52 56.79 5.70
N VAL H 258 -6.22 57.52 4.63
CA VAL H 258 -6.88 58.79 4.34
C VAL H 258 -8.36 58.61 4.04
N ALA H 259 -8.68 57.60 3.22
CA ALA H 259 -10.06 57.30 2.86
C ALA H 259 -10.87 57.02 4.12
N THR H 260 -10.29 56.25 5.02
CA THR H 260 -10.99 55.90 6.24
C THR H 260 -11.13 57.09 7.20
N ALA H 261 -10.07 57.88 7.36
CA ALA H 261 -10.14 59.09 8.19
C ALA H 261 -11.27 60.00 7.71
N ARG H 262 -11.46 60.06 6.40
CA ARG H 262 -12.49 60.91 5.82
C ARG H 262 -13.91 60.47 6.23
N VAL H 263 -14.15 59.15 6.32
CA VAL H 263 -15.43 58.66 6.79
C VAL H 263 -15.61 58.86 8.31
N LEU H 264 -14.52 58.71 9.06
CA LEU H 264 -14.60 58.92 10.51
C LEU H 264 -14.94 60.37 10.85
N VAL H 265 -14.36 61.32 10.12
CA VAL H 265 -14.69 62.73 10.30
C VAL H 265 -16.20 62.99 10.09
N GLU H 266 -16.78 62.29 9.11
CA GLU H 266 -18.21 62.44 8.89
C GLU H 266 -19.03 61.89 10.08
N ARG H 267 -18.68 60.71 10.62
CA ARG H 267 -19.41 60.19 11.80
C ARG H 267 -19.26 61.17 12.97
N LEU H 268 -18.06 61.75 13.10
CA LEU H 268 -17.78 62.66 14.20
C LEU H 268 -18.66 63.91 14.14
N ARG H 269 -18.76 64.49 12.95
CA ARG H 269 -19.60 65.66 12.74
C ARG H 269 -21.08 65.37 12.93
N ALA H 270 -21.43 64.09 12.99
CA ALA H 270 -22.82 63.70 13.21
C ALA H 270 -23.05 63.12 14.62
N SER H 271 -22.08 63.29 15.52
CA SER H 271 -22.20 62.77 16.87
C SER H 271 -22.75 63.81 17.84
N PRO H 272 -23.68 63.40 18.71
CA PRO H 272 -24.29 64.32 19.68
C PRO H 272 -23.36 64.61 20.86
N VAL H 273 -22.20 63.96 20.91
CA VAL H 273 -21.27 64.19 22.01
C VAL H 273 -19.88 64.60 21.52
N VAL H 274 -19.84 65.22 20.34
CA VAL H 274 -18.61 65.78 19.78
C VAL H 274 -18.74 67.28 19.50
N GLY H 275 -17.74 68.04 19.92
CA GLY H 275 -17.72 69.48 19.68
C GLY H 275 -16.90 69.79 18.43
N ALA H 276 -15.84 70.57 18.58
CA ALA H 276 -14.93 70.84 17.46
C ALA H 276 -14.38 69.54 16.85
N VAL H 277 -14.30 69.49 15.52
CA VAL H 277 -13.61 68.42 14.81
C VAL H 277 -12.48 69.03 13.99
N HIS H 278 -11.27 68.50 14.12
CA HIS H 278 -10.15 69.02 13.36
C HIS H 278 -9.71 67.99 12.33
N TYR H 279 -9.54 68.46 11.10
CA TYR H 279 -9.01 67.64 10.02
C TYR H 279 -8.62 68.60 8.90
N PRO H 280 -7.41 68.44 8.36
CA PRO H 280 -6.94 69.37 7.32
C PRO H 280 -7.84 69.44 6.10
N GLY H 281 -8.57 68.37 5.81
CA GLY H 281 -9.37 68.33 4.60
C GLY H 281 -10.78 68.86 4.70
N LEU H 282 -11.13 69.45 5.84
CA LEU H 282 -12.46 70.06 5.99
C LEU H 282 -12.49 71.41 5.28
N PRO H 283 -13.58 71.70 4.56
CA PRO H 283 -13.73 72.95 3.82
C PRO H 283 -13.51 74.22 4.67
N GLU H 284 -14.02 74.25 5.90
CA GLU H 284 -13.90 75.46 6.71
C GLU H 284 -12.63 75.46 7.55
N HIS H 285 -11.63 74.69 7.13
CA HIS H 285 -10.32 74.76 7.77
C HIS H 285 -9.86 76.20 7.63
N PRO H 286 -9.27 76.77 8.69
CA PRO H 286 -8.88 78.18 8.56
C PRO H 286 -7.77 78.33 7.53
N GLN H 287 -6.99 77.28 7.31
CA GLN H 287 -5.94 77.31 6.28
C GLN H 287 -6.26 76.40 5.09
N HIS H 288 -7.50 76.42 4.61
CA HIS H 288 -7.92 75.42 3.61
C HIS H 288 -7.21 75.56 2.26
N ALA H 289 -6.99 76.80 1.83
CA ALA H 289 -6.34 77.06 0.55
C ALA H 289 -4.90 76.52 0.55
N VAL H 290 -4.27 76.56 1.71
CA VAL H 290 -2.90 76.10 1.83
C VAL H 290 -2.85 74.56 1.78
N VAL H 291 -3.82 73.91 2.42
CA VAL H 291 -3.90 72.46 2.43
C VAL H 291 -3.99 71.95 1.01
N LYS H 292 -4.96 72.50 0.27
CA LYS H 292 -5.17 72.13 -1.13
C LYS H 292 -3.92 72.39 -1.98
N ALA H 293 -3.21 73.48 -1.69
CA ALA H 293 -2.01 73.85 -2.42
C ALA H 293 -0.87 72.82 -2.26
N GLN H 294 -0.56 72.43 -1.03
CA GLN H 294 0.69 71.73 -0.78
C GLN H 294 0.57 70.27 -0.36
N MSE H 295 -0.66 69.78 -0.20
CA MSE H 295 -0.92 68.40 0.18
C MSE H 295 -1.83 67.72 -0.84
O MSE H 295 -2.91 68.23 -1.14
CB MSE H 295 -1.63 68.32 1.56
CG MSE H 295 -0.91 68.93 2.76
SE MSE H 295 -1.90 68.67 4.46
CE MSE H 295 -1.55 66.78 4.88
N SER H 296 -1.41 66.59 -1.39
CA SER H 296 -2.23 65.85 -2.34
C SER H 296 -3.42 65.17 -1.65
N ALA H 297 -3.41 65.11 -0.32
CA ALA H 297 -4.51 64.55 0.48
C ALA H 297 -4.34 64.96 1.95
N PRO H 298 -5.42 64.89 2.73
CA PRO H 298 -5.41 65.46 4.09
C PRO H 298 -4.90 64.55 5.22
N GLY H 299 -4.46 63.33 4.90
CA GLY H 299 -3.85 62.49 5.90
C GLY H 299 -4.83 61.68 6.75
N ALA H 300 -4.34 61.19 7.87
CA ALA H 300 -5.09 60.22 8.63
C ALA H 300 -5.04 60.49 10.14
N ILE H 301 -4.75 61.74 10.48
CA ILE H 301 -4.84 62.15 11.86
C ILE H 301 -6.10 63.00 11.97
N VAL H 302 -6.92 62.68 12.97
CA VAL H 302 -8.15 63.43 13.18
C VAL H 302 -8.18 63.80 14.66
N SER H 303 -8.66 65.01 14.95
CA SER H 303 -8.87 65.45 16.33
C SER H 303 -10.27 65.96 16.59
N PHE H 304 -10.72 65.85 17.83
CA PHE H 304 -12.05 66.29 18.21
C PHE H 304 -12.21 66.47 19.71
N ASP H 305 -13.06 67.42 20.10
CA ASP H 305 -13.37 67.64 21.49
C ASP H 305 -14.58 66.79 21.88
N TYR H 306 -14.36 65.90 22.85
CA TYR H 306 -15.40 64.99 23.30
C TYR H 306 -16.25 65.66 24.38
N LEU H 307 -17.57 65.54 24.28
CA LEU H 307 -18.49 66.22 25.18
C LEU H 307 -19.24 65.28 26.12
N GLY H 308 -19.11 63.97 25.92
CA GLY H 308 -19.80 62.99 26.74
C GLY H 308 -19.46 63.17 28.21
N GLY H 309 -18.29 62.69 28.60
CA GLY H 309 -17.80 62.87 29.95
C GLY H 309 -16.29 62.77 29.99
N PRO H 310 -15.74 62.23 31.09
CA PRO H 310 -14.29 62.12 31.27
C PRO H 310 -13.62 61.40 30.10
N ALA H 311 -12.56 62.00 29.58
CA ALA H 311 -11.81 61.41 28.48
C ALA H 311 -11.34 59.98 28.79
N GLU H 312 -10.89 59.73 30.01
CA GLU H 312 -10.35 58.41 30.31
C GLU H 312 -11.43 57.33 30.32
N ARG H 313 -12.68 57.72 30.53
CA ARG H 313 -13.79 56.77 30.34
C ARG H 313 -14.03 56.48 28.85
N LEU H 314 -13.93 57.51 28.01
CA LEU H 314 -13.98 57.31 26.56
C LEU H 314 -12.87 56.35 26.13
N LEU H 315 -11.64 56.64 26.53
CA LEU H 315 -10.50 55.77 26.18
C LEU H 315 -10.77 54.30 26.54
N ASP H 316 -11.33 54.07 27.73
CA ASP H 316 -11.63 52.71 28.18
C ASP H 316 -12.60 51.95 27.27
N ARG H 317 -13.48 52.68 26.58
CA ARG H 317 -14.57 52.04 25.83
C ARG H 317 -14.24 51.58 24.41
N PHE H 318 -13.07 51.93 23.88
CA PHE H 318 -12.68 51.40 22.57
C PHE H 318 -12.33 49.91 22.66
N THR H 319 -12.69 49.13 21.65
CA THR H 319 -12.29 47.73 21.60
C THR H 319 -11.51 47.35 20.33
N LEU H 320 -11.40 48.29 19.39
CA LEU H 320 -10.61 48.09 18.18
C LEU H 320 -9.45 49.09 18.08
N PHE H 321 -9.75 50.38 18.15
CA PHE H 321 -8.71 51.41 18.32
C PHE H 321 -7.90 51.05 19.55
N THR H 322 -6.57 51.15 19.45
CA THR H 322 -5.67 50.82 20.54
C THR H 322 -5.25 52.10 21.25
N CYS H 323 -5.32 52.10 22.58
CA CYS H 323 -4.91 53.26 23.35
C CYS H 323 -3.39 53.29 23.56
N GLY H 324 -2.73 54.21 22.86
CA GLY H 324 -1.29 54.35 22.94
C GLY H 324 -0.85 55.55 22.11
N VAL H 325 0.44 55.85 22.14
CA VAL H 325 0.96 56.96 21.36
C VAL H 325 1.58 56.46 20.06
N SER H 326 2.31 57.36 19.40
CA SER H 326 2.84 57.14 18.04
C SER H 326 1.70 57.07 17.01
N LEU H 327 2.05 56.91 15.74
CA LEU H 327 1.04 56.95 14.70
C LEU H 327 1.39 56.27 13.37
N GLY H 328 0.54 56.52 12.38
CA GLY H 328 0.80 56.10 11.02
C GLY H 328 0.85 54.61 10.78
N GLY H 329 0.62 53.81 11.83
CA GLY H 329 0.78 52.37 11.74
C GLY H 329 -0.46 51.65 11.22
N VAL H 330 -0.30 50.37 10.87
CA VAL H 330 -1.43 49.59 10.36
C VAL H 330 -2.57 49.44 11.38
N HIS H 331 -2.24 49.45 12.67
CA HIS H 331 -3.25 49.36 13.72
C HIS H 331 -3.72 50.77 14.10
N SER H 332 -5.03 51.00 14.05
CA SER H 332 -5.57 52.33 14.39
C SER H 332 -5.37 52.66 15.86
N LEU H 333 -4.96 53.89 16.15
CA LEU H 333 -4.64 54.30 17.52
C LEU H 333 -5.47 55.50 17.97
N VAL H 334 -5.74 55.54 19.27
CA VAL H 334 -6.49 56.65 19.86
C VAL H 334 -5.76 57.09 21.12
N GLU H 335 -5.76 58.40 21.39
CA GLU H 335 -5.22 58.92 22.64
C GLU H 335 -5.82 60.28 23.03
N CYS H 336 -5.50 60.70 24.24
CA CYS H 336 -5.96 61.97 24.79
C CYS H 336 -4.76 62.82 25.23
N PRO H 337 -4.39 63.83 24.41
CA PRO H 337 -3.19 64.66 24.65
C PRO H 337 -3.09 65.20 26.08
N ALA H 338 -4.20 65.64 26.66
CA ALA H 338 -4.17 66.20 28.00
C ALA H 338 -3.87 65.12 29.05
N LEU H 339 -4.12 63.86 28.69
CA LEU H 339 -3.71 62.76 29.56
C LEU H 339 -2.43 62.09 29.08
N MSE H 340 -2.09 62.27 27.80
CA MSE H 340 -1.06 61.43 27.16
C MSE H 340 0.04 62.11 26.30
O MSE H 340 1.02 62.59 26.85
CB MSE H 340 -1.71 60.30 26.37
CG MSE H 340 -2.38 59.28 27.24
SE MSE H 340 -3.42 57.97 26.25
CE MSE H 340 -3.28 56.50 27.52
N THR H 341 -0.12 62.09 24.97
CA THR H 341 0.92 62.62 24.05
C THR H 341 1.43 63.98 24.46
N HIS H 342 0.56 64.79 25.07
CA HIS H 342 0.95 66.12 25.53
C HIS H 342 0.72 66.41 27.02
N ARG H 343 0.55 65.39 27.85
CA ARG H 343 0.50 65.62 29.30
C ARG H 343 1.71 66.41 29.81
N PRO H 344 2.92 66.16 29.23
CA PRO H 344 3.94 67.11 29.67
C PRO H 344 3.59 68.52 29.20
N LEU H 345 2.68 69.14 29.94
CA LEU H 345 2.27 70.54 29.79
C LEU H 345 1.29 70.77 30.93
N SER H 346 1.29 71.97 31.49
CA SER H 346 0.39 72.33 32.58
C SER H 346 -0.96 72.69 31.99
N ALA H 347 -1.86 73.19 32.83
CA ALA H 347 -3.16 73.63 32.36
C ALA H 347 -3.10 74.98 31.64
N GLU H 348 -2.26 75.89 32.14
CA GLU H 348 -2.23 77.26 31.63
C GLU H 348 -1.54 77.40 30.27
N ALA H 349 -0.60 76.51 30.00
CA ALA H 349 0.11 76.52 28.72
C ALA H 349 -0.36 75.39 27.82
N ARG H 350 -1.30 74.59 28.34
CA ARG H 350 -1.98 73.60 27.50
C ARG H 350 -3.11 74.33 26.80
N ALA H 351 -3.81 75.15 27.59
CA ALA H 351 -4.77 76.09 27.05
C ALA H 351 -4.07 77.01 26.06
N ARG H 352 -2.90 77.52 26.43
CA ARG H 352 -2.13 78.40 25.54
C ARG H 352 -1.59 77.71 24.30
N ARG H 353 -1.97 76.45 24.11
CA ARG H 353 -1.79 75.78 22.84
C ARG H 353 -3.18 75.32 22.40
N GLY H 354 -4.19 75.74 23.14
CA GLY H 354 -5.57 75.38 22.83
C GLY H 354 -5.90 73.92 23.09
N ILE H 355 -5.06 73.23 23.86
CA ILE H 355 -5.33 71.82 24.17
C ILE H 355 -6.33 71.70 25.33
N GLY H 356 -7.56 71.33 25.01
CA GLY H 356 -8.55 71.09 26.02
C GLY H 356 -8.34 69.71 26.62
N GLU H 357 -8.83 69.53 27.85
CA GLU H 357 -8.75 68.24 28.51
C GLU H 357 -9.46 67.15 27.71
N SER H 358 -10.44 67.54 26.90
CA SER H 358 -11.28 66.56 26.20
C SER H 358 -10.92 66.38 24.74
N LEU H 359 -9.83 67.00 24.29
CA LEU H 359 -9.38 66.77 22.94
C LEU H 359 -8.89 65.32 22.79
N ILE H 360 -9.43 64.64 21.79
CA ILE H 360 -9.09 63.26 21.51
C ILE H 360 -8.44 63.22 20.15
N ARG H 361 -7.39 62.43 20.00
CA ARG H 361 -6.72 62.30 18.71
C ARG H 361 -6.79 60.88 18.16
N LEU H 362 -7.15 60.77 16.88
CA LEU H 362 -7.19 59.49 16.18
C LEU H 362 -6.08 59.37 15.13
N SER H 363 -5.33 58.26 15.19
CA SER H 363 -4.42 57.88 14.13
C SER H 363 -5.00 56.63 13.47
N VAL H 364 -5.46 56.76 12.24
CA VAL H 364 -6.22 55.69 11.61
C VAL H 364 -5.29 54.70 10.90
N GLY H 365 -5.50 53.41 11.14
CA GLY H 365 -4.76 52.37 10.47
C GLY H 365 -5.50 51.87 9.22
N ILE H 366 -5.36 50.58 8.91
CA ILE H 366 -5.91 50.05 7.67
C ILE H 366 -7.02 49.00 7.85
N GLU H 367 -7.61 48.97 9.04
CA GLU H 367 -8.72 48.07 9.30
C GLU H 367 -9.96 48.41 8.45
N ASP H 368 -10.94 47.51 8.48
CA ASP H 368 -12.18 47.74 7.76
C ASP H 368 -12.82 49.05 8.24
N PRO H 369 -13.19 49.94 7.31
CA PRO H 369 -13.67 51.25 7.74
C PRO H 369 -14.97 51.19 8.56
N GLN H 370 -15.84 50.22 8.27
CA GLN H 370 -17.06 50.09 9.06
C GLN H 370 -16.75 49.73 10.48
N ASP H 371 -15.83 48.80 10.66
CA ASP H 371 -15.42 48.36 11.98
C ASP H 371 -14.85 49.54 12.79
N LEU H 372 -14.04 50.38 12.16
CA LEU H 372 -13.51 51.54 12.84
C LEU H 372 -14.63 52.54 13.18
N ALA H 373 -15.50 52.82 12.21
CA ALA H 373 -16.63 53.72 12.44
C ALA H 373 -17.48 53.18 13.56
N GLU H 374 -17.77 51.88 13.51
CA GLU H 374 -18.62 51.25 14.51
C GLU H 374 -17.99 51.33 15.90
N ASP H 375 -16.71 50.99 16.01
CA ASP H 375 -16.00 51.08 17.29
C ASP H 375 -16.00 52.51 17.84
N LEU H 376 -15.74 53.49 16.97
CA LEU H 376 -15.76 54.89 17.37
C LEU H 376 -17.14 55.30 17.92
N SER H 377 -18.19 54.95 17.18
CA SER H 377 -19.56 55.30 17.57
C SER H 377 -19.93 54.65 18.91
N ARG H 378 -19.50 53.41 19.09
CA ARG H 378 -19.74 52.65 20.31
C ARG H 378 -19.09 53.32 21.52
N ALA H 379 -17.85 53.82 21.35
CA ALA H 379 -17.15 54.45 22.45
C ALA H 379 -17.67 55.85 22.80
N LEU H 380 -18.12 56.58 21.78
CA LEU H 380 -18.69 57.92 22.01
C LEU H 380 -19.95 57.85 22.84
N ALA H 381 -20.66 56.72 22.75
CA ALA H 381 -21.90 56.49 23.51
C ALA H 381 -22.91 57.58 23.23
N GLY H 382 -22.86 58.12 22.02
CA GLY H 382 -23.77 59.16 21.66
C GLY H 382 -25.08 58.54 21.26
N GLY H 383 -25.29 58.45 19.95
CA GLY H 383 -26.52 57.94 19.41
C GLY H 383 -26.41 56.44 19.22
O1 MES I . -14.20 -15.16 -20.37
C2 MES I . -13.95 -14.20 -21.41
C3 MES I . -13.61 -14.88 -22.74
N4 MES I . -12.62 -15.93 -22.53
C5 MES I . -12.85 -16.89 -21.46
C6 MES I . -13.14 -16.08 -20.19
C7 MES I . -12.05 -16.51 -23.74
C8 MES I . -10.69 -15.92 -24.03
S MES I . -10.09 -16.85 -25.27
O1S MES I . -9.65 -18.12 -24.64
O2S MES I . -11.17 -17.13 -26.27
O3S MES I . -8.93 -16.19 -25.92
C1 GOL J . 7.90 -12.99 -3.10
O1 GOL J . 8.11 -13.11 -4.48
C2 GOL J . 8.27 -14.28 -2.39
O2 GOL J . 8.65 -14.01 -1.05
C3 GOL J . 9.42 -14.99 -3.09
O3 GOL J . 10.60 -14.24 -2.92
C1 GOL K . -0.31 -43.93 -3.40
O1 GOL K . -0.91 -43.83 -2.12
C2 GOL K . -0.05 -42.55 -4.02
O2 GOL K . 0.89 -41.82 -3.26
C3 GOL K . 0.48 -42.67 -5.45
O3 GOL K . -0.21 -41.82 -6.35
C1 GOL L . 14.87 -24.56 -16.43
O1 GOL L . 14.93 -23.27 -17.00
C2 GOL L . 16.11 -24.73 -15.57
O2 GOL L . 16.74 -23.47 -15.43
C3 GOL L . 15.65 -25.20 -14.20
O3 GOL L . 16.72 -25.78 -13.48
CL CL M . 14.20 -18.02 -9.41
CL CL N . -16.72 -12.86 -23.88
O1 MES O . -5.56 -27.09 7.53
C2 MES O . -5.35 -27.20 8.94
C3 MES O . -6.59 -27.06 9.84
N4 MES O . -7.81 -27.64 9.26
C5 MES O . -7.78 -28.11 7.89
C6 MES O . -6.90 -27.19 7.05
C7 MES O . -8.70 -28.33 10.19
C8 MES O . -10.14 -27.87 9.97
S MES O . -11.28 -28.78 10.80
O1S MES O . -12.36 -29.11 9.84
O2S MES O . -10.66 -30.01 11.40
O3S MES O . -11.83 -27.98 11.93
C1 GOL P . -33.76 -14.43 4.42
O1 GOL P . -33.74 -13.79 5.68
C2 GOL P . -33.32 -13.44 3.35
O2 GOL P . -33.00 -12.23 4.00
C3 GOL P . -34.45 -13.17 2.38
O3 GOL P . -34.15 -12.03 1.62
C1 GOL Q . -13.72 -10.78 -17.37
O1 GOL Q . -13.94 -9.99 -16.24
C2 GOL Q . -12.44 -11.58 -17.18
O2 GOL Q . -12.67 -12.98 -17.43
C3 GOL Q . -11.96 -11.36 -15.76
O3 GOL Q . -11.65 -10.00 -15.55
C1 GOL R . -31.35 -29.52 -17.04
O1 GOL R . -30.81 -28.98 -18.22
C2 GOL R . -30.21 -29.75 -16.04
O2 GOL R . -30.35 -28.83 -14.98
C3 GOL R . -28.91 -29.41 -16.75
O3 GOL R . -27.79 -29.73 -15.95
C1 GOL S . -19.72 -26.36 27.99
O1 GOL S . -20.09 -27.63 27.50
C2 GOL S . -18.32 -26.45 28.57
O2 GOL S . -17.76 -25.16 28.65
C3 GOL S . -18.42 -27.04 29.98
O3 GOL S . -19.77 -27.34 30.27
C1 GOL T . -24.18 -3.72 5.40
O1 GOL T . -23.84 -3.75 4.03
C2 GOL T . -25.28 -4.74 5.64
O2 GOL T . -25.41 -5.51 4.47
C3 GOL T . -26.57 -3.99 5.91
O3 GOL T . -26.28 -2.88 6.75
C1 GOL U . -3.83 -21.62 6.39
O1 GOL U . -3.76 -20.20 6.32
C2 GOL U . -4.11 -22.07 7.82
O2 GOL U . -4.34 -20.95 8.63
C3 GOL U . -5.35 -22.96 7.81
O3 GOL U . -5.21 -24.08 6.95
CL CL V . -33.84 -21.94 15.94
O1 MES W . -36.35 -52.17 -17.37
C2 MES W . -37.72 -51.82 -17.53
C3 MES W . -38.56 -52.24 -16.33
N4 MES W . -37.86 -51.81 -15.11
C5 MES W . -36.72 -50.91 -15.26
C6 MES W . -35.78 -51.74 -16.13
C7 MES W . -38.71 -51.67 -13.90
C8 MES W . -37.92 -51.55 -12.59
S MES W . -39.06 -51.40 -11.34
O1S MES W . -38.97 -52.34 -10.18
O2S MES W . -40.33 -51.73 -12.06
O3S MES W . -39.14 -50.00 -10.91
C1 GOL X . -23.06 -66.03 6.30
O1 GOL X . -21.82 -66.59 5.94
C2 GOL X . -23.60 -66.73 7.55
O2 GOL X . -24.45 -67.79 7.21
C3 GOL X . -24.29 -65.72 8.45
O3 GOL X . -25.00 -64.78 7.67
C1 GOL Y . -27.97 -46.26 11.53
O1 GOL Y . -28.81 -47.26 12.06
C2 GOL Y . -26.51 -46.67 11.74
O2 GOL Y . -25.74 -45.55 12.11
C3 GOL Y . -26.38 -47.76 12.78
O3 GOL Y . -26.75 -47.26 14.06
C FMT Z . -21.58 -74.83 -9.08
O1 FMT Z . -21.36 -73.76 -9.65
O2 FMT Z . -20.71 -75.51 -8.53
CL CL AA . -25.56 -75.87 -1.67
CL CL BA . -33.51 -68.40 -29.43
O1 MES CA . -6.16 -61.83 -19.36
C2 MES CA . -4.95 -61.65 -20.11
C3 MES CA . -5.22 -61.24 -21.56
N4 MES CA . -6.00 -60.00 -21.57
C5 MES CA . -6.67 -59.62 -20.34
C6 MES CA . -7.20 -60.90 -19.67
C7 MES CA . -5.56 -58.92 -22.47
C8 MES CA . -4.17 -59.36 -22.95
S MES CA . -3.36 -58.47 -24.13
O1S MES CA . -2.04 -58.10 -23.49
O2S MES CA . -3.13 -59.30 -25.33
O3S MES CA . -4.15 -57.28 -24.48
C1 GOL DA . -21.14 -49.75 -45.48
O1 GOL DA . -21.83 -50.50 -44.51
C2 GOL DA . -19.94 -50.58 -45.91
O2 GOL DA . -20.11 -51.83 -45.29
C3 GOL DA . -18.67 -49.95 -45.38
O3 GOL DA . -17.71 -49.91 -46.40
C1 GOL EA . -36.40 -56.94 -20.78
O1 GOL EA . -36.85 -55.66 -21.14
C2 GOL EA . -35.08 -56.83 -20.01
O2 GOL EA . -35.12 -55.76 -19.08
C3 GOL EA . -34.84 -58.15 -19.28
O3 GOL EA . -34.93 -59.21 -20.19
C1 GOL FA . -30.99 -63.38 -33.80
O1 GOL FA . -32.15 -62.62 -34.06
C2 GOL FA . -29.80 -62.77 -34.52
O2 GOL FA . -30.26 -61.88 -35.52
C3 GOL FA . -28.94 -63.87 -35.14
O3 GOL FA . -29.75 -64.68 -35.98
CL CL GA . -25.34 -60.19 -40.42
CL CL HA . -6.29 -49.81 -47.34
O1 MES IA . 10.38 25.77 -8.75
C2 MES IA . 9.61 25.45 -9.91
C3 MES IA . 8.22 26.10 -10.02
N4 MES IA . 7.94 27.18 -9.07
C5 MES IA . 8.94 27.54 -8.06
C6 MES IA . 9.60 26.24 -7.66
C7 MES IA . 7.09 28.26 -9.55
C8 MES IA . 5.83 28.42 -8.69
S MES IA . 4.87 29.64 -9.33
O1S MES IA . 5.65 30.31 -10.39
O2S MES IA . 4.47 30.60 -8.29
O3S MES IA . 3.68 29.06 -9.98
C1 GOL JA . -17.50 28.65 6.67
O1 GOL JA . -16.52 29.21 5.83
C2 GOL JA . -17.13 27.20 6.95
O2 GOL JA . -15.93 27.13 7.73
C3 GOL JA . -18.26 26.67 7.80
O3 GOL JA . -18.25 25.27 7.77
C1 GOL KA . -9.41 10.94 7.49
O1 GOL KA . -8.54 11.31 6.45
C2 GOL KA . -8.77 11.16 8.86
O2 GOL KA . -7.67 12.05 8.76
C3 GOL KA . -9.82 11.78 9.76
O3 GOL KA . -10.18 13.04 9.23
CL CL LA . -11.60 15.44 8.00
O1 MES MA . 9.75 17.34 23.10
C2 MES MA . 9.99 16.01 23.59
C3 MES MA . 11.01 15.26 22.73
N4 MES MA . 12.09 16.21 22.47
C5 MES MA . 11.82 17.54 21.97
C6 MES MA . 10.32 17.56 21.81
C7 MES MA . 13.29 15.96 23.21
C8 MES MA . 14.31 17.02 22.86
S MES MA . 15.54 16.68 23.90
O1S MES MA . 15.67 15.20 24.08
O2S MES MA . 15.19 17.18 25.26
O3S MES MA . 16.76 17.28 23.35
C1 GOL NA . 7.51 13.66 17.80
O1 GOL NA . 8.04 14.51 18.81
C2 GOL NA . 6.98 12.39 18.45
O2 GOL NA . 7.94 11.37 18.31
C3 GOL NA . 5.72 11.95 17.72
O3 GOL NA . 6.08 11.09 16.65
C1 GOL OA . 19.95 4.70 -2.92
O1 GOL OA . 20.52 3.64 -2.19
C2 GOL OA . 21.06 5.49 -3.60
O2 GOL OA . 21.27 6.67 -2.86
C3 GOL OA . 22.33 4.64 -3.70
O3 GOL OA . 23.45 5.23 -3.07
C1 GOL PA . 36.32 26.62 29.13
O1 GOL PA . 36.39 25.55 28.22
C2 GOL PA . 37.47 27.60 28.88
O2 GOL PA . 37.02 28.93 29.04
C3 GOL PA . 38.62 27.34 29.84
O3 GOL PA . 39.47 28.47 29.87
C1 GOL QA . 8.93 21.37 -8.05
O1 GOL QA . 9.27 22.58 -7.38
C2 GOL QA . 10.07 20.35 -7.97
O2 GOL QA . 10.13 19.64 -9.19
C3 GOL QA . 9.74 19.35 -6.87
O3 GOL QA . 9.86 18.03 -7.37
C1 GOL RA . 34.68 11.39 4.41
O1 GOL RA . 33.75 10.84 3.50
C2 GOL RA . 34.99 10.34 5.46
O2 GOL RA . 34.81 9.05 4.91
C3 GOL RA . 36.42 10.50 5.97
O3 GOL RA . 36.54 11.73 6.66
C FMT SA . 27.66 20.11 -0.40
O1 FMT SA . 26.56 19.80 0.06
O2 FMT SA . 27.96 21.28 -0.71
CL CL TA . 24.03 5.62 -0.95
O1 MES UA . 36.53 54.21 11.77
C2 MES UA . 37.93 54.30 12.07
C3 MES UA . 38.49 53.38 13.17
N4 MES UA . 37.72 52.16 13.37
C5 MES UA . 36.66 51.82 12.41
C6 MES UA . 35.82 53.10 12.34
C7 MES UA . 38.48 51.09 14.01
C8 MES UA . 37.72 50.44 15.16
S MES UA . 38.76 49.33 15.89
O1S MES UA . 39.71 50.01 16.81
O2S MES UA . 38.01 48.30 16.63
O3S MES UA . 39.56 48.67 14.82
C1 GOL VA . 29.32 49.83 40.40
O1 GOL VA . 28.16 50.27 41.07
C2 GOL VA . 30.07 49.07 41.47
O2 GOL VA . 31.39 49.54 41.66
C3 GOL VA . 30.04 47.60 41.14
O3 GOL VA . 30.69 46.90 42.18
C1 GOL WA . 39.25 25.49 21.94
O1 GOL WA . 38.48 24.67 21.09
C2 GOL WA . 38.96 25.08 23.38
O2 GOL WA . 38.72 23.69 23.48
C3 GOL WA . 40.12 25.47 24.29
O3 GOL WA . 39.95 26.82 24.62
C1 GOL XA . 43.04 40.28 39.01
O1 GOL XA . 41.70 40.37 38.62
C2 GOL XA . 43.21 40.89 40.40
O2 GOL XA . 44.57 41.23 40.64
C3 GOL XA . 42.32 42.13 40.54
O3 GOL XA . 41.66 42.41 39.33
C FMT YA . 25.05 64.10 36.28
O1 FMT YA . 25.36 64.42 35.13
O2 FMT YA . 25.44 64.70 37.29
CL CL ZA . 30.26 59.00 42.09
O1 MES AB . 7.38 59.27 22.62
C2 MES AB . 7.17 60.57 23.21
C3 MES AB . 5.84 61.21 22.82
N4 MES AB . 5.44 60.88 21.45
C5 MES AB . 5.59 59.51 21.00
C6 MES AB . 7.05 59.19 21.24
C7 MES AB . 4.30 61.59 20.88
C8 MES AB . 4.49 61.38 19.37
S MES AB . 3.08 61.11 18.52
O1S MES AB . 3.51 60.48 17.23
O2S MES AB . 2.19 60.16 19.21
O3S MES AB . 2.35 62.37 18.29
C1 GOL BB . 12.99 68.30 -5.35
O1 GOL BB . 12.23 68.13 -6.53
C2 GOL BB . 14.06 69.36 -5.58
O2 GOL BB . 14.11 70.25 -4.48
C3 GOL BB . 15.41 68.70 -5.80
O3 GOL BB . 15.61 67.68 -4.86
C1 GOL CB . 9.33 63.23 23.88
O1 GOL CB . 9.92 62.33 22.95
C2 GOL CB . 10.30 63.97 24.79
O2 GOL CB . 9.87 65.31 24.83
C3 GOL CB . 11.73 63.99 24.28
O3 GOL CB . 12.42 65.03 24.95
C1 GOL DB . -5.38 55.13 30.25
O1 GOL DB . -6.37 55.71 29.44
C2 GOL DB . -4.99 56.12 31.34
O2 GOL DB . -6.03 57.07 31.54
C3 GOL DB . -3.70 56.82 30.94
O3 GOL DB . -3.51 57.98 31.73
C1 GOL EB . 27.79 74.38 7.12
O1 GOL EB . 29.10 73.92 6.87
C2 GOL EB . 26.74 73.27 6.88
O2 GOL EB . 26.22 73.31 5.57
C3 GOL EB . 25.61 73.43 7.88
O3 GOL EB . 25.42 74.79 8.19
CL CL FB . 21.17 73.88 3.10
CL CL GB . 1.37 59.38 27.51
#